data_9B0Q
#
_entry.id   9B0Q
#
_cell.length_a   1.00
_cell.length_b   1.00
_cell.length_c   1.00
_cell.angle_alpha   90.00
_cell.angle_beta   90.00
_cell.angle_gamma   90.00
#
_symmetry.space_group_name_H-M   'P 1'
#
loop_
_entity.id
_entity.type
_entity.pdbx_description
1 polymer 'Endothelial differentiation-related factor 1'
2 polymer 'Small ribosomal subunit protein eS4, X isoform'
3 polymer '40S ribosomal protein S8'
4 polymer '40S ribosomal protein S11'
5 polymer '40S ribosomal protein S23'
6 polymer '40S ribosomal protein S6'
7 polymer '40S ribosomal protein S9'
8 polymer '40S ribosomal protein S24'
9 polymer 'Small ribosomal subunit protein eS30'
10 polymer '40S ribosomal protein SA'
11 polymer '40S ribosomal protein S3a'
12 polymer 'Small ribosomal subunit protein eS7'
13 polymer '40S ribosomal protein S21'
14 polymer '40S ribosomal protein S26'
15 polymer '40S ribosomal protein S2'
16 polymer '40S ribosomal protein S13'
17 polymer 'Small ribosomal subunit protein uS11'
18 polymer '40S ribosomal protein S15a'
19 polymer 'Small ribosomal subunit protein eS27'
20 polymer 'RNA (120-MER)5S rRNA [Homo sapiens]'
21 polymer 'RNA (156-MER)5.8S rRNA [Homo sapiens]'
22 polymer '60S ribosomal protein L8'
23 polymer 'Large ribosomal subunit protein uL3'
24 polymer '60S ribosomal protein L4'
25 polymer 'Large ribosomal subunit protein uL18'
26 polymer 'Large ribosomal subunit protein eL6'
27 polymer '60S ribosomal protein L7'
28 polymer '60S ribosomal protein L7a'
29 polymer '60S ribosomal protein L9'
30 polymer 'Ribosomal protein uL16-like'
31 polymer '60S ribosomal protein L11'
32 polymer 'Large ribosomal subunit protein eL13'
33 polymer '60S ribosomal protein L14'
34 polymer '60S ribosomal protein L15'
35 polymer '60S ribosomal protein L13a'
36 polymer '60S ribosomal protein L17'
37 polymer '60S ribosomal protein L18'
38 polymer '60S ribosomal protein L19'
39 polymer '60S ribosomal protein L18a'
40 polymer '60S ribosomal protein L21'
41 polymer 'Heparin-binding protein HBp15'
42 polymer '60S ribosomal protein L23'
43 polymer '60S ribosomal protein L23a'
44 polymer '60S ribosomal protein L26'
45 polymer '60S ribosomal protein L27'
46 polymer '60S ribosomal protein L27a'
47 polymer 'Large ribosomal subunit protein eL29'
48 polymer '60S ribosomal protein L30'
49 polymer '60S ribosomal protein L31'
50 polymer '60S ribosomal protein L32'
51 polymer '60S ribosomal protein L35a'
52 polymer '60S ribosomal protein L34'
53 polymer '60S ribosomal protein L35'
54 polymer '60S ribosomal protein L36'
55 polymer '60S ribosomal protein L37'
56 polymer '60S ribosomal protein L38'
57 polymer '60S ribosomal protein L39'
58 polymer 'Large ribosomal subunit protein eL40'
59 polymer '60S ribosomal protein L41'
60 polymer '60S ribosomal protein L36a'
61 polymer '60S ribosomal protein L37a'
62 polymer '60S ribosomal protein L28'
63 polymer '60S ribosomal protein L10a'
64 polymer '40S ribosomal protein S17'
65 polymer 'Small ribosomal subunit protein uS3'
66 polymer '40S ribosomal protein S5'
67 polymer '40S ribosomal protein S10'
68 polymer 'Small ribosomal subunit protein uS19'
69 polymer 'Small ribosomal subunit protein uS9'
70 polymer '40S ribosomal protein S18'
71 polymer '40S ribosomal protein S19'
72 polymer '40S ribosomal protein S20'
73 polymer '40S ribosomal protein S28'
74 polymer '40S ribosomal protein S29'
75 polymer 'Receptor of activated protein C kinase 1'
76 polymer 'Small ribosomal subunit protein eS12'
77 polymer 'Small ribosomal subunit protein eS25'
78 polymer 'Ubiquitin-40S ribosomal protein S27a'
79 polymer '18S rRNA [Homo sapiens]'
80 polymer 'Elongation factor 2'
81 polymer 'A/P site tRNA [Homo sapiens]'
82 polymer 'P/E site tRNA [Homo sapiens]'
83 polymer '60S acidic ribosomal protein P0'
84 polymer '60S ribosomal protein L12 [Homo sapiens]'
85 polymer '28S rRNA [Homo sapiens]'
86 polymer 'Small ribosomal subunit protein eS30'
87 polymer 'Ribosomal protein L24'
88 non-polymer 'ZINC ION'
89 non-polymer 'MAGNESIUM ION'
#
loop_
_entity_poly.entity_id
_entity_poly.type
_entity_poly.pdbx_seq_one_letter_code
_entity_poly.pdbx_strand_id
1 'polypeptide(L)'
;QAILAARRAAAGEDVETSKKWAAGQNKQHSITKNTAKLDRETEELHHDRVTLEVGKVIQQGRQSKGLTQKDLATKINEKP
QVIADYESGRAIPNNQVLGKIERAIGLKLRGKDIGKPIEKGPRAK
;
CH,cH
2 'polypeptide(L)'
;ARGPKKHLKRVAAPKHWMLDKLTGVFAPRPSTGPHKLRECLPLIIFLRNRLKYALTGDEVKKICMQRFIKIDGKVRTDIT
YPAGFMDVISIDKTGENFRLIYDTKGRFAVHRITPEEAKYKLCKVRKIFVGTKGIPHLVTHDARTIRYPDPLIKVNDTIQ
IDLETGKITDFIKFDTGNLCMVTGGANLGRIGVITNRERHPGSFDVVHVKDANGNSFATRLSNIFVIGKGNKPWISLPRG
KGIRLTIAEERDKRLAAKQSSG
;
sE,SE
3 'polypeptide(L)'
;GISRDNWHKRRKTGGKRKPYHKKRKYELGRPAANTKIGPRRIHTVRVRGGNKKYRALRLDVGNFSWGSECCTRKTRIIDV
VYNASNNELVRTKTLVKNCIVLIDSTPYRQWYESHYALPLGRKKGAKLTPEEEEILNKKRSKKIQKKYDERKKNAKISSL
LEEQFQQGKLLACIASRPGQCGRADGYVLEGKELEFYLRKIKARKG
;
sI,SI
4 'polypeptide(L)'
;ADIQTERAYQKQPTIFQNKKRVLLGETGKEKLPRYYKNIGLGFKTPKEAIEGTYIDKKCPFTGNVSIRGRILSGVVTKMK
MQRTIVIRRDYLHYIRKYNRFEKRHKNMSVHLSPCFRDVQIGDIVTVGECRPLSKTVRFNVLKVTKAAGTKKQ
;
sL,SL
5 'polypeptide(L)'
;GKCRGLRTARKLRSHRRDQKWHDKQYKKAHLGTALKANPFGGASHAKGIVLEKVGVEAKQPNSAIRKCVRVQLIKNGKKI
TAFVPNDGCLNFIEENDEVLVAGFGRKGHAVGDIPGVRFKVVKVANVSLLALYKGKKERPR
;
sX,SX
6 'polypeptide(L)'
;MKLNISFPATGCQKLIEVDDERKLRTFYEKRMATEVAADALGEEWKGYVVRISGGNDKQGFPMKQGVLTHGRVRLLLSKG
HSCYRPRRTGERKRKSVRGCIVDANLSVLNLVIVKKGEKDIPGLTDTTVPRRLGPKRASRIRKLFNLSKEDDVRQYVVRK
PLNKEGKKPRTKAPKIQRLVTPRVLQHKRRRIALKKQRTKKNKEEAAEYAKLLAKRMKEAKEKRQEQIAKRRRLSSL
;
sG,SG
7 'polypeptide(L)'
;PVARSWVCRKTYVTPRRPFEKSRLDQELKLIGEYGLRNKREVWRVKFTLAKIRKAARELLTLDEKDPRRLFEGNALLRRL
VRIGVLDEGKMKLDYILGLKIEDFLERRLQTQVFKLGLAKSIHHARVLIRQRHIRVRKQVVNIPSFIVRLDSQKHIDFSL
RSPYGGGRPGRVKRKNAKKGQGGAG
;
sJ,SJ
8 'polypeptide(L)'
;NDTVTIRTRKFMTNRLLQRKQMVIDVLHPGKATVPKTEIREKLAKMYKTTPDVIFVFGFRTHFGGGKTTGFGMIYDSLDY
AKKNEPKHRLARHGLYEKKKTSRKQRKERKNRMKKVRGTAKANVGAGKKPK
;
sY,SY
9 'polypeptide(L)' VHGSLARAGKVRGQTPKVAKQEKKKKKTGRAKRRMQYNRRFVNVVPTFGKKKGPNANS se
10 'polypeptide(L)'
;GALDVLQMKEEDVLKFLAAGTHLGGTNLDFQMEQYIYKRKSDGIYIINLKRTWEKLLLAARAIVAIENPADVSVISSRNT
GQRAVLKFAAATGATPIAGRFTPGTFTNQIQAAFREPRLLVVTDPRADHQPLTEASYVNLPTIALCNTDSPLRYVDIAIP
CNNKGAHSVGLMWWMLAREVLRMRGTISREHPWEVMPDLYFYRDPEEIEKEEQAAAEKAVT
;
sA,SA
11 'polypeptide(L)'
;VVDPFSKKDWYDVKAPAMFNIRNIGKTLVTRTQGTKIASDGLKGRVFEVSLADLQNDEVAFRKFKLITEDVQGKNCLTNF
HGMDLTRDKMCSMVKKWQTMIEAHVDVKTTDGYLLRLFCVGFTKKRNNQIRKTSYAQHQQVRQIRKKMMEIMTREVQTND
LKEVVNKLIPDSIGKDIEKACQSIYPLHDVFVRKVKMLKKPKFELGKLMELHGE
;
sB,SB
12 'polypeptide(L)'
;SAKIVKPNGEKPDEFESGISQALLELEMNSDLKAQLRELNITAAKEIEVGGGRKAIIIFVPVPQLKSFQKIQVRLVRELE
KKFSGKHVVFIAQRRILPKPTRKSRTKNKQKRPRSRTLTAVHDAILEDLVFPSEIVGKRIRVKLDGSRLIKVHLDKAQQN
NVEHKVETFSGVYKKLTGKDVNFEFPEFQ
;
sH,SH
13 'polypeptide(L)'
;MQNDAGEFVDLYVPRKCSASNRIIGAKDHASIQMNVAEVDKVTGRFNGQFKTYAICGAIRRMGESDDSILRLAKADGIVS
KNF
;
sV,SV
14 'polypeptide(L)'
;TKKRRNNGRAKKGRGHVQPIRCTNCARCVPKDKAIKKFVIRNIVEAAAVRDISEASVFDAYVLPKLYVKLHYCVSCAIHS
KVVRNRSREARKDRTPPPRFRP
;
sa,Sa
15 'polypeptide(L)'
;EWMPVTKLGRLVKDMKIKSLEEIYLFSLPIKESEIIDFFLGASLKDEVLKIMPVQKQTRAGQRTRFKAFVAIGDYNGHVG
LGVKCSKEVATAIRGAIILAKLSIVPVRRGYWGNKIGKPHTVPCKVTGRCGSVLVRLIPAPRGTGIVSAPVPKKLLMMAG
IDDCYTSARGCTATLGNFAKATFDAISKTYSYLTPDLWKETVFTKSPYQEFTDHLVKTHTRV
;
sC,SC
16 'polypeptide(L)'
;GRMHAPGKGLSQSALPYRRSVPTWLKLTSDDVKEQIYKLAKKGLTPSQIGVILRDSHGVAQVRFVTGNKILRILKSKGLA
PDLPEDLYHLIKKAVAVRKHLERNRKDKDAKFRLILIESRIHRLARYYKTKRVLPPNWKYESSTASALVA
;
sN,SN
17 'polypeptide(L)'
;EQVISLGPQVAEGENVFGVCHIFASFNDTFVHVTDLSGKETICRVTGGMKVKADRDESSPYAAMLAAQDVAQRCKELGIT
ALHIKLRATGGNRTKTPGPGAQSALRALARSGMKIGRIEDVTPIPSDSTRRKGGRRGRRL
;
sO,SO
18 'polypeptide(L)'
;VRMNVLADALKSINNAEKRGKRQVLIRPCSKVIVRFLTVMMKHGYIGEFEIIDDHRAGKIVVNLTGRLNKCGVISPRFDV
QLKDLEKWQNNLLPSRQFGFIVLTTSAGIMDHEEARRKHTGGKILGFFF
;
sW,SW
19 'polypeptide(L)'
;PLAKDLLHPSPEEEKRKHKKKRLVQSPNSYFMDVKCPGCYKITTVFSHAQTVVLCVGCSTVLCQPTGGKARLTEGCSFRR
KQH
;
sb,Sb
20 'polyribonucleotide'
;GUCUACGGCCAUACCACCCUGAACGCGCCCGAUCUCGUCUGAUCUCGGAAGCUAAGCAGGGUCGGGCCUGGUUAGUACUU
GGAUGGGAGACCGCCUGGGAAUACCGGGUGCUGUAGGCUU
;
l7,L7
21 'polyribonucleotide'
;CGACUCUUAGCGGUGGAUCACUCGGCUCGUGCGUCGAUGAAGAACGCAGCUAGCUGCGAGAAUUAAUGUGAAUUGCAGGA
CACAUUGAUCAUCGACACUUCGAACGCACUUGCGGCCCCGGGUUCCUCCCGGGGCUACGCCUGUCUGAGCGUCGCU
;
l8,L8
22 'polypeptide(L)'
;GRVIRGQRKGAGSVFRAHVKHRKGAARLRAVDFAERHGYIKGIVKDIIHDPGRGAPLAKVVFRDPYRFKKRTELFIAAEG
IHTGQFVYCGKKAQLNIGNVLPVGTMPEGTIVCCLEEKPGDRGKLARASGNYATVISHNPETKKTRVKLPSGSKKVISSA
NRAVVGVVAGGGRIDKPILKAGRAYHKYKAKRNCWPRVRGVAMNPVEHPFGGGNHQHIGKPSTIRRDAPAGRKVGLIAAR
RTGRLRGT
;
lA,LA
23 'polypeptide(L)'
;SHRKFSAPRHGSLGFLPRKRSSRHRGKVKSFPKDDPSKPVHLTAFLGYKAGMTHIVREVDRPGSKVNKKEVVEAVTIVET
PPMVVVGIVGYVETPRGLRTFKTVFAEHISDECKRRFYKNWHKSKKKAFTKYCKKWQDEDGKKQLEKDFSSMKKYCQVIR
VIAHTQMRLLPLRQKKAHLMEIQVNGGTVAEKLDWARERLEQQVPVNQVFGQDEMIDVIGVTKGKGYKGVTSRWHTKKLP
RKTHRGLRKVACIGAWHPARVAFSVARAGQKGYHHRTEINKKIYKIGQGYLIKDGKLIKNNASTDYDLSDKSINPLGGFV
HYGEVTNDFVMLKGCVVGTKKRVLTLRKSLLVQTKRRALEKIDLKFIDTTSKFGHGRFQTMEEKKAFMGPLKKDRIAKEE
GA
;
lB,LB
24 'polypeptide(L)'
;MACARPLISVYSEKGESSGKNVTLPAVFKAPIRPDIVNFVHTNLRKNNRQPYAVSELAGHQTSAESWGTGRAVARIPRVR
GGGTHRSGQGAFGNMCRGGRMFAPTKTWRRWHRRVNTTQKRYAICSALAASALPALVMSKGHRIEEVPELPLVVEDKVEG
YKKTKEAVLLLKKLKAWNDIKKVYASQRMRAGKGKMRNRRRIQRRGPCIIYNEDNGIIKAFRNIPGITLLNVSKLNILKL
APGGHVGRFCIWTESAFRKLDELYGTWRKAASLKSNYNLPMHKMINTDLSRILKSPEIQRALRAPRKKIHRRVLKKNPLK
NLRIMLKLNPYAKTMRRNTILRQARNHKLRVDKAAAAAAALQAKSDEK
;
lC,LC
25 'polypeptide(L)'
;GFVKVVKNKAYFKRYQVKFRRRREGKTDYYARKRLVIQDKNKYNTPKYRMIVRVTNRDIICQIAYARIEGDMIVCAAYAH
ELPKYGVKVGLTNYAAAYCTGLLLARRLLNRFGMDKIYEGQVEVTGDEYNVESIDGQPGAFTCYLDAGLARTTTGNKVFG
ALKGAVDGGLSIPHSTKRFPGYDSESKEFNAEVHRKHIMGQNVADYMRYLMEEDEDAYKKQFSQYIKNSVTPDMMEEMYK
KAHAAIRENPVYEKKPKKEVKKKRWNRPKMSLAQKKDRVAQKKASFLRAQERA
;
lD,LD
26 'polypeptide(L)'
;PHCSRNPVLVRGIGRYSRSAMYSRKAMYKRKYSAAKSKVEKKKKEKVLATVTKPVGGDKNGGTRVVKLRKMPRYYPTEDV
PRKLLSHGKKPFSQHVRKLRASITPGTILIILTGRHRGKRVVFLKQLASGLLLVTGPLVLNRVPLRRTHQKFVIATSTKI
DISNVKIPKHLTDAYFKKKKLRKPRHQEGEIFDTEKEKYEITEQRKIDQKAVDSQILPKIKAIPQLQGYLRSVFALTNGI
YPHKLVF
;
lE,LE
27 'polypeptide(L)'
;NFAELKIKRLRKKFAQKMLRKARRKLIYEKAKHYHKEYRQMYRTEIRMARMARKAGNFYVPAEPKLAFVIRIRGINGVSP
KVRKVLQLLRLRQIFNGTFVKLNKASINMLRIVEPYIAWGYPNLKSVNELIYKRGYGKINKKRIALTDNALIARSLGKYG
IICMEDLIHEIYTVGKRFKEANNFLWPFKLSSPRGGMKKKTTHFVEGGDAGNREDQINRLIRRMN
;
lF,LF
28 'polypeptide(L)'
;KVVNPLFEKRPKNFGIGQDIQPKRDLTRFVKWPRYIRLQRQRAILYKRLKVPPAINQFTQALDRQTATQLLKLAHKYRPE
TKQEKKQRLLARAEKKAAGKGDVPTKRPPVLRAGVNTVTTLVENKKAQLVVIAHDVDPIELVVFLPALCRKMGVPYCIIK
GKARLGRLVHRKTCTTVAFTQVNSEDKGALAKLVEAIRTNYNDRYDEIRRHWGGNVLGPKSVARIAKLEKAKAKELATKL
G
;
lG,LG
29 'polypeptide(L)'
;MKTILSNQTVDIPENVDITLKGRTVIVKGPRGTLRRDFNHINVELSLLGKKKKRLRVDKWWGNRKELATVRTICSHVQNM
IKGVTLGFRYKMRSVYAHFPINVVIQENGSLVEIRNFLGEKYIRRVRMRPGVACSVSQAQKDELILEGNDIELVSNSAAL
IQQATTVKNKDIRKFLDGIYVSEKGTVQQA
;
lH,LH
30 'polypeptide(L)'
;GRRPARCYRYCKNKPYPKSRFCRGVPDAKIRIFDLGRKKAKVDEFPLGGHMVSDEYEQLSSEALEAARICANKYMVKSCG
RDGFHMRVRLHPFHVIRINKMLSCAGADRLQTGMRGAFGKPQGTVARVHIGQVIMSIRTKLQNEEHVIEALRRAKFKFPG
RQKIHISKKWGFTKFNADEFEDMVAKKCLIPDGCGVKYVPSHGPLDKWRVLHS
;
lI,LI
31 'polypeptide(L)'
;QDQGEKENPMRELRIRKLCLNICVGESGDRLTRAAKVLEQLTGQTPVFSKARYTVRSFGIRRNEKIAVHCTVRGAKAEEI
LEKGLKVREYELRKNNFSDTGNFGFGIQEHIDLGIKYDPSIGIYGLDFYVVLGRPGFSIADKKRRTGCIGAKHRISKEEA
MRWFQQKYDGIILPGK
;
lJ,LJ
32 'polypeptide(L)'
;APSRNGMVLKPHFHKDWQRRVATWFNQPARKIRRRKARQAKARRIAPRPASGPIRPIVRCPTVRYHTKVRAGRGFSLEEL
RVAGIHKKVARTIGISVDPRRRNKSTESLQANVQRLKEYRSKLILFPRKPSAPKKGDSSAEELKLATQLTGPVMPVRNVY
KKEKARVITEEEKNFKAFASLRMARANARLFGIRAKRAKEAAEQDVEKKK
;
lL,LL
33 'polypeptide(L)'
;VFRRFVEVGRVAYVSFGPHAGKLVAIVDVIDQNRALVDGPCTQVRRQAMPFKCMQLTDFILKFPHSAHQKYVRQAWQKAD
INTKWAATRWAKKIEARERKAKMTDFDRFKVMKAKKMRNRIIKNEVKKLQKAALLKASP
;
lM,LM
34 'polypeptide(L)'
;GAYKYIQELWRKKQSDVMRFLLRVRCWQYRQLSALHRAPRPTRPDKARRLGYKAKQGYVIYRIRVRRGGRKRPVPKGATY
GKPVHHGVNQLKFARSLQSVAEERAGRHCGALRVLNSYWVGEDSTYKFFEVILIDPFHKAIRRNPDTQWITKPVHKHREM
RGLTSAGRKSRGLGKGHKFHHTIGGSRRAAWRRRNTLQLHRYR
;
lN,LN
35 'polypeptide(L)'
;EVQVLVLDGRGHLLGRLAAIVAKQVLLGRKVVVVRCEGINISGNFYRNKLKYLAFLRKRMNTNPSRGPYHFRAPSRIFWR
TVRGMLPHKTKRGQAALDRLKVFDGIPPPYDKKKRMVVPAALKVVRLKPTRKFAYLGRLAHEVGWKYQAVTATLEEKRKE
KAKIHYRKKKQLMRLRKQAEKNVEKKIDKYTEVLKTHGLLV
;
lO,LO
36 'polypeptide(L)'
;VRYSLDPENPTKSCKSRGSNLRVHFKNTRETAQAIKGMHIRKATKYLKDVTLQKQCVPFRRYNGGVGRCAQAKQWGWTQG
RWPKKSAEFLLHMLKNAESNAELKGLDVDSLVIEHIQVNKAPKMRRRTYRAHGRINPYMSSPCHIEMILTEKE
;
lP,LP
37 'polypeptide(L)'
;GVDIRHNKDRKVRRKEPKSQDIYLRLLVKLYRFLARRTNSTFNQVVLKRLFMSRTNRPPLSLSRMIRKMKLPGRENKTAV
VVGTITDDVRVQEVPKLKVCALRVTSRARSRILRAGGKILTFDQLALDSPKGCGTVLLSGPRKGREVYRHFGKAPGTPHS
HTKPYVRSKGRKFERARGRRASRGYKN
;
lQ,LQ
38 'polypeptide(L)'
;SMLRLQKRLASSVLRCGKKKVWLDPNETNEIANANSRQQIRKLIKDGLIIRKPVTVHSRARCRKNTLARRKGRHMGIGKR
KGTANARMPEKVTWMRRMRILRRLLRRYRESKKIDRHMYHSLYLKVKGNVFKNKRILMEHIHKLKADKARKKLLADQAEA
RRSKTKEARKRREERLQAKKEEIIKTL
;
lR,LR
39 'polypeptide(L)'
;KASGTLREYKVVGRCLPTPKCHTPPLYRMRIFAPNHVVAKSRFWYFVSQLKKMKKSSGEIVYCGQVFEKSPLRVKNFGIW
LRYDSRSGTHNMYREYRDLTTAGAVTQCYRDMGARHRARAHSIQIMKVEEIAASKCRRPAVKQFHDSKIKFPLPHRVLRR
QHKPRFTTKRPNTFF
;
lS,LS
40 'polypeptide(L)'
;TNTKGKRRGTRYMFSRPFRKHGVVPLATYMRIYKKGDIVDIKGMGTVQKGMPHKCYHGKTGRVYNVTQHAVGIVVNKQVK
GKILAKRINVRIEHIKHSKSRDSFLKRVKENDQKKKEAKEKGTWVQLKRQPAPPREAHFVRTNGKEPELLEPIPYEFMA
;
lT,LT
41 'polypeptide(L)'
;QVLKFTLDCTHPVEDGIMDAANFEQFLQERIKVNGKAGNLGGGVVTIERSKSKITVTSEVPFSKRYLKYLTKKYLKKNNL
RDWLRVVANSKESYELRYFQI
;
lU,LU
42 'polypeptide(L)'
;SGAKFRISLGLPVGAVINCADNTGAKNLYIISVKGIKGRLNRLPAAGVGDMVMATVKKGKPELRKKVHPAVVIRQRKSYR
RKDGVFLYFEDNAGVIVNNKGEMKGSAITGPVAKECADLWPRIASNAGSIA
;
lV,LV
43 'polypeptide(L)'
;KKKIRTSPTFRRPKTLRLRRQPKYPRKSAPRRNKLDHYAIIKFPLTTESAMKKIEDNNTLVFIVDVKANKHQIKQAVKKL
YDIDVAKVNTLIRPDGEKKAYVRLAPDYDALDVANKIGII
;
lX,LX
44 'polypeptide(L)'
;MKFNPFVTSDRSKNRKRHFNAPSHIRRKIMSSPLSKELRQKYNVRSMPIRKDDEVQVVRGHYKGQQIGKVVQVYRKKYVI
YIERVQREKANGTTVHVGIHPSKVVITRLKLDKDRKKILERKAKSRQVGKEKGK
;
lY,LY
45 'polypeptide(L)'
;GKFMKPGKVVLVLAGRYSGRKAVIVKNIDDGTSDRPYSHALVAGIDRYPRKVTAAMGKKKIAKRSKIKSFVKVYNYNHLM
PTRYSVDIPLDKTVVNKDVFRDPALKRKARREAKVKFEERYKTGKNKWFFQKLRF
;
lZ,LZ
46 'polypeptide(L)'
;PSRLRKTRKLRGHVSHGHGRIGKHRKHPGGRGNAGGLHHHRINFDKYHPGYFGKVGMKHYHLKRNQSFCPTVNLDKLWTL
VSEQTRVNAAKNKTGAAPIIDVVRSGYYKVLGKGKLPKQPVIVKAKFFSRRAEEKIKSVGGACVLVA
;
la,La
47 'polypeptide(L)'
;AKSKNHTTHNQSRKWHRNGIKKPRSQRYESLKGVDPKFLRNMRFAKKHNKKGLKKMQANNAKAMSARAEAIKALVKPKEV
KPKIPKGVSRKLDRLAYIAHPKLGKRARARIAKGLRLCRPK
;
lb,Lb
48 'polypeptide(L)'
;KSLESINSRLQLVMKSGKYVLGYKQTLKMIRQGKAKLVILANNCPALRKSEIEYYAMLAKTGVHHYSGNNIELGTACGKY
YRVCTLAIIDPGDSDIIR
;
lc,Lc
49 'polypeptide(L)'
;NEVVTREYTINIHKRIHGVGFKKRAPRALKEIRKFAMKEMGTPDVRIDTRLNKAVWAKGIRNVPYRIRVRLSRKRNEDED
SPNKLYTLVTYVPVTTFKNLQTVNVDE
;
ld,Ld
50 'polypeptide(L)'
;AALRPLVKPKIVKKRTKKFIRHQSDRYVKIKRNWRKPRGIDNRVRRRFKGQILMPNIGYGSNKKTKHMLPSGFRKFLVHN
VKELEVLLMCNKSYCAEIAHNVSSKNRKAIVERAAQLAIRVTNPNARL
;
le,Le
51 'polypeptide(L)'
;SGRLWSKAIFAGYKRGLRNQREHTALLKIEGVYARDETEFYLGKRCAYVYKAKNNTVTPGGKPNKTRVIWGKVTRAHGNS
GMVRAKFRSNLPAKAIGHRIRVMLYPSRI
;
lf,Lf
52 'polypeptide(L)'
;VQRLTYRRRLSYNTASNKTRLSRTPGNRIVYLYTKKVGKAPKSACGVCPGRLRGVRAVRPKVLMRLSKTKKHVSRAYGGS
MCAKCVRDRIKRAFLIEEQKIVVKVLKAQAQSQK
;
lg,Lg
53 'polypeptide(L)'
;AKIKARDLRGKKKEELLKQLDDLKVELSQLRVAKVTGGAASKLSKIRVVRKSIARVLTVINQTQKENLRKFYKGKKYKPL
DLRPKKTRAMRRRLNKHEENLKTKKQQRKERLYPLRKYAVKA
;
lh,Lh
54 'polypeptide(L)'
;ALRYPMAVGLNKGHKVTKNVSKPRHSRRRGRLTKHTKFVRDMIREVCGFAPYERRAMELLKVSKDKRALKFIKKRVGTHI
RAKRKREELSNVLAAMRKAAAK
;
li,Li
55 'polypeptide(L)'
;TKGTSSFGKRRNKTHTLCRRCGSKAYHLQKSTCGKCGYPAKRKRKYNWSAKAKRRNTTGTGRMRHLKIVYRRFRHGFREG
TTPKPK
;
lj,Lj
56 'polypeptide(L)' PRKIEEIKDFLLTARRKDAKSVKIKKNKDNVKFKVRCSRYLYTLVITDKEKAEKLKQSLPPGLAVKELK lk,Lk
57 'polypeptide(L)' SSHKTFRIKRFLAKKQKQNRPIPQWIRMKTGNKIRYNSKRRHWRRTKLGL ll,Ll
58 'polypeptide(L)' IIEPSLRQLAQKYNCDKMICRKCYARLHPRAVNCRKKKCGHTNNLRPKKKVK lm,Lm
59 'polypeptide(L)' MRAKWRKKRMRRLKRKRRKMRQRS ln,Ln
60 'polypeptide(L)'
;VNVPKTRRTFCKKCGKHQPHKVTQYKKGKDSLYAQGKRRYDRKQSGYGGQTKPIFRKKAKTTKKIVLRLECVEPNCRSKR
MLAIKRCKHFELGGDKKRKGQVIQF
;
lo,Lo
61 'polypeptide(L)'
;AKRTKKVGIVGKYGTRYGASLRKMVKKIEISQHAKYTCSFCGKTKMKRRAVGIWHCGSCMKTVAGGAWTYNTTSAVTVKS
AIRRLKELKDQ
;
lp,Lp
62 'polypeptide(L)'
;SAHLQWMVVRNCSSFLIKRNKQTYSTEPNNLKARNSFRYNGLIHRKTVGVEPAADGKGVVVVIKRRSGQRKPATSYVRTT
INKNARATLSSIRHMIRKNKYRPDLRMAAIRRASAILRSQKPVMV
;
lr,Lr
63 'polypeptide(L)'
;MSSKVSRDTLYEAVREVLHGNQRKRRKFLETVELQISLKNYDPQKDKRFSGTVRLKSTPRPKFSVCVLGDQQHCDEAKAV
DIPHMDIEALKKLNKNKKLVKKLAKKYDAFLASESLIKQIPRILGPGLNKAGKFPSLLTHNENMVAKVDEVKSTIKFQMK
KVLCLAVAVGHVKMTDDELVYNIHLAVNFLVSLLKKNWQNVRALYIKSTMGKPQRLY
;
lz,Lz
64 'polypeptide(L)'
;MGRVRTKTVKKAARVIIEKYYTRLGNDFHTNKRVCEEIAIIPSKKLRNKIAGYVTHLMKRIQRGPVRGISIKLQEEERER
RDNYVPEVSALDQEIIEVDPDTKEMLKLLDFGSLSNLQVTQPTVGMNFKTPRGPV
;
sR,SR
65 'polypeptide(L)'
;MAVQISKKRKFVADGIFKAELNEFLTRELAEDGYSGVEVRVTPTRTEIIILATRTQNVLGEKGRRIRELTAVVQKRFGFP
EGSVELYAEKVATRGLCAIAQAESLRYKLLGGLAVRRACYGVLRFIMESGAKGCEVVVSGKLRGQRAKSMKFVDGLMIHS
GDPVNYYVDTAVRHVLLRQGVLGIKVKIMLPWDPTGKIGPKKPLPDHVSIVEPKDEILPTTPISEQK
;
sD,SD
66 'polypeptide(L)'
;DIKLFGKWSTDDVQINDISLQDYIAVKEKYAKYLPHSAGRYAAKRFRKAQCPIVERLTNSMMMHGRNNGKKLMTVRIVKH
AFEIIHLLTGENPLQVLVNAIINSGPREDSTRIGRAGTVRRQAVDVSPLRRVNQAIWLLCTGAREAAFRNIKTIAECLAD
ELINAAKGSSNSYAIKKKDELERVAKSNR
;
sF,SF
67 'polypeptide(L)'
;MLMPKKNRIAIYELLFKEGVMVAKKDVHMPKHPELADKNVPNLHVMKAMQSLKSRGYVKEQFAWRHFYWYLTNEGIQYLR
DYLHLPPEIVPATLRRSR
;
sK,SK
68 'polypeptide(L)'
;TYRGVDLDQLLDMSYEQLMQLYSARQRRRLNRGLRRKQHSLLKRLRKAKKEAPPMEKPEVVKTHLRDMIILPEMVGSMVG
VYNGKTFNQVEIKPEMIGHYLGEFSITYKPVKHGRPGIGAT
;
sP,SP
69 'polypeptide(L)'
;SKGPLQSVQVFGRKKTATAVAHCKRGNGLIKVNGRPLEMIEPRTLQYKLLEPVLLLGKERFAGVDIRVRVKGGGHVAQIY
AIRQSISKALVAYYQKYVDEASKKEIKDILIQYDRTLLVADPRRCESKKFGGPGARARYQKSYR
;
sQ,SQ
70 'polypeptide(L)'
;MSLVIPEKFQHILRVLNTNIDGRRKIAFAITAIKGVGRRYAHVVLRKADIDLTKRAGELTEDEVERVITIMQNPRQYKIP
DWFLNRQKDVKDGKYSQVLANGLDNKLREDLERLKKIRAHRGLRHFWGLRVRGQHTKTTGRRGRT
;
sS,SS
71 'polypeptide(L)'
;PGVTVKDVNQQEFVRALAAFLKKSGKLKVPEWVDTVKLAKHKELAPYDENWFYTRAASTARHLYLRGGAGVGSMTKIYGG
RQRNGVMPSHFSRGSKSVARRVLQALEGLKMVEKDQDGGRKLTPQGQRDLDRIAGQVAAANKK
;
sT,ST
72 'polypeptide(L)'
;AIHRIRITLTSRNVKSLEKVCADLIRGAKEKNLKVKGPVRMPTKTLRITTRKTPCGEGSKTWDRFQMRIHKRLIDLHSPS
EIVKQITSISIEPGVEVEVTIADA
;
sU,SU
73 'polypeptide(L)' RVQPIKLARVTKVLGRTGSQGQCTQVRVEFMDDTSRSIIRNVKGPVREGDVLTLLESEREARRL sc,Sc
74 'polypeptide(L)' GHQQLYWSHPRKFGQGSRSCRVCSNRHGLIRKYGLNMCRQCFRQYAKDIGFIKLD sd,Sd
75 'polypeptide(L)'
;TEQMTLRGTLKGHNGWVTQIATTPQFPDMILSASRDKTIIMWKLTRDETNYGIPQRALRGHSHFVSDVVISSDGQFALSG
SWDGTLRLWDLTTGTTTRRFVGHTKDVLSVAFSSDNRQIVSGSRDKTIKLWNTLGVCKYTVQDESHSEWVSCVRFSPNSS
NPIIVSCGWDKLVKVWNLANCKLKTNHIGHTGYLNTVTVSPDGSLCASGGKDGQAMLWDLNEGKHLYTLDGGDIINALCF
SPNRYWLCAATGPSIKIWDLEGKIIVDELKQEVISTSSKAEPPQCTSLAWSADGQTLFAGYTDNLVRVWQVTI
;
sg,Sg
76 'polypeptide(L)'
;VMDVNTALQEVLKTALIHDGLARGIREAAKALDKRQAHLCVLASNCDEPMYVKLVEALCAEHQINLIKVDDNKKLGEWVG
LCKIDREGKPRKVVGCSCVVVKDYGKESQAKDVIEEYFKCKK
;
sM,SM
77 'polypeptide(L)' RDKLNNLVLFDKATYDKLCKEVPNYKLITPAVVSERLKIRGSLARAALQELLSKGLIKLVSKHRAQVIYTRNTKG sZ,SZ
78 'polypeptide(L)' YTTPKKNKHKRKKVKLAVLKYYKVDENGKISRLRRECPSDECGAGVFMASHFDRHYCGKCCLTYCFN sf,Sf
79 'polyribonucleotide'
;UACCUGGUUGAUCCUGCCAGUAGCAUAUGCUUGUCUCAAAGAUUAAGCCAUGCAUGUCUAAGUACGCACGGCCGGUACAG
UGAAACUGCGAAUGGCUCAUUAAAUCAGUUAUGGUUCCUUUGGUCGCUCGCUCCUCUCCCACUUGGAUAACUGUGGUAAU
UCUAGAGCUAAUACAUGCCGACGGGCGCUGACCCCCUUCGCGGGGGGGAUGCGUGCAUUUAUCAGUGGUGACUCUAGAUA
ACCUCGGGCCGAUCGCACGCCCCCCGUGGCGGCGACGACCCAUUCGAACGUCUGCCCUAUCAACUUUCGAUGGUAGUCGC
CGUGCCUACCAUGGUGACCACGGGUGACGGGGAAUCAGGGUUCGAUUCCGGAGAGGGAGCCUGAGAAACGGCUACCACAU
CCAAGGAAGGCAGCAGGCGCGCAAAUUACCCACUCCCGACCCGGGGAGGUAGUGACGAAAAAUAACAAUACAGGACUCUU
UCGAGGCCCUGUAAUUGGAAUGAGUCCACUUUAAAUCCUUUAACGAGGAUCCAUUGGAGGGCAAGUCUGGUGCCAGCAGC
CGCGGUAAUUCCAGCUCCAAUAGCGUAUAUUAAAGUUGCUGCAGUUAAAAAGCUCGUAGUUGGAUCUUGGGAGCGGGCGU
CCCCGCCCUCUCGGCCGGGGCCCGAAGCGUUUACUUUGAAAAAAUUAGAGUGUUCAAAGCAGGCCCGAGCCGCCUGGAUA
CCGCAGCUAGGAAUAAUGGAAUAGGACCGCGGUUCUAUUUUGUUGGUUUUCGGAACUGAGGCCAUGAUUAAGAGGGACGG
CCGGGGGCAUUCGUAUUGCGCCGCUAGAGGUGAAAUUCUUGGACCGGCGCAAGACGGACCAGAGCGAAAGCAUUUGCCAA
GAAUGUUUUCAUUAAUCAAGAACGAAAGUCGGAGGUUCGAAGACGAUCAGAUACCGUCGUAGUUCCGACCAUAAACGAUG
CCGACCGGCGAUGCGGCGGCGUUAUUCCCAUGACCCGCCGGGCAGCUUCCGGGAAACCAAAGUCUUUGGGUUCCGGGGGG
AGUAUGGUUGCAAAGCUGAAACUUAAAGGAAUUGACGGAAGGGCACCACCAGGAGUGGAGCCUGCGGCUUAAUUUGACUC
AACACGGGAAACCUCACCCGGCCCGGACACGGACAGGAUUGACAGAUUGAUAGCUCUUUCUCGAUUCCGUGGGUGGUGGU
GCAUGGCCGUUCUUAGUUGGUGGAGCGAUUUGUCUGGUUAAUUCCGAUAACGAACGAGACUCUGGCAUGCUAACUAGUUA
CGCGACCCCCGAGCGGUCGGCGUCCCCCAACUUCUUAGAGGGACAAGUGGCGUUCAGCCACCCGAGAUUGAGCAAUAACA
GGUCUGUGAUGCCCUUAGAUGUCCGGGGCUGCACGCGCGCUACACUGACUGGCUCAGCGUGUGCCUACCCUACGCCGGCA
GGCGCGGGUAACCCGUUGAACCCCAUUCGUGAUGGGGAUCGGGGAUUGCAAUUAUUCCCCAUGAACGAGGAAUUCCCAGU
AAGUGCGGGUCAUAAGCUUGCGUUGAUUAAGUCCCUGCCCUUUGUACACACCGCCCGUCGCUACUACCGAUUGGAUGGUU
UAGUGAGGCCCUCGGAUCGGCCCCGCCGGGGUCGGCCCACGGCCCUGGCGGAGCGCUGAGAAGACGGUCGAACUUGACUA
UCUAGAGGAAGUAAAAGUCGUAACAAGGUUUCCGUAGGUGAACCUGCGGAAGGAUCAUUA
;
s2,S2
80 'polypeptide(L)'
;NFTVDQIRAIMDKKANIRNMSVIAHVDHGKSTLTDSLVCKAGIIASARAGETRFTDTRKDEQERCITIKSTAISLFYELS
ENDLNFIKQSKDGAGFLINLIDSPGHVDFSSEVTAALRVTDGALVVVDCVSGVCVQTETVLRQAIAERIKPVLMMNKMDR
ALLELQLEPEELYQTFQRIVENVNVIISTYGEGESGPMGNIMIDPVLGTVGFGSGLHGWAFTLKQFAEMYVAKFAAKGEG
QLGPAERAKKVEDMMKKLWGDRYFDPANGKFSKSATSPEGKKLPRTFCQLILDPIFKVFDAIMNFKKEETAKLIEKLDIK
LDSEDKDKEGKPLLKAVMRRWLPAGDALLQMITIHLPSPVTAQKYRCELLYEGPPDDEAAMGIKSCDPKGPLMMYISKMV
PTSDKGRFYAFGRVFSGLVSTGLKVRIMGPNYTPGKKEDLYLKPIQRTILMMGRYVEPIEDVPCGNIVGLVGVDQFLVKT
GTITTFEHAHNMRVMKFSVSPVVRVAVEAKNPADLPKLVEGLKRLAKSDPMVQCIIEESGEHIIAGAGELHLEICLKDLE
EDHACIPIKKSDPVVSYRETVSEESNVLCLSKSPNKHNRLYMKARPFPDGLAEDIDKGEVSARQELKQRARYLAEKYEWD
VAEARKIWCFGPDGTGPNILTDITKGVQYLNEIKDSVVAGFQWATKEGALCEENMRGVRFDVHDVTLHADAIHRGGGQII
PTARRCLYASVLTAQPRLMEPIYLVEIQCPEQVVGGIYGVLNRKRGHVFEESQVAGTPMFVVKAYLPVNESFGFTADLRS
NTGGQAFPQCVFDHWQILPGDPFDNSSRPSQVVAETRKRKGLKEGIPALDNFLDKL
;
cB,CB
81 'polyribonucleotide' GUCUCCGUAGUGUAG(N)(N)GGUAUCACGUUCGCCUAACACGCGAAAGGUCCUCGGUUCGAAACCGGGCGGAAACA aP,AP
82 'polyribonucleotide' GCCCGGAUAGCUCAGC(N)UGUAGAGCAUCAGACUUUUAAUCUGAGGGUCCAGGGUUCAAGUCCCUGUUCGGGCGCCA pE,PE
83 'polypeptide(L)'
;DRATWKSNYFLKIIQLLDDYPKCFIVGADNVGSKQMQQIRMSLRGKAVVLMGKNTMMRKAIRGHLENNPALEKLLPHIRG
NVGFVFTKEDLTEIRDMLLANKVPAAARAGAIAPCEVTVPAQNTGLGPEKTSFFQALGITTKISRGTIEILSDVQLIKTG
DKVGASEATLLNMLNISPFSFGLVIQQVFDNGSIYN
;
ls,Ls
84 'polypeptide(L)'
;PNEIKVVYLRCTGGEVGATSALAPKIGPLGLSPKKVGDDIAKATGDWKGLRITVKLTIQNRQAQIEVVPSASALIIKALK
EITFDEIVNIARQMRHRSLARELSGTIKEILGTAQSVGCNVDGRHPHDIIDDINSGAVECP
;
lt,Lt
85 'polyribonucleotide'
;CGCGACCUCAGAUCAGACGUGGCGACCCGCUGAAUUUAAGCAUAUUAGUCAGCGGAGGAGAAGAAACUAACCAGGAUUCC
CUCAGUAACGGCGAGUGAACAGGGAAGAGCCCAGCGCCGAAUCCCCGCCCCGCGGCGGGGCGCGGGACAUGUGGCGUACG
GAAGACCCGCUCCCCGGCGCCGCUCGUGGGGGGCCCAAGUCCUUCUGAUCGAGGCCCAGCCCGUGGACGGUGUGAGGCCG
GUAGCGGCCCCCGGCGCGCCGGGCCCGGGUCUUCCCGGAGUCGGGUUGCUUGGGAAUGCAGCCCAAAGCGGGUGGUAAAC
UCCAUCUAAGGCUAAAUACCGGCACGAGACCGAUAGUCAACAAGUACCGUAAGGGAAAGUUGAAAAGAACUUUGAAGAGA
GAGUUCAAGAGGGCGUGAAACCGUUAAGAGGUAAACGGGUGGGGUCCGCGCAGUCCGCCCGGAGGAUUCAACCCGGCGGC
GGGUCCGGCCGUGUCGGCGGCCCGGCGGAUCUUUCCCGCGCGGGGGACCGUCCCCCGACCGGCGACCGGCCGCCGCCGGG
CGCAUUUCCACCGCGGCGGUGCGCCGCGACCGGCUCCGGGACGGCUGGGAAGGCCCGGCGGGGAAGGUGGCUCGGGGGCC
CCCGAGUGUUACAGCCCCCCCGGCAGCAGCACUCGCCGAAUCCCGGGGCCGAGGGAGCGAGACCCGUCGCCGCGCUCUCC
CCCCUCCCGGCGCGCCGGGGGGGGCCGGGCCACCCCUCCCACGGCGCGACCGCUCGGGGCGGACUGUCCCCAGUGCGCCC
CGGGCGGGUCGCGCCGUCGGGCCCGGGGGAGGCCACGCGCGCGUCCCCCGAAGAGGGGGACGGCGGAGCGAGCGCACGGG
GUCGGCGGCGACGUCGGCUACCCACCCGACCCGUCUUGAAACACGGACCAAGGAGUCUAACACGUGCGCGAGUCGGGGGC
UCGCACGAAAGCCGCCGUGGCGCAAUGAAGGUGAAGGCCGGCGCGCUCGCCGGCCGAGGUGGGAUCCCGAGGCCUCUCCA
GUCCGCCGAGGGCGCACCACCGGCCCGUCUCGCCCGCCGCGCCGGGGAGGUGGAGCACGAGCGCACGUGUUAGGACCCGA
AAGAUGGUGAACUAUGCCUGGGCAGGGCGAAGCCAGAGGAAACUCUGGUGGAGGUCCGUAGCGGUCCUGACGUGCAAAUC
GGUCGUCCGACCUGGGUAUAGGGGCGAAAGACUAAUCGAACCAUCUAGUAGCUGGUUCCCUCCGAAGUUUCCCUCAGGAU
AGCUGGCGCUCUCGCAGACCCGACGCCCGCCACGCAGUUUUAUCCGGUAAAGCGAAUGAUUAGAGGUCUUGGGGCCGAAA
CGAUCUCAACCUAUUCUCAAACUUUAAAUGGGUAAGAAGCCCGGCUCGCUGGCGUGGAGCCGGGCGUGGAAUGCGAGUGC
CUAGUGGGCCACUUUUGGUAAGCAGAACUGGCGCUGCGGGAUGAACCGAACGCCGGGUUAAGGCGCCCGAUGCCGACGCU
CAUCAGACCCCAGAAAAGGUGUUGGUUGAUAUAGACAGCAGGACGGUGGCCAUGGAAGUCGGAAUCCGCUAAGGAGUGUG
UAACAACUCACCUGCCGAAUCAACUAGCCCUGAAAAUGGAUGGCGCUGGAGCGUCGGGCCCAUACCCGGCCGUCGCCGGC
AGUCGAGAGUGGACGGGAGCGGCGGCCGGAGCCCCGCGGACGCUACGCCGCGACGAGUAGGAGGGCCGCUGCGGUGAGCC
UUGAAGCCUAGGGCGCGGGCCCGGGUGGAGCCGCCGCAGGUGCAGAUCUUGGUGGUAGUAGCAAAUAUUCAAACGAGAAC
UUUGAAGGCCGAAGUGGAGAAGGGUUCCAUGUGAACAGCAGUUGAACAUGGGUCAGUCGGUCCUGAGAGAUGGGCGAGCG
CCGUUCCGAAGGGACGGGCGAUGGCCUCCGUUGCCCUCGGCCGAUCGAAAGGGAGUCGGGUUCAGAUCCCCGAAUCCGGA
GUGGCGGAGAUGGGCGCCGCGAGGCGUCCAGUGCGGUAACGCGACCGAUCCCGGAGAAGCCGGCGGGAGCCCCGGGGAGA
GUUCUCUUUUCUUUGUGAAGGGCAGGGCGCCCUGGAAUGGGUUCGCCCCGAGAGAGGGGCCCGUGCCUUGGAAAGCGUCG
CGGUUCCGGCGGCGUCCGGUGAGCUCUCGCUGGCCCUUGAAAAUCCGGGGGAGAGGGUGUAAAUCUCGCGCCGGGCCGUA
CCCAUAUCCGCAGCAGGUCUCCAAGGUGAACAGCCUCUGGCAUGUUGGAACAAUGUAGGUAAGGGAAGUCGGCAAGCCGG
AUCCGUAACUUCGGGAUAAGGAUUGGCUCUAAGGGCUGGGUCGGUCGCGGCCGGCGCCUAGCAGCCGACUUAGAACUGGU
GCGGACCAGGGGAAUCCGACUGUUUAAUUAAAACAAAGCAUCGCGAAGGCCCGCGGCGGGUGUUGACGCGAUGUGAUUUC
UGCCCAGUGCUCUGAAUGUCAAAGUGAAGAAAUUCAAUGAAGCGCGGGUAAACGGCGGGAGUAACUAUGACUCUCUUAAG
GUAGCCAAAUGCCUCGUCAUCUAAUUAGUGACGCGCAUGAAUGGAUGAACGAGAUUCCCACUGUCCCUACCUACUAUCCA
GCGAAACCACAGCCAAGGGAACGGGCUUGGCGGAAUCAGCGGGGAAAGAAGACCCUGUUGAGCUUGACUCUAGUCUGGCA
CGGUGAAGAGACAUGAGAGGUGUAGAAUAAGUGGGAGGCCCCCGGCGCCGGUCCGCCGGCCCUGCGGGCCGCCGGUGAAA
UACCACUACUCUGAUCGUUUUUUCACUGACCCGGUGAGGCGGGGGGGCGAGCCCCGAGGGGCUCUCGCUUCUGGCGCCAA
GCGCCCGGCCGCGCGCCGGCCGGGCGCGACCCGCUCCGGGGACAGUGCCAGGUGGGGAGUUUGACUGGGGCGGUACACCU
GUCAAACGGUAACGCAGGUGUCCUAAGGCGAGCUCAGGGAGGACAGAAACCUCCCGUGGAGCAGAAGGGCAAAAGCUCGC
UUGAUCUUGAUUUUCAGUACGAAUACAGACCGUGAAAGCGGGGCCUCACGAUCCUUCUGACCUUUUGGGUUUUAAGCAGG
AGGUGUCAGAAAAGUUACCACAGGGAUAACUGGCUUGUGGCGGCCAAGCGUUCAUAGCGACGUCGCUUUUUGAUCCUUCG
AUGUCGGCUCUUCCUAUCAUUGUGAAGCAGAAUUCACCAAGCGUUGGAUUGUUCACCCACUAAUAGGGAACGUGAGCUGG
GUUUAGACCGUCGUGAGACAGGUUAGUUUUACCCUACUGAUGAUGUGUUGUUGCCAUGGUAAUCCUGCUCAGUACGAGAG
GAACCGCAGGUUCAGACAUUUGGUGUAUGUGCUUGGCUGAGGAGCCAAUGGGGCGAAGCUACCAUCUGUGGGAUUAUGAC
UGAACGCCUCUAAGUCAGAAUCCCGCCCAGGCGGAACGAUACGGCAGCGCCGCGGAGCCUCGGUUGGCCUCGGAUAGCCG
GUCCCCCGCCGGGGUCCGGUGCGGAGUGCCCUUCGUCCUGGGAAACGGGGCGCGGCCGGAGAGGCGGCCGCCCCCUCGCC
CGUCACGCACCGCACGUUCGUGGGGAACCUGGCGCUAAACCAUUCGUAGACGACCUGCUUCUGGGUCGGGGUUUCGUACG
UAGCAGAGCAGCUCCCUCGCUGCGAUCUAUUGAAAGUCAGCCCUCGACACAAGGGUUUGU
;
l5,L5
86 'polypeptide(L)' VHGSLARAGKVRGQTPKVAKQEKKKKKTGRAKRRMQYNRRFVNVVPT Se
87 'polypeptide(L)'
;MKVELCSFSGYKIYPGHGRRYARTDGKVFQFLNAKCESAFLSKRNPRQINWTVLYRRKHKKGQSEEIQKKRTRRAVKFQR
AITGASLADIMAKRNQKPEVRKAQREQAIRAAKEAKKAKQASKK
;
lW,LW
#
# COMPACT_ATOMS: atom_id res chain seq x y z
N GLN A 1 -72.48 -25.54 -139.48
CA GLN A 1 -73.06 -26.87 -139.34
C GLN A 1 -74.58 -26.80 -139.47
N ALA A 2 -75.19 -27.90 -139.92
CA ALA A 2 -76.63 -27.92 -140.14
C ALA A 2 -77.39 -27.69 -138.84
N ILE A 3 -76.77 -27.93 -137.70
CA ILE A 3 -77.43 -27.67 -136.42
C ILE A 3 -77.75 -26.19 -136.29
N LEU A 4 -76.86 -25.32 -136.79
CA LEU A 4 -77.16 -23.89 -136.82
C LEU A 4 -78.35 -23.61 -137.74
N ALA A 5 -78.42 -24.31 -138.87
CA ALA A 5 -79.59 -24.16 -139.74
C ALA A 5 -80.86 -24.58 -139.01
N ALA A 6 -80.77 -25.59 -138.15
CA ALA A 6 -81.93 -26.00 -137.35
C ALA A 6 -82.27 -24.95 -136.31
N ARG A 7 -81.26 -24.33 -135.71
CA ARG A 7 -81.49 -23.26 -134.75
C ARG A 7 -82.22 -22.11 -135.41
N ARG A 8 -81.81 -21.75 -136.63
CA ARG A 8 -82.57 -20.78 -137.41
C ARG A 8 -83.97 -21.29 -137.68
N ALA A 9 -84.10 -22.58 -138.00
CA ALA A 9 -85.41 -23.18 -138.25
C ALA A 9 -86.24 -23.20 -136.97
N ALA A 10 -85.60 -23.40 -135.82
CA ALA A 10 -86.29 -23.36 -134.53
C ALA A 10 -86.55 -21.91 -134.12
N ALA A 11 -87.29 -21.21 -134.97
CA ALA A 11 -87.51 -19.78 -134.77
C ALA A 11 -88.56 -19.51 -133.69
N GLY A 12 -89.55 -20.40 -133.57
CA GLY A 12 -90.65 -20.13 -132.66
C GLY A 12 -90.24 -20.10 -131.20
N GLU A 13 -89.36 -21.01 -130.80
CA GLU A 13 -89.04 -21.18 -129.39
C GLU A 13 -87.63 -21.74 -129.28
N ASP A 14 -87.21 -22.02 -128.04
CA ASP A 14 -86.01 -22.80 -127.81
C ASP A 14 -84.74 -21.95 -127.96
N VAL A 15 -83.56 -22.59 -127.84
CA VAL A 15 -82.22 -22.01 -128.02
C VAL A 15 -81.68 -21.38 -126.73
N GLU A 16 -80.47 -21.80 -126.32
CA GLU A 16 -79.73 -21.18 -125.22
C GLU A 16 -78.25 -21.12 -125.60
N THR A 17 -77.55 -20.15 -125.01
CA THR A 17 -76.16 -19.87 -125.35
C THR A 17 -75.25 -20.39 -124.26
N SER A 18 -74.02 -20.78 -124.64
CA SER A 18 -73.14 -21.54 -123.74
C SER A 18 -71.68 -21.12 -123.73
N LYS A 19 -71.27 -20.13 -124.52
CA LYS A 19 -69.90 -19.61 -124.50
C LYS A 19 -68.86 -20.60 -125.00
N LYS A 20 -67.59 -20.21 -124.90
CA LYS A 20 -66.46 -21.09 -125.15
C LYS A 20 -65.42 -20.84 -124.08
N TRP A 21 -64.28 -21.53 -124.19
CA TRP A 21 -63.17 -21.37 -123.25
C TRP A 21 -62.69 -19.93 -123.18
N ALA A 22 -62.29 -19.37 -124.31
CA ALA A 22 -61.77 -18.01 -124.31
C ALA A 22 -62.89 -16.98 -124.35
N ALA A 23 -63.68 -16.98 -125.42
CA ALA A 23 -64.73 -16.00 -125.62
C ALA A 23 -64.18 -14.57 -125.58
N GLY A 24 -63.26 -14.29 -126.52
CA GLY A 24 -62.77 -12.95 -126.72
C GLY A 24 -61.41 -12.64 -126.13
N GLN A 25 -60.82 -13.55 -125.36
CA GLN A 25 -59.55 -13.25 -124.73
C GLN A 25 -58.40 -13.47 -125.70
N ASN A 26 -57.26 -12.88 -125.38
CA ASN A 26 -56.03 -13.05 -126.14
C ASN A 26 -55.08 -13.92 -125.33
N LYS A 27 -54.73 -15.08 -125.85
CA LYS A 27 -53.77 -15.95 -125.18
C LYS A 27 -52.38 -15.88 -125.77
N GLN A 28 -52.25 -15.52 -127.05
CA GLN A 28 -50.96 -15.36 -127.72
C GLN A 28 -50.11 -16.63 -127.61
N HIS A 29 -50.77 -17.73 -127.22
CA HIS A 29 -50.09 -18.98 -126.86
C HIS A 29 -51.16 -20.02 -126.57
N SER A 30 -50.85 -21.29 -126.80
CA SER A 30 -51.83 -22.37 -126.73
C SER A 30 -51.04 -23.67 -126.58
N ILE A 31 -51.32 -24.37 -125.49
CA ILE A 31 -50.64 -25.62 -125.19
C ILE A 31 -51.31 -26.70 -126.01
N THR A 32 -50.50 -27.45 -126.76
CA THR A 32 -51.05 -28.42 -127.70
C THR A 32 -51.81 -29.53 -126.99
N LYS A 33 -51.29 -30.01 -125.87
CA LYS A 33 -51.92 -31.12 -125.17
C LYS A 33 -53.21 -30.68 -124.50
N ASN A 34 -54.02 -31.66 -124.11
CA ASN A 34 -55.28 -31.34 -123.44
C ASN A 34 -55.04 -30.80 -122.04
N THR A 35 -53.96 -31.23 -121.38
CA THR A 35 -53.60 -30.85 -120.01
C THR A 35 -54.61 -31.37 -118.99
N ALA A 36 -55.68 -32.00 -119.45
CA ALA A 36 -56.51 -32.78 -118.55
C ALA A 36 -56.21 -34.26 -118.71
N LYS A 37 -55.95 -34.70 -119.93
CA LYS A 37 -55.41 -36.04 -120.12
C LYS A 37 -54.02 -36.13 -119.49
N LEU A 38 -53.20 -35.09 -119.65
CA LEU A 38 -51.87 -35.08 -119.04
C LEU A 38 -51.97 -35.28 -117.54
N ASP A 39 -52.97 -34.67 -116.89
CA ASP A 39 -53.25 -34.99 -115.51
C ASP A 39 -53.64 -36.46 -115.36
N ARG A 40 -54.62 -36.89 -116.15
CA ARG A 40 -55.12 -38.26 -116.02
C ARG A 40 -54.08 -39.28 -116.46
N GLU A 41 -53.34 -38.98 -117.53
CA GLU A 41 -52.35 -39.93 -118.03
C GLU A 41 -51.20 -40.07 -117.04
N THR A 42 -50.76 -41.31 -116.87
CA THR A 42 -49.66 -41.65 -115.97
C THR A 42 -48.66 -42.62 -116.55
N GLU A 43 -49.01 -43.37 -117.60
CA GLU A 43 -48.14 -44.44 -118.08
C GLU A 43 -47.12 -43.92 -119.08
N GLU A 44 -47.44 -42.86 -119.82
CA GLU A 44 -46.56 -42.37 -120.87
C GLU A 44 -45.77 -41.17 -120.38
N LEU A 45 -44.45 -41.21 -120.60
CA LEU A 45 -43.56 -40.16 -120.12
C LEU A 45 -42.58 -39.70 -121.20
N HIS A 46 -42.92 -39.89 -122.47
CA HIS A 46 -42.06 -39.56 -123.59
C HIS A 46 -42.76 -38.56 -124.50
N HIS A 47 -42.02 -37.53 -124.90
CA HIS A 47 -42.52 -36.51 -125.81
C HIS A 47 -41.87 -36.68 -127.18
N ASP A 48 -42.70 -36.61 -128.22
CA ASP A 48 -42.32 -37.09 -129.54
C ASP A 48 -41.21 -36.26 -130.16
N ARG A 49 -41.02 -35.02 -129.70
CA ARG A 49 -40.00 -34.12 -130.23
C ARG A 49 -40.29 -33.79 -131.70
N VAL A 50 -39.36 -33.14 -132.40
CA VAL A 50 -39.55 -32.82 -133.81
C VAL A 50 -38.45 -33.53 -134.59
N THR A 51 -38.77 -33.96 -135.80
CA THR A 51 -37.81 -34.71 -136.60
C THR A 51 -36.94 -33.76 -137.41
N LEU A 52 -35.78 -34.26 -137.84
CA LEU A 52 -34.78 -33.39 -138.43
C LEU A 52 -35.17 -32.87 -139.81
N GLU A 53 -35.92 -33.65 -140.60
CA GLU A 53 -36.33 -33.18 -141.91
C GLU A 53 -37.19 -31.92 -141.79
N VAL A 54 -37.93 -31.80 -140.69
CA VAL A 54 -38.67 -30.60 -140.37
C VAL A 54 -37.73 -29.39 -140.31
N GLY A 55 -36.64 -29.51 -139.55
CA GLY A 55 -35.68 -28.43 -139.46
C GLY A 55 -34.98 -28.16 -140.78
N LYS A 56 -34.72 -29.21 -141.55
CA LYS A 56 -34.09 -29.03 -142.86
C LYS A 56 -35.01 -28.26 -143.80
N VAL A 57 -36.30 -28.58 -143.79
CA VAL A 57 -37.25 -27.85 -144.62
C VAL A 57 -37.34 -26.39 -144.16
N ILE A 58 -37.29 -26.17 -142.85
CA ILE A 58 -37.26 -24.81 -142.33
C ILE A 58 -36.03 -24.07 -142.86
N GLN A 59 -34.87 -24.72 -142.82
CA GLN A 59 -33.65 -24.10 -143.32
C GLN A 59 -33.77 -23.76 -144.79
N GLN A 60 -34.32 -24.68 -145.59
CA GLN A 60 -34.50 -24.44 -147.01
C GLN A 60 -35.45 -23.28 -147.25
N GLY A 61 -36.52 -23.20 -146.46
CA GLY A 61 -37.45 -22.09 -146.61
C GLY A 61 -36.80 -20.76 -146.29
N ARG A 62 -36.02 -20.71 -145.20
CA ARG A 62 -35.34 -19.48 -144.86
C ARG A 62 -34.35 -19.07 -145.94
N GLN A 63 -33.58 -20.04 -146.46
CA GLN A 63 -32.63 -19.72 -147.51
C GLN A 63 -33.33 -19.25 -148.77
N SER A 64 -34.43 -19.90 -149.15
CA SER A 64 -35.19 -19.49 -150.31
C SER A 64 -35.76 -18.09 -150.14
N LYS A 65 -36.24 -17.77 -148.93
CA LYS A 65 -36.65 -16.42 -148.61
C LYS A 65 -35.48 -15.54 -148.19
N GLY A 66 -34.32 -16.13 -147.93
CA GLY A 66 -33.15 -15.34 -147.55
C GLY A 66 -33.29 -14.65 -146.22
N LEU A 67 -33.87 -15.33 -145.22
CA LEU A 67 -34.10 -14.77 -143.90
C LEU A 67 -33.26 -15.50 -142.87
N THR A 68 -32.53 -14.73 -142.06
CA THR A 68 -31.92 -15.31 -140.88
C THR A 68 -33.00 -15.73 -139.89
N GLN A 69 -32.62 -16.56 -138.92
CA GLN A 69 -33.57 -16.99 -137.91
C GLN A 69 -34.12 -15.80 -137.14
N LYS A 70 -33.29 -14.76 -136.95
CA LYS A 70 -33.75 -13.55 -136.26
C LYS A 70 -34.92 -12.92 -136.99
N ASP A 71 -34.79 -12.72 -138.31
CA ASP A 71 -35.84 -12.09 -139.08
C ASP A 71 -37.11 -12.91 -139.07
N LEU A 72 -36.99 -14.23 -139.21
CA LEU A 72 -38.16 -15.08 -139.17
C LEU A 72 -38.85 -15.00 -137.82
N ALA A 73 -38.06 -14.98 -136.74
CA ALA A 73 -38.65 -14.85 -135.42
C ALA A 73 -39.40 -13.54 -135.27
N THR A 74 -38.83 -12.45 -135.81
CA THR A 74 -39.55 -11.19 -135.82
C THR A 74 -40.85 -11.31 -136.61
N LYS A 75 -40.82 -12.06 -137.70
CA LYS A 75 -42.04 -12.28 -138.48
C LYS A 75 -43.10 -13.00 -137.68
N ILE A 76 -42.69 -14.00 -136.88
CA ILE A 76 -43.66 -14.86 -136.24
C ILE A 76 -44.14 -14.30 -134.90
N ASN A 77 -43.39 -13.36 -134.34
CA ASN A 77 -43.60 -12.79 -133.01
C ASN A 77 -43.30 -13.82 -131.93
N GLU A 78 -42.30 -14.67 -132.15
CA GLU A 78 -41.74 -15.53 -131.12
C GLU A 78 -40.26 -15.25 -130.95
N LYS A 79 -39.67 -15.88 -129.94
CA LYS A 79 -38.25 -15.67 -129.66
C LYS A 79 -37.40 -16.32 -130.75
N PRO A 80 -36.26 -15.71 -131.08
CA PRO A 80 -35.37 -16.32 -132.10
C PRO A 80 -34.87 -17.69 -131.72
N GLN A 81 -34.67 -17.94 -130.43
CA GLN A 81 -34.19 -19.25 -130.02
C GLN A 81 -35.25 -20.31 -130.24
N VAL A 82 -36.51 -19.90 -130.36
CA VAL A 82 -37.57 -20.87 -130.66
C VAL A 82 -37.35 -21.46 -132.05
N ILE A 83 -37.18 -20.61 -133.06
CA ILE A 83 -36.92 -21.12 -134.39
C ILE A 83 -35.56 -21.79 -134.43
N ALA A 84 -34.62 -21.30 -133.62
CA ALA A 84 -33.33 -21.99 -133.52
C ALA A 84 -33.51 -23.44 -133.11
N ASP A 85 -34.30 -23.68 -132.07
CA ASP A 85 -34.53 -25.06 -131.63
C ASP A 85 -35.34 -25.84 -132.66
N TYR A 86 -36.30 -25.18 -133.31
CA TYR A 86 -37.08 -25.86 -134.33
C TYR A 86 -36.20 -26.32 -135.48
N GLU A 87 -35.14 -25.56 -135.76
CA GLU A 87 -34.16 -26.02 -136.74
C GLU A 87 -33.30 -27.14 -136.18
N SER A 88 -32.82 -26.98 -134.94
CA SER A 88 -31.90 -27.96 -134.36
C SER A 88 -32.56 -29.33 -134.24
N GLY A 89 -33.76 -29.38 -133.69
CA GLY A 89 -34.53 -30.61 -133.70
C GLY A 89 -35.18 -31.01 -132.39
N ARG A 90 -35.03 -30.25 -131.31
CA ARG A 90 -35.72 -30.66 -130.10
C ARG A 90 -37.15 -30.13 -130.12
N ALA A 91 -37.29 -28.83 -129.89
CA ALA A 91 -38.40 -27.94 -130.31
C ALA A 91 -39.77 -28.30 -129.77
N ILE A 92 -39.95 -29.50 -129.21
CA ILE A 92 -41.21 -29.97 -128.61
C ILE A 92 -42.39 -29.39 -129.40
N PRO A 93 -42.64 -29.87 -130.62
CA PRO A 93 -43.38 -29.07 -131.60
C PRO A 93 -44.74 -28.62 -131.09
N ASN A 94 -45.06 -27.35 -131.37
CA ASN A 94 -46.35 -26.77 -131.05
C ASN A 94 -47.08 -26.43 -132.33
N ASN A 95 -48.35 -26.81 -132.41
CA ASN A 95 -49.09 -26.67 -133.65
C ASN A 95 -49.30 -25.21 -134.03
N GLN A 96 -49.54 -24.34 -133.05
CA GLN A 96 -49.73 -22.94 -133.38
C GLN A 96 -48.41 -22.32 -133.86
N VAL A 97 -47.30 -22.67 -133.21
CA VAL A 97 -46.01 -22.14 -133.62
C VAL A 97 -45.67 -22.63 -135.02
N LEU A 98 -45.92 -23.90 -135.26
CA LEU A 98 -45.67 -24.49 -136.55
C LEU A 98 -46.55 -23.85 -137.62
N GLY A 99 -47.81 -23.58 -137.31
CA GLY A 99 -48.68 -22.92 -138.26
C GLY A 99 -48.22 -21.51 -138.55
N LYS A 100 -47.70 -20.81 -137.55
CA LYS A 100 -47.20 -19.46 -137.79
C LYS A 100 -45.98 -19.48 -138.71
N ILE A 101 -44.93 -20.22 -138.32
CA ILE A 101 -43.75 -20.28 -139.18
C ILE A 101 -44.11 -20.87 -140.53
N GLU A 102 -45.14 -21.71 -140.55
CA GLU A 102 -45.73 -22.21 -141.78
C GLU A 102 -46.21 -21.07 -142.66
N ARG A 103 -47.02 -20.18 -142.12
CA ARG A 103 -47.54 -19.07 -142.90
C ARG A 103 -46.41 -18.15 -143.35
N ALA A 104 -45.37 -18.03 -142.53
CA ALA A 104 -44.22 -17.20 -142.92
C ALA A 104 -43.49 -17.80 -144.11
N ILE A 105 -43.15 -19.08 -144.04
CA ILE A 105 -42.44 -19.74 -145.13
C ILE A 105 -43.42 -20.05 -146.25
N GLY A 106 -42.92 -20.10 -147.48
CA GLY A 106 -43.77 -20.50 -148.59
C GLY A 106 -43.98 -22.00 -148.65
N LEU A 107 -43.07 -22.75 -148.01
CA LEU A 107 -43.12 -24.21 -148.10
C LEU A 107 -43.94 -24.76 -146.95
N LYS A 108 -44.84 -25.69 -147.25
CA LYS A 108 -45.81 -26.16 -146.27
C LYS A 108 -45.28 -27.35 -145.49
N LEU A 109 -44.99 -27.11 -144.22
CA LEU A 109 -44.50 -28.19 -143.40
C LEU A 109 -45.66 -28.86 -142.68
N ARG A 110 -46.71 -28.08 -142.44
CA ARG A 110 -47.86 -28.53 -141.64
C ARG A 110 -48.55 -29.71 -142.32
N GLY A 111 -49.17 -30.56 -141.50
CA GLY A 111 -49.87 -31.72 -142.02
C GLY A 111 -48.96 -32.89 -142.25
N LYS A 112 -49.56 -33.97 -142.75
CA LYS A 112 -48.80 -35.20 -142.98
C LYS A 112 -47.72 -34.99 -144.03
N ASP A 113 -47.91 -34.03 -144.93
CA ASP A 113 -46.90 -33.74 -145.93
C ASP A 113 -45.76 -32.96 -145.29
N ILE A 114 -44.53 -33.28 -145.70
CA ILE A 114 -43.37 -32.56 -145.19
C ILE A 114 -43.23 -31.22 -145.90
N GLY A 115 -43.37 -31.20 -147.21
CA GLY A 115 -43.28 -29.96 -147.96
C GLY A 115 -44.24 -29.91 -149.12
N LYS A 116 -45.13 -28.93 -149.08
CA LYS A 116 -45.97 -28.59 -150.20
C LYS A 116 -45.32 -27.45 -150.97
N PRO A 117 -45.11 -27.59 -152.27
CA PRO A 117 -44.37 -26.54 -153.01
C PRO A 117 -44.93 -25.15 -152.77
N ILE A 118 -46.24 -25.01 -152.73
CA ILE A 118 -46.88 -23.78 -152.25
C ILE A 118 -48.00 -24.19 -151.31
N GLU A 119 -48.00 -23.60 -150.12
CA GLU A 119 -48.97 -23.99 -149.10
C GLU A 119 -50.36 -23.55 -149.51
N LYS A 120 -51.29 -24.53 -149.53
CA LYS A 120 -52.71 -24.27 -149.76
C LYS A 120 -52.96 -23.59 -151.11
N GLY A 121 -52.00 -23.73 -152.02
CA GLY A 121 -52.12 -23.14 -153.34
C GLY A 121 -51.62 -21.71 -153.39
N PRO A 122 -51.28 -21.25 -154.60
CA PRO A 122 -50.77 -19.88 -154.75
C PRO A 122 -51.85 -18.85 -154.49
N ARG A 123 -51.56 -17.90 -153.59
CA ARG A 123 -52.56 -16.96 -153.08
C ARG A 123 -53.73 -17.68 -152.45
N ALA A 124 -53.52 -18.94 -152.07
CA ALA A 124 -54.55 -19.82 -151.53
C ALA A 124 -55.77 -19.85 -152.45
N LYS A 125 -55.57 -20.41 -153.65
CA LYS A 125 -56.63 -20.64 -154.63
C LYS A 125 -57.17 -19.33 -155.22
N GLN B 1 -14.65 -20.50 -6.16
CA GLN B 1 -15.78 -20.99 -6.94
C GLN B 1 -16.79 -19.85 -7.11
N ALA B 2 -17.74 -20.03 -8.03
CA ALA B 2 -18.61 -18.93 -8.43
C ALA B 2 -19.45 -18.42 -7.27
N ILE B 3 -19.94 -19.34 -6.43
CA ILE B 3 -20.93 -18.96 -5.42
C ILE B 3 -20.33 -18.01 -4.39
N LEU B 4 -19.06 -18.22 -4.03
CA LEU B 4 -18.40 -17.28 -3.14
C LEU B 4 -18.29 -15.90 -3.77
N ALA B 5 -18.00 -15.86 -5.07
CA ALA B 5 -17.97 -14.58 -5.77
C ALA B 5 -19.33 -13.90 -5.72
N ALA B 6 -20.39 -14.66 -5.94
CA ALA B 6 -21.74 -14.07 -5.88
C ALA B 6 -22.08 -13.59 -4.47
N ARG B 7 -21.67 -14.35 -3.46
CA ARG B 7 -21.94 -13.94 -2.08
C ARG B 7 -21.18 -12.67 -1.73
N ARG B 8 -19.96 -12.52 -2.24
CA ARG B 8 -19.28 -11.24 -2.15
C ARG B 8 -20.08 -10.16 -2.85
N ALA B 9 -20.61 -10.46 -4.04
CA ALA B 9 -21.48 -9.51 -4.73
C ALA B 9 -22.75 -9.27 -3.94
N ALA B 10 -23.17 -10.25 -3.12
CA ALA B 10 -24.33 -10.09 -2.26
C ALA B 10 -23.92 -9.39 -0.96
N ALA B 11 -23.24 -8.25 -1.14
CA ALA B 11 -22.90 -7.41 0.00
C ALA B 11 -24.15 -6.79 0.60
N GLY B 12 -25.14 -6.50 -0.24
CA GLY B 12 -26.35 -5.85 0.25
C GLY B 12 -27.14 -6.69 1.23
N GLU B 13 -27.35 -7.96 0.90
CA GLU B 13 -28.32 -8.75 1.66
C GLU B 13 -28.04 -10.24 1.46
N ASP B 14 -28.92 -11.05 2.05
CA ASP B 14 -28.93 -12.51 1.90
C ASP B 14 -27.77 -13.18 2.61
N VAL B 15 -27.38 -14.37 2.12
CA VAL B 15 -26.21 -15.13 2.53
C VAL B 15 -26.51 -15.94 3.79
N GLU B 16 -26.09 -17.20 3.78
CA GLU B 16 -26.32 -18.14 4.87
C GLU B 16 -25.03 -18.88 5.20
N THR B 17 -24.83 -19.12 6.50
CA THR B 17 -23.67 -19.86 7.00
C THR B 17 -24.17 -21.12 7.68
N SER B 18 -23.56 -22.27 7.35
CA SER B 18 -24.14 -23.55 7.68
C SER B 18 -23.20 -24.55 8.35
N LYS B 19 -21.94 -24.20 8.55
CA LYS B 19 -20.95 -25.11 9.12
C LYS B 19 -20.76 -26.34 8.23
N LYS B 20 -20.34 -27.45 8.84
CA LYS B 20 -19.75 -28.57 8.11
C LYS B 20 -19.68 -29.73 9.09
N TRP B 21 -19.42 -30.95 8.58
CA TRP B 21 -19.01 -32.06 9.44
C TRP B 21 -17.99 -31.52 10.44
N ALA B 22 -17.13 -30.65 9.93
CA ALA B 22 -15.91 -30.19 10.57
C ALA B 22 -16.17 -29.16 11.65
N ALA B 23 -15.17 -28.30 11.91
CA ALA B 23 -15.19 -27.25 12.94
C ALA B 23 -15.06 -27.80 14.36
N GLY B 24 -13.88 -28.35 14.64
CA GLY B 24 -13.39 -28.53 15.98
C GLY B 24 -12.66 -29.83 16.25
N GLN B 25 -13.07 -30.94 15.65
CA GLN B 25 -12.58 -32.24 16.09
C GLN B 25 -11.21 -32.55 15.51
N ASN B 26 -10.70 -33.72 15.88
CA ASN B 26 -9.45 -34.28 15.37
C ASN B 26 -9.56 -35.80 15.52
N LYS B 27 -9.26 -36.54 14.44
CA LYS B 27 -9.60 -37.96 14.46
C LYS B 27 -8.45 -38.91 14.09
N GLN B 28 -7.57 -38.52 13.15
CA GLN B 28 -6.23 -39.11 12.99
C GLN B 28 -6.21 -40.52 12.40
N HIS B 29 -7.17 -40.83 11.52
CA HIS B 29 -6.96 -41.71 10.36
C HIS B 29 -8.28 -41.74 9.62
N SER B 30 -8.30 -41.70 8.28
CA SER B 30 -9.57 -41.41 7.65
C SER B 30 -10.21 -42.66 7.06
N ILE B 31 -11.49 -42.87 7.37
CA ILE B 31 -12.32 -43.78 6.62
C ILE B 31 -12.43 -43.22 5.21
N THR B 32 -12.09 -44.03 4.22
CA THR B 32 -12.27 -43.59 2.83
C THR B 32 -13.70 -43.84 2.36
N LYS B 33 -14.41 -44.72 3.04
CA LYS B 33 -15.75 -45.09 2.62
C LYS B 33 -16.77 -44.10 3.17
N ASN B 34 -17.89 -43.97 2.44
CA ASN B 34 -18.93 -43.03 2.85
C ASN B 34 -19.57 -43.43 4.17
N THR B 35 -19.51 -44.72 4.51
CA THR B 35 -20.09 -45.30 5.71
C THR B 35 -21.61 -45.26 5.67
N ALA B 36 -22.17 -44.65 4.63
CA ALA B 36 -23.62 -44.61 4.50
C ALA B 36 -24.10 -45.59 3.44
N LYS B 37 -23.44 -45.59 2.28
CA LYS B 37 -23.75 -46.59 1.27
C LYS B 37 -23.48 -47.99 1.81
N LEU B 38 -22.36 -48.16 2.52
CA LEU B 38 -22.05 -49.45 3.14
C LEU B 38 -23.19 -49.91 4.03
N ASP B 39 -23.80 -49.00 4.78
CA ASP B 39 -25.00 -49.34 5.53
C ASP B 39 -26.12 -49.74 4.59
N ARG B 40 -26.38 -48.93 3.56
CA ARG B 40 -27.44 -49.25 2.61
C ARG B 40 -27.09 -50.47 1.78
N GLU B 41 -25.81 -50.83 1.73
CA GLU B 41 -25.36 -51.88 0.83
C GLU B 41 -25.56 -53.25 1.44
N THR B 42 -26.15 -54.15 0.66
CA THR B 42 -26.21 -55.57 0.97
C THR B 42 -25.79 -56.46 -0.19
N GLU B 43 -25.75 -55.94 -1.41
CA GLU B 43 -25.59 -56.80 -2.57
C GLU B 43 -24.14 -57.21 -2.77
N GLU B 44 -23.25 -56.25 -3.02
CA GLU B 44 -21.85 -56.56 -3.26
C GLU B 44 -21.22 -57.13 -2.01
N LEU B 45 -20.20 -57.97 -2.18
CA LEU B 45 -19.66 -58.76 -1.09
C LEU B 45 -18.14 -58.82 -1.10
N HIS B 46 -17.49 -57.92 -1.83
CA HIS B 46 -16.05 -58.03 -2.03
C HIS B 46 -15.38 -56.69 -1.72
N HIS B 47 -14.17 -56.79 -1.19
CA HIS B 47 -13.31 -55.63 -0.99
C HIS B 47 -12.03 -55.81 -1.78
N ASP B 48 -11.66 -54.75 -2.51
CA ASP B 48 -10.66 -54.87 -3.58
C ASP B 48 -9.30 -55.33 -3.10
N ARG B 49 -8.90 -54.92 -1.89
CA ARG B 49 -7.54 -55.05 -1.39
C ARG B 49 -6.62 -54.14 -2.20
N VAL B 50 -5.32 -54.22 -2.01
CA VAL B 50 -4.40 -53.35 -2.74
C VAL B 50 -3.58 -54.22 -3.68
N THR B 51 -3.13 -53.62 -4.78
CA THR B 51 -2.28 -54.35 -5.70
C THR B 51 -0.87 -54.49 -5.14
N LEU B 52 -0.28 -55.66 -5.36
CA LEU B 52 1.08 -55.90 -4.92
C LEU B 52 2.09 -55.04 -5.65
N GLU B 53 1.75 -54.55 -6.84
CA GLU B 53 2.61 -53.62 -7.55
C GLU B 53 2.92 -52.42 -6.66
N VAL B 54 1.88 -51.91 -5.98
CA VAL B 54 2.09 -50.84 -5.03
C VAL B 54 3.08 -51.27 -3.95
N GLY B 55 2.96 -52.50 -3.46
CA GLY B 55 3.90 -52.98 -2.47
C GLY B 55 5.33 -52.94 -2.95
N LYS B 56 5.55 -53.35 -4.21
CA LYS B 56 6.88 -53.21 -4.80
C LYS B 56 7.32 -51.76 -4.82
N VAL B 57 6.40 -50.86 -5.18
CA VAL B 57 6.72 -49.43 -5.19
C VAL B 57 7.20 -48.98 -3.82
N ILE B 58 6.47 -49.37 -2.77
CA ILE B 58 6.87 -48.97 -1.42
C ILE B 58 8.23 -49.55 -1.07
N GLN B 59 8.46 -50.80 -1.43
CA GLN B 59 9.73 -51.43 -1.08
C GLN B 59 10.91 -50.71 -1.74
N GLN B 60 10.83 -50.51 -3.06
CA GLN B 60 11.91 -49.79 -3.74
C GLN B 60 11.99 -48.37 -3.23
N GLY B 61 10.84 -47.80 -2.87
CA GLY B 61 10.83 -46.50 -2.24
C GLY B 61 11.71 -46.45 -1.02
N ARG B 62 11.38 -47.27 -0.03
CA ARG B 62 12.18 -47.37 1.19
C ARG B 62 13.66 -47.63 0.91
N GLN B 63 13.95 -48.56 0.01
CA GLN B 63 15.35 -48.88 -0.26
C GLN B 63 16.10 -47.68 -0.80
N SER B 64 15.50 -46.97 -1.77
CA SER B 64 16.19 -45.82 -2.36
C SER B 64 16.41 -44.71 -1.36
N LYS B 65 15.52 -44.58 -0.39
CA LYS B 65 15.76 -43.72 0.77
C LYS B 65 16.47 -44.44 1.90
N GLY B 66 16.49 -45.77 1.88
CA GLY B 66 17.18 -46.54 2.90
C GLY B 66 16.61 -46.41 4.30
N LEU B 67 15.27 -46.46 4.45
CA LEU B 67 14.63 -46.46 5.76
C LEU B 67 13.96 -47.83 5.99
N THR B 68 14.06 -48.35 7.22
CA THR B 68 13.35 -49.57 7.57
C THR B 68 11.84 -49.33 7.69
N GLN B 69 11.11 -50.41 8.00
CA GLN B 69 9.68 -50.26 8.07
C GLN B 69 9.32 -49.33 9.22
N LYS B 70 10.01 -49.52 10.34
CA LYS B 70 9.74 -48.77 11.55
C LYS B 70 10.02 -47.29 11.35
N ASP B 71 11.07 -46.95 10.58
CA ASP B 71 11.40 -45.54 10.43
C ASP B 71 10.34 -44.81 9.63
N LEU B 72 9.91 -45.39 8.50
CA LEU B 72 8.85 -44.77 7.73
C LEU B 72 7.55 -44.77 8.54
N ALA B 73 7.35 -45.80 9.37
CA ALA B 73 6.16 -45.83 10.23
C ALA B 73 6.15 -44.65 11.18
N THR B 74 7.30 -44.38 11.80
CA THR B 74 7.42 -43.21 12.66
C THR B 74 7.17 -41.94 11.86
N LYS B 75 7.71 -41.88 10.63
CA LYS B 75 7.50 -40.69 9.81
C LYS B 75 6.02 -40.44 9.53
N ILE B 76 5.32 -41.44 8.98
CA ILE B 76 3.94 -41.20 8.59
C ILE B 76 3.04 -41.16 9.80
N ASN B 77 3.59 -41.42 10.99
CA ASN B 77 2.87 -41.40 12.25
C ASN B 77 1.88 -42.56 12.37
N GLU B 78 2.17 -43.71 11.78
CA GLU B 78 1.32 -44.89 11.89
C GLU B 78 2.16 -46.10 12.28
N LYS B 79 1.47 -47.19 12.59
CA LYS B 79 2.13 -48.39 13.09
C LYS B 79 3.10 -48.94 12.05
N PRO B 80 4.16 -49.61 12.47
CA PRO B 80 4.97 -50.37 11.50
C PRO B 80 4.15 -51.44 10.79
N GLN B 81 3.14 -51.97 11.47
CA GLN B 81 2.38 -53.10 10.94
C GLN B 81 1.55 -52.69 9.74
N VAL B 82 1.02 -51.48 9.74
CA VAL B 82 0.23 -51.03 8.59
C VAL B 82 1.12 -50.89 7.36
N ILE B 83 2.36 -50.41 7.57
CA ILE B 83 3.31 -50.38 6.46
C ILE B 83 3.58 -51.78 5.96
N ALA B 84 3.89 -52.70 6.89
CA ALA B 84 4.23 -54.06 6.48
C ALA B 84 3.08 -54.68 5.69
N ASP B 85 1.86 -54.43 6.12
CA ASP B 85 0.71 -54.94 5.38
C ASP B 85 0.63 -54.29 4.00
N TYR B 86 0.79 -52.97 3.94
CA TYR B 86 0.64 -52.27 2.66
C TYR B 86 1.67 -52.74 1.64
N GLU B 87 2.88 -53.07 2.11
CA GLU B 87 3.83 -53.73 1.21
C GLU B 87 3.38 -55.15 0.88
N SER B 88 2.87 -55.88 1.88
CA SER B 88 2.49 -57.28 1.68
C SER B 88 1.42 -57.40 0.60
N GLY B 89 0.47 -56.49 0.59
CA GLY B 89 -0.50 -56.44 -0.48
C GLY B 89 -1.95 -56.54 -0.04
N ARG B 90 -2.22 -56.74 1.24
CA ARG B 90 -3.62 -56.81 1.65
C ARG B 90 -4.20 -55.42 1.86
N ALA B 91 -3.77 -54.75 2.93
CA ALA B 91 -3.78 -53.31 3.11
C ALA B 91 -5.13 -52.63 3.12
N ILE B 92 -6.18 -53.30 2.66
CA ILE B 92 -7.53 -52.73 2.54
C ILE B 92 -7.41 -51.23 2.26
N PRO B 93 -6.93 -50.83 1.09
CA PRO B 93 -6.25 -49.53 0.97
C PRO B 93 -7.09 -48.37 1.46
N ASN B 94 -6.42 -47.45 2.16
CA ASN B 94 -7.03 -46.22 2.65
C ASN B 94 -6.37 -45.04 1.96
N ASN B 95 -7.18 -44.12 1.46
CA ASN B 95 -6.67 -43.04 0.61
C ASN B 95 -5.69 -42.17 1.38
N GLN B 96 -6.02 -41.81 2.62
CA GLN B 96 -5.16 -40.89 3.36
C GLN B 96 -3.87 -41.57 3.81
N VAL B 97 -3.95 -42.87 4.14
CA VAL B 97 -2.75 -43.58 4.56
C VAL B 97 -1.74 -43.59 3.43
N LEU B 98 -2.14 -44.12 2.27
CA LEU B 98 -1.24 -44.15 1.14
C LEU B 98 -0.90 -42.74 0.68
N GLY B 99 -1.77 -41.77 0.97
CA GLY B 99 -1.43 -40.39 0.63
C GLY B 99 -0.28 -39.86 1.45
N LYS B 100 -0.27 -40.15 2.74
CA LYS B 100 0.86 -39.73 3.58
C LYS B 100 2.11 -40.52 3.21
N ILE B 101 1.93 -41.79 2.85
CA ILE B 101 3.07 -42.55 2.33
C ILE B 101 3.59 -41.91 1.04
N GLU B 102 2.68 -41.38 0.22
CA GLU B 102 3.07 -40.68 -1.00
C GLU B 102 3.82 -39.41 -0.68
N ARG B 103 3.38 -38.68 0.33
CA ARG B 103 4.09 -37.47 0.72
C ARG B 103 5.49 -37.81 1.22
N ALA B 104 5.61 -38.90 1.98
CA ALA B 104 6.91 -39.32 2.47
C ALA B 104 7.81 -39.80 1.33
N ILE B 105 7.29 -40.69 0.49
CA ILE B 105 8.08 -41.33 -0.55
C ILE B 105 8.14 -40.42 -1.78
N GLY B 106 9.27 -40.49 -2.51
CA GLY B 106 9.39 -39.68 -3.71
C GLY B 106 8.37 -40.03 -4.77
N LEU B 107 8.04 -41.32 -4.89
CA LEU B 107 7.12 -41.77 -5.93
C LEU B 107 5.67 -41.49 -5.54
N LYS B 108 4.84 -41.23 -6.55
CA LYS B 108 3.41 -40.94 -6.35
C LYS B 108 2.61 -42.21 -6.60
N LEU B 109 2.64 -43.13 -5.63
CA LEU B 109 1.80 -44.32 -5.72
C LEU B 109 0.32 -43.94 -5.69
N ARG B 110 0.01 -42.80 -5.07
CA ARG B 110 -1.32 -42.24 -5.14
C ARG B 110 -1.65 -41.87 -6.57
N GLY B 111 -2.93 -41.96 -6.92
CA GLY B 111 -3.39 -41.60 -8.25
C GLY B 111 -3.39 -42.76 -9.21
N LYS B 112 -3.99 -42.51 -10.37
CA LYS B 112 -4.11 -43.55 -11.39
C LYS B 112 -2.75 -43.98 -11.92
N ASP B 113 -1.87 -43.02 -12.18
CA ASP B 113 -0.50 -43.38 -12.56
C ASP B 113 0.16 -44.09 -11.39
N ILE B 114 0.77 -45.25 -11.68
CA ILE B 114 1.35 -46.05 -10.62
C ILE B 114 2.44 -45.25 -9.90
N GLY B 115 3.29 -44.59 -10.66
CA GLY B 115 4.39 -43.85 -10.07
C GLY B 115 4.66 -42.56 -10.82
N LYS B 116 5.29 -41.63 -10.11
CA LYS B 116 5.82 -40.41 -10.68
C LYS B 116 7.31 -40.36 -10.38
N PRO B 117 8.16 -39.96 -11.33
CA PRO B 117 9.58 -39.77 -11.00
C PRO B 117 9.76 -38.79 -9.84
N ILE B 118 8.93 -37.76 -9.78
CA ILE B 118 8.79 -36.92 -8.60
C ILE B 118 7.30 -36.70 -8.35
N GLU B 119 6.90 -36.84 -7.10
CA GLU B 119 5.51 -36.59 -6.73
C GLU B 119 5.17 -35.12 -6.90
N LYS B 120 4.30 -34.81 -7.86
CA LYS B 120 3.73 -33.47 -8.03
C LYS B 120 4.78 -32.42 -8.40
N GLY B 121 5.96 -32.87 -8.79
CA GLY B 121 7.01 -31.97 -9.21
C GLY B 121 8.02 -31.69 -8.11
N PRO B 122 9.27 -31.46 -8.50
CA PRO B 122 10.34 -31.26 -7.51
C PRO B 122 10.23 -29.89 -6.87
N ARG B 123 10.27 -29.86 -5.54
CA ARG B 123 9.88 -28.68 -4.76
C ARG B 123 8.49 -28.23 -5.21
N ALA B 124 7.63 -29.21 -5.52
CA ALA B 124 6.27 -28.95 -5.98
C ALA B 124 6.26 -27.99 -7.16
N LYS B 125 6.75 -28.47 -8.30
CA LYS B 125 6.86 -27.68 -9.54
C LYS B 125 7.87 -26.56 -9.37
N ALA C 1 -4.53 22.05 61.88
CA ALA C 1 -3.24 22.53 61.39
C ALA C 1 -2.61 23.48 62.38
N ARG C 2 -1.39 23.92 62.10
CA ARG C 2 -0.69 24.86 62.96
C ARG C 2 -1.00 26.31 62.61
N GLY C 3 -1.88 26.57 61.65
CA GLY C 3 -2.21 27.92 61.27
C GLY C 3 -3.13 27.95 60.06
N PRO C 4 -3.38 29.16 59.57
CA PRO C 4 -4.32 29.30 58.45
C PRO C 4 -3.77 28.72 57.16
N LYS C 5 -4.67 28.23 56.32
CA LYS C 5 -4.27 27.69 55.03
C LYS C 5 -3.98 28.82 54.05
N LYS C 6 -2.83 28.75 53.40
CA LYS C 6 -2.46 29.71 52.37
C LYS C 6 -2.66 29.17 50.97
N HIS C 7 -3.19 27.96 50.83
CA HIS C 7 -3.29 27.30 49.53
C HIS C 7 -4.71 26.80 49.29
N LEU C 8 -4.99 26.49 48.03
CA LEU C 8 -6.30 25.99 47.63
C LEU C 8 -6.13 25.10 46.41
N LYS C 9 -6.51 23.84 46.53
CA LYS C 9 -6.38 22.91 45.41
C LYS C 9 -7.42 23.21 44.35
N ARG C 10 -7.02 23.00 43.09
CA ARG C 10 -7.89 23.29 41.96
C ARG C 10 -9.19 22.52 42.06
N VAL C 11 -9.13 21.27 42.51
CA VAL C 11 -10.34 20.46 42.63
C VAL C 11 -11.31 21.09 43.62
N ALA C 12 -10.81 21.85 44.59
CA ALA C 12 -11.65 22.33 45.69
C ALA C 12 -12.48 23.55 45.32
N ALA C 13 -12.32 24.12 44.15
CA ALA C 13 -13.15 25.25 43.75
C ALA C 13 -14.40 24.73 43.03
N PRO C 14 -15.62 24.92 43.60
CA PRO C 14 -16.81 24.32 43.03
C PRO C 14 -17.39 25.09 41.88
N LYS C 15 -18.62 24.69 41.57
CA LYS C 15 -19.28 25.01 40.31
C LYS C 15 -18.93 26.40 39.80
N HIS C 16 -19.07 27.44 40.61
CA HIS C 16 -19.13 28.77 40.00
C HIS C 16 -17.78 29.24 39.47
N TRP C 17 -16.68 29.07 40.22
CA TRP C 17 -15.41 29.45 39.59
C TRP C 17 -15.10 28.57 38.40
N MET C 18 -15.53 27.32 38.45
CA MET C 18 -15.76 26.56 37.23
C MET C 18 -14.46 26.35 36.46
N LEU C 19 -13.59 25.58 37.08
CA LEU C 19 -12.24 25.38 36.57
C LEU C 19 -12.18 24.09 35.77
N ASP C 20 -10.97 23.70 35.38
CA ASP C 20 -10.71 22.41 34.76
C ASP C 20 -10.03 21.52 35.78
N LYS C 21 -9.59 20.34 35.33
CA LYS C 21 -8.92 19.39 36.20
C LYS C 21 -7.45 19.18 35.85
N LEU C 22 -6.98 19.71 34.72
CA LEU C 22 -5.69 19.31 34.19
C LEU C 22 -4.63 20.39 34.28
N THR C 23 -4.95 21.62 33.85
CA THR C 23 -3.92 22.63 33.67
C THR C 23 -3.08 22.83 34.93
N GLY C 24 -3.74 23.01 36.07
CA GLY C 24 -3.00 23.24 37.29
C GLY C 24 -3.46 22.35 38.43
N VAL C 25 -2.71 22.36 39.52
CA VAL C 25 -3.11 21.63 40.73
C VAL C 25 -3.61 22.55 41.83
N PHE C 26 -3.58 23.86 41.61
CA PHE C 26 -3.92 24.82 42.66
C PHE C 26 -4.93 25.84 42.15
N ALA C 27 -5.97 26.05 42.93
CA ALA C 27 -6.90 27.13 42.69
C ALA C 27 -6.23 28.46 43.05
N PRO C 28 -6.80 29.58 42.60
CA PRO C 28 -6.20 30.88 42.94
C PRO C 28 -6.08 31.16 44.43
N ARG C 29 -6.98 30.63 45.27
CA ARG C 29 -6.96 30.90 46.69
C ARG C 29 -7.05 32.40 46.96
N PRO C 30 -8.22 33.01 46.76
CA PRO C 30 -8.33 34.46 46.94
C PRO C 30 -8.02 34.86 48.38
N SER C 31 -7.37 36.01 48.50
CA SER C 31 -7.06 36.53 49.83
C SER C 31 -8.35 37.00 50.51
N THR C 32 -8.24 37.28 51.80
CA THR C 32 -9.40 37.68 52.57
C THR C 32 -9.95 39.01 52.04
N GLY C 33 -11.27 39.12 52.02
CA GLY C 33 -11.92 40.28 51.47
C GLY C 33 -13.35 40.45 51.93
N PRO C 34 -14.08 41.36 51.30
CA PRO C 34 -15.43 41.69 51.77
C PRO C 34 -16.40 40.51 51.74
N HIS C 35 -16.26 39.59 50.80
CA HIS C 35 -17.20 38.50 50.64
C HIS C 35 -16.61 37.20 51.15
N LYS C 36 -17.49 36.27 51.52
CA LYS C 36 -17.05 34.94 51.91
C LYS C 36 -16.23 34.34 50.78
N LEU C 37 -15.32 33.43 51.13
CA LEU C 37 -14.46 32.86 50.11
C LEU C 37 -15.29 32.15 49.04
N ARG C 38 -16.27 31.35 49.45
CA ARG C 38 -16.96 30.49 48.50
C ARG C 38 -17.89 31.24 47.57
N GLU C 39 -18.22 32.50 47.87
CA GLU C 39 -19.15 33.27 47.04
C GLU C 39 -18.43 34.43 46.36
N CYS C 40 -17.16 34.26 46.06
CA CYS C 40 -16.38 35.31 45.44
C CYS C 40 -15.78 34.80 44.14
N LEU C 41 -14.99 35.64 43.50
CA LEU C 41 -14.28 35.25 42.29
C LEU C 41 -13.03 36.10 42.15
N PRO C 42 -11.85 35.51 42.26
CA PRO C 42 -10.63 36.28 42.04
C PRO C 42 -10.59 36.81 40.62
N LEU C 43 -10.05 38.02 40.47
CA LEU C 43 -10.04 38.65 39.16
C LEU C 43 -9.22 37.84 38.15
N ILE C 44 -8.27 37.04 38.63
CA ILE C 44 -7.41 36.29 37.73
C ILE C 44 -8.24 35.39 36.82
N ILE C 45 -9.17 34.64 37.40
CA ILE C 45 -9.98 33.77 36.55
C ILE C 45 -10.93 34.58 35.70
N PHE C 46 -11.45 35.70 36.21
CA PHE C 46 -12.29 36.55 35.37
C PHE C 46 -11.57 36.95 34.10
N LEU C 47 -10.29 37.28 34.20
CA LEU C 47 -9.54 37.71 33.03
C LEU C 47 -8.89 36.56 32.26
N ARG C 48 -8.87 35.36 32.81
CA ARG C 48 -8.18 34.24 32.14
C ARG C 48 -9.15 33.22 31.55
N ASN C 49 -10.23 32.90 32.24
CA ASN C 49 -11.10 31.83 31.84
C ASN C 49 -12.52 32.30 31.56
N ARG C 50 -12.87 33.52 31.94
CA ARG C 50 -14.15 34.10 31.59
C ARG C 50 -14.04 34.99 30.36
N LEU C 51 -13.19 36.02 30.43
CA LEU C 51 -12.87 36.86 29.28
C LEU C 51 -11.68 36.35 28.50
N LYS C 52 -10.83 35.53 29.13
CA LYS C 52 -9.68 34.91 28.47
C LYS C 52 -8.72 35.96 27.94
N TYR C 53 -8.78 37.17 28.47
CA TYR C 53 -7.87 38.22 28.02
C TYR C 53 -6.44 37.89 28.40
N ALA C 54 -6.23 37.38 29.61
CA ALA C 54 -4.90 36.99 30.07
C ALA C 54 -4.73 35.49 29.90
N LEU C 55 -3.85 35.09 28.98
CA LEU C 55 -3.72 33.68 28.65
C LEU C 55 -3.20 32.86 29.81
N THR C 56 -2.47 33.48 30.73
CA THR C 56 -1.86 32.74 31.82
C THR C 56 -1.75 33.62 33.05
N GLY C 57 -1.18 33.04 34.11
CA GLY C 57 -1.06 33.76 35.37
C GLY C 57 -0.13 34.96 35.28
N ASP C 58 1.00 34.80 34.60
CA ASP C 58 1.94 35.91 34.51
C ASP C 58 1.35 37.07 33.71
N GLU C 59 0.62 36.76 32.64
CA GLU C 59 -0.08 37.81 31.91
C GLU C 59 -1.03 38.56 32.83
N VAL C 60 -1.81 37.85 33.64
CA VAL C 60 -2.79 38.53 34.47
C VAL C 60 -2.10 39.28 35.60
N LYS C 61 -0.93 38.83 36.03
CA LYS C 61 -0.21 39.55 37.07
C LYS C 61 0.36 40.86 36.52
N LYS C 62 0.82 40.85 35.27
CA LYS C 62 1.26 42.09 34.66
C LYS C 62 0.08 42.94 34.17
N ILE C 63 -1.12 42.38 34.14
CA ILE C 63 -2.31 43.17 33.82
C ILE C 63 -2.87 43.83 35.07
N CYS C 64 -2.94 43.07 36.17
CA CYS C 64 -3.67 43.52 37.36
C CYS C 64 -3.17 44.89 37.83
N MET C 65 -1.87 45.09 37.81
CA MET C 65 -1.26 46.30 38.34
C MET C 65 -0.88 47.29 37.26
N GLN C 66 -1.41 47.16 36.05
CA GLN C 66 -1.34 48.26 35.11
C GLN C 66 -2.08 49.48 35.64
N ARG C 67 -2.83 49.32 36.72
CA ARG C 67 -3.39 50.39 37.53
C ARG C 67 -4.52 51.12 36.85
N PHE C 68 -5.13 50.51 35.84
CA PHE C 68 -6.44 50.93 35.40
C PHE C 68 -7.27 49.65 35.26
N ILE C 69 -7.72 49.20 36.43
CA ILE C 69 -8.73 48.17 36.63
C ILE C 69 -9.55 48.65 37.82
N LYS C 70 -10.70 49.25 37.53
CA LYS C 70 -11.42 50.07 38.50
C LYS C 70 -12.57 49.27 39.09
N ILE C 71 -12.31 48.63 40.23
CA ILE C 71 -13.31 47.80 40.90
C ILE C 71 -13.97 48.62 41.99
N ASP C 72 -15.28 48.83 41.85
CA ASP C 72 -16.07 49.58 42.83
C ASP C 72 -15.40 50.89 43.23
N GLY C 73 -15.07 51.71 42.24
CA GLY C 73 -14.59 53.04 42.51
C GLY C 73 -13.17 53.13 43.03
N LYS C 74 -12.43 52.03 43.02
CA LYS C 74 -11.04 52.03 43.46
C LYS C 74 -10.25 51.02 42.65
N VAL C 75 -9.06 51.42 42.24
CA VAL C 75 -8.12 50.51 41.60
C VAL C 75 -7.47 49.67 42.69
N ARG C 76 -7.38 48.37 42.44
CA ARG C 76 -6.79 47.46 43.42
C ARG C 76 -5.71 46.64 42.75
N THR C 77 -4.61 46.42 43.46
CA THR C 77 -3.46 45.70 42.93
C THR C 77 -3.46 44.22 43.27
N ASP C 78 -4.43 43.76 44.05
CA ASP C 78 -4.51 42.35 44.42
C ASP C 78 -5.02 41.55 43.24
N ILE C 79 -4.15 40.71 42.68
CA ILE C 79 -4.55 39.90 41.54
C ILE C 79 -5.67 38.92 41.91
N THR C 80 -5.55 38.25 43.05
CA THR C 80 -6.56 37.29 43.48
C THR C 80 -7.59 37.92 44.41
N TYR C 81 -7.81 39.23 44.29
CA TYR C 81 -8.77 39.90 45.14
C TYR C 81 -10.15 39.28 44.98
N PRO C 82 -10.85 39.02 46.06
CA PRO C 82 -12.20 38.45 45.94
C PRO C 82 -13.18 39.48 45.41
N ALA C 83 -13.61 39.32 44.16
CA ALA C 83 -14.52 40.28 43.57
C ALA C 83 -15.84 40.32 44.34
N GLY C 84 -16.50 39.19 44.44
CA GLY C 84 -17.75 39.13 45.16
C GLY C 84 -18.92 39.52 44.30
N PHE C 85 -20.11 39.27 44.84
CA PHE C 85 -21.35 39.43 44.10
C PHE C 85 -21.52 40.88 43.65
N MET C 86 -22.32 41.06 42.60
CA MET C 86 -22.95 42.29 42.07
C MET C 86 -22.01 43.48 41.92
N ASP C 87 -20.72 43.31 42.19
CA ASP C 87 -19.85 44.48 42.20
C ASP C 87 -19.51 44.91 40.78
N VAL C 88 -18.96 46.11 40.67
CA VAL C 88 -18.80 46.79 39.39
C VAL C 88 -17.31 46.94 39.11
N ILE C 89 -16.89 46.47 37.94
CA ILE C 89 -15.53 46.63 37.44
C ILE C 89 -15.59 47.45 36.16
N SER C 90 -14.69 48.43 36.04
CA SER C 90 -14.57 49.22 34.83
C SER C 90 -13.12 49.20 34.36
N ILE C 91 -12.91 49.44 33.08
CA ILE C 91 -11.58 49.33 32.51
C ILE C 91 -10.88 50.67 32.48
N ASP C 92 -11.57 51.72 32.05
CA ASP C 92 -11.13 53.12 31.97
C ASP C 92 -10.21 53.37 30.80
N LYS C 93 -9.83 52.34 30.06
CA LYS C 93 -9.17 52.57 28.78
C LYS C 93 -10.16 52.45 27.66
N THR C 94 -11.19 51.63 27.86
CA THR C 94 -12.31 51.53 26.97
C THR C 94 -13.63 51.54 27.71
N GLY C 95 -13.62 51.59 29.04
CA GLY C 95 -14.83 51.78 29.80
C GLY C 95 -15.85 50.67 29.62
N GLU C 96 -15.42 49.41 29.77
CA GLU C 96 -16.34 48.30 29.57
C GLU C 96 -17.42 48.28 30.63
N ASN C 97 -17.06 48.62 31.87
CA ASN C 97 -18.02 48.81 32.95
C ASN C 97 -18.90 47.57 33.12
N PHE C 98 -18.24 46.47 33.49
CA PHE C 98 -18.93 45.23 33.71
C PHE C 98 -19.49 45.18 35.13
N ARG C 99 -20.79 44.88 35.23
CA ARG C 99 -21.43 44.60 36.50
C ARG C 99 -21.61 43.11 36.63
N LEU C 100 -21.34 42.59 37.81
CA LEU C 100 -21.33 41.17 38.05
C LEU C 100 -22.70 40.71 38.53
N ILE C 101 -23.08 39.48 38.16
CA ILE C 101 -24.41 38.98 38.48
C ILE C 101 -24.42 37.47 38.33
N TYR C 102 -25.25 36.82 39.14
CA TYR C 102 -25.50 35.39 39.01
C TYR C 102 -26.35 35.10 37.79
N ASP C 103 -25.98 34.05 37.07
CA ASP C 103 -26.73 33.62 35.91
C ASP C 103 -27.91 32.76 36.35
N THR C 104 -28.55 32.09 35.40
CA THR C 104 -29.64 31.18 35.72
C THR C 104 -29.14 29.84 36.25
N LYS C 105 -27.85 29.52 36.07
CA LYS C 105 -27.31 28.23 36.49
C LYS C 105 -26.32 28.37 37.63
N GLY C 106 -26.35 29.48 38.35
CA GLY C 106 -25.43 29.70 39.46
C GLY C 106 -23.97 29.90 39.08
N ARG C 107 -23.70 30.76 38.09
CA ARG C 107 -22.35 31.11 37.72
C ARG C 107 -22.25 32.62 37.54
N PHE C 108 -21.04 33.14 37.70
CA PHE C 108 -20.80 34.56 37.42
C PHE C 108 -20.73 34.78 35.92
N ALA C 109 -21.85 35.19 35.31
CA ALA C 109 -21.87 35.43 33.89
C ALA C 109 -21.33 36.82 33.56
N VAL C 110 -20.91 36.99 32.32
CA VAL C 110 -20.47 38.28 31.83
C VAL C 110 -21.69 39.10 31.41
N HIS C 111 -21.71 40.37 31.80
CA HIS C 111 -22.88 41.20 31.62
C HIS C 111 -22.44 42.66 31.55
N ARG C 112 -22.38 43.19 30.34
CA ARG C 112 -22.01 44.59 30.13
C ARG C 112 -23.17 45.49 30.54
N ILE C 113 -22.83 46.65 31.10
CA ILE C 113 -23.83 47.63 31.52
C ILE C 113 -23.44 49.01 30.99
N THR C 114 -24.38 49.94 31.14
CA THR C 114 -24.14 51.29 30.69
C THR C 114 -23.07 51.96 31.55
N PRO C 115 -22.29 52.86 30.97
CA PRO C 115 -21.30 53.61 31.78
C PRO C 115 -21.93 54.37 32.92
N GLU C 116 -23.15 54.87 32.74
CA GLU C 116 -23.82 55.52 33.86
C GLU C 116 -24.26 54.50 34.90
N GLU C 117 -24.56 53.26 34.50
CA GLU C 117 -25.01 52.27 35.46
C GLU C 117 -23.98 52.01 36.54
N ALA C 118 -22.71 52.28 36.27
CA ALA C 118 -21.69 52.14 37.30
C ALA C 118 -21.79 53.21 38.38
N LYS C 119 -22.43 54.34 38.09
CA LYS C 119 -22.47 55.44 39.04
C LYS C 119 -23.05 55.01 40.39
N TYR C 120 -24.07 54.17 40.36
CA TYR C 120 -24.69 53.71 41.59
C TYR C 120 -24.25 52.29 41.92
N LYS C 121 -24.82 51.75 43.00
CA LYS C 121 -24.58 50.38 43.41
C LYS C 121 -25.62 50.01 44.45
N LEU C 122 -26.12 48.78 44.37
CA LEU C 122 -27.14 48.28 45.28
C LEU C 122 -26.54 47.22 46.17
N CYS C 123 -26.71 47.38 47.48
CA CYS C 123 -26.13 46.48 48.46
C CYS C 123 -27.15 46.19 49.54
N LYS C 124 -26.99 45.05 50.21
CA LYS C 124 -27.96 44.57 51.20
C LYS C 124 -27.39 44.70 52.59
N VAL C 125 -28.08 45.46 53.45
CA VAL C 125 -27.61 45.63 54.81
C VAL C 125 -27.65 44.31 55.56
N ARG C 126 -26.60 44.03 56.33
CA ARG C 126 -26.52 42.80 57.09
C ARG C 126 -26.60 43.03 58.60
N LYS C 127 -26.21 44.21 59.08
CA LYS C 127 -26.32 44.51 60.50
C LYS C 127 -26.42 46.01 60.70
N ILE C 128 -27.20 46.42 61.71
CA ILE C 128 -27.28 47.81 62.13
C ILE C 128 -27.14 47.85 63.64
N PHE C 129 -26.34 48.80 64.13
CA PHE C 129 -26.14 48.98 65.55
C PHE C 129 -25.81 50.44 65.79
N VAL C 130 -25.43 50.76 67.03
CA VAL C 130 -25.11 52.12 67.43
C VAL C 130 -23.79 52.09 68.17
N GLY C 131 -22.92 53.05 67.87
CA GLY C 131 -21.61 53.10 68.49
C GLY C 131 -21.44 54.25 69.46
N THR C 132 -20.23 54.78 69.54
CA THR C 132 -19.95 55.85 70.49
C THR C 132 -20.81 57.08 70.20
N LYS C 133 -20.99 57.90 71.22
CA LYS C 133 -21.79 59.12 71.14
C LYS C 133 -23.23 58.83 70.71
N GLY C 134 -23.67 57.59 70.83
CA GLY C 134 -25.03 57.24 70.46
C GLY C 134 -25.35 57.48 69.01
N ILE C 135 -24.42 57.16 68.12
CA ILE C 135 -24.63 57.38 66.69
C ILE C 135 -24.71 56.04 65.98
N PRO C 136 -25.53 55.90 64.95
CA PRO C 136 -25.77 54.59 64.35
C PRO C 136 -24.77 54.25 63.24
N HIS C 137 -24.60 52.95 63.03
CA HIS C 137 -23.73 52.43 62.00
C HIS C 137 -24.41 51.27 61.31
N LEU C 138 -23.92 50.95 60.12
CA LEU C 138 -24.60 50.01 59.25
C LEU C 138 -23.56 49.32 58.39
N VAL C 139 -23.46 48.00 58.52
CA VAL C 139 -22.57 47.19 57.69
C VAL C 139 -23.44 46.46 56.67
N THR C 140 -23.05 46.58 55.41
CA THR C 140 -23.89 46.08 54.33
C THR C 140 -23.49 44.65 54.00
N HIS C 141 -23.99 44.12 52.87
CA HIS C 141 -23.60 42.78 52.47
C HIS C 141 -22.13 42.76 52.06
N ASP C 142 -21.61 43.89 51.60
CA ASP C 142 -20.16 44.02 51.52
C ASP C 142 -19.60 44.31 52.90
N ALA C 143 -18.28 44.20 53.02
CA ALA C 143 -17.64 44.64 54.24
C ALA C 143 -17.76 46.14 54.43
N ARG C 144 -18.18 46.86 53.40
CA ARG C 144 -18.46 48.28 53.50
C ARG C 144 -19.36 48.56 54.70
N THR C 145 -18.98 49.56 55.48
CA THR C 145 -19.78 50.02 56.60
C THR C 145 -19.98 51.52 56.47
N ILE C 146 -21.16 51.99 56.89
CA ILE C 146 -21.49 53.40 56.86
C ILE C 146 -22.11 53.76 58.19
N ARG C 147 -22.07 55.05 58.51
CA ARG C 147 -22.76 55.60 59.66
C ARG C 147 -23.92 56.45 59.19
N TYR C 148 -24.65 56.99 60.16
CA TYR C 148 -25.77 57.89 59.92
C TYR C 148 -26.67 57.39 58.79
N PRO C 149 -27.18 56.16 58.87
CA PRO C 149 -28.09 55.71 57.82
C PRO C 149 -29.48 56.27 58.04
N ASP C 150 -30.36 56.13 57.06
CA ASP C 150 -31.73 56.55 57.26
C ASP C 150 -32.37 55.70 58.36
N PRO C 151 -33.15 56.30 59.26
CA PRO C 151 -33.73 55.52 60.37
C PRO C 151 -34.67 54.43 59.92
N LEU C 152 -35.19 54.49 58.70
CA LEU C 152 -36.09 53.45 58.20
C LEU C 152 -35.35 52.20 57.73
N ILE C 153 -34.02 52.29 57.53
CA ILE C 153 -33.27 51.12 57.10
C ILE C 153 -33.21 50.12 58.23
N LYS C 154 -33.71 48.92 58.00
CA LYS C 154 -33.65 47.81 58.94
C LYS C 154 -32.81 46.69 58.31
N VAL C 155 -32.59 45.62 59.07
CA VAL C 155 -31.69 44.56 58.62
C VAL C 155 -32.26 43.86 57.39
N ASN C 156 -31.38 43.19 56.65
CA ASN C 156 -31.66 42.50 55.40
C ASN C 156 -32.61 43.27 54.49
N ASP C 157 -32.51 44.58 54.50
CA ASP C 157 -33.08 45.43 53.48
C ASP C 157 -31.97 45.74 52.50
N THR C 158 -32.24 46.65 51.56
CA THR C 158 -31.21 47.06 50.61
C THR C 158 -31.17 48.56 50.46
N ILE C 159 -30.02 49.04 50.03
CA ILE C 159 -29.76 50.46 49.84
C ILE C 159 -29.03 50.65 48.53
N GLN C 160 -29.29 51.78 47.88
CA GLN C 160 -28.66 52.13 46.62
C GLN C 160 -27.60 53.19 46.90
N ILE C 161 -26.33 52.84 46.68
CA ILE C 161 -25.21 53.68 47.04
C ILE C 161 -24.39 53.94 45.79
N ASP C 162 -24.02 55.20 45.58
CA ASP C 162 -23.09 55.53 44.52
C ASP C 162 -21.66 55.34 45.00
N LEU C 163 -20.74 55.22 44.04
CA LEU C 163 -19.36 54.95 44.40
C LEU C 163 -18.69 56.22 44.90
N GLU C 164 -17.47 56.04 45.43
CA GLU C 164 -16.52 57.09 45.83
C GLU C 164 -17.16 58.16 46.72
N THR C 165 -18.34 57.90 47.23
CA THR C 165 -18.97 58.73 48.23
C THR C 165 -19.49 57.90 49.39
N GLY C 166 -20.01 56.71 49.13
CA GLY C 166 -20.62 55.88 50.14
C GLY C 166 -22.05 56.26 50.48
N LYS C 167 -22.51 57.41 50.02
CA LYS C 167 -23.82 57.90 50.43
C LYS C 167 -24.91 57.03 49.83
N ILE C 168 -26.02 56.94 50.56
CA ILE C 168 -27.15 56.11 50.17
C ILE C 168 -28.15 56.98 49.40
N THR C 169 -28.11 56.87 48.07
CA THR C 169 -29.05 57.64 47.26
C THR C 169 -30.49 57.22 47.52
N ASP C 170 -30.72 55.93 47.66
CA ASP C 170 -32.08 55.41 47.79
C ASP C 170 -32.02 54.05 48.46
N PHE C 171 -33.19 53.46 48.71
CA PHE C 171 -33.26 52.19 49.42
C PHE C 171 -34.54 51.48 49.03
N ILE C 172 -34.58 50.18 49.28
CA ILE C 172 -35.74 49.34 49.00
C ILE C 172 -36.03 48.50 50.24
N LYS C 173 -37.24 48.60 50.76
CA LYS C 173 -37.62 47.84 51.94
C LYS C 173 -37.91 46.38 51.58
N PHE C 174 -37.59 45.49 52.52
CA PHE C 174 -37.96 44.09 52.36
C PHE C 174 -39.45 43.91 52.64
N ASP C 175 -40.18 43.39 51.66
CA ASP C 175 -41.62 43.26 51.80
C ASP C 175 -42.12 42.25 50.77
N THR C 176 -43.15 41.48 51.17
CA THR C 176 -43.84 40.64 50.20
C THR C 176 -44.40 41.50 49.09
N GLY C 177 -43.97 41.23 47.86
CA GLY C 177 -44.34 42.06 46.74
C GLY C 177 -43.21 42.95 46.28
N ASN C 178 -42.00 42.41 46.27
CA ASN C 178 -40.83 43.09 45.74
C ASN C 178 -39.96 42.09 45.02
N LEU C 179 -39.27 42.54 43.98
CA LEU C 179 -38.41 41.65 43.20
C LEU C 179 -37.09 41.45 43.93
N CYS C 180 -36.62 40.21 43.96
CA CYS C 180 -35.47 39.84 44.78
C CYS C 180 -34.42 39.11 43.96
N MET C 181 -33.33 38.76 44.65
CA MET C 181 -32.20 38.05 44.06
C MET C 181 -31.82 36.95 45.05
N VAL C 182 -32.20 35.72 44.75
CA VAL C 182 -31.78 34.59 45.58
C VAL C 182 -30.37 34.20 45.17
N THR C 183 -29.43 34.30 46.10
CA THR C 183 -28.03 34.06 45.85
C THR C 183 -27.48 33.00 46.80
N GLY C 184 -28.29 31.98 47.08
CA GLY C 184 -27.86 30.89 47.93
C GLY C 184 -28.58 29.60 47.62
N GLY C 185 -27.84 28.49 47.66
CA GLY C 185 -28.45 27.19 47.53
C GLY C 185 -28.89 26.84 46.12
N ALA C 186 -29.80 25.86 46.05
CA ALA C 186 -30.21 25.27 44.78
C ALA C 186 -30.84 26.28 43.84
N ASN C 187 -31.43 27.34 44.37
CA ASN C 187 -32.02 28.39 43.54
C ASN C 187 -31.03 29.48 43.19
N LEU C 188 -29.75 29.12 43.09
CA LEU C 188 -28.67 30.06 42.83
C LEU C 188 -28.94 30.88 41.59
N GLY C 189 -29.13 32.19 41.76
CA GLY C 189 -29.30 33.07 40.61
C GLY C 189 -30.67 33.03 39.97
N ARG C 190 -31.73 33.23 40.75
CA ARG C 190 -33.08 33.23 40.23
C ARG C 190 -33.75 34.54 40.62
N ILE C 191 -34.77 34.94 39.87
CA ILE C 191 -35.47 36.18 40.12
C ILE C 191 -36.95 35.89 40.28
N GLY C 192 -37.56 36.56 41.25
CA GLY C 192 -38.99 36.46 41.41
C GLY C 192 -39.44 37.48 42.42
N VAL C 193 -40.70 37.42 42.75
CA VAL C 193 -41.29 38.30 43.74
C VAL C 193 -41.59 37.48 44.99
N ILE C 194 -41.30 38.07 46.15
CA ILE C 194 -41.51 37.39 47.42
C ILE C 194 -42.99 37.32 47.70
N THR C 195 -43.54 36.10 47.69
CA THR C 195 -44.95 35.88 47.89
C THR C 195 -45.32 35.59 49.33
N ASN C 196 -44.46 34.92 50.08
CA ASN C 196 -44.75 34.65 51.48
C ASN C 196 -43.44 34.40 52.22
N ARG C 197 -43.28 35.08 53.35
CA ARG C 197 -42.12 34.92 54.22
C ARG C 197 -42.60 34.17 55.46
N GLU C 198 -42.21 32.91 55.56
CA GLU C 198 -42.50 32.15 56.77
C GLU C 198 -41.29 32.26 57.69
N ARG C 199 -41.38 33.15 58.67
CA ARG C 199 -40.30 33.37 59.63
C ARG C 199 -40.29 32.27 60.68
N HIS C 200 -39.10 31.90 61.10
CA HIS C 200 -39.00 30.83 62.07
C HIS C 200 -38.10 31.25 63.22
N PRO C 201 -38.62 31.33 64.45
CA PRO C 201 -37.78 31.74 65.57
C PRO C 201 -36.58 30.81 65.72
N GLY C 202 -35.45 31.41 66.09
CA GLY C 202 -34.23 30.64 66.29
C GLY C 202 -33.57 30.22 64.99
N SER C 203 -34.29 29.45 64.18
CA SER C 203 -33.75 28.95 62.93
C SER C 203 -33.79 30.04 61.87
N PHE C 204 -33.47 29.69 60.63
CA PHE C 204 -33.53 30.62 59.54
C PHE C 204 -34.99 30.90 59.17
N ASP C 205 -35.19 31.98 58.43
CA ASP C 205 -36.47 32.30 57.85
C ASP C 205 -36.45 31.96 56.36
N VAL C 206 -37.60 31.58 55.83
CA VAL C 206 -37.73 31.15 54.46
C VAL C 206 -38.74 32.03 53.75
N VAL C 207 -38.47 32.33 52.48
CA VAL C 207 -39.33 33.20 51.69
C VAL C 207 -39.81 32.44 50.47
N HIS C 208 -41.00 32.75 50.00
CA HIS C 208 -41.56 32.15 48.81
C HIS C 208 -41.46 33.15 47.66
N VAL C 209 -40.63 32.81 46.67
CA VAL C 209 -40.30 33.70 45.58
C VAL C 209 -41.05 33.23 44.34
N LYS C 210 -41.92 34.09 43.81
CA LYS C 210 -42.65 33.79 42.58
C LYS C 210 -42.00 34.49 41.41
N ASP C 211 -41.52 33.71 40.46
CA ASP C 211 -40.98 34.28 39.24
C ASP C 211 -42.11 34.81 38.37
N ALA C 212 -41.73 35.52 37.31
CA ALA C 212 -42.73 35.98 36.34
C ALA C 212 -43.37 34.81 35.62
N ASN C 213 -42.63 33.72 35.42
CA ASN C 213 -43.17 32.57 34.72
C ASN C 213 -44.33 31.94 35.47
N GLY C 214 -44.25 31.89 36.81
CA GLY C 214 -45.28 31.28 37.61
C GLY C 214 -44.79 30.20 38.54
N ASN C 215 -43.50 29.87 38.53
CA ASN C 215 -42.95 28.88 39.43
C ASN C 215 -42.48 29.54 40.70
N SER C 216 -42.95 29.04 41.84
CA SER C 216 -42.49 29.52 43.12
C SER C 216 -41.39 28.61 43.65
N PHE C 217 -40.60 29.14 44.57
CA PHE C 217 -39.55 28.35 45.19
C PHE C 217 -39.15 28.99 46.50
N ALA C 218 -39.17 28.21 47.57
CA ALA C 218 -38.79 28.67 48.89
C ALA C 218 -37.28 28.65 49.01
N THR C 219 -36.75 29.52 49.87
CA THR C 219 -35.32 29.59 50.14
C THR C 219 -35.10 30.39 51.42
N ARG C 220 -34.00 30.10 52.10
CA ARG C 220 -33.72 30.74 53.38
C ARG C 220 -33.55 32.24 53.22
N LEU C 221 -34.07 32.99 54.20
CA LEU C 221 -34.00 34.45 54.14
C LEU C 221 -32.57 34.94 53.99
N SER C 222 -31.61 34.22 54.57
CA SER C 222 -30.24 34.69 54.53
C SER C 222 -29.65 34.65 53.13
N ASN C 223 -30.35 34.06 52.16
CA ASN C 223 -29.85 33.96 50.80
C ASN C 223 -30.48 34.98 49.86
N ILE C 224 -31.28 35.90 50.38
CA ILE C 224 -32.10 36.77 49.54
C ILE C 224 -31.41 38.11 49.35
N PHE C 225 -31.73 38.76 48.24
CA PHE C 225 -31.18 40.08 47.91
C PHE C 225 -32.26 40.81 47.11
N VAL C 226 -33.12 41.55 47.79
CA VAL C 226 -34.24 42.16 47.10
C VAL C 226 -33.73 43.28 46.20
N ILE C 227 -34.05 43.18 44.90
CA ILE C 227 -33.46 44.06 43.89
C ILE C 227 -34.48 44.95 43.21
N GLY C 228 -35.76 44.70 43.38
CA GLY C 228 -36.74 45.48 42.65
C GLY C 228 -37.93 45.91 43.47
N LYS C 229 -38.38 47.14 43.25
CA LYS C 229 -39.57 47.64 43.92
C LYS C 229 -40.79 47.06 43.24
N GLY C 230 -41.37 46.03 43.85
CA GLY C 230 -42.56 45.40 43.28
C GLY C 230 -42.23 44.49 42.13
N ASN C 231 -41.91 45.08 40.97
CA ASN C 231 -41.61 44.30 39.79
C ASN C 231 -40.31 44.72 39.07
N LYS C 232 -40.03 46.03 39.04
CA LYS C 232 -38.98 46.57 38.20
C LYS C 232 -37.65 46.51 38.94
N PRO C 233 -36.57 46.04 38.28
CA PRO C 233 -35.28 46.03 38.96
C PRO C 233 -34.39 47.26 38.85
N TRP C 234 -33.86 47.70 39.96
CA TRP C 234 -33.07 48.90 39.83
C TRP C 234 -31.72 48.63 39.16
N ILE C 235 -31.45 47.40 38.73
CA ILE C 235 -30.22 47.05 38.04
C ILE C 235 -30.58 46.27 36.79
N SER C 236 -29.90 46.59 35.69
CA SER C 236 -30.11 45.84 34.46
C SER C 236 -29.78 44.37 34.68
N LEU C 237 -30.60 43.52 34.12
CA LEU C 237 -30.51 42.09 34.37
C LEU C 237 -29.60 41.41 33.35
N PRO C 238 -29.04 40.26 33.71
CA PRO C 238 -28.33 39.45 32.73
C PRO C 238 -29.28 38.89 31.68
N ARG C 239 -28.70 38.42 30.58
CA ARG C 239 -29.49 37.97 29.45
C ARG C 239 -30.44 36.86 29.86
N GLY C 240 -31.64 36.87 29.28
CA GLY C 240 -32.64 35.90 29.60
C GLY C 240 -33.38 36.17 30.89
N LYS C 241 -33.15 37.32 31.51
CA LYS C 241 -33.77 37.66 32.78
C LYS C 241 -33.52 36.54 33.78
N GLY C 242 -32.38 35.86 33.67
CA GLY C 242 -31.96 34.86 34.66
C GLY C 242 -33.00 33.83 35.08
N ILE C 243 -34.09 33.69 34.33
CA ILE C 243 -35.15 32.76 34.73
C ILE C 243 -34.65 31.33 34.64
N ARG C 244 -35.06 30.51 35.60
CA ARG C 244 -34.65 29.11 35.63
C ARG C 244 -35.42 28.36 34.56
N LEU C 245 -34.70 27.81 33.59
CA LEU C 245 -35.29 27.00 32.54
C LEU C 245 -34.89 25.54 32.75
N THR C 246 -35.86 24.65 32.66
CA THR C 246 -35.58 23.24 32.88
C THR C 246 -34.89 22.65 31.66
N ILE C 247 -34.52 21.37 31.76
CA ILE C 247 -33.66 20.75 30.76
C ILE C 247 -34.38 20.61 29.43
N ALA C 248 -35.66 20.23 29.48
CA ALA C 248 -36.39 19.97 28.25
C ALA C 248 -36.42 21.20 27.36
N GLU C 249 -36.85 22.33 27.92
CA GLU C 249 -36.99 23.53 27.11
C GLU C 249 -35.65 24.15 26.75
N GLU C 250 -34.61 23.98 27.58
CA GLU C 250 -33.32 24.50 27.17
C GLU C 250 -32.75 23.69 26.01
N ARG C 251 -32.94 22.37 26.03
CA ARG C 251 -32.57 21.57 24.87
C ARG C 251 -33.38 21.98 23.64
N ASP C 252 -34.68 22.23 23.84
CA ASP C 252 -35.53 22.65 22.75
C ASP C 252 -35.05 23.97 22.14
N LYS C 253 -34.72 24.94 22.99
CA LYS C 253 -34.27 26.23 22.50
C LYS C 253 -32.90 26.12 21.85
N ARG C 254 -32.03 25.24 22.35
CA ARG C 254 -30.76 25.01 21.70
C ARG C 254 -30.96 24.42 20.32
N LEU C 255 -31.89 23.47 20.18
CA LEU C 255 -32.18 22.88 18.88
C LEU C 255 -32.80 23.89 17.93
N ALA C 256 -33.70 24.72 18.44
CA ALA C 256 -34.30 25.76 17.61
C ALA C 256 -33.24 26.75 17.13
N ALA C 257 -32.31 27.12 18.02
CA ALA C 257 -31.20 27.97 17.61
C ALA C 257 -30.34 27.29 16.56
N LYS C 258 -30.11 25.98 16.72
CA LYS C 258 -29.34 25.25 15.73
C LYS C 258 -30.00 25.28 14.37
N GLN C 259 -31.32 25.06 14.32
CA GLN C 259 -32.03 25.09 13.05
C GLN C 259 -32.04 26.50 12.47
N SER C 260 -32.31 27.52 13.29
CA SER C 260 -32.40 28.88 12.79
C SER C 260 -31.05 29.38 12.28
N SER C 261 -29.97 29.08 12.99
CA SER C 261 -28.65 29.51 12.58
C SER C 261 -28.17 28.81 11.32
N GLY C 262 -28.78 27.69 10.94
CA GLY C 262 -28.37 26.96 9.76
C GLY C 262 -28.73 25.50 9.83
N GLY D 1 3.77 21.59 80.71
CA GLY D 1 3.16 22.67 81.46
C GLY D 1 1.75 22.39 81.89
N ILE D 2 1.17 23.29 82.68
CA ILE D 2 -0.19 23.12 83.15
C ILE D 2 -1.13 23.13 81.96
N SER D 3 -1.99 22.12 81.88
CA SER D 3 -2.87 21.94 80.75
C SER D 3 -4.32 22.22 81.13
N ARG D 4 -5.05 22.81 80.20
CA ARG D 4 -6.48 23.07 80.36
C ARG D 4 -7.34 22.04 79.63
N ASP D 5 -6.76 20.91 79.25
CA ASP D 5 -7.50 19.93 78.47
C ASP D 5 -8.60 19.28 79.31
N ASN D 6 -9.57 18.71 78.61
CA ASN D 6 -10.61 17.91 79.23
C ASN D 6 -10.46 16.42 78.99
N TRP D 7 -9.70 16.01 77.95
CA TRP D 7 -9.64 14.60 77.59
C TRP D 7 -8.79 13.79 78.56
N HIS D 8 -7.95 14.42 79.37
CA HIS D 8 -7.23 13.67 80.39
C HIS D 8 -8.17 13.11 81.44
N LYS D 9 -9.34 13.72 81.60
CA LYS D 9 -10.29 13.31 82.62
C LYS D 9 -11.00 12.03 82.22
N ARG D 10 -11.50 11.31 83.22
CA ARG D 10 -12.27 10.12 82.98
C ARG D 10 -13.58 10.47 82.30
N ARG D 11 -14.10 9.53 81.51
CA ARG D 11 -15.34 9.77 80.80
C ARG D 11 -16.51 9.78 81.77
N LYS D 12 -17.60 10.43 81.35
CA LYS D 12 -18.83 10.43 82.13
C LYS D 12 -19.24 9.02 82.51
N THR D 13 -19.11 8.09 81.57
CA THR D 13 -19.40 6.69 81.83
C THR D 13 -18.46 6.07 82.86
N GLY D 14 -17.29 6.65 83.07
CA GLY D 14 -16.37 6.14 84.06
C GLY D 14 -15.24 5.28 83.53
N GLY D 15 -15.21 4.99 82.23
CA GLY D 15 -14.08 4.34 81.63
C GLY D 15 -12.96 5.34 81.42
N LYS D 16 -11.73 4.85 81.34
CA LYS D 16 -10.62 5.75 81.11
C LYS D 16 -10.61 6.22 79.66
N ARG D 17 -10.15 7.46 79.47
CA ARG D 17 -10.05 8.05 78.14
C ARG D 17 -8.58 8.23 77.80
N LYS D 18 -8.23 7.92 76.57
CA LYS D 18 -6.83 8.08 76.20
C LYS D 18 -6.68 9.20 75.17
N PRO D 19 -5.58 9.94 75.24
CA PRO D 19 -5.42 11.11 74.36
C PRO D 19 -5.00 10.71 72.96
N TYR D 20 -5.53 11.44 71.98
CA TYR D 20 -5.16 11.20 70.59
C TYR D 20 -4.16 12.21 70.06
N HIS D 21 -3.71 13.15 70.89
CA HIS D 21 -2.74 14.14 70.45
C HIS D 21 -2.00 14.70 71.64
N LYS D 22 -0.85 15.30 71.36
CA LYS D 22 -0.04 15.95 72.38
C LYS D 22 -0.74 17.21 72.87
N LYS D 23 -0.21 17.80 73.92
CA LYS D 23 -0.75 19.06 74.42
C LYS D 23 -0.53 20.16 73.40
N ARG D 24 -1.59 20.88 73.08
CA ARG D 24 -1.52 22.06 72.24
C ARG D 24 -1.40 23.29 73.11
N LYS D 25 -0.88 24.37 72.52
CA LYS D 25 -0.72 25.61 73.27
C LYS D 25 -2.07 26.13 73.73
N TYR D 26 -3.10 26.03 72.90
CA TYR D 26 -4.36 26.69 73.20
C TYR D 26 -5.11 26.04 74.36
N GLU D 27 -4.55 25.02 75.00
CA GLU D 27 -5.17 24.41 76.18
C GLU D 27 -4.18 24.36 77.33
N LEU D 28 -3.47 25.46 77.55
CA LEU D 28 -2.48 25.52 78.61
C LEU D 28 -3.09 26.11 79.89
N GLY D 29 -2.29 26.06 80.96
CA GLY D 29 -2.63 26.77 82.17
C GLY D 29 -1.41 27.48 82.70
N ARG D 30 -1.66 28.47 83.56
CA ARG D 30 -0.60 29.30 84.11
C ARG D 30 -0.73 29.33 85.62
N PRO D 31 0.38 29.55 86.33
CA PRO D 31 0.34 29.56 87.79
C PRO D 31 -0.54 30.68 88.33
N ALA D 32 -1.03 30.48 89.54
CA ALA D 32 -2.00 31.38 90.13
C ALA D 32 -1.42 32.77 90.35
N ALA D 33 -2.31 33.73 90.55
CA ALA D 33 -1.89 35.11 90.80
C ALA D 33 -1.25 35.24 92.17
N ASN D 34 -1.97 34.82 93.21
CA ASN D 34 -1.49 34.92 94.60
C ASN D 34 -1.11 36.34 94.95
N THR D 35 -1.94 37.28 94.53
CA THR D 35 -1.71 38.70 94.81
C THR D 35 -1.70 38.95 96.30
N LYS D 36 -0.70 39.69 96.77
CA LYS D 36 -0.54 39.98 98.18
C LYS D 36 -0.93 41.43 98.45
N ILE D 37 -0.69 41.89 99.68
CA ILE D 37 -1.08 43.22 100.12
C ILE D 37 0.17 44.02 100.43
N GLY D 38 0.25 45.22 99.87
CA GLY D 38 1.39 46.08 100.07
C GLY D 38 1.79 46.84 98.83
N PRO D 39 3.07 47.16 98.69
CA PRO D 39 3.51 47.95 97.54
C PRO D 39 3.20 47.27 96.22
N ARG D 40 2.87 48.08 95.22
CA ARG D 40 2.35 47.57 93.96
C ARG D 40 3.43 46.82 93.20
N ARG D 41 3.01 45.75 92.50
CA ARG D 41 3.89 45.00 91.61
C ARG D 41 3.02 44.27 90.61
N ILE D 42 3.09 44.67 89.34
CA ILE D 42 2.25 44.14 88.28
C ILE D 42 3.15 43.53 87.21
N HIS D 43 2.77 42.36 86.72
CA HIS D 43 3.43 41.75 85.58
C HIS D 43 2.47 41.62 84.41
N THR D 44 3.02 41.78 83.22
CA THR D 44 2.27 41.57 81.98
C THR D 44 2.67 40.23 81.39
N VAL D 45 1.69 39.54 80.80
CA VAL D 45 1.92 38.26 80.18
C VAL D 45 1.24 38.27 78.81
N ARG D 46 2.00 37.92 77.78
CA ARG D 46 1.41 37.76 76.46
C ARG D 46 0.46 36.57 76.46
N VAL D 47 -0.71 36.74 75.87
CA VAL D 47 -1.72 35.70 75.83
C VAL D 47 -2.07 35.40 74.38
N ARG D 48 -3.05 34.51 74.20
CA ARG D 48 -3.51 34.17 72.86
C ARG D 48 -3.90 35.43 72.11
N GLY D 49 -3.47 35.53 70.86
CA GLY D 49 -3.74 36.70 70.07
C GLY D 49 -2.86 37.89 70.38
N GLY D 50 -1.73 37.68 71.05
CA GLY D 50 -0.83 38.77 71.34
C GLY D 50 -1.37 39.81 72.30
N ASN D 51 -2.50 39.54 72.94
CA ASN D 51 -3.03 40.44 73.95
C ASN D 51 -2.25 40.27 75.24
N LYS D 52 -2.50 41.16 76.20
CA LYS D 52 -1.75 41.21 77.44
C LYS D 52 -2.69 41.03 78.63
N LYS D 53 -2.22 40.29 79.62
CA LYS D 53 -2.97 40.05 80.84
C LYS D 53 -2.22 40.68 82.02
N TYR D 54 -2.83 41.70 82.61
CA TYR D 54 -2.21 42.40 83.74
C TYR D 54 -2.36 41.52 84.97
N ARG D 55 -1.25 40.98 85.45
CA ARG D 55 -1.25 40.11 86.61
C ARG D 55 -0.60 40.81 87.79
N ALA D 56 -1.32 40.85 88.91
CA ALA D 56 -0.87 41.53 90.11
C ALA D 56 -0.17 40.54 91.03
N LEU D 57 0.63 41.08 91.94
CA LEU D 57 1.31 40.26 92.94
C LEU D 57 1.14 40.86 94.33
N ARG D 58 0.96 42.18 94.38
CA ARG D 58 0.85 42.87 95.66
C ARG D 58 0.21 44.21 95.39
N LEU D 59 -0.94 44.46 96.02
CA LEU D 59 -1.67 45.72 95.85
C LEU D 59 -1.79 46.40 97.21
N ASP D 60 -2.04 47.70 97.18
CA ASP D 60 -2.30 48.47 98.39
C ASP D 60 -3.51 49.38 98.28
N VAL D 61 -3.97 49.67 97.06
CA VAL D 61 -5.06 50.62 96.84
C VAL D 61 -6.01 50.01 95.82
N GLY D 62 -7.21 50.59 95.75
CA GLY D 62 -8.18 50.14 94.76
C GLY D 62 -9.44 50.97 94.86
N ASN D 63 -10.11 51.08 93.71
CA ASN D 63 -11.42 51.73 93.66
C ASN D 63 -12.43 50.89 94.44
N PHE D 64 -13.29 51.56 95.19
CA PHE D 64 -14.34 50.89 95.91
C PHE D 64 -15.58 51.76 95.92
N SER D 65 -16.73 51.13 95.78
CA SER D 65 -18.00 51.82 95.69
C SER D 65 -18.71 51.78 97.03
N TRP D 66 -19.21 52.94 97.46
CA TRP D 66 -20.15 52.92 98.57
C TRP D 66 -21.46 52.27 98.15
N GLY D 67 -21.84 52.44 96.89
CA GLY D 67 -23.03 51.83 96.32
C GLY D 67 -24.30 52.65 96.37
N SER D 68 -24.94 52.77 97.53
CA SER D 68 -26.23 53.44 97.55
C SER D 68 -26.10 54.94 97.36
N GLU D 69 -25.00 55.54 97.80
CA GLU D 69 -24.73 56.94 97.50
C GLU D 69 -23.94 57.12 96.23
N CYS D 70 -23.52 56.02 95.60
CA CYS D 70 -22.75 56.06 94.36
C CYS D 70 -21.45 56.84 94.56
N CYS D 71 -20.81 56.62 95.71
CA CYS D 71 -19.54 57.26 96.04
C CYS D 71 -18.44 56.24 95.82
N THR D 72 -17.52 56.54 94.91
CA THR D 72 -16.47 55.60 94.50
C THR D 72 -15.13 56.30 94.60
N ARG D 73 -14.30 55.88 95.56
CA ARG D 73 -13.01 56.49 95.78
C ARG D 73 -11.93 55.41 95.77
N LYS D 74 -10.75 55.79 95.30
CA LYS D 74 -9.60 54.89 95.27
C LYS D 74 -9.03 54.81 96.67
N THR D 75 -9.48 53.83 97.43
CA THR D 75 -9.16 53.71 98.84
C THR D 75 -8.10 52.64 99.05
N ARG D 76 -7.39 52.75 100.17
CA ARG D 76 -6.22 51.93 100.43
C ARG D 76 -6.59 50.61 101.08
N ILE D 77 -6.04 49.51 100.54
CA ILE D 77 -6.34 48.18 101.06
C ILE D 77 -5.70 47.99 102.42
N ILE D 78 -6.44 47.38 103.35
CA ILE D 78 -5.91 47.10 104.68
C ILE D 78 -5.47 45.65 104.78
N ASP D 79 -6.42 44.73 104.70
CA ASP D 79 -6.17 43.30 104.80
C ASP D 79 -7.48 42.58 104.49
N VAL D 80 -7.47 41.26 104.63
CA VAL D 80 -8.63 40.42 104.32
C VAL D 80 -9.00 39.64 105.59
N VAL D 81 -10.29 39.41 105.78
CA VAL D 81 -10.77 38.71 106.95
C VAL D 81 -11.48 37.40 106.61
N TYR D 82 -12.25 37.33 105.53
CA TYR D 82 -13.05 36.15 105.27
C TYR D 82 -12.96 35.75 103.81
N ASN D 83 -13.01 34.44 103.59
CA ASN D 83 -13.15 33.86 102.26
C ASN D 83 -14.17 32.74 102.32
N ALA D 84 -15.03 32.67 101.30
CA ALA D 84 -16.12 31.72 101.27
C ALA D 84 -15.70 30.37 100.67
N SER D 85 -14.49 30.27 100.15
CA SER D 85 -14.05 29.01 99.54
C SER D 85 -13.18 28.23 100.51
N ASN D 86 -12.39 28.95 101.30
CA ASN D 86 -11.34 28.34 102.11
C ASN D 86 -10.78 29.41 103.02
N ASN D 87 -10.37 29.01 104.22
CA ASN D 87 -9.88 29.98 105.19
C ASN D 87 -8.36 30.10 105.24
N GLU D 88 -7.63 29.09 104.74
CA GLU D 88 -6.19 29.27 104.60
C GLU D 88 -5.87 30.38 103.60
N LEU D 89 -6.78 30.62 102.66
CA LEU D 89 -6.65 31.75 101.76
C LEU D 89 -6.61 33.05 102.55
N VAL D 90 -7.49 33.18 103.53
CA VAL D 90 -7.45 34.32 104.44
C VAL D 90 -6.16 34.32 105.23
N ARG D 91 -5.76 33.15 105.74
CA ARG D 91 -4.61 33.06 106.63
C ARG D 91 -3.34 33.54 105.94
N THR D 92 -3.16 33.21 104.66
CA THR D 92 -2.00 33.69 103.92
C THR D 92 -2.15 35.13 103.48
N LYS D 93 -3.34 35.73 103.63
CA LYS D 93 -3.57 37.14 103.31
C LYS D 93 -3.28 37.44 101.84
N THR D 94 -4.05 36.81 100.96
CA THR D 94 -3.97 37.09 99.54
C THR D 94 -5.36 37.43 99.02
N LEU D 95 -5.39 38.21 97.94
CA LEU D 95 -6.63 38.73 97.40
C LEU D 95 -7.14 37.86 96.26
N VAL D 96 -8.43 37.53 96.34
CA VAL D 96 -9.10 36.70 95.35
C VAL D 96 -10.23 37.55 94.76
N LYS D 97 -10.97 36.98 93.81
CA LYS D 97 -12.02 37.75 93.16
C LYS D 97 -13.12 38.14 94.14
N ASN D 98 -13.41 37.27 95.11
CA ASN D 98 -14.56 37.46 95.99
C ASN D 98 -14.16 37.30 97.44
N CYS D 99 -13.06 37.94 97.85
CA CYS D 99 -12.70 37.97 99.25
C CYS D 99 -13.29 39.21 99.91
N ILE D 100 -13.20 39.25 101.24
CA ILE D 100 -13.78 40.32 102.03
C ILE D 100 -12.63 41.09 102.66
N VAL D 101 -12.40 42.30 102.16
CA VAL D 101 -11.18 43.04 102.44
C VAL D 101 -11.51 44.18 103.40
N LEU D 102 -10.76 44.27 104.48
CA LEU D 102 -10.86 45.42 105.37
C LEU D 102 -10.40 46.67 104.63
N ILE D 103 -11.15 47.75 104.81
CA ILE D 103 -10.87 49.01 104.12
C ILE D 103 -11.07 50.16 105.09
N ASP D 104 -10.27 51.21 104.90
CA ASP D 104 -10.41 52.39 105.73
C ASP D 104 -11.55 53.26 105.21
N SER D 105 -11.88 54.28 106.00
CA SER D 105 -13.04 55.12 105.71
C SER D 105 -12.72 56.58 105.49
N THR D 106 -11.44 56.97 105.54
CA THR D 106 -11.12 58.40 105.50
C THR D 106 -11.59 59.08 104.22
N PRO D 107 -11.36 58.56 103.00
CA PRO D 107 -11.89 59.27 101.83
C PRO D 107 -13.40 59.33 101.83
N TYR D 108 -14.06 58.26 102.28
CA TYR D 108 -15.51 58.28 102.34
C TYR D 108 -15.98 59.25 103.41
N ARG D 109 -15.22 59.36 104.50
CA ARG D 109 -15.54 60.37 105.51
C ARG D 109 -15.45 61.76 104.91
N GLN D 110 -14.41 62.01 104.12
CA GLN D 110 -14.25 63.31 103.50
C GLN D 110 -15.39 63.60 102.54
N TRP D 111 -15.79 62.60 101.75
CA TRP D 111 -16.91 62.82 100.84
C TRP D 111 -18.20 63.07 101.62
N TYR D 112 -18.41 62.33 102.72
CA TYR D 112 -19.62 62.49 103.51
C TYR D 112 -19.69 63.88 104.12
N GLU D 113 -18.55 64.42 104.55
CA GLU D 113 -18.53 65.77 105.10
C GLU D 113 -18.66 66.81 104.00
N SER D 114 -18.13 66.53 102.81
CA SER D 114 -18.24 67.49 101.73
C SER D 114 -19.65 67.58 101.19
N HIS D 115 -20.37 66.46 101.16
CA HIS D 115 -21.67 66.42 100.51
C HIS D 115 -22.77 66.93 101.44
N TYR D 116 -22.71 66.59 102.73
CA TYR D 116 -23.76 66.97 103.66
C TYR D 116 -23.27 67.65 104.92
N ALA D 117 -21.99 67.50 105.27
CA ALA D 117 -21.38 68.21 106.38
C ALA D 117 -22.09 67.90 107.70
N LEU D 118 -22.07 66.63 108.06
CA LEU D 118 -22.57 66.16 109.34
C LEU D 118 -21.48 65.39 110.05
N PRO D 119 -21.35 65.55 111.35
CA PRO D 119 -20.37 64.75 112.10
C PRO D 119 -20.75 63.28 112.09
N LEU D 120 -20.01 62.48 111.32
CA LEU D 120 -20.11 61.03 111.34
C LEU D 120 -18.72 60.45 111.56
N GLY D 121 -18.67 59.28 112.20
CA GLY D 121 -17.40 58.68 112.54
C GLY D 121 -16.70 59.34 113.70
N ARG D 122 -17.41 60.19 114.43
CA ARG D 122 -16.87 60.90 115.57
C ARG D 122 -17.62 60.45 116.82
N LYS D 123 -16.97 60.58 117.98
CA LYS D 123 -17.59 60.20 119.24
C LYS D 123 -18.26 61.40 119.90
N LYS D 124 -17.47 62.43 120.21
CA LYS D 124 -17.95 63.61 120.90
C LYS D 124 -17.86 64.87 120.07
N GLY D 125 -17.11 64.86 118.97
CA GLY D 125 -16.91 66.07 118.20
C GLY D 125 -16.10 67.09 118.97
N ALA D 126 -16.06 68.30 118.42
CA ALA D 126 -15.30 69.42 119.00
C ALA D 126 -13.85 69.04 119.24
N LYS D 127 -13.31 68.23 118.32
CA LYS D 127 -11.93 67.77 118.41
C LYS D 127 -11.17 67.90 117.10
N LEU D 128 -11.85 68.16 115.99
CA LEU D 128 -11.21 68.31 114.69
C LEU D 128 -11.37 69.75 114.23
N THR D 129 -11.11 70.68 115.15
CA THR D 129 -11.40 72.09 114.94
C THR D 129 -10.88 72.71 113.64
N PRO D 130 -9.64 72.44 113.18
CA PRO D 130 -9.11 73.22 112.04
C PRO D 130 -9.98 73.24 110.80
N GLU D 131 -10.90 72.29 110.62
CA GLU D 131 -11.81 72.34 109.48
C GLU D 131 -13.27 72.09 109.82
N GLU D 132 -13.58 71.47 110.96
CA GLU D 132 -14.94 70.99 111.20
C GLU D 132 -15.94 72.13 111.29
N GLU D 133 -15.58 73.22 111.96
CA GLU D 133 -16.58 74.26 112.19
C GLU D 133 -16.91 75.02 110.91
N GLU D 134 -15.91 75.35 110.09
CA GLU D 134 -16.25 76.04 108.86
C GLU D 134 -16.92 75.11 107.87
N ILE D 135 -16.57 73.81 107.84
CA ILE D 135 -17.32 72.92 106.98
C ILE D 135 -18.72 72.67 107.52
N LEU D 136 -18.95 72.97 108.79
CA LEU D 136 -20.31 72.95 109.35
C LEU D 136 -21.11 74.17 108.93
N ASN D 137 -20.56 75.37 109.11
CA ASN D 137 -21.32 76.57 108.83
C ASN D 137 -21.17 77.02 107.38
N LYS D 138 -19.94 77.30 106.96
CA LYS D 138 -19.59 77.82 105.64
C LYS D 138 -20.18 79.20 105.38
N LYS D 139 -20.95 79.75 106.33
CA LYS D 139 -21.60 81.05 106.20
C LYS D 139 -22.21 81.21 104.80
N ARG D 140 -23.14 80.32 104.49
CA ARG D 140 -23.74 80.35 103.16
C ARG D 140 -25.12 80.99 103.19
N SER D 141 -25.53 81.46 102.02
CA SER D 141 -26.81 82.13 101.89
C SER D 141 -27.96 81.21 102.31
N LYS D 142 -29.14 81.82 102.49
CA LYS D 142 -30.31 81.04 102.87
C LYS D 142 -30.59 79.93 101.86
N LYS D 143 -30.31 80.16 100.58
CA LYS D 143 -30.56 79.14 99.57
C LYS D 143 -29.70 77.91 99.81
N ILE D 144 -28.39 78.09 99.96
CA ILE D 144 -27.49 76.97 100.17
C ILE D 144 -27.77 76.29 101.49
N GLN D 145 -28.14 77.07 102.51
CA GLN D 145 -28.43 76.47 103.80
C GLN D 145 -29.68 75.58 103.74
N LYS D 146 -30.72 76.03 103.05
CA LYS D 146 -31.89 75.16 102.86
C LYS D 146 -31.50 73.94 102.02
N LYS D 147 -30.61 74.13 101.05
CA LYS D 147 -30.12 73.01 100.27
C LYS D 147 -29.50 71.96 101.18
N TYR D 148 -28.61 72.39 102.07
CA TYR D 148 -28.00 71.45 102.99
C TYR D 148 -29.02 70.88 103.97
N ASP D 149 -30.06 71.65 104.28
CA ASP D 149 -31.14 71.13 105.11
C ASP D 149 -31.78 69.93 104.44
N GLU D 150 -32.19 70.07 103.18
CA GLU D 150 -32.83 68.93 102.53
C GLU D 150 -31.87 67.78 102.32
N ARG D 151 -30.61 68.07 101.97
CA ARG D 151 -29.62 67.01 101.84
C ARG D 151 -29.46 66.24 103.15
N LYS D 152 -29.43 66.93 104.29
CA LYS D 152 -29.28 66.24 105.56
C LYS D 152 -30.57 65.56 106.00
N LYS D 153 -31.73 65.99 105.49
CA LYS D 153 -32.92 65.17 105.67
C LYS D 153 -32.79 63.85 104.93
N ASN D 154 -32.15 63.87 103.77
CA ASN D 154 -31.93 62.64 103.03
C ASN D 154 -30.58 61.98 103.32
N ALA D 155 -29.86 62.44 104.35
CA ALA D 155 -28.51 61.96 104.63
C ALA D 155 -28.43 61.07 105.86
N LYS D 156 -29.42 60.21 106.09
CA LYS D 156 -29.36 59.29 107.21
C LYS D 156 -28.65 58.00 106.80
N ILE D 157 -27.81 57.49 107.71
CA ILE D 157 -26.99 56.32 107.44
C ILE D 157 -27.46 55.16 108.31
N SER D 158 -27.08 53.95 107.90
CA SER D 158 -27.42 52.75 108.64
C SER D 158 -26.69 52.71 109.98
N SER D 159 -27.34 52.10 110.97
CA SER D 159 -26.74 51.99 112.29
C SER D 159 -25.46 51.15 112.23
N LEU D 160 -25.50 50.03 111.52
CA LEU D 160 -24.33 49.16 111.43
C LEU D 160 -23.16 49.89 110.78
N LEU D 161 -23.41 50.58 109.68
CA LEU D 161 -22.33 51.27 109.01
C LEU D 161 -21.90 52.49 109.82
N GLU D 162 -22.82 53.07 110.60
CA GLU D 162 -22.43 54.13 111.51
C GLU D 162 -21.43 53.63 112.55
N GLU D 163 -21.70 52.45 113.12
CA GLU D 163 -20.76 51.87 114.07
C GLU D 163 -19.43 51.53 113.39
N GLN D 164 -19.50 50.92 112.21
CA GLN D 164 -18.29 50.59 111.46
C GLN D 164 -17.46 51.83 111.20
N PHE D 165 -18.13 52.92 110.82
CA PHE D 165 -17.47 54.20 110.61
C PHE D 165 -16.82 54.70 111.89
N GLN D 166 -17.55 54.62 113.01
CA GLN D 166 -17.00 55.06 114.29
C GLN D 166 -15.75 54.26 114.64
N GLN D 167 -15.72 52.98 114.28
CA GLN D 167 -14.49 52.21 114.39
C GLN D 167 -13.40 52.78 113.50
N GLY D 168 -13.76 53.22 112.29
CA GLY D 168 -12.84 53.86 111.39
C GLY D 168 -12.41 53.03 110.20
N LYS D 169 -12.62 51.72 110.23
CA LYS D 169 -12.34 50.86 109.10
C LYS D 169 -13.62 50.19 108.63
N LEU D 170 -13.78 50.08 107.32
CA LEU D 170 -14.96 49.46 106.75
C LEU D 170 -14.60 48.09 106.19
N LEU D 171 -15.63 47.28 105.96
CA LEU D 171 -15.46 45.93 105.45
C LEU D 171 -16.08 45.86 104.06
N ALA D 172 -15.28 45.43 103.09
CA ALA D 172 -15.67 45.49 101.70
C ALA D 172 -15.46 44.16 101.02
N CYS D 173 -16.27 43.90 100.01
CA CYS D 173 -16.19 42.71 99.19
C CYS D 173 -15.58 43.09 97.85
N ILE D 174 -14.45 42.47 97.52
CA ILE D 174 -13.79 42.74 96.25
C ILE D 174 -14.59 42.11 95.12
N ALA D 175 -14.52 42.74 93.94
CA ALA D 175 -15.24 42.25 92.77
C ALA D 175 -14.39 42.11 91.53
N SER D 176 -13.15 42.62 91.52
CA SER D 176 -12.32 42.51 90.35
C SER D 176 -11.80 41.09 90.20
N ARG D 177 -10.94 40.90 89.22
CA ARG D 177 -10.32 39.60 89.01
C ARG D 177 -8.81 39.77 89.04
N PRO D 178 -8.18 39.75 90.22
CA PRO D 178 -6.73 39.88 90.29
C PRO D 178 -6.04 38.77 89.53
N GLY D 179 -4.90 39.11 88.93
CA GLY D 179 -4.20 38.21 88.07
C GLY D 179 -4.69 38.22 86.64
N GLN D 180 -5.88 38.75 86.40
CA GLN D 180 -6.37 38.99 85.04
C GLN D 180 -6.54 40.47 84.78
N CYS D 181 -7.32 41.16 85.61
CA CYS D 181 -7.46 42.61 85.47
C CYS D 181 -6.29 43.36 86.07
N GLY D 182 -5.56 42.73 86.98
CA GLY D 182 -4.40 43.36 87.57
C GLY D 182 -4.71 44.61 88.36
N ARG D 183 -5.89 44.68 88.96
CA ARG D 183 -6.22 45.79 89.83
C ARG D 183 -7.32 45.32 90.77
N ALA D 184 -7.64 46.17 91.75
CA ALA D 184 -8.60 45.83 92.79
C ALA D 184 -9.79 46.78 92.72
N ASP D 185 -10.96 46.23 92.46
CA ASP D 185 -12.22 46.96 92.60
C ASP D 185 -13.17 46.13 93.44
N GLY D 186 -13.89 46.81 94.33
CA GLY D 186 -14.84 46.14 95.19
C GLY D 186 -15.87 47.13 95.68
N TYR D 187 -16.74 46.67 96.54
CA TYR D 187 -17.78 47.52 97.10
C TYR D 187 -17.87 47.30 98.60
N VAL D 188 -18.13 48.38 99.33
CA VAL D 188 -18.33 48.27 100.77
C VAL D 188 -19.57 47.43 101.02
N LEU D 189 -19.48 46.56 102.02
CA LEU D 189 -20.56 45.63 102.30
C LEU D 189 -21.62 46.32 103.14
N GLU D 190 -22.89 46.13 102.77
CA GLU D 190 -23.97 46.87 103.39
C GLU D 190 -25.22 46.01 103.47
N GLY D 191 -26.11 46.41 104.37
CA GLY D 191 -27.41 45.80 104.53
C GLY D 191 -27.32 44.35 104.96
N LYS D 192 -28.25 43.56 104.45
CA LYS D 192 -28.26 42.13 104.78
C LYS D 192 -26.95 41.48 104.39
N GLU D 193 -26.25 42.02 103.39
CA GLU D 193 -24.93 41.47 103.03
C GLU D 193 -23.96 41.59 104.17
N LEU D 194 -23.82 42.79 104.72
CA LEU D 194 -22.90 42.98 105.84
C LEU D 194 -23.37 42.17 107.03
N GLU D 195 -24.68 42.13 107.27
CA GLU D 195 -25.17 41.30 108.37
C GLU D 195 -24.74 39.86 108.18
N PHE D 196 -24.86 39.34 106.96
CA PHE D 196 -24.53 37.94 106.69
C PHE D 196 -23.05 37.68 106.90
N TYR D 197 -22.18 38.54 106.37
CA TYR D 197 -20.75 38.26 106.47
C TYR D 197 -20.23 38.49 107.89
N LEU D 198 -20.71 39.54 108.56
CA LEU D 198 -20.35 39.75 109.95
C LEU D 198 -20.85 38.61 110.82
N ARG D 199 -22.06 38.12 110.57
CA ARG D 199 -22.56 36.95 111.27
C ARG D 199 -21.69 35.74 110.99
N LYS D 200 -21.19 35.60 109.76
CA LYS D 200 -20.31 34.50 109.45
C LYS D 200 -19.03 34.56 110.27
N ILE D 201 -18.40 35.73 110.33
CA ILE D 201 -17.17 35.88 111.10
C ILE D 201 -17.44 35.61 112.57
N LYS D 202 -18.53 36.17 113.10
CA LYS D 202 -18.88 35.91 114.49
C LYS D 202 -19.18 34.44 114.74
N ALA D 203 -19.77 33.75 113.76
CA ALA D 203 -20.02 32.32 113.90
C ALA D 203 -18.70 31.56 113.98
N ARG D 204 -17.71 31.97 113.21
CA ARG D 204 -16.37 31.40 113.39
C ARG D 204 -15.81 31.74 114.76
N LYS D 205 -15.90 33.02 115.15
CA LYS D 205 -15.32 33.45 116.42
C LYS D 205 -16.32 34.39 117.10
N GLY D 206 -16.89 33.95 118.21
CA GLY D 206 -17.86 34.75 118.93
C GLY D 206 -17.95 34.41 120.41
N ALA E 1 -36.11 27.18 105.52
CA ALA E 1 -35.68 28.47 106.06
C ALA E 1 -35.20 29.39 104.94
N ASP E 2 -34.13 30.12 105.21
CA ASP E 2 -33.61 31.03 104.22
C ASP E 2 -32.91 30.26 103.10
N ILE E 3 -32.78 30.94 101.95
CA ILE E 3 -32.02 30.39 100.84
C ILE E 3 -30.52 30.42 101.08
N GLN E 4 -30.07 31.10 102.12
CA GLN E 4 -28.65 31.19 102.42
C GLN E 4 -28.21 29.91 103.13
N THR E 5 -27.43 29.09 102.44
CA THR E 5 -26.92 27.85 102.99
C THR E 5 -25.41 27.73 102.86
N GLU E 6 -24.84 28.28 101.79
CA GLU E 6 -23.42 28.18 101.56
C GLU E 6 -22.67 29.27 102.33
N ARG E 7 -21.35 29.34 102.10
CA ARG E 7 -20.50 30.27 102.82
C ARG E 7 -20.55 31.70 102.30
N ALA E 8 -21.21 31.96 101.18
CA ALA E 8 -21.31 33.29 100.62
C ALA E 8 -22.77 33.61 100.32
N TYR E 9 -23.09 34.89 100.22
CA TYR E 9 -24.44 35.27 99.84
C TYR E 9 -24.71 34.85 98.41
N GLN E 10 -25.95 34.43 98.15
CA GLN E 10 -26.39 34.07 96.81
C GLN E 10 -27.47 35.07 96.40
N LYS E 11 -27.13 36.01 95.52
CA LYS E 11 -28.03 37.07 95.15
C LYS E 11 -27.95 37.34 93.66
N GLN E 12 -29.04 37.86 93.12
CA GLN E 12 -29.10 38.13 91.69
C GLN E 12 -28.12 39.26 91.34
N PRO E 13 -27.13 39.00 90.49
CA PRO E 13 -26.18 40.07 90.15
C PRO E 13 -26.82 41.27 89.50
N THR E 14 -27.97 41.10 88.86
CA THR E 14 -28.62 42.22 88.19
C THR E 14 -29.28 43.15 89.18
N ILE E 15 -29.76 42.62 90.30
CA ILE E 15 -30.52 43.41 91.26
C ILE E 15 -29.63 43.81 92.42
N PHE E 16 -29.74 45.08 92.81
CA PHE E 16 -29.09 45.59 94.01
C PHE E 16 -30.17 45.85 95.05
N GLN E 17 -29.80 45.67 96.32
CA GLN E 17 -30.78 45.69 97.40
C GLN E 17 -30.75 46.95 98.25
N ASN E 18 -29.58 47.48 98.59
CA ASN E 18 -29.50 48.61 99.51
C ASN E 18 -29.77 49.90 98.74
N LYS E 19 -31.04 50.13 98.42
CA LYS E 19 -31.41 51.28 97.63
C LYS E 19 -31.64 52.51 98.48
N LYS E 20 -30.68 52.83 99.35
CA LYS E 20 -30.72 54.03 100.19
C LYS E 20 -32.09 54.20 100.83
N ARG E 21 -32.46 53.22 101.66
CA ARG E 21 -33.74 53.27 102.36
C ARG E 21 -33.76 54.50 103.26
N VAL E 22 -34.56 55.47 102.89
CA VAL E 22 -34.79 56.63 103.74
C VAL E 22 -35.98 56.31 104.65
N LEU E 23 -36.11 57.07 105.74
CA LEU E 23 -37.23 56.86 106.64
C LEU E 23 -38.57 57.03 105.94
N LEU E 24 -38.58 57.74 104.81
CA LEU E 24 -39.78 57.74 103.97
C LEU E 24 -40.16 56.34 103.54
N GLY E 25 -39.17 55.46 103.36
CA GLY E 25 -39.46 54.04 103.22
C GLY E 25 -39.92 53.45 104.54
N GLU E 26 -40.84 52.50 104.45
CA GLU E 26 -41.46 51.96 105.64
C GLU E 26 -40.50 51.03 106.40
N THR E 27 -40.86 50.73 107.64
CA THR E 27 -40.13 49.81 108.51
C THR E 27 -41.08 48.84 109.20
N GLY E 28 -41.92 48.15 108.43
CA GLY E 28 -41.91 48.01 106.99
C GLY E 28 -43.27 47.82 106.35
N LYS E 29 -43.33 46.87 105.42
CA LYS E 29 -42.19 46.02 105.07
C LYS E 29 -41.72 46.25 103.64
N GLU E 30 -40.42 46.50 103.48
CA GLU E 30 -39.84 46.73 102.17
C GLU E 30 -39.69 45.40 101.42
N LYS E 31 -39.75 45.46 100.10
CA LYS E 31 -39.63 44.27 99.27
C LYS E 31 -38.55 44.48 98.22
N LEU E 32 -37.59 43.55 98.16
CA LEU E 32 -36.62 43.50 97.09
C LEU E 32 -37.30 43.04 95.80
N PRO E 33 -36.90 43.58 94.66
CA PRO E 33 -37.39 43.04 93.38
C PRO E 33 -36.84 41.66 93.14
N ARG E 34 -37.54 40.90 92.32
CA ARG E 34 -37.13 39.56 91.92
C ARG E 34 -36.81 39.60 90.43
N TYR E 35 -35.64 39.12 90.06
CA TYR E 35 -35.20 39.24 88.67
C TYR E 35 -35.59 38.01 87.85
N TYR E 36 -36.07 38.27 86.64
CA TYR E 36 -36.46 37.20 85.73
C TYR E 36 -36.32 37.71 84.30
N LYS E 37 -36.32 36.77 83.36
CA LYS E 37 -36.22 37.11 81.96
C LYS E 37 -36.97 36.05 81.14
N ASN E 38 -37.41 36.45 79.96
CA ASN E 38 -38.17 35.56 79.10
C ASN E 38 -37.26 34.87 78.10
N ILE E 39 -37.77 33.78 77.53
CA ILE E 39 -37.07 33.01 76.51
C ILE E 39 -38.03 32.79 75.36
N GLY E 40 -37.48 32.52 74.18
CA GLY E 40 -38.29 32.37 72.99
C GLY E 40 -39.22 31.17 72.99
N LEU E 41 -39.68 30.79 71.79
CA LEU E 41 -40.64 29.71 71.62
C LEU E 41 -41.88 29.93 72.48
N GLY E 42 -42.13 31.17 72.86
CA GLY E 42 -43.28 31.49 73.69
C GLY E 42 -43.35 30.67 74.95
N PHE E 43 -42.20 30.34 75.53
CA PHE E 43 -42.14 29.49 76.72
C PHE E 43 -42.56 30.32 77.93
N LYS E 44 -43.70 29.97 78.51
CA LYS E 44 -44.26 30.78 79.59
C LYS E 44 -43.39 30.69 80.84
N THR E 45 -43.05 31.85 81.39
CA THR E 45 -42.27 31.89 82.63
C THR E 45 -43.15 31.44 83.79
N PRO E 46 -42.75 30.44 84.55
CA PRO E 46 -43.62 29.91 85.61
C PRO E 46 -43.92 30.94 86.69
N LYS E 47 -45.15 30.84 87.22
CA LYS E 47 -45.67 31.85 88.15
C LYS E 47 -44.81 31.99 89.40
N GLU E 48 -44.18 30.91 89.85
CA GLU E 48 -43.32 31.01 91.03
C GLU E 48 -41.93 31.52 90.65
N ALA E 49 -41.60 31.50 89.36
CA ALA E 49 -40.31 32.05 88.95
C ALA E 49 -40.29 33.56 89.13
N ILE E 50 -41.35 34.24 88.70
CA ILE E 50 -41.42 35.69 88.83
C ILE E 50 -41.50 36.09 90.30
N GLU E 51 -41.99 35.19 91.13
CA GLU E 51 -42.03 35.36 92.58
C GLU E 51 -41.17 34.29 93.24
N GLY E 52 -39.97 34.09 92.72
CA GLY E 52 -39.06 33.18 93.35
C GLY E 52 -38.49 33.75 94.63
N THR E 53 -38.22 32.87 95.57
CA THR E 53 -37.37 33.21 96.70
C THR E 53 -36.00 32.56 96.61
N TYR E 54 -35.88 31.54 95.77
CA TYR E 54 -34.63 30.81 95.60
C TYR E 54 -33.58 31.68 94.93
N ILE E 55 -32.41 31.08 94.71
CA ILE E 55 -31.34 31.69 93.95
C ILE E 55 -30.68 30.61 93.10
N ASP E 56 -30.49 30.90 91.82
CA ASP E 56 -29.79 29.97 90.94
C ASP E 56 -29.37 30.73 89.71
N LYS E 57 -28.06 30.82 89.47
CA LYS E 57 -27.58 31.53 88.30
C LYS E 57 -27.64 30.69 87.04
N LYS E 58 -27.91 29.39 87.17
CA LYS E 58 -28.17 28.55 86.01
C LYS E 58 -29.65 28.41 85.71
N CYS E 59 -30.52 29.03 86.49
CA CYS E 59 -31.94 29.01 86.20
C CYS E 59 -32.19 29.69 84.86
N PRO E 60 -32.87 29.04 83.92
CA PRO E 60 -33.11 29.67 82.62
C PRO E 60 -33.77 31.03 82.73
N PHE E 61 -34.68 31.23 83.67
CA PHE E 61 -35.36 32.50 83.82
C PHE E 61 -34.62 33.48 84.72
N THR E 62 -34.07 33.00 85.84
CA THR E 62 -33.46 33.87 86.84
C THR E 62 -31.96 33.64 86.93
N GLY E 63 -31.33 33.38 85.79
CA GLY E 63 -29.89 33.15 85.77
C GLY E 63 -29.30 33.62 84.47
N ASN E 64 -27.98 33.84 84.50
CA ASN E 64 -27.27 34.37 83.33
C ASN E 64 -26.89 33.22 82.40
N VAL E 65 -27.91 32.60 81.83
CA VAL E 65 -27.72 31.57 80.81
C VAL E 65 -28.60 31.91 79.62
N SER E 66 -28.05 31.75 78.42
CA SER E 66 -28.77 31.98 77.19
C SER E 66 -29.08 30.65 76.53
N ILE E 67 -30.35 30.41 76.25
CA ILE E 67 -30.78 29.15 75.66
C ILE E 67 -30.78 29.32 74.16
N ARG E 68 -30.04 28.44 73.48
CA ARG E 68 -29.94 28.51 72.03
C ARG E 68 -29.54 27.15 71.51
N GLY E 69 -30.01 26.83 70.31
CA GLY E 69 -29.63 25.60 69.67
C GLY E 69 -30.75 24.58 69.57
N ARG E 70 -30.52 23.42 70.14
CA ARG E 70 -31.42 22.29 69.98
C ARG E 70 -32.34 22.17 71.18
N ILE E 71 -33.63 21.97 70.92
CA ILE E 71 -34.65 21.84 71.95
C ILE E 71 -35.23 20.44 71.87
N LEU E 72 -35.42 19.81 73.02
CA LEU E 72 -35.75 18.39 73.00
C LEU E 72 -36.56 18.07 74.24
N SER E 73 -37.39 17.03 74.14
CA SER E 73 -38.17 16.50 75.25
C SER E 73 -37.43 15.35 75.92
N GLY E 74 -37.81 15.04 77.15
CA GLY E 74 -37.14 13.97 77.87
C GLY E 74 -38.04 13.35 78.90
N VAL E 75 -37.75 12.10 79.23
CA VAL E 75 -38.47 11.38 80.28
C VAL E 75 -37.57 11.31 81.50
N VAL E 76 -38.05 11.85 82.63
CA VAL E 76 -37.22 11.94 83.82
C VAL E 76 -36.90 10.54 84.33
N THR E 77 -35.71 10.41 84.92
CA THR E 77 -35.21 9.10 85.31
C THR E 77 -34.93 8.96 86.79
N LYS E 78 -34.19 9.89 87.40
CA LYS E 78 -33.75 9.74 88.79
C LYS E 78 -33.85 11.07 89.51
N MET E 79 -34.80 11.17 90.45
CA MET E 79 -35.13 12.42 91.12
C MET E 79 -34.09 12.88 92.11
N LYS E 80 -33.04 12.09 92.32
CA LYS E 80 -32.00 12.50 93.24
C LYS E 80 -31.18 13.57 92.54
N MET E 81 -29.96 13.79 93.03
CA MET E 81 -28.94 14.52 92.30
C MET E 81 -29.33 16.01 92.23
N GLN E 82 -29.21 16.64 93.40
CA GLN E 82 -29.58 18.05 93.63
C GLN E 82 -29.22 18.96 92.46
N ARG E 83 -30.15 19.86 92.14
CA ARG E 83 -29.88 21.00 91.26
C ARG E 83 -29.73 20.56 89.80
N THR E 84 -29.67 19.26 89.55
CA THR E 84 -29.78 18.78 88.18
C THR E 84 -30.80 17.66 88.13
N ILE E 85 -30.89 16.98 86.99
CA ILE E 85 -31.83 15.89 86.82
C ILE E 85 -31.38 15.10 85.61
N VAL E 86 -31.72 13.82 85.59
CA VAL E 86 -31.35 12.93 84.49
C VAL E 86 -32.61 12.50 83.78
N ILE E 87 -32.60 12.63 82.46
CA ILE E 87 -33.72 12.22 81.63
C ILE E 87 -33.22 11.18 80.65
N ARG E 88 -33.91 10.05 80.60
CA ARG E 88 -33.58 8.98 79.69
C ARG E 88 -34.52 9.07 78.49
N ARG E 89 -33.97 9.27 77.31
CA ARG E 89 -34.74 9.24 76.08
C ARG E 89 -34.28 8.06 75.26
N ASP E 90 -35.24 7.27 74.80
CA ASP E 90 -34.96 6.17 73.88
C ASP E 90 -35.46 6.57 72.51
N TYR E 91 -34.63 6.36 71.50
CA TYR E 91 -34.98 6.71 70.14
C TYR E 91 -35.16 5.45 69.31
N LEU E 92 -35.35 5.65 68.02
CA LEU E 92 -35.79 4.60 67.11
C LEU E 92 -34.76 4.51 65.98
N HIS E 93 -33.74 3.67 66.20
CA HIS E 93 -32.65 3.53 65.26
C HIS E 93 -32.99 2.49 64.20
N TYR E 94 -32.81 2.85 62.94
CA TYR E 94 -33.11 1.95 61.84
C TYR E 94 -31.84 1.31 61.32
N ILE E 95 -31.96 0.04 60.89
CA ILE E 95 -30.85 -0.72 60.34
C ILE E 95 -31.14 -0.96 58.87
N ARG E 96 -30.17 -0.64 58.01
CA ARG E 96 -30.39 -0.83 56.59
C ARG E 96 -30.49 -2.30 56.23
N LYS E 97 -29.68 -3.15 56.87
CA LYS E 97 -29.59 -4.54 56.45
C LYS E 97 -30.93 -5.25 56.55
N TYR E 98 -31.57 -5.19 57.71
CA TYR E 98 -32.80 -5.93 57.90
C TYR E 98 -34.04 -5.10 57.67
N ASN E 99 -33.90 -3.84 57.28
CA ASN E 99 -35.03 -2.94 57.09
C ASN E 99 -35.88 -2.84 58.36
N ARG E 100 -35.33 -3.30 59.48
CA ARG E 100 -36.02 -3.36 60.74
C ARG E 100 -35.44 -2.29 61.67
N PHE E 101 -35.92 -2.28 62.91
CA PHE E 101 -35.65 -1.15 63.77
C PHE E 101 -34.92 -1.56 65.04
N GLU E 102 -34.44 -0.54 65.74
CA GLU E 102 -33.59 -0.68 66.91
C GLU E 102 -33.94 0.43 67.87
N LYS E 103 -33.95 0.14 69.17
CA LYS E 103 -34.18 1.16 70.18
C LYS E 103 -32.96 1.24 71.09
N ARG E 104 -32.15 2.28 70.89
CA ARG E 104 -31.06 2.59 71.79
C ARG E 104 -31.48 3.79 72.62
N HIS E 105 -31.44 3.65 73.94
CA HIS E 105 -31.73 4.75 74.84
C HIS E 105 -30.44 5.48 75.18
N LYS E 106 -30.53 6.80 75.21
CA LYS E 106 -29.41 7.65 75.61
C LYS E 106 -29.91 8.63 76.66
N ASN E 107 -29.24 8.70 77.80
CA ASN E 107 -29.66 9.51 78.91
C ASN E 107 -28.57 10.52 79.25
N MET E 108 -28.98 11.71 79.69
CA MET E 108 -28.05 12.73 80.12
C MET E 108 -28.58 13.39 81.38
N SER E 109 -27.66 13.85 82.21
CA SER E 109 -28.04 14.68 83.34
C SER E 109 -28.18 16.13 82.89
N VAL E 110 -29.30 16.74 83.24
CA VAL E 110 -29.58 18.11 82.85
C VAL E 110 -29.96 18.89 84.10
N HIS E 111 -29.54 20.16 84.13
CA HIS E 111 -29.75 20.98 85.32
C HIS E 111 -31.21 21.38 85.44
N LEU E 112 -31.80 21.07 86.59
CA LEU E 112 -33.15 21.49 86.92
C LEU E 112 -33.06 22.61 87.94
N SER E 113 -33.39 23.83 87.52
CA SER E 113 -33.44 24.94 88.45
C SER E 113 -34.52 24.68 89.50
N PRO E 114 -34.34 25.16 90.73
CA PRO E 114 -35.28 24.80 91.81
C PRO E 114 -36.70 25.26 91.57
N CYS E 115 -36.98 25.92 90.45
CA CYS E 115 -38.32 26.38 90.17
C CYS E 115 -39.31 25.22 90.01
N PHE E 116 -38.99 24.25 89.15
CA PHE E 116 -39.94 23.19 88.81
C PHE E 116 -40.05 22.22 89.98
N ARG E 117 -40.78 22.64 91.01
CA ARG E 117 -40.83 21.88 92.25
C ARG E 117 -41.51 20.52 92.05
N ASP E 118 -42.72 20.52 91.50
CA ASP E 118 -43.49 19.28 91.37
C ASP E 118 -42.93 18.48 90.21
N VAL E 119 -42.07 17.52 90.53
CA VAL E 119 -41.54 16.58 89.55
C VAL E 119 -41.63 15.19 90.16
N GLN E 120 -42.05 14.21 89.35
CA GLN E 120 -42.14 12.83 89.80
C GLN E 120 -41.50 11.91 88.77
N ILE E 121 -41.02 10.76 89.25
CA ILE E 121 -40.42 9.76 88.37
C ILE E 121 -41.38 9.39 87.24
N GLY E 122 -40.83 9.19 86.05
CA GLY E 122 -41.65 8.89 84.89
C GLY E 122 -42.46 10.08 84.42
N ASP E 123 -41.83 11.24 84.31
CA ASP E 123 -42.48 12.45 83.83
C ASP E 123 -41.82 12.91 82.54
N ILE E 124 -42.63 13.42 81.62
CA ILE E 124 -42.13 13.92 80.33
C ILE E 124 -41.87 15.41 80.47
N VAL E 125 -40.69 15.83 80.04
CA VAL E 125 -40.23 17.19 80.24
C VAL E 125 -39.45 17.63 79.03
N THR E 126 -39.64 18.90 78.67
CA THR E 126 -38.94 19.50 77.55
C THR E 126 -37.75 20.26 78.05
N VAL E 127 -36.69 20.19 77.28
CA VAL E 127 -35.41 20.66 77.74
C VAL E 127 -34.83 21.50 76.59
N GLY E 128 -34.04 22.54 76.92
CA GLY E 128 -33.44 23.43 75.92
C GLY E 128 -31.91 23.52 76.03
N GLU E 129 -31.24 23.59 74.87
CA GLU E 129 -29.77 23.70 74.83
C GLU E 129 -29.30 25.06 75.32
N CYS E 130 -28.22 25.08 76.09
CA CYS E 130 -27.71 26.32 76.67
C CYS E 130 -26.19 26.24 76.73
N ARG E 131 -25.57 27.24 77.34
CA ARG E 131 -24.13 27.22 77.51
C ARG E 131 -23.73 26.12 78.49
N PRO E 132 -22.54 25.56 78.34
CA PRO E 132 -22.16 24.41 79.18
C PRO E 132 -22.06 24.80 80.65
N LEU E 133 -22.33 23.82 81.52
CA LEU E 133 -22.24 23.99 82.96
C LEU E 133 -21.35 22.95 83.63
N SER E 134 -21.26 21.74 83.10
CA SER E 134 -20.44 20.69 83.66
C SER E 134 -20.11 19.72 82.52
N LYS E 135 -19.63 18.52 82.87
CA LYS E 135 -19.38 17.51 81.84
C LYS E 135 -20.61 17.27 80.98
N THR E 136 -21.73 16.98 81.60
CA THR E 136 -22.88 16.40 80.94
C THR E 136 -23.94 17.44 80.59
N VAL E 137 -24.12 18.45 81.42
CA VAL E 137 -25.15 19.44 81.20
C VAL E 137 -24.70 20.37 80.08
N ARG E 138 -25.41 20.31 78.97
CA ARG E 138 -25.44 21.40 78.02
C ARG E 138 -26.87 21.87 77.86
N PHE E 139 -27.75 21.35 78.68
CA PHE E 139 -29.13 21.45 78.38
C PHE E 139 -29.79 22.03 79.63
N ASN E 140 -31.03 22.50 79.55
CA ASN E 140 -31.67 23.08 80.74
C ASN E 140 -33.18 22.93 80.65
N VAL E 141 -33.83 22.86 81.81
CA VAL E 141 -35.25 22.52 81.85
C VAL E 141 -36.08 23.78 81.68
N LEU E 142 -37.04 23.73 80.75
CA LEU E 142 -37.93 24.87 80.51
C LEU E 142 -39.38 24.60 80.87
N LYS E 143 -39.94 23.46 80.47
CA LYS E 143 -41.35 23.20 80.67
C LYS E 143 -41.55 21.78 81.15
N VAL E 144 -42.56 21.57 81.99
CA VAL E 144 -42.84 20.28 82.59
C VAL E 144 -44.30 19.93 82.38
N THR E 145 -44.56 18.73 81.88
CA THR E 145 -45.91 18.21 81.73
C THR E 145 -46.03 16.87 82.44
N LYS E 146 -47.07 16.73 83.24
CA LYS E 146 -47.24 15.54 84.07
C LYS E 146 -47.55 14.32 83.22
N ALA E 147 -47.33 13.14 83.79
CA ALA E 147 -47.58 11.87 83.11
C ALA E 147 -48.69 11.12 83.85
N ALA E 148 -49.94 11.44 83.49
CA ALA E 148 -51.12 10.79 84.07
C ALA E 148 -51.12 10.89 85.59
N GLY E 149 -50.57 11.98 86.11
CA GLY E 149 -50.46 12.17 87.53
C GLY E 149 -51.43 13.20 88.08
N THR E 150 -50.90 14.19 88.80
CA THR E 150 -51.66 15.29 89.41
C THR E 150 -52.77 14.80 90.33
N LYS E 151 -52.77 13.52 90.70
CA LYS E 151 -53.75 12.99 91.64
C LYS E 151 -53.25 11.63 92.13
N LYS E 152 -53.07 11.50 93.44
CA LYS E 152 -52.56 10.28 94.04
C LYS E 152 -53.47 9.85 95.19
N GLN E 153 -53.52 8.55 95.43
CA GLN E 153 -54.30 8.01 96.54
C GLN E 153 -53.41 7.72 97.74
N GLY F 1 -40.62 -20.29 64.88
CA GLY F 1 -39.66 -20.08 63.81
C GLY F 1 -38.55 -19.11 64.17
N LYS F 2 -38.29 -18.15 63.29
CA LYS F 2 -37.29 -17.13 63.54
C LYS F 2 -37.98 -15.82 63.90
N CYS F 3 -37.25 -14.96 64.58
CA CYS F 3 -37.79 -13.70 65.06
C CYS F 3 -38.19 -12.85 63.88
N ARG F 4 -39.34 -12.17 63.98
CA ARG F 4 -39.75 -11.32 62.86
C ARG F 4 -40.38 -10.01 63.31
N GLY F 5 -40.07 -9.54 64.51
CA GLY F 5 -40.55 -8.25 64.94
C GLY F 5 -39.93 -7.13 64.12
N LEU F 6 -40.51 -5.93 64.26
CA LEU F 6 -39.93 -4.79 63.57
C LEU F 6 -38.91 -4.07 64.43
N ARG F 7 -39.10 -4.07 65.73
CA ARG F 7 -38.17 -3.45 66.67
C ARG F 7 -37.29 -4.55 67.28
N THR F 8 -36.56 -5.24 66.41
CA THR F 8 -35.79 -6.39 66.86
C THR F 8 -34.45 -6.55 66.16
N ALA F 9 -33.98 -5.54 65.42
CA ALA F 9 -32.80 -5.72 64.59
C ALA F 9 -31.60 -6.16 65.41
N ARG F 10 -31.51 -5.72 66.67
CA ARG F 10 -30.38 -6.09 67.50
C ARG F 10 -30.28 -7.59 67.68
N LYS F 11 -31.40 -8.23 67.97
CA LYS F 11 -31.39 -9.68 68.15
C LYS F 11 -30.97 -10.38 66.87
N LEU F 12 -31.51 -9.96 65.74
CA LEU F 12 -31.17 -10.62 64.48
C LEU F 12 -29.69 -10.46 64.17
N ARG F 13 -29.16 -9.26 64.33
CA ARG F 13 -27.76 -9.02 64.02
C ARG F 13 -26.85 -9.80 64.95
N SER F 14 -27.15 -9.80 66.25
CA SER F 14 -26.32 -10.53 67.20
C SER F 14 -26.35 -12.02 66.91
N HIS F 15 -27.54 -12.56 66.64
CA HIS F 15 -27.64 -13.98 66.33
C HIS F 15 -26.89 -14.33 65.05
N ARG F 16 -27.01 -13.49 64.02
CA ARG F 16 -26.33 -13.77 62.76
C ARG F 16 -24.82 -13.72 62.93
N ARG F 17 -24.31 -12.72 63.66
CA ARG F 17 -22.88 -12.66 63.90
C ARG F 17 -22.41 -13.81 64.78
N ASP F 18 -23.26 -14.31 65.67
CA ASP F 18 -22.95 -15.53 66.40
C ASP F 18 -22.84 -16.72 65.46
N GLN F 19 -23.87 -16.93 64.66
CA GLN F 19 -23.87 -18.06 63.73
C GLN F 19 -22.94 -17.84 62.55
N LYS F 20 -22.41 -16.63 62.39
CA LYS F 20 -21.48 -16.40 61.29
C LYS F 20 -20.19 -17.16 61.48
N TRP F 21 -19.77 -17.37 62.72
CA TRP F 21 -18.50 -18.01 62.98
C TRP F 21 -18.46 -19.48 62.61
N HIS F 22 -19.59 -20.17 62.68
CA HIS F 22 -19.59 -21.62 62.62
C HIS F 22 -19.20 -22.17 61.25
N ASP F 23 -18.87 -21.32 60.29
CA ASP F 23 -18.31 -21.80 59.04
C ASP F 23 -16.78 -21.64 59.05
N LYS F 24 -16.12 -22.63 58.46
CA LYS F 24 -14.67 -22.70 58.55
C LYS F 24 -14.01 -21.47 57.94
N GLN F 25 -14.48 -21.06 56.76
CA GLN F 25 -13.76 -20.04 56.00
C GLN F 25 -13.72 -18.72 56.74
N TYR F 26 -14.87 -18.23 57.19
CA TYR F 26 -14.90 -16.94 57.86
C TYR F 26 -14.15 -17.00 59.18
N LYS F 27 -14.28 -18.11 59.91
CA LYS F 27 -13.58 -18.24 61.18
C LYS F 27 -12.08 -18.17 60.98
N LYS F 28 -11.56 -18.96 60.05
CA LYS F 28 -10.13 -18.94 59.81
C LYS F 28 -9.69 -17.60 59.23
N ALA F 29 -10.60 -16.87 58.59
CA ALA F 29 -10.24 -15.57 58.06
C ALA F 29 -10.18 -14.51 59.15
N HIS F 30 -11.04 -14.59 60.15
CA HIS F 30 -11.20 -13.50 61.11
C HIS F 30 -10.75 -13.84 62.52
N LEU F 31 -10.48 -15.11 62.82
CA LEU F 31 -9.97 -15.43 64.15
C LEU F 31 -8.60 -14.81 64.37
N GLY F 32 -7.73 -14.87 63.36
CA GLY F 32 -6.37 -14.40 63.52
C GLY F 32 -5.40 -15.55 63.68
N THR F 33 -5.83 -16.58 64.43
CA THR F 33 -4.94 -17.71 64.69
C THR F 33 -4.57 -18.45 63.42
N ALA F 34 -5.47 -18.50 62.44
CA ALA F 34 -5.14 -19.17 61.19
C ALA F 34 -4.04 -18.42 60.44
N LEU F 35 -4.10 -17.09 60.46
CA LEU F 35 -3.05 -16.30 59.85
C LEU F 35 -1.70 -16.57 60.51
N LYS F 36 -1.70 -16.77 61.83
CA LYS F 36 -0.46 -17.05 62.54
C LYS F 36 0.03 -18.46 62.27
N ALA F 37 -0.91 -19.40 62.09
CA ALA F 37 -0.54 -20.76 61.75
C ALA F 37 -0.01 -20.87 60.32
N ASN F 38 -0.38 -19.96 59.45
CA ASN F 38 0.11 -19.99 58.08
C ASN F 38 1.59 -19.62 58.09
N PRO F 39 2.48 -20.51 57.63
CA PRO F 39 3.91 -20.17 57.61
C PRO F 39 4.22 -18.95 56.76
N PHE F 40 3.47 -18.75 55.68
CA PHE F 40 3.72 -17.61 54.81
C PHE F 40 3.33 -16.29 55.45
N GLY F 41 2.65 -16.31 56.59
CA GLY F 41 2.19 -15.08 57.20
C GLY F 41 1.19 -14.35 56.34
N GLY F 42 0.49 -15.08 55.47
CA GLY F 42 -0.45 -14.50 54.55
C GLY F 42 0.11 -14.14 53.20
N ALA F 43 1.42 -14.21 53.02
CA ALA F 43 2.00 -13.90 51.73
C ALA F 43 1.64 -14.97 50.71
N SER F 44 1.77 -14.63 49.44
CA SER F 44 1.50 -15.58 48.37
C SER F 44 2.69 -16.47 48.05
N HIS F 45 3.89 -15.89 47.99
CA HIS F 45 5.11 -16.66 47.83
C HIS F 45 6.02 -16.33 49.00
N ALA F 46 7.13 -17.04 49.10
CA ALA F 46 8.05 -16.77 50.19
C ALA F 46 9.46 -17.15 49.78
N LYS F 47 10.43 -16.41 50.29
CA LYS F 47 11.83 -16.79 50.13
C LYS F 47 12.19 -17.85 51.16
N GLY F 48 12.94 -18.85 50.72
CA GLY F 48 13.37 -19.91 51.62
C GLY F 48 14.70 -20.47 51.16
N ILE F 49 15.40 -21.11 52.09
CA ILE F 49 16.71 -21.69 51.83
C ILE F 49 16.57 -23.20 51.90
N VAL F 50 17.21 -23.89 50.95
CA VAL F 50 17.01 -25.33 50.81
C VAL F 50 17.88 -26.05 51.83
N LEU F 51 17.27 -27.00 52.53
CA LEU F 51 17.94 -27.74 53.59
C LEU F 51 18.27 -29.16 53.18
N GLU F 52 17.31 -29.90 52.63
CA GLU F 52 17.55 -31.30 52.31
C GLU F 52 16.51 -31.72 51.28
N LYS F 53 16.92 -32.57 50.33
CA LYS F 53 15.99 -33.08 49.33
C LYS F 53 15.35 -34.38 49.83
N VAL F 54 14.01 -34.38 50.00
CA VAL F 54 13.27 -35.52 50.53
C VAL F 54 12.46 -36.18 49.42
N GLY F 55 12.41 -37.51 49.46
CA GLY F 55 11.43 -38.25 48.67
C GLY F 55 10.32 -38.88 49.49
N VAL F 56 9.08 -38.50 49.24
CA VAL F 56 7.92 -39.02 49.96
C VAL F 56 7.04 -39.79 48.99
N GLU F 57 6.60 -40.96 49.42
CA GLU F 57 5.71 -41.77 48.60
C GLU F 57 4.31 -41.18 48.57
N ALA F 58 3.54 -41.56 47.55
CA ALA F 58 2.19 -41.07 47.38
C ALA F 58 1.21 -41.98 48.12
N LYS F 59 -0.08 -41.83 47.83
CA LYS F 59 -1.11 -42.64 48.48
C LYS F 59 -1.04 -44.08 47.98
N GLN F 60 -2.01 -44.90 48.40
CA GLN F 60 -1.99 -46.30 48.00
C GLN F 60 -2.42 -46.53 46.56
N PRO F 61 -3.58 -46.03 46.08
CA PRO F 61 -3.98 -46.37 44.70
C PRO F 61 -2.98 -45.90 43.67
N ASN F 62 -2.13 -44.94 44.01
CA ASN F 62 -0.99 -44.57 43.20
C ASN F 62 0.27 -45.25 43.73
N SER F 63 1.24 -45.42 42.85
CA SER F 63 2.50 -46.08 43.19
C SER F 63 3.64 -45.26 42.59
N ALA F 64 4.31 -44.49 43.44
CA ALA F 64 5.44 -43.67 43.02
C ALA F 64 6.06 -43.05 44.25
N ILE F 65 7.25 -42.49 44.05
CA ILE F 65 7.86 -41.59 45.02
C ILE F 65 7.79 -40.19 44.44
N ARG F 66 7.87 -39.21 45.31
CA ARG F 66 7.76 -37.82 44.91
C ARG F 66 8.95 -37.04 45.45
N LYS F 67 9.62 -36.31 44.56
CA LYS F 67 10.80 -35.55 44.92
C LYS F 67 10.35 -34.22 45.50
N CYS F 68 10.43 -34.09 46.82
CA CYS F 68 10.14 -32.84 47.50
C CYS F 68 11.42 -32.38 48.21
N VAL F 69 11.31 -31.31 48.97
CA VAL F 69 12.48 -30.75 49.64
C VAL F 69 12.02 -29.95 50.86
N ARG F 70 12.71 -30.17 51.99
CA ARG F 70 12.48 -29.39 53.19
C ARG F 70 13.23 -28.07 53.08
N VAL F 71 12.51 -26.96 53.17
CA VAL F 71 13.09 -25.65 52.92
C VAL F 71 12.97 -24.79 54.17
N GLN F 72 14.06 -24.13 54.53
CA GLN F 72 14.09 -23.21 55.66
C GLN F 72 13.71 -21.81 55.19
N LEU F 73 12.70 -21.23 55.84
CA LEU F 73 12.29 -19.87 55.51
C LEU F 73 13.29 -18.87 56.07
N ILE F 74 13.29 -17.68 55.48
CA ILE F 74 14.12 -16.59 55.95
C ILE F 74 13.43 -15.79 57.04
N LYS F 75 12.23 -15.28 56.76
CA LYS F 75 11.38 -14.76 57.81
C LYS F 75 10.87 -15.92 58.65
N ASN F 76 10.91 -15.74 59.97
CA ASN F 76 10.38 -16.73 60.92
C ASN F 76 10.82 -18.14 60.55
N GLY F 77 12.12 -18.37 60.67
CA GLY F 77 12.72 -19.48 59.96
C GLY F 77 12.32 -20.85 60.46
N LYS F 78 11.03 -21.17 60.30
CA LYS F 78 10.60 -22.55 60.49
C LYS F 78 10.88 -23.35 59.22
N LYS F 79 10.73 -24.65 59.33
CA LYS F 79 11.06 -25.56 58.25
C LYS F 79 9.78 -26.17 57.68
N ILE F 80 9.67 -26.15 56.35
CA ILE F 80 8.52 -26.68 55.64
C ILE F 80 9.05 -27.46 54.43
N THR F 81 8.24 -28.39 53.93
CA THR F 81 8.61 -29.23 52.81
C THR F 81 7.82 -28.77 51.57
N ALA F 82 8.52 -28.55 50.47
CA ALA F 82 7.91 -28.06 49.24
C ALA F 82 8.21 -29.00 48.09
N PHE F 83 7.16 -29.39 47.37
CA PHE F 83 7.27 -30.26 46.21
C PHE F 83 7.81 -29.46 45.01
N VAL F 84 8.52 -30.14 44.13
CA VAL F 84 9.02 -29.58 42.87
C VAL F 84 8.38 -30.31 41.70
N PRO F 85 7.36 -29.74 41.03
CA PRO F 85 6.67 -30.52 40.00
C PRO F 85 7.30 -30.49 38.61
N ASN F 86 7.97 -31.55 38.22
CA ASN F 86 8.51 -31.64 36.87
C ASN F 86 9.23 -32.97 36.75
N ASP F 87 9.73 -33.24 35.55
CA ASP F 87 10.40 -34.50 35.29
C ASP F 87 11.74 -34.58 36.02
N GLY F 88 12.66 -33.68 35.69
CA GLY F 88 14.00 -33.73 36.25
C GLY F 88 14.45 -32.49 36.99
N CYS F 89 13.53 -31.62 37.42
CA CYS F 89 13.96 -30.39 38.09
C CYS F 89 14.68 -30.70 39.38
N LEU F 90 14.38 -31.84 40.00
CA LEU F 90 15.06 -32.21 41.23
C LEU F 90 16.57 -32.24 41.03
N ASN F 91 17.01 -32.67 39.85
CA ASN F 91 18.43 -32.61 39.55
C ASN F 91 18.89 -31.19 39.28
N PHE F 92 18.01 -30.35 38.74
CA PHE F 92 18.38 -28.97 38.48
C PHE F 92 18.70 -28.25 39.78
N ILE F 93 17.94 -28.53 40.83
CA ILE F 93 18.15 -27.89 42.13
C ILE F 93 19.20 -28.66 42.89
N GLU F 94 20.12 -27.94 43.53
CA GLU F 94 21.14 -28.50 44.41
C GLU F 94 20.85 -28.04 45.84
N GLU F 95 21.78 -28.33 46.75
CA GLU F 95 21.53 -27.99 48.14
C GLU F 95 21.92 -26.55 48.47
N ASN F 96 21.20 -25.98 49.44
CA ASN F 96 21.56 -24.72 50.08
C ASN F 96 21.59 -23.56 49.08
N ASP F 97 20.41 -23.26 48.53
CA ASP F 97 20.22 -22.04 47.75
C ASP F 97 18.78 -21.55 47.89
N GLU F 98 18.59 -20.29 47.55
CA GLU F 98 17.31 -19.61 47.69
C GLU F 98 16.28 -20.18 46.72
N VAL F 99 15.02 -20.17 47.13
CA VAL F 99 13.93 -20.63 46.29
C VAL F 99 12.66 -19.87 46.66
N LEU F 100 11.96 -19.36 45.65
CA LEU F 100 10.69 -18.66 45.87
C LEU F 100 9.55 -19.67 45.91
N VAL F 101 9.43 -20.34 47.05
CA VAL F 101 8.37 -21.30 47.23
C VAL F 101 7.04 -20.58 47.31
N ALA F 102 6.07 -21.04 46.52
CA ALA F 102 4.73 -20.49 46.51
C ALA F 102 3.75 -21.54 47.03
N GLY F 103 2.49 -21.13 47.15
CA GLY F 103 1.47 -22.04 47.59
C GLY F 103 1.26 -23.16 46.61
N PHE F 104 0.76 -24.29 47.12
CA PHE F 104 0.47 -25.41 46.24
C PHE F 104 -0.66 -25.08 45.28
N GLY F 105 -1.69 -24.41 45.75
CA GLY F 105 -2.76 -23.98 44.87
C GLY F 105 -4.14 -24.04 45.49
N ARG F 106 -4.32 -24.80 46.56
CA ARG F 106 -5.63 -24.97 47.16
C ARG F 106 -5.66 -24.53 48.62
N LYS F 107 -5.11 -23.35 48.90
CA LYS F 107 -5.34 -22.64 50.15
C LYS F 107 -4.86 -23.43 51.37
N GLY F 108 -3.55 -23.65 51.43
CA GLY F 108 -2.97 -24.28 52.60
C GLY F 108 -3.55 -25.65 52.87
N HIS F 109 -3.50 -26.51 51.85
CA HIS F 109 -4.14 -27.81 51.92
C HIS F 109 -3.45 -28.75 50.95
N ALA F 110 -3.32 -30.01 51.35
CA ALA F 110 -2.59 -30.98 50.54
C ALA F 110 -3.29 -31.22 49.21
N VAL F 111 -2.51 -31.57 48.20
CA VAL F 111 -2.98 -31.68 46.82
C VAL F 111 -2.66 -33.06 46.29
N GLY F 112 -3.62 -33.65 45.58
CA GLY F 112 -3.40 -34.86 44.81
C GLY F 112 -2.95 -36.03 45.66
N ASP F 113 -2.11 -36.87 45.05
CA ASP F 113 -1.58 -38.03 45.73
C ASP F 113 -0.60 -37.66 46.84
N ILE F 114 -0.04 -36.46 46.80
CA ILE F 114 0.95 -36.02 47.77
C ILE F 114 0.32 -35.87 49.14
N PRO F 115 0.87 -36.51 50.17
CA PRO F 115 0.37 -36.30 51.52
C PRO F 115 1.12 -35.20 52.26
N GLY F 116 0.39 -34.25 52.84
CA GLY F 116 0.93 -33.36 53.83
C GLY F 116 1.73 -32.17 53.33
N VAL F 117 1.91 -32.03 52.02
CA VAL F 117 2.67 -30.92 51.47
C VAL F 117 1.70 -29.92 50.85
N ARG F 118 1.86 -28.64 51.18
CA ARG F 118 1.02 -27.59 50.62
C ARG F 118 1.84 -26.52 49.89
N PHE F 119 3.04 -26.87 49.42
CA PHE F 119 3.92 -25.86 48.85
C PHE F 119 4.65 -26.46 47.66
N LYS F 120 4.71 -25.68 46.58
CA LYS F 120 5.43 -26.08 45.37
C LYS F 120 6.59 -25.13 45.17
N VAL F 121 7.66 -25.64 44.60
CA VAL F 121 8.89 -24.88 44.42
C VAL F 121 8.89 -24.25 43.04
N VAL F 122 9.02 -22.93 43.01
CA VAL F 122 9.30 -22.20 41.78
C VAL F 122 10.35 -21.16 42.09
N LYS F 123 10.96 -20.62 41.05
CA LYS F 123 11.98 -19.59 41.18
C LYS F 123 13.01 -19.98 42.23
N VAL F 124 13.80 -20.96 41.86
CA VAL F 124 15.09 -21.19 42.49
C VAL F 124 15.97 -20.00 42.12
N ALA F 125 17.21 -19.96 42.62
CA ALA F 125 18.13 -18.84 42.46
C ALA F 125 17.93 -18.17 41.11
N ASN F 126 17.99 -16.84 41.09
CA ASN F 126 17.02 -15.96 40.46
C ASN F 126 16.40 -16.49 39.16
N VAL F 127 17.11 -17.32 38.41
CA VAL F 127 16.51 -17.91 37.23
C VAL F 127 15.32 -18.80 37.62
N SER F 128 14.27 -18.73 36.81
CA SER F 128 13.01 -19.41 37.09
C SER F 128 13.06 -20.87 36.68
N LEU F 129 12.49 -21.73 37.53
CA LEU F 129 12.58 -23.17 37.33
C LEU F 129 12.07 -23.58 35.96
N LEU F 130 10.97 -22.97 35.51
CA LEU F 130 10.43 -23.29 34.20
C LEU F 130 11.42 -22.96 33.10
N ALA F 131 12.16 -21.87 33.24
CA ALA F 131 13.15 -21.51 32.23
C ALA F 131 14.30 -22.51 32.20
N LEU F 132 14.67 -23.07 33.36
CA LEU F 132 15.65 -24.15 33.36
C LEU F 132 15.10 -25.37 32.65
N TYR F 133 13.88 -25.78 32.98
CA TYR F 133 13.32 -26.99 32.40
C TYR F 133 13.22 -26.88 30.88
N LYS F 134 12.68 -25.76 30.39
CA LYS F 134 12.63 -25.55 28.95
C LYS F 134 13.97 -25.17 28.36
N GLY F 135 14.98 -24.93 29.19
CA GLY F 135 16.23 -24.43 28.68
C GLY F 135 16.17 -23.00 28.18
N LYS F 136 15.15 -22.24 28.56
CA LYS F 136 15.08 -20.84 28.16
C LYS F 136 16.24 -20.06 28.78
N LYS F 137 16.53 -20.30 30.05
CA LYS F 137 17.70 -19.74 30.71
C LYS F 137 18.30 -20.80 31.61
N GLU F 138 19.62 -20.76 31.77
CA GLU F 138 20.37 -21.85 32.38
C GLU F 138 20.83 -21.47 33.78
N ARG F 139 21.58 -22.37 34.40
CA ARG F 139 22.17 -22.11 35.70
C ARG F 139 23.18 -20.97 35.56
N PRO F 140 23.28 -20.08 36.55
CA PRO F 140 24.39 -19.12 36.54
C PRO F 140 25.64 -19.69 37.23
N ARG F 141 26.25 -20.67 36.57
CA ARG F 141 27.50 -21.24 37.04
C ARG F 141 28.57 -20.16 37.19
N MET G 1 50.40 33.22 75.33
CA MET G 1 49.81 34.37 76.03
C MET G 1 49.93 35.62 75.19
N LYS G 2 48.85 35.98 74.50
CA LYS G 2 48.84 37.13 73.61
C LYS G 2 48.01 38.23 74.26
N LEU G 3 48.57 39.43 74.32
CA LEU G 3 47.90 40.56 74.94
C LEU G 3 47.45 41.52 73.84
N ASN G 4 46.13 41.69 73.72
CA ASN G 4 45.56 42.64 72.78
C ASN G 4 45.31 43.94 73.52
N ILE G 5 46.05 44.99 73.14
CA ILE G 5 45.95 46.29 73.79
C ILE G 5 45.20 47.23 72.85
N SER G 6 44.51 48.21 73.43
CA SER G 6 43.67 49.09 72.64
C SER G 6 43.57 50.45 73.29
N PHE G 7 43.66 51.50 72.47
CA PHE G 7 43.30 52.84 72.91
C PHE G 7 41.99 53.23 72.26
N PRO G 8 40.86 53.07 72.94
CA PRO G 8 39.59 53.52 72.34
C PRO G 8 39.62 54.98 71.93
N ALA G 9 40.30 55.81 72.71
CA ALA G 9 40.41 57.22 72.36
C ALA G 9 41.19 57.42 71.05
N THR G 10 42.31 56.71 70.90
CA THR G 10 43.20 56.95 69.78
C THR G 10 43.28 55.83 68.77
N GLY G 11 42.58 54.71 69.00
CA GLY G 11 42.74 53.58 68.11
C GLY G 11 44.14 52.98 68.25
N CYS G 12 44.74 52.65 67.10
CA CYS G 12 46.10 52.11 67.04
C CYS G 12 46.24 50.85 67.89
N GLN G 13 45.14 50.15 68.12
CA GLN G 13 45.16 48.93 68.90
C GLN G 13 45.90 47.82 68.16
N LYS G 14 46.77 47.13 68.88
CA LYS G 14 47.59 46.08 68.30
C LYS G 14 47.66 44.91 69.27
N LEU G 15 48.34 43.84 68.86
CA LEU G 15 48.44 42.64 69.65
C LEU G 15 49.91 42.31 69.92
N ILE G 16 50.19 41.91 71.15
CA ILE G 16 51.52 41.54 71.58
C ILE G 16 51.44 40.23 72.37
N GLU G 17 52.46 39.40 72.22
CA GLU G 17 52.61 38.19 73.00
C GLU G 17 53.50 38.48 74.20
N VAL G 18 53.23 37.81 75.31
CA VAL G 18 54.04 37.95 76.52
C VAL G 18 54.22 36.58 77.14
N ASP G 19 55.23 36.45 78.00
CA ASP G 19 55.38 35.24 78.79
C ASP G 19 55.77 35.47 80.24
N ASP G 20 56.07 36.71 80.64
CA ASP G 20 56.58 36.95 81.99
C ASP G 20 55.50 36.63 83.01
N GLU G 21 55.67 35.51 83.72
CA GLU G 21 54.68 35.09 84.70
C GLU G 21 54.53 36.12 85.80
N ARG G 22 55.65 36.67 86.27
CA ARG G 22 55.61 37.71 87.29
C ARG G 22 54.81 38.92 86.79
N LYS G 23 54.95 39.25 85.52
CA LYS G 23 54.07 40.23 84.89
C LYS G 23 52.61 39.79 85.02
N LEU G 24 52.34 38.52 84.72
CA LEU G 24 50.96 38.05 84.71
C LEU G 24 50.37 37.96 86.11
N ARG G 25 51.21 37.89 87.15
CA ARG G 25 50.69 37.93 88.51
C ARG G 25 49.84 39.17 88.73
N THR G 26 50.26 40.30 88.14
CA THR G 26 49.60 41.58 88.38
C THR G 26 48.15 41.59 87.94
N PHE G 27 47.82 40.94 86.83
CA PHE G 27 46.43 40.84 86.42
C PHE G 27 45.85 39.46 86.58
N TYR G 28 46.54 38.55 87.26
CA TYR G 28 45.95 37.25 87.57
C TYR G 28 44.85 37.40 88.61
N GLU G 29 43.88 36.48 88.54
CA GLU G 29 42.72 36.43 89.45
C GLU G 29 42.12 37.82 89.66
N LYS G 30 41.73 38.44 88.54
CA LYS G 30 41.09 39.74 88.56
C LYS G 30 39.73 39.63 87.90
N ARG G 31 38.81 40.49 88.34
CA ARG G 31 37.54 40.61 87.67
C ARG G 31 37.73 41.34 86.34
N MET G 32 36.80 41.11 85.42
CA MET G 32 36.75 41.96 84.23
C MET G 32 36.37 43.41 84.54
N ALA G 33 36.67 44.25 83.55
CA ALA G 33 36.38 45.66 83.62
C ALA G 33 37.06 46.29 84.83
N THR G 34 38.17 45.69 85.26
CA THR G 34 38.86 46.10 86.47
C THR G 34 40.05 46.98 86.11
N GLU G 35 40.12 48.15 86.72
CA GLU G 35 41.29 49.00 86.58
C GLU G 35 42.46 48.38 87.33
N VAL G 36 43.46 47.90 86.60
CA VAL G 36 44.60 47.21 87.20
C VAL G 36 45.88 47.89 86.74
N ALA G 37 46.91 47.81 87.58
CA ALA G 37 48.17 48.47 87.32
C ALA G 37 49.08 47.54 86.53
N ALA G 38 49.26 47.85 85.24
CA ALA G 38 50.16 47.09 84.37
C ALA G 38 51.54 47.72 84.29
N ASP G 39 51.90 48.57 85.26
CA ASP G 39 53.17 49.27 85.23
C ASP G 39 54.37 48.34 85.34
N ALA G 40 54.14 47.09 85.73
CA ALA G 40 55.23 46.14 85.91
C ALA G 40 55.96 45.83 84.62
N LEU G 41 55.33 45.99 83.46
CA LEU G 41 55.94 45.55 82.21
C LEU G 41 56.94 46.59 81.74
N GLY G 42 58.19 46.16 81.62
CA GLY G 42 59.28 47.03 81.24
C GLY G 42 59.44 48.17 82.21
N GLU G 43 60.31 49.11 81.84
CA GLU G 43 60.44 50.35 82.58
C GLU G 43 59.61 51.46 81.97
N GLU G 44 58.81 51.15 80.95
CA GLU G 44 58.16 52.17 80.15
C GLU G 44 56.66 51.97 80.03
N TRP G 45 56.07 51.02 80.76
CA TRP G 45 54.64 51.00 81.00
C TRP G 45 54.24 51.80 82.22
N LYS G 46 55.06 52.78 82.61
CA LYS G 46 54.79 53.58 83.79
C LYS G 46 53.60 54.49 83.54
N GLY G 47 52.91 54.83 84.61
CA GLY G 47 51.76 55.71 84.51
C GLY G 47 50.62 55.17 83.68
N TYR G 48 50.60 53.87 83.40
CA TYR G 48 49.55 53.25 82.61
C TYR G 48 48.72 52.34 83.50
N VAL G 49 47.48 52.75 83.77
CA VAL G 49 46.49 51.87 84.36
C VAL G 49 45.57 51.40 83.26
N VAL G 50 45.10 50.16 83.36
CA VAL G 50 44.40 49.51 82.25
C VAL G 50 43.15 48.84 82.79
N ARG G 51 42.19 48.62 81.90
CA ARG G 51 40.92 48.00 82.22
C ARG G 51 40.81 46.69 81.47
N ILE G 52 40.22 45.69 82.11
CA ILE G 52 40.12 44.36 81.52
C ILE G 52 38.80 44.24 80.76
N SER G 53 38.86 44.38 79.44
CA SER G 53 37.66 44.24 78.63
C SER G 53 37.28 42.79 78.38
N GLY G 54 38.17 41.83 78.69
CA GLY G 54 37.86 40.43 78.53
C GLY G 54 39.06 39.63 78.06
N GLY G 55 38.77 38.52 77.37
CA GLY G 55 39.81 37.66 76.82
C GLY G 55 39.21 36.38 76.30
N ASN G 56 40.04 35.56 75.66
CA ASN G 56 39.53 34.38 74.99
C ASN G 56 40.30 33.16 75.45
N ASP G 57 39.58 32.09 75.79
CA ASP G 57 40.21 30.91 76.36
C ASP G 57 41.06 30.18 75.32
N LYS G 58 41.88 29.25 75.82
CA LYS G 58 42.75 28.48 74.93
C LYS G 58 41.95 27.68 73.91
N GLN G 59 40.71 27.34 74.23
CA GLN G 59 39.84 26.68 73.28
C GLN G 59 39.00 27.65 72.49
N GLY G 60 39.46 28.89 72.34
CA GLY G 60 38.70 29.87 71.59
C GLY G 60 37.39 30.24 72.23
N PHE G 61 37.25 30.04 73.53
CA PHE G 61 35.98 30.29 74.20
C PHE G 61 36.00 31.67 74.83
N PRO G 62 35.23 32.62 74.33
CA PRO G 62 35.26 33.99 74.88
C PRO G 62 34.68 34.06 76.27
N MET G 63 35.11 35.07 77.02
CA MET G 63 34.57 35.27 78.36
C MET G 63 33.37 36.21 78.27
N LYS G 64 32.35 35.93 79.07
CA LYS G 64 31.14 36.72 79.14
C LYS G 64 31.09 37.44 80.48
N GLN G 65 30.52 38.64 80.46
CA GLN G 65 30.36 39.43 81.67
C GLN G 65 29.50 38.70 82.69
N GLY G 66 29.86 38.83 83.96
CA GLY G 66 29.00 38.38 85.03
C GLY G 66 28.99 36.90 85.31
N VAL G 67 30.01 36.15 84.89
CA VAL G 67 30.04 34.73 85.21
C VAL G 67 30.38 34.52 86.67
N LEU G 68 31.28 35.35 87.22
CA LEU G 68 31.69 35.28 88.63
C LEU G 68 32.30 33.93 88.97
N THR G 69 33.06 33.38 88.02
CA THR G 69 33.69 32.07 88.20
C THR G 69 34.72 31.80 87.11
N HIS G 70 35.93 31.37 87.48
CA HIS G 70 36.92 31.02 86.49
C HIS G 70 36.59 29.70 85.82
N GLY G 71 37.19 29.46 84.67
CA GLY G 71 37.00 28.23 83.95
C GLY G 71 35.97 28.33 82.83
N ARG G 72 35.43 27.17 82.48
CA ARG G 72 34.47 27.06 81.38
C ARG G 72 33.14 26.54 81.90
N VAL G 73 32.06 27.16 81.46
CA VAL G 73 30.72 26.74 81.83
C VAL G 73 29.82 26.78 80.60
N ARG G 74 28.77 25.97 80.64
CA ARG G 74 27.75 25.93 79.61
C ARG G 74 26.56 26.75 80.05
N LEU G 75 26.03 27.57 79.15
CA LEU G 75 25.01 28.53 79.50
C LEU G 75 23.99 28.66 78.38
N LEU G 76 22.72 28.70 78.77
CA LEU G 76 21.65 28.96 77.82
C LEU G 76 21.66 30.44 77.47
N LEU G 77 21.77 30.74 76.18
CA LEU G 77 21.89 32.11 75.70
C LEU G 77 20.67 32.49 74.89
N SER G 78 20.04 33.59 75.24
CA SER G 78 18.95 34.13 74.45
C SER G 78 19.48 35.25 73.56
N LYS G 79 18.59 35.95 72.87
CA LYS G 79 19.02 36.99 71.95
C LYS G 79 19.53 38.20 72.72
N GLY G 80 20.71 38.68 72.33
CA GLY G 80 21.18 39.98 72.76
C GLY G 80 21.93 40.02 74.07
N HIS G 81 22.36 38.89 74.61
CA HIS G 81 23.17 38.96 75.82
C HIS G 81 24.62 39.28 75.49
N SER G 82 25.30 38.33 74.84
CA SER G 82 26.66 38.47 74.33
C SER G 82 27.03 37.13 73.70
N CYS G 83 28.16 37.11 73.02
CA CYS G 83 28.82 35.89 72.56
C CYS G 83 27.96 35.04 71.64
N TYR G 84 26.76 35.50 71.29
CA TYR G 84 25.81 34.65 70.59
C TYR G 84 24.87 35.51 69.77
N ARG G 85 24.90 35.34 68.46
CA ARG G 85 23.98 36.04 67.58
C ARG G 85 22.96 35.03 67.07
N PRO G 86 21.72 35.07 67.57
CA PRO G 86 20.71 34.11 67.12
C PRO G 86 20.45 34.24 65.63
N ARG G 87 20.15 33.11 64.99
CA ARG G 87 19.87 33.12 63.57
C ARG G 87 18.39 33.23 63.24
N ARG G 88 17.52 33.30 64.26
CA ARG G 88 16.12 33.60 64.05
C ARG G 88 15.60 34.36 65.26
N THR G 89 14.44 34.99 65.09
CA THR G 89 13.84 35.74 66.17
C THR G 89 13.40 34.81 67.30
N GLY G 90 13.59 35.25 68.54
CA GLY G 90 13.18 34.47 69.68
C GLY G 90 14.03 33.26 69.98
N GLU G 91 15.13 33.09 69.26
CA GLU G 91 15.93 31.88 69.37
C GLU G 91 16.78 31.91 70.62
N ARG G 92 16.86 30.78 71.31
CA ARG G 92 17.71 30.63 72.48
C ARG G 92 18.58 29.39 72.33
N LYS G 93 19.85 29.51 72.70
CA LYS G 93 20.83 28.44 72.51
C LYS G 93 21.59 28.24 73.81
N ARG G 94 22.02 27.00 74.05
CA ARG G 94 22.85 26.69 75.22
C ARG G 94 24.28 26.50 74.74
N LYS G 95 25.05 27.58 74.76
CA LYS G 95 26.45 27.55 74.35
C LYS G 95 27.35 27.60 75.57
N SER G 96 28.55 27.06 75.41
CA SER G 96 29.55 27.07 76.47
C SER G 96 30.30 28.39 76.46
N VAL G 97 30.63 28.88 77.65
CA VAL G 97 31.27 30.19 77.79
C VAL G 97 32.37 30.11 78.84
N ARG G 98 33.46 30.83 78.56
CA ARG G 98 34.56 30.92 79.51
C ARG G 98 34.22 31.88 80.63
N GLY G 99 34.70 31.56 81.83
CA GLY G 99 34.30 32.26 83.03
C GLY G 99 35.06 33.55 83.27
N CYS G 100 34.57 34.31 84.25
CA CYS G 100 34.96 35.72 84.40
C CYS G 100 36.39 35.84 84.90
N ILE G 101 36.74 35.06 85.93
CA ILE G 101 38.04 35.20 86.55
C ILE G 101 39.12 34.73 85.59
N VAL G 102 40.10 35.58 85.34
CA VAL G 102 41.15 35.28 84.37
C VAL G 102 42.28 34.54 85.07
N ASP G 103 42.87 33.58 84.37
CA ASP G 103 43.96 32.78 84.91
C ASP G 103 44.85 32.37 83.75
N ALA G 104 45.75 31.42 84.01
CA ALA G 104 46.62 30.91 82.96
C ALA G 104 45.84 30.21 81.86
N ASN G 105 44.59 29.84 82.11
CA ASN G 105 43.79 29.10 81.14
C ASN G 105 43.20 30.03 80.08
N LEU G 106 44.04 30.84 79.46
CA LEU G 106 43.54 31.87 78.57
C LEU G 106 44.45 31.99 77.36
N SER G 107 43.85 32.14 76.18
CA SER G 107 44.65 32.26 74.97
C SER G 107 45.13 33.70 74.76
N VAL G 108 44.20 34.65 74.68
CA VAL G 108 44.52 36.05 74.54
C VAL G 108 43.74 36.84 75.58
N LEU G 109 44.24 38.01 75.96
CA LEU G 109 43.58 38.90 76.90
C LEU G 109 43.46 40.28 76.28
N ASN G 110 42.24 40.75 76.02
CA ASN G 110 42.03 42.08 75.44
C ASN G 110 41.80 43.04 76.60
N LEU G 111 42.45 44.19 76.53
CA LEU G 111 42.38 45.15 77.61
C LEU G 111 42.65 46.53 77.02
N VAL G 112 42.00 47.53 77.61
CA VAL G 112 42.05 48.90 77.11
C VAL G 112 42.62 49.80 78.19
N ILE G 113 43.60 50.61 77.79
CA ILE G 113 44.26 51.55 78.69
C ILE G 113 43.43 52.82 78.78
N VAL G 114 43.10 53.21 80.00
CA VAL G 114 42.15 54.28 80.25
C VAL G 114 42.82 55.62 80.52
N LYS G 115 44.15 55.67 80.63
CA LYS G 115 44.82 56.93 80.81
C LYS G 115 46.28 56.83 80.39
N LYS G 116 46.78 57.91 79.79
CA LYS G 116 48.14 57.96 79.28
C LYS G 116 49.14 57.88 80.42
N GLY G 117 50.37 57.52 80.09
CA GLY G 117 51.43 57.28 81.05
C GLY G 117 52.48 58.37 81.08
N GLU G 118 53.66 58.01 81.58
CA GLU G 118 54.73 58.98 81.76
C GLU G 118 55.26 59.47 80.41
N LYS G 119 55.22 58.62 79.39
CA LYS G 119 55.59 59.02 78.04
C LYS G 119 54.95 58.04 77.06
N ASP G 120 55.33 58.15 75.80
CA ASP G 120 54.65 57.44 74.72
C ASP G 120 54.99 55.95 74.75
N ILE G 121 54.35 55.21 73.84
CA ILE G 121 54.57 53.78 73.66
C ILE G 121 54.67 53.55 72.16
N PRO G 122 55.63 52.76 71.68
CA PRO G 122 55.83 52.62 70.23
C PRO G 122 54.58 52.12 69.53
N GLY G 123 54.24 52.79 68.43
CA GLY G 123 53.14 52.39 67.57
C GLY G 123 51.76 52.43 68.20
N LEU G 124 51.65 52.83 69.46
CA LEU G 124 50.39 52.78 70.18
C LEU G 124 49.81 54.17 70.44
N THR G 125 50.65 55.11 70.84
CA THR G 125 50.20 56.45 71.19
C THR G 125 50.36 57.44 70.04
N ASP G 126 50.66 56.97 68.84
CA ASP G 126 50.88 57.83 67.69
C ASP G 126 50.01 57.35 66.53
N THR G 127 50.02 58.14 65.45
CA THR G 127 49.29 57.83 64.22
C THR G 127 47.84 57.48 64.51
N THR G 128 47.21 58.30 65.35
CA THR G 128 45.84 58.04 65.79
C THR G 128 44.91 58.01 64.59
N VAL G 129 44.10 56.97 64.51
CA VAL G 129 43.22 56.79 63.36
C VAL G 129 42.05 57.76 63.46
N PRO G 130 41.49 58.22 62.35
CA PRO G 130 40.43 59.23 62.42
C PRO G 130 39.05 58.63 62.59
N ARG G 131 38.03 59.49 62.64
CA ARG G 131 36.67 58.99 62.56
C ARG G 131 36.42 58.43 61.17
N ARG G 132 35.99 57.17 61.11
CA ARG G 132 35.78 56.53 59.80
C ARG G 132 34.72 57.26 59.00
N LEU G 133 33.62 57.65 59.64
CA LEU G 133 32.59 58.42 58.98
C LEU G 133 31.84 59.23 60.02
N GLY G 134 31.43 60.42 59.62
CA GLY G 134 30.76 61.33 60.53
C GLY G 134 29.34 60.90 60.82
N PRO G 135 28.71 61.62 61.74
CA PRO G 135 27.35 61.29 62.14
C PRO G 135 26.33 61.74 61.10
N LYS G 136 25.07 61.35 61.34
CA LYS G 136 24.02 61.59 60.37
C LYS G 136 22.76 62.23 60.95
N ARG G 137 22.52 62.10 62.25
CA ARG G 137 21.34 62.73 62.84
C ARG G 137 21.54 64.24 62.94
N ALA G 138 20.56 65.01 62.46
CA ALA G 138 20.73 66.45 62.38
C ALA G 138 20.44 67.13 63.71
N SER G 139 21.01 66.60 64.79
CA SER G 139 21.16 67.35 66.02
C SER G 139 22.58 67.14 66.51
N ARG G 140 23.12 65.95 66.21
CA ARG G 140 24.49 65.63 66.59
C ARG G 140 25.48 66.42 65.75
N ILE G 141 25.18 66.61 64.47
CA ILE G 141 26.08 67.36 63.60
C ILE G 141 26.21 68.79 64.11
N ARG G 142 25.09 69.46 64.32
CA ARG G 142 25.12 70.85 64.74
C ARG G 142 25.63 70.97 66.17
N LYS G 143 25.46 69.93 66.97
CA LYS G 143 26.10 69.91 68.29
C LYS G 143 27.62 69.89 68.16
N LEU G 144 28.15 69.07 67.24
CA LEU G 144 29.59 69.06 67.02
C LEU G 144 30.08 70.43 66.55
N PHE G 145 29.38 71.03 65.60
CA PHE G 145 29.74 72.35 65.12
C PHE G 145 29.28 73.46 66.04
N ASN G 146 28.64 73.12 67.16
CA ASN G 146 28.17 74.09 68.14
C ASN G 146 27.14 75.04 67.55
N LEU G 147 26.15 74.48 66.87
CA LEU G 147 25.16 75.25 66.14
C LEU G 147 23.87 75.32 66.94
N SER G 148 23.25 76.51 66.95
CA SER G 148 22.09 76.78 67.81
C SER G 148 20.76 76.71 67.06
N LYS G 149 20.59 77.57 66.06
CA LYS G 149 19.29 77.67 65.39
C LYS G 149 19.49 78.17 63.97
N GLU G 150 19.00 77.40 63.00
CA GLU G 150 19.18 77.67 61.57
C GLU G 150 20.62 78.10 61.30
N ASP G 151 21.54 77.24 61.71
CA ASP G 151 22.96 77.50 61.51
C ASP G 151 23.46 76.85 60.23
N ASP G 152 22.73 77.06 59.15
CA ASP G 152 23.09 76.63 57.79
C ASP G 152 23.62 75.19 57.80
N VAL G 153 22.74 74.27 58.20
CA VAL G 153 23.08 72.85 58.19
C VAL G 153 23.38 72.38 56.77
N ARG G 154 22.94 73.13 55.76
CA ARG G 154 23.20 72.76 54.37
C ARG G 154 24.69 72.70 54.10
N GLN G 155 25.42 73.76 54.46
CA GLN G 155 26.83 73.86 54.13
C GLN G 155 27.76 73.33 55.21
N TYR G 156 27.23 72.98 56.38
CA TYR G 156 28.06 72.67 57.53
C TYR G 156 28.16 71.17 57.79
N VAL G 157 28.00 70.37 56.74
CA VAL G 157 28.17 68.94 56.84
C VAL G 157 29.64 68.61 56.53
N VAL G 158 30.06 67.40 56.90
CA VAL G 158 31.43 66.96 56.68
C VAL G 158 31.49 66.12 55.42
N ARG G 159 32.18 66.62 54.39
CA ARG G 159 32.40 65.91 53.15
C ARG G 159 33.70 65.13 53.21
N LYS G 160 33.83 64.17 52.29
CA LYS G 160 35.01 63.31 52.24
C LYS G 160 35.49 63.20 50.80
N PRO G 161 36.79 63.04 50.61
CA PRO G 161 37.32 62.86 49.25
C PRO G 161 37.47 61.39 48.88
N LEU G 162 37.22 61.08 47.62
CA LEU G 162 37.40 59.74 47.08
C LEU G 162 38.40 59.86 45.94
N ASN G 163 39.64 59.46 46.19
CA ASN G 163 40.73 59.80 45.30
C ASN G 163 41.39 58.57 44.68
N LYS G 164 40.59 57.63 44.19
CA LYS G 164 41.15 56.47 43.53
C LYS G 164 41.76 56.85 42.19
N GLU G 165 42.87 56.18 41.86
CA GLU G 165 43.68 56.57 40.70
C GLU G 165 42.92 56.43 39.39
N GLY G 166 42.04 55.43 39.30
CA GLY G 166 41.27 55.22 38.08
C GLY G 166 40.15 56.22 37.86
N LYS G 167 40.15 57.32 38.61
CA LYS G 167 39.08 58.30 38.57
C LYS G 167 39.62 59.62 39.10
N LYS G 168 38.91 60.68 38.78
CA LYS G 168 39.21 61.97 39.39
C LYS G 168 38.71 61.96 40.84
N PRO G 169 39.55 62.30 41.81
CA PRO G 169 39.05 62.56 43.16
C PRO G 169 37.75 63.34 43.22
N ARG G 170 36.78 62.74 43.90
CA ARG G 170 35.44 63.30 44.07
C ARG G 170 35.17 63.54 45.55
N THR G 171 34.44 64.60 45.83
CA THR G 171 33.91 64.88 47.15
C THR G 171 32.64 64.07 47.38
N LYS G 172 32.25 63.94 48.64
CA LYS G 172 31.07 63.16 48.98
C LYS G 172 30.47 63.67 50.27
N ALA G 173 29.21 64.08 50.21
CA ALA G 173 28.47 64.54 51.39
C ALA G 173 27.29 63.60 51.62
N PRO G 174 27.23 62.91 52.75
CA PRO G 174 26.24 61.86 52.95
C PRO G 174 24.86 62.42 53.27
N LYS G 175 23.90 61.52 53.48
CA LYS G 175 22.48 61.86 53.54
C LYS G 175 22.08 62.26 54.95
N ILE G 176 22.12 63.55 55.21
CA ILE G 176 21.71 64.07 56.52
C ILE G 176 20.25 63.72 56.75
N GLN G 177 19.98 63.09 57.89
CA GLN G 177 18.62 62.72 58.25
C GLN G 177 18.19 63.40 59.54
N ARG G 178 16.88 63.39 59.78
CA ARG G 178 16.26 64.07 60.91
C ARG G 178 16.50 65.59 60.84
N LEU G 179 16.71 66.10 59.64
CA LEU G 179 16.87 67.53 59.42
C LEU G 179 15.55 68.15 59.01
N VAL G 180 15.41 69.45 59.29
CA VAL G 180 14.24 70.18 58.83
C VAL G 180 14.33 70.33 57.32
N THR G 181 13.24 70.02 56.63
CA THR G 181 13.21 70.03 55.18
C THR G 181 11.88 70.62 54.72
N PRO G 182 11.85 71.26 53.55
CA PRO G 182 10.55 71.60 52.97
C PRO G 182 9.67 70.39 52.77
N ARG G 183 10.26 69.21 52.57
CA ARG G 183 9.46 68.01 52.33
C ARG G 183 8.70 67.60 53.58
N VAL G 184 9.40 67.53 54.72
CA VAL G 184 8.72 67.15 55.96
C VAL G 184 7.73 68.24 56.37
N LEU G 185 8.05 69.51 56.11
CA LEU G 185 7.12 70.58 56.37
C LEU G 185 5.86 70.42 55.53
N GLN G 186 6.02 70.08 54.26
CA GLN G 186 4.88 69.82 53.39
C GLN G 186 4.08 68.63 53.90
N HIS G 187 4.77 67.58 54.36
CA HIS G 187 4.10 66.41 54.90
C HIS G 187 3.22 66.80 56.09
N LYS G 188 3.78 67.55 57.04
CA LYS G 188 3.03 67.93 58.22
C LYS G 188 1.90 68.87 57.88
N ARG G 189 2.13 69.77 56.92
CA ARG G 189 1.08 70.67 56.47
C ARG G 189 -0.07 69.89 55.84
N ARG G 190 0.25 68.86 55.05
CA ARG G 190 -0.78 67.96 54.54
C ARG G 190 -1.49 67.25 55.67
N ARG G 191 -0.77 66.88 56.71
CA ARG G 191 -1.39 66.21 57.86
C ARG G 191 -2.43 67.11 58.52
N ILE G 192 -2.03 68.34 58.84
CA ILE G 192 -2.95 69.28 59.47
C ILE G 192 -4.12 69.57 58.55
N ALA G 193 -3.87 69.68 57.24
CA ALA G 193 -4.96 69.85 56.30
C ALA G 193 -5.92 68.67 56.36
N LEU G 194 -5.38 67.45 56.44
CA LEU G 194 -6.21 66.27 56.55
C LEU G 194 -7.08 66.32 57.79
N LYS G 195 -6.49 66.75 58.91
CA LYS G 195 -7.25 66.86 60.14
C LYS G 195 -8.38 67.88 60.00
N LYS G 196 -8.08 69.00 59.36
CA LYS G 196 -9.13 69.99 59.12
C LYS G 196 -10.26 69.43 58.27
N GLN G 197 -9.90 68.79 57.15
CA GLN G 197 -10.93 68.27 56.25
C GLN G 197 -11.76 67.20 56.95
N ARG G 198 -11.13 66.31 57.70
CA ARG G 198 -11.88 65.26 58.36
C ARG G 198 -12.77 65.82 59.47
N THR G 199 -12.30 66.80 60.23
CA THR G 199 -13.17 67.38 61.26
C THR G 199 -14.35 68.13 60.65
N LYS G 200 -14.13 68.88 59.58
CA LYS G 200 -15.26 69.55 58.96
C LYS G 200 -16.20 68.55 58.32
N LYS G 201 -15.67 67.43 57.83
CA LYS G 201 -16.52 66.35 57.35
C LYS G 201 -17.40 65.81 58.46
N ASN G 202 -16.81 65.57 59.64
CA ASN G 202 -17.59 65.11 60.78
C ASN G 202 -18.70 66.10 61.09
N LYS G 203 -18.36 67.38 61.17
CA LYS G 203 -19.34 68.38 61.53
C LYS G 203 -20.48 68.44 60.51
N GLU G 204 -20.14 68.42 59.22
CA GLU G 204 -21.19 68.59 58.21
C GLU G 204 -22.05 67.35 58.10
N GLU G 205 -21.47 66.16 58.26
CA GLU G 205 -22.30 64.97 58.23
C GLU G 205 -23.19 64.89 59.47
N ALA G 206 -22.70 65.34 60.62
CA ALA G 206 -23.56 65.42 61.79
C ALA G 206 -24.71 66.39 61.55
N ALA G 207 -24.41 67.54 60.94
CA ALA G 207 -25.46 68.53 60.68
C ALA G 207 -26.50 67.99 59.71
N GLU G 208 -26.07 67.36 58.62
CA GLU G 208 -27.04 66.86 57.66
C GLU G 208 -27.82 65.68 58.23
N TYR G 209 -27.19 64.86 59.08
CA TYR G 209 -27.95 63.82 59.77
C TYR G 209 -28.97 64.41 60.72
N ALA G 210 -28.62 65.51 61.39
CA ALA G 210 -29.59 66.19 62.25
C ALA G 210 -30.77 66.71 61.44
N LYS G 211 -30.49 67.26 60.26
CA LYS G 211 -31.58 67.67 59.36
C LYS G 211 -32.43 66.47 58.95
N LEU G 212 -31.79 65.37 58.60
CA LEU G 212 -32.51 64.16 58.22
C LEU G 212 -33.41 63.69 59.35
N LEU G 213 -32.89 63.71 60.57
CA LEU G 213 -33.72 63.46 61.74
C LEU G 213 -34.83 64.49 61.87
N ALA G 214 -34.56 65.76 61.60
CA ALA G 214 -35.62 66.77 61.71
C ALA G 214 -36.77 66.45 60.78
N LYS G 215 -36.47 66.04 59.54
CA LYS G 215 -37.51 65.52 58.67
C LYS G 215 -38.10 64.23 59.25
N ARG G 216 -37.24 63.36 59.76
CA ARG G 216 -37.72 62.16 60.45
C ARG G 216 -38.49 62.57 61.70
N MET G 217 -39.21 61.61 62.26
CA MET G 217 -40.09 61.69 63.44
C MET G 217 -41.00 62.91 63.38
N LYS G 218 -40.94 63.66 62.27
CA LYS G 218 -42.00 64.58 61.92
C LYS G 218 -43.18 63.83 61.34
N GLU G 219 -42.88 62.80 60.55
CA GLU G 219 -43.92 61.87 60.13
C GLU G 219 -44.42 61.05 61.31
N ALA G 220 -43.58 60.81 62.33
CA ALA G 220 -44.05 60.11 63.52
C ALA G 220 -44.97 61.00 64.36
N LYS G 221 -44.63 62.28 64.46
CA LYS G 221 -45.55 63.23 65.08
C LYS G 221 -46.84 63.34 64.28
N GLU G 222 -46.72 63.32 62.95
CA GLU G 222 -47.91 63.34 62.10
C GLU G 222 -48.76 62.09 62.33
N LYS G 223 -48.11 60.94 62.51
CA LYS G 223 -48.82 59.69 62.76
C LYS G 223 -49.53 59.71 64.11
N ARG G 224 -48.85 60.16 65.16
CA ARG G 224 -49.48 60.22 66.47
C ARG G 224 -50.63 61.23 66.49
N GLN G 225 -50.47 62.38 65.81
CA GLN G 225 -51.56 63.35 65.76
C GLN G 225 -52.70 62.88 64.88
N GLU G 226 -52.41 62.10 63.83
CA GLU G 226 -53.48 61.47 63.06
C GLU G 226 -54.24 60.46 63.91
N GLN G 227 -53.52 59.71 64.75
CA GLN G 227 -54.18 58.78 65.66
C GLN G 227 -55.06 59.53 66.64
N ILE G 228 -54.58 60.67 67.16
CA ILE G 228 -55.40 61.46 68.08
C ILE G 228 -56.63 62.01 67.36
N ALA G 229 -56.47 62.44 66.11
CA ALA G 229 -57.61 62.94 65.34
C ALA G 229 -58.63 61.83 65.10
N LYS G 230 -58.16 60.63 64.75
CA LYS G 230 -59.07 59.48 64.65
C LYS G 230 -59.72 59.17 65.97
N ARG G 231 -59.00 59.40 67.07
CA ARG G 231 -59.55 59.20 68.41
C ARG G 231 -60.71 60.15 68.68
N ARG G 232 -60.52 61.44 68.43
CA ARG G 232 -61.50 62.44 68.83
C ARG G 232 -62.63 62.63 67.82
N ARG G 233 -62.29 62.71 66.53
CA ARG G 233 -63.24 63.21 65.54
C ARG G 233 -64.49 62.34 65.46
N LEU G 234 -64.34 61.03 65.50
CA LEU G 234 -65.46 60.11 65.48
C LEU G 234 -65.61 59.53 66.89
N SER G 235 -66.36 60.24 67.73
CA SER G 235 -66.52 59.87 69.13
C SER G 235 -67.95 59.52 69.50
N SER G 236 -68.93 59.86 68.68
CA SER G 236 -70.33 59.52 68.94
C SER G 236 -71.01 58.80 67.78
N LEU G 237 -70.68 59.15 66.55
CA LEU G 237 -71.29 58.53 65.37
C LEU G 237 -70.56 57.27 64.94
N PRO H 1 -0.99 16.25 44.57
CA PRO H 1 0.42 16.19 44.20
C PRO H 1 0.65 15.81 42.74
N VAL H 2 -0.45 15.61 42.02
CA VAL H 2 -0.39 15.12 40.65
C VAL H 2 -1.56 15.70 39.88
N ALA H 3 -1.30 16.20 38.68
CA ALA H 3 -2.32 16.81 37.84
C ALA H 3 -2.86 15.85 36.78
N ARG H 4 -2.94 14.56 37.11
CA ARG H 4 -3.39 13.55 36.17
C ARG H 4 -4.85 13.21 36.44
N SER H 5 -5.42 12.38 35.58
CA SER H 5 -6.85 12.07 35.64
C SER H 5 -7.14 10.75 36.35
N TRP H 6 -6.48 9.68 35.94
CA TRP H 6 -6.75 8.32 36.41
C TRP H 6 -8.14 7.83 36.01
N VAL H 7 -8.83 8.59 35.16
CA VAL H 7 -10.21 8.27 34.79
C VAL H 7 -10.14 7.27 33.65
N CYS H 8 -10.41 6.00 33.96
CA CYS H 8 -10.31 4.95 32.97
C CYS H 8 -11.26 3.83 33.34
N ARG H 9 -11.60 3.01 32.36
CA ARG H 9 -12.46 1.85 32.58
C ARG H 9 -12.21 0.84 31.48
N LYS H 10 -12.57 -0.40 31.77
CA LYS H 10 -12.54 -1.44 30.75
C LYS H 10 -13.60 -1.16 29.71
N THR H 11 -13.25 -1.38 28.44
CA THR H 11 -14.17 -1.15 27.35
C THR H 11 -14.90 -2.41 26.94
N TYR H 12 -14.71 -3.51 27.66
CA TYR H 12 -15.33 -4.78 27.28
C TYR H 12 -15.59 -5.61 28.52
N VAL H 13 -16.42 -6.64 28.34
CA VAL H 13 -16.78 -7.58 29.40
C VAL H 13 -16.42 -8.98 28.92
N THR H 14 -15.77 -9.75 29.78
CA THR H 14 -15.42 -11.12 29.45
C THR H 14 -16.66 -12.00 29.51
N PRO H 15 -16.64 -13.13 28.82
CA PRO H 15 -17.75 -14.10 28.96
C PRO H 15 -17.68 -14.77 30.32
N ARG H 16 -18.86 -14.97 30.92
CA ARG H 16 -18.91 -15.61 32.23
C ARG H 16 -18.57 -17.09 32.14
N ARG H 17 -19.14 -17.80 31.17
CA ARG H 17 -18.97 -19.24 31.07
C ARG H 17 -18.06 -19.56 29.89
N PRO H 18 -16.79 -19.86 30.12
CA PRO H 18 -15.90 -20.21 29.00
C PRO H 18 -16.27 -21.54 28.39
N PHE H 19 -15.93 -21.66 27.10
CA PHE H 19 -16.00 -22.92 26.36
C PHE H 19 -17.42 -23.47 26.27
N GLU H 20 -18.29 -22.72 25.61
CA GLU H 20 -19.56 -23.24 25.13
C GLU H 20 -19.53 -23.27 23.61
N LYS H 21 -19.87 -24.42 23.03
CA LYS H 21 -19.86 -24.56 21.58
C LYS H 21 -20.67 -23.46 20.92
N SER H 22 -21.91 -23.27 21.37
CA SER H 22 -22.84 -22.39 20.67
C SER H 22 -22.33 -20.95 20.63
N ARG H 23 -21.90 -20.42 21.76
CA ARG H 23 -21.39 -19.06 21.77
C ARG H 23 -20.11 -18.96 20.95
N LEU H 24 -19.26 -19.98 21.02
CA LEU H 24 -18.02 -19.97 20.25
C LEU H 24 -18.31 -19.86 18.76
N ASP H 25 -19.21 -20.70 18.27
CA ASP H 25 -19.59 -20.62 16.87
C ASP H 25 -20.28 -19.30 16.53
N GLN H 26 -21.09 -18.76 17.45
CA GLN H 26 -21.77 -17.50 17.18
C GLN H 26 -20.75 -16.38 16.98
N GLU H 27 -19.84 -16.22 17.93
CA GLU H 27 -18.84 -15.18 17.80
C GLU H 27 -17.95 -15.46 16.61
N LEU H 28 -17.70 -16.73 16.29
CA LEU H 28 -16.84 -17.02 15.16
C LEU H 28 -17.48 -16.59 13.85
N LYS H 29 -18.78 -16.88 13.67
CA LYS H 29 -19.43 -16.36 12.47
C LYS H 29 -19.40 -14.85 12.46
N LEU H 30 -19.70 -14.22 13.60
CA LEU H 30 -19.73 -12.76 13.62
C LEU H 30 -18.40 -12.16 13.20
N ILE H 31 -17.30 -12.63 13.80
CA ILE H 31 -16.00 -12.07 13.47
C ILE H 31 -15.63 -12.39 12.02
N GLY H 32 -15.77 -13.65 11.61
CA GLY H 32 -15.28 -14.04 10.31
C GLY H 32 -16.05 -13.40 9.16
N GLU H 33 -17.37 -13.37 9.26
CA GLU H 33 -18.15 -12.69 8.23
C GLU H 33 -18.15 -11.17 8.46
N TYR H 34 -17.57 -10.72 9.58
CA TYR H 34 -17.39 -9.30 9.82
C TYR H 34 -15.93 -8.87 9.81
N GLY H 35 -15.00 -9.78 9.59
CA GLY H 35 -13.61 -9.42 9.42
C GLY H 35 -12.99 -8.67 10.59
N LEU H 36 -13.21 -9.17 11.80
CA LEU H 36 -12.62 -8.56 12.97
C LEU H 36 -11.29 -9.22 13.30
N ARG H 37 -10.53 -8.57 14.18
CA ARG H 37 -9.21 -9.08 14.54
C ARG H 37 -9.29 -10.14 15.64
N ASN H 38 -9.88 -9.80 16.78
CA ASN H 38 -10.07 -10.77 17.85
C ASN H 38 -11.38 -10.44 18.55
N LYS H 39 -11.89 -11.43 19.27
CA LYS H 39 -13.23 -11.28 19.83
C LYS H 39 -13.31 -10.27 20.96
N ARG H 40 -12.20 -9.63 21.31
CA ARG H 40 -12.29 -8.48 22.21
C ARG H 40 -13.16 -7.40 21.61
N GLU H 41 -13.07 -7.21 20.29
CA GLU H 41 -13.95 -6.25 19.62
C GLU H 41 -15.41 -6.65 19.75
N VAL H 42 -15.71 -7.93 19.56
CA VAL H 42 -17.07 -8.42 19.70
C VAL H 42 -17.56 -8.19 21.12
N TRP H 43 -16.72 -8.50 22.11
CA TRP H 43 -17.09 -8.26 23.49
C TRP H 43 -17.35 -6.79 23.75
N ARG H 44 -16.52 -5.89 23.22
CA ARG H 44 -16.71 -4.48 23.46
C ARG H 44 -18.02 -4.00 22.88
N VAL H 45 -18.33 -4.40 21.65
CA VAL H 45 -19.55 -3.91 21.02
C VAL H 45 -20.78 -4.48 21.71
N LYS H 46 -20.71 -5.75 22.12
CA LYS H 46 -21.83 -6.31 22.88
C LYS H 46 -21.95 -5.63 24.25
N PHE H 47 -20.83 -5.18 24.81
CA PHE H 47 -20.85 -4.47 26.08
C PHE H 47 -21.52 -3.10 25.93
N THR H 48 -21.23 -2.40 24.84
CA THR H 48 -21.92 -1.15 24.57
C THR H 48 -23.42 -1.39 24.41
N LEU H 49 -23.78 -2.43 23.65
CA LEU H 49 -25.19 -2.76 23.47
C LEU H 49 -25.84 -3.06 24.82
N ALA H 50 -25.14 -3.79 25.68
CA ALA H 50 -25.69 -4.12 26.99
C ALA H 50 -25.88 -2.88 27.83
N LYS H 51 -24.93 -1.94 27.77
CA LYS H 51 -25.06 -0.72 28.56
C LYS H 51 -26.26 0.11 28.11
N ILE H 52 -26.43 0.25 26.79
CA ILE H 52 -27.58 1.02 26.32
C ILE H 52 -28.87 0.28 26.65
N ARG H 53 -28.86 -1.04 26.61
CA ARG H 53 -30.04 -1.80 27.02
C ARG H 53 -30.34 -1.59 28.49
N LYS H 54 -29.29 -1.52 29.32
CA LYS H 54 -29.48 -1.28 30.75
C LYS H 54 -30.10 0.09 30.99
N ALA H 55 -29.59 1.11 30.31
CA ALA H 55 -30.17 2.44 30.45
C ALA H 55 -31.62 2.47 29.99
N ALA H 56 -31.90 1.81 28.86
CA ALA H 56 -33.27 1.77 28.35
C ALA H 56 -34.19 1.03 29.30
N ARG H 57 -33.69 -0.05 29.90
CA ARG H 57 -34.48 -0.81 30.86
C ARG H 57 -34.80 0.05 32.07
N GLU H 58 -33.81 0.78 32.59
CA GLU H 58 -34.09 1.68 33.70
C GLU H 58 -35.12 2.71 33.30
N LEU H 59 -35.02 3.25 32.08
CA LEU H 59 -35.96 4.27 31.65
C LEU H 59 -37.37 3.71 31.57
N LEU H 60 -37.52 2.50 31.03
CA LEU H 60 -38.84 1.91 30.93
C LEU H 60 -39.42 1.58 32.31
N THR H 61 -38.59 1.09 33.23
CA THR H 61 -39.10 0.85 34.58
C THR H 61 -39.47 2.14 35.28
N LEU H 62 -38.94 3.28 34.82
CA LEU H 62 -39.39 4.57 35.31
C LEU H 62 -40.75 4.89 34.72
N ASP H 63 -41.59 5.55 35.52
CA ASP H 63 -42.93 5.90 35.09
C ASP H 63 -42.89 6.95 33.98
N GLU H 64 -43.91 6.93 33.13
CA GLU H 64 -44.07 7.98 32.13
C GLU H 64 -44.36 9.31 32.83
N LYS H 65 -44.33 10.38 32.04
CA LYS H 65 -44.52 11.76 32.47
C LYS H 65 -43.29 12.28 33.23
N ASP H 66 -42.35 11.42 33.59
CA ASP H 66 -41.16 11.89 34.28
C ASP H 66 -40.36 12.78 33.35
N PRO H 67 -40.07 14.03 33.73
CA PRO H 67 -39.26 14.89 32.85
C PRO H 67 -37.93 14.27 32.51
N ARG H 68 -37.29 13.61 33.47
CA ARG H 68 -36.01 12.96 33.17
C ARG H 68 -36.21 11.77 32.24
N ARG H 69 -37.31 11.04 32.40
CA ARG H 69 -37.55 9.90 31.52
C ARG H 69 -37.79 10.37 30.08
N LEU H 70 -38.66 11.37 29.90
CA LEU H 70 -38.90 11.89 28.56
C LEU H 70 -37.62 12.45 27.96
N PHE H 71 -36.88 13.25 28.73
CA PHE H 71 -35.68 13.88 28.22
C PHE H 71 -34.66 12.84 27.79
N GLU H 72 -34.41 11.84 28.65
CA GLU H 72 -33.38 10.86 28.33
C GLU H 72 -33.82 9.93 27.21
N GLY H 73 -35.10 9.55 27.17
CA GLY H 73 -35.58 8.76 26.05
C GLY H 73 -35.39 9.48 24.73
N ASN H 74 -35.78 10.76 24.69
CA ASN H 74 -35.59 11.52 23.45
C ASN H 74 -34.11 11.66 23.10
N ALA H 75 -33.26 11.88 24.10
CA ALA H 75 -31.83 11.99 23.83
C ALA H 75 -31.27 10.70 23.26
N LEU H 76 -31.64 9.57 23.86
CA LEU H 76 -31.19 8.26 23.37
C LEU H 76 -31.65 8.04 21.94
N LEU H 77 -32.93 8.32 21.67
CA LEU H 77 -33.45 8.15 20.33
C LEU H 77 -32.71 9.02 19.32
N ARG H 78 -32.49 10.28 19.68
CA ARG H 78 -31.84 11.20 18.75
C ARG H 78 -30.40 10.79 18.49
N ARG H 79 -29.69 10.31 19.51
CA ARG H 79 -28.31 9.90 19.27
C ARG H 79 -28.25 8.60 18.48
N LEU H 80 -29.24 7.72 18.65
CA LEU H 80 -29.24 6.51 17.85
C LEU H 80 -29.53 6.81 16.39
N VAL H 81 -30.53 7.66 16.12
CA VAL H 81 -30.81 8.01 14.73
C VAL H 81 -29.66 8.79 14.12
N ARG H 82 -28.96 9.60 14.93
CA ARG H 82 -27.77 10.28 14.44
C ARG H 82 -26.68 9.27 14.10
N ILE H 83 -26.54 8.22 14.92
CA ILE H 83 -25.62 7.14 14.59
C ILE H 83 -26.06 6.46 13.31
N GLY H 84 -27.36 6.19 13.17
CA GLY H 84 -27.88 5.40 12.09
C GLY H 84 -28.36 4.03 12.48
N VAL H 85 -28.13 3.61 13.72
CA VAL H 85 -28.60 2.32 14.18
C VAL H 85 -30.12 2.32 14.33
N LEU H 86 -30.73 3.49 14.41
CA LEU H 86 -32.15 3.63 14.60
C LEU H 86 -32.79 4.24 13.36
N ASP H 87 -33.89 3.64 12.90
CA ASP H 87 -34.67 4.24 11.83
C ASP H 87 -35.40 5.44 12.38
N GLU H 88 -35.48 6.51 11.58
CA GLU H 88 -36.17 7.73 11.98
C GLU H 88 -37.63 7.49 12.31
N GLY H 89 -38.24 6.43 11.77
CA GLY H 89 -39.63 6.13 11.98
C GLY H 89 -39.95 5.28 13.19
N LYS H 90 -38.96 4.92 14.00
CA LYS H 90 -39.17 4.09 15.18
C LYS H 90 -38.52 4.78 16.39
N MET H 91 -39.29 5.68 17.02
CA MET H 91 -38.84 6.45 18.17
C MET H 91 -39.37 5.88 19.48
N LYS H 92 -39.53 4.58 19.60
CA LYS H 92 -40.08 4.00 20.81
C LYS H 92 -39.00 3.21 21.52
N LEU H 93 -38.94 3.34 22.84
CA LEU H 93 -37.82 2.82 23.62
C LEU H 93 -37.75 1.29 23.56
N ASP H 94 -38.89 0.62 23.66
CA ASP H 94 -38.89 -0.84 23.57
C ASP H 94 -38.25 -1.34 22.27
N TYR H 95 -38.40 -0.59 21.18
CA TYR H 95 -37.70 -0.95 19.95
C TYR H 95 -36.20 -1.01 20.14
N ILE H 96 -35.65 -0.24 21.08
CA ILE H 96 -34.21 -0.29 21.32
C ILE H 96 -33.82 -1.65 21.89
N LEU H 97 -34.69 -2.24 22.71
CA LEU H 97 -34.38 -3.56 23.23
C LEU H 97 -34.30 -4.61 22.12
N GLY H 98 -35.19 -4.51 21.13
CA GLY H 98 -35.20 -5.46 20.04
C GLY H 98 -33.98 -5.37 19.14
N LEU H 99 -33.21 -4.29 19.23
CA LEU H 99 -32.01 -4.17 18.41
C LEU H 99 -30.98 -5.22 18.80
N LYS H 100 -30.18 -5.60 17.82
CA LYS H 100 -29.17 -6.64 17.96
C LYS H 100 -27.81 -6.07 17.59
N ILE H 101 -26.79 -6.91 17.76
CA ILE H 101 -25.42 -6.44 17.67
C ILE H 101 -24.99 -6.18 16.22
N GLU H 102 -25.43 -7.00 15.27
CA GLU H 102 -24.84 -7.00 13.94
C GLU H 102 -25.01 -5.65 13.25
N ASP H 103 -26.16 -5.00 13.43
CA ASP H 103 -26.35 -3.70 12.78
C ASP H 103 -25.45 -2.64 13.41
N PHE H 104 -25.20 -2.75 14.72
CA PHE H 104 -24.19 -1.89 15.33
C PHE H 104 -22.82 -2.15 14.70
N LEU H 105 -22.57 -3.40 14.33
CA LEU H 105 -21.33 -3.69 13.61
C LEU H 105 -21.34 -3.08 12.21
N GLU H 106 -22.51 -3.01 11.57
CA GLU H 106 -22.60 -2.39 10.26
C GLU H 106 -22.10 -0.96 10.27
N ARG H 107 -22.39 -0.21 11.32
CA ARG H 107 -21.99 1.19 11.38
C ARG H 107 -20.48 1.35 11.54
N ARG H 108 -19.75 0.27 11.77
CA ARG H 108 -18.30 0.34 11.73
C ARG H 108 -17.86 0.81 10.35
N LEU H 109 -16.95 1.77 10.33
CA LEU H 109 -16.48 2.31 9.06
C LEU H 109 -15.83 1.23 8.21
N GLN H 110 -15.21 0.23 8.84
CA GLN H 110 -14.61 -0.87 8.10
C GLN H 110 -15.66 -1.61 7.29
N THR H 111 -16.83 -1.81 7.85
CA THR H 111 -17.92 -2.41 7.11
C THR H 111 -18.54 -1.45 6.11
N GLN H 112 -18.65 -0.17 6.47
CA GLN H 112 -19.35 0.77 5.61
C GLN H 112 -18.59 1.02 4.32
N VAL H 113 -17.26 1.04 4.39
CA VAL H 113 -16.49 1.24 3.16
C VAL H 113 -16.71 0.08 2.21
N PHE H 114 -16.76 -1.15 2.73
CA PHE H 114 -17.05 -2.30 1.87
C PHE H 114 -18.46 -2.23 1.31
N LYS H 115 -19.43 -1.82 2.13
CA LYS H 115 -20.80 -1.72 1.66
C LYS H 115 -20.93 -0.70 0.56
N LEU H 116 -20.24 0.43 0.68
CA LEU H 116 -20.25 1.41 -0.41
C LEU H 116 -19.55 0.90 -1.65
N GLY H 117 -18.82 -0.21 -1.53
CA GLY H 117 -18.07 -0.76 -2.64
C GLY H 117 -16.79 -0.02 -2.94
N LEU H 118 -16.39 0.93 -2.10
CA LEU H 118 -15.18 1.68 -2.37
C LEU H 118 -13.94 0.82 -2.14
N ALA H 119 -14.02 -0.12 -1.21
CA ALA H 119 -12.92 -1.04 -0.93
C ALA H 119 -13.51 -2.44 -0.79
N LYS H 120 -13.20 -3.30 -1.75
CA LYS H 120 -13.80 -4.63 -1.82
C LYS H 120 -13.14 -5.55 -0.80
N SER H 121 -13.71 -6.76 -0.68
CA SER H 121 -13.10 -7.81 0.12
C SER H 121 -12.89 -7.36 1.55
N ILE H 122 -13.97 -7.22 2.32
CA ILE H 122 -14.03 -6.41 3.54
C ILE H 122 -12.76 -6.48 4.37
N HIS H 123 -12.08 -7.62 4.36
CA HIS H 123 -10.76 -7.68 4.96
C HIS H 123 -9.80 -6.73 4.27
N HIS H 124 -9.83 -6.69 2.93
CA HIS H 124 -9.06 -5.71 2.20
C HIS H 124 -9.51 -4.29 2.51
N ALA H 125 -10.82 -4.09 2.73
CA ALA H 125 -11.30 -2.78 3.11
C ALA H 125 -10.69 -2.33 4.43
N ARG H 126 -10.67 -3.22 5.42
CA ARG H 126 -10.08 -2.89 6.71
C ARG H 126 -8.59 -2.70 6.60
N VAL H 127 -7.92 -3.54 5.80
CA VAL H 127 -6.50 -3.34 5.64
C VAL H 127 -6.25 -1.98 5.00
N LEU H 128 -7.09 -1.56 4.06
CA LEU H 128 -6.93 -0.23 3.47
C LEU H 128 -7.23 0.87 4.47
N ILE H 129 -8.16 0.63 5.39
CA ILE H 129 -8.45 1.61 6.43
C ILE H 129 -7.23 1.81 7.31
N ARG H 130 -6.60 0.71 7.72
CA ARG H 130 -5.31 0.81 8.39
C ARG H 130 -4.25 1.42 7.48
N GLN H 131 -4.42 1.28 6.17
CA GLN H 131 -3.52 1.96 5.24
C GLN H 131 -3.94 3.40 5.00
N ARG H 132 -4.89 3.88 5.78
CA ARG H 132 -5.27 5.29 5.85
C ARG H 132 -5.47 5.89 4.47
N HIS H 133 -5.86 5.07 3.51
CA HIS H 133 -6.09 5.57 2.17
C HIS H 133 -7.44 6.24 2.01
N ILE H 134 -8.37 5.99 2.92
CA ILE H 134 -9.63 6.71 2.92
C ILE H 134 -9.42 8.11 3.50
N ARG H 135 -10.41 8.96 3.31
CA ARG H 135 -10.42 10.29 3.91
C ARG H 135 -11.85 10.65 4.28
N VAL H 136 -12.07 10.91 5.56
CA VAL H 136 -13.39 11.34 6.02
C VAL H 136 -13.59 12.78 5.59
N ARG H 137 -14.81 13.30 5.79
CA ARG H 137 -15.28 14.58 5.27
C ARG H 137 -14.20 15.66 5.20
N LYS H 138 -13.37 15.79 6.22
CA LYS H 138 -12.25 16.73 6.14
C LYS H 138 -10.95 16.15 6.68
N GLN H 139 -10.87 14.83 6.82
CA GLN H 139 -9.75 14.26 7.55
C GLN H 139 -9.49 12.84 7.07
N VAL H 140 -8.28 12.37 7.33
CA VAL H 140 -7.86 11.00 7.02
C VAL H 140 -7.82 10.20 8.31
N VAL H 141 -8.68 9.19 8.41
CA VAL H 141 -8.90 8.46 9.65
C VAL H 141 -8.48 7.02 9.47
N ASN H 142 -7.72 6.49 10.43
CA ASN H 142 -7.30 5.09 10.45
C ASN H 142 -7.80 4.45 11.73
N ILE H 143 -9.07 4.04 11.71
CA ILE H 143 -9.71 3.38 12.84
C ILE H 143 -10.76 2.42 12.29
N PRO H 144 -10.52 1.12 12.32
CA PRO H 144 -11.54 0.18 11.83
C PRO H 144 -12.83 0.24 12.61
N SER H 145 -12.77 0.47 13.92
CA SER H 145 -13.96 0.51 14.75
C SER H 145 -14.63 1.87 14.74
N PHE H 146 -14.29 2.73 13.79
CA PHE H 146 -14.90 4.05 13.68
C PHE H 146 -16.37 3.86 13.35
N ILE H 147 -17.22 4.63 14.03
CA ILE H 147 -18.65 4.59 13.75
C ILE H 147 -19.04 5.81 12.94
N VAL H 148 -19.72 5.59 11.83
CA VAL H 148 -20.14 6.70 10.99
C VAL H 148 -21.46 7.26 11.50
N ARG H 149 -21.63 8.56 11.32
CA ARG H 149 -22.90 9.22 11.57
C ARG H 149 -23.62 9.45 10.25
N LEU H 150 -24.94 9.63 10.35
CA LEU H 150 -25.78 9.68 9.15
C LEU H 150 -25.30 10.72 8.18
N ASP H 151 -24.91 11.90 8.67
CA ASP H 151 -24.44 12.95 7.78
C ASP H 151 -23.15 12.55 7.07
N SER H 152 -22.35 11.70 7.69
CA SER H 152 -21.02 11.38 7.17
C SER H 152 -20.99 10.12 6.33
N GLN H 153 -22.11 9.40 6.21
CA GLN H 153 -22.11 8.20 5.38
C GLN H 153 -21.75 8.52 3.94
N LYS H 154 -22.24 9.64 3.41
CA LYS H 154 -21.92 10.08 2.06
C LYS H 154 -20.65 10.90 2.00
N HIS H 155 -19.99 11.12 3.13
CA HIS H 155 -18.75 11.90 3.17
C HIS H 155 -17.50 11.03 3.25
N ILE H 156 -17.53 9.87 2.61
CA ILE H 156 -16.43 8.90 2.69
C ILE H 156 -15.78 8.82 1.32
N ASP H 157 -14.54 9.30 1.22
CA ASP H 157 -13.82 9.30 -0.05
C ASP H 157 -12.35 9.02 0.20
N PHE H 158 -11.66 8.60 -0.85
CA PHE H 158 -10.25 8.27 -0.76
C PHE H 158 -9.42 9.51 -0.43
N SER H 159 -8.36 9.31 0.34
CA SER H 159 -7.46 10.41 0.66
C SER H 159 -6.72 10.89 -0.58
N LEU H 160 -6.49 12.19 -0.63
CA LEU H 160 -5.75 12.76 -1.76
C LEU H 160 -4.32 12.22 -1.82
N ARG H 161 -3.67 12.07 -0.66
CA ARG H 161 -2.29 11.62 -0.64
C ARG H 161 -2.15 10.15 -1.03
N SER H 162 -3.19 9.35 -0.86
CA SER H 162 -3.13 7.97 -1.31
C SER H 162 -3.11 7.92 -2.83
N PRO H 163 -2.54 6.87 -3.41
CA PRO H 163 -2.61 6.72 -4.86
C PRO H 163 -3.98 6.21 -5.28
N TYR H 164 -5.01 6.78 -4.67
CA TYR H 164 -6.40 6.49 -5.01
C TYR H 164 -7.28 7.72 -5.06
N GLY H 165 -6.90 8.82 -4.42
CA GLY H 165 -7.58 10.09 -4.56
C GLY H 165 -6.81 10.95 -5.53
N GLY H 166 -5.97 11.84 -5.01
CA GLY H 166 -5.03 12.55 -5.84
C GLY H 166 -3.92 11.63 -6.35
N GLY H 167 -2.76 12.18 -6.64
CA GLY H 167 -1.69 11.39 -7.20
C GLY H 167 -0.77 10.77 -6.17
N ARG H 168 0.52 11.06 -6.27
CA ARG H 168 1.57 10.54 -5.40
C ARG H 168 1.51 9.02 -5.29
N PRO H 169 1.97 8.30 -6.30
CA PRO H 169 1.92 6.84 -6.24
C PRO H 169 2.91 6.32 -5.20
N GLY H 170 2.76 5.04 -4.88
CA GLY H 170 3.44 4.47 -3.73
C GLY H 170 4.93 4.23 -3.95
N ARG H 171 5.53 3.61 -2.94
CA ARG H 171 6.97 3.38 -2.95
C ARG H 171 7.34 2.18 -3.82
N VAL H 172 6.47 1.18 -3.93
CA VAL H 172 6.75 0.13 -4.89
C VAL H 172 6.60 0.68 -6.30
N LYS H 173 5.65 1.59 -6.52
CA LYS H 173 5.56 2.28 -7.80
C LYS H 173 6.86 3.00 -8.12
N ARG H 174 7.36 3.79 -7.17
CA ARG H 174 8.60 4.53 -7.40
C ARG H 174 9.76 3.57 -7.67
N LYS H 175 9.87 2.51 -6.88
CA LYS H 175 11.00 1.60 -7.03
C LYS H 175 10.96 0.91 -8.39
N ASN H 176 9.83 0.31 -8.75
CA ASN H 176 9.78 -0.41 -10.02
C ASN H 176 9.81 0.53 -11.20
N ALA H 177 9.31 1.76 -11.05
CA ALA H 177 9.39 2.73 -12.14
C ALA H 177 10.82 3.14 -12.41
N LYS H 178 11.58 3.47 -11.36
CA LYS H 178 12.99 3.76 -11.57
C LYS H 178 13.71 2.53 -12.11
N LYS H 179 13.31 1.33 -11.67
CA LYS H 179 13.93 0.12 -12.19
C LYS H 179 13.71 -0.01 -13.69
N GLY H 180 12.48 0.25 -14.14
CA GLY H 180 12.19 0.20 -15.56
C GLY H 180 12.95 1.27 -16.34
N GLN H 181 13.05 2.48 -15.79
CA GLN H 181 13.76 3.54 -16.48
C GLN H 181 15.27 3.32 -16.44
N GLY H 182 15.75 2.49 -15.51
CA GLY H 182 17.16 2.12 -15.49
C GLY H 182 17.48 0.89 -16.31
N GLY H 183 16.47 0.08 -16.63
CA GLY H 183 16.65 -1.07 -17.50
C GLY H 183 16.35 -0.83 -18.97
N ALA H 184 15.58 0.21 -19.29
CA ALA H 184 15.22 0.52 -20.66
C ALA H 184 15.31 2.02 -20.88
N GLY H 185 15.47 2.41 -22.15
CA GLY H 185 15.58 3.82 -22.50
C GLY H 185 15.47 4.07 -24.00
N ASN I 1 4.29 27.96 -0.54
CA ASN I 1 3.84 29.29 -0.93
C ASN I 1 2.89 29.23 -2.12
N ASP I 2 3.12 28.26 -3.02
CA ASP I 2 2.24 28.10 -4.16
C ASP I 2 0.83 27.72 -3.70
N THR I 3 0.72 26.70 -2.86
CA THR I 3 -0.54 26.33 -2.22
C THR I 3 -0.27 26.18 -0.73
N VAL I 4 -0.27 27.31 -0.02
CA VAL I 4 -0.19 27.36 1.44
C VAL I 4 -0.94 28.62 1.84
N THR I 5 -1.98 28.48 2.66
CA THR I 5 -2.82 29.60 3.02
C THR I 5 -2.93 29.67 4.53
N ILE I 6 -3.31 30.84 5.03
CA ILE I 6 -3.44 31.11 6.44
C ILE I 6 -4.83 31.65 6.70
N ARG I 7 -5.51 31.10 7.71
CA ARG I 7 -6.81 31.60 8.13
C ARG I 7 -6.78 31.91 9.61
N THR I 8 -7.58 32.89 10.00
CA THR I 8 -7.64 33.34 11.39
C THR I 8 -9.07 33.30 11.89
N ARG I 9 -9.21 33.04 13.19
CA ARG I 9 -10.51 32.96 13.81
C ARG I 9 -10.41 33.41 15.26
N LYS I 10 -11.59 33.62 15.87
CA LYS I 10 -11.70 34.16 17.22
C LYS I 10 -10.76 35.37 17.40
N PHE I 11 -10.86 36.31 16.47
CA PHE I 11 -9.96 37.46 16.42
C PHE I 11 -10.56 38.62 17.18
N MET I 12 -9.83 39.11 18.18
CA MET I 12 -10.32 40.20 19.02
C MET I 12 -9.21 41.22 19.21
N THR I 13 -9.60 42.47 19.35
CA THR I 13 -8.66 43.58 19.55
C THR I 13 -8.60 43.99 21.02
N ASN I 14 -7.45 44.53 21.41
CA ASN I 14 -7.28 45.01 22.78
C ASN I 14 -6.15 46.03 22.81
N ARG I 15 -6.12 46.85 23.86
CA ARG I 15 -5.17 47.96 23.93
C ARG I 15 -4.34 47.97 25.21
N LEU I 16 -4.91 47.41 26.28
CA LEU I 16 -4.19 47.30 27.58
C LEU I 16 -3.09 46.31 27.50
N LEU I 17 -3.23 45.36 26.62
CA LEU I 17 -2.14 44.50 26.26
C LEU I 17 -1.65 44.87 24.86
N GLN I 18 -2.06 46.03 24.34
CA GLN I 18 -1.50 46.65 23.13
C GLN I 18 -1.23 45.59 22.05
N ARG I 19 -2.24 44.77 21.81
CA ARG I 19 -2.10 43.65 20.88
C ARG I 19 -3.49 43.23 20.40
N LYS I 20 -3.49 42.28 19.48
CA LYS I 20 -4.69 41.62 19.02
C LYS I 20 -4.49 40.14 19.17
N GLN I 21 -5.46 39.46 19.77
CA GLN I 21 -5.39 38.03 19.99
C GLN I 21 -6.33 37.31 19.03
N MET I 22 -5.80 36.30 18.34
CA MET I 22 -6.59 35.46 17.45
C MET I 22 -5.93 34.08 17.41
N VAL I 23 -6.70 33.09 16.98
CA VAL I 23 -6.19 31.75 16.74
C VAL I 23 -6.07 31.58 15.23
N ILE I 24 -4.93 31.08 14.78
CA ILE I 24 -4.65 30.95 13.36
C ILE I 24 -4.50 29.49 13.01
N ASP I 25 -4.92 29.15 11.79
CA ASP I 25 -4.80 27.80 11.27
C ASP I 25 -4.22 27.87 9.86
N VAL I 26 -3.33 26.95 9.55
CA VAL I 26 -2.60 26.97 8.30
C VAL I 26 -2.87 25.67 7.56
N LEU I 27 -3.04 25.77 6.25
CA LEU I 27 -3.25 24.61 5.39
C LEU I 27 -2.01 24.42 4.52
N HIS I 28 -1.44 23.21 4.56
CA HIS I 28 -0.41 22.82 3.61
C HIS I 28 -0.72 21.39 3.19
N PRO I 29 -1.38 21.23 2.04
CA PRO I 29 -1.90 19.91 1.65
C PRO I 29 -0.84 18.83 1.58
N GLY I 30 0.19 19.03 0.75
CA GLY I 30 1.22 18.03 0.61
C GLY I 30 2.57 18.48 1.14
N LYS I 31 2.55 19.21 2.25
CA LYS I 31 3.77 19.79 2.81
C LYS I 31 3.91 19.39 4.27
N ALA I 32 5.14 19.48 4.76
CA ALA I 32 5.43 19.22 6.16
C ALA I 32 4.90 20.35 7.03
N THR I 33 5.15 20.25 8.33
CA THR I 33 4.83 21.34 9.24
C THR I 33 5.54 22.60 8.80
N VAL I 34 4.83 23.72 8.84
CA VAL I 34 5.35 24.98 8.32
C VAL I 34 6.19 25.68 9.39
N PRO I 35 7.43 26.06 9.08
CA PRO I 35 8.22 26.86 10.03
C PRO I 35 7.54 28.19 10.33
N LYS I 36 7.80 28.70 11.53
CA LYS I 36 7.05 29.85 12.03
C LYS I 36 7.41 31.15 11.32
N THR I 37 8.64 31.29 10.84
CA THR I 37 9.12 32.59 10.37
C THR I 37 8.31 33.10 9.19
N GLU I 38 8.09 32.27 8.18
CA GLU I 38 7.36 32.76 7.02
C GLU I 38 5.88 32.94 7.33
N ILE I 39 5.35 32.24 8.33
CA ILE I 39 4.00 32.58 8.81
C ILE I 39 4.00 33.99 9.39
N ARG I 40 5.04 34.34 10.16
CA ARG I 40 5.17 35.72 10.62
C ARG I 40 5.18 36.68 9.44
N GLU I 41 5.94 36.33 8.40
CA GLU I 41 6.03 37.18 7.23
C GLU I 41 4.67 37.35 6.56
N LYS I 42 3.94 36.25 6.40
CA LYS I 42 2.64 36.31 5.73
C LYS I 42 1.65 37.16 6.52
N LEU I 43 1.62 36.97 7.84
CA LEU I 43 0.70 37.77 8.64
C LEU I 43 1.10 39.23 8.65
N ALA I 44 2.41 39.53 8.67
CA ALA I 44 2.85 40.91 8.59
C ALA I 44 2.43 41.55 7.27
N LYS I 45 2.58 40.81 6.17
CA LYS I 45 2.24 41.36 4.86
C LYS I 45 0.72 41.52 4.71
N MET I 46 -0.05 40.62 5.31
CA MET I 46 -1.50 40.67 5.19
C MET I 46 -2.16 41.46 6.31
N TYR I 47 -1.40 41.84 7.34
CA TYR I 47 -1.90 42.75 8.35
C TYR I 47 -1.24 44.12 8.27
N LYS I 48 -0.43 44.36 7.24
CA LYS I 48 0.26 45.63 7.07
C LYS I 48 1.05 46.00 8.32
N THR I 49 1.83 45.04 8.81
CA THR I 49 2.61 45.21 10.01
C THR I 49 4.06 44.80 9.77
N THR I 50 4.92 45.24 10.67
CA THR I 50 6.32 44.85 10.59
C THR I 50 6.45 43.36 10.91
N PRO I 51 7.35 42.66 10.23
CA PRO I 51 7.50 41.23 10.49
C PRO I 51 8.43 40.94 11.66
N ASP I 52 8.28 41.69 12.75
CA ASP I 52 9.11 41.48 13.94
C ASP I 52 8.35 41.52 15.25
N VAL I 53 7.20 42.17 15.32
CA VAL I 53 6.43 42.21 16.56
C VAL I 53 5.38 41.11 16.61
N ILE I 54 5.37 40.22 15.62
CA ILE I 54 4.48 39.07 15.59
C ILE I 54 5.19 37.90 16.23
N PHE I 55 4.55 37.30 17.23
CA PHE I 55 5.08 36.11 17.90
C PHE I 55 4.09 34.97 17.70
N VAL I 56 4.59 33.77 17.45
CA VAL I 56 3.72 32.65 17.15
C VAL I 56 4.34 31.38 17.71
N PHE I 57 3.50 30.47 18.17
CA PHE I 57 3.93 29.24 18.83
C PHE I 57 2.73 28.31 18.95
N GLY I 58 2.93 27.20 19.66
CA GLY I 58 1.85 26.26 19.87
C GLY I 58 1.25 25.68 18.61
N PHE I 59 2.07 25.38 17.62
CA PHE I 59 1.58 24.89 16.33
C PHE I 59 1.49 23.38 16.38
N ARG I 60 0.27 22.85 16.25
CA ARG I 60 0.05 21.43 16.14
C ARG I 60 -0.86 21.16 14.95
N THR I 61 -0.65 20.00 14.32
CA THR I 61 -1.36 19.64 13.10
C THR I 61 -2.50 18.70 13.42
N HIS I 62 -3.65 18.94 12.79
CA HIS I 62 -4.71 17.97 12.87
C HIS I 62 -4.30 16.71 12.14
N PHE I 63 -4.83 15.57 12.62
CA PHE I 63 -4.36 14.27 12.17
C PHE I 63 -4.53 14.10 10.67
N GLY I 64 -3.49 13.59 10.03
CA GLY I 64 -3.54 13.34 8.60
C GLY I 64 -2.93 14.41 7.73
N GLY I 65 -2.33 15.44 8.31
CA GLY I 65 -1.71 16.48 7.51
C GLY I 65 -2.69 17.49 6.98
N GLY I 66 -2.14 18.53 6.35
CA GLY I 66 -2.95 19.61 5.84
C GLY I 66 -3.21 20.68 6.87
N LYS I 67 -4.35 20.59 7.53
CA LYS I 67 -4.72 21.55 8.57
C LYS I 67 -3.68 21.53 9.69
N THR I 68 -3.26 22.72 10.11
CA THR I 68 -2.41 22.91 11.29
C THR I 68 -2.86 24.20 11.95
N THR I 69 -3.15 24.13 13.24
CA THR I 69 -3.71 25.24 13.99
C THR I 69 -2.76 25.69 15.09
N GLY I 70 -2.92 26.94 15.51
CA GLY I 70 -2.06 27.49 16.54
C GLY I 70 -2.49 28.88 16.94
N PHE I 71 -1.74 29.44 17.89
CA PHE I 71 -2.03 30.75 18.45
C PHE I 71 -1.12 31.79 17.81
N GLY I 72 -1.71 32.89 17.35
CA GLY I 72 -0.93 33.97 16.79
C GLY I 72 -0.87 35.17 17.71
N MET I 73 0.28 35.85 17.77
CA MET I 73 0.42 36.97 18.71
C MET I 73 0.99 38.16 17.97
N ILE I 74 0.16 39.18 17.75
CA ILE I 74 0.56 40.43 17.12
C ILE I 74 0.43 41.55 18.13
N TYR I 75 1.52 42.29 18.33
CA TYR I 75 1.52 43.48 19.16
C TYR I 75 1.53 44.71 18.26
N ASP I 76 1.56 45.88 18.88
CA ASP I 76 1.68 47.13 18.13
C ASP I 76 3.11 47.63 18.08
N SER I 77 3.87 47.45 19.14
CA SER I 77 5.25 47.88 19.18
C SER I 77 6.08 46.85 19.91
N LEU I 78 7.26 46.57 19.37
CA LEU I 78 8.19 45.67 20.05
C LEU I 78 8.63 46.25 21.38
N ASP I 79 8.44 47.55 21.58
CA ASP I 79 8.69 48.16 22.87
C ASP I 79 7.70 47.65 23.91
N TYR I 80 6.42 47.90 23.66
CA TYR I 80 5.39 47.44 24.57
C TYR I 80 5.32 45.91 24.58
N ALA I 81 5.74 45.27 23.49
CA ALA I 81 5.92 43.82 23.51
C ALA I 81 7.00 43.43 24.51
N LYS I 82 8.14 44.14 24.49
CA LYS I 82 9.21 43.86 25.42
C LYS I 82 8.74 44.08 26.86
N LYS I 83 7.89 45.09 27.07
CA LYS I 83 7.41 45.37 28.41
C LYS I 83 6.57 44.22 28.95
N ASN I 84 5.61 43.74 28.16
CA ASN I 84 4.67 42.70 28.58
C ASN I 84 4.69 41.56 27.57
N GLU I 85 5.59 40.59 27.79
CA GLU I 85 5.65 39.38 26.96
C GLU I 85 6.59 38.39 27.61
N PRO I 86 6.25 37.10 27.64
CA PRO I 86 7.15 36.11 28.21
C PRO I 86 8.49 36.06 27.48
N LYS I 87 9.55 35.82 28.25
CA LYS I 87 10.92 35.94 27.76
C LYS I 87 11.34 34.83 26.81
N HIS I 88 10.88 33.60 27.03
CA HIS I 88 11.42 32.49 26.27
C HIS I 88 11.12 32.57 24.78
N ARG I 89 10.03 33.23 24.39
CA ARG I 89 9.81 33.47 22.96
C ARG I 89 10.86 34.41 22.41
N LEU I 90 11.18 35.49 23.14
CA LEU I 90 12.29 36.34 22.74
C LEU I 90 13.60 35.56 22.71
N ALA I 91 13.69 34.50 23.51
CA ALA I 91 14.84 33.61 23.41
C ALA I 91 14.81 32.79 22.13
N ARG I 92 13.61 32.42 21.67
CA ARG I 92 13.50 31.58 20.48
C ARG I 92 14.07 32.29 19.26
N HIS I 93 13.46 33.40 18.84
CA HIS I 93 14.07 34.30 17.87
C HIS I 93 14.85 35.31 18.71
N GLY I 94 16.16 35.22 18.68
CA GLY I 94 16.98 35.94 19.64
C GLY I 94 16.88 37.45 19.59
N LEU I 95 16.19 38.03 20.57
CA LEU I 95 16.28 39.46 20.82
C LEU I 95 16.68 39.70 22.26
N TYR I 96 16.12 38.89 23.16
CA TYR I 96 16.42 38.97 24.58
C TYR I 96 17.43 37.89 24.92
N GLU I 97 18.56 38.30 25.48
CA GLU I 97 19.59 37.35 25.87
C GLU I 97 19.08 36.47 26.99
N LYS I 98 19.52 35.21 27.00
CA LYS I 98 19.18 34.30 28.08
C LYS I 98 20.33 33.28 28.20
N LYS I 99 21.24 33.55 29.13
CA LYS I 99 22.38 32.66 29.34
C LYS I 99 22.79 32.81 30.81
N LYS I 100 22.43 31.82 31.61
CA LYS I 100 22.81 31.79 33.02
C LYS I 100 23.17 30.36 33.39
N THR I 101 23.82 30.22 34.54
CA THR I 101 24.11 28.90 35.07
C THR I 101 22.83 28.23 35.53
N SER I 102 22.87 26.91 35.63
CA SER I 102 21.67 26.16 35.98
C SER I 102 21.26 26.44 37.42
N ARG I 103 20.07 25.94 37.78
CA ARG I 103 19.55 26.19 39.12
C ARG I 103 20.37 25.48 40.19
N LYS I 104 21.11 24.43 39.81
CA LYS I 104 21.87 23.68 40.81
C LYS I 104 23.07 24.47 41.28
N GLN I 105 23.86 24.99 40.34
CA GLN I 105 24.96 25.86 40.71
C GLN I 105 24.46 27.11 41.38
N ARG I 106 23.32 27.62 40.94
CA ARG I 106 22.70 28.77 41.60
C ARG I 106 22.42 28.46 43.06
N LYS I 107 21.82 27.31 43.33
CA LYS I 107 21.45 26.96 44.71
C LYS I 107 22.68 26.72 45.57
N GLU I 108 23.69 26.02 45.04
CA GLU I 108 24.87 25.77 45.85
C GLU I 108 25.60 27.08 46.15
N ARG I 109 25.62 28.00 45.18
CA ARG I 109 26.14 29.32 45.45
C ARG I 109 25.35 30.00 46.55
N LYS I 110 24.01 29.89 46.50
CA LYS I 110 23.17 30.53 47.50
C LYS I 110 23.48 29.99 48.90
N ASN I 111 23.60 28.66 49.02
CA ASN I 111 23.95 28.08 50.30
C ASN I 111 25.35 28.50 50.74
N ARG I 112 26.27 28.68 49.80
CA ARG I 112 27.61 29.10 50.17
C ARG I 112 27.62 30.49 50.75
N MET I 113 26.99 31.46 50.06
CA MET I 113 26.95 32.80 50.62
C MET I 113 26.06 32.88 51.84
N LYS I 114 25.13 31.95 52.01
CA LYS I 114 24.39 31.83 53.27
C LYS I 114 25.30 31.39 54.41
N LYS I 115 26.27 30.52 54.11
CA LYS I 115 27.16 30.04 55.15
C LYS I 115 27.90 31.20 55.82
N VAL I 116 28.51 32.08 55.04
CA VAL I 116 29.16 33.25 55.61
C VAL I 116 28.10 34.29 55.97
N ARG I 117 28.40 35.13 56.94
CA ARG I 117 27.44 36.09 57.46
C ARG I 117 27.98 37.50 57.35
N GLY I 118 27.09 38.44 57.03
CA GLY I 118 27.37 39.84 57.23
C GLY I 118 28.35 40.43 56.26
N THR I 119 29.58 39.95 56.29
CA THR I 119 30.65 40.53 55.49
C THR I 119 30.32 40.48 54.00
N ALA I 120 30.17 41.65 53.39
CA ALA I 120 29.97 41.70 51.96
C ALA I 120 31.14 41.08 51.21
N LYS I 121 32.36 41.39 51.66
CA LYS I 121 33.56 40.95 50.95
C LYS I 121 33.61 39.44 50.83
N ALA I 122 33.38 38.73 51.92
CA ALA I 122 33.37 37.27 51.86
C ALA I 122 32.11 36.73 51.20
N ASN I 123 30.97 37.42 51.35
CA ASN I 123 29.75 36.95 50.70
C ASN I 123 29.90 36.96 49.19
N VAL I 124 30.33 38.09 48.61
CA VAL I 124 30.67 38.07 47.19
C VAL I 124 31.95 37.26 46.97
N GLY I 125 32.77 37.10 48.00
CA GLY I 125 33.91 36.21 47.92
C GLY I 125 33.56 34.75 48.02
N ALA I 126 32.29 34.44 48.25
CA ALA I 126 31.84 33.05 48.17
C ALA I 126 31.59 32.61 46.75
N GLY I 127 31.70 33.51 45.78
CA GLY I 127 31.59 33.14 44.38
C GLY I 127 32.91 33.26 43.66
N LYS I 128 33.88 33.94 44.28
CA LYS I 128 35.17 34.17 43.64
C LYS I 128 36.07 32.94 43.76
N LYS I 129 36.42 32.56 44.98
CA LYS I 129 37.20 31.35 45.21
C LYS I 129 36.34 30.10 45.07
N PRO I 130 35.12 30.04 45.69
CA PRO I 130 34.25 28.87 45.45
C PRO I 130 33.38 29.03 44.21
N LYS I 131 33.98 28.74 43.06
CA LYS I 131 33.24 28.75 41.80
C LYS I 131 32.98 27.33 41.32
N VAL J 1 18.14 -40.71 53.16
CA VAL J 1 17.14 -40.92 52.12
C VAL J 1 17.33 -42.31 51.50
N HIS J 2 16.26 -42.87 50.96
CA HIS J 2 16.34 -44.23 50.41
C HIS J 2 17.21 -44.30 49.16
N GLY J 3 17.51 -43.16 48.54
CA GLY J 3 18.38 -43.16 47.39
C GLY J 3 17.70 -43.57 46.11
N SER J 4 16.39 -43.77 46.14
CA SER J 4 15.62 -44.10 44.96
C SER J 4 15.32 -42.87 44.11
N LEU J 5 15.83 -41.70 44.52
CA LEU J 5 15.75 -40.47 43.76
C LEU J 5 16.69 -40.46 42.56
N ALA J 6 17.43 -41.55 42.33
CA ALA J 6 18.32 -41.62 41.19
C ALA J 6 17.55 -41.64 39.86
N ARG J 7 16.24 -41.85 39.90
CA ARG J 7 15.45 -42.00 38.70
C ARG J 7 14.76 -40.70 38.27
N ALA J 8 15.08 -39.58 38.90
CA ALA J 8 14.47 -38.31 38.52
C ALA J 8 14.85 -37.94 37.08
N GLY J 9 13.84 -37.63 36.28
CA GLY J 9 14.08 -37.28 34.88
C GLY J 9 14.52 -38.43 34.02
N LYS J 10 14.31 -39.67 34.48
CA LYS J 10 14.78 -40.83 33.74
C LYS J 10 14.19 -40.89 32.34
N VAL J 11 12.88 -40.64 32.23
CA VAL J 11 12.27 -40.69 30.90
C VAL J 11 12.78 -39.55 30.04
N ARG J 12 13.06 -38.39 30.64
CA ARG J 12 13.69 -37.32 29.87
C ARG J 12 15.06 -37.76 29.37
N GLY J 13 15.76 -38.60 30.14
CA GLY J 13 17.00 -39.17 29.65
C GLY J 13 16.79 -40.11 28.48
N GLN J 14 15.74 -40.93 28.54
CA GLN J 14 15.56 -42.00 27.58
C GLN J 14 14.84 -41.59 26.31
N THR J 15 14.18 -40.44 26.29
CA THR J 15 13.44 -40.05 25.09
C THR J 15 14.40 -39.73 23.95
N PRO J 16 14.13 -40.20 22.74
CA PRO J 16 14.97 -39.81 21.60
C PRO J 16 14.79 -38.33 21.28
N LYS J 17 15.82 -37.76 20.69
CA LYS J 17 15.88 -36.31 20.47
C LYS J 17 15.50 -36.02 19.03
N VAL J 18 14.22 -35.72 18.81
CA VAL J 18 13.74 -35.27 17.52
C VAL J 18 13.31 -33.82 17.67
N ALA J 19 13.50 -33.03 16.62
CA ALA J 19 13.39 -31.59 16.75
C ALA J 19 12.16 -31.05 16.02
N LYS J 20 12.05 -29.72 16.02
CA LYS J 20 10.99 -29.01 15.30
C LYS J 20 11.50 -28.69 13.91
N GLN J 21 10.97 -29.37 12.90
CA GLN J 21 11.39 -29.09 11.53
C GLN J 21 10.77 -27.78 11.03
N GLU J 22 11.38 -27.24 9.99
CA GLU J 22 10.91 -25.98 9.41
C GLU J 22 9.50 -26.13 8.89
N LYS J 23 8.68 -25.10 9.09
CA LYS J 23 7.31 -25.09 8.62
C LYS J 23 6.88 -23.65 8.39
N LYS J 24 6.05 -23.46 7.36
CA LYS J 24 5.69 -22.12 6.93
C LYS J 24 5.00 -21.35 8.05
N LYS J 25 5.50 -20.15 8.32
CA LYS J 25 5.00 -19.34 9.43
C LYS J 25 3.50 -19.08 9.28
N LYS J 26 2.74 -19.58 10.23
CA LYS J 26 1.30 -19.38 10.22
C LYS J 26 0.98 -17.89 10.39
N LYS J 27 -0.11 -17.47 9.76
CA LYS J 27 -0.56 -16.09 9.89
C LYS J 27 -1.11 -15.87 11.30
N THR J 28 -1.16 -14.61 11.70
CA THR J 28 -1.69 -14.23 13.00
C THR J 28 -2.81 -13.21 12.84
N GLY J 29 -3.31 -12.73 13.97
CA GLY J 29 -4.29 -11.67 13.97
C GLY J 29 -5.55 -12.04 13.19
N ARG J 30 -6.12 -11.02 12.54
CA ARG J 30 -7.32 -11.25 11.73
C ARG J 30 -7.03 -12.26 10.63
N ALA J 31 -5.79 -12.31 10.14
CA ALA J 31 -5.45 -13.33 9.15
C ALA J 31 -5.63 -14.72 9.75
N LYS J 32 -5.17 -14.92 10.99
CA LYS J 32 -5.41 -16.19 11.64
C LYS J 32 -6.89 -16.44 11.86
N ARG J 33 -7.65 -15.40 12.19
CA ARG J 33 -9.08 -15.59 12.36
C ARG J 33 -9.80 -15.88 11.04
N ARG J 34 -9.13 -15.65 9.91
CA ARG J 34 -9.79 -15.88 8.62
C ARG J 34 -9.90 -17.36 8.27
N MET J 35 -8.77 -18.05 8.10
CA MET J 35 -8.83 -19.26 7.30
C MET J 35 -9.50 -20.41 8.03
N GLN J 36 -9.39 -20.48 9.36
CA GLN J 36 -10.13 -21.53 10.04
C GLN J 36 -11.63 -21.29 9.93
N TYR J 37 -12.06 -20.03 9.98
CA TYR J 37 -13.46 -19.74 9.71
C TYR J 37 -13.84 -20.22 8.33
N ASN J 38 -12.98 -19.94 7.34
CA ASN J 38 -13.24 -20.43 5.99
C ASN J 38 -13.34 -21.95 5.96
N ARG J 39 -12.54 -22.61 6.80
CA ARG J 39 -12.45 -24.06 6.78
C ARG J 39 -13.59 -24.70 7.57
N ARG J 40 -14.24 -23.93 8.44
CA ARG J 40 -15.20 -24.50 9.39
C ARG J 40 -16.65 -24.20 9.06
N PHE J 41 -16.95 -23.11 8.36
CA PHE J 41 -18.33 -22.66 8.22
C PHE J 41 -18.85 -22.78 6.80
N VAL J 42 -18.20 -22.16 5.82
CA VAL J 42 -18.63 -22.27 4.42
C VAL J 42 -17.77 -23.36 3.80
N ASN J 43 -18.25 -24.59 3.93
CA ASN J 43 -17.60 -25.76 3.33
C ASN J 43 -18.58 -26.91 3.41
N VAL J 44 -18.88 -27.53 2.27
CA VAL J 44 -19.89 -28.58 2.20
C VAL J 44 -19.23 -29.80 1.55
N VAL J 45 -18.71 -30.70 2.37
CA VAL J 45 -18.13 -31.93 1.83
C VAL J 45 -19.28 -32.83 1.35
N PRO J 46 -19.16 -33.46 0.18
CA PRO J 46 -20.26 -34.29 -0.32
C PRO J 46 -20.32 -35.69 0.29
N THR J 47 -19.46 -36.02 1.25
CA THR J 47 -19.44 -37.33 1.86
C THR J 47 -20.10 -37.30 3.24
N PHE J 48 -20.54 -38.47 3.68
CA PHE J 48 -21.06 -38.65 5.03
C PHE J 48 -19.89 -38.83 6.00
N GLY J 49 -20.17 -39.28 7.22
CA GLY J 49 -19.12 -39.40 8.21
C GLY J 49 -19.50 -39.01 9.62
N LYS J 50 -20.79 -38.75 9.85
CA LYS J 50 -21.31 -38.50 11.19
C LYS J 50 -20.63 -37.30 11.85
N LYS J 51 -20.47 -36.23 11.08
CA LYS J 51 -19.97 -34.93 11.57
C LYS J 51 -18.58 -35.07 12.17
N LYS J 52 -17.63 -35.33 11.27
CA LYS J 52 -16.23 -35.56 11.62
C LYS J 52 -15.51 -34.25 11.90
N GLY J 53 -14.18 -34.29 11.91
CA GLY J 53 -13.38 -33.14 12.25
C GLY J 53 -13.05 -32.20 11.10
N PRO J 54 -12.48 -31.02 11.44
CA PRO J 54 -11.87 -30.16 10.41
C PRO J 54 -10.42 -30.55 10.19
N ASN J 55 -9.93 -31.35 11.12
CA ASN J 55 -8.67 -32.06 11.00
C ASN J 55 -8.92 -33.44 10.42
N ALA J 56 -9.88 -33.51 9.49
CA ALA J 56 -10.63 -34.73 9.23
C ALA J 56 -9.75 -35.85 8.76
N ASN J 57 -9.47 -36.77 9.67
CA ASN J 57 -8.97 -38.10 9.34
C ASN J 57 -9.89 -39.06 10.09
N SER J 58 -11.03 -39.36 9.47
CA SER J 58 -12.17 -40.02 10.12
C SER J 58 -11.97 -41.48 10.46
N GLY K 1 -90.99 -32.92 39.42
CA GLY K 1 -90.39 -31.79 38.73
C GLY K 1 -91.40 -30.78 38.23
N ALA K 2 -90.91 -29.65 37.71
CA ALA K 2 -91.80 -28.62 37.21
C ALA K 2 -92.72 -29.17 36.13
N LEU K 3 -92.18 -29.93 35.20
CA LEU K 3 -93.00 -30.50 34.14
C LEU K 3 -93.95 -31.54 34.73
N ASP K 4 -95.25 -31.34 34.48
CA ASP K 4 -96.22 -32.36 34.85
C ASP K 4 -96.03 -33.63 34.04
N VAL K 5 -95.73 -33.50 32.74
CA VAL K 5 -95.66 -34.66 31.86
C VAL K 5 -94.67 -35.70 32.38
N LEU K 6 -93.63 -35.27 33.07
CA LEU K 6 -92.72 -36.19 33.74
C LEU K 6 -92.88 -36.01 35.26
N GLN K 7 -93.61 -36.94 35.88
CA GLN K 7 -94.01 -36.85 37.29
C GLN K 7 -94.23 -38.25 37.85
N MET K 8 -94.67 -38.32 39.13
CA MET K 8 -94.59 -39.52 39.97
C MET K 8 -95.06 -40.78 39.27
N LYS K 9 -96.17 -40.75 38.54
CA LYS K 9 -96.70 -41.95 37.89
C LYS K 9 -96.87 -43.05 38.94
N GLU K 10 -97.77 -42.74 39.89
CA GLU K 10 -97.85 -43.40 41.19
C GLU K 10 -97.75 -44.93 41.11
N GLU K 11 -98.10 -45.52 39.97
CA GLU K 11 -97.78 -46.92 39.75
C GLU K 11 -96.27 -47.13 39.86
N ASP K 12 -95.50 -46.26 39.20
CA ASP K 12 -94.06 -46.41 39.17
C ASP K 12 -93.47 -46.31 40.57
N VAL K 13 -93.98 -45.39 41.38
CA VAL K 13 -93.35 -45.20 42.68
C VAL K 13 -93.85 -46.20 43.69
N LEU K 14 -95.06 -46.70 43.51
CA LEU K 14 -95.45 -47.88 44.27
C LEU K 14 -94.51 -49.03 43.97
N LYS K 15 -94.16 -49.22 42.69
CA LYS K 15 -93.21 -50.25 42.37
C LYS K 15 -91.82 -49.90 42.88
N PHE K 16 -91.57 -48.60 43.06
CA PHE K 16 -90.28 -48.12 43.54
C PHE K 16 -90.06 -48.53 44.98
N LEU K 17 -91.03 -48.23 45.84
CA LEU K 17 -90.95 -48.59 47.25
C LEU K 17 -91.19 -50.08 47.47
N ALA K 18 -91.90 -50.75 46.57
CA ALA K 18 -92.15 -52.17 46.72
C ALA K 18 -90.87 -52.99 46.71
N ALA K 19 -89.86 -52.59 45.94
CA ALA K 19 -88.61 -53.31 45.83
C ALA K 19 -87.59 -52.87 46.87
N GLY K 20 -88.05 -52.38 48.01
CA GLY K 20 -87.12 -51.82 48.97
C GLY K 20 -86.51 -50.55 48.41
N THR K 21 -85.19 -50.58 48.23
CA THR K 21 -84.37 -49.59 47.51
C THR K 21 -84.60 -48.16 48.01
N HIS K 22 -85.34 -48.01 49.10
CA HIS K 22 -85.35 -46.76 49.83
C HIS K 22 -84.59 -46.85 51.13
N LEU K 23 -84.16 -48.06 51.50
CA LEU K 23 -83.38 -48.30 52.70
C LEU K 23 -82.00 -48.81 52.28
N GLY K 24 -80.95 -48.16 52.80
CA GLY K 24 -79.60 -48.47 52.41
C GLY K 24 -78.55 -48.38 53.49
N GLY K 25 -78.93 -48.59 54.75
CA GLY K 25 -78.02 -48.44 55.86
C GLY K 25 -76.88 -49.45 55.83
N THR K 26 -76.21 -49.56 56.98
CA THR K 26 -76.50 -48.84 58.20
C THR K 26 -75.47 -47.74 58.46
N ASN K 27 -74.55 -47.57 57.52
CA ASN K 27 -73.49 -46.58 57.65
C ASN K 27 -73.65 -45.51 56.57
N LEU K 28 -73.38 -44.27 56.94
CA LEU K 28 -73.64 -43.12 56.07
C LEU K 28 -72.32 -42.57 55.56
N ASP K 29 -72.16 -42.59 54.23
CA ASP K 29 -71.08 -41.84 53.61
C ASP K 29 -71.46 -40.37 53.56
N PHE K 30 -70.62 -39.53 54.15
CA PHE K 30 -71.00 -38.15 54.42
C PHE K 30 -71.38 -37.37 53.18
N GLN K 31 -70.84 -37.72 52.02
CA GLN K 31 -71.13 -36.95 50.82
C GLN K 31 -72.59 -37.00 50.43
N MET K 32 -73.35 -37.96 50.93
CA MET K 32 -74.72 -38.11 50.49
C MET K 32 -75.73 -37.70 51.54
N GLU K 33 -75.35 -36.79 52.44
CA GLU K 33 -76.33 -36.21 53.36
C GLU K 33 -77.46 -35.51 52.60
N GLN K 34 -77.17 -35.00 51.41
CA GLN K 34 -78.21 -34.37 50.61
C GLN K 34 -79.34 -35.33 50.28
N TYR K 35 -78.99 -36.54 49.83
CA TYR K 35 -79.98 -37.45 49.28
C TYR K 35 -80.59 -38.36 50.33
N ILE K 36 -79.86 -38.70 51.38
CA ILE K 36 -80.43 -39.48 52.47
C ILE K 36 -81.51 -38.65 53.14
N TYR K 37 -82.68 -39.25 53.36
CA TYR K 37 -83.76 -38.49 53.98
C TYR K 37 -83.60 -38.49 55.50
N LYS K 38 -83.59 -39.67 56.12
CA LYS K 38 -83.45 -39.78 57.57
C LYS K 38 -83.23 -41.25 57.94
N ARG K 39 -82.46 -41.48 59.00
CA ARG K 39 -82.12 -42.84 59.43
C ARG K 39 -83.29 -43.46 60.17
N LYS K 40 -83.87 -44.51 59.60
CA LYS K 40 -85.06 -45.13 60.18
C LYS K 40 -84.73 -45.81 61.50
N SER K 41 -85.79 -46.11 62.27
CA SER K 41 -85.62 -46.63 63.62
C SER K 41 -84.81 -47.91 63.65
N ASP K 42 -84.85 -48.70 62.58
CA ASP K 42 -84.10 -49.94 62.49
C ASP K 42 -82.66 -49.71 62.05
N GLY K 43 -82.14 -48.51 62.21
CA GLY K 43 -80.76 -48.23 61.89
C GLY K 43 -80.46 -48.19 60.41
N ILE K 44 -81.46 -48.37 59.57
CA ILE K 44 -81.29 -48.29 58.13
C ILE K 44 -81.59 -46.87 57.69
N TYR K 45 -80.85 -46.40 56.71
CA TYR K 45 -80.95 -45.01 56.28
C TYR K 45 -81.94 -44.90 55.12
N ILE K 46 -82.89 -43.98 55.25
CA ILE K 46 -83.96 -43.82 54.27
C ILE K 46 -83.64 -42.65 53.37
N ILE K 47 -83.58 -42.89 52.09
CA ILE K 47 -83.30 -41.85 51.11
C ILE K 47 -84.59 -41.12 50.77
N ASN K 48 -84.48 -39.84 50.42
CA ASN K 48 -85.62 -39.12 49.89
C ASN K 48 -85.94 -39.64 48.49
N LEU K 49 -87.12 -40.22 48.32
CA LEU K 49 -87.43 -40.92 47.08
C LEU K 49 -87.40 -39.98 45.88
N LYS K 50 -88.11 -38.86 45.96
CA LYS K 50 -88.14 -37.95 44.83
C LYS K 50 -86.77 -37.44 44.46
N ARG K 51 -85.88 -37.32 45.45
CA ARG K 51 -84.50 -36.93 45.15
C ARG K 51 -83.85 -37.93 44.23
N THR K 52 -83.93 -39.21 44.57
CA THR K 52 -83.36 -40.25 43.72
C THR K 52 -84.03 -40.25 42.37
N TRP K 53 -85.33 -39.99 42.34
CA TRP K 53 -86.02 -39.95 41.08
C TRP K 53 -85.43 -38.88 40.19
N GLU K 54 -85.23 -37.70 40.75
CA GLU K 54 -84.68 -36.59 40.00
C GLU K 54 -83.29 -36.94 39.51
N LYS K 55 -82.50 -37.58 40.35
CA LYS K 55 -81.15 -37.94 39.93
C LYS K 55 -81.17 -38.92 38.77
N LEU K 56 -82.02 -39.94 38.84
CA LEU K 56 -82.06 -40.90 37.74
C LEU K 56 -82.65 -40.27 36.49
N LEU K 57 -83.51 -39.27 36.66
CA LEU K 57 -83.97 -38.50 35.51
C LEU K 57 -82.81 -37.76 34.86
N LEU K 58 -81.97 -37.11 35.67
CA LEU K 58 -80.76 -36.50 35.13
C LEU K 58 -79.87 -37.54 34.46
N ALA K 59 -79.81 -38.75 35.02
CA ALA K 59 -79.02 -39.82 34.42
C ALA K 59 -79.51 -40.14 33.02
N ALA K 60 -80.81 -40.35 32.91
CA ALA K 60 -81.39 -40.64 31.60
C ALA K 60 -81.19 -39.47 30.66
N ARG K 61 -81.26 -38.25 31.18
CA ARG K 61 -80.94 -37.07 30.40
C ARG K 61 -79.52 -37.15 29.85
N ALA K 62 -78.58 -37.55 30.71
CA ALA K 62 -77.19 -37.61 30.29
C ALA K 62 -76.98 -38.64 29.20
N ILE K 63 -77.61 -39.80 29.33
CA ILE K 63 -77.40 -40.83 28.31
C ILE K 63 -78.09 -40.45 27.01
N VAL K 64 -79.25 -39.79 27.08
CA VAL K 64 -79.86 -39.35 25.82
C VAL K 64 -79.08 -38.18 25.22
N ALA K 65 -78.24 -37.51 26.02
CA ALA K 65 -77.46 -36.39 25.49
C ALA K 65 -76.61 -36.83 24.30
N ILE K 66 -75.97 -37.99 24.39
CA ILE K 66 -75.12 -38.47 23.31
C ILE K 66 -75.97 -39.21 22.28
N GLU K 67 -75.98 -38.71 21.05
CA GLU K 67 -76.92 -39.20 20.05
C GLU K 67 -76.62 -40.61 19.57
N ASN K 68 -75.46 -41.17 19.94
CA ASN K 68 -75.11 -42.51 19.52
C ASN K 68 -75.30 -43.44 20.71
N PRO K 69 -76.39 -44.22 20.76
CA PRO K 69 -76.49 -45.25 21.78
C PRO K 69 -75.31 -46.20 21.83
N ALA K 70 -74.77 -46.62 20.70
CA ALA K 70 -73.66 -47.57 20.75
C ALA K 70 -72.34 -46.87 21.03
N ASP K 71 -72.40 -45.97 21.98
CA ASP K 71 -71.25 -45.28 22.56
C ASP K 71 -71.30 -45.32 24.07
N VAL K 72 -72.47 -45.13 24.67
CA VAL K 72 -72.58 -45.15 26.12
C VAL K 72 -72.37 -46.56 26.61
N SER K 73 -71.57 -46.70 27.67
CA SER K 73 -71.16 -48.00 28.16
C SER K 73 -71.63 -48.19 29.59
N VAL K 74 -72.19 -49.35 29.87
CA VAL K 74 -72.57 -49.76 31.21
C VAL K 74 -71.78 -51.00 31.56
N ILE K 75 -71.31 -51.07 32.80
CA ILE K 75 -70.49 -52.20 33.25
C ILE K 75 -71.05 -52.72 34.56
N SER K 76 -70.77 -53.99 34.83
CA SER K 76 -71.21 -54.63 36.08
C SER K 76 -70.24 -55.76 36.36
N SER K 77 -69.64 -55.74 37.56
CA SER K 77 -68.77 -56.84 37.95
C SER K 77 -69.49 -57.88 38.78
N ARG K 78 -70.41 -57.45 39.64
CA ARG K 78 -71.18 -58.37 40.45
C ARG K 78 -72.34 -58.94 39.64
N ASN K 79 -72.59 -60.25 39.80
CA ASN K 79 -73.62 -60.91 39.03
C ASN K 79 -75.00 -60.29 39.24
N THR K 80 -75.25 -59.68 40.38
CA THR K 80 -76.53 -59.04 40.61
C THR K 80 -76.60 -57.74 39.83
N GLY K 81 -76.80 -57.84 38.52
CA GLY K 81 -76.86 -56.66 37.68
C GLY K 81 -76.23 -56.86 36.32
N GLN K 82 -75.44 -57.92 36.17
CA GLN K 82 -74.82 -58.19 34.87
C GLN K 82 -75.87 -58.37 33.79
N ARG K 83 -76.70 -59.40 33.93
CA ARG K 83 -77.75 -59.66 32.97
C ARG K 83 -78.68 -58.45 32.83
N ALA K 84 -78.88 -57.71 33.93
CA ALA K 84 -79.69 -56.50 33.87
C ALA K 84 -79.11 -55.49 32.92
N VAL K 85 -77.81 -55.24 33.00
CA VAL K 85 -77.21 -54.25 32.12
C VAL K 85 -77.10 -54.78 30.70
N LEU K 86 -76.97 -56.10 30.53
CA LEU K 86 -77.01 -56.64 29.18
C LEU K 86 -78.33 -56.34 28.51
N LYS K 87 -79.44 -56.69 29.17
CA LYS K 87 -80.74 -56.37 28.60
C LYS K 87 -80.97 -54.87 28.53
N PHE K 88 -80.31 -54.12 29.40
CA PHE K 88 -80.39 -52.66 29.29
C PHE K 88 -79.81 -52.22 27.96
N ALA K 89 -78.52 -52.46 27.75
CA ALA K 89 -77.87 -52.01 26.53
C ALA K 89 -78.56 -52.59 25.31
N ALA K 90 -79.16 -53.77 25.45
CA ALA K 90 -79.96 -54.31 24.36
C ALA K 90 -81.19 -53.44 24.09
N ALA K 91 -81.81 -52.94 25.15
CA ALA K 91 -83.03 -52.13 24.98
C ALA K 91 -82.68 -50.74 24.48
N THR K 92 -81.48 -50.24 24.77
CA THR K 92 -81.13 -48.87 24.46
C THR K 92 -79.95 -48.75 23.51
N GLY K 93 -79.42 -49.86 23.02
CA GLY K 93 -78.31 -49.80 22.08
C GLY K 93 -76.97 -49.50 22.69
N ALA K 94 -76.86 -49.49 24.01
CA ALA K 94 -75.59 -49.19 24.67
C ALA K 94 -74.64 -50.37 24.51
N THR K 95 -73.45 -50.23 25.10
CA THR K 95 -72.43 -51.27 25.05
C THR K 95 -72.15 -51.78 26.45
N PRO K 96 -72.62 -52.96 26.82
CA PRO K 96 -72.45 -53.45 28.19
C PRO K 96 -71.11 -54.13 28.38
N ILE K 97 -70.69 -54.19 29.65
CA ILE K 97 -69.52 -54.96 30.05
C ILE K 97 -69.93 -55.80 31.25
N ALA K 98 -69.68 -57.10 31.16
CA ALA K 98 -70.16 -58.05 32.16
C ALA K 98 -69.00 -58.91 32.65
N GLY K 99 -69.18 -59.45 33.85
CA GLY K 99 -68.18 -60.36 34.40
C GLY K 99 -66.92 -59.61 34.78
N ARG K 100 -65.79 -60.29 34.60
CA ARG K 100 -64.51 -59.66 34.87
C ARG K 100 -64.32 -58.48 33.94
N PHE K 101 -64.19 -57.29 34.53
CA PHE K 101 -63.85 -56.09 33.79
C PHE K 101 -62.35 -56.10 33.56
N THR K 102 -61.95 -56.16 32.31
CA THR K 102 -60.52 -56.18 32.01
C THR K 102 -59.91 -54.84 32.39
N PRO K 103 -58.92 -54.82 33.28
CA PRO K 103 -58.27 -53.55 33.61
C PRO K 103 -57.53 -53.01 32.41
N GLY K 104 -57.54 -51.68 32.28
CA GLY K 104 -56.93 -51.06 31.13
C GLY K 104 -57.72 -51.20 29.84
N THR K 105 -59.04 -51.44 29.94
CA THR K 105 -59.85 -51.50 28.72
C THR K 105 -59.93 -50.16 28.01
N PHE K 106 -59.54 -49.07 28.66
CA PHE K 106 -59.57 -47.77 28.01
C PHE K 106 -58.20 -47.15 27.82
N THR K 107 -57.15 -47.69 28.44
CA THR K 107 -55.81 -47.16 28.27
C THR K 107 -54.91 -48.09 27.46
N ASN K 108 -55.49 -49.01 26.70
CA ASN K 108 -54.73 -49.92 25.85
C ASN K 108 -55.36 -49.91 24.45
N GLN K 109 -54.90 -49.00 23.61
CA GLN K 109 -55.35 -48.97 22.22
C GLN K 109 -54.87 -50.18 21.44
N ILE K 110 -53.95 -50.96 21.99
CA ILE K 110 -53.44 -52.13 21.28
C ILE K 110 -54.29 -53.37 21.49
N GLN K 111 -54.78 -53.62 22.70
CA GLN K 111 -55.54 -54.83 22.92
C GLN K 111 -56.86 -54.78 22.15
N ALA K 112 -57.29 -55.96 21.69
CA ALA K 112 -58.42 -56.03 20.75
C ALA K 112 -59.70 -55.50 21.36
N ALA K 113 -60.09 -56.00 22.54
CA ALA K 113 -61.35 -55.56 23.14
C ALA K 113 -61.16 -54.24 23.87
N PHE K 114 -60.80 -53.20 23.13
CA PHE K 114 -60.51 -51.89 23.67
C PHE K 114 -61.68 -50.96 23.38
N ARG K 115 -62.13 -50.23 24.40
CA ARG K 115 -63.25 -49.32 24.26
C ARG K 115 -62.80 -47.89 24.52
N GLU K 116 -63.48 -46.95 23.87
CA GLU K 116 -63.21 -45.53 24.04
C GLU K 116 -64.52 -44.81 24.32
N PRO K 117 -65.11 -45.04 25.48
CA PRO K 117 -66.46 -44.53 25.75
C PRO K 117 -66.46 -43.05 26.07
N ARG K 118 -67.62 -42.44 25.88
CA ARG K 118 -67.87 -41.06 26.25
C ARG K 118 -68.57 -40.94 27.59
N LEU K 119 -69.30 -41.97 28.01
CA LEU K 119 -70.06 -41.93 29.24
C LEU K 119 -69.98 -43.30 29.89
N LEU K 120 -69.77 -43.31 31.20
CA LEU K 120 -69.59 -44.55 31.94
C LEU K 120 -70.72 -44.70 32.97
N VAL K 121 -71.31 -45.88 33.01
CA VAL K 121 -72.35 -46.21 33.96
C VAL K 121 -71.90 -47.41 34.78
N VAL K 122 -71.95 -47.29 36.10
CA VAL K 122 -71.49 -48.36 37.00
C VAL K 122 -72.61 -48.70 37.96
N THR K 123 -72.81 -50.00 38.20
CA THR K 123 -73.85 -50.45 39.10
C THR K 123 -73.47 -50.27 40.57
N ASP K 124 -72.20 -50.09 40.86
CA ASP K 124 -71.75 -49.80 42.21
C ASP K 124 -70.29 -49.37 42.20
N PRO K 125 -69.95 -48.28 42.88
CA PRO K 125 -68.55 -47.80 42.84
C PRO K 125 -67.62 -48.63 43.69
N ARG K 126 -68.12 -49.24 44.76
CA ARG K 126 -67.24 -49.94 45.69
C ARG K 126 -66.56 -51.12 45.04
N ALA K 127 -67.31 -51.93 44.29
CA ALA K 127 -66.76 -53.16 43.74
C ALA K 127 -66.17 -52.98 42.35
N ASP K 128 -66.60 -51.97 41.61
CA ASP K 128 -66.21 -51.80 40.21
C ASP K 128 -65.35 -50.55 40.04
N HIS K 129 -64.37 -50.37 40.93
CA HIS K 129 -63.66 -49.10 40.94
C HIS K 129 -62.73 -48.96 39.73
N GLN K 130 -62.30 -50.08 39.15
CA GLN K 130 -61.32 -49.99 38.06
C GLN K 130 -61.82 -49.18 36.87
N PRO K 131 -63.06 -49.36 36.39
CA PRO K 131 -63.55 -48.45 35.36
C PRO K 131 -63.53 -47.00 35.80
N LEU K 132 -63.77 -46.71 37.09
CA LEU K 132 -63.71 -45.33 37.54
C LEU K 132 -62.28 -44.80 37.48
N THR K 133 -61.31 -45.60 37.92
CA THR K 133 -59.92 -45.17 37.88
C THR K 133 -59.50 -44.90 36.45
N GLU K 134 -59.89 -45.78 35.52
CA GLU K 134 -59.51 -45.54 34.13
C GLU K 134 -60.28 -44.38 33.53
N ALA K 135 -61.52 -44.16 33.98
CA ALA K 135 -62.27 -42.99 33.57
C ALA K 135 -61.56 -41.72 33.98
N SER K 136 -60.87 -41.76 35.12
CA SER K 136 -60.05 -40.63 35.52
C SER K 136 -58.93 -40.37 34.53
N TYR K 137 -58.58 -41.34 33.68
CA TYR K 137 -57.57 -41.16 32.66
C TYR K 137 -58.12 -40.80 31.30
N VAL K 138 -59.24 -41.41 30.89
CA VAL K 138 -59.86 -41.07 29.62
C VAL K 138 -60.75 -39.85 29.73
N ASN K 139 -60.94 -39.33 30.94
CA ASN K 139 -61.69 -38.10 31.15
C ASN K 139 -63.06 -38.23 30.49
N LEU K 140 -63.78 -39.28 30.88
CA LEU K 140 -65.15 -39.40 30.43
C LEU K 140 -66.07 -39.43 31.63
N PRO K 141 -67.30 -38.91 31.52
CA PRO K 141 -68.13 -38.75 32.72
C PRO K 141 -68.53 -40.13 33.20
N THR K 142 -68.88 -40.22 34.47
CA THR K 142 -69.29 -41.49 35.01
C THR K 142 -70.50 -41.31 35.91
N ILE K 143 -71.25 -42.38 36.08
CA ILE K 143 -72.52 -42.34 36.81
C ILE K 143 -72.65 -43.64 37.58
N ALA K 144 -73.16 -43.56 38.81
CA ALA K 144 -73.16 -44.71 39.68
C ALA K 144 -74.54 -45.05 40.21
N LEU K 145 -74.79 -46.35 40.31
CA LEU K 145 -75.93 -46.90 41.04
C LEU K 145 -75.45 -47.11 42.47
N CYS K 146 -75.45 -46.02 43.23
CA CYS K 146 -74.74 -45.99 44.51
C CYS K 146 -75.68 -46.22 45.68
N ASN K 147 -75.10 -46.60 46.81
CA ASN K 147 -75.81 -46.82 48.06
C ASN K 147 -75.41 -45.77 49.09
N THR K 148 -75.96 -45.91 50.30
CA THR K 148 -75.82 -44.87 51.30
C THR K 148 -74.43 -44.79 51.92
N ASP K 149 -73.56 -45.76 51.67
CA ASP K 149 -72.18 -45.67 52.13
C ASP K 149 -71.17 -45.67 51.00
N SER K 150 -71.61 -45.78 49.75
CA SER K 150 -70.70 -45.93 48.64
C SER K 150 -69.87 -44.67 48.44
N PRO K 151 -68.56 -44.79 48.27
CA PRO K 151 -67.73 -43.61 48.04
C PRO K 151 -67.99 -43.05 46.65
N LEU K 152 -67.66 -41.77 46.49
CA LEU K 152 -67.95 -41.04 45.27
C LEU K 152 -66.70 -40.33 44.75
N ARG K 153 -65.55 -41.00 44.87
CA ARG K 153 -64.29 -40.34 44.58
C ARG K 153 -64.21 -39.87 43.14
N TYR K 154 -64.88 -40.56 42.23
CA TYR K 154 -64.76 -40.25 40.81
C TYR K 154 -66.10 -40.03 40.13
N VAL K 155 -67.21 -40.21 40.83
CA VAL K 155 -68.52 -40.29 40.19
C VAL K 155 -69.18 -38.93 40.17
N ASP K 156 -70.07 -38.75 39.19
CA ASP K 156 -70.70 -37.46 38.92
C ASP K 156 -72.18 -37.42 39.26
N ILE K 157 -73.00 -38.29 38.69
CA ILE K 157 -74.43 -38.17 38.85
C ILE K 157 -74.92 -39.41 39.59
N ALA K 158 -74.11 -39.89 40.53
CA ALA K 158 -74.45 -41.10 41.27
C ALA K 158 -75.84 -41.01 41.89
N ILE K 159 -76.75 -41.84 41.41
CA ILE K 159 -78.14 -41.84 41.89
C ILE K 159 -78.23 -42.83 43.04
N PRO K 160 -78.60 -42.39 44.23
CA PRO K 160 -78.46 -43.20 45.45
C PRO K 160 -79.72 -43.98 45.85
N CYS K 161 -80.09 -44.98 45.07
CA CYS K 161 -81.21 -45.77 45.55
C CYS K 161 -80.72 -46.96 46.39
N ASN K 162 -80.00 -47.88 45.76
CA ASN K 162 -79.45 -49.07 46.39
C ASN K 162 -78.72 -49.86 45.32
N ASN K 163 -77.83 -50.74 45.76
CA ASN K 163 -77.24 -51.70 44.83
C ASN K 163 -77.04 -53.07 45.45
N LYS K 164 -77.61 -53.33 46.63
CA LYS K 164 -77.41 -54.62 47.27
C LYS K 164 -78.63 -55.53 47.19
N GLY K 165 -79.84 -54.98 47.14
CA GLY K 165 -81.03 -55.78 46.97
C GLY K 165 -81.23 -56.10 45.50
N ALA K 166 -81.25 -57.40 45.18
CA ALA K 166 -81.50 -57.81 43.81
C ALA K 166 -82.78 -57.19 43.28
N HIS K 167 -83.79 -57.03 44.13
CA HIS K 167 -84.99 -56.30 43.75
C HIS K 167 -84.64 -54.89 43.31
N SER K 168 -83.78 -54.21 44.07
CA SER K 168 -83.38 -52.86 43.69
C SER K 168 -82.67 -52.86 42.34
N VAL K 169 -81.74 -53.79 42.14
CA VAL K 169 -80.98 -53.82 40.90
C VAL K 169 -81.92 -54.03 39.72
N GLY K 170 -82.88 -54.92 39.85
CA GLY K 170 -83.86 -55.05 38.80
C GLY K 170 -84.65 -53.78 38.57
N LEU K 171 -85.13 -53.17 39.66
CA LEU K 171 -86.13 -52.11 39.54
C LEU K 171 -85.54 -50.84 38.94
N MET K 172 -84.40 -50.39 39.44
CA MET K 172 -83.93 -49.10 38.95
C MET K 172 -83.40 -49.23 37.53
N TRP K 173 -82.86 -50.39 37.16
CA TRP K 173 -82.49 -50.57 35.76
C TRP K 173 -83.73 -50.59 34.88
N TRP K 174 -84.78 -51.26 35.36
CA TRP K 174 -86.06 -51.24 34.65
C TRP K 174 -86.50 -49.82 34.37
N MET K 175 -86.50 -48.98 35.41
CA MET K 175 -87.09 -47.67 35.26
C MET K 175 -86.15 -46.73 34.49
N LEU K 176 -84.83 -46.95 34.58
CA LEU K 176 -83.93 -46.16 33.77
C LEU K 176 -84.12 -46.46 32.29
N ALA K 177 -84.18 -47.74 31.94
CA ALA K 177 -84.49 -48.10 30.56
C ALA K 177 -85.85 -47.54 30.15
N ARG K 178 -86.83 -47.65 31.05
CA ARG K 178 -88.14 -47.08 30.76
C ARG K 178 -88.00 -45.63 30.38
N GLU K 179 -87.34 -44.84 31.24
CA GLU K 179 -87.22 -43.42 30.98
C GLU K 179 -86.58 -43.18 29.63
N VAL K 180 -85.42 -43.80 29.36
CA VAL K 180 -84.69 -43.45 28.16
C VAL K 180 -85.50 -43.76 26.93
N LEU K 181 -86.16 -44.92 26.91
CA LEU K 181 -87.03 -45.16 25.77
C LEU K 181 -88.24 -44.22 25.72
N ARG K 182 -88.66 -43.62 26.83
CA ARG K 182 -89.63 -42.54 26.71
C ARG K 182 -89.00 -41.24 26.26
N MET K 183 -87.68 -41.12 26.42
CA MET K 183 -87.02 -39.87 26.13
C MET K 183 -86.83 -39.73 24.63
N ARG K 184 -86.15 -40.68 24.02
CA ARG K 184 -86.16 -40.75 22.56
C ARG K 184 -87.52 -41.24 22.11
N GLY K 185 -87.71 -41.31 20.79
CA GLY K 185 -89.01 -41.69 20.32
C GLY K 185 -89.20 -43.19 20.20
N THR K 186 -89.73 -43.79 21.24
CA THR K 186 -90.23 -45.16 21.20
C THR K 186 -91.62 -45.29 21.81
N ILE K 187 -91.92 -44.51 22.85
CA ILE K 187 -93.26 -44.47 23.42
C ILE K 187 -93.71 -43.01 23.45
N SER K 188 -95.02 -42.81 23.57
CA SER K 188 -95.63 -41.49 23.67
C SER K 188 -95.73 -41.01 25.11
N ARG K 189 -94.95 -41.59 26.02
CA ARG K 189 -94.80 -41.18 27.42
C ARG K 189 -96.05 -41.48 28.25
N GLU K 190 -97.12 -41.96 27.65
CA GLU K 190 -98.31 -42.24 28.45
C GLU K 190 -98.51 -43.71 28.72
N HIS K 191 -98.65 -44.53 27.68
CA HIS K 191 -98.99 -45.94 27.87
C HIS K 191 -97.93 -46.62 28.75
N PRO K 192 -98.33 -47.26 29.84
CA PRO K 192 -97.35 -47.96 30.68
C PRO K 192 -96.54 -48.97 29.89
N TRP K 193 -95.26 -49.05 30.21
CA TRP K 193 -94.33 -49.87 29.44
C TRP K 193 -94.76 -51.33 29.43
N GLU K 194 -94.64 -51.95 28.26
CA GLU K 194 -94.95 -53.36 28.13
C GLU K 194 -93.88 -54.25 28.76
N VAL K 195 -92.74 -53.68 29.12
CA VAL K 195 -91.63 -54.46 29.65
C VAL K 195 -91.89 -54.81 31.10
N MET K 196 -91.71 -56.07 31.42
CA MET K 196 -91.87 -56.71 32.71
C MET K 196 -90.63 -56.49 33.57
N PRO K 197 -90.77 -55.97 34.79
CA PRO K 197 -89.58 -55.71 35.62
C PRO K 197 -88.68 -56.91 35.83
N ASP K 198 -89.23 -58.11 35.95
CA ASP K 198 -88.40 -59.29 36.15
C ASP K 198 -87.63 -59.69 34.91
N LEU K 199 -87.99 -59.16 33.74
CA LEU K 199 -87.04 -59.19 32.63
C LEU K 199 -85.78 -58.42 32.99
N TYR K 200 -85.85 -57.57 34.01
CA TYR K 200 -84.69 -56.82 34.45
C TYR K 200 -84.11 -57.29 35.78
N PHE K 201 -84.80 -58.19 36.48
CA PHE K 201 -84.28 -58.76 37.72
C PHE K 201 -83.19 -59.77 37.46
N TYR K 202 -82.16 -59.77 38.30
CA TYR K 202 -81.18 -60.85 38.27
C TYR K 202 -81.76 -62.09 38.95
N ARG K 203 -81.72 -63.23 38.26
CA ARG K 203 -82.16 -64.51 38.83
C ARG K 203 -80.92 -65.33 39.28
N ASP K 204 -80.92 -65.74 40.54
CA ASP K 204 -79.88 -66.46 41.18
C ASP K 204 -79.86 -67.93 40.76
N PRO K 205 -78.83 -68.75 41.17
CA PRO K 205 -78.79 -70.09 40.61
C PRO K 205 -79.70 -71.09 41.26
N GLU K 206 -80.68 -70.62 41.97
CA GLU K 206 -81.65 -71.41 42.69
C GLU K 206 -83.02 -71.11 42.13
N GLU K 207 -83.02 -70.55 40.95
CA GLU K 207 -84.22 -70.16 40.25
C GLU K 207 -84.37 -70.88 38.92
N ILE K 208 -83.28 -71.20 38.23
CA ILE K 208 -83.35 -71.89 36.96
C ILE K 208 -83.44 -73.41 37.16
N GLU K 209 -83.55 -73.85 38.43
CA GLU K 209 -83.51 -75.27 38.75
C GLU K 209 -84.82 -75.86 39.23
N LYS K 210 -85.76 -75.06 39.70
CA LYS K 210 -86.99 -75.67 40.16
C LYS K 210 -88.23 -75.06 39.50
N GLU K 211 -88.21 -73.76 39.21
CA GLU K 211 -89.42 -73.08 38.77
C GLU K 211 -89.88 -73.57 37.39
N GLU K 212 -88.96 -73.59 36.42
CA GLU K 212 -89.36 -73.94 35.06
C GLU K 212 -89.84 -75.39 35.00
N GLN K 213 -89.16 -76.29 35.70
CA GLN K 213 -89.63 -77.66 35.78
C GLN K 213 -90.99 -77.73 36.46
N ALA K 214 -91.19 -76.94 37.53
CA ALA K 214 -92.50 -76.94 38.17
C ALA K 214 -93.59 -76.50 37.20
N ALA K 215 -93.32 -75.47 36.42
CA ALA K 215 -94.29 -75.01 35.43
C ALA K 215 -94.51 -76.05 34.35
N ALA K 216 -93.46 -76.78 33.97
CA ALA K 216 -93.62 -77.85 32.98
C ALA K 216 -94.52 -78.95 33.50
N GLU K 217 -94.34 -79.35 34.76
CA GLU K 217 -95.24 -80.34 35.36
C GLU K 217 -96.67 -79.80 35.42
N LYS K 218 -96.82 -78.53 35.76
CA LYS K 218 -98.16 -77.94 35.82
C LYS K 218 -98.83 -77.95 34.45
N ALA K 219 -98.08 -77.60 33.40
CA ALA K 219 -98.66 -77.55 32.06
C ALA K 219 -98.99 -78.95 31.54
N VAL K 220 -98.07 -79.90 31.69
CA VAL K 220 -98.37 -81.25 31.23
C VAL K 220 -99.46 -81.88 32.08
N THR K 221 -99.70 -81.37 33.28
CA THR K 221 -100.75 -81.88 34.14
C THR K 221 -101.77 -80.80 34.47
N VAL L 1 -34.47 -100.61 108.85
CA VAL L 1 -34.75 -102.01 108.54
C VAL L 1 -36.22 -102.33 108.78
N VAL L 2 -36.74 -101.87 109.92
CA VAL L 2 -38.14 -102.11 110.25
C VAL L 2 -39.03 -101.26 109.39
N ASP L 3 -40.12 -101.85 108.92
CA ASP L 3 -41.15 -101.07 108.26
C ASP L 3 -41.84 -100.20 109.29
N PRO L 4 -41.83 -98.87 109.15
CA PRO L 4 -42.46 -98.03 110.17
C PRO L 4 -43.96 -98.01 110.06
N PHE L 5 -44.50 -98.37 108.89
CA PHE L 5 -45.95 -98.55 108.76
C PHE L 5 -46.44 -99.67 109.65
N SER L 6 -45.56 -100.60 110.02
CA SER L 6 -45.89 -101.53 111.09
C SER L 6 -46.17 -100.78 112.39
N LYS L 7 -45.32 -99.80 112.71
CA LYS L 7 -45.54 -98.99 113.90
C LYS L 7 -46.63 -97.96 113.70
N LYS L 8 -46.95 -97.63 112.45
CA LYS L 8 -48.03 -96.70 112.18
C LYS L 8 -49.37 -97.33 112.51
N ASP L 9 -50.34 -96.49 112.85
CA ASP L 9 -51.71 -96.95 113.03
C ASP L 9 -52.64 -95.79 112.69
N TRP L 10 -53.88 -96.13 112.38
CA TRP L 10 -54.78 -95.24 111.66
C TRP L 10 -55.95 -94.78 112.51
N TYR L 11 -56.28 -93.50 112.39
CA TYR L 11 -57.47 -92.93 112.97
C TYR L 11 -58.28 -92.26 111.88
N ASP L 12 -59.59 -92.29 112.03
CA ASP L 12 -60.49 -91.64 111.08
C ASP L 12 -60.88 -90.28 111.61
N VAL L 13 -60.75 -89.26 110.76
CA VAL L 13 -61.13 -87.90 111.10
C VAL L 13 -62.61 -87.71 110.81
N LYS L 14 -63.31 -87.03 111.72
CA LYS L 14 -64.75 -86.86 111.62
C LYS L 14 -65.09 -85.39 111.52
N ALA L 15 -66.00 -85.07 110.60
CA ALA L 15 -66.44 -83.70 110.42
C ALA L 15 -67.41 -83.30 111.52
N PRO L 16 -67.63 -82.00 111.71
CA PRO L 16 -68.68 -81.56 112.63
C PRO L 16 -70.04 -82.05 112.21
N ALA L 17 -70.92 -82.23 113.20
CA ALA L 17 -72.23 -82.84 112.94
C ALA L 17 -73.11 -82.00 112.03
N MET L 18 -72.85 -80.70 111.91
CA MET L 18 -73.65 -79.90 110.99
C MET L 18 -73.40 -80.23 109.53
N PHE L 19 -72.24 -80.82 109.22
CA PHE L 19 -72.03 -81.40 107.90
C PHE L 19 -72.85 -82.67 107.75
N ASN L 20 -73.45 -82.84 106.58
CA ASN L 20 -74.17 -84.07 106.32
C ASN L 20 -73.22 -85.27 106.31
N ILE L 21 -72.06 -85.13 105.68
CA ILE L 21 -71.06 -86.18 105.62
C ILE L 21 -70.10 -85.95 106.78
N ARG L 22 -70.09 -86.90 107.73
CA ARG L 22 -69.18 -86.79 108.86
C ARG L 22 -67.84 -87.42 108.56
N ASN L 23 -67.84 -88.57 107.91
CA ASN L 23 -66.60 -89.27 107.60
C ASN L 23 -65.84 -88.53 106.52
N ILE L 24 -64.71 -87.91 106.89
CA ILE L 24 -63.93 -87.15 105.93
C ILE L 24 -62.87 -88.04 105.32
N GLY L 25 -62.11 -88.73 106.17
CA GLY L 25 -61.06 -89.58 105.67
C GLY L 25 -60.34 -90.26 106.82
N LYS L 26 -59.46 -91.18 106.46
CA LYS L 26 -58.69 -91.94 107.43
C LYS L 26 -57.23 -91.53 107.32
N THR L 27 -56.65 -91.10 108.42
CA THR L 27 -55.24 -90.75 108.49
C THR L 27 -54.50 -91.81 109.27
N LEU L 28 -53.17 -91.79 109.16
CA LEU L 28 -52.30 -92.67 109.91
C LEU L 28 -51.49 -91.84 110.90
N VAL L 29 -50.89 -92.53 111.87
CA VAL L 29 -49.99 -91.90 112.82
C VAL L 29 -49.14 -92.99 113.46
N THR L 30 -47.95 -92.62 113.92
CA THR L 30 -47.11 -93.57 114.63
C THR L 30 -47.64 -93.79 116.04
N ARG L 31 -47.55 -95.04 116.50
CA ARG L 31 -48.15 -95.41 117.77
C ARG L 31 -47.51 -94.64 118.92
N THR L 32 -48.34 -94.29 119.89
CA THR L 32 -47.85 -93.58 121.06
C THR L 32 -46.79 -94.41 121.78
N GLN L 33 -45.66 -93.78 122.08
CA GLN L 33 -44.59 -94.44 122.80
C GLN L 33 -43.68 -93.39 123.41
N GLY L 34 -42.92 -93.81 124.41
CA GLY L 34 -42.08 -92.87 125.14
C GLY L 34 -42.95 -91.78 125.73
N THR L 35 -42.51 -90.53 125.57
CA THR L 35 -43.36 -89.38 125.86
C THR L 35 -44.16 -88.92 124.66
N LYS L 36 -43.85 -89.46 123.47
CA LYS L 36 -44.59 -89.07 122.28
C LYS L 36 -46.00 -89.62 122.34
N ILE L 37 -46.98 -88.76 122.09
CA ILE L 37 -48.39 -89.11 122.17
C ILE L 37 -49.01 -88.94 120.80
N ALA L 38 -49.86 -89.90 120.42
CA ALA L 38 -50.60 -89.74 119.17
C ALA L 38 -51.56 -88.55 119.26
N SER L 39 -52.10 -88.28 120.44
CA SER L 39 -53.14 -87.27 120.58
C SER L 39 -52.67 -85.93 120.02
N ASP L 40 -51.52 -85.47 120.47
CA ASP L 40 -50.98 -84.23 119.94
C ASP L 40 -50.42 -84.40 118.53
N GLY L 41 -50.05 -85.62 118.15
CA GLY L 41 -49.62 -85.85 116.79
C GLY L 41 -50.71 -85.54 115.78
N LEU L 42 -51.93 -86.03 116.05
CA LEU L 42 -53.03 -85.70 115.15
C LEU L 42 -53.64 -84.33 115.41
N LYS L 43 -53.63 -83.85 116.64
CA LYS L 43 -54.23 -82.55 116.85
C LYS L 43 -53.34 -81.46 116.24
N GLY L 44 -53.97 -80.39 115.83
CA GLY L 44 -53.27 -79.38 115.05
C GLY L 44 -52.90 -79.84 113.65
N ARG L 45 -53.84 -80.49 112.94
CA ARG L 45 -53.62 -80.89 111.56
C ARG L 45 -54.77 -80.39 110.72
N VAL L 46 -54.47 -79.98 109.50
CA VAL L 46 -55.44 -79.38 108.61
C VAL L 46 -55.78 -80.34 107.49
N PHE L 47 -57.08 -80.43 107.19
CA PHE L 47 -57.57 -81.36 106.16
C PHE L 47 -58.36 -80.56 105.13
N GLU L 48 -57.70 -80.24 104.02
CA GLU L 48 -58.36 -79.59 102.89
C GLU L 48 -59.46 -80.50 102.35
N VAL L 49 -60.71 -80.02 102.39
CA VAL L 49 -61.84 -80.81 101.94
C VAL L 49 -62.70 -79.99 101.01
N SER L 50 -62.91 -80.49 99.80
CA SER L 50 -63.83 -79.86 98.86
C SER L 50 -65.27 -80.10 99.32
N LEU L 51 -66.13 -79.16 98.97
CA LEU L 51 -67.51 -79.23 99.44
C LEU L 51 -68.29 -80.36 98.79
N ALA L 52 -67.99 -80.68 97.53
CA ALA L 52 -68.79 -81.66 96.81
C ALA L 52 -68.75 -83.02 97.49
N ASP L 53 -67.57 -83.44 97.97
CA ASP L 53 -67.49 -84.63 98.80
C ASP L 53 -67.61 -84.33 100.28
N LEU L 54 -67.74 -83.06 100.66
CA LEU L 54 -68.05 -82.71 102.04
C LEU L 54 -69.55 -82.69 102.27
N GLN L 55 -70.28 -81.99 101.44
CA GLN L 55 -71.72 -82.03 101.42
C GLN L 55 -72.19 -83.01 100.33
N ASN L 56 -73.48 -83.00 100.03
CA ASN L 56 -74.04 -84.03 99.14
C ASN L 56 -73.91 -83.69 97.65
N ASP L 57 -74.54 -82.59 97.20
CA ASP L 57 -74.60 -82.23 95.79
C ASP L 57 -74.30 -80.75 95.55
N GLU L 58 -73.30 -80.22 96.22
CA GLU L 58 -72.98 -78.81 96.24
C GLU L 58 -71.76 -78.56 95.38
N VAL L 59 -71.27 -77.32 95.41
CA VAL L 59 -70.21 -76.92 94.50
C VAL L 59 -68.93 -77.68 94.82
N ALA L 60 -68.22 -78.06 93.77
CA ALA L 60 -66.95 -78.76 93.91
C ALA L 60 -65.77 -77.82 94.01
N PHE L 61 -65.94 -76.55 93.67
CA PHE L 61 -64.83 -75.61 93.58
C PHE L 61 -64.60 -74.87 94.89
N ARG L 62 -65.32 -75.23 95.95
CA ARG L 62 -65.13 -74.62 97.26
C ARG L 62 -64.27 -75.56 98.11
N LYS L 63 -63.37 -74.97 98.90
CA LYS L 63 -62.47 -75.74 99.73
C LYS L 63 -62.58 -75.30 101.18
N PHE L 64 -62.34 -76.23 102.08
CA PHE L 64 -62.41 -76.00 103.52
C PHE L 64 -61.21 -76.65 104.18
N LYS L 65 -60.83 -76.14 105.35
CA LYS L 65 -59.54 -76.54 105.91
C LYS L 65 -59.65 -77.51 107.09
N LEU L 66 -60.58 -77.28 108.01
CA LEU L 66 -60.96 -78.27 109.02
C LEU L 66 -59.76 -78.69 109.88
N ILE L 67 -59.29 -77.74 110.69
CA ILE L 67 -58.25 -78.02 111.67
C ILE L 67 -58.73 -79.08 112.65
N THR L 68 -57.81 -79.94 113.09
CA THR L 68 -58.10 -81.01 114.02
C THR L 68 -57.80 -80.57 115.44
N GLU L 69 -58.75 -80.81 116.34
CA GLU L 69 -58.67 -80.32 117.71
C GLU L 69 -58.51 -81.45 118.72
N ASP L 70 -59.43 -82.41 118.76
CA ASP L 70 -59.45 -83.44 119.79
C ASP L 70 -59.39 -84.83 119.17
N VAL L 71 -59.05 -85.80 120.02
CA VAL L 71 -59.07 -87.20 119.66
C VAL L 71 -59.87 -87.94 120.72
N GLN L 72 -60.57 -88.99 120.31
CA GLN L 72 -61.37 -89.82 121.20
C GLN L 72 -61.02 -91.29 121.06
N GLY L 73 -59.77 -91.58 120.71
CA GLY L 73 -59.38 -92.92 120.37
C GLY L 73 -59.25 -93.07 118.86
N LYS L 74 -59.96 -94.04 118.28
CA LYS L 74 -59.93 -94.18 116.83
C LYS L 74 -60.48 -92.93 116.15
N ASN L 75 -61.47 -92.29 116.76
CA ASN L 75 -61.95 -91.02 116.24
C ASN L 75 -60.96 -89.91 116.55
N CYS L 76 -60.81 -88.98 115.61
CA CYS L 76 -60.07 -87.74 115.80
C CYS L 76 -60.93 -86.65 115.16
N LEU L 77 -61.83 -86.08 115.93
CA LEU L 77 -62.83 -85.19 115.37
C LEU L 77 -62.25 -83.80 115.14
N THR L 78 -62.73 -83.17 114.07
CA THR L 78 -62.13 -81.95 113.53
C THR L 78 -63.21 -80.87 113.38
N ASN L 79 -62.77 -79.62 113.39
CA ASN L 79 -63.67 -78.48 113.24
C ASN L 79 -63.07 -77.46 112.27
N PHE L 80 -63.84 -76.42 111.99
CA PHE L 80 -63.53 -75.50 110.90
C PHE L 80 -62.22 -74.76 111.15
N HIS L 81 -61.54 -74.42 110.06
CA HIS L 81 -60.32 -73.60 110.13
C HIS L 81 -60.25 -72.50 109.09
N GLY L 82 -60.95 -72.62 107.97
CA GLY L 82 -60.85 -71.63 106.91
C GLY L 82 -61.47 -72.20 105.66
N MET L 83 -61.55 -71.34 104.64
CA MET L 83 -62.07 -71.77 103.36
C MET L 83 -61.35 -71.07 102.22
N ASP L 84 -61.35 -71.71 101.07
CA ASP L 84 -60.83 -71.13 99.84
C ASP L 84 -61.53 -71.80 98.67
N LEU L 85 -61.17 -71.40 97.47
CA LEU L 85 -61.57 -72.06 96.25
C LEU L 85 -60.37 -72.75 95.64
N THR L 86 -60.63 -73.77 94.84
CA THR L 86 -59.58 -74.24 93.95
C THR L 86 -59.20 -73.08 93.05
N ARG L 87 -57.92 -72.76 92.98
CA ARG L 87 -57.59 -71.63 92.14
C ARG L 87 -57.74 -71.99 90.68
N ASP L 88 -57.83 -73.27 90.35
CA ASP L 88 -58.31 -73.65 89.03
C ASP L 88 -59.66 -73.00 88.76
N LYS L 89 -60.47 -72.83 89.81
CA LYS L 89 -61.66 -72.02 89.68
C LYS L 89 -61.32 -70.54 89.63
N MET L 90 -60.46 -70.08 90.54
CA MET L 90 -60.27 -68.64 90.74
C MET L 90 -59.72 -67.96 89.50
N CYS L 91 -58.67 -68.51 88.90
CA CYS L 91 -58.08 -67.88 87.73
C CYS L 91 -58.89 -68.14 86.47
N SER L 92 -60.14 -68.56 86.60
CA SER L 92 -61.05 -68.60 85.46
C SER L 92 -61.84 -67.30 85.34
N MET L 93 -62.37 -66.80 86.45
CA MET L 93 -63.25 -65.63 86.39
C MET L 93 -62.52 -64.38 85.98
N VAL L 94 -61.24 -64.24 86.36
CA VAL L 94 -60.51 -63.04 86.00
C VAL L 94 -60.42 -62.93 84.50
N LYS L 95 -60.91 -61.82 83.96
CA LYS L 95 -60.93 -61.60 82.51
C LYS L 95 -60.42 -60.22 82.21
N LYS L 96 -59.92 -60.05 80.99
CA LYS L 96 -59.63 -58.72 80.51
C LYS L 96 -60.93 -57.95 80.34
N TRP L 97 -60.81 -56.63 80.23
CA TRP L 97 -61.90 -55.73 79.86
C TRP L 97 -62.98 -55.63 80.92
N GLN L 98 -62.63 -55.91 82.18
CA GLN L 98 -63.53 -55.64 83.29
C GLN L 98 -62.72 -55.64 84.57
N THR L 99 -63.28 -55.01 85.60
CA THR L 99 -62.59 -54.83 86.87
C THR L 99 -63.11 -55.83 87.89
N MET L 100 -62.23 -56.65 88.43
CA MET L 100 -62.61 -57.43 89.58
C MET L 100 -62.42 -56.59 90.84
N ILE L 101 -63.13 -56.97 91.90
CA ILE L 101 -63.17 -56.21 93.14
C ILE L 101 -62.77 -57.10 94.28
N GLU L 102 -61.72 -56.73 95.00
CA GLU L 102 -61.25 -57.50 96.14
C GLU L 102 -61.23 -56.61 97.37
N ALA L 103 -61.73 -57.15 98.48
CA ALA L 103 -61.75 -56.42 99.73
C ALA L 103 -61.42 -57.37 100.87
N HIS L 104 -60.72 -56.85 101.87
CA HIS L 104 -60.28 -57.66 103.00
C HIS L 104 -60.70 -56.98 104.29
N VAL L 105 -61.08 -57.78 105.27
CA VAL L 105 -61.51 -57.26 106.56
C VAL L 105 -61.46 -58.39 107.58
N ASP L 106 -61.08 -58.05 108.80
CA ASP L 106 -61.08 -58.96 109.91
C ASP L 106 -62.29 -58.67 110.79
N VAL L 107 -62.84 -59.71 111.40
CA VAL L 107 -64.03 -59.58 112.24
C VAL L 107 -63.93 -60.60 113.35
N LYS L 108 -64.82 -60.48 114.33
CA LYS L 108 -64.86 -61.35 115.48
C LYS L 108 -66.30 -61.77 115.73
N THR L 109 -66.55 -63.08 115.81
CA THR L 109 -67.91 -63.54 116.08
C THR L 109 -68.28 -63.24 117.52
N THR L 110 -69.56 -63.44 117.83
CA THR L 110 -70.02 -63.28 119.20
C THR L 110 -69.35 -64.28 120.14
N ASP L 111 -68.87 -65.40 119.62
CA ASP L 111 -68.22 -66.42 120.43
C ASP L 111 -66.75 -66.12 120.69
N GLY L 112 -66.16 -65.18 119.95
CA GLY L 112 -64.76 -64.89 120.08
C GLY L 112 -63.87 -65.43 118.98
N TYR L 113 -64.37 -66.34 118.14
CA TYR L 113 -63.64 -66.77 116.96
C TYR L 113 -63.50 -65.58 116.03
N LEU L 114 -62.30 -65.07 115.86
CA LEU L 114 -62.06 -63.96 114.95
C LEU L 114 -61.56 -64.48 113.61
N LEU L 115 -61.95 -63.79 112.55
CA LEU L 115 -61.66 -64.24 111.19
C LEU L 115 -61.02 -63.09 110.43
N ARG L 116 -60.68 -63.36 109.18
CA ARG L 116 -60.34 -62.33 108.21
C ARG L 116 -60.94 -62.76 106.88
N LEU L 117 -61.87 -61.97 106.36
CA LEU L 117 -62.68 -62.39 105.24
C LEU L 117 -62.19 -61.73 103.96
N PHE L 118 -62.01 -62.54 102.91
CA PHE L 118 -61.59 -62.07 101.61
C PHE L 118 -62.72 -62.29 100.62
N CYS L 119 -63.15 -61.22 99.99
CA CYS L 119 -64.33 -61.22 99.15
C CYS L 119 -63.99 -60.62 97.80
N VAL L 120 -64.49 -61.25 96.73
CA VAL L 120 -64.18 -60.81 95.38
C VAL L 120 -65.49 -60.65 94.61
N GLY L 121 -65.48 -59.72 93.67
CA GLY L 121 -66.67 -59.41 92.91
C GLY L 121 -66.31 -58.99 91.50
N PHE L 122 -67.07 -59.49 90.53
CA PHE L 122 -66.78 -59.29 89.12
C PHE L 122 -67.99 -58.72 88.42
N THR L 123 -67.76 -57.82 87.47
CA THR L 123 -68.83 -57.30 86.63
C THR L 123 -68.99 -58.16 85.38
N LYS L 124 -70.15 -58.05 84.74
CA LYS L 124 -70.60 -59.00 83.72
C LYS L 124 -70.75 -58.31 82.36
N LYS L 125 -71.46 -59.00 81.47
CA LYS L 125 -71.87 -58.47 80.17
C LYS L 125 -73.39 -58.54 80.05
N ARG L 126 -74.03 -57.44 79.68
CA ARG L 126 -75.48 -57.47 79.47
C ARG L 126 -75.80 -58.12 78.13
N ASN L 127 -77.04 -57.93 77.71
CA ASN L 127 -77.55 -58.58 76.50
C ASN L 127 -77.50 -57.70 75.25
N ASN L 128 -77.00 -56.47 75.34
CA ASN L 128 -76.90 -55.57 74.21
C ASN L 128 -75.47 -55.04 74.10
N GLN L 129 -74.50 -55.95 74.11
CA GLN L 129 -73.09 -55.62 74.34
C GLN L 129 -72.20 -56.35 73.33
N ILE L 130 -71.47 -55.60 72.50
CA ILE L 130 -70.46 -56.17 71.60
C ILE L 130 -69.09 -55.48 71.69
N ARG L 131 -69.02 -54.27 72.25
CA ARG L 131 -67.72 -53.65 72.44
C ARG L 131 -66.92 -54.43 73.48
N LYS L 132 -65.60 -54.42 73.31
CA LYS L 132 -64.72 -55.29 74.08
C LYS L 132 -64.74 -55.01 75.59
N THR L 133 -64.69 -53.74 76.00
CA THR L 133 -64.34 -53.41 77.38
C THR L 133 -65.45 -52.67 78.11
N SER L 134 -65.43 -52.81 79.43
CA SER L 134 -66.32 -52.06 80.33
C SER L 134 -65.72 -52.10 81.72
N TYR L 135 -65.39 -50.94 82.26
CA TYR L 135 -64.74 -50.86 83.56
C TYR L 135 -65.66 -50.13 84.53
N ALA L 136 -65.37 -50.26 85.82
CA ALA L 136 -66.06 -49.48 86.81
C ALA L 136 -65.20 -48.31 87.27
N GLN L 137 -65.83 -47.15 87.40
CA GLN L 137 -65.10 -45.98 87.85
C GLN L 137 -64.63 -46.16 89.29
N HIS L 138 -63.55 -45.45 89.63
CA HIS L 138 -62.84 -45.74 90.88
C HIS L 138 -63.71 -45.55 92.09
N GLN L 139 -64.42 -44.42 92.18
CA GLN L 139 -65.24 -44.18 93.35
C GLN L 139 -66.49 -45.05 93.35
N GLN L 140 -66.99 -45.45 92.19
CA GLN L 140 -68.00 -46.50 92.15
C GLN L 140 -67.46 -47.76 92.81
N VAL L 141 -66.23 -48.13 92.45
CA VAL L 141 -65.55 -49.24 93.10
C VAL L 141 -65.50 -49.03 94.60
N ARG L 142 -65.14 -47.81 95.02
CA ARG L 142 -64.98 -47.55 96.45
C ARG L 142 -66.31 -47.74 97.18
N GLN L 143 -67.38 -47.17 96.64
CA GLN L 143 -68.65 -47.25 97.34
C GLN L 143 -69.19 -48.68 97.35
N ILE L 144 -69.02 -49.42 96.25
CA ILE L 144 -69.52 -50.79 96.28
C ILE L 144 -68.69 -51.64 97.23
N ARG L 145 -67.37 -51.43 97.28
CA ARG L 145 -66.56 -52.15 98.24
C ARG L 145 -66.97 -51.81 99.65
N LYS L 146 -67.27 -50.53 99.90
CA LYS L 146 -67.73 -50.13 101.22
C LYS L 146 -69.04 -50.82 101.58
N LYS L 147 -69.97 -50.88 100.63
CA LYS L 147 -71.25 -51.54 100.88
C LYS L 147 -71.06 -53.00 101.21
N MET L 148 -70.25 -53.71 100.43
CA MET L 148 -70.05 -55.13 100.67
C MET L 148 -69.26 -55.38 101.95
N MET L 149 -68.28 -54.52 102.25
CA MET L 149 -67.57 -54.60 103.52
C MET L 149 -68.55 -54.51 104.68
N GLU L 150 -69.35 -53.45 104.71
CA GLU L 150 -70.27 -53.27 105.83
C GLU L 150 -71.26 -54.42 105.89
N ILE L 151 -71.82 -54.81 104.74
CA ILE L 151 -72.90 -55.79 104.75
C ILE L 151 -72.38 -57.13 105.25
N MET L 152 -71.18 -57.52 104.85
CA MET L 152 -70.64 -58.77 105.37
C MET L 152 -70.35 -58.64 106.85
N THR L 153 -69.81 -57.49 107.29
CA THR L 153 -69.50 -57.35 108.71
C THR L 153 -70.77 -57.49 109.56
N ARG L 154 -71.85 -56.84 109.13
CA ARG L 154 -73.10 -56.96 109.89
C ARG L 154 -73.70 -58.35 109.74
N GLU L 155 -73.37 -59.04 108.65
CA GLU L 155 -73.87 -60.39 108.46
C GLU L 155 -73.12 -61.42 109.30
N VAL L 156 -71.86 -61.16 109.62
CA VAL L 156 -71.09 -62.08 110.46
C VAL L 156 -71.20 -61.74 111.95
N GLN L 157 -71.16 -60.47 112.31
CA GLN L 157 -71.17 -60.10 113.72
C GLN L 157 -72.48 -60.47 114.41
N THR L 158 -73.58 -60.49 113.67
CA THR L 158 -74.87 -60.77 114.29
C THR L 158 -74.91 -62.15 114.93
N ASN L 159 -74.49 -63.17 114.19
CA ASN L 159 -74.68 -64.56 114.57
C ASN L 159 -73.37 -65.13 115.12
N ASP L 160 -73.39 -66.42 115.42
CA ASP L 160 -72.23 -67.12 115.94
C ASP L 160 -71.51 -67.86 114.80
N LEU L 161 -70.47 -68.60 115.16
CA LEU L 161 -69.66 -69.29 114.16
C LEU L 161 -70.47 -70.30 113.39
N LYS L 162 -71.32 -71.07 114.08
CA LYS L 162 -72.06 -72.14 113.40
C LYS L 162 -73.02 -71.55 112.38
N GLU L 163 -73.76 -70.51 112.77
CA GLU L 163 -74.62 -69.83 111.80
C GLU L 163 -73.79 -69.15 110.72
N VAL L 164 -72.54 -68.78 111.04
CA VAL L 164 -71.67 -68.21 110.02
C VAL L 164 -71.38 -69.25 108.93
N VAL L 165 -70.91 -70.42 109.34
CA VAL L 165 -70.47 -71.40 108.35
C VAL L 165 -71.65 -72.06 107.67
N ASN L 166 -72.69 -72.43 108.42
CA ASN L 166 -73.76 -73.22 107.84
C ASN L 166 -74.49 -72.44 106.75
N LYS L 167 -74.68 -71.14 106.96
CA LYS L 167 -75.17 -70.28 105.90
C LYS L 167 -74.07 -69.87 104.92
N LEU L 168 -72.81 -70.05 105.32
CA LEU L 168 -71.69 -69.76 104.42
C LEU L 168 -71.42 -70.93 103.49
N ILE L 169 -71.81 -72.15 103.89
CA ILE L 169 -71.71 -73.27 102.97
C ILE L 169 -72.43 -73.02 101.66
N PRO L 170 -73.68 -72.54 101.62
CA PRO L 170 -74.28 -72.18 100.35
C PRO L 170 -73.84 -70.82 99.83
N ASP L 171 -73.00 -70.11 100.58
CA ASP L 171 -72.54 -68.78 100.22
C ASP L 171 -73.71 -67.85 99.91
N SER L 172 -74.75 -67.90 100.74
CA SER L 172 -75.83 -66.94 100.62
C SER L 172 -75.32 -65.52 100.71
N ILE L 173 -74.22 -65.31 101.45
CA ILE L 173 -73.54 -64.03 101.43
C ILE L 173 -73.02 -63.71 100.02
N GLY L 174 -72.81 -64.72 99.18
CA GLY L 174 -72.37 -64.49 97.83
C GLY L 174 -73.44 -64.10 96.85
N LYS L 175 -74.70 -64.14 97.25
CA LYS L 175 -75.81 -63.75 96.39
C LYS L 175 -76.52 -62.52 96.88
N ASP L 176 -76.66 -62.36 98.20
CA ASP L 176 -77.19 -61.11 98.73
C ASP L 176 -76.29 -59.94 98.36
N ILE L 177 -74.99 -60.18 98.18
CA ILE L 177 -74.09 -59.11 97.77
C ILE L 177 -74.52 -58.56 96.43
N GLU L 178 -74.72 -59.43 95.48
CA GLU L 178 -75.15 -58.99 94.17
C GLU L 178 -76.53 -58.43 94.14
N LYS L 179 -77.43 -59.00 94.92
CA LYS L 179 -78.77 -58.46 94.97
C LYS L 179 -78.78 -57.10 95.66
N ALA L 180 -77.73 -56.79 96.41
CA ALA L 180 -77.64 -55.49 97.05
C ALA L 180 -76.92 -54.47 96.18
N CYS L 181 -76.00 -54.92 95.34
CA CYS L 181 -75.15 -54.01 94.58
C CYS L 181 -75.56 -53.87 93.13
N GLN L 182 -76.47 -54.72 92.62
CA GLN L 182 -76.79 -54.68 91.20
C GLN L 182 -77.39 -53.34 90.80
N SER L 183 -78.14 -52.71 91.71
CA SER L 183 -78.72 -51.42 91.39
C SER L 183 -77.67 -50.33 91.29
N ILE L 184 -76.44 -50.60 91.75
CA ILE L 184 -75.32 -49.68 91.61
C ILE L 184 -74.37 -50.13 90.51
N TYR L 185 -74.04 -51.41 90.47
CA TYR L 185 -73.31 -51.99 89.35
C TYR L 185 -73.53 -53.49 89.29
N PRO L 186 -74.03 -54.02 88.18
CA PRO L 186 -74.35 -55.46 88.10
C PRO L 186 -73.07 -56.29 88.12
N LEU L 187 -72.96 -57.20 89.06
CA LEU L 187 -71.76 -58.02 89.13
C LEU L 187 -72.28 -59.44 88.95
N HIS L 188 -71.57 -60.28 88.25
CA HIS L 188 -72.11 -61.64 88.10
C HIS L 188 -71.51 -62.64 89.05
N ASP L 189 -70.23 -62.50 89.30
CA ASP L 189 -69.42 -63.52 89.92
C ASP L 189 -68.85 -62.85 91.15
N VAL L 190 -69.54 -63.00 92.26
CA VAL L 190 -69.13 -62.45 93.54
C VAL L 190 -69.16 -63.58 94.55
N PHE L 191 -67.98 -64.05 94.93
CA PHE L 191 -67.85 -65.06 95.98
C PHE L 191 -66.90 -64.54 97.03
N VAL L 192 -67.16 -64.90 98.28
CA VAL L 192 -66.14 -64.79 99.31
C VAL L 192 -65.09 -65.85 99.04
N ARG L 193 -63.84 -65.45 98.93
CA ARG L 193 -62.82 -66.35 98.39
C ARG L 193 -61.97 -66.99 99.47
N LYS L 194 -61.71 -66.31 100.57
CA LYS L 194 -60.81 -66.87 101.58
C LYS L 194 -61.16 -66.31 102.95
N VAL L 195 -61.14 -67.18 103.95
CA VAL L 195 -61.16 -66.76 105.35
C VAL L 195 -60.03 -67.47 106.06
N LYS L 196 -59.38 -66.76 106.99
CA LYS L 196 -58.30 -67.34 107.77
C LYS L 196 -58.61 -67.19 109.24
N MET L 197 -58.73 -68.31 109.94
CA MET L 197 -58.78 -68.29 111.39
C MET L 197 -57.50 -67.66 111.92
N LEU L 198 -57.63 -66.74 112.87
CA LEU L 198 -56.46 -66.10 113.45
C LEU L 198 -56.07 -66.74 114.78
N LYS L 199 -56.99 -66.75 115.75
CA LYS L 199 -56.76 -67.41 117.03
C LYS L 199 -58.06 -68.02 117.53
N LYS L 200 -58.04 -69.31 117.78
CA LYS L 200 -59.14 -69.95 118.50
C LYS L 200 -59.09 -69.53 119.95
N PRO L 201 -60.11 -68.89 120.47
CA PRO L 201 -60.10 -68.50 121.89
C PRO L 201 -60.29 -69.67 122.83
N LYS L 202 -59.24 -69.96 123.60
CA LYS L 202 -59.31 -70.72 124.84
C LYS L 202 -59.54 -72.22 124.65
N PHE L 203 -59.84 -72.65 123.44
CA PHE L 203 -60.07 -74.07 123.14
C PHE L 203 -61.02 -74.71 124.16
N GLU L 204 -62.24 -74.21 124.16
CA GLU L 204 -63.28 -74.81 124.99
C GLU L 204 -63.56 -76.22 124.51
N LEU L 205 -63.89 -77.11 125.44
CA LEU L 205 -64.11 -78.50 125.09
C LEU L 205 -65.56 -78.78 124.74
N GLY L 206 -66.47 -78.63 125.70
CA GLY L 206 -67.83 -79.10 125.51
C GLY L 206 -68.51 -78.54 124.28
N LYS L 207 -68.09 -77.35 123.85
CA LYS L 207 -68.64 -76.77 122.63
C LYS L 207 -68.41 -77.68 121.44
N LEU L 208 -67.23 -78.27 121.34
CA LEU L 208 -66.90 -79.02 120.14
C LEU L 208 -67.55 -80.40 120.10
N MET L 209 -67.72 -81.07 121.25
CA MET L 209 -68.53 -82.29 121.23
C MET L 209 -70.01 -81.99 121.08
N GLU L 210 -70.45 -80.81 121.53
CA GLU L 210 -71.79 -80.38 121.17
C GLU L 210 -71.92 -80.18 119.67
N LEU L 211 -70.91 -79.57 119.06
CA LEU L 211 -70.90 -79.35 117.62
C LEU L 211 -70.84 -80.66 116.86
N HIS L 212 -70.17 -81.66 117.43
CA HIS L 212 -70.11 -82.99 116.84
C HIS L 212 -71.22 -83.90 117.35
N GLY L 213 -72.01 -83.45 118.32
CA GLY L 213 -73.12 -84.23 118.81
C GLY L 213 -74.44 -83.83 118.17
N GLU L 214 -75.29 -83.15 118.92
CA GLU L 214 -76.58 -82.72 118.40
C GLU L 214 -76.86 -81.26 118.77
N SER M 1 -101.64 31.37 70.19
CA SER M 1 -101.93 30.02 70.68
C SER M 1 -101.16 29.72 71.97
N ALA M 2 -101.80 28.98 72.88
CA ALA M 2 -101.15 28.56 74.11
C ALA M 2 -100.12 27.47 73.79
N LYS M 3 -98.87 27.74 74.11
CA LYS M 3 -97.75 26.88 73.72
C LYS M 3 -96.94 26.50 74.96
N ILE M 4 -97.64 26.01 75.99
CA ILE M 4 -97.02 25.83 77.30
C ILE M 4 -95.98 24.71 77.31
N VAL M 5 -96.12 23.70 76.45
CA VAL M 5 -95.17 22.60 76.46
C VAL M 5 -94.39 22.55 75.14
N LYS M 6 -93.26 23.23 75.10
CA LYS M 6 -92.34 23.13 73.97
C LYS M 6 -90.92 23.52 74.39
N PRO M 7 -90.23 22.69 75.15
CA PRO M 7 -88.78 22.88 75.27
C PRO M 7 -88.14 22.71 73.90
N ASN M 8 -87.27 23.64 73.55
CA ASN M 8 -86.64 23.66 72.24
C ASN M 8 -85.22 24.18 72.43
N GLY M 9 -84.58 24.59 71.33
CA GLY M 9 -83.23 25.11 71.50
C GLY M 9 -83.26 26.43 72.24
N GLU M 10 -83.64 27.53 71.57
CA GLU M 10 -84.10 28.70 72.31
C GLU M 10 -85.45 29.19 71.80
N LYS M 11 -85.48 29.59 70.53
CA LYS M 11 -86.63 30.15 69.84
C LYS M 11 -87.59 29.16 69.18
N PRO M 12 -87.11 28.18 68.41
CA PRO M 12 -87.89 27.69 67.27
C PRO M 12 -89.23 27.07 67.65
N ASP M 13 -90.20 27.25 66.75
CA ASP M 13 -91.49 26.57 66.82
C ASP M 13 -91.99 26.45 65.38
N GLU M 14 -91.80 25.28 64.78
CA GLU M 14 -92.11 25.08 63.36
C GLU M 14 -93.56 24.67 63.25
N PHE M 15 -94.43 25.67 63.09
CA PHE M 15 -95.88 25.50 62.97
C PHE M 15 -96.38 24.38 63.88
N GLU M 16 -95.83 24.36 65.09
CA GLU M 16 -96.11 23.30 66.03
C GLU M 16 -97.57 23.29 66.50
N SER M 17 -98.35 24.29 66.09
CA SER M 17 -99.77 24.32 66.42
C SER M 17 -100.52 23.13 65.84
N GLY M 18 -99.95 22.45 64.85
CA GLY M 18 -100.52 21.20 64.37
C GLY M 18 -100.09 19.97 65.14
N ILE M 19 -99.03 20.06 65.94
CA ILE M 19 -98.53 18.91 66.67
C ILE M 19 -98.41 19.20 68.15
N SER M 20 -97.70 20.28 68.50
CA SER M 20 -97.57 20.63 69.91
C SER M 20 -98.94 20.92 70.52
N GLN M 21 -99.79 21.63 69.79
CA GLN M 21 -101.15 21.85 70.23
C GLN M 21 -101.95 20.55 70.28
N ALA M 22 -101.60 19.56 69.46
CA ALA M 22 -102.22 18.26 69.60
C ALA M 22 -101.87 17.65 70.95
N LEU M 23 -100.61 17.79 71.38
CA LEU M 23 -100.23 17.34 72.70
C LEU M 23 -100.96 18.12 73.78
N LEU M 24 -101.15 19.42 73.56
CA LEU M 24 -101.80 20.28 74.55
C LEU M 24 -103.30 20.07 74.63
N GLU M 25 -103.94 19.64 73.55
CA GLU M 25 -105.35 19.29 73.60
C GLU M 25 -105.55 17.81 73.91
N LEU M 26 -104.47 17.05 74.00
CA LEU M 26 -104.56 15.65 74.39
C LEU M 26 -104.74 15.51 75.90
N GLU M 27 -104.68 16.60 76.63
CA GLU M 27 -105.10 16.60 78.02
C GLU M 27 -106.58 16.24 78.13
N MET M 28 -107.04 16.09 79.36
CA MET M 28 -108.40 15.60 79.65
C MET M 28 -108.65 14.27 78.92
N ASN M 29 -107.67 13.39 79.00
CA ASN M 29 -107.80 12.03 78.49
C ASN M 29 -108.04 11.07 79.64
N SER M 30 -108.63 9.93 79.31
CA SER M 30 -108.90 8.89 80.31
C SER M 30 -107.61 8.18 80.68
N ASP M 31 -107.24 8.27 81.96
CA ASP M 31 -106.08 7.63 82.59
C ASP M 31 -104.80 7.66 81.76
N LEU M 32 -104.62 8.72 80.96
CA LEU M 32 -103.37 8.94 80.26
C LEU M 32 -102.59 10.15 80.75
N LYS M 33 -103.27 11.19 81.26
CA LYS M 33 -102.62 12.43 81.64
C LYS M 33 -101.81 12.33 82.91
N ALA M 34 -101.59 11.12 83.42
CA ALA M 34 -100.82 10.96 84.65
C ALA M 34 -99.36 11.36 84.51
N GLN M 35 -98.82 11.39 83.29
CA GLN M 35 -97.38 11.58 83.16
C GLN M 35 -96.96 12.70 82.21
N LEU M 36 -97.72 12.94 81.14
CA LEU M 36 -97.27 13.93 80.17
C LEU M 36 -97.29 15.35 80.69
N ARG M 37 -97.92 15.61 81.84
CA ARG M 37 -97.85 16.94 82.42
C ARG M 37 -96.44 17.30 82.82
N GLU M 38 -95.66 16.33 83.28
CA GLU M 38 -94.30 16.58 83.74
C GLU M 38 -93.24 16.17 82.74
N LEU M 39 -93.63 15.50 81.65
CA LEU M 39 -92.69 15.06 80.63
C LEU M 39 -92.87 15.90 79.38
N ASN M 40 -91.75 16.37 78.82
CA ASN M 40 -91.78 17.36 77.76
C ASN M 40 -91.21 16.79 76.46
N ILE M 41 -91.06 17.66 75.46
CA ILE M 41 -90.56 17.28 74.14
C ILE M 41 -89.56 18.34 73.70
N THR M 42 -88.72 17.99 72.73
CA THR M 42 -87.73 18.92 72.20
C THR M 42 -88.05 19.41 70.79
N ALA M 43 -88.24 18.50 69.84
CA ALA M 43 -88.48 18.89 68.47
C ALA M 43 -89.14 17.75 67.73
N ALA M 44 -89.56 18.04 66.50
CA ALA M 44 -90.19 17.05 65.65
C ALA M 44 -90.06 17.50 64.21
N LYS M 45 -90.16 16.55 63.28
CA LYS M 45 -90.20 16.85 61.87
C LYS M 45 -91.27 16.01 61.20
N GLU M 46 -91.75 16.52 60.07
CA GLU M 46 -92.89 16.01 59.33
C GLU M 46 -92.46 15.58 57.94
N ILE M 47 -91.35 14.83 57.89
CA ILE M 47 -90.73 14.42 56.65
C ILE M 47 -91.66 13.54 55.83
N GLU M 48 -91.35 13.37 54.56
CA GLU M 48 -92.15 12.58 53.64
C GLU M 48 -91.44 11.28 53.31
N VAL M 49 -92.22 10.21 53.13
CA VAL M 49 -91.70 8.87 52.89
C VAL M 49 -92.18 8.41 51.52
N GLY M 50 -91.23 8.08 50.64
CA GLY M 50 -91.54 7.50 49.36
C GLY M 50 -92.43 8.35 48.48
N GLY M 51 -93.68 7.93 48.34
CA GLY M 51 -94.66 8.66 47.58
C GLY M 51 -95.70 9.33 48.47
N GLY M 52 -96.86 8.69 48.60
CA GLY M 52 -97.96 9.22 49.39
C GLY M 52 -97.87 8.97 50.88
N ARG M 53 -96.80 8.35 51.36
CA ARG M 53 -96.64 8.13 52.78
C ARG M 53 -96.16 9.40 53.48
N LYS M 54 -96.70 9.64 54.66
CA LYS M 54 -96.33 10.81 55.46
C LYS M 54 -95.91 10.33 56.84
N ALA M 55 -94.72 10.73 57.28
CA ALA M 55 -94.15 10.28 58.52
C ALA M 55 -93.87 11.46 59.43
N ILE M 56 -94.33 11.39 60.67
CA ILE M 56 -94.07 12.40 61.67
C ILE M 56 -93.06 11.85 62.66
N ILE M 57 -91.86 12.40 62.64
CA ILE M 57 -90.80 11.97 63.56
C ILE M 57 -90.68 13.02 64.67
N ILE M 58 -90.55 12.53 65.89
CA ILE M 58 -90.59 13.39 67.08
C ILE M 58 -89.33 13.15 67.88
N PHE M 59 -88.63 14.23 68.23
CA PHE M 59 -87.32 14.17 68.84
C PHE M 59 -87.45 14.44 70.33
N VAL M 60 -86.77 13.63 71.14
CA VAL M 60 -87.01 13.56 72.58
C VAL M 60 -85.71 13.73 73.37
N PRO M 61 -85.75 14.30 74.57
CA PRO M 61 -84.58 14.19 75.46
C PRO M 61 -84.41 12.76 75.94
N VAL M 62 -83.17 12.37 76.15
CA VAL M 62 -82.81 10.97 76.40
C VAL M 62 -83.51 10.43 77.64
N PRO M 63 -83.38 11.05 78.82
CA PRO M 63 -84.07 10.50 79.99
C PRO M 63 -85.57 10.50 79.81
N GLN M 64 -86.10 11.51 79.13
CA GLN M 64 -87.54 11.57 78.94
C GLN M 64 -88.01 10.58 77.88
N LEU M 65 -87.18 10.25 76.90
CA LEU M 65 -87.55 9.14 76.02
C LEU M 65 -87.53 7.82 76.79
N LYS M 66 -86.54 7.66 77.68
CA LYS M 66 -86.54 6.47 78.54
C LYS M 66 -87.84 6.39 79.32
N SER M 67 -88.33 7.52 79.81
CA SER M 67 -89.62 7.55 80.48
C SER M 67 -90.74 7.17 79.51
N PHE M 68 -90.71 7.72 78.29
CA PHE M 68 -91.78 7.49 77.32
C PHE M 68 -91.88 6.05 76.87
N GLN M 69 -90.79 5.29 76.90
CA GLN M 69 -90.85 3.90 76.46
C GLN M 69 -91.98 3.16 77.16
N LYS M 70 -92.16 3.41 78.45
CA LYS M 70 -93.25 2.78 79.18
C LYS M 70 -94.60 3.11 78.56
N ILE M 71 -94.73 4.28 77.92
CA ILE M 71 -96.03 4.77 77.50
C ILE M 71 -96.07 4.97 75.99
N GLN M 72 -95.11 4.39 75.28
CA GLN M 72 -95.02 4.59 73.83
C GLN M 72 -96.33 4.27 73.12
N VAL M 73 -96.77 3.02 73.21
CA VAL M 73 -98.00 2.62 72.53
C VAL M 73 -99.24 3.27 73.12
N ARG M 74 -99.11 3.86 74.32
CA ARG M 74 -100.29 4.37 75.01
C ARG M 74 -100.84 5.62 74.35
N LEU M 75 -100.06 6.25 73.47
CA LEU M 75 -100.54 7.45 72.79
C LEU M 75 -100.33 7.42 71.29
N VAL M 76 -99.42 6.59 70.78
CA VAL M 76 -99.15 6.59 69.34
C VAL M 76 -100.39 6.18 68.57
N ARG M 77 -101.17 5.24 69.13
CA ARG M 77 -102.40 4.86 68.46
C ARG M 77 -103.37 6.04 68.39
N GLU M 78 -103.45 6.82 69.48
CA GLU M 78 -104.36 7.96 69.48
C GLU M 78 -103.90 9.03 68.50
N LEU M 79 -102.59 9.31 68.49
CA LEU M 79 -102.06 10.32 67.58
C LEU M 79 -102.23 9.87 66.13
N GLU M 80 -102.11 8.57 65.87
CA GLU M 80 -102.43 8.04 64.56
C GLU M 80 -103.89 8.27 64.21
N LYS M 81 -104.79 8.06 65.18
CA LYS M 81 -106.20 8.30 64.93
C LYS M 81 -106.44 9.76 64.54
N LYS M 82 -105.96 10.69 65.36
CA LYS M 82 -106.24 12.10 65.10
C LYS M 82 -105.49 12.64 63.89
N PHE M 83 -104.46 11.96 63.40
CA PHE M 83 -103.84 12.29 62.12
C PHE M 83 -103.63 10.97 61.38
N SER M 84 -104.64 10.56 60.63
CA SER M 84 -104.56 9.32 59.87
C SER M 84 -103.61 9.49 58.70
N GLY M 85 -102.92 8.40 58.35
CA GLY M 85 -101.93 8.46 57.30
C GLY M 85 -100.61 9.05 57.72
N LYS M 86 -100.39 9.26 59.01
CA LYS M 86 -99.15 9.82 59.53
C LYS M 86 -98.53 8.82 60.48
N HIS M 87 -97.39 8.25 60.10
CA HIS M 87 -96.69 7.27 60.91
C HIS M 87 -95.74 8.00 61.85
N VAL M 88 -95.79 7.67 63.13
CA VAL M 88 -95.12 8.45 64.17
C VAL M 88 -94.17 7.56 64.95
N VAL M 89 -92.94 8.04 65.13
CA VAL M 89 -91.94 7.38 65.96
C VAL M 89 -91.29 8.43 66.83
N PHE M 90 -90.60 7.99 67.88
CA PHE M 90 -89.95 8.87 68.85
C PHE M 90 -88.45 8.61 68.84
N ILE M 91 -87.65 9.67 68.91
CA ILE M 91 -86.21 9.57 68.84
C ILE M 91 -85.60 10.50 69.89
N ALA M 92 -84.55 10.02 70.55
CA ALA M 92 -83.84 10.76 71.57
C ALA M 92 -82.74 11.62 70.95
N GLN M 93 -82.31 12.64 71.69
CA GLN M 93 -81.24 13.53 71.24
C GLN M 93 -79.92 13.04 71.78
N ARG M 94 -78.96 12.78 70.90
CA ARG M 94 -77.70 12.21 71.31
C ARG M 94 -76.56 13.23 71.37
N ARG M 95 -76.69 14.36 70.69
CA ARG M 95 -75.66 15.40 70.67
C ARG M 95 -74.30 14.78 70.34
N ILE M 96 -74.20 14.34 69.09
CA ILE M 96 -72.96 13.72 68.62
C ILE M 96 -71.79 14.67 68.82
N LEU M 97 -70.70 14.13 69.36
CA LEU M 97 -69.50 14.93 69.44
C LEU M 97 -68.56 14.58 68.31
N PRO M 98 -67.77 15.52 67.81
CA PRO M 98 -66.82 15.20 66.74
C PRO M 98 -65.71 14.31 67.26
N LYS M 99 -65.13 13.55 66.34
CA LYS M 99 -63.95 12.77 66.70
C LYS M 99 -62.79 13.73 66.94
N PRO M 100 -62.11 13.66 68.08
CA PRO M 100 -61.04 14.63 68.37
C PRO M 100 -59.87 14.43 67.43
N THR M 101 -59.59 15.45 66.63
CA THR M 101 -58.46 15.42 65.72
C THR M 101 -57.34 16.29 66.26
N ARG M 102 -56.23 16.34 65.51
CA ARG M 102 -55.06 17.10 65.95
C ARG M 102 -55.30 18.60 65.90
N LYS M 103 -56.42 19.04 65.34
CA LYS M 103 -56.72 20.47 65.27
C LYS M 103 -58.06 20.80 65.92
N LYS M 107 -59.72 26.79 75.23
CA LYS M 107 -59.12 26.01 74.16
C LYS M 107 -58.89 24.56 74.59
N ASN M 108 -59.64 24.10 75.59
CA ASN M 108 -59.46 22.77 76.16
C ASN M 108 -60.80 22.04 76.25
N LYS M 109 -60.80 20.77 75.85
CA LYS M 109 -61.96 19.89 75.97
C LYS M 109 -61.54 18.63 76.68
N GLN M 110 -62.40 18.10 77.55
CA GLN M 110 -62.11 16.85 78.22
C GLN M 110 -62.63 15.68 77.38
N LYS M 111 -62.48 14.47 77.91
CA LYS M 111 -62.65 13.27 77.09
C LYS M 111 -64.06 13.16 76.52
N ARG M 112 -64.14 12.73 75.27
CA ARG M 112 -65.40 12.36 74.66
C ARG M 112 -65.79 10.97 75.13
N PRO M 113 -66.81 10.81 75.97
CA PRO M 113 -67.17 9.47 76.43
C PRO M 113 -67.71 8.62 75.31
N ARG M 114 -67.56 7.31 75.47
CA ARG M 114 -67.94 6.37 74.41
C ARG M 114 -69.41 6.48 74.05
N SER M 115 -70.25 7.00 74.94
CA SER M 115 -71.66 7.20 74.66
C SER M 115 -71.91 8.38 73.74
N ARG M 116 -70.87 9.06 73.28
CA ARG M 116 -71.01 10.26 72.47
C ARG M 116 -70.28 10.13 71.14
N THR M 117 -70.15 8.92 70.63
CA THR M 117 -69.56 8.70 69.32
C THR M 117 -70.62 8.15 68.38
N LEU M 118 -70.52 8.49 67.10
CA LEU M 118 -71.67 8.36 66.21
C LEU M 118 -72.10 6.91 66.06
N THR M 119 -71.14 5.97 66.05
CA THR M 119 -71.54 4.58 65.97
C THR M 119 -72.28 4.15 67.22
N ALA M 120 -71.91 4.71 68.37
CA ALA M 120 -72.56 4.39 69.63
C ALA M 120 -73.89 5.08 69.78
N VAL M 121 -74.28 5.95 68.85
CA VAL M 121 -75.57 6.60 68.92
C VAL M 121 -76.51 6.14 67.82
N HIS M 122 -76.01 5.86 66.61
CA HIS M 122 -76.90 5.36 65.56
C HIS M 122 -77.48 4.01 65.90
N ASP M 123 -76.71 3.14 66.55
CA ASP M 123 -77.24 1.86 67.00
C ASP M 123 -78.42 2.06 67.93
N ALA M 124 -78.30 2.98 68.87
CA ALA M 124 -79.38 3.17 69.83
C ALA M 124 -80.56 3.91 69.21
N ILE M 125 -80.33 4.73 68.19
CA ILE M 125 -81.49 5.30 67.52
C ILE M 125 -82.23 4.22 66.72
N LEU M 126 -81.50 3.26 66.15
CA LEU M 126 -82.18 2.07 65.62
C LEU M 126 -82.94 1.35 66.71
N GLU M 127 -82.34 1.22 67.88
CA GLU M 127 -82.96 0.51 68.99
C GLU M 127 -84.30 1.13 69.36
N ASP M 128 -84.28 2.41 69.74
CA ASP M 128 -85.51 3.05 70.18
C ASP M 128 -86.49 3.32 69.04
N LEU M 129 -86.00 3.44 67.81
CA LEU M 129 -86.90 3.71 66.70
C LEU M 129 -87.83 2.51 66.47
N VAL M 130 -87.33 1.31 66.68
CA VAL M 130 -88.16 0.11 66.63
C VAL M 130 -88.53 -0.38 68.03
N PHE M 131 -88.56 0.53 69.01
CA PHE M 131 -88.65 0.20 70.43
C PHE M 131 -89.75 -0.81 70.77
N PRO M 132 -90.96 -0.73 70.21
CA PRO M 132 -91.97 -1.73 70.56
C PRO M 132 -91.49 -3.15 70.36
N SER M 133 -90.50 -3.34 69.49
CA SER M 133 -89.77 -4.60 69.38
C SER M 133 -88.33 -4.37 69.81
N GLU M 134 -87.51 -5.41 69.67
CA GLU M 134 -86.09 -5.32 69.96
C GLU M 134 -85.31 -6.05 68.87
N ILE M 135 -84.01 -5.88 68.88
CA ILE M 135 -83.15 -6.30 67.79
C ILE M 135 -82.66 -7.72 68.03
N VAL M 136 -82.46 -8.47 66.95
CA VAL M 136 -81.94 -9.83 67.03
C VAL M 136 -80.63 -10.00 66.27
N GLY M 137 -80.32 -9.13 65.31
CA GLY M 137 -79.03 -9.19 64.66
C GLY M 137 -79.01 -8.24 63.48
N LYS M 138 -77.79 -7.91 63.03
CA LYS M 138 -77.62 -7.03 61.89
C LYS M 138 -76.48 -7.51 61.00
N ARG M 139 -76.61 -7.26 59.71
CA ARG M 139 -75.77 -7.83 58.66
C ARG M 139 -75.39 -6.76 57.63
N ILE M 140 -74.84 -5.63 58.10
CA ILE M 140 -74.50 -4.52 57.21
C ILE M 140 -73.79 -5.02 55.96
N ARG M 141 -74.34 -4.71 54.79
CA ARG M 141 -73.99 -5.41 53.56
C ARG M 141 -73.56 -4.45 52.46
N VAL M 142 -72.36 -4.66 51.94
CA VAL M 142 -71.91 -3.98 50.73
C VAL M 142 -72.46 -4.70 49.51
N LYS M 143 -73.04 -3.95 48.57
CA LYS M 143 -73.63 -4.52 47.36
C LYS M 143 -72.71 -4.33 46.14
N LEU M 144 -71.56 -5.00 46.15
CA LEU M 144 -70.64 -5.06 45.00
C LEU M 144 -69.99 -3.72 44.65
N ASP M 145 -70.39 -2.63 45.32
CA ASP M 145 -69.88 -1.34 44.91
C ASP M 145 -69.38 -0.49 46.06
N GLY M 146 -69.28 -1.03 47.27
CA GLY M 146 -68.89 -0.26 48.43
C GLY M 146 -70.03 0.32 49.22
N SER M 147 -71.19 0.52 48.61
CA SER M 147 -72.35 1.04 49.31
C SER M 147 -72.95 -0.04 50.17
N ARG M 148 -73.21 0.28 51.43
CA ARG M 148 -73.48 -0.71 52.46
C ARG M 148 -74.92 -0.61 52.97
N LEU M 149 -75.58 -1.77 53.07
CA LEU M 149 -76.97 -1.84 53.50
C LEU M 149 -77.09 -2.75 54.71
N ILE M 150 -77.86 -2.33 55.68
CA ILE M 150 -78.06 -3.07 56.92
C ILE M 150 -79.30 -3.95 56.79
N LYS M 151 -79.22 -5.17 57.30
CA LYS M 151 -80.38 -6.04 57.45
C LYS M 151 -80.55 -6.33 58.93
N VAL M 152 -81.69 -5.94 59.49
CA VAL M 152 -81.91 -5.98 60.94
C VAL M 152 -82.95 -7.03 61.25
N HIS M 153 -82.66 -7.87 62.23
CA HIS M 153 -83.55 -8.95 62.62
C HIS M 153 -84.29 -8.58 63.90
N LEU M 154 -85.60 -8.73 63.89
CA LEU M 154 -86.45 -8.35 65.00
C LEU M 154 -87.07 -9.60 65.61
N ASP M 155 -87.99 -9.39 66.56
CA ASP M 155 -88.41 -10.49 67.43
C ASP M 155 -89.25 -11.54 66.71
N LYS M 156 -89.86 -11.18 65.58
CA LYS M 156 -90.95 -11.98 65.02
C LYS M 156 -92.00 -12.26 66.08
N ALA M 157 -92.25 -11.26 66.92
CA ALA M 157 -93.28 -11.34 67.95
C ALA M 157 -94.37 -10.29 67.75
N GLN M 158 -94.00 -9.04 67.52
CA GLN M 158 -94.97 -7.98 67.26
C GLN M 158 -95.17 -7.74 65.77
N GLN M 159 -95.45 -8.78 64.99
CA GLN M 159 -95.79 -8.57 63.58
C GLN M 159 -97.08 -7.78 63.46
N ASN M 160 -98.12 -8.24 64.15
CA ASN M 160 -99.39 -7.52 64.13
C ASN M 160 -99.23 -6.10 64.64
N ASN M 161 -98.45 -5.93 65.72
CA ASN M 161 -98.23 -4.58 66.26
C ASN M 161 -97.31 -3.78 65.36
N VAL M 162 -96.19 -4.36 64.93
CA VAL M 162 -95.28 -3.63 64.05
C VAL M 162 -94.78 -4.54 62.93
N GLU M 163 -95.42 -4.45 61.77
CA GLU M 163 -94.86 -4.99 60.54
C GLU M 163 -95.09 -4.11 59.33
N HIS M 164 -96.02 -3.17 59.39
CA HIS M 164 -96.42 -2.40 58.23
C HIS M 164 -95.76 -1.03 58.17
N LYS M 165 -94.85 -0.73 59.09
CA LYS M 165 -94.15 0.54 59.10
C LYS M 165 -92.65 0.37 58.90
N VAL M 166 -92.20 -0.82 58.49
CA VAL M 166 -90.78 -1.04 58.27
C VAL M 166 -90.25 -0.08 57.22
N GLU M 167 -91.01 0.09 56.12
CA GLU M 167 -90.61 1.03 55.08
C GLU M 167 -90.44 2.42 55.66
N THR M 168 -91.30 2.80 56.60
CA THR M 168 -91.18 4.12 57.20
C THR M 168 -89.91 4.23 58.03
N PHE M 169 -89.58 3.19 58.80
CA PHE M 169 -88.34 3.26 59.56
C PHE M 169 -87.13 3.36 58.65
N SER M 170 -87.13 2.60 57.55
CA SER M 170 -86.03 2.69 56.60
C SER M 170 -85.94 4.10 56.03
N GLY M 171 -87.09 4.67 55.68
CA GLY M 171 -87.09 6.01 55.12
C GLY M 171 -86.57 7.04 56.10
N VAL M 172 -87.05 6.99 57.35
CA VAL M 172 -86.61 7.99 58.31
C VAL M 172 -85.13 7.84 58.59
N TYR M 173 -84.63 6.60 58.65
CA TYR M 173 -83.22 6.42 58.96
C TYR M 173 -82.34 6.88 57.80
N LYS M 174 -82.71 6.57 56.57
CA LYS M 174 -82.00 7.14 55.43
C LYS M 174 -82.06 8.67 55.47
N LYS M 175 -83.19 9.21 55.93
CA LYS M 175 -83.34 10.65 56.03
C LYS M 175 -82.30 11.24 57.00
N LEU M 176 -82.23 10.70 58.21
CA LEU M 176 -81.47 11.42 59.23
C LEU M 176 -80.05 10.87 59.41
N THR M 177 -79.66 9.85 58.64
CA THR M 177 -78.31 9.33 58.78
C THR M 177 -77.64 9.05 57.44
N GLY M 178 -78.41 9.04 56.36
CA GLY M 178 -77.85 8.75 55.06
C GLY M 178 -77.44 7.32 54.84
N LYS M 179 -78.03 6.38 55.58
CA LYS M 179 -77.73 4.96 55.46
C LYS M 179 -79.02 4.17 55.26
N ASP M 180 -78.96 3.18 54.38
CA ASP M 180 -80.15 2.42 54.03
C ASP M 180 -80.22 1.13 54.83
N VAL M 181 -81.39 0.87 55.40
CA VAL M 181 -81.63 -0.30 56.23
C VAL M 181 -82.91 -0.96 55.74
N ASN M 182 -83.00 -2.27 56.00
CA ASN M 182 -84.28 -2.96 55.92
C ASN M 182 -84.32 -4.01 57.01
N PHE M 183 -85.52 -4.24 57.53
CA PHE M 183 -85.73 -5.13 58.65
C PHE M 183 -86.42 -6.40 58.17
N GLU M 184 -86.05 -7.52 58.77
CA GLU M 184 -86.66 -8.80 58.45
C GLU M 184 -87.11 -9.47 59.73
N PHE M 185 -88.22 -10.19 59.64
CA PHE M 185 -88.65 -11.01 60.75
C PHE M 185 -88.12 -12.41 60.53
N PRO M 186 -87.09 -12.83 61.25
CA PRO M 186 -86.53 -14.17 61.04
C PRO M 186 -87.48 -15.20 61.62
N GLU M 187 -87.15 -16.46 61.39
CA GLU M 187 -87.87 -17.55 62.05
C GLU M 187 -87.45 -17.59 63.51
N PHE M 188 -87.90 -18.61 64.23
CA PHE M 188 -87.51 -18.77 65.62
C PHE M 188 -86.00 -18.80 65.75
N GLN M 189 -85.48 -18.07 66.72
CA GLN M 189 -84.04 -18.02 66.96
C GLN M 189 -83.57 -19.26 67.70
N MET N 1 -53.82 -11.68 25.37
CA MET N 1 -54.87 -11.47 24.38
C MET N 1 -55.43 -10.06 24.50
N GLN N 2 -55.93 -9.52 23.39
CA GLN N 2 -56.42 -8.15 23.34
C GLN N 2 -55.31 -7.17 23.72
N ASN N 3 -54.21 -7.21 22.97
CA ASN N 3 -53.09 -6.33 23.26
C ASN N 3 -53.45 -4.89 22.91
N ASP N 4 -52.48 -3.99 23.08
CA ASP N 4 -52.75 -2.58 22.81
C ASP N 4 -53.18 -2.37 21.36
N ALA N 5 -52.79 -3.26 20.46
CA ALA N 5 -53.36 -3.23 19.12
C ALA N 5 -54.84 -3.58 19.13
N GLY N 6 -55.28 -4.34 20.14
CA GLY N 6 -56.67 -4.73 20.28
C GLY N 6 -57.00 -6.11 19.74
N GLU N 7 -56.03 -6.89 19.29
CA GLU N 7 -56.33 -8.19 18.71
C GLU N 7 -55.99 -9.30 19.68
N PHE N 8 -56.69 -10.40 19.55
CA PHE N 8 -56.60 -11.49 20.52
C PHE N 8 -55.35 -12.33 20.27
N VAL N 9 -54.27 -12.03 20.99
CA VAL N 9 -53.01 -12.77 20.87
C VAL N 9 -53.06 -13.92 21.87
N ASP N 10 -53.57 -15.04 21.38
CA ASP N 10 -53.62 -16.23 22.22
C ASP N 10 -53.81 -17.45 21.35
N LEU N 11 -52.84 -18.32 21.37
CA LEU N 11 -52.90 -19.45 20.48
C LEU N 11 -54.03 -20.40 20.83
N TYR N 12 -54.54 -20.33 22.06
CA TYR N 12 -55.86 -20.85 22.39
C TYR N 12 -56.20 -20.42 23.80
N VAL N 13 -57.49 -20.38 24.09
CA VAL N 13 -57.99 -20.02 25.41
C VAL N 13 -58.40 -21.29 26.13
N PRO N 14 -57.71 -21.66 27.21
CA PRO N 14 -58.12 -22.84 27.96
C PRO N 14 -59.50 -22.62 28.55
N ARG N 15 -60.29 -23.69 28.56
CA ARG N 15 -61.61 -23.54 29.14
C ARG N 15 -61.48 -23.50 30.67
N LYS N 16 -62.45 -22.88 31.31
CA LYS N 16 -62.47 -22.72 32.75
C LYS N 16 -63.66 -23.52 33.28
N CYS N 17 -63.38 -24.50 34.13
CA CYS N 17 -64.44 -25.38 34.62
C CYS N 17 -65.49 -24.55 35.35
N SER N 18 -66.76 -24.84 35.08
CA SER N 18 -67.84 -24.03 35.61
C SER N 18 -68.25 -24.42 37.02
N ALA N 19 -67.68 -25.49 37.57
CA ALA N 19 -67.98 -25.85 38.95
C ALA N 19 -67.30 -24.89 39.92
N SER N 20 -65.97 -24.87 39.90
CA SER N 20 -65.22 -23.99 40.77
C SER N 20 -64.48 -22.90 40.02
N ASN N 21 -64.98 -22.49 38.85
CA ASN N 21 -64.36 -21.47 37.99
C ASN N 21 -62.85 -21.60 37.99
N ARG N 22 -62.39 -22.83 37.83
CA ARG N 22 -60.98 -23.13 37.69
C ARG N 22 -60.69 -23.49 36.24
N ILE N 23 -59.69 -22.85 35.66
CA ILE N 23 -59.27 -23.19 34.32
C ILE N 23 -58.65 -24.57 34.34
N ILE N 24 -58.83 -25.30 33.26
CA ILE N 24 -58.51 -26.72 33.21
C ILE N 24 -57.17 -26.91 32.52
N GLY N 25 -56.40 -27.89 32.98
CA GLY N 25 -55.11 -28.16 32.39
C GLY N 25 -55.22 -28.87 31.06
N ALA N 26 -54.36 -28.45 30.13
CA ALA N 26 -54.32 -29.09 28.82
C ALA N 26 -53.97 -30.56 28.93
N LYS N 27 -53.01 -30.90 29.78
CA LYS N 27 -52.67 -32.30 30.03
C LYS N 27 -53.55 -32.93 31.09
N ASP N 28 -54.47 -32.18 31.69
CA ASP N 28 -55.30 -32.77 32.73
C ASP N 28 -56.26 -33.76 32.11
N HIS N 29 -55.89 -35.04 32.11
CA HIS N 29 -56.70 -36.02 31.41
C HIS N 29 -57.74 -36.61 32.27
N ALA N 30 -58.14 -35.87 33.30
CA ALA N 30 -59.21 -36.27 34.18
C ALA N 30 -60.48 -35.45 33.98
N SER N 31 -60.34 -34.19 33.61
CA SER N 31 -61.46 -33.28 33.60
C SER N 31 -62.51 -33.70 32.58
N ILE N 32 -63.77 -33.42 32.91
CA ILE N 32 -64.89 -33.91 32.14
C ILE N 32 -65.73 -32.79 31.58
N GLN N 33 -66.13 -32.92 30.32
CA GLN N 33 -67.07 -32.01 29.70
C GLN N 33 -68.35 -32.81 29.42
N MET N 34 -69.24 -32.84 30.40
CA MET N 34 -70.53 -33.48 30.22
C MET N 34 -71.51 -32.49 29.59
N ASN N 35 -72.59 -33.01 29.03
CA ASN N 35 -73.60 -32.18 28.38
C ASN N 35 -74.96 -32.45 29.00
N VAL N 36 -75.81 -31.44 28.97
CA VAL N 36 -77.18 -31.55 29.49
C VAL N 36 -78.16 -31.23 28.38
N ALA N 37 -79.21 -32.05 28.28
CA ALA N 37 -80.18 -31.96 27.21
C ALA N 37 -81.55 -31.65 27.79
N GLU N 38 -82.14 -30.56 27.33
CA GLU N 38 -83.43 -30.15 27.86
C GLU N 38 -84.53 -31.04 27.29
N VAL N 39 -85.77 -30.66 27.55
CA VAL N 39 -86.93 -31.39 27.04
C VAL N 39 -87.98 -30.35 26.68
N ASP N 40 -89.01 -30.81 25.98
CA ASP N 40 -90.06 -29.88 25.57
C ASP N 40 -91.12 -29.77 26.65
N LYS N 41 -91.95 -28.74 26.53
CA LYS N 41 -92.95 -28.47 27.55
C LYS N 41 -94.12 -29.44 27.43
N VAL N 42 -94.49 -29.80 26.20
CA VAL N 42 -95.69 -30.59 26.00
C VAL N 42 -95.51 -32.05 26.41
N THR N 43 -94.41 -32.70 26.05
CA THR N 43 -94.33 -34.14 26.28
C THR N 43 -92.99 -34.63 26.82
N GLY N 44 -92.07 -33.75 27.18
CA GLY N 44 -90.78 -34.22 27.64
C GLY N 44 -89.95 -34.89 26.56
N ARG N 45 -90.37 -34.82 25.31
CA ARG N 45 -89.53 -35.30 24.22
C ARG N 45 -88.32 -34.39 24.08
N PHE N 46 -87.41 -34.79 23.19
CA PHE N 46 -86.19 -34.02 22.98
C PHE N 46 -86.48 -32.82 22.10
N ASN N 47 -86.09 -31.63 22.57
CA ASN N 47 -86.25 -30.44 21.73
C ASN N 47 -85.36 -30.51 20.51
N GLY N 48 -84.12 -30.95 20.68
CA GLY N 48 -83.16 -31.01 19.61
C GLY N 48 -81.82 -30.44 20.03
N GLN N 49 -81.85 -29.46 20.93
CA GLN N 49 -80.63 -28.81 21.38
C GLN N 49 -80.30 -29.24 22.81
N PHE N 50 -79.23 -28.67 23.33
CA PHE N 50 -78.58 -29.17 24.54
C PHE N 50 -77.76 -28.03 25.14
N LYS N 51 -77.46 -28.17 26.43
CA LYS N 51 -76.54 -27.26 27.10
C LYS N 51 -75.50 -28.10 27.83
N THR N 52 -74.56 -27.45 28.50
CA THR N 52 -73.44 -28.23 29.03
C THR N 52 -72.77 -27.48 30.17
N TYR N 53 -72.05 -28.25 30.98
CA TYR N 53 -71.17 -27.74 32.02
C TYR N 53 -69.78 -28.33 31.79
N ALA N 54 -68.91 -28.14 32.79
CA ALA N 54 -67.59 -28.71 32.75
C ALA N 54 -67.11 -28.90 34.18
N ILE N 55 -66.29 -29.91 34.39
CA ILE N 55 -65.81 -30.28 35.71
C ILE N 55 -64.31 -30.43 35.66
N CYS N 56 -63.60 -29.81 36.60
CA CYS N 56 -62.15 -29.94 36.63
C CYS N 56 -61.77 -31.29 37.21
N GLY N 57 -60.58 -31.75 36.86
CA GLY N 57 -60.13 -33.04 37.36
C GLY N 57 -60.14 -33.12 38.87
N ALA N 58 -59.70 -32.05 39.52
CA ALA N 58 -59.63 -32.06 40.98
C ALA N 58 -61.01 -32.08 41.62
N ILE N 59 -61.92 -31.22 41.12
CA ILE N 59 -63.20 -31.07 41.83
C ILE N 59 -63.98 -32.36 41.81
N ARG N 60 -63.92 -33.10 40.70
CA ARG N 60 -64.49 -34.44 40.69
C ARG N 60 -63.58 -35.43 41.38
N ARG N 61 -62.29 -35.11 41.52
CA ARG N 61 -61.35 -36.05 42.08
C ARG N 61 -61.54 -36.21 43.58
N MET N 62 -61.68 -35.10 44.30
CA MET N 62 -61.95 -35.21 45.72
C MET N 62 -63.36 -35.70 45.98
N GLY N 63 -64.14 -35.94 44.93
CA GLY N 63 -65.44 -36.56 45.05
C GLY N 63 -66.61 -35.62 45.01
N GLU N 64 -66.44 -34.42 44.49
CA GLU N 64 -67.47 -33.39 44.63
C GLU N 64 -68.13 -33.01 43.32
N SER N 65 -68.10 -33.91 42.34
CA SER N 65 -68.82 -33.65 41.10
C SER N 65 -70.34 -33.60 41.34
N ASP N 66 -70.85 -34.47 42.21
CA ASP N 66 -72.30 -34.61 42.35
C ASP N 66 -72.94 -33.33 42.88
N ASP N 67 -72.37 -32.75 43.94
CA ASP N 67 -72.89 -31.49 44.43
C ASP N 67 -72.80 -30.42 43.37
N SER N 68 -71.66 -30.36 42.67
CA SER N 68 -71.47 -29.30 41.68
C SER N 68 -72.52 -29.38 40.58
N ILE N 69 -72.73 -30.57 40.00
CA ILE N 69 -73.68 -30.59 38.90
C ILE N 69 -75.11 -30.54 39.39
N LEU N 70 -75.37 -30.93 40.64
CA LEU N 70 -76.70 -30.68 41.19
C LEU N 70 -76.98 -29.19 41.24
N ARG N 71 -76.00 -28.42 41.70
CA ARG N 71 -76.21 -26.98 41.79
C ARG N 71 -76.29 -26.34 40.40
N LEU N 72 -75.40 -26.76 39.49
CA LEU N 72 -75.47 -26.26 38.12
C LEU N 72 -76.59 -26.90 37.32
N ALA N 73 -77.40 -27.74 37.95
CA ALA N 73 -78.69 -28.12 37.39
C ALA N 73 -79.80 -27.26 37.96
N LYS N 74 -79.80 -27.05 39.27
CA LYS N 74 -80.80 -26.20 39.89
C LYS N 74 -80.70 -24.77 39.38
N ALA N 75 -79.47 -24.27 39.26
CA ALA N 75 -79.27 -22.87 38.91
C ALA N 75 -79.80 -22.54 37.52
N ASP N 76 -79.50 -23.37 36.52
CA ASP N 76 -79.88 -23.06 35.16
C ASP N 76 -81.28 -23.55 34.81
N GLY N 77 -81.97 -24.19 35.75
CA GLY N 77 -83.37 -24.47 35.53
C GLY N 77 -83.70 -25.91 35.18
N ILE N 78 -83.10 -26.86 35.87
CA ILE N 78 -83.49 -28.25 35.71
C ILE N 78 -84.92 -28.37 36.22
N VAL N 79 -85.60 -29.45 35.85
CA VAL N 79 -87.05 -29.55 36.02
C VAL N 79 -87.43 -29.49 37.50
N SER N 80 -86.58 -30.03 38.37
CA SER N 80 -86.96 -30.23 39.77
C SER N 80 -87.23 -28.94 40.52
N LYS N 81 -86.20 -28.14 40.77
CA LYS N 81 -86.28 -26.88 41.52
C LYS N 81 -86.66 -27.13 42.99
N ASN N 82 -87.11 -28.33 43.33
CA ASN N 82 -87.73 -28.56 44.62
C ASN N 82 -86.86 -29.45 45.48
N PHE N 83 -85.56 -29.20 45.46
CA PHE N 83 -84.62 -29.95 46.27
C PHE N 83 -84.37 -29.23 47.59
N THR O 1 -34.37 -46.92 59.18
CA THR O 1 -35.24 -45.89 59.73
C THR O 1 -36.39 -46.48 60.53
N LYS O 2 -37.36 -45.62 60.88
CA LYS O 2 -38.48 -46.00 61.73
C LYS O 2 -39.24 -47.20 61.17
N LYS O 3 -39.24 -48.31 61.89
CA LYS O 3 -39.87 -49.52 61.38
C LYS O 3 -41.40 -49.43 61.45
N ARG O 4 -41.94 -48.95 62.57
CA ARG O 4 -43.37 -48.96 62.78
C ARG O 4 -43.88 -47.57 63.12
N ARG O 5 -45.19 -47.39 63.05
CA ARG O 5 -45.80 -46.15 63.55
C ARG O 5 -45.58 -46.04 65.04
N ASN O 6 -46.11 -46.98 65.81
CA ASN O 6 -45.66 -47.16 67.17
C ASN O 6 -44.25 -47.74 67.15
N ASN O 7 -43.71 -48.01 68.34
CA ASN O 7 -42.37 -48.54 68.46
C ASN O 7 -42.36 -50.00 68.88
N GLY O 8 -43.29 -50.80 68.38
CA GLY O 8 -43.43 -52.17 68.84
C GLY O 8 -43.96 -52.29 70.24
N ARG O 9 -44.32 -51.19 70.87
CA ARG O 9 -44.78 -51.17 72.25
C ARG O 9 -46.12 -50.44 72.31
N ALA O 10 -46.93 -50.81 73.29
CA ALA O 10 -48.21 -50.14 73.51
C ALA O 10 -48.07 -49.12 74.63
N LYS O 11 -47.23 -48.12 74.37
CA LYS O 11 -47.13 -46.95 75.24
C LYS O 11 -47.49 -45.74 74.39
N LYS O 12 -48.44 -44.98 74.87
CA LYS O 12 -49.05 -43.95 74.03
C LYS O 12 -49.20 -42.60 74.71
N GLY O 13 -49.55 -42.57 75.99
CA GLY O 13 -49.80 -41.32 76.68
C GLY O 13 -49.15 -41.29 78.04
N ARG O 14 -48.58 -42.41 78.45
CA ARG O 14 -47.84 -42.51 79.70
C ARG O 14 -46.37 -42.26 79.45
N GLY O 15 -45.67 -41.84 80.50
CA GLY O 15 -44.27 -41.54 80.36
C GLY O 15 -43.39 -42.77 80.44
N HIS O 16 -43.65 -43.63 81.42
CA HIS O 16 -42.84 -44.82 81.64
C HIS O 16 -43.72 -45.91 82.22
N VAL O 17 -43.58 -47.12 81.70
CA VAL O 17 -44.33 -48.26 82.18
C VAL O 17 -43.40 -49.17 82.95
N GLN O 18 -43.99 -50.14 83.64
CA GLN O 18 -43.23 -51.00 84.52
C GLN O 18 -42.57 -52.13 83.74
N PRO O 19 -41.34 -52.51 84.05
CA PRO O 19 -40.71 -53.60 83.34
C PRO O 19 -41.12 -54.95 83.91
N ILE O 20 -41.22 -55.92 83.02
CA ILE O 20 -41.54 -57.30 83.37
C ILE O 20 -40.47 -58.21 82.80
N ARG O 21 -40.33 -59.38 83.41
CA ARG O 21 -39.23 -60.27 83.09
C ARG O 21 -39.66 -61.38 82.15
N CYS O 22 -38.84 -61.63 81.12
CA CYS O 22 -39.15 -62.64 80.13
C CYS O 22 -39.03 -64.03 80.74
N THR O 23 -40.08 -64.84 80.57
CA THR O 23 -40.15 -66.10 81.32
C THR O 23 -39.19 -67.17 80.81
N ASN O 24 -38.85 -67.15 79.53
CA ASN O 24 -37.88 -68.09 78.97
C ASN O 24 -36.53 -67.45 78.73
N CYS O 25 -36.45 -66.13 78.84
CA CYS O 25 -35.24 -65.41 78.49
C CYS O 25 -34.65 -64.61 79.64
N ALA O 26 -35.44 -64.24 80.64
CA ALA O 26 -34.99 -63.55 81.85
C ALA O 26 -34.65 -62.08 81.59
N ARG O 27 -34.66 -61.66 80.33
CA ARG O 27 -34.60 -60.24 80.00
C ARG O 27 -35.80 -59.54 80.63
N CYS O 28 -35.55 -58.39 81.24
CA CYS O 28 -36.66 -57.61 81.76
C CYS O 28 -37.10 -56.61 80.69
N VAL O 29 -38.36 -56.67 80.32
CA VAL O 29 -38.88 -55.83 79.24
C VAL O 29 -40.08 -55.06 79.72
N PRO O 30 -40.32 -53.86 79.21
CA PRO O 30 -41.53 -53.12 79.58
C PRO O 30 -42.77 -53.92 79.22
N LYS O 31 -43.79 -53.80 80.08
CA LYS O 31 -44.97 -54.66 79.97
C LYS O 31 -45.61 -54.57 78.59
N ASP O 32 -45.74 -53.36 78.06
CA ASP O 32 -46.47 -53.19 76.81
C ASP O 32 -45.78 -53.92 75.67
N LYS O 33 -44.45 -53.79 75.56
CA LYS O 33 -43.78 -54.33 74.38
C LYS O 33 -43.68 -55.85 74.45
N ALA O 34 -43.77 -56.40 75.66
CA ALA O 34 -43.70 -57.85 75.80
C ALA O 34 -44.89 -58.51 75.13
N ILE O 35 -44.68 -59.73 74.65
CA ILE O 35 -45.71 -60.50 73.96
C ILE O 35 -46.37 -61.41 74.98
N LYS O 36 -47.70 -61.47 74.95
CA LYS O 36 -48.48 -62.22 75.91
C LYS O 36 -49.18 -63.38 75.21
N LYS O 37 -49.01 -64.58 75.74
CA LYS O 37 -49.76 -65.75 75.32
C LYS O 37 -50.50 -66.28 76.53
N PHE O 38 -51.82 -66.29 76.48
CA PHE O 38 -52.62 -66.76 77.60
C PHE O 38 -52.92 -68.24 77.37
N VAL O 39 -52.11 -69.10 77.99
CA VAL O 39 -52.26 -70.53 77.81
C VAL O 39 -53.42 -71.03 78.66
N ILE O 40 -54.30 -71.84 78.05
CA ILE O 40 -55.51 -72.31 78.70
C ILE O 40 -55.43 -73.83 78.79
N ARG O 41 -54.24 -74.37 78.53
CA ARG O 41 -54.06 -75.80 78.33
C ARG O 41 -54.54 -76.60 79.53
N ASN O 42 -55.06 -77.80 79.25
CA ASN O 42 -55.50 -78.70 80.31
C ASN O 42 -54.33 -79.49 80.86
N ILE O 43 -54.46 -79.92 82.12
CA ILE O 43 -53.46 -80.79 82.75
C ILE O 43 -53.66 -82.27 82.49
N VAL O 44 -54.72 -82.65 81.77
CA VAL O 44 -54.97 -84.04 81.51
C VAL O 44 -54.44 -84.50 80.17
N GLU O 45 -54.00 -83.57 79.31
CA GLU O 45 -53.42 -83.90 78.01
C GLU O 45 -54.39 -84.74 77.19
N ALA O 46 -55.44 -84.05 76.73
CA ALA O 46 -56.65 -84.62 76.14
C ALA O 46 -56.36 -85.76 75.17
N ALA O 47 -55.16 -85.78 74.59
CA ALA O 47 -54.75 -86.98 73.87
C ALA O 47 -54.77 -88.23 74.74
N ALA O 48 -54.65 -88.08 76.05
CA ALA O 48 -54.58 -89.21 76.98
C ALA O 48 -55.50 -88.98 78.17
N VAL O 49 -56.75 -88.59 77.90
CA VAL O 49 -57.72 -88.36 78.96
C VAL O 49 -58.69 -89.54 79.11
N ARG O 50 -59.07 -90.20 78.02
CA ARG O 50 -60.06 -91.26 78.09
C ARG O 50 -59.66 -92.34 79.09
N ASP O 51 -58.36 -92.60 79.23
CA ASP O 51 -57.92 -93.56 80.23
C ASP O 51 -58.14 -93.04 81.64
N ILE O 52 -57.97 -91.73 81.83
CA ILE O 52 -58.14 -91.16 83.17
C ILE O 52 -59.60 -91.22 83.59
N SER O 53 -60.52 -91.17 82.63
CA SER O 53 -61.94 -91.04 82.97
C SER O 53 -62.43 -92.22 83.80
N GLU O 54 -62.20 -93.44 83.33
CA GLU O 54 -62.76 -94.59 84.02
C GLU O 54 -62.06 -94.88 85.33
N ALA O 55 -60.77 -94.55 85.44
CA ALA O 55 -60.06 -94.81 86.69
C ALA O 55 -60.39 -93.80 87.77
N SER O 56 -61.11 -92.73 87.42
CA SER O 56 -61.55 -91.77 88.42
C SER O 56 -62.58 -92.40 89.35
N VAL O 57 -62.59 -91.94 90.60
CA VAL O 57 -63.59 -92.46 91.53
C VAL O 57 -64.99 -92.05 91.10
N PHE O 58 -65.13 -90.91 90.44
CA PHE O 58 -66.44 -90.47 89.99
C PHE O 58 -66.69 -90.94 88.57
N ASP O 59 -67.89 -90.63 88.08
CA ASP O 59 -68.26 -90.90 86.69
C ASP O 59 -68.42 -89.63 85.89
N ALA O 60 -69.25 -88.70 86.34
CA ALA O 60 -69.42 -87.42 85.68
C ALA O 60 -68.57 -86.35 86.37
N TYR O 61 -67.26 -86.57 86.37
CA TYR O 61 -66.31 -85.62 86.88
C TYR O 61 -65.79 -84.75 85.74
N VAL O 62 -65.61 -83.46 86.01
CA VAL O 62 -65.19 -82.51 85.00
C VAL O 62 -63.68 -82.33 85.09
N LEU O 63 -62.99 -82.54 83.98
CA LEU O 63 -61.56 -82.35 83.92
C LEU O 63 -61.24 -80.86 84.07
N PRO O 64 -60.16 -80.52 84.77
CA PRO O 64 -59.79 -79.12 84.96
C PRO O 64 -58.78 -78.66 83.91
N LYS O 65 -58.51 -77.36 83.95
CA LYS O 65 -57.59 -76.74 83.00
C LYS O 65 -56.53 -75.98 83.77
N LEU O 66 -55.64 -75.30 83.04
CA LEU O 66 -54.74 -74.31 83.64
C LEU O 66 -54.91 -73.00 82.89
N TYR O 67 -54.87 -71.90 83.60
CA TYR O 67 -54.90 -70.58 83.00
C TYR O 67 -53.71 -69.79 83.52
N VAL O 68 -52.76 -69.51 82.63
CA VAL O 68 -51.53 -68.81 82.99
C VAL O 68 -51.25 -67.75 81.94
N LYS O 69 -51.00 -66.53 82.40
CA LYS O 69 -50.56 -65.44 81.53
C LYS O 69 -49.05 -65.60 81.35
N LEU O 70 -48.61 -65.59 80.10
CA LEU O 70 -47.27 -66.00 79.75
C LEU O 70 -46.63 -64.93 78.87
N HIS O 71 -45.45 -64.46 79.27
CA HIS O 71 -44.81 -63.31 78.62
C HIS O 71 -43.51 -63.72 77.96
N TYR O 72 -43.29 -63.22 76.75
CA TYR O 72 -42.09 -63.51 75.98
C TYR O 72 -41.39 -62.21 75.61
N CYS O 73 -40.08 -62.19 75.76
CA CYS O 73 -39.28 -61.15 75.14
C CYS O 73 -39.34 -61.31 73.63
N VAL O 74 -38.96 -60.24 72.92
CA VAL O 74 -38.98 -60.29 71.46
C VAL O 74 -38.13 -61.43 70.94
N SER O 75 -36.90 -61.53 71.44
CA SER O 75 -35.98 -62.56 70.94
C SER O 75 -36.51 -63.96 71.25
N CYS O 76 -36.98 -64.18 72.48
CA CYS O 76 -37.58 -65.46 72.79
C CYS O 76 -38.91 -65.66 72.06
N ALA O 77 -39.60 -64.56 71.74
CA ALA O 77 -40.82 -64.70 70.97
C ALA O 77 -40.54 -65.25 69.58
N ILE O 78 -39.52 -64.74 68.92
CA ILE O 78 -39.29 -65.19 67.56
C ILE O 78 -38.46 -66.48 67.53
N HIS O 79 -37.71 -66.78 68.60
CA HIS O 79 -37.03 -68.06 68.63
C HIS O 79 -38.04 -69.18 68.85
N SER O 80 -39.06 -68.93 69.66
CA SER O 80 -40.15 -69.88 69.84
C SER O 80 -41.08 -69.92 68.65
N LYS O 81 -40.80 -69.13 67.60
CA LYS O 81 -41.58 -69.12 66.37
C LYS O 81 -43.05 -68.79 66.65
N VAL O 82 -43.31 -68.01 67.70
CA VAL O 82 -44.70 -67.63 67.98
C VAL O 82 -45.08 -66.35 67.26
N VAL O 83 -44.12 -65.66 66.65
CA VAL O 83 -44.40 -64.40 65.97
C VAL O 83 -43.65 -64.39 64.65
N ARG O 84 -44.35 -63.99 63.59
CA ARG O 84 -43.85 -64.06 62.23
C ARG O 84 -43.43 -62.67 61.78
N ASN O 85 -42.18 -62.53 61.36
CA ASN O 85 -41.77 -61.30 60.71
C ASN O 85 -42.47 -61.18 59.38
N ARG O 86 -43.14 -60.05 59.16
CA ARG O 86 -43.95 -59.87 57.97
C ARG O 86 -43.43 -58.71 57.14
N SER O 87 -44.00 -58.54 55.96
CA SER O 87 -43.60 -57.48 55.05
C SER O 87 -44.14 -56.16 55.55
N ARG O 88 -43.81 -55.07 54.86
CA ARG O 88 -44.30 -53.75 55.25
C ARG O 88 -45.81 -53.75 55.34
N GLU O 89 -46.48 -54.17 54.27
CA GLU O 89 -47.94 -54.22 54.27
C GLU O 89 -48.46 -55.25 55.24
N ALA O 90 -47.84 -56.44 55.27
CA ALA O 90 -48.32 -57.49 56.15
C ALA O 90 -48.08 -57.15 57.61
N ARG O 91 -46.98 -56.43 57.91
CA ARG O 91 -46.73 -56.00 59.27
C ARG O 91 -47.88 -55.15 59.80
N LYS O 92 -48.36 -54.22 58.99
CA LYS O 92 -49.47 -53.38 59.39
C LYS O 92 -50.75 -54.20 59.39
N ASP O 93 -50.93 -54.99 60.44
CA ASP O 93 -52.12 -55.80 60.65
C ASP O 93 -52.10 -56.25 62.09
N ARG O 94 -53.21 -56.06 62.80
CA ARG O 94 -53.23 -56.28 64.23
C ARG O 94 -54.19 -57.39 64.66
N THR O 95 -55.17 -57.74 63.85
CA THR O 95 -56.07 -58.81 64.23
C THR O 95 -55.28 -60.11 64.30
N PRO O 96 -55.50 -60.94 65.32
CA PRO O 96 -54.70 -62.14 65.46
C PRO O 96 -55.11 -63.19 64.46
N PRO O 97 -54.28 -64.19 64.22
CA PRO O 97 -54.68 -65.31 63.37
C PRO O 97 -55.87 -66.05 64.02
N PRO O 98 -56.69 -66.70 63.19
CA PRO O 98 -57.98 -67.19 63.71
C PRO O 98 -57.87 -68.48 64.51
N ARG O 99 -58.99 -68.97 65.01
CA ARG O 99 -58.99 -70.02 66.03
C ARG O 99 -59.28 -71.40 65.48
N PHE O 100 -59.81 -71.52 64.26
CA PHE O 100 -60.10 -72.80 63.62
C PHE O 100 -61.08 -73.62 64.46
N ARG O 101 -62.30 -73.09 64.59
CA ARG O 101 -63.37 -73.85 65.24
C ARG O 101 -63.66 -75.18 64.55
N PRO O 102 -63.71 -75.27 63.20
CA PRO O 102 -63.80 -76.62 62.63
C PRO O 102 -62.58 -77.49 62.94
N GLU P 1 -50.12 -44.28 4.55
CA GLU P 1 -49.67 -45.62 4.92
C GLU P 1 -49.98 -45.88 6.40
N TRP P 2 -50.36 -44.82 7.11
CA TRP P 2 -50.66 -44.95 8.52
C TRP P 2 -52.00 -45.67 8.63
N MET P 3 -52.13 -46.62 9.55
CA MET P 3 -53.43 -47.14 9.94
C MET P 3 -53.84 -46.67 11.33
N PRO P 4 -54.74 -45.70 11.46
CA PRO P 4 -55.12 -45.15 12.77
C PRO P 4 -56.02 -46.08 13.56
N VAL P 5 -55.63 -46.36 14.80
CA VAL P 5 -56.52 -47.10 15.67
C VAL P 5 -56.79 -46.26 16.90
N THR P 6 -57.78 -45.38 16.79
CA THR P 6 -58.30 -44.54 17.86
C THR P 6 -59.40 -43.68 17.22
N LYS P 7 -60.30 -43.12 18.02
CA LYS P 7 -61.25 -42.18 17.46
C LYS P 7 -60.54 -40.97 16.87
N LEU P 8 -59.81 -40.22 17.71
CA LEU P 8 -59.13 -39.04 17.20
C LEU P 8 -58.08 -39.42 16.16
N GLY P 9 -57.57 -40.65 16.25
CA GLY P 9 -56.67 -41.12 15.21
C GLY P 9 -57.34 -41.08 13.84
N ARG P 10 -58.57 -41.59 13.75
CA ARG P 10 -59.29 -41.42 12.49
C ARG P 10 -59.54 -39.94 12.23
N LEU P 11 -60.10 -39.22 13.21
CA LEU P 11 -60.54 -37.85 12.97
C LEU P 11 -59.42 -36.92 12.50
N VAL P 12 -58.16 -37.28 12.74
CA VAL P 12 -57.07 -36.54 12.13
C VAL P 12 -56.56 -37.21 10.86
N LYS P 13 -56.71 -38.53 10.73
CA LYS P 13 -56.28 -39.19 9.50
C LYS P 13 -57.10 -38.72 8.31
N ASP P 14 -58.42 -38.63 8.48
CA ASP P 14 -59.28 -38.27 7.37
C ASP P 14 -59.25 -36.77 7.10
N MET P 15 -58.38 -36.03 7.79
CA MET P 15 -58.31 -34.58 7.63
C MET P 15 -59.66 -33.93 7.90
N LYS P 16 -60.36 -34.42 8.91
CA LYS P 16 -61.68 -33.87 9.16
C LYS P 16 -61.66 -32.75 10.18
N ILE P 17 -60.77 -32.81 11.15
CA ILE P 17 -60.53 -31.70 12.06
C ILE P 17 -59.12 -31.19 11.83
N LYS P 18 -58.97 -29.88 11.76
CA LYS P 18 -57.69 -29.21 11.62
C LYS P 18 -57.34 -28.57 12.96
N SER P 19 -56.25 -27.81 12.98
CA SER P 19 -55.98 -26.85 14.05
C SER P 19 -55.90 -27.53 15.41
N LEU P 20 -54.83 -28.31 15.58
CA LEU P 20 -54.60 -29.20 16.70
C LEU P 20 -55.11 -28.66 18.03
N GLU P 21 -54.98 -27.36 18.29
CA GLU P 21 -55.21 -26.81 19.62
C GLU P 21 -56.61 -27.07 20.17
N GLU P 22 -57.55 -27.56 19.37
CA GLU P 22 -58.81 -27.99 19.97
C GLU P 22 -58.61 -29.23 20.82
N ILE P 23 -57.56 -30.01 20.54
CA ILE P 23 -57.27 -31.17 21.36
C ILE P 23 -56.86 -30.72 22.76
N TYR P 24 -56.27 -29.53 22.87
CA TYR P 24 -55.89 -28.99 24.17
C TYR P 24 -57.03 -28.28 24.86
N LEU P 25 -57.85 -27.54 24.11
CA LEU P 25 -59.01 -26.89 24.72
C LEU P 25 -59.91 -27.93 25.33
N PHE P 26 -59.96 -29.12 24.75
CA PHE P 26 -60.76 -30.17 25.35
C PHE P 26 -59.95 -31.13 26.20
N SER P 27 -58.63 -31.07 26.15
CA SER P 27 -57.78 -31.87 27.04
C SER P 27 -58.04 -33.36 26.90
N LEU P 28 -58.29 -33.82 25.68
CA LEU P 28 -58.39 -35.26 25.45
C LEU P 28 -57.01 -35.89 25.55
N PRO P 29 -56.93 -37.15 25.95
CA PRO P 29 -55.66 -37.87 25.89
C PRO P 29 -55.18 -38.09 24.47
N ILE P 30 -53.86 -38.10 24.32
CA ILE P 30 -53.18 -38.42 23.07
C ILE P 30 -52.49 -39.75 23.26
N LYS P 31 -52.73 -40.67 22.33
CA LYS P 31 -52.14 -41.99 22.41
C LYS P 31 -51.26 -42.31 21.21
N GLU P 32 -51.12 -41.38 20.27
CA GLU P 32 -50.38 -41.61 19.04
C GLU P 32 -49.48 -40.42 18.76
N SER P 33 -48.39 -40.65 18.05
CA SER P 33 -47.41 -39.61 17.79
C SER P 33 -47.52 -38.98 16.41
N GLU P 34 -47.93 -39.75 15.41
CA GLU P 34 -47.99 -39.25 14.05
C GLU P 34 -48.97 -38.10 13.89
N ILE P 35 -49.96 -37.98 14.78
CA ILE P 35 -50.96 -36.94 14.62
C ILE P 35 -50.32 -35.55 14.69
N ILE P 36 -49.44 -35.35 15.68
CA ILE P 36 -48.76 -34.07 15.77
C ILE P 36 -47.68 -33.97 14.70
N ASP P 37 -47.17 -35.11 14.23
CA ASP P 37 -46.26 -35.09 13.08
C ASP P 37 -46.94 -34.42 11.90
N PHE P 38 -48.18 -34.79 11.61
CA PHE P 38 -48.90 -34.10 10.56
C PHE P 38 -49.26 -32.68 10.96
N PHE P 39 -49.65 -32.47 12.22
CA PHE P 39 -50.17 -31.16 12.59
C PHE P 39 -49.09 -30.09 12.62
N LEU P 40 -47.84 -30.48 12.82
CA LEU P 40 -46.73 -29.53 12.84
C LEU P 40 -45.51 -30.10 12.14
N GLY P 41 -45.72 -30.78 11.01
CA GLY P 41 -44.62 -31.36 10.27
C GLY P 41 -43.72 -30.32 9.66
N ALA P 42 -42.44 -30.68 9.55
CA ALA P 42 -41.37 -29.84 9.02
C ALA P 42 -41.14 -28.63 9.92
N SER P 43 -41.94 -28.53 10.99
CA SER P 43 -41.84 -27.45 11.95
C SER P 43 -41.52 -27.97 13.35
N LEU P 44 -40.97 -29.18 13.45
CA LEU P 44 -40.60 -29.76 14.73
C LEU P 44 -39.11 -30.02 14.73
N LYS P 45 -38.46 -29.74 15.85
CA LYS P 45 -37.05 -30.04 16.00
C LYS P 45 -36.83 -30.87 17.26
N ASP P 46 -36.02 -31.91 17.11
CA ASP P 46 -35.70 -32.84 18.18
C ASP P 46 -34.28 -32.60 18.66
N GLU P 47 -34.12 -32.52 19.98
CA GLU P 47 -32.80 -32.38 20.58
C GLU P 47 -32.70 -33.33 21.76
N VAL P 48 -31.64 -34.12 21.79
CA VAL P 48 -31.39 -35.08 22.85
C VAL P 48 -30.59 -34.39 23.94
N LEU P 49 -31.07 -34.48 25.17
CA LEU P 49 -30.42 -33.80 26.29
C LEU P 49 -29.27 -34.61 26.86
N LYS P 50 -29.53 -35.83 27.30
CA LYS P 50 -28.48 -36.66 27.88
C LYS P 50 -28.84 -38.11 27.68
N ILE P 51 -27.82 -38.92 27.42
CA ILE P 51 -27.94 -40.37 27.42
C ILE P 51 -27.25 -40.86 28.69
N MET P 52 -28.00 -41.53 29.55
CA MET P 52 -27.44 -41.92 30.83
C MET P 52 -27.44 -43.43 30.98
N PRO P 53 -26.30 -44.03 31.28
CA PRO P 53 -26.20 -45.49 31.39
C PRO P 53 -26.59 -45.99 32.77
N VAL P 54 -27.88 -46.12 32.95
CA VAL P 54 -28.45 -46.57 34.20
C VAL P 54 -28.48 -48.10 34.21
N GLN P 55 -27.83 -48.73 35.20
CA GLN P 55 -27.71 -50.18 35.22
C GLN P 55 -27.95 -50.73 36.61
N LYS P 56 -28.48 -51.95 36.66
CA LYS P 56 -28.94 -52.62 37.88
C LYS P 56 -28.19 -53.91 38.10
N GLN P 57 -27.80 -54.16 39.33
CA GLN P 57 -26.91 -55.27 39.62
C GLN P 57 -27.70 -56.58 39.61
N THR P 58 -27.34 -57.47 38.71
CA THR P 58 -27.99 -58.76 38.56
C THR P 58 -27.23 -59.82 39.31
N ARG P 59 -27.63 -61.08 39.12
CA ARG P 59 -26.81 -62.20 39.57
C ARG P 59 -25.47 -62.21 38.85
N ALA P 60 -25.49 -62.17 37.53
CA ALA P 60 -24.28 -62.21 36.71
C ALA P 60 -24.03 -60.79 36.20
N GLY P 61 -23.25 -60.03 36.94
CA GLY P 61 -22.97 -58.69 36.50
C GLY P 61 -24.19 -57.80 36.57
N GLN P 62 -24.20 -56.79 35.70
CA GLN P 62 -25.24 -55.78 35.69
C GLN P 62 -25.83 -55.65 34.29
N ARG P 63 -27.15 -55.62 34.22
CA ARG P 63 -27.86 -55.39 32.97
C ARG P 63 -27.85 -53.89 32.73
N THR P 64 -26.97 -53.44 31.83
CA THR P 64 -26.78 -52.02 31.62
C THR P 64 -27.78 -51.51 30.59
N ARG P 65 -28.69 -50.66 31.04
CA ARG P 65 -29.60 -49.96 30.15
C ARG P 65 -29.10 -48.55 29.91
N PHE P 66 -29.75 -47.86 28.98
CA PHE P 66 -29.47 -46.46 28.71
C PHE P 66 -30.78 -45.70 28.79
N LYS P 67 -30.77 -44.56 29.47
CA LYS P 67 -31.95 -43.72 29.56
C LYS P 67 -31.76 -42.48 28.72
N ALA P 68 -32.70 -42.23 27.82
CA ALA P 68 -32.61 -41.14 26.86
C ALA P 68 -33.57 -40.04 27.28
N PHE P 69 -33.14 -38.79 27.12
CA PHE P 69 -33.98 -37.63 27.33
C PHE P 69 -33.98 -36.80 26.07
N VAL P 70 -35.16 -36.43 25.59
CA VAL P 70 -35.28 -35.64 24.38
C VAL P 70 -36.33 -34.56 24.59
N ALA P 71 -35.99 -33.35 24.18
CA ALA P 71 -36.91 -32.23 24.15
C ALA P 71 -37.25 -31.97 22.70
N ILE P 72 -38.55 -31.89 22.39
CA ILE P 72 -38.96 -31.65 21.01
C ILE P 72 -40.11 -30.65 21.00
N GLY P 73 -40.36 -30.12 19.81
CA GLY P 73 -41.49 -29.24 19.58
C GLY P 73 -41.12 -28.16 18.60
N ASP P 74 -42.06 -27.25 18.39
CA ASP P 74 -41.84 -26.12 17.50
C ASP P 74 -40.97 -25.09 18.20
N TYR P 75 -40.72 -23.95 17.54
CA TYR P 75 -40.22 -22.76 18.21
C TYR P 75 -41.34 -21.77 18.46
N ASN P 76 -42.58 -22.17 18.18
CA ASN P 76 -43.75 -21.34 18.36
C ASN P 76 -44.29 -21.42 19.78
N GLY P 77 -44.00 -22.51 20.51
CA GLY P 77 -44.58 -22.68 21.82
C GLY P 77 -45.25 -24.02 22.07
N HIS P 78 -44.82 -25.04 21.35
CA HIS P 78 -45.19 -26.41 21.65
C HIS P 78 -43.91 -27.16 22.03
N VAL P 79 -43.93 -27.82 23.19
CA VAL P 79 -42.72 -28.42 23.73
C VAL P 79 -43.08 -29.74 24.40
N GLY P 80 -42.17 -30.70 24.31
CA GLY P 80 -42.37 -31.98 24.95
C GLY P 80 -41.11 -32.66 25.46
N LEU P 81 -41.27 -33.53 26.46
CA LEU P 81 -40.19 -34.34 26.98
C LEU P 81 -40.53 -35.81 26.84
N GLY P 82 -39.54 -36.59 26.41
CA GLY P 82 -39.71 -38.03 26.31
C GLY P 82 -38.52 -38.75 26.92
N VAL P 83 -38.77 -39.56 27.94
CA VAL P 83 -37.72 -40.27 28.65
C VAL P 83 -38.01 -41.76 28.50
N LYS P 84 -37.17 -42.45 27.74
CA LYS P 84 -37.32 -43.88 27.49
C LYS P 84 -36.08 -44.60 28.01
N CYS P 85 -36.31 -45.72 28.70
CA CYS P 85 -35.23 -46.58 29.17
C CYS P 85 -35.22 -47.85 28.32
N SER P 86 -34.12 -48.08 27.62
CA SER P 86 -34.03 -49.19 26.69
C SER P 86 -32.68 -49.86 26.81
N LYS P 87 -32.52 -50.96 26.09
CA LYS P 87 -31.27 -51.71 26.12
C LYS P 87 -30.20 -51.11 25.21
N GLU P 88 -30.56 -50.22 24.30
CA GLU P 88 -29.59 -49.64 23.38
C GLU P 88 -29.98 -48.22 23.03
N VAL P 89 -28.96 -47.40 22.74
CA VAL P 89 -29.16 -45.97 22.64
C VAL P 89 -30.06 -45.60 21.47
N ALA P 90 -29.97 -46.33 20.35
CA ALA P 90 -30.79 -45.98 19.19
C ALA P 90 -32.26 -46.25 19.46
N THR P 91 -32.59 -47.45 19.93
CA THR P 91 -33.96 -47.73 20.32
C THR P 91 -34.39 -46.83 21.46
N ALA P 92 -33.45 -46.48 22.34
CA ALA P 92 -33.75 -45.57 23.44
C ALA P 92 -34.20 -44.22 22.91
N ILE P 93 -33.45 -43.65 21.96
CA ILE P 93 -33.82 -42.33 21.47
C ILE P 93 -35.08 -42.42 20.63
N ARG P 94 -35.33 -43.54 19.96
CA ARG P 94 -36.58 -43.67 19.22
C ARG P 94 -37.78 -43.65 20.18
N GLY P 95 -37.72 -44.47 21.22
CA GLY P 95 -38.77 -44.43 22.21
C GLY P 95 -38.90 -43.08 22.88
N ALA P 96 -37.76 -42.43 23.12
CA ALA P 96 -37.78 -41.11 23.74
C ALA P 96 -38.48 -40.10 22.84
N ILE P 97 -38.16 -40.09 21.55
CA ILE P 97 -38.76 -39.09 20.68
C ILE P 97 -40.24 -39.35 20.51
N ILE P 98 -40.66 -40.62 20.46
CA ILE P 98 -42.09 -40.86 20.34
C ILE P 98 -42.80 -40.43 21.62
N LEU P 99 -42.18 -40.67 22.79
CA LEU P 99 -42.79 -40.23 24.03
C LEU P 99 -42.87 -38.72 24.13
N ALA P 100 -41.82 -38.03 23.68
CA ALA P 100 -41.86 -36.58 23.66
C ALA P 100 -42.94 -36.07 22.72
N LYS P 101 -43.08 -36.70 21.55
CA LYS P 101 -44.22 -36.40 20.69
C LYS P 101 -45.53 -36.58 21.46
N LEU P 102 -45.56 -37.57 22.34
CA LEU P 102 -46.74 -37.79 23.17
C LEU P 102 -46.86 -36.70 24.24
N SER P 103 -45.77 -36.03 24.56
CA SER P 103 -45.76 -35.09 25.69
C SER P 103 -45.66 -33.64 25.25
N ILE P 104 -46.22 -33.31 24.10
CA ILE P 104 -46.17 -31.95 23.58
C ILE P 104 -47.21 -31.11 24.32
N VAL P 105 -46.80 -29.94 24.80
CA VAL P 105 -47.68 -29.09 25.60
C VAL P 105 -47.72 -27.68 25.00
N PRO P 106 -48.83 -26.96 25.13
CA PRO P 106 -48.83 -25.55 24.76
C PRO P 106 -48.08 -24.72 25.78
N VAL P 107 -47.50 -23.62 25.31
CA VAL P 107 -46.77 -22.68 26.14
C VAL P 107 -47.35 -21.30 25.93
N ARG P 108 -47.72 -20.64 27.02
CA ARG P 108 -48.21 -19.27 26.95
C ARG P 108 -47.04 -18.31 26.96
N ARG P 109 -46.89 -17.56 25.87
CA ARG P 109 -45.94 -16.46 25.81
C ARG P 109 -46.65 -15.21 26.30
N GLY P 110 -45.94 -14.35 27.01
CA GLY P 110 -46.57 -13.19 27.60
C GLY P 110 -45.83 -11.90 27.36
N TYR P 111 -46.19 -10.87 28.13
CA TYR P 111 -45.59 -9.57 28.03
C TYR P 111 -45.07 -9.13 29.39
N TRP P 112 -43.87 -8.55 29.39
CA TRP P 112 -43.31 -7.92 30.58
C TRP P 112 -43.95 -6.57 30.85
N GLY P 113 -44.70 -6.06 29.90
CA GLY P 113 -45.22 -4.70 29.95
C GLY P 113 -45.34 -4.20 28.53
N ASN P 114 -46.08 -3.10 28.38
CA ASN P 114 -46.30 -2.52 27.07
C ASN P 114 -46.85 -3.58 26.12
N LYS P 115 -48.07 -4.05 26.37
CA LYS P 115 -48.64 -5.16 25.65
C LYS P 115 -48.98 -4.73 24.22
N ILE P 116 -47.97 -4.67 23.35
CA ILE P 116 -48.15 -4.17 21.99
C ILE P 116 -47.76 -5.23 20.96
N GLY P 117 -46.50 -5.66 20.99
CA GLY P 117 -45.97 -6.50 19.93
C GLY P 117 -46.33 -7.95 20.09
N LYS P 118 -45.52 -8.84 19.55
CA LYS P 118 -45.76 -10.25 19.78
C LYS P 118 -45.42 -10.59 21.23
N PRO P 119 -46.10 -11.58 21.80
CA PRO P 119 -45.75 -12.01 23.16
C PRO P 119 -44.36 -12.60 23.20
N HIS P 120 -43.63 -12.27 24.27
CA HIS P 120 -42.21 -12.58 24.32
C HIS P 120 -41.77 -13.33 25.56
N THR P 121 -42.38 -13.10 26.71
CA THR P 121 -41.90 -13.64 27.96
C THR P 121 -42.94 -14.56 28.57
N VAL P 122 -42.65 -15.02 29.78
CA VAL P 122 -43.59 -15.83 30.55
C VAL P 122 -44.70 -14.90 31.04
N PRO P 123 -45.97 -15.30 30.96
CA PRO P 123 -47.04 -14.40 31.42
C PRO P 123 -46.89 -14.00 32.87
N CYS P 124 -46.39 -14.91 33.69
CA CYS P 124 -46.18 -14.63 35.11
C CYS P 124 -45.14 -15.61 35.61
N LYS P 125 -44.51 -15.25 36.73
CA LYS P 125 -43.47 -16.12 37.28
C LYS P 125 -44.08 -17.44 37.72
N VAL P 126 -43.38 -18.53 37.40
CA VAL P 126 -43.93 -19.87 37.54
C VAL P 126 -42.89 -20.73 38.25
N THR P 127 -43.35 -21.57 39.18
CA THR P 127 -42.48 -22.49 39.90
C THR P 127 -42.85 -23.92 39.55
N GLY P 128 -41.89 -24.67 39.03
CA GLY P 128 -42.04 -26.08 38.76
C GLY P 128 -41.26 -26.89 39.78
N ARG P 129 -41.90 -27.93 40.32
CA ARG P 129 -41.29 -28.75 41.35
C ARG P 129 -41.13 -30.19 40.88
N CYS P 130 -39.96 -30.74 41.18
CA CYS P 130 -39.62 -32.05 40.67
C CYS P 130 -38.42 -32.54 41.47
N GLY P 131 -38.61 -33.54 42.33
CA GLY P 131 -37.54 -33.94 43.22
C GLY P 131 -37.15 -32.79 44.12
N SER P 132 -35.86 -32.64 44.35
CA SER P 132 -35.35 -31.45 45.02
C SER P 132 -35.27 -30.25 44.11
N VAL P 133 -35.39 -30.44 42.80
CA VAL P 133 -35.18 -29.37 41.85
C VAL P 133 -36.36 -28.42 41.91
N LEU P 134 -36.12 -27.20 42.35
CA LEU P 134 -37.11 -26.13 42.30
C LEU P 134 -36.66 -25.15 41.22
N VAL P 135 -37.51 -24.94 40.23
CA VAL P 135 -37.20 -24.03 39.13
C VAL P 135 -38.26 -22.94 39.14
N ARG P 136 -37.82 -21.69 39.11
CA ARG P 136 -38.72 -20.55 39.04
C ARG P 136 -38.24 -19.64 37.92
N LEU P 137 -39.03 -19.52 36.87
CA LEU P 137 -38.71 -18.66 35.75
C LEU P 137 -39.47 -17.34 35.89
N ILE P 138 -38.77 -16.25 35.66
CA ILE P 138 -39.28 -14.92 35.99
C ILE P 138 -39.40 -14.10 34.71
N PRO P 139 -40.45 -13.30 34.54
CA PRO P 139 -40.56 -12.45 33.36
C PRO P 139 -39.38 -11.51 33.22
N ALA P 140 -38.97 -11.27 31.98
CA ALA P 140 -37.91 -10.33 31.66
C ALA P 140 -38.37 -9.47 30.49
N PRO P 141 -37.90 -8.22 30.42
CA PRO P 141 -38.33 -7.33 29.33
C PRO P 141 -37.90 -7.84 27.96
N ARG P 142 -38.32 -7.15 26.91
CA ARG P 142 -37.97 -7.56 25.56
C ARG P 142 -36.45 -7.59 25.39
N GLY P 143 -35.97 -8.64 24.73
CA GLY P 143 -34.59 -8.69 24.29
C GLY P 143 -33.57 -9.12 25.31
N THR P 144 -33.98 -9.49 26.52
CA THR P 144 -32.99 -9.97 27.49
C THR P 144 -32.54 -11.39 27.20
N GLY P 145 -33.25 -12.11 26.35
CA GLY P 145 -32.92 -13.50 26.08
C GLY P 145 -33.28 -14.39 27.26
N ILE P 146 -32.99 -15.67 27.09
CA ILE P 146 -33.18 -16.66 28.15
C ILE P 146 -31.91 -16.69 28.99
N VAL P 147 -32.07 -16.52 30.29
CA VAL P 147 -30.94 -16.55 31.22
C VAL P 147 -31.15 -17.73 32.16
N SER P 148 -30.29 -18.74 32.03
CA SER P 148 -30.49 -19.97 32.78
C SER P 148 -29.25 -20.84 32.64
N ALA P 149 -29.35 -22.05 33.19
CA ALA P 149 -28.42 -23.13 32.90
C ALA P 149 -28.68 -23.65 31.50
N PRO P 150 -27.72 -24.36 30.89
CA PRO P 150 -27.94 -24.81 29.50
C PRO P 150 -29.13 -25.74 29.36
N VAL P 151 -29.35 -26.62 30.34
CA VAL P 151 -30.44 -27.57 30.24
C VAL P 151 -31.80 -26.88 30.08
N PRO P 152 -32.19 -25.94 30.93
CA PRO P 152 -33.43 -25.21 30.66
C PRO P 152 -33.28 -24.16 29.59
N LYS P 153 -32.07 -23.70 29.30
CA LYS P 153 -31.92 -22.70 28.25
C LYS P 153 -32.32 -23.26 26.90
N LYS P 154 -31.87 -24.47 26.57
CA LYS P 154 -32.30 -25.05 25.30
C LYS P 154 -33.79 -25.32 25.30
N LEU P 155 -34.32 -25.79 26.43
CA LEU P 155 -35.76 -26.04 26.52
C LEU P 155 -36.56 -24.78 26.26
N LEU P 156 -36.15 -23.66 26.84
CA LEU P 156 -36.90 -22.42 26.66
C LEU P 156 -36.71 -21.86 25.26
N MET P 157 -35.47 -21.75 24.80
CA MET P 157 -35.23 -21.21 23.47
C MET P 157 -35.91 -22.04 22.40
N MET P 158 -36.12 -23.34 22.63
CA MET P 158 -36.94 -24.10 21.73
C MET P 158 -38.42 -23.90 21.98
N ALA P 159 -38.83 -23.69 23.23
CA ALA P 159 -40.23 -23.45 23.53
C ALA P 159 -40.71 -22.11 22.98
N GLY P 160 -39.81 -21.27 22.51
CA GLY P 160 -40.18 -20.02 21.88
C GLY P 160 -40.26 -18.85 22.81
N ILE P 161 -39.79 -18.97 24.04
CA ILE P 161 -39.76 -17.84 24.97
C ILE P 161 -38.57 -16.97 24.61
N ASP P 162 -38.85 -15.73 24.22
CA ASP P 162 -37.76 -14.84 23.83
C ASP P 162 -36.92 -14.43 25.03
N ASP P 163 -37.57 -14.00 26.12
CA ASP P 163 -36.86 -13.47 27.27
C ASP P 163 -37.49 -14.00 28.55
N CYS P 164 -36.65 -14.41 29.50
CA CYS P 164 -37.12 -14.89 30.79
C CYS P 164 -35.99 -15.06 31.80
N TYR P 165 -36.16 -14.51 33.00
CA TYR P 165 -35.23 -14.79 34.09
C TYR P 165 -35.52 -16.16 34.68
N THR P 166 -34.52 -16.73 35.35
CA THR P 166 -34.66 -18.03 35.97
C THR P 166 -33.96 -18.04 37.32
N SER P 167 -34.42 -18.92 38.21
CA SER P 167 -33.79 -19.13 39.50
C SER P 167 -33.99 -20.57 39.91
N ALA P 168 -32.89 -21.28 40.17
CA ALA P 168 -32.92 -22.71 40.43
C ALA P 168 -32.61 -22.99 41.89
N ARG P 169 -32.75 -24.25 42.29
CA ARG P 169 -32.53 -24.68 43.65
C ARG P 169 -32.48 -26.20 43.73
N GLY P 170 -31.48 -26.72 44.44
CA GLY P 170 -31.41 -28.14 44.72
C GLY P 170 -30.37 -28.87 43.90
N CYS P 171 -30.67 -30.15 43.63
CA CYS P 171 -29.78 -31.00 42.86
C CYS P 171 -29.95 -30.81 41.36
N THR P 172 -29.48 -29.69 40.86
CA THR P 172 -29.54 -29.43 39.42
C THR P 172 -28.59 -30.36 38.65
N ALA P 173 -27.77 -31.12 39.35
CA ALA P 173 -26.93 -32.15 38.75
C ALA P 173 -27.73 -33.41 38.47
N THR P 174 -29.03 -33.26 38.28
CA THR P 174 -29.96 -34.37 38.07
C THR P 174 -30.78 -34.09 36.81
N LEU P 175 -30.08 -33.85 35.70
CA LEU P 175 -30.66 -33.35 34.46
C LEU P 175 -32.01 -33.96 34.15
N GLY P 176 -32.22 -35.22 34.52
CA GLY P 176 -33.55 -35.77 34.49
C GLY P 176 -34.52 -34.93 35.30
N ASN P 177 -34.27 -34.82 36.60
CA ASN P 177 -35.16 -34.07 37.48
C ASN P 177 -35.19 -32.59 37.10
N PHE P 178 -34.05 -32.04 36.71
CA PHE P 178 -34.00 -30.65 36.27
C PHE P 178 -34.93 -30.41 35.09
N ALA P 179 -34.81 -31.24 34.06
CA ALA P 179 -35.64 -31.09 32.88
C ALA P 179 -37.10 -31.28 33.23
N LYS P 180 -37.41 -32.24 34.08
CA LYS P 180 -38.81 -32.49 34.41
C LYS P 180 -39.40 -31.32 35.20
N ALA P 181 -38.61 -30.72 36.07
CA ALA P 181 -39.09 -29.54 36.79
C ALA P 181 -39.36 -28.39 35.82
N THR P 182 -38.43 -28.14 34.91
CA THR P 182 -38.67 -27.09 33.93
C THR P 182 -39.88 -27.39 33.06
N PHE P 183 -40.05 -28.65 32.66
CA PHE P 183 -41.19 -29.04 31.85
C PHE P 183 -42.49 -28.80 32.60
N ASP P 184 -42.53 -29.18 33.87
CA ASP P 184 -43.73 -28.92 34.66
C ASP P 184 -43.99 -27.43 34.76
N ALA P 185 -42.94 -26.63 34.95
CA ALA P 185 -43.11 -25.20 35.08
C ALA P 185 -43.75 -24.61 33.82
N ILE P 186 -43.16 -24.90 32.65
CA ILE P 186 -43.72 -24.33 31.44
C ILE P 186 -45.10 -24.89 31.16
N SER P 187 -45.32 -26.17 31.44
CA SER P 187 -46.62 -26.77 31.18
C SER P 187 -47.70 -26.10 32.01
N LYS P 188 -47.38 -25.75 33.26
CA LYS P 188 -48.39 -25.18 34.13
C LYS P 188 -48.56 -23.68 33.95
N THR P 189 -47.90 -23.07 32.97
CA THR P 189 -48.15 -21.67 32.66
C THR P 189 -49.61 -21.45 32.30
N TYR P 190 -50.13 -22.31 31.42
CA TYR P 190 -51.54 -22.20 31.05
C TYR P 190 -52.48 -22.58 32.19
N SER P 191 -51.95 -23.15 33.27
CA SER P 191 -52.80 -23.50 34.39
C SER P 191 -53.03 -22.32 35.32
N TYR P 192 -52.31 -21.21 35.13
CA TYR P 192 -52.44 -20.05 35.98
C TYR P 192 -53.63 -19.21 35.56
N LEU P 193 -54.32 -18.64 36.56
CA LEU P 193 -55.50 -17.83 36.32
C LEU P 193 -55.13 -16.36 36.37
N THR P 194 -55.56 -15.60 35.37
CA THR P 194 -55.19 -14.22 35.17
C THR P 194 -56.40 -13.39 34.75
N PRO P 195 -56.38 -12.08 35.01
CA PRO P 195 -57.58 -11.26 34.77
C PRO P 195 -58.08 -11.28 33.35
N ASP P 196 -57.23 -11.61 32.38
CA ASP P 196 -57.72 -11.75 31.02
C ASP P 196 -58.49 -13.06 30.81
N LEU P 197 -58.54 -13.92 31.82
CA LEU P 197 -59.42 -15.07 31.85
C LEU P 197 -60.61 -14.87 32.78
N TRP P 198 -60.88 -13.63 33.15
CA TRP P 198 -62.01 -13.31 34.01
C TRP P 198 -63.34 -13.59 33.34
N LYS P 199 -63.40 -13.50 32.02
CA LYS P 199 -64.65 -13.74 31.30
C LYS P 199 -65.11 -15.18 31.48
N GLU P 200 -66.41 -15.39 31.35
CA GLU P 200 -66.94 -16.75 31.40
C GLU P 200 -66.82 -17.40 30.03
N THR P 201 -66.41 -18.67 30.02
CA THR P 201 -66.11 -19.35 28.78
C THR P 201 -67.38 -19.80 28.07
N VAL P 202 -67.44 -19.52 26.77
CA VAL P 202 -68.39 -20.20 25.92
C VAL P 202 -67.97 -21.64 25.74
N PHE P 203 -68.95 -22.53 25.69
CA PHE P 203 -68.70 -23.96 25.51
C PHE P 203 -68.93 -24.33 24.06
N THR P 204 -67.89 -24.84 23.42
CA THR P 204 -68.00 -25.29 22.04
C THR P 204 -68.48 -26.74 22.02
N LYS P 205 -68.92 -27.21 20.86
CA LYS P 205 -69.31 -28.60 20.70
C LYS P 205 -68.06 -29.48 20.65
N SER P 206 -68.08 -30.56 21.41
CA SER P 206 -66.91 -31.43 21.47
C SER P 206 -66.60 -32.03 20.10
N PRO P 207 -65.31 -32.25 19.80
CA PRO P 207 -64.95 -32.74 18.46
C PRO P 207 -65.61 -34.05 18.12
N TYR P 208 -65.96 -34.79 19.16
CA TYR P 208 -66.36 -36.18 18.98
C TYR P 208 -67.78 -36.30 18.43
N GLN P 209 -68.77 -35.72 19.11
CA GLN P 209 -70.15 -35.87 18.66
C GLN P 209 -70.55 -34.82 17.63
N GLU P 210 -69.63 -33.95 17.22
CA GLU P 210 -69.84 -33.26 15.96
C GLU P 210 -69.27 -34.04 14.79
N PHE P 211 -68.41 -35.02 15.07
CA PHE P 211 -67.92 -35.97 14.08
C PHE P 211 -68.43 -37.37 14.37
N THR P 212 -69.57 -37.47 15.08
CA THR P 212 -70.11 -38.78 15.40
C THR P 212 -70.68 -39.46 14.16
N ASP P 213 -71.44 -38.72 13.34
CA ASP P 213 -72.03 -39.31 12.15
C ASP P 213 -70.95 -39.79 11.20
N HIS P 214 -69.90 -39.00 11.04
CA HIS P 214 -68.76 -39.44 10.24
C HIS P 214 -68.06 -40.62 10.90
N LEU P 215 -67.97 -40.62 12.23
CA LEU P 215 -67.29 -41.70 12.91
C LEU P 215 -67.98 -43.03 12.67
N VAL P 216 -69.30 -43.07 12.83
CA VAL P 216 -70.01 -44.33 12.67
C VAL P 216 -69.88 -44.89 11.27
N LYS P 217 -69.65 -44.04 10.27
CA LYS P 217 -69.43 -44.52 8.92
C LYS P 217 -67.96 -44.62 8.57
N THR P 218 -67.06 -44.31 9.50
CA THR P 218 -65.63 -44.39 9.22
C THR P 218 -64.84 -45.24 10.20
N HIS P 219 -65.43 -45.61 11.34
CA HIS P 219 -64.68 -46.39 12.32
C HIS P 219 -65.45 -47.62 12.79
N THR P 220 -66.77 -47.57 12.72
CA THR P 220 -67.61 -48.67 13.18
C THR P 220 -68.49 -49.14 12.02
N ARG P 221 -67.96 -50.03 11.19
CA ARG P 221 -66.58 -50.47 11.26
C ARG P 221 -65.94 -50.31 9.90
N VAL P 222 -66.77 -50.48 8.87
CA VAL P 222 -66.41 -50.33 7.45
C VAL P 222 -64.99 -50.78 7.12
N GLY Q 1 -54.70 -21.79 75.57
CA GLY Q 1 -54.39 -22.66 76.70
C GLY Q 1 -54.54 -21.93 78.02
N ARG Q 2 -54.14 -22.58 79.10
CA ARG Q 2 -54.13 -21.98 80.41
C ARG Q 2 -52.76 -21.44 80.73
N MET Q 3 -52.65 -20.74 81.86
CA MET Q 3 -51.38 -20.10 82.21
C MET Q 3 -50.34 -21.12 82.61
N HIS Q 4 -50.70 -22.08 83.46
CA HIS Q 4 -49.71 -22.99 84.04
C HIS Q 4 -50.12 -24.45 83.93
N ALA Q 5 -50.86 -24.82 82.91
CA ALA Q 5 -51.22 -26.22 82.70
C ALA Q 5 -51.57 -26.43 81.25
N PRO Q 6 -51.10 -27.51 80.66
CA PRO Q 6 -51.46 -27.81 79.26
C PRO Q 6 -52.93 -28.20 79.18
N GLY Q 7 -53.73 -27.32 78.62
CA GLY Q 7 -55.14 -27.58 78.46
C GLY Q 7 -55.82 -26.47 77.70
N LYS Q 8 -56.64 -26.82 76.71
CA LYS Q 8 -57.29 -25.85 75.85
C LYS Q 8 -58.78 -25.79 76.17
N GLY Q 9 -59.13 -25.94 77.43
CA GLY Q 9 -60.50 -25.91 77.85
C GLY Q 9 -61.18 -24.59 77.61
N LEU Q 10 -62.36 -24.61 77.00
CA LEU Q 10 -63.17 -23.42 76.81
C LEU Q 10 -64.50 -23.68 77.53
N SER Q 11 -64.53 -23.40 78.82
CA SER Q 11 -65.72 -23.60 79.65
C SER Q 11 -66.01 -22.27 80.32
N GLN Q 12 -66.72 -21.40 79.60
CA GLN Q 12 -67.07 -20.09 80.14
C GLN Q 12 -68.45 -19.71 79.66
N SER Q 13 -68.89 -18.54 80.08
CA SER Q 13 -70.22 -18.08 79.73
C SER Q 13 -70.20 -17.39 78.37
N ALA Q 14 -71.39 -17.28 77.79
CA ALA Q 14 -71.58 -16.47 76.58
C ALA Q 14 -72.99 -15.91 76.65
N LEU Q 15 -73.11 -14.73 77.22
CA LEU Q 15 -74.44 -14.16 77.45
C LEU Q 15 -75.08 -13.74 76.14
N PRO Q 16 -76.41 -13.75 76.08
CA PRO Q 16 -77.09 -13.59 74.79
C PRO Q 16 -76.90 -12.19 74.23
N TYR Q 17 -77.24 -12.06 72.94
CA TYR Q 17 -77.24 -10.76 72.29
C TYR Q 17 -78.14 -9.77 73.02
N ARG Q 18 -79.18 -10.25 73.70
CA ARG Q 18 -80.24 -9.37 74.19
C ARG Q 18 -79.70 -8.50 75.31
N ARG Q 19 -79.12 -7.35 74.95
CA ARG Q 19 -78.79 -6.36 75.97
C ARG Q 19 -80.02 -5.84 76.68
N SER Q 20 -81.19 -5.92 76.04
CA SER Q 20 -82.42 -5.45 76.64
C SER Q 20 -82.85 -6.38 77.77
N VAL Q 21 -83.51 -5.80 78.76
CA VAL Q 21 -84.05 -6.58 79.87
C VAL Q 21 -85.41 -7.13 79.47
N PRO Q 22 -85.66 -8.42 79.61
CA PRO Q 22 -86.97 -8.98 79.24
C PRO Q 22 -88.09 -8.43 80.10
N THR Q 23 -89.31 -8.53 79.55
CA THR Q 23 -90.46 -7.86 80.15
C THR Q 23 -90.69 -8.31 81.58
N TRP Q 24 -90.57 -9.59 81.83
CA TRP Q 24 -90.99 -10.21 83.08
C TRP Q 24 -90.13 -9.85 84.27
N LEU Q 25 -89.04 -9.10 84.17
CA LEU Q 25 -88.27 -8.67 85.32
C LEU Q 25 -88.91 -7.44 85.92
N LYS Q 26 -89.73 -7.64 86.96
CA LYS Q 26 -90.34 -6.54 87.69
C LYS Q 26 -89.47 -6.12 88.87
N LEU Q 27 -88.18 -5.90 88.61
CA LEU Q 27 -87.21 -5.53 89.62
C LEU Q 27 -86.43 -4.32 89.13
N THR Q 28 -86.77 -3.14 89.64
CA THR Q 28 -86.16 -1.92 89.14
C THR Q 28 -84.68 -1.87 89.49
N SER Q 29 -83.98 -0.90 88.88
CA SER Q 29 -82.54 -0.79 89.05
C SER Q 29 -82.18 -0.51 90.50
N ASP Q 30 -82.91 0.39 91.15
CA ASP Q 30 -82.61 0.70 92.53
C ASP Q 30 -82.91 -0.49 93.45
N ASP Q 31 -83.90 -1.31 93.11
CA ASP Q 31 -84.21 -2.46 93.93
C ASP Q 31 -83.04 -3.43 93.98
N VAL Q 32 -82.55 -3.84 92.81
CA VAL Q 32 -81.41 -4.74 92.78
C VAL Q 32 -80.19 -4.03 93.36
N LYS Q 33 -80.06 -2.73 93.13
CA LYS Q 33 -79.00 -1.94 93.74
C LYS Q 33 -78.98 -2.12 95.26
N GLU Q 34 -80.14 -1.94 95.89
CA GLU Q 34 -80.25 -2.08 97.32
C GLU Q 34 -79.97 -3.50 97.76
N GLN Q 35 -80.44 -4.48 97.00
CA GLN Q 35 -80.23 -5.87 97.38
C GLN Q 35 -78.75 -6.25 97.30
N ILE Q 36 -78.04 -5.74 96.29
CA ILE Q 36 -76.59 -5.92 96.25
C ILE Q 36 -75.94 -5.25 97.44
N TYR Q 37 -76.45 -4.09 97.85
CA TYR Q 37 -75.95 -3.48 99.07
C TYR Q 37 -76.08 -4.45 100.24
N LYS Q 38 -77.26 -5.07 100.36
CA LYS Q 38 -77.49 -5.99 101.47
C LYS Q 38 -76.53 -7.17 101.41
N LEU Q 39 -76.35 -7.75 100.24
CA LEU Q 39 -75.47 -8.90 100.09
C LEU Q 39 -74.01 -8.53 100.27
N ALA Q 40 -73.63 -7.30 99.92
CA ALA Q 40 -72.26 -6.87 100.10
C ALA Q 40 -71.94 -6.69 101.57
N LYS Q 41 -72.82 -6.02 102.31
CA LYS Q 41 -72.57 -5.91 103.74
C LYS Q 41 -72.66 -7.27 104.41
N LYS Q 42 -73.39 -8.21 103.79
CA LYS Q 42 -73.35 -9.60 104.24
C LYS Q 42 -71.93 -10.15 104.15
N GLY Q 43 -71.11 -9.57 103.27
CA GLY Q 43 -69.72 -9.97 103.18
C GLY Q 43 -69.49 -11.09 102.19
N LEU Q 44 -70.18 -11.04 101.05
CA LEU Q 44 -70.05 -12.05 100.01
C LEU Q 44 -69.33 -11.44 98.81
N THR Q 45 -68.42 -12.22 98.25
CA THR Q 45 -67.55 -11.71 97.20
C THR Q 45 -68.35 -11.47 95.92
N PRO Q 46 -67.90 -10.52 95.09
CA PRO Q 46 -68.71 -10.12 93.93
C PRO Q 46 -69.08 -11.27 93.02
N SER Q 47 -68.18 -12.23 92.80
CA SER Q 47 -68.55 -13.37 91.98
C SER Q 47 -69.74 -14.10 92.57
N GLN Q 48 -69.67 -14.47 93.84
CA GLN Q 48 -70.80 -15.17 94.45
C GLN Q 48 -71.99 -14.24 94.63
N ILE Q 49 -71.76 -12.92 94.65
CA ILE Q 49 -72.88 -11.99 94.57
C ILE Q 49 -73.68 -12.25 93.30
N GLY Q 50 -72.97 -12.28 92.17
CA GLY Q 50 -73.63 -12.56 90.91
C GLY Q 50 -74.29 -13.92 90.90
N VAL Q 51 -73.61 -14.92 91.46
CA VAL Q 51 -74.19 -16.26 91.49
C VAL Q 51 -75.49 -16.27 92.27
N ILE Q 52 -75.50 -15.65 93.45
CA ILE Q 52 -76.69 -15.73 94.28
C ILE Q 52 -77.83 -14.94 93.66
N LEU Q 53 -77.55 -13.80 93.02
CA LEU Q 53 -78.66 -13.07 92.41
C LEU Q 53 -79.19 -13.80 91.18
N ARG Q 54 -78.31 -14.32 90.33
CA ARG Q 54 -78.76 -15.07 89.17
C ARG Q 54 -79.52 -16.32 89.56
N ASP Q 55 -79.21 -16.92 90.71
CA ASP Q 55 -79.88 -18.14 91.12
C ASP Q 55 -81.23 -17.84 91.77
N SER Q 56 -81.23 -17.05 92.84
CA SER Q 56 -82.45 -16.79 93.57
C SER Q 56 -83.27 -15.68 92.93
N HIS Q 57 -82.67 -14.50 92.74
CA HIS Q 57 -83.46 -13.34 92.34
C HIS Q 57 -83.72 -13.31 90.84
N GLY Q 58 -83.15 -14.24 90.09
CA GLY Q 58 -83.49 -14.40 88.68
C GLY Q 58 -83.15 -13.19 87.83
N VAL Q 59 -81.97 -12.60 88.05
CA VAL Q 59 -81.49 -11.52 87.20
C VAL Q 59 -80.15 -11.95 86.62
N ALA Q 60 -80.01 -11.81 85.31
CA ALA Q 60 -78.90 -12.43 84.60
C ALA Q 60 -77.62 -11.61 84.71
N GLN Q 61 -77.63 -10.40 84.16
CA GLN Q 61 -76.45 -9.56 84.14
C GLN Q 61 -76.79 -8.25 84.82
N VAL Q 62 -76.11 -7.97 85.93
CA VAL Q 62 -76.35 -6.72 86.63
C VAL Q 62 -76.07 -5.55 85.70
N ARG Q 63 -75.08 -5.66 84.82
CA ARG Q 63 -74.74 -4.53 83.98
C ARG Q 63 -75.91 -4.11 83.10
N PHE Q 64 -76.63 -5.08 82.54
CA PHE Q 64 -77.76 -4.73 81.67
C PHE Q 64 -78.85 -4.00 82.44
N VAL Q 65 -79.18 -4.49 83.64
CA VAL Q 65 -80.31 -3.92 84.37
C VAL Q 65 -79.94 -2.57 84.99
N THR Q 66 -78.80 -2.50 85.69
CA THR Q 66 -78.48 -1.26 86.40
C THR Q 66 -77.54 -0.35 85.64
N GLY Q 67 -77.06 -0.75 84.46
CA GLY Q 67 -76.11 0.08 83.76
C GLY Q 67 -74.82 0.30 84.52
N ASN Q 68 -74.48 -0.60 85.43
CA ASN Q 68 -73.31 -0.43 86.28
C ASN Q 68 -72.79 -1.81 86.67
N LYS Q 69 -71.59 -1.83 87.22
CA LYS Q 69 -70.92 -3.06 87.61
C LYS Q 69 -70.92 -3.19 89.12
N ILE Q 70 -70.97 -4.43 89.61
CA ILE Q 70 -71.19 -4.64 91.04
C ILE Q 70 -70.04 -4.07 91.86
N LEU Q 71 -68.80 -4.30 91.43
CA LEU Q 71 -67.69 -3.64 92.11
C LEU Q 71 -67.70 -2.14 91.85
N ARG Q 72 -68.18 -1.73 90.68
CA ARG Q 72 -68.30 -0.29 90.43
C ARG Q 72 -69.22 0.37 91.45
N ILE Q 73 -70.43 -0.16 91.63
CA ILE Q 73 -71.34 0.42 92.62
C ILE Q 73 -70.78 0.24 94.02
N LEU Q 74 -70.15 -0.91 94.27
CA LEU Q 74 -69.60 -1.19 95.59
C LEU Q 74 -68.55 -0.15 95.98
N LYS Q 75 -67.68 0.21 95.04
CA LYS Q 75 -66.69 1.24 95.31
C LYS Q 75 -67.35 2.61 95.36
N SER Q 76 -68.42 2.80 94.59
CA SER Q 76 -69.15 4.07 94.67
C SER Q 76 -69.62 4.32 96.10
N LYS Q 77 -70.10 3.29 96.78
CA LYS Q 77 -70.29 3.42 98.22
C LYS Q 77 -68.96 3.49 98.96
N GLY Q 78 -67.90 2.90 98.40
CA GLY Q 78 -66.66 2.75 99.10
C GLY Q 78 -66.60 1.52 99.97
N LEU Q 79 -67.63 0.69 99.96
CA LEU Q 79 -67.64 -0.55 100.71
C LEU Q 79 -66.88 -1.65 99.99
N ALA Q 80 -66.23 -1.33 98.88
CA ALA Q 80 -65.44 -2.32 98.17
C ALA Q 80 -64.27 -2.77 99.03
N PRO Q 81 -64.01 -4.07 99.11
CA PRO Q 81 -62.82 -4.54 99.84
C PRO Q 81 -61.58 -3.94 99.21
N ASP Q 82 -60.60 -3.61 100.06
CA ASP Q 82 -59.37 -3.02 99.53
C ASP Q 82 -58.69 -3.94 98.53
N LEU Q 83 -58.71 -5.25 98.78
CA LEU Q 83 -58.10 -6.18 97.86
C LEU Q 83 -59.11 -6.68 96.83
N PRO Q 84 -58.67 -6.90 95.60
CA PRO Q 84 -59.53 -7.55 94.61
C PRO Q 84 -59.79 -8.98 94.99
N GLU Q 85 -60.97 -9.47 94.61
CA GLU Q 85 -61.33 -10.84 94.94
C GLU Q 85 -60.36 -11.83 94.31
N ASP Q 86 -59.96 -11.58 93.06
CA ASP Q 86 -58.94 -12.40 92.43
C ASP Q 86 -57.72 -12.54 93.33
N LEU Q 87 -57.15 -11.40 93.71
CA LEU Q 87 -55.92 -11.42 94.51
C LEU Q 87 -56.16 -12.04 95.87
N TYR Q 88 -57.28 -11.74 96.52
CA TYR Q 88 -57.52 -12.28 97.85
C TYR Q 88 -57.63 -13.79 97.82
N HIS Q 89 -58.46 -14.32 96.92
CA HIS Q 89 -58.60 -15.77 96.81
C HIS Q 89 -57.25 -16.41 96.49
N LEU Q 90 -56.48 -15.77 95.63
CA LEU Q 90 -55.23 -16.38 95.19
C LEU Q 90 -54.20 -16.36 96.32
N ILE Q 91 -54.22 -15.31 97.12
CA ILE Q 91 -53.39 -15.28 98.32
C ILE Q 91 -53.81 -16.40 99.27
N LYS Q 92 -55.11 -16.60 99.45
CA LYS Q 92 -55.58 -17.67 100.33
C LYS Q 92 -55.05 -19.01 99.85
N LYS Q 93 -55.12 -19.25 98.54
CA LYS Q 93 -54.61 -20.50 98.01
C LYS Q 93 -53.12 -20.64 98.30
N ALA Q 94 -52.36 -19.55 98.11
CA ALA Q 94 -50.93 -19.61 98.34
C ALA Q 94 -50.62 -19.94 99.80
N VAL Q 95 -51.29 -19.28 100.73
CA VAL Q 95 -50.97 -19.51 102.14
C VAL Q 95 -51.38 -20.92 102.55
N ALA Q 96 -52.50 -21.42 102.02
CA ALA Q 96 -52.91 -22.78 102.33
C ALA Q 96 -51.87 -23.79 101.87
N VAL Q 97 -51.47 -23.71 100.61
CA VAL Q 97 -50.50 -24.68 100.12
C VAL Q 97 -49.18 -24.51 100.84
N ARG Q 98 -48.87 -23.29 101.27
CA ARG Q 98 -47.62 -23.06 101.98
C ARG Q 98 -47.62 -23.75 103.34
N LYS Q 99 -48.72 -23.64 104.08
CA LYS Q 99 -48.82 -24.36 105.34
C LYS Q 99 -48.71 -25.85 105.11
N HIS Q 100 -49.40 -26.37 104.10
CA HIS Q 100 -49.33 -27.81 103.86
C HIS Q 100 -47.91 -28.25 103.55
N LEU Q 101 -47.20 -27.49 102.70
CA LEU Q 101 -45.83 -27.86 102.40
C LEU Q 101 -44.95 -27.78 103.63
N GLU Q 102 -45.16 -26.76 104.47
CA GLU Q 102 -44.36 -26.65 105.67
C GLU Q 102 -44.55 -27.89 106.55
N ARG Q 103 -45.79 -28.32 106.74
CA ARG Q 103 -46.00 -29.49 107.58
C ARG Q 103 -45.60 -30.77 106.86
N ASN Q 104 -45.62 -30.77 105.54
CA ASN Q 104 -45.40 -31.96 104.74
C ASN Q 104 -44.22 -31.67 103.82
N ARG Q 105 -43.02 -32.00 104.27
CA ARG Q 105 -41.81 -31.45 103.65
C ARG Q 105 -41.57 -32.03 102.26
N LYS Q 106 -41.37 -33.34 102.17
CA LYS Q 106 -40.83 -33.94 100.95
C LYS Q 106 -41.78 -33.87 99.76
N ASP Q 107 -42.99 -33.34 99.94
CA ASP Q 107 -43.94 -33.26 98.83
C ASP Q 107 -43.40 -32.21 97.86
N LYS Q 108 -42.92 -32.70 96.72
CA LYS Q 108 -42.30 -31.80 95.75
C LYS Q 108 -43.34 -31.11 94.88
N ASP Q 109 -44.36 -31.84 94.45
CA ASP Q 109 -45.26 -31.28 93.44
C ASP Q 109 -46.11 -30.17 94.01
N ALA Q 110 -46.42 -30.22 95.31
CA ALA Q 110 -47.06 -29.07 95.92
C ALA Q 110 -46.16 -27.85 95.82
N LYS Q 111 -44.86 -28.03 96.02
CA LYS Q 111 -43.93 -26.92 95.85
C LYS Q 111 -43.91 -26.45 94.41
N PHE Q 112 -43.93 -27.39 93.46
CA PHE Q 112 -44.00 -27.06 92.05
C PHE Q 112 -45.20 -26.17 91.75
N ARG Q 113 -46.38 -26.57 92.22
CA ARG Q 113 -47.58 -25.76 92.04
C ARG Q 113 -47.47 -24.43 92.78
N LEU Q 114 -46.76 -24.44 93.91
CA LEU Q 114 -46.55 -23.22 94.68
C LEU Q 114 -45.76 -22.21 93.86
N ILE Q 115 -44.75 -22.68 93.13
CA ILE Q 115 -44.03 -21.80 92.23
C ILE Q 115 -44.98 -21.15 91.25
N LEU Q 116 -45.87 -21.95 90.65
CA LEU Q 116 -46.80 -21.41 89.67
C LEU Q 116 -47.72 -20.37 90.28
N ILE Q 117 -48.24 -20.65 91.48
CA ILE Q 117 -49.23 -19.74 92.05
C ILE Q 117 -48.56 -18.46 92.52
N GLU Q 118 -47.33 -18.55 93.04
CA GLU Q 118 -46.60 -17.33 93.38
C GLU Q 118 -46.29 -16.52 92.13
N SER Q 119 -45.91 -17.20 91.04
CA SER Q 119 -45.81 -16.52 89.76
C SER Q 119 -47.09 -15.78 89.43
N ARG Q 120 -48.22 -16.44 89.62
CA ARG Q 120 -49.49 -15.80 89.35
C ARG Q 120 -49.69 -14.58 90.23
N ILE Q 121 -49.37 -14.71 91.53
CA ILE Q 121 -49.49 -13.58 92.45
C ILE Q 121 -48.73 -12.39 91.89
N HIS Q 122 -47.47 -12.62 91.55
CA HIS Q 122 -46.59 -11.51 91.23
C HIS Q 122 -46.97 -10.89 89.90
N ARG Q 123 -47.35 -11.71 88.92
CA ARG Q 123 -47.80 -11.16 87.65
C ARG Q 123 -49.05 -10.30 87.85
N LEU Q 124 -50.01 -10.81 88.61
CA LEU Q 124 -51.26 -10.08 88.78
C LEU Q 124 -51.06 -8.84 89.64
N ALA Q 125 -50.16 -8.91 90.62
CA ALA Q 125 -49.84 -7.72 91.41
C ALA Q 125 -49.17 -6.66 90.55
N ARG Q 126 -48.28 -7.08 89.65
CA ARG Q 126 -47.71 -6.13 88.70
C ARG Q 126 -48.81 -5.47 87.88
N TYR Q 127 -49.79 -6.28 87.44
CA TYR Q 127 -50.92 -5.71 86.72
C TYR Q 127 -51.61 -4.63 87.55
N TYR Q 128 -51.95 -4.96 88.80
CA TYR Q 128 -52.74 -4.04 89.60
C TYR Q 128 -51.97 -2.78 89.93
N LYS Q 129 -50.68 -2.91 90.22
CA LYS Q 129 -49.87 -1.72 90.44
C LYS Q 129 -49.81 -0.85 89.19
N THR Q 130 -49.62 -1.47 88.03
CA THR Q 130 -49.64 -0.69 86.80
C THR Q 130 -50.97 0.02 86.61
N LYS Q 131 -52.04 -0.56 87.15
CA LYS Q 131 -53.38 0.02 87.05
C LYS Q 131 -53.80 0.74 88.33
N ARG Q 132 -52.86 1.04 89.22
CA ARG Q 132 -53.03 2.00 90.31
C ARG Q 132 -53.91 1.48 91.44
N VAL Q 133 -54.50 0.30 91.31
CA VAL Q 133 -55.39 -0.21 92.35
C VAL Q 133 -54.62 -0.38 93.66
N LEU Q 134 -53.44 -0.97 93.59
CA LEU Q 134 -52.65 -1.19 94.79
C LEU Q 134 -51.66 -0.06 95.00
N PRO Q 135 -51.23 0.15 96.25
CA PRO Q 135 -50.21 1.15 96.51
C PRO Q 135 -48.93 0.82 95.76
N PRO Q 136 -48.22 1.84 95.27
CA PRO Q 136 -47.05 1.58 94.43
C PRO Q 136 -45.95 0.81 95.14
N ASN Q 137 -45.74 1.05 96.42
CA ASN Q 137 -44.71 0.33 97.17
C ASN Q 137 -45.12 -1.10 97.50
N TRP Q 138 -46.41 -1.40 97.43
CA TRP Q 138 -46.93 -2.68 97.89
C TRP Q 138 -46.13 -3.86 97.32
N LYS Q 139 -46.06 -4.93 98.10
CA LYS Q 139 -45.34 -6.13 97.71
C LYS Q 139 -45.92 -7.30 98.47
N TYR Q 140 -45.90 -8.47 97.85
CA TYR Q 140 -46.31 -9.70 98.51
C TYR Q 140 -45.09 -10.45 99.04
N GLU Q 141 -45.20 -10.94 100.26
CA GLU Q 141 -44.18 -11.78 100.87
C GLU Q 141 -44.88 -12.94 101.59
N SER Q 142 -44.23 -14.10 101.59
CA SER Q 142 -44.84 -15.28 102.17
C SER Q 142 -44.93 -15.21 103.68
N SER Q 143 -43.92 -14.65 104.36
CA SER Q 143 -43.98 -14.58 105.82
C SER Q 143 -45.13 -13.71 106.28
N THR Q 144 -45.36 -12.59 105.60
CA THR Q 144 -46.49 -11.72 105.89
C THR Q 144 -47.76 -12.16 105.17
N ALA Q 145 -47.69 -13.20 104.35
CA ALA Q 145 -48.84 -13.58 103.52
C ALA Q 145 -50.05 -13.89 104.40
N SER Q 146 -49.84 -14.65 105.48
CA SER Q 146 -50.94 -14.97 106.37
C SER Q 146 -51.56 -13.73 106.98
N ALA Q 147 -50.81 -12.63 107.07
CA ALA Q 147 -51.37 -11.41 107.63
C ALA Q 147 -52.40 -10.79 106.70
N LEU Q 148 -52.09 -10.67 105.42
CA LEU Q 148 -53.02 -9.99 104.52
C LEU Q 148 -54.30 -10.80 104.36
N VAL Q 149 -54.18 -12.10 104.12
CA VAL Q 149 -55.36 -12.94 103.99
C VAL Q 149 -56.06 -13.02 105.35
N ALA Q 150 -57.39 -13.02 105.31
CA ALA Q 150 -58.21 -13.13 106.50
C ALA Q 150 -57.95 -11.98 107.46
N GLU R 1 -54.23 -108.00 101.52
CA GLU R 1 -55.47 -108.58 102.02
C GLU R 1 -55.30 -110.04 102.40
N GLN R 2 -54.68 -110.29 103.55
CA GLN R 2 -54.22 -109.25 104.47
C GLN R 2 -52.70 -109.06 104.33
N VAL R 3 -52.16 -108.05 105.01
CA VAL R 3 -50.84 -107.55 104.71
C VAL R 3 -49.83 -107.70 105.85
N ILE R 4 -50.25 -107.79 107.12
CA ILE R 4 -51.52 -107.82 107.85
C ILE R 4 -51.79 -106.52 108.60
N SER R 5 -50.83 -106.11 109.44
CA SER R 5 -51.03 -104.94 110.29
C SER R 5 -51.25 -103.68 109.47
N LEU R 6 -50.58 -103.54 108.33
CA LEU R 6 -50.66 -102.30 107.56
C LEU R 6 -52.07 -102.09 107.02
N GLY R 7 -52.34 -100.85 106.63
CA GLY R 7 -53.62 -100.46 106.11
C GLY R 7 -54.67 -100.34 107.19
N PRO R 8 -55.53 -99.34 107.07
CA PRO R 8 -56.75 -99.31 107.88
C PRO R 8 -57.68 -100.44 107.47
N GLN R 9 -58.47 -100.89 108.44
CA GLN R 9 -59.46 -101.91 108.15
C GLN R 9 -60.59 -101.28 107.35
N VAL R 10 -60.79 -101.74 106.13
CA VAL R 10 -61.70 -101.12 105.18
C VAL R 10 -62.60 -102.19 104.58
N ALA R 11 -63.84 -101.81 104.29
CA ALA R 11 -64.77 -102.69 103.59
C ALA R 11 -64.60 -102.54 102.08
N GLU R 12 -64.91 -103.64 101.37
CA GLU R 12 -64.76 -103.66 99.92
C GLU R 12 -65.60 -102.58 99.26
N GLY R 13 -66.70 -102.19 99.88
CA GLY R 13 -67.60 -101.22 99.29
C GLY R 13 -67.01 -99.83 99.14
N GLU R 14 -65.94 -99.53 99.88
CA GLU R 14 -65.35 -98.20 99.81
C GLU R 14 -63.83 -98.27 99.91
N ASN R 15 -63.18 -97.12 99.95
CA ASN R 15 -61.73 -97.08 99.86
C ASN R 15 -61.18 -95.96 100.74
N VAL R 16 -59.93 -96.15 101.16
CA VAL R 16 -59.17 -95.13 101.87
C VAL R 16 -58.64 -94.14 100.85
N PHE R 17 -58.50 -92.88 101.26
CA PHE R 17 -58.24 -91.80 100.33
C PHE R 17 -56.98 -91.04 100.72
N GLY R 18 -56.10 -90.83 99.74
CA GLY R 18 -54.83 -90.16 99.97
C GLY R 18 -54.57 -89.10 98.91
N VAL R 19 -53.44 -88.41 99.09
CA VAL R 19 -53.07 -87.30 98.23
C VAL R 19 -51.66 -87.52 97.69
N CYS R 20 -51.50 -87.33 96.40
CA CYS R 20 -50.20 -87.42 95.74
C CYS R 20 -49.75 -86.03 95.33
N HIS R 21 -48.61 -85.60 95.84
CA HIS R 21 -48.03 -84.32 95.46
C HIS R 21 -47.15 -84.56 94.25
N ILE R 22 -47.68 -84.28 93.07
CA ILE R 22 -46.91 -84.40 91.84
C ILE R 22 -46.18 -83.07 91.67
N PHE R 23 -44.86 -83.15 91.53
CA PHE R 23 -44.01 -81.98 91.38
C PHE R 23 -43.12 -82.23 90.17
N ALA R 24 -43.62 -81.85 89.00
CA ALA R 24 -42.89 -81.99 87.75
C ALA R 24 -42.24 -80.65 87.46
N SER R 25 -40.97 -80.53 87.82
CA SER R 25 -40.17 -79.37 87.48
C SER R 25 -39.28 -79.73 86.30
N PHE R 26 -38.63 -78.73 85.73
CA PHE R 26 -37.52 -79.03 84.85
C PHE R 26 -36.39 -79.62 85.68
N ASN R 27 -35.71 -80.61 85.13
CA ASN R 27 -34.59 -81.32 85.71
C ASN R 27 -34.99 -82.29 86.82
N ASP R 28 -36.26 -82.33 87.24
CA ASP R 28 -36.66 -83.30 88.24
C ASP R 28 -38.18 -83.35 88.33
N THR R 29 -38.68 -84.54 88.65
CA THR R 29 -40.10 -84.75 88.91
C THR R 29 -40.27 -85.45 90.24
N PHE R 30 -41.24 -85.00 91.04
CA PHE R 30 -41.54 -85.62 92.32
C PHE R 30 -42.94 -86.24 92.28
N VAL R 31 -43.02 -87.52 92.64
CA VAL R 31 -44.28 -88.26 92.56
C VAL R 31 -44.65 -88.58 94.01
N HIS R 32 -44.32 -87.64 94.89
CA HIS R 32 -44.61 -87.79 96.31
C HIS R 32 -46.09 -88.05 96.56
N VAL R 33 -46.36 -88.93 97.53
CA VAL R 33 -47.71 -89.22 98.00
C VAL R 33 -47.72 -89.02 99.50
N THR R 34 -48.91 -88.74 100.04
CA THR R 34 -49.03 -88.40 101.44
C THR R 34 -50.44 -88.73 101.93
N ASP R 35 -50.58 -88.82 103.25
CA ASP R 35 -51.90 -88.95 103.84
C ASP R 35 -52.67 -87.65 103.67
N LEU R 36 -53.99 -87.73 103.82
CA LEU R 36 -54.86 -86.64 103.40
C LEU R 36 -54.66 -85.39 104.24
N SER R 37 -53.95 -85.49 105.36
CA SER R 37 -53.57 -84.27 106.06
C SER R 37 -52.28 -83.68 105.53
N GLY R 38 -51.40 -84.49 104.95
CA GLY R 38 -50.19 -83.98 104.37
C GLY R 38 -48.97 -83.99 105.26
N LYS R 39 -49.00 -84.74 106.37
CA LYS R 39 -47.84 -84.84 107.24
C LYS R 39 -47.03 -86.10 107.00
N GLU R 40 -47.63 -87.27 107.17
CA GLU R 40 -46.92 -88.54 107.07
C GLU R 40 -47.04 -89.05 105.64
N THR R 41 -45.90 -89.20 104.98
CA THR R 41 -45.91 -89.75 103.64
C THR R 41 -45.97 -91.26 103.68
N ILE R 42 -46.44 -91.84 102.59
CA ILE R 42 -46.46 -93.29 102.46
C ILE R 42 -45.20 -93.69 101.70
N CYS R 43 -45.08 -93.22 100.47
CA CYS R 43 -43.93 -93.47 99.64
C CYS R 43 -43.57 -92.20 98.91
N ARG R 44 -42.28 -92.05 98.59
CA ARG R 44 -41.78 -90.89 97.87
C ARG R 44 -40.65 -91.35 96.97
N VAL R 45 -40.86 -91.26 95.67
CA VAL R 45 -39.87 -91.71 94.72
C VAL R 45 -39.65 -90.58 93.74
N THR R 46 -38.49 -90.56 93.09
CA THR R 46 -38.17 -89.49 92.17
C THR R 46 -37.44 -90.06 90.96
N GLY R 47 -37.60 -89.41 89.81
CA GLY R 47 -36.93 -89.85 88.60
C GLY R 47 -35.43 -89.96 88.78
N GLY R 48 -34.86 -89.18 89.70
CA GLY R 48 -33.47 -89.36 90.02
C GLY R 48 -33.15 -90.72 90.61
N MET R 49 -34.14 -91.35 91.26
CA MET R 49 -33.93 -92.69 91.80
C MET R 49 -33.75 -93.70 90.68
N LYS R 50 -34.51 -93.56 89.59
CA LYS R 50 -34.56 -94.61 88.58
C LYS R 50 -33.43 -94.49 87.57
N VAL R 51 -33.24 -93.31 87.01
CA VAL R 51 -32.26 -93.12 85.94
C VAL R 51 -30.91 -92.75 86.53
N LYS R 52 -29.84 -93.27 85.93
CA LYS R 52 -28.48 -92.90 86.30
C LYS R 52 -27.87 -91.90 85.32
N ALA R 53 -28.63 -91.47 84.32
CA ALA R 53 -28.07 -90.59 83.29
C ALA R 53 -27.71 -89.21 83.83
N ASP R 54 -28.48 -88.71 84.79
CA ASP R 54 -28.36 -87.37 85.38
C ASP R 54 -28.76 -86.27 84.42
N ARG R 55 -29.05 -86.59 83.16
CA ARG R 55 -29.62 -85.64 82.22
C ARG R 55 -31.08 -85.91 81.92
N ASP R 56 -31.58 -87.08 82.28
CA ASP R 56 -32.94 -87.50 81.98
C ASP R 56 -33.76 -87.69 83.25
N GLU R 57 -33.36 -87.03 84.33
CA GLU R 57 -34.10 -87.14 85.58
C GLU R 57 -35.57 -86.78 85.39
N SER R 58 -35.86 -85.81 84.55
CA SER R 58 -37.21 -85.30 84.36
C SER R 58 -37.89 -85.86 83.13
N SER R 59 -37.33 -86.87 82.51
CA SER R 59 -37.91 -87.41 81.29
C SER R 59 -39.10 -88.30 81.62
N PRO R 60 -40.07 -88.41 80.71
CA PRO R 60 -41.31 -89.13 81.04
C PRO R 60 -41.11 -90.62 81.23
N TYR R 61 -40.06 -91.20 80.64
CA TYR R 61 -39.75 -92.59 80.94
C TYR R 61 -39.43 -92.75 82.42
N ALA R 62 -38.67 -91.81 82.98
CA ALA R 62 -38.43 -91.83 84.42
C ALA R 62 -39.71 -91.55 85.19
N ALA R 63 -40.53 -90.62 84.70
CA ALA R 63 -41.74 -90.26 85.42
C ALA R 63 -42.69 -91.44 85.55
N MET R 64 -42.94 -92.14 84.44
CA MET R 64 -43.86 -93.28 84.51
C MET R 64 -43.31 -94.40 85.38
N LEU R 65 -41.99 -94.63 85.34
CA LEU R 65 -41.40 -95.67 86.17
C LEU R 65 -41.55 -95.34 87.64
N ALA R 66 -41.25 -94.09 88.01
CA ALA R 66 -41.45 -93.66 89.39
C ALA R 66 -42.91 -93.78 89.79
N ALA R 67 -43.82 -93.40 88.88
CA ALA R 67 -45.23 -93.47 89.19
C ALA R 67 -45.67 -94.91 89.47
N GLN R 68 -45.26 -95.85 88.62
CA GLN R 68 -45.71 -97.21 88.86
C GLN R 68 -45.03 -97.81 90.08
N ASP R 69 -43.80 -97.41 90.38
CA ASP R 69 -43.18 -97.87 91.60
C ASP R 69 -43.97 -97.42 92.81
N VAL R 70 -44.23 -96.11 92.90
CA VAL R 70 -44.95 -95.63 94.07
C VAL R 70 -46.32 -96.26 94.13
N ALA R 71 -46.96 -96.43 92.97
CA ALA R 71 -48.28 -97.06 92.92
C ALA R 71 -48.25 -98.48 93.46
N GLN R 72 -47.22 -99.25 93.09
CA GLN R 72 -47.10 -100.59 93.63
C GLN R 72 -46.97 -100.53 95.15
N ARG R 73 -46.16 -99.61 95.65
CA ARG R 73 -46.00 -99.50 97.10
C ARG R 73 -47.32 -99.15 97.78
N CYS R 74 -48.06 -98.19 97.24
CA CYS R 74 -49.33 -97.82 97.85
C CYS R 74 -50.32 -98.97 97.83
N LYS R 75 -50.53 -99.61 96.67
CA LYS R 75 -51.47 -100.71 96.63
C LYS R 75 -51.00 -101.87 97.47
N GLU R 76 -49.70 -102.00 97.70
CA GLU R 76 -49.21 -103.01 98.62
C GLU R 76 -49.65 -102.70 100.05
N LEU R 77 -49.46 -101.45 100.49
CA LEU R 77 -49.94 -101.08 101.82
C LEU R 77 -51.46 -101.20 101.87
N GLY R 78 -52.15 -100.68 100.87
CA GLY R 78 -53.59 -100.75 100.84
C GLY R 78 -54.30 -99.49 100.40
N ILE R 79 -53.61 -98.35 100.45
CA ILE R 79 -54.24 -97.10 100.02
C ILE R 79 -54.56 -97.22 98.54
N THR R 80 -55.81 -96.92 98.18
CA THR R 80 -56.28 -97.28 96.85
C THR R 80 -56.95 -96.13 96.10
N ALA R 81 -57.14 -94.98 96.73
CA ALA R 81 -57.74 -93.84 96.06
C ALA R 81 -56.86 -92.64 96.28
N LEU R 82 -56.77 -91.77 95.28
CA LEU R 82 -55.73 -90.75 95.28
C LEU R 82 -56.23 -89.40 94.81
N HIS R 83 -55.98 -88.37 95.61
CA HIS R 83 -55.98 -87.00 95.15
C HIS R 83 -54.62 -86.70 94.55
N ILE R 84 -54.62 -85.93 93.47
CA ILE R 84 -53.38 -85.54 92.81
C ILE R 84 -53.19 -84.05 93.05
N LYS R 85 -51.95 -83.66 93.27
CA LYS R 85 -51.59 -82.27 93.58
C LYS R 85 -50.52 -81.81 92.61
N LEU R 86 -50.94 -81.12 91.55
CA LEU R 86 -50.01 -80.60 90.57
C LEU R 86 -49.20 -79.46 91.17
N ARG R 87 -47.95 -79.35 90.74
CA ARG R 87 -47.09 -78.27 91.21
C ARG R 87 -45.90 -78.11 90.29
N ALA R 88 -45.66 -76.89 89.84
CA ALA R 88 -44.48 -76.55 89.07
C ALA R 88 -43.48 -75.87 90.00
N THR R 89 -42.39 -75.35 89.43
CA THR R 89 -41.36 -74.72 90.23
C THR R 89 -41.94 -73.58 91.08
N GLY R 90 -42.84 -72.81 90.49
CA GLY R 90 -43.47 -71.75 91.24
C GLY R 90 -42.50 -70.62 91.54
N GLY R 91 -42.90 -69.80 92.50
CA GLY R 91 -42.12 -68.63 92.82
C GLY R 91 -42.00 -67.74 91.60
N ASN R 92 -40.82 -67.18 91.40
CA ASN R 92 -40.54 -66.40 90.22
C ASN R 92 -40.24 -67.23 88.99
N ARG R 93 -40.00 -68.54 89.15
CA ARG R 93 -39.59 -69.39 88.04
C ARG R 93 -40.80 -69.78 87.20
N THR R 94 -40.63 -70.77 86.33
CA THR R 94 -41.66 -71.15 85.38
C THR R 94 -42.89 -71.72 86.09
N LYS R 95 -44.04 -71.53 85.46
CA LYS R 95 -45.30 -72.07 85.98
C LYS R 95 -45.78 -73.31 85.23
N THR R 96 -45.31 -73.53 84.02
CA THR R 96 -45.68 -74.74 83.29
C THR R 96 -44.95 -75.93 83.91
N PRO R 97 -45.67 -76.95 84.36
CA PRO R 97 -45.01 -78.07 85.04
C PRO R 97 -44.11 -78.83 84.08
N GLY R 98 -43.12 -79.51 84.67
CA GLY R 98 -42.16 -80.25 83.90
C GLY R 98 -42.81 -81.37 83.12
N PRO R 99 -42.01 -82.01 82.28
CA PRO R 99 -42.59 -82.98 81.33
C PRO R 99 -43.05 -84.26 82.01
N GLY R 100 -42.93 -84.33 83.32
CA GLY R 100 -43.18 -85.56 84.04
C GLY R 100 -44.61 -85.76 84.51
N ALA R 101 -45.35 -84.67 84.73
CA ALA R 101 -46.71 -84.79 85.22
C ALA R 101 -47.57 -85.57 84.25
N GLN R 102 -47.44 -85.28 82.95
CA GLN R 102 -48.09 -86.07 81.93
C GLN R 102 -47.87 -87.55 82.15
N SER R 103 -46.61 -87.98 82.14
CA SER R 103 -46.28 -89.38 82.27
C SER R 103 -46.71 -89.94 83.62
N ALA R 104 -46.53 -89.15 84.68
CA ALA R 104 -46.89 -89.63 86.00
C ALA R 104 -48.37 -89.96 86.10
N LEU R 105 -49.22 -89.02 85.68
CA LEU R 105 -50.66 -89.28 85.76
C LEU R 105 -51.08 -90.37 84.79
N ARG R 106 -50.51 -90.40 83.59
CA ARG R 106 -50.86 -91.46 82.65
C ARG R 106 -50.52 -92.83 83.22
N ALA R 107 -49.34 -92.96 83.82
CA ALA R 107 -48.93 -94.23 84.40
C ALA R 107 -49.81 -94.60 85.60
N LEU R 108 -50.02 -93.65 86.51
CA LEU R 108 -50.86 -93.93 87.66
C LEU R 108 -52.28 -94.30 87.26
N ALA R 109 -52.76 -93.82 86.12
CA ALA R 109 -53.98 -94.37 85.55
C ALA R 109 -53.76 -95.81 85.10
N ARG R 110 -52.70 -96.05 84.32
CA ARG R 110 -52.40 -97.42 83.92
C ARG R 110 -52.01 -98.30 85.09
N SER R 111 -51.74 -97.71 86.25
CA SER R 111 -51.55 -98.50 87.46
C SER R 111 -52.87 -98.87 88.12
N GLY R 112 -53.99 -98.46 87.55
CA GLY R 112 -55.28 -98.82 88.08
C GLY R 112 -55.59 -98.25 89.44
N MET R 113 -55.11 -97.04 89.71
CA MET R 113 -55.41 -96.38 90.97
C MET R 113 -56.69 -95.57 90.83
N LYS R 114 -57.38 -95.36 91.96
CA LYS R 114 -58.53 -94.49 91.96
C LYS R 114 -58.07 -93.05 92.17
N ILE R 115 -58.63 -92.13 91.38
CA ILE R 115 -58.21 -90.73 91.40
C ILE R 115 -59.38 -89.85 91.81
N GLY R 116 -59.13 -88.98 92.77
CA GLY R 116 -60.09 -87.98 93.22
C GLY R 116 -59.93 -86.68 92.47
N ARG R 117 -60.19 -85.58 93.17
CA ARG R 117 -60.16 -84.27 92.54
C ARG R 117 -58.75 -83.90 92.12
N ILE R 118 -58.68 -83.01 91.13
CA ILE R 118 -57.44 -82.64 90.47
C ILE R 118 -57.29 -81.13 90.55
N GLU R 119 -56.14 -80.67 91.03
CA GLU R 119 -55.85 -79.24 91.08
C GLU R 119 -54.35 -79.02 91.22
N ASP R 120 -53.91 -77.79 90.95
CA ASP R 120 -52.50 -77.44 91.02
C ASP R 120 -52.19 -76.58 92.23
N VAL R 121 -50.99 -76.74 92.79
CA VAL R 121 -50.56 -75.96 93.95
C VAL R 121 -49.24 -75.21 93.67
N THR R 122 -48.98 -74.95 92.39
CA THR R 122 -47.94 -73.99 91.99
C THR R 122 -47.95 -72.74 92.85
N PRO R 123 -46.90 -72.48 93.61
CA PRO R 123 -46.79 -71.21 94.34
C PRO R 123 -46.79 -70.03 93.38
N ILE R 124 -47.56 -69.00 93.71
CA ILE R 124 -47.79 -67.89 92.81
C ILE R 124 -47.56 -66.59 93.59
N PRO R 125 -46.42 -65.95 93.39
CA PRO R 125 -46.14 -64.71 94.13
C PRO R 125 -47.02 -63.58 93.65
N SER R 126 -47.29 -62.64 94.55
CA SER R 126 -47.97 -61.40 94.19
C SER R 126 -46.92 -60.36 93.80
N ASP R 127 -46.21 -60.67 92.71
CA ASP R 127 -45.22 -59.79 92.10
C ASP R 127 -44.11 -59.44 93.11
N SER R 128 -43.29 -60.44 93.38
CA SER R 128 -42.26 -60.30 94.40
C SER R 128 -40.97 -60.92 93.88
N THR R 129 -40.02 -61.13 94.80
CA THR R 129 -38.87 -62.01 94.65
C THR R 129 -38.16 -61.91 93.31
N ARG R 130 -37.49 -60.80 93.05
CA ARG R 130 -36.77 -60.55 91.80
C ARG R 130 -36.02 -61.78 91.32
N ARG R 131 -36.37 -62.24 90.12
CA ARG R 131 -35.91 -63.52 89.61
C ARG R 131 -34.44 -63.46 89.20
N LYS R 132 -33.75 -64.60 89.31
CA LYS R 132 -32.33 -64.69 89.04
C LYS R 132 -32.10 -64.75 87.53
N GLY R 133 -32.13 -63.59 86.91
CA GLY R 133 -31.84 -63.52 85.49
C GLY R 133 -30.93 -62.39 85.09
N GLY R 134 -30.69 -61.46 85.99
CA GLY R 134 -30.03 -60.21 85.64
C GLY R 134 -30.90 -59.41 84.70
N ARG R 135 -30.43 -58.20 84.39
CA ARG R 135 -31.21 -57.34 83.50
C ARG R 135 -31.24 -57.89 82.09
N ARG R 136 -30.07 -58.21 81.52
CA ARG R 136 -30.03 -58.68 80.15
C ARG R 136 -30.56 -60.09 79.99
N GLY R 137 -30.78 -60.80 81.08
CA GLY R 137 -31.38 -62.12 81.00
C GLY R 137 -30.36 -63.22 80.76
N ARG R 138 -30.84 -64.45 80.94
CA ARG R 138 -30.00 -65.62 80.74
C ARG R 138 -29.76 -65.80 79.25
N ARG R 139 -28.80 -65.05 78.72
CA ARG R 139 -28.51 -65.09 77.28
C ARG R 139 -27.71 -66.33 76.96
N LEU R 140 -28.38 -67.27 76.28
CA LEU R 140 -27.70 -68.45 75.76
C LEU R 140 -27.06 -68.12 74.43
N VAL S 1 -51.48 -15.58 71.20
CA VAL S 1 -52.84 -15.97 70.88
C VAL S 1 -53.17 -15.37 69.50
N ARG S 2 -54.41 -14.97 69.27
CA ARG S 2 -54.72 -14.22 68.07
C ARG S 2 -53.88 -12.95 68.04
N MET S 3 -52.95 -12.88 67.09
CA MET S 3 -51.95 -11.82 67.12
C MET S 3 -52.19 -10.82 66.00
N ASN S 4 -52.48 -11.31 64.80
CA ASN S 4 -52.77 -10.45 63.66
C ASN S 4 -54.05 -10.96 63.03
N VAL S 5 -55.14 -10.22 63.24
CA VAL S 5 -56.44 -10.66 62.76
C VAL S 5 -56.45 -10.75 61.24
N LEU S 6 -55.88 -9.75 60.56
CA LEU S 6 -55.95 -9.75 59.10
C LEU S 6 -55.11 -10.87 58.51
N ALA S 7 -54.00 -11.22 59.17
CA ALA S 7 -53.26 -12.39 58.73
C ALA S 7 -54.13 -13.63 58.79
N ASP S 8 -54.88 -13.80 59.88
CA ASP S 8 -55.75 -14.97 60.00
C ASP S 8 -56.84 -14.96 58.96
N ALA S 9 -57.43 -13.79 58.70
CA ALA S 9 -58.44 -13.69 57.66
C ALA S 9 -57.87 -14.13 56.32
N LEU S 10 -56.72 -13.56 55.95
CA LEU S 10 -56.15 -13.87 54.64
C LEU S 10 -55.78 -15.34 54.53
N LYS S 11 -55.21 -15.92 55.57
CA LYS S 11 -54.86 -17.34 55.49
C LYS S 11 -56.10 -18.23 55.44
N SER S 12 -57.16 -17.87 56.18
CA SER S 12 -58.39 -18.66 56.11
C SER S 12 -58.99 -18.60 54.72
N ILE S 13 -59.00 -17.41 54.10
CA ILE S 13 -59.52 -17.32 52.74
C ILE S 13 -58.64 -18.11 51.77
N ASN S 14 -57.32 -18.05 51.96
CA ASN S 14 -56.43 -18.80 51.08
C ASN S 14 -56.75 -20.29 51.16
N ASN S 15 -56.90 -20.80 52.38
CA ASN S 15 -57.18 -22.23 52.53
C ASN S 15 -58.55 -22.58 51.99
N ALA S 16 -59.55 -21.72 52.20
CA ALA S 16 -60.87 -22.00 51.68
C ALA S 16 -60.86 -22.05 50.16
N GLU S 17 -60.16 -21.13 49.52
CA GLU S 17 -60.02 -21.19 48.07
C GLU S 17 -59.28 -22.45 47.63
N LYS S 18 -58.18 -22.77 48.29
CA LYS S 18 -57.42 -23.97 47.90
C LYS S 18 -58.28 -25.21 48.00
N ARG S 19 -59.18 -25.25 48.99
CA ARG S 19 -60.13 -26.35 49.09
C ARG S 19 -61.26 -26.26 48.07
N GLY S 20 -61.54 -25.08 47.53
CA GLY S 20 -62.58 -24.93 46.55
C GLY S 20 -63.95 -24.62 47.10
N LYS S 21 -64.05 -24.20 48.36
CA LYS S 21 -65.35 -23.83 48.91
C LYS S 21 -65.84 -22.54 48.28
N ARG S 22 -67.15 -22.28 48.44
CA ARG S 22 -67.77 -21.12 47.83
C ARG S 22 -67.84 -19.90 48.74
N GLN S 23 -68.00 -20.08 50.04
CA GLN S 23 -68.10 -18.94 50.95
C GLN S 23 -67.64 -19.35 52.33
N VAL S 24 -66.93 -18.45 53.00
CA VAL S 24 -66.04 -18.80 54.11
C VAL S 24 -66.40 -18.00 55.35
N LEU S 25 -66.08 -18.57 56.52
CA LEU S 25 -66.29 -17.91 57.80
C LEU S 25 -64.98 -17.27 58.28
N ILE S 26 -65.11 -16.09 58.87
CA ILE S 26 -63.98 -15.34 59.43
C ILE S 26 -64.28 -15.06 60.90
N ARG S 27 -63.32 -15.36 61.76
CA ARG S 27 -63.62 -15.35 63.19
C ARG S 27 -63.69 -13.96 63.80
N PRO S 28 -62.65 -13.13 63.75
CA PRO S 28 -62.74 -11.78 64.31
C PRO S 28 -63.07 -10.76 63.21
N CYS S 29 -63.36 -9.53 63.64
CA CYS S 29 -63.66 -8.47 62.69
C CYS S 29 -62.95 -7.19 63.10
N SER S 30 -62.59 -6.39 62.10
CA SER S 30 -61.96 -5.10 62.33
C SER S 30 -62.11 -4.27 61.06
N LYS S 31 -61.88 -2.96 61.18
CA LYS S 31 -61.98 -2.13 59.99
C LYS S 31 -60.87 -2.44 59.00
N VAL S 32 -59.68 -2.77 59.50
CA VAL S 32 -58.57 -3.04 58.61
C VAL S 32 -58.89 -4.18 57.66
N ILE S 33 -59.64 -5.18 58.13
CA ILE S 33 -59.97 -6.29 57.24
C ILE S 33 -61.14 -5.92 56.34
N VAL S 34 -62.09 -5.12 56.82
CA VAL S 34 -63.22 -4.82 55.95
C VAL S 34 -62.78 -3.93 54.79
N ARG S 35 -61.84 -3.01 55.02
CA ARG S 35 -61.31 -2.25 53.89
C ARG S 35 -60.50 -3.14 52.97
N PHE S 36 -59.79 -4.11 53.55
CA PHE S 36 -59.08 -5.09 52.74
C PHE S 36 -60.03 -5.79 51.78
N LEU S 37 -61.10 -6.38 52.31
CA LEU S 37 -62.07 -7.03 51.45
C LEU S 37 -62.73 -6.05 50.50
N THR S 38 -62.89 -4.80 50.92
CA THR S 38 -63.50 -3.79 50.05
C THR S 38 -62.66 -3.59 48.80
N VAL S 39 -61.34 -3.44 48.97
CA VAL S 39 -60.51 -3.26 47.79
C VAL S 39 -60.46 -4.56 46.99
N MET S 40 -60.49 -5.71 47.67
CA MET S 40 -60.58 -6.97 46.94
C MET S 40 -61.76 -6.98 45.99
N MET S 41 -62.96 -6.73 46.51
CA MET S 41 -64.14 -6.77 45.66
C MET S 41 -64.18 -5.64 44.65
N LYS S 42 -63.58 -4.48 44.96
CA LYS S 42 -63.48 -3.43 43.97
C LYS S 42 -62.66 -3.89 42.77
N HIS S 43 -61.59 -4.65 43.03
CA HIS S 43 -60.83 -5.19 41.91
C HIS S 43 -61.38 -6.51 41.40
N GLY S 44 -62.48 -6.99 41.98
CA GLY S 44 -63.18 -8.15 41.46
C GLY S 44 -62.61 -9.50 41.86
N TYR S 45 -61.52 -9.52 42.62
CA TYR S 45 -60.92 -10.80 42.99
C TYR S 45 -61.85 -11.61 43.88
N ILE S 46 -62.70 -10.96 44.65
CA ILE S 46 -63.70 -11.62 45.47
C ILE S 46 -65.04 -10.95 45.19
N GLY S 47 -66.11 -11.61 45.60
CA GLY S 47 -67.46 -11.17 45.33
C GLY S 47 -68.15 -10.56 46.53
N GLU S 48 -69.44 -10.86 46.63
CA GLU S 48 -70.26 -10.36 47.73
C GLU S 48 -69.90 -11.01 49.05
N PHE S 49 -69.19 -10.30 49.89
CA PHE S 49 -68.93 -10.81 51.23
C PHE S 49 -69.98 -10.31 52.20
N GLU S 50 -70.51 -11.23 52.99
CA GLU S 50 -71.47 -10.92 54.03
C GLU S 50 -70.78 -10.87 55.38
N ILE S 51 -71.45 -10.27 56.35
CA ILE S 51 -70.95 -10.16 57.71
C ILE S 51 -72.04 -10.55 58.69
N ILE S 52 -71.61 -11.01 59.87
CA ILE S 52 -72.43 -11.05 61.07
C ILE S 52 -71.70 -10.27 62.15
N ASP S 53 -72.41 -9.35 62.77
CA ASP S 53 -71.86 -8.54 63.84
C ASP S 53 -72.67 -8.72 65.10
N ASP S 54 -71.97 -8.72 66.21
CA ASP S 54 -72.58 -8.86 67.52
C ASP S 54 -71.94 -7.82 68.43
N HIS S 55 -72.15 -7.95 69.73
CA HIS S 55 -71.60 -6.97 70.66
C HIS S 55 -70.09 -7.07 70.76
N ARG S 56 -69.50 -8.23 70.52
CA ARG S 56 -68.06 -8.35 70.46
C ARG S 56 -67.62 -8.14 69.01
N ALA S 57 -66.35 -8.41 68.73
CA ALA S 57 -65.89 -8.34 67.34
C ALA S 57 -66.63 -9.36 66.50
N GLY S 58 -67.20 -8.90 65.39
CA GLY S 58 -68.09 -9.73 64.61
C GLY S 58 -67.38 -10.81 63.84
N LYS S 59 -68.07 -11.32 62.82
CA LYS S 59 -67.54 -12.32 61.93
C LYS S 59 -67.83 -11.90 60.50
N ILE S 60 -67.24 -12.61 59.54
CA ILE S 60 -67.42 -12.30 58.13
C ILE S 60 -67.82 -13.57 57.40
N VAL S 61 -68.51 -13.39 56.27
CA VAL S 61 -68.82 -14.47 55.34
C VAL S 61 -68.51 -13.95 53.95
N VAL S 62 -67.50 -14.52 53.31
CA VAL S 62 -67.00 -14.02 52.04
C VAL S 62 -67.39 -14.99 50.93
N ASN S 63 -68.10 -14.50 49.93
CA ASN S 63 -68.43 -15.34 48.78
C ASN S 63 -67.22 -15.38 47.86
N LEU S 64 -66.51 -16.50 47.91
CA LEU S 64 -65.37 -16.70 47.04
C LEU S 64 -65.85 -16.97 45.63
N THR S 65 -65.70 -15.99 44.74
CA THR S 65 -65.85 -16.26 43.33
C THR S 65 -64.77 -17.20 42.80
N GLY S 66 -63.87 -17.65 43.66
CA GLY S 66 -62.89 -18.66 43.30
C GLY S 66 -61.77 -18.13 42.43
N ARG S 67 -61.96 -16.95 41.86
CA ARG S 67 -61.01 -16.42 40.89
C ARG S 67 -59.85 -15.75 41.64
N LEU S 68 -59.30 -16.46 42.62
CA LEU S 68 -58.26 -15.98 43.50
C LEU S 68 -57.16 -17.02 43.57
N ASN S 69 -55.92 -16.60 43.37
CA ASN S 69 -54.79 -17.51 43.44
C ASN S 69 -54.15 -17.53 44.83
N LYS S 70 -53.87 -16.37 45.40
CA LYS S 70 -53.15 -16.27 46.66
C LYS S 70 -53.47 -14.94 47.30
N CYS S 71 -53.67 -14.95 48.62
CA CYS S 71 -53.94 -13.75 49.39
C CYS S 71 -52.99 -13.67 50.58
N GLY S 72 -51.70 -13.81 50.30
CA GLY S 72 -50.71 -13.76 51.37
C GLY S 72 -50.61 -12.38 52.00
N VAL S 73 -50.05 -12.35 53.20
CA VAL S 73 -50.04 -11.19 54.06
C VAL S 73 -48.61 -10.90 54.53
N ILE S 74 -48.19 -9.65 54.41
CA ILE S 74 -46.92 -9.25 55.02
C ILE S 74 -47.20 -9.08 56.52
N SER S 75 -46.37 -9.70 57.34
CA SER S 75 -46.73 -9.62 58.75
C SER S 75 -46.28 -8.31 59.39
N PRO S 76 -44.99 -7.95 59.36
CA PRO S 76 -44.59 -6.70 60.03
C PRO S 76 -44.92 -5.51 59.15
N ARG S 77 -45.56 -4.50 59.71
CA ARG S 77 -46.01 -3.38 58.92
C ARG S 77 -44.81 -2.54 58.51
N PHE S 78 -44.12 -2.97 57.44
CA PHE S 78 -42.97 -2.24 56.96
C PHE S 78 -43.38 -0.87 56.44
N ASP S 79 -42.44 0.06 56.47
CA ASP S 79 -42.69 1.43 56.03
C ASP S 79 -42.22 1.55 54.59
N VAL S 80 -43.14 1.39 53.66
CA VAL S 80 -42.82 1.49 52.24
C VAL S 80 -42.95 2.94 51.82
N GLN S 81 -42.23 3.30 50.78
CA GLN S 81 -42.25 4.66 50.23
C GLN S 81 -42.31 4.61 48.72
N LEU S 82 -42.38 5.80 48.11
CA LEU S 82 -42.36 5.88 46.66
C LEU S 82 -41.01 5.49 46.10
N LYS S 83 -39.97 5.42 46.92
CA LYS S 83 -38.65 5.08 46.44
C LYS S 83 -38.37 3.58 46.45
N ASP S 84 -39.23 2.78 47.07
CA ASP S 84 -39.05 1.33 47.04
C ASP S 84 -40.32 0.60 46.67
N LEU S 85 -41.35 1.30 46.20
CA LEU S 85 -42.62 0.66 45.87
C LEU S 85 -42.44 -0.36 44.76
N GLU S 86 -41.84 0.05 43.64
CA GLU S 86 -41.65 -0.86 42.51
C GLU S 86 -40.82 -2.08 42.92
N LYS S 87 -39.91 -1.90 43.89
CA LYS S 87 -39.16 -3.04 44.40
C LYS S 87 -40.10 -4.05 45.00
N TRP S 88 -41.04 -3.60 45.83
CA TRP S 88 -42.02 -4.52 46.41
C TRP S 88 -42.88 -5.15 45.34
N GLN S 89 -43.26 -4.38 44.33
CA GLN S 89 -44.01 -4.95 43.21
C GLN S 89 -43.26 -6.13 42.61
N ASN S 90 -41.95 -5.97 42.37
CA ASN S 90 -41.22 -7.04 41.72
C ASN S 90 -40.93 -8.19 42.67
N ASN S 91 -40.85 -7.93 43.98
CA ASN S 91 -40.59 -9.01 44.91
C ASN S 91 -41.83 -9.82 45.23
N LEU S 92 -43.02 -9.24 45.05
CA LEU S 92 -44.24 -9.89 45.51
C LEU S 92 -45.19 -10.27 44.39
N LEU S 93 -45.09 -9.65 43.27
CA LEU S 93 -46.15 -10.02 42.34
C LEU S 93 -45.57 -10.82 41.19
N PRO S 94 -46.36 -11.76 40.64
CA PRO S 94 -45.89 -12.51 39.48
C PRO S 94 -45.61 -11.64 38.26
N SER S 95 -46.36 -10.56 38.05
CA SER S 95 -46.10 -9.68 36.92
C SER S 95 -46.75 -8.33 37.19
N ARG S 96 -46.41 -7.36 36.35
CA ARG S 96 -46.97 -6.02 36.48
C ARG S 96 -48.43 -5.95 36.06
N GLN S 97 -48.80 -6.63 34.98
CA GLN S 97 -50.12 -6.45 34.39
C GLN S 97 -51.24 -6.75 35.37
N PHE S 98 -50.99 -7.61 36.36
CA PHE S 98 -52.02 -7.99 37.31
C PHE S 98 -51.39 -8.27 38.66
N GLY S 99 -52.23 -8.61 39.63
CA GLY S 99 -51.77 -8.79 40.99
C GLY S 99 -51.59 -7.45 41.65
N PHE S 100 -52.01 -7.31 42.91
CA PHE S 100 -52.17 -5.98 43.45
C PHE S 100 -51.74 -5.93 44.91
N ILE S 101 -50.92 -4.93 45.23
CA ILE S 101 -50.43 -4.68 46.59
C ILE S 101 -51.36 -3.70 47.25
N VAL S 102 -51.78 -4.01 48.47
CA VAL S 102 -52.61 -3.10 49.25
C VAL S 102 -51.83 -2.71 50.50
N LEU S 103 -51.87 -1.42 50.81
CA LEU S 103 -51.10 -0.90 51.93
C LEU S 103 -51.85 0.28 52.53
N THR S 104 -51.34 0.79 53.64
CA THR S 104 -52.00 1.84 54.42
C THR S 104 -51.20 3.12 54.34
N THR S 105 -51.88 4.22 54.05
CA THR S 105 -51.36 5.55 54.28
C THR S 105 -52.47 6.40 54.88
N SER S 106 -52.17 7.69 55.06
CA SER S 106 -53.12 8.59 55.70
C SER S 106 -54.41 8.71 54.91
N ALA S 107 -54.36 8.50 53.59
CA ALA S 107 -55.57 8.53 52.79
C ALA S 107 -56.45 7.31 53.01
N GLY S 108 -56.00 6.34 53.79
CA GLY S 108 -56.82 5.19 54.12
C GLY S 108 -56.16 3.88 53.72
N ILE S 109 -56.95 2.98 53.13
CA ILE S 109 -56.46 1.69 52.66
C ILE S 109 -56.59 1.68 51.15
N MET S 110 -55.46 1.62 50.46
CA MET S 110 -55.53 1.66 49.01
C MET S 110 -54.50 0.72 48.43
N ASP S 111 -54.72 0.36 47.18
CA ASP S 111 -53.74 -0.36 46.40
C ASP S 111 -52.56 0.54 46.05
N HIS S 112 -51.48 -0.09 45.56
CA HIS S 112 -50.30 0.67 45.18
C HIS S 112 -50.58 1.65 44.05
N GLU S 113 -51.41 1.27 43.08
CA GLU S 113 -51.50 2.03 41.83
C GLU S 113 -51.98 3.45 42.10
N GLU S 114 -53.19 3.60 42.62
CA GLU S 114 -53.69 4.93 42.96
C GLU S 114 -52.91 5.56 44.11
N ALA S 115 -52.27 4.75 44.96
CA ALA S 115 -51.40 5.32 45.97
C ALA S 115 -50.31 6.18 45.32
N ARG S 116 -49.65 5.62 44.30
CA ARG S 116 -48.71 6.43 43.53
C ARG S 116 -49.43 7.52 42.76
N ARG S 117 -50.62 7.25 42.22
CA ARG S 117 -51.39 8.29 41.57
C ARG S 117 -51.69 9.43 42.53
N LYS S 118 -51.99 9.11 43.77
CA LYS S 118 -52.13 10.13 44.80
C LYS S 118 -50.80 10.51 45.42
N HIS S 119 -49.70 9.87 44.98
CA HIS S 119 -48.35 10.25 45.38
C HIS S 119 -48.21 10.23 46.91
N THR S 120 -48.38 9.04 47.46
CA THR S 120 -48.29 8.85 48.89
C THR S 120 -47.66 7.49 49.18
N GLY S 121 -47.05 7.39 50.36
CA GLY S 121 -46.49 6.14 50.82
C GLY S 121 -47.00 5.83 52.21
N GLY S 122 -46.71 4.62 52.68
CA GLY S 122 -47.19 4.20 53.97
C GLY S 122 -46.69 2.86 54.45
N LYS S 123 -47.58 2.05 55.00
CA LYS S 123 -47.23 0.77 55.57
C LYS S 123 -47.99 -0.34 54.87
N ILE S 124 -47.31 -1.47 54.68
CA ILE S 124 -47.80 -2.57 53.86
C ILE S 124 -48.47 -3.59 54.78
N LEU S 125 -49.61 -4.11 54.35
CA LEU S 125 -50.29 -5.21 55.02
C LEU S 125 -50.15 -6.53 54.30
N GLY S 126 -50.44 -6.55 53.00
CA GLY S 126 -50.38 -7.80 52.28
C GLY S 126 -50.55 -7.59 50.80
N PHE S 127 -51.06 -8.62 50.15
CA PHE S 127 -51.19 -8.64 48.70
C PHE S 127 -52.24 -9.66 48.33
N PHE S 128 -52.50 -9.77 47.03
CA PHE S 128 -53.44 -10.77 46.54
C PHE S 128 -53.31 -10.87 45.03
N PHE S 129 -53.26 -12.09 44.53
CA PHE S 129 -53.27 -12.32 43.10
C PHE S 129 -53.86 -13.68 42.81
N PRO T 1 -70.39 -29.15 51.62
CA PRO T 1 -68.93 -29.11 51.77
C PRO T 1 -68.32 -27.96 51.00
N LEU T 2 -68.88 -27.67 49.82
CA LEU T 2 -68.36 -26.59 48.99
C LEU T 2 -69.12 -25.29 49.23
N ALA T 3 -70.42 -25.33 49.02
CA ALA T 3 -71.25 -24.13 49.03
C ALA T 3 -72.35 -24.28 50.07
N LYS T 4 -72.04 -24.94 51.17
CA LYS T 4 -72.97 -24.93 52.30
C LYS T 4 -73.15 -23.50 52.76
N ASP T 5 -74.39 -23.11 53.03
CA ASP T 5 -74.69 -21.71 53.29
C ASP T 5 -74.57 -21.45 54.78
N LEU T 6 -73.49 -20.77 55.18
CA LEU T 6 -73.33 -20.45 56.59
C LEU T 6 -74.32 -19.40 57.06
N LEU T 7 -74.61 -18.40 56.22
CA LEU T 7 -75.46 -17.30 56.65
C LEU T 7 -76.86 -17.78 57.02
N HIS T 8 -77.32 -18.89 56.44
CA HIS T 8 -78.65 -19.42 56.69
C HIS T 8 -78.55 -20.86 57.14
N PRO T 9 -78.07 -21.09 58.36
CA PRO T 9 -78.07 -22.46 58.90
C PRO T 9 -79.51 -22.83 59.24
N SER T 10 -79.80 -24.13 59.16
CA SER T 10 -81.08 -24.58 59.53
C SER T 10 -81.34 -24.48 61.06
N PRO T 11 -82.51 -24.07 61.47
CA PRO T 11 -82.82 -23.99 62.87
C PRO T 11 -82.63 -25.26 63.72
N GLU T 12 -82.46 -26.45 63.20
CA GLU T 12 -81.96 -27.50 64.11
C GLU T 12 -80.45 -27.41 64.22
N GLU T 13 -79.80 -26.85 63.18
CA GLU T 13 -78.34 -26.84 63.15
C GLU T 13 -77.77 -25.89 64.17
N GLU T 14 -78.41 -24.73 64.36
CA GLU T 14 -77.84 -23.72 65.25
C GLU T 14 -77.75 -24.23 66.69
N LYS T 15 -78.89 -24.54 67.30
CA LYS T 15 -78.89 -25.17 68.61
C LYS T 15 -78.13 -26.48 68.60
N ARG T 16 -78.20 -27.22 67.49
CA ARG T 16 -77.40 -28.43 67.32
C ARG T 16 -75.91 -28.12 67.45
N LYS T 17 -75.50 -26.92 67.03
CA LYS T 17 -74.11 -26.53 67.17
C LYS T 17 -73.85 -26.03 68.60
N HIS T 18 -72.56 -25.97 68.94
CA HIS T 18 -72.11 -25.58 70.27
C HIS T 18 -72.60 -24.17 70.62
N LYS T 19 -72.52 -23.84 71.92
CA LYS T 19 -72.93 -22.51 72.35
C LYS T 19 -72.05 -21.43 71.72
N LYS T 20 -70.75 -21.67 71.66
CA LYS T 20 -69.87 -20.83 70.87
C LYS T 20 -69.83 -21.37 69.45
N LYS T 21 -68.93 -20.81 68.64
CA LYS T 21 -68.73 -21.26 67.26
C LYS T 21 -69.98 -21.05 66.41
N ARG T 22 -71.00 -20.43 66.97
CA ARG T 22 -72.22 -20.17 66.23
C ARG T 22 -72.06 -18.95 65.34
N LEU T 23 -72.97 -18.81 64.37
CA LEU T 23 -73.11 -17.56 63.66
C LEU T 23 -73.28 -16.41 64.64
N VAL T 24 -74.30 -16.49 65.47
CA VAL T 24 -74.51 -15.55 66.56
C VAL T 24 -74.31 -16.29 67.87
N GLN T 25 -73.44 -15.76 68.71
CA GLN T 25 -73.11 -16.41 69.97
C GLN T 25 -74.27 -16.29 70.95
N SER T 26 -74.63 -17.41 71.59
CA SER T 26 -75.82 -17.44 72.43
C SER T 26 -75.74 -18.56 73.45
N PRO T 27 -76.32 -18.37 74.64
CA PRO T 27 -76.24 -19.40 75.67
C PRO T 27 -77.37 -20.40 75.59
N ASN T 28 -77.04 -21.65 75.89
CA ASN T 28 -78.04 -22.72 75.87
C ASN T 28 -78.95 -22.71 77.08
N SER T 29 -78.65 -21.90 78.09
CA SER T 29 -79.41 -21.88 79.33
C SER T 29 -80.70 -21.09 79.17
N TYR T 30 -81.50 -21.08 80.23
CA TYR T 30 -82.76 -20.34 80.23
C TYR T 30 -83.14 -20.02 81.67
N PHE T 31 -84.35 -19.51 81.86
CA PHE T 31 -84.84 -19.10 83.17
C PHE T 31 -86.23 -19.70 83.36
N MET T 32 -86.39 -20.50 84.40
CA MET T 32 -87.55 -21.37 84.49
C MET T 32 -88.27 -21.12 85.80
N ASP T 33 -89.60 -21.02 85.73
CA ASP T 33 -90.44 -20.69 86.86
C ASP T 33 -91.09 -21.94 87.44
N VAL T 34 -91.05 -22.05 88.77
CA VAL T 34 -91.48 -23.24 89.48
C VAL T 34 -92.47 -22.84 90.57
N LYS T 35 -93.61 -23.52 90.59
CA LYS T 35 -94.59 -23.39 91.67
C LYS T 35 -94.56 -24.69 92.45
N CYS T 36 -94.07 -24.63 93.68
CA CYS T 36 -93.97 -25.85 94.47
C CYS T 36 -95.27 -26.13 95.20
N PRO T 37 -95.65 -27.41 95.34
CA PRO T 37 -96.96 -27.71 95.93
C PRO T 37 -97.01 -27.34 97.40
N GLY T 38 -98.22 -27.01 97.86
CA GLY T 38 -98.36 -26.50 99.21
C GLY T 38 -97.69 -25.16 99.39
N CYS T 39 -97.74 -24.31 98.36
CA CYS T 39 -97.17 -22.98 98.45
C CYS T 39 -97.83 -22.12 97.38
N TYR T 40 -97.74 -20.81 97.55
CA TYR T 40 -98.43 -19.87 96.68
C TYR T 40 -97.51 -19.09 95.77
N LYS T 41 -96.30 -18.77 96.21
CA LYS T 41 -95.41 -17.92 95.45
C LYS T 41 -94.87 -18.64 94.22
N ILE T 42 -94.29 -17.86 93.31
CA ILE T 42 -93.68 -18.37 92.09
C ILE T 42 -92.19 -18.04 92.15
N THR T 43 -91.36 -18.99 91.73
CA THR T 43 -89.92 -18.84 91.77
C THR T 43 -89.38 -18.65 90.36
N THR T 44 -88.17 -18.11 90.28
CA THR T 44 -87.53 -17.91 88.98
C THR T 44 -86.07 -18.35 89.01
N VAL T 45 -85.81 -19.54 89.56
CA VAL T 45 -84.46 -20.06 89.64
C VAL T 45 -83.86 -20.18 88.25
N PHE T 46 -82.53 -20.14 88.18
CA PHE T 46 -81.83 -20.23 86.92
C PHE T 46 -81.73 -21.68 86.47
N SER T 47 -81.71 -21.89 85.15
CA SER T 47 -81.72 -23.24 84.61
C SER T 47 -80.53 -24.03 85.10
N HIS T 48 -79.33 -23.50 84.89
CA HIS T 48 -78.12 -24.13 85.39
C HIS T 48 -77.75 -23.51 86.73
N ALA T 49 -78.72 -23.52 87.64
CA ALA T 49 -78.55 -22.87 88.93
C ALA T 49 -77.32 -23.44 89.62
N GLN T 50 -76.60 -22.58 90.32
CA GLN T 50 -75.28 -22.93 90.82
C GLN T 50 -75.27 -23.12 92.33
N THR T 51 -76.23 -22.54 93.04
CA THR T 51 -76.34 -22.69 94.48
C THR T 51 -77.70 -23.30 94.81
N VAL T 52 -77.81 -23.83 96.03
CA VAL T 52 -79.08 -24.35 96.50
C VAL T 52 -80.05 -23.19 96.71
N VAL T 53 -81.21 -23.27 96.07
CA VAL T 53 -82.19 -22.21 96.16
C VAL T 53 -83.36 -22.69 97.02
N LEU T 54 -83.77 -21.83 97.95
CA LEU T 54 -84.80 -22.18 98.91
C LEU T 54 -85.86 -21.10 98.89
N CYS T 55 -87.13 -21.51 98.88
CA CYS T 55 -88.21 -20.55 99.02
C CYS T 55 -88.15 -19.92 100.41
N VAL T 56 -88.37 -18.60 100.45
CA VAL T 56 -88.12 -17.85 101.68
C VAL T 56 -89.04 -18.32 102.81
N GLY T 57 -90.33 -18.37 102.56
CA GLY T 57 -91.27 -18.84 103.56
C GLY T 57 -91.32 -20.35 103.63
N CYS T 58 -91.74 -20.98 102.54
CA CYS T 58 -91.81 -22.44 102.48
C CYS T 58 -90.39 -22.99 102.52
N SER T 59 -90.00 -23.56 103.65
CA SER T 59 -88.64 -24.03 103.85
C SER T 59 -88.43 -25.40 103.22
N THR T 60 -88.72 -25.46 101.92
CA THR T 60 -88.50 -26.64 101.11
C THR T 60 -87.50 -26.32 100.00
N VAL T 61 -86.38 -27.04 100.01
CA VAL T 61 -85.37 -26.82 98.97
C VAL T 61 -85.92 -27.24 97.63
N LEU T 62 -85.77 -26.37 96.63
CA LEU T 62 -86.23 -26.66 95.29
C LEU T 62 -85.16 -27.24 94.39
N CYS T 63 -83.96 -26.66 94.40
CA CYS T 63 -82.94 -27.01 93.43
C CYS T 63 -81.72 -27.60 94.13
N GLN T 64 -80.97 -28.39 93.38
CA GLN T 64 -79.75 -29.01 93.85
C GLN T 64 -78.74 -28.90 92.73
N PRO T 65 -77.60 -28.25 92.96
CA PRO T 65 -76.58 -28.19 91.91
C PRO T 65 -76.01 -29.56 91.63
N THR T 66 -75.70 -29.79 90.36
CA THR T 66 -75.07 -31.02 89.90
C THR T 66 -74.24 -30.68 88.67
N GLY T 67 -73.88 -31.69 87.90
CA GLY T 67 -72.98 -31.51 86.78
C GLY T 67 -73.33 -30.38 85.85
N GLY T 68 -74.39 -30.51 85.06
CA GLY T 68 -74.72 -29.45 84.12
C GLY T 68 -76.01 -28.67 84.33
N LYS T 69 -77.09 -29.36 84.70
CA LYS T 69 -78.36 -28.70 84.99
C LYS T 69 -78.70 -28.88 86.44
N ALA T 70 -78.85 -27.76 87.15
CA ALA T 70 -79.27 -27.81 88.53
C ALA T 70 -80.50 -28.67 88.68
N ARG T 71 -80.34 -29.77 89.40
CA ARG T 71 -81.45 -30.68 89.59
C ARG T 71 -82.53 -30.04 90.44
N LEU T 72 -83.78 -30.29 90.05
CA LEU T 72 -84.93 -29.80 90.77
C LEU T 72 -85.55 -30.94 91.57
N THR T 73 -86.23 -30.59 92.65
CA THR T 73 -86.71 -31.59 93.59
C THR T 73 -87.94 -32.31 93.04
N GLU T 74 -88.63 -33.04 93.91
CA GLU T 74 -89.84 -33.75 93.53
C GLU T 74 -90.78 -32.84 92.75
N GLY T 75 -91.58 -33.46 91.88
CA GLY T 75 -92.32 -32.75 90.87
C GLY T 75 -93.20 -31.62 91.38
N CYS T 76 -92.79 -30.39 91.09
CA CYS T 76 -93.62 -29.22 91.25
C CYS T 76 -94.23 -28.88 89.90
N SER T 77 -94.91 -27.75 89.81
CA SER T 77 -95.39 -27.24 88.52
C SER T 77 -94.35 -26.22 88.05
N PHE T 78 -93.61 -26.59 87.02
CA PHE T 78 -92.44 -25.85 86.58
C PHE T 78 -92.65 -25.41 85.14
N ARG T 79 -92.37 -24.14 84.85
CA ARG T 79 -92.69 -23.61 83.52
C ARG T 79 -91.56 -22.76 82.94
N ARG T 80 -91.29 -22.98 81.66
CA ARG T 80 -90.39 -22.15 80.88
C ARG T 80 -91.20 -21.03 80.24
N LYS T 81 -90.87 -19.80 80.58
CA LYS T 81 -91.67 -18.63 80.20
C LYS T 81 -91.06 -17.92 78.99
N GLN T 82 -91.90 -17.63 78.00
CA GLN T 82 -91.59 -16.84 76.82
C GLN T 82 -90.29 -17.24 76.13
N HIS T 83 -89.85 -18.48 76.34
CA HIS T 83 -88.56 -18.94 75.85
C HIS T 83 -87.44 -18.00 76.28
N GLY W 1 13.59 -61.80 129.49
CA GLY W 1 12.88 -62.61 130.46
C GLY W 1 12.04 -61.79 131.39
N ARG W 2 11.52 -60.69 130.86
CA ARG W 2 10.77 -59.73 131.65
C ARG W 2 9.29 -59.86 131.34
N VAL W 3 8.46 -59.81 132.39
CA VAL W 3 7.02 -59.97 132.20
C VAL W 3 6.50 -58.84 131.31
N ILE W 4 5.39 -59.12 130.63
CA ILE W 4 4.85 -58.23 129.61
C ILE W 4 3.53 -57.66 130.11
N ARG W 5 3.18 -56.49 129.57
CA ARG W 5 1.87 -55.94 129.87
C ARG W 5 0.80 -56.88 129.36
N GLY W 6 -0.37 -56.80 129.97
CA GLY W 6 -1.35 -57.84 129.77
C GLY W 6 -1.23 -58.86 130.88
N GLN W 7 -0.01 -59.37 131.09
CA GLN W 7 0.23 -60.13 132.31
C GLN W 7 0.16 -59.21 133.52
N ARG W 8 0.71 -58.00 133.41
CA ARG W 8 0.50 -57.01 134.46
C ARG W 8 -0.96 -56.63 134.57
N LYS W 9 -1.68 -56.60 133.44
CA LYS W 9 -3.06 -56.15 133.45
C LYS W 9 -3.91 -57.01 134.39
N GLY W 10 -3.73 -58.32 134.32
CA GLY W 10 -4.49 -59.18 135.21
C GLY W 10 -3.99 -59.18 136.64
N ALA W 11 -2.84 -58.57 136.90
CA ALA W 11 -2.28 -58.59 138.24
C ALA W 11 -3.05 -57.72 139.21
N GLY W 12 -3.99 -56.90 138.74
CA GLY W 12 -4.74 -56.07 139.65
C GLY W 12 -4.37 -54.60 139.71
N SER W 13 -3.54 -54.25 140.68
CA SER W 13 -3.60 -52.97 141.37
C SER W 13 -3.90 -51.78 140.49
N VAL W 14 -3.00 -51.43 139.58
CA VAL W 14 -3.23 -50.18 138.84
C VAL W 14 -4.32 -50.37 137.80
N PHE W 15 -4.40 -51.53 137.17
CA PHE W 15 -5.33 -51.76 136.08
C PHE W 15 -6.75 -52.02 136.57
N ARG W 16 -7.02 -51.78 137.84
CA ARG W 16 -8.36 -51.96 138.35
C ARG W 16 -9.29 -50.87 137.81
N ALA W 17 -10.56 -51.20 137.71
CA ALA W 17 -11.54 -50.25 137.22
C ALA W 17 -11.72 -49.10 138.20
N HIS W 18 -11.89 -47.89 137.64
CA HIS W 18 -12.07 -46.69 138.46
C HIS W 18 -13.54 -46.59 138.83
N VAL W 19 -13.92 -47.29 139.89
CA VAL W 19 -15.32 -47.45 140.27
C VAL W 19 -15.72 -46.49 141.39
N LYS W 20 -14.99 -45.39 141.52
CA LYS W 20 -15.27 -44.46 142.60
C LYS W 20 -16.66 -43.84 142.47
N HIS W 21 -16.99 -43.32 141.30
CA HIS W 21 -18.18 -42.49 141.13
C HIS W 21 -19.40 -43.25 140.64
N ARG W 22 -19.25 -44.50 140.23
CA ARG W 22 -20.34 -45.17 139.54
C ARG W 22 -21.52 -45.38 140.48
N LYS W 23 -22.72 -45.25 139.91
CA LYS W 23 -23.95 -45.14 140.68
C LYS W 23 -24.41 -46.45 141.29
N GLY W 24 -23.74 -47.55 141.01
CA GLY W 24 -24.13 -48.85 141.52
C GLY W 24 -24.21 -49.87 140.41
N ALA W 25 -24.37 -51.12 140.82
CA ALA W 25 -24.45 -52.21 139.86
C ALA W 25 -25.81 -52.17 139.19
N ALA W 26 -25.85 -51.69 137.95
CA ALA W 26 -27.11 -51.61 137.23
C ALA W 26 -27.66 -53.00 136.95
N ARG W 27 -28.83 -53.28 137.48
CA ARG W 27 -29.41 -54.60 137.36
C ARG W 27 -30.90 -54.52 137.65
N LEU W 28 -31.62 -55.55 137.26
CA LEU W 28 -33.04 -55.65 137.56
C LEU W 28 -33.23 -56.01 139.03
N ARG W 29 -34.49 -56.19 139.42
CA ARG W 29 -34.78 -56.57 140.79
C ARG W 29 -34.78 -58.08 140.95
N ALA W 30 -35.07 -58.54 142.16
CA ALA W 30 -35.11 -59.96 142.44
C ALA W 30 -36.45 -60.56 142.06
N VAL W 31 -36.43 -61.85 141.70
CA VAL W 31 -37.65 -62.55 141.35
C VAL W 31 -38.58 -62.60 142.56
N ASP W 32 -39.87 -62.45 142.32
CA ASP W 32 -40.85 -62.36 143.40
C ASP W 32 -42.22 -62.71 142.82
N PHE W 33 -43.25 -62.63 143.66
CA PHE W 33 -44.60 -62.94 143.22
C PHE W 33 -45.03 -62.10 142.03
N ALA W 34 -45.02 -60.77 142.20
CA ALA W 34 -45.39 -59.90 141.10
C ALA W 34 -44.59 -60.17 139.84
N GLU W 35 -43.47 -60.89 139.95
CA GLU W 35 -42.77 -61.41 138.79
C GLU W 35 -43.04 -62.88 138.53
N ARG W 36 -43.81 -63.55 139.37
CA ARG W 36 -44.14 -64.95 139.14
C ARG W 36 -45.62 -65.22 139.02
N HIS W 37 -46.48 -64.37 139.55
CA HIS W 37 -47.92 -64.58 139.41
C HIS W 37 -48.70 -63.34 139.05
N GLY W 38 -48.14 -62.15 139.13
CA GLY W 38 -48.86 -60.93 138.82
C GLY W 38 -47.94 -59.93 138.16
N TYR W 39 -48.04 -58.68 138.62
CA TYR W 39 -47.17 -57.63 138.16
C TYR W 39 -47.09 -56.56 139.24
N ILE W 40 -46.02 -55.78 139.21
CA ILE W 40 -45.78 -54.73 140.18
C ILE W 40 -45.55 -53.43 139.42
N LYS W 41 -46.05 -52.33 139.96
CA LYS W 41 -45.96 -51.03 139.32
C LYS W 41 -44.99 -50.14 140.10
N GLY W 42 -44.02 -49.58 139.40
CA GLY W 42 -43.09 -48.65 139.98
C GLY W 42 -42.91 -47.43 139.08
N ILE W 43 -42.54 -46.32 139.71
CA ILE W 43 -42.38 -45.05 139.01
C ILE W 43 -40.89 -44.84 138.75
N VAL W 44 -40.56 -44.43 137.54
CA VAL W 44 -39.18 -44.08 137.21
C VAL W 44 -38.94 -42.65 137.64
N LYS W 45 -38.00 -42.45 138.55
CA LYS W 45 -37.81 -41.14 139.15
C LYS W 45 -36.83 -40.28 138.36
N ASP W 46 -35.81 -40.90 137.76
CA ASP W 46 -34.85 -40.17 136.98
C ASP W 46 -34.08 -41.13 136.10
N ILE W 47 -33.22 -40.56 135.26
CA ILE W 47 -32.21 -41.30 134.53
C ILE W 47 -30.89 -40.57 134.67
N ILE W 48 -29.80 -41.31 134.83
CA ILE W 48 -28.51 -40.72 135.17
C ILE W 48 -27.43 -41.30 134.29
N HIS W 49 -26.36 -40.53 134.12
CA HIS W 49 -25.20 -40.94 133.33
C HIS W 49 -24.20 -41.62 134.25
N ASP W 50 -23.95 -42.90 134.01
CA ASP W 50 -23.05 -43.67 134.84
C ASP W 50 -21.65 -43.59 134.27
N PRO W 51 -20.68 -43.08 135.01
CA PRO W 51 -19.34 -42.83 134.44
C PRO W 51 -18.70 -44.10 133.89
N GLY W 52 -17.96 -43.93 132.79
CA GLY W 52 -17.23 -45.01 132.17
C GLY W 52 -18.06 -45.98 131.36
N ARG W 53 -19.37 -45.99 131.54
CA ARG W 53 -20.27 -46.92 130.87
C ARG W 53 -21.38 -46.15 130.17
N GLY W 54 -21.00 -45.16 129.38
CA GLY W 54 -21.96 -44.20 128.90
C GLY W 54 -23.11 -44.84 128.15
N ALA W 55 -24.21 -44.93 128.86
CA ALA W 55 -25.50 -45.45 128.46
C ALA W 55 -26.41 -45.07 129.61
N PRO W 56 -27.58 -44.53 129.36
CA PRO W 56 -28.39 -43.97 130.44
C PRO W 56 -28.81 -45.04 131.44
N LEU W 57 -28.90 -44.63 132.70
CA LEU W 57 -29.27 -45.51 133.80
C LEU W 57 -30.48 -44.93 134.50
N ALA W 58 -31.54 -45.73 134.61
CA ALA W 58 -32.81 -45.26 135.16
C ALA W 58 -32.88 -45.63 136.63
N LYS W 59 -33.24 -44.66 137.47
CA LYS W 59 -33.47 -44.90 138.88
C LYS W 59 -34.97 -44.97 139.13
N VAL W 60 -35.45 -46.17 139.45
CA VAL W 60 -36.88 -46.44 139.57
C VAL W 60 -37.17 -46.89 140.98
N VAL W 61 -38.37 -46.56 141.47
CA VAL W 61 -38.75 -46.80 142.86
C VAL W 61 -39.95 -47.72 142.89
N PHE W 62 -39.89 -48.74 143.75
CA PHE W 62 -40.92 -49.75 143.89
C PHE W 62 -41.43 -49.79 145.32
N ARG W 63 -42.69 -50.20 145.47
CA ARG W 63 -43.26 -50.42 146.79
C ARG W 63 -42.89 -51.80 147.28
N ASP W 64 -42.40 -51.88 148.50
CA ASP W 64 -42.09 -53.18 149.08
C ASP W 64 -43.40 -53.90 149.38
N PRO W 65 -43.60 -55.12 148.87
CA PRO W 65 -44.91 -55.75 149.03
C PRO W 65 -45.14 -56.36 150.40
N TYR W 66 -44.10 -56.84 151.07
CA TYR W 66 -44.28 -57.48 152.36
C TYR W 66 -44.23 -56.51 153.52
N ARG W 67 -43.12 -55.80 153.70
CA ARG W 67 -43.01 -54.76 154.70
C ARG W 67 -43.43 -53.43 154.09
N PHE W 68 -43.49 -52.40 154.92
CA PHE W 68 -43.94 -51.08 154.48
C PHE W 68 -42.71 -50.21 154.31
N LYS W 69 -42.33 -49.97 153.07
CA LYS W 69 -41.11 -49.26 152.75
C LYS W 69 -41.13 -48.97 151.24
N LYS W 70 -40.05 -48.38 150.77
CA LYS W 70 -39.81 -48.02 149.38
C LYS W 70 -38.49 -48.59 148.92
N ARG W 71 -38.50 -49.17 147.74
CA ARG W 71 -37.32 -49.77 147.16
C ARG W 71 -36.84 -48.88 146.03
N THR W 72 -35.55 -48.93 145.75
CA THR W 72 -34.95 -48.20 144.65
C THR W 72 -34.19 -49.18 143.76
N GLU W 73 -34.38 -49.06 142.46
CA GLU W 73 -33.76 -49.96 141.50
C GLU W 73 -33.05 -49.15 140.43
N LEU W 74 -32.20 -49.82 139.66
CA LEU W 74 -31.30 -49.17 138.72
C LEU W 74 -31.44 -49.77 137.33
N PHE W 75 -32.68 -49.85 136.84
CA PHE W 75 -32.92 -50.41 135.52
C PHE W 75 -32.14 -49.64 134.46
N ILE W 76 -31.59 -50.39 133.52
CA ILE W 76 -30.94 -49.78 132.36
C ILE W 76 -32.00 -49.13 131.48
N ALA W 77 -31.75 -47.90 131.05
CA ALA W 77 -32.76 -47.07 130.41
C ALA W 77 -32.96 -47.51 128.96
N ALA W 78 -34.13 -48.04 128.66
CA ALA W 78 -34.54 -48.27 127.29
C ALA W 78 -34.98 -46.95 126.68
N GLU W 79 -34.44 -46.61 125.52
CA GLU W 79 -34.73 -45.31 124.95
C GLU W 79 -36.22 -45.18 124.68
N GLY W 80 -36.72 -43.96 124.86
CA GLY W 80 -38.13 -43.68 124.72
C GLY W 80 -38.88 -43.72 126.03
N ILE W 81 -38.21 -43.95 127.15
CA ILE W 81 -38.84 -43.88 128.45
C ILE W 81 -38.39 -42.59 129.12
N HIS W 82 -39.25 -42.08 129.98
CA HIS W 82 -39.10 -40.78 130.59
C HIS W 82 -39.45 -40.86 132.06
N THR W 83 -38.92 -39.93 132.85
CA THR W 83 -39.26 -39.91 134.26
C THR W 83 -40.75 -39.76 134.43
N GLY W 84 -41.27 -40.33 135.51
CA GLY W 84 -42.65 -40.13 135.87
C GLY W 84 -43.61 -41.17 135.35
N GLN W 85 -43.29 -41.86 134.27
CA GLN W 85 -44.18 -42.91 133.80
C GLN W 85 -43.94 -44.16 134.62
N PHE W 86 -44.90 -45.06 134.56
CA PHE W 86 -44.92 -46.24 135.42
C PHE W 86 -44.31 -47.41 134.67
N VAL W 87 -43.36 -48.08 135.30
CA VAL W 87 -42.79 -49.29 134.77
C VAL W 87 -43.51 -50.47 135.42
N TYR W 88 -43.52 -51.59 134.72
CA TYR W 88 -44.21 -52.77 135.18
C TYR W 88 -43.32 -53.98 135.01
N CYS W 89 -43.36 -54.90 135.98
CA CYS W 89 -42.54 -56.10 135.96
C CYS W 89 -43.36 -57.29 136.41
N GLY W 90 -43.33 -58.36 135.63
CA GLY W 90 -44.01 -59.59 135.98
C GLY W 90 -44.75 -60.19 134.81
N LYS W 91 -45.10 -61.47 134.95
CA LYS W 91 -45.62 -62.23 133.82
C LYS W 91 -47.02 -61.78 133.42
N LYS W 92 -47.67 -60.96 134.23
CA LYS W 92 -48.98 -60.46 133.84
C LYS W 92 -48.92 -59.06 133.25
N ALA W 93 -47.81 -58.35 133.40
CA ALA W 93 -47.68 -57.05 132.77
C ALA W 93 -47.71 -57.20 131.26
N GLN W 94 -48.50 -56.38 130.59
CA GLN W 94 -48.52 -56.46 129.15
C GLN W 94 -47.22 -55.92 128.58
N LEU W 95 -46.87 -56.40 127.39
CA LEU W 95 -45.58 -56.05 126.80
C LEU W 95 -45.63 -54.62 126.29
N ASN W 96 -45.17 -53.71 127.12
CA ASN W 96 -45.12 -52.29 126.79
C ASN W 96 -43.66 -51.86 126.85
N ILE W 97 -43.38 -50.68 126.30
CA ILE W 97 -42.01 -50.20 126.26
C ILE W 97 -41.54 -49.96 127.69
N GLY W 98 -40.35 -50.45 128.02
CA GLY W 98 -39.77 -50.26 129.32
C GLY W 98 -40.15 -51.28 130.38
N ASN W 99 -41.19 -52.08 130.14
CA ASN W 99 -41.61 -53.03 131.15
C ASN W 99 -40.67 -54.24 131.17
N VAL W 100 -40.92 -55.13 132.12
CA VAL W 100 -40.13 -56.33 132.33
C VAL W 100 -41.07 -57.51 132.47
N LEU W 101 -40.76 -58.63 131.81
CA LEU W 101 -41.58 -59.82 131.93
C LEU W 101 -40.90 -61.02 131.29
N PRO W 102 -41.14 -62.23 131.79
CA PRO W 102 -40.37 -63.39 131.31
C PRO W 102 -40.59 -63.67 129.83
N VAL W 103 -39.53 -64.17 129.20
CA VAL W 103 -39.58 -64.47 127.78
C VAL W 103 -40.61 -65.54 127.47
N GLY W 104 -40.96 -66.38 128.43
CA GLY W 104 -41.99 -67.38 128.19
C GLY W 104 -43.33 -66.79 127.83
N THR W 105 -43.54 -65.51 128.12
CA THR W 105 -44.79 -64.81 127.82
C THR W 105 -44.57 -63.64 126.88
N MET W 106 -43.73 -63.79 125.86
CA MET W 106 -43.60 -62.78 124.83
C MET W 106 -43.61 -63.43 123.46
N PRO W 107 -44.34 -62.89 122.50
CA PRO W 107 -44.32 -63.46 121.15
C PRO W 107 -42.95 -63.32 120.53
N GLU W 108 -42.65 -64.23 119.61
CA GLU W 108 -41.28 -64.37 119.13
C GLU W 108 -40.96 -63.32 118.06
N GLY W 109 -41.30 -62.07 118.37
CA GLY W 109 -40.97 -60.98 117.48
C GLY W 109 -40.61 -59.76 118.28
N THR W 110 -40.25 -59.97 119.54
CA THR W 110 -40.04 -58.89 120.49
C THR W 110 -38.59 -58.44 120.45
N ILE W 111 -38.37 -57.15 120.68
CA ILE W 111 -37.03 -56.61 120.78
C ILE W 111 -36.74 -56.36 122.25
N VAL W 112 -35.68 -56.97 122.75
CA VAL W 112 -35.45 -57.01 124.19
C VAL W 112 -34.03 -56.55 124.49
N CYS W 113 -33.87 -55.80 125.59
CA CYS W 113 -32.65 -55.05 125.82
C CYS W 113 -31.96 -55.28 127.16
N CYS W 114 -32.34 -56.28 127.95
CA CYS W 114 -31.55 -56.64 129.12
C CYS W 114 -31.92 -58.05 129.54
N LEU W 115 -31.05 -59.02 129.26
CA LEU W 115 -31.42 -60.42 129.36
C LEU W 115 -30.92 -61.05 130.65
N GLU W 116 -31.48 -62.22 130.96
CA GLU W 116 -31.07 -63.03 132.08
C GLU W 116 -30.64 -64.39 131.57
N GLU W 117 -29.35 -64.70 131.70
CA GLU W 117 -28.86 -65.98 131.18
C GLU W 117 -29.34 -67.14 132.03
N LYS W 118 -29.40 -66.95 133.35
CA LYS W 118 -29.97 -67.92 134.24
C LYS W 118 -31.19 -67.32 134.93
N PRO W 119 -32.24 -68.08 135.16
CA PRO W 119 -33.44 -67.48 135.72
C PRO W 119 -33.29 -67.25 137.22
N GLY W 120 -33.13 -65.99 137.60
CA GLY W 120 -32.89 -65.66 138.98
C GLY W 120 -31.84 -64.58 139.12
N ASP W 121 -31.03 -64.42 138.09
CA ASP W 121 -30.05 -63.35 138.07
C ASP W 121 -30.72 -62.11 137.48
N ARG W 122 -29.93 -61.07 137.24
CA ARG W 122 -30.41 -59.81 136.72
C ARG W 122 -29.91 -59.62 135.30
N GLY W 123 -30.13 -58.44 134.75
CA GLY W 123 -29.71 -58.14 133.40
C GLY W 123 -28.27 -58.50 133.12
N LYS W 124 -28.06 -59.46 132.22
CA LYS W 124 -26.72 -59.94 131.90
C LYS W 124 -26.33 -59.77 130.44
N LEU W 125 -27.27 -59.87 129.52
CA LEU W 125 -26.95 -59.80 128.11
C LEU W 125 -27.49 -58.50 127.51
N ALA W 126 -26.76 -57.97 126.54
CA ALA W 126 -27.18 -56.79 125.78
C ALA W 126 -27.45 -55.61 126.73
N ARG W 127 -26.39 -55.16 127.39
CA ARG W 127 -26.49 -54.04 128.32
C ARG W 127 -25.72 -52.81 127.88
N ALA W 128 -24.87 -52.92 126.86
CA ALA W 128 -24.17 -51.75 126.36
C ALA W 128 -25.14 -50.81 125.67
N SER W 129 -24.65 -49.62 125.35
CA SER W 129 -25.51 -48.61 124.77
C SER W 129 -26.02 -49.02 123.39
N GLY W 130 -27.33 -48.94 123.20
CA GLY W 130 -27.91 -48.99 121.88
C GLY W 130 -27.96 -50.35 121.22
N ASN W 131 -27.98 -51.43 121.98
CA ASN W 131 -28.15 -52.76 121.39
C ASN W 131 -29.39 -53.43 121.95
N TYR W 132 -29.66 -54.62 121.44
CA TYR W 132 -30.93 -55.28 121.69
C TYR W 132 -30.75 -56.77 121.53
N ALA W 133 -31.75 -57.51 121.99
CA ALA W 133 -31.83 -58.93 121.74
C ALA W 133 -33.20 -59.26 121.16
N THR W 134 -33.20 -60.09 120.14
CA THR W 134 -34.43 -60.55 119.52
C THR W 134 -34.71 -61.97 119.98
N VAL W 135 -35.96 -62.24 120.31
CA VAL W 135 -36.39 -63.58 120.72
C VAL W 135 -36.85 -64.30 119.46
N ILE W 136 -36.02 -65.21 118.96
CA ILE W 136 -36.34 -65.89 117.72
C ILE W 136 -37.59 -66.75 117.89
N SER W 137 -37.62 -67.55 118.96
CA SER W 137 -38.72 -68.48 119.15
C SER W 137 -38.58 -69.15 120.51
N HIS W 138 -39.70 -69.67 121.00
CA HIS W 138 -39.73 -70.57 122.15
C HIS W 138 -39.84 -72.00 121.65
N ASN W 139 -40.02 -72.91 122.60
CA ASN W 139 -40.60 -74.21 122.34
C ASN W 139 -41.55 -74.50 123.49
N PRO W 140 -42.72 -75.06 123.20
CA PRO W 140 -43.76 -75.17 124.23
C PRO W 140 -43.29 -76.01 125.41
N GLU W 141 -42.85 -77.23 125.12
CA GLU W 141 -42.30 -78.09 126.15
C GLU W 141 -40.91 -77.61 126.54
N THR W 142 -40.42 -78.11 127.68
CA THR W 142 -39.06 -77.92 128.17
C THR W 142 -38.74 -76.46 128.48
N LYS W 143 -39.67 -75.53 128.26
CA LYS W 143 -39.53 -74.14 128.65
C LYS W 143 -38.18 -73.57 128.19
N LYS W 144 -37.97 -73.55 126.88
CA LYS W 144 -36.75 -73.03 126.30
C LYS W 144 -37.10 -72.00 125.24
N THR W 145 -36.18 -71.07 125.02
CA THR W 145 -36.43 -70.00 124.06
C THR W 145 -35.11 -69.56 123.44
N ARG W 146 -34.94 -69.87 122.16
CA ARG W 146 -33.77 -69.45 121.43
C ARG W 146 -33.88 -67.98 121.06
N VAL W 147 -32.84 -67.21 121.35
CA VAL W 147 -32.83 -65.79 121.07
C VAL W 147 -31.56 -65.44 120.31
N LYS W 148 -31.59 -64.29 119.65
CA LYS W 148 -30.45 -63.78 118.90
C LYS W 148 -29.77 -62.69 119.72
N LEU W 149 -28.49 -62.90 120.00
CA LEU W 149 -27.72 -61.99 120.83
C LEU W 149 -27.16 -60.85 119.98
N PRO W 150 -26.74 -59.76 120.62
CA PRO W 150 -26.20 -58.64 119.84
C PRO W 150 -25.02 -59.01 118.97
N SER W 151 -24.24 -60.01 119.36
CA SER W 151 -23.20 -60.51 118.48
C SER W 151 -23.75 -61.30 117.30
N GLY W 152 -25.05 -61.59 117.31
CA GLY W 152 -25.66 -62.40 116.28
C GLY W 152 -25.76 -63.87 116.61
N SER W 153 -25.24 -64.30 117.75
CA SER W 153 -25.30 -65.72 118.11
C SER W 153 -26.70 -66.09 118.57
N LYS W 154 -27.18 -67.22 118.06
CA LYS W 154 -28.47 -67.78 118.48
C LYS W 154 -28.21 -68.66 119.70
N LYS W 155 -28.83 -68.31 120.82
CA LYS W 155 -28.66 -69.06 122.06
C LYS W 155 -30.02 -69.39 122.64
N VAL W 156 -30.13 -70.62 123.15
CA VAL W 156 -31.36 -71.11 123.76
C VAL W 156 -31.26 -70.93 125.27
N ILE W 157 -32.31 -70.36 125.87
CA ILE W 157 -32.35 -70.06 127.29
C ILE W 157 -33.67 -70.55 127.86
N SER W 158 -33.68 -70.75 129.18
CA SER W 158 -34.90 -71.14 129.86
C SER W 158 -35.95 -70.04 129.72
N SER W 159 -37.18 -70.45 129.42
CA SER W 159 -38.24 -69.48 129.14
C SER W 159 -38.72 -68.78 130.39
N ALA W 160 -38.16 -69.08 131.56
CA ALA W 160 -38.53 -68.38 132.77
C ALA W 160 -37.73 -67.10 133.00
N ASN W 161 -36.71 -66.85 132.19
CA ASN W 161 -35.86 -65.68 132.42
C ASN W 161 -36.60 -64.40 132.08
N ARG W 162 -36.40 -63.37 132.88
CA ARG W 162 -37.03 -62.09 132.64
C ARG W 162 -36.11 -61.17 131.86
N ALA W 163 -36.66 -60.03 131.43
CA ALA W 163 -35.92 -59.11 130.59
C ALA W 163 -36.74 -57.84 130.37
N VAL W 164 -36.10 -56.86 129.75
CA VAL W 164 -36.68 -55.52 129.56
C VAL W 164 -37.09 -55.36 128.11
N VAL W 165 -38.37 -55.05 127.88
CA VAL W 165 -38.88 -54.91 126.53
C VAL W 165 -38.45 -53.57 125.96
N GLY W 166 -37.74 -53.61 124.84
CA GLY W 166 -37.33 -52.39 124.17
C GLY W 166 -35.88 -52.48 123.77
N VAL W 167 -35.29 -51.32 123.52
CA VAL W 167 -33.88 -51.21 123.15
C VAL W 167 -33.24 -50.17 124.05
N VAL W 168 -32.02 -50.47 124.53
CA VAL W 168 -31.35 -49.57 125.44
C VAL W 168 -30.96 -48.28 124.72
N ALA W 169 -31.05 -47.17 125.45
CA ALA W 169 -30.69 -45.88 124.88
C ALA W 169 -29.18 -45.76 124.74
N GLY W 170 -28.75 -44.63 124.18
CA GLY W 170 -27.35 -44.39 123.85
C GLY W 170 -27.11 -44.28 122.36
N GLY W 171 -27.73 -45.13 121.57
CA GLY W 171 -27.72 -45.00 120.13
C GLY W 171 -26.33 -45.05 119.55
N GLY W 172 -26.17 -44.34 118.43
CA GLY W 172 -24.93 -44.38 117.69
C GLY W 172 -23.81 -43.59 118.33
N ARG W 173 -23.31 -44.08 119.46
CA ARG W 173 -22.27 -43.36 120.18
C ARG W 173 -20.95 -43.44 119.42
N ILE W 174 -20.67 -44.56 118.75
CA ILE W 174 -19.43 -44.67 117.99
C ILE W 174 -19.47 -43.82 116.75
N ASP W 175 -20.66 -43.55 116.22
CA ASP W 175 -20.77 -42.85 114.95
C ASP W 175 -20.07 -41.49 115.00
N LYS W 176 -19.91 -40.94 116.18
CA LYS W 176 -19.08 -39.77 116.32
C LYS W 176 -17.63 -40.20 116.54
N PRO W 177 -16.71 -39.84 115.66
CA PRO W 177 -15.31 -40.21 115.88
C PRO W 177 -14.79 -39.49 117.11
N ILE W 178 -13.86 -40.15 117.79
CA ILE W 178 -13.27 -39.53 118.98
C ILE W 178 -12.64 -38.20 118.62
N LEU W 179 -12.03 -38.12 117.43
CA LEU W 179 -11.65 -36.89 116.76
C LEU W 179 -10.48 -36.21 117.47
N LYS W 180 -10.06 -36.71 118.63
CA LYS W 180 -9.11 -35.99 119.44
C LYS W 180 -8.47 -36.94 120.42
N ALA W 181 -7.16 -36.80 120.62
CA ALA W 181 -6.49 -37.60 121.64
C ALA W 181 -7.08 -37.31 123.01
N GLY W 182 -7.37 -36.04 123.28
CA GLY W 182 -7.93 -35.68 124.58
C GLY W 182 -9.26 -36.34 124.85
N ARG W 183 -10.11 -36.43 123.82
CA ARG W 183 -11.40 -37.07 124.01
C ARG W 183 -11.22 -38.52 124.40
N ALA W 184 -10.30 -39.23 123.75
CA ALA W 184 -10.04 -40.62 124.10
C ALA W 184 -9.47 -40.73 125.51
N TYR W 185 -8.58 -39.81 125.88
CA TYR W 185 -7.98 -39.87 127.20
C TYR W 185 -9.05 -39.71 128.28
N HIS W 186 -9.94 -38.75 128.09
CA HIS W 186 -11.01 -38.57 129.06
C HIS W 186 -11.98 -39.74 129.04
N LYS W 187 -12.25 -40.29 127.85
CA LYS W 187 -13.17 -41.42 127.76
C LYS W 187 -12.65 -42.61 128.55
N TYR W 188 -11.41 -43.01 128.29
CA TYR W 188 -10.85 -44.16 128.97
C TYR W 188 -10.44 -43.87 130.40
N LYS W 189 -10.24 -42.60 130.76
CA LYS W 189 -9.86 -42.28 132.13
C LYS W 189 -10.96 -42.69 133.10
N ALA W 190 -12.21 -42.54 132.70
CA ALA W 190 -13.31 -43.00 133.54
C ALA W 190 -13.37 -44.51 133.65
N LYS W 191 -12.91 -45.23 132.63
CA LYS W 191 -13.02 -46.68 132.66
C LYS W 191 -11.87 -47.32 133.42
N ARG W 192 -10.65 -47.16 132.91
CA ARG W 192 -9.47 -47.86 133.43
C ARG W 192 -8.27 -47.34 132.65
N ASN W 193 -7.08 -47.75 133.08
CA ASN W 193 -5.85 -47.29 132.42
C ASN W 193 -5.41 -48.33 131.39
N CYS W 194 -5.97 -48.21 130.20
CA CYS W 194 -5.61 -49.09 129.10
C CYS W 194 -5.47 -48.34 127.79
N TRP W 195 -5.55 -47.02 127.82
CA TRP W 195 -5.77 -46.28 126.57
C TRP W 195 -4.52 -46.15 125.73
N PRO W 196 -3.40 -45.61 126.23
CA PRO W 196 -2.21 -45.53 125.38
C PRO W 196 -1.66 -46.92 125.14
N ARG W 197 -1.82 -47.42 123.92
CA ARG W 197 -1.39 -48.77 123.56
C ARG W 197 -0.11 -48.69 122.75
N VAL W 198 0.90 -49.45 123.18
CA VAL W 198 2.23 -49.39 122.60
C VAL W 198 2.44 -50.62 121.73
N ARG W 199 2.89 -50.39 120.50
CA ARG W 199 3.06 -51.47 119.54
C ARG W 199 4.23 -52.35 119.91
N GLY W 200 4.09 -53.65 119.63
CA GLY W 200 5.20 -54.57 119.86
C GLY W 200 6.38 -54.31 118.96
N VAL W 201 6.13 -53.93 117.70
CA VAL W 201 7.22 -53.61 116.79
C VAL W 201 8.06 -52.48 117.37
N ALA W 202 7.41 -51.48 117.94
CA ALA W 202 8.09 -50.39 118.63
C ALA W 202 8.55 -50.77 120.02
N MET W 203 8.32 -52.00 120.42
CA MET W 203 8.73 -52.46 121.72
C MET W 203 10.11 -53.09 121.62
N ASN W 204 10.82 -53.05 122.73
CA ASN W 204 12.06 -53.76 122.95
C ASN W 204 11.73 -55.23 123.11
N PRO W 205 12.59 -56.16 122.63
CA PRO W 205 12.21 -57.58 122.67
C PRO W 205 11.97 -58.16 124.05
N VAL W 206 12.51 -57.54 125.11
CA VAL W 206 12.38 -58.13 126.44
C VAL W 206 10.95 -58.12 126.92
N GLU W 207 10.11 -57.26 126.36
CA GLU W 207 8.80 -57.02 126.96
C GLU W 207 7.66 -57.42 126.05
N HIS W 208 7.94 -58.03 124.91
CA HIS W 208 6.90 -58.48 124.01
C HIS W 208 7.47 -59.49 123.02
N PRO W 209 6.77 -60.58 122.74
CA PRO W 209 7.28 -61.53 121.76
C PRO W 209 7.55 -60.92 120.40
N PHE W 210 7.13 -59.68 120.19
CA PHE W 210 7.33 -59.01 118.92
C PHE W 210 8.47 -58.01 118.94
N GLY W 211 8.94 -57.63 120.11
CA GLY W 211 9.86 -56.51 120.20
C GLY W 211 11.19 -56.77 119.51
N GLY W 212 11.97 -55.70 119.42
CA GLY W 212 13.30 -55.79 118.86
C GLY W 212 13.33 -55.82 117.35
N GLY W 213 14.55 -55.82 116.83
CA GLY W 213 14.76 -55.79 115.40
C GLY W 213 15.18 -54.43 114.92
N ASN W 214 16.14 -54.39 113.98
CA ASN W 214 16.54 -53.12 113.40
C ASN W 214 15.35 -52.43 112.74
N HIS W 215 14.54 -53.18 112.03
CA HIS W 215 13.34 -52.65 111.40
C HIS W 215 12.12 -52.97 112.25
N GLN W 216 11.10 -52.11 112.13
CA GLN W 216 9.88 -52.26 112.92
C GLN W 216 9.06 -53.44 112.40
N HIS W 217 9.50 -54.66 112.68
CA HIS W 217 8.82 -55.85 112.20
C HIS W 217 8.76 -56.90 113.30
N ILE W 218 7.75 -57.78 113.19
CA ILE W 218 7.57 -58.82 114.20
C ILE W 218 8.33 -60.07 113.82
N GLY W 219 8.48 -60.35 112.52
CA GLY W 219 9.31 -61.43 112.07
C GLY W 219 8.86 -62.83 112.43
N LYS W 220 7.77 -62.98 113.17
CA LYS W 220 7.21 -64.29 113.45
C LYS W 220 5.73 -64.25 113.12
N PRO W 221 5.13 -65.39 112.81
CA PRO W 221 3.71 -65.40 112.46
C PRO W 221 2.87 -64.82 113.58
N SER W 222 1.98 -63.89 113.21
CA SER W 222 1.14 -63.23 114.20
C SER W 222 0.05 -64.16 114.73
N THR W 223 -0.55 -64.96 113.87
CA THR W 223 -1.59 -65.89 114.30
C THR W 223 -1.03 -66.86 115.31
N ILE W 224 -1.49 -66.75 116.56
CA ILE W 224 -0.98 -67.56 117.65
C ILE W 224 -2.04 -68.57 118.05
N ARG W 225 -1.59 -69.74 118.50
CA ARG W 225 -2.53 -70.78 118.85
C ARG W 225 -3.27 -70.45 120.14
N ARG W 226 -4.47 -71.00 120.26
CA ARG W 226 -5.25 -70.79 121.47
C ARG W 226 -4.52 -71.34 122.69
N ASP W 227 -3.79 -72.43 122.51
CA ASP W 227 -3.05 -73.06 123.60
C ASP W 227 -1.68 -72.40 123.79
N ALA W 228 -1.51 -71.17 123.33
CA ALA W 228 -0.24 -70.52 123.56
C ALA W 228 -0.07 -70.22 125.05
N PRO W 229 1.10 -70.49 125.60
CA PRO W 229 1.31 -70.27 127.04
C PRO W 229 1.22 -68.79 127.38
N ALA W 230 0.83 -68.52 128.62
CA ALA W 230 0.70 -67.15 129.08
C ALA W 230 2.01 -66.41 128.90
N GLY W 231 1.92 -65.15 128.48
CA GLY W 231 3.11 -64.37 128.20
C GLY W 231 3.67 -64.55 126.82
N ARG W 232 3.05 -65.39 125.99
CA ARG W 232 3.44 -65.57 124.61
C ARG W 232 2.34 -65.19 123.64
N LYS W 233 1.09 -65.53 123.95
CA LYS W 233 0.00 -65.26 123.01
C LYS W 233 -0.25 -63.77 122.95
N VAL W 234 -0.10 -63.22 121.76
CA VAL W 234 -0.40 -61.82 121.47
C VAL W 234 -0.92 -61.74 120.03
N GLY W 235 -1.43 -60.57 119.68
CA GLY W 235 -1.98 -60.39 118.35
C GLY W 235 -3.17 -61.27 118.10
N LEU W 236 -3.22 -61.89 116.93
CA LEU W 236 -4.35 -62.69 116.53
C LEU W 236 -4.31 -64.03 117.26
N ILE W 237 -5.28 -64.27 118.11
CA ILE W 237 -5.33 -65.47 118.93
C ILE W 237 -6.34 -66.42 118.31
N ALA W 238 -5.89 -67.61 117.96
CA ALA W 238 -6.75 -68.66 117.40
C ALA W 238 -7.52 -68.14 116.20
N ALA W 239 -6.83 -67.42 115.32
CA ALA W 239 -7.48 -66.83 114.17
C ALA W 239 -8.01 -67.92 113.23
N ARG W 240 -9.19 -67.66 112.67
CA ARG W 240 -9.79 -68.53 111.67
C ARG W 240 -9.45 -68.08 110.26
N ARG W 241 -9.77 -66.84 109.93
CA ARG W 241 -9.42 -66.23 108.66
C ARG W 241 -8.93 -64.82 108.96
N THR W 242 -8.19 -64.27 108.02
CA THR W 242 -7.50 -63.01 108.22
C THR W 242 -7.53 -62.21 106.92
N GLY W 243 -7.30 -60.91 107.02
CA GLY W 243 -7.20 -60.10 105.83
C GLY W 243 -8.44 -59.28 105.51
N ARG W 244 -8.75 -59.15 104.22
CA ARG W 244 -9.69 -58.16 103.74
C ARG W 244 -11.13 -58.40 104.18
N LEU W 245 -11.47 -59.62 104.60
CA LEU W 245 -12.84 -59.98 104.96
C LEU W 245 -13.81 -59.64 103.83
N ARG W 246 -13.47 -60.14 102.65
CA ARG W 246 -14.30 -59.97 101.47
C ARG W 246 -15.31 -61.11 101.43
N GLY W 247 -16.57 -60.80 101.73
CA GLY W 247 -17.62 -61.79 101.74
C GLY W 247 -18.63 -61.63 102.86
N THR W 248 -18.23 -61.08 103.99
CA THR W 248 -19.17 -60.89 105.10
C THR W 248 -18.87 -59.62 105.88
N SER X 1 54.57 -31.36 108.45
CA SER X 1 54.36 -32.24 107.30
C SER X 1 53.69 -31.49 106.18
N HIS X 2 54.45 -30.63 105.50
CA HIS X 2 53.96 -29.91 104.32
C HIS X 2 52.72 -29.09 104.67
N ARG X 3 52.96 -28.01 105.42
CA ARG X 3 51.89 -27.17 105.96
C ARG X 3 50.91 -26.68 104.89
N LYS X 4 51.23 -26.94 103.62
CA LYS X 4 50.28 -26.97 102.52
C LYS X 4 49.84 -25.59 102.04
N PHE X 5 50.22 -24.54 102.75
CA PHE X 5 49.96 -23.19 102.26
C PHE X 5 51.11 -22.32 102.74
N SER X 6 52.11 -22.15 101.89
CA SER X 6 53.27 -21.36 102.24
C SER X 6 52.86 -19.93 102.52
N ALA X 7 53.38 -19.36 103.61
CA ALA X 7 53.13 -17.98 103.94
C ALA X 7 54.43 -17.41 104.50
N PRO X 8 54.68 -16.12 104.32
CA PRO X 8 55.88 -15.52 104.91
C PRO X 8 55.79 -15.57 106.42
N ARG X 9 56.94 -15.72 107.06
CA ARG X 9 56.95 -15.72 108.50
C ARG X 9 56.61 -14.34 109.04
N HIS X 10 56.06 -14.32 110.24
CA HIS X 10 55.69 -13.08 110.89
C HIS X 10 56.91 -12.46 111.57
N GLY X 11 56.93 -11.14 111.66
CA GLY X 11 57.99 -10.43 112.35
C GLY X 11 59.32 -10.59 111.65
N SER X 12 60.30 -9.81 112.13
CA SER X 12 61.64 -9.86 111.60
C SER X 12 62.55 -10.63 112.55
N LEU X 13 63.29 -11.58 111.99
CA LEU X 13 64.21 -12.36 112.80
C LEU X 13 65.56 -11.70 112.97
N GLY X 14 65.72 -10.45 112.52
CA GLY X 14 66.89 -9.67 112.83
C GLY X 14 66.67 -8.69 113.97
N PHE X 15 65.64 -8.89 114.78
CA PHE X 15 65.25 -7.90 115.77
C PHE X 15 64.81 -8.51 117.09
N LEU X 16 65.25 -9.72 117.43
CA LEU X 16 64.37 -10.32 118.43
C LEU X 16 65.00 -10.63 119.77
N PRO X 17 65.81 -9.78 120.33
CA PRO X 17 65.68 -9.55 121.76
C PRO X 17 64.55 -8.56 121.97
N ARG X 18 63.37 -9.02 122.33
CA ARG X 18 62.22 -8.14 122.49
C ARG X 18 62.16 -7.63 123.93
N LYS X 19 63.24 -6.96 124.31
CA LYS X 19 63.39 -6.44 125.66
C LYS X 19 63.32 -4.93 125.64
N ARG X 20 62.94 -4.36 126.78
CA ARG X 20 63.06 -2.93 126.96
C ARG X 20 64.51 -2.52 126.77
N SER X 21 64.72 -1.47 125.99
CA SER X 21 66.07 -1.09 125.61
C SER X 21 66.96 -0.87 126.82
N SER X 22 68.22 -1.25 126.70
CA SER X 22 69.14 -1.16 127.81
C SER X 22 69.39 0.27 128.25
N ARG X 23 69.32 1.23 127.34
CA ARG X 23 69.58 2.61 127.66
C ARG X 23 68.46 3.48 127.12
N HIS X 24 68.35 4.69 127.67
CA HIS X 24 67.33 5.63 127.27
C HIS X 24 67.74 6.57 126.15
N ARG X 25 69.01 7.00 126.13
CA ARG X 25 69.43 7.99 125.16
C ARG X 25 69.39 7.43 123.74
N GLY X 26 69.93 6.23 123.55
CA GLY X 26 70.00 5.66 122.23
C GLY X 26 71.36 5.96 121.62
N LYS X 27 72.24 4.97 121.58
CA LYS X 27 73.62 5.22 121.21
C LYS X 27 73.81 5.07 119.71
N VAL X 28 74.99 5.45 119.26
CA VAL X 28 75.26 5.51 117.83
C VAL X 28 75.52 4.11 117.27
N LYS X 29 76.45 3.38 117.87
CA LYS X 29 76.76 2.00 117.53
C LYS X 29 77.44 1.86 116.18
N SER X 30 77.49 2.94 115.40
CA SER X 30 78.20 2.91 114.12
C SER X 30 78.41 4.34 113.65
N PHE X 31 79.64 4.74 113.55
CA PHE X 31 79.92 6.08 113.07
C PHE X 31 80.35 6.03 111.61
N PRO X 32 80.15 7.12 110.87
CA PRO X 32 80.50 7.11 109.45
C PRO X 32 81.99 6.87 109.25
N LYS X 33 82.30 6.13 108.19
CA LYS X 33 83.68 5.85 107.85
C LYS X 33 84.43 7.15 107.62
N ASP X 34 85.65 7.22 108.15
CA ASP X 34 86.42 8.46 108.18
C ASP X 34 87.46 8.47 107.07
N ASP X 35 87.72 9.67 106.54
CA ASP X 35 88.83 9.89 105.62
C ASP X 35 89.43 11.26 105.90
N PRO X 36 90.74 11.34 106.02
CA PRO X 36 91.38 12.60 106.43
C PRO X 36 91.32 13.69 105.38
N SER X 37 90.82 13.40 104.18
CA SER X 37 90.74 14.42 103.14
C SER X 37 89.77 15.54 103.53
N LYS X 38 88.64 15.19 104.15
CA LYS X 38 87.57 16.14 104.38
C LYS X 38 87.97 17.15 105.46
N PRO X 39 87.30 18.30 105.50
CA PRO X 39 87.49 19.22 106.62
C PRO X 39 87.00 18.61 107.91
N VAL X 40 87.61 19.03 109.03
CA VAL X 40 87.24 18.48 110.32
C VAL X 40 85.82 18.89 110.66
N HIS X 41 84.99 17.92 111.04
CA HIS X 41 83.59 18.18 111.27
C HIS X 41 83.04 17.14 112.23
N LEU X 42 81.86 17.44 112.78
CA LEU X 42 81.16 16.55 113.69
C LEU X 42 80.56 15.40 112.89
N THR X 43 79.84 14.52 113.57
CA THR X 43 79.17 13.43 112.88
C THR X 43 77.73 13.19 113.31
N ALA X 44 77.33 13.61 114.51
CA ALA X 44 75.99 13.31 114.98
C ALA X 44 75.50 14.43 115.88
N PHE X 45 74.23 14.35 116.25
CA PHE X 45 73.58 15.42 116.99
C PHE X 45 72.44 14.83 117.82
N LEU X 46 72.03 15.59 118.82
CA LEU X 46 71.03 15.19 119.79
C LEU X 46 69.85 16.15 119.73
N GLY X 47 68.64 15.60 119.62
CA GLY X 47 67.45 16.41 119.54
C GLY X 47 66.33 15.80 120.36
N TYR X 48 65.24 16.57 120.47
CA TYR X 48 64.05 16.15 121.20
C TYR X 48 62.85 16.15 120.26
N LYS X 49 62.04 15.11 120.35
CA LYS X 49 60.86 14.99 119.51
C LYS X 49 59.73 15.85 120.06
N ALA X 50 59.63 17.08 119.58
CA ALA X 50 58.59 17.99 120.08
C ALA X 50 57.21 17.57 119.59
N GLY X 51 57.11 17.23 118.32
CA GLY X 51 55.83 16.94 117.70
C GLY X 51 56.00 16.95 116.18
N MET X 52 54.87 16.97 115.49
CA MET X 52 54.97 16.94 114.04
C MET X 52 53.71 17.49 113.41
N THR X 53 53.85 17.93 112.16
CA THR X 53 52.80 18.61 111.43
C THR X 53 52.99 18.32 109.96
N HIS X 54 52.22 18.98 109.10
CA HIS X 54 52.32 18.78 107.67
C HIS X 54 52.70 20.09 107.00
N ILE X 55 53.40 19.97 105.86
CA ILE X 55 53.86 21.12 105.11
C ILE X 55 53.53 20.90 103.65
N VAL X 56 53.53 21.99 102.89
CA VAL X 56 53.24 21.98 101.47
C VAL X 56 54.51 22.36 100.73
N ARG X 57 54.88 21.52 99.75
CA ARG X 57 56.10 21.75 98.99
C ARG X 57 55.83 21.47 97.53
N GLU X 58 56.68 22.04 96.67
CA GLU X 58 56.60 21.84 95.23
C GLU X 58 57.63 20.80 94.81
N VAL X 59 57.15 19.73 94.20
CA VAL X 59 57.98 18.57 93.88
C VAL X 59 58.58 18.76 92.50
N ASP X 60 59.87 18.47 92.36
CA ASP X 60 60.59 18.59 91.11
C ASP X 60 61.32 17.28 90.84
N ARG X 61 60.69 16.39 90.08
CA ARG X 61 61.24 15.06 89.82
C ARG X 61 60.85 14.59 88.42
N PRO X 62 61.77 14.66 87.46
CA PRO X 62 61.40 14.36 86.07
C PRO X 62 60.80 12.97 85.94
N GLY X 63 59.72 12.87 85.16
CA GLY X 63 59.03 11.62 84.95
C GLY X 63 58.00 11.27 85.99
N SER X 64 57.98 11.97 87.13
CA SER X 64 57.02 11.67 88.18
C SER X 64 55.76 12.48 87.99
N LYS X 65 54.61 11.85 88.23
CA LYS X 65 53.32 12.51 88.01
C LYS X 65 53.10 13.69 88.94
N VAL X 66 54.02 13.98 89.84
CA VAL X 66 53.87 15.09 90.76
C VAL X 66 54.83 16.23 90.42
N ASN X 67 55.39 16.23 89.21
CA ASN X 67 56.29 17.29 88.79
C ASN X 67 55.60 18.64 88.80
N LYS X 68 56.25 19.63 89.41
CA LYS X 68 55.76 21.01 89.41
C LYS X 68 54.34 21.12 89.96
N LYS X 69 53.89 20.10 90.68
CA LYS X 69 52.61 20.11 91.35
C LYS X 69 52.86 20.09 92.86
N GLU X 70 52.38 21.11 93.55
CA GLU X 70 52.60 21.19 94.98
C GLU X 70 51.84 20.07 95.67
N VAL X 71 52.47 19.44 96.66
CA VAL X 71 51.87 18.40 97.46
C VAL X 71 52.13 18.70 98.93
N VAL X 72 51.48 17.95 99.79
CA VAL X 72 51.68 18.06 101.22
C VAL X 72 52.50 16.87 101.68
N GLU X 73 53.14 17.01 102.83
CA GLU X 73 53.94 15.93 103.38
C GLU X 73 53.94 16.04 104.89
N ALA X 74 53.95 14.88 105.55
CA ALA X 74 54.05 14.86 107.00
C ALA X 74 55.50 15.03 107.43
N VAL X 75 55.73 15.92 108.38
CA VAL X 75 57.08 16.27 108.79
C VAL X 75 57.14 16.36 110.30
N THR X 76 58.20 15.82 110.89
CA THR X 76 58.39 15.82 112.33
C THR X 76 59.32 16.95 112.73
N ILE X 77 58.95 17.65 113.80
CA ILE X 77 59.74 18.76 114.31
C ILE X 77 60.59 18.25 115.45
N VAL X 78 61.89 18.55 115.40
CA VAL X 78 62.83 18.11 116.43
C VAL X 78 63.54 19.34 116.98
N GLU X 79 63.46 19.53 118.29
CA GLU X 79 64.14 20.63 118.95
C GLU X 79 65.61 20.28 119.13
N THR X 80 66.48 21.25 118.85
CA THR X 80 67.92 21.05 118.87
C THR X 80 68.60 22.32 119.35
N PRO X 81 68.70 22.52 120.67
CA PRO X 81 69.53 23.62 121.16
C PRO X 81 70.99 23.34 120.90
N PRO X 82 71.81 24.38 120.77
CA PRO X 82 73.25 24.15 120.62
C PRO X 82 73.80 23.45 121.86
N MET X 83 74.70 22.50 121.63
CA MET X 83 75.28 21.78 122.76
C MET X 83 76.60 22.40 123.17
N VAL X 84 77.20 21.81 124.21
CA VAL X 84 78.50 22.21 124.71
C VAL X 84 79.38 20.98 124.77
N VAL X 85 80.48 20.98 124.02
CA VAL X 85 81.45 19.89 124.09
C VAL X 85 82.40 20.15 125.24
N VAL X 86 82.38 19.27 126.24
CA VAL X 86 83.13 19.48 127.47
C VAL X 86 84.33 18.55 127.59
N GLY X 87 84.39 17.48 126.82
CA GLY X 87 85.42 16.48 127.03
C GLY X 87 86.02 16.02 125.71
N ILE X 88 87.19 15.41 125.83
CA ILE X 88 87.90 14.85 124.69
C ILE X 88 88.20 13.40 125.01
N VAL X 89 87.94 12.51 124.05
CA VAL X 89 88.24 11.10 124.20
C VAL X 89 88.81 10.58 122.91
N GLY X 90 89.89 9.81 123.01
CA GLY X 90 90.46 9.10 121.89
C GLY X 90 90.42 7.61 122.14
N TYR X 91 90.54 6.85 121.07
CA TYR X 91 90.57 5.40 121.13
C TYR X 91 91.77 4.90 120.35
N VAL X 92 92.17 3.66 120.62
CA VAL X 92 93.24 3.01 119.87
C VAL X 92 92.70 1.70 119.32
N GLU X 93 93.26 1.28 118.19
CA GLU X 93 92.82 0.06 117.53
C GLU X 93 93.64 -1.10 118.05
N THR X 94 93.17 -1.67 119.13
CA THR X 94 93.75 -2.92 119.60
C THR X 94 93.19 -4.07 118.78
N PRO X 95 93.88 -5.21 118.73
CA PRO X 95 93.32 -6.38 118.03
C PRO X 95 92.01 -6.88 118.62
N ARG X 96 91.64 -6.45 119.81
CA ARG X 96 90.38 -6.84 120.43
C ARG X 96 89.25 -5.87 120.16
N GLY X 97 89.50 -4.77 119.45
CA GLY X 97 88.51 -3.75 119.26
C GLY X 97 89.12 -2.37 119.44
N LEU X 98 88.32 -1.39 119.83
CA LEU X 98 88.84 -0.06 120.16
C LEU X 98 88.91 0.06 121.68
N ARG X 99 90.10 0.35 122.19
CA ARG X 99 90.31 0.50 123.62
C ARG X 99 90.38 1.98 123.97
N THR X 100 89.61 2.37 124.97
CA THR X 100 89.55 3.76 125.40
C THR X 100 90.90 4.13 125.98
N PHE X 101 91.67 4.94 125.25
CA PHE X 101 93.03 5.24 125.66
C PHE X 101 93.06 6.25 126.80
N LYS X 102 92.59 7.47 126.54
CA LYS X 102 92.64 8.51 127.55
C LYS X 102 91.46 9.46 127.32
N THR X 103 91.06 10.15 128.38
CA THR X 103 89.98 11.12 128.30
C THR X 103 90.42 12.40 129.01
N VAL X 104 89.94 13.53 128.51
CA VAL X 104 90.21 14.82 129.13
C VAL X 104 88.93 15.64 129.12
N PHE X 105 88.56 16.16 130.28
CA PHE X 105 87.40 17.04 130.38
C PHE X 105 87.86 18.48 130.62
N ALA X 106 87.03 19.42 130.18
CA ALA X 106 87.30 20.83 130.41
C ALA X 106 86.85 21.25 131.80
N GLU X 107 87.11 22.51 132.13
CA GLU X 107 86.70 23.06 133.41
C GLU X 107 85.32 23.70 133.28
N HIS X 108 84.86 24.31 134.37
CA HIS X 108 83.57 25.00 134.43
C HIS X 108 82.46 24.17 133.80
N ILE X 109 82.42 22.88 134.14
CA ILE X 109 81.35 22.03 133.63
C ILE X 109 80.01 22.53 134.15
N SER X 110 79.03 22.58 133.26
CA SER X 110 77.76 23.21 133.58
C SER X 110 77.04 22.47 134.70
N ASP X 111 76.11 23.18 135.33
CA ASP X 111 75.34 22.58 136.41
C ASP X 111 74.59 21.34 135.95
N GLU X 112 74.06 21.38 134.72
CA GLU X 112 73.27 20.26 134.22
C GLU X 112 74.16 19.07 133.86
N CYS X 113 75.30 19.34 133.22
CA CYS X 113 76.21 18.25 132.91
C CYS X 113 76.73 17.59 134.19
N LYS X 114 76.94 18.39 135.23
CA LYS X 114 77.26 17.83 136.53
C LYS X 114 76.10 17.05 137.10
N ARG X 115 74.87 17.56 136.90
CA ARG X 115 73.68 16.88 137.40
C ARG X 115 73.52 15.51 136.76
N ARG X 116 74.04 15.33 135.55
CA ARG X 116 73.98 14.03 134.91
C ARG X 116 74.62 12.96 135.78
N PHE X 117 75.78 13.25 136.37
CA PHE X 117 76.56 12.23 137.04
C PHE X 117 75.83 11.64 138.24
N TYR X 118 75.26 12.48 139.08
CA TYR X 118 74.62 12.01 140.30
C TYR X 118 73.27 11.38 139.98
N LYS X 119 72.95 10.30 140.69
CA LYS X 119 71.58 9.80 140.65
C LYS X 119 70.68 10.61 141.57
N ASN X 120 71.23 11.12 142.67
CA ASN X 120 70.48 11.92 143.63
C ASN X 120 71.15 13.29 143.73
N TRP X 121 70.76 14.19 142.82
CA TRP X 121 71.40 15.50 142.76
C TRP X 121 71.07 16.34 144.00
N HIS X 122 69.80 16.38 144.38
CA HIS X 122 69.39 17.28 145.46
C HIS X 122 70.07 16.92 146.77
N LYS X 123 70.02 15.65 147.15
CA LYS X 123 70.71 15.24 148.36
C LYS X 123 72.22 15.26 148.19
N SER X 124 72.71 15.32 146.96
CA SER X 124 74.14 15.43 146.74
C SER X 124 74.65 16.80 147.14
N LYS X 125 75.96 16.87 147.38
CA LYS X 125 76.63 18.14 147.59
C LYS X 125 77.49 18.53 146.41
N LYS X 126 77.23 17.94 145.23
CA LYS X 126 77.77 18.40 143.95
C LYS X 126 79.29 18.55 144.02
N LYS X 127 79.95 17.43 144.29
CA LYS X 127 81.40 17.42 144.43
C LYS X 127 82.09 16.73 143.28
N ALA X 128 81.37 16.40 142.21
CA ALA X 128 81.98 15.75 141.06
C ALA X 128 82.96 16.69 140.37
N PHE X 129 84.08 16.14 139.91
CA PHE X 129 85.08 16.86 139.12
C PHE X 129 85.69 18.05 139.84
N THR X 130 85.41 18.22 141.13
CA THR X 130 85.89 19.41 141.82
C THR X 130 87.41 19.39 141.96
N LYS X 131 87.97 18.24 142.34
CA LYS X 131 89.43 18.15 142.42
C LYS X 131 90.05 17.97 141.03
N TYR X 132 89.26 17.59 140.03
CA TYR X 132 89.80 17.47 138.69
C TYR X 132 89.96 18.83 138.03
N CYS X 133 89.05 19.76 138.32
CA CYS X 133 89.19 21.09 137.76
C CYS X 133 90.50 21.75 138.19
N LYS X 134 91.04 21.35 139.35
CA LYS X 134 92.23 22.03 139.86
C LYS X 134 93.46 21.75 139.01
N LYS X 135 93.56 20.54 138.43
CA LYS X 135 94.73 20.30 137.57
C LYS X 135 94.67 21.11 136.28
N TRP X 136 93.51 21.70 135.96
CA TRP X 136 93.48 22.71 134.91
C TRP X 136 94.20 23.99 135.32
N GLN X 137 94.49 24.16 136.62
CA GLN X 137 94.98 25.43 137.14
C GLN X 137 96.44 25.39 137.58
N ASP X 138 96.84 24.39 138.34
CA ASP X 138 98.24 24.31 138.76
C ASP X 138 99.13 24.06 137.56
N GLU X 139 100.38 24.55 137.66
CA GLU X 139 101.31 24.40 136.55
C GLU X 139 101.59 22.93 136.25
N ASP X 140 101.75 22.12 137.29
CA ASP X 140 102.01 20.70 137.09
C ASP X 140 100.84 20.01 136.42
N GLY X 141 99.62 20.34 136.82
CA GLY X 141 98.46 19.73 136.20
C GLY X 141 98.32 20.10 134.74
N LYS X 142 98.56 21.36 134.40
CA LYS X 142 98.46 21.76 133.01
C LYS X 142 99.58 21.14 132.19
N LYS X 143 100.75 21.01 132.79
CA LYS X 143 101.73 20.14 132.16
C LYS X 143 101.15 18.74 131.97
N GLN X 144 100.33 18.29 132.93
CA GLN X 144 99.83 16.91 132.82
C GLN X 144 98.91 16.79 131.62
N LEU X 145 98.06 17.77 131.43
CA LEU X 145 97.17 17.80 130.27
C LEU X 145 97.97 17.90 128.97
N GLU X 146 99.06 18.69 128.99
CA GLU X 146 99.83 18.86 127.77
C GLU X 146 100.50 17.55 127.35
N LYS X 147 101.19 16.89 128.29
CA LYS X 147 101.70 15.56 127.93
C LYS X 147 100.60 14.61 127.53
N ASP X 148 99.45 14.66 128.20
CA ASP X 148 98.35 13.76 127.82
C ASP X 148 97.92 14.01 126.38
N PHE X 149 97.83 15.27 125.98
CA PHE X 149 97.41 15.60 124.62
C PHE X 149 98.46 15.19 123.61
N SER X 150 99.73 15.33 123.96
CA SER X 150 100.78 14.85 123.06
C SER X 150 100.67 13.35 122.88
N SER X 151 100.43 12.61 123.96
CA SER X 151 100.24 11.17 123.84
C SER X 151 99.03 10.85 122.99
N MET X 152 97.95 11.60 123.16
CA MET X 152 96.80 11.49 122.26
C MET X 152 97.25 11.56 120.81
N LYS X 153 97.86 12.69 120.44
CA LYS X 153 98.19 12.94 119.05
C LYS X 153 99.18 11.91 118.52
N LYS X 154 99.95 11.29 119.42
CA LYS X 154 100.91 10.30 118.97
C LYS X 154 100.31 8.91 118.83
N TYR X 155 99.32 8.57 119.65
CA TYR X 155 98.89 7.18 119.79
C TYR X 155 97.50 6.93 119.24
N CYS X 156 96.52 7.74 119.60
CA CYS X 156 95.13 7.43 119.28
C CYS X 156 94.88 7.51 117.78
N GLN X 157 93.96 6.67 117.33
CA GLN X 157 93.59 6.60 115.91
C GLN X 157 92.32 7.38 115.59
N VAL X 158 91.27 7.22 116.39
CA VAL X 158 90.04 7.99 116.20
C VAL X 158 89.80 8.81 117.46
N ILE X 159 89.10 9.93 117.28
CA ILE X 159 88.88 10.89 118.36
C ILE X 159 87.40 11.21 118.44
N ARG X 160 86.87 11.26 119.66
CA ARG X 160 85.49 11.61 119.88
C ARG X 160 85.40 12.75 120.89
N VAL X 161 84.25 13.41 120.91
CA VAL X 161 84.00 14.58 121.74
C VAL X 161 82.77 14.33 122.59
N ILE X 162 82.89 14.58 123.89
CA ILE X 162 81.76 14.49 124.81
C ILE X 162 81.01 15.80 124.79
N ALA X 163 79.76 15.77 124.36
CA ALA X 163 78.93 16.96 124.32
C ALA X 163 77.67 16.73 125.11
N HIS X 164 77.35 17.70 125.96
CA HIS X 164 76.13 17.68 126.74
C HIS X 164 75.23 18.82 126.30
N THR X 165 73.93 18.59 126.36
CA THR X 165 72.97 19.56 125.87
C THR X 165 72.76 20.67 126.89
N GLN X 166 72.61 21.90 126.40
CA GLN X 166 72.06 22.98 127.21
C GLN X 166 70.56 22.78 127.22
N MET X 167 70.07 22.15 128.27
CA MET X 167 68.68 21.77 128.35
C MET X 167 67.88 22.71 129.25
N ARG X 168 68.53 23.69 129.88
CA ARG X 168 67.79 24.70 130.63
C ARG X 168 66.81 25.45 129.74
N LEU X 169 67.11 25.56 128.46
CA LEU X 169 66.25 26.29 127.52
C LEU X 169 65.09 25.45 127.02
N LEU X 170 64.75 24.38 127.74
CA LEU X 170 63.72 23.46 127.27
C LEU X 170 62.50 23.54 128.18
N PRO X 171 61.31 23.26 127.64
CA PRO X 171 60.11 23.25 128.47
C PRO X 171 59.96 22.01 129.33
N LEU X 172 60.93 21.10 129.26
CA LEU X 172 60.80 19.80 129.89
C LEU X 172 61.00 19.89 131.39
N ARG X 173 60.21 19.11 132.13
CA ARG X 173 60.25 19.14 133.58
C ARG X 173 61.58 18.62 134.12
N GLN X 174 62.22 17.71 133.40
CA GLN X 174 63.53 17.22 133.78
C GLN X 174 64.57 18.34 133.72
N LYS X 175 65.59 18.23 134.55
CA LYS X 175 66.71 19.17 134.53
C LYS X 175 68.06 18.49 134.33
N LYS X 176 68.08 17.18 134.09
CA LYS X 176 69.33 16.44 133.97
C LYS X 176 69.78 16.46 132.52
N ALA X 177 70.98 16.96 132.28
CA ALA X 177 71.51 17.03 130.93
C ALA X 177 71.81 15.64 130.40
N HIS X 178 71.69 15.49 129.09
CA HIS X 178 72.11 14.31 128.36
C HIS X 178 73.50 14.56 127.82
N LEU X 179 74.37 13.58 127.89
CA LEU X 179 75.68 13.70 127.30
C LEU X 179 76.00 12.44 126.51
N MET X 180 76.81 12.61 125.46
CA MET X 180 77.08 11.53 124.54
C MET X 180 78.26 11.93 123.66
N GLU X 181 79.12 10.95 123.39
CA GLU X 181 80.29 11.20 122.56
C GLU X 181 79.86 11.42 121.12
N ILE X 182 80.69 12.12 120.36
CA ILE X 182 80.54 12.19 118.92
C ILE X 182 81.88 11.94 118.29
N GLN X 183 81.94 11.00 117.36
CA GLN X 183 83.16 10.83 116.59
C GLN X 183 83.41 12.07 115.75
N VAL X 184 84.65 12.55 115.77
CA VAL X 184 85.07 13.69 114.95
C VAL X 184 85.75 13.14 113.71
N ASN X 185 85.36 13.65 112.55
CA ASN X 185 85.80 13.07 111.29
C ASN X 185 86.47 14.13 110.41
N GLY X 186 87.20 13.65 109.42
CA GLY X 186 87.78 14.50 108.40
C GLY X 186 89.07 15.21 108.77
N GLY X 187 90.14 14.48 108.98
CA GLY X 187 91.44 15.10 109.13
C GLY X 187 92.40 14.17 109.84
N THR X 188 93.64 14.64 109.94
CA THR X 188 94.65 13.90 110.67
C THR X 188 94.40 14.02 112.17
N VAL X 189 95.07 13.15 112.94
CA VAL X 189 94.79 13.06 114.36
C VAL X 189 95.07 14.39 115.05
N ALA X 190 96.26 14.94 114.83
CA ALA X 190 96.60 16.20 115.50
C ALA X 190 95.67 17.31 115.07
N GLU X 191 95.31 17.36 113.79
CA GLU X 191 94.48 18.44 113.30
C GLU X 191 93.09 18.40 113.94
N LYS X 192 92.46 17.23 113.96
CA LYS X 192 91.16 17.13 114.62
C LYS X 192 91.26 17.42 116.10
N LEU X 193 92.33 16.96 116.75
CA LEU X 193 92.49 17.24 118.18
C LEU X 193 92.55 18.74 118.45
N ASP X 194 93.42 19.46 117.74
CA ASP X 194 93.48 20.90 117.93
C ASP X 194 92.16 21.56 117.58
N TRP X 195 91.51 21.10 116.51
CA TRP X 195 90.18 21.59 116.16
C TRP X 195 89.23 21.46 117.33
N ALA X 196 89.40 20.42 118.13
CA ALA X 196 88.56 20.23 119.31
C ALA X 196 88.89 21.22 120.42
N ARG X 197 90.16 21.27 120.83
CA ARG X 197 90.53 22.08 122.00
C ARG X 197 90.10 23.52 121.84
N GLU X 198 90.27 24.09 120.64
CA GLU X 198 89.76 25.43 120.40
C GLU X 198 88.27 25.53 120.68
N ARG X 199 87.51 24.48 120.38
CA ARG X 199 86.07 24.47 120.59
C ARG X 199 85.69 23.87 121.94
N LEU X 200 86.66 23.57 122.79
CA LEU X 200 86.34 23.07 124.12
C LEU X 200 85.47 24.08 124.86
N GLU X 201 84.46 23.57 125.56
CA GLU X 201 83.60 24.40 126.40
C GLU X 201 82.83 25.43 125.58
N GLN X 202 82.72 25.16 124.28
CA GLN X 202 82.12 26.14 123.36
C GLN X 202 80.78 25.64 122.87
N GLN X 203 79.86 26.59 122.71
CA GLN X 203 78.54 26.29 122.17
C GLN X 203 78.67 25.88 120.72
N VAL X 204 77.92 24.85 120.33
CA VAL X 204 77.93 24.40 118.94
C VAL X 204 76.50 24.18 118.48
N PRO X 205 75.99 25.00 117.59
CA PRO X 205 74.63 24.79 117.05
C PRO X 205 74.66 23.76 115.94
N VAL X 206 73.45 23.39 115.48
CA VAL X 206 73.30 22.31 114.52
C VAL X 206 73.66 22.72 113.09
N ASN X 207 73.61 24.00 112.75
CA ASN X 207 73.95 24.41 111.39
C ASN X 207 75.39 24.09 111.06
N GLN X 208 76.26 24.00 112.08
CA GLN X 208 77.64 23.65 111.84
C GLN X 208 77.84 22.18 111.52
N VAL X 209 76.84 21.33 111.77
CA VAL X 209 76.93 19.92 111.48
C VAL X 209 75.96 19.49 110.39
N PHE X 210 74.75 20.05 110.37
CA PHE X 210 73.77 19.74 109.35
C PHE X 210 73.44 20.99 108.54
N GLY X 211 72.67 20.78 107.47
CA GLY X 211 72.26 21.85 106.61
C GLY X 211 70.97 21.49 105.91
N GLN X 212 70.51 22.40 105.06
CA GLN X 212 69.27 22.16 104.35
C GLN X 212 69.44 21.05 103.31
N ASP X 213 68.39 20.27 103.11
CA ASP X 213 68.35 19.19 102.13
C ASP X 213 69.53 18.24 102.28
N GLU X 214 69.74 17.79 103.51
CA GLU X 214 70.79 16.82 103.76
C GLU X 214 70.16 15.49 104.17
N MET X 215 70.99 14.45 104.27
CA MET X 215 70.53 13.11 104.60
C MET X 215 71.04 12.72 105.98
N ILE X 216 70.15 12.16 106.79
CA ILE X 216 70.50 11.67 108.12
C ILE X 216 69.78 10.36 108.36
N ASP X 217 70.21 9.67 109.42
CA ASP X 217 69.45 8.61 110.04
C ASP X 217 69.02 9.10 111.42
N VAL X 218 68.09 8.38 112.04
CA VAL X 218 67.58 8.75 113.35
C VAL X 218 67.72 7.57 114.28
N ILE X 219 68.19 7.83 115.50
CA ILE X 219 68.40 6.81 116.51
C ILE X 219 67.64 7.21 117.76
N GLY X 220 66.90 6.27 118.33
CA GLY X 220 66.12 6.53 119.52
C GLY X 220 65.47 5.27 120.03
N VAL X 221 64.59 5.46 121.01
CA VAL X 221 63.88 4.35 121.66
C VAL X 221 62.40 4.50 121.37
N THR X 222 61.79 3.43 120.86
CA THR X 222 60.39 3.46 120.47
C THR X 222 59.50 3.73 121.68
N LYS X 223 58.21 3.93 121.41
CA LYS X 223 57.24 4.09 122.47
C LYS X 223 57.15 2.81 123.27
N GLY X 224 56.78 2.93 124.54
CA GLY X 224 56.65 1.75 125.38
C GLY X 224 55.21 1.31 125.50
N LYS X 225 54.98 0.02 125.32
CA LYS X 225 53.66 -0.56 125.46
C LYS X 225 53.58 -1.65 126.52
N GLY X 226 54.71 -2.03 127.12
CA GLY X 226 54.66 -3.04 128.14
C GLY X 226 54.31 -4.42 127.59
N TYR X 227 53.80 -5.25 128.49
CA TYR X 227 53.43 -6.61 128.14
C TYR X 227 52.26 -6.59 127.15
N LYS X 228 52.50 -7.08 125.95
CA LYS X 228 51.45 -7.14 124.93
C LYS X 228 51.35 -8.54 124.35
N GLY X 229 50.13 -8.93 124.01
CA GLY X 229 49.87 -10.25 123.48
C GLY X 229 50.42 -10.43 122.07
N VAL X 230 50.45 -11.69 121.66
CA VAL X 230 51.07 -12.03 120.37
C VAL X 230 50.38 -11.32 119.23
N THR X 231 49.06 -11.16 119.31
CA THR X 231 48.35 -10.50 118.22
C THR X 231 48.80 -9.06 118.05
N SER X 232 49.21 -8.41 119.14
CA SER X 232 49.70 -7.05 119.02
C SER X 232 51.22 -7.01 118.94
N ARG X 233 51.88 -8.05 119.43
CA ARG X 233 53.33 -8.05 119.45
C ARG X 233 53.92 -8.50 118.12
N TRP X 234 53.20 -9.34 117.38
CA TRP X 234 53.67 -9.85 116.10
C TRP X 234 52.61 -9.75 115.01
N HIS X 235 51.39 -9.33 115.35
CA HIS X 235 50.29 -9.22 114.39
C HIS X 235 49.96 -10.58 113.77
N THR X 236 50.06 -11.64 114.58
CA THR X 236 49.71 -12.96 114.10
C THR X 236 48.22 -13.05 113.83
N LYS X 237 47.83 -14.07 113.09
CA LYS X 237 46.43 -14.27 112.78
C LYS X 237 45.65 -14.53 114.06
N LYS X 238 44.46 -13.95 114.16
CA LYS X 238 43.60 -14.25 115.28
C LYS X 238 42.84 -15.55 115.01
N LEU X 239 42.37 -16.13 116.04
CA LEU X 239 41.68 -17.39 115.89
C LEU X 239 40.17 -17.16 115.85
N PRO X 240 39.42 -18.09 115.27
CA PRO X 240 37.98 -17.89 115.11
C PRO X 240 37.29 -17.69 116.45
N ARG X 241 36.12 -17.07 116.38
CA ARG X 241 35.36 -16.73 117.58
C ARG X 241 35.03 -17.97 118.40
N LYS X 242 34.67 -19.07 117.74
CA LYS X 242 34.23 -20.28 118.42
C LYS X 242 35.44 -21.13 118.77
N THR X 243 36.24 -20.65 119.72
CA THR X 243 37.34 -21.40 120.29
C THR X 243 37.20 -21.41 121.80
N HIS X 244 37.88 -22.35 122.46
CA HIS X 244 37.61 -22.59 123.88
C HIS X 244 38.49 -21.72 124.77
N ARG X 245 39.80 -21.79 124.58
CA ARG X 245 40.71 -21.22 125.56
C ARG X 245 41.31 -19.89 125.13
N GLY X 246 40.69 -19.18 124.20
CA GLY X 246 41.19 -17.88 123.80
C GLY X 246 41.44 -17.77 122.31
N LEU X 247 41.32 -16.56 121.79
CA LEU X 247 41.52 -16.30 120.38
C LEU X 247 42.72 -15.43 120.07
N ARG X 248 43.27 -14.74 121.08
CA ARG X 248 44.47 -13.92 120.89
C ARG X 248 45.73 -14.68 121.25
N LYS X 249 45.91 -15.86 120.67
CA LYS X 249 47.08 -16.68 120.94
C LYS X 249 47.54 -17.34 119.64
N VAL X 250 48.57 -18.16 119.74
CA VAL X 250 49.09 -18.93 118.62
C VAL X 250 48.69 -20.38 118.81
N ALA X 251 48.06 -20.97 117.81
CA ALA X 251 47.48 -22.30 117.97
C ALA X 251 48.56 -23.35 118.20
N CYS X 252 49.65 -23.30 117.46
CA CYS X 252 50.71 -24.28 117.59
C CYS X 252 52.06 -23.60 117.73
N ILE X 253 52.83 -24.03 118.71
CA ILE X 253 54.18 -23.53 118.93
C ILE X 253 55.12 -24.71 118.69
N GLY X 254 55.61 -24.82 117.45
CA GLY X 254 56.56 -25.85 117.14
C GLY X 254 55.98 -27.24 117.08
N ALA X 255 56.63 -28.13 116.34
CA ALA X 255 56.15 -29.48 116.17
C ALA X 255 56.50 -30.32 117.39
N TRP X 256 56.12 -31.59 117.35
CA TRP X 256 56.45 -32.50 118.44
C TRP X 256 57.95 -32.70 118.55
N HIS X 257 58.63 -32.89 117.43
CA HIS X 257 59.95 -33.42 117.61
C HIS X 257 61.09 -32.55 117.09
N PRO X 258 61.06 -31.24 117.34
CA PRO X 258 62.28 -30.55 117.76
C PRO X 258 62.40 -30.63 119.27
N ALA X 259 61.41 -31.23 119.92
CA ALA X 259 61.32 -31.52 121.34
C ALA X 259 61.30 -30.27 122.19
N ARG X 260 61.35 -29.09 121.60
CA ARG X 260 61.40 -27.84 122.33
C ARG X 260 60.56 -26.83 121.58
N VAL X 261 60.65 -25.56 121.98
CA VAL X 261 59.98 -24.48 121.29
C VAL X 261 61.05 -23.56 120.73
N ALA X 262 61.08 -23.43 119.41
CA ALA X 262 62.12 -22.67 118.75
C ALA X 262 62.02 -21.19 119.11
N PHE X 263 63.17 -20.54 119.17
CA PHE X 263 63.20 -19.11 119.47
C PHE X 263 62.46 -18.30 118.43
N SER X 264 62.35 -18.80 117.21
CA SER X 264 61.68 -18.06 116.15
C SER X 264 60.17 -18.03 116.33
N VAL X 265 59.60 -18.88 117.19
CA VAL X 265 58.17 -18.89 117.37
C VAL X 265 57.73 -17.65 118.13
N ALA X 266 56.66 -17.03 117.66
CA ALA X 266 56.15 -15.82 118.30
C ALA X 266 55.73 -16.13 119.73
N ARG X 267 56.14 -15.27 120.66
CA ARG X 267 55.76 -15.41 122.05
C ARG X 267 55.37 -14.05 122.61
N ALA X 268 54.30 -14.04 123.39
CA ALA X 268 53.81 -12.78 123.95
C ALA X 268 54.77 -12.27 125.01
N GLY X 269 54.70 -10.98 125.25
CA GLY X 269 55.54 -10.37 126.26
C GLY X 269 55.71 -8.87 125.99
N GLN X 270 56.92 -8.41 126.25
CA GLN X 270 57.21 -6.98 126.16
C GLN X 270 57.23 -6.53 124.71
N LYS X 271 56.53 -5.44 124.43
CA LYS X 271 56.52 -4.81 123.11
C LYS X 271 56.79 -3.33 123.29
N GLY X 272 57.50 -2.75 122.33
CA GLY X 272 57.80 -1.34 122.37
C GLY X 272 58.98 -1.03 123.26
N TYR X 273 59.36 0.24 123.27
CA TYR X 273 60.52 0.70 124.02
C TYR X 273 61.78 -0.02 123.57
N HIS X 274 61.98 -0.10 122.26
CA HIS X 274 63.13 -0.76 121.68
C HIS X 274 64.08 0.27 121.11
N HIS X 275 65.35 -0.10 121.03
CA HIS X 275 66.36 0.73 120.40
C HIS X 275 66.32 0.51 118.89
N ARG X 276 66.07 1.56 118.14
CA ARG X 276 65.96 1.44 116.69
C ARG X 276 66.72 2.56 116.02
N THR X 277 67.18 2.31 114.80
CA THR X 277 67.84 3.30 113.97
C THR X 277 67.21 3.26 112.59
N GLU X 278 66.47 4.30 112.25
CA GLU X 278 65.82 4.40 110.94
C GLU X 278 66.67 5.30 110.05
N ILE X 279 66.82 4.91 108.80
CA ILE X 279 67.77 5.56 107.90
C ILE X 279 67.02 6.35 106.83
N ASN X 280 67.77 7.15 106.08
CA ASN X 280 67.28 7.92 104.94
C ASN X 280 66.14 8.85 105.35
N LYS X 281 66.45 9.73 106.28
CA LYS X 281 65.55 10.81 106.68
C LYS X 281 66.11 12.13 106.17
N LYS X 282 65.27 12.88 105.46
CA LYS X 282 65.70 14.11 104.78
C LYS X 282 65.29 15.32 105.61
N ILE X 283 66.26 16.17 105.94
CA ILE X 283 65.92 17.45 106.53
C ILE X 283 65.09 18.24 105.53
N TYR X 284 64.12 18.98 106.04
CA TYR X 284 63.32 19.84 105.20
C TYR X 284 63.55 21.31 105.48
N LYS X 285 63.84 21.69 106.72
CA LYS X 285 64.17 23.06 107.05
C LYS X 285 64.94 23.06 108.37
N ILE X 286 65.79 24.06 108.54
CA ILE X 286 66.58 24.22 109.75
C ILE X 286 66.10 25.47 110.47
N GLY X 287 65.84 25.36 111.76
CA GLY X 287 65.30 26.45 112.52
C GLY X 287 66.31 27.57 112.71
N GLN X 288 65.85 28.62 113.38
CA GLN X 288 66.68 29.76 113.68
C GLN X 288 66.65 30.15 115.15
N GLY X 289 65.64 29.71 115.90
CA GLY X 289 65.53 30.06 117.29
C GLY X 289 64.79 31.36 117.50
N TYR X 290 64.88 31.86 118.73
CA TYR X 290 64.23 33.11 119.12
C TYR X 290 65.32 34.14 119.38
N LEU X 291 65.76 34.81 118.32
CA LEU X 291 66.77 35.85 118.45
C LEU X 291 66.16 37.13 118.99
N ILE X 292 66.96 37.89 119.74
CA ILE X 292 66.54 39.17 120.28
C ILE X 292 67.45 40.24 119.72
N LYS X 293 66.86 41.18 118.99
CA LYS X 293 67.51 42.44 118.63
C LYS X 293 66.59 43.62 118.83
N ASP X 294 65.29 43.39 118.95
CA ASP X 294 64.26 44.39 119.16
C ASP X 294 63.18 43.70 119.99
N GLY X 295 61.97 44.23 119.99
CA GLY X 295 60.84 43.43 120.42
C GLY X 295 60.89 42.10 119.69
N LYS X 296 60.53 41.03 120.37
CA LYS X 296 60.82 39.69 119.88
C LYS X 296 60.27 39.49 118.47
N LEU X 297 61.12 38.96 117.59
CA LEU X 297 60.82 38.77 116.18
C LEU X 297 60.62 37.30 115.88
N ILE X 298 59.59 36.99 115.10
CA ILE X 298 59.20 35.62 114.82
C ILE X 298 59.23 35.30 113.33
N LYS X 299 59.35 36.32 112.47
CA LYS X 299 59.56 36.10 111.03
C LYS X 299 60.63 35.04 110.79
N ASN X 300 61.70 35.07 111.59
CA ASN X 300 62.77 34.10 111.48
C ASN X 300 62.28 32.67 111.57
N ASN X 301 61.16 32.46 112.25
CA ASN X 301 60.64 31.10 112.35
C ASN X 301 59.76 30.84 111.14
N ALA X 302 58.87 29.85 111.20
CA ALA X 302 58.45 29.14 110.00
C ALA X 302 57.66 30.03 109.05
N SER X 303 58.34 31.02 108.49
CA SER X 303 57.85 31.82 107.38
C SER X 303 58.48 31.22 106.13
N THR X 304 57.66 30.60 105.30
CA THR X 304 58.14 29.78 104.19
C THR X 304 58.37 30.57 102.92
N ASP X 305 58.61 31.88 103.02
CA ASP X 305 58.87 32.77 101.90
C ASP X 305 57.69 32.88 100.96
N TYR X 306 56.59 32.18 101.24
CA TYR X 306 55.33 32.40 100.55
C TYR X 306 54.20 32.76 101.49
N ASP X 307 54.28 32.35 102.76
CA ASP X 307 53.39 32.93 103.76
C ASP X 307 53.76 34.38 104.04
N LEU X 308 55.04 34.63 104.30
CA LEU X 308 55.49 35.91 104.83
C LEU X 308 54.75 36.28 106.11
N SER X 309 54.26 35.26 106.82
CA SER X 309 53.50 35.47 108.03
C SER X 309 54.42 35.43 109.24
N ASP X 310 54.01 36.10 110.31
CA ASP X 310 54.80 36.25 111.51
C ASP X 310 54.61 35.08 112.46
N LYS X 311 54.03 33.98 111.99
CA LYS X 311 53.77 32.87 112.88
C LYS X 311 55.05 32.14 113.22
N SER X 312 55.05 31.50 114.37
CA SER X 312 56.14 30.60 114.71
C SER X 312 55.81 29.22 114.15
N ILE X 313 56.66 28.24 114.45
CA ILE X 313 56.37 26.87 114.14
C ILE X 313 55.56 26.24 115.26
N ASN X 314 55.55 26.85 116.43
CA ASN X 314 54.71 26.37 117.50
C ASN X 314 53.25 26.46 117.05
N PRO X 315 52.52 25.36 117.07
CA PRO X 315 51.12 25.40 116.66
C PRO X 315 50.30 26.21 117.65
N LEU X 316 49.11 26.59 117.20
CA LEU X 316 48.21 27.39 118.04
C LEU X 316 47.96 26.64 119.34
N GLY X 317 48.20 27.30 120.45
CA GLY X 317 48.13 26.66 121.74
C GLY X 317 49.35 25.84 122.11
N GLY X 318 50.36 25.80 121.26
CA GLY X 318 51.59 25.08 121.55
C GLY X 318 51.48 23.60 121.23
N PHE X 319 52.63 22.93 121.31
CA PHE X 319 52.74 21.53 120.98
C PHE X 319 52.12 20.67 122.07
N VAL X 320 51.39 19.63 121.65
CA VAL X 320 50.70 18.78 122.60
C VAL X 320 51.71 17.99 123.42
N HIS X 321 51.54 18.01 124.73
CA HIS X 321 52.34 17.25 125.68
C HIS X 321 53.81 17.65 125.65
N TYR X 322 54.14 18.77 125.06
CA TYR X 322 55.56 19.07 124.95
C TYR X 322 55.94 20.47 125.44
N GLY X 323 55.13 21.48 125.15
CA GLY X 323 55.56 22.84 125.35
C GLY X 323 55.66 23.56 124.03
N GLU X 324 56.49 24.59 123.95
CA GLU X 324 56.73 25.26 122.68
C GLU X 324 58.20 25.19 122.34
N VAL X 325 58.49 25.06 121.04
CA VAL X 325 59.85 25.23 120.57
C VAL X 325 60.21 26.70 120.65
N THR X 326 61.04 27.05 121.63
CA THR X 326 61.47 28.43 121.82
C THR X 326 62.90 28.65 121.35
N ASN X 327 63.53 27.65 120.76
CA ASN X 327 64.89 27.82 120.27
C ASN X 327 65.08 26.87 119.09
N ASP X 328 66.33 26.69 118.69
CA ASP X 328 66.63 26.12 117.37
C ASP X 328 66.08 24.71 117.23
N PHE X 329 65.63 24.39 116.02
CA PHE X 329 65.03 23.10 115.71
C PHE X 329 65.45 22.65 114.33
N VAL X 330 65.34 21.34 114.10
CA VAL X 330 65.48 20.75 112.78
C VAL X 330 64.22 19.93 112.52
N MET X 331 63.61 20.12 111.35
CA MET X 331 62.30 19.57 111.05
C MET X 331 62.42 18.53 109.95
N LEU X 332 61.96 17.31 110.25
CA LEU X 332 62.28 16.12 109.47
C LEU X 332 61.03 15.55 108.83
N LYS X 333 61.09 15.32 107.52
CA LYS X 333 59.95 14.77 106.81
C LYS X 333 59.67 13.36 107.29
N GLY X 334 58.41 12.98 107.28
CA GLY X 334 57.99 11.67 107.74
C GLY X 334 57.94 11.57 109.25
N CYS X 335 57.26 10.54 109.73
CA CYS X 335 57.23 10.29 111.16
C CYS X 335 58.56 9.72 111.61
N VAL X 336 58.81 9.79 112.91
CA VAL X 336 60.05 9.30 113.46
C VAL X 336 59.76 8.56 114.75
N VAL X 337 60.71 7.69 115.13
CA VAL X 337 60.51 6.87 116.31
C VAL X 337 60.49 7.74 117.55
N GLY X 338 59.99 7.17 118.65
CA GLY X 338 59.97 7.86 119.93
C GLY X 338 58.68 8.58 120.19
N THR X 339 58.55 9.05 121.43
CA THR X 339 57.37 9.76 121.88
C THR X 339 57.61 11.27 121.83
N LYS X 340 56.62 12.02 122.28
CA LYS X 340 56.86 13.43 122.53
C LYS X 340 57.85 13.57 123.67
N LYS X 341 58.58 14.69 123.66
CA LYS X 341 59.72 14.95 124.55
C LYS X 341 60.54 13.69 124.80
N ARG X 342 60.85 12.99 123.71
CA ARG X 342 61.73 11.83 123.76
C ARG X 342 63.03 12.17 123.05
N VAL X 343 64.14 11.98 123.76
CA VAL X 343 65.44 12.31 123.20
C VAL X 343 65.77 11.38 122.03
N LEU X 344 66.35 11.95 120.98
CA LEU X 344 66.77 11.15 119.84
C LEU X 344 68.17 11.56 119.45
N THR X 345 68.83 10.67 118.72
CA THR X 345 70.15 10.93 118.16
C THR X 345 70.03 11.08 116.66
N LEU X 346 70.65 12.15 116.14
CA LEU X 346 70.67 12.42 114.71
C LEU X 346 72.11 12.29 114.24
N ARG X 347 72.36 11.37 113.32
CA ARG X 347 73.69 11.08 112.84
C ARG X 347 73.73 11.20 111.32
N LYS X 348 74.83 11.73 110.80
CA LYS X 348 75.00 11.85 109.36
C LYS X 348 74.87 10.50 108.68
N SER X 349 74.21 10.50 107.53
CA SER X 349 73.99 9.26 106.77
C SER X 349 75.31 8.63 106.39
N LEU X 350 75.53 7.39 106.83
CA LEU X 350 76.79 6.72 106.57
C LEU X 350 76.91 6.20 105.15
N LEU X 351 75.85 6.30 104.34
CA LEU X 351 75.92 5.90 102.95
C LEU X 351 76.37 7.09 102.11
N VAL X 352 76.27 6.96 100.79
CA VAL X 352 76.45 8.07 99.86
C VAL X 352 75.17 8.23 99.07
N GLN X 353 74.61 9.43 99.09
CA GLN X 353 73.32 9.71 98.46
C GLN X 353 73.56 10.09 97.02
N THR X 354 73.27 9.17 96.10
CA THR X 354 73.35 9.44 94.67
C THR X 354 71.96 9.42 94.03
N LYS X 355 70.93 9.04 94.78
CA LYS X 355 69.60 8.87 94.22
C LYS X 355 68.92 10.20 94.02
N ARG X 356 68.22 10.33 92.89
CA ARG X 356 67.54 11.58 92.57
C ARG X 356 66.52 11.94 93.63
N ARG X 357 66.00 10.96 94.36
CA ARG X 357 65.11 11.26 95.47
C ARG X 357 65.80 12.12 96.51
N ALA X 358 66.99 11.71 96.94
CA ALA X 358 67.82 12.56 97.79
C ALA X 358 68.51 13.60 96.91
N LEU X 359 69.48 14.30 97.48
CA LEU X 359 70.23 15.35 96.80
C LEU X 359 69.32 16.28 96.01
N GLU X 360 68.13 16.55 96.54
CA GLU X 360 67.13 17.33 95.85
C GLU X 360 66.76 18.54 96.70
N LYS X 361 67.07 19.73 96.21
CA LYS X 361 66.81 20.95 96.95
C LYS X 361 65.32 21.25 96.92
N ILE X 362 64.75 21.52 98.08
CA ILE X 362 63.32 21.73 98.19
C ILE X 362 63.07 23.19 98.57
N ASP X 363 61.83 23.61 98.40
CA ASP X 363 61.39 24.95 98.78
C ASP X 363 59.99 24.80 99.35
N LEU X 364 59.88 24.87 100.67
CA LEU X 364 58.58 24.74 101.31
C LEU X 364 57.66 25.86 100.84
N LYS X 365 56.39 25.54 100.65
CA LYS X 365 55.42 26.55 100.26
C LYS X 365 54.55 26.99 101.43
N PHE X 366 54.30 26.10 102.38
CA PHE X 366 53.40 26.40 103.48
C PHE X 366 53.70 25.45 104.63
N ILE X 367 53.51 25.95 105.85
CA ILE X 367 53.69 25.15 107.04
C ILE X 367 52.47 25.34 107.94
N ASP X 368 51.92 24.24 108.42
CA ASP X 368 50.70 24.32 109.22
C ASP X 368 51.04 24.61 110.68
N THR X 369 50.26 25.50 111.28
CA THR X 369 50.38 25.80 112.70
C THR X 369 49.03 25.77 113.40
N THR X 370 48.03 25.15 112.77
CA THR X 370 46.73 25.00 113.42
C THR X 370 46.88 24.13 114.66
N SER X 371 45.98 24.36 115.63
CA SER X 371 46.06 23.63 116.89
C SER X 371 45.91 22.14 116.66
N LYS X 372 46.80 21.36 117.26
CA LYS X 372 46.74 19.91 117.18
C LYS X 372 45.99 19.32 118.36
N PHE X 373 45.50 20.15 119.26
CA PHE X 373 44.67 19.72 120.38
C PHE X 373 43.24 19.45 119.95
N GLY X 374 43.02 19.29 118.65
CA GLY X 374 41.67 19.11 118.15
C GLY X 374 41.65 19.32 116.66
N HIS X 375 40.49 19.71 116.15
CA HIS X 375 40.36 20.05 114.74
C HIS X 375 40.61 21.55 114.61
N GLY X 376 41.87 21.93 114.77
CA GLY X 376 42.22 23.33 114.69
C GLY X 376 41.87 23.94 113.36
N ARG X 377 41.52 25.21 113.39
CA ARG X 377 41.05 25.90 112.19
C ARG X 377 42.00 26.98 111.72
N PHE X 378 42.64 27.70 112.64
CA PHE X 378 43.37 28.91 112.32
C PHE X 378 44.87 28.72 112.52
N GLN X 379 45.67 29.43 111.72
CA GLN X 379 47.12 29.35 111.85
C GLN X 379 47.64 30.35 112.87
N THR X 380 47.06 31.54 112.93
CA THR X 380 47.58 32.60 113.76
C THR X 380 46.45 33.20 114.60
N MET X 381 46.82 33.70 115.77
CA MET X 381 45.84 34.36 116.64
C MET X 381 45.18 35.52 115.91
N GLU X 382 45.96 36.31 115.19
CA GLU X 382 45.42 37.49 114.51
C GLU X 382 44.39 37.09 113.47
N GLU X 383 44.67 36.07 112.67
CA GLU X 383 43.68 35.59 111.73
C GLU X 383 42.44 35.10 112.48
N LYS X 384 42.66 34.42 113.60
CA LYS X 384 41.53 33.90 114.36
C LYS X 384 40.63 35.02 114.86
N LYS X 385 41.21 36.12 115.35
CA LYS X 385 40.34 37.19 115.83
C LYS X 385 39.70 37.96 114.69
N ALA X 386 40.45 38.16 113.59
CA ALA X 386 39.88 38.86 112.45
C ALA X 386 38.68 38.11 111.88
N PHE X 387 38.79 36.79 111.77
CA PHE X 387 37.66 35.99 111.34
C PHE X 387 36.61 35.92 112.44
N MET X 388 37.05 36.03 113.69
CA MET X 388 36.21 35.79 114.85
C MET X 388 35.42 37.03 115.24
N GLY X 389 36.05 38.19 115.22
CA GLY X 389 35.44 39.39 115.74
C GLY X 389 35.51 39.38 117.26
N PRO X 390 35.02 40.44 117.89
CA PRO X 390 35.02 40.48 119.35
C PRO X 390 34.10 39.41 119.93
N LEU X 391 34.45 38.97 121.14
CA LEU X 391 33.66 38.00 121.87
C LEU X 391 33.22 38.60 123.20
N LYS X 392 32.45 37.81 123.95
CA LYS X 392 31.93 38.32 125.22
C LYS X 392 33.05 38.65 126.18
N LYS X 393 34.06 37.78 126.26
CA LYS X 393 35.18 38.04 127.15
C LYS X 393 35.90 39.33 126.76
N ASP X 394 36.17 39.49 125.47
CA ASP X 394 36.81 40.71 125.00
C ASP X 394 35.93 41.92 125.25
N ARG X 395 34.63 41.80 124.99
CA ARG X 395 33.73 42.95 125.12
C ARG X 395 33.60 43.39 126.58
N ILE X 396 33.48 42.43 127.50
CA ILE X 396 33.40 42.78 128.91
C ILE X 396 34.74 43.32 129.40
N ALA X 397 35.86 42.79 128.89
CA ALA X 397 37.15 43.34 129.25
C ALA X 397 37.26 44.80 128.82
N LYS X 398 36.79 45.11 127.62
CA LYS X 398 36.76 46.51 127.18
C LYS X 398 35.86 47.35 128.07
N GLU X 399 34.68 46.83 128.41
CA GLU X 399 33.74 47.61 129.21
C GLU X 399 34.30 47.93 130.59
N GLU X 400 34.92 46.94 131.24
CA GLU X 400 35.49 47.18 132.56
C GLU X 400 36.79 47.98 132.49
N GLY X 401 37.53 47.88 131.39
CA GLY X 401 38.76 48.64 131.23
C GLY X 401 38.59 50.05 130.71
N ALA X 402 37.37 50.41 130.28
CA ALA X 402 37.08 51.74 129.74
C ALA X 402 38.02 52.12 128.60
N MET Y 1 73.67 -111.31 184.59
CA MET Y 1 75.13 -111.38 184.48
C MET Y 1 75.79 -110.09 184.95
N ALA Y 2 76.94 -110.22 185.57
CA ALA Y 2 77.66 -109.09 186.15
C ALA Y 2 78.85 -108.71 185.28
N CYS Y 3 79.15 -107.41 185.19
CA CYS Y 3 78.57 -106.17 185.73
C CYS Y 3 78.50 -106.19 187.26
N ALA Y 4 79.66 -106.25 187.90
CA ALA Y 4 79.75 -106.44 189.35
C ALA Y 4 79.09 -105.30 190.11
N ARG Y 5 77.98 -105.58 190.78
CA ARG Y 5 77.29 -104.58 191.58
C ARG Y 5 77.93 -104.52 192.96
N PRO Y 6 78.39 -103.36 193.41
CA PRO Y 6 78.92 -103.24 194.77
C PRO Y 6 77.80 -103.15 195.79
N LEU Y 7 78.19 -103.29 197.04
CA LEU Y 7 77.27 -103.28 198.18
C LEU Y 7 77.40 -101.93 198.88
N ILE Y 8 76.31 -101.18 198.93
CA ILE Y 8 76.31 -99.85 199.51
C ILE Y 8 75.51 -99.86 200.81
N SER Y 9 75.92 -99.02 201.75
CA SER Y 9 75.29 -98.92 203.05
C SER Y 9 74.18 -97.88 203.03
N VAL Y 10 73.32 -97.96 204.05
CA VAL Y 10 72.23 -97.01 204.25
C VAL Y 10 72.58 -96.14 205.45
N TYR Y 11 72.17 -94.88 205.39
CA TYR Y 11 72.54 -93.92 206.44
C TYR Y 11 71.43 -93.80 207.46
N SER Y 12 71.82 -93.41 208.67
CA SER Y 12 70.86 -93.23 209.75
C SER Y 12 70.22 -91.85 209.66
N GLU Y 13 69.23 -91.62 210.52
CA GLU Y 13 68.59 -90.32 210.57
C GLU Y 13 69.61 -89.23 210.89
N LYS Y 14 70.52 -89.50 211.81
CA LYS Y 14 71.57 -88.52 212.13
C LYS Y 14 72.41 -88.20 210.91
N GLY Y 15 72.61 -89.18 210.02
CA GLY Y 15 73.34 -88.98 208.78
C GLY Y 15 74.46 -89.98 208.56
N GLU Y 16 75.14 -90.37 209.63
CA GLU Y 16 76.27 -91.27 209.51
C GLU Y 16 75.80 -92.68 209.12
N SER Y 17 76.77 -93.56 208.92
CA SER Y 17 76.44 -94.91 208.44
C SER Y 17 75.68 -95.68 209.51
N SER Y 18 74.51 -96.18 209.13
CA SER Y 18 73.65 -96.90 210.05
C SER Y 18 73.91 -98.39 210.08
N GLY Y 19 74.86 -98.88 209.28
CA GLY Y 19 75.30 -100.26 209.37
C GLY Y 19 74.60 -101.24 208.45
N LYS Y 20 73.41 -100.92 207.96
CA LYS Y 20 72.73 -101.78 207.01
C LYS Y 20 73.32 -101.54 205.63
N ASN Y 21 73.20 -102.54 204.75
CA ASN Y 21 73.85 -102.48 203.45
C ASN Y 21 72.91 -103.00 202.37
N VAL Y 22 72.94 -102.35 201.22
CA VAL Y 22 72.11 -102.72 200.08
C VAL Y 22 72.99 -102.96 198.87
N THR Y 23 72.76 -104.07 198.18
CA THR Y 23 73.38 -104.26 196.89
C THR Y 23 72.84 -103.23 195.91
N LEU Y 24 73.71 -102.76 195.05
CA LEU Y 24 73.30 -101.75 194.08
C LEU Y 24 72.24 -102.33 193.16
N PRO Y 25 71.07 -101.71 193.07
CA PRO Y 25 70.05 -102.22 192.16
C PRO Y 25 70.52 -102.15 190.72
N ALA Y 26 69.95 -103.04 189.90
CA ALA Y 26 70.44 -103.22 188.56
C ALA Y 26 70.25 -102.01 187.67
N VAL Y 27 69.18 -101.24 187.87
CA VAL Y 27 68.92 -100.08 187.02
C VAL Y 27 70.08 -99.11 186.99
N PHE Y 28 70.93 -99.11 188.02
CA PHE Y 28 72.04 -98.18 188.06
C PHE Y 28 73.15 -98.53 187.09
N LYS Y 29 73.31 -99.81 186.77
CA LYS Y 29 74.25 -100.21 185.73
C LYS Y 29 73.60 -100.30 184.37
N ALA Y 30 72.35 -99.88 184.24
CA ALA Y 30 71.65 -99.91 182.97
C ALA Y 30 72.34 -98.96 181.99
N PRO Y 31 72.22 -99.21 180.69
CA PRO Y 31 72.86 -98.30 179.73
C PRO Y 31 72.31 -96.89 179.88
N ILE Y 32 73.14 -95.90 179.56
CA ILE Y 32 72.76 -94.50 179.61
C ILE Y 32 72.65 -94.01 178.18
N ARG Y 33 71.49 -93.47 177.83
CA ARG Y 33 71.25 -92.92 176.50
C ARG Y 33 70.64 -91.53 176.68
N PRO Y 34 71.49 -90.51 176.82
CA PRO Y 34 70.96 -89.16 176.98
C PRO Y 34 70.06 -88.72 175.85
N ASP Y 35 70.34 -89.19 174.63
CA ASP Y 35 69.47 -88.86 173.51
C ASP Y 35 68.07 -89.42 173.72
N ILE Y 36 67.97 -90.68 174.16
CA ILE Y 36 66.67 -91.29 174.37
C ILE Y 36 65.92 -90.58 175.49
N VAL Y 37 66.60 -90.28 176.59
CA VAL Y 37 65.95 -89.60 177.70
C VAL Y 37 65.46 -88.23 177.27
N ASN Y 38 66.30 -87.51 176.52
CA ASN Y 38 65.89 -86.20 176.05
C ASN Y 38 64.70 -86.30 175.11
N PHE Y 39 64.67 -87.32 174.25
CA PHE Y 39 63.55 -87.51 173.35
C PHE Y 39 62.26 -87.75 174.13
N VAL Y 40 62.31 -88.66 175.09
CA VAL Y 40 61.14 -88.97 175.89
C VAL Y 40 60.69 -87.74 176.67
N HIS Y 41 61.63 -87.01 177.24
CA HIS Y 41 61.29 -85.84 178.02
C HIS Y 41 60.64 -84.78 177.14
N THR Y 42 61.14 -84.59 175.92
CA THR Y 42 60.54 -83.63 175.02
C THR Y 42 59.10 -84.00 174.72
N ASN Y 43 58.87 -85.24 174.33
CA ASN Y 43 57.49 -85.62 173.98
C ASN Y 43 56.57 -85.53 175.18
N LEU Y 44 57.01 -86.00 176.34
CA LEU Y 44 56.13 -85.96 177.49
C LEU Y 44 55.84 -84.52 177.92
N ARG Y 45 56.84 -83.63 177.87
CA ARG Y 45 56.53 -82.23 178.14
C ARG Y 45 55.56 -81.68 177.12
N LYS Y 46 55.58 -82.21 175.89
CA LYS Y 46 54.53 -81.84 174.94
C LYS Y 46 53.16 -82.33 175.41
N ASN Y 47 53.12 -83.45 176.14
CA ASN Y 47 51.84 -84.07 176.45
C ASN Y 47 50.95 -83.17 177.31
N ASN Y 48 51.49 -82.57 178.36
CA ASN Y 48 50.66 -81.94 179.39
C ASN Y 48 50.21 -80.53 179.03
N ARG Y 49 50.33 -80.11 177.77
CA ARG Y 49 50.11 -78.71 177.42
C ARG Y 49 48.62 -78.39 177.37
N GLN Y 50 48.29 -77.12 177.61
CA GLN Y 50 46.91 -76.65 177.51
C GLN Y 50 46.68 -76.07 176.12
N PRO Y 51 45.56 -76.38 175.47
CA PRO Y 51 45.33 -75.86 174.12
C PRO Y 51 45.11 -74.35 174.12
N TYR Y 52 45.42 -73.74 172.98
CA TYR Y 52 45.14 -72.33 172.76
C TYR Y 52 44.87 -72.10 171.29
N ALA Y 53 43.94 -71.19 171.01
CA ALA Y 53 43.59 -70.88 169.64
C ALA Y 53 42.87 -69.53 169.60
N VAL Y 54 42.83 -68.93 168.42
CA VAL Y 54 42.12 -67.68 168.25
C VAL Y 54 40.67 -67.97 167.87
N SER Y 55 39.80 -66.99 168.09
CA SER Y 55 38.39 -67.13 167.75
C SER Y 55 38.26 -67.24 166.24
N GLU Y 56 37.56 -68.28 165.77
CA GLU Y 56 37.37 -68.43 164.35
C GLU Y 56 36.45 -67.35 163.78
N LEU Y 57 35.78 -66.60 164.65
CA LEU Y 57 34.95 -65.50 164.19
C LEU Y 57 35.74 -64.21 164.03
N ALA Y 58 37.02 -64.20 164.41
CA ALA Y 58 37.78 -62.97 164.44
C ALA Y 58 37.99 -62.40 163.04
N GLY Y 59 37.75 -61.10 162.90
CA GLY Y 59 37.97 -60.42 161.65
C GLY Y 59 37.01 -60.77 160.54
N HIS Y 60 35.88 -61.40 160.85
CA HIS Y 60 34.95 -61.81 159.81
C HIS Y 60 33.54 -61.29 160.03
N GLN Y 61 33.32 -60.43 161.01
CA GLN Y 61 32.02 -59.78 161.18
C GLN Y 61 32.01 -58.40 160.53
N THR Y 62 32.28 -58.34 159.23
CA THR Y 62 32.48 -57.02 158.62
C THR Y 62 31.59 -56.76 157.41
N SER Y 63 31.38 -57.74 156.54
CA SER Y 63 30.65 -57.55 155.29
C SER Y 63 31.33 -56.49 154.42
N ALA Y 64 32.54 -56.82 153.97
CA ALA Y 64 33.36 -55.88 153.22
C ALA Y 64 33.31 -56.21 151.72
N GLU Y 65 33.07 -55.19 150.91
CA GLU Y 65 33.07 -55.33 149.46
C GLU Y 65 34.50 -55.24 148.94
N SER Y 66 34.65 -55.54 147.64
CA SER Y 66 35.97 -55.53 147.02
C SER Y 66 36.42 -54.14 146.57
N TRP Y 67 35.53 -53.16 146.53
CA TRP Y 67 35.77 -51.82 146.03
C TRP Y 67 36.15 -51.78 144.57
N GLY Y 68 36.08 -52.90 143.85
CA GLY Y 68 36.29 -52.88 142.42
C GLY Y 68 37.72 -52.55 142.03
N THR Y 69 37.87 -52.12 140.78
CA THR Y 69 39.18 -51.87 140.21
C THR Y 69 39.40 -50.46 139.70
N GLY Y 70 38.36 -49.76 139.25
CA GLY Y 70 38.57 -48.44 138.65
C GLY Y 70 39.06 -47.40 139.63
N ARG Y 71 38.55 -47.41 140.85
CA ARG Y 71 38.96 -46.44 141.84
C ARG Y 71 40.39 -46.72 142.28
N ALA Y 72 41.21 -45.68 142.30
CA ALA Y 72 42.66 -45.84 142.43
C ALA Y 72 42.99 -46.27 143.85
N VAL Y 73 42.57 -47.47 144.20
CA VAL Y 73 42.82 -48.07 145.49
C VAL Y 73 43.19 -49.53 145.28
N ALA Y 74 43.66 -50.17 146.34
CA ALA Y 74 44.00 -51.57 146.26
C ALA Y 74 42.75 -52.42 146.06
N ARG Y 75 42.95 -53.65 145.60
CA ARG Y 75 41.86 -54.58 145.35
C ARG Y 75 41.42 -55.29 146.61
N ILE Y 76 41.94 -54.90 147.76
CA ILE Y 76 41.66 -55.53 149.04
C ILE Y 76 40.21 -55.24 149.44
N PRO Y 77 39.52 -56.16 150.10
CA PRO Y 77 38.18 -55.87 150.58
C PRO Y 77 38.18 -54.71 151.58
N ARG Y 78 37.12 -53.93 151.57
CA ARG Y 78 37.01 -52.73 152.39
C ARG Y 78 35.66 -52.69 153.09
N VAL Y 79 35.68 -52.22 154.33
CA VAL Y 79 34.45 -52.10 155.12
C VAL Y 79 33.55 -51.05 154.49
N ARG Y 80 32.30 -51.42 154.25
CA ARG Y 80 31.34 -50.49 153.67
C ARG Y 80 30.83 -49.55 154.75
N GLY Y 81 29.79 -48.80 154.43
CA GLY Y 81 29.30 -47.78 155.35
C GLY Y 81 29.60 -46.41 154.83
N GLY Y 82 30.26 -45.58 155.64
CA GLY Y 82 30.60 -44.24 155.21
C GLY Y 82 30.54 -43.21 156.31
N GLY Y 83 29.86 -43.52 157.40
CA GLY Y 83 29.72 -42.60 158.50
C GLY Y 83 30.72 -42.77 159.63
N THR Y 84 31.77 -43.55 159.44
CA THR Y 84 32.75 -43.82 160.48
C THR Y 84 34.14 -43.99 159.87
N HIS Y 85 35.16 -43.84 160.70
CA HIS Y 85 36.52 -44.02 160.22
C HIS Y 85 36.77 -45.43 159.70
N ARG Y 86 36.07 -46.42 160.26
CA ARG Y 86 36.27 -47.80 159.81
C ARG Y 86 35.75 -48.01 158.41
N SER Y 87 34.96 -47.09 157.89
CA SER Y 87 34.46 -47.22 156.54
C SER Y 87 35.60 -47.14 155.53
N GLY Y 88 35.63 -48.11 154.63
CA GLY Y 88 36.59 -48.09 153.55
C GLY Y 88 37.94 -48.71 153.89
N GLN Y 89 38.19 -48.92 155.17
CA GLN Y 89 39.45 -49.53 155.57
C GLN Y 89 39.45 -51.01 155.20
N GLY Y 90 40.65 -51.56 155.06
CA GLY Y 90 40.78 -52.95 154.70
C GLY Y 90 40.41 -53.87 155.84
N ALA Y 91 40.06 -55.11 155.47
CA ALA Y 91 39.67 -56.13 156.43
C ALA Y 91 39.82 -57.48 155.77
N PHE Y 92 39.40 -58.53 156.48
CA PHE Y 92 39.38 -59.90 155.98
C PHE Y 92 40.76 -60.44 155.62
N GLY Y 93 41.83 -59.79 156.07
CA GLY Y 93 43.15 -60.22 155.63
C GLY Y 93 44.20 -59.92 156.66
N ASN Y 94 45.36 -60.56 156.48
CA ASN Y 94 46.47 -60.39 157.40
C ASN Y 94 47.18 -59.05 157.24
N MET Y 95 47.15 -58.45 156.05
CA MET Y 95 47.76 -57.14 155.88
C MET Y 95 47.00 -56.08 156.67
N CYS Y 96 45.69 -56.24 156.79
CA CYS Y 96 44.82 -55.22 157.34
C CYS Y 96 45.04 -55.08 158.83
N ARG Y 97 44.98 -53.84 159.31
CA ARG Y 97 44.86 -53.64 160.75
C ARG Y 97 43.50 -54.14 161.18
N GLY Y 98 43.46 -54.96 162.23
CA GLY Y 98 42.21 -55.54 162.63
C GLY Y 98 41.67 -56.58 161.69
N GLY Y 99 42.44 -56.97 160.68
CA GLY Y 99 42.03 -58.00 159.77
C GLY Y 99 42.21 -59.39 160.37
N ARG Y 100 42.03 -60.39 159.52
CA ARG Y 100 42.12 -61.77 159.95
C ARG Y 100 43.57 -62.20 160.10
N MET Y 101 43.83 -62.94 161.17
CA MET Y 101 45.02 -63.76 161.26
C MET Y 101 45.24 -64.62 160.03
N PHE Y 102 46.49 -64.71 159.59
CA PHE Y 102 46.83 -65.71 158.58
C PHE Y 102 46.90 -67.08 159.22
N ALA Y 103 46.22 -68.05 158.60
CA ALA Y 103 46.21 -69.42 159.07
C ALA Y 103 45.94 -69.45 160.57
N PRO Y 104 44.71 -69.14 160.99
CA PRO Y 104 44.43 -69.05 162.42
C PRO Y 104 44.77 -70.36 163.12
N THR Y 105 45.34 -70.23 164.31
CA THR Y 105 45.68 -71.41 165.09
C THR Y 105 44.41 -72.14 165.48
N LYS Y 106 44.34 -73.43 165.15
CA LYS Y 106 43.17 -74.22 165.46
C LYS Y 106 43.43 -75.06 166.69
N THR Y 107 42.38 -75.31 167.47
CA THR Y 107 42.53 -76.10 168.68
C THR Y 107 43.04 -77.50 168.37
N TRP Y 108 42.62 -78.08 167.26
CA TRP Y 108 43.00 -79.44 166.91
C TRP Y 108 44.41 -79.42 166.32
N ARG Y 109 45.38 -79.11 167.19
CA ARG Y 109 46.76 -78.94 166.76
C ARG Y 109 47.59 -80.20 166.93
N ARG Y 110 47.04 -81.25 167.52
CA ARG Y 110 47.81 -82.43 167.93
C ARG Y 110 48.89 -82.02 168.93
N TRP Y 111 48.43 -81.44 170.04
CA TRP Y 111 49.37 -81.02 171.08
C TRP Y 111 50.06 -82.21 171.71
N HIS Y 112 49.39 -83.35 171.78
CA HIS Y 112 49.87 -84.49 172.52
C HIS Y 112 50.64 -85.44 171.62
N ARG Y 113 51.57 -86.16 172.22
CA ARG Y 113 52.39 -87.15 171.53
C ARG Y 113 52.44 -88.41 172.38
N ARG Y 114 52.23 -89.56 171.75
CA ARG Y 114 52.32 -90.83 172.45
C ARG Y 114 53.71 -91.41 172.23
N VAL Y 115 54.26 -92.03 173.28
CA VAL Y 115 55.59 -92.61 173.25
C VAL Y 115 55.45 -94.10 173.56
N ASN Y 116 56.34 -94.90 173.00
CA ASN Y 116 56.31 -96.33 173.25
C ASN Y 116 56.62 -96.61 174.71
N THR Y 117 55.89 -97.57 175.29
CA THR Y 117 56.08 -97.90 176.69
C THR Y 117 57.48 -98.40 176.98
N THR Y 118 58.03 -99.22 176.08
CA THR Y 118 59.40 -99.69 176.25
C THR Y 118 60.37 -98.51 176.23
N GLN Y 119 60.12 -97.52 175.37
CA GLN Y 119 60.94 -96.32 175.39
C GLN Y 119 60.84 -95.59 176.72
N LYS Y 120 59.63 -95.47 177.26
CA LYS Y 120 59.47 -94.75 178.54
C LYS Y 120 60.21 -95.47 179.65
N ARG Y 121 60.07 -96.79 179.71
CA ARG Y 121 60.79 -97.54 180.72
C ARG Y 121 62.29 -97.42 180.51
N TYR Y 122 62.76 -97.51 179.27
CA TYR Y 122 64.17 -97.31 178.98
C TYR Y 122 64.64 -95.95 179.49
N ALA Y 123 63.82 -94.92 179.26
CA ALA Y 123 64.20 -93.58 179.68
C ALA Y 123 64.34 -93.51 181.19
N ILE Y 124 63.41 -94.11 181.92
CA ILE Y 124 63.48 -94.01 183.38
C ILE Y 124 64.70 -94.80 183.90
N CYS Y 125 64.97 -95.96 183.30
CA CYS Y 125 66.17 -96.68 183.71
C CYS Y 125 67.43 -95.89 183.43
N SER Y 126 67.51 -95.28 182.24
CA SER Y 126 68.71 -94.52 181.91
C SER Y 126 68.87 -93.32 182.83
N ALA Y 127 67.76 -92.65 183.16
CA ALA Y 127 67.84 -91.51 184.08
C ALA Y 127 68.30 -91.96 185.46
N LEU Y 128 67.79 -93.09 185.94
CA LEU Y 128 68.25 -93.60 187.23
C LEU Y 128 69.73 -93.94 187.19
N ALA Y 129 70.17 -94.59 186.12
CA ALA Y 129 71.59 -94.96 186.01
C ALA Y 129 72.46 -93.72 185.98
N ALA Y 130 72.03 -92.69 185.26
CA ALA Y 130 72.77 -91.44 185.23
C ALA Y 130 72.81 -90.81 186.61
N SER Y 131 71.71 -90.89 187.36
CA SER Y 131 71.70 -90.37 188.72
C SER Y 131 72.72 -91.08 189.59
N ALA Y 132 73.14 -92.28 189.20
CA ALA Y 132 74.12 -93.02 189.98
C ALA Y 132 75.53 -92.47 189.84
N LEU Y 133 75.77 -91.53 188.92
CA LEU Y 133 77.13 -91.09 188.64
C LEU Y 133 77.36 -89.71 189.21
N PRO Y 134 78.35 -89.55 190.08
CA PRO Y 134 78.55 -88.26 190.76
C PRO Y 134 78.88 -87.14 189.79
N ALA Y 135 79.79 -87.39 188.85
CA ALA Y 135 80.20 -86.34 187.93
C ALA Y 135 79.04 -85.83 187.11
N LEU Y 136 78.15 -86.72 186.67
CA LEU Y 136 76.98 -86.27 185.91
C LEU Y 136 76.10 -85.37 186.76
N VAL Y 137 75.90 -85.73 188.03
CA VAL Y 137 75.07 -84.89 188.88
C VAL Y 137 75.73 -83.54 189.09
N MET Y 138 77.06 -83.52 189.25
CA MET Y 138 77.74 -82.23 189.28
C MET Y 138 77.51 -81.47 188.00
N SER Y 139 77.40 -82.17 186.87
CA SER Y 139 77.17 -81.49 185.60
C SER Y 139 75.81 -80.82 185.58
N LYS Y 140 74.86 -81.32 186.36
CA LYS Y 140 73.63 -80.57 186.59
C LYS Y 140 73.77 -79.57 187.73
N GLY Y 141 74.92 -79.54 188.38
CA GLY Y 141 75.21 -78.52 189.37
C GLY Y 141 74.34 -78.55 190.61
N HIS Y 142 74.13 -79.71 191.20
CA HIS Y 142 73.37 -79.80 192.42
C HIS Y 142 74.19 -79.57 193.67
N ARG Y 143 75.48 -79.24 193.51
CA ARG Y 143 76.34 -78.82 194.62
C ARG Y 143 76.38 -79.87 195.74
N ILE Y 144 76.55 -81.12 195.35
CA ILE Y 144 76.77 -82.17 196.33
C ILE Y 144 78.25 -82.53 196.35
N GLU Y 145 78.93 -82.19 197.44
CA GLU Y 145 80.34 -82.49 197.60
C GLU Y 145 80.66 -83.15 198.93
N GLU Y 146 79.78 -83.02 199.92
CA GLU Y 146 80.01 -83.57 201.24
C GLU Y 146 79.10 -84.74 201.54
N VAL Y 147 78.09 -84.96 200.72
CA VAL Y 147 77.20 -86.11 200.92
C VAL Y 147 77.92 -87.38 200.49
N PRO Y 148 78.02 -88.37 201.36
CA PRO Y 148 78.73 -89.60 201.00
C PRO Y 148 77.79 -90.65 200.40
N GLU Y 149 78.38 -91.54 199.61
CA GLU Y 149 77.65 -92.62 198.94
C GLU Y 149 76.51 -92.03 198.09
N LEU Y 150 76.93 -91.33 197.02
CA LEU Y 150 76.05 -90.55 196.15
C LEU Y 150 74.68 -91.17 195.96
N PRO Y 151 74.56 -92.48 195.64
CA PRO Y 151 73.21 -93.05 195.67
C PRO Y 151 72.79 -93.08 197.12
N LEU Y 152 71.94 -92.12 197.50
CA LEU Y 152 71.70 -91.80 198.89
C LEU Y 152 70.46 -92.51 199.37
N VAL Y 153 70.62 -93.40 200.35
CA VAL Y 153 69.54 -94.16 200.92
C VAL Y 153 69.45 -93.83 202.40
N VAL Y 154 68.23 -93.73 202.89
CA VAL Y 154 67.98 -93.59 204.31
C VAL Y 154 66.89 -94.60 204.69
N GLU Y 155 66.80 -94.87 205.98
CA GLU Y 155 65.86 -95.86 206.48
C GLU Y 155 64.44 -95.33 206.41
N ASP Y 156 63.50 -96.12 206.90
CA ASP Y 156 62.09 -95.85 206.66
C ASP Y 156 61.42 -95.00 207.73
N LYS Y 157 62.11 -94.62 208.81
CA LYS Y 157 61.43 -93.76 209.78
C LYS Y 157 61.17 -92.39 209.18
N VAL Y 158 62.05 -91.94 208.28
CA VAL Y 158 61.89 -90.60 207.72
C VAL Y 158 60.55 -90.46 207.01
N GLU Y 159 60.04 -91.54 206.42
CA GLU Y 159 58.74 -91.48 205.75
C GLU Y 159 57.65 -91.11 206.74
N GLY Y 160 57.88 -91.33 208.03
CA GLY Y 160 56.94 -90.97 209.07
C GLY Y 160 57.13 -89.59 209.65
N TYR Y 161 57.88 -88.71 208.98
CA TYR Y 161 58.07 -87.36 209.49
C TYR Y 161 56.80 -86.55 209.32
N LYS Y 162 56.63 -85.55 210.18
CA LYS Y 162 55.39 -84.78 210.18
C LYS Y 162 55.63 -83.27 210.36
N LYS Y 163 56.86 -82.81 210.24
CA LYS Y 163 57.16 -81.40 210.46
C LYS Y 163 58.26 -80.98 209.52
N THR Y 164 58.31 -79.68 209.19
CA THR Y 164 59.38 -79.21 208.32
C THR Y 164 60.65 -78.93 209.10
N LYS Y 165 60.55 -78.79 210.41
CA LYS Y 165 61.75 -78.51 211.20
C LYS Y 165 62.68 -79.71 211.21
N GLU Y 166 62.12 -80.88 211.50
CA GLU Y 166 62.89 -82.11 211.42
C GLU Y 166 63.38 -82.36 210.00
N ALA Y 167 62.57 -82.01 209.00
CA ALA Y 167 63.00 -82.17 207.61
C ALA Y 167 64.23 -81.33 207.31
N VAL Y 168 64.19 -80.06 207.71
CA VAL Y 168 65.32 -79.17 207.50
C VAL Y 168 66.54 -79.69 208.25
N LEU Y 169 66.34 -80.16 209.48
CA LEU Y 169 67.45 -80.73 210.23
C LEU Y 169 68.08 -81.89 209.48
N LEU Y 170 67.25 -82.81 208.98
CA LEU Y 170 67.78 -83.96 208.25
C LEU Y 170 68.54 -83.51 207.02
N LEU Y 171 67.99 -82.56 206.27
CA LEU Y 171 68.62 -82.17 205.01
C LEU Y 171 69.90 -81.40 205.26
N LYS Y 172 70.01 -80.79 206.44
CA LYS Y 172 71.30 -80.24 206.85
C LYS Y 172 72.27 -81.34 207.26
N LYS Y 173 71.76 -82.40 207.90
CA LYS Y 173 72.65 -83.44 208.40
C LYS Y 173 73.22 -84.27 207.25
N LEU Y 174 72.48 -84.39 206.16
CA LEU Y 174 73.00 -85.05 204.98
C LEU Y 174 73.86 -84.13 204.13
N LYS Y 175 74.13 -82.91 204.61
CA LYS Y 175 74.86 -81.88 203.88
C LYS Y 175 74.20 -81.51 202.56
N ALA Y 176 72.98 -82.00 202.33
CA ALA Y 176 72.23 -81.59 201.15
C ALA Y 176 71.68 -80.18 201.28
N TRP Y 177 71.79 -79.56 202.46
CA TRP Y 177 71.21 -78.24 202.66
C TRP Y 177 71.82 -77.19 201.75
N ASN Y 178 73.09 -77.32 201.37
CA ASN Y 178 73.70 -76.31 200.52
C ASN Y 178 72.97 -76.21 199.19
N ASP Y 179 72.57 -77.35 198.63
CA ASP Y 179 71.77 -77.32 197.40
C ASP Y 179 70.50 -76.51 197.61
N ILE Y 180 69.88 -76.66 198.77
CA ILE Y 180 68.70 -75.85 199.08
C ILE Y 180 69.09 -74.38 199.17
N LYS Y 181 70.28 -74.08 199.66
CA LYS Y 181 70.74 -72.71 199.65
C LYS Y 181 70.91 -72.22 198.22
N LYS Y 182 71.35 -73.11 197.32
CA LYS Y 182 71.41 -72.76 195.92
C LYS Y 182 70.02 -72.41 195.40
N VAL Y 183 69.01 -73.20 195.75
CA VAL Y 183 67.65 -72.90 195.34
C VAL Y 183 67.22 -71.54 195.89
N TYR Y 184 67.55 -71.28 197.15
CA TYR Y 184 67.21 -70.00 197.76
C TYR Y 184 67.82 -68.84 197.00
N ALA Y 185 69.11 -68.96 196.64
CA ALA Y 185 69.75 -67.90 195.89
C ALA Y 185 69.11 -67.73 194.52
N SER Y 186 68.78 -68.84 193.87
CA SER Y 186 68.27 -68.78 192.50
C SER Y 186 66.87 -68.18 192.39
N GLN Y 187 66.16 -68.03 193.50
CA GLN Y 187 64.78 -67.55 193.45
C GLN Y 187 64.77 -66.10 192.97
N ARG Y 188 64.29 -65.88 191.75
CA ARG Y 188 64.32 -64.55 191.17
C ARG Y 188 63.16 -64.41 190.20
N MET Y 189 62.89 -63.16 189.83
CA MET Y 189 61.82 -62.88 188.87
C MET Y 189 62.14 -63.49 187.52
N ARG Y 190 61.10 -63.72 186.73
CA ARG Y 190 61.28 -64.24 185.38
C ARG Y 190 61.56 -63.09 184.42
N ALA Y 191 61.52 -63.37 183.13
CA ALA Y 191 61.85 -62.38 182.11
C ALA Y 191 60.80 -62.40 181.01
N GLY Y 192 60.16 -61.25 180.77
CA GLY Y 192 59.26 -61.09 179.66
C GLY Y 192 57.82 -61.33 180.07
N LYS Y 193 57.00 -61.68 179.09
CA LYS Y 193 55.57 -61.81 179.26
C LYS Y 193 55.18 -62.94 180.21
N GLY Y 194 56.11 -63.84 180.55
CA GLY Y 194 55.78 -64.91 181.46
C GLY Y 194 55.34 -64.42 182.81
N LYS Y 195 55.86 -63.27 183.24
CA LYS Y 195 55.53 -62.77 184.57
C LYS Y 195 54.05 -62.51 184.70
N MET Y 196 53.46 -61.82 183.75
CA MET Y 196 52.06 -61.48 183.88
C MET Y 196 51.15 -62.63 183.54
N ARG Y 197 51.68 -63.71 182.97
CA ARG Y 197 50.89 -64.86 182.56
C ARG Y 197 50.82 -65.93 183.64
N ASN Y 198 50.88 -65.53 184.90
CA ASN Y 198 50.74 -66.38 186.09
C ASN Y 198 52.01 -67.20 186.32
N ARG Y 199 52.98 -67.16 185.43
CA ARG Y 199 54.27 -67.81 185.64
C ARG Y 199 55.27 -66.74 186.10
N ARG Y 200 55.10 -66.34 187.37
CA ARG Y 200 55.67 -65.09 187.84
C ARG Y 200 57.16 -65.21 188.15
N ARG Y 201 57.55 -66.27 188.82
CA ARG Y 201 58.92 -66.42 189.29
C ARG Y 201 59.43 -67.81 189.01
N ILE Y 202 60.75 -67.96 189.03
CA ILE Y 202 61.40 -69.23 188.77
C ILE Y 202 62.49 -69.45 189.81
N GLN Y 203 62.97 -70.70 189.87
CA GLN Y 203 64.00 -71.08 190.81
C GLN Y 203 64.71 -72.31 190.28
N ARG Y 204 65.97 -72.46 190.69
CA ARG Y 204 66.71 -73.65 190.35
C ARG Y 204 66.04 -74.87 190.98
N ARG Y 205 66.17 -76.01 190.31
CA ARG Y 205 65.50 -77.22 190.75
C ARG Y 205 66.37 -77.96 191.75
N GLY Y 206 65.81 -78.23 192.93
CA GLY Y 206 66.54 -78.93 193.97
C GLY Y 206 66.48 -80.43 193.80
N PRO Y 207 66.79 -81.17 194.86
CA PRO Y 207 66.89 -82.62 194.76
C PRO Y 207 65.52 -83.29 194.76
N CYS Y 208 65.55 -84.61 194.64
CA CYS Y 208 64.36 -85.45 194.74
C CYS Y 208 64.46 -86.31 195.98
N ILE Y 209 63.32 -86.52 196.62
CA ILE Y 209 63.19 -87.52 197.67
C ILE Y 209 62.27 -88.60 197.17
N ILE Y 210 62.71 -89.85 197.25
CA ILE Y 210 61.97 -90.97 196.71
C ILE Y 210 61.54 -91.85 197.86
N TYR Y 211 60.24 -92.03 198.01
CA TYR Y 211 59.64 -92.75 199.12
C TYR Y 211 58.75 -93.84 198.59
N ASN Y 212 58.75 -94.98 199.28
CA ASN Y 212 57.90 -96.08 198.84
C ASN Y 212 56.48 -95.94 199.36
N GLU Y 213 56.32 -95.49 200.60
CA GLU Y 213 55.00 -95.26 201.17
C GLU Y 213 54.95 -93.86 201.77
N ASP Y 214 53.74 -93.29 201.83
CA ASP Y 214 53.53 -91.97 202.38
C ASP Y 214 52.98 -92.12 203.79
N ASN Y 215 53.82 -91.87 204.79
CA ASN Y 215 53.41 -91.85 206.17
C ASN Y 215 53.42 -90.42 206.70
N GLY Y 216 53.01 -89.48 205.86
CA GLY Y 216 53.08 -88.08 206.20
C GLY Y 216 54.32 -87.37 205.73
N ILE Y 217 55.20 -88.06 204.99
CA ILE Y 217 56.42 -87.43 204.51
C ILE Y 217 56.10 -86.27 203.56
N ILE Y 218 55.01 -86.40 202.79
CA ILE Y 218 54.65 -85.35 201.84
C ILE Y 218 54.40 -84.04 202.56
N LYS Y 219 53.57 -84.07 203.60
CA LYS Y 219 53.26 -82.85 204.34
C LYS Y 219 54.51 -82.32 205.04
N ALA Y 220 55.33 -83.22 205.60
CA ALA Y 220 56.54 -82.77 206.27
C ALA Y 220 57.47 -82.07 205.29
N PHE Y 221 57.56 -82.58 204.08
CA PHE Y 221 58.30 -81.91 203.01
C PHE Y 221 57.37 -80.92 202.32
N ARG Y 222 57.77 -80.46 201.12
CA ARG Y 222 57.01 -79.67 200.17
C ARG Y 222 56.93 -78.20 200.54
N ASN Y 223 57.35 -77.79 201.74
CA ASN Y 223 57.44 -76.37 202.00
C ASN Y 223 58.82 -75.82 201.67
N ILE Y 224 59.83 -76.67 201.69
CA ILE Y 224 61.17 -76.30 201.24
C ILE Y 224 61.14 -76.26 199.72
N PRO Y 225 61.54 -75.16 199.10
CA PRO Y 225 61.53 -75.10 197.64
C PRO Y 225 62.52 -76.08 197.03
N GLY Y 226 62.22 -76.52 195.81
CA GLY Y 226 63.09 -77.40 195.08
C GLY Y 226 62.93 -78.87 195.41
N ILE Y 227 62.22 -79.21 196.47
CA ILE Y 227 62.07 -80.61 196.86
C ILE Y 227 60.92 -81.23 196.10
N THR Y 228 61.21 -82.31 195.38
CA THR Y 228 60.21 -83.02 194.59
C THR Y 228 60.10 -84.45 195.11
N LEU Y 229 58.87 -84.86 195.42
CA LEU Y 229 58.61 -86.22 195.90
C LEU Y 229 58.17 -87.08 194.73
N LEU Y 230 58.52 -88.37 194.79
CA LEU Y 230 58.36 -89.21 193.62
C LEU Y 230 57.45 -90.42 193.81
N ASN Y 231 57.43 -91.04 195.00
CA ASN Y 231 56.58 -92.21 195.23
C ASN Y 231 56.93 -93.34 194.24
N VAL Y 232 58.09 -93.94 194.49
CA VAL Y 232 58.78 -94.85 193.59
C VAL Y 232 57.85 -95.87 192.94
N SER Y 233 56.71 -96.15 193.57
CA SER Y 233 55.70 -96.96 192.88
C SER Y 233 55.35 -96.32 191.54
N LYS Y 234 55.27 -95.00 191.49
CA LYS Y 234 54.99 -94.28 190.26
C LYS Y 234 56.07 -93.23 190.06
N LEU Y 235 57.09 -93.55 189.28
CA LEU Y 235 58.11 -92.57 188.96
C LEU Y 235 57.58 -91.56 187.96
N ASN Y 236 58.46 -90.65 187.54
CA ASN Y 236 58.13 -89.69 186.49
C ASN Y 236 59.42 -89.15 185.92
N ILE Y 237 59.67 -89.43 184.64
CA ILE Y 237 60.89 -88.95 184.01
C ILE Y 237 60.94 -87.44 184.02
N LEU Y 238 59.80 -86.78 183.85
CA LEU Y 238 59.78 -85.31 183.82
C LEU Y 238 60.32 -84.73 185.11
N LYS Y 239 60.11 -85.40 186.23
CA LYS Y 239 60.70 -84.96 187.48
C LYS Y 239 62.08 -85.54 187.71
N LEU Y 240 62.43 -86.58 186.95
CA LEU Y 240 63.77 -87.17 187.08
C LEU Y 240 64.79 -86.42 186.23
N ALA Y 241 64.41 -86.07 185.00
CA ALA Y 241 65.29 -85.29 184.12
C ALA Y 241 64.64 -83.93 183.92
N PRO Y 242 65.00 -82.93 184.71
CA PRO Y 242 64.22 -81.68 184.73
C PRO Y 242 64.15 -80.98 183.39
N GLY Y 243 65.23 -80.98 182.62
CA GLY Y 243 65.19 -80.32 181.33
C GLY Y 243 65.53 -81.27 180.21
N GLY Y 244 65.16 -82.54 180.37
CA GLY Y 244 65.68 -83.54 179.49
C GLY Y 244 67.16 -83.78 179.65
N HIS Y 245 67.74 -83.26 180.73
CA HIS Y 245 69.16 -83.38 181.01
C HIS Y 245 69.32 -84.34 182.18
N VAL Y 246 70.07 -85.39 181.99
CA VAL Y 246 70.16 -86.45 182.98
C VAL Y 246 71.12 -86.05 184.09
N GLY Y 247 70.99 -86.72 185.23
CA GLY Y 247 71.91 -86.53 186.33
C GLY Y 247 71.34 -85.75 187.50
N ARG Y 248 70.09 -86.01 187.86
CA ARG Y 248 69.47 -85.31 188.96
C ARG Y 248 69.81 -85.96 190.29
N PHE Y 249 70.27 -85.16 191.24
CA PHE Y 249 70.52 -85.65 192.59
C PHE Y 249 69.20 -86.11 193.20
N CYS Y 250 69.23 -87.26 193.87
CA CYS Y 250 68.05 -87.86 194.45
C CYS Y 250 68.39 -88.50 195.78
N ILE Y 251 67.38 -88.70 196.62
CA ILE Y 251 67.51 -89.35 197.91
C ILE Y 251 66.42 -90.39 198.06
N TRP Y 252 66.81 -91.62 198.42
CA TRP Y 252 65.89 -92.74 198.48
C TRP Y 252 65.60 -93.14 199.92
N THR Y 253 64.40 -93.67 200.12
CA THR Y 253 64.07 -94.38 201.33
C THR Y 253 64.41 -95.86 201.14
N GLU Y 254 64.68 -96.53 202.27
CA GLU Y 254 65.21 -97.89 202.23
C GLU Y 254 64.24 -98.83 201.54
N SER Y 255 62.95 -98.74 201.87
CA SER Y 255 61.97 -99.62 201.24
C SER Y 255 61.93 -99.41 199.73
N ALA Y 256 61.96 -98.15 199.29
CA ALA Y 256 61.99 -97.87 197.87
C ALA Y 256 63.23 -98.47 197.23
N PHE Y 257 64.37 -98.34 197.90
CA PHE Y 257 65.59 -98.91 197.35
C PHE Y 257 65.48 -100.42 197.19
N ARG Y 258 64.97 -101.11 198.19
CA ARG Y 258 64.78 -102.54 198.04
C ARG Y 258 63.83 -102.84 196.91
N LYS Y 259 62.74 -102.08 196.79
CA LYS Y 259 61.72 -102.41 195.82
C LYS Y 259 62.13 -102.07 194.40
N LEU Y 260 63.21 -101.30 194.21
CA LEU Y 260 63.66 -100.99 192.85
C LEU Y 260 63.86 -102.24 192.02
N ASP Y 261 64.57 -103.23 192.55
CA ASP Y 261 64.87 -104.43 191.77
C ASP Y 261 63.60 -105.09 191.28
N GLU Y 262 62.67 -105.38 192.18
CA GLU Y 262 61.41 -105.98 191.78
C GLU Y 262 60.62 -105.06 190.86
N LEU Y 263 60.87 -103.76 190.93
CA LEU Y 263 60.14 -102.83 190.09
C LEU Y 263 60.67 -102.85 188.66
N TYR Y 264 61.95 -103.17 188.47
CA TYR Y 264 62.52 -103.23 187.14
C TYR Y 264 63.25 -104.53 186.82
N GLY Y 265 63.55 -105.36 187.81
CA GLY Y 265 64.22 -106.62 187.56
C GLY Y 265 65.68 -106.41 187.18
N THR Y 266 66.47 -107.46 187.40
CA THR Y 266 67.86 -107.45 187.01
C THR Y 266 67.96 -107.91 185.55
N TRP Y 267 69.20 -108.12 185.08
CA TRP Y 267 69.35 -108.74 183.78
C TRP Y 267 69.05 -110.24 183.85
N ARG Y 268 69.44 -110.87 184.95
CA ARG Y 268 69.17 -112.29 185.15
C ARG Y 268 67.82 -112.56 185.78
N LYS Y 269 67.04 -111.51 186.09
CA LYS Y 269 65.67 -111.68 186.56
C LYS Y 269 64.83 -110.54 186.04
N ALA Y 270 63.75 -110.87 185.35
CA ALA Y 270 62.91 -109.85 184.75
C ALA Y 270 62.17 -109.07 185.84
N ALA Y 271 61.51 -107.99 185.44
CA ALA Y 271 60.79 -107.14 186.37
C ALA Y 271 59.59 -107.88 186.91
N SER Y 272 59.54 -108.06 188.24
CA SER Y 272 58.42 -108.78 188.83
C SER Y 272 57.14 -107.97 188.75
N LEU Y 273 57.21 -106.67 188.95
CA LEU Y 273 56.00 -105.86 189.04
C LEU Y 273 55.45 -105.47 187.67
N LYS Y 274 56.32 -105.31 186.68
CA LYS Y 274 55.84 -104.90 185.36
C LYS Y 274 55.42 -106.07 184.50
N SER Y 275 55.74 -107.30 184.90
CA SER Y 275 55.15 -108.52 184.36
C SER Y 275 55.54 -108.79 182.92
N ASN Y 276 56.20 -107.85 182.26
CA ASN Y 276 56.80 -108.13 180.96
C ASN Y 276 58.10 -107.41 180.72
N TYR Y 277 58.61 -106.67 181.70
CA TYR Y 277 59.76 -105.81 181.48
C TYR Y 277 61.04 -106.46 181.97
N ASN Y 278 62.12 -106.19 181.25
CA ASN Y 278 63.45 -106.59 181.67
C ASN Y 278 64.40 -105.46 181.34
N LEU Y 279 65.52 -105.43 182.03
CA LEU Y 279 66.44 -104.31 181.86
C LEU Y 279 67.04 -104.33 180.46
N PRO Y 280 67.17 -103.19 179.80
CA PRO Y 280 67.80 -103.15 178.49
C PRO Y 280 69.26 -103.56 178.59
N MET Y 281 69.75 -104.16 177.51
CA MET Y 281 71.07 -104.77 177.54
C MET Y 281 72.11 -103.90 176.85
N HIS Y 282 73.30 -103.86 177.44
CA HIS Y 282 74.36 -103.03 176.91
C HIS Y 282 74.86 -103.55 175.57
N LYS Y 283 74.93 -102.67 174.59
CA LYS Y 283 75.69 -102.94 173.37
C LYS Y 283 77.12 -102.46 173.48
N MET Y 284 77.52 -101.96 174.66
CA MET Y 284 78.88 -101.55 174.95
C MET Y 284 79.14 -101.93 176.40
N ILE Y 285 79.89 -103.00 176.60
CA ILE Y 285 80.01 -103.57 177.94
C ILE Y 285 81.29 -103.10 178.63
N ASN Y 286 82.44 -103.26 178.00
CA ASN Y 286 83.72 -102.86 178.59
C ASN Y 286 84.05 -101.47 178.04
N THR Y 287 83.41 -100.46 178.60
CA THR Y 287 83.42 -99.13 178.02
C THR Y 287 84.46 -98.20 178.67
N ASP Y 288 85.73 -98.59 178.60
CA ASP Y 288 86.84 -97.71 178.95
C ASP Y 288 87.76 -97.68 177.74
N LEU Y 289 87.65 -96.63 176.93
CA LEU Y 289 88.40 -96.58 175.68
C LEU Y 289 89.90 -96.57 175.94
N SER Y 290 90.36 -95.75 176.88
CA SER Y 290 91.80 -95.67 177.14
C SER Y 290 92.33 -97.00 177.64
N ARG Y 291 91.68 -97.60 178.64
CA ARG Y 291 92.15 -98.87 179.16
C ARG Y 291 92.05 -99.97 178.11
N ILE Y 292 91.05 -99.90 177.23
CA ILE Y 292 90.97 -100.86 176.14
C ILE Y 292 92.17 -100.72 175.22
N LEU Y 293 92.52 -99.47 174.88
CA LEU Y 293 93.55 -99.27 173.87
C LEU Y 293 94.95 -99.49 174.42
N LYS Y 294 95.13 -99.31 175.72
CA LYS Y 294 96.43 -99.58 176.31
C LYS Y 294 96.63 -101.05 176.64
N SER Y 295 95.63 -101.88 176.39
CA SER Y 295 95.77 -103.31 176.63
C SER Y 295 96.84 -103.89 175.70
N PRO Y 296 97.61 -104.86 176.15
CA PRO Y 296 98.81 -105.27 175.40
C PRO Y 296 98.54 -105.78 174.00
N GLU Y 297 97.47 -106.53 173.77
CA GLU Y 297 97.28 -107.16 172.47
C GLU Y 297 96.99 -106.12 171.38
N ILE Y 298 96.22 -105.08 171.70
CA ILE Y 298 95.98 -104.03 170.72
C ILE Y 298 97.29 -103.37 170.34
N GLN Y 299 98.12 -103.06 171.34
CA GLN Y 299 99.41 -102.46 171.06
C GLN Y 299 100.27 -103.37 170.21
N ARG Y 300 100.22 -104.68 170.47
CA ARG Y 300 101.01 -105.62 169.68
C ARG Y 300 100.53 -105.64 168.24
N ALA Y 301 99.21 -105.73 168.03
CA ALA Y 301 98.68 -105.70 166.67
C ALA Y 301 98.72 -104.32 166.06
N LEU Y 302 98.96 -103.28 166.88
CA LEU Y 302 99.01 -101.92 166.38
C LEU Y 302 100.15 -101.77 165.38
N ARG Y 303 99.92 -100.97 164.35
CA ARG Y 303 101.02 -100.65 163.44
C ARG Y 303 101.91 -99.58 164.05
N ALA Y 304 103.02 -99.32 163.38
CA ALA Y 304 103.97 -98.33 163.86
C ALA Y 304 103.34 -96.93 163.81
N PRO Y 305 103.59 -96.07 164.79
CA PRO Y 305 103.04 -94.72 164.73
C PRO Y 305 103.95 -93.77 163.98
N ARG Y 306 103.46 -93.26 162.85
CA ARG Y 306 104.18 -92.27 162.09
C ARG Y 306 103.83 -90.90 162.64
N LYS Y 307 104.85 -90.14 163.07
CA LYS Y 307 104.63 -88.91 163.79
C LYS Y 307 105.30 -87.69 163.19
N LYS Y 308 106.34 -87.85 162.38
CA LYS Y 308 107.00 -86.69 161.80
C LYS Y 308 106.05 -85.97 160.87
N ILE Y 309 106.02 -84.64 160.96
CA ILE Y 309 105.15 -83.84 160.10
C ILE Y 309 105.89 -83.53 158.80
N HIS Y 310 105.30 -83.95 157.68
CA HIS Y 310 105.90 -83.73 156.37
C HIS Y 310 105.20 -82.53 155.72
N ARG Y 311 105.63 -81.33 156.12
CA ARG Y 311 105.06 -80.14 155.52
C ARG Y 311 105.71 -79.88 154.17
N ARG Y 312 105.06 -79.03 153.38
CA ARG Y 312 105.46 -78.82 151.99
C ARG Y 312 106.86 -78.24 151.92
N VAL Y 313 107.62 -78.69 150.93
CA VAL Y 313 108.97 -78.22 150.67
C VAL Y 313 108.91 -77.14 149.61
N LEU Y 314 109.40 -75.95 149.96
CA LEU Y 314 109.48 -74.87 148.98
C LEU Y 314 110.37 -75.33 147.84
N LYS Y 315 109.82 -75.46 146.64
CA LYS Y 315 110.60 -75.95 145.53
C LYS Y 315 111.62 -74.90 145.14
N LYS Y 316 112.85 -75.08 145.59
CA LYS Y 316 113.92 -74.23 145.12
C LYS Y 316 114.11 -74.48 143.63
N ASN Y 317 114.75 -73.53 142.97
CA ASN Y 317 114.91 -73.62 141.53
C ASN Y 317 116.22 -74.31 141.19
N PRO Y 318 116.18 -75.48 140.58
CA PRO Y 318 117.41 -76.06 140.01
C PRO Y 318 117.92 -75.17 138.88
N LEU Y 319 119.04 -75.58 138.32
CA LEU Y 319 119.65 -74.90 137.17
C LEU Y 319 120.16 -73.52 137.55
N LYS Y 320 119.88 -73.09 138.76
CA LYS Y 320 120.44 -71.86 139.30
C LYS Y 320 121.04 -72.07 140.68
N ASN Y 321 120.40 -72.87 141.51
CA ASN Y 321 120.92 -73.21 142.83
C ASN Y 321 121.63 -74.55 142.69
N LEU Y 322 122.93 -74.51 142.40
CA LEU Y 322 123.60 -75.73 141.94
C LEU Y 322 123.60 -76.82 142.99
N ARG Y 323 123.42 -76.49 144.26
CA ARG Y 323 123.34 -77.55 145.26
C ARG Y 323 122.09 -78.38 145.06
N ILE Y 324 120.97 -77.75 144.72
CA ILE Y 324 119.78 -78.51 144.38
C ILE Y 324 120.03 -79.35 143.13
N MET Y 325 120.62 -78.73 142.11
CA MET Y 325 120.99 -79.46 140.90
C MET Y 325 121.78 -80.70 141.23
N LEU Y 326 122.80 -80.55 142.05
CA LEU Y 326 123.73 -81.61 142.37
C LEU Y 326 123.11 -82.62 143.32
N LYS Y 327 122.13 -82.18 144.12
CA LYS Y 327 121.34 -83.10 144.91
C LYS Y 327 120.53 -84.03 144.03
N LEU Y 328 119.87 -83.46 143.02
CA LEU Y 328 119.14 -84.29 142.07
C LEU Y 328 120.04 -84.93 141.04
N ASN Y 329 121.15 -84.29 140.68
CA ASN Y 329 122.06 -84.82 139.68
C ASN Y 329 123.50 -84.72 140.15
N PRO Y 330 124.00 -85.72 140.88
CA PRO Y 330 125.40 -85.65 141.34
C PRO Y 330 126.38 -85.55 140.20
N TYR Y 331 126.02 -86.03 139.01
CA TYR Y 331 126.92 -85.86 137.88
C TYR Y 331 127.02 -84.38 137.49
N ALA Y 332 125.98 -83.59 137.72
CA ALA Y 332 125.93 -82.23 137.19
C ALA Y 332 127.10 -81.38 137.69
N LYS Y 333 127.68 -81.75 138.83
CA LYS Y 333 128.83 -80.99 139.34
C LYS Y 333 130.02 -81.14 138.40
N THR Y 334 130.31 -82.36 137.98
CA THR Y 334 131.46 -82.57 137.12
C THR Y 334 131.21 -82.03 135.71
N MET Y 335 129.95 -82.03 135.26
CA MET Y 335 129.64 -81.32 134.03
C MET Y 335 130.04 -79.87 134.14
N ARG Y 336 129.62 -79.20 135.22
CA ARG Y 336 129.95 -77.79 135.38
C ARG Y 336 131.45 -77.59 135.46
N ARG Y 337 132.15 -78.44 136.21
CA ARG Y 337 133.59 -78.28 136.35
C ARG Y 337 134.31 -78.48 135.03
N ASN Y 338 134.01 -79.57 134.32
CA ASN Y 338 134.64 -79.82 133.04
C ASN Y 338 134.34 -78.70 132.08
N THR Y 339 133.09 -78.24 132.04
CA THR Y 339 132.75 -77.19 131.08
C THR Y 339 133.45 -75.88 131.42
N ILE Y 340 133.59 -75.54 132.71
CA ILE Y 340 134.20 -74.25 133.03
C ILE Y 340 135.71 -74.30 132.80
N LEU Y 341 136.35 -75.43 133.11
CA LEU Y 341 137.79 -75.49 132.86
C LEU Y 341 138.08 -75.56 131.37
N ARG Y 342 137.24 -76.28 130.61
CA ARG Y 342 137.33 -76.23 129.16
C ARG Y 342 137.15 -74.80 128.65
N GLN Y 343 136.18 -74.10 129.23
CA GLN Y 343 135.94 -72.70 128.90
C GLN Y 343 137.19 -71.86 129.09
N ALA Y 344 137.80 -71.97 130.27
CA ALA Y 344 138.96 -71.14 130.60
C ALA Y 344 140.13 -71.48 129.69
N ARG Y 345 140.37 -72.76 129.46
CA ARG Y 345 141.47 -73.16 128.59
C ARG Y 345 141.27 -72.65 127.17
N ASN Y 346 140.05 -72.75 126.64
CA ASN Y 346 139.80 -72.25 125.29
C ASN Y 346 139.96 -70.74 125.23
N HIS Y 347 139.48 -70.03 126.26
CA HIS Y 347 139.61 -68.58 126.27
C HIS Y 347 141.09 -68.17 126.24
N LYS Y 348 141.91 -68.83 127.06
CA LYS Y 348 143.32 -68.45 127.08
C LYS Y 348 144.05 -68.90 125.82
N LEU Y 349 143.68 -70.05 125.25
CA LEU Y 349 144.28 -70.49 124.00
C LEU Y 349 143.83 -69.67 122.80
N ARG Y 350 142.77 -68.89 122.92
CA ARG Y 350 142.51 -67.86 121.94
C ARG Y 350 143.26 -66.57 122.21
N VAL Y 351 143.35 -66.15 123.47
CA VAL Y 351 144.01 -64.88 123.75
C VAL Y 351 145.50 -64.96 123.42
N ASP Y 352 146.14 -66.09 123.71
CA ASP Y 352 147.57 -66.21 123.43
C ASP Y 352 147.84 -66.21 121.93
N LYS Y 353 147.02 -66.94 121.15
CA LYS Y 353 147.22 -66.92 119.72
C LYS Y 353 146.93 -65.57 119.11
N ALA Y 354 145.91 -64.86 119.61
CA ALA Y 354 145.65 -63.51 119.11
C ALA Y 354 146.82 -62.58 119.40
N ALA Y 355 147.39 -62.69 120.61
CA ALA Y 355 148.57 -61.89 120.93
C ALA Y 355 149.75 -62.29 120.05
N ALA Y 356 149.90 -63.57 119.77
CA ALA Y 356 150.96 -64.02 118.88
C ALA Y 356 150.81 -63.41 117.49
N ALA Y 357 149.59 -63.41 116.96
CA ALA Y 357 149.36 -62.82 115.65
C ALA Y 357 149.65 -61.32 115.66
N ALA Y 358 149.22 -60.62 116.71
CA ALA Y 358 149.48 -59.19 116.80
C ALA Y 358 150.98 -58.92 116.85
N ALA Y 359 151.71 -59.69 117.66
CA ALA Y 359 153.16 -59.50 117.76
C ALA Y 359 153.84 -59.85 116.45
N ALA Y 360 153.33 -60.85 115.73
CA ALA Y 360 153.88 -61.17 114.42
C ALA Y 360 153.69 -60.01 113.45
N LEU Y 361 152.51 -59.37 113.50
CA LEU Y 361 152.31 -58.17 112.69
C LEU Y 361 153.30 -57.07 113.07
N GLN Y 362 153.50 -56.87 114.37
CA GLN Y 362 154.42 -55.83 114.81
C GLN Y 362 155.84 -56.11 114.33
N ALA Y 363 156.30 -57.35 114.45
CA ALA Y 363 157.66 -57.68 114.04
C ALA Y 363 157.82 -57.62 112.54
N LYS Y 364 156.84 -58.16 111.79
CA LYS Y 364 156.92 -58.19 110.33
C LYS Y 364 156.68 -56.83 109.70
N SER Y 365 156.12 -55.87 110.44
CA SER Y 365 155.99 -54.51 109.93
C SER Y 365 157.18 -53.65 110.26
N ASP Y 366 157.91 -54.00 111.33
CA ASP Y 366 159.08 -53.24 111.78
C ASP Y 366 160.36 -54.07 111.71
N GLU Y 367 160.38 -55.11 110.86
CA GLU Y 367 161.56 -55.95 110.76
C GLU Y 367 162.75 -55.18 110.19
N LYS Y 368 162.49 -54.13 109.42
CA LYS Y 368 163.52 -53.29 108.82
C LYS Y 368 164.49 -54.11 107.97
N GLY Z 1 67.02 -96.88 58.00
CA GLY Z 1 66.46 -95.56 58.21
C GLY Z 1 64.94 -95.53 58.23
N PHE Z 2 64.34 -96.65 58.62
CA PHE Z 2 62.89 -96.75 58.72
C PHE Z 2 62.39 -96.78 60.15
N VAL Z 3 62.94 -97.67 60.99
CA VAL Z 3 62.42 -97.93 62.32
C VAL Z 3 63.55 -97.77 63.33
N LYS Z 4 63.21 -97.28 64.52
CA LYS Z 4 64.17 -97.25 65.61
C LYS Z 4 64.66 -98.66 65.91
N VAL Z 5 65.97 -98.79 66.09
CA VAL Z 5 66.56 -100.09 66.41
C VAL Z 5 66.27 -100.40 67.86
N VAL Z 6 66.16 -101.69 68.18
CA VAL Z 6 65.94 -102.11 69.55
C VAL Z 6 67.27 -102.43 70.23
N LYS Z 7 68.01 -103.39 69.69
CA LYS Z 7 69.26 -103.84 70.28
C LYS Z 7 70.34 -102.82 69.98
N ASN Z 8 70.24 -101.66 70.61
CA ASN Z 8 71.20 -100.60 70.46
C ASN Z 8 72.22 -100.64 71.60
N LYS Z 9 73.15 -99.69 71.60
CA LYS Z 9 74.22 -99.70 72.59
C LYS Z 9 73.67 -99.57 74.01
N ALA Z 10 72.75 -98.65 74.23
CA ALA Z 10 72.24 -98.43 75.58
C ALA Z 10 71.53 -99.67 76.11
N TYR Z 11 70.75 -100.34 75.26
CA TYR Z 11 70.04 -101.53 75.69
C TYR Z 11 71.02 -102.57 76.21
N PHE Z 12 72.13 -102.77 75.50
CA PHE Z 12 73.15 -103.69 75.97
C PHE Z 12 73.79 -103.18 77.26
N LYS Z 13 74.04 -101.88 77.35
CA LYS Z 13 74.75 -101.33 78.49
C LYS Z 13 73.94 -101.50 79.76
N ARG Z 14 72.63 -101.49 79.65
CA ARG Z 14 71.79 -101.68 80.82
C ARG Z 14 71.09 -103.03 80.83
N TYR Z 15 71.34 -103.88 79.83
CA TYR Z 15 70.81 -105.23 79.84
C TYR Z 15 71.39 -106.01 81.02
N GLN Z 16 70.55 -106.80 81.67
CA GLN Z 16 70.98 -107.65 82.77
C GLN Z 16 70.99 -109.10 82.30
N VAL Z 17 72.03 -109.82 82.69
CA VAL Z 17 72.21 -111.20 82.25
C VAL Z 17 71.75 -112.11 83.37
N LYS Z 18 70.93 -113.11 83.03
CA LYS Z 18 70.45 -114.06 84.02
C LYS Z 18 71.57 -115.00 84.43
N PHE Z 19 71.23 -115.96 85.27
CA PHE Z 19 72.20 -116.96 85.70
C PHE Z 19 72.65 -117.79 84.51
N ARG Z 20 73.85 -118.35 84.61
CA ARG Z 20 74.39 -119.11 83.48
C ARG Z 20 73.49 -120.30 83.16
N ARG Z 21 73.07 -121.03 84.18
CA ARG Z 21 72.27 -122.22 83.93
C ARG Z 21 70.84 -121.87 83.53
N ARG Z 22 70.29 -120.78 84.07
CA ARG Z 22 68.98 -120.34 83.61
C ARG Z 22 69.03 -119.96 82.14
N ARG Z 23 70.06 -119.22 81.73
CA ARG Z 23 70.16 -118.87 80.33
C ARG Z 23 70.28 -120.11 79.46
N GLU Z 24 71.07 -121.08 79.88
CA GLU Z 24 71.07 -122.39 79.24
C GLU Z 24 69.79 -123.16 79.54
N GLY Z 25 68.96 -122.67 80.45
CA GLY Z 25 67.67 -123.27 80.71
C GLY Z 25 67.71 -124.66 81.27
N LYS Z 26 68.73 -124.97 82.07
CA LYS Z 26 68.92 -126.30 82.58
C LYS Z 26 68.54 -126.45 84.05
N THR Z 27 68.21 -125.36 84.73
CA THR Z 27 67.88 -125.43 86.15
C THR Z 27 66.85 -124.37 86.48
N ASP Z 28 65.71 -124.78 87.03
CA ASP Z 28 64.68 -123.86 87.47
C ASP Z 28 65.04 -123.40 88.88
N TYR Z 29 65.59 -122.19 88.98
CA TYR Z 29 66.11 -121.72 90.26
C TYR Z 29 65.01 -121.52 91.29
N TYR Z 30 63.80 -121.16 90.86
CA TYR Z 30 62.69 -121.10 91.79
C TYR Z 30 62.51 -122.45 92.50
N ALA Z 31 62.22 -123.49 91.72
CA ALA Z 31 62.05 -124.81 92.31
C ALA Z 31 63.35 -125.33 92.91
N ARG Z 32 64.50 -124.88 92.41
CA ARG Z 32 65.75 -125.36 92.97
C ARG Z 32 65.92 -124.89 94.41
N LYS Z 33 65.77 -123.59 94.64
CA LYS Z 33 65.79 -123.07 96.00
C LYS Z 33 64.67 -123.68 96.81
N ARG Z 34 63.55 -123.95 96.16
CA ARG Z 34 62.42 -124.60 96.79
C ARG Z 34 62.77 -125.99 97.32
N LEU Z 35 63.53 -126.78 96.56
CA LEU Z 35 63.90 -128.14 96.91
C LEU Z 35 65.08 -128.25 97.85
N VAL Z 36 66.21 -127.65 97.49
CA VAL Z 36 67.48 -128.01 98.10
C VAL Z 36 67.74 -127.30 99.42
N ILE Z 37 67.14 -126.14 99.62
CA ILE Z 37 67.48 -125.33 100.78
C ILE Z 37 67.15 -126.10 102.05
N GLN Z 38 68.18 -126.41 102.84
CA GLN Z 38 67.95 -126.97 104.15
C GLN Z 38 67.45 -125.88 105.10
N ASP Z 39 66.67 -126.28 106.09
CA ASP Z 39 66.24 -125.36 107.12
C ASP Z 39 67.44 -124.70 107.77
N LYS Z 40 67.22 -123.55 108.39
CA LYS Z 40 68.32 -122.83 109.01
C LYS Z 40 68.72 -123.43 110.34
N ASN Z 41 67.78 -123.96 111.11
CA ASN Z 41 68.16 -124.49 112.43
C ASN Z 41 68.47 -125.98 112.37
N LYS Z 42 69.25 -126.37 111.38
CA LYS Z 42 69.89 -127.67 111.30
C LYS Z 42 71.37 -127.54 110.99
N TYR Z 43 71.73 -126.56 110.17
CA TYR Z 43 73.06 -126.01 109.98
C TYR Z 43 74.05 -126.95 109.29
N ASN Z 44 73.78 -128.24 109.29
CA ASN Z 44 74.72 -129.15 108.62
C ASN Z 44 74.01 -130.34 108.01
N THR Z 45 72.72 -130.47 108.23
CA THR Z 45 72.00 -131.65 107.79
C THR Z 45 71.63 -131.48 106.33
N PRO Z 46 72.21 -132.27 105.42
CA PRO Z 46 71.97 -132.04 103.99
C PRO Z 46 70.61 -132.59 103.57
N LYS Z 47 69.85 -131.78 102.85
CA LYS Z 47 68.59 -132.24 102.30
C LYS Z 47 68.86 -132.94 100.97
N TYR Z 48 68.90 -134.27 101.01
CA TYR Z 48 69.26 -135.05 99.84
C TYR Z 48 68.21 -134.91 98.75
N ARG Z 49 68.66 -134.91 97.50
CA ARG Z 49 67.78 -134.81 96.35
C ARG Z 49 68.05 -135.97 95.39
N MET Z 50 67.02 -136.72 95.07
CA MET Z 50 67.08 -137.70 93.99
C MET Z 50 66.88 -136.93 92.69
N ILE Z 51 67.96 -136.72 91.96
CA ILE Z 51 67.91 -135.98 90.71
C ILE Z 51 67.75 -136.98 89.57
N VAL Z 52 66.70 -136.82 88.79
CA VAL Z 52 66.43 -137.66 87.63
C VAL Z 52 66.29 -136.77 86.41
N ARG Z 53 66.89 -137.20 85.31
CA ARG Z 53 66.85 -136.44 84.07
C ARG Z 53 66.58 -137.39 82.92
N VAL Z 54 65.87 -136.90 81.91
CA VAL Z 54 65.56 -137.70 80.74
C VAL Z 54 66.47 -137.27 79.59
N THR Z 55 67.23 -138.20 79.07
CA THR Z 55 68.10 -137.97 77.93
C THR Z 55 67.59 -138.79 76.75
N ASN Z 56 67.64 -138.20 75.56
CA ASN Z 56 67.16 -138.89 74.37
C ASN Z 56 67.79 -140.27 74.22
N ARG Z 57 68.97 -140.47 74.80
CA ARG Z 57 69.65 -141.74 74.72
C ARG Z 57 69.85 -142.42 76.06
N ASP Z 58 69.81 -141.69 77.17
CA ASP Z 58 70.23 -142.23 78.45
C ASP Z 58 69.25 -141.80 79.53
N ILE Z 59 69.49 -142.26 80.76
CA ILE Z 59 68.73 -141.85 81.93
C ILE Z 59 69.71 -141.51 83.03
N ILE Z 60 69.61 -140.30 83.57
CA ILE Z 60 70.52 -139.83 84.60
C ILE Z 60 69.79 -139.91 85.94
N CYS Z 61 70.47 -140.43 86.95
CA CYS Z 61 69.90 -140.57 88.28
C CYS Z 61 71.01 -140.44 89.30
N GLN Z 62 70.87 -139.50 90.23
CA GLN Z 62 71.90 -139.27 91.24
C GLN Z 62 71.27 -138.65 92.47
N ILE Z 63 72.01 -138.73 93.59
CA ILE Z 63 71.53 -138.32 94.90
C ILE Z 63 72.44 -137.22 95.41
N ALA Z 64 71.95 -135.98 95.43
CA ALA Z 64 72.84 -134.86 95.66
C ALA Z 64 72.36 -134.02 96.85
N TYR Z 65 73.28 -133.21 97.36
CA TYR Z 65 72.99 -132.17 98.33
C TYR Z 65 73.93 -131.02 98.05
N ALA Z 66 73.46 -129.79 98.22
CA ALA Z 66 74.20 -128.62 97.76
C ALA Z 66 74.96 -127.97 98.90
N ARG Z 67 76.20 -127.59 98.63
CA ARG Z 67 77.00 -126.74 99.49
C ARG Z 67 77.34 -125.47 98.73
N ILE Z 68 78.01 -124.55 99.42
CA ILE Z 68 78.24 -123.22 98.88
C ILE Z 68 79.04 -123.29 97.58
N GLU Z 69 80.09 -124.11 97.57
CA GLU Z 69 80.90 -124.25 96.38
C GLU Z 69 80.12 -124.86 95.23
N GLY Z 70 79.09 -125.63 95.54
CA GLY Z 70 78.32 -126.32 94.53
C GLY Z 70 77.65 -127.53 95.14
N ASP Z 71 76.98 -128.30 94.29
CA ASP Z 71 76.23 -129.47 94.73
C ASP Z 71 77.18 -130.62 95.03
N MET Z 72 76.92 -131.32 96.12
CA MET Z 72 77.66 -132.50 96.50
C MET Z 72 76.83 -133.73 96.19
N ILE Z 73 77.40 -134.63 95.40
CA ILE Z 73 76.69 -135.79 94.89
C ILE Z 73 77.35 -137.05 95.44
N VAL Z 74 76.55 -137.90 96.09
CA VAL Z 74 77.11 -139.08 96.74
C VAL Z 74 77.19 -140.27 95.79
N CYS Z 75 76.17 -140.49 94.96
CA CYS Z 75 76.20 -141.64 94.06
C CYS Z 75 75.28 -141.36 92.87
N ALA Z 76 75.57 -142.04 91.77
CA ALA Z 76 74.86 -141.79 90.52
C ALA Z 76 74.56 -143.10 89.81
N ALA Z 77 73.58 -143.05 88.92
CA ALA Z 77 73.18 -144.20 88.12
C ALA Z 77 73.08 -143.76 86.66
N TYR Z 78 73.41 -144.69 85.76
CA TYR Z 78 73.45 -144.37 84.34
C TYR Z 78 72.85 -145.49 83.54
N ALA Z 79 71.83 -145.15 82.73
CA ALA Z 79 71.19 -146.15 81.89
C ALA Z 79 72.18 -146.77 80.91
N HIS Z 80 73.11 -145.97 80.38
CA HIS Z 80 74.14 -146.54 79.52
C HIS Z 80 75.03 -147.52 80.27
N GLU Z 81 75.15 -147.37 81.59
CA GLU Z 81 75.86 -148.32 82.40
C GLU Z 81 75.00 -149.53 82.78
N LEU Z 82 73.68 -149.40 82.65
CA LEU Z 82 72.79 -150.50 83.01
C LEU Z 82 73.08 -151.80 82.27
N PRO Z 83 73.27 -151.83 80.95
CA PRO Z 83 73.35 -153.12 80.25
C PRO Z 83 74.54 -153.98 80.64
N LYS Z 84 75.45 -153.45 81.45
CA LYS Z 84 76.57 -154.25 81.92
C LYS Z 84 76.11 -155.50 82.66
N TYR Z 85 74.82 -155.57 82.98
CA TYR Z 85 74.18 -156.83 83.32
C TYR Z 85 72.70 -156.70 82.95
N GLY Z 86 72.03 -157.86 82.90
CA GLY Z 86 70.61 -157.90 82.65
C GLY Z 86 70.20 -157.49 81.25
N VAL Z 87 69.37 -156.45 81.15
CA VAL Z 87 68.87 -155.99 79.87
C VAL Z 87 70.01 -155.34 79.08
N LYS Z 88 70.00 -155.51 77.76
CA LYS Z 88 70.99 -154.86 76.91
C LYS Z 88 70.39 -153.92 75.87
N VAL Z 89 69.09 -154.00 75.58
CA VAL Z 89 68.44 -153.13 74.63
C VAL Z 89 67.12 -152.65 75.22
N GLY Z 90 66.76 -151.41 74.93
CA GLY Z 90 65.52 -150.85 75.44
C GLY Z 90 65.76 -149.81 76.50
N LEU Z 91 66.86 -149.08 76.37
CA LEU Z 91 67.24 -148.08 77.35
C LEU Z 91 66.26 -146.91 77.33
N THR Z 92 66.53 -145.93 78.19
CA THR Z 92 65.80 -144.67 78.32
C THR Z 92 64.29 -144.82 78.16
N ASN Z 93 63.74 -145.91 78.69
CA ASN Z 93 62.31 -146.13 78.73
C ASN Z 93 61.87 -146.29 80.18
N TYR Z 94 60.56 -146.49 80.38
CA TYR Z 94 60.04 -146.57 81.74
C TYR Z 94 60.66 -147.72 82.52
N ALA Z 95 60.71 -148.90 81.92
CA ALA Z 95 61.34 -150.04 82.58
C ALA Z 95 62.79 -149.72 82.91
N ALA Z 96 63.48 -149.06 81.98
CA ALA Z 96 64.84 -148.62 82.25
C ALA Z 96 64.88 -147.66 83.43
N ALA Z 97 63.91 -146.75 83.51
CA ALA Z 97 63.88 -145.80 84.61
C ALA Z 97 63.73 -146.50 85.94
N TYR Z 98 62.79 -147.44 86.04
CA TYR Z 98 62.61 -148.16 87.29
C TYR Z 98 63.86 -148.95 87.64
N CYS Z 99 64.43 -149.65 86.66
CA CYS Z 99 65.61 -150.46 86.95
C CYS Z 99 66.77 -149.60 87.41
N THR Z 100 67.01 -148.47 86.75
CA THR Z 100 68.13 -147.64 87.16
C THR Z 100 67.87 -146.96 88.49
N GLY Z 101 66.62 -146.65 88.80
CA GLY Z 101 66.32 -146.13 90.12
C GLY Z 101 66.61 -147.15 91.21
N LEU Z 102 66.21 -148.40 90.98
CA LEU Z 102 66.54 -149.46 91.92
C LEU Z 102 68.04 -149.64 92.02
N LEU Z 103 68.75 -149.53 90.90
CA LEU Z 103 70.19 -149.67 90.90
C LEU Z 103 70.84 -148.59 91.76
N LEU Z 104 70.41 -147.34 91.58
CA LEU Z 104 70.94 -146.26 92.39
C LEU Z 104 70.64 -146.49 93.86
N ALA Z 105 69.41 -146.90 94.16
CA ALA Z 105 69.05 -147.22 95.54
C ALA Z 105 70.02 -148.22 96.14
N ARG Z 106 70.23 -149.33 95.43
CA ARG Z 106 71.04 -150.40 95.98
C ARG Z 106 72.50 -149.97 96.16
N ARG Z 107 73.04 -149.22 95.19
CA ARG Z 107 74.44 -148.86 95.33
C ARG Z 107 74.63 -147.84 96.44
N LEU Z 108 73.65 -146.95 96.63
CA LEU Z 108 73.70 -146.06 97.78
C LEU Z 108 73.67 -146.87 99.07
N LEU Z 109 72.77 -147.85 99.14
CA LEU Z 109 72.64 -148.63 100.36
C LEU Z 109 73.92 -149.38 100.67
N ASN Z 110 74.54 -149.97 99.66
CA ASN Z 110 75.79 -150.67 99.88
C ASN Z 110 76.88 -149.71 100.33
N ARG Z 111 77.07 -148.61 99.59
CA ARG Z 111 78.11 -147.66 99.97
C ARG Z 111 77.81 -146.98 101.29
N PHE Z 112 76.60 -147.15 101.81
CA PHE Z 112 76.28 -146.72 103.15
C PHE Z 112 76.47 -147.83 104.17
N GLY Z 113 76.99 -148.97 103.75
CA GLY Z 113 77.09 -150.11 104.63
C GLY Z 113 75.77 -150.60 105.17
N MET Z 114 74.67 -150.26 104.50
CA MET Z 114 73.34 -150.42 105.06
C MET Z 114 72.49 -151.37 104.23
N ASP Z 115 73.00 -151.86 103.10
CA ASP Z 115 72.18 -152.58 102.14
C ASP Z 115 71.47 -153.78 102.75
N LYS Z 116 72.08 -154.44 103.73
CA LYS Z 116 71.46 -155.64 104.30
C LYS Z 116 70.12 -155.30 104.93
N ILE Z 117 70.07 -154.30 105.80
CA ILE Z 117 68.81 -153.83 106.33
C ILE Z 117 68.13 -152.98 105.28
N TYR Z 118 66.82 -152.78 105.43
CA TYR Z 118 66.01 -152.04 104.47
C TYR Z 118 66.17 -152.61 103.06
N GLU Z 119 65.79 -153.88 102.90
CA GLU Z 119 65.82 -154.45 101.56
C GLU Z 119 64.88 -153.73 100.61
N GLY Z 120 63.87 -153.06 101.13
CA GLY Z 120 62.88 -152.40 100.29
C GLY Z 120 61.80 -153.38 99.85
N GLN Z 121 61.67 -153.58 98.54
CA GLN Z 121 60.77 -154.58 97.98
C GLN Z 121 61.59 -155.52 97.11
N VAL Z 122 61.92 -156.69 97.65
CA VAL Z 122 62.58 -157.70 96.84
C VAL Z 122 61.66 -158.20 95.74
N GLU Z 123 60.36 -158.26 96.03
CA GLU Z 123 59.37 -158.64 95.04
C GLU Z 123 58.80 -157.41 94.37
N VAL Z 124 58.90 -157.35 93.05
CA VAL Z 124 58.49 -156.18 92.28
C VAL Z 124 57.00 -156.25 92.03
N THR Z 125 56.32 -155.13 92.24
CA THR Z 125 54.89 -155.02 92.02
C THR Z 125 54.50 -153.55 91.96
N GLY Z 126 53.31 -153.30 91.44
CA GLY Z 126 52.87 -151.94 91.19
C GLY Z 126 52.14 -151.26 92.33
N ASP Z 127 51.99 -151.90 93.47
CA ASP Z 127 51.22 -151.31 94.55
C ASP Z 127 52.06 -150.25 95.26
N GLU Z 128 51.56 -149.78 96.40
CA GLU Z 128 52.24 -148.75 97.15
C GLU Z 128 53.08 -149.37 98.27
N TYR Z 129 54.33 -148.93 98.36
CA TYR Z 129 55.22 -149.39 99.42
C TYR Z 129 56.10 -148.22 99.83
N ASN Z 130 56.04 -147.83 101.09
CA ASN Z 130 56.87 -146.77 101.65
C ASN Z 130 57.64 -147.33 102.83
N VAL Z 131 58.96 -147.24 102.76
CA VAL Z 131 59.80 -147.92 103.74
C VAL Z 131 59.68 -147.24 105.08
N GLU Z 132 60.01 -147.96 106.14
CA GLU Z 132 59.95 -147.46 107.50
C GLU Z 132 61.27 -147.74 108.21
N SER Z 133 61.64 -146.84 109.10
CA SER Z 133 62.82 -147.08 109.92
C SER Z 133 62.56 -148.19 110.92
N ILE Z 134 63.60 -148.93 111.25
CA ILE Z 134 63.54 -149.99 112.25
C ILE Z 134 64.34 -149.54 113.46
N ASP Z 135 63.74 -149.65 114.64
CA ASP Z 135 64.41 -149.21 115.85
C ASP Z 135 65.67 -150.02 116.11
N GLY Z 136 66.66 -149.37 116.70
CA GLY Z 136 67.94 -149.99 116.94
C GLY Z 136 68.83 -150.06 115.71
N GLN Z 137 68.34 -149.62 114.56
CA GLN Z 137 69.09 -149.56 113.33
C GLN Z 137 69.27 -148.11 112.93
N PRO Z 138 70.28 -147.81 112.12
CA PRO Z 138 70.43 -146.44 111.62
C PRO Z 138 69.17 -146.02 110.88
N GLY Z 139 68.82 -144.74 111.02
CA GLY Z 139 67.56 -144.27 110.49
C GLY Z 139 67.48 -144.49 108.99
N ALA Z 140 66.25 -144.73 108.51
CA ALA Z 140 66.06 -144.94 107.09
C ALA Z 140 66.42 -143.68 106.32
N PHE Z 141 67.16 -143.88 105.23
CA PHE Z 141 67.53 -142.76 104.37
C PHE Z 141 66.29 -142.18 103.73
N THR Z 142 66.20 -140.85 103.72
CA THR Z 142 65.13 -140.15 103.03
C THR Z 142 65.72 -139.10 102.12
N CYS Z 143 65.01 -138.86 101.02
CA CYS Z 143 65.39 -137.81 100.09
C CYS Z 143 64.15 -137.48 99.27
N TYR Z 144 64.24 -136.39 98.52
CA TYR Z 144 63.14 -135.92 97.71
C TYR Z 144 63.53 -135.98 96.24
N LEU Z 145 62.53 -136.02 95.37
CA LEU Z 145 62.79 -136.16 93.95
C LEU Z 145 62.88 -134.80 93.28
N ASP Z 146 64.03 -134.52 92.69
CA ASP Z 146 64.28 -133.26 92.01
C ASP Z 146 63.86 -133.44 90.55
N ALA Z 147 62.58 -133.18 90.28
CA ALA Z 147 62.03 -133.46 88.96
C ALA Z 147 62.72 -132.64 87.88
N GLY Z 148 62.98 -131.37 88.15
CA GLY Z 148 63.55 -130.51 87.14
C GLY Z 148 62.51 -129.98 86.18
N LEU Z 149 62.94 -129.55 84.99
CA LEU Z 149 62.04 -128.94 84.04
C LEU Z 149 61.03 -129.91 83.44
N ALA Z 150 61.21 -131.21 83.63
CA ALA Z 150 60.33 -132.19 82.99
C ALA Z 150 58.90 -132.02 83.49
N ARG Z 151 57.95 -132.09 82.56
CA ARG Z 151 56.53 -131.95 82.88
C ARG Z 151 56.07 -133.15 83.68
N THR Z 152 55.82 -132.93 84.96
CA THR Z 152 55.47 -134.02 85.87
C THR Z 152 54.00 -134.37 85.68
N THR Z 153 53.74 -135.19 84.69
CA THR Z 153 52.40 -135.66 84.38
C THR Z 153 52.28 -137.13 84.74
N THR Z 154 51.10 -137.51 85.22
CA THR Z 154 50.82 -138.90 85.56
C THR Z 154 51.32 -139.81 84.44
N GLY Z 155 52.20 -140.73 84.80
CA GLY Z 155 52.87 -141.53 83.82
C GLY Z 155 54.04 -140.81 83.19
N ASN Z 156 55.00 -140.40 84.01
CA ASN Z 156 56.27 -139.87 83.52
C ASN Z 156 57.40 -140.73 84.07
N LYS Z 157 58.39 -140.96 83.22
CA LYS Z 157 59.44 -141.93 83.57
C LYS Z 157 60.17 -141.56 84.84
N VAL Z 158 60.26 -140.26 85.14
CA VAL Z 158 60.91 -139.83 86.37
C VAL Z 158 60.23 -140.46 87.58
N PHE Z 159 58.89 -140.54 87.55
CA PHE Z 159 58.19 -141.26 88.60
C PHE Z 159 58.54 -142.74 88.57
N GLY Z 160 58.90 -143.27 87.40
CA GLY Z 160 59.41 -144.63 87.36
C GLY Z 160 60.71 -144.78 88.13
N ALA Z 161 61.61 -143.83 87.96
CA ALA Z 161 62.84 -143.85 88.76
C ALA Z 161 62.52 -143.74 90.23
N LEU Z 162 61.51 -142.93 90.57
CA LEU Z 162 61.11 -142.81 91.96
C LEU Z 162 60.63 -144.15 92.51
N LYS Z 163 59.83 -144.87 91.72
CA LYS Z 163 59.38 -146.18 92.17
C LYS Z 163 60.54 -147.14 92.34
N GLY Z 164 61.50 -147.09 91.43
CA GLY Z 164 62.69 -147.89 91.59
C GLY Z 164 63.38 -147.59 92.91
N ALA Z 165 63.48 -146.31 93.26
CA ALA Z 165 64.09 -145.94 94.53
C ALA Z 165 63.29 -146.48 95.70
N VAL Z 166 61.98 -146.24 95.72
CA VAL Z 166 61.19 -146.60 96.88
C VAL Z 166 61.16 -148.11 97.06
N ASP Z 167 61.16 -148.87 95.96
CA ASP Z 167 61.31 -150.31 96.10
C ASP Z 167 62.72 -150.67 96.55
N GLY Z 168 63.69 -149.82 96.23
CA GLY Z 168 65.06 -150.09 96.64
C GLY Z 168 65.30 -149.88 98.12
N GLY Z 169 64.46 -149.11 98.79
CA GLY Z 169 64.66 -148.87 100.19
C GLY Z 169 64.92 -147.43 100.54
N LEU Z 170 64.32 -146.51 99.79
CA LEU Z 170 64.41 -145.09 100.07
C LEU Z 170 63.04 -144.55 100.42
N SER Z 171 62.98 -143.75 101.48
CA SER Z 171 61.73 -143.15 101.95
C SER Z 171 61.59 -141.79 101.30
N ILE Z 172 61.06 -141.78 100.10
CA ILE Z 172 60.78 -140.54 99.37
C ILE Z 172 59.26 -140.30 99.43
N PRO Z 173 58.81 -139.22 100.04
CA PRO Z 173 57.36 -138.97 100.11
C PRO Z 173 56.78 -138.84 98.71
N HIS Z 174 55.60 -139.42 98.53
CA HIS Z 174 54.92 -139.37 97.23
C HIS Z 174 53.51 -139.89 97.40
N SER Z 175 52.57 -139.21 96.75
CA SER Z 175 51.21 -139.70 96.70
C SER Z 175 51.14 -140.80 95.64
N THR Z 176 49.97 -141.43 95.51
CA THR Z 176 49.77 -142.51 94.55
C THR Z 176 49.04 -142.02 93.31
N LYS Z 177 49.36 -140.80 92.87
CA LYS Z 177 48.66 -140.14 91.78
C LYS Z 177 49.35 -140.24 90.43
N ARG Z 178 50.66 -140.03 90.37
CA ARG Z 178 51.37 -139.87 89.11
C ARG Z 178 52.01 -141.17 88.62
N PHE Z 179 51.19 -142.19 88.39
CA PHE Z 179 51.68 -143.47 87.92
C PHE Z 179 50.69 -144.03 86.90
N PRO Z 180 51.16 -144.90 86.01
CA PRO Z 180 50.25 -145.47 85.00
C PRO Z 180 49.05 -146.16 85.62
N GLY Z 181 49.19 -146.77 86.78
CA GLY Z 181 48.08 -147.46 87.39
C GLY Z 181 46.94 -146.57 87.85
N TYR Z 182 47.20 -145.29 88.03
CA TYR Z 182 46.19 -144.37 88.54
C TYR Z 182 45.17 -144.05 87.45
N ASP Z 183 43.91 -143.98 87.84
CA ASP Z 183 42.83 -143.56 86.96
C ASP Z 183 42.42 -142.15 87.36
N SER Z 184 42.35 -141.25 86.39
CA SER Z 184 42.05 -139.86 86.71
C SER Z 184 40.59 -139.68 87.11
N GLU Z 185 39.67 -140.10 86.24
CA GLU Z 185 38.25 -139.88 86.50
C GLU Z 185 37.77 -140.75 87.66
N SER Z 186 38.25 -141.98 87.75
CA SER Z 186 37.86 -142.87 88.84
C SER Z 186 38.68 -142.66 90.10
N LYS Z 187 39.70 -141.80 90.06
CA LYS Z 187 40.55 -141.51 91.22
C LYS Z 187 41.10 -142.78 91.86
N GLU Z 188 41.21 -143.84 91.08
CA GLU Z 188 41.60 -145.16 91.58
C GLU Z 188 42.98 -145.53 91.06
N PHE Z 189 43.66 -146.36 91.82
CA PHE Z 189 44.95 -146.92 91.44
C PHE Z 189 44.74 -148.40 91.13
N ASN Z 190 44.90 -148.77 89.86
CA ASN Z 190 44.73 -150.16 89.48
C ASN Z 190 45.84 -151.03 90.05
N ALA Z 191 47.07 -150.52 90.08
CA ALA Z 191 48.25 -151.16 90.63
C ALA Z 191 48.69 -152.39 89.85
N GLU Z 192 47.95 -152.80 88.83
CA GLU Z 192 48.38 -153.90 87.97
C GLU Z 192 48.88 -153.43 86.62
N VAL Z 193 48.18 -152.48 85.99
CA VAL Z 193 48.76 -151.87 84.81
C VAL Z 193 50.00 -151.10 85.17
N HIS Z 194 50.09 -150.64 86.44
CA HIS Z 194 51.29 -149.94 86.86
C HIS Z 194 52.50 -150.86 86.81
N ARG Z 195 52.38 -152.06 87.39
CA ARG Z 195 53.50 -152.99 87.31
C ARG Z 195 53.73 -153.46 85.89
N LYS Z 196 52.70 -153.47 85.06
CA LYS Z 196 52.89 -153.79 83.65
C LYS Z 196 53.83 -152.78 83.00
N HIS Z 197 53.56 -151.48 83.20
CA HIS Z 197 54.48 -150.47 82.68
C HIS Z 197 55.84 -150.55 83.34
N ILE Z 198 55.88 -150.85 84.64
CA ILE Z 198 57.14 -150.93 85.35
C ILE Z 198 58.02 -152.00 84.74
N MET Z 199 57.45 -153.17 84.44
CA MET Z 199 58.25 -154.26 83.94
C MET Z 199 58.39 -154.23 82.43
N GLY Z 200 57.37 -153.76 81.72
CA GLY Z 200 57.55 -153.58 80.29
C GLY Z 200 56.48 -154.23 79.45
N GLN Z 201 55.44 -154.77 80.10
CA GLN Z 201 54.33 -155.30 79.33
C GLN Z 201 53.76 -154.25 78.40
N ASN Z 202 53.93 -152.97 78.74
CA ASN Z 202 53.43 -151.88 77.92
C ASN Z 202 54.12 -151.80 76.57
N VAL Z 203 55.39 -152.16 76.47
CA VAL Z 203 56.05 -152.15 75.17
C VAL Z 203 56.01 -153.56 74.61
N ALA Z 204 55.91 -154.55 75.50
CA ALA Z 204 55.84 -155.93 75.06
C ALA Z 204 54.60 -156.19 74.22
N ASP Z 205 53.43 -155.76 74.68
CA ASP Z 205 52.22 -155.99 73.93
C ASP Z 205 52.25 -155.21 72.63
N TYR Z 206 52.78 -153.98 72.66
CA TYR Z 206 52.85 -153.17 71.46
C TYR Z 206 53.73 -153.83 70.40
N MET Z 207 54.90 -154.31 70.81
CA MET Z 207 55.82 -154.87 69.84
C MET Z 207 55.38 -156.26 69.39
N ARG Z 208 54.61 -156.98 70.22
CA ARG Z 208 54.03 -158.24 69.76
C ARG Z 208 52.86 -158.02 68.83
N TYR Z 209 52.05 -157.00 69.09
CA TYR Z 209 50.99 -156.59 68.17
C TYR Z 209 51.55 -156.17 66.84
N LEU Z 210 52.70 -155.48 66.85
CA LEU Z 210 53.26 -154.93 65.63
C LEU Z 210 53.66 -156.02 64.64
N MET Z 211 53.79 -157.27 65.10
CA MET Z 211 54.07 -158.36 64.16
C MET Z 211 52.99 -158.47 63.10
N GLU Z 212 51.76 -158.79 63.52
CA GLU Z 212 50.73 -159.15 62.55
C GLU Z 212 50.27 -157.97 61.73
N GLU Z 213 50.63 -156.75 62.11
CA GLU Z 213 50.28 -155.59 61.30
C GLU Z 213 51.33 -155.31 60.23
N ASP Z 214 52.61 -155.47 60.56
CA ASP Z 214 53.66 -155.08 59.64
C ASP Z 214 54.94 -155.81 60.00
N GLU Z 215 55.89 -155.81 59.06
CA GLU Z 215 57.21 -156.36 59.31
C GLU Z 215 58.32 -155.34 59.06
N ASP Z 216 58.21 -154.52 58.00
CA ASP Z 216 59.28 -153.55 57.74
C ASP Z 216 59.16 -152.33 58.64
N ALA Z 217 57.94 -151.86 58.92
CA ALA Z 217 57.78 -150.88 59.99
C ALA Z 217 58.23 -151.46 61.31
N TYR Z 218 57.93 -152.74 61.53
CA TYR Z 218 58.51 -153.46 62.66
C TYR Z 218 60.02 -153.31 62.66
N LYS Z 219 60.65 -153.56 61.51
CA LYS Z 219 62.11 -153.49 61.45
C LYS Z 219 62.60 -152.09 61.79
N LYS Z 220 61.98 -151.06 61.20
CA LYS Z 220 62.46 -149.70 61.41
C LYS Z 220 62.18 -149.23 62.82
N GLN Z 221 61.24 -149.85 63.51
CA GLN Z 221 60.95 -149.44 64.89
C GLN Z 221 61.94 -150.04 65.86
N PHE Z 222 61.91 -151.36 66.03
CA PHE Z 222 62.76 -152.03 67.00
C PHE Z 222 63.96 -152.70 66.31
N SER Z 223 64.77 -151.90 65.63
CA SER Z 223 65.87 -152.47 64.85
C SER Z 223 66.89 -153.15 65.75
N GLN Z 224 67.21 -152.53 66.90
CA GLN Z 224 68.12 -153.18 67.83
C GLN Z 224 67.45 -154.26 68.66
N TYR Z 225 66.12 -154.37 68.62
CA TYR Z 225 65.48 -155.55 69.15
C TYR Z 225 65.64 -156.75 68.23
N ILE Z 226 65.61 -156.51 66.92
CA ILE Z 226 65.85 -157.60 65.97
C ILE Z 226 67.22 -158.22 66.23
N LYS Z 227 68.25 -157.39 66.32
CA LYS Z 227 69.52 -157.91 66.78
C LYS Z 227 69.44 -158.16 68.28
N ASN Z 228 70.28 -159.08 68.75
CA ASN Z 228 70.17 -159.69 70.07
C ASN Z 228 68.94 -160.60 70.10
N SER Z 229 68.18 -160.62 69.00
CA SER Z 229 66.97 -161.44 68.86
C SER Z 229 66.08 -161.32 70.09
N VAL Z 230 65.67 -160.09 70.37
CA VAL Z 230 64.92 -159.79 71.59
C VAL Z 230 63.45 -160.08 71.36
N THR Z 231 63.02 -161.28 71.74
CA THR Z 231 61.66 -161.70 71.48
C THR Z 231 60.66 -160.94 72.36
N PRO Z 232 59.40 -160.86 71.94
CA PRO Z 232 58.38 -160.27 72.81
C PRO Z 232 58.25 -160.99 74.13
N ASP Z 233 58.44 -162.31 74.12
CA ASP Z 233 58.55 -163.06 75.36
C ASP Z 233 60.02 -163.11 75.73
N MET Z 234 60.35 -163.87 76.78
CA MET Z 234 61.73 -163.92 77.29
C MET Z 234 62.17 -162.51 77.62
N MET Z 235 61.20 -161.63 77.85
CA MET Z 235 61.46 -160.27 78.28
C MET Z 235 61.00 -160.03 79.71
N GLU Z 236 60.51 -161.07 80.37
CA GLU Z 236 60.22 -160.95 81.80
C GLU Z 236 61.40 -161.44 82.63
N GLU Z 237 61.86 -162.66 82.35
CA GLU Z 237 62.93 -163.25 83.13
C GLU Z 237 64.22 -162.44 83.06
N MET Z 238 64.53 -161.81 81.92
CA MET Z 238 65.79 -161.06 81.88
C MET Z 238 65.68 -159.80 82.73
N TYR Z 239 64.47 -159.22 82.82
CA TYR Z 239 64.28 -158.10 83.75
C TYR Z 239 64.38 -158.57 85.19
N LYS Z 240 63.85 -159.76 85.46
CA LYS Z 240 63.99 -160.34 86.79
C LYS Z 240 65.45 -160.54 87.14
N LYS Z 241 66.23 -161.11 86.23
CA LYS Z 241 67.65 -161.32 86.50
C LYS Z 241 68.39 -160.00 86.60
N ALA Z 242 67.94 -158.98 85.86
CA ALA Z 242 68.53 -157.65 86.03
C ALA Z 242 68.32 -157.16 87.45
N HIS Z 243 67.11 -157.32 87.97
CA HIS Z 243 66.85 -156.92 89.36
C HIS Z 243 67.67 -157.76 90.33
N ALA Z 244 67.79 -159.06 90.05
CA ALA Z 244 68.59 -159.91 90.92
C ALA Z 244 70.04 -159.46 90.97
N ALA Z 245 70.62 -159.16 89.80
CA ALA Z 245 71.99 -158.68 89.77
C ALA Z 245 72.12 -157.32 90.44
N ILE Z 246 71.09 -156.47 90.31
CA ILE Z 246 71.08 -155.21 91.05
C ILE Z 246 71.17 -155.48 92.54
N ARG Z 247 70.43 -156.47 93.02
CA ARG Z 247 70.53 -156.84 94.43
C ARG Z 247 71.91 -157.37 94.77
N GLU Z 248 72.49 -158.18 93.88
CA GLU Z 248 73.74 -158.86 94.21
C GLU Z 248 74.90 -157.89 94.37
N ASN Z 249 75.11 -157.02 93.37
CA ASN Z 249 76.26 -156.11 93.39
C ASN Z 249 75.92 -154.88 92.59
N PRO Z 250 75.61 -153.77 93.26
CA PRO Z 250 75.36 -152.50 92.57
C PRO Z 250 76.57 -151.59 92.49
N VAL Z 251 77.72 -152.02 93.00
CA VAL Z 251 78.91 -151.18 93.01
C VAL Z 251 79.34 -150.89 91.57
N TYR Z 252 79.88 -149.70 91.34
CA TYR Z 252 80.33 -149.29 90.02
C TYR Z 252 81.81 -148.95 90.04
N GLU Z 253 82.49 -149.35 88.97
CA GLU Z 253 83.92 -149.10 88.82
C GLU Z 253 84.18 -148.58 87.42
N LYS Z 254 85.23 -147.77 87.30
CA LYS Z 254 85.60 -147.19 86.02
C LYS Z 254 86.49 -148.16 85.25
N LYS Z 255 87.00 -147.68 84.11
CA LYS Z 255 87.95 -148.45 83.32
C LYS Z 255 89.27 -147.69 83.24
N PRO Z 256 90.36 -148.25 83.79
CA PRO Z 256 91.66 -147.56 83.72
C PRO Z 256 92.11 -147.31 82.29
N LYS Z 257 92.21 -146.04 81.90
CA LYS Z 257 92.55 -145.63 80.53
C LYS Z 257 93.33 -144.31 80.65
N LYS Z 258 94.65 -144.42 80.70
CA LYS Z 258 95.52 -143.25 80.84
C LYS Z 258 96.33 -142.98 79.58
N GLU Z 259 96.34 -143.92 78.64
CA GLU Z 259 97.15 -143.78 77.43
C GLU Z 259 96.49 -142.76 76.51
N VAL Z 260 96.74 -141.49 76.84
CA VAL Z 260 96.30 -140.37 76.03
C VAL Z 260 97.43 -139.36 75.97
N LYS Z 261 97.45 -138.60 74.88
CA LYS Z 261 98.41 -137.52 74.70
C LYS Z 261 97.69 -136.18 74.82
N LYS Z 262 98.44 -135.11 74.64
CA LYS Z 262 97.90 -133.76 74.79
C LYS Z 262 97.53 -133.14 73.45
N LYS Z 263 97.01 -133.96 72.54
CA LYS Z 263 96.61 -133.49 71.22
C LYS Z 263 95.40 -132.58 71.38
N ARG Z 264 95.64 -131.28 71.34
CA ARG Z 264 94.56 -130.31 71.49
C ARG Z 264 93.66 -130.36 70.27
N TRP Z 265 92.37 -130.58 70.50
CA TRP Z 265 91.39 -130.65 69.42
C TRP Z 265 90.85 -129.28 69.01
N ASN Z 266 91.08 -128.25 69.82
CA ASN Z 266 90.58 -126.90 69.55
C ASN Z 266 91.74 -126.02 69.12
N ARG Z 267 91.45 -124.73 68.96
CA ARG Z 267 92.51 -123.78 68.73
C ARG Z 267 92.49 -122.74 69.84
N PRO Z 268 93.64 -122.27 70.30
CA PRO Z 268 93.67 -121.33 71.41
C PRO Z 268 93.40 -119.91 70.95
N LYS Z 269 93.14 -119.04 71.92
CA LYS Z 269 92.97 -117.63 71.64
C LYS Z 269 94.30 -117.01 71.24
N MET Z 270 94.37 -116.46 70.03
CA MET Z 270 95.60 -115.76 69.67
C MET Z 270 95.88 -114.58 70.57
N SER Z 271 97.17 -114.34 70.76
CA SER Z 271 97.61 -113.26 71.60
C SER Z 271 97.48 -111.92 70.88
N LEU Z 272 97.70 -110.85 71.65
CA LEU Z 272 97.57 -109.50 71.11
C LEU Z 272 98.45 -109.30 69.89
N ALA Z 273 99.65 -109.88 69.90
CA ALA Z 273 100.54 -109.74 68.76
C ALA Z 273 99.90 -110.27 67.49
N GLN Z 274 99.18 -111.39 67.59
CA GLN Z 274 98.56 -111.96 66.40
C GLN Z 274 97.46 -111.05 65.86
N LYS Z 275 96.65 -110.48 66.74
CA LYS Z 275 95.61 -109.56 66.28
C LYS Z 275 96.23 -108.33 65.62
N LYS Z 276 97.29 -107.80 66.21
CA LYS Z 276 97.95 -106.63 65.62
C LYS Z 276 98.56 -106.95 64.27
N ASP Z 277 99.23 -108.09 64.16
CA ASP Z 277 99.79 -108.50 62.87
C ASP Z 277 98.67 -108.68 61.84
N ARG Z 278 97.58 -109.33 62.24
CA ARG Z 278 96.48 -109.56 61.33
C ARG Z 278 95.92 -108.24 60.81
N VAL Z 279 95.65 -107.30 61.72
CA VAL Z 279 95.07 -106.04 61.28
C VAL Z 279 96.05 -105.25 60.43
N ALA Z 280 97.34 -105.29 60.77
CA ALA Z 280 98.31 -104.53 60.00
C ALA Z 280 98.49 -105.09 58.61
N GLN Z 281 98.54 -106.42 58.48
CA GLN Z 281 98.70 -107.00 57.15
C GLN Z 281 97.42 -106.89 56.35
N LYS Z 282 96.26 -106.89 57.01
CA LYS Z 282 95.04 -106.54 56.31
C LYS Z 282 95.13 -105.12 55.78
N LYS Z 283 95.71 -104.23 56.58
CA LYS Z 283 95.91 -102.85 56.13
C LYS Z 283 96.77 -102.82 54.88
N ALA Z 284 97.88 -103.53 54.92
CA ALA Z 284 98.79 -103.55 53.79
C ALA Z 284 98.10 -104.11 52.55
N SER Z 285 97.37 -105.22 52.71
CA SER Z 285 96.70 -105.82 51.57
C SER Z 285 95.65 -104.89 50.98
N PHE Z 286 94.86 -104.24 51.83
CA PHE Z 286 93.87 -103.31 51.30
C PHE Z 286 94.56 -102.16 50.57
N LEU Z 287 95.50 -101.47 51.22
CA LEU Z 287 96.13 -100.34 50.56
C LEU Z 287 96.82 -100.75 49.27
N ARG Z 288 97.40 -101.95 49.24
CA ARG Z 288 98.03 -102.45 48.02
C ARG Z 288 97.00 -102.66 46.92
N ALA Z 289 95.88 -103.30 47.24
CA ALA Z 289 94.84 -103.50 46.24
C ALA Z 289 94.35 -102.16 45.69
N GLN Z 290 94.28 -101.15 46.54
CA GLN Z 290 93.82 -99.85 46.05
C GLN Z 290 94.87 -99.16 45.18
N GLU Z 291 96.13 -99.20 45.58
CA GLU Z 291 97.15 -98.56 44.77
C GLU Z 291 97.40 -99.31 43.48
N ARG Z 292 96.95 -100.57 43.40
CA ARG Z 292 97.05 -101.30 42.13
C ARG Z 292 96.17 -100.64 41.07
N ALA Z 293 94.94 -100.31 41.41
CA ALA Z 293 93.98 -99.70 40.50
C ALA Z 293 93.75 -100.55 39.26
N PRO AA 1 147.52 -79.03 160.17
CA PRO AA 1 146.63 -77.91 159.87
C PRO AA 1 146.94 -77.26 158.52
N HIS AA 2 146.80 -78.01 157.44
CA HIS AA 2 147.12 -77.49 156.12
C HIS AA 2 145.95 -76.73 155.52
N CYS AA 3 146.23 -76.00 154.44
CA CYS AA 3 145.19 -75.34 153.69
C CYS AA 3 144.32 -76.36 152.96
N SER AA 4 143.30 -75.87 152.28
CA SER AA 4 142.27 -76.75 151.72
C SER AA 4 142.76 -77.64 150.60
N ARG AA 5 143.93 -77.37 150.02
CA ARG AA 5 144.48 -78.17 148.93
C ARG AA 5 143.52 -78.25 147.74
N ASN AA 6 142.60 -77.31 147.63
CA ASN AA 6 141.63 -77.37 146.55
C ASN AA 6 141.16 -75.96 146.23
N PRO AA 7 141.70 -75.34 145.17
CA PRO AA 7 141.37 -73.94 144.89
C PRO AA 7 139.95 -73.82 144.38
N VAL AA 8 139.17 -72.94 145.01
CA VAL AA 8 137.81 -72.68 144.55
C VAL AA 8 137.90 -71.85 143.27
N LEU AA 9 137.48 -72.44 142.15
CA LEU AA 9 137.49 -71.70 140.90
C LEU AA 9 136.17 -70.99 140.68
N VAL AA 10 135.07 -71.56 141.17
CA VAL AA 10 133.79 -70.88 141.29
C VAL AA 10 133.11 -71.44 142.53
N ARG AA 11 132.47 -70.57 143.31
CA ARG AA 11 131.96 -70.97 144.61
C ARG AA 11 131.08 -72.20 144.49
N GLY AA 12 131.32 -73.17 145.37
CA GLY AA 12 130.61 -74.42 145.36
C GLY AA 12 131.21 -75.50 144.49
N ILE AA 13 132.25 -75.19 143.72
CA ILE AA 13 132.88 -76.16 142.83
C ILE AA 13 134.36 -76.23 143.14
N GLY AA 14 134.88 -77.45 143.30
CA GLY AA 14 136.29 -77.64 143.53
C GLY AA 14 137.06 -77.88 142.25
N ARG AA 15 138.32 -77.41 142.24
CA ARG AA 15 139.12 -77.47 141.03
C ARG AA 15 139.45 -78.91 140.64
N TYR AA 16 139.36 -79.83 141.58
CA TYR AA 16 139.62 -81.24 141.32
C TYR AA 16 138.46 -82.09 141.79
N SER AA 17 138.32 -83.26 141.18
CA SER AA 17 137.23 -84.17 141.50
C SER AA 17 137.62 -85.04 142.70
N ARG AA 18 136.71 -85.97 143.05
CA ARG AA 18 136.91 -86.76 144.26
C ARG AA 18 138.15 -87.65 144.16
N SER AA 19 138.37 -88.27 143.00
CA SER AA 19 139.55 -89.12 142.85
C SER AA 19 140.84 -88.31 142.93
N ALA AA 20 140.87 -87.15 142.28
CA ALA AA 20 142.06 -86.30 142.37
C ALA AA 20 142.28 -85.83 143.79
N MET AA 21 141.20 -85.51 144.49
CA MET AA 21 141.32 -85.10 145.89
C MET AA 21 141.87 -86.23 146.73
N TYR AA 22 141.37 -87.44 146.51
CA TYR AA 22 141.90 -88.63 147.17
C TYR AA 22 143.40 -88.75 146.94
N SER AA 23 143.82 -88.59 145.69
CA SER AA 23 145.24 -88.70 145.38
C SER AA 23 146.05 -87.61 146.06
N ARG AA 24 145.53 -86.38 146.09
CA ARG AA 24 146.32 -85.25 146.56
C ARG AA 24 146.44 -85.24 148.08
N LYS AA 25 145.38 -85.63 148.78
CA LYS AA 25 145.45 -85.68 150.24
C LYS AA 25 145.91 -87.03 150.76
N ALA AA 26 145.97 -88.05 149.91
CA ALA AA 26 146.55 -89.35 150.26
C ALA AA 26 145.77 -90.04 151.37
N MET AA 27 144.48 -90.25 151.13
CA MET AA 27 143.72 -91.20 151.94
C MET AA 27 143.86 -92.63 151.43
N TYR AA 28 144.80 -92.87 150.51
CA TYR AA 28 145.13 -94.23 150.15
C TYR AA 28 145.96 -94.92 151.23
N LYS AA 29 146.56 -94.16 152.14
CA LYS AA 29 147.44 -94.72 153.16
C LYS AA 29 146.99 -94.45 154.58
N ARG AA 30 146.34 -93.32 154.84
CA ARG AA 30 145.85 -93.06 156.20
C ARG AA 30 144.39 -93.45 156.35
N LYS AA 31 144.15 -94.76 156.34
CA LYS AA 31 142.81 -95.33 156.45
C LYS AA 31 142.66 -95.94 157.84
N TYR AA 32 141.78 -95.37 158.66
CA TYR AA 32 141.70 -95.74 160.06
C TYR AA 32 140.45 -96.58 160.30
N SER AA 33 140.62 -97.71 161.00
CA SER AA 33 139.54 -98.66 161.16
C SER AA 33 138.59 -98.29 162.28
N ALA AA 34 139.08 -98.26 163.52
CA ALA AA 34 138.23 -98.04 164.68
C ALA AA 34 139.02 -97.27 165.72
N ALA AA 35 138.44 -97.13 166.91
CA ALA AA 35 139.08 -96.41 168.01
C ALA AA 35 139.83 -97.37 168.92
N VAL AA 47 129.15 -80.14 182.79
CA VAL AA 47 130.00 -80.43 183.93
C VAL AA 47 130.51 -79.14 184.57
N LEU AA 48 130.29 -79.00 185.87
CA LEU AA 48 129.54 -79.94 186.69
C LEU AA 48 128.29 -79.27 187.22
N ALA AA 49 127.17 -80.01 187.19
CA ALA AA 49 125.90 -79.45 187.63
C ALA AA 49 125.90 -79.09 189.11
N THR AA 50 126.58 -79.88 189.95
CA THR AA 50 126.50 -79.74 191.40
C THR AA 50 127.90 -79.54 191.97
N VAL AA 51 128.08 -78.42 192.68
CA VAL AA 51 129.30 -78.18 193.42
C VAL AA 51 129.05 -78.46 194.89
N THR AA 52 129.99 -79.16 195.52
CA THR AA 52 129.83 -79.61 196.90
C THR AA 52 130.51 -78.62 197.83
N LYS AA 53 129.72 -77.70 198.38
CA LYS AA 53 130.18 -76.70 199.32
C LYS AA 53 130.49 -77.35 200.66
N PRO AA 54 131.37 -76.77 201.47
CA PRO AA 54 131.69 -77.36 202.77
C PRO AA 54 130.52 -77.33 203.75
N VAL AA 55 130.75 -77.85 204.95
CA VAL AA 55 129.67 -78.03 205.91
C VAL AA 55 129.17 -76.69 206.44
N GLY AA 56 130.05 -75.94 207.10
CA GLY AA 56 129.62 -74.76 207.81
C GLY AA 56 128.76 -75.11 209.01
N GLY AA 57 129.31 -75.89 209.94
CA GLY AA 57 128.56 -76.36 211.08
C GLY AA 57 128.54 -75.39 212.24
N ASP AA 58 128.79 -75.89 213.45
CA ASP AA 58 129.07 -77.29 213.74
C ASP AA 58 127.73 -77.98 214.02
N LYS AA 59 127.75 -79.30 214.17
CA LYS AA 59 126.58 -80.15 214.31
C LYS AA 59 125.60 -79.99 213.15
N ASN AA 60 126.06 -79.37 212.06
CA ASN AA 60 125.38 -79.37 210.77
C ASN AA 60 126.11 -80.32 209.82
N GLY AA 61 126.55 -81.46 210.35
CA GLY AA 61 127.42 -82.34 209.60
C GLY AA 61 126.79 -82.78 208.29
N GLY AA 62 127.64 -82.89 207.27
CA GLY AA 62 127.19 -83.17 205.93
C GLY AA 62 127.39 -81.98 205.02
N THR AA 63 128.44 -82.03 204.21
CA THR AA 63 128.72 -80.94 203.29
C THR AA 63 127.54 -80.72 202.35
N ARG AA 64 127.23 -79.45 202.09
CA ARG AA 64 126.11 -79.10 201.24
C ARG AA 64 126.53 -79.22 199.78
N VAL AA 65 125.90 -80.15 199.06
CA VAL AA 65 126.07 -80.24 197.62
C VAL AA 65 125.17 -79.17 197.01
N VAL AA 66 125.74 -78.02 196.72
CA VAL AA 66 124.98 -76.93 196.11
C VAL AA 66 124.92 -77.13 194.62
N LYS AA 67 123.73 -77.31 194.09
CA LYS AA 67 123.54 -77.46 192.67
C LYS AA 67 123.35 -76.11 192.02
N LEU AA 68 124.01 -75.91 190.88
CA LEU AA 68 123.83 -74.68 190.12
C LEU AA 68 122.63 -74.82 189.20
N ARG AA 69 122.48 -73.84 188.30
CA ARG AA 69 121.40 -73.80 187.31
C ARG AA 69 120.05 -74.13 187.96
N LYS AA 70 119.72 -73.35 188.98
CA LYS AA 70 118.56 -73.63 189.81
C LYS AA 70 117.28 -73.69 188.99
N MET AA 71 116.37 -74.54 189.41
CA MET AA 71 115.06 -74.61 188.77
C MET AA 71 114.32 -73.29 188.93
N PRO AA 72 113.68 -72.78 187.88
CA PRO AA 72 112.98 -71.50 187.99
C PRO AA 72 111.87 -71.57 189.01
N ARG AA 73 111.69 -70.48 189.75
CA ARG AA 73 110.62 -70.41 190.75
C ARG AA 73 109.29 -70.00 190.16
N TYR AA 74 109.27 -69.55 188.90
CA TYR AA 74 108.03 -69.18 188.25
C TYR AA 74 108.07 -69.62 186.80
N TYR AA 75 106.92 -70.05 186.30
CA TYR AA 75 106.76 -70.39 184.90
C TYR AA 75 105.63 -69.58 184.30
N PRO AA 76 105.85 -68.92 183.17
CA PRO AA 76 104.75 -68.21 182.52
C PRO AA 76 103.66 -69.17 182.12
N THR AA 77 102.48 -68.62 182.03
CA THR AA 77 101.30 -69.42 181.83
C THR AA 77 101.28 -70.08 180.46
N GLU AA 78 101.87 -69.42 179.46
CA GLU AA 78 102.05 -70.01 178.15
C GLU AA 78 103.47 -69.70 177.67
N ASP AA 79 103.76 -70.14 176.47
CA ASP AA 79 105.09 -69.98 175.88
C ASP AA 79 104.95 -69.96 174.36
N VAL AA 80 106.08 -69.91 173.69
CA VAL AA 80 106.12 -70.03 172.23
C VAL AA 80 106.97 -71.24 171.87
N PRO AA 81 106.54 -72.07 170.93
CA PRO AA 81 107.39 -73.18 170.49
C PRO AA 81 108.61 -72.64 169.79
N ARG AA 82 109.71 -73.37 169.88
CA ARG AA 82 110.95 -72.90 169.30
C ARG AA 82 110.87 -72.89 167.78
N LYS AA 83 111.63 -71.99 167.18
CA LYS AA 83 111.61 -71.85 165.73
C LYS AA 83 112.27 -73.05 165.06
N LEU AA 84 112.01 -73.20 163.77
CA LEU AA 84 112.73 -74.21 163.01
C LEU AA 84 114.15 -73.73 162.72
N LEU AA 85 114.96 -74.62 162.18
CA LEU AA 85 116.35 -74.30 161.90
C LEU AA 85 116.51 -73.74 160.49
N SER AA 86 117.35 -72.73 160.34
CA SER AA 86 117.36 -71.91 159.13
C SER AA 86 118.54 -72.18 158.21
N HIS AA 87 119.64 -72.74 158.72
CA HIS AA 87 120.79 -73.14 157.91
C HIS AA 87 121.45 -71.97 157.18
N GLY AA 88 120.95 -70.76 157.40
CA GLY AA 88 121.54 -69.61 156.76
C GLY AA 88 121.27 -68.37 157.59
N LYS AA 89 121.35 -67.20 156.97
CA LYS AA 89 121.00 -65.95 157.62
C LYS AA 89 121.86 -65.71 158.87
N LYS AA 90 123.16 -65.61 158.63
CA LYS AA 90 124.10 -65.34 159.70
C LYS AA 90 123.91 -63.91 160.21
N PRO AA 91 124.34 -63.62 161.43
CA PRO AA 91 124.20 -62.26 161.96
C PRO AA 91 125.05 -61.26 161.19
N PHE AA 92 124.67 -59.99 161.33
CA PHE AA 92 125.30 -58.93 160.56
C PHE AA 92 126.79 -58.81 160.88
N SER AA 93 127.22 -59.37 162.01
CA SER AA 93 128.61 -59.23 162.40
C SER AA 93 129.54 -59.88 161.39
N GLN AA 94 129.15 -61.03 160.84
CA GLN AA 94 130.00 -61.78 159.91
C GLN AA 94 129.42 -61.84 158.50
N HIS AA 95 128.53 -60.90 158.16
CA HIS AA 95 128.19 -60.71 156.77
C HIS AA 95 129.44 -60.35 155.98
N VAL AA 96 129.61 -60.97 154.82
CA VAL AA 96 130.72 -60.62 153.95
C VAL AA 96 130.45 -59.24 153.38
N ARG AA 97 131.51 -58.47 153.17
CA ARG AA 97 131.38 -57.07 152.81
C ARG AA 97 131.72 -56.89 151.33
N LYS AA 98 130.75 -56.39 150.57
CA LYS AA 98 130.91 -56.14 149.15
C LYS AA 98 131.25 -54.68 148.94
N LEU AA 99 132.14 -54.40 147.99
CA LEU AA 99 132.55 -53.05 147.65
C LEU AA 99 132.21 -52.78 146.20
N ARG AA 100 131.60 -51.63 145.95
CA ARG AA 100 131.30 -51.24 144.58
C ARG AA 100 132.60 -51.05 143.80
N ALA AA 101 132.61 -51.54 142.56
CA ALA AA 101 133.85 -51.58 141.79
C ALA AA 101 134.41 -50.18 141.54
N SER AA 102 133.54 -49.16 141.52
CA SER AA 102 133.99 -47.81 141.20
C SER AA 102 134.73 -47.15 142.35
N ILE AA 103 134.84 -47.81 143.50
CA ILE AA 103 135.36 -47.19 144.71
C ILE AA 103 136.74 -47.76 145.00
N THR AA 104 137.76 -46.91 144.98
CA THR AA 104 139.15 -47.29 145.24
C THR AA 104 139.81 -46.26 146.16
N PRO AA 105 140.66 -46.72 147.11
CA PRO AA 105 141.20 -45.79 148.11
C PRO AA 105 141.82 -44.52 147.53
N GLY AA 106 141.20 -43.39 147.81
CA GLY AA 106 141.70 -42.11 147.35
C GLY AA 106 140.87 -41.42 146.29
N THR AA 107 139.66 -41.90 145.99
CA THR AA 107 138.81 -41.16 145.07
C THR AA 107 138.09 -40.04 145.81
N ILE AA 108 137.48 -39.15 145.04
CA ILE AA 108 136.66 -38.08 145.58
C ILE AA 108 135.21 -38.53 145.56
N LEU AA 109 134.54 -38.39 146.69
CA LEU AA 109 133.15 -38.80 146.81
C LEU AA 109 132.29 -37.58 147.03
N ILE AA 110 130.97 -37.77 146.98
CA ILE AA 110 130.03 -36.70 147.23
C ILE AA 110 128.94 -37.20 148.16
N ILE AA 111 128.70 -36.45 149.23
CA ILE AA 111 127.74 -36.84 150.26
C ILE AA 111 126.34 -36.49 149.80
N LEU AA 112 125.38 -37.35 150.14
CA LEU AA 112 124.03 -37.19 149.63
C LEU AA 112 122.94 -37.11 150.70
N THR AA 113 123.17 -37.58 151.91
CA THR AA 113 122.10 -37.56 152.91
C THR AA 113 122.45 -36.76 154.15
N GLY AA 114 123.63 -36.97 154.73
CA GLY AA 114 123.99 -36.35 155.99
C GLY AA 114 124.08 -34.85 155.88
N ARG AA 115 124.27 -34.21 157.04
CA ARG AA 115 124.20 -32.75 157.10
C ARG AA 115 125.24 -32.08 156.21
N HIS AA 116 126.10 -32.88 155.56
CA HIS AA 116 127.06 -32.37 154.59
C HIS AA 116 126.64 -32.65 153.15
N ARG AA 117 125.35 -32.49 152.83
CA ARG AA 117 124.88 -32.82 151.49
C ARG AA 117 125.67 -32.06 150.43
N GLY AA 118 126.19 -32.78 149.46
CA GLY AA 118 126.85 -32.19 148.32
C GLY AA 118 128.33 -31.93 148.49
N LYS AA 119 128.88 -32.14 149.68
CA LYS AA 119 130.30 -31.95 149.89
C LYS AA 119 131.10 -33.00 149.12
N ARG AA 120 132.34 -32.67 148.81
CA ARG AA 120 133.26 -33.61 148.18
C ARG AA 120 134.34 -33.97 149.19
N VAL AA 121 134.48 -35.26 149.49
CA VAL AA 121 135.42 -35.75 150.48
C VAL AA 121 136.36 -36.75 149.80
N VAL AA 122 137.44 -37.09 150.51
CA VAL AA 122 138.39 -38.09 150.07
C VAL AA 122 138.13 -39.35 150.87
N PHE AA 123 138.47 -40.49 150.28
CA PHE AA 123 138.00 -41.78 150.76
C PHE AA 123 139.19 -42.65 151.18
N LEU AA 124 139.30 -42.90 152.48
CA LEU AA 124 140.34 -43.74 153.05
C LEU AA 124 139.82 -45.19 153.12
N LYS AA 125 140.50 -46.05 153.87
CA LYS AA 125 140.12 -47.45 153.93
C LYS AA 125 138.65 -47.64 154.27
N GLN AA 126 138.10 -48.79 153.90
CA GLN AA 126 136.74 -49.15 154.22
C GLN AA 126 136.67 -49.90 155.53
N LEU AA 127 135.72 -49.52 156.39
CA LEU AA 127 135.62 -50.10 157.71
C LEU AA 127 135.19 -51.56 157.64
N ALA AA 128 135.47 -52.28 158.72
CA ALA AA 128 135.15 -53.70 158.78
C ALA AA 128 133.65 -53.93 158.73
N SER AA 129 132.86 -53.03 159.29
CA SER AA 129 131.41 -53.19 159.28
C SER AA 129 130.80 -52.98 157.90
N GLY AA 130 131.58 -52.53 156.92
CA GLY AA 130 131.07 -52.16 155.63
C GLY AA 130 130.85 -50.68 155.44
N LEU AA 131 130.76 -49.93 156.53
CA LEU AA 131 130.67 -48.48 156.43
C LEU AA 131 131.94 -47.92 155.82
N LEU AA 132 131.85 -46.71 155.30
CA LEU AA 132 132.98 -46.10 154.61
C LEU AA 132 133.63 -45.05 155.52
N LEU AA 133 134.88 -45.29 155.89
CA LEU AA 133 135.62 -44.36 156.72
C LEU AA 133 136.22 -43.31 155.81
N VAL AA 134 135.61 -42.13 155.78
CA VAL AA 134 136.04 -41.06 154.89
C VAL AA 134 136.30 -39.83 155.73
N THR AA 135 137.02 -38.89 155.13
CA THR AA 135 137.29 -37.62 155.76
C THR AA 135 137.59 -36.62 154.66
N GLY AA 136 137.72 -35.37 155.05
CA GLY AA 136 138.20 -34.35 154.16
C GLY AA 136 139.25 -33.52 154.85
N PRO AA 137 139.73 -32.51 154.17
CA PRO AA 137 140.52 -31.49 154.86
C PRO AA 137 139.61 -30.61 155.68
N LEU AA 138 139.33 -31.01 156.93
CA LEU AA 138 138.50 -30.24 157.86
C LEU AA 138 138.79 -28.75 157.71
N VAL AA 139 140.08 -28.40 157.62
CA VAL AA 139 140.48 -27.02 157.39
C VAL AA 139 139.89 -26.48 156.10
N LEU AA 140 139.65 -27.33 155.12
CA LEU AA 140 139.12 -26.91 153.84
C LEU AA 140 137.61 -27.01 153.74
N ASN AA 141 137.00 -28.11 154.18
CA ASN AA 141 135.58 -28.31 154.00
C ASN AA 141 134.82 -28.68 155.27
N ARG AA 142 135.47 -28.60 156.43
CA ARG AA 142 134.80 -28.81 157.71
C ARG AA 142 134.15 -30.18 157.80
N VAL AA 143 134.75 -31.16 157.14
CA VAL AA 143 134.26 -32.54 157.20
C VAL AA 143 135.27 -33.34 158.01
N PRO AA 144 134.93 -33.79 159.20
CA PRO AA 144 135.90 -34.50 160.04
C PRO AA 144 136.04 -35.94 159.62
N LEU AA 145 136.78 -36.72 160.40
CA LEU AA 145 136.76 -38.17 160.26
C LEU AA 145 135.34 -38.65 160.54
N ARG AA 146 134.71 -39.27 159.55
CA ARG AA 146 133.31 -39.62 159.69
C ARG AA 146 133.02 -40.84 158.84
N ARG AA 147 132.18 -41.73 159.37
CA ARG AA 147 131.70 -42.88 158.62
C ARG AA 147 130.59 -42.46 157.66
N THR AA 148 130.50 -43.18 156.55
CA THR AA 148 129.46 -42.91 155.57
C THR AA 148 129.16 -44.22 154.86
N HIS AA 149 128.01 -44.27 154.20
CA HIS AA 149 127.58 -45.49 153.54
C HIS AA 149 127.94 -45.46 152.06
N GLN AA 150 128.37 -46.60 151.54
CA GLN AA 150 128.77 -46.68 150.13
C GLN AA 150 127.56 -46.52 149.21
N LYS AA 151 126.36 -46.70 149.74
CA LYS AA 151 125.17 -46.64 148.92
C LYS AA 151 124.62 -45.23 148.80
N PHE AA 152 124.98 -44.34 149.73
CA PHE AA 152 124.47 -42.98 149.71
C PHE AA 152 125.46 -41.95 149.19
N VAL AA 153 126.42 -42.38 148.37
CA VAL AA 153 127.37 -41.45 147.74
C VAL AA 153 127.49 -41.83 146.27
N ILE AA 154 127.90 -40.85 145.48
CA ILE AA 154 128.14 -41.06 144.05
C ILE AA 154 129.63 -41.03 143.82
N ALA AA 155 130.16 -42.08 143.23
CA ALA AA 155 131.60 -42.20 143.00
C ALA AA 155 131.98 -41.36 141.79
N THR AA 156 132.99 -40.51 141.96
CA THR AA 156 133.53 -39.73 140.87
C THR AA 156 134.79 -40.40 140.33
N SER AA 157 135.12 -40.06 139.08
CA SER AA 157 136.27 -40.62 138.40
C SER AA 157 137.58 -40.01 138.85
N THR AA 158 137.53 -39.00 139.69
CA THR AA 158 138.71 -38.24 140.10
C THR AA 158 139.37 -38.94 141.28
N LYS AA 159 140.59 -39.45 141.06
CA LYS AA 159 141.27 -40.30 142.01
C LYS AA 159 142.63 -39.70 142.33
N ILE AA 160 142.94 -39.60 143.62
CA ILE AA 160 144.24 -39.13 144.09
C ILE AA 160 144.95 -40.29 144.79
N ASP AA 161 146.25 -40.42 144.55
CA ASP AA 161 147.00 -41.55 145.09
C ASP AA 161 147.33 -41.29 146.55
N ILE AA 162 146.95 -42.20 147.43
CA ILE AA 162 147.09 -41.98 148.85
C ILE AA 162 147.96 -43.12 149.38
N SER AA 163 148.75 -43.71 148.51
CA SER AA 163 149.69 -44.73 148.97
C SER AA 163 150.77 -44.09 149.84
N ASN AA 164 151.40 -44.92 150.67
CA ASN AA 164 152.43 -44.49 151.60
C ASN AA 164 151.89 -43.49 152.62
N VAL AA 165 150.69 -43.75 153.13
CA VAL AA 165 150.17 -43.02 154.28
C VAL AA 165 149.67 -44.02 155.30
N LYS AA 166 149.61 -43.57 156.53
CA LYS AA 166 149.32 -44.43 157.66
C LYS AA 166 147.94 -44.08 158.20
N ILE AA 167 147.10 -45.11 158.37
CA ILE AA 167 145.81 -44.96 159.02
C ILE AA 167 145.92 -45.62 160.38
N PRO AA 168 145.86 -44.87 161.47
CA PRO AA 168 146.10 -45.46 162.80
C PRO AA 168 145.11 -46.56 163.10
N LYS AA 169 145.58 -47.54 163.88
CA LYS AA 169 144.79 -48.75 164.09
C LYS AA 169 143.52 -48.48 164.89
N HIS AA 170 143.50 -47.44 165.71
CA HIS AA 170 142.35 -47.20 166.57
C HIS AA 170 141.24 -46.46 165.83
N LEU AA 171 140.90 -46.95 164.64
CA LEU AA 171 139.88 -46.34 163.80
C LEU AA 171 138.86 -47.38 163.38
N THR AA 172 138.52 -48.26 164.31
CA THR AA 172 137.45 -49.21 164.10
C THR AA 172 136.10 -48.49 164.20
N ASP AA 173 135.05 -49.17 163.72
CA ASP AA 173 133.71 -48.62 163.85
C ASP AA 173 133.37 -48.34 165.30
N ALA AA 174 133.90 -49.15 166.23
CA ALA AA 174 133.67 -48.92 167.64
C ALA AA 174 134.15 -47.54 168.06
N TYR AA 175 135.20 -47.03 167.41
CA TYR AA 175 135.70 -45.71 167.74
C TYR AA 175 134.71 -44.63 167.36
N PHE AA 176 134.01 -44.81 166.23
CA PHE AA 176 133.03 -43.85 165.77
C PHE AA 176 131.63 -44.11 166.34
N LYS AA 177 131.46 -45.16 167.13
CA LYS AA 177 130.13 -45.51 167.59
C LYS AA 177 129.53 -44.41 168.45
N LYS AA 178 128.33 -43.98 168.07
CA LYS AA 178 127.67 -42.90 168.78
C LYS AA 178 127.52 -43.24 170.25
N LYS AA 179 127.84 -42.29 171.12
CA LYS AA 179 127.76 -42.47 172.55
C LYS AA 179 126.41 -41.95 173.06
N LYS AA 180 125.91 -42.58 174.11
CA LYS AA 180 124.64 -42.21 174.73
C LYS AA 180 124.87 -42.02 176.22
N LEU AA 181 124.12 -41.09 176.81
CA LEU AA 181 124.16 -40.87 178.25
C LEU AA 181 122.85 -41.25 178.93
N ARG AA 182 121.71 -40.77 178.42
CA ARG AA 182 120.44 -41.00 179.09
C ARG AA 182 119.98 -42.44 178.92
N LYS AA 183 119.26 -42.95 179.92
CA LYS AA 183 118.95 -42.19 181.13
C LYS AA 183 119.27 -42.98 182.39
N PRO AA 184 120.36 -42.62 183.06
CA PRO AA 184 120.79 -43.37 184.25
C PRO AA 184 120.00 -42.94 185.48
N ARG AA 185 119.25 -43.89 186.05
CA ARG AA 185 118.61 -43.72 187.35
C ARG AA 185 117.66 -42.52 187.35
N HIS AA 186 116.99 -42.31 186.22
CA HIS AA 186 115.91 -41.32 186.08
C HIS AA 186 114.74 -42.04 185.42
N GLN AA 187 113.66 -42.24 186.17
CA GLN AA 187 112.49 -42.94 185.63
C GLN AA 187 111.40 -41.96 185.19
N GLU AA 188 110.96 -41.09 186.11
CA GLU AA 188 109.96 -40.07 185.80
C GLU AA 188 110.66 -38.86 185.22
N GLY AA 189 110.30 -38.51 183.98
CA GLY AA 189 110.95 -37.38 183.35
C GLY AA 189 110.26 -36.07 183.68
N GLU AA 190 110.78 -35.39 184.71
CA GLU AA 190 110.31 -34.06 185.09
C GLU AA 190 111.47 -33.07 185.12
N ILE AA 191 112.62 -33.47 185.64
CA ILE AA 191 113.85 -32.69 185.48
C ILE AA 191 114.50 -33.17 184.18
N PHE AA 192 114.33 -32.39 183.12
CA PHE AA 192 114.96 -32.75 181.86
C PHE AA 192 116.47 -32.61 181.97
N ASP AA 193 117.19 -33.58 181.41
CA ASP AA 193 118.65 -33.59 181.45
C ASP AA 193 119.14 -32.55 180.45
N THR AA 194 119.33 -31.32 180.92
CA THR AA 194 119.66 -30.20 180.06
C THR AA 194 121.15 -30.11 179.73
N GLU AA 195 121.89 -31.19 179.92
CA GLU AA 195 123.31 -31.24 179.57
C GLU AA 195 123.55 -32.32 178.52
N LYS AA 196 124.81 -32.43 178.09
CA LYS AA 196 125.30 -33.42 177.13
C LYS AA 196 124.67 -33.23 175.75
N GLU AA 197 123.76 -32.26 175.58
CA GLU AA 197 123.17 -32.04 174.26
C GLU AA 197 124.23 -31.62 173.25
N LYS AA 198 125.22 -30.85 173.67
CA LYS AA 198 126.33 -30.48 172.82
C LYS AA 198 127.32 -31.63 172.80
N TYR AA 199 127.32 -32.38 171.70
CA TYR AA 199 128.27 -33.48 171.55
C TYR AA 199 129.68 -32.90 171.48
N GLU AA 200 130.42 -33.06 172.56
CA GLU AA 200 131.78 -32.53 172.64
C GLU AA 200 132.68 -33.30 171.69
N ILE AA 201 133.63 -32.60 171.08
CA ILE AA 201 134.64 -33.24 170.24
C ILE AA 201 135.87 -33.49 171.10
N THR AA 202 136.03 -34.71 171.58
CA THR AA 202 137.12 -35.03 172.47
C THR AA 202 138.46 -34.85 171.75
N GLU AA 203 139.50 -34.60 172.55
CA GLU AA 203 140.81 -34.26 171.98
C GLU AA 203 141.38 -35.39 171.15
N GLN AA 204 140.97 -36.64 171.42
CA GLN AA 204 141.46 -37.77 170.63
C GLN AA 204 141.09 -37.61 169.17
N ARG AA 205 139.85 -37.24 168.89
CA ARG AA 205 139.43 -37.00 167.52
C ARG AA 205 140.26 -35.88 166.90
N LYS AA 206 140.52 -34.83 167.67
CA LYS AA 206 141.31 -33.71 167.16
C LYS AA 206 142.69 -34.17 166.73
N ILE AA 207 143.40 -34.89 167.61
CA ILE AA 207 144.76 -35.27 167.31
C ILE AA 207 144.80 -36.26 166.15
N ASP AA 208 143.88 -37.22 166.12
CA ASP AA 208 143.84 -38.17 165.02
C ASP AA 208 143.57 -37.48 163.70
N GLN AA 209 142.59 -36.57 163.69
CA GLN AA 209 142.30 -35.80 162.49
C GLN AA 209 143.54 -35.02 162.06
N LYS AA 210 144.19 -34.34 162.99
CA LYS AA 210 145.37 -33.55 162.60
C LYS AA 210 146.43 -34.44 161.98
N ALA AA 211 146.71 -35.59 162.61
CA ALA AA 211 147.77 -36.46 162.11
C ALA AA 211 147.44 -37.02 160.74
N VAL AA 212 146.19 -37.42 160.52
CA VAL AA 212 145.85 -38.02 159.24
C VAL AA 212 145.80 -36.98 158.14
N ASP AA 213 145.33 -35.77 158.42
CA ASP AA 213 145.31 -34.74 157.38
C ASP AA 213 146.67 -34.18 157.06
N SER AA 214 147.57 -34.15 158.04
CA SER AA 214 148.89 -33.54 157.82
C SER AA 214 149.62 -34.24 156.68
N GLN AA 215 149.32 -35.50 156.43
CA GLN AA 215 150.00 -36.26 155.38
C GLN AA 215 149.26 -36.23 154.05
N ILE AA 216 148.08 -35.63 153.98
CA ILE AA 216 147.32 -35.64 152.74
C ILE AA 216 147.14 -34.22 152.23
N LEU AA 217 147.30 -33.24 153.12
CA LEU AA 217 147.27 -31.85 152.67
C LEU AA 217 148.33 -31.55 151.64
N PRO AA 218 149.62 -31.87 151.82
CA PRO AA 218 150.59 -31.54 150.77
C PRO AA 218 150.39 -32.36 149.52
N LYS AA 219 149.97 -33.61 149.68
CA LYS AA 219 149.75 -34.47 148.52
C LYS AA 219 148.65 -33.93 147.63
N ILE AA 220 147.58 -33.41 148.21
CA ILE AA 220 146.54 -32.78 147.42
C ILE AA 220 146.98 -31.42 146.88
N LYS AA 221 147.94 -30.76 147.55
CA LYS AA 221 148.36 -29.44 147.11
C LYS AA 221 149.17 -29.50 145.82
N ALA AA 222 149.55 -30.69 145.36
CA ALA AA 222 150.37 -30.79 144.15
C ALA AA 222 149.53 -30.57 142.91
N ILE AA 223 148.50 -31.37 142.71
CA ILE AA 223 147.64 -31.20 141.54
C ILE AA 223 146.86 -29.90 141.69
N PRO AA 224 146.65 -29.12 140.63
CA PRO AA 224 146.12 -27.77 140.80
C PRO AA 224 144.61 -27.70 141.03
N GLN AA 225 144.20 -26.62 141.71
CA GLN AA 225 142.81 -26.27 142.02
C GLN AA 225 142.00 -27.43 142.58
N LEU AA 226 142.64 -28.34 143.31
CA LEU AA 226 141.86 -29.31 144.06
C LEU AA 226 141.31 -28.71 145.32
N GLN AA 227 142.00 -27.73 145.90
CA GLN AA 227 141.42 -27.00 147.02
C GLN AA 227 140.09 -26.40 146.60
N GLY AA 228 140.09 -25.66 145.50
CA GLY AA 228 138.85 -25.09 145.02
C GLY AA 228 137.82 -26.14 144.66
N TYR AA 229 138.29 -27.27 144.13
CA TYR AA 229 137.41 -28.40 143.84
C TYR AA 229 136.68 -28.91 145.09
N LEU AA 230 137.43 -29.16 146.15
CA LEU AA 230 136.81 -29.74 147.32
C LEU AA 230 135.99 -28.73 148.09
N ARG AA 231 136.36 -27.45 148.02
CA ARG AA 231 135.60 -26.42 148.71
C ARG AA 231 134.18 -26.32 148.16
N SER AA 232 133.99 -26.63 146.89
CA SER AA 232 132.67 -26.50 146.27
C SER AA 232 131.73 -27.57 146.80
N VAL AA 233 130.44 -27.31 146.66
CA VAL AA 233 129.39 -28.25 147.01
C VAL AA 233 128.65 -28.63 145.74
N PHE AA 234 128.46 -29.93 145.52
CA PHE AA 234 127.77 -30.38 144.33
C PHE AA 234 126.33 -29.87 144.32
N ALA AA 235 125.79 -29.66 143.14
CA ALA AA 235 124.43 -29.18 142.97
C ALA AA 235 123.97 -29.46 141.56
N LEU AA 236 122.69 -29.20 141.31
CA LEU AA 236 122.10 -29.37 139.99
C LEU AA 236 121.53 -28.04 139.52
N THR AA 237 121.67 -27.77 138.22
CA THR AA 237 121.17 -26.55 137.60
C THR AA 237 120.06 -26.90 136.62
N ASN AA 238 119.37 -25.86 136.10
CA ASN AA 238 118.31 -26.10 135.13
C ASN AA 238 118.79 -26.70 133.82
N GLY AA 239 120.08 -27.00 133.71
CA GLY AA 239 120.62 -27.60 132.53
C GLY AA 239 120.86 -29.08 132.74
N ILE AA 240 122.08 -29.41 133.14
CA ILE AA 240 122.57 -30.77 133.19
C ILE AA 240 121.62 -31.72 133.93
N TYR AA 241 121.64 -32.98 133.50
CA TYR AA 241 120.83 -34.06 134.04
C TYR AA 241 121.72 -35.24 134.40
N PRO AA 242 121.51 -35.84 135.57
CA PRO AA 242 122.52 -36.77 136.12
C PRO AA 242 122.87 -37.95 135.22
N HIS AA 243 121.90 -38.55 134.55
CA HIS AA 243 122.21 -39.72 133.74
C HIS AA 243 123.14 -39.37 132.59
N LYS AA 244 122.88 -38.24 131.92
CA LYS AA 244 123.76 -37.82 130.83
C LYS AA 244 125.15 -37.52 131.33
N LEU AA 245 125.26 -36.97 132.54
CA LEU AA 245 126.58 -36.68 133.10
C LEU AA 245 127.39 -37.95 133.27
N VAL AA 246 128.70 -37.79 133.22
CA VAL AA 246 129.65 -38.84 133.55
C VAL AA 246 130.35 -38.41 134.83
N PHE AA 247 130.25 -39.23 135.87
CA PHE AA 247 130.90 -38.92 137.12
C PHE AA 247 132.34 -39.43 137.10
N ASN BA 1 122.01 -104.64 178.53
CA ASN BA 1 121.75 -104.90 177.11
C ASN BA 1 121.58 -103.59 176.34
N PHE BA 2 121.82 -102.47 177.03
CA PHE BA 2 121.64 -101.16 176.41
C PHE BA 2 122.66 -100.95 175.28
N ALA BA 3 123.93 -101.26 175.54
CA ALA BA 3 124.95 -101.13 174.51
C ALA BA 3 124.65 -102.05 173.33
N GLU BA 4 123.99 -103.18 173.59
CA GLU BA 4 123.58 -104.06 172.50
C GLU BA 4 122.59 -103.37 171.59
N LEU BA 5 121.58 -102.71 172.16
CA LEU BA 5 120.63 -101.98 171.33
C LEU BA 5 121.33 -100.86 170.59
N LYS BA 6 122.27 -100.17 171.25
CA LYS BA 6 122.96 -99.06 170.60
C LYS BA 6 123.79 -99.55 169.42
N ILE BA 7 124.52 -100.66 169.57
CA ILE BA 7 125.31 -101.15 168.45
C ILE BA 7 124.43 -101.65 167.33
N LYS BA 8 123.30 -102.28 167.66
CA LYS BA 8 122.33 -102.66 166.63
C LYS BA 8 121.82 -101.45 165.86
N ARG BA 9 121.51 -100.37 166.57
CA ARG BA 9 121.00 -99.17 165.91
C ARG BA 9 122.07 -98.53 165.03
N LEU BA 10 123.32 -98.50 165.51
CA LEU BA 10 124.40 -98.03 164.67
C LEU BA 10 124.58 -98.91 163.45
N ARG BA 11 124.38 -100.21 163.61
CA ARG BA 11 124.39 -101.12 162.47
C ARG BA 11 123.39 -100.71 161.42
N LYS BA 12 122.13 -100.51 161.84
CA LYS BA 12 121.09 -100.12 160.87
C LYS BA 12 121.44 -98.80 160.20
N LYS BA 13 121.88 -97.82 161.00
CA LYS BA 13 122.18 -96.50 160.44
C LYS BA 13 123.31 -96.55 159.44
N PHE BA 14 124.38 -97.29 159.77
CA PHE BA 14 125.48 -97.42 158.83
C PHE BA 14 125.06 -98.15 157.57
N ALA BA 15 124.26 -99.20 157.71
CA ALA BA 15 123.78 -99.91 156.53
C ALA BA 15 123.02 -98.97 155.61
N GLN BA 16 122.11 -98.18 156.17
CA GLN BA 16 121.31 -97.29 155.34
C GLN BA 16 122.16 -96.19 154.72
N LYS BA 17 123.11 -95.64 155.49
CA LYS BA 17 124.03 -94.66 154.91
C LYS BA 17 124.79 -95.27 153.74
N MET BA 18 125.25 -96.50 153.90
CA MET BA 18 126.06 -97.12 152.87
C MET BA 18 125.24 -97.37 151.63
N LEU BA 19 124.02 -97.86 151.82
CA LEU BA 19 123.12 -98.05 150.69
C LEU BA 19 122.85 -96.73 149.99
N ARG BA 20 122.69 -95.66 150.77
CA ARG BA 20 122.41 -94.37 150.16
C ARG BA 20 123.54 -93.91 149.27
N LYS BA 21 124.80 -94.03 149.73
CA LYS BA 21 125.85 -93.56 148.83
C LYS BA 21 126.09 -94.52 147.68
N ALA BA 22 125.80 -95.82 147.87
CA ALA BA 22 125.86 -96.71 146.73
C ALA BA 22 124.85 -96.30 145.65
N ARG BA 23 123.64 -95.95 146.07
CA ARG BA 23 122.64 -95.48 145.12
C ARG BA 23 123.08 -94.19 144.45
N ARG BA 24 123.67 -93.28 145.23
CA ARG BA 24 124.13 -92.01 144.66
C ARG BA 24 125.18 -92.26 143.60
N LYS BA 25 126.14 -93.15 143.87
CA LYS BA 25 127.14 -93.48 142.86
C LYS BA 25 126.50 -94.12 141.65
N LEU BA 26 125.49 -94.97 141.86
CA LEU BA 26 124.79 -95.58 140.73
C LEU BA 26 124.23 -94.50 139.82
N ILE BA 27 123.47 -93.56 140.38
CA ILE BA 27 122.83 -92.58 139.52
C ILE BA 27 123.87 -91.65 138.90
N TYR BA 28 124.98 -91.41 139.60
CA TYR BA 28 126.06 -90.61 139.02
C TYR BA 28 126.63 -91.27 137.77
N GLU BA 29 127.01 -92.54 137.89
CA GLU BA 29 127.58 -93.22 136.73
C GLU BA 29 126.55 -93.41 135.64
N LYS BA 30 125.29 -93.62 136.01
CA LYS BA 30 124.24 -93.76 135.02
C LYS BA 30 124.05 -92.46 134.25
N ALA BA 31 124.13 -91.33 134.94
CA ALA BA 31 124.05 -90.04 134.26
C ALA BA 31 125.24 -89.84 133.34
N LYS BA 32 126.43 -90.27 133.78
CA LYS BA 32 127.59 -90.16 132.90
C LYS BA 32 127.40 -90.96 131.63
N HIS BA 33 126.89 -92.19 131.77
CA HIS BA 33 126.60 -92.99 130.59
C HIS BA 33 125.54 -92.34 129.72
N TYR BA 34 124.52 -91.74 130.34
CA TYR BA 34 123.49 -91.06 129.57
C TYR BA 34 124.07 -89.90 128.78
N HIS BA 35 125.01 -89.17 129.37
CA HIS BA 35 125.66 -88.08 128.64
C HIS BA 35 126.47 -88.61 127.47
N LYS BA 36 127.23 -89.68 127.71
CA LYS BA 36 127.99 -90.31 126.62
C LYS BA 36 127.06 -90.71 125.50
N GLU BA 37 125.90 -91.25 125.83
CA GLU BA 37 124.93 -91.56 124.79
C GLU BA 37 124.49 -90.28 124.08
N TYR BA 38 123.93 -89.33 124.84
CA TYR BA 38 123.36 -88.12 124.25
C TYR BA 38 124.30 -87.46 123.27
N ARG BA 39 125.60 -87.50 123.55
CA ARG BA 39 126.52 -86.99 122.56
C ARG BA 39 126.47 -87.82 121.29
N GLN BA 40 126.19 -89.11 121.41
CA GLN BA 40 126.41 -90.03 120.29
C GLN BA 40 125.42 -89.82 119.15
N MET BA 41 124.11 -89.77 119.44
CA MET BA 41 123.18 -89.62 118.32
C MET BA 41 123.29 -88.25 117.71
N TYR BA 42 123.65 -87.24 118.50
CA TYR BA 42 123.91 -85.93 117.94
C TYR BA 42 125.07 -86.00 116.96
N ARG BA 43 126.19 -86.59 117.39
CA ARG BA 43 127.34 -86.71 116.51
C ARG BA 43 127.00 -87.49 115.26
N THR BA 44 126.24 -88.58 115.41
CA THR BA 44 125.85 -89.32 114.24
C THR BA 44 125.00 -88.47 113.32
N GLU BA 45 123.92 -87.88 113.85
CA GLU BA 45 123.03 -87.11 113.01
C GLU BA 45 123.77 -85.98 112.32
N ILE BA 46 124.94 -85.63 112.83
CA ILE BA 46 125.88 -84.86 112.04
C ILE BA 46 126.48 -85.72 110.93
N ARG BA 47 127.08 -86.85 111.30
CA ARG BA 47 128.07 -87.46 110.42
C ARG BA 47 127.46 -88.28 109.28
N MET BA 48 126.34 -88.98 109.48
CA MET BA 48 125.76 -89.63 108.30
C MET BA 48 125.31 -88.61 107.27
N ALA BA 49 124.73 -87.50 107.71
CA ALA BA 49 124.41 -86.46 106.75
C ALA BA 49 125.67 -85.94 106.07
N ARG BA 50 126.74 -85.77 106.86
CA ARG BA 50 128.01 -85.32 106.32
C ARG BA 50 128.49 -86.25 105.21
N MET BA 51 128.44 -87.54 105.47
CA MET BA 51 128.99 -88.54 104.57
C MET BA 51 128.09 -88.80 103.36
N ALA BA 52 126.77 -88.70 103.52
CA ALA BA 52 125.89 -88.75 102.35
C ALA BA 52 126.11 -87.53 101.47
N ARG BA 53 126.32 -86.36 102.07
CA ARG BA 53 126.67 -85.18 101.28
C ARG BA 53 127.98 -85.41 100.53
N LYS BA 54 128.97 -85.97 101.20
CA LYS BA 54 130.23 -86.28 100.53
C LYS BA 54 130.02 -87.29 99.41
N ALA BA 55 129.00 -88.12 99.52
CA ALA BA 55 128.66 -89.01 98.43
C ALA BA 55 127.71 -88.37 97.40
N GLY BA 56 127.29 -87.13 97.64
CA GLY BA 56 126.40 -86.45 96.73
C GLY BA 56 124.95 -86.86 96.86
N ASN BA 57 124.62 -87.77 97.77
CA ASN BA 57 123.25 -88.22 97.94
C ASN BA 57 122.64 -87.59 99.18
N PHE BA 58 121.38 -87.90 99.44
CA PHE BA 58 120.59 -87.26 100.48
C PHE BA 58 120.48 -88.18 101.68
N TYR BA 59 120.51 -87.58 102.88
CA TYR BA 59 120.24 -88.31 104.11
C TYR BA 59 119.10 -87.63 104.85
N VAL BA 60 117.91 -88.21 104.72
CA VAL BA 60 116.76 -87.72 105.49
C VAL BA 60 116.90 -88.24 106.91
N PRO BA 61 116.63 -87.42 107.92
CA PRO BA 61 116.56 -87.95 109.28
C PRO BA 61 115.16 -88.47 109.58
N ALA BA 62 115.04 -89.35 110.56
CA ALA BA 62 113.73 -89.90 110.91
C ALA BA 62 112.86 -88.82 111.52
N GLU BA 63 111.56 -88.93 111.31
CA GLU BA 63 110.67 -88.02 112.02
C GLU BA 63 110.79 -88.31 113.52
N PRO BA 64 110.93 -87.28 114.33
CA PRO BA 64 111.16 -87.51 115.76
C PRO BA 64 110.01 -88.28 116.38
N LYS BA 65 110.36 -89.17 117.31
CA LYS BA 65 109.36 -89.97 117.99
C LYS BA 65 108.67 -89.21 119.13
N LEU BA 66 109.19 -88.04 119.49
CA LEU BA 66 108.70 -87.29 120.64
C LEU BA 66 108.28 -85.90 120.20
N ALA BA 67 107.18 -85.41 120.77
CA ALA BA 67 106.73 -84.05 120.52
C ALA BA 67 106.24 -83.43 121.81
N PHE BA 68 106.29 -82.10 121.86
CA PHE BA 68 105.76 -81.35 122.97
C PHE BA 68 104.58 -80.51 122.49
N VAL BA 69 103.52 -80.45 123.29
CA VAL BA 69 102.28 -79.79 122.92
C VAL BA 69 101.94 -78.74 123.95
N ILE BA 70 101.55 -77.56 123.48
CA ILE BA 70 101.05 -76.50 124.34
C ILE BA 70 99.72 -76.01 123.79
N ARG BA 71 98.80 -75.69 124.69
CA ARG BA 71 97.49 -75.19 124.30
C ARG BA 71 97.52 -73.67 124.27
N ILE BA 72 96.91 -73.09 123.25
CA ILE BA 72 96.99 -71.65 123.03
C ILE BA 72 95.63 -70.97 123.00
N ARG BA 73 94.55 -71.70 123.24
CA ARG BA 73 93.24 -71.09 123.25
C ARG BA 73 92.56 -71.35 124.58
N GLY BA 74 91.61 -70.49 124.92
CA GLY BA 74 90.87 -70.61 126.15
C GLY BA 74 89.96 -71.81 126.14
N ILE BA 75 88.97 -71.77 127.05
CA ILE BA 75 88.00 -72.85 127.14
C ILE BA 75 86.61 -72.42 126.69
N ASN BA 76 86.39 -71.14 126.42
CA ASN BA 76 85.08 -70.64 126.06
C ASN BA 76 84.70 -71.15 124.68
N GLY BA 77 83.50 -71.70 124.56
CA GLY BA 77 82.97 -72.11 123.27
C GLY BA 77 83.86 -73.09 122.53
N VAL BA 78 83.97 -74.31 123.06
CA VAL BA 78 84.82 -75.34 122.48
C VAL BA 78 83.93 -76.46 121.97
N SER BA 79 84.15 -76.87 120.73
CA SER BA 79 83.39 -77.98 120.17
C SER BA 79 83.62 -79.25 120.99
N PRO BA 80 82.60 -80.09 121.12
CA PRO BA 80 82.74 -81.24 122.02
C PRO BA 80 83.87 -82.17 121.64
N LYS BA 81 84.12 -82.37 120.35
CA LYS BA 81 85.18 -83.28 119.93
C LYS BA 81 86.55 -82.72 120.30
N VAL BA 82 86.77 -81.44 120.02
CA VAL BA 82 88.03 -80.81 120.40
C VAL BA 82 88.19 -80.83 121.91
N ARG BA 83 87.13 -80.50 122.63
CA ARG BA 83 87.18 -80.52 124.09
C ARG BA 83 87.58 -81.90 124.59
N LYS BA 84 86.98 -82.95 124.03
CA LYS BA 84 87.27 -84.30 124.51
C LYS BA 84 88.70 -84.70 124.19
N VAL BA 85 89.15 -84.46 122.96
CA VAL BA 85 90.52 -84.86 122.64
C VAL BA 85 91.51 -84.10 123.49
N LEU BA 86 91.24 -82.82 123.76
CA LEU BA 86 92.10 -82.06 124.65
C LEU BA 86 92.12 -82.68 126.05
N GLN BA 87 90.96 -83.07 126.55
CA GLN BA 87 90.92 -83.72 127.86
C GLN BA 87 91.71 -85.03 127.84
N LEU BA 88 91.75 -85.70 126.70
CA LEU BA 88 92.58 -86.89 126.57
C LEU BA 88 94.05 -86.53 126.71
N LEU BA 89 94.45 -85.40 126.17
CA LEU BA 89 95.86 -85.01 126.15
C LEU BA 89 96.28 -84.32 127.43
N ARG BA 90 95.42 -84.28 128.44
CA ARG BA 90 95.70 -83.64 129.73
C ARG BA 90 95.95 -82.15 129.60
N LEU BA 91 95.50 -81.55 128.51
CA LEU BA 91 95.66 -80.11 128.29
C LEU BA 91 94.40 -79.37 128.74
N ARG BA 92 94.05 -79.56 130.01
CA ARG BA 92 92.81 -79.02 130.53
C ARG BA 92 92.86 -77.52 130.76
N GLN BA 93 94.04 -76.91 130.74
CA GLN BA 93 94.16 -75.47 130.95
C GLN BA 93 94.76 -74.83 129.71
N ILE BA 94 94.69 -73.51 129.65
CA ILE BA 94 95.48 -72.79 128.67
C ILE BA 94 96.91 -72.76 129.17
N PHE BA 95 97.87 -72.88 128.24
CA PHE BA 95 99.29 -72.97 128.58
C PHE BA 95 99.52 -74.09 129.60
N ASN BA 96 99.23 -75.32 129.20
CA ASN BA 96 99.16 -76.47 130.09
C ASN BA 96 99.93 -77.64 129.50
N GLY BA 97 101.15 -77.38 129.05
CA GLY BA 97 101.84 -78.26 128.13
C GLY BA 97 102.11 -79.65 128.65
N THR BA 98 102.28 -80.58 127.70
CA THR BA 98 102.57 -81.97 128.00
C THR BA 98 103.25 -82.60 126.80
N PHE BA 99 104.02 -83.65 127.06
CA PHE BA 99 104.71 -84.43 126.04
C PHE BA 99 103.76 -85.43 125.40
N VAL BA 100 104.20 -86.03 124.31
CA VAL BA 100 103.39 -87.05 123.62
C VAL BA 100 104.30 -87.89 122.74
N LYS BA 101 104.11 -89.20 122.80
CA LYS BA 101 104.76 -90.10 121.84
C LYS BA 101 104.06 -89.99 120.49
N LEU BA 102 104.84 -90.02 119.42
CA LEU BA 102 104.34 -89.78 118.07
C LEU BA 102 104.10 -91.08 117.32
N ASN BA 103 103.00 -91.13 116.60
CA ASN BA 103 102.65 -92.22 115.69
C ASN BA 103 101.54 -91.72 114.79
N LYS BA 104 100.99 -92.60 113.96
CA LYS BA 104 99.91 -92.16 113.08
C LYS BA 104 98.70 -91.75 113.88
N ALA BA 105 98.35 -92.51 114.92
CA ALA BA 105 97.18 -92.18 115.71
C ALA BA 105 97.32 -90.83 116.40
N SER BA 106 98.47 -90.60 117.03
CA SER BA 106 98.67 -89.35 117.74
C SER BA 106 98.70 -88.16 116.79
N ILE BA 107 99.33 -88.34 115.62
CA ILE BA 107 99.36 -87.25 114.64
C ILE BA 107 97.96 -86.93 114.16
N ASN BA 108 97.13 -87.95 113.95
CA ASN BA 108 95.75 -87.68 113.59
C ASN BA 108 95.03 -86.95 114.71
N MET BA 109 95.29 -87.35 115.95
CA MET BA 109 94.76 -86.61 117.09
C MET BA 109 95.10 -85.13 116.99
N LEU BA 110 96.37 -84.84 116.73
CA LEU BA 110 96.80 -83.45 116.64
C LEU BA 110 96.14 -82.75 115.46
N ARG BA 111 95.94 -83.46 114.36
CA ARG BA 111 95.25 -82.86 113.23
C ARG BA 111 93.82 -82.52 113.58
N ILE BA 112 93.19 -83.26 114.50
CA ILE BA 112 91.86 -82.87 114.93
C ILE BA 112 91.90 -81.50 115.62
N VAL BA 113 92.61 -81.42 116.74
CA VAL BA 113 92.75 -80.14 117.44
C VAL BA 113 94.04 -79.49 116.92
N GLU BA 114 93.92 -78.87 115.77
CA GLU BA 114 95.00 -78.03 115.25
C GLU BA 114 94.96 -76.63 115.83
N PRO BA 115 93.82 -75.93 115.80
CA PRO BA 115 93.84 -74.51 116.19
C PRO BA 115 94.05 -74.26 117.67
N TYR BA 116 93.65 -75.19 118.54
CA TYR BA 116 93.72 -74.90 119.97
C TYR BA 116 95.08 -75.16 120.57
N ILE BA 117 96.02 -75.73 119.83
CA ILE BA 117 97.32 -76.09 120.37
C ILE BA 117 98.42 -75.56 119.48
N ALA BA 118 99.62 -75.50 120.05
CA ALA BA 118 100.84 -75.26 119.32
C ALA BA 118 101.84 -76.32 119.75
N TRP BA 119 102.48 -76.98 118.80
CA TRP BA 119 103.38 -78.06 119.15
C TRP BA 119 104.56 -78.10 118.20
N GLY BA 120 105.45 -79.03 118.49
CA GLY BA 120 106.66 -79.16 117.72
C GLY BA 120 107.50 -80.29 118.27
N TYR BA 121 108.79 -80.27 117.92
CA TYR BA 121 109.69 -81.30 118.43
C TYR BA 121 110.79 -80.68 119.27
N PRO BA 122 110.70 -80.74 120.59
CA PRO BA 122 111.70 -80.09 121.44
C PRO BA 122 113.01 -80.87 121.43
N ASN BA 123 114.08 -80.14 121.71
CA ASN BA 123 115.40 -80.75 121.77
C ASN BA 123 115.73 -81.10 123.22
N LEU BA 124 116.97 -81.52 123.45
CA LEU BA 124 117.35 -81.94 124.78
C LEU BA 124 117.28 -80.78 125.77
N LYS BA 125 117.89 -79.65 125.43
CA LYS BA 125 118.04 -78.59 126.41
C LYS BA 125 116.69 -78.07 126.85
N SER BA 126 115.76 -77.95 125.91
CA SER BA 126 114.41 -77.54 126.25
C SER BA 126 113.75 -78.54 127.19
N VAL BA 127 113.92 -79.84 126.92
CA VAL BA 127 113.35 -80.85 127.80
C VAL BA 127 113.92 -80.71 129.20
N ASN BA 128 115.24 -80.53 129.29
CA ASN BA 128 115.87 -80.42 130.60
C ASN BA 128 115.35 -79.21 131.35
N GLU BA 129 115.36 -78.04 130.71
CA GLU BA 129 114.89 -76.84 131.38
C GLU BA 129 113.45 -76.99 131.82
N LEU BA 130 112.61 -77.56 130.96
CA LEU BA 130 111.20 -77.70 131.30
C LEU BA 130 111.02 -78.65 132.48
N ILE BA 131 111.65 -79.83 132.41
CA ILE BA 131 111.42 -80.84 133.44
C ILE BA 131 112.00 -80.42 134.77
N TYR BA 132 113.12 -79.68 134.77
CA TYR BA 132 113.70 -79.19 136.00
C TYR BA 132 112.89 -78.04 136.59
N LYS BA 133 112.56 -77.05 135.76
CA LYS BA 133 111.92 -75.86 136.26
C LYS BA 133 110.50 -76.13 136.75
N ARG BA 134 109.75 -76.94 136.00
CA ARG BA 134 108.33 -77.12 136.27
C ARG BA 134 107.95 -78.59 136.29
N GLY BA 135 108.79 -79.43 136.88
CA GLY BA 135 108.47 -80.85 136.96
C GLY BA 135 107.62 -81.19 138.16
N TYR BA 136 106.38 -81.63 137.91
CA TYR BA 136 105.46 -82.01 138.96
C TYR BA 136 104.86 -83.37 138.62
N GLY BA 137 104.66 -84.20 139.63
CA GLY BA 137 104.27 -85.58 139.42
C GLY BA 137 102.93 -85.90 140.06
N LYS BA 138 102.27 -86.91 139.51
CA LYS BA 138 101.00 -87.39 140.04
C LYS BA 138 101.29 -88.57 140.96
N ILE BA 139 101.21 -88.33 142.26
CA ILE BA 139 101.38 -89.37 143.28
C ILE BA 139 100.14 -89.36 144.16
N ASN BA 140 99.43 -90.48 144.18
CA ASN BA 140 98.12 -90.55 144.81
C ASN BA 140 97.20 -89.46 144.26
N LYS BA 141 97.34 -89.22 142.96
CA LYS BA 141 96.59 -88.20 142.24
C LYS BA 141 96.85 -86.80 142.80
N LYS BA 142 98.00 -86.60 143.45
CA LYS BA 142 98.36 -85.31 144.00
C LYS BA 142 99.59 -84.76 143.30
N ARG BA 143 99.52 -83.49 142.92
CA ARG BA 143 100.61 -82.82 142.22
C ARG BA 143 101.68 -82.43 143.24
N ILE BA 144 102.80 -83.16 143.22
CA ILE BA 144 103.91 -82.92 144.14
C ILE BA 144 105.11 -82.48 143.33
N ALA BA 145 105.80 -81.46 143.81
CA ALA BA 145 106.96 -80.94 143.11
C ALA BA 145 108.09 -81.97 143.13
N LEU BA 146 108.68 -82.21 141.97
CA LEU BA 146 109.83 -83.11 141.84
C LEU BA 146 111.04 -82.42 142.44
N THR BA 147 111.29 -82.73 143.71
CA THR BA 147 112.42 -82.14 144.43
C THR BA 147 113.37 -83.17 145.01
N ASP BA 148 113.17 -84.46 144.73
CA ASP BA 148 114.04 -85.49 145.30
C ASP BA 148 113.91 -86.73 144.44
N ASN BA 149 115.04 -87.38 144.17
CA ASN BA 149 115.03 -88.60 143.36
C ASN BA 149 114.28 -89.73 144.04
N ALA BA 150 114.45 -89.87 145.36
CA ALA BA 150 113.72 -90.91 146.08
C ALA BA 150 112.23 -90.76 145.86
N LEU BA 151 111.74 -89.51 145.78
CA LEU BA 151 110.34 -89.30 145.48
C LEU BA 151 109.98 -89.87 144.12
N ILE BA 152 110.91 -89.84 143.18
CA ILE BA 152 110.66 -90.49 141.89
C ILE BA 152 110.60 -91.99 142.05
N ALA BA 153 111.68 -92.57 142.59
CA ALA BA 153 111.78 -94.03 142.64
C ALA BA 153 110.68 -94.64 143.51
N ARG BA 154 110.02 -93.83 144.34
CA ARG BA 154 108.88 -94.32 145.10
C ARG BA 154 107.84 -94.97 144.19
N SER BA 155 107.63 -94.39 143.01
CA SER BA 155 106.60 -94.87 142.09
C SER BA 155 107.12 -95.27 140.72
N LEU BA 156 108.16 -94.61 140.22
CA LEU BA 156 108.73 -94.96 138.92
C LEU BA 156 109.78 -96.04 139.02
N GLY BA 157 110.16 -96.45 140.23
CA GLY BA 157 111.24 -97.42 140.37
C GLY BA 157 110.91 -98.78 139.80
N LYS BA 158 109.65 -99.21 139.90
CA LYS BA 158 109.29 -100.55 139.48
C LYS BA 158 109.55 -100.78 138.00
N TYR BA 159 109.68 -99.72 137.21
CA TYR BA 159 110.12 -99.82 135.83
C TYR BA 159 111.59 -99.51 135.68
N GLY BA 160 112.33 -99.46 136.78
CA GLY BA 160 113.74 -99.15 136.73
C GLY BA 160 114.06 -97.69 136.65
N ILE BA 161 113.08 -96.80 136.75
CA ILE BA 161 113.31 -95.37 136.70
C ILE BA 161 113.50 -94.86 138.13
N ILE BA 162 114.72 -94.43 138.44
CA ILE BA 162 115.04 -94.02 139.80
C ILE BA 162 115.44 -92.55 139.84
N CYS BA 163 116.51 -92.18 139.14
CA CYS BA 163 117.03 -90.83 139.16
C CYS BA 163 116.31 -89.98 138.12
N MET BA 164 116.57 -88.68 138.15
CA MET BA 164 115.78 -87.81 137.29
C MET BA 164 116.23 -87.98 135.85
N GLU BA 165 117.52 -88.24 135.67
CA GLU BA 165 118.04 -88.47 134.32
C GLU BA 165 117.46 -89.73 133.71
N ASP BA 166 116.97 -90.65 134.54
CA ASP BA 166 116.25 -91.78 133.99
C ASP BA 166 114.96 -91.33 133.32
N LEU BA 167 114.23 -90.40 133.94
CA LEU BA 167 113.08 -89.82 133.27
C LEU BA 167 113.49 -89.11 131.99
N ILE BA 168 114.58 -88.36 132.03
CA ILE BA 168 114.99 -87.63 130.84
C ILE BA 168 115.33 -88.58 129.72
N HIS BA 169 116.04 -89.66 130.02
CA HIS BA 169 116.41 -90.63 129.01
C HIS BA 169 115.17 -91.33 128.46
N GLU BA 170 114.23 -91.68 129.34
CA GLU BA 170 113.00 -92.29 128.89
C GLU BA 170 112.23 -91.37 127.98
N ILE BA 171 112.29 -90.06 128.24
CA ILE BA 171 111.46 -89.12 127.49
C ILE BA 171 112.11 -88.79 126.16
N TYR BA 172 113.33 -88.23 126.20
CA TYR BA 172 113.99 -87.84 124.95
C TYR BA 172 114.22 -89.03 124.05
N THR BA 173 114.74 -90.12 124.61
CA THR BA 173 114.80 -91.38 123.90
C THR BA 173 113.57 -92.17 124.31
N VAL BA 174 112.51 -92.08 123.51
CA VAL BA 174 111.23 -92.66 123.89
C VAL BA 174 111.40 -94.16 123.99
N GLY BA 175 111.40 -94.69 125.21
CA GLY BA 175 111.70 -96.07 125.46
C GLY BA 175 110.47 -96.90 125.78
N LYS BA 176 110.71 -98.01 126.47
CA LYS BA 176 109.62 -98.94 126.78
C LYS BA 176 108.63 -98.32 127.74
N ARG BA 177 109.11 -97.53 128.72
CA ARG BA 177 108.26 -97.05 129.79
C ARG BA 177 107.81 -95.62 129.57
N PHE BA 178 107.76 -95.17 128.32
CA PHE BA 178 107.43 -93.78 128.06
C PHE BA 178 106.02 -93.44 128.53
N LYS BA 179 105.06 -94.34 128.29
CA LYS BA 179 103.68 -94.03 128.66
C LYS BA 179 103.54 -93.83 130.15
N GLU BA 180 104.13 -94.71 130.95
CA GLU BA 180 103.97 -94.62 132.39
C GLU BA 180 104.59 -93.33 132.93
N ALA BA 181 105.82 -93.03 132.52
CA ALA BA 181 106.47 -91.81 132.98
C ALA BA 181 105.69 -90.58 132.52
N ASN BA 182 105.26 -90.58 131.26
CA ASN BA 182 104.53 -89.43 130.74
C ASN BA 182 103.24 -89.19 131.52
N ASN BA 183 102.48 -90.25 131.78
CA ASN BA 183 101.27 -90.08 132.57
C ASN BA 183 101.60 -89.68 134.00
N PHE BA 184 102.77 -90.09 134.48
CA PHE BA 184 103.14 -89.77 135.86
C PHE BA 184 103.36 -88.29 136.05
N LEU BA 185 104.00 -87.63 135.08
CA LEU BA 185 104.23 -86.21 135.19
C LEU BA 185 102.91 -85.45 135.14
N TRP BA 186 102.72 -84.56 136.10
CA TRP BA 186 101.60 -83.65 136.02
C TRP BA 186 101.80 -82.74 134.79
N PRO BA 187 100.72 -82.40 134.08
CA PRO BA 187 100.87 -81.48 132.95
C PRO BA 187 101.49 -80.17 133.42
N PHE BA 188 102.38 -79.63 132.60
CA PHE BA 188 103.22 -78.52 133.00
C PHE BA 188 102.45 -77.22 132.88
N LYS BA 189 102.21 -76.57 134.00
CA LYS BA 189 101.55 -75.27 134.01
C LYS BA 189 102.57 -74.17 133.78
N LEU BA 190 102.39 -73.42 132.69
CA LEU BA 190 103.41 -72.49 132.22
C LEU BA 190 102.88 -71.07 132.22
N SER BA 191 103.81 -70.13 132.08
CA SER BA 191 103.52 -68.71 132.18
C SER BA 191 102.87 -68.22 130.88
N SER BA 192 102.82 -66.99 130.73
CA SER BA 192 102.46 -66.58 129.39
C SER BA 192 103.71 -66.19 128.60
N PRO BA 193 103.74 -66.45 127.30
CA PRO BA 193 104.98 -66.27 126.54
C PRO BA 193 105.46 -64.84 126.53
N ARG BA 194 106.63 -64.58 127.11
CA ARG BA 194 107.15 -63.23 127.17
C ARG BA 194 107.42 -62.71 125.76
N GLY BA 195 106.88 -61.53 125.46
CA GLY BA 195 107.03 -60.95 124.15
C GLY BA 195 105.89 -61.22 123.20
N GLY BA 196 104.85 -61.93 123.63
CA GLY BA 196 103.71 -62.19 122.78
C GLY BA 196 103.96 -63.30 121.78
N MET BA 197 102.99 -63.57 120.90
CA MET BA 197 103.23 -64.53 119.84
C MET BA 197 102.72 -64.05 118.49
N LYS BA 198 102.29 -62.80 118.37
CA LYS BA 198 102.06 -62.12 117.10
C LYS BA 198 100.81 -62.59 116.36
N LYS BA 199 100.18 -63.66 116.84
CA LYS BA 199 98.87 -64.09 116.36
C LYS BA 199 98.43 -65.29 117.18
N LYS BA 200 97.14 -65.51 117.29
CA LYS BA 200 96.69 -66.66 118.04
C LYS BA 200 95.68 -67.46 117.24
N THR BA 201 94.98 -66.79 116.34
CA THR BA 201 93.91 -67.44 115.61
C THR BA 201 94.45 -68.33 114.50
N THR BA 202 95.27 -67.76 113.62
CA THR BA 202 95.66 -68.44 112.40
C THR BA 202 96.77 -69.46 112.67
N HIS BA 203 96.93 -70.37 111.71
CA HIS BA 203 97.92 -71.42 111.80
C HIS BA 203 99.34 -70.83 111.68
N PHE BA 204 100.30 -71.56 112.23
CA PHE BA 204 101.66 -71.05 112.31
C PHE BA 204 102.22 -70.76 110.92
N VAL BA 205 101.90 -71.60 109.94
CA VAL BA 205 102.47 -71.42 108.62
C VAL BA 205 102.06 -70.09 108.01
N GLU BA 206 100.80 -69.69 108.18
CA GLU BA 206 100.32 -68.46 107.57
C GLU BA 206 100.60 -67.25 108.44
N GLY BA 207 101.64 -67.31 109.27
CA GLY BA 207 102.04 -66.19 110.09
C GLY BA 207 101.59 -66.28 111.52
N GLY BA 208 100.67 -67.16 111.84
CA GLY BA 208 100.17 -67.31 113.19
C GLY BA 208 101.00 -68.26 113.99
N ASP BA 209 100.36 -68.91 114.97
CA ASP BA 209 101.03 -69.85 115.85
C ASP BA 209 100.30 -71.16 116.07
N ALA BA 210 99.05 -71.29 115.64
CA ALA BA 210 98.35 -72.54 115.78
C ALA BA 210 99.04 -73.63 114.96
N GLY BA 211 99.12 -74.82 115.53
CA GLY BA 211 99.61 -75.95 114.77
C GLY BA 211 101.02 -76.37 115.11
N ASN BA 212 101.81 -76.67 114.08
CA ASN BA 212 103.09 -77.32 114.24
C ASN BA 212 104.22 -76.41 113.80
N ARG BA 213 105.30 -76.41 114.56
CA ARG BA 213 106.57 -75.85 114.13
C ARG BA 213 107.66 -76.82 114.53
N GLU BA 214 108.54 -77.15 113.59
CA GLU BA 214 109.48 -78.24 113.83
C GLU BA 214 110.46 -77.90 114.95
N ASP BA 215 111.21 -76.82 114.81
CA ASP BA 215 112.18 -76.44 115.83
C ASP BA 215 111.83 -75.19 116.61
N GLN BA 216 111.12 -74.24 116.01
CA GLN BA 216 110.81 -73.01 116.72
C GLN BA 216 110.03 -73.25 118.00
N ILE BA 217 109.58 -74.49 118.24
CA ILE BA 217 109.05 -74.84 119.55
C ILE BA 217 110.09 -74.57 120.63
N ASN BA 218 111.38 -74.69 120.30
CA ASN BA 218 112.40 -74.44 121.31
C ASN BA 218 112.54 -72.96 121.61
N ARG BA 219 112.46 -72.10 120.59
CA ARG BA 219 112.43 -70.66 120.85
C ARG BA 219 111.19 -70.29 121.67
N LEU BA 220 110.05 -70.90 121.34
CA LEU BA 220 108.84 -70.65 122.11
C LEU BA 220 108.98 -71.12 123.55
N ILE BA 221 109.75 -72.19 123.77
CA ILE BA 221 109.97 -72.68 125.12
C ILE BA 221 110.86 -71.72 125.90
N ARG BA 222 111.95 -71.26 125.28
CA ARG BA 222 112.82 -70.31 125.96
C ARG BA 222 112.04 -69.05 126.34
N ARG BA 223 111.24 -68.53 125.42
CA ARG BA 223 110.36 -67.42 125.76
C ARG BA 223 109.28 -67.88 126.72
N MET BA 224 109.07 -69.19 126.84
CA MET BA 224 108.01 -69.74 127.65
C MET BA 224 108.49 -69.97 129.07
N ASN BA 225 109.65 -70.59 129.21
CA ASN BA 225 110.25 -70.81 130.50
C ASN BA 225 111.76 -70.71 130.37
N LYS CA 1 -79.07 -54.60 167.33
CA LYS CA 1 -80.13 -53.61 167.27
C LYS CA 1 -79.75 -52.36 168.05
N VAL CA 2 -78.53 -52.36 168.59
CA VAL CA 2 -78.04 -51.24 169.39
C VAL CA 2 -76.69 -50.82 168.83
N VAL CA 3 -76.30 -51.43 167.71
CA VAL CA 3 -74.97 -51.24 167.16
C VAL CA 3 -74.79 -49.78 166.72
N ASN CA 4 -73.69 -49.18 167.14
CA ASN CA 4 -73.34 -47.85 166.67
C ASN CA 4 -73.10 -47.89 165.16
N PRO CA 5 -73.71 -47.00 164.38
CA PRO CA 5 -73.54 -47.07 162.93
C PRO CA 5 -72.15 -46.77 162.46
N LEU CA 6 -71.21 -46.50 163.37
CA LEU CA 6 -69.91 -46.00 162.97
C LEU CA 6 -68.82 -47.07 162.96
N PHE CA 7 -69.15 -48.31 163.27
CA PHE CA 7 -68.20 -49.41 163.05
C PHE CA 7 -68.52 -50.06 161.72
N GLU CA 8 -67.52 -50.15 160.85
CA GLU CA 8 -67.72 -50.82 159.58
C GLU CA 8 -66.61 -51.83 159.32
N LYS CA 9 -66.90 -52.73 158.40
CA LYS CA 9 -65.87 -53.56 157.79
C LYS CA 9 -64.87 -52.71 157.05
N ARG CA 10 -63.59 -52.95 157.31
CA ARG CA 10 -62.52 -52.42 156.45
C ARG CA 10 -61.53 -53.53 156.17
N PRO CA 11 -61.98 -54.62 155.53
CA PRO CA 11 -61.05 -55.68 155.17
C PRO CA 11 -60.09 -55.21 154.09
N LYS CA 12 -58.91 -55.80 154.08
CA LYS CA 12 -57.85 -55.42 153.15
C LYS CA 12 -57.57 -56.57 152.20
N ASN CA 13 -57.56 -56.27 150.90
CA ASN CA 13 -57.23 -57.26 149.89
C ASN CA 13 -55.73 -57.37 149.77
N PHE CA 14 -55.21 -58.58 149.95
CA PHE CA 14 -53.78 -58.85 149.83
C PHE CA 14 -53.40 -59.35 148.45
N GLY CA 15 -54.15 -58.96 147.43
CA GLY CA 15 -53.76 -59.26 146.08
C GLY CA 15 -52.44 -58.61 145.73
N ILE CA 16 -51.78 -59.20 144.75
CA ILE CA 16 -50.47 -58.72 144.31
C ILE CA 16 -50.57 -57.25 143.97
N GLY CA 17 -49.80 -56.43 144.67
CA GLY CA 17 -49.79 -55.00 144.44
C GLY CA 17 -50.80 -54.22 145.25
N GLN CA 18 -51.79 -54.88 145.83
CA GLN CA 18 -52.76 -54.22 146.69
C GLN CA 18 -52.16 -54.09 148.09
N ASP CA 19 -53.00 -53.81 149.09
CA ASP CA 19 -52.51 -53.63 150.45
C ASP CA 19 -51.56 -54.74 150.87
N ILE CA 20 -50.49 -54.37 151.56
CA ILE CA 20 -49.32 -55.23 151.70
C ILE CA 20 -49.70 -56.54 152.39
N GLN CA 21 -48.95 -57.59 152.07
CA GLN CA 21 -49.23 -58.90 152.61
C GLN CA 21 -48.97 -58.92 154.11
N PRO CA 22 -49.83 -59.57 154.88
CA PRO CA 22 -49.62 -59.69 156.32
C PRO CA 22 -48.48 -60.65 156.61
N LYS CA 23 -48.11 -60.70 157.88
CA LYS CA 23 -46.99 -61.53 158.33
C LYS CA 23 -47.50 -62.95 158.55
N ARG CA 24 -47.55 -63.71 157.47
CA ARG CA 24 -47.99 -65.09 157.51
C ARG CA 24 -46.86 -65.96 158.04
N ASP CA 25 -47.01 -67.27 157.89
CA ASP CA 25 -45.97 -68.19 158.33
C ASP CA 25 -44.80 -68.16 157.36
N LEU CA 26 -43.60 -68.43 157.89
CA LEU CA 26 -42.41 -68.55 157.04
C LEU CA 26 -41.56 -69.74 157.43
N THR CA 27 -42.09 -70.65 158.26
CA THR CA 27 -41.29 -71.75 158.77
C THR CA 27 -40.67 -72.56 157.64
N ARG CA 28 -41.45 -72.83 156.59
CA ARG CA 28 -40.96 -73.64 155.49
C ARG CA 28 -39.78 -72.99 154.78
N PHE CA 29 -39.74 -71.65 154.73
CA PHE CA 29 -38.69 -70.93 154.01
C PHE CA 29 -37.71 -70.24 154.96
N VAL CA 30 -37.67 -70.66 156.21
CA VAL CA 30 -36.77 -70.03 157.18
C VAL CA 30 -35.33 -70.37 156.83
N LYS CA 31 -34.48 -69.35 156.78
CA LYS CA 31 -33.05 -69.55 156.62
C LYS CA 31 -32.50 -70.13 157.91
N TRP CA 32 -32.32 -71.44 157.93
CA TRP CA 32 -31.88 -72.13 159.12
C TRP CA 32 -30.37 -71.99 159.32
N PRO CA 33 -29.88 -72.25 160.52
CA PRO CA 33 -28.42 -72.38 160.69
C PRO CA 33 -27.90 -73.58 159.94
N ARG CA 34 -26.58 -73.72 159.93
CA ARG CA 34 -25.96 -74.77 159.14
C ARG CA 34 -26.32 -76.16 159.67
N TYR CA 35 -26.31 -76.33 161.00
CA TYR CA 35 -26.48 -77.66 161.56
C TYR CA 35 -27.91 -78.16 161.38
N ILE CA 36 -28.88 -77.25 161.41
CA ILE CA 36 -30.26 -77.65 161.14
C ILE CA 36 -30.37 -78.27 159.76
N ARG CA 37 -29.84 -77.57 158.75
CA ARG CA 37 -29.86 -78.11 157.40
C ARG CA 37 -29.09 -79.41 157.35
N LEU CA 38 -28.00 -79.51 158.11
CA LEU CA 38 -27.21 -80.73 158.13
C LEU CA 38 -28.06 -81.92 158.55
N GLN CA 39 -28.66 -81.86 159.74
CA GLN CA 39 -29.41 -83.02 160.22
C GLN CA 39 -30.64 -83.28 159.36
N ARG CA 40 -31.31 -82.23 158.90
CA ARG CA 40 -32.47 -82.44 158.04
C ARG CA 40 -32.07 -83.14 156.76
N GLN CA 41 -31.00 -82.68 156.11
CA GLN CA 41 -30.58 -83.31 154.87
C GLN CA 41 -30.04 -84.71 155.12
N ARG CA 42 -29.53 -85.00 156.31
CA ARG CA 42 -29.10 -86.36 156.59
C ARG CA 42 -30.28 -87.31 156.69
N ALA CA 43 -31.34 -86.89 157.38
CA ALA CA 43 -32.56 -87.69 157.36
C ALA CA 43 -33.07 -87.84 155.93
N ILE CA 44 -32.98 -86.77 155.14
CA ILE CA 44 -33.36 -86.85 153.73
C ILE CA 44 -32.55 -87.91 153.02
N LEU CA 45 -31.23 -87.94 153.26
CA LEU CA 45 -30.38 -88.92 152.59
C LEU CA 45 -30.76 -90.34 152.99
N TYR CA 46 -31.04 -90.55 154.27
CA TYR CA 46 -31.43 -91.89 154.70
C TYR CA 46 -32.72 -92.33 154.02
N LYS CA 47 -33.70 -91.44 153.93
CA LYS CA 47 -34.92 -91.81 153.22
C LYS CA 47 -34.66 -91.94 151.72
N ARG CA 48 -33.63 -91.25 151.23
CA ARG CA 48 -33.38 -91.19 149.79
C ARG CA 48 -32.57 -92.38 149.30
N LEU CA 49 -31.50 -92.71 150.01
CA LEU CA 49 -30.56 -93.71 149.51
C LEU CA 49 -31.16 -95.10 149.59
N LYS CA 50 -30.45 -96.05 148.98
CA LYS CA 50 -30.79 -97.46 149.12
C LYS CA 50 -30.19 -97.96 150.42
N VAL CA 51 -30.95 -97.85 151.50
CA VAL CA 51 -30.44 -98.22 152.82
C VAL CA 51 -30.08 -99.70 152.83
N PRO CA 52 -28.88 -100.07 153.26
CA PRO CA 52 -28.54 -101.49 153.32
C PRO CA 52 -29.41 -102.22 154.24
N PRO CA 53 -29.76 -103.48 153.95
CA PRO CA 53 -30.75 -104.21 154.75
C PRO CA 53 -30.35 -104.37 156.21
N ALA CA 54 -29.05 -104.58 156.47
CA ALA CA 54 -28.61 -104.71 157.85
C ALA CA 54 -28.77 -103.41 158.62
N ILE CA 55 -29.12 -102.32 157.95
CA ILE CA 55 -29.44 -101.07 158.61
C ILE CA 55 -30.91 -100.71 158.44
N ASN CA 56 -31.53 -101.12 157.33
CA ASN CA 56 -32.97 -100.91 157.22
C ASN CA 56 -33.73 -101.74 158.24
N GLN CA 57 -33.10 -102.79 158.79
CA GLN CA 57 -33.76 -103.56 159.84
C GLN CA 57 -34.11 -102.67 161.03
N PHE CA 58 -33.22 -101.75 161.41
CA PHE CA 58 -33.49 -100.88 162.53
C PHE CA 58 -34.60 -99.88 162.23
N THR CA 59 -34.87 -99.59 160.96
CA THR CA 59 -35.94 -98.67 160.64
C THR CA 59 -37.27 -99.15 161.19
N GLN CA 60 -37.53 -100.44 161.11
CA GLN CA 60 -38.76 -100.99 161.67
C GLN CA 60 -38.54 -101.26 163.16
N ALA CA 61 -39.31 -100.57 163.99
CA ALA CA 61 -39.28 -100.72 165.43
C ALA CA 61 -40.52 -101.50 165.89
N LEU CA 62 -40.73 -101.55 167.21
CA LEU CA 62 -41.83 -102.28 167.80
C LEU CA 62 -43.07 -101.40 167.91
N ASP CA 63 -44.22 -102.06 168.04
CA ASP CA 63 -45.48 -101.35 168.19
C ASP CA 63 -45.54 -100.64 169.54
N ARG CA 64 -46.39 -99.62 169.62
CA ARG CA 64 -46.43 -98.75 170.79
C ARG CA 64 -46.84 -99.51 172.04
N GLN CA 65 -47.98 -100.19 172.00
CA GLN CA 65 -48.49 -100.84 173.20
C GLN CA 65 -47.57 -101.99 173.63
N THR CA 66 -47.03 -102.72 172.66
CA THR CA 66 -46.05 -103.75 172.99
C THR CA 66 -44.83 -103.15 173.68
N ALA CA 67 -44.35 -102.01 173.18
CA ALA CA 67 -43.23 -101.35 173.81
C ALA CA 67 -43.57 -100.91 175.23
N THR CA 68 -44.77 -100.38 175.45
CA THR CA 68 -45.15 -99.94 176.77
C THR CA 68 -45.21 -101.11 177.74
N GLN CA 69 -45.81 -102.22 177.33
CA GLN CA 69 -45.86 -103.38 178.23
C GLN CA 69 -44.48 -103.95 178.46
N LEU CA 70 -43.62 -103.95 177.44
CA LEU CA 70 -42.26 -104.46 177.61
C LEU CA 70 -41.49 -103.61 178.62
N LEU CA 71 -41.57 -102.29 178.48
CA LEU CA 71 -40.94 -101.41 179.45
C LEU CA 71 -41.55 -101.59 180.83
N LYS CA 72 -42.85 -101.89 180.89
CA LYS CA 72 -43.48 -102.17 182.17
C LYS CA 72 -42.80 -103.35 182.85
N LEU CA 73 -42.69 -104.47 182.15
CA LEU CA 73 -42.10 -105.65 182.76
C LEU CA 73 -40.60 -105.47 183.02
N ALA CA 74 -39.95 -104.62 182.24
CA ALA CA 74 -38.55 -104.32 182.51
C ALA CA 74 -38.41 -103.45 183.75
N HIS CA 75 -39.23 -102.41 183.85
CA HIS CA 75 -39.20 -101.56 185.03
C HIS CA 75 -39.46 -102.36 186.30
N LYS CA 76 -40.17 -103.48 186.17
CA LYS CA 76 -40.40 -104.35 187.31
C LYS CA 76 -39.11 -104.91 187.87
N TYR CA 77 -38.04 -104.94 187.07
CA TYR CA 77 -36.72 -105.35 187.51
C TYR CA 77 -35.72 -104.22 187.36
N ARG CA 78 -36.22 -102.99 187.45
CA ARG CA 78 -35.41 -101.84 187.12
C ARG CA 78 -34.14 -101.84 187.97
N PRO CA 79 -32.98 -101.62 187.36
CA PRO CA 79 -31.73 -101.57 188.12
C PRO CA 79 -31.87 -100.78 189.40
N GLU CA 80 -31.12 -101.22 190.39
CA GLU CA 80 -30.95 -100.50 191.64
C GLU CA 80 -30.31 -99.14 191.40
N THR CA 81 -30.50 -98.24 192.36
CA THR CA 81 -29.87 -96.94 192.30
C THR CA 81 -28.76 -96.84 193.34
N LYS CA 82 -27.90 -95.83 193.17
CA LYS CA 82 -26.68 -95.76 193.98
C LYS CA 82 -26.99 -95.47 195.44
N GLN CA 83 -27.92 -94.57 195.72
CA GLN CA 83 -28.32 -94.34 197.10
C GLN CA 83 -28.86 -95.63 197.71
N GLU CA 84 -29.67 -96.36 196.94
CA GLU CA 84 -30.09 -97.67 197.38
C GLU CA 84 -28.89 -98.59 197.58
N LYS CA 85 -27.87 -98.45 196.73
CA LYS CA 85 -26.68 -99.29 196.89
C LYS CA 85 -26.04 -99.04 198.24
N LYS CA 86 -25.90 -97.78 198.62
CA LYS CA 86 -25.35 -97.46 199.93
C LYS CA 86 -26.24 -97.99 201.04
N GLN CA 87 -27.56 -97.84 200.89
CA GLN CA 87 -28.47 -98.31 201.94
C GLN CA 87 -28.37 -99.82 202.12
N ARG CA 88 -28.39 -100.57 201.01
CA ARG CA 88 -28.29 -102.02 201.11
C ARG CA 88 -26.92 -102.45 201.58
N LEU CA 89 -25.87 -101.68 201.27
CA LEU CA 89 -24.55 -101.99 201.79
C LEU CA 89 -24.51 -101.84 203.30
N LEU CA 90 -25.05 -100.74 203.82
CA LEU CA 90 -25.07 -100.53 205.26
C LEU CA 90 -25.90 -101.60 205.95
N ALA CA 91 -27.07 -101.91 205.40
CA ALA CA 91 -27.93 -102.93 206.00
C ALA CA 91 -27.26 -104.30 205.99
N ARG CA 92 -26.63 -104.66 204.87
CA ARG CA 92 -25.93 -105.93 204.79
C ARG CA 92 -24.75 -105.99 205.73
N ALA CA 93 -24.01 -104.88 205.87
CA ALA CA 93 -22.89 -104.85 206.80
C ALA CA 93 -23.38 -105.03 208.23
N GLU CA 94 -24.46 -104.34 208.60
CA GLU CA 94 -25.01 -104.52 209.94
C GLU CA 94 -25.46 -105.96 210.18
N LYS CA 95 -26.22 -106.53 209.25
CA LYS CA 95 -26.78 -107.87 209.44
C LYS CA 95 -25.73 -108.96 209.38
N LYS CA 96 -24.61 -108.71 208.68
CA LYS CA 96 -23.48 -109.62 208.75
C LYS CA 96 -22.68 -109.44 210.04
N ALA CA 97 -22.64 -108.23 210.59
CA ALA CA 97 -22.05 -108.05 211.92
C ALA CA 97 -22.84 -108.81 212.97
N ALA CA 98 -24.17 -108.74 212.91
CA ALA CA 98 -25.03 -109.47 213.83
C ALA CA 98 -26.40 -109.62 213.19
N GLY CA 99 -26.77 -110.86 212.83
CA GLY CA 99 -25.91 -112.02 213.02
C GLY CA 99 -26.08 -113.06 211.93
N LYS CA 100 -26.68 -112.61 210.84
CA LYS CA 100 -26.97 -113.49 209.71
C LYS CA 100 -25.71 -114.08 209.07
N GLY CA 101 -24.54 -113.46 209.20
CA GLY CA 101 -23.34 -113.99 208.58
C GLY CA 101 -23.28 -113.61 207.12
N ASP CA 102 -23.01 -114.60 206.27
CA ASP CA 102 -22.90 -114.32 204.84
C ASP CA 102 -24.26 -114.01 204.25
N VAL CA 103 -25.17 -114.98 204.25
CA VAL CA 103 -26.56 -114.80 203.82
C VAL CA 103 -26.63 -114.16 202.44
N PRO CA 104 -26.32 -114.89 201.37
CA PRO CA 104 -26.38 -114.27 200.03
C PRO CA 104 -27.76 -113.73 199.67
N THR CA 105 -28.83 -114.39 200.13
CA THR CA 105 -30.21 -113.94 199.95
C THR CA 105 -30.55 -113.76 198.47
N LYS CA 106 -30.23 -114.79 197.68
CA LYS CA 106 -30.68 -114.93 196.29
C LYS CA 106 -30.57 -113.62 195.53
N ARG CA 107 -29.33 -113.16 195.27
CA ARG CA 107 -29.02 -111.88 194.64
C ARG CA 107 -30.03 -111.58 193.55
N PRO CA 108 -30.82 -110.52 193.71
CA PRO CA 108 -32.02 -110.33 192.90
C PRO CA 108 -31.67 -110.23 191.42
N PRO CA 109 -32.46 -110.85 190.56
CA PRO CA 109 -32.13 -110.87 189.13
C PRO CA 109 -32.37 -109.51 188.51
N VAL CA 110 -31.28 -108.90 188.05
CA VAL CA 110 -31.35 -107.61 187.38
C VAL CA 110 -30.90 -107.78 185.94
N LEU CA 111 -31.64 -107.14 185.05
CA LEU CA 111 -31.28 -107.13 183.64
C LEU CA 111 -30.02 -106.30 183.43
N ARG CA 112 -29.29 -106.61 182.37
CA ARG CA 112 -27.92 -106.16 182.18
C ARG CA 112 -27.83 -105.24 180.97
N ALA CA 113 -27.09 -104.14 181.12
CA ALA CA 113 -26.93 -103.13 180.08
C ALA CA 113 -25.48 -103.05 179.65
N GLY CA 114 -25.24 -102.31 178.57
CA GLY CA 114 -23.90 -102.19 178.03
C GLY CA 114 -23.62 -103.22 176.97
N VAL CA 115 -23.01 -102.80 175.86
CA VAL CA 115 -22.86 -103.68 174.71
C VAL CA 115 -22.03 -104.91 175.07
N ASN CA 116 -20.98 -104.73 175.85
CA ASN CA 116 -20.10 -105.87 176.09
C ASN CA 116 -20.72 -106.86 177.06
N THR CA 117 -21.42 -106.38 178.08
CA THR CA 117 -22.11 -107.29 178.99
C THR CA 117 -23.10 -108.15 178.22
N VAL CA 118 -23.99 -107.51 177.45
CA VAL CA 118 -25.00 -108.25 176.75
C VAL CA 118 -24.37 -109.13 175.68
N THR CA 119 -23.30 -108.68 175.05
CA THR CA 119 -22.62 -109.49 174.05
C THR CA 119 -22.10 -110.78 174.67
N THR CA 120 -21.43 -110.66 175.82
CA THR CA 120 -20.94 -111.85 176.50
C THR CA 120 -22.09 -112.76 176.89
N LEU CA 121 -23.19 -112.19 177.40
CA LEU CA 121 -24.33 -113.01 177.76
C LEU CA 121 -24.86 -113.78 176.55
N VAL CA 122 -25.01 -113.11 175.42
CA VAL CA 122 -25.61 -113.75 174.25
C VAL CA 122 -24.69 -114.84 173.73
N GLU CA 123 -23.39 -114.55 173.63
CA GLU CA 123 -22.48 -115.55 173.10
C GLU CA 123 -22.36 -116.73 174.06
N ASN CA 124 -22.52 -116.48 175.35
CA ASN CA 124 -22.48 -117.54 176.36
C ASN CA 124 -23.86 -118.14 176.62
N LYS CA 125 -24.83 -117.88 175.74
CA LYS CA 125 -26.18 -118.44 175.85
C LYS CA 125 -26.95 -117.92 177.06
N LYS CA 126 -26.37 -117.01 177.83
CA LYS CA 126 -26.86 -116.70 179.16
C LYS CA 126 -27.99 -115.68 179.17
N ALA CA 127 -28.53 -115.32 178.02
CA ALA CA 127 -29.61 -114.35 177.96
C ALA CA 127 -30.90 -115.04 177.58
N GLN CA 128 -32.01 -114.32 177.77
CA GLN CA 128 -33.32 -114.83 177.39
C GLN CA 128 -34.07 -113.88 176.47
N LEU CA 129 -33.84 -112.57 176.60
CA LEU CA 129 -34.34 -111.62 175.62
C LEU CA 129 -33.46 -110.37 175.70
N VAL CA 130 -33.17 -109.80 174.54
CA VAL CA 130 -32.43 -108.56 174.48
C VAL CA 130 -33.26 -107.54 173.70
N VAL CA 131 -33.06 -106.28 174.05
CA VAL CA 131 -33.78 -105.17 173.44
C VAL CA 131 -32.76 -104.22 172.84
N ILE CA 132 -33.09 -103.68 171.67
CA ILE CA 132 -32.14 -102.90 170.87
C ILE CA 132 -32.69 -101.51 170.66
N ALA CA 133 -31.84 -100.51 170.88
CA ALA CA 133 -32.20 -99.14 170.55
C ALA CA 133 -32.06 -98.89 169.06
N HIS CA 134 -33.14 -98.46 168.42
CA HIS CA 134 -33.13 -98.26 166.98
C HIS CA 134 -32.29 -97.08 166.55
N ASP CA 135 -31.84 -96.24 167.48
CA ASP CA 135 -31.32 -94.93 167.15
C ASP CA 135 -29.97 -94.69 167.78
N VAL CA 136 -29.11 -95.69 167.80
CA VAL CA 136 -27.76 -95.46 168.28
C VAL CA 136 -27.01 -94.62 167.25
N ASP CA 137 -26.51 -93.47 167.69
CA ASP CA 137 -25.94 -92.50 166.74
C ASP CA 137 -24.79 -93.11 165.95
N PRO CA 138 -23.77 -93.70 166.58
CA PRO CA 138 -22.81 -94.45 165.78
C PRO CA 138 -23.33 -95.87 165.55
N ILE CA 139 -24.17 -96.03 164.53
CA ILE CA 139 -24.82 -97.31 164.33
C ILE CA 139 -23.83 -98.18 163.58
N GLU CA 140 -22.88 -98.72 164.34
CA GLU CA 140 -21.94 -99.69 163.82
C GLU CA 140 -21.58 -100.73 164.86
N LEU CA 141 -22.17 -100.67 166.05
CA LEU CA 141 -21.81 -101.54 167.15
C LEU CA 141 -22.96 -102.42 167.61
N VAL CA 142 -24.17 -102.22 167.09
CA VAL CA 142 -25.28 -103.13 167.29
C VAL CA 142 -25.76 -103.74 165.99
N VAL CA 143 -25.11 -103.41 164.87
CA VAL CA 143 -25.57 -103.88 163.57
C VAL CA 143 -25.47 -105.39 163.47
N PHE CA 144 -24.67 -106.01 164.34
CA PHE CA 144 -24.53 -107.45 164.32
C PHE CA 144 -25.48 -108.14 165.29
N LEU CA 145 -26.03 -107.42 166.24
CA LEU CA 145 -26.81 -108.05 167.31
C LEU CA 145 -27.96 -108.89 166.77
N PRO CA 146 -28.75 -108.45 165.78
CA PRO CA 146 -29.72 -109.37 165.19
C PRO CA 146 -29.08 -110.63 164.65
N ALA CA 147 -27.90 -110.51 164.04
CA ALA CA 147 -27.24 -111.69 163.49
C ALA CA 147 -26.86 -112.66 164.59
N LEU CA 148 -26.25 -112.16 165.66
CA LEU CA 148 -25.98 -113.01 166.81
C LEU CA 148 -27.25 -113.68 167.29
N CYS CA 149 -28.31 -112.91 167.52
CA CYS CA 149 -29.52 -113.44 168.12
C CYS CA 149 -30.12 -114.54 167.26
N ARG CA 150 -30.16 -114.35 165.94
CA ARG CA 150 -30.73 -115.38 165.10
C ARG CA 150 -29.77 -116.54 164.89
N LYS CA 151 -28.48 -116.31 165.16
CA LYS CA 151 -27.52 -117.40 164.97
C LYS CA 151 -27.52 -118.36 166.14
N MET CA 152 -27.59 -117.84 167.36
CA MET CA 152 -27.57 -118.72 168.51
C MET CA 152 -28.97 -118.95 169.09
N GLY CA 153 -29.91 -118.03 168.83
CA GLY CA 153 -31.30 -118.28 169.18
C GLY CA 153 -32.11 -117.35 170.08
N VAL CA 154 -31.52 -116.32 170.68
CA VAL CA 154 -32.24 -115.50 171.66
C VAL CA 154 -33.13 -114.52 170.92
N PRO CA 155 -34.35 -114.28 171.38
CA PRO CA 155 -35.17 -113.24 170.75
C PRO CA 155 -34.58 -111.86 170.96
N TYR CA 156 -34.81 -110.98 169.98
CA TYR CA 156 -34.31 -109.62 170.01
C TYR CA 156 -35.40 -108.68 169.51
N CYS CA 157 -35.40 -107.46 170.02
CA CYS CA 157 -36.44 -106.50 169.68
C CYS CA 157 -35.82 -105.14 169.42
N ILE CA 158 -36.25 -104.50 168.33
CA ILE CA 158 -35.73 -103.19 167.95
C ILE CA 158 -36.65 -102.12 168.53
N ILE CA 159 -36.22 -101.48 169.59
CA ILE CA 159 -37.04 -100.54 170.34
C ILE CA 159 -36.84 -99.14 169.80
N LYS CA 160 -37.92 -98.40 169.64
CA LYS CA 160 -37.87 -97.04 169.14
C LYS CA 160 -37.43 -96.13 170.27
N GLY CA 161 -36.13 -96.15 170.56
CA GLY CA 161 -35.54 -95.16 171.43
C GLY CA 161 -34.60 -95.67 172.50
N LYS CA 162 -33.35 -95.17 172.47
CA LYS CA 162 -32.38 -95.43 173.51
C LYS CA 162 -32.62 -94.63 174.77
N ALA CA 163 -33.24 -93.45 174.63
CA ALA CA 163 -33.47 -92.58 175.77
C ALA CA 163 -34.32 -93.27 176.82
N ARG CA 164 -35.34 -94.02 176.39
CA ARG CA 164 -36.17 -94.73 177.34
C ARG CA 164 -35.37 -95.78 178.10
N LEU CA 165 -34.46 -96.47 177.40
CA LEU CA 165 -33.59 -97.43 178.09
C LEU CA 165 -32.70 -96.73 179.09
N GLY CA 166 -32.13 -95.58 178.71
CA GLY CA 166 -31.26 -94.87 179.64
C GLY CA 166 -32.00 -94.38 180.86
N ARG CA 167 -33.17 -93.76 180.67
CA ARG CA 167 -34.01 -93.42 181.81
C ARG CA 167 -34.29 -94.63 182.66
N LEU CA 168 -34.51 -95.78 182.03
CA LEU CA 168 -34.81 -97.00 182.77
C LEU CA 168 -33.64 -97.39 183.66
N VAL CA 169 -32.42 -97.32 183.15
CA VAL CA 169 -31.26 -97.82 183.89
C VAL CA 169 -30.60 -96.74 184.74
N HIS CA 170 -31.17 -95.54 184.79
CA HIS CA 170 -30.61 -94.41 185.55
C HIS CA 170 -29.30 -93.92 184.96
N ARG CA 171 -29.22 -93.86 183.63
CA ARG CA 171 -28.09 -93.26 182.95
C ARG CA 171 -28.62 -92.39 181.81
N LYS CA 172 -27.73 -91.63 181.19
CA LYS CA 172 -28.16 -90.72 180.12
C LYS CA 172 -28.79 -91.49 178.97
N THR CA 173 -28.11 -92.53 178.48
CA THR CA 173 -28.64 -93.35 177.41
C THR CA 173 -27.97 -94.71 177.47
N CYS CA 174 -28.68 -95.72 176.99
CA CYS CA 174 -28.14 -97.07 176.91
C CYS CA 174 -28.42 -97.64 175.54
N THR CA 175 -27.42 -98.32 174.97
CA THR CA 175 -27.59 -98.93 173.67
C THR CA 175 -28.54 -100.12 173.75
N THR CA 176 -28.34 -101.01 174.70
CA THR CA 176 -29.14 -102.22 174.75
C THR CA 176 -29.08 -102.84 176.13
N VAL CA 177 -30.15 -103.55 176.48
CA VAL CA 177 -30.28 -104.22 177.76
C VAL CA 177 -30.79 -105.64 177.52
N ALA CA 178 -30.28 -106.59 178.31
CA ALA CA 178 -30.60 -107.99 178.12
C ALA CA 178 -31.39 -108.53 179.31
N PHE CA 179 -32.13 -109.60 179.06
CA PHE CA 179 -32.96 -110.26 180.07
C PHE CA 179 -32.30 -111.54 180.52
N THR CA 180 -31.68 -111.50 181.69
CA THR CA 180 -31.24 -112.73 182.37
C THR CA 180 -32.44 -113.31 183.11
N GLN CA 181 -32.19 -114.25 184.03
CA GLN CA 181 -33.27 -114.96 184.69
C GLN CA 181 -34.26 -114.00 185.33
N VAL CA 182 -35.49 -114.49 185.49
CA VAL CA 182 -36.63 -113.67 185.91
C VAL CA 182 -37.43 -114.46 186.94
N ASN CA 183 -37.97 -113.76 187.93
CA ASN CA 183 -38.79 -114.43 188.93
C ASN CA 183 -40.03 -115.05 188.29
N SER CA 184 -40.64 -115.99 189.03
CA SER CA 184 -41.72 -116.79 188.46
C SER CA 184 -42.93 -115.96 188.05
N GLU CA 185 -43.20 -114.85 188.74
CA GLU CA 185 -44.42 -114.10 188.48
C GLU CA 185 -44.46 -113.56 187.06
N ASP CA 186 -43.30 -113.31 186.46
CA ASP CA 186 -43.22 -112.75 185.13
C ASP CA 186 -42.75 -113.75 184.08
N LYS CA 187 -42.61 -115.03 184.45
CA LYS CA 187 -42.42 -116.06 183.45
C LYS CA 187 -43.50 -115.97 182.38
N GLY CA 188 -44.75 -115.87 182.82
CA GLY CA 188 -45.84 -115.76 181.86
C GLY CA 188 -45.76 -114.50 181.03
N ALA CA 189 -45.38 -113.38 181.65
CA ALA CA 189 -45.28 -112.13 180.92
C ALA CA 189 -44.27 -112.25 179.80
N LEU CA 190 -43.06 -112.68 180.12
CA LEU CA 190 -42.04 -112.76 179.08
C LEU CA 190 -42.34 -113.88 178.10
N ALA CA 191 -43.03 -114.93 178.51
CA ALA CA 191 -43.38 -115.99 177.58
C ALA CA 191 -44.40 -115.52 176.57
N LYS CA 192 -45.40 -114.76 177.02
CA LYS CA 192 -46.35 -114.19 176.07
C LYS CA 192 -45.70 -113.14 175.21
N LEU CA 193 -44.63 -112.50 175.70
CA LEU CA 193 -43.85 -111.62 174.83
C LEU CA 193 -43.13 -112.42 173.75
N VAL CA 194 -42.39 -113.47 174.15
CA VAL CA 194 -41.42 -114.06 173.24
C VAL CA 194 -42.10 -114.74 172.07
N GLU CA 195 -43.25 -115.35 172.28
CA GLU CA 195 -43.95 -115.94 171.14
C GLU CA 195 -44.32 -114.86 170.13
N ALA CA 196 -44.76 -113.70 170.62
CA ALA CA 196 -45.12 -112.61 169.72
C ALA CA 196 -43.89 -112.05 169.01
N ILE CA 197 -42.81 -111.86 169.75
CA ILE CA 197 -41.68 -111.11 169.23
C ILE CA 197 -40.72 -111.98 168.43
N ARG CA 198 -40.62 -113.27 168.74
CA ARG CA 198 -39.86 -114.16 167.89
C ARG CA 198 -40.44 -114.16 166.49
N THR CA 199 -41.76 -114.28 166.37
CA THR CA 199 -42.40 -114.25 165.06
C THR CA 199 -42.11 -112.95 164.34
N ASN CA 200 -42.19 -111.83 165.04
CA ASN CA 200 -42.07 -110.56 164.36
C ASN CA 200 -40.63 -110.15 164.14
N TYR CA 201 -39.66 -110.77 164.80
CA TYR CA 201 -38.27 -110.40 164.57
C TYR CA 201 -37.41 -111.52 164.02
N ASN CA 202 -37.30 -112.64 164.73
CA ASN CA 202 -36.39 -113.70 164.31
C ASN CA 202 -36.91 -114.47 163.10
N ASP CA 203 -38.15 -114.95 163.16
CA ASP CA 203 -38.60 -115.92 162.17
C ASP CA 203 -38.87 -115.31 160.81
N ARG CA 204 -38.75 -113.99 160.65
CA ARG CA 204 -38.78 -113.40 159.33
C ARG CA 204 -37.41 -112.90 158.91
N TYR CA 205 -36.34 -113.43 159.49
CA TYR CA 205 -35.00 -112.98 159.16
C TYR CA 205 -34.65 -113.24 157.70
N ASP CA 206 -35.12 -114.34 157.13
CA ASP CA 206 -34.74 -114.69 155.76
C ASP CA 206 -35.12 -113.57 154.79
N GLU CA 207 -36.31 -113.01 154.94
CA GLU CA 207 -36.65 -111.83 154.15
C GLU CA 207 -35.96 -110.59 154.68
N ILE CA 208 -35.70 -110.52 155.98
CA ILE CA 208 -35.04 -109.34 156.55
C ILE CA 208 -33.70 -109.09 155.87
N ARG CA 209 -32.95 -110.16 155.61
CA ARG CA 209 -31.68 -110.02 154.92
C ARG CA 209 -31.86 -109.32 153.57
N ARG CA 210 -32.95 -109.61 152.88
CA ARG CA 210 -33.20 -109.02 151.57
C ARG CA 210 -34.00 -107.74 151.65
N HIS CA 211 -34.22 -107.21 152.85
CA HIS CA 211 -35.06 -106.03 153.02
C HIS CA 211 -34.20 -104.78 153.08
N TRP CA 212 -33.93 -104.19 151.92
CA TRP CA 212 -33.20 -102.93 151.84
C TRP CA 212 -34.09 -101.80 152.35
N GLY CA 213 -33.62 -100.56 152.24
CA GLY CA 213 -34.43 -99.45 152.69
C GLY CA 213 -34.28 -98.24 151.81
N GLY CA 214 -35.11 -97.23 152.11
CA GLY CA 214 -35.04 -95.98 151.39
C GLY CA 214 -35.35 -96.15 149.92
N ASN CA 215 -34.52 -95.52 149.09
CA ASN CA 215 -34.74 -95.49 147.64
C ASN CA 215 -36.11 -94.93 147.30
N VAL CA 216 -36.54 -93.92 148.06
CA VAL CA 216 -37.75 -93.18 147.76
C VAL CA 216 -37.37 -91.73 147.51
N LEU CA 217 -37.99 -91.13 146.50
CA LEU CA 217 -37.59 -89.83 146.00
C LEU CA 217 -38.28 -88.72 146.79
N GLY CA 218 -38.15 -87.49 146.29
CA GLY CA 218 -38.78 -86.35 146.89
C GLY CA 218 -40.23 -86.23 146.45
N PRO CA 219 -41.06 -85.62 147.29
CA PRO CA 219 -42.48 -85.51 146.96
C PRO CA 219 -42.74 -84.80 145.65
N LYS CA 220 -41.94 -83.79 145.31
CA LYS CA 220 -42.14 -83.11 144.04
C LYS CA 220 -41.88 -84.04 142.88
N SER CA 221 -40.83 -84.86 142.98
CA SER CA 221 -40.52 -85.81 141.92
C SER CA 221 -41.65 -86.81 141.74
N VAL CA 222 -42.15 -87.35 142.85
CA VAL CA 222 -43.24 -88.31 142.73
C VAL CA 222 -44.48 -87.63 142.18
N ALA CA 223 -44.69 -86.36 142.53
CA ALA CA 223 -45.82 -85.62 141.98
C ALA CA 223 -45.72 -85.54 140.46
N ARG CA 224 -44.55 -85.17 139.95
CA ARG CA 224 -44.44 -85.02 138.49
C ARG CA 224 -44.48 -86.37 137.79
N ILE CA 225 -43.94 -87.42 138.42
CA ILE CA 225 -44.04 -88.74 137.80
C ILE CA 225 -45.49 -89.20 137.76
N ALA CA 226 -46.26 -88.87 138.80
CA ALA CA 226 -47.68 -89.19 138.80
C ALA CA 226 -48.40 -88.44 137.69
N LYS CA 227 -48.09 -87.16 137.53
CA LYS CA 227 -48.71 -86.40 136.44
C LYS CA 227 -48.34 -87.00 135.09
N LEU CA 228 -47.10 -87.45 134.93
CA LEU CA 228 -46.71 -88.09 133.69
C LEU CA 228 -47.55 -89.33 133.42
N GLU CA 229 -47.65 -90.23 134.41
CA GLU CA 229 -48.34 -91.48 134.15
C GLU CA 229 -49.83 -91.26 133.92
N LYS CA 230 -50.43 -90.32 134.64
CA LYS CA 230 -51.86 -90.06 134.42
C LYS CA 230 -52.09 -89.36 133.09
N ALA CA 231 -51.23 -88.42 132.72
CA ALA CA 231 -51.34 -87.77 131.43
C ALA CA 231 -51.10 -88.73 130.28
N LYS CA 232 -50.50 -89.88 130.55
CA LYS CA 232 -50.49 -90.94 129.54
C LYS CA 232 -51.74 -91.81 129.59
N ALA CA 233 -52.18 -92.17 130.79
CA ALA CA 233 -53.27 -93.12 130.93
C ALA CA 233 -54.60 -92.55 130.46
N LYS CA 234 -54.82 -91.25 130.63
CA LYS CA 234 -56.12 -90.67 130.30
C LYS CA 234 -56.45 -90.89 128.82
N GLU CA 235 -55.47 -90.77 127.94
CA GLU CA 235 -55.70 -91.06 126.52
C GLU CA 235 -55.36 -92.49 126.15
N LEU CA 236 -54.56 -93.20 126.96
CA LEU CA 236 -54.40 -94.63 126.73
C LEU CA 236 -55.73 -95.34 126.83
N ALA CA 237 -56.56 -94.96 127.80
CA ALA CA 237 -57.88 -95.55 127.94
C ALA CA 237 -58.74 -95.27 126.71
N THR CA 238 -58.68 -94.03 126.18
CA THR CA 238 -59.51 -93.69 125.03
C THR CA 238 -59.06 -94.39 123.76
N LYS CA 239 -57.74 -94.56 123.58
CA LYS CA 239 -57.25 -95.22 122.38
C LYS CA 239 -57.79 -96.63 122.27
N LEU CA 240 -57.75 -97.39 123.37
CA LEU CA 240 -58.25 -98.74 123.35
C LEU CA 240 -59.78 -98.74 123.30
N GLY CA 241 -60.33 -99.80 122.70
CA GLY CA 241 -61.76 -99.94 122.57
C GLY CA 241 -62.37 -98.97 121.58
N MET DA 1 108.05 -42.86 90.14
CA MET DA 1 109.11 -43.06 89.16
C MET DA 1 109.88 -41.79 88.97
N LYS DA 2 110.63 -41.45 90.00
CA LYS DA 2 111.39 -40.22 90.03
C LYS DA 2 112.60 -40.36 89.12
N THR DA 3 112.52 -39.75 87.93
CA THR DA 3 113.69 -39.69 87.07
C THR DA 3 114.81 -38.93 87.77
N ILE DA 4 116.05 -39.40 87.58
CA ILE DA 4 117.19 -38.73 88.21
C ILE DA 4 117.09 -37.23 88.00
N LEU DA 5 116.99 -36.80 86.75
CA LEU DA 5 117.11 -35.39 86.42
C LEU DA 5 116.45 -35.13 85.08
N SER DA 6 115.53 -34.17 85.05
CA SER DA 6 114.90 -33.72 83.81
C SER DA 6 115.33 -32.28 83.60
N ASN DA 7 116.22 -32.05 82.66
CA ASN DA 7 116.85 -30.75 82.52
C ASN DA 7 116.88 -30.33 81.06
N GLN DA 8 116.99 -29.02 80.85
CA GLN DA 8 117.13 -28.44 79.53
C GLN DA 8 117.62 -27.01 79.68
N THR DA 9 118.03 -26.43 78.56
CA THR DA 9 118.70 -25.14 78.57
C THR DA 9 117.97 -24.17 77.65
N VAL DA 10 117.89 -22.91 78.09
CA VAL DA 10 117.48 -21.81 77.24
C VAL DA 10 118.68 -20.91 77.03
N ASP DA 11 118.73 -20.31 75.84
CA ASP DA 11 119.80 -19.40 75.48
C ASP DA 11 119.30 -17.97 75.56
N ILE DA 12 120.17 -17.09 76.04
CA ILE DA 12 119.84 -15.69 76.26
C ILE DA 12 120.61 -14.86 75.25
N PRO DA 13 119.96 -13.99 74.49
CA PRO DA 13 120.69 -13.10 73.59
C PRO DA 13 121.54 -12.10 74.37
N GLU DA 14 122.57 -11.60 73.69
CA GLU DA 14 123.55 -10.75 74.34
C GLU DA 14 122.95 -9.45 74.85
N ASN DA 15 122.10 -8.80 74.05
CA ASN DA 15 121.61 -7.48 74.43
C ASN DA 15 120.75 -7.51 75.68
N VAL DA 16 120.15 -8.66 76.00
CA VAL DA 16 119.42 -8.86 77.26
C VAL DA 16 120.30 -9.61 78.23
N ASP DA 17 119.98 -9.48 79.51
CA ASP DA 17 120.80 -9.98 80.59
C ASP DA 17 119.87 -10.51 81.68
N ILE DA 18 120.39 -11.47 82.44
CA ILE DA 18 119.62 -12.11 83.49
C ILE DA 18 120.41 -12.08 84.78
N THR DA 19 119.69 -11.98 85.89
CA THR DA 19 120.26 -12.13 87.22
C THR DA 19 119.32 -13.01 88.02
N LEU DA 20 119.88 -13.77 88.96
CA LEU DA 20 119.12 -14.76 89.70
C LEU DA 20 119.19 -14.46 91.19
N LYS DA 21 118.02 -14.30 91.80
CA LYS DA 21 117.92 -14.11 93.25
C LYS DA 21 116.94 -15.17 93.74
N GLY DA 22 117.47 -16.26 94.26
CA GLY DA 22 116.62 -17.40 94.54
C GLY DA 22 115.99 -17.87 93.25
N ARG DA 23 114.75 -18.31 93.33
CA ARG DA 23 114.01 -18.70 92.13
C ARG DA 23 113.22 -17.52 91.57
N THR DA 24 113.91 -16.40 91.40
CA THR DA 24 113.32 -15.18 90.89
C THR DA 24 114.21 -14.68 89.75
N VAL DA 25 113.62 -14.49 88.57
CA VAL DA 25 114.36 -14.10 87.38
C VAL DA 25 114.10 -12.63 87.09
N ILE DA 26 115.17 -11.88 86.85
CA ILE DA 26 115.09 -10.46 86.57
C ILE DA 26 115.81 -10.21 85.26
N VAL DA 27 115.16 -9.50 84.34
CA VAL DA 27 115.68 -9.30 83.00
C VAL DA 27 115.95 -7.81 82.80
N LYS DA 28 116.89 -7.50 81.90
CA LYS DA 28 117.24 -6.12 81.60
C LYS DA 28 117.26 -5.88 80.10
N GLY DA 29 116.19 -6.25 79.41
CA GLY DA 29 116.08 -5.94 78.01
C GLY DA 29 116.05 -4.45 77.78
N PRO DA 30 116.31 -4.04 76.53
CA PRO DA 30 116.28 -2.59 76.22
C PRO DA 30 114.93 -1.95 76.46
N ARG DA 31 113.85 -2.73 76.38
CA ARG DA 31 112.50 -2.20 76.50
C ARG DA 31 111.98 -2.24 77.94
N GLY DA 32 112.87 -2.24 78.93
CA GLY DA 32 112.48 -2.31 80.32
C GLY DA 32 112.91 -3.61 80.98
N THR DA 33 112.37 -3.82 82.17
CA THR DA 33 112.70 -4.98 82.97
C THR DA 33 111.47 -5.84 83.24
N LEU DA 34 111.72 -7.05 83.73
CA LEU DA 34 110.65 -7.98 84.07
C LEU DA 34 111.15 -8.94 85.14
N ARG DA 35 110.50 -8.93 86.30
CA ARG DA 35 110.88 -9.77 87.42
C ARG DA 35 109.75 -10.74 87.73
N ARG DA 36 110.10 -12.01 87.92
CA ARG DA 36 109.12 -13.03 88.27
C ARG DA 36 109.79 -14.12 89.08
N ASP DA 37 109.14 -14.55 90.16
CA ASP DA 37 109.66 -15.59 91.02
C ASP DA 37 108.97 -16.92 90.72
N PHE DA 38 109.66 -18.00 91.09
CA PHE DA 38 109.12 -19.34 90.85
C PHE DA 38 109.24 -20.20 92.09
N ASN DA 39 109.23 -19.59 93.27
CA ASN DA 39 109.39 -20.36 94.50
C ASN DA 39 108.28 -21.39 94.67
N HIS DA 40 107.14 -21.19 94.02
CA HIS DA 40 106.10 -22.22 94.05
C HIS DA 40 106.58 -23.52 93.45
N ILE DA 41 107.30 -23.48 92.34
CA ILE DA 41 107.82 -24.68 91.68
C ILE DA 41 109.16 -25.00 92.29
N ASN DA 42 109.42 -26.28 92.50
CA ASN DA 42 110.63 -26.74 93.18
C ASN DA 42 111.60 -27.25 92.12
N VAL DA 43 112.43 -26.35 91.60
CA VAL DA 43 113.41 -26.69 90.59
C VAL DA 43 114.74 -26.04 90.94
N GLU DA 44 115.70 -26.20 90.05
CA GLU DA 44 117.04 -25.67 90.21
C GLU DA 44 117.43 -24.87 88.99
N LEU DA 45 117.74 -23.60 89.19
CA LEU DA 45 118.11 -22.70 88.11
C LEU DA 45 119.59 -22.39 88.19
N SER DA 46 120.28 -22.51 87.06
CA SER DA 46 121.73 -22.39 87.04
C SER DA 46 122.17 -21.61 85.81
N LEU DA 47 123.23 -20.81 85.98
CA LEU DA 47 123.84 -20.09 84.87
C LEU DA 47 125.15 -20.75 84.49
N LEU DA 48 125.28 -21.12 83.23
CA LEU DA 48 126.45 -21.86 82.76
C LEU DA 48 127.55 -20.95 82.24
N GLY DA 49 127.25 -20.16 81.21
CA GLY DA 49 128.24 -19.37 80.51
C GLY DA 49 128.15 -17.91 80.90
N LYS DA 50 129.30 -17.25 80.97
CA LYS DA 50 129.39 -15.83 81.28
C LYS DA 50 129.32 -14.95 80.03
N LYS DA 51 129.48 -15.53 78.84
CA LYS DA 51 129.42 -14.72 77.63
C LYS DA 51 128.44 -15.33 76.63
N LYS DA 52 128.15 -16.62 76.77
CA LYS DA 52 127.03 -17.20 76.04
C LYS DA 52 125.75 -17.16 76.85
N LYS DA 53 125.84 -17.06 78.18
CA LYS DA 53 124.68 -16.84 79.05
C LYS DA 53 123.64 -17.95 78.88
N ARG DA 54 124.03 -19.14 79.31
CA ARG DA 54 123.13 -20.28 79.28
C ARG DA 54 122.45 -20.43 80.64
N LEU DA 55 121.14 -20.66 80.62
CA LEU DA 55 120.35 -20.89 81.82
C LEU DA 55 119.77 -22.29 81.75
N ARG DA 56 119.93 -23.06 82.83
CA ARG DA 56 119.51 -24.45 82.88
C ARG DA 56 118.59 -24.68 84.07
N VAL DA 57 117.60 -25.55 83.87
CA VAL DA 57 116.60 -25.86 84.88
C VAL DA 57 116.70 -27.34 85.22
N ASP DA 58 116.61 -27.66 86.52
CA ASP DA 58 116.82 -29.01 87.01
C ASP DA 58 115.71 -29.41 87.97
N LYS DA 59 115.26 -30.66 87.87
CA LYS DA 59 114.11 -31.14 88.61
C LYS DA 59 114.43 -32.18 89.67
N TRP DA 60 115.40 -33.07 89.42
CA TRP DA 60 115.93 -33.94 90.47
C TRP DA 60 114.87 -34.79 91.15
N TRP DA 61 114.38 -35.83 90.47
CA TRP DA 61 113.47 -36.80 91.06
C TRP DA 61 112.06 -36.26 91.26
N GLY DA 62 111.46 -35.79 90.18
CA GLY DA 62 110.04 -35.49 90.16
C GLY DA 62 109.30 -36.49 89.30
N ASN DA 63 108.06 -36.78 89.68
CA ASN DA 63 107.20 -37.62 88.86
C ASN DA 63 106.56 -36.78 87.77
N ARG DA 64 105.78 -37.43 86.90
CA ARG DA 64 105.32 -36.76 85.69
C ARG DA 64 104.40 -35.58 85.98
N LYS DA 65 103.83 -35.51 87.18
CA LYS DA 65 103.02 -34.33 87.50
C LYS DA 65 103.89 -33.07 87.55
N GLU DA 66 105.05 -33.14 88.18
CA GLU DA 66 105.94 -32.00 88.25
C GLU DA 66 106.93 -31.96 87.10
N LEU DA 67 107.19 -33.10 86.45
CA LEU DA 67 108.00 -33.06 85.24
C LEU DA 67 107.34 -32.20 84.18
N ALA DA 68 106.03 -31.97 84.30
CA ALA DA 68 105.34 -31.06 83.40
C ALA DA 68 105.79 -29.62 83.62
N THR DA 69 106.33 -29.32 84.81
CA THR DA 69 106.78 -27.96 85.10
C THR DA 69 108.19 -27.69 84.60
N VAL DA 70 108.91 -28.71 84.15
CA VAL DA 70 110.31 -28.52 83.78
C VAL DA 70 110.42 -27.56 82.61
N ARG DA 71 109.58 -27.73 81.60
CA ARG DA 71 109.63 -26.82 80.47
C ARG DA 71 108.58 -25.72 80.51
N THR DA 72 107.64 -25.78 81.46
CA THR DA 72 106.78 -24.62 81.66
C THR DA 72 107.61 -23.42 82.06
N ILE DA 73 108.58 -23.63 82.94
CA ILE DA 73 109.44 -22.53 83.37
C ILE DA 73 110.26 -22.01 82.20
N CYS DA 74 110.80 -22.91 81.39
CA CYS DA 74 111.56 -22.46 80.23
C CYS DA 74 110.68 -21.70 79.25
N SER DA 75 109.44 -22.15 79.06
CA SER DA 75 108.52 -21.44 78.18
C SER DA 75 108.27 -20.03 78.71
N HIS DA 76 108.04 -19.90 80.01
CA HIS DA 76 107.80 -18.58 80.58
C HIS DA 76 109.03 -17.69 80.49
N VAL DA 77 110.22 -18.26 80.68
CA VAL DA 77 111.45 -17.46 80.60
C VAL DA 77 111.66 -16.98 79.17
N GLN DA 78 111.50 -17.89 78.20
CA GLN DA 78 111.55 -17.49 76.80
C GLN DA 78 110.48 -16.46 76.48
N ASN DA 79 109.33 -16.54 77.14
CA ASN DA 79 108.29 -15.53 76.95
C ASN DA 79 108.77 -14.18 77.41
N MET DA 80 109.30 -14.09 78.63
CA MET DA 80 109.64 -12.77 79.15
C MET DA 80 110.89 -12.19 78.50
N ILE DA 81 111.86 -13.01 78.10
CA ILE DA 81 113.02 -12.44 77.43
C ILE DA 81 112.61 -11.83 76.09
N LYS DA 82 111.78 -12.53 75.33
CA LYS DA 82 111.32 -11.94 74.09
C LYS DA 82 110.33 -10.82 74.33
N GLY DA 83 109.69 -10.78 75.50
CA GLY DA 83 108.86 -9.64 75.83
C GLY DA 83 109.67 -8.39 76.08
N VAL DA 84 110.80 -8.51 76.76
CA VAL DA 84 111.64 -7.34 77.04
C VAL DA 84 112.53 -6.98 75.86
N THR DA 85 112.73 -7.89 74.91
CA THR DA 85 113.49 -7.56 73.72
C THR DA 85 112.61 -7.27 72.50
N LEU DA 86 111.32 -7.60 72.54
CA LEU DA 86 110.43 -7.42 71.41
C LEU DA 86 109.06 -6.88 71.77
N GLY DA 87 108.72 -6.72 73.04
CA GLY DA 87 107.39 -6.31 73.42
C GLY DA 87 106.35 -7.34 73.01
N PHE DA 88 105.11 -7.06 73.37
CA PHE DA 88 103.98 -7.90 72.99
C PHE DA 88 102.89 -7.03 72.39
N ARG DA 89 102.53 -7.32 71.15
CA ARG DA 89 101.46 -6.62 70.45
C ARG DA 89 100.37 -7.61 70.11
N TYR DA 90 99.17 -7.36 70.63
CA TYR DA 90 98.01 -8.19 70.32
C TYR DA 90 97.06 -7.34 69.50
N LYS DA 91 96.89 -7.70 68.23
CA LYS DA 91 95.95 -6.96 67.40
C LYS DA 91 94.54 -7.41 67.73
N MET DA 92 93.72 -6.46 68.19
CA MET DA 92 92.32 -6.73 68.52
C MET DA 92 91.43 -6.13 67.44
N ARG DA 93 90.90 -6.99 66.58
CA ARG DA 93 89.87 -6.54 65.65
C ARG DA 93 88.56 -6.41 66.40
N SER DA 94 87.68 -5.57 65.85
CA SER DA 94 86.34 -5.38 66.40
C SER DA 94 85.35 -5.64 65.30
N VAL DA 95 84.33 -6.44 65.60
CA VAL DA 95 83.30 -6.78 64.63
C VAL DA 95 82.00 -6.08 65.04
N TYR DA 96 81.37 -5.41 64.09
CA TYR DA 96 80.05 -4.83 64.29
C TYR DA 96 79.19 -5.08 63.07
N ALA DA 97 77.96 -5.50 63.31
CA ALA DA 97 77.02 -5.80 62.25
C ALA DA 97 76.10 -4.62 61.96
N HIS DA 98 75.40 -4.15 62.98
CA HIS DA 98 74.44 -3.07 62.84
C HIS DA 98 74.86 -1.83 63.62
N PHE DA 99 75.54 -2.03 64.75
CA PHE DA 99 75.96 -0.90 65.58
C PHE DA 99 77.47 -0.81 65.62
N PRO DA 100 78.08 0.23 65.05
CA PRO DA 100 79.51 0.44 65.27
C PRO DA 100 79.82 0.54 66.75
N ILE DA 101 80.98 0.01 67.11
CA ILE DA 101 81.42 -0.03 68.51
C ILE DA 101 82.30 1.18 68.78
N ASN DA 102 81.77 2.13 69.54
CA ASN DA 102 82.50 3.33 69.90
C ASN DA 102 83.48 2.97 71.01
N VAL DA 103 84.77 3.11 70.73
CA VAL DA 103 85.82 2.73 71.67
C VAL DA 103 86.63 3.97 72.02
N VAL DA 104 86.81 4.21 73.31
CA VAL DA 104 87.50 5.39 73.81
C VAL DA 104 88.67 4.96 74.68
N ILE DA 105 89.87 5.44 74.34
CA ILE DA 105 91.06 5.20 75.13
C ILE DA 105 91.23 6.38 76.07
N GLN DA 106 91.26 6.11 77.37
CA GLN DA 106 91.36 7.22 78.32
C GLN DA 106 92.84 7.43 78.66
N GLU DA 107 93.14 8.17 79.73
CA GLU DA 107 94.45 8.78 79.93
C GLU DA 107 95.57 7.76 79.78
N ASN DA 108 96.63 8.19 79.09
CA ASN DA 108 97.87 7.45 78.87
C ASN DA 108 97.64 5.97 78.61
N GLY DA 109 96.55 5.65 77.90
CA GLY DA 109 96.24 4.27 77.57
C GLY DA 109 96.03 3.37 78.77
N SER DA 110 95.35 3.87 79.80
CA SER DA 110 95.11 3.09 81.00
C SER DA 110 93.68 2.59 81.13
N LEU DA 111 92.74 3.17 80.40
CA LEU DA 111 91.34 2.77 80.48
C LEU DA 111 90.76 2.68 79.09
N VAL DA 112 89.84 1.75 78.89
CA VAL DA 112 89.17 1.56 77.63
C VAL DA 112 87.68 1.71 77.83
N GLU DA 113 87.06 2.56 77.02
CA GLU DA 113 85.64 2.82 77.13
C GLU DA 113 84.99 2.33 75.85
N ILE DA 114 83.94 1.53 75.96
CA ILE DA 114 83.15 1.13 74.79
C ILE DA 114 81.73 1.62 75.00
N ARG DA 115 81.24 2.41 74.05
CA ARG DA 115 80.00 3.16 74.23
C ARG DA 115 78.80 2.49 73.58
N ASN DA 116 78.85 2.29 72.27
CA ASN DA 116 77.70 1.83 71.52
C ASN DA 116 77.92 0.36 71.15
N PHE DA 117 77.32 -0.52 71.94
CA PHE DA 117 77.44 -1.97 71.74
C PHE DA 117 76.02 -2.51 71.71
N LEU DA 118 75.58 -3.01 70.55
CA LEU DA 118 74.21 -3.50 70.40
C LEU DA 118 73.18 -2.46 70.83
N GLY DA 119 73.45 -1.18 70.53
CA GLY DA 119 72.55 -0.12 70.94
C GLY DA 119 72.39 -0.01 72.44
N GLU DA 120 73.49 -0.09 73.18
CA GLU DA 120 73.43 -0.12 74.64
C GLU DA 120 73.82 1.24 75.20
N LYS DA 121 72.95 1.79 76.04
CA LYS DA 121 73.32 3.02 76.72
C LYS DA 121 74.36 2.77 77.80
N TYR DA 122 74.53 1.53 78.25
CA TYR DA 122 75.42 1.23 79.35
C TYR DA 122 76.86 1.29 78.89
N ILE DA 123 77.61 2.16 79.49
CA ILE DA 123 78.99 2.35 79.12
C ILE DA 123 79.84 1.34 79.88
N ARG DA 124 80.80 0.71 79.21
CA ARG DA 124 81.61 -0.34 79.80
C ARG DA 124 83.05 0.12 79.89
N ARG DA 125 83.61 0.06 81.09
CA ARG DA 125 84.96 0.52 81.36
C ARG DA 125 85.80 -0.67 81.81
N VAL DA 126 86.93 -0.88 81.14
CA VAL DA 126 87.87 -1.93 81.49
C VAL DA 126 89.22 -1.30 81.73
N ARG DA 127 89.77 -1.53 82.92
CA ARG DA 127 91.04 -0.94 83.33
C ARG DA 127 92.09 -2.05 83.21
N MET DA 128 92.77 -2.08 82.07
CA MET DA 128 93.71 -3.16 81.82
C MET DA 128 94.90 -3.08 82.79
N ARG DA 129 95.70 -4.14 82.79
CA ARG DA 129 96.75 -4.29 83.77
C ARG DA 129 97.81 -3.19 83.61
N PRO DA 130 98.53 -2.86 84.68
CA PRO DA 130 99.71 -2.00 84.52
C PRO DA 130 100.76 -2.69 83.67
N GLY DA 131 101.57 -1.89 82.99
CA GLY DA 131 102.52 -2.42 82.05
C GLY DA 131 101.95 -2.72 80.68
N VAL DA 132 100.64 -2.57 80.51
CA VAL DA 132 99.98 -2.74 79.23
C VAL DA 132 99.38 -1.40 78.85
N ALA DA 133 99.66 -0.93 77.64
CA ALA DA 133 99.09 0.30 77.11
C ALA DA 133 98.33 -0.05 75.84
N CYS DA 134 97.08 0.36 75.76
CA CYS DA 134 96.24 0.11 74.61
C CYS DA 134 96.20 1.37 73.74
N SER DA 135 96.18 1.17 72.43
CA SER DA 135 96.10 2.27 71.49
C SER DA 135 95.20 1.84 70.34
N VAL DA 136 94.69 2.82 69.62
CA VAL DA 136 93.91 2.56 68.42
C VAL DA 136 94.85 2.50 67.23
N SER DA 137 94.44 1.73 66.23
CA SER DA 137 95.24 1.61 65.03
C SER DA 137 94.77 2.58 63.96
N GLN DA 138 95.71 3.12 63.21
CA GLN DA 138 95.40 4.03 62.12
C GLN DA 138 95.35 3.34 60.77
N ALA DA 139 96.04 2.20 60.63
CA ALA DA 139 95.97 1.45 59.38
C ALA DA 139 94.57 0.93 59.13
N GLN DA 140 93.91 0.41 60.15
CA GLN DA 140 92.58 -0.16 60.02
C GLN DA 140 91.59 0.73 60.77
N LYS DA 141 90.39 0.85 60.20
CA LYS DA 141 89.37 1.73 60.76
C LYS DA 141 89.10 1.42 62.24
N ASP DA 142 89.07 0.14 62.62
CA ASP DA 142 88.85 -0.17 64.03
C ASP DA 142 89.72 -1.37 64.42
N GLU DA 143 90.86 -1.07 65.02
CA GLU DA 143 91.68 -2.07 65.68
C GLU DA 143 92.06 -1.54 67.04
N LEU DA 144 92.19 -2.44 68.00
CA LEU DA 144 92.72 -2.09 69.31
C LEU DA 144 94.09 -2.71 69.45
N ILE DA 145 95.11 -1.88 69.46
CA ILE DA 145 96.49 -2.33 69.49
C ILE DA 145 97.01 -2.04 70.89
N LEU DA 146 97.25 -3.10 71.66
CA LEU DA 146 97.76 -2.96 73.02
C LEU DA 146 99.17 -3.54 73.08
N GLU DA 147 100.09 -2.74 73.60
CA GLU DA 147 101.48 -3.13 73.74
C GLU DA 147 101.77 -3.44 75.20
N GLY DA 148 102.81 -4.21 75.43
CA GLY DA 148 103.19 -4.54 76.79
C GLY DA 148 104.51 -5.26 76.80
N ASN DA 149 105.02 -5.48 78.00
CA ASN DA 149 106.26 -6.19 78.18
C ASN DA 149 106.06 -7.60 78.71
N ASP DA 150 105.03 -7.82 79.51
CA ASP DA 150 104.73 -9.15 80.02
C ASP DA 150 103.61 -9.74 79.16
N ILE DA 151 103.77 -11.02 78.81
CA ILE DA 151 102.74 -11.69 78.02
C ILE DA 151 101.49 -11.92 78.85
N GLU DA 152 101.66 -12.26 80.13
CA GLU DA 152 100.50 -12.57 80.97
C GLU DA 152 99.59 -11.36 81.10
N LEU DA 153 100.14 -10.19 81.40
CA LEU DA 153 99.31 -9.01 81.58
C LEU DA 153 98.63 -8.63 80.27
N VAL DA 154 99.38 -8.71 79.16
CA VAL DA 154 98.80 -8.39 77.85
C VAL DA 154 97.62 -9.29 77.55
N SER DA 155 97.82 -10.60 77.66
CA SER DA 155 96.78 -11.53 77.28
C SER DA 155 95.63 -11.51 78.28
N ASN DA 156 95.90 -11.26 79.55
CA ASN DA 156 94.83 -11.14 80.53
C ASN DA 156 93.96 -9.93 80.22
N SER DA 157 94.57 -8.79 79.88
CA SER DA 157 93.79 -7.63 79.49
C SER DA 157 93.00 -7.90 78.24
N ALA DA 158 93.60 -8.59 77.28
CA ALA DA 158 92.90 -8.92 76.05
C ALA DA 158 91.67 -9.78 76.35
N ALA DA 159 91.84 -10.81 77.17
CA ALA DA 159 90.72 -11.67 77.52
C ALA DA 159 89.66 -10.88 78.29
N LEU DA 160 90.09 -9.96 79.14
CA LEU DA 160 89.15 -9.14 79.89
C LEU DA 160 88.27 -8.33 78.95
N ILE DA 161 88.89 -7.62 78.00
CA ILE DA 161 88.09 -6.77 77.13
C ILE DA 161 87.27 -7.60 76.15
N GLN DA 162 87.74 -8.79 75.80
CA GLN DA 162 86.94 -9.66 74.93
C GLN DA 162 85.76 -10.25 75.69
N GLN DA 163 85.92 -10.42 77.00
CA GLN DA 163 84.81 -10.89 77.83
C GLN DA 163 83.78 -9.81 78.05
N ALA DA 164 84.23 -8.57 78.29
CA ALA DA 164 83.30 -7.49 78.61
C ALA DA 164 82.34 -7.21 77.46
N THR DA 165 82.66 -7.69 76.26
CA THR DA 165 81.77 -7.55 75.11
C THR DA 165 81.18 -8.92 74.77
N THR DA 166 80.07 -9.26 75.41
CA THR DA 166 79.41 -10.53 75.17
C THR DA 166 77.91 -10.30 75.04
N VAL DA 167 77.29 -11.11 74.20
CA VAL DA 167 75.87 -11.02 73.90
C VAL DA 167 75.13 -12.03 74.78
N LYS DA 168 74.07 -11.57 75.42
CA LYS DA 168 73.42 -12.33 76.48
C LYS DA 168 72.01 -12.74 76.08
N ASN DA 169 71.60 -13.91 76.56
CA ASN DA 169 70.26 -14.46 76.35
C ASN DA 169 69.88 -14.54 74.88
N LYS DA 170 70.87 -14.54 74.00
CA LYS DA 170 70.66 -14.53 72.57
C LYS DA 170 71.38 -15.72 71.96
N ASP DA 171 70.91 -16.16 70.79
CA ASP DA 171 71.59 -17.24 70.09
C ASP DA 171 72.95 -16.72 69.66
N ILE DA 172 73.98 -17.09 70.42
CA ILE DA 172 75.28 -16.46 70.24
C ILE DA 172 75.96 -16.98 68.98
N ARG DA 173 75.42 -18.04 68.38
CA ARG DA 173 75.91 -18.44 67.06
C ARG DA 173 75.65 -17.35 66.03
N LYS DA 174 74.56 -16.61 66.15
CA LYS DA 174 74.44 -15.32 65.48
C LYS DA 174 74.72 -14.23 66.50
N PHE DA 175 74.60 -12.99 66.08
CA PHE DA 175 75.10 -11.86 66.87
C PHE DA 175 76.54 -12.11 67.27
N LEU DA 176 77.41 -12.28 66.29
CA LEU DA 176 78.81 -12.52 66.55
C LEU DA 176 79.53 -11.30 67.02
N ASP DA 177 78.77 -10.25 67.33
CA ASP DA 177 79.33 -8.93 67.55
C ASP DA 177 80.15 -8.91 68.83
N GLY DA 178 81.21 -8.11 68.83
CA GLY DA 178 82.14 -7.97 69.92
C GLY DA 178 83.54 -7.71 69.40
N ILE DA 179 84.51 -7.72 70.31
CA ILE DA 179 85.91 -7.56 69.97
C ILE DA 179 86.65 -8.82 70.38
N TYR DA 180 87.47 -9.34 69.47
CA TYR DA 180 88.15 -10.61 69.68
C TYR DA 180 89.55 -10.51 69.11
N VAL DA 181 90.52 -11.06 69.85
CA VAL DA 181 91.92 -10.90 69.51
C VAL DA 181 92.21 -11.58 68.17
N SER DA 182 93.02 -10.94 67.35
CA SER DA 182 93.27 -11.39 65.99
C SER DA 182 94.64 -12.02 65.82
N GLU DA 183 95.68 -11.44 66.41
CA GLU DA 183 97.04 -11.94 66.23
C GLU DA 183 97.88 -11.57 67.44
N LYS DA 184 98.74 -12.49 67.85
CA LYS DA 184 99.67 -12.28 68.94
C LYS DA 184 101.04 -11.97 68.36
N GLY DA 185 101.46 -10.71 68.41
CA GLY DA 185 102.70 -10.28 67.82
C GLY DA 185 103.56 -9.51 68.79
N THR DA 186 104.66 -8.99 68.25
CA THR DA 186 105.64 -8.25 69.04
C THR DA 186 105.90 -6.88 68.43
N VAL DA 187 106.91 -6.18 68.92
CA VAL DA 187 107.42 -4.98 68.25
C VAL DA 187 108.82 -5.30 67.76
N GLN DA 188 109.19 -4.64 66.67
CA GLN DA 188 110.46 -4.82 65.97
C GLN DA 188 110.48 -6.16 65.22
N GLN DA 189 109.49 -7.01 65.49
CA GLN DA 189 109.25 -8.24 64.73
C GLN DA 189 110.51 -9.05 64.47
N ALA DA 190 111.49 -8.98 65.36
CA ALA DA 190 112.76 -9.65 65.12
C ALA DA 190 113.34 -10.23 66.40
N GLY EA 1 54.39 -55.82 85.16
CA GLY EA 1 54.08 -57.16 85.64
C GLY EA 1 55.31 -57.98 85.95
N ARG EA 2 56.47 -57.49 85.52
CA ARG EA 2 57.74 -58.19 85.73
C ARG EA 2 58.56 -57.42 86.75
N ARG EA 3 58.97 -58.11 87.81
CA ARG EA 3 59.74 -57.46 88.86
C ARG EA 3 61.14 -57.13 88.35
N PRO EA 4 61.84 -56.21 89.02
CA PRO EA 4 63.22 -55.94 88.65
C PRO EA 4 64.08 -57.20 88.77
N ALA EA 5 65.00 -57.35 87.82
CA ALA EA 5 65.82 -58.55 87.80
C ALA EA 5 66.71 -58.68 89.02
N ARG EA 6 67.10 -57.57 89.64
CA ARG EA 6 67.95 -57.62 90.82
C ARG EA 6 67.29 -58.41 91.94
N CYS EA 7 65.96 -58.49 91.92
CA CYS EA 7 65.29 -59.35 92.88
C CYS EA 7 65.59 -60.82 92.65
N TYR EA 8 65.84 -61.23 91.40
CA TYR EA 8 66.02 -62.64 91.06
C TYR EA 8 67.43 -62.89 90.55
N ARG EA 9 68.38 -62.03 90.93
CA ARG EA 9 69.75 -62.16 90.45
C ARG EA 9 70.41 -63.44 90.94
N TYR EA 10 70.26 -63.74 92.22
CA TYR EA 10 71.05 -64.79 92.86
C TYR EA 10 70.35 -66.14 92.75
N CYS EA 11 71.12 -67.18 92.42
CA CYS EA 11 70.62 -68.54 92.44
C CYS EA 11 70.56 -68.99 93.88
N LYS EA 12 69.36 -68.99 94.45
CA LYS EA 12 69.23 -69.36 95.86
C LYS EA 12 68.01 -70.23 96.14
N ASN EA 13 67.49 -70.95 95.16
CA ASN EA 13 66.23 -71.64 95.36
C ASN EA 13 66.25 -73.04 94.74
N LYS EA 14 67.36 -73.78 94.93
CA LYS EA 14 67.34 -75.23 94.74
C LYS EA 14 66.80 -75.65 93.39
N PRO EA 15 67.61 -75.62 92.32
CA PRO EA 15 67.08 -75.62 90.94
C PRO EA 15 65.81 -76.40 90.73
N TYR EA 16 64.81 -75.71 90.18
CA TYR EA 16 63.41 -76.11 90.22
C TYR EA 16 62.88 -76.08 88.79
N PRO EA 17 63.12 -77.12 88.01
CA PRO EA 17 62.84 -77.06 86.58
C PRO EA 17 61.38 -77.31 86.27
N LYS EA 18 61.02 -77.02 85.02
CA LYS EA 18 59.72 -77.42 84.51
C LYS EA 18 59.62 -78.94 84.55
N SER EA 19 58.53 -79.45 85.11
CA SER EA 19 58.37 -80.88 85.29
C SER EA 19 56.89 -81.20 85.35
N ARG EA 20 56.57 -82.44 85.70
CA ARG EA 20 55.19 -82.79 85.97
C ARG EA 20 54.67 -82.04 87.19
N PHE EA 21 55.53 -81.78 88.17
CA PHE EA 21 55.12 -80.95 89.30
C PHE EA 21 55.00 -79.49 88.89
N CYS EA 22 55.96 -78.98 88.12
CA CYS EA 22 55.93 -77.59 87.69
C CYS EA 22 55.04 -77.50 86.45
N ARG EA 23 53.75 -77.34 86.71
CA ARG EA 23 52.78 -77.16 85.64
C ARG EA 23 52.38 -75.70 85.54
N GLY EA 24 51.78 -75.34 84.41
CA GLY EA 24 51.40 -73.95 84.18
C GLY EA 24 52.58 -73.01 84.13
N VAL EA 25 53.66 -73.43 83.49
CA VAL EA 25 54.84 -72.56 83.35
C VAL EA 25 54.63 -71.60 82.19
N PRO EA 26 54.81 -70.30 82.37
CA PRO EA 26 54.73 -69.39 81.23
C PRO EA 26 55.78 -69.73 80.19
N ASP EA 27 55.40 -69.65 78.92
CA ASP EA 27 56.31 -69.98 77.84
C ASP EA 27 57.47 -69.00 77.83
N ALA EA 28 58.67 -69.53 77.64
CA ALA EA 28 59.87 -68.71 77.70
C ALA EA 28 59.92 -67.71 76.54
N LYS EA 29 60.57 -66.58 76.79
CA LYS EA 29 60.75 -65.58 75.76
C LYS EA 29 61.87 -65.93 74.80
N ILE EA 30 62.66 -66.94 75.12
CA ILE EA 30 63.72 -67.44 74.25
C ILE EA 30 63.21 -68.67 73.52
N ARG EA 31 63.25 -68.62 72.19
CA ARG EA 31 62.90 -69.77 71.38
C ARG EA 31 63.94 -70.07 70.31
N ILE EA 32 64.65 -69.06 69.82
CA ILE EA 32 65.59 -69.21 68.72
C ILE EA 32 66.99 -69.09 69.30
N PHE EA 33 67.78 -70.15 69.17
CA PHE EA 33 69.07 -70.23 69.83
C PHE EA 33 70.25 -70.10 68.88
N ASP EA 34 70.18 -70.71 67.69
CA ASP EA 34 71.25 -70.65 66.72
C ASP EA 34 70.85 -69.73 65.59
N LEU EA 35 71.72 -68.75 65.29
CA LEU EA 35 71.42 -67.74 64.29
C LEU EA 35 72.62 -67.58 63.37
N GLY EA 36 72.36 -67.01 62.20
CA GLY EA 36 73.42 -66.86 61.23
C GLY EA 36 73.45 -68.03 60.26
N ARG EA 37 74.59 -68.15 59.58
CA ARG EA 37 74.78 -69.21 58.58
C ARG EA 37 75.00 -70.53 59.32
N LYS EA 38 73.89 -71.13 59.76
CA LYS EA 38 73.99 -72.43 60.40
C LYS EA 38 74.41 -73.53 59.42
N LYS EA 39 74.14 -73.36 58.14
CA LYS EA 39 74.58 -74.32 57.15
C LYS EA 39 76.08 -74.37 56.98
N ALA EA 40 76.81 -73.37 57.49
CA ALA EA 40 78.26 -73.32 57.33
C ALA EA 40 78.88 -74.59 57.86
N LYS EA 41 79.80 -75.19 57.10
CA LYS EA 41 80.19 -76.54 57.47
C LYS EA 41 81.22 -76.60 58.59
N VAL EA 42 82.50 -76.39 58.28
CA VAL EA 42 83.51 -76.55 59.32
C VAL EA 42 84.65 -75.54 59.24
N ASP EA 43 84.92 -75.01 58.05
CA ASP EA 43 86.12 -74.20 57.86
C ASP EA 43 85.80 -72.76 57.52
N GLU EA 44 84.67 -72.54 56.86
CA GLU EA 44 84.34 -71.20 56.41
C GLU EA 44 84.20 -70.24 57.58
N PHE EA 45 83.99 -70.75 58.81
CA PHE EA 45 83.95 -69.94 60.03
C PHE EA 45 84.94 -70.55 61.01
N PRO EA 46 86.24 -70.27 60.84
CA PRO EA 46 87.24 -70.90 61.71
C PRO EA 46 87.31 -70.30 63.10
N LEU EA 47 87.22 -68.97 63.22
CA LEU EA 47 87.40 -68.31 64.51
C LEU EA 47 86.16 -68.52 65.37
N GLY EA 48 86.38 -68.85 66.65
CA GLY EA 48 85.30 -68.96 67.60
C GLY EA 48 85.49 -68.06 68.80
N GLY EA 49 84.55 -67.15 69.04
CA GLY EA 49 84.64 -66.25 70.17
C GLY EA 49 83.55 -66.49 71.19
N HIS EA 50 83.86 -66.36 72.47
CA HIS EA 50 82.88 -66.67 73.50
C HIS EA 50 82.79 -65.54 74.51
N MET EA 51 81.57 -65.26 74.94
CA MET EA 51 81.32 -64.51 76.16
C MET EA 51 81.28 -65.49 77.31
N VAL EA 52 82.07 -65.22 78.34
CA VAL EA 52 82.11 -66.07 79.52
C VAL EA 52 81.93 -65.20 80.76
N SER EA 53 81.10 -65.68 81.68
CA SER EA 53 80.74 -64.94 82.88
C SER EA 53 81.32 -65.64 84.10
N ASP EA 54 82.01 -64.89 84.95
CA ASP EA 54 82.52 -65.45 86.21
C ASP EA 54 81.68 -64.99 87.40
N GLU EA 55 80.50 -65.60 87.54
CA GLU EA 55 79.61 -65.32 88.66
C GLU EA 55 78.53 -66.39 88.68
N TYR EA 56 78.09 -66.72 89.87
CA TYR EA 56 77.02 -67.68 90.04
C TYR EA 56 75.68 -66.96 90.18
N GLU EA 57 75.23 -66.37 89.09
CA GLU EA 57 73.93 -65.71 89.04
C GLU EA 57 73.01 -66.48 88.12
N GLN EA 58 71.71 -66.31 88.32
CA GLN EA 58 70.73 -66.77 87.36
C GLN EA 58 70.42 -65.62 86.41
N LEU EA 59 70.39 -65.94 85.11
CA LEU EA 59 70.19 -64.94 84.07
C LEU EA 59 68.78 -65.08 83.51
N SER EA 60 68.05 -63.97 83.47
CA SER EA 60 66.69 -64.00 82.98
C SER EA 60 66.68 -64.25 81.47
N SER EA 61 65.62 -64.93 81.03
CA SER EA 61 65.53 -65.27 79.61
C SER EA 61 65.44 -64.03 78.74
N GLU EA 62 64.60 -63.07 79.11
CA GLU EA 62 64.46 -61.87 78.30
C GLU EA 62 65.77 -61.10 78.19
N ALA EA 63 66.63 -61.23 79.21
CA ALA EA 63 67.94 -60.60 79.13
C ALA EA 63 68.73 -61.14 77.96
N LEU EA 64 68.80 -62.47 77.84
CA LEU EA 64 69.51 -63.02 76.70
C LEU EA 64 68.73 -62.80 75.41
N GLU EA 65 67.42 -62.61 75.48
CA GLU EA 65 66.69 -62.16 74.29
C GLU EA 65 67.26 -60.86 73.76
N ALA EA 66 67.33 -59.85 74.63
CA ALA EA 66 67.86 -58.56 74.20
C ALA EA 66 69.30 -58.71 73.74
N ALA EA 67 70.10 -59.50 74.46
CA ALA EA 67 71.49 -59.68 74.09
C ALA EA 67 71.62 -60.31 72.71
N ARG EA 68 70.84 -61.35 72.44
CA ARG EA 68 70.90 -62.03 71.15
C ARG EA 68 70.45 -61.12 70.02
N ILE EA 69 69.39 -60.35 70.24
CA ILE EA 69 68.94 -59.43 69.20
C ILE EA 69 70.03 -58.39 68.93
N CYS EA 70 70.66 -57.89 69.98
CA CYS EA 70 71.72 -56.90 69.80
C CYS EA 70 72.88 -57.48 69.02
N ALA EA 71 73.31 -58.70 69.37
CA ALA EA 71 74.42 -59.32 68.67
C ALA EA 71 74.08 -59.55 67.20
N ASN EA 72 72.86 -60.03 66.93
CA ASN EA 72 72.44 -60.23 65.55
C ASN EA 72 72.43 -58.92 64.78
N LYS EA 73 71.93 -57.84 65.39
CA LYS EA 73 71.89 -56.57 64.69
C LYS EA 73 73.29 -56.07 64.37
N TYR EA 74 74.20 -56.15 65.32
CA TYR EA 74 75.57 -55.73 65.01
C TYR EA 74 76.18 -56.60 63.92
N MET EA 75 75.94 -57.90 63.97
CA MET EA 75 76.50 -58.80 62.97
C MET EA 75 76.00 -58.44 61.58
N VAL EA 76 74.68 -58.33 61.43
CA VAL EA 76 74.13 -58.04 60.12
C VAL EA 76 74.51 -56.65 59.64
N LYS EA 77 74.72 -55.70 60.56
CA LYS EA 77 75.11 -54.37 60.11
C LYS EA 77 76.54 -54.35 59.64
N SER EA 78 77.43 -55.05 60.35
CA SER EA 78 78.85 -54.85 60.20
C SER EA 78 79.54 -55.98 59.44
N CYS EA 79 79.35 -57.23 59.87
CA CYS EA 79 80.02 -58.31 59.17
C CYS EA 79 79.19 -58.85 58.00
N GLY EA 80 77.98 -58.35 57.79
CA GLY EA 80 77.15 -58.89 56.75
C GLY EA 80 76.32 -60.07 57.24
N ARG EA 81 75.22 -60.37 56.54
CA ARG EA 81 74.29 -61.36 57.05
C ARG EA 81 74.80 -62.78 56.86
N ASP EA 82 75.77 -62.98 55.99
CA ASP EA 82 76.28 -64.31 55.69
C ASP EA 82 77.48 -64.67 56.55
N GLY EA 83 78.29 -63.69 56.93
CA GLY EA 83 79.60 -63.98 57.50
C GLY EA 83 79.68 -64.15 59.00
N PHE EA 84 78.73 -64.86 59.59
CA PHE EA 84 78.83 -65.20 61.00
C PHE EA 84 77.85 -66.32 61.31
N HIS EA 85 78.04 -66.92 62.47
CA HIS EA 85 77.09 -67.89 62.99
C HIS EA 85 76.91 -67.65 64.48
N MET EA 86 75.67 -67.50 64.90
CA MET EA 86 75.34 -67.16 66.28
C MET EA 86 74.82 -68.40 66.97
N ARG EA 87 75.37 -68.69 68.16
CA ARG EA 87 74.88 -69.79 68.98
C ARG EA 87 74.96 -69.41 70.45
N VAL EA 88 73.85 -69.53 71.15
CA VAL EA 88 73.83 -69.34 72.59
C VAL EA 88 73.87 -70.70 73.27
N ARG EA 89 74.32 -70.71 74.53
CA ARG EA 89 74.57 -71.96 75.23
C ARG EA 89 73.82 -72.07 76.55
N LEU EA 90 72.75 -71.31 76.72
CA LEU EA 90 71.98 -71.35 77.95
C LEU EA 90 70.51 -71.62 77.64
N HIS EA 91 69.88 -72.40 78.50
CA HIS EA 91 68.46 -72.71 78.38
C HIS EA 91 67.81 -72.43 79.73
N PRO EA 92 66.84 -71.54 79.80
CA PRO EA 92 66.27 -71.16 81.11
C PRO EA 92 65.39 -72.26 81.68
N PHE EA 93 66.02 -73.31 82.17
CA PHE EA 93 65.31 -74.43 82.76
C PHE EA 93 64.81 -74.13 84.17
N HIS EA 94 65.46 -73.22 84.88
CA HIS EA 94 65.03 -72.90 86.24
C HIS EA 94 63.77 -72.06 86.21
N VAL EA 95 62.86 -72.35 87.14
CA VAL EA 95 61.56 -71.69 87.21
C VAL EA 95 61.55 -70.81 88.45
N ILE EA 96 61.09 -69.58 88.28
CA ILE EA 96 61.03 -68.61 89.37
C ILE EA 96 59.58 -68.33 89.71
N ARG EA 97 59.28 -68.28 91.00
CA ARG EA 97 57.92 -68.09 91.47
C ARG EA 97 57.77 -66.74 92.13
N ILE EA 98 56.57 -66.19 92.05
CA ILE EA 98 56.24 -64.91 92.65
C ILE EA 98 54.99 -65.09 93.50
N ASN EA 99 55.00 -64.53 94.70
CA ASN EA 99 53.81 -64.50 95.53
C ASN EA 99 53.14 -63.15 95.36
N LYS EA 100 51.86 -63.16 95.00
CA LYS EA 100 51.15 -61.94 94.68
C LYS EA 100 50.86 -61.16 95.97
N MET EA 101 50.15 -60.03 95.83
CA MET EA 101 49.76 -59.21 96.97
C MET EA 101 49.00 -59.99 98.04
N GLY EA 113 47.62 -62.40 104.53
CA GLY EA 113 49.01 -62.51 104.91
C GLY EA 113 49.79 -63.37 103.92
N MET EA 114 50.82 -64.06 104.40
CA MET EA 114 51.57 -64.98 103.56
C MET EA 114 51.19 -66.43 103.85
N ARG EA 115 49.92 -66.66 104.15
CA ARG EA 115 49.41 -68.02 104.21
C ARG EA 115 49.61 -68.69 102.87
N GLY EA 116 50.20 -69.88 102.88
CA GLY EA 116 50.47 -70.59 101.64
C GLY EA 116 51.36 -69.77 100.73
N ALA EA 117 52.48 -69.31 101.25
CA ALA EA 117 53.30 -68.32 100.56
C ALA EA 117 53.90 -68.84 99.26
N PHE EA 118 53.88 -70.16 99.02
CA PHE EA 118 54.43 -70.71 97.80
C PHE EA 118 53.72 -70.08 96.60
N GLY EA 119 54.46 -69.30 95.83
CA GLY EA 119 53.85 -68.54 94.77
C GLY EA 119 53.75 -69.31 93.46
N LYS EA 120 53.17 -68.66 92.48
CA LYS EA 120 52.99 -69.17 91.14
C LYS EA 120 54.18 -68.81 90.25
N PRO EA 121 54.62 -69.75 89.43
CA PRO EA 121 55.71 -69.45 88.50
C PRO EA 121 55.34 -68.32 87.55
N GLN EA 122 56.31 -67.45 87.28
CA GLN EA 122 56.06 -66.34 86.38
C GLN EA 122 57.12 -66.16 85.31
N GLY EA 123 58.29 -66.77 85.44
CA GLY EA 123 59.32 -66.59 84.44
C GLY EA 123 60.27 -67.77 84.44
N THR EA 124 61.31 -67.66 83.63
CA THR EA 124 62.33 -68.69 83.54
C THR EA 124 63.70 -68.02 83.48
N VAL EA 125 64.66 -68.57 84.22
CA VAL EA 125 66.01 -68.05 84.24
C VAL EA 125 66.98 -69.20 84.03
N ALA EA 126 68.19 -68.85 83.65
CA ALA EA 126 69.25 -69.82 83.41
C ALA EA 126 70.40 -69.54 84.37
N ARG EA 127 70.99 -70.61 84.91
CA ARG EA 127 72.03 -70.51 85.91
C ARG EA 127 73.40 -70.77 85.30
N VAL EA 128 74.38 -69.95 85.67
CA VAL EA 128 75.73 -70.08 85.14
C VAL EA 128 76.69 -70.30 86.30
N HIS EA 129 77.91 -70.63 85.95
CA HIS EA 129 78.99 -70.79 86.92
C HIS EA 129 80.18 -69.94 86.49
N ILE EA 130 81.29 -70.09 87.22
CA ILE EA 130 82.45 -69.22 87.03
C ILE EA 130 82.98 -69.32 85.62
N GLY EA 131 83.14 -70.55 85.12
CA GLY EA 131 83.50 -70.73 83.73
C GLY EA 131 82.31 -71.29 82.96
N GLN EA 132 81.65 -70.45 82.18
CA GLN EA 132 80.45 -70.88 81.49
C GLN EA 132 80.24 -69.99 80.28
N VAL EA 133 80.37 -70.55 79.10
CA VAL EA 133 80.13 -69.80 77.87
C VAL EA 133 78.65 -69.50 77.76
N ILE EA 134 78.33 -68.28 77.34
CA ILE EA 134 76.95 -67.85 77.14
C ILE EA 134 76.65 -67.67 75.67
N MET EA 135 77.34 -66.76 75.01
CA MET EA 135 77.25 -66.61 73.57
C MET EA 135 78.37 -67.41 72.91
N SER EA 136 78.16 -67.80 71.66
CA SER EA 136 79.20 -68.45 70.89
C SER EA 136 79.07 -68.02 69.44
N ILE EA 137 80.18 -67.55 68.87
CA ILE EA 137 80.21 -67.02 67.52
C ILE EA 137 81.34 -67.70 66.76
N ARG EA 138 81.03 -68.23 65.58
CA ARG EA 138 82.03 -68.72 64.65
C ARG EA 138 81.93 -67.90 63.38
N THR EA 139 83.05 -67.32 62.96
CA THR EA 139 83.05 -66.40 61.82
C THR EA 139 84.44 -66.36 61.22
N LYS EA 140 84.63 -65.45 60.27
CA LYS EA 140 85.89 -65.35 59.55
C LYS EA 140 87.01 -64.87 60.45
N LEU EA 141 88.24 -65.21 60.07
CA LEU EA 141 89.39 -64.88 60.90
C LEU EA 141 89.59 -63.37 61.02
N GLN EA 142 89.43 -62.64 59.93
CA GLN EA 142 89.64 -61.20 59.97
C GLN EA 142 88.45 -60.45 60.53
N ASN EA 143 87.54 -61.15 61.20
CA ASN EA 143 86.37 -60.54 61.83
C ASN EA 143 86.52 -60.45 63.33
N GLU EA 144 87.72 -60.72 63.86
CA GLU EA 144 87.89 -60.77 65.30
C GLU EA 144 87.65 -59.40 65.93
N GLU EA 145 88.14 -58.33 65.31
CA GLU EA 145 87.83 -57.00 65.82
C GLU EA 145 86.34 -56.74 65.79
N HIS EA 146 85.65 -57.23 64.76
CA HIS EA 146 84.21 -57.08 64.68
C HIS EA 146 83.54 -57.79 65.85
N VAL EA 147 83.90 -59.05 66.06
CA VAL EA 147 83.19 -59.85 67.05
C VAL EA 147 83.50 -59.33 68.45
N ILE EA 148 84.72 -58.83 68.69
CA ILE EA 148 85.03 -58.32 70.01
C ILE EA 148 84.08 -57.20 70.40
N GLU EA 149 83.89 -56.24 69.49
CA GLU EA 149 82.93 -55.19 69.74
C GLU EA 149 81.51 -55.74 69.83
N ALA EA 150 81.19 -56.74 69.02
CA ALA EA 150 79.85 -57.32 69.03
C ALA EA 150 79.50 -57.88 70.40
N LEU EA 151 80.44 -58.61 71.00
CA LEU EA 151 80.20 -59.12 72.35
C LEU EA 151 80.28 -58.03 73.39
N ARG EA 152 81.13 -57.02 73.17
CA ARG EA 152 81.23 -55.92 74.13
C ARG EA 152 79.89 -55.23 74.29
N ARG EA 153 79.27 -54.81 73.18
CA ARG EA 153 77.98 -54.15 73.29
C ARG EA 153 76.93 -55.10 73.84
N ALA EA 154 77.10 -56.40 73.58
CA ALA EA 154 76.13 -57.37 74.07
C ALA EA 154 76.16 -57.47 75.59
N LYS EA 155 77.32 -57.26 76.21
CA LYS EA 155 77.44 -57.47 77.64
C LYS EA 155 76.52 -56.56 78.44
N PHE EA 156 76.30 -55.34 77.96
CA PHE EA 156 75.54 -54.36 78.73
C PHE EA 156 74.10 -54.81 78.96
N LYS EA 157 73.62 -55.78 78.19
CA LYS EA 157 72.29 -56.33 78.40
C LYS EA 157 72.28 -57.40 79.48
N PHE EA 158 73.40 -57.61 80.16
CA PHE EA 158 73.51 -58.66 81.16
C PHE EA 158 73.79 -58.07 82.53
N PRO EA 159 73.21 -58.65 83.59
CA PRO EA 159 73.37 -58.06 84.92
C PRO EA 159 74.78 -58.14 85.46
N GLY EA 160 75.46 -59.26 85.29
CA GLY EA 160 76.78 -59.44 85.86
C GLY EA 160 77.87 -58.82 85.00
N ARG EA 161 79.11 -59.08 85.42
CA ARG EA 161 80.28 -58.64 84.66
C ARG EA 161 80.93 -59.87 84.05
N GLN EA 162 81.12 -59.82 82.73
CA GLN EA 162 81.52 -60.99 81.94
C GLN EA 162 82.88 -60.76 81.31
N LYS EA 163 83.54 -61.86 80.98
CA LYS EA 163 84.78 -61.83 80.22
C LYS EA 163 84.54 -62.31 78.79
N ILE EA 164 85.21 -61.65 77.85
CA ILE EA 164 85.19 -62.06 76.45
C ILE EA 164 86.49 -62.79 76.16
N HIS EA 165 86.38 -63.97 75.52
CA HIS EA 165 87.55 -64.80 75.27
C HIS EA 165 87.49 -65.41 73.88
N ILE EA 166 88.59 -65.28 73.16
CA ILE EA 166 88.75 -65.92 71.86
C ILE EA 166 89.12 -67.37 72.12
N SER EA 167 88.27 -68.29 71.69
CA SER EA 167 88.54 -69.70 71.93
C SER EA 167 89.74 -70.13 71.09
N LYS EA 168 90.69 -70.82 71.73
CA LYS EA 168 91.81 -71.37 71.00
C LYS EA 168 91.37 -72.47 70.05
N LYS EA 169 90.24 -73.09 70.33
CA LYS EA 169 89.76 -74.21 69.53
C LYS EA 169 89.21 -73.72 68.19
N TRP EA 170 89.14 -74.63 67.24
CA TRP EA 170 88.65 -74.35 65.90
C TRP EA 170 87.14 -74.21 65.93
N GLY EA 171 86.66 -72.97 65.93
CA GLY EA 171 85.22 -72.76 65.88
C GLY EA 171 84.51 -73.40 67.05
N PHE EA 172 83.36 -74.01 66.77
CA PHE EA 172 82.58 -74.68 67.81
C PHE EA 172 83.03 -76.11 68.03
N THR EA 173 84.02 -76.57 67.28
CA THR EA 173 84.59 -77.89 67.49
C THR EA 173 85.29 -77.94 68.85
N LYS EA 174 85.22 -79.09 69.50
CA LYS EA 174 85.91 -79.27 70.77
C LYS EA 174 87.42 -79.46 70.61
N PHE EA 175 87.96 -79.26 69.42
CA PHE EA 175 89.37 -79.52 69.14
C PHE EA 175 90.11 -78.22 68.87
N ASN EA 176 91.38 -78.19 69.25
CA ASN EA 176 92.19 -76.99 69.10
C ASN EA 176 92.39 -76.63 67.64
N ALA EA 177 92.35 -75.32 67.35
CA ALA EA 177 92.43 -74.86 65.98
C ALA EA 177 93.77 -75.16 65.33
N ASP EA 178 94.86 -75.17 66.09
CA ASP EA 178 96.18 -75.34 65.50
C ASP EA 178 96.29 -76.69 64.81
N GLU EA 179 95.94 -77.76 65.53
CA GLU EA 179 96.10 -79.10 65.00
C GLU EA 179 94.91 -79.56 64.16
N PHE EA 180 93.88 -78.73 64.02
CA PHE EA 180 92.63 -79.22 63.43
C PHE EA 180 92.81 -79.58 61.96
N GLU EA 181 93.47 -78.71 61.18
CA GLU EA 181 93.58 -78.94 59.76
C GLU EA 181 94.35 -80.22 59.50
N ASP EA 182 95.48 -80.40 60.17
CA ASP EA 182 96.15 -81.66 59.96
C ASP EA 182 95.24 -82.80 60.44
N MET EA 183 94.62 -82.64 61.61
CA MET EA 183 93.83 -83.74 62.19
C MET EA 183 92.81 -84.28 61.22
N VAL EA 184 92.07 -83.38 60.58
CA VAL EA 184 91.13 -83.81 59.55
C VAL EA 184 91.87 -84.34 58.33
N ALA EA 185 93.09 -83.84 58.06
CA ALA EA 185 93.83 -84.35 56.91
C ALA EA 185 94.16 -85.82 57.08
N LYS EA 186 94.70 -86.21 58.24
CA LYS EA 186 95.01 -87.63 58.44
C LYS EA 186 93.79 -88.48 58.79
N LYS EA 187 92.58 -87.98 58.58
CA LYS EA 187 91.35 -88.76 58.59
C LYS EA 187 91.01 -89.39 59.93
N CYS EA 188 91.57 -88.87 61.03
CA CYS EA 188 91.04 -89.19 62.35
C CYS EA 188 89.81 -88.36 62.68
N LEU EA 189 89.50 -87.37 61.85
CA LEU EA 189 88.40 -86.45 62.04
C LEU EA 189 87.70 -86.25 60.71
N ILE EA 190 86.37 -86.12 60.75
CA ILE EA 190 85.63 -85.83 59.54
C ILE EA 190 84.68 -84.67 59.79
N PRO EA 191 84.36 -83.88 58.79
CA PRO EA 191 83.34 -82.84 58.96
C PRO EA 191 81.94 -83.39 58.79
N ASP EA 192 81.04 -82.94 59.66
CA ASP EA 192 79.64 -83.36 59.61
C ASP EA 192 78.78 -82.14 59.91
N GLY EA 193 78.26 -81.52 58.86
CA GLY EA 193 77.44 -80.33 59.04
C GLY EA 193 78.22 -79.25 59.75
N CYS EA 194 77.58 -78.59 60.71
CA CYS EA 194 78.27 -77.56 61.49
C CYS EA 194 79.42 -78.16 62.28
N GLY EA 195 79.22 -79.32 62.89
CA GLY EA 195 80.23 -79.93 63.73
C GLY EA 195 81.10 -80.91 62.98
N VAL EA 196 81.81 -81.73 63.76
CA VAL EA 196 82.72 -82.74 63.24
C VAL EA 196 82.46 -84.06 63.97
N LYS EA 197 82.98 -85.15 63.39
CA LYS EA 197 82.87 -86.47 63.99
C LYS EA 197 84.26 -87.05 64.18
N TYR EA 198 84.67 -87.20 65.43
CA TYR EA 198 85.96 -87.81 65.73
C TYR EA 198 85.91 -89.29 65.41
N VAL EA 199 86.98 -89.78 64.80
CA VAL EA 199 86.98 -91.17 64.34
C VAL EA 199 88.06 -91.96 65.05
N PRO EA 200 87.74 -92.65 66.14
CA PRO EA 200 88.72 -93.54 66.77
C PRO EA 200 89.02 -94.71 65.85
N SER EA 201 90.24 -95.22 65.95
CA SER EA 201 90.67 -96.34 65.12
C SER EA 201 90.41 -97.67 65.81
N HIS EA 202 89.16 -97.89 66.24
CA HIS EA 202 88.82 -99.10 66.98
C HIS EA 202 87.46 -99.66 66.56
N GLY EA 203 87.05 -99.44 65.33
CA GLY EA 203 85.83 -100.02 64.83
C GLY EA 203 86.08 -101.35 64.18
N PRO EA 204 85.28 -101.70 63.19
CA PRO EA 204 85.63 -102.82 62.32
C PRO EA 204 86.40 -102.34 61.09
N LEU EA 205 87.25 -103.19 60.52
CA LEU EA 205 88.08 -102.76 59.40
C LEU EA 205 87.27 -102.33 58.19
N ASP EA 206 86.03 -102.80 58.04
CA ASP EA 206 85.22 -102.29 56.94
C ASP EA 206 84.94 -100.81 57.11
N LYS EA 207 84.65 -100.38 58.33
CA LYS EA 207 84.42 -98.96 58.58
C LYS EA 207 85.67 -98.14 58.32
N TRP EA 208 86.84 -98.73 58.55
CA TRP EA 208 88.05 -98.04 58.14
C TRP EA 208 88.12 -97.98 56.62
N ARG EA 209 87.95 -99.12 55.96
CA ARG EA 209 88.30 -99.29 54.57
C ARG EA 209 87.32 -98.60 53.63
N VAL EA 210 86.10 -98.30 54.08
CA VAL EA 210 85.20 -97.55 53.22
C VAL EA 210 85.79 -96.19 52.90
N LEU EA 211 86.45 -95.56 53.86
CA LEU EA 211 87.20 -94.35 53.62
C LEU EA 211 88.69 -94.70 53.68
N HIS EA 212 89.54 -93.68 53.63
CA HIS EA 212 90.94 -93.82 53.26
C HIS EA 212 91.08 -94.44 51.87
N SER EA 213 90.06 -94.28 51.03
CA SER EA 213 90.03 -94.91 49.73
C SER EA 213 89.01 -94.24 48.81
N GLN FA 1 77.76 -130.91 42.97
CA GLN FA 1 77.91 -132.35 43.10
C GLN FA 1 78.05 -132.77 44.56
N ASP FA 2 79.18 -133.43 44.87
CA ASP FA 2 79.41 -133.92 46.22
C ASP FA 2 79.54 -132.76 47.22
N GLN FA 3 80.20 -131.68 46.81
CA GLN FA 3 80.44 -130.56 47.73
C GLN FA 3 79.14 -129.96 48.24
N GLY FA 4 78.15 -129.80 47.36
CA GLY FA 4 76.84 -129.38 47.79
C GLY FA 4 76.00 -130.47 48.41
N GLU FA 5 76.43 -131.72 48.31
CA GLU FA 5 75.66 -132.85 48.83
C GLU FA 5 76.16 -133.26 50.22
N LYS FA 6 75.94 -132.36 51.18
CA LYS FA 6 76.26 -132.60 52.58
C LYS FA 6 75.16 -132.20 53.55
N GLU FA 7 74.27 -131.29 53.15
CA GLU FA 7 73.19 -130.82 54.01
C GLU FA 7 71.82 -131.20 53.51
N ASN FA 8 71.66 -131.36 52.19
CA ASN FA 8 70.39 -131.64 51.53
C ASN FA 8 69.62 -132.79 52.18
N PRO FA 9 70.28 -133.83 52.72
CA PRO FA 9 69.53 -134.84 53.49
C PRO FA 9 68.72 -134.25 54.60
N MET FA 10 69.05 -133.07 55.09
CA MET FA 10 68.22 -132.52 56.16
C MET FA 10 67.85 -131.06 55.90
N ARG FA 11 68.74 -130.26 55.32
CA ARG FA 11 68.44 -128.83 55.38
C ARG FA 11 67.34 -128.42 54.47
N GLU FA 12 66.53 -129.34 53.95
CA GLU FA 12 65.45 -128.96 53.07
C GLU FA 12 64.44 -128.09 53.80
N LEU FA 13 63.62 -127.41 53.03
CA LEU FA 13 62.56 -126.56 53.57
C LEU FA 13 61.28 -127.39 53.54
N ARG FA 14 60.85 -127.83 54.72
CA ARG FA 14 59.67 -128.68 54.85
C ARG FA 14 58.50 -127.86 55.37
N ILE FA 15 57.30 -128.22 54.96
CA ILE FA 15 56.10 -127.46 55.28
C ILE FA 15 55.84 -127.59 56.78
N ARG FA 16 55.81 -126.46 57.48
CA ARG FA 16 55.38 -126.43 58.87
C ARG FA 16 53.88 -126.11 58.90
N LYS FA 17 53.37 -125.74 60.08
CA LYS FA 17 51.93 -125.60 60.31
C LYS FA 17 51.27 -124.72 59.25
N LEU FA 18 49.97 -124.95 59.05
CA LEU FA 18 49.25 -124.28 57.97
C LEU FA 18 48.68 -122.93 58.39
N CYS FA 19 48.17 -122.83 59.62
CA CYS FA 19 47.59 -121.59 60.17
C CYS FA 19 46.46 -121.08 59.28
N LEU FA 20 45.40 -121.88 59.24
CA LEU FA 20 44.17 -121.51 58.57
C LEU FA 20 43.31 -120.64 59.46
N ASN FA 21 42.94 -119.45 58.97
CA ASN FA 21 42.24 -118.47 59.78
C ASN FA 21 40.97 -118.00 59.06
N ILE FA 22 39.97 -117.65 59.86
CA ILE FA 22 38.72 -117.07 59.37
C ILE FA 22 38.15 -116.15 60.43
N CYS FA 23 37.90 -114.91 60.04
CA CYS FA 23 37.48 -113.88 60.97
C CYS FA 23 36.20 -113.22 60.46
N VAL FA 24 35.26 -113.02 61.38
CA VAL FA 24 34.02 -112.30 61.07
C VAL FA 24 33.75 -111.35 62.22
N GLY FA 25 33.19 -110.20 61.91
CA GLY FA 25 33.11 -109.12 62.87
C GLY FA 25 32.01 -109.24 63.91
N GLU FA 26 31.20 -110.29 63.84
CA GLU FA 26 30.05 -110.39 64.74
C GLU FA 26 30.15 -111.70 65.52
N SER FA 27 29.09 -111.98 66.27
CA SER FA 27 28.94 -113.25 66.96
C SER FA 27 27.49 -113.68 66.84
N GLY FA 28 27.29 -114.95 66.58
CA GLY FA 28 25.97 -115.48 66.35
C GLY FA 28 26.05 -116.73 65.53
N ASP FA 29 24.89 -117.23 65.13
CA ASP FA 29 24.83 -118.51 64.42
C ASP FA 29 25.64 -118.46 63.12
N ARG FA 30 25.79 -117.27 62.55
CA ARG FA 30 26.63 -117.12 61.38
C ARG FA 30 28.07 -117.47 61.70
N LEU FA 31 28.54 -117.03 62.87
CA LEU FA 31 29.87 -117.40 63.32
C LEU FA 31 30.00 -118.90 63.54
N THR FA 32 28.95 -119.53 64.09
CA THR FA 32 29.00 -120.98 64.25
C THR FA 32 29.16 -121.65 62.90
N ARG FA 33 28.47 -121.16 61.88
CA ARG FA 33 28.66 -121.76 60.57
C ARG FA 33 30.05 -121.51 60.04
N ALA FA 34 30.59 -120.31 60.26
CA ALA FA 34 31.98 -120.06 59.90
C ALA FA 34 32.90 -121.07 60.58
N ALA FA 35 32.51 -121.53 61.77
CA ALA FA 35 33.27 -122.58 62.43
C ALA FA 35 33.09 -123.92 61.74
N LYS FA 36 31.84 -124.28 61.38
CA LYS FA 36 31.62 -125.61 60.84
C LYS FA 36 32.24 -125.78 59.46
N VAL FA 37 32.46 -124.68 58.74
CA VAL FA 37 33.22 -124.83 57.50
C VAL FA 37 34.63 -125.31 57.80
N LEU FA 38 35.16 -125.03 59.00
CA LEU FA 38 36.46 -125.55 59.36
C LEU FA 38 36.44 -127.08 59.40
N GLU FA 39 35.41 -127.66 59.98
CA GLU FA 39 35.29 -129.12 59.96
C GLU FA 39 35.03 -129.62 58.55
N GLN FA 40 34.32 -128.84 57.74
CA GLN FA 40 34.10 -129.26 56.36
C GLN FA 40 35.40 -129.39 55.60
N LEU FA 41 36.25 -128.36 55.65
CA LEU FA 41 37.44 -128.33 54.80
C LEU FA 41 38.65 -128.97 55.48
N THR FA 42 38.58 -129.22 56.79
CA THR FA 42 39.70 -129.77 57.52
C THR FA 42 39.40 -131.08 58.21
N GLY FA 43 38.13 -131.44 58.38
CA GLY FA 43 37.82 -132.60 59.19
C GLY FA 43 38.34 -132.46 60.61
N GLN FA 44 38.37 -131.23 61.10
CA GLN FA 44 39.16 -130.88 62.27
C GLN FA 44 38.44 -129.78 63.04
N THR FA 45 38.28 -129.96 64.34
CA THR FA 45 37.53 -129.00 65.14
C THR FA 45 38.30 -127.71 65.32
N PRO FA 46 37.68 -126.55 65.18
CA PRO FA 46 38.41 -125.29 65.23
C PRO FA 46 38.46 -124.74 66.65
N VAL FA 47 39.26 -123.71 66.82
CA VAL FA 47 39.42 -123.03 68.11
C VAL FA 47 39.15 -121.56 67.91
N PHE FA 48 38.33 -121.00 68.81
CA PHE FA 48 37.83 -119.65 68.68
C PHE FA 48 38.93 -118.63 68.99
N SER FA 49 38.63 -117.36 68.71
CA SER FA 49 39.49 -116.26 69.07
C SER FA 49 38.61 -115.12 69.57
N LYS FA 50 39.15 -114.34 70.50
CA LYS FA 50 38.35 -113.37 71.23
C LYS FA 50 38.80 -111.95 70.95
N ALA FA 51 37.83 -111.04 70.90
CA ALA FA 51 38.11 -109.62 70.78
C ALA FA 51 38.70 -109.09 72.08
N ARG FA 52 39.64 -108.16 71.97
CA ARG FA 52 40.35 -107.69 73.14
C ARG FA 52 40.03 -106.25 73.54
N TYR FA 53 39.47 -105.45 72.65
CA TYR FA 53 39.16 -104.06 72.95
C TYR FA 53 37.73 -103.76 72.53
N THR FA 54 37.37 -102.49 72.59
CA THR FA 54 36.03 -102.05 72.20
C THR FA 54 36.21 -100.84 71.29
N VAL FA 55 36.15 -101.07 69.99
CA VAL FA 55 36.39 -99.99 69.05
C VAL FA 55 35.10 -99.46 68.42
N ARG FA 56 34.11 -100.31 68.20
CA ARG FA 56 32.76 -99.89 67.86
C ARG FA 56 32.69 -99.20 66.50
N SER FA 57 33.84 -99.02 65.85
CA SER FA 57 33.86 -98.39 64.55
C SER FA 57 33.06 -99.20 63.55
N PHE FA 58 33.56 -100.41 63.25
CA PHE FA 58 32.77 -101.38 62.51
C PHE FA 58 31.77 -102.10 63.40
N GLY FA 59 31.99 -102.07 64.71
CA GLY FA 59 31.08 -102.58 65.70
C GLY FA 59 31.50 -103.94 66.23
N ILE FA 60 32.24 -103.91 67.35
CA ILE FA 60 32.69 -105.09 68.05
C ILE FA 60 32.84 -104.68 69.50
N ARG FA 61 33.00 -105.68 70.38
CA ARG FA 61 33.29 -105.41 71.77
C ARG FA 61 34.12 -106.56 72.32
N ARG FA 62 34.92 -106.26 73.33
CA ARG FA 62 35.96 -107.21 73.72
C ARG FA 62 35.36 -108.47 74.33
N ASN FA 63 36.16 -109.53 74.29
CA ASN FA 63 35.81 -110.86 74.77
C ASN FA 63 34.71 -111.50 73.94
N GLU FA 64 34.31 -110.86 72.85
CA GLU FA 64 33.41 -111.48 71.89
C GLU FA 64 34.09 -112.67 71.25
N LYS FA 65 33.37 -113.41 70.44
CA LYS FA 65 33.95 -114.45 69.60
C LYS FA 65 33.98 -113.90 68.19
N ILE FA 66 35.09 -113.26 67.83
CA ILE FA 66 35.25 -112.65 66.52
C ILE FA 66 35.67 -113.65 65.47
N ALA FA 67 36.83 -114.28 65.65
CA ALA FA 67 37.38 -115.17 64.65
C ALA FA 67 37.42 -116.57 65.20
N VAL FA 68 37.81 -117.49 64.32
CA VAL FA 68 38.04 -118.88 64.70
C VAL FA 68 39.05 -119.42 63.71
N HIS FA 69 39.89 -120.35 64.15
CA HIS FA 69 40.95 -120.80 63.28
C HIS FA 69 41.29 -122.23 63.60
N CYS FA 70 42.27 -122.74 62.87
CA CYS FA 70 42.92 -124.00 63.18
C CYS FA 70 44.39 -123.89 62.84
N THR FA 71 45.15 -124.87 63.26
CA THR FA 71 46.54 -125.04 62.86
C THR FA 71 46.66 -126.47 62.33
N VAL FA 72 47.08 -126.60 61.08
CA VAL FA 72 47.11 -127.89 60.40
C VAL FA 72 48.54 -128.21 60.03
N ARG FA 73 48.98 -129.44 60.32
CA ARG FA 73 50.29 -129.89 59.94
C ARG FA 73 50.19 -131.26 59.26
N GLY FA 74 51.15 -131.55 58.39
CA GLY FA 74 51.25 -132.87 57.81
C GLY FA 74 50.57 -133.04 56.47
N ALA FA 75 50.15 -134.26 56.17
CA ALA FA 75 49.56 -134.54 54.86
C ALA FA 75 48.38 -133.65 54.59
N LYS FA 76 47.50 -133.47 55.58
CA LYS FA 76 46.38 -132.57 55.43
C LYS FA 76 46.86 -131.17 55.07
N ALA FA 77 47.95 -130.72 55.70
CA ALA FA 77 48.44 -129.38 55.44
C ALA FA 77 48.86 -129.21 53.98
N GLU FA 78 49.70 -130.11 53.47
CA GLU FA 78 50.16 -129.96 52.10
C GLU FA 78 49.03 -130.13 51.11
N GLU FA 79 48.08 -131.04 51.37
CA GLU FA 79 47.01 -131.21 50.39
C GLU FA 79 46.08 -130.01 50.38
N ILE FA 80 45.81 -129.41 51.54
CA ILE FA 80 45.01 -128.19 51.56
C ILE FA 80 45.76 -127.06 50.89
N LEU FA 81 47.08 -126.98 51.10
CA LEU FA 81 47.86 -125.94 50.45
C LEU FA 81 47.82 -126.09 48.94
N GLU FA 82 48.02 -127.31 48.44
CA GLU FA 82 47.93 -127.54 47.01
C GLU FA 82 46.53 -127.27 46.48
N LYS FA 83 45.51 -127.58 47.28
CA LYS FA 83 44.15 -127.23 46.93
C LYS FA 83 43.99 -125.74 46.71
N GLY FA 84 44.48 -124.95 47.66
CA GLY FA 84 44.44 -123.50 47.49
C GLY FA 84 45.25 -123.03 46.32
N LEU FA 85 46.44 -123.57 46.13
CA LEU FA 85 47.30 -123.14 45.03
C LEU FA 85 46.67 -123.43 43.69
N LYS FA 86 46.02 -124.60 43.55
CA LYS FA 86 45.25 -124.88 42.35
C LYS FA 86 44.07 -123.91 42.22
N VAL FA 87 43.44 -123.55 43.34
CA VAL FA 87 42.44 -122.49 43.30
C VAL FA 87 43.05 -121.20 42.77
N ARG FA 88 44.32 -120.98 43.07
CA ARG FA 88 45.06 -119.86 42.49
C ARG FA 88 45.79 -120.25 41.21
N GLU FA 89 45.68 -121.50 40.76
CA GLU FA 89 46.44 -121.98 39.60
C GLU FA 89 47.94 -121.72 39.78
N TYR FA 90 48.36 -121.68 41.04
CA TYR FA 90 49.76 -121.58 41.42
C TYR FA 90 50.35 -120.21 41.10
N GLU FA 91 49.51 -119.19 40.99
CA GLU FA 91 50.02 -117.84 40.73
C GLU FA 91 49.89 -117.03 42.01
N LEU FA 92 51.02 -116.69 42.61
CA LEU FA 92 51.11 -115.77 43.72
C LEU FA 92 52.15 -114.72 43.33
N ARG FA 93 51.73 -113.47 43.21
CA ARG FA 93 52.41 -112.59 42.27
C ARG FA 93 53.68 -111.95 42.82
N LYS FA 94 53.58 -111.02 43.78
CA LYS FA 94 54.71 -110.13 44.00
C LYS FA 94 55.29 -110.17 45.41
N ASN FA 95 54.50 -109.87 46.43
CA ASN FA 95 55.09 -109.58 47.73
C ASN FA 95 54.35 -110.28 48.86
N ASN FA 96 53.49 -111.24 48.54
CA ASN FA 96 52.81 -111.99 49.57
C ASN FA 96 53.80 -112.66 50.50
N PHE FA 97 54.95 -113.08 49.98
CA PHE FA 97 55.98 -113.67 50.82
C PHE FA 97 56.40 -112.68 51.90
N SER FA 98 56.60 -113.19 53.12
CA SER FA 98 57.10 -112.39 54.22
C SER FA 98 58.59 -112.63 54.39
N ASP FA 99 59.30 -111.60 54.85
CA ASP FA 99 60.76 -111.65 54.91
C ASP FA 99 61.27 -112.69 55.89
N THR FA 100 60.49 -113.08 56.89
CA THR FA 100 60.93 -114.14 57.78
C THR FA 100 60.97 -115.50 57.09
N GLY FA 101 60.30 -115.64 55.95
CA GLY FA 101 60.29 -116.90 55.23
C GLY FA 101 58.89 -117.43 55.02
N ASN FA 102 57.99 -117.17 55.97
CA ASN FA 102 56.64 -117.66 55.88
C ASN FA 102 55.79 -116.73 55.01
N PHE FA 103 54.55 -117.16 54.77
CA PHE FA 103 53.65 -116.40 53.90
C PHE FA 103 52.24 -116.95 54.07
N GLY FA 104 51.35 -116.53 53.18
CA GLY FA 104 49.99 -117.04 53.17
C GLY FA 104 49.10 -116.06 52.44
N PHE FA 105 47.91 -116.53 52.08
CA PHE FA 105 47.05 -115.72 51.24
C PHE FA 105 45.60 -115.93 51.64
N GLY FA 106 44.75 -115.07 51.11
CA GLY FA 106 43.31 -115.10 51.40
C GLY FA 106 42.51 -115.42 50.15
N ILE FA 107 41.33 -116.01 50.35
CA ILE FA 107 40.42 -116.34 49.27
C ILE FA 107 39.01 -115.98 49.71
N GLN FA 108 38.09 -115.97 48.75
CA GLN FA 108 36.72 -115.58 49.00
C GLN FA 108 35.73 -116.74 48.95
N GLU FA 109 35.89 -117.67 48.02
CA GLU FA 109 34.91 -118.71 47.74
C GLU FA 109 35.52 -120.07 48.02
N HIS FA 110 35.08 -120.69 49.11
CA HIS FA 110 35.57 -122.00 49.52
C HIS FA 110 34.75 -123.13 48.95
N ILE FA 111 33.59 -122.85 48.37
CA ILE FA 111 32.67 -123.90 47.98
C ILE FA 111 33.17 -124.62 46.73
N ASP FA 112 33.67 -123.87 45.74
CA ASP FA 112 34.16 -124.41 44.48
C ASP FA 112 35.05 -125.62 44.74
N LEU FA 113 36.14 -125.39 45.44
CA LEU FA 113 36.87 -126.43 46.15
C LEU FA 113 37.10 -125.90 47.55
N GLY FA 114 36.77 -126.70 48.55
CA GLY FA 114 36.35 -128.09 48.39
C GLY FA 114 34.88 -128.34 48.52
N ILE FA 115 34.48 -128.71 49.74
CA ILE FA 115 33.14 -129.21 50.02
C ILE FA 115 32.07 -128.28 49.43
N LYS FA 116 31.05 -128.90 48.84
CA LYS FA 116 30.02 -128.21 48.11
C LYS FA 116 29.20 -127.30 49.02
N TYR FA 117 28.33 -126.52 48.39
CA TYR FA 117 27.49 -125.57 49.10
C TYR FA 117 26.41 -126.31 49.88
N ASP FA 118 26.19 -125.88 51.11
CA ASP FA 118 25.02 -126.23 51.89
C ASP FA 118 24.25 -124.96 52.21
N PRO FA 119 22.97 -124.89 51.85
CA PRO FA 119 22.23 -123.62 51.96
C PRO FA 119 22.31 -122.98 53.33
N SER FA 120 22.53 -123.78 54.38
CA SER FA 120 22.63 -123.23 55.73
C SER FA 120 23.84 -122.30 55.85
N ILE FA 121 25.02 -122.81 55.55
CA ILE FA 121 26.30 -122.13 55.65
C ILE FA 121 26.23 -120.95 54.68
N GLY FA 122 27.08 -119.94 54.85
CA GLY FA 122 27.08 -118.78 53.99
C GLY FA 122 28.25 -118.76 53.02
N ILE FA 123 28.77 -117.57 52.77
CA ILE FA 123 29.66 -117.32 51.65
C ILE FA 123 30.99 -116.76 52.15
N TYR FA 124 31.45 -117.23 53.30
CA TYR FA 124 32.66 -116.70 53.90
C TYR FA 124 33.87 -116.89 53.00
N GLY FA 125 34.81 -115.97 53.10
CA GLY FA 125 36.16 -116.17 52.62
C GLY FA 125 36.99 -116.82 53.69
N LEU FA 126 38.31 -116.64 53.59
CA LEU FA 126 39.25 -117.05 54.63
C LEU FA 126 40.62 -116.56 54.20
N ASP FA 127 41.62 -116.83 55.03
CA ASP FA 127 43.00 -116.49 54.69
C ASP FA 127 43.94 -117.58 55.20
N PHE FA 128 44.63 -118.23 54.28
CA PHE FA 128 45.75 -119.09 54.62
C PHE FA 128 46.93 -118.25 55.08
N TYR FA 129 47.73 -118.81 55.97
CA TYR FA 129 49.08 -118.30 56.22
C TYR FA 129 49.94 -119.49 56.60
N VAL FA 130 50.54 -120.11 55.59
CA VAL FA 130 51.36 -121.29 55.80
C VAL FA 130 52.74 -120.86 56.28
N VAL FA 131 53.27 -121.59 57.25
CA VAL FA 131 54.61 -121.34 57.74
C VAL FA 131 55.51 -122.50 57.34
N LEU FA 132 56.80 -122.22 57.27
CA LEU FA 132 57.77 -123.18 56.79
C LEU FA 132 58.74 -123.52 57.90
N GLY FA 133 59.75 -124.29 57.55
CA GLY FA 133 60.76 -124.65 58.51
C GLY FA 133 61.56 -125.85 58.05
N ARG FA 134 62.71 -126.02 58.67
CA ARG FA 134 63.61 -127.13 58.46
C ARG FA 134 63.62 -128.00 59.70
N PRO FA 135 63.93 -129.28 59.56
CA PRO FA 135 63.94 -130.16 60.75
C PRO FA 135 64.91 -129.65 61.79
N GLY FA 136 64.42 -129.45 63.01
CA GLY FA 136 65.21 -128.85 64.05
C GLY FA 136 64.62 -127.57 64.59
N PHE FA 137 63.69 -126.97 63.83
CA PHE FA 137 63.13 -125.69 64.22
C PHE FA 137 62.35 -125.76 65.53
N SER FA 138 61.96 -126.95 65.95
CA SER FA 138 61.22 -127.11 67.20
C SER FA 138 62.08 -126.83 68.42
N ILE FA 139 63.40 -126.69 68.26
CA ILE FA 139 64.25 -126.36 69.40
C ILE FA 139 63.84 -125.03 69.99
N ALA FA 140 63.34 -124.11 69.17
CA ALA FA 140 62.92 -122.81 69.67
C ALA FA 140 61.67 -122.91 70.52
N ASP FA 141 60.91 -123.98 70.36
CA ASP FA 141 59.72 -124.15 71.16
C ASP FA 141 59.92 -125.20 72.27
N LYS FA 142 61.00 -125.97 72.20
CA LYS FA 142 61.31 -126.96 73.21
C LYS FA 142 61.33 -126.34 74.60
N LYS FA 143 60.84 -127.09 75.58
CA LYS FA 143 60.80 -126.58 76.95
C LYS FA 143 62.19 -126.49 77.56
N ARG FA 144 62.97 -127.56 77.45
CA ARG FA 144 64.28 -127.62 78.07
C ARG FA 144 65.35 -127.22 77.06
N ARG FA 145 66.31 -126.43 77.53
CA ARG FA 145 67.46 -126.02 76.72
C ARG FA 145 67.00 -125.38 75.41
N THR FA 146 66.03 -124.48 75.51
CA THR FA 146 65.60 -123.71 74.36
C THR FA 146 66.73 -122.81 73.88
N GLY FA 147 66.69 -122.46 72.59
CA GLY FA 147 67.71 -121.59 72.07
C GLY FA 147 67.33 -121.03 70.72
N CYS FA 148 68.22 -120.19 70.19
CA CYS FA 148 68.07 -119.67 68.85
C CYS FA 148 68.43 -120.74 67.82
N ILE FA 149 68.25 -120.41 66.55
CA ILE FA 149 68.45 -121.37 65.47
C ILE FA 149 69.66 -121.07 64.62
N GLY FA 150 70.28 -119.92 64.75
CA GLY FA 150 71.40 -119.63 63.89
C GLY FA 150 70.96 -118.97 62.60
N ALA FA 151 71.85 -118.15 62.04
CA ALA FA 151 71.49 -117.34 60.88
C ALA FA 151 71.26 -118.20 59.66
N LYS FA 152 72.30 -118.90 59.21
CA LYS FA 152 72.21 -119.61 57.93
C LYS FA 152 71.24 -120.78 57.98
N HIS FA 153 70.77 -121.16 59.16
CA HIS FA 153 69.71 -122.14 59.25
C HIS FA 153 68.33 -121.52 59.09
N ARG FA 154 68.22 -120.20 59.10
CA ARG FA 154 66.92 -119.55 59.05
C ARG FA 154 66.40 -119.58 57.62
N ILE FA 155 65.26 -118.93 57.40
CA ILE FA 155 64.64 -118.84 56.10
C ILE FA 155 64.50 -117.37 55.73
N SER FA 156 64.80 -117.06 54.48
CA SER FA 156 64.64 -115.72 53.97
C SER FA 156 63.65 -115.76 52.81
N LYS FA 157 63.08 -114.60 52.50
CA LYS FA 157 62.16 -114.52 51.38
C LYS FA 157 62.81 -115.06 50.12
N GLU FA 158 64.08 -114.73 49.89
CA GLU FA 158 64.73 -115.01 48.62
C GLU FA 158 64.63 -116.48 48.24
N GLU FA 159 64.78 -117.37 49.22
CA GLU FA 159 64.69 -118.80 48.90
C GLU FA 159 63.27 -119.31 48.95
N ALA FA 160 62.30 -118.52 49.42
CA ALA FA 160 60.92 -118.94 49.40
C ALA FA 160 60.43 -119.12 47.96
N MET FA 161 60.69 -118.14 47.10
CA MET FA 161 60.31 -118.31 45.69
C MET FA 161 61.13 -119.42 45.04
N ARG FA 162 62.39 -119.56 45.43
CA ARG FA 162 63.22 -120.62 44.86
C ARG FA 162 62.60 -121.99 45.11
N TRP FA 163 62.26 -122.26 46.37
CA TRP FA 163 61.65 -123.56 46.68
C TRP FA 163 60.24 -123.66 46.10
N PHE FA 164 59.50 -122.55 46.09
CA PHE FA 164 58.21 -122.53 45.42
C PHE FA 164 58.31 -123.07 44.00
N GLN FA 165 59.12 -122.41 43.18
CA GLN FA 165 59.32 -122.87 41.81
C GLN FA 165 59.95 -124.26 41.77
N GLN FA 166 60.68 -124.63 42.82
CA GLN FA 166 61.26 -125.96 42.87
C GLN FA 166 60.20 -127.03 43.07
N LYS FA 167 59.06 -126.66 43.64
CA LYS FA 167 58.06 -127.66 43.97
C LYS FA 167 56.80 -127.52 43.11
N TYR FA 168 56.18 -126.36 43.12
CA TYR FA 168 54.87 -126.18 42.49
C TYR FA 168 54.93 -125.53 41.13
N ASP FA 169 56.13 -125.18 40.65
CA ASP FA 169 56.29 -124.47 39.39
C ASP FA 169 55.37 -123.25 39.31
N GLY FA 170 55.08 -122.64 40.46
CA GLY FA 170 54.25 -121.47 40.47
C GLY FA 170 54.98 -120.25 39.94
N ILE FA 171 54.21 -119.22 39.63
CA ILE FA 171 54.74 -117.98 39.07
C ILE FA 171 54.66 -116.91 40.15
N ILE FA 172 55.78 -116.23 40.37
CA ILE FA 172 55.88 -115.15 41.33
C ILE FA 172 56.74 -114.05 40.72
N LEU FA 173 56.60 -112.83 41.23
CA LEU FA 173 57.27 -111.63 40.72
C LEU FA 173 56.94 -111.38 39.25
N PRO FA 174 55.70 -110.99 38.92
CA PRO FA 174 55.47 -110.40 37.61
C PRO FA 174 56.18 -109.05 37.51
N GLY FA 175 56.44 -108.62 36.28
CA GLY FA 175 57.18 -107.39 36.07
C GLY FA 175 56.37 -106.14 36.34
N LYS FA 176 55.97 -105.94 37.60
CA LYS FA 176 55.17 -104.78 37.99
C LYS FA 176 55.92 -103.91 38.99
N ALA GA 1 46.70 -84.19 140.90
CA ALA GA 1 47.92 -83.88 140.19
C ALA GA 1 49.05 -84.77 140.67
N PRO GA 2 49.06 -86.03 140.21
CA PRO GA 2 50.10 -86.97 140.65
C PRO GA 2 51.49 -86.44 140.30
N SER GA 3 52.40 -86.53 141.26
CA SER GA 3 53.71 -85.93 141.07
C SER GA 3 54.63 -86.85 140.28
N ARG GA 4 55.02 -87.97 140.88
CA ARG GA 4 55.76 -89.00 140.17
C ARG GA 4 55.07 -90.35 140.23
N ASN GA 5 54.78 -90.83 141.44
CA ASN GA 5 54.32 -92.20 141.64
C ASN GA 5 53.88 -92.33 143.07
N GLY GA 6 52.74 -92.96 143.29
CA GLY GA 6 52.28 -93.13 144.65
C GLY GA 6 50.82 -93.52 144.71
N MET GA 7 50.25 -93.29 145.88
CA MET GA 7 48.89 -93.71 146.16
C MET GA 7 47.91 -93.05 145.20
N VAL GA 8 46.67 -93.54 145.25
CA VAL GA 8 45.54 -92.78 144.73
C VAL GA 8 44.63 -92.47 145.92
N LEU GA 9 44.85 -91.32 146.55
CA LEU GA 9 44.07 -90.96 147.72
C LEU GA 9 42.65 -90.62 147.34
N LYS GA 10 41.72 -90.90 148.25
CA LYS GA 10 40.33 -90.45 148.14
C LYS GA 10 39.94 -89.82 149.47
N PRO GA 11 40.54 -88.69 149.81
CA PRO GA 11 40.28 -88.09 151.12
C PRO GA 11 38.82 -87.63 151.22
N HIS GA 12 38.22 -87.89 152.38
CA HIS GA 12 36.82 -87.52 152.59
C HIS GA 12 36.71 -86.19 153.31
N PHE GA 13 37.21 -85.15 152.66
CA PHE GA 13 37.27 -83.81 153.23
C PHE GA 13 36.70 -82.78 152.28
N HIS GA 14 35.54 -83.07 151.72
CA HIS GA 14 34.85 -82.09 150.88
C HIS GA 14 33.53 -81.65 151.52
N LYS GA 15 33.30 -81.96 152.79
CA LYS GA 15 31.99 -81.81 153.39
C LYS GA 15 31.98 -80.81 154.54
N ASP GA 16 32.79 -79.76 154.46
CA ASP GA 16 32.81 -78.69 155.45
C ASP GA 16 32.98 -79.28 156.86
N TRP GA 17 33.93 -80.21 156.95
CA TRP GA 17 34.10 -80.96 158.19
C TRP GA 17 34.63 -80.13 159.33
N GLN GA 18 35.17 -78.95 159.05
CA GLN GA 18 35.86 -78.18 160.08
C GLN GA 18 34.92 -77.79 161.21
N ARG GA 19 33.69 -77.42 160.88
CA ARG GA 19 32.76 -77.03 161.94
C ARG GA 19 32.36 -78.23 162.79
N ARG GA 20 32.20 -79.39 162.17
CA ARG GA 20 31.80 -80.59 162.89
C ARG GA 20 33.02 -81.44 163.22
N VAL GA 21 33.90 -80.85 164.03
CA VAL GA 21 35.10 -81.52 164.53
C VAL GA 21 34.95 -81.73 166.02
N ALA GA 22 35.13 -82.96 166.48
CA ALA GA 22 35.00 -83.27 167.90
C ALA GA 22 36.37 -83.63 168.43
N THR GA 23 37.04 -82.66 169.04
CA THR GA 23 38.29 -82.93 169.72
C THR GA 23 38.03 -83.71 171.00
N TRP GA 24 39.11 -84.00 171.71
CA TRP GA 24 38.99 -84.81 172.91
C TRP GA 24 39.75 -84.23 174.10
N PHE GA 25 39.76 -82.90 174.24
CA PHE GA 25 40.45 -82.31 175.38
C PHE GA 25 39.76 -82.62 176.70
N ASN GA 26 38.49 -83.02 176.66
CA ASN GA 26 37.77 -83.36 177.86
C ASN GA 26 37.97 -84.82 178.27
N GLN GA 27 38.77 -85.57 177.51
CA GLN GA 27 38.91 -86.99 177.79
C GLN GA 27 39.37 -87.29 179.19
N PRO GA 28 40.43 -86.65 179.74
CA PRO GA 28 40.78 -86.94 181.13
C PRO GA 28 39.69 -86.53 182.11
N ALA GA 29 39.07 -85.37 181.88
CA ALA GA 29 37.98 -84.95 182.75
C ALA GA 29 36.81 -85.93 182.67
N ARG GA 30 36.49 -86.40 181.46
CA ARG GA 30 35.43 -87.38 181.32
C ARG GA 30 35.78 -88.67 182.04
N LYS GA 31 37.04 -89.11 181.90
CA LYS GA 31 37.48 -90.31 182.58
C LYS GA 31 37.31 -90.19 184.08
N ILE GA 32 37.76 -89.08 184.65
CA ILE GA 32 37.70 -88.94 186.10
C ILE GA 32 36.25 -88.77 186.57
N ARG GA 33 35.41 -88.11 185.77
CA ARG GA 33 33.99 -88.04 186.13
C ARG GA 33 33.39 -89.42 186.18
N ARG GA 34 33.66 -90.25 185.17
CA ARG GA 34 33.12 -91.60 185.18
C ARG GA 34 33.66 -92.38 186.37
N ARG GA 35 34.94 -92.19 186.69
CA ARG GA 35 35.55 -92.87 187.82
C ARG GA 35 34.85 -92.53 189.13
N LYS GA 36 34.66 -91.24 189.39
CA LYS GA 36 34.06 -90.85 190.66
C LYS GA 36 32.58 -91.19 190.72
N ALA GA 37 31.88 -91.12 189.59
CA ALA GA 37 30.49 -91.57 189.57
C ALA GA 37 30.42 -93.07 189.87
N ARG GA 38 31.35 -93.84 189.33
CA ARG GA 38 31.40 -95.26 189.62
C ARG GA 38 31.64 -95.51 191.10
N GLN GA 39 32.55 -94.73 191.71
CA GLN GA 39 32.77 -94.85 193.14
C GLN GA 39 31.53 -94.50 193.93
N ALA GA 40 30.82 -93.45 193.53
CA ALA GA 40 29.59 -93.06 194.23
C ALA GA 40 28.54 -94.16 194.15
N LYS GA 41 28.36 -94.75 192.96
CA LYS GA 41 27.44 -95.86 192.82
C LYS GA 41 27.85 -97.03 193.70
N ALA GA 42 29.14 -97.34 193.72
CA ALA GA 42 29.62 -98.48 194.51
C ALA GA 42 29.39 -98.25 196.00
N ARG GA 43 29.61 -97.03 196.48
CA ARG GA 43 29.41 -96.78 197.90
C ARG GA 43 27.93 -96.66 198.23
N ARG GA 44 27.08 -96.36 197.25
CA ARG GA 44 25.64 -96.37 197.53
C ARG GA 44 25.15 -97.77 197.82
N ILE GA 45 25.48 -98.72 196.95
CA ILE GA 45 25.09 -100.12 197.15
C ILE GA 45 26.27 -100.80 197.82
N ALA GA 46 26.28 -100.75 199.16
CA ALA GA 46 27.48 -101.15 199.88
C ALA GA 46 27.84 -102.62 199.71
N PRO GA 47 26.97 -103.60 200.01
CA PRO GA 47 27.41 -104.98 199.94
C PRO GA 47 27.23 -105.63 198.57
N ARG GA 48 26.33 -105.09 197.74
CA ARG GA 48 26.13 -105.67 196.42
C ARG GA 48 27.39 -105.49 195.58
N PRO GA 49 27.71 -106.44 194.69
CA PRO GA 49 29.09 -106.56 194.23
C PRO GA 49 29.54 -105.58 193.15
N ALA GA 50 29.18 -104.31 193.29
CA ALA GA 50 29.88 -103.22 192.60
C ALA GA 50 29.91 -103.36 191.09
N SER GA 51 29.30 -104.40 190.55
CA SER GA 51 29.36 -104.66 189.12
C SER GA 51 28.04 -105.18 188.58
N GLY GA 52 26.93 -104.79 189.19
CA GLY GA 52 25.63 -105.18 188.71
C GLY GA 52 25.37 -106.66 188.90
N PRO GA 53 24.36 -107.17 188.23
CA PRO GA 53 23.99 -108.57 188.41
C PRO GA 53 24.93 -109.52 187.72
N ILE GA 54 24.82 -110.80 188.03
CA ILE GA 54 25.61 -111.83 187.36
C ILE GA 54 25.18 -111.92 185.91
N ARG GA 55 26.11 -112.24 185.04
CA ARG GA 55 25.77 -112.47 183.66
C ARG GA 55 26.05 -113.91 183.27
N PRO GA 56 25.33 -114.47 182.31
CA PRO GA 56 25.42 -115.90 182.02
C PRO GA 56 26.59 -116.24 181.10
N ILE GA 57 26.82 -117.53 180.95
CA ILE GA 57 27.84 -118.02 180.01
C ILE GA 57 27.28 -117.97 178.59
N VAL GA 58 28.05 -117.40 177.67
CA VAL GA 58 27.55 -117.03 176.36
C VAL GA 58 28.54 -117.45 175.30
N ARG GA 59 28.04 -117.99 174.19
CA ARG GA 59 28.85 -118.37 173.05
C ARG GA 59 28.75 -117.30 171.97
N CYS GA 60 29.88 -116.90 171.42
CA CYS GA 60 29.89 -115.86 170.40
C CYS GA 60 29.19 -116.34 169.14
N PRO GA 61 28.35 -115.52 168.53
CA PRO GA 61 27.52 -115.97 167.41
C PRO GA 61 28.18 -115.76 166.05
N THR GA 62 29.36 -116.33 165.86
CA THR GA 62 29.96 -116.38 164.53
C THR GA 62 31.07 -117.42 164.51
N VAL GA 63 31.22 -118.10 163.37
CA VAL GA 63 32.29 -119.08 163.21
C VAL GA 63 33.64 -118.42 163.44
N ARG GA 64 33.76 -117.13 163.18
CA ARG GA 64 35.00 -116.43 163.51
C ARG GA 64 35.23 -116.42 165.01
N TYR GA 65 34.17 -116.26 165.79
CA TYR GA 65 34.30 -116.03 167.22
C TYR GA 65 33.70 -117.13 168.09
N HIS GA 66 33.01 -118.11 167.50
CA HIS GA 66 32.33 -119.10 168.32
C HIS GA 66 33.30 -119.99 169.09
N THR GA 67 34.60 -119.93 168.77
CA THR GA 67 35.58 -120.63 169.57
C THR GA 67 35.66 -120.08 170.99
N LYS GA 68 35.31 -118.82 171.18
CA LYS GA 68 35.46 -118.18 172.47
C LYS GA 68 34.13 -118.06 173.19
N VAL GA 69 34.18 -117.55 174.42
CA VAL GA 69 33.02 -117.48 175.30
C VAL GA 69 32.96 -116.08 175.90
N ARG GA 70 31.76 -115.52 175.99
CA ARG GA 70 31.54 -114.17 176.50
C ARG GA 70 30.56 -114.21 177.67
N ALA GA 71 30.45 -113.07 178.36
CA ALA GA 71 29.39 -112.82 179.31
C ALA GA 71 28.32 -111.96 178.64
N GLY GA 72 27.07 -112.42 178.71
CA GLY GA 72 25.99 -111.84 177.94
C GLY GA 72 25.06 -111.00 178.78
N ARG GA 73 23.92 -110.64 178.16
CA ARG GA 73 23.00 -109.71 178.82
C ARG GA 73 22.38 -110.34 180.06
N GLY GA 74 21.91 -111.57 179.95
CA GLY GA 74 21.30 -112.20 181.10
C GLY GA 74 20.78 -113.57 180.80
N PHE GA 75 20.35 -114.25 181.86
CA PHE GA 75 19.84 -115.60 181.76
C PHE GA 75 18.48 -115.62 181.07
N SER GA 76 18.22 -116.72 180.37
CA SER GA 76 16.92 -116.96 179.76
C SER GA 76 16.08 -117.80 180.70
N LEU GA 77 14.79 -117.94 180.39
CA LEU GA 77 13.84 -118.55 181.31
C LEU GA 77 14.17 -119.99 181.67
N GLU GA 78 14.38 -120.86 180.68
CA GLU GA 78 14.47 -122.30 180.96
C GLU GA 78 15.50 -122.61 182.02
N GLU GA 79 16.61 -121.87 182.07
CA GLU GA 79 17.65 -122.19 183.02
C GLU GA 79 17.22 -121.85 184.44
N LEU GA 80 16.53 -120.73 184.66
CA LEU GA 80 16.00 -120.53 186.00
C LEU GA 80 14.85 -121.47 186.29
N ARG GA 81 14.06 -121.82 185.28
CA ARG GA 81 12.95 -122.73 185.46
C ARG GA 81 13.44 -124.06 186.02
N VAL GA 82 14.48 -124.63 185.42
CA VAL GA 82 15.07 -125.84 185.97
C VAL GA 82 15.84 -125.55 187.26
N ALA GA 83 16.42 -124.37 187.39
CA ALA GA 83 17.08 -123.98 188.63
C ALA GA 83 16.08 -123.64 189.73
N GLY GA 84 14.79 -123.60 189.40
CA GLY GA 84 13.77 -123.42 190.42
C GLY GA 84 13.83 -122.08 191.14
N ILE GA 85 13.96 -120.99 190.39
CA ILE GA 85 13.93 -119.65 190.97
C ILE GA 85 13.02 -118.77 190.11
N HIS GA 86 12.15 -118.01 190.77
CA HIS GA 86 11.12 -117.27 190.08
C HIS GA 86 11.74 -116.14 189.25
N LYS GA 87 11.19 -115.93 188.04
CA LYS GA 87 11.83 -115.02 187.10
C LYS GA 87 11.80 -113.58 187.57
N LYS GA 88 10.71 -113.15 188.21
CA LYS GA 88 10.64 -111.76 188.64
C LYS GA 88 11.50 -111.51 189.88
N VAL GA 89 11.63 -112.52 190.74
CA VAL GA 89 12.45 -112.34 191.94
C VAL GA 89 13.93 -112.43 191.62
N ALA GA 90 14.30 -113.01 190.49
CA ALA GA 90 15.71 -113.21 190.20
C ALA GA 90 16.45 -111.89 190.08
N ARG GA 91 15.84 -110.91 189.41
CA ARG GA 91 16.51 -109.62 189.24
C ARG GA 91 16.76 -108.95 190.57
N THR GA 92 15.79 -108.98 191.49
CA THR GA 92 16.03 -108.40 192.80
C THR GA 92 17.02 -109.23 193.59
N ILE GA 93 17.20 -110.50 193.21
CA ILE GA 93 18.26 -111.30 193.80
C ILE GA 93 19.60 -111.01 193.14
N GLY GA 94 19.61 -110.44 191.95
CA GLY GA 94 20.85 -110.10 191.28
C GLY GA 94 21.20 -111.06 190.16
N ILE GA 95 20.21 -111.39 189.34
CA ILE GA 95 20.37 -112.38 188.29
C ILE GA 95 20.32 -111.77 186.89
N SER GA 96 19.50 -110.75 186.67
CA SER GA 96 19.37 -110.09 185.37
C SER GA 96 18.89 -111.07 184.29
N VAL GA 97 17.63 -111.49 184.45
CA VAL GA 97 17.03 -112.39 183.48
C VAL GA 97 16.82 -111.68 182.16
N ASP GA 98 17.21 -112.34 181.07
CA ASP GA 98 16.96 -111.83 179.72
C ASP GA 98 15.95 -112.74 179.05
N PRO GA 99 14.69 -112.36 178.97
CA PRO GA 99 13.66 -113.30 178.50
C PRO GA 99 13.66 -113.54 177.00
N ARG GA 100 14.34 -112.71 176.23
CA ARG GA 100 14.20 -112.80 174.78
C ARG GA 100 15.23 -113.73 174.13
N ARG GA 101 16.11 -114.34 174.91
CA ARG GA 101 17.02 -115.35 174.37
C ARG GA 101 16.46 -116.73 174.65
N ARG GA 102 16.60 -117.62 173.67
CA ARG GA 102 16.18 -119.01 173.82
C ARG GA 102 17.40 -119.91 173.74
N ASN GA 103 17.30 -121.07 174.38
CA ASN GA 103 18.42 -122.01 174.48
C ASN GA 103 18.17 -123.20 173.57
N LYS GA 104 19.13 -123.51 172.71
CA LYS GA 104 19.05 -124.65 171.81
C LYS GA 104 20.15 -125.67 172.05
N SER GA 105 20.86 -125.58 173.17
CA SER GA 105 21.92 -126.52 173.50
C SER GA 105 21.74 -126.96 174.93
N THR GA 106 21.68 -128.28 175.15
CA THR GA 106 21.55 -128.76 176.52
C THR GA 106 22.84 -128.57 177.29
N GLU GA 107 23.99 -128.55 176.60
CA GLU GA 107 25.25 -128.30 177.28
C GLU GA 107 25.34 -126.87 177.77
N SER GA 108 25.01 -125.90 176.91
CA SER GA 108 25.04 -124.50 177.32
C SER GA 108 24.03 -124.25 178.44
N LEU GA 109 22.82 -124.77 178.28
CA LEU GA 109 21.80 -124.61 179.32
C LEU GA 109 22.27 -125.22 180.63
N GLN GA 110 22.85 -126.41 180.57
CA GLN GA 110 23.32 -127.06 181.79
C GLN GA 110 24.45 -126.28 182.43
N ALA GA 111 25.37 -125.75 181.64
CA ALA GA 111 26.44 -124.94 182.21
C ALA GA 111 25.89 -123.70 182.88
N ASN GA 112 24.89 -123.07 182.25
CA ASN GA 112 24.30 -121.88 182.84
C ASN GA 112 23.61 -122.21 184.17
N VAL GA 113 22.89 -123.32 184.23
CA VAL GA 113 22.22 -123.66 185.48
C VAL GA 113 23.25 -124.05 186.54
N GLN GA 114 24.36 -124.67 186.15
CA GLN GA 114 25.43 -124.94 187.09
C GLN GA 114 25.98 -123.65 187.66
N ARG GA 115 26.18 -122.66 186.80
CA ARG GA 115 26.63 -121.35 187.25
C ARG GA 115 25.63 -120.74 188.23
N LEU GA 116 24.35 -120.83 187.91
CA LEU GA 116 23.34 -120.29 188.82
C LEU GA 116 23.37 -120.99 190.16
N LYS GA 117 23.50 -122.32 190.16
CA LYS GA 117 23.50 -123.07 191.41
C LYS GA 117 24.69 -122.68 192.27
N GLU GA 118 25.89 -122.65 191.68
CA GLU GA 118 27.05 -122.29 192.49
C GLU GA 118 26.96 -120.85 192.98
N TYR GA 119 26.41 -119.93 192.16
CA TYR GA 119 26.24 -118.57 192.64
C TYR GA 119 25.27 -118.51 193.81
N ARG GA 120 24.15 -119.24 193.70
CA ARG GA 120 23.16 -119.22 194.76
C ARG GA 120 23.75 -119.75 196.05
N SER GA 121 24.54 -120.82 195.96
CA SER GA 121 25.26 -121.28 197.15
C SER GA 121 26.22 -120.21 197.65
N LYS GA 122 26.83 -119.46 196.72
CA LYS GA 122 27.76 -118.41 197.07
C LYS GA 122 27.07 -117.14 197.55
N LEU GA 123 25.75 -117.04 197.42
CA LEU GA 123 25.07 -115.80 197.71
C LEU GA 123 24.78 -115.68 199.21
N ILE GA 124 25.02 -114.51 199.77
CA ILE GA 124 24.57 -114.17 201.12
C ILE GA 124 23.40 -113.19 201.01
N LEU GA 125 22.36 -113.45 201.79
CA LEU GA 125 21.14 -112.68 201.67
C LEU GA 125 20.81 -112.02 203.00
N PHE GA 126 20.81 -110.70 203.01
CA PHE GA 126 20.45 -109.93 204.18
C PHE GA 126 18.95 -110.03 204.42
N PRO GA 127 18.51 -110.30 205.65
CA PRO GA 127 17.08 -110.17 205.93
C PRO GA 127 16.65 -108.72 205.73
N ARG GA 128 15.44 -108.54 205.20
CA ARG GA 128 14.92 -107.19 205.06
C ARG GA 128 14.93 -106.47 206.40
N LYS GA 129 14.60 -107.18 207.48
CA LYS GA 129 14.69 -106.61 208.82
C LYS GA 129 15.91 -107.18 209.51
N PRO GA 130 16.91 -106.37 209.86
CA PRO GA 130 18.08 -106.90 210.58
C PRO GA 130 17.71 -107.51 211.92
N SER GA 131 16.73 -106.94 212.61
CA SER GA 131 16.32 -107.49 213.90
C SER GA 131 15.65 -108.84 213.75
N ALA GA 132 15.00 -109.08 212.61
CA ALA GA 132 14.20 -110.30 212.39
C ALA GA 132 14.77 -111.07 211.21
N PRO GA 133 15.65 -112.04 211.45
CA PRO GA 133 16.08 -112.94 210.38
C PRO GA 133 15.04 -114.03 210.15
N LYS GA 134 14.30 -113.94 209.04
CA LYS GA 134 13.22 -114.89 208.80
C LYS GA 134 13.69 -116.07 207.97
N LYS GA 135 14.15 -115.81 206.74
CA LYS GA 135 14.66 -116.85 205.87
C LYS GA 135 15.98 -116.47 205.22
N GLY GA 136 16.52 -115.30 205.52
CA GLY GA 136 17.64 -114.79 204.76
C GLY GA 136 18.92 -115.56 204.96
N ASP GA 137 19.53 -115.42 206.13
CA ASP GA 137 20.79 -116.08 206.43
C ASP GA 137 21.13 -115.83 207.90
N SER GA 138 22.18 -116.50 208.38
CA SER GA 138 22.56 -116.46 209.77
C SER GA 138 23.43 -115.24 210.05
N SER GA 139 23.25 -114.65 211.23
CA SER GA 139 23.96 -113.42 211.56
C SER GA 139 25.46 -113.63 211.69
N ALA GA 140 25.88 -114.80 212.18
CA ALA GA 140 27.30 -115.02 212.46
C ALA GA 140 28.13 -114.92 211.18
N GLU GA 141 27.65 -115.52 210.11
CA GLU GA 141 28.26 -115.42 208.79
C GLU GA 141 28.07 -114.02 208.18
N GLU GA 142 26.86 -113.48 208.28
CA GLU GA 142 26.51 -112.21 207.67
C GLU GA 142 27.40 -111.08 208.18
N LEU GA 143 27.64 -111.04 209.50
CA LEU GA 143 28.37 -109.93 210.08
C LEU GA 143 29.76 -109.80 209.49
N LYS GA 144 30.41 -110.93 209.21
CA LYS GA 144 31.80 -110.87 208.82
C LYS GA 144 31.96 -110.85 207.31
N LEU GA 145 31.38 -111.81 206.60
CA LEU GA 145 31.74 -111.88 205.19
C LEU GA 145 30.95 -110.91 204.32
N ALA GA 146 30.22 -109.97 204.92
CA ALA GA 146 29.58 -108.92 204.15
C ALA GA 146 30.67 -107.98 203.64
N THR GA 147 31.07 -108.18 202.39
CA THR GA 147 32.15 -107.40 201.81
C THR GA 147 31.78 -106.98 200.40
N GLN GA 148 32.16 -105.75 200.06
CA GLN GA 148 31.95 -105.24 198.71
C GLN GA 148 32.88 -106.00 197.77
N LEU GA 149 32.33 -106.49 196.66
CA LEU GA 149 33.11 -107.27 195.72
C LEU GA 149 33.50 -106.41 194.52
N THR GA 150 34.80 -106.26 194.30
CA THR GA 150 35.29 -105.51 193.15
C THR GA 150 35.30 -106.38 191.91
N GLY GA 151 35.46 -105.74 190.76
CA GLY GA 151 35.49 -106.45 189.50
C GLY GA 151 34.14 -107.06 189.20
N PRO GA 152 34.05 -107.82 188.12
CA PRO GA 152 32.78 -108.49 187.80
C PRO GA 152 32.54 -109.66 188.73
N VAL GA 153 31.30 -110.14 188.78
CA VAL GA 153 30.99 -111.39 189.45
C VAL GA 153 31.76 -112.46 188.68
N MET GA 154 32.01 -113.63 189.29
CA MET GA 154 33.02 -114.58 188.86
C MET GA 154 33.09 -114.64 187.34
N PRO GA 155 34.23 -114.29 186.76
CA PRO GA 155 34.25 -113.96 185.33
C PRO GA 155 34.05 -115.19 184.47
N VAL GA 156 33.42 -114.94 183.32
CA VAL GA 156 33.42 -115.96 182.28
C VAL GA 156 34.87 -116.18 181.85
N ARG GA 157 35.16 -117.40 181.44
CA ARG GA 157 36.55 -117.80 181.23
C ARG GA 157 36.65 -118.71 180.03
N ASN GA 158 37.63 -118.46 179.17
CA ASN GA 158 37.94 -119.38 178.08
C ASN GA 158 38.72 -120.55 178.66
N VAL GA 159 37.98 -121.53 179.16
CA VAL GA 159 38.61 -122.74 179.65
C VAL GA 159 39.15 -123.54 178.48
N TYR GA 160 39.99 -124.52 178.79
CA TYR GA 160 40.57 -125.35 177.74
C TYR GA 160 40.85 -126.73 178.31
N LYS GA 161 40.32 -127.76 177.66
CA LYS GA 161 40.55 -129.13 178.06
C LYS GA 161 41.80 -129.64 177.34
N LYS GA 162 42.83 -130.00 178.10
CA LYS GA 162 44.07 -130.43 177.49
C LYS GA 162 43.98 -131.89 177.08
N GLU GA 163 44.52 -132.20 175.91
CA GLU GA 163 44.54 -133.57 175.39
C GLU GA 163 45.91 -134.16 175.61
N LYS GA 164 45.97 -135.29 176.31
CA LYS GA 164 47.25 -135.91 176.61
C LYS GA 164 47.75 -136.73 175.43
N ALA GA 165 49.07 -136.74 175.27
CA ALA GA 165 49.69 -137.47 174.18
C ALA GA 165 49.36 -138.96 174.29
N ARG GA 166 49.24 -139.61 173.14
CA ARG GA 166 48.82 -141.00 173.11
C ARG GA 166 49.33 -141.65 171.84
N VAL GA 167 49.36 -142.99 171.85
CA VAL GA 167 49.75 -143.75 170.67
C VAL GA 167 48.75 -143.50 169.56
N ILE GA 168 49.25 -143.40 168.34
CA ILE GA 168 48.42 -143.12 167.18
C ILE GA 168 48.02 -144.44 166.53
N THR GA 169 46.72 -144.64 166.35
CA THR GA 169 46.23 -145.86 165.72
C THR GA 169 46.46 -145.82 164.22
N GLU GA 170 46.72 -146.99 163.64
CA GLU GA 170 46.97 -147.07 162.21
C GLU GA 170 45.77 -146.64 161.39
N GLU GA 171 44.56 -146.86 161.91
CA GLU GA 171 43.36 -146.47 161.16
C GLU GA 171 43.34 -144.98 160.91
N GLU GA 172 43.67 -144.17 161.92
CA GLU GA 172 43.78 -142.74 161.71
C GLU GA 172 45.00 -142.36 160.90
N LYS GA 173 46.05 -143.20 160.88
CA LYS GA 173 47.24 -142.88 160.12
C LYS GA 173 46.94 -142.77 158.63
N ASN GA 174 46.26 -143.78 158.08
CA ASN GA 174 45.94 -143.81 156.66
C ASN GA 174 44.55 -143.25 156.42
N PHE GA 175 44.35 -142.01 156.84
CA PHE GA 175 43.07 -141.34 156.75
C PHE GA 175 43.22 -140.05 155.96
N LYS GA 176 42.41 -139.91 154.91
CA LYS GA 176 42.59 -138.84 153.93
C LYS GA 176 41.73 -137.65 154.35
N ALA GA 177 42.30 -136.78 155.19
CA ALA GA 177 41.52 -135.66 155.70
C ALA GA 177 41.12 -134.70 154.59
N PHE GA 178 42.10 -134.21 153.82
CA PHE GA 178 41.78 -133.24 152.76
C PHE GA 178 40.87 -133.86 151.72
N ALA GA 179 41.11 -135.13 151.38
CA ALA GA 179 40.21 -135.81 150.47
C ALA GA 179 38.81 -135.88 151.06
N SER GA 180 38.69 -136.16 152.36
CA SER GA 180 37.38 -136.23 152.96
C SER GA 180 36.68 -134.88 152.94
N LEU GA 181 37.43 -133.79 153.12
CA LEU GA 181 36.84 -132.46 153.03
C LEU GA 181 36.33 -132.19 151.63
N ARG GA 182 37.11 -132.58 150.62
CA ARG GA 182 36.63 -132.42 149.25
C ARG GA 182 35.36 -133.23 149.05
N MET GA 183 35.30 -134.42 149.67
CA MET GA 183 34.10 -135.24 149.52
C MET GA 183 32.89 -134.52 150.11
N ALA GA 184 33.06 -133.99 151.31
CA ALA GA 184 31.97 -133.28 151.96
C ALA GA 184 31.51 -132.10 151.11
N ARG GA 185 32.46 -131.30 150.63
CA ARG GA 185 32.10 -130.14 149.85
C ARG GA 185 31.37 -130.55 148.57
N ALA GA 186 31.87 -131.60 147.90
CA ALA GA 186 31.26 -132.04 146.66
C ALA GA 186 29.84 -132.55 146.89
N ASN GA 187 29.64 -133.37 147.92
CA ASN GA 187 28.30 -133.90 148.14
C ASN GA 187 27.34 -132.79 148.58
N ALA GA 188 27.84 -131.82 149.34
CA ALA GA 188 27.01 -130.67 149.67
C ALA GA 188 26.62 -129.90 148.42
N ARG GA 189 27.57 -129.69 147.51
CA ARG GA 189 27.29 -128.91 146.31
C ARG GA 189 26.31 -129.63 145.39
N LEU GA 190 26.48 -130.94 145.21
CA LEU GA 190 25.67 -131.71 144.29
C LEU GA 190 24.63 -132.57 144.98
N PHE GA 191 24.20 -132.21 146.18
CA PHE GA 191 23.18 -133.01 146.85
C PHE GA 191 21.83 -132.91 146.13
N GLY GA 192 21.30 -131.69 146.01
CA GLY GA 192 19.96 -131.53 145.46
C GLY GA 192 19.83 -132.02 144.03
N ILE GA 193 20.79 -131.65 143.18
CA ILE GA 193 20.74 -132.11 141.80
C ILE GA 193 20.81 -133.63 141.75
N ARG GA 194 21.54 -134.25 142.67
CA ARG GA 194 21.51 -135.70 142.75
C ARG GA 194 20.12 -136.21 143.06
N ALA GA 195 19.40 -135.51 143.94
CA ALA GA 195 18.02 -135.91 144.23
C ALA GA 195 17.15 -135.81 142.99
N LYS GA 196 17.29 -134.73 142.23
CA LYS GA 196 16.47 -134.58 141.02
C LYS GA 196 16.82 -135.64 140.00
N ARG GA 197 18.10 -135.98 139.87
CA ARG GA 197 18.49 -137.03 138.93
C ARG GA 197 17.97 -138.39 139.38
N ALA GA 198 17.96 -138.65 140.69
CA ALA GA 198 17.33 -139.87 141.18
C ALA GA 198 15.85 -139.89 140.86
N LYS GA 199 15.19 -138.73 140.99
CA LYS GA 199 13.75 -138.67 140.72
C LYS GA 199 13.46 -138.92 139.25
N GLU GA 200 14.27 -138.35 138.35
CA GLU GA 200 14.03 -138.61 136.93
C GLU GA 200 14.37 -140.04 136.57
N ALA GA 201 15.36 -140.63 137.26
CA ALA GA 201 15.62 -142.06 137.07
C ALA GA 201 14.42 -142.90 137.48
N ALA GA 202 13.80 -142.56 138.62
CA ALA GA 202 12.59 -143.25 139.04
C ALA GA 202 11.46 -143.03 138.04
N GLU GA 203 11.39 -141.83 137.45
CA GLU GA 203 10.42 -141.58 136.40
C GLU GA 203 10.64 -142.50 135.21
N GLN GA 204 11.91 -142.69 134.82
CA GLN GA 204 12.19 -143.67 133.78
C GLN GA 204 11.75 -145.05 134.21
N ASP GA 205 11.94 -145.37 135.50
CA ASP GA 205 11.60 -146.68 136.00
C ASP GA 205 10.10 -146.96 135.88
N VAL GA 206 9.25 -145.98 136.22
CA VAL GA 206 7.82 -146.28 136.27
C VAL GA 206 7.25 -146.55 134.88
N GLU GA 207 7.94 -146.19 133.81
CA GLU GA 207 7.57 -146.58 132.45
C GLU GA 207 8.72 -147.28 131.75
N LYS GA 208 9.39 -148.20 132.47
CA LYS GA 208 10.54 -148.91 131.91
C LYS GA 208 10.13 -149.73 130.69
N LYS GA 209 8.99 -150.42 130.76
CA LYS GA 209 8.47 -151.22 129.68
C LYS GA 209 7.03 -150.81 129.41
N LYS GA 210 6.72 -150.54 128.14
CA LYS GA 210 5.38 -150.12 127.76
C LYS GA 210 4.88 -150.94 126.57
N VAL HA 1 124.97 -23.66 94.15
CA VAL HA 1 123.78 -24.37 94.56
C VAL HA 1 123.90 -25.88 94.26
N PHE HA 2 123.46 -26.68 95.23
CA PHE HA 2 123.76 -28.11 95.30
C PHE HA 2 125.27 -28.35 95.15
N ARG HA 3 125.99 -27.78 96.12
CA ARG HA 3 127.44 -27.83 96.10
C ARG HA 3 127.95 -29.27 96.15
N ARG HA 4 127.38 -30.10 97.01
CA ARG HA 4 127.82 -31.48 97.15
C ARG HA 4 126.76 -32.43 96.66
N PHE HA 5 127.19 -33.57 96.18
CA PHE HA 5 126.40 -34.43 95.32
C PHE HA 5 126.72 -35.89 95.65
N VAL HA 6 126.01 -36.81 95.02
CA VAL HA 6 126.20 -38.23 95.29
C VAL HA 6 126.81 -38.84 94.05
N GLU HA 7 128.12 -39.00 94.08
CA GLU HA 7 128.87 -39.61 92.99
C GLU HA 7 129.40 -40.96 93.45
N VAL HA 8 129.81 -41.76 92.48
CA VAL HA 8 130.57 -42.96 92.80
C VAL HA 8 131.90 -42.54 93.41
N GLY HA 9 132.20 -43.08 94.59
CA GLY HA 9 133.36 -42.63 95.32
C GLY HA 9 133.13 -41.43 96.21
N ARG HA 10 131.91 -40.90 96.24
CA ARG HA 10 131.61 -39.81 97.17
C ARG HA 10 131.71 -40.30 98.60
N VAL HA 11 132.37 -39.52 99.43
CA VAL HA 11 132.58 -39.87 100.83
C VAL HA 11 131.47 -39.25 101.65
N ALA HA 12 130.83 -40.07 102.49
CA ALA HA 12 129.70 -39.63 103.28
C ALA HA 12 129.87 -40.12 104.70
N TYR HA 13 129.27 -39.39 105.64
CA TYR HA 13 129.45 -39.61 107.06
C TYR HA 13 128.20 -40.24 107.64
N VAL HA 14 128.35 -41.43 108.21
CA VAL HA 14 127.20 -42.18 108.74
C VAL HA 14 126.83 -41.60 110.09
N SER HA 15 125.73 -40.83 110.12
CA SER HA 15 125.35 -40.14 111.35
C SER HA 15 124.77 -41.09 112.38
N PHE HA 16 123.96 -42.06 111.94
CA PHE HA 16 123.36 -43.00 112.86
C PHE HA 16 123.32 -44.38 112.22
N GLY HA 17 123.25 -45.41 113.06
CA GLY HA 17 123.23 -46.77 112.61
C GLY HA 17 124.26 -47.60 113.34
N PRO HA 18 124.43 -48.85 112.92
CA PRO HA 18 125.45 -49.70 113.55
C PRO HA 18 126.86 -49.17 113.34
N HIS HA 19 127.07 -48.37 112.29
CA HIS HA 19 128.36 -47.78 111.99
C HIS HA 19 128.34 -46.26 112.13
N ALA HA 20 127.56 -45.76 113.10
CA ALA HA 20 127.41 -44.33 113.27
C ALA HA 20 128.75 -43.67 113.56
N GLY HA 21 128.98 -42.54 112.92
CA GLY HA 21 130.17 -41.76 113.15
C GLY HA 21 131.36 -42.14 112.29
N LYS HA 22 131.28 -43.25 111.57
CA LYS HA 22 132.36 -43.69 110.70
C LYS HA 22 132.23 -43.04 109.33
N LEU HA 23 133.34 -42.97 108.61
CA LEU HA 23 133.35 -42.51 107.23
C LEU HA 23 133.06 -43.66 106.30
N VAL HA 24 132.72 -43.33 105.06
CA VAL HA 24 132.51 -44.32 104.03
C VAL HA 24 132.44 -43.62 102.69
N ALA HA 25 132.84 -44.32 101.63
CA ALA HA 25 132.70 -43.85 100.27
C ALA HA 25 131.86 -44.84 99.49
N ILE HA 26 130.76 -44.38 98.92
CA ILE HA 26 129.86 -45.28 98.21
C ILE HA 26 130.53 -45.81 96.96
N VAL HA 27 130.07 -46.97 96.51
CA VAL HA 27 130.61 -47.61 95.32
C VAL HA 27 129.58 -47.65 94.19
N ASP HA 28 128.34 -47.99 94.51
CA ASP HA 28 127.30 -48.03 93.49
C ASP HA 28 125.97 -47.77 94.20
N VAL HA 29 125.00 -47.31 93.42
CA VAL HA 29 123.71 -46.85 93.94
C VAL HA 29 122.62 -47.80 93.46
N ILE HA 30 121.67 -48.09 94.35
CA ILE HA 30 120.63 -49.07 94.08
C ILE HA 30 119.27 -48.49 94.45
N ASP HA 31 118.28 -48.79 93.62
CA ASP HA 31 116.84 -48.60 93.88
C ASP HA 31 116.52 -47.32 94.65
N GLN HA 32 117.16 -46.21 94.29
CA GLN HA 32 116.70 -44.88 94.68
C GLN HA 32 116.82 -44.61 96.17
N ASN HA 33 117.14 -45.63 96.96
CA ASN HA 33 117.12 -45.52 98.41
C ASN HA 33 118.38 -45.99 99.07
N ARG HA 34 119.11 -46.93 98.50
CA ARG HA 34 120.30 -47.47 99.13
C ARG HA 34 121.49 -47.31 98.19
N ALA HA 35 122.67 -47.32 98.80
CA ALA HA 35 123.92 -47.23 98.05
C ALA HA 35 124.85 -48.32 98.55
N LEU HA 36 125.54 -48.96 97.62
CA LEU HA 36 126.56 -49.95 97.96
C LEU HA 36 127.80 -49.18 98.35
N VAL HA 37 128.14 -49.20 99.64
CA VAL HA 37 129.19 -48.35 100.19
C VAL HA 37 130.31 -49.21 100.77
N ASP HA 38 131.45 -48.57 100.97
CA ASP HA 38 132.64 -49.20 101.50
C ASP HA 38 133.68 -48.21 101.93
N GLY HA 39 134.14 -48.37 103.18
CA GLY HA 39 135.37 -47.77 103.61
C GLY HA 39 136.26 -48.81 104.28
N PRO HA 40 137.36 -49.16 103.64
CA PRO HA 40 138.25 -50.17 104.21
C PRO HA 40 139.16 -49.58 105.27
N CYS HA 41 139.56 -48.33 105.05
CA CYS HA 41 140.45 -47.64 105.98
C CYS HA 41 139.73 -47.16 107.22
N THR HA 42 138.42 -47.33 107.29
CA THR HA 42 137.64 -46.97 108.47
C THR HA 42 136.91 -48.17 109.06
N GLN HA 43 137.28 -49.38 108.65
CA GLN HA 43 136.77 -50.61 109.23
C GLN HA 43 135.25 -50.71 109.13
N VAL HA 44 134.75 -50.58 107.90
CA VAL HA 44 133.38 -50.94 107.56
C VAL HA 44 133.47 -51.79 106.30
N ARG HA 45 132.82 -52.96 106.32
CA ARG HA 45 132.91 -53.83 105.16
C ARG HA 45 131.77 -53.54 104.19
N ARG HA 46 131.85 -54.15 103.02
CA ARG HA 46 130.96 -53.79 101.92
C ARG HA 46 129.53 -54.19 102.22
N GLN HA 47 128.64 -53.21 102.14
CA GLN HA 47 127.25 -53.45 102.45
C GLN HA 47 126.44 -52.31 101.86
N ALA HA 48 125.15 -52.58 101.70
CA ALA HA 48 124.19 -51.57 101.28
C ALA HA 48 123.80 -50.72 102.47
N MET HA 49 123.68 -49.41 102.24
CA MET HA 49 123.32 -48.49 103.32
C MET HA 49 122.27 -47.50 102.83
N PRO HA 50 121.11 -47.47 103.46
CA PRO HA 50 120.03 -46.60 102.99
C PRO HA 50 120.42 -45.14 103.06
N PHE HA 51 119.92 -44.38 102.10
CA PHE HA 51 120.36 -43.01 101.86
C PHE HA 51 120.03 -42.04 102.98
N LYS HA 52 119.28 -42.46 103.99
CA LYS HA 52 118.84 -41.54 105.02
C LYS HA 52 119.76 -41.54 106.21
N CYS HA 53 120.84 -42.32 106.16
CA CYS HA 53 121.77 -42.39 107.26
C CYS HA 53 123.00 -41.51 107.08
N MET HA 54 123.59 -41.49 105.89
CA MET HA 54 124.87 -40.81 105.74
C MET HA 54 124.67 -39.30 105.65
N GLN HA 55 125.73 -38.57 105.97
CA GLN HA 55 125.79 -37.13 105.80
C GLN HA 55 126.82 -36.87 104.72
N LEU HA 56 126.42 -36.15 103.68
CA LEU HA 56 127.27 -36.00 102.51
C LEU HA 56 128.48 -35.12 102.84
N THR HA 57 129.66 -35.56 102.41
CA THR HA 57 130.88 -34.79 102.60
C THR HA 57 131.44 -34.37 101.25
N ASP HA 58 132.13 -33.24 101.25
CA ASP HA 58 132.65 -32.67 100.01
C ASP HA 58 133.74 -33.52 99.36
N PHE HA 59 134.25 -34.52 100.06
CA PHE HA 59 135.33 -35.33 99.51
C PHE HA 59 134.85 -36.13 98.31
N ILE HA 60 135.67 -36.14 97.25
CA ILE HA 60 135.43 -36.92 96.05
C ILE HA 60 136.57 -37.92 95.91
N LEU HA 61 136.24 -39.17 95.65
CA LEU HA 61 137.24 -40.21 95.45
C LEU HA 61 137.05 -40.83 94.07
N LYS HA 62 138.15 -41.03 93.35
CA LYS HA 62 138.09 -41.33 91.92
C LYS HA 62 138.46 -42.78 91.68
N PHE HA 63 137.49 -43.56 91.16
CA PHE HA 63 137.67 -44.90 90.63
C PHE HA 63 136.37 -45.35 89.98
N PRO HA 64 136.38 -46.37 89.12
CA PRO HA 64 135.15 -46.75 88.43
C PRO HA 64 134.16 -47.40 89.38
N HIS HA 65 132.89 -47.38 88.97
CA HIS HA 65 131.83 -47.92 89.79
C HIS HA 65 132.00 -49.42 89.97
N SER HA 66 131.54 -49.92 91.11
CA SER HA 66 131.57 -51.34 91.44
C SER HA 66 132.98 -51.90 91.44
N ALA HA 67 133.94 -51.09 91.84
CA ALA HA 67 135.33 -51.54 91.89
C ALA HA 67 135.54 -52.50 93.06
N HIS HA 68 136.61 -53.28 92.98
CA HIS HA 68 136.94 -54.19 94.06
C HIS HA 68 137.57 -53.43 95.22
N GLN HA 69 137.69 -54.13 96.34
CA GLN HA 69 138.10 -53.49 97.59
C GLN HA 69 139.53 -52.98 97.53
N LYS HA 70 140.41 -53.60 96.73
CA LYS HA 70 141.81 -53.23 96.78
C LYS HA 70 142.04 -51.87 96.16
N TYR HA 71 141.44 -51.62 94.99
CA TYR HA 71 141.53 -50.29 94.40
C TYR HA 71 140.89 -49.26 95.30
N VAL HA 72 139.77 -49.62 95.93
CA VAL HA 72 139.12 -48.70 96.86
C VAL HA 72 140.07 -48.31 97.97
N ARG HA 73 140.72 -49.30 98.58
CA ARG HA 73 141.58 -49.02 99.71
C ARG HA 73 142.79 -48.20 99.29
N GLN HA 74 143.44 -48.57 98.18
CA GLN HA 74 144.62 -47.81 97.79
C GLN HA 74 144.26 -46.41 97.31
N ALA HA 75 143.13 -46.25 96.62
CA ALA HA 75 142.67 -44.93 96.23
C ALA HA 75 142.33 -44.07 97.43
N TRP HA 76 141.69 -44.66 98.44
CA TRP HA 76 141.51 -43.96 99.71
C TRP HA 76 142.85 -43.55 100.30
N GLN HA 77 143.84 -44.44 100.22
CA GLN HA 77 145.12 -44.20 100.86
C GLN HA 77 145.85 -43.02 100.23
N LYS HA 78 145.98 -43.02 98.91
CA LYS HA 78 146.55 -41.83 98.27
C LYS HA 78 145.59 -40.66 98.51
N ALA HA 79 146.15 -39.55 98.97
CA ALA HA 79 145.37 -38.48 99.57
C ALA HA 79 144.44 -39.05 100.63
N ASP HA 80 145.05 -39.60 101.68
CA ASP HA 80 144.27 -40.28 102.72
C ASP HA 80 143.29 -39.32 103.37
N ILE HA 81 142.03 -39.76 103.46
CA ILE HA 81 140.97 -38.86 103.92
C ILE HA 81 140.99 -38.66 105.42
N ASN HA 82 141.50 -39.62 106.18
CA ASN HA 82 141.58 -39.46 107.62
C ASN HA 82 142.57 -38.37 108.04
N THR HA 83 143.25 -37.73 107.09
CA THR HA 83 144.06 -36.56 107.40
C THR HA 83 143.36 -35.26 107.01
N LYS HA 84 142.87 -35.18 105.77
CA LYS HA 84 142.10 -34.01 105.36
C LYS HA 84 140.84 -33.88 106.21
N TRP HA 85 139.97 -34.88 106.17
CA TRP HA 85 139.02 -35.05 107.25
C TRP HA 85 139.78 -35.40 108.52
N ALA HA 86 139.14 -35.16 109.68
CA ALA HA 86 139.83 -35.43 110.93
C ALA HA 86 141.08 -34.57 111.00
N ALA HA 87 140.89 -33.29 111.35
CA ALA HA 87 141.59 -32.10 110.85
C ALA HA 87 140.86 -31.50 109.66
N THR HA 88 139.63 -31.95 109.42
CA THR HA 88 138.66 -31.01 108.87
C THR HA 88 137.86 -30.42 110.01
N ARG HA 89 137.37 -29.20 109.79
CA ARG HA 89 136.71 -28.50 110.89
C ARG HA 89 135.38 -29.15 111.25
N TRP HA 90 134.73 -29.82 110.30
CA TRP HA 90 133.57 -30.63 110.65
C TRP HA 90 133.97 -31.72 111.65
N ALA HA 91 135.01 -32.48 111.32
CA ALA HA 91 135.42 -33.57 112.19
C ALA HA 91 135.97 -33.05 113.50
N LYS HA 92 136.72 -31.96 113.47
CA LYS HA 92 137.21 -31.43 114.74
C LYS HA 92 136.07 -30.89 115.57
N LYS HA 93 135.05 -30.34 114.92
CA LYS HA 93 133.86 -29.90 115.64
C LYS HA 93 133.18 -31.07 116.34
N ILE HA 94 133.00 -32.18 115.61
CA ILE HA 94 132.34 -33.30 116.26
C ILE HA 94 133.22 -33.87 117.36
N GLU HA 95 134.56 -33.91 117.18
CA GLU HA 95 135.39 -34.50 118.21
C GLU HA 95 135.41 -33.63 119.46
N ALA HA 96 135.30 -32.31 119.29
CA ALA HA 96 135.07 -31.46 120.45
C ALA HA 96 133.73 -31.79 121.09
N ARG HA 97 132.72 -32.11 120.29
CA ARG HA 97 131.43 -32.47 120.87
C ARG HA 97 131.56 -33.66 121.79
N GLU HA 98 132.19 -34.75 121.34
CA GLU HA 98 132.24 -35.91 122.25
C GLU HA 98 133.25 -35.69 123.36
N ARG HA 99 134.20 -34.77 123.17
CA ARG HA 99 135.05 -34.41 124.32
C ARG HA 99 134.23 -33.74 125.41
N LYS HA 100 133.34 -32.82 125.03
CA LYS HA 100 132.43 -32.23 125.99
C LYS HA 100 131.45 -33.27 126.51
N ALA HA 101 131.21 -34.33 125.74
CA ALA HA 101 130.29 -35.38 126.18
C ALA HA 101 130.94 -36.28 127.22
N LYS HA 102 132.22 -36.60 127.06
CA LYS HA 102 132.94 -37.49 127.96
C LYS HA 102 133.32 -36.81 129.26
N MET HA 103 132.73 -35.67 129.55
CA MET HA 103 133.21 -34.82 130.63
C MET HA 103 133.14 -35.54 131.97
N THR HA 104 134.14 -35.31 132.80
CA THR HA 104 134.09 -35.69 134.20
C THR HA 104 134.02 -34.43 135.04
N ASP HA 105 133.37 -34.54 136.20
CA ASP HA 105 132.99 -33.34 136.92
C ASP HA 105 134.20 -32.46 137.21
N PHE HA 106 135.40 -33.05 137.35
CA PHE HA 106 136.55 -32.25 137.76
C PHE HA 106 136.88 -31.23 136.71
N ASP HA 107 136.93 -31.66 135.46
CA ASP HA 107 137.24 -30.73 134.41
C ASP HA 107 136.03 -29.82 134.15
N ARG HA 108 134.82 -30.29 134.49
CA ARG HA 108 133.67 -29.39 134.43
C ARG HA 108 133.88 -28.18 135.33
N PHE HA 109 134.30 -28.42 136.57
CA PHE HA 109 134.55 -27.31 137.50
C PHE HA 109 135.71 -26.46 137.05
N LYS HA 110 136.79 -27.09 136.54
CA LYS HA 110 137.89 -26.28 136.03
C LYS HA 110 137.42 -25.40 134.88
N VAL HA 111 136.58 -25.95 134.01
CA VAL HA 111 136.07 -25.19 132.88
C VAL HA 111 135.25 -24.01 133.36
N MET HA 112 134.35 -24.24 134.33
CA MET HA 112 133.53 -23.14 134.83
C MET HA 112 134.41 -22.08 135.47
N LYS HA 113 135.42 -22.48 136.23
CA LYS HA 113 136.28 -21.52 136.89
C LYS HA 113 137.05 -20.69 135.88
N ALA HA 114 137.61 -21.33 134.85
CA ALA HA 114 138.33 -20.59 133.83
C ALA HA 114 137.41 -19.65 133.07
N LYS HA 115 136.21 -20.14 132.73
CA LYS HA 115 135.27 -19.34 131.98
C LYS HA 115 134.83 -18.12 132.77
N LYS HA 116 134.78 -18.22 134.09
CA LYS HA 116 134.41 -17.07 134.90
C LYS HA 116 135.32 -15.88 134.58
N MET HA 117 136.63 -16.09 134.65
CA MET HA 117 137.49 -14.95 134.44
C MET HA 117 137.69 -14.65 132.96
N ARG HA 118 137.54 -15.65 132.09
CA ARG HA 118 137.46 -15.40 130.66
C ARG HA 118 136.40 -14.32 130.39
N ASN HA 119 135.16 -14.63 130.74
CA ASN HA 119 134.06 -13.69 130.56
C ASN HA 119 134.29 -12.40 131.33
N ARG HA 120 134.90 -12.49 132.51
CA ARG HA 120 135.12 -11.28 133.30
C ARG HA 120 136.00 -10.28 132.58
N ILE HA 121 137.11 -10.75 132.00
CA ILE HA 121 137.99 -9.79 131.34
C ILE HA 121 137.41 -9.39 130.00
N ILE HA 122 136.65 -10.27 129.34
CA ILE HA 122 135.97 -9.84 128.13
C ILE HA 122 135.04 -8.68 128.43
N LYS HA 123 134.28 -8.79 129.51
CA LYS HA 123 133.34 -7.72 129.88
C LYS HA 123 134.08 -6.46 130.31
N ASN HA 124 135.12 -6.61 131.13
CA ASN HA 124 135.83 -5.42 131.59
C ASN HA 124 136.59 -4.74 130.46
N GLU HA 125 136.83 -5.42 129.35
CA GLU HA 125 137.38 -4.74 128.19
C GLU HA 125 136.30 -4.11 127.34
N VAL HA 126 135.17 -4.80 127.14
CA VAL HA 126 134.12 -4.20 126.31
C VAL HA 126 133.61 -2.93 126.98
N LYS HA 127 133.74 -2.84 128.31
CA LYS HA 127 133.42 -1.57 128.95
C LYS HA 127 134.31 -0.45 128.42
N LYS HA 128 135.63 -0.69 128.36
CA LYS HA 128 136.54 0.33 127.86
C LYS HA 128 136.25 0.65 126.40
N LEU HA 129 135.98 -0.38 125.61
CA LEU HA 129 135.73 -0.15 124.18
C LEU HA 129 134.46 0.66 123.98
N GLN HA 130 133.41 0.34 124.73
CA GLN HA 130 132.19 1.13 124.68
C GLN HA 130 132.45 2.58 125.05
N LYS HA 131 133.18 2.80 126.14
CA LYS HA 131 133.48 4.17 126.54
C LYS HA 131 134.27 4.90 125.45
N ALA HA 132 135.20 4.19 124.80
CA ALA HA 132 135.96 4.79 123.71
C ALA HA 132 135.05 5.16 122.55
N ALA HA 133 133.99 4.39 122.34
CA ALA HA 133 133.08 4.69 121.23
C ALA HA 133 132.31 5.98 121.45
N LEU HA 134 132.22 6.45 122.71
CA LEU HA 134 131.28 7.52 123.02
C LEU HA 134 131.70 8.88 122.48
N LEU HA 135 133.00 9.11 122.24
CA LEU HA 135 133.49 10.44 121.88
C LEU HA 135 133.17 10.76 120.42
N LYS HA 136 131.89 10.90 120.13
CA LYS HA 136 131.42 11.23 118.78
C LYS HA 136 130.60 12.51 118.86
N ALA HA 137 131.25 13.64 118.59
CA ALA HA 137 130.61 14.95 118.65
C ALA HA 137 130.97 15.79 117.42
N SER HA 138 130.97 15.17 116.25
CA SER HA 138 131.36 15.84 115.03
C SER HA 138 130.14 16.17 114.17
N PRO HA 139 130.19 17.29 113.43
CA PRO HA 139 129.11 17.68 112.51
C PRO HA 139 128.86 16.66 111.41
N GLY IA 1 -16.61 -108.74 174.04
CA GLY IA 1 -17.12 -109.37 172.84
C GLY IA 1 -17.42 -108.37 171.74
N ALA IA 2 -18.08 -107.27 172.13
CA ALA IA 2 -18.53 -106.29 171.13
C ALA IA 2 -17.36 -105.71 170.35
N TYR IA 3 -16.27 -105.39 171.06
CA TYR IA 3 -15.17 -104.70 170.41
C TYR IA 3 -14.54 -105.57 169.33
N LYS IA 4 -14.46 -106.87 169.56
CA LYS IA 4 -14.01 -107.76 168.50
C LYS IA 4 -14.87 -107.60 167.26
N TYR IA 5 -16.19 -107.59 167.44
CA TYR IA 5 -17.08 -107.48 166.28
C TYR IA 5 -16.88 -106.16 165.55
N ILE IA 6 -16.87 -105.05 166.28
CA ILE IA 6 -16.77 -103.77 165.59
C ILE IA 6 -15.43 -103.63 164.91
N GLN IA 7 -14.37 -104.12 165.55
CA GLN IA 7 -13.05 -104.10 164.91
C GLN IA 7 -13.06 -104.91 163.63
N GLU IA 8 -13.66 -106.11 163.67
CA GLU IA 8 -13.62 -106.96 162.49
C GLU IA 8 -14.45 -106.38 161.36
N LEU IA 9 -15.68 -105.94 161.65
CA LEU IA 9 -16.50 -105.38 160.59
C LEU IA 9 -15.87 -104.13 160.02
N TRP IA 10 -15.08 -103.41 160.81
CA TRP IA 10 -14.33 -102.29 160.27
C TRP IA 10 -13.24 -102.75 159.33
N ARG IA 11 -12.85 -104.03 159.42
CA ARG IA 11 -11.86 -104.52 158.46
C ARG IA 11 -12.48 -104.90 157.15
N LYS IA 12 -13.76 -104.63 156.97
CA LYS IA 12 -14.45 -104.94 155.72
C LYS IA 12 -14.87 -103.66 155.03
N LYS IA 13 -13.95 -102.69 154.97
CA LYS IA 13 -14.28 -101.34 154.55
C LYS IA 13 -15.08 -101.31 153.25
N GLN IA 14 -14.85 -102.30 152.38
CA GLN IA 14 -15.47 -102.24 151.06
C GLN IA 14 -16.88 -102.77 151.06
N SER IA 15 -17.28 -103.46 152.13
CA SER IA 15 -18.60 -104.09 152.14
C SER IA 15 -19.69 -103.05 152.02
N ASP IA 16 -20.76 -103.43 151.30
CA ASP IA 16 -21.77 -102.45 150.91
C ASP IA 16 -22.35 -101.70 152.09
N VAL IA 17 -22.53 -102.37 153.24
CA VAL IA 17 -23.14 -101.72 154.39
C VAL IA 17 -22.27 -100.56 154.87
N MET IA 18 -21.00 -100.83 155.15
CA MET IA 18 -20.19 -99.72 155.60
C MET IA 18 -19.67 -98.89 154.45
N ARG IA 19 -19.74 -99.37 153.22
CA ARG IA 19 -19.59 -98.44 152.09
C ARG IA 19 -20.63 -97.33 152.21
N PHE IA 20 -21.88 -97.70 152.45
CA PHE IA 20 -22.93 -96.71 152.60
C PHE IA 20 -22.70 -95.84 153.83
N LEU IA 21 -22.32 -96.44 154.95
CA LEU IA 21 -22.10 -95.66 156.16
C LEU IA 21 -20.98 -94.66 155.96
N LEU IA 22 -19.88 -95.07 155.32
CA LEU IA 22 -18.81 -94.14 155.02
C LEU IA 22 -19.27 -93.07 154.06
N ARG IA 23 -20.09 -93.44 153.08
CA ARG IA 23 -20.59 -92.43 152.15
C ARG IA 23 -21.34 -91.33 152.91
N VAL IA 24 -22.28 -91.72 153.75
CA VAL IA 24 -23.11 -90.72 154.43
C VAL IA 24 -22.27 -89.91 155.40
N ARG IA 25 -21.40 -90.57 156.17
CA ARG IA 25 -20.59 -89.84 157.12
C ARG IA 25 -19.62 -88.89 156.41
N CYS IA 26 -19.01 -89.34 155.33
CA CYS IA 26 -18.13 -88.46 154.57
C CYS IA 26 -18.89 -87.26 154.04
N TRP IA 27 -20.11 -87.47 153.55
CA TRP IA 27 -20.92 -86.36 153.09
C TRP IA 27 -21.13 -85.36 154.21
N GLN IA 28 -21.59 -85.84 155.37
CA GLN IA 28 -21.93 -84.90 156.43
C GLN IA 28 -20.69 -84.21 156.98
N TYR IA 29 -19.53 -84.88 156.94
CA TYR IA 29 -18.31 -84.25 157.42
C TYR IA 29 -17.85 -83.16 156.44
N ARG IA 30 -17.88 -83.47 155.14
CA ARG IA 30 -17.57 -82.44 154.15
C ARG IA 30 -18.49 -81.24 154.29
N GLN IA 31 -19.76 -81.50 154.63
CA GLN IA 31 -20.68 -80.39 154.85
C GLN IA 31 -20.25 -79.54 156.04
N LEU IA 32 -19.60 -80.15 157.03
CA LEU IA 32 -19.20 -79.41 158.21
C LEU IA 32 -17.92 -78.60 157.96
N SER IA 33 -17.44 -77.98 159.02
CA SER IA 33 -16.25 -77.15 158.94
C SER IA 33 -15.01 -78.00 158.71
N ALA IA 34 -13.87 -77.31 158.51
CA ALA IA 34 -12.61 -78.01 158.37
C ALA IA 34 -12.12 -78.53 159.71
N LEU IA 35 -11.98 -77.65 160.70
CA LEU IA 35 -11.69 -78.04 162.06
C LEU IA 35 -13.00 -78.24 162.79
N HIS IA 36 -13.05 -79.25 163.65
CA HIS IA 36 -14.29 -79.62 164.30
C HIS IA 36 -13.98 -80.57 165.44
N ARG IA 37 -14.72 -80.42 166.54
CA ARG IA 37 -14.59 -81.31 167.68
C ARG IA 37 -15.81 -82.21 167.74
N ALA IA 38 -15.59 -83.52 167.76
CA ALA IA 38 -16.67 -84.48 167.88
C ALA IA 38 -16.83 -84.89 169.33
N PRO IA 39 -18.01 -84.73 169.93
CA PRO IA 39 -18.17 -85.08 171.35
C PRO IA 39 -17.94 -86.56 171.62
N ARG IA 40 -18.12 -87.43 170.65
CA ARG IA 40 -17.89 -88.85 170.84
C ARG IA 40 -17.03 -89.41 169.73
N PRO IA 41 -16.26 -90.46 170.03
CA PRO IA 41 -15.45 -91.09 168.98
C PRO IA 41 -16.33 -91.85 168.00
N THR IA 42 -16.09 -91.64 166.71
CA THR IA 42 -16.84 -92.38 165.72
C THR IA 42 -16.39 -93.83 165.63
N ARG IA 43 -15.20 -94.13 166.17
CA ARG IA 43 -14.69 -95.50 166.27
C ARG IA 43 -14.28 -95.69 167.72
N PRO IA 44 -15.24 -95.78 168.65
CA PRO IA 44 -14.87 -95.91 170.07
C PRO IA 44 -13.99 -97.10 170.33
N ASP IA 45 -14.20 -98.18 169.58
CA ASP IA 45 -13.33 -99.33 169.68
C ASP IA 45 -11.90 -98.93 169.33
N LYS IA 46 -11.70 -98.46 168.10
CA LYS IA 46 -10.36 -98.09 167.65
C LYS IA 46 -9.79 -96.99 168.53
N ALA IA 47 -10.62 -96.02 168.91
CA ALA IA 47 -10.15 -94.94 169.77
C ALA IA 47 -9.59 -95.49 171.07
N ARG IA 48 -10.37 -96.32 171.76
CA ARG IA 48 -9.87 -96.88 173.01
C ARG IA 48 -8.69 -97.81 172.79
N ARG IA 49 -8.58 -98.42 171.61
CA ARG IA 49 -7.37 -99.17 171.28
C ARG IA 49 -6.17 -98.26 171.29
N LEU IA 50 -6.31 -97.05 170.76
CA LEU IA 50 -5.18 -96.13 170.71
C LEU IA 50 -4.93 -95.47 172.07
N GLY IA 51 -5.78 -95.71 173.06
CA GLY IA 51 -5.52 -95.20 174.38
C GLY IA 51 -6.63 -94.35 174.94
N TYR IA 52 -7.68 -94.13 174.16
CA TYR IA 52 -8.82 -93.35 174.62
C TYR IA 52 -9.49 -94.06 175.79
N LYS IA 53 -9.63 -93.36 176.90
CA LYS IA 53 -10.39 -93.84 178.05
C LYS IA 53 -11.58 -92.91 178.26
N ALA IA 54 -12.77 -93.49 178.29
CA ALA IA 54 -13.98 -92.68 178.39
C ALA IA 54 -14.04 -92.10 179.80
N LYS IA 55 -13.48 -90.90 179.92
CA LYS IA 55 -13.50 -90.16 181.18
C LYS IA 55 -13.37 -88.69 180.85
N GLN IA 56 -13.53 -87.85 181.87
CA GLN IA 56 -13.34 -86.42 181.65
C GLN IA 56 -11.88 -86.12 181.37
N GLY IA 57 -11.65 -85.19 180.45
CA GLY IA 57 -10.32 -84.77 180.09
C GLY IA 57 -9.83 -85.32 178.76
N TYR IA 58 -10.55 -86.25 178.16
CA TYR IA 58 -10.20 -86.79 176.85
C TYR IA 58 -11.07 -86.10 175.81
N VAL IA 59 -10.42 -85.47 174.83
CA VAL IA 59 -11.10 -84.63 173.86
C VAL IA 59 -10.85 -85.17 172.47
N ILE IA 60 -11.88 -85.13 171.63
CA ILE IA 60 -11.82 -85.65 170.27
C ILE IA 60 -12.03 -84.48 169.32
N TYR IA 61 -11.15 -84.36 168.32
CA TYR IA 61 -11.32 -83.37 167.27
C TYR IA 61 -11.29 -84.04 165.91
N ARG IA 62 -12.26 -83.71 165.08
CA ARG IA 62 -12.29 -84.15 163.69
C ARG IA 62 -11.48 -83.17 162.86
N ILE IA 63 -10.64 -83.70 161.97
CA ILE IA 63 -9.77 -82.87 161.14
C ILE IA 63 -10.08 -83.16 159.68
N ARG IA 64 -10.22 -82.09 158.89
CA ARG IA 64 -10.37 -82.20 157.45
C ARG IA 64 -9.07 -81.75 156.81
N VAL IA 65 -8.58 -82.52 155.84
CA VAL IA 65 -7.30 -82.26 155.21
C VAL IA 65 -7.46 -82.35 153.70
N ARG IA 66 -6.92 -81.37 152.98
CA ARG IA 66 -6.87 -81.44 151.53
C ARG IA 66 -5.89 -82.53 151.13
N ARG IA 67 -6.40 -83.64 150.63
CA ARG IA 67 -5.57 -84.77 150.30
C ARG IA 67 -4.90 -84.58 148.95
N GLY IA 68 -3.89 -85.40 148.70
CA GLY IA 68 -3.15 -85.31 147.46
C GLY IA 68 -1.69 -84.98 147.68
N GLY IA 69 -0.97 -84.68 146.60
CA GLY IA 69 0.45 -84.39 146.69
C GLY IA 69 0.73 -82.98 147.18
N ARG IA 70 1.99 -82.60 147.06
CA ARG IA 70 2.47 -81.30 147.46
C ARG IA 70 3.08 -80.58 146.27
N LYS IA 71 2.71 -79.32 146.07
CA LYS IA 71 3.22 -78.51 144.98
C LYS IA 71 4.29 -77.58 145.53
N ARG IA 72 5.43 -77.52 144.84
CA ARG IA 72 6.53 -76.71 145.31
C ARG IA 72 6.12 -75.24 145.28
N PRO IA 73 6.13 -74.56 146.41
CA PRO IA 73 5.57 -73.19 146.48
C PRO IA 73 6.54 -72.13 145.96
N VAL IA 74 6.71 -72.08 144.66
CA VAL IA 74 7.61 -71.15 144.00
C VAL IA 74 6.79 -70.29 143.05
N PRO IA 75 7.09 -69.00 142.91
CA PRO IA 75 6.25 -68.13 142.07
C PRO IA 75 6.27 -68.58 140.62
N LYS IA 76 5.10 -68.83 140.08
CA LYS IA 76 4.92 -69.25 138.69
C LYS IA 76 5.59 -70.60 138.42
N GLY IA 77 6.12 -71.24 139.44
CA GLY IA 77 6.79 -72.51 139.26
C GLY IA 77 8.10 -72.41 138.52
N ALA IA 78 8.87 -71.37 138.79
CA ALA IA 78 10.18 -71.18 138.17
C ALA IA 78 11.23 -71.37 139.25
N THR IA 79 11.60 -72.62 139.51
CA THR IA 79 12.77 -72.89 140.32
C THR IA 79 14.02 -72.61 139.50
N TYR IA 80 15.11 -72.32 140.19
CA TYR IA 80 16.32 -71.82 139.54
C TYR IA 80 17.45 -72.82 139.68
N GLY IA 81 18.02 -73.22 138.54
CA GLY IA 81 19.25 -73.99 138.52
C GLY IA 81 19.07 -75.48 138.66
N LYS IA 82 20.05 -76.24 138.17
CA LYS IA 82 20.18 -77.67 138.42
C LYS IA 82 18.89 -78.40 138.08
N PRO IA 83 18.64 -78.66 136.81
CA PRO IA 83 17.35 -79.23 136.37
C PRO IA 83 16.80 -80.36 137.22
N VAL IA 84 17.64 -81.01 138.03
CA VAL IA 84 17.11 -81.93 139.02
C VAL IA 84 16.13 -81.21 139.93
N HIS IA 85 16.33 -79.93 140.16
CA HIS IA 85 15.46 -79.15 141.01
C HIS IA 85 14.36 -78.44 140.24
N HIS IA 86 14.25 -78.71 138.94
CA HIS IA 86 13.14 -78.13 138.17
C HIS IA 86 11.80 -78.73 138.54
N GLY IA 87 11.78 -79.80 139.33
CA GLY IA 87 10.54 -80.43 139.72
C GLY IA 87 9.62 -79.54 140.53
N VAL IA 88 8.36 -79.47 140.13
CA VAL IA 88 7.37 -78.71 140.89
C VAL IA 88 6.15 -79.58 141.17
N ASN IA 89 5.55 -80.11 140.11
CA ASN IA 89 4.25 -80.76 140.25
C ASN IA 89 4.37 -82.11 140.95
N GLN IA 90 5.35 -82.92 140.55
CA GLN IA 90 5.39 -84.33 140.88
C GLN IA 90 5.86 -84.60 142.30
N LEU IA 91 6.01 -83.57 143.13
CA LEU IA 91 6.64 -83.76 144.42
C LEU IA 91 5.70 -84.43 145.42
N LYS IA 92 6.29 -85.02 146.45
CA LYS IA 92 5.55 -85.67 147.51
C LYS IA 92 6.10 -85.25 148.87
N PHE IA 93 5.21 -85.04 149.81
CA PHE IA 93 5.61 -84.55 151.13
C PHE IA 93 6.28 -85.66 151.94
N ALA IA 94 7.16 -85.25 152.85
CA ALA IA 94 7.93 -86.20 153.63
C ALA IA 94 7.06 -86.94 154.64
N ARG IA 95 6.17 -86.23 155.31
CA ARG IA 95 5.36 -86.82 156.37
C ARG IA 95 3.98 -87.18 155.83
N SER IA 96 3.21 -87.90 156.63
CA SER IA 96 1.90 -88.38 156.21
C SER IA 96 0.84 -87.32 156.42
N LEU IA 97 -0.29 -87.49 155.74
CA LEU IA 97 -1.40 -86.57 155.94
C LEU IA 97 -1.98 -86.69 157.33
N GLN IA 98 -1.95 -87.88 157.92
CA GLN IA 98 -2.43 -88.04 159.28
C GLN IA 98 -1.59 -87.20 160.24
N SER IA 99 -0.28 -87.19 160.02
CA SER IA 99 0.57 -86.28 160.78
C SER IA 99 0.12 -84.85 160.58
N VAL IA 100 -0.20 -84.46 159.35
CA VAL IA 100 -0.61 -83.08 159.08
C VAL IA 100 -1.87 -82.74 159.87
N ALA IA 101 -2.83 -83.65 159.87
CA ALA IA 101 -4.06 -83.43 160.61
C ALA IA 101 -3.77 -83.25 162.09
N GLU IA 102 -2.94 -84.13 162.66
CA GLU IA 102 -2.72 -84.04 164.10
C GLU IA 102 -1.93 -82.79 164.46
N GLU IA 103 -0.99 -82.38 163.61
CA GLU IA 103 -0.25 -81.16 163.92
C GLU IA 103 -1.15 -79.94 163.83
N ARG IA 104 -2.06 -79.90 162.85
CA ARG IA 104 -2.99 -78.78 162.80
C ARG IA 104 -3.88 -78.76 164.03
N ALA IA 105 -4.39 -79.91 164.44
CA ALA IA 105 -5.22 -79.97 165.63
C ALA IA 105 -4.46 -79.49 166.85
N GLY IA 106 -3.25 -79.99 167.05
CA GLY IA 106 -2.48 -79.61 168.22
C GLY IA 106 -2.11 -78.15 168.23
N ARG IA 107 -1.70 -77.61 167.08
CA ARG IA 107 -1.38 -76.19 167.01
C ARG IA 107 -2.60 -75.34 167.35
N HIS IA 108 -3.78 -75.74 166.87
CA HIS IA 108 -5.00 -75.03 167.25
C HIS IA 108 -5.24 -75.14 168.74
N CYS IA 109 -5.22 -76.35 169.27
CA CYS IA 109 -5.43 -76.60 170.70
C CYS IA 109 -4.10 -76.68 171.42
N GLY IA 110 -3.34 -75.58 171.36
CA GLY IA 110 -2.01 -75.55 171.96
C GLY IA 110 -2.00 -75.81 173.44
N ALA IA 111 -3.14 -75.63 174.12
CA ALA IA 111 -3.20 -75.93 175.54
C ALA IA 111 -3.34 -77.42 175.82
N LEU IA 112 -3.50 -78.24 174.79
CA LEU IA 112 -3.70 -79.67 174.94
C LEU IA 112 -2.59 -80.43 174.21
N ARG IA 113 -2.57 -81.74 174.41
CA ARG IA 113 -1.59 -82.61 173.79
C ARG IA 113 -2.30 -83.68 172.96
N VAL IA 114 -1.67 -84.08 171.87
CA VAL IA 114 -2.20 -85.09 170.98
C VAL IA 114 -1.69 -86.45 171.42
N LEU IA 115 -2.52 -87.48 171.28
CA LEU IA 115 -2.09 -88.83 171.57
C LEU IA 115 -2.00 -89.69 170.31
N ASN IA 116 -3.10 -89.80 169.57
CA ASN IA 116 -3.13 -90.59 168.34
C ASN IA 116 -4.30 -90.11 167.49
N SER IA 117 -4.59 -90.85 166.43
CA SER IA 117 -5.61 -90.44 165.48
C SER IA 117 -6.01 -91.65 164.64
N TYR IA 118 -6.98 -91.44 163.76
CA TYR IA 118 -7.40 -92.51 162.85
C TYR IA 118 -8.25 -91.96 161.71
N TRP IA 119 -8.41 -92.78 160.69
CA TRP IA 119 -9.07 -92.41 159.45
C TRP IA 119 -10.58 -92.61 159.62
N VAL IA 120 -11.40 -91.73 159.03
CA VAL IA 120 -12.85 -91.82 159.18
C VAL IA 120 -13.66 -91.71 157.87
N GLY IA 121 -13.10 -92.14 156.75
CA GLY IA 121 -13.79 -92.13 155.46
C GLY IA 121 -13.45 -90.87 154.70
N GLU IA 122 -12.57 -90.89 153.69
CA GLU IA 122 -11.96 -89.61 153.36
C GLU IA 122 -12.61 -88.86 152.22
N ASP IA 123 -12.19 -89.16 150.98
CA ASP IA 123 -12.70 -88.50 149.78
C ASP IA 123 -11.84 -88.86 148.59
N SER IA 124 -12.23 -88.39 147.41
CA SER IA 124 -11.26 -88.16 146.34
C SER IA 124 -10.44 -86.89 146.55
N THR IA 125 -11.08 -85.81 147.02
CA THR IA 125 -10.41 -84.52 147.13
C THR IA 125 -10.24 -84.06 148.57
N TYR IA 126 -10.27 -84.97 149.53
CA TYR IA 126 -10.11 -84.63 150.94
C TYR IA 126 -9.72 -85.91 151.69
N LYS IA 127 -9.15 -85.71 152.88
CA LYS IA 127 -8.88 -86.82 153.77
C LYS IA 127 -9.22 -86.40 155.18
N PHE IA 128 -10.08 -87.18 155.84
CA PHE IA 128 -10.67 -86.79 157.10
C PHE IA 128 -10.08 -87.63 158.22
N PHE IA 129 -9.66 -86.97 159.29
CA PHE IA 129 -8.98 -87.63 160.38
C PHE IA 129 -9.59 -87.18 161.70
N GLU IA 130 -9.67 -88.10 162.64
CA GLU IA 130 -10.23 -87.84 163.95
C GLU IA 130 -9.15 -88.10 164.99
N VAL IA 131 -8.43 -87.06 165.37
CA VAL IA 131 -7.33 -87.15 166.32
C VAL IA 131 -7.92 -87.14 167.72
N ILE IA 132 -7.24 -87.80 168.65
CA ILE IA 132 -7.67 -87.77 170.04
C ILE IA 132 -6.73 -86.84 170.81
N LEU IA 133 -7.32 -85.97 171.62
CA LEU IA 133 -6.60 -84.94 172.35
C LEU IA 133 -6.69 -85.24 173.82
N ILE IA 134 -5.82 -84.64 174.61
CA ILE IA 134 -5.75 -84.92 176.03
C ILE IA 134 -5.58 -83.60 176.77
N ASP IA 135 -6.04 -83.56 178.01
CA ASP IA 135 -5.82 -82.37 178.84
C ASP IA 135 -4.76 -82.68 179.88
N PRO IA 136 -3.64 -81.96 179.90
CA PRO IA 136 -2.59 -82.22 180.89
C PRO IA 136 -2.89 -81.68 182.28
N PHE IA 137 -4.07 -81.10 182.52
CA PHE IA 137 -4.34 -80.46 183.79
C PHE IA 137 -5.59 -80.96 184.50
N HIS IA 138 -6.50 -81.64 183.81
CA HIS IA 138 -7.68 -82.14 184.49
C HIS IA 138 -7.29 -83.12 185.57
N LYS IA 139 -7.89 -82.95 186.75
CA LYS IA 139 -7.48 -83.75 187.90
C LYS IA 139 -7.67 -85.23 187.66
N ALA IA 140 -8.70 -85.61 186.90
CA ALA IA 140 -8.94 -87.03 186.63
C ALA IA 140 -7.76 -87.66 185.92
N ILE IA 141 -6.93 -86.85 185.27
CA ILE IA 141 -5.82 -87.36 184.51
C ILE IA 141 -4.51 -87.21 185.27
N ARG IA 142 -4.35 -86.09 185.97
CA ARG IA 142 -3.16 -85.90 186.78
C ARG IA 142 -3.05 -86.91 187.89
N ARG IA 143 -4.17 -87.23 188.54
CA ARG IA 143 -4.15 -88.11 189.71
C ARG IA 143 -4.15 -89.59 189.34
N ASN IA 144 -4.16 -89.92 188.06
CA ASN IA 144 -4.20 -91.31 187.64
C ASN IA 144 -2.82 -91.66 187.06
N PRO IA 145 -2.09 -92.57 187.68
CA PRO IA 145 -0.77 -92.95 187.14
C PRO IA 145 -0.87 -93.56 185.75
N ASP IA 146 0.26 -93.58 185.05
CA ASP IA 146 0.33 -93.92 183.63
C ASP IA 146 -0.32 -92.86 182.75
N THR IA 147 -0.86 -91.80 183.34
CA THR IA 147 -1.42 -90.70 182.57
C THR IA 147 -0.81 -89.36 182.94
N GLN IA 148 0.24 -89.34 183.75
CA GLN IA 148 0.94 -88.10 184.04
C GLN IA 148 2.11 -87.88 183.11
N TRP IA 149 2.54 -88.91 182.38
CA TRP IA 149 3.60 -88.74 181.39
C TRP IA 149 3.26 -87.69 180.36
N ILE IA 150 2.01 -87.61 179.93
CA ILE IA 150 1.63 -86.52 179.04
C ILE IA 150 1.80 -85.17 179.72
N THR IA 151 1.54 -85.09 181.02
CA THR IA 151 1.67 -83.84 181.73
C THR IA 151 3.11 -83.34 181.78
N LYS IA 152 4.10 -84.22 181.77
CA LYS IA 152 5.48 -83.79 181.93
C LYS IA 152 5.87 -82.86 180.79
N PRO IA 153 6.70 -81.84 181.06
CA PRO IA 153 7.03 -80.88 180.00
C PRO IA 153 7.72 -81.49 178.81
N VAL IA 154 8.43 -82.61 179.00
CA VAL IA 154 9.08 -83.27 177.87
C VAL IA 154 8.07 -83.60 176.80
N HIS IA 155 6.83 -83.90 177.19
CA HIS IA 155 5.84 -84.41 176.27
C HIS IA 155 4.82 -83.36 175.88
N LYS IA 156 5.24 -82.11 175.72
CA LYS IA 156 4.35 -81.07 175.22
C LYS IA 156 4.59 -80.89 173.73
N HIS IA 157 3.49 -80.72 172.99
CA HIS IA 157 3.55 -80.54 171.55
C HIS IA 157 4.29 -81.69 170.88
N ARG IA 158 3.74 -82.89 170.99
CA ARG IA 158 4.37 -84.06 170.38
C ARG IA 158 4.04 -84.20 168.90
N GLU IA 159 2.94 -83.58 168.45
CA GLU IA 159 2.49 -83.78 167.07
C GLU IA 159 3.53 -83.29 166.07
N MET IA 160 4.05 -82.09 166.27
CA MET IA 160 5.02 -81.56 165.33
C MET IA 160 6.44 -81.95 165.68
N ARG IA 161 6.64 -82.73 166.75
CA ARG IA 161 7.96 -83.26 167.04
C ARG IA 161 8.11 -84.71 166.61
N GLY IA 162 7.06 -85.32 166.07
CA GLY IA 162 7.15 -86.65 165.52
C GLY IA 162 6.99 -87.79 166.50
N LEU IA 163 6.54 -87.53 167.73
CA LEU IA 163 6.46 -88.61 168.71
C LEU IA 163 5.18 -89.42 168.61
N THR IA 164 4.18 -88.96 167.88
CA THR IA 164 2.98 -89.76 167.68
C THR IA 164 3.27 -90.89 166.72
N SER IA 165 2.28 -91.78 166.55
CA SER IA 165 2.47 -92.93 165.67
C SER IA 165 2.67 -92.50 164.22
N ALA IA 166 1.88 -91.52 163.76
CA ALA IA 166 2.01 -91.09 162.37
C ALA IA 166 3.36 -90.44 162.12
N GLY IA 167 3.75 -89.48 162.96
CA GLY IA 167 5.04 -88.84 162.78
C GLY IA 167 6.18 -89.84 162.84
N ARG IA 168 6.12 -90.76 163.80
CA ARG IA 168 7.15 -91.77 163.93
C ARG IA 168 7.24 -92.64 162.68
N LYS IA 169 6.08 -93.07 162.16
CA LYS IA 169 6.08 -93.79 160.89
C LYS IA 169 6.77 -92.99 159.81
N SER IA 170 6.53 -91.68 159.78
CA SER IA 170 7.18 -90.85 158.78
C SER IA 170 8.66 -90.67 159.05
N ARG IA 171 9.09 -90.91 160.29
CA ARG IA 171 10.45 -90.57 160.69
C ARG IA 171 11.49 -91.52 160.11
N GLY IA 172 11.07 -92.63 159.52
CA GLY IA 172 12.05 -93.58 159.06
C GLY IA 172 12.72 -94.34 160.17
N LEU IA 173 12.26 -94.17 161.41
CA LEU IA 173 12.75 -95.00 162.48
C LEU IA 173 12.28 -96.43 162.29
N GLY IA 174 12.89 -97.32 163.04
CA GLY IA 174 12.79 -98.74 162.82
C GLY IA 174 14.06 -99.41 163.26
N LYS IA 175 13.95 -100.69 163.56
CA LYS IA 175 15.02 -101.38 164.27
C LYS IA 175 15.35 -102.67 163.52
N GLY IA 176 16.55 -102.73 162.96
CA GLY IA 176 16.95 -103.81 162.10
C GLY IA 176 17.87 -103.29 161.01
N HIS IA 177 18.11 -104.09 159.97
CA HIS IA 177 18.99 -103.63 158.92
C HIS IA 177 18.31 -102.69 157.94
N LYS IA 178 16.97 -102.66 157.91
CA LYS IA 178 16.25 -101.81 156.97
C LYS IA 178 16.19 -100.36 157.42
N PHE IA 179 16.76 -100.04 158.58
CA PHE IA 179 16.64 -98.71 159.15
C PHE IA 179 17.97 -98.19 159.66
N HIS IA 180 19.04 -98.37 158.88
CA HIS IA 180 20.34 -97.89 159.31
C HIS IA 180 20.40 -96.37 159.35
N HIS IA 181 19.55 -95.71 158.58
CA HIS IA 181 19.58 -94.25 158.53
C HIS IA 181 19.23 -93.60 159.86
N THR IA 182 18.53 -94.31 160.74
CA THR IA 182 18.12 -93.75 162.02
C THR IA 182 18.84 -94.41 163.18
N ILE IA 183 20.02 -94.98 162.93
CA ILE IA 183 20.75 -95.70 163.98
C ILE IA 183 21.27 -94.77 165.06
N GLY IA 184 21.34 -93.47 164.81
CA GLY IA 184 21.82 -92.55 165.81
C GLY IA 184 20.77 -91.99 166.73
N GLY IA 185 19.54 -92.51 166.67
CA GLY IA 185 18.42 -91.97 167.39
C GLY IA 185 17.50 -91.15 166.51
N SER IA 186 18.01 -90.62 165.41
CA SER IA 186 17.20 -89.93 164.41
C SER IA 186 18.03 -89.91 163.14
N ARG IA 187 17.36 -89.62 162.03
CA ARG IA 187 18.06 -89.60 160.75
C ARG IA 187 19.23 -88.63 160.78
N ARG IA 188 18.97 -87.39 161.17
CA ARG IA 188 20.05 -86.41 161.23
C ARG IA 188 21.00 -86.72 162.38
N ALA IA 189 20.53 -87.42 163.41
CA ALA IA 189 21.43 -87.86 164.47
C ALA IA 189 22.49 -88.79 163.92
N ALA IA 190 22.06 -89.82 163.19
CA ALA IA 190 23.02 -90.73 162.58
C ALA IA 190 23.90 -89.99 161.61
N TRP IA 191 23.32 -89.09 160.81
CA TRP IA 191 24.11 -88.34 159.84
C TRP IA 191 25.25 -87.60 160.52
N ARG IA 192 24.97 -86.91 161.63
CA ARG IA 192 26.02 -86.18 162.32
C ARG IA 192 27.00 -87.12 162.99
N ARG IA 193 26.53 -88.28 163.48
CA ARG IA 193 27.44 -89.18 164.18
C ARG IA 193 28.47 -89.75 163.21
N ARG IA 194 28.03 -90.08 162.01
CA ARG IA 194 28.95 -90.65 161.03
C ARG IA 194 29.74 -89.58 160.28
N ASN IA 195 29.19 -88.37 160.17
CA ASN IA 195 29.85 -87.29 159.45
C ASN IA 195 30.74 -86.44 160.34
N THR IA 196 30.87 -86.78 161.62
CA THR IA 196 31.70 -86.00 162.51
C THR IA 196 33.09 -86.61 162.61
N LEU IA 197 34.10 -85.79 162.41
CA LEU IA 197 35.48 -86.24 162.57
C LEU IA 197 35.80 -86.35 164.06
N GLN IA 198 36.23 -87.53 164.48
CA GLN IA 198 36.56 -87.79 165.88
C GLN IA 198 38.07 -87.68 166.04
N LEU IA 199 38.51 -86.55 166.56
CA LEU IA 199 39.92 -86.17 166.55
C LEU IA 199 40.47 -86.28 167.96
N HIS IA 200 41.20 -87.36 168.24
CA HIS IA 200 41.66 -87.61 169.59
C HIS IA 200 42.82 -86.68 169.95
N ARG IA 201 43.22 -86.75 171.22
CA ARG IA 201 44.40 -86.02 171.66
C ARG IA 201 45.67 -86.70 171.19
N TYR IA 202 45.65 -88.03 171.10
CA TYR IA 202 46.79 -88.81 170.61
C TYR IA 202 46.44 -89.39 169.25
N ARG IA 203 47.37 -89.28 168.31
CA ARG IA 203 47.15 -89.76 166.96
C ARG IA 203 48.42 -90.28 166.31
N GLU JA 1 109.37 -26.98 132.11
CA GLU JA 1 110.12 -25.82 132.56
C GLU JA 1 109.26 -24.87 133.39
N VAL JA 2 109.88 -24.38 134.48
CA VAL JA 2 109.19 -23.49 135.41
C VAL JA 2 108.68 -22.26 134.68
N GLN JA 3 109.53 -21.65 133.86
CA GLN JA 3 109.12 -20.45 133.14
C GLN JA 3 108.04 -20.78 132.12
N VAL JA 4 107.22 -19.77 131.84
CA VAL JA 4 106.13 -19.94 130.89
C VAL JA 4 106.70 -20.14 129.50
N LEU JA 5 106.24 -21.18 128.82
CA LEU JA 5 106.72 -21.51 127.49
C LEU JA 5 105.92 -20.72 126.46
N VAL JA 6 106.62 -19.98 125.59
CA VAL JA 6 106.00 -19.11 124.62
C VAL JA 6 106.33 -19.62 123.23
N LEU JA 7 105.32 -20.11 122.53
CA LEU JA 7 105.49 -20.77 121.24
C LEU JA 7 105.08 -19.84 120.11
N ASP JA 8 105.81 -19.89 119.01
CA ASP JA 8 105.47 -19.15 117.80
C ASP JA 8 104.76 -20.09 116.84
N GLY JA 9 103.56 -19.73 116.44
CA GLY JA 9 102.79 -20.55 115.54
C GLY JA 9 103.08 -20.35 114.07
N ARG JA 10 104.02 -19.47 113.73
CA ARG JA 10 104.32 -19.22 112.33
C ARG JA 10 104.88 -20.47 111.68
N GLY JA 11 104.32 -20.86 110.53
CA GLY JA 11 104.79 -22.01 109.83
C GLY JA 11 104.53 -23.34 110.51
N HIS JA 12 103.60 -23.38 111.46
CA HIS JA 12 103.30 -24.61 112.18
C HIS JA 12 101.97 -25.18 111.71
N LEU JA 13 101.72 -26.43 112.06
CA LEU JA 13 100.49 -27.13 111.68
C LEU JA 13 99.56 -27.26 112.87
N LEU JA 14 98.29 -26.93 112.63
CA LEU JA 14 97.34 -26.80 113.73
C LEU JA 14 97.22 -28.11 114.51
N GLY JA 15 97.09 -29.23 113.81
CA GLY JA 15 96.88 -30.50 114.51
C GLY JA 15 98.06 -30.90 115.37
N ARG JA 16 99.25 -30.96 114.76
CA ARG JA 16 100.43 -31.40 115.50
C ARG JA 16 100.72 -30.44 116.65
N LEU JA 17 100.68 -29.14 116.39
CA LEU JA 17 100.95 -28.18 117.44
C LEU JA 17 99.95 -28.31 118.57
N ALA JA 18 98.68 -28.49 118.24
CA ALA JA 18 97.66 -28.66 119.26
C ALA JA 18 97.92 -29.89 120.10
N ALA JA 19 98.31 -31.00 119.47
CA ALA JA 19 98.55 -32.22 120.21
C ALA JA 19 99.71 -32.03 121.19
N ILE JA 20 100.83 -31.49 120.72
CA ILE JA 20 101.97 -31.35 121.61
C ILE JA 20 101.69 -30.37 122.73
N VAL JA 21 101.04 -29.23 122.42
CA VAL JA 21 100.78 -28.28 123.49
C VAL JA 21 99.81 -28.87 124.50
N ALA JA 22 98.85 -29.67 124.03
CA ALA JA 22 97.93 -30.31 124.96
C ALA JA 22 98.67 -31.25 125.89
N LYS JA 23 99.58 -32.05 125.36
CA LYS JA 23 100.32 -32.95 126.23
C LYS JA 23 101.19 -32.17 127.21
N GLN JA 24 101.83 -31.10 126.73
CA GLN JA 24 102.65 -30.27 127.61
C GLN JA 24 101.84 -29.63 128.72
N VAL JA 25 100.65 -29.12 128.41
CA VAL JA 25 99.87 -28.40 129.40
C VAL JA 25 99.12 -29.33 130.34
N LEU JA 26 98.79 -30.55 129.90
CA LEU JA 26 98.09 -31.48 130.78
C LEU JA 26 98.89 -31.77 132.03
N LEU JA 27 100.22 -31.73 131.93
CA LEU JA 27 101.09 -31.98 133.06
C LEU JA 27 101.58 -30.71 133.73
N GLY JA 28 100.97 -29.57 133.42
CA GLY JA 28 101.42 -28.31 133.98
C GLY JA 28 102.17 -27.51 132.93
N ARG JA 29 103.21 -26.78 133.35
CA ARG JA 29 104.10 -26.08 132.42
C ARG JA 29 103.31 -25.10 131.54
N LYS JA 30 102.77 -24.08 132.20
CA LYS JA 30 102.01 -23.03 131.54
C LYS JA 30 102.65 -22.63 130.21
N VAL JA 31 101.82 -22.54 129.18
CA VAL JA 31 102.28 -22.43 127.80
C VAL JA 31 101.60 -21.25 127.14
N VAL JA 32 102.35 -20.50 126.34
CA VAL JA 32 101.83 -19.40 125.56
C VAL JA 32 102.04 -19.68 124.08
N VAL JA 33 101.06 -19.35 123.27
CA VAL JA 33 101.18 -19.40 121.83
C VAL JA 33 100.98 -18.00 121.29
N VAL JA 34 101.90 -17.55 120.44
CA VAL JA 34 101.82 -16.24 119.81
C VAL JA 34 101.74 -16.45 118.31
N ARG JA 35 101.29 -15.41 117.61
CA ARG JA 35 101.19 -15.44 116.16
C ARG JA 35 100.34 -16.61 115.71
N CYS JA 36 99.20 -16.79 116.37
CA CYS JA 36 98.29 -17.86 116.00
C CYS JA 36 97.80 -17.71 114.57
N GLU JA 37 97.74 -16.49 114.07
CA GLU JA 37 97.28 -16.26 112.71
C GLU JA 37 98.19 -16.92 111.68
N GLY JA 38 99.48 -17.03 111.96
CA GLY JA 38 100.41 -17.60 111.01
C GLY JA 38 100.42 -19.10 110.97
N ILE JA 39 99.58 -19.76 111.77
CA ILE JA 39 99.50 -21.21 111.75
C ILE JA 39 99.07 -21.67 110.37
N ASN JA 40 99.80 -22.64 109.83
CA ASN JA 40 99.42 -23.28 108.59
C ASN JA 40 98.54 -24.48 108.88
N ILE JA 41 97.59 -24.72 107.99
CA ILE JA 41 96.71 -25.87 108.06
C ILE JA 41 96.71 -26.53 106.69
N SER JA 42 96.95 -27.83 106.65
CA SER JA 42 97.13 -28.52 105.39
C SER JA 42 95.82 -28.59 104.62
N GLY JA 43 95.90 -29.14 103.42
CA GLY JA 43 94.79 -29.12 102.50
C GLY JA 43 94.63 -27.76 101.84
N ASN JA 44 94.07 -27.77 100.65
CA ASN JA 44 93.91 -26.53 99.92
C ASN JA 44 92.98 -25.59 100.68
N PHE JA 45 93.15 -24.29 100.43
CA PHE JA 45 92.46 -23.29 101.23
C PHE JA 45 90.95 -23.43 101.10
N TYR JA 46 90.46 -23.71 99.90
CA TYR JA 46 89.03 -23.72 99.67
C TYR JA 46 88.35 -24.80 100.50
N ARG JA 47 88.96 -25.98 100.59
CA ARG JA 47 88.33 -27.05 101.35
C ARG JA 47 88.35 -26.78 102.85
N ASN JA 48 89.38 -26.11 103.35
CA ASN JA 48 89.39 -25.75 104.76
C ASN JA 48 88.33 -24.69 105.05
N LYS JA 49 88.17 -23.73 104.13
CA LYS JA 49 87.06 -22.79 104.27
C LYS JA 49 85.74 -23.52 104.28
N LEU JA 50 85.59 -24.53 103.42
CA LEU JA 50 84.36 -25.31 103.38
C LEU JA 50 84.13 -26.04 104.70
N LYS JA 51 85.19 -26.60 105.26
CA LYS JA 51 85.05 -27.30 106.54
C LYS JA 51 84.62 -26.34 107.64
N TYR JA 52 85.22 -25.16 107.69
CA TYR JA 52 84.78 -24.19 108.69
C TYR JA 52 83.34 -23.78 108.46
N LEU JA 53 82.93 -23.54 107.22
CA LEU JA 53 81.54 -23.19 106.99
C LEU JA 53 80.60 -24.30 107.45
N ALA JA 54 80.99 -25.54 107.19
CA ALA JA 54 80.20 -26.68 107.65
C ALA JA 54 80.11 -26.70 109.17
N PHE JA 55 81.20 -26.35 109.86
CA PHE JA 55 81.13 -26.22 111.30
C PHE JA 55 80.21 -25.08 111.71
N LEU JA 56 80.23 -23.98 110.95
CA LEU JA 56 79.37 -22.85 111.24
C LEU JA 56 77.91 -23.26 111.22
N ARG JA 57 77.50 -23.98 110.19
CA ARG JA 57 76.09 -24.33 110.09
C ARG JA 57 75.67 -25.32 111.17
N LYS JA 58 76.62 -25.96 111.85
CA LYS JA 58 76.26 -26.78 113.00
C LYS JA 58 75.75 -25.87 114.11
N ARG JA 59 74.44 -25.90 114.39
CA ARG JA 59 73.87 -24.91 115.28
C ARG JA 59 72.50 -25.37 115.76
N MET JA 60 72.13 -24.96 116.98
CA MET JA 60 70.93 -25.46 117.64
C MET JA 60 69.75 -24.78 116.99
N ASN JA 61 69.00 -25.49 116.16
CA ASN JA 61 67.97 -24.80 115.39
C ASN JA 61 66.92 -24.15 116.29
N THR JA 62 66.64 -24.75 117.44
CA THR JA 62 65.61 -24.21 118.33
C THR JA 62 66.09 -22.99 119.09
N ASN JA 63 67.39 -22.91 119.39
CA ASN JA 63 67.92 -21.78 120.11
C ASN JA 63 69.42 -21.68 119.88
N PRO JA 64 69.86 -20.97 118.84
CA PRO JA 64 71.30 -20.84 118.60
C PRO JA 64 72.04 -20.12 119.70
N SER JA 65 71.34 -19.37 120.55
CA SER JA 65 72.01 -18.62 121.60
C SER JA 65 72.78 -19.54 122.53
N ARG JA 66 72.21 -20.70 122.83
CA ARG JA 66 72.90 -21.73 123.60
C ARG JA 66 73.76 -22.63 122.73
N GLY JA 67 73.76 -22.43 121.41
CA GLY JA 67 74.35 -23.36 120.49
C GLY JA 67 75.86 -23.36 120.58
N PRO JA 68 76.55 -24.11 119.72
CA PRO JA 68 78.01 -24.15 119.81
C PRO JA 68 78.59 -22.82 119.37
N TYR JA 69 79.58 -22.35 120.12
CA TYR JA 69 80.12 -21.02 119.91
C TYR JA 69 81.22 -21.09 118.88
N HIS JA 70 80.91 -20.67 117.66
CA HIS JA 70 81.88 -20.63 116.57
C HIS JA 70 82.69 -19.35 116.74
N PHE JA 71 83.83 -19.44 117.41
CA PHE JA 71 84.69 -18.29 117.52
C PHE JA 71 85.34 -17.99 116.17
N ARG JA 72 85.94 -16.82 116.06
CA ARG JA 72 86.53 -16.41 114.79
C ARG JA 72 88.01 -16.09 114.85
N ALA JA 73 88.50 -15.53 115.95
CA ALA JA 73 89.90 -15.13 116.01
C ALA JA 73 90.79 -16.37 115.91
N PRO JA 74 91.92 -16.27 115.21
CA PRO JA 74 92.81 -17.44 115.10
C PRO JA 74 93.23 -17.99 116.44
N SER JA 75 93.54 -17.10 117.39
CA SER JA 75 93.83 -17.56 118.74
C SER JA 75 92.64 -18.32 119.31
N ARG JA 76 91.44 -17.80 119.09
CA ARG JA 76 90.25 -18.43 119.63
C ARG JA 76 90.04 -19.82 119.03
N ILE JA 77 90.23 -19.98 117.72
CA ILE JA 77 89.96 -21.29 117.13
C ILE JA 77 91.06 -22.29 117.51
N PHE JA 78 92.30 -21.83 117.61
CA PHE JA 78 93.34 -22.72 118.12
C PHE JA 78 93.00 -23.16 119.54
N TRP JA 79 92.58 -22.22 120.37
CA TRP JA 79 92.17 -22.54 121.72
C TRP JA 79 91.02 -23.54 121.72
N ARG JA 80 90.08 -23.38 120.80
CA ARG JA 80 88.95 -24.31 120.74
C ARG JA 80 89.40 -25.69 120.32
N THR JA 81 90.36 -25.78 119.39
CA THR JA 81 90.89 -27.08 119.01
C THR JA 81 91.53 -27.78 120.20
N VAL JA 82 92.35 -27.04 120.95
CA VAL JA 82 92.97 -27.65 122.12
C VAL JA 82 91.91 -28.04 123.14
N ARG JA 83 90.90 -27.19 123.34
CA ARG JA 83 89.81 -27.51 124.24
C ARG JA 83 89.15 -28.83 123.84
N GLY JA 84 88.89 -29.00 122.55
CA GLY JA 84 88.34 -30.27 122.09
C GLY JA 84 89.27 -31.44 122.38
N MET JA 85 90.57 -31.18 122.33
CA MET JA 85 91.53 -32.24 122.60
C MET JA 85 91.66 -32.58 124.07
N LEU JA 86 91.47 -31.62 124.96
CA LEU JA 86 91.62 -31.85 126.39
C LEU JA 86 90.33 -32.45 126.97
N PRO JA 87 90.42 -33.11 128.14
CA PRO JA 87 89.19 -33.54 128.82
C PRO JA 87 88.54 -32.38 129.54
N HIS JA 88 87.94 -31.46 128.78
CA HIS JA 88 87.55 -30.17 129.33
C HIS JA 88 86.53 -30.31 130.44
N LYS JA 89 85.67 -31.32 130.39
CA LYS JA 89 84.54 -31.35 131.31
C LYS JA 89 84.93 -31.77 132.72
N THR JA 90 86.06 -32.43 132.90
CA THR JA 90 86.57 -32.71 134.24
C THR JA 90 87.49 -31.57 134.67
N LYS JA 91 87.72 -31.43 135.99
CA LYS JA 91 88.39 -30.20 136.39
C LYS JA 91 89.76 -30.16 135.79
N ARG JA 92 90.40 -31.33 135.61
CA ARG JA 92 91.79 -31.34 135.19
C ARG JA 92 91.92 -30.74 133.81
N GLY JA 93 90.97 -31.07 132.94
CA GLY JA 93 90.89 -30.36 131.68
C GLY JA 93 90.72 -28.87 131.88
N GLN JA 94 89.90 -28.48 132.85
CA GLN JA 94 89.70 -27.06 133.10
C GLN JA 94 90.99 -26.38 133.52
N ALA JA 95 91.76 -27.03 134.39
CA ALA JA 95 93.01 -26.44 134.86
C ALA JA 95 94.03 -26.35 133.74
N ALA JA 96 94.17 -27.43 132.96
CA ALA JA 96 95.10 -27.39 131.84
C ALA JA 96 94.69 -26.29 130.86
N LEU JA 97 93.41 -26.23 130.52
CA LEU JA 97 92.91 -25.17 129.66
C LEU JA 97 93.25 -23.80 130.21
N ASP JA 98 93.08 -23.62 131.52
CA ASP JA 98 93.42 -22.35 132.16
C ASP JA 98 94.89 -22.04 131.96
N ARG JA 99 95.75 -23.05 132.08
CA ARG JA 99 97.18 -22.82 131.95
C ARG JA 99 97.53 -22.31 130.56
N LEU JA 100 96.88 -22.84 129.53
CA LEU JA 100 97.19 -22.44 128.16
C LEU JA 100 96.73 -21.01 127.88
N LYS JA 101 97.57 -20.24 127.20
CA LYS JA 101 97.26 -18.89 126.79
C LYS JA 101 97.62 -18.72 125.33
N VAL JA 102 96.69 -18.17 124.54
CA VAL JA 102 96.85 -18.09 123.09
C VAL JA 102 96.63 -16.66 122.63
N PHE JA 103 97.45 -16.21 121.69
CA PHE JA 103 97.49 -14.82 121.25
C PHE JA 103 97.46 -14.72 119.74
N ASP JA 104 96.65 -13.80 119.23
CA ASP JA 104 96.82 -13.34 117.86
C ASP JA 104 97.98 -12.35 117.84
N GLY JA 105 98.89 -12.52 116.89
CA GLY JA 105 100.08 -11.69 116.90
C GLY JA 105 100.93 -12.02 118.11
N ILE JA 106 101.70 -11.02 118.53
CA ILE JA 106 102.56 -11.13 119.71
C ILE JA 106 102.38 -9.89 120.56
N PRO JA 107 101.48 -9.92 121.54
CA PRO JA 107 101.35 -8.79 122.45
C PRO JA 107 102.64 -8.52 123.18
N PRO JA 108 102.99 -7.27 123.43
CA PRO JA 108 104.30 -6.95 123.98
C PRO JA 108 104.33 -6.97 125.50
N PRO JA 109 103.72 -7.96 126.17
CA PRO JA 109 104.32 -8.41 127.43
C PRO JA 109 105.23 -9.59 127.18
N TYR JA 110 105.17 -10.12 125.96
CA TYR JA 110 105.89 -11.32 125.58
C TYR JA 110 106.83 -11.12 124.41
N ASP JA 111 106.67 -10.04 123.63
CA ASP JA 111 107.58 -9.79 122.53
C ASP JA 111 109.01 -9.63 122.98
N LYS JA 112 109.22 -9.28 124.25
CA LYS JA 112 110.54 -9.14 124.85
C LYS JA 112 111.07 -10.48 125.34
N LYS JA 113 110.57 -11.59 124.78
CA LYS JA 113 111.04 -12.91 125.15
C LYS JA 113 111.30 -13.71 123.89
N LYS JA 114 112.19 -14.69 124.01
CA LYS JA 114 112.61 -15.47 122.84
C LYS JA 114 111.49 -16.40 122.40
N ARG JA 115 111.09 -16.28 121.14
CA ARG JA 115 110.08 -17.17 120.60
C ARG JA 115 110.60 -18.60 120.54
N MET JA 116 109.69 -19.54 120.74
CA MET JA 116 110.03 -20.95 120.85
C MET JA 116 109.29 -21.73 119.77
N VAL JA 117 110.03 -22.50 118.99
CA VAL JA 117 109.49 -23.15 117.79
C VAL JA 117 109.56 -24.65 117.97
N VAL JA 118 108.47 -25.34 117.69
CA VAL JA 118 108.44 -26.80 117.73
C VAL JA 118 108.68 -27.35 116.34
N PRO JA 119 109.57 -28.33 116.17
CA PRO JA 119 109.80 -28.90 114.84
C PRO JA 119 108.71 -29.87 114.42
N ALA JA 120 108.20 -30.65 115.37
CA ALA JA 120 107.27 -31.72 115.02
C ALA JA 120 105.97 -31.20 114.44
N ALA JA 121 105.70 -29.91 114.58
CA ALA JA 121 104.51 -29.30 113.98
C ALA JA 121 104.87 -28.35 112.86
N LEU JA 122 106.15 -28.23 112.52
CA LEU JA 122 106.55 -27.29 111.49
C LEU JA 122 106.08 -27.76 110.12
N LYS JA 123 105.43 -26.85 109.39
CA LYS JA 123 104.88 -27.20 108.09
C LYS JA 123 105.99 -27.60 107.13
N VAL JA 124 107.20 -27.10 107.35
CA VAL JA 124 108.30 -27.41 106.44
C VAL JA 124 108.64 -28.89 106.48
N VAL JA 125 108.54 -29.51 107.66
CA VAL JA 125 109.11 -30.84 107.84
C VAL JA 125 108.02 -31.91 107.87
N ARG JA 126 106.78 -31.52 108.15
CA ARG JA 126 105.72 -32.51 108.20
C ARG JA 126 104.98 -32.67 106.89
N LEU JA 127 105.13 -31.73 105.96
CA LEU JA 127 104.35 -31.69 104.74
C LEU JA 127 105.25 -31.82 103.52
N LYS JA 128 104.82 -32.62 102.56
CA LYS JA 128 105.55 -32.71 101.31
C LYS JA 128 105.49 -31.37 100.59
N PRO JA 129 106.60 -30.94 99.97
CA PRO JA 129 106.61 -29.59 99.38
C PRO JA 129 105.54 -29.38 98.32
N THR JA 130 105.25 -30.39 97.49
CA THR JA 130 104.24 -30.23 96.46
C THR JA 130 102.86 -30.46 97.05
N ARG JA 131 102.55 -29.74 98.12
CA ARG JA 131 101.24 -29.88 98.75
C ARG JA 131 100.64 -28.50 98.92
N LYS JA 132 99.33 -28.46 99.02
CA LYS JA 132 98.61 -27.22 99.22
C LYS JA 132 98.13 -27.12 100.66
N PHE JA 133 98.43 -26.00 101.30
CA PHE JA 133 98.04 -25.76 102.68
C PHE JA 133 97.26 -24.46 102.76
N ALA JA 134 96.97 -23.99 103.97
CA ALA JA 134 96.23 -22.75 104.15
C ALA JA 134 96.81 -21.99 105.32
N TYR JA 135 96.53 -20.70 105.36
CA TYR JA 135 96.97 -19.81 106.43
C TYR JA 135 95.79 -19.53 107.35
N LEU JA 136 96.01 -19.68 108.66
CA LEU JA 136 94.92 -19.48 109.59
C LEU JA 136 94.42 -18.05 109.56
N GLY JA 137 95.34 -17.09 109.46
CA GLY JA 137 94.93 -15.69 109.50
C GLY JA 137 94.01 -15.31 108.35
N ARG JA 138 94.37 -15.72 107.14
CA ARG JA 138 93.53 -15.43 105.98
C ARG JA 138 92.18 -16.08 106.12
N LEU JA 139 92.15 -17.33 106.59
CA LEU JA 139 90.89 -18.03 106.76
C LEU JA 139 90.00 -17.30 107.76
N ALA JA 140 90.56 -16.92 108.90
CA ALA JA 140 89.77 -16.19 109.89
C ALA JA 140 89.26 -14.89 109.32
N HIS JA 141 90.11 -14.13 108.64
CA HIS JA 141 89.70 -12.85 108.06
C HIS JA 141 88.58 -13.06 107.06
N GLU JA 142 88.58 -14.18 106.36
CA GLU JA 142 87.53 -14.44 105.39
C GLU JA 142 86.27 -15.02 106.02
N VAL JA 143 86.33 -15.49 107.26
CA VAL JA 143 85.16 -16.11 107.89
C VAL JA 143 84.63 -15.32 109.06
N GLY JA 144 85.03 -14.06 109.22
CA GLY JA 144 84.37 -13.25 110.22
C GLY JA 144 85.27 -12.50 111.17
N TRP JA 145 86.55 -12.86 111.20
CA TRP JA 145 87.48 -12.10 112.01
C TRP JA 145 87.61 -10.69 111.49
N LYS JA 146 87.45 -9.72 112.38
CA LYS JA 146 87.43 -8.32 111.99
C LYS JA 146 88.67 -7.56 112.42
N TYR JA 147 89.83 -8.21 112.46
CA TYR JA 147 91.05 -7.53 112.89
C TYR JA 147 92.27 -7.93 112.07
N GLN JA 148 92.09 -8.27 110.80
CA GLN JA 148 93.21 -8.66 109.97
C GLN JA 148 94.20 -7.50 109.82
N ALA JA 149 93.70 -6.33 109.41
CA ALA JA 149 94.59 -5.24 109.03
C ALA JA 149 95.27 -4.62 110.25
N VAL JA 150 94.53 -4.45 111.35
CA VAL JA 150 95.13 -3.87 112.54
C VAL JA 150 96.21 -4.78 113.08
N THR JA 151 95.96 -6.08 113.09
CA THR JA 151 96.96 -7.03 113.53
C THR JA 151 98.18 -7.00 112.63
N ALA JA 152 97.97 -6.90 111.33
CA ALA JA 152 99.08 -6.84 110.40
C ALA JA 152 99.94 -5.60 110.64
N THR JA 153 99.29 -4.45 110.84
CA THR JA 153 100.05 -3.22 111.08
C THR JA 153 100.82 -3.30 112.39
N LEU JA 154 100.18 -3.80 113.44
CA LEU JA 154 100.88 -3.95 114.71
C LEU JA 154 102.05 -4.92 114.56
N GLU JA 155 101.87 -5.99 113.80
CA GLU JA 155 102.95 -6.93 113.60
C GLU JA 155 104.10 -6.31 112.82
N GLU JA 156 103.78 -5.49 111.82
CA GLU JA 156 104.83 -4.80 111.07
C GLU JA 156 105.62 -3.88 111.98
N LYS JA 157 104.92 -3.12 112.83
CA LYS JA 157 105.60 -2.23 113.76
C LYS JA 157 106.46 -3.02 114.72
N ARG JA 158 105.92 -4.11 115.27
CA ARG JA 158 106.72 -4.97 116.14
C ARG JA 158 107.92 -5.51 115.41
N LYS JA 159 107.79 -5.79 114.12
CA LYS JA 159 108.89 -6.36 113.37
C LYS JA 159 110.00 -5.34 113.15
N GLU JA 160 109.65 -4.08 112.90
CA GLU JA 160 110.72 -3.10 112.77
C GLU JA 160 111.39 -2.83 114.12
N LYS JA 161 110.61 -2.87 115.20
CA LYS JA 161 111.22 -2.79 116.52
C LYS JA 161 112.21 -3.94 116.73
N ALA JA 162 111.81 -5.15 116.35
CA ALA JA 162 112.71 -6.28 116.46
C ALA JA 162 113.93 -6.10 115.57
N LYS JA 163 113.75 -5.50 114.41
CA LYS JA 163 114.88 -5.25 113.51
C LYS JA 163 115.89 -4.34 114.16
N ILE JA 164 115.42 -3.27 114.83
CA ILE JA 164 116.37 -2.36 115.45
C ILE JA 164 117.05 -3.04 116.63
N HIS JA 165 116.31 -3.87 117.38
CA HIS JA 165 116.95 -4.62 118.46
C HIS JA 165 118.00 -5.56 117.92
N TYR JA 166 117.71 -6.20 116.78
CA TYR JA 166 118.67 -7.10 116.15
C TYR JA 166 119.90 -6.34 115.68
N ARG JA 167 119.71 -5.15 115.12
CA ARG JA 167 120.85 -4.34 114.70
C ARG JA 167 121.75 -4.01 115.88
N LYS JA 168 121.15 -3.63 117.01
CA LYS JA 168 121.95 -3.32 118.18
C LYS JA 168 122.65 -4.55 118.73
N LYS JA 169 121.97 -5.69 118.76
CA LYS JA 169 122.62 -6.91 119.25
C LYS JA 169 123.79 -7.29 118.35
N LYS JA 170 123.60 -7.17 117.04
CA LYS JA 170 124.67 -7.46 116.10
C LYS JA 170 125.84 -6.52 116.31
N GLN JA 171 125.57 -5.23 116.50
CA GLN JA 171 126.66 -4.29 116.74
C GLN JA 171 127.43 -4.65 118.00
N LEU JA 172 126.72 -5.02 119.06
CA LEU JA 172 127.41 -5.26 120.31
C LEU JA 172 128.18 -6.58 120.30
N MET JA 173 127.69 -7.57 119.56
CA MET JA 173 128.49 -8.78 119.51
C MET JA 173 129.64 -8.64 118.52
N ARG JA 174 129.50 -7.79 117.51
CA ARG JA 174 130.66 -7.40 116.71
C ARG JA 174 131.70 -6.74 117.59
N LEU JA 175 131.24 -5.88 118.51
CA LEU JA 175 132.15 -5.28 119.49
C LEU JA 175 132.80 -6.34 120.34
N ARG JA 176 132.04 -7.36 120.76
CA ARG JA 176 132.62 -8.45 121.52
C ARG JA 176 133.68 -9.21 120.72
N LYS JA 177 133.42 -9.45 119.43
CA LYS JA 177 134.42 -10.10 118.60
C LYS JA 177 135.68 -9.26 118.49
N GLN JA 178 135.50 -7.96 118.27
CA GLN JA 178 136.62 -7.04 118.38
C GLN JA 178 137.34 -7.22 119.70
N ALA JA 179 136.59 -7.33 120.79
CA ALA JA 179 137.16 -7.46 122.12
C ALA JA 179 138.10 -8.66 122.20
N GLU JA 180 137.61 -9.82 121.81
CA GLU JA 180 138.46 -11.00 121.80
C GLU JA 180 139.61 -10.87 120.81
N LYS JA 181 139.47 -10.03 119.77
CA LYS JA 181 140.59 -9.80 118.88
C LYS JA 181 141.58 -8.79 119.44
N ASN JA 182 141.24 -8.10 120.54
CA ASN JA 182 142.21 -7.25 121.21
C ASN JA 182 143.00 -8.00 122.27
N VAL JA 183 142.38 -8.98 122.93
CA VAL JA 183 143.05 -9.67 124.03
C VAL JA 183 143.34 -11.10 123.62
N GLU JA 184 144.62 -11.45 123.56
CA GLU JA 184 145.01 -12.80 123.21
C GLU JA 184 145.90 -13.40 124.29
N LYS JA 185 146.87 -12.62 124.75
CA LYS JA 185 147.83 -13.10 125.73
C LYS JA 185 147.20 -13.43 127.06
N LYS JA 186 146.21 -12.64 127.50
CA LYS JA 186 145.51 -12.88 128.75
C LYS JA 186 144.40 -13.89 128.59
N ILE JA 187 144.16 -14.37 127.37
CA ILE JA 187 143.03 -15.25 127.07
C ILE JA 187 143.48 -16.60 126.53
N ASP JA 188 144.72 -16.72 126.06
CA ASP JA 188 145.14 -17.90 125.31
C ASP JA 188 145.06 -19.18 126.13
N LYS JA 189 145.59 -19.15 127.37
CA LYS JA 189 145.67 -20.39 128.13
C LYS JA 189 144.29 -20.93 128.50
N TYR JA 190 143.39 -20.06 128.95
CA TYR JA 190 142.08 -20.54 129.36
C TYR JA 190 141.23 -20.91 128.16
N THR JA 191 141.34 -20.15 127.07
CA THR JA 191 140.64 -20.55 125.86
C THR JA 191 141.13 -21.89 125.36
N GLU JA 192 142.44 -22.13 125.40
CA GLU JA 192 142.95 -23.44 125.01
C GLU JA 192 142.39 -24.51 125.92
N VAL JA 193 142.34 -24.23 127.23
CA VAL JA 193 141.80 -25.20 128.18
C VAL JA 193 140.38 -25.56 127.78
N LEU JA 194 139.58 -24.56 127.42
CA LEU JA 194 138.21 -24.83 126.98
C LEU JA 194 138.20 -25.63 125.69
N LYS JA 195 139.12 -25.33 124.77
CA LYS JA 195 139.18 -26.10 123.53
C LYS JA 195 139.47 -27.57 123.80
N THR JA 196 140.35 -27.85 124.77
CA THR JA 196 140.66 -29.24 125.08
C THR JA 196 139.51 -29.94 125.75
N HIS JA 197 138.47 -29.21 126.16
CA HIS JA 197 137.34 -29.81 126.84
C HIS JA 197 136.03 -29.62 126.09
N GLY JA 198 136.09 -29.54 124.76
CA GLY JA 198 134.91 -29.44 123.93
C GLY JA 198 134.47 -28.02 123.66
N LEU JA 199 134.53 -27.15 124.64
CA LEU JA 199 134.04 -25.79 124.48
C LEU JA 199 134.91 -25.01 123.50
N LEU JA 200 134.26 -24.25 122.63
CA LEU JA 200 134.93 -23.27 121.77
C LEU JA 200 135.96 -23.95 120.86
N VAL JA 201 135.45 -24.74 119.92
CA VAL JA 201 136.28 -25.28 118.84
C VAL JA 201 137.23 -24.20 118.31
N VAL KA 1 62.16 -22.49 180.82
CA VAL KA 1 62.25 -23.89 180.46
C VAL KA 1 63.43 -24.14 179.54
N ARG KA 2 63.51 -25.33 178.96
CA ARG KA 2 64.64 -25.74 178.13
C ARG KA 2 64.56 -25.04 176.78
N TYR KA 3 65.10 -23.83 176.72
CA TYR KA 3 65.27 -23.18 175.44
C TYR KA 3 66.34 -23.88 174.63
N SER KA 4 66.11 -23.98 173.33
CA SER KA 4 67.18 -24.40 172.43
C SER KA 4 68.26 -23.33 172.44
N LEU KA 5 69.52 -23.76 172.50
CA LEU KA 5 70.66 -22.86 172.48
C LEU KA 5 70.58 -21.88 173.66
N ASP KA 6 70.78 -22.42 174.85
CA ASP KA 6 70.84 -21.59 176.04
C ASP KA 6 71.85 -20.46 175.86
N PRO KA 7 71.75 -19.38 176.65
CA PRO KA 7 72.70 -18.28 176.48
C PRO KA 7 74.00 -18.57 177.21
N GLU KA 8 74.97 -17.68 177.02
CA GLU KA 8 76.26 -17.92 177.65
C GLU KA 8 76.33 -17.41 179.09
N ASN KA 9 75.36 -16.60 179.52
CA ASN KA 9 75.26 -16.27 180.95
C ASN KA 9 73.84 -15.82 181.27
N PRO KA 10 73.19 -16.45 182.19
CA PRO KA 10 71.88 -15.98 182.66
C PRO KA 10 72.02 -14.83 183.66
N THR KA 11 72.92 -13.91 183.37
CA THR KA 11 73.13 -12.70 184.14
C THR KA 11 72.92 -11.45 183.31
N LYS KA 12 73.51 -11.38 182.13
CA LYS KA 12 73.36 -10.26 181.22
C LYS KA 12 72.50 -10.64 180.02
N SER KA 13 71.50 -11.49 180.23
CA SER KA 13 70.65 -11.95 179.15
C SER KA 13 69.22 -12.12 179.65
N CYS KA 14 68.28 -12.04 178.72
CA CYS KA 14 66.87 -12.28 179.04
C CYS KA 14 66.24 -13.12 177.95
N LYS KA 15 65.19 -13.85 178.32
CA LYS KA 15 64.59 -14.85 177.45
C LYS KA 15 63.07 -14.67 177.40
N SER KA 16 62.49 -15.11 176.29
CA SER KA 16 61.04 -15.08 176.12
C SER KA 16 60.65 -16.11 175.07
N ARG KA 17 59.44 -16.63 175.20
CA ARG KA 17 59.00 -17.72 174.33
C ARG KA 17 57.48 -17.72 174.26
N GLY KA 18 56.96 -18.43 173.26
CA GLY KA 18 55.54 -18.59 173.11
C GLY KA 18 55.22 -19.89 172.40
N SER KA 19 53.97 -20.31 172.53
CA SER KA 19 53.53 -21.59 171.97
C SER KA 19 52.16 -21.44 171.32
N ASN KA 20 51.96 -22.18 170.23
CA ASN KA 20 50.66 -22.25 169.55
C ASN KA 20 50.14 -20.87 169.16
N LEU KA 21 51.02 -20.05 168.61
CA LEU KA 21 50.64 -18.72 168.17
C LEU KA 21 50.05 -18.79 166.77
N ARG KA 22 48.79 -18.37 166.65
CA ARG KA 22 48.02 -18.52 165.41
C ARG KA 22 48.52 -17.51 164.37
N VAL KA 23 49.75 -17.72 163.93
CA VAL KA 23 50.39 -16.82 162.98
C VAL KA 23 51.11 -17.66 161.92
N HIS KA 24 51.01 -17.22 160.67
CA HIS KA 24 51.59 -17.95 159.56
C HIS KA 24 53.07 -18.23 159.81
N PHE KA 25 53.45 -19.50 159.68
CA PHE KA 25 54.76 -19.91 160.16
C PHE KA 25 55.88 -19.43 159.25
N LYS KA 26 55.69 -19.55 157.93
CA LYS KA 26 56.78 -19.22 157.01
C LYS KA 26 57.12 -17.74 157.07
N ASN KA 27 56.09 -16.88 157.06
CA ASN KA 27 56.33 -15.45 157.15
C ASN KA 27 57.02 -15.11 158.47
N THR KA 28 56.58 -15.77 159.55
CA THR KA 28 57.22 -15.55 160.83
C THR KA 28 58.68 -15.93 160.78
N ARG KA 29 59.00 -17.05 160.13
CA ARG KA 29 60.40 -17.45 160.03
C ARG KA 29 61.19 -16.41 159.26
N GLU KA 30 60.64 -15.89 158.17
CA GLU KA 30 61.39 -14.94 157.36
C GLU KA 30 61.63 -13.65 158.12
N THR KA 31 60.60 -13.11 158.75
CA THR KA 31 60.80 -11.89 159.53
C THR KA 31 61.73 -12.15 160.70
N ALA KA 32 61.69 -13.38 161.24
CA ALA KA 32 62.59 -13.74 162.32
C ALA KA 32 64.03 -13.70 161.86
N GLN KA 33 64.32 -14.29 160.69
CA GLN KA 33 65.65 -14.20 160.14
C GLN KA 33 66.06 -12.76 159.96
N ALA KA 34 65.15 -11.92 159.47
CA ALA KA 34 65.50 -10.53 159.25
C ALA KA 34 65.85 -9.83 160.55
N ILE KA 35 65.05 -10.03 161.60
CA ILE KA 35 65.28 -9.30 162.84
C ILE KA 35 66.44 -9.86 163.64
N LYS KA 36 66.78 -11.13 163.45
CA LYS KA 36 67.83 -11.75 164.25
C LYS KA 36 69.14 -11.00 164.08
N GLY KA 37 69.64 -10.42 165.17
CA GLY KA 37 70.98 -9.86 165.15
C GLY KA 37 71.14 -8.43 165.60
N MET KA 38 70.22 -7.54 165.24
CA MET KA 38 70.44 -6.12 165.47
C MET KA 38 69.87 -5.69 166.83
N HIS KA 39 70.24 -4.48 167.23
CA HIS KA 39 69.87 -3.96 168.53
C HIS KA 39 68.36 -3.80 168.65
N ILE KA 40 67.88 -3.76 169.89
CA ILE KA 40 66.45 -3.87 170.15
C ILE KA 40 65.69 -2.65 169.63
N ARG KA 41 66.18 -1.44 169.90
CA ARG KA 41 65.41 -0.26 169.53
C ARG KA 41 65.29 -0.14 168.03
N LYS KA 42 66.37 -0.35 167.29
CA LYS KA 42 66.27 -0.31 165.84
C LYS KA 42 65.44 -1.47 165.33
N ALA KA 43 65.50 -2.61 166.02
CA ALA KA 43 64.65 -3.74 165.62
C ALA KA 43 63.17 -3.39 165.73
N THR KA 44 62.77 -2.77 166.83
CA THR KA 44 61.35 -2.46 167.00
C THR KA 44 60.93 -1.30 166.12
N LYS KA 45 61.83 -0.37 165.86
CA LYS KA 45 61.52 0.66 164.87
C LYS KA 45 61.32 0.03 163.50
N TYR KA 46 62.17 -0.92 163.14
CA TYR KA 46 62.01 -1.66 161.90
C TYR KA 46 60.68 -2.41 161.88
N LEU KA 47 60.27 -2.97 163.02
CA LEU KA 47 59.01 -3.70 163.06
C LEU KA 47 57.82 -2.78 162.86
N LYS KA 48 57.76 -1.68 163.64
CA LYS KA 48 56.72 -0.69 163.41
C LYS KA 48 56.70 -0.28 161.96
N ASP KA 49 57.86 0.06 161.42
CA ASP KA 49 57.95 0.50 160.03
C ASP KA 49 57.44 -0.56 159.08
N VAL KA 50 57.75 -1.84 159.32
CA VAL KA 50 57.20 -2.90 158.51
C VAL KA 50 55.68 -2.87 158.56
N THR KA 51 55.13 -2.62 159.74
CA THR KA 51 53.68 -2.47 159.86
C THR KA 51 53.19 -1.29 159.03
N LEU KA 52 54.03 -0.27 158.83
CA LEU KA 52 53.65 0.86 157.98
C LEU KA 52 54.11 0.71 156.55
N GLN KA 53 54.73 -0.41 156.18
CA GLN KA 53 55.03 -0.73 154.78
C GLN KA 53 56.02 0.28 154.18
N LYS KA 54 57.05 0.63 154.95
CA LYS KA 54 58.15 1.42 154.41
C LYS KA 54 59.43 0.62 154.21
N GLN KA 55 59.56 -0.54 154.85
CA GLN KA 55 60.55 -1.55 154.47
C GLN KA 55 59.91 -2.93 154.54
N CYS KA 56 60.29 -3.78 153.60
CA CYS KA 56 59.81 -5.15 153.55
C CYS KA 56 60.69 -6.03 154.41
N VAL KA 57 60.49 -7.34 154.28
CA VAL KA 57 61.37 -8.35 154.86
C VAL KA 57 61.72 -9.33 153.74
N PRO KA 58 62.99 -9.60 153.49
CA PRO KA 58 63.34 -10.48 152.38
C PRO KA 58 62.97 -11.93 152.64
N PHE KA 59 62.08 -12.48 151.81
CA PHE KA 59 61.71 -13.88 151.93
C PHE KA 59 62.78 -14.76 151.31
N ARG KA 60 63.69 -15.25 152.13
CA ARG KA 60 64.86 -15.94 151.61
C ARG KA 60 64.61 -17.42 151.40
N ARG KA 61 63.76 -18.03 152.23
CA ARG KA 61 63.52 -19.46 152.13
C ARG KA 61 62.26 -19.78 151.34
N TYR KA 62 61.11 -19.30 151.80
CA TYR KA 62 59.84 -19.62 151.15
C TYR KA 62 59.46 -18.51 150.19
N ASN KA 63 60.31 -18.33 149.18
CA ASN KA 63 60.17 -17.24 148.24
C ASN KA 63 59.19 -17.54 147.11
N GLY KA 64 58.64 -18.75 147.06
CA GLY KA 64 57.78 -19.14 145.96
C GLY KA 64 56.57 -18.25 145.79
N GLY KA 65 56.41 -17.66 144.61
CA GLY KA 65 55.27 -16.84 144.29
C GLY KA 65 55.24 -15.49 144.98
N VAL KA 66 56.25 -15.17 145.78
CA VAL KA 66 56.28 -13.90 146.50
C VAL KA 66 56.79 -12.82 145.56
N GLY KA 67 55.97 -11.79 145.35
CA GLY KA 67 56.30 -10.75 144.41
C GLY KA 67 57.50 -9.92 144.83
N ARG KA 68 58.08 -9.25 143.85
CA ARG KA 68 59.25 -8.43 144.07
C ARG KA 68 58.83 -7.05 144.57
N CYS KA 69 59.73 -6.41 145.31
CA CYS KA 69 59.44 -5.09 145.84
C CYS KA 69 60.74 -4.31 145.99
N ALA KA 70 60.64 -2.98 145.83
CA ALA KA 70 61.81 -2.13 145.92
C ALA KA 70 62.42 -2.15 147.32
N GLN KA 71 61.66 -2.58 148.31
CA GLN KA 71 62.18 -2.63 149.67
C GLN KA 71 63.12 -3.79 149.90
N ALA KA 72 63.31 -4.65 148.92
CA ALA KA 72 64.16 -5.82 149.10
C ALA KA 72 65.56 -5.60 148.61
N LYS KA 73 65.98 -4.36 148.39
CA LYS KA 73 67.33 -4.08 147.93
C LYS KA 73 68.26 -3.63 149.04
N GLN KA 74 67.72 -3.18 150.18
CA GLN KA 74 68.57 -2.88 151.32
C GLN KA 74 69.37 -4.10 151.73
N TRP KA 75 68.70 -5.24 151.84
CA TRP KA 75 69.37 -6.52 151.81
C TRP KA 75 69.49 -6.96 150.36
N GLY KA 76 70.56 -7.68 150.04
CA GLY KA 76 70.66 -8.20 148.69
C GLY KA 76 69.56 -9.21 148.44
N TRP KA 77 68.54 -8.81 147.69
CA TRP KA 77 67.39 -9.67 147.42
C TRP KA 77 66.49 -8.95 146.43
N THR KA 78 65.42 -9.63 146.04
CA THR KA 78 64.41 -9.05 145.17
C THR KA 78 63.00 -9.20 145.73
N GLN KA 79 62.70 -10.32 146.38
CA GLN KA 79 61.36 -10.57 146.90
C GLN KA 79 61.24 -10.07 148.32
N GLY KA 80 60.06 -9.57 148.65
CA GLY KA 80 59.80 -9.07 149.98
C GLY KA 80 58.35 -8.75 150.23
N ARG KA 81 57.89 -8.93 151.45
CA ARG KA 81 56.52 -8.64 151.82
C ARG KA 81 56.50 -7.96 153.17
N TRP KA 82 55.31 -7.60 153.64
CA TRP KA 82 55.13 -6.89 154.90
C TRP KA 82 54.14 -7.65 155.74
N PRO KA 83 54.56 -8.72 156.39
CA PRO KA 83 53.62 -9.53 157.17
C PRO KA 83 53.15 -8.78 158.39
N LYS KA 84 51.92 -8.26 158.33
CA LYS KA 84 51.42 -7.47 159.44
C LYS KA 84 51.27 -8.31 160.70
N LYS KA 85 50.71 -9.51 160.57
CA LYS KA 85 50.46 -10.33 161.75
C LYS KA 85 51.75 -10.76 162.41
N SER KA 86 52.73 -11.21 161.62
CA SER KA 86 54.03 -11.53 162.19
C SER KA 86 54.66 -10.31 162.83
N ALA KA 87 54.47 -9.14 162.22
CA ALA KA 87 55.02 -7.92 162.80
C ALA KA 87 54.42 -7.65 164.17
N GLU KA 88 53.09 -7.70 164.28
CA GLU KA 88 52.46 -7.43 165.56
C GLU KA 88 52.83 -8.47 166.60
N PHE KA 89 52.89 -9.74 166.20
CA PHE KA 89 53.25 -10.79 167.14
C PHE KA 89 54.67 -10.59 167.66
N LEU KA 90 55.60 -10.27 166.77
CA LEU KA 90 56.97 -9.99 167.19
C LEU KA 90 57.01 -8.78 168.10
N LEU KA 91 56.24 -7.74 167.78
CA LEU KA 91 56.25 -6.54 168.61
C LEU KA 91 55.76 -6.83 170.01
N HIS KA 92 54.62 -7.51 170.13
CA HIS KA 92 54.10 -7.79 171.46
C HIS KA 92 55.03 -8.70 172.23
N MET KA 93 55.59 -9.69 171.56
CA MET KA 93 56.46 -10.62 172.23
C MET KA 93 57.78 -9.95 172.64
N LEU KA 94 58.23 -8.99 171.84
CA LEU KA 94 59.41 -8.19 172.19
C LEU KA 94 59.13 -7.25 173.36
N LYS KA 95 57.92 -6.68 173.42
CA LYS KA 95 57.57 -5.87 174.57
C LYS KA 95 57.56 -6.71 175.83
N ASN KA 96 57.03 -7.93 175.74
CA ASN KA 96 57.16 -8.85 176.86
C ASN KA 96 58.61 -9.10 177.21
N ALA KA 97 59.46 -9.26 176.19
CA ALA KA 97 60.88 -9.54 176.44
C ALA KA 97 61.56 -8.39 177.18
N GLU KA 98 61.32 -7.15 176.74
CA GLU KA 98 61.98 -6.03 177.40
C GLU KA 98 61.40 -5.79 178.80
N SER KA 99 60.10 -6.02 178.98
CA SER KA 99 59.55 -5.99 180.32
C SER KA 99 60.24 -7.02 181.21
N ASN KA 100 60.46 -8.21 180.67
CA ASN KA 100 61.15 -9.25 181.43
C ASN KA 100 62.56 -8.83 181.78
N ALA KA 101 63.28 -8.24 180.82
CA ALA KA 101 64.65 -7.83 181.07
C ALA KA 101 64.73 -6.75 182.13
N GLU KA 102 63.79 -5.80 182.09
CA GLU KA 102 63.72 -4.81 183.17
C GLU KA 102 63.40 -5.48 184.50
N LEU KA 103 62.49 -6.46 184.50
CA LEU KA 103 62.12 -7.15 185.73
C LEU KA 103 63.33 -7.80 186.38
N LYS KA 104 64.17 -8.45 185.58
CA LYS KA 104 65.37 -9.04 186.15
C LYS KA 104 66.39 -7.98 186.53
N GLY KA 105 66.15 -6.71 186.20
CA GLY KA 105 67.02 -5.64 186.63
C GLY KA 105 68.16 -5.39 185.67
N LEU KA 106 67.82 -5.16 184.40
CA LEU KA 106 68.82 -4.97 183.37
C LEU KA 106 68.36 -3.84 182.46
N ASP KA 107 69.30 -2.97 182.07
CA ASP KA 107 68.94 -1.87 181.18
C ASP KA 107 68.64 -2.38 179.78
N VAL KA 108 67.52 -1.92 179.23
CA VAL KA 108 67.09 -2.39 177.92
C VAL KA 108 67.83 -1.70 176.79
N ASP KA 109 68.52 -0.59 177.07
CA ASP KA 109 69.06 0.24 176.00
C ASP KA 109 70.22 -0.45 175.28
N SER KA 110 70.96 -1.31 175.97
CA SER KA 110 72.06 -2.05 175.36
C SER KA 110 71.71 -3.51 175.08
N LEU KA 111 70.47 -3.76 174.69
CA LEU KA 111 69.95 -5.12 174.56
C LEU KA 111 69.99 -5.54 173.10
N VAL KA 112 70.56 -6.71 172.82
CA VAL KA 112 70.78 -7.16 171.45
C VAL KA 112 70.18 -8.53 171.27
N ILE KA 113 69.40 -8.70 170.20
CA ILE KA 113 68.70 -9.95 169.94
C ILE KA 113 69.70 -11.00 169.49
N GLU KA 114 70.04 -11.92 170.39
CA GLU KA 114 71.18 -12.78 170.13
C GLU KA 114 70.76 -14.08 169.47
N HIS KA 115 69.58 -14.59 169.83
CA HIS KA 115 69.04 -15.76 169.16
C HIS KA 115 67.53 -15.78 169.27
N ILE KA 116 66.88 -16.03 168.13
CA ILE KA 116 65.45 -16.30 168.08
C ILE KA 116 65.26 -17.48 167.16
N GLN KA 117 64.14 -18.17 167.30
CA GLN KA 117 63.81 -19.28 166.44
C GLN KA 117 62.32 -19.55 166.48
N VAL KA 118 61.83 -20.24 165.48
CA VAL KA 118 60.40 -20.52 165.34
C VAL KA 118 60.24 -21.97 164.93
N ASN KA 119 59.34 -22.67 165.62
CA ASN KA 119 59.13 -24.10 165.39
C ASN KA 119 57.76 -24.32 164.78
N LYS KA 120 57.52 -25.55 164.35
CA LYS KA 120 56.18 -25.93 163.89
C LYS KA 120 55.32 -26.36 165.06
N ALA KA 121 54.31 -25.58 165.36
CA ALA KA 121 53.33 -25.97 166.36
C ALA KA 121 52.38 -27.01 165.78
N PRO KA 122 51.66 -27.74 166.63
CA PRO KA 122 50.64 -28.65 166.12
C PRO KA 122 49.59 -27.90 165.34
N LYS KA 123 49.06 -28.53 164.29
CA LYS KA 123 48.11 -27.92 163.38
C LYS KA 123 46.69 -28.24 163.83
N MET KA 124 45.80 -27.26 163.73
CA MET KA 124 44.38 -27.45 164.04
C MET KA 124 43.57 -27.51 162.75
N ARG KA 125 42.62 -28.42 162.71
CA ARG KA 125 41.91 -28.74 161.48
C ARG KA 125 40.81 -27.76 161.18
N ARG KA 126 40.66 -27.45 159.89
CA ARG KA 126 39.49 -26.77 159.38
C ARG KA 126 39.12 -27.45 158.07
N ARG KA 127 37.83 -27.39 157.75
CA ARG KA 127 37.26 -28.16 156.65
C ARG KA 127 36.81 -27.22 155.54
N THR KA 128 37.17 -27.56 154.31
CA THR KA 128 36.69 -26.81 153.15
C THR KA 128 36.04 -27.78 152.17
N TYR KA 129 35.37 -27.21 151.17
CA TYR KA 129 34.50 -27.98 150.29
C TYR KA 129 34.92 -27.80 148.85
N ARG KA 130 35.07 -28.93 148.16
CA ARG KA 130 35.59 -28.95 146.80
C ARG KA 130 34.51 -29.40 145.82
N ALA KA 131 34.91 -29.55 144.56
CA ALA KA 131 33.94 -29.57 143.47
C ALA KA 131 32.94 -30.71 143.61
N HIS KA 132 33.40 -31.94 143.47
CA HIS KA 132 32.48 -33.07 143.37
C HIS KA 132 32.14 -33.64 144.74
N GLY KA 133 31.66 -32.77 145.63
CA GLY KA 133 31.24 -33.20 146.94
C GLY KA 133 32.35 -33.71 147.82
N ARG KA 134 33.59 -33.37 147.52
CA ARG KA 134 34.72 -33.82 148.31
C ARG KA 134 34.98 -32.85 149.46
N ILE KA 135 35.72 -33.34 150.45
CA ILE KA 135 36.15 -32.53 151.58
C ILE KA 135 37.66 -32.41 151.52
N ASN KA 136 38.16 -31.20 151.68
CA ASN KA 136 39.59 -30.98 151.71
C ASN KA 136 39.97 -30.27 152.98
N PRO KA 137 41.14 -30.57 153.53
CA PRO KA 137 41.57 -29.90 154.76
C PRO KA 137 41.81 -28.42 154.52
N TYR KA 138 41.65 -27.66 155.59
CA TYR KA 138 41.98 -26.24 155.58
C TYR KA 138 42.94 -25.97 156.71
N MET KA 139 43.99 -26.79 156.78
CA MET KA 139 44.93 -26.77 157.89
C MET KA 139 45.45 -25.37 158.17
N SER KA 140 45.77 -25.13 159.44
CA SER KA 140 46.48 -23.93 159.82
C SER KA 140 47.97 -24.27 159.91
N SER KA 141 48.77 -23.27 160.27
CA SER KA 141 50.21 -23.49 160.50
C SER KA 141 50.70 -22.58 161.60
N PRO KA 142 50.21 -22.78 162.83
CA PRO KA 142 50.74 -22.03 163.96
C PRO KA 142 52.18 -22.45 164.26
N CYS KA 143 52.80 -21.70 165.17
CA CYS KA 143 54.23 -21.88 165.39
C CYS KA 143 54.62 -21.49 166.80
N HIS KA 144 55.37 -22.37 167.47
CA HIS KA 144 56.04 -21.98 168.70
C HIS KA 144 57.18 -21.03 168.38
N ILE KA 145 57.31 -19.99 169.19
CA ILE KA 145 58.34 -18.98 168.95
C ILE KA 145 59.04 -18.69 170.27
N GLU KA 146 60.34 -18.47 170.19
CA GLU KA 146 61.14 -18.20 171.38
C GLU KA 146 62.31 -17.33 170.98
N MET KA 147 62.89 -16.63 171.97
CA MET KA 147 64.09 -15.89 171.66
C MET KA 147 64.88 -15.61 172.92
N ILE KA 148 66.15 -15.30 172.71
CA ILE KA 148 67.07 -14.92 173.78
C ILE KA 148 67.60 -13.53 173.49
N LEU KA 149 67.50 -12.66 174.48
CA LEU KA 149 67.95 -11.29 174.39
C LEU KA 149 69.15 -11.09 175.30
N THR KA 150 70.17 -10.41 174.79
CA THR KA 150 71.39 -10.23 175.56
C THR KA 150 71.89 -8.81 175.59
N GLU KA 151 72.64 -8.55 176.64
CA GLU KA 151 73.28 -7.26 176.85
C GLU KA 151 74.64 -7.25 176.18
N LYS KA 152 74.91 -6.21 175.41
CA LYS KA 152 76.21 -6.00 174.81
C LYS KA 152 76.24 -4.59 174.24
N GLU KA 153 77.34 -3.90 174.48
CA GLU KA 153 77.55 -2.58 173.89
C GLU KA 153 79.04 -2.26 173.81
N GLY LA 1 91.42 -70.50 133.06
CA GLY LA 1 90.36 -71.32 133.59
C GLY LA 1 90.55 -72.81 133.32
N VAL LA 2 89.78 -73.65 134.01
CA VAL LA 2 89.89 -75.09 133.90
C VAL LA 2 88.49 -75.64 133.64
N ASP LA 3 88.39 -76.62 132.75
CA ASP LA 3 87.12 -77.26 132.43
C ASP LA 3 86.88 -78.56 133.20
N ILE LA 4 86.65 -78.44 134.51
CA ILE LA 4 86.35 -79.63 135.29
C ILE LA 4 84.88 -79.58 135.67
N ARG LA 5 84.15 -80.65 135.36
CA ARG LA 5 82.78 -80.74 135.81
C ARG LA 5 82.75 -80.97 137.32
N HIS LA 6 82.56 -79.90 138.06
CA HIS LA 6 82.62 -79.96 139.51
C HIS LA 6 81.41 -80.53 140.13
N ASN LA 7 80.45 -81.13 139.43
CA ASN LA 7 79.29 -81.66 140.13
C ASN LA 7 79.60 -82.96 140.86
N LYS LA 8 80.61 -83.70 140.44
CA LYS LA 8 80.94 -84.99 141.03
C LYS LA 8 82.18 -84.96 141.89
N ASP LA 9 82.70 -83.78 142.23
CA ASP LA 9 83.93 -83.70 143.02
C ASP LA 9 83.70 -84.19 144.45
N ARG LA 10 82.51 -83.95 144.99
CA ARG LA 10 82.18 -84.30 146.37
C ARG LA 10 81.47 -85.63 146.39
N LYS LA 11 82.16 -86.68 146.78
CA LYS LA 11 81.56 -88.00 146.91
C LYS LA 11 80.73 -88.04 148.19
N VAL LA 12 79.49 -88.51 148.06
CA VAL LA 12 78.58 -88.59 149.19
C VAL LA 12 78.72 -89.95 149.84
N ARG LA 13 79.25 -89.96 151.06
CA ARG LA 13 79.33 -91.19 151.84
C ARG LA 13 79.37 -90.80 153.31
N ARG LA 14 78.98 -91.74 154.16
CA ARG LA 14 78.87 -91.48 155.58
C ARG LA 14 80.26 -91.32 156.19
N LYS LA 15 80.48 -90.17 156.85
CA LYS LA 15 81.71 -89.95 157.59
C LYS LA 15 81.64 -90.44 159.03
N GLU LA 16 80.44 -90.70 159.53
CA GLU LA 16 80.19 -91.01 160.92
C GLU LA 16 78.71 -91.36 161.06
N PRO LA 17 78.31 -92.03 162.12
CA PRO LA 17 76.88 -92.31 162.32
C PRO LA 17 76.11 -91.00 162.39
N LYS LA 18 74.95 -90.97 161.73
CA LYS LA 18 74.10 -89.79 161.79
C LYS LA 18 73.38 -89.67 163.12
N SER LA 19 73.48 -90.67 163.98
CA SER LA 19 72.77 -90.70 165.25
C SER LA 19 73.51 -89.87 166.29
N GLN LA 20 72.97 -89.86 167.51
CA GLN LA 20 73.68 -89.33 168.66
C GLN LA 20 73.84 -90.41 169.73
N ASP LA 21 73.71 -91.67 169.35
CA ASP LA 21 73.84 -92.78 170.28
C ASP LA 21 75.23 -92.81 170.88
N ILE LA 22 75.31 -92.71 172.21
CA ILE LA 22 76.58 -92.43 172.85
C ILE LA 22 77.52 -93.63 172.74
N TYR LA 23 77.01 -94.84 173.02
CA TYR LA 23 77.87 -96.01 172.93
C TYR LA 23 78.31 -96.25 171.49
N LEU LA 24 77.42 -95.95 170.54
CA LEU LA 24 77.78 -96.05 169.13
C LEU LA 24 78.95 -95.12 168.81
N ARG LA 25 78.90 -93.87 169.27
CA ARG LA 25 80.01 -92.97 169.04
C ARG LA 25 81.29 -93.50 169.65
N LEU LA 26 81.19 -94.11 170.83
CA LEU LA 26 82.39 -94.64 171.47
C LEU LA 26 83.03 -95.73 170.62
N LEU LA 27 82.26 -96.73 170.23
CA LEU LA 27 82.92 -97.77 169.44
C LEU LA 27 83.27 -97.29 168.04
N VAL LA 28 82.65 -96.21 167.57
CA VAL LA 28 83.11 -95.60 166.33
C VAL LA 28 84.52 -95.05 166.50
N LYS LA 29 84.76 -94.34 167.60
CA LYS LA 29 86.14 -93.96 167.90
C LYS LA 29 87.05 -95.16 167.94
N LEU LA 30 86.63 -96.19 168.67
CA LEU LA 30 87.49 -97.36 168.84
C LEU LA 30 87.88 -97.96 167.51
N TYR LA 31 86.90 -98.22 166.65
CA TYR LA 31 87.19 -98.89 165.40
C TYR LA 31 87.79 -97.96 164.36
N ARG LA 32 87.49 -96.66 164.44
CA ARG LA 32 88.21 -95.69 163.62
C ARG LA 32 89.70 -95.80 163.89
N PHE LA 33 90.08 -95.75 165.16
CA PHE LA 33 91.49 -95.88 165.51
C PHE LA 33 92.03 -97.23 165.07
N LEU LA 34 91.26 -98.29 165.31
CA LEU LA 34 91.72 -99.64 164.95
C LEU LA 34 92.04 -99.73 163.47
N ALA LA 35 91.10 -99.31 162.61
CA ALA LA 35 91.32 -99.42 161.18
C ALA LA 35 92.41 -98.45 160.72
N ARG LA 36 92.60 -97.36 161.44
CA ARG LA 36 93.70 -96.46 161.09
C ARG LA 36 95.05 -97.11 161.35
N ARG LA 37 95.18 -97.78 162.50
CA ARG LA 37 96.47 -98.26 162.96
C ARG LA 37 96.68 -99.75 162.72
N THR LA 38 95.84 -100.37 161.89
CA THR LA 38 96.03 -101.77 161.53
C THR LA 38 95.80 -101.94 160.03
N ASN LA 39 96.47 -102.93 159.46
CA ASN LA 39 96.41 -103.19 158.03
C ASN LA 39 95.31 -104.16 157.64
N SER LA 40 94.34 -104.39 158.51
CA SER LA 40 93.27 -105.33 158.21
C SER LA 40 92.07 -104.61 157.60
N THR LA 41 91.76 -104.92 156.35
CA THR LA 41 90.60 -104.33 155.71
C THR LA 41 89.31 -104.76 156.38
N PHE LA 42 89.31 -105.87 157.10
CA PHE LA 42 88.15 -106.25 157.91
C PHE LA 42 87.77 -105.11 158.83
N ASN LA 43 88.75 -104.49 159.48
CA ASN LA 43 88.46 -103.40 160.38
C ASN LA 43 87.83 -102.23 159.63
N GLN LA 44 88.34 -101.94 158.44
CA GLN LA 44 87.77 -100.86 157.64
C GLN LA 44 86.33 -101.14 157.28
N VAL LA 45 86.04 -102.38 156.89
CA VAL LA 45 84.68 -102.73 156.47
C VAL LA 45 83.72 -102.65 157.65
N VAL LA 46 84.13 -103.13 158.81
CA VAL LA 46 83.28 -102.98 159.99
C VAL LA 46 83.10 -101.50 160.34
N LEU LA 47 84.18 -100.73 160.28
CA LEU LA 47 84.09 -99.30 160.56
C LEU LA 47 83.04 -98.65 159.68
N LYS LA 48 83.17 -98.81 158.36
CA LYS LA 48 82.19 -98.21 157.48
C LYS LA 48 80.82 -98.85 157.68
N ARG LA 49 80.78 -100.06 158.23
CA ARG LA 49 79.51 -100.72 158.52
C ARG LA 49 78.88 -100.22 159.80
N LEU LA 50 79.60 -99.41 160.59
CA LEU LA 50 78.98 -98.79 161.74
C LEU LA 50 78.26 -97.50 161.40
N PHE LA 51 78.33 -97.05 160.15
CA PHE LA 51 77.84 -95.72 159.85
C PHE LA 51 76.42 -95.73 159.29
N MET LA 52 76.12 -96.64 158.37
CA MET LA 52 74.91 -96.49 157.57
C MET LA 52 73.67 -96.61 158.44
N SER LA 53 72.53 -96.29 157.85
CA SER LA 53 71.26 -96.28 158.53
C SER LA 53 70.88 -97.67 158.99
N ARG LA 54 69.77 -97.74 159.74
CA ARG LA 54 69.25 -99.04 160.11
C ARG LA 54 68.73 -99.78 158.89
N THR LA 55 68.24 -99.04 157.89
CA THR LA 55 67.77 -99.67 156.66
C THR LA 55 68.91 -100.35 155.91
N ASN LA 56 70.13 -99.82 156.01
CA ASN LA 56 71.27 -100.45 155.38
C ASN LA 56 71.98 -101.42 156.30
N ARG LA 57 71.46 -101.65 157.50
CA ARG LA 57 71.98 -102.65 158.43
C ARG LA 57 70.83 -103.57 158.78
N PRO LA 58 70.38 -104.41 157.84
CA PRO LA 58 69.21 -105.23 158.07
C PRO LA 58 69.49 -106.25 159.14
N PRO LA 59 68.48 -106.60 159.95
CA PRO LA 59 68.70 -107.57 161.01
C PRO LA 59 68.87 -108.97 160.46
N LEU LA 60 69.81 -109.71 161.05
CA LEU LA 60 70.13 -111.05 160.62
C LEU LA 60 69.29 -112.05 161.39
N SER LA 61 68.55 -112.88 160.66
CA SER LA 61 67.80 -113.96 161.29
C SER LA 61 68.76 -115.03 161.80
N LEU LA 62 68.33 -115.74 162.84
CA LEU LA 62 69.15 -116.81 163.38
C LEU LA 62 69.39 -117.89 162.34
N SER LA 63 68.35 -118.26 161.60
CA SER LA 63 68.47 -119.35 160.64
C SER LA 63 69.45 -118.99 159.53
N ARG LA 64 69.46 -117.73 159.10
CA ARG LA 64 70.38 -117.34 158.03
C ARG LA 64 71.83 -117.49 158.48
N MET LA 65 72.13 -117.09 159.71
CA MET LA 65 73.48 -117.30 160.20
C MET LA 65 73.79 -118.76 160.39
N ILE LA 66 72.82 -119.55 160.86
CA ILE LA 66 73.05 -120.99 160.94
C ILE LA 66 73.40 -121.54 159.57
N ARG LA 67 72.62 -121.17 158.56
CA ARG LA 67 72.91 -121.52 157.17
C ARG LA 67 74.36 -121.21 156.83
N LYS LA 68 74.73 -119.94 156.94
CA LYS LA 68 76.06 -119.51 156.50
C LYS LA 68 77.17 -120.02 157.38
N MET LA 69 76.86 -120.61 158.54
CA MET LA 69 77.88 -121.22 159.37
C MET LA 69 78.19 -122.66 158.99
N LYS LA 70 77.18 -123.43 158.59
CA LYS LA 70 77.37 -124.85 158.33
C LYS LA 70 78.28 -125.11 157.14
N LEU LA 71 78.55 -124.09 156.32
CA LEU LA 71 79.34 -124.29 155.12
C LEU LA 71 80.73 -124.79 155.50
N PRO LA 72 81.35 -125.60 154.64
CA PRO LA 72 82.63 -126.21 155.00
C PRO LA 72 83.69 -125.16 155.30
N GLY LA 73 84.46 -125.41 156.34
CA GLY LA 73 85.54 -124.52 156.74
C GLY LA 73 85.16 -123.43 157.71
N ARG LA 74 83.87 -123.11 157.84
CA ARG LA 74 83.42 -122.06 158.75
C ARG LA 74 83.41 -122.53 160.20
N GLU LA 75 83.87 -123.75 160.46
CA GLU LA 75 83.90 -124.27 161.82
C GLU LA 75 84.84 -123.43 162.68
N ASN LA 76 84.52 -123.37 163.97
CA ASN LA 76 85.27 -122.61 164.98
C ASN LA 76 85.63 -121.21 164.53
N LYS LA 77 84.77 -120.58 163.74
CA LYS LA 77 84.98 -119.21 163.29
C LYS LA 77 83.96 -118.32 163.99
N THR LA 78 84.42 -117.16 164.47
CA THR LA 78 83.55 -116.25 165.18
C THR LA 78 82.67 -115.49 164.20
N ALA LA 79 81.36 -115.53 164.42
CA ALA LA 79 80.40 -114.92 163.50
C ALA LA 79 80.19 -113.45 163.86
N VAL LA 80 80.31 -112.58 162.85
CA VAL LA 80 80.25 -111.15 163.05
C VAL LA 80 79.12 -110.59 162.20
N VAL LA 81 78.25 -109.78 162.80
CA VAL LA 81 77.25 -109.01 162.07
C VAL LA 81 77.26 -107.58 162.59
N VAL LA 82 76.79 -106.68 161.75
CA VAL LA 82 76.58 -105.29 162.17
C VAL LA 82 75.08 -105.01 162.13
N GLY LA 83 74.42 -105.24 163.25
CA GLY LA 83 72.98 -105.08 163.30
C GLY LA 83 72.39 -106.00 164.36
N THR LA 84 71.12 -106.33 164.16
CA THR LA 84 70.37 -107.11 165.14
C THR LA 84 70.29 -108.56 164.71
N ILE LA 85 70.65 -109.46 165.62
CA ILE LA 85 70.41 -110.89 165.47
C ILE LA 85 69.02 -111.17 165.97
N THR LA 86 68.20 -111.83 165.15
CA THR LA 86 66.81 -112.08 165.48
C THR LA 86 66.53 -113.58 165.45
N ASP LA 87 65.67 -114.02 166.35
CA ASP LA 87 65.30 -115.42 166.39
C ASP LA 87 64.48 -115.79 165.17
N ASP LA 88 64.64 -117.03 164.72
CA ASP LA 88 63.82 -117.61 163.67
C ASP LA 88 63.10 -118.80 164.29
N VAL LA 89 61.79 -118.67 164.50
CA VAL LA 89 61.01 -119.78 165.01
C VAL LA 89 60.97 -120.96 164.05
N ARG LA 90 61.43 -120.76 162.82
CA ARG LA 90 61.38 -121.80 161.81
C ARG LA 90 62.52 -122.80 161.94
N VAL LA 91 63.44 -122.62 162.89
CA VAL LA 91 64.53 -123.55 163.14
C VAL LA 91 64.47 -123.97 164.60
N GLN LA 92 64.61 -125.28 164.84
CA GLN LA 92 64.51 -125.81 166.19
C GLN LA 92 65.88 -126.06 166.79
N GLU LA 93 66.70 -126.86 166.12
CA GLU LA 93 68.02 -127.21 166.62
C GLU LA 93 69.00 -126.08 166.31
N VAL LA 94 69.46 -125.41 167.36
CA VAL LA 94 70.42 -124.31 167.22
C VAL LA 94 71.78 -124.82 167.71
N PRO LA 95 72.78 -124.88 166.85
CA PRO LA 95 74.05 -125.50 167.24
C PRO LA 95 74.90 -124.56 168.07
N LYS LA 96 76.01 -125.12 168.56
CA LYS LA 96 76.98 -124.35 169.31
C LYS LA 96 77.53 -123.23 168.44
N LEU LA 97 77.46 -121.99 168.93
CA LEU LA 97 77.87 -120.85 168.13
C LEU LA 97 78.65 -119.85 168.96
N LYS LA 98 79.63 -119.23 168.33
CA LYS LA 98 80.29 -118.03 168.85
C LYS LA 98 80.00 -116.91 167.88
N VAL LA 99 79.22 -115.93 168.32
CA VAL LA 99 78.78 -114.85 167.45
C VAL LA 99 78.87 -113.53 168.19
N CYS LA 100 79.02 -112.45 167.43
CA CYS LA 100 79.14 -111.10 167.99
C CYS LA 100 78.22 -110.16 167.22
N ALA LA 101 77.57 -109.26 167.95
CA ALA LA 101 76.59 -108.36 167.35
C ALA LA 101 76.42 -107.15 168.24
N LEU LA 102 75.86 -106.08 167.65
CA LEU LA 102 75.48 -104.92 168.45
C LEU LA 102 74.27 -105.21 169.31
N ARG LA 103 73.23 -105.80 168.71
CA ARG LA 103 71.99 -106.04 169.42
C ARG LA 103 71.51 -107.45 169.12
N VAL LA 104 71.13 -108.17 170.17
CA VAL LA 104 70.55 -109.50 170.05
C VAL LA 104 69.24 -109.52 170.82
N THR LA 105 68.19 -109.99 170.15
CA THR LA 105 66.90 -110.03 170.80
C THR LA 105 66.92 -110.98 171.99
N SER LA 106 65.95 -110.79 172.89
CA SER LA 106 65.95 -111.55 174.14
C SER LA 106 65.80 -113.05 173.86
N ARG LA 107 64.90 -113.41 172.95
CA ARG LA 107 64.62 -114.83 172.74
C ARG LA 107 65.76 -115.53 172.02
N ALA LA 108 66.31 -114.90 170.98
CA ALA LA 108 67.43 -115.52 170.28
C ALA LA 108 68.64 -115.62 171.19
N ARG LA 109 68.91 -114.60 171.99
CA ARG LA 109 69.99 -114.70 172.95
C ARG LA 109 69.72 -115.81 173.95
N SER LA 110 68.47 -115.95 174.39
CA SER LA 110 68.13 -117.01 175.32
C SER LA 110 68.45 -118.37 174.72
N ARG LA 111 68.03 -118.60 173.48
CA ARG LA 111 68.30 -119.89 172.84
C ARG LA 111 69.79 -120.12 172.64
N ILE LA 112 70.51 -119.08 172.20
CA ILE LA 112 71.92 -119.25 171.88
C ILE LA 112 72.74 -119.46 173.14
N LEU LA 113 72.32 -118.87 174.26
CA LEU LA 113 72.99 -119.12 175.52
C LEU LA 113 72.59 -120.48 176.09
N ARG LA 114 71.36 -120.93 175.82
CA ARG LA 114 70.96 -122.27 176.20
C ARG LA 114 71.83 -123.31 175.52
N ALA LA 115 72.07 -123.14 174.23
CA ALA LA 115 72.97 -124.04 173.51
C ALA LA 115 74.41 -123.91 173.96
N GLY LA 116 74.70 -123.07 174.95
CA GLY LA 116 76.04 -122.86 175.40
C GLY LA 116 76.85 -121.89 174.58
N GLY LA 117 76.21 -121.18 173.66
CA GLY LA 117 76.94 -120.29 172.75
C GLY LA 117 77.57 -119.12 173.46
N LYS LA 118 78.34 -118.36 172.70
CA LYS LA 118 79.06 -117.19 173.20
C LYS LA 118 78.59 -115.95 172.48
N ILE LA 119 78.29 -114.91 173.25
CA ILE LA 119 77.84 -113.63 172.71
C ILE LA 119 78.90 -112.59 173.01
N LEU LA 120 79.25 -111.79 172.00
CA LEU LA 120 80.21 -110.71 172.16
C LEU LA 120 79.63 -109.42 171.60
N THR LA 121 79.92 -108.31 172.26
CA THR LA 121 79.80 -107.03 171.59
C THR LA 121 81.10 -106.77 170.83
N PHE LA 122 81.14 -105.63 170.14
CA PHE LA 122 82.30 -105.37 169.31
C PHE LA 122 83.55 -105.02 170.12
N ASP LA 123 83.40 -104.55 171.36
CA ASP LA 123 84.57 -104.19 172.13
C ASP LA 123 85.39 -105.42 172.50
N GLN LA 124 84.76 -106.42 173.11
CA GLN LA 124 85.50 -107.63 173.43
C GLN LA 124 85.91 -108.36 172.16
N LEU LA 125 85.19 -108.15 171.06
CA LEU LA 125 85.62 -108.68 169.77
C LEU LA 125 86.97 -108.09 169.37
N ALA LA 126 87.10 -106.77 169.45
CA ALA LA 126 88.39 -106.16 169.19
C ALA LA 126 89.43 -106.63 170.19
N LEU LA 127 89.00 -106.89 171.42
CA LEU LA 127 89.92 -107.38 172.44
C LEU LA 127 90.51 -108.72 172.07
N ASP LA 128 89.67 -109.65 171.59
CA ASP LA 128 90.17 -110.96 171.20
C ASP LA 128 90.86 -110.91 169.84
N SER LA 129 90.20 -110.30 168.86
CA SER LA 129 90.63 -110.35 167.47
C SER LA 129 90.67 -108.94 166.89
N PRO LA 130 91.67 -108.14 167.27
CA PRO LA 130 91.79 -106.80 166.69
C PRO LA 130 91.91 -106.82 165.17
N LYS LA 131 92.65 -107.78 164.62
CA LYS LA 131 92.73 -107.97 163.19
C LYS LA 131 91.56 -108.76 162.65
N GLY LA 132 90.71 -109.29 163.53
CA GLY LA 132 89.64 -110.16 163.11
C GLY LA 132 90.12 -111.46 162.52
N CYS LA 133 91.12 -112.07 163.13
CA CYS LA 133 91.60 -113.35 162.65
C CYS LA 133 90.56 -114.44 162.93
N GLY LA 134 90.38 -115.34 161.98
CA GLY LA 134 89.49 -116.47 162.19
C GLY LA 134 88.05 -116.12 162.46
N THR LA 135 87.51 -115.13 161.75
CA THR LA 135 86.12 -114.75 161.92
C THR LA 135 85.47 -114.53 160.56
N VAL LA 136 84.14 -114.61 160.54
CA VAL LA 136 83.36 -114.43 159.33
C VAL LA 136 82.46 -113.23 159.51
N LEU LA 137 82.33 -112.45 158.44
CA LEU LA 137 81.54 -111.23 158.48
C LEU LA 137 80.25 -111.46 157.68
N LEU LA 138 79.12 -111.14 158.28
CA LEU LA 138 77.83 -111.43 157.70
C LEU LA 138 77.02 -110.15 157.56
N SER LA 139 75.82 -110.31 157.02
CA SER LA 139 74.86 -109.22 156.94
C SER LA 139 73.49 -109.82 156.66
N GLY LA 140 72.45 -109.09 157.06
CA GLY LA 140 71.11 -109.50 156.74
C GLY LA 140 70.81 -109.24 155.29
N PRO LA 141 69.68 -109.70 154.81
CA PRO LA 141 69.30 -109.44 153.42
C PRO LA 141 68.97 -107.98 153.20
N ARG LA 142 69.87 -107.26 152.53
CA ARG LA 142 69.69 -105.82 152.35
C ARG LA 142 68.44 -105.51 151.55
N LYS LA 143 68.16 -106.27 150.50
CA LYS LA 143 66.97 -106.05 149.70
C LYS LA 143 65.71 -106.60 150.35
N GLY LA 144 65.78 -107.08 151.59
CA GLY LA 144 64.60 -107.61 152.21
C GLY LA 144 63.81 -106.50 152.87
N ARG LA 145 62.79 -106.00 152.16
CA ARG LA 145 61.96 -104.91 152.63
C ARG LA 145 60.81 -104.72 151.65
N GLU LA 146 59.69 -104.22 152.15
CA GLU LA 146 58.53 -104.03 151.29
C GLU LA 146 58.76 -102.93 150.25
N VAL LA 147 59.78 -102.11 150.43
CA VAL LA 147 60.04 -101.07 149.44
C VAL LA 147 60.44 -101.70 148.12
N TYR LA 148 61.33 -102.69 148.14
CA TYR LA 148 61.94 -103.17 146.91
C TYR LA 148 60.93 -103.88 146.01
N ARG LA 149 59.75 -104.20 146.55
CA ARG LA 149 58.68 -104.66 145.67
C ARG LA 149 58.14 -103.51 144.83
N HIS LA 150 58.16 -102.29 145.38
CA HIS LA 150 57.64 -101.16 144.63
C HIS LA 150 58.67 -100.61 143.66
N PHE LA 151 59.95 -100.83 143.91
CA PHE LA 151 60.99 -100.24 143.09
C PHE LA 151 61.13 -100.99 141.78
N GLY LA 152 61.71 -100.30 140.78
CA GLY LA 152 62.06 -100.90 139.51
C GLY LA 152 61.37 -100.19 138.36
N LYS LA 153 61.07 -100.95 137.30
CA LYS LA 153 60.32 -100.42 136.18
C LYS LA 153 58.89 -100.12 136.60
N ALA LA 154 58.23 -99.27 135.82
CA ALA LA 154 56.88 -98.87 136.14
C ALA LA 154 55.94 -100.07 136.09
N PRO LA 155 54.99 -100.19 137.03
CA PRO LA 155 54.08 -101.34 137.01
C PRO LA 155 53.22 -101.41 135.77
N GLY LA 156 53.00 -100.29 135.10
CA GLY LA 156 52.16 -100.30 133.91
C GLY LA 156 52.94 -100.59 132.65
N THR LA 157 54.20 -101.01 132.80
CA THR LA 157 55.08 -101.19 131.66
C THR LA 157 55.42 -102.66 131.48
N PRO LA 158 55.14 -103.23 130.32
CA PRO LA 158 55.59 -104.60 130.04
C PRO LA 158 57.10 -104.68 129.97
N HIS LA 159 57.67 -105.65 130.67
CA HIS LA 159 56.93 -106.56 131.51
C HIS LA 159 57.49 -106.50 132.91
N SER LA 160 57.03 -105.54 133.68
CA SER LA 160 57.53 -105.34 135.03
C SER LA 160 56.77 -106.22 136.00
N HIS LA 161 57.42 -106.52 137.11
CA HIS LA 161 56.83 -107.30 138.19
C HIS LA 161 57.01 -106.59 139.51
N THR LA 162 56.69 -105.30 139.53
CA THR LA 162 56.81 -104.48 140.72
C THR LA 162 55.44 -104.29 141.37
N LYS LA 163 55.46 -104.01 142.67
CA LYS LA 163 54.23 -103.94 143.44
C LYS LA 163 53.63 -102.55 143.35
N PRO LA 164 52.43 -102.39 142.78
CA PRO LA 164 51.80 -101.08 142.76
C PRO LA 164 51.35 -100.69 144.15
N TYR LA 165 51.14 -99.39 144.33
CA TYR LA 165 50.69 -98.85 145.61
C TYR LA 165 49.17 -98.87 145.64
N VAL LA 166 48.61 -99.88 146.31
CA VAL LA 166 47.16 -100.05 146.40
C VAL LA 166 46.80 -100.21 147.87
N ARG LA 167 45.77 -99.48 148.31
CA ARG LA 167 45.45 -99.44 149.73
C ARG LA 167 44.73 -100.69 150.18
N SER LA 168 43.99 -101.34 149.29
CA SER LA 168 43.19 -102.49 149.64
C SER LA 168 43.28 -103.48 148.50
N LYS LA 169 43.95 -104.60 148.72
CA LYS LA 169 43.99 -105.66 147.74
C LYS LA 169 42.58 -106.22 147.59
N GLY LA 170 41.95 -105.98 146.45
CA GLY LA 170 40.59 -106.42 146.25
C GLY LA 170 40.22 -106.39 144.78
N ARG LA 171 39.13 -107.09 144.47
CA ARG LA 171 38.74 -107.22 143.07
C ARG LA 171 38.39 -105.87 142.45
N LYS LA 172 37.83 -104.94 143.22
CA LYS LA 172 37.54 -103.62 142.68
C LYS LA 172 38.78 -102.76 142.51
N PHE LA 173 39.90 -103.16 143.11
CA PHE LA 173 41.10 -102.33 143.14
C PHE LA 173 42.15 -102.91 142.20
N GLU LA 174 42.37 -102.23 141.09
CA GLU LA 174 43.55 -102.42 140.26
C GLU LA 174 43.62 -103.81 139.62
N ARG LA 175 42.52 -104.22 138.97
CA ARG LA 175 42.52 -105.41 138.14
C ARG LA 175 41.80 -105.17 136.82
N ALA LA 176 41.38 -103.95 136.57
CA ALA LA 176 40.57 -103.59 135.42
C ALA LA 176 41.47 -103.18 134.26
N ARG LA 177 40.91 -102.46 133.29
CA ARG LA 177 41.62 -102.01 132.09
C ARG LA 177 43.07 -101.61 132.39
N GLY LA 178 43.99 -102.26 131.70
CA GLY LA 178 45.39 -102.23 132.03
C GLY LA 178 45.90 -103.49 132.69
N ARG LA 179 45.01 -104.42 133.04
CA ARG LA 179 45.43 -105.67 133.66
C ARG LA 179 44.89 -106.91 132.96
N ARG LA 180 44.04 -106.77 131.96
CA ARG LA 180 43.52 -107.93 131.24
C ARG LA 180 43.04 -107.49 129.87
N ALA LA 181 43.38 -108.29 128.87
CA ALA LA 181 43.05 -107.95 127.49
C ALA LA 181 41.55 -107.88 127.26
N SER LA 182 40.75 -108.45 128.16
CA SER LA 182 39.31 -108.28 128.06
C SER LA 182 38.92 -106.83 128.28
N ARG LA 183 39.69 -106.12 129.11
CA ARG LA 183 39.41 -104.73 129.44
C ARG LA 183 40.53 -103.87 128.86
N GLY LA 184 40.27 -103.27 127.71
CA GLY LA 184 41.23 -102.35 127.12
C GLY LA 184 42.45 -103.05 126.56
N TYR LA 185 43.27 -103.61 127.43
CA TYR LA 185 44.48 -104.30 127.02
C TYR LA 185 45.08 -105.00 128.22
N LYS LA 186 46.06 -105.85 127.94
CA LYS LA 186 46.77 -106.62 128.96
C LYS LA 186 48.12 -106.04 129.31
N ASN LA 187 48.87 -105.56 128.32
CA ASN LA 187 50.27 -105.17 128.46
C ASN LA 187 51.11 -106.25 129.13
N SER MA 1 26.66 1.56 171.21
CA SER MA 1 27.07 0.28 171.80
C SER MA 1 26.22 -0.86 171.25
N MET MA 2 25.16 -1.21 171.96
CA MET MA 2 24.25 -2.27 171.53
C MET MA 2 22.82 -1.75 171.69
N LEU MA 3 22.20 -1.39 170.56
CA LEU MA 3 20.89 -0.77 170.60
C LEU MA 3 19.86 -1.51 169.73
N ARG MA 4 20.22 -2.68 169.22
CA ARG MA 4 19.30 -3.40 168.35
C ARG MA 4 17.99 -3.67 169.06
N LEU MA 5 18.07 -4.11 170.31
CA LEU MA 5 16.86 -4.38 171.08
C LEU MA 5 16.02 -3.12 171.20
N GLN MA 6 16.65 -1.98 171.47
CA GLN MA 6 15.90 -0.74 171.60
C GLN MA 6 15.24 -0.37 170.28
N LYS MA 7 15.95 -0.54 169.17
CA LYS MA 7 15.36 -0.23 167.87
C LYS MA 7 14.14 -1.10 167.62
N ARG MA 8 14.25 -2.40 167.89
CA ARG MA 8 13.13 -3.30 167.65
C ARG MA 8 11.96 -2.95 168.55
N LEU MA 9 12.24 -2.65 169.81
CA LEU MA 9 11.17 -2.30 170.74
C LEU MA 9 10.46 -1.03 170.32
N ALA MA 10 11.22 0.00 169.92
CA ALA MA 10 10.61 1.23 169.46
C ALA MA 10 9.78 1.00 168.21
N SER MA 11 10.29 0.18 167.29
CA SER MA 11 9.52 -0.15 166.10
C SER MA 11 8.21 -0.83 166.45
N SER MA 12 8.25 -1.75 167.42
CA SER MA 12 7.03 -2.44 167.83
C SER MA 12 6.03 -1.47 168.44
N VAL MA 13 6.49 -0.64 169.39
CA VAL MA 13 5.54 0.21 170.12
C VAL MA 13 5.07 1.36 169.25
N LEU MA 14 5.78 1.66 168.17
CA LEU MA 14 5.33 2.67 167.24
C LEU MA 14 4.56 2.11 166.07
N ARG MA 15 4.41 0.78 166.00
CA ARG MA 15 3.75 0.13 164.86
C ARG MA 15 4.35 0.60 163.55
N CYS MA 16 5.66 0.79 163.53
CA CYS MA 16 6.36 1.34 162.38
C CYS MA 16 7.62 0.51 162.11
N GLY MA 17 8.05 0.54 160.85
CA GLY MA 17 9.24 -0.19 160.48
C GLY MA 17 10.50 0.44 161.05
N LYS MA 18 11.53 -0.39 161.17
CA LYS MA 18 12.79 0.05 161.75
C LYS MA 18 13.49 1.11 160.90
N LYS MA 19 13.06 1.32 159.65
CA LYS MA 19 13.57 2.48 158.92
C LYS MA 19 13.14 3.77 159.60
N LYS MA 20 11.89 3.83 160.06
CA LYS MA 20 11.30 5.10 160.46
C LYS MA 20 11.56 5.45 161.92
N VAL MA 21 12.22 4.58 162.67
CA VAL MA 21 12.56 4.87 164.06
C VAL MA 21 13.88 5.62 164.10
N TRP MA 22 13.90 6.73 164.82
CA TRP MA 22 15.08 7.56 164.94
C TRP MA 22 15.47 7.65 166.41
N LEU MA 23 16.76 7.45 166.68
CA LEU MA 23 17.27 7.51 168.03
C LEU MA 23 18.17 8.73 168.16
N ASP MA 24 18.33 9.21 169.38
CA ASP MA 24 19.23 10.33 169.61
C ASP MA 24 20.66 9.82 169.66
N PRO MA 25 21.55 10.27 168.78
CA PRO MA 25 22.93 9.80 168.84
C PRO MA 25 23.75 10.47 169.92
N ASN MA 26 23.40 11.70 170.30
CA ASN MA 26 24.21 12.43 171.27
C ASN MA 26 24.05 11.85 172.66
N GLU MA 27 22.86 11.36 172.99
CA GLU MA 27 22.59 10.69 174.25
C GLU MA 27 22.19 9.25 173.90
N THR MA 28 23.08 8.31 174.20
CA THR MA 28 22.83 6.92 173.88
C THR MA 28 22.89 5.99 175.08
N ASN MA 29 23.54 6.39 176.18
CA ASN MA 29 23.51 5.55 177.36
C ASN MA 29 22.10 5.44 177.92
N GLU MA 30 21.34 6.54 177.88
CA GLU MA 30 19.96 6.49 178.33
C GLU MA 30 19.15 5.52 177.49
N ILE MA 31 19.35 5.52 176.18
CA ILE MA 31 18.66 4.55 175.34
C ILE MA 31 19.05 3.14 175.75
N ALA MA 32 20.34 2.93 176.05
CA ALA MA 32 20.79 1.60 176.44
C ALA MA 32 20.11 1.14 177.72
N ASN MA 33 19.96 2.04 178.69
CA ASN MA 33 19.38 1.64 179.97
C ASN MA 33 17.92 1.23 179.81
N ALA MA 34 17.17 1.93 178.99
CA ALA MA 34 15.76 1.58 178.78
C ALA MA 34 15.70 0.28 177.99
N ASN MA 35 15.57 -0.83 178.71
CA ASN MA 35 15.63 -2.16 178.10
C ASN MA 35 14.26 -2.82 178.05
N SER MA 36 13.19 -2.05 178.21
CA SER MA 36 11.86 -2.64 178.21
C SER MA 36 10.85 -1.59 177.79
N ARG MA 37 9.72 -2.05 177.27
CA ARG MA 37 8.62 -1.14 177.04
C ARG MA 37 8.22 -0.49 178.36
N GLN MA 38 7.39 0.55 178.24
CA GLN MA 38 6.94 1.45 179.31
C GLN MA 38 8.14 2.17 179.93
N GLN MA 39 9.34 1.86 179.45
CA GLN MA 39 10.46 2.78 179.46
C GLN MA 39 10.75 3.33 178.08
N ILE MA 40 10.67 2.46 177.06
CA ILE MA 40 10.70 2.94 175.69
C ILE MA 40 9.52 3.89 175.45
N ARG MA 41 8.34 3.51 175.94
CA ARG MA 41 7.19 4.41 175.87
C ARG MA 41 7.52 5.75 176.50
N LYS MA 42 8.18 5.73 177.64
CA LYS MA 42 8.55 6.96 178.32
C LYS MA 42 9.52 7.78 177.48
N LEU MA 43 10.52 7.12 176.90
CA LEU MA 43 11.48 7.85 176.08
C LEU MA 43 10.81 8.48 174.87
N ILE MA 44 9.91 7.74 174.22
CA ILE MA 44 9.20 8.30 173.08
C ILE MA 44 8.32 9.46 173.51
N LYS MA 45 7.68 9.35 174.68
CA LYS MA 45 6.84 10.42 175.17
C LYS MA 45 7.64 11.66 175.54
N ASP MA 46 8.91 11.50 175.92
CA ASP MA 46 9.76 12.65 176.22
C ASP MA 46 10.59 13.10 175.04
N GLY MA 47 10.46 12.45 173.89
CA GLY MA 47 11.10 12.92 172.68
C GLY MA 47 12.48 12.42 172.39
N LEU MA 48 12.93 11.36 173.08
CA LEU MA 48 14.24 10.81 172.75
C LEU MA 48 14.20 10.00 171.46
N ILE MA 49 13.09 9.33 171.19
CA ILE MA 49 12.90 8.53 169.99
C ILE MA 49 11.65 9.05 169.28
N ILE MA 50 11.75 9.30 167.99
CA ILE MA 50 10.66 9.89 167.22
C ILE MA 50 10.43 9.07 165.96
N ARG MA 51 9.16 8.82 165.65
CA ARG MA 51 8.77 8.27 164.37
C ARG MA 51 9.08 9.29 163.29
N LYS MA 52 10.08 9.00 162.46
CA LYS MA 52 10.38 9.91 161.35
C LYS MA 52 9.23 9.92 160.36
N PRO MA 53 9.00 11.04 159.67
CA PRO MA 53 7.95 11.09 158.67
C PRO MA 53 8.32 10.26 157.44
N VAL MA 54 7.28 9.93 156.67
CA VAL MA 54 7.47 9.11 155.48
C VAL MA 54 8.20 9.88 154.40
N THR MA 55 9.10 9.20 153.70
CA THR MA 55 9.73 9.81 152.54
C THR MA 55 8.68 10.25 151.54
N VAL MA 56 8.88 11.45 150.98
CA VAL MA 56 7.86 12.04 150.14
C VAL MA 56 7.74 11.27 148.83
N HIS MA 57 6.51 11.06 148.39
CA HIS MA 57 6.23 10.54 147.05
C HIS MA 57 4.95 11.24 146.59
N SER MA 58 5.12 12.37 145.90
CA SER MA 58 3.98 13.18 145.52
C SER MA 58 3.40 12.70 144.20
N ARG MA 59 2.15 13.11 143.93
CA ARG MA 59 1.50 12.83 142.66
C ARG MA 59 1.30 14.10 141.84
N ALA MA 60 1.92 15.21 142.26
CA ALA MA 60 1.65 16.49 141.62
C ALA MA 60 2.03 16.47 140.15
N ARG MA 61 3.22 15.98 139.83
CA ARG MA 61 3.56 15.72 138.45
C ARG MA 61 2.48 14.87 137.80
N CYS MA 62 2.28 13.65 138.31
CA CYS MA 62 1.28 12.75 137.75
C CYS MA 62 -0.06 13.44 137.59
N ARG MA 63 -0.44 14.29 138.54
CA ARG MA 63 -1.68 15.03 138.40
C ARG MA 63 -1.64 15.93 137.17
N LYS MA 64 -0.50 16.60 136.94
CA LYS MA 64 -0.44 17.48 135.78
C LYS MA 64 -0.46 16.71 134.46
N ASN MA 65 0.19 15.54 134.41
CA ASN MA 65 0.10 14.76 133.18
C ASN MA 65 -1.29 14.19 132.96
N THR MA 66 -2.00 13.83 134.04
CA THR MA 66 -3.40 13.43 133.85
C THR MA 66 -4.23 14.61 133.36
N LEU MA 67 -3.98 15.81 133.88
CA LEU MA 67 -4.65 16.99 133.36
C LEU MA 67 -4.41 17.14 131.87
N ALA MA 68 -3.14 17.01 131.45
CA ALA MA 68 -2.82 17.15 130.05
C ALA MA 68 -3.50 16.08 129.22
N ARG MA 69 -3.49 14.83 129.69
CA ARG MA 69 -4.14 13.76 128.96
C ARG MA 69 -5.64 14.01 128.83
N ARG MA 70 -6.27 14.47 129.91
CA ARG MA 70 -7.67 14.86 129.83
C ARG MA 70 -7.86 15.98 128.81
N LYS MA 71 -6.84 16.84 128.66
CA LYS MA 71 -6.87 17.88 127.64
C LYS MA 71 -6.58 17.33 126.25
N GLY MA 72 -6.18 16.06 126.14
CA GLY MA 72 -5.90 15.46 124.86
C GLY MA 72 -4.44 15.31 124.51
N ARG MA 73 -3.53 15.78 125.37
CA ARG MA 73 -2.12 15.66 125.08
C ARG MA 73 -1.59 14.30 125.53
N HIS MA 74 -0.47 13.92 124.92
CA HIS MA 74 0.37 12.80 125.37
C HIS MA 74 -0.18 11.43 125.00
N MET MA 75 -1.34 11.34 124.35
CA MET MA 75 -1.64 10.08 123.68
C MET MA 75 -1.23 10.15 122.21
N GLY MA 76 -1.83 11.04 121.44
CA GLY MA 76 -1.51 11.12 120.03
C GLY MA 76 -1.66 9.76 119.37
N ILE MA 77 -0.66 9.40 118.57
CA ILE MA 77 -0.59 8.06 117.99
C ILE MA 77 0.72 7.35 118.30
N GLY MA 78 1.78 8.07 118.59
CA GLY MA 78 3.06 7.46 118.91
C GLY MA 78 3.25 7.18 120.38
N LYS MA 79 2.20 7.33 121.18
CA LYS MA 79 2.28 6.98 122.59
C LYS MA 79 1.36 5.83 122.97
N ARG MA 80 0.30 5.58 122.21
CA ARG MA 80 -0.57 4.45 122.49
C ARG MA 80 0.17 3.16 122.14
N LYS MA 81 0.15 2.22 123.07
CA LYS MA 81 0.97 1.02 122.95
C LYS MA 81 0.14 -0.22 122.61
N GLY MA 82 -0.88 -0.51 123.42
CA GLY MA 82 -1.74 -1.62 123.11
C GLY MA 82 -2.68 -1.31 121.96
N THR MA 83 -3.35 -2.34 121.47
CA THR MA 83 -4.24 -2.14 120.34
C THR MA 83 -5.47 -1.35 120.76
N ALA MA 84 -6.16 -0.81 119.75
CA ALA MA 84 -7.35 -0.02 120.01
C ALA MA 84 -8.40 -0.84 120.74
N ASN MA 85 -8.50 -2.13 120.41
CA ASN MA 85 -9.40 -3.02 121.15
C ASN MA 85 -8.99 -3.12 122.60
N ALA MA 86 -7.70 -3.28 122.87
CA ALA MA 86 -7.24 -3.44 124.25
C ALA MA 86 -7.40 -2.15 125.03
N ARG MA 87 -7.22 -1.00 124.37
CA ARG MA 87 -7.36 0.27 125.06
C ARG MA 87 -8.80 0.52 125.45
N MET MA 88 -9.70 0.56 124.46
CA MET MA 88 -11.13 0.69 124.69
C MET MA 88 -11.84 -0.49 124.07
N PRO MA 89 -12.23 -1.49 124.85
CA PRO MA 89 -12.84 -2.69 124.26
C PRO MA 89 -14.14 -2.35 123.54
N GLU MA 90 -14.25 -2.80 122.29
CA GLU MA 90 -15.49 -2.61 121.56
C GLU MA 90 -16.67 -3.23 122.28
N LYS MA 91 -16.42 -4.28 123.07
CA LYS MA 91 -17.49 -4.85 123.86
C LYS MA 91 -18.00 -3.87 124.89
N VAL MA 92 -17.12 -3.05 125.46
CA VAL MA 92 -17.58 -2.05 126.42
C VAL MA 92 -18.27 -0.89 125.71
N THR MA 93 -17.81 -0.54 124.51
CA THR MA 93 -18.56 0.42 123.71
C THR MA 93 -19.98 -0.09 123.45
N TRP MA 94 -20.09 -1.37 123.14
CA TRP MA 94 -21.40 -1.99 122.94
C TRP MA 94 -22.20 -2.00 124.23
N MET MA 95 -21.53 -2.28 125.37
CA MET MA 95 -22.12 -2.13 126.69
C MET MA 95 -22.89 -0.83 126.72
N ARG MA 96 -22.13 0.25 126.62
CA ARG MA 96 -22.67 1.57 126.91
C ARG MA 96 -23.71 1.99 125.87
N ARG MA 97 -23.46 1.70 124.60
CA ARG MA 97 -24.33 2.18 123.53
C ARG MA 97 -25.77 1.80 123.80
N MET MA 98 -26.06 0.51 123.90
CA MET MA 98 -27.44 0.17 124.16
C MET MA 98 -27.83 0.35 125.62
N ARG MA 99 -26.91 0.28 126.58
CA ARG MA 99 -27.34 0.57 127.94
C ARG MA 99 -27.87 1.99 128.05
N ILE MA 100 -27.48 2.87 127.14
CA ILE MA 100 -28.05 4.21 127.07
C ILE MA 100 -29.29 4.24 126.19
N LEU MA 101 -29.20 3.64 125.00
CA LEU MA 101 -30.29 3.78 124.04
C LEU MA 101 -31.55 3.07 124.50
N ARG MA 102 -31.41 1.89 125.11
CA ARG MA 102 -32.58 1.20 125.63
C ARG MA 102 -33.22 2.00 126.76
N ARG MA 103 -32.41 2.68 127.56
CA ARG MA 103 -32.95 3.57 128.58
C ARG MA 103 -33.73 4.71 127.95
N LEU MA 104 -33.18 5.29 126.89
CA LEU MA 104 -33.89 6.36 126.17
C LEU MA 104 -35.22 5.86 125.63
N LEU MA 105 -35.23 4.66 125.06
CA LEU MA 105 -36.46 4.12 124.51
C LEU MA 105 -37.46 3.80 125.61
N ARG MA 106 -37.01 3.32 126.75
CA ARG MA 106 -37.92 3.06 127.86
C ARG MA 106 -38.56 4.35 128.36
N ARG MA 107 -37.76 5.40 128.49
CA ARG MA 107 -38.31 6.69 128.92
C ARG MA 107 -39.29 7.23 127.89
N TYR MA 108 -38.97 7.07 126.61
CA TYR MA 108 -39.88 7.53 125.56
C TYR MA 108 -41.18 6.75 125.58
N ARG MA 109 -41.10 5.43 125.79
CA ARG MA 109 -42.31 4.62 125.84
C ARG MA 109 -43.16 5.01 127.04
N GLU MA 110 -42.53 5.28 128.18
CA GLU MA 110 -43.31 5.69 129.34
C GLU MA 110 -43.92 7.06 129.14
N SER MA 111 -43.22 7.95 128.45
CA SER MA 111 -43.74 9.29 128.24
C SER MA 111 -44.80 9.35 127.13
N LYS MA 112 -45.21 8.20 126.60
CA LYS MA 112 -46.29 8.07 125.63
C LYS MA 112 -46.08 8.90 124.38
N LYS MA 113 -44.87 9.42 124.14
CA LYS MA 113 -44.59 10.03 122.85
C LYS MA 113 -44.53 8.98 121.77
N ILE MA 114 -44.32 7.73 122.15
CA ILE MA 114 -44.35 6.60 121.24
C ILE MA 114 -45.10 5.48 121.93
N ASP MA 115 -45.98 4.83 121.16
CA ASP MA 115 -46.75 3.73 121.69
C ASP MA 115 -45.84 2.52 121.83
N ARG MA 116 -46.46 1.40 122.17
CA ARG MA 116 -45.74 0.16 122.29
C ARG MA 116 -45.15 -0.28 120.96
N HIS MA 117 -45.88 -0.08 119.87
CA HIS MA 117 -45.53 -0.69 118.59
C HIS MA 117 -44.22 -0.12 118.03
N MET MA 118 -44.20 1.19 117.78
CA MET MA 118 -42.97 1.77 117.26
C MET MA 118 -41.84 1.67 118.27
N TYR MA 119 -42.16 1.57 119.57
CA TYR MA 119 -41.11 1.30 120.54
C TYR MA 119 -40.46 -0.04 120.25
N HIS MA 120 -41.26 -1.07 120.03
CA HIS MA 120 -40.71 -2.38 119.71
C HIS MA 120 -39.90 -2.33 118.43
N SER MA 121 -40.43 -1.63 117.42
CA SER MA 121 -39.69 -1.53 116.16
C SER MA 121 -38.34 -0.86 116.37
N LEU MA 122 -38.32 0.25 117.09
CA LEU MA 122 -37.06 0.97 117.31
C LEU MA 122 -36.09 0.13 118.14
N TYR MA 123 -36.59 -0.54 119.16
CA TYR MA 123 -35.74 -1.39 119.98
C TYR MA 123 -35.14 -2.51 119.15
N LEU MA 124 -35.96 -3.15 118.33
CA LEU MA 124 -35.49 -4.26 117.52
C LEU MA 124 -34.50 -3.77 116.47
N LYS MA 125 -34.67 -2.53 116.01
CA LYS MA 125 -33.67 -1.94 115.14
C LYS MA 125 -32.37 -1.69 115.89
N VAL MA 126 -32.43 -1.09 117.07
CA VAL MA 126 -31.22 -0.72 117.79
C VAL MA 126 -30.49 -1.97 118.24
N LYS MA 127 -31.19 -3.11 118.32
CA LYS MA 127 -30.50 -4.37 118.48
C LYS MA 127 -29.57 -4.64 117.30
N GLY MA 128 -29.96 -4.18 116.11
CA GLY MA 128 -29.18 -4.41 114.91
C GLY MA 128 -28.15 -3.36 114.60
N ASN MA 129 -27.91 -2.40 115.50
CA ASN MA 129 -26.92 -1.35 115.30
C ASN MA 129 -27.21 -0.56 114.02
N VAL MA 130 -28.34 0.12 114.03
CA VAL MA 130 -28.69 1.05 112.97
C VAL MA 130 -28.63 2.50 113.46
N PHE MA 131 -28.35 2.70 114.74
CA PHE MA 131 -28.23 4.04 115.30
C PHE MA 131 -26.88 4.17 115.99
N LYS MA 132 -26.06 5.11 115.51
CA LYS MA 132 -24.80 5.39 116.17
C LYS MA 132 -24.99 5.92 117.58
N ASN MA 133 -25.96 6.81 117.79
CA ASN MA 133 -26.00 7.53 119.04
C ASN MA 133 -27.38 8.12 119.27
N LYS MA 134 -27.60 8.57 120.51
CA LYS MA 134 -28.92 9.01 120.92
C LYS MA 134 -29.37 10.26 120.19
N ARG MA 135 -28.44 11.14 119.83
CA ARG MA 135 -28.84 12.32 119.07
C ARG MA 135 -29.45 11.91 117.73
N ILE MA 136 -28.77 11.01 117.03
CA ILE MA 136 -29.32 10.48 115.78
C ILE MA 136 -30.65 9.81 116.04
N LEU MA 137 -30.76 9.06 117.13
CA LEU MA 137 -31.99 8.35 117.43
C LEU MA 137 -33.15 9.31 117.60
N MET MA 138 -32.97 10.36 118.40
CA MET MA 138 -34.07 11.29 118.61
C MET MA 138 -34.38 12.08 117.36
N GLU MA 139 -33.37 12.42 116.56
CA GLU MA 139 -33.66 13.10 115.30
C GLU MA 139 -34.48 12.21 114.38
N HIS MA 140 -34.15 10.92 114.33
CA HIS MA 140 -34.92 9.98 113.51
C HIS MA 140 -36.34 9.84 114.03
N ILE MA 141 -36.50 9.81 115.34
CA ILE MA 141 -37.84 9.73 115.91
C ILE MA 141 -38.66 10.95 115.50
N HIS MA 142 -38.06 12.12 115.58
CA HIS MA 142 -38.76 13.33 115.17
C HIS MA 142 -39.10 13.28 113.70
N LYS MA 143 -38.17 12.82 112.87
CA LYS MA 143 -38.47 12.72 111.45
C LYS MA 143 -39.69 11.85 111.24
N LEU MA 144 -39.73 10.66 111.85
CA LEU MA 144 -40.83 9.74 111.59
C LEU MA 144 -42.14 10.27 112.17
N LYS MA 145 -42.08 10.95 113.31
CA LYS MA 145 -43.28 11.55 113.86
C LYS MA 145 -43.83 12.63 112.95
N ALA MA 146 -42.94 13.47 112.40
CA ALA MA 146 -43.40 14.49 111.45
C ALA MA 146 -43.96 13.85 110.19
N ASP MA 147 -43.35 12.76 109.72
CA ASP MA 147 -43.92 12.06 108.57
C ASP MA 147 -45.33 11.59 108.87
N LYS MA 148 -45.51 10.99 110.05
CA LYS MA 148 -46.84 10.50 110.42
C LYS MA 148 -47.83 11.65 110.54
N ALA MA 149 -47.39 12.79 111.10
CA ALA MA 149 -48.28 13.94 111.20
C ALA MA 149 -48.68 14.46 109.84
N ARG MA 150 -47.73 14.53 108.91
CA ARG MA 150 -48.04 14.98 107.55
C ARG MA 150 -49.03 14.05 106.88
N LYS MA 151 -48.82 12.74 107.01
CA LYS MA 151 -49.76 11.80 106.41
C LYS MA 151 -51.14 11.94 107.02
N LYS MA 152 -51.21 12.15 108.34
CA LYS MA 152 -52.49 12.33 109.00
C LYS MA 152 -53.19 13.58 108.49
N LEU MA 153 -52.46 14.69 108.39
CA LEU MA 153 -53.09 15.93 107.95
C LEU MA 153 -53.34 15.94 106.44
N LEU MA 154 -52.78 14.97 105.71
CA LEU MA 154 -53.24 14.77 104.34
C LEU MA 154 -54.55 14.00 104.32
N ALA MA 155 -54.60 12.90 105.09
CA ALA MA 155 -55.78 12.05 105.09
C ALA MA 155 -57.02 12.77 105.60
N ASP MA 156 -56.86 13.56 106.67
CA ASP MA 156 -58.02 14.21 107.26
C ASP MA 156 -58.66 15.20 106.29
N GLN MA 157 -57.84 16.02 105.62
CA GLN MA 157 -58.41 16.96 104.67
C GLN MA 157 -58.95 16.27 103.43
N ALA MA 158 -58.31 15.17 103.00
CA ALA MA 158 -58.86 14.41 101.87
C ALA MA 158 -60.25 13.91 102.21
N GLU MA 159 -60.40 13.28 103.37
CA GLU MA 159 -61.71 12.78 103.79
C GLU MA 159 -62.68 13.93 103.99
N ALA MA 160 -62.19 15.08 104.46
CA ALA MA 160 -63.06 16.23 104.66
C ALA MA 160 -63.65 16.71 103.35
N ARG MA 161 -62.82 16.80 102.31
CA ARG MA 161 -63.35 17.23 101.02
C ARG MA 161 -64.24 16.17 100.41
N ARG MA 162 -63.91 14.89 100.61
CA ARG MA 162 -64.82 13.81 100.21
C ARG MA 162 -66.20 14.02 100.82
N SER MA 163 -66.24 14.20 102.14
CA SER MA 163 -67.51 14.34 102.84
C SER MA 163 -68.24 15.59 102.40
N LYS MA 164 -67.52 16.70 102.23
CA LYS MA 164 -68.18 17.92 101.76
C LYS MA 164 -68.85 17.68 100.43
N THR MA 165 -68.14 17.07 99.48
CA THR MA 165 -68.71 16.84 98.16
C THR MA 165 -69.94 15.94 98.26
N LYS MA 166 -69.80 14.81 98.97
CA LYS MA 166 -70.89 13.84 98.97
C LYS MA 166 -72.11 14.36 99.73
N GLU MA 167 -71.89 15.10 100.82
CA GLU MA 167 -73.02 15.67 101.55
C GLU MA 167 -73.69 16.79 100.77
N ALA MA 168 -72.92 17.65 100.10
CA ALA MA 168 -73.51 18.70 99.29
C ALA MA 168 -74.33 18.10 98.16
N ARG MA 169 -73.86 17.00 97.57
CA ARG MA 169 -74.71 16.28 96.63
C ARG MA 169 -75.94 15.73 97.33
N LYS MA 170 -75.76 15.15 98.52
CA LYS MA 170 -76.83 14.39 99.16
C LYS MA 170 -78.01 15.26 99.53
N ARG MA 171 -77.75 16.44 100.08
CA ARG MA 171 -78.87 17.31 100.44
C ARG MA 171 -79.61 17.80 99.21
N ARG MA 172 -78.89 18.04 98.11
CA ARG MA 172 -79.57 18.40 96.87
C ARG MA 172 -80.44 17.25 96.36
N GLU MA 173 -79.94 16.01 96.47
CA GLU MA 173 -80.75 14.87 96.05
C GLU MA 173 -81.99 14.72 96.91
N GLU MA 174 -81.86 14.95 98.23
CA GLU MA 174 -83.04 14.89 99.08
C GLU MA 174 -84.02 15.99 98.73
N ARG MA 175 -83.51 17.16 98.34
CA ARG MA 175 -84.40 18.20 97.83
C ARG MA 175 -85.12 17.76 96.56
N LEU MA 176 -84.40 17.11 95.65
CA LEU MA 176 -85.01 16.63 94.41
C LEU MA 176 -86.10 15.61 94.70
N GLN MA 177 -85.83 14.68 95.62
CA GLN MA 177 -86.84 13.67 95.95
C GLN MA 177 -88.01 14.29 96.68
N ALA MA 178 -87.79 15.34 97.48
CA ALA MA 178 -88.89 16.10 98.04
C ALA MA 178 -89.73 16.72 96.94
N LYS MA 179 -89.08 17.21 95.89
CA LYS MA 179 -89.83 17.73 94.75
C LYS MA 179 -90.66 16.64 94.08
N LYS MA 180 -90.08 15.45 93.92
CA LYS MA 180 -90.83 14.35 93.32
C LYS MA 180 -92.04 13.99 94.16
N GLU MA 181 -91.87 13.93 95.49
CA GLU MA 181 -92.88 13.38 96.38
C GLU MA 181 -93.79 14.43 97.00
N GLU MA 182 -93.64 15.70 96.66
CA GLU MA 182 -94.62 16.69 97.07
C GLU MA 182 -95.84 16.71 96.15
N ILE MA 183 -95.86 15.85 95.13
CA ILE MA 183 -96.98 15.76 94.20
C ILE MA 183 -97.81 14.51 94.45
N ILE MA 184 -97.16 13.36 94.63
CA ILE MA 184 -97.89 12.10 94.74
C ILE MA 184 -98.75 12.04 95.98
N LYS MA 185 -98.50 12.89 96.98
CA LYS MA 185 -99.29 12.87 98.20
C LYS MA 185 -100.58 13.66 98.10
N THR MA 186 -100.76 14.46 97.04
CA THR MA 186 -101.98 15.22 96.83
C THR MA 186 -102.64 14.98 95.49
N LEU MA 187 -101.99 14.29 94.56
CA LEU MA 187 -102.52 14.04 93.21
C LEU MA 187 -102.88 15.34 92.51
N LYS NA 1 100.47 -66.77 104.18
CA LYS NA 1 101.90 -66.67 104.45
C LYS NA 1 102.27 -65.29 105.00
N ALA NA 2 103.22 -65.27 105.92
CA ALA NA 2 103.70 -64.02 106.50
C ALA NA 2 104.81 -63.44 105.63
N SER NA 3 105.53 -62.47 106.19
CA SER NA 3 106.60 -61.80 105.46
C SER NA 3 107.69 -61.44 106.48
N GLY NA 4 108.58 -60.54 106.09
CA GLY NA 4 109.71 -60.19 106.92
C GLY NA 4 110.96 -60.00 106.09
N THR NA 5 112.00 -60.77 106.39
CA THR NA 5 113.20 -60.83 105.56
C THR NA 5 113.25 -62.22 104.94
N LEU NA 6 112.76 -62.33 103.72
CA LEU NA 6 112.54 -63.62 103.08
C LEU NA 6 113.87 -64.35 102.91
N ARG NA 7 113.82 -65.67 103.05
CA ARG NA 7 114.99 -66.51 102.85
C ARG NA 7 114.66 -67.58 101.82
N GLU NA 8 115.61 -67.83 100.93
CA GLU NA 8 115.45 -68.74 99.81
C GLU NA 8 115.89 -70.13 100.23
N TYR NA 9 115.04 -71.12 99.97
CA TYR NA 9 115.31 -72.49 100.37
C TYR NA 9 115.29 -73.39 99.14
N LYS NA 10 116.26 -74.29 99.05
CA LYS NA 10 116.15 -75.39 98.10
C LYS NA 10 115.47 -76.56 98.81
N VAL NA 11 114.31 -76.96 98.32
CA VAL NA 11 113.53 -78.03 98.91
C VAL NA 11 113.47 -79.18 97.93
N VAL NA 12 114.01 -80.32 98.34
CA VAL NA 12 114.03 -81.52 97.51
C VAL NA 12 113.20 -82.58 98.21
N GLY NA 13 112.28 -83.19 97.47
CA GLY NA 13 111.39 -84.17 98.02
C GLY NA 13 110.90 -85.13 96.96
N ARG NA 14 110.18 -86.14 97.40
CA ARG NA 14 109.73 -87.21 96.52
C ARG NA 14 108.61 -87.97 97.22
N CYS NA 15 107.87 -88.74 96.43
CA CYS NA 15 106.88 -89.64 97.00
C CYS NA 15 107.58 -90.78 97.73
N LEU NA 16 106.84 -91.44 98.61
CA LEU NA 16 107.40 -92.60 99.29
C LEU NA 16 107.62 -93.73 98.28
N PRO NA 17 108.61 -94.58 98.49
CA PRO NA 17 108.83 -95.66 97.54
C PRO NA 17 107.76 -96.72 97.64
N THR NA 18 106.85 -96.71 96.67
CA THR NA 18 105.78 -97.69 96.61
C THR NA 18 106.23 -98.92 95.84
N PRO NA 19 105.70 -100.11 96.18
CA PRO NA 19 106.20 -101.32 95.52
C PRO NA 19 105.69 -101.49 94.11
N LYS NA 20 105.74 -100.41 93.35
CA LYS NA 20 105.70 -100.44 91.90
C LYS NA 20 106.84 -99.65 91.27
N CYS NA 21 107.21 -98.52 91.86
CA CYS NA 21 108.41 -97.78 91.47
C CYS NA 21 109.24 -97.61 92.74
N HIS NA 22 110.21 -98.51 92.91
CA HIS NA 22 111.05 -98.49 94.10
C HIS NA 22 111.86 -97.22 94.23
N THR NA 23 112.05 -96.50 93.12
CA THR NA 23 112.86 -95.28 93.10
C THR NA 23 112.04 -94.16 92.46
N PRO NA 24 111.10 -93.58 93.19
CA PRO NA 24 110.33 -92.48 92.64
C PRO NA 24 111.23 -91.30 92.33
N PRO NA 25 110.96 -90.58 91.24
CA PRO NA 25 111.79 -89.42 90.92
C PRO NA 25 111.78 -88.41 92.06
N LEU NA 26 112.92 -87.77 92.27
CA LEU NA 26 113.08 -86.81 93.34
C LEU NA 26 113.16 -85.40 92.77
N TYR NA 27 112.38 -84.50 93.34
CA TYR NA 27 112.04 -83.23 92.71
C TYR NA 27 112.68 -82.07 93.46
N ARG NA 28 113.23 -81.11 92.71
CA ARG NA 28 113.91 -79.97 93.30
C ARG NA 28 113.05 -78.73 93.11
N MET NA 29 113.30 -77.73 93.94
CA MET NA 29 112.45 -76.56 94.01
C MET NA 29 113.24 -75.39 94.57
N ARG NA 30 112.74 -74.19 94.36
CA ARG NA 30 113.23 -73.00 95.04
C ARG NA 30 112.06 -72.25 95.65
N ILE NA 31 112.02 -72.20 96.98
CA ILE NA 31 110.96 -71.52 97.71
C ILE NA 31 111.60 -70.35 98.43
N PHE NA 32 110.88 -69.23 98.50
CA PHE NA 32 111.31 -68.10 99.29
C PHE NA 32 110.34 -67.99 100.47
N ALA NA 33 110.85 -68.23 101.67
CA ALA NA 33 110.03 -68.31 102.88
C ALA NA 33 110.79 -67.74 104.07
N PRO NA 34 110.06 -67.24 105.08
CA PRO NA 34 110.75 -66.71 106.27
C PRO NA 34 111.39 -67.79 107.12
N ASN NA 35 110.93 -69.03 107.04
CA ASN NA 35 111.59 -70.13 107.74
C ASN NA 35 111.27 -71.43 107.02
N HIS NA 36 112.09 -72.44 107.27
CA HIS NA 36 112.00 -73.68 106.52
C HIS NA 36 110.67 -74.39 106.71
N VAL NA 37 109.95 -74.15 107.80
CA VAL NA 37 108.62 -74.72 107.93
C VAL NA 37 107.70 -74.14 106.86
N VAL NA 38 107.69 -72.80 106.76
CA VAL NA 38 106.93 -72.14 105.72
C VAL NA 38 107.41 -72.60 104.36
N ALA NA 39 108.72 -72.78 104.19
CA ALA NA 39 109.25 -73.25 102.93
C ALA NA 39 108.69 -74.62 102.56
N LYS NA 40 108.68 -75.54 103.53
CA LYS NA 40 108.19 -76.88 103.25
C LYS NA 40 106.71 -76.87 102.90
N SER NA 41 105.92 -76.07 103.62
CA SER NA 41 104.50 -76.01 103.30
C SER NA 41 104.26 -75.42 101.92
N ARG NA 42 104.98 -74.34 101.58
CA ARG NA 42 104.87 -73.77 100.25
C ARG NA 42 105.27 -74.77 99.19
N PHE NA 43 106.32 -75.55 99.46
CA PHE NA 43 106.75 -76.56 98.53
C PHE NA 43 105.68 -77.61 98.32
N TRP NA 44 105.03 -78.05 99.41
CA TRP NA 44 103.97 -79.03 99.25
C TRP NA 44 102.83 -78.46 98.42
N TYR NA 45 102.47 -77.20 98.68
CA TYR NA 45 101.46 -76.56 97.85
C TYR NA 45 101.85 -76.60 96.39
N PHE NA 46 103.06 -76.14 96.07
CA PHE NA 46 103.45 -76.03 94.67
C PHE NA 46 103.53 -77.40 94.00
N VAL NA 47 104.11 -78.38 94.69
CA VAL NA 47 104.29 -79.68 94.07
C VAL NA 47 102.96 -80.38 93.90
N SER NA 48 102.05 -80.26 94.87
CA SER NA 48 100.72 -80.82 94.68
C SER NA 48 99.99 -80.12 93.55
N GLN NA 49 100.24 -78.81 93.38
CA GLN NA 49 99.65 -78.10 92.25
C GLN NA 49 100.16 -78.67 90.94
N LEU NA 50 101.45 -78.95 90.84
CA LEU NA 50 102.04 -79.39 89.58
C LEU NA 50 101.83 -80.88 89.36
N LYS NA 51 102.36 -81.71 90.25
CA LYS NA 51 102.27 -83.15 90.08
C LYS NA 51 101.45 -83.75 91.21
N LYS NA 52 101.09 -85.02 91.04
CA LYS NA 52 100.00 -85.64 91.81
C LYS NA 52 100.56 -86.37 93.03
N MET NA 53 100.96 -85.60 94.04
CA MET NA 53 101.31 -86.18 95.32
C MET NA 53 100.95 -85.21 96.43
N LYS NA 54 100.48 -85.77 97.54
CA LYS NA 54 100.15 -85.00 98.73
C LYS NA 54 101.29 -85.11 99.73
N LYS NA 55 101.16 -84.36 100.84
CA LYS NA 55 102.19 -84.45 101.87
C LYS NA 55 102.26 -85.85 102.44
N SER NA 56 101.11 -86.46 102.72
CA SER NA 56 101.11 -87.83 103.17
C SER NA 56 101.76 -88.74 102.13
N SER NA 57 101.30 -88.67 100.88
CA SER NA 57 101.86 -89.48 99.82
C SER NA 57 103.15 -88.86 99.28
N GLY NA 58 104.07 -88.56 100.19
CA GLY NA 58 105.35 -88.02 99.79
C GLY NA 58 106.21 -87.76 100.99
N GLU NA 59 107.40 -87.21 100.70
CA GLU NA 59 108.35 -86.85 101.74
C GLU NA 59 109.30 -85.80 101.19
N ILE NA 60 109.69 -84.90 102.07
CA ILE NA 60 110.77 -83.95 101.79
C ILE NA 60 112.07 -84.62 102.19
N VAL NA 61 113.08 -84.55 101.33
CA VAL NA 61 114.36 -85.16 101.63
C VAL NA 61 115.44 -84.13 101.93
N TYR NA 62 115.28 -82.88 101.54
CA TYR NA 62 116.26 -81.87 101.88
C TYR NA 62 115.65 -80.49 101.72
N CYS NA 63 115.88 -79.65 102.71
CA CYS NA 63 115.33 -78.29 102.72
C CYS NA 63 116.42 -77.38 103.27
N GLY NA 64 117.23 -76.82 102.37
CA GLY NA 64 118.33 -76.00 102.80
C GLY NA 64 118.25 -74.58 102.30
N GLN NA 65 118.70 -73.63 103.12
CA GLN NA 65 118.75 -72.24 102.68
C GLN NA 65 119.92 -72.04 101.73
N VAL NA 66 119.65 -71.41 100.60
CA VAL NA 66 120.65 -71.22 99.56
C VAL NA 66 121.17 -69.79 99.66
N PHE NA 67 122.36 -69.64 100.23
CA PHE NA 67 122.94 -68.31 100.33
C PHE NA 67 123.19 -67.73 98.94
N GLU NA 68 123.32 -66.41 98.89
CA GLU NA 68 123.57 -65.75 97.62
C GLU NA 68 124.94 -66.11 97.08
N LYS NA 69 125.00 -66.38 95.77
CA LYS NA 69 126.26 -66.71 95.13
C LYS NA 69 127.22 -65.53 95.17
N SER NA 70 126.73 -64.33 94.82
CA SER NA 70 127.54 -63.12 94.82
C SER NA 70 126.77 -62.02 95.54
N PRO NA 71 126.68 -62.10 96.87
CA PRO NA 71 125.96 -61.09 97.63
C PRO NA 71 126.68 -59.75 97.75
N LEU NA 72 127.81 -59.57 97.05
CA LEU NA 72 128.51 -58.30 97.09
C LEU NA 72 128.55 -57.60 95.75
N ARG NA 73 127.66 -57.97 94.82
CA ARG NA 73 127.59 -57.32 93.53
C ARG NA 73 126.14 -57.05 93.18
N VAL NA 74 125.84 -55.83 92.76
CA VAL NA 74 124.49 -55.48 92.36
C VAL NA 74 124.14 -56.22 91.08
N LYS NA 75 122.89 -56.65 90.97
CA LYS NA 75 122.40 -57.32 89.78
C LYS NA 75 120.93 -57.02 89.64
N ASN NA 76 120.44 -57.04 88.41
CA ASN NA 76 119.05 -56.74 88.12
C ASN NA 76 118.28 -58.03 88.00
N PHE NA 77 117.16 -58.12 88.72
CA PHE NA 77 116.35 -59.33 88.78
C PHE NA 77 115.03 -59.10 88.08
N GLY NA 78 114.72 -59.95 87.11
CA GLY NA 78 113.40 -60.01 86.52
C GLY NA 78 112.61 -61.09 87.22
N ILE NA 79 111.35 -60.80 87.49
CA ILE NA 79 110.50 -61.68 88.28
C ILE NA 79 109.29 -62.06 87.45
N TRP NA 80 109.12 -63.36 87.22
CA TRP NA 80 107.95 -63.91 86.55
C TRP NA 80 107.01 -64.46 87.61
N LEU NA 81 105.80 -63.95 87.66
CA LEU NA 81 104.84 -64.35 88.68
C LEU NA 81 103.42 -64.21 88.18
N ARG NA 82 102.51 -64.97 88.78
CA ARG NA 82 101.08 -64.81 88.58
C ARG NA 82 100.46 -64.49 89.93
N TYR NA 83 99.34 -63.77 89.92
CA TYR NA 83 98.71 -63.41 91.18
C TYR NA 83 97.21 -63.28 90.98
N ASP NA 84 96.49 -63.29 92.09
CA ASP NA 84 95.04 -63.16 92.11
C ASP NA 84 94.66 -61.73 92.44
N SER NA 85 93.90 -61.09 91.55
CA SER NA 85 93.30 -59.81 91.85
C SER NA 85 91.88 -60.04 92.33
N ARG NA 86 91.15 -58.96 92.63
CA ARG NA 86 89.73 -59.13 92.92
C ARG NA 86 89.00 -59.69 91.70
N SER NA 87 89.45 -59.33 90.51
CA SER NA 87 89.01 -59.96 89.28
C SER NA 87 89.80 -61.24 89.07
N GLY NA 88 89.75 -61.78 87.85
CA GLY NA 88 90.53 -62.96 87.54
C GLY NA 88 92.03 -62.72 87.68
N THR NA 89 92.75 -63.84 87.74
CA THR NA 89 94.19 -63.80 87.93
C THR NA 89 94.91 -63.40 86.64
N HIS NA 90 96.12 -62.88 86.81
CA HIS NA 90 96.93 -62.41 85.69
C HIS NA 90 98.37 -62.87 85.88
N ASN NA 91 99.07 -63.07 84.78
CA ASN NA 91 100.51 -63.27 84.82
C ASN NA 91 101.19 -61.91 84.85
N MET NA 92 102.33 -61.84 85.54
CA MET NA 92 103.00 -60.56 85.67
C MET NA 92 104.51 -60.73 85.62
N TYR NA 93 105.17 -59.79 84.94
CA TYR NA 93 106.62 -59.75 84.89
C TYR NA 93 107.09 -58.45 85.51
N ARG NA 94 107.96 -58.55 86.52
CA ARG NA 94 108.50 -57.40 87.21
C ARG NA 94 110.02 -57.44 87.22
N GLU NA 95 110.60 -56.28 87.51
CA GLU NA 95 112.04 -56.14 87.60
C GLU NA 95 112.39 -55.31 88.82
N TYR NA 96 113.48 -55.67 89.49
CA TYR NA 96 113.95 -54.94 90.64
C TYR NA 96 115.48 -54.93 90.62
N ARG NA 97 116.06 -53.91 91.24
CA ARG NA 97 117.50 -53.76 91.33
C ARG NA 97 117.89 -53.96 92.79
N ASP NA 98 118.29 -55.18 93.14
CA ASP NA 98 118.59 -55.51 94.52
C ASP NA 98 119.87 -56.32 94.60
N LEU NA 99 120.50 -56.26 95.77
CA LEU NA 99 121.81 -56.88 95.95
C LEU NA 99 121.71 -58.40 96.01
N THR NA 100 120.69 -58.92 96.67
CA THR NA 100 120.53 -60.36 96.82
C THR NA 100 119.13 -60.78 96.37
N THR NA 101 119.02 -62.02 95.90
CA THR NA 101 117.74 -62.49 95.37
C THR NA 101 116.65 -62.46 96.42
N ALA NA 102 116.99 -62.81 97.66
CA ALA NA 102 115.99 -62.74 98.73
C ALA NA 102 115.46 -61.32 98.89
N GLY NA 103 116.35 -60.34 98.84
CA GLY NA 103 115.92 -58.96 98.90
C GLY NA 103 115.06 -58.58 97.71
N ALA NA 104 115.41 -59.07 96.53
CA ALA NA 104 114.60 -58.78 95.35
C ALA NA 104 113.21 -59.35 95.51
N VAL NA 105 113.10 -60.56 96.03
CA VAL NA 105 111.78 -61.17 96.21
C VAL NA 105 110.98 -60.42 97.27
N THR NA 106 111.64 -59.99 98.33
CA THR NA 106 110.95 -59.16 99.32
C THR NA 106 110.44 -57.88 98.69
N GLN NA 107 111.28 -57.24 97.88
CA GLN NA 107 110.85 -56.03 97.19
C GLN NA 107 109.65 -56.30 96.31
N CYS NA 108 109.67 -57.44 95.62
CA CYS NA 108 108.54 -57.81 94.78
C CYS NA 108 107.27 -57.99 95.60
N TYR NA 109 107.38 -58.66 96.75
CA TYR NA 109 106.20 -58.85 97.60
C TYR NA 109 105.67 -57.51 98.11
N ARG NA 110 106.57 -56.64 98.56
CA ARG NA 110 106.14 -55.36 99.10
C ARG NA 110 105.46 -54.52 98.03
N ASP NA 111 106.05 -54.45 96.84
CA ASP NA 111 105.43 -53.64 95.79
C ASP NA 111 104.17 -54.28 95.26
N MET NA 112 104.08 -55.60 95.31
CA MET NA 112 102.84 -56.28 94.94
C MET NA 112 101.73 -55.90 95.91
N GLY NA 113 102.05 -55.87 97.20
CA GLY NA 113 101.04 -55.53 98.18
C GLY NA 113 100.69 -54.06 98.17
N ALA NA 114 101.63 -53.21 97.79
CA ALA NA 114 101.37 -51.78 97.81
C ALA NA 114 100.66 -51.32 96.55
N ARG NA 115 101.07 -51.81 95.39
CA ARG NA 115 100.54 -51.30 94.12
C ARG NA 115 99.21 -51.94 93.77
N HIS NA 116 99.15 -53.25 93.79
CA HIS NA 116 97.93 -53.95 93.42
C HIS NA 116 97.19 -54.54 94.61
N ARG NA 117 97.65 -54.27 95.83
CA ARG NA 117 96.95 -54.67 97.04
C ARG NA 117 96.67 -56.16 97.07
N ALA NA 118 97.63 -56.96 96.63
CA ALA NA 118 97.49 -58.41 96.61
C ALA NA 118 98.25 -59.01 97.78
N ARG NA 119 97.53 -59.75 98.62
CA ARG NA 119 98.15 -60.33 99.81
C ARG NA 119 99.09 -61.45 99.42
N ALA NA 120 100.07 -61.70 100.29
CA ALA NA 120 101.17 -62.59 99.95
C ALA NA 120 100.71 -63.97 99.53
N HIS NA 121 99.61 -64.46 100.12
CA HIS NA 121 99.12 -65.79 99.75
C HIS NA 121 98.55 -65.82 98.33
N SER NA 122 98.29 -64.67 97.74
CA SER NA 122 97.73 -64.62 96.39
C SER NA 122 98.81 -64.54 95.32
N ILE NA 123 100.08 -64.51 95.69
CA ILE NA 123 101.19 -64.43 94.76
C ILE NA 123 101.74 -65.83 94.53
N GLN NA 124 101.86 -66.21 93.26
CA GLN NA 124 102.56 -67.43 92.88
C GLN NA 124 103.75 -67.06 92.03
N ILE NA 125 104.95 -67.27 92.57
CA ILE NA 125 106.20 -66.86 91.94
C ILE NA 125 106.70 -68.01 91.09
N MET NA 126 107.17 -67.70 89.89
CA MET NA 126 107.49 -68.71 88.90
C MET NA 126 108.96 -68.75 88.53
N LYS NA 127 109.49 -67.63 88.05
CA LYS NA 127 110.83 -67.57 87.51
C LYS NA 127 111.57 -66.37 88.10
N VAL NA 128 112.79 -66.62 88.58
CA VAL NA 128 113.60 -65.59 89.22
C VAL NA 128 115.03 -65.72 88.69
N GLU NA 129 115.41 -64.84 87.78
CA GLU NA 129 116.74 -64.86 87.21
C GLU NA 129 117.41 -63.51 87.39
N GLU NA 130 118.63 -63.43 86.88
CA GLU NA 130 119.44 -62.23 86.93
C GLU NA 130 119.61 -61.70 85.52
N ILE NA 131 119.25 -60.44 85.30
CA ILE NA 131 119.09 -59.89 83.98
C ILE NA 131 120.23 -58.91 83.71
N ALA NA 132 120.87 -59.05 82.55
CA ALA NA 132 121.84 -58.07 82.13
C ALA NA 132 121.15 -56.75 81.81
N ALA NA 133 121.95 -55.68 81.76
CA ALA NA 133 121.39 -54.34 81.63
C ALA NA 133 120.60 -54.21 80.32
N SER NA 134 121.16 -54.66 79.21
CA SER NA 134 120.50 -54.44 77.93
C SER NA 134 119.24 -55.29 77.80
N LYS NA 135 119.08 -56.33 78.60
CA LYS NA 135 117.89 -57.17 78.55
C LYS NA 135 116.82 -56.73 79.52
N CYS NA 136 117.09 -55.71 80.33
CA CYS NA 136 116.08 -55.16 81.20
C CYS NA 136 114.97 -54.52 80.38
N ARG NA 137 113.82 -54.34 80.99
CA ARG NA 137 112.67 -53.78 80.30
C ARG NA 137 111.97 -52.66 81.03
N ARG NA 138 112.18 -52.53 82.34
CA ARG NA 138 111.52 -51.49 83.11
C ARG NA 138 112.39 -50.24 83.11
N PRO NA 139 111.92 -49.12 82.54
CA PRO NA 139 112.75 -47.92 82.51
C PRO NA 139 113.10 -47.41 83.90
N ALA NA 140 112.30 -47.74 84.90
CA ALA NA 140 112.67 -47.40 86.28
C ALA NA 140 113.97 -48.09 86.68
N VAL NA 141 114.34 -49.16 85.99
CA VAL NA 141 115.60 -49.83 86.25
C VAL NA 141 116.67 -49.42 85.24
N LYS NA 142 116.30 -49.36 83.95
CA LYS NA 142 117.23 -48.89 82.93
C LYS NA 142 117.82 -47.54 83.32
N GLN NA 143 117.00 -46.68 83.91
CA GLN NA 143 117.42 -45.38 84.39
C GLN NA 143 118.52 -45.48 85.45
N PHE NA 144 118.88 -46.70 85.86
CA PHE NA 144 119.96 -46.93 86.81
C PHE NA 144 121.17 -47.59 86.16
N HIS NA 145 121.43 -47.32 84.88
CA HIS NA 145 122.49 -47.99 84.13
C HIS NA 145 123.40 -46.94 83.48
N ASP NA 146 124.47 -46.58 84.19
CA ASP NA 146 125.42 -45.58 83.70
C ASP NA 146 126.63 -45.60 84.63
N SER NA 147 127.82 -45.48 84.04
CA SER NA 147 129.02 -45.52 84.87
C SER NA 147 129.29 -44.19 85.57
N LYS NA 148 128.50 -43.17 85.28
CA LYS NA 148 128.71 -41.82 85.80
C LYS NA 148 127.42 -41.26 86.40
N ILE NA 149 126.81 -42.02 87.30
CA ILE NA 149 125.60 -41.58 87.99
C ILE NA 149 125.82 -40.24 88.67
N LYS NA 150 124.74 -39.49 88.85
CA LYS NA 150 124.82 -38.08 89.20
C LYS NA 150 123.49 -37.68 89.84
N PHE NA 151 123.44 -37.55 91.18
CA PHE NA 151 122.22 -36.99 91.80
C PHE NA 151 122.49 -36.42 93.20
N PRO NA 152 121.76 -35.38 93.62
CA PRO NA 152 121.94 -34.83 94.97
C PRO NA 152 121.00 -35.48 95.96
N LEU NA 153 120.97 -34.95 97.19
CA LEU NA 153 119.91 -35.29 98.13
C LEU NA 153 119.09 -34.03 98.39
N PRO NA 154 118.05 -33.77 97.60
CA PRO NA 154 117.45 -32.43 97.57
C PRO NA 154 116.78 -31.98 98.86
N HIS NA 155 115.80 -32.74 99.32
CA HIS NA 155 114.94 -32.35 100.43
C HIS NA 155 115.24 -33.25 101.61
N ARG NA 156 116.09 -32.80 102.51
CA ARG NA 156 116.53 -33.59 103.66
C ARG NA 156 115.64 -33.20 104.83
N VAL NA 157 114.46 -33.81 104.89
CA VAL NA 157 113.53 -33.56 105.98
C VAL NA 157 114.19 -33.93 107.29
N LEU NA 158 114.19 -32.99 108.25
CA LEU NA 158 114.65 -33.33 109.59
C LEU NA 158 113.78 -34.46 110.12
N ARG NA 159 114.41 -35.41 110.80
CA ARG NA 159 113.69 -36.57 111.29
C ARG NA 159 113.72 -36.71 112.80
N ARG NA 160 114.75 -36.21 113.47
CA ARG NA 160 114.78 -36.25 114.93
C ARG NA 160 113.87 -35.19 115.53
N GLN NA 161 112.60 -35.21 115.16
CA GLN NA 161 111.67 -34.17 115.59
C GLN NA 161 111.55 -34.09 117.10
N HIS NA 162 111.70 -35.20 117.80
CA HIS NA 162 111.47 -35.23 119.23
C HIS NA 162 112.75 -35.24 120.05
N LYS NA 163 113.91 -35.27 119.42
CA LYS NA 163 115.19 -35.17 120.11
C LYS NA 163 116.02 -34.10 119.42
N PRO NA 164 115.86 -32.83 119.82
CA PRO NA 164 114.98 -32.30 120.87
C PRO NA 164 113.56 -32.04 120.38
N ARG NA 165 112.59 -32.03 121.28
CA ARG NA 165 111.22 -31.76 120.89
C ARG NA 165 110.93 -30.27 120.76
N PHE NA 166 111.75 -29.41 121.36
CA PHE NA 166 111.54 -27.98 121.34
C PHE NA 166 112.88 -27.31 121.15
N THR NA 167 113.02 -26.47 120.13
CA THR NA 167 114.30 -25.84 119.85
C THR NA 167 114.08 -24.44 119.30
N THR NA 168 115.08 -23.59 119.49
CA THR NA 168 114.93 -22.19 119.11
C THR NA 168 114.98 -22.01 117.60
N LYS NA 169 116.08 -22.42 116.98
CA LYS NA 169 116.25 -22.21 115.55
C LYS NA 169 115.32 -23.11 114.76
N ARG NA 170 114.73 -22.56 113.71
CA ARG NA 170 114.04 -23.38 112.74
C ARG NA 170 115.06 -24.24 112.00
N PRO NA 171 114.74 -25.51 111.77
CA PRO NA 171 115.70 -26.42 111.13
C PRO NA 171 115.88 -26.07 109.65
N ASN NA 172 116.75 -26.83 109.01
CA ASN NA 172 117.10 -26.62 107.61
C ASN NA 172 117.18 -27.96 106.90
N THR NA 173 117.07 -27.91 105.59
CA THR NA 173 117.07 -29.11 104.77
C THR NA 173 118.03 -29.05 103.60
N PHE NA 174 118.45 -27.86 103.19
CA PHE NA 174 119.50 -27.77 102.19
C PHE NA 174 120.81 -28.18 102.81
N PHE NA 175 121.66 -28.83 102.01
CA PHE NA 175 122.97 -29.26 102.50
C PHE NA 175 124.01 -29.26 101.40
N THR OA 1 56.22 -83.43 110.86
CA THR OA 1 55.57 -83.21 109.57
C THR OA 1 55.35 -84.51 108.82
N ASN OA 2 56.45 -85.18 108.50
CA ASN OA 2 56.40 -86.36 107.66
C ASN OA 2 55.71 -87.51 108.38
N THR OA 3 55.23 -88.45 107.58
CA THR OA 3 54.49 -89.61 108.09
C THR OA 3 55.45 -90.52 108.84
N LYS OA 4 54.93 -91.62 109.37
CA LYS OA 4 55.72 -92.54 110.18
C LYS OA 4 55.51 -93.97 109.71
N GLY OA 5 55.47 -94.15 108.39
CA GLY OA 5 55.33 -95.48 107.84
C GLY OA 5 56.57 -96.32 108.09
N LYS OA 6 56.40 -97.64 107.99
CA LYS OA 6 57.48 -98.55 108.31
C LYS OA 6 58.64 -98.46 107.32
N ARG OA 7 58.43 -97.92 106.13
CA ARG OA 7 59.44 -97.93 105.09
C ARG OA 7 59.56 -96.58 104.40
N ARG OA 8 59.35 -95.50 105.13
CA ARG OA 8 59.53 -94.18 104.56
C ARG OA 8 61.00 -93.89 104.35
N GLY OA 9 61.32 -93.17 103.28
CA GLY OA 9 62.70 -92.81 103.03
C GLY OA 9 63.58 -93.99 102.64
N THR OA 10 62.99 -95.06 102.11
CA THR OA 10 63.74 -96.24 101.73
C THR OA 10 63.73 -96.48 100.24
N ARG OA 11 63.44 -95.45 99.45
CA ARG OA 11 63.40 -95.61 98.00
C ARG OA 11 64.75 -96.06 97.46
N TYR OA 12 65.80 -95.31 97.77
CA TYR OA 12 67.15 -95.71 97.39
C TYR OA 12 67.79 -96.65 98.38
N MET OA 13 67.21 -96.77 99.57
CA MET OA 13 67.76 -97.66 100.57
C MET OA 13 67.57 -99.10 100.16
N PHE OA 14 66.35 -99.46 99.76
CA PHE OA 14 66.02 -100.84 99.45
C PHE OA 14 66.07 -101.16 97.96
N SER OA 15 66.51 -100.22 97.14
CA SER OA 15 66.67 -100.51 95.73
C SER OA 15 67.75 -101.56 95.53
N ARG OA 16 67.52 -102.48 94.61
CA ARG OA 16 68.55 -103.43 94.25
C ARG OA 16 69.72 -102.70 93.62
N PRO OA 17 70.95 -103.17 93.84
CA PRO OA 17 72.09 -102.57 93.15
C PRO OA 17 71.93 -102.73 91.65
N PHE OA 18 72.44 -101.75 90.91
CA PHE OA 18 72.30 -101.76 89.47
C PHE OA 18 72.85 -103.07 88.88
N ARG OA 19 72.13 -103.60 87.90
CA ARG OA 19 72.52 -104.84 87.22
C ARG OA 19 72.52 -106.01 88.21
N LYS OA 20 71.73 -105.88 89.26
CA LYS OA 20 71.63 -106.98 90.22
C LYS OA 20 70.19 -107.31 90.57
N HIS OA 21 69.20 -106.74 89.89
CA HIS OA 21 67.82 -107.09 90.15
C HIS OA 21 67.60 -108.57 89.85
N GLY OA 22 66.44 -109.07 90.28
CA GLY OA 22 66.04 -110.40 89.90
C GLY OA 22 66.20 -111.46 90.98
N VAL OA 23 66.33 -112.71 90.55
CA VAL OA 23 66.39 -113.84 91.47
C VAL OA 23 67.62 -113.70 92.35
N VAL OA 24 67.44 -113.93 93.65
CA VAL OA 24 68.53 -113.86 94.61
C VAL OA 24 69.55 -114.94 94.29
N PRO OA 25 70.84 -114.63 94.25
CA PRO OA 25 71.84 -115.69 94.25
C PRO OA 25 71.61 -116.63 95.42
N LEU OA 26 71.69 -117.93 95.12
CA LEU OA 26 71.28 -118.91 96.11
C LEU OA 26 72.33 -119.09 97.19
N ALA OA 27 73.59 -118.78 96.91
CA ALA OA 27 74.64 -118.93 97.91
C ALA OA 27 74.28 -118.27 99.22
N THR OA 28 73.75 -117.05 99.17
CA THR OA 28 73.39 -116.32 100.39
C THR OA 28 72.36 -117.03 101.24
N TYR OA 29 71.78 -118.12 100.74
CA TYR OA 29 70.70 -118.77 101.47
C TYR OA 29 71.24 -119.81 102.43
N MET OA 30 72.04 -120.76 101.93
CA MET OA 30 72.53 -121.83 102.79
C MET OA 30 73.78 -121.45 103.58
N ARG OA 31 74.05 -120.17 103.76
CA ARG OA 31 75.05 -119.79 104.75
C ARG OA 31 74.60 -120.26 106.12
N ILE OA 32 75.52 -120.80 106.90
CA ILE OA 32 75.19 -121.41 108.17
C ILE OA 32 75.42 -120.40 109.29
N TYR OA 33 74.35 -120.05 109.99
CA TYR OA 33 74.40 -119.05 111.05
C TYR OA 33 74.28 -119.76 112.40
N LYS OA 34 75.32 -119.66 113.20
CA LYS OA 34 75.35 -120.25 114.53
C LYS OA 34 74.61 -119.34 115.50
N LYS OA 35 74.77 -119.58 116.79
CA LYS OA 35 74.31 -118.67 117.82
C LYS OA 35 75.52 -117.97 118.43
N GLY OA 36 75.46 -116.64 118.50
CA GLY OA 36 76.57 -115.86 118.97
C GLY OA 36 77.51 -115.36 117.89
N ASP OA 37 77.36 -115.85 116.66
CA ASP OA 37 78.11 -115.32 115.53
C ASP OA 37 77.64 -113.91 115.19
N ILE OA 38 78.56 -113.13 114.62
CA ILE OA 38 78.33 -111.71 114.37
C ILE OA 38 77.94 -111.54 112.91
N VAL OA 39 76.85 -110.83 112.67
CA VAL OA 39 76.35 -110.58 111.32
C VAL OA 39 75.98 -109.10 111.21
N ASP OA 40 75.98 -108.60 109.97
CA ASP OA 40 75.54 -107.25 109.68
C ASP OA 40 74.17 -107.31 109.05
N ILE OA 41 73.49 -106.16 109.01
CA ILE OA 41 72.11 -106.08 108.53
C ILE OA 41 72.10 -105.28 107.23
N LYS OA 42 71.69 -105.93 106.15
CA LYS OA 42 71.56 -105.26 104.87
C LYS OA 42 70.11 -105.00 104.50
N GLY OA 43 69.26 -106.02 104.54
CA GLY OA 43 67.86 -105.79 104.21
C GLY OA 43 67.61 -105.71 102.73
N MET OA 44 67.84 -106.81 102.02
CA MET OA 44 67.56 -106.86 100.60
C MET OA 44 66.08 -106.63 100.35
N GLY OA 45 65.78 -105.80 99.35
CA GLY OA 45 64.41 -105.39 99.13
C GLY OA 45 63.55 -106.35 98.34
N THR OA 46 64.16 -107.26 97.58
CA THR OA 46 63.39 -108.13 96.71
C THR OA 46 62.57 -109.12 97.52
N VAL OA 47 62.96 -109.37 98.77
CA VAL OA 47 62.11 -110.15 99.66
C VAL OA 47 61.44 -109.21 100.65
N GLN OA 48 60.12 -109.15 100.59
CA GLN OA 48 59.37 -108.23 101.43
C GLN OA 48 58.97 -108.85 102.76
N LYS OA 49 59.27 -110.12 102.98
CA LYS OA 49 58.96 -110.79 104.23
C LYS OA 49 60.17 -110.75 105.15
N GLY OA 50 59.91 -110.70 106.45
CA GLY OA 50 60.99 -110.66 107.42
C GLY OA 50 61.85 -109.43 107.28
N MET OA 51 61.28 -108.34 106.79
CA MET OA 51 62.05 -107.13 106.55
C MET OA 51 62.47 -106.51 107.86
N PRO OA 52 63.74 -106.18 108.06
CA PRO OA 52 64.12 -105.32 109.18
C PRO OA 52 63.61 -103.92 108.97
N HIS OA 53 63.38 -103.22 110.08
CA HIS OA 53 62.97 -101.84 109.98
C HIS OA 53 64.11 -100.99 109.41
N LYS OA 54 63.77 -99.85 108.84
CA LYS OA 54 64.76 -99.05 108.13
C LYS OA 54 65.93 -98.67 109.02
N CYS OA 55 65.70 -98.53 110.33
CA CYS OA 55 66.77 -98.08 111.21
C CYS OA 55 67.92 -99.09 111.27
N TYR OA 56 67.61 -100.38 111.29
CA TYR OA 56 68.64 -101.39 111.53
C TYR OA 56 69.51 -101.67 110.33
N HIS OA 57 69.16 -101.18 109.15
CA HIS OA 57 69.99 -101.43 107.99
C HIS OA 57 71.38 -100.84 108.21
N GLY OA 58 72.38 -101.57 107.74
CA GLY OA 58 73.75 -101.08 107.86
C GLY OA 58 74.24 -101.00 109.28
N LYS OA 59 73.80 -101.90 110.15
CA LYS OA 59 74.33 -102.03 111.49
C LYS OA 59 74.68 -103.50 111.71
N THR OA 60 75.51 -103.76 112.71
CA THR OA 60 76.05 -105.08 112.95
C THR OA 60 75.53 -105.62 114.27
N GLY OA 61 75.22 -106.91 114.32
CA GLY OA 61 74.66 -107.51 115.53
C GLY OA 61 75.16 -108.94 115.71
N ARG OA 62 74.69 -109.54 116.79
CA ARG OA 62 75.05 -110.91 117.14
C ARG OA 62 73.78 -111.73 117.29
N VAL OA 63 73.84 -112.99 116.86
CA VAL OA 63 72.65 -113.81 116.77
C VAL OA 63 72.37 -114.45 118.12
N TYR OA 64 71.11 -114.35 118.57
CA TYR OA 64 70.70 -114.98 119.81
C TYR OA 64 69.71 -116.13 119.61
N ASN OA 65 69.20 -116.31 118.40
CA ASN OA 65 68.23 -117.38 118.15
C ASN OA 65 68.26 -117.71 116.67
N VAL OA 66 67.70 -118.87 116.33
CA VAL OA 66 67.68 -119.37 114.96
C VAL OA 66 66.40 -120.16 114.74
N THR OA 67 65.77 -119.94 113.59
CA THR OA 67 64.51 -120.60 113.29
C THR OA 67 64.50 -121.13 111.87
N GLN OA 68 63.32 -121.50 111.38
CA GLN OA 68 63.21 -122.10 110.04
C GLN OA 68 63.81 -121.20 108.97
N HIS OA 69 63.46 -119.91 108.99
CA HIS OA 69 63.90 -119.01 107.93
C HIS OA 69 64.50 -117.70 108.42
N ALA OA 70 64.62 -117.49 109.72
CA ALA OA 70 65.12 -116.24 110.25
C ALA OA 70 66.10 -116.52 111.38
N VAL OA 71 66.64 -115.44 111.95
CA VAL OA 71 67.51 -115.54 113.11
C VAL OA 71 67.18 -114.40 114.07
N GLY OA 72 67.33 -114.68 115.36
CA GLY OA 72 67.16 -113.64 116.35
C GLY OA 72 68.49 -112.99 116.67
N ILE OA 73 68.58 -111.68 116.48
CA ILE OA 73 69.84 -110.96 116.63
C ILE OA 73 69.64 -109.81 117.61
N VAL OA 74 70.75 -109.38 118.19
CA VAL OA 74 70.77 -108.28 119.15
C VAL OA 74 71.59 -107.14 118.57
N VAL OA 75 70.99 -105.98 118.47
CA VAL OA 75 71.63 -104.80 117.92
C VAL OA 75 71.37 -103.63 118.84
N ASN OA 76 72.38 -102.79 119.02
CA ASN OA 76 72.24 -101.61 119.86
C ASN OA 76 71.68 -100.47 119.02
N LYS OA 77 70.52 -99.95 119.42
CA LYS OA 77 69.86 -98.86 118.72
C LYS OA 77 69.92 -97.62 119.58
N GLN OA 78 70.28 -96.50 118.97
CA GLN OA 78 70.42 -95.24 119.68
C GLN OA 78 69.05 -94.56 119.75
N VAL OA 79 68.43 -94.60 120.92
CA VAL OA 79 67.26 -93.76 121.17
C VAL OA 79 67.81 -92.37 121.41
N LYS OA 80 66.92 -91.37 121.47
CA LYS OA 80 67.36 -89.99 121.56
C LYS OA 80 68.36 -89.78 122.69
N GLY OA 81 68.04 -90.27 123.88
CA GLY OA 81 68.88 -89.99 125.03
C GLY OA 81 69.98 -91.00 125.26
N LYS OA 82 69.74 -92.27 124.96
CA LYS OA 82 70.70 -93.32 125.26
C LYS OA 82 70.67 -94.34 124.14
N ILE OA 83 71.30 -95.49 124.37
CA ILE OA 83 71.32 -96.57 123.39
C ILE OA 83 70.82 -97.84 124.08
N LEU OA 84 69.91 -98.53 123.43
CA LEU OA 84 69.26 -99.70 124.00
C LEU OA 84 69.54 -100.92 123.14
N ALA OA 85 69.48 -102.09 123.75
CA ALA OA 85 69.73 -103.35 123.06
C ALA OA 85 68.41 -103.92 122.58
N LYS OA 86 68.30 -104.11 121.26
CA LYS OA 86 67.07 -104.58 120.65
C LYS OA 86 67.24 -105.99 120.12
N ARG OA 87 66.24 -106.84 120.36
CA ARG OA 87 66.20 -108.18 119.79
C ARG OA 87 65.15 -108.22 118.69
N ILE OA 88 65.59 -108.48 117.47
CA ILE OA 88 64.72 -108.42 116.29
C ILE OA 88 64.90 -109.69 115.49
N ASN OA 89 63.90 -110.00 114.67
CA ASN OA 89 63.89 -111.22 113.86
C ASN OA 89 63.87 -110.86 112.38
N VAL OA 90 64.78 -111.44 111.61
CA VAL OA 90 64.96 -111.08 110.21
C VAL OA 90 65.22 -112.35 109.41
N ARG OA 91 64.51 -112.50 108.29
CA ARG OA 91 64.76 -113.61 107.39
C ARG OA 91 66.16 -113.50 106.80
N ILE OA 92 66.74 -114.66 106.50
CA ILE OA 92 68.17 -114.78 106.29
C ILE OA 92 68.71 -113.85 105.21
N GLU OA 93 68.05 -113.75 104.06
CA GLU OA 93 68.61 -113.03 102.93
C GLU OA 93 68.83 -111.55 103.19
N HIS OA 94 68.41 -111.03 104.34
CA HIS OA 94 68.66 -109.62 104.65
C HIS OA 94 69.96 -109.41 105.41
N ILE OA 95 70.67 -110.47 105.78
CA ILE OA 95 71.85 -110.34 106.61
C ILE OA 95 73.00 -111.15 106.02
N LYS OA 96 74.22 -110.78 106.40
CA LYS OA 96 75.43 -111.41 105.90
C LYS OA 96 76.39 -111.62 107.05
N HIS OA 97 77.35 -112.52 106.84
CA HIS OA 97 78.43 -112.70 107.82
C HIS OA 97 79.30 -111.46 107.85
N SER OA 98 79.84 -111.16 109.02
CA SER OA 98 80.67 -109.96 109.20
C SER OA 98 82.13 -110.39 109.28
N LYS OA 99 82.96 -109.77 108.45
CA LYS OA 99 84.37 -110.15 108.38
C LYS OA 99 85.21 -109.54 109.50
N SER OA 100 84.66 -108.62 110.30
CA SER OA 100 85.45 -107.99 111.35
C SER OA 100 85.90 -109.01 112.38
N ARG OA 101 84.94 -109.70 112.99
CA ARG OA 101 85.27 -110.72 113.97
C ARG OA 101 86.10 -111.83 113.36
N ASP OA 102 85.86 -112.15 112.08
CA ASP OA 102 86.65 -113.19 111.43
C ASP OA 102 88.10 -112.80 111.32
N SER OA 103 88.38 -111.55 110.91
CA SER OA 103 89.76 -111.10 110.84
C SER OA 103 90.39 -111.06 112.22
N PHE OA 104 89.64 -110.61 113.22
CA PHE OA 104 90.18 -110.60 114.57
C PHE OA 104 90.54 -112.02 115.01
N LEU OA 105 89.67 -112.98 114.71
CA LEU OA 105 89.94 -114.36 115.10
C LEU OA 105 91.13 -114.93 114.35
N LYS OA 106 91.29 -114.59 113.07
CA LYS OA 106 92.47 -115.04 112.34
C LYS OA 106 93.74 -114.50 112.98
N ARG OA 107 93.73 -113.22 113.34
CA ARG OA 107 94.89 -112.63 113.99
C ARG OA 107 95.13 -113.30 115.34
N VAL OA 108 94.06 -113.62 116.07
CA VAL OA 108 94.21 -114.27 117.37
C VAL OA 108 94.81 -115.67 117.22
N LYS OA 109 94.36 -116.42 116.22
CA LYS OA 109 94.92 -117.76 115.99
C LYS OA 109 96.38 -117.68 115.62
N GLU OA 110 96.75 -116.71 114.77
CA GLU OA 110 98.16 -116.50 114.48
C GLU OA 110 98.91 -116.15 115.77
N ASN OA 111 98.30 -115.34 116.63
CA ASN OA 111 98.93 -115.00 117.90
C ASN OA 111 99.14 -116.23 118.76
N ASP OA 112 98.17 -117.14 118.76
CA ASP OA 112 98.28 -118.34 119.59
C ASP OA 112 99.38 -119.25 119.08
N GLN OA 113 99.45 -119.46 117.76
CA GLN OA 113 100.53 -120.30 117.24
C GLN OA 113 101.89 -119.61 117.41
N LYS OA 114 101.92 -118.28 117.31
CA LYS OA 114 103.14 -117.54 117.61
C LYS OA 114 103.56 -117.71 119.06
N LYS OA 115 102.58 -117.67 119.96
CA LYS OA 115 102.83 -117.91 121.38
C LYS OA 115 103.39 -119.32 121.58
N LYS OA 116 102.83 -120.29 120.87
CA LYS OA 116 103.35 -121.66 120.96
C LYS OA 116 104.80 -121.74 120.50
N GLU OA 117 105.09 -121.15 119.35
CA GLU OA 117 106.43 -121.26 118.77
C GLU OA 117 107.47 -120.46 119.54
N ALA OA 118 107.10 -119.31 120.10
CA ALA OA 118 108.07 -118.49 120.81
C ALA OA 118 108.51 -119.13 122.12
N LYS OA 119 107.65 -119.95 122.72
CA LYS OA 119 107.97 -120.52 124.02
C LYS OA 119 109.24 -121.36 123.97
N GLU OA 120 109.19 -122.47 123.23
CA GLU OA 120 110.30 -123.42 123.28
C GLU OA 120 111.55 -122.86 122.58
N LYS OA 121 111.37 -121.99 121.59
CA LYS OA 121 112.53 -121.44 120.90
C LYS OA 121 113.27 -120.43 121.77
N GLY OA 122 112.64 -119.94 122.83
CA GLY OA 122 113.31 -119.14 123.83
C GLY OA 122 113.43 -117.67 123.54
N THR OA 123 113.13 -117.23 122.33
CA THR OA 123 113.26 -115.81 122.01
C THR OA 123 111.98 -115.07 122.35
N TRP OA 124 112.14 -113.81 122.75
CA TRP OA 124 111.02 -112.95 123.11
C TRP OA 124 110.45 -112.32 121.84
N VAL OA 125 109.13 -112.34 121.71
CA VAL OA 125 108.48 -111.91 120.49
C VAL OA 125 107.41 -110.88 120.83
N GLN OA 126 107.06 -110.09 119.83
CA GLN OA 126 106.14 -108.98 119.97
C GLN OA 126 104.73 -109.46 119.60
N LEU OA 127 103.73 -108.96 120.33
CA LEU OA 127 102.37 -109.42 120.13
C LEU OA 127 101.41 -108.32 119.72
N LYS OA 128 101.43 -107.16 120.39
CA LYS OA 128 100.47 -106.11 120.10
C LYS OA 128 100.65 -105.59 118.68
N ARG OA 129 99.77 -104.67 118.27
CA ARG OA 129 99.94 -104.01 116.99
C ARG OA 129 100.13 -102.52 117.22
N GLN OA 130 101.19 -101.97 116.65
CA GLN OA 130 101.55 -100.59 116.89
C GLN OA 130 101.07 -99.69 115.77
N PRO OA 131 100.72 -98.45 116.09
CA PRO OA 131 100.07 -97.57 115.11
C PRO OA 131 101.01 -96.76 114.23
N ALA OA 132 101.70 -97.46 113.33
CA ALA OA 132 102.53 -96.83 112.30
C ALA OA 132 103.53 -95.85 112.92
N PRO OA 133 104.59 -96.36 113.55
CA PRO OA 133 105.53 -95.50 114.27
C PRO OA 133 106.35 -94.65 113.31
N PRO OA 134 107.28 -93.84 113.82
CA PRO OA 134 108.20 -93.08 112.95
C PRO OA 134 108.90 -93.98 111.93
N ARG OA 135 109.63 -93.34 111.01
CA ARG OA 135 110.00 -94.00 109.77
C ARG OA 135 111.50 -94.13 109.52
N GLU OA 136 112.32 -94.34 110.55
CA GLU OA 136 113.61 -95.01 110.34
C GLU OA 136 114.53 -94.33 109.33
N ALA OA 137 115.12 -93.19 109.71
CA ALA OA 137 116.01 -92.40 108.86
C ALA OA 137 116.84 -93.24 107.90
N HIS OA 138 116.83 -92.87 106.63
CA HIS OA 138 117.46 -93.66 105.58
C HIS OA 138 118.07 -92.71 104.57
N PHE OA 139 118.72 -93.27 103.56
CA PHE OA 139 119.35 -92.49 102.51
C PHE OA 139 118.53 -92.60 101.24
N VAL OA 140 118.73 -91.64 100.34
CA VAL OA 140 118.12 -91.68 99.02
C VAL OA 140 119.22 -91.47 97.99
N ARG OA 141 119.34 -92.41 97.06
CA ARG OA 141 120.38 -92.35 96.04
C ARG OA 141 120.08 -91.27 95.02
N THR OA 142 121.13 -90.84 94.32
CA THR OA 142 120.99 -89.86 93.26
C THR OA 142 121.43 -90.37 91.90
N ASN OA 143 122.38 -91.30 91.86
CA ASN OA 143 122.87 -91.90 90.62
C ASN OA 143 123.35 -90.84 89.63
N GLY OA 144 123.76 -89.68 90.13
CA GLY OA 144 124.20 -88.60 89.27
C GLY OA 144 123.11 -87.93 88.48
N LYS OA 145 121.84 -88.29 88.71
CA LYS OA 145 120.73 -87.64 88.01
C LYS OA 145 120.43 -86.32 88.71
N GLU OA 146 120.33 -85.26 87.93
CA GLU OA 146 120.00 -83.96 88.48
C GLU OA 146 118.50 -83.92 88.82
N PRO OA 147 118.15 -83.59 90.06
CA PRO OA 147 116.74 -83.34 90.39
C PRO OA 147 116.19 -82.26 89.46
N GLU OA 148 115.23 -82.64 88.65
CA GLU OA 148 114.60 -81.71 87.72
C GLU OA 148 113.92 -80.57 88.47
N LEU OA 149 113.96 -79.40 87.86
CA LEU OA 149 113.41 -78.18 88.46
C LEU OA 149 112.00 -77.95 87.96
N LEU OA 150 111.04 -78.02 88.86
CA LEU OA 150 109.69 -77.63 88.53
C LEU OA 150 109.56 -76.13 88.60
N GLU OA 151 108.43 -75.63 88.10
CA GLU OA 151 108.13 -74.24 88.04
C GLU OA 151 106.66 -74.19 87.67
N PRO OA 152 105.83 -73.48 88.43
CA PRO OA 152 104.39 -73.47 88.11
C PRO OA 152 104.20 -73.01 86.66
N ILE OA 153 103.25 -73.63 85.97
CA ILE OA 153 102.96 -73.27 84.59
C ILE OA 153 102.10 -72.01 84.58
N PRO OA 154 102.18 -71.14 83.58
CA PRO OA 154 101.53 -69.85 83.73
C PRO OA 154 100.03 -69.84 83.51
N TYR OA 155 99.38 -68.87 84.11
CA TYR OA 155 97.94 -68.92 84.02
C TYR OA 155 97.55 -68.58 82.60
N GLU OA 156 96.62 -69.37 82.09
CA GLU OA 156 96.00 -69.09 80.83
C GLU OA 156 94.52 -69.33 81.06
N PHE OA 157 93.68 -68.56 80.38
CA PHE OA 157 92.25 -68.73 80.55
C PHE OA 157 91.73 -69.56 79.38
N MET OA 158 91.78 -70.88 79.58
CA MET OA 158 91.38 -71.81 78.54
C MET OA 158 89.90 -71.65 78.20
N ALA OA 159 89.06 -71.51 79.23
CA ALA OA 159 87.61 -71.36 79.05
C ALA OA 159 86.96 -71.09 80.38
N GLN PA 1 -20.29 33.55 157.35
CA GLN PA 1 -20.39 32.53 158.39
C GLN PA 1 -19.04 31.88 158.64
N VAL PA 2 -18.05 32.23 157.81
CA VAL PA 2 -16.70 31.70 157.94
C VAL PA 2 -15.81 32.64 158.75
N LEU PA 3 -16.33 33.79 159.15
CA LEU PA 3 -15.58 34.85 159.79
C LEU PA 3 -15.13 34.43 161.19
N LYS PA 4 -14.53 35.39 161.90
CA LYS PA 4 -13.94 35.18 163.22
C LYS PA 4 -12.86 34.10 163.17
N PHE PA 5 -11.78 34.47 162.50
CA PHE PA 5 -10.61 33.63 162.34
C PHE PA 5 -9.42 34.35 162.92
N THR PA 6 -8.90 33.84 164.04
CA THR PA 6 -7.92 34.55 164.84
C THR PA 6 -6.54 33.91 164.70
N LEU PA 7 -5.51 34.74 164.66
CA LEU PA 7 -4.13 34.31 164.64
C LEU PA 7 -3.42 34.92 165.84
N ASP PA 8 -2.71 34.08 166.60
CA ASP PA 8 -2.07 34.51 167.84
C ASP PA 8 -0.56 34.50 167.64
N CYS PA 9 0.09 35.57 168.11
CA CYS PA 9 1.55 35.66 168.20
C CYS PA 9 1.85 36.62 169.36
N THR PA 10 2.13 36.05 170.53
CA THR PA 10 2.52 36.84 171.69
C THR PA 10 3.96 36.59 172.10
N HIS PA 11 4.31 35.34 172.35
CA HIS PA 11 5.67 35.01 172.81
C HIS PA 11 6.76 35.54 171.90
N PRO PA 12 6.67 35.45 170.56
CA PRO PA 12 7.68 36.12 169.74
C PRO PA 12 7.70 37.62 169.92
N VAL PA 13 6.52 38.26 169.90
CA VAL PA 13 6.49 39.71 170.02
C VAL PA 13 6.92 40.14 171.42
N GLU PA 14 6.58 39.35 172.45
CA GLU PA 14 7.09 39.66 173.77
C GLU PA 14 8.55 39.27 173.93
N ASP PA 15 9.13 38.57 172.96
CA ASP PA 15 10.58 38.43 172.91
C ASP PA 15 11.22 39.53 172.08
N GLY PA 16 10.42 40.34 171.39
CA GLY PA 16 10.96 41.36 170.52
C GLY PA 16 11.64 40.83 169.27
N ILE PA 17 11.35 39.59 168.88
CA ILE PA 17 12.01 39.00 167.72
C ILE PA 17 11.39 39.49 166.43
N MET PA 18 10.14 39.96 166.46
CA MET PA 18 9.48 40.36 165.24
C MET PA 18 8.48 41.47 165.53
N ASP PA 19 8.32 42.37 164.55
CA ASP PA 19 7.35 43.45 164.62
C ASP PA 19 6.00 42.93 164.22
N ALA PA 20 4.97 43.28 165.00
CA ALA PA 20 3.62 42.89 164.65
C ALA PA 20 3.11 43.62 163.42
N ALA PA 21 3.52 44.87 163.21
CA ALA PA 21 2.98 45.70 162.15
C ALA PA 21 3.28 45.16 160.76
N ASN PA 22 4.45 44.54 160.56
CA ASN PA 22 4.79 44.04 159.24
C ASN PA 22 3.86 42.94 158.77
N PHE PA 23 3.25 42.20 159.69
CA PHE PA 23 2.41 41.08 159.29
C PHE PA 23 1.24 41.55 158.44
N GLU PA 24 0.44 42.48 158.95
CA GLU PA 24 -0.75 42.90 158.20
C GLU PA 24 -0.37 43.30 156.79
N GLN PA 25 0.63 44.18 156.66
CA GLN PA 25 1.10 44.58 155.34
C GLN PA 25 1.79 43.45 154.60
N PHE PA 26 2.04 42.31 155.26
CA PHE PA 26 2.51 41.14 154.55
C PHE PA 26 1.35 40.34 153.94
N LEU PA 27 0.27 40.14 154.71
CA LEU PA 27 -0.80 39.29 154.20
C LEU PA 27 -1.78 40.01 153.30
N GLN PA 28 -2.02 41.32 153.50
CA GLN PA 28 -3.11 41.95 152.75
C GLN PA 28 -2.87 41.90 151.25
N GLU PA 29 -1.63 41.78 150.81
CA GLU PA 29 -1.32 41.62 149.39
C GLU PA 29 -0.99 40.19 149.01
N ARG PA 30 -0.32 39.43 149.87
CA ARG PA 30 -0.14 38.00 149.63
C ARG PA 30 -1.24 37.20 150.31
N ILE PA 31 -2.48 37.61 150.03
CA ILE PA 31 -3.66 36.81 150.31
C ILE PA 31 -4.28 36.48 148.97
N LYS PA 32 -4.73 35.25 148.81
CA LYS PA 32 -5.17 34.77 147.51
C LYS PA 32 -6.66 34.45 147.60
N VAL PA 33 -7.48 35.43 147.28
CA VAL PA 33 -8.92 35.28 147.24
C VAL PA 33 -9.32 35.07 145.80
N ASN PA 34 -9.86 33.89 145.50
CA ASN PA 34 -10.19 33.49 144.12
C ASN PA 34 -8.97 33.63 143.22
N GLY PA 35 -7.81 33.19 143.72
CA GLY PA 35 -6.60 33.15 142.92
C GLY PA 35 -6.07 34.49 142.46
N LYS PA 36 -6.15 35.51 143.30
CA LYS PA 36 -5.50 36.78 143.02
C LYS PA 36 -4.93 37.33 144.32
N ALA PA 37 -3.91 38.18 144.19
CA ALA PA 37 -3.15 38.67 145.33
C ALA PA 37 -3.32 40.19 145.46
N GLY PA 38 -3.46 40.65 146.69
CA GLY PA 38 -3.64 42.07 146.95
C GLY PA 38 -5.11 42.45 147.09
N ASN PA 39 -5.31 43.68 147.54
CA ASN PA 39 -6.60 44.37 147.54
C ASN PA 39 -7.68 43.63 148.31
N LEU PA 40 -7.33 42.51 148.95
CA LEU PA 40 -8.18 41.77 149.87
C LEU PA 40 -9.50 41.32 149.25
N GLY PA 41 -9.67 41.51 147.94
CA GLY PA 41 -10.94 41.28 147.30
C GLY PA 41 -11.87 42.47 147.35
N GLY PA 42 -11.68 43.36 148.33
CA GLY PA 42 -12.40 44.62 148.39
C GLY PA 42 -13.57 44.57 149.37
N GLY PA 43 -13.35 45.08 150.58
CA GLY PA 43 -14.38 45.05 151.59
C GLY PA 43 -14.88 43.66 151.92
N VAL PA 44 -14.09 42.62 151.67
CA VAL PA 44 -14.54 41.24 151.84
C VAL PA 44 -13.69 40.58 152.92
N VAL PA 45 -12.37 40.63 152.77
CA VAL PA 45 -11.45 40.04 153.75
C VAL PA 45 -11.11 41.11 154.78
N THR PA 46 -11.48 40.85 156.03
CA THR PA 46 -11.26 41.79 157.12
C THR PA 46 -10.00 41.37 157.88
N ILE PA 47 -9.07 42.30 158.02
CA ILE PA 47 -7.80 42.05 158.68
C ILE PA 47 -7.49 43.21 159.61
N GLU PA 48 -7.55 42.95 160.91
CA GLU PA 48 -7.15 43.93 161.92
C GLU PA 48 -6.15 43.27 162.86
N ARG PA 49 -5.77 44.01 163.90
CA ARG PA 49 -4.74 43.52 164.81
C ARG PA 49 -4.81 44.31 166.10
N SER PA 50 -5.12 43.64 167.20
CA SER PA 50 -5.21 44.29 168.51
C SER PA 50 -3.88 44.22 169.27
N LYS PA 51 -2.81 44.61 168.58
CA LYS PA 51 -1.49 44.84 169.13
C LYS PA 51 -0.80 43.58 169.64
N SER PA 52 -1.54 42.46 169.71
CA SER PA 52 -0.91 41.17 169.95
C SER PA 52 -1.54 40.04 169.17
N LYS PA 53 -2.73 40.23 168.61
CA LYS PA 53 -3.51 39.12 168.07
C LYS PA 53 -4.07 39.56 166.72
N ILE PA 54 -4.08 38.63 165.78
CA ILE PA 54 -4.45 38.90 164.40
C ILE PA 54 -5.73 38.14 164.09
N THR PA 55 -6.68 38.79 163.44
CA THR PA 55 -7.96 38.19 163.13
C THR PA 55 -8.28 38.37 161.66
N VAL PA 56 -8.76 37.30 161.02
CA VAL PA 56 -8.84 37.26 159.57
C VAL PA 56 -10.27 36.98 159.10
N THR PA 57 -11.25 37.54 159.81
CA THR PA 57 -12.65 37.29 159.48
C THR PA 57 -12.93 37.57 158.01
N SER PA 58 -13.72 36.69 157.39
CA SER PA 58 -14.07 36.82 155.99
C SER PA 58 -15.42 36.17 155.74
N GLU PA 59 -16.05 36.56 154.64
CA GLU PA 59 -17.29 35.94 154.19
C GLU PA 59 -17.06 34.85 153.15
N VAL PA 60 -15.84 34.72 152.62
CA VAL PA 60 -15.53 33.68 151.64
C VAL PA 60 -15.24 32.41 152.44
N PRO PA 61 -15.16 31.24 151.80
CA PRO PA 61 -14.96 30.00 152.58
C PRO PA 61 -13.51 29.79 153.00
N PHE PA 62 -12.74 30.88 153.05
CA PHE PA 62 -11.34 30.91 153.44
C PHE PA 62 -11.02 29.92 154.56
N SER PA 63 -9.91 29.20 154.43
CA SER PA 63 -9.62 28.06 155.29
C SER PA 63 -8.48 28.35 156.25
N LYS PA 64 -8.16 27.34 157.06
CA LYS PA 64 -7.20 27.49 158.13
C LYS PA 64 -5.76 27.35 157.62
N ARG PA 65 -5.56 26.48 156.65
CA ARG PA 65 -4.22 26.24 156.11
C ARG PA 65 -3.80 27.31 155.13
N TYR PA 66 -4.72 28.13 154.63
CA TYR PA 66 -4.35 29.42 154.09
C TYR PA 66 -3.37 30.12 155.01
N LEU PA 67 -3.84 30.38 156.24
CA LEU PA 67 -3.03 31.08 157.23
C LEU PA 67 -1.82 30.27 157.64
N LYS PA 68 -1.96 28.96 157.76
CA LYS PA 68 -0.83 28.12 158.09
C LYS PA 68 0.28 28.27 157.05
N TYR PA 69 -0.09 28.20 155.77
CA TYR PA 69 0.88 28.31 154.69
C TYR PA 69 1.50 29.69 154.66
N LEU PA 70 0.69 30.74 154.83
CA LEU PA 70 1.25 32.09 154.79
C LEU PA 70 2.21 32.32 155.94
N THR PA 71 1.84 31.87 157.14
CA THR PA 71 2.76 31.97 158.26
C THR PA 71 4.03 31.19 158.01
N LYS PA 72 3.91 30.01 157.40
CA LYS PA 72 5.09 29.22 157.08
C LYS PA 72 6.03 30.00 156.16
N LYS PA 73 5.48 30.54 155.07
CA LYS PA 73 6.29 31.29 154.11
C LYS PA 73 6.92 32.51 154.77
N TYR PA 74 6.14 33.25 155.56
CA TYR PA 74 6.64 34.42 156.25
C TYR PA 74 7.78 34.05 157.18
N LEU PA 75 7.59 32.98 157.95
CA LEU PA 75 8.58 32.60 158.95
C LEU PA 75 9.87 32.16 158.29
N LYS PA 76 9.78 31.43 157.18
CA LYS PA 76 10.99 31.02 156.48
C LYS PA 76 11.70 32.22 155.84
N LYS PA 77 10.93 33.11 155.23
CA LYS PA 77 11.52 34.23 154.50
C LYS PA 77 12.31 35.14 155.45
N ASN PA 78 11.77 35.41 156.63
CA ASN PA 78 12.45 36.21 157.63
C ASN PA 78 13.37 35.37 158.51
N ASN PA 79 13.49 34.08 158.22
CA ASN PA 79 14.55 33.23 158.77
C ASN PA 79 14.43 33.08 160.28
N LEU PA 80 13.27 32.62 160.72
CA LEU PA 80 13.08 32.21 162.10
C LEU PA 80 12.45 30.84 162.23
N ARG PA 81 12.39 30.06 161.15
CA ARG PA 81 11.94 28.67 161.23
C ARG PA 81 13.08 27.79 161.75
N ASP PA 82 13.62 28.22 162.88
CA ASP PA 82 14.76 27.57 163.50
C ASP PA 82 14.47 27.30 164.96
N TRP PA 83 13.81 28.26 165.62
CA TRP PA 83 13.36 28.08 166.99
C TRP PA 83 11.87 28.28 167.15
N LEU PA 84 11.16 28.65 166.08
CA LEU PA 84 9.74 28.99 166.17
C LEU PA 84 8.93 27.87 165.55
N ARG PA 85 7.89 27.43 166.25
CA ARG PA 85 6.99 26.39 165.78
C ARG PA 85 5.56 26.89 165.89
N VAL PA 86 4.82 26.81 164.79
CA VAL PA 86 3.44 27.25 164.74
C VAL PA 86 2.53 26.07 165.06
N VAL PA 87 1.62 26.27 166.00
CA VAL PA 87 0.78 25.19 166.51
C VAL PA 87 -0.63 25.71 166.73
N ALA PA 88 -1.63 24.94 166.30
CA ALA PA 88 -3.01 25.29 166.56
C ALA PA 88 -3.30 25.14 168.05
N ASN PA 89 -4.07 26.09 168.58
CA ASN PA 89 -4.47 26.07 169.99
C ASN PA 89 -5.93 25.68 170.17
N SER PA 90 -6.78 26.03 169.22
CA SER PA 90 -8.21 25.70 169.28
C SER PA 90 -8.81 25.97 167.90
N LYS PA 91 -10.13 25.91 167.84
CA LYS PA 91 -10.82 26.30 166.62
C LYS PA 91 -10.60 27.78 166.36
N GLU PA 92 -10.65 28.15 165.08
CA GLU PA 92 -10.63 29.54 164.62
C GLU PA 92 -9.43 30.32 165.15
N SER PA 93 -8.51 29.62 165.79
CA SER PA 93 -7.39 30.26 166.47
C SER PA 93 -6.13 29.45 166.25
N TYR PA 94 -5.08 30.12 165.77
CA TYR PA 94 -3.80 29.49 165.45
C TYR PA 94 -2.69 30.28 166.11
N GLU PA 95 -2.13 29.76 167.17
CA GLU PA 95 -1.09 30.46 167.89
C GLU PA 95 0.28 29.98 167.43
N LEU PA 96 1.32 30.61 167.97
CA LEU PA 96 2.68 30.41 167.49
C LEU PA 96 3.60 30.39 168.71
N ARG PA 97 3.98 29.20 169.15
CA ARG PA 97 4.80 29.05 170.33
C ARG PA 97 6.24 28.76 169.95
N TYR PA 98 7.05 28.46 170.96
CA TYR PA 98 8.49 28.30 170.82
C TYR PA 98 8.82 26.83 170.58
N PHE PA 99 10.07 26.54 170.24
CA PHE PA 99 10.53 25.17 170.06
C PHE PA 99 10.92 24.56 171.39
N GLN PA 100 10.98 23.24 171.42
CA GLN PA 100 11.29 22.52 172.65
C GLN PA 100 12.71 22.83 173.10
N ILE PA 101 12.91 22.94 174.40
CA ILE PA 101 14.16 23.42 174.98
C ILE PA 101 15.17 22.30 175.14
N SER QA 1 55.67 10.25 81.09
CA SER QA 1 54.44 9.69 81.65
C SER QA 1 54.54 9.52 83.16
N GLY QA 2 54.30 8.30 83.62
CA GLY QA 2 54.34 8.00 85.03
C GLY QA 2 53.23 7.09 85.48
N ALA QA 3 53.56 6.07 86.27
CA ALA QA 3 52.57 5.12 86.75
C ALA QA 3 51.75 5.72 87.89
N LYS QA 4 50.67 5.04 88.24
CA LYS QA 4 49.71 5.57 89.21
C LYS QA 4 50.29 5.53 90.62
N PHE QA 5 49.53 6.04 91.58
CA PHE QA 5 49.94 6.08 92.97
C PHE QA 5 49.05 5.15 93.78
N ARG QA 6 49.62 4.54 94.80
CA ARG QA 6 48.87 3.63 95.64
C ARG QA 6 47.75 4.39 96.35
N ILE QA 7 46.58 3.75 96.42
CA ILE QA 7 45.39 4.37 97.01
C ILE QA 7 44.72 3.37 97.92
N SER QA 8 43.85 3.89 98.79
CA SER QA 8 43.13 3.04 99.73
C SER QA 8 42.24 2.08 98.96
N LEU QA 9 42.37 0.79 99.27
CA LEU QA 9 41.75 -0.23 98.43
C LEU QA 9 40.24 -0.25 98.65
N GLY QA 10 39.81 -0.63 99.85
CA GLY QA 10 38.44 -0.50 100.28
C GLY QA 10 37.38 -1.14 99.41
N LEU QA 11 37.75 -1.97 98.44
CA LEU QA 11 36.78 -2.62 97.56
C LEU QA 11 37.16 -4.08 97.34
N PRO QA 12 36.82 -4.97 98.28
CA PRO QA 12 37.24 -6.37 98.16
C PRO QA 12 36.54 -7.13 97.05
N VAL QA 13 36.88 -8.41 96.91
CA VAL QA 13 36.42 -9.19 95.76
C VAL QA 13 34.93 -9.47 95.87
N GLY QA 14 34.41 -9.60 97.09
CA GLY QA 14 33.03 -9.99 97.24
C GLY QA 14 32.04 -8.88 96.95
N ALA QA 15 32.52 -7.70 96.59
CA ALA QA 15 31.68 -6.53 96.56
C ALA QA 15 30.74 -6.52 95.36
N VAL QA 16 29.73 -5.66 95.43
CA VAL QA 16 28.74 -5.48 94.38
C VAL QA 16 28.73 -4.00 94.02
N ILE QA 17 29.01 -3.70 92.76
CA ILE QA 17 29.08 -2.33 92.28
C ILE QA 17 28.21 -2.19 91.05
N ASN QA 18 27.92 -0.95 90.68
CA ASN QA 18 27.01 -0.65 89.60
C ASN QA 18 27.76 -0.15 88.38
N CYS QA 19 27.12 -0.29 87.22
CA CYS QA 19 27.69 0.14 85.95
C CYS QA 19 27.24 1.57 85.65
N ALA QA 20 28.19 2.39 85.22
CA ALA QA 20 27.94 3.79 84.93
C ALA QA 20 28.00 4.06 83.43
N ASP QA 21 27.45 3.14 82.64
CA ASP QA 21 27.59 3.17 81.20
C ASP QA 21 26.24 3.08 80.50
N ASN QA 22 26.25 2.88 79.18
CA ASN QA 22 25.02 2.70 78.42
C ASN QA 22 24.85 1.27 77.92
N THR QA 23 25.68 0.33 78.38
CA THR QA 23 25.55 -1.03 77.89
C THR QA 23 24.33 -1.74 78.44
N GLY QA 24 23.61 -1.13 79.36
CA GLY QA 24 22.40 -1.73 79.89
C GLY QA 24 22.63 -2.63 81.09
N ALA QA 25 23.85 -3.06 81.32
CA ALA QA 25 24.15 -3.77 82.55
C ALA QA 25 24.01 -2.84 83.73
N LYS QA 26 23.44 -3.34 84.82
CA LYS QA 26 23.24 -2.55 86.02
C LYS QA 26 24.22 -2.92 87.11
N ASN QA 27 24.31 -4.20 87.45
CA ASN QA 27 25.07 -4.68 88.58
C ASN QA 27 26.43 -5.19 88.12
N LEU QA 28 27.36 -5.27 89.07
CA LEU QA 28 28.71 -5.76 88.79
C LEU QA 28 29.23 -6.43 90.06
N TYR QA 29 29.53 -7.72 89.96
CA TYR QA 29 30.04 -8.50 91.08
C TYR QA 29 31.50 -8.81 90.80
N ILE QA 30 32.41 -8.13 91.50
CA ILE QA 30 33.83 -8.28 91.25
C ILE QA 30 34.22 -9.74 91.40
N ILE QA 31 35.12 -10.21 90.53
CA ILE QA 31 35.43 -11.62 90.49
C ILE QA 31 36.88 -11.85 90.90
N SER QA 32 37.72 -10.85 90.66
CA SER QA 32 39.15 -10.90 90.94
C SER QA 32 39.72 -9.56 90.53
N VAL QA 33 41.01 -9.38 90.80
CA VAL QA 33 41.70 -8.16 90.42
C VAL QA 33 42.92 -8.52 89.58
N LYS QA 34 43.05 -7.88 88.42
CA LYS QA 34 44.19 -8.15 87.57
C LYS QA 34 45.45 -7.57 88.17
N GLY QA 35 46.51 -8.38 88.15
CA GLY QA 35 47.80 -7.91 88.61
C GLY QA 35 48.04 -7.99 90.10
N ILE QA 36 47.20 -8.70 90.84
CA ILE QA 36 47.38 -8.85 92.29
C ILE QA 36 48.11 -10.17 92.53
N LYS QA 37 49.29 -10.08 93.13
CA LYS QA 37 50.01 -11.30 93.48
C LYS QA 37 49.23 -12.12 94.50
N GLY QA 38 48.66 -11.47 95.50
CA GLY QA 38 47.91 -12.17 96.52
C GLY QA 38 48.71 -12.39 97.79
N ARG QA 39 48.03 -13.02 98.75
CA ARG QA 39 48.61 -13.30 100.05
C ARG QA 39 47.73 -14.32 100.74
N LEU QA 40 48.14 -14.74 101.93
CA LEU QA 40 47.41 -15.76 102.65
C LEU QA 40 46.14 -15.14 103.26
N ASN QA 41 44.98 -15.66 102.87
CA ASN QA 41 43.69 -15.24 103.41
C ASN QA 41 43.36 -13.78 103.11
N ARG QA 42 44.24 -13.10 102.38
CA ARG QA 42 43.99 -11.72 101.99
C ARG QA 42 43.23 -11.73 100.68
N LEU QA 43 41.93 -11.49 100.73
CA LEU QA 43 41.16 -11.47 99.49
C LEU QA 43 41.48 -10.20 98.73
N PRO QA 44 41.87 -10.30 97.46
CA PRO QA 44 42.31 -9.12 96.73
C PRO QA 44 41.18 -8.12 96.58
N ALA QA 45 41.54 -6.85 96.50
CA ALA QA 45 40.56 -5.79 96.43
C ALA QA 45 40.89 -4.88 95.25
N ALA QA 46 39.93 -4.01 94.93
CA ALA QA 46 40.06 -3.06 93.83
C ALA QA 46 40.09 -1.65 94.38
N GLY QA 47 40.46 -0.70 93.52
CA GLY QA 47 40.34 0.71 93.80
C GLY QA 47 39.99 1.40 92.50
N VAL QA 48 39.79 2.72 92.57
CA VAL QA 48 39.50 3.45 91.34
C VAL QA 48 40.66 3.28 90.37
N GLY QA 49 40.32 3.07 89.10
CA GLY QA 49 41.33 2.86 88.08
C GLY QA 49 42.10 1.58 88.21
N ASP QA 50 41.45 0.50 88.64
CA ASP QA 50 42.08 -0.82 88.65
C ASP QA 50 41.40 -1.72 87.64
N MET QA 51 42.20 -2.32 86.78
CA MET QA 51 41.73 -3.31 85.83
C MET QA 51 41.33 -4.56 86.60
N VAL QA 52 40.02 -4.76 86.77
CA VAL QA 52 39.49 -5.92 87.46
C VAL QA 52 38.53 -6.64 86.52
N MET QA 53 37.96 -7.73 87.00
CA MET QA 53 36.93 -8.41 86.27
C MET QA 53 35.74 -8.69 87.17
N ALA QA 54 34.55 -8.68 86.58
CA ALA QA 54 33.33 -8.81 87.33
C ALA QA 54 32.27 -9.44 86.45
N THR QA 55 31.24 -9.97 87.11
CA THR QA 55 30.07 -10.52 86.44
C THR QA 55 28.91 -9.56 86.65
N VAL QA 56 28.03 -9.46 85.67
CA VAL QA 56 26.83 -8.65 85.82
C VAL QA 56 25.75 -9.52 86.44
N LYS QA 57 25.06 -8.95 87.43
CA LYS QA 57 23.99 -9.67 88.10
C LYS QA 57 22.62 -9.24 87.55
N LYS QA 58 22.35 -7.95 87.55
CA LYS QA 58 21.10 -7.41 87.02
C LYS QA 58 21.41 -6.59 85.78
N GLY QA 59 20.71 -6.86 84.71
CA GLY QA 59 20.97 -6.18 83.45
C GLY QA 59 20.45 -7.04 82.30
N LYS QA 60 21.05 -6.82 81.13
CA LYS QA 60 20.61 -7.52 79.94
C LYS QA 60 20.93 -9.01 80.06
N PRO QA 61 19.99 -9.88 79.71
CA PRO QA 61 20.15 -11.31 79.95
C PRO QA 61 21.28 -11.96 79.17
N GLU QA 62 21.46 -11.57 77.91
CA GLU QA 62 22.50 -12.21 77.10
C GLU QA 62 23.89 -11.91 77.64
N LEU QA 63 24.00 -10.89 78.50
CA LEU QA 63 25.29 -10.43 78.97
C LEU QA 63 25.64 -11.00 80.35
N ARG QA 64 24.74 -11.80 80.94
CA ARG QA 64 24.90 -12.15 82.35
C ARG QA 64 25.96 -13.23 82.55
N LYS QA 65 25.75 -14.42 81.99
CA LYS QA 65 26.54 -15.58 82.38
C LYS QA 65 27.93 -15.57 81.76
N LYS QA 66 28.67 -14.50 81.95
CA LYS QA 66 30.01 -14.38 81.38
C LYS QA 66 30.89 -13.60 82.35
N VAL QA 67 32.20 -13.75 82.17
CA VAL QA 67 33.19 -13.01 82.93
C VAL QA 67 33.79 -11.96 82.01
N HIS QA 68 33.70 -10.69 82.40
CA HIS QA 68 34.20 -9.60 81.58
C HIS QA 68 35.27 -8.82 82.31
N PRO QA 69 36.27 -8.34 81.60
CA PRO QA 69 37.18 -7.36 82.18
C PRO QA 69 36.44 -6.10 82.55
N ALA QA 70 36.92 -5.42 83.59
CA ALA QA 70 36.28 -4.22 84.06
C ALA QA 70 37.33 -3.26 84.61
N VAL QA 71 36.93 -2.01 84.78
CA VAL QA 71 37.74 -1.01 85.46
C VAL QA 71 36.84 -0.30 86.45
N VAL QA 72 37.43 0.17 87.54
CA VAL QA 72 36.66 0.77 88.62
C VAL QA 72 36.84 2.28 88.59
N ILE QA 73 35.74 3.01 88.56
CA ILE QA 73 35.79 4.46 88.40
C ILE QA 73 35.22 5.21 89.60
N ARG QA 74 34.55 4.54 90.53
CA ARG QA 74 33.94 5.21 91.67
C ARG QA 74 34.02 4.30 92.88
N GLN QA 75 34.03 4.90 94.06
CA GLN QA 75 34.08 4.16 95.31
C GLN QA 75 33.65 5.08 96.45
N ARG QA 76 33.08 4.50 97.49
CA ARG QA 76 32.75 5.28 98.68
C ARG QA 76 33.71 5.02 99.83
N LYS QA 77 34.86 4.42 99.56
CA LYS QA 77 35.97 4.37 100.52
C LYS QA 77 36.97 5.46 100.14
N SER QA 78 37.29 6.32 101.10
CA SER QA 78 38.12 7.47 100.79
C SER QA 78 39.57 7.08 100.58
N TYR QA 79 40.33 8.00 100.00
CA TYR QA 79 41.76 7.83 99.79
C TYR QA 79 42.38 9.18 99.53
N ARG QA 80 43.57 9.41 100.09
CA ARG QA 80 44.22 10.70 99.90
C ARG QA 80 44.82 10.78 98.50
N ARG QA 81 44.72 11.96 97.90
CA ARG QA 81 45.19 12.21 96.54
C ARG QA 81 46.61 12.75 96.50
N LYS QA 82 47.41 12.44 97.51
CA LYS QA 82 48.82 12.81 97.59
C LYS QA 82 49.00 14.31 97.77
N ASP QA 83 47.90 15.06 97.79
CA ASP QA 83 47.94 16.49 98.03
C ASP QA 83 47.17 16.86 99.30
N GLY QA 84 46.86 15.88 100.13
CA GLY QA 84 46.17 16.15 101.37
C GLY QA 84 44.67 16.26 101.27
N VAL QA 85 44.10 15.95 100.11
CA VAL QA 85 42.65 15.93 99.96
C VAL QA 85 42.18 14.49 99.93
N PHE QA 86 41.10 14.21 100.61
CA PHE QA 86 40.49 12.90 100.63
C PHE QA 86 39.19 12.98 99.84
N LEU QA 87 39.00 12.07 98.92
CA LEU QA 87 37.86 12.08 98.03
C LEU QA 87 37.15 10.74 98.08
N TYR QA 88 35.83 10.78 98.13
CA TYR QA 88 34.99 9.61 97.97
C TYR QA 88 33.69 10.05 97.33
N PHE QA 89 32.97 9.08 96.80
CA PHE QA 89 31.76 9.33 96.03
C PHE QA 89 30.59 8.67 96.72
N GLU QA 90 29.40 8.80 96.13
CA GLU QA 90 28.25 8.13 96.71
C GLU QA 90 28.41 6.62 96.71
N ASP QA 91 28.72 6.05 95.56
CA ASP QA 91 28.71 4.60 95.43
C ASP QA 91 29.99 4.16 94.74
N ASN QA 92 30.22 2.86 94.76
CA ASN QA 92 31.34 2.26 94.05
C ASN QA 92 30.83 1.88 92.68
N ALA QA 93 31.41 2.47 91.65
CA ALA QA 93 30.92 2.24 90.29
C ALA QA 93 32.10 1.93 89.38
N GLY QA 94 31.80 1.13 88.35
CA GLY QA 94 32.79 0.75 87.36
C GLY QA 94 32.11 0.59 86.03
N VAL QA 95 32.91 0.47 84.98
CA VAL QA 95 32.41 0.38 83.62
C VAL QA 95 33.04 -0.81 82.94
N ILE QA 96 32.20 -1.63 82.29
CA ILE QA 96 32.68 -2.86 81.67
C ILE QA 96 33.56 -2.51 80.48
N VAL QA 97 34.71 -3.15 80.41
CA VAL QA 97 35.68 -2.87 79.35
C VAL QA 97 36.10 -4.18 78.71
N ASN QA 98 36.57 -4.08 77.47
CA ASN QA 98 37.22 -5.20 76.83
C ASN QA 98 38.58 -5.44 77.47
N ASN QA 99 39.31 -6.42 76.94
CA ASN QA 99 40.61 -6.76 77.51
C ASN QA 99 41.58 -5.58 77.46
N LYS QA 100 41.72 -4.98 76.27
CA LYS QA 100 42.73 -3.94 76.09
C LYS QA 100 42.41 -2.66 76.85
N GLY QA 101 41.14 -2.37 77.10
CA GLY QA 101 40.75 -1.18 77.84
C GLY QA 101 39.66 -0.37 77.19
N GLU QA 102 39.40 -0.55 75.90
CA GLU QA 102 38.30 0.15 75.25
C GLU QA 102 36.99 -0.24 75.90
N MET QA 103 36.41 0.69 76.66
CA MET QA 103 35.14 0.43 77.29
C MET QA 103 34.09 0.22 76.21
N LYS QA 104 33.31 -0.84 76.36
CA LYS QA 104 32.51 -1.36 75.25
C LYS QA 104 31.25 -0.56 74.98
N GLY QA 105 30.84 0.32 75.89
CA GLY QA 105 29.70 1.18 75.67
C GLY QA 105 30.09 2.45 74.94
N SER QA 106 29.25 3.47 75.05
CA SER QA 106 29.53 4.74 74.40
C SER QA 106 29.32 5.96 75.29
N ALA QA 107 28.82 5.80 76.50
CA ALA QA 107 28.59 6.93 77.37
C ALA QA 107 28.83 6.50 78.81
N ILE QA 108 29.30 7.44 79.61
CA ILE QA 108 29.47 7.23 81.04
C ILE QA 108 28.58 8.17 81.82
N THR QA 109 27.87 7.62 82.79
CA THR QA 109 26.97 8.36 83.65
C THR QA 109 27.72 8.75 84.91
N GLY QA 110 27.56 10.00 85.32
CA GLY QA 110 28.19 10.47 86.53
C GLY QA 110 29.65 10.80 86.35
N PRO QA 111 30.32 11.15 87.45
CA PRO QA 111 31.72 11.55 87.37
C PRO QA 111 32.66 10.36 87.41
N VAL QA 112 33.93 10.65 87.17
CA VAL QA 112 34.99 9.64 87.16
C VAL QA 112 36.14 10.16 88.01
N ALA QA 113 36.94 9.22 88.53
CA ALA QA 113 38.12 9.61 89.29
C ALA QA 113 39.25 9.97 88.35
N LYS QA 114 39.95 11.07 88.67
CA LYS QA 114 40.96 11.58 87.77
C LYS QA 114 42.08 10.58 87.58
N GLU QA 115 42.43 9.85 88.63
CA GLU QA 115 43.43 8.80 88.50
C GLU QA 115 42.98 7.75 87.49
N CYS QA 116 41.73 7.30 87.61
CA CYS QA 116 41.19 6.39 86.61
C CYS QA 116 41.21 7.03 85.23
N ALA QA 117 40.92 8.33 85.17
CA ALA QA 117 40.84 9.01 83.88
C ALA QA 117 42.17 8.99 83.15
N ASP QA 118 43.24 9.45 83.80
CA ASP QA 118 44.50 9.49 83.09
C ASP QA 118 45.18 8.14 83.05
N LEU QA 119 44.70 7.16 83.82
CA LEU QA 119 45.19 5.80 83.63
C LEU QA 119 44.59 5.16 82.38
N TRP QA 120 43.39 5.57 81.99
CA TRP QA 120 42.68 4.98 80.85
C TRP QA 120 42.14 6.08 79.96
N PRO QA 121 42.89 6.49 78.93
CA PRO QA 121 42.48 7.65 78.14
C PRO QA 121 41.14 7.47 77.45
N ARG QA 122 40.82 6.25 77.02
CA ARG QA 122 39.57 6.03 76.29
C ARG QA 122 38.37 6.39 77.15
N ILE QA 123 38.35 5.91 78.39
CA ILE QA 123 37.21 6.22 79.24
C ILE QA 123 37.21 7.70 79.62
N ALA QA 124 38.39 8.30 79.77
CA ALA QA 124 38.44 9.72 80.06
C ALA QA 124 37.80 10.54 78.94
N SER QA 125 38.07 10.15 77.69
CA SER QA 125 37.44 10.82 76.57
C SER QA 125 35.93 10.71 76.65
N ASN QA 126 35.44 9.57 77.10
CA ASN QA 126 34.02 9.32 77.19
C ASN QA 126 33.42 9.78 78.51
N ALA QA 127 34.26 10.03 79.52
CA ALA QA 127 33.76 10.31 80.87
C ALA QA 127 32.94 11.58 80.88
N GLY QA 128 31.80 11.54 81.55
CA GLY QA 128 30.95 12.71 81.61
C GLY QA 128 31.68 13.92 82.19
N SER QA 129 32.03 13.86 83.47
CA SER QA 129 32.76 14.92 84.12
C SER QA 129 33.89 14.32 84.94
N ILE QA 130 35.00 15.04 85.03
CA ILE QA 130 36.19 14.57 85.70
C ILE QA 130 36.13 15.10 87.12
N ALA QA 131 36.73 14.36 88.06
CA ALA QA 131 36.73 14.72 89.46
C ALA QA 131 37.90 14.05 90.18
N LYS RA 1 -47.61 -73.01 166.08
CA LYS RA 1 -48.90 -72.65 166.64
C LYS RA 1 -48.84 -72.74 168.16
N LYS RA 2 -48.76 -71.58 168.83
CA LYS RA 2 -48.71 -70.28 168.18
C LYS RA 2 -47.27 -69.81 168.00
N LYS RA 3 -46.31 -70.70 168.27
CA LYS RA 3 -44.91 -70.38 168.02
C LYS RA 3 -44.70 -70.29 166.51
N ILE RA 4 -44.61 -69.06 166.00
CA ILE RA 4 -44.73 -68.79 164.58
C ILE RA 4 -43.49 -68.02 164.13
N ARG RA 5 -42.98 -68.40 162.96
CA ARG RA 5 -41.83 -67.74 162.35
C ARG RA 5 -42.34 -66.74 161.32
N THR RA 6 -42.33 -65.46 161.69
CA THR RA 6 -42.68 -64.39 160.78
C THR RA 6 -41.45 -63.70 160.19
N SER RA 7 -40.27 -64.22 160.46
CA SER RA 7 -39.03 -63.67 159.94
C SER RA 7 -38.32 -64.71 159.09
N PRO RA 8 -38.11 -64.45 157.79
CA PRO RA 8 -37.35 -65.40 156.98
C PRO RA 8 -35.95 -65.59 157.51
N THR RA 9 -35.32 -64.53 157.99
CA THR RA 9 -34.04 -64.62 158.68
C THR RA 9 -34.22 -65.35 160.00
N PHE RA 10 -33.16 -66.01 160.43
CA PHE RA 10 -33.12 -66.62 161.75
C PHE RA 10 -32.13 -65.85 162.59
N ARG RA 11 -32.64 -65.12 163.57
CA ARG RA 11 -31.76 -64.46 164.52
C ARG RA 11 -31.32 -65.44 165.59
N ARG RA 12 -30.13 -65.24 166.11
CA ARG RA 12 -29.64 -66.09 167.19
C ARG RA 12 -30.50 -65.87 168.42
N PRO RA 13 -30.97 -66.92 169.07
CA PRO RA 13 -31.79 -66.73 170.28
C PRO RA 13 -30.99 -66.02 171.35
N LYS RA 14 -31.66 -65.11 172.05
CA LYS RA 14 -31.01 -64.38 173.14
C LYS RA 14 -31.01 -65.23 174.40
N THR RA 15 -29.82 -65.47 174.94
CA THR RA 15 -29.67 -66.18 176.19
C THR RA 15 -29.41 -65.17 177.30
N LEU RA 16 -29.10 -65.66 178.49
CA LEU RA 16 -28.74 -64.78 179.59
C LEU RA 16 -27.24 -64.83 179.81
N ARG RA 17 -26.67 -63.68 180.11
CA ARG RA 17 -25.25 -63.55 180.40
C ARG RA 17 -25.11 -63.25 181.90
N LEU RA 18 -24.93 -64.29 182.69
CA LEU RA 18 -24.89 -64.12 184.14
C LEU RA 18 -23.62 -63.38 184.52
N ARG RA 19 -23.76 -62.44 185.45
CA ARG RA 19 -22.66 -61.61 185.89
C ARG RA 19 -21.57 -62.44 186.55
N ARG RA 20 -20.36 -61.89 186.55
CA ARG RA 20 -19.23 -62.55 187.20
C ARG RA 20 -19.44 -62.58 188.71
N GLN RA 21 -19.30 -63.76 189.30
CA GLN RA 21 -19.45 -63.96 190.73
C GLN RA 21 -18.21 -64.70 191.19
N PRO RA 22 -17.08 -64.01 191.31
CA PRO RA 22 -15.82 -64.69 191.59
C PRO RA 22 -15.81 -65.28 193.00
N LYS RA 23 -15.17 -66.44 193.11
CA LYS RA 23 -14.95 -67.03 194.43
C LYS RA 23 -13.86 -66.30 195.18
N TYR RA 24 -12.91 -65.68 194.47
CA TYR RA 24 -11.78 -65.03 195.10
C TYR RA 24 -11.34 -63.90 194.20
N PRO RA 25 -10.92 -62.77 194.75
CA PRO RA 25 -10.40 -61.69 193.90
C PRO RA 25 -9.06 -62.07 193.33
N ARG RA 26 -8.87 -61.79 192.03
CA ARG RA 26 -7.63 -62.17 191.37
C ARG RA 26 -6.43 -61.58 192.07
N LYS RA 27 -6.43 -60.28 192.32
CA LYS RA 27 -5.41 -59.65 193.14
C LYS RA 27 -5.99 -59.34 194.51
N SER RA 28 -5.10 -59.21 195.49
CA SER RA 28 -5.55 -59.19 196.88
C SER RA 28 -6.29 -57.90 197.22
N ALA RA 29 -5.60 -56.77 197.15
CA ALA RA 29 -6.16 -55.50 197.56
C ALA RA 29 -5.83 -54.45 196.51
N PRO RA 30 -6.71 -53.46 196.33
CA PRO RA 30 -6.46 -52.46 195.28
C PRO RA 30 -5.27 -51.58 195.64
N ARG RA 31 -4.36 -51.40 194.69
CA ARG RA 31 -3.18 -50.61 194.93
C ARG RA 31 -3.57 -49.17 195.25
N ARG RA 32 -2.78 -48.53 196.12
CA ARG RA 32 -3.09 -47.18 196.51
C ARG RA 32 -2.92 -46.24 195.32
N ASN RA 33 -3.68 -45.14 195.35
CA ASN RA 33 -3.62 -44.16 194.28
C ASN RA 33 -2.29 -43.41 194.41
N LYS RA 34 -1.33 -43.76 193.55
CA LYS RA 34 -0.04 -43.11 193.59
C LYS RA 34 -0.15 -41.61 193.30
N LEU RA 35 -0.96 -41.24 192.32
CA LEU RA 35 -1.14 -39.83 191.97
C LEU RA 35 -2.09 -39.23 192.98
N ASP RA 36 -1.59 -39.03 194.19
CA ASP RA 36 -2.36 -38.46 195.27
C ASP RA 36 -2.38 -36.94 195.13
N HIS RA 37 -3.15 -36.25 195.98
CA HIS RA 37 -3.23 -34.80 195.89
C HIS RA 37 -1.87 -34.17 195.96
N TYR RA 38 -1.02 -34.64 196.87
CA TYR RA 38 0.31 -34.07 197.00
C TYR RA 38 1.19 -34.50 195.83
N ALA RA 39 0.96 -35.72 195.32
CA ALA RA 39 1.68 -36.17 194.14
C ALA RA 39 1.31 -35.35 192.91
N ILE RA 40 0.04 -34.94 192.79
CA ILE RA 40 -0.36 -34.10 191.66
C ILE RA 40 0.51 -32.86 191.62
N ILE RA 41 0.65 -32.19 192.76
CA ILE RA 41 1.29 -30.89 192.82
C ILE RA 41 2.78 -31.10 193.07
N LYS RA 42 3.60 -30.79 192.07
CA LYS RA 42 5.04 -30.98 192.24
C LYS RA 42 5.67 -29.82 192.98
N PHE RA 43 5.57 -28.62 192.43
CA PHE RA 43 6.16 -27.46 193.09
C PHE RA 43 5.78 -26.20 192.32
N PRO RA 44 6.02 -25.02 192.90
CA PRO RA 44 5.81 -23.77 192.18
C PRO RA 44 7.08 -23.21 191.57
N LEU RA 45 6.92 -22.54 190.44
CA LEU RA 45 8.00 -21.80 189.82
C LEU RA 45 8.15 -20.46 190.52
N THR RA 46 9.33 -19.86 190.39
CA THR RA 46 9.60 -18.55 190.96
C THR RA 46 10.39 -17.68 189.98
N THR RA 47 10.22 -17.93 188.69
CA THR RA 47 10.84 -17.10 187.67
C THR RA 47 10.25 -15.70 187.69
N GLU RA 48 10.92 -14.78 187.00
CA GLU RA 48 10.45 -13.39 187.02
C GLU RA 48 9.02 -13.27 186.51
N SER RA 49 8.73 -13.92 185.39
CA SER RA 49 7.36 -13.92 184.89
C SER RA 49 6.41 -14.57 185.89
N ALA RA 50 6.91 -15.48 186.71
CA ALA RA 50 6.05 -16.15 187.68
C ALA RA 50 5.44 -15.16 188.66
N MET RA 51 6.28 -14.51 189.48
CA MET RA 51 5.73 -13.52 190.39
C MET RA 51 5.16 -12.32 189.65
N LYS RA 52 5.60 -12.06 188.43
CA LYS RA 52 4.93 -11.04 187.60
C LYS RA 52 3.45 -11.36 187.44
N LYS RA 53 3.14 -12.59 187.03
CA LYS RA 53 1.75 -12.98 186.89
C LYS RA 53 1.08 -13.10 188.25
N ILE RA 54 1.84 -13.44 189.29
CA ILE RA 54 1.29 -13.47 190.64
C ILE RA 54 0.72 -12.11 191.01
N GLU RA 55 1.51 -11.06 190.82
CA GLU RA 55 1.06 -9.73 191.22
C GLU RA 55 0.04 -9.17 190.25
N ASP RA 56 0.14 -9.49 188.96
CA ASP RA 56 -0.78 -8.89 187.99
C ASP RA 56 -2.10 -9.64 187.98
N ASN RA 57 -2.08 -10.90 187.58
CA ASN RA 57 -3.29 -11.68 187.32
C ASN RA 57 -3.85 -12.36 188.56
N ASN RA 58 -3.21 -12.20 189.71
CA ASN RA 58 -3.59 -12.94 190.91
C ASN RA 58 -3.66 -14.43 190.63
N THR RA 59 -2.69 -14.93 189.87
CA THR RA 59 -2.62 -16.34 189.53
C THR RA 59 -1.35 -16.93 190.11
N LEU RA 60 -1.47 -18.10 190.73
CA LEU RA 60 -0.30 -18.79 191.21
C LEU RA 60 0.30 -19.61 190.08
N VAL RA 61 1.62 -19.79 190.16
CA VAL RA 61 2.38 -20.54 189.16
C VAL RA 61 2.80 -21.84 189.79
N PHE RA 62 2.64 -22.93 189.06
CA PHE RA 62 2.99 -24.24 189.56
C PHE RA 62 3.41 -25.15 188.41
N ILE RA 63 4.07 -26.23 188.77
CA ILE RA 63 4.46 -27.27 187.84
C ILE RA 63 4.03 -28.59 188.44
N VAL RA 64 3.45 -29.46 187.63
CA VAL RA 64 2.78 -30.65 188.13
C VAL RA 64 3.17 -31.84 187.28
N ASP RA 65 2.82 -33.02 187.77
CA ASP RA 65 3.09 -34.25 187.06
C ASP RA 65 2.31 -34.29 185.75
N VAL RA 66 2.91 -34.96 184.74
CA VAL RA 66 2.36 -34.92 183.39
C VAL RA 66 1.02 -35.62 183.28
N LYS RA 67 0.59 -36.37 184.29
CA LYS RA 67 -0.67 -37.08 184.20
C LYS RA 67 -1.81 -36.40 184.96
N ALA RA 68 -1.67 -35.12 185.30
CA ALA RA 68 -2.71 -34.39 186.02
C ALA RA 68 -3.54 -33.60 185.01
N ASN RA 69 -4.85 -33.69 185.10
CA ASN RA 69 -5.73 -32.88 184.27
C ASN RA 69 -6.23 -31.68 185.07
N LYS RA 70 -7.02 -30.83 184.40
CA LYS RA 70 -7.50 -29.60 185.02
C LYS RA 70 -8.20 -29.88 186.35
N HIS RA 71 -9.17 -30.78 186.34
CA HIS RA 71 -9.96 -31.03 187.54
C HIS RA 71 -9.09 -31.57 188.66
N GLN RA 72 -8.15 -32.45 188.33
CA GLN RA 72 -7.28 -33.02 189.34
C GLN RA 72 -6.49 -31.93 190.06
N ILE RA 73 -5.86 -31.05 189.30
CA ILE RA 73 -5.05 -30.00 189.91
C ILE RA 73 -5.92 -29.03 190.68
N LYS RA 74 -7.13 -28.77 190.17
CA LYS RA 74 -8.03 -27.84 190.86
C LYS RA 74 -8.42 -28.39 192.22
N GLN RA 75 -8.83 -29.65 192.28
CA GLN RA 75 -9.16 -30.26 193.57
C GLN RA 75 -7.92 -30.30 194.47
N ALA RA 76 -6.76 -30.62 193.90
CA ALA RA 76 -5.57 -30.73 194.71
C ALA RA 76 -5.23 -29.42 195.40
N VAL RA 77 -5.20 -28.33 194.63
CA VAL RA 77 -4.87 -27.04 195.24
C VAL RA 77 -5.99 -26.59 196.17
N LYS RA 78 -7.24 -26.88 195.81
CA LYS RA 78 -8.35 -26.48 196.65
C LYS RA 78 -8.31 -27.15 198.02
N LYS RA 79 -7.88 -28.41 198.07
CA LYS RA 79 -7.83 -29.11 199.34
C LYS RA 79 -6.54 -28.82 200.09
N LEU RA 80 -5.41 -29.05 199.45
CA LEU RA 80 -4.11 -28.94 200.08
C LEU RA 80 -3.78 -27.52 200.54
N TYR RA 81 -4.33 -26.50 199.89
CA TYR RA 81 -4.06 -25.12 200.29
C TYR RA 81 -5.29 -24.40 200.84
N ASP RA 82 -6.47 -25.00 200.80
CA ASP RA 82 -7.70 -24.42 201.34
C ASP RA 82 -8.00 -23.06 200.71
N ILE RA 83 -7.75 -22.97 199.41
CA ILE RA 83 -8.15 -21.85 198.57
C ILE RA 83 -9.06 -22.41 197.48
N ASP RA 84 -9.79 -21.52 196.82
CA ASP RA 84 -10.58 -21.92 195.67
C ASP RA 84 -10.05 -21.23 194.42
N VAL RA 85 -10.21 -21.91 193.29
CA VAL RA 85 -9.71 -21.41 192.01
C VAL RA 85 -10.88 -21.10 191.10
N ALA RA 86 -10.65 -20.16 190.18
CA ALA RA 86 -11.67 -19.83 189.21
C ALA RA 86 -11.51 -20.66 187.95
N LYS RA 87 -10.33 -20.57 187.31
CA LYS RA 87 -10.04 -21.36 186.14
C LYS RA 87 -8.55 -21.65 186.14
N VAL RA 88 -8.19 -22.79 185.57
CA VAL RA 88 -6.81 -23.28 185.57
C VAL RA 88 -6.32 -23.28 184.13
N ASN RA 89 -5.13 -22.76 183.92
CA ASN RA 89 -4.49 -22.80 182.62
C ASN RA 89 -3.16 -23.52 182.72
N THR RA 90 -2.97 -24.49 181.84
CA THR RA 90 -1.85 -25.40 181.93
C THR RA 90 -1.19 -25.55 180.57
N LEU RA 91 0.14 -25.53 180.56
CA LEU RA 91 0.92 -25.84 179.38
C LEU RA 91 1.96 -26.87 179.78
N ILE RA 92 2.57 -27.50 178.77
CA ILE RA 92 3.67 -28.41 179.00
C ILE RA 92 4.93 -27.75 178.45
N ARG RA 93 5.90 -27.53 179.33
CA ARG RA 93 7.14 -26.92 178.90
C ARG RA 93 7.85 -27.84 177.91
N PRO RA 94 8.50 -27.27 176.89
CA PRO RA 94 9.31 -28.10 175.99
C PRO RA 94 10.36 -28.89 176.72
N ASP RA 95 10.75 -28.46 177.91
CA ASP RA 95 11.54 -29.27 178.81
C ASP RA 95 10.85 -30.60 179.09
N GLY RA 96 9.52 -30.62 179.18
CA GLY RA 96 8.78 -31.85 179.32
C GLY RA 96 7.94 -31.94 180.58
N GLU RA 97 7.56 -30.80 181.13
CA GLU RA 97 6.86 -30.74 182.41
C GLU RA 97 5.56 -29.97 182.28
N LYS RA 98 4.57 -30.37 183.08
CA LYS RA 98 3.29 -29.66 183.13
C LYS RA 98 3.42 -28.46 184.07
N LYS RA 99 3.46 -27.27 183.49
CA LYS RA 99 3.45 -26.03 184.27
C LYS RA 99 2.02 -25.58 184.41
N ALA RA 100 1.70 -24.90 185.51
CA ALA RA 100 0.32 -24.58 185.84
C ALA RA 100 0.19 -23.15 186.34
N TYR RA 101 -0.72 -22.40 185.71
CA TYR RA 101 -1.20 -21.14 186.25
C TYR RA 101 -2.61 -21.36 186.79
N VAL RA 102 -2.83 -20.97 188.05
CA VAL RA 102 -4.11 -21.21 188.71
C VAL RA 102 -4.71 -19.86 189.12
N ARG RA 103 -5.72 -19.43 188.37
CA ARG RA 103 -6.48 -18.24 188.73
C ARG RA 103 -7.33 -18.53 189.95
N LEU RA 104 -7.30 -17.63 190.92
CA LEU RA 104 -8.06 -17.80 192.14
C LEU RA 104 -9.40 -17.07 192.05
N ALA RA 105 -10.21 -17.22 193.09
CA ALA RA 105 -11.45 -16.48 193.17
C ALA RA 105 -11.14 -14.99 193.29
N PRO RA 106 -12.01 -14.12 192.76
CA PRO RA 106 -11.73 -12.69 192.86
C PRO RA 106 -11.68 -12.18 194.28
N ASP RA 107 -12.47 -12.75 195.18
CA ASP RA 107 -12.39 -12.34 196.58
C ASP RA 107 -11.05 -12.65 197.18
N TYR RA 108 -10.39 -13.70 196.71
CA TYR RA 108 -9.12 -14.14 197.25
C TYR RA 108 -7.97 -13.36 196.63
N ASP RA 109 -6.84 -13.38 197.31
CA ASP RA 109 -5.61 -12.76 196.82
C ASP RA 109 -4.55 -13.83 196.64
N ALA RA 110 -3.64 -13.59 195.71
CA ALA RA 110 -2.55 -14.53 195.46
C ALA RA 110 -1.29 -14.22 196.24
N LEU RA 111 -1.07 -12.96 196.61
CA LEU RA 111 0.18 -12.57 197.25
C LEU RA 111 0.26 -13.13 198.68
N ASP RA 112 -0.84 -13.06 199.42
CA ASP RA 112 -0.84 -13.58 200.79
C ASP RA 112 -0.58 -15.08 200.79
N VAL RA 113 -1.26 -15.81 199.90
CA VAL RA 113 -1.01 -17.23 199.81
C VAL RA 113 0.41 -17.49 199.38
N ALA RA 114 0.95 -16.68 198.48
CA ALA RA 114 2.34 -16.87 198.05
C ALA RA 114 3.28 -16.75 199.23
N ASN RA 115 3.09 -15.72 200.07
CA ASN RA 115 3.90 -15.59 201.27
C ASN RA 115 3.70 -16.79 202.19
N LYS RA 116 2.48 -17.32 202.24
CA LYS RA 116 2.23 -18.52 203.03
C LYS RA 116 3.07 -19.68 202.53
N ILE RA 117 3.18 -19.85 201.22
CA ILE RA 117 3.96 -20.97 200.70
C ILE RA 117 5.43 -20.66 200.77
N GLY RA 118 5.76 -19.39 200.97
CA GLY RA 118 7.15 -18.97 201.01
C GLY RA 118 7.80 -18.83 199.66
N ILE RA 119 7.03 -18.98 198.58
CA ILE RA 119 7.58 -18.87 197.23
C ILE RA 119 7.63 -17.39 196.85
N ILE RA 120 7.27 -16.53 197.79
CA ILE RA 120 7.31 -15.10 197.58
C ILE RA 120 8.73 -14.70 197.22
N MET SA 1 50.84 -73.85 199.95
CA MET SA 1 50.49 -74.24 198.59
C MET SA 1 49.00 -74.34 198.37
N LYS SA 2 48.48 -73.39 197.61
CA LYS SA 2 47.06 -73.38 197.31
C LYS SA 2 46.65 -74.68 196.63
N PHE SA 3 45.86 -75.48 197.33
CA PHE SA 3 45.25 -76.66 196.73
C PHE SA 3 43.76 -76.52 196.50
N ASN SA 4 43.10 -75.62 197.19
CA ASN SA 4 41.65 -75.52 197.06
C ASN SA 4 41.32 -75.14 195.62
N PRO SA 5 40.56 -75.96 194.90
CA PRO SA 5 40.33 -75.68 193.47
C PRO SA 5 39.43 -74.49 193.23
N PHE SA 6 38.82 -73.93 194.26
CA PHE SA 6 37.88 -72.84 194.08
C PHE SA 6 38.47 -71.47 194.43
N VAL SA 7 39.73 -71.41 194.85
CA VAL SA 7 40.41 -70.14 195.07
C VAL SA 7 41.41 -69.93 193.94
N THR SA 8 41.78 -68.68 193.72
CA THR SA 8 42.50 -68.27 192.53
C THR SA 8 43.91 -67.79 192.87
N SER SA 9 44.84 -68.09 191.97
CA SER SA 9 46.19 -67.57 192.05
C SER SA 9 46.52 -66.65 190.87
N ASP SA 10 45.60 -66.50 189.93
CA ASP SA 10 45.81 -65.61 188.80
C ASP SA 10 46.00 -64.19 189.26
N ARG SA 11 47.04 -63.54 188.74
CA ARG SA 11 47.37 -62.18 189.16
C ARG SA 11 46.26 -61.20 188.78
N SER SA 12 45.76 -61.30 187.55
CA SER SA 12 44.73 -60.36 187.11
C SER SA 12 43.47 -60.49 187.95
N LYS SA 13 43.06 -61.73 188.24
CA LYS SA 13 41.88 -61.93 189.07
C LYS SA 13 42.08 -61.33 190.45
N ASN SA 14 43.25 -61.54 191.04
CA ASN SA 14 43.50 -61.01 192.37
C ASN SA 14 43.46 -59.48 192.36
N ARG SA 15 44.09 -58.86 191.35
CA ARG SA 15 44.10 -57.40 191.33
C ARG SA 15 42.71 -56.84 191.11
N LYS SA 16 41.91 -57.49 190.26
CA LYS SA 16 40.54 -57.04 190.06
C LYS SA 16 39.74 -57.16 191.36
N ARG SA 17 39.88 -58.29 192.05
CA ARG SA 17 39.18 -58.46 193.32
C ARG SA 17 39.60 -57.40 194.31
N HIS SA 18 40.89 -57.11 194.39
CA HIS SA 18 41.37 -56.15 195.36
C HIS SA 18 40.88 -54.74 195.05
N PHE SA 19 41.02 -54.29 193.81
CA PHE SA 19 40.66 -52.93 193.46
C PHE SA 19 39.15 -52.69 193.42
N ASN SA 20 38.36 -53.71 193.12
CA ASN SA 20 36.91 -53.59 193.12
C ASN SA 20 36.29 -54.22 194.37
N ALA SA 21 37.08 -54.40 195.41
CA ALA SA 21 36.56 -54.99 196.64
C ALA SA 21 35.57 -54.02 197.29
N PRO SA 22 34.48 -54.52 197.85
CA PRO SA 22 33.52 -53.63 198.52
C PRO SA 22 34.13 -53.04 199.79
N SER SA 23 33.48 -51.99 200.28
CA SER SA 23 33.99 -51.30 201.45
C SER SA 23 33.99 -52.18 202.68
N HIS SA 24 32.99 -53.04 202.84
CA HIS SA 24 32.94 -53.89 204.02
C HIS SA 24 34.12 -54.86 204.06
N ILE SA 25 34.57 -55.31 202.89
CA ILE SA 25 35.81 -56.09 202.80
C ILE SA 25 37.04 -55.18 202.78
N ARG SA 26 36.93 -54.00 202.17
CA ARG SA 26 38.05 -53.05 202.19
C ARG SA 26 38.48 -52.77 203.63
N ARG SA 27 37.52 -52.75 204.55
CA ARG SA 27 37.87 -52.61 205.96
C ARG SA 27 38.78 -53.74 206.41
N LYS SA 28 38.45 -54.98 206.02
CA LYS SA 28 39.30 -56.11 206.36
C LYS SA 28 40.68 -55.96 205.76
N ILE SA 29 40.76 -55.49 204.51
CA ILE SA 29 42.05 -55.28 203.86
C ILE SA 29 42.84 -54.22 204.59
N MET SA 30 42.15 -53.27 205.22
CA MET SA 30 42.77 -52.16 205.92
C MET SA 30 43.50 -52.58 207.19
N SER SA 31 43.63 -53.87 207.45
CA SER SA 31 44.16 -54.32 208.73
C SER SA 31 45.62 -53.90 208.89
N SER SA 32 45.99 -53.57 210.12
CA SER SA 32 47.32 -53.12 210.48
C SER SA 32 47.84 -53.92 211.67
N PRO SA 33 49.16 -54.07 211.78
CA PRO SA 33 49.71 -54.80 212.93
C PRO SA 33 49.61 -53.98 214.20
N LEU SA 34 49.63 -54.69 215.33
CA LEU SA 34 49.60 -54.06 216.63
C LEU SA 34 51.01 -53.95 217.19
N SER SA 35 51.21 -52.99 218.08
CA SER SA 35 52.49 -52.85 218.75
C SER SA 35 52.71 -53.99 219.72
N LYS SA 36 53.97 -54.11 220.18
CA LYS SA 36 54.36 -55.30 220.93
C LYS SA 36 53.55 -55.47 222.20
N GLU SA 37 53.35 -54.39 222.95
CA GLU SA 37 52.68 -54.50 224.24
C GLU SA 37 51.22 -54.93 224.09
N LEU SA 38 50.53 -54.42 223.07
CA LEU SA 38 49.20 -54.94 222.79
C LEU SA 38 49.26 -56.39 222.35
N ARG SA 39 50.29 -56.74 221.56
CA ARG SA 39 50.40 -58.09 221.05
C ARG SA 39 50.54 -59.11 222.17
N GLN SA 40 51.34 -58.80 223.19
CA GLN SA 40 51.44 -59.72 224.31
C GLN SA 40 50.26 -59.59 225.28
N LYS SA 41 49.68 -58.39 225.40
CA LYS SA 41 48.53 -58.22 226.28
C LYS SA 41 47.27 -58.86 225.71
N TYR SA 42 47.29 -59.22 224.44
CA TYR SA 42 46.21 -59.94 223.80
C TYR SA 42 46.78 -61.18 223.12
N ASN SA 43 45.96 -61.83 222.31
CA ASN SA 43 46.43 -62.94 221.48
C ASN SA 43 46.14 -62.61 220.02
N VAL SA 44 46.48 -61.39 219.60
CA VAL SA 44 46.20 -60.94 218.24
C VAL SA 44 47.47 -60.36 217.65
N ARG SA 45 47.48 -60.24 216.34
CA ARG SA 45 48.61 -59.70 215.61
C ARG SA 45 48.22 -58.53 214.70
N SER SA 46 47.03 -58.57 214.12
CA SER SA 46 46.57 -57.51 213.23
C SER SA 46 45.14 -57.13 213.59
N MET SA 47 44.82 -55.86 213.39
CA MET SA 47 43.47 -55.37 213.63
C MET SA 47 43.11 -54.33 212.58
N PRO SA 48 41.88 -54.30 212.09
CA PRO SA 48 41.48 -53.18 211.22
C PRO SA 48 41.51 -51.86 211.97
N ILE SA 49 41.74 -50.80 211.19
CA ILE SA 49 41.82 -49.45 211.74
C ILE SA 49 40.45 -49.00 212.22
N ARG SA 50 40.46 -48.16 213.25
CA ARG SA 50 39.27 -47.47 213.75
C ARG SA 50 39.33 -46.01 213.36
N LYS SA 51 38.17 -45.36 213.32
CA LYS SA 51 38.14 -43.94 213.04
C LYS SA 51 38.88 -43.14 214.10
N ASP SA 52 38.97 -43.69 215.32
CA ASP SA 52 39.49 -42.95 216.47
C ASP SA 52 40.58 -43.73 217.19
N ASP SA 53 41.38 -44.50 216.47
CA ASP SA 53 42.45 -45.25 217.10
C ASP SA 53 43.80 -44.57 216.87
N GLU SA 54 44.74 -44.84 217.77
CA GLU SA 54 46.02 -44.17 217.78
C GLU SA 54 47.10 -45.07 217.19
N VAL SA 55 48.04 -44.45 216.48
CA VAL SA 55 48.97 -45.18 215.64
C VAL SA 55 50.26 -44.39 215.50
N GLN SA 56 51.31 -45.03 215.00
CA GLN SA 56 52.56 -44.36 214.68
C GLN SA 56 53.09 -44.91 213.36
N VAL SA 57 54.03 -44.17 212.77
CA VAL SA 57 54.50 -44.41 211.41
C VAL SA 57 55.92 -44.96 211.45
N VAL SA 58 56.12 -46.09 210.77
CA VAL SA 58 57.41 -46.78 210.75
C VAL SA 58 58.02 -46.87 209.37
N ARG SA 59 57.38 -46.30 208.35
CA ARG SA 59 57.92 -46.35 207.00
C ARG SA 59 57.68 -45.00 206.32
N GLY SA 60 58.16 -44.89 205.10
CA GLY SA 60 57.96 -43.68 204.33
C GLY SA 60 58.81 -42.53 204.83
N HIS SA 61 58.41 -41.32 204.42
CA HIS SA 61 59.15 -40.14 204.84
C HIS SA 61 58.91 -39.82 206.30
N TYR SA 62 57.75 -40.19 206.84
CA TYR SA 62 57.32 -39.73 208.15
C TYR SA 62 57.59 -40.76 209.24
N LYS SA 63 58.66 -41.53 209.12
CA LYS SA 63 59.02 -42.46 210.19
C LYS SA 63 59.34 -41.70 211.46
N GLY SA 64 58.97 -42.28 212.60
CA GLY SA 64 59.18 -41.62 213.86
C GLY SA 64 58.32 -42.27 214.93
N GLN SA 65 58.35 -41.68 216.11
CA GLN SA 65 57.61 -42.18 217.25
C GLN SA 65 56.46 -41.28 217.64
N GLN SA 66 56.09 -40.31 216.81
CA GLN SA 66 54.94 -39.47 217.09
C GLN SA 66 53.67 -40.31 217.06
N ILE SA 67 53.04 -40.47 218.23
CA ILE SA 67 51.83 -41.25 218.33
C ILE SA 67 50.65 -40.32 218.05
N GLY SA 68 49.79 -40.71 217.11
CA GLY SA 68 48.65 -39.90 216.74
C GLY SA 68 47.44 -40.78 216.47
N LYS SA 69 46.26 -40.17 216.58
CA LYS SA 69 45.01 -40.88 216.35
C LYS SA 69 44.56 -40.71 214.91
N VAL SA 70 44.11 -41.80 214.30
CA VAL SA 70 43.53 -41.70 212.97
C VAL SA 70 42.43 -40.65 212.98
N VAL SA 71 42.46 -39.77 211.99
CA VAL SA 71 41.41 -38.77 211.85
C VAL SA 71 40.52 -39.05 210.66
N GLN SA 72 40.92 -39.93 209.75
CA GLN SA 72 40.11 -40.27 208.59
C GLN SA 72 40.73 -41.48 207.91
N VAL SA 73 39.87 -42.35 207.41
CA VAL SA 73 40.29 -43.48 206.59
C VAL SA 73 39.54 -43.38 205.26
N TYR SA 74 40.29 -43.32 204.17
CA TYR SA 74 39.71 -43.19 202.85
C TYR SA 74 39.75 -44.57 202.21
N ARG SA 75 38.75 -45.39 202.52
CA ARG SA 75 38.73 -46.76 202.04
C ARG SA 75 38.71 -46.81 200.51
N LYS SA 76 38.16 -45.78 199.87
CA LYS SA 76 38.26 -45.70 198.42
C LYS SA 76 39.71 -45.57 197.98
N LYS SA 77 40.49 -44.75 198.67
CA LYS SA 77 41.87 -44.49 198.31
C LYS SA 77 42.83 -45.50 198.89
N TYR SA 78 42.37 -46.39 199.76
CA TYR SA 78 43.24 -47.34 200.46
C TYR SA 78 44.33 -46.64 201.26
N VAL SA 79 43.99 -45.52 201.90
CA VAL SA 79 44.96 -44.75 202.67
C VAL SA 79 44.31 -44.29 203.97
N ILE SA 80 45.13 -43.72 204.86
CA ILE SA 80 44.67 -43.21 206.15
C ILE SA 80 45.31 -41.85 206.40
N TYR SA 81 44.52 -40.90 206.89
CA TYR SA 81 45.03 -39.60 207.29
C TYR SA 81 45.16 -39.56 208.80
N ILE SA 82 46.29 -39.06 209.29
CA ILE SA 82 46.55 -38.92 210.72
C ILE SA 82 46.95 -37.47 210.97
N GLU SA 83 46.81 -37.03 212.23
CA GLU SA 83 46.93 -35.60 212.51
C GLU SA 83 48.31 -35.07 212.12
N ARG SA 84 49.36 -35.72 212.58
CA ARG SA 84 50.68 -35.11 212.48
C ARG SA 84 51.41 -35.45 211.19
N VAL SA 85 50.82 -36.26 210.31
CA VAL SA 85 51.41 -36.51 209.01
C VAL SA 85 50.70 -35.63 207.99
N GLN SA 86 51.26 -34.47 207.71
CA GLN SA 86 50.70 -33.59 206.69
C GLN SA 86 51.82 -32.83 206.00
N ARG SA 87 51.42 -32.05 205.00
CA ARG SA 87 52.30 -31.10 204.35
C ARG SA 87 51.46 -29.91 203.95
N GLU SA 88 52.13 -28.78 203.76
CA GLU SA 88 51.47 -27.55 203.34
C GLU SA 88 51.65 -27.39 201.84
N LYS SA 89 50.56 -27.12 201.13
CA LYS SA 89 50.66 -26.89 199.70
C LYS SA 89 51.19 -25.48 199.49
N ALA SA 90 51.17 -25.01 198.23
CA ALA SA 90 51.85 -23.76 197.90
C ALA SA 90 51.26 -22.58 198.67
N ASN SA 91 49.94 -22.50 198.77
CA ASN SA 91 49.33 -21.35 199.41
C ASN SA 91 49.63 -21.27 200.90
N GLY SA 92 50.03 -22.37 201.52
CA GLY SA 92 50.28 -22.41 202.95
C GLY SA 92 49.31 -23.26 203.74
N THR SA 93 48.12 -23.53 203.20
CA THR SA 93 47.19 -24.41 203.90
C THR SA 93 47.75 -25.82 203.96
N THR SA 94 47.42 -26.52 205.04
CA THR SA 94 47.91 -27.87 205.24
C THR SA 94 47.00 -28.88 204.56
N VAL SA 95 47.58 -30.02 204.21
CA VAL SA 95 46.82 -31.19 203.81
C VAL SA 95 47.49 -32.42 204.43
N HIS SA 96 46.69 -33.27 205.05
CA HIS SA 96 47.22 -34.51 205.58
C HIS SA 96 47.68 -35.38 204.42
N VAL SA 97 48.66 -36.24 204.71
CA VAL SA 97 49.27 -37.08 203.69
C VAL SA 97 48.87 -38.52 203.96
N GLY SA 98 48.12 -39.10 203.02
CA GLY SA 98 47.63 -40.46 203.20
C GLY SA 98 48.76 -41.47 203.17
N ILE SA 99 48.64 -42.47 204.03
CA ILE SA 99 49.59 -43.56 204.09
C ILE SA 99 48.83 -44.88 204.22
N HIS SA 100 49.48 -45.95 203.78
CA HIS SA 100 48.86 -47.26 203.78
C HIS SA 100 48.82 -47.81 205.21
N PRO SA 101 47.78 -48.57 205.56
CA PRO SA 101 47.75 -49.15 206.90
C PRO SA 101 48.84 -50.18 207.14
N SER SA 102 49.29 -50.88 206.11
CA SER SA 102 50.29 -51.91 206.32
C SER SA 102 51.61 -51.37 206.81
N LYS SA 103 51.87 -50.07 206.62
CA LYS SA 103 53.12 -49.46 207.01
C LYS SA 103 53.02 -48.75 208.35
N VAL SA 104 51.93 -48.93 209.09
CA VAL SA 104 51.76 -48.27 210.38
C VAL SA 104 51.51 -49.32 211.45
N VAL SA 105 51.78 -48.95 212.69
CA VAL SA 105 51.61 -49.84 213.83
C VAL SA 105 50.79 -49.14 214.89
N ILE SA 106 49.70 -49.77 215.31
CA ILE SA 106 48.80 -49.16 216.27
C ILE SA 106 49.28 -49.45 217.69
N THR SA 107 49.07 -48.49 218.58
CA THR SA 107 49.51 -48.62 219.97
C THR SA 107 48.39 -48.37 220.97
N ARG SA 108 47.27 -47.79 220.54
CA ARG SA 108 46.10 -47.61 221.38
C ARG SA 108 44.86 -47.78 220.53
N LEU SA 109 43.77 -48.24 221.14
CA LEU SA 109 42.56 -48.56 220.40
C LEU SA 109 41.35 -47.94 221.07
N LYS SA 110 40.46 -47.37 220.28
CA LYS SA 110 39.15 -47.01 220.77
C LYS SA 110 38.30 -48.27 220.81
N LEU SA 111 37.72 -48.56 221.97
CA LEU SA 111 37.04 -49.82 222.20
C LEU SA 111 35.54 -49.66 222.06
N ASP SA 112 34.86 -50.77 221.80
CA ASP SA 112 33.42 -50.84 221.85
C ASP SA 112 33.04 -52.31 222.01
N LYS SA 113 31.75 -52.57 222.22
CA LYS SA 113 31.30 -53.95 222.33
C LYS SA 113 31.72 -54.75 221.10
N ASP SA 114 31.60 -54.16 219.91
CA ASP SA 114 31.97 -54.87 218.69
C ASP SA 114 33.46 -55.17 218.65
N ARG SA 115 34.29 -54.17 218.98
CA ARG SA 115 35.73 -54.38 218.94
C ARG SA 115 36.17 -55.39 219.98
N LYS SA 116 35.60 -55.31 221.19
CA LYS SA 116 35.95 -56.30 222.20
C LYS SA 116 35.54 -57.69 221.76
N LYS SA 117 34.35 -57.83 221.18
CA LYS SA 117 33.90 -59.13 220.70
C LYS SA 117 34.86 -59.70 219.67
N ILE SA 118 35.23 -58.90 218.67
CA ILE SA 118 36.06 -59.43 217.61
C ILE SA 118 37.46 -59.72 218.12
N LEU SA 119 37.98 -58.88 219.02
CA LEU SA 119 39.30 -59.13 219.59
C LEU SA 119 39.31 -60.43 220.37
N GLU SA 120 38.29 -60.64 221.20
CA GLU SA 120 38.18 -61.89 221.93
C GLU SA 120 38.10 -63.08 220.99
N ARG SA 121 37.30 -62.96 219.92
CA ARG SA 121 37.14 -64.09 219.02
C ARG SA 121 38.45 -64.42 218.33
N LYS SA 122 39.20 -63.40 217.92
CA LYS SA 122 40.50 -63.65 217.31
C LYS SA 122 41.45 -64.31 218.30
N ALA SA 123 41.47 -63.85 219.54
CA ALA SA 123 42.32 -64.47 220.55
C ALA SA 123 41.92 -65.93 220.76
N LYS SA 124 40.63 -66.19 220.85
CA LYS SA 124 40.16 -67.55 221.11
C LYS SA 124 40.52 -68.48 219.96
N SER SA 125 40.34 -68.02 218.72
CA SER SA 125 40.69 -68.87 217.59
C SER SA 125 42.19 -69.10 217.51
N ARG SA 126 42.99 -68.07 217.77
CA ARG SA 126 44.44 -68.25 217.80
C ARG SA 126 44.83 -69.26 218.86
N GLN SA 127 44.18 -69.21 220.03
CA GLN SA 127 44.52 -70.17 221.08
C GLN SA 127 44.05 -71.57 220.74
N VAL SA 128 42.92 -71.71 220.05
CA VAL SA 128 42.48 -73.01 219.59
C VAL SA 128 43.50 -73.60 218.64
N GLY SA 129 44.02 -72.78 217.73
CA GLY SA 129 45.10 -73.22 216.87
C GLY SA 129 46.36 -73.57 217.64
N LYS SA 130 46.64 -72.80 218.69
CA LYS SA 130 47.81 -73.07 219.51
C LYS SA 130 47.70 -74.43 220.19
N GLU SA 131 46.54 -74.74 220.74
CA GLU SA 131 46.38 -76.02 221.45
C GLU SA 131 46.27 -77.19 220.49
N LYS SA 132 45.60 -77.02 219.34
CA LYS SA 132 45.56 -78.11 218.37
C LYS SA 132 46.95 -78.46 217.89
N GLY SA 133 47.79 -77.46 217.64
CA GLY SA 133 49.19 -77.69 217.35
C GLY SA 133 49.99 -77.92 218.61
N LYS SA 134 49.47 -78.81 219.46
CA LYS SA 134 50.10 -79.13 220.73
C LYS SA 134 51.50 -79.69 220.54
N GLY TA 1 -74.37 -26.14 134.04
CA GLY TA 1 -74.30 -24.70 134.25
C GLY TA 1 -73.78 -24.33 135.61
N LYS TA 2 -74.53 -23.49 136.33
CA LYS TA 2 -74.15 -23.10 137.67
C LYS TA 2 -74.12 -24.31 138.57
N PHE TA 3 -72.98 -24.57 139.22
CA PHE TA 3 -72.88 -25.74 140.08
C PHE TA 3 -72.07 -25.49 141.35
N MET TA 4 -71.77 -24.24 141.69
CA MET TA 4 -71.08 -23.93 142.95
C MET TA 4 -72.11 -23.54 144.01
N LYS TA 5 -73.03 -24.44 144.25
CA LYS TA 5 -74.12 -24.05 145.14
C LYS TA 5 -73.78 -24.33 146.59
N PRO TA 6 -74.34 -23.54 147.50
CA PRO TA 6 -74.16 -23.80 148.93
C PRO TA 6 -74.62 -25.20 149.30
N GLY TA 7 -74.02 -25.74 150.37
CA GLY TA 7 -74.27 -27.10 150.78
C GLY TA 7 -73.42 -28.13 150.07
N LYS TA 8 -72.62 -27.71 149.09
CA LYS TA 8 -71.76 -28.62 148.37
C LYS TA 8 -70.41 -28.73 149.07
N VAL TA 9 -70.05 -29.95 149.44
CA VAL TA 9 -68.76 -30.19 150.09
C VAL TA 9 -67.65 -29.86 149.10
N VAL TA 10 -66.63 -29.17 149.59
CA VAL TA 10 -65.57 -28.66 148.73
C VAL TA 10 -64.23 -28.90 149.41
N LEU TA 11 -63.24 -29.31 148.62
CA LEU TA 11 -61.91 -29.59 149.12
C LEU TA 11 -61.05 -28.34 149.00
N VAL TA 12 -60.27 -28.09 150.04
CA VAL TA 12 -59.33 -26.97 150.06
C VAL TA 12 -58.06 -27.34 149.33
N LEU TA 13 -57.64 -26.47 148.40
CA LEU TA 13 -56.43 -26.74 147.63
C LEU TA 13 -55.19 -26.14 148.29
N ALA TA 14 -55.27 -24.88 148.70
CA ALA TA 14 -54.09 -24.21 149.22
C ALA TA 14 -54.35 -23.60 150.58
N GLY TA 15 -53.40 -22.81 151.08
CA GLY TA 15 -53.53 -22.22 152.39
C GLY TA 15 -53.08 -23.16 153.50
N ARG TA 16 -53.28 -22.71 154.73
CA ARG TA 16 -52.92 -23.54 155.88
C ARG TA 16 -53.69 -24.85 155.89
N TYR TA 17 -54.98 -24.80 155.54
CA TYR TA 17 -55.85 -25.96 155.64
C TYR TA 17 -55.93 -26.71 154.34
N SER TA 18 -54.82 -26.75 153.60
CA SER TA 18 -54.78 -27.53 152.38
C SER TA 18 -55.13 -28.98 152.67
N GLY TA 19 -55.84 -29.60 151.75
CA GLY TA 19 -56.24 -30.98 151.95
C GLY TA 19 -57.19 -31.16 153.12
N ARG TA 20 -58.21 -30.31 153.19
CA ARG TA 20 -59.24 -30.42 154.21
C ARG TA 20 -60.60 -30.43 153.55
N LYS TA 21 -61.43 -31.39 153.95
CA LYS TA 21 -62.82 -31.35 153.52
C LYS TA 21 -63.50 -30.12 154.08
N ALA TA 22 -64.40 -29.56 153.30
CA ALA TA 22 -65.12 -28.36 153.70
C ALA TA 22 -66.39 -28.27 152.88
N VAL TA 23 -67.34 -27.47 153.37
CA VAL TA 23 -68.59 -27.25 152.66
C VAL TA 23 -68.82 -25.75 152.50
N ILE TA 24 -69.12 -25.35 151.27
CA ILE TA 24 -69.37 -23.95 150.95
C ILE TA 24 -70.65 -23.50 151.63
N VAL TA 25 -70.54 -22.46 152.47
CA VAL TA 25 -71.73 -21.98 153.17
C VAL TA 25 -72.56 -21.11 152.26
N LYS TA 26 -71.94 -20.13 151.61
CA LYS TA 26 -72.66 -19.30 150.65
C LYS TA 26 -71.65 -18.74 149.67
N ASN TA 27 -72.14 -18.45 148.47
CA ASN TA 27 -71.27 -18.02 147.38
C ASN TA 27 -71.70 -16.65 146.91
N ILE TA 28 -70.75 -15.93 146.33
CA ILE TA 28 -71.00 -14.64 145.71
C ILE TA 28 -70.60 -14.65 144.23
N ASP TA 29 -69.40 -15.12 143.94
CA ASP TA 29 -68.93 -15.42 142.58
C ASP TA 29 -69.30 -14.34 141.57
N ASP TA 30 -69.21 -13.09 142.01
CA ASP TA 30 -69.43 -11.98 141.09
C ASP TA 30 -68.45 -10.83 141.26
N GLY TA 31 -67.69 -10.79 142.34
CA GLY TA 31 -66.85 -9.63 142.60
C GLY TA 31 -67.60 -8.59 143.39
N THR TA 32 -67.03 -8.15 144.51
CA THR TA 32 -67.71 -7.23 145.42
C THR TA 32 -66.92 -5.96 145.66
N SER TA 33 -66.03 -5.60 144.73
CA SER TA 33 -65.19 -4.40 144.76
C SER TA 33 -64.13 -4.44 145.85
N ASP TA 34 -64.15 -5.45 146.72
CA ASP TA 34 -63.08 -5.65 147.69
C ASP TA 34 -62.58 -7.08 147.51
N ARG TA 35 -63.44 -7.92 146.93
CA ARG TA 35 -63.07 -9.25 146.48
C ARG TA 35 -63.57 -9.40 145.05
N PRO TA 36 -62.95 -8.71 144.11
CA PRO TA 36 -63.40 -8.83 142.72
C PRO TA 36 -63.30 -10.24 142.18
N TYR TA 37 -62.46 -11.06 142.79
CA TYR TA 37 -62.38 -12.47 142.43
C TYR TA 37 -63.59 -13.22 142.94
N SER TA 38 -64.04 -14.20 142.15
CA SER TA 38 -65.11 -15.07 142.60
C SER TA 38 -64.67 -15.80 143.85
N HIS TA 39 -65.55 -15.82 144.86
CA HIS TA 39 -65.20 -16.39 146.15
C HIS TA 39 -66.48 -16.80 146.85
N ALA TA 40 -66.33 -17.30 148.07
CA ALA TA 40 -67.47 -17.80 148.81
C ALA TA 40 -67.07 -18.01 150.26
N LEU TA 41 -68.06 -18.10 151.14
CA LEU TA 41 -67.83 -18.46 152.53
C LEU TA 41 -67.95 -19.96 152.68
N VAL TA 42 -66.99 -20.58 153.33
CA VAL TA 42 -66.95 -22.03 153.48
C VAL TA 42 -66.63 -22.38 154.93
N ALA TA 43 -67.35 -23.33 155.47
CA ALA TA 43 -67.05 -23.92 156.77
C ALA TA 43 -66.56 -25.34 156.54
N GLY TA 44 -65.48 -25.71 157.24
CA GLY TA 44 -64.84 -26.98 156.99
C GLY TA 44 -64.27 -27.57 158.26
N ILE TA 45 -63.77 -28.79 158.12
CA ILE TA 45 -63.25 -29.58 159.22
C ILE TA 45 -61.73 -29.53 159.23
N ASP TA 46 -61.17 -29.18 160.39
CA ASP TA 46 -59.73 -29.18 160.59
C ASP TA 46 -59.24 -30.51 161.15
N ARG TA 47 -59.82 -30.94 162.27
CA ARG TA 47 -59.37 -32.13 162.98
C ARG TA 47 -60.38 -33.24 162.75
N TYR TA 48 -60.07 -34.14 161.82
CA TYR TA 48 -60.94 -35.28 161.59
C TYR TA 48 -60.99 -36.15 162.84
N PRO TA 49 -62.16 -36.66 163.21
CA PRO TA 49 -62.25 -37.54 164.36
C PRO TA 49 -61.44 -38.80 164.12
N ARG TA 50 -60.85 -39.32 165.19
CA ARG TA 50 -60.02 -40.50 165.07
C ARG TA 50 -60.84 -41.71 164.67
N LYS TA 51 -60.17 -42.71 164.10
CA LYS TA 51 -60.86 -43.94 163.78
C LYS TA 51 -61.28 -44.64 165.06
N VAL TA 52 -62.49 -45.19 165.05
CA VAL TA 52 -63.10 -45.76 166.25
C VAL TA 52 -63.37 -47.23 165.97
N THR TA 53 -62.64 -48.12 166.64
CA THR TA 53 -62.82 -49.55 166.58
C THR TA 53 -64.09 -49.89 167.37
N ALA TA 54 -64.53 -51.15 167.36
CA ALA TA 54 -65.77 -51.47 168.07
C ALA TA 54 -65.59 -51.37 169.57
N ALA TA 55 -64.58 -52.04 170.12
CA ALA TA 55 -64.51 -52.34 171.55
C ALA TA 55 -63.54 -51.40 172.24
N MET TA 56 -64.01 -50.22 172.59
CA MET TA 56 -63.27 -49.35 173.50
C MET TA 56 -64.05 -48.97 174.74
N GLY TA 57 -65.28 -48.51 174.60
CA GLY TA 57 -66.03 -48.03 175.76
C GLY TA 57 -66.43 -46.58 175.50
N LYS TA 58 -67.71 -46.28 175.75
CA LYS TA 58 -68.32 -45.06 175.24
C LYS TA 58 -67.49 -43.81 175.54
N LYS TA 59 -66.71 -43.82 176.61
CA LYS TA 59 -65.88 -42.66 176.92
C LYS TA 59 -64.82 -42.43 175.85
N LYS TA 60 -64.18 -43.50 175.38
CA LYS TA 60 -63.14 -43.33 174.38
C LYS TA 60 -63.71 -42.98 173.02
N ILE TA 61 -64.86 -43.53 172.64
CA ILE TA 61 -65.52 -43.06 171.43
C ILE TA 61 -65.84 -41.59 171.55
N ALA TA 62 -66.33 -41.16 172.70
CA ALA TA 62 -66.62 -39.75 172.91
C ALA TA 62 -65.35 -38.91 172.76
N LYS TA 63 -64.26 -39.37 173.34
CA LYS TA 63 -63.00 -38.63 173.26
C LYS TA 63 -62.48 -38.55 171.83
N ARG TA 64 -62.58 -39.66 171.09
CA ARG TA 64 -62.09 -39.68 169.73
C ARG TA 64 -63.02 -38.97 168.76
N SER TA 65 -64.31 -38.90 169.07
CA SER TA 65 -65.28 -38.30 168.16
C SER TA 65 -65.52 -36.84 168.49
N LYS TA 66 -64.43 -36.08 168.59
CA LYS TA 66 -64.52 -34.63 168.72
C LYS TA 66 -63.65 -34.00 167.65
N ILE TA 67 -64.13 -32.89 167.09
CA ILE TA 67 -63.55 -32.30 165.90
C ILE TA 67 -63.34 -30.81 166.11
N LYS TA 68 -62.47 -30.23 165.29
CA LYS TA 68 -62.17 -28.81 165.33
C LYS TA 68 -62.43 -28.22 163.96
N SER TA 69 -63.16 -27.12 163.91
CA SER TA 69 -63.67 -26.58 162.67
C SER TA 69 -62.93 -25.30 162.30
N PHE TA 70 -63.40 -24.64 161.24
CA PHE TA 70 -62.89 -23.35 160.84
C PHE TA 70 -63.86 -22.71 159.86
N VAL TA 71 -63.67 -21.43 159.62
CA VAL TA 71 -64.45 -20.70 158.63
C VAL TA 71 -63.50 -19.76 157.88
N LYS TA 72 -63.69 -19.68 156.57
CA LYS TA 72 -62.81 -18.87 155.72
C LYS TA 72 -63.58 -18.51 154.45
N VAL TA 73 -62.98 -17.68 153.61
CA VAL TA 73 -63.64 -17.12 152.44
C VAL TA 73 -62.85 -17.34 151.15
N TYR TA 74 -62.19 -18.49 151.05
CA TYR TA 74 -61.25 -18.77 149.96
C TYR TA 74 -61.75 -18.26 148.61
N ASN TA 75 -60.84 -17.64 147.88
CA ASN TA 75 -61.04 -17.44 146.46
C ASN TA 75 -61.29 -18.78 145.79
N TYR TA 76 -62.18 -18.78 144.81
CA TYR TA 76 -62.63 -20.03 144.20
C TYR TA 76 -61.46 -20.88 143.72
N ASN TA 77 -60.45 -20.27 143.11
CA ASN TA 77 -59.40 -21.05 142.48
C ASN TA 77 -58.50 -21.74 143.50
N HIS TA 78 -58.79 -21.62 144.80
CA HIS TA 78 -58.21 -22.49 145.81
C HIS TA 78 -59.17 -23.56 146.27
N LEU TA 79 -60.25 -23.78 145.53
CA LEU TA 79 -61.26 -24.76 145.87
C LEU TA 79 -61.46 -25.70 144.68
N MET TA 80 -61.78 -26.95 144.98
CA MET TA 80 -62.25 -27.88 143.95
C MET TA 80 -63.65 -28.32 144.34
N PRO TA 81 -64.66 -28.01 143.53
CA PRO TA 81 -65.99 -28.50 143.82
C PRO TA 81 -66.01 -30.01 143.79
N THR TA 82 -66.85 -30.59 144.63
CA THR TA 82 -66.98 -32.02 144.73
C THR TA 82 -68.41 -32.42 144.37
N ARG TA 83 -68.55 -33.60 143.77
CA ARG TA 83 -69.85 -34.02 143.29
C ARG TA 83 -70.85 -34.14 144.44
N TYR TA 84 -70.37 -34.50 145.62
CA TYR TA 84 -71.24 -34.71 146.76
C TYR TA 84 -71.72 -33.37 147.32
N SER TA 85 -72.81 -33.45 148.08
CA SER TA 85 -73.39 -32.28 148.72
C SER TA 85 -74.00 -32.71 150.04
N VAL TA 86 -74.07 -31.77 150.98
CA VAL TA 86 -74.60 -32.02 152.31
C VAL TA 86 -75.65 -30.98 152.64
N ASP TA 87 -76.85 -31.42 153.00
CA ASP TA 87 -77.91 -30.52 153.44
C ASP TA 87 -77.87 -30.29 154.95
N ILE TA 88 -76.70 -29.92 155.47
CA ILE TA 88 -76.47 -29.59 156.87
C ILE TA 88 -76.95 -28.16 157.05
N PRO TA 89 -77.85 -27.86 158.01
CA PRO TA 89 -78.45 -26.53 157.95
C PRO TA 89 -77.70 -25.42 158.69
N LEU TA 90 -76.60 -24.97 158.11
CA LEU TA 90 -75.84 -23.94 158.77
C LEU TA 90 -76.63 -22.64 158.82
N ASP TA 91 -76.48 -21.91 159.91
CA ASP TA 91 -77.16 -20.64 160.08
C ASP TA 91 -76.43 -19.55 159.30
N LYS TA 92 -77.08 -19.01 158.28
CA LYS TA 92 -76.49 -17.91 157.53
C LYS TA 92 -76.36 -16.66 158.39
N THR TA 93 -77.17 -16.54 159.45
CA THR TA 93 -77.08 -15.35 160.29
C THR TA 93 -75.86 -15.38 161.21
N VAL TA 94 -75.61 -16.51 161.85
CA VAL TA 94 -74.44 -16.58 162.72
C VAL TA 94 -73.17 -16.76 161.91
N VAL TA 95 -73.28 -17.24 160.68
CA VAL TA 95 -72.15 -17.39 159.77
C VAL TA 95 -72.47 -16.55 158.55
N ASN TA 96 -72.06 -15.29 158.57
CA ASN TA 96 -72.26 -14.35 157.47
C ASN TA 96 -70.91 -13.96 156.88
N LYS TA 97 -70.93 -13.13 155.84
CA LYS TA 97 -69.66 -12.80 155.22
C LYS TA 97 -68.78 -12.01 156.17
N ASP TA 98 -69.38 -11.09 156.94
CA ASP TA 98 -68.64 -10.21 157.83
C ASP TA 98 -68.43 -10.81 159.23
N VAL TA 99 -68.35 -12.14 159.33
CA VAL TA 99 -67.91 -12.78 160.57
C VAL TA 99 -66.52 -12.34 160.99
N PHE TA 100 -65.60 -12.16 160.05
CA PHE TA 100 -64.21 -12.00 160.41
C PHE TA 100 -63.89 -10.57 160.85
N ARG TA 101 -64.70 -10.01 161.74
CA ARG TA 101 -64.38 -8.73 162.35
C ARG TA 101 -64.23 -8.85 163.85
N ASP TA 102 -65.18 -9.50 164.51
CA ASP TA 102 -65.07 -9.80 165.93
C ASP TA 102 -64.51 -11.21 166.09
N PRO TA 103 -63.37 -11.39 166.75
CA PRO TA 103 -62.88 -12.75 166.98
C PRO TA 103 -63.87 -13.61 167.75
N ALA TA 104 -64.57 -13.04 168.72
CA ALA TA 104 -65.51 -13.83 169.51
C ALA TA 104 -66.64 -14.38 168.65
N LEU TA 105 -67.17 -13.57 167.75
CA LEU TA 105 -68.23 -14.07 166.88
C LEU TA 105 -67.68 -15.10 165.90
N LYS TA 106 -66.42 -14.96 165.50
CA LYS TA 106 -65.79 -16.02 164.70
C LYS TA 106 -65.74 -17.32 165.49
N ARG TA 107 -65.42 -17.23 166.78
CA ARG TA 107 -65.40 -18.41 167.62
C ARG TA 107 -66.79 -19.01 167.79
N LYS TA 108 -67.80 -18.17 167.89
CA LYS TA 108 -69.17 -18.67 167.97
C LYS TA 108 -69.58 -19.39 166.70
N ALA TA 109 -69.26 -18.82 165.54
CA ALA TA 109 -69.54 -19.52 164.29
C ALA TA 109 -68.78 -20.83 164.22
N ARG TA 110 -67.53 -20.83 164.70
CA ARG TA 110 -66.78 -22.07 164.82
C ARG TA 110 -67.53 -23.09 165.65
N ARG TA 111 -68.08 -22.66 166.78
CA ARG TA 111 -68.84 -23.54 167.64
C ARG TA 111 -70.02 -24.13 166.89
N GLU TA 112 -70.73 -23.28 166.17
CA GLU TA 112 -71.94 -23.74 165.50
C GLU TA 112 -71.57 -24.76 164.43
N ALA TA 113 -70.50 -24.49 163.68
CA ALA TA 113 -70.02 -25.45 162.69
C ALA TA 113 -69.66 -26.76 163.36
N LYS TA 114 -68.95 -26.68 164.49
CA LYS TA 114 -68.50 -27.90 165.16
C LYS TA 114 -69.70 -28.73 165.57
N VAL TA 115 -70.74 -28.10 166.11
CA VAL TA 115 -71.87 -28.88 166.61
C VAL TA 115 -72.69 -29.47 165.46
N LYS TA 116 -72.98 -28.69 164.41
CA LYS TA 116 -73.68 -29.30 163.28
C LYS TA 116 -72.86 -30.46 162.70
N PHE TA 117 -71.54 -30.31 162.66
CA PHE TA 117 -70.73 -31.36 162.08
C PHE TA 117 -70.78 -32.63 162.91
N GLU TA 118 -70.68 -32.52 164.23
CA GLU TA 118 -70.67 -33.76 165.01
C GLU TA 118 -72.05 -34.37 165.02
N GLU TA 119 -73.09 -33.54 164.97
CA GLU TA 119 -74.44 -34.07 164.88
C GLU TA 119 -74.66 -34.88 163.61
N ARG TA 120 -74.31 -34.33 162.44
CA ARG TA 120 -74.41 -35.12 161.22
C ARG TA 120 -73.39 -36.24 161.21
N TYR TA 121 -72.38 -36.16 162.07
CA TYR TA 121 -71.31 -37.15 162.09
C TYR TA 121 -71.77 -38.44 162.72
N LYS TA 122 -72.57 -38.35 163.77
CA LYS TA 122 -73.23 -39.52 164.29
C LYS TA 122 -74.24 -40.03 163.27
N THR TA 123 -74.89 -41.14 163.61
CA THR TA 123 -75.80 -41.84 162.72
C THR TA 123 -75.11 -42.32 161.45
N GLY TA 124 -73.78 -42.29 161.41
CA GLY TA 124 -73.04 -42.85 160.30
C GLY TA 124 -73.43 -42.28 158.96
N LYS TA 125 -73.64 -40.97 158.88
CA LYS TA 125 -74.09 -40.33 157.66
C LYS TA 125 -72.91 -39.67 156.98
N ASN TA 126 -72.94 -39.65 155.64
CA ASN TA 126 -71.91 -39.07 154.78
C ASN TA 126 -70.51 -39.33 155.34
N LYS TA 127 -70.21 -40.63 155.44
CA LYS TA 127 -68.89 -41.06 155.89
C LYS TA 127 -67.79 -40.36 155.11
N TRP TA 128 -67.94 -40.29 153.78
CA TRP TA 128 -66.90 -39.75 152.93
C TRP TA 128 -66.46 -38.37 153.38
N PHE TA 129 -67.42 -37.51 153.72
CA PHE TA 129 -67.06 -36.17 154.17
C PHE TA 129 -66.19 -36.21 155.41
N PHE TA 130 -66.51 -37.11 156.33
CA PHE TA 130 -65.83 -37.12 157.61
C PHE TA 130 -64.61 -38.04 157.61
N GLN TA 131 -64.52 -38.95 156.66
CA GLN TA 131 -63.29 -39.68 156.49
C GLN TA 131 -62.20 -38.74 155.99
N LYS TA 132 -61.07 -38.75 156.70
CA LYS TA 132 -59.91 -37.99 156.27
C LYS TA 132 -59.45 -38.48 154.91
N LEU TA 133 -59.11 -37.55 154.02
CA LEU TA 133 -58.57 -37.96 152.74
C LEU TA 133 -57.15 -38.45 152.93
N ARG TA 134 -56.78 -39.48 152.19
CA ARG TA 134 -55.49 -40.13 152.33
C ARG TA 134 -54.63 -39.77 151.13
N PHE TA 135 -53.68 -38.86 151.33
CA PHE TA 135 -52.72 -38.51 150.28
C PHE TA 135 -51.32 -38.42 150.86
N PRO UA 1 58.83 -78.97 164.65
CA PRO UA 1 59.79 -77.87 164.76
C PRO UA 1 59.78 -77.01 163.50
N SER UA 2 59.06 -75.90 163.55
CA SER UA 2 58.99 -75.02 162.39
C SER UA 2 60.36 -74.49 162.01
N ARG UA 3 61.27 -74.41 162.98
CA ARG UA 3 62.57 -73.81 162.72
C ARG UA 3 63.40 -74.61 161.72
N LEU UA 4 63.16 -75.92 161.59
CA LEU UA 4 63.95 -76.76 160.71
C LEU UA 4 63.33 -76.88 159.31
N ARG UA 5 62.24 -76.18 159.06
CA ARG UA 5 61.55 -76.26 157.78
C ARG UA 5 62.37 -75.60 156.69
N LYS UA 6 62.03 -75.94 155.44
CA LYS UA 6 62.66 -75.29 154.30
C LYS UA 6 62.38 -73.80 154.25
N THR UA 7 61.25 -73.36 154.81
CA THR UA 7 60.83 -71.99 154.66
C THR UA 7 61.84 -71.01 155.27
N ARG UA 8 62.37 -71.35 156.44
CA ARG UA 8 63.35 -70.46 157.07
C ARG UA 8 64.51 -70.17 156.13
N LYS UA 9 64.98 -71.17 155.41
CA LYS UA 9 65.99 -70.92 154.39
C LYS UA 9 65.44 -70.06 153.26
N LEU UA 10 64.20 -70.31 152.85
CA LEU UA 10 63.61 -69.59 151.73
C LEU UA 10 63.17 -68.18 152.08
N ARG UA 11 63.39 -67.75 153.33
CA ARG UA 11 62.87 -66.46 153.76
C ARG UA 11 63.79 -65.33 153.32
N GLY UA 12 64.22 -65.36 152.07
CA GLY UA 12 64.81 -64.19 151.44
C GLY UA 12 64.57 -64.14 149.95
N HIS UA 13 63.80 -65.09 149.44
CA HIS UA 13 63.70 -65.33 148.01
C HIS UA 13 62.29 -65.09 147.55
N VAL UA 14 62.13 -64.24 146.53
CA VAL UA 14 60.82 -63.72 146.19
C VAL UA 14 59.88 -64.83 145.75
N SER UA 15 60.42 -65.88 145.14
CA SER UA 15 59.57 -66.94 144.61
C SER UA 15 59.26 -68.03 145.63
N HIS UA 16 60.00 -68.08 146.74
CA HIS UA 16 59.77 -69.07 147.79
C HIS UA 16 59.82 -70.49 147.24
N GLY UA 17 60.80 -70.76 146.39
CA GLY UA 17 61.00 -72.10 145.89
C GLY UA 17 59.96 -72.61 144.94
N HIS UA 18 59.21 -71.72 144.29
CA HIS UA 18 58.17 -72.12 143.35
C HIS UA 18 58.36 -71.49 141.98
N GLY UA 19 59.58 -71.11 141.64
CA GLY UA 19 59.89 -70.68 140.29
C GLY UA 19 59.56 -69.24 140.01
N ARG UA 20 60.53 -68.51 139.44
CA ARG UA 20 60.26 -67.14 139.01
C ARG UA 20 59.22 -67.13 137.90
N ILE UA 21 59.42 -67.94 136.87
CA ILE UA 21 58.39 -68.12 135.85
C ILE UA 21 57.15 -68.71 136.50
N GLY UA 22 57.32 -69.74 137.30
CA GLY UA 22 56.32 -70.33 138.17
C GLY UA 22 55.01 -70.60 137.45
N LYS UA 23 53.93 -70.31 138.15
CA LYS UA 23 54.01 -69.83 139.52
C LYS UA 23 53.17 -70.75 140.37
N HIS UA 24 53.33 -70.69 141.69
CA HIS UA 24 52.51 -71.55 142.55
C HIS UA 24 51.09 -71.01 142.51
N ARG UA 25 50.31 -71.57 141.60
CA ARG UA 25 48.92 -71.18 141.45
C ARG UA 25 48.05 -72.09 142.32
N LYS UA 26 46.73 -71.94 142.20
CA LYS UA 26 45.82 -72.69 143.05
C LYS UA 26 45.84 -74.18 142.70
N HIS UA 27 45.43 -74.51 141.48
CA HIS UA 27 45.29 -75.90 141.06
C HIS UA 27 45.44 -75.99 139.56
N PRO UA 28 46.66 -75.93 139.05
CA PRO UA 28 46.88 -76.20 137.63
C PRO UA 28 46.59 -77.66 137.35
N GLY UA 29 46.08 -77.92 136.15
CA GLY UA 29 45.76 -79.27 135.72
C GLY UA 29 44.46 -79.83 136.25
N GLY UA 30 44.02 -79.40 137.42
CA GLY UA 30 42.79 -79.89 137.98
C GLY UA 30 42.91 -79.99 139.48
N ARG UA 31 41.98 -80.73 140.07
CA ARG UA 31 41.93 -80.93 141.51
C ARG UA 31 41.78 -82.42 141.80
N GLY UA 32 42.35 -82.85 142.92
CA GLY UA 32 42.30 -84.25 143.28
C GLY UA 32 42.91 -85.16 142.25
N ASN UA 33 42.07 -85.91 141.54
CA ASN UA 33 42.50 -86.86 140.53
C ASN UA 33 41.85 -86.59 139.18
N ALA UA 34 41.67 -85.31 138.87
CA ALA UA 34 41.04 -84.93 137.62
C ALA UA 34 41.90 -85.34 136.43
N GLY UA 35 41.26 -85.49 135.29
CA GLY UA 35 41.98 -85.91 134.11
C GLY UA 35 42.60 -87.28 134.19
N GLY UA 36 42.00 -88.18 134.96
CA GLY UA 36 42.48 -89.54 135.01
C GLY UA 36 42.38 -90.28 133.71
N LEU UA 37 41.60 -89.78 132.76
CA LEU UA 37 41.53 -90.32 131.42
C LEU UA 37 41.87 -89.32 130.34
N HIS UA 38 42.17 -88.07 130.71
CA HIS UA 38 42.31 -87.01 129.72
C HIS UA 38 43.70 -86.40 129.69
N HIS UA 39 44.24 -85.93 130.79
CA HIS UA 39 45.61 -85.47 130.64
C HIS UA 39 46.58 -86.19 131.56
N HIS UA 40 46.19 -86.46 132.80
CA HIS UA 40 47.03 -87.28 133.66
C HIS UA 40 46.93 -88.76 133.35
N ARG UA 41 46.29 -89.13 132.23
CA ARG UA 41 46.14 -90.53 131.90
C ARG UA 41 47.48 -91.22 131.81
N ILE UA 42 48.51 -90.51 131.35
CA ILE UA 42 49.83 -91.12 131.18
C ILE UA 42 50.36 -91.60 132.53
N ASN UA 43 50.35 -90.73 133.54
CA ASN UA 43 50.83 -91.15 134.86
C ASN UA 43 49.94 -92.23 135.45
N PHE UA 44 48.63 -92.02 135.39
CA PHE UA 44 47.68 -92.97 135.99
C PHE UA 44 47.92 -94.37 135.44
N ASP UA 45 48.02 -94.49 134.12
CA ASP UA 45 48.25 -95.78 133.50
C ASP UA 45 49.66 -96.31 133.75
N LYS UA 46 50.67 -95.43 133.79
CA LYS UA 46 52.03 -95.91 133.99
C LYS UA 46 52.21 -96.49 135.38
N TYR UA 47 51.54 -95.92 136.38
CA TYR UA 47 51.76 -96.33 137.75
C TYR UA 47 50.60 -97.08 138.39
N HIS UA 48 49.40 -96.96 137.86
CA HIS UA 48 48.25 -97.70 138.37
C HIS UA 48 47.50 -98.33 137.20
N PRO UA 49 48.06 -99.37 136.60
CA PRO UA 49 47.30 -100.12 135.60
C PRO UA 49 46.11 -100.79 136.25
N GLY UA 50 44.99 -100.80 135.53
CA GLY UA 50 43.79 -101.41 136.07
C GLY UA 50 43.01 -100.54 137.02
N TYR UA 51 43.24 -99.23 137.02
CA TYR UA 51 42.48 -98.34 137.88
C TYR UA 51 41.05 -98.11 137.41
N PHE UA 52 40.76 -98.36 136.13
CA PHE UA 52 39.48 -98.01 135.55
C PHE UA 52 38.76 -99.25 135.05
N GLY UA 53 37.59 -99.54 135.61
CA GLY UA 53 36.75 -100.59 135.06
C GLY UA 53 36.12 -101.51 136.07
N LYS UA 54 35.25 -102.40 135.60
CA LYS UA 54 34.57 -103.38 136.43
C LYS UA 54 35.13 -104.76 136.17
N VAL UA 55 35.25 -105.57 137.23
CA VAL UA 55 35.60 -106.98 137.12
C VAL UA 55 34.93 -107.75 138.24
N GLY UA 56 34.50 -108.97 137.90
CA GLY UA 56 34.03 -109.91 138.91
C GLY UA 56 32.63 -109.63 139.44
N MET UA 57 32.27 -110.41 140.46
CA MET UA 57 30.98 -110.27 141.10
C MET UA 57 30.85 -108.91 141.77
N LYS UA 58 29.61 -108.53 142.03
CA LYS UA 58 29.29 -107.52 143.02
C LYS UA 58 28.36 -108.20 144.00
N HIS UA 59 28.91 -108.68 145.11
CA HIS UA 59 28.14 -109.42 146.10
C HIS UA 59 27.74 -108.48 147.23
N TYR UA 60 26.45 -108.18 147.32
CA TYR UA 60 25.97 -107.28 148.35
C TYR UA 60 26.07 -107.92 149.73
N HIS UA 61 26.37 -107.09 150.72
CA HIS UA 61 26.25 -107.43 152.13
C HIS UA 61 27.13 -108.63 152.50
N LEU UA 62 28.28 -108.75 151.85
CA LEU UA 62 29.21 -109.80 152.26
C LEU UA 62 29.80 -109.43 153.61
N LYS UA 63 29.73 -110.36 154.55
CA LYS UA 63 30.27 -110.16 155.89
C LYS UA 63 31.57 -110.93 155.99
N ARG UA 64 32.68 -110.21 156.12
CA ARG UA 64 33.97 -110.85 156.28
C ARG UA 64 34.05 -111.63 157.58
N ASN UA 65 33.10 -111.43 158.47
CA ASN UA 65 33.04 -112.22 159.69
C ASN UA 65 32.85 -113.71 159.36
N GLN UA 66 32.00 -114.02 158.38
CA GLN UA 66 31.74 -115.40 158.03
C GLN UA 66 32.93 -116.04 157.33
N SER UA 67 33.59 -115.31 156.43
CA SER UA 67 34.68 -115.88 155.66
C SER UA 67 35.98 -115.97 156.43
N PHE UA 68 35.97 -115.57 157.71
CA PHE UA 68 37.16 -115.58 158.55
C PHE UA 68 37.81 -116.95 158.60
N CYS UA 69 39.04 -117.04 158.10
CA CYS UA 69 39.77 -118.31 158.06
C CYS UA 69 41.26 -118.01 158.15
N PRO UA 70 41.75 -117.61 159.32
CA PRO UA 70 43.18 -117.37 159.48
C PRO UA 70 43.95 -118.66 159.36
N THR UA 71 45.16 -118.56 158.83
CA THR UA 71 45.86 -119.73 158.34
C THR UA 71 47.28 -119.77 158.88
N VAL UA 72 47.80 -120.98 159.03
CA VAL UA 72 49.12 -121.19 159.61
C VAL UA 72 49.81 -122.30 158.84
N ASN UA 73 51.11 -122.15 158.64
CA ASN UA 73 51.92 -123.15 157.98
C ASN UA 73 52.43 -124.15 159.01
N LEU UA 74 52.72 -125.37 158.55
CA LEU UA 74 53.22 -126.39 159.46
C LEU UA 74 54.65 -126.13 159.86
N ASP UA 75 55.36 -125.26 159.15
CA ASP UA 75 56.72 -124.92 159.53
C ASP UA 75 56.76 -124.31 160.92
N LYS UA 76 55.96 -123.28 161.16
CA LYS UA 76 55.88 -122.62 162.45
C LYS UA 76 54.88 -123.27 163.39
N LEU UA 77 54.23 -124.35 162.95
CA LEU UA 77 53.18 -124.99 163.74
C LEU UA 77 53.70 -125.45 165.08
N TRP UA 78 54.90 -126.05 165.07
CA TRP UA 78 55.44 -126.56 166.29
C TRP UA 78 55.75 -125.49 167.32
N THR UA 79 56.00 -124.24 166.91
CA THR UA 79 56.18 -123.14 167.86
C THR UA 79 54.93 -122.87 168.70
N LEU UA 80 53.79 -123.39 168.28
CA LEU UA 80 52.54 -123.12 168.98
C LEU UA 80 52.55 -123.73 170.38
N VAL UA 81 53.08 -124.94 170.53
CA VAL UA 81 53.11 -125.62 171.80
C VAL UA 81 54.40 -125.28 172.52
N SER UA 82 54.42 -125.51 173.84
CA SER UA 82 55.61 -125.21 174.62
C SER UA 82 56.76 -126.14 174.23
N GLU UA 83 57.98 -125.61 174.37
CA GLU UA 83 59.16 -126.39 174.03
C GLU UA 83 59.29 -127.62 174.92
N GLN UA 84 58.78 -127.58 176.15
CA GLN UA 84 58.85 -128.77 176.98
C GLN UA 84 57.99 -129.88 176.40
N THR UA 85 56.87 -129.53 175.77
CA THR UA 85 56.09 -130.52 175.04
C THR UA 85 56.90 -131.09 173.90
N ARG UA 86 57.60 -130.24 173.15
CA ARG UA 86 58.50 -130.71 172.10
C ARG UA 86 59.51 -131.72 172.61
N VAL UA 87 60.23 -131.38 173.67
CA VAL UA 87 61.30 -132.26 174.11
C VAL UA 87 60.73 -133.55 174.70
N ASN UA 88 59.63 -133.46 175.46
CA ASN UA 88 59.03 -134.67 175.98
C ASN UA 88 58.60 -135.59 174.85
N ALA UA 89 58.02 -135.04 173.79
CA ALA UA 89 57.69 -135.86 172.64
C ALA UA 89 58.94 -136.44 172.00
N ALA UA 90 59.97 -135.61 171.81
CA ALA UA 90 61.15 -136.04 171.06
C ALA UA 90 61.85 -137.20 171.77
N LYS UA 91 61.99 -137.11 173.09
CA LYS UA 91 62.65 -138.14 173.85
C LYS UA 91 61.70 -139.28 174.23
N ASN UA 92 60.42 -139.13 173.94
CA ASN UA 92 59.44 -140.12 174.36
C ASN UA 92 59.73 -141.46 173.70
N LYS UA 93 59.55 -142.54 174.46
CA LYS UA 93 59.91 -143.86 173.96
C LYS UA 93 58.79 -144.46 173.11
N THR UA 94 57.56 -144.43 173.62
CA THR UA 94 56.42 -144.98 172.90
C THR UA 94 56.13 -144.12 171.67
N GLY UA 95 55.13 -144.53 170.89
CA GLY UA 95 54.75 -143.79 169.71
C GLY UA 95 53.81 -142.65 170.03
N ALA UA 96 53.62 -142.39 171.32
CA ALA UA 96 52.74 -141.32 171.75
C ALA UA 96 53.21 -139.99 171.19
N ALA UA 97 52.27 -139.21 170.67
CA ALA UA 97 52.59 -137.92 170.09
C ALA UA 97 51.73 -136.83 170.71
N PRO UA 98 52.26 -135.62 170.84
CA PRO UA 98 51.50 -134.55 171.50
C PRO UA 98 50.37 -134.05 170.61
N ILE UA 99 49.42 -133.36 171.23
CA ILE UA 99 48.25 -132.83 170.54
C ILE UA 99 48.44 -131.34 170.33
N ILE UA 100 48.28 -130.90 169.09
CA ILE UA 100 48.31 -129.48 168.75
C ILE UA 100 46.94 -129.09 168.24
N ASP UA 101 46.31 -128.14 168.90
CA ASP UA 101 44.94 -127.74 168.59
C ASP UA 101 44.99 -126.32 168.04
N VAL UA 102 45.23 -126.21 166.73
CA VAL UA 102 45.55 -124.91 166.15
C VAL UA 102 44.36 -123.97 166.25
N VAL UA 103 43.13 -124.49 166.12
CA VAL UA 103 41.97 -123.62 166.21
C VAL UA 103 41.91 -122.93 167.55
N ARG UA 104 42.30 -123.62 168.62
CA ARG UA 104 42.37 -122.98 169.92
C ARG UA 104 43.36 -121.84 169.91
N SER UA 105 44.51 -122.05 169.29
CA SER UA 105 45.50 -120.98 169.19
C SER UA 105 44.95 -119.81 168.39
N GLY UA 106 44.23 -120.09 167.31
CA GLY UA 106 43.62 -119.02 166.56
C GLY UA 106 43.62 -119.17 165.06
N TYR UA 107 44.21 -120.25 164.55
CA TYR UA 107 44.23 -120.51 163.12
C TYR UA 107 43.40 -121.74 162.79
N TYR UA 108 42.57 -121.64 161.74
CA TYR UA 108 41.71 -122.74 161.36
C TYR UA 108 42.38 -123.70 160.37
N LYS UA 109 42.90 -123.17 159.27
CA LYS UA 109 43.46 -124.00 158.23
C LYS UA 109 44.97 -124.10 158.36
N VAL UA 110 45.51 -125.28 158.08
CA VAL UA 110 46.93 -125.56 158.22
C VAL UA 110 47.53 -125.65 156.82
N LEU UA 111 48.51 -124.79 156.54
CA LEU UA 111 49.21 -124.81 155.26
C LEU UA 111 50.49 -125.61 155.36
N GLY UA 112 51.06 -125.92 154.20
CA GLY UA 112 52.17 -126.85 154.15
C GLY UA 112 53.55 -126.27 153.92
N LYS UA 113 53.72 -124.95 154.06
CA LYS UA 113 55.03 -124.36 153.81
C LYS UA 113 56.04 -124.83 154.85
N GLY UA 114 57.22 -125.20 154.37
CA GLY UA 114 58.28 -125.67 155.25
C GLY UA 114 58.36 -127.18 155.28
N LYS UA 115 59.04 -127.68 156.30
CA LYS UA 115 59.08 -129.10 156.57
C LYS UA 115 59.04 -129.32 158.07
N LEU UA 116 59.01 -130.60 158.46
CA LEU UA 116 58.86 -130.95 159.85
C LEU UA 116 60.06 -131.72 160.35
N PRO UA 117 60.42 -131.57 161.63
CA PRO UA 117 61.36 -132.51 162.23
C PRO UA 117 60.70 -133.87 162.41
N LYS UA 118 61.52 -134.92 162.31
CA LYS UA 118 60.99 -136.28 162.20
C LYS UA 118 60.61 -136.81 163.59
N GLN UA 119 59.33 -136.65 163.92
CA GLN UA 119 58.70 -137.26 165.08
C GLN UA 119 57.21 -137.10 164.93
N PRO UA 120 56.42 -138.11 165.28
CA PRO UA 120 54.99 -138.06 164.99
C PRO UA 120 54.29 -136.99 165.81
N VAL UA 121 53.15 -136.54 165.30
CA VAL UA 121 52.38 -135.47 165.93
C VAL UA 121 50.98 -135.48 165.36
N ILE UA 122 50.00 -135.22 166.21
CA ILE UA 122 48.60 -135.12 165.80
C ILE UA 122 48.18 -133.66 165.90
N VAL UA 123 47.49 -133.17 164.87
CA VAL UA 123 47.06 -131.79 164.80
C VAL UA 123 45.56 -131.75 164.54
N LYS UA 124 44.87 -130.84 165.21
CA LYS UA 124 43.43 -130.70 165.09
C LYS UA 124 43.11 -129.36 164.44
N ALA UA 125 42.50 -129.39 163.25
CA ALA UA 125 42.17 -128.17 162.52
C ALA UA 125 40.95 -128.39 161.66
N LYS UA 126 40.37 -127.29 161.19
CA LYS UA 126 39.26 -127.39 160.25
C LYS UA 126 39.69 -127.86 158.88
N PHE UA 127 40.72 -127.26 158.29
CA PHE UA 127 41.07 -127.54 156.91
C PHE UA 127 42.56 -127.74 156.78
N PHE UA 128 42.95 -128.51 155.77
CA PHE UA 128 44.35 -128.78 155.49
C PHE UA 128 44.57 -128.71 153.99
N SER UA 129 45.79 -128.37 153.61
CA SER UA 129 46.18 -128.47 152.21
C SER UA 129 46.73 -129.85 151.93
N ARG UA 130 46.51 -130.33 150.71
CA ARG UA 130 46.94 -131.68 150.35
C ARG UA 130 48.43 -131.86 150.63
N ARG UA 131 49.24 -130.86 150.29
CA ARG UA 131 50.66 -130.94 150.61
C ARG UA 131 50.90 -131.00 152.10
N ALA UA 132 50.07 -130.30 152.89
CA ALA UA 132 50.18 -130.41 154.33
C ALA UA 132 49.89 -131.82 154.79
N GLU UA 133 48.88 -132.46 154.20
CA GLU UA 133 48.63 -133.86 154.47
C GLU UA 133 49.84 -134.71 154.15
N GLU UA 134 50.43 -134.50 152.97
CA GLU UA 134 51.56 -135.31 152.56
C GLU UA 134 52.70 -135.19 153.56
N LYS UA 135 52.98 -133.97 154.01
CA LYS UA 135 54.08 -133.80 154.95
C LYS UA 135 53.76 -134.38 156.31
N ILE UA 136 52.54 -134.15 156.82
CA ILE UA 136 52.23 -134.64 158.16
C ILE UA 136 52.18 -136.17 158.16
N LYS UA 137 51.71 -136.78 157.06
CA LYS UA 137 51.68 -138.23 156.99
C LYS UA 137 53.08 -138.81 156.80
N SER UA 138 53.91 -138.15 155.99
CA SER UA 138 55.26 -138.63 155.74
C SER UA 138 56.07 -138.66 157.02
N VAL UA 139 55.95 -137.62 157.85
CA VAL UA 139 56.63 -137.60 159.15
C VAL UA 139 56.01 -138.60 160.12
N GLY UA 140 54.95 -139.29 159.71
CA GLY UA 140 54.31 -140.26 160.56
C GLY UA 140 53.14 -139.74 161.37
N GLY UA 141 52.95 -138.43 161.40
CA GLY UA 141 51.85 -137.87 162.15
C GLY UA 141 50.51 -138.14 161.50
N ALA UA 142 49.47 -137.88 162.27
CA ALA UA 142 48.11 -138.10 161.82
C ALA UA 142 47.33 -136.80 161.85
N CYS UA 143 46.42 -136.68 160.89
CA CYS UA 143 45.67 -135.45 160.67
C CYS UA 143 44.24 -135.69 161.14
N VAL UA 144 43.88 -135.11 162.28
CA VAL UA 144 42.53 -135.26 162.82
C VAL UA 144 41.75 -133.98 162.54
N LEU UA 145 40.56 -134.15 161.98
CA LEU UA 145 39.72 -133.03 161.57
C LEU UA 145 38.72 -132.69 162.67
N VAL UA 146 38.45 -131.39 162.80
CA VAL UA 146 37.50 -130.90 163.78
C VAL UA 146 36.57 -129.91 163.10
N ALA UA 147 35.44 -129.65 163.73
CA ALA UA 147 34.46 -128.72 163.20
C ALA UA 147 34.51 -127.41 163.96
N ALA VA 1 49.96 -66.72 120.18
CA ALA VA 1 49.53 -67.40 118.98
C ALA VA 1 50.57 -68.40 118.52
N LYS VA 2 51.32 -68.03 117.48
CA LYS VA 2 52.34 -68.92 116.93
C LYS VA 2 53.34 -69.33 118.00
N SER VA 3 53.97 -70.47 117.80
CA SER VA 3 54.98 -70.98 118.71
C SER VA 3 55.91 -71.91 117.95
N LYS VA 4 57.10 -72.13 118.52
CA LYS VA 4 58.09 -72.99 117.88
C LYS VA 4 57.60 -74.43 117.88
N ASN VA 5 57.42 -74.97 116.68
CA ASN VA 5 56.77 -76.28 116.53
C ASN VA 5 57.63 -77.41 117.06
N HIS VA 6 58.90 -77.44 116.67
CA HIS VA 6 59.77 -78.55 117.04
C HIS VA 6 61.20 -78.16 116.77
N THR VA 7 62.10 -78.54 117.69
CA THR VA 7 63.52 -78.25 117.55
C THR VA 7 64.30 -79.18 118.44
N THR VA 8 65.28 -79.87 117.85
CA THR VA 8 66.12 -80.79 118.60
C THR VA 8 67.39 -80.13 119.12
N HIS VA 9 67.55 -78.83 118.92
CA HIS VA 9 68.78 -78.17 119.34
C HIS VA 9 68.94 -78.28 120.85
N ASN VA 10 70.19 -78.49 121.28
CA ASN VA 10 70.63 -78.65 122.65
C ASN VA 10 70.26 -80.00 123.24
N GLN VA 11 69.49 -80.83 122.54
CA GLN VA 11 69.17 -82.14 123.10
C GLN VA 11 70.41 -83.02 123.18
N SER VA 12 71.32 -82.89 122.21
CA SER VA 12 72.57 -83.61 122.27
C SER VA 12 73.32 -83.28 123.55
N ARG VA 13 73.47 -81.99 123.84
CA ARG VA 13 74.13 -81.58 125.07
C ARG VA 13 73.39 -82.14 126.28
N LYS VA 14 72.06 -82.07 126.28
CA LYS VA 14 71.30 -82.52 127.44
C LYS VA 14 71.58 -83.98 127.73
N TRP VA 15 71.29 -84.86 126.77
CA TRP VA 15 71.43 -86.27 127.10
C TRP VA 15 72.88 -86.73 127.11
N HIS VA 16 73.80 -85.90 126.63
CA HIS VA 16 75.20 -86.25 126.72
C HIS VA 16 75.83 -85.77 128.01
N ARG VA 17 75.16 -84.86 128.72
CA ARG VA 17 75.69 -84.36 129.99
C ARG VA 17 75.94 -85.49 130.96
N ASN VA 18 74.95 -86.34 131.20
CA ASN VA 18 75.21 -87.56 131.95
C ASN VA 18 75.95 -88.60 131.13
N GLY VA 19 75.97 -88.43 129.81
CA GLY VA 19 76.70 -89.36 128.96
C GLY VA 19 75.83 -90.48 128.43
N ILE VA 20 76.08 -90.89 127.19
CA ILE VA 20 75.36 -92.01 126.59
C ILE VA 20 75.93 -93.31 127.11
N LYS VA 21 75.10 -94.08 127.79
CA LYS VA 21 75.50 -95.35 128.38
C LYS VA 21 75.06 -96.50 127.48
N LYS VA 22 76.00 -97.33 127.06
CA LYS VA 22 75.62 -98.52 126.34
C LYS VA 22 74.96 -99.52 127.30
N PRO VA 23 73.99 -100.28 126.81
CA PRO VA 23 73.28 -101.21 127.70
C PRO VA 23 74.25 -102.22 128.28
N ARG VA 24 73.97 -102.62 129.51
CA ARG VA 24 74.89 -103.52 130.20
C ARG VA 24 74.85 -104.91 129.57
N SER VA 25 76.03 -105.39 129.16
CA SER VA 25 76.18 -106.73 128.63
C SER VA 25 77.05 -107.53 129.60
N GLN VA 26 76.84 -108.84 129.63
CA GLN VA 26 77.44 -109.65 130.66
C GLN VA 26 77.35 -111.11 130.27
N ARG VA 27 78.07 -111.95 131.02
CA ARG VA 27 78.00 -113.39 130.80
C ARG VA 27 76.60 -113.89 131.12
N TYR VA 28 76.18 -114.93 130.40
CA TYR VA 28 74.92 -115.63 130.67
C TYR VA 28 73.72 -114.69 130.58
N GLU VA 29 73.45 -114.27 129.36
CA GLU VA 29 72.29 -113.44 129.08
C GLU VA 29 71.00 -114.19 129.42
N SER VA 30 69.88 -113.48 129.29
CA SER VA 30 68.59 -114.11 129.42
C SER VA 30 68.31 -114.99 128.21
N LEU VA 31 67.26 -115.81 128.33
CA LEU VA 31 66.93 -116.79 127.29
C LEU VA 31 65.50 -116.65 126.82
N LYS VA 32 64.80 -115.59 127.21
CA LYS VA 32 63.41 -115.43 126.80
C LYS VA 32 63.35 -115.16 125.30
N GLY VA 33 62.23 -115.55 124.70
CA GLY VA 33 61.98 -115.28 123.31
C GLY VA 33 62.72 -116.17 122.33
N VAL VA 34 63.42 -117.20 122.80
CA VAL VA 34 64.09 -118.15 121.92
C VAL VA 34 63.08 -119.20 121.46
N ASP VA 35 63.48 -120.00 120.49
CA ASP VA 35 62.65 -121.08 119.94
C ASP VA 35 62.18 -122.00 121.06
N PRO VA 36 60.90 -121.99 121.41
CA PRO VA 36 60.43 -122.81 122.53
C PRO VA 36 60.64 -124.31 122.36
N LYS VA 37 60.62 -124.81 121.12
CA LYS VA 37 60.85 -126.24 120.90
C LYS VA 37 62.25 -126.63 121.35
N PHE VA 38 63.26 -126.00 120.77
CA PHE VA 38 64.64 -126.20 121.21
C PHE VA 38 64.78 -125.84 122.69
N LEU VA 39 63.95 -124.92 123.16
CA LEU VA 39 64.01 -124.56 124.58
C LEU VA 39 63.64 -125.73 125.46
N ARG VA 40 62.50 -126.37 125.19
CA ARG VA 40 62.11 -127.52 126.01
C ARG VA 40 63.08 -128.68 125.81
N ASN VA 41 63.64 -128.79 124.60
CA ASN VA 41 64.78 -129.68 124.40
C ASN VA 41 65.83 -129.51 125.47
N MET VA 42 66.48 -128.35 125.46
CA MET VA 42 67.62 -128.13 126.33
C MET VA 42 67.19 -128.11 127.78
N ARG VA 43 65.92 -127.86 128.04
CA ARG VA 43 65.38 -128.02 129.40
C ARG VA 43 65.46 -129.48 129.83
N PHE VA 44 64.94 -130.38 128.99
CA PHE VA 44 65.08 -131.80 129.28
C PHE VA 44 66.54 -132.18 129.43
N ALA VA 45 67.39 -131.66 128.54
CA ALA VA 45 68.80 -132.02 128.54
C ALA VA 45 69.47 -131.61 129.85
N LYS VA 46 69.15 -130.41 130.35
CA LYS VA 46 69.67 -130.03 131.67
C LYS VA 46 69.11 -130.93 132.75
N LYS VA 47 67.82 -131.27 132.66
CA LYS VA 47 67.22 -132.12 133.68
C LYS VA 47 67.95 -133.45 133.77
N HIS VA 48 68.12 -134.14 132.65
CA HIS VA 48 68.71 -135.46 132.63
C HIS VA 48 70.23 -135.42 132.67
N ASN VA 49 70.83 -134.27 132.94
CA ASN VA 49 72.26 -134.19 133.08
C ASN VA 49 72.78 -134.97 134.28
N LYS VA 50 71.89 -135.35 135.19
CA LYS VA 50 72.30 -136.07 136.38
C LYS VA 50 72.60 -137.53 136.10
N LYS VA 51 71.90 -138.14 135.14
CA LYS VA 51 72.09 -139.55 134.86
C LYS VA 51 73.53 -139.83 134.48
N GLY VA 52 74.04 -140.94 134.99
CA GLY VA 52 75.43 -141.31 134.75
C GLY VA 52 76.43 -140.35 135.33
N LEU VA 53 76.17 -139.84 136.52
CA LEU VA 53 77.18 -139.01 137.17
C LEU VA 53 78.45 -139.83 137.43
N LYS VA 54 78.30 -141.09 137.84
CA LYS VA 54 79.46 -141.91 138.15
C LYS VA 54 80.39 -142.07 136.95
N LYS VA 55 79.83 -142.27 135.75
CA LYS VA 55 80.66 -142.45 134.58
C LYS VA 55 81.48 -141.20 134.29
N MET VA 56 80.91 -140.04 134.58
CA MET VA 56 81.67 -138.81 134.36
C MET VA 56 82.82 -138.69 135.33
N GLN VA 57 82.60 -139.02 136.59
CA GLN VA 57 83.70 -138.99 137.55
C GLN VA 57 84.75 -140.02 137.17
N ALA VA 58 84.33 -141.15 136.61
CA ALA VA 58 85.29 -142.14 136.14
C ALA VA 58 86.13 -141.58 135.01
N ASN VA 59 85.50 -140.94 134.03
CA ASN VA 59 86.27 -140.36 132.93
C ASN VA 59 87.21 -139.27 133.43
N ASN VA 60 86.71 -138.40 134.31
CA ASN VA 60 87.55 -137.34 134.84
C ASN VA 60 88.74 -137.91 135.61
N ALA VA 61 88.49 -138.93 136.43
CA ALA VA 61 89.57 -139.58 137.16
C ALA VA 61 90.54 -140.30 136.22
N LYS VA 62 90.06 -140.91 135.16
CA LYS VA 62 91.09 -141.55 134.37
C LYS VA 62 91.88 -140.52 133.57
N ALA VA 63 91.25 -139.43 133.16
CA ALA VA 63 91.96 -138.40 132.42
C ALA VA 63 92.98 -137.69 133.30
N MET VA 64 92.61 -137.40 134.57
CA MET VA 64 93.55 -136.68 135.41
C MET VA 64 94.71 -137.59 135.78
N SER VA 65 94.46 -138.90 135.93
CA SER VA 65 95.56 -139.83 136.15
C SER VA 65 96.49 -139.91 134.96
N ALA VA 66 95.94 -139.95 133.74
CA ALA VA 66 96.78 -140.01 132.55
C ALA VA 66 97.62 -138.76 132.42
N ARG VA 67 97.01 -137.58 132.58
CA ARG VA 67 97.77 -136.34 132.52
C ARG VA 67 98.83 -136.30 133.61
N ALA VA 68 98.47 -136.72 134.83
CA ALA VA 68 99.41 -136.67 135.93
C ALA VA 68 100.58 -137.61 135.71
N GLU VA 69 100.33 -138.82 135.22
CA GLU VA 69 101.44 -139.75 134.99
C GLU VA 69 102.31 -139.29 133.83
N ALA VA 70 101.71 -138.70 132.81
CA ALA VA 70 102.51 -138.18 131.70
C ALA VA 70 103.38 -137.02 132.14
N ILE VA 71 102.83 -136.10 132.93
CA ILE VA 71 103.59 -134.93 133.37
C ILE VA 71 104.65 -135.33 134.38
N LYS VA 72 104.29 -136.17 135.34
CA LYS VA 72 105.20 -136.58 136.41
C LYS VA 72 106.27 -137.53 135.94
N ALA VA 73 106.17 -138.07 134.72
CA ALA VA 73 107.16 -138.99 134.18
C ALA VA 73 108.41 -138.19 133.82
N LEU VA 74 109.12 -137.73 134.86
CA LEU VA 74 110.31 -136.92 134.70
C LEU VA 74 111.51 -137.81 134.39
N VAL VA 75 112.31 -137.38 133.42
CA VAL VA 75 113.52 -138.08 132.94
C VAL VA 75 113.41 -139.61 133.02
N VAL VA 88 132.03 -110.13 131.95
CA VAL VA 88 133.15 -109.22 132.12
C VAL VA 88 132.86 -108.21 133.22
N SER VA 89 133.35 -106.98 133.04
CA SER VA 89 133.14 -105.95 134.05
C SER VA 89 131.73 -105.39 134.00
N ARG VA 90 131.39 -104.75 132.88
CA ARG VA 90 130.07 -104.17 132.63
C ARG VA 90 129.65 -103.28 133.81
N LYS VA 91 130.43 -102.21 133.97
CA LYS VA 91 130.43 -101.48 135.24
C LYS VA 91 129.03 -101.08 135.66
N LEU VA 92 128.23 -100.50 134.75
CA LEU VA 92 126.91 -100.02 135.13
C LEU VA 92 126.05 -101.14 135.70
N ASP VA 93 126.09 -102.31 135.06
CA ASP VA 93 125.36 -103.45 135.60
C ASP VA 93 125.90 -103.86 136.96
N ARG VA 94 127.22 -103.78 137.14
CA ARG VA 94 127.80 -104.09 138.45
C ARG VA 94 127.23 -103.16 139.51
N LEU VA 95 127.19 -101.86 139.23
CA LEU VA 95 126.70 -100.91 140.22
C LEU VA 95 125.23 -101.13 140.50
N ALA VA 96 124.45 -101.45 139.46
CA ALA VA 96 123.05 -101.78 139.69
C ALA VA 96 122.90 -102.97 140.61
N TYR VA 97 123.73 -103.99 140.41
CA TYR VA 97 123.72 -105.14 141.32
C TYR VA 97 124.14 -104.74 142.72
N ILE VA 98 125.08 -103.80 142.83
CA ILE VA 98 125.56 -103.36 144.13
C ILE VA 98 124.45 -102.67 144.91
N ALA VA 99 123.72 -101.77 144.25
CA ALA VA 99 122.78 -100.92 144.97
C ALA VA 99 121.45 -101.60 145.25
N HIS VA 100 121.22 -102.81 144.75
CA HIS VA 100 119.99 -103.50 145.10
C HIS VA 100 120.03 -103.88 146.57
N PRO VA 101 119.01 -103.54 147.35
CA PRO VA 101 119.14 -103.65 148.81
C PRO VA 101 119.36 -105.06 149.33
N LYS VA 102 119.07 -106.10 148.54
CA LYS VA 102 119.19 -107.45 149.05
C LYS VA 102 120.19 -108.32 148.32
N LEU VA 103 120.43 -108.10 147.02
CA LEU VA 103 121.36 -108.96 146.28
C LEU VA 103 122.80 -108.52 146.38
N GLY VA 104 123.09 -107.39 147.02
CA GLY VA 104 124.46 -106.93 147.10
C GLY VA 104 124.89 -106.60 148.51
N LYS VA 105 124.11 -107.05 149.49
CA LYS VA 105 124.37 -106.70 150.88
C LYS VA 105 125.80 -107.02 151.27
N ARG VA 106 126.24 -108.25 150.99
CA ARG VA 106 127.60 -108.64 151.36
C ARG VA 106 128.64 -107.91 150.52
N ALA VA 107 128.37 -107.69 149.24
CA ALA VA 107 129.34 -107.02 148.38
C ALA VA 107 129.53 -105.57 148.82
N ARG VA 108 128.44 -104.83 148.98
CA ARG VA 108 128.58 -103.46 149.44
C ARG VA 108 129.11 -103.41 150.86
N ALA VA 109 128.79 -104.41 151.68
CA ALA VA 109 129.37 -104.48 153.02
C ALA VA 109 130.89 -104.63 152.97
N ARG VA 110 131.38 -105.50 152.08
CA ARG VA 110 132.82 -105.73 152.03
C ARG VA 110 133.54 -104.53 151.44
N ILE VA 111 132.92 -103.86 150.47
CA ILE VA 111 133.59 -102.67 149.95
C ILE VA 111 133.59 -101.56 151.01
N ALA VA 112 132.52 -101.46 151.80
CA ALA VA 112 132.50 -100.46 152.86
C ALA VA 112 133.54 -100.74 153.92
N LYS VA 113 133.59 -101.98 154.42
CA LYS VA 113 134.52 -102.32 155.48
C LYS VA 113 135.97 -102.31 155.02
N GLY VA 114 136.25 -102.74 153.80
CA GLY VA 114 137.62 -102.77 153.33
C GLY VA 114 138.22 -101.41 153.11
N LEU VA 115 137.39 -100.42 152.79
CA LEU VA 115 137.94 -99.10 152.48
C LEU VA 115 138.42 -98.36 153.71
N ARG VA 116 138.23 -98.91 154.91
CA ARG VA 116 138.72 -98.28 156.15
C ARG VA 116 139.46 -99.30 157.02
N LEU VA 117 140.71 -99.59 156.69
CA LEU VA 117 141.71 -100.16 157.59
C LEU VA 117 142.98 -100.41 156.79
N CYS VA 118 144.10 -100.55 157.50
CA CYS VA 118 145.41 -100.77 156.88
C CYS VA 118 145.74 -102.26 156.91
N ARG VA 119 146.24 -102.78 155.78
CA ARG VA 119 146.85 -104.10 155.71
C ARG VA 119 147.79 -104.12 154.51
N PRO VA 120 149.10 -104.24 154.74
CA PRO VA 120 150.06 -104.13 153.63
C PRO VA 120 150.13 -105.43 152.83
N LYS VA 121 150.90 -105.38 151.75
CA LYS VA 121 151.01 -106.47 150.78
C LYS VA 121 149.63 -106.89 150.25
N LYS WA 1 -63.12 -36.14 104.80
CA LYS WA 1 -64.32 -35.31 104.92
C LYS WA 1 -64.60 -34.97 106.38
N SER WA 2 -63.90 -35.65 107.29
CA SER WA 2 -64.12 -35.41 108.71
C SER WA 2 -63.15 -34.36 109.25
N LEU WA 3 -61.86 -34.50 108.95
CA LEU WA 3 -60.89 -33.50 109.39
C LEU WA 3 -61.17 -32.15 108.75
N GLU WA 4 -61.54 -32.14 107.46
CA GLU WA 4 -61.93 -30.89 106.84
C GLU WA 4 -63.09 -30.25 107.59
N SER WA 5 -64.00 -31.07 108.10
CA SER WA 5 -65.16 -30.53 108.82
C SER WA 5 -64.78 -29.98 110.19
N ILE WA 6 -63.95 -30.71 110.95
CA ILE WA 6 -63.58 -30.22 112.28
C ILE WA 6 -62.76 -28.94 112.15
N ASN WA 7 -61.77 -28.93 111.27
CA ASN WA 7 -61.00 -27.70 111.05
C ASN WA 7 -61.89 -26.59 110.51
N SER WA 8 -62.80 -26.92 109.59
CA SER WA 8 -63.65 -25.90 108.99
C SER WA 8 -64.54 -25.25 110.03
N ARG WA 9 -65.19 -26.04 110.88
CA ARG WA 9 -66.04 -25.43 111.87
C ARG WA 9 -65.24 -24.79 112.99
N LEU WA 10 -64.02 -25.25 113.25
CA LEU WA 10 -63.21 -24.58 114.26
C LEU WA 10 -62.75 -23.21 113.78
N GLN WA 11 -62.49 -23.06 112.48
CA GLN WA 11 -62.22 -21.73 111.97
C GLN WA 11 -63.47 -20.89 111.85
N LEU WA 12 -64.58 -21.52 111.45
CA LEU WA 12 -65.78 -20.76 111.18
C LEU WA 12 -66.45 -20.32 112.48
N VAL WA 13 -66.24 -21.04 113.58
CA VAL WA 13 -66.70 -20.53 114.87
C VAL WA 13 -65.88 -19.30 115.25
N MET WA 14 -64.59 -19.32 114.94
CA MET WA 14 -63.82 -18.09 115.00
C MET WA 14 -64.42 -17.09 114.02
N LYS WA 15 -64.28 -15.81 114.38
CA LYS WA 15 -64.87 -14.68 113.66
C LYS WA 15 -66.35 -14.88 113.36
N SER WA 16 -67.00 -15.82 114.04
CA SER WA 16 -68.46 -15.90 114.06
C SER WA 16 -69.02 -16.22 115.44
N GLY WA 17 -68.20 -16.69 116.37
CA GLY WA 17 -68.67 -17.02 117.70
C GLY WA 17 -67.69 -16.52 118.73
N LYS WA 18 -68.08 -16.62 119.98
CA LYS WA 18 -67.25 -16.16 121.09
C LYS WA 18 -66.71 -17.34 121.88
N TYR WA 19 -65.50 -17.17 122.39
CA TYR WA 19 -64.70 -18.28 122.87
C TYR WA 19 -63.63 -17.74 123.79
N VAL WA 20 -62.98 -18.64 124.51
CA VAL WA 20 -61.84 -18.29 125.35
C VAL WA 20 -60.72 -19.27 125.09
N LEU WA 21 -59.52 -18.88 125.46
CA LEU WA 21 -58.33 -19.68 125.26
C LEU WA 21 -57.59 -19.82 126.58
N GLY WA 22 -56.85 -20.90 126.70
CA GLY WA 22 -56.01 -21.03 127.88
C GLY WA 22 -56.68 -21.79 129.00
N TYR WA 23 -55.88 -22.12 130.02
CA TYR WA 23 -56.34 -23.08 131.01
C TYR WA 23 -57.24 -22.43 132.04
N LYS WA 24 -56.74 -21.45 132.79
CA LYS WA 24 -57.55 -20.88 133.86
C LYS WA 24 -58.71 -20.08 133.28
N GLN WA 25 -58.56 -19.52 132.07
CA GLN WA 25 -59.72 -18.94 131.42
C GLN WA 25 -60.78 -19.99 131.16
N THR WA 26 -60.38 -21.16 130.68
CA THR WA 26 -61.34 -22.24 130.48
C THR WA 26 -62.01 -22.59 131.80
N LEU WA 27 -61.22 -22.75 132.85
CA LEU WA 27 -61.76 -23.14 134.14
C LEU WA 27 -62.75 -22.10 134.64
N LYS WA 28 -62.41 -20.81 134.48
CA LYS WA 28 -63.30 -19.74 134.86
C LYS WA 28 -64.60 -19.81 134.09
N MET WA 29 -64.53 -20.00 132.78
CA MET WA 29 -65.73 -20.02 131.97
C MET WA 29 -66.64 -21.18 132.35
N ILE WA 30 -66.06 -22.33 132.64
CA ILE WA 30 -66.90 -23.46 133.02
C ILE WA 30 -67.51 -23.24 134.40
N ARG WA 31 -66.72 -22.73 135.36
CA ARG WA 31 -67.30 -22.59 136.69
C ARG WA 31 -68.26 -21.40 136.75
N GLN WA 32 -68.30 -20.58 135.70
CA GLN WA 32 -69.34 -19.59 135.55
C GLN WA 32 -70.55 -20.08 134.77
N GLY WA 33 -70.54 -21.34 134.36
CA GLY WA 33 -71.72 -21.96 133.79
C GLY WA 33 -72.01 -21.63 132.34
N LYS WA 34 -71.17 -20.83 131.68
CA LYS WA 34 -71.42 -20.46 130.29
C LYS WA 34 -70.43 -21.12 129.33
N ALA WA 35 -70.00 -22.34 129.62
CA ALA WA 35 -69.20 -23.11 128.68
C ALA WA 35 -70.03 -24.26 128.13
N LYS WA 36 -70.20 -24.26 126.81
CA LYS WA 36 -70.96 -25.31 126.13
C LYS WA 36 -70.13 -26.56 125.88
N LEU WA 37 -68.90 -26.37 125.43
CA LEU WA 37 -68.03 -27.49 125.06
C LEU WA 37 -66.59 -27.05 125.28
N VAL WA 38 -65.75 -28.00 125.68
CA VAL WA 38 -64.36 -27.72 126.01
C VAL WA 38 -63.47 -28.63 125.19
N ILE WA 39 -62.43 -28.06 124.59
CA ILE WA 39 -61.50 -28.78 123.73
C ILE WA 39 -60.20 -28.98 124.50
N LEU WA 40 -59.71 -30.22 124.50
CA LEU WA 40 -58.50 -30.59 125.22
C LEU WA 40 -57.44 -31.08 124.25
N ALA WA 41 -56.18 -30.72 124.52
CA ALA WA 41 -55.08 -31.18 123.70
C ALA WA 41 -54.49 -32.46 124.27
N ASN WA 42 -53.92 -33.27 123.37
CA ASN WA 42 -53.27 -34.49 123.81
C ASN WA 42 -52.08 -34.24 124.72
N ASN WA 43 -51.25 -33.24 124.42
CA ASN WA 43 -50.04 -33.03 125.21
C ASN WA 43 -50.33 -32.39 126.55
N CYS WA 44 -51.57 -32.02 126.81
CA CYS WA 44 -51.91 -31.47 128.11
C CYS WA 44 -51.53 -32.48 129.18
N PRO WA 45 -51.05 -32.03 130.33
CA PRO WA 45 -50.74 -32.96 131.41
C PRO WA 45 -51.96 -33.80 131.75
N ALA WA 46 -51.73 -35.09 131.98
CA ALA WA 46 -52.82 -36.03 132.12
C ALA WA 46 -53.73 -35.66 133.28
N LEU WA 47 -53.14 -35.23 134.39
CA LEU WA 47 -53.93 -34.78 135.53
C LEU WA 47 -54.84 -33.63 135.13
N ARG WA 48 -54.35 -32.73 134.28
CA ARG WA 48 -55.15 -31.58 133.90
C ARG WA 48 -56.37 -31.99 133.08
N LYS WA 49 -56.19 -32.88 132.10
CA LYS WA 49 -57.33 -33.30 131.31
C LYS WA 49 -58.31 -34.10 132.16
N SER WA 50 -57.80 -34.90 133.10
CA SER WA 50 -58.69 -35.59 134.01
C SER WA 50 -59.51 -34.60 134.83
N GLU WA 51 -58.88 -33.55 135.33
CA GLU WA 51 -59.60 -32.55 136.11
C GLU WA 51 -60.64 -31.85 135.27
N ILE WA 52 -60.30 -31.50 134.03
CA ILE WA 52 -61.26 -30.83 133.17
C ILE WA 52 -62.43 -31.76 132.88
N GLU WA 53 -62.17 -33.06 132.73
CA GLU WA 53 -63.26 -33.99 132.50
C GLU WA 53 -64.16 -34.10 133.72
N TYR WA 54 -63.57 -34.12 134.91
CA TYR WA 54 -64.37 -34.11 136.12
C TYR WA 54 -65.23 -32.86 136.22
N TYR WA 55 -64.63 -31.71 135.92
CA TYR WA 55 -65.36 -30.47 135.94
C TYR WA 55 -66.51 -30.48 134.94
N ALA WA 56 -66.27 -31.02 133.75
CA ALA WA 56 -67.33 -31.13 132.75
C ALA WA 56 -68.46 -32.01 133.24
N MET WA 57 -68.13 -33.16 133.84
CA MET WA 57 -69.16 -33.98 134.45
C MET WA 57 -69.96 -33.19 135.48
N LEU WA 58 -69.27 -32.39 136.29
CA LEU WA 58 -69.97 -31.60 137.30
C LEU WA 58 -70.93 -30.60 136.66
N ALA WA 59 -70.50 -29.92 135.59
CA ALA WA 59 -71.28 -28.86 134.98
C ALA WA 59 -72.06 -29.31 133.76
N LYS WA 60 -72.01 -30.59 133.39
CA LYS WA 60 -72.63 -31.11 132.19
C LYS WA 60 -72.21 -30.30 130.96
N THR WA 61 -70.91 -30.30 130.70
CA THR WA 61 -70.34 -29.61 129.57
C THR WA 61 -69.65 -30.61 128.65
N GLY WA 62 -69.86 -30.44 127.35
CA GLY WA 62 -69.23 -31.34 126.40
C GLY WA 62 -67.71 -31.26 126.46
N VAL WA 63 -67.09 -32.42 126.33
CA VAL WA 63 -65.64 -32.50 126.22
C VAL WA 63 -65.28 -33.33 125.00
N HIS WA 64 -64.51 -32.74 124.10
CA HIS WA 64 -63.86 -33.47 123.03
C HIS WA 64 -62.40 -33.62 123.39
N HIS WA 65 -61.72 -34.51 122.69
CA HIS WA 65 -60.36 -34.91 122.99
C HIS WA 65 -59.44 -34.58 121.82
N TYR WA 66 -59.47 -33.33 121.38
CA TYR WA 66 -58.83 -32.90 120.14
C TYR WA 66 -57.53 -33.64 119.89
N SER WA 67 -57.47 -34.30 118.73
CA SER WA 67 -56.48 -35.33 118.47
C SER WA 67 -55.15 -34.77 118.00
N GLY WA 68 -54.85 -33.53 118.37
CA GLY WA 68 -53.70 -32.86 117.80
C GLY WA 68 -52.54 -32.59 118.72
N ASN WA 69 -52.34 -31.34 119.11
CA ASN WA 69 -51.37 -31.01 120.13
C ASN WA 69 -51.57 -29.54 120.41
N ASN WA 70 -50.96 -29.03 121.48
CA ASN WA 70 -51.12 -27.62 121.78
C ASN WA 70 -50.62 -26.76 120.62
N ILE WA 71 -49.54 -27.18 119.98
CA ILE WA 71 -49.04 -26.42 118.84
C ILE WA 71 -50.00 -26.51 117.66
N GLU WA 72 -50.44 -27.71 117.29
CA GLU WA 72 -51.36 -27.79 116.16
C GLU WA 72 -52.76 -27.36 116.55
N LEU WA 73 -53.06 -27.28 117.84
CA LEU WA 73 -54.30 -26.64 118.24
C LEU WA 73 -54.20 -25.13 118.05
N GLY WA 74 -53.07 -24.54 118.44
CA GLY WA 74 -52.87 -23.12 118.22
C GLY WA 74 -52.92 -22.76 116.75
N THR WA 75 -52.20 -23.52 115.92
CA THR WA 75 -52.29 -23.31 114.49
C THR WA 75 -53.69 -23.60 113.97
N ALA WA 76 -54.40 -24.53 114.60
CA ALA WA 76 -55.80 -24.72 114.28
C ALA WA 76 -56.62 -23.51 114.70
N CYS WA 77 -56.36 -22.98 115.89
CA CYS WA 77 -57.03 -21.76 116.30
C CYS WA 77 -56.53 -20.54 115.53
N GLY WA 78 -55.52 -20.71 114.68
CA GLY WA 78 -55.01 -19.59 113.91
C GLY WA 78 -54.16 -18.64 114.70
N LYS WA 79 -53.93 -18.91 115.97
CA LYS WA 79 -53.08 -18.07 116.79
C LYS WA 79 -51.63 -18.51 116.65
N TYR WA 80 -50.72 -17.65 117.08
CA TYR WA 80 -49.30 -17.93 116.96
C TYR WA 80 -48.66 -18.31 118.29
N TYR WA 81 -49.38 -19.07 119.11
CA TYR WA 81 -48.85 -19.57 120.37
C TYR WA 81 -49.53 -20.89 120.70
N ARG WA 82 -48.91 -21.65 121.58
CA ARG WA 82 -49.47 -22.93 121.99
C ARG WA 82 -50.67 -22.71 122.91
N VAL WA 83 -51.64 -23.60 122.81
CA VAL WA 83 -52.83 -23.57 123.64
C VAL WA 83 -53.20 -24.99 124.03
N CYS WA 84 -53.54 -25.21 125.29
CA CYS WA 84 -53.88 -26.55 125.75
C CYS WA 84 -55.36 -26.76 125.97
N THR WA 85 -56.03 -25.86 126.69
CA THR WA 85 -57.44 -26.00 126.96
C THR WA 85 -58.18 -24.74 126.53
N LEU WA 86 -59.37 -24.91 126.00
CA LEU WA 86 -60.20 -23.81 125.56
C LEU WA 86 -61.66 -24.19 125.69
N ALA WA 87 -62.50 -23.21 126.00
CA ALA WA 87 -63.92 -23.39 126.08
C ALA WA 87 -64.60 -22.49 125.06
N ILE WA 88 -65.59 -23.05 124.37
CA ILE WA 88 -66.35 -22.31 123.37
C ILE WA 88 -67.69 -21.93 123.98
N ILE WA 89 -68.04 -20.65 123.90
CA ILE WA 89 -69.30 -20.21 124.48
C ILE WA 89 -70.43 -20.42 123.50
N ASP WA 90 -70.33 -19.84 122.30
CA ASP WA 90 -71.32 -20.05 121.27
C ASP WA 90 -70.62 -20.34 119.95
N PRO WA 91 -71.21 -21.15 119.10
CA PRO WA 91 -70.71 -21.30 117.73
C PRO WA 91 -71.35 -20.25 116.83
N GLY WA 92 -70.84 -20.16 115.61
CA GLY WA 92 -71.47 -19.35 114.58
C GLY WA 92 -71.94 -20.23 113.45
N ASP WA 93 -71.73 -21.54 113.62
CA ASP WA 93 -72.01 -22.52 112.58
C ASP WA 93 -72.69 -23.75 113.16
N SER WA 94 -73.17 -23.66 114.39
CA SER WA 94 -73.78 -24.79 115.10
C SER WA 94 -72.84 -25.99 115.09
N ASP WA 95 -71.62 -25.75 115.57
CA ASP WA 95 -70.63 -26.81 115.74
C ASP WA 95 -71.07 -27.87 116.73
N ILE WA 96 -72.05 -27.56 117.58
CA ILE WA 96 -72.46 -28.46 118.66
C ILE WA 96 -72.91 -29.79 118.08
N ILE WA 97 -72.47 -30.88 118.72
CA ILE WA 97 -72.80 -32.24 118.29
C ILE WA 97 -73.10 -33.07 119.53
N ARG WA 98 -73.81 -34.17 119.31
CA ARG WA 98 -74.05 -35.15 120.36
C ARG WA 98 -73.55 -36.52 119.91
N ASN XA 1 52.09 29.40 162.18
CA ASN XA 1 51.37 29.05 163.40
C ASN XA 1 50.75 27.65 163.26
N GLU XA 2 49.96 27.26 164.25
CA GLU XA 2 49.37 25.93 164.27
C GLU XA 2 47.85 25.92 164.35
N VAL XA 3 47.24 26.97 164.89
CA VAL XA 3 45.79 26.98 165.07
C VAL XA 3 45.14 27.57 163.83
N VAL XA 4 45.93 27.81 162.79
CA VAL XA 4 45.43 28.50 161.61
C VAL XA 4 44.36 27.67 160.92
N THR XA 5 43.41 28.36 160.31
CA THR XA 5 42.43 27.75 159.44
C THR XA 5 42.37 28.56 158.15
N ARG XA 6 42.28 27.86 157.03
CA ARG XA 6 42.29 28.50 155.73
C ARG XA 6 41.07 28.06 154.94
N GLU XA 7 41.05 28.46 153.68
CA GLU XA 7 40.05 28.04 152.72
C GLU XA 7 40.79 27.67 151.45
N TYR XA 8 40.33 26.62 150.78
CA TYR XA 8 40.90 26.22 149.51
C TYR XA 8 39.78 25.92 148.52
N THR XA 9 40.19 25.61 147.30
CA THR XA 9 39.28 25.02 146.32
C THR XA 9 40.04 23.91 145.60
N ILE XA 10 39.30 22.88 145.22
CA ILE XA 10 39.91 21.64 144.75
C ILE XA 10 39.34 21.28 143.39
N ASN XA 11 40.21 20.81 142.50
CA ASN XA 11 39.76 20.28 141.20
C ASN XA 11 39.59 18.77 141.33
N ILE XA 12 38.44 18.39 141.89
CA ILE XA 12 38.13 16.96 141.99
C ILE XA 12 38.09 16.32 140.63
N HIS XA 13 37.52 17.03 139.64
CA HIS XA 13 37.45 16.48 138.29
C HIS XA 13 38.83 16.16 137.76
N LYS XA 14 39.82 16.96 138.14
CA LYS XA 14 41.20 16.67 137.76
C LYS XA 14 41.76 15.52 138.59
N ARG XA 15 41.35 15.42 139.85
CA ARG XA 15 41.93 14.42 140.74
C ARG XA 15 41.29 13.04 140.58
N ILE XA 16 40.22 12.94 139.81
CA ILE XA 16 39.50 11.68 139.65
C ILE XA 16 39.57 11.14 138.23
N HIS XA 17 39.96 11.97 137.27
CA HIS XA 17 39.88 11.62 135.86
C HIS XA 17 40.53 10.28 135.56
N GLY XA 18 39.72 9.31 135.17
CA GLY XA 18 40.20 7.96 134.92
C GLY XA 18 39.67 6.90 135.85
N VAL XA 19 38.69 7.22 136.70
CA VAL XA 19 38.13 6.27 137.65
C VAL XA 19 36.71 5.93 137.22
N GLY XA 20 36.39 4.64 137.17
CA GLY XA 20 35.09 4.22 136.70
C GLY XA 20 33.97 4.72 137.59
N PHE XA 21 32.74 4.57 137.08
CA PHE XA 21 31.58 5.12 137.78
C PHE XA 21 31.50 4.63 139.21
N LYS XA 22 31.72 3.33 139.42
CA LYS XA 22 31.33 2.67 140.65
C LYS XA 22 32.11 3.15 141.87
N LYS XA 23 33.29 3.72 141.69
CA LYS XA 23 34.11 4.10 142.83
C LYS XA 23 34.48 5.59 142.80
N ARG XA 24 33.89 6.36 141.89
CA ARG XA 24 34.28 7.76 141.73
C ARG XA 24 34.13 8.53 143.03
N ALA XA 25 33.01 8.37 143.71
CA ALA XA 25 32.77 9.14 144.92
C ALA XA 25 33.68 8.76 146.08
N PRO XA 26 33.82 7.48 146.46
CA PRO XA 26 34.76 7.18 147.55
C PRO XA 26 36.18 7.54 147.22
N ARG XA 27 36.58 7.36 145.96
CA ARG XA 27 37.91 7.78 145.55
C ARG XA 27 38.08 9.28 145.71
N ALA XA 28 37.07 10.05 145.32
CA ALA XA 28 37.13 11.49 145.49
C ALA XA 28 37.24 11.86 146.97
N LEU XA 29 36.52 11.14 147.82
CA LEU XA 29 36.56 11.44 149.24
C LEU XA 29 37.95 11.19 149.81
N LYS XA 30 38.49 9.98 149.60
CA LYS XA 30 39.84 9.71 150.08
C LYS XA 30 40.86 10.61 149.39
N GLU XA 31 40.51 11.14 148.22
CA GLU XA 31 41.39 12.09 147.56
C GLU XA 31 41.43 13.42 148.30
N ILE XA 32 40.27 13.90 148.76
CA ILE XA 32 40.30 15.12 149.56
C ILE XA 32 41.04 14.86 150.86
N ARG XA 33 40.90 13.64 151.40
CA ARG XA 33 41.69 13.28 152.57
C ARG XA 33 43.18 13.40 152.26
N LYS XA 34 43.59 12.89 151.10
CA LYS XA 34 44.99 12.98 150.69
C LYS XA 34 45.42 14.42 150.53
N PHE XA 35 44.55 15.26 149.97
CA PHE XA 35 44.89 16.66 149.78
C PHE XA 35 45.11 17.35 151.13
N ALA XA 36 44.23 17.11 152.08
CA ALA XA 36 44.42 17.67 153.41
C ALA XA 36 45.71 17.16 154.03
N MET XA 37 46.03 15.89 153.81
CA MET XA 37 47.31 15.36 154.24
C MET XA 37 48.46 16.14 153.64
N LYS XA 38 48.46 16.30 152.33
CA LYS XA 38 49.60 16.90 151.64
C LYS XA 38 49.79 18.35 152.04
N GLU XA 39 48.69 19.10 152.19
CA GLU XA 39 48.83 20.52 152.51
C GLU XA 39 49.33 20.71 153.94
N MET XA 40 48.57 20.26 154.91
CA MET XA 40 48.99 20.29 156.31
C MET XA 40 49.38 18.88 156.71
N GLY XA 41 50.63 18.70 157.15
CA GLY XA 41 51.14 17.37 157.38
C GLY XA 41 50.62 16.71 158.65
N THR XA 42 49.31 16.75 158.87
CA THR XA 42 48.72 16.23 160.08
C THR XA 42 47.72 15.13 159.76
N PRO XA 43 47.90 13.94 160.31
CA PRO XA 43 46.88 12.89 160.14
C PRO XA 43 45.64 13.18 160.97
N ASP XA 44 44.73 12.22 161.04
CA ASP XA 44 43.47 12.37 161.75
C ASP XA 44 42.66 13.53 161.19
N VAL XA 45 42.68 13.63 159.86
CA VAL XA 45 41.88 14.64 159.17
C VAL XA 45 40.42 14.22 159.26
N ARG XA 46 39.63 15.01 159.97
CA ARG XA 46 38.19 14.78 160.06
C ARG XA 46 37.54 15.65 158.99
N ILE XA 47 36.69 15.05 158.19
CA ILE XA 47 35.85 15.83 157.30
C ILE XA 47 34.46 15.85 157.90
N ASP XA 48 33.75 16.96 157.72
CA ASP XA 48 32.42 17.02 158.30
C ASP XA 48 31.46 16.18 157.47
N THR XA 49 30.38 15.74 158.13
CA THR XA 49 29.32 15.05 157.42
C THR XA 49 28.77 15.90 156.29
N ARG XA 50 28.80 17.23 156.45
CA ARG XA 50 28.37 18.10 155.38
C ARG XA 50 29.19 17.86 154.12
N LEU XA 51 30.45 17.48 154.27
CA LEU XA 51 31.25 17.16 153.10
C LEU XA 51 30.75 15.90 152.40
N ASN XA 52 30.36 14.88 153.17
CA ASN XA 52 29.78 13.70 152.55
C ASN XA 52 28.49 14.06 151.83
N LYS XA 53 27.66 14.90 152.44
CA LYS XA 53 26.51 15.43 151.72
C LYS XA 53 26.96 16.10 150.42
N ALA XA 54 28.10 16.79 150.46
CA ALA XA 54 28.60 17.47 149.27
C ALA XA 54 29.03 16.49 148.21
N VAL XA 55 29.98 15.61 148.54
CA VAL XA 55 30.55 14.74 147.54
C VAL XA 55 29.50 13.82 146.93
N TRP XA 56 28.47 13.48 147.71
CA TRP XA 56 27.49 12.51 147.30
C TRP XA 56 26.19 13.14 146.81
N ALA XA 57 26.09 14.47 146.84
CA ALA XA 57 24.82 15.12 146.53
C ALA XA 57 24.30 14.72 145.16
N LYS XA 58 25.19 14.62 144.17
CA LYS XA 58 24.80 14.28 142.81
C LYS XA 58 25.14 12.84 142.50
N GLY XA 59 25.06 11.96 143.50
CA GLY XA 59 25.28 10.55 143.27
C GLY XA 59 26.76 10.18 143.34
N ILE XA 60 27.10 9.15 142.55
CA ILE XA 60 28.43 8.57 142.66
C ILE XA 60 29.27 8.89 141.44
N ARG XA 61 28.76 8.63 140.25
CA ARG XA 61 29.50 8.84 139.02
C ARG XA 61 29.34 10.25 138.48
N ASN XA 62 28.70 11.13 139.23
CA ASN XA 62 28.60 12.54 138.90
C ASN XA 62 28.91 13.32 140.16
N VAL XA 63 30.19 13.54 140.43
CA VAL XA 63 30.59 14.34 141.59
C VAL XA 63 30.90 15.74 141.09
N PRO XA 64 30.81 16.76 141.93
CA PRO XA 64 31.11 18.12 141.47
C PRO XA 64 32.53 18.21 140.96
N TYR XA 65 32.71 18.97 139.88
CA TYR XA 65 34.04 19.14 139.31
C TYR XA 65 34.98 19.81 140.30
N ARG XA 66 34.49 20.83 140.98
CA ARG XA 66 35.29 21.58 141.94
C ARG XA 66 34.50 21.78 143.23
N ILE XA 67 35.23 21.93 144.34
CA ILE XA 67 34.62 22.15 145.64
C ILE XA 67 35.42 23.21 146.37
N ARG XA 68 34.74 23.95 147.25
CA ARG XA 68 35.34 25.00 148.07
C ARG XA 68 35.27 24.57 149.52
N VAL XA 69 36.39 24.14 150.08
CA VAL XA 69 36.43 23.60 151.43
C VAL XA 69 37.18 24.57 152.34
N ARG XA 70 36.81 24.56 153.61
CA ARG XA 70 37.45 25.37 154.63
C ARG XA 70 38.22 24.45 155.59
N LEU XA 71 39.53 24.37 155.40
CA LEU XA 71 40.39 23.62 156.29
C LEU XA 71 40.45 24.31 157.65
N SER XA 72 40.80 23.54 158.67
CA SER XA 72 40.97 24.10 160.00
C SER XA 72 41.88 23.19 160.80
N ARG XA 73 43.05 23.67 161.14
CA ARG XA 73 44.02 22.87 161.88
C ARG XA 73 44.02 23.28 163.34
N LYS XA 74 43.53 22.38 164.20
CA LYS XA 74 43.38 22.68 165.61
C LYS XA 74 44.09 21.63 166.44
N ARG XA 75 44.45 22.01 167.66
CA ARG XA 75 45.13 21.10 168.56
C ARG XA 75 44.27 19.89 168.85
N ASN XA 76 44.91 18.74 169.03
CA ASN XA 76 44.24 17.54 169.51
C ASN XA 76 44.33 17.41 171.02
N GLU XA 77 44.60 18.52 171.73
CA GLU XA 77 44.75 18.50 173.18
C GLU XA 77 43.38 18.33 173.85
N ASP XA 78 42.79 17.18 173.62
CA ASP XA 78 41.51 16.80 174.20
C ASP XA 78 41.51 15.41 174.81
N GLU XA 79 42.51 14.58 174.49
CA GLU XA 79 42.62 13.23 175.02
C GLU XA 79 44.04 12.76 174.73
N ASP XA 80 44.36 11.55 175.19
CA ASP XA 80 45.63 10.93 174.84
C ASP XA 80 45.64 10.69 173.34
N SER XA 81 46.69 11.13 172.67
CA SER XA 81 46.76 11.01 171.22
C SER XA 81 48.19 10.70 170.78
N PRO XA 82 48.36 9.94 169.71
CA PRO XA 82 49.69 9.87 169.09
C PRO XA 82 50.09 11.19 168.44
N ASN XA 83 49.12 11.93 167.91
CA ASN XA 83 49.36 13.23 167.30
C ASN XA 83 48.52 14.27 168.04
N LYS XA 84 49.18 15.33 168.51
CA LYS XA 84 48.50 16.37 169.26
C LYS XA 84 47.88 17.43 168.37
N LEU XA 85 47.97 17.28 167.06
CA LEU XA 85 47.46 18.27 166.13
C LEU XA 85 46.61 17.56 165.09
N TYR XA 86 45.38 18.04 164.88
CA TYR XA 86 44.46 17.38 163.99
C TYR XA 86 43.67 18.42 163.20
N THR XA 87 43.05 17.98 162.11
CA THR XA 87 42.40 18.87 161.16
C THR XA 87 40.92 18.53 161.04
N LEU XA 88 40.11 19.58 160.94
CA LEU XA 88 38.70 19.50 160.59
C LEU XA 88 38.45 20.40 159.41
N VAL XA 89 37.58 19.98 158.50
CA VAL XA 89 37.30 20.75 157.30
C VAL XA 89 35.81 20.81 157.04
N THR XA 90 35.32 22.01 156.76
CA THR XA 90 33.91 22.27 156.54
C THR XA 90 33.66 22.58 155.07
N TYR XA 91 32.38 22.70 154.74
CA TYR XA 91 31.95 23.04 153.39
C TYR XA 91 31.67 24.54 153.31
N VAL XA 92 32.05 25.14 152.20
CA VAL XA 92 31.81 26.56 151.95
C VAL XA 92 30.80 26.68 150.82
N PRO XA 93 29.54 26.98 151.10
CA PRO XA 93 28.55 27.14 150.03
C PRO XA 93 28.90 28.30 149.12
N VAL XA 94 28.94 28.03 147.82
CA VAL XA 94 29.40 29.00 146.84
C VAL XA 94 28.53 28.91 145.59
N THR XA 95 28.38 30.04 144.92
CA THR XA 95 27.58 30.08 143.70
C THR XA 95 28.44 29.95 142.45
N THR XA 96 29.76 30.16 142.57
CA THR XA 96 30.62 30.15 141.41
C THR XA 96 32.01 29.66 141.80
N PHE XA 97 32.86 29.48 140.79
CA PHE XA 97 34.22 29.02 140.99
C PHE XA 97 35.21 29.76 140.09
N LYS XA 98 34.94 31.04 139.82
CA LYS XA 98 35.76 31.83 138.91
C LYS XA 98 36.46 32.93 139.69
N ASN XA 99 37.78 33.05 139.48
CA ASN XA 99 38.60 34.04 140.17
C ASN XA 99 38.52 33.87 141.69
N LEU XA 100 38.49 32.62 142.12
CA LEU XA 100 38.46 32.28 143.54
C LEU XA 100 39.86 31.89 143.98
N GLN XA 101 40.35 32.57 145.01
CA GLN XA 101 41.73 32.39 145.47
C GLN XA 101 41.75 31.68 146.82
N THR XA 102 42.91 31.13 147.14
CA THR XA 102 43.12 30.58 148.47
C THR XA 102 43.29 31.71 149.47
N VAL XA 103 42.62 31.60 150.61
CA VAL XA 103 42.56 32.71 151.57
C VAL XA 103 42.77 32.18 152.99
N ASN XA 104 43.55 32.94 153.76
CA ASN XA 104 43.71 32.71 155.19
C ASN XA 104 42.51 33.35 155.88
N VAL XA 105 41.50 32.53 156.18
CA VAL XA 105 40.37 33.02 156.94
C VAL XA 105 40.80 33.24 158.39
N ASP XA 106 40.08 34.10 159.10
CA ASP XA 106 40.36 34.35 160.51
C ASP XA 106 39.75 33.24 161.35
N GLU XA 107 39.81 33.40 162.67
CA GLU XA 107 39.33 32.38 163.60
C GLU XA 107 37.82 32.19 163.50
N ALA YA 1 103.03 -50.21 179.23
CA ALA YA 1 102.13 -49.87 180.32
C ALA YA 1 101.22 -51.06 180.66
N ALA YA 2 100.53 -51.57 179.66
CA ALA YA 2 99.60 -52.66 179.85
C ALA YA 2 100.35 -53.99 179.85
N LEU YA 3 99.62 -55.08 180.07
CA LEU YA 3 100.20 -56.42 180.07
C LEU YA 3 100.38 -56.85 178.61
N ARG YA 4 101.61 -57.15 178.23
CA ARG YA 4 101.88 -57.54 176.86
C ARG YA 4 101.27 -58.90 176.57
N PRO YA 5 100.61 -59.07 175.44
CA PRO YA 5 100.19 -60.41 175.02
C PRO YA 5 101.39 -61.25 174.63
N LEU YA 6 101.15 -62.56 174.53
CA LEU YA 6 102.25 -63.46 174.20
C LEU YA 6 102.85 -63.14 172.84
N VAL YA 7 102.04 -62.61 171.93
CA VAL YA 7 102.50 -62.25 170.60
C VAL YA 7 101.49 -61.30 169.98
N LYS YA 8 102.01 -60.34 169.21
CA LYS YA 8 101.18 -59.38 168.49
C LYS YA 8 101.61 -59.39 167.03
N PRO YA 9 101.24 -60.43 166.29
CA PRO YA 9 101.62 -60.50 164.89
C PRO YA 9 100.91 -59.43 164.07
N LYS YA 10 101.43 -59.20 162.87
CA LYS YA 10 100.95 -58.11 162.04
C LYS YA 10 99.55 -58.43 161.54
N ILE YA 11 98.55 -57.85 162.19
CA ILE YA 11 97.17 -58.05 161.79
C ILE YA 11 96.97 -57.48 160.39
N VAL YA 12 96.37 -58.28 159.51
CA VAL YA 12 96.08 -57.85 158.15
C VAL YA 12 94.62 -58.11 157.88
N LYS YA 13 93.86 -57.05 157.64
CA LYS YA 13 92.47 -57.15 157.22
C LYS YA 13 92.41 -56.98 155.72
N LYS YA 14 91.79 -57.94 155.03
CA LYS YA 14 91.67 -57.81 153.59
C LYS YA 14 90.84 -56.61 153.18
N ARG YA 15 89.99 -56.09 154.07
CA ARG YA 15 89.20 -54.91 153.78
C ARG YA 15 88.64 -54.37 155.08
N THR YA 16 88.65 -53.05 155.24
CA THR YA 16 88.12 -52.43 156.44
C THR YA 16 86.73 -51.86 156.27
N LYS YA 17 86.46 -51.21 155.14
CA LYS YA 17 85.16 -50.59 154.93
C LYS YA 17 84.06 -51.62 155.03
N LYS YA 18 82.98 -51.23 155.71
CA LYS YA 18 81.85 -52.13 155.91
C LYS YA 18 81.14 -52.39 154.59
N PHE YA 19 80.48 -53.54 154.51
CA PHE YA 19 79.75 -53.94 153.32
C PHE YA 19 78.33 -53.42 153.45
N ILE YA 20 78.03 -52.32 152.76
CA ILE YA 20 76.70 -51.74 152.87
C ILE YA 20 75.77 -52.40 151.88
N ARG YA 21 74.48 -52.22 152.11
CA ARG YA 21 73.44 -52.78 151.26
C ARG YA 21 73.24 -51.89 150.04
N HIS YA 22 72.80 -52.50 148.95
CA HIS YA 22 72.53 -51.74 147.74
C HIS YA 22 71.44 -50.71 148.01
N GLN YA 23 71.59 -49.54 147.43
CA GLN YA 23 70.65 -48.43 147.57
C GLN YA 23 70.49 -47.98 149.01
N SER YA 24 71.41 -48.35 149.89
CA SER YA 24 71.26 -48.02 151.30
C SER YA 24 71.22 -46.51 151.52
N ASP YA 25 71.93 -45.76 150.68
CA ASP YA 25 71.91 -44.31 150.84
C ASP YA 25 70.61 -43.69 150.34
N ARG YA 26 70.13 -44.13 149.18
CA ARG YA 26 69.01 -43.43 148.54
C ARG YA 26 67.74 -43.50 149.38
N TYR YA 27 67.53 -44.60 150.11
CA TYR YA 27 66.40 -44.70 151.01
C TYR YA 27 66.91 -44.92 152.42
N VAL YA 28 66.38 -44.14 153.37
CA VAL YA 28 66.67 -44.41 154.78
C VAL YA 28 65.83 -45.53 155.33
N LYS YA 29 64.79 -45.97 154.62
CA LYS YA 29 64.08 -47.17 155.02
C LYS YA 29 64.90 -48.42 154.75
N ILE YA 30 65.91 -48.32 153.91
CA ILE YA 30 66.86 -49.42 153.69
C ILE YA 30 68.01 -49.24 154.67
N LYS YA 31 68.20 -50.22 155.54
CA LYS YA 31 69.24 -50.13 156.54
C LYS YA 31 70.60 -50.42 155.93
N ARG YA 32 71.64 -49.95 156.61
CA ARG YA 32 73.00 -50.22 156.17
C ARG YA 32 73.34 -51.71 156.26
N ASN YA 33 72.64 -52.44 157.13
CA ASN YA 33 72.96 -53.83 157.38
C ASN YA 33 72.86 -54.64 156.09
N TRP YA 34 73.80 -55.57 155.91
CA TRP YA 34 73.92 -56.27 154.64
C TRP YA 34 72.70 -57.14 154.36
N ARG YA 35 72.32 -57.19 153.09
CA ARG YA 35 71.37 -58.15 152.58
C ARG YA 35 71.80 -58.51 151.17
N LYS YA 36 71.75 -59.79 150.84
CA LYS YA 36 72.14 -60.22 149.50
C LYS YA 36 71.12 -59.74 148.50
N PRO YA 37 71.52 -59.11 147.40
CA PRO YA 37 70.56 -58.63 146.40
C PRO YA 37 70.23 -59.75 145.43
N ARG YA 38 68.96 -60.11 145.35
CA ARG YA 38 68.49 -61.11 144.41
C ARG YA 38 67.48 -60.41 143.50
N GLY YA 39 67.99 -59.80 142.45
CA GLY YA 39 67.14 -59.19 141.45
C GLY YA 39 67.58 -59.61 140.08
N ILE YA 40 66.61 -59.94 139.23
CA ILE YA 40 66.95 -60.36 137.87
C ILE YA 40 67.68 -59.24 137.16
N ASP YA 41 67.32 -58.00 137.45
CA ASP YA 41 67.99 -56.84 136.88
C ASP YA 41 69.15 -56.35 137.72
N ASN YA 42 69.27 -56.83 138.95
CA ASN YA 42 70.15 -56.19 139.92
C ASN YA 42 71.60 -56.27 139.46
N ARG YA 43 72.16 -55.11 139.10
CA ARG YA 43 73.50 -55.11 138.54
C ARG YA 43 74.55 -55.53 139.55
N VAL YA 44 74.41 -55.10 140.81
CA VAL YA 44 75.44 -55.48 141.78
C VAL YA 44 75.33 -56.95 142.11
N ARG YA 45 74.16 -57.56 141.91
CA ARG YA 45 74.10 -59.01 141.95
C ARG YA 45 74.93 -59.62 140.83
N ARG YA 46 74.81 -59.05 139.62
CA ARG YA 46 75.59 -59.51 138.49
C ARG YA 46 77.07 -59.18 138.63
N ARG YA 47 77.43 -58.33 139.59
CA ARG YA 47 78.82 -57.95 139.84
C ARG YA 47 79.41 -57.20 138.65
N PHE YA 48 78.74 -56.12 138.25
CA PHE YA 48 79.29 -55.25 137.23
C PHE YA 48 80.50 -54.51 137.77
N LYS YA 49 81.27 -53.93 136.86
CA LYS YA 49 82.39 -53.09 137.26
C LYS YA 49 81.90 -51.85 137.97
N GLY YA 50 82.66 -51.41 138.97
CA GLY YA 50 82.41 -50.15 139.63
C GLY YA 50 81.05 -50.03 140.31
N GLN YA 51 80.58 -51.11 140.90
CA GLN YA 51 79.38 -51.07 141.72
C GLN YA 51 79.75 -51.44 143.16
N ILE YA 52 78.75 -51.55 144.03
CA ILE YA 52 79.02 -51.90 145.41
C ILE YA 52 79.61 -53.30 145.46
N LEU YA 53 80.60 -53.49 146.33
CA LEU YA 53 81.24 -54.79 146.44
C LEU YA 53 80.29 -55.79 147.07
N MET YA 54 80.49 -57.06 146.70
CA MET YA 54 79.67 -58.15 147.23
C MET YA 54 80.47 -58.92 148.25
N PRO YA 55 80.05 -58.98 149.51
CA PRO YA 55 80.83 -59.69 150.53
C PRO YA 55 80.84 -61.18 150.24
N ASN YA 56 82.05 -61.75 150.19
CA ASN YA 56 82.22 -63.17 149.91
C ASN YA 56 83.31 -63.72 150.81
N ILE YA 57 83.52 -65.03 150.73
CA ILE YA 57 84.44 -65.69 151.66
C ILE YA 57 85.88 -65.35 151.33
N GLY YA 58 86.15 -64.80 150.14
CA GLY YA 58 87.51 -64.44 149.80
C GLY YA 58 88.11 -63.44 150.76
N TYR YA 59 87.27 -62.58 151.35
CA TYR YA 59 87.71 -61.63 152.36
C TYR YA 59 87.88 -62.25 153.73
N GLY YA 60 87.92 -63.58 153.80
CA GLY YA 60 88.11 -64.25 155.07
C GLY YA 60 89.43 -63.88 155.69
N SER YA 61 89.41 -63.49 156.97
CA SER YA 61 90.64 -63.10 157.64
C SER YA 61 91.45 -64.33 158.03
N ASN YA 62 92.72 -64.10 158.31
CA ASN YA 62 93.63 -65.20 158.66
C ASN YA 62 93.17 -65.88 159.94
N LYS YA 63 93.67 -67.11 160.14
CA LYS YA 63 93.40 -67.82 161.37
C LYS YA 63 93.93 -67.07 162.58
N LYS YA 64 95.23 -66.83 162.61
CA LYS YA 64 95.89 -66.30 163.80
C LYS YA 64 95.45 -64.89 164.14
N THR YA 65 94.72 -64.23 163.26
CA THR YA 65 94.26 -62.87 163.51
C THR YA 65 92.73 -62.76 163.59
N LYS YA 66 92.00 -63.83 163.32
CA LYS YA 66 90.55 -63.76 163.39
C LYS YA 66 90.10 -63.57 164.84
N HIS YA 67 89.17 -62.65 165.04
CA HIS YA 67 88.67 -62.31 166.38
C HIS YA 67 89.80 -61.85 167.29
N MET YA 68 90.75 -61.13 166.71
CA MET YA 68 91.88 -60.58 167.46
C MET YA 68 91.69 -59.08 167.57
N LEU YA 69 91.80 -58.55 168.79
CA LEU YA 69 91.62 -57.13 169.02
C LEU YA 69 92.80 -56.34 168.47
N PRO YA 70 92.63 -55.03 168.25
CA PRO YA 70 93.74 -54.21 167.75
C PRO YA 70 94.99 -54.29 168.61
N SER YA 71 94.89 -54.76 169.85
CA SER YA 71 96.05 -54.96 170.71
C SER YA 71 96.14 -56.42 171.09
N GLY YA 72 96.66 -57.24 170.17
CA GLY YA 72 97.16 -58.57 170.46
C GLY YA 72 96.35 -59.49 171.35
N PHE YA 73 95.04 -59.26 171.51
CA PHE YA 73 94.27 -60.05 172.46
C PHE YA 73 92.96 -60.50 171.84
N ARG YA 74 92.28 -61.39 172.55
CA ARG YA 74 90.96 -61.89 172.18
C ARG YA 74 89.99 -61.55 173.30
N LYS YA 75 88.81 -61.08 172.92
CA LYS YA 75 87.88 -60.51 173.89
C LYS YA 75 87.23 -61.61 174.73
N PHE YA 76 86.64 -61.20 175.85
CA PHE YA 76 85.88 -62.10 176.69
C PHE YA 76 84.95 -61.28 177.56
N LEU YA 77 83.75 -61.81 177.81
CA LEU YA 77 82.74 -61.13 178.60
C LEU YA 77 82.63 -61.76 179.97
N VAL YA 78 82.67 -60.94 181.00
CA VAL YA 78 82.49 -61.40 182.37
C VAL YA 78 81.27 -60.71 182.96
N HIS YA 79 80.72 -61.32 183.99
CA HIS YA 79 79.60 -60.73 184.72
C HIS YA 79 79.83 -60.70 186.22
N ASN YA 80 80.62 -61.63 186.74
CA ASN YA 80 81.02 -61.64 188.14
C ASN YA 80 82.35 -62.36 188.27
N VAL YA 81 82.94 -62.28 189.46
CA VAL YA 81 84.35 -62.63 189.63
C VAL YA 81 84.61 -64.09 189.27
N LYS YA 82 83.60 -64.94 189.36
CA LYS YA 82 83.77 -66.30 188.87
C LYS YA 82 84.09 -66.30 187.39
N GLU YA 83 83.38 -65.47 186.61
CA GLU YA 83 83.66 -65.37 185.19
C GLU YA 83 85.00 -64.69 184.93
N LEU YA 84 85.58 -64.04 185.93
CA LEU YA 84 86.93 -63.52 185.79
C LEU YA 84 87.95 -64.60 186.13
N GLU YA 85 87.60 -65.48 187.06
CA GLU YA 85 88.53 -66.50 187.53
C GLU YA 85 88.78 -67.57 186.48
N VAL YA 86 87.88 -67.76 185.53
CA VAL YA 86 88.05 -68.84 184.56
C VAL YA 86 89.21 -68.53 183.61
N LEU YA 87 89.47 -67.26 183.33
CA LEU YA 87 90.61 -66.85 182.50
C LEU YA 87 91.88 -66.73 183.29
N LEU YA 88 91.94 -67.41 184.43
CA LEU YA 88 93.19 -67.45 185.18
C LEU YA 88 94.36 -68.03 184.35
N MET YA 89 94.07 -68.79 183.29
CA MET YA 89 95.02 -69.52 182.44
C MET YA 89 95.02 -69.25 180.94
N CYS YA 90 94.59 -68.07 180.50
CA CYS YA 90 95.09 -67.59 179.21
C CYS YA 90 96.07 -66.43 179.38
N ASN YA 91 95.61 -65.32 179.95
CA ASN YA 91 96.42 -64.27 180.54
C ASN YA 91 97.31 -63.61 179.50
N LYS YA 92 97.34 -64.16 178.30
CA LYS YA 92 98.23 -63.71 177.25
C LYS YA 92 97.57 -63.58 175.90
N SER YA 93 96.46 -64.25 175.66
CA SER YA 93 95.75 -64.13 174.39
C SER YA 93 94.30 -63.71 174.55
N TYR YA 94 93.63 -64.07 175.63
CA TYR YA 94 92.27 -63.65 175.90
C TYR YA 94 92.29 -62.51 176.91
N CYS YA 95 91.45 -61.53 176.70
CA CYS YA 95 91.31 -60.39 177.61
C CYS YA 95 89.86 -60.28 178.02
N ALA YA 96 89.62 -59.94 179.29
CA ALA YA 96 88.27 -59.86 179.82
C ALA YA 96 87.72 -58.46 179.67
N GLU YA 97 86.40 -58.37 179.61
CA GLU YA 97 85.72 -57.10 179.75
C GLU YA 97 84.36 -57.36 180.39
N ILE YA 98 83.84 -56.35 181.01
CA ILE YA 98 82.61 -56.46 181.79
C ILE YA 98 81.42 -56.06 180.94
N ALA YA 99 80.31 -56.77 181.11
CA ALA YA 99 79.10 -56.46 180.37
C ALA YA 99 78.54 -55.11 180.80
N HIS YA 100 77.82 -54.48 179.87
CA HIS YA 100 77.27 -53.16 180.16
C HIS YA 100 76.32 -53.18 181.34
N ASN YA 101 75.73 -54.33 181.64
CA ASN YA 101 74.71 -54.36 182.66
C ASN YA 101 75.24 -54.68 184.05
N VAL YA 102 76.56 -54.61 184.26
CA VAL YA 102 77.10 -54.80 185.59
C VAL YA 102 77.01 -53.48 186.35
N SER YA 103 76.73 -53.58 187.65
CA SER YA 103 76.60 -52.37 188.46
C SER YA 103 77.97 -51.75 188.70
N SER YA 104 77.94 -50.49 189.13
CA SER YA 104 79.19 -49.74 189.29
C SER YA 104 80.08 -50.38 190.35
N LYS YA 105 79.53 -50.63 191.53
CA LYS YA 105 80.34 -51.17 192.62
C LYS YA 105 80.85 -52.57 192.31
N ASN YA 106 80.02 -53.40 191.69
CA ASN YA 106 80.45 -54.76 191.38
C ASN YA 106 81.56 -54.76 190.33
N ARG YA 107 81.43 -53.97 189.28
CA ARG YA 107 82.49 -53.91 188.28
C ARG YA 107 83.74 -53.27 188.88
N LYS YA 108 83.55 -52.34 189.82
CA LYS YA 108 84.70 -51.76 190.49
C LYS YA 108 85.45 -52.82 191.29
N ALA YA 109 84.73 -53.71 191.96
CA ALA YA 109 85.37 -54.81 192.66
C ALA YA 109 85.96 -55.83 191.70
N ILE YA 110 85.41 -55.90 190.49
CA ILE YA 110 85.99 -56.75 189.47
C ILE YA 110 87.34 -56.21 189.03
N VAL YA 111 87.45 -54.88 188.94
CA VAL YA 111 88.59 -54.27 188.26
C VAL YA 111 89.90 -54.62 188.95
N GLU YA 112 89.98 -54.41 190.27
CA GLU YA 112 91.25 -54.64 190.93
C GLU YA 112 91.53 -56.11 191.09
N ARG YA 113 90.49 -56.95 191.16
CA ARG YA 113 90.73 -58.38 191.13
C ARG YA 113 91.39 -58.80 189.83
N ALA YA 114 90.91 -58.25 188.71
CA ALA YA 114 91.53 -58.54 187.43
C ALA YA 114 92.96 -58.01 187.38
N ALA YA 115 93.18 -56.80 187.91
CA ALA YA 115 94.53 -56.25 187.91
C ALA YA 115 95.48 -57.11 188.72
N GLN YA 116 95.03 -57.55 189.90
CA GLN YA 116 95.86 -58.42 190.73
C GLN YA 116 96.12 -59.75 190.04
N LEU YA 117 95.11 -60.30 189.36
CA LEU YA 117 95.28 -61.55 188.62
C LEU YA 117 95.98 -61.35 187.30
N ALA YA 118 96.41 -60.13 186.98
CA ALA YA 118 97.21 -59.83 185.78
C ALA YA 118 96.44 -60.18 184.51
N ILE YA 119 95.18 -59.79 184.45
CA ILE YA 119 94.33 -59.96 183.29
C ILE YA 119 94.03 -58.60 182.69
N ARG YA 120 94.43 -58.39 181.45
CA ARG YA 120 94.11 -57.14 180.77
C ARG YA 120 92.60 -57.02 180.59
N VAL YA 121 92.06 -55.87 180.95
CA VAL YA 121 90.65 -55.57 180.77
C VAL YA 121 90.53 -54.42 179.79
N THR YA 122 89.58 -54.53 178.86
CA THR YA 122 89.40 -53.49 177.88
C THR YA 122 88.94 -52.18 178.51
N ASN YA 123 87.96 -52.25 179.41
CA ASN YA 123 87.30 -51.06 179.93
C ASN YA 123 87.28 -51.09 181.45
N PRO YA 124 88.44 -50.94 182.10
CA PRO YA 124 88.44 -50.82 183.56
C PRO YA 124 87.70 -49.59 184.05
N ASN YA 125 87.70 -48.51 183.28
CA ASN YA 125 87.04 -47.27 183.65
C ASN YA 125 85.71 -47.20 182.92
N ALA YA 126 84.65 -47.64 183.59
CA ALA YA 126 83.34 -47.72 182.96
C ALA YA 126 82.23 -47.08 183.79
N ARG YA 127 82.46 -46.81 185.06
CA ARG YA 127 81.50 -46.03 185.85
C ARG YA 127 82.22 -44.97 186.66
N LEU YA 128 83.23 -44.35 186.07
CA LEU YA 128 84.03 -43.33 186.73
C LEU YA 128 84.75 -42.46 185.72
N SER ZA 1 122.16 -24.59 149.09
CA SER ZA 1 123.09 -24.16 148.06
C SER ZA 1 123.07 -25.12 146.88
N GLY ZA 2 121.92 -25.71 146.61
CA GLY ZA 2 121.82 -26.65 145.50
C GLY ZA 2 120.58 -27.49 145.49
N ARG ZA 3 120.01 -27.69 144.29
CA ARG ZA 3 118.79 -28.47 144.17
C ARG ZA 3 119.03 -29.92 144.54
N LEU ZA 4 120.11 -30.52 144.07
CA LEU ZA 4 120.61 -31.85 144.41
C LEU ZA 4 119.58 -32.96 144.25
N TRP ZA 5 118.42 -32.71 143.67
CA TRP ZA 5 117.52 -33.80 143.30
C TRP ZA 5 117.00 -33.56 141.90
N SER ZA 6 116.82 -34.65 141.17
CA SER ZA 6 116.26 -34.55 139.83
C SER ZA 6 114.77 -34.27 139.89
N LYS ZA 7 114.32 -33.31 139.10
CA LYS ZA 7 112.93 -32.90 139.10
C LYS ZA 7 112.14 -33.74 138.10
N ALA ZA 8 110.92 -34.08 138.47
CA ALA ZA 8 110.07 -34.92 137.63
C ALA ZA 8 108.62 -34.48 137.78
N ILE ZA 9 107.78 -34.98 136.89
CA ILE ZA 9 106.35 -34.67 136.90
C ILE ZA 9 105.56 -35.94 137.07
N PHE ZA 10 104.70 -35.96 138.08
CA PHE ZA 10 103.74 -37.04 138.23
C PHE ZA 10 102.68 -36.92 137.15
N ALA ZA 11 102.53 -37.97 136.33
CA ALA ZA 11 101.63 -37.91 135.19
C ALA ZA 11 100.33 -38.67 135.39
N GLY ZA 12 100.31 -39.67 136.27
CA GLY ZA 12 99.12 -40.48 136.46
C GLY ZA 12 99.43 -41.85 137.03
N TYR ZA 13 98.40 -42.63 137.31
CA TYR ZA 13 98.59 -44.01 137.72
C TYR ZA 13 98.47 -44.94 136.52
N LYS ZA 14 99.04 -46.13 136.66
CA LYS ZA 14 98.96 -47.10 135.58
C LYS ZA 14 97.49 -47.44 135.30
N ARG ZA 15 97.16 -47.57 134.02
CA ARG ZA 15 95.75 -47.63 133.66
C ARG ZA 15 95.60 -48.19 132.26
N GLY ZA 16 94.40 -48.68 131.98
CA GLY ZA 16 93.93 -48.85 130.63
C GLY ZA 16 93.11 -47.63 130.27
N LEU ZA 17 92.09 -47.79 129.44
CA LEU ZA 17 91.13 -46.71 129.24
C LEU ZA 17 90.06 -46.67 130.30
N ARG ZA 18 89.69 -47.82 130.86
CA ARG ZA 18 88.58 -47.88 131.80
C ARG ZA 18 88.96 -48.48 133.14
N ASN ZA 19 90.16 -49.05 133.28
CA ASN ZA 19 90.63 -49.54 134.56
C ASN ZA 19 91.99 -48.91 134.87
N GLN ZA 20 92.12 -48.38 136.08
CA GLN ZA 20 93.37 -47.84 136.55
C GLN ZA 20 93.74 -48.47 137.89
N ARG ZA 21 95.03 -48.73 138.06
CA ARG ZA 21 95.57 -49.30 139.29
C ARG ZA 21 96.40 -48.21 139.95
N GLU ZA 22 95.94 -47.70 141.08
CA GLU ZA 22 96.56 -46.52 141.66
C GLU ZA 22 97.74 -46.83 142.56
N HIS ZA 23 98.14 -48.08 142.72
CA HIS ZA 23 99.26 -48.36 143.60
C HIS ZA 23 100.61 -48.07 142.96
N THR ZA 24 100.63 -47.73 141.67
CA THR ZA 24 101.85 -47.27 141.02
C THR ZA 24 101.60 -45.89 140.44
N ALA ZA 25 102.68 -45.23 140.02
CA ALA ZA 25 102.59 -43.91 139.46
C ALA ZA 25 103.52 -43.81 138.26
N LEU ZA 26 103.25 -42.85 137.39
CA LEU ZA 26 104.09 -42.58 136.23
C LEU ZA 26 104.74 -41.22 136.38
N LEU ZA 27 106.06 -41.18 136.30
CA LEU ZA 27 106.84 -39.98 136.59
C LEU ZA 27 107.68 -39.62 135.37
N LYS ZA 28 107.22 -38.63 134.61
CA LYS ZA 28 108.02 -38.12 133.50
C LYS ZA 28 109.13 -37.24 134.06
N ILE ZA 29 110.37 -37.61 133.77
CA ILE ZA 29 111.54 -36.87 134.24
C ILE ZA 29 112.07 -36.01 133.09
N GLU ZA 30 112.41 -34.76 133.40
CA GLU ZA 30 113.00 -33.89 132.40
C GLU ZA 30 114.36 -34.45 131.98
N GLY ZA 31 114.62 -34.43 130.67
CA GLY ZA 31 115.89 -34.87 130.12
C GLY ZA 31 115.88 -36.27 129.54
N VAL ZA 32 115.06 -37.17 130.08
CA VAL ZA 32 115.05 -38.57 129.66
C VAL ZA 32 113.82 -38.81 128.80
N TYR ZA 33 114.04 -39.26 127.57
CA TYR ZA 33 112.96 -39.49 126.63
C TYR ZA 33 113.19 -40.77 125.82
N ALA ZA 34 113.82 -41.76 126.44
CA ALA ZA 34 113.99 -43.07 125.82
C ALA ZA 34 114.28 -44.07 126.91
N ARG ZA 35 113.88 -45.32 126.67
CA ARG ZA 35 113.94 -46.34 127.72
C ARG ZA 35 115.37 -46.58 128.20
N ASP ZA 36 116.33 -46.62 127.29
CA ASP ZA 36 117.71 -46.83 127.69
C ASP ZA 36 118.18 -45.73 128.63
N GLU ZA 37 117.72 -44.49 128.41
CA GLU ZA 37 118.13 -43.39 129.27
C GLU ZA 37 117.64 -43.55 130.70
N THR ZA 38 116.60 -44.34 130.92
CA THR ZA 38 116.03 -44.50 132.25
C THR ZA 38 116.82 -45.43 133.14
N GLU ZA 39 117.88 -46.06 132.64
CA GLU ZA 39 118.61 -47.02 133.46
C GLU ZA 39 119.10 -46.39 134.74
N PHE ZA 40 119.66 -45.18 134.66
CA PHE ZA 40 120.31 -44.61 135.83
C PHE ZA 40 119.34 -44.47 137.00
N TYR ZA 41 118.11 -44.07 136.74
CA TYR ZA 41 117.15 -43.76 137.80
C TYR ZA 41 116.40 -44.97 138.33
N LEU ZA 42 116.53 -46.15 137.71
CA LEU ZA 42 115.52 -47.18 137.90
C LEU ZA 42 115.45 -47.70 139.33
N GLY ZA 43 116.45 -47.43 140.15
CA GLY ZA 43 116.42 -47.91 141.51
C GLY ZA 43 116.33 -46.81 142.55
N LYS ZA 44 116.38 -45.56 142.09
CA LYS ZA 44 116.46 -44.43 142.98
C LYS ZA 44 115.20 -44.29 143.81
N ARG ZA 45 115.30 -43.48 144.87
CA ARG ZA 45 114.17 -43.17 145.72
C ARG ZA 45 113.60 -41.82 145.31
N CYS ZA 46 112.27 -41.72 145.29
CA CYS ZA 46 111.57 -40.50 144.96
C CYS ZA 46 110.60 -40.16 146.08
N ALA ZA 47 110.54 -38.88 146.43
CA ALA ZA 47 109.70 -38.42 147.54
C ALA ZA 47 108.80 -37.29 147.06
N TYR ZA 48 107.50 -37.44 147.27
CA TYR ZA 48 106.53 -36.40 146.95
C TYR ZA 48 106.32 -35.54 148.17
N VAL ZA 49 106.54 -34.24 148.01
CA VAL ZA 49 106.50 -33.29 149.12
C VAL ZA 49 105.33 -32.36 148.96
N TYR ZA 50 104.62 -32.09 150.05
CA TYR ZA 50 103.49 -31.19 150.02
C TYR ZA 50 103.38 -30.47 151.35
N LYS ZA 51 102.43 -29.55 151.43
CA LYS ZA 51 102.21 -28.74 152.61
C LYS ZA 51 100.75 -28.81 153.02
N ALA ZA 52 100.51 -28.81 154.33
CA ALA ZA 52 99.16 -28.88 154.87
C ALA ZA 52 99.03 -27.80 155.94
N LYS ZA 53 97.93 -27.85 156.69
CA LYS ZA 53 97.71 -26.85 157.73
C LYS ZA 53 98.46 -27.20 159.02
N ASN ZA 54 98.11 -28.31 159.65
CA ASN ZA 54 98.73 -28.65 160.92
C ASN ZA 54 100.17 -29.05 160.73
N ASN ZA 55 101.05 -28.46 161.54
CA ASN ZA 55 102.47 -28.76 161.46
C ASN ZA 55 102.74 -30.21 161.83
N THR ZA 56 103.65 -30.84 161.11
CA THR ZA 56 104.11 -32.18 161.44
C THR ZA 56 105.58 -32.11 161.80
N VAL ZA 57 106.04 -33.14 162.51
CA VAL ZA 57 107.44 -33.17 162.93
C VAL ZA 57 108.34 -33.26 161.71
N THR ZA 58 109.62 -32.94 161.91
CA THR ZA 58 110.61 -32.96 160.85
C THR ZA 58 111.92 -33.51 161.38
N PRO ZA 59 112.40 -34.63 160.85
CA PRO ZA 59 113.68 -35.17 161.31
C PRO ZA 59 114.80 -34.17 161.10
N GLY ZA 60 115.61 -33.98 162.14
CA GLY ZA 60 116.65 -32.98 162.08
C GLY ZA 60 116.14 -31.56 162.00
N GLY ZA 61 114.90 -31.31 162.41
CA GLY ZA 61 114.36 -29.97 162.32
C GLY ZA 61 113.17 -29.77 163.23
N LYS ZA 62 112.66 -28.55 163.20
CA LYS ZA 62 111.49 -28.12 163.94
C LYS ZA 62 110.21 -28.64 163.27
N PRO ZA 63 109.10 -28.69 163.99
CA PRO ZA 63 107.82 -28.99 163.33
C PRO ZA 63 107.49 -27.92 162.30
N ASN ZA 64 106.85 -28.35 161.21
CA ASN ZA 64 106.62 -27.47 160.08
C ASN ZA 64 105.39 -27.96 159.32
N LYS ZA 65 104.89 -27.10 158.42
CA LYS ZA 65 103.73 -27.44 157.61
C LYS ZA 65 104.06 -28.34 156.44
N THR ZA 66 105.32 -28.71 156.26
CA THR ZA 66 105.71 -29.55 155.14
C THR ZA 66 105.53 -31.02 155.50
N ARG ZA 67 104.87 -31.77 154.63
CA ARG ZA 67 104.75 -33.21 154.74
C ARG ZA 67 105.19 -33.85 153.43
N VAL ZA 68 105.68 -35.09 153.51
CA VAL ZA 68 106.23 -35.77 152.35
C VAL ZA 68 105.75 -37.21 152.32
N ILE ZA 69 105.41 -37.68 151.13
CA ILE ZA 69 105.11 -39.09 150.89
C ILE ZA 69 106.36 -39.71 150.29
N TRP ZA 70 106.76 -40.87 150.81
CA TRP ZA 70 107.98 -41.52 150.36
C TRP ZA 70 107.66 -42.56 149.29
N GLY ZA 71 108.60 -42.78 148.39
CA GLY ZA 71 108.40 -43.71 147.32
C GLY ZA 71 109.71 -44.05 146.64
N LYS ZA 72 109.61 -44.89 145.62
CA LYS ZA 72 110.81 -45.33 144.91
C LYS ZA 72 110.41 -45.77 143.51
N VAL ZA 73 111.38 -45.70 142.62
CA VAL ZA 73 111.20 -45.99 141.20
C VAL ZA 73 111.35 -47.50 140.97
N THR ZA 74 110.47 -48.06 140.12
CA THR ZA 74 110.50 -49.50 139.90
C THR ZA 74 111.08 -49.88 138.54
N ARG ZA 75 110.52 -49.34 137.46
CA ARG ZA 75 111.00 -49.67 136.12
C ARG ZA 75 110.39 -48.68 135.13
N ALA ZA 76 110.92 -48.70 133.91
CA ALA ZA 76 110.45 -47.79 132.87
C ALA ZA 76 109.05 -48.17 132.41
N HIS ZA 77 108.36 -47.20 131.82
CA HIS ZA 77 107.04 -47.45 131.25
C HIS ZA 77 106.99 -46.90 129.83
N GLY ZA 78 107.60 -47.63 128.90
CA GLY ZA 78 107.30 -47.55 127.49
C GLY ZA 78 108.12 -46.58 126.68
N ASN ZA 79 109.25 -47.03 126.15
CA ASN ZA 79 109.93 -46.42 125.01
C ASN ZA 79 110.41 -44.98 125.23
N SER ZA 80 109.99 -44.33 126.32
CA SER ZA 80 110.35 -42.93 126.50
C SER ZA 80 110.10 -42.55 127.95
N GLY ZA 81 111.18 -42.35 128.71
CA GLY ZA 81 111.14 -41.82 130.06
C GLY ZA 81 109.97 -42.27 130.89
N MET ZA 82 109.42 -41.33 131.66
CA MET ZA 82 108.18 -41.49 132.42
C MET ZA 82 108.07 -42.89 133.04
N VAL ZA 83 109.13 -43.21 133.75
CA VAL ZA 83 109.22 -44.47 134.49
C VAL ZA 83 108.05 -44.61 135.45
N ARG ZA 84 107.65 -45.86 135.70
CA ARG ZA 84 106.63 -46.15 136.70
C ARG ZA 84 107.29 -46.39 138.05
N ALA ZA 85 106.64 -45.90 139.12
CA ALA ZA 85 107.19 -45.96 140.46
C ALA ZA 85 106.11 -46.33 141.45
N LYS ZA 86 106.53 -46.73 142.65
CA LYS ZA 86 105.64 -47.15 143.72
C LYS ZA 86 105.90 -46.32 144.97
N PHE ZA 87 104.82 -45.94 145.64
CA PHE ZA 87 104.89 -45.10 146.83
C PHE ZA 87 104.29 -45.83 148.02
N ARG ZA 88 104.71 -45.41 149.22
CA ARG ZA 88 104.25 -46.06 150.43
C ARG ZA 88 102.74 -45.97 150.57
N SER ZA 89 102.19 -44.77 150.41
CA SER ZA 89 100.76 -44.59 150.36
C SER ZA 89 100.40 -43.99 149.00
N ASN ZA 90 99.31 -44.48 148.44
CA ASN ZA 90 98.92 -44.03 147.11
C ASN ZA 90 98.72 -42.53 147.08
N LEU ZA 91 99.33 -41.88 146.09
CA LEU ZA 91 99.32 -40.44 146.03
C LEU ZA 91 97.91 -39.91 145.79
N PRO ZA 92 97.55 -38.80 146.42
CA PRO ZA 92 96.29 -38.15 146.09
C PRO ZA 92 96.34 -37.63 144.66
N ALA ZA 93 95.18 -37.60 144.03
CA ALA ZA 93 95.11 -37.13 142.66
C ALA ZA 93 95.48 -35.65 142.53
N LYS ZA 94 95.63 -34.94 143.65
CA LYS ZA 94 96.08 -33.56 143.60
C LYS ZA 94 97.40 -33.41 142.87
N ALA ZA 95 98.28 -34.40 142.97
CA ALA ZA 95 99.65 -34.28 142.51
C ALA ZA 95 99.79 -34.44 141.01
N ILE ZA 96 98.71 -34.74 140.31
CA ILE ZA 96 98.78 -34.88 138.86
C ILE ZA 96 99.38 -33.61 138.28
N GLY ZA 97 100.44 -33.78 137.50
CA GLY ZA 97 101.14 -32.62 136.96
C GLY ZA 97 101.76 -31.74 138.03
N HIS ZA 98 102.34 -32.35 139.05
CA HIS ZA 98 103.01 -31.59 140.10
C HIS ZA 98 104.39 -32.16 140.33
N ARG ZA 99 105.27 -31.31 140.86
CA ARG ZA 99 106.66 -31.68 141.06
C ARG ZA 99 106.79 -32.92 141.92
N ILE ZA 100 107.63 -33.85 141.48
CA ILE ZA 100 107.98 -35.02 142.26
C ILE ZA 100 109.50 -35.17 142.19
N ARG ZA 101 110.14 -35.25 143.35
CA ARG ZA 101 111.59 -35.16 143.43
C ARG ZA 101 112.22 -36.53 143.29
N VAL ZA 102 113.43 -36.57 142.74
CA VAL ZA 102 114.22 -37.79 142.62
C VAL ZA 102 115.54 -37.54 143.33
N MET ZA 103 115.81 -38.33 144.36
CA MET ZA 103 116.80 -37.93 145.37
C MET ZA 103 118.20 -38.43 145.11
N LEU ZA 104 118.46 -39.14 144.01
CA LEU ZA 104 119.77 -39.77 143.78
C LEU ZA 104 120.13 -40.72 144.91
N TYR ZA 105 119.12 -41.19 145.63
CA TYR ZA 105 119.28 -42.17 146.69
C TYR ZA 105 119.53 -43.53 146.02
N PRO ZA 106 119.56 -44.63 146.80
CA PRO ZA 106 120.64 -45.60 146.65
C PRO ZA 106 121.19 -45.73 145.23
N SER ZA 107 122.48 -45.47 145.09
CA SER ZA 107 123.10 -45.21 143.81
C SER ZA 107 123.99 -46.39 143.42
N ARG ZA 108 123.82 -46.86 142.19
CA ARG ZA 108 124.75 -47.82 141.63
C ARG ZA 108 125.89 -47.15 140.87
N ILE ZA 109 125.90 -45.83 140.82
CA ILE ZA 109 127.00 -45.09 140.21
C ILE ZA 109 127.94 -44.61 141.29
N VAL AB 1 -1.77 1.31 151.46
CA VAL AB 1 -2.44 0.02 151.57
C VAL AB 1 -1.81 -0.81 152.68
N GLN AB 2 -2.61 -1.65 153.31
CA GLN AB 2 -2.15 -2.59 154.31
C GLN AB 2 -2.27 -3.99 153.75
N ARG AB 3 -1.23 -4.79 153.91
CA ARG AB 3 -1.24 -6.15 153.41
C ARG AB 3 -1.61 -7.10 154.55
N LEU AB 4 -2.49 -8.05 154.24
CA LEU AB 4 -3.15 -8.86 155.26
C LEU AB 4 -2.40 -10.17 155.49
N THR AB 5 -2.75 -10.82 156.59
CA THR AB 5 -2.18 -12.11 156.96
C THR AB 5 -3.29 -13.03 157.43
N TYR AB 6 -3.09 -14.32 157.24
CA TYR AB 6 -4.03 -15.30 157.78
C TYR AB 6 -3.90 -15.37 159.29
N ARG AB 7 -5.05 -15.46 159.96
CA ARG AB 7 -5.07 -15.51 161.42
C ARG AB 7 -4.86 -16.91 161.97
N ARG AB 8 -4.89 -17.93 161.12
CA ARG AB 8 -4.85 -19.31 161.55
C ARG AB 8 -3.78 -20.06 160.76
N ARG AB 9 -3.81 -21.39 160.87
CA ARG AB 9 -2.75 -22.18 160.29
C ARG AB 9 -3.11 -22.75 158.93
N LEU AB 10 -4.35 -22.63 158.48
CA LEU AB 10 -4.71 -23.09 157.14
C LEU AB 10 -4.22 -22.09 156.13
N SER AB 11 -2.98 -22.25 155.69
CA SER AB 11 -2.40 -21.36 154.72
C SER AB 11 -2.83 -21.67 153.29
N TYR AB 12 -3.89 -22.45 153.12
CA TYR AB 12 -4.36 -22.86 151.80
C TYR AB 12 -5.77 -22.35 151.57
N ASN AB 13 -6.00 -21.77 150.40
CA ASN AB 13 -7.29 -21.14 150.09
C ASN AB 13 -8.34 -22.19 149.77
N THR AB 14 -8.59 -23.07 150.73
CA THR AB 14 -9.56 -24.13 150.56
C THR AB 14 -10.98 -23.61 150.79
N ALA AB 15 -11.94 -24.52 150.68
CA ALA AB 15 -13.33 -24.14 150.88
C ALA AB 15 -13.62 -23.77 152.32
N SER AB 16 -12.96 -24.44 153.27
CA SER AB 16 -13.20 -24.15 154.68
C SER AB 16 -12.46 -22.91 155.15
N ASN AB 17 -11.54 -22.38 154.36
CA ASN AB 17 -10.74 -21.23 154.75
C ASN AB 17 -11.22 -19.94 154.13
N LYS AB 18 -12.44 -19.92 153.58
CA LYS AB 18 -12.95 -18.70 152.98
C LYS AB 18 -13.08 -17.62 154.03
N THR AB 19 -12.49 -16.48 153.77
CA THR AB 19 -12.41 -15.41 154.74
C THR AB 19 -12.94 -14.11 154.17
N ARG AB 20 -13.36 -13.23 155.07
CA ARG AB 20 -13.88 -11.93 154.73
C ARG AB 20 -13.15 -10.88 155.54
N LEU AB 21 -12.80 -9.78 154.90
CA LEU AB 21 -12.00 -8.74 155.54
C LEU AB 21 -12.90 -7.68 156.15
N SER AB 22 -12.58 -7.32 157.40
CA SER AB 22 -13.31 -6.28 158.09
C SER AB 22 -12.32 -5.34 158.76
N ARG AB 23 -12.76 -4.12 159.01
CA ARG AB 23 -11.93 -3.12 159.65
C ARG AB 23 -12.36 -2.97 161.11
N THR AB 24 -11.42 -3.14 162.00
CA THR AB 24 -11.60 -3.22 163.44
C THR AB 24 -11.78 -1.85 164.07
N PRO AB 25 -12.30 -1.80 165.29
CA PRO AB 25 -12.31 -0.51 166.01
C PRO AB 25 -10.95 0.12 166.13
N GLY AB 26 -9.91 -0.67 166.30
CA GLY AB 26 -8.55 -0.15 166.31
C GLY AB 26 -8.05 0.38 164.99
N ASN AB 27 -8.93 0.52 163.99
CA ASN AB 27 -8.59 1.10 162.71
C ASN AB 27 -7.52 0.28 161.97
N ARG AB 28 -7.87 -0.96 161.64
CA ARG AB 28 -7.03 -1.79 160.78
C ARG AB 28 -7.85 -2.94 160.21
N ILE AB 29 -7.53 -3.32 158.98
CA ILE AB 29 -8.18 -4.48 158.37
C ILE AB 29 -7.76 -5.73 159.12
N VAL AB 30 -8.71 -6.63 159.32
CA VAL AB 30 -8.42 -7.99 159.76
C VAL AB 30 -9.32 -8.92 158.97
N TYR AB 31 -8.98 -10.19 159.00
CA TYR AB 31 -9.74 -11.21 158.29
C TYR AB 31 -10.72 -11.87 159.23
N LEU AB 32 -11.90 -12.19 158.72
CA LEU AB 32 -12.91 -12.93 159.47
C LEU AB 32 -13.26 -14.18 158.68
N TYR AB 33 -13.33 -15.31 159.37
CA TYR AB 33 -13.56 -16.59 158.72
C TYR AB 33 -15.07 -16.85 158.63
N THR AB 34 -15.65 -16.40 157.53
CA THR AB 34 -17.08 -16.57 157.33
C THR AB 34 -17.43 -18.04 157.17
N LYS AB 35 -18.68 -18.37 157.48
CA LYS AB 35 -19.16 -19.73 157.30
C LYS AB 35 -19.69 -19.93 155.90
N LYS AB 36 -19.80 -21.19 155.50
CA LYS AB 36 -20.39 -21.53 154.21
C LYS AB 36 -21.85 -21.10 154.18
N VAL AB 37 -22.29 -20.64 152.99
CA VAL AB 37 -23.66 -20.18 152.86
C VAL AB 37 -24.63 -21.34 153.07
N GLY AB 38 -25.87 -21.00 153.41
CA GLY AB 38 -26.92 -21.97 153.60
C GLY AB 38 -27.91 -21.95 152.45
N LYS AB 39 -28.37 -23.13 152.07
CA LYS AB 39 -29.36 -23.27 151.02
C LYS AB 39 -30.67 -23.77 151.60
N ALA AB 40 -31.76 -23.16 151.18
CA ALA AB 40 -33.07 -23.65 151.56
C ALA AB 40 -33.32 -25.00 150.90
N PRO AB 41 -34.17 -25.84 151.48
CA PRO AB 41 -34.41 -27.16 150.90
C PRO AB 41 -35.11 -27.06 149.55
N LYS AB 42 -35.10 -28.17 148.82
CA LYS AB 42 -35.96 -28.31 147.66
C LYS AB 42 -37.11 -29.25 147.99
N SER AB 43 -38.18 -29.16 147.19
CA SER AB 43 -39.33 -30.00 147.43
C SER AB 43 -38.98 -31.47 147.20
N ALA AB 44 -39.63 -32.34 147.96
CA ALA AB 44 -39.48 -33.76 147.75
C ALA AB 44 -40.11 -34.23 146.46
N CYS AB 45 -40.92 -33.39 145.80
CA CYS AB 45 -41.50 -33.79 144.53
C CYS AB 45 -40.43 -34.01 143.47
N GLY AB 46 -39.31 -33.30 143.57
CA GLY AB 46 -38.25 -33.46 142.60
C GLY AB 46 -38.57 -32.88 141.25
N VAL AB 47 -39.73 -32.24 141.11
CA VAL AB 47 -40.16 -31.63 139.86
C VAL AB 47 -39.80 -30.15 139.82
N CYS AB 48 -40.35 -29.37 140.74
CA CYS AB 48 -40.02 -27.96 140.81
C CYS AB 48 -38.55 -27.78 141.17
N PRO AB 49 -37.81 -26.96 140.45
CA PRO AB 49 -36.38 -26.83 140.74
C PRO AB 49 -36.06 -25.73 141.73
N GLY AB 50 -36.99 -24.79 141.91
CA GLY AB 50 -36.78 -23.72 142.87
C GLY AB 50 -36.77 -24.27 144.28
N ARG AB 51 -35.95 -23.66 145.13
CA ARG AB 51 -35.82 -24.13 146.50
C ARG AB 51 -37.05 -23.75 147.30
N LEU AB 52 -37.31 -24.54 148.34
CA LEU AB 52 -38.49 -24.32 149.15
C LEU AB 52 -38.36 -23.02 149.93
N ARG AB 53 -39.48 -22.38 150.19
CA ARG AB 53 -39.47 -20.99 150.63
C ARG AB 53 -40.00 -20.86 152.04
N GLY AB 54 -39.74 -19.70 152.65
CA GLY AB 54 -40.21 -19.41 153.97
C GLY AB 54 -39.47 -20.11 155.09
N VAL AB 55 -38.35 -20.76 154.80
CA VAL AB 55 -37.55 -21.45 155.80
C VAL AB 55 -36.12 -20.98 155.67
N ARG AB 56 -35.50 -20.64 156.79
CA ARG AB 56 -34.17 -20.04 156.76
C ARG AB 56 -33.16 -20.97 156.11
N ALA AB 57 -32.33 -20.40 155.23
CA ALA AB 57 -31.33 -21.15 154.48
C ALA AB 57 -30.00 -21.01 155.21
N VAL AB 58 -29.68 -22.02 156.01
CA VAL AB 58 -28.50 -22.00 156.86
C VAL AB 58 -27.86 -23.37 156.86
N ARG AB 59 -26.80 -23.50 157.64
CA ARG AB 59 -26.04 -24.73 157.70
C ARG AB 59 -26.86 -25.83 158.37
N PRO AB 60 -26.54 -27.10 158.08
CA PRO AB 60 -27.30 -28.19 158.70
C PRO AB 60 -27.15 -28.24 160.21
N LYS AB 61 -25.94 -28.10 160.71
CA LYS AB 61 -25.68 -28.24 162.13
C LYS AB 61 -25.98 -26.97 162.92
N VAL AB 62 -26.66 -26.00 162.30
CA VAL AB 62 -26.94 -24.73 162.98
C VAL AB 62 -28.40 -24.60 163.36
N LEU AB 63 -29.28 -25.44 162.79
CA LEU AB 63 -30.69 -25.19 163.01
C LEU AB 63 -31.26 -25.87 164.24
N MET AB 64 -30.45 -26.13 165.26
CA MET AB 64 -31.01 -26.47 166.55
C MET AB 64 -31.65 -25.26 167.19
N ARG AB 65 -30.95 -24.12 167.16
CA ARG AB 65 -31.37 -22.90 167.82
C ARG AB 65 -32.46 -22.18 167.09
N LEU AB 66 -32.93 -22.62 165.93
CA LEU AB 66 -34.03 -21.94 165.26
C LEU AB 66 -35.37 -22.59 165.61
N SER AB 67 -36.35 -21.75 165.91
CA SER AB 67 -37.66 -22.20 166.32
C SER AB 67 -38.32 -23.05 165.24
N LYS AB 68 -39.33 -23.80 165.65
CA LYS AB 68 -40.10 -24.61 164.72
C LYS AB 68 -40.71 -23.75 163.62
N THR AB 69 -41.15 -22.55 163.96
CA THR AB 69 -41.75 -21.66 162.97
C THR AB 69 -40.78 -21.22 161.89
N LYS AB 70 -39.48 -21.29 162.14
CA LYS AB 70 -38.50 -20.87 161.15
C LYS AB 70 -38.04 -22.01 160.26
N LYS AB 71 -38.25 -23.25 160.68
CA LYS AB 71 -37.87 -24.40 159.88
C LYS AB 71 -39.05 -25.02 159.15
N HIS AB 72 -40.25 -24.45 159.25
CA HIS AB 72 -41.39 -25.00 158.55
C HIS AB 72 -42.43 -23.91 158.37
N VAL AB 73 -43.39 -24.18 157.49
CA VAL AB 73 -44.47 -23.26 157.19
C VAL AB 73 -45.79 -23.92 157.56
N SER AB 74 -46.76 -23.08 157.93
CA SER AB 74 -48.02 -23.56 158.49
C SER AB 74 -48.85 -24.16 157.38
N ARG AB 75 -48.55 -25.41 157.03
CA ARG AB 75 -49.27 -26.09 155.97
C ARG AB 75 -48.96 -27.58 156.06
N ALA AB 76 -49.87 -28.39 155.53
CA ALA AB 76 -49.62 -29.81 155.44
C ALA AB 76 -48.41 -30.05 154.54
N TYR AB 77 -47.54 -30.95 154.98
CA TYR AB 77 -46.25 -31.14 154.34
C TYR AB 77 -45.48 -29.83 154.21
N GLY AB 78 -45.74 -28.89 155.10
CA GLY AB 78 -45.02 -27.62 155.06
C GLY AB 78 -43.55 -27.84 155.31
N GLY AB 79 -42.72 -27.07 154.61
CA GLY AB 79 -41.29 -27.18 154.78
C GLY AB 79 -40.66 -28.36 154.09
N SER AB 80 -41.42 -29.16 153.35
CA SER AB 80 -40.86 -30.26 152.59
C SER AB 80 -41.39 -30.37 151.18
N MET AB 81 -42.51 -29.73 150.86
CA MET AB 81 -43.02 -29.70 149.49
C MET AB 81 -43.49 -28.30 149.13
N CYS AB 82 -43.28 -27.96 147.87
CA CYS AB 82 -43.77 -26.71 147.32
C CYS AB 82 -45.29 -26.76 147.14
N ALA AB 83 -45.93 -25.62 147.40
CA ALA AB 83 -47.39 -25.56 147.37
C ALA AB 83 -47.93 -26.05 146.04
N LYS AB 84 -47.19 -25.84 144.95
CA LYS AB 84 -47.62 -26.35 143.67
C LYS AB 84 -47.91 -27.83 143.76
N CYS AB 85 -46.86 -28.63 144.01
CA CYS AB 85 -47.04 -30.07 144.01
C CYS AB 85 -47.94 -30.52 145.14
N VAL AB 86 -48.10 -29.72 146.19
CA VAL AB 86 -49.07 -30.06 147.23
C VAL AB 86 -50.48 -30.03 146.67
N ARG AB 87 -50.84 -28.93 145.99
CA ARG AB 87 -52.15 -28.88 145.36
C ARG AB 87 -52.30 -29.96 144.31
N ASP AB 88 -51.23 -30.21 143.56
CA ASP AB 88 -51.30 -31.22 142.51
C ASP AB 88 -51.56 -32.59 143.11
N ARG AB 89 -50.91 -32.91 144.22
CA ARG AB 89 -51.16 -34.19 144.87
C ARG AB 89 -52.58 -34.25 145.41
N ILE AB 90 -53.07 -33.15 145.97
CA ILE AB 90 -54.47 -33.09 146.39
C ILE AB 90 -55.38 -33.53 145.26
N LYS AB 91 -55.33 -32.81 144.15
CA LYS AB 91 -56.27 -33.08 143.06
C LYS AB 91 -56.03 -34.46 142.47
N ARG AB 92 -54.77 -34.89 142.39
CA ARG AB 92 -54.47 -36.20 141.83
C ARG AB 92 -55.09 -37.30 142.67
N ALA AB 93 -54.85 -37.27 143.98
CA ALA AB 93 -55.41 -38.29 144.86
C ALA AB 93 -56.92 -38.31 144.76
N PHE AB 94 -57.56 -37.15 144.92
CA PHE AB 94 -59.01 -37.12 144.89
C PHE AB 94 -59.54 -37.63 143.56
N LEU AB 95 -58.97 -37.16 142.47
CA LEU AB 95 -59.53 -37.46 141.17
C LEU AB 95 -59.35 -38.91 140.77
N ILE AB 96 -58.22 -39.53 141.10
CA ILE AB 96 -58.15 -40.94 140.73
C ILE AB 96 -58.96 -41.79 141.70
N GLU AB 97 -59.20 -41.30 142.92
CA GLU AB 97 -60.20 -41.96 143.75
C GLU AB 97 -61.55 -41.93 143.06
N GLU AB 98 -61.90 -40.81 142.44
CA GLU AB 98 -63.17 -40.73 141.73
C GLU AB 98 -63.20 -41.66 140.52
N GLN AB 99 -62.09 -41.72 139.78
CA GLN AB 99 -62.03 -42.68 138.68
C GLN AB 99 -62.25 -44.10 139.18
N LYS AB 100 -61.67 -44.43 140.33
CA LYS AB 100 -61.81 -45.79 140.85
C LYS AB 100 -63.24 -46.08 141.26
N ILE AB 101 -63.90 -45.14 141.95
CA ILE AB 101 -65.29 -45.38 142.32
C ILE AB 101 -66.15 -45.47 141.07
N VAL AB 102 -65.81 -44.68 140.05
CA VAL AB 102 -66.53 -44.79 138.79
C VAL AB 102 -66.40 -46.21 138.25
N VAL AB 103 -65.17 -46.72 138.10
CA VAL AB 103 -64.99 -48.05 137.53
C VAL AB 103 -65.67 -49.11 138.38
N LYS AB 104 -65.73 -48.90 139.69
CA LYS AB 104 -66.51 -49.82 140.51
C LYS AB 104 -67.98 -49.82 140.13
N VAL AB 105 -68.57 -48.65 139.89
CA VAL AB 105 -69.98 -48.65 139.51
C VAL AB 105 -70.17 -49.23 138.11
N LEU AB 106 -69.20 -49.08 137.21
CA LEU AB 106 -69.35 -49.76 135.92
C LEU AB 106 -69.34 -51.27 136.10
N LYS AB 107 -68.48 -51.78 136.99
CA LYS AB 107 -68.58 -53.21 137.30
C LYS AB 107 -69.94 -53.54 137.90
N ALA AB 108 -70.45 -52.69 138.78
CA ALA AB 108 -71.71 -52.98 139.46
C ALA AB 108 -72.85 -53.13 138.47
N GLN AB 109 -72.90 -52.24 137.48
CA GLN AB 109 -73.90 -52.38 136.43
C GLN AB 109 -73.59 -53.55 135.50
N ALA AB 110 -72.32 -53.80 135.19
CA ALA AB 110 -71.96 -54.79 134.19
C ALA AB 110 -72.28 -56.21 134.63
N GLN AB 111 -72.36 -56.45 135.94
CA GLN AB 111 -72.69 -57.77 136.44
C GLN AB 111 -74.19 -57.99 136.60
N SER AB 112 -75.02 -57.01 136.23
CA SER AB 112 -76.47 -57.20 136.26
C SER AB 112 -76.95 -58.20 135.21
N GLN AB 113 -76.06 -58.71 134.37
CA GLN AB 113 -76.37 -59.80 133.45
C GLN AB 113 -75.48 -61.00 133.77
N LYS AB 114 -76.07 -62.19 133.70
CA LYS AB 114 -75.32 -63.42 133.91
C LYS AB 114 -74.43 -63.72 132.71
N ALA BB 1 14.17 -37.81 216.15
CA ALA BB 1 13.96 -37.15 214.87
C ALA BB 1 13.73 -38.18 213.76
N LYS BB 2 14.68 -39.10 213.62
CA LYS BB 2 14.56 -40.15 212.61
C LYS BB 2 13.71 -41.30 213.13
N ILE BB 3 13.06 -41.99 212.20
CA ILE BB 3 12.16 -43.08 212.54
C ILE BB 3 12.75 -44.39 212.06
N LYS BB 4 12.35 -45.47 212.73
CA LYS BB 4 12.88 -46.79 212.42
C LYS BB 4 11.73 -47.72 212.12
N ALA BB 5 12.00 -48.74 211.30
CA ALA BB 5 10.96 -49.68 210.94
C ALA BB 5 10.50 -50.51 212.13
N ARG BB 6 11.33 -50.63 213.16
CA ARG BB 6 10.99 -51.51 214.26
C ARG BB 6 9.89 -50.93 215.12
N ASP BB 7 10.07 -49.71 215.62
CA ASP BB 7 9.06 -49.12 216.50
C ASP BB 7 7.78 -48.80 215.74
N LEU BB 8 7.89 -48.43 214.48
CA LEU BB 8 6.69 -48.08 213.72
C LEU BB 8 5.74 -49.24 213.55
N ARG BB 9 6.22 -50.47 213.73
CA ARG BB 9 5.36 -51.63 213.50
C ARG BB 9 4.27 -51.74 214.56
N GLY BB 10 4.38 -50.97 215.65
CA GLY BB 10 3.40 -51.05 216.72
C GLY BB 10 2.15 -50.21 216.48
N LYS BB 11 2.25 -49.16 215.67
CA LYS BB 11 1.13 -48.25 215.52
C LYS BB 11 0.00 -48.90 214.73
N LYS BB 12 -1.16 -48.26 214.76
CA LYS BB 12 -2.28 -48.65 213.93
C LYS BB 12 -2.27 -47.85 212.64
N LYS BB 13 -2.84 -48.43 211.59
CA LYS BB 13 -2.75 -47.85 210.25
C LYS BB 13 -3.21 -46.40 210.20
N GLU BB 14 -4.17 -46.00 211.03
CA GLU BB 14 -4.66 -44.63 210.95
C GLU BB 14 -3.58 -43.64 211.31
N GLU BB 15 -2.94 -43.81 212.47
CA GLU BB 15 -1.93 -42.85 212.87
C GLU BB 15 -0.69 -42.92 211.99
N LEU BB 16 -0.41 -44.09 211.40
CA LEU BB 16 0.64 -44.17 210.40
C LEU BB 16 0.32 -43.31 209.19
N LEU BB 17 -0.94 -43.35 208.75
CA LEU BB 17 -1.36 -42.49 207.64
C LEU BB 17 -1.23 -41.02 208.02
N LYS BB 18 -1.59 -40.65 209.24
CA LYS BB 18 -1.42 -39.27 209.69
C LYS BB 18 0.05 -38.89 209.69
N GLN BB 19 0.91 -39.81 210.12
CA GLN BB 19 2.35 -39.58 210.06
C GLN BB 19 2.79 -39.32 208.63
N LEU BB 20 2.28 -40.10 207.69
CA LEU BB 20 2.62 -39.88 206.28
C LEU BB 20 2.16 -38.51 205.80
N ASP BB 21 0.91 -38.14 206.13
CA ASP BB 21 0.42 -36.84 205.73
C ASP BB 21 1.33 -35.76 206.25
N ASP BB 22 1.69 -35.83 207.54
CA ASP BB 22 2.59 -34.84 208.13
C ASP BB 22 3.93 -34.81 207.41
N LEU BB 23 4.51 -35.98 207.16
CA LEU BB 23 5.81 -36.01 206.52
C LEU BB 23 5.78 -35.34 205.16
N LYS BB 24 4.78 -35.66 204.34
CA LYS BB 24 4.87 -35.12 202.99
C LYS BB 24 4.37 -33.69 202.93
N VAL BB 25 3.52 -33.25 203.86
CA VAL BB 25 3.22 -31.83 203.85
C VAL BB 25 4.46 -31.07 204.27
N GLU BB 26 5.30 -31.67 205.12
CA GLU BB 26 6.59 -31.07 205.38
C GLU BB 26 7.46 -31.06 204.13
N LEU BB 27 7.48 -32.17 203.39
CA LEU BB 27 8.34 -32.24 202.21
C LEU BB 27 7.93 -31.22 201.19
N SER BB 28 6.64 -30.95 201.07
CA SER BB 28 6.18 -29.98 200.09
C SER BB 28 6.90 -28.66 200.28
N GLN BB 29 6.86 -28.13 201.51
CA GLN BB 29 7.56 -26.87 201.75
C GLN BB 29 9.07 -27.04 201.73
N LEU BB 30 9.58 -28.23 202.05
CA LEU BB 30 11.02 -28.44 201.92
C LEU BB 30 11.46 -28.26 200.47
N ARG BB 31 10.77 -28.91 199.55
CA ARG BB 31 11.14 -28.76 198.17
C ARG BB 31 10.90 -27.31 197.73
N VAL BB 32 9.83 -26.70 198.21
CA VAL BB 32 9.60 -25.29 197.94
C VAL BB 32 10.84 -24.49 198.30
N ALA BB 33 11.44 -24.80 199.44
CA ALA BB 33 12.71 -24.20 199.79
C ALA BB 33 13.78 -24.54 198.77
N LYS BB 34 13.72 -25.76 198.22
CA LYS BB 34 14.72 -26.14 197.22
C LYS BB 34 14.69 -25.17 196.04
N VAL BB 35 13.52 -24.82 195.54
CA VAL BB 35 13.50 -23.89 194.40
C VAL BB 35 13.91 -22.50 194.83
N THR BB 36 13.58 -22.10 196.06
CA THR BB 36 13.88 -20.76 196.55
C THR BB 36 15.25 -20.67 197.19
N GLY BB 37 16.18 -21.54 196.78
CA GLY BB 37 17.51 -21.52 197.35
C GLY BB 37 17.58 -22.26 198.66
N GLY BB 38 17.01 -21.66 199.70
CA GLY BB 38 16.96 -22.34 200.99
C GLY BB 38 18.33 -22.52 201.60
N ALA BB 39 18.45 -23.49 202.50
CA ALA BB 39 19.69 -23.75 203.22
C ALA BB 39 20.14 -25.18 202.97
N ALA BB 40 21.45 -25.37 203.00
CA ALA BB 40 22.02 -26.69 202.72
C ALA BB 40 21.44 -27.77 203.63
N SER BB 41 21.11 -27.40 204.87
CA SER BB 41 20.49 -28.35 205.77
C SER BB 41 19.20 -28.92 205.18
N LYS BB 42 18.37 -28.05 204.61
CA LYS BB 42 17.13 -28.51 203.99
C LYS BB 42 17.43 -29.36 202.76
N LEU BB 43 18.39 -28.93 201.95
CA LEU BB 43 18.71 -29.66 200.72
C LEU BB 43 19.33 -31.00 201.04
N SER BB 44 19.73 -31.22 202.29
CA SER BB 44 20.11 -32.56 202.69
C SER BB 44 18.92 -33.32 203.27
N LYS BB 45 18.15 -32.67 204.14
CA LYS BB 45 17.05 -33.35 204.82
C LYS BB 45 15.98 -33.84 203.85
N ILE BB 46 15.97 -33.31 202.63
CA ILE BB 46 15.00 -33.79 201.64
C ILE BB 46 15.12 -35.30 201.47
N ARG BB 47 16.34 -35.81 201.33
CA ARG BB 47 16.48 -37.24 201.09
C ARG BB 47 16.15 -38.04 202.34
N VAL BB 48 16.41 -37.48 203.53
CA VAL BB 48 16.02 -38.16 204.76
C VAL BB 48 14.52 -38.33 204.82
N VAL BB 49 13.78 -37.27 204.48
CA VAL BB 49 12.33 -37.36 204.47
C VAL BB 49 11.87 -38.34 203.40
N ARG BB 50 12.52 -38.34 202.25
CA ARG BB 50 12.17 -39.30 201.20
C ARG BB 50 12.28 -40.72 201.72
N LYS BB 51 13.43 -41.06 202.28
CA LYS BB 51 13.61 -42.41 202.79
C LYS BB 51 12.66 -42.71 203.94
N SER BB 52 12.29 -41.70 204.73
CA SER BB 52 11.38 -41.93 205.83
C SER BB 52 9.97 -42.27 205.33
N ILE BB 53 9.47 -41.53 204.35
CA ILE BB 53 8.16 -41.84 203.82
C ILE BB 53 8.19 -43.18 203.12
N ALA BB 54 9.32 -43.52 202.49
CA ALA BB 54 9.47 -44.87 201.94
C ALA BB 54 9.37 -45.91 203.05
N ARG BB 55 10.01 -45.64 204.19
CA ARG BB 55 9.94 -46.56 205.31
C ARG BB 55 8.50 -46.78 205.76
N VAL BB 56 7.75 -45.70 205.92
CA VAL BB 56 6.40 -45.83 206.43
C VAL BB 56 5.51 -46.53 205.42
N LEU BB 57 5.70 -46.25 204.13
CA LEU BB 57 4.94 -46.97 203.11
C LEU BB 57 5.26 -48.45 203.14
N THR BB 58 6.53 -48.80 203.31
CA THR BB 58 6.88 -50.22 203.41
C THR BB 58 6.21 -50.86 204.60
N VAL BB 59 6.17 -50.16 205.73
CA VAL BB 59 5.52 -50.69 206.91
C VAL BB 59 4.04 -50.94 206.64
N ILE BB 60 3.38 -49.97 206.02
CA ILE BB 60 1.96 -50.12 205.73
C ILE BB 60 1.72 -51.29 204.79
N ASN BB 61 2.53 -51.38 203.73
CA ASN BB 61 2.34 -52.45 202.76
C ASN BB 61 2.60 -53.82 203.39
N GLN BB 62 3.66 -53.94 204.18
CA GLN BB 62 3.91 -55.19 204.87
C GLN BB 62 2.76 -55.56 205.79
N THR BB 63 2.21 -54.57 206.50
CA THR BB 63 1.13 -54.84 207.42
C THR BB 63 -0.11 -55.34 206.68
N GLN BB 64 -0.51 -54.64 205.62
CA GLN BB 64 -1.70 -55.07 204.90
C GLN BB 64 -1.48 -56.43 204.26
N LYS BB 65 -0.28 -56.67 203.72
CA LYS BB 65 0.01 -57.96 203.10
C LYS BB 65 -0.06 -59.08 204.12
N GLU BB 66 0.52 -58.87 205.30
CA GLU BB 66 0.45 -59.89 206.35
C GLU BB 66 -0.99 -60.14 206.78
N ASN BB 67 -1.77 -59.06 206.94
CA ASN BB 67 -3.16 -59.23 207.33
C ASN BB 67 -3.93 -60.05 206.30
N LEU BB 68 -3.71 -59.74 205.03
CA LEU BB 68 -4.40 -60.47 203.96
C LEU BB 68 -3.95 -61.93 203.93
N ARG BB 69 -2.65 -62.18 204.15
CA ARG BB 69 -2.16 -63.55 204.20
C ARG BB 69 -2.83 -64.32 205.32
N LYS BB 70 -2.93 -63.71 206.50
CA LYS BB 70 -3.59 -64.36 207.62
C LYS BB 70 -5.05 -64.61 207.33
N PHE BB 71 -5.72 -63.65 206.70
CA PHE BB 71 -7.14 -63.82 206.38
C PHE BB 71 -7.35 -64.92 205.36
N TYR BB 72 -6.41 -65.10 204.44
CA TYR BB 72 -6.58 -66.06 203.37
C TYR BB 72 -6.04 -67.43 203.73
N LYS BB 73 -5.52 -67.61 204.94
CA LYS BB 73 -5.00 -68.91 205.35
C LYS BB 73 -6.12 -69.94 205.35
N GLY BB 74 -5.80 -71.15 204.88
CA GLY BB 74 -6.72 -72.25 204.92
C GLY BB 74 -7.77 -72.26 203.84
N LYS BB 75 -7.79 -71.26 202.97
CA LYS BB 75 -8.78 -71.21 201.90
C LYS BB 75 -8.28 -71.98 200.69
N LYS BB 76 -9.20 -72.63 200.00
CA LYS BB 76 -8.85 -73.30 198.75
C LYS BB 76 -8.33 -72.29 197.74
N TYR BB 77 -8.86 -71.08 197.76
CA TYR BB 77 -8.66 -70.11 196.72
C TYR BB 77 -8.05 -68.84 197.31
N LYS BB 78 -6.89 -68.44 196.80
CA LYS BB 78 -6.15 -67.30 197.30
C LYS BB 78 -5.83 -66.35 196.16
N PRO BB 79 -5.58 -65.07 196.46
CA PRO BB 79 -5.30 -64.11 195.40
C PRO BB 79 -4.05 -64.51 194.61
N LEU BB 80 -4.05 -64.12 193.34
CA LEU BB 80 -2.97 -64.54 192.44
C LEU BB 80 -1.61 -64.11 192.96
N ASP BB 81 -1.57 -62.99 193.68
CA ASP BB 81 -0.31 -62.55 194.27
C ASP BB 81 0.05 -63.34 195.51
N LEU BB 82 -0.94 -63.76 196.29
CA LEU BB 82 -0.69 -64.45 197.55
C LEU BB 82 -0.22 -65.88 197.36
N ARG BB 83 -0.69 -66.55 196.31
CA ARG BB 83 -0.21 -67.89 196.03
C ARG BB 83 1.27 -67.83 195.64
N PRO BB 84 1.97 -68.96 195.67
CA PRO BB 84 3.40 -68.92 195.35
C PRO BB 84 3.67 -68.36 193.97
N LYS BB 85 4.91 -67.91 193.78
CA LYS BB 85 5.29 -67.16 192.59
C LYS BB 85 6.61 -67.62 191.97
N LYS BB 86 7.35 -68.50 192.63
CA LYS BB 86 8.79 -68.65 192.36
C LYS BB 86 9.12 -68.89 190.90
N THR BB 87 8.27 -69.62 190.16
CA THR BB 87 8.58 -69.88 188.75
C THR BB 87 7.31 -70.34 188.05
N ARG BB 88 7.07 -69.80 186.85
CA ARG BB 88 5.91 -70.21 186.08
C ARG BB 88 6.01 -71.67 185.67
N ALA BB 89 7.19 -72.10 185.24
CA ALA BB 89 7.33 -73.47 184.75
C ALA BB 89 7.05 -74.50 185.84
N MET BB 90 7.58 -74.27 187.04
CA MET BB 90 7.44 -75.27 188.08
C MET BB 90 6.10 -75.19 188.83
N ARG BB 91 5.44 -74.03 188.80
CA ARG BB 91 4.07 -74.00 189.29
C ARG BB 91 3.19 -74.94 188.48
N ARG BB 92 3.50 -75.11 187.20
CA ARG BB 92 2.77 -76.03 186.34
C ARG BB 92 2.96 -77.48 186.74
N ARG BB 93 3.98 -77.80 187.54
CA ARG BB 93 4.33 -79.19 187.81
C ARG BB 93 3.32 -79.83 188.75
N LEU BB 94 3.59 -81.07 189.13
CA LEU BB 94 2.74 -81.83 190.05
C LEU BB 94 3.37 -81.83 191.43
N ASN BB 95 2.53 -81.59 192.44
CA ASN BB 95 3.02 -81.56 193.80
C ASN BB 95 3.35 -82.98 194.28
N LYS BB 96 3.87 -83.07 195.50
CA LYS BB 96 4.41 -84.32 195.99
C LYS BB 96 3.35 -85.41 196.06
N HIS BB 97 2.15 -85.07 196.55
CA HIS BB 97 1.12 -86.09 196.72
C HIS BB 97 0.71 -86.69 195.39
N GLU BB 98 0.52 -85.84 194.38
CA GLU BB 98 0.23 -86.33 193.04
C GLU BB 98 1.41 -87.07 192.43
N GLU BB 99 2.62 -86.80 192.91
CA GLU BB 99 3.81 -87.34 192.27
C GLU BB 99 4.14 -88.73 192.80
N ASN BB 100 3.89 -88.97 194.09
CA ASN BB 100 4.31 -90.22 194.71
C ASN BB 100 3.31 -91.34 194.51
N LEU BB 101 2.03 -91.05 194.30
CA LEU BB 101 1.04 -92.10 194.21
C LEU BB 101 1.34 -93.02 193.03
N LYS BB 102 1.06 -94.31 193.22
CA LYS BB 102 1.41 -95.33 192.24
C LYS BB 102 0.19 -96.21 191.97
N THR BB 103 0.27 -96.96 190.88
CA THR BB 103 -0.80 -97.87 190.53
C THR BB 103 -0.91 -99.00 191.55
N LYS BB 104 -2.11 -99.56 191.65
CA LYS BB 104 -2.27 -100.72 192.51
C LYS BB 104 -1.44 -101.89 192.00
N LYS BB 105 -1.34 -102.04 190.68
CA LYS BB 105 -0.42 -103.02 190.12
C LYS BB 105 1.00 -102.78 190.62
N GLN BB 106 1.45 -101.52 190.55
CA GLN BB 106 2.82 -101.20 190.93
C GLN BB 106 3.07 -101.50 192.40
N GLN BB 107 2.14 -101.11 193.27
CA GLN BB 107 2.37 -101.34 194.69
C GLN BB 107 2.26 -102.81 195.05
N ARG BB 108 1.36 -103.55 194.39
CA ARG BB 108 1.29 -104.99 194.64
C ARG BB 108 2.59 -105.66 194.22
N LYS BB 109 3.13 -105.28 193.07
CA LYS BB 109 4.37 -105.89 192.62
C LYS BB 109 5.55 -105.46 193.50
N GLU BB 110 5.52 -104.24 194.02
CA GLU BB 110 6.58 -103.79 194.91
C GLU BB 110 6.55 -104.58 196.22
N ARG BB 111 5.38 -104.65 196.87
CA ARG BB 111 5.30 -105.38 198.12
C ARG BB 111 5.60 -106.85 197.92
N LEU BB 112 5.11 -107.44 196.83
CA LEU BB 112 5.33 -108.84 196.56
C LEU BB 112 6.82 -109.16 196.46
N TYR BB 113 7.55 -108.36 195.69
CA TYR BB 113 8.95 -108.66 195.33
C TYR BB 113 9.82 -107.47 195.69
N PRO BB 114 10.20 -107.34 196.96
CA PRO BB 114 10.98 -106.18 197.40
C PRO BB 114 12.44 -106.29 196.98
N LEU BB 115 13.11 -105.14 196.98
CA LEU BB 115 14.52 -105.07 196.61
C LEU BB 115 15.36 -105.62 197.75
N ARG BB 116 15.77 -106.87 197.63
CA ARG BB 116 16.50 -107.55 198.69
C ARG BB 116 17.94 -107.06 198.74
N LYS BB 117 18.40 -106.73 199.95
CA LYS BB 117 19.81 -106.39 200.14
C LYS BB 117 20.63 -107.66 200.24
N TYR BB 118 21.80 -107.67 199.59
CA TYR BB 118 22.58 -108.89 199.53
C TYR BB 118 24.03 -108.59 199.29
N ALA BB 119 24.88 -109.52 199.71
CA ALA BB 119 26.29 -109.54 199.37
C ALA BB 119 26.64 -110.96 198.94
N VAL BB 120 27.75 -111.09 198.23
CA VAL BB 120 28.18 -112.39 197.72
C VAL BB 120 29.60 -112.66 198.23
N LYS BB 121 29.81 -113.84 198.80
CA LYS BB 121 31.13 -114.13 199.34
C LYS BB 121 32.14 -114.26 198.21
N ALA BB 122 33.41 -114.15 198.57
CA ALA BB 122 34.49 -114.25 197.60
C ALA BB 122 34.45 -115.58 196.89
N ALA CB 1 38.96 -141.12 164.26
CA ALA CB 1 38.55 -142.21 163.40
C ALA CB 1 37.71 -141.71 162.23
N LEU CB 2 37.02 -142.63 161.59
CA LEU CB 2 36.12 -142.30 160.48
C LEU CB 2 35.00 -141.39 160.96
N ARG CB 3 34.54 -140.54 160.05
CA ARG CB 3 33.43 -139.62 160.29
C ARG CB 3 33.75 -138.67 161.45
N TYR CB 4 34.75 -137.83 161.21
CA TYR CB 4 35.02 -136.71 162.07
C TYR CB 4 33.89 -135.69 161.98
N PRO CB 5 33.92 -134.64 162.79
CA PRO CB 5 33.00 -133.51 162.55
C PRO CB 5 33.64 -132.52 161.59
N MET CB 6 33.01 -132.31 160.43
CA MET CB 6 33.49 -131.35 159.45
C MET CB 6 32.85 -129.99 159.68
N ALA CB 7 33.48 -128.97 159.11
CA ALA CB 7 32.90 -127.65 159.01
C ALA CB 7 32.12 -127.46 157.71
N VAL CB 8 32.09 -128.46 156.85
CA VAL CB 8 31.41 -128.41 155.57
C VAL CB 8 30.74 -129.76 155.31
N GLY CB 9 30.01 -129.84 154.20
CA GLY CB 9 29.38 -131.08 153.81
C GLY CB 9 27.91 -131.14 154.17
N LEU CB 10 27.36 -132.34 154.01
CA LEU CB 10 25.94 -132.56 154.31
C LEU CB 10 25.63 -132.23 155.75
N ASN CB 11 26.41 -132.75 156.68
CA ASN CB 11 26.30 -132.42 158.10
C ASN CB 11 27.60 -131.71 158.47
N LYS CB 12 27.47 -130.49 158.98
CA LYS CB 12 28.62 -129.68 159.35
C LYS CB 12 28.32 -128.95 160.65
N GLY CB 13 29.36 -128.73 161.44
CA GLY CB 13 29.19 -128.03 162.69
C GLY CB 13 29.61 -128.83 163.90
N HIS CB 14 29.44 -128.24 165.09
CA HIS CB 14 30.01 -128.78 166.31
C HIS CB 14 29.33 -130.06 166.79
N LYS CB 15 28.18 -130.42 166.20
CA LYS CB 15 27.49 -131.67 166.53
C LYS CB 15 27.22 -131.77 168.03
N VAL CB 16 26.39 -130.86 168.51
CA VAL CB 16 26.02 -130.75 169.91
C VAL CB 16 24.53 -131.02 170.05
N THR CB 17 24.17 -131.90 170.97
CA THR CB 17 22.80 -132.39 171.03
C THR CB 17 21.83 -131.28 171.44
N LYS CB 18 20.66 -131.31 170.80
CA LYS CB 18 19.66 -130.26 170.92
C LYS CB 18 18.68 -130.61 172.04
N ASN CB 19 18.32 -129.63 172.84
CA ASN CB 19 17.31 -129.84 173.87
C ASN CB 19 15.92 -129.74 173.29
N VAL CB 20 14.95 -130.32 174.01
CA VAL CB 20 13.54 -130.25 173.66
C VAL CB 20 12.94 -129.08 174.42
N SER CB 21 12.08 -128.31 173.75
CA SER CB 21 11.45 -127.18 174.41
C SER CB 21 10.10 -126.91 173.78
N LYS CB 22 9.23 -126.27 174.55
CA LYS CB 22 7.99 -125.76 174.00
C LYS CB 22 8.27 -124.51 173.18
N PRO CB 23 7.58 -124.30 172.07
CA PRO CB 23 7.72 -123.04 171.35
C PRO CB 23 7.27 -121.88 172.22
N ARG CB 24 7.96 -120.76 172.08
CA ARG CB 24 7.57 -119.58 172.84
C ARG CB 24 6.16 -119.17 172.47
N HIS CB 25 5.49 -118.51 173.42
CA HIS CB 25 4.11 -118.10 173.18
C HIS CB 25 3.99 -117.21 171.95
N SER CB 26 4.97 -116.33 171.71
CA SER CB 26 4.92 -115.46 170.55
C SER CB 26 4.78 -116.23 169.25
N ARG CB 27 5.31 -117.45 169.18
CA ARG CB 27 5.16 -118.25 167.97
C ARG CB 27 3.69 -118.56 167.69
N ARG CB 28 2.86 -118.60 168.74
CA ARG CB 28 1.47 -118.99 168.55
C ARG CB 28 0.64 -117.89 167.90
N ARG CB 29 1.20 -116.70 167.69
CA ARG CB 29 0.40 -115.61 167.15
C ARG CB 29 -0.17 -115.96 165.79
N GLY CB 30 -1.38 -115.48 165.53
CA GLY CB 30 -2.05 -115.74 164.28
C GLY CB 30 -2.73 -117.08 164.18
N ARG CB 31 -2.64 -117.92 165.21
CA ARG CB 31 -3.30 -119.22 165.19
C ARG CB 31 -4.78 -119.03 165.42
N LEU CB 32 -5.59 -119.42 164.44
CA LEU CB 32 -7.02 -119.16 164.49
C LEU CB 32 -7.68 -120.02 165.57
N THR CB 33 -8.32 -119.36 166.52
CA THR CB 33 -9.11 -120.04 167.54
C THR CB 33 -10.57 -120.08 167.13
N LYS CB 34 -11.26 -121.13 167.56
CA LYS CB 34 -12.63 -121.37 167.12
C LYS CB 34 -13.51 -120.16 167.37
N HIS CB 35 -13.28 -119.45 168.46
CA HIS CB 35 -14.08 -118.27 168.76
C HIS CB 35 -13.88 -117.19 167.71
N THR CB 36 -12.64 -116.97 167.28
CA THR CB 36 -12.37 -115.95 166.27
C THR CB 36 -12.94 -116.35 164.91
N LYS CB 37 -12.87 -117.64 164.56
CA LYS CB 37 -13.49 -118.06 163.30
C LYS CB 37 -15.01 -117.89 163.38
N PHE CB 38 -15.58 -118.12 164.57
CA PHE CB 38 -17.00 -117.92 164.77
C PHE CB 38 -17.37 -116.46 164.57
N VAL CB 39 -16.52 -115.55 165.06
CA VAL CB 39 -16.73 -114.13 164.82
C VAL CB 39 -16.60 -113.82 163.33
N ARG CB 40 -15.56 -114.34 162.69
CA ARG CB 40 -15.15 -113.87 161.38
C ARG CB 40 -16.10 -114.35 160.30
N ASP CB 41 -16.53 -115.61 160.35
CA ASP CB 41 -17.46 -116.09 159.33
C ASP CB 41 -18.78 -115.33 159.38
N MET CB 42 -19.30 -115.12 160.58
CA MET CB 42 -20.54 -114.37 160.72
C MET CB 42 -20.38 -112.92 160.31
N ILE CB 43 -19.21 -112.32 160.58
CA ILE CB 43 -18.97 -110.96 160.10
C ILE CB 43 -18.93 -110.95 158.58
N ARG CB 44 -18.35 -111.98 157.98
CA ARG CB 44 -18.32 -112.07 156.52
C ARG CB 44 -19.73 -112.11 155.97
N GLU CB 45 -20.58 -112.94 156.57
CA GLU CB 45 -21.93 -113.08 156.03
C GLU CB 45 -22.76 -111.83 156.32
N VAL CB 46 -22.48 -111.13 157.42
CA VAL CB 46 -23.19 -109.89 157.71
C VAL CB 46 -22.79 -108.80 156.71
N CYS CB 47 -21.49 -108.66 156.46
CA CYS CB 47 -21.00 -107.60 155.60
C CYS CB 47 -21.18 -107.97 154.13
N GLY CB 48 -20.90 -109.21 153.76
CA GLY CB 48 -20.96 -109.61 152.38
C GLY CB 48 -19.60 -109.79 151.76
N PHE CB 49 -19.39 -109.23 150.58
CA PHE CB 49 -18.12 -109.35 149.88
C PHE CB 49 -17.73 -107.96 149.39
N ALA CB 50 -16.71 -107.91 148.54
CA ALA CB 50 -16.29 -106.71 147.86
C ALA CB 50 -16.51 -106.84 146.37
N PRO CB 51 -16.64 -105.72 145.65
CA PRO CB 51 -16.83 -105.80 144.20
C PRO CB 51 -15.83 -106.71 143.51
N TYR CB 52 -14.55 -106.59 143.84
CA TYR CB 52 -13.57 -107.47 143.22
C TYR CB 52 -13.84 -108.92 143.60
N GLU CB 53 -14.28 -109.15 144.83
CA GLU CB 53 -14.71 -110.49 145.22
C GLU CB 53 -15.95 -110.90 144.45
N ARG CB 54 -16.98 -110.06 144.42
CA ARG CB 54 -18.18 -110.49 143.72
C ARG CB 54 -17.95 -110.57 142.20
N ARG CB 55 -16.75 -110.25 141.72
CA ARG CB 55 -16.42 -110.70 140.38
C ARG CB 55 -15.82 -112.10 140.35
N ALA CB 56 -15.27 -112.55 141.47
CA ALA CB 56 -14.46 -113.76 141.42
C ALA CB 56 -15.33 -115.01 141.34
N MET CB 57 -16.46 -115.06 142.04
CA MET CB 57 -17.27 -116.28 141.93
C MET CB 57 -17.88 -116.39 140.55
N GLU CB 58 -18.17 -115.27 139.87
CA GLU CB 58 -18.66 -115.42 138.51
C GLU CB 58 -17.54 -115.88 137.60
N LEU CB 59 -16.31 -115.47 137.88
CA LEU CB 59 -15.20 -116.01 137.10
C LEU CB 59 -15.00 -117.50 137.38
N LEU CB 60 -15.43 -117.98 138.55
CA LEU CB 60 -15.26 -119.41 138.84
C LEU CB 60 -16.43 -120.26 138.39
N LYS CB 61 -17.66 -119.73 138.41
CA LYS CB 61 -18.79 -120.53 137.95
C LYS CB 61 -18.64 -120.88 136.48
N VAL CB 62 -18.20 -119.92 135.67
CA VAL CB 62 -17.80 -120.21 134.30
C VAL CB 62 -16.45 -120.90 134.25
N SER CB 63 -15.78 -121.04 135.40
CA SER CB 63 -14.59 -121.88 135.55
C SER CB 63 -13.42 -121.41 134.70
N LYS CB 64 -13.33 -120.12 134.41
CA LYS CB 64 -12.11 -119.59 133.82
C LYS CB 64 -11.10 -119.35 134.93
N ASP CB 65 -10.57 -120.47 135.44
CA ASP CB 65 -9.74 -120.45 136.63
C ASP CB 65 -8.53 -119.53 136.45
N LYS CB 66 -7.78 -119.69 135.38
CA LYS CB 66 -6.55 -118.95 135.21
C LYS CB 66 -6.81 -117.45 135.15
N ARG CB 67 -7.84 -117.05 134.42
CA ARG CB 67 -8.24 -115.65 134.37
C ARG CB 67 -8.59 -115.15 135.77
N ALA CB 68 -9.30 -115.97 136.54
CA ALA CB 68 -9.61 -115.57 137.90
C ALA CB 68 -8.34 -115.30 138.69
N LEU CB 69 -7.44 -116.29 138.75
CA LEU CB 69 -6.21 -116.12 139.50
C LEU CB 69 -5.49 -114.85 139.09
N LYS CB 70 -5.43 -114.58 137.77
CA LYS CB 70 -4.79 -113.35 137.32
C LYS CB 70 -5.47 -112.13 137.91
N PHE CB 71 -6.81 -112.13 137.89
CA PHE CB 71 -7.55 -110.96 138.35
C PHE CB 71 -7.38 -110.74 139.84
N ILE CB 72 -7.46 -111.81 140.64
CA ILE CB 72 -7.24 -111.62 142.08
C ILE CB 72 -5.80 -111.20 142.34
N LYS CB 73 -4.84 -111.70 141.56
CA LYS CB 73 -3.46 -111.27 141.74
C LYS CB 73 -3.33 -109.78 141.51
N LYS CB 74 -3.96 -109.27 140.46
CA LYS CB 74 -3.93 -107.83 140.22
C LYS CB 74 -4.64 -107.07 141.33
N ARG CB 75 -5.76 -107.61 141.83
CA ARG CB 75 -6.53 -106.91 142.85
C ARG CB 75 -5.79 -106.82 144.17
N VAL CB 76 -5.13 -107.90 144.58
CA VAL CB 76 -4.50 -107.96 145.90
C VAL CB 76 -3.03 -107.60 145.78
N GLY CB 77 -2.29 -108.35 144.97
CA GLY CB 77 -0.92 -107.98 144.70
C GLY CB 77 0.12 -109.09 144.72
N THR CB 78 -0.11 -110.12 145.52
CA THR CB 78 0.90 -111.16 145.71
C THR CB 78 0.33 -112.51 145.33
N HIS CB 79 1.20 -113.35 144.76
CA HIS CB 79 0.77 -114.67 144.29
C HIS CB 79 0.27 -115.54 145.43
N ILE CB 80 0.98 -115.55 146.56
CA ILE CB 80 0.59 -116.41 147.67
C ILE CB 80 -0.78 -116.00 148.20
N ARG CB 81 -0.99 -114.71 148.43
CA ARG CB 81 -2.28 -114.26 148.92
C ARG CB 81 -3.35 -114.48 147.87
N ALA CB 82 -3.01 -114.32 146.60
CA ALA CB 82 -3.98 -114.58 145.54
C ALA CB 82 -4.44 -116.03 145.58
N LYS CB 83 -3.49 -116.96 145.72
CA LYS CB 83 -3.87 -118.37 145.75
C LYS CB 83 -4.68 -118.71 146.99
N ARG CB 84 -4.28 -118.15 148.14
CA ARG CB 84 -5.02 -118.43 149.36
C ARG CB 84 -6.45 -117.91 149.27
N LYS CB 85 -6.61 -116.69 148.78
CA LYS CB 85 -7.96 -116.16 148.58
C LYS CB 85 -8.72 -117.00 147.57
N ARG CB 86 -8.03 -117.48 146.53
CA ARG CB 86 -8.68 -118.32 145.54
C ARG CB 86 -9.27 -119.57 146.17
N GLU CB 87 -8.50 -120.25 147.02
CA GLU CB 87 -9.02 -121.48 147.61
C GLU CB 87 -10.11 -121.17 148.64
N GLU CB 88 -9.92 -120.12 149.43
CA GLU CB 88 -10.97 -119.73 150.36
C GLU CB 88 -12.27 -119.44 149.63
N LEU CB 89 -12.18 -118.87 148.44
CA LEU CB 89 -13.35 -118.54 147.65
C LEU CB 89 -13.95 -119.79 147.03
N SER CB 90 -13.10 -120.68 146.52
CA SER CB 90 -13.60 -121.88 145.87
C SER CB 90 -14.38 -122.75 146.84
N ASN CB 91 -13.87 -122.91 148.06
CA ASN CB 91 -14.54 -123.79 149.00
C ASN CB 91 -15.88 -123.22 149.44
N VAL CB 92 -15.96 -121.90 149.63
CA VAL CB 92 -17.27 -121.33 149.98
C VAL CB 92 -18.24 -121.43 148.80
N LEU CB 93 -17.74 -121.27 147.56
CA LEU CB 93 -18.58 -121.52 146.39
C LEU CB 93 -19.11 -122.95 146.40
N ALA CB 94 -18.24 -123.92 146.69
CA ALA CB 94 -18.68 -125.29 146.78
C ALA CB 94 -19.71 -125.49 147.88
N ALA CB 95 -19.51 -124.84 149.02
CA ALA CB 95 -20.43 -124.96 150.14
C ALA CB 95 -21.81 -124.44 149.76
N MET CB 96 -21.87 -123.29 149.09
CA MET CB 96 -23.17 -122.78 148.69
C MET CB 96 -23.77 -123.56 147.52
N ARG CB 97 -22.93 -124.13 146.66
CA ARG CB 97 -23.45 -125.02 145.63
C ARG CB 97 -24.15 -126.22 146.25
N LYS CB 98 -23.52 -126.81 147.26
CA LYS CB 98 -24.15 -127.94 147.96
C LYS CB 98 -25.36 -127.52 148.78
N ALA CB 99 -25.35 -126.31 149.35
CA ALA CB 99 -26.52 -125.81 150.06
C ALA CB 99 -27.70 -125.66 149.12
N ALA CB 100 -27.46 -125.11 147.93
CA ALA CB 100 -28.50 -125.06 146.91
C ALA CB 100 -28.92 -126.47 146.49
N ALA CB 101 -27.98 -127.40 146.42
CA ALA CB 101 -28.32 -128.78 146.09
C ALA CB 101 -29.26 -129.37 147.12
N LYS CB 102 -29.11 -129.01 148.38
CA LYS CB 102 -30.06 -129.44 149.41
C LYS CB 102 -31.06 -128.33 149.70
N THR DB 1 17.20 -33.46 136.76
CA THR DB 1 18.42 -33.92 137.42
C THR DB 1 18.08 -34.82 138.60
N LYS DB 2 18.73 -35.97 138.64
CA LYS DB 2 18.47 -36.99 139.64
C LYS DB 2 19.23 -36.77 140.93
N GLY DB 3 20.02 -35.70 141.00
CA GLY DB 3 20.92 -35.54 142.13
C GLY DB 3 20.50 -34.51 143.15
N THR DB 4 21.34 -33.50 143.34
CA THR DB 4 21.13 -32.53 144.41
C THR DB 4 19.77 -31.87 144.31
N SER DB 5 19.29 -31.66 143.08
CA SER DB 5 17.96 -31.08 142.92
C SER DB 5 16.90 -31.97 143.53
N SER DB 6 17.02 -33.28 143.33
CA SER DB 6 16.01 -34.20 143.85
C SER DB 6 16.09 -34.35 145.36
N PHE DB 7 17.30 -34.26 145.92
CA PHE DB 7 17.44 -34.43 147.36
C PHE DB 7 16.74 -33.30 148.12
N GLY DB 8 16.35 -32.24 147.44
CA GLY DB 8 15.70 -31.14 148.12
C GLY DB 8 14.23 -31.33 148.40
N LYS DB 9 13.59 -32.34 147.85
CA LYS DB 9 12.16 -32.50 148.01
C LYS DB 9 11.81 -33.74 148.81
N ARG DB 10 12.58 -34.04 149.85
CA ARG DB 10 12.27 -35.12 150.76
C ARG DB 10 11.86 -34.52 152.10
N ARG DB 11 10.56 -34.50 152.36
CA ARG DB 11 10.02 -33.95 153.59
C ARG DB 11 8.91 -34.83 154.13
N ASN DB 12 8.96 -36.13 153.86
CA ASN DB 12 7.90 -37.06 154.25
C ASN DB 12 8.55 -38.33 154.78
N LYS DB 13 8.41 -38.57 156.08
CA LYS DB 13 9.03 -39.72 156.69
C LYS DB 13 8.37 -41.01 156.21
N THR DB 14 9.18 -42.01 155.90
CA THR DB 14 8.66 -43.33 155.55
C THR DB 14 8.69 -44.30 156.71
N HIS DB 15 9.58 -44.09 157.67
CA HIS DB 15 9.61 -44.86 158.90
C HIS DB 15 9.50 -43.91 160.08
N THR DB 16 8.75 -44.31 161.08
CA THR DB 16 8.70 -43.60 162.35
C THR DB 16 9.12 -44.53 163.48
N LEU DB 17 8.98 -44.04 164.69
CA LEU DB 17 9.38 -44.80 165.86
C LEU DB 17 8.44 -45.97 166.09
N CYS DB 18 9.00 -47.09 166.52
CA CYS DB 18 8.23 -48.29 166.77
C CYS DB 18 7.98 -48.43 168.26
N ARG DB 19 6.72 -48.66 168.63
CA ARG DB 19 6.38 -48.75 170.05
C ARG DB 19 7.13 -49.88 170.72
N ARG DB 20 7.03 -51.08 170.18
CA ARG DB 20 7.93 -52.16 170.55
C ARG DB 20 9.15 -52.08 169.63
N CYS DB 21 10.33 -52.40 170.19
CA CYS DB 21 11.72 -52.36 169.73
C CYS DB 21 12.28 -50.97 169.66
N GLY DB 22 11.46 -49.94 169.87
CA GLY DB 22 11.94 -48.59 169.99
C GLY DB 22 12.84 -48.03 168.91
N SER DB 23 12.92 -48.72 167.77
CA SER DB 23 13.75 -48.24 166.68
C SER DB 23 12.89 -47.55 165.63
N LYS DB 24 13.50 -46.59 164.93
CA LYS DB 24 12.80 -45.86 163.89
C LYS DB 24 12.74 -46.73 162.63
N ALA DB 25 11.78 -47.66 162.66
CA ALA DB 25 11.58 -48.53 161.51
C ALA DB 25 10.11 -48.71 161.18
N TYR DB 26 9.21 -48.13 161.95
CA TYR DB 26 7.78 -48.36 161.76
C TYR DB 26 7.34 -47.70 160.47
N HIS DB 27 7.24 -48.48 159.41
CA HIS DB 27 6.77 -47.96 158.13
C HIS DB 27 5.30 -47.57 158.25
N LEU DB 28 5.03 -46.26 158.20
CA LEU DB 28 3.69 -45.78 158.49
C LEU DB 28 2.67 -46.30 157.50
N GLN DB 29 3.01 -46.30 156.21
CA GLN DB 29 2.08 -46.84 155.23
C GLN DB 29 1.85 -48.33 155.45
N LYS DB 30 2.93 -49.11 155.52
CA LYS DB 30 2.79 -50.55 155.69
C LYS DB 30 2.37 -50.95 157.09
N SER DB 31 2.36 -50.01 158.04
CA SER DB 31 1.90 -50.27 159.40
C SER DB 31 2.70 -51.40 160.04
N THR DB 32 3.96 -51.51 159.66
CA THR DB 32 4.79 -52.64 160.07
C THR DB 32 6.19 -52.15 160.40
N CYS DB 33 6.69 -52.54 161.57
CA CYS DB 33 8.08 -52.26 161.90
C CYS DB 33 9.01 -53.07 161.00
N GLY DB 34 10.15 -52.47 160.67
CA GLY DB 34 11.12 -53.14 159.83
C GLY DB 34 12.09 -53.98 160.63
N LYS DB 35 12.20 -53.68 161.92
CA LYS DB 35 13.15 -54.37 162.79
C LYS DB 35 12.49 -55.52 163.54
N CYS DB 36 11.48 -55.22 164.36
CA CYS DB 36 10.88 -56.24 165.20
C CYS DB 36 9.59 -56.81 164.62
N GLY DB 37 9.12 -56.27 163.50
CA GLY DB 37 7.89 -56.77 162.93
C GLY DB 37 6.72 -56.61 163.86
N TYR DB 38 6.34 -55.38 164.17
CA TYR DB 38 5.23 -55.20 165.09
C TYR DB 38 4.00 -54.62 164.39
N PRO DB 39 3.42 -55.36 163.48
CA PRO DB 39 1.96 -55.43 163.46
C PRO DB 39 1.57 -56.72 164.15
N ALA DB 40 2.59 -57.54 164.43
CA ALA DB 40 2.37 -58.93 164.78
C ALA DB 40 3.04 -59.31 166.09
N LYS DB 41 2.88 -60.58 166.49
CA LYS DB 41 3.27 -61.05 167.79
C LYS DB 41 4.69 -61.63 167.81
N ARG DB 42 4.93 -62.67 167.04
CA ARG DB 42 6.28 -63.18 166.89
C ARG DB 42 7.15 -62.11 166.26
N LYS DB 43 8.37 -61.97 166.77
CA LYS DB 43 9.24 -60.90 166.30
C LYS DB 43 10.09 -61.36 165.13
N ARG DB 44 10.59 -60.40 164.37
CA ARG DB 44 11.44 -60.67 163.22
C ARG DB 44 12.88 -60.88 163.70
N LYS DB 45 13.48 -61.97 163.27
CA LYS DB 45 14.83 -62.32 163.66
C LYS DB 45 15.33 -63.38 162.70
N TYR DB 46 16.59 -63.25 162.26
CA TYR DB 46 17.11 -64.12 161.23
C TYR DB 46 18.53 -64.53 161.54
N ASN DB 47 18.88 -65.77 161.19
CA ASN DB 47 20.20 -66.27 161.50
C ASN DB 47 21.25 -65.76 160.54
N TRP DB 48 20.85 -65.23 159.38
CA TRP DB 48 21.86 -64.75 158.46
C TRP DB 48 22.54 -63.48 158.94
N SER DB 49 22.05 -62.88 160.02
CA SER DB 49 22.65 -61.69 160.62
C SER DB 49 22.88 -61.97 162.09
N ALA DB 50 24.04 -62.53 162.41
CA ALA DB 50 24.36 -62.81 163.80
C ALA DB 50 24.51 -61.53 164.60
N LYS DB 51 25.15 -60.51 164.02
CA LYS DB 51 25.38 -59.27 164.75
C LYS DB 51 24.06 -58.64 165.17
N ALA DB 52 23.07 -58.62 164.28
CA ALA DB 52 21.78 -58.04 164.64
C ALA DB 52 21.10 -58.86 165.71
N LYS DB 53 21.24 -60.19 165.67
CA LYS DB 53 20.69 -61.02 166.73
C LYS DB 53 21.29 -60.61 168.08
N ARG DB 54 22.61 -60.53 168.14
CA ARG DB 54 23.25 -60.21 169.41
C ARG DB 54 23.08 -58.75 169.80
N ARG DB 55 22.64 -57.91 168.87
CA ARG DB 55 22.41 -56.50 169.19
C ARG DB 55 21.19 -56.34 170.09
N ASN DB 56 20.21 -57.22 169.93
CA ASN DB 56 18.90 -57.06 170.55
C ASN DB 56 18.46 -58.38 171.19
N THR DB 57 19.40 -59.28 171.45
CA THR DB 57 19.06 -60.48 172.19
C THR DB 57 19.02 -60.16 173.67
N THR DB 58 18.62 -61.15 174.47
CA THR DB 58 18.61 -60.96 175.90
C THR DB 58 20.03 -60.90 176.43
N GLY DB 59 20.19 -60.36 177.62
CA GLY DB 59 21.49 -60.08 178.17
C GLY DB 59 22.00 -58.70 177.81
N THR DB 60 21.47 -58.08 176.76
CA THR DB 60 21.82 -56.73 176.39
C THR DB 60 20.93 -55.69 177.04
N GLY DB 61 19.89 -56.11 177.74
CA GLY DB 61 18.88 -55.22 178.27
C GLY DB 61 19.13 -54.86 179.72
N ARG DB 62 18.04 -54.63 180.45
CA ARG DB 62 18.12 -54.18 181.82
C ARG DB 62 18.05 -55.31 182.83
N MET DB 63 17.44 -56.44 182.47
CA MET DB 63 17.32 -57.61 183.34
C MET DB 63 16.41 -57.34 184.54
N ARG DB 64 15.20 -56.86 184.26
CA ARG DB 64 14.30 -56.51 185.36
C ARG DB 64 13.95 -57.73 186.20
N HIS DB 65 13.18 -58.65 185.64
CA HIS DB 65 12.75 -59.83 186.38
C HIS DB 65 13.79 -60.92 186.34
N LEU DB 66 14.53 -61.00 185.25
CA LEU DB 66 15.29 -62.21 185.00
C LEU DB 66 16.51 -62.27 185.91
N LYS DB 67 17.23 -61.16 186.06
CA LYS DB 67 18.40 -61.14 186.94
C LYS DB 67 18.05 -61.53 188.36
N ILE DB 68 16.78 -61.44 188.75
CA ILE DB 68 16.37 -61.85 190.09
C ILE DB 68 16.13 -63.34 190.16
N VAL DB 69 15.58 -63.96 189.12
CA VAL DB 69 15.47 -65.41 189.18
C VAL DB 69 16.86 -66.04 189.14
N TYR DB 70 17.82 -65.37 188.47
CA TYR DB 70 19.20 -65.85 188.57
C TYR DB 70 19.65 -65.88 190.03
N ARG DB 71 19.42 -64.78 190.74
CA ARG DB 71 19.95 -64.68 192.10
C ARG DB 71 19.19 -65.60 193.05
N ARG DB 72 17.90 -65.79 192.83
CA ARG DB 72 17.12 -66.66 193.71
C ARG DB 72 17.37 -68.13 193.46
N PHE DB 73 17.63 -68.52 192.20
CA PHE DB 73 17.94 -69.93 191.94
C PHE DB 73 19.13 -70.38 192.73
N ARG DB 74 20.03 -69.46 193.07
CA ARG DB 74 21.13 -69.79 193.97
C ARG DB 74 20.62 -70.32 195.29
N HIS DB 75 19.42 -69.95 195.70
CA HIS DB 75 18.82 -70.43 196.93
C HIS DB 75 17.63 -71.35 196.67
N GLY DB 76 17.52 -71.91 195.47
CA GLY DB 76 16.41 -72.78 195.15
C GLY DB 76 15.06 -72.12 195.17
N PHE DB 77 15.01 -70.81 194.87
CA PHE DB 77 13.74 -70.08 194.78
C PHE DB 77 12.96 -70.13 196.08
N ARG DB 78 13.67 -70.21 197.20
CA ARG DB 78 12.99 -70.19 198.49
C ARG DB 78 12.21 -68.90 198.63
N GLU DB 79 10.95 -69.01 199.03
CA GLU DB 79 10.09 -67.84 199.04
C GLU DB 79 9.10 -67.94 200.19
N GLY DB 80 8.53 -66.80 200.56
CA GLY DB 80 7.52 -66.75 201.60
C GLY DB 80 8.05 -67.06 202.98
N THR DB 81 9.34 -66.85 203.21
CA THR DB 81 9.95 -67.13 204.50
C THR DB 81 10.62 -65.88 205.04
N THR DB 82 10.97 -65.94 206.31
CA THR DB 82 11.59 -64.85 207.04
C THR DB 82 13.03 -65.23 207.40
N PRO DB 83 13.95 -64.28 207.41
CA PRO DB 83 15.35 -64.60 207.71
C PRO DB 83 15.64 -64.78 209.19
N LYS DB 84 14.62 -64.99 210.01
CA LYS DB 84 14.78 -65.34 211.43
C LYS DB 84 15.54 -64.26 212.21
N PRO DB 85 14.88 -63.17 212.56
CA PRO DB 85 15.59 -62.06 213.19
C PRO DB 85 16.03 -62.39 214.60
N LYS DB 86 16.77 -61.47 215.19
CA LYS DB 86 17.24 -61.59 216.55
C LYS DB 86 16.07 -61.73 217.52
N PRO EB 1 -25.73 -7.55 173.55
CA PRO EB 1 -26.11 -6.27 174.16
C PRO EB 1 -27.40 -5.72 173.59
N ARG EB 2 -28.53 -5.97 174.26
CA ARG EB 2 -29.83 -5.54 173.75
C ARG EB 2 -30.09 -4.09 174.16
N LYS EB 3 -31.03 -3.48 173.45
CA LYS EB 3 -31.39 -2.10 173.67
C LYS EB 3 -32.76 -2.03 174.32
N ILE EB 4 -32.87 -1.20 175.35
CA ILE EB 4 -34.11 -1.02 176.08
C ILE EB 4 -34.74 0.30 175.64
N GLU EB 5 -35.97 0.22 175.14
CA GLU EB 5 -36.63 1.39 174.57
C GLU EB 5 -37.47 2.14 175.61
N GLU EB 6 -38.44 1.48 176.19
CA GLU EB 6 -39.34 2.11 177.14
C GLU EB 6 -38.72 2.04 178.54
N ILE EB 7 -39.46 2.49 179.54
CA ILE EB 7 -38.90 2.67 180.88
C ILE EB 7 -39.26 1.50 181.80
N LYS EB 8 -40.54 1.12 181.85
CA LYS EB 8 -40.99 0.09 182.78
C LYS EB 8 -40.22 -1.21 182.61
N ASP EB 9 -39.94 -1.61 181.38
CA ASP EB 9 -39.13 -2.80 181.15
C ASP EB 9 -37.74 -2.66 181.76
N PHE EB 10 -37.10 -1.50 181.58
CA PHE EB 10 -35.79 -1.30 182.17
C PHE EB 10 -35.87 -1.36 183.69
N LEU EB 11 -36.98 -0.87 184.25
CA LEU EB 11 -37.14 -0.94 185.69
C LEU EB 11 -37.28 -2.37 186.17
N LEU EB 12 -38.16 -3.15 185.53
CA LEU EB 12 -38.34 -4.53 185.96
C LEU EB 12 -37.06 -5.33 185.80
N THR EB 13 -36.27 -5.05 184.76
CA THR EB 13 -35.01 -5.76 184.62
C THR EB 13 -33.90 -5.19 185.48
N ALA EB 14 -34.09 -3.98 186.01
CA ALA EB 14 -33.12 -3.44 186.95
C ALA EB 14 -33.26 -4.11 188.30
N ARG EB 15 -34.49 -4.31 188.76
CA ARG EB 15 -34.78 -5.08 189.95
C ARG EB 15 -34.47 -6.57 189.78
N ARG EB 16 -34.26 -7.00 188.54
CA ARG EB 16 -34.07 -8.42 188.25
C ARG EB 16 -32.85 -8.96 188.99
N LYS EB 17 -33.02 -10.17 189.55
CA LYS EB 17 -32.06 -10.69 190.53
C LYS EB 17 -30.65 -10.72 189.98
N ASP EB 18 -30.49 -10.94 188.68
CA ASP EB 18 -29.18 -11.10 188.07
C ASP EB 18 -28.54 -9.77 187.70
N ALA EB 19 -29.10 -8.65 188.13
CA ALA EB 19 -28.54 -7.35 187.81
C ALA EB 19 -27.29 -7.14 188.66
N LYS EB 20 -26.11 -7.23 188.02
CA LYS EB 20 -24.87 -7.05 188.76
C LYS EB 20 -24.55 -5.58 188.97
N SER EB 21 -24.84 -4.73 188.00
CA SER EB 21 -24.46 -3.34 188.08
C SER EB 21 -25.17 -2.55 187.00
N VAL EB 22 -25.29 -1.24 187.23
CA VAL EB 22 -25.77 -0.30 186.22
C VAL EB 22 -24.72 0.78 186.02
N LYS EB 23 -24.57 1.20 184.77
CA LYS EB 23 -23.58 2.20 184.40
C LYS EB 23 -24.30 3.43 183.86
N ILE EB 24 -23.80 4.61 184.22
CA ILE EB 24 -24.37 5.87 183.77
C ILE EB 24 -23.41 6.52 182.79
N LYS EB 25 -23.87 6.79 181.58
CA LYS EB 25 -23.07 7.46 180.57
C LYS EB 25 -23.86 8.67 180.10
N LYS EB 26 -23.20 9.83 180.10
CA LYS EB 26 -23.83 11.10 179.77
C LYS EB 26 -23.10 11.73 178.59
N ASN EB 27 -23.72 11.68 177.42
CA ASN EB 27 -23.13 12.22 176.21
C ASN EB 27 -23.63 13.64 175.99
N LYS EB 28 -23.10 14.28 174.95
CA LYS EB 28 -23.45 15.66 174.67
C LYS EB 28 -24.86 15.80 174.11
N ASP EB 29 -25.46 14.70 173.69
CA ASP EB 29 -26.82 14.70 173.16
C ASP EB 29 -27.75 13.75 173.87
N ASN EB 30 -27.22 12.68 174.47
CA ASN EB 30 -28.04 11.66 175.10
C ASN EB 30 -27.46 11.27 176.45
N VAL EB 31 -28.19 10.41 177.15
CA VAL EB 31 -27.74 9.77 178.37
C VAL EB 31 -28.08 8.28 178.27
N LYS EB 32 -27.10 7.43 178.55
CA LYS EB 32 -27.27 5.99 178.41
C LYS EB 32 -27.23 5.31 179.78
N PHE EB 33 -28.09 4.31 179.95
CA PHE EB 33 -28.13 3.48 181.15
C PHE EB 33 -27.79 2.06 180.76
N LYS EB 34 -26.66 1.56 181.26
CA LYS EB 34 -26.21 0.20 180.95
C LYS EB 34 -26.30 -0.64 182.22
N VAL EB 35 -27.15 -1.65 182.20
CA VAL EB 35 -27.30 -2.59 183.30
C VAL EB 35 -26.80 -3.95 182.86
N ARG EB 36 -25.95 -4.57 183.67
CA ARG EB 36 -25.36 -5.86 183.34
C ARG EB 36 -26.23 -6.98 183.90
N CYS EB 37 -26.67 -7.87 183.04
CA CYS EB 37 -27.29 -9.11 183.47
C CYS EB 37 -26.37 -10.27 183.08
N SER EB 38 -26.85 -11.49 183.33
CA SER EB 38 -26.01 -12.65 183.13
C SER EB 38 -25.63 -12.82 181.66
N ARG EB 39 -26.60 -12.72 180.77
CA ARG EB 39 -26.35 -13.06 179.37
C ARG EB 39 -26.26 -11.83 178.46
N TYR EB 40 -27.09 -10.82 178.68
CA TYR EB 40 -27.01 -9.57 177.93
C TYR EB 40 -26.63 -8.41 178.83
N LEU EB 41 -26.01 -7.41 178.25
CA LEU EB 41 -25.88 -6.10 178.86
C LEU EB 41 -26.93 -5.19 178.23
N TYR EB 42 -27.83 -4.67 179.05
CA TYR EB 42 -28.99 -3.93 178.58
C TYR EB 42 -28.70 -2.44 178.68
N THR EB 43 -28.74 -1.76 177.54
CA THR EB 43 -28.51 -0.33 177.46
C THR EB 43 -29.84 0.40 177.31
N LEU EB 44 -29.99 1.51 178.02
CA LEU EB 44 -31.18 2.33 177.93
C LEU EB 44 -30.76 3.77 177.64
N VAL EB 45 -31.22 4.31 176.52
CA VAL EB 45 -30.87 5.65 176.07
C VAL EB 45 -32.09 6.55 176.23
N ILE EB 46 -31.84 7.81 176.58
CA ILE EB 46 -32.89 8.79 176.76
C ILE EB 46 -32.40 10.16 176.34
N THR EB 47 -33.28 10.91 175.68
CA THR EB 47 -32.89 12.12 174.96
C THR EB 47 -32.55 13.29 175.87
N ASP EB 48 -33.27 13.44 176.99
CA ASP EB 48 -33.16 14.65 177.79
C ASP EB 48 -33.04 14.27 179.26
N LYS EB 49 -32.41 15.16 180.02
CA LYS EB 49 -31.89 14.81 181.33
C LYS EB 49 -32.91 14.88 182.47
N GLU EB 50 -34.05 15.54 182.28
CA GLU EB 50 -34.99 15.63 183.41
C GLU EB 50 -35.51 14.25 183.77
N LYS EB 51 -35.95 13.48 182.79
CA LYS EB 51 -36.38 12.12 183.05
C LYS EB 51 -35.21 11.25 183.45
N ALA EB 52 -34.01 11.55 182.95
CA ALA EB 52 -32.81 10.83 183.40
C ALA EB 52 -32.64 10.98 184.90
N GLU EB 53 -32.79 12.21 185.40
CA GLU EB 53 -32.72 12.45 186.83
C GLU EB 53 -33.81 11.67 187.56
N LYS EB 54 -35.03 11.70 187.02
CA LYS EB 54 -36.12 10.98 187.67
C LYS EB 54 -35.84 9.48 187.74
N LEU EB 55 -35.23 8.89 186.71
CA LEU EB 55 -34.88 7.48 186.78
C LEU EB 55 -33.79 7.22 187.82
N LYS EB 56 -32.72 8.02 187.81
CA LYS EB 56 -31.68 7.82 188.81
C LYS EB 56 -32.26 7.88 190.22
N GLN EB 57 -33.22 8.78 190.44
CA GLN EB 57 -33.89 8.79 191.74
C GLN EB 57 -34.69 7.50 191.95
N SER EB 58 -35.45 7.10 190.94
CA SER EB 58 -36.31 5.92 191.03
C SER EB 58 -35.56 4.63 190.74
N LEU EB 59 -34.23 4.67 190.75
CA LEU EB 59 -33.47 3.45 190.60
C LEU EB 59 -33.55 2.61 191.86
N PRO EB 60 -33.78 1.32 191.75
CA PRO EB 60 -33.94 0.47 192.93
C PRO EB 60 -32.62 0.25 193.64
N PRO EB 61 -32.60 0.37 194.96
CA PRO EB 61 -31.33 0.30 195.70
C PRO EB 61 -30.75 -1.10 195.75
N GLY EB 62 -29.68 -1.25 196.50
CA GLY EB 62 -29.01 -2.54 196.63
C GLY EB 62 -28.37 -3.03 195.35
N LEU EB 63 -27.68 -2.15 194.63
CA LEU EB 63 -27.13 -2.50 193.34
C LEU EB 63 -26.06 -1.48 192.98
N ALA EB 64 -25.08 -1.92 192.20
CA ALA EB 64 -23.95 -1.06 191.85
C ALA EB 64 -24.37 -0.01 190.82
N VAL EB 65 -24.23 1.26 191.18
CA VAL EB 65 -24.72 2.35 190.35
C VAL EB 65 -23.58 3.16 189.76
N LYS EB 66 -22.44 2.51 189.54
CA LYS EB 66 -21.25 3.22 189.07
C LYS EB 66 -21.53 4.01 187.80
N GLU EB 67 -20.95 5.21 187.73
CA GLU EB 67 -21.04 6.10 186.59
C GLU EB 67 -19.68 6.18 185.90
N LEU EB 68 -19.67 6.72 184.70
CA LEU EB 68 -18.45 6.68 183.89
C LEU EB 68 -17.60 7.93 184.02
N LYS EB 69 -18.21 9.09 184.23
CA LYS EB 69 -17.44 10.31 184.42
C LYS EB 69 -17.37 10.67 185.90
N SER FB 1 8.35 -28.33 162.73
CA SER FB 1 6.90 -28.30 162.70
C SER FB 1 6.33 -27.98 164.07
N SER FB 2 5.46 -26.97 164.13
CA SER FB 2 4.78 -26.67 165.38
C SER FB 2 3.78 -27.76 165.75
N HIS FB 3 3.07 -28.31 164.78
CA HIS FB 3 2.20 -29.45 165.04
C HIS FB 3 3.06 -30.66 165.37
N LYS FB 4 2.96 -31.15 166.60
CA LYS FB 4 3.70 -32.35 166.96
C LYS FB 4 2.90 -33.14 167.99
N THR FB 5 3.08 -34.45 167.97
CA THR FB 5 2.37 -35.33 168.89
C THR FB 5 3.19 -35.54 170.15
N PHE FB 6 2.53 -36.13 171.16
CA PHE FB 6 3.08 -36.11 172.50
C PHE FB 6 4.37 -36.92 172.61
N ARG FB 7 4.43 -38.09 171.97
CA ARG FB 7 5.61 -38.93 172.13
C ARG FB 7 6.84 -38.25 171.57
N ILE FB 8 6.71 -37.62 170.40
CA ILE FB 8 7.86 -36.97 169.81
C ILE FB 8 8.24 -35.72 170.59
N LYS FB 9 7.25 -35.02 171.16
CA LYS FB 9 7.59 -33.89 172.02
C LYS FB 9 8.36 -34.35 173.24
N ARG FB 10 7.93 -35.46 173.85
CA ARG FB 10 8.63 -35.99 175.01
C ARG FB 10 10.04 -36.43 174.66
N PHE FB 11 10.21 -37.04 173.49
CA PHE FB 11 11.54 -37.42 173.04
C PHE FB 11 12.42 -36.21 172.86
N LEU FB 12 11.89 -35.18 172.19
CA LEU FB 12 12.64 -33.93 172.03
C LEU FB 12 12.98 -33.34 173.38
N ALA FB 13 12.06 -33.45 174.33
CA ALA FB 13 12.31 -32.95 175.67
C ALA FB 13 13.48 -33.66 176.31
N LYS FB 14 13.49 -35.00 176.25
CA LYS FB 14 14.60 -35.73 176.84
C LYS FB 14 15.90 -35.37 176.17
N LYS FB 15 15.91 -35.31 174.84
CA LYS FB 15 17.16 -35.01 174.14
C LYS FB 15 17.67 -33.62 174.49
N GLN FB 16 16.77 -32.63 174.52
CA GLN FB 16 17.18 -31.29 174.88
C GLN FB 16 17.68 -31.24 176.32
N LYS FB 17 17.08 -32.05 177.20
CA LYS FB 17 17.54 -32.10 178.58
C LYS FB 17 18.92 -32.74 178.68
N GLN FB 18 19.18 -33.75 177.84
CA GLN FB 18 20.42 -34.52 177.91
C GLN FB 18 21.61 -33.77 177.36
N ASN FB 19 21.40 -32.89 176.38
CA ASN FB 19 22.49 -32.18 175.72
C ASN FB 19 22.87 -30.97 176.56
N ARG FB 20 23.70 -31.22 177.56
CA ARG FB 20 24.09 -30.19 178.51
C ARG FB 20 25.55 -30.39 178.88
N PRO FB 21 26.29 -29.30 179.10
CA PRO FB 21 27.70 -29.44 179.46
C PRO FB 21 27.87 -30.17 180.78
N ILE FB 22 29.02 -30.81 180.92
CA ILE FB 22 29.33 -31.58 182.13
C ILE FB 22 29.32 -30.67 183.34
N PRO FB 23 28.82 -31.13 184.48
CA PRO FB 23 29.05 -30.38 185.72
C PRO FB 23 30.52 -30.34 186.07
N GLN FB 24 30.94 -29.22 186.63
CA GLN FB 24 32.38 -28.99 186.81
C GLN FB 24 32.95 -29.86 187.91
N TRP FB 25 32.17 -30.12 188.96
CA TRP FB 25 32.72 -30.87 190.09
C TRP FB 25 32.96 -32.33 189.78
N ILE FB 26 32.39 -32.86 188.69
CA ILE FB 26 32.70 -34.24 188.31
C ILE FB 26 34.17 -34.37 187.96
N ARG FB 27 34.71 -33.38 187.25
CA ARG FB 27 36.10 -33.45 186.80
C ARG FB 27 37.04 -33.78 187.93
N MET FB 28 36.85 -33.16 189.07
CA MET FB 28 37.79 -33.35 190.14
C MET FB 28 37.55 -34.67 190.87
N LYS FB 29 36.36 -35.25 190.75
CA LYS FB 29 36.06 -36.49 191.48
C LYS FB 29 37.15 -37.54 191.22
N THR FB 30 37.51 -38.27 192.28
CA THR FB 30 38.59 -39.24 192.19
C THR FB 30 38.30 -40.29 191.13
N GLY FB 31 39.31 -40.59 190.31
CA GLY FB 31 39.14 -41.54 189.23
C GLY FB 31 38.12 -41.10 188.21
N ASN FB 32 38.13 -39.83 187.84
CA ASN FB 32 37.10 -39.30 186.95
C ASN FB 32 37.24 -39.87 185.55
N LYS FB 33 38.42 -39.72 184.94
CA LYS FB 33 38.66 -40.13 183.55
C LYS FB 33 37.60 -39.57 182.61
N ILE FB 34 36.96 -38.47 183.01
CA ILE FB 34 35.90 -37.84 182.24
C ILE FB 34 36.33 -36.41 181.96
N ARG FB 35 36.35 -36.02 180.69
CA ARG FB 35 36.82 -34.71 180.29
C ARG FB 35 35.70 -33.79 179.82
N TYR FB 36 34.72 -34.33 179.10
CA TYR FB 36 33.58 -33.56 178.65
C TYR FB 36 32.50 -34.53 178.22
N ASN FB 37 31.30 -34.00 178.07
CA ASN FB 37 30.19 -34.82 177.56
C ASN FB 37 30.49 -35.12 176.09
N SER FB 38 30.93 -36.34 175.80
CA SER FB 38 31.26 -36.67 174.42
C SER FB 38 30.02 -36.86 173.56
N LYS FB 39 28.82 -36.88 174.16
CA LYS FB 39 27.58 -37.07 173.43
C LYS FB 39 26.83 -35.76 173.20
N ARG FB 40 27.55 -34.66 172.99
CA ARG FB 40 26.91 -33.39 172.71
C ARG FB 40 26.59 -33.25 171.23
N ARG FB 41 25.31 -33.33 170.89
CA ARG FB 41 24.85 -33.18 169.52
C ARG FB 41 24.40 -31.74 169.32
N HIS FB 42 24.73 -31.18 168.16
CA HIS FB 42 24.32 -29.83 167.82
C HIS FB 42 23.23 -29.87 166.76
N TRP FB 43 22.22 -29.02 166.93
CA TRP FB 43 21.06 -29.04 166.05
C TRP FB 43 21.44 -28.80 164.60
N ARG FB 44 22.25 -27.77 164.35
CA ARG FB 44 22.65 -27.48 162.99
C ARG FB 44 23.70 -28.45 162.46
N ARG FB 45 24.47 -29.07 163.35
CA ARG FB 45 25.57 -29.92 162.90
C ARG FB 45 25.06 -31.29 162.47
N THR FB 46 24.43 -32.02 163.37
CA THR FB 46 23.85 -33.32 163.07
C THR FB 46 22.45 -33.38 163.65
N LYS FB 47 21.59 -34.15 163.00
CA LYS FB 47 20.18 -34.19 163.36
C LYS FB 47 19.88 -35.43 164.19
N LEU FB 48 18.72 -35.39 164.84
CA LEU FB 48 18.24 -36.56 165.56
C LEU FB 48 17.90 -37.68 164.59
N GLY FB 49 17.82 -38.90 165.13
CA GLY FB 49 17.53 -40.05 164.30
C GLY FB 49 16.21 -39.89 163.56
N LEU FB 50 15.17 -39.51 164.28
CA LEU FB 50 13.88 -39.28 163.65
C LEU FB 50 13.95 -37.97 162.89
N ILE GB 1 76.27 -8.44 56.56
CA ILE GB 1 77.20 -7.59 55.84
C ILE GB 1 78.58 -7.67 56.48
N ILE GB 2 78.66 -8.30 57.64
CA ILE GB 2 79.95 -8.46 58.31
C ILE GB 2 80.87 -9.27 57.42
N GLU GB 3 82.11 -8.81 57.31
CA GLU GB 3 82.99 -9.34 56.28
C GLU GB 3 83.35 -10.78 56.61
N PRO GB 4 83.44 -11.67 55.62
CA PRO GB 4 83.55 -13.11 55.91
C PRO GB 4 84.77 -13.51 56.74
N SER GB 5 85.95 -12.91 56.53
CA SER GB 5 87.10 -13.26 57.36
C SER GB 5 86.90 -12.77 58.79
N LEU GB 6 86.32 -11.60 58.97
CA LEU GB 6 85.96 -11.19 60.33
C LEU GB 6 84.93 -12.15 60.90
N ARG GB 7 84.01 -12.62 60.07
CA ARG GB 7 83.04 -13.61 60.51
C ARG GB 7 83.75 -14.87 60.99
N GLN GB 8 84.74 -15.34 60.24
CA GLN GB 8 85.45 -16.55 60.65
C GLN GB 8 86.24 -16.30 61.91
N LEU GB 9 86.80 -15.10 62.08
CA LEU GB 9 87.51 -14.82 63.32
C LEU GB 9 86.56 -14.88 64.49
N ALA GB 10 85.38 -14.27 64.36
CA ALA GB 10 84.43 -14.32 65.45
C ALA GB 10 83.96 -15.74 65.71
N GLN GB 11 83.71 -16.51 64.65
CA GLN GB 11 83.25 -17.88 64.81
C GLN GB 11 84.29 -18.74 65.49
N LYS GB 12 85.57 -18.46 65.26
CA LYS GB 12 86.63 -19.18 65.95
C LYS GB 12 86.47 -19.06 67.46
N TYR GB 13 85.92 -17.94 67.93
CA TYR GB 13 85.75 -17.71 69.36
C TYR GB 13 84.33 -17.96 69.85
N ASN GB 14 83.38 -18.11 68.94
CA ASN GB 14 82.02 -18.43 69.35
C ASN GB 14 81.55 -19.80 68.85
N CYS GB 15 81.54 -20.02 67.54
CA CYS GB 15 80.82 -21.14 66.98
C CYS GB 15 81.60 -22.45 67.02
N ASP GB 16 82.78 -22.48 66.41
CA ASP GB 16 83.49 -23.73 66.22
C ASP GB 16 84.07 -24.16 67.57
N LYS GB 17 83.28 -24.94 68.30
CA LYS GB 17 83.67 -25.44 69.60
C LYS GB 17 83.32 -26.92 69.68
N MET GB 18 83.59 -27.49 70.84
CA MET GB 18 83.28 -28.89 71.11
C MET GB 18 82.40 -28.95 72.35
N ILE GB 19 81.51 -29.93 72.41
CA ILE GB 19 80.47 -29.98 73.43
C ILE GB 19 80.51 -31.35 74.11
N CYS GB 20 80.40 -31.36 75.44
CA CYS GB 20 80.29 -32.60 76.20
C CYS GB 20 78.85 -33.08 76.20
N ARG GB 21 78.63 -34.33 75.81
CA ARG GB 21 77.28 -34.87 75.76
C ARG GB 21 76.65 -35.01 77.14
N LYS GB 22 77.44 -34.92 78.20
CA LYS GB 22 76.93 -35.10 79.55
C LYS GB 22 76.76 -33.78 80.28
N CYS GB 23 77.76 -32.92 80.24
CA CYS GB 23 77.74 -31.71 81.05
C CYS GB 23 77.63 -30.45 80.22
N TYR GB 24 77.41 -30.58 78.91
CA TYR GB 24 77.15 -29.43 78.04
C TYR GB 24 78.26 -28.38 78.10
N ALA GB 25 79.48 -28.82 78.39
CA ALA GB 25 80.57 -27.87 78.49
C ALA GB 25 81.01 -27.40 77.11
N ARG GB 26 81.71 -26.27 77.08
CA ARG GB 26 82.25 -25.72 75.85
C ARG GB 26 83.74 -26.03 75.77
N LEU GB 27 84.12 -26.79 74.74
CA LEU GB 27 85.49 -27.24 74.59
C LEU GB 27 86.00 -26.86 73.21
N HIS GB 28 87.33 -26.78 73.09
CA HIS GB 28 87.95 -26.47 71.83
C HIS GB 28 87.73 -27.62 70.83
N PRO GB 29 87.77 -27.32 69.53
CA PRO GB 29 87.51 -28.36 68.52
C PRO GB 29 88.49 -29.52 68.59
N ARG GB 30 89.68 -29.33 69.13
CA ARG GB 30 90.66 -30.40 69.21
C ARG GB 30 90.51 -31.25 70.46
N ALA GB 31 89.50 -30.97 71.29
CA ALA GB 31 89.36 -31.68 72.55
C ALA GB 31 88.97 -33.13 72.32
N VAL GB 32 89.27 -33.96 73.32
CA VAL GB 32 88.94 -35.38 73.31
C VAL GB 32 88.10 -35.76 74.53
N ASN GB 33 88.56 -35.39 75.71
CA ASN GB 33 87.85 -35.63 76.95
C ASN GB 33 87.58 -34.32 77.66
N CYS GB 34 86.40 -34.22 78.27
CA CYS GB 34 85.98 -32.98 78.89
C CYS GB 34 86.92 -32.61 80.04
N ARG GB 35 86.91 -31.32 80.39
CA ARG GB 35 87.82 -30.78 81.38
C ARG GB 35 87.20 -30.62 82.75
N LYS GB 36 86.02 -31.17 82.99
CA LYS GB 36 85.30 -30.95 84.23
C LYS GB 36 85.08 -32.27 84.95
N LYS GB 37 85.29 -32.27 86.26
CA LYS GB 37 85.16 -33.49 87.04
C LYS GB 37 83.70 -33.91 87.16
N LYS GB 38 82.77 -32.97 86.99
CA LYS GB 38 81.36 -33.30 87.14
C LYS GB 38 80.91 -34.34 86.11
N CYS GB 39 81.39 -34.22 84.88
CA CYS GB 39 81.06 -35.17 83.83
C CYS GB 39 82.01 -36.35 83.81
N GLY GB 40 83.04 -36.35 84.66
CA GLY GB 40 83.98 -37.43 84.68
C GLY GB 40 84.92 -37.47 83.49
N HIS GB 41 85.11 -36.34 82.81
CA HIS GB 41 86.01 -36.25 81.66
C HIS GB 41 85.65 -37.28 80.60
N THR GB 42 84.35 -37.41 80.34
CA THR GB 42 83.89 -38.37 79.34
C THR GB 42 84.45 -38.03 77.97
N ASN GB 43 84.43 -39.04 77.10
CA ASN GB 43 84.73 -38.84 75.69
C ASN GB 43 83.47 -38.79 74.85
N ASN GB 44 82.29 -38.75 75.48
CA ASN GB 44 81.05 -38.50 74.75
C ASN GB 44 81.02 -37.03 74.38
N LEU GB 45 81.50 -36.70 73.19
CA LEU GB 45 81.54 -35.32 72.74
C LEU GB 45 80.81 -35.21 71.41
N ARG GB 46 80.16 -34.06 71.20
CA ARG GB 46 79.46 -33.76 69.97
C ARG GB 46 79.88 -32.37 69.52
N PRO GB 47 80.11 -32.17 68.23
CA PRO GB 47 80.51 -30.84 67.77
C PRO GB 47 79.41 -29.83 67.99
N LYS GB 48 79.81 -28.58 68.12
CA LYS GB 48 78.83 -27.49 68.22
C LYS GB 48 77.94 -27.47 66.99
N LYS GB 49 76.64 -27.34 67.21
CA LYS GB 49 75.70 -27.31 66.10
C LYS GB 49 75.79 -25.95 65.41
N LYS GB 50 75.97 -25.97 64.09
CA LYS GB 50 76.05 -24.74 63.32
C LYS GB 50 74.64 -24.23 63.06
N VAL GB 51 74.50 -23.13 62.33
CA VAL GB 51 73.21 -22.51 62.11
C VAL GB 51 72.73 -22.73 60.69
N LYS GB 52 73.18 -23.82 60.06
CA LYS GB 52 72.72 -24.14 58.71
C LYS GB 52 71.24 -24.53 58.73
N MET HB 1 -15.28 -46.97 66.32
CA MET HB 1 -15.27 -47.52 67.66
C MET HB 1 -16.61 -47.15 68.30
N ARG HB 2 -17.22 -48.11 68.99
CA ARG HB 2 -18.41 -47.84 69.78
C ARG HB 2 -18.22 -46.65 70.70
N ALA HB 3 -19.23 -45.77 70.72
CA ALA HB 3 -19.07 -44.45 71.31
C ALA HB 3 -18.79 -44.53 72.81
N LYS HB 4 -19.52 -45.38 73.53
CA LYS HB 4 -19.38 -45.33 74.98
C LYS HB 4 -18.02 -45.83 75.44
N TRP HB 5 -17.44 -46.81 74.76
CA TRP HB 5 -16.14 -47.29 75.19
C TRP HB 5 -15.05 -46.27 74.91
N ARG HB 6 -15.07 -45.62 73.74
CA ARG HB 6 -14.08 -44.59 73.51
C ARG HB 6 -14.31 -43.41 74.45
N LYS HB 7 -15.57 -43.15 74.79
CA LYS HB 7 -15.88 -42.10 75.75
C LYS HB 7 -15.25 -42.41 77.11
N LYS HB 8 -15.42 -43.64 77.58
CA LYS HB 8 -14.81 -44.02 78.85
C LYS HB 8 -13.28 -43.99 78.76
N ARG HB 9 -12.74 -44.45 77.64
CA ARG HB 9 -11.29 -44.46 77.47
C ARG HB 9 -10.71 -43.07 77.54
N MET HB 10 -11.31 -42.13 76.81
CA MET HB 10 -10.86 -40.76 76.87
C MET HB 10 -11.09 -40.14 78.23
N ARG HB 11 -12.14 -40.53 78.94
CA ARG HB 11 -12.33 -40.06 80.31
C ARG HB 11 -11.14 -40.46 81.18
N ARG HB 12 -10.72 -41.72 81.06
CA ARG HB 12 -9.54 -42.16 81.78
C ARG HB 12 -8.30 -41.37 81.36
N LEU HB 13 -8.16 -41.11 80.06
CA LEU HB 13 -7.01 -40.35 79.59
C LEU HB 13 -6.98 -38.95 80.18
N LYS HB 14 -8.14 -38.30 80.23
CA LYS HB 14 -8.25 -36.98 80.83
C LYS HB 14 -7.87 -37.02 82.30
N ARG HB 15 -8.37 -38.02 83.03
CA ARG HB 15 -7.96 -38.17 84.42
C ARG HB 15 -6.45 -38.30 84.55
N LYS HB 16 -5.86 -39.18 83.74
CA LYS HB 16 -4.41 -39.40 83.82
C LYS HB 16 -3.66 -38.11 83.61
N ARG HB 17 -3.97 -37.38 82.53
CA ARG HB 17 -3.17 -36.18 82.27
C ARG HB 17 -3.46 -35.10 83.29
N ARG HB 18 -4.65 -35.09 83.88
CA ARG HB 18 -4.90 -34.21 85.01
C ARG HB 18 -3.95 -34.53 86.15
N LYS HB 19 -3.64 -35.81 86.34
CA LYS HB 19 -2.75 -36.18 87.45
C LYS HB 19 -1.38 -35.52 87.31
N MET HB 20 -0.73 -35.68 86.16
CA MET HB 20 0.58 -35.05 86.05
C MET HB 20 0.50 -33.55 85.84
N ARG HB 21 -0.62 -33.01 85.33
CA ARG HB 21 -0.77 -31.57 85.33
C ARG HB 21 -0.74 -31.01 86.75
N GLN HB 22 -1.43 -31.69 87.67
CA GLN HB 22 -1.34 -31.31 89.07
C GLN HB 22 0.08 -31.53 89.60
N ARG HB 23 0.71 -32.64 89.21
CA ARG HB 23 2.05 -32.93 89.71
C ARG HB 23 3.03 -31.82 89.33
N SER HB 24 2.86 -31.24 88.14
CA SER HB 24 3.75 -30.19 87.66
C SER HB 24 3.46 -28.84 88.31
N VAL IB 1 31.00 -107.17 99.37
CA VAL IB 1 31.72 -108.36 98.94
C VAL IB 1 30.76 -109.54 98.80
N ASN IB 2 31.29 -110.65 98.28
CA ASN IB 2 30.53 -111.88 98.13
C ASN IB 2 31.21 -112.99 98.93
N VAL IB 3 30.42 -113.72 99.71
CA VAL IB 3 30.93 -114.84 100.49
C VAL IB 3 29.95 -116.01 100.42
N PRO IB 4 30.47 -117.21 100.23
CA PRO IB 4 29.58 -118.37 100.11
C PRO IB 4 28.76 -118.61 101.36
N LYS IB 5 27.55 -119.13 101.16
CA LYS IB 5 26.66 -119.43 102.26
C LYS IB 5 27.18 -120.52 103.18
N THR IB 6 28.04 -121.40 102.68
CA THR IB 6 28.61 -122.45 103.50
C THR IB 6 30.11 -122.54 103.23
N ARG IB 7 30.85 -122.97 104.24
CA ARG IB 7 32.28 -123.17 104.03
C ARG IB 7 32.82 -124.10 105.11
N ARG IB 8 33.80 -124.91 104.72
CA ARG IB 8 34.47 -125.80 105.67
C ARG IB 8 35.51 -125.02 106.46
N THR IB 9 35.48 -125.19 107.77
CA THR IB 9 36.40 -124.47 108.64
C THR IB 9 36.54 -125.23 109.95
N PHE IB 10 37.48 -124.77 110.77
CA PHE IB 10 37.73 -125.41 112.05
C PHE IB 10 36.62 -125.08 113.03
N CYS IB 11 36.13 -126.10 113.72
CA CYS IB 11 35.09 -125.94 114.72
C CYS IB 11 35.65 -126.36 116.08
N LYS IB 12 35.56 -125.45 117.06
CA LYS IB 12 36.19 -125.70 118.35
C LYS IB 12 35.57 -126.89 119.06
N LYS IB 13 34.25 -127.06 118.97
CA LYS IB 13 33.58 -128.12 119.72
C LYS IB 13 34.09 -129.49 119.30
N CYS IB 14 33.93 -129.84 118.03
CA CYS IB 14 34.40 -131.12 117.55
C CYS IB 14 35.90 -131.14 117.24
N GLY IB 15 36.55 -129.98 117.29
CA GLY IB 15 38.00 -129.92 117.22
C GLY IB 15 38.63 -130.36 115.92
N LYS IB 16 37.98 -130.13 114.80
CA LYS IB 16 38.59 -130.35 113.49
C LYS IB 16 37.97 -129.35 112.52
N HIS IB 17 38.18 -129.59 111.23
CA HIS IB 17 37.58 -128.75 110.21
C HIS IB 17 36.29 -129.41 109.74
N GLN IB 18 35.19 -128.68 109.85
CA GLN IB 18 33.86 -129.18 109.52
C GLN IB 18 33.16 -128.19 108.61
N PRO IB 19 32.18 -128.66 107.84
CA PRO IB 19 31.37 -127.71 107.07
C PRO IB 19 30.51 -126.87 108.00
N HIS IB 20 30.38 -125.60 107.66
CA HIS IB 20 29.65 -124.66 108.46
C HIS IB 20 28.70 -123.88 107.56
N LYS IB 21 27.53 -123.55 108.09
CA LYS IB 21 26.64 -122.62 107.42
C LYS IB 21 26.86 -121.22 108.00
N VAL IB 22 26.97 -120.24 107.12
CA VAL IB 22 27.21 -118.88 107.56
C VAL IB 22 25.92 -118.09 107.47
N THR IB 23 25.85 -117.03 108.24
CA THR IB 23 24.73 -116.09 108.16
C THR IB 23 25.20 -114.75 108.68
N GLN IB 24 24.71 -113.69 108.05
CA GLN IB 24 25.04 -112.34 108.47
C GLN IB 24 24.47 -112.11 109.87
N TYR IB 25 25.33 -111.73 110.80
CA TYR IB 25 24.90 -111.58 112.18
C TYR IB 25 24.05 -110.33 112.34
N LYS IB 26 22.95 -110.46 113.08
CA LYS IB 26 22.05 -109.35 113.37
C LYS IB 26 21.99 -109.16 114.88
N LYS IB 27 22.15 -107.92 115.31
CA LYS IB 27 22.20 -107.64 116.74
C LYS IB 27 20.82 -107.82 117.37
N GLY IB 28 20.78 -108.52 118.50
CA GLY IB 28 19.53 -108.78 119.17
C GLY IB 28 18.99 -107.56 119.90
N LYS IB 29 17.71 -107.68 120.28
CA LYS IB 29 17.05 -106.60 120.99
C LYS IB 29 17.53 -106.51 122.43
N ASP IB 30 17.61 -105.28 122.94
CA ASP IB 30 18.06 -105.07 124.31
C ASP IB 30 17.11 -105.72 125.31
N SER IB 31 17.68 -106.30 126.36
CA SER IB 31 16.87 -107.09 127.30
C SER IB 31 15.89 -106.23 128.08
N LEU IB 32 16.27 -105.00 128.41
CA LEU IB 32 15.46 -104.08 129.20
C LEU IB 32 15.34 -104.59 130.63
N TYR IB 33 16.05 -105.68 130.95
CA TYR IB 33 16.27 -106.08 132.33
C TYR IB 33 17.73 -106.32 132.62
N ALA IB 34 18.62 -106.13 131.65
CA ALA IB 34 20.04 -106.24 131.91
C ALA IB 34 20.48 -105.14 132.86
N GLN IB 35 21.65 -105.33 133.46
CA GLN IB 35 22.05 -104.45 134.56
C GLN IB 35 22.21 -103.01 134.10
N GLY IB 36 22.96 -102.78 133.02
CA GLY IB 36 23.23 -101.42 132.61
C GLY IB 36 21.98 -100.69 132.14
N LYS IB 37 21.17 -101.35 131.33
CA LYS IB 37 19.90 -100.75 130.93
C LYS IB 37 19.06 -100.40 132.14
N ARG IB 38 19.07 -101.27 133.14
CA ARG IB 38 18.24 -101.04 134.32
C ARG IB 38 18.76 -99.87 135.14
N ARG IB 39 20.08 -99.79 135.32
CA ARG IB 39 20.66 -98.63 135.96
C ARG IB 39 20.30 -97.37 135.20
N TYR IB 40 20.29 -97.45 133.87
CA TYR IB 40 19.92 -96.29 133.05
C TYR IB 40 18.48 -95.87 133.29
N ASP IB 41 17.57 -96.85 133.37
CA ASP IB 41 16.17 -96.50 133.66
C ASP IB 41 16.03 -95.86 135.02
N ARG IB 42 16.72 -96.42 136.03
CA ARG IB 42 16.63 -95.84 137.36
C ARG IB 42 17.18 -94.41 137.37
N LYS IB 43 18.30 -94.18 136.70
CA LYS IB 43 18.87 -92.84 136.66
C LYS IB 43 17.96 -91.86 135.94
N GLN IB 44 17.47 -92.23 134.76
CA GLN IB 44 16.59 -91.35 134.01
C GLN IB 44 15.27 -91.09 134.74
N SER IB 45 14.94 -91.89 135.74
CA SER IB 45 13.74 -91.66 136.52
C SER IB 45 13.86 -90.36 137.30
N GLY IB 46 12.71 -89.85 137.73
CA GLY IB 46 12.71 -88.60 138.45
C GLY IB 46 13.09 -87.45 137.53
N TYR IB 47 13.37 -86.32 138.16
CA TYR IB 47 13.71 -85.13 137.41
C TYR IB 47 15.20 -85.15 137.07
N GLY IB 48 15.68 -84.08 136.45
CA GLY IB 48 17.07 -83.96 136.05
C GLY IB 48 17.32 -84.08 134.56
N GLY IB 49 16.35 -84.56 133.79
CA GLY IB 49 16.57 -84.62 132.36
C GLY IB 49 17.53 -85.73 131.98
N GLN IB 50 18.06 -85.63 130.76
CA GLN IB 50 18.93 -86.66 130.23
C GLN IB 50 20.22 -86.72 131.03
N THR IB 51 20.46 -87.85 131.69
CA THR IB 51 21.59 -88.01 132.58
C THR IB 51 22.77 -88.73 131.95
N LYS IB 52 22.70 -89.04 130.67
CA LYS IB 52 23.77 -89.80 130.03
C LYS IB 52 24.06 -89.22 128.65
N PRO IB 53 25.27 -89.41 128.14
CA PRO IB 53 25.64 -88.81 126.86
C PRO IB 53 24.89 -89.43 125.71
N ILE IB 54 24.72 -88.64 124.65
CA ILE IB 54 24.12 -89.08 123.39
C ILE IB 54 25.15 -88.86 122.30
N PHE IB 55 25.50 -89.92 121.57
CA PHE IB 55 26.64 -89.85 120.66
C PHE IB 55 26.43 -88.82 119.57
N ARG IB 56 25.41 -89.02 118.73
CA ARG IB 56 25.01 -88.11 117.66
C ARG IB 56 26.17 -87.54 116.83
N LYS IB 57 27.20 -88.34 116.57
CA LYS IB 57 28.31 -87.88 115.73
C LYS IB 57 28.46 -88.71 114.45
N LYS IB 58 28.52 -90.03 114.54
CA LYS IB 58 28.51 -90.92 113.38
C LYS IB 58 29.62 -90.57 112.39
N ALA IB 59 30.86 -90.73 112.83
CA ALA IB 59 31.98 -90.50 111.94
C ALA IB 59 32.27 -91.70 111.06
N LYS IB 60 31.84 -92.90 111.44
CA LYS IB 60 31.99 -94.04 110.55
C LYS IB 60 30.91 -94.11 109.50
N THR IB 61 31.28 -94.69 108.37
CA THR IB 61 30.36 -94.86 107.27
C THR IB 61 29.68 -96.21 107.30
N THR IB 62 30.40 -97.27 107.65
CA THR IB 62 29.88 -98.63 107.60
C THR IB 62 30.21 -99.36 108.90
N LYS IB 63 29.96 -100.67 108.90
CA LYS IB 63 30.10 -101.50 110.08
C LYS IB 63 30.98 -102.69 109.75
N LYS IB 64 31.56 -103.29 110.78
CA LYS IB 64 32.29 -104.53 110.61
C LYS IB 64 31.31 -105.68 110.43
N ILE IB 65 31.38 -106.34 109.29
CA ILE IB 65 30.44 -107.40 108.95
C ILE IB 65 30.80 -108.66 109.75
N VAL IB 66 29.82 -109.21 110.46
CA VAL IB 66 30.03 -110.35 111.33
C VAL IB 66 29.26 -111.52 110.77
N LEU IB 67 29.94 -112.66 110.60
CA LEU IB 67 29.35 -113.85 110.01
C LEU IB 67 29.19 -114.89 111.11
N ARG IB 68 27.94 -115.19 111.45
CA ARG IB 68 27.66 -116.25 112.41
C ARG IB 68 27.73 -117.59 111.70
N LEU IB 69 28.63 -118.45 112.13
CA LEU IB 69 28.84 -119.75 111.51
C LEU IB 69 28.63 -120.87 112.51
N GLU IB 70 28.02 -121.96 112.05
CA GLU IB 70 27.65 -123.07 112.90
C GLU IB 70 27.96 -124.38 112.17
N CYS IB 71 28.45 -125.36 112.92
CA CYS IB 71 28.78 -126.65 112.32
C CYS IB 71 27.53 -127.44 112.00
N VAL IB 72 27.44 -127.92 110.76
CA VAL IB 72 26.26 -128.66 110.29
C VAL IB 72 26.13 -130.02 110.96
N GLU IB 73 27.21 -130.51 111.58
CA GLU IB 73 27.17 -131.82 112.22
C GLU IB 73 25.95 -131.95 113.13
N PRO IB 74 25.27 -133.08 113.09
CA PRO IB 74 23.99 -133.19 113.79
C PRO IB 74 24.14 -133.17 115.29
N ASN IB 75 25.22 -133.75 115.82
CA ASN IB 75 25.40 -133.79 117.26
C ASN IB 75 25.78 -132.42 117.81
N CYS IB 76 26.72 -131.74 117.17
CA CYS IB 76 27.21 -130.46 117.65
C CYS IB 76 26.75 -129.34 116.72
N ARG IB 77 26.07 -128.35 117.27
CA ARG IB 77 25.63 -127.19 116.52
C ARG IB 77 26.12 -125.92 117.19
N SER IB 78 27.39 -125.92 117.61
CA SER IB 78 27.97 -124.74 118.22
C SER IB 78 28.11 -123.63 117.19
N LYS IB 79 27.83 -122.41 117.60
CA LYS IB 79 27.86 -121.26 116.71
C LYS IB 79 28.99 -120.33 117.13
N ARG IB 80 29.95 -120.14 116.23
CA ARG IB 80 31.03 -119.19 116.40
C ARG IB 80 30.79 -118.02 115.45
N MET IB 81 31.39 -116.87 115.76
CA MET IB 81 31.30 -115.70 114.90
C MET IB 81 32.68 -115.22 114.48
N LEU IB 82 32.80 -114.84 113.21
CA LEU IB 82 34.02 -114.33 112.63
C LEU IB 82 33.73 -112.96 112.03
N ALA IB 83 34.72 -112.07 112.09
CA ALA IB 83 34.53 -110.71 111.64
C ALA IB 83 35.29 -110.44 110.36
N ILE IB 84 34.62 -109.76 109.43
CA ILE IB 84 35.22 -109.38 108.15
C ILE IB 84 35.47 -107.88 108.20
N LYS IB 85 36.42 -107.38 107.42
CA LYS IB 85 36.71 -105.96 107.41
C LYS IB 85 35.49 -105.17 106.94
N ARG IB 86 35.59 -103.85 107.02
CA ARG IB 86 34.51 -102.97 106.63
C ARG IB 86 34.16 -103.16 105.17
N CYS IB 87 32.91 -102.85 104.83
CA CYS IB 87 32.48 -102.90 103.44
C CYS IB 87 31.20 -102.10 103.29
N LYS IB 88 31.08 -101.38 102.18
CA LYS IB 88 29.84 -100.67 101.89
C LYS IB 88 28.74 -101.61 101.44
N HIS IB 89 29.03 -102.48 100.48
CA HIS IB 89 28.03 -103.36 99.90
C HIS IB 89 28.42 -104.80 100.21
N PHE IB 90 27.55 -105.48 100.94
CA PHE IB 90 27.78 -106.86 101.35
C PHE IB 90 26.73 -107.75 100.70
N GLU IB 91 27.11 -108.98 100.44
CA GLU IB 91 26.21 -109.90 99.78
C GLU IB 91 26.59 -111.31 100.19
N LEU IB 92 25.59 -112.19 100.31
CA LEU IB 92 25.78 -113.57 100.76
C LEU IB 92 25.56 -114.54 99.62
N GLY IB 93 26.62 -115.24 99.23
CA GLY IB 93 26.49 -116.34 98.28
C GLY IB 93 26.00 -115.96 96.90
N GLY IB 94 26.54 -114.89 96.32
CA GLY IB 94 26.17 -114.54 94.96
C GLY IB 94 26.89 -115.40 93.95
N ASP IB 95 26.52 -115.20 92.68
CA ASP IB 95 27.09 -116.05 91.65
C ASP IB 95 28.60 -115.87 91.60
N LYS IB 96 29.29 -116.94 91.24
CA LYS IB 96 30.74 -116.87 91.18
C LYS IB 96 31.14 -116.17 89.89
N LYS IB 97 31.74 -114.99 90.00
CA LYS IB 97 32.21 -114.31 88.80
C LYS IB 97 33.27 -115.16 88.13
N ARG IB 98 33.32 -115.05 86.81
CA ARG IB 98 34.20 -115.85 85.97
C ARG IB 98 34.62 -115.00 84.78
N LYS IB 99 35.91 -115.01 84.49
CA LYS IB 99 36.54 -113.90 83.79
C LYS IB 99 36.26 -113.92 82.30
N GLY IB 100 36.19 -115.09 81.68
CA GLY IB 100 36.18 -115.14 80.24
C GLY IB 100 34.86 -114.92 79.53
N GLN IB 101 34.12 -113.87 79.85
CA GLN IB 101 32.89 -113.58 79.12
C GLN IB 101 32.94 -112.24 78.42
N VAL IB 102 32.08 -112.14 77.41
CA VAL IB 102 31.77 -110.86 76.75
C VAL IB 102 31.22 -109.94 77.81
N ILE IB 103 31.91 -108.84 78.04
CA ILE IB 103 31.53 -107.89 79.07
C ILE IB 103 31.38 -106.55 78.38
N GLN IB 104 30.16 -106.25 77.95
CA GLN IB 104 28.94 -107.04 77.87
C GLN IB 104 28.59 -107.13 76.38
N PHE IB 105 27.36 -107.53 76.08
CA PHE IB 105 26.87 -107.61 74.70
C PHE IB 105 27.21 -106.39 73.86
N ALA JB 1 -23.42 -11.41 108.60
CA ALA JB 1 -23.27 -11.88 107.22
C ALA JB 1 -22.86 -13.35 107.19
N LYS JB 2 -22.59 -13.86 106.00
CA LYS JB 2 -22.12 -15.24 105.86
C LYS JB 2 -20.66 -15.29 106.26
N ARG JB 3 -20.39 -15.74 107.49
CA ARG JB 3 -19.04 -15.67 108.02
C ARG JB 3 -18.16 -16.77 107.44
N THR JB 4 -18.74 -17.94 107.18
CA THR JB 4 -17.98 -19.08 106.67
C THR JB 4 -18.74 -19.73 105.53
N LYS JB 5 -17.98 -20.32 104.61
CA LYS JB 5 -18.61 -20.87 103.41
C LYS JB 5 -19.33 -22.18 103.69
N LYS JB 6 -18.61 -23.21 104.13
CA LYS JB 6 -19.23 -24.51 104.33
C LYS JB 6 -18.81 -25.22 105.61
N VAL JB 7 -17.82 -24.72 106.35
CA VAL JB 7 -17.35 -25.45 107.53
C VAL JB 7 -18.45 -25.50 108.59
N GLY JB 8 -19.25 -24.45 108.69
CA GLY JB 8 -20.34 -24.45 109.64
C GLY JB 8 -19.83 -24.49 111.07
N ILE JB 9 -20.37 -25.43 111.86
CA ILE JB 9 -20.06 -25.46 113.28
C ILE JB 9 -18.62 -25.93 113.51
N VAL JB 10 -18.15 -26.90 112.72
CA VAL JB 10 -16.87 -27.54 112.99
C VAL JB 10 -15.73 -26.55 112.80
N GLY JB 11 -16.06 -25.35 112.32
CA GLY JB 11 -15.04 -24.32 112.15
C GLY JB 11 -14.27 -24.02 113.41
N LYS JB 12 -14.80 -24.42 114.57
CA LYS JB 12 -14.03 -24.30 115.80
C LYS JB 12 -12.82 -25.21 115.82
N TYR JB 13 -12.76 -26.20 114.93
CA TYR JB 13 -11.64 -27.12 114.87
C TYR JB 13 -10.55 -26.66 113.94
N GLY JB 14 -10.72 -25.51 113.29
CA GLY JB 14 -9.65 -24.97 112.47
C GLY JB 14 -9.30 -25.91 111.33
N THR JB 15 -8.01 -26.16 111.17
CA THR JB 15 -7.48 -26.89 110.03
C THR JB 15 -6.97 -28.26 110.43
N ARG JB 16 -7.68 -28.95 111.32
CA ARG JB 16 -7.18 -30.19 111.89
C ARG JB 16 -8.10 -31.36 111.56
N TYR JB 17 -7.56 -32.57 111.71
CA TYR JB 17 -8.24 -33.85 111.73
C TYR JB 17 -8.82 -34.30 110.40
N GLY JB 18 -8.75 -33.50 109.35
CA GLY JB 18 -9.23 -33.97 108.06
C GLY JB 18 -10.57 -33.43 107.63
N ALA JB 19 -10.69 -33.17 106.32
CA ALA JB 19 -11.89 -32.56 105.79
C ALA JB 19 -13.11 -33.45 106.00
N SER JB 20 -13.03 -34.71 105.58
CA SER JB 20 -14.18 -35.58 105.69
C SER JB 20 -14.56 -35.82 107.14
N LEU JB 21 -13.56 -35.95 108.01
CA LEU JB 21 -13.85 -36.18 109.42
C LEU JB 21 -14.60 -34.99 110.02
N ARG JB 22 -14.15 -33.78 109.71
CA ARG JB 22 -14.89 -32.61 110.18
C ARG JB 22 -16.29 -32.57 109.58
N LYS JB 23 -16.40 -32.82 108.27
CA LYS JB 23 -17.67 -32.66 107.58
C LYS JB 23 -18.70 -33.63 108.13
N MET JB 24 -18.30 -34.87 108.39
CA MET JB 24 -19.22 -35.85 108.91
C MET JB 24 -19.56 -35.62 110.38
N VAL JB 25 -18.67 -34.96 111.12
CA VAL JB 25 -19.00 -34.53 112.48
C VAL JB 25 -20.04 -33.42 112.51
N LYS JB 26 -20.13 -32.63 111.46
CA LYS JB 26 -21.00 -31.45 111.48
C LYS JB 26 -22.45 -31.83 111.75
N LYS JB 27 -22.98 -32.78 110.98
CA LYS JB 27 -24.40 -33.10 111.12
C LYS JB 27 -24.69 -33.62 112.51
N ILE JB 28 -23.78 -34.43 113.05
CA ILE JB 28 -24.04 -35.08 114.30
C ILE JB 28 -23.88 -34.08 115.44
N GLU JB 29 -22.88 -33.20 115.32
CA GLU JB 29 -22.73 -32.09 116.25
C GLU JB 29 -24.01 -31.26 116.32
N ILE JB 30 -24.54 -30.86 115.16
CA ILE JB 30 -25.74 -30.04 115.12
C ILE JB 30 -26.91 -30.77 115.75
N SER JB 31 -27.09 -32.05 115.43
CA SER JB 31 -28.17 -32.81 116.03
C SER JB 31 -28.04 -32.84 117.55
N GLN JB 32 -26.81 -33.01 118.04
CA GLN JB 32 -26.59 -33.16 119.47
C GLN JB 32 -26.79 -31.85 120.22
N HIS JB 33 -26.57 -30.72 119.57
CA HIS JB 33 -26.77 -29.45 120.25
C HIS JB 33 -28.01 -28.71 119.80
N ALA JB 34 -28.95 -29.39 119.16
CA ALA JB 34 -30.22 -28.77 118.81
C ALA JB 34 -31.16 -28.76 120.00
N LYS JB 35 -32.05 -27.77 120.02
CA LYS JB 35 -33.14 -27.70 120.99
C LYS JB 35 -34.41 -28.16 120.30
N TYR JB 36 -34.80 -29.41 120.55
CA TYR JB 36 -35.99 -29.99 119.93
C TYR JB 36 -37.24 -29.52 120.66
N THR JB 37 -38.37 -29.68 119.99
CA THR JB 37 -39.64 -29.40 120.65
C THR JB 37 -39.99 -30.56 121.58
N CYS JB 38 -40.38 -30.24 122.80
CA CYS JB 38 -40.71 -31.30 123.75
C CYS JB 38 -42.09 -31.85 123.44
N SER JB 39 -42.18 -33.15 123.25
CA SER JB 39 -43.49 -33.75 123.05
C SER JB 39 -44.36 -33.65 124.29
N PHE JB 40 -43.77 -33.45 125.46
CA PHE JB 40 -44.49 -33.47 126.71
C PHE JB 40 -44.99 -32.10 127.14
N CYS JB 41 -44.45 -31.03 126.57
CA CYS JB 41 -44.88 -29.69 126.89
C CYS JB 41 -45.08 -28.80 125.69
N GLY JB 42 -44.68 -29.24 124.49
CA GLY JB 42 -44.77 -28.43 123.30
C GLY JB 42 -43.63 -27.46 123.10
N LYS JB 43 -43.05 -26.96 124.18
CA LYS JB 43 -41.99 -25.97 124.05
C LYS JB 43 -40.73 -26.57 123.47
N THR JB 44 -39.99 -25.76 122.72
CA THR JB 44 -38.73 -26.20 122.13
C THR JB 44 -37.61 -26.13 123.14
N LYS JB 45 -37.83 -26.70 124.32
CA LYS JB 45 -36.84 -26.69 125.38
C LYS JB 45 -36.16 -28.04 125.56
N MET JB 46 -36.54 -29.04 124.77
CA MET JB 46 -35.82 -30.31 124.80
C MET JB 46 -34.36 -30.09 124.47
N LYS JB 47 -33.48 -30.51 125.37
CA LYS JB 47 -32.05 -30.36 125.12
C LYS JB 47 -31.31 -31.48 125.82
N ARG JB 48 -30.20 -31.87 125.21
CA ARG JB 48 -29.40 -32.96 125.75
C ARG JB 48 -28.65 -32.49 126.98
N ARG JB 49 -28.72 -33.29 128.04
CA ARG JB 49 -27.96 -32.99 129.25
C ARG JB 49 -26.65 -33.76 129.27
N ALA JB 50 -26.71 -35.06 129.05
CA ALA JB 50 -25.52 -35.88 128.90
C ALA JB 50 -25.77 -36.82 127.73
N VAL JB 51 -24.84 -37.75 127.50
CA VAL JB 51 -25.02 -38.70 126.42
C VAL JB 51 -26.25 -39.55 126.71
N GLY JB 52 -27.14 -39.64 125.72
CA GLY JB 52 -28.38 -40.36 125.88
C GLY JB 52 -29.41 -39.72 126.78
N ILE JB 53 -29.05 -38.65 127.49
CA ILE JB 53 -29.97 -37.96 128.39
C ILE JB 53 -30.49 -36.73 127.67
N TRP JB 54 -31.80 -36.68 127.44
CA TRP JB 54 -32.42 -35.52 126.83
C TRP JB 54 -33.43 -34.97 127.82
N HIS JB 55 -33.18 -33.76 128.32
CA HIS JB 55 -33.97 -33.17 129.37
C HIS JB 55 -34.65 -31.89 128.90
N CYS JB 56 -35.84 -31.64 129.42
CA CYS JB 56 -36.59 -30.42 129.13
C CYS JB 56 -36.49 -29.47 130.30
N GLY JB 57 -36.10 -28.22 130.03
CA GLY JB 57 -36.19 -27.21 131.06
C GLY JB 57 -37.61 -26.82 131.39
N SER JB 58 -38.54 -27.02 130.46
CA SER JB 58 -39.89 -26.53 130.65
C SER JB 58 -40.66 -27.38 131.65
N CYS JB 59 -40.91 -28.63 131.28
CA CYS JB 59 -41.70 -29.53 132.11
C CYS JB 59 -40.82 -30.51 132.88
N MET JB 60 -39.53 -30.22 133.00
CA MET JB 60 -38.55 -31.01 133.73
C MET JB 60 -38.82 -32.51 133.61
N LYS JB 61 -39.04 -32.94 132.37
CA LYS JB 61 -39.19 -34.35 132.04
C LYS JB 61 -37.98 -34.80 131.24
N THR JB 62 -37.23 -35.75 131.78
CA THR JB 62 -36.02 -36.24 131.12
C THR JB 62 -36.33 -37.59 130.51
N VAL JB 63 -35.88 -37.79 129.27
CA VAL JB 63 -36.13 -39.03 128.55
C VAL JB 63 -34.79 -39.63 128.17
N ALA JB 64 -34.80 -40.93 127.89
CA ALA JB 64 -33.62 -41.61 127.39
C ALA JB 64 -33.67 -41.62 125.87
N GLY JB 65 -32.67 -41.03 125.24
CA GLY JB 65 -32.64 -40.99 123.79
C GLY JB 65 -31.30 -41.37 123.23
N GLY JB 66 -31.06 -41.01 121.98
CA GLY JB 66 -29.77 -41.26 121.39
C GLY JB 66 -28.71 -40.37 121.98
N ALA JB 67 -27.46 -40.78 121.79
CA ALA JB 67 -26.34 -39.98 122.27
C ALA JB 67 -26.36 -38.60 121.63
N TRP JB 68 -27.02 -38.47 120.49
CA TRP JB 68 -26.93 -37.28 119.70
C TRP JB 68 -28.24 -36.77 119.14
N THR JB 69 -29.24 -37.62 119.02
CA THR JB 69 -30.52 -37.24 118.45
C THR JB 69 -31.59 -37.67 119.42
N TYR JB 70 -32.66 -36.89 119.47
CA TYR JB 70 -33.74 -37.16 120.42
C TYR JB 70 -34.23 -38.59 120.30
N ASN JB 71 -34.65 -38.99 119.12
CA ASN JB 71 -35.11 -40.35 118.87
C ASN JB 71 -34.33 -40.93 117.69
N THR JB 72 -33.86 -42.17 117.86
CA THR JB 72 -33.19 -42.86 116.77
C THR JB 72 -34.21 -43.52 115.86
N THR JB 73 -33.82 -43.70 114.60
CA THR JB 73 -34.66 -44.44 113.67
C THR JB 73 -35.01 -45.80 114.24
N SER JB 74 -34.04 -46.47 114.87
CA SER JB 74 -34.30 -47.77 115.47
C SER JB 74 -35.38 -47.66 116.52
N ALA JB 75 -35.42 -46.55 117.27
CA ALA JB 75 -36.43 -46.39 118.30
C ALA JB 75 -37.83 -46.36 117.72
N VAL JB 76 -38.05 -45.51 116.73
CA VAL JB 76 -39.40 -45.41 116.17
C VAL JB 76 -39.78 -46.72 115.49
N THR JB 77 -38.83 -47.35 114.80
CA THR JB 77 -39.14 -48.62 114.16
C THR JB 77 -39.53 -49.68 115.19
N VAL JB 78 -38.79 -49.77 116.28
CA VAL JB 78 -39.10 -50.79 117.29
C VAL JB 78 -40.40 -50.46 118.00
N LYS JB 79 -40.70 -49.18 118.22
CA LYS JB 79 -41.98 -48.86 118.84
C LYS JB 79 -43.14 -49.20 117.92
N SER JB 80 -42.98 -48.93 116.62
CA SER JB 80 -44.00 -49.35 115.67
C SER JB 80 -44.16 -50.86 115.69
N ALA JB 81 -43.05 -51.59 115.77
CA ALA JB 81 -43.12 -53.05 115.82
C ALA JB 81 -43.86 -53.52 117.07
N ILE JB 82 -43.56 -52.92 118.22
CA ILE JB 82 -44.19 -53.37 119.45
C ILE JB 82 -45.67 -53.05 119.43
N ARG JB 83 -46.05 -51.89 118.87
CA ARG JB 83 -47.46 -51.61 118.71
C ARG JB 83 -48.13 -52.62 117.81
N ARG JB 84 -47.50 -52.94 116.67
CA ARG JB 84 -48.11 -53.86 115.70
C ARG JB 84 -48.34 -55.21 116.34
N LEU JB 85 -47.31 -55.74 117.00
CA LEU JB 85 -47.43 -57.06 117.58
C LEU JB 85 -48.30 -57.08 118.82
N LYS JB 86 -48.39 -55.96 119.55
CA LYS JB 86 -49.36 -55.87 120.63
C LYS JB 86 -50.78 -55.92 120.08
N GLU JB 87 -51.08 -55.07 119.09
CA GLU JB 87 -52.41 -55.03 118.53
C GLU JB 87 -52.77 -56.32 117.81
N LEU JB 88 -51.79 -57.11 117.39
CA LEU JB 88 -52.14 -58.42 116.85
C LEU JB 88 -52.18 -59.48 117.93
N LYS JB 89 -51.56 -59.23 119.08
CA LYS JB 89 -51.66 -60.20 120.17
C LYS JB 89 -53.05 -60.20 120.77
N ASP JB 90 -53.60 -59.03 121.02
CA ASP JB 90 -54.99 -58.89 121.45
C ASP JB 90 -55.82 -58.40 120.29
N GLN JB 91 -57.14 -58.52 120.41
CA GLN JB 91 -58.03 -58.04 119.36
C GLN JB 91 -58.92 -56.93 119.87
N SER KB 1 81.64 -95.23 183.31
CA SER KB 1 83.08 -95.03 183.18
C SER KB 1 83.41 -93.63 182.67
N ALA KB 2 84.71 -93.36 182.54
CA ALA KB 2 85.18 -92.00 182.28
C ALA KB 2 84.70 -91.49 180.93
N HIS KB 3 84.96 -92.24 179.86
CA HIS KB 3 84.67 -91.74 178.52
C HIS KB 3 83.19 -91.49 178.32
N LEU KB 4 82.34 -92.28 178.97
CA LEU KB 4 80.90 -91.99 178.95
C LEU KB 4 80.66 -90.59 179.48
N GLN KB 5 81.02 -90.36 180.74
CA GLN KB 5 80.83 -89.06 181.35
C GLN KB 5 81.33 -87.95 180.45
N TRP KB 6 82.49 -88.16 179.81
CA TRP KB 6 83.03 -87.12 178.95
C TRP KB 6 82.03 -86.72 177.87
N MET KB 7 81.54 -87.70 177.14
CA MET KB 7 80.64 -87.40 176.03
C MET KB 7 79.25 -86.99 176.47
N VAL KB 8 78.78 -87.43 177.62
CA VAL KB 8 77.46 -87.01 178.05
C VAL KB 8 77.50 -85.57 178.51
N VAL KB 9 78.64 -85.14 179.05
CA VAL KB 9 78.74 -83.77 179.57
C VAL KB 9 79.50 -82.84 178.64
N ARG KB 10 80.02 -83.35 177.53
CA ARG KB 10 80.94 -82.55 176.72
C ARG KB 10 80.29 -81.29 176.16
N ASN KB 11 78.98 -81.30 175.92
CA ASN KB 11 78.33 -80.12 175.36
C ASN KB 11 77.12 -79.67 176.19
N CYS KB 12 76.84 -80.33 177.30
CA CYS KB 12 75.80 -79.84 178.20
C CYS KB 12 76.26 -80.10 179.63
N SER KB 13 76.33 -79.04 180.43
CA SER KB 13 76.83 -79.14 181.79
C SER KB 13 76.59 -77.82 182.50
N SER KB 14 76.54 -77.89 183.83
CA SER KB 14 76.41 -76.67 184.61
C SER KB 14 77.68 -75.84 184.55
N PHE KB 15 78.83 -76.50 184.40
CA PHE KB 15 80.09 -75.78 184.44
C PHE KB 15 80.56 -75.32 183.07
N LEU KB 16 80.10 -75.97 182.00
CA LEU KB 16 80.54 -75.59 180.66
C LEU KB 16 80.12 -74.17 180.35
N ILE KB 17 81.01 -73.40 179.75
CA ILE KB 17 80.72 -72.03 179.34
C ILE KB 17 81.12 -71.87 177.88
N LYS KB 18 80.14 -71.64 177.02
CA LYS KB 18 80.37 -71.34 175.61
C LYS KB 18 80.15 -69.85 175.38
N ARG KB 19 81.17 -69.17 174.87
CA ARG KB 19 81.08 -67.73 174.65
C ARG KB 19 81.70 -67.35 173.32
N ASN KB 20 82.02 -66.07 173.16
CA ASN KB 20 82.20 -65.49 171.83
C ASN KB 20 83.43 -66.04 171.11
N LYS KB 21 83.29 -67.25 170.56
CA LYS KB 21 84.32 -68.02 169.86
C LYS KB 21 85.32 -68.69 170.78
N GLN KB 22 84.95 -68.97 172.03
CA GLN KB 22 85.75 -69.86 172.87
C GLN KB 22 84.83 -70.68 173.74
N THR KB 23 85.41 -71.71 174.38
CA THR KB 23 84.68 -72.56 175.31
C THR KB 23 85.53 -72.73 176.56
N TYR KB 24 84.88 -72.79 177.72
CA TYR KB 24 85.53 -73.03 178.99
C TYR KB 24 84.59 -73.81 179.89
N SER KB 25 85.14 -74.28 181.00
CA SER KB 25 84.36 -74.97 182.01
C SER KB 25 84.96 -74.67 183.37
N THR KB 26 84.10 -74.67 184.40
CA THR KB 26 84.44 -74.15 185.71
C THR KB 26 84.29 -75.21 186.78
N GLU KB 27 84.75 -76.42 186.49
CA GLU KB 27 84.75 -77.46 187.51
C GLU KB 27 85.79 -77.11 188.57
N PRO KB 28 85.58 -77.55 189.81
CA PRO KB 28 86.54 -77.22 190.87
C PRO KB 28 87.96 -77.69 190.58
N ASN KB 29 88.12 -78.85 189.95
CA ASN KB 29 89.44 -79.43 189.71
C ASN KB 29 89.83 -79.37 188.24
N ASN KB 30 89.34 -78.36 187.52
CA ASN KB 30 89.56 -78.24 186.08
C ASN KB 30 90.83 -77.45 185.84
N LEU KB 31 91.94 -78.16 185.61
CA LEU KB 31 93.12 -77.48 185.12
C LEU KB 31 92.84 -76.90 183.73
N LYS KB 32 93.37 -75.70 183.50
CA LYS KB 32 93.20 -74.97 182.24
C LYS KB 32 91.77 -74.50 182.05
N ALA KB 33 90.86 -74.91 182.93
CA ALA KB 33 89.45 -74.54 182.88
C ALA KB 33 88.87 -74.71 181.49
N ARG KB 34 89.39 -75.64 180.70
CA ARG KB 34 88.97 -75.81 179.32
C ARG KB 34 88.23 -77.13 179.15
N ASN KB 35 87.21 -77.11 178.30
CA ASN KB 35 86.32 -78.24 178.13
C ASN KB 35 87.06 -79.30 177.33
N SER KB 36 87.79 -80.16 178.04
CA SER KB 36 88.55 -81.22 177.39
C SER KB 36 88.39 -82.50 178.17
N PHE KB 37 88.46 -83.62 177.46
CA PHE KB 37 88.46 -84.92 178.12
C PHE KB 37 89.66 -85.07 179.04
N ARG KB 38 90.82 -84.58 178.59
CA ARG KB 38 92.03 -84.75 179.38
C ARG KB 38 92.04 -83.89 180.63
N TYR KB 39 91.61 -82.63 180.51
CA TYR KB 39 91.69 -81.70 181.63
C TYR KB 39 90.41 -81.62 182.45
N ASN KB 40 89.41 -82.42 182.12
CA ASN KB 40 88.18 -82.41 182.91
C ASN KB 40 88.49 -82.85 184.34
N GLY KB 41 87.84 -82.20 185.30
CA GLY KB 41 88.11 -82.46 186.70
C GLY KB 41 87.10 -83.32 187.41
N LEU KB 42 86.22 -83.98 186.69
CA LEU KB 42 85.17 -84.75 187.35
C LEU KB 42 85.10 -86.19 186.90
N ILE KB 43 85.31 -86.46 185.62
CA ILE KB 43 85.08 -87.81 185.11
C ILE KB 43 86.24 -88.73 185.43
N HIS KB 44 87.42 -88.18 185.72
CA HIS KB 44 88.62 -88.99 185.78
C HIS KB 44 88.73 -89.74 187.09
N ARG KB 45 89.08 -91.02 186.99
CA ARG KB 45 89.25 -91.86 188.15
C ARG KB 45 90.39 -91.40 189.05
N LYS KB 46 91.31 -90.59 188.52
CA LYS KB 46 92.40 -90.01 189.30
C LYS KB 46 92.58 -88.59 188.81
N THR KB 47 92.36 -87.62 189.69
CA THR KB 47 92.29 -86.23 189.27
C THR KB 47 93.08 -85.35 190.23
N VAL KB 48 93.57 -84.22 189.72
CA VAL KB 48 94.35 -83.27 190.47
C VAL KB 48 93.63 -81.92 190.48
N GLY KB 49 94.20 -80.98 191.21
CA GLY KB 49 93.70 -79.62 191.21
C GLY KB 49 94.47 -78.79 192.20
N VAL KB 50 94.77 -77.55 191.81
CA VAL KB 50 95.43 -76.60 192.69
C VAL KB 50 94.61 -75.32 192.73
N GLU KB 51 94.35 -74.83 193.94
CA GLU KB 51 93.55 -73.65 194.16
C GLU KB 51 94.25 -72.80 195.22
N PRO KB 52 93.94 -71.51 195.27
CA PRO KB 52 94.53 -70.67 196.32
C PRO KB 52 94.09 -71.16 197.68
N ALA KB 53 94.93 -70.94 198.68
CA ALA KB 53 94.58 -71.32 200.02
C ALA KB 53 93.37 -70.50 200.51
N ALA KB 54 92.74 -70.99 201.58
CA ALA KB 54 91.56 -70.32 202.09
C ALA KB 54 91.87 -68.87 202.47
N ASP KB 55 92.93 -68.67 203.25
CA ASP KB 55 93.34 -67.32 203.57
C ASP KB 55 94.02 -66.69 202.36
N GLY KB 56 94.57 -65.51 202.58
CA GLY KB 56 95.25 -64.84 201.49
C GLY KB 56 96.62 -65.40 201.18
N LYS KB 57 97.13 -66.37 201.93
CA LYS KB 57 98.49 -66.88 201.72
C LYS KB 57 98.50 -68.39 201.46
N GLY KB 58 99.11 -68.79 200.34
CA GLY KB 58 99.50 -70.17 200.08
C GLY KB 58 98.72 -70.81 198.94
N VAL KB 59 99.07 -72.07 198.67
CA VAL KB 59 98.48 -72.88 197.60
C VAL KB 59 97.99 -74.18 198.18
N VAL KB 60 96.75 -74.56 197.87
CA VAL KB 60 96.21 -75.85 198.25
C VAL KB 60 96.18 -76.74 197.01
N VAL KB 61 96.41 -78.03 197.19
CA VAL KB 61 96.34 -79.01 196.11
C VAL KB 61 95.40 -80.12 196.52
N VAL KB 62 94.51 -80.50 195.61
CA VAL KB 62 93.52 -81.53 195.87
C VAL KB 62 93.81 -82.73 195.00
N ILE KB 63 93.80 -83.91 195.61
CA ILE KB 63 94.04 -85.17 194.93
C ILE KB 63 92.81 -86.04 195.12
N LYS KB 64 92.29 -86.61 194.03
CA LYS KB 64 91.20 -87.55 194.15
C LYS KB 64 91.77 -88.93 194.48
N ARG KB 65 91.44 -89.44 195.66
CA ARG KB 65 91.93 -90.74 196.07
C ARG KB 65 91.30 -91.83 195.19
N ARG KB 66 91.70 -93.07 195.44
CA ARG KB 66 91.25 -94.15 194.57
C ARG KB 66 89.98 -94.83 195.08
N SER KB 67 89.93 -95.15 196.37
CA SER KB 67 88.91 -96.08 196.85
C SER KB 67 87.52 -95.47 196.86
N GLY KB 68 87.41 -94.17 197.14
CA GLY KB 68 86.11 -93.57 197.32
C GLY KB 68 85.48 -92.99 196.07
N GLN KB 69 85.38 -93.78 195.01
CA GLN KB 69 84.86 -93.26 193.74
C GLN KB 69 83.41 -92.82 193.88
N ARG KB 70 82.62 -93.55 194.66
CA ARG KB 70 81.19 -93.26 194.74
C ARG KB 70 80.84 -92.37 195.94
N LYS KB 71 81.82 -92.00 196.76
CA LYS KB 71 81.55 -91.15 197.90
C LYS KB 71 82.29 -89.82 197.73
N PRO KB 72 81.63 -88.79 197.20
CA PRO KB 72 82.30 -87.48 197.06
C PRO KB 72 82.79 -86.88 198.36
N ALA KB 73 82.22 -87.26 199.50
CA ALA KB 73 82.60 -86.63 200.76
C ALA KB 73 84.08 -86.83 201.05
N THR KB 74 84.56 -88.07 200.90
CA THR KB 74 85.95 -88.39 201.14
C THR KB 74 86.69 -88.79 199.87
N SER KB 75 86.17 -88.38 198.71
CA SER KB 75 86.81 -88.73 197.45
C SER KB 75 88.07 -87.93 197.19
N TYR KB 76 88.19 -86.73 197.77
CA TYR KB 76 89.33 -85.86 197.54
C TYR KB 76 90.11 -85.68 198.82
N VAL KB 77 91.41 -85.42 198.68
CA VAL KB 77 92.25 -85.06 199.80
C VAL KB 77 92.91 -83.71 199.49
N ARG KB 78 92.75 -82.77 200.39
CA ARG KB 78 93.27 -81.42 200.20
C ARG KB 78 94.35 -81.13 201.23
N THR KB 79 95.44 -80.53 200.75
CA THR KB 79 96.53 -80.10 201.61
C THR KB 79 97.03 -78.76 201.09
N THR KB 80 97.17 -77.80 201.98
CA THR KB 80 97.66 -76.48 201.60
C THR KB 80 99.16 -76.39 201.86
N ILE KB 81 99.86 -75.74 200.95
CA ILE KB 81 101.30 -75.56 201.05
C ILE KB 81 101.58 -74.07 201.17
N ASN KB 82 102.32 -73.68 202.20
CA ASN KB 82 102.56 -72.28 202.52
C ASN KB 82 104.05 -72.00 202.59
N LYS KB 83 104.79 -72.52 201.63
CA LYS KB 83 106.22 -72.30 201.53
C LYS KB 83 106.52 -71.44 200.31
N ASN KB 84 107.80 -71.19 200.06
CA ASN KB 84 108.20 -70.32 198.98
C ASN KB 84 107.87 -70.94 197.63
N ALA KB 85 108.03 -70.14 196.57
CA ALA KB 85 107.67 -70.63 195.24
C ALA KB 85 108.46 -71.88 194.86
N ARG KB 86 109.77 -71.87 195.05
CA ARG KB 86 110.59 -72.95 194.53
C ARG KB 86 110.29 -74.27 195.20
N ALA KB 87 110.27 -74.29 196.54
CA ALA KB 87 110.04 -75.53 197.26
C ALA KB 87 108.64 -76.08 196.98
N THR KB 88 107.63 -75.21 196.99
CA THR KB 88 106.28 -75.68 196.67
C THR KB 88 106.21 -76.23 195.26
N LEU KB 89 106.84 -75.56 194.30
CA LEU KB 89 106.80 -76.03 192.92
C LEU KB 89 107.48 -77.39 192.81
N SER KB 90 108.63 -77.55 193.47
CA SER KB 90 109.30 -78.83 193.48
C SER KB 90 108.42 -79.89 194.12
N SER KB 91 107.75 -79.55 195.21
CA SER KB 91 106.92 -80.54 195.87
C SER KB 91 105.79 -80.98 194.94
N ILE KB 92 105.10 -80.02 194.32
CA ILE KB 92 103.96 -80.37 193.48
C ILE KB 92 104.41 -81.13 192.25
N ARG KB 93 105.56 -80.81 191.68
CA ARG KB 93 106.07 -81.67 190.62
C ARG KB 93 106.39 -83.05 191.15
N HIS KB 94 106.87 -83.14 192.39
CA HIS KB 94 107.14 -84.43 193.01
C HIS KB 94 105.87 -85.25 193.12
N MET KB 95 104.75 -84.64 193.55
CA MET KB 95 103.49 -85.38 193.64
C MET KB 95 103.31 -86.26 192.43
N ILE KB 96 103.26 -85.63 191.26
CA ILE KB 96 102.76 -86.29 190.06
C ILE KB 96 103.87 -87.03 189.33
N ARG KB 97 105.13 -86.59 189.46
CA ARG KB 97 106.23 -87.32 188.85
C ARG KB 97 106.50 -88.62 189.59
N LYS KB 98 106.60 -88.55 190.93
CA LYS KB 98 106.96 -89.74 191.69
C LYS KB 98 105.75 -90.63 191.93
N ASN KB 99 104.55 -90.07 191.94
CA ASN KB 99 103.35 -90.86 192.15
C ASN KB 99 102.74 -91.38 190.86
N LYS KB 100 103.22 -90.92 189.71
CA LYS KB 100 102.61 -91.22 188.41
C LYS KB 100 101.12 -90.92 188.40
N TYR KB 101 100.68 -89.99 189.24
CA TYR KB 101 99.26 -89.66 189.34
C TYR KB 101 98.89 -88.81 188.13
N ARG KB 102 98.49 -89.48 187.05
CA ARG KB 102 98.12 -88.84 185.80
C ARG KB 102 99.23 -87.90 185.35
N PRO KB 103 100.41 -88.41 185.02
CA PRO KB 103 101.55 -87.53 184.76
C PRO KB 103 101.43 -86.79 183.44
N ASP KB 104 100.28 -86.18 183.21
CA ASP KB 104 100.07 -85.41 181.99
C ASP KB 104 99.73 -83.97 182.33
N LEU KB 105 99.00 -83.79 183.43
CA LEU KB 105 98.67 -82.46 183.92
C LEU KB 105 99.80 -81.85 184.72
N ARG KB 106 101.01 -82.39 184.59
CA ARG KB 106 102.10 -82.01 185.48
C ARG KB 106 102.37 -80.52 185.41
N MET KB 107 102.84 -80.04 184.27
CA MET KB 107 103.20 -78.64 184.23
C MET KB 107 101.99 -77.75 184.02
N ALA KB 108 100.83 -78.32 183.69
CA ALA KB 108 99.59 -77.56 183.84
C ALA KB 108 99.41 -77.15 185.29
N ALA KB 109 99.54 -78.11 186.20
CA ALA KB 109 99.47 -77.80 187.63
C ALA KB 109 100.61 -76.89 188.05
N ILE KB 110 101.80 -77.12 187.50
CA ILE KB 110 102.94 -76.27 187.80
C ILE KB 110 102.62 -74.82 187.47
N ARG KB 111 102.10 -74.59 186.27
CA ARG KB 111 101.76 -73.24 185.84
C ARG KB 111 100.64 -72.66 186.68
N ARG KB 112 99.63 -73.46 187.03
CA ARG KB 112 98.55 -72.91 187.83
C ARG KB 112 99.03 -72.51 189.21
N ALA KB 113 99.87 -73.33 189.83
CA ALA KB 113 100.44 -72.94 191.12
C ALA KB 113 101.30 -71.70 190.99
N SER KB 114 102.10 -71.61 189.92
CA SER KB 114 102.95 -70.43 189.79
C SER KB 114 102.12 -69.17 189.63
N ALA KB 115 101.09 -69.22 188.77
CA ALA KB 115 100.25 -68.04 188.57
C ALA KB 115 99.48 -67.70 189.84
N ILE KB 116 99.00 -68.71 190.55
CA ILE KB 116 98.26 -68.46 191.79
C ILE KB 116 99.16 -67.76 192.80
N LEU KB 117 100.41 -68.22 192.93
CA LEU KB 117 101.31 -67.61 193.89
C LEU KB 117 101.70 -66.20 193.47
N ARG KB 118 101.90 -65.99 192.16
CA ARG KB 118 102.17 -64.65 191.66
C ARG KB 118 101.02 -63.71 191.99
N SER KB 119 99.79 -64.07 191.61
CA SER KB 119 98.63 -63.24 191.91
C SER KB 119 98.53 -62.99 193.40
N GLN KB 120 98.93 -63.99 194.18
CA GLN KB 120 98.95 -63.89 195.62
C GLN KB 120 99.88 -62.80 196.09
N LYS KB 121 101.03 -62.69 195.45
CA LYS KB 121 102.01 -61.68 195.78
C LYS KB 121 101.46 -60.29 195.50
N PRO KB 122 101.71 -59.32 196.38
CA PRO KB 122 101.13 -57.99 196.22
C PRO KB 122 101.70 -57.25 195.02
N VAL KB 123 100.89 -56.33 194.49
CA VAL KB 123 101.20 -55.62 193.26
C VAL KB 123 101.87 -54.30 193.61
N MET KB 124 103.01 -54.04 193.01
CA MET KB 124 103.65 -52.74 193.11
C MET KB 124 102.94 -51.74 192.20
N VAL KB 125 102.65 -50.57 192.77
CA VAL KB 125 101.90 -49.53 192.05
C VAL KB 125 102.64 -49.06 190.80
N MET LB 1 -20.05 -137.44 110.88
CA MET LB 1 -19.70 -136.72 112.09
C MET LB 1 -19.21 -137.70 113.16
N SER LB 2 -20.14 -138.39 113.81
CA SER LB 2 -19.81 -139.35 114.85
C SER LB 2 -20.88 -140.43 114.87
N SER LB 3 -20.92 -141.22 115.94
CA SER LB 3 -21.94 -142.25 116.10
C SER LB 3 -23.27 -141.58 116.46
N LYS LB 4 -24.31 -142.38 116.65
CA LYS LB 4 -25.65 -141.82 116.84
C LYS LB 4 -25.78 -141.09 118.17
N VAL LB 5 -25.35 -141.72 119.27
CA VAL LB 5 -25.64 -141.18 120.59
C VAL LB 5 -24.83 -139.91 120.86
N SER LB 6 -23.53 -139.91 120.51
CA SER LB 6 -22.66 -138.75 120.65
C SER LB 6 -22.67 -138.19 122.08
N ARG LB 7 -22.20 -139.00 123.01
CA ARG LB 7 -22.10 -138.58 124.41
C ARG LB 7 -20.86 -139.20 125.04
N ASP LB 8 -20.33 -138.52 126.06
CA ASP LB 8 -19.17 -138.99 126.80
C ASP LB 8 -19.14 -138.31 128.16
N THR LB 9 -18.61 -139.02 129.15
CA THR LB 9 -18.54 -138.49 130.51
C THR LB 9 -17.22 -138.70 131.22
N LEU LB 10 -16.30 -139.52 130.70
CA LEU LB 10 -15.06 -139.84 131.38
C LEU LB 10 -13.90 -138.98 130.86
N TYR LB 11 -12.91 -138.79 131.72
CA TYR LB 11 -11.76 -137.96 131.36
C TYR LB 11 -10.93 -138.63 130.26
N GLU LB 12 -10.73 -139.94 130.35
CA GLU LB 12 -10.01 -140.71 129.33
C GLU LB 12 -8.61 -140.16 129.09
N ALA LB 13 -7.85 -140.00 130.18
CA ALA LB 13 -6.53 -139.38 130.12
C ALA LB 13 -5.54 -140.33 129.44
N VAL LB 14 -4.27 -139.94 129.43
CA VAL LB 14 -3.24 -140.72 128.75
C VAL LB 14 -3.10 -142.09 129.40
N ARG LB 15 -3.04 -142.14 130.73
CA ARG LB 15 -2.81 -143.40 131.43
C ARG LB 15 -4.10 -144.19 131.61
N GLU LB 16 -4.85 -144.36 130.53
CA GLU LB 16 -6.07 -145.16 130.53
C GLU LB 16 -6.55 -145.31 129.09
N VAL LB 17 -6.95 -146.53 128.72
CA VAL LB 17 -7.72 -146.72 127.50
C VAL LB 17 -9.03 -147.41 127.89
N LEU LB 18 -8.92 -148.65 128.37
CA LEU LB 18 -10.00 -149.38 129.04
C LEU LB 18 -11.36 -149.23 128.36
N HIS LB 19 -11.39 -149.13 127.04
CA HIS LB 19 -12.63 -148.94 126.32
C HIS LB 19 -12.59 -149.67 124.98
N GLY LB 20 -13.76 -149.85 124.39
CA GLY LB 20 -13.91 -150.57 123.16
C GLY LB 20 -14.48 -151.96 123.38
N ASN LB 21 -15.80 -152.08 123.20
CA ASN LB 21 -16.46 -153.37 123.35
C ASN LB 21 -17.51 -153.66 122.28
N GLN LB 22 -18.09 -152.64 121.66
CA GLN LB 22 -19.15 -152.81 120.66
C GLN LB 22 -18.87 -151.93 119.45
N ARG LB 23 -17.60 -151.83 119.07
CA ARG LB 23 -17.27 -151.09 117.84
C ARG LB 23 -17.90 -151.75 116.63
N LYS LB 24 -17.95 -153.09 116.63
CA LYS LB 24 -18.64 -153.84 115.58
C LYS LB 24 -20.08 -154.13 116.00
N ARG LB 25 -20.83 -153.03 116.18
CA ARG LB 25 -22.25 -153.15 116.54
C ARG LB 25 -23.03 -153.87 115.44
N ARG LB 26 -22.76 -153.54 114.19
CA ARG LB 26 -23.35 -154.22 113.06
C ARG LB 26 -22.61 -155.53 112.77
N LYS LB 27 -22.99 -156.18 111.67
CA LYS LB 27 -22.23 -157.30 111.16
C LYS LB 27 -20.96 -156.87 110.45
N PHE LB 28 -20.74 -155.56 110.29
CA PHE LB 28 -19.57 -155.03 109.62
C PHE LB 28 -18.38 -154.98 110.57
N LEU LB 29 -17.20 -154.76 110.01
CA LEU LB 29 -15.97 -154.58 110.77
C LEU LB 29 -15.57 -153.12 110.74
N GLU LB 30 -15.65 -152.46 111.89
CA GLU LB 30 -15.26 -151.05 111.99
C GLU LB 30 -13.78 -150.88 111.69
N THR LB 31 -13.44 -149.79 111.01
CA THR LB 31 -12.06 -149.50 110.65
C THR LB 31 -11.43 -148.67 111.76
N VAL LB 32 -10.59 -149.29 112.58
CA VAL LB 32 -9.90 -148.57 113.64
C VAL LB 32 -8.91 -147.60 113.03
N GLU LB 33 -8.61 -146.53 113.75
CA GLU LB 33 -7.69 -145.51 113.26
C GLU LB 33 -6.97 -144.87 114.44
N LEU LB 34 -5.81 -144.28 114.16
CA LEU LB 34 -5.09 -143.45 115.09
C LEU LB 34 -4.73 -142.14 114.41
N GLN LB 35 -5.07 -141.03 115.05
CA GLN LB 35 -4.79 -139.71 114.51
C GLN LB 35 -4.04 -138.85 115.52
N ILE LB 36 -3.81 -137.59 115.19
CA ILE LB 36 -3.25 -136.62 116.11
C ILE LB 36 -4.14 -135.39 116.09
N SER LB 37 -4.07 -134.60 117.16
CA SER LB 37 -4.93 -133.44 117.32
C SER LB 37 -4.13 -132.15 117.33
N LEU LB 38 -3.19 -132.04 116.38
CA LEU LB 38 -2.35 -130.86 116.24
C LEU LB 38 -3.18 -129.63 115.87
N LYS LB 39 -2.83 -128.49 116.44
CA LYS LB 39 -3.40 -127.19 116.10
C LYS LB 39 -2.36 -126.13 116.41
N ASN LB 40 -2.79 -124.88 116.52
CA ASN LB 40 -1.91 -123.75 116.83
C ASN LB 40 -0.80 -123.67 115.77
N TYR LB 41 -1.21 -123.39 114.54
CA TYR LB 41 -0.36 -123.52 113.39
C TYR LB 41 -0.54 -122.33 112.47
N ASP LB 42 0.58 -121.76 112.03
CA ASP LB 42 0.55 -120.69 111.04
C ASP LB 42 0.29 -121.27 109.66
N PRO LB 43 -0.79 -120.90 108.99
CA PRO LB 43 -1.00 -121.38 107.60
C PRO LB 43 0.07 -120.91 106.64
N GLN LB 44 0.75 -119.81 106.95
CA GLN LB 44 1.82 -119.28 106.10
C GLN LB 44 3.19 -119.82 106.50
N LYS LB 45 3.31 -121.15 106.57
CA LYS LB 45 4.54 -121.79 107.02
C LYS LB 45 4.68 -123.14 106.35
N ASP LB 46 5.77 -123.84 106.68
CA ASP LB 46 5.96 -125.23 106.31
C ASP LB 46 6.38 -126.04 107.53
N LYS LB 47 5.91 -127.28 107.59
CA LYS LB 47 6.34 -128.20 108.64
C LYS LB 47 7.01 -129.39 107.98
N ARG LB 48 7.83 -130.08 108.77
CA ARG LB 48 8.69 -131.15 108.28
C ARG LB 48 8.66 -132.28 109.30
N PHE LB 49 9.68 -133.14 109.26
CA PHE LB 49 9.81 -134.30 110.18
C PHE LB 49 8.75 -135.35 109.88
N SER LB 50 8.69 -135.80 108.64
CA SER LB 50 7.85 -136.94 108.28
C SER LB 50 8.33 -138.19 109.01
N GLY LB 51 7.38 -138.93 109.58
CA GLY LB 51 7.71 -140.13 110.32
C GLY LB 51 6.64 -141.18 110.12
N THR LB 52 6.96 -142.40 110.56
CA THR LB 52 6.08 -143.54 110.42
C THR LB 52 6.25 -144.47 111.61
N VAL LB 53 5.13 -144.89 112.20
CA VAL LB 53 5.14 -145.82 113.31
C VAL LB 53 4.52 -147.13 112.84
N ARG LB 54 4.55 -148.12 113.73
CA ARG LB 54 3.87 -149.39 113.52
C ARG LB 54 2.79 -149.53 114.58
N LEU LB 55 1.59 -149.92 114.15
CA LEU LB 55 0.44 -150.06 115.05
C LEU LB 55 -0.24 -151.38 114.75
N LYS LB 56 -0.05 -152.35 115.63
CA LYS LB 56 -0.55 -153.71 115.44
C LYS LB 56 -2.00 -153.78 115.87
N SER LB 57 -2.88 -154.13 114.93
CA SER LB 57 -4.30 -154.25 115.24
C SER LB 57 -4.93 -155.48 114.58
N THR LB 58 -4.15 -156.31 113.91
CA THR LB 58 -4.65 -157.40 113.06
C THR LB 58 -5.72 -156.87 112.13
N PRO LB 59 -5.37 -155.97 111.21
CA PRO LB 59 -6.37 -155.23 110.45
C PRO LB 59 -6.70 -155.85 109.10
N ARG LB 60 -7.94 -155.57 108.64
CA ARG LB 60 -8.43 -156.05 107.35
C ARG LB 60 -7.95 -155.18 106.19
N PRO LB 61 -8.02 -153.82 106.27
CA PRO LB 61 -7.47 -153.02 105.17
C PRO LB 61 -5.95 -152.88 105.29
N LYS LB 62 -5.21 -153.55 104.41
CA LYS LB 62 -3.76 -153.65 104.55
C LYS LB 62 -3.08 -153.61 103.18
N PHE LB 63 -1.94 -152.94 103.11
CA PHE LB 63 -1.05 -153.00 101.96
C PHE LB 63 0.34 -153.36 102.46
N SER LB 64 0.97 -154.34 101.81
CA SER LB 64 2.30 -154.79 102.18
C SER LB 64 3.32 -154.30 101.16
N VAL LB 65 4.56 -154.72 101.35
CA VAL LB 65 5.67 -154.36 100.46
C VAL LB 65 6.39 -155.65 100.12
N CYS LB 66 6.07 -156.23 98.96
CA CYS LB 66 6.65 -157.48 98.51
C CYS LB 66 7.47 -157.33 97.24
N VAL LB 67 6.93 -156.61 96.26
CA VAL LB 67 7.72 -156.22 95.09
C VAL LB 67 8.75 -155.18 95.51
N LEU LB 68 9.99 -155.32 95.05
CA LEU LB 68 10.49 -156.32 94.10
C LEU LB 68 11.58 -157.23 94.66
N GLY LB 69 12.60 -156.65 95.28
CA GLY LB 69 13.68 -157.47 95.79
C GLY LB 69 14.55 -158.05 94.68
N ASP LB 70 15.36 -157.21 94.05
CA ASP LB 70 16.09 -157.59 92.84
C ASP LB 70 17.20 -158.58 93.17
N GLN LB 71 16.78 -159.79 93.56
CA GLN LB 71 17.67 -160.93 93.74
C GLN LB 71 18.78 -160.65 94.76
N GLN LB 72 18.49 -159.81 95.77
CA GLN LB 72 19.42 -159.57 96.86
C GLN LB 72 19.04 -160.36 98.11
N HIS LB 73 17.82 -160.16 98.62
CA HIS LB 73 17.32 -160.93 99.75
C HIS LB 73 16.44 -162.07 99.26
N CYS LB 74 17.08 -163.05 98.65
CA CYS LB 74 16.35 -164.19 98.09
C CYS LB 74 15.70 -165.03 99.19
N ASP LB 75 16.39 -165.23 100.31
CA ASP LB 75 15.86 -166.09 101.38
C ASP LB 75 14.60 -165.50 101.99
N GLU LB 76 14.61 -164.19 102.28
CA GLU LB 76 13.42 -163.55 102.84
C GLU LB 76 12.27 -163.56 101.85
N ALA LB 77 12.57 -163.32 100.56
CA ALA LB 77 11.53 -163.35 99.54
C ALA LB 77 10.90 -164.73 99.44
N LYS LB 78 11.72 -165.79 99.52
CA LYS LB 78 11.18 -167.14 99.50
C LYS LB 78 10.38 -167.44 100.77
N ALA LB 79 10.81 -166.91 101.91
CA ALA LB 79 10.07 -167.11 103.15
C ALA LB 79 8.69 -166.46 103.09
N VAL LB 80 8.62 -165.25 102.55
CA VAL LB 80 7.33 -164.55 102.43
C VAL LB 80 6.57 -164.97 101.18
N ASP LB 81 7.18 -165.76 100.31
CA ASP LB 81 6.53 -166.33 99.12
C ASP LB 81 6.06 -165.23 98.16
N ILE LB 82 7.03 -164.46 97.67
CA ILE LB 82 6.82 -163.52 96.57
C ILE LB 82 7.64 -164.00 95.38
N PRO LB 83 7.03 -164.19 94.21
CA PRO LB 83 7.81 -164.62 93.04
C PRO LB 83 8.86 -163.60 92.67
N HIS LB 84 10.03 -164.11 92.25
CA HIS LB 84 11.10 -163.23 91.78
C HIS LB 84 10.71 -162.59 90.45
N MET LB 85 10.80 -161.26 90.40
CA MET LB 85 10.43 -160.55 89.18
C MET LB 85 11.49 -159.50 88.87
N ASP LB 86 11.67 -159.20 87.59
CA ASP LB 86 12.80 -158.41 87.13
C ASP LB 86 12.37 -156.98 86.80
N ILE LB 87 13.30 -156.20 86.23
CA ILE LB 87 13.07 -154.77 86.02
C ILE LB 87 12.04 -154.52 84.93
N GLU LB 88 12.09 -155.29 83.83
CA GLU LB 88 11.16 -155.06 82.74
C GLU LB 88 9.71 -155.36 83.16
N ALA LB 89 9.50 -156.45 83.89
CA ALA LB 89 8.15 -156.71 84.38
C ALA LB 89 7.80 -155.78 85.55
N LEU LB 90 8.79 -155.20 86.21
CA LEU LB 90 8.54 -154.11 87.12
C LEU LB 90 7.95 -152.91 86.37
N LYS LB 91 8.53 -152.60 85.21
CA LYS LB 91 7.96 -151.59 84.32
C LYS LB 91 6.55 -151.98 83.89
N LYS LB 92 6.34 -153.28 83.65
CA LYS LB 92 5.01 -153.77 83.27
C LYS LB 92 3.99 -153.53 84.38
N LEU LB 93 4.37 -153.80 85.63
CA LEU LB 93 3.41 -153.74 86.72
C LEU LB 93 3.09 -152.32 87.15
N ASN LB 94 3.92 -151.35 86.80
CA ASN LB 94 3.62 -149.97 87.12
C ASN LB 94 2.43 -149.49 86.28
N LYS LB 95 1.96 -148.29 86.60
CA LYS LB 95 0.76 -147.77 85.94
C LYS LB 95 0.99 -147.35 84.50
N ASN LB 96 2.16 -147.56 83.91
CA ASN LB 96 2.39 -147.15 82.53
C ASN LB 96 1.72 -148.09 81.54
N LYS LB 97 1.59 -149.37 81.88
CA LYS LB 97 0.94 -150.33 81.00
C LYS LB 97 -0.57 -150.35 81.27
N LYS LB 98 -1.30 -151.05 80.41
CA LYS LB 98 -2.74 -151.22 80.51
C LYS LB 98 -3.11 -152.69 80.45
N LEU LB 99 -2.24 -153.54 81.02
CA LEU LB 99 -2.33 -154.97 80.78
C LEU LB 99 -3.49 -155.60 81.54
N VAL LB 100 -3.54 -155.41 82.86
CA VAL LB 100 -4.53 -156.05 83.70
C VAL LB 100 -5.14 -154.98 84.61
N LYS LB 101 -6.31 -155.29 85.16
CA LYS LB 101 -6.99 -154.38 86.05
C LYS LB 101 -6.27 -154.35 87.40
N LYS LB 102 -5.20 -153.58 87.49
CA LYS LB 102 -4.34 -153.56 88.67
C LYS LB 102 -4.28 -152.15 89.25
N LEU LB 103 -4.37 -152.05 90.57
CA LEU LB 103 -4.33 -150.76 91.22
C LEU LB 103 -2.91 -150.21 91.20
N ALA LB 104 -2.75 -148.98 90.71
CA ALA LB 104 -1.46 -148.32 90.73
C ALA LB 104 -1.04 -147.91 92.14
N LYS LB 105 -1.96 -147.98 93.10
CA LYS LB 105 -1.74 -147.53 94.48
C LYS LB 105 -1.74 -148.70 95.45
N LYS LB 106 -1.48 -149.91 94.95
CA LYS LB 106 -1.51 -151.09 95.81
C LYS LB 106 -0.51 -150.95 96.96
N TYR LB 107 0.64 -150.36 96.70
CA TYR LB 107 1.62 -150.06 97.73
C TYR LB 107 1.66 -148.54 97.90
N ASP LB 108 1.63 -148.09 99.16
CA ASP LB 108 1.90 -146.68 99.41
C ASP LB 108 3.37 -146.45 99.72
N ALA LB 109 4.17 -147.52 99.70
CA ALA LB 109 5.62 -147.45 99.88
C ALA LB 109 6.27 -148.67 99.28
N PHE LB 110 7.35 -148.47 98.52
CA PHE LB 110 8.09 -149.52 97.83
C PHE LB 110 9.24 -150.06 98.66
N LEU LB 111 9.79 -151.18 98.18
CA LEU LB 111 10.94 -151.80 98.81
C LEU LB 111 12.17 -150.92 98.67
N ALA LB 112 12.94 -150.84 99.75
CA ALA LB 112 14.21 -150.13 99.73
C ALA LB 112 15.30 -151.04 99.20
N SER LB 113 15.79 -150.74 98.00
CA SER LB 113 16.83 -151.53 97.35
C SER LB 113 17.96 -150.59 96.97
N GLU LB 114 19.06 -151.17 96.46
CA GLU LB 114 20.21 -150.39 96.03
C GLU LB 114 20.44 -150.36 94.53
N SER LB 115 20.06 -151.41 93.80
CA SER LB 115 20.39 -151.49 92.39
C SER LB 115 19.45 -150.64 91.53
N LEU LB 116 18.14 -150.82 91.71
CA LEU LB 116 17.16 -150.27 90.78
C LEU LB 116 16.56 -148.95 91.24
N ILE LB 117 17.03 -148.38 92.35
CA ILE LB 117 16.44 -147.12 92.83
C ILE LB 117 16.72 -146.00 91.84
N LYS LB 118 17.93 -145.96 91.27
CA LYS LB 118 18.27 -144.90 90.33
C LYS LB 118 17.48 -145.02 89.04
N GLN LB 119 17.29 -146.24 88.54
CA GLN LB 119 16.69 -146.45 87.22
C GLN LB 119 15.17 -146.53 87.25
N ILE LB 120 14.55 -146.53 88.43
CA ILE LB 120 13.09 -146.47 88.50
C ILE LB 120 12.62 -145.17 87.85
N PRO LB 121 13.10 -143.96 88.26
CA PRO LB 121 12.62 -142.72 87.66
C PRO LB 121 13.43 -142.22 86.46
N ARG LB 122 13.72 -143.12 85.51
CA ARG LB 122 14.27 -142.67 84.24
C ARG LB 122 13.53 -143.28 83.05
N ILE LB 123 13.12 -144.53 83.17
CA ILE LB 123 12.53 -145.26 82.06
C ILE LB 123 11.01 -145.27 82.15
N LEU LB 124 10.46 -145.39 83.35
CA LEU LB 124 9.02 -145.52 83.52
C LEU LB 124 8.31 -144.20 83.19
N GLY LB 125 7.00 -144.30 83.00
CA GLY LB 125 6.18 -143.14 82.74
C GLY LB 125 5.99 -142.30 83.99
N PRO LB 126 5.38 -141.13 83.83
CA PRO LB 126 5.30 -140.16 84.93
C PRO LB 126 4.26 -140.49 85.99
N GLY LB 127 3.69 -141.69 85.99
CA GLY LB 127 2.69 -142.02 86.98
C GLY LB 127 3.25 -142.07 88.40
N LEU LB 128 4.47 -142.58 88.55
CA LEU LB 128 5.00 -142.87 89.88
C LEU LB 128 5.41 -141.60 90.62
N ASN LB 129 5.98 -140.62 89.89
CA ASN LB 129 6.36 -139.36 90.53
C ASN LB 129 5.21 -138.36 90.55
N LYS LB 130 4.16 -138.60 89.74
CA LYS LB 130 2.93 -137.83 89.90
C LYS LB 130 2.14 -138.34 91.10
N ALA LB 131 2.26 -139.63 91.40
CA ALA LB 131 1.58 -140.20 92.56
C ALA LB 131 2.16 -139.68 93.86
N GLY LB 132 3.49 -139.68 93.97
CA GLY LB 132 4.15 -139.33 95.20
C GLY LB 132 4.68 -140.49 96.01
N LYS LB 133 4.81 -141.68 95.40
CA LYS LB 133 5.31 -142.87 96.07
C LYS LB 133 6.68 -143.23 95.51
N PHE LB 134 7.65 -143.39 96.41
CA PHE LB 134 9.03 -143.65 96.03
C PHE LB 134 9.59 -144.78 96.90
N PRO LB 135 10.54 -145.56 96.37
CA PRO LB 135 11.19 -146.61 97.18
C PRO LB 135 12.16 -146.02 98.19
N SER LB 136 11.61 -145.55 99.31
CA SER LB 136 12.38 -144.90 100.36
C SER LB 136 12.35 -145.75 101.63
N LEU LB 137 12.99 -145.24 102.67
CA LEU LB 137 13.00 -145.88 103.97
C LEU LB 137 11.85 -145.42 104.86
N LEU LB 138 10.95 -144.59 104.34
CA LEU LB 138 9.78 -144.18 105.11
C LEU LB 138 8.88 -145.38 105.43
N THR LB 139 8.98 -146.44 104.62
CA THR LB 139 8.33 -147.71 104.97
C THR LB 139 9.10 -148.45 106.05
N HIS LB 140 10.40 -148.19 106.20
CA HIS LB 140 11.27 -148.90 107.13
C HIS LB 140 11.25 -150.41 106.84
N ASN LB 141 11.42 -150.75 105.56
CA ASN LB 141 11.28 -152.12 105.11
C ASN LB 141 12.49 -152.60 104.31
N GLU LB 142 13.69 -152.40 104.83
CA GLU LB 142 14.88 -152.82 104.10
C GLU LB 142 14.91 -154.33 103.88
N ASN LB 143 14.64 -155.11 104.95
CA ASN LB 143 14.49 -156.55 104.87
C ASN LB 143 15.73 -157.22 104.24
N MET LB 144 16.86 -157.08 104.93
CA MET LB 144 18.13 -157.58 104.42
C MET LB 144 18.62 -158.82 105.14
N VAL LB 145 18.76 -158.78 106.47
CA VAL LB 145 19.49 -159.87 107.15
C VAL LB 145 18.58 -161.06 107.41
N ALA LB 146 17.62 -160.92 108.31
CA ALA LB 146 16.65 -161.99 108.50
C ALA LB 146 15.21 -161.53 108.32
N LYS LB 147 14.79 -160.56 109.13
CA LYS LB 147 13.40 -160.09 109.14
C LYS LB 147 13.27 -158.85 110.03
N VAL LB 148 12.66 -157.78 109.52
CA VAL LB 148 12.40 -156.61 110.35
C VAL LB 148 10.92 -156.23 110.32
N ASP LB 149 10.38 -155.97 109.13
CA ASP LB 149 8.98 -155.57 108.97
C ASP LB 149 8.38 -156.15 107.71
N GLU LB 150 8.83 -157.34 107.30
CA GLU LB 150 8.37 -157.92 106.03
C GLU LB 150 6.88 -158.24 106.09
N VAL LB 151 6.43 -158.88 107.17
CA VAL LB 151 5.05 -159.34 107.22
C VAL LB 151 4.12 -158.39 107.96
N LYS LB 152 4.66 -157.44 108.74
CA LYS LB 152 3.79 -156.53 109.49
C LYS LB 152 3.32 -155.36 108.61
N SER LB 153 4.26 -154.52 108.19
CA SER LB 153 4.04 -153.44 107.23
C SER LB 153 2.80 -152.61 107.56
N THR LB 154 2.84 -151.93 108.71
CA THR LB 154 1.73 -151.06 109.08
C THR LB 154 1.59 -149.92 108.08
N ILE LB 155 0.39 -149.37 107.98
CA ILE LB 155 0.12 -148.31 107.02
C ILE LB 155 0.97 -147.09 107.35
N LYS LB 156 1.91 -146.76 106.47
CA LYS LB 156 2.78 -145.61 106.64
C LYS LB 156 2.00 -144.32 106.45
N PHE LB 157 2.46 -143.28 107.14
CA PHE LB 157 1.85 -141.95 107.02
C PHE LB 157 2.94 -140.90 106.90
N GLN LB 158 2.55 -139.74 106.36
CA GLN LB 158 3.46 -138.62 106.13
C GLN LB 158 2.89 -137.37 106.78
N MET LB 159 3.76 -136.57 107.39
CA MET LB 159 3.36 -135.33 108.05
C MET LB 159 3.75 -134.16 107.15
N LYS LB 160 2.75 -133.56 106.50
CA LYS LB 160 2.96 -132.48 105.55
C LYS LB 160 2.32 -131.19 106.08
N LYS LB 161 2.35 -130.15 105.25
CA LYS LB 161 1.99 -128.81 105.69
C LYS LB 161 0.48 -128.61 105.88
N VAL LB 162 -0.37 -129.52 105.41
CA VAL LB 162 -1.81 -129.35 105.65
C VAL LB 162 -2.13 -129.63 107.11
N LEU LB 163 -3.34 -129.23 107.52
CA LEU LB 163 -3.69 -129.29 108.94
C LEU LB 163 -4.24 -130.66 109.33
N CYS LB 164 -4.82 -131.40 108.39
CA CYS LB 164 -5.42 -132.68 108.72
C CYS LB 164 -5.16 -133.70 107.64
N LEU LB 165 -5.02 -134.96 108.07
CA LEU LB 165 -4.93 -136.14 107.21
C LEU LB 165 -5.39 -137.34 108.02
N ALA LB 166 -5.93 -138.34 107.35
CA ALA LB 166 -6.40 -139.57 108.00
C ALA LB 166 -5.59 -140.76 107.51
N VAL LB 167 -5.02 -141.52 108.45
CA VAL LB 167 -4.24 -142.71 108.15
C VAL LB 167 -4.85 -143.90 108.91
N ALA LB 168 -5.45 -144.82 108.16
CA ALA LB 168 -6.20 -145.92 108.74
C ALA LB 168 -5.24 -146.95 109.34
N VAL LB 169 -5.38 -147.20 110.64
CA VAL LB 169 -4.72 -148.35 111.24
C VAL LB 169 -5.27 -149.64 110.65
N GLY LB 170 -6.58 -149.72 110.48
CA GLY LB 170 -7.23 -150.88 109.93
C GLY LB 170 -8.41 -151.33 110.78
N HIS LB 171 -8.45 -152.60 111.16
CA HIS LB 171 -9.48 -153.14 112.03
C HIS LB 171 -8.85 -153.73 113.28
N VAL LB 172 -9.67 -153.95 114.30
CA VAL LB 172 -9.27 -154.58 115.55
C VAL LB 172 -10.06 -155.85 115.82
N LYS LB 173 -11.38 -155.80 115.60
CA LYS LB 173 -12.34 -156.90 115.70
C LYS LB 173 -12.26 -157.68 117.01
N MET LB 174 -11.73 -157.06 118.07
CA MET LB 174 -11.69 -157.70 119.38
C MET LB 174 -11.60 -156.61 120.44
N THR LB 175 -11.59 -157.05 121.70
CA THR LB 175 -11.49 -156.13 122.83
C THR LB 175 -10.11 -155.47 122.84
N ASP LB 176 -10.10 -154.20 123.23
CA ASP LB 176 -8.87 -153.40 123.27
C ASP LB 176 -7.92 -153.81 124.37
N ASP LB 177 -8.14 -154.97 125.01
CA ASP LB 177 -7.21 -155.46 126.00
C ASP LB 177 -5.83 -155.70 125.42
N GLU LB 178 -5.72 -155.82 124.09
CA GLU LB 178 -4.41 -155.76 123.47
C GLU LB 178 -4.01 -154.32 123.15
N LEU LB 179 -5.00 -153.44 122.93
CA LEU LB 179 -4.71 -152.04 122.61
C LEU LB 179 -4.12 -151.30 123.80
N VAL LB 180 -4.38 -151.77 125.02
CA VAL LB 180 -3.91 -151.05 126.21
C VAL LB 180 -2.39 -151.00 126.24
N TYR LB 181 -1.73 -152.03 125.75
CA TYR LB 181 -0.27 -152.02 125.63
C TYR LB 181 0.23 -151.79 124.20
N ASN LB 182 -0.59 -152.08 123.19
CA ASN LB 182 -0.17 -151.85 121.81
C ASN LB 182 -0.02 -150.36 121.52
N ILE LB 183 -0.99 -149.56 121.93
CA ILE LB 183 -1.02 -148.14 121.53
C ILE LB 183 -0.89 -147.21 122.72
N HIS LB 184 0.35 -146.85 123.07
CA HIS LB 184 0.67 -145.61 123.79
C HIS LB 184 1.82 -144.98 123.03
N LEU LB 185 1.51 -144.32 121.90
CA LEU LB 185 2.59 -143.71 121.13
C LEU LB 185 2.27 -142.34 120.54
N ALA LB 186 1.00 -141.98 120.34
CA ALA LB 186 0.69 -140.75 119.60
C ALA LB 186 1.16 -139.52 120.36
N VAL LB 187 0.78 -139.40 121.63
CA VAL LB 187 1.18 -138.26 122.44
C VAL LB 187 2.69 -138.28 122.66
N ASN LB 188 3.28 -139.47 122.73
CA ASN LB 188 4.72 -139.56 122.96
C ASN LB 188 5.49 -138.97 121.78
N PHE LB 189 5.10 -139.29 120.54
CA PHE LB 189 5.82 -138.71 119.41
C PHE LB 189 5.39 -137.28 119.14
N LEU LB 190 4.22 -136.86 119.66
CA LEU LB 190 3.85 -135.46 119.53
C LEU LB 190 4.62 -134.57 120.51
N VAL LB 191 4.94 -135.11 121.69
CA VAL LB 191 5.77 -134.38 122.64
C VAL LB 191 7.26 -134.61 122.40
N SER LB 192 7.63 -135.55 121.55
CA SER LB 192 9.04 -135.76 121.24
C SER LB 192 9.59 -134.65 120.37
N LEU LB 193 8.80 -134.09 119.45
CA LEU LB 193 9.32 -133.15 118.47
C LEU LB 193 8.20 -132.21 118.04
N LEU LB 194 8.52 -131.33 117.08
CA LEU LB 194 7.61 -130.28 116.58
C LEU LB 194 6.95 -129.50 117.73
N LYS LB 195 7.78 -128.86 118.56
CA LYS LB 195 7.26 -128.19 119.74
C LYS LB 195 6.57 -126.86 119.41
N LYS LB 196 6.91 -126.24 118.28
CA LYS LB 196 6.25 -124.99 117.89
C LYS LB 196 4.89 -125.34 117.28
N ASN LB 197 3.96 -125.67 118.17
CA ASN LB 197 2.64 -126.13 117.76
C ASN LB 197 1.74 -126.11 119.01
N TRP LB 198 0.57 -126.72 118.88
CA TRP LB 198 -0.34 -126.91 120.00
C TRP LB 198 0.32 -127.81 121.06
N GLN LB 199 -0.29 -127.84 122.25
CA GLN LB 199 0.29 -128.46 123.42
C GLN LB 199 0.29 -129.99 123.29
N ASN LB 200 0.62 -130.67 124.39
CA ASN LB 200 0.93 -132.10 124.33
C ASN LB 200 -0.26 -132.95 123.87
N VAL LB 201 -1.42 -132.80 124.52
CA VAL LB 201 -2.49 -133.77 124.37
C VAL LB 201 -3.85 -133.11 124.49
N ARG LB 202 -4.84 -133.76 123.91
CA ARG LB 202 -6.27 -133.50 124.10
C ARG LB 202 -6.98 -134.72 123.52
N ALA LB 203 -8.31 -134.66 123.45
CA ALA LB 203 -9.07 -135.77 122.90
C ALA LB 203 -8.71 -136.01 121.43
N LEU LB 204 -8.73 -137.29 121.03
CA LEU LB 204 -8.38 -137.68 119.68
C LEU LB 204 -9.59 -138.28 118.98
N TYR LB 205 -9.73 -137.96 117.69
CA TYR LB 205 -10.90 -138.30 116.90
C TYR LB 205 -10.61 -139.48 115.99
N ILE LB 206 -11.32 -140.58 116.20
CA ILE LB 206 -11.05 -141.85 115.54
C ILE LB 206 -12.29 -142.42 114.86
N LYS LB 207 -13.16 -141.54 114.37
CA LYS LB 207 -14.41 -141.96 113.74
C LYS LB 207 -14.13 -142.84 112.53
N SER LB 208 -15.11 -143.68 112.19
CA SER LB 208 -14.96 -144.71 111.17
C SER LB 208 -16.30 -144.91 110.48
N THR LB 209 -16.45 -146.04 109.78
CA THR LB 209 -17.71 -146.36 109.09
C THR LB 209 -18.90 -146.21 110.02
N MET LB 210 -18.81 -146.84 111.20
CA MET LB 210 -19.62 -146.47 112.35
C MET LB 210 -18.61 -146.30 113.47
N GLY LB 211 -17.99 -145.13 113.51
CA GLY LB 211 -16.87 -144.90 114.41
C GLY LB 211 -17.29 -144.44 115.77
N LYS LB 212 -17.37 -145.36 116.71
CA LYS LB 212 -17.73 -145.01 118.07
C LYS LB 212 -16.62 -144.16 118.68
N PRO LB 213 -16.94 -143.17 119.50
CA PRO LB 213 -15.88 -142.32 120.07
C PRO LB 213 -15.01 -143.07 121.06
N GLN LB 214 -13.71 -143.08 120.80
CA GLN LB 214 -12.72 -143.61 121.72
C GLN LB 214 -11.72 -142.47 121.95
N ARG LB 215 -12.26 -141.30 122.30
CA ARG LB 215 -11.46 -140.09 122.43
C ARG LB 215 -10.33 -140.29 123.42
N LEU LB 216 -9.10 -140.35 122.92
CA LEU LB 216 -7.94 -140.57 123.77
C LEU LB 216 -7.44 -139.21 124.24
N TYR LB 217 -8.05 -138.70 125.30
CA TYR LB 217 -7.67 -137.41 125.88
C TYR LB 217 -6.24 -137.46 126.40
N MET MB 1 -48.55 -90.15 49.53
CA MET MB 1 -48.49 -88.72 49.52
C MET MB 1 -47.89 -88.46 48.11
N GLY MB 2 -46.69 -87.85 47.98
CA GLY MB 2 -46.28 -87.29 46.70
C GLY MB 2 -47.14 -86.15 46.20
N ARG MB 3 -47.74 -85.41 47.13
CA ARG MB 3 -48.78 -84.46 46.79
C ARG MB 3 -48.28 -83.02 46.84
N VAL MB 4 -47.00 -82.81 46.60
CA VAL MB 4 -46.44 -81.47 46.58
C VAL MB 4 -46.03 -81.14 45.15
N ARG MB 5 -46.47 -79.99 44.66
CA ARG MB 5 -46.20 -79.57 43.31
C ARG MB 5 -45.66 -78.15 43.33
N THR MB 6 -45.29 -77.65 42.16
CA THR MB 6 -45.22 -76.22 41.95
C THR MB 6 -46.48 -75.78 41.23
N LYS MB 7 -46.93 -74.57 41.56
CA LYS MB 7 -47.99 -73.95 40.78
C LYS MB 7 -47.63 -73.90 39.31
N THR MB 8 -46.32 -73.81 39.03
CA THR MB 8 -45.83 -73.69 37.68
C THR MB 8 -45.92 -75.03 36.92
N VAL MB 9 -45.51 -76.12 37.56
CA VAL MB 9 -45.73 -77.39 36.87
C VAL MB 9 -47.21 -77.75 36.92
N LYS MB 10 -47.95 -77.17 37.87
CA LYS MB 10 -49.40 -77.13 37.75
C LYS MB 10 -49.82 -76.36 36.52
N LYS MB 11 -49.03 -75.36 36.14
CA LYS MB 11 -49.29 -74.59 34.93
C LYS MB 11 -48.90 -75.48 33.76
N ALA MB 12 -49.80 -76.37 33.42
CA ALA MB 12 -49.39 -77.42 32.50
C ALA MB 12 -50.34 -77.67 31.34
N ALA MB 13 -51.65 -77.63 31.58
CA ALA MB 13 -52.63 -78.23 30.68
C ALA MB 13 -53.48 -77.23 29.92
N ARG MB 14 -53.69 -76.05 30.47
CA ARG MB 14 -54.53 -75.03 29.85
C ARG MB 14 -53.77 -74.22 28.80
N VAL MB 15 -52.47 -74.50 28.64
CA VAL MB 15 -51.77 -74.18 27.41
C VAL MB 15 -52.36 -74.96 26.25
N ILE MB 16 -53.04 -76.05 26.56
CA ILE MB 16 -53.55 -76.97 25.57
C ILE MB 16 -55.07 -76.90 25.47
N ILE MB 17 -55.75 -77.15 26.60
CA ILE MB 17 -57.11 -77.62 26.64
C ILE MB 17 -58.07 -76.76 25.80
N GLU MB 18 -58.20 -75.50 26.19
CA GLU MB 18 -59.18 -74.64 25.53
C GLU MB 18 -58.77 -74.31 24.11
N LYS MB 19 -57.46 -74.21 23.85
CA LYS MB 19 -56.99 -73.98 22.49
C LYS MB 19 -57.54 -75.04 21.55
N TYR MB 20 -57.73 -76.25 22.05
CA TYR MB 20 -58.33 -77.32 21.28
C TYR MB 20 -59.61 -77.77 21.98
N TYR MB 21 -60.46 -76.79 22.30
CA TYR MB 21 -61.71 -77.03 23.02
C TYR MB 21 -62.57 -78.12 22.37
N THR MB 22 -62.27 -78.47 21.13
CA THR MB 22 -63.15 -79.34 20.36
C THR MB 22 -62.99 -80.82 20.69
N ARG MB 23 -61.87 -81.25 21.25
CA ARG MB 23 -61.51 -82.68 21.27
C ARG MB 23 -61.06 -83.12 22.66
N LEU MB 24 -61.85 -82.82 23.68
CA LEU MB 24 -61.57 -83.36 25.00
C LEU MB 24 -62.69 -84.29 25.43
N GLY MB 25 -62.61 -84.75 26.67
CA GLY MB 25 -63.58 -85.72 27.13
C GLY MB 25 -63.55 -85.87 28.63
N ASN MB 26 -64.00 -87.05 29.09
CA ASN MB 26 -63.94 -87.49 30.48
C ASN MB 26 -63.22 -88.84 30.51
N ASP MB 27 -61.89 -88.84 30.54
CA ASP MB 27 -61.20 -89.71 29.60
C ASP MB 27 -59.86 -90.27 30.10
N PHE MB 28 -59.47 -91.46 29.56
CA PHE MB 28 -58.23 -92.21 29.90
C PHE MB 28 -57.40 -92.80 28.74
N HIS MB 29 -57.90 -92.94 27.47
CA HIS MB 29 -57.05 -93.40 26.36
C HIS MB 29 -57.25 -92.84 24.94
N THR MB 30 -58.15 -91.89 24.69
CA THR MB 30 -58.43 -91.45 23.32
C THR MB 30 -58.38 -89.94 23.11
N ASN MB 31 -58.44 -89.13 24.17
CA ASN MB 31 -57.83 -87.80 24.09
C ASN MB 31 -56.35 -87.92 24.33
N LYS MB 32 -55.92 -89.09 24.80
CA LYS MB 32 -54.55 -89.56 24.77
C LYS MB 32 -53.95 -89.27 23.39
N ARG MB 33 -54.52 -89.88 22.34
CA ARG MB 33 -53.92 -89.76 21.01
C ARG MB 33 -53.82 -88.31 20.55
N VAL MB 34 -54.88 -87.52 20.78
CA VAL MB 34 -54.87 -86.15 20.27
C VAL MB 34 -53.77 -85.33 20.93
N CYS MB 35 -53.37 -85.68 22.14
CA CYS MB 35 -52.35 -84.91 22.84
C CYS MB 35 -50.94 -85.31 22.45
N GLU MB 36 -50.77 -86.19 21.47
CA GLU MB 36 -49.43 -86.68 21.15
C GLU MB 36 -48.64 -85.70 20.31
N GLU MB 37 -49.30 -85.04 19.36
CA GLU MB 37 -48.62 -84.47 18.19
C GLU MB 37 -48.86 -82.97 18.01
N ILE MB 38 -48.95 -82.20 19.10
CA ILE MB 38 -49.54 -80.87 18.96
C ILE MB 38 -48.74 -79.69 19.51
N ALA MB 39 -47.40 -79.81 19.64
CA ALA MB 39 -46.59 -78.64 19.99
C ALA MB 39 -45.10 -78.96 19.97
N ILE MB 40 -44.29 -77.93 20.25
CA ILE MB 40 -42.84 -78.05 20.46
C ILE MB 40 -42.59 -78.13 21.96
N ILE MB 41 -42.27 -79.32 22.44
CA ILE MB 41 -42.30 -79.60 23.87
C ILE MB 41 -41.12 -80.52 24.22
N PRO MB 42 -39.85 -80.07 24.08
CA PRO MB 42 -38.72 -81.02 23.92
C PRO MB 42 -38.23 -81.90 25.08
N SER MB 43 -39.01 -82.91 25.49
CA SER MB 43 -38.51 -84.19 26.00
C SER MB 43 -39.71 -85.08 26.32
N LYS MB 44 -39.43 -86.29 26.80
CA LYS MB 44 -40.42 -87.37 26.72
C LYS MB 44 -41.32 -87.46 27.96
N LYS MB 45 -40.71 -87.39 29.15
CA LYS MB 45 -41.32 -88.00 30.33
C LYS MB 45 -42.69 -87.41 30.68
N LEU MB 46 -42.83 -86.08 30.60
CA LEU MB 46 -43.92 -85.40 31.30
C LEU MB 46 -45.23 -85.36 30.51
N ARG MB 47 -45.47 -86.31 29.60
CA ARG MB 47 -46.73 -86.30 28.85
C ARG MB 47 -47.93 -86.60 29.74
N ASN MB 48 -47.76 -87.48 30.73
CA ASN MB 48 -48.87 -87.85 31.61
C ASN MB 48 -49.29 -86.70 32.51
N LYS MB 49 -48.32 -85.91 32.96
CA LYS MB 49 -48.57 -84.89 33.97
C LYS MB 49 -49.30 -83.68 33.38
N ILE MB 50 -49.01 -83.33 32.13
CA ILE MB 50 -49.79 -82.30 31.46
C ILE MB 50 -51.23 -82.76 31.32
N ALA MB 51 -51.43 -84.03 30.93
CA ALA MB 51 -52.68 -84.51 30.35
C ALA MB 51 -53.55 -85.29 31.35
N GLY MB 52 -53.19 -85.33 32.63
CA GLY MB 52 -53.92 -86.13 33.59
C GLY MB 52 -55.26 -85.57 34.01
N TYR MB 53 -55.26 -84.43 34.70
CA TYR MB 53 -56.46 -83.69 35.02
C TYR MB 53 -57.08 -83.00 33.81
N VAL MB 54 -56.48 -83.18 32.62
CA VAL MB 54 -56.96 -82.51 31.41
C VAL MB 54 -58.41 -82.81 31.12
N THR MB 55 -58.75 -84.08 30.97
CA THR MB 55 -60.13 -84.38 30.69
C THR MB 55 -61.02 -84.11 31.89
N HIS MB 56 -60.42 -83.95 33.08
CA HIS MB 56 -61.20 -83.48 34.22
C HIS MB 56 -61.78 -82.09 33.97
N LEU MB 57 -61.19 -81.31 33.07
CA LEU MB 57 -61.76 -80.02 32.73
C LEU MB 57 -63.10 -80.18 32.01
N MET MB 58 -63.15 -81.01 30.97
CA MET MB 58 -64.42 -81.15 30.26
C MET MB 58 -65.39 -81.98 31.09
N LYS MB 59 -64.88 -82.77 32.06
CA LYS MB 59 -65.78 -83.23 33.12
C LYS MB 59 -66.46 -82.04 33.77
N ARG MB 60 -65.66 -81.05 34.18
CA ARG MB 60 -66.23 -79.88 34.85
C ARG MB 60 -67.28 -79.21 33.97
N ILE MB 61 -66.96 -79.02 32.68
CA ILE MB 61 -67.83 -78.31 31.76
C ILE MB 61 -69.09 -79.13 31.51
N GLN MB 62 -69.05 -80.42 31.77
CA GLN MB 62 -70.26 -81.20 31.69
C GLN MB 62 -71.03 -81.17 33.00
N ARG MB 63 -70.58 -80.37 33.97
CA ARG MB 63 -71.38 -80.01 35.12
C ARG MB 63 -71.28 -78.53 35.50
N GLY MB 64 -70.30 -77.79 34.99
CA GLY MB 64 -70.14 -76.39 35.31
C GLY MB 64 -69.03 -75.69 34.54
N PRO MB 65 -69.21 -74.40 34.27
CA PRO MB 65 -68.21 -73.66 33.50
C PRO MB 65 -66.97 -73.34 34.32
N VAL MB 66 -65.88 -73.06 33.60
CA VAL MB 66 -64.57 -72.85 34.22
C VAL MB 66 -63.62 -72.24 33.21
N ARG MB 67 -62.62 -71.48 33.69
CA ARG MB 67 -61.50 -71.12 32.84
C ARG MB 67 -60.53 -72.28 32.73
N GLY MB 68 -60.12 -72.58 31.51
CA GLY MB 68 -60.68 -71.89 30.36
C GLY MB 68 -59.91 -70.70 29.83
N ILE MB 69 -60.63 -69.80 29.18
CA ILE MB 69 -62.06 -69.99 29.00
C ILE MB 69 -62.34 -70.53 27.60
N SER MB 70 -63.18 -71.56 27.53
CA SER MB 70 -63.62 -72.10 26.26
C SER MB 70 -64.79 -71.27 25.76
N ILE MB 71 -64.64 -70.69 24.57
CA ILE MB 71 -65.59 -69.71 24.03
C ILE MB 71 -66.94 -70.38 23.76
N LYS MB 72 -66.99 -71.70 23.92
CA LYS MB 72 -68.25 -72.42 23.83
C LYS MB 72 -68.96 -72.51 25.17
N LEU MB 73 -68.25 -72.39 26.29
CA LEU MB 73 -68.89 -72.50 27.60
C LEU MB 73 -69.89 -71.38 27.82
N GLN MB 74 -69.42 -70.14 27.71
CA GLN MB 74 -70.13 -69.03 28.31
C GLN MB 74 -71.42 -68.74 27.58
N GLU MB 75 -71.41 -68.72 26.24
CA GLU MB 75 -72.61 -68.30 25.55
C GLU MB 75 -73.71 -69.36 25.66
N GLU MB 76 -73.35 -70.65 25.64
CA GLU MB 76 -74.34 -71.69 25.87
C GLU MB 76 -74.91 -71.61 27.28
N GLU MB 77 -74.02 -71.58 28.28
CA GLU MB 77 -74.49 -71.60 29.66
C GLU MB 77 -75.25 -70.33 30.04
N ARG MB 78 -75.01 -69.21 29.36
CA ARG MB 78 -75.76 -67.98 29.60
C ARG MB 78 -77.02 -67.89 28.75
N GLU MB 79 -77.03 -68.52 27.57
CA GLU MB 79 -78.26 -68.63 26.80
C GLU MB 79 -79.29 -69.46 27.53
N ARG MB 80 -78.86 -70.51 28.23
CA ARG MB 80 -79.78 -71.19 29.12
C ARG MB 80 -80.32 -70.25 30.19
N ARG MB 81 -79.45 -69.41 30.76
CA ARG MB 81 -79.88 -68.44 31.76
C ARG MB 81 -80.87 -67.43 31.17
N ASP MB 82 -80.74 -67.14 29.88
CA ASP MB 82 -81.56 -66.13 29.22
C ASP MB 82 -83.04 -66.35 29.44
N ASN MB 83 -83.46 -67.61 29.49
CA ASN MB 83 -84.88 -67.95 29.56
C ASN MB 83 -85.39 -67.79 30.99
N TYR MB 84 -86.60 -68.28 31.24
CA TYR MB 84 -87.32 -68.17 32.51
C TYR MB 84 -87.50 -66.70 32.91
N VAL MB 85 -88.34 -66.04 32.12
CA VAL MB 85 -88.80 -64.69 32.44
C VAL MB 85 -90.20 -64.83 33.03
N PRO MB 86 -90.41 -64.51 34.30
CA PRO MB 86 -91.64 -64.91 34.99
C PRO MB 86 -92.89 -64.30 34.36
N GLU MB 87 -93.96 -65.09 34.37
CA GLU MB 87 -95.24 -64.64 33.82
C GLU MB 87 -95.89 -63.62 34.76
N VAL MB 88 -96.02 -63.97 36.03
CA VAL MB 88 -96.52 -63.05 37.03
C VAL MB 88 -95.35 -62.23 37.54
N SER MB 89 -95.66 -61.07 38.12
CA SER MB 89 -94.61 -60.18 38.60
C SER MB 89 -94.06 -60.67 39.92
N ALA MB 90 -92.72 -60.63 40.05
CA ALA MB 90 -92.08 -60.98 41.31
C ALA MB 90 -92.42 -59.99 42.41
N LEU MB 91 -92.96 -58.83 42.05
CA LEU MB 91 -93.46 -57.84 43.00
C LEU MB 91 -94.74 -57.25 42.41
N ASP MB 92 -95.88 -57.85 42.77
CA ASP MB 92 -97.17 -57.31 42.38
C ASP MB 92 -98.22 -57.46 43.47
N GLN MB 93 -97.81 -57.65 44.73
CA GLN MB 93 -98.74 -58.10 45.76
C GLN MB 93 -99.68 -57.00 46.22
N GLU MB 94 -99.31 -55.74 46.01
CA GLU MB 94 -100.16 -54.58 46.26
C GLU MB 94 -100.56 -54.43 47.72
N ILE MB 95 -99.77 -54.98 48.63
CA ILE MB 95 -99.68 -54.48 50.00
C ILE MB 95 -98.20 -54.54 50.34
N ILE MB 96 -97.67 -53.53 51.01
CA ILE MB 96 -96.27 -53.54 51.41
C ILE MB 96 -96.15 -52.95 52.80
N GLU MB 97 -95.56 -53.73 53.71
CA GLU MB 97 -95.34 -53.27 55.06
C GLU MB 97 -94.46 -52.02 55.03
N VAL MB 98 -94.90 -50.97 55.71
CA VAL MB 98 -94.15 -49.72 55.82
C VAL MB 98 -94.35 -49.20 57.25
N ASP MB 99 -93.32 -48.56 57.76
CA ASP MB 99 -93.34 -48.03 59.11
C ASP MB 99 -93.80 -46.57 59.09
N PRO MB 100 -94.20 -46.02 60.25
CA PRO MB 100 -94.72 -44.65 60.26
C PRO MB 100 -93.79 -43.63 59.62
N ASP MB 101 -92.49 -43.77 59.85
CA ASP MB 101 -91.52 -42.91 59.16
C ASP MB 101 -91.73 -43.00 57.66
N THR MB 102 -91.88 -44.22 57.15
CA THR MB 102 -92.08 -44.38 55.71
C THR MB 102 -93.34 -43.68 55.25
N LYS MB 103 -94.47 -43.89 55.92
CA LYS MB 103 -95.70 -43.22 55.49
C LYS MB 103 -95.50 -41.71 55.47
N GLU MB 104 -94.95 -41.17 56.55
CA GLU MB 104 -94.86 -39.72 56.63
C GLU MB 104 -93.93 -39.13 55.58
N MET MB 105 -92.83 -39.82 55.23
CA MET MB 105 -92.07 -39.13 54.18
C MET MB 105 -92.59 -39.45 52.79
N LEU MB 106 -93.47 -40.45 52.63
CA LEU MB 106 -94.28 -40.45 51.42
C LEU MB 106 -95.24 -39.29 51.41
N LYS MB 107 -95.54 -38.73 52.58
CA LYS MB 107 -96.41 -37.55 52.59
C LYS MB 107 -95.67 -36.31 52.12
N LEU MB 108 -94.33 -36.33 52.09
CA LEU MB 108 -93.60 -35.22 51.48
C LEU MB 108 -93.46 -35.35 49.98
N LEU MB 109 -93.63 -36.55 49.41
CA LEU MB 109 -93.96 -36.61 48.01
C LEU MB 109 -95.45 -36.39 47.80
N ASP MB 110 -96.18 -36.16 48.88
CA ASP MB 110 -97.57 -35.68 48.86
C ASP MB 110 -98.52 -36.73 48.33
N PHE MB 111 -98.17 -38.00 48.47
CA PHE MB 111 -99.13 -39.07 48.23
C PHE MB 111 -98.85 -40.17 49.23
N GLY MB 112 -99.83 -40.45 50.09
CA GLY MB 112 -99.79 -41.59 50.98
C GLY MB 112 -101.18 -42.17 51.10
N SER MB 113 -102.04 -41.77 50.18
CA SER MB 113 -103.46 -42.06 50.27
C SER MB 113 -104.04 -42.81 49.09
N LEU MB 114 -103.65 -42.47 47.86
CA LEU MB 114 -104.31 -42.99 46.68
C LEU MB 114 -103.99 -44.45 46.37
N SER MB 115 -103.23 -45.12 47.24
CA SER MB 115 -102.90 -46.52 47.05
C SER MB 115 -103.24 -47.32 48.30
N ASN MB 116 -102.76 -48.57 48.32
CA ASN MB 116 -102.90 -49.41 49.51
C ASN MB 116 -101.89 -48.99 50.58
N LEU MB 117 -100.61 -49.16 50.26
CA LEU MB 117 -99.48 -48.85 51.15
C LEU MB 117 -99.81 -49.19 52.61
N GLN MB 118 -100.17 -50.45 52.82
CA GLN MB 118 -100.58 -50.88 54.14
C GLN MB 118 -99.43 -50.70 55.13
N VAL MB 119 -99.77 -50.24 56.32
CA VAL MB 119 -98.78 -49.85 57.32
C VAL MB 119 -98.54 -51.01 58.26
N THR MB 120 -97.27 -51.32 58.50
CA THR MB 120 -96.88 -52.19 59.59
C THR MB 120 -96.53 -51.33 60.80
N GLN MB 121 -96.76 -51.88 61.98
CA GLN MB 121 -96.49 -51.12 63.19
C GLN MB 121 -94.98 -50.94 63.36
N PRO MB 122 -94.54 -49.82 63.93
CA PRO MB 122 -93.12 -49.62 64.19
C PRO MB 122 -92.64 -50.53 65.31
N THR MB 123 -91.32 -50.67 65.42
CA THR MB 123 -90.77 -51.64 66.37
C THR MB 123 -91.17 -51.29 67.79
N VAL MB 124 -91.04 -50.02 68.18
CA VAL MB 124 -91.43 -49.52 69.49
C VAL MB 124 -90.70 -50.27 70.60
N GLY MB 125 -89.61 -49.68 71.07
CA GLY MB 125 -88.71 -50.37 71.97
C GLY MB 125 -87.41 -50.65 71.25
N MET MB 126 -87.55 -51.12 70.01
CA MET MB 126 -86.46 -51.13 69.02
C MET MB 126 -85.26 -51.94 69.56
N ASN MB 127 -85.45 -53.25 69.50
CA ASN MB 127 -84.44 -54.22 69.93
C ASN MB 127 -83.29 -54.26 68.91
N PHE MB 128 -83.27 -53.29 67.99
CA PHE MB 128 -82.14 -53.03 67.09
C PHE MB 128 -81.06 -52.32 67.91
N LYS MB 129 -80.24 -51.50 67.25
CA LYS MB 129 -79.27 -50.67 67.93
C LYS MB 129 -78.13 -51.54 68.43
N THR MB 130 -77.35 -52.06 67.47
CA THR MB 130 -76.32 -53.07 67.58
C THR MB 130 -75.44 -52.87 68.81
N PRO MB 131 -74.91 -53.94 69.36
CA PRO MB 131 -74.49 -53.96 70.77
C PRO MB 131 -73.14 -53.27 71.03
N ARG MB 132 -72.85 -53.09 72.34
CA ARG MB 132 -71.65 -52.40 72.83
C ARG MB 132 -71.33 -52.65 74.32
N GLY MB 133 -70.05 -53.12 74.64
CA GLY MB 133 -69.44 -53.27 75.98
C GLY MB 133 -69.55 -54.67 76.50
N PRO MB 134 -68.86 -54.93 77.76
CA PRO MB 134 -69.63 -55.65 78.76
C PRO MB 134 -70.47 -54.74 79.63
N VAL MB 135 -71.06 -55.23 80.71
CA VAL MB 135 -71.50 -54.33 81.77
C VAL MB 135 -70.33 -53.47 82.20
N MET NB 1 -11.81 -100.26 -9.49
CA MET NB 1 -12.67 -101.42 -9.64
C MET NB 1 -11.95 -102.69 -9.21
N ALA NB 2 -10.75 -102.88 -9.75
CA ALA NB 2 -9.90 -103.97 -9.27
C ALA NB 2 -9.60 -103.80 -7.80
N VAL NB 3 -9.25 -102.58 -7.39
CA VAL NB 3 -9.26 -102.22 -5.97
C VAL NB 3 -10.64 -101.63 -5.71
N GLN NB 4 -11.61 -102.52 -5.48
CA GLN NB 4 -12.95 -102.10 -5.12
C GLN NB 4 -12.99 -101.88 -3.62
N ILE NB 5 -13.64 -100.81 -3.21
CA ILE NB 5 -13.61 -100.38 -1.82
C ILE NB 5 -14.95 -100.66 -1.16
N SER NB 6 -14.90 -101.07 0.10
CA SER NB 6 -16.13 -101.29 0.86
C SER NB 6 -16.90 -99.99 0.98
N LYS NB 7 -18.23 -100.10 0.90
CA LYS NB 7 -19.05 -98.90 0.94
C LYS NB 7 -18.91 -98.18 2.27
N LYS NB 8 -18.58 -98.92 3.34
CA LYS NB 8 -18.32 -98.30 4.62
C LYS NB 8 -17.24 -97.23 4.50
N ARG NB 9 -16.28 -97.44 3.60
CA ARG NB 9 -15.27 -96.42 3.39
C ARG NB 9 -15.58 -95.53 2.20
N LYS NB 10 -16.36 -96.01 1.23
CA LYS NB 10 -16.67 -95.16 0.08
C LYS NB 10 -17.59 -94.02 0.48
N PHE NB 11 -18.48 -94.25 1.46
CA PHE NB 11 -19.31 -93.17 1.95
C PHE NB 11 -18.47 -92.12 2.67
N VAL NB 12 -17.49 -92.55 3.46
CA VAL NB 12 -16.60 -91.59 4.11
C VAL NB 12 -15.77 -90.86 3.08
N ALA NB 13 -15.35 -91.55 2.02
CA ALA NB 13 -14.62 -90.88 0.95
C ALA NB 13 -15.47 -89.80 0.31
N ASP NB 14 -16.75 -90.10 0.06
CA ASP NB 14 -17.64 -89.09 -0.50
C ASP NB 14 -17.85 -87.93 0.46
N GLY NB 15 -18.06 -88.23 1.74
CA GLY NB 15 -18.28 -87.16 2.71
C GLY NB 15 -17.07 -86.27 2.86
N ILE NB 16 -15.87 -86.87 2.87
CA ILE NB 16 -14.66 -86.06 2.99
C ILE NB 16 -14.38 -85.31 1.69
N PHE NB 17 -14.80 -85.87 0.56
CA PHE NB 17 -14.80 -85.11 -0.69
C PHE NB 17 -15.66 -83.86 -0.54
N LYS NB 18 -16.87 -84.03 0.01
CA LYS NB 18 -17.72 -82.89 0.34
C LYS NB 18 -16.99 -81.89 1.20
N ALA NB 19 -16.36 -82.38 2.27
CA ALA NB 19 -15.74 -81.48 3.23
C ALA NB 19 -14.61 -80.68 2.60
N GLU NB 20 -13.70 -81.37 1.91
CA GLU NB 20 -12.57 -80.68 1.29
C GLU NB 20 -13.03 -79.65 0.29
N LEU NB 21 -13.95 -80.04 -0.60
CA LEU NB 21 -14.41 -79.11 -1.61
C LEU NB 21 -15.12 -77.92 -0.95
N ASN NB 22 -15.91 -78.20 0.08
CA ASN NB 22 -16.65 -77.15 0.76
C ASN NB 22 -15.69 -76.14 1.37
N GLU NB 23 -14.68 -76.62 2.09
CA GLU NB 23 -13.74 -75.69 2.71
C GLU NB 23 -12.97 -74.90 1.67
N PHE NB 24 -12.55 -75.58 0.60
CA PHE NB 24 -11.81 -74.88 -0.45
C PHE NB 24 -12.65 -73.76 -1.04
N LEU NB 25 -13.92 -74.03 -1.32
CA LEU NB 25 -14.77 -72.98 -1.82
C LEU NB 25 -15.03 -71.91 -0.78
N THR NB 26 -15.13 -72.28 0.49
CA THR NB 26 -15.36 -71.29 1.52
C THR NB 26 -14.21 -70.29 1.58
N ARG NB 27 -12.98 -70.78 1.44
CA ARG NB 27 -11.84 -69.87 1.41
C ARG NB 27 -11.70 -69.19 0.06
N GLU NB 28 -12.28 -69.75 -0.99
CA GLU NB 28 -12.11 -69.21 -2.34
C GLU NB 28 -13.20 -68.20 -2.67
N LEU NB 29 -14.45 -68.64 -2.70
CA LEU NB 29 -15.58 -67.81 -3.08
C LEU NB 29 -16.14 -67.01 -1.93
N ALA NB 30 -15.32 -66.76 -0.91
CA ALA NB 30 -15.76 -65.95 0.20
C ALA NB 30 -16.20 -64.57 -0.25
N GLU NB 31 -15.28 -63.81 -0.86
CA GLU NB 31 -15.62 -62.47 -1.31
C GLU NB 31 -16.67 -62.47 -2.40
N ASP NB 32 -16.92 -63.61 -3.03
CA ASP NB 32 -17.94 -63.72 -4.06
C ASP NB 32 -19.28 -64.18 -3.49
N GLY NB 33 -19.36 -64.41 -2.19
CA GLY NB 33 -20.58 -64.88 -1.58
C GLY NB 33 -20.84 -66.33 -1.86
N TYR NB 34 -19.93 -67.19 -1.41
CA TYR NB 34 -19.94 -68.61 -1.78
C TYR NB 34 -21.28 -69.27 -1.47
N SER NB 35 -21.75 -69.13 -0.24
CA SER NB 35 -23.11 -69.51 0.17
C SER NB 35 -23.46 -70.97 -0.15
N GLY NB 36 -22.54 -71.89 0.05
CA GLY NB 36 -22.86 -73.30 0.04
C GLY NB 36 -22.60 -73.96 -1.30
N VAL NB 37 -22.57 -75.30 -1.27
CA VAL NB 37 -22.35 -76.12 -2.46
C VAL NB 37 -23.27 -77.32 -2.41
N GLU NB 38 -23.54 -77.89 -3.59
CA GLU NB 38 -24.33 -79.10 -3.71
C GLU NB 38 -23.89 -79.84 -4.97
N VAL NB 39 -23.90 -81.18 -4.91
CA VAL NB 39 -23.32 -82.02 -5.96
C VAL NB 39 -24.43 -82.67 -6.78
N ARG NB 40 -24.08 -83.05 -8.01
CA ARG NB 40 -24.91 -83.90 -8.87
C ARG NB 40 -24.01 -85.03 -9.35
N VAL NB 41 -24.10 -86.20 -8.71
CA VAL NB 41 -23.23 -87.33 -9.03
C VAL NB 41 -23.92 -88.24 -10.02
N THR NB 42 -23.20 -88.63 -11.07
CA THR NB 42 -23.61 -89.65 -12.03
C THR NB 42 -22.43 -90.58 -12.27
N PRO NB 43 -22.69 -91.81 -12.75
CA PRO NB 43 -21.58 -92.77 -12.93
C PRO NB 43 -20.53 -92.33 -13.93
N THR NB 44 -20.83 -91.39 -14.81
CA THR NB 44 -19.87 -91.00 -15.84
C THR NB 44 -19.56 -89.51 -15.86
N ARG NB 45 -20.50 -88.67 -15.44
CA ARG NB 45 -20.31 -87.22 -15.47
C ARG NB 45 -20.80 -86.64 -14.15
N THR NB 46 -19.88 -86.13 -13.35
CA THR NB 46 -20.19 -85.63 -12.01
C THR NB 46 -20.09 -84.12 -11.97
N GLU NB 47 -21.20 -83.49 -11.65
CA GLU NB 47 -21.29 -82.05 -11.66
C GLU NB 47 -21.50 -81.46 -10.27
N ILE NB 48 -20.78 -80.38 -10.01
CA ILE NB 48 -20.85 -79.70 -8.73
C ILE NB 48 -21.46 -78.33 -8.97
N ILE NB 49 -22.48 -77.99 -8.17
CA ILE NB 49 -23.23 -76.75 -8.33
C ILE NB 49 -23.00 -75.88 -7.11
N ILE NB 50 -22.53 -74.67 -7.33
CA ILE NB 50 -22.31 -73.72 -6.25
C ILE NB 50 -23.59 -72.92 -6.04
N LEU NB 51 -23.73 -72.33 -4.85
CA LEU NB 51 -24.89 -71.51 -4.57
C LEU NB 51 -24.47 -70.07 -4.29
N ALA NB 52 -23.55 -69.54 -5.08
CA ALA NB 52 -23.02 -68.21 -4.83
C ALA NB 52 -24.08 -67.15 -5.13
N THR NB 53 -23.91 -65.99 -4.49
CA THR NB 53 -24.81 -64.86 -4.71
C THR NB 53 -24.39 -64.06 -5.93
N ARG NB 54 -23.13 -63.64 -5.98
CA ARG NB 54 -22.60 -62.84 -7.09
C ARG NB 54 -22.05 -63.81 -8.14
N THR NB 55 -22.97 -64.41 -8.90
CA THR NB 55 -22.58 -65.39 -9.91
C THR NB 55 -21.84 -64.75 -11.07
N GLN NB 56 -22.00 -63.45 -11.29
CA GLN NB 56 -21.23 -62.80 -12.35
C GLN NB 56 -19.74 -62.93 -12.08
N ASN NB 57 -19.34 -62.79 -10.81
CA ASN NB 57 -17.93 -62.89 -10.49
C ASN NB 57 -17.43 -64.32 -10.55
N VAL NB 58 -18.25 -65.29 -10.12
CA VAL NB 58 -17.82 -66.68 -10.12
C VAL NB 58 -17.56 -67.15 -11.54
N LEU NB 59 -18.28 -66.60 -12.50
CA LEU NB 59 -18.06 -66.90 -13.91
C LEU NB 59 -17.14 -65.82 -14.48
N GLY NB 60 -15.88 -66.16 -14.70
CA GLY NB 60 -14.94 -65.21 -15.26
C GLY NB 60 -15.28 -64.83 -16.68
N GLU NB 61 -14.40 -64.07 -17.34
CA GLU NB 61 -14.67 -63.60 -18.69
C GLU NB 61 -14.82 -64.78 -19.63
N LYS NB 62 -16.04 -64.94 -20.16
CA LYS NB 62 -16.41 -66.16 -20.89
C LYS NB 62 -16.13 -67.39 -20.04
N GLY NB 63 -16.52 -67.33 -18.77
CA GLY NB 63 -16.32 -68.43 -17.85
C GLY NB 63 -14.87 -68.75 -17.56
N ARG NB 64 -14.01 -67.73 -17.49
CA ARG NB 64 -12.60 -67.96 -17.19
C ARG NB 64 -12.43 -68.52 -15.78
N ARG NB 65 -13.07 -67.87 -14.80
CA ARG NB 65 -12.93 -68.31 -13.43
C ARG NB 65 -13.49 -69.70 -13.21
N ILE NB 66 -14.66 -69.98 -13.79
CA ILE NB 66 -15.23 -71.30 -13.60
C ILE NB 66 -14.37 -72.34 -14.29
N ARG NB 67 -13.76 -71.99 -15.43
CA ARG NB 67 -12.88 -72.91 -16.12
C ARG NB 67 -11.68 -73.26 -15.25
N GLU NB 68 -11.03 -72.24 -14.68
CA GLU NB 68 -9.86 -72.55 -13.84
C GLU NB 68 -10.26 -73.31 -12.59
N LEU NB 69 -11.45 -73.05 -12.03
CA LEU NB 69 -11.90 -73.82 -10.89
C LEU NB 69 -12.10 -75.29 -11.25
N THR NB 70 -12.72 -75.55 -12.40
CA THR NB 70 -12.84 -76.92 -12.88
C THR NB 70 -11.47 -77.56 -13.02
N ALA NB 71 -10.53 -76.80 -13.58
CA ALA NB 71 -9.18 -77.32 -13.77
C ALA NB 71 -8.58 -77.75 -12.45
N VAL NB 72 -8.63 -76.87 -11.45
CA VAL NB 72 -7.98 -77.18 -10.17
C VAL NB 72 -8.63 -78.39 -9.52
N VAL NB 73 -9.97 -78.45 -9.52
CA VAL NB 73 -10.60 -79.56 -8.81
C VAL NB 73 -10.32 -80.89 -9.52
N GLN NB 74 -10.52 -80.93 -10.84
CA GLN NB 74 -10.25 -82.15 -11.59
C GLN NB 74 -8.81 -82.59 -11.42
N LYS NB 75 -7.89 -81.64 -11.53
CA LYS NB 75 -6.47 -81.93 -11.58
C LYS NB 75 -5.90 -82.27 -10.21
N ARG NB 76 -6.55 -81.85 -9.12
CA ARG NB 76 -6.12 -82.19 -7.77
C ARG NB 76 -6.73 -83.49 -7.27
N PHE NB 77 -8.03 -83.68 -7.45
CA PHE NB 77 -8.64 -84.93 -7.02
C PHE NB 77 -8.40 -86.07 -8.00
N GLY NB 78 -7.92 -85.76 -9.21
CA GLY NB 78 -7.54 -86.78 -10.16
C GLY NB 78 -8.68 -87.63 -10.70
N PHE NB 79 -9.81 -87.00 -11.03
CA PHE NB 79 -10.84 -87.72 -11.77
C PHE NB 79 -10.37 -87.97 -13.19
N PRO NB 80 -11.01 -88.90 -13.91
CA PRO NB 80 -10.78 -88.99 -15.35
C PRO NB 80 -11.10 -87.67 -16.02
N GLU NB 81 -10.31 -87.32 -17.02
CA GLU NB 81 -10.52 -86.06 -17.71
C GLU NB 81 -11.88 -86.07 -18.39
N GLY NB 82 -12.62 -84.99 -18.23
CA GLY NB 82 -13.93 -84.86 -18.86
C GLY NB 82 -15.01 -85.57 -18.08
N SER NB 83 -14.78 -85.74 -16.78
CA SER NB 83 -15.78 -86.36 -15.92
C SER NB 83 -16.36 -85.40 -14.91
N VAL NB 84 -15.86 -84.16 -14.83
CA VAL NB 84 -16.36 -83.18 -13.89
C VAL NB 84 -16.72 -81.91 -14.64
N GLU NB 85 -17.59 -81.12 -14.04
CA GLU NB 85 -18.04 -79.87 -14.61
C GLU NB 85 -18.74 -79.08 -13.52
N LEU NB 86 -18.72 -77.75 -13.66
CA LEU NB 86 -19.12 -76.85 -12.60
C LEU NB 86 -20.13 -75.84 -13.10
N TYR NB 87 -21.22 -75.68 -12.34
CA TYR NB 87 -22.20 -74.62 -12.58
C TYR NB 87 -22.35 -73.79 -11.32
N ALA NB 88 -22.64 -72.51 -11.51
CA ALA NB 88 -22.76 -71.55 -10.42
C ALA NB 88 -24.14 -70.90 -10.49
N GLU NB 89 -24.98 -71.21 -9.52
CA GLU NB 89 -26.34 -70.67 -9.49
C GLU NB 89 -26.47 -69.62 -8.40
N LYS NB 90 -27.22 -68.57 -8.71
CA LYS NB 90 -27.54 -67.56 -7.72
C LYS NB 90 -28.52 -68.17 -6.71
N VAL NB 91 -28.30 -67.85 -5.43
CA VAL NB 91 -29.14 -68.39 -4.36
C VAL NB 91 -30.33 -67.45 -4.13
N ALA NB 92 -31.53 -67.98 -4.30
CA ALA NB 92 -32.73 -67.17 -4.15
C ALA NB 92 -32.88 -66.69 -2.71
N THR NB 93 -33.29 -65.43 -2.56
CA THR NB 93 -33.53 -64.81 -1.25
C THR NB 93 -32.29 -64.89 -0.37
N ARG NB 94 -31.27 -64.14 -0.78
CA ARG NB 94 -29.98 -64.18 -0.10
C ARG NB 94 -30.11 -63.86 1.39
N GLY NB 95 -31.15 -63.13 1.78
CA GLY NB 95 -31.29 -62.72 3.16
C GLY NB 95 -31.38 -63.86 4.14
N LEU NB 96 -31.90 -65.01 3.72
CA LEU NB 96 -32.06 -66.14 4.63
C LEU NB 96 -30.94 -67.16 4.51
N CYS NB 97 -29.84 -66.82 3.84
CA CYS NB 97 -28.66 -67.66 3.80
C CYS NB 97 -27.64 -67.07 4.77
N ALA NB 98 -27.46 -67.74 5.91
CA ALA NB 98 -26.73 -67.13 7.02
C ALA NB 98 -25.29 -66.79 6.64
N ILE NB 99 -24.60 -67.71 5.96
CA ILE NB 99 -23.19 -67.48 5.66
C ILE NB 99 -23.02 -66.21 4.82
N ALA NB 100 -23.98 -65.95 3.92
CA ALA NB 100 -23.92 -64.75 3.11
C ALA NB 100 -23.97 -63.50 3.98
N GLN NB 101 -24.88 -63.48 4.97
CA GLN NB 101 -24.98 -62.31 5.83
C GLN NB 101 -23.74 -62.18 6.70
N ALA NB 102 -23.16 -63.30 7.10
CA ALA NB 102 -21.91 -63.24 7.84
C ALA NB 102 -20.82 -62.57 7.02
N GLU NB 103 -20.75 -62.91 5.73
CA GLU NB 103 -19.73 -62.28 4.89
C GLU NB 103 -20.03 -60.80 4.65
N SER NB 104 -21.31 -60.46 4.51
CA SER NB 104 -21.66 -59.05 4.36
C SER NB 104 -21.25 -58.26 5.59
N LEU NB 105 -21.52 -58.81 6.78
CA LEU NB 105 -21.11 -58.19 8.02
C LEU NB 105 -19.59 -58.06 8.08
N ARG NB 106 -18.87 -59.11 7.67
CA ARG NB 106 -17.42 -59.04 7.70
C ARG NB 106 -16.90 -57.93 6.81
N TYR NB 107 -17.46 -57.82 5.60
CA TYR NB 107 -17.04 -56.73 4.71
C TYR NB 107 -17.35 -55.38 5.33
N LYS NB 108 -18.54 -55.24 5.91
CA LYS NB 108 -18.93 -53.96 6.49
C LYS NB 108 -17.98 -53.57 7.62
N LEU NB 109 -17.61 -54.54 8.46
CA LEU NB 109 -16.65 -54.26 9.51
C LEU NB 109 -15.30 -53.89 8.94
N LEU NB 110 -14.81 -54.66 7.96
CA LEU NB 110 -13.49 -54.38 7.41
C LEU NB 110 -13.44 -53.01 6.77
N GLY NB 111 -14.57 -52.54 6.24
CA GLY NB 111 -14.62 -51.18 5.74
C GLY NB 111 -14.46 -50.16 6.85
N GLY NB 112 -14.74 -50.53 8.08
CA GLY NB 112 -14.60 -49.66 9.22
C GLY NB 112 -15.88 -49.16 9.84
N LEU NB 113 -17.02 -49.75 9.50
CA LEU NB 113 -18.29 -49.30 10.05
C LEU NB 113 -18.38 -49.61 11.54
N ALA NB 114 -19.05 -48.72 12.26
CA ALA NB 114 -19.35 -48.99 13.67
C ALA NB 114 -20.19 -50.25 13.78
N VAL NB 115 -19.78 -51.14 14.69
CA VAL NB 115 -20.36 -52.48 14.73
C VAL NB 115 -21.87 -52.41 14.96
N ARG NB 116 -22.32 -51.50 15.81
CA ARG NB 116 -23.74 -51.38 16.08
C ARG NB 116 -24.51 -50.96 14.84
N ARG NB 117 -24.02 -49.95 14.12
CA ARG NB 117 -24.73 -49.51 12.92
C ARG NB 117 -24.73 -50.61 11.88
N ALA NB 118 -23.61 -51.29 11.68
CA ALA NB 118 -23.53 -52.33 10.67
C ALA NB 118 -24.48 -53.48 11.01
N CYS NB 119 -24.48 -53.92 12.27
CA CYS NB 119 -25.34 -55.03 12.63
C CYS NB 119 -26.81 -54.65 12.56
N TYR NB 120 -27.15 -53.41 12.91
CA TYR NB 120 -28.53 -52.98 12.75
C TYR NB 120 -28.94 -52.94 11.29
N GLY NB 121 -28.03 -52.51 10.41
CA GLY NB 121 -28.33 -52.55 8.98
C GLY NB 121 -28.57 -53.96 8.49
N VAL NB 122 -27.71 -54.90 8.90
CA VAL NB 122 -27.90 -56.27 8.44
C VAL NB 122 -29.18 -56.86 9.05
N LEU NB 123 -29.50 -56.49 10.28
CA LEU NB 123 -30.75 -56.96 10.87
C LEU NB 123 -31.94 -56.42 10.10
N ARG NB 124 -31.86 -55.15 9.70
CA ARG NB 124 -32.91 -54.59 8.85
C ARG NB 124 -33.06 -55.40 7.57
N PHE NB 125 -31.95 -55.64 6.88
CA PHE NB 125 -32.02 -56.31 5.58
C PHE NB 125 -32.53 -57.74 5.73
N ILE NB 126 -32.05 -58.47 6.72
CA ILE NB 126 -32.54 -59.82 6.93
C ILE NB 126 -34.03 -59.80 7.22
N MET NB 127 -34.50 -58.86 8.04
CA MET NB 127 -35.91 -58.84 8.34
C MET NB 127 -36.74 -58.55 7.11
N GLU NB 128 -36.29 -57.61 6.29
CA GLU NB 128 -37.03 -57.31 5.07
C GLU NB 128 -36.95 -58.47 4.10
N SER NB 129 -35.93 -59.32 4.24
CA SER NB 129 -35.89 -60.55 3.46
C SER NB 129 -37.02 -61.47 3.88
N GLY NB 130 -37.48 -61.35 5.11
CA GLY NB 130 -38.61 -62.10 5.59
C GLY NB 130 -38.21 -63.36 6.32
N ALA NB 131 -38.31 -63.34 7.65
CA ALA NB 131 -37.92 -64.48 8.46
C ALA NB 131 -38.64 -64.40 9.79
N LYS NB 132 -38.69 -65.53 10.50
CA LYS NB 132 -39.33 -65.54 11.79
C LYS NB 132 -38.51 -64.80 12.85
N GLY NB 133 -37.24 -64.56 12.59
CA GLY NB 133 -36.41 -63.86 13.55
C GLY NB 133 -34.95 -63.97 13.16
N CYS NB 134 -34.08 -63.68 14.12
CA CYS NB 134 -32.65 -63.78 13.89
C CYS NB 134 -31.89 -63.66 15.18
N GLU NB 135 -30.61 -64.01 15.11
CA GLU NB 135 -29.67 -63.78 16.18
C GLU NB 135 -28.31 -63.51 15.57
N VAL NB 136 -27.66 -62.45 16.02
CA VAL NB 136 -26.28 -62.13 15.61
C VAL NB 136 -25.47 -61.81 16.85
N VAL NB 137 -24.25 -62.33 16.88
CA VAL NB 137 -23.34 -62.12 17.99
C VAL NB 137 -21.98 -61.74 17.43
N VAL NB 138 -21.38 -60.70 18.01
CA VAL NB 138 -20.06 -60.24 17.61
C VAL NB 138 -19.14 -60.42 18.80
N SER NB 139 -18.06 -61.18 18.60
CA SER NB 139 -17.13 -61.50 19.67
C SER NB 139 -15.72 -61.11 19.23
N GLY NB 140 -14.88 -60.82 20.21
CA GLY NB 140 -13.54 -60.38 19.95
C GLY NB 140 -13.29 -59.08 20.66
N LYS NB 141 -12.12 -58.49 20.41
CA LYS NB 141 -11.74 -57.25 21.05
C LYS NB 141 -12.00 -56.09 20.10
N LEU NB 142 -12.91 -55.20 20.50
CA LEU NB 142 -13.11 -53.94 19.81
C LEU NB 142 -12.01 -52.97 20.27
N ARG NB 143 -12.18 -51.68 20.04
CA ARG NB 143 -11.26 -50.71 20.61
C ARG NB 143 -11.17 -50.92 22.12
N GLY NB 144 -9.95 -50.89 22.63
CA GLY NB 144 -9.69 -51.35 23.99
C GLY NB 144 -9.22 -52.78 24.00
N GLN NB 145 -8.65 -53.18 25.12
CA GLN NB 145 -8.03 -54.49 25.24
C GLN NB 145 -8.90 -55.55 25.88
N ARG NB 146 -9.95 -55.17 26.59
CA ARG NB 146 -10.86 -56.14 27.18
C ARG NB 146 -11.93 -56.51 26.17
N ALA NB 147 -12.00 -57.78 25.82
CA ALA NB 147 -12.88 -58.27 24.77
C ALA NB 147 -14.14 -58.86 25.38
N LYS NB 148 -15.29 -58.39 24.92
CA LYS NB 148 -16.55 -58.97 25.34
C LYS NB 148 -17.51 -58.94 24.16
N SER NB 149 -18.39 -59.93 24.11
CA SER NB 149 -19.36 -60.06 23.04
C SER NB 149 -20.58 -59.19 23.30
N MET NB 150 -21.44 -59.09 22.30
CA MET NB 150 -22.62 -58.30 22.52
C MET NB 150 -23.63 -58.72 21.43
N LYS NB 151 -24.83 -59.10 21.88
CA LYS NB 151 -25.76 -59.94 21.11
C LYS NB 151 -26.95 -59.13 20.68
N PHE NB 152 -27.26 -59.16 19.40
CA PHE NB 152 -28.44 -58.49 18.89
C PHE NB 152 -29.42 -59.53 18.41
N VAL NB 153 -30.66 -59.40 18.85
CA VAL NB 153 -31.68 -60.38 18.51
C VAL NB 153 -32.93 -59.66 18.05
N ASP NB 154 -33.76 -60.38 17.31
CA ASP NB 154 -35.09 -59.91 16.94
C ASP NB 154 -35.93 -61.10 16.52
N GLY NB 155 -37.24 -60.96 16.67
CA GLY NB 155 -38.13 -62.03 16.25
C GLY NB 155 -38.02 -63.26 17.12
N LEU NB 156 -38.20 -64.42 16.49
CA LEU NB 156 -38.29 -65.70 17.17
C LEU NB 156 -36.95 -66.42 17.07
N MET NB 157 -36.62 -67.22 18.08
CA MET NB 157 -35.40 -68.02 18.03
C MET NB 157 -35.59 -69.29 18.85
N ILE NB 158 -35.92 -70.37 18.14
CA ILE NB 158 -35.99 -71.68 18.77
C ILE NB 158 -34.58 -72.11 19.17
N HIS NB 159 -34.48 -72.93 20.21
CA HIS NB 159 -33.16 -73.27 20.74
C HIS NB 159 -32.93 -74.76 20.91
N SER NB 160 -33.98 -75.52 21.19
CA SER NB 160 -33.81 -76.89 21.64
C SER NB 160 -34.59 -77.86 20.77
N GLY NB 161 -34.04 -79.06 20.62
CA GLY NB 161 -34.69 -80.11 19.87
C GLY NB 161 -34.29 -80.10 18.41
N ASP NB 162 -34.81 -81.11 17.71
CA ASP NB 162 -34.47 -81.30 16.30
C ASP NB 162 -34.80 -80.11 15.39
N PRO NB 163 -35.92 -79.37 15.55
CA PRO NB 163 -36.27 -78.38 14.52
C PRO NB 163 -35.15 -77.41 14.21
N VAL NB 164 -34.30 -77.11 15.19
CA VAL NB 164 -33.16 -76.24 14.92
C VAL NB 164 -32.27 -76.80 13.83
N ASN NB 165 -32.20 -78.13 13.68
CA ASN NB 165 -31.29 -78.68 12.69
C ASN NB 165 -31.71 -78.33 11.27
N TYR NB 166 -33.01 -78.13 11.04
CA TYR NB 166 -33.48 -77.87 9.68
C TYR NB 166 -34.39 -76.66 9.58
N TYR NB 167 -34.47 -75.83 10.62
CA TYR NB 167 -35.19 -74.57 10.50
C TYR NB 167 -34.26 -73.38 10.65
N VAL NB 168 -33.37 -73.38 11.62
CA VAL NB 168 -32.39 -72.32 11.73
C VAL NB 168 -31.13 -72.75 11.00
N ASP NB 169 -30.52 -71.82 10.28
CA ASP NB 169 -29.19 -72.02 9.74
C ASP NB 169 -28.25 -71.02 10.38
N THR NB 170 -27.04 -71.45 10.69
CA THR NB 170 -26.07 -70.63 11.38
C THR NB 170 -24.77 -70.60 10.61
N ALA NB 171 -23.98 -69.56 10.87
CA ALA NB 171 -22.69 -69.42 10.23
C ALA NB 171 -21.76 -68.69 11.17
N VAL NB 172 -20.50 -69.10 11.16
CA VAL NB 172 -19.46 -68.48 11.96
C VAL NB 172 -18.35 -68.05 11.03
N ARG NB 173 -17.97 -66.79 11.09
CA ARG NB 173 -16.86 -66.26 10.32
C ARG NB 173 -15.91 -65.54 11.25
N HIS NB 174 -14.62 -65.68 10.99
CA HIS NB 174 -13.59 -65.01 11.77
C HIS NB 174 -13.08 -63.83 10.95
N VAL NB 175 -13.05 -62.66 11.58
CA VAL NB 175 -12.67 -61.43 10.89
C VAL NB 175 -11.27 -61.03 11.31
N LEU NB 176 -10.37 -60.97 10.33
CA LEU NB 176 -8.95 -60.70 10.57
C LEU NB 176 -8.80 -59.20 10.77
N LEU NB 177 -8.85 -58.77 12.02
CA LEU NB 177 -8.74 -57.37 12.35
C LEU NB 177 -7.34 -57.07 12.87
N ARG NB 178 -6.87 -55.84 12.63
CA ARG NB 178 -5.51 -55.49 13.01
C ARG NB 178 -5.27 -55.67 14.51
N GLN NB 179 -6.32 -55.57 15.32
CA GLN NB 179 -6.22 -55.79 16.76
C GLN NB 179 -6.41 -57.25 17.13
N GLY NB 180 -6.62 -58.14 16.17
CA GLY NB 180 -6.82 -59.54 16.50
C GLY NB 180 -7.78 -60.25 15.56
N VAL NB 181 -8.82 -60.83 16.11
CA VAL NB 181 -9.83 -61.54 15.33
C VAL NB 181 -11.20 -61.25 15.92
N LEU NB 182 -12.20 -61.16 15.06
CA LEU NB 182 -13.57 -60.89 15.46
C LEU NB 182 -14.40 -62.14 15.23
N GLY NB 183 -15.14 -62.56 16.26
CA GLY NB 183 -16.02 -63.70 16.14
C GLY NB 183 -17.42 -63.24 15.80
N ILE NB 184 -17.97 -63.81 14.73
CA ILE NB 184 -19.30 -63.45 14.25
C ILE NB 184 -20.15 -64.71 14.17
N LYS NB 185 -21.30 -64.68 14.83
CA LYS NB 185 -22.30 -65.72 14.73
C LYS NB 185 -23.59 -65.11 14.22
N VAL NB 186 -24.21 -65.77 13.25
CA VAL NB 186 -25.52 -65.37 12.75
C VAL NB 186 -26.41 -66.60 12.74
N LYS NB 187 -27.67 -66.40 13.11
CA LYS NB 187 -28.63 -67.50 13.16
C LYS NB 187 -29.97 -67.02 12.65
N ILE NB 188 -30.33 -67.42 11.44
CA ILE NB 188 -31.61 -67.11 10.83
C ILE NB 188 -32.42 -68.40 10.78
N MET NB 189 -33.72 -68.29 10.91
CA MET NB 189 -34.60 -69.43 10.67
C MET NB 189 -35.47 -69.15 9.45
N LEU NB 190 -36.00 -70.23 8.88
CA LEU NB 190 -36.72 -70.13 7.62
C LEU NB 190 -38.20 -70.32 7.89
N PRO NB 191 -39.06 -69.36 7.54
CA PRO NB 191 -40.49 -69.55 7.73
C PRO NB 191 -41.01 -70.73 6.94
N TRP NB 192 -41.91 -71.49 7.56
CA TRP NB 192 -42.28 -72.80 7.02
C TRP NB 192 -43.12 -72.69 5.76
N ASP NB 193 -43.96 -71.67 5.68
CA ASP NB 193 -45.03 -71.56 4.68
C ASP NB 193 -44.71 -71.98 3.24
N PRO NB 194 -43.49 -71.79 2.72
CA PRO NB 194 -43.23 -72.26 1.35
C PRO NB 194 -43.49 -73.75 1.15
N THR NB 195 -43.32 -74.57 2.19
CA THR NB 195 -43.59 -76.00 2.13
C THR NB 195 -42.82 -76.66 0.99
N GLY NB 196 -41.49 -76.62 1.11
CA GLY NB 196 -40.58 -77.21 0.15
C GLY NB 196 -39.71 -76.19 -0.56
N LYS NB 197 -40.15 -74.94 -0.61
CA LYS NB 197 -39.34 -73.88 -1.20
C LYS NB 197 -38.34 -73.40 -0.16
N ILE NB 198 -37.74 -72.23 -0.37
CA ILE NB 198 -36.68 -71.69 0.48
C ILE NB 198 -37.05 -71.79 1.97
N GLY NB 199 -38.35 -71.83 2.26
CA GLY NB 199 -38.80 -72.17 3.58
C GLY NB 199 -39.25 -73.61 3.64
N PRO NB 200 -38.75 -74.36 4.61
CA PRO NB 200 -38.95 -75.82 4.60
C PRO NB 200 -40.40 -76.20 4.91
N LYS NB 201 -40.72 -77.44 4.55
CA LYS NB 201 -42.01 -78.03 4.85
C LYS NB 201 -42.02 -78.47 6.31
N LYS NB 202 -42.98 -79.32 6.70
CA LYS NB 202 -43.15 -79.88 8.04
C LYS NB 202 -43.09 -78.77 9.08
N PRO NB 203 -44.15 -77.99 9.21
CA PRO NB 203 -44.14 -76.85 10.12
C PRO NB 203 -43.88 -77.27 11.56
N LEU NB 204 -43.56 -76.29 12.39
CA LEU NB 204 -43.31 -76.57 13.79
C LEU NB 204 -44.56 -77.16 14.43
N PRO NB 205 -44.41 -78.19 15.28
CA PRO NB 205 -45.60 -78.94 15.72
C PRO NB 205 -46.61 -78.13 16.50
N ASP NB 206 -46.23 -76.98 17.04
CA ASP NB 206 -47.21 -76.14 17.71
C ASP NB 206 -47.95 -75.27 16.72
N HIS NB 207 -48.38 -75.86 15.61
CA HIS NB 207 -49.12 -75.10 14.62
C HIS NB 207 -50.21 -75.97 13.99
N VAL NB 208 -50.75 -76.89 14.77
CA VAL NB 208 -51.87 -77.68 14.25
C VAL NB 208 -53.06 -76.73 14.21
N SER NB 209 -53.33 -76.17 13.05
CA SER NB 209 -54.30 -75.10 12.91
C SER NB 209 -55.69 -75.70 12.77
N ILE NB 210 -56.64 -75.19 13.54
CA ILE NB 210 -58.01 -75.68 13.46
C ILE NB 210 -58.66 -75.16 12.18
N VAL NB 211 -58.92 -76.05 11.23
CA VAL NB 211 -59.70 -75.72 10.06
C VAL NB 211 -61.16 -75.53 10.54
N GLU NB 212 -61.88 -74.59 9.92
CA GLU NB 212 -63.19 -74.11 10.33
C GLU NB 212 -64.32 -74.65 9.47
N PRO NB 213 -65.44 -75.41 10.06
CA PRO NB 213 -66.44 -75.75 9.16
C PRO NB 213 -67.16 -74.69 8.43
N LYS NB 214 -68.20 -75.08 7.68
CA LYS NB 214 -69.20 -74.10 7.18
C LYS NB 214 -70.30 -74.00 8.20
N ASP NB 215 -71.40 -73.42 7.77
CA ASP NB 215 -72.57 -73.29 8.63
C ASP NB 215 -73.09 -74.66 9.06
N GLU NB 216 -73.34 -75.55 8.10
CA GLU NB 216 -73.83 -76.90 8.35
C GLU NB 216 -74.98 -76.90 9.36
N ILE NB 217 -75.96 -76.03 9.12
CA ILE NB 217 -77.09 -75.93 10.03
C ILE NB 217 -78.28 -76.71 9.47
N LEU NB 218 -78.80 -76.25 8.32
CA LEU NB 218 -79.92 -76.87 7.60
C LEU NB 218 -81.02 -77.33 8.56
N PRO NB 219 -81.78 -76.40 9.15
CA PRO NB 219 -82.79 -76.77 10.15
C PRO NB 219 -84.18 -77.03 9.59
N THR NB 220 -84.34 -77.21 8.28
CA THR NB 220 -85.65 -77.32 7.66
C THR NB 220 -86.25 -78.71 7.86
N THR NB 221 -87.42 -78.92 7.26
CA THR NB 221 -88.07 -80.22 7.28
C THR NB 221 -87.30 -81.21 6.40
N PRO NB 222 -87.46 -82.51 6.65
CA PRO NB 222 -86.96 -83.51 5.70
C PRO NB 222 -87.37 -83.19 4.28
N ILE NB 223 -86.40 -82.94 3.41
CA ILE NB 223 -86.65 -82.47 2.06
C ILE NB 223 -86.02 -83.46 1.09
N SER NB 224 -86.77 -83.84 0.07
CA SER NB 224 -86.32 -84.80 -0.93
C SER NB 224 -86.13 -84.11 -2.27
N GLU NB 225 -84.94 -84.27 -2.85
CA GLU NB 225 -84.69 -83.87 -4.22
C GLU NB 225 -84.07 -85.06 -4.95
N GLN NB 226 -84.71 -85.47 -6.05
CA GLN NB 226 -84.29 -86.65 -6.79
C GLN NB 226 -83.29 -86.22 -7.86
N LYS NB 227 -82.26 -87.02 -8.06
CA LYS NB 227 -81.31 -86.78 -9.13
C LYS NB 227 -80.72 -88.09 -9.63
N ASP OB 1 -50.46 -130.92 45.61
CA ASP OB 1 -50.84 -130.26 44.37
C ASP OB 1 -49.65 -129.58 43.73
N ILE OB 2 -48.80 -128.99 44.57
CA ILE OB 2 -47.67 -128.19 44.11
C ILE OB 2 -46.33 -128.88 44.35
N LYS OB 3 -46.25 -129.79 45.34
CA LYS OB 3 -45.10 -130.65 45.62
C LYS OB 3 -43.76 -129.96 45.47
N LEU OB 4 -43.49 -128.97 46.32
CA LEU OB 4 -42.26 -128.19 46.23
C LEU OB 4 -41.02 -129.07 46.19
N PHE OB 5 -40.28 -129.01 45.09
CA PHE OB 5 -39.11 -129.87 44.86
C PHE OB 5 -39.49 -131.35 44.96
N GLY OB 6 -40.65 -131.70 44.42
CA GLY OB 6 -41.10 -133.06 44.49
C GLY OB 6 -41.58 -133.51 45.86
N LYS OB 7 -41.71 -132.58 46.80
CA LYS OB 7 -42.07 -132.92 48.17
C LYS OB 7 -42.56 -131.65 48.85
N TRP OB 8 -42.67 -131.70 50.18
CA TRP OB 8 -42.97 -130.52 51.00
C TRP OB 8 -44.21 -129.80 50.50
N SER OB 9 -45.34 -130.49 50.62
CA SER OB 9 -46.60 -129.93 50.16
C SER OB 9 -46.87 -128.62 50.88
N THR OB 10 -47.36 -127.64 50.13
CA THR OB 10 -47.60 -126.32 50.70
C THR OB 10 -48.69 -126.35 51.76
N ASP OB 11 -49.74 -127.13 51.53
CA ASP OB 11 -50.89 -127.11 52.42
C ASP OB 11 -50.61 -127.90 53.70
N ASP OB 12 -49.51 -127.56 54.36
CA ASP OB 12 -49.18 -128.11 55.67
C ASP OB 12 -48.70 -127.02 56.61
N VAL OB 13 -48.09 -125.96 56.11
CA VAL OB 13 -47.41 -124.97 56.95
C VAL OB 13 -48.43 -124.11 57.66
N GLN OB 14 -48.16 -123.81 58.93
CA GLN OB 14 -49.01 -122.96 59.75
C GLN OB 14 -48.18 -121.79 60.26
N ILE OB 15 -48.68 -120.58 60.04
CA ILE OB 15 -48.02 -119.37 60.52
C ILE OB 15 -48.81 -118.85 61.73
N ASN OB 16 -48.07 -118.37 62.73
CA ASN OB 16 -48.66 -118.14 64.03
C ASN OB 16 -49.43 -116.82 64.11
N ASP OB 17 -48.72 -115.70 63.96
CA ASP OB 17 -49.31 -114.40 64.22
C ASP OB 17 -49.95 -113.83 62.97
N ILE OB 18 -51.15 -113.25 63.14
CA ILE OB 18 -51.84 -112.68 62.00
C ILE OB 18 -51.31 -111.30 61.64
N SER OB 19 -50.33 -110.79 62.38
CA SER OB 19 -49.57 -109.66 61.85
C SER OB 19 -48.57 -110.11 60.79
N LEU OB 20 -48.42 -111.41 60.61
CA LEU OB 20 -47.56 -111.97 59.57
C LEU OB 20 -48.27 -112.94 58.65
N GLN OB 21 -49.52 -113.30 58.94
CA GLN OB 21 -50.21 -114.31 58.14
C GLN OB 21 -50.16 -113.97 56.67
N ASP OB 22 -50.53 -112.74 56.32
CA ASP OB 22 -50.51 -112.29 54.94
C ASP OB 22 -49.12 -111.93 54.45
N TYR OB 23 -48.13 -111.86 55.34
CA TYR OB 23 -46.82 -111.33 54.96
C TYR OB 23 -45.73 -112.38 54.89
N ILE OB 24 -46.00 -113.63 55.28
CA ILE OB 24 -45.16 -114.72 54.82
C ILE OB 24 -45.70 -115.19 53.47
N ALA OB 25 -44.81 -115.70 52.64
CA ALA OB 25 -45.10 -115.90 51.22
C ALA OB 25 -44.86 -117.35 50.84
N VAL OB 26 -45.44 -118.26 51.62
CA VAL OB 26 -45.19 -119.69 51.46
C VAL OB 26 -46.42 -120.42 50.90
N LYS OB 27 -47.58 -119.79 50.90
CA LYS OB 27 -48.82 -120.53 50.80
C LYS OB 27 -49.15 -120.92 49.36
N GLU OB 28 -50.24 -121.66 49.20
CA GLU OB 28 -50.63 -122.28 47.94
C GLU OB 28 -51.03 -121.28 46.87
N LYS OB 29 -51.56 -120.12 47.27
CA LYS OB 29 -52.05 -119.16 46.30
C LYS OB 29 -50.94 -118.76 45.34
N TYR OB 30 -49.72 -118.63 45.86
CA TYR OB 30 -48.53 -118.36 45.06
C TYR OB 30 -47.44 -119.37 45.33
N ALA OB 31 -47.81 -120.64 45.48
CA ALA OB 31 -46.84 -121.72 45.73
C ALA OB 31 -46.17 -122.05 44.41
N LYS OB 32 -44.96 -121.51 44.22
CA LYS OB 32 -44.17 -121.83 43.05
C LYS OB 32 -43.56 -123.21 43.21
N TYR OB 33 -43.28 -123.86 42.09
CA TYR OB 33 -42.63 -125.16 42.08
C TYR OB 33 -41.17 -125.02 42.50
N LEU OB 34 -40.66 -123.80 42.47
CA LEU OB 34 -39.25 -123.52 42.70
C LEU OB 34 -39.05 -122.02 42.88
N PRO OB 35 -38.15 -121.59 43.77
CA PRO OB 35 -37.94 -120.15 43.96
C PRO OB 35 -37.11 -119.52 42.86
N HIS OB 36 -37.71 -119.26 41.70
CA HIS OB 36 -37.01 -118.55 40.64
C HIS OB 36 -38.03 -118.01 39.64
N SER OB 37 -38.04 -116.69 39.46
CA SER OB 37 -38.82 -116.03 38.42
C SER OB 37 -38.40 -114.58 38.28
N ALA OB 38 -38.11 -114.15 37.06
CA ALA OB 38 -37.82 -112.73 36.81
C ALA OB 38 -39.14 -111.98 36.62
N GLY OB 39 -39.79 -111.72 37.75
CA GLY OB 39 -41.15 -111.24 37.75
C GLY OB 39 -41.36 -109.76 37.94
N ARG OB 40 -40.31 -108.94 37.80
CA ARG OB 40 -40.45 -107.49 37.94
C ARG OB 40 -41.05 -107.13 39.30
N TYR OB 41 -40.74 -107.94 40.31
CA TYR OB 41 -41.37 -107.78 41.61
C TYR OB 41 -40.96 -106.50 42.31
N ALA OB 42 -39.68 -106.15 42.26
CA ALA OB 42 -39.17 -104.98 42.95
C ALA OB 42 -39.47 -103.68 42.23
N ALA OB 43 -40.12 -103.74 41.07
CA ALA OB 43 -40.38 -102.53 40.30
C ALA OB 43 -41.20 -101.52 41.11
N LYS OB 44 -42.31 -101.96 41.68
CA LYS OB 44 -43.11 -101.13 42.56
C LYS OB 44 -43.24 -101.84 43.91
N ARG OB 45 -43.77 -101.13 44.89
CA ARG OB 45 -43.76 -101.62 46.26
C ARG OB 45 -44.69 -102.82 46.41
N PHE OB 46 -44.45 -103.58 47.48
CA PHE OB 46 -45.42 -104.51 48.05
C PHE OB 46 -45.59 -105.75 47.20
N ARG OB 47 -44.99 -105.79 46.01
CA ARG OB 47 -44.93 -107.04 45.27
C ARG OB 47 -43.92 -107.99 45.89
N LYS OB 48 -42.73 -107.47 46.25
CA LYS OB 48 -41.78 -108.27 46.99
C LYS OB 48 -42.35 -108.68 48.34
N ALA OB 49 -43.33 -107.93 48.85
CA ALA OB 49 -44.06 -108.39 50.03
C ALA OB 49 -44.78 -109.68 49.74
N GLN OB 50 -45.18 -109.90 48.50
CA GLN OB 50 -45.86 -111.11 48.07
C GLN OB 50 -44.90 -112.11 47.42
N CYS OB 51 -43.69 -111.69 47.08
CA CYS OB 51 -42.73 -112.58 46.47
C CYS OB 51 -42.45 -113.77 47.38
N PRO OB 52 -42.51 -114.99 46.87
CA PRO OB 52 -42.40 -116.17 47.73
C PRO OB 52 -41.16 -116.11 48.61
N ILE OB 53 -41.35 -116.47 49.88
CA ILE OB 53 -40.31 -116.24 50.88
C ILE OB 53 -39.05 -116.99 50.52
N VAL OB 54 -39.17 -118.20 49.99
CA VAL OB 54 -37.99 -118.94 49.56
C VAL OB 54 -37.28 -118.20 48.43
N GLU OB 55 -38.05 -117.57 47.55
CA GLU OB 55 -37.44 -116.72 46.52
C GLU OB 55 -36.67 -115.58 47.16
N ARG OB 56 -37.22 -114.99 48.22
CA ARG OB 56 -36.50 -113.95 48.93
C ARG OB 56 -35.21 -114.48 49.54
N LEU OB 57 -35.24 -115.70 50.08
CA LEU OB 57 -34.03 -116.32 50.59
C LEU OB 57 -32.99 -116.43 49.49
N THR OB 58 -33.34 -117.14 48.42
CA THR OB 58 -32.42 -117.35 47.32
C THR OB 58 -31.95 -116.06 46.69
N ASN OB 59 -32.70 -114.97 46.84
CA ASN OB 59 -32.28 -113.69 46.29
C ASN OB 59 -31.52 -112.86 47.32
N SER OB 60 -31.55 -113.27 48.58
CA SER OB 60 -30.86 -112.52 49.62
C SER OB 60 -29.54 -113.17 49.99
N MET OB 61 -29.46 -114.50 49.91
CA MET OB 61 -28.21 -115.17 50.19
C MET OB 61 -27.20 -114.85 49.11
N MET OB 62 -27.70 -114.58 47.93
CA MET OB 62 -26.94 -114.02 46.84
C MET OB 62 -26.56 -112.58 47.14
N MET OB 63 -25.66 -112.40 48.10
CA MET OB 63 -25.20 -111.06 48.44
C MET OB 63 -23.85 -111.20 49.13
N HIS OB 64 -22.78 -111.00 48.38
CA HIS OB 64 -21.51 -110.68 49.01
C HIS OB 64 -20.67 -109.68 48.24
N GLY OB 65 -20.99 -109.36 47.00
CA GLY OB 65 -20.14 -108.55 46.16
C GLY OB 65 -19.09 -109.34 45.41
N ARG OB 66 -18.81 -110.56 45.83
CA ARG OB 66 -18.00 -111.47 45.04
C ARG OB 66 -18.89 -112.32 44.13
N ASN OB 67 -19.99 -112.83 44.67
CA ASN OB 67 -21.02 -113.49 43.89
C ASN OB 67 -22.19 -112.54 43.71
N ASN OB 68 -22.56 -112.29 42.46
CA ASN OB 68 -23.58 -111.29 42.18
C ASN OB 68 -24.55 -111.71 41.09
N GLY OB 69 -24.33 -112.85 40.43
CA GLY OB 69 -25.20 -113.35 39.36
C GLY OB 69 -25.53 -114.82 39.53
N LYS OB 70 -24.94 -115.44 40.54
CA LYS OB 70 -25.02 -116.87 40.84
C LYS OB 70 -26.31 -117.23 41.58
N LYS OB 71 -27.48 -116.88 41.03
CA LYS OB 71 -28.75 -117.27 41.66
C LYS OB 71 -28.89 -118.78 41.74
N LEU OB 72 -28.27 -119.49 40.79
CA LEU OB 72 -28.35 -120.94 40.79
C LEU OB 72 -27.52 -121.54 41.91
N MET OB 73 -26.42 -120.89 42.28
CA MET OB 73 -25.77 -121.22 43.54
C MET OB 73 -26.79 -121.22 44.65
N THR OB 74 -27.59 -120.14 44.69
CA THR OB 74 -28.52 -119.94 45.80
C THR OB 74 -29.59 -121.01 45.83
N VAL OB 75 -30.20 -121.29 44.68
CA VAL OB 75 -31.28 -122.27 44.69
C VAL OB 75 -30.73 -123.65 45.02
N ARG OB 76 -29.53 -123.98 44.54
CA ARG OB 76 -28.97 -125.28 44.88
C ARG OB 76 -28.67 -125.36 46.37
N ILE OB 77 -28.17 -124.26 46.95
CA ILE OB 77 -27.81 -124.29 48.37
C ILE OB 77 -29.05 -124.40 49.23
N VAL OB 78 -30.08 -123.63 48.89
CA VAL OB 78 -31.32 -123.69 49.65
C VAL OB 78 -32.04 -125.03 49.49
N LYS OB 79 -32.03 -125.63 48.30
CA LYS OB 79 -32.59 -126.96 48.15
C LYS OB 79 -31.82 -127.98 48.98
N HIS OB 80 -30.48 -127.91 48.97
CA HIS OB 80 -29.69 -128.81 49.79
C HIS OB 80 -29.99 -128.62 51.27
N ALA OB 81 -30.08 -127.37 51.73
CA ALA OB 81 -30.36 -127.13 53.13
C ALA OB 81 -31.78 -127.55 53.49
N PHE OB 82 -32.71 -127.42 52.54
CA PHE OB 82 -34.07 -127.89 52.77
C PHE OB 82 -34.10 -129.39 52.97
N GLU OB 83 -33.42 -130.12 52.08
CA GLU OB 83 -33.24 -131.56 52.25
C GLU OB 83 -32.61 -131.87 53.60
N ILE OB 84 -31.58 -131.12 53.97
CA ILE OB 84 -30.90 -131.31 55.25
C ILE OB 84 -31.88 -131.15 56.40
N ILE OB 85 -32.71 -130.11 56.35
CA ILE OB 85 -33.65 -129.84 57.43
C ILE OB 85 -34.68 -130.95 57.52
N HIS OB 86 -35.31 -131.28 56.39
CA HIS OB 86 -36.29 -132.34 56.38
C HIS OB 86 -35.70 -133.64 56.90
N LEU OB 87 -34.39 -133.80 56.76
CA LEU OB 87 -33.70 -134.92 57.37
C LEU OB 87 -33.54 -134.71 58.88
N LEU OB 88 -33.28 -133.47 59.28
CA LEU OB 88 -32.97 -133.19 60.68
C LEU OB 88 -34.20 -133.35 61.57
N THR OB 89 -35.33 -132.82 61.14
CA THR OB 89 -36.52 -132.76 61.97
C THR OB 89 -37.74 -133.42 61.36
N GLY OB 90 -37.64 -133.98 60.16
CA GLY OB 90 -38.71 -134.74 59.57
C GLY OB 90 -39.89 -133.91 59.08
N GLU OB 91 -40.06 -132.70 59.61
CA GLU OB 91 -41.18 -131.85 59.26
C GLU OB 91 -40.78 -130.91 58.13
N ASN OB 92 -41.71 -130.09 57.68
CA ASN OB 92 -41.53 -129.30 56.48
C ASN OB 92 -40.42 -128.27 56.68
N PRO OB 93 -39.39 -128.25 55.83
CA PRO OB 93 -38.43 -127.14 55.91
C PRO OB 93 -39.08 -125.79 55.71
N LEU OB 94 -40.17 -125.75 54.94
CA LEU OB 94 -40.96 -124.53 54.88
C LEU OB 94 -41.47 -124.13 56.26
N GLN OB 95 -41.97 -125.12 57.01
CA GLN OB 95 -42.49 -124.84 58.34
C GLN OB 95 -41.40 -124.33 59.27
N VAL OB 96 -40.25 -125.00 59.28
CA VAL OB 96 -39.17 -124.54 60.14
C VAL OB 96 -38.68 -123.17 59.69
N LEU OB 97 -38.70 -122.90 58.39
CA LEU OB 97 -38.22 -121.62 57.89
C LEU OB 97 -39.14 -120.49 58.33
N VAL OB 98 -40.45 -120.68 58.22
CA VAL OB 98 -41.36 -119.64 58.66
C VAL OB 98 -41.28 -119.47 60.18
N ASN OB 99 -41.07 -120.58 60.90
CA ASN OB 99 -40.90 -120.47 62.34
C ASN OB 99 -39.68 -119.62 62.69
N ALA OB 100 -38.56 -119.87 62.01
CA ALA OB 100 -37.38 -119.04 62.24
C ALA OB 100 -37.65 -117.60 61.86
N ILE OB 101 -38.36 -117.38 60.75
CA ILE OB 101 -38.65 -116.02 60.31
C ILE OB 101 -39.40 -115.26 61.39
N ILE OB 102 -40.46 -115.87 61.93
CA ILE OB 102 -41.24 -115.16 62.93
C ILE OB 102 -40.43 -115.00 64.22
N ASN OB 103 -39.74 -116.05 64.65
CA ASN OB 103 -39.01 -116.01 65.91
C ASN OB 103 -37.78 -115.13 65.87
N SER OB 104 -37.33 -114.72 64.69
CA SER OB 104 -36.17 -113.84 64.57
C SER OB 104 -36.52 -112.48 64.00
N GLY OB 105 -37.80 -112.16 63.87
CA GLY OB 105 -38.22 -110.84 63.46
C GLY OB 105 -38.41 -109.92 64.65
N PRO OB 106 -37.59 -108.88 64.74
CA PRO OB 106 -37.70 -107.94 65.85
C PRO OB 106 -38.95 -107.08 65.71
N ARG OB 107 -39.27 -106.38 66.80
CA ARG OB 107 -40.41 -105.48 66.79
C ARG OB 107 -40.05 -104.08 67.25
N GLU OB 108 -39.01 -103.91 68.06
CA GLU OB 108 -38.70 -102.62 68.64
C GLU OB 108 -37.30 -102.17 68.20
N ASP OB 109 -37.21 -100.93 67.73
CA ASP OB 109 -35.95 -100.32 67.34
C ASP OB 109 -35.90 -98.88 67.85
N SER OB 110 -34.77 -98.21 67.70
CA SER OB 110 -34.64 -96.81 68.10
C SER OB 110 -34.26 -95.97 66.89
N THR OB 111 -34.96 -94.86 66.70
CA THR OB 111 -34.73 -93.97 65.56
C THR OB 111 -35.20 -92.57 65.92
N ARG OB 112 -34.35 -91.57 65.68
CA ARG OB 112 -34.67 -90.17 65.89
C ARG OB 112 -33.59 -89.35 65.16
N ILE OB 113 -33.60 -88.04 65.38
CA ILE OB 113 -32.55 -87.17 64.86
C ILE OB 113 -31.71 -86.53 65.95
N GLY OB 114 -32.21 -86.48 67.18
CA GLY OB 114 -31.47 -85.86 68.27
C GLY OB 114 -30.22 -86.63 68.60
N ARG OB 115 -29.58 -86.24 69.70
CA ARG OB 115 -28.33 -86.86 70.11
C ARG OB 115 -28.60 -88.29 70.54
N ALA OB 116 -28.23 -89.25 69.68
CA ALA OB 116 -28.50 -90.65 69.92
C ALA OB 116 -27.93 -91.10 71.25
N GLY OB 117 -28.70 -91.87 72.01
CA GLY OB 117 -28.24 -92.40 73.26
C GLY OB 117 -27.17 -93.46 73.09
N THR OB 118 -27.55 -94.60 72.52
CA THR OB 118 -26.63 -95.67 72.17
C THR OB 118 -26.72 -96.06 70.70
N VAL OB 119 -27.92 -96.06 70.12
CA VAL OB 119 -28.11 -96.23 68.69
C VAL OB 119 -28.87 -95.02 68.19
N ARG OB 120 -29.99 -94.72 68.83
CA ARG OB 120 -30.77 -93.52 68.57
C ARG OB 120 -31.38 -93.06 69.89
N ARG OB 121 -32.31 -92.12 69.80
CA ARG OB 121 -32.92 -91.55 71.00
C ARG OB 121 -34.18 -92.32 71.40
N GLN OB 122 -35.18 -92.33 70.53
CA GLN OB 122 -36.49 -92.83 70.86
C GLN OB 122 -36.66 -94.25 70.35
N ALA OB 123 -37.08 -95.14 71.24
CA ALA OB 123 -37.45 -96.48 70.84
C ALA OB 123 -38.68 -96.40 69.91
N VAL OB 124 -38.69 -97.24 68.87
CA VAL OB 124 -39.79 -97.22 67.90
C VAL OB 124 -40.08 -98.62 67.39
N ASP OB 125 -41.37 -98.93 67.27
CA ASP OB 125 -41.78 -100.22 66.74
C ASP OB 125 -41.56 -100.27 65.23
N VAL OB 126 -41.54 -101.49 64.71
CA VAL OB 126 -41.22 -101.73 63.31
C VAL OB 126 -42.43 -102.35 62.64
N SER OB 127 -42.68 -101.95 61.41
CA SER OB 127 -43.76 -102.55 60.66
C SER OB 127 -43.33 -103.93 60.17
N PRO OB 128 -44.24 -104.88 60.10
CA PRO OB 128 -43.83 -106.25 59.78
C PRO OB 128 -43.55 -106.48 58.30
N LEU OB 129 -42.84 -105.54 57.67
CA LEU OB 129 -42.18 -105.80 56.41
C LEU OB 129 -40.69 -105.53 56.49
N ARG OB 130 -40.30 -104.38 57.03
CA ARG OB 130 -38.92 -104.20 57.43
C ARG OB 130 -38.53 -105.22 58.48
N ARG OB 131 -39.49 -105.65 59.31
CA ARG OB 131 -39.21 -106.67 60.30
C ARG OB 131 -38.79 -107.97 59.65
N VAL OB 132 -39.60 -108.50 58.73
CA VAL OB 132 -39.25 -109.77 58.11
C VAL OB 132 -38.08 -109.60 57.16
N ASN OB 133 -37.96 -108.42 56.55
CA ASN OB 133 -36.80 -108.14 55.71
C ASN OB 133 -35.51 -108.26 56.51
N GLN OB 134 -35.45 -107.57 57.64
CA GLN OB 134 -34.29 -107.65 58.50
C GLN OB 134 -34.09 -109.07 59.01
N ALA OB 135 -35.17 -109.80 59.27
CA ALA OB 135 -35.04 -111.16 59.76
C ALA OB 135 -34.34 -112.05 58.74
N ILE OB 136 -34.84 -112.05 57.50
CA ILE OB 136 -34.25 -112.90 56.49
C ILE OB 136 -32.82 -112.46 56.19
N TRP OB 137 -32.58 -111.15 56.19
CA TRP OB 137 -31.22 -110.66 56.04
C TRP OB 137 -30.33 -111.22 57.14
N LEU OB 138 -30.79 -111.16 58.38
CA LEU OB 138 -29.97 -111.61 59.50
C LEU OB 138 -29.67 -113.11 59.38
N LEU OB 139 -30.67 -113.89 59.01
CA LEU OB 139 -30.44 -115.32 58.79
C LEU OB 139 -29.37 -115.54 57.75
N CYS OB 140 -29.53 -114.90 56.59
CA CYS OB 140 -28.56 -115.03 55.53
C CYS OB 140 -27.15 -114.66 55.96
N THR OB 141 -27.01 -113.49 56.60
CA THR OB 141 -25.67 -113.01 56.92
C THR OB 141 -25.05 -113.87 58.01
N GLY OB 142 -25.87 -114.41 58.91
CA GLY OB 142 -25.36 -115.40 59.84
C GLY OB 142 -24.81 -116.60 59.11
N ALA OB 143 -25.55 -117.11 58.12
CA ALA OB 143 -25.07 -118.25 57.37
C ALA OB 143 -23.74 -117.94 56.71
N ARG OB 144 -23.65 -116.75 56.11
CA ARG OB 144 -22.45 -116.37 55.38
C ARG OB 144 -21.25 -116.26 56.30
N GLU OB 145 -21.40 -115.55 57.42
CA GLU OB 145 -20.25 -115.40 58.32
C GLU OB 145 -19.86 -116.74 58.93
N ALA OB 146 -20.85 -117.61 59.19
CA ALA OB 146 -20.55 -118.90 59.79
C ALA OB 146 -19.75 -119.77 58.82
N ALA OB 147 -20.10 -119.75 57.54
CA ALA OB 147 -19.37 -120.55 56.58
C ALA OB 147 -18.13 -119.86 56.04
N PHE OB 148 -17.86 -118.61 56.43
CA PHE OB 148 -16.73 -117.88 55.88
C PHE OB 148 -15.42 -118.63 56.09
N ARG OB 149 -15.02 -118.83 57.34
CA ARG OB 149 -13.74 -119.48 57.63
C ARG OB 149 -13.92 -120.86 58.25
N ASN OB 150 -15.00 -121.55 57.92
CA ASN OB 150 -15.25 -122.89 58.44
C ASN OB 150 -15.32 -123.88 57.28
N ILE OB 151 -15.08 -125.15 57.60
CA ILE OB 151 -15.23 -126.20 56.62
C ILE OB 151 -16.69 -126.38 56.21
N LYS OB 152 -17.62 -126.00 57.08
CA LYS OB 152 -19.03 -126.13 56.76
C LYS OB 152 -19.38 -125.28 55.54
N THR OB 153 -20.09 -125.89 54.60
CA THR OB 153 -20.61 -125.13 53.46
C THR OB 153 -21.83 -124.32 53.92
N ILE OB 154 -22.25 -123.36 53.10
CA ILE OB 154 -23.35 -122.50 53.52
C ILE OB 154 -24.63 -123.31 53.71
N ALA OB 155 -24.77 -124.45 53.03
CA ALA OB 155 -25.98 -125.24 53.19
C ALA OB 155 -26.22 -125.59 54.66
N GLU OB 156 -25.22 -126.18 55.31
CA GLU OB 156 -25.39 -126.58 56.70
C GLU OB 156 -25.45 -125.39 57.64
N CYS OB 157 -24.71 -124.32 57.33
CA CYS OB 157 -24.82 -123.13 58.17
C CYS OB 157 -26.24 -122.60 58.16
N LEU OB 158 -26.81 -122.39 56.98
CA LEU OB 158 -28.20 -121.96 56.89
C LEU OB 158 -29.12 -122.93 57.63
N ALA OB 159 -28.91 -124.23 57.45
CA ALA OB 159 -29.77 -125.21 58.12
C ALA OB 159 -29.72 -125.02 59.64
N ASP OB 160 -28.51 -124.93 60.20
CA ASP OB 160 -28.41 -124.93 61.65
C ASP OB 160 -28.88 -123.62 62.26
N GLU OB 161 -28.61 -122.49 61.61
CA GLU OB 161 -29.18 -121.24 62.13
C GLU OB 161 -30.68 -121.20 61.96
N LEU OB 162 -31.21 -121.78 60.88
CA LEU OB 162 -32.65 -121.86 60.75
C LEU OB 162 -33.26 -122.63 61.91
N ILE OB 163 -32.69 -123.79 62.23
CA ILE OB 163 -33.21 -124.57 63.37
C ILE OB 163 -33.04 -123.78 64.66
N ASN OB 164 -31.87 -123.17 64.86
CA ASN OB 164 -31.58 -122.49 66.10
C ASN OB 164 -32.55 -121.34 66.34
N ALA OB 165 -32.83 -120.56 65.29
CA ALA OB 165 -33.78 -119.47 65.42
C ALA OB 165 -35.20 -119.98 65.61
N ALA OB 166 -35.60 -120.97 64.81
CA ALA OB 166 -36.97 -121.48 64.90
C ALA OB 166 -37.27 -121.99 66.30
N LYS OB 167 -36.40 -122.87 66.82
CA LYS OB 167 -36.59 -123.29 68.21
C LYS OB 167 -36.36 -122.13 69.15
N GLY OB 168 -35.35 -121.31 68.88
CA GLY OB 168 -34.98 -120.23 69.79
C GLY OB 168 -33.95 -120.77 70.75
N SER OB 169 -32.69 -120.39 70.58
CA SER OB 169 -31.64 -121.05 71.33
C SER OB 169 -30.54 -120.12 71.82
N SER OB 170 -30.66 -118.81 71.60
CA SER OB 170 -29.66 -117.84 72.06
C SER OB 170 -28.25 -118.20 71.61
N ASN OB 171 -28.14 -118.92 70.50
CA ASN OB 171 -26.85 -119.23 69.93
C ASN OB 171 -26.71 -118.81 68.47
N SER OB 172 -27.79 -118.81 67.70
CA SER OB 172 -27.73 -118.33 66.34
C SER OB 172 -27.53 -116.82 66.35
N TYR OB 173 -26.65 -116.35 65.47
CA TYR OB 173 -26.35 -114.93 65.40
C TYR OB 173 -27.60 -114.10 65.13
N ALA OB 174 -28.56 -114.67 64.40
CA ALA OB 174 -29.78 -113.93 64.06
C ALA OB 174 -30.53 -113.50 65.30
N ILE OB 175 -31.00 -114.46 66.09
CA ILE OB 175 -31.76 -114.11 67.27
C ILE OB 175 -30.87 -113.43 68.30
N LYS OB 176 -29.58 -113.76 68.32
CA LYS OB 176 -28.65 -113.11 69.25
C LYS OB 176 -28.49 -111.63 68.95
N LYS OB 177 -28.70 -111.22 67.71
CA LYS OB 177 -28.75 -109.79 67.44
C LYS OB 177 -30.15 -109.23 67.61
N LYS OB 178 -31.16 -110.05 67.33
CA LYS OB 178 -32.54 -109.61 67.49
C LYS OB 178 -32.81 -109.17 68.91
N ASP OB 179 -32.48 -110.02 69.89
CA ASP OB 179 -32.80 -109.67 71.27
C ASP OB 179 -31.98 -108.48 71.76
N GLU OB 180 -30.73 -108.33 71.29
CA GLU OB 180 -29.95 -107.15 71.66
C GLU OB 180 -30.56 -105.88 71.11
N LEU OB 181 -31.00 -105.91 69.85
CA LEU OB 181 -31.71 -104.74 69.33
C LEU OB 181 -32.94 -104.44 70.17
N GLU OB 182 -33.71 -105.48 70.50
CA GLU OB 182 -34.93 -105.29 71.27
C GLU OB 182 -34.63 -104.68 72.64
N ARG OB 183 -33.61 -105.17 73.31
CA ARG OB 183 -33.34 -104.71 74.67
C ARG OB 183 -32.69 -103.33 74.70
N VAL OB 184 -31.83 -103.01 73.72
CA VAL OB 184 -31.32 -101.64 73.66
C VAL OB 184 -32.44 -100.68 73.33
N ALA OB 185 -33.40 -101.10 72.51
CA ALA OB 185 -34.56 -100.26 72.27
C ALA OB 185 -35.36 -100.05 73.55
N LYS OB 186 -35.57 -101.14 74.31
CA LYS OB 186 -36.29 -101.00 75.57
C LYS OB 186 -35.55 -100.07 76.53
N SER OB 187 -34.22 -100.08 76.47
CA SER OB 187 -33.45 -99.14 77.29
C SER OB 187 -33.63 -97.69 76.82
N ASN OB 188 -33.77 -97.48 75.51
CA ASN OB 188 -34.02 -96.16 74.96
C ASN OB 188 -35.50 -95.85 74.86
N ARG OB 189 -36.32 -96.45 75.70
CA ARG OB 189 -37.77 -96.29 75.64
C ARG OB 189 -38.18 -94.82 75.80
N MET PB 1 17.95 -70.78 -5.42
CA MET PB 1 17.61 -72.18 -5.25
C MET PB 1 18.54 -73.00 -6.12
N LEU PB 2 18.83 -74.24 -5.72
CA LEU PB 2 19.90 -74.98 -6.36
C LEU PB 2 19.40 -76.00 -7.37
N MET PB 3 18.11 -76.06 -7.65
CA MET PB 3 17.61 -76.91 -8.73
C MET PB 3 18.00 -76.32 -10.09
N PRO PB 4 18.36 -77.15 -11.07
CA PRO PB 4 18.81 -76.61 -12.37
C PRO PB 4 17.66 -76.20 -13.27
N LYS PB 5 17.98 -75.57 -14.40
CA LYS PB 5 16.93 -75.12 -15.31
C LYS PB 5 16.10 -76.26 -15.87
N LYS PB 6 16.58 -77.50 -15.81
CA LYS PB 6 15.82 -78.61 -16.38
C LYS PB 6 14.43 -78.67 -15.77
N ASN PB 7 14.36 -78.63 -14.45
CA ASN PB 7 13.06 -78.66 -13.78
C ASN PB 7 12.26 -77.40 -14.08
N ARG PB 8 12.93 -76.27 -14.22
CA ARG PB 8 12.26 -75.04 -14.61
C ARG PB 8 11.49 -75.24 -15.91
N ILE PB 9 12.21 -75.53 -17.00
CA ILE PB 9 11.58 -75.66 -18.30
C ILE PB 9 10.63 -76.85 -18.28
N ALA PB 10 10.85 -77.79 -17.37
CA ALA PB 10 10.00 -78.96 -17.27
C ALA PB 10 8.64 -78.66 -16.66
N ILE PB 11 8.56 -77.69 -15.76
CA ILE PB 11 7.29 -77.38 -15.11
C ILE PB 11 6.63 -76.13 -15.67
N TYR PB 12 7.40 -75.18 -16.21
CA TYR PB 12 6.81 -73.93 -16.67
C TYR PB 12 5.90 -74.16 -17.88
N GLU PB 13 6.36 -74.96 -18.85
CA GLU PB 13 5.58 -75.17 -20.06
C GLU PB 13 4.26 -75.88 -19.78
N LEU PB 14 4.22 -76.74 -18.76
CA LEU PB 14 2.94 -77.36 -18.43
C LEU PB 14 2.05 -76.39 -17.67
N LEU PB 15 2.64 -75.38 -17.03
CA LEU PB 15 1.83 -74.32 -16.46
C LEU PB 15 1.23 -73.46 -17.55
N PHE PB 16 1.92 -73.37 -18.68
CA PHE PB 16 1.35 -72.68 -19.82
C PHE PB 16 0.27 -73.52 -20.49
N LYS PB 17 0.52 -74.81 -20.63
CA LYS PB 17 -0.46 -75.69 -21.26
C LYS PB 17 -1.69 -75.86 -20.37
N GLU PB 18 -1.50 -75.75 -19.05
CA GLU PB 18 -2.61 -75.78 -18.10
C GLU PB 18 -2.38 -74.65 -17.10
N GLY PB 19 -3.29 -73.68 -17.11
CA GLY PB 19 -3.09 -72.44 -16.39
C GLY PB 19 -2.81 -72.57 -14.90
N VAL PB 20 -3.03 -73.73 -14.31
CA VAL PB 20 -2.85 -73.93 -12.87
C VAL PB 20 -2.15 -75.25 -12.62
N MET PB 21 -1.32 -75.30 -11.58
CA MET PB 21 -0.74 -76.55 -11.11
C MET PB 21 -0.98 -76.66 -9.60
N VAL PB 22 -1.21 -77.88 -9.14
CA VAL PB 22 -1.61 -78.13 -7.76
C VAL PB 22 -0.60 -79.04 -7.10
N ALA PB 23 -0.10 -78.63 -5.93
CA ALA PB 23 0.85 -79.42 -5.16
C ALA PB 23 0.39 -79.47 -3.71
N LYS PB 24 0.44 -80.66 -3.13
CA LYS PB 24 0.20 -80.82 -1.70
C LYS PB 24 1.33 -80.17 -0.91
N LYS PB 25 1.02 -79.78 0.33
CA LYS PB 25 2.06 -79.27 1.24
C LYS PB 25 2.80 -80.48 1.78
N ASP PB 26 3.65 -81.03 0.91
CA ASP PB 26 4.53 -82.12 1.31
C ASP PB 26 5.80 -81.98 0.47
N VAL PB 27 6.85 -81.46 1.11
CA VAL PB 27 8.12 -81.23 0.42
C VAL PB 27 8.86 -82.52 0.19
N HIS PB 28 8.24 -83.67 0.45
CA HIS PB 28 8.97 -84.87 0.82
C HIS PB 28 8.45 -86.11 0.09
N MET PB 29 8.21 -85.99 -1.21
CA MET PB 29 8.13 -87.22 -1.97
C MET PB 29 8.93 -87.05 -3.26
N PRO PB 30 9.52 -88.14 -3.77
CA PRO PB 30 10.61 -88.01 -4.73
C PRO PB 30 10.25 -87.27 -6.01
N LYS PB 31 9.05 -87.53 -6.53
CA LYS PB 31 8.65 -86.98 -7.82
C LYS PB 31 7.17 -86.65 -7.77
N HIS PB 32 6.81 -85.46 -8.22
CA HIS PB 32 5.44 -85.02 -8.24
C HIS PB 32 4.63 -85.95 -9.14
N PRO PB 33 3.53 -86.53 -8.64
CA PRO PB 33 2.82 -87.56 -9.43
C PRO PB 33 2.34 -87.07 -10.79
N GLU PB 34 1.94 -85.82 -10.89
CA GLU PB 34 1.38 -85.28 -12.11
C GLU PB 34 2.46 -84.99 -13.14
N LEU PB 35 3.71 -84.97 -12.72
CA LEU PB 35 4.84 -84.75 -13.61
C LEU PB 35 5.67 -86.01 -13.83
N ALA PB 36 5.84 -86.83 -12.79
CA ALA PB 36 6.43 -88.15 -12.92
C ALA PB 36 7.82 -88.11 -13.56
N ASP PB 37 7.93 -88.62 -14.78
CA ASP PB 37 9.21 -88.92 -15.42
C ASP PB 37 10.14 -87.73 -15.55
N LYS PB 38 9.71 -86.53 -15.15
CA LYS PB 38 10.50 -85.33 -15.37
C LYS PB 38 11.55 -85.11 -14.28
N ASN PB 39 11.67 -86.01 -13.30
CA ASN PB 39 12.67 -85.87 -12.23
C ASN PB 39 12.46 -84.56 -11.49
N VAL PB 40 11.36 -84.51 -10.74
CA VAL PB 40 10.93 -83.29 -10.06
C VAL PB 40 10.18 -83.59 -8.77
N PRO PB 41 10.78 -83.40 -7.61
CA PRO PB 41 10.04 -83.45 -6.35
C PRO PB 41 9.22 -82.18 -6.13
N ASN PB 42 8.20 -82.31 -5.28
CA ASN PB 42 7.32 -81.17 -5.06
C ASN PB 42 8.03 -79.99 -4.44
N LEU PB 43 9.04 -80.25 -3.61
CA LEU PB 43 9.80 -79.16 -3.02
C LEU PB 43 10.29 -78.21 -4.10
N HIS PB 44 10.82 -78.78 -5.19
CA HIS PB 44 11.35 -77.98 -6.27
C HIS PB 44 10.27 -77.05 -6.82
N VAL PB 45 9.10 -77.59 -7.16
CA VAL PB 45 8.06 -76.75 -7.74
C VAL PB 45 7.57 -75.73 -6.72
N MET PB 46 7.47 -76.14 -5.46
CA MET PB 46 6.89 -75.28 -4.44
C MET PB 46 7.74 -74.02 -4.31
N LYS PB 47 9.03 -74.19 -3.98
CA LYS PB 47 9.87 -73.01 -3.86
C LYS PB 47 10.02 -72.32 -5.21
N ALA PB 48 10.12 -73.10 -6.29
CA ALA PB 48 10.40 -72.56 -7.61
C ALA PB 48 9.34 -71.57 -8.04
N MET PB 49 8.07 -71.87 -7.76
CA MET PB 49 7.05 -70.99 -8.27
C MET PB 49 6.41 -70.12 -7.20
N GLN PB 50 6.66 -70.39 -5.91
CA GLN PB 50 6.47 -69.31 -4.97
C GLN PB 50 7.48 -68.20 -5.21
N SER PB 51 8.61 -68.52 -5.87
CA SER PB 51 9.45 -67.47 -6.41
C SER PB 51 8.64 -66.56 -7.33
N LEU PB 52 7.90 -67.15 -8.27
CA LEU PB 52 7.05 -66.33 -9.15
C LEU PB 52 5.98 -65.60 -8.37
N LYS PB 53 5.39 -66.27 -7.38
CA LYS PB 53 4.39 -65.64 -6.54
C LYS PB 53 4.92 -64.35 -5.95
N SER PB 54 6.12 -64.41 -5.37
CA SER PB 54 6.74 -63.19 -4.85
C SER PB 54 7.04 -62.20 -5.96
N ARG PB 55 7.56 -62.67 -7.09
CA ARG PB 55 7.65 -61.80 -8.26
C ARG PB 55 6.28 -61.24 -8.63
N GLY PB 56 5.22 -61.99 -8.39
CA GLY PB 56 3.88 -61.47 -8.53
C GLY PB 56 3.17 -61.80 -9.82
N TYR PB 57 3.31 -63.03 -10.31
CA TYR PB 57 2.53 -63.44 -11.47
C TYR PB 57 1.50 -64.52 -11.16
N VAL PB 58 1.40 -64.98 -9.92
CA VAL PB 58 0.53 -66.10 -9.61
C VAL PB 58 0.00 -65.92 -8.19
N LYS PB 59 -1.28 -66.19 -8.02
CA LYS PB 59 -1.96 -66.06 -6.74
C LYS PB 59 -2.40 -67.43 -6.26
N GLU PB 60 -2.39 -67.59 -4.94
CA GLU PB 60 -2.55 -68.91 -4.34
C GLU PB 60 -3.60 -68.89 -3.25
N GLN PB 61 -4.46 -69.89 -3.26
CA GLN PB 61 -5.34 -70.22 -2.15
C GLN PB 61 -4.92 -71.56 -1.56
N PHE PB 62 -4.86 -71.62 -0.23
CA PHE PB 62 -4.38 -72.81 0.45
C PHE PB 62 -5.54 -73.51 1.17
N ALA PB 63 -5.86 -74.70 0.69
CA ALA PB 63 -6.81 -75.59 1.36
C ALA PB 63 -6.04 -76.46 2.36
N TRP PB 64 -6.66 -77.56 2.80
CA TRP PB 64 -6.12 -78.45 3.82
C TRP PB 64 -4.62 -78.68 3.68
N ARG PB 65 -4.19 -79.23 2.54
CA ARG PB 65 -2.78 -79.45 2.30
C ARG PB 65 -2.29 -79.04 0.93
N HIS PB 66 -3.17 -78.65 0.01
CA HIS PB 66 -2.76 -78.43 -1.36
C HIS PB 66 -2.79 -76.94 -1.68
N PHE PB 67 -2.02 -76.57 -2.69
CA PHE PB 67 -2.00 -75.22 -3.21
C PHE PB 67 -2.59 -75.23 -4.60
N TYR PB 68 -3.42 -74.24 -4.89
CA TYR PB 68 -4.14 -74.26 -6.16
C TYR PB 68 -3.88 -72.99 -6.94
N TRP PB 69 -2.60 -72.63 -7.07
CA TRP PB 69 -2.21 -71.38 -7.70
C TRP PB 69 -2.98 -71.09 -8.98
N TYR PB 70 -3.37 -69.83 -9.16
CA TYR PB 70 -3.97 -69.34 -10.40
C TYR PB 70 -2.97 -68.42 -11.09
N LEU PB 71 -2.73 -68.65 -12.38
CA LEU PB 71 -1.83 -67.79 -13.13
C LEU PB 71 -2.50 -66.47 -13.46
N THR PB 72 -1.78 -65.38 -13.22
CA THR PB 72 -2.27 -64.06 -13.56
C THR PB 72 -1.75 -63.66 -14.94
N ASN PB 73 -2.40 -62.66 -15.54
CA ASN PB 73 -2.03 -62.25 -16.87
C ASN PB 73 -0.59 -61.76 -16.92
N GLU PB 74 -0.15 -61.04 -15.89
CA GLU PB 74 1.23 -60.57 -15.84
C GLU PB 74 2.22 -61.71 -15.90
N GLY PB 75 1.78 -62.92 -15.56
CA GLY PB 75 2.61 -64.08 -15.81
C GLY PB 75 2.57 -64.50 -17.25
N ILE PB 76 1.37 -64.56 -17.83
CA ILE PB 76 1.21 -65.23 -19.12
C ILE PB 76 2.17 -64.66 -20.14
N GLN PB 77 2.34 -63.35 -20.16
CA GLN PB 77 3.35 -62.76 -21.03
C GLN PB 77 4.76 -63.03 -20.53
N TYR PB 78 4.94 -63.15 -19.22
CA TYR PB 78 6.24 -63.49 -18.68
C TYR PB 78 6.64 -64.90 -19.09
N LEU PB 79 5.71 -65.86 -18.96
CA LEU PB 79 5.99 -67.19 -19.50
C LEU PB 79 6.14 -67.14 -21.01
N ARG PB 80 5.39 -66.28 -21.68
CA ARG PB 80 5.46 -66.16 -23.14
C ARG PB 80 6.87 -65.81 -23.58
N ASP PB 81 7.43 -64.75 -23.02
CA ASP PB 81 8.76 -64.32 -23.45
C ASP PB 81 9.87 -65.06 -22.72
N TYR PB 82 9.55 -65.88 -21.72
CA TYR PB 82 10.58 -66.67 -21.09
C TYR PB 82 10.76 -68.03 -21.76
N LEU PB 83 9.67 -68.63 -22.24
CA LEU PB 83 9.78 -69.79 -23.12
C LEU PB 83 10.06 -69.41 -24.56
N HIS PB 84 9.94 -68.13 -24.91
CA HIS PB 84 10.07 -67.67 -26.29
C HIS PB 84 9.06 -68.37 -27.19
N LEU PB 85 7.78 -68.09 -26.95
CA LEU PB 85 6.76 -68.50 -27.89
C LEU PB 85 6.14 -67.29 -28.58
N PRO PB 86 5.77 -67.44 -29.85
CA PRO PB 86 4.98 -66.40 -30.50
C PRO PB 86 3.66 -66.21 -29.77
N PRO PB 87 3.09 -65.03 -29.79
CA PRO PB 87 1.96 -64.70 -28.92
C PRO PB 87 0.58 -65.12 -29.45
N GLU PB 88 0.46 -66.39 -29.85
CA GLU PB 88 -0.86 -66.93 -30.18
C GLU PB 88 -1.16 -68.18 -29.36
N ILE PB 89 -0.13 -68.95 -29.01
CA ILE PB 89 -0.29 -70.06 -28.08
C ILE PB 89 -0.77 -69.51 -26.75
N VAL PB 90 -1.93 -69.96 -26.28
CA VAL PB 90 -2.44 -69.39 -25.03
C VAL PB 90 -2.71 -70.52 -24.04
N PRO PB 91 -2.83 -70.25 -22.74
CA PRO PB 91 -3.17 -71.34 -21.82
C PRO PB 91 -4.51 -71.96 -22.19
N ALA PB 92 -4.60 -73.27 -22.01
CA ALA PB 92 -5.87 -73.94 -22.24
C ALA PB 92 -6.94 -73.39 -21.31
N THR PB 93 -6.56 -73.01 -20.10
CA THR PB 93 -7.50 -72.44 -19.15
C THR PB 93 -8.11 -71.14 -19.66
N LEU PB 94 -7.42 -70.41 -20.53
CA LEU PB 94 -7.92 -69.11 -20.95
C LEU PB 94 -9.10 -69.26 -21.89
N ARG PB 95 -8.90 -69.91 -23.01
CA ARG PB 95 -9.90 -69.87 -24.06
C ARG PB 95 -10.40 -71.25 -24.48
N ARG PB 96 -9.50 -72.21 -24.64
CA ARG PB 96 -9.78 -73.54 -25.15
C ARG PB 96 -10.81 -73.54 -26.27
N SER PB 97 -12.03 -73.07 -26.03
CA SER PB 97 -13.08 -73.21 -27.04
C SER PB 97 -13.20 -71.98 -27.93
N ARG PB 98 -13.57 -70.85 -27.35
CA ARG PB 98 -14.00 -69.70 -28.14
C ARG PB 98 -13.37 -68.39 -27.64
N THR QB 1 34.60 -119.76 30.15
CA THR QB 1 33.88 -120.20 28.96
C THR QB 1 32.56 -119.46 28.79
N TYR QB 2 31.81 -119.83 27.75
CA TYR QB 2 30.49 -119.26 27.51
C TYR QB 2 29.37 -120.29 27.64
N ARG QB 3 29.39 -121.35 26.85
CA ARG QB 3 28.30 -122.33 26.89
C ARG QB 3 28.85 -123.74 26.77
N GLY QB 4 29.88 -124.03 27.55
CA GLY QB 4 30.56 -125.30 27.40
C GLY QB 4 31.54 -125.35 26.26
N VAL QB 5 31.87 -124.19 25.69
CA VAL QB 5 32.86 -124.07 24.63
C VAL QB 5 33.82 -122.96 25.01
N ASP QB 6 35.11 -123.20 24.80
CA ASP QB 6 36.12 -122.25 25.21
C ASP QB 6 36.18 -121.07 24.26
N LEU QB 7 36.88 -120.02 24.69
CA LEU QB 7 36.94 -118.79 23.92
C LEU QB 7 37.60 -119.02 22.55
N ASP QB 8 38.68 -119.79 22.55
CA ASP QB 8 39.52 -119.87 21.35
C ASP QB 8 38.77 -120.46 20.17
N GLN QB 9 37.89 -121.43 20.42
CA GLN QB 9 37.01 -121.88 19.35
C GLN QB 9 36.05 -120.78 18.94
N LEU QB 10 35.66 -119.93 19.89
CA LEU QB 10 34.69 -118.88 19.58
C LEU QB 10 35.28 -117.83 18.66
N LEU QB 11 36.57 -117.52 18.79
CA LEU QB 11 37.16 -116.54 17.90
C LEU QB 11 37.04 -116.96 16.44
N ASP QB 12 37.29 -118.24 16.15
CA ASP QB 12 37.35 -118.73 14.77
C ASP QB 12 35.98 -119.11 14.23
N MET QB 13 35.12 -119.69 15.06
CA MET QB 13 33.76 -120.07 14.70
C MET QB 13 32.93 -118.92 14.15
N SER QB 14 32.04 -119.24 13.20
CA SER QB 14 31.29 -118.26 12.42
C SER QB 14 29.86 -118.10 12.95
N TYR QB 15 29.03 -117.36 12.21
CA TYR QB 15 27.73 -116.97 12.74
C TYR QB 15 26.81 -118.16 12.94
N GLU QB 16 26.67 -119.01 11.93
CA GLU QB 16 25.54 -119.92 11.78
C GLU QB 16 25.41 -120.89 12.96
N GLN QB 17 26.44 -121.05 13.79
CA GLN QB 17 26.27 -121.84 15.00
C GLN QB 17 26.37 -121.00 16.27
N LEU QB 18 26.84 -119.76 16.17
CA LEU QB 18 26.66 -118.86 17.28
C LEU QB 18 25.20 -118.43 17.40
N MET QB 19 24.42 -118.58 16.32
CA MET QB 19 22.97 -118.44 16.43
C MET QB 19 22.42 -119.36 17.50
N GLN QB 20 22.76 -120.65 17.43
CA GLN QB 20 22.32 -121.58 18.46
C GLN QB 20 23.00 -121.30 19.78
N LEU QB 21 24.25 -120.84 19.75
CA LEU QB 21 24.93 -120.53 21.01
C LEU QB 21 24.32 -119.34 21.73
N TYR QB 22 23.56 -118.49 21.04
CA TYR QB 22 23.06 -117.25 21.62
C TYR QB 22 21.67 -117.44 22.20
N SER QB 23 21.19 -116.38 22.83
CA SER QB 23 19.84 -116.35 23.37
C SER QB 23 18.83 -116.12 22.24
N ALA QB 24 17.56 -116.37 22.55
CA ALA QB 24 16.51 -116.18 21.57
C ALA QB 24 16.48 -114.75 21.06
N ARG QB 25 16.65 -113.78 21.94
CA ARG QB 25 16.62 -112.38 21.52
C ARG QB 25 17.69 -112.11 20.48
N GLN QB 26 18.95 -112.39 20.81
CA GLN QB 26 20.02 -112.03 19.91
C GLN QB 26 20.10 -112.97 18.72
N ARG QB 27 19.65 -114.21 18.88
CA ARG QB 27 19.54 -115.08 17.71
C ARG QB 27 18.54 -114.52 16.71
N ARG QB 28 17.37 -114.06 17.20
CA ARG QB 28 16.41 -113.42 16.32
C ARG QB 28 16.99 -112.16 15.71
N ARG QB 29 17.78 -111.41 16.48
CA ARG QB 29 18.39 -110.20 15.97
C ARG QB 29 19.35 -110.50 14.83
N LEU QB 30 20.24 -111.46 15.03
CA LEU QB 30 21.27 -111.76 14.04
C LEU QB 30 20.74 -112.56 12.87
N ASN QB 31 19.62 -113.26 13.01
CA ASN QB 31 19.00 -113.87 11.85
C ASN QB 31 18.58 -112.79 10.86
N ARG QB 32 18.00 -111.70 11.36
CA ARG QB 32 17.85 -110.52 10.54
C ARG QB 32 19.21 -109.89 10.28
N GLY QB 33 19.40 -109.39 9.07
CA GLY QB 33 20.73 -108.98 8.64
C GLY QB 33 21.28 -107.85 9.48
N LEU QB 34 22.60 -107.82 9.60
CA LEU QB 34 23.30 -106.72 10.26
C LEU QB 34 23.50 -105.57 9.28
N ARG QB 35 23.25 -104.36 9.77
CA ARG QB 35 23.25 -103.18 8.91
C ARG QB 35 24.65 -102.63 8.72
N ARG QB 36 24.77 -101.70 7.78
CA ARG QB 36 26.07 -101.19 7.39
C ARG QB 36 26.74 -100.41 8.52
N LYS QB 37 25.94 -99.79 9.40
CA LYS QB 37 26.53 -99.06 10.53
C LYS QB 37 27.37 -100.00 11.39
N GLN QB 38 26.79 -101.14 11.77
CA GLN QB 38 27.49 -102.10 12.61
C GLN QB 38 28.66 -102.72 11.89
N HIS QB 39 28.53 -102.95 10.57
CA HIS QB 39 29.66 -103.43 9.80
C HIS QB 39 30.82 -102.45 9.86
N SER QB 40 30.54 -101.17 9.68
CA SER QB 40 31.58 -100.16 9.79
C SER QB 40 32.19 -100.15 11.17
N LEU QB 41 31.35 -100.29 12.21
CA LEU QB 41 31.86 -100.27 13.57
C LEU QB 41 32.81 -101.44 13.82
N LEU QB 42 32.40 -102.65 13.45
CA LEU QB 42 33.27 -103.80 13.67
C LEU QB 42 34.52 -103.71 12.80
N LYS QB 43 34.42 -103.12 11.61
CA LYS QB 43 35.61 -102.93 10.79
C LYS QB 43 36.59 -101.97 11.47
N ARG QB 44 36.06 -100.88 12.04
CA ARG QB 44 36.92 -99.97 12.78
C ARG QB 44 37.55 -100.68 13.97
N LEU QB 45 36.80 -101.61 14.59
CA LEU QB 45 37.36 -102.36 15.70
C LEU QB 45 38.50 -103.28 15.25
N ARG QB 46 38.33 -103.94 14.10
CA ARG QB 46 39.42 -104.73 13.56
C ARG QB 46 40.62 -103.86 13.28
N LYS QB 47 40.39 -102.66 12.75
CA LYS QB 47 41.49 -101.74 12.49
C LYS QB 47 42.20 -101.34 13.78
N ALA QB 48 41.43 -101.07 14.83
CA ALA QB 48 42.03 -100.72 16.11
C ALA QB 48 42.87 -101.86 16.66
N LYS QB 49 42.37 -103.09 16.56
CA LYS QB 49 43.14 -104.24 17.02
C LYS QB 49 44.43 -104.38 16.25
N LYS QB 50 44.37 -104.27 14.92
CA LYS QB 50 45.57 -104.44 14.11
C LYS QB 50 46.59 -103.35 14.40
N GLU QB 51 46.14 -102.09 14.46
CA GLU QB 51 47.07 -100.99 14.69
C GLU QB 51 47.51 -100.91 16.14
N ALA QB 52 47.03 -101.80 16.99
CA ALA QB 52 47.47 -101.80 18.37
C ALA QB 52 48.86 -102.41 18.47
N PRO QB 53 49.86 -101.67 18.97
CA PRO QB 53 51.12 -102.30 19.38
C PRO QB 53 50.92 -103.26 20.56
N PRO QB 54 51.79 -104.25 20.71
CA PRO QB 54 51.45 -105.42 21.53
C PRO QB 54 51.28 -105.08 23.00
N MET QB 55 50.70 -106.05 23.73
CA MET QB 55 50.54 -106.02 25.19
C MET QB 55 49.76 -104.80 25.65
N GLU QB 56 49.11 -104.11 24.72
CA GLU QB 56 48.56 -102.80 24.99
C GLU QB 56 47.07 -102.81 24.66
N LYS QB 57 46.24 -102.38 25.63
CA LYS QB 57 44.81 -102.31 25.39
C LYS QB 57 44.55 -101.25 24.32
N PRO QB 58 43.78 -101.57 23.28
CA PRO QB 58 43.73 -100.70 22.09
C PRO QB 58 43.21 -99.31 22.42
N GLU QB 59 43.38 -98.40 21.47
CA GLU QB 59 42.86 -97.05 21.64
C GLU QB 59 41.34 -97.08 21.59
N VAL QB 60 40.73 -96.11 22.26
CA VAL QB 60 39.28 -96.10 22.43
C VAL QB 60 38.62 -95.68 21.13
N VAL QB 61 37.56 -96.38 20.76
CA VAL QB 61 36.66 -95.94 19.70
C VAL QB 61 35.35 -95.51 20.34
N LYS QB 62 34.89 -94.32 19.99
CA LYS QB 62 33.63 -93.82 20.50
C LYS QB 62 32.53 -94.16 19.51
N THR QB 63 31.32 -94.33 20.02
CA THR QB 63 30.22 -94.80 19.20
C THR QB 63 28.90 -94.30 19.75
N HIS QB 64 27.89 -94.32 18.88
CA HIS QB 64 26.53 -94.03 19.27
C HIS QB 64 25.66 -95.28 19.30
N LEU QB 65 26.06 -96.34 18.62
CA LEU QB 65 25.26 -97.55 18.49
C LEU QB 65 25.36 -98.34 19.80
N ARG QB 66 24.61 -97.88 20.79
CA ARG QB 66 24.49 -98.64 22.04
C ARG QB 66 23.37 -99.68 21.91
N ASP QB 67 23.40 -100.41 20.80
CA ASP QB 67 22.49 -101.52 20.60
C ASP QB 67 23.19 -102.71 19.97
N MET QB 68 24.47 -102.59 19.63
CA MET QB 68 25.20 -103.65 18.97
C MET QB 68 25.40 -104.77 19.98
N ILE QB 69 24.71 -105.89 19.76
CA ILE QB 69 24.95 -107.08 20.56
C ILE QB 69 26.44 -107.38 20.46
N ILE QB 70 27.11 -107.55 21.60
CA ILE QB 70 28.56 -107.61 21.58
C ILE QB 70 29.00 -109.03 21.23
N LEU QB 71 29.97 -109.13 20.34
CA LEU QB 71 30.35 -110.39 19.72
C LEU QB 71 31.77 -110.78 20.10
N PRO QB 72 32.16 -112.04 19.84
CA PRO QB 72 33.50 -112.49 20.24
C PRO QB 72 34.67 -111.73 19.63
N GLU QB 73 34.65 -111.42 18.32
CA GLU QB 73 35.88 -111.07 17.63
C GLU QB 73 36.52 -109.80 18.21
N MET QB 74 35.74 -108.80 18.59
CA MET QB 74 36.33 -107.60 19.17
C MET QB 74 36.37 -107.64 20.69
N VAL QB 75 36.25 -108.83 21.29
CA VAL QB 75 36.48 -108.96 22.73
C VAL QB 75 37.95 -108.69 23.01
N GLY QB 76 38.21 -107.82 23.97
CA GLY QB 76 39.56 -107.37 24.21
C GLY QB 76 39.83 -106.08 23.48
N SER QB 77 38.91 -105.13 23.60
CA SER QB 77 39.01 -103.89 22.85
C SER QB 77 38.58 -102.72 23.75
N MET QB 78 38.75 -101.53 23.21
CA MET QB 78 38.48 -100.28 23.94
C MET QB 78 37.43 -99.48 23.20
N VAL QB 79 36.22 -99.44 23.74
CA VAL QB 79 35.12 -98.72 23.12
C VAL QB 79 34.45 -97.85 24.16
N GLY QB 80 34.25 -96.57 23.83
CA GLY QB 80 33.50 -95.67 24.68
C GLY QB 80 32.14 -95.41 24.08
N VAL QB 81 31.08 -95.85 24.74
CA VAL QB 81 29.74 -95.78 24.18
C VAL QB 81 29.04 -94.53 24.72
N TYR QB 82 28.29 -93.87 23.85
CA TYR QB 82 27.52 -92.71 24.25
C TYR QB 82 26.44 -93.10 25.24
N ASN QB 83 26.13 -92.20 26.16
CA ASN QB 83 25.01 -92.37 27.08
C ASN QB 83 24.01 -91.25 26.95
N GLY QB 84 24.06 -90.48 25.86
CA GLY QB 84 23.32 -89.25 25.72
C GLY QB 84 24.14 -88.03 26.10
N LYS QB 85 25.10 -88.20 26.99
CA LYS QB 85 25.97 -87.12 27.45
C LYS QB 85 27.40 -87.25 26.93
N THR QB 86 28.04 -88.38 27.18
CA THR QB 86 29.42 -88.60 26.76
C THR QB 86 29.60 -90.06 26.39
N PHE QB 87 30.78 -90.39 25.88
CA PHE QB 87 31.11 -91.77 25.52
C PHE QB 87 31.92 -92.34 26.67
N ASN QB 88 31.26 -93.12 27.52
CA ASN QB 88 31.96 -93.74 28.63
C ASN QB 88 32.81 -94.91 28.13
N GLN QB 89 34.09 -94.88 28.49
CA GLN QB 89 34.99 -95.96 28.10
C GLN QB 89 34.47 -97.30 28.60
N VAL QB 90 34.58 -98.31 27.74
CA VAL QB 90 34.33 -99.69 28.13
C VAL QB 90 35.39 -100.57 27.49
N GLU QB 91 35.99 -101.44 28.31
CA GLU QB 91 36.79 -102.53 27.80
C GLU QB 91 35.89 -103.75 27.67
N ILE QB 92 36.16 -104.57 26.66
CA ILE QB 92 35.31 -105.70 26.34
C ILE QB 92 36.03 -106.98 26.71
N LYS QB 93 35.46 -107.72 27.65
CA LYS QB 93 36.03 -108.94 28.20
C LYS QB 93 35.09 -110.09 27.91
N PRO QB 94 35.59 -111.32 27.92
CA PRO QB 94 34.84 -112.43 27.31
C PRO QB 94 33.45 -112.65 27.85
N GLU QB 95 33.16 -112.37 29.11
CA GLU QB 95 31.84 -112.75 29.60
C GLU QB 95 30.77 -111.72 29.24
N MET QB 96 30.63 -111.40 27.96
CA MET QB 96 29.52 -110.55 27.55
C MET QB 96 28.86 -110.99 26.24
N ILE QB 97 29.27 -112.14 25.69
CA ILE QB 97 28.80 -112.57 24.38
C ILE QB 97 27.31 -112.34 24.20
N GLY QB 98 26.53 -112.51 25.27
CA GLY QB 98 25.10 -112.27 25.18
C GLY QB 98 24.65 -111.01 25.88
N HIS QB 99 25.40 -109.91 25.72
CA HIS QB 99 25.03 -108.66 26.38
C HIS QB 99 25.15 -107.50 25.40
N TYR QB 100 24.38 -106.46 25.67
CA TYR QB 100 24.26 -105.29 24.83
C TYR QB 100 25.22 -104.21 25.31
N LEU QB 101 25.77 -103.43 24.37
CA LEU QB 101 26.53 -102.26 24.77
C LEU QB 101 25.64 -101.27 25.52
N GLY QB 102 24.37 -101.19 25.12
CA GLY QB 102 23.44 -100.35 25.84
C GLY QB 102 23.29 -100.74 27.29
N GLU QB 103 23.43 -102.03 27.59
CA GLU QB 103 23.41 -102.49 28.98
C GLU QB 103 24.51 -101.88 29.81
N PHE QB 104 25.58 -101.42 29.19
CA PHE QB 104 26.80 -101.24 29.95
C PHE QB 104 26.89 -99.86 30.56
N SER QB 105 26.86 -98.82 29.75
CA SER QB 105 26.96 -97.46 30.28
C SER QB 105 25.56 -96.98 30.62
N ILE QB 106 25.33 -96.73 31.91
CA ILE QB 106 24.03 -96.22 32.34
C ILE QB 106 23.85 -94.81 31.81
N THR QB 107 22.59 -94.45 31.52
CA THR QB 107 22.27 -93.18 30.89
C THR QB 107 21.92 -92.11 31.89
N TYR QB 108 21.83 -92.44 33.17
CA TYR QB 108 21.43 -91.46 34.17
C TYR QB 108 22.22 -91.72 35.45
N LYS QB 109 22.62 -90.66 36.12
CA LYS QB 109 23.28 -91.11 37.33
C LYS QB 109 22.23 -91.50 38.37
N PRO QB 110 22.54 -92.45 39.25
CA PRO QB 110 21.54 -92.91 40.21
C PRO QB 110 21.18 -91.81 41.19
N VAL QB 111 20.01 -91.99 41.83
CA VAL QB 111 19.54 -91.01 42.80
C VAL QB 111 20.14 -91.31 44.16
N LYS QB 112 20.78 -90.31 44.76
CA LYS QB 112 21.24 -90.52 46.14
C LYS QB 112 20.08 -90.26 47.11
N HIS QB 113 19.72 -88.99 47.29
CA HIS QB 113 18.36 -88.50 47.46
C HIS QB 113 18.45 -87.03 47.86
N GLY QB 114 17.29 -86.39 47.98
CA GLY QB 114 17.22 -85.02 48.45
C GLY QB 114 16.11 -84.85 49.47
N ARG QB 115 16.23 -83.77 50.24
CA ARG QB 115 15.26 -83.47 51.28
C ARG QB 115 13.90 -83.17 50.67
N PRO QB 116 12.80 -83.67 51.25
CA PRO QB 116 11.47 -83.32 50.74
C PRO QB 116 11.14 -81.86 50.95
N GLY QB 117 10.38 -81.29 50.01
CA GLY QB 117 10.01 -79.89 50.06
C GLY QB 117 8.51 -79.60 50.13
N ILE QB 118 7.99 -79.06 49.03
CA ILE QB 118 6.63 -78.52 49.05
C ILE QB 118 5.59 -79.61 49.21
N GLY QB 119 5.72 -80.70 48.45
CA GLY QB 119 4.71 -81.71 48.39
C GLY QB 119 4.66 -82.58 49.63
N ALA QB 120 4.07 -83.76 49.46
CA ALA QB 120 3.98 -84.77 50.52
C ALA QB 120 3.23 -84.22 51.74
N THR QB 121 1.96 -83.87 51.52
CA THR QB 121 1.10 -83.42 52.60
C THR QB 121 0.71 -84.58 53.50
N SER RB 1 -57.70 -139.13 9.60
CA SER RB 1 -56.58 -139.86 10.20
C SER RB 1 -55.25 -139.30 9.70
N LYS RB 2 -55.13 -139.15 8.38
CA LYS RB 2 -53.95 -138.56 7.77
C LYS RB 2 -54.25 -137.18 7.17
N GLY RB 3 -55.23 -136.47 7.75
CA GLY RB 3 -55.59 -135.15 7.30
C GLY RB 3 -54.45 -134.17 7.40
N PRO RB 4 -54.21 -133.43 6.33
CA PRO RB 4 -52.99 -132.62 6.24
C PRO RB 4 -53.13 -131.20 6.79
N LEU RB 5 -52.03 -130.46 6.72
CA LEU RB 5 -51.90 -129.05 7.11
C LEU RB 5 -52.57 -128.73 8.45
N GLN RB 6 -52.52 -129.67 9.38
CA GLN RB 6 -53.09 -129.50 10.71
C GLN RB 6 -52.03 -129.12 11.75
N SER RB 7 -51.32 -128.02 11.51
CA SER RB 7 -50.21 -127.61 12.36
C SER RB 7 -50.30 -126.12 12.63
N VAL RB 8 -49.54 -125.67 13.64
CA VAL RB 8 -49.41 -124.26 13.97
C VAL RB 8 -47.96 -124.00 14.31
N GLN RB 9 -47.56 -122.74 14.26
CA GLN RB 9 -46.22 -122.33 14.65
C GLN RB 9 -46.29 -121.00 15.38
N VAL RB 10 -45.65 -120.94 16.56
CA VAL RB 10 -45.67 -119.77 17.43
C VAL RB 10 -44.24 -119.42 17.80
N PHE RB 11 -44.01 -118.15 18.14
CA PHE RB 11 -42.71 -117.81 18.71
C PHE RB 11 -42.93 -117.03 19.99
N GLY RB 12 -41.93 -117.10 20.84
CA GLY RB 12 -41.89 -116.28 22.04
C GLY RB 12 -40.46 -116.01 22.41
N ARG RB 13 -40.26 -114.89 23.09
CA ARG RB 13 -38.94 -114.35 23.31
C ARG RB 13 -38.74 -114.05 24.79
N LYS RB 14 -37.49 -114.13 25.24
CA LYS RB 14 -37.10 -113.65 26.57
C LYS RB 14 -35.88 -112.75 26.38
N LYS RB 15 -36.16 -111.52 25.96
CA LYS RB 15 -35.28 -110.36 25.97
C LYS RB 15 -34.04 -110.48 25.08
N THR RB 16 -33.65 -111.69 24.71
CA THR RB 16 -32.82 -111.95 23.54
C THR RB 16 -33.17 -113.28 22.90
N ALA RB 17 -33.71 -114.18 23.71
CA ALA RB 17 -33.84 -115.58 23.35
C ALA RB 17 -35.16 -115.79 22.63
N THR RB 18 -35.09 -116.05 21.33
CA THR RB 18 -36.26 -116.20 20.50
C THR RB 18 -36.51 -117.69 20.26
N ALA RB 19 -37.56 -118.22 20.87
CA ALA RB 19 -37.92 -119.63 20.73
C ALA RB 19 -39.21 -119.72 19.91
N VAL RB 20 -39.14 -120.41 18.78
CA VAL RB 20 -40.26 -120.58 17.86
C VAL RB 20 -40.50 -122.08 17.69
N ALA RB 21 -41.76 -122.49 17.78
CA ALA RB 21 -42.14 -123.89 17.85
C ALA RB 21 -43.08 -124.26 16.71
N HIS RB 22 -42.92 -125.47 16.18
CA HIS RB 22 -43.85 -126.04 15.22
C HIS RB 22 -44.56 -127.22 15.87
N CYS RB 23 -45.89 -127.19 15.82
CA CYS RB 23 -46.70 -128.17 16.53
C CYS RB 23 -47.67 -128.83 15.56
N LYS RB 24 -47.68 -130.16 15.56
CA LYS RB 24 -48.55 -130.93 14.68
C LYS RB 24 -49.36 -131.92 15.51
N ARG RB 25 -50.32 -132.55 14.86
CA ARG RB 25 -51.05 -133.65 15.49
C ARG RB 25 -50.22 -134.92 15.40
N GLY RB 26 -50.04 -135.59 16.52
CA GLY RB 26 -49.25 -136.80 16.57
C GLY RB 26 -49.47 -137.50 17.88
N ASN RB 27 -48.46 -138.23 18.33
CA ASN RB 27 -48.54 -139.00 19.57
C ASN RB 27 -47.40 -138.54 20.49
N GLY RB 28 -47.64 -137.45 21.21
CA GLY RB 28 -46.74 -137.01 22.27
C GLY RB 28 -45.30 -136.77 21.86
N LEU RB 29 -45.09 -136.10 20.73
CA LEU RB 29 -43.73 -135.79 20.27
C LEU RB 29 -43.29 -134.51 20.96
N ILE RB 30 -42.37 -134.65 21.91
CA ILE RB 30 -42.06 -133.60 22.88
C ILE RB 30 -40.54 -133.47 22.95
N LYS RB 31 -39.95 -132.59 22.14
CA LYS RB 31 -38.50 -132.45 22.12
C LYS RB 31 -38.12 -131.03 21.71
N VAL RB 32 -36.91 -130.63 22.09
CA VAL RB 32 -36.41 -129.27 21.87
C VAL RB 32 -35.12 -129.35 21.05
N ASN RB 33 -35.03 -128.53 20.01
CA ASN RB 33 -33.85 -128.47 19.14
C ASN RB 33 -33.35 -129.87 18.81
N GLY RB 34 -34.29 -130.80 18.66
CA GLY RB 34 -33.96 -132.21 18.57
C GLY RB 34 -34.00 -132.92 19.91
N ARG RB 35 -33.18 -132.47 20.86
CA ARG RB 35 -33.04 -133.20 22.11
C ARG RB 35 -34.31 -133.11 22.94
N PRO RB 36 -34.55 -134.07 23.84
CA PRO RB 36 -35.77 -134.04 24.63
C PRO RB 36 -35.72 -132.92 25.66
N LEU RB 37 -36.92 -132.47 26.05
CA LEU RB 37 -37.01 -131.42 27.05
C LEU RB 37 -36.47 -131.85 28.39
N GLU RB 38 -36.30 -133.14 28.63
CA GLU RB 38 -35.67 -133.61 29.86
C GLU RB 38 -34.16 -133.72 29.70
N MET RB 39 -33.59 -132.97 28.76
CA MET RB 39 -32.19 -133.10 28.45
C MET RB 39 -31.57 -131.73 28.21
N ILE RB 40 -31.77 -130.84 29.18
CA ILE RB 40 -31.42 -129.43 29.06
C ILE RB 40 -30.31 -129.10 30.03
N GLU RB 41 -30.00 -127.81 30.13
CA GLU RB 41 -28.98 -127.21 30.99
C GLU RB 41 -29.23 -127.62 32.45
N PRO RB 42 -28.35 -127.25 33.41
CA PRO RB 42 -27.93 -128.19 34.46
C PRO RB 42 -28.94 -129.18 35.05
N ARG RB 43 -30.23 -128.95 34.84
CA ARG RB 43 -31.36 -129.62 35.49
C ARG RB 43 -31.65 -129.02 36.85
N THR RB 44 -30.87 -128.03 37.30
CA THR RB 44 -31.30 -127.27 38.45
C THR RB 44 -32.59 -126.53 38.15
N LEU RB 45 -32.93 -126.38 36.86
CA LEU RB 45 -34.21 -125.86 36.42
C LEU RB 45 -34.89 -126.79 35.42
N GLN RB 46 -34.49 -128.06 35.38
CA GLN RB 46 -35.16 -128.99 34.47
C GLN RB 46 -36.65 -129.02 34.75
N TYR RB 47 -37.02 -129.08 36.02
CA TYR RB 47 -38.39 -129.11 36.44
C TYR RB 47 -38.99 -127.71 36.48
N LYS RB 48 -38.15 -126.69 36.27
CA LYS RB 48 -38.65 -125.36 35.91
C LYS RB 48 -39.03 -125.30 34.44
N LEU RB 49 -38.28 -125.96 33.57
CA LEU RB 49 -38.76 -126.08 32.19
C LEU RB 49 -40.00 -126.93 32.14
N LEU RB 50 -40.02 -128.04 32.88
CA LEU RB 50 -41.11 -128.98 32.83
C LEU RB 50 -42.36 -128.53 33.56
N GLU RB 51 -42.44 -127.25 33.95
CA GLU RB 51 -43.61 -126.77 34.66
C GLU RB 51 -44.90 -126.96 33.89
N PRO RB 52 -45.05 -126.47 32.64
CA PRO RB 52 -46.37 -126.53 32.01
C PRO RB 52 -46.91 -127.94 31.84
N VAL RB 53 -46.14 -128.80 31.19
CA VAL RB 53 -46.64 -130.14 30.89
C VAL RB 53 -47.00 -130.89 32.16
N LEU RB 54 -46.39 -130.55 33.29
CA LEU RB 54 -46.73 -131.30 34.50
C LEU RB 54 -48.09 -130.89 35.04
N LEU RB 55 -48.43 -129.59 34.99
CA LEU RB 55 -49.70 -129.21 35.60
C LEU RB 55 -50.86 -129.26 34.61
N LEU RB 56 -50.62 -129.05 33.32
CA LEU RB 56 -51.71 -129.21 32.36
C LEU RB 56 -51.98 -130.68 32.08
N GLY RB 57 -51.02 -131.56 32.39
CA GLY RB 57 -51.25 -132.99 32.28
C GLY RB 57 -51.02 -133.58 30.90
N LYS RB 58 -50.47 -134.78 30.85
CA LYS RB 58 -50.12 -135.38 29.56
C LYS RB 58 -51.32 -135.60 28.66
N GLU RB 59 -52.50 -135.84 29.24
CA GLU RB 59 -53.66 -136.28 28.46
C GLU RB 59 -54.03 -135.31 27.34
N ARG RB 60 -53.42 -134.13 27.31
CA ARG RB 60 -53.60 -133.21 26.20
C ARG RB 60 -52.37 -133.11 25.31
N PHE RB 61 -51.19 -133.37 25.85
CA PHE RB 61 -49.95 -133.39 25.05
C PHE RB 61 -49.79 -134.66 24.25
N ALA RB 62 -50.76 -135.58 24.31
CA ALA RB 62 -50.73 -136.73 23.43
C ALA RB 62 -50.78 -136.31 21.97
N GLY RB 63 -51.75 -135.49 21.62
CA GLY RB 63 -51.97 -135.13 20.23
C GLY RB 63 -51.17 -133.95 19.74
N VAL RB 64 -49.98 -133.73 20.31
CA VAL RB 64 -49.14 -132.59 19.92
C VAL RB 64 -47.74 -133.11 19.61
N ASP RB 65 -47.02 -132.33 18.81
CA ASP RB 65 -45.69 -132.66 18.33
C ASP RB 65 -44.76 -131.47 18.48
N ILE RB 66 -44.70 -130.90 19.68
CA ILE RB 66 -43.97 -129.65 19.87
C ILE RB 66 -42.51 -129.81 19.47
N ARG RB 67 -42.07 -128.95 18.56
CA ARG RB 67 -40.66 -128.87 18.19
C ARG RB 67 -40.31 -127.40 18.13
N VAL RB 68 -39.46 -126.93 19.04
CA VAL RB 68 -39.14 -125.52 19.14
C VAL RB 68 -37.63 -125.31 18.96
N ARG RB 69 -37.28 -124.42 18.04
CA ARG RB 69 -35.90 -124.13 17.69
C ARG RB 69 -35.49 -122.81 18.36
N VAL RB 70 -34.23 -122.73 18.78
CA VAL RB 70 -33.75 -121.67 19.64
C VAL RB 70 -32.60 -120.94 18.98
N LYS RB 71 -32.56 -119.61 19.18
CA LYS RB 71 -31.49 -118.77 18.67
C LYS RB 71 -31.21 -117.67 19.66
N GLY RB 72 -29.95 -117.30 19.79
CA GLY RB 72 -29.56 -116.17 20.59
C GLY RB 72 -29.82 -116.39 22.07
N GLY RB 73 -29.62 -115.32 22.83
CA GLY RB 73 -29.95 -115.30 24.23
C GLY RB 73 -28.91 -115.95 25.12
N GLY RB 74 -29.12 -115.80 26.42
CA GLY RB 74 -28.34 -116.49 27.42
C GLY RB 74 -29.03 -117.77 27.86
N HIS RB 75 -28.40 -118.43 28.84
CA HIS RB 75 -28.91 -119.72 29.30
C HIS RB 75 -30.32 -119.60 29.86
N VAL RB 76 -30.47 -118.86 30.96
CA VAL RB 76 -31.78 -118.75 31.59
C VAL RB 76 -32.76 -118.03 30.68
N ALA RB 77 -32.30 -117.03 29.92
CA ALA RB 77 -33.18 -116.41 28.95
C ALA RB 77 -33.67 -117.41 27.94
N GLN RB 78 -32.77 -118.26 27.45
CA GLN RB 78 -33.18 -119.29 26.50
C GLN RB 78 -34.25 -120.18 27.10
N ILE RB 79 -34.02 -120.67 28.33
CA ILE RB 79 -34.94 -121.66 28.87
C ILE RB 79 -36.30 -121.03 29.13
N TYR RB 80 -36.31 -119.79 29.65
CA TYR RB 80 -37.58 -119.08 29.80
C TYR RB 80 -38.28 -118.93 28.46
N ALA RB 81 -37.51 -118.67 27.41
CA ALA RB 81 -38.10 -118.60 26.07
C ALA RB 81 -38.75 -119.92 25.70
N ILE RB 82 -38.08 -121.04 25.99
CA ILE RB 82 -38.67 -122.34 25.68
C ILE RB 82 -40.01 -122.50 26.38
N ARG RB 83 -40.05 -122.23 27.68
CA ARG RB 83 -41.27 -122.44 28.44
C ARG RB 83 -42.40 -121.58 27.90
N GLN RB 84 -42.15 -120.26 27.77
CA GLN RB 84 -43.21 -119.38 27.33
C GLN RB 84 -43.65 -119.69 25.90
N SER RB 85 -42.69 -120.00 25.02
CA SER RB 85 -43.03 -120.29 23.64
C SER RB 85 -43.85 -121.55 23.52
N ILE RB 86 -43.52 -122.60 24.29
CA ILE RB 86 -44.35 -123.79 24.20
C ILE RB 86 -45.72 -123.55 24.80
N SER RB 87 -45.83 -122.70 25.83
CA SER RB 87 -47.17 -122.33 26.31
C SER RB 87 -47.98 -121.69 25.20
N LYS RB 88 -47.37 -120.72 24.51
CA LYS RB 88 -48.07 -120.07 23.41
C LYS RB 88 -48.40 -121.04 22.30
N ALA RB 89 -47.52 -122.02 22.05
CA ALA RB 89 -47.78 -123.01 21.02
C ALA RB 89 -48.98 -123.86 21.37
N LEU RB 90 -49.06 -124.27 22.63
CA LEU RB 90 -50.22 -125.04 23.08
C LEU RB 90 -51.50 -124.25 22.92
N VAL RB 91 -51.49 -122.99 23.35
CA VAL RB 91 -52.68 -122.17 23.20
C VAL RB 91 -53.01 -121.94 21.73
N ALA RB 92 -52.00 -121.84 20.88
CA ALA RB 92 -52.25 -121.61 19.46
C ALA RB 92 -52.86 -122.84 18.80
N TYR RB 93 -52.30 -124.03 19.04
CA TYR RB 93 -52.90 -125.24 18.49
C TYR RB 93 -54.28 -125.46 19.06
N TYR RB 94 -54.53 -124.99 20.28
CA TYR RB 94 -55.84 -125.18 20.89
C TYR RB 94 -56.84 -124.14 20.41
N GLN RB 95 -56.38 -123.01 19.88
CA GLN RB 95 -57.30 -122.07 19.26
C GLN RB 95 -57.58 -122.44 17.81
N LYS RB 96 -56.58 -122.98 17.11
CA LYS RB 96 -56.69 -123.12 15.67
C LYS RB 96 -57.55 -124.33 15.29
N TYR RB 97 -57.37 -125.45 15.98
CA TYR RB 97 -58.01 -126.69 15.55
C TYR RB 97 -59.11 -127.15 16.49
N VAL RB 98 -58.80 -127.36 17.76
CA VAL RB 98 -59.85 -127.77 18.68
C VAL RB 98 -60.67 -126.56 19.09
N ASP RB 99 -61.83 -126.81 19.69
CA ASP RB 99 -62.66 -125.73 20.19
C ASP RB 99 -61.87 -124.89 21.18
N GLU RB 100 -62.07 -123.59 21.11
CA GLU RB 100 -61.33 -122.69 21.98
C GLU RB 100 -61.88 -122.64 23.40
N ALA RB 101 -63.02 -123.20 23.77
CA ALA RB 101 -63.42 -123.17 25.18
C ALA RB 101 -62.40 -123.91 26.03
N SER RB 102 -61.88 -125.03 25.52
CA SER RB 102 -60.82 -125.72 26.24
C SER RB 102 -59.54 -124.90 26.27
N LYS RB 103 -59.28 -124.17 25.19
CA LYS RB 103 -58.18 -123.23 25.22
C LYS RB 103 -58.38 -122.20 26.32
N LYS RB 104 -59.61 -121.75 26.53
CA LYS RB 104 -59.86 -120.76 27.57
C LYS RB 104 -59.65 -121.37 28.95
N GLU RB 105 -60.15 -122.57 29.17
CA GLU RB 105 -59.97 -123.19 30.48
C GLU RB 105 -58.50 -123.47 30.80
N ILE RB 106 -57.67 -123.69 29.78
CA ILE RB 106 -56.25 -123.86 30.07
C ILE RB 106 -55.60 -122.49 30.24
N LYS RB 107 -56.08 -121.49 29.51
CA LYS RB 107 -55.45 -120.17 29.59
C LYS RB 107 -55.71 -119.50 30.92
N ASP RB 108 -56.86 -119.79 31.55
CA ASP RB 108 -57.09 -119.21 32.88
C ASP RB 108 -56.00 -119.64 33.84
N ILE RB 109 -55.72 -120.94 33.92
CA ILE RB 109 -54.70 -121.42 34.84
C ILE RB 109 -53.31 -121.02 34.35
N LEU RB 110 -53.17 -120.83 33.03
CA LEU RB 110 -51.85 -120.50 32.49
C LEU RB 110 -51.46 -119.05 32.75
N ILE RB 111 -52.41 -118.12 32.68
CA ILE RB 111 -52.11 -116.72 32.89
C ILE RB 111 -52.30 -116.33 34.34
N GLN RB 112 -53.10 -117.09 35.08
CA GLN RB 112 -53.24 -116.93 36.52
C GLN RB 112 -51.96 -117.31 37.24
N TYR RB 113 -51.19 -118.23 36.68
CA TYR RB 113 -49.98 -118.77 37.30
C TYR RB 113 -48.83 -118.49 36.35
N ASP RB 114 -47.86 -117.70 36.80
CA ASP RB 114 -46.70 -117.34 35.98
C ASP RB 114 -47.17 -116.70 34.67
N ARG RB 115 -47.77 -115.51 34.80
CA ARG RB 115 -48.34 -114.84 33.64
C ARG RB 115 -47.31 -114.62 32.55
N THR RB 116 -46.03 -114.57 32.92
CA THR RB 116 -44.95 -114.50 31.94
C THR RB 116 -44.99 -115.64 30.94
N LEU RB 117 -45.69 -116.73 31.24
CA LEU RB 117 -45.78 -117.85 30.31
C LEU RB 117 -46.48 -117.47 29.01
N LEU RB 118 -47.22 -116.37 29.00
CA LEU RB 118 -47.82 -115.86 27.77
C LEU RB 118 -47.34 -114.46 27.42
N VAL RB 119 -47.25 -113.56 28.39
CA VAL RB 119 -46.77 -112.22 28.11
C VAL RB 119 -45.25 -112.21 28.15
N ALA RB 120 -44.64 -111.72 27.09
CA ALA RB 120 -43.20 -111.58 27.04
C ALA RB 120 -42.74 -110.42 27.92
N ASP RB 121 -41.51 -110.50 28.37
CA ASP RB 121 -40.92 -109.42 29.16
C ASP RB 121 -40.54 -108.28 28.21
N PRO RB 122 -40.95 -107.04 28.49
CA PRO RB 122 -40.56 -105.94 27.62
C PRO RB 122 -39.16 -105.41 27.89
N ARG RB 123 -38.58 -105.68 29.06
CA ARG RB 123 -37.28 -105.10 29.41
C ARG RB 123 -36.18 -105.92 28.75
N ARG RB 124 -35.39 -105.29 27.89
CA ARG RB 124 -34.20 -105.92 27.34
C ARG RB 124 -32.93 -105.51 28.08
N CYS RB 125 -32.57 -104.23 27.96
CA CYS RB 125 -31.33 -103.69 28.51
C CYS RB 125 -31.24 -102.21 28.15
N GLU RB 126 -30.22 -101.52 28.65
CA GLU RB 126 -30.04 -100.12 28.35
C GLU RB 126 -28.56 -99.82 28.18
N SER RB 127 -28.28 -98.84 27.33
CA SER RB 127 -26.90 -98.51 26.99
C SER RB 127 -26.15 -97.99 28.21
N LYS RB 128 -24.91 -98.43 28.35
CA LYS RB 128 -24.05 -97.92 29.43
C LYS RB 128 -23.65 -96.49 29.11
N LYS RB 129 -24.02 -95.57 29.98
CA LYS RB 129 -23.67 -94.19 29.73
C LYS RB 129 -22.18 -93.97 29.99
N PHE RB 130 -21.65 -92.89 29.42
CA PHE RB 130 -20.23 -92.58 29.51
C PHE RB 130 -19.86 -91.94 30.83
N GLY RB 131 -20.78 -91.89 31.79
CA GLY RB 131 -20.45 -91.39 33.10
C GLY RB 131 -19.62 -92.35 33.94
N GLY RB 132 -19.65 -93.64 33.61
CA GLY RB 132 -18.95 -94.62 34.40
C GLY RB 132 -19.07 -96.03 33.87
N PRO RB 133 -18.90 -97.01 34.73
CA PRO RB 133 -18.78 -98.39 34.27
C PRO RB 133 -20.06 -98.95 33.67
N GLY RB 134 -21.18 -98.73 34.36
CA GLY RB 134 -22.47 -99.20 33.91
C GLY RB 134 -23.33 -98.09 33.33
N ALA RB 135 -24.60 -98.41 33.15
CA ALA RB 135 -25.55 -97.42 32.69
C ALA RB 135 -25.90 -96.44 33.81
N ARG RB 136 -26.44 -96.97 34.90
CA ARG RB 136 -26.67 -96.13 36.08
C ARG RB 136 -25.42 -95.98 36.94
N ALA RB 137 -24.39 -96.78 36.68
CA ALA RB 137 -23.17 -96.68 37.46
C ALA RB 137 -22.22 -95.67 36.84
N ARG RB 138 -21.79 -94.69 37.63
CA ARG RB 138 -20.78 -93.74 37.18
C ARG RB 138 -19.58 -93.80 38.09
N TYR RB 139 -18.42 -93.51 37.51
CA TYR RB 139 -17.15 -93.64 38.21
C TYR RB 139 -17.14 -92.83 39.49
N GLN RB 140 -16.28 -93.23 40.42
CA GLN RB 140 -16.17 -92.55 41.69
C GLN RB 140 -15.33 -91.29 41.56
N LYS RB 141 -15.51 -90.39 42.51
CA LYS RB 141 -15.01 -89.02 42.41
C LYS RB 141 -14.30 -88.62 43.69
N SER RB 142 -13.15 -87.97 43.56
CA SER RB 142 -12.39 -87.49 44.71
C SER RB 142 -11.93 -86.07 44.40
N TYR RB 143 -12.19 -85.13 45.31
CA TYR RB 143 -11.97 -83.72 45.01
C TYR RB 143 -11.20 -82.98 46.10
N ARG RB 144 -10.53 -83.68 47.01
CA ARG RB 144 -9.69 -83.00 47.99
C ARG RB 144 -8.22 -83.37 47.81
N MET SB 1 -8.58 -144.94 54.16
CA MET SB 1 -8.68 -146.35 53.83
C MET SB 1 -7.98 -147.16 54.91
N SER SB 2 -6.76 -146.74 55.25
CA SER SB 2 -5.92 -147.55 56.13
C SER SB 2 -6.55 -147.65 57.50
N LEU SB 3 -6.71 -148.90 57.97
CA LEU SB 3 -7.26 -149.16 59.29
C LEU SB 3 -6.48 -148.42 60.36
N VAL SB 4 -5.20 -148.19 60.14
CA VAL SB 4 -4.33 -147.52 61.10
C VAL SB 4 -3.24 -146.81 60.30
N ILE SB 5 -2.55 -145.89 60.97
CA ILE SB 5 -1.40 -145.23 60.38
C ILE SB 5 -0.41 -146.29 59.95
N PRO SB 6 -0.04 -146.34 58.67
CA PRO SB 6 0.95 -147.34 58.23
C PRO SB 6 2.26 -147.17 58.97
N GLU SB 7 2.92 -148.31 59.23
CA GLU SB 7 4.16 -148.27 59.99
C GLU SB 7 5.23 -147.43 59.29
N LYS SB 8 5.29 -147.49 57.97
CA LYS SB 8 6.22 -146.71 57.18
C LYS SB 8 5.81 -145.24 57.14
N PHE SB 9 4.51 -144.96 57.08
CA PHE SB 9 4.03 -143.61 56.80
C PHE SB 9 4.75 -142.58 57.67
N GLN SB 10 5.41 -141.63 57.01
CA GLN SB 10 6.30 -140.69 57.68
C GLN SB 10 5.63 -139.35 57.83
N HIS SB 11 5.48 -138.91 59.08
CA HIS SB 11 5.05 -137.55 59.35
C HIS SB 11 5.98 -136.54 58.68
N ILE SB 12 7.27 -136.85 58.63
CA ILE SB 12 8.27 -135.97 58.04
C ILE SB 12 9.18 -136.79 57.14
N LEU SB 13 9.84 -136.11 56.22
CA LEU SB 13 10.93 -136.69 55.46
C LEU SB 13 12.04 -135.65 55.33
N ARG SB 14 13.28 -136.14 55.24
CA ARG SB 14 14.48 -135.32 55.23
C ARG SB 14 15.18 -135.38 53.87
N VAL SB 15 14.41 -135.38 52.80
CA VAL SB 15 14.96 -135.66 51.49
C VAL SB 15 15.79 -134.48 50.99
N LEU SB 16 16.64 -134.76 50.01
CA LEU SB 16 17.53 -133.77 49.42
C LEU SB 16 18.36 -133.08 50.50
N ASN SB 17 18.04 -131.82 50.81
CA ASN SB 17 18.73 -131.11 51.88
C ASN SB 17 17.73 -130.43 52.80
N THR SB 18 16.48 -130.87 52.79
CA THR SB 18 15.41 -130.16 53.47
C THR SB 18 14.43 -131.15 54.05
N ASN SB 19 13.42 -130.62 54.74
CA ASN SB 19 12.34 -131.41 55.30
C ASN SB 19 11.13 -131.33 54.40
N ILE SB 20 10.32 -132.38 54.42
CA ILE SB 20 9.11 -132.43 53.61
C ILE SB 20 8.04 -133.18 54.38
N ASP SB 21 6.87 -132.56 54.53
CA ASP SB 21 5.80 -133.15 55.32
C ASP SB 21 5.09 -134.26 54.56
N GLY SB 22 4.75 -135.33 55.29
CA GLY SB 22 4.11 -136.48 54.68
C GLY SB 22 2.60 -136.38 54.62
N ARG SB 23 2.01 -135.49 55.43
CA ARG SB 23 0.56 -135.41 55.50
C ARG SB 23 -0.03 -134.91 54.19
N ARG SB 24 0.63 -133.96 53.54
CA ARG SB 24 0.10 -133.40 52.31
C ARG SB 24 0.28 -134.38 51.16
N LYS SB 25 -0.42 -134.09 50.06
CA LYS SB 25 -0.39 -134.96 48.90
C LYS SB 25 1.01 -135.01 48.30
N ILE SB 26 1.33 -136.15 47.69
CA ILE SB 26 2.67 -136.35 47.14
C ILE SB 26 3.05 -135.23 46.19
N ALA SB 27 2.31 -135.09 45.09
CA ALA SB 27 2.68 -134.09 44.09
C ALA SB 27 2.85 -132.72 44.70
N PHE SB 28 1.97 -132.37 45.64
CA PHE SB 28 2.13 -131.11 46.36
C PHE SB 28 3.14 -131.21 47.49
N ALA SB 29 3.67 -132.40 47.77
CA ALA SB 29 4.73 -132.50 48.77
C ALA SB 29 6.10 -132.18 48.18
N ILE SB 30 6.56 -132.97 47.20
CA ILE SB 30 7.92 -132.76 46.71
C ILE SB 30 8.02 -131.42 46.01
N THR SB 31 6.91 -130.75 45.78
CA THR SB 31 6.98 -129.37 45.32
C THR SB 31 7.40 -128.41 46.42
N ALA SB 32 7.47 -128.86 47.67
CA ALA SB 32 7.93 -128.01 48.75
C ALA SB 32 9.37 -127.57 48.57
N ILE SB 33 10.24 -128.44 48.08
CA ILE SB 33 11.62 -128.08 47.83
C ILE SB 33 11.67 -126.98 46.77
N LYS SB 34 12.80 -126.28 46.71
CA LYS SB 34 12.98 -125.24 45.72
C LYS SB 34 13.12 -125.87 44.33
N GLY SB 35 13.11 -125.03 43.31
CA GLY SB 35 13.32 -125.47 41.94
C GLY SB 35 12.19 -126.27 41.35
N VAL SB 36 11.25 -126.74 42.16
CA VAL SB 36 10.18 -127.63 41.75
C VAL SB 36 8.85 -126.90 41.82
N GLY SB 37 8.18 -126.77 40.67
CA GLY SB 37 6.82 -126.31 40.63
C GLY SB 37 5.84 -127.47 40.47
N ARG SB 38 4.55 -127.12 40.55
CA ARG SB 38 3.53 -128.16 40.57
C ARG SB 38 3.51 -128.95 39.27
N ARG SB 39 3.64 -128.28 38.12
CA ARG SB 39 3.55 -129.00 36.86
C ARG SB 39 4.72 -129.96 36.69
N TYR SB 40 5.93 -129.49 37.00
CA TYR SB 40 7.08 -130.38 36.94
C TYR SB 40 6.94 -131.49 37.96
N ALA SB 41 6.37 -131.18 39.13
CA ALA SB 41 6.12 -132.22 40.11
C ALA SB 41 5.21 -133.32 39.55
N HIS SB 42 4.10 -132.92 38.94
CA HIS SB 42 3.16 -133.92 38.45
C HIS SB 42 3.75 -134.73 37.31
N VAL SB 43 4.52 -134.08 36.42
CA VAL SB 43 5.12 -134.85 35.33
C VAL SB 43 6.19 -135.79 35.87
N VAL SB 44 6.94 -135.37 36.89
CA VAL SB 44 7.91 -136.29 37.50
C VAL SB 44 7.17 -137.47 38.11
N LEU SB 45 6.04 -137.21 38.76
CA LEU SB 45 5.27 -138.30 39.33
C LEU SB 45 4.80 -139.27 38.25
N ARG SB 46 4.28 -138.75 37.15
CA ARG SB 46 3.69 -139.62 36.15
C ARG SB 46 4.74 -140.29 35.27
N LYS SB 47 5.97 -139.77 35.26
CA LYS SB 47 7.05 -140.53 34.67
C LYS SB 47 7.74 -141.43 35.67
N ALA SB 48 7.40 -141.28 36.96
CA ALA SB 48 7.86 -142.23 37.97
C ALA SB 48 6.85 -143.36 38.18
N ASP SB 49 5.76 -143.34 37.42
CA ASP SB 49 4.70 -144.37 37.41
C ASP SB 49 4.34 -144.87 38.82
N ILE SB 50 4.12 -143.92 39.71
CA ILE SB 50 3.57 -144.23 41.03
C ILE SB 50 2.24 -143.52 41.19
N ASP SB 51 1.35 -144.15 41.97
CA ASP SB 51 -0.02 -143.67 42.10
C ASP SB 51 -0.06 -142.28 42.72
N LEU SB 52 -0.97 -141.45 42.23
CA LEU SB 52 -1.08 -140.08 42.71
C LEU SB 52 -2.02 -139.94 43.90
N THR SB 53 -3.04 -140.80 44.00
CA THR SB 53 -4.03 -140.65 45.05
C THR SB 53 -3.44 -140.75 46.44
N LYS SB 54 -2.29 -141.41 46.59
CA LYS SB 54 -1.71 -141.57 47.91
C LYS SB 54 -1.07 -140.26 48.37
N ARG SB 55 -0.82 -140.18 49.67
CA ARG SB 55 -0.22 -139.02 50.29
C ARG SB 55 1.29 -139.23 50.45
N ALA SB 56 1.97 -138.21 50.96
CA ALA SB 56 3.43 -138.21 50.95
C ALA SB 56 4.01 -139.16 51.97
N GLY SB 57 3.38 -139.27 53.14
CA GLY SB 57 3.98 -140.05 54.21
C GLY SB 57 4.06 -141.53 53.91
N GLU SB 58 3.00 -142.11 53.35
CA GLU SB 58 2.94 -143.56 53.20
C GLU SB 58 3.81 -144.09 52.07
N LEU SB 59 4.42 -143.21 51.27
CA LEU SB 59 5.31 -143.65 50.21
C LEU SB 59 6.55 -144.30 50.78
N THR SB 60 6.85 -145.53 50.34
CA THR SB 60 7.88 -146.35 50.97
C THR SB 60 9.26 -145.91 50.52
N GLU SB 61 10.28 -146.74 50.76
CA GLU SB 61 11.65 -146.31 50.53
C GLU SB 61 12.00 -146.19 49.06
N ASP SB 62 11.53 -147.13 48.23
CA ASP SB 62 12.02 -147.22 46.86
C ASP SB 62 11.66 -145.99 46.03
N GLU SB 63 10.44 -145.50 46.18
CA GLU SB 63 10.09 -144.36 45.35
C GLU SB 63 10.84 -143.11 45.77
N VAL SB 64 11.35 -143.04 47.00
CA VAL SB 64 12.05 -141.83 47.41
C VAL SB 64 13.28 -141.61 46.53
N GLU SB 65 14.27 -142.49 46.64
CA GLU SB 65 15.43 -142.29 45.78
C GLU SB 65 15.09 -142.55 44.33
N ARG SB 66 14.01 -143.29 44.04
CA ARG SB 66 13.56 -143.37 42.66
C ARG SB 66 13.32 -141.98 42.11
N VAL SB 67 12.41 -141.24 42.72
CA VAL SB 67 12.19 -139.90 42.23
C VAL SB 67 13.51 -139.13 42.22
N ILE SB 68 14.28 -139.18 43.31
CA ILE SB 68 15.48 -138.34 43.36
C ILE SB 68 16.35 -138.56 42.12
N THR SB 69 16.69 -139.81 41.82
CA THR SB 69 17.45 -140.04 40.60
C THR SB 69 16.64 -139.74 39.34
N ILE SB 70 15.31 -139.68 39.41
CA ILE SB 70 14.53 -139.28 38.24
C ILE SB 70 14.77 -137.82 37.93
N MET SB 71 14.60 -136.95 38.93
CA MET SB 71 14.96 -135.53 38.77
C MET SB 71 16.42 -135.23 38.54
N GLN SB 72 17.35 -135.99 39.11
CA GLN SB 72 18.76 -135.63 38.95
C GLN SB 72 19.17 -135.69 37.48
N ASN SB 73 18.74 -136.72 36.77
CA ASN SB 73 19.10 -136.90 35.36
C ASN SB 73 17.85 -137.21 34.55
N PRO SB 74 17.04 -136.20 34.27
CA PRO SB 74 15.84 -136.40 33.46
C PRO SB 74 16.07 -136.28 31.95
N ARG SB 75 17.13 -135.59 31.52
CA ARG SB 75 17.36 -135.37 30.10
C ARG SB 75 17.39 -136.67 29.33
N GLN SB 76 18.22 -137.62 29.78
CA GLN SB 76 18.27 -138.92 29.13
C GLN SB 76 17.09 -139.79 29.52
N TYR SB 77 16.22 -139.30 30.39
CA TYR SB 77 15.13 -140.09 30.92
C TYR SB 77 13.79 -139.58 30.40
N LYS SB 78 13.83 -138.90 29.25
CA LYS SB 78 12.62 -138.54 28.50
C LYS SB 78 11.77 -137.54 29.26
N ILE SB 79 12.39 -136.43 29.64
CA ILE SB 79 11.69 -135.26 30.16
C ILE SB 79 11.96 -134.12 29.18
N PRO SB 80 10.94 -133.46 28.65
CA PRO SB 80 11.16 -132.51 27.56
C PRO SB 80 12.03 -131.34 28.01
N ASP SB 81 12.78 -130.81 27.04
CA ASP SB 81 13.71 -129.74 27.33
C ASP SB 81 13.00 -128.51 27.90
N TRP SB 82 11.73 -128.35 27.62
CA TRP SB 82 10.99 -127.17 28.05
C TRP SB 82 10.39 -127.33 29.44
N PHE SB 83 11.00 -128.16 30.28
CA PHE SB 83 10.63 -128.22 31.68
C PHE SB 83 11.75 -127.82 32.62
N LEU SB 84 13.00 -127.95 32.18
CA LEU SB 84 14.14 -127.71 33.05
C LEU SB 84 14.30 -126.22 33.28
N ASN SB 85 15.37 -125.85 33.99
CA ASN SB 85 15.63 -124.46 34.33
C ASN SB 85 16.92 -123.93 33.73
N ARG SB 86 18.03 -124.61 33.95
CA ARG SB 86 19.32 -124.18 33.42
C ARG SB 86 19.55 -124.76 32.04
N GLN SB 87 18.58 -124.56 31.15
CA GLN SB 87 18.73 -125.05 29.78
C GLN SB 87 19.67 -124.14 29.01
N LYS SB 88 20.71 -124.74 28.42
CA LYS SB 88 21.80 -124.02 27.78
C LYS SB 88 22.34 -122.96 28.76
N ASP SB 89 22.84 -123.47 29.88
CA ASP SB 89 23.37 -122.61 30.93
C ASP SB 89 24.39 -121.64 30.36
N VAL SB 90 24.40 -120.42 30.92
CA VAL SB 90 25.31 -119.39 30.43
C VAL SB 90 26.75 -119.69 30.82
N LYS SB 91 26.99 -120.84 31.46
CA LYS SB 91 28.34 -121.33 31.67
C LYS SB 91 28.66 -122.57 30.85
N ASP SB 92 27.87 -123.64 30.97
CA ASP SB 92 28.19 -124.90 30.31
C ASP SB 92 27.36 -125.17 29.06
N GLY SB 93 26.32 -124.39 28.80
CA GLY SB 93 25.46 -124.63 27.67
C GLY SB 93 24.68 -125.92 27.72
N LYS SB 94 24.59 -126.55 28.88
CA LYS SB 94 23.89 -127.83 29.00
C LYS SB 94 22.47 -127.64 29.47
N TYR SB 95 21.56 -128.40 28.89
CA TYR SB 95 20.14 -128.39 29.22
C TYR SB 95 19.95 -129.13 30.53
N SER SB 96 19.93 -128.39 31.63
CA SER SB 96 19.88 -128.98 32.96
C SER SB 96 18.76 -128.37 33.78
N GLN SB 97 18.31 -129.12 34.78
CA GLN SB 97 17.34 -128.65 35.77
C GLN SB 97 18.00 -128.69 37.13
N VAL SB 98 18.08 -127.55 37.79
CA VAL SB 98 18.68 -127.44 39.11
C VAL SB 98 17.63 -126.93 40.08
N LEU SB 99 17.51 -127.60 41.22
CA LEU SB 99 16.31 -127.51 42.04
C LEU SB 99 16.65 -127.55 43.52
N ALA SB 100 17.82 -127.05 43.89
CA ALA SB 100 18.28 -127.21 45.26
C ALA SB 100 19.31 -126.12 45.53
N ASN SB 101 20.13 -126.31 46.56
CA ASN SB 101 21.28 -125.43 46.76
C ASN SB 101 21.98 -125.08 45.46
N GLY SB 102 21.99 -126.00 44.50
CA GLY SB 102 22.42 -125.64 43.17
C GLY SB 102 21.62 -124.50 42.58
N LEU SB 103 20.30 -124.50 42.79
CA LEU SB 103 19.51 -123.37 42.30
C LEU SB 103 19.94 -122.07 42.96
N ASP SB 104 20.12 -122.08 44.28
CA ASP SB 104 20.44 -120.85 44.99
C ASP SB 104 21.82 -120.33 44.60
N ASN SB 105 22.82 -121.21 44.55
CA ASN SB 105 24.13 -120.73 44.17
C ASN SB 105 24.24 -120.42 42.69
N LYS SB 106 23.39 -121.02 41.85
CA LYS SB 106 23.32 -120.58 40.47
C LYS SB 106 22.75 -119.17 40.37
N LEU SB 107 21.72 -118.89 41.17
CA LEU SB 107 21.22 -117.51 41.24
C LEU SB 107 22.31 -116.57 41.72
N ARG SB 108 23.04 -116.98 42.74
CA ARG SB 108 24.17 -116.20 43.22
C ARG SB 108 25.18 -115.97 42.11
N GLU SB 109 25.43 -117.00 41.30
CA GLU SB 109 26.38 -116.86 40.21
C GLU SB 109 25.88 -115.86 39.19
N ASP SB 110 24.59 -115.91 38.87
CA ASP SB 110 24.05 -114.93 37.93
C ASP SB 110 24.25 -113.52 38.46
N LEU SB 111 23.94 -113.30 39.74
CA LEU SB 111 24.07 -111.97 40.30
C LEU SB 111 25.53 -111.52 40.31
N GLU SB 112 26.43 -112.38 40.77
CA GLU SB 112 27.84 -112.02 40.85
C GLU SB 112 28.42 -111.76 39.48
N ARG SB 113 28.07 -112.58 38.49
CA ARG SB 113 28.53 -112.38 37.12
C ARG SB 113 28.02 -111.04 36.58
N LEU SB 114 26.73 -110.76 36.78
CA LEU SB 114 26.20 -109.47 36.37
C LEU SB 114 26.99 -108.34 36.98
N LYS SB 115 27.23 -108.39 38.28
CA LYS SB 115 27.95 -107.31 38.93
C LYS SB 115 29.37 -107.16 38.38
N LYS SB 116 30.09 -108.28 38.24
CA LYS SB 116 31.45 -108.20 37.70
C LYS SB 116 31.46 -107.71 36.26
N ILE SB 117 30.33 -107.81 35.57
CA ILE SB 117 30.20 -107.28 34.22
C ILE SB 117 29.67 -105.85 34.22
N ARG SB 118 29.18 -105.37 35.37
CA ARG SB 118 28.70 -104.00 35.53
C ARG SB 118 27.48 -103.70 34.68
N ALA SB 119 26.80 -104.74 34.21
CA ALA SB 119 25.58 -104.54 33.44
C ALA SB 119 24.52 -103.87 34.29
N HIS SB 120 23.72 -103.01 33.64
CA HIS SB 120 22.71 -102.24 34.37
C HIS SB 120 21.79 -103.14 35.16
N ARG SB 121 21.47 -104.31 34.62
CA ARG SB 121 20.64 -105.25 35.36
C ARG SB 121 21.33 -105.66 36.65
N GLY SB 122 22.63 -105.92 36.60
CA GLY SB 122 23.35 -106.27 37.82
C GLY SB 122 23.41 -105.12 38.80
N LEU SB 123 23.54 -103.90 38.31
CA LEU SB 123 23.57 -102.75 39.19
C LEU SB 123 22.23 -102.59 39.92
N ARG SB 124 21.13 -102.73 39.20
CA ARG SB 124 19.83 -102.64 39.85
C ARG SB 124 19.58 -103.82 40.78
N HIS SB 125 20.15 -104.99 40.46
CA HIS SB 125 20.13 -106.10 41.40
C HIS SB 125 20.85 -105.73 42.69
N PHE SB 126 22.01 -105.09 42.55
CA PHE SB 126 22.74 -104.60 43.71
C PHE SB 126 21.87 -103.67 44.54
N TRP SB 127 21.27 -102.67 43.90
CA TRP SB 127 20.58 -101.62 44.63
C TRP SB 127 19.22 -102.03 45.14
N GLY SB 128 18.76 -103.25 44.85
CA GLY SB 128 17.41 -103.64 45.21
C GLY SB 128 16.34 -102.99 44.37
N LEU SB 129 16.72 -102.25 43.35
CA LEU SB 129 15.75 -101.66 42.44
C LEU SB 129 15.23 -102.73 41.48
N ARG SB 130 13.98 -102.59 41.08
CA ARG SB 130 13.37 -103.57 40.20
C ARG SB 130 14.14 -103.64 38.88
N VAL SB 131 14.37 -104.86 38.39
CA VAL SB 131 15.29 -105.08 37.29
C VAL SB 131 14.60 -105.37 35.97
N ARG SB 132 13.30 -105.66 35.98
CA ARG SB 132 12.59 -105.99 34.75
C ARG SB 132 12.00 -104.75 34.08
N GLY SB 133 12.41 -103.56 34.51
CA GLY SB 133 11.95 -102.34 33.88
C GLY SB 133 10.73 -101.71 34.51
N GLN SB 134 10.38 -102.09 35.74
CA GLN SB 134 9.18 -101.58 36.37
C GLN SB 134 9.29 -100.09 36.63
N HIS SB 135 8.13 -99.47 36.88
CA HIS SB 135 8.08 -98.10 37.36
C HIS SB 135 8.19 -98.12 38.88
N THR SB 136 9.25 -97.53 39.42
CA THR SB 136 9.50 -97.52 40.85
C THR SB 136 8.99 -96.26 41.53
N LYS SB 137 8.15 -95.49 40.84
CA LYS SB 137 7.65 -94.24 41.41
C LYS SB 137 6.80 -94.48 42.65
N THR SB 138 5.80 -95.36 42.54
CA THR SB 138 4.83 -95.54 43.61
C THR SB 138 4.89 -96.89 44.29
N THR SB 139 5.48 -97.90 43.67
CA THR SB 139 5.56 -99.22 44.27
C THR SB 139 6.97 -99.48 44.76
N GLY SB 140 7.11 -100.55 45.53
CA GLY SB 140 8.39 -100.84 46.15
C GLY SB 140 8.72 -99.96 47.33
N ARG SB 141 7.76 -99.18 47.83
CA ARG SB 141 8.02 -98.37 49.01
C ARG SB 141 8.33 -99.24 50.22
N ARG SB 142 7.87 -100.49 50.23
CA ARG SB 142 8.15 -101.37 51.35
C ARG SB 142 9.60 -101.80 51.40
N GLY SB 143 10.18 -102.15 50.25
CA GLY SB 143 11.58 -102.53 50.21
C GLY SB 143 12.54 -101.44 50.60
N ARG SB 144 12.08 -100.18 50.57
CA ARG SB 144 12.84 -99.06 51.09
C ARG SB 144 12.28 -98.52 52.40
N THR SB 145 11.00 -98.75 52.67
CA THR SB 145 10.41 -98.46 53.98
C THR SB 145 9.42 -99.56 54.35
N PRO TB 1 -35.84 -148.87 20.34
CA PRO TB 1 -36.36 -147.56 19.92
C PRO TB 1 -35.26 -146.57 19.59
N GLY TB 2 -35.59 -145.52 18.85
CA GLY TB 2 -34.60 -144.53 18.48
C GLY TB 2 -33.45 -145.17 17.71
N VAL TB 3 -32.23 -144.85 18.13
CA VAL TB 3 -31.90 -143.89 19.17
C VAL TB 3 -30.58 -143.21 18.80
N THR TB 4 -30.55 -141.88 18.92
CA THR TB 4 -29.37 -141.12 18.58
C THR TB 4 -28.79 -140.49 19.85
N VAL TB 5 -27.69 -139.75 19.69
CA VAL TB 5 -26.94 -139.29 20.85
C VAL TB 5 -27.58 -138.10 21.55
N LYS TB 6 -28.53 -137.43 20.89
CA LYS TB 6 -29.19 -136.33 21.57
C LYS TB 6 -29.98 -136.83 22.79
N ASP TB 7 -30.30 -138.12 22.83
CA ASP TB 7 -31.14 -138.69 23.86
C ASP TB 7 -30.31 -139.30 25.00
N VAL TB 8 -29.01 -139.04 25.03
CA VAL TB 8 -28.14 -139.50 26.11
C VAL TB 8 -27.35 -138.31 26.64
N ASN TB 9 -27.30 -138.18 27.97
CA ASN TB 9 -26.65 -137.02 28.56
C ASN TB 9 -25.16 -137.08 28.24
N GLN TB 10 -24.63 -135.97 27.74
CA GLN TB 10 -23.29 -136.02 27.22
C GLN TB 10 -22.25 -136.27 28.31
N GLN TB 11 -22.56 -135.90 29.56
CA GLN TB 11 -21.56 -136.03 30.62
C GLN TB 11 -21.07 -137.46 30.77
N GLU TB 12 -21.99 -138.42 30.83
CA GLU TB 12 -21.60 -139.82 30.89
C GLU TB 12 -21.57 -140.50 29.54
N PHE TB 13 -22.24 -139.93 28.53
CA PHE TB 13 -22.11 -140.50 27.19
C PHE TB 13 -20.68 -140.37 26.67
N VAL TB 14 -20.05 -139.22 26.88
CA VAL TB 14 -18.67 -139.05 26.46
C VAL TB 14 -17.77 -140.02 27.22
N ARG TB 15 -18.09 -140.26 28.49
CA ARG TB 15 -17.33 -141.23 29.28
C ARG TB 15 -17.50 -142.63 28.73
N ALA TB 16 -18.71 -142.98 28.31
CA ALA TB 16 -18.93 -144.28 27.70
C ALA TB 16 -18.14 -144.41 26.40
N LEU TB 17 -18.10 -143.34 25.60
CA LEU TB 17 -17.36 -143.43 24.35
C LEU TB 17 -15.88 -143.59 24.64
N ALA TB 18 -15.39 -142.89 25.66
CA ALA TB 18 -13.99 -143.05 26.07
C ALA TB 18 -13.71 -144.48 26.54
N ALA TB 19 -14.66 -145.07 27.28
CA ALA TB 19 -14.51 -146.45 27.71
C ALA TB 19 -14.41 -147.39 26.52
N PHE TB 20 -15.25 -147.17 25.52
CA PHE TB 20 -15.19 -147.99 24.31
C PHE TB 20 -13.84 -147.86 23.64
N LEU TB 21 -13.40 -146.63 23.39
CA LEU TB 21 -12.10 -146.45 22.74
C LEU TB 21 -10.97 -147.04 23.57
N LYS TB 22 -11.08 -147.00 24.89
CA LYS TB 22 -10.13 -147.71 25.72
C LYS TB 22 -10.18 -149.20 25.43
N LYS TB 23 -11.37 -149.78 25.36
CA LYS TB 23 -11.49 -151.19 25.01
C LYS TB 23 -10.95 -151.44 23.61
N SER TB 24 -11.43 -150.67 22.63
CA SER TB 24 -10.98 -150.82 21.26
C SER TB 24 -9.72 -149.99 21.04
N GLY TB 25 -8.75 -150.18 21.92
CA GLY TB 25 -7.60 -149.32 21.84
C GLY TB 25 -6.82 -149.58 20.57
N LYS TB 26 -7.03 -148.70 19.59
CA LYS TB 26 -6.27 -148.69 18.35
C LYS TB 26 -5.80 -147.31 17.96
N LEU TB 27 -6.10 -146.29 18.76
CA LEU TB 27 -5.64 -144.94 18.47
C LEU TB 27 -4.18 -144.77 18.87
N LYS TB 28 -3.42 -144.05 18.06
CA LYS TB 28 -2.03 -143.79 18.36
C LYS TB 28 -1.94 -142.62 19.33
N VAL TB 29 -1.39 -142.88 20.50
CA VAL TB 29 -1.25 -141.87 21.56
C VAL TB 29 0.21 -141.42 21.58
N PRO TB 30 0.50 -140.18 21.16
CA PRO TB 30 1.90 -139.75 21.13
C PRO TB 30 2.55 -139.80 22.51
N GLU TB 31 3.86 -140.08 22.48
CA GLU TB 31 4.64 -140.33 23.69
C GLU TB 31 4.62 -139.17 24.68
N TRP TB 32 4.08 -138.02 24.29
CA TRP TB 32 4.19 -136.80 25.07
C TRP TB 32 3.01 -136.56 26.00
N VAL TB 33 2.19 -137.59 26.22
CA VAL TB 33 0.91 -137.44 26.89
C VAL TB 33 1.05 -136.77 28.25
N ASP TB 34 2.13 -137.06 28.97
CA ASP TB 34 2.28 -136.54 30.32
C ASP TB 34 2.58 -135.05 30.32
N THR TB 35 3.31 -134.57 29.31
CA THR TB 35 3.72 -133.17 29.22
C THR TB 35 2.93 -132.51 28.09
N VAL TB 36 1.71 -132.07 28.40
CA VAL TB 36 0.84 -131.52 27.35
C VAL TB 36 0.26 -130.16 27.72
N LYS TB 37 0.09 -129.92 29.03
CA LYS TB 37 -0.33 -128.63 29.56
C LYS TB 37 -1.75 -128.26 29.17
N LEU TB 38 -2.33 -128.94 28.18
CA LEU TB 38 -3.73 -128.73 27.83
C LEU TB 38 -4.19 -127.28 27.71
N ALA TB 39 -3.87 -126.61 26.60
CA ALA TB 39 -4.55 -125.35 26.33
C ALA TB 39 -4.14 -124.24 27.30
N LYS TB 40 -2.98 -123.64 27.03
CA LYS TB 40 -2.22 -122.77 27.91
C LYS TB 40 -3.06 -121.95 28.88
N HIS TB 41 -4.25 -121.52 28.48
CA HIS TB 41 -5.11 -120.82 29.43
C HIS TB 41 -5.38 -121.67 30.66
N LYS TB 42 -5.30 -122.99 30.51
CA LYS TB 42 -5.27 -123.90 31.64
C LYS TB 42 -3.82 -124.25 31.95
N GLU TB 43 -3.57 -124.65 33.19
CA GLU TB 43 -2.28 -125.19 33.60
C GLU TB 43 -2.52 -126.47 34.41
N LEU TB 44 -1.44 -127.07 34.89
CA LEU TB 44 -1.53 -128.23 35.77
C LEU TB 44 -2.28 -129.37 35.09
N ALA TB 45 -1.63 -129.93 34.05
CA ALA TB 45 -2.19 -130.95 33.17
C ALA TB 45 -3.02 -131.97 33.94
N PRO TB 46 -4.12 -132.44 33.35
CA PRO TB 46 -5.11 -133.19 34.12
C PRO TB 46 -4.55 -134.44 34.78
N TYR TB 47 -5.36 -135.02 35.66
CA TYR TB 47 -4.90 -136.14 36.47
C TYR TB 47 -5.04 -137.47 35.72
N ASP TB 48 -6.19 -137.69 35.10
CA ASP TB 48 -6.45 -138.95 34.40
C ASP TB 48 -5.54 -139.04 33.18
N GLU TB 49 -4.75 -140.11 33.11
CA GLU TB 49 -3.89 -140.31 31.95
C GLU TB 49 -4.66 -140.74 30.71
N ASN TB 50 -5.86 -141.30 30.88
CA ASN TB 50 -6.70 -141.60 29.73
C ASN TB 50 -7.45 -140.37 29.24
N TRP TB 51 -7.03 -139.17 29.66
CA TRP TB 51 -7.61 -137.93 29.14
C TRP TB 51 -7.70 -137.96 27.62
N PHE TB 52 -6.76 -138.61 26.96
CA PHE TB 52 -6.80 -138.67 25.50
C PHE TB 52 -8.07 -139.36 25.03
N TYR TB 53 -8.42 -140.46 25.68
CA TYR TB 53 -9.67 -141.14 25.34
C TYR TB 53 -10.88 -140.25 25.63
N THR TB 54 -10.88 -139.57 26.77
CA THR TB 54 -11.95 -138.62 27.03
C THR TB 54 -11.93 -137.47 26.03
N ARG TB 55 -10.75 -136.93 25.75
CA ARG TB 55 -10.66 -135.85 24.76
C ARG TB 55 -11.11 -136.32 23.40
N ALA TB 56 -10.66 -137.51 22.99
CA ALA TB 56 -11.10 -138.05 21.70
C ALA TB 56 -12.61 -138.22 21.67
N ALA TB 57 -13.17 -138.66 22.79
CA ALA TB 57 -14.61 -138.84 22.89
C ALA TB 57 -15.34 -137.52 22.70
N SER TB 58 -14.85 -136.49 23.37
CA SER TB 58 -15.48 -135.18 23.26
C SER TB 58 -15.37 -134.63 21.85
N THR TB 59 -14.22 -134.79 21.22
CA THR TB 59 -14.07 -134.31 19.85
C THR TB 59 -15.01 -135.04 18.90
N ALA TB 60 -15.13 -136.37 19.05
CA ALA TB 60 -16.05 -137.11 18.21
C ALA TB 60 -17.48 -136.65 18.40
N ARG TB 61 -17.88 -136.46 19.66
CA ARG TB 61 -19.23 -135.98 19.95
C ARG TB 61 -19.49 -134.64 19.29
N HIS TB 62 -18.62 -133.67 19.51
CA HIS TB 62 -18.81 -132.34 18.95
C HIS TB 62 -18.83 -132.38 17.43
N LEU TB 63 -17.91 -133.14 16.83
CA LEU TB 63 -17.89 -133.21 15.37
C LEU TB 63 -19.19 -133.85 14.86
N TYR TB 64 -19.74 -134.80 15.61
CA TYR TB 64 -21.04 -135.34 15.24
C TYR TB 64 -22.09 -134.24 15.22
N LEU TB 65 -22.12 -133.41 16.26
CA LEU TB 65 -23.17 -132.40 16.34
C LEU TB 65 -22.98 -131.31 15.30
N ARG TB 66 -21.75 -130.87 15.08
CA ARG TB 66 -21.48 -129.73 14.18
C ARG TB 66 -20.28 -130.11 13.32
N GLY TB 67 -20.55 -130.64 12.14
CA GLY TB 67 -19.50 -131.08 11.24
C GLY TB 67 -18.83 -129.94 10.52
N GLY TB 68 -17.78 -130.29 9.77
CA GLY TB 68 -17.02 -129.31 9.02
C GLY TB 68 -16.26 -128.35 9.90
N ALA TB 69 -15.67 -128.87 10.97
CA ALA TB 69 -14.85 -128.07 11.88
C ALA TB 69 -13.38 -128.39 11.64
N GLY TB 70 -12.53 -127.41 11.89
CA GLY TB 70 -11.10 -127.61 11.71
C GLY TB 70 -10.34 -127.53 13.01
N VAL TB 71 -9.01 -127.45 12.94
CA VAL TB 71 -8.22 -127.34 14.14
C VAL TB 71 -8.48 -126.02 14.83
N GLY TB 72 -8.56 -124.92 14.07
CA GLY TB 72 -8.83 -123.63 14.69
C GLY TB 72 -10.21 -123.55 15.31
N SER TB 73 -11.22 -124.03 14.59
CA SER TB 73 -12.54 -124.11 15.19
C SER TB 73 -12.52 -125.00 16.42
N MET TB 74 -11.71 -126.04 16.40
CA MET TB 74 -11.61 -126.90 17.57
C MET TB 74 -11.00 -126.14 18.75
N THR TB 75 -9.93 -125.40 18.52
CA THR TB 75 -9.31 -124.68 19.62
C THR TB 75 -10.24 -123.60 20.16
N LYS TB 76 -11.07 -123.01 19.30
CA LYS TB 76 -12.11 -122.13 19.81
C LYS TB 76 -13.12 -122.90 20.65
N ILE TB 77 -13.43 -124.13 20.24
CA ILE TB 77 -14.35 -124.96 21.01
C ILE TB 77 -13.82 -125.14 22.42
N TYR TB 78 -12.51 -125.28 22.55
CA TYR TB 78 -11.89 -125.64 23.82
C TYR TB 78 -11.10 -124.51 24.44
N GLY TB 79 -11.39 -123.27 24.04
CA GLY TB 79 -10.80 -122.15 24.72
C GLY TB 79 -11.46 -121.90 26.07
N GLY TB 80 -10.73 -121.20 26.93
CA GLY TB 80 -11.24 -120.88 28.25
C GLY TB 80 -10.52 -119.67 28.81
N ARG TB 81 -10.70 -119.47 30.11
CA ARG TB 81 -10.05 -118.36 30.79
C ARG TB 81 -8.55 -118.58 30.88
N GLN TB 82 -7.78 -117.63 30.38
CA GLN TB 82 -6.36 -117.53 30.72
C GLN TB 82 -6.28 -116.57 31.89
N ARG TB 83 -6.39 -117.10 33.10
CA ARG TB 83 -6.38 -116.25 34.29
C ARG TB 83 -4.98 -115.70 34.42
N ASN TB 84 -4.77 -114.52 33.84
CA ASN TB 84 -3.44 -113.93 33.72
C ASN TB 84 -2.92 -113.46 35.07
N GLY TB 85 -3.64 -113.70 36.15
CA GLY TB 85 -3.16 -113.32 37.47
C GLY TB 85 -3.62 -111.93 37.85
N VAL TB 86 -2.67 -111.10 38.27
CA VAL TB 86 -3.01 -109.71 38.59
C VAL TB 86 -3.49 -108.99 37.34
N MET TB 87 -2.89 -109.32 36.20
CA MET TB 87 -3.46 -108.92 34.93
C MET TB 87 -4.86 -109.51 34.82
N PRO TB 88 -5.85 -108.73 34.35
CA PRO TB 88 -7.21 -109.25 34.31
C PRO TB 88 -7.33 -110.49 33.45
N SER TB 89 -8.28 -111.35 33.79
CA SER TB 89 -8.47 -112.59 33.07
C SER TB 89 -8.96 -112.32 31.66
N HIS TB 90 -8.69 -113.27 30.77
CA HIS TB 90 -9.07 -113.19 29.37
C HIS TB 90 -9.34 -114.59 28.83
N PHE TB 91 -9.99 -114.64 27.68
CA PHE TB 91 -10.29 -115.88 27.00
C PHE TB 91 -9.12 -116.25 26.09
N SER TB 92 -8.71 -117.51 26.13
CA SER TB 92 -7.61 -117.97 25.31
C SER TB 92 -7.97 -119.31 24.68
N ARG TB 93 -7.50 -119.52 23.46
CA ARG TB 93 -7.81 -120.73 22.72
C ARG TB 93 -7.07 -121.93 23.30
N GLY TB 94 -7.57 -123.11 22.98
CA GLY TB 94 -6.92 -124.33 23.38
C GLY TB 94 -5.65 -124.59 22.60
N SER TB 95 -4.88 -125.58 23.03
CA SER TB 95 -3.72 -125.99 22.28
C SER TB 95 -4.15 -126.60 20.95
N LYS TB 96 -3.42 -126.30 19.89
CA LYS TB 96 -3.81 -126.76 18.57
C LYS TB 96 -3.11 -128.03 18.13
N SER TB 97 -1.89 -128.30 18.62
CA SER TB 97 -1.22 -129.54 18.24
C SER TB 97 -1.93 -130.75 18.84
N VAL TB 98 -2.53 -130.60 20.03
CA VAL TB 98 -3.30 -131.70 20.59
C VAL TB 98 -4.50 -132.01 19.71
N ALA TB 99 -5.18 -130.97 19.24
CA ALA TB 99 -6.30 -131.18 18.31
C ALA TB 99 -5.82 -131.84 17.02
N ARG TB 100 -4.67 -131.41 16.51
CA ARG TB 100 -4.14 -132.01 15.30
C ARG TB 100 -3.84 -133.49 15.50
N ARG TB 101 -3.15 -133.83 16.59
CA ARG TB 101 -2.78 -135.22 16.85
C ARG TB 101 -4.02 -136.09 17.04
N VAL TB 102 -5.00 -135.60 17.81
CA VAL TB 102 -6.20 -136.40 18.02
C VAL TB 102 -6.99 -136.52 16.72
N LEU TB 103 -7.00 -135.47 15.90
CA LEU TB 103 -7.67 -135.57 14.61
C LEU TB 103 -7.04 -136.65 13.75
N GLN TB 104 -5.70 -136.66 13.67
CA GLN TB 104 -5.03 -137.75 12.98
C GLN TB 104 -5.34 -139.10 13.61
N ALA TB 105 -5.53 -139.13 14.94
CA ALA TB 105 -5.89 -140.38 15.59
C ALA TB 105 -7.23 -140.90 15.09
N LEU TB 106 -8.23 -140.02 15.02
CA LEU TB 106 -9.52 -140.44 14.47
C LEU TB 106 -9.40 -140.84 13.01
N GLU TB 107 -8.56 -140.15 12.24
CA GLU TB 107 -8.34 -140.57 10.86
C GLU TB 107 -7.81 -141.99 10.82
N GLY TB 108 -6.82 -142.30 11.66
CA GLY TB 108 -6.31 -143.66 11.72
C GLY TB 108 -7.35 -144.66 12.19
N LEU TB 109 -8.28 -144.19 13.02
CA LEU TB 109 -9.34 -145.08 13.48
C LEU TB 109 -10.43 -145.27 12.43
N LYS TB 110 -10.46 -144.43 11.40
CA LYS TB 110 -11.45 -144.49 10.31
C LYS TB 110 -12.85 -144.15 10.84
N MET TB 111 -12.94 -143.15 11.70
CA MET TB 111 -14.23 -142.57 12.06
C MET TB 111 -14.46 -141.20 11.44
N VAL TB 112 -13.42 -140.58 10.89
CA VAL TB 112 -13.50 -139.26 10.28
C VAL TB 112 -12.65 -139.29 9.02
N GLU TB 113 -13.05 -138.55 7.99
CA GLU TB 113 -12.23 -138.40 6.81
C GLU TB 113 -12.15 -136.94 6.42
N LYS TB 114 -11.47 -136.70 5.30
CA LYS TB 114 -11.43 -135.38 4.70
C LYS TB 114 -12.75 -135.06 4.02
N ASP TB 115 -12.83 -133.88 3.43
CA ASP TB 115 -14.02 -133.43 2.74
C ASP TB 115 -13.65 -132.68 1.47
N GLN TB 116 -14.62 -132.57 0.56
CA GLN TB 116 -14.45 -131.75 -0.62
C GLN TB 116 -14.31 -130.27 -0.28
N ASP TB 117 -14.65 -129.88 0.94
CA ASP TB 117 -14.43 -128.53 1.45
C ASP TB 117 -13.64 -128.61 2.75
N GLY TB 118 -13.34 -127.44 3.31
CA GLY TB 118 -12.60 -127.39 4.55
C GLY TB 118 -13.36 -128.05 5.68
N GLY TB 119 -12.63 -128.51 6.67
CA GLY TB 119 -13.22 -129.21 7.79
C GLY TB 119 -13.47 -130.67 7.48
N ARG TB 120 -13.56 -131.46 8.54
CA ARG TB 120 -13.70 -132.91 8.42
C ARG TB 120 -14.94 -133.35 9.15
N LYS TB 121 -15.55 -134.43 8.66
CA LYS TB 121 -16.88 -134.84 9.09
C LYS TB 121 -16.86 -136.33 9.40
N LEU TB 122 -18.04 -136.89 9.69
CA LEU TB 122 -18.17 -138.27 10.15
C LEU TB 122 -18.41 -139.21 8.98
N THR TB 123 -17.61 -140.25 8.89
CA THR TB 123 -17.91 -141.33 7.98
C THR TB 123 -19.19 -142.04 8.45
N PRO TB 124 -19.94 -142.63 7.53
CA PRO TB 124 -21.13 -143.37 7.98
C PRO TB 124 -20.79 -144.40 9.03
N GLN TB 125 -19.65 -145.09 8.89
CA GLN TB 125 -19.18 -145.99 9.92
C GLN TB 125 -18.95 -145.26 11.24
N GLY TB 126 -18.68 -143.96 11.18
CA GLY TB 126 -18.45 -143.21 12.41
C GLY TB 126 -19.72 -142.97 13.18
N GLN TB 127 -20.71 -142.31 12.56
CA GLN TB 127 -22.01 -142.18 13.19
C GLN TB 127 -22.60 -143.54 13.48
N ARG TB 128 -22.12 -144.58 12.79
CA ARG TB 128 -22.53 -145.95 13.09
C ARG TB 128 -22.25 -146.31 14.53
N ASP TB 129 -20.98 -146.37 14.89
CA ASP TB 129 -20.61 -146.68 16.25
C ASP TB 129 -21.07 -145.61 17.21
N LEU TB 130 -21.16 -144.36 16.76
CA LEU TB 130 -21.67 -143.31 17.64
C LEU TB 130 -23.11 -143.61 18.07
N ASP TB 131 -23.94 -144.05 17.13
CA ASP TB 131 -25.32 -144.35 17.46
C ASP TB 131 -25.45 -145.66 18.21
N ARG TB 132 -24.66 -146.67 17.81
CA ARG TB 132 -24.65 -147.89 18.63
C ARG TB 132 -24.32 -147.57 20.07
N ILE TB 133 -23.33 -146.67 20.28
CA ILE TB 133 -22.77 -146.36 21.58
C ILE TB 133 -23.68 -145.40 22.35
N ALA TB 134 -24.49 -144.62 21.65
CA ALA TB 134 -25.58 -143.94 22.33
C ALA TB 134 -26.63 -144.94 22.78
N GLY TB 135 -26.93 -145.92 21.95
CA GLY TB 135 -28.04 -146.81 22.23
C GLY TB 135 -27.80 -147.71 23.43
N GLN TB 136 -26.65 -148.37 23.49
CA GLN TB 136 -26.54 -149.35 24.57
C GLN TB 136 -26.27 -148.63 25.88
N VAL TB 137 -25.62 -147.47 25.82
CA VAL TB 137 -25.50 -146.67 27.03
C VAL TB 137 -26.86 -146.13 27.47
N ALA TB 138 -27.75 -145.86 26.51
CA ALA TB 138 -29.10 -145.44 26.87
C ALA TB 138 -29.84 -146.57 27.56
N ALA TB 139 -29.69 -147.79 27.04
CA ALA TB 139 -30.29 -148.94 27.72
C ALA TB 139 -29.71 -149.11 29.12
N ALA TB 140 -28.40 -148.91 29.27
CA ALA TB 140 -27.77 -149.08 30.57
C ALA TB 140 -28.23 -148.03 31.57
N ASN TB 141 -28.32 -146.77 31.14
CA ASN TB 141 -28.70 -145.71 32.08
C ASN TB 141 -30.20 -145.73 32.37
N LYS TB 142 -31.02 -146.09 31.39
CA LYS TB 142 -32.44 -146.27 31.65
C LYS TB 142 -32.65 -147.36 32.68
N LYS TB 143 -31.90 -148.45 32.58
CA LYS TB 143 -31.97 -149.54 33.55
C LYS TB 143 -30.60 -149.91 34.06
CA ALA UB 1 -32.33 -112.76 -24.73
C ALA UB 1 -32.61 -112.40 -23.28
N ILE UB 2 -32.64 -113.41 -22.41
CA ILE UB 2 -32.95 -113.17 -21.00
C ILE UB 2 -31.66 -113.08 -20.21
N HIS UB 3 -31.60 -112.13 -19.29
CA HIS UB 3 -30.49 -112.01 -18.36
C HIS UB 3 -31.05 -111.83 -16.95
N ARG UB 4 -30.50 -112.58 -16.00
CA ARG UB 4 -30.91 -112.50 -14.60
C ARG UB 4 -30.32 -111.25 -13.95
N ILE UB 5 -30.71 -110.10 -14.51
CA ILE UB 5 -30.05 -108.84 -14.20
C ILE UB 5 -30.42 -108.41 -12.78
N ARG UB 6 -29.39 -108.14 -11.97
CA ARG UB 6 -29.56 -107.69 -10.60
C ARG UB 6 -29.16 -106.23 -10.51
N ILE UB 7 -29.96 -105.44 -9.82
CA ILE UB 7 -29.67 -104.04 -9.58
C ILE UB 7 -29.71 -103.81 -8.07
N THR UB 8 -28.65 -103.23 -7.54
CA THR UB 8 -28.56 -102.92 -6.11
C THR UB 8 -28.37 -101.43 -5.93
N LEU UB 9 -28.71 -100.95 -4.74
CA LEU UB 9 -28.71 -99.52 -4.47
C LEU UB 9 -28.64 -99.28 -2.97
N THR UB 10 -28.09 -98.13 -2.60
CA THR UB 10 -27.84 -97.81 -1.19
C THR UB 10 -27.66 -96.31 -1.04
N SER UB 11 -27.91 -95.82 0.16
CA SER UB 11 -27.60 -94.44 0.54
C SER UB 11 -27.87 -94.28 2.03
N ARG UB 12 -27.79 -93.04 2.49
CA ARG UB 12 -27.85 -92.72 3.90
C ARG UB 12 -29.23 -92.27 4.36
N ASN UB 13 -30.01 -91.63 3.49
CA ASN UB 13 -31.36 -91.20 3.80
C ASN UB 13 -32.36 -92.18 3.20
N VAL UB 14 -33.45 -92.42 3.94
CA VAL UB 14 -34.41 -93.45 3.55
C VAL UB 14 -35.51 -92.86 2.69
N LYS UB 15 -35.74 -91.55 2.84
CA LYS UB 15 -36.85 -90.90 2.16
C LYS UB 15 -36.63 -90.90 0.66
N SER UB 16 -35.38 -90.77 0.22
CA SER UB 16 -35.07 -90.96 -1.19
C SER UB 16 -35.07 -92.43 -1.57
N LEU UB 17 -34.56 -93.28 -0.67
CA LEU UB 17 -34.42 -94.71 -0.96
C LEU UB 17 -35.76 -95.34 -1.33
N GLU UB 18 -36.77 -95.11 -0.50
CA GLU UB 18 -38.05 -95.77 -0.73
C GLU UB 18 -38.67 -95.31 -2.05
N LYS UB 19 -38.64 -94.00 -2.32
CA LYS UB 19 -39.25 -93.51 -3.55
C LYS UB 19 -38.52 -94.03 -4.78
N VAL UB 20 -37.18 -94.11 -4.73
CA VAL UB 20 -36.46 -94.54 -5.93
C VAL UB 20 -36.61 -96.03 -6.15
N CYS UB 21 -36.58 -96.84 -5.08
CA CYS UB 21 -36.78 -98.26 -5.28
C CYS UB 21 -38.20 -98.55 -5.77
N ALA UB 22 -39.19 -97.83 -5.23
CA ALA UB 22 -40.55 -98.00 -5.72
C ALA UB 22 -40.67 -97.53 -7.17
N ASP UB 23 -39.93 -96.47 -7.53
CA ASP UB 23 -39.85 -96.07 -8.93
C ASP UB 23 -39.37 -97.23 -9.79
N LEU UB 24 -38.30 -97.89 -9.37
CA LEU UB 24 -37.77 -99.00 -10.16
C LEU UB 24 -38.81 -100.11 -10.28
N ILE UB 25 -39.49 -100.43 -9.18
CA ILE UB 25 -40.43 -101.55 -9.24
C ILE UB 25 -41.61 -101.21 -10.14
N ARG UB 26 -42.12 -99.97 -10.10
CA ARG UB 26 -43.23 -99.67 -10.99
C ARG UB 26 -42.77 -99.58 -12.44
N GLY UB 27 -41.57 -99.05 -12.69
CA GLY UB 27 -41.07 -99.02 -14.06
C GLY UB 27 -40.92 -100.40 -14.65
N ALA UB 28 -40.47 -101.36 -13.83
CA ALA UB 28 -40.43 -102.74 -14.28
C ALA UB 28 -41.84 -103.29 -14.48
N LYS UB 29 -42.76 -102.95 -13.59
CA LYS UB 29 -44.12 -103.48 -13.66
C LYS UB 29 -44.81 -103.03 -14.94
N GLU UB 30 -44.74 -101.75 -15.27
CA GLU UB 30 -45.30 -101.26 -16.50
C GLU UB 30 -44.58 -101.82 -17.72
N LYS UB 31 -43.34 -102.26 -17.56
CA LYS UB 31 -42.66 -102.99 -18.62
C LYS UB 31 -43.03 -104.47 -18.62
N ASN UB 32 -43.89 -104.90 -17.69
CA ASN UB 32 -44.40 -106.27 -17.61
C ASN UB 32 -43.26 -107.27 -17.61
N LEU UB 33 -42.46 -107.20 -16.56
CA LEU UB 33 -41.24 -107.98 -16.46
C LEU UB 33 -41.32 -108.89 -15.25
N LYS UB 34 -40.65 -110.03 -15.32
CA LYS UB 34 -40.59 -110.91 -14.17
C LYS UB 34 -39.84 -110.18 -13.07
N VAL UB 35 -40.58 -109.66 -12.09
CA VAL UB 35 -40.04 -108.73 -11.12
C VAL UB 35 -39.77 -109.49 -9.83
N LYS UB 36 -38.83 -108.99 -9.06
CA LYS UB 36 -38.45 -109.58 -7.79
C LYS UB 36 -38.56 -108.52 -6.70
N GLY UB 37 -39.21 -108.88 -5.59
CA GLY UB 37 -39.52 -107.94 -4.53
C GLY UB 37 -38.31 -107.18 -4.03
N PRO UB 38 -38.55 -106.08 -3.30
CA PRO UB 38 -37.44 -105.26 -2.82
C PRO UB 38 -36.75 -105.88 -1.63
N VAL UB 39 -35.56 -106.43 -1.85
CA VAL UB 39 -34.81 -107.03 -0.76
C VAL UB 39 -34.13 -105.91 0.03
N ARG UB 40 -34.44 -105.83 1.32
CA ARG UB 40 -33.95 -104.75 2.16
C ARG UB 40 -32.87 -105.29 3.08
N MET UB 41 -31.65 -104.85 2.86
CA MET UB 41 -30.52 -105.34 3.64
C MET UB 41 -30.63 -104.80 5.07
N PRO UB 42 -30.17 -105.53 6.07
CA PRO UB 42 -30.09 -104.95 7.42
C PRO UB 42 -29.17 -103.74 7.41
N THR UB 43 -29.55 -102.72 8.17
CA THR UB 43 -28.87 -101.45 8.08
C THR UB 43 -27.44 -101.57 8.59
N LYS UB 44 -26.65 -100.56 8.26
CA LYS UB 44 -25.24 -100.50 8.63
C LYS UB 44 -25.01 -99.19 9.38
N THR UB 45 -24.38 -99.28 10.54
CA THR UB 45 -24.27 -98.15 11.46
C THR UB 45 -22.81 -97.78 11.68
N LEU UB 46 -22.53 -96.49 11.61
CA LEU UB 46 -21.23 -95.95 11.92
C LEU UB 46 -21.31 -95.17 13.23
N ARG UB 47 -20.40 -95.46 14.16
CA ARG UB 47 -20.56 -95.02 15.54
C ARG UB 47 -19.28 -94.43 16.11
N ILE UB 48 -18.71 -93.44 15.42
CA ILE UB 48 -17.54 -92.76 15.98
C ILE UB 48 -17.95 -91.96 17.21
N THR UB 49 -17.11 -92.02 18.25
CA THR UB 49 -17.32 -91.28 19.49
C THR UB 49 -16.01 -90.61 19.89
N THR UB 50 -16.06 -89.32 20.17
CA THR UB 50 -14.86 -88.54 20.42
C THR UB 50 -15.04 -87.70 21.68
N ARG UB 51 -13.93 -87.07 22.10
CA ARG UB 51 -13.82 -86.44 23.41
C ARG UB 51 -14.63 -85.15 23.53
N LYS UB 52 -14.96 -84.50 22.42
CA LYS UB 52 -15.87 -83.37 22.36
C LYS UB 52 -15.23 -82.09 22.89
N THR UB 53 -14.04 -82.18 23.49
CA THR UB 53 -13.38 -80.99 23.97
C THR UB 53 -11.99 -80.92 23.36
N PRO UB 54 -11.59 -79.77 22.81
CA PRO UB 54 -10.26 -79.68 22.22
C PRO UB 54 -9.15 -79.91 23.22
N CYS UB 55 -9.14 -79.19 24.33
CA CYS UB 55 -8.12 -79.36 25.35
C CYS UB 55 -8.56 -80.44 26.33
N GLY UB 56 -7.68 -80.74 27.29
CA GLY UB 56 -7.96 -81.80 28.24
C GLY UB 56 -8.92 -81.40 29.34
N GLU UB 57 -9.01 -80.10 29.61
CA GLU UB 57 -9.98 -79.61 30.57
C GLU UB 57 -11.39 -80.00 30.16
N GLY UB 58 -12.18 -80.45 31.12
CA GLY UB 58 -13.57 -80.76 30.82
C GLY UB 58 -14.18 -81.62 31.91
N SER UB 59 -15.46 -81.91 31.73
CA SER UB 59 -16.21 -82.80 32.61
C SER UB 59 -16.36 -84.18 32.01
N LYS UB 60 -15.34 -84.64 31.28
CA LYS UB 60 -15.27 -86.00 30.76
C LYS UB 60 -16.46 -86.31 29.87
N THR UB 61 -16.93 -85.32 29.12
CA THR UB 61 -18.05 -85.56 28.23
C THR UB 61 -17.55 -86.16 26.91
N TRP UB 62 -18.51 -86.62 26.10
CA TRP UB 62 -18.19 -87.27 24.85
C TRP UB 62 -19.25 -86.91 23.81
N ASP UB 63 -18.90 -87.12 22.55
CA ASP UB 63 -19.81 -86.89 21.44
C ASP UB 63 -20.23 -88.23 20.85
N ARG UB 64 -21.45 -88.30 20.32
CA ARG UB 64 -21.96 -89.52 19.73
C ARG UB 64 -22.46 -89.21 18.32
N PHE UB 65 -21.63 -89.54 17.34
CA PHE UB 65 -21.92 -89.25 15.94
C PHE UB 65 -22.27 -90.56 15.23
N GLN UB 66 -23.33 -90.53 14.42
CA GLN UB 66 -23.83 -91.74 13.78
C GLN UB 66 -24.01 -91.57 12.27
N MET UB 67 -23.90 -92.69 11.56
CA MET UB 67 -24.39 -92.82 10.20
C MET UB 67 -25.32 -94.01 10.16
N ARG UB 68 -26.34 -93.99 9.31
CA ARG UB 68 -27.08 -95.19 8.97
C ARG UB 68 -26.98 -95.44 7.47
N ILE UB 69 -26.47 -96.62 7.11
CA ILE UB 69 -26.38 -97.05 5.72
C ILE UB 69 -27.43 -98.14 5.51
N HIS UB 70 -28.26 -97.96 4.49
CA HIS UB 70 -29.27 -98.93 4.12
C HIS UB 70 -29.07 -99.31 2.66
N LYS UB 71 -29.22 -100.60 2.37
CA LYS UB 71 -29.16 -101.08 1.01
C LYS UB 71 -30.48 -101.74 0.64
N ARG UB 72 -30.88 -101.58 -0.61
CA ARG UB 72 -32.02 -102.27 -1.16
C ARG UB 72 -31.63 -102.87 -2.49
N LEU UB 73 -32.12 -104.07 -2.77
CA LEU UB 73 -31.71 -104.80 -3.95
C LEU UB 73 -32.94 -105.30 -4.71
N ILE UB 74 -32.94 -105.02 -6.00
CA ILE UB 74 -33.99 -105.48 -6.91
C ILE UB 74 -33.36 -106.47 -7.89
N ASP UB 75 -34.10 -107.50 -8.24
CA ASP UB 75 -33.62 -108.52 -9.16
C ASP UB 75 -34.57 -108.61 -10.35
N LEU UB 76 -33.99 -108.71 -11.55
CA LEU UB 76 -34.78 -108.76 -12.76
C LEU UB 76 -34.31 -109.94 -13.61
N HIS UB 77 -35.16 -110.38 -14.52
CA HIS UB 77 -34.85 -111.50 -15.39
C HIS UB 77 -35.04 -111.09 -16.85
N SER UB 78 -34.43 -109.99 -17.24
CA SER UB 78 -34.87 -109.19 -18.37
C SER UB 78 -33.77 -109.05 -19.40
N PRO UB 79 -34.13 -108.76 -20.66
CA PRO UB 79 -33.14 -108.21 -21.58
C PRO UB 79 -32.58 -106.90 -21.05
N SER UB 80 -31.26 -106.80 -21.00
CA SER UB 80 -30.61 -105.65 -20.40
C SER UB 80 -30.75 -104.39 -21.24
N GLU UB 81 -30.78 -104.54 -22.57
CA GLU UB 81 -30.89 -103.37 -23.43
C GLU UB 81 -32.24 -102.68 -23.27
N ILE UB 82 -33.28 -103.42 -22.88
CA ILE UB 82 -34.60 -102.80 -22.71
C ILE UB 82 -34.78 -102.20 -21.32
N VAL UB 83 -33.83 -102.42 -20.41
CA VAL UB 83 -33.90 -101.88 -19.06
C VAL UB 83 -32.78 -100.90 -18.76
N LYS UB 84 -31.75 -100.84 -19.60
CA LYS UB 84 -30.66 -99.90 -19.37
C LYS UB 84 -31.19 -98.47 -19.37
N GLN UB 85 -32.01 -98.13 -20.37
CA GLN UB 85 -32.61 -96.80 -20.41
C GLN UB 85 -33.55 -96.59 -19.22
N ILE UB 86 -34.23 -97.65 -18.79
CA ILE UB 86 -35.15 -97.53 -17.66
C ILE UB 86 -34.39 -97.13 -16.40
N THR UB 87 -33.27 -97.79 -16.14
CA THR UB 87 -32.50 -97.47 -14.94
C THR UB 87 -31.61 -96.25 -15.12
N SER UB 88 -31.37 -95.80 -16.35
CA SER UB 88 -30.60 -94.59 -16.56
C SER UB 88 -31.45 -93.33 -16.59
N ILE UB 89 -32.76 -93.46 -16.78
CA ILE UB 89 -33.62 -92.29 -16.78
C ILE UB 89 -33.77 -91.74 -15.36
N SER UB 90 -33.57 -92.59 -14.36
CA SER UB 90 -33.64 -92.15 -12.97
C SER UB 90 -32.24 -91.93 -12.42
N ILE UB 91 -32.05 -90.81 -11.71
CA ILE UB 91 -30.72 -90.45 -11.22
C ILE UB 91 -30.70 -90.38 -9.69
N GLU UB 92 -31.46 -89.43 -9.11
CA GLU UB 92 -31.50 -89.24 -7.67
C GLU UB 92 -30.11 -89.09 -7.08
N PRO UB 93 -29.50 -87.91 -7.16
CA PRO UB 93 -28.08 -87.75 -6.83
C PRO UB 93 -27.71 -88.11 -5.40
N GLY UB 94 -28.67 -88.59 -4.62
CA GLY UB 94 -28.40 -89.02 -3.26
C GLY UB 94 -28.10 -90.49 -3.07
N VAL UB 95 -28.15 -91.31 -4.13
CA VAL UB 95 -28.00 -92.76 -4.01
C VAL UB 95 -26.85 -93.22 -4.90
N GLU UB 96 -26.41 -94.45 -4.67
CA GLU UB 96 -25.56 -95.17 -5.59
C GLU UB 96 -26.31 -96.39 -6.07
N VAL UB 97 -26.20 -96.68 -7.36
CA VAL UB 97 -26.87 -97.82 -7.98
C VAL UB 97 -25.83 -98.63 -8.74
N GLU UB 98 -25.89 -99.96 -8.59
CA GLU UB 98 -24.91 -100.83 -9.21
C GLU UB 98 -25.62 -101.98 -9.90
N VAL UB 99 -25.26 -102.21 -11.15
CA VAL UB 99 -25.90 -103.21 -11.99
C VAL UB 99 -24.94 -104.39 -12.14
N THR UB 100 -25.47 -105.61 -12.05
CA THR UB 100 -24.66 -106.81 -12.14
C THR UB 100 -25.20 -107.71 -13.24
N ILE UB 101 -24.29 -108.19 -14.08
CA ILE UB 101 -24.63 -108.99 -15.26
C ILE UB 101 -25.28 -110.29 -14.86
N ALA UB 102 -25.87 -110.99 -15.83
CA ALA UB 102 -26.65 -112.20 -15.56
C ALA UB 102 -25.80 -113.27 -14.88
N ASP UB 103 -24.65 -113.61 -15.46
CA ASP UB 103 -23.84 -114.68 -14.90
C ASP UB 103 -23.14 -114.24 -13.62
N ALA UB 104 -22.72 -112.98 -13.56
CA ALA UB 104 -22.01 -112.43 -12.40
C ALA UB 104 -20.81 -113.28 -11.99
N ARG VB 1 -47.21 -108.64 85.22
CA ARG VB 1 -46.85 -107.25 85.46
C ARG VB 1 -46.62 -106.51 84.16
N VAL VB 2 -45.80 -107.09 83.28
CA VAL VB 2 -45.55 -106.50 81.97
C VAL VB 2 -46.81 -106.58 81.12
N GLN VB 3 -47.13 -105.49 80.44
CA GLN VB 3 -48.27 -105.48 79.53
C GLN VB 3 -48.09 -106.57 78.48
N PRO VB 4 -49.13 -107.33 78.16
CA PRO VB 4 -48.96 -108.41 77.18
C PRO VB 4 -48.76 -107.84 75.79
N ILE VB 5 -48.12 -108.65 74.94
CA ILE VB 5 -48.05 -108.32 73.53
C ILE VB 5 -49.47 -108.13 73.02
N LYS VB 6 -49.68 -107.05 72.28
CA LYS VB 6 -51.01 -106.81 71.73
C LYS VB 6 -50.86 -106.57 70.23
N LEU VB 7 -51.87 -106.97 69.49
CA LEU VB 7 -51.98 -106.75 68.06
C LEU VB 7 -52.59 -105.37 67.81
N ALA VB 8 -52.38 -104.84 66.61
CA ALA VB 8 -52.82 -103.48 66.32
C ALA VB 8 -53.08 -103.34 64.83
N ARG VB 9 -54.36 -103.23 64.43
CA ARG VB 9 -54.69 -102.80 63.07
C ARG VB 9 -54.21 -101.37 62.88
N VAL VB 10 -53.87 -101.03 61.64
CA VAL VB 10 -53.48 -99.67 61.30
C VAL VB 10 -54.57 -99.04 60.46
N THR VB 11 -55.11 -97.93 60.92
CA THR VB 11 -55.98 -97.10 60.11
C THR VB 11 -55.20 -95.99 59.43
N LYS VB 12 -55.92 -94.99 58.94
CA LYS VB 12 -55.31 -93.92 58.14
C LYS VB 12 -54.07 -93.38 58.83
N VAL VB 13 -53.04 -93.18 58.02
CA VAL VB 13 -51.74 -92.74 58.48
C VAL VB 13 -51.67 -91.22 58.39
N LEU VB 14 -51.25 -90.59 59.49
CA LEU VB 14 -51.09 -89.14 59.51
C LEU VB 14 -49.96 -88.66 58.61
N GLY VB 15 -48.86 -89.40 58.53
CA GLY VB 15 -47.74 -89.04 57.70
C GLY VB 15 -46.41 -89.37 58.34
N ARG VB 16 -45.37 -89.27 57.53
CA ARG VB 16 -44.03 -89.60 57.97
C ARG VB 16 -43.55 -88.63 59.05
N THR VB 17 -42.49 -89.02 59.75
CA THR VB 17 -41.88 -88.16 60.75
C THR VB 17 -40.42 -88.58 60.92
N GLY VB 18 -39.75 -87.95 61.88
CA GLY VB 18 -38.31 -88.06 61.97
C GLY VB 18 -37.57 -87.27 60.94
N SER VB 19 -38.24 -86.36 60.23
CA SER VB 19 -37.67 -85.45 59.23
C SER VB 19 -36.80 -86.19 58.21
N GLN VB 20 -36.92 -87.50 58.13
CA GLN VB 20 -36.18 -88.30 57.17
C GLN VB 20 -37.06 -89.38 56.56
N GLY VB 21 -38.33 -89.47 56.97
CA GLY VB 21 -39.17 -90.58 56.61
C GLY VB 21 -39.00 -91.79 57.49
N GLN VB 22 -38.12 -91.71 58.48
CA GLN VB 22 -37.77 -92.86 59.31
C GLN VB 22 -38.90 -93.36 60.17
N CYS VB 23 -39.94 -92.57 60.39
CA CYS VB 23 -41.09 -93.00 61.18
C CYS VB 23 -42.36 -92.40 60.61
N THR VB 24 -43.50 -93.01 60.95
CA THR VB 24 -44.78 -92.65 60.35
C THR VB 24 -45.89 -92.86 61.36
N GLN VB 25 -46.86 -91.94 61.37
CA GLN VB 25 -47.95 -91.99 62.34
C GLN VB 25 -49.12 -92.81 61.80
N VAL VB 26 -49.59 -93.76 62.60
CA VAL VB 26 -50.33 -94.90 62.06
C VAL VB 26 -51.73 -95.09 62.61
N ARG VB 27 -52.06 -94.61 63.82
CA ARG VB 27 -53.41 -94.70 64.37
C ARG VB 27 -53.86 -96.17 64.52
N VAL VB 28 -53.24 -96.88 65.45
CA VAL VB 28 -53.55 -98.29 65.64
C VAL VB 28 -54.65 -98.49 66.67
N GLU VB 29 -55.35 -99.62 66.51
CA GLU VB 29 -56.41 -100.08 67.41
C GLU VB 29 -56.17 -101.53 67.77
N PHE VB 30 -56.66 -101.91 68.95
CA PHE VB 30 -56.35 -103.20 69.54
C PHE VB 30 -57.47 -104.22 69.36
N MET VB 31 -58.36 -104.01 68.40
CA MET VB 31 -59.41 -104.95 67.97
C MET VB 31 -60.19 -105.51 69.16
N ASP VB 32 -60.05 -104.93 70.35
CA ASP VB 32 -60.88 -105.34 71.47
C ASP VB 32 -61.56 -104.16 72.14
N ASP VB 33 -60.85 -103.05 72.33
CA ASP VB 33 -61.47 -101.77 72.63
C ASP VB 33 -61.49 -100.93 71.35
N THR VB 34 -62.28 -101.43 70.39
CA THR VB 34 -62.25 -100.89 69.04
C THR VB 34 -62.62 -99.42 69.00
N SER VB 35 -63.26 -98.92 70.05
CA SER VB 35 -63.55 -97.49 70.17
C SER VB 35 -62.37 -96.70 70.72
N ARG VB 36 -61.28 -97.36 71.11
CA ARG VB 36 -60.08 -96.69 71.58
C ARG VB 36 -58.93 -96.98 70.61
N SER VB 37 -58.32 -95.90 70.11
CA SER VB 37 -57.19 -96.00 69.22
C SER VB 37 -56.11 -95.03 69.69
N ILE VB 38 -54.88 -95.30 69.28
CA ILE VB 38 -53.73 -94.53 69.73
C ILE VB 38 -52.88 -94.13 68.53
N ILE VB 39 -52.39 -92.89 68.54
CA ILE VB 39 -51.43 -92.45 67.53
C ILE VB 39 -50.08 -93.07 67.83
N ARG VB 40 -49.37 -93.47 66.78
CA ARG VB 40 -48.18 -94.30 66.94
C ARG VB 40 -47.25 -94.14 65.76
N ASN VB 41 -45.95 -94.11 66.04
CA ASN VB 41 -44.93 -93.96 65.02
C ASN VB 41 -44.25 -95.30 64.78
N VAL VB 42 -44.18 -95.71 63.52
CA VAL VB 42 -43.60 -96.99 63.11
C VAL VB 42 -42.61 -96.71 61.99
N LYS VB 43 -41.71 -97.66 61.75
CA LYS VB 43 -40.72 -97.55 60.69
C LYS VB 43 -40.93 -98.64 59.66
N GLY VB 44 -40.48 -98.38 58.44
CA GLY VB 44 -40.71 -99.28 57.33
C GLY VB 44 -42.06 -99.02 56.71
N PRO VB 45 -42.35 -99.69 55.58
CA PRO VB 45 -43.62 -99.46 54.90
C PRO VB 45 -44.80 -99.76 55.81
N VAL VB 46 -45.91 -99.06 55.60
CA VAL VB 46 -47.03 -99.14 56.52
C VAL VB 46 -48.13 -100.04 55.99
N ARG VB 47 -48.34 -100.04 54.66
CA ARG VB 47 -49.43 -100.79 54.05
C ARG VB 47 -50.75 -100.51 54.76
N GLU VB 48 -51.23 -99.28 54.57
CA GLU VB 48 -52.47 -98.81 55.21
C GLU VB 48 -53.52 -99.90 55.26
N GLY VB 49 -54.03 -100.16 56.47
CA GLY VB 49 -55.04 -101.18 56.70
C GLY VB 49 -54.49 -102.52 57.11
N ASP VB 50 -53.16 -102.66 57.24
CA ASP VB 50 -52.59 -103.92 57.71
C ASP VB 50 -52.70 -103.99 59.23
N VAL VB 51 -51.97 -104.92 59.84
CA VAL VB 51 -51.97 -105.12 61.28
C VAL VB 51 -50.55 -105.27 61.78
N LEU VB 52 -50.33 -104.80 63.00
CA LEU VB 52 -48.98 -104.70 63.54
C LEU VB 52 -48.96 -105.17 64.98
N THR VB 53 -47.89 -105.87 65.35
CA THR VB 53 -47.69 -106.30 66.72
C THR VB 53 -47.33 -105.10 67.61
N LEU VB 54 -47.48 -105.29 68.92
CA LEU VB 54 -47.28 -104.17 69.83
C LEU VB 54 -47.09 -104.73 71.23
N LEU VB 55 -46.06 -104.26 71.93
CA LEU VB 55 -45.79 -104.73 73.29
C LEU VB 55 -46.42 -103.81 74.33
N GLU VB 56 -46.03 -102.53 74.32
CA GLU VB 56 -46.50 -101.56 75.31
C GLU VB 56 -47.39 -100.56 74.59
N SER VB 57 -48.65 -100.45 75.02
CA SER VB 57 -49.58 -99.58 74.34
C SER VB 57 -49.23 -98.12 74.57
N GLU VB 58 -49.27 -97.67 75.83
CA GLU VB 58 -49.14 -96.24 76.15
C GLU VB 58 -47.67 -95.84 76.10
N ARG VB 59 -47.13 -95.83 74.88
CA ARG VB 59 -45.73 -95.46 74.72
C ARG VB 59 -45.55 -93.98 74.38
N GLU VB 60 -46.12 -93.53 73.26
CA GLU VB 60 -45.89 -92.16 72.83
C GLU VB 60 -47.12 -91.65 72.11
N ALA VB 61 -47.31 -90.33 72.18
CA ALA VB 61 -48.38 -89.67 71.45
C ALA VB 61 -47.97 -88.22 71.26
N ARG VB 62 -47.50 -87.87 70.06
CA ARG VB 62 -47.21 -86.49 69.72
C ARG VB 62 -47.89 -86.14 68.41
N ARG VB 63 -48.41 -84.92 68.35
CA ARG VB 63 -49.15 -84.43 67.19
C ARG VB 63 -48.29 -83.43 66.43
N LEU VB 64 -48.20 -83.61 65.12
CA LEU VB 64 -47.44 -82.68 64.28
C LEU VB 64 -48.28 -81.47 63.92
N GLY WB 1 20.03 -81.59 3.73
CA GLY WB 1 21.08 -82.14 2.89
C GLY WB 1 22.15 -82.87 3.67
N HIS WB 2 22.82 -83.81 3.02
CA HIS WB 2 22.51 -84.16 1.64
C HIS WB 2 21.44 -85.24 1.61
N GLN WB 3 21.14 -85.72 0.40
CA GLN WB 3 19.94 -86.53 0.20
C GLN WB 3 19.93 -87.79 1.03
N GLN WB 4 21.09 -88.35 1.37
CA GLN WB 4 21.11 -89.69 1.95
C GLN WB 4 20.57 -89.68 3.38
N LEU WB 5 20.87 -88.64 4.16
CA LEU WB 5 20.48 -88.61 5.57
C LEU WB 5 19.16 -87.90 5.85
N TYR WB 6 18.72 -87.02 4.96
CA TYR WB 6 17.66 -86.08 5.30
C TYR WB 6 16.38 -86.81 5.70
N TRP WB 7 16.04 -87.88 5.00
CA TRP WB 7 14.97 -88.77 5.40
C TRP WB 7 15.48 -90.15 5.76
N SER WB 8 16.74 -90.22 6.22
CA SER WB 8 17.36 -91.51 6.47
C SER WB 8 16.51 -92.36 7.40
N HIS WB 9 15.91 -91.73 8.41
CA HIS WB 9 15.05 -92.47 9.31
C HIS WB 9 13.78 -92.86 8.56
N PRO WB 10 13.30 -94.10 8.72
CA PRO WB 10 12.16 -94.55 7.92
C PRO WB 10 10.84 -94.01 8.43
N ARG WB 11 10.01 -93.55 7.49
CA ARG WB 11 8.66 -93.12 7.82
C ARG WB 11 7.67 -94.26 7.58
N LYS WB 12 7.92 -95.34 8.29
CA LYS WB 12 7.10 -96.54 8.27
C LYS WB 12 5.96 -96.35 9.28
N PHE WB 13 5.40 -97.47 9.75
CA PHE WB 13 4.38 -97.51 10.78
C PHE WB 13 4.60 -96.47 11.87
N GLY WB 14 3.51 -95.93 12.38
CA GLY WB 14 3.52 -95.00 13.48
C GLY WB 14 3.04 -93.63 13.07
N GLN WB 15 2.99 -92.74 14.06
CA GLN WB 15 2.73 -91.35 13.76
C GLN WB 15 3.82 -90.73 12.90
N GLY WB 16 4.91 -91.46 12.65
CA GLY WB 16 5.89 -90.97 11.69
C GLY WB 16 5.27 -90.72 10.33
N SER WB 17 4.46 -91.64 9.85
CA SER WB 17 3.73 -91.42 8.62
C SER WB 17 2.31 -90.94 8.90
N ARG WB 18 1.74 -91.38 10.01
CA ARG WB 18 0.35 -91.05 10.31
C ARG WB 18 0.26 -89.63 10.84
N SER WB 19 -0.65 -88.86 10.25
CA SER WB 19 -0.93 -87.50 10.70
C SER WB 19 -2.32 -87.12 10.23
N CYS WB 20 -2.83 -86.02 10.77
CA CYS WB 20 -4.10 -85.51 10.28
C CYS WB 20 -3.96 -85.11 8.81
N ARG WB 21 -5.10 -84.98 8.14
CA ARG WB 21 -5.08 -84.57 6.74
C ARG WB 21 -5.44 -83.10 6.56
N VAL WB 22 -5.55 -82.35 7.65
CA VAL WB 22 -5.92 -80.96 7.56
C VAL WB 22 -4.83 -80.11 8.21
N CYS WB 23 -4.60 -80.34 9.50
CA CYS WB 23 -3.75 -79.46 10.31
C CYS WB 23 -2.37 -80.04 10.54
N SER WB 24 -1.99 -81.07 9.80
CA SER WB 24 -0.71 -81.74 9.98
C SER WB 24 -0.53 -82.27 11.38
N ASN WB 25 -1.60 -82.34 12.16
CA ASN WB 25 -1.48 -82.82 13.52
C ASN WB 25 -1.22 -84.32 13.52
N ARG WB 26 -0.58 -84.79 14.59
CA ARG WB 26 -0.24 -86.19 14.76
C ARG WB 26 -0.68 -86.67 16.13
N HIS WB 27 -1.68 -86.02 16.71
CA HIS WB 27 -2.25 -86.40 17.98
C HIS WB 27 -3.77 -86.45 17.85
N GLY WB 28 -4.37 -87.44 18.49
CA GLY WB 28 -5.82 -87.56 18.44
C GLY WB 28 -6.37 -87.91 17.08
N LEU WB 29 -5.70 -88.80 16.36
CA LEU WB 29 -6.16 -89.19 15.03
C LEU WB 29 -7.35 -90.14 15.12
N ILE WB 30 -7.98 -90.37 13.98
CA ILE WB 30 -8.98 -91.42 13.83
C ILE WB 30 -8.71 -92.12 12.51
N ARG WB 31 -8.06 -93.28 12.58
CA ARG WB 31 -7.82 -94.08 11.39
C ARG WB 31 -8.99 -94.99 11.08
N LYS WB 32 -10.05 -94.95 11.89
CA LYS WB 32 -11.24 -95.74 11.61
C LYS WB 32 -11.80 -95.38 10.24
N TYR WB 33 -12.15 -96.40 9.47
CA TYR WB 33 -12.65 -96.24 8.11
C TYR WB 33 -11.71 -95.41 7.25
N GLY WB 34 -10.44 -95.37 7.62
CA GLY WB 34 -9.44 -94.69 6.82
C GLY WB 34 -9.69 -93.21 6.61
N LEU WB 35 -10.40 -92.58 7.53
CA LEU WB 35 -10.64 -91.14 7.42
C LEU WB 35 -9.41 -90.33 7.82
N ASN WB 36 -8.62 -90.81 8.79
CA ASN WB 36 -7.26 -90.33 9.02
C ASN WB 36 -7.23 -88.82 9.27
N MET WB 37 -7.99 -88.41 10.30
CA MET WB 37 -8.13 -87.00 10.62
C MET WB 37 -8.22 -86.84 12.14
N CYS WB 38 -7.62 -85.76 12.64
CA CYS WB 38 -7.56 -85.54 14.08
C CYS WB 38 -8.95 -85.23 14.63
N ARG WB 39 -9.12 -85.53 15.92
CA ARG WB 39 -10.46 -85.56 16.49
C ARG WB 39 -11.12 -84.18 16.44
N GLN WB 40 -10.40 -83.14 16.80
CA GLN WB 40 -11.02 -81.82 16.80
C GLN WB 40 -11.42 -81.41 15.39
N CYS WB 41 -10.57 -81.67 14.39
CA CYS WB 41 -10.98 -81.41 13.02
C CYS WB 41 -12.18 -82.25 12.62
N PHE WB 42 -12.31 -83.45 13.17
CA PHE WB 42 -13.51 -84.23 12.92
C PHE WB 42 -14.73 -83.53 13.48
N ARG WB 43 -14.61 -82.96 14.68
CA ARG WB 43 -15.71 -82.17 15.20
C ARG WB 43 -16.04 -81.01 14.27
N GLN WB 44 -15.01 -80.34 13.76
CA GLN WB 44 -15.22 -79.20 12.89
C GLN WB 44 -15.96 -79.59 11.62
N TYR WB 45 -15.61 -80.72 11.04
CA TYR WB 45 -16.13 -81.10 9.72
C TYR WB 45 -17.09 -82.29 9.77
N ALA WB 46 -17.68 -82.58 10.93
CA ALA WB 46 -18.62 -83.70 11.01
C ALA WB 46 -19.78 -83.55 10.04
N LYS WB 47 -20.32 -82.34 9.88
CA LYS WB 47 -21.50 -82.17 9.04
C LYS WB 47 -21.16 -82.35 7.55
N ASP WB 48 -20.04 -81.79 7.10
CA ASP WB 48 -19.64 -81.99 5.72
C ASP WB 48 -19.23 -83.44 5.48
N ILE WB 49 -18.74 -84.12 6.52
CA ILE WB 49 -18.65 -85.57 6.45
C ILE WB 49 -20.05 -86.17 6.42
N GLY WB 50 -20.95 -85.61 7.21
CA GLY WB 50 -22.31 -86.08 7.25
C GLY WB 50 -22.70 -86.66 8.59
N PHE WB 51 -21.76 -86.77 9.52
CA PHE WB 51 -22.06 -87.42 10.79
C PHE WB 51 -23.11 -86.60 11.52
N ILE WB 52 -24.33 -87.12 11.59
CA ILE WB 52 -25.40 -86.44 12.31
C ILE WB 52 -25.17 -86.58 13.81
N LYS WB 53 -25.37 -85.48 14.53
CA LYS WB 53 -25.32 -85.50 15.99
C LYS WB 53 -26.64 -86.06 16.52
N LEU WB 54 -26.99 -87.27 16.09
CA LEU WB 54 -28.34 -87.76 16.32
C LEU WB 54 -28.64 -87.89 17.81
N ASP WB 55 -27.95 -88.79 18.49
CA ASP WB 55 -28.30 -89.11 19.87
C ASP WB 55 -27.09 -89.59 20.64
N THR XB 1 -99.94 -109.64 25.23
CA THR XB 1 -99.25 -110.13 26.41
C THR XB 1 -97.76 -110.35 26.15
N GLU XB 2 -97.35 -110.12 24.92
CA GLU XB 2 -95.95 -110.29 24.55
C GLU XB 2 -95.09 -109.33 25.35
N GLN XB 3 -93.90 -109.78 25.76
CA GLN XB 3 -93.02 -109.00 26.61
C GLN XB 3 -91.60 -108.99 26.06
N MET XB 4 -90.90 -107.90 26.34
CA MET XB 4 -89.50 -107.76 25.94
C MET XB 4 -88.64 -108.08 27.14
N THR XB 5 -87.96 -109.22 27.07
CA THR XB 5 -87.25 -109.76 28.21
C THR XB 5 -85.77 -109.88 27.92
N LEU XB 6 -84.99 -110.13 28.97
CA LEU XB 6 -83.55 -110.27 28.88
C LEU XB 6 -83.20 -111.74 28.79
N ARG XB 7 -82.89 -112.21 27.57
CA ARG XB 7 -82.56 -113.62 27.35
C ARG XB 7 -81.09 -113.82 27.72
N GLY XB 8 -80.85 -113.91 29.03
CA GLY XB 8 -79.53 -114.16 29.55
C GLY XB 8 -78.53 -113.07 29.18
N THR XB 9 -77.26 -113.38 29.43
CA THR XB 9 -76.16 -112.48 29.11
C THR XB 9 -75.00 -113.28 28.54
N LEU XB 10 -74.20 -112.62 27.70
CA LEU XB 10 -73.10 -113.27 27.02
C LEU XB 10 -71.79 -112.63 27.44
N LYS XB 11 -71.04 -113.33 28.30
CA LYS XB 11 -69.66 -112.98 28.62
C LYS XB 11 -68.79 -113.22 27.40
N GLY XB 12 -67.83 -112.34 27.15
CA GLY XB 12 -67.00 -112.53 25.99
C GLY XB 12 -65.84 -111.59 25.77
N HIS XB 13 -65.68 -111.18 24.52
CA HIS XB 13 -64.47 -110.51 24.04
C HIS XB 13 -64.22 -109.22 24.79
N ASN XB 14 -62.93 -108.98 25.05
CA ASN XB 14 -62.44 -107.94 25.94
C ASN XB 14 -62.86 -106.54 25.50
N GLY XB 15 -63.09 -106.31 24.21
CA GLY XB 15 -63.39 -104.98 23.75
C GLY XB 15 -64.86 -104.58 23.84
N TRP XB 16 -65.26 -103.61 23.04
CA TRP XB 16 -66.66 -103.24 22.89
C TRP XB 16 -67.34 -104.24 21.97
N VAL XB 17 -68.53 -103.90 21.50
CA VAL XB 17 -69.26 -104.73 20.55
C VAL XB 17 -69.68 -103.83 19.39
N THR XB 18 -68.85 -103.76 18.36
CA THR XB 18 -69.07 -102.78 17.30
C THR XB 18 -70.19 -103.19 16.36
N GLN XB 19 -70.39 -104.49 16.16
CA GLN XB 19 -71.37 -104.94 15.17
C GLN XB 19 -71.85 -106.34 15.53
N ILE XB 20 -73.14 -106.58 15.32
CA ILE XB 20 -73.73 -107.90 15.47
C ILE XB 20 -74.58 -108.17 14.24
N ALA XB 21 -74.60 -109.42 13.79
CA ALA XB 21 -75.41 -109.81 12.64
C ALA XB 21 -75.94 -111.22 12.87
N THR XB 22 -76.63 -111.76 11.87
CA THR XB 22 -77.18 -113.11 11.95
C THR XB 22 -77.53 -113.59 10.54
N THR XB 23 -77.86 -114.87 10.46
CA THR XB 23 -78.29 -115.48 9.20
C THR XB 23 -79.55 -116.30 9.46
N PRO XB 24 -80.45 -116.38 8.47
CA PRO XB 24 -81.65 -117.22 8.66
C PRO XB 24 -81.38 -118.70 8.52
N GLN XB 25 -80.47 -119.11 7.63
CA GLN XB 25 -80.17 -120.51 7.46
C GLN XB 25 -79.66 -121.13 8.76
N PHE XB 26 -78.78 -120.42 9.46
CA PHE XB 26 -78.10 -120.95 10.65
C PHE XB 26 -78.52 -120.12 11.86
N PRO XB 27 -79.50 -120.61 12.62
CA PRO XB 27 -79.98 -119.87 13.81
C PRO XB 27 -79.30 -120.26 15.11
N ASP XB 28 -78.30 -121.15 15.07
CA ASP XB 28 -77.59 -121.58 16.26
C ASP XB 28 -76.23 -120.89 16.41
N MET XB 29 -75.91 -119.99 15.48
CA MET XB 29 -74.55 -119.45 15.35
C MET XB 29 -74.60 -117.95 15.48
N ILE XB 30 -73.80 -117.41 16.40
CA ILE XB 30 -73.80 -115.98 16.69
C ILE XB 30 -72.38 -115.43 16.61
N LEU XB 31 -72.24 -114.35 15.86
CA LEU XB 31 -71.00 -113.61 15.69
C LEU XB 31 -70.98 -112.45 16.69
N SER XB 32 -69.83 -111.79 16.80
CA SER XB 32 -69.66 -110.64 17.66
C SER XB 32 -68.47 -109.82 17.16
N ALA XB 33 -68.74 -108.61 16.69
CA ALA XB 33 -67.69 -107.68 16.26
C ALA XB 33 -67.31 -106.81 17.45
N SER XB 34 -66.04 -106.83 17.81
CA SER XB 34 -65.60 -106.23 19.06
C SER XB 34 -64.51 -105.19 18.81
N ARG XB 35 -63.95 -104.71 19.92
CA ARG XB 35 -62.88 -103.72 19.89
C ARG XB 35 -61.50 -104.34 20.11
N ASP XB 36 -61.41 -105.66 20.21
CA ASP XB 36 -60.13 -106.34 20.35
C ASP XB 36 -59.67 -106.94 19.03
N LYS XB 37 -59.95 -106.25 17.93
CA LYS XB 37 -59.54 -106.62 16.57
C LYS XB 37 -59.67 -108.12 16.32
N THR XB 38 -60.76 -108.69 16.81
CA THR XB 38 -61.06 -110.09 16.54
C THR XB 38 -62.56 -110.28 16.46
N ILE XB 39 -62.96 -111.22 15.61
CA ILE XB 39 -64.36 -111.59 15.40
C ILE XB 39 -64.56 -112.94 16.07
N ILE XB 40 -65.69 -113.12 16.73
CA ILE XB 40 -65.91 -114.32 17.51
C ILE XB 40 -67.22 -114.96 17.08
N MET XB 41 -67.15 -116.19 16.61
CA MET XB 41 -68.29 -117.07 16.41
C MET XB 41 -68.74 -117.70 17.72
N TRP XB 42 -70.02 -117.58 18.01
CA TRP XB 42 -70.61 -118.17 19.21
C TRP XB 42 -71.66 -119.18 18.81
N LYS XB 43 -71.53 -120.41 19.29
CA LYS XB 43 -72.60 -121.38 19.12
C LYS XB 43 -73.64 -121.21 20.21
N LEU XB 44 -74.90 -121.02 19.79
CA LEU XB 44 -75.98 -120.68 20.70
C LEU XB 44 -76.47 -121.95 21.37
N THR XB 45 -75.83 -122.29 22.50
CA THR XB 45 -76.19 -123.47 23.26
C THR XB 45 -77.59 -123.39 23.86
N ARG XB 46 -78.10 -122.17 24.07
CA ARG XB 46 -79.43 -121.93 24.63
C ARG XB 46 -79.57 -122.47 26.05
N ASP XB 47 -78.49 -123.00 26.60
CA ASP XB 47 -78.54 -123.60 27.92
C ASP XB 47 -78.15 -122.58 28.98
N GLU XB 48 -78.73 -122.74 30.17
CA GLU XB 48 -78.54 -121.79 31.26
C GLU XB 48 -77.06 -121.63 31.60
N THR XB 49 -76.69 -120.39 31.94
CA THR XB 49 -75.37 -119.90 32.35
C THR XB 49 -74.40 -119.70 31.19
N ASN XB 50 -74.73 -120.13 29.97
CA ASN XB 50 -73.97 -119.71 28.79
C ASN XB 50 -74.84 -119.95 27.56
N TYR XB 51 -75.30 -118.86 26.95
CA TYR XB 51 -76.26 -118.99 25.87
C TYR XB 51 -75.60 -119.04 24.51
N GLY XB 52 -74.43 -118.43 24.37
CA GLY XB 52 -73.63 -118.58 23.18
C GLY XB 52 -72.20 -118.87 23.55
N ILE XB 53 -71.67 -120.02 23.15
CA ILE XB 53 -70.31 -120.41 23.51
C ILE XB 53 -69.36 -119.78 22.50
N PRO XB 54 -68.43 -118.96 22.92
CA PRO XB 54 -67.46 -118.43 21.97
C PRO XB 54 -66.49 -119.53 21.59
N GLN XB 55 -66.89 -120.40 20.68
CA GLN XB 55 -66.10 -121.57 20.34
C GLN XB 55 -65.09 -121.30 19.23
N ARG XB 56 -65.18 -120.15 18.57
CA ARG XB 56 -64.26 -119.83 17.50
C ARG XB 56 -63.75 -118.42 17.68
N ALA XB 57 -62.54 -118.17 17.19
CA ALA XB 57 -61.99 -116.84 17.10
C ALA XB 57 -61.72 -116.53 15.63
N LEU XB 58 -61.71 -115.24 15.31
CA LEU XB 58 -61.51 -114.83 13.93
C LEU XB 58 -60.61 -113.61 14.02
N ARG XB 59 -59.32 -113.80 13.77
CA ARG XB 59 -58.30 -112.87 14.20
C ARG XB 59 -57.26 -112.67 13.11
N GLY XB 60 -56.57 -111.53 13.17
CA GLY XB 60 -55.56 -111.21 12.19
C GLY XB 60 -55.72 -109.82 11.60
N HIS XB 61 -56.46 -108.96 12.30
CA HIS XB 61 -56.70 -107.60 11.86
C HIS XB 61 -55.86 -106.64 12.68
N SER XB 62 -55.30 -105.63 12.02
CA SER XB 62 -54.40 -104.70 12.70
C SER XB 62 -55.14 -103.90 13.77
N HIS XB 63 -56.25 -103.28 13.40
CA HIS XB 63 -57.07 -102.50 14.32
C HIS XB 63 -58.43 -103.19 14.49
N PHE XB 64 -59.23 -102.67 15.40
CA PHE XB 64 -60.44 -103.38 15.79
C PHE XB 64 -61.50 -103.35 14.69
N VAL XB 65 -62.31 -104.41 14.66
CA VAL XB 65 -63.28 -104.61 13.59
C VAL XB 65 -64.46 -103.66 13.79
N SER XB 66 -65.04 -103.20 12.68
CA SER XB 66 -66.18 -102.29 12.75
C SER XB 66 -67.48 -103.01 12.41
N ASP XB 67 -67.50 -103.76 11.31
CA ASP XB 67 -68.74 -104.34 10.79
C ASP XB 67 -68.40 -105.66 10.10
N VAL XB 68 -69.41 -106.54 10.00
CA VAL XB 68 -69.24 -107.82 9.33
C VAL XB 68 -70.60 -108.26 8.80
N VAL XB 69 -70.58 -108.98 7.67
CA VAL XB 69 -71.78 -109.47 7.02
C VAL XB 69 -71.58 -110.93 6.63
N ILE XB 70 -72.62 -111.73 6.82
CA ILE XB 70 -72.63 -113.13 6.40
C ILE XB 70 -73.16 -113.22 4.99
N SER XB 71 -72.61 -114.15 4.20
CA SER XB 71 -73.15 -114.38 2.87
C SER XB 71 -74.46 -115.14 2.96
N SER XB 72 -75.14 -115.25 1.82
CA SER XB 72 -76.39 -115.99 1.81
C SER XB 72 -76.16 -117.48 1.67
N ASP XB 73 -75.21 -118.03 2.43
CA ASP XB 73 -75.12 -119.45 2.70
C ASP XB 73 -74.71 -119.76 4.13
N GLY XB 74 -74.17 -118.79 4.86
CA GLY XB 74 -73.75 -119.02 6.22
C GLY XB 74 -72.34 -119.48 6.41
N GLN XB 75 -71.49 -119.44 5.38
CA GLN XB 75 -70.09 -119.83 5.56
C GLN XB 75 -69.11 -118.71 5.21
N PHE XB 76 -69.33 -117.96 4.14
CA PHE XB 76 -68.59 -116.72 3.97
C PHE XB 76 -68.95 -115.78 5.10
N ALA XB 77 -68.01 -114.91 5.46
CA ALA XB 77 -68.22 -113.86 6.43
C ALA XB 77 -67.21 -112.76 6.15
N LEU XB 78 -67.69 -111.63 5.66
CA LEU XB 78 -66.83 -110.55 5.21
C LEU XB 78 -66.81 -109.44 6.25
N SER XB 79 -65.61 -109.12 6.74
CA SER XB 79 -65.44 -108.21 7.88
C SER XB 79 -64.71 -106.95 7.45
N GLY XB 80 -65.11 -105.83 8.02
CA GLY XB 80 -64.41 -104.58 7.83
C GLY XB 80 -63.70 -104.17 9.11
N SER XB 81 -62.41 -103.93 9.00
CA SER XB 81 -61.60 -103.61 10.16
C SER XB 81 -61.51 -102.09 10.32
N TRP XB 82 -60.66 -101.63 11.22
CA TRP XB 82 -60.34 -100.23 11.35
C TRP XB 82 -59.04 -99.91 10.63
N ASP XB 83 -58.78 -100.60 9.52
CA ASP XB 83 -57.55 -100.39 8.77
C ASP XB 83 -57.81 -100.27 7.28
N GLY XB 84 -59.05 -100.01 6.87
CA GLY XB 84 -59.35 -99.89 5.46
C GLY XB 84 -59.18 -101.17 4.68
N THR XB 85 -58.99 -102.29 5.37
CA THR XB 85 -58.82 -103.59 4.73
C THR XB 85 -60.01 -104.46 5.05
N LEU XB 86 -60.55 -105.11 4.03
CA LEU XB 86 -61.65 -106.03 4.19
C LEU XB 86 -61.12 -107.45 4.08
N ARG XB 87 -61.66 -108.33 4.92
CA ARG XB 87 -61.19 -109.71 4.97
C ARG XB 87 -62.41 -110.62 5.03
N LEU XB 88 -62.74 -111.23 3.90
CA LEU XB 88 -63.84 -112.20 3.86
C LEU XB 88 -63.32 -113.52 4.39
N TRP XB 89 -63.74 -113.89 5.59
CA TRP XB 89 -63.23 -115.10 6.19
C TRP XB 89 -64.15 -116.27 5.90
N ASP XB 90 -63.55 -117.44 5.68
CA ASP XB 90 -64.30 -118.68 5.68
C ASP XB 90 -64.65 -119.06 7.11
N LEU XB 91 -65.93 -119.40 7.32
CA LEU XB 91 -66.42 -119.70 8.66
C LEU XB 91 -65.68 -120.89 9.25
N THR XB 92 -65.47 -121.93 8.45
CA THR XB 92 -64.79 -123.13 8.91
C THR XB 92 -63.38 -122.80 9.33
N THR XB 93 -63.04 -123.10 10.58
CA THR XB 93 -61.70 -122.95 11.16
C THR XB 93 -61.19 -121.51 11.12
N GLY XB 94 -62.05 -120.54 10.79
CA GLY XB 94 -61.64 -119.15 10.77
C GLY XB 94 -60.53 -118.85 9.79
N THR XB 95 -60.62 -119.41 8.60
CA THR XB 95 -59.60 -119.26 7.57
C THR XB 95 -59.87 -118.01 6.74
N THR XB 96 -58.82 -117.20 6.55
CA THR XB 96 -58.90 -116.06 5.64
C THR XB 96 -58.95 -116.58 4.21
N THR XB 97 -60.07 -116.38 3.54
CA THR XB 97 -60.16 -116.79 2.14
C THR XB 97 -59.58 -115.71 1.23
N ARG XB 98 -60.05 -114.47 1.38
CA ARG XB 98 -59.55 -113.39 0.56
C ARG XB 98 -59.65 -112.08 1.32
N ARG XB 99 -58.74 -111.15 1.01
CA ARG XB 99 -58.69 -109.86 1.68
C ARG XB 99 -58.81 -108.73 0.67
N PHE XB 100 -59.39 -107.63 1.11
CA PHE XB 100 -59.63 -106.49 0.23
C PHE XB 100 -58.90 -105.28 0.78
N VAL XB 101 -58.10 -104.63 -0.06
CA VAL XB 101 -57.35 -103.45 0.33
C VAL XB 101 -57.67 -102.34 -0.66
N GLY XB 102 -57.29 -101.12 -0.30
CA GLY XB 102 -57.44 -99.98 -1.19
C GLY XB 102 -57.96 -98.74 -0.50
N HIS XB 103 -58.78 -98.92 0.53
CA HIS XB 103 -59.37 -97.78 1.22
C HIS XB 103 -58.32 -97.05 2.04
N THR XB 104 -58.25 -95.72 1.84
CA THR XB 104 -57.18 -94.94 2.44
C THR XB 104 -57.26 -94.95 3.96
N LYS XB 105 -58.44 -94.74 4.51
CA LYS XB 105 -58.65 -94.73 5.94
C LYS XB 105 -59.42 -95.97 6.36
N ASP XB 106 -59.73 -96.05 7.65
CA ASP XB 106 -60.41 -97.22 8.18
C ASP XB 106 -61.81 -97.35 7.60
N VAL XB 107 -62.28 -98.58 7.53
CA VAL XB 107 -63.63 -98.85 7.03
C VAL XB 107 -64.57 -99.04 8.20
N LEU XB 108 -65.79 -98.57 8.04
CA LEU XB 108 -66.80 -98.66 9.10
C LEU XB 108 -68.00 -99.50 8.70
N SER XB 109 -68.30 -99.61 7.42
CA SER XB 109 -69.42 -100.43 6.96
C SER XB 109 -69.10 -101.01 5.61
N VAL XB 110 -69.33 -102.31 5.46
CA VAL XB 110 -69.23 -102.99 4.19
C VAL XB 110 -70.49 -103.83 4.02
N ALA XB 111 -71.16 -103.68 2.88
CA ALA XB 111 -72.40 -104.36 2.62
C ALA XB 111 -72.24 -105.29 1.43
N PHE XB 112 -73.18 -106.22 1.33
CA PHE XB 112 -73.02 -107.42 0.52
C PHE XB 112 -74.24 -107.61 -0.37
N SER XB 113 -74.00 -108.04 -1.61
CA SER XB 113 -75.07 -108.13 -2.59
C SER XB 113 -75.98 -109.32 -2.31
N SER XB 114 -77.25 -109.18 -2.73
CA SER XB 114 -78.22 -110.25 -2.54
C SER XB 114 -77.89 -111.46 -3.40
N ASP XB 115 -77.58 -111.25 -4.68
CA ASP XB 115 -77.13 -112.34 -5.54
C ASP XB 115 -75.74 -112.82 -5.18
N ASN XB 116 -75.14 -112.25 -4.14
CA ASN XB 116 -73.83 -112.66 -3.65
C ASN XB 116 -72.75 -112.44 -4.70
N ARG XB 117 -72.73 -111.25 -5.28
CA ARG XB 117 -71.73 -110.86 -6.28
C ARG XB 117 -71.01 -109.57 -5.94
N GLN XB 118 -71.72 -108.59 -5.40
CA GLN XB 118 -71.20 -107.24 -5.21
C GLN XB 118 -70.94 -106.95 -3.73
N ILE XB 119 -69.97 -106.06 -3.49
CA ILE XB 119 -69.50 -105.70 -2.15
C ILE XB 119 -69.24 -104.20 -2.08
N VAL XB 120 -70.12 -103.45 -1.43
CA VAL XB 120 -69.89 -102.01 -1.22
C VAL XB 120 -69.19 -101.80 0.11
N SER XB 121 -68.48 -100.69 0.23
CA SER XB 121 -67.64 -100.41 1.39
C SER XB 121 -67.73 -98.93 1.74
N GLY XB 122 -68.16 -98.64 2.96
CA GLY XB 122 -68.19 -97.28 3.47
C GLY XB 122 -67.10 -97.06 4.51
N SER XB 123 -66.04 -96.37 4.11
CA SER XB 123 -64.87 -96.14 4.94
C SER XB 123 -64.88 -94.73 5.48
N ARG XB 124 -63.77 -94.33 6.10
CA ARG XB 124 -63.57 -92.94 6.50
C ARG XB 124 -62.93 -92.11 5.41
N ASP XB 125 -62.65 -92.70 4.26
CA ASP XB 125 -62.05 -91.97 3.14
C ASP XB 125 -63.11 -91.24 2.33
N LYS XB 126 -64.23 -90.89 2.96
CA LYS XB 126 -65.35 -90.15 2.36
C LYS XB 126 -65.72 -90.69 0.99
N THR XB 127 -65.51 -91.99 0.76
CA THR XB 127 -65.76 -92.61 -0.52
C THR XB 127 -66.30 -94.00 -0.30
N ILE XB 128 -67.00 -94.51 -1.32
CA ILE XB 128 -67.53 -95.87 -1.31
C ILE XB 128 -66.98 -96.62 -2.51
N LYS XB 129 -66.50 -97.84 -2.25
CA LYS XB 129 -65.91 -98.70 -3.26
C LYS XB 129 -66.73 -99.99 -3.37
N LEU XB 130 -67.08 -100.35 -4.59
CA LEU XB 130 -67.79 -101.60 -4.85
C LEU XB 130 -66.78 -102.61 -5.39
N TRP XB 131 -66.70 -103.77 -4.75
CA TRP XB 131 -65.67 -104.76 -5.03
C TRP XB 131 -66.29 -106.03 -5.62
N ASN XB 132 -65.59 -106.59 -6.61
CA ASN XB 132 -65.99 -107.85 -7.21
C ASN XB 132 -65.52 -109.01 -6.35
N THR XB 133 -66.15 -110.18 -6.54
CA THR XB 133 -65.88 -111.32 -5.69
C THR XB 133 -64.42 -111.77 -5.78
N LEU XB 134 -63.85 -111.77 -6.99
CA LEU XB 134 -62.52 -112.32 -7.17
C LEU XB 134 -61.46 -111.57 -6.38
N GLY XB 135 -61.71 -110.29 -6.07
CA GLY XB 135 -60.77 -109.59 -5.21
C GLY XB 135 -60.47 -108.14 -5.55
N VAL XB 136 -61.06 -107.62 -6.62
CA VAL XB 136 -60.78 -106.26 -7.05
C VAL XB 136 -62.02 -105.41 -6.78
N CYS XB 137 -61.80 -104.11 -6.64
CA CYS XB 137 -62.90 -103.16 -6.74
C CYS XB 137 -63.41 -103.10 -8.18
N LYS XB 138 -64.72 -102.92 -8.34
CA LYS XB 138 -65.23 -102.56 -9.65
C LYS XB 138 -65.19 -101.05 -9.85
N TYR XB 139 -65.88 -100.30 -8.99
CA TYR XB 139 -66.06 -98.86 -9.13
C TYR XB 139 -65.80 -98.22 -7.78
N THR XB 140 -65.10 -97.10 -7.79
CA THR XB 140 -65.02 -96.21 -6.64
C THR XB 140 -65.97 -95.05 -6.91
N VAL XB 141 -66.92 -94.84 -6.01
CA VAL XB 141 -67.90 -93.76 -6.17
C VAL XB 141 -67.47 -92.62 -5.27
N GLN XB 142 -67.18 -91.49 -5.88
CA GLN XB 142 -66.72 -90.31 -5.17
C GLN XB 142 -67.42 -89.11 -5.80
N ASP XB 143 -67.00 -87.90 -5.40
CA ASP XB 143 -67.39 -86.62 -5.98
C ASP XB 143 -68.88 -86.36 -5.81
N GLU XB 144 -69.60 -87.34 -5.28
CA GLU XB 144 -71.03 -87.19 -5.03
C GLU XB 144 -71.46 -87.75 -3.69
N SER XB 145 -70.59 -88.45 -2.97
CA SER XB 145 -70.95 -89.03 -1.68
C SER XB 145 -70.90 -87.95 -0.60
N HIS XB 146 -71.00 -88.36 0.66
CA HIS XB 146 -70.82 -87.43 1.75
C HIS XB 146 -69.43 -86.84 1.72
N SER XB 147 -69.33 -85.53 1.89
CA SER XB 147 -68.02 -84.90 1.99
C SER XB 147 -67.30 -85.33 3.26
N GLU XB 148 -68.04 -85.59 4.33
CA GLU XB 148 -67.44 -86.14 5.53
C GLU XB 148 -67.56 -87.67 5.49
N TRP XB 149 -67.22 -88.32 6.59
CA TRP XB 149 -67.02 -89.77 6.60
C TRP XB 149 -68.31 -90.49 6.20
N VAL XB 150 -68.23 -91.30 5.15
CA VAL XB 150 -69.38 -92.06 4.70
C VAL XB 150 -69.62 -93.22 5.66
N SER XB 151 -70.60 -93.06 6.53
CA SER XB 151 -70.93 -94.05 7.55
C SER XB 151 -71.73 -95.20 6.94
N CYS XB 152 -72.39 -95.98 7.79
CA CYS XB 152 -73.02 -97.24 7.43
C CYS XB 152 -73.73 -97.19 6.08
N VAL XB 153 -73.50 -98.22 5.28
CA VAL XB 153 -74.13 -98.39 3.98
C VAL XB 153 -74.73 -99.79 3.93
N ARG XB 154 -75.71 -99.99 3.04
CA ARG XB 154 -76.35 -101.29 2.95
C ARG XB 154 -76.97 -101.47 1.58
N PHE XB 155 -77.45 -102.68 1.32
CA PHE XB 155 -77.93 -103.10 0.01
C PHE XB 155 -79.46 -103.05 -0.07
N SER XB 156 -79.98 -103.57 -1.18
CA SER XB 156 -81.42 -103.59 -1.42
C SER XB 156 -81.96 -104.97 -1.07
N PRO XB 157 -82.79 -105.11 -0.04
CA PRO XB 157 -83.40 -106.42 0.24
C PRO XB 157 -84.27 -106.91 -0.91
N ASN XB 158 -84.85 -106.00 -1.68
CA ASN XB 158 -85.63 -106.41 -2.84
C ASN XB 158 -84.71 -106.68 -4.02
N SER XB 159 -84.99 -107.78 -4.74
CA SER XB 159 -84.20 -108.11 -5.91
C SER XB 159 -84.34 -107.05 -6.99
N SER XB 160 -85.58 -106.70 -7.34
CA SER XB 160 -85.80 -105.60 -8.27
C SER XB 160 -85.45 -104.28 -7.58
N ASN XB 161 -85.28 -103.25 -8.40
CA ASN XB 161 -84.85 -101.92 -7.96
C ASN XB 161 -83.56 -102.05 -7.16
N PRO XB 162 -82.42 -102.29 -7.82
CA PRO XB 162 -81.15 -102.25 -7.10
C PRO XB 162 -80.87 -100.87 -6.52
N ILE XB 163 -80.87 -100.76 -5.19
CA ILE XB 163 -80.76 -99.48 -4.51
C ILE XB 163 -79.74 -99.60 -3.39
N ILE XB 164 -78.82 -98.63 -3.31
CA ILE XB 164 -77.81 -98.57 -2.27
C ILE XB 164 -78.11 -97.35 -1.40
N VAL XB 165 -78.43 -97.60 -0.15
CA VAL XB 165 -78.58 -96.56 0.85
C VAL XB 165 -77.20 -96.32 1.48
N SER XB 166 -76.90 -95.05 1.77
CA SER XB 166 -75.62 -94.73 2.38
C SER XB 166 -75.83 -93.65 3.43
N CYS XB 167 -75.80 -94.06 4.69
CA CYS XB 167 -75.71 -93.12 5.79
C CYS XB 167 -74.37 -92.38 5.73
N GLY XB 168 -74.33 -91.20 6.34
CA GLY XB 168 -73.11 -90.44 6.25
C GLY XB 168 -72.98 -89.37 7.32
N TRP XB 169 -71.79 -88.75 7.33
CA TRP XB 169 -71.46 -87.69 8.27
C TRP XB 169 -71.77 -86.31 7.72
N ASP XB 170 -72.28 -86.21 6.49
CA ASP XB 170 -72.76 -84.96 5.93
C ASP XB 170 -74.21 -84.68 6.29
N LYS XB 171 -74.73 -85.31 7.33
CA LYS XB 171 -76.07 -85.06 7.83
C LYS XB 171 -77.16 -85.33 6.80
N LEU XB 172 -76.82 -86.02 5.72
CA LEU XB 172 -77.83 -86.43 4.75
C LEU XB 172 -77.58 -87.89 4.36
N VAL XB 173 -78.65 -88.56 3.96
CA VAL XB 173 -78.61 -89.95 3.54
C VAL XB 173 -78.59 -89.98 2.02
N LYS XB 174 -77.65 -90.72 1.46
CA LYS XB 174 -77.50 -90.80 0.01
C LYS XB 174 -78.10 -92.10 -0.52
N VAL XB 175 -78.58 -92.04 -1.76
CA VAL XB 175 -79.40 -93.09 -2.34
C VAL XB 175 -78.80 -93.41 -3.71
N TRP XB 176 -78.16 -94.57 -3.82
CA TRP XB 176 -77.46 -94.95 -5.03
C TRP XB 176 -78.09 -96.18 -5.69
N ASN XB 177 -78.08 -96.18 -7.01
CA ASN XB 177 -78.44 -97.34 -7.81
C ASN XB 177 -77.20 -98.22 -7.94
N LEU XB 178 -77.30 -99.23 -8.80
CA LEU XB 178 -76.18 -100.14 -9.05
C LEU XB 178 -75.79 -100.25 -10.51
N ALA XB 179 -76.72 -100.00 -11.43
CA ALA XB 179 -76.40 -100.06 -12.84
C ALA XB 179 -75.32 -99.05 -13.20
N ASN XB 180 -75.63 -97.76 -13.08
CA ASN XB 180 -74.64 -96.72 -13.24
C ASN XB 180 -74.17 -96.15 -11.90
N CYS XB 181 -74.54 -96.80 -10.80
CA CYS XB 181 -73.99 -96.53 -9.47
C CYS XB 181 -73.98 -95.03 -9.14
N LYS XB 182 -75.09 -94.37 -9.45
CA LYS XB 182 -75.19 -92.93 -9.23
C LYS XB 182 -76.30 -92.63 -8.22
N LEU XB 183 -76.30 -91.39 -7.75
CA LEU XB 183 -77.31 -90.92 -6.82
C LEU XB 183 -78.70 -91.03 -7.44
N LYS XB 184 -79.66 -91.48 -6.64
CA LYS XB 184 -81.05 -91.48 -7.07
C LYS XB 184 -81.95 -90.62 -6.21
N THR XB 185 -81.61 -90.42 -4.94
CA THR XB 185 -82.38 -89.52 -4.08
C THR XB 185 -81.42 -88.83 -3.13
N ASN XB 186 -81.33 -87.52 -3.26
CA ASN XB 186 -80.62 -86.68 -2.29
C ASN XB 186 -81.68 -86.27 -1.28
N HIS XB 187 -81.55 -86.79 -0.07
CA HIS XB 187 -82.58 -86.64 0.94
C HIS XB 187 -81.93 -86.24 2.25
N ILE XB 188 -82.44 -85.16 2.86
CA ILE XB 188 -81.89 -84.59 4.07
C ILE XB 188 -83.04 -84.46 5.08
N GLY XB 189 -82.75 -83.84 6.24
CA GLY XB 189 -83.74 -83.63 7.27
C GLY XB 189 -83.18 -83.75 8.66
N HIS XB 190 -81.87 -84.01 8.76
CA HIS XB 190 -81.25 -84.32 10.03
C HIS XB 190 -80.50 -83.12 10.57
N THR XB 191 -80.76 -82.78 11.83
CA THR XB 191 -79.95 -81.79 12.56
C THR XB 191 -78.80 -82.51 13.29
N GLY XB 192 -77.84 -82.94 12.50
CA GLY XB 192 -76.72 -83.72 12.99
C GLY XB 192 -76.33 -84.77 11.97
N TYR XB 193 -75.13 -85.30 12.14
CA TYR XB 193 -74.63 -86.29 11.20
C TYR XB 193 -75.26 -87.65 11.48
N LEU XB 194 -75.59 -88.37 10.42
CA LEU XB 194 -76.15 -89.70 10.57
C LEU XB 194 -75.10 -90.67 11.09
N ASN XB 195 -75.54 -91.62 11.90
CA ASN XB 195 -74.69 -92.62 12.53
C ASN XB 195 -74.96 -94.01 11.98
N THR XB 196 -76.22 -94.43 11.95
CA THR XB 196 -76.60 -95.74 11.45
C THR XB 196 -77.73 -95.59 10.46
N VAL XB 197 -78.04 -96.69 9.77
CA VAL XB 197 -79.14 -96.73 8.83
C VAL XB 197 -79.60 -98.17 8.69
N THR XB 198 -80.90 -98.35 8.42
CA THR XB 198 -81.46 -99.69 8.32
C THR XB 198 -82.67 -99.68 7.41
N VAL XB 199 -82.81 -100.74 6.62
CA VAL XB 199 -83.98 -100.99 5.78
C VAL XB 199 -84.81 -102.06 6.47
N SER XB 200 -86.11 -102.09 6.17
CA SER XB 200 -86.96 -103.20 6.56
C SER XB 200 -86.38 -104.49 6.00
N PRO XB 201 -86.71 -105.65 6.57
CA PRO XB 201 -86.15 -106.90 6.00
C PRO XB 201 -86.47 -107.04 4.52
N ASP XB 202 -87.54 -106.41 4.07
CA ASP XB 202 -87.86 -106.27 2.66
C ASP XB 202 -87.42 -104.90 2.14
N GLY XB 203 -87.15 -104.85 0.85
CA GLY XB 203 -86.69 -103.61 0.22
C GLY XB 203 -87.81 -102.62 0.01
N SER XB 204 -88.35 -102.10 1.10
CA SER XB 204 -89.49 -101.20 1.05
C SER XB 204 -89.19 -99.80 1.58
N LEU XB 205 -88.56 -99.70 2.75
CA LEU XB 205 -88.39 -98.41 3.39
C LEU XB 205 -87.15 -98.44 4.28
N CYS XB 206 -86.63 -97.25 4.58
CA CYS XB 206 -85.36 -97.10 5.28
C CYS XB 206 -85.52 -96.18 6.49
N ALA XB 207 -84.67 -96.43 7.49
CA ALA XB 207 -84.66 -95.64 8.71
C ALA XB 207 -83.22 -95.30 9.08
N SER XB 208 -83.02 -94.11 9.60
CA SER XB 208 -81.69 -93.59 9.90
C SER XB 208 -81.75 -92.74 11.16
N GLY XB 209 -80.59 -92.21 11.54
CA GLY XB 209 -80.51 -91.35 12.72
C GLY XB 209 -79.09 -90.92 12.99
N GLY XB 210 -78.96 -90.04 13.98
CA GLY XB 210 -77.67 -89.46 14.33
C GLY XB 210 -77.61 -88.95 15.76
N LYS XB 211 -76.84 -87.89 16.02
CA LYS XB 211 -76.74 -87.36 17.38
C LYS XB 211 -78.08 -86.88 17.88
N ASP XB 212 -78.81 -86.16 17.03
CA ASP XB 212 -80.08 -85.57 17.43
C ASP XB 212 -81.08 -86.62 17.88
N GLY XB 213 -80.87 -87.87 17.52
CA GLY XB 213 -81.72 -88.95 17.97
C GLY XB 213 -83.04 -89.03 17.28
N GLN XB 214 -83.39 -88.04 16.46
CA GLN XB 214 -84.62 -88.09 15.67
C GLN XB 214 -84.41 -89.12 14.57
N ALA XB 215 -85.20 -90.19 14.61
CA ALA XB 215 -85.09 -91.26 13.63
C ALA XB 215 -86.23 -91.12 12.63
N MET XB 216 -85.90 -90.85 11.39
CA MET XB 216 -86.89 -90.70 10.33
C MET XB 216 -87.03 -91.99 9.56
N LEU XB 217 -88.26 -92.37 9.26
CA LEU XB 217 -88.55 -93.47 8.37
C LEU XB 217 -88.73 -92.92 6.98
N TRP XB 218 -88.13 -93.57 5.99
CA TRP XB 218 -88.04 -93.04 4.64
C TRP XB 218 -88.40 -94.10 3.62
N ASP XB 219 -89.09 -93.67 2.56
CA ASP XB 219 -89.36 -94.53 1.43
C ASP XB 219 -88.10 -94.68 0.58
N LEU XB 220 -87.84 -95.91 0.16
CA LEU XB 220 -86.79 -96.16 -0.83
C LEU XB 220 -87.35 -96.49 -2.19
N ASN XB 221 -88.61 -96.91 -2.28
CA ASN XB 221 -89.23 -97.17 -3.58
C ASN XB 221 -89.30 -95.92 -4.44
N GLU XB 222 -89.62 -94.77 -3.85
CA GLU XB 222 -89.71 -93.53 -4.60
C GLU XB 222 -88.87 -92.44 -3.96
N GLY XB 223 -88.65 -92.52 -2.65
CA GLY XB 223 -87.80 -91.56 -1.98
C GLY XB 223 -88.49 -90.37 -1.37
N LYS XB 224 -89.49 -90.62 -0.51
CA LYS XB 224 -90.18 -89.56 0.21
C LYS XB 224 -90.21 -89.89 1.69
N HIS XB 225 -90.28 -88.85 2.51
CA HIS XB 225 -90.31 -88.98 3.96
C HIS XB 225 -91.75 -89.15 4.45
N LEU XB 226 -91.91 -89.95 5.51
CA LEU XB 226 -93.25 -90.16 6.06
C LEU XB 226 -93.32 -89.88 7.55
N TYR XB 227 -92.29 -90.25 8.31
CA TYR XB 227 -92.37 -90.08 9.76
C TYR XB 227 -90.98 -90.03 10.36
N THR XB 228 -90.74 -89.03 11.19
CA THR XB 228 -89.48 -88.87 11.92
C THR XB 228 -89.74 -89.07 13.41
N LEU XB 229 -89.66 -90.31 13.86
CA LEU XB 229 -89.74 -90.58 15.28
C LEU XB 229 -88.51 -90.00 15.99
N ASP XB 230 -88.71 -89.61 17.24
CA ASP XB 230 -87.64 -89.03 18.05
C ASP XB 230 -87.22 -90.01 19.12
N GLY XB 231 -85.94 -90.38 19.11
CA GLY XB 231 -85.37 -91.21 20.15
C GLY XB 231 -85.07 -90.39 21.39
N GLY XB 232 -84.67 -91.11 22.45
CA GLY XB 232 -84.29 -90.43 23.68
C GLY XB 232 -83.04 -89.57 23.49
N ASP XB 233 -82.01 -90.13 22.86
CA ASP XB 233 -80.74 -89.44 22.74
C ASP XB 233 -79.97 -90.05 21.57
N ILE XB 234 -78.65 -89.81 21.54
CA ILE XB 234 -77.80 -90.32 20.47
C ILE XB 234 -78.04 -91.82 20.28
N ILE XB 235 -78.24 -92.21 19.03
CA ILE XB 235 -78.51 -93.60 18.67
C ILE XB 235 -77.29 -94.19 17.99
N ASN XB 236 -77.19 -95.51 18.06
CA ASN XB 236 -76.08 -96.21 17.43
C ASN XB 236 -76.48 -97.54 16.79
N ALA XB 237 -77.77 -97.86 16.74
CA ALA XB 237 -78.18 -99.12 16.15
C ALA XB 237 -79.64 -99.03 15.72
N LEU XB 238 -79.95 -99.66 14.59
CA LEU XB 238 -81.29 -99.72 14.03
C LEU XB 238 -81.51 -101.08 13.41
N CYS XB 239 -82.68 -101.66 13.61
CA CYS XB 239 -83.00 -102.93 12.96
C CYS XB 239 -84.50 -103.13 12.90
N PHE XB 240 -84.97 -103.58 11.75
CA PHE XB 240 -86.37 -103.95 11.54
C PHE XB 240 -86.55 -105.44 11.80
N SER XB 241 -87.63 -105.78 12.49
CA SER XB 241 -87.87 -107.17 12.85
C SER XB 241 -88.06 -108.02 11.59
N PRO XB 242 -87.71 -109.31 11.66
CA PRO XB 242 -87.82 -110.18 10.49
C PRO XB 242 -89.23 -110.38 9.96
N ASN XB 243 -90.15 -110.85 10.82
CA ASN XB 243 -91.51 -111.15 10.37
C ASN XB 243 -92.43 -109.94 10.47
N ARG XB 244 -92.50 -109.33 11.65
CA ARG XB 244 -93.14 -108.04 11.78
C ARG XB 244 -92.14 -106.94 11.44
N TYR XB 245 -92.65 -105.74 11.21
CA TYR XB 245 -91.74 -104.66 10.85
C TYR XB 245 -91.01 -104.16 12.09
N TRP XB 246 -91.75 -103.58 13.04
CA TRP XB 246 -91.27 -103.33 14.41
C TRP XB 246 -89.84 -102.80 14.50
N LEU XB 247 -89.59 -101.60 13.98
CA LEU XB 247 -88.33 -100.92 14.24
C LEU XB 247 -88.01 -100.79 15.72
N CYS XB 248 -86.77 -101.13 16.07
CA CYS XB 248 -86.22 -100.90 17.39
C CYS XB 248 -84.83 -100.31 17.24
N ALA XB 249 -84.57 -99.21 17.95
CA ALA XB 249 -83.33 -98.46 17.80
C ALA XB 249 -82.64 -98.36 19.16
N ALA XB 250 -81.32 -98.55 19.15
CA ALA XB 250 -80.54 -98.42 20.37
C ALA XB 250 -80.34 -96.94 20.73
N THR XB 251 -81.15 -96.45 21.65
CA THR XB 251 -81.12 -95.05 22.04
C THR XB 251 -80.20 -94.89 23.23
N GLY XB 252 -79.00 -94.35 22.99
CA GLY XB 252 -78.03 -94.15 24.04
C GLY XB 252 -77.69 -95.46 24.73
N PRO XB 253 -77.76 -95.47 26.05
CA PRO XB 253 -77.60 -96.70 26.83
C PRO XB 253 -78.92 -97.46 26.97
N SER XB 254 -79.65 -97.59 25.87
CA SER XB 254 -80.95 -98.25 25.88
C SER XB 254 -81.40 -98.47 24.46
N ILE XB 255 -82.39 -99.35 24.30
CA ILE XB 255 -83.04 -99.60 23.02
C ILE XB 255 -84.53 -99.43 23.25
N LYS XB 256 -85.17 -98.62 22.41
CA LYS XB 256 -86.61 -98.40 22.51
C LYS XB 256 -87.27 -98.83 21.21
N ILE XB 257 -88.26 -99.73 21.32
CA ILE XB 257 -88.95 -100.29 20.17
C ILE XB 257 -90.21 -99.47 19.93
N TRP XB 258 -90.58 -99.35 18.66
CA TRP XB 258 -91.82 -98.71 18.26
C TRP XB 258 -92.27 -99.31 16.94
N ASP XB 259 -93.56 -99.49 16.80
CA ASP XB 259 -94.05 -100.11 15.59
C ASP XB 259 -94.55 -99.05 14.62
N LEU XB 260 -94.21 -99.22 13.35
CA LEU XB 260 -94.56 -98.19 12.38
C LEU XB 260 -96.05 -98.09 12.17
N GLU XB 261 -96.81 -99.15 12.47
CA GLU XB 261 -98.26 -98.94 12.59
C GLU XB 261 -98.59 -98.54 14.03
N GLY XB 262 -98.00 -99.25 14.99
CA GLY XB 262 -98.26 -99.01 16.38
C GLY XB 262 -97.31 -97.95 16.87
N LYS XB 263 -97.58 -96.71 16.45
CA LYS XB 263 -96.59 -95.65 16.58
C LYS XB 263 -96.18 -95.43 18.04
N ILE XB 264 -97.02 -95.86 18.98
CA ILE XB 264 -96.63 -95.81 20.38
C ILE XB 264 -95.42 -96.72 20.59
N ILE XB 265 -94.56 -96.33 21.53
CA ILE XB 265 -93.36 -97.12 21.82
C ILE XB 265 -93.80 -98.53 22.20
N VAL XB 266 -93.38 -99.51 21.40
CA VAL XB 266 -93.70 -100.90 21.71
C VAL XB 266 -93.14 -101.28 23.07
N ASP XB 267 -91.87 -100.97 23.30
CA ASP XB 267 -91.26 -101.11 24.61
C ASP XB 267 -89.95 -100.35 24.59
N GLU XB 268 -89.39 -100.16 25.78
CA GLU XB 268 -88.05 -99.61 25.95
C GLU XB 268 -87.23 -100.72 26.60
N LEU XB 269 -86.06 -100.98 26.04
CA LEU XB 269 -85.19 -102.00 26.63
C LEU XB 269 -84.21 -101.30 27.55
N LYS XB 270 -84.68 -100.98 28.75
CA LYS XB 270 -83.86 -100.35 29.78
C LYS XB 270 -82.97 -101.43 30.39
N GLN XB 271 -81.67 -101.31 30.16
CA GLN XB 271 -80.73 -102.26 30.75
C GLN XB 271 -80.84 -102.23 32.26
N GLU XB 272 -80.70 -103.40 32.87
CA GLU XB 272 -80.68 -103.46 34.32
C GLU XB 272 -79.53 -102.61 34.85
N VAL XB 273 -79.85 -101.77 35.84
CA VAL XB 273 -78.89 -100.80 36.33
C VAL XB 273 -78.35 -101.28 37.67
N ILE XB 274 -78.35 -102.60 37.85
CA ILE XB 274 -78.00 -103.20 39.14
C ILE XB 274 -76.61 -102.76 39.56
N SER XB 275 -76.42 -102.62 40.88
CA SER XB 275 -75.19 -102.09 41.45
C SER XB 275 -74.88 -100.71 40.89
N THR XB 276 -75.78 -99.76 41.19
CA THR XB 276 -75.71 -98.41 40.66
C THR XB 276 -74.44 -97.69 41.10
N SER XB 277 -73.57 -97.38 40.13
CA SER XB 277 -72.36 -96.63 40.44
C SER XB 277 -72.66 -95.18 40.78
N SER XB 278 -73.69 -94.61 40.14
CA SER XB 278 -74.16 -93.24 40.31
C SER XB 278 -73.13 -92.20 39.88
N LYS XB 279 -71.98 -92.62 39.35
CA LYS XB 279 -71.01 -91.70 38.79
C LYS XB 279 -70.72 -91.98 37.32
N ALA XB 280 -71.15 -93.12 36.79
CA ALA XB 280 -70.75 -93.56 35.46
C ALA XB 280 -71.98 -93.66 34.57
N GLU XB 281 -71.76 -93.42 33.30
CA GLU XB 281 -72.82 -93.61 32.32
C GLU XB 281 -73.10 -95.09 32.15
N PRO XB 282 -74.37 -95.50 32.11
CA PRO XB 282 -74.66 -96.90 31.84
C PRO XB 282 -74.14 -97.30 30.47
N PRO XB 283 -73.75 -98.55 30.30
CA PRO XB 283 -73.06 -98.95 29.05
C PRO XB 283 -73.87 -98.60 27.83
N GLN XB 284 -73.21 -97.93 26.89
CA GLN XB 284 -73.86 -97.52 25.65
C GLN XB 284 -74.03 -98.73 24.74
N CYS XB 285 -75.27 -99.03 24.36
CA CYS XB 285 -75.55 -100.20 23.53
C CYS XB 285 -75.23 -99.86 22.08
N THR XB 286 -74.04 -100.25 21.62
CA THR XB 286 -73.58 -99.85 20.30
C THR XB 286 -74.27 -100.65 19.20
N SER XB 287 -74.05 -101.96 19.19
CA SER XB 287 -74.57 -102.82 18.15
C SER XB 287 -75.89 -103.45 18.57
N LEU XB 288 -76.70 -103.82 17.58
CA LEU XB 288 -77.96 -104.50 17.80
C LEU XB 288 -78.35 -105.21 16.52
N ALA XB 289 -78.86 -106.43 16.66
CA ALA XB 289 -79.26 -107.22 15.53
C ALA XB 289 -80.39 -108.15 15.94
N TRP XB 290 -81.00 -108.77 14.94
CA TRP XB 290 -82.15 -109.64 15.11
C TRP XB 290 -81.71 -111.09 15.09
N SER XB 291 -82.68 -111.99 15.21
CA SER XB 291 -82.44 -113.42 15.10
C SER XB 291 -82.92 -113.99 13.77
N ALA XB 292 -83.23 -113.12 12.81
CA ALA XB 292 -83.68 -113.50 11.47
C ALA XB 292 -85.03 -114.21 11.51
N ASP XB 293 -85.62 -114.34 12.69
CA ASP XB 293 -86.94 -114.95 12.83
C ASP XB 293 -87.83 -114.21 13.82
N GLY XB 294 -87.41 -113.04 14.29
CA GLY XB 294 -88.25 -112.22 15.16
C GLY XB 294 -88.56 -112.86 16.49
N GLN XB 295 -87.60 -113.57 17.08
CA GLN XB 295 -87.82 -114.28 18.33
C GLN XB 295 -87.01 -113.71 19.48
N THR XB 296 -85.76 -113.32 19.22
CA THR XB 296 -84.90 -112.80 20.26
C THR XB 296 -84.01 -111.69 19.70
N LEU XB 297 -83.55 -110.81 20.58
CA LEU XB 297 -82.81 -109.61 20.20
C LEU XB 297 -81.39 -109.69 20.70
N PHE XB 298 -80.44 -109.34 19.85
CA PHE XB 298 -79.02 -109.36 20.17
C PHE XB 298 -78.49 -107.95 20.12
N ALA XB 299 -78.10 -107.42 21.27
CA ALA XB 299 -77.75 -106.01 21.40
C ALA XB 299 -76.32 -105.90 21.95
N GLY XB 300 -75.42 -105.34 21.14
CA GLY XB 300 -74.05 -105.14 21.54
C GLY XB 300 -73.86 -103.81 22.22
N TYR XB 301 -73.04 -103.80 23.26
CA TYR XB 301 -72.85 -102.64 24.11
C TYR XB 301 -71.41 -102.15 24.05
N THR XB 302 -71.12 -101.17 24.91
CA THR XB 302 -69.75 -100.74 25.13
C THR XB 302 -69.00 -101.68 26.07
N ASP XB 303 -69.69 -102.58 26.73
CA ASP XB 303 -69.09 -103.35 27.81
C ASP XB 303 -68.50 -104.66 27.28
N ASN XB 304 -67.82 -105.37 28.18
CA ASN XB 304 -67.29 -106.69 27.87
C ASN XB 304 -68.40 -107.64 27.44
N LEU XB 305 -69.53 -107.60 28.15
CA LEU XB 305 -70.60 -108.56 27.97
C LEU XB 305 -71.60 -108.07 26.93
N VAL XB 306 -72.37 -109.02 26.39
CA VAL XB 306 -73.46 -108.76 25.47
C VAL XB 306 -74.68 -109.44 26.08
N ARG XB 307 -75.69 -108.66 26.43
CA ARG XB 307 -76.91 -109.25 26.96
C ARG XB 307 -77.95 -109.38 25.86
N VAL XB 308 -78.58 -110.55 25.79
CA VAL XB 308 -79.52 -110.88 24.74
C VAL XB 308 -80.93 -110.58 25.21
N TRP XB 309 -81.70 -109.90 24.37
CA TRP XB 309 -83.11 -109.66 24.66
C TRP XB 309 -83.98 -110.63 23.87
N GLN XB 310 -85.21 -110.82 24.35
CA GLN XB 310 -86.06 -111.88 23.83
C GLN XB 310 -87.52 -111.45 23.80
N VAL XB 311 -88.25 -112.05 22.88
CA VAL XB 311 -89.69 -111.83 22.75
C VAL XB 311 -90.39 -113.04 23.36
N THR XB 312 -91.05 -112.84 24.50
CA THR XB 312 -91.78 -113.90 25.17
C THR XB 312 -93.27 -113.77 24.87
N ILE XB 313 -93.84 -114.82 24.28
CA ILE XB 313 -95.24 -114.84 23.83
C ILE XB 313 -95.53 -113.63 22.92
N VAL YB 1 28.94 -57.39 -45.35
CA VAL YB 1 28.87 -57.93 -44.00
C VAL YB 1 27.43 -58.16 -43.59
N MET YB 2 26.50 -57.55 -44.32
CA MET YB 2 25.09 -57.63 -43.96
C MET YB 2 24.61 -59.08 -43.90
N ASP YB 3 25.06 -59.90 -44.84
CA ASP YB 3 24.55 -61.26 -44.98
C ASP YB 3 25.28 -62.27 -44.09
N VAL YB 4 26.27 -61.84 -43.32
CA VAL YB 4 27.05 -62.74 -42.48
C VAL YB 4 26.90 -62.43 -41.00
N ASN YB 5 27.12 -61.17 -40.60
CA ASN YB 5 26.97 -60.83 -39.19
C ASN YB 5 25.54 -61.02 -38.72
N THR YB 6 24.58 -60.52 -39.50
CA THR YB 6 23.17 -60.71 -39.15
C THR YB 6 22.77 -62.17 -39.22
N ALA YB 7 23.31 -62.92 -40.17
CA ALA YB 7 23.03 -64.35 -40.24
C ALA YB 7 23.51 -65.06 -38.99
N LEU YB 8 24.71 -64.72 -38.52
CA LEU YB 8 25.22 -65.31 -37.29
C LEU YB 8 24.39 -64.87 -36.09
N GLN YB 9 23.96 -63.61 -36.07
CA GLN YB 9 23.12 -63.13 -34.98
C GLN YB 9 21.82 -63.92 -34.91
N GLU YB 10 21.14 -64.08 -36.05
CA GLU YB 10 19.89 -64.83 -36.05
C GLU YB 10 20.14 -66.29 -35.69
N VAL YB 11 21.23 -66.88 -36.19
CA VAL YB 11 21.45 -68.29 -35.89
C VAL YB 11 21.73 -68.48 -34.40
N LEU YB 12 22.42 -67.54 -33.77
CA LEU YB 12 22.67 -67.70 -32.34
C LEU YB 12 21.41 -67.43 -31.53
N LYS YB 13 20.55 -66.53 -31.97
CA LYS YB 13 19.26 -66.36 -31.29
C LYS YB 13 18.43 -67.63 -31.40
N THR YB 14 18.32 -68.19 -32.61
CA THR YB 14 17.56 -69.42 -32.80
C THR YB 14 18.13 -70.54 -31.95
N ALA YB 15 19.46 -70.61 -31.85
CA ALA YB 15 20.07 -71.63 -31.00
C ALA YB 15 19.72 -71.42 -29.53
N LEU YB 16 19.92 -70.20 -29.01
CA LEU YB 16 19.63 -69.96 -27.61
C LEU YB 16 18.16 -70.17 -27.28
N ILE YB 17 17.27 -70.12 -28.27
CA ILE YB 17 15.87 -70.39 -28.01
C ILE YB 17 15.69 -71.81 -27.47
N HIS YB 18 16.31 -72.79 -28.13
CA HIS YB 18 16.13 -74.18 -27.72
C HIS YB 18 17.43 -74.97 -27.76
N ASP YB 19 18.56 -74.33 -27.49
CA ASP YB 19 19.83 -75.04 -27.44
C ASP YB 19 20.86 -74.19 -26.71
N GLY YB 20 21.47 -74.77 -25.70
CA GLY YB 20 22.51 -74.07 -24.96
C GLY YB 20 23.70 -73.76 -25.85
N LEU YB 21 24.24 -72.56 -25.72
CA LEU YB 21 25.35 -72.14 -26.55
C LEU YB 21 26.70 -72.51 -25.95
N ALA YB 22 26.70 -73.04 -24.73
CA ALA YB 22 27.91 -73.53 -24.07
C ALA YB 22 29.02 -72.47 -24.08
N ARG YB 23 28.63 -71.22 -23.83
CA ARG YB 23 29.59 -70.16 -23.62
C ARG YB 23 30.56 -70.50 -22.49
N GLY YB 24 31.83 -70.23 -22.71
CA GLY YB 24 32.86 -70.57 -21.74
C GLY YB 24 33.83 -71.59 -22.27
N ILE YB 25 35.11 -71.45 -21.93
CA ILE YB 25 36.13 -72.33 -22.48
C ILE YB 25 35.84 -73.78 -22.12
N ARG YB 26 35.41 -74.03 -20.89
CA ARG YB 26 35.09 -75.40 -20.49
C ARG YB 26 33.92 -75.93 -21.28
N GLU YB 27 32.83 -75.17 -21.33
CA GLU YB 27 31.61 -75.62 -21.98
C GLU YB 27 31.82 -75.81 -23.48
N ALA YB 28 32.35 -74.79 -24.16
CA ALA YB 28 32.58 -74.91 -25.60
C ALA YB 28 33.65 -75.93 -25.92
N ALA YB 29 34.65 -76.07 -25.06
CA ALA YB 29 35.70 -77.04 -25.33
C ALA YB 29 35.19 -78.46 -25.20
N LYS YB 30 34.48 -78.76 -24.12
CA LYS YB 30 33.86 -80.07 -23.99
C LYS YB 30 32.82 -80.23 -25.10
N ALA YB 31 32.31 -79.10 -25.55
CA ALA YB 31 31.43 -79.10 -26.68
C ALA YB 31 32.10 -79.64 -27.91
N LEU YB 32 33.14 -78.99 -28.37
CA LEU YB 32 33.79 -79.45 -29.58
C LEU YB 32 34.45 -80.82 -29.41
N ASP YB 33 34.87 -81.16 -28.18
CA ASP YB 33 35.45 -82.47 -27.93
C ASP YB 33 34.47 -83.55 -28.32
N LYS YB 34 33.20 -83.18 -28.39
CA LYS YB 34 32.27 -84.20 -28.83
C LYS YB 34 32.29 -83.91 -30.32
N ARG YB 35 32.61 -84.88 -31.18
CA ARG YB 35 32.63 -84.57 -32.61
C ARG YB 35 31.20 -84.49 -33.10
N GLN YB 36 30.42 -83.63 -32.45
CA GLN YB 36 29.04 -83.35 -32.80
C GLN YB 36 28.68 -81.87 -32.73
N ALA YB 37 29.52 -81.03 -32.13
CA ALA YB 37 29.21 -79.61 -32.01
C ALA YB 37 29.50 -78.89 -33.33
N HIS YB 38 28.56 -78.04 -33.74
CA HIS YB 38 28.69 -77.28 -34.98
C HIS YB 38 29.55 -76.03 -34.78
N LEU YB 39 29.46 -75.10 -35.73
CA LEU YB 39 30.29 -73.90 -35.76
C LEU YB 39 30.48 -73.30 -34.38
N CYS YB 40 31.73 -72.96 -34.04
CA CYS YB 40 32.04 -72.26 -32.81
C CYS YB 40 32.48 -70.85 -33.13
N VAL YB 41 32.46 -69.98 -32.12
CA VAL YB 41 32.73 -68.56 -32.31
C VAL YB 41 33.73 -68.06 -31.27
N LEU YB 42 34.75 -67.36 -31.73
CA LEU YB 42 35.76 -66.76 -30.86
C LEU YB 42 35.67 -65.25 -31.02
N ALA YB 43 35.96 -64.52 -29.95
CA ALA YB 43 36.15 -63.08 -30.02
C ALA YB 43 37.63 -62.73 -30.19
N SER YB 44 37.91 -61.80 -31.11
CA SER YB 44 39.30 -61.43 -31.40
C SER YB 44 39.97 -60.65 -30.27
N ASN YB 45 39.20 -60.06 -29.36
CA ASN YB 45 39.73 -59.08 -28.41
C ASN YB 45 40.53 -59.72 -27.27
N CYS YB 46 40.35 -61.02 -27.02
CA CYS YB 46 40.91 -61.64 -25.83
C CYS YB 46 42.42 -61.44 -25.78
N ASP YB 47 42.90 -61.04 -24.61
CA ASP YB 47 44.27 -60.56 -24.43
C ASP YB 47 45.27 -61.69 -24.19
N GLU YB 48 44.81 -62.90 -23.93
CA GLU YB 48 45.72 -64.01 -23.67
C GLU YB 48 45.97 -64.77 -24.96
N PRO YB 49 47.21 -65.08 -25.32
CA PRO YB 49 47.46 -65.80 -26.57
C PRO YB 49 47.17 -67.29 -26.49
N MET YB 50 47.40 -67.92 -25.34
CA MET YB 50 47.02 -69.32 -25.18
C MET YB 50 45.53 -69.50 -25.41
N TYR YB 51 44.76 -68.51 -24.96
CA TYR YB 51 43.34 -68.44 -25.28
C TYR YB 51 43.08 -68.73 -26.75
N VAL YB 52 43.66 -67.91 -27.63
CA VAL YB 52 43.37 -68.00 -29.05
C VAL YB 52 43.95 -69.27 -29.64
N LYS YB 53 45.18 -69.61 -29.28
CA LYS YB 53 45.82 -70.75 -29.94
C LYS YB 53 45.11 -72.05 -29.59
N LEU YB 54 44.74 -72.23 -28.32
CA LEU YB 54 44.02 -73.44 -27.93
C LEU YB 54 42.72 -73.59 -28.72
N VAL YB 55 41.92 -72.53 -28.79
CA VAL YB 55 40.61 -72.65 -29.39
C VAL YB 55 40.70 -72.82 -30.91
N GLU YB 56 41.62 -72.08 -31.57
CA GLU YB 56 41.74 -72.28 -33.01
C GLU YB 56 42.30 -73.67 -33.33
N ALA YB 57 43.23 -74.17 -32.53
CA ALA YB 57 43.68 -75.53 -32.71
C ALA YB 57 42.51 -76.50 -32.58
N LEU YB 58 41.67 -76.30 -31.56
CA LEU YB 58 40.52 -77.18 -31.38
C LEU YB 58 39.54 -77.11 -32.53
N CYS YB 59 39.26 -75.92 -33.05
CA CYS YB 59 38.36 -75.85 -34.20
C CYS YB 59 38.97 -76.52 -35.42
N ALA YB 60 40.19 -76.14 -35.78
CA ALA YB 60 40.76 -76.56 -37.04
C ALA YB 60 41.20 -78.02 -37.05
N GLU YB 61 41.40 -78.63 -35.88
CA GLU YB 61 42.03 -79.94 -35.86
C GLU YB 61 41.19 -80.99 -36.57
N HIS YB 62 39.92 -81.13 -36.18
CA HIS YB 62 39.13 -82.19 -36.79
C HIS YB 62 38.48 -81.75 -38.10
N GLN YB 63 37.45 -80.90 -38.02
CA GLN YB 63 36.92 -80.28 -39.22
C GLN YB 63 36.40 -78.86 -39.00
N ILE YB 64 36.38 -78.34 -37.78
CA ILE YB 64 35.53 -77.21 -37.47
C ILE YB 64 36.17 -75.92 -37.93
N ASN YB 65 35.36 -75.02 -38.49
CA ASN YB 65 35.80 -73.68 -38.80
C ASN YB 65 35.51 -72.75 -37.64
N LEU YB 66 36.26 -71.67 -37.56
CA LEU YB 66 36.07 -70.62 -36.56
C LEU YB 66 35.75 -69.32 -37.28
N ILE YB 67 34.59 -68.75 -36.96
CA ILE YB 67 34.17 -67.47 -37.51
C ILE YB 67 34.57 -66.36 -36.54
N LYS YB 68 35.34 -65.41 -37.05
CA LYS YB 68 35.84 -64.31 -36.25
C LYS YB 68 34.74 -63.32 -35.93
N VAL YB 69 34.78 -62.77 -34.70
CA VAL YB 69 33.93 -61.67 -34.30
C VAL YB 69 34.80 -60.62 -33.61
N ASP YB 70 34.24 -59.42 -33.46
CA ASP YB 70 35.06 -58.25 -33.12
C ASP YB 70 35.63 -58.35 -31.70
N ASP YB 71 34.76 -58.53 -30.71
CA ASP YB 71 35.21 -58.41 -29.33
C ASP YB 71 34.37 -59.29 -28.41
N ASN YB 72 34.88 -59.50 -27.20
CA ASN YB 72 34.21 -60.39 -26.26
C ASN YB 72 32.92 -59.77 -25.73
N LYS YB 73 32.90 -58.45 -25.51
CA LYS YB 73 31.72 -57.83 -24.93
C LYS YB 73 30.50 -57.94 -25.84
N LYS YB 74 30.64 -57.53 -27.12
CA LYS YB 74 29.51 -57.64 -28.03
C LYS YB 74 29.14 -59.09 -28.28
N LEU YB 75 30.14 -59.99 -28.24
CA LEU YB 75 29.83 -61.41 -28.35
C LEU YB 75 28.94 -61.86 -27.20
N GLY YB 76 29.25 -61.43 -25.98
CA GLY YB 76 28.39 -61.73 -24.85
C GLY YB 76 27.02 -61.11 -24.99
N GLU YB 77 26.95 -59.92 -25.57
CA GLU YB 77 25.66 -59.29 -25.82
C GLU YB 77 24.83 -60.12 -26.78
N TRP YB 78 25.46 -60.64 -27.83
CA TRP YB 78 24.74 -61.44 -28.81
C TRP YB 78 24.28 -62.77 -28.21
N VAL YB 79 25.18 -63.48 -27.53
CA VAL YB 79 24.81 -64.78 -26.97
C VAL YB 79 23.71 -64.66 -25.94
N GLY YB 80 23.61 -63.52 -25.27
CA GLY YB 80 22.59 -63.31 -24.26
C GLY YB 80 23.10 -63.26 -22.85
N LEU YB 81 24.42 -63.34 -22.64
CA LEU YB 81 24.96 -63.14 -21.31
C LEU YB 81 24.90 -61.64 -20.99
N CYS YB 82 23.69 -61.14 -20.77
CA CYS YB 82 23.43 -59.73 -20.55
C CYS YB 82 22.11 -59.60 -19.81
N LYS YB 83 21.94 -58.48 -19.13
CA LYS YB 83 20.69 -58.18 -18.42
C LYS YB 83 19.77 -57.46 -19.39
N ILE YB 84 18.73 -58.16 -19.86
CA ILE YB 84 17.76 -57.52 -20.74
C ILE YB 84 16.98 -56.51 -19.90
N ASP YB 85 17.16 -55.23 -20.21
CA ASP YB 85 16.50 -54.15 -19.49
C ASP YB 85 16.00 -53.06 -20.42
N ARG YB 86 16.46 -53.03 -21.67
CA ARG YB 86 16.11 -52.03 -22.66
C ARG YB 86 16.43 -50.63 -22.16
N GLU YB 87 15.62 -50.11 -21.23
CA GLU YB 87 15.92 -48.78 -20.71
C GLU YB 87 17.24 -48.77 -19.96
N GLY YB 88 17.52 -49.79 -19.17
CA GLY YB 88 18.76 -49.88 -18.42
C GLY YB 88 19.95 -50.19 -19.31
N LYS YB 89 21.01 -50.68 -18.67
CA LYS YB 89 22.24 -50.99 -19.38
C LYS YB 89 22.32 -52.48 -19.64
N PRO YB 90 22.21 -52.94 -20.88
CA PRO YB 90 22.28 -54.38 -21.16
C PRO YB 90 23.72 -54.87 -21.28
N ARG YB 91 24.62 -54.00 -21.72
CA ARG YB 91 25.97 -54.40 -22.09
C ARG YB 91 26.92 -54.52 -20.90
N LYS YB 92 26.46 -54.24 -19.68
CA LYS YB 92 27.38 -54.19 -18.54
C LYS YB 92 27.87 -55.56 -18.11
N VAL YB 93 27.36 -56.64 -18.68
CA VAL YB 93 27.84 -57.98 -18.36
C VAL YB 93 29.07 -58.27 -19.21
N VAL YB 94 30.17 -58.63 -18.54
CA VAL YB 94 31.39 -58.99 -19.26
C VAL YB 94 31.12 -60.21 -20.12
N GLY YB 95 31.47 -60.09 -21.41
CA GLY YB 95 31.09 -61.09 -22.39
C GLY YB 95 31.97 -62.33 -22.35
N CYS YB 96 31.48 -63.37 -23.02
CA CYS YB 96 32.22 -64.60 -23.19
C CYS YB 96 33.31 -64.43 -24.23
N SER YB 97 33.99 -65.52 -24.53
CA SER YB 97 34.91 -65.51 -25.65
C SER YB 97 34.66 -66.63 -26.64
N CYS YB 98 34.17 -67.78 -26.18
CA CYS YB 98 33.92 -68.90 -27.07
C CYS YB 98 32.52 -69.44 -26.84
N VAL YB 99 31.81 -69.64 -27.93
CA VAL YB 99 30.44 -70.11 -27.92
C VAL YB 99 30.30 -71.12 -29.06
N VAL YB 100 29.25 -71.94 -29.00
CA VAL YB 100 28.96 -72.88 -30.06
C VAL YB 100 27.46 -72.93 -30.30
N VAL YB 101 27.08 -73.05 -31.58
CA VAL YB 101 25.70 -73.21 -32.01
C VAL YB 101 25.52 -74.65 -32.45
N LYS YB 102 24.40 -75.26 -32.06
CA LYS YB 102 24.21 -76.68 -32.32
C LYS YB 102 22.78 -76.96 -32.78
N ASP YB 103 22.01 -75.91 -33.07
CA ASP YB 103 20.56 -76.06 -33.26
C ASP YB 103 20.14 -75.96 -34.72
N TYR YB 104 20.43 -74.84 -35.40
CA TYR YB 104 19.96 -74.60 -36.77
C TYR YB 104 18.49 -74.98 -36.94
N GLY YB 105 17.68 -74.57 -35.96
CA GLY YB 105 16.30 -75.03 -35.91
C GLY YB 105 15.47 -74.57 -37.10
N LYS YB 106 15.64 -73.32 -37.50
CA LYS YB 106 14.95 -72.76 -38.66
C LYS YB 106 15.99 -72.40 -39.71
N GLU YB 107 15.62 -72.51 -40.98
CA GLU YB 107 16.52 -72.29 -42.08
C GLU YB 107 16.10 -71.13 -42.97
N SER YB 108 15.39 -70.14 -42.40
CA SER YB 108 15.09 -68.94 -43.16
C SER YB 108 16.37 -68.20 -43.52
N GLN YB 109 17.34 -68.17 -42.60
CA GLN YB 109 18.63 -67.56 -42.88
C GLN YB 109 19.78 -68.51 -42.54
N ALA YB 110 19.50 -69.70 -41.99
CA ALA YB 110 20.57 -70.67 -41.81
C ALA YB 110 21.26 -71.00 -43.12
N LYS YB 111 20.56 -70.86 -44.25
CA LYS YB 111 21.25 -70.96 -45.53
C LYS YB 111 22.34 -69.92 -45.65
N ASP YB 112 22.13 -68.72 -45.10
CA ASP YB 112 23.18 -67.71 -45.13
C ASP YB 112 24.40 -68.15 -44.35
N VAL YB 113 24.21 -68.76 -43.18
CA VAL YB 113 25.39 -69.15 -42.44
C VAL YB 113 26.09 -70.30 -43.12
N ILE YB 114 25.38 -71.28 -43.68
CA ILE YB 114 26.08 -72.37 -44.35
C ILE YB 114 26.78 -71.86 -45.61
N GLU YB 115 26.23 -70.84 -46.25
CA GLU YB 115 26.95 -70.16 -47.32
C GLU YB 115 28.21 -69.50 -46.80
N GLU YB 116 28.16 -68.91 -45.60
CA GLU YB 116 29.36 -68.36 -44.98
C GLU YB 116 30.42 -69.43 -44.78
N TYR YB 117 30.00 -70.59 -44.27
CA TYR YB 117 30.95 -71.69 -44.09
C TYR YB 117 31.53 -72.11 -45.44
N PHE YB 118 30.69 -72.18 -46.46
CA PHE YB 118 31.17 -72.55 -47.79
C PHE YB 118 32.22 -71.58 -48.29
N LYS YB 119 31.91 -70.28 -48.27
CA LYS YB 119 32.82 -69.30 -48.85
C LYS YB 119 34.10 -69.14 -48.05
N CYS YB 120 34.05 -69.27 -46.72
CA CYS YB 120 35.28 -69.21 -45.95
C CYS YB 120 36.11 -70.48 -46.11
N LYS YB 121 35.46 -71.64 -46.18
CA LYS YB 121 36.16 -72.89 -46.44
C LYS YB 121 36.75 -72.94 -47.84
N LYS YB 122 36.26 -72.11 -48.76
CA LYS YB 122 36.87 -71.99 -50.07
C LYS YB 122 38.14 -71.16 -49.97
N ARG ZB 1 -9.79 -120.86 68.32
CA ARG ZB 1 -9.33 -121.55 67.12
C ARG ZB 1 -7.87 -121.21 66.84
N ASP ZB 2 -6.98 -122.17 67.07
CA ASP ZB 2 -5.58 -122.00 66.72
C ASP ZB 2 -5.11 -123.02 65.68
N LYS ZB 3 -5.32 -124.32 65.93
CA LYS ZB 3 -4.81 -125.32 65.00
C LYS ZB 3 -5.39 -126.69 65.35
N LEU ZB 4 -5.71 -127.46 64.32
CA LEU ZB 4 -6.08 -128.86 64.44
C LEU ZB 4 -5.10 -129.79 63.74
N ASN ZB 5 -4.80 -129.52 62.47
CA ASN ZB 5 -3.74 -130.15 61.68
C ASN ZB 5 -3.69 -131.67 61.84
N ASN ZB 6 -4.84 -132.33 61.85
CA ASN ZB 6 -4.88 -133.75 62.17
C ASN ZB 6 -5.86 -134.51 61.28
N LEU ZB 7 -5.36 -135.08 60.18
CA LEU ZB 7 -6.03 -136.19 59.51
C LEU ZB 7 -4.98 -136.94 58.69
N VAL ZB 8 -4.51 -138.05 59.24
CA VAL ZB 8 -3.62 -138.96 58.52
C VAL ZB 8 -4.11 -140.38 58.78
N LEU ZB 9 -4.99 -140.86 57.91
CA LEU ZB 9 -5.32 -142.29 57.85
C LEU ZB 9 -5.73 -142.81 59.22
N PHE ZB 10 -6.88 -142.31 59.68
CA PHE ZB 10 -7.33 -142.46 61.06
C PHE ZB 10 -7.10 -143.87 61.59
N ASP ZB 11 -6.71 -143.94 62.85
CA ASP ZB 11 -6.18 -145.18 63.41
C ASP ZB 11 -7.32 -146.14 63.76
N LYS ZB 12 -6.93 -147.32 64.23
CA LYS ZB 12 -7.88 -148.37 64.56
C LYS ZB 12 -8.87 -147.90 65.62
N ALA ZB 13 -8.36 -147.25 66.67
CA ALA ZB 13 -9.23 -146.80 67.76
C ALA ZB 13 -10.20 -145.72 67.32
N THR ZB 14 -9.85 -144.94 66.30
CA THR ZB 14 -10.83 -144.00 65.74
C THR ZB 14 -11.73 -144.70 64.74
N TYR ZB 15 -11.16 -145.64 63.97
CA TYR ZB 15 -11.92 -146.38 62.97
C TYR ZB 15 -13.09 -147.10 63.61
N ASP ZB 16 -12.85 -147.80 64.72
CA ASP ZB 16 -13.91 -148.60 65.33
C ASP ZB 16 -15.06 -147.72 65.81
N LYS ZB 17 -14.76 -146.63 66.51
CA LYS ZB 17 -15.84 -145.81 67.03
C LYS ZB 17 -16.55 -145.07 65.92
N LEU ZB 18 -15.83 -144.70 64.85
CA LEU ZB 18 -16.52 -144.13 63.70
C LEU ZB 18 -17.50 -145.15 63.12
N CYS ZB 19 -17.08 -146.40 63.01
CA CYS ZB 19 -18.02 -147.39 62.48
C CYS ZB 19 -19.16 -147.67 63.45
N LYS ZB 20 -18.95 -147.46 64.74
CA LYS ZB 20 -19.96 -147.83 65.73
C LYS ZB 20 -20.86 -146.68 66.17
N GLU ZB 21 -20.57 -145.44 65.77
CA GLU ZB 21 -21.39 -144.34 66.24
C GLU ZB 21 -21.93 -143.46 65.11
N VAL ZB 22 -21.15 -143.26 64.06
CA VAL ZB 22 -21.61 -142.45 62.94
C VAL ZB 22 -22.84 -143.04 62.26
N PRO ZB 23 -22.93 -144.36 61.99
CA PRO ZB 23 -24.17 -144.88 61.41
C PRO ZB 23 -25.36 -144.81 62.35
N ASN ZB 24 -25.18 -144.24 63.53
CA ASN ZB 24 -26.25 -144.11 64.50
C ASN ZB 24 -26.87 -142.72 64.57
N TYR ZB 25 -26.10 -141.66 64.30
CA TYR ZB 25 -26.65 -140.33 64.13
C TYR ZB 25 -26.65 -140.02 62.64
N LYS ZB 26 -27.82 -139.63 62.12
CA LYS ZB 26 -28.05 -139.65 60.67
C LYS ZB 26 -27.49 -138.43 59.96
N LEU ZB 27 -26.99 -137.43 60.67
CA LEU ZB 27 -26.27 -136.36 60.01
C LEU ZB 27 -24.86 -136.82 59.66
N ILE ZB 28 -24.64 -137.31 58.45
CA ILE ZB 28 -23.31 -137.70 58.04
C ILE ZB 28 -22.99 -136.99 56.73
N THR ZB 29 -22.31 -135.86 56.82
CA THR ZB 29 -21.63 -135.20 55.72
C THR ZB 29 -20.16 -135.15 56.14
N PRO ZB 30 -19.23 -135.13 55.17
CA PRO ZB 30 -17.82 -135.08 55.58
C PRO ZB 30 -17.52 -133.90 56.48
N ALA ZB 31 -18.25 -132.80 56.31
CA ALA ZB 31 -18.03 -131.63 57.17
C ALA ZB 31 -18.38 -131.92 58.61
N VAL ZB 32 -19.52 -132.58 58.85
CA VAL ZB 32 -19.97 -132.77 60.22
C VAL ZB 32 -19.02 -133.70 60.97
N VAL ZB 33 -18.58 -134.77 60.33
CA VAL ZB 33 -17.63 -135.66 61.00
C VAL ZB 33 -16.28 -134.99 61.12
N SER ZB 34 -15.87 -134.22 60.11
CA SER ZB 34 -14.59 -133.53 60.18
C SER ZB 34 -14.53 -132.62 61.39
N GLU ZB 35 -15.61 -131.88 61.64
CA GLU ZB 35 -15.70 -131.11 62.87
C GLU ZB 35 -15.76 -132.02 64.08
N ARG ZB 36 -16.46 -133.14 63.99
CA ARG ZB 36 -16.72 -133.97 65.16
C ARG ZB 36 -15.46 -134.64 65.68
N LEU ZB 37 -14.84 -135.52 64.91
CA LEU ZB 37 -13.72 -136.22 65.53
C LEU ZB 37 -12.42 -135.44 65.43
N LYS ZB 38 -11.76 -135.49 64.29
CA LYS ZB 38 -10.59 -134.64 64.06
C LYS ZB 38 -10.33 -134.36 62.59
N ILE ZB 39 -11.16 -134.84 61.69
CA ILE ZB 39 -10.72 -135.19 60.34
C ILE ZB 39 -10.65 -133.93 59.48
N ARG ZB 40 -9.72 -133.94 58.51
CA ARG ZB 40 -9.63 -132.85 57.53
C ARG ZB 40 -10.85 -132.81 56.62
N GLY ZB 41 -11.23 -133.94 56.04
CA GLY ZB 41 -12.43 -133.97 55.24
C GLY ZB 41 -12.31 -134.76 53.96
N SER ZB 42 -11.12 -134.74 53.35
CA SER ZB 42 -10.91 -135.57 52.17
C SER ZB 42 -11.04 -137.04 52.50
N LEU ZB 43 -10.30 -137.50 53.51
CA LEU ZB 43 -10.43 -138.88 53.92
C LEU ZB 43 -11.72 -139.11 54.67
N ALA ZB 44 -12.33 -138.06 55.22
CA ALA ZB 44 -13.71 -138.19 55.68
C ALA ZB 44 -14.59 -138.69 54.56
N ARG ZB 45 -14.55 -138.03 53.40
CA ARG ZB 45 -15.39 -138.45 52.30
C ARG ZB 45 -14.92 -139.78 51.74
N ALA ZB 46 -13.62 -140.10 51.84
CA ALA ZB 46 -13.15 -141.41 51.42
C ALA ZB 46 -13.79 -142.52 52.25
N ALA ZB 47 -13.70 -142.41 53.57
CA ALA ZB 47 -14.35 -143.37 54.45
C ALA ZB 47 -15.86 -143.35 54.28
N LEU ZB 48 -16.40 -142.21 53.86
CA LEU ZB 48 -17.85 -142.12 53.67
C LEU ZB 48 -18.28 -142.93 52.45
N GLN ZB 49 -17.56 -142.80 51.34
CA GLN ZB 49 -17.84 -143.70 50.22
C GLN ZB 49 -17.56 -145.14 50.59
N GLU ZB 50 -16.61 -145.36 51.51
CA GLU ZB 50 -16.38 -146.72 51.99
C GLU ZB 50 -17.61 -147.27 52.69
N LEU ZB 51 -18.19 -146.47 53.59
CA LEU ZB 51 -19.42 -146.86 54.26
C LEU ZB 51 -20.55 -147.06 53.26
N LEU ZB 52 -20.61 -146.21 52.24
CA LEU ZB 52 -21.61 -146.37 51.20
C LEU ZB 52 -21.44 -147.70 50.48
N SER ZB 53 -20.19 -148.06 50.16
CA SER ZB 53 -19.92 -149.35 49.54
C SER ZB 53 -20.33 -150.49 50.45
N LYS ZB 54 -20.09 -150.36 51.75
CA LYS ZB 54 -20.66 -151.30 52.70
C LYS ZB 54 -22.18 -151.30 52.59
N GLY ZB 55 -22.79 -150.13 52.53
CA GLY ZB 55 -24.22 -150.03 52.36
C GLY ZB 55 -25.02 -149.90 53.63
N LEU ZB 56 -24.37 -149.65 54.76
CA LEU ZB 56 -25.08 -149.36 56.00
C LEU ZB 56 -25.37 -147.87 56.16
N ILE ZB 57 -25.05 -147.07 55.15
CA ILE ZB 57 -25.45 -145.67 55.09
C ILE ZB 57 -26.10 -145.45 53.72
N LYS ZB 58 -27.07 -144.53 53.67
CA LYS ZB 58 -27.70 -144.15 52.41
C LYS ZB 58 -27.32 -142.72 51.99
N LEU ZB 59 -26.79 -142.61 50.78
CA LEU ZB 59 -26.50 -141.35 50.15
C LEU ZB 59 -27.78 -140.81 49.52
N VAL ZB 60 -28.03 -139.51 49.72
CA VAL ZB 60 -29.23 -138.88 49.22
C VAL ZB 60 -28.92 -137.67 48.32
N SER ZB 61 -27.91 -136.88 48.68
CA SER ZB 61 -27.64 -135.64 47.93
C SER ZB 61 -26.94 -135.90 46.60
N LYS ZB 62 -25.71 -136.41 46.65
CA LYS ZB 62 -24.88 -136.65 45.47
C LYS ZB 62 -24.73 -135.37 44.63
N HIS ZB 63 -24.06 -134.40 45.23
CA HIS ZB 63 -23.73 -133.16 44.56
C HIS ZB 63 -22.26 -132.85 44.74
N ARG ZB 64 -21.71 -132.09 43.78
CA ARG ZB 64 -20.31 -131.71 43.82
C ARG ZB 64 -20.00 -131.03 45.14
N ALA ZB 65 -20.84 -130.07 45.50
CA ALA ZB 65 -20.61 -129.28 46.69
C ALA ZB 65 -21.07 -129.97 47.97
N GLN ZB 66 -22.08 -130.82 47.90
CA GLN ZB 66 -22.66 -131.41 49.10
C GLN ZB 66 -22.91 -132.89 48.88
N VAL ZB 67 -22.37 -133.71 49.77
CA VAL ZB 67 -22.75 -135.11 49.89
C VAL ZB 67 -23.12 -135.37 51.33
N ILE ZB 68 -24.39 -135.69 51.56
CA ILE ZB 68 -24.90 -135.93 52.91
C ILE ZB 68 -25.57 -137.30 52.92
N TYR ZB 69 -25.23 -138.10 53.91
CA TYR ZB 69 -25.75 -139.45 54.05
C TYR ZB 69 -26.72 -139.52 55.24
N THR ZB 70 -27.25 -140.72 55.47
CA THR ZB 70 -28.25 -140.93 56.50
C THR ZB 70 -28.18 -142.38 56.96
N ARG ZB 71 -28.56 -142.60 58.22
CA ARG ZB 71 -28.68 -143.94 58.82
C ARG ZB 71 -29.71 -144.81 58.05
N ASN ZB 72 -29.67 -146.11 58.29
CA ASN ZB 72 -30.69 -147.00 57.72
C ASN ZB 72 -32.08 -146.82 58.29
N THR ZB 73 -33.06 -147.33 57.53
CA THR ZB 73 -34.44 -147.21 57.97
C THR ZB 73 -34.64 -148.14 59.16
N LYS ZB 74 -35.32 -147.65 60.17
CA LYS ZB 74 -35.59 -148.45 61.34
C LYS ZB 74 -37.02 -148.95 61.29
N GLY ZB 75 -37.30 -150.02 62.03
CA GLY ZB 75 -38.63 -150.61 62.05
C GLY ZB 75 -38.81 -151.71 61.02
N TYR AC 1 25.47 -71.57 21.70
CA TYR AC 1 25.97 -70.42 22.44
C TYR AC 1 27.01 -70.84 23.47
N THR AC 2 27.06 -72.13 23.77
CA THR AC 2 28.06 -72.68 24.68
C THR AC 2 29.42 -72.82 24.03
N THR AC 3 29.52 -72.59 22.72
CA THR AC 3 30.76 -72.42 21.97
C THR AC 3 31.76 -73.54 22.24
N PRO AC 4 31.52 -74.75 21.75
CA PRO AC 4 32.51 -75.82 21.93
C PRO AC 4 33.58 -75.83 20.85
N LYS AC 5 33.26 -75.30 19.67
CA LYS AC 5 34.21 -75.27 18.56
C LYS AC 5 34.31 -73.91 17.88
N LYS AC 6 33.42 -72.96 18.20
CA LYS AC 6 33.48 -71.54 17.83
C LYS AC 6 33.23 -71.29 16.34
N ASN AC 7 33.23 -72.34 15.53
CA ASN AC 7 32.86 -72.26 14.13
C ASN AC 7 32.94 -73.61 13.45
N LYS AC 8 32.14 -73.80 12.39
CA LYS AC 8 32.31 -74.92 11.47
C LYS AC 8 32.06 -74.32 10.08
N HIS AC 9 33.11 -73.78 9.47
CA HIS AC 9 32.95 -73.07 8.21
C HIS AC 9 33.10 -74.01 7.03
N LYS AC 10 32.75 -73.52 5.85
CA LYS AC 10 32.62 -74.38 4.69
C LYS AC 10 33.87 -74.33 3.82
N ARG AC 11 34.11 -75.45 3.12
CA ARG AC 11 35.14 -75.51 2.09
C ARG AC 11 34.86 -74.46 1.03
N LYS AC 12 35.89 -73.73 0.65
CA LYS AC 12 35.77 -72.73 -0.40
C LYS AC 12 36.51 -73.21 -1.64
N LYS AC 13 36.33 -72.50 -2.74
CA LYS AC 13 36.90 -72.87 -4.03
C LYS AC 13 38.31 -72.31 -4.17
N VAL AC 14 39.16 -73.04 -4.89
CA VAL AC 14 40.52 -72.57 -5.11
C VAL AC 14 40.55 -71.49 -6.18
N LYS AC 15 39.53 -71.43 -7.03
CA LYS AC 15 39.31 -70.33 -7.97
C LYS AC 15 40.48 -70.18 -8.95
N LEU AC 16 40.71 -71.26 -9.70
CA LEU AC 16 41.69 -71.21 -10.78
C LEU AC 16 41.04 -70.60 -12.02
N ALA AC 17 41.67 -69.56 -12.54
CA ALA AC 17 41.07 -68.74 -13.60
C ALA AC 17 41.32 -69.27 -15.00
N VAL AC 18 41.92 -70.46 -15.14
CA VAL AC 18 42.13 -71.06 -16.46
C VAL AC 18 41.84 -72.54 -16.28
N LEU AC 19 42.05 -73.35 -17.33
CA LEU AC 19 42.03 -74.80 -17.20
C LEU AC 19 43.43 -75.40 -17.38
N LYS AC 20 44.08 -75.11 -18.50
CA LYS AC 20 45.36 -75.72 -18.88
C LYS AC 20 45.31 -77.24 -18.66
N TYR AC 21 44.39 -77.87 -19.38
CA TYR AC 21 44.20 -79.31 -19.30
C TYR AC 21 44.87 -80.06 -20.43
N TYR AC 22 45.59 -79.37 -21.32
CA TYR AC 22 46.31 -80.03 -22.40
C TYR AC 22 47.29 -79.05 -23.05
N LYS AC 23 48.16 -79.61 -23.88
CA LYS AC 23 49.17 -78.87 -24.61
C LYS AC 23 49.00 -79.11 -26.09
N VAL AC 24 49.42 -78.16 -26.91
CA VAL AC 24 49.33 -78.26 -28.36
C VAL AC 24 50.71 -78.02 -28.95
N ASP AC 25 51.15 -78.94 -29.81
CA ASP AC 25 52.48 -78.87 -30.41
C ASP AC 25 52.35 -78.96 -31.92
N GLU AC 26 53.51 -78.87 -32.58
CA GLU AC 26 53.65 -78.92 -34.04
C GLU AC 26 52.51 -78.16 -34.73
N ASN AC 27 52.43 -76.87 -34.41
CA ASN AC 27 51.40 -75.97 -34.89
C ASN AC 27 50.00 -76.41 -34.49
N GLY AC 28 49.87 -77.01 -33.30
CA GLY AC 28 48.56 -77.35 -32.79
C GLY AC 28 48.19 -78.81 -32.89
N LYS AC 29 48.20 -79.50 -31.76
CA LYS AC 29 47.78 -80.90 -31.68
C LYS AC 29 47.33 -81.18 -30.26
N ILE AC 30 46.11 -81.69 -30.11
CA ILE AC 30 45.59 -81.96 -28.78
C ILE AC 30 46.40 -83.06 -28.10
N SER AC 31 46.84 -82.78 -26.87
CA SER AC 31 47.56 -83.76 -26.07
C SER AC 31 47.00 -83.69 -24.66
N ARG AC 32 46.01 -84.55 -24.37
CA ARG AC 32 45.39 -84.56 -23.06
C ARG AC 32 46.43 -84.80 -21.98
N LEU AC 33 46.13 -84.34 -20.77
CA LEU AC 33 47.01 -84.59 -19.64
C LEU AC 33 46.48 -85.66 -18.70
N ARG AC 34 45.20 -86.00 -18.78
CA ARG AC 34 44.62 -87.11 -18.03
C ARG AC 34 43.79 -87.94 -18.97
N ARG AC 35 43.69 -89.24 -18.67
CA ARG AC 35 42.94 -90.14 -19.53
C ARG AC 35 41.46 -89.78 -19.50
N GLU AC 36 40.69 -90.46 -20.33
CA GLU AC 36 39.24 -90.28 -20.35
C GLU AC 36 38.56 -91.32 -19.46
N CYS AC 37 37.49 -90.89 -18.81
CA CYS AC 37 36.69 -91.82 -18.01
C CYS AC 37 35.93 -92.76 -18.93
N PRO AC 38 36.18 -94.06 -18.86
CA PRO AC 38 35.48 -95.01 -19.74
C PRO AC 38 33.98 -95.05 -19.56
N SER AC 39 33.42 -94.30 -18.61
CA SER AC 39 31.98 -94.33 -18.38
C SER AC 39 31.23 -93.91 -19.63
N ASP AC 40 30.17 -94.66 -19.95
CA ASP AC 40 29.43 -94.44 -21.18
C ASP AC 40 28.87 -93.02 -21.26
N GLU AC 41 28.46 -92.46 -20.13
CA GLU AC 41 27.94 -91.09 -20.13
C GLU AC 41 29.00 -90.10 -20.59
N CYS AC 42 30.23 -90.24 -20.09
CA CYS AC 42 31.33 -89.41 -20.55
C CYS AC 42 32.32 -90.21 -21.39
N GLY AC 43 31.83 -91.19 -22.14
CA GLY AC 43 32.69 -91.95 -23.03
C GLY AC 43 33.38 -91.06 -24.03
N ALA AC 44 34.72 -91.11 -24.04
CA ALA AC 44 35.53 -90.19 -24.84
C ALA AC 44 35.16 -88.73 -24.55
N GLY AC 45 34.69 -88.48 -23.33
CA GLY AC 45 34.07 -87.21 -23.01
C GLY AC 45 34.86 -86.30 -22.09
N VAL AC 46 34.32 -86.06 -20.89
CA VAL AC 46 34.81 -85.00 -20.02
C VAL AC 46 36.06 -85.46 -19.29
N PHE AC 47 36.82 -84.52 -18.75
CA PHE AC 47 38.15 -84.79 -18.23
C PHE AC 47 38.06 -85.53 -16.89
N MET AC 48 39.23 -85.88 -16.37
CA MET AC 48 39.36 -86.95 -15.39
C MET AC 48 40.44 -86.55 -14.39
N ALA AC 49 40.15 -86.70 -13.10
CA ALA AC 49 41.00 -86.11 -12.06
C ALA AC 49 42.23 -86.96 -11.80
N SER AC 50 43.40 -86.32 -11.81
CA SER AC 50 44.66 -86.96 -11.46
C SER AC 50 45.00 -86.57 -10.03
N HIS AC 51 44.90 -87.53 -9.12
CA HIS AC 51 45.24 -87.30 -7.73
C HIS AC 51 46.73 -87.47 -7.52
N PHE AC 52 47.16 -87.54 -6.26
CA PHE AC 52 48.57 -87.82 -5.97
C PHE AC 52 48.96 -89.20 -6.50
N ASP AC 53 48.11 -90.18 -6.32
CA ASP AC 53 48.34 -91.50 -6.88
C ASP AC 53 47.14 -92.02 -7.65
N ARG AC 54 45.93 -91.77 -7.17
CA ARG AC 54 44.77 -92.35 -7.80
C ARG AC 54 44.24 -91.43 -8.89
N HIS AC 55 43.16 -91.88 -9.54
CA HIS AC 55 42.62 -91.15 -10.69
C HIS AC 55 41.10 -91.27 -10.58
N TYR AC 56 40.43 -90.13 -10.47
CA TYR AC 56 39.05 -90.06 -9.97
C TYR AC 56 38.15 -89.33 -10.95
N CYS AC 57 36.97 -89.92 -11.23
CA CYS AC 57 35.98 -89.29 -12.09
C CYS AC 57 34.86 -88.71 -11.25
N GLY AC 58 34.56 -87.44 -11.48
CA GLY AC 58 33.53 -86.76 -10.72
C GLY AC 58 32.14 -87.29 -10.95
N LYS AC 59 31.70 -87.32 -12.22
CA LYS AC 59 30.31 -87.68 -12.50
C LYS AC 59 30.02 -89.12 -12.09
N CYS AC 60 30.58 -90.09 -12.80
CA CYS AC 60 30.22 -91.48 -12.58
C CYS AC 60 30.80 -92.02 -11.29
N CYS AC 61 31.71 -91.27 -10.66
CA CYS AC 61 32.17 -91.53 -9.30
C CYS AC 61 32.87 -92.89 -9.21
N LEU AC 62 33.80 -93.08 -10.14
CA LEU AC 62 34.70 -94.22 -10.09
C LEU AC 62 36.10 -93.74 -9.75
N THR AC 63 36.96 -94.68 -9.41
CA THR AC 63 38.34 -94.35 -9.10
C THR AC 63 39.24 -95.51 -9.47
N TYR AC 64 40.24 -95.23 -10.29
CA TYR AC 64 41.26 -96.22 -10.64
C TYR AC 64 42.57 -95.79 -10.01
N CYS AC 65 43.20 -96.71 -9.29
CA CYS AC 65 44.47 -96.48 -8.64
C CYS AC 65 45.56 -97.19 -9.43
N PHE AC 66 46.79 -96.65 -9.34
CA PHE AC 66 47.94 -97.30 -9.99
C PHE AC 66 48.70 -98.10 -8.93
N ASN AC 67 48.09 -99.20 -8.52
CA ASN AC 67 48.72 -100.11 -7.58
C ASN AC 67 49.47 -101.20 -8.32
N ASN CC 1 44.60 25.68 53.02
CA ASN CC 1 43.33 25.66 53.73
C ASN CC 1 42.30 26.55 53.05
N PHE CC 2 41.77 26.07 51.93
CA PHE CC 2 40.80 26.84 51.16
C PHE CC 2 39.50 26.06 51.01
N THR CC 3 38.53 26.64 50.30
CA THR CC 3 37.21 26.06 50.16
C THR CC 3 37.24 24.89 49.18
N VAL CC 4 36.06 24.31 48.94
CA VAL CC 4 36.00 23.04 48.23
C VAL CC 4 36.10 23.18 46.72
N ASP CC 5 35.59 24.28 46.15
CA ASP CC 5 35.49 24.41 44.70
C ASP CC 5 36.63 25.18 44.06
N GLN CC 6 37.54 25.75 44.85
CA GLN CC 6 38.68 26.44 44.25
C GLN CC 6 39.73 25.46 43.72
N ILE CC 7 39.59 24.17 44.03
CA ILE CC 7 40.45 23.16 43.40
C ILE CC 7 40.31 23.26 41.91
N ARG CC 8 39.16 23.74 41.44
CA ARG CC 8 38.99 23.92 40.00
C ARG CC 8 40.08 24.79 39.44
N ALA CC 9 40.24 26.01 39.97
CA ALA CC 9 41.06 27.03 39.31
C ALA CC 9 42.50 26.56 39.10
N ILE CC 10 43.04 25.80 40.04
CA ILE CC 10 44.43 25.36 39.95
C ILE CC 10 44.51 24.03 39.22
N MET CC 11 43.52 23.18 39.44
CA MET CC 11 43.39 21.85 38.91
C MET CC 11 43.16 21.83 37.40
N ASP CC 12 42.57 22.88 36.82
CA ASP CC 12 42.54 22.99 35.37
C ASP CC 12 43.71 23.82 34.87
N LYS CC 13 44.35 24.58 35.75
CA LYS CC 13 45.53 25.36 35.40
C LYS CC 13 46.67 24.38 35.12
N LYS CC 14 46.80 24.03 33.86
CA LYS CC 14 47.73 22.99 33.42
C LYS CC 14 49.15 23.33 33.82
N ALA CC 15 49.99 22.29 33.86
CA ALA CC 15 51.42 22.42 34.13
C ALA CC 15 51.70 23.01 35.52
N ASN CC 16 50.71 22.97 36.40
CA ASN CC 16 50.88 23.44 37.77
C ASN CC 16 50.58 22.38 38.82
N ILE CC 17 49.71 21.41 38.53
CA ILE CC 17 49.50 20.32 39.46
C ILE CC 17 50.73 19.42 39.48
N ARG CC 18 50.94 18.74 40.61
CA ARG CC 18 52.01 17.76 40.73
C ARG CC 18 51.45 16.50 41.38
N ASN CC 19 51.70 15.37 40.76
CA ASN CC 19 51.19 14.08 41.22
C ASN CC 19 52.37 13.25 41.70
N MET CC 20 52.36 12.91 42.98
CA MET CC 20 53.40 12.07 43.55
C MET CC 20 52.88 10.78 44.16
N SER CC 21 53.77 9.78 44.22
CA SER CC 21 53.55 8.55 44.94
C SER CC 21 54.80 8.22 45.73
N VAL CC 22 54.65 8.12 47.05
CA VAL CC 22 55.77 7.80 47.93
C VAL CC 22 55.91 6.28 48.01
N ILE CC 23 57.12 5.80 47.80
CA ILE CC 23 57.38 4.36 47.75
C ILE CC 23 58.64 4.06 48.55
N ALA CC 24 58.56 3.02 49.37
CA ALA CC 24 59.64 2.70 50.29
C ALA CC 24 59.47 1.28 50.78
N HIS CC 25 60.47 0.80 51.51
CA HIS CC 25 60.34 -0.45 52.25
C HIS CC 25 59.39 -0.25 53.43
N VAL CC 26 59.03 -1.36 54.07
CA VAL CC 26 58.05 -1.32 55.14
C VAL CC 26 58.53 -0.43 56.28
N ASP CC 27 57.56 0.17 56.98
CA ASP CC 27 57.79 0.95 58.20
C ASP CC 27 58.84 2.03 58.04
N HIS CC 28 59.12 2.45 56.79
CA HIS CC 28 60.21 3.38 56.53
C HIS CC 28 59.80 4.83 56.65
N GLY CC 29 58.77 5.13 57.43
CA GLY CC 29 58.40 6.51 57.65
C GLY CC 29 57.60 7.11 56.52
N LYS CC 30 57.15 6.29 55.57
CA LYS CC 30 56.22 6.78 54.56
C LYS CC 30 55.06 7.50 55.20
N SER CC 31 54.43 6.85 56.19
CA SER CC 31 53.37 7.51 56.94
C SER CC 31 53.90 8.75 57.67
N THR CC 32 55.07 8.63 58.32
CA THR CC 32 55.60 9.76 59.07
C THR CC 32 55.97 10.92 58.14
N LEU CC 33 56.61 10.62 57.01
CA LEU CC 33 56.99 11.68 56.08
C LEU CC 33 55.76 12.35 55.48
N THR CC 34 54.77 11.55 55.07
CA THR CC 34 53.57 12.13 54.49
C THR CC 34 52.78 12.93 55.53
N ASP CC 35 52.84 12.52 56.79
CA ASP CC 35 52.21 13.30 57.85
C ASP CC 35 52.94 14.63 58.06
N SER CC 36 54.26 14.60 57.97
CA SER CC 36 55.00 15.86 57.97
C SER CC 36 54.56 16.74 56.81
N LEU CC 37 54.31 16.13 55.66
CA LEU CC 37 53.81 16.88 54.51
C LEU CC 37 52.46 17.52 54.79
N VAL CC 38 51.54 16.75 55.39
CA VAL CC 38 50.17 17.23 55.52
C VAL CC 38 50.03 18.22 56.66
N CYS CC 39 50.90 18.13 57.67
CA CYS CC 39 50.74 18.96 58.86
C CYS CC 39 50.78 20.44 58.52
N LYS CC 40 51.92 20.94 58.03
CA LYS CC 40 52.03 22.36 57.77
C LYS CC 40 51.07 22.80 56.67
N ALA CC 41 51.05 22.08 55.55
CA ALA CC 41 50.32 22.51 54.37
C ALA CC 41 48.84 22.15 54.50
N GLY CC 42 48.12 22.24 53.39
CA GLY CC 42 46.73 21.84 53.33
C GLY CC 42 45.88 22.69 52.41
N ILE CC 43 45.14 22.03 51.52
CA ILE CC 43 44.12 22.74 50.75
C ILE CC 43 42.85 22.90 51.58
N ILE CC 44 42.56 21.91 52.43
CA ILE CC 44 41.58 22.04 53.50
C ILE CC 44 42.20 21.46 54.77
N ALA CC 45 43.35 20.80 54.61
CA ALA CC 45 43.92 20.01 55.69
C ALA CC 45 44.38 20.90 56.85
N SER CC 46 44.27 20.35 58.05
CA SER CC 46 44.68 21.05 59.26
C SER CC 46 46.15 20.75 59.55
N ALA CC 47 46.59 21.05 60.76
CA ALA CC 47 47.99 20.91 61.15
C ALA CC 47 48.19 19.85 62.23
N ARG CC 48 47.53 18.70 62.08
CA ARG CC 48 47.64 17.64 63.07
C ARG CC 48 49.11 17.25 63.28
N ALA CC 49 49.50 17.09 64.55
CA ALA CC 49 50.88 16.75 64.90
C ALA CC 49 50.98 15.48 65.74
N GLY CC 50 49.93 14.67 65.78
CA GLY CC 50 49.94 13.46 66.58
C GLY CC 50 50.38 12.20 65.86
N GLU CC 51 51.67 12.11 65.53
CA GLU CC 51 52.23 10.92 64.88
C GLU CC 51 51.46 10.57 63.62
N THR CC 52 50.77 9.43 63.63
CA THR CC 52 50.01 9.02 62.46
C THR CC 52 48.91 10.04 62.16
N ARG CC 53 48.60 10.18 60.88
CA ARG CC 53 47.63 11.17 60.41
C ARG CC 53 46.95 10.60 59.17
N PHE CC 54 46.41 11.50 58.35
CA PHE CC 54 45.54 11.16 57.23
C PHE CC 54 46.17 10.18 56.23
N THR CC 55 47.44 9.80 56.41
CA THR CC 55 48.04 8.82 55.52
C THR CC 55 47.30 7.49 55.53
N ASP CC 56 46.80 7.05 56.70
CA ASP CC 56 46.17 5.74 56.83
C ASP CC 56 44.66 5.95 57.07
N THR CC 57 43.88 5.75 56.01
CA THR CC 57 42.43 5.90 56.07
C THR CC 57 41.76 4.55 56.31
N ARG CC 58 42.19 3.86 57.37
CA ARG CC 58 41.64 2.55 57.65
C ARG CC 58 42.08 2.11 59.03
N LYS CC 59 41.21 1.35 59.71
CA LYS CC 59 41.56 0.79 60.99
C LYS CC 59 42.67 -0.24 60.84
N ASP CC 60 43.09 -0.81 61.98
CA ASP CC 60 44.20 -1.77 62.08
C ASP CC 60 45.41 -1.35 61.25
N GLU CC 61 45.46 -0.09 60.85
CA GLU CC 61 46.65 0.52 60.27
C GLU CC 61 47.35 1.36 61.34
N GLN CC 62 46.58 2.24 61.98
CA GLN CC 62 47.09 3.02 63.10
C GLN CC 62 47.36 2.16 64.32
N GLU CC 63 46.75 0.98 64.43
CA GLU CC 63 47.02 0.13 65.57
C GLU CC 63 48.18 -0.83 65.33
N ARG CC 64 48.80 -0.78 64.14
CA ARG CC 64 50.08 -1.45 63.95
C ARG CC 64 51.05 -0.61 63.14
N CYS CC 65 50.69 0.61 62.75
CA CYS CC 65 51.55 1.51 61.98
C CYS CC 65 52.08 0.84 60.72
N ILE CC 66 51.27 -0.05 60.14
CA ILE CC 66 51.59 -0.74 58.90
C ILE CC 66 50.61 -0.25 57.83
N THR CC 67 51.14 0.13 56.68
CA THR CC 67 50.31 0.61 55.58
C THR CC 67 49.79 -0.56 54.77
N ILE CC 68 48.49 -0.52 54.44
CA ILE CC 68 47.86 -1.61 53.71
C ILE CC 68 47.29 -1.11 52.39
N LYS CC 69 46.50 -0.03 52.46
CA LYS CC 69 45.81 0.52 51.31
C LYS CC 69 46.38 1.89 50.98
N SER CC 70 46.71 2.10 49.70
CA SER CC 70 47.23 3.39 49.28
C SER CC 70 46.15 4.45 49.34
N THR CC 71 46.47 5.60 49.93
CA THR CC 71 45.51 6.67 50.10
C THR CC 71 46.01 7.94 49.40
N ALA CC 72 45.10 8.62 48.73
CA ALA CC 72 45.40 9.86 48.04
C ALA CC 72 44.90 11.06 48.85
N ILE CC 73 45.63 12.17 48.74
CA ILE CC 73 45.24 13.40 49.42
C ILE CC 73 45.47 14.56 48.46
N SER CC 74 44.58 15.53 48.51
CA SER CC 74 44.81 16.81 47.85
C SER CC 74 45.44 17.78 48.83
N LEU CC 75 46.49 18.47 48.37
CA LEU CC 75 47.19 19.41 49.22
C LEU CC 75 47.46 20.69 48.44
N PHE CC 76 47.64 21.78 49.17
CA PHE CC 76 47.94 23.07 48.57
C PHE CC 76 49.14 23.69 49.27
N TYR CC 77 49.67 24.74 48.64
CA TYR CC 77 50.86 25.41 49.13
C TYR CC 77 51.05 26.68 48.33
N GLU CC 78 51.49 27.74 49.00
CA GLU CC 78 51.80 29.02 48.36
C GLU CC 78 53.31 29.15 48.29
N LEU CC 79 53.83 29.55 47.13
CA LEU CC 79 55.25 29.55 46.85
C LEU CC 79 55.76 30.99 46.75
N SER CC 80 56.97 31.21 47.28
CA SER CC 80 57.62 32.50 47.17
C SER CC 80 58.33 32.63 45.83
N GLU CC 81 58.32 33.85 45.29
CA GLU CC 81 58.68 34.10 43.90
C GLU CC 81 60.09 33.60 43.57
N ASN CC 82 60.98 33.56 44.55
CA ASN CC 82 62.33 33.05 44.28
C ASN CC 82 62.28 31.64 43.75
N ASP CC 83 61.38 30.81 44.29
CA ASP CC 83 61.19 29.50 43.71
C ASP CC 83 60.45 29.59 42.38
N LEU CC 84 59.62 30.61 42.19
CA LEU CC 84 58.90 30.81 40.93
C LEU CC 84 59.82 31.20 39.77
N ASN CC 85 61.03 31.64 40.05
CA ASN CC 85 62.05 31.64 38.99
C ASN CC 85 63.02 30.49 39.15
N PHE CC 86 63.00 29.83 40.30
CA PHE CC 86 63.76 28.61 40.43
C PHE CC 86 63.23 27.53 39.51
N ILE CC 87 61.91 27.46 39.37
CA ILE CC 87 61.28 26.39 38.62
C ILE CC 87 61.69 26.50 37.16
N LYS CC 88 62.47 25.52 36.70
CA LYS CC 88 62.95 25.54 35.32
C LYS CC 88 61.81 25.27 34.34
N GLN CC 89 60.91 24.36 34.71
CA GLN CC 89 59.83 23.96 33.83
C GLN CC 89 58.77 25.08 33.75
N SER CC 90 57.71 24.79 33.02
CA SER CC 90 56.65 25.76 32.82
C SER CC 90 55.89 26.00 34.14
N LYS CC 91 55.80 27.26 34.53
CA LYS CC 91 55.18 27.64 35.79
C LYS CC 91 54.07 28.64 35.52
N ASP CC 92 52.95 28.48 36.21
CA ASP CC 92 51.78 29.33 35.99
C ASP CC 92 51.17 29.66 37.35
N GLY CC 93 51.53 30.82 37.89
CA GLY CC 93 51.01 31.25 39.17
C GLY CC 93 51.77 30.67 40.35
N ALA CC 94 51.35 31.08 41.54
CA ALA CC 94 52.01 30.67 42.77
C ALA CC 94 51.31 29.54 43.50
N GLY CC 95 50.03 29.32 43.23
CA GLY CC 95 49.26 28.32 43.96
C GLY CC 95 49.47 26.91 43.47
N PHE CC 96 50.60 26.31 43.84
CA PHE CC 96 50.93 24.97 43.37
C PHE CC 96 50.12 23.92 44.15
N LEU CC 97 49.61 22.92 43.43
CA LEU CC 97 48.75 21.90 43.99
C LEU CC 97 49.43 20.54 43.89
N ILE CC 98 49.12 19.67 44.85
CA ILE CC 98 49.71 18.34 44.94
C ILE CC 98 48.60 17.29 44.94
N ASN CC 99 48.78 16.25 44.14
CA ASN CC 99 48.02 15.02 44.29
C ASN CC 99 49.00 13.94 44.75
N LEU CC 100 48.96 13.62 46.03
CA LEU CC 100 49.90 12.67 46.63
C LEU CC 100 49.15 11.40 47.03
N ILE CC 101 49.75 10.26 46.73
CA ILE CC 101 49.24 8.96 47.15
C ILE CC 101 50.33 8.28 47.96
N ASP CC 102 50.07 8.10 49.25
CA ASP CC 102 50.93 7.30 50.11
C ASP CC 102 50.59 5.83 49.88
N SER CC 103 51.58 5.05 49.46
CA SER CC 103 51.31 3.68 49.05
C SER CC 103 52.20 2.72 49.82
N PRO CC 104 51.67 1.58 50.25
CA PRO CC 104 52.48 0.62 51.01
C PRO CC 104 53.47 -0.09 50.09
N GLY CC 105 54.72 -0.15 50.53
CA GLY CC 105 55.73 -0.85 49.76
C GLY CC 105 56.12 -2.17 50.37
N HIS CC 106 55.14 -2.89 50.88
CA HIS CC 106 55.41 -4.12 51.60
C HIS CC 106 55.89 -5.22 50.66
N VAL CC 107 56.52 -6.23 51.25
CA VAL CC 107 57.09 -7.32 50.48
C VAL CC 107 56.02 -8.22 49.90
N ASP CC 108 54.80 -8.15 50.41
CA ASP CC 108 53.68 -8.81 49.73
C ASP CC 108 53.45 -8.23 48.36
N PHE CC 109 54.01 -7.05 48.09
CA PHE CC 109 53.80 -6.33 46.85
C PHE CC 109 52.30 -6.15 46.59
N SER CC 110 51.63 -5.61 47.61
CA SER CC 110 50.29 -5.11 47.40
C SER CC 110 50.34 -4.19 46.19
N SER CC 111 49.60 -4.54 45.14
CA SER CC 111 49.72 -3.87 43.86
C SER CC 111 49.30 -2.41 43.95
N GLU CC 112 48.92 -1.98 45.16
CA GLU CC 112 48.61 -0.58 45.40
C GLU CC 112 49.77 0.33 44.99
N VAL CC 113 51.01 -0.14 45.16
CA VAL CC 113 52.16 0.62 44.68
C VAL CC 113 52.09 0.79 43.18
N THR CC 114 51.75 -0.28 42.47
CA THR CC 114 51.60 -0.18 41.03
C THR CC 114 50.45 0.74 40.65
N ALA CC 115 49.31 0.64 41.35
CA ALA CC 115 48.19 1.52 41.05
C ALA CC 115 48.58 2.98 41.23
N ALA CC 116 49.23 3.29 42.34
CA ALA CC 116 49.69 4.65 42.58
C ALA CC 116 50.66 5.10 41.51
N LEU CC 117 51.58 4.22 41.10
CA LEU CC 117 52.51 4.57 40.04
C LEU CC 117 51.78 4.90 38.75
N ARG CC 118 50.78 4.09 38.39
CA ARG CC 118 50.03 4.33 37.17
C ARG CC 118 49.28 5.65 37.23
N VAL CC 119 48.73 6.00 38.39
CA VAL CC 119 47.97 7.25 38.51
C VAL CC 119 48.84 8.43 38.91
N THR CC 120 50.16 8.31 38.85
CA THR CC 120 51.06 9.39 39.21
C THR CC 120 52.14 9.57 38.15
N ASP CC 121 52.75 10.75 38.14
CA ASP CC 121 53.87 11.05 37.26
C ASP CC 121 55.21 10.93 37.95
N GLY CC 122 55.29 11.15 39.25
CA GLY CC 122 56.55 11.20 39.96
C GLY CC 122 56.51 10.35 41.22
N ALA CC 123 57.67 9.80 41.58
CA ALA CC 123 57.78 8.91 42.72
C ALA CC 123 58.78 9.47 43.72
N LEU CC 124 58.42 9.41 44.99
CA LEU CC 124 59.26 9.86 46.10
C LEU CC 124 59.81 8.61 46.79
N VAL CC 125 60.91 8.08 46.27
CA VAL CC 125 61.52 6.90 46.86
C VAL CC 125 62.18 7.29 48.17
N VAL CC 126 61.86 6.54 49.23
CA VAL CC 126 62.33 6.82 50.57
C VAL CC 126 63.15 5.64 51.04
N VAL CC 127 64.43 5.87 51.35
CA VAL CC 127 65.38 4.83 51.69
C VAL CC 127 66.16 5.25 52.93
N ASP CC 128 66.30 4.32 53.87
CA ASP CC 128 66.94 4.61 55.15
C ASP CC 128 68.46 4.58 55.03
N CYS CC 129 69.14 5.39 55.85
CA CYS CC 129 70.60 5.36 55.89
C CYS CC 129 71.12 4.10 56.54
N VAL CC 130 70.85 3.94 57.83
CA VAL CC 130 71.43 2.84 58.58
C VAL CC 130 70.94 1.50 58.06
N SER CC 131 69.74 1.46 57.50
CA SER CC 131 69.24 0.23 56.87
C SER CC 131 69.71 0.06 55.44
N GLY CC 132 70.40 1.06 54.88
CA GLY CC 132 70.86 0.93 53.51
C GLY CC 132 69.69 0.88 52.53
N VAL CC 133 70.01 0.45 51.31
CA VAL CC 133 68.97 0.23 50.32
C VAL CC 133 68.33 -1.13 50.57
N CYS CC 134 67.05 -1.12 50.90
CA CYS CC 134 66.30 -2.33 51.15
C CYS CC 134 65.90 -2.97 49.83
N VAL CC 135 65.49 -4.23 49.92
CA VAL CC 135 65.11 -4.96 48.71
C VAL CC 135 63.85 -4.37 48.11
N GLN CC 136 62.84 -4.12 48.94
CA GLN CC 136 61.56 -3.62 48.42
C GLN CC 136 61.72 -2.25 47.78
N THR CC 137 62.62 -1.42 48.29
CA THR CC 137 62.89 -0.14 47.64
C THR CC 137 63.39 -0.38 46.22
N GLU CC 138 64.31 -1.33 46.06
CA GLU CC 138 64.76 -1.71 44.72
C GLU CC 138 63.61 -2.21 43.89
N THR CC 139 62.71 -2.98 44.48
CA THR CC 139 61.54 -3.46 43.76
C THR CC 139 60.71 -2.28 43.25
N VAL CC 140 60.38 -1.34 44.14
CA VAL CC 140 59.46 -0.27 43.78
C VAL CC 140 60.10 0.66 42.74
N LEU CC 141 61.40 0.92 42.84
CA LEU CC 141 61.99 1.73 41.79
C LEU CC 141 62.15 0.92 40.50
N ARG CC 142 62.17 -0.42 40.60
CA ARG CC 142 62.18 -1.25 39.41
C ARG CC 142 60.88 -1.12 38.62
N GLN CC 143 59.73 -1.06 39.28
CA GLN CC 143 58.55 -0.76 38.45
C GLN CC 143 58.49 0.73 38.09
N ALA CC 144 59.09 1.60 38.91
CA ALA CC 144 59.09 3.02 38.56
C ALA CC 144 59.82 3.28 37.25
N ILE CC 145 60.98 2.67 37.07
CA ILE CC 145 61.72 2.87 35.83
C ILE CC 145 60.99 2.23 34.66
N ALA CC 146 60.36 1.07 34.90
CA ALA CC 146 59.66 0.37 33.83
C ALA CC 146 58.48 1.19 33.32
N GLU CC 147 57.74 1.82 34.22
CA GLU CC 147 56.56 2.59 33.84
C GLU CC 147 56.88 4.05 33.55
N ARG CC 148 58.17 4.42 33.54
CA ARG CC 148 58.62 5.76 33.20
C ARG CC 148 58.05 6.80 34.17
N ILE CC 149 58.37 6.63 35.45
CA ILE CC 149 58.00 7.57 36.49
C ILE CC 149 59.27 8.26 36.95
N LYS CC 150 59.22 9.58 37.06
CA LYS CC 150 60.38 10.34 37.53
C LYS CC 150 60.60 10.06 39.01
N PRO CC 151 61.71 9.44 39.39
CA PRO CC 151 62.01 9.18 40.79
C PRO CC 151 62.81 10.30 41.43
N VAL CC 152 62.63 10.42 42.73
CA VAL CC 152 63.37 11.39 43.53
C VAL CC 152 63.62 10.78 44.89
N LEU CC 153 64.87 10.85 45.34
CA LEU CC 153 65.30 10.15 46.53
C LEU CC 153 65.09 11.02 47.76
N MET CC 154 64.48 10.42 48.79
CA MET CC 154 64.19 11.12 50.04
C MET CC 154 64.67 10.20 51.15
N MET CC 155 65.95 10.29 51.47
CA MET CC 155 66.59 9.42 52.46
C MET CC 155 66.24 9.86 53.88
N ASN CC 156 65.98 8.88 54.75
CA ASN CC 156 65.33 9.16 56.02
C ASN CC 156 66.10 8.57 57.20
N LYS CC 157 65.61 8.92 58.39
CA LYS CC 157 66.01 8.28 59.65
C LYS CC 157 67.49 8.47 59.94
N MET CC 158 68.04 9.66 59.68
CA MET CC 158 69.41 9.89 60.14
C MET CC 158 69.50 10.13 61.63
N ASP CC 159 68.39 10.37 62.33
CA ASP CC 159 68.46 10.54 63.77
C ASP CC 159 69.03 9.28 64.42
N ARG CC 160 68.78 8.12 63.81
CA ARG CC 160 69.42 6.90 64.27
C ARG CC 160 70.93 6.99 64.14
N ALA CC 161 71.42 7.51 63.02
CA ALA CC 161 72.87 7.67 62.85
C ALA CC 161 73.43 8.66 63.85
N LEU CC 162 72.68 9.72 64.16
CA LEU CC 162 73.20 10.76 65.04
C LEU CC 162 73.23 10.31 66.49
N LEU CC 163 72.11 9.84 67.01
CA LEU CC 163 72.00 9.45 68.41
C LEU CC 163 72.26 7.97 68.64
N GLU CC 164 71.62 7.11 67.85
CA GLU CC 164 71.79 5.67 68.01
C GLU CC 164 73.21 5.23 67.71
N LEU CC 165 73.74 5.58 66.54
CA LEU CC 165 75.07 5.12 66.15
C LEU CC 165 76.16 6.12 66.47
N GLN CC 166 75.82 7.38 66.75
CA GLN CC 166 76.79 8.41 67.07
C GLN CC 166 77.87 8.48 66.01
N LEU CC 167 77.43 8.53 64.76
CA LEU CC 167 78.31 8.38 63.63
C LEU CC 167 78.97 9.72 63.29
N GLU CC 168 80.08 9.66 62.55
CA GLU CC 168 80.83 10.86 62.21
C GLU CC 168 80.28 11.50 60.93
N PRO CC 169 80.33 12.84 60.87
CA PRO CC 169 79.80 13.53 59.67
C PRO CC 169 80.43 13.06 58.37
N GLU CC 170 81.75 12.83 58.35
CA GLU CC 170 82.38 12.30 57.15
C GLU CC 170 81.91 10.88 56.88
N GLU CC 171 81.73 10.08 57.93
CA GLU CC 171 81.15 8.76 57.78
C GLU CC 171 79.70 8.88 57.33
N LEU CC 172 79.02 9.93 57.78
CA LEU CC 172 77.68 10.16 57.27
C LEU CC 172 77.74 10.40 55.77
N TYR CC 173 78.59 11.31 55.30
CA TYR CC 173 78.72 11.49 53.85
C TYR CC 173 79.06 10.18 53.19
N GLN CC 174 79.88 9.38 53.85
CA GLN CC 174 80.24 8.08 53.31
C GLN CC 174 79.01 7.22 53.07
N THR CC 175 78.14 7.06 54.09
CA THR CC 175 76.97 6.21 53.90
C THR CC 175 76.00 6.80 52.88
N PHE CC 176 75.85 8.13 52.88
CA PHE CC 176 75.02 8.78 51.86
C PHE CC 176 75.55 8.50 50.46
N GLN CC 177 76.86 8.59 50.27
CA GLN CC 177 77.40 8.39 48.93
C GLN CC 177 77.21 6.94 48.50
N ARG CC 178 77.46 5.98 49.39
CA ARG CC 178 77.24 4.60 48.95
C ARG CC 178 75.78 4.37 48.60
N ILE CC 179 74.87 4.94 49.38
CA ILE CC 179 73.45 4.72 49.13
C ILE CC 179 73.08 5.29 47.76
N VAL CC 180 73.57 6.49 47.45
CA VAL CC 180 73.12 7.12 46.21
C VAL CC 180 73.84 6.55 45.00
N GLU CC 181 75.10 6.13 45.16
CA GLU CC 181 75.73 5.41 44.05
C GLU CC 181 75.00 4.10 43.79
N ASN CC 182 74.56 3.41 44.85
CA ASN CC 182 73.87 2.15 44.64
C ASN CC 182 72.55 2.37 43.93
N VAL CC 183 71.79 3.41 44.31
CA VAL CC 183 70.54 3.64 43.59
C VAL CC 183 70.82 4.00 42.14
N ASN CC 184 71.90 4.76 41.88
CA ASN CC 184 72.26 5.08 40.51
C ASN CC 184 72.55 3.82 39.71
N VAL CC 185 73.32 2.90 40.27
CA VAL CC 185 73.65 1.67 39.56
C VAL CC 185 72.40 0.85 39.29
N ILE CC 186 71.54 0.69 40.30
CA ILE CC 186 70.34 -0.13 40.14
C ILE CC 186 69.24 0.55 39.35
N ILE CC 187 69.37 1.84 39.04
CA ILE CC 187 68.48 2.43 38.04
C ILE CC 187 69.14 2.42 36.67
N SER CC 188 70.45 2.26 36.59
CA SER CC 188 71.12 2.15 35.30
C SER CC 188 70.90 0.78 34.68
N THR CC 189 70.91 -0.28 35.49
CA THR CC 189 70.84 -1.64 34.96
C THR CC 189 69.44 -2.02 34.49
N TYR CC 190 68.40 -1.49 35.13
CA TYR CC 190 67.03 -1.79 34.76
C TYR CC 190 66.41 -0.69 33.92
N GLY CC 191 66.50 0.55 34.38
CA GLY CC 191 65.92 1.68 33.68
C GLY CC 191 66.72 2.06 32.48
N GLU CC 192 66.66 1.23 31.43
CA GLU CC 192 67.37 1.50 30.19
C GLU CC 192 66.97 2.82 29.54
N GLY CC 193 65.95 3.50 30.06
CA GLY CC 193 65.59 4.81 29.57
C GLY CC 193 66.60 5.87 29.95
N GLU CC 194 67.84 5.67 29.55
CA GLU CC 194 68.90 6.65 29.73
C GLU CC 194 68.73 7.72 28.65
N SER CC 195 69.74 8.56 28.44
CA SER CC 195 69.69 9.63 27.45
C SER CC 195 68.95 9.19 26.19
N GLY CC 196 67.98 10.00 25.79
CA GLY CC 196 67.07 9.64 24.73
C GLY CC 196 65.63 10.01 25.06
N PRO CC 197 64.76 9.01 25.16
CA PRO CC 197 63.33 9.31 25.39
C PRO CC 197 63.05 9.98 26.72
N MET CC 198 63.97 9.93 27.68
CA MET CC 198 63.84 10.70 28.91
C MET CC 198 65.13 11.35 29.37
N GLY CC 199 66.24 11.13 28.70
CA GLY CC 199 67.47 11.76 29.14
C GLY CC 199 68.01 11.14 30.42
N ASN CC 200 68.55 12.00 31.27
CA ASN CC 200 69.22 11.55 32.48
C ASN CC 200 68.18 11.31 33.57
N ILE CC 201 68.00 10.03 33.91
CA ILE CC 201 67.16 9.68 35.06
C ILE CC 201 67.97 9.78 36.34
N MET CC 202 69.29 9.95 36.24
CA MET CC 202 70.17 9.69 37.36
C MET CC 202 69.82 10.53 38.58
N ILE CC 203 69.91 9.90 39.74
CA ILE CC 203 69.63 10.53 41.02
C ILE CC 203 70.92 11.12 41.55
N ASP CC 204 70.90 12.40 41.91
CA ASP CC 204 72.17 13.07 42.19
C ASP CC 204 72.06 14.13 43.27
N PRO CC 205 72.85 14.03 44.34
CA PRO CC 205 72.75 14.98 45.46
C PRO CC 205 73.17 16.39 45.10
N VAL CC 206 73.91 16.59 44.01
CA VAL CC 206 74.42 17.92 43.69
C VAL CC 206 73.25 18.87 43.42
N LEU CC 207 72.35 18.49 42.52
CA LEU CC 207 71.35 19.42 42.04
C LEU CC 207 70.07 19.38 42.86
N GLY CC 208 70.11 18.81 44.05
CA GLY CC 208 68.99 18.89 44.97
C GLY CC 208 67.90 17.86 44.77
N THR CC 209 68.07 16.92 43.87
CA THR CC 209 67.08 15.85 43.74
C THR CC 209 67.24 14.78 44.81
N VAL CC 210 68.05 15.03 45.84
CA VAL CC 210 68.23 14.12 46.96
C VAL CC 210 67.97 14.90 48.24
N GLY CC 211 67.03 14.41 49.05
CA GLY CC 211 66.67 15.11 50.27
C GLY CC 211 67.01 14.38 51.54
N PHE CC 212 67.34 15.12 52.61
CA PHE CC 212 67.74 14.55 53.88
C PHE CC 212 66.76 14.98 54.96
N GLY CC 213 66.22 14.02 55.70
CA GLY CC 213 65.40 14.34 56.84
C GLY CC 213 64.91 13.09 57.54
N SER CC 214 64.40 13.27 58.75
CA SER CC 214 63.91 12.15 59.56
C SER CC 214 62.46 12.40 59.89
N GLY CC 215 61.56 11.56 59.36
CA GLY CC 215 60.14 11.79 59.49
C GLY CC 215 59.60 11.74 60.90
N LEU CC 216 60.28 11.03 61.80
CA LEU CC 216 59.83 10.95 63.17
C LEU CC 216 59.79 12.33 63.81
N HIS CC 217 60.74 13.19 63.43
CA HIS CC 217 60.85 14.52 64.00
C HIS CC 217 60.42 15.60 63.03
N GLY CC 218 59.58 15.26 62.06
CA GLY CC 218 58.95 16.22 61.18
C GLY CC 218 59.87 17.18 60.44
N TRP CC 219 61.08 16.74 60.11
CA TRP CC 219 62.06 17.61 59.48
C TRP CC 219 62.68 16.92 58.28
N ALA CC 220 63.01 17.72 57.28
CA ALA CC 220 63.73 17.24 56.11
C ALA CC 220 64.39 18.45 55.45
N PHE CC 221 65.52 18.21 54.79
CA PHE CC 221 66.24 19.30 54.15
C PHE CC 221 67.07 18.76 53.00
N THR CC 222 67.42 19.66 52.10
CA THR CC 222 68.31 19.39 50.98
C THR CC 222 69.46 20.37 51.04
N LEU CC 223 70.45 20.20 50.17
CA LEU CC 223 71.51 21.18 50.06
C LEU CC 223 70.99 22.57 49.73
N LYS CC 224 69.91 22.65 48.96
CA LYS CC 224 69.44 23.93 48.44
C LYS CC 224 69.17 24.96 49.53
N GLN CC 225 68.57 24.57 50.65
CA GLN CC 225 68.29 25.55 51.69
C GLN CC 225 69.58 26.12 52.26
N PHE CC 226 70.57 25.25 52.46
CA PHE CC 226 71.84 25.73 53.02
C PHE CC 226 72.60 26.55 51.98
N ALA CC 227 72.45 26.19 50.72
CA ALA CC 227 72.93 27.05 49.65
C ALA CC 227 72.31 28.43 49.74
N GLU CC 228 71.00 28.48 50.01
CA GLU CC 228 70.28 29.74 50.03
C GLU CC 228 70.75 30.63 51.17
N MET CC 229 70.82 30.11 52.39
CA MET CC 229 71.21 31.05 53.45
C MET CC 229 72.71 31.29 53.46
N TYR CC 230 73.51 30.41 52.85
CA TYR CC 230 74.92 30.72 52.63
C TYR CC 230 75.08 31.89 51.66
N VAL CC 231 74.31 31.88 50.57
CA VAL CC 231 74.32 33.00 49.64
C VAL CC 231 73.85 34.26 50.34
N ALA CC 232 72.76 34.16 51.11
CA ALA CC 232 72.20 35.32 51.78
C ALA CC 232 73.17 35.92 52.78
N LYS CC 233 73.94 35.08 53.46
CA LYS CC 233 74.88 35.59 54.46
C LYS CC 233 76.21 36.03 53.87
N PHE CC 234 76.45 35.77 52.59
CA PHE CC 234 77.70 36.17 51.95
C PHE CC 234 77.74 37.66 51.65
N ALA CC 245 66.23 36.05 39.37
CA ALA CC 245 67.09 35.84 38.21
C ALA CC 245 68.45 35.31 38.64
N GLU CC 246 69.38 36.23 38.92
CA GLU CC 246 70.74 35.83 39.26
C GLU CC 246 70.81 35.09 40.60
N ARG CC 247 69.76 35.15 41.41
CA ARG CC 247 69.75 34.39 42.66
C ARG CC 247 69.84 32.89 42.39
N ALA CC 248 69.09 32.42 41.39
CA ALA CC 248 69.09 30.99 41.07
C ALA CC 248 70.48 30.52 40.65
N LYS CC 249 71.12 31.26 39.75
CA LYS CC 249 72.45 30.85 39.30
C LYS CC 249 73.49 31.01 40.40
N LYS CC 250 73.36 32.06 41.21
CA LYS CC 250 74.34 32.31 42.25
C LYS CC 250 74.22 31.29 43.39
N VAL CC 251 73.07 30.67 43.56
CA VAL CC 251 73.01 29.53 44.47
C VAL CC 251 73.38 28.23 43.74
N GLU CC 252 73.14 28.16 42.43
CA GLU CC 252 73.41 26.94 41.67
C GLU CC 252 74.91 26.70 41.47
N ASP CC 253 75.71 27.75 41.38
CA ASP CC 253 77.14 27.52 41.21
C ASP CC 253 77.71 26.78 42.42
N MET CC 254 77.47 27.31 43.62
CA MET CC 254 77.96 26.63 44.80
C MET CC 254 77.15 25.38 45.14
N MET CC 255 75.93 25.21 44.62
CA MET CC 255 75.28 23.92 44.82
C MET CC 255 76.03 22.84 44.05
N LYS CC 256 76.50 23.18 42.85
CA LYS CC 256 77.39 22.26 42.14
C LYS CC 256 78.69 22.07 42.93
N LYS CC 257 79.23 23.15 43.49
CA LYS CC 257 80.49 23.09 44.19
C LYS CC 257 80.42 22.20 45.44
N LEU CC 258 79.30 22.24 46.18
CA LEU CC 258 79.29 21.75 47.55
C LEU CC 258 79.44 20.24 47.61
N TRP CC 259 78.53 19.50 46.97
CA TRP CC 259 78.62 18.05 47.02
C TRP CC 259 79.81 17.56 46.19
N GLY CC 260 80.41 16.46 46.65
CA GLY CC 260 81.51 15.84 45.95
C GLY CC 260 82.69 15.65 46.88
N ASP CC 261 83.87 15.49 46.29
CA ASP CC 261 85.09 15.29 47.05
C ASP CC 261 85.82 16.58 47.36
N ARG CC 262 85.21 17.74 47.06
CA ARG CC 262 85.88 19.01 47.27
C ARG CC 262 85.90 19.37 48.75
N TYR CC 263 87.00 19.99 49.18
CA TYR CC 263 87.25 20.29 50.58
C TYR CC 263 87.16 21.78 50.84
N PHE CC 264 87.05 22.14 52.12
CA PHE CC 264 86.89 23.52 52.52
C PHE CC 264 87.83 23.81 53.68
N ASP CC 265 88.44 25.00 53.67
CA ASP CC 265 89.25 25.13 54.87
C ASP CC 265 88.67 26.16 55.83
N PRO CC 266 88.78 25.95 57.12
CA PRO CC 266 88.28 26.95 58.06
C PRO CC 266 89.30 28.06 58.32
N ALA CC 267 90.58 27.72 58.18
CA ALA CC 267 91.63 28.70 58.47
C ALA CC 267 91.54 29.91 57.56
N ASN CC 268 91.34 29.68 56.26
CA ASN CC 268 91.22 30.75 55.29
C ASN CC 268 89.77 31.05 54.91
N GLY CC 269 88.82 30.24 55.37
CA GLY CC 269 87.43 30.44 55.00
C GLY CC 269 87.24 30.34 53.50
N LYS CC 270 87.88 29.37 52.89
CA LYS CC 270 87.82 29.18 51.44
C LYS CC 270 87.80 27.69 51.13
N PHE CC 271 87.18 27.33 50.01
CA PHE CC 271 87.13 25.95 49.60
C PHE CC 271 88.49 25.53 49.03
N SER CC 272 88.54 24.29 48.56
CA SER CC 272 89.78 23.79 47.95
C SER CC 272 89.50 22.49 47.23
N LYS CC 273 89.99 22.40 45.99
CA LYS CC 273 90.00 21.14 45.26
C LYS CC 273 91.06 20.17 45.78
N SER CC 274 91.95 20.63 46.65
CA SER CC 274 93.00 19.81 47.20
C SER CC 274 92.53 19.06 48.43
N ALA CC 275 93.10 17.88 48.64
CA ALA CC 275 92.79 17.09 49.82
C ALA CC 275 93.51 17.59 51.07
N THR CC 276 94.40 18.56 50.92
CA THR CC 276 95.14 19.12 52.04
C THR CC 276 95.49 20.56 51.74
N SER CC 277 95.82 21.29 52.80
CA SER CC 277 96.18 22.69 52.67
C SER CC 277 97.52 22.84 51.95
N PRO CC 278 97.77 24.00 51.36
CA PRO CC 278 99.11 24.26 50.82
C PRO CC 278 100.21 24.13 51.86
N GLU CC 279 99.92 24.44 53.13
CA GLU CC 279 100.89 24.23 54.20
C GLU CC 279 100.99 22.77 54.63
N GLY CC 280 100.07 21.91 54.20
CA GLY CC 280 100.16 20.50 54.44
C GLY CC 280 99.16 19.91 55.44
N LYS CC 281 98.14 20.64 55.84
CA LYS CC 281 97.16 20.15 56.79
C LYS CC 281 95.88 19.75 56.07
N LYS CC 282 95.36 18.56 56.39
CA LYS CC 282 94.15 18.06 55.77
C LYS CC 282 92.93 18.80 56.32
N LEU CC 283 91.90 18.89 55.48
CA LEU CC 283 90.65 19.54 55.84
C LEU CC 283 89.50 18.58 55.61
N PRO CC 284 88.47 18.65 56.45
CA PRO CC 284 87.22 17.93 56.15
C PRO CC 284 86.54 18.57 54.96
N ARG CC 285 85.73 17.76 54.27
CA ARG CC 285 85.17 18.21 53.00
C ARG CC 285 84.14 19.32 53.23
N THR CC 286 83.83 20.03 52.14
CA THR CC 286 82.83 21.10 52.21
C THR CC 286 81.50 20.57 52.75
N PHE CC 287 81.12 19.36 52.33
CA PHE CC 287 79.87 18.78 52.77
C PHE CC 287 79.78 18.71 54.29
N CYS CC 288 80.72 17.98 54.91
CA CYS CC 288 80.67 17.83 56.36
C CYS CC 288 80.81 19.18 57.05
N GLN CC 289 81.83 19.96 56.65
CA GLN CC 289 82.14 21.20 57.32
C GLN CC 289 80.99 22.19 57.31
N LEU CC 290 80.25 22.29 56.21
CA LEU CC 290 79.21 23.30 56.10
C LEU CC 290 77.80 22.76 56.24
N ILE CC 291 77.61 21.45 56.35
CA ILE CC 291 76.29 20.84 56.42
C ILE CC 291 76.10 20.07 57.73
N LEU CC 292 77.06 19.22 58.06
CA LEU CC 292 76.93 18.34 59.21
C LEU CC 292 77.66 18.82 60.45
N ASP CC 293 78.63 19.71 60.33
CA ASP CC 293 79.09 20.43 61.52
C ASP CC 293 77.96 21.19 62.19
N PRO CC 294 77.14 21.98 61.48
CA PRO CC 294 76.09 22.74 62.19
C PRO CC 294 75.03 21.87 62.84
N ILE CC 295 74.53 20.84 62.14
CA ILE CC 295 73.50 20.02 62.75
C ILE CC 295 74.04 19.28 63.96
N PHE CC 296 75.28 18.81 63.88
CA PHE CC 296 75.89 18.13 65.02
C PHE CC 296 76.10 19.10 66.18
N LYS CC 297 76.50 20.34 65.88
CA LYS CC 297 76.62 21.35 66.93
C LYS CC 297 75.27 21.59 67.59
N VAL CC 298 74.20 21.57 66.80
CA VAL CC 298 72.86 21.73 67.35
C VAL CC 298 72.50 20.54 68.22
N PHE CC 299 72.91 19.35 67.81
CA PHE CC 299 72.41 18.14 68.45
C PHE CC 299 73.16 17.83 69.74
N ASP CC 300 74.49 17.92 69.71
CA ASP CC 300 75.28 17.59 70.90
C ASP CC 300 74.99 18.58 72.02
N ALA CC 301 74.90 19.87 71.70
CA ALA CC 301 74.64 20.87 72.71
C ALA CC 301 73.31 20.66 73.40
N ILE CC 302 72.31 20.13 72.71
CA ILE CC 302 71.00 19.92 73.31
C ILE CC 302 70.86 18.56 73.97
N MET CC 303 71.64 17.55 73.54
CA MET CC 303 71.64 16.29 74.25
C MET CC 303 72.54 16.32 75.47
N ASN CC 304 73.57 17.16 75.46
CA ASN CC 304 74.38 17.45 76.65
C ASN CC 304 73.90 18.68 77.41
N PHE CC 305 72.81 19.31 76.95
CA PHE CC 305 72.14 20.38 77.68
C PHE CC 305 73.08 21.57 77.91
N LYS CC 306 73.51 22.16 76.80
CA LYS CC 306 74.39 23.33 76.81
C LYS CC 306 73.53 24.56 76.56
N LYS CC 307 73.32 25.35 77.62
CA LYS CC 307 72.25 26.33 77.61
C LYS CC 307 72.62 27.59 76.82
N GLU CC 308 73.66 28.30 77.26
CA GLU CC 308 74.03 29.54 76.60
C GLU CC 308 74.59 29.28 75.21
N GLU CC 309 75.19 28.11 75.00
CA GLU CC 309 75.59 27.71 73.66
C GLU CC 309 74.37 27.58 72.75
N THR CC 310 73.30 26.96 73.25
CA THR CC 310 72.06 26.91 72.48
C THR CC 310 71.52 28.30 72.23
N ALA CC 311 71.55 29.17 73.24
CA ALA CC 311 71.01 30.52 73.08
C ALA CC 311 71.76 31.31 72.01
N LYS CC 312 73.09 31.22 72.01
CA LYS CC 312 73.86 31.91 70.99
C LYS CC 312 73.74 31.23 69.64
N LEU CC 313 73.43 29.93 69.61
CA LEU CC 313 73.24 29.26 68.33
C LEU CC 313 71.92 29.66 67.68
N ILE CC 314 70.85 29.77 68.48
CA ILE CC 314 69.56 30.14 67.90
C ILE CC 314 69.64 31.51 67.24
N GLU CC 315 70.30 32.47 67.88
CA GLU CC 315 70.49 33.76 67.22
C GLU CC 315 71.54 33.68 66.12
N LYS CC 316 72.52 32.78 66.25
CA LYS CC 316 73.39 32.47 65.11
C LYS CC 316 72.60 31.78 64.01
N LEU CC 317 71.60 30.98 64.38
CA LEU CC 317 70.70 30.36 63.42
C LEU CC 317 69.52 31.27 63.08
N ASP CC 318 69.39 32.39 63.77
CA ASP CC 318 68.36 33.42 63.55
C ASP CC 318 67.00 32.82 63.19
N ILE CC 319 66.58 31.81 63.95
CA ILE CC 319 65.22 31.28 63.85
C ILE CC 319 64.36 31.88 64.94
N LYS CC 320 63.10 32.11 64.61
CA LYS CC 320 62.13 32.65 65.55
C LYS CC 320 61.93 31.69 66.72
N LEU CC 321 61.75 32.26 67.89
CA LEU CC 321 61.46 31.50 69.09
C LEU CC 321 59.97 31.65 69.36
N ASP CC 322 59.21 30.63 69.01
CA ASP CC 322 57.77 30.63 69.20
C ASP CC 322 57.43 30.22 70.64
N SER CC 323 56.16 29.96 70.91
CA SER CC 323 55.72 29.62 72.25
C SER CC 323 55.98 28.15 72.58
N GLU CC 324 55.96 27.85 73.87
CA GLU CC 324 56.03 26.50 74.42
C GLU CC 324 57.42 25.86 74.29
N ASP CC 325 58.34 26.50 73.56
CA ASP CC 325 59.68 25.95 73.40
C ASP CC 325 60.71 26.55 74.35
N LYS CC 326 60.45 27.72 74.93
CA LYS CC 326 61.39 28.32 75.86
C LYS CC 326 61.23 27.78 77.28
N ASP CC 327 60.20 26.97 77.54
CA ASP CC 327 59.96 26.42 78.87
C ASP CC 327 60.30 24.95 78.99
N LYS CC 328 60.03 24.16 77.95
CA LYS CC 328 60.33 22.74 77.99
C LYS CC 328 61.81 22.52 77.70
N GLU CC 329 62.23 21.26 77.76
CA GLU CC 329 63.62 20.93 77.53
C GLU CC 329 63.74 19.45 77.22
N GLY CC 330 64.94 19.06 76.77
CA GLY CC 330 65.23 17.67 76.49
C GLY CC 330 65.10 17.33 75.03
N LYS CC 331 64.98 16.04 74.74
CA LYS CC 331 64.78 15.61 73.36
C LYS CC 331 63.54 16.24 72.70
N PRO CC 332 62.38 16.40 73.36
CA PRO CC 332 61.29 17.13 72.70
C PRO CC 332 61.65 18.56 72.32
N LEU CC 333 62.45 19.24 73.14
CA LEU CC 333 62.96 20.55 72.75
C LEU CC 333 63.81 20.44 71.49
N LEU CC 334 64.66 19.41 71.43
CA LEU CC 334 65.43 19.15 70.22
C LEU CC 334 64.51 19.10 69.02
N LYS CC 335 63.51 18.22 69.09
CA LYS CC 335 62.62 18.10 67.96
C LYS CC 335 61.97 19.43 67.64
N ALA CC 336 61.40 20.11 68.62
CA ALA CC 336 60.60 21.29 68.31
C ALA CC 336 61.46 22.37 67.68
N VAL CC 337 62.63 22.61 68.27
CA VAL CC 337 63.46 23.73 67.81
C VAL CC 337 64.00 23.46 66.43
N MET CC 338 64.48 22.24 66.14
CA MET CC 338 65.04 22.05 64.81
C MET CC 338 63.97 21.77 63.77
N ARG CC 339 62.77 21.35 64.18
CA ARG CC 339 61.64 21.41 63.28
C ARG CC 339 61.34 22.82 62.86
N ARG CC 340 61.29 23.73 63.84
CA ARG CC 340 61.11 25.14 63.53
C ARG CC 340 62.24 25.65 62.65
N TRP CC 341 63.43 25.09 62.80
CA TRP CC 341 64.55 25.54 61.98
C TRP CC 341 64.32 25.13 60.52
N LEU CC 342 64.13 23.84 60.27
CA LEU CC 342 64.01 23.34 58.90
C LEU CC 342 62.74 22.51 58.79
N PRO CC 343 61.60 23.15 58.54
CA PRO CC 343 60.38 22.40 58.27
C PRO CC 343 60.55 21.51 57.04
N ALA CC 344 60.02 20.28 57.15
CA ALA CC 344 60.04 19.38 56.01
C ALA CC 344 59.03 19.80 54.95
N GLY CC 345 57.93 20.41 55.38
CA GLY CC 345 56.89 20.87 54.48
C GLY CC 345 57.43 21.70 53.34
N ASP CC 346 57.99 22.87 53.66
CA ASP CC 346 58.48 23.76 52.60
C ASP CC 346 59.60 23.12 51.79
N ALA CC 347 60.50 22.40 52.47
CA ALA CC 347 61.64 21.81 51.80
C ALA CC 347 61.20 20.86 50.70
N LEU CC 348 60.37 19.89 51.07
CA LEU CC 348 59.95 18.89 50.09
C LEU CC 348 58.95 19.49 49.11
N LEU CC 349 58.09 20.41 49.55
CA LEU CC 349 57.20 21.07 48.61
C LEU CC 349 58.00 21.72 47.48
N GLN CC 350 59.00 22.53 47.83
CA GLN CC 350 59.81 23.20 46.83
C GLN CC 350 60.64 22.23 46.01
N MET CC 351 61.17 21.17 46.62
CA MET CC 351 61.98 20.23 45.86
C MET CC 351 61.15 19.50 44.81
N ILE CC 352 59.97 19.03 45.20
CA ILE CC 352 59.15 18.26 44.29
C ILE CC 352 58.49 19.16 43.25
N THR CC 353 58.27 20.43 43.56
CA THR CC 353 57.73 21.33 42.57
C THR CC 353 58.75 21.61 41.48
N ILE CC 354 60.04 21.63 41.87
CA ILE CC 354 61.09 21.99 40.93
C ILE CC 354 61.65 20.78 40.19
N HIS CC 355 61.47 19.57 40.70
CA HIS CC 355 62.07 18.40 40.07
C HIS CC 355 61.07 17.45 39.43
N LEU CC 356 59.93 17.21 40.06
CA LEU CC 356 58.98 16.27 39.48
C LEU CC 356 58.18 16.93 38.37
N PRO CC 357 57.79 16.19 37.34
CA PRO CC 357 57.17 16.80 36.17
C PRO CC 357 55.65 16.79 36.23
N SER CC 358 55.08 17.88 35.75
CA SER CC 358 53.65 18.06 35.63
C SER CC 358 53.10 17.28 34.43
N PRO CC 359 51.78 17.09 34.36
CA PRO CC 359 51.22 16.15 33.36
C PRO CC 359 51.59 16.45 31.91
N VAL CC 360 51.74 17.71 31.52
CA VAL CC 360 52.10 18.01 30.13
C VAL CC 360 53.37 17.26 29.77
N THR CC 361 54.38 17.36 30.62
CA THR CC 361 55.62 16.62 30.45
C THR CC 361 55.45 15.12 30.63
N ALA CC 362 54.49 14.69 31.45
CA ALA CC 362 54.35 13.27 31.74
C ALA CC 362 53.76 12.51 30.56
N GLN CC 363 52.74 13.08 29.91
CA GLN CC 363 52.06 12.35 28.84
C GLN CC 363 52.95 12.17 27.63
N LYS CC 364 53.82 13.14 27.35
CA LYS CC 364 54.63 13.07 26.13
C LYS CC 364 55.48 11.81 26.08
N TYR CC 365 55.74 11.19 27.24
CA TYR CC 365 56.50 9.95 27.28
C TYR CC 365 55.81 8.87 28.12
N ARG CC 366 54.55 9.07 28.50
CA ARG CC 366 53.86 8.10 29.32
C ARG CC 366 52.79 7.30 28.59
N CYS CC 367 52.19 7.86 27.54
CA CYS CC 367 51.05 7.22 26.89
C CYS CC 367 51.42 6.02 26.04
N GLU CC 368 52.68 5.87 25.65
CA GLU CC 368 53.06 4.74 24.80
C GLU CC 368 52.86 3.42 25.53
N LEU CC 369 52.87 3.44 26.85
CA LEU CC 369 52.56 2.27 27.67
C LEU CC 369 51.20 2.41 28.36
N LEU CC 370 50.36 3.31 27.87
CA LEU CC 370 49.07 3.60 28.49
C LEU CC 370 47.89 3.26 27.60
N TYR CC 371 47.95 3.60 26.31
CA TYR CC 371 46.85 3.41 25.38
C TYR CC 371 47.29 2.47 24.25
N GLU CC 372 46.50 1.43 24.01
CA GLU CC 372 46.79 0.50 22.93
C GLU CC 372 46.52 1.10 21.55
N GLY CC 373 45.76 2.19 21.49
CA GLY CC 373 45.41 2.80 20.23
C GLY CC 373 46.61 3.43 19.53
N PRO CC 374 46.56 3.48 18.21
CA PRO CC 374 47.63 4.13 17.46
C PRO CC 374 47.68 5.61 17.78
N PRO CC 375 48.86 6.24 17.69
CA PRO CC 375 48.94 7.68 17.98
C PRO CC 375 48.15 8.55 17.03
N ASP CC 376 47.52 7.99 16.00
CA ASP CC 376 46.74 8.78 15.05
C ASP CC 376 45.28 8.89 15.43
N ASP CC 377 44.78 8.01 16.31
CA ASP CC 377 43.38 8.07 16.70
C ASP CC 377 43.12 9.34 17.52
N GLU CC 378 41.86 9.77 17.52
CA GLU CC 378 41.50 11.01 18.21
C GLU CC 378 41.79 10.94 19.70
N ALA CC 379 41.51 9.79 20.33
CA ALA CC 379 41.84 9.65 21.75
C ALA CC 379 43.33 9.75 22.00
N ALA CC 380 44.15 9.29 21.05
CA ALA CC 380 45.59 9.33 21.23
C ALA CC 380 46.10 10.77 21.31
N MET CC 381 45.61 11.65 20.45
CA MET CC 381 46.05 13.03 20.53
C MET CC 381 45.58 13.70 21.81
N GLY CC 382 44.37 13.37 22.25
CA GLY CC 382 43.91 13.90 23.53
C GLY CC 382 44.80 13.48 24.68
N ILE CC 383 45.16 12.19 24.75
CA ILE CC 383 45.97 11.72 25.85
C ILE CC 383 47.39 12.29 25.76
N LYS CC 384 47.93 12.45 24.55
CA LYS CC 384 49.26 13.05 24.43
C LYS CC 384 49.25 14.51 24.85
N SER CC 385 48.18 15.24 24.53
CA SER CC 385 48.13 16.68 24.78
C SER CC 385 47.48 17.05 26.10
N CYS CC 386 46.57 16.22 26.60
CA CYS CC 386 45.73 16.55 27.74
C CYS CC 386 44.94 17.84 27.47
N ASP CC 387 44.22 17.84 26.36
CA ASP CC 387 43.30 18.94 26.10
C ASP CC 387 42.00 18.67 26.84
N PRO CC 388 41.66 19.43 27.87
CA PRO CC 388 40.51 19.08 28.69
C PRO CC 388 39.21 19.62 28.12
N LYS CC 389 39.04 19.50 26.80
CA LYS CC 389 37.80 19.91 26.16
C LYS CC 389 37.40 18.92 25.07
N GLY CC 390 37.87 17.69 25.13
CA GLY CC 390 37.65 16.73 24.08
C GLY CC 390 37.33 15.34 24.59
N PRO CC 391 38.09 14.36 24.14
CA PRO CC 391 37.79 12.98 24.53
C PRO CC 391 38.17 12.74 25.98
N LEU CC 392 37.18 12.67 26.87
CA LEU CC 392 37.44 12.27 28.24
C LEU CC 392 38.06 10.87 28.28
N MET CC 393 39.29 10.80 28.77
CA MET CC 393 39.93 9.52 29.06
C MET CC 393 39.98 9.30 30.56
N MET CC 394 39.85 8.03 30.94
CA MET CC 394 39.86 7.64 32.34
C MET CC 394 40.43 6.23 32.44
N TYR CC 395 40.87 5.90 33.65
CA TYR CC 395 41.27 4.52 33.94
C TYR CC 395 41.08 4.32 35.44
N ILE CC 396 40.12 3.48 35.80
CA ILE CC 396 39.83 3.19 37.20
C ILE CC 396 40.67 1.99 37.62
N SER CC 397 41.56 2.19 38.59
CA SER CC 397 42.42 1.14 39.09
C SER CC 397 42.09 0.78 40.53
N LYS CC 398 42.11 1.74 41.45
CA LYS CC 398 41.80 1.49 42.85
C LYS CC 398 40.32 1.74 43.11
N MET CC 399 39.73 0.87 43.92
CA MET CC 399 38.33 0.97 44.28
C MET CC 399 38.21 0.87 45.79
N VAL CC 400 38.08 2.04 46.44
CA VAL CC 400 38.08 2.17 47.89
C VAL CC 400 36.65 2.02 48.41
N PRO CC 401 36.44 1.28 49.50
CA PRO CC 401 35.08 1.10 50.02
C PRO CC 401 34.48 2.41 50.50
N THR CC 402 33.15 2.50 50.41
CA THR CC 402 32.40 3.66 50.83
C THR CC 402 32.25 3.67 52.34
N SER CC 403 31.47 4.62 52.85
CA SER CC 403 31.17 4.65 54.27
C SER CC 403 30.12 3.61 54.66
N ASP CC 404 29.18 3.31 53.77
CA ASP CC 404 28.07 2.44 54.13
C ASP CC 404 28.53 1.04 54.48
N LYS CC 405 29.01 0.29 53.47
CA LYS CC 405 29.57 -1.05 53.62
C LYS CC 405 29.74 -1.75 52.28
N GLY CC 406 28.69 -1.76 51.45
CA GLY CC 406 28.69 -2.60 50.27
C GLY CC 406 29.13 -1.93 48.99
N ARG CC 407 29.07 -0.61 48.94
CA ARG CC 407 29.42 0.14 47.75
C ARG CC 407 30.81 0.74 47.90
N PHE CC 408 31.28 1.37 46.83
CA PHE CC 408 32.67 1.82 46.73
C PHE CC 408 32.74 3.10 45.91
N TYR CC 409 33.92 3.70 45.91
CA TYR CC 409 34.27 4.75 44.97
C TYR CC 409 35.29 4.22 43.98
N ALA CC 410 35.15 4.60 42.72
CA ALA CC 410 36.09 4.21 41.68
C ALA CC 410 37.16 5.30 41.57
N PHE CC 411 38.41 4.93 41.88
CA PHE CC 411 39.50 5.90 41.86
C PHE CC 411 40.23 5.82 40.52
N GLY CC 412 40.61 7.00 40.01
CA GLY CC 412 41.41 7.08 38.81
C GLY CC 412 41.78 8.52 38.55
N ARG CC 413 42.81 8.68 37.71
CA ARG CC 413 43.28 10.01 37.32
C ARG CC 413 42.83 10.32 35.91
N VAL CC 414 42.22 11.48 35.72
CA VAL CC 414 41.77 11.88 34.39
C VAL CC 414 42.98 12.21 33.53
N PHE CC 415 42.99 11.69 32.31
CA PHE CC 415 44.08 11.95 31.39
C PHE CC 415 43.71 12.91 30.27
N SER CC 416 42.42 13.04 29.96
CA SER CC 416 41.97 13.92 28.90
C SER CC 416 40.53 14.31 29.18
N GLY CC 417 40.12 15.44 28.61
CA GLY CC 417 38.74 15.88 28.74
C GLY CC 417 38.44 16.49 30.09
N LEU CC 418 37.15 16.75 30.31
CA LEU CC 418 36.65 17.39 31.51
C LEU CC 418 35.38 16.68 31.95
N VAL CC 419 35.40 16.11 33.15
CA VAL CC 419 34.28 15.31 33.63
C VAL CC 419 33.39 16.18 34.51
N SER CC 420 32.09 15.91 34.47
CA SER CC 420 31.11 16.62 35.28
C SER CC 420 30.04 15.63 35.71
N THR CC 421 29.12 16.10 36.54
CA THR CC 421 28.08 15.21 37.06
C THR CC 421 27.11 14.80 35.96
N GLY CC 422 26.78 13.51 35.94
CA GLY CC 422 25.70 13.00 35.12
C GLY CC 422 25.89 13.08 33.62
N LEU CC 423 27.10 12.81 33.12
CA LEU CC 423 27.38 12.86 31.70
C LEU CC 423 27.47 11.43 31.17
N LYS CC 424 26.58 11.10 30.23
CA LYS CC 424 26.58 9.75 29.66
C LYS CC 424 27.94 9.44 29.08
N VAL CC 425 28.45 8.25 29.41
CA VAL CC 425 29.81 7.89 29.04
C VAL CC 425 29.87 6.38 28.88
N ARG CC 426 30.68 5.93 27.95
CA ARG CC 426 30.89 4.51 27.74
C ARG CC 426 31.66 3.96 28.92
N ILE CC 427 31.38 2.73 29.29
CA ILE CC 427 32.03 2.06 30.40
C ILE CC 427 32.52 0.71 29.90
N MET CC 428 33.81 0.60 29.62
CA MET CC 428 34.39 -0.65 29.12
C MET CC 428 35.51 -1.11 30.03
N GLY CC 429 35.61 -2.43 30.18
CA GLY CC 429 36.63 -3.03 30.99
C GLY CC 429 37.66 -3.76 30.16
N PRO CC 430 38.37 -4.68 30.79
CA PRO CC 430 39.49 -5.33 30.12
C PRO CC 430 39.08 -6.20 28.94
N ASN CC 431 38.17 -7.14 29.17
CA ASN CC 431 37.80 -8.09 28.13
C ASN CC 431 36.96 -7.46 27.03
N TYR CC 432 36.71 -6.16 27.12
CA TYR CC 432 35.99 -5.45 26.07
C TYR CC 432 36.83 -5.40 24.80
N THR CC 433 36.16 -5.55 23.67
CA THR CC 433 36.75 -5.42 22.35
C THR CC 433 36.03 -4.31 21.61
N PRO CC 434 36.75 -3.46 20.87
CA PRO CC 434 36.09 -2.31 20.23
C PRO CC 434 34.93 -2.69 19.33
N GLY CC 435 34.99 -3.83 18.66
CA GLY CC 435 33.92 -4.24 17.77
C GLY CC 435 32.79 -5.01 18.40
N LYS CC 436 32.71 -5.04 19.74
CA LYS CC 436 31.69 -5.82 20.43
C LYS CC 436 31.21 -5.06 21.65
N LYS CC 437 30.02 -5.40 22.13
CA LYS CC 437 29.39 -4.76 23.27
C LYS CC 437 29.67 -5.48 24.59
N GLU CC 438 30.42 -6.57 24.58
CA GLU CC 438 30.77 -7.24 25.83
C GLU CC 438 31.66 -6.36 26.67
N ASP CC 439 31.42 -6.35 27.99
CA ASP CC 439 32.16 -5.54 28.94
C ASP CC 439 31.96 -4.06 28.64
N LEU CC 440 30.87 -3.74 27.95
CA LEU CC 440 30.56 -2.38 27.56
C LEU CC 440 29.32 -1.90 28.29
N TYR CC 441 29.40 -0.69 28.84
CA TYR CC 441 28.25 -0.07 29.49
C TYR CC 441 28.18 1.39 29.07
N LEU CC 442 26.96 1.89 28.93
CA LEU CC 442 26.72 3.28 28.56
C LEU CC 442 25.86 3.92 29.65
N LYS CC 443 26.48 4.73 30.50
CA LYS CC 443 25.77 5.36 31.60
C LYS CC 443 26.47 6.66 31.94
N PRO CC 444 25.84 7.51 32.77
CA PRO CC 444 26.58 8.62 33.38
C PRO CC 444 27.22 8.20 34.70
N ILE CC 445 27.86 9.15 35.38
CA ILE CC 445 28.33 8.93 36.74
C ILE CC 445 27.38 9.62 37.70
N GLN CC 446 27.48 9.29 38.98
CA GLN CC 446 26.54 9.83 39.95
C GLN CC 446 26.97 11.21 40.44
N ARG CC 447 28.16 11.29 41.06
CA ARG CC 447 28.78 12.57 41.37
C ARG CC 447 30.30 12.42 41.31
N THR CC 448 30.96 13.57 41.29
CA THR CC 448 32.42 13.66 41.24
C THR CC 448 32.92 14.07 42.61
N ILE CC 449 33.75 13.23 43.22
CA ILE CC 449 34.16 13.41 44.61
C ILE CC 449 35.68 13.45 44.68
N LEU CC 450 36.21 14.45 45.36
CA LEU CC 450 37.63 14.49 45.65
C LEU CC 450 37.91 13.75 46.94
N MET CC 451 39.06 13.10 47.01
CA MET CC 451 39.51 12.39 48.19
C MET CC 451 40.65 13.18 48.81
N MET CC 452 40.57 13.43 50.12
CA MET CC 452 41.69 14.00 50.88
C MET CC 452 41.74 13.30 52.24
N GLY CC 453 42.78 12.50 52.43
CA GLY CC 453 43.02 11.80 53.68
C GLY CC 453 41.91 10.85 54.08
N ARG CC 454 41.27 11.14 55.22
CA ARG CC 454 40.05 10.45 55.61
C ARG CC 454 38.80 11.19 55.19
N TYR CC 455 38.94 12.44 54.79
CA TYR CC 455 37.81 13.29 54.46
C TYR CC 455 37.52 13.20 52.97
N VAL CC 456 36.27 13.46 52.61
CA VAL CC 456 35.85 13.44 51.21
C VAL CC 456 35.20 14.77 50.88
N GLU CC 457 35.19 15.09 49.59
CA GLU CC 457 34.50 16.30 49.16
C GLU CC 457 34.01 16.21 47.73
N PRO CC 458 32.72 16.37 47.50
CA PRO CC 458 32.21 16.47 46.12
C PRO CC 458 32.73 17.73 45.44
N ILE CC 459 32.96 17.61 44.14
CA ILE CC 459 33.35 18.73 43.30
C ILE CC 459 32.41 18.75 42.10
N GLU CC 460 32.16 19.94 41.58
CA GLU CC 460 31.30 20.03 40.40
C GLU CC 460 31.87 19.26 39.22
N ASP CC 461 33.17 19.40 38.96
CA ASP CC 461 33.74 18.88 37.74
C ASP CC 461 35.24 18.74 37.89
N VAL CC 462 35.85 17.96 37.00
CA VAL CC 462 37.30 17.79 36.98
C VAL CC 462 37.81 17.71 35.54
N PRO CC 463 38.52 18.70 35.04
CA PRO CC 463 39.25 18.54 33.78
C PRO CC 463 40.53 17.72 33.90
N CYS CC 464 41.24 17.59 32.78
CA CYS CC 464 42.25 16.54 32.62
C CYS CC 464 43.44 16.71 33.54
N GLY CC 465 44.11 15.59 33.82
CA GLY CC 465 45.41 15.61 34.45
C GLY CC 465 45.48 15.14 35.89
N ASN CC 466 44.35 14.94 36.55
CA ASN CC 466 44.35 14.84 38.00
C ASN CC 466 43.51 13.67 38.47
N ILE CC 467 43.61 13.39 39.76
CA ILE CC 467 42.95 12.25 40.36
C ILE CC 467 41.58 12.66 40.86
N VAL CC 468 40.68 11.67 40.98
CA VAL CC 468 39.33 11.91 41.49
C VAL CC 468 38.71 10.56 41.79
N GLY CC 469 37.73 10.57 42.70
CA GLY CC 469 36.90 9.41 42.96
C GLY CC 469 35.50 9.62 42.43
N LEU CC 470 34.86 8.54 42.02
CA LEU CC 470 33.53 8.58 41.43
C LEU CC 470 32.62 7.61 42.18
N VAL CC 471 31.33 7.86 42.11
CA VAL CC 471 30.32 7.04 42.77
C VAL CC 471 29.36 6.52 41.72
N GLY CC 472 28.87 5.29 41.90
CA GLY CC 472 27.92 4.68 41.00
C GLY CC 472 28.54 3.89 39.88
N VAL CC 473 29.86 3.72 39.88
CA VAL CC 473 30.56 2.97 38.85
C VAL CC 473 30.85 1.59 39.41
N ASP CC 474 30.26 1.28 40.55
CA ASP CC 474 30.65 0.10 41.32
C ASP CC 474 30.28 -1.18 40.58
N GLN CC 475 29.02 -1.29 40.15
CA GLN CC 475 28.49 -2.57 39.68
C GLN CC 475 28.92 -2.88 38.25
N PHE CC 476 29.33 -1.87 37.49
CA PHE CC 476 29.57 -2.02 36.07
C PHE CC 476 31.04 -2.15 35.73
N LEU CC 477 31.90 -2.26 36.74
CA LEU CC 477 33.31 -2.57 36.55
C LEU CC 477 33.68 -3.75 37.42
N VAL CC 478 34.67 -4.51 36.98
CA VAL CC 478 35.23 -5.61 37.76
C VAL CC 478 36.73 -5.36 37.93
N LYS CC 479 37.17 -5.31 39.19
CA LYS CC 479 38.57 -5.10 39.52
C LYS CC 479 39.06 -3.74 39.01
N THR CC 480 39.11 -3.57 37.68
CA THR CC 480 39.58 -2.33 37.10
C THR CC 480 38.99 -2.14 35.71
N GLY CC 481 39.02 -0.91 35.24
CA GLY CC 481 38.48 -0.59 33.93
C GLY CC 481 38.73 0.84 33.57
N THR CC 482 38.17 1.24 32.42
CA THR CC 482 38.40 2.58 31.89
C THR CC 482 37.09 3.24 31.48
N ILE CC 483 37.14 4.56 31.38
CA ILE CC 483 35.97 5.40 31.11
C ILE CC 483 36.30 6.30 29.95
N THR CC 484 35.47 6.27 28.90
CA THR CC 484 35.79 7.06 27.72
C THR CC 484 34.52 7.71 27.19
N THR CC 485 34.59 9.00 26.91
CA THR CC 485 33.54 9.65 26.15
C THR CC 485 33.58 9.24 24.68
N PHE CC 486 34.77 9.04 24.14
CA PHE CC 486 34.92 8.70 22.73
C PHE CC 486 34.43 7.28 22.45
N GLU CC 487 33.81 7.09 21.31
CA GLU CC 487 33.18 5.83 20.92
C GLU CC 487 34.15 4.85 20.26
N HIS CC 488 35.31 5.31 19.80
CA HIS CC 488 36.30 4.43 19.18
C HIS CC 488 37.49 4.13 20.06
N ALA CC 489 37.56 4.70 21.26
CA ALA CC 489 38.71 4.52 22.12
C ALA CC 489 38.83 3.07 22.57
N HIS CC 490 40.02 2.51 22.42
CA HIS CC 490 40.30 1.14 22.83
C HIS CC 490 40.64 1.12 24.32
N ASN CC 491 41.01 -0.05 24.82
CA ASN CC 491 41.31 -0.20 26.23
C ASN CC 491 42.67 0.40 26.57
N MET CC 492 42.89 0.64 27.85
CA MET CC 492 44.21 0.95 28.35
C MET CC 492 44.98 -0.34 28.60
N ARG CC 493 46.30 -0.22 28.76
CA ARG CC 493 47.14 -1.38 29.02
C ARG CC 493 46.88 -1.87 30.43
N VAL CC 494 46.45 -3.14 30.54
CA VAL CC 494 46.21 -3.73 31.85
C VAL CC 494 47.51 -3.75 32.64
N MET CC 495 47.39 -3.54 33.95
CA MET CC 495 48.55 -3.43 34.81
C MET CC 495 49.21 -4.79 34.96
N LYS CC 496 50.54 -4.81 34.98
CA LYS CC 496 51.30 -6.02 35.25
C LYS CC 496 51.77 -6.00 36.68
N PHE CC 497 51.79 -7.17 37.33
CA PHE CC 497 52.32 -7.30 38.68
C PHE CC 497 53.53 -8.22 38.65
N SER CC 498 54.58 -7.82 39.37
CA SER CC 498 55.70 -8.72 39.58
C SER CC 498 55.26 -9.97 40.32
N VAL CC 499 54.34 -9.84 41.27
CA VAL CC 499 53.78 -11.01 41.95
C VAL CC 499 52.67 -11.60 41.11
N SER CC 500 52.25 -12.79 41.47
CA SER CC 500 51.11 -13.48 40.87
C SER CC 500 50.24 -14.02 41.99
N PRO CC 501 49.00 -14.31 41.71
CA PRO CC 501 48.15 -14.98 42.71
C PRO CC 501 48.63 -16.40 42.98
N VAL CC 502 49.71 -16.53 43.73
CA VAL CC 502 50.38 -17.80 43.93
C VAL CC 502 49.93 -18.48 45.21
N VAL CC 503 49.75 -17.74 46.29
CA VAL CC 503 49.34 -18.32 47.55
C VAL CC 503 47.83 -18.46 47.58
N ARG CC 504 47.36 -19.65 47.92
CA ARG CC 504 45.96 -20.00 47.84
C ARG CC 504 45.49 -20.64 49.13
N VAL CC 505 44.27 -20.30 49.54
CA VAL CC 505 43.62 -20.88 50.72
C VAL CC 505 42.13 -21.00 50.41
N ALA CC 506 41.53 -22.08 50.89
CA ALA CC 506 40.12 -22.37 50.66
C ALA CC 506 39.27 -21.60 51.67
N VAL CC 507 38.13 -21.09 51.21
CA VAL CC 507 37.20 -20.35 52.06
C VAL CC 507 35.82 -20.98 51.95
N GLU CC 508 35.35 -21.54 53.06
CA GLU CC 508 33.98 -22.02 53.18
C GLU CC 508 33.43 -21.54 54.51
N ALA CC 509 32.12 -21.25 54.54
CA ALA CC 509 31.53 -20.66 55.72
C ALA CC 509 31.42 -21.68 56.85
N LYS CC 510 31.36 -21.17 58.08
CA LYS CC 510 31.07 -22.04 59.22
C LYS CC 510 29.68 -22.63 59.12
N ASN CC 511 28.70 -21.83 58.68
CA ASN CC 511 27.37 -22.41 58.63
C ASN CC 511 26.95 -22.61 57.18
N PRO CC 512 26.39 -23.78 56.85
CA PRO CC 512 26.11 -24.09 55.44
C PRO CC 512 25.17 -23.12 54.77
N ALA CC 513 24.29 -22.46 55.52
CA ALA CC 513 23.41 -21.45 54.95
C ALA CC 513 24.01 -20.06 54.99
N ASP CC 514 25.27 -19.92 54.54
CA ASP CC 514 25.87 -18.62 54.32
C ASP CC 514 26.51 -18.56 52.94
N LEU CC 515 26.33 -19.60 52.13
CA LEU CC 515 27.00 -19.65 50.84
C LEU CC 515 26.68 -18.47 49.93
N PRO CC 516 25.44 -18.02 49.78
CA PRO CC 516 25.22 -16.78 49.00
C PRO CC 516 25.82 -15.55 49.68
N LYS CC 517 25.67 -15.44 50.99
CA LYS CC 517 26.37 -14.38 51.72
C LYS CC 517 27.86 -14.46 51.43
N LEU CC 518 28.40 -15.67 51.45
CA LEU CC 518 29.81 -15.85 51.18
C LEU CC 518 30.17 -15.40 49.76
N VAL CC 519 29.35 -15.75 48.77
CA VAL CC 519 29.72 -15.43 47.39
C VAL CC 519 29.66 -13.92 47.16
N GLU CC 520 28.70 -13.23 47.79
CA GLU CC 520 28.70 -11.77 47.72
C GLU CC 520 29.93 -11.21 48.42
N GLY CC 521 30.35 -11.84 49.51
CA GLY CC 521 31.60 -11.44 50.15
C GLY CC 521 32.81 -11.62 49.25
N LEU CC 522 32.90 -12.76 48.57
CA LEU CC 522 34.05 -13.00 47.70
C LEU CC 522 34.06 -12.04 46.52
N LYS CC 523 32.88 -11.75 45.97
CA LYS CC 523 32.83 -10.79 44.88
C LYS CC 523 33.25 -9.40 45.36
N ARG CC 524 32.80 -9.00 46.55
CA ARG CC 524 33.23 -7.70 47.08
C ARG CC 524 34.73 -7.67 47.30
N LEU CC 525 35.29 -8.75 47.85
CA LEU CC 525 36.73 -8.80 48.09
C LEU CC 525 37.51 -8.73 46.78
N ALA CC 526 37.12 -9.54 45.79
CA ALA CC 526 37.80 -9.52 44.51
C ALA CC 526 37.63 -8.17 43.83
N LYS CC 527 36.53 -7.48 44.11
CA LYS CC 527 36.33 -6.15 43.54
C LYS CC 527 37.21 -5.11 44.20
N SER CC 528 37.52 -5.30 45.48
CA SER CC 528 38.27 -4.28 46.22
C SER CC 528 39.75 -4.27 45.85
N ASP CC 529 40.45 -5.38 46.11
CA ASP CC 529 41.90 -5.44 45.91
C ASP CC 529 42.19 -5.88 44.48
N PRO CC 530 42.93 -5.11 43.69
CA PRO CC 530 43.04 -5.40 42.26
C PRO CC 530 44.12 -6.41 41.90
N MET CC 531 44.27 -7.47 42.68
CA MET CC 531 45.12 -8.58 42.25
C MET CC 531 44.58 -9.96 42.61
N VAL CC 532 43.64 -10.07 43.54
CA VAL CC 532 43.22 -11.38 44.03
C VAL CC 532 42.36 -12.07 42.98
N GLN CC 533 42.31 -13.39 43.08
CA GLN CC 533 41.49 -14.21 42.18
C GLN CC 533 40.68 -15.18 43.02
N CYS CC 534 39.36 -15.11 42.88
CA CYS CC 534 38.46 -16.06 43.52
C CYS CC 534 37.92 -17.01 42.46
N ILE CC 535 38.30 -18.28 42.57
CA ILE CC 535 38.01 -19.28 41.54
C ILE CC 535 37.32 -20.47 42.20
N ILE CC 536 36.36 -21.05 41.48
CA ILE CC 536 35.71 -22.30 41.89
C ILE CC 536 36.49 -23.43 41.24
N GLU CC 537 37.05 -24.30 42.06
CA GLU CC 537 37.81 -25.43 41.54
C GLU CC 537 36.86 -26.62 41.35
N GLU CC 538 37.37 -27.70 40.74
CA GLU CC 538 36.54 -28.77 40.20
C GLU CC 538 35.58 -29.37 41.23
N SER CC 539 36.04 -29.56 42.47
CA SER CC 539 35.14 -30.09 43.50
C SER CC 539 34.27 -29.02 44.13
N GLY CC 540 34.42 -27.75 43.73
CA GLY CC 540 33.54 -26.70 44.16
C GLY CC 540 34.07 -25.76 45.21
N GLU CC 541 35.26 -26.01 45.74
CA GLU CC 541 35.81 -25.14 46.78
C GLU CC 541 35.97 -23.72 46.27
N HIS CC 542 35.90 -22.77 47.20
CA HIS CC 542 36.13 -21.36 46.91
C HIS CC 542 37.59 -21.07 47.27
N ILE CC 543 38.39 -20.73 46.27
CA ILE CC 543 39.82 -20.56 46.45
C ILE CC 543 40.15 -19.08 46.27
N ILE CC 544 40.89 -18.51 47.23
CA ILE CC 544 41.37 -17.14 47.14
C ILE CC 544 42.86 -17.17 46.87
N ALA CC 545 43.26 -16.71 45.70
CA ALA CC 545 44.65 -16.73 45.28
C ALA CC 545 45.22 -15.33 45.34
N GLY CC 546 46.38 -15.18 45.96
CA GLY CC 546 47.02 -13.89 46.09
C GLY CC 546 48.53 -13.95 46.09
N ALA CC 547 49.17 -12.86 46.52
CA ALA CC 547 50.63 -12.77 46.47
C ALA CC 547 51.28 -13.48 47.64
N GLY CC 548 51.02 -12.99 48.86
CA GLY CC 548 51.71 -13.49 50.04
C GLY CC 548 50.72 -13.87 51.14
N GLU CC 549 51.26 -14.55 52.15
CA GLU CC 549 50.43 -15.02 53.25
C GLU CC 549 49.79 -13.86 54.00
N LEU CC 550 50.55 -12.80 54.25
CA LEU CC 550 49.99 -11.62 54.91
C LEU CC 550 48.93 -10.96 54.03
N HIS CC 551 49.18 -10.90 52.72
CA HIS CC 551 48.19 -10.33 51.81
C HIS CC 551 46.89 -11.11 51.90
N LEU CC 552 46.94 -12.44 51.75
CA LEU CC 552 45.74 -13.25 51.91
C LEU CC 552 45.13 -13.07 53.29
N GLU CC 553 45.97 -12.91 54.30
CA GLU CC 553 45.49 -12.77 55.67
C GLU CC 553 44.62 -11.53 55.81
N ILE CC 554 45.09 -10.41 55.26
CA ILE CC 554 44.27 -9.20 55.22
C ILE CC 554 43.00 -9.43 54.42
N CYS CC 555 43.10 -10.17 53.30
CA CYS CC 555 41.88 -10.43 52.53
C CYS CC 555 40.83 -11.14 53.36
N LEU CC 556 41.19 -12.26 54.01
CA LEU CC 556 40.14 -12.95 54.75
C LEU CC 556 39.72 -12.16 55.99
N LYS CC 557 40.62 -11.36 56.58
CA LYS CC 557 40.21 -10.54 57.71
C LYS CC 557 39.11 -9.58 57.28
N ASP CC 558 39.34 -8.85 56.19
CA ASP CC 558 38.31 -7.94 55.70
C ASP CC 558 37.06 -8.69 55.27
N LEU CC 559 37.23 -9.89 54.71
CA LEU CC 559 36.08 -10.68 54.29
C LEU CC 559 35.20 -11.04 55.49
N GLU CC 560 35.81 -11.61 56.52
CA GLU CC 560 35.04 -12.03 57.69
C GLU CC 560 34.55 -10.84 58.50
N GLU CC 561 35.13 -9.65 58.31
CA GLU CC 561 34.67 -8.49 59.06
C GLU CC 561 33.53 -7.76 58.36
N ASP CC 562 33.76 -7.32 57.12
CA ASP CC 562 32.82 -6.44 56.44
C ASP CC 562 32.28 -6.99 55.12
N HIS CC 563 33.12 -7.63 54.31
CA HIS CC 563 32.66 -8.06 52.99
C HIS CC 563 31.54 -9.09 53.10
N ALA CC 564 31.61 -9.97 54.10
CA ALA CC 564 30.51 -10.87 54.41
C ALA CC 564 30.06 -10.80 55.85
N CYS CC 565 30.94 -10.44 56.78
CA CYS CC 565 30.61 -10.34 58.20
C CYS CC 565 30.04 -11.65 58.73
N ILE CC 566 30.57 -12.76 58.22
CA ILE CC 566 30.02 -14.10 58.50
C ILE CC 566 31.16 -14.98 59.00
N PRO CC 567 30.95 -15.80 60.03
CA PRO CC 567 32.01 -16.70 60.49
C PRO CC 567 32.48 -17.63 59.38
N ILE CC 568 33.78 -17.92 59.39
CA ILE CC 568 34.43 -18.58 58.27
C ILE CC 568 35.29 -19.74 58.79
N LYS CC 569 35.52 -20.72 57.91
CA LYS CC 569 36.43 -21.81 58.19
C LYS CC 569 37.52 -21.86 57.13
N LYS CC 570 38.76 -22.06 57.57
CA LYS CC 570 39.90 -21.98 56.70
C LYS CC 570 40.56 -23.34 56.56
N SER CC 571 41.14 -23.57 55.38
CA SER CC 571 41.85 -24.80 55.08
C SER CC 571 42.65 -24.57 53.80
N ASP CC 572 43.69 -25.36 53.64
CA ASP CC 572 44.47 -25.28 52.41
C ASP CC 572 43.64 -25.77 51.23
N PRO CC 573 43.99 -25.39 50.01
CA PRO CC 573 43.36 -26.03 48.85
C PRO CC 573 43.62 -27.52 48.84
N VAL CC 574 42.58 -28.29 48.50
CA VAL CC 574 42.72 -29.74 48.40
C VAL CC 574 43.40 -30.07 47.07
N VAL CC 575 44.45 -30.87 47.13
CA VAL CC 575 45.13 -31.32 45.92
C VAL CC 575 44.31 -32.44 45.30
N SER CC 576 43.87 -32.25 44.07
CA SER CC 576 43.13 -33.27 43.35
C SER CC 576 44.10 -34.21 42.65
N TYR CC 577 43.70 -35.48 42.54
CA TYR CC 577 44.57 -36.51 42.00
C TYR CC 577 43.84 -37.34 40.95
N ARG CC 578 44.58 -37.67 39.91
CA ARG CC 578 44.13 -38.59 38.87
C ARG CC 578 44.88 -39.91 39.02
N GLU CC 579 44.24 -40.99 38.61
CA GLU CC 579 44.79 -42.32 38.77
C GLU CC 579 45.13 -42.92 37.42
N THR CC 580 45.97 -43.95 37.46
CA THR CC 580 46.38 -44.65 36.25
C THR CC 580 46.88 -46.03 36.64
N VAL CC 581 47.09 -46.86 35.63
CA VAL CC 581 47.66 -48.20 35.81
C VAL CC 581 49.12 -48.16 35.39
N SER CC 582 49.94 -48.96 36.07
CA SER CC 582 51.35 -49.01 35.70
C SER CC 582 51.55 -49.74 34.37
N GLU CC 583 50.87 -50.86 34.19
CA GLU CC 583 51.04 -51.66 32.98
C GLU CC 583 49.75 -52.46 32.75
N GLU CC 584 49.83 -53.40 31.81
CA GLU CC 584 48.66 -54.17 31.40
C GLU CC 584 48.11 -54.99 32.56
N SER CC 585 46.79 -55.12 32.59
CA SER CC 585 46.15 -56.03 33.54
C SER CC 585 46.61 -57.45 33.26
N ASN CC 586 46.97 -58.16 34.34
CA ASN CC 586 47.58 -59.49 34.19
C ASN CC 586 46.62 -60.48 33.53
N VAL CC 587 45.35 -60.42 33.90
CA VAL CC 587 44.37 -61.40 33.46
C VAL CC 587 43.24 -60.71 32.70
N LEU CC 588 42.45 -61.50 32.00
CA LEU CC 588 41.27 -61.02 31.28
C LEU CC 588 40.10 -60.97 32.24
N CYS CC 589 39.69 -59.77 32.63
CA CYS CC 589 38.73 -59.61 33.71
C CYS CC 589 37.33 -60.02 33.26
N LEU CC 590 36.57 -60.58 34.20
CA LEU CC 590 35.26 -61.15 33.92
C LEU CC 590 34.23 -60.58 34.88
N SER CC 591 33.05 -60.26 34.36
CA SER CC 591 31.92 -59.81 35.16
C SER CC 591 30.67 -60.56 34.73
N LYS CC 592 29.72 -60.66 35.65
CA LYS CC 592 28.45 -61.32 35.41
C LYS CC 592 27.31 -60.37 35.73
N SER CC 593 26.26 -60.42 34.90
CA SER CC 593 25.07 -59.64 35.17
C SER CC 593 24.40 -60.16 36.44
N PRO CC 594 23.74 -59.30 37.22
CA PRO CC 594 23.00 -59.80 38.39
C PRO CC 594 21.97 -60.87 38.09
N ASN CC 595 21.43 -60.98 36.87
CA ASN CC 595 20.65 -62.17 36.55
C ASN CC 595 21.51 -63.26 35.91
N LYS CC 596 22.82 -63.03 35.78
CA LYS CC 596 23.77 -64.01 35.26
C LYS CC 596 23.46 -64.42 33.82
N HIS CC 597 22.76 -63.56 33.08
CA HIS CC 597 22.46 -63.83 31.69
C HIS CC 597 23.53 -63.33 30.74
N ASN CC 598 24.53 -62.59 31.24
CA ASN CC 598 25.58 -62.06 30.38
C ASN CC 598 26.90 -62.04 31.14
N ARG CC 599 27.99 -62.09 30.37
CA ARG CC 599 29.34 -62.07 30.92
C ARG CC 599 30.23 -61.24 30.02
N LEU CC 600 31.27 -60.64 30.60
CA LEU CC 600 32.10 -59.65 29.93
C LEU CC 600 33.57 -60.04 30.03
N TYR CC 601 34.28 -60.00 28.91
CA TYR CC 601 35.72 -60.16 28.87
C TYR CC 601 36.34 -58.92 28.25
N MET CC 602 37.31 -58.33 28.95
CA MET CC 602 37.93 -57.09 28.49
C MET CC 602 39.33 -56.99 29.09
N LYS CC 603 40.10 -56.00 28.62
CA LYS CC 603 41.47 -55.83 29.05
C LYS CC 603 41.82 -54.35 29.18
N ALA CC 604 42.92 -54.08 29.89
CA ALA CC 604 43.33 -52.73 30.23
C ALA CC 604 44.80 -52.53 29.89
N ARG CC 605 45.14 -51.29 29.54
CA ARG CC 605 46.51 -50.91 29.19
C ARG CC 605 46.80 -49.51 29.70
N PRO CC 606 48.06 -49.17 29.91
CA PRO CC 606 48.46 -47.78 30.10
C PRO CC 606 48.86 -47.13 28.77
N PHE CC 607 49.16 -45.85 28.85
CA PHE CC 607 49.47 -45.06 27.66
C PHE CC 607 50.98 -44.94 27.49
N PRO CC 608 51.51 -45.28 26.31
CA PRO CC 608 52.97 -45.30 26.12
C PRO CC 608 53.63 -43.94 26.33
N ASP CC 609 52.96 -42.85 25.99
CA ASP CC 609 53.54 -41.52 26.05
C ASP CC 609 52.50 -40.56 26.62
N GLY CC 610 52.75 -39.27 26.47
CA GLY CC 610 51.80 -38.26 26.87
C GLY CC 610 50.71 -38.03 25.84
N LEU CC 611 50.12 -39.10 25.33
CA LEU CC 611 48.98 -38.96 24.42
C LEU CC 611 47.84 -38.21 25.07
N ALA CC 612 47.69 -38.35 26.40
CA ALA CC 612 46.71 -37.55 27.12
C ALA CC 612 47.01 -36.06 26.98
N GLU CC 613 48.29 -35.70 26.92
CA GLU CC 613 48.65 -34.30 26.71
C GLU CC 613 48.21 -33.81 25.34
N ASP CC 614 48.37 -34.63 24.30
CA ASP CC 614 47.84 -34.26 22.99
C ASP CC 614 46.31 -34.18 23.02
N ILE CC 615 45.69 -35.00 23.87
CA ILE CC 615 44.24 -34.93 24.05
C ILE CC 615 43.85 -33.56 24.60
N ASP CC 616 44.48 -33.15 25.71
CA ASP CC 616 44.14 -31.86 26.30
C ASP CC 616 44.47 -30.72 25.35
N LYS CC 617 45.54 -30.89 24.57
CA LYS CC 617 45.87 -29.90 23.55
C LYS CC 617 44.75 -29.82 22.51
N GLY CC 618 44.16 -30.96 22.17
CA GLY CC 618 43.09 -31.01 21.20
C GLY CC 618 43.44 -31.67 19.89
N GLU CC 619 44.68 -32.16 19.74
CA GLU CC 619 45.07 -32.83 18.51
C GLU CC 619 44.42 -34.21 18.40
N VAL CC 620 43.88 -34.74 19.49
CA VAL CC 620 43.03 -35.92 19.47
C VAL CC 620 41.78 -35.60 20.29
N SER CC 621 40.62 -35.69 19.66
CA SER CC 621 39.37 -35.37 20.34
C SER CC 621 38.25 -36.20 19.75
N ALA CC 622 37.12 -36.24 20.48
CA ALA CC 622 35.95 -36.97 20.01
C ALA CC 622 35.41 -36.38 18.71
N ARG CC 623 35.35 -35.04 18.62
CA ARG CC 623 34.81 -34.40 17.43
C ARG CC 623 35.59 -34.79 16.19
N GLN CC 624 36.88 -35.08 16.34
CA GLN CC 624 37.68 -35.55 15.22
C GLN CC 624 37.08 -36.83 14.67
N GLU CC 625 37.04 -36.94 13.35
CA GLU CC 625 36.34 -38.05 12.71
C GLU CC 625 37.17 -39.32 12.84
N LEU CC 626 36.51 -40.45 12.65
CA LEU CC 626 37.12 -41.76 12.91
C LEU CC 626 38.30 -42.05 11.98
N LYS CC 627 38.13 -41.87 10.66
CA LYS CC 627 39.21 -42.26 9.75
C LYS CC 627 40.46 -41.41 9.96
N GLN CC 628 40.29 -40.09 10.08
CA GLN CC 628 41.45 -39.19 10.19
C GLN CC 628 42.13 -39.30 11.55
N ARG CC 629 41.33 -39.39 12.62
CA ARG CC 629 41.91 -39.65 13.94
C ARG CC 629 42.64 -40.98 13.94
N ALA CC 630 42.07 -41.99 13.28
CA ALA CC 630 42.70 -43.29 13.18
C ALA CC 630 44.04 -43.19 12.47
N ARG CC 631 44.08 -42.44 11.37
CA ARG CC 631 45.33 -42.24 10.64
C ARG CC 631 46.37 -41.57 11.53
N TYR CC 632 45.97 -40.53 12.26
CA TYR CC 632 46.90 -39.85 13.15
C TYR CC 632 47.46 -40.82 14.18
N LEU CC 633 46.58 -41.59 14.84
CA LEU CC 633 47.05 -42.50 15.88
C LEU CC 633 47.99 -43.55 15.31
N ALA CC 634 47.63 -44.13 14.15
CA ALA CC 634 48.47 -45.17 13.56
C ALA CC 634 49.83 -44.63 13.15
N GLU CC 635 49.87 -43.44 12.57
CA GLU CC 635 51.13 -42.89 12.09
C GLU CC 635 52.01 -42.36 13.22
N LYS CC 636 51.42 -41.90 14.32
CA LYS CC 636 52.19 -41.23 15.37
C LYS CC 636 52.54 -42.13 16.55
N TYR CC 637 51.68 -43.09 16.90
CA TYR CC 637 51.87 -43.87 18.12
C TYR CC 637 51.70 -45.35 17.84
N GLU CC 638 51.99 -45.78 16.61
CA GLU CC 638 51.97 -47.19 16.23
C GLU CC 638 50.64 -47.83 16.61
N TRP CC 639 49.55 -47.18 16.25
CA TRP CC 639 48.22 -47.60 16.70
C TRP CC 639 47.61 -48.61 15.74
N ASP CC 640 46.91 -49.59 16.30
CA ASP CC 640 46.39 -50.71 15.54
C ASP CC 640 45.44 -50.23 14.45
N VAL CC 641 45.67 -50.71 13.22
CA VAL CC 641 44.78 -50.35 12.12
C VAL CC 641 43.45 -51.06 12.24
N ALA CC 642 43.44 -52.29 12.78
CA ALA CC 642 42.19 -53.02 12.94
C ALA CC 642 41.25 -52.29 13.89
N GLU CC 643 41.78 -51.75 14.99
CA GLU CC 643 41.01 -50.98 15.95
C GLU CC 643 40.89 -49.51 15.55
N ALA CC 644 41.49 -49.14 14.42
CA ALA CC 644 41.46 -47.74 13.99
C ALA CC 644 40.03 -47.23 13.82
N ARG CC 645 39.13 -48.09 13.36
CA ARG CC 645 37.71 -47.77 13.24
C ARG CC 645 36.89 -48.28 14.42
N LYS CC 646 37.54 -48.67 15.52
CA LYS CC 646 36.86 -49.29 16.65
C LYS CC 646 36.87 -48.41 17.90
N ILE CC 647 36.98 -47.10 17.72
CA ILE CC 647 36.93 -46.18 18.86
C ILE CC 647 35.50 -46.10 19.37
N TRP CC 648 35.33 -46.17 20.68
CA TRP CC 648 34.01 -46.12 21.31
C TRP CC 648 33.80 -44.85 22.12
N CYS CC 649 34.66 -44.59 23.10
CA CYS CC 649 34.43 -43.50 24.04
C CYS CC 649 35.73 -42.76 24.31
N PHE CC 650 35.59 -41.48 24.62
CA PHE CC 650 36.70 -40.59 24.93
C PHE CC 650 36.58 -40.11 26.36
N GLY CC 651 36.32 -41.04 27.28
CA GLY CC 651 36.40 -40.78 28.70
C GLY CC 651 35.35 -39.84 29.21
N PRO CC 652 35.69 -39.14 30.31
CA PRO CC 652 34.71 -38.26 30.96
C PRO CC 652 34.09 -37.28 29.98
N ASP CC 653 32.76 -37.17 30.06
CA ASP CC 653 31.96 -36.30 29.22
C ASP CC 653 32.19 -36.56 27.72
N GLY CC 654 32.80 -37.69 27.40
CA GLY CC 654 33.15 -38.00 26.03
C GLY CC 654 34.35 -37.24 25.49
N THR CC 655 35.05 -36.49 26.34
CA THR CC 655 36.24 -35.76 25.93
C THR CC 655 37.44 -36.00 26.83
N GLY CC 656 37.28 -36.79 27.90
CA GLY CC 656 38.32 -36.99 28.86
C GLY CC 656 39.42 -37.89 28.35
N PRO CC 657 40.56 -37.86 29.05
CA PRO CC 657 41.76 -38.59 28.61
C PRO CC 657 41.69 -40.09 28.92
N ASN CC 658 40.57 -40.72 28.58
CA ASN CC 658 40.40 -42.16 28.73
C ASN CC 658 39.69 -42.70 27.50
N ILE CC 659 40.25 -43.74 26.91
CA ILE CC 659 39.76 -44.29 25.65
C ILE CC 659 39.20 -45.68 25.91
N LEU CC 660 38.01 -45.95 25.38
CA LEU CC 660 37.43 -47.28 25.39
C LEU CC 660 37.23 -47.74 23.95
N THR CC 661 37.64 -48.97 23.66
CA THR CC 661 37.44 -49.54 22.32
C THR CC 661 36.96 -50.98 22.46
N ASP CC 662 36.81 -51.64 21.32
CA ASP CC 662 36.35 -53.01 21.27
C ASP CC 662 37.21 -53.80 20.29
N ILE CC 663 37.61 -55.00 20.72
CA ILE CC 663 38.28 -55.97 19.86
C ILE CC 663 37.43 -57.20 19.61
N THR CC 664 36.27 -57.30 20.26
CA THR CC 664 35.42 -58.47 20.09
C THR CC 664 35.00 -58.64 18.63
N LYS CC 665 35.10 -59.86 18.14
CA LYS CC 665 35.05 -60.15 16.70
C LYS CC 665 33.72 -60.80 16.34
N GLY CC 666 33.01 -60.19 15.38
CA GLY CC 666 31.86 -60.82 14.76
C GLY CC 666 30.68 -61.10 15.67
N VAL CC 667 30.76 -60.72 16.95
CA VAL CC 667 29.66 -60.99 17.87
C VAL CC 667 28.57 -59.96 17.63
N GLN CC 668 27.35 -60.30 18.03
CA GLN CC 668 26.15 -59.73 17.42
C GLN CC 668 25.43 -58.69 18.28
N TYR CC 669 25.03 -59.02 19.51
CA TYR CC 669 24.25 -58.07 20.30
C TYR CC 669 25.10 -57.06 21.05
N LEU CC 670 26.43 -57.07 20.85
CA LEU CC 670 27.28 -56.08 21.49
C LEU CC 670 26.93 -54.67 21.03
N ASN CC 671 26.54 -54.52 19.76
CA ASN CC 671 26.09 -53.22 19.26
C ASN CC 671 24.92 -52.68 20.07
N GLU CC 672 24.11 -53.55 20.67
CA GLU CC 672 23.09 -53.11 21.60
C GLU CC 672 23.60 -53.01 23.03
N ILE CC 673 24.87 -53.37 23.27
CA ILE CC 673 25.47 -53.15 24.57
C ILE CC 673 26.33 -51.88 24.57
N LYS CC 674 26.66 -51.34 23.40
CA LYS CC 674 27.61 -50.23 23.31
C LYS CC 674 27.16 -49.04 24.14
N ASP CC 675 25.90 -48.62 23.99
CA ASP CC 675 25.42 -47.48 24.76
C ASP CC 675 25.53 -47.77 26.26
N SER CC 676 25.12 -48.96 26.67
CA SER CC 676 25.26 -49.35 28.07
C SER CC 676 26.71 -49.45 28.50
N VAL CC 677 27.59 -50.01 27.66
CA VAL CC 677 28.99 -50.13 28.09
C VAL CC 677 29.65 -48.76 28.12
N VAL CC 678 29.30 -47.88 27.16
CA VAL CC 678 29.86 -46.54 27.18
C VAL CC 678 29.41 -45.78 28.42
N ALA CC 679 28.13 -45.92 28.78
CA ALA CC 679 27.65 -45.29 30.00
C ALA CC 679 28.34 -45.85 31.23
N GLY CC 680 28.54 -47.16 31.27
CA GLY CC 680 29.24 -47.76 32.39
C GLY CC 680 30.68 -47.28 32.51
N PHE CC 681 31.38 -47.19 31.37
CA PHE CC 681 32.75 -46.71 31.38
C PHE CC 681 32.82 -45.24 31.76
N GLN CC 682 31.83 -44.45 31.32
CA GLN CC 682 31.71 -43.06 31.76
C GLN CC 682 31.59 -42.97 33.27
N TRP CC 683 30.67 -43.75 33.84
CA TRP CC 683 30.49 -43.76 35.29
C TRP CC 683 31.77 -44.22 35.98
N ALA CC 684 32.48 -45.18 35.40
CA ALA CC 684 33.69 -45.69 36.02
C ALA CC 684 34.79 -44.63 36.01
N THR CC 685 35.00 -43.95 34.88
CA THR CC 685 36.07 -42.97 34.83
C THR CC 685 35.76 -41.72 35.65
N LYS CC 686 34.56 -41.15 35.54
CA LYS CC 686 34.24 -39.98 36.34
C LYS CC 686 34.18 -40.32 37.82
N GLU CC 687 33.59 -41.46 38.15
CA GLU CC 687 33.40 -41.94 39.51
C GLU CC 687 34.34 -43.14 39.67
N GLY CC 688 35.57 -42.88 40.11
CA GLY CC 688 36.66 -43.83 40.01
C GLY CC 688 36.67 -45.01 40.96
N ALA CC 689 37.85 -45.54 41.22
CA ALA CC 689 38.01 -46.81 41.94
C ALA CC 689 38.78 -46.68 43.25
N LEU CC 690 39.97 -46.07 43.23
CA LEU CC 690 40.78 -46.02 44.44
C LEU CC 690 40.33 -44.91 45.39
N CYS CC 691 40.26 -43.68 44.89
CA CYS CC 691 39.73 -42.58 45.68
C CYS CC 691 38.44 -42.05 45.09
N GLU CC 692 37.83 -42.81 44.19
CA GLU CC 692 36.62 -42.37 43.48
C GLU CC 692 36.91 -41.11 42.67
N GLU CC 693 38.02 -41.11 41.94
CA GLU CC 693 38.42 -39.97 41.13
C GLU CC 693 38.60 -40.36 39.68
N ASN CC 694 38.82 -39.34 38.85
CA ASN CC 694 39.05 -39.57 37.44
C ASN CC 694 40.43 -40.18 37.20
N MET CC 695 40.51 -41.05 36.19
CA MET CC 695 41.78 -41.56 35.73
C MET CC 695 42.27 -40.72 34.55
N ARG CC 696 43.51 -40.93 34.14
CA ARG CC 696 44.06 -40.23 32.99
C ARG CC 696 45.03 -41.14 32.25
N GLY CC 697 44.94 -41.15 30.93
CA GLY CC 697 45.85 -41.93 30.12
C GLY CC 697 45.77 -43.43 30.30
N VAL CC 698 44.55 -43.97 30.31
CA VAL CC 698 44.34 -45.41 30.44
C VAL CC 698 43.42 -45.86 29.31
N ARG CC 699 43.73 -47.02 28.72
CA ARG CC 699 42.98 -47.56 27.60
C ARG CC 699 42.27 -48.83 28.04
N PHE CC 700 41.06 -49.04 27.51
CA PHE CC 700 40.27 -50.22 27.82
C PHE CC 700 39.69 -50.81 26.55
N ASP CC 701 39.85 -52.13 26.40
CA ASP CC 701 39.40 -52.86 25.21
C ASP CC 701 38.62 -54.08 25.67
N VAL CC 702 37.43 -54.26 25.11
CA VAL CC 702 36.58 -55.40 25.49
C VAL CC 702 36.89 -56.57 24.55
N HIS CC 703 37.17 -57.73 25.15
CA HIS CC 703 37.63 -58.91 24.41
C HIS CC 703 36.50 -59.81 23.94
N ASP CC 704 35.71 -60.36 24.86
CA ASP CC 704 34.66 -61.29 24.49
C ASP CC 704 33.43 -61.04 25.34
N VAL CC 705 32.26 -61.34 24.78
CA VAL CC 705 30.99 -61.11 25.44
C VAL CC 705 30.08 -62.31 25.20
N THR CC 706 29.36 -62.73 26.24
CA THR CC 706 28.32 -63.75 26.13
C THR CC 706 27.01 -63.09 26.53
N LEU CC 707 26.21 -62.71 25.54
CA LEU CC 707 25.01 -61.92 25.76
C LEU CC 707 23.77 -62.78 25.64
N HIS CC 708 22.84 -62.59 26.59
CA HIS CC 708 21.56 -63.28 26.51
C HIS CC 708 20.83 -62.87 25.23
N ALA CC 709 20.16 -63.83 24.61
CA ALA CC 709 19.61 -63.62 23.27
C ALA CC 709 18.60 -62.48 23.22
N ASP CC 710 17.68 -62.43 24.19
CA ASP CC 710 16.60 -61.46 24.18
C ASP CC 710 17.05 -60.16 24.84
N ALA CC 711 16.35 -59.06 24.53
CA ALA CC 711 16.83 -57.75 24.96
C ALA CC 711 16.36 -57.37 26.35
N ILE CC 712 15.39 -58.08 26.92
CA ILE CC 712 14.78 -57.62 28.17
C ILE CC 712 15.60 -57.95 29.41
N HIS CC 713 16.42 -58.99 29.37
CA HIS CC 713 17.14 -59.43 30.56
C HIS CC 713 18.49 -58.74 30.73
N ARG CC 714 18.89 -57.90 29.79
CA ARG CC 714 20.22 -57.32 29.84
C ARG CC 714 20.12 -55.81 29.95
N GLY CC 715 19.24 -55.33 30.84
CA GLY CC 715 18.94 -53.93 30.91
C GLY CC 715 20.12 -53.08 31.32
N GLY CC 716 19.96 -51.76 31.17
CA GLY CC 716 21.00 -50.84 31.59
C GLY CC 716 21.32 -50.95 33.06
N GLY CC 717 20.30 -51.15 33.88
CA GLY CC 717 20.52 -51.45 35.29
C GLY CC 717 21.10 -52.83 35.50
N GLN CC 718 21.22 -53.62 34.44
CA GLN CC 718 21.76 -54.97 34.48
C GLN CC 718 23.13 -55.07 33.82
N ILE CC 719 23.50 -54.06 33.04
CA ILE CC 719 24.80 -54.02 32.35
C ILE CC 719 25.70 -52.94 32.92
N ILE CC 720 25.20 -51.71 32.99
CA ILE CC 720 26.04 -50.60 33.44
C ILE CC 720 26.68 -50.87 34.80
N PRO CC 721 25.97 -51.40 35.81
CA PRO CC 721 26.69 -51.79 37.04
C PRO CC 721 27.76 -52.83 36.79
N THR CC 722 27.50 -53.79 35.91
CA THR CC 722 28.49 -54.80 35.59
C THR CC 722 29.69 -54.21 34.87
N ALA CC 723 29.45 -53.24 33.98
CA ALA CC 723 30.56 -52.58 33.31
C ALA CC 723 31.47 -51.89 34.31
N ARG CC 724 30.89 -51.17 35.27
CA ARG CC 724 31.70 -50.51 36.27
C ARG CC 724 32.45 -51.52 37.14
N ARG CC 725 31.77 -52.61 37.52
CA ARG CC 725 32.44 -53.65 38.29
C ARG CC 725 33.66 -54.18 37.55
N CYS CC 726 33.49 -54.50 36.26
CA CYS CC 726 34.57 -55.10 35.51
C CYS CC 726 35.70 -54.11 35.29
N LEU CC 727 35.37 -52.83 35.05
CA LEU CC 727 36.40 -51.83 34.86
C LEU CC 727 37.20 -51.60 36.13
N TYR CC 728 36.54 -51.56 37.28
CA TYR CC 728 37.28 -51.45 38.54
C TYR CC 728 38.14 -52.67 38.77
N ALA CC 729 37.62 -53.86 38.42
CA ALA CC 729 38.44 -55.06 38.50
C ALA CC 729 39.73 -54.89 37.69
N SER CC 730 39.59 -54.47 36.44
CA SER CC 730 40.75 -54.28 35.59
C SER CC 730 41.73 -53.29 36.21
N VAL CC 731 41.23 -52.13 36.64
CA VAL CC 731 42.11 -51.08 37.11
C VAL CC 731 42.79 -51.47 38.42
N LEU CC 732 42.17 -52.35 39.20
CA LEU CC 732 42.83 -52.85 40.41
C LEU CC 732 43.87 -53.91 40.06
N THR CC 733 43.56 -54.76 39.08
CA THR CC 733 44.47 -55.85 38.72
C THR CC 733 45.77 -55.36 38.09
N ALA CC 734 45.79 -54.17 37.51
CA ALA CC 734 46.91 -53.72 36.71
C ALA CC 734 47.97 -52.98 37.52
N GLN CC 735 48.11 -53.29 38.81
CA GLN CC 735 49.06 -52.62 39.68
C GLN CC 735 48.78 -51.13 39.70
N PRO CC 736 47.69 -50.70 40.36
CA PRO CC 736 47.22 -49.32 40.21
C PRO CC 736 48.23 -48.31 40.72
N ARG CC 737 48.14 -47.09 40.19
CA ARG CC 737 49.08 -46.02 40.50
C ARG CC 737 48.32 -44.71 40.69
N LEU CC 738 49.05 -43.71 41.18
CA LEU CC 738 48.51 -42.38 41.43
C LEU CC 738 49.46 -41.34 40.85
N MET CC 739 48.89 -40.23 40.37
CA MET CC 739 49.68 -39.12 39.89
C MET CC 739 49.12 -37.81 40.42
N GLU CC 740 50.04 -36.85 40.70
CA GLU CC 740 49.96 -35.53 41.32
C GLU CC 740 50.13 -34.42 40.30
N PRO CC 741 49.40 -33.32 40.44
CA PRO CC 741 49.55 -32.18 39.51
C PRO CC 741 50.84 -31.39 39.71
N ILE CC 742 51.94 -31.93 39.23
CA ILE CC 742 53.22 -31.22 39.27
C ILE CC 742 53.13 -30.02 38.33
N TYR CC 743 53.34 -28.83 38.86
CA TYR CC 743 53.06 -27.61 38.11
C TYR CC 743 54.27 -26.69 38.11
N LEU CC 744 54.37 -25.90 37.04
CA LEU CC 744 55.53 -25.05 36.81
C LEU CC 744 55.50 -23.83 37.70
N VAL CC 745 56.65 -23.51 38.28
CA VAL CC 745 56.85 -22.28 39.04
C VAL CC 745 57.87 -21.44 38.29
N GLU CC 746 57.43 -20.32 37.73
CA GLU CC 746 58.31 -19.37 37.06
C GLU CC 746 58.72 -18.33 38.11
N ILE CC 747 59.97 -18.40 38.55
CA ILE CC 747 60.46 -17.59 39.66
C ILE CC 747 61.48 -16.62 39.12
N GLN CC 748 61.29 -15.34 39.44
CA GLN CC 748 62.22 -14.28 39.06
C GLN CC 748 63.12 -13.99 40.25
N CYS CC 749 64.43 -13.90 40.00
CA CYS CC 749 65.38 -13.87 41.09
C CYS CC 749 66.73 -13.33 40.63
N PRO CC 750 67.45 -12.61 41.48
CA PRO CC 750 68.78 -12.11 41.11
C PRO CC 750 69.84 -13.19 41.26
N GLU CC 751 71.08 -12.82 40.92
CA GLU CC 751 72.18 -13.77 40.94
C GLU CC 751 72.44 -14.31 42.34
N GLN CC 752 72.39 -13.43 43.34
CA GLN CC 752 72.92 -13.76 44.65
C GLN CC 752 72.18 -14.90 45.34
N VAL CC 753 70.91 -15.13 45.00
CA VAL CC 753 70.13 -16.10 45.77
C VAL CC 753 69.52 -17.15 44.85
N VAL CC 754 70.18 -17.44 43.73
CA VAL CC 754 69.81 -18.63 42.97
C VAL CC 754 70.06 -19.88 43.79
N GLY CC 755 71.06 -19.86 44.67
CA GLY CC 755 71.24 -20.95 45.61
C GLY CC 755 70.04 -21.12 46.53
N GLY CC 756 69.41 -20.01 46.91
CA GLY CC 756 68.23 -20.11 47.77
C GLY CC 756 67.08 -20.83 47.08
N ILE CC 757 66.78 -20.45 45.84
CA ILE CC 757 65.70 -21.13 45.13
C ILE CC 757 66.09 -22.58 44.87
N TYR CC 758 67.35 -22.83 44.54
CA TYR CC 758 67.81 -24.21 44.39
C TYR CC 758 67.50 -25.03 45.64
N GLY CC 759 67.88 -24.51 46.80
CA GLY CC 759 67.66 -25.25 48.03
C GLY CC 759 66.19 -25.45 48.34
N VAL CC 760 65.38 -24.41 48.17
CA VAL CC 760 63.98 -24.54 48.55
C VAL CC 760 63.25 -25.50 47.62
N LEU CC 761 63.60 -25.48 46.33
CA LEU CC 761 63.02 -26.48 45.43
C LEU CC 761 63.50 -27.87 45.78
N ASN CC 762 64.77 -28.00 46.18
CA ASN CC 762 65.28 -29.30 46.57
C ASN CC 762 64.50 -29.87 47.75
N ARG CC 763 64.27 -29.06 48.79
CA ARG CC 763 63.56 -29.58 49.95
C ARG CC 763 62.10 -29.85 49.63
N LYS CC 764 61.51 -29.11 48.70
CA LYS CC 764 60.12 -29.30 48.31
C LYS CC 764 59.97 -30.22 47.10
N ARG CC 765 60.93 -31.10 46.87
CA ARG CC 765 60.88 -32.10 45.81
C ARG CC 765 60.81 -31.46 44.42
N GLY CC 766 61.50 -30.34 44.24
CA GLY CC 766 61.45 -29.60 42.99
C GLY CC 766 62.83 -29.42 42.39
N HIS CC 767 62.86 -29.29 41.07
CA HIS CC 767 64.10 -29.10 40.31
C HIS CC 767 63.90 -28.02 39.27
N VAL CC 768 64.97 -27.28 38.98
CA VAL CC 768 64.94 -26.33 37.88
C VAL CC 768 65.30 -27.05 36.59
N PHE CC 769 64.55 -26.76 35.52
CA PHE CC 769 64.91 -27.22 34.19
C PHE CC 769 65.27 -26.09 33.26
N GLU CC 770 65.00 -24.84 33.64
CA GLU CC 770 65.31 -23.70 32.79
C GLU CC 770 65.80 -22.56 33.69
N GLU CC 771 67.07 -22.19 33.52
CA GLU CC 771 67.66 -21.04 34.18
C GLU CC 771 68.43 -20.24 33.15
N SER CC 772 68.23 -18.92 33.14
CA SER CC 772 68.89 -18.08 32.15
C SER CC 772 68.98 -16.65 32.66
N GLN CC 773 69.91 -15.90 32.07
CA GLN CC 773 70.09 -14.50 32.36
C GLN CC 773 69.21 -13.64 31.45
N VAL CC 774 68.82 -12.48 31.94
CA VAL CC 774 68.01 -11.54 31.18
C VAL CC 774 68.93 -10.49 30.56
N ALA CC 775 68.38 -9.75 29.59
CA ALA CC 775 69.15 -8.77 28.86
C ALA CC 775 69.59 -7.59 29.71
N GLY CC 776 68.96 -7.35 30.85
CA GLY CC 776 69.33 -6.21 31.66
C GLY CC 776 70.70 -6.37 32.29
N THR CC 777 70.80 -7.27 33.28
CA THR CC 777 72.03 -7.65 33.98
C THR CC 777 71.73 -8.46 35.23
N PRO CC 778 71.02 -7.92 36.23
CA PRO CC 778 70.99 -8.57 37.55
C PRO CC 778 69.92 -9.63 37.72
N MET CC 779 69.08 -9.85 36.72
CA MET CC 779 67.87 -10.64 36.88
C MET CC 779 68.04 -12.01 36.23
N PHE CC 780 67.62 -13.05 36.94
CA PHE CC 780 67.58 -14.41 36.42
C PHE CC 780 66.12 -14.82 36.29
N VAL CC 781 65.73 -15.26 35.10
CA VAL CC 781 64.43 -15.88 34.90
C VAL CC 781 64.62 -17.38 35.02
N VAL CC 782 63.91 -18.01 35.96
CA VAL CC 782 64.13 -19.39 36.31
C VAL CC 782 62.80 -20.11 36.40
N LYS CC 783 62.74 -21.31 35.81
CA LYS CC 783 61.54 -22.11 35.77
C LYS CC 783 61.83 -23.47 36.37
N ALA CC 784 60.99 -23.93 37.29
CA ALA CC 784 61.23 -25.17 38.00
C ALA CC 784 59.93 -25.94 38.16
N TYR CC 785 60.05 -27.27 38.18
CA TYR CC 785 58.93 -28.16 38.45
C TYR CC 785 58.74 -28.28 39.95
N LEU CC 786 57.49 -28.38 40.38
CA LEU CC 786 57.18 -28.43 41.79
C LEU CC 786 55.81 -29.05 41.97
N PRO CC 787 55.68 -30.04 42.84
CA PRO CC 787 54.36 -30.63 43.09
C PRO CC 787 53.46 -29.67 43.86
N VAL CC 788 52.16 -29.70 43.53
CA VAL CC 788 51.22 -28.76 44.12
C VAL CC 788 51.10 -28.97 45.63
N ASN CC 789 51.06 -30.22 46.08
CA ASN CC 789 50.96 -30.48 47.50
C ASN CC 789 52.15 -29.94 48.28
N GLU CC 790 53.26 -29.68 47.62
CA GLU CC 790 54.42 -29.04 48.25
C GLU CC 790 54.34 -27.53 48.24
N SER CC 791 53.30 -26.95 47.64
CA SER CC 791 53.23 -25.50 47.45
C SER CC 791 52.77 -24.75 48.70
N PHE CC 792 52.10 -25.41 49.64
CA PHE CC 792 51.56 -24.72 50.81
C PHE CC 792 52.70 -24.14 51.63
N GLY CC 793 52.71 -22.82 51.78
CA GLY CC 793 53.77 -22.14 52.49
C GLY CC 793 55.07 -22.03 51.72
N PHE CC 794 55.08 -22.42 50.45
CA PHE CC 794 56.31 -22.42 49.67
C PHE CC 794 56.86 -21.01 49.50
N THR CC 795 55.99 -20.03 49.23
CA THR CC 795 56.46 -18.66 49.06
C THR CC 795 57.02 -18.11 50.37
N ALA CC 796 56.48 -18.56 51.50
CA ALA CC 796 56.96 -18.07 52.79
C ALA CC 796 58.41 -18.46 53.01
N ASP CC 797 58.74 -19.74 52.86
CA ASP CC 797 60.11 -20.17 53.04
C ASP CC 797 60.99 -19.63 51.92
N LEU CC 798 60.40 -19.42 50.74
CA LEU CC 798 61.15 -18.82 49.64
C LEU CC 798 61.62 -17.42 50.02
N ARG CC 799 60.73 -16.62 50.60
CA ARG CC 799 61.11 -15.31 51.08
C ARG CC 799 62.10 -15.40 52.23
N SER CC 800 61.94 -16.40 53.09
CA SER CC 800 62.88 -16.57 54.20
C SER CC 800 64.29 -16.80 53.69
N ASN CC 801 64.43 -17.66 52.69
CA ASN CC 801 65.75 -18.01 52.18
C ASN CC 801 66.26 -17.03 51.14
N THR CC 802 65.42 -16.14 50.63
CA THR CC 802 65.84 -15.15 49.65
C THR CC 802 65.97 -13.76 50.24
N GLY CC 803 65.58 -13.56 51.50
CA GLY CC 803 65.51 -12.22 52.03
C GLY CC 803 64.49 -11.35 51.34
N GLY CC 804 63.36 -11.92 50.96
CA GLY CC 804 62.33 -11.19 50.25
C GLY CC 804 62.77 -10.76 48.86
N GLN CC 805 63.47 -11.63 48.14
CA GLN CC 805 64.00 -11.34 46.82
C GLN CC 805 63.53 -12.36 45.80
N ALA CC 806 62.23 -12.66 45.80
CA ALA CC 806 61.70 -13.67 44.90
C ALA CC 806 60.34 -13.21 44.38
N PHE CC 807 60.05 -13.54 43.13
CA PHE CC 807 58.77 -13.25 42.49
C PHE CC 807 58.22 -14.55 41.93
N PRO CC 808 57.64 -15.40 42.77
CA PRO CC 808 57.25 -16.77 42.37
C PRO CC 808 55.90 -16.91 41.66
N GLN CC 809 55.92 -16.69 40.35
CA GLN CC 809 54.75 -16.95 39.52
C GLN CC 809 54.52 -18.46 39.44
N CYS CC 810 53.24 -18.86 39.49
CA CYS CC 810 52.88 -20.26 39.46
C CYS CC 810 51.77 -20.52 38.46
N VAL CC 811 52.01 -21.46 37.55
CA VAL CC 811 51.01 -21.94 36.61
C VAL CC 811 51.06 -23.46 36.60
N PHE CC 812 49.96 -24.08 36.19
CA PHE CC 812 49.92 -25.53 36.09
C PHE CC 812 50.74 -26.00 34.90
N ASP CC 813 51.39 -27.16 35.06
CA ASP CC 813 52.22 -27.71 33.99
C ASP CC 813 51.69 -29.04 33.46
N HIS CC 814 51.58 -30.07 34.31
CA HIS CC 814 51.25 -31.42 33.83
C HIS CC 814 51.01 -32.31 35.05
N TRP CC 815 50.82 -33.60 34.78
CA TRP CC 815 50.77 -34.62 35.82
C TRP CC 815 51.88 -35.63 35.58
N GLN CC 816 52.30 -36.30 36.65
CA GLN CC 816 53.40 -37.25 36.59
C GLN CC 816 53.20 -38.29 37.68
N ILE CC 817 53.69 -39.51 37.41
CA ILE CC 817 53.48 -40.64 38.31
C ILE CC 817 54.05 -40.33 39.69
N LEU CC 818 53.22 -40.51 40.71
CA LEU CC 818 53.69 -40.39 42.08
C LEU CC 818 54.52 -41.63 42.42
N PRO CC 819 55.75 -41.46 42.91
CA PRO CC 819 56.68 -42.60 42.99
C PRO CC 819 56.18 -43.82 43.76
N GLY CC 820 55.48 -43.64 44.87
CA GLY CC 820 55.15 -44.78 45.70
C GLY CC 820 53.96 -45.55 45.19
N ASP CC 821 53.91 -46.84 45.56
CA ASP CC 821 52.82 -47.71 45.19
C ASP CC 821 51.75 -47.68 46.26
N PRO CC 822 50.54 -47.22 45.94
CA PRO CC 822 49.48 -47.13 46.98
C PRO CC 822 49.09 -48.47 47.56
N PHE CC 823 49.38 -49.57 46.88
CA PHE CC 823 48.97 -50.88 47.38
C PHE CC 823 49.61 -51.19 48.73
N ASP CC 824 50.88 -50.82 48.90
CA ASP CC 824 51.50 -50.87 50.21
C ASP CC 824 50.89 -49.82 51.12
N ASN CC 825 50.72 -50.17 52.40
CA ASN CC 825 50.16 -49.21 53.35
C ASN CC 825 51.17 -48.12 53.68
N SER CC 826 52.45 -48.48 53.80
CA SER CC 826 53.49 -47.56 54.22
C SER CC 826 53.94 -46.61 53.10
N SER CC 827 53.23 -46.55 51.99
CA SER CC 827 53.61 -45.70 50.89
C SER CC 827 52.83 -44.39 50.97
N ARG CC 828 53.45 -43.32 50.47
CA ARG CC 828 52.79 -42.02 50.41
C ARG CC 828 51.52 -41.99 49.54
N PRO CC 829 51.39 -42.62 48.31
CA PRO CC 829 50.09 -42.75 47.85
C PRO CC 829 49.03 -43.34 48.79
N SER CC 830 49.40 -44.33 49.63
CA SER CC 830 48.44 -44.90 50.52
C SER CC 830 47.95 -43.84 51.49
N GLN CC 831 48.84 -42.98 51.97
CA GLN CC 831 48.38 -41.89 52.83
C GLN CC 831 47.47 -40.93 52.06
N VAL CC 832 47.81 -40.64 50.79
CA VAL CC 832 46.96 -39.78 49.98
C VAL CC 832 45.57 -40.39 49.81
N VAL CC 833 45.51 -41.67 49.45
CA VAL CC 833 44.24 -42.31 49.19
C VAL CC 833 43.43 -42.39 50.49
N ALA CC 834 44.11 -42.62 51.62
CA ALA CC 834 43.41 -42.68 52.89
C ALA CC 834 42.79 -41.34 53.26
N GLU CC 835 43.58 -40.26 53.17
CA GLU CC 835 43.02 -38.96 53.53
C GLU CC 835 41.97 -38.51 52.53
N THR CC 836 42.12 -38.87 51.25
CA THR CC 836 41.12 -38.50 50.26
C THR CC 836 39.81 -39.25 50.48
N ARG CC 837 39.90 -40.54 50.80
CA ARG CC 837 38.69 -41.29 51.15
C ARG CC 837 38.06 -40.73 52.42
N LYS CC 838 38.90 -40.33 53.39
CA LYS CC 838 38.37 -39.75 54.62
C LYS CC 838 37.61 -38.47 54.33
N ARG CC 839 38.20 -37.55 53.55
CA ARG CC 839 37.52 -36.30 53.27
C ARG CC 839 36.27 -36.52 52.43
N LYS CC 840 36.31 -37.46 51.49
CA LYS CC 840 35.12 -37.79 50.71
C LYS CC 840 34.16 -38.67 51.50
N GLY CC 841 34.48 -38.99 52.75
CA GLY CC 841 33.55 -39.67 53.64
C GLY CC 841 33.12 -41.05 53.19
N LEU CC 842 34.03 -41.85 52.66
CA LEU CC 842 33.72 -43.16 52.12
C LEU CC 842 34.37 -44.24 52.96
N LYS CC 843 34.18 -45.49 52.53
CA LYS CC 843 34.82 -46.62 53.19
C LYS CC 843 36.32 -46.56 52.97
N GLU CC 844 37.08 -46.49 54.07
CA GLU CC 844 38.52 -46.32 53.97
C GLU CC 844 39.17 -47.49 53.24
N GLY CC 845 38.73 -48.70 53.55
CA GLY CC 845 39.26 -49.87 52.88
C GLY CC 845 38.90 -49.91 51.40
N ILE CC 846 39.93 -50.14 50.60
CA ILE CC 846 39.80 -50.41 49.20
C ILE CC 846 39.21 -51.82 48.99
N PRO CC 847 38.11 -52.03 48.20
CA PRO CC 847 37.65 -53.39 48.16
C PRO CC 847 38.55 -54.42 47.35
N ALA CC 848 38.48 -55.63 47.81
CA ALA CC 848 39.32 -56.60 47.11
C ALA CC 848 38.69 -56.95 45.76
N LEU CC 849 39.35 -57.83 45.01
CA LEU CC 849 38.87 -58.20 43.70
C LEU CC 849 37.60 -59.04 43.76
N ASP CC 850 37.18 -59.46 44.94
CA ASP CC 850 35.99 -60.30 45.06
C ASP CC 850 34.74 -59.58 44.55
N ASN CC 851 34.55 -58.32 44.96
CA ASN CC 851 33.36 -57.58 44.57
C ASN CC 851 33.36 -57.22 43.09
N PHE CC 852 34.53 -56.95 42.51
CA PHE CC 852 34.62 -56.61 41.11
C PHE CC 852 34.73 -57.86 40.22
N LEU CC 853 35.74 -58.68 40.45
CA LEU CC 853 35.94 -59.86 39.63
C LEU CC 853 35.14 -61.05 40.16
N ASP CC 854 34.36 -61.65 39.27
CA ASP CC 854 33.51 -62.78 39.61
C ASP CC 854 33.88 -63.98 38.75
N LYS CC 855 33.54 -65.16 39.23
CA LYS CC 855 33.88 -66.39 38.53
C LYS CC 855 32.95 -66.61 37.35
N LEU CC 856 33.30 -67.58 36.50
CA LEU CC 856 32.56 -67.87 35.29
C LEU CC 856 31.17 -68.42 35.60
N ASP FC 1 102.70 -54.88 53.28
CA ASP FC 1 103.28 -54.51 52.01
C ASP FC 1 104.46 -53.56 52.18
N ARG FC 2 104.53 -52.91 53.34
CA ARG FC 2 105.56 -51.90 53.55
C ARG FC 2 106.97 -52.47 53.44
N ALA FC 3 107.20 -53.63 54.07
CA ALA FC 3 108.54 -54.21 54.05
C ALA FC 3 108.96 -54.60 52.63
N THR FC 4 108.12 -55.37 51.95
CA THR FC 4 108.43 -55.70 50.57
C THR FC 4 108.49 -54.44 49.72
N TRP FC 5 107.71 -53.41 50.07
CA TRP FC 5 107.76 -52.16 49.32
C TRP FC 5 109.14 -51.52 49.38
N LYS FC 6 109.69 -51.40 50.59
CA LYS FC 6 111.01 -50.80 50.74
C LYS FC 6 112.07 -51.66 50.04
N SER FC 7 111.93 -52.99 50.17
CA SER FC 7 112.84 -53.88 49.46
C SER FC 7 112.81 -53.60 47.97
N ASN FC 8 111.60 -53.51 47.41
CA ASN FC 8 111.47 -53.24 45.99
C ASN FC 8 112.09 -51.89 45.63
N TYR FC 9 111.86 -50.85 46.44
CA TYR FC 9 112.40 -49.56 46.07
C TYR FC 9 113.92 -49.59 46.03
N PHE FC 10 114.51 -50.21 47.06
CA PHE FC 10 115.95 -50.44 47.04
C PHE FC 10 116.37 -51.09 45.74
N LEU FC 11 115.70 -52.18 45.38
CA LEU FC 11 116.16 -52.92 44.21
C LEU FC 11 115.99 -52.10 42.94
N LYS FC 12 114.84 -51.47 42.74
CA LYS FC 12 114.62 -50.77 41.47
C LYS FC 12 115.61 -49.63 41.31
N ILE FC 13 115.82 -48.84 42.37
CA ILE FC 13 116.75 -47.73 42.23
C ILE FC 13 118.16 -48.23 42.04
N ILE FC 14 118.50 -49.37 42.67
CA ILE FC 14 119.84 -49.92 42.49
C ILE FC 14 120.05 -50.33 41.04
N GLN FC 15 119.09 -51.05 40.47
CA GLN FC 15 119.22 -51.49 39.08
C GLN FC 15 119.30 -50.30 38.14
N LEU FC 16 118.45 -49.30 38.33
CA LEU FC 16 118.43 -48.17 37.42
C LEU FC 16 119.66 -47.28 37.60
N LEU FC 17 120.26 -47.26 38.79
CA LEU FC 17 121.52 -46.58 38.97
C LEU FC 17 122.67 -47.32 38.30
N ASP FC 18 122.69 -48.65 38.38
CA ASP FC 18 123.67 -49.41 37.61
C ASP FC 18 123.48 -49.17 36.13
N ASP FC 19 122.24 -48.99 35.69
CA ASP FC 19 121.95 -48.86 34.27
C ASP FC 19 122.38 -47.48 33.74
N TYR FC 20 121.80 -46.42 34.27
CA TYR FC 20 122.17 -45.08 33.83
C TYR FC 20 123.49 -44.68 34.48
N PRO FC 21 124.48 -44.27 33.72
CA PRO FC 21 125.78 -43.91 34.32
C PRO FC 21 125.82 -42.47 34.80
N LYS FC 22 124.98 -41.62 34.20
CA LYS FC 22 124.96 -40.20 34.51
C LYS FC 22 123.54 -39.78 34.88
N CYS FC 23 123.43 -38.95 35.90
CA CYS FC 23 122.13 -38.48 36.35
C CYS FC 23 122.16 -36.98 36.54
N PHE FC 24 121.06 -36.44 37.07
CA PHE FC 24 120.95 -35.03 37.31
C PHE FC 24 119.88 -34.78 38.36
N ILE FC 25 120.20 -33.93 39.34
CA ILE FC 25 119.40 -33.76 40.54
C ILE FC 25 118.39 -32.64 40.34
N VAL FC 26 117.13 -32.91 40.68
CA VAL FC 26 116.06 -31.93 40.58
C VAL FC 26 115.46 -31.72 41.97
N GLY FC 27 114.99 -30.51 42.22
CA GLY FC 27 114.27 -30.23 43.45
C GLY FC 27 112.77 -30.21 43.25
N ALA FC 28 112.10 -31.27 43.68
CA ALA FC 28 110.65 -31.33 43.54
C ALA FC 28 109.99 -30.37 44.51
N ASP FC 29 109.66 -29.17 44.01
CA ASP FC 29 109.08 -28.11 44.83
C ASP FC 29 107.59 -28.39 45.04
N ASN FC 30 106.85 -27.35 45.43
CA ASN FC 30 105.43 -27.47 45.70
C ASN FC 30 104.66 -27.65 44.37
N VAL FC 31 105.01 -28.72 43.67
CA VAL FC 31 104.59 -28.95 42.29
C VAL FC 31 103.41 -29.92 42.27
N GLY FC 32 102.46 -29.64 41.37
CA GLY FC 32 101.29 -30.48 41.21
C GLY FC 32 101.61 -31.83 40.58
N SER FC 33 100.68 -32.78 40.74
CA SER FC 33 100.86 -34.09 40.12
C SER FC 33 100.65 -34.02 38.62
N LYS FC 34 99.79 -33.09 38.16
CA LYS FC 34 99.56 -32.95 36.73
C LYS FC 34 100.85 -32.66 35.99
N GLN FC 35 101.65 -31.72 36.52
CA GLN FC 35 102.87 -31.32 35.84
C GLN FC 35 103.91 -32.42 35.88
N MET FC 36 104.05 -33.12 37.01
CA MET FC 36 104.96 -34.24 37.06
C MET FC 36 104.55 -35.32 36.08
N GLN FC 37 103.24 -35.61 36.01
CA GLN FC 37 102.74 -36.60 35.05
C GLN FC 37 103.09 -36.19 33.63
N GLN FC 38 102.87 -34.92 33.31
CA GLN FC 38 103.10 -34.47 31.95
C GLN FC 38 104.58 -34.48 31.58
N ILE FC 39 105.47 -34.04 32.48
CA ILE FC 39 106.89 -34.08 32.15
C ILE FC 39 107.35 -35.52 32.04
N ARG FC 40 106.94 -36.37 32.99
CA ARG FC 40 107.29 -37.78 32.95
C ARG FC 40 106.82 -38.42 31.65
N MET FC 41 105.70 -37.95 31.10
CA MET FC 41 105.29 -38.37 29.77
C MET FC 41 106.23 -37.82 28.71
N SER FC 42 106.52 -36.53 28.76
CA SER FC 42 107.44 -35.94 27.79
C SER FC 42 108.82 -36.56 27.92
N LEU FC 43 109.26 -36.83 29.15
CA LEU FC 43 110.54 -37.46 29.39
C LEU FC 43 110.51 -38.97 29.18
N ARG FC 44 109.32 -39.54 28.97
CA ARG FC 44 109.18 -40.99 29.01
C ARG FC 44 110.04 -41.67 27.94
N GLY FC 45 110.03 -41.14 26.72
CA GLY FC 45 110.81 -41.74 25.67
C GLY FC 45 112.31 -41.67 25.92
N LYS FC 46 112.77 -40.52 26.43
CA LYS FC 46 114.21 -40.29 26.48
C LYS FC 46 114.80 -40.58 27.87
N ALA FC 47 114.14 -40.11 28.93
CA ALA FC 47 114.71 -40.27 30.26
C ALA FC 47 113.76 -41.03 31.19
N VAL FC 48 114.14 -41.15 32.46
CA VAL FC 48 113.26 -41.69 33.49
C VAL FC 48 113.36 -40.80 34.71
N VAL FC 49 112.22 -40.45 35.28
CA VAL FC 49 112.15 -39.64 36.49
C VAL FC 49 111.67 -40.53 37.62
N LEU FC 50 112.16 -40.27 38.83
CA LEU FC 50 111.73 -41.02 40.00
C LEU FC 50 112.19 -40.30 41.24
N MET FC 51 111.39 -40.43 42.31
CA MET FC 51 111.80 -39.96 43.62
C MET FC 51 110.86 -40.54 44.65
N GLY FC 52 111.25 -40.39 45.91
CA GLY FC 52 110.47 -40.85 47.05
C GLY FC 52 110.96 -40.13 48.28
N LYS FC 53 111.09 -40.84 49.40
CA LYS FC 53 111.76 -40.25 50.54
C LYS FC 53 113.23 -40.08 50.22
N ASN FC 54 113.85 -39.04 50.78
CA ASN FC 54 115.20 -38.70 50.36
C ASN FC 54 116.27 -39.53 51.04
N THR FC 55 115.94 -40.69 51.59
CA THR FC 55 116.91 -41.47 52.34
C THR FC 55 117.08 -42.91 51.87
N MET FC 56 116.12 -43.49 51.14
CA MET FC 56 116.36 -44.84 50.64
C MET FC 56 117.48 -44.86 49.61
N MET FC 57 117.56 -43.80 48.79
CA MET FC 57 118.73 -43.69 47.92
C MET FC 57 120.00 -43.53 48.75
N ARG FC 58 119.93 -42.81 49.87
CA ARG FC 58 121.12 -42.63 50.70
C ARG FC 58 121.63 -43.97 51.21
N LYS FC 59 120.76 -44.75 51.84
CA LYS FC 59 121.17 -46.06 52.33
C LYS FC 59 121.58 -46.97 51.19
N ALA FC 60 120.86 -46.90 50.07
CA ALA FC 60 121.21 -47.74 48.93
C ALA FC 60 122.62 -47.47 48.46
N ILE FC 61 122.96 -46.21 48.19
CA ILE FC 61 124.29 -45.87 47.71
C ILE FC 61 125.35 -46.05 48.78
N ARG FC 62 125.01 -45.88 50.06
CA ARG FC 62 125.98 -46.02 51.12
C ARG FC 62 126.23 -47.46 51.53
N GLY FC 63 125.38 -48.39 51.11
CA GLY FC 63 125.54 -49.76 51.51
C GLY FC 63 125.70 -50.73 50.36
N HIS FC 64 125.27 -50.33 49.17
CA HIS FC 64 125.30 -51.21 48.01
C HIS FC 64 126.17 -50.70 46.87
N LEU FC 65 126.87 -49.59 47.04
CA LEU FC 65 127.68 -49.02 45.97
C LEU FC 65 129.17 -49.01 46.30
N GLU FC 66 129.60 -49.83 47.27
CA GLU FC 66 131.03 -50.00 47.50
C GLU FC 66 131.71 -50.66 46.31
N ASN FC 67 131.04 -51.65 45.71
CA ASN FC 67 131.56 -52.29 44.51
C ASN FC 67 131.54 -51.36 43.30
N ASN FC 68 130.81 -50.25 43.37
CA ASN FC 68 130.80 -49.23 42.33
C ASN FC 68 131.11 -47.89 43.01
N PRO FC 69 132.37 -47.64 43.35
CA PRO FC 69 132.71 -46.42 44.09
C PRO FC 69 132.59 -45.17 43.23
N ALA FC 70 133.02 -44.04 43.77
CA ALA FC 70 132.81 -42.71 43.22
C ALA FC 70 131.34 -42.33 43.21
N LEU FC 71 130.51 -43.06 43.96
CA LEU FC 71 129.10 -42.75 44.16
C LEU FC 71 128.84 -42.37 45.61
N GLU FC 72 129.77 -41.60 46.18
CA GLU FC 72 129.72 -41.20 47.58
C GLU FC 72 129.45 -39.72 47.78
N LYS FC 73 129.65 -38.90 46.75
CA LYS FC 73 129.51 -37.47 46.91
C LYS FC 73 128.07 -37.00 47.02
N LEU FC 74 127.11 -37.76 46.47
CA LEU FC 74 125.72 -37.35 46.60
C LEU FC 74 125.24 -37.32 48.05
N LEU FC 75 125.95 -38.00 48.95
CA LEU FC 75 125.46 -38.14 50.32
C LEU FC 75 125.19 -36.79 51.00
N PRO FC 76 126.09 -35.81 50.97
CA PRO FC 76 125.71 -34.47 51.44
C PRO FC 76 124.98 -33.62 50.40
N HIS FC 77 124.70 -34.16 49.22
CA HIS FC 77 124.08 -33.41 48.16
C HIS FC 77 122.56 -33.57 48.09
N ILE FC 78 121.99 -34.55 48.76
CA ILE FC 78 120.55 -34.77 48.70
C ILE FC 78 119.98 -34.58 50.09
N ARG FC 79 119.28 -33.45 50.28
CA ARG FC 79 118.64 -33.11 51.53
C ARG FC 79 117.38 -32.33 51.18
N GLY FC 80 116.43 -32.29 52.12
CA GLY FC 80 115.18 -31.62 51.83
C GLY FC 80 114.40 -32.39 50.79
N ASN FC 81 113.59 -31.68 50.03
CA ASN FC 81 112.86 -32.26 48.90
C ASN FC 81 113.80 -32.35 47.72
N VAL FC 82 113.73 -33.47 47.00
CA VAL FC 82 114.68 -33.75 45.91
C VAL FC 82 114.01 -34.67 44.91
N GLY FC 83 114.48 -34.60 43.65
CA GLY FC 83 114.00 -35.49 42.61
C GLY FC 83 115.14 -35.92 41.71
N PHE FC 84 115.09 -37.19 41.31
CA PHE FC 84 116.11 -37.78 40.45
C PHE FC 84 115.50 -38.10 39.09
N VAL FC 85 116.11 -37.55 38.05
CA VAL FC 85 115.79 -37.93 36.68
C VAL FC 85 117.06 -38.53 36.07
N PHE FC 86 116.99 -39.79 35.69
CA PHE FC 86 118.13 -40.53 35.16
C PHE FC 86 118.00 -40.57 33.64
N THR FC 87 119.02 -40.07 32.95
CA THR FC 87 118.94 -39.95 31.50
C THR FC 87 120.26 -40.38 30.87
N LYS FC 88 120.18 -40.74 29.59
CA LYS FC 88 121.32 -41.27 28.85
C LYS FC 88 121.90 -40.29 27.83
N GLU FC 89 121.11 -39.34 27.34
CA GLU FC 89 121.53 -38.47 26.25
C GLU FC 89 122.34 -37.29 26.81
N ASP FC 90 122.57 -36.30 25.95
CA ASP FC 90 123.44 -35.18 26.30
C ASP FC 90 122.86 -34.38 27.46
N LEU FC 91 123.75 -33.86 28.30
CA LEU FC 91 123.33 -33.08 29.47
C LEU FC 91 122.68 -31.76 29.07
N THR FC 92 123.27 -31.05 28.12
CA THR FC 92 122.80 -29.70 27.80
C THR FC 92 121.38 -29.74 27.23
N GLU FC 93 121.10 -30.73 26.38
CA GLU FC 93 119.76 -30.85 25.83
C GLU FC 93 118.74 -31.06 26.95
N ILE FC 94 119.04 -31.96 27.88
CA ILE FC 94 118.13 -32.21 28.98
C ILE FC 94 117.95 -30.94 29.81
N ARG FC 95 119.05 -30.25 30.08
CA ARG FC 95 118.95 -29.01 30.84
C ARG FC 95 118.00 -28.03 30.17
N ASP FC 96 118.19 -27.80 28.87
CA ASP FC 96 117.40 -26.77 28.20
C ASP FC 96 115.94 -27.18 28.09
N MET FC 97 115.65 -28.45 27.76
CA MET FC 97 114.24 -28.76 27.58
C MET FC 97 113.53 -28.89 28.91
N LEU FC 98 114.26 -29.17 30.00
CA LEU FC 98 113.62 -29.17 31.31
C LEU FC 98 113.31 -27.76 31.77
N LEU FC 99 114.25 -26.83 31.62
CA LEU FC 99 113.90 -25.46 31.95
C LEU FC 99 112.90 -24.86 30.98
N ALA FC 100 112.73 -25.49 29.81
CA ALA FC 100 111.73 -25.04 28.85
C ALA FC 100 110.32 -25.48 29.23
N ASN FC 101 110.17 -26.67 29.82
CA ASN FC 101 108.85 -27.22 30.14
C ASN FC 101 108.30 -26.46 31.36
N LYS FC 102 107.57 -25.37 31.09
CA LYS FC 102 107.04 -24.54 32.15
C LYS FC 102 105.52 -24.72 32.29
N VAL FC 103 104.98 -24.39 33.47
CA VAL FC 103 103.60 -24.62 33.83
C VAL FC 103 103.08 -23.35 34.52
N PRO FC 104 101.80 -22.90 34.32
CA PRO FC 104 101.47 -21.70 35.07
C PRO FC 104 100.95 -21.94 36.50
N ALA FC 105 101.87 -22.26 37.40
CA ALA FC 105 101.43 -22.58 38.72
C ALA FC 105 100.52 -21.47 39.25
N ALA FC 106 99.32 -21.85 39.69
CA ALA FC 106 98.31 -20.87 40.04
C ALA FC 106 98.69 -20.17 41.34
N ALA FC 107 97.80 -19.31 41.80
CA ALA FC 107 97.98 -18.57 43.05
C ALA FC 107 97.12 -19.27 44.12
N ARG FC 108 97.68 -20.31 44.72
CA ARG FC 108 96.96 -21.01 45.77
C ARG FC 108 97.01 -20.23 47.06
N ALA FC 109 96.09 -20.54 47.98
CA ALA FC 109 96.03 -19.84 49.25
C ALA FC 109 97.23 -20.22 50.13
N GLY FC 110 97.80 -19.21 50.81
CA GLY FC 110 98.87 -19.44 51.74
C GLY FC 110 100.22 -19.78 51.13
N ALA FC 111 100.53 -19.21 49.96
CA ALA FC 111 101.80 -19.46 49.29
C ALA FC 111 102.59 -18.17 49.14
N ILE FC 112 103.91 -18.27 49.26
CA ILE FC 112 104.75 -17.10 49.05
C ILE FC 112 104.83 -16.79 47.57
N ALA FC 113 104.92 -15.51 47.23
CA ALA FC 113 104.92 -15.04 45.85
C ALA FC 113 106.13 -14.13 45.63
N PRO FC 114 107.30 -14.71 45.38
CA PRO FC 114 108.51 -13.90 45.17
C PRO FC 114 108.53 -13.12 43.86
N CYS FC 115 107.43 -13.07 43.11
CA CYS FC 115 107.37 -12.29 41.89
C CYS FC 115 106.42 -11.11 42.08
N GLU FC 116 106.60 -10.05 41.28
CA GLU FC 116 105.72 -8.90 41.30
C GLU FC 116 104.85 -8.91 40.06
N VAL FC 117 103.57 -9.24 40.23
CA VAL FC 117 102.58 -9.22 39.17
C VAL FC 117 101.56 -8.15 39.50
N THR FC 118 101.45 -7.13 38.65
CA THR FC 118 100.57 -6.00 38.88
C THR FC 118 99.53 -5.94 37.77
N VAL FC 119 98.27 -5.77 38.14
CA VAL FC 119 97.18 -5.76 37.15
C VAL FC 119 97.27 -4.50 36.31
N PRO FC 120 97.19 -4.60 34.99
CA PRO FC 120 97.22 -3.41 34.14
C PRO FC 120 95.83 -2.81 34.00
N ALA FC 121 95.73 -1.79 33.16
CA ALA FC 121 94.47 -1.12 32.86
C ALA FC 121 93.98 -1.65 31.51
N GLN FC 122 92.98 -2.53 31.54
CA GLN FC 122 92.43 -3.11 30.33
C GLN FC 122 91.02 -3.65 30.63
N ASN FC 123 90.26 -3.87 29.57
CA ASN FC 123 88.92 -4.42 29.69
C ASN FC 123 88.99 -5.92 29.95
N THR FC 124 88.59 -6.33 31.15
CA THR FC 124 88.60 -7.74 31.50
C THR FC 124 87.59 -8.55 30.70
N GLY FC 125 86.53 -7.93 30.22
CA GLY FC 125 85.50 -8.65 29.50
C GLY FC 125 84.52 -9.40 30.37
N LEU FC 126 84.62 -9.28 31.70
CA LEU FC 126 83.76 -10.04 32.60
C LEU FC 126 82.39 -9.37 32.72
N GLY FC 127 81.40 -10.19 33.07
CA GLY FC 127 80.05 -9.72 33.22
C GLY FC 127 79.86 -8.82 34.42
N PRO FC 128 78.81 -8.00 34.40
CA PRO FC 128 78.57 -7.00 35.46
C PRO FC 128 77.96 -7.59 36.72
N GLU FC 129 78.62 -8.62 37.28
CA GLU FC 129 78.18 -9.26 38.50
C GLU FC 129 79.29 -9.52 39.51
N LYS FC 130 80.55 -9.44 39.08
CA LYS FC 130 81.70 -9.77 39.94
C LYS FC 130 82.43 -8.54 40.45
N THR FC 131 81.84 -7.35 40.32
CA THR FC 131 82.50 -6.12 40.76
C THR FC 131 82.65 -6.04 42.28
N SER FC 132 81.93 -6.88 43.03
CA SER FC 132 82.03 -6.85 44.48
C SER FC 132 83.43 -7.20 44.95
N PHE FC 133 84.08 -8.17 44.28
CA PHE FC 133 85.44 -8.53 44.64
C PHE FC 133 86.38 -7.35 44.54
N PHE FC 134 86.36 -6.66 43.40
CA PHE FC 134 87.23 -5.50 43.21
C PHE FC 134 86.88 -4.39 44.20
N GLN FC 135 85.58 -4.15 44.41
CA GLN FC 135 85.17 -3.08 45.32
C GLN FC 135 85.58 -3.37 46.74
N ALA FC 136 85.66 -4.64 47.14
CA ALA FC 136 86.19 -4.99 48.45
C ALA FC 136 87.70 -4.82 48.47
N LEU FC 137 88.39 -5.23 47.41
CA LEU FC 137 89.84 -5.13 47.37
C LEU FC 137 90.34 -3.72 47.12
N GLY FC 138 89.46 -2.79 46.78
CA GLY FC 138 89.85 -1.41 46.66
C GLY FC 138 90.05 -0.90 45.24
N ILE FC 139 89.65 -1.70 44.26
CA ILE FC 139 89.74 -1.30 42.86
C ILE FC 139 88.40 -0.72 42.43
N THR FC 140 88.43 0.44 41.80
CA THR FC 140 87.23 1.05 41.24
C THR FC 140 87.14 0.66 39.77
N THR FC 141 86.10 -0.08 39.41
CA THR FC 141 85.91 -0.57 38.05
C THR FC 141 84.47 -0.34 37.61
N LYS FC 142 84.31 0.29 36.44
CA LYS FC 142 83.00 0.59 35.88
C LYS FC 142 82.76 -0.27 34.65
N ILE FC 143 81.52 -0.71 34.48
CA ILE FC 143 81.17 -1.60 33.37
C ILE FC 143 81.30 -0.84 32.05
N SER FC 144 81.90 -1.50 31.06
CA SER FC 144 82.12 -0.93 29.73
C SER FC 144 81.58 -1.87 28.65
N ARG FC 145 80.67 -1.36 27.83
CA ARG FC 145 80.08 -2.13 26.71
C ARG FC 145 79.44 -3.42 27.19
N GLY FC 146 79.07 -3.45 28.48
CA GLY FC 146 78.62 -4.67 29.10
C GLY FC 146 79.74 -5.53 29.66
N THR FC 147 80.91 -4.95 29.91
CA THR FC 147 82.07 -5.70 30.40
C THR FC 147 82.75 -4.91 31.50
N ILE FC 148 83.36 -5.64 32.44
CA ILE FC 148 84.10 -4.97 33.52
C ILE FC 148 85.41 -4.43 32.99
N GLU FC 149 85.67 -3.15 33.24
CA GLU FC 149 86.85 -2.46 32.76
C GLU FC 149 87.57 -1.82 33.93
N ILE FC 150 88.86 -2.09 34.08
CA ILE FC 150 89.67 -1.47 35.11
C ILE FC 150 90.32 -0.22 34.51
N LEU FC 151 90.16 0.91 35.19
CA LEU FC 151 90.52 2.19 34.60
C LEU FC 151 92.03 2.40 34.59
N SER FC 152 92.71 1.99 35.65
CA SER FC 152 94.13 2.25 35.81
C SER FC 152 94.82 1.07 36.47
N ASP FC 153 96.03 0.78 36.02
CA ASP FC 153 96.85 -0.25 36.65
C ASP FC 153 97.15 0.14 38.10
N VAL FC 154 97.01 -0.82 39.00
CA VAL FC 154 97.26 -0.60 40.42
C VAL FC 154 98.01 -1.81 40.98
N GLN FC 155 98.94 -1.52 41.90
CA GLN FC 155 99.84 -2.56 42.40
C GLN FC 155 99.06 -3.61 43.19
N LEU FC 156 99.50 -4.87 43.07
CA LEU FC 156 98.78 -5.98 43.64
C LEU FC 156 99.57 -6.71 44.72
N ILE FC 157 100.75 -7.25 44.41
CA ILE FC 157 101.56 -8.00 45.38
C ILE FC 157 103.03 -7.87 45.02
N LYS FC 158 103.87 -7.73 46.04
CA LYS FC 158 105.32 -7.63 45.91
C LYS FC 158 105.94 -9.03 45.91
N THR FC 159 107.25 -9.10 46.12
CA THR FC 159 107.95 -10.38 46.21
C THR FC 159 107.99 -10.89 47.64
N GLY FC 160 107.91 -12.22 47.80
CA GLY FC 160 108.12 -12.86 49.07
C GLY FC 160 107.11 -12.48 50.15
N ASP FC 161 105.85 -12.32 49.76
CA ASP FC 161 104.80 -11.90 50.68
C ASP FC 161 103.64 -12.90 50.61
N LYS FC 162 102.60 -12.64 51.40
CA LYS FC 162 101.44 -13.52 51.52
C LYS FC 162 100.30 -12.94 50.71
N VAL FC 163 99.65 -13.80 49.91
CA VAL FC 163 98.61 -13.38 49.00
C VAL FC 163 97.23 -13.62 49.62
N GLY FC 164 96.29 -12.71 49.35
CA GLY FC 164 94.97 -12.79 49.93
C GLY FC 164 94.04 -13.74 49.19
N ALA FC 165 93.01 -14.20 49.91
CA ALA FC 165 92.07 -15.15 49.35
C ALA FC 165 91.23 -14.54 48.23
N SER FC 166 90.65 -13.36 48.50
CA SER FC 166 89.92 -12.67 47.44
C SER FC 166 90.87 -12.24 46.32
N GLU FC 167 92.09 -11.83 46.68
CA GLU FC 167 93.11 -11.56 45.67
C GLU FC 167 93.46 -12.82 44.88
N ALA FC 168 93.60 -13.96 45.58
CA ALA FC 168 93.95 -15.20 44.88
C ALA FC 168 92.87 -15.59 43.90
N THR FC 169 91.61 -15.52 44.32
CA THR FC 169 90.53 -15.82 43.39
C THR FC 169 90.43 -14.76 42.30
N LEU FC 170 90.84 -13.52 42.56
CA LEU FC 170 90.89 -12.51 41.50
C LEU FC 170 91.88 -12.91 40.42
N LEU FC 171 93.11 -13.27 40.83
CA LEU FC 171 94.09 -13.78 39.88
C LEU FC 171 93.54 -15.00 39.14
N ASN FC 172 92.77 -15.83 39.84
CA ASN FC 172 92.23 -17.04 39.21
C ASN FC 172 91.21 -16.71 38.12
N MET FC 173 90.25 -15.83 38.42
CA MET FC 173 89.25 -15.48 37.40
C MET FC 173 89.89 -14.75 36.23
N LEU FC 174 90.82 -13.82 36.50
CA LEU FC 174 91.48 -13.15 35.38
C LEU FC 174 92.37 -14.10 34.58
N ASN FC 175 92.70 -15.27 35.14
CA ASN FC 175 93.49 -16.31 34.49
C ASN FC 175 94.91 -15.87 34.16
N ILE FC 176 95.32 -14.69 34.64
CA ILE FC 176 96.69 -14.21 34.39
C ILE FC 176 97.65 -14.97 35.29
N SER FC 177 98.82 -15.30 34.75
CA SER FC 177 99.71 -16.25 35.40
C SER FC 177 100.33 -15.67 36.66
N PRO FC 178 100.10 -16.26 37.83
CA PRO FC 178 100.85 -15.90 39.04
C PRO FC 178 102.20 -16.59 39.07
N PHE FC 179 102.89 -16.55 40.21
CA PHE FC 179 104.13 -17.30 40.38
C PHE FC 179 104.04 -18.70 39.81
N SER FC 180 104.85 -18.98 38.80
CA SER FC 180 104.85 -20.25 38.10
C SER FC 180 106.12 -21.01 38.45
N PHE FC 181 105.99 -22.30 38.72
CA PHE FC 181 107.15 -23.12 39.08
C PHE FC 181 106.85 -24.57 38.74
N GLY FC 182 107.82 -25.22 38.11
CA GLY FC 182 107.75 -26.64 37.81
C GLY FC 182 108.84 -27.42 38.51
N LEU FC 183 109.84 -27.87 37.75
CA LEU FC 183 110.99 -28.56 38.33
C LEU FC 183 112.11 -27.56 38.56
N VAL FC 184 112.56 -27.46 39.81
CA VAL FC 184 113.66 -26.57 40.19
C VAL FC 184 114.93 -27.41 40.25
N ILE FC 185 115.98 -26.92 39.60
CA ILE FC 185 117.13 -27.73 39.25
C ILE FC 185 118.38 -27.18 39.92
N GLN FC 186 119.08 -28.04 40.67
CA GLN FC 186 120.20 -27.58 41.47
C GLN FC 186 121.53 -28.17 41.03
N GLN FC 187 121.68 -29.50 41.04
CA GLN FC 187 122.99 -30.12 40.89
C GLN FC 187 122.93 -31.19 39.81
N VAL FC 188 124.10 -31.49 39.25
CA VAL FC 188 124.24 -32.53 38.26
C VAL FC 188 125.43 -33.42 38.62
N PHE FC 189 125.32 -34.69 38.26
CA PHE FC 189 126.34 -35.69 38.54
C PHE FC 189 126.72 -36.37 37.24
N ASP FC 190 128.01 -36.45 36.96
CA ASP FC 190 128.49 -37.12 35.74
C ASP FC 190 129.77 -37.86 36.11
N ASN FC 191 129.61 -39.12 36.52
CA ASN FC 191 130.72 -40.04 36.74
C ASN FC 191 131.86 -39.38 37.52
N GLY FC 192 131.55 -38.89 38.72
CA GLY FC 192 132.54 -38.24 39.54
C GLY FC 192 132.83 -36.81 39.12
N SER FC 193 131.82 -35.95 39.20
CA SER FC 193 131.98 -34.55 38.82
C SER FC 193 130.79 -33.76 39.35
N ILE FC 194 131.05 -32.50 39.71
CA ILE FC 194 130.03 -31.57 40.19
C ILE FC 194 130.09 -30.30 39.36
N TYR FC 195 128.93 -29.81 38.95
CA TYR FC 195 128.83 -28.60 38.15
C TYR FC 195 127.67 -27.77 38.70
N ASN FC 196 127.24 -26.77 37.94
CA ASN FC 196 126.15 -25.89 38.39
C ASN FC 196 124.85 -26.67 38.61
N PRO GC 1 90.28 -15.55 18.58
CA PRO GC 1 89.94 -16.79 19.27
C PRO GC 1 89.35 -17.83 18.32
N ASN GC 2 89.90 -17.89 17.10
CA ASN GC 2 89.38 -18.71 16.01
C ASN GC 2 87.95 -18.33 15.65
N GLU GC 3 87.57 -17.07 15.92
CA GLU GC 3 86.30 -16.48 15.52
C GLU GC 3 85.13 -17.02 16.36
N ILE GC 4 85.38 -18.05 17.15
CA ILE GC 4 84.38 -18.57 18.08
C ILE GC 4 85.06 -19.52 19.06
N LYS GC 5 84.61 -19.52 20.32
CA LYS GC 5 85.19 -20.39 21.34
C LYS GC 5 84.07 -20.85 22.27
N VAL GC 6 83.47 -21.99 21.95
CA VAL GC 6 82.39 -22.58 22.73
C VAL GC 6 82.75 -24.04 23.03
N VAL GC 7 84.06 -24.29 23.22
CA VAL GC 7 84.62 -25.64 23.21
C VAL GC 7 84.09 -26.53 24.32
N TYR GC 8 83.27 -26.02 25.24
CA TYR GC 8 82.86 -26.83 26.38
C TYR GC 8 82.07 -28.05 25.93
N LEU GC 9 81.93 -29.01 26.86
CA LEU GC 9 81.48 -30.35 26.58
C LEU GC 9 80.00 -30.54 26.91
N ARG GC 10 79.44 -31.63 26.39
CA ARG GC 10 78.06 -32.01 26.65
C ARG GC 10 78.00 -33.52 26.89
N CYS GC 11 76.99 -33.95 27.64
CA CYS GC 11 76.91 -35.33 28.12
C CYS GC 11 75.53 -35.93 27.87
N THR GC 12 75.02 -35.81 26.64
CA THR GC 12 73.80 -36.49 26.24
C THR GC 12 74.07 -37.30 24.99
N GLY GC 13 73.30 -38.37 24.80
CA GLY GC 13 73.52 -39.23 23.66
C GLY GC 13 72.39 -40.21 23.45
N GLY GC 14 72.64 -41.19 22.59
CA GLY GC 14 71.64 -42.17 22.22
C GLY GC 14 70.52 -41.55 21.42
N GLU GC 15 69.35 -41.45 22.04
CA GLU GC 15 68.22 -40.79 21.41
C GLU GC 15 68.49 -39.31 21.27
N VAL GC 16 67.82 -38.67 20.32
CA VAL GC 16 67.97 -37.22 20.14
C VAL GC 16 67.51 -36.49 21.39
N GLY GC 17 66.37 -36.88 21.95
CA GLY GC 17 65.87 -36.28 23.18
C GLY GC 17 65.34 -34.88 22.97
N ALA GC 18 66.23 -33.94 22.68
CA ALA GC 18 65.87 -32.57 22.33
C ALA GC 18 65.13 -31.86 23.46
N THR GC 19 63.83 -32.13 23.60
CA THR GC 19 63.05 -31.52 24.67
C THR GC 19 63.52 -32.01 26.03
N SER GC 20 63.79 -33.31 26.15
CA SER GC 20 64.39 -33.84 27.37
C SER GC 20 65.83 -33.41 27.53
N ALA GC 21 66.45 -32.84 26.50
CA ALA GC 21 67.85 -32.46 26.55
C ALA GC 21 68.04 -31.18 27.36
N LEU GC 22 69.28 -30.92 27.72
CA LEU GC 22 69.65 -29.78 28.55
C LEU GC 22 70.03 -28.55 27.73
N ALA GC 23 69.69 -28.55 26.44
CA ALA GC 23 69.98 -27.38 25.60
C ALA GC 23 69.44 -26.07 26.18
N PRO GC 24 68.21 -26.00 26.73
CA PRO GC 24 67.82 -24.75 27.40
C PRO GC 24 68.74 -24.34 28.52
N LYS GC 25 69.31 -25.31 29.26
CA LYS GC 25 70.13 -24.98 30.42
C LYS GC 25 71.55 -24.60 30.04
N ILE GC 26 72.05 -25.04 28.89
CA ILE GC 26 73.38 -24.71 28.39
C ILE GC 26 73.35 -23.74 27.22
N GLY GC 27 72.26 -22.98 27.08
CA GLY GC 27 72.17 -21.99 26.04
C GLY GC 27 73.23 -20.89 26.06
N PRO GC 28 73.47 -20.26 27.22
CA PRO GC 28 74.18 -18.97 27.22
C PRO GC 28 75.68 -19.10 27.16
N LEU GC 29 76.23 -20.31 27.12
CA LEU GC 29 77.67 -20.46 26.95
C LEU GC 29 78.10 -20.06 25.56
N GLY GC 30 77.28 -20.36 24.55
CA GLY GC 30 77.53 -19.87 23.20
C GLY GC 30 76.47 -18.90 22.75
N LEU GC 31 75.22 -19.12 23.20
CA LEU GC 31 74.05 -18.28 22.93
C LEU GC 31 73.57 -18.40 21.49
N SER GC 32 74.35 -19.07 20.65
CA SER GC 32 73.99 -19.28 19.25
C SER GC 32 73.04 -20.46 19.03
N PRO GC 33 73.32 -21.66 19.60
CA PRO GC 33 72.64 -22.88 19.12
C PRO GC 33 71.13 -22.91 19.28
N LYS GC 34 70.64 -22.74 20.50
CA LYS GC 34 69.21 -22.89 20.83
C LYS GC 34 68.73 -24.26 20.36
N LYS GC 35 67.44 -24.39 20.07
CA LYS GC 35 66.89 -25.70 19.73
C LYS GC 35 67.38 -26.17 18.36
N VAL GC 36 67.52 -25.25 17.41
CA VAL GC 36 68.07 -25.62 16.10
C VAL GC 36 69.49 -26.11 16.25
N GLY GC 37 70.28 -25.44 17.10
CA GLY GC 37 71.64 -25.91 17.36
C GLY GC 37 71.65 -27.27 18.02
N ASP GC 38 70.74 -27.50 18.96
CA ASP GC 38 70.64 -28.81 19.61
C ASP GC 38 70.31 -29.90 18.60
N ASP GC 39 69.36 -29.62 17.70
CA ASP GC 39 68.96 -30.61 16.71
C ASP GC 39 70.10 -30.90 15.73
N ILE GC 40 70.80 -29.86 15.25
CA ILE GC 40 71.90 -30.11 14.33
C ILE GC 40 73.06 -30.80 15.04
N ALA GC 41 73.24 -30.55 16.33
CA ALA GC 41 74.25 -31.26 17.09
C ALA GC 41 73.92 -32.75 17.17
N LYS GC 42 72.66 -33.08 17.47
CA LYS GC 42 72.31 -34.47 17.66
C LYS GC 42 72.09 -35.22 16.34
N ALA GC 43 71.89 -34.52 15.23
CA ALA GC 43 71.74 -35.20 13.94
C ALA GC 43 72.99 -36.01 13.61
N THR GC 44 74.17 -35.40 13.82
CA THR GC 44 75.43 -36.12 13.72
C THR GC 44 75.77 -36.91 14.99
N GLY GC 45 75.08 -36.64 16.09
CA GLY GC 45 75.33 -37.32 17.34
C GLY GC 45 74.33 -38.38 17.72
N ASP GC 46 73.39 -38.74 16.84
CA ASP GC 46 72.42 -39.76 17.19
C ASP GC 46 73.10 -41.08 17.52
N TRP GC 47 74.06 -41.49 16.69
CA TRP GC 47 74.82 -42.71 16.91
C TRP GC 47 76.23 -42.34 17.34
N LYS GC 48 76.98 -43.34 17.80
CA LYS GC 48 78.38 -43.15 18.20
C LYS GC 48 78.46 -42.10 19.31
N GLY GC 49 77.98 -42.51 20.48
CA GLY GC 49 77.56 -43.85 20.82
C GLY GC 49 76.10 -44.02 21.16
N LEU GC 50 75.83 -44.87 22.17
CA LEU GC 50 74.47 -45.22 22.57
C LEU GC 50 74.27 -45.02 24.07
N ARG GC 51 75.01 -44.08 24.65
CA ARG GC 51 75.12 -43.95 26.09
C ARG GC 51 74.92 -42.48 26.45
N ILE GC 52 75.29 -42.13 27.68
CA ILE GC 52 75.40 -40.72 28.06
C ILE GC 52 76.16 -39.95 26.99
N THR GC 53 77.19 -40.57 26.41
CA THR GC 53 77.85 -40.09 25.18
C THR GC 53 78.34 -38.66 25.36
N VAL GC 54 79.32 -38.51 26.26
CA VAL GC 54 79.97 -37.22 26.44
C VAL GC 54 80.55 -36.77 25.12
N LYS GC 55 80.31 -35.50 24.78
CA LYS GC 55 80.80 -34.93 23.54
C LYS GC 55 81.45 -33.58 23.84
N LEU GC 56 82.41 -33.21 22.99
CA LEU GC 56 83.04 -31.90 23.03
C LEU GC 56 82.57 -31.11 21.83
N THR GC 57 82.02 -29.93 22.07
CA THR GC 57 81.36 -29.14 21.03
C THR GC 57 82.26 -27.99 20.61
N ILE GC 58 82.68 -27.98 19.35
CA ILE GC 58 83.47 -26.89 18.78
C ILE GC 58 82.59 -26.16 17.77
N GLN GC 59 82.32 -24.89 18.05
CA GLN GC 59 81.33 -24.13 17.31
C GLN GC 59 81.80 -23.83 15.89
N ASN GC 60 80.83 -23.60 15.01
CA ASN GC 60 81.05 -23.20 13.62
C ASN GC 60 80.14 -22.02 13.28
N ARG GC 61 80.19 -20.99 14.13
CA ARG GC 61 79.33 -19.81 14.04
C ARG GC 61 77.87 -20.18 14.28
N GLN GC 62 77.30 -20.99 13.40
CA GLN GC 62 75.95 -21.50 13.57
C GLN GC 62 75.91 -22.98 13.94
N ALA GC 63 76.78 -23.79 13.35
CA ALA GC 63 76.82 -25.22 13.61
C ALA GC 63 77.90 -25.56 14.62
N GLN GC 64 78.00 -26.83 14.98
CA GLN GC 64 78.98 -27.27 15.95
C GLN GC 64 79.54 -28.64 15.54
N ILE GC 65 80.77 -28.90 15.94
CA ILE GC 65 81.39 -30.21 15.76
C ILE GC 65 81.43 -30.91 17.11
N GLU GC 66 80.62 -31.96 17.25
CA GLU GC 66 80.46 -32.65 18.53
C GLU GC 66 81.40 -33.85 18.58
N VAL GC 67 82.69 -33.54 18.65
CA VAL GC 67 83.70 -34.60 18.67
C VAL GC 67 83.53 -35.41 19.94
N VAL GC 68 83.40 -36.72 19.78
CA VAL GC 68 83.19 -37.59 20.92
C VAL GC 68 84.54 -38.03 21.45
N PRO GC 69 84.80 -37.87 22.76
CA PRO GC 69 85.93 -38.57 23.36
C PRO GC 69 85.74 -40.07 23.24
N SER GC 70 86.82 -40.77 22.88
CA SER GC 70 86.78 -42.23 22.77
C SER GC 70 86.82 -42.85 24.16
N ALA GC 71 85.89 -42.39 24.99
CA ALA GC 71 85.82 -42.83 26.37
C ALA GC 71 85.65 -44.34 26.42
N SER GC 72 86.58 -45.02 27.09
CA SER GC 72 86.46 -46.46 27.24
C SER GC 72 85.09 -46.81 27.81
N ALA GC 73 84.62 -46.03 28.79
CA ALA GC 73 83.31 -46.28 29.38
C ALA GC 73 82.20 -46.14 28.33
N LEU GC 74 82.29 -45.13 27.47
CA LEU GC 74 81.30 -44.96 26.42
C LEU GC 74 81.42 -46.08 25.38
N ILE GC 75 82.63 -46.33 24.90
CA ILE GC 75 82.80 -47.24 23.77
C ILE GC 75 82.46 -48.67 24.14
N ILE GC 76 82.76 -49.09 25.38
CA ILE GC 76 82.47 -50.49 25.74
C ILE GC 76 80.98 -50.74 25.67
N LYS GC 77 80.17 -49.83 26.21
CA LYS GC 77 78.72 -49.95 26.07
C LYS GC 77 78.29 -49.77 24.62
N ALA GC 78 79.07 -49.03 23.83
CA ALA GC 78 78.75 -48.90 22.42
C ALA GC 78 79.01 -50.21 21.67
N LEU GC 79 79.85 -51.08 22.22
CA LEU GC 79 80.22 -52.30 21.52
C LEU GC 79 79.38 -53.49 21.96
N LYS GC 80 79.09 -53.60 23.25
CA LYS GC 80 78.17 -54.63 23.70
C LYS GC 80 76.74 -54.30 23.26
N GLU GC 81 76.02 -55.33 22.85
CA GLU GC 81 74.66 -55.16 22.36
C GLU GC 81 73.68 -56.07 23.09
N ILE GC 82 80.61 -62.22 25.88
CA ILE GC 82 81.03 -61.65 24.60
C ILE GC 82 82.52 -61.33 24.69
N THR GC 83 83.26 -61.64 23.62
CA THR GC 83 84.72 -61.55 23.68
C THR GC 83 85.22 -60.15 23.34
N PHE GC 84 84.74 -59.58 22.23
CA PHE GC 84 85.19 -58.31 21.65
C PHE GC 84 86.68 -58.05 21.86
N ASP GC 85 87.54 -59.04 21.57
CA ASP GC 85 88.95 -58.90 21.90
C ASP GC 85 89.66 -57.94 20.95
N GLU GC 86 89.70 -58.28 19.67
CA GLU GC 86 90.34 -57.39 18.71
C GLU GC 86 89.63 -56.05 18.64
N ILE GC 87 88.32 -56.04 18.86
CA ILE GC 87 87.60 -54.77 18.89
C ILE GC 87 88.08 -53.89 20.03
N VAL GC 88 88.25 -54.45 21.23
CA VAL GC 88 88.73 -53.59 22.31
C VAL GC 88 90.18 -53.22 22.12
N ASN GC 89 90.98 -54.08 21.48
CA ASN GC 89 92.34 -53.70 21.14
C ASN GC 89 92.33 -52.48 20.23
N ILE GC 90 91.52 -52.55 19.18
CA ILE GC 90 91.39 -51.45 18.24
C ILE GC 90 90.84 -50.19 18.92
N ALA GC 91 89.87 -50.34 19.81
CA ALA GC 91 89.35 -49.19 20.55
C ALA GC 91 90.42 -48.56 21.44
N ARG GC 92 91.27 -49.38 22.05
CA ARG GC 92 92.40 -48.85 22.81
C ARG GC 92 93.36 -48.11 21.89
N GLN GC 93 93.49 -48.57 20.66
CA GLN GC 93 94.38 -47.92 19.71
C GLN GC 93 93.83 -46.57 19.25
N MET GC 94 92.51 -46.46 19.14
CA MET GC 94 91.91 -45.25 18.57
C MET GC 94 91.81 -44.11 19.56
N ARG GC 95 91.91 -44.37 20.86
CA ARG GC 95 91.88 -43.26 21.80
C ARG GC 95 93.23 -42.55 21.82
N HIS GC 96 93.36 -41.54 22.67
CA HIS GC 96 94.61 -40.79 22.76
C HIS GC 96 95.75 -41.65 23.29
N ARG GC 97 95.44 -42.83 23.83
CA ARG GC 97 96.43 -43.83 24.24
C ARG GC 97 97.33 -43.37 25.38
N SER GC 98 97.16 -42.14 25.86
CA SER GC 98 98.12 -41.61 26.83
C SER GC 98 97.93 -42.28 28.19
N LEU GC 99 96.79 -42.00 28.84
CA LEU GC 99 96.34 -42.66 30.06
C LEU GC 99 97.49 -42.96 31.03
N ALA GC 100 98.40 -42.00 31.19
CA ALA GC 100 99.57 -42.13 32.05
C ALA GC 100 100.33 -43.42 31.73
N ARG GC 101 100.72 -43.54 30.46
CA ARG GC 101 101.28 -44.79 29.97
C ARG GC 101 102.71 -44.98 30.46
N GLU GC 102 103.10 -46.25 30.51
CA GLU GC 102 104.50 -46.65 30.45
C GLU GC 102 104.78 -47.48 29.20
N LEU GC 103 103.80 -48.27 28.77
CA LEU GC 103 103.93 -49.16 27.62
C LEU GC 103 102.53 -49.35 27.04
N SER GC 104 102.46 -49.96 25.86
CA SER GC 104 101.15 -50.34 25.32
C SER GC 104 100.43 -51.29 26.26
N GLY GC 105 101.16 -52.17 26.94
CA GLY GC 105 100.55 -53.07 27.89
C GLY GC 105 99.87 -52.36 29.04
N THR GC 106 100.39 -51.20 29.43
CA THR GC 106 99.75 -50.42 30.48
C THR GC 106 98.32 -50.03 30.09
N ILE GC 107 98.17 -49.43 28.91
CA ILE GC 107 96.83 -49.07 28.44
C ILE GC 107 96.01 -50.32 28.17
N LYS GC 108 96.67 -51.42 27.82
CA LYS GC 108 95.95 -52.67 27.63
C LYS GC 108 95.30 -53.14 28.92
N GLU GC 109 96.04 -53.15 30.02
CA GLU GC 109 95.44 -53.47 31.31
C GLU GC 109 94.35 -52.47 31.66
N ILE GC 110 94.60 -51.19 31.40
CA ILE GC 110 93.64 -50.16 31.80
C ILE GC 110 92.31 -50.35 31.09
N LEU GC 111 92.36 -50.60 29.77
CA LEU GC 111 91.14 -50.68 28.97
C LEU GC 111 90.56 -52.08 28.89
N GLY GC 112 91.28 -53.10 29.32
CA GLY GC 112 90.69 -54.42 29.46
C GLY GC 112 90.16 -54.59 30.87
N THR GC 113 90.49 -53.65 31.74
CA THR GC 113 89.99 -53.65 33.09
C THR GC 113 88.92 -52.60 33.35
N ALA GC 114 88.79 -51.60 32.47
CA ALA GC 114 87.87 -50.49 32.70
C ALA GC 114 86.43 -50.97 32.82
N GLN GC 115 86.09 -52.11 32.23
CA GLN GC 115 84.74 -52.64 32.23
C GLN GC 115 84.57 -53.75 33.26
N SER GC 116 85.19 -53.61 34.42
CA SER GC 116 85.05 -54.59 35.50
C SER GC 116 83.58 -54.87 35.81
N VAL GC 117 82.67 -54.03 35.33
CA VAL GC 117 81.25 -54.25 35.50
C VAL GC 117 80.57 -54.67 34.20
N GLY GC 118 81.28 -54.60 33.08
CA GLY GC 118 80.74 -55.01 31.80
C GLY GC 118 81.24 -56.36 31.33
N CYS GC 119 81.81 -57.16 32.24
CA CYS GC 119 82.34 -58.49 31.93
C CYS GC 119 83.49 -58.40 30.93
N ASN GC 120 83.88 -59.53 30.34
CA ASN GC 120 85.05 -59.56 29.46
C ASN GC 120 84.91 -60.75 28.51
N VAL GC 121 86.04 -61.12 27.88
CA VAL GC 121 86.09 -62.21 26.91
C VAL GC 121 85.37 -63.44 27.43
N ASP GC 122 84.39 -63.92 26.66
CA ASP GC 122 83.54 -65.08 26.95
C ASP GC 122 83.32 -65.28 28.46
N GLY GC 123 83.61 -66.48 28.96
CA GLY GC 123 83.31 -66.81 30.34
C GLY GC 123 84.44 -66.61 31.34
N ARG GC 124 84.91 -65.37 31.48
CA ARG GC 124 85.88 -65.06 32.51
C ARG GC 124 85.72 -63.60 32.91
N HIS GC 125 86.05 -63.31 34.16
CA HIS GC 125 85.97 -61.94 34.66
C HIS GC 125 87.13 -61.12 34.11
N PRO GC 126 86.94 -59.81 33.94
CA PRO GC 126 88.01 -58.99 33.35
C PRO GC 126 89.17 -58.76 34.29
N HIS GC 127 89.70 -59.82 34.88
CA HIS GC 127 90.92 -59.68 35.67
C HIS GC 127 91.98 -60.73 35.32
N ASP GC 128 91.57 -61.96 35.02
CA ASP GC 128 92.54 -63.01 34.73
C ASP GC 128 93.38 -62.66 33.51
N ILE GC 129 92.74 -62.14 32.46
CA ILE GC 129 93.49 -61.67 31.30
C ILE GC 129 94.47 -60.59 31.71
N ILE GC 130 94.06 -59.71 32.63
CA ILE GC 130 94.91 -58.61 33.07
C ILE GC 130 96.17 -59.14 33.75
N ASP GC 131 96.03 -60.18 34.57
CA ASP GC 131 97.21 -60.79 35.17
C ASP GC 131 98.08 -61.43 34.09
N ASP GC 132 97.49 -62.24 33.23
CA ASP GC 132 98.22 -62.87 32.14
C ASP GC 132 98.07 -62.06 30.85
N ILE GC 133 98.54 -60.81 30.89
CA ILE GC 133 98.59 -60.00 29.69
C ILE GC 133 99.82 -60.46 28.90
N ASN GC 134 99.63 -61.43 28.04
CA ASN GC 134 100.66 -61.91 27.14
C ASN GC 134 100.20 -62.01 25.70
N SER GC 135 98.94 -62.35 25.46
CA SER GC 135 98.41 -62.49 24.11
C SER GC 135 98.38 -61.12 23.47
N GLY GC 136 99.34 -60.85 22.60
CA GLY GC 136 99.37 -59.56 21.92
C GLY GC 136 99.53 -58.37 22.83
N ALA GC 137 100.38 -58.49 23.86
CA ALA GC 137 100.75 -57.31 24.63
C ALA GC 137 101.57 -56.33 23.81
N VAL GC 138 102.05 -56.75 22.66
CA VAL GC 138 102.69 -55.90 21.67
C VAL GC 138 101.90 -55.84 20.37
N GLU GC 139 100.63 -56.23 20.41
CA GLU GC 139 99.83 -56.26 19.18
C GLU GC 139 99.51 -54.86 18.68
N CYS GC 140 99.39 -53.88 19.57
CA CYS GC 140 99.12 -52.51 19.16
C CYS GC 140 100.38 -51.87 18.58
N PRO GC 141 101.54 -51.94 19.27
CA PRO GC 141 102.72 -51.36 18.61
C PRO GC 141 103.30 -52.26 17.53
N ASN IC 1 -70.55 68.01 -159.53
CA ASN IC 1 -71.15 67.87 -158.21
C ASN IC 1 -72.49 67.16 -158.28
N PHE IC 2 -72.49 66.01 -158.95
CA PHE IC 2 -73.68 65.22 -159.20
C PHE IC 2 -73.70 64.01 -158.26
N THR IC 3 -74.82 63.29 -158.24
CA THR IC 3 -75.04 62.26 -157.23
C THR IC 3 -74.10 61.06 -157.44
N VAL IC 4 -74.26 60.06 -156.59
CA VAL IC 4 -73.45 58.85 -156.72
C VAL IC 4 -73.99 57.96 -157.85
N ASP IC 5 -75.30 57.74 -157.87
CA ASP IC 5 -75.88 56.74 -158.76
C ASP IC 5 -75.86 57.16 -160.22
N GLN IC 6 -75.71 58.45 -160.48
CA GLN IC 6 -75.61 58.93 -161.85
C GLN IC 6 -74.33 58.51 -162.51
N ILE IC 7 -73.35 58.08 -161.73
CA ILE IC 7 -72.19 57.44 -162.32
C ILE IC 7 -72.64 56.32 -163.24
N ARG IC 8 -73.54 55.47 -162.74
CA ARG IC 8 -74.09 54.39 -163.57
C ARG IC 8 -74.82 54.95 -164.78
N ALA IC 9 -75.35 56.17 -164.68
CA ALA IC 9 -75.89 56.83 -165.86
C ALA IC 9 -74.76 57.26 -166.79
N ILE IC 10 -73.57 57.49 -166.24
CA ILE IC 10 -72.47 57.97 -167.07
C ILE IC 10 -71.72 56.81 -167.71
N MET IC 11 -71.09 55.96 -166.90
CA MET IC 11 -70.12 55.04 -167.46
C MET IC 11 -70.74 53.76 -168.00
N ASP IC 12 -72.05 53.57 -167.86
CA ASP IC 12 -72.72 52.58 -168.69
C ASP IC 12 -72.68 53.01 -170.15
N LYS IC 13 -72.74 54.32 -170.39
CA LYS IC 13 -72.53 54.90 -171.72
C LYS IC 13 -71.03 54.90 -171.97
N LYS IC 14 -70.54 53.80 -172.54
CA LYS IC 14 -69.11 53.64 -172.77
C LYS IC 14 -68.65 54.59 -173.87
N ALA IC 15 -67.36 54.51 -174.19
CA ALA IC 15 -66.71 55.36 -175.19
C ALA IC 15 -66.64 56.82 -174.77
N ASN IC 16 -67.13 57.14 -173.58
CA ASN IC 16 -66.94 58.46 -172.98
C ASN IC 16 -65.99 58.44 -171.81
N ILE IC 17 -65.72 57.29 -171.21
CA ILE IC 17 -64.86 57.25 -170.04
C ILE IC 17 -63.43 57.44 -170.47
N ARG IC 18 -62.70 58.24 -169.70
CA ARG IC 18 -61.29 58.51 -169.98
C ARG IC 18 -60.49 58.11 -168.75
N ASN IC 19 -59.54 57.21 -168.94
CA ASN IC 19 -58.70 56.72 -167.85
C ASN IC 19 -57.26 57.13 -168.14
N MET IC 20 -56.71 57.99 -167.30
CA MET IC 20 -55.33 58.41 -167.42
C MET IC 20 -54.61 58.21 -166.11
N SER IC 21 -53.30 58.00 -166.20
CA SER IC 21 -52.43 57.95 -165.03
C SER IC 21 -51.41 59.06 -165.15
N VAL IC 22 -51.40 59.96 -164.16
CA VAL IC 22 -50.48 61.09 -164.15
C VAL IC 22 -49.09 60.56 -163.83
N ILE IC 23 -48.17 60.69 -164.77
CA ILE IC 23 -46.83 60.16 -164.63
C ILE IC 23 -45.82 61.28 -164.89
N ALA IC 24 -44.83 61.40 -164.01
CA ALA IC 24 -43.88 62.50 -164.05
C ALA IC 24 -42.71 62.17 -163.14
N HIS IC 25 -41.70 63.01 -163.17
CA HIS IC 25 -40.55 62.90 -162.28
C HIS IC 25 -40.89 63.49 -160.91
N VAL IC 26 -39.93 63.42 -159.99
CA VAL IC 26 -40.12 63.98 -158.67
C VAL IC 26 -40.18 65.50 -158.77
N ASP IC 27 -40.82 66.12 -157.77
CA ASP IC 27 -40.91 67.57 -157.65
C ASP IC 27 -41.46 68.21 -158.92
N HIS IC 28 -42.23 67.45 -159.69
CA HIS IC 28 -42.74 67.90 -160.98
C HIS IC 28 -44.18 68.40 -160.89
N GLY IC 29 -44.73 68.52 -159.69
CA GLY IC 29 -46.04 69.10 -159.53
C GLY IC 29 -47.18 68.22 -160.00
N LYS IC 30 -46.96 66.90 -160.07
CA LYS IC 30 -48.05 65.99 -160.41
C LYS IC 30 -49.25 66.22 -159.50
N SER IC 31 -49.00 66.29 -158.20
CA SER IC 31 -50.07 66.53 -157.25
C SER IC 31 -50.74 67.87 -157.51
N THR IC 32 -49.94 68.90 -157.84
CA THR IC 32 -50.52 70.21 -158.09
C THR IC 32 -51.46 70.19 -159.29
N LEU IC 33 -51.04 69.54 -160.38
CA LEU IC 33 -51.89 69.46 -161.56
C LEU IC 33 -53.17 68.70 -161.25
N THR IC 34 -53.06 67.58 -160.52
CA THR IC 34 -54.26 66.85 -160.14
C THR IC 34 -55.17 67.68 -159.25
N ASP IC 35 -54.58 68.49 -158.36
CA ASP IC 35 -55.39 69.39 -157.53
C ASP IC 35 -56.12 70.39 -158.38
N SER IC 36 -55.44 70.94 -159.39
CA SER IC 36 -56.12 71.84 -160.30
C SER IC 36 -57.28 71.17 -160.99
N LEU IC 37 -57.09 69.93 -161.45
CA LEU IC 37 -58.20 69.20 -162.07
C LEU IC 37 -59.36 69.03 -161.10
N VAL IC 38 -59.06 68.66 -159.86
CA VAL IC 38 -60.11 68.40 -158.89
C VAL IC 38 -60.88 69.68 -158.56
N CYS IC 39 -60.18 70.83 -158.53
CA CYS IC 39 -60.79 72.07 -158.10
C CYS IC 39 -62.03 72.45 -158.92
N LYS IC 40 -61.86 72.74 -160.21
CA LYS IC 40 -62.97 73.31 -160.96
C LYS IC 40 -64.07 72.29 -161.24
N ALA IC 41 -63.69 71.00 -161.32
CA ALA IC 41 -64.54 69.89 -161.67
C ALA IC 41 -65.10 69.18 -160.46
N GLY IC 42 -65.82 68.11 -160.77
CA GLY IC 42 -66.04 66.99 -159.89
C GLY IC 42 -67.36 66.28 -160.13
N ILE IC 43 -67.36 64.92 -160.08
CA ILE IC 43 -68.62 64.17 -159.90
C ILE IC 43 -69.44 64.71 -158.74
N ILE IC 44 -68.85 64.73 -157.56
CA ILE IC 44 -69.53 65.26 -156.40
C ILE IC 44 -68.53 66.15 -155.70
N ALA IC 45 -67.35 66.27 -156.31
CA ALA IC 45 -66.19 66.82 -155.64
C ALA IC 45 -66.35 68.32 -155.39
N SER IC 46 -65.45 68.84 -154.58
CA SER IC 46 -65.46 70.23 -154.16
C SER IC 46 -64.55 71.08 -155.05
N ALA IC 47 -64.43 72.36 -154.68
CA ALA IC 47 -63.57 73.30 -155.36
C ALA IC 47 -62.50 73.87 -154.44
N ARG IC 48 -61.84 73.01 -153.67
CA ARG IC 48 -60.88 73.49 -152.69
C ARG IC 48 -59.71 74.17 -153.36
N ALA IC 49 -59.32 75.33 -152.83
CA ALA IC 49 -58.12 76.04 -153.25
C ALA IC 49 -56.97 75.81 -152.28
N GLY IC 50 -57.05 74.74 -151.49
CA GLY IC 50 -56.09 74.48 -150.44
C GLY IC 50 -54.94 73.58 -150.84
N GLU IC 51 -54.43 73.76 -152.06
CA GLU IC 51 -53.20 73.12 -152.53
C GLU IC 51 -53.38 71.60 -152.48
N THR IC 52 -52.56 70.86 -151.73
CA THR IC 52 -52.57 69.40 -151.79
C THR IC 52 -53.96 68.85 -151.48
N ARG IC 53 -54.39 67.88 -152.29
CA ARG IC 53 -55.77 67.41 -152.28
C ARG IC 53 -55.77 65.88 -152.13
N PHE IC 54 -56.92 65.26 -152.38
CA PHE IC 54 -57.19 63.83 -152.24
C PHE IC 54 -56.15 62.96 -152.94
N THR IC 55 -55.32 63.56 -153.79
CA THR IC 55 -54.25 62.83 -154.44
C THR IC 55 -53.34 62.17 -153.42
N ASP IC 56 -52.96 62.91 -152.38
CA ASP IC 56 -52.13 62.39 -151.31
C ASP IC 56 -53.05 62.04 -150.13
N THR IC 57 -53.72 60.91 -150.27
CA THR IC 57 -54.76 60.48 -149.32
C THR IC 57 -54.17 59.69 -148.15
N ARG IC 58 -53.15 60.25 -147.51
CA ARG IC 58 -52.48 59.57 -146.40
C ARG IC 58 -51.59 60.58 -145.70
N LYS IC 59 -51.37 60.35 -144.41
CA LYS IC 59 -50.53 61.23 -143.61
C LYS IC 59 -49.11 61.31 -144.20
N ASP IC 60 -48.44 62.42 -143.90
CA ASP IC 60 -47.05 62.69 -144.24
C ASP IC 60 -46.80 62.64 -145.74
N GLU IC 61 -47.86 62.45 -146.53
CA GLU IC 61 -47.77 62.69 -147.96
C GLU IC 61 -47.86 64.17 -148.28
N GLN IC 62 -48.37 64.95 -147.35
CA GLN IC 62 -48.47 66.40 -147.48
C GLN IC 62 -47.57 67.15 -146.52
N GLU IC 63 -47.14 66.51 -145.43
CA GLU IC 63 -46.21 67.17 -144.52
C GLU IC 63 -44.79 67.17 -145.07
N ARG IC 64 -44.48 66.27 -146.01
CA ARG IC 64 -43.24 66.33 -146.76
C ARG IC 64 -43.48 66.45 -148.26
N CYS IC 65 -44.73 66.54 -148.69
CA CYS IC 65 -45.10 66.76 -150.10
C CYS IC 65 -44.50 65.69 -151.02
N ILE IC 66 -44.55 64.44 -150.58
CA ILE IC 66 -44.10 63.30 -151.39
C ILE IC 66 -45.31 62.41 -151.65
N THR IC 67 -45.52 62.09 -152.93
CA THR IC 67 -46.61 61.23 -153.34
C THR IC 67 -46.12 59.79 -153.35
N ILE IC 68 -46.63 58.98 -152.44
CA ILE IC 68 -46.23 57.58 -152.31
C ILE IC 68 -47.33 56.65 -152.82
N LYS IC 69 -48.55 56.87 -152.37
CA LYS IC 69 -49.67 55.99 -152.71
C LYS IC 69 -50.40 56.57 -153.91
N SER IC 70 -50.48 55.78 -154.99
CA SER IC 70 -51.27 56.18 -156.14
C SER IC 70 -52.74 56.17 -155.77
N THR IC 71 -53.46 57.21 -156.16
CA THR IC 71 -54.85 57.40 -155.76
C THR IC 71 -55.73 57.53 -157.00
N ALA IC 72 -56.91 56.91 -156.94
CA ALA IC 72 -57.88 57.01 -158.01
C ALA IC 72 -58.97 57.99 -157.63
N ILE IC 73 -59.37 58.82 -158.58
CA ILE IC 73 -60.38 59.85 -158.35
C ILE IC 73 -61.34 59.86 -159.54
N SER IC 74 -62.63 59.97 -159.25
CA SER IC 74 -63.65 60.17 -160.27
C SER IC 74 -63.87 61.67 -160.53
N LEU IC 75 -64.36 61.98 -161.73
CA LEU IC 75 -64.44 63.37 -162.19
C LEU IC 75 -65.55 63.51 -163.25
N PHE IC 76 -66.21 64.70 -163.23
CA PHE IC 76 -67.28 65.06 -164.17
C PHE IC 76 -66.95 66.39 -164.83
N TYR IC 77 -67.29 66.48 -166.11
CA TYR IC 77 -67.25 67.72 -166.88
C TYR IC 77 -68.32 67.62 -167.97
N GLU IC 78 -69.12 68.67 -168.07
CA GLU IC 78 -70.17 68.76 -169.06
C GLU IC 78 -69.71 69.71 -170.16
N LEU IC 79 -69.59 69.18 -171.37
CA LEU IC 79 -68.91 69.87 -172.45
C LEU IC 79 -69.91 70.48 -173.42
N SER IC 80 -69.56 71.66 -173.94
CA SER IC 80 -70.40 72.40 -174.85
C SER IC 80 -70.36 71.78 -176.25
N GLU IC 81 -71.31 72.21 -177.09
CA GLU IC 81 -71.54 71.54 -178.37
C GLU IC 81 -70.30 71.58 -179.27
N ASN IC 82 -69.59 72.71 -179.29
CA ASN IC 82 -68.37 72.79 -180.07
C ASN IC 82 -67.36 71.75 -179.59
N ASP IC 83 -67.26 71.57 -178.26
CA ASP IC 83 -66.37 70.55 -177.72
C ASP IC 83 -66.80 69.15 -178.15
N LEU IC 84 -68.10 68.88 -178.15
CA LEU IC 84 -68.58 67.60 -178.67
C LEU IC 84 -68.19 67.43 -180.13
N ASN IC 85 -68.10 68.53 -180.88
CA ASN IC 85 -67.65 68.44 -182.26
C ASN IC 85 -66.15 68.13 -182.34
N PHE IC 86 -65.36 68.71 -181.42
CA PHE IC 86 -63.91 68.64 -181.59
C PHE IC 86 -63.35 67.24 -181.36
N ILE IC 87 -63.87 66.50 -180.40
CA ILE IC 87 -63.39 65.14 -180.14
C ILE IC 87 -63.65 64.28 -181.36
N LYS IC 88 -62.65 63.50 -181.78
CA LYS IC 88 -62.82 62.68 -182.97
C LYS IC 88 -63.24 61.26 -182.63
N GLN IC 89 -63.02 60.80 -181.40
CA GLN IC 89 -63.40 59.45 -181.04
C GLN IC 89 -64.92 59.34 -180.94
N SER IC 90 -65.40 58.12 -180.69
CA SER IC 90 -66.81 57.89 -180.52
C SER IC 90 -67.33 58.61 -179.27
N LYS IC 91 -68.47 59.29 -179.42
CA LYS IC 91 -69.04 60.09 -178.35
C LYS IC 91 -70.47 59.63 -178.10
N ASP IC 92 -70.85 59.59 -176.83
CA ASP IC 92 -72.23 59.31 -176.42
C ASP IC 92 -72.61 60.39 -175.42
N GLY IC 93 -73.09 61.52 -175.93
CA GLY IC 93 -73.52 62.62 -175.08
C GLY IC 93 -72.35 63.41 -174.52
N ALA IC 94 -72.71 64.39 -173.68
CA ALA IC 94 -71.75 65.29 -173.06
C ALA IC 94 -71.36 64.87 -171.65
N GLY IC 95 -71.84 63.72 -171.18
CA GLY IC 95 -71.54 63.26 -169.83
C GLY IC 95 -70.24 62.48 -169.76
N PHE IC 96 -69.11 63.17 -169.81
CA PHE IC 96 -67.80 62.54 -169.82
C PHE IC 96 -67.30 62.36 -168.39
N LEU IC 97 -66.74 61.18 -168.12
CA LEU IC 97 -66.22 60.83 -166.81
C LEU IC 97 -64.71 60.69 -166.90
N ILE IC 98 -64.01 61.10 -165.86
CA ILE IC 98 -62.56 61.04 -165.79
C ILE IC 98 -62.18 60.12 -164.64
N ASN IC 99 -61.37 59.10 -164.93
CA ASN IC 99 -60.80 58.23 -163.91
C ASN IC 99 -59.37 58.67 -163.68
N LEU IC 100 -59.23 59.71 -162.85
CA LEU IC 100 -57.90 60.23 -162.55
C LEU IC 100 -57.16 59.32 -161.59
N ILE IC 101 -55.93 58.96 -161.97
CA ILE IC 101 -55.07 58.16 -161.10
C ILE IC 101 -53.69 58.79 -161.04
N ASP IC 102 -53.44 59.61 -160.04
CA ASP IC 102 -52.10 60.14 -159.81
C ASP IC 102 -51.17 59.01 -159.41
N SER IC 103 -49.92 59.13 -159.81
CA SER IC 103 -48.97 58.03 -159.60
C SER IC 103 -47.71 58.53 -158.92
N PRO IC 104 -47.12 57.71 -158.06
CA PRO IC 104 -45.85 58.08 -157.43
C PRO IC 104 -44.70 57.94 -158.41
N GLY IC 105 -44.19 59.06 -158.92
CA GLY IC 105 -43.15 59.01 -159.93
C GLY IC 105 -41.75 59.09 -159.35
N HIS IC 106 -41.56 58.54 -158.16
CA HIS IC 106 -40.28 58.65 -157.50
C HIS IC 106 -39.22 57.76 -158.17
N VAL IC 107 -37.96 58.13 -157.95
CA VAL IC 107 -36.84 57.41 -158.53
C VAL IC 107 -36.78 55.98 -158.04
N ASP IC 108 -37.22 55.72 -156.81
CA ASP IC 108 -37.29 54.35 -156.31
C ASP IC 108 -38.17 53.46 -157.16
N PHE IC 109 -39.07 54.05 -157.96
CA PHE IC 109 -40.00 53.31 -158.78
C PHE IC 109 -40.88 52.45 -157.88
N SER IC 110 -41.63 53.13 -157.01
CA SER IC 110 -42.67 52.45 -156.26
C SER IC 110 -43.66 51.85 -157.25
N SER IC 111 -43.76 50.52 -157.23
CA SER IC 111 -44.44 49.77 -158.28
C SER IC 111 -45.92 50.14 -158.42
N GLU IC 112 -46.40 51.04 -157.55
CA GLU IC 112 -47.76 51.56 -157.71
C GLU IC 112 -47.95 52.23 -159.05
N VAL IC 113 -46.88 52.80 -159.62
CA VAL IC 113 -46.98 53.38 -160.96
C VAL IC 113 -47.35 52.32 -161.98
N THR IC 114 -46.68 51.17 -161.94
CA THR IC 114 -46.98 50.10 -162.89
C THR IC 114 -48.40 49.58 -162.69
N ALA IC 115 -48.81 49.42 -161.43
CA ALA IC 115 -50.17 48.98 -161.16
C ALA IC 115 -51.18 49.95 -161.76
N ALA IC 116 -50.94 51.25 -161.58
CA ALA IC 116 -51.82 52.25 -162.18
C ALA IC 116 -51.85 52.10 -163.69
N LEU IC 117 -50.67 51.94 -164.29
CA LEU IC 117 -50.59 51.81 -165.75
C LEU IC 117 -51.35 50.60 -166.26
N ARG IC 118 -51.26 49.47 -165.56
CA ARG IC 118 -51.99 48.27 -165.94
C ARG IC 118 -53.50 48.52 -165.87
N VAL IC 119 -53.94 49.25 -164.86
CA VAL IC 119 -55.35 49.54 -164.65
C VAL IC 119 -55.76 50.67 -165.58
N THR IC 120 -54.81 51.32 -166.23
CA THR IC 120 -55.15 52.52 -166.98
C THR IC 120 -54.89 52.30 -168.47
N ASP IC 121 -55.54 53.12 -169.30
CA ASP IC 121 -55.36 53.07 -170.75
C ASP IC 121 -54.58 54.24 -171.32
N GLY IC 122 -54.78 55.45 -170.78
CA GLY IC 122 -54.04 56.61 -171.25
C GLY IC 122 -53.12 57.15 -170.18
N ALA IC 123 -52.28 58.12 -170.53
CA ALA IC 123 -51.34 58.68 -169.58
C ALA IC 123 -51.20 60.17 -169.83
N LEU IC 124 -50.78 60.89 -168.78
CA LEU IC 124 -50.44 62.30 -168.86
C LEU IC 124 -48.99 62.41 -168.40
N VAL IC 125 -48.08 62.49 -169.36
CA VAL IC 125 -46.67 62.67 -169.05
C VAL IC 125 -46.42 64.15 -168.78
N VAL IC 126 -45.75 64.44 -167.67
CA VAL IC 126 -45.48 65.81 -167.24
C VAL IC 126 -43.98 65.95 -167.03
N VAL IC 127 -43.39 66.99 -167.59
CA VAL IC 127 -41.97 67.28 -167.43
C VAL IC 127 -41.82 68.75 -167.08
N ASP IC 128 -40.86 69.04 -166.20
CA ASP IC 128 -40.54 70.42 -165.89
C ASP IC 128 -39.83 71.07 -167.06
N CYS IC 129 -40.03 72.37 -167.22
CA CYS IC 129 -39.48 73.08 -168.37
C CYS IC 129 -37.98 73.26 -168.23
N VAL IC 130 -37.53 73.90 -167.15
CA VAL IC 130 -36.10 74.16 -166.98
C VAL IC 130 -35.32 72.88 -166.73
N SER IC 131 -35.87 71.93 -165.98
CA SER IC 131 -35.21 70.65 -165.78
C SER IC 131 -35.23 69.78 -167.02
N GLY IC 132 -36.12 70.08 -167.95
CA GLY IC 132 -36.13 69.28 -169.15
C GLY IC 132 -36.65 67.87 -168.88
N VAL IC 133 -36.38 67.01 -169.86
CA VAL IC 133 -36.68 65.59 -169.72
C VAL IC 133 -35.61 64.98 -168.83
N CYS IC 134 -36.04 64.26 -167.81
CA CYS IC 134 -35.11 63.71 -166.84
C CYS IC 134 -35.20 62.18 -166.88
N VAL IC 135 -34.53 61.55 -165.91
CA VAL IC 135 -34.42 60.10 -165.90
C VAL IC 135 -35.78 59.46 -165.70
N GLN IC 136 -36.42 59.74 -164.58
CA GLN IC 136 -37.64 59.02 -164.22
C GLN IC 136 -38.79 59.32 -165.16
N THR IC 137 -38.81 60.50 -165.78
CA THR IC 137 -39.77 60.75 -166.85
C THR IC 137 -39.64 59.69 -167.93
N GLU IC 138 -38.42 59.48 -168.41
CA GLU IC 138 -38.18 58.47 -169.43
C GLU IC 138 -38.51 57.08 -168.90
N THR IC 139 -38.17 56.80 -167.64
CA THR IC 139 -38.46 55.50 -167.06
C THR IC 139 -39.95 55.20 -167.09
N VAL IC 140 -40.76 56.13 -166.58
CA VAL IC 140 -42.19 55.87 -166.48
C VAL IC 140 -42.85 55.86 -167.85
N LEU IC 141 -42.40 56.71 -168.77
CA LEU IC 141 -42.97 56.63 -170.12
C LEU IC 141 -42.57 55.35 -170.82
N ARG IC 142 -41.35 54.86 -170.58
CA ARG IC 142 -40.96 53.54 -171.04
C ARG IC 142 -41.94 52.50 -170.53
N GLN IC 143 -42.28 52.59 -169.24
CA GLN IC 143 -43.24 51.68 -168.66
C GLN IC 143 -44.60 51.77 -169.36
N ALA IC 144 -45.07 52.99 -169.62
CA ALA IC 144 -46.39 53.17 -170.21
C ALA IC 144 -46.43 52.68 -171.65
N ILE IC 145 -45.44 53.07 -172.46
CA ILE IC 145 -45.40 52.61 -173.83
C ILE IC 145 -45.15 51.11 -173.90
N ALA IC 146 -44.57 50.53 -172.85
CA ALA IC 146 -44.47 49.08 -172.78
C ALA IC 146 -45.83 48.42 -172.63
N GLU IC 147 -46.82 49.13 -172.09
CA GLU IC 147 -48.17 48.60 -171.93
C GLU IC 147 -49.16 49.23 -172.90
N ARG IC 148 -48.69 49.71 -174.06
CA ARG IC 148 -49.56 50.25 -175.11
C ARG IC 148 -50.44 51.37 -174.58
N ILE IC 149 -49.85 52.30 -173.84
CA ILE IC 149 -50.58 53.40 -173.22
C ILE IC 149 -50.31 54.66 -174.04
N LYS IC 150 -51.38 55.33 -174.46
CA LYS IC 150 -51.22 56.55 -175.24
C LYS IC 150 -50.79 57.69 -174.32
N PRO IC 151 -49.71 58.41 -174.66
CA PRO IC 151 -49.20 59.47 -173.79
C PRO IC 151 -49.72 60.85 -174.13
N VAL IC 152 -49.55 61.76 -173.17
CA VAL IC 152 -49.83 63.18 -173.34
C VAL IC 152 -48.72 63.97 -172.65
N LEU IC 153 -48.25 65.02 -173.30
CA LEU IC 153 -47.14 65.81 -172.78
C LEU IC 153 -47.62 67.15 -172.24
N MET IC 154 -46.86 67.69 -171.29
CA MET IC 154 -47.33 68.82 -170.49
C MET IC 154 -46.14 69.58 -169.92
N MET IC 155 -45.89 70.77 -170.45
CA MET IC 155 -44.79 71.59 -169.95
C MET IC 155 -45.20 72.28 -168.65
N ASN IC 156 -44.43 72.06 -167.60
CA ASN IC 156 -44.86 72.42 -166.26
C ASN IC 156 -43.86 73.38 -165.63
N LYS IC 157 -44.34 74.18 -164.67
CA LYS IC 157 -43.52 75.13 -163.92
C LYS IC 157 -42.97 76.24 -164.82
N MET IC 158 -43.73 76.61 -165.84
CA MET IC 158 -43.27 77.69 -166.71
C MET IC 158 -43.17 78.99 -165.96
N ASP IC 159 -44.00 79.19 -164.94
CA ASP IC 159 -43.93 80.41 -164.14
C ASP IC 159 -42.52 80.63 -163.61
N ARG IC 160 -41.82 79.56 -163.25
CA ARG IC 160 -40.43 79.70 -162.84
C ARG IC 160 -39.57 80.20 -164.00
N ALA IC 161 -39.83 79.73 -165.22
CA ALA IC 161 -39.09 80.23 -166.37
C ALA IC 161 -39.38 81.70 -166.62
N LEU IC 162 -40.62 82.14 -166.45
CA LEU IC 162 -40.97 83.53 -166.72
C LEU IC 162 -40.39 84.46 -165.67
N LEU IC 163 -40.76 84.27 -164.39
CA LEU IC 163 -40.34 85.21 -163.37
C LEU IC 163 -39.01 84.84 -162.73
N GLU IC 164 -38.79 83.56 -162.46
CA GLU IC 164 -37.55 83.13 -161.83
C GLU IC 164 -36.37 83.25 -162.80
N LEU IC 165 -36.60 82.98 -164.08
CA LEU IC 165 -35.52 82.92 -165.06
C LEU IC 165 -35.46 84.11 -166.00
N GLN IC 166 -36.59 84.75 -166.29
CA GLN IC 166 -36.64 85.96 -167.12
C GLN IC 166 -36.00 85.72 -168.48
N LEU IC 167 -36.63 84.83 -169.24
CA LEU IC 167 -36.13 84.41 -170.54
C LEU IC 167 -36.90 85.10 -171.66
N GLU IC 168 -36.18 85.43 -172.73
CA GLU IC 168 -36.81 85.97 -173.93
C GLU IC 168 -37.62 84.89 -174.65
N PRO IC 169 -38.80 85.24 -175.18
CA PRO IC 169 -39.72 84.21 -175.71
C PRO IC 169 -39.08 83.21 -176.66
N GLU IC 170 -38.16 83.64 -177.52
CA GLU IC 170 -37.55 82.70 -178.46
C GLU IC 170 -36.80 81.60 -177.71
N GLU IC 171 -36.16 81.93 -176.60
CA GLU IC 171 -35.46 80.93 -175.80
C GLU IC 171 -36.43 79.88 -175.26
N LEU IC 172 -37.57 80.32 -174.72
CA LEU IC 172 -38.55 79.36 -174.22
C LEU IC 172 -39.10 78.49 -175.33
N TYR IC 173 -39.34 79.07 -176.52
CA TYR IC 173 -39.79 78.25 -177.64
C TYR IC 173 -38.75 77.21 -178.02
N GLN IC 174 -37.48 77.62 -178.05
CA GLN IC 174 -36.42 76.68 -178.38
C GLN IC 174 -36.33 75.56 -177.35
N THR IC 175 -36.48 75.90 -176.07
CA THR IC 175 -36.43 74.87 -175.03
C THR IC 175 -37.62 73.92 -175.13
N PHE IC 176 -38.81 74.45 -175.41
CA PHE IC 176 -39.96 73.58 -175.61
C PHE IC 176 -39.77 72.68 -176.82
N GLN IC 177 -39.18 73.22 -177.88
CA GLN IC 177 -38.86 72.38 -179.02
C GLN IC 177 -37.89 71.29 -178.60
N ARG IC 178 -36.90 71.63 -177.78
CA ARG IC 178 -35.93 70.66 -177.30
C ARG IC 178 -36.61 69.56 -176.49
N ILE IC 179 -37.56 69.95 -175.65
CA ILE IC 179 -38.23 68.98 -174.81
C ILE IC 179 -39.11 68.05 -175.64
N VAL IC 180 -39.85 68.61 -176.60
CA VAL IC 180 -40.77 67.79 -177.38
C VAL IC 180 -40.01 66.87 -178.32
N GLU IC 181 -38.89 67.35 -178.88
CA GLU IC 181 -38.08 66.43 -179.69
C GLU IC 181 -37.46 65.35 -178.84
N ASN IC 182 -37.04 65.68 -177.61
CA ASN IC 182 -36.49 64.63 -176.75
C ASN IC 182 -37.51 63.55 -176.45
N VAL IC 183 -38.73 63.95 -176.07
CA VAL IC 183 -39.75 62.95 -175.80
C VAL IC 183 -40.07 62.18 -177.07
N ASN IC 184 -40.08 62.87 -178.21
CA ASN IC 184 -40.43 62.21 -179.46
C ASN IC 184 -39.38 61.16 -179.83
N VAL IC 185 -38.10 61.49 -179.69
CA VAL IC 185 -37.06 60.53 -180.04
C VAL IC 185 -37.06 59.37 -179.05
N ILE IC 186 -37.26 59.64 -177.76
CA ILE IC 186 -37.22 58.55 -176.80
C ILE IC 186 -38.44 57.64 -176.89
N ILE IC 187 -39.57 58.15 -177.37
CA ILE IC 187 -40.70 57.26 -177.64
C ILE IC 187 -40.59 56.60 -179.01
N SER IC 188 -39.78 57.14 -179.91
CA SER IC 188 -39.51 56.42 -181.15
C SER IC 188 -38.57 55.25 -180.91
N THR IC 189 -37.50 55.46 -180.13
CA THR IC 189 -36.49 54.43 -179.96
C THR IC 189 -37.01 53.24 -179.16
N TYR IC 190 -37.91 53.47 -178.21
CA TYR IC 190 -38.46 52.40 -177.41
C TYR IC 190 -39.88 52.04 -177.81
N GLY IC 191 -40.73 53.04 -178.04
CA GLY IC 191 -42.08 52.77 -178.48
C GLY IC 191 -42.11 52.40 -179.95
N GLU IC 192 -41.61 51.21 -180.27
CA GLU IC 192 -41.51 50.74 -181.64
C GLU IC 192 -42.85 50.42 -182.27
N GLY IC 193 -43.93 50.39 -181.49
CA GLY IC 193 -45.25 50.19 -182.05
C GLY IC 193 -45.73 51.43 -182.79
N GLU IC 194 -45.01 51.78 -183.85
CA GLU IC 194 -45.28 52.98 -184.64
C GLU IC 194 -46.45 52.72 -185.59
N SER IC 195 -46.60 53.56 -186.62
CA SER IC 195 -47.60 53.34 -187.65
C SER IC 195 -47.63 51.88 -188.05
N GLY IC 196 -48.77 51.23 -187.84
CA GLY IC 196 -48.80 49.80 -187.70
C GLY IC 196 -49.53 49.43 -186.43
N PRO IC 197 -48.80 48.95 -185.43
CA PRO IC 197 -49.46 48.56 -184.16
C PRO IC 197 -50.31 49.66 -183.56
N MET IC 198 -49.91 50.92 -183.68
CA MET IC 198 -50.63 52.02 -183.05
C MET IC 198 -51.02 53.15 -183.98
N GLY IC 199 -50.34 53.33 -185.11
CA GLY IC 199 -50.47 54.57 -185.84
C GLY IC 199 -49.48 55.58 -185.31
N ASN IC 200 -49.78 56.86 -185.47
CA ASN IC 200 -48.84 57.88 -185.00
C ASN IC 200 -48.98 58.09 -183.50
N ILE IC 201 -47.87 57.90 -182.79
CA ILE IC 201 -47.81 58.20 -181.36
C ILE IC 201 -47.02 59.46 -181.07
N MET IC 202 -46.37 60.05 -182.07
CA MET IC 202 -45.53 61.21 -181.86
C MET IC 202 -46.37 62.33 -181.28
N ILE IC 203 -45.85 63.01 -180.29
CA ILE IC 203 -46.59 64.08 -179.62
C ILE IC 203 -46.22 65.41 -180.23
N ASP IC 204 -47.25 66.20 -180.58
CA ASP IC 204 -47.08 67.40 -181.37
C ASP IC 204 -47.99 68.52 -180.87
N PRO IC 205 -47.45 69.71 -180.61
CA PRO IC 205 -48.32 70.86 -180.33
C PRO IC 205 -49.24 71.20 -181.47
N VAL IC 206 -48.81 70.96 -182.72
CA VAL IC 206 -49.72 71.14 -183.85
C VAL IC 206 -50.95 70.28 -183.69
N LEU IC 207 -50.77 69.04 -183.23
CA LEU IC 207 -51.91 68.19 -182.89
C LEU IC 207 -52.62 68.67 -181.63
N GLY IC 208 -52.03 69.60 -180.88
CA GLY IC 208 -52.64 70.11 -179.67
C GLY IC 208 -52.53 69.19 -178.48
N THR IC 209 -51.75 68.12 -178.57
CA THR IC 209 -51.61 67.14 -177.49
C THR IC 209 -50.45 67.46 -176.56
N VAL IC 210 -50.02 68.71 -176.50
CA VAL IC 210 -49.05 69.16 -175.51
C VAL IC 210 -49.74 70.15 -174.60
N GLY IC 211 -49.17 70.36 -173.42
CA GLY IC 211 -49.77 71.23 -172.43
C GLY IC 211 -48.80 72.26 -171.91
N PHE IC 212 -49.30 73.48 -171.75
CA PHE IC 212 -48.52 74.60 -171.25
C PHE IC 212 -49.20 75.17 -170.01
N GLY IC 213 -48.52 75.08 -168.87
CA GLY IC 213 -49.06 75.63 -167.64
C GLY IC 213 -48.13 75.42 -166.47
N SER IC 214 -48.55 75.90 -165.31
CA SER IC 214 -47.74 75.79 -164.10
C SER IC 214 -48.65 75.32 -162.96
N GLY IC 215 -48.22 74.28 -162.25
CA GLY IC 215 -49.08 73.66 -161.27
C GLY IC 215 -49.37 74.52 -160.05
N LEU IC 216 -48.36 75.24 -159.56
CA LEU IC 216 -48.52 75.99 -158.32
C LEU IC 216 -49.59 77.07 -158.46
N HIS IC 217 -49.69 77.67 -159.63
CA HIS IC 217 -50.53 78.86 -159.80
C HIS IC 217 -51.88 78.54 -160.44
N GLY IC 218 -52.21 77.27 -160.61
CA GLY IC 218 -53.55 76.89 -161.06
C GLY IC 218 -53.96 77.44 -162.40
N TRP IC 219 -53.09 77.34 -163.39
CA TRP IC 219 -53.37 77.88 -164.71
C TRP IC 219 -52.62 77.06 -165.75
N ALA IC 220 -53.23 76.91 -166.92
CA ALA IC 220 -52.60 76.19 -168.00
C ALA IC 220 -53.35 76.48 -169.30
N PHE IC 221 -52.70 76.17 -170.42
CA PHE IC 221 -53.32 76.36 -171.72
C PHE IC 221 -52.66 75.46 -172.74
N THR IC 222 -53.48 75.00 -173.69
CA THR IC 222 -53.00 74.44 -174.94
C THR IC 222 -53.20 75.48 -176.03
N LEU IC 223 -52.90 75.08 -177.26
CA LEU IC 223 -53.08 75.96 -178.41
C LEU IC 223 -54.54 76.09 -178.81
N LYS IC 224 -55.37 75.09 -178.45
CA LYS IC 224 -56.76 75.06 -178.91
C LYS IC 224 -57.53 76.28 -178.44
N GLN IC 225 -57.37 76.64 -177.16
CA GLN IC 225 -58.09 77.82 -176.71
C GLN IC 225 -57.66 79.02 -177.55
N PHE IC 226 -56.39 79.42 -177.45
CA PHE IC 226 -55.91 80.60 -178.18
C PHE IC 226 -56.47 80.61 -179.60
N ALA IC 227 -56.52 79.45 -180.24
CA ALA IC 227 -57.18 79.33 -181.54
C ALA IC 227 -58.66 79.70 -181.47
N GLU IC 228 -59.35 79.24 -180.44
CA GLU IC 228 -60.79 79.45 -180.37
C GLU IC 228 -61.12 80.92 -180.21
N MET IC 229 -60.46 81.60 -179.25
CA MET IC 229 -60.77 83.03 -179.13
C MET IC 229 -60.15 83.84 -180.26
N TYR IC 230 -59.16 83.30 -180.97
CA TYR IC 230 -58.63 84.03 -182.12
C TYR IC 230 -59.59 83.97 -183.30
N VAL IC 231 -60.12 82.78 -183.58
CA VAL IC 231 -61.09 82.64 -184.66
C VAL IC 231 -62.37 83.40 -184.33
N ALA IC 232 -62.80 83.36 -183.06
CA ALA IC 232 -63.91 84.18 -182.64
C ALA IC 232 -63.59 85.67 -182.78
N LYS IC 233 -62.32 86.05 -182.59
CA LYS IC 233 -61.93 87.44 -182.81
C LYS IC 233 -62.07 87.83 -184.27
N PHE IC 234 -61.72 86.93 -185.19
CA PHE IC 234 -61.82 87.19 -186.62
C PHE IC 234 -63.23 87.61 -187.02
N ALA IC 245 -69.30 73.15 -186.05
CA ALA IC 245 -69.03 72.33 -187.23
C ALA IC 245 -67.88 72.91 -188.05
N GLU IC 246 -68.21 73.85 -188.94
CA GLU IC 246 -67.17 74.50 -189.74
C GLU IC 246 -66.22 75.32 -188.87
N ARG IC 247 -66.63 75.68 -187.66
CA ARG IC 247 -65.74 76.41 -186.76
C ARG IC 247 -64.49 75.61 -186.47
N ALA IC 248 -64.65 74.31 -186.17
CA ALA IC 248 -63.50 73.45 -185.97
C ALA IC 248 -62.67 73.33 -187.24
N LYS IC 249 -63.33 73.33 -188.40
CA LYS IC 249 -62.60 73.25 -189.66
C LYS IC 249 -61.71 74.47 -189.85
N LYS IC 250 -62.23 75.66 -189.54
CA LYS IC 250 -61.43 76.87 -189.56
C LYS IC 250 -60.32 76.81 -188.53
N VAL IC 251 -60.64 76.32 -187.34
CA VAL IC 251 -59.68 76.31 -186.26
C VAL IC 251 -58.53 75.35 -186.57
N GLU IC 252 -58.80 74.27 -187.30
CA GLU IC 252 -57.78 73.27 -187.58
C GLU IC 252 -56.62 73.82 -188.40
N ASP IC 253 -56.89 74.69 -189.37
CA ASP IC 253 -55.81 75.33 -190.09
C ASP IC 253 -55.01 76.24 -189.17
N MET IC 254 -55.67 76.90 -188.22
CA MET IC 254 -54.94 77.68 -187.24
C MET IC 254 -54.03 76.76 -186.41
N MET IC 255 -54.54 75.61 -185.97
CA MET IC 255 -53.67 74.59 -185.36
C MET IC 255 -52.42 74.40 -186.19
N LYS IC 256 -52.61 73.99 -187.45
CA LYS IC 256 -51.46 73.65 -188.28
C LYS IC 256 -50.59 74.85 -188.62
N LYS IC 257 -51.08 76.06 -188.38
CA LYS IC 257 -50.37 77.27 -188.77
C LYS IC 257 -49.52 77.85 -187.64
N LEU IC 258 -50.06 77.90 -186.42
CA LEU IC 258 -49.44 78.74 -185.39
C LEU IC 258 -48.10 78.20 -184.93
N TRP IC 259 -48.00 76.91 -184.62
CA TRP IC 259 -46.76 76.39 -184.08
C TRP IC 259 -45.73 76.17 -185.19
N GLY IC 260 -44.46 76.29 -184.83
CA GLY IC 260 -43.37 76.05 -185.75
C GLY IC 260 -42.50 77.26 -185.99
N ASP IC 261 -41.93 77.35 -187.19
CA ASP IC 261 -41.08 78.46 -187.57
C ASP IC 261 -41.82 79.52 -188.38
N ARG IC 262 -43.14 79.42 -188.48
CA ARG IC 262 -43.93 80.41 -189.19
C ARG IC 262 -43.79 81.77 -188.51
N TYR IC 263 -43.63 82.81 -189.31
CA TYR IC 263 -43.44 84.18 -188.82
C TYR IC 263 -44.66 85.03 -189.15
N PHE IC 264 -44.93 85.99 -188.28
CA PHE IC 264 -46.08 86.87 -188.42
C PHE IC 264 -45.61 88.33 -188.46
N ASP IC 265 -46.24 89.13 -189.31
CA ASP IC 265 -45.84 90.51 -189.50
C ASP IC 265 -46.90 91.44 -188.92
N PRO IC 266 -46.65 92.10 -187.80
CA PRO IC 266 -47.59 93.12 -187.32
C PRO IC 266 -47.80 94.26 -188.30
N ALA IC 267 -46.78 94.61 -189.08
CA ALA IC 267 -46.94 95.63 -190.10
C ALA IC 267 -47.93 95.20 -191.17
N ASN IC 268 -47.84 93.94 -191.61
CA ASN IC 268 -48.75 93.42 -192.63
C ASN IC 268 -50.02 92.81 -192.05
N GLY IC 269 -49.98 92.35 -190.80
CA GLY IC 269 -51.13 91.70 -190.22
C GLY IC 269 -51.42 90.32 -190.74
N LYS IC 270 -50.52 89.77 -191.56
CA LYS IC 270 -50.67 88.44 -192.12
C LYS IC 270 -49.39 87.65 -191.88
N PHE IC 271 -49.54 86.35 -191.70
CA PHE IC 271 -48.40 85.51 -191.38
C PHE IC 271 -47.48 85.40 -192.60
N SER IC 272 -46.22 85.10 -192.35
CA SER IC 272 -45.21 85.06 -193.40
C SER IC 272 -44.30 83.88 -193.21
N LYS IC 273 -44.34 82.93 -194.17
CA LYS IC 273 -43.47 81.77 -194.09
C LYS IC 273 -42.00 82.14 -194.28
N SER IC 274 -41.74 83.26 -194.94
CA SER IC 274 -40.36 83.70 -195.17
C SER IC 274 -39.68 84.04 -193.85
N ALA IC 275 -38.38 83.75 -193.77
CA ALA IC 275 -37.63 84.03 -192.54
C ALA IC 275 -37.58 85.52 -192.24
N THR IC 276 -37.65 86.36 -193.26
CA THR IC 276 -37.53 87.80 -193.09
C THR IC 276 -38.59 88.48 -193.95
N SER IC 277 -39.05 89.63 -193.49
CA SER IC 277 -40.05 90.39 -194.20
C SER IC 277 -39.50 90.89 -195.53
N PRO IC 278 -40.37 91.19 -196.50
CA PRO IC 278 -39.89 91.69 -197.79
C PRO IC 278 -39.08 92.97 -197.68
N GLU IC 279 -39.35 93.80 -196.68
CA GLU IC 279 -38.57 95.03 -196.52
C GLU IC 279 -37.17 94.72 -196.01
N GLY IC 280 -36.99 93.60 -195.31
CA GLY IC 280 -35.67 93.21 -194.83
C GLY IC 280 -35.56 93.11 -193.32
N LYS IC 281 -36.68 93.18 -192.63
CA LYS IC 281 -36.72 93.12 -191.18
C LYS IC 281 -37.11 91.71 -190.73
N LYS IC 282 -36.37 91.18 -189.77
CA LYS IC 282 -36.64 89.85 -189.24
C LYS IC 282 -37.92 89.93 -188.44
N LEU IC 283 -38.79 88.90 -188.55
CA LEU IC 283 -40.02 88.92 -187.76
C LEU IC 283 -40.08 87.73 -186.79
N PRO IC 284 -40.53 87.93 -185.55
CA PRO IC 284 -40.55 86.82 -184.60
C PRO IC 284 -41.56 85.72 -184.98
N ARG IC 285 -41.30 84.54 -184.41
CA ARG IC 285 -42.12 83.39 -184.73
C ARG IC 285 -43.55 83.61 -184.26
N THR IC 286 -44.48 82.98 -184.97
CA THR IC 286 -45.89 83.12 -184.62
C THR IC 286 -46.17 82.62 -183.21
N PHE IC 287 -45.49 81.55 -182.80
CA PHE IC 287 -45.70 81.04 -181.45
C PHE IC 287 -45.40 82.11 -180.40
N CYS IC 288 -44.16 82.61 -180.39
CA CYS IC 288 -43.78 83.60 -179.39
C CYS IC 288 -44.57 84.89 -179.57
N GLN IC 289 -44.83 85.27 -180.83
CA GLN IC 289 -45.44 86.57 -181.09
C GLN IC 289 -46.90 86.62 -180.67
N LEU IC 290 -47.68 85.59 -180.98
CA LEU IC 290 -49.11 85.61 -180.68
C LEU IC 290 -49.51 84.68 -179.55
N ILE IC 291 -48.54 84.12 -178.82
CA ILE IC 291 -48.85 83.39 -177.60
C ILE IC 291 -48.01 83.93 -176.45
N LEU IC 292 -46.69 83.92 -176.62
CA LEU IC 292 -45.81 84.30 -175.52
C LEU IC 292 -45.79 85.82 -175.31
N ASP IC 293 -45.95 86.59 -176.37
CA ASP IC 293 -45.97 88.04 -176.19
C ASP IC 293 -47.13 88.51 -175.31
N PRO IC 294 -48.38 88.08 -175.52
CA PRO IC 294 -49.46 88.56 -174.64
C PRO IC 294 -49.29 88.15 -173.19
N ILE IC 295 -48.91 86.89 -172.93
CA ILE IC 295 -48.70 86.46 -171.55
C ILE IC 295 -47.55 87.24 -170.93
N PHE IC 296 -46.51 87.53 -171.72
CA PHE IC 296 -45.42 88.35 -171.21
C PHE IC 296 -45.89 89.74 -170.85
N LYS IC 297 -46.69 90.37 -171.73
CA LYS IC 297 -47.20 91.70 -171.43
C LYS IC 297 -48.01 91.69 -170.15
N VAL IC 298 -48.91 90.72 -170.01
CA VAL IC 298 -49.76 90.72 -168.81
C VAL IC 298 -48.94 90.44 -167.56
N PHE IC 299 -47.94 89.56 -167.65
CA PHE IC 299 -47.15 89.24 -166.47
C PHE IC 299 -46.29 90.43 -166.04
N ASP IC 300 -45.59 91.05 -166.99
CA ASP IC 300 -44.78 92.20 -166.61
C ASP IC 300 -45.66 93.35 -166.16
N ALA IC 301 -46.86 93.47 -166.72
CA ALA IC 301 -47.78 94.52 -166.28
C ALA IC 301 -48.17 94.32 -164.83
N ILE IC 302 -48.58 93.10 -164.47
CA ILE IC 302 -49.02 92.87 -163.10
C ILE IC 302 -47.85 92.98 -162.14
N MET IC 303 -46.66 92.57 -162.56
CA MET IC 303 -45.54 92.61 -161.63
C MET IC 303 -44.93 94.01 -161.55
N ASN IC 304 -45.26 94.90 -162.49
CA ASN IC 304 -44.83 96.29 -162.44
C ASN IC 304 -45.99 97.27 -162.27
N PHE IC 305 -47.22 96.76 -162.08
CA PHE IC 305 -48.37 97.56 -161.66
C PHE IC 305 -48.69 98.68 -162.67
N LYS IC 306 -49.05 98.26 -163.88
CA LYS IC 306 -49.58 99.18 -164.89
C LYS IC 306 -51.10 99.17 -164.76
N LYS IC 307 -51.58 99.88 -163.73
CA LYS IC 307 -52.96 99.72 -163.27
C LYS IC 307 -53.96 100.01 -164.38
N GLU IC 308 -53.82 101.17 -165.04
CA GLU IC 308 -54.69 101.48 -166.16
C GLU IC 308 -54.51 100.49 -167.30
N GLU IC 309 -53.28 100.02 -167.51
CA GLU IC 309 -53.04 99.04 -168.57
C GLU IC 309 -53.60 97.68 -168.17
N THR IC 310 -53.52 97.31 -166.89
CA THR IC 310 -54.22 96.12 -166.43
C THR IC 310 -55.71 96.26 -166.69
N ALA IC 311 -56.25 97.43 -166.38
CA ALA IC 311 -57.65 97.69 -166.65
C ALA IC 311 -57.95 97.49 -168.11
N LYS IC 312 -57.17 98.07 -169.02
CA LYS IC 312 -57.52 97.94 -170.43
C LYS IC 312 -57.30 96.51 -170.95
N LEU IC 313 -56.28 95.80 -170.47
CA LEU IC 313 -56.05 94.45 -170.95
C LEU IC 313 -57.13 93.49 -170.46
N ILE IC 314 -57.74 93.76 -169.31
CA ILE IC 314 -58.78 92.87 -168.79
C ILE IC 314 -59.96 92.82 -169.75
N GLU IC 315 -60.43 93.98 -170.24
CA GLU IC 315 -61.48 94.02 -171.25
C GLU IC 315 -60.97 93.65 -172.63
N LYS IC 316 -59.65 93.77 -172.87
CA LYS IC 316 -59.09 93.18 -174.08
C LYS IC 316 -59.24 91.67 -174.08
N LEU IC 317 -59.10 91.04 -172.91
CA LEU IC 317 -59.21 89.58 -172.83
C LEU IC 317 -60.64 89.10 -172.93
N ASP IC 318 -61.61 89.96 -172.62
CA ASP IC 318 -63.02 89.57 -172.49
C ASP IC 318 -63.17 88.52 -171.38
N ILE IC 319 -62.80 88.93 -170.17
CA ILE IC 319 -62.75 88.03 -169.02
C ILE IC 319 -63.66 88.59 -167.91
N LYS IC 320 -64.45 87.70 -167.33
CA LYS IC 320 -65.33 88.06 -166.22
C LYS IC 320 -64.52 88.31 -164.95
N LEU IC 321 -65.12 89.06 -164.02
CA LEU IC 321 -64.50 89.38 -162.75
C LEU IC 321 -65.44 88.98 -161.62
N ASP IC 322 -64.95 88.17 -160.70
CA ASP IC 322 -65.69 87.82 -159.49
C ASP IC 322 -65.24 88.73 -158.36
N SER IC 323 -65.66 88.43 -157.12
CA SER IC 323 -65.27 89.27 -156.00
C SER IC 323 -63.84 88.95 -155.56
N GLU IC 324 -63.27 89.89 -154.79
CA GLU IC 324 -62.00 89.70 -154.11
C GLU IC 324 -60.83 89.73 -155.08
N ASP IC 325 -61.11 89.77 -156.38
CA ASP IC 325 -60.04 89.91 -157.36
C ASP IC 325 -59.78 91.36 -157.76
N LYS IC 326 -60.83 92.16 -157.86
CA LYS IC 326 -60.66 93.56 -158.23
C LYS IC 326 -60.13 94.40 -157.09
N ASP IC 327 -60.32 93.95 -155.84
CA ASP IC 327 -59.85 94.71 -154.69
C ASP IC 327 -58.40 94.39 -154.35
N LYS IC 328 -57.94 93.18 -154.67
CA LYS IC 328 -56.58 92.74 -154.39
C LYS IC 328 -55.79 92.72 -155.69
N GLU IC 329 -54.64 93.38 -155.69
CA GLU IC 329 -53.75 93.42 -156.84
C GLU IC 329 -52.46 92.66 -156.54
N GLY IC 330 -51.61 92.57 -157.56
CA GLY IC 330 -50.31 91.94 -157.39
C GLY IC 330 -50.26 90.48 -157.76
N LYS IC 331 -49.26 89.77 -157.24
CA LYS IC 331 -49.11 88.35 -157.54
C LYS IC 331 -50.35 87.53 -157.19
N PRO IC 332 -51.00 87.71 -156.03
CA PRO IC 332 -52.29 87.02 -155.86
C PRO IC 332 -53.27 87.32 -156.96
N LEU IC 333 -53.35 88.57 -157.41
CA LEU IC 333 -54.20 88.89 -158.55
C LEU IC 333 -53.67 88.25 -159.82
N LEU IC 334 -52.34 88.12 -159.95
CA LEU IC 334 -51.77 87.42 -161.09
C LEU IC 334 -52.31 85.98 -161.17
N LYS IC 335 -52.19 85.24 -160.07
CA LYS IC 335 -52.67 83.87 -160.05
C LYS IC 335 -54.18 83.80 -160.25
N ALA IC 336 -54.92 84.69 -159.58
CA ALA IC 336 -56.37 84.68 -159.71
C ALA IC 336 -56.80 84.96 -161.14
N VAL IC 337 -56.14 85.91 -161.80
CA VAL IC 337 -56.53 86.30 -163.14
C VAL IC 337 -56.18 85.21 -164.15
N MET IC 338 -55.04 84.54 -164.00
CA MET IC 338 -54.77 83.48 -164.97
C MET IC 338 -55.54 82.21 -164.63
N ARG IC 339 -56.04 82.10 -163.40
CA ARG IC 339 -57.04 81.08 -163.13
C ARG IC 339 -58.33 81.38 -163.89
N ARG IC 340 -58.76 82.63 -163.91
CA ARG IC 340 -59.99 83.01 -164.60
C ARG IC 340 -59.80 83.16 -166.09
N TRP IC 341 -58.58 83.27 -166.59
CA TRP IC 341 -58.34 83.43 -168.01
C TRP IC 341 -57.78 82.16 -168.65
N LEU IC 342 -57.04 81.36 -167.89
CA LEU IC 342 -56.72 79.99 -168.27
C LEU IC 342 -57.02 79.06 -167.10
N PRO IC 343 -58.27 78.65 -166.92
CA PRO IC 343 -58.56 77.57 -165.97
C PRO IC 343 -57.88 76.29 -166.40
N ALA IC 344 -56.94 75.83 -165.58
CA ALA IC 344 -56.03 74.76 -165.98
C ALA IC 344 -56.75 73.45 -166.22
N GLY IC 345 -57.74 73.15 -165.37
CA GLY IC 345 -58.53 71.95 -165.48
C GLY IC 345 -59.36 71.91 -166.73
N ASP IC 346 -60.03 72.99 -167.10
CA ASP IC 346 -60.61 73.03 -168.44
C ASP IC 346 -59.53 72.80 -169.48
N ALA IC 347 -58.43 73.55 -169.39
CA ALA IC 347 -57.40 73.51 -170.41
C ALA IC 347 -56.89 72.10 -170.65
N LEU IC 348 -56.69 71.34 -169.57
CA LEU IC 348 -56.22 69.97 -169.72
C LEU IC 348 -57.36 69.01 -169.98
N LEU IC 349 -58.53 69.26 -169.42
CA LEU IC 349 -59.59 68.27 -169.52
C LEU IC 349 -60.15 68.20 -170.93
N GLN IC 350 -60.29 69.36 -171.59
CA GLN IC 350 -60.75 69.33 -172.97
C GLN IC 350 -59.80 68.53 -173.84
N MET IC 351 -58.49 68.75 -173.71
CA MET IC 351 -57.58 68.11 -174.63
C MET IC 351 -57.39 66.63 -174.27
N ILE IC 352 -57.48 66.29 -172.98
CA ILE IC 352 -57.37 64.89 -172.60
C ILE IC 352 -58.59 64.12 -173.06
N THR IC 353 -59.76 64.75 -173.05
CA THR IC 353 -60.92 64.13 -173.67
C THR IC 353 -60.74 64.02 -175.17
N ILE IC 354 -60.08 65.00 -175.78
CA ILE IC 354 -59.86 64.96 -177.23
C ILE IC 354 -58.96 63.79 -177.62
N HIS IC 355 -57.86 63.60 -176.90
CA HIS IC 355 -56.78 62.75 -177.40
C HIS IC 355 -56.74 61.37 -176.78
N LEU IC 356 -56.97 61.24 -175.48
CA LEU IC 356 -56.84 59.95 -174.83
C LEU IC 356 -57.96 59.01 -175.30
N PRO IC 357 -57.63 57.78 -175.64
CA PRO IC 357 -58.61 56.86 -176.21
C PRO IC 357 -59.51 56.22 -175.16
N SER IC 358 -60.76 56.00 -175.56
CA SER IC 358 -61.74 55.37 -174.69
C SER IC 358 -61.37 53.91 -174.44
N PRO IC 359 -61.82 53.34 -173.32
CA PRO IC 359 -61.56 51.91 -173.07
C PRO IC 359 -62.09 51.02 -174.18
N VAL IC 360 -63.21 51.40 -174.80
CA VAL IC 360 -63.72 50.65 -175.94
C VAL IC 360 -62.65 50.53 -177.02
N THR IC 361 -62.01 51.65 -177.37
CA THR IC 361 -60.95 51.60 -178.36
C THR IC 361 -59.66 51.04 -177.78
N ALA IC 362 -59.40 51.27 -176.48
CA ALA IC 362 -58.11 50.93 -175.91
C ALA IC 362 -57.95 49.42 -175.74
N GLN IC 363 -58.96 48.75 -175.21
CA GLN IC 363 -58.81 47.34 -174.87
C GLN IC 363 -58.71 46.46 -176.11
N LYS IC 364 -59.00 47.00 -177.29
CA LYS IC 364 -58.81 46.24 -178.52
C LYS IC 364 -57.35 45.82 -178.67
N TYR IC 365 -56.43 46.78 -178.53
CA TYR IC 365 -55.01 46.47 -178.56
C TYR IC 365 -54.46 46.12 -177.20
N ARG IC 366 -55.10 46.56 -176.12
CA ARG IC 366 -54.61 46.26 -174.78
C ARG IC 366 -54.82 44.81 -174.39
N CYS IC 367 -55.72 44.09 -175.07
CA CYS IC 367 -55.98 42.70 -174.74
C CYS IC 367 -54.74 41.84 -174.89
N GLU IC 368 -53.93 42.10 -175.91
CA GLU IC 368 -52.83 41.22 -176.27
C GLU IC 368 -51.70 41.25 -175.25
N LEU IC 369 -51.73 42.17 -174.30
CA LEU IC 369 -50.70 42.25 -173.27
C LEU IC 369 -51.20 41.83 -171.89
N LEU IC 370 -52.47 41.48 -171.76
CA LEU IC 370 -53.02 41.21 -170.44
C LEU IC 370 -53.63 39.82 -170.31
N TYR IC 371 -54.30 39.31 -171.34
CA TYR IC 371 -55.01 38.04 -171.25
C TYR IC 371 -54.10 36.92 -171.72
N GLU IC 372 -53.66 36.08 -170.80
CA GLU IC 372 -52.85 34.92 -171.16
C GLU IC 372 -53.63 33.90 -171.97
N GLY IC 373 -54.95 33.84 -171.79
CA GLY IC 373 -55.76 32.98 -172.60
C GLY IC 373 -55.71 33.40 -174.05
N PRO IC 374 -55.82 32.43 -174.97
CA PRO IC 374 -55.80 32.77 -176.38
C PRO IC 374 -56.95 33.69 -176.74
N PRO IC 375 -56.74 34.62 -177.68
CA PRO IC 375 -57.83 35.50 -178.11
C PRO IC 375 -59.13 34.80 -178.47
N ASP IC 376 -59.15 33.48 -178.58
CA ASP IC 376 -60.37 32.76 -178.95
C ASP IC 376 -61.22 32.36 -177.75
N ASP IC 377 -60.81 32.68 -176.52
CA ASP IC 377 -61.69 32.48 -175.38
C ASP IC 377 -62.83 33.48 -175.38
N GLU IC 378 -64.01 33.04 -174.92
CA GLU IC 378 -65.13 33.96 -174.83
C GLU IC 378 -64.78 35.16 -173.96
N ALA IC 379 -64.00 34.93 -172.90
CA ALA IC 379 -63.49 36.04 -172.10
C ALA IC 379 -62.70 37.01 -172.96
N ALA IC 380 -62.00 36.52 -173.99
CA ALA IC 380 -61.23 37.41 -174.84
C ALA IC 380 -62.15 38.35 -175.62
N MET IC 381 -63.25 37.84 -176.18
CA MET IC 381 -64.23 38.74 -176.77
C MET IC 381 -64.77 39.71 -175.73
N GLY IC 382 -65.02 39.23 -174.52
CA GLY IC 382 -65.53 40.11 -173.49
C GLY IC 382 -64.61 41.28 -173.23
N ILE IC 383 -63.31 41.00 -173.07
CA ILE IC 383 -62.35 42.07 -172.85
C ILE IC 383 -62.22 42.97 -174.08
N LYS IC 384 -62.18 42.39 -175.28
CA LYS IC 384 -61.98 43.18 -176.49
C LYS IC 384 -63.13 44.17 -176.68
N SER IC 385 -64.37 43.68 -176.67
CA SER IC 385 -65.50 44.53 -176.97
C SER IC 385 -66.08 45.21 -175.73
N CYS IC 386 -65.53 44.93 -174.54
CA CYS IC 386 -66.03 45.47 -173.29
C CYS IC 386 -67.55 45.30 -173.18
N ASP IC 387 -67.97 44.04 -173.17
CA ASP IC 387 -69.38 43.72 -173.11
C ASP IC 387 -69.82 43.62 -171.66
N PRO IC 388 -70.66 44.53 -171.18
CA PRO IC 388 -71.12 44.50 -169.79
C PRO IC 388 -72.32 43.58 -169.58
N LYS IC 389 -72.26 42.39 -170.18
CA LYS IC 389 -73.34 41.42 -170.04
C LYS IC 389 -72.88 39.98 -169.83
N GLY IC 390 -71.61 39.65 -170.07
CA GLY IC 390 -71.20 38.27 -170.11
C GLY IC 390 -70.11 37.89 -169.11
N PRO IC 391 -68.98 37.42 -169.64
CA PRO IC 391 -67.97 36.81 -168.78
C PRO IC 391 -67.20 37.81 -167.95
N LEU IC 392 -67.74 38.10 -166.76
CA LEU IC 392 -67.15 39.03 -165.82
C LEU IC 392 -65.68 38.67 -165.65
N MET IC 393 -64.78 39.64 -165.82
CA MET IC 393 -63.36 39.40 -165.53
C MET IC 393 -62.73 40.71 -165.07
N MET IC 394 -62.01 40.66 -163.94
CA MET IC 394 -61.33 41.86 -163.46
C MET IC 394 -59.88 41.55 -163.21
N TYR IC 395 -59.16 42.58 -162.77
CA TYR IC 395 -57.78 42.45 -162.38
C TYR IC 395 -57.58 43.28 -161.11
N ILE IC 396 -57.54 42.61 -159.97
CA ILE IC 396 -57.27 43.29 -158.70
C ILE IC 396 -55.78 43.58 -158.64
N SER IC 397 -55.42 44.81 -158.32
CA SER IC 397 -54.01 45.19 -158.37
C SER IC 397 -53.51 45.83 -157.08
N LYS IC 398 -54.30 46.71 -156.47
CA LYS IC 398 -53.84 47.52 -155.36
C LYS IC 398 -54.78 47.33 -154.17
N MET IC 399 -54.23 46.92 -153.04
CA MET IC 399 -55.03 46.52 -151.90
C MET IC 399 -54.98 47.65 -150.86
N VAL IC 400 -55.56 48.81 -151.20
CA VAL IC 400 -55.37 49.99 -150.34
C VAL IC 400 -55.96 49.74 -148.96
N PRO IC 401 -55.33 50.23 -147.89
CA PRO IC 401 -55.78 49.87 -146.54
C PRO IC 401 -57.15 50.44 -146.20
N THR IC 402 -57.86 49.71 -145.32
CA THR IC 402 -59.12 50.19 -144.79
C THR IC 402 -58.88 51.30 -143.78
N SER IC 403 -59.97 51.93 -143.34
CA SER IC 403 -59.84 53.01 -142.38
C SER IC 403 -59.31 52.51 -141.04
N ASP IC 404 -59.80 51.37 -140.56
CA ASP IC 404 -59.43 50.92 -139.22
C ASP IC 404 -57.95 50.61 -139.09
N LYS IC 405 -57.50 49.52 -139.74
CA LYS IC 405 -56.12 49.03 -139.70
C LYS IC 405 -56.02 47.60 -140.21
N GLY IC 406 -57.07 46.80 -140.01
CA GLY IC 406 -56.96 45.37 -140.18
C GLY IC 406 -57.23 44.83 -141.56
N ARG IC 407 -57.89 45.62 -142.41
CA ARG IC 407 -58.27 45.11 -143.73
C ARG IC 407 -57.88 46.11 -144.80
N PHE IC 408 -58.28 45.87 -146.03
CA PHE IC 408 -57.90 46.76 -147.11
C PHE IC 408 -58.99 46.75 -148.15
N TYR IC 409 -59.03 47.81 -148.97
CA TYR IC 409 -60.00 47.91 -150.06
C TYR IC 409 -59.41 47.30 -151.32
N ALA IC 410 -60.14 46.38 -151.94
CA ALA IC 410 -59.66 45.72 -153.16
C ALA IC 410 -59.97 46.60 -154.37
N PHE IC 411 -58.93 47.17 -154.97
CA PHE IC 411 -59.08 48.11 -156.08
C PHE IC 411 -58.47 47.55 -157.36
N GLY IC 412 -59.23 47.62 -158.45
CA GLY IC 412 -58.77 47.21 -159.76
C GLY IC 412 -59.70 47.79 -160.81
N ARG IC 413 -59.52 47.32 -162.04
CA ARG IC 413 -60.41 47.71 -163.13
C ARG IC 413 -61.31 46.57 -163.58
N VAL IC 414 -62.45 46.97 -164.14
CA VAL IC 414 -63.40 46.07 -164.77
C VAL IC 414 -63.24 46.17 -166.27
N PHE IC 415 -62.83 45.06 -166.89
CA PHE IC 415 -62.57 45.05 -168.33
C PHE IC 415 -63.67 44.38 -169.13
N SER IC 416 -64.51 43.55 -168.50
CA SER IC 416 -65.64 42.96 -169.18
C SER IC 416 -66.68 42.57 -168.14
N GLY IC 417 -67.96 42.68 -168.52
CA GLY IC 417 -69.04 42.34 -167.62
C GLY IC 417 -69.43 43.50 -166.72
N LEU IC 418 -70.32 43.19 -165.79
CA LEU IC 418 -70.87 44.15 -164.83
C LEU IC 418 -70.79 43.55 -163.44
N VAL IC 419 -70.02 44.19 -162.56
CA VAL IC 419 -69.90 43.70 -161.19
C VAL IC 419 -71.08 44.22 -160.39
N SER IC 420 -71.41 43.53 -159.31
CA SER IC 420 -72.48 43.94 -158.41
C SER IC 420 -72.20 43.37 -157.02
N THR IC 421 -72.85 43.95 -156.02
CA THR IC 421 -72.67 43.48 -154.66
C THR IC 421 -73.18 42.06 -154.50
N GLY IC 422 -72.39 41.23 -153.84
CA GLY IC 422 -72.80 39.87 -153.57
C GLY IC 422 -72.95 38.97 -154.77
N LEU IC 423 -72.00 39.01 -155.70
CA LEU IC 423 -71.98 38.10 -156.84
C LEU IC 423 -70.94 37.01 -156.60
N LYS IC 424 -71.39 35.76 -156.65
CA LYS IC 424 -70.50 34.62 -156.48
C LYS IC 424 -69.51 34.60 -157.63
N VAL IC 425 -68.25 34.86 -157.34
CA VAL IC 425 -67.24 35.09 -158.35
C VAL IC 425 -66.05 34.19 -158.08
N ARG IC 426 -65.47 33.63 -159.15
CA ARG IC 426 -64.25 32.86 -159.01
C ARG IC 426 -63.08 33.74 -158.64
N ILE IC 427 -62.33 33.37 -157.61
CA ILE IC 427 -61.17 34.12 -157.18
C ILE IC 427 -59.93 33.28 -157.48
N MET IC 428 -59.04 33.83 -158.31
CA MET IC 428 -57.77 33.20 -158.62
C MET IC 428 -56.64 34.14 -158.24
N GLY IC 429 -55.41 33.64 -158.35
CA GLY IC 429 -54.25 34.42 -157.99
C GLY IC 429 -53.15 34.31 -159.02
N PRO IC 430 -51.99 34.88 -158.69
CA PRO IC 430 -50.88 34.88 -159.67
C PRO IC 430 -50.45 33.49 -160.10
N ASN IC 431 -50.45 32.53 -159.17
CA ASN IC 431 -49.97 31.20 -159.45
C ASN IC 431 -51.09 30.24 -159.84
N TYR IC 432 -52.31 30.73 -160.00
CA TYR IC 432 -53.42 29.87 -160.41
C TYR IC 432 -53.23 29.42 -161.84
N THR IC 433 -53.53 28.15 -162.09
CA THR IC 433 -53.65 27.61 -163.43
C THR IC 433 -55.02 26.96 -163.58
N PRO IC 434 -55.64 27.06 -164.75
CA PRO IC 434 -56.95 26.42 -164.93
C PRO IC 434 -56.92 24.92 -164.73
N GLY IC 435 -55.78 24.28 -165.00
CA GLY IC 435 -55.71 22.83 -164.84
C GLY IC 435 -55.91 22.38 -163.40
N LYS IC 436 -55.23 23.04 -162.47
CA LYS IC 436 -55.29 22.67 -161.06
C LYS IC 436 -56.27 23.56 -160.31
N LYS IC 437 -56.84 23.01 -159.25
CA LYS IC 437 -57.87 23.71 -158.48
C LYS IC 437 -57.29 24.48 -157.30
N GLU IC 438 -55.97 24.48 -157.15
CA GLU IC 438 -55.34 25.30 -156.12
C GLU IC 438 -55.40 26.76 -156.52
N ASP IC 439 -55.31 27.64 -155.53
CA ASP IC 439 -55.34 29.09 -155.75
C ASP IC 439 -56.65 29.49 -156.43
N LEU IC 440 -57.73 28.81 -156.06
CA LEU IC 440 -59.06 29.06 -156.61
C LEU IC 440 -60.04 29.23 -155.48
N TYR IC 441 -60.79 30.33 -155.50
CA TYR IC 441 -61.80 30.63 -154.50
C TYR IC 441 -63.09 31.01 -155.19
N LEU IC 442 -64.22 30.67 -154.57
CA LEU IC 442 -65.55 30.95 -155.10
C LEU IC 442 -66.39 31.54 -153.98
N LYS IC 443 -66.35 32.87 -153.84
CA LYS IC 443 -67.14 33.54 -152.82
C LYS IC 443 -67.73 34.82 -153.40
N PRO IC 444 -68.89 35.24 -152.90
CA PRO IC 444 -69.43 36.53 -153.32
C PRO IC 444 -68.62 37.68 -152.75
N ILE IC 445 -68.68 38.82 -153.44
CA ILE IC 445 -68.08 40.02 -152.89
C ILE IC 445 -68.99 40.61 -151.84
N GLN IC 446 -68.43 41.48 -151.00
CA GLN IC 446 -69.25 42.20 -150.04
C GLN IC 446 -69.99 43.35 -150.71
N ARG IC 447 -69.24 44.23 -151.39
CA ARG IC 447 -69.84 45.38 -152.05
C ARG IC 447 -68.82 46.00 -153.00
N THR IC 448 -69.31 46.87 -153.87
CA THR IC 448 -68.48 47.66 -154.76
C THR IC 448 -68.47 49.10 -154.26
N ILE IC 449 -67.28 49.69 -154.18
CA ILE IC 449 -67.12 51.04 -153.66
C ILE IC 449 -66.35 51.88 -154.67
N LEU IC 450 -66.55 53.18 -154.59
CA LEU IC 450 -65.85 54.15 -155.42
C LEU IC 450 -65.16 55.16 -154.52
N MET IC 451 -63.89 55.42 -154.77
CA MET IC 451 -63.12 56.42 -154.04
C MET IC 451 -62.67 57.50 -155.00
N MET IC 452 -63.04 58.74 -154.71
CA MET IC 452 -62.40 59.88 -155.37
C MET IC 452 -61.36 60.49 -154.42
N GLY IC 453 -60.46 59.62 -154.00
CA GLY IC 453 -59.44 60.02 -153.03
C GLY IC 453 -59.81 59.54 -151.62
N ARG IC 454 -59.75 60.46 -150.66
CA ARG IC 454 -60.02 60.10 -149.27
C ARG IC 454 -61.45 59.61 -149.09
N TYR IC 455 -62.44 60.38 -149.54
CA TYR IC 455 -63.81 59.91 -149.46
C TYR IC 455 -64.01 58.71 -150.37
N VAL IC 456 -64.86 57.79 -149.91
CA VAL IC 456 -65.21 56.59 -150.67
C VAL IC 456 -66.72 56.50 -150.73
N GLU IC 457 -67.25 56.17 -151.90
CA GLU IC 457 -68.69 56.12 -152.10
C GLU IC 457 -69.10 54.74 -152.59
N PRO IC 458 -70.10 54.13 -151.97
CA PRO IC 458 -70.55 52.80 -152.38
C PRO IC 458 -71.34 52.86 -153.68
N ILE IC 459 -71.09 51.88 -154.54
CA ILE IC 459 -71.79 51.75 -155.82
C ILE IC 459 -72.47 50.41 -155.86
N GLU IC 460 -73.75 50.41 -156.24
CA GLU IC 460 -74.50 49.15 -156.30
C GLU IC 460 -73.92 48.21 -157.34
N ASP IC 461 -73.55 48.73 -158.52
CA ASP IC 461 -73.03 47.89 -159.59
C ASP IC 461 -72.12 48.73 -160.47
N VAL IC 462 -71.17 48.06 -161.12
CA VAL IC 462 -70.24 48.72 -162.02
C VAL IC 462 -69.95 47.82 -163.21
N PRO IC 463 -70.34 48.20 -164.42
CA PRO IC 463 -69.93 47.47 -165.61
C PRO IC 463 -68.50 47.82 -166.03
N CYS IC 464 -68.10 47.24 -167.16
CA CYS IC 464 -66.72 47.32 -167.63
C CYS IC 464 -66.35 48.75 -168.03
N GLY IC 465 -65.05 48.95 -168.25
CA GLY IC 465 -64.53 50.23 -168.68
C GLY IC 465 -64.24 51.21 -167.57
N ASN IC 466 -64.19 50.77 -166.32
CA ASN IC 466 -63.99 51.68 -165.21
C ASN IC 466 -63.35 50.95 -164.05
N ILE IC 467 -62.83 51.72 -163.11
CA ILE IC 467 -62.19 51.22 -161.91
C ILE IC 467 -63.21 51.16 -160.79
N VAL IC 468 -62.96 50.33 -159.79
CA VAL IC 468 -63.87 50.20 -158.65
C VAL IC 468 -63.15 49.51 -157.50
N GLY IC 469 -63.42 49.97 -156.28
CA GLY IC 469 -62.91 49.28 -155.11
C GLY IC 469 -63.85 48.19 -154.65
N LEU IC 470 -63.27 47.18 -153.99
CA LEU IC 470 -64.02 46.03 -153.52
C LEU IC 470 -63.60 45.69 -152.10
N VAL IC 471 -64.51 45.05 -151.37
CA VAL IC 471 -64.31 44.67 -149.98
C VAL IC 471 -64.80 43.24 -149.81
N GLY IC 472 -64.30 42.57 -148.77
CA GLY IC 472 -64.53 41.16 -148.63
C GLY IC 472 -63.67 40.32 -149.54
N VAL IC 473 -62.52 40.83 -149.94
CA VAL IC 473 -61.64 40.17 -150.91
C VAL IC 473 -60.25 39.92 -150.33
N ASP IC 474 -59.95 40.49 -149.16
CA ASP IC 474 -58.57 40.60 -148.69
C ASP IC 474 -57.94 39.23 -148.45
N GLN IC 475 -58.61 38.40 -147.64
CA GLN IC 475 -57.96 37.20 -147.14
C GLN IC 475 -57.71 36.16 -148.23
N PHE IC 476 -58.48 36.21 -149.32
CA PHE IC 476 -58.33 35.27 -150.41
C PHE IC 476 -57.28 35.69 -151.41
N LEU IC 477 -56.59 36.81 -151.18
CA LEU IC 477 -55.64 37.36 -152.12
C LEU IC 477 -54.33 37.66 -151.42
N VAL IC 478 -53.27 37.76 -152.23
CA VAL IC 478 -51.97 38.28 -151.82
C VAL IC 478 -51.35 38.98 -153.02
N LYS IC 479 -50.77 40.16 -152.77
CA LYS IC 479 -50.11 40.94 -153.80
C LYS IC 479 -51.07 41.39 -154.90
N THR IC 480 -51.57 40.44 -155.70
CA THR IC 480 -52.41 40.75 -156.84
C THR IC 480 -53.23 39.51 -157.19
N GLY IC 481 -54.15 39.68 -158.13
CA GLY IC 481 -54.97 38.57 -158.58
C GLY IC 481 -56.01 39.05 -159.59
N THR IC 482 -56.82 38.09 -160.02
CA THR IC 482 -57.88 38.39 -160.98
C THR IC 482 -59.16 37.68 -160.55
N ILE IC 483 -60.28 38.32 -160.86
CA ILE IC 483 -61.60 37.82 -160.50
C ILE IC 483 -62.39 37.58 -161.78
N THR IC 484 -63.15 36.48 -161.81
CA THR IC 484 -63.96 36.16 -162.96
C THR IC 484 -65.23 35.43 -162.54
N THR IC 485 -66.17 35.37 -163.47
CA THR IC 485 -67.31 34.45 -163.42
C THR IC 485 -67.19 33.31 -164.40
N PHE IC 486 -66.42 33.50 -165.47
CA PHE IC 486 -66.18 32.45 -166.44
C PHE IC 486 -65.47 31.27 -165.78
N GLU IC 487 -66.03 30.08 -165.94
CA GLU IC 487 -65.39 28.87 -165.42
C GLU IC 487 -64.10 28.53 -166.14
N HIS IC 488 -63.89 29.06 -167.34
CA HIS IC 488 -62.75 28.68 -168.17
C HIS IC 488 -61.79 29.83 -168.46
N ALA IC 489 -62.07 31.02 -167.92
CA ALA IC 489 -61.18 32.15 -168.12
C ALA IC 489 -59.84 31.89 -167.44
N HIS IC 490 -58.77 32.41 -168.02
CA HIS IC 490 -57.44 32.19 -167.48
C HIS IC 490 -57.05 33.35 -166.57
N ASN IC 491 -55.79 33.33 -166.13
CA ASN IC 491 -55.28 34.33 -165.21
C ASN IC 491 -54.99 35.63 -165.99
N MET IC 492 -54.44 36.62 -165.29
CA MET IC 492 -53.99 37.86 -165.90
C MET IC 492 -52.46 37.85 -165.93
N ARG IC 493 -51.91 38.34 -167.04
CA ARG IC 493 -50.45 38.37 -167.17
C ARG IC 493 -49.84 39.18 -166.04
N VAL IC 494 -48.79 38.62 -165.42
CA VAL IC 494 -48.20 39.20 -164.23
C VAL IC 494 -47.59 40.55 -164.55
N MET IC 495 -47.27 41.32 -163.52
CA MET IC 495 -46.87 42.70 -163.72
C MET IC 495 -45.37 42.79 -163.95
N LYS IC 496 -44.98 43.64 -164.89
CA LYS IC 496 -43.58 43.73 -165.34
C LYS IC 496 -42.92 44.89 -164.62
N PHE IC 497 -42.35 44.59 -163.46
CA PHE IC 497 -41.66 45.61 -162.68
C PHE IC 497 -40.30 45.91 -163.28
N SER IC 498 -39.99 47.22 -163.39
CA SER IC 498 -38.67 47.61 -163.85
C SER IC 498 -37.61 47.33 -162.79
N VAL IC 499 -37.90 47.69 -161.54
CA VAL IC 499 -36.97 47.40 -160.45
C VAL IC 499 -37.14 45.94 -160.04
N SER IC 500 -36.24 45.47 -159.19
CA SER IC 500 -36.33 44.16 -158.58
C SER IC 500 -36.22 44.34 -157.08
N PRO IC 501 -36.64 43.35 -156.31
CA PRO IC 501 -36.47 43.46 -154.85
C PRO IC 501 -35.01 43.28 -154.45
N VAL IC 502 -34.23 44.36 -154.51
CA VAL IC 502 -32.78 44.26 -154.35
C VAL IC 502 -32.35 44.57 -152.94
N VAL IC 503 -32.58 45.81 -152.50
CA VAL IC 503 -32.10 46.26 -151.20
C VAL IC 503 -32.91 45.59 -150.11
N ARG IC 504 -32.20 44.98 -149.16
CA ARG IC 504 -32.83 44.13 -148.14
C ARG IC 504 -32.46 44.64 -146.75
N VAL IC 505 -33.39 44.47 -145.82
CA VAL IC 505 -33.16 44.79 -144.42
C VAL IC 505 -33.76 43.69 -143.56
N ALA IC 506 -32.99 43.22 -142.59
CA ALA IC 506 -33.47 42.24 -141.62
C ALA IC 506 -33.98 42.99 -140.40
N VAL IC 507 -35.12 42.53 -139.87
CA VAL IC 507 -35.74 43.19 -138.73
C VAL IC 507 -36.18 42.15 -137.71
N GLU IC 508 -36.45 42.62 -136.50
CA GLU IC 508 -36.87 41.80 -135.39
C GLU IC 508 -37.34 42.74 -134.29
N ALA IC 509 -38.46 42.39 -133.64
CA ALA IC 509 -39.06 43.30 -132.68
C ALA IC 509 -38.13 43.53 -131.49
N LYS IC 510 -38.23 44.75 -130.92
CA LYS IC 510 -37.46 45.04 -129.72
C LYS IC 510 -37.81 44.07 -128.59
N ASN IC 511 -39.07 43.66 -128.53
CA ASN IC 511 -39.46 42.60 -127.62
C ASN IC 511 -39.50 41.28 -128.39
N PRO IC 512 -38.60 40.34 -128.09
CA PRO IC 512 -38.65 39.04 -128.80
C PRO IC 512 -39.99 38.34 -128.67
N ALA IC 513 -40.65 38.46 -127.52
CA ALA IC 513 -41.96 37.86 -127.35
C ALA IC 513 -43.03 38.74 -127.97
N ASP IC 514 -42.83 39.10 -129.24
CA ASP IC 514 -43.84 39.78 -130.03
C ASP IC 514 -43.81 39.27 -131.46
N LEU IC 515 -43.29 38.07 -131.65
CA LEU IC 515 -43.17 37.48 -132.97
C LEU IC 515 -44.49 37.39 -133.73
N PRO IC 516 -45.62 36.94 -133.14
CA PRO IC 516 -46.83 36.77 -133.96
C PRO IC 516 -47.39 38.07 -134.50
N LYS IC 517 -47.47 39.13 -133.68
CA LYS IC 517 -47.95 40.39 -134.21
C LYS IC 517 -47.00 40.93 -135.29
N LEU IC 518 -45.70 40.77 -135.09
CA LEU IC 518 -44.74 41.20 -136.11
C LEU IC 518 -44.96 40.45 -137.42
N VAL IC 519 -45.16 39.13 -137.34
CA VAL IC 519 -45.28 38.35 -138.57
C VAL IC 519 -46.61 38.64 -139.26
N GLU IC 520 -47.68 38.87 -138.47
CA GLU IC 520 -48.94 39.27 -139.07
C GLU IC 520 -48.80 40.62 -139.78
N GLY IC 521 -48.10 41.56 -139.13
CA GLY IC 521 -47.82 42.82 -139.79
C GLY IC 521 -46.96 42.66 -141.02
N LEU IC 522 -46.06 41.68 -141.02
CA LEU IC 522 -45.24 41.42 -142.20
C LEU IC 522 -46.09 40.91 -143.36
N LYS IC 523 -46.99 39.97 -143.08
CA LYS IC 523 -47.92 39.53 -144.11
C LYS IC 523 -48.75 40.69 -144.64
N ARG IC 524 -49.26 41.53 -143.74
CA ARG IC 524 -50.07 42.66 -144.17
C ARG IC 524 -49.25 43.66 -144.97
N LEU IC 525 -47.98 43.83 -144.62
CA LEU IC 525 -47.10 44.73 -145.36
C LEU IC 525 -46.86 44.22 -146.78
N ALA IC 526 -46.53 42.93 -146.91
CA ALA IC 526 -46.40 42.35 -148.25
C ALA IC 526 -47.72 42.45 -149.00
N LYS IC 527 -48.83 42.38 -148.27
CA LYS IC 527 -50.14 42.60 -148.87
C LYS IC 527 -50.26 44.00 -149.46
N SER IC 528 -49.84 45.01 -148.70
CA SER IC 528 -50.09 46.39 -149.08
C SER IC 528 -49.40 46.76 -150.39
N ASP IC 529 -48.07 46.72 -150.40
CA ASP IC 529 -47.29 47.14 -151.56
C ASP IC 529 -47.12 45.96 -152.50
N PRO IC 530 -47.54 46.05 -153.77
CA PRO IC 530 -47.40 44.91 -154.67
C PRO IC 530 -46.02 44.82 -155.29
N MET IC 531 -45.00 45.07 -154.50
CA MET IC 531 -43.61 44.88 -154.87
C MET IC 531 -42.85 44.12 -153.81
N VAL IC 532 -43.12 44.37 -152.54
CA VAL IC 532 -42.23 43.99 -151.46
C VAL IC 532 -42.54 42.57 -151.00
N GLN IC 533 -41.51 41.75 -150.89
CA GLN IC 533 -41.63 40.40 -150.37
C GLN IC 533 -40.88 40.32 -149.05
N CYS IC 534 -41.51 39.71 -148.06
CA CYS IC 534 -40.84 39.34 -146.83
C CYS IC 534 -40.37 37.90 -146.97
N ILE IC 535 -39.10 37.66 -146.67
CA ILE IC 535 -38.49 36.35 -146.84
C ILE IC 535 -37.87 35.93 -145.52
N ILE IC 536 -38.08 34.67 -145.16
CA ILE IC 536 -37.42 34.09 -144.00
C ILE IC 536 -36.11 33.48 -144.44
N GLU IC 537 -35.00 33.99 -143.90
CA GLU IC 537 -33.69 33.45 -144.21
C GLU IC 537 -33.41 32.24 -143.31
N GLU IC 538 -32.42 31.44 -143.70
CA GLU IC 538 -32.20 30.15 -143.05
C GLU IC 538 -31.91 30.27 -141.56
N SER IC 539 -31.42 31.42 -141.09
CA SER IC 539 -31.16 31.60 -139.67
C SER IC 539 -32.38 32.12 -138.92
N GLY IC 540 -33.51 32.30 -139.60
CA GLY IC 540 -34.72 32.77 -138.96
C GLY IC 540 -34.98 34.26 -139.06
N GLU IC 541 -34.13 35.01 -139.74
CA GLU IC 541 -34.32 36.43 -139.88
C GLU IC 541 -35.35 36.73 -140.97
N HIS IC 542 -36.31 37.59 -140.64
CA HIS IC 542 -37.31 38.04 -141.61
C HIS IC 542 -36.65 39.06 -142.52
N ILE IC 543 -36.56 38.74 -143.81
CA ILE IC 543 -35.90 39.61 -144.75
C ILE IC 543 -36.94 40.35 -145.58
N ILE IC 544 -36.79 41.67 -145.68
CA ILE IC 544 -37.65 42.52 -146.50
C ILE IC 544 -36.84 42.93 -147.71
N ALA IC 545 -37.16 42.38 -148.87
CA ALA IC 545 -36.51 42.75 -150.11
C ALA IC 545 -37.29 43.88 -150.75
N GLY IC 546 -36.59 44.95 -151.10
CA GLY IC 546 -37.26 46.12 -151.64
C GLY IC 546 -36.58 46.71 -152.86
N ALA IC 547 -37.05 47.87 -153.30
CA ALA IC 547 -36.54 48.52 -154.51
C ALA IC 547 -35.56 49.63 -154.19
N GLY IC 548 -35.98 50.61 -153.37
CA GLY IC 548 -35.11 51.71 -153.01
C GLY IC 548 -35.03 51.85 -151.51
N GLU IC 549 -33.90 52.43 -151.07
CA GLU IC 549 -33.71 52.65 -149.64
C GLU IC 549 -34.88 53.43 -149.04
N LEU IC 550 -35.34 54.46 -149.74
CA LEU IC 550 -36.50 55.22 -149.29
C LEU IC 550 -37.73 54.32 -149.20
N HIS IC 551 -37.88 53.40 -150.15
CA HIS IC 551 -39.00 52.48 -150.09
C HIS IC 551 -38.94 51.60 -148.85
N LEU IC 552 -37.73 51.12 -148.52
CA LEU IC 552 -37.58 50.36 -147.29
C LEU IC 552 -37.91 51.21 -146.07
N GLU IC 553 -37.50 52.47 -146.07
CA GLU IC 553 -37.82 53.34 -144.94
C GLU IC 553 -39.32 53.56 -144.78
N ILE IC 554 -40.02 53.83 -145.88
CA ILE IC 554 -41.45 54.11 -145.76
C ILE IC 554 -42.21 52.85 -145.35
N CYS IC 555 -41.87 51.71 -145.94
CA CYS IC 555 -42.53 50.48 -145.53
C CYS IC 555 -42.15 50.10 -144.11
N LEU IC 556 -40.93 50.41 -143.68
CA LEU IC 556 -40.54 50.17 -142.30
C LEU IC 556 -41.37 51.03 -141.35
N LYS IC 557 -41.60 52.29 -141.72
CA LYS IC 557 -42.47 53.14 -140.91
C LYS IC 557 -43.87 52.58 -140.84
N ASP IC 558 -44.39 52.10 -141.97
CA ASP IC 558 -45.74 51.52 -141.96
C ASP IC 558 -45.79 50.29 -141.08
N LEU IC 559 -44.76 49.45 -141.14
CA LEU IC 559 -44.70 48.28 -140.25
C LEU IC 559 -44.65 48.71 -138.80
N GLU IC 560 -43.85 49.73 -138.50
CA GLU IC 560 -43.70 50.20 -137.12
C GLU IC 560 -45.00 50.76 -136.59
N GLU IC 561 -45.79 51.41 -137.44
CA GLU IC 561 -46.95 52.17 -137.00
C GLU IC 561 -48.26 51.38 -137.12
N ASP IC 562 -48.61 50.95 -138.34
CA ASP IC 562 -49.93 50.40 -138.60
C ASP IC 562 -49.94 48.88 -138.75
N HIS IC 563 -48.95 48.31 -139.44
CA HIS IC 563 -49.02 46.91 -139.80
C HIS IC 563 -48.97 46.01 -138.58
N ALA IC 564 -48.00 46.24 -137.69
CA ALA IC 564 -47.90 45.44 -136.48
C ALA IC 564 -47.86 46.35 -135.26
N CYS IC 565 -47.63 47.64 -135.49
CA CYS IC 565 -47.69 48.66 -134.43
C CYS IC 565 -46.75 48.32 -133.28
N ILE IC 566 -45.63 47.68 -133.59
CA ILE IC 566 -44.72 47.19 -132.56
C ILE IC 566 -43.36 47.86 -132.73
N PRO IC 567 -42.78 48.39 -131.66
CA PRO IC 567 -41.41 48.91 -131.76
C PRO IC 567 -40.41 47.81 -132.08
N ILE IC 568 -39.79 47.90 -133.26
CA ILE IC 568 -38.84 46.91 -133.72
C ILE IC 568 -37.49 47.58 -133.92
N LYS IC 569 -36.49 46.78 -134.26
CA LYS IC 569 -35.17 47.27 -134.61
C LYS IC 569 -34.77 46.69 -135.96
N LYS IC 570 -34.42 47.57 -136.90
CA LYS IC 570 -33.92 47.12 -138.19
C LYS IC 570 -32.49 46.63 -138.07
N SER IC 571 -32.03 45.93 -139.09
CA SER IC 571 -30.67 45.41 -139.08
C SER IC 571 -30.22 45.10 -140.50
N ASP IC 572 -28.94 45.27 -140.73
CA ASP IC 572 -28.34 44.83 -141.98
C ASP IC 572 -28.47 43.32 -142.10
N PRO IC 573 -28.86 42.79 -143.26
CA PRO IC 573 -28.93 41.33 -143.41
C PRO IC 573 -27.56 40.70 -143.20
N VAL IC 574 -27.51 39.72 -142.32
CA VAL IC 574 -26.29 38.96 -142.08
C VAL IC 574 -25.99 38.09 -143.28
N VAL IC 575 -24.71 37.83 -143.52
CA VAL IC 575 -24.27 37.01 -144.64
C VAL IC 575 -23.87 35.64 -144.11
N SER IC 576 -24.37 34.59 -144.75
CA SER IC 576 -23.99 33.23 -144.41
C SER IC 576 -22.82 32.81 -145.27
N TYR IC 577 -21.85 32.13 -144.66
CA TYR IC 577 -20.67 31.67 -145.37
C TYR IC 577 -20.56 30.15 -145.23
N ARG IC 578 -19.57 29.59 -145.91
CA ARG IC 578 -19.31 28.16 -145.84
C ARG IC 578 -17.83 27.92 -145.56
N GLU IC 579 -17.57 26.84 -144.84
CA GLU IC 579 -16.22 26.45 -144.46
C GLU IC 579 -15.70 25.39 -145.41
N THR IC 580 -14.49 25.58 -145.90
CA THR IC 580 -13.93 24.67 -146.89
C THR IC 580 -12.45 24.46 -146.63
N VAL IC 581 -11.84 23.61 -147.45
CA VAL IC 581 -10.46 23.18 -147.28
C VAL IC 581 -9.69 23.57 -148.53
N SER IC 582 -8.52 24.19 -148.33
CA SER IC 582 -7.71 24.61 -149.47
C SER IC 582 -7.04 23.42 -150.16
N GLU IC 583 -6.47 22.50 -149.39
CA GLU IC 583 -5.78 21.34 -149.95
C GLU IC 583 -5.93 20.14 -149.03
N GLU IC 584 -5.45 19.00 -149.50
CA GLU IC 584 -5.62 17.74 -148.77
C GLU IC 584 -4.91 17.78 -147.42
N SER IC 585 -5.46 17.05 -146.46
CA SER IC 585 -4.88 16.99 -145.13
C SER IC 585 -3.52 16.32 -145.15
N ASN IC 586 -2.58 16.88 -144.39
CA ASN IC 586 -1.22 16.36 -144.37
C ASN IC 586 -1.10 15.13 -143.48
N VAL IC 587 -1.67 15.19 -142.29
CA VAL IC 587 -1.52 14.14 -141.29
C VAL IC 587 -2.84 13.40 -141.15
N LEU IC 588 -2.77 12.07 -141.19
CA LEU IC 588 -3.94 11.26 -140.89
C LEU IC 588 -4.35 11.51 -139.45
N CYS IC 589 -5.46 12.22 -139.26
CA CYS IC 589 -5.90 12.61 -137.94
C CYS IC 589 -6.58 11.45 -137.23
N LEU IC 590 -6.55 11.50 -135.90
CA LEU IC 590 -7.07 10.43 -135.07
C LEU IC 590 -8.00 11.00 -134.00
N SER IC 591 -8.84 10.12 -133.46
CA SER IC 591 -9.71 10.44 -132.34
C SER IC 591 -9.77 9.24 -131.42
N LYS IC 592 -10.07 9.49 -130.15
CA LYS IC 592 -10.18 8.44 -129.15
C LYS IC 592 -11.58 8.38 -128.59
N SER IC 593 -12.11 7.17 -128.48
CA SER IC 593 -13.48 6.96 -128.03
C SER IC 593 -13.60 7.31 -126.55
N PRO IC 594 -14.82 7.62 -126.09
CA PRO IC 594 -15.00 7.85 -124.64
C PRO IC 594 -14.57 6.67 -123.79
N ASN IC 595 -14.81 5.45 -124.23
CA ASN IC 595 -14.28 4.29 -123.53
C ASN IC 595 -12.87 3.92 -123.99
N LYS IC 596 -12.31 4.68 -124.93
CA LYS IC 596 -10.93 4.50 -125.40
C LYS IC 596 -10.71 3.09 -125.94
N HIS IC 597 -11.74 2.53 -126.57
CA HIS IC 597 -11.65 1.21 -127.18
C HIS IC 597 -11.44 1.24 -128.68
N ASN IC 598 -11.57 2.41 -129.32
CA ASN IC 598 -11.50 2.52 -130.76
C ASN IC 598 -10.68 3.75 -131.16
N ARG IC 599 -10.06 3.67 -132.33
CA ARG IC 599 -9.36 4.80 -132.92
C ARG IC 599 -9.73 4.90 -134.39
N LEU IC 600 -9.69 6.12 -134.93
CA LEU IC 600 -10.12 6.38 -136.30
C LEU IC 600 -8.96 6.98 -137.10
N TYR IC 601 -9.14 6.98 -138.43
CA TYR IC 601 -8.10 7.47 -139.34
C TYR IC 601 -8.79 8.28 -140.44
N MET IC 602 -8.84 9.59 -140.24
CA MET IC 602 -9.58 10.50 -141.10
C MET IC 602 -8.65 11.26 -142.04
N LYS IC 603 -9.15 11.53 -143.25
CA LYS IC 603 -8.48 12.43 -144.18
C LYS IC 603 -9.51 13.12 -145.07
N ALA IC 604 -9.38 14.44 -145.14
CA ALA IC 604 -10.30 15.29 -145.89
C ALA IC 604 -9.54 16.06 -146.95
N ARG IC 605 -10.19 16.29 -148.08
CA ARG IC 605 -9.58 16.97 -149.22
C ARG IC 605 -10.60 17.83 -149.93
N PRO IC 606 -10.16 18.88 -150.61
CA PRO IC 606 -11.09 19.71 -151.39
C PRO IC 606 -11.57 19.00 -152.65
N PHE IC 607 -12.70 19.46 -153.15
CA PHE IC 607 -13.25 18.91 -154.37
C PHE IC 607 -12.32 19.26 -155.55
N PRO IC 608 -12.27 18.42 -156.58
CA PRO IC 608 -11.53 18.82 -157.79
C PRO IC 608 -12.09 20.06 -158.46
N ASP IC 609 -13.42 20.14 -158.65
CA ASP IC 609 -14.03 21.33 -159.22
C ASP IC 609 -15.53 21.38 -159.00
N GLY IC 610 -16.31 21.04 -160.03
CA GLY IC 610 -17.73 21.32 -160.04
C GLY IC 610 -18.66 20.26 -159.49
N LEU IC 611 -18.14 19.29 -158.75
CA LEU IC 611 -18.98 18.22 -158.22
C LEU IC 611 -19.99 18.74 -157.23
N ALA IC 612 -19.58 19.64 -156.32
CA ALA IC 612 -20.55 20.24 -155.42
C ALA IC 612 -21.64 20.96 -156.20
N GLU IC 613 -21.24 21.58 -157.31
CA GLU IC 613 -22.20 22.25 -158.18
C GLU IC 613 -23.18 21.25 -158.78
N ASP IC 614 -22.67 20.11 -159.26
CA ASP IC 614 -23.57 19.09 -159.81
C ASP IC 614 -24.47 18.53 -158.72
N ILE IC 615 -23.97 18.47 -157.48
CA ILE IC 615 -24.76 17.96 -156.37
C ILE IC 615 -25.91 18.90 -156.06
N ASP IC 616 -25.62 20.20 -155.91
CA ASP IC 616 -26.68 21.14 -155.59
C ASP IC 616 -27.63 21.34 -156.76
N LYS IC 617 -27.14 21.14 -157.99
CA LYS IC 617 -28.01 21.14 -159.15
C LYS IC 617 -28.95 19.95 -159.16
N GLY IC 618 -28.70 18.95 -158.31
CA GLY IC 618 -29.51 17.75 -158.26
C GLY IC 618 -29.08 16.66 -159.21
N GLU IC 619 -28.08 16.92 -160.07
CA GLU IC 619 -27.63 15.91 -161.01
C GLU IC 619 -27.03 14.71 -160.30
N VAL IC 620 -26.26 14.94 -159.24
CA VAL IC 620 -25.69 13.89 -158.42
C VAL IC 620 -26.26 14.01 -157.01
N SER IC 621 -26.82 12.92 -156.49
CA SER IC 621 -27.48 12.94 -155.20
C SER IC 621 -27.36 11.56 -154.57
N ALA IC 622 -27.69 11.50 -153.27
CA ALA IC 622 -27.75 10.22 -152.59
C ALA IC 622 -28.88 9.35 -153.13
N ARG IC 623 -29.94 9.97 -153.65
CA ARG IC 623 -31.01 9.22 -154.28
C ARG IC 623 -30.51 8.47 -155.51
N GLN IC 624 -29.67 9.12 -156.32
CA GLN IC 624 -29.13 8.47 -157.51
C GLN IC 624 -28.35 7.22 -157.13
N GLU IC 625 -28.62 6.13 -157.83
CA GLU IC 625 -28.05 4.84 -157.47
C GLU IC 625 -26.53 4.85 -157.64
N LEU IC 626 -25.86 4.10 -156.77
CA LEU IC 626 -24.39 4.08 -156.76
C LEU IC 626 -23.83 3.57 -158.08
N LYS IC 627 -24.59 2.77 -158.82
CA LYS IC 627 -24.11 2.31 -160.12
C LYS IC 627 -23.88 3.48 -161.06
N GLN IC 628 -24.97 4.17 -161.43
CA GLN IC 628 -24.87 5.31 -162.33
C GLN IC 628 -24.04 6.42 -161.70
N ARG IC 629 -24.21 6.66 -160.40
CA ARG IC 629 -23.44 7.68 -159.71
C ARG IC 629 -21.94 7.42 -159.87
N ALA IC 630 -21.50 6.21 -159.53
CA ALA IC 630 -20.08 5.89 -159.60
C ALA IC 630 -19.58 5.96 -161.03
N ARG IC 631 -20.33 5.40 -161.98
CA ARG IC 631 -19.89 5.45 -163.37
C ARG IC 631 -19.69 6.89 -163.82
N TYR IC 632 -20.69 7.73 -163.59
CA TYR IC 632 -20.65 9.11 -164.07
C TYR IC 632 -19.51 9.88 -163.42
N LEU IC 633 -19.40 9.79 -162.09
CA LEU IC 633 -18.39 10.61 -161.41
C LEU IC 633 -16.98 10.10 -161.69
N ALA IC 634 -16.81 8.79 -161.87
CA ALA IC 634 -15.52 8.27 -162.28
C ALA IC 634 -15.16 8.74 -163.68
N GLU IC 635 -16.12 8.72 -164.60
CA GLU IC 635 -15.86 9.10 -165.98
C GLU IC 635 -15.59 10.59 -166.15
N LYS IC 636 -16.28 11.44 -165.38
CA LYS IC 636 -16.22 12.87 -165.63
C LYS IC 636 -15.02 13.54 -164.94
N TYR IC 637 -14.91 13.35 -163.62
CA TYR IC 637 -13.84 13.96 -162.85
C TYR IC 637 -12.77 12.95 -162.45
N GLU IC 638 -12.44 12.04 -163.36
CA GLU IC 638 -11.32 11.10 -163.22
C GLU IC 638 -11.30 10.39 -161.87
N TRP IC 639 -12.48 10.18 -161.29
CA TRP IC 639 -12.57 9.45 -160.04
C TRP IC 639 -12.23 7.97 -160.25
N ASP IC 640 -11.68 7.37 -159.20
CA ASP IC 640 -11.46 5.93 -159.21
C ASP IC 640 -12.79 5.20 -159.24
N VAL IC 641 -12.83 4.09 -159.98
CA VAL IC 641 -14.05 3.31 -160.07
C VAL IC 641 -14.37 2.66 -158.73
N ALA IC 642 -13.36 2.24 -157.98
CA ALA IC 642 -13.59 1.49 -156.75
C ALA IC 642 -14.19 2.36 -155.66
N GLU IC 643 -13.48 3.42 -155.26
CA GLU IC 643 -13.96 4.26 -154.15
C GLU IC 643 -15.26 4.95 -154.49
N ALA IC 644 -15.57 5.07 -155.78
CA ALA IC 644 -16.81 5.72 -156.20
C ALA IC 644 -18.05 4.92 -155.79
N ARG IC 645 -17.89 3.64 -155.48
CA ARG IC 645 -19.02 2.79 -155.11
C ARG IC 645 -19.29 2.76 -153.62
N LYS IC 646 -18.46 3.42 -152.81
CA LYS IC 646 -18.57 3.31 -151.36
C LYS IC 646 -18.75 4.67 -150.69
N ILE IC 647 -19.60 5.52 -151.27
CA ILE IC 647 -19.93 6.79 -150.62
C ILE IC 647 -20.75 6.49 -149.37
N TRP IC 648 -20.57 7.33 -148.34
CA TRP IC 648 -21.31 7.14 -147.10
C TRP IC 648 -22.33 8.24 -146.83
N CYS IC 649 -22.08 9.46 -147.28
CA CYS IC 649 -23.03 10.54 -147.02
C CYS IC 649 -22.91 11.59 -148.11
N PHE IC 650 -23.93 12.45 -148.16
CA PHE IC 650 -24.05 13.49 -149.17
C PHE IC 650 -24.31 14.84 -148.50
N GLY IC 651 -23.49 15.18 -147.52
CA GLY IC 651 -23.56 16.48 -146.89
C GLY IC 651 -24.72 16.62 -145.95
N PRO IC 652 -25.02 17.85 -145.53
CA PRO IC 652 -26.14 18.06 -144.60
C PRO IC 652 -27.45 17.61 -145.21
N ASP IC 653 -28.32 17.06 -144.35
CA ASP IC 653 -29.65 16.60 -144.76
C ASP IC 653 -29.57 15.49 -145.80
N GLY IC 654 -28.41 14.85 -145.91
CA GLY IC 654 -28.22 13.77 -146.87
C GLY IC 654 -28.21 14.21 -148.31
N THR IC 655 -28.24 15.51 -148.58
CA THR IC 655 -28.24 16.01 -149.95
C THR IC 655 -27.28 17.18 -150.14
N GLY IC 656 -26.48 17.50 -149.13
CA GLY IC 656 -25.60 18.64 -149.20
C GLY IC 656 -24.35 18.36 -149.99
N PRO IC 657 -23.54 19.40 -150.17
CA PRO IC 657 -22.28 19.27 -150.92
C PRO IC 657 -21.11 18.83 -150.06
N ASN IC 658 -21.27 17.73 -149.35
CA ASN IC 658 -20.19 17.12 -148.57
C ASN IC 658 -20.30 15.60 -148.68
N ILE IC 659 -19.20 14.95 -149.01
CA ILE IC 659 -19.24 13.52 -149.28
C ILE IC 659 -18.19 12.81 -148.43
N LEU IC 660 -18.50 11.56 -148.10
CA LEU IC 660 -17.59 10.71 -147.35
C LEU IC 660 -17.63 9.31 -147.97
N THR IC 661 -16.47 8.80 -148.35
CA THR IC 661 -16.30 7.41 -148.73
C THR IC 661 -15.31 6.75 -147.78
N ASP IC 662 -15.12 5.46 -147.94
CA ASP IC 662 -14.30 4.67 -147.02
C ASP IC 662 -13.17 4.01 -147.78
N ILE IC 663 -11.94 4.37 -147.43
CA ILE IC 663 -10.75 3.69 -147.91
C ILE IC 663 -10.40 2.52 -147.00
N THR IC 664 -11.28 2.17 -146.08
CA THR IC 664 -11.05 1.04 -145.20
C THR IC 664 -10.91 -0.24 -146.00
N LYS IC 665 -9.92 -1.05 -145.65
CA LYS IC 665 -9.66 -2.31 -146.33
C LYS IC 665 -9.51 -3.41 -145.30
N GLY IC 666 -10.23 -4.51 -145.52
CA GLY IC 666 -10.15 -5.67 -144.65
C GLY IC 666 -10.57 -5.40 -143.22
N VAL IC 667 -11.62 -4.61 -143.04
CA VAL IC 667 -12.17 -4.34 -141.73
C VAL IC 667 -13.55 -4.99 -141.64
N GLN IC 668 -14.03 -5.14 -140.41
CA GLN IC 668 -15.11 -6.06 -140.11
C GLN IC 668 -16.35 -5.42 -139.52
N TYR IC 669 -16.20 -4.49 -138.57
CA TYR IC 669 -17.35 -3.89 -137.91
C TYR IC 669 -17.73 -2.54 -138.52
N LEU IC 670 -17.21 -2.25 -139.72
CA LEU IC 670 -17.58 -1.02 -140.41
C LEU IC 670 -19.07 -0.93 -140.64
N ASN IC 671 -19.72 -2.07 -140.91
CA ASN IC 671 -21.17 -2.08 -141.11
C ASN IC 671 -21.90 -1.76 -139.82
N GLU IC 672 -21.32 -2.10 -138.67
CA GLU IC 672 -21.93 -1.73 -137.40
C GLU IC 672 -21.77 -0.25 -137.10
N ILE IC 673 -20.75 0.40 -137.68
CA ILE IC 673 -20.47 1.80 -137.37
C ILE IC 673 -20.91 2.73 -138.49
N LYS IC 674 -21.44 2.19 -139.60
CA LYS IC 674 -21.88 3.04 -140.71
C LYS IC 674 -22.85 4.11 -140.23
N ASP IC 675 -23.92 3.69 -139.54
CA ASP IC 675 -24.94 4.62 -139.10
C ASP IC 675 -24.36 5.63 -138.12
N SER IC 676 -23.55 5.17 -137.18
CA SER IC 676 -22.96 6.08 -136.20
C SER IC 676 -22.04 7.08 -136.86
N VAL IC 677 -21.15 6.62 -137.74
CA VAL IC 677 -20.20 7.52 -138.39
C VAL IC 677 -20.92 8.47 -139.34
N VAL IC 678 -21.89 7.96 -140.10
CA VAL IC 678 -22.60 8.84 -141.02
C VAL IC 678 -23.40 9.88 -140.25
N ALA IC 679 -23.98 9.50 -139.10
CA ALA IC 679 -24.67 10.48 -138.26
C ALA IC 679 -23.69 11.51 -137.71
N GLY IC 680 -22.50 11.06 -137.30
CA GLY IC 680 -21.49 12.00 -136.86
C GLY IC 680 -21.10 12.98 -137.93
N PHE IC 681 -21.00 12.50 -139.18
CA PHE IC 681 -20.71 13.40 -140.29
C PHE IC 681 -21.86 14.39 -140.49
N GLN IC 682 -23.08 13.89 -140.60
CA GLN IC 682 -24.23 14.76 -140.83
C GLN IC 682 -24.36 15.81 -139.75
N TRP IC 683 -23.95 15.50 -138.51
CA TRP IC 683 -23.83 16.55 -137.51
C TRP IC 683 -22.68 17.48 -137.83
N ALA IC 684 -21.52 16.92 -138.16
CA ALA IC 684 -20.31 17.71 -138.40
C ALA IC 684 -20.33 18.47 -139.71
N THR IC 685 -21.20 18.08 -140.66
CA THR IC 685 -21.34 18.83 -141.89
C THR IC 685 -22.43 19.90 -141.81
N LYS IC 686 -23.25 19.87 -140.78
CA LYS IC 686 -24.27 20.90 -140.58
C LYS IC 686 -23.76 22.08 -139.77
N GLU IC 687 -22.81 21.85 -138.86
CA GLU IC 687 -22.13 22.92 -138.15
C GLU IC 687 -20.65 22.89 -138.51
N GLY IC 688 -20.09 24.06 -138.76
CA GLY IC 688 -18.71 24.20 -139.19
C GLY IC 688 -17.72 24.19 -138.04
N ALA IC 689 -16.46 24.38 -138.40
CA ALA IC 689 -15.38 24.40 -137.41
C ALA IC 689 -15.06 25.81 -136.98
N LEU IC 690 -14.72 26.68 -137.93
CA LEU IC 690 -14.25 28.01 -137.59
C LEU IC 690 -15.36 28.88 -137.01
N CYS IC 691 -16.54 28.84 -137.63
CA CYS IC 691 -17.63 29.71 -137.21
C CYS IC 691 -18.99 28.99 -137.24
N GLU IC 692 -18.98 27.66 -137.19
CA GLU IC 692 -20.18 26.85 -137.10
C GLU IC 692 -21.18 27.22 -138.21
N GLU IC 693 -20.76 26.96 -139.44
CA GLU IC 693 -21.59 27.14 -140.60
C GLU IC 693 -21.67 25.84 -141.39
N ASN IC 694 -22.42 25.87 -142.48
CA ASN IC 694 -22.43 24.72 -143.37
C ASN IC 694 -21.14 24.66 -144.18
N MET IC 695 -20.86 23.48 -144.73
CA MET IC 695 -19.68 23.28 -145.56
C MET IC 695 -20.09 22.72 -146.91
N ARG IC 696 -19.31 23.04 -147.93
CA ARG IC 696 -19.57 22.59 -149.30
C ARG IC 696 -18.32 22.00 -149.91
N GLY IC 697 -18.52 21.00 -150.76
CA GLY IC 697 -17.45 20.52 -151.62
C GLY IC 697 -16.20 20.05 -150.90
N VAL IC 698 -16.37 19.23 -149.87
CA VAL IC 698 -15.25 18.64 -149.16
C VAL IC 698 -15.39 17.13 -149.18
N ARG IC 699 -14.38 16.44 -149.70
CA ARG IC 699 -14.39 14.99 -149.72
C ARG IC 699 -13.78 14.45 -148.43
N PHE IC 700 -14.40 13.40 -147.90
CA PHE IC 700 -13.90 12.74 -146.70
C PHE IC 700 -13.69 11.26 -147.00
N ASP IC 701 -12.52 10.75 -146.64
CA ASP IC 701 -12.16 9.36 -146.90
C ASP IC 701 -11.48 8.79 -145.67
N VAL IC 702 -12.18 7.89 -144.98
CA VAL IC 702 -11.61 7.18 -143.84
C VAL IC 702 -10.76 6.02 -144.35
N HIS IC 703 -9.55 5.90 -143.83
CA HIS IC 703 -8.62 4.90 -144.33
C HIS IC 703 -8.67 3.59 -143.56
N ASP IC 704 -9.02 3.62 -142.28
CA ASP IC 704 -9.19 2.42 -141.49
C ASP IC 704 -10.02 2.75 -140.27
N VAL IC 705 -10.56 1.71 -139.64
CA VAL IC 705 -11.28 1.82 -138.37
C VAL IC 705 -10.89 0.66 -137.49
N THR IC 706 -10.65 0.94 -136.22
CA THR IC 706 -10.29 -0.08 -135.23
C THR IC 706 -11.41 -0.17 -134.21
N LEU IC 707 -12.34 -1.09 -134.44
CA LEU IC 707 -13.58 -1.16 -133.67
C LEU IC 707 -13.50 -2.26 -132.63
N HIS IC 708 -14.10 -2.01 -131.47
CA HIS IC 708 -14.07 -2.99 -130.39
C HIS IC 708 -15.05 -4.13 -130.68
N ALA IC 709 -14.70 -5.32 -130.20
CA ALA IC 709 -15.52 -6.50 -130.47
C ALA IC 709 -16.90 -6.37 -129.83
N ASP IC 710 -16.96 -5.89 -128.60
CA ASP IC 710 -18.24 -5.64 -127.94
C ASP IC 710 -19.01 -4.56 -128.68
N ALA IC 711 -20.27 -4.85 -129.01
CA ALA IC 711 -21.07 -3.88 -129.75
C ALA IC 711 -21.56 -2.73 -128.87
N ILE IC 712 -21.49 -2.88 -127.55
CA ILE IC 712 -21.86 -1.81 -126.63
C ILE IC 712 -20.67 -0.93 -126.28
N HIS IC 713 -19.47 -1.31 -126.69
CA HIS IC 713 -18.27 -0.51 -126.46
C HIS IC 713 -17.91 0.36 -127.66
N ARG IC 714 -18.75 0.37 -128.69
CA ARG IC 714 -18.51 1.15 -129.90
C ARG IC 714 -19.81 1.85 -130.32
N GLY IC 715 -20.53 2.39 -129.36
CA GLY IC 715 -21.84 2.94 -129.62
C GLY IC 715 -21.79 4.29 -130.32
N GLY IC 716 -22.98 4.76 -130.71
CA GLY IC 716 -23.07 6.05 -131.37
C GLY IC 716 -22.62 7.19 -130.48
N GLY IC 717 -23.10 7.21 -129.24
CA GLY IC 717 -22.56 8.15 -128.27
C GLY IC 717 -21.10 7.93 -127.98
N GLN IC 718 -20.56 6.77 -128.33
CA GLN IC 718 -19.14 6.47 -128.21
C GLN IC 718 -18.38 6.72 -129.51
N ILE IC 719 -19.07 7.03 -130.61
CA ILE IC 719 -18.44 7.23 -131.90
C ILE IC 719 -18.80 8.59 -132.50
N ILE IC 720 -20.08 8.96 -132.46
CA ILE IC 720 -20.49 10.23 -133.05
C ILE IC 720 -19.70 11.41 -132.50
N PRO IC 721 -19.52 11.58 -131.18
CA PRO IC 721 -18.60 12.62 -130.71
C PRO IC 721 -17.19 12.44 -131.24
N THR IC 722 -16.73 11.20 -131.30
CA THR IC 722 -15.40 10.94 -131.85
C THR IC 722 -15.34 11.21 -133.34
N ALA IC 723 -16.40 10.86 -134.07
CA ALA IC 723 -16.44 11.16 -135.50
C ALA IC 723 -16.37 12.66 -135.72
N ARG IC 724 -17.13 13.44 -134.95
CA ARG IC 724 -17.10 14.88 -135.07
C ARG IC 724 -15.73 15.44 -134.69
N ARG IC 725 -15.12 14.89 -133.63
CA ARG IC 725 -13.79 15.33 -133.22
C ARG IC 725 -12.77 15.09 -134.33
N CYS IC 726 -12.81 13.91 -134.95
CA CYS IC 726 -11.85 13.58 -136.00
C CYS IC 726 -12.08 14.46 -137.23
N LEU IC 727 -13.34 14.70 -137.59
CA LEU IC 727 -13.63 15.60 -138.70
C LEU IC 727 -13.11 17.00 -138.40
N TYR IC 728 -13.32 17.48 -137.17
CA TYR IC 728 -12.87 18.80 -136.78
C TYR IC 728 -11.35 18.92 -136.87
N ALA IC 729 -10.63 17.90 -136.39
CA ALA IC 729 -9.18 17.90 -136.50
C ALA IC 729 -8.73 17.88 -137.96
N SER IC 730 -9.39 17.06 -138.78
CA SER IC 730 -9.01 16.96 -140.18
C SER IC 730 -9.19 18.28 -140.91
N VAL IC 731 -10.35 18.92 -140.75
CA VAL IC 731 -10.61 20.17 -141.44
C VAL IC 731 -9.62 21.24 -140.98
N LEU IC 732 -9.35 21.29 -139.69
CA LEU IC 732 -8.39 22.26 -139.16
C LEU IC 732 -7.00 22.03 -139.73
N THR IC 733 -6.58 20.77 -139.85
CA THR IC 733 -5.18 20.47 -140.15
C THR IC 733 -4.78 20.83 -141.57
N ALA IC 734 -5.74 21.06 -142.47
CA ALA IC 734 -5.44 21.12 -143.89
C ALA IC 734 -5.67 22.52 -144.47
N GLN IC 735 -5.28 23.55 -143.72
CA GLN IC 735 -5.32 24.93 -144.20
C GLN IC 735 -6.73 25.31 -144.67
N PRO IC 736 -7.70 25.40 -143.76
CA PRO IC 736 -9.09 25.62 -144.18
C PRO IC 736 -9.29 27.01 -144.76
N ARG IC 737 -10.40 27.16 -145.48
CA ARG IC 737 -10.72 28.40 -146.17
C ARG IC 737 -12.18 28.78 -145.93
N LEU IC 738 -12.54 29.97 -146.37
CA LEU IC 738 -13.86 30.53 -146.16
C LEU IC 738 -14.52 30.83 -147.50
N MET IC 739 -15.79 30.45 -147.62
CA MET IC 739 -16.59 30.78 -148.79
C MET IC 739 -17.42 32.04 -148.57
N GLU IC 740 -17.83 32.62 -149.69
CA GLU IC 740 -18.72 33.78 -149.72
C GLU IC 740 -19.75 33.57 -150.81
N PRO IC 741 -20.96 34.06 -150.63
CA PRO IC 741 -21.99 33.88 -151.68
C PRO IC 741 -21.86 34.92 -152.80
N ILE IC 742 -20.85 34.73 -153.64
CA ILE IC 742 -20.60 35.64 -154.75
C ILE IC 742 -21.75 35.52 -155.74
N TYR IC 743 -22.59 36.55 -155.80
CA TYR IC 743 -23.91 36.42 -156.41
C TYR IC 743 -24.09 37.44 -157.51
N LEU IC 744 -24.92 37.07 -158.48
CA LEU IC 744 -25.02 37.80 -159.74
C LEU IC 744 -25.92 39.03 -159.60
N VAL IC 745 -25.65 40.03 -160.44
CA VAL IC 745 -26.51 41.18 -160.62
C VAL IC 745 -26.80 41.35 -162.10
N GLU IC 746 -28.01 41.84 -162.40
CA GLU IC 746 -28.43 42.14 -163.77
C GLU IC 746 -28.78 43.63 -163.81
N ILE IC 747 -27.90 44.42 -164.41
CA ILE IC 747 -28.00 45.87 -164.37
C ILE IC 747 -28.35 46.37 -165.77
N GLN IC 748 -29.39 47.19 -165.86
CA GLN IC 748 -29.78 47.84 -167.10
C GLN IC 748 -29.35 49.30 -167.01
N CYS IC 749 -28.56 49.73 -167.98
CA CYS IC 749 -28.00 51.08 -167.97
C CYS IC 749 -27.87 51.58 -169.40
N PRO IC 750 -28.10 52.86 -169.63
CA PRO IC 750 -27.87 53.44 -170.96
C PRO IC 750 -26.38 53.71 -171.18
N GLU IC 751 -26.05 54.04 -172.42
CA GLU IC 751 -24.66 54.17 -172.83
C GLU IC 751 -23.96 55.33 -172.13
N GLN IC 752 -24.68 56.40 -171.81
CA GLN IC 752 -24.03 57.63 -171.39
C GLN IC 752 -23.32 57.48 -170.05
N VAL IC 753 -23.82 56.63 -169.16
CA VAL IC 753 -23.26 56.52 -167.83
C VAL IC 753 -22.89 55.06 -167.57
N VAL IC 754 -22.74 54.28 -168.64
CA VAL IC 754 -22.32 52.89 -168.49
C VAL IC 754 -20.90 52.79 -167.94
N GLY IC 755 -20.05 53.79 -168.17
CA GLY IC 755 -18.69 53.72 -167.68
C GLY IC 755 -18.61 53.76 -166.16
N GLY IC 756 -19.41 54.62 -165.54
CA GLY IC 756 -19.34 54.78 -164.09
C GLY IC 756 -19.84 53.57 -163.33
N ILE IC 757 -20.70 52.77 -163.94
CA ILE IC 757 -21.19 51.57 -163.26
C ILE IC 757 -20.04 50.61 -163.00
N TYR IC 758 -19.02 50.62 -163.86
CA TYR IC 758 -17.83 49.83 -163.62
C TYR IC 758 -17.14 50.26 -162.34
N GLY IC 759 -16.93 51.57 -162.17
CA GLY IC 759 -16.35 52.07 -160.95
C GLY IC 759 -17.19 51.76 -159.74
N VAL IC 760 -18.51 51.84 -159.88
CA VAL IC 760 -19.41 51.48 -158.79
C VAL IC 760 -19.17 50.04 -158.38
N LEU IC 761 -19.12 49.13 -159.35
CA LEU IC 761 -18.89 47.72 -159.04
C LEU IC 761 -17.50 47.49 -158.49
N ASN IC 762 -16.48 48.14 -159.06
CA ASN IC 762 -15.11 47.93 -158.61
C ASN IC 762 -14.91 48.41 -157.18
N ARG IC 763 -15.57 49.50 -156.79
CA ARG IC 763 -15.51 49.96 -155.41
C ARG IC 763 -16.01 48.90 -154.43
N LYS IC 764 -16.91 48.02 -154.88
CA LYS IC 764 -17.48 46.98 -154.03
C LYS IC 764 -16.94 45.59 -154.40
N ARG IC 765 -15.72 45.54 -154.96
CA ARG IC 765 -14.97 44.29 -155.11
C ARG IC 765 -15.70 43.28 -155.99
N GLY IC 766 -15.91 43.68 -157.24
CA GLY IC 766 -16.58 42.80 -158.20
C GLY IC 766 -16.24 43.19 -159.63
N HIS IC 767 -16.48 42.25 -160.55
CA HIS IC 767 -16.14 42.44 -161.95
C HIS IC 767 -17.33 42.08 -162.82
N VAL IC 768 -17.26 42.53 -164.08
CA VAL IC 768 -18.27 42.24 -165.08
C VAL IC 768 -17.74 41.16 -166.01
N PHE IC 769 -18.64 40.29 -166.46
CA PHE IC 769 -18.31 39.31 -167.48
C PHE IC 769 -19.17 39.43 -168.73
N GLU IC 770 -20.21 40.26 -168.73
CA GLU IC 770 -21.07 40.43 -169.90
C GLU IC 770 -21.61 41.85 -169.92
N GLU IC 771 -21.46 42.52 -171.06
CA GLU IC 771 -22.00 43.86 -171.26
C GLU IC 771 -22.40 43.99 -172.72
N SER IC 772 -23.68 43.80 -173.02
CA SER IC 772 -24.15 43.73 -174.39
C SER IC 772 -25.22 44.79 -174.63
N GLN IC 773 -25.60 44.93 -175.90
CA GLN IC 773 -26.57 45.91 -176.32
C GLN IC 773 -27.93 45.27 -176.56
N VAL IC 774 -28.97 46.06 -176.37
CA VAL IC 774 -30.33 45.64 -176.69
C VAL IC 774 -30.60 45.92 -178.16
N ALA IC 775 -31.58 45.22 -178.72
CA ALA IC 775 -31.98 45.44 -180.10
C ALA IC 775 -32.69 46.77 -180.29
N GLY IC 776 -33.15 47.41 -179.23
CA GLY IC 776 -33.81 48.69 -179.36
C GLY IC 776 -32.86 49.76 -179.81
N THR IC 777 -31.95 50.19 -178.91
CA THR IC 777 -30.88 51.14 -179.20
C THR IC 777 -30.07 51.47 -177.94
N PRO IC 778 -30.66 52.11 -176.91
CA PRO IC 778 -29.82 52.75 -175.90
C PRO IC 778 -29.49 51.90 -174.69
N MET IC 779 -30.16 50.76 -174.53
CA MET IC 779 -30.06 49.99 -173.30
C MET IC 779 -28.90 49.01 -173.39
N PHE IC 780 -28.00 49.08 -172.43
CA PHE IC 780 -26.86 48.18 -172.32
C PHE IC 780 -27.14 47.16 -171.23
N VAL IC 781 -27.54 45.97 -171.63
CA VAL IC 781 -27.77 44.90 -170.66
C VAL IC 781 -26.43 44.35 -170.23
N VAL IC 782 -26.21 44.30 -168.91
CA VAL IC 782 -24.91 43.96 -168.34
C VAL IC 782 -25.11 42.97 -167.21
N LYS IC 783 -24.29 41.91 -167.20
CA LYS IC 783 -24.28 40.93 -166.12
C LYS IC 783 -22.88 40.86 -165.53
N ALA IC 784 -22.82 40.73 -164.20
CA ALA IC 784 -21.55 40.83 -163.49
C ALA IC 784 -21.60 39.98 -162.24
N TYR IC 785 -20.52 40.04 -161.47
CA TYR IC 785 -20.43 39.35 -160.20
C TYR IC 785 -20.15 40.33 -159.07
N LEU IC 786 -20.78 40.09 -157.92
CA LEU IC 786 -20.65 40.96 -156.76
C LEU IC 786 -20.99 40.18 -155.49
N PRO IC 787 -20.08 40.09 -154.53
CA PRO IC 787 -20.37 39.33 -153.32
C PRO IC 787 -21.46 39.97 -152.48
N VAL IC 788 -22.02 39.17 -151.58
CA VAL IC 788 -23.11 39.65 -150.74
C VAL IC 788 -22.63 40.70 -149.76
N ASN IC 789 -21.42 40.54 -149.21
CA ASN IC 789 -20.98 41.37 -148.10
C ASN IC 789 -20.91 42.85 -148.45
N GLU IC 790 -20.82 43.22 -149.72
CA GLU IC 790 -20.82 44.62 -150.12
C GLU IC 790 -22.12 45.03 -150.81
N SER IC 791 -23.09 44.13 -150.93
CA SER IC 791 -24.34 44.47 -151.60
C SER IC 791 -25.14 45.53 -150.84
N PHE IC 792 -24.91 45.65 -149.53
CA PHE IC 792 -25.60 46.66 -148.74
C PHE IC 792 -25.12 48.05 -149.15
N GLY IC 793 -26.07 48.95 -149.45
CA GLY IC 793 -25.73 50.27 -149.92
C GLY IC 793 -25.29 50.34 -151.36
N PHE IC 794 -25.19 49.19 -152.05
CA PHE IC 794 -24.76 49.21 -153.43
C PHE IC 794 -25.75 49.97 -154.32
N THR IC 795 -27.05 49.77 -154.09
CA THR IC 795 -28.04 50.48 -154.90
C THR IC 795 -27.93 51.99 -154.72
N ALA IC 796 -27.70 52.43 -153.47
CA ALA IC 796 -27.55 53.86 -153.22
C ALA IC 796 -26.34 54.42 -153.95
N ASP IC 797 -25.21 53.72 -153.86
CA ASP IC 797 -24.00 54.20 -154.54
C ASP IC 797 -24.19 54.21 -156.04
N LEU IC 798 -24.89 53.20 -156.58
CA LEU IC 798 -25.13 53.13 -158.01
C LEU IC 798 -26.02 54.29 -158.48
N ARG IC 799 -27.11 54.54 -157.76
CA ARG IC 799 -27.95 55.69 -158.09
C ARG IC 799 -27.17 57.00 -157.93
N SER IC 800 -26.22 57.03 -157.00
CA SER IC 800 -25.41 58.23 -156.82
C SER IC 800 -24.52 58.48 -158.03
N ASN IC 801 -23.79 57.46 -158.46
CA ASN IC 801 -22.81 57.62 -159.53
C ASN IC 801 -23.42 57.49 -160.92
N THR IC 802 -24.72 57.23 -161.01
CA THR IC 802 -25.39 57.20 -162.30
C THR IC 802 -26.60 58.13 -162.37
N GLY IC 803 -26.98 58.77 -161.27
CA GLY IC 803 -28.17 59.60 -161.28
C GLY IC 803 -29.43 58.81 -161.54
N GLY IC 804 -29.58 57.64 -160.92
CA GLY IC 804 -30.74 56.80 -161.13
C GLY IC 804 -30.83 56.23 -162.53
N GLN IC 805 -29.70 55.94 -163.16
CA GLN IC 805 -29.66 55.41 -164.52
C GLN IC 805 -29.20 53.96 -164.55
N ALA IC 806 -29.62 53.18 -163.57
CA ALA IC 806 -29.23 51.77 -163.51
C ALA IC 806 -30.26 51.00 -162.70
N PHE IC 807 -30.88 50.00 -163.32
CA PHE IC 807 -31.85 49.17 -162.62
C PHE IC 807 -31.17 47.86 -162.25
N PRO IC 808 -30.72 47.70 -161.01
CA PRO IC 808 -29.82 46.59 -160.66
C PRO IC 808 -30.57 45.33 -160.22
N GLN IC 809 -31.13 44.60 -161.18
CA GLN IC 809 -31.68 43.29 -160.87
C GLN IC 809 -30.55 42.38 -160.38
N CYS IC 810 -30.85 41.55 -159.39
CA CYS IC 810 -29.82 40.70 -158.82
C CYS IC 810 -30.42 39.38 -158.35
N VAL IC 811 -29.71 38.29 -158.62
CA VAL IC 811 -30.06 36.97 -158.14
C VAL IC 811 -28.79 36.26 -157.73
N PHE IC 812 -28.90 35.39 -156.74
CA PHE IC 812 -27.71 34.69 -156.24
C PHE IC 812 -27.10 33.86 -157.36
N ASP IC 813 -25.77 33.83 -157.41
CA ASP IC 813 -25.08 33.12 -158.48
C ASP IC 813 -24.34 31.88 -157.98
N HIS IC 814 -23.38 32.03 -157.07
CA HIS IC 814 -22.52 30.92 -156.70
C HIS IC 814 -21.69 31.32 -155.48
N TRP IC 815 -20.73 30.48 -155.14
CA TRP IC 815 -19.80 30.75 -154.05
C TRP IC 815 -18.37 30.61 -154.56
N GLN IC 816 -17.46 31.35 -153.92
CA GLN IC 816 -16.06 31.32 -154.28
C GLN IC 816 -15.24 31.54 -153.01
N ILE IC 817 -13.93 31.36 -153.12
CA ILE IC 817 -13.04 31.30 -151.97
C ILE IC 817 -12.57 32.70 -151.60
N LEU IC 818 -12.69 33.04 -150.33
CA LEU IC 818 -12.14 34.30 -149.84
C LEU IC 818 -10.61 34.24 -149.92
N PRO IC 819 -9.95 35.22 -150.54
CA PRO IC 819 -8.49 35.11 -150.74
C PRO IC 819 -7.71 34.97 -149.45
N GLY IC 820 -8.16 35.59 -148.37
CA GLY IC 820 -7.41 35.56 -147.13
C GLY IC 820 -7.51 34.24 -146.41
N ASP IC 821 -6.53 34.01 -145.53
CA ASP IC 821 -6.48 32.80 -144.72
C ASP IC 821 -7.12 33.06 -143.37
N PRO IC 822 -8.15 32.33 -142.98
CA PRO IC 822 -8.80 32.59 -141.68
C PRO IC 822 -7.85 32.48 -140.50
N PHE IC 823 -6.88 31.58 -140.56
CA PHE IC 823 -5.92 31.48 -139.47
C PHE IC 823 -5.06 32.74 -139.36
N ASP IC 824 -4.92 33.48 -140.46
CA ASP IC 824 -4.20 34.75 -140.40
C ASP IC 824 -5.01 35.77 -139.62
N ASN IC 825 -4.36 36.47 -138.69
CA ASN IC 825 -5.07 37.37 -137.80
C ASN IC 825 -5.57 38.60 -138.54
N SER IC 826 -4.73 39.19 -139.39
CA SER IC 826 -5.08 40.40 -140.13
C SER IC 826 -5.88 40.10 -141.39
N SER IC 827 -6.46 38.91 -141.49
CA SER IC 827 -7.17 38.47 -142.67
C SER IC 827 -8.65 38.72 -142.54
N ARG IC 828 -9.27 39.08 -143.66
CA ARG IC 828 -10.72 39.28 -143.69
C ARG IC 828 -11.50 38.07 -143.17
N PRO IC 829 -11.16 36.83 -143.51
CA PRO IC 829 -11.86 35.70 -142.87
C PRO IC 829 -11.74 35.71 -141.36
N SER IC 830 -10.61 36.18 -140.81
CA SER IC 830 -10.48 36.25 -139.37
C SER IC 830 -11.53 37.18 -138.77
N GLN IC 831 -11.67 38.39 -139.33
CA GLN IC 831 -12.70 39.29 -138.84
C GLN IC 831 -14.09 38.72 -139.05
N VAL IC 832 -14.32 38.06 -140.19
CA VAL IC 832 -15.63 37.51 -140.48
C VAL IC 832 -16.02 36.46 -139.46
N VAL IC 833 -15.10 35.52 -139.18
CA VAL IC 833 -15.42 34.48 -138.20
C VAL IC 833 -15.51 35.05 -136.80
N ALA IC 834 -14.72 36.09 -136.50
CA ALA IC 834 -14.85 36.75 -135.20
C ALA IC 834 -16.26 37.31 -135.02
N GLU IC 835 -16.73 38.07 -136.01
CA GLU IC 835 -18.09 38.59 -135.94
C GLU IC 835 -19.12 37.48 -135.92
N THR IC 836 -18.84 36.36 -136.59
CA THR IC 836 -19.78 35.24 -136.60
C THR IC 836 -19.93 34.63 -135.22
N ARG IC 837 -18.81 34.39 -134.53
CA ARG IC 837 -18.89 33.91 -133.16
C ARG IC 837 -19.55 34.95 -132.26
N LYS IC 838 -19.33 36.24 -132.53
CA LYS IC 838 -19.95 37.27 -131.71
C LYS IC 838 -21.48 37.25 -131.86
N ARG IC 839 -21.98 37.28 -133.09
CA ARG IC 839 -23.43 37.28 -133.29
C ARG IC 839 -24.04 35.97 -132.85
N LYS IC 840 -23.32 34.86 -133.01
CA LYS IC 840 -23.77 33.57 -132.49
C LYS IC 840 -23.56 33.44 -130.99
N GLY IC 841 -22.92 34.42 -130.36
CA GLY IC 841 -22.63 34.35 -128.94
C GLY IC 841 -21.72 33.19 -128.57
N LEU IC 842 -20.80 32.83 -129.46
CA LEU IC 842 -19.90 31.71 -129.24
C LEU IC 842 -18.51 32.22 -128.87
N LYS IC 843 -17.63 31.27 -128.55
CA LYS IC 843 -16.26 31.60 -128.21
C LYS IC 843 -15.56 32.21 -129.42
N GLU IC 844 -14.77 33.25 -129.17
CA GLU IC 844 -14.18 34.01 -130.27
C GLU IC 844 -12.95 33.30 -130.83
N GLY IC 845 -12.00 32.93 -129.97
CA GLY IC 845 -10.77 32.35 -130.43
C GLY IC 845 -10.99 31.00 -131.10
N ILE IC 846 -10.22 30.76 -132.16
CA ILE IC 846 -10.36 29.50 -132.90
C ILE IC 846 -9.75 28.37 -132.07
N PRO IC 847 -10.49 27.31 -131.79
CA PRO IC 847 -9.93 26.21 -130.98
C PRO IC 847 -8.75 25.57 -131.68
N ALA IC 848 -7.80 25.12 -130.87
CA ALA IC 848 -6.58 24.51 -131.40
C ALA IC 848 -6.80 23.03 -131.69
N LEU IC 849 -5.79 22.40 -132.29
CA LEU IC 849 -5.86 20.99 -132.63
C LEU IC 849 -5.88 20.07 -131.42
N ASP IC 850 -5.57 20.60 -130.22
CA ASP IC 850 -5.41 19.75 -129.05
C ASP IC 850 -6.70 19.01 -128.72
N ASN IC 851 -7.83 19.72 -128.73
CA ASN IC 851 -9.09 19.10 -128.35
C ASN IC 851 -9.55 18.08 -129.38
N PHE IC 852 -9.25 18.32 -130.66
CA PHE IC 852 -9.76 17.45 -131.70
C PHE IC 852 -8.77 16.34 -132.04
N LEU IC 853 -7.55 16.70 -132.40
CA LEU IC 853 -6.54 15.71 -132.74
C LEU IC 853 -5.87 15.20 -131.47
N ASP IC 854 -5.89 13.89 -131.29
CA ASP IC 854 -5.24 13.24 -130.16
C ASP IC 854 -4.20 12.26 -130.69
N LYS IC 855 -3.51 11.60 -129.76
CA LYS IC 855 -2.46 10.67 -130.13
C LYS IC 855 -3.05 9.29 -130.44
N LEU IC 856 -2.16 8.31 -130.64
CA LEU IC 856 -2.54 6.96 -131.03
C LEU IC 856 -3.37 6.25 -129.95
N ALA JC 1 -93.40 49.09 -119.17
CA ALA JC 1 -92.88 49.65 -120.42
C ALA JC 1 -93.16 51.14 -120.50
N ARG JC 2 -92.95 51.73 -121.68
CA ARG JC 2 -93.13 53.15 -121.89
C ARG JC 2 -94.52 53.51 -122.37
N GLY JC 3 -95.45 52.56 -122.34
CA GLY JC 3 -96.81 52.81 -122.75
C GLY JC 3 -97.63 51.53 -122.72
N PRO JC 4 -98.82 51.58 -123.30
CA PRO JC 4 -99.64 50.35 -123.37
C PRO JC 4 -98.98 49.32 -124.28
N LYS JC 5 -99.06 48.06 -123.87
CA LYS JC 5 -98.56 46.98 -124.70
C LYS JC 5 -99.44 46.83 -125.93
N LYS JC 6 -98.81 46.60 -127.07
CA LYS JC 6 -99.53 46.58 -128.33
C LYS JC 6 -99.39 45.27 -129.11
N HIS JC 7 -98.65 44.31 -128.58
CA HIS JC 7 -98.47 43.00 -129.21
C HIS JC 7 -98.90 41.92 -128.22
N LEU JC 8 -98.88 40.67 -128.70
CA LEU JC 8 -99.16 39.54 -127.83
C LEU JC 8 -98.51 38.30 -128.41
N LYS JC 9 -97.65 37.67 -127.62
CA LYS JC 9 -96.99 36.44 -128.04
C LYS JC 9 -97.99 35.32 -128.19
N ARG JC 10 -97.67 34.36 -129.06
CA ARG JC 10 -98.56 33.22 -129.27
C ARG JC 10 -98.74 32.41 -127.99
N VAL JC 11 -97.65 32.13 -127.29
CA VAL JC 11 -97.72 31.31 -126.09
C VAL JC 11 -98.49 32.02 -124.99
N ALA JC 12 -98.36 33.34 -124.91
CA ALA JC 12 -99.05 34.10 -123.89
C ALA JC 12 -100.55 34.19 -124.13
N ALA JC 13 -101.04 33.77 -125.30
CA ALA JC 13 -102.44 33.86 -125.60
C ALA JC 13 -103.25 33.00 -124.64
N PRO JC 14 -104.50 33.38 -124.37
CA PRO JC 14 -105.30 32.62 -123.40
C PRO JC 14 -105.53 31.18 -123.84
N LYS JC 15 -105.72 30.33 -122.84
CA LYS JC 15 -105.93 28.91 -123.12
C LYS JC 15 -107.17 28.69 -123.97
N HIS JC 16 -108.26 29.39 -123.64
CA HIS JC 16 -109.48 29.23 -124.42
C HIS JC 16 -109.33 29.75 -125.85
N TRP JC 17 -108.41 30.68 -126.08
CA TRP JC 17 -108.08 31.03 -127.46
C TRP JC 17 -107.59 29.82 -128.22
N MET JC 18 -106.86 28.94 -127.54
CA MET JC 18 -106.60 27.60 -128.04
C MET JC 18 -105.79 27.65 -129.34
N LEU JC 19 -104.60 28.20 -129.25
CA LEU JC 19 -103.74 28.31 -130.42
C LEU JC 19 -102.71 27.20 -130.43
N ASP JC 20 -101.97 27.12 -131.53
CA ASP JC 20 -100.87 26.19 -131.65
C ASP JC 20 -99.59 26.85 -131.16
N LYS JC 21 -98.45 26.20 -131.38
CA LYS JC 21 -97.17 26.74 -130.97
C LYS JC 21 -96.24 27.07 -132.12
N LEU JC 22 -96.53 26.61 -133.34
CA LEU JC 22 -95.56 26.65 -134.42
C LEU JC 22 -95.96 27.56 -135.57
N THR JC 23 -97.24 27.87 -135.75
CA THR JC 23 -97.65 28.68 -136.89
C THR JC 23 -97.28 30.15 -136.73
N GLY JC 24 -96.89 30.58 -135.54
CA GLY JC 24 -96.48 31.95 -135.37
C GLY JC 24 -95.88 32.19 -134.00
N VAL JC 25 -95.35 33.39 -133.83
CA VAL JC 25 -94.88 33.85 -132.53
C VAL JC 25 -95.83 34.83 -131.88
N PHE JC 26 -96.76 35.40 -132.63
CA PHE JC 26 -97.68 36.40 -132.11
C PHE JC 26 -99.09 35.83 -132.01
N ALA JC 27 -99.83 36.37 -131.06
CA ALA JC 27 -101.25 36.15 -130.92
C ALA JC 27 -102.00 37.30 -131.57
N PRO JC 28 -103.31 37.16 -131.78
CA PRO JC 28 -104.09 38.26 -132.36
C PRO JC 28 -103.91 39.59 -131.65
N ARG JC 29 -103.75 39.60 -130.33
CA ARG JC 29 -103.68 40.85 -129.56
C ARG JC 29 -104.90 41.71 -129.91
N PRO JC 30 -106.08 41.35 -129.42
CA PRO JC 30 -107.29 42.00 -129.91
C PRO JC 30 -107.35 43.46 -129.51
N SER JC 31 -107.98 44.25 -130.38
CA SER JC 31 -108.22 45.64 -130.03
C SER JC 31 -109.18 45.71 -128.85
N THR JC 32 -109.03 46.76 -128.05
CA THR JC 32 -109.88 46.96 -126.88
C THR JC 32 -111.34 47.00 -127.29
N GLY JC 33 -112.21 46.58 -126.38
CA GLY JC 33 -113.62 46.51 -126.66
C GLY JC 33 -114.49 46.34 -125.44
N PRO JC 34 -115.72 45.89 -125.64
CA PRO JC 34 -116.67 45.77 -124.52
C PRO JC 34 -116.23 44.78 -123.45
N HIS JC 35 -115.45 43.77 -123.79
CA HIS JC 35 -115.10 42.71 -122.86
C HIS JC 35 -113.59 42.61 -122.71
N LYS JC 36 -113.15 42.16 -121.54
CA LYS JC 36 -111.73 41.95 -121.31
C LYS JC 36 -111.20 40.88 -122.25
N LEU JC 37 -109.96 41.11 -122.73
CA LEU JC 37 -109.39 40.23 -123.75
C LEU JC 37 -109.20 38.80 -123.26
N ARG JC 38 -109.07 38.60 -121.95
CA ARG JC 38 -108.88 37.26 -121.42
C ARG JC 38 -110.11 36.39 -121.56
N GLU JC 39 -111.27 36.97 -121.88
CA GLU JC 39 -112.51 36.21 -122.07
C GLU JC 39 -113.16 36.50 -123.41
N CYS JC 40 -112.37 36.86 -124.42
CA CYS JC 40 -112.90 37.28 -125.71
C CYS JC 40 -112.30 36.44 -126.82
N LEU JC 41 -113.02 36.39 -127.93
CA LEU JC 41 -112.53 35.76 -129.14
C LEU JC 41 -112.49 36.78 -130.26
N PRO JC 42 -111.32 37.23 -130.70
CA PRO JC 42 -111.26 38.04 -131.92
C PRO JC 42 -111.84 37.25 -133.09
N LEU JC 43 -112.52 37.97 -133.98
CA LEU JC 43 -113.17 37.28 -135.09
C LEU JC 43 -112.16 36.62 -136.02
N ILE JC 44 -110.92 37.12 -136.04
CA ILE JC 44 -109.90 36.52 -136.89
C ILE JC 44 -109.73 35.03 -136.56
N ILE JC 45 -109.41 34.74 -135.31
CA ILE JC 45 -109.18 33.35 -134.90
C ILE JC 45 -110.47 32.55 -135.02
N PHE JC 46 -111.61 33.18 -134.76
CA PHE JC 46 -112.88 32.49 -134.85
C PHE JC 46 -113.13 31.99 -136.27
N LEU JC 47 -113.14 32.90 -137.24
CA LEU JC 47 -113.38 32.49 -138.63
C LEU JC 47 -112.25 31.65 -139.20
N ARG JC 48 -111.05 31.69 -138.62
CA ARG JC 48 -109.95 30.96 -139.23
C ARG JC 48 -109.73 29.57 -138.65
N ASN JC 49 -109.57 29.43 -137.34
CA ASN JC 49 -109.23 28.14 -136.75
C ASN JC 49 -110.39 27.50 -135.99
N ARG JC 50 -111.61 28.00 -136.18
CA ARG JC 50 -112.77 27.32 -135.61
C ARG JC 50 -113.65 26.70 -136.69
N LEU JC 51 -114.01 27.47 -137.71
CA LEU JC 51 -114.78 26.94 -138.82
C LEU JC 51 -114.01 26.99 -140.13
N LYS JC 52 -112.82 27.59 -140.15
CA LYS JC 52 -111.92 27.54 -141.30
C LYS JC 52 -112.51 28.21 -142.53
N TYR JC 53 -113.38 29.21 -142.34
CA TYR JC 53 -113.81 29.99 -143.49
C TYR JC 53 -112.63 30.61 -144.22
N ALA JC 54 -111.61 31.02 -143.48
CA ALA JC 54 -110.42 31.61 -144.06
C ALA JC 54 -109.21 30.74 -143.74
N LEU JC 55 -108.10 31.05 -144.38
CA LEU JC 55 -106.84 30.33 -144.19
C LEU JC 55 -105.79 31.16 -143.48
N THR JC 56 -105.57 32.40 -143.94
CA THR JC 56 -104.54 33.26 -143.37
C THR JC 56 -105.14 34.61 -142.99
N GLY JC 57 -104.28 35.48 -142.48
CA GLY JC 57 -104.74 36.78 -142.01
C GLY JC 57 -105.26 37.66 -143.13
N ASP JC 58 -104.60 37.64 -144.29
CA ASP JC 58 -105.10 38.42 -145.42
C ASP JC 58 -106.47 37.94 -145.85
N GLU JC 59 -106.70 36.62 -145.78
CA GLU JC 59 -108.01 36.10 -146.13
C GLU JC 59 -109.10 36.66 -145.23
N VAL JC 60 -108.87 36.65 -143.91
CA VAL JC 60 -109.91 37.10 -142.99
C VAL JC 60 -110.05 38.62 -143.07
N LYS JC 61 -108.96 39.34 -143.35
CA LYS JC 61 -109.11 40.79 -143.53
C LYS JC 61 -109.89 41.11 -144.80
N LYS JC 62 -109.72 40.31 -145.86
CA LYS JC 62 -110.62 40.42 -147.00
C LYS JC 62 -112.06 40.17 -146.57
N ILE JC 63 -112.26 39.15 -145.75
CA ILE JC 63 -113.61 38.74 -145.36
C ILE JC 63 -114.30 39.85 -144.57
N CYS JC 64 -113.60 40.45 -143.62
CA CYS JC 64 -114.26 41.22 -142.58
C CYS JC 64 -114.87 42.50 -143.14
N MET JC 65 -114.04 43.36 -143.74
CA MET JC 65 -114.48 44.69 -144.12
C MET JC 65 -115.53 44.68 -145.24
N GLN JC 66 -115.73 43.54 -145.90
CA GLN JC 66 -116.79 43.45 -146.90
C GLN JC 66 -118.18 43.49 -146.27
N ARG JC 67 -118.27 43.32 -144.96
CA ARG JC 67 -119.41 43.78 -144.15
C ARG JC 67 -120.65 42.91 -144.29
N PHE JC 68 -120.52 41.64 -144.67
CA PHE JC 68 -121.62 40.70 -144.49
C PHE JC 68 -121.39 39.96 -143.18
N ILE JC 69 -121.20 40.72 -142.12
CA ILE JC 69 -121.03 40.17 -140.78
C ILE JC 69 -121.81 41.04 -139.82
N LYS JC 70 -122.51 40.41 -138.88
CA LYS JC 70 -123.37 41.14 -137.96
C LYS JC 70 -123.17 40.59 -136.57
N ILE JC 71 -122.60 41.42 -135.70
CA ILE JC 71 -122.49 41.09 -134.28
C ILE JC 71 -123.46 42.00 -133.54
N ASP JC 72 -124.51 41.41 -132.99
CA ASP JC 72 -125.55 42.16 -132.26
C ASP JC 72 -126.10 43.33 -133.07
N GLY JC 73 -126.41 43.07 -134.34
CA GLY JC 73 -127.04 44.08 -135.17
C GLY JC 73 -126.15 45.21 -135.61
N LYS JC 74 -124.83 45.04 -135.54
CA LYS JC 74 -123.90 46.07 -135.97
C LYS JC 74 -122.70 45.42 -136.64
N VAL JC 75 -122.59 45.62 -137.95
CA VAL JC 75 -121.40 45.18 -138.67
C VAL JC 75 -120.19 45.90 -138.11
N ARG JC 76 -119.07 45.19 -138.04
CA ARG JC 76 -117.84 45.75 -137.51
C ARG JC 76 -116.69 45.37 -138.43
N THR JC 77 -116.05 46.38 -139.01
CA THR JC 77 -114.89 46.17 -139.86
C THR JC 77 -113.63 45.84 -139.07
N ASP JC 78 -113.70 45.91 -137.74
CA ASP JC 78 -112.56 45.53 -136.91
C ASP JC 78 -112.34 44.03 -136.99
N ILE JC 79 -111.12 43.64 -137.32
CA ILE JC 79 -110.77 42.22 -137.45
C ILE JC 79 -110.50 41.60 -136.08
N THR JC 80 -109.83 42.33 -135.19
CA THR JC 80 -109.48 41.85 -133.87
C THR JC 80 -110.49 42.29 -132.81
N TYR JC 81 -111.72 42.55 -133.22
CA TYR JC 81 -112.73 43.01 -132.26
C TYR JC 81 -113.05 41.89 -131.27
N PRO JC 82 -113.10 42.18 -129.98
CA PRO JC 82 -113.39 41.13 -129.00
C PRO JC 82 -114.85 40.71 -129.03
N ALA JC 83 -115.12 39.49 -129.49
CA ALA JC 83 -116.50 39.02 -129.56
C ALA JC 83 -117.12 38.96 -128.16
N GLY JC 84 -116.41 38.36 -127.22
CA GLY JC 84 -116.92 38.24 -125.87
C GLY JC 84 -118.06 37.24 -125.79
N PHE JC 85 -118.54 37.04 -124.57
CA PHE JC 85 -119.48 35.97 -124.30
C PHE JC 85 -120.85 36.24 -124.93
N MET JC 86 -121.36 35.22 -125.61
CA MET JC 86 -122.78 35.09 -125.98
C MET JC 86 -123.28 36.32 -126.75
N ASP JC 87 -122.55 36.62 -127.81
CA ASP JC 87 -122.98 37.62 -128.79
C ASP JC 87 -123.30 36.92 -130.09
N VAL JC 88 -124.46 37.22 -130.67
CA VAL JC 88 -124.89 36.59 -131.92
C VAL JC 88 -124.03 37.12 -133.05
N ILE JC 89 -123.41 36.22 -133.80
CA ILE JC 89 -122.63 36.58 -134.98
C ILE JC 89 -123.33 36.00 -136.19
N SER JC 90 -124.00 36.86 -136.96
CA SER JC 90 -124.69 36.46 -138.17
C SER JC 90 -123.94 36.96 -139.39
N ILE JC 91 -124.03 36.18 -140.47
CA ILE JC 91 -123.35 36.52 -141.71
C ILE JC 91 -124.36 37.11 -142.68
N ASP JC 92 -125.61 36.67 -142.54
CA ASP JC 92 -126.78 37.16 -143.28
C ASP JC 92 -126.68 36.86 -144.77
N LYS JC 93 -125.60 36.26 -145.24
CA LYS JC 93 -125.55 35.76 -146.61
C LYS JC 93 -126.00 34.31 -146.71
N THR JC 94 -125.79 33.53 -145.64
CA THR JC 94 -126.39 32.21 -145.52
C THR JC 94 -126.95 31.93 -144.13
N GLY JC 95 -127.23 32.95 -143.34
CA GLY JC 95 -127.93 32.79 -142.07
C GLY JC 95 -127.22 31.91 -141.06
N GLU JC 96 -125.92 32.09 -140.91
CA GLU JC 96 -125.16 31.27 -139.98
C GLU JC 96 -125.54 31.53 -138.53
N ASN JC 97 -125.93 32.77 -138.22
CA ASN JC 97 -126.39 33.21 -136.90
C ASN JC 97 -125.63 32.52 -135.76
N PHE JC 98 -124.31 32.57 -135.84
CA PHE JC 98 -123.48 31.97 -134.81
C PHE JC 98 -123.65 32.72 -133.50
N ARG JC 99 -124.15 32.03 -132.48
CA ARG JC 99 -124.19 32.57 -131.13
C ARG JC 99 -123.02 31.99 -130.35
N LEU JC 100 -122.13 32.86 -129.91
CA LEU JC 100 -120.92 32.44 -129.21
C LEU JC 100 -121.34 31.87 -127.86
N ILE JC 101 -120.80 30.71 -127.49
CA ILE JC 101 -121.17 30.08 -126.24
C ILE JC 101 -120.04 29.20 -125.76
N TYR JC 102 -119.93 29.09 -124.43
CA TYR JC 102 -118.98 28.17 -123.83
C TYR JC 102 -119.40 26.73 -124.08
N ASP JC 103 -118.45 25.82 -123.95
CA ASP JC 103 -118.74 24.40 -123.88
C ASP JC 103 -118.52 23.91 -122.45
N THR JC 104 -118.67 22.61 -122.27
CA THR JC 104 -118.60 22.04 -120.92
C THR JC 104 -117.22 22.16 -120.30
N LYS JC 105 -116.17 22.25 -121.10
CA LYS JC 105 -114.80 22.13 -120.61
C LYS JC 105 -114.13 23.48 -120.37
N GLY JC 106 -114.85 24.57 -120.64
CA GLY JC 106 -114.25 25.88 -120.45
C GLY JC 106 -113.62 26.45 -121.70
N ARG JC 107 -114.32 26.41 -122.82
CA ARG JC 107 -113.84 26.95 -124.08
C ARG JC 107 -115.05 27.44 -124.88
N PHE JC 108 -114.86 28.56 -125.59
CA PHE JC 108 -115.92 29.10 -126.42
C PHE JC 108 -116.16 28.14 -127.57
N ALA JC 109 -117.39 27.67 -127.70
CA ALA JC 109 -117.75 26.68 -128.69
C ALA JC 109 -118.73 27.25 -129.71
N VAL JC 110 -118.65 26.74 -130.93
CA VAL JC 110 -119.53 27.19 -132.00
C VAL JC 110 -120.97 26.78 -131.67
N HIS JC 111 -121.92 27.59 -132.13
CA HIS JC 111 -123.33 27.31 -131.86
C HIS JC 111 -124.17 27.96 -132.96
N ARG JC 112 -124.59 27.14 -133.92
CA ARG JC 112 -125.60 27.57 -134.88
C ARG JC 112 -126.94 27.60 -134.19
N ILE JC 113 -127.74 28.64 -134.46
CA ILE JC 113 -129.00 28.84 -133.77
C ILE JC 113 -130.09 29.10 -134.79
N THR JC 114 -131.31 29.26 -134.29
CA THR JC 114 -132.41 29.68 -135.14
C THR JC 114 -132.31 31.18 -135.42
N PRO JC 115 -132.56 31.58 -136.66
CA PRO JC 115 -132.55 33.02 -136.96
C PRO JC 115 -133.57 33.80 -136.16
N GLU JC 116 -134.66 33.15 -135.75
CA GLU JC 116 -135.67 33.82 -134.94
C GLU JC 116 -135.11 34.23 -133.58
N GLU JC 117 -134.34 33.36 -132.94
CA GLU JC 117 -133.79 33.61 -131.62
C GLU JC 117 -132.57 34.53 -131.67
N ALA JC 118 -131.93 34.65 -132.83
CA ALA JC 118 -130.74 35.49 -132.94
C ALA JC 118 -131.04 36.97 -132.71
N LYS JC 119 -132.31 37.37 -132.81
CA LYS JC 119 -132.67 38.79 -132.68
C LYS JC 119 -132.59 39.29 -131.25
N TYR JC 120 -132.72 38.42 -130.26
CA TYR JC 120 -132.76 38.81 -128.86
C TYR JC 120 -131.58 38.17 -128.13
N LYS JC 121 -131.00 38.89 -127.18
CA LYS JC 121 -129.83 38.42 -126.47
C LYS JC 121 -129.90 38.84 -125.01
N LEU JC 122 -129.29 38.04 -124.14
CA LEU JC 122 -129.34 38.23 -122.70
C LEU JC 122 -128.04 38.87 -122.22
N CYS JC 123 -128.09 39.47 -121.03
CA CYS JC 123 -126.92 40.15 -120.46
C CYS JC 123 -126.99 40.08 -118.95
N LYS JC 124 -125.92 40.49 -118.29
CA LYS JC 124 -125.86 40.53 -116.83
C LYS JC 124 -125.42 41.90 -116.36
N VAL JC 125 -126.18 42.49 -115.43
CA VAL JC 125 -125.91 43.83 -114.97
C VAL JC 125 -124.67 43.83 -114.08
N ARG JC 126 -124.06 45.01 -113.94
CA ARG JC 126 -122.86 45.08 -113.12
C ARG JC 126 -122.90 46.23 -112.11
N LYS JC 127 -123.58 47.33 -112.42
CA LYS JC 127 -123.61 48.43 -111.48
C LYS JC 127 -124.85 49.27 -111.77
N ILE JC 128 -125.47 49.78 -110.72
CA ILE JC 128 -126.65 50.63 -110.84
C ILE JC 128 -126.32 51.98 -110.23
N PHE JC 129 -126.75 53.04 -110.90
CA PHE JC 129 -126.50 54.40 -110.45
C PHE JC 129 -127.41 55.34 -111.23
N VAL JC 130 -127.47 56.59 -110.77
CA VAL JC 130 -128.36 57.59 -111.33
C VAL JC 130 -127.52 58.75 -111.84
N GLY JC 131 -127.90 59.29 -112.98
CA GLY JC 131 -127.18 60.37 -113.63
C GLY JC 131 -127.80 61.73 -113.35
N THR JC 132 -127.58 62.65 -114.29
CA THR JC 132 -128.05 64.02 -114.14
C THR JC 132 -129.58 64.06 -114.21
N LYS JC 133 -130.16 65.03 -113.48
CA LYS JC 133 -131.61 65.20 -113.35
C LYS JC 133 -132.24 64.03 -112.60
N GLY JC 134 -131.46 63.37 -111.76
CA GLY JC 134 -131.96 62.22 -111.01
C GLY JC 134 -132.48 61.11 -111.90
N ILE JC 135 -131.81 60.83 -113.01
CA ILE JC 135 -132.27 59.79 -113.94
C ILE JC 135 -131.40 58.56 -113.77
N PRO JC 136 -131.96 57.36 -113.85
CA PRO JC 136 -131.17 56.15 -113.59
C PRO JC 136 -130.44 55.64 -114.82
N HIS JC 137 -129.34 54.93 -114.54
CA HIS JC 137 -128.51 54.34 -115.57
C HIS JC 137 -128.13 52.92 -115.16
N LEU JC 138 -127.77 52.12 -116.14
CA LEU JC 138 -127.46 50.71 -115.93
C LEU JC 138 -126.40 50.28 -116.93
N VAL JC 139 -125.38 49.57 -116.47
CA VAL JC 139 -124.38 48.99 -117.36
C VAL JC 139 -124.32 47.51 -117.06
N THR JC 140 -124.30 46.73 -118.10
CA THR JC 140 -124.29 45.30 -117.96
C THR JC 140 -122.85 44.79 -117.93
N HIS JC 141 -122.70 43.46 -117.99
CA HIS JC 141 -121.38 42.88 -118.13
C HIS JC 141 -120.76 43.27 -119.46
N ASP JC 142 -121.59 43.43 -120.50
CA ASP JC 142 -121.12 44.04 -121.72
C ASP JC 142 -120.99 45.56 -121.53
N ALA JC 143 -120.48 46.22 -122.57
CA ALA JC 143 -120.41 47.67 -122.56
C ALA JC 143 -121.78 48.31 -122.69
N ARG JC 144 -122.81 47.53 -122.99
CA ARG JC 144 -124.15 48.08 -123.21
C ARG JC 144 -124.66 48.75 -121.95
N THR JC 145 -124.86 50.06 -122.02
CA THR JC 145 -125.50 50.79 -120.94
C THR JC 145 -126.83 51.35 -121.42
N ILE JC 146 -127.86 51.17 -120.62
CA ILE JC 146 -129.22 51.62 -120.94
C ILE JC 146 -129.69 52.54 -119.83
N ARG JC 147 -130.06 53.76 -120.20
CA ARG JC 147 -130.69 54.64 -119.22
C ARG JC 147 -132.12 54.18 -118.96
N TYR JC 148 -132.60 54.52 -117.77
CA TYR JC 148 -133.93 54.18 -117.30
C TYR JC 148 -134.16 52.67 -117.34
N PRO JC 149 -133.49 51.92 -116.48
CA PRO JC 149 -133.76 50.49 -116.37
C PRO JC 149 -134.99 50.24 -115.51
N ASP JC 150 -135.42 48.98 -115.50
CA ASP JC 150 -136.57 48.61 -114.68
C ASP JC 150 -136.24 48.86 -113.22
N PRO JC 151 -137.12 49.54 -112.47
CA PRO JC 151 -136.80 49.89 -111.07
C PRO JC 151 -136.68 48.68 -110.16
N LEU JC 152 -137.16 47.51 -110.56
CA LEU JC 152 -136.97 46.31 -109.77
C LEU JC 152 -135.64 45.63 -110.04
N ILE JC 153 -134.82 46.17 -110.94
CA ILE JC 153 -133.55 45.55 -111.28
C ILE JC 153 -132.49 45.98 -110.28
N LYS JC 154 -131.80 45.01 -109.69
CA LYS JC 154 -130.69 45.26 -108.80
C LYS JC 154 -129.40 44.75 -109.44
N VAL JC 155 -128.31 44.82 -108.69
CA VAL JC 155 -127.02 44.37 -109.18
C VAL JC 155 -127.03 42.86 -109.33
N ASN JC 156 -126.12 42.35 -110.17
CA ASN JC 156 -125.93 40.92 -110.37
C ASN JC 156 -127.23 40.26 -110.87
N ASP JC 157 -128.01 41.01 -111.62
CA ASP JC 157 -129.20 40.50 -112.28
C ASP JC 157 -128.94 40.36 -113.77
N THR JC 158 -129.81 39.60 -114.44
CA THR JC 158 -129.68 39.36 -115.87
C THR JC 158 -130.91 39.90 -116.60
N ILE JC 159 -130.64 40.62 -117.68
CA ILE JC 159 -131.67 41.32 -118.45
C ILE JC 159 -131.70 40.77 -119.86
N GLN JC 160 -132.90 40.43 -120.33
CA GLN JC 160 -133.08 40.03 -121.71
C GLN JC 160 -133.33 41.28 -122.55
N ILE JC 161 -132.39 41.62 -123.41
CA ILE JC 161 -132.40 42.87 -124.17
C ILE JC 161 -132.41 42.55 -125.66
N ASP JC 162 -133.36 43.15 -126.38
CA ASP JC 162 -133.40 43.01 -127.83
C ASP JC 162 -132.53 44.07 -128.49
N LEU JC 163 -131.85 43.68 -129.56
CA LEU JC 163 -130.89 44.57 -130.22
C LEU JC 163 -131.59 45.36 -131.32
N GLU JC 164 -130.83 46.26 -131.95
CA GLU JC 164 -131.27 47.37 -132.80
C GLU JC 164 -132.34 48.19 -132.08
N THR JC 165 -132.51 47.91 -130.83
CA THR JC 165 -133.37 48.68 -129.94
C THR JC 165 -132.63 49.15 -128.70
N GLY JC 166 -131.86 48.28 -128.07
CA GLY JC 166 -131.32 48.57 -126.77
C GLY JC 166 -132.31 48.47 -125.65
N LYS JC 167 -133.52 47.94 -125.89
CA LYS JC 167 -134.54 47.97 -124.87
C LYS JC 167 -134.54 46.70 -124.03
N ILE JC 168 -135.25 46.80 -122.92
CA ILE JC 168 -135.40 45.70 -121.96
C ILE JC 168 -136.69 44.99 -122.28
N THR JC 169 -136.60 43.73 -122.69
CA THR JC 169 -137.81 42.92 -122.87
C THR JC 169 -138.34 42.48 -121.51
N ASP JC 170 -137.53 41.71 -120.79
CA ASP JC 170 -137.83 41.32 -119.43
C ASP JC 170 -136.51 40.98 -118.76
N PHE JC 171 -136.58 40.50 -117.53
CA PHE JC 171 -135.37 40.27 -116.75
C PHE JC 171 -135.46 38.92 -116.07
N ILE JC 172 -134.39 38.59 -115.34
CA ILE JC 172 -134.39 37.49 -114.39
C ILE JC 172 -133.73 38.00 -113.12
N LYS JC 173 -134.46 37.93 -112.00
CA LYS JC 173 -133.92 38.38 -110.73
C LYS JC 173 -133.02 37.30 -110.16
N PHE JC 174 -131.91 37.73 -109.56
CA PHE JC 174 -130.91 36.81 -109.02
C PHE JC 174 -131.44 36.23 -107.71
N ASP JC 175 -131.86 34.97 -107.75
CA ASP JC 175 -132.40 34.29 -106.58
C ASP JC 175 -131.96 32.84 -106.60
N THR JC 176 -132.00 32.23 -105.42
CA THR JC 176 -131.68 30.81 -105.30
C THR JC 176 -132.74 29.98 -106.02
N GLY JC 177 -132.32 28.81 -106.51
CA GLY JC 177 -133.20 27.98 -107.30
C GLY JC 177 -133.32 28.41 -108.76
N ASN JC 178 -132.44 29.28 -109.23
CA ASN JC 178 -132.49 29.78 -110.59
C ASN JC 178 -131.38 29.14 -111.41
N LEU JC 179 -131.72 28.64 -112.59
CA LEU JC 179 -130.76 27.94 -113.43
C LEU JC 179 -129.72 28.93 -113.96
N CYS JC 180 -128.45 28.67 -113.67
CA CYS JC 180 -127.39 29.64 -113.90
C CYS JC 180 -126.23 29.01 -114.65
N MET JC 181 -125.45 29.87 -115.30
CA MET JC 181 -124.23 29.48 -116.01
C MET JC 181 -123.03 30.18 -115.41
N VAL JC 182 -121.93 29.46 -115.31
CA VAL JC 182 -120.68 30.03 -114.83
C VAL JC 182 -119.94 30.66 -116.01
N THR JC 183 -119.20 31.73 -115.73
CA THR JC 183 -118.48 32.43 -116.78
C THR JC 183 -117.04 32.76 -116.35
N GLY JC 184 -116.49 32.01 -115.42
CA GLY JC 184 -115.12 32.24 -114.99
C GLY JC 184 -114.66 31.16 -114.05
N GLY JC 185 -113.37 31.21 -113.74
CA GLY JC 185 -112.79 30.28 -112.81
C GLY JC 185 -112.54 28.92 -113.40
N ALA JC 186 -112.00 28.03 -112.57
CA ALA JC 186 -111.66 26.68 -113.00
C ALA JC 186 -112.90 25.86 -113.35
N ASN JC 187 -114.07 26.22 -112.82
CA ASN JC 187 -115.30 25.52 -113.09
C ASN JC 187 -115.95 25.97 -114.39
N LEU JC 188 -115.20 26.63 -115.27
CA LEU JC 188 -115.74 27.32 -116.43
C LEU JC 188 -116.51 26.39 -117.34
N GLY JC 189 -117.70 26.83 -117.75
CA GLY JC 189 -118.49 26.11 -118.73
C GLY JC 189 -119.43 25.07 -118.14
N ARG JC 190 -120.14 25.43 -117.08
CA ARG JC 190 -121.08 24.53 -116.43
C ARG JC 190 -122.36 25.27 -116.11
N ILE JC 191 -123.47 24.55 -116.03
CA ILE JC 191 -124.77 25.13 -115.73
C ILE JC 191 -125.42 24.35 -114.59
N GLY JC 192 -126.09 25.08 -113.71
CA GLY JC 192 -126.87 24.48 -112.65
C GLY JC 192 -127.82 25.50 -112.09
N VAL JC 193 -128.37 25.18 -110.92
CA VAL JC 193 -129.29 26.07 -110.24
C VAL JC 193 -128.60 26.62 -108.99
N ILE JC 194 -128.85 27.89 -108.69
CA ILE JC 194 -128.33 28.49 -107.47
C ILE JC 194 -129.04 27.84 -106.30
N THR JC 195 -128.31 27.04 -105.52
CA THR JC 195 -128.91 26.37 -104.38
C THR JC 195 -128.57 27.03 -103.05
N ASN JC 196 -127.47 27.77 -102.98
CA ASN JC 196 -127.14 28.49 -101.76
C ASN JC 196 -126.13 29.58 -102.09
N ARG JC 197 -126.46 30.81 -101.72
CA ARG JC 197 -125.53 31.92 -101.80
C ARG JC 197 -124.99 32.23 -100.41
N GLU JC 198 -123.71 32.59 -100.35
CA GLU JC 198 -123.08 33.04 -99.13
C GLU JC 198 -122.49 34.42 -99.37
N ARG JC 199 -122.65 35.29 -98.38
CA ARG JC 199 -122.27 36.69 -98.51
C ARG JC 199 -121.09 37.00 -97.58
N HIS JC 200 -120.03 37.55 -98.17
CA HIS JC 200 -118.85 37.93 -97.43
C HIS JC 200 -118.76 39.45 -97.33
N PRO JC 201 -118.89 40.02 -96.13
CA PRO JC 201 -118.76 41.47 -96.00
C PRO JC 201 -117.37 41.91 -96.45
N GLY JC 202 -117.32 42.78 -97.43
CA GLY JC 202 -116.05 43.21 -98.00
C GLY JC 202 -115.44 42.23 -98.98
N SER JC 203 -115.46 40.95 -98.64
CA SER JC 203 -114.83 39.93 -99.48
C SER JC 203 -115.79 39.46 -100.55
N PHE JC 204 -115.28 38.67 -101.49
CA PHE JC 204 -116.08 38.12 -102.57
C PHE JC 204 -117.04 37.07 -102.05
N ASP JC 205 -118.18 36.95 -102.71
CA ASP JC 205 -119.21 36.01 -102.31
C ASP JC 205 -119.02 34.67 -103.00
N VAL JC 206 -119.54 33.63 -102.37
CA VAL JC 206 -119.49 32.28 -102.92
C VAL JC 206 -120.92 31.77 -103.08
N VAL JC 207 -121.12 30.96 -104.11
CA VAL JC 207 -122.42 30.39 -104.41
C VAL JC 207 -122.28 28.88 -104.50
N HIS JC 208 -123.36 28.16 -104.22
CA HIS JC 208 -123.39 26.71 -104.29
C HIS JC 208 -124.40 26.32 -105.36
N VAL JC 209 -123.94 25.57 -106.36
CA VAL JC 209 -124.71 25.28 -107.56
C VAL JC 209 -124.80 23.76 -107.73
N LYS JC 210 -126.01 23.27 -107.94
CA LYS JC 210 -126.23 21.87 -108.28
C LYS JC 210 -126.60 21.77 -109.75
N ASP JC 211 -125.90 20.90 -110.48
CA ASP JC 211 -126.25 20.63 -111.87
C ASP JC 211 -127.43 19.67 -111.90
N ALA JC 212 -127.93 19.37 -113.09
CA ALA JC 212 -128.98 18.36 -113.23
C ALA JC 212 -128.50 16.98 -112.80
N ASN JC 213 -127.20 16.75 -112.81
CA ASN JC 213 -126.63 15.52 -112.29
C ASN JC 213 -126.52 15.51 -110.78
N GLY JC 214 -126.86 16.61 -110.12
CA GLY JC 214 -126.75 16.69 -108.69
C GLY JC 214 -125.35 16.91 -108.17
N ASN JC 215 -124.39 17.21 -109.04
CA ASN JC 215 -123.04 17.48 -108.59
C ASN JC 215 -122.92 18.91 -108.08
N SER JC 216 -122.28 19.06 -106.92
CA SER JC 216 -122.11 20.36 -106.30
C SER JC 216 -120.75 20.95 -106.64
N PHE JC 217 -120.68 22.28 -106.62
CA PHE JC 217 -119.44 22.98 -106.89
C PHE JC 217 -119.62 24.44 -106.51
N ALA JC 218 -118.62 25.00 -105.84
CA ALA JC 218 -118.64 26.40 -105.44
C ALA JC 218 -117.96 27.25 -106.50
N THR JC 219 -118.39 28.51 -106.57
CA THR JC 219 -117.86 29.42 -107.58
C THR JC 219 -118.03 30.85 -107.07
N ARG JC 220 -117.00 31.67 -107.32
CA ARG JC 220 -117.03 33.06 -106.90
C ARG JC 220 -118.19 33.80 -107.55
N LEU JC 221 -118.77 34.75 -106.80
CA LEU JC 221 -119.93 35.50 -107.27
C LEU JC 221 -119.69 36.16 -108.62
N SER JC 222 -118.46 36.59 -108.87
CA SER JC 222 -118.12 37.29 -110.11
C SER JC 222 -118.16 36.40 -111.33
N ASN JC 223 -118.59 35.14 -111.21
CA ASN JC 223 -118.62 34.24 -112.35
C ASN JC 223 -120.01 33.68 -112.61
N ILE JC 224 -121.02 34.13 -111.89
CA ILE JC 224 -122.37 33.60 -112.04
C ILE JC 224 -123.09 34.34 -113.15
N PHE JC 225 -123.88 33.59 -113.92
CA PHE JC 225 -124.61 34.16 -115.06
C PHE JC 225 -125.86 33.31 -115.25
N VAL JC 226 -126.99 33.78 -114.73
CA VAL JC 226 -128.24 33.04 -114.78
C VAL JC 226 -128.91 33.27 -116.13
N ILE JC 227 -129.29 32.18 -116.80
CA ILE JC 227 -129.80 32.24 -118.16
C ILE JC 227 -131.18 31.59 -118.26
N GLY JC 228 -131.86 31.44 -117.12
CA GLY JC 228 -133.17 30.84 -117.13
C GLY JC 228 -133.85 30.97 -115.80
N LYS JC 229 -135.17 30.99 -115.83
CA LYS JC 229 -135.97 31.09 -114.61
C LYS JC 229 -136.15 29.69 -114.06
N GLY JC 230 -135.42 29.39 -113.00
CA GLY JC 230 -135.61 28.16 -112.25
C GLY JC 230 -134.99 26.93 -112.90
N ASN JC 231 -135.64 26.40 -113.93
CA ASN JC 231 -135.17 25.19 -114.59
C ASN JC 231 -135.11 25.38 -116.10
N LYS JC 232 -135.97 26.25 -116.63
CA LYS JC 232 -136.05 26.45 -118.07
C LYS JC 232 -135.06 27.54 -118.48
N PRO JC 233 -134.01 27.22 -119.21
CA PRO JC 233 -133.10 28.25 -119.71
C PRO JC 233 -133.77 29.09 -120.78
N TRP JC 234 -133.33 30.35 -120.88
CA TRP JC 234 -133.90 31.26 -121.85
C TRP JC 234 -133.14 31.28 -123.17
N ILE JC 235 -132.06 30.52 -123.30
CA ILE JC 235 -131.28 30.47 -124.52
C ILE JC 235 -130.97 29.02 -124.84
N SER JC 236 -131.00 28.70 -126.14
CA SER JC 236 -130.72 27.34 -126.58
C SER JC 236 -129.34 26.90 -126.10
N LEU JC 237 -129.28 25.75 -125.45
CA LEU JC 237 -128.05 25.27 -124.86
C LEU JC 237 -127.12 24.69 -125.92
N PRO JC 238 -125.82 24.68 -125.64
CA PRO JC 238 -124.89 23.98 -126.53
C PRO JC 238 -124.99 22.47 -126.34
N ARG JC 239 -124.40 21.75 -127.28
CA ARG JC 239 -124.45 20.30 -127.23
C ARG JC 239 -123.75 19.80 -125.98
N GLY JC 240 -124.26 18.68 -125.45
CA GLY JC 240 -123.87 18.21 -124.14
C GLY JC 240 -124.64 18.83 -123.00
N LYS JC 241 -125.47 19.83 -123.28
CA LYS JC 241 -126.34 20.46 -122.28
C LYS JC 241 -125.55 20.97 -121.09
N GLY JC 242 -124.33 21.42 -121.33
CA GLY JC 242 -123.55 22.12 -120.32
C GLY JC 242 -123.29 21.33 -119.05
N ILE JC 243 -123.36 20.01 -119.09
CA ILE JC 243 -123.09 19.20 -117.92
C ILE JC 243 -121.63 18.77 -117.94
N ARG JC 244 -120.94 18.97 -116.82
CA ARG JC 244 -119.53 18.61 -116.73
C ARG JC 244 -119.41 17.11 -116.46
N LEU JC 245 -118.70 16.42 -117.34
CA LEU JC 245 -118.42 15.01 -117.18
C LEU JC 245 -116.92 14.82 -117.00
N THR JC 246 -116.54 13.86 -116.16
CA THR JC 246 -115.14 13.67 -115.82
C THR JC 246 -114.46 12.83 -116.91
N ILE JC 247 -113.20 12.50 -116.68
CA ILE JC 247 -112.35 11.96 -117.75
C ILE JC 247 -112.78 10.54 -118.12
N ALA JC 248 -113.13 9.73 -117.11
CA ALA JC 248 -113.45 8.33 -117.39
C ALA JC 248 -114.66 8.19 -118.29
N GLU JC 249 -115.74 8.92 -117.98
CA GLU JC 249 -116.95 8.80 -118.77
C GLU JC 249 -116.78 9.40 -120.15
N GLU JC 250 -116.04 10.49 -120.28
CA GLU JC 250 -115.79 11.03 -121.61
C GLU JC 250 -114.98 10.06 -122.46
N ARG JC 251 -113.99 9.39 -121.85
CA ARG JC 251 -113.26 8.36 -122.56
C ARG JC 251 -114.19 7.22 -122.97
N ASP JC 252 -115.06 6.79 -122.06
CA ASP JC 252 -115.94 5.68 -122.35
C ASP JC 252 -116.92 6.03 -123.48
N LYS JC 253 -117.46 7.25 -123.46
CA LYS JC 253 -118.34 7.65 -124.54
C LYS JC 253 -117.58 7.83 -125.85
N ARG JC 254 -116.30 8.17 -125.78
CA ARG JC 254 -115.46 8.14 -126.97
C ARG JC 254 -115.37 6.73 -127.53
N LEU JC 255 -115.16 5.74 -126.65
CA LEU JC 255 -115.12 4.35 -127.10
C LEU JC 255 -116.45 3.92 -127.71
N ALA JC 256 -117.55 4.30 -127.06
CA ALA JC 256 -118.88 3.91 -127.55
C ALA JC 256 -119.18 4.56 -128.89
N ALA JC 257 -118.80 5.83 -129.05
CA ALA JC 257 -118.98 6.50 -130.34
C ALA JC 257 -118.12 5.86 -131.42
N LYS JC 258 -116.90 5.47 -131.05
CA LYS JC 258 -116.04 4.75 -132.00
C LYS JC 258 -116.69 3.45 -132.44
N GLN JC 259 -117.24 2.69 -131.48
CA GLN JC 259 -117.85 1.41 -131.84
C GLN JC 259 -119.11 1.59 -132.67
N SER JC 260 -119.95 2.56 -132.29
CA SER JC 260 -121.16 2.84 -133.06
C SER JC 260 -120.83 3.29 -134.48
N SER JC 261 -119.86 4.19 -134.61
CA SER JC 261 -119.37 4.59 -135.92
C SER JC 261 -118.58 3.48 -136.60
N GLY JC 262 -118.17 2.45 -135.87
CA GLY JC 262 -117.48 1.32 -136.46
C GLY JC 262 -118.42 0.45 -137.28
N GLY KC 1 -87.60 68.03 -112.82
CA GLY KC 1 -86.48 68.42 -111.99
C GLY KC 1 -86.66 67.96 -110.57
N ILE KC 2 -87.48 68.68 -109.81
CA ILE KC 2 -87.85 68.24 -108.48
C ILE KC 2 -88.74 67.01 -108.61
N SER KC 3 -88.60 66.07 -107.69
CA SER KC 3 -89.33 64.82 -107.76
C SER KC 3 -90.13 64.62 -106.48
N ARG KC 4 -91.36 64.14 -106.64
CA ARG KC 4 -92.16 63.70 -105.51
C ARG KC 4 -91.81 62.28 -105.09
N ASP KC 5 -90.60 61.84 -105.46
CA ASP KC 5 -90.16 60.48 -105.22
C ASP KC 5 -90.12 60.17 -103.74
N ASN KC 6 -90.37 58.90 -103.41
CA ASN KC 6 -90.29 58.41 -102.04
C ASN KC 6 -89.06 57.56 -101.76
N TRP KC 7 -88.54 56.82 -102.75
CA TRP KC 7 -87.44 55.91 -102.47
C TRP KC 7 -86.14 56.64 -102.14
N HIS KC 8 -86.03 57.92 -102.48
CA HIS KC 8 -84.86 58.68 -102.08
C HIS KC 8 -84.79 58.85 -100.57
N LYS KC 9 -85.93 58.75 -99.89
CA LYS KC 9 -85.97 58.92 -98.45
C LYS KC 9 -85.25 57.76 -97.76
N ARG KC 10 -84.82 58.02 -96.53
CA ARG KC 10 -84.29 56.94 -95.71
C ARG KC 10 -85.38 55.93 -95.40
N ARG KC 11 -84.97 54.67 -95.25
CA ARG KC 11 -85.94 53.62 -95.01
C ARG KC 11 -86.55 53.76 -93.62
N LYS KC 12 -87.59 52.95 -93.38
CA LYS KC 12 -88.23 52.93 -92.08
C LYS KC 12 -87.24 52.54 -90.99
N THR KC 13 -86.35 51.59 -91.29
CA THR KC 13 -85.39 51.12 -90.31
C THR KC 13 -84.08 51.91 -90.32
N GLY KC 14 -84.02 53.00 -91.08
CA GLY KC 14 -82.86 53.87 -91.06
C GLY KC 14 -81.82 53.60 -92.12
N GLY KC 15 -81.97 52.52 -92.89
CA GLY KC 15 -81.02 52.26 -93.95
C GLY KC 15 -81.20 53.22 -95.11
N LYS KC 16 -80.16 53.29 -95.94
CA LYS KC 16 -80.16 54.13 -97.13
C LYS KC 16 -80.68 53.32 -98.32
N ARG KC 17 -81.69 53.86 -99.00
CA ARG KC 17 -82.28 53.16 -100.14
C ARG KC 17 -81.50 53.44 -101.41
N LYS KC 18 -81.14 52.39 -102.13
CA LYS KC 18 -80.52 52.73 -103.40
C LYS KC 18 -81.53 52.62 -104.53
N PRO KC 19 -81.60 53.62 -105.40
CA PRO KC 19 -82.59 53.61 -106.48
C PRO KC 19 -82.23 52.59 -107.55
N TYR KC 20 -83.24 51.97 -108.12
CA TYR KC 20 -83.05 51.03 -109.22
C TYR KC 20 -83.38 51.62 -110.58
N HIS KC 21 -83.76 52.89 -110.63
CA HIS KC 21 -84.11 53.53 -111.89
C HIS KC 21 -84.02 55.03 -111.73
N LYS KC 22 -84.00 55.73 -112.86
CA LYS KC 22 -83.95 57.19 -112.85
C LYS KC 22 -85.33 57.75 -112.50
N LYS KC 23 -85.38 59.07 -112.37
CA LYS KC 23 -86.65 59.75 -112.16
C LYS KC 23 -87.51 59.63 -113.41
N ARG KC 24 -88.76 59.23 -113.24
CA ARG KC 24 -89.71 59.18 -114.32
C ARG KC 24 -90.59 60.43 -114.27
N LYS KC 25 -91.53 60.51 -115.21
CA LYS KC 25 -92.36 61.70 -115.30
C LYS KC 25 -93.37 61.76 -114.16
N TYR KC 26 -94.03 60.64 -113.85
CA TYR KC 26 -95.18 60.67 -112.96
C TYR KC 26 -94.83 60.97 -111.51
N GLU KC 27 -93.55 61.24 -111.20
CA GLU KC 27 -93.15 61.63 -109.86
C GLU KC 27 -92.54 63.01 -109.82
N LEU KC 28 -92.76 63.82 -110.84
CA LEU KC 28 -92.23 65.18 -110.86
C LEU KC 28 -93.01 66.06 -109.90
N GLY KC 29 -92.43 67.23 -109.61
CA GLY KC 29 -93.13 68.28 -108.93
C GLY KC 29 -92.96 69.58 -109.69
N ARG KC 30 -93.65 70.60 -109.21
CA ARG KC 30 -93.62 71.90 -109.87
C ARG KC 30 -93.40 73.01 -108.87
N PRO KC 31 -92.89 74.15 -109.32
CA PRO KC 31 -92.71 75.29 -108.41
C PRO KC 31 -94.05 75.74 -107.83
N ALA KC 32 -93.97 76.24 -106.60
CA ALA KC 32 -95.17 76.68 -105.90
C ALA KC 32 -95.79 77.88 -106.60
N ALA KC 33 -97.11 78.01 -106.43
CA ALA KC 33 -97.82 79.13 -107.03
C ALA KC 33 -97.40 80.46 -106.43
N ASN KC 34 -97.34 80.53 -105.10
CA ASN KC 34 -97.17 81.77 -104.37
C ASN KC 34 -98.14 82.83 -104.89
N THR KC 35 -99.43 82.47 -104.81
CA THR KC 35 -100.49 83.35 -105.27
C THR KC 35 -100.45 84.68 -104.53
N LYS KC 36 -100.13 85.76 -105.24
CA LYS KC 36 -99.95 87.06 -104.64
C LYS KC 36 -101.28 87.82 -104.64
N ILE KC 37 -101.24 89.11 -104.32
CA ILE KC 37 -102.42 89.94 -104.21
C ILE KC 37 -102.29 91.10 -105.19
N GLY KC 38 -103.35 91.31 -105.97
CA GLY KC 38 -103.36 92.35 -106.98
C GLY KC 38 -104.12 91.91 -108.21
N PRO KC 39 -103.78 92.48 -109.36
CA PRO KC 39 -104.48 92.13 -110.60
C PRO KC 39 -104.34 90.64 -110.92
N ARG KC 40 -105.39 90.09 -111.52
CA ARG KC 40 -105.44 88.65 -111.78
C ARG KC 40 -104.50 88.30 -112.91
N ARG KC 41 -103.46 87.52 -112.60
CA ARG KC 41 -102.60 86.89 -113.60
C ARG KC 41 -102.66 85.38 -113.38
N ILE KC 42 -103.24 84.67 -114.34
CA ILE KC 42 -103.47 83.24 -114.22
C ILE KC 42 -102.72 82.52 -115.32
N HIS KC 43 -101.86 81.58 -114.93
CA HIS KC 43 -101.16 80.72 -115.86
C HIS KC 43 -101.80 79.34 -115.84
N THR KC 44 -101.61 78.60 -116.92
CA THR KC 44 -102.12 77.24 -117.05
C THR KC 44 -100.96 76.29 -117.29
N VAL KC 45 -101.09 75.08 -116.75
CA VAL KC 45 -100.06 74.06 -116.89
C VAL KC 45 -100.73 72.75 -117.30
N ARG KC 46 -100.19 72.12 -118.34
CA ARG KC 46 -100.61 70.78 -118.74
C ARG KC 46 -100.12 69.77 -117.73
N VAL KC 47 -100.95 68.77 -117.43
CA VAL KC 47 -100.58 67.76 -116.45
C VAL KC 47 -100.82 66.38 -117.02
N ARG KC 48 -100.61 65.36 -116.20
CA ARG KC 48 -100.74 63.97 -116.65
C ARG KC 48 -102.14 63.71 -117.20
N GLY KC 49 -102.19 63.05 -118.35
CA GLY KC 49 -103.45 62.78 -118.99
C GLY KC 49 -104.00 63.93 -119.82
N GLY KC 50 -103.25 65.00 -120.00
CA GLY KC 50 -103.68 66.10 -120.84
C GLY KC 50 -104.63 67.08 -120.21
N ASN KC 51 -104.95 66.93 -118.92
CA ASN KC 51 -105.79 67.91 -118.26
C ASN KC 51 -104.97 69.16 -117.95
N LYS KC 52 -105.64 70.15 -117.35
CA LYS KC 52 -105.04 71.46 -117.16
C LYS KC 52 -105.21 71.92 -115.73
N LYS KC 53 -104.17 72.51 -115.16
CA LYS KC 53 -104.24 73.14 -113.85
C LYS KC 53 -104.13 74.65 -114.02
N TYR KC 54 -105.03 75.39 -113.37
CA TYR KC 54 -105.02 76.84 -113.39
C TYR KC 54 -104.06 77.34 -112.33
N ARG KC 55 -102.81 77.54 -112.74
CA ARG KC 55 -101.78 78.00 -111.83
C ARG KC 55 -101.94 79.49 -111.57
N ALA KC 56 -102.58 79.83 -110.46
CA ALA KC 56 -102.80 81.21 -110.09
C ALA KC 56 -101.51 81.81 -109.52
N LEU KC 57 -101.33 83.11 -109.75
CA LEU KC 57 -100.19 83.83 -109.22
C LEU KC 57 -100.57 85.09 -108.46
N ARG KC 58 -101.73 85.68 -108.77
CA ARG KC 58 -102.13 86.95 -108.16
C ARG KC 58 -103.63 87.09 -108.37
N LEU KC 59 -104.36 87.30 -107.29
CA LEU KC 59 -105.81 87.38 -107.37
C LEU KC 59 -106.32 88.50 -106.49
N ASP KC 60 -107.52 88.98 -106.80
CA ASP KC 60 -108.16 90.04 -106.04
C ASP KC 60 -109.63 89.80 -105.72
N VAL KC 61 -110.27 88.78 -106.28
CA VAL KC 61 -111.70 88.59 -106.07
C VAL KC 61 -112.01 87.10 -105.97
N GLY KC 62 -112.88 86.72 -105.02
CA GLY KC 62 -113.38 85.37 -104.90
C GLY KC 62 -114.67 85.27 -104.11
N ASN KC 63 -115.52 84.28 -104.41
CA ASN KC 63 -116.75 84.10 -103.66
C ASN KC 63 -116.45 83.66 -102.24
N PHE KC 64 -117.24 84.18 -101.31
CA PHE KC 64 -117.18 83.76 -99.91
C PHE KC 64 -118.59 83.56 -99.39
N SER KC 65 -118.77 82.54 -98.57
CA SER KC 65 -120.07 82.12 -98.09
C SER KC 65 -120.34 82.72 -96.72
N TRP KC 66 -121.52 83.31 -96.55
CA TRP KC 66 -121.95 83.73 -95.22
C TRP KC 66 -122.13 82.51 -94.33
N GLY KC 67 -122.68 81.44 -94.88
CA GLY KC 67 -122.87 80.20 -94.16
C GLY KC 67 -124.23 80.01 -93.55
N SER KC 68 -124.61 80.81 -92.56
CA SER KC 68 -125.80 80.49 -91.79
C SER KC 68 -127.09 80.78 -92.57
N GLU KC 69 -127.15 81.92 -93.26
CA GLU KC 69 -128.19 82.11 -94.27
C GLU KC 69 -127.68 81.83 -95.67
N CYS KC 70 -126.46 81.30 -95.79
CA CYS KC 70 -125.92 80.86 -97.08
C CYS KC 70 -125.95 81.99 -98.10
N CYS KC 71 -125.35 83.11 -97.74
CA CYS KC 71 -125.25 84.27 -98.62
C CYS KC 71 -123.83 84.31 -99.18
N THR KC 72 -123.71 84.08 -100.49
CA THR KC 72 -122.40 83.98 -101.13
C THR KC 72 -122.31 85.00 -102.26
N ARG KC 73 -121.27 85.82 -102.22
CA ARG KC 73 -121.07 86.87 -103.20
C ARG KC 73 -119.62 86.89 -103.65
N LYS KC 74 -119.42 87.36 -104.88
CA LYS KC 74 -118.09 87.57 -105.45
C LYS KC 74 -117.55 88.86 -104.86
N THR KC 75 -116.68 88.73 -103.86
CA THR KC 75 -116.15 89.87 -103.14
C THR KC 75 -114.64 89.99 -103.39
N ARG KC 76 -114.08 91.09 -102.87
CA ARG KC 76 -112.70 91.48 -103.16
C ARG KC 76 -111.82 91.16 -101.96
N ILE KC 77 -110.62 90.65 -102.22
CA ILE KC 77 -109.63 90.38 -101.18
C ILE KC 77 -108.80 91.61 -100.88
N ILE KC 78 -108.63 91.90 -99.59
CA ILE KC 78 -107.82 93.04 -99.15
C ILE KC 78 -106.41 92.57 -98.81
N ASP KC 79 -106.27 91.71 -97.81
CA ASP KC 79 -104.97 91.22 -97.37
C ASP KC 79 -105.20 90.08 -96.37
N VAL KC 80 -104.10 89.46 -95.96
CA VAL KC 80 -104.12 88.31 -95.07
C VAL KC 80 -103.37 88.68 -93.80
N VAL KC 81 -103.91 88.27 -92.65
CA VAL KC 81 -103.31 88.63 -91.37
C VAL KC 81 -102.74 87.44 -90.61
N TYR KC 82 -103.16 86.21 -90.89
CA TYR KC 82 -102.58 85.07 -90.18
C TYR KC 82 -102.76 83.81 -91.02
N ASN KC 83 -101.78 82.92 -90.91
CA ASN KC 83 -101.85 81.59 -91.50
C ASN KC 83 -101.19 80.62 -90.54
N ALA KC 84 -101.78 79.44 -90.39
CA ALA KC 84 -101.26 78.46 -89.45
C ALA KC 84 -99.87 77.97 -89.85
N SER KC 85 -99.68 77.74 -91.15
CA SER KC 85 -98.47 77.05 -91.60
C SER KC 85 -97.20 77.83 -91.24
N ASN KC 86 -97.21 79.15 -91.46
CA ASN KC 86 -96.06 79.96 -91.13
C ASN KC 86 -96.48 81.42 -91.07
N ASN KC 87 -95.68 82.22 -90.37
CA ASN KC 87 -95.93 83.66 -90.29
C ASN KC 87 -95.24 84.44 -91.39
N GLU KC 88 -94.04 84.03 -91.81
CA GLU KC 88 -93.44 84.62 -93.00
C GLU KC 88 -94.28 84.34 -94.24
N LEU KC 89 -95.04 83.24 -94.24
CA LEU KC 89 -96.08 83.05 -95.24
C LEU KC 89 -97.01 84.26 -95.27
N VAL KC 90 -97.40 84.74 -94.10
CA VAL KC 90 -98.22 85.94 -94.03
C VAL KC 90 -97.41 87.16 -94.44
N ARG KC 91 -96.19 87.28 -93.93
CA ARG KC 91 -95.40 88.49 -94.17
C ARG KC 91 -95.09 88.68 -95.64
N THR KC 92 -95.22 87.63 -96.44
CA THR KC 92 -95.12 87.76 -97.89
C THR KC 92 -96.40 88.24 -98.53
N LYS KC 93 -97.52 88.25 -97.79
CA LYS KC 93 -98.82 88.67 -98.31
C LYS KC 93 -99.24 87.81 -99.50
N THR KC 94 -99.19 86.49 -99.32
CA THR KC 94 -99.59 85.56 -100.36
C THR KC 94 -100.62 84.59 -99.81
N LEU KC 95 -101.34 83.94 -100.73
CA LEU KC 95 -102.48 83.10 -100.38
C LEU KC 95 -102.10 81.64 -100.31
N VAL KC 96 -102.70 80.92 -99.37
CA VAL KC 96 -102.58 79.48 -99.28
C VAL KC 96 -103.98 78.90 -99.07
N LYS KC 97 -104.06 77.59 -98.84
CA LYS KC 97 -105.38 76.95 -98.73
C LYS KC 97 -106.09 77.33 -97.44
N ASN KC 98 -105.36 77.58 -96.36
CA ASN KC 98 -105.97 77.67 -95.04
C ASN KC 98 -105.47 78.90 -94.29
N CYS KC 99 -105.50 80.05 -94.94
CA CYS KC 99 -105.19 81.30 -94.29
C CYS KC 99 -106.46 82.11 -94.06
N ILE KC 100 -106.45 82.93 -93.01
CA ILE KC 100 -107.53 83.87 -92.76
C ILE KC 100 -107.19 85.16 -93.48
N VAL KC 101 -108.07 85.61 -94.34
CA VAL KC 101 -107.79 86.71 -95.24
C VAL KC 101 -108.88 87.77 -95.09
N LEU KC 102 -108.47 89.02 -94.93
CA LEU KC 102 -109.42 90.12 -94.80
C LEU KC 102 -110.28 90.20 -96.04
N ILE KC 103 -111.59 90.37 -95.83
CA ILE KC 103 -112.53 90.46 -96.93
C ILE KC 103 -113.43 91.67 -96.69
N ASP KC 104 -113.93 92.23 -97.79
CA ASP KC 104 -114.74 93.45 -97.71
C ASP KC 104 -116.13 93.13 -97.17
N SER KC 105 -116.82 94.19 -96.73
CA SER KC 105 -118.16 94.05 -96.17
C SER KC 105 -119.25 94.55 -97.10
N THR KC 106 -118.92 95.28 -98.16
CA THR KC 106 -119.95 95.93 -98.96
C THR KC 106 -120.96 94.95 -99.55
N PRO KC 107 -120.56 93.85 -100.23
CA PRO KC 107 -121.60 93.01 -100.86
C PRO KC 107 -122.54 92.38 -99.85
N TYR KC 108 -122.01 91.88 -98.74
CA TYR KC 108 -122.87 91.32 -97.71
C TYR KC 108 -123.66 92.39 -96.99
N ARG KC 109 -123.09 93.59 -96.84
CA ARG KC 109 -123.85 94.70 -96.29
C ARG KC 109 -125.09 94.98 -97.13
N GLN KC 110 -124.91 95.12 -98.45
CA GLN KC 110 -126.05 95.45 -99.30
C GLN KC 110 -127.01 94.27 -99.41
N TRP KC 111 -126.50 93.03 -99.36
CA TRP KC 111 -127.42 91.90 -99.33
C TRP KC 111 -128.29 91.93 -98.09
N TYR KC 112 -127.69 92.21 -96.93
CA TYR KC 112 -128.46 92.32 -95.70
C TYR KC 112 -129.50 93.43 -95.81
N GLU KC 113 -129.09 94.59 -96.31
CA GLU KC 113 -130.01 95.72 -96.40
C GLU KC 113 -131.15 95.41 -97.37
N SER KC 114 -130.85 94.71 -98.46
CA SER KC 114 -131.90 94.37 -99.42
C SER KC 114 -132.86 93.32 -98.85
N HIS KC 115 -132.33 92.36 -98.10
CA HIS KC 115 -133.15 91.26 -97.61
C HIS KC 115 -133.82 91.58 -96.27
N TYR KC 116 -133.03 91.91 -95.26
CA TYR KC 116 -133.58 92.12 -93.92
C TYR KC 116 -133.89 93.58 -93.63
N ALA KC 117 -133.26 94.50 -94.35
CA ALA KC 117 -133.48 95.94 -94.29
C ALA KC 117 -133.01 96.56 -92.99
N LEU KC 118 -132.53 95.76 -92.03
CA LEU KC 118 -131.95 96.36 -90.84
C LEU KC 118 -130.55 96.89 -91.16
N PRO KC 119 -130.16 98.02 -90.56
CA PRO KC 119 -128.89 98.65 -90.93
C PRO KC 119 -127.71 97.80 -90.48
N LEU KC 120 -126.62 97.88 -91.24
CA LEU KC 120 -125.39 97.17 -90.93
C LEU KC 120 -124.23 98.15 -90.87
N GLY KC 121 -123.50 98.14 -89.76
CA GLY KC 121 -122.34 98.99 -89.61
C GLY KC 121 -122.62 100.47 -89.54
N ARG KC 122 -123.84 100.87 -89.20
CA ARG KC 122 -124.17 102.28 -89.08
C ARG KC 122 -124.01 102.73 -87.63
N LYS KC 123 -123.61 103.99 -87.47
CA LYS KC 123 -123.35 104.57 -86.17
C LYS KC 123 -124.48 105.49 -85.71
N LYS KC 124 -124.85 106.47 -86.53
CA LYS KC 124 -125.89 107.43 -86.17
C LYS KC 124 -127.05 107.47 -87.16
N GLY KC 125 -126.89 106.93 -88.36
CA GLY KC 125 -127.92 106.97 -89.37
C GLY KC 125 -128.12 108.33 -89.99
N ALA KC 126 -129.07 108.37 -90.94
CA ALA KC 126 -129.45 109.58 -91.65
C ALA KC 126 -128.29 110.19 -92.44
N LYS KC 127 -127.40 109.34 -92.95
CA LYS KC 127 -126.26 109.78 -93.75
C LYS KC 127 -126.20 109.13 -95.13
N LEU KC 128 -127.02 108.11 -95.40
CA LEU KC 128 -127.10 107.52 -96.72
C LEU KC 128 -128.48 107.80 -97.27
N THR KC 129 -128.92 109.05 -97.12
CA THR KC 129 -130.33 109.41 -97.28
C THR KC 129 -130.99 108.97 -98.58
N PRO KC 130 -130.36 109.04 -99.77
CA PRO KC 130 -131.13 108.81 -101.00
C PRO KC 130 -131.76 107.44 -101.12
N GLU KC 131 -131.34 106.43 -100.35
CA GLU KC 131 -131.92 105.10 -100.49
C GLU KC 131 -132.28 104.42 -99.17
N GLU KC 132 -131.75 104.85 -98.03
CA GLU KC 132 -132.06 104.17 -96.78
C GLU KC 132 -133.55 104.27 -96.47
N GLU KC 133 -134.14 105.45 -96.63
CA GLU KC 133 -135.57 105.61 -96.37
C GLU KC 133 -136.39 104.72 -97.30
N GLU KC 134 -136.03 104.69 -98.59
CA GLU KC 134 -136.83 103.92 -99.54
C GLU KC 134 -136.70 102.43 -99.29
N ILE KC 135 -135.54 101.97 -98.82
CA ILE KC 135 -135.40 100.54 -98.55
C ILE KC 135 -135.96 100.16 -97.18
N LEU KC 136 -136.14 101.11 -96.28
CA LEU KC 136 -136.75 100.79 -94.99
C LEU KC 136 -138.26 100.93 -94.99
N ASN KC 137 -138.83 101.77 -95.87
CA ASN KC 137 -140.28 101.87 -95.91
C ASN KC 137 -140.87 101.00 -97.03
N LYS KC 138 -140.44 101.23 -98.28
CA LYS KC 138 -140.86 100.44 -99.43
C LYS KC 138 -142.37 100.53 -99.67
N LYS KC 139 -143.05 101.33 -98.85
CA LYS KC 139 -144.50 101.57 -98.93
C LYS KC 139 -145.28 100.31 -99.31
N ARG KC 140 -145.02 99.22 -98.59
CA ARG KC 140 -145.63 97.96 -98.96
C ARG KC 140 -146.90 97.70 -98.16
N SER KC 141 -147.77 96.89 -98.74
CA SER KC 141 -149.10 96.64 -98.19
C SER KC 141 -148.99 95.81 -96.92
N LYS KC 142 -150.14 95.50 -96.32
CA LYS KC 142 -150.15 94.77 -95.06
C LYS KC 142 -149.51 93.39 -95.22
N LYS KC 143 -149.70 92.74 -96.37
CA LYS KC 143 -149.19 91.38 -96.52
C LYS KC 143 -147.67 91.35 -96.63
N ILE KC 144 -147.09 92.19 -97.48
CA ILE KC 144 -145.64 92.22 -97.62
C ILE KC 144 -145.02 92.81 -96.36
N GLN KC 145 -145.69 93.76 -95.71
CA GLN KC 145 -145.22 94.27 -94.43
C GLN KC 145 -145.20 93.17 -93.38
N LYS KC 146 -146.22 92.32 -93.35
CA LYS KC 146 -146.19 91.18 -92.44
C LYS KC 146 -145.03 90.27 -92.77
N LYS KC 147 -144.81 89.99 -94.07
CA LYS KC 147 -143.67 89.18 -94.48
C LYS KC 147 -142.38 89.73 -93.90
N TYR KC 148 -142.18 91.05 -94.05
CA TYR KC 148 -141.05 91.70 -93.40
C TYR KC 148 -141.07 91.44 -91.90
N ASP KC 149 -142.24 91.59 -91.28
CA ASP KC 149 -142.36 91.45 -89.83
C ASP KC 149 -141.79 90.13 -89.35
N GLU KC 150 -142.34 89.01 -89.84
CA GLU KC 150 -141.80 87.74 -89.36
C GLU KC 150 -140.38 87.53 -89.86
N ARG KC 151 -139.98 88.23 -90.92
CA ARG KC 151 -138.60 88.12 -91.37
C ARG KC 151 -137.64 88.80 -90.40
N LYS KC 152 -138.05 89.92 -89.79
CA LYS KC 152 -137.13 90.61 -88.89
C LYS KC 152 -136.99 89.95 -87.53
N LYS KC 153 -137.94 89.10 -87.11
CA LYS KC 153 -137.83 88.51 -85.79
C LYS KC 153 -136.62 87.59 -85.69
N ASN KC 154 -136.25 86.93 -86.78
CA ASN KC 154 -135.11 86.02 -86.80
C ASN KC 154 -133.83 86.67 -87.31
N ALA KC 155 -133.86 87.96 -87.62
CA ALA KC 155 -132.72 88.65 -88.23
C ALA KC 155 -131.69 89.10 -87.22
N LYS KC 156 -131.68 88.52 -86.02
CA LYS KC 156 -130.68 88.84 -85.01
C LYS KC 156 -129.31 88.35 -85.45
N ILE KC 157 -128.30 89.18 -85.26
CA ILE KC 157 -126.92 88.86 -85.64
C ILE KC 157 -126.05 88.94 -84.39
N SER KC 158 -125.03 88.07 -84.34
CA SER KC 158 -124.11 88.05 -83.21
C SER KC 158 -123.36 89.37 -83.10
N SER KC 159 -123.11 89.78 -81.86
CA SER KC 159 -122.52 91.09 -81.60
C SER KC 159 -121.14 91.22 -82.23
N LEU KC 160 -120.33 90.17 -82.19
CA LEU KC 160 -119.00 90.24 -82.77
C LEU KC 160 -119.08 90.56 -84.26
N LEU KC 161 -120.01 89.92 -84.97
CA LEU KC 161 -120.15 90.19 -86.39
C LEU KC 161 -120.72 91.57 -86.66
N GLU KC 162 -121.61 92.06 -85.81
CA GLU KC 162 -122.10 93.43 -85.96
C GLU KC 162 -120.95 94.42 -85.84
N GLU KC 163 -120.12 94.25 -84.81
CA GLU KC 163 -118.99 95.15 -84.63
C GLU KC 163 -118.01 95.03 -85.80
N GLN KC 164 -117.80 93.81 -86.29
CA GLN KC 164 -116.95 93.62 -87.46
C GLN KC 164 -117.48 94.37 -88.67
N PHE KC 165 -118.75 94.16 -88.99
CA PHE KC 165 -119.36 94.89 -90.10
C PHE KC 165 -119.23 96.39 -89.90
N GLN KC 166 -119.37 96.85 -88.66
CA GLN KC 166 -119.16 98.27 -88.37
C GLN KC 166 -117.75 98.70 -88.72
N GLN KC 167 -116.77 97.85 -88.44
CA GLN KC 167 -115.40 98.15 -88.87
C GLN KC 167 -115.32 98.22 -90.38
N GLY KC 168 -116.00 97.31 -91.09
CA GLY KC 168 -116.11 97.39 -92.52
C GLY KC 168 -115.20 96.48 -93.32
N LYS KC 169 -114.46 95.58 -92.67
CA LYS KC 169 -113.55 94.67 -93.38
C LYS KC 169 -113.63 93.30 -92.71
N LEU KC 170 -114.47 92.42 -93.24
CA LEU KC 170 -114.76 91.14 -92.60
C LEU KC 170 -113.56 90.21 -92.67
N LEU KC 171 -113.44 89.36 -91.64
CA LEU KC 171 -112.39 88.36 -91.57
C LEU KC 171 -112.92 87.05 -92.13
N ALA KC 172 -112.25 86.53 -93.15
CA ALA KC 172 -112.69 85.31 -93.83
C ALA KC 172 -111.52 84.35 -93.97
N CYS KC 173 -111.85 83.07 -94.00
CA CYS KC 173 -110.87 82.00 -94.17
C CYS KC 173 -111.07 81.35 -95.52
N ILE KC 174 -109.98 81.11 -96.23
CA ILE KC 174 -110.02 80.49 -97.54
C ILE KC 174 -110.18 78.98 -97.37
N ALA KC 175 -110.96 78.36 -98.25
CA ALA KC 175 -111.15 76.93 -98.26
C ALA KC 175 -110.81 76.27 -99.59
N SER KC 176 -110.72 77.03 -100.67
CA SER KC 176 -110.33 76.48 -101.96
C SER KC 176 -108.82 76.25 -101.98
N ARG KC 177 -108.29 75.82 -103.13
CA ARG KC 177 -106.87 75.51 -103.29
C ARG KC 177 -106.32 76.41 -104.38
N PRO KC 178 -105.79 77.57 -104.04
CA PRO KC 178 -105.21 78.45 -105.07
C PRO KC 178 -104.01 77.80 -105.72
N GLY KC 179 -103.86 78.04 -107.02
CA GLY KC 179 -102.80 77.47 -107.82
C GLY KC 179 -103.18 76.20 -108.53
N GLN KC 180 -104.10 75.42 -107.96
CA GLN KC 180 -104.61 74.21 -108.62
C GLN KC 180 -105.88 74.52 -109.40
N CYS KC 181 -106.92 74.98 -108.72
CA CYS KC 181 -108.14 75.42 -109.38
C CYS KC 181 -108.05 76.86 -109.87
N GLY KC 182 -107.07 77.62 -109.40
CA GLY KC 182 -106.91 78.99 -109.84
C GLY KC 182 -107.84 80.00 -109.22
N ARG KC 183 -108.61 79.62 -108.21
CA ARG KC 183 -109.56 80.53 -107.59
C ARG KC 183 -109.46 80.43 -106.09
N ALA KC 184 -109.87 81.50 -105.42
CA ALA KC 184 -109.86 81.59 -103.96
C ALA KC 184 -111.31 81.63 -103.49
N ASP KC 185 -111.88 80.46 -103.26
CA ASP KC 185 -113.25 80.32 -102.78
C ASP KC 185 -113.22 79.87 -101.33
N GLY KC 186 -113.61 80.76 -100.43
CA GLY KC 186 -113.59 80.45 -99.01
C GLY KC 186 -114.87 80.85 -98.31
N TYR KC 187 -114.78 81.13 -97.01
CA TYR KC 187 -115.94 81.53 -96.23
C TYR KC 187 -115.49 82.48 -95.14
N VAL KC 188 -116.46 83.21 -94.60
CA VAL KC 188 -116.21 84.05 -93.45
C VAL KC 188 -116.37 83.22 -92.18
N LEU KC 189 -115.37 83.27 -91.31
CA LEU KC 189 -115.45 82.57 -90.05
C LEU KC 189 -116.57 83.16 -89.21
N GLU KC 190 -117.20 82.30 -88.40
CA GLU KC 190 -118.35 82.72 -87.61
C GLU KC 190 -118.34 82.03 -86.26
N GLY KC 191 -118.93 82.70 -85.28
CA GLY KC 191 -119.13 82.11 -83.97
C GLY KC 191 -117.82 81.74 -83.31
N LYS KC 192 -117.76 80.51 -82.78
CA LYS KC 192 -116.61 80.06 -82.02
C LYS KC 192 -115.32 80.09 -82.84
N GLU KC 193 -115.43 79.92 -84.16
CA GLU KC 193 -114.26 80.04 -85.03
C GLU KC 193 -113.65 81.43 -84.95
N LEU KC 194 -114.51 82.45 -85.08
CA LEU KC 194 -114.06 83.82 -84.86
C LEU KC 194 -113.44 83.97 -83.49
N GLU KC 195 -114.03 83.32 -82.48
CA GLU KC 195 -113.45 83.42 -81.14
C GLU KC 195 -112.01 82.93 -81.13
N PHE KC 196 -111.77 81.74 -81.69
CA PHE KC 196 -110.42 81.19 -81.66
C PHE KC 196 -109.44 82.07 -82.43
N TYR KC 197 -109.80 82.43 -83.66
CA TYR KC 197 -108.83 83.17 -84.47
C TYR KC 197 -108.61 84.57 -83.92
N LEU KC 198 -109.66 85.20 -83.39
CA LEU KC 198 -109.49 86.50 -82.76
C LEU KC 198 -108.60 86.44 -81.54
N ARG KC 199 -108.79 85.44 -80.67
CA ARG KC 199 -107.91 85.37 -79.51
C ARG KC 199 -106.49 85.06 -79.94
N LYS KC 200 -106.32 84.32 -81.04
CA LYS KC 200 -104.97 84.06 -81.54
C LYS KC 200 -104.30 85.36 -82.00
N ILE KC 201 -105.00 86.13 -82.85
CA ILE KC 201 -104.39 87.35 -83.38
C ILE KC 201 -104.23 88.40 -82.29
N LYS KC 202 -105.05 88.35 -81.23
CA LYS KC 202 -104.95 89.32 -80.15
C LYS KC 202 -103.92 88.93 -79.10
N ALA KC 203 -103.67 87.63 -78.92
CA ALA KC 203 -102.61 87.19 -78.03
C ALA KC 203 -101.24 87.34 -78.69
N ARG KC 204 -101.17 87.12 -80.00
CA ARG KC 204 -99.92 87.38 -80.71
C ARG KC 204 -99.55 88.86 -80.62
N LYS KC 205 -100.55 89.74 -80.54
CA LYS KC 205 -100.35 91.15 -80.26
C LYS KC 205 -101.66 91.73 -79.78
N GLY KC 206 -101.67 92.26 -78.55
CA GLY KC 206 -102.87 92.83 -77.98
C GLY KC 206 -102.64 94.13 -77.23
N ALA LC 1 -105.70 71.06 -71.57
CA ALA LC 1 -107.11 71.23 -71.20
C ALA LC 1 -108.03 71.01 -72.40
N ASP LC 2 -108.32 72.08 -73.11
CA ASP LC 2 -109.19 71.99 -74.27
C ASP LC 2 -108.51 71.18 -75.37
N ILE LC 3 -109.33 70.51 -76.18
CA ILE LC 3 -108.84 69.74 -77.31
C ILE LC 3 -108.25 70.63 -78.39
N GLN LC 4 -108.49 71.93 -78.33
CA GLN LC 4 -107.87 72.90 -79.23
C GLN LC 4 -106.55 73.35 -78.62
N THR LC 5 -105.45 73.03 -79.29
CA THR LC 5 -104.13 73.46 -78.83
C THR LC 5 -103.22 73.96 -79.93
N GLU LC 6 -103.62 73.89 -81.19
CA GLU LC 6 -102.72 74.13 -82.30
C GLU LC 6 -103.06 75.46 -82.99
N ARG LC 7 -102.27 75.81 -84.00
CA ARG LC 7 -102.36 77.12 -84.62
C ARG LC 7 -103.59 77.27 -85.52
N ALA LC 8 -104.22 76.16 -85.91
CA ALA LC 8 -105.44 76.21 -86.70
C ALA LC 8 -106.52 75.42 -85.98
N TYR LC 9 -107.73 75.96 -85.98
CA TYR LC 9 -108.84 75.27 -85.33
C TYR LC 9 -109.21 74.03 -86.12
N GLN LC 10 -109.48 72.94 -85.40
CA GLN LC 10 -109.82 71.67 -86.03
C GLN LC 10 -111.26 71.30 -85.68
N LYS LC 11 -112.04 70.94 -86.69
CA LYS LC 11 -113.41 70.48 -86.50
C LYS LC 11 -113.68 69.36 -87.48
N GLN LC 12 -114.72 68.60 -87.20
CA GLN LC 12 -115.19 67.62 -88.18
C GLN LC 12 -115.71 68.39 -89.38
N PRO LC 13 -115.17 68.17 -90.58
CA PRO LC 13 -115.53 69.01 -91.72
C PRO LC 13 -116.99 68.91 -92.12
N THR LC 14 -117.68 67.85 -91.71
CA THR LC 14 -119.02 67.59 -92.21
C THR LC 14 -120.10 68.43 -91.55
N ILE LC 15 -119.84 69.01 -90.38
CA ILE LC 15 -120.88 69.68 -89.60
C ILE LC 15 -120.57 71.16 -89.51
N PHE LC 16 -121.62 71.95 -89.33
CA PHE LC 16 -121.55 73.39 -89.11
C PHE LC 16 -122.28 73.73 -87.83
N GLN LC 17 -121.77 74.73 -87.10
CA GLN LC 17 -122.22 75.01 -85.75
C GLN LC 17 -122.90 76.36 -85.55
N ASN LC 18 -122.57 77.36 -86.37
CA ASN LC 18 -123.15 78.69 -86.20
C ASN LC 18 -124.48 78.79 -86.94
N LYS LC 19 -125.39 77.88 -86.60
CA LYS LC 19 -126.65 77.73 -87.32
C LYS LC 19 -127.68 78.79 -86.88
N LYS LC 20 -127.29 80.06 -87.06
CA LYS LC 20 -128.15 81.20 -86.77
C LYS LC 20 -128.69 81.13 -85.35
N ARG LC 21 -127.78 81.20 -84.39
CA ARG LC 21 -128.15 81.11 -82.99
C ARG LC 21 -128.90 82.38 -82.60
N VAL LC 22 -130.23 82.28 -82.56
CA VAL LC 22 -131.10 83.38 -82.18
C VAL LC 22 -131.71 83.03 -80.83
N LEU LC 23 -132.45 83.98 -80.25
CA LEU LC 23 -133.06 83.77 -78.95
C LEU LC 23 -134.08 82.64 -78.96
N LEU LC 24 -134.54 82.22 -80.14
CA LEU LC 24 -135.39 81.03 -80.22
C LEU LC 24 -134.71 79.79 -79.67
N GLY LC 25 -133.43 79.60 -79.98
CA GLY LC 25 -132.61 78.59 -79.32
C GLY LC 25 -131.98 79.18 -78.08
N GLU LC 26 -132.01 78.42 -76.99
CA GLU LC 26 -131.61 78.96 -75.70
C GLU LC 26 -130.11 79.22 -75.66
N THR LC 27 -129.68 79.89 -74.59
CA THR LC 27 -128.30 80.31 -74.41
C THR LC 27 -127.76 79.87 -73.05
N GLY LC 28 -127.86 78.57 -72.75
CA GLY LC 28 -128.24 77.46 -73.59
C GLY LC 28 -129.09 76.39 -72.95
N LYS LC 29 -128.66 75.14 -73.09
CA LYS LC 29 -127.39 74.90 -73.76
C LYS LC 29 -127.55 74.25 -75.13
N GLU LC 30 -126.96 74.87 -76.13
CA GLU LC 30 -126.91 74.32 -77.48
C GLU LC 30 -125.70 73.39 -77.56
N LYS LC 31 -125.91 72.20 -78.13
CA LYS LC 31 -124.86 71.20 -78.21
C LYS LC 31 -124.46 71.01 -79.67
N LEU LC 32 -123.18 71.22 -79.96
CA LEU LC 32 -122.65 71.01 -81.30
C LEU LC 32 -122.68 69.52 -81.66
N PRO LC 33 -123.25 69.16 -82.80
CA PRO LC 33 -123.39 67.74 -83.13
C PRO LC 33 -122.04 67.07 -83.34
N ARG LC 34 -122.01 65.77 -83.06
CA ARG LC 34 -120.79 64.96 -83.17
C ARG LC 34 -120.95 64.00 -84.34
N TYR LC 35 -120.02 64.06 -85.29
CA TYR LC 35 -120.05 63.15 -86.42
C TYR LC 35 -119.46 61.80 -86.04
N TYR LC 36 -120.05 60.74 -86.58
CA TYR LC 36 -119.53 59.40 -86.40
C TYR LC 36 -119.88 58.59 -87.64
N LYS LC 37 -119.08 57.55 -87.89
CA LYS LC 37 -119.35 56.64 -88.98
C LYS LC 37 -119.13 55.21 -88.51
N ASN LC 38 -120.13 54.36 -88.72
CA ASN LC 38 -120.01 52.95 -88.39
C ASN LC 38 -119.24 52.25 -89.49
N ILE LC 39 -118.28 51.43 -89.10
CA ILE LC 39 -117.45 50.70 -90.04
C ILE LC 39 -118.10 49.34 -90.28
N GLY LC 40 -117.86 48.78 -91.47
CA GLY LC 40 -118.41 47.49 -91.81
C GLY LC 40 -117.74 46.36 -91.06
N LEU LC 41 -117.94 45.13 -91.54
CA LEU LC 41 -117.41 43.93 -90.89
C LEU LC 41 -117.93 43.80 -89.46
N GLY LC 42 -119.07 44.44 -89.18
CA GLY LC 42 -119.73 44.31 -87.91
C GLY LC 42 -118.89 44.76 -86.72
N PHE LC 43 -118.18 45.86 -86.86
CA PHE LC 43 -117.41 46.43 -85.76
C PHE LC 43 -118.27 47.46 -85.05
N LYS LC 44 -118.48 47.26 -83.75
CA LYS LC 44 -119.32 48.15 -82.96
C LYS LC 44 -118.62 49.49 -82.79
N THR LC 45 -119.35 50.56 -83.01
CA THR LC 45 -118.83 51.89 -82.74
C THR LC 45 -118.63 52.07 -81.25
N PRO LC 46 -117.43 52.45 -80.79
CA PRO LC 46 -117.24 52.66 -79.36
C PRO LC 46 -118.10 53.80 -78.85
N LYS LC 47 -118.61 53.64 -77.63
CA LYS LC 47 -119.44 54.69 -77.04
C LYS LC 47 -118.68 56.01 -76.98
N GLU LC 48 -117.38 55.95 -76.70
CA GLU LC 48 -116.58 57.16 -76.66
C GLU LC 48 -116.61 57.88 -78.00
N ALA LC 49 -116.61 57.12 -79.10
CA ALA LC 49 -116.70 57.74 -80.42
C ALA LC 49 -118.02 58.48 -80.58
N ILE LC 50 -119.11 57.91 -80.07
CA ILE LC 50 -120.42 58.53 -80.25
C ILE LC 50 -120.51 59.83 -79.48
N GLU LC 51 -120.35 59.77 -78.16
CA GLU LC 51 -120.54 60.93 -77.28
C GLU LC 51 -119.23 61.67 -77.03
N GLY LC 52 -118.22 61.42 -77.85
CA GLY LC 52 -116.93 62.05 -77.65
C GLY LC 52 -116.85 63.49 -78.13
N THR LC 53 -115.87 64.23 -77.61
CA THR LC 53 -115.68 65.62 -77.96
C THR LC 53 -114.33 65.89 -78.60
N TYR LC 54 -113.42 64.91 -78.60
CA TYR LC 54 -112.11 65.09 -79.21
C TYR LC 54 -112.24 65.36 -80.71
N ILE LC 55 -111.13 65.75 -81.32
CA ILE LC 55 -111.08 65.99 -82.76
C ILE LC 55 -109.94 65.19 -83.35
N ASP LC 56 -110.22 64.47 -84.44
CA ASP LC 56 -109.23 63.71 -85.18
C ASP LC 56 -109.84 63.24 -86.49
N LYS LC 57 -109.13 63.48 -87.59
CA LYS LC 57 -109.58 63.06 -88.90
C LYS LC 57 -108.97 61.74 -89.36
N LYS LC 58 -107.98 61.22 -88.65
CA LYS LC 58 -107.46 59.89 -88.91
C LYS LC 58 -108.16 58.82 -88.09
N CYS LC 59 -109.06 59.21 -87.20
CA CYS LC 59 -109.85 58.23 -86.47
C CYS LC 59 -110.80 57.51 -87.41
N PRO LC 60 -110.93 56.19 -87.29
CA PRO LC 60 -111.82 55.46 -88.21
C PRO LC 60 -113.26 55.89 -88.13
N PHE LC 61 -113.73 56.32 -86.97
CA PHE LC 61 -115.16 56.56 -86.77
C PHE LC 61 -115.58 58.01 -86.98
N THR LC 62 -114.68 58.96 -86.74
CA THR LC 62 -115.00 60.37 -86.95
C THR LC 62 -113.98 61.04 -87.87
N GLY LC 63 -113.37 60.27 -88.77
CA GLY LC 63 -112.44 60.81 -89.73
C GLY LC 63 -112.64 60.19 -91.10
N ASN LC 64 -112.21 60.93 -92.12
CA ASN LC 64 -112.43 60.53 -93.50
C ASN LC 64 -111.47 59.43 -93.93
N VAL LC 65 -111.54 58.29 -93.26
CA VAL LC 65 -110.74 57.12 -93.58
C VAL LC 65 -111.66 55.95 -93.84
N SER LC 66 -111.41 55.24 -94.93
CA SER LC 66 -112.21 54.07 -95.31
C SER LC 66 -111.41 52.81 -95.01
N ILE LC 67 -112.03 51.89 -94.28
CA ILE LC 67 -111.38 50.63 -93.93
C ILE LC 67 -111.66 49.63 -95.04
N ARG LC 68 -110.60 49.12 -95.66
CA ARG LC 68 -110.74 48.16 -96.74
C ARG LC 68 -109.43 47.42 -96.91
N GLY LC 69 -109.53 46.16 -97.30
CA GLY LC 69 -108.34 45.34 -97.49
C GLY LC 69 -108.29 44.14 -96.57
N ARG LC 70 -107.25 44.06 -95.74
CA ARG LC 70 -107.03 42.91 -94.88
C ARG LC 70 -107.35 43.25 -93.43
N ILE LC 71 -107.64 42.22 -92.65
CA ILE LC 71 -107.90 42.36 -91.22
C ILE LC 71 -106.92 41.47 -90.49
N LEU LC 72 -106.13 42.07 -89.58
CA LEU LC 72 -105.17 41.31 -88.80
C LEU LC 72 -105.16 41.86 -87.38
N SER LC 73 -104.39 41.20 -86.52
CA SER LC 73 -104.29 41.58 -85.11
C SER LC 73 -102.83 41.58 -84.68
N GLY LC 74 -102.60 42.09 -83.48
CA GLY LC 74 -101.25 42.18 -82.94
C GLY LC 74 -101.30 42.67 -81.51
N VAL LC 75 -100.11 42.85 -80.94
CA VAL LC 75 -99.96 43.28 -79.56
C VAL LC 75 -99.18 44.59 -79.53
N VAL LC 76 -99.67 45.55 -78.76
CA VAL LC 76 -99.03 46.86 -78.71
C VAL LC 76 -97.65 46.72 -78.10
N THR LC 77 -96.67 47.39 -78.70
CA THR LC 77 -95.29 47.27 -78.29
C THR LC 77 -94.80 48.42 -77.44
N LYS LC 78 -95.18 49.66 -77.77
CA LYS LC 78 -94.69 50.82 -77.06
C LYS LC 78 -95.76 51.90 -77.08
N MET LC 79 -95.98 52.55 -75.94
CA MET LC 79 -97.10 53.47 -75.76
C MET LC 79 -96.79 54.90 -76.15
N LYS LC 80 -95.63 55.16 -76.74
CA LYS LC 80 -95.33 56.52 -77.19
C LYS LC 80 -96.07 56.78 -78.49
N MET LC 81 -95.65 57.80 -79.24
CA MET LC 81 -96.29 58.18 -80.50
C MET LC 81 -97.74 58.60 -80.29
N GLN LC 82 -97.89 59.76 -79.64
CA GLN LC 82 -99.20 60.40 -79.53
C GLN LC 82 -99.98 60.23 -80.83
N ARG LC 83 -101.18 59.69 -80.71
CA ARG LC 83 -102.15 59.49 -81.79
C ARG LC 83 -101.82 58.30 -82.68
N THR LC 84 -100.69 57.64 -82.47
CA THR LC 84 -100.40 56.38 -83.14
C THR LC 84 -99.86 55.40 -82.11
N ILE LC 85 -99.39 54.24 -82.59
CA ILE LC 85 -98.79 53.23 -81.72
C ILE LC 85 -98.05 52.22 -82.59
N VAL LC 86 -97.12 51.50 -81.98
CA VAL LC 86 -96.34 50.47 -82.66
C VAL LC 86 -96.67 49.13 -82.03
N ILE LC 87 -96.95 48.12 -82.86
CA ILE LC 87 -97.32 46.79 -82.40
C ILE LC 87 -96.35 45.79 -83.01
N ARG LC 88 -96.01 44.76 -82.24
CA ARG LC 88 -95.08 43.72 -82.67
C ARG LC 88 -95.88 42.44 -82.92
N ARG LC 89 -96.28 42.24 -84.18
CA ARG LC 89 -96.96 41.02 -84.55
C ARG LC 89 -95.95 39.92 -84.79
N ASP LC 90 -96.19 38.75 -84.20
CA ASP LC 90 -95.31 37.60 -84.33
C ASP LC 90 -96.02 36.50 -85.11
N TYR LC 91 -95.23 35.71 -85.83
CA TYR LC 91 -95.76 34.64 -86.66
C TYR LC 91 -94.74 33.51 -86.69
N LEU LC 92 -94.95 32.57 -87.60
CA LEU LC 92 -94.07 31.43 -87.76
C LEU LC 92 -93.65 31.31 -89.22
N HIS LC 93 -92.42 30.88 -89.44
CA HIS LC 93 -91.89 30.59 -90.77
C HIS LC 93 -91.56 29.12 -90.87
N TYR LC 94 -92.12 28.44 -91.85
CA TYR LC 94 -91.90 27.02 -92.06
C TYR LC 94 -90.77 26.84 -93.06
N ILE LC 95 -89.71 26.17 -92.64
CA ILE LC 95 -88.62 25.81 -93.54
C ILE LC 95 -88.89 24.42 -94.09
N ARG LC 96 -88.97 24.31 -95.41
CA ARG LC 96 -89.22 23.01 -96.01
C ARG LC 96 -88.04 22.07 -95.80
N LYS LC 97 -86.81 22.60 -95.82
CA LYS LC 97 -85.64 21.75 -95.76
C LYS LC 97 -85.59 20.96 -94.45
N TYR LC 98 -85.74 21.64 -93.34
CA TYR LC 98 -85.65 20.96 -92.06
C TYR LC 98 -87.00 20.53 -91.53
N ASN LC 99 -88.08 20.85 -92.24
CA ASN LC 99 -89.43 20.50 -91.79
C ASN LC 99 -89.71 21.07 -90.41
N ARG LC 100 -89.15 22.24 -90.13
CA ARG LC 100 -89.25 22.87 -88.83
C ARG LC 100 -89.67 24.32 -88.98
N PHE LC 101 -90.07 24.91 -87.85
CA PHE LC 101 -90.66 26.25 -87.87
C PHE LC 101 -89.64 27.31 -87.48
N GLU LC 102 -90.05 28.57 -87.61
CA GLU LC 102 -89.16 29.70 -87.38
C GLU LC 102 -90.02 30.91 -87.05
N LYS LC 103 -89.86 31.46 -85.84
CA LYS LC 103 -90.67 32.61 -85.42
C LYS LC 103 -89.92 33.89 -85.74
N ARG LC 104 -90.29 34.51 -86.84
CA ARG LC 104 -89.89 35.88 -87.14
C ARG LC 104 -90.98 36.84 -86.66
N HIS LC 105 -90.56 38.05 -86.33
CA HIS LC 105 -91.48 39.07 -85.87
C HIS LC 105 -91.40 40.27 -86.79
N LYS LC 106 -92.53 40.93 -87.00
CA LYS LC 106 -92.55 42.18 -87.74
C LYS LC 106 -93.41 43.18 -86.99
N ASN LC 107 -92.83 44.33 -86.69
CA ASN LC 107 -93.52 45.39 -85.97
C ASN LC 107 -93.74 46.55 -86.92
N MET LC 108 -94.85 47.24 -86.74
CA MET LC 108 -95.12 48.45 -87.51
C MET LC 108 -95.83 49.48 -86.63
N SER LC 109 -95.74 50.74 -87.05
CA SER LC 109 -96.40 51.83 -86.37
C SER LC 109 -97.82 52.00 -86.90
N VAL LC 110 -98.80 51.99 -86.00
CA VAL LC 110 -100.19 52.08 -86.39
C VAL LC 110 -100.84 53.26 -85.67
N HIS LC 111 -101.71 53.97 -86.38
CA HIS LC 111 -102.42 55.09 -85.79
C HIS LC 111 -103.47 54.59 -84.81
N LEU LC 112 -103.57 55.25 -83.67
CA LEU LC 112 -104.55 54.91 -82.64
C LEU LC 112 -105.40 56.12 -82.35
N SER LC 113 -106.70 55.98 -82.53
CA SER LC 113 -107.62 57.07 -82.20
C SER LC 113 -107.66 57.27 -80.69
N PRO LC 114 -107.74 58.53 -80.23
CA PRO LC 114 -107.82 58.78 -78.79
C PRO LC 114 -109.07 58.25 -78.14
N CYS LC 115 -110.05 57.81 -78.93
CA CYS LC 115 -111.27 57.22 -78.34
C CYS LC 115 -110.92 56.02 -77.47
N PHE LC 116 -110.02 55.16 -77.95
CA PHE LC 116 -109.51 54.06 -77.14
C PHE LC 116 -108.47 54.63 -76.19
N ARG LC 117 -108.90 54.92 -74.97
CA ARG LC 117 -108.01 55.54 -74.00
C ARG LC 117 -107.34 54.50 -73.11
N ASP LC 118 -108.14 53.62 -72.51
CA ASP LC 118 -107.62 52.65 -71.54
C ASP LC 118 -106.91 51.49 -72.26
N VAL LC 119 -105.73 51.81 -72.78
CA VAL LC 119 -104.86 50.85 -73.44
C VAL LC 119 -103.54 50.79 -72.69
N GLN LC 120 -103.05 49.59 -72.43
CA GLN LC 120 -101.83 49.36 -71.67
C GLN LC 120 -100.85 48.53 -72.49
N ILE LC 121 -99.64 48.39 -71.94
CA ILE LC 121 -98.58 47.67 -72.66
C ILE LC 121 -98.98 46.22 -72.84
N GLY LC 122 -98.70 45.70 -74.03
CA GLY LC 122 -98.94 44.28 -74.28
C GLY LC 122 -100.39 43.87 -74.29
N ASP LC 123 -101.25 44.63 -74.95
CA ASP LC 123 -102.66 44.27 -75.12
C ASP LC 123 -102.90 43.90 -76.57
N ILE LC 124 -103.66 42.82 -76.79
CA ILE LC 124 -103.99 42.41 -78.14
C ILE LC 124 -104.95 43.42 -78.76
N VAL LC 125 -104.69 43.78 -80.01
CA VAL LC 125 -105.54 44.73 -80.71
C VAL LC 125 -105.82 44.19 -82.11
N THR LC 126 -107.05 44.34 -82.57
CA THR LC 126 -107.38 44.04 -83.95
C THR LC 126 -107.22 45.30 -84.78
N VAL LC 127 -106.58 45.17 -85.93
CA VAL LC 127 -106.22 46.32 -86.75
C VAL LC 127 -106.72 46.09 -88.17
N GLY LC 128 -107.21 47.16 -88.79
CA GLY LC 128 -107.75 47.10 -90.13
C GLY LC 128 -106.88 47.84 -91.12
N GLU LC 129 -107.05 47.49 -92.40
CA GLU LC 129 -106.33 48.18 -93.46
C GLU LC 129 -107.06 49.44 -93.89
N CYS LC 130 -106.33 50.54 -93.93
CA CYS LC 130 -106.93 51.84 -94.23
C CYS LC 130 -106.02 52.56 -95.23
N ARG LC 131 -106.32 53.83 -95.47
CA ARG LC 131 -105.55 54.64 -96.39
C ARG LC 131 -104.16 54.92 -95.80
N PRO LC 132 -103.17 55.19 -96.65
CA PRO LC 132 -101.87 55.62 -96.13
C PRO LC 132 -101.98 56.94 -95.38
N LEU LC 133 -101.79 56.89 -94.06
CA LEU LC 133 -101.84 58.08 -93.24
C LEU LC 133 -100.51 58.81 -93.15
N SER LC 134 -99.40 58.08 -93.08
CA SER LC 134 -98.10 58.73 -93.08
C SER LC 134 -97.13 57.82 -93.84
N LYS LC 135 -95.84 58.05 -93.62
CA LYS LC 135 -94.85 57.34 -94.41
C LYS LC 135 -94.87 55.85 -94.15
N THR LC 136 -95.08 55.44 -92.91
CA THR LC 136 -94.95 54.03 -92.56
C THR LC 136 -96.24 53.36 -92.15
N VAL LC 137 -97.28 54.10 -91.74
CA VAL LC 137 -98.51 53.49 -91.26
C VAL LC 137 -99.44 53.27 -92.44
N ARG LC 138 -99.96 52.06 -92.56
CA ARG LC 138 -100.97 51.74 -93.54
C ARG LC 138 -102.18 51.07 -92.92
N PHE LC 139 -102.21 51.02 -91.58
CA PHE LC 139 -103.26 50.31 -90.86
C PHE LC 139 -103.85 51.23 -89.80
N ASN LC 140 -105.01 50.84 -89.30
CA ASN LC 140 -105.65 51.56 -88.21
C ASN LC 140 -106.37 50.55 -87.33
N VAL LC 141 -106.17 50.67 -86.01
CA VAL LC 141 -106.81 49.75 -85.08
C VAL LC 141 -108.31 50.00 -85.06
N LEU LC 142 -109.07 48.94 -84.87
CA LEU LC 142 -110.52 49.03 -84.83
C LEU LC 142 -111.12 48.59 -83.51
N LYS LC 143 -110.61 47.49 -82.93
CA LYS LC 143 -111.12 47.02 -81.65
C LYS LC 143 -109.95 46.58 -80.80
N VAL LC 144 -109.97 46.97 -79.53
CA VAL LC 144 -108.91 46.66 -78.59
C VAL LC 144 -109.43 45.58 -77.64
N THR LC 145 -108.53 44.77 -77.11
CA THR LC 145 -108.88 43.82 -76.07
C THR LC 145 -107.78 43.80 -75.01
N LYS LC 146 -108.18 43.45 -73.80
CA LYS LC 146 -107.23 43.43 -72.69
C LYS LC 146 -106.44 42.13 -72.71
N ALA LC 147 -105.40 42.08 -71.88
CA ALA LC 147 -104.54 40.90 -71.76
C ALA LC 147 -104.39 40.56 -70.30
N ALA LC 148 -105.36 39.79 -69.78
CA ALA LC 148 -105.33 39.30 -68.40
C ALA LC 148 -105.18 40.45 -67.40
N GLY LC 149 -105.72 41.60 -67.76
CA GLY LC 149 -105.68 42.75 -66.87
C GLY LC 149 -107.05 43.04 -66.29
N THR LC 150 -107.68 44.10 -66.78
CA THR LC 150 -109.07 44.43 -66.49
C THR LC 150 -109.25 44.81 -65.02
N LYS LC 151 -108.20 44.68 -64.22
CA LYS LC 151 -108.19 45.04 -62.81
C LYS LC 151 -106.76 44.94 -62.31
N LYS LC 152 -106.38 45.89 -61.46
CA LYS LC 152 -105.02 45.97 -60.92
C LYS LC 152 -105.08 46.13 -59.42
N GLN LC 153 -104.11 45.52 -58.74
CA GLN LC 153 -104.02 45.60 -57.29
C GLN LC 153 -103.27 46.87 -56.89
N GLY MC 1 -76.51 16.13 -77.51
CA GLY MC 1 -76.45 15.80 -78.91
C GLY MC 1 -76.72 16.99 -79.82
N LYS MC 2 -77.78 16.89 -80.61
CA LYS MC 2 -78.19 17.97 -81.51
C LYS MC 2 -79.60 18.39 -81.15
N CYS MC 3 -79.85 19.70 -81.19
CA CYS MC 3 -81.15 20.23 -80.82
C CYS MC 3 -82.19 19.87 -81.86
N ARG MC 4 -83.35 19.39 -81.41
CA ARG MC 4 -84.41 18.93 -82.29
C ARG MC 4 -85.76 19.46 -81.82
N GLY MC 5 -85.83 20.76 -81.54
CA GLY MC 5 -87.09 21.39 -81.22
C GLY MC 5 -87.95 21.52 -82.46
N LEU MC 6 -89.04 22.26 -82.32
CA LEU MC 6 -89.93 22.49 -83.44
C LEU MC 6 -89.62 23.79 -84.16
N ARG MC 7 -89.67 24.91 -83.45
CA ARG MC 7 -89.39 26.21 -84.07
C ARG MC 7 -87.91 26.55 -83.98
N THR MC 8 -87.06 25.62 -84.39
CA THR MC 8 -85.61 25.78 -84.21
C THR MC 8 -84.87 25.85 -85.54
N ALA MC 9 -85.54 26.36 -86.58
CA ALA MC 9 -84.90 26.46 -87.88
C ALA MC 9 -83.69 27.38 -87.88
N ARG MC 10 -83.74 28.46 -87.11
CA ARG MC 10 -82.61 29.38 -87.10
C ARG MC 10 -81.35 28.67 -86.64
N LYS MC 11 -81.44 27.95 -85.52
CA LYS MC 11 -80.27 27.31 -84.95
C LYS MC 11 -79.67 26.29 -85.89
N LEU MC 12 -80.50 25.38 -86.41
CA LEU MC 12 -80.01 24.36 -87.34
C LEU MC 12 -79.38 24.96 -88.60
N ARG MC 13 -80.03 25.95 -89.22
CA ARG MC 13 -79.50 26.44 -90.48
C ARG MC 13 -78.21 27.22 -90.24
N SER MC 14 -78.18 28.02 -89.18
CA SER MC 14 -76.96 28.74 -88.83
C SER MC 14 -75.83 27.77 -88.53
N HIS MC 15 -76.12 26.71 -87.77
CA HIS MC 15 -75.09 25.73 -87.43
C HIS MC 15 -74.56 25.06 -88.69
N ARG MC 16 -75.46 24.63 -89.57
CA ARG MC 16 -75.03 23.91 -90.76
C ARG MC 16 -74.23 24.80 -91.69
N ARG MC 17 -74.74 25.99 -92.01
CA ARG MC 17 -74.03 26.90 -92.89
C ARG MC 17 -72.73 27.38 -92.27
N ASP MC 18 -72.67 27.47 -90.93
CA ASP MC 18 -71.42 27.76 -90.27
C ASP MC 18 -70.43 26.62 -90.45
N GLN MC 19 -70.87 25.39 -90.16
CA GLN MC 19 -70.04 24.22 -90.38
C GLN MC 19 -69.88 23.88 -91.85
N LYS MC 20 -70.71 24.45 -92.73
CA LYS MC 20 -70.46 24.33 -94.15
C LYS MC 20 -69.12 24.95 -94.53
N TRP MC 21 -68.64 25.91 -93.74
CA TRP MC 21 -67.38 26.56 -94.00
C TRP MC 21 -66.17 25.71 -93.63
N HIS MC 22 -66.36 24.48 -93.19
CA HIS MC 22 -65.25 23.72 -92.63
C HIS MC 22 -64.76 22.59 -93.53
N ASP MC 23 -65.19 22.54 -94.79
CA ASP MC 23 -64.64 21.56 -95.72
C ASP MC 23 -63.98 22.27 -96.90
N LYS MC 24 -62.96 21.62 -97.46
CA LYS MC 24 -62.10 22.27 -98.44
C LYS MC 24 -62.86 22.68 -99.68
N GLN MC 25 -63.72 21.80 -100.19
CA GLN MC 25 -64.37 22.07 -101.47
C GLN MC 25 -65.25 23.30 -101.40
N TYR MC 26 -66.13 23.38 -100.41
CA TYR MC 26 -67.00 24.54 -100.28
C TYR MC 26 -66.19 25.80 -100.02
N LYS MC 27 -65.16 25.69 -99.18
CA LYS MC 27 -64.33 26.85 -98.85
C LYS MC 27 -63.70 27.42 -100.10
N LYS MC 28 -63.02 26.59 -100.87
CA LYS MC 28 -62.38 27.06 -102.10
C LYS MC 28 -63.40 27.37 -103.18
N ALA MC 29 -64.65 26.95 -103.01
CA ALA MC 29 -65.67 27.24 -104.01
C ALA MC 29 -66.32 28.60 -103.79
N HIS MC 30 -66.53 28.99 -102.53
CA HIS MC 30 -67.33 30.18 -102.26
C HIS MC 30 -66.55 31.32 -101.63
N LEU MC 31 -65.37 31.07 -101.08
CA LEU MC 31 -64.60 32.20 -100.58
C LEU MC 31 -64.19 33.09 -101.73
N GLY MC 32 -63.75 32.49 -102.84
CA GLY MC 32 -63.34 33.23 -104.01
C GLY MC 32 -61.86 33.51 -104.09
N THR MC 33 -61.14 33.51 -102.96
CA THR MC 33 -59.72 33.79 -103.00
C THR MC 33 -58.94 32.75 -103.77
N ALA MC 34 -59.43 31.50 -103.80
CA ALA MC 34 -58.78 30.49 -104.62
C ALA MC 34 -58.87 30.87 -106.10
N LEU MC 35 -60.06 31.30 -106.54
CA LEU MC 35 -60.21 31.71 -107.93
C LEU MC 35 -59.33 32.93 -108.24
N LYS MC 36 -59.23 33.88 -107.31
CA LYS MC 36 -58.32 34.99 -107.51
C LYS MC 36 -56.89 34.49 -107.63
N ALA MC 37 -56.50 33.55 -106.76
CA ALA MC 37 -55.20 32.90 -106.85
C ALA MC 37 -55.14 31.88 -107.95
N ASN MC 38 -56.27 31.48 -108.51
CA ASN MC 38 -56.26 30.54 -109.61
C ASN MC 38 -55.62 31.20 -110.82
N PRO MC 39 -54.53 30.67 -111.36
CA PRO MC 39 -53.88 31.33 -112.49
C PRO MC 39 -54.70 31.29 -113.77
N PHE MC 40 -55.61 30.34 -113.91
CA PHE MC 40 -56.49 30.29 -115.06
C PHE MC 40 -57.65 31.27 -114.96
N GLY MC 41 -57.85 31.88 -113.79
CA GLY MC 41 -59.04 32.68 -113.60
C GLY MC 41 -60.34 31.90 -113.71
N GLY MC 42 -60.30 30.60 -113.45
CA GLY MC 42 -61.44 29.74 -113.63
C GLY MC 42 -61.61 29.20 -115.03
N ALA MC 43 -60.75 29.59 -115.97
CA ALA MC 43 -60.87 29.10 -117.33
C ALA MC 43 -60.45 27.64 -117.42
N SER MC 44 -61.14 26.90 -118.29
CA SER MC 44 -60.73 25.52 -118.58
C SER MC 44 -59.37 25.51 -119.27
N HIS MC 45 -59.16 26.42 -120.21
CA HIS MC 45 -57.90 26.57 -120.89
C HIS MC 45 -57.64 28.05 -121.13
N ALA MC 46 -56.38 28.39 -121.38
CA ALA MC 46 -56.02 29.75 -121.71
C ALA MC 46 -54.82 29.72 -122.63
N LYS MC 47 -54.77 30.67 -123.57
CA LYS MC 47 -53.63 30.77 -124.46
C LYS MC 47 -52.39 31.18 -123.66
N GLY MC 48 -51.23 30.77 -124.15
CA GLY MC 48 -49.99 31.08 -123.48
C GLY MC 48 -48.86 31.21 -124.47
N ILE MC 49 -47.87 32.03 -124.13
CA ILE MC 49 -46.69 32.23 -124.96
C ILE MC 49 -45.52 31.54 -124.30
N VAL MC 50 -44.74 30.82 -125.10
CA VAL MC 50 -43.58 30.09 -124.58
C VAL MC 50 -42.52 31.07 -124.14
N LEU MC 51 -42.06 30.93 -122.91
CA LEU MC 51 -41.02 31.80 -122.36
C LEU MC 51 -39.69 31.10 -122.17
N GLU MC 52 -39.68 29.86 -121.70
CA GLU MC 52 -38.45 29.11 -121.57
C GLU MC 52 -38.77 27.63 -121.40
N LYS MC 53 -37.99 26.78 -122.07
CA LYS MC 53 -38.10 25.34 -121.92
C LYS MC 53 -37.20 24.89 -120.78
N VAL MC 54 -37.78 24.27 -119.76
CA VAL MC 54 -37.05 23.88 -118.56
C VAL MC 54 -37.38 22.44 -118.21
N GLY MC 55 -36.34 21.65 -117.94
CA GLY MC 55 -36.51 20.29 -117.49
C GLY MC 55 -36.60 20.23 -115.97
N VAL MC 56 -37.38 19.29 -115.47
CA VAL MC 56 -37.56 19.08 -114.04
C VAL MC 56 -37.28 17.62 -113.72
N GLU MC 57 -37.08 17.34 -112.43
CA GLU MC 57 -36.69 16.03 -111.96
C GLU MC 57 -37.77 15.44 -111.08
N ALA MC 58 -37.97 14.13 -111.20
CA ALA MC 58 -39.13 13.44 -110.63
C ALA MC 58 -38.90 13.16 -109.14
N LYS MC 59 -39.78 12.33 -108.57
CA LYS MC 59 -39.73 11.99 -107.15
C LYS MC 59 -38.77 10.83 -106.93
N GLN MC 60 -38.80 10.26 -105.71
CA GLN MC 60 -37.84 9.22 -105.35
C GLN MC 60 -38.05 7.92 -106.12
N PRO MC 61 -39.22 7.29 -106.09
CA PRO MC 61 -39.34 5.96 -106.73
C PRO MC 61 -39.00 5.97 -108.20
N ASN MC 62 -39.13 7.12 -108.85
CA ASN MC 62 -38.78 7.26 -110.26
C ASN MC 62 -37.44 7.97 -110.40
N SER MC 63 -36.93 7.99 -111.63
CA SER MC 63 -35.66 8.67 -111.91
C SER MC 63 -35.71 9.12 -113.37
N ALA MC 64 -35.99 10.40 -113.58
CA ALA MC 64 -36.07 10.93 -114.93
C ALA MC 64 -35.97 12.46 -114.87
N ILE MC 65 -35.67 13.05 -116.02
CA ILE MC 65 -35.68 14.49 -116.19
C ILE MC 65 -36.89 14.81 -117.06
N ARG MC 66 -37.89 15.45 -116.45
CA ARG MC 66 -39.17 15.66 -117.11
C ARG MC 66 -39.16 17.00 -117.84
N LYS MC 67 -39.61 16.98 -119.09
CA LYS MC 67 -39.57 18.17 -119.93
C LYS MC 67 -40.77 19.05 -119.67
N CYS MC 68 -40.51 20.33 -119.42
CA CYS MC 68 -41.56 21.31 -119.14
C CYS MC 68 -41.18 22.64 -119.78
N VAL MC 69 -42.11 23.59 -119.72
CA VAL MC 69 -41.90 24.92 -120.30
C VAL MC 69 -42.46 25.97 -119.35
N ARG MC 70 -41.71 27.06 -119.19
CA ARG MC 70 -42.21 28.22 -118.47
C ARG MC 70 -43.00 29.08 -119.44
N VAL MC 71 -44.25 29.37 -119.09
CA VAL MC 71 -45.17 30.02 -120.01
C VAL MC 71 -45.79 31.25 -119.35
N GLN MC 72 -45.86 32.33 -120.09
CA GLN MC 72 -46.59 33.53 -119.68
C GLN MC 72 -47.95 33.53 -120.36
N LEU MC 73 -48.98 33.88 -119.60
CA LEU MC 73 -50.31 34.00 -120.19
C LEU MC 73 -50.48 35.34 -120.87
N ILE MC 74 -51.60 35.50 -121.56
CA ILE MC 74 -51.89 36.75 -122.24
C ILE MC 74 -52.72 37.63 -121.30
N LYS MC 75 -53.91 37.16 -120.92
CA LYS MC 75 -54.64 37.79 -119.84
C LYS MC 75 -53.96 37.44 -118.52
N ASN MC 76 -53.88 38.42 -117.62
CA ASN MC 76 -53.23 38.26 -116.32
C ASN MC 76 -51.93 37.47 -116.45
N GLY MC 77 -51.06 37.96 -117.32
CA GLY MC 77 -49.94 37.16 -117.80
C GLY MC 77 -48.86 36.91 -116.79
N LYS MC 78 -49.17 36.09 -115.78
CA LYS MC 78 -48.15 35.61 -114.86
C LYS MC 78 -47.38 34.47 -115.53
N LYS MC 79 -46.47 33.86 -114.77
CA LYS MC 79 -45.58 32.83 -115.30
C LYS MC 79 -45.79 31.54 -114.52
N ILE MC 80 -45.93 30.43 -115.25
CA ILE MC 80 -46.13 29.12 -114.66
C ILE MC 80 -45.48 28.11 -115.61
N THR MC 81 -45.38 26.86 -115.16
CA THR MC 81 -44.76 25.79 -115.93
C THR MC 81 -45.84 24.85 -116.47
N ALA MC 82 -45.55 24.23 -117.61
CA ALA MC 82 -46.48 23.34 -118.29
C ALA MC 82 -45.76 22.07 -118.74
N PHE MC 83 -46.52 21.00 -118.90
CA PHE MC 83 -45.97 19.68 -119.23
C PHE MC 83 -46.24 19.40 -120.70
N VAL MC 84 -45.18 19.10 -121.45
CA VAL MC 84 -45.29 18.57 -122.81
C VAL MC 84 -45.61 17.08 -122.73
N PRO MC 85 -46.86 16.69 -122.89
CA PRO MC 85 -47.29 15.34 -122.50
C PRO MC 85 -46.99 14.27 -123.54
N ASN MC 86 -45.74 14.18 -123.98
CA ASN MC 86 -45.39 13.17 -124.95
C ASN MC 86 -43.89 13.19 -125.20
N ASP MC 87 -43.41 12.17 -125.92
CA ASP MC 87 -42.00 11.96 -126.16
C ASP MC 87 -41.35 13.09 -126.96
N GLY MC 88 -41.77 13.25 -128.22
CA GLY MC 88 -41.04 14.12 -129.13
C GLY MC 88 -41.67 15.47 -129.39
N CYS MC 89 -42.72 15.81 -128.64
CA CYS MC 89 -43.34 17.12 -128.80
C CYS MC 89 -42.43 18.26 -128.35
N LEU MC 90 -41.47 17.98 -127.47
CA LEU MC 90 -40.58 19.04 -127.00
C LEU MC 90 -39.72 19.60 -128.12
N ASN MC 91 -39.23 18.73 -129.00
CA ASN MC 91 -38.54 19.22 -130.19
C ASN MC 91 -39.50 19.84 -131.19
N PHE MC 92 -40.80 19.58 -131.05
CA PHE MC 92 -41.76 20.16 -131.96
C PHE MC 92 -42.10 21.61 -131.63
N ILE MC 93 -41.70 22.10 -130.46
CA ILE MC 93 -42.04 23.44 -130.01
C ILE MC 93 -40.79 24.31 -130.03
N GLU MC 94 -40.92 25.50 -130.60
CA GLU MC 94 -39.87 26.49 -130.68
C GLU MC 94 -39.98 27.46 -129.50
N GLU MC 95 -39.24 28.55 -129.57
CA GLU MC 95 -39.35 29.60 -128.57
C GLU MC 95 -40.36 30.65 -129.00
N ASN MC 96 -41.09 31.20 -128.02
CA ASN MC 96 -42.04 32.29 -128.25
C ASN MC 96 -43.12 31.90 -129.26
N ASP MC 97 -43.90 30.89 -128.88
CA ASP MC 97 -45.03 30.45 -129.68
C ASP MC 97 -46.28 30.42 -128.81
N GLU MC 98 -47.42 30.65 -129.46
CA GLU MC 98 -48.69 30.57 -128.76
C GLU MC 98 -48.98 29.12 -128.39
N VAL MC 99 -49.40 28.89 -127.16
CA VAL MC 99 -49.79 27.57 -126.70
C VAL MC 99 -51.15 27.68 -126.02
N LEU MC 100 -51.84 26.55 -125.92
CA LEU MC 100 -53.13 26.48 -125.25
C LEU MC 100 -52.95 25.53 -124.09
N VAL MC 101 -52.47 26.06 -122.97
CA VAL MC 101 -52.23 25.22 -121.80
C VAL MC 101 -53.56 24.88 -121.14
N ALA MC 102 -53.57 23.77 -120.42
CA ALA MC 102 -54.79 23.26 -119.80
C ALA MC 102 -54.44 22.70 -118.44
N GLY MC 103 -55.49 22.45 -117.65
CA GLY MC 103 -55.32 21.81 -116.36
C GLY MC 103 -54.75 20.41 -116.49
N PHE MC 104 -54.26 19.88 -115.38
CA PHE MC 104 -53.61 18.58 -115.45
C PHE MC 104 -54.62 17.45 -115.41
N GLY MC 105 -55.66 17.58 -114.59
CA GLY MC 105 -56.65 16.53 -114.50
C GLY MC 105 -57.13 16.27 -113.09
N ARG MC 106 -56.27 16.47 -112.10
CA ARG MC 106 -56.66 16.34 -110.71
C ARG MC 106 -56.79 17.70 -110.04
N LYS MC 107 -57.28 18.67 -110.80
CA LYS MC 107 -57.79 19.93 -110.24
C LYS MC 107 -56.72 20.71 -109.49
N GLY MC 108 -55.75 21.22 -110.25
CA GLY MC 108 -54.81 22.18 -109.69
C GLY MC 108 -53.82 21.58 -108.74
N HIS MC 109 -53.53 20.29 -108.86
CA HIS MC 109 -52.49 19.64 -108.09
C HIS MC 109 -51.59 18.85 -109.02
N ALA MC 110 -50.33 18.74 -108.65
CA ALA MC 110 -49.38 17.97 -109.42
C ALA MC 110 -49.78 16.50 -109.45
N VAL MC 111 -49.42 15.83 -110.53
CA VAL MC 111 -49.81 14.45 -110.79
C VAL MC 111 -48.58 13.58 -110.74
N GLY MC 112 -48.74 12.39 -110.17
CA GLY MC 112 -47.68 11.39 -110.22
C GLY MC 112 -46.39 11.87 -109.59
N ASP MC 113 -45.29 11.68 -110.32
CA ASP MC 113 -43.95 12.02 -109.85
C ASP MC 113 -43.59 13.47 -110.10
N ILE MC 114 -44.49 14.26 -110.68
CA ILE MC 114 -44.16 15.61 -111.11
C ILE MC 114 -44.22 16.54 -109.90
N PRO MC 115 -43.17 17.33 -109.64
CA PRO MC 115 -43.24 18.32 -108.57
C PRO MC 115 -43.81 19.66 -109.02
N GLY MC 116 -44.96 20.04 -108.46
CA GLY MC 116 -45.43 21.40 -108.57
C GLY MC 116 -45.93 21.85 -109.93
N VAL MC 117 -46.09 20.95 -110.88
CA VAL MC 117 -46.62 21.30 -112.21
C VAL MC 117 -48.04 20.78 -112.31
N ARG MC 118 -48.96 21.65 -112.70
CA ARG MC 118 -50.38 21.33 -112.74
C ARG MC 118 -50.97 21.48 -114.13
N PHE MC 119 -50.15 21.59 -115.17
CA PHE MC 119 -50.62 22.07 -116.45
C PHE MC 119 -49.98 21.29 -117.59
N LYS MC 120 -50.79 20.97 -118.59
CA LYS MC 120 -50.34 20.33 -119.81
C LYS MC 120 -50.51 21.30 -120.96
N VAL MC 121 -49.52 21.35 -121.84
CA VAL MC 121 -49.58 22.20 -123.01
C VAL MC 121 -50.20 21.42 -124.15
N VAL MC 122 -51.23 22.01 -124.77
CA VAL MC 122 -51.84 21.48 -125.97
C VAL MC 122 -52.05 22.64 -126.91
N LYS MC 123 -52.28 22.32 -128.20
CA LYS MC 123 -52.55 23.33 -129.21
C LYS MC 123 -51.43 24.38 -129.26
N VAL MC 124 -50.27 23.89 -129.70
CA VAL MC 124 -49.19 24.75 -130.14
C VAL MC 124 -49.71 25.54 -131.33
N ALA MC 125 -48.93 26.50 -131.83
CA ALA MC 125 -49.34 27.44 -132.87
C ALA MC 125 -50.33 26.78 -133.82
N ASN MC 126 -51.42 27.49 -134.14
CA ASN MC 126 -52.78 26.97 -134.12
C ASN MC 126 -52.96 25.51 -134.53
N VAL MC 127 -52.06 24.96 -135.35
CA VAL MC 127 -52.12 23.54 -135.64
C VAL MC 127 -52.09 22.73 -134.34
N SER MC 128 -52.72 21.57 -134.35
CA SER MC 128 -52.89 20.78 -133.15
C SER MC 128 -51.56 20.16 -132.72
N LEU MC 129 -51.54 19.59 -131.51
CA LEU MC 129 -50.33 19.01 -130.93
C LEU MC 129 -50.17 17.53 -131.23
N LEU MC 130 -51.14 16.71 -130.81
CA LEU MC 130 -51.00 15.27 -130.99
C LEU MC 130 -51.10 14.90 -132.47
N ALA MC 131 -51.88 15.66 -133.24
CA ALA MC 131 -51.84 15.50 -134.69
C ALA MC 131 -50.49 15.91 -135.24
N LEU MC 132 -49.86 16.93 -134.65
CA LEU MC 132 -48.47 17.23 -134.96
C LEU MC 132 -47.56 16.08 -134.58
N TYR MC 133 -47.80 15.48 -133.41
CA TYR MC 133 -46.96 14.38 -132.96
C TYR MC 133 -47.03 13.18 -133.88
N LYS MC 134 -48.24 12.78 -134.26
CA LYS MC 134 -48.41 11.70 -135.21
C LYS MC 134 -48.17 12.14 -136.64
N GLY MC 135 -47.98 13.45 -136.87
CA GLY MC 135 -47.70 13.95 -138.19
C GLY MC 135 -48.90 14.11 -139.09
N LYS MC 136 -50.12 14.01 -138.55
CA LYS MC 136 -51.30 14.18 -139.38
C LYS MC 136 -51.34 15.58 -139.99
N LYS MC 137 -50.83 16.57 -139.25
CA LYS MC 137 -50.59 17.90 -139.78
C LYS MC 137 -49.22 18.36 -139.32
N GLU MC 138 -48.55 19.15 -140.17
CA GLU MC 138 -47.16 19.51 -139.96
C GLU MC 138 -47.05 20.93 -139.40
N ARG MC 139 -45.81 21.37 -139.20
CA ARG MC 139 -45.55 22.72 -138.73
C ARG MC 139 -45.91 23.73 -139.82
N PRO MC 140 -46.26 24.96 -139.43
CA PRO MC 140 -46.61 25.97 -140.44
C PRO MC 140 -45.39 26.67 -141.02
N ARG MC 141 -44.75 26.06 -141.99
CA ARG MC 141 -43.59 26.65 -142.65
C ARG MC 141 -43.95 27.12 -144.06
N MET NC 1 -70.35 91.93 -152.56
CA MET NC 1 -71.46 91.69 -151.65
C MET NC 1 -72.78 91.79 -152.41
N LYS NC 2 -73.51 90.69 -152.49
CA LYS NC 2 -74.68 90.57 -153.35
C LYS NC 2 -75.90 91.22 -152.72
N LEU NC 3 -76.83 91.66 -153.57
CA LEU NC 3 -78.06 92.32 -153.15
C LEU NC 3 -79.25 91.64 -153.79
N ASN NC 4 -79.98 90.85 -153.01
CA ASN NC 4 -81.21 90.21 -153.48
C ASN NC 4 -82.35 91.21 -153.31
N ILE NC 5 -82.50 92.06 -154.31
CA ILE NC 5 -83.55 93.09 -154.29
C ILE NC 5 -84.88 92.44 -154.65
N SER NC 6 -85.96 92.98 -154.09
CA SER NC 6 -87.30 92.49 -154.37
C SER NC 6 -88.30 93.64 -154.32
N PHE NC 7 -89.38 93.48 -155.06
CA PHE NC 7 -90.46 94.46 -155.08
C PHE NC 7 -91.78 93.78 -154.81
N PRO NC 8 -92.42 94.01 -153.66
CA PRO NC 8 -93.72 93.39 -153.41
C PRO NC 8 -94.82 93.96 -154.30
N ALA NC 9 -94.66 95.18 -154.80
CA ALA NC 9 -95.70 95.77 -155.63
C ALA NC 9 -95.74 95.14 -157.02
N THR NC 10 -94.58 94.82 -157.58
CA THR NC 10 -94.51 94.33 -158.95
C THR NC 10 -93.80 92.99 -159.10
N GLY NC 11 -93.26 92.42 -158.03
CA GLY NC 11 -92.43 91.24 -158.20
C GLY NC 11 -91.23 91.58 -159.06
N CYS NC 12 -90.96 90.70 -160.03
CA CYS NC 12 -89.91 90.91 -161.02
C CYS NC 12 -88.58 91.25 -160.36
N GLN NC 13 -88.26 90.50 -159.32
CA GLN NC 13 -87.07 90.72 -158.52
C GLN NC 13 -85.90 89.92 -159.07
N LYS NC 14 -84.69 90.39 -158.76
CA LYS NC 14 -83.48 89.75 -159.24
C LYS NC 14 -82.35 90.03 -158.25
N LEU NC 15 -81.18 89.49 -158.55
CA LEU NC 15 -80.01 89.64 -157.70
C LEU NC 15 -78.96 90.50 -158.41
N ILE NC 16 -78.45 91.50 -157.70
CA ILE NC 16 -77.35 92.33 -158.18
C ILE NC 16 -76.33 92.43 -157.06
N GLU NC 17 -75.08 92.70 -157.42
CA GLU NC 17 -74.00 92.84 -156.46
C GLU NC 17 -73.45 94.26 -156.50
N VAL NC 18 -73.04 94.75 -155.33
CA VAL NC 18 -72.50 96.09 -155.18
C VAL NC 18 -71.18 96.01 -154.44
N ASP NC 19 -70.16 96.68 -154.97
CA ASP NC 19 -68.83 96.62 -154.38
C ASP NC 19 -68.39 97.89 -153.69
N ASP NC 20 -68.94 99.05 -154.04
CA ASP NC 20 -68.48 100.28 -153.41
C ASP NC 20 -68.84 100.29 -151.94
N GLU NC 21 -67.91 100.77 -151.11
CA GLU NC 21 -68.10 100.79 -149.68
C GLU NC 21 -69.03 101.91 -149.24
N ARG NC 22 -69.09 103.00 -150.02
CA ARG NC 22 -69.87 104.16 -149.62
C ARG NC 22 -71.36 103.82 -149.57
N LYS NC 23 -71.87 103.11 -150.57
CA LYS NC 23 -73.27 102.72 -150.53
C LYS NC 23 -73.53 101.68 -149.45
N LEU NC 24 -72.57 100.79 -149.21
CA LEU NC 24 -72.73 99.82 -148.15
C LEU NC 24 -72.73 100.48 -146.78
N ARG NC 25 -71.97 101.57 -146.63
CA ARG NC 25 -71.99 102.34 -145.38
C ARG NC 25 -73.41 102.76 -145.02
N THR NC 26 -74.20 103.15 -146.02
CA THR NC 26 -75.59 103.53 -145.76
C THR NC 26 -76.34 102.43 -145.04
N PHE NC 27 -75.99 101.17 -145.29
CA PHE NC 27 -76.58 100.04 -144.60
C PHE NC 27 -75.77 99.59 -143.39
N TYR NC 28 -74.60 100.16 -143.16
CA TYR NC 28 -73.82 99.78 -141.99
C TYR NC 28 -74.54 100.25 -140.72
N GLU NC 29 -74.38 99.46 -139.65
CA GLU NC 29 -74.92 99.79 -138.33
C GLU NC 29 -76.46 99.71 -138.33
N LYS NC 30 -77.03 99.48 -139.50
CA LYS NC 30 -78.48 99.51 -139.69
C LYS NC 30 -79.09 98.20 -139.19
N ARG NC 31 -80.40 98.24 -138.95
CA ARG NC 31 -81.20 97.09 -138.53
C ARG NC 31 -82.29 96.83 -139.56
N MET NC 32 -82.95 95.68 -139.44
CA MET NC 32 -84.04 95.38 -140.37
C MET NC 32 -85.32 96.06 -139.93
N ALA NC 33 -86.34 95.95 -140.78
CA ALA NC 33 -87.61 96.64 -140.59
C ALA NC 33 -87.41 98.14 -140.45
N THR NC 34 -86.29 98.63 -141.01
CA THR NC 34 -85.94 100.05 -140.94
C THR NC 34 -85.99 100.62 -142.34
N GLU NC 35 -86.70 101.74 -142.50
CA GLU NC 35 -86.83 102.39 -143.80
C GLU NC 35 -85.61 103.25 -144.04
N VAL NC 36 -84.80 102.86 -145.03
CA VAL NC 36 -83.60 103.60 -145.40
C VAL NC 36 -83.67 103.89 -146.89
N ALA NC 37 -83.05 105.00 -147.29
CA ALA NC 37 -83.09 105.48 -148.66
C ALA NC 37 -81.74 105.25 -149.33
N ALA NC 38 -81.76 104.68 -150.53
CA ALA NC 38 -80.56 104.39 -151.31
C ALA NC 38 -80.47 105.29 -152.54
N ASP NC 39 -80.83 106.57 -152.37
CA ASP NC 39 -80.87 107.49 -153.51
C ASP NC 39 -79.51 107.70 -154.15
N ALA NC 40 -78.42 107.41 -153.45
CA ALA NC 40 -77.08 107.66 -153.95
C ALA NC 40 -76.51 106.49 -154.74
N LEU NC 41 -77.36 105.65 -155.33
CA LEU NC 41 -76.91 104.50 -156.11
C LEU NC 41 -76.96 104.86 -157.59
N GLY NC 42 -75.93 105.58 -158.03
CA GLY NC 42 -75.91 106.07 -159.39
C GLY NC 42 -77.04 107.07 -159.62
N GLU NC 43 -77.23 107.41 -160.89
CA GLU NC 43 -78.31 108.32 -161.27
C GLU NC 43 -79.58 107.58 -161.65
N GLU NC 44 -79.99 106.61 -160.83
CA GLU NC 44 -81.26 105.93 -161.09
C GLU NC 44 -82.00 105.51 -159.83
N TRP NC 45 -81.65 106.02 -158.65
CA TRP NC 45 -82.19 105.47 -157.41
C TRP NC 45 -82.85 106.52 -156.52
N LYS NC 46 -83.16 107.70 -157.04
CA LYS NC 46 -83.84 108.71 -156.25
C LYS NC 46 -85.24 108.23 -155.86
N GLY NC 47 -85.72 108.73 -154.71
CA GLY NC 47 -87.04 108.38 -154.26
C GLY NC 47 -87.27 106.91 -153.97
N TYR NC 48 -86.20 106.15 -153.74
CA TYR NC 48 -86.30 104.72 -153.49
C TYR NC 48 -85.92 104.46 -152.04
N VAL NC 49 -86.91 104.54 -151.15
CA VAL NC 49 -86.69 104.22 -149.75
C VAL NC 49 -86.97 102.75 -149.53
N VAL NC 50 -86.00 102.05 -148.91
CA VAL NC 50 -86.00 100.60 -148.87
C VAL NC 50 -86.09 100.11 -147.44
N ARG NC 51 -86.78 99.00 -147.27
CA ARG NC 51 -86.82 98.25 -146.02
C ARG NC 51 -85.99 96.98 -146.22
N ILE NC 52 -85.07 96.73 -145.30
CA ILE NC 52 -84.18 95.59 -145.39
C ILE NC 52 -84.91 94.34 -144.92
N SER NC 53 -84.63 93.22 -145.58
CA SER NC 53 -85.36 91.97 -145.32
C SER NC 53 -84.42 90.85 -144.89
N GLY NC 54 -83.43 91.15 -144.06
CA GLY NC 54 -82.58 90.11 -143.52
C GLY NC 54 -81.21 90.04 -144.17
N GLY NC 55 -80.89 88.91 -144.77
CA GLY NC 55 -79.60 88.66 -145.36
C GLY NC 55 -79.04 87.33 -144.91
N ASN NC 56 -77.90 86.98 -145.50
CA ASN NC 56 -77.22 85.74 -145.15
C ASN NC 56 -75.71 86.00 -145.07
N ASP NC 57 -75.10 85.51 -143.99
CA ASP NC 57 -73.72 85.84 -143.68
C ASP NC 57 -72.77 85.10 -144.62
N LYS NC 58 -71.47 85.31 -144.42
CA LYS NC 58 -70.46 84.74 -145.31
C LYS NC 58 -70.36 83.23 -145.20
N GLN NC 59 -70.93 82.63 -144.16
CA GLN NC 59 -70.93 81.18 -144.02
C GLN NC 59 -72.28 80.55 -144.33
N GLY NC 60 -73.29 81.37 -144.65
CA GLY NC 60 -74.59 80.83 -144.99
C GLY NC 60 -75.60 80.80 -143.86
N PHE NC 61 -75.31 81.46 -142.74
CA PHE NC 61 -76.24 81.47 -141.61
C PHE NC 61 -77.11 82.72 -141.66
N PRO NC 62 -78.43 82.58 -141.78
CA PRO NC 62 -79.29 83.76 -141.87
C PRO NC 62 -79.42 84.47 -140.54
N MET NC 63 -79.84 85.73 -140.61
CA MET NC 63 -80.08 86.56 -139.44
C MET NC 63 -81.57 86.61 -139.11
N LYS NC 64 -81.86 86.70 -137.81
CA LYS NC 64 -83.22 86.69 -137.29
C LYS NC 64 -83.61 88.07 -136.77
N GLN NC 65 -84.91 88.32 -136.74
CA GLN NC 65 -85.41 89.57 -136.19
C GLN NC 65 -85.23 89.63 -134.69
N GLY NC 66 -84.77 90.77 -134.19
CA GLY NC 66 -84.70 90.97 -132.76
C GLY NC 66 -83.45 90.46 -132.06
N VAL NC 67 -82.40 90.13 -132.82
CA VAL NC 67 -81.16 89.72 -132.17
C VAL NC 67 -80.54 90.90 -131.44
N LEU NC 68 -80.62 92.10 -132.01
CA LEU NC 68 -80.11 93.33 -131.41
C LEU NC 68 -78.62 93.25 -131.12
N THR NC 69 -77.89 92.50 -131.92
CA THR NC 69 -76.43 92.43 -131.82
C THR NC 69 -75.90 91.77 -133.08
N HIS NC 70 -74.98 92.46 -133.76
CA HIS NC 70 -74.38 91.88 -134.95
C HIS NC 70 -73.51 90.67 -134.57
N GLY NC 71 -73.43 89.72 -135.49
CA GLY NC 71 -72.64 88.53 -135.30
C GLY NC 71 -73.50 87.28 -135.32
N ARG NC 72 -72.88 86.15 -134.97
CA ARG NC 72 -73.56 84.86 -134.93
C ARG NC 72 -73.64 84.38 -133.49
N VAL NC 73 -74.80 83.88 -133.09
CA VAL NC 73 -75.04 83.43 -131.73
C VAL NC 73 -75.81 82.12 -131.75
N ARG NC 74 -75.38 81.17 -130.94
CA ARG NC 74 -76.12 79.92 -130.78
C ARG NC 74 -77.36 80.16 -129.96
N LEU NC 75 -78.53 79.89 -130.55
CA LEU NC 75 -79.80 80.02 -129.86
C LEU NC 75 -80.61 78.74 -130.02
N LEU NC 76 -81.25 78.33 -128.93
CA LEU NC 76 -82.15 77.19 -128.95
C LEU NC 76 -83.47 77.64 -129.56
N LEU NC 77 -83.93 76.92 -130.57
CA LEU NC 77 -85.10 77.32 -131.34
C LEU NC 77 -86.16 76.22 -131.29
N SER NC 78 -87.42 76.66 -131.37
CA SER NC 78 -88.58 75.78 -131.40
C SER NC 78 -89.37 76.03 -132.67
N LYS NC 79 -90.54 75.41 -132.75
CA LYS NC 79 -91.36 75.51 -133.94
C LYS NC 79 -92.04 76.88 -134.01
N GLY NC 80 -91.94 77.52 -135.17
CA GLY NC 80 -92.62 78.77 -135.39
C GLY NC 80 -91.86 80.03 -135.04
N HIS NC 81 -90.57 79.92 -134.70
CA HIS NC 81 -89.80 81.12 -134.40
C HIS NC 81 -89.29 81.78 -135.67
N SER NC 82 -88.36 81.11 -136.36
CA SER NC 82 -87.88 81.48 -137.70
C SER NC 82 -86.80 80.49 -138.10
N CYS NC 83 -86.47 80.50 -139.39
CA CYS NC 83 -85.34 79.79 -139.99
C CYS NC 83 -85.10 78.41 -139.38
N TYR NC 84 -86.17 77.68 -139.11
CA TYR NC 84 -86.06 76.38 -138.46
C TYR NC 84 -87.34 75.61 -138.71
N ARG NC 85 -87.24 74.51 -139.46
CA ARG NC 85 -88.36 73.63 -139.66
C ARG NC 85 -88.18 72.41 -138.77
N PRO NC 86 -88.95 72.28 -137.70
CA PRO NC 86 -88.78 71.13 -136.81
C PRO NC 86 -89.10 69.83 -137.51
N ARG NC 87 -88.31 68.81 -137.21
CA ARG NC 87 -88.49 67.52 -137.87
C ARG NC 87 -89.60 66.68 -137.24
N ARG NC 88 -90.04 67.03 -136.03
CA ARG NC 88 -91.16 66.34 -135.40
C ARG NC 88 -91.81 67.29 -134.40
N THR NC 89 -93.03 66.93 -133.99
CA THR NC 89 -93.80 67.79 -133.13
C THR NC 89 -93.11 68.00 -131.78
N GLY NC 90 -93.05 69.25 -131.33
CA GLY NC 90 -92.50 69.58 -130.04
C GLY NC 90 -90.99 69.54 -129.95
N GLU NC 91 -90.30 69.19 -131.03
CA GLU NC 91 -88.85 69.10 -131.01
C GLU NC 91 -88.24 70.49 -131.00
N ARG NC 92 -87.22 70.68 -130.17
CA ARG NC 92 -86.53 71.95 -130.03
C ARG NC 92 -85.06 71.75 -130.36
N LYS NC 93 -84.52 72.65 -131.18
CA LYS NC 93 -83.15 72.54 -131.65
C LYS NC 93 -82.42 73.86 -131.43
N ARG NC 94 -81.13 73.75 -131.11
CA ARG NC 94 -80.29 74.91 -130.89
C ARG NC 94 -79.47 75.16 -132.15
N LYS NC 95 -79.77 76.25 -132.86
CA LYS NC 95 -79.11 76.59 -134.10
C LYS NC 95 -78.24 77.83 -133.91
N SER NC 96 -77.49 78.16 -134.95
CA SER NC 96 -76.66 79.35 -134.99
C SER NC 96 -77.24 80.31 -136.01
N VAL NC 97 -77.46 81.56 -135.60
CA VAL NC 97 -78.06 82.56 -136.45
C VAL NC 97 -77.19 83.82 -136.44
N ARG NC 98 -77.26 84.55 -137.54
CA ARG NC 98 -76.60 85.85 -137.63
C ARG NC 98 -77.42 86.89 -136.88
N GLY NC 99 -76.76 87.98 -136.49
CA GLY NC 99 -77.41 89.00 -135.71
C GLY NC 99 -78.14 89.99 -136.59
N CYS NC 100 -79.19 90.60 -136.04
CA CYS NC 100 -80.07 91.45 -136.84
C CYS NC 100 -79.40 92.76 -137.27
N ILE NC 101 -78.24 93.09 -136.71
CA ILE NC 101 -77.52 94.28 -137.12
C ILE NC 101 -76.64 93.91 -138.30
N VAL NC 102 -76.85 94.57 -139.44
CA VAL NC 102 -76.11 94.25 -140.66
C VAL NC 102 -74.79 95.00 -140.67
N ASP NC 103 -73.71 94.28 -140.93
CA ASP NC 103 -72.39 94.89 -141.03
C ASP NC 103 -71.68 94.42 -142.30
N ALA NC 104 -70.39 94.77 -142.43
CA ALA NC 104 -69.64 94.40 -143.61
C ALA NC 104 -69.46 92.89 -143.76
N ASN NC 105 -69.55 92.14 -142.66
CA ASN NC 105 -69.30 90.70 -142.67
C ASN NC 105 -70.52 89.94 -143.19
N LEU NC 106 -70.89 90.26 -144.42
CA LEU NC 106 -72.09 89.72 -145.02
C LEU NC 106 -71.80 89.14 -146.40
N SER NC 107 -72.67 88.22 -146.83
CA SER NC 107 -72.52 87.54 -148.11
C SER NC 107 -73.60 87.94 -149.11
N VAL NC 108 -74.87 87.99 -148.68
CA VAL NC 108 -75.96 88.49 -149.50
C VAL NC 108 -76.91 89.30 -148.62
N LEU NC 109 -77.33 90.46 -149.11
CA LEU NC 109 -78.24 91.34 -148.40
C LEU NC 109 -79.49 91.51 -149.23
N ASN NC 110 -80.65 91.35 -148.60
CA ASN NC 110 -81.94 91.46 -149.28
C ASN NC 110 -82.74 92.61 -148.68
N LEU NC 111 -83.61 93.19 -149.50
CA LEU NC 111 -84.24 94.44 -149.14
C LEU NC 111 -85.35 94.73 -150.15
N VAL NC 112 -86.34 95.53 -149.75
CA VAL NC 112 -87.51 95.81 -150.57
C VAL NC 112 -87.83 97.29 -150.48
N ILE NC 113 -88.03 97.93 -151.64
CA ILE NC 113 -88.48 99.31 -151.72
C ILE NC 113 -89.97 99.35 -151.44
N VAL NC 114 -90.43 100.37 -150.72
CA VAL NC 114 -91.85 100.55 -150.46
C VAL NC 114 -92.41 101.81 -151.12
N LYS NC 115 -91.58 102.65 -151.72
CA LYS NC 115 -92.07 103.85 -152.40
C LYS NC 115 -91.32 104.04 -153.72
N LYS NC 116 -92.09 104.23 -154.79
CA LYS NC 116 -91.51 104.47 -156.10
C LYS NC 116 -90.76 105.80 -156.11
N GLY NC 117 -89.76 105.89 -156.99
CA GLY NC 117 -88.93 107.07 -157.07
C GLY NC 117 -89.21 107.93 -158.29
N GLU NC 118 -88.16 108.55 -158.84
CA GLU NC 118 -88.35 109.48 -159.95
C GLU NC 118 -88.68 108.77 -161.25
N LYS NC 119 -88.17 107.55 -161.45
CA LYS NC 119 -88.43 106.81 -162.67
C LYS NC 119 -88.21 105.34 -162.39
N ASP NC 120 -88.10 104.55 -163.46
CA ASP NC 120 -88.09 103.10 -163.35
C ASP NC 120 -86.67 102.57 -163.18
N ILE NC 121 -86.58 101.38 -162.59
CA ILE NC 121 -85.32 100.66 -162.43
C ILE NC 121 -85.17 99.72 -163.62
N PRO NC 122 -84.05 99.76 -164.34
CA PRO NC 122 -83.91 98.95 -165.56
C PRO NC 122 -84.01 97.46 -165.25
N GLY NC 123 -85.01 96.82 -165.86
CA GLY NC 123 -85.19 95.40 -165.75
C GLY NC 123 -85.92 94.91 -164.52
N LEU NC 124 -86.40 95.82 -163.66
CA LEU NC 124 -87.07 95.40 -162.44
C LEU NC 124 -88.54 95.82 -162.41
N THR NC 125 -88.83 97.11 -162.57
CA THR NC 125 -90.18 97.62 -162.33
C THR NC 125 -91.11 97.45 -163.54
N ASP NC 126 -90.60 96.94 -164.65
CA ASP NC 126 -91.43 96.61 -165.81
C ASP NC 126 -91.72 95.12 -165.85
N THR NC 127 -92.67 94.76 -166.72
CA THR NC 127 -93.09 93.37 -166.92
C THR NC 127 -93.45 92.71 -165.59
N THR NC 128 -94.43 93.30 -164.91
CA THR NC 128 -94.90 92.72 -163.67
C THR NC 128 -95.53 91.36 -163.93
N VAL NC 129 -95.15 90.37 -163.14
CA VAL NC 129 -95.63 89.00 -163.29
C VAL NC 129 -96.92 88.87 -162.49
N PRO NC 130 -98.04 88.50 -163.11
CA PRO NC 130 -99.31 88.43 -162.37
C PRO NC 130 -99.27 87.44 -161.23
N ARG NC 131 -100.28 87.52 -160.35
CA ARG NC 131 -100.44 86.52 -159.32
C ARG NC 131 -100.61 85.14 -159.95
N ARG NC 132 -99.96 84.14 -159.33
CA ARG NC 132 -100.01 82.80 -159.90
C ARG NC 132 -101.41 82.22 -159.89
N LEU NC 133 -102.16 82.40 -158.80
CA LEU NC 133 -103.46 81.76 -158.69
C LEU NC 133 -104.32 82.57 -157.72
N GLY NC 134 -105.63 82.50 -157.94
CA GLY NC 134 -106.57 83.35 -157.25
C GLY NC 134 -107.18 82.72 -156.02
N PRO NC 135 -108.40 83.13 -155.69
CA PRO NC 135 -109.01 82.77 -154.41
C PRO NC 135 -109.56 81.35 -154.40
N LYS NC 136 -109.73 80.84 -153.18
CA LYS NC 136 -110.34 79.54 -152.94
C LYS NC 136 -111.48 79.60 -151.94
N ARG NC 137 -111.36 80.41 -150.90
CA ARG NC 137 -112.46 80.62 -149.97
C ARG NC 137 -113.57 81.40 -150.67
N ALA NC 138 -114.80 80.91 -150.55
CA ALA NC 138 -115.89 81.61 -151.22
C ALA NC 138 -116.39 82.77 -150.38
N SER NC 139 -115.46 83.57 -149.88
CA SER NC 139 -115.74 84.91 -149.37
C SER NC 139 -114.72 85.85 -149.99
N ARG NC 140 -113.49 85.35 -150.13
CA ARG NC 140 -112.43 86.12 -150.77
C ARG NC 140 -112.76 86.40 -152.23
N ILE NC 141 -113.22 85.38 -152.96
CA ILE NC 141 -113.54 85.57 -154.37
C ILE NC 141 -114.62 86.61 -154.54
N ARG NC 142 -115.65 86.56 -153.69
CA ARG NC 142 -116.72 87.55 -153.74
C ARG NC 142 -116.24 88.93 -153.32
N LYS NC 143 -115.30 89.01 -152.38
CA LYS NC 143 -114.80 90.30 -151.94
C LYS NC 143 -113.97 90.98 -153.02
N LEU NC 144 -113.08 90.23 -153.69
CA LEU NC 144 -112.29 90.82 -154.75
C LEU NC 144 -113.18 91.33 -155.89
N PHE NC 145 -114.34 90.72 -156.09
CA PHE NC 145 -115.26 91.14 -157.13
C PHE NC 145 -116.38 92.03 -156.59
N ASN NC 146 -116.32 92.40 -155.31
CA ASN NC 146 -117.34 93.23 -154.68
C ASN NC 146 -118.73 92.62 -154.84
N LEU NC 147 -118.81 91.31 -154.65
CA LEU NC 147 -120.08 90.61 -154.69
C LEU NC 147 -120.70 90.63 -153.30
N SER NC 148 -121.95 91.10 -153.23
CA SER NC 148 -122.63 91.32 -151.95
C SER NC 148 -123.44 90.12 -151.49
N LYS NC 149 -124.34 89.63 -152.35
CA LYS NC 149 -125.21 88.52 -151.98
C LYS NC 149 -125.77 87.89 -153.25
N GLU NC 150 -125.72 86.55 -153.30
CA GLU NC 150 -126.16 85.74 -154.45
C GLU NC 150 -125.75 86.35 -155.80
N ASP NC 151 -124.59 86.98 -155.86
CA ASP NC 151 -124.19 87.69 -157.07
C ASP NC 151 -123.61 86.75 -158.10
N ASP NC 152 -123.97 85.47 -158.00
CA ASP NC 152 -123.53 84.43 -158.93
C ASP NC 152 -122.01 84.30 -158.92
N VAL NC 153 -121.46 83.93 -157.76
CA VAL NC 153 -120.07 83.54 -157.66
C VAL NC 153 -119.76 82.32 -158.50
N ARG NC 154 -120.78 81.55 -158.88
CA ARG NC 154 -120.57 80.29 -159.59
C ARG NC 154 -119.86 80.49 -160.93
N GLN NC 155 -120.32 81.47 -161.71
CA GLN NC 155 -119.75 81.68 -163.04
C GLN NC 155 -118.44 82.45 -163.01
N TYR NC 156 -118.28 83.39 -162.10
CA TYR NC 156 -117.23 84.38 -162.21
C TYR NC 156 -115.93 83.95 -161.54
N VAL NC 157 -115.71 82.64 -161.41
CA VAL NC 157 -114.43 82.19 -160.91
C VAL NC 157 -113.36 82.37 -161.98
N VAL NC 158 -112.11 82.31 -161.54
CA VAL NC 158 -110.98 82.45 -162.45
C VAL NC 158 -110.81 81.18 -163.26
N ARG NC 159 -110.67 81.32 -164.57
CA ARG NC 159 -110.42 80.19 -165.46
C ARG NC 159 -108.96 80.20 -165.87
N LYS NC 160 -108.27 79.09 -165.63
CA LYS NC 160 -106.85 79.00 -165.94
C LYS NC 160 -106.67 78.26 -167.25
N PRO NC 161 -106.26 78.93 -168.32
CA PRO NC 161 -106.06 78.23 -169.59
C PRO NC 161 -104.70 77.60 -169.70
N LEU NC 162 -104.66 76.26 -169.80
CA LEU NC 162 -103.43 75.52 -170.01
C LEU NC 162 -103.29 75.24 -171.50
N ASN NC 163 -102.17 75.67 -172.06
CA ASN NC 163 -102.00 75.72 -173.51
C ASN NC 163 -100.69 75.10 -173.94
N LYS NC 164 -100.35 73.95 -173.38
CA LYS NC 164 -99.17 73.24 -173.83
C LYS NC 164 -99.42 72.61 -175.20
N GLU NC 165 -98.36 72.58 -176.01
CA GLU NC 165 -98.47 72.08 -177.37
C GLU NC 165 -98.76 70.59 -177.42
N GLY NC 166 -98.59 69.87 -176.32
CA GLY NC 166 -98.87 68.45 -176.27
C GLY NC 166 -100.30 68.10 -175.93
N LYS NC 167 -101.19 69.08 -175.89
CA LYS NC 167 -102.57 68.85 -175.47
C LYS NC 167 -103.47 69.93 -176.06
N LYS NC 168 -104.77 69.64 -176.09
CA LYS NC 168 -105.72 70.65 -176.49
C LYS NC 168 -105.81 71.74 -175.42
N PRO NC 169 -105.97 73.00 -175.82
CA PRO NC 169 -105.92 74.09 -174.84
C PRO NC 169 -107.16 74.06 -173.97
N ARG NC 170 -106.97 73.74 -172.69
CA ARG NC 170 -108.07 73.53 -171.77
C ARG NC 170 -108.01 74.55 -170.63
N THR NC 171 -109.20 74.94 -170.17
CA THR NC 171 -109.35 75.81 -169.03
C THR NC 171 -109.37 74.98 -167.75
N LYS NC 172 -108.85 75.56 -166.67
CA LYS NC 172 -108.84 74.91 -165.37
C LYS NC 172 -109.55 75.82 -164.36
N ALA NC 173 -110.37 75.21 -163.51
CA ALA NC 173 -110.99 75.92 -162.41
C ALA NC 173 -110.71 75.20 -161.11
N PRO NC 174 -110.49 75.94 -160.03
CA PRO NC 174 -110.19 75.31 -158.74
C PRO NC 174 -111.45 74.91 -157.97
N LYS NC 175 -111.21 74.18 -156.87
CA LYS NC 175 -112.27 73.69 -156.01
C LYS NC 175 -112.49 74.71 -154.88
N ILE NC 176 -113.33 75.70 -155.16
CA ILE NC 176 -113.59 76.74 -154.16
C ILE NC 176 -114.40 76.14 -153.02
N GLN NC 177 -114.04 76.53 -151.79
CA GLN NC 177 -114.67 76.00 -150.59
C GLN NC 177 -115.32 77.13 -149.81
N ARG NC 178 -116.06 76.75 -148.78
CA ARG NC 178 -116.88 77.68 -147.98
C ARG NC 178 -117.89 78.41 -148.86
N LEU NC 179 -118.55 77.66 -149.74
CA LEU NC 179 -119.64 78.20 -150.55
C LEU NC 179 -120.94 77.52 -150.15
N VAL NC 180 -122.03 78.27 -150.15
CA VAL NC 180 -123.33 77.71 -149.77
C VAL NC 180 -123.76 76.76 -150.89
N THR NC 181 -123.69 75.46 -150.62
CA THR NC 181 -124.03 74.35 -151.49
C THR NC 181 -125.35 73.72 -151.05
N PRO NC 182 -126.19 73.29 -152.00
CA PRO NC 182 -127.35 72.49 -151.59
C PRO NC 182 -126.97 71.25 -150.80
N ARG NC 183 -125.79 70.69 -151.08
CA ARG NC 183 -125.29 69.58 -150.28
C ARG NC 183 -125.06 70.01 -148.84
N VAL NC 184 -124.49 71.19 -148.64
CA VAL NC 184 -124.25 71.69 -147.28
C VAL NC 184 -125.58 71.91 -146.56
N LEU NC 185 -126.56 72.48 -147.25
CA LEU NC 185 -127.87 72.71 -146.63
C LEU NC 185 -128.54 71.38 -146.28
N GLN NC 186 -128.39 70.38 -147.15
CA GLN NC 186 -128.94 69.07 -146.84
C GLN NC 186 -128.24 68.45 -145.64
N HIS NC 187 -126.93 68.62 -145.52
CA HIS NC 187 -126.22 68.16 -144.34
C HIS NC 187 -126.74 68.85 -143.09
N LYS NC 188 -126.97 70.16 -143.18
CA LYS NC 188 -127.53 70.88 -142.05
C LYS NC 188 -128.89 70.33 -141.68
N ARG NC 189 -129.74 70.08 -142.69
CA ARG NC 189 -131.05 69.50 -142.45
C ARG NC 189 -130.94 68.15 -141.78
N ARG NC 190 -129.96 67.34 -142.19
CA ARG NC 190 -129.73 66.06 -141.54
C ARG NC 190 -129.40 66.25 -140.07
N ARG NC 191 -128.53 67.22 -139.78
CA ARG NC 191 -128.15 67.47 -138.39
C ARG NC 191 -129.36 67.89 -137.55
N ILE NC 192 -130.15 68.83 -138.07
CA ILE NC 192 -131.32 69.28 -137.31
C ILE NC 192 -132.33 68.17 -137.16
N ALA NC 193 -132.46 67.31 -138.17
CA ALA NC 193 -133.33 66.14 -138.05
C ALA NC 193 -132.84 65.24 -136.94
N LEU NC 194 -131.53 65.05 -136.83
CA LEU NC 194 -130.98 64.27 -135.72
C LEU NC 194 -131.35 64.88 -134.39
N LYS NC 195 -131.21 66.21 -134.27
CA LYS NC 195 -131.60 66.88 -133.03
C LYS NC 195 -133.07 66.65 -132.73
N LYS NC 196 -133.92 66.78 -133.76
CA LYS NC 196 -135.36 66.59 -133.59
C LYS NC 196 -135.67 65.20 -133.09
N GLN NC 197 -135.16 64.18 -133.78
CA GLN NC 197 -135.49 62.80 -133.41
C GLN NC 197 -134.90 62.43 -132.06
N ARG NC 198 -133.74 62.98 -131.71
CA ARG NC 198 -133.13 62.61 -130.44
C ARG NC 198 -133.84 63.26 -129.27
N THR NC 199 -134.28 64.52 -129.39
CA THR NC 199 -135.07 65.10 -128.31
C THR NC 199 -136.45 64.45 -128.25
N LYS NC 200 -136.99 64.04 -129.40
CA LYS NC 200 -138.23 63.28 -129.39
C LYS NC 200 -138.06 61.96 -128.66
N LYS NC 201 -136.95 61.27 -128.90
CA LYS NC 201 -136.66 60.03 -128.18
C LYS NC 201 -136.55 60.30 -126.69
N ASN NC 202 -135.86 61.39 -126.31
CA ASN NC 202 -135.76 61.75 -124.91
C ASN NC 202 -137.14 61.92 -124.30
N LYS NC 203 -137.99 62.70 -124.95
CA LYS NC 203 -139.31 62.99 -124.39
C LYS NC 203 -140.17 61.73 -124.30
N GLU NC 204 -140.20 60.92 -125.36
CA GLU NC 204 -141.05 59.72 -125.34
C GLU NC 204 -140.53 58.72 -124.33
N GLU NC 205 -139.21 58.62 -124.19
CA GLU NC 205 -138.63 57.69 -123.25
C GLU NC 205 -138.95 58.10 -121.82
N ALA NC 206 -138.87 59.42 -121.55
CA ALA NC 206 -139.24 59.92 -120.23
C ALA NC 206 -140.72 59.68 -119.94
N ALA NC 207 -141.59 59.92 -120.93
CA ALA NC 207 -143.02 59.70 -120.72
C ALA NC 207 -143.31 58.23 -120.47
N GLU NC 208 -142.68 57.34 -121.24
CA GLU NC 208 -142.90 55.91 -121.06
C GLU NC 208 -142.42 55.44 -119.69
N TYR NC 209 -141.28 55.97 -119.23
CA TYR NC 209 -140.79 55.61 -117.90
C TYR NC 209 -141.68 56.17 -116.81
N ALA NC 210 -142.19 57.38 -116.98
CA ALA NC 210 -143.12 57.94 -116.00
C ALA NC 210 -144.40 57.11 -115.93
N LYS NC 211 -144.89 56.65 -117.08
CA LYS NC 211 -146.07 55.79 -117.08
C LYS NC 211 -145.76 54.46 -116.38
N LEU NC 212 -144.56 53.93 -116.58
CA LEU NC 212 -144.18 52.72 -115.87
C LEU NC 212 -144.16 52.93 -114.37
N LEU NC 213 -143.53 54.02 -113.91
CA LEU NC 213 -143.48 54.32 -112.49
C LEU NC 213 -144.84 54.69 -111.93
N ALA NC 214 -145.80 55.03 -112.80
CA ALA NC 214 -147.20 55.02 -112.37
C ALA NC 214 -147.67 53.59 -112.17
N LYS NC 215 -147.41 52.71 -113.15
CA LYS NC 215 -147.70 51.29 -112.97
C LYS NC 215 -146.84 50.71 -111.85
N ARG NC 216 -145.54 50.98 -111.87
CA ARG NC 216 -144.72 50.65 -110.73
C ARG NC 216 -145.07 51.58 -109.57
N MET NC 217 -144.54 51.26 -108.39
CA MET NC 217 -144.74 52.07 -107.19
C MET NC 217 -146.22 51.98 -106.78
N LYS NC 218 -147.04 51.37 -107.63
CA LYS NC 218 -148.43 51.13 -107.26
C LYS NC 218 -148.59 49.77 -106.58
N GLU NC 219 -147.83 48.77 -107.04
CA GLU NC 219 -147.76 47.51 -106.32
C GLU NC 219 -147.12 47.69 -104.95
N ALA NC 220 -146.21 48.68 -104.81
CA ALA NC 220 -145.69 48.98 -103.48
C ALA NC 220 -146.77 49.53 -102.57
N LYS NC 221 -147.65 50.39 -103.10
CA LYS NC 221 -148.79 50.83 -102.31
C LYS NC 221 -149.74 49.68 -102.02
N GLU NC 222 -149.85 48.73 -102.96
CA GLU NC 222 -150.62 47.53 -102.69
C GLU NC 222 -150.03 46.77 -101.52
N LYS NC 223 -148.71 46.67 -101.47
CA LYS NC 223 -148.04 45.94 -100.38
C LYS NC 223 -148.21 46.67 -99.04
N ARG NC 224 -148.09 48.00 -99.04
CA ARG NC 224 -148.27 48.72 -97.79
C ARG NC 224 -149.72 48.63 -97.31
N GLN NC 225 -150.69 48.68 -98.23
CA GLN NC 225 -152.08 48.48 -97.86
C GLN NC 225 -152.35 47.06 -97.42
N GLU NC 226 -151.62 46.10 -97.99
CA GLU NC 226 -151.70 44.71 -97.52
C GLU NC 226 -151.21 44.61 -96.08
N GLN NC 227 -150.11 45.29 -95.76
CA GLN NC 227 -149.62 45.32 -94.38
C GLN NC 227 -150.66 45.93 -93.45
N ILE NC 228 -151.24 47.05 -93.85
CA ILE NC 228 -152.22 47.73 -93.00
C ILE NC 228 -153.46 46.85 -92.82
N ALA NC 229 -153.93 46.21 -93.90
CA ALA NC 229 -155.10 45.36 -93.82
C ALA NC 229 -154.84 44.10 -93.00
N LYS NC 230 -153.62 43.56 -93.07
CA LYS NC 230 -153.26 42.45 -92.20
C LYS NC 230 -153.27 42.88 -90.73
N ARG NC 231 -152.72 44.07 -90.45
CA ARG NC 231 -152.71 44.57 -89.08
C ARG NC 231 -154.14 44.77 -88.55
N ARG NC 232 -155.01 45.36 -89.35
CA ARG NC 232 -156.36 45.67 -88.88
C ARG NC 232 -157.26 44.44 -88.85
N ARG NC 233 -157.10 43.51 -89.79
CA ARG NC 233 -158.05 42.41 -89.95
C ARG NC 233 -158.10 41.53 -88.72
N LEU NC 234 -156.94 41.13 -88.21
CA LEU NC 234 -156.86 40.22 -87.08
C LEU NC 234 -156.44 41.05 -85.86
N SER NC 235 -157.43 41.56 -85.14
CA SER NC 235 -157.20 42.37 -83.96
C SER NC 235 -157.90 41.84 -82.72
N SER NC 236 -158.69 40.78 -82.83
CA SER NC 236 -159.35 40.15 -81.71
C SER NC 236 -159.03 38.68 -81.56
N LEU NC 237 -158.68 38.00 -82.65
CA LEU NC 237 -158.31 36.59 -82.60
C LEU NC 237 -156.80 36.42 -82.71
N PRO OC 1 -89.19 35.63 -129.73
CA PRO OC 1 -88.53 35.85 -131.02
C PRO OC 1 -88.78 34.75 -132.04
N VAL OC 2 -88.08 33.63 -131.90
CA VAL OC 2 -88.17 32.58 -132.92
C VAL OC 2 -89.30 31.62 -132.59
N ALA OC 3 -89.88 31.03 -133.63
CA ALA OC 3 -91.02 30.14 -133.52
C ALA OC 3 -90.60 28.68 -133.44
N ARG OC 4 -89.44 28.40 -132.87
CA ARG OC 4 -88.96 27.04 -132.74
C ARG OC 4 -89.48 26.44 -131.43
N SER OC 5 -89.06 25.22 -131.11
CA SER OC 5 -89.56 24.49 -129.95
C SER OC 5 -88.48 24.16 -128.93
N TRP OC 6 -87.33 23.66 -129.38
CA TRP OC 6 -86.28 23.16 -128.49
C TRP OC 6 -86.82 22.11 -127.54
N VAL OC 7 -87.68 21.24 -128.03
CA VAL OC 7 -88.24 20.15 -127.23
C VAL OC 7 -87.64 18.84 -127.72
N CYS OC 8 -87.01 18.11 -126.79
CA CYS OC 8 -86.34 16.86 -127.13
C CYS OC 8 -85.90 16.16 -125.86
N ARG OC 9 -85.96 14.84 -125.83
CA ARG OC 9 -85.42 14.08 -124.72
C ARG OC 9 -84.64 12.89 -125.26
N LYS OC 10 -83.60 12.50 -124.51
CA LYS OC 10 -82.84 11.31 -124.87
C LYS OC 10 -83.71 10.07 -124.72
N THR OC 11 -83.68 9.21 -125.73
CA THR OC 11 -84.44 7.97 -125.66
C THR OC 11 -83.70 6.87 -124.92
N TYR OC 12 -82.47 7.13 -124.48
CA TYR OC 12 -81.67 6.11 -123.84
C TYR OC 12 -80.86 6.71 -122.72
N VAL OC 13 -80.45 5.87 -121.79
CA VAL OC 13 -79.54 6.24 -120.73
C VAL OC 13 -78.41 5.21 -120.70
N THR OC 14 -77.20 5.67 -120.42
CA THR OC 14 -76.08 4.77 -120.31
C THR OC 14 -76.16 3.97 -119.02
N PRO OC 15 -75.65 2.75 -119.00
CA PRO OC 15 -75.46 2.06 -117.72
C PRO OC 15 -74.51 2.84 -116.84
N ARG OC 16 -74.80 2.84 -115.54
CA ARG OC 16 -73.99 3.61 -114.62
C ARG OC 16 -72.67 2.93 -114.31
N ARG OC 17 -72.63 1.60 -114.31
CA ARG OC 17 -71.41 0.86 -113.97
C ARG OC 17 -70.79 0.28 -115.23
N PRO OC 18 -69.67 0.82 -115.69
CA PRO OC 18 -69.07 0.33 -116.94
C PRO OC 18 -68.16 -0.86 -116.71
N PHE OC 19 -67.89 -1.57 -117.80
CA PHE OC 19 -66.95 -2.69 -117.83
C PHE OC 19 -67.34 -3.79 -116.84
N GLU OC 20 -68.59 -4.20 -116.87
CA GLU OC 20 -69.09 -5.30 -116.06
C GLU OC 20 -69.40 -6.46 -117.00
N LYS OC 21 -68.71 -7.58 -116.82
CA LYS OC 21 -68.73 -8.63 -117.84
C LYS OC 21 -70.12 -9.22 -118.01
N SER OC 22 -70.85 -9.47 -116.92
CA SER OC 22 -72.12 -10.18 -117.03
C SER OC 22 -73.14 -9.38 -117.83
N ARG OC 23 -73.25 -8.08 -117.57
CA ARG OC 23 -74.15 -7.25 -118.36
C ARG OC 23 -73.69 -7.17 -119.81
N LEU OC 24 -72.37 -7.15 -120.04
CA LEU OC 24 -71.87 -7.15 -121.41
C LEU OC 24 -72.30 -8.40 -122.15
N ASP OC 25 -72.17 -9.56 -121.50
CA ASP OC 25 -72.58 -10.82 -122.11
C ASP OC 25 -74.07 -10.84 -122.36
N GLN OC 26 -74.86 -10.35 -121.40
CA GLN OC 26 -76.31 -10.35 -121.58
C GLN OC 26 -76.71 -9.48 -122.76
N GLU OC 27 -76.22 -8.24 -122.79
CA GLU OC 27 -76.56 -7.35 -123.88
C GLU OC 27 -76.03 -7.87 -125.21
N LEU OC 28 -74.89 -8.57 -125.18
CA LEU OC 28 -74.39 -9.17 -126.41
C LEU OC 28 -75.31 -10.28 -126.89
N LYS OC 29 -75.82 -11.09 -125.97
CA LYS OC 29 -76.85 -12.06 -126.33
C LYS OC 29 -78.02 -11.36 -127.00
N LEU OC 30 -78.51 -10.28 -126.38
CA LEU OC 30 -79.68 -9.60 -126.91
C LEU OC 30 -79.41 -9.06 -128.30
N ILE OC 31 -78.25 -8.45 -128.52
CA ILE OC 31 -77.96 -7.87 -129.81
C ILE OC 31 -77.75 -8.96 -130.86
N GLY OC 32 -77.14 -10.07 -130.47
CA GLY OC 32 -76.88 -11.14 -131.41
C GLY OC 32 -78.14 -11.84 -131.83
N GLU OC 33 -78.92 -12.34 -130.88
CA GLU OC 33 -80.14 -13.06 -131.22
C GLU OC 33 -81.31 -12.14 -131.51
N TYR OC 34 -81.11 -10.83 -131.43
CA TYR OC 34 -82.12 -9.87 -131.86
C TYR OC 34 -81.62 -8.94 -132.96
N GLY OC 35 -80.35 -9.06 -133.34
CA GLY OC 35 -79.86 -8.39 -134.54
C GLY OC 35 -79.90 -6.88 -134.52
N LEU OC 36 -79.66 -6.27 -133.37
CA LEU OC 36 -79.58 -4.82 -133.34
C LEU OC 36 -78.22 -4.34 -133.84
N ARG OC 37 -78.14 -3.02 -134.08
CA ARG OC 37 -76.91 -2.41 -134.56
C ARG OC 37 -75.93 -2.16 -133.42
N ASN OC 38 -76.40 -1.55 -132.33
CA ASN OC 38 -75.51 -1.14 -131.26
C ASN OC 38 -76.29 -1.12 -129.95
N LYS OC 39 -75.54 -1.14 -128.85
CA LYS OC 39 -76.16 -1.20 -127.53
C LYS OC 39 -76.93 0.06 -127.18
N ARG OC 40 -76.80 1.13 -127.98
CA ARG OC 40 -77.63 2.31 -127.73
C ARG OC 40 -79.11 1.96 -127.83
N GLU OC 41 -79.49 1.14 -128.81
CA GLU OC 41 -80.89 0.72 -128.91
C GLU OC 41 -81.31 -0.15 -127.73
N VAL OC 42 -80.42 -1.03 -127.28
CA VAL OC 42 -80.74 -1.87 -126.12
C VAL OC 42 -80.99 -0.99 -124.91
N TRP OC 43 -80.13 -0.01 -124.69
CA TRP OC 43 -80.34 0.91 -123.59
C TRP OC 43 -81.60 1.72 -123.79
N ARG OC 44 -81.95 2.05 -125.04
CA ARG OC 44 -83.14 2.86 -125.27
C ARG OC 44 -84.40 2.07 -124.92
N VAL OC 45 -84.47 0.80 -125.32
CA VAL OC 45 -85.63 0.01 -124.97
C VAL OC 45 -85.65 -0.26 -123.46
N LYS OC 46 -84.48 -0.46 -122.86
CA LYS OC 46 -84.43 -0.61 -121.41
C LYS OC 46 -84.93 0.64 -120.72
N PHE OC 47 -84.59 1.81 -121.25
CA PHE OC 47 -85.05 3.06 -120.68
C PHE OC 47 -86.56 3.20 -120.79
N THR OC 48 -87.12 2.81 -121.94
CA THR OC 48 -88.57 2.77 -122.07
C THR OC 48 -89.20 1.88 -121.00
N LEU OC 49 -88.63 0.68 -120.83
CA LEU OC 49 -89.10 -0.23 -119.78
C LEU OC 49 -89.01 0.41 -118.42
N ALA OC 50 -87.91 1.11 -118.15
CA ALA OC 50 -87.74 1.74 -116.84
C ALA OC 50 -88.80 2.79 -116.60
N LYS OC 51 -89.10 3.59 -117.62
CA LYS OC 51 -90.14 4.60 -117.48
C LYS OC 51 -91.49 3.97 -117.20
N ILE OC 52 -91.85 2.91 -117.93
CA ILE OC 52 -93.16 2.32 -117.69
C ILE OC 52 -93.20 1.66 -116.32
N ARG OC 53 -92.07 1.08 -115.88
CA ARG OC 53 -92.02 0.51 -114.54
C ARG OC 53 -92.19 1.58 -113.48
N LYS OC 54 -91.56 2.74 -113.66
CA LYS OC 54 -91.75 3.84 -112.72
C LYS OC 54 -93.21 4.26 -112.66
N ALA OC 55 -93.86 4.38 -113.82
CA ALA OC 55 -95.26 4.76 -113.85
C ALA OC 55 -96.14 3.74 -113.13
N ALA OC 56 -95.94 2.46 -113.44
CA ALA OC 56 -96.71 1.42 -112.79
C ALA OC 56 -96.48 1.42 -111.28
N ARG OC 57 -95.24 1.66 -110.87
CA ARG OC 57 -94.91 1.68 -109.44
C ARG OC 57 -95.63 2.82 -108.74
N GLU OC 58 -95.54 4.04 -109.29
CA GLU OC 58 -96.22 5.16 -108.65
C GLU OC 58 -97.73 5.03 -108.75
N LEU OC 59 -98.22 4.13 -109.60
CA LEU OC 59 -99.63 3.78 -109.51
C LEU OC 59 -99.91 2.82 -108.37
N LEU OC 60 -99.06 1.80 -108.20
CA LEU OC 60 -99.32 0.76 -107.21
C LEU OC 60 -99.43 1.33 -105.81
N THR OC 61 -98.51 2.23 -105.45
CA THR OC 61 -98.55 2.87 -104.13
C THR OC 61 -99.80 3.72 -103.95
N LEU OC 62 -100.43 4.17 -105.02
CA LEU OC 62 -101.61 5.01 -104.91
C LEU OC 62 -102.81 4.14 -104.57
N ASP OC 63 -103.62 4.63 -103.65
CA ASP OC 63 -104.76 3.88 -103.15
C ASP OC 63 -105.74 3.57 -104.29
N GLU OC 64 -106.28 2.34 -104.25
CA GLU OC 64 -107.29 1.93 -105.22
C GLU OC 64 -108.55 2.78 -105.04
N LYS OC 65 -109.47 2.63 -106.00
CA LYS OC 65 -110.72 3.37 -106.12
C LYS OC 65 -110.48 4.82 -106.51
N ASP OC 66 -109.23 5.24 -106.63
CA ASP OC 66 -108.93 6.60 -107.07
C ASP OC 66 -109.20 6.72 -108.57
N PRO OC 67 -110.02 7.67 -109.00
CA PRO OC 67 -110.37 7.74 -110.43
C PRO OC 67 -109.18 7.95 -111.33
N ARG OC 68 -108.17 8.72 -110.91
CA ARG OC 68 -106.95 8.82 -111.69
C ARG OC 68 -106.27 7.46 -111.79
N ARG OC 69 -106.25 6.71 -110.70
CA ARG OC 69 -105.63 5.39 -110.72
C ARG OC 69 -106.31 4.49 -111.74
N LEU OC 70 -107.64 4.39 -111.68
CA LEU OC 70 -108.36 3.54 -112.62
C LEU OC 70 -108.18 4.02 -114.05
N PHE OC 71 -108.29 5.34 -114.26
CA PHE OC 71 -108.20 5.88 -115.61
C PHE OC 71 -106.85 5.60 -116.24
N GLU OC 72 -105.78 5.97 -115.54
CA GLU OC 72 -104.46 5.87 -116.15
C GLU OC 72 -104.00 4.42 -116.19
N GLY OC 73 -104.41 3.60 -115.22
CA GLY OC 73 -104.15 2.18 -115.33
C GLY OC 73 -104.83 1.56 -116.54
N ASN OC 74 -106.09 1.94 -116.76
CA ASN OC 74 -106.80 1.47 -117.95
C ASN OC 74 -106.06 1.89 -119.21
N ALA OC 75 -105.67 3.16 -119.28
CA ALA OC 75 -104.98 3.64 -120.46
C ALA OC 75 -103.66 2.91 -120.68
N LEU OC 76 -102.90 2.71 -119.61
CA LEU OC 76 -101.59 2.07 -119.73
C LEU OC 76 -101.74 0.62 -120.17
N LEU OC 77 -102.64 -0.12 -119.52
CA LEU OC 77 -102.84 -1.50 -119.91
C LEU OC 77 -103.34 -1.60 -121.33
N ARG OC 78 -104.25 -0.70 -121.72
CA ARG OC 78 -104.82 -0.76 -123.06
C ARG OC 78 -103.75 -0.45 -124.11
N ARG OC 79 -102.88 0.53 -123.86
CA ARG OC 79 -101.85 0.83 -124.85
C ARG OC 79 -100.85 -0.32 -124.93
N LEU OC 80 -100.48 -0.90 -123.79
CA LEU OC 80 -99.51 -1.98 -123.80
C LEU OC 80 -100.04 -3.21 -124.53
N VAL OC 81 -101.30 -3.57 -124.29
CA VAL OC 81 -101.86 -4.72 -125.00
C VAL OC 81 -102.12 -4.39 -126.46
N ARG OC 82 -102.51 -3.15 -126.77
CA ARG OC 82 -102.69 -2.74 -128.16
C ARG OC 82 -101.40 -2.88 -128.94
N ILE OC 83 -100.27 -2.54 -128.31
CA ILE OC 83 -98.99 -2.91 -128.91
C ILE OC 83 -98.92 -4.40 -129.13
N GLY OC 84 -99.25 -5.18 -128.11
CA GLY OC 84 -99.20 -6.62 -128.19
C GLY OC 84 -98.25 -7.28 -127.22
N VAL OC 85 -97.65 -6.53 -126.30
CA VAL OC 85 -96.69 -7.12 -125.37
C VAL OC 85 -97.39 -8.01 -124.35
N LEU OC 86 -98.57 -7.59 -123.87
CA LEU OC 86 -99.22 -8.25 -122.75
C LEU OC 86 -100.49 -8.95 -123.21
N ASP OC 87 -100.78 -10.08 -122.57
CA ASP OC 87 -102.01 -10.81 -122.85
C ASP OC 87 -103.23 -10.00 -122.44
N GLU OC 88 -104.31 -10.13 -123.21
CA GLU OC 88 -105.54 -9.38 -122.92
C GLU OC 88 -106.09 -9.75 -121.56
N GLY OC 89 -106.15 -11.04 -121.24
CA GLY OC 89 -106.66 -11.45 -119.94
C GLY OC 89 -105.81 -10.94 -118.79
N LYS OC 90 -104.53 -10.69 -119.05
CA LYS OC 90 -103.61 -10.15 -118.05
C LYS OC 90 -103.95 -8.67 -117.89
N MET OC 91 -104.82 -8.39 -116.91
CA MET OC 91 -105.50 -7.09 -116.79
C MET OC 91 -105.38 -6.59 -115.35
N LYS OC 92 -104.17 -6.47 -114.83
CA LYS OC 92 -104.00 -5.85 -113.53
C LYS OC 92 -102.68 -5.10 -113.51
N LEU OC 93 -102.61 -4.06 -112.67
CA LEU OC 93 -101.46 -3.16 -112.65
C LEU OC 93 -100.17 -3.83 -112.19
N ASP OC 94 -100.19 -5.12 -111.87
CA ASP OC 94 -98.98 -5.70 -111.30
C ASP OC 94 -98.14 -6.49 -112.30
N TYR OC 95 -98.77 -7.30 -113.15
CA TYR OC 95 -97.99 -8.16 -114.04
C TYR OC 95 -96.99 -7.37 -114.87
N ILE OC 96 -97.32 -6.12 -115.21
CA ILE OC 96 -96.37 -5.27 -115.91
C ILE OC 96 -95.06 -5.13 -115.17
N LEU OC 97 -95.08 -5.20 -113.84
CA LEU OC 97 -93.82 -5.31 -113.10
C LEU OC 97 -93.09 -6.60 -113.47
N GLY OC 98 -93.82 -7.71 -113.54
CA GLY OC 98 -93.21 -8.97 -113.93
C GLY OC 98 -92.77 -9.02 -115.37
N LEU OC 99 -93.31 -8.15 -116.22
CA LEU OC 99 -92.93 -8.12 -117.61
C LEU OC 99 -91.49 -7.62 -117.76
N LYS OC 100 -90.81 -8.09 -118.79
CA LYS OC 100 -89.40 -7.79 -119.00
C LYS OC 100 -89.15 -7.21 -120.40
N ILE OC 101 -87.88 -7.12 -120.81
CA ILE OC 101 -87.54 -6.40 -122.03
C ILE OC 101 -87.70 -7.22 -123.31
N GLU OC 102 -87.63 -8.55 -123.24
CA GLU OC 102 -87.54 -9.34 -124.46
C GLU OC 102 -88.81 -9.23 -125.29
N ASP OC 103 -89.97 -9.33 -124.64
CA ASP OC 103 -91.23 -9.15 -125.37
C ASP OC 103 -91.40 -7.74 -125.90
N PHE OC 104 -90.73 -6.75 -125.30
CA PHE OC 104 -90.67 -5.44 -125.92
C PHE OC 104 -89.90 -5.50 -127.23
N LEU OC 105 -88.75 -6.17 -127.23
CA LEU OC 105 -87.98 -6.33 -128.45
C LEU OC 105 -88.73 -7.11 -129.51
N GLU OC 106 -89.64 -7.99 -129.08
CA GLU OC 106 -90.41 -8.76 -130.05
C GLU OC 106 -91.30 -7.86 -130.90
N ARG OC 107 -91.80 -6.77 -130.31
CA ARG OC 107 -92.60 -5.83 -131.08
C ARG OC 107 -91.80 -5.04 -132.11
N ARG OC 108 -90.47 -5.06 -132.03
CA ARG OC 108 -89.68 -4.44 -133.08
C ARG OC 108 -89.92 -5.14 -134.41
N LEU OC 109 -90.30 -4.34 -135.42
CA LEU OC 109 -90.79 -4.88 -136.69
C LEU OC 109 -89.77 -5.81 -137.35
N GLN OC 110 -88.49 -5.61 -137.03
CA GLN OC 110 -87.41 -6.42 -137.57
C GLN OC 110 -87.56 -7.88 -137.20
N THR OC 111 -88.38 -8.18 -136.20
CA THR OC 111 -88.53 -9.55 -135.72
C THR OC 111 -89.83 -10.22 -136.16
N GLN OC 112 -90.93 -9.47 -136.33
CA GLN OC 112 -92.10 -10.08 -136.95
C GLN OC 112 -91.87 -10.30 -138.43
N VAL OC 113 -91.09 -9.42 -139.08
CA VAL OC 113 -90.72 -9.72 -140.46
C VAL OC 113 -89.96 -11.04 -140.53
N PHE OC 114 -89.36 -11.47 -139.43
CA PHE OC 114 -88.79 -12.81 -139.34
C PHE OC 114 -89.85 -13.85 -139.04
N LYS OC 115 -90.63 -13.61 -137.98
CA LYS OC 115 -91.53 -14.59 -137.39
C LYS OC 115 -92.65 -15.02 -138.33
N LEU OC 116 -93.11 -14.14 -139.21
CA LEU OC 116 -94.11 -14.51 -140.19
C LEU OC 116 -93.52 -15.34 -141.33
N GLY OC 117 -92.19 -15.49 -141.36
CA GLY OC 117 -91.53 -16.36 -142.30
C GLY OC 117 -91.00 -15.71 -143.56
N LEU OC 118 -91.38 -14.46 -143.85
CA LEU OC 118 -90.96 -13.82 -145.09
C LEU OC 118 -89.49 -13.46 -145.11
N ALA OC 119 -88.88 -13.22 -143.96
CA ALA OC 119 -87.49 -12.78 -143.91
C ALA OC 119 -86.71 -13.67 -142.96
N LYS OC 120 -85.93 -14.57 -143.52
CA LYS OC 120 -84.99 -15.40 -142.77
C LYS OC 120 -83.73 -14.58 -142.47
N SER OC 121 -82.96 -15.05 -141.48
CA SER OC 121 -81.66 -14.46 -141.14
C SER OC 121 -81.80 -12.99 -140.76
N ILE OC 122 -82.36 -12.78 -139.57
CA ILE OC 122 -82.91 -11.52 -139.09
C ILE OC 122 -82.09 -10.31 -139.53
N HIS OC 123 -80.77 -10.48 -139.65
CA HIS OC 123 -79.96 -9.42 -140.25
C HIS OC 123 -80.38 -9.13 -141.68
N HIS OC 124 -80.61 -10.19 -142.47
CA HIS OC 124 -81.20 -10.02 -143.79
C HIS OC 124 -82.55 -9.32 -143.69
N ALA OC 125 -83.32 -9.62 -142.64
CA ALA OC 125 -84.59 -8.96 -142.45
C ALA OC 125 -84.41 -7.45 -142.24
N ARG OC 126 -83.45 -7.08 -141.39
CA ARG OC 126 -83.22 -5.66 -141.14
C ARG OC 126 -82.75 -4.94 -142.38
N VAL OC 127 -81.84 -5.58 -143.14
CA VAL OC 127 -81.36 -4.94 -144.36
C VAL OC 127 -82.50 -4.84 -145.37
N LEU OC 128 -83.44 -5.78 -145.33
CA LEU OC 128 -84.63 -5.67 -146.17
C LEU OC 128 -85.49 -4.50 -145.73
N ILE OC 129 -85.56 -4.25 -144.42
CA ILE OC 129 -86.27 -3.07 -143.93
C ILE OC 129 -85.63 -1.81 -144.47
N ARG OC 130 -84.30 -1.72 -144.36
CA ARG OC 130 -83.60 -0.59 -144.93
C ARG OC 130 -83.65 -0.59 -146.45
N GLN OC 131 -84.07 -1.70 -147.06
CA GLN OC 131 -84.25 -1.77 -148.50
C GLN OC 131 -85.53 -1.09 -148.97
N ARG OC 132 -86.39 -0.66 -148.05
CA ARG OC 132 -87.70 -0.10 -148.39
C ARG OC 132 -88.52 -1.08 -149.22
N HIS OC 133 -88.54 -2.33 -148.77
CA HIS OC 133 -89.24 -3.38 -149.49
C HIS OC 133 -90.52 -3.82 -148.80
N ILE OC 134 -90.57 -3.78 -147.50
CA ILE OC 134 -91.75 -4.16 -146.74
C ILE OC 134 -92.67 -2.95 -146.66
N ARG OC 135 -93.98 -3.21 -146.64
CA ARG OC 135 -94.98 -2.16 -146.68
C ARG OC 135 -96.04 -2.47 -145.64
N VAL OC 136 -96.29 -1.49 -144.74
CA VAL OC 136 -97.40 -1.62 -143.80
C VAL OC 136 -98.67 -1.45 -144.63
N ARG OC 137 -99.83 -1.72 -144.04
CA ARG OC 137 -101.09 -1.96 -144.74
C ARG OC 137 -101.23 -1.18 -146.04
N LYS OC 138 -100.88 0.10 -146.03
CA LYS OC 138 -100.89 0.90 -147.25
C LYS OC 138 -99.63 1.76 -147.40
N GLN OC 139 -98.64 1.60 -146.53
CA GLN OC 139 -97.49 2.50 -146.53
C GLN OC 139 -96.21 1.69 -146.46
N VAL OC 140 -95.19 2.17 -147.15
CA VAL OC 140 -93.87 1.53 -147.11
C VAL OC 140 -93.05 2.18 -146.01
N VAL OC 141 -92.57 1.37 -145.07
CA VAL OC 141 -91.89 1.86 -143.88
C VAL OC 141 -90.48 1.29 -143.84
N ASN OC 142 -89.50 2.15 -143.65
CA ASN OC 142 -88.10 1.73 -143.53
C ASN OC 142 -87.56 2.21 -142.19
N ILE OC 143 -87.86 1.44 -141.14
CA ILE OC 143 -87.37 1.68 -139.78
C ILE OC 143 -87.29 0.32 -139.10
N PRO OC 144 -86.10 -0.19 -138.80
CA PRO OC 144 -86.01 -1.50 -138.15
C PRO OC 144 -86.51 -1.51 -136.72
N SER OC 145 -86.84 -0.36 -136.15
CA SER OC 145 -87.31 -0.27 -134.77
C SER OC 145 -88.80 -0.02 -134.68
N PHE OC 146 -89.53 -0.19 -135.77
CA PHE OC 146 -90.98 0.00 -135.74
C PHE OC 146 -91.60 -0.95 -134.71
N ILE OC 147 -92.50 -0.42 -133.90
CA ILE OC 147 -93.20 -1.19 -132.89
C ILE OC 147 -94.61 -1.42 -133.41
N VAL OC 148 -94.94 -2.66 -133.72
CA VAL OC 148 -96.20 -2.93 -134.39
C VAL OC 148 -97.28 -3.13 -133.34
N ARG OC 149 -98.53 -3.11 -133.80
CA ARG OC 149 -99.70 -3.26 -132.95
C ARG OC 149 -100.48 -4.49 -133.37
N LEU OC 150 -101.51 -4.81 -132.58
CA LEU OC 150 -102.36 -5.95 -132.90
C LEU OC 150 -103.02 -5.76 -134.27
N ASP OC 151 -103.59 -4.59 -134.51
CA ASP OC 151 -104.30 -4.32 -135.75
C ASP OC 151 -103.36 -4.11 -136.93
N SER OC 152 -102.07 -4.38 -136.78
CA SER OC 152 -101.11 -4.22 -137.86
C SER OC 152 -100.35 -5.49 -138.19
N GLN OC 153 -100.45 -6.52 -137.35
CA GLN OC 153 -99.64 -7.72 -137.56
C GLN OC 153 -100.03 -8.44 -138.84
N LYS OC 154 -101.31 -8.47 -139.18
CA LYS OC 154 -101.78 -9.25 -140.32
C LYS OC 154 -101.75 -8.49 -141.63
N HIS OC 155 -101.23 -7.27 -141.65
CA HIS OC 155 -101.26 -6.41 -142.82
C HIS OC 155 -99.86 -5.96 -143.22
N ILE OC 156 -98.87 -6.78 -142.90
CA ILE OC 156 -97.47 -6.51 -143.25
C ILE OC 156 -97.16 -7.33 -144.49
N ASP OC 157 -96.72 -6.66 -145.56
CA ASP OC 157 -96.47 -7.32 -146.82
C ASP OC 157 -95.41 -6.57 -147.61
N PHE OC 158 -94.92 -7.22 -148.65
CA PHE OC 158 -93.93 -6.61 -149.53
C PHE OC 158 -94.55 -5.43 -150.29
N SER OC 159 -93.72 -4.43 -150.55
CA SER OC 159 -94.15 -3.32 -151.40
C SER OC 159 -94.29 -3.77 -152.84
N LEU OC 160 -95.26 -3.19 -153.55
CA LEU OC 160 -95.40 -3.46 -154.98
C LEU OC 160 -94.16 -3.01 -155.75
N ARG OC 161 -93.50 -1.94 -155.31
CA ARG OC 161 -92.31 -1.48 -156.00
C ARG OC 161 -91.15 -2.44 -155.82
N SER OC 162 -91.12 -3.16 -154.70
CA SER OC 162 -90.04 -4.10 -154.44
C SER OC 162 -90.04 -5.20 -155.50
N PRO OC 163 -88.86 -5.64 -155.97
CA PRO OC 163 -88.83 -6.74 -156.94
C PRO OC 163 -89.06 -8.08 -156.26
N TYR OC 164 -90.03 -8.11 -155.36
CA TYR OC 164 -90.51 -9.33 -154.73
C TYR OC 164 -92.02 -9.40 -154.69
N GLY OC 165 -92.71 -8.27 -154.76
CA GLY OC 165 -94.15 -8.23 -154.89
C GLY OC 165 -94.52 -7.94 -156.32
N GLY OC 166 -94.82 -6.68 -156.61
CA GLY OC 166 -95.08 -6.27 -157.98
C GLY OC 166 -93.83 -6.34 -158.84
N GLY OC 167 -93.93 -5.70 -160.00
CA GLY OC 167 -92.87 -5.73 -161.00
C GLY OC 167 -91.70 -4.83 -160.68
N ARG OC 168 -91.15 -4.22 -161.73
CA ARG OC 168 -89.94 -3.39 -161.67
C ARG OC 168 -88.84 -4.20 -161.00
N PRO OC 169 -88.21 -5.13 -161.71
CA PRO OC 169 -87.06 -5.83 -161.15
C PRO OC 169 -85.93 -4.85 -160.85
N GLY OC 170 -85.08 -5.26 -159.92
CA GLY OC 170 -84.01 -4.39 -159.46
C GLY OC 170 -83.05 -3.98 -160.56
N ARG OC 171 -82.16 -3.05 -160.21
CA ARG OC 171 -81.24 -2.50 -161.20
C ARG OC 171 -80.25 -3.53 -161.70
N VAL OC 172 -79.78 -4.43 -160.83
CA VAL OC 172 -78.86 -5.45 -161.30
C VAL OC 172 -79.59 -6.47 -162.18
N LYS OC 173 -80.90 -6.66 -161.95
CA LYS OC 173 -81.69 -7.44 -162.89
C LYS OC 173 -81.58 -6.85 -164.29
N ARG OC 174 -81.80 -5.55 -164.41
CA ARG OC 174 -81.66 -4.90 -165.71
C ARG OC 174 -80.24 -5.02 -166.24
N LYS OC 175 -79.26 -4.85 -165.37
CA LYS OC 175 -77.86 -4.93 -165.78
C LYS OC 175 -77.57 -6.28 -166.44
N ASN OC 176 -77.87 -7.37 -165.73
CA ASN OC 176 -77.62 -8.69 -166.26
C ASN OC 176 -78.48 -8.98 -167.48
N ALA OC 177 -79.74 -8.53 -167.48
CA ALA OC 177 -80.62 -8.81 -168.61
C ALA OC 177 -80.10 -8.18 -169.90
N LYS OC 178 -79.74 -6.89 -169.85
CA LYS OC 178 -79.26 -6.25 -171.06
C LYS OC 178 -77.87 -6.72 -171.44
N LYS OC 179 -77.03 -7.06 -170.46
CA LYS OC 179 -75.74 -7.64 -170.81
C LYS OC 179 -75.90 -8.96 -171.54
N GLY OC 180 -76.83 -9.81 -171.08
CA GLY OC 180 -77.09 -11.05 -171.78
C GLY OC 180 -77.70 -10.84 -173.15
N GLN OC 181 -78.64 -9.90 -173.26
CA GLN OC 181 -79.29 -9.66 -174.54
C GLN OC 181 -78.39 -8.97 -175.55
N GLY OC 182 -77.31 -8.31 -175.09
CA GLY OC 182 -76.42 -7.65 -176.02
C GLY OC 182 -75.50 -8.59 -176.78
N GLY OC 183 -75.23 -9.77 -176.22
CA GLY OC 183 -74.31 -10.70 -176.84
C GLY OC 183 -74.85 -11.46 -178.03
N ALA OC 184 -76.15 -11.39 -178.29
CA ALA OC 184 -76.75 -12.09 -179.41
C ALA OC 184 -77.89 -11.22 -179.96
N GLY OC 185 -78.69 -11.80 -180.84
CA GLY OC 185 -79.81 -11.09 -181.44
C GLY OC 185 -81.15 -11.77 -181.25
N ASN PC 1 -102.04 9.22 -166.12
CA ASN PC 1 -103.43 9.38 -166.55
C ASN PC 1 -104.14 8.03 -166.56
N ASP PC 2 -103.41 6.97 -166.92
CA ASP PC 2 -104.00 5.63 -166.94
C ASP PC 2 -104.38 5.20 -165.53
N THR PC 3 -103.45 5.30 -164.58
CA THR PC 3 -103.72 5.00 -163.18
C THR PC 3 -103.35 6.26 -162.39
N VAL PC 4 -104.26 7.22 -162.38
CA VAL PC 4 -104.17 8.42 -161.57
C VAL PC 4 -105.59 8.81 -161.21
N THR PC 5 -105.92 8.80 -159.92
CA THR PC 5 -107.25 9.15 -159.48
C THR PC 5 -107.17 10.30 -158.48
N ILE PC 6 -108.17 11.18 -158.54
CA ILE PC 6 -108.26 12.33 -157.66
C ILE PC 6 -109.41 12.08 -156.70
N ARG PC 7 -109.16 12.22 -155.41
CA ARG PC 7 -110.19 12.16 -154.40
C ARG PC 7 -110.19 13.46 -153.62
N THR PC 8 -111.31 13.75 -152.99
CA THR PC 8 -111.47 14.99 -152.23
C THR PC 8 -112.15 14.70 -150.90
N ARG PC 9 -111.79 15.47 -149.89
CA ARG PC 9 -112.49 15.41 -148.61
C ARG PC 9 -112.50 16.80 -147.99
N LYS PC 10 -113.20 16.91 -146.87
CA LYS PC 10 -113.46 18.20 -146.22
C LYS PC 10 -114.06 19.18 -147.22
N PHE PC 11 -115.13 18.75 -147.86
CA PHE PC 11 -115.80 19.56 -148.88
C PHE PC 11 -116.82 20.49 -148.23
N MET PC 12 -116.66 21.79 -148.46
CA MET PC 12 -117.52 22.77 -147.82
C MET PC 12 -117.81 23.91 -148.78
N THR PC 13 -118.90 24.62 -148.50
CA THR PC 13 -119.41 25.68 -149.36
C THR PC 13 -119.28 27.03 -148.66
N ASN PC 14 -118.95 28.07 -149.44
CA ASN PC 14 -118.96 29.43 -148.92
C ASN PC 14 -118.98 30.42 -150.08
N ARG PC 15 -120.10 31.10 -150.28
CA ARG PC 15 -120.05 32.29 -151.11
C ARG PC 15 -119.41 33.45 -150.36
N LEU PC 16 -118.89 33.16 -149.17
CA LEU PC 16 -118.12 34.12 -148.39
C LEU PC 16 -116.98 34.69 -149.23
N LEU PC 17 -116.17 33.82 -149.81
CA LEU PC 17 -115.25 34.22 -150.87
C LEU PC 17 -115.71 33.71 -152.22
N GLN PC 18 -117.01 33.58 -152.42
CA GLN PC 18 -117.63 33.05 -153.63
C GLN PC 18 -116.82 31.88 -154.18
N ARG PC 19 -116.53 30.95 -153.28
CA ARG PC 19 -115.54 29.91 -153.52
C ARG PC 19 -115.86 28.67 -152.70
N LYS PC 20 -115.28 27.55 -153.09
CA LYS PC 20 -115.44 26.29 -152.37
C LYS PC 20 -114.07 25.69 -152.09
N GLN PC 21 -113.81 25.37 -150.82
CA GLN PC 21 -112.52 24.85 -150.39
C GLN PC 21 -112.66 23.40 -149.94
N MET PC 22 -111.80 22.55 -150.50
CA MET PC 22 -111.74 21.15 -150.13
C MET PC 22 -110.32 20.67 -150.31
N VAL PC 23 -109.87 19.82 -149.39
CA VAL PC 23 -108.54 19.22 -149.47
C VAL PC 23 -108.67 17.97 -150.32
N ILE PC 24 -107.61 17.69 -151.09
CA ILE PC 24 -107.65 16.64 -152.10
C ILE PC 24 -106.53 15.64 -151.85
N ASP PC 25 -106.67 14.46 -152.44
CA ASP PC 25 -105.62 13.44 -152.42
C ASP PC 25 -105.54 12.79 -153.78
N VAL PC 26 -104.32 12.57 -154.25
CA VAL PC 26 -104.05 12.04 -155.59
C VAL PC 26 -103.31 10.72 -155.44
N LEU PC 27 -103.64 9.76 -156.30
CA LEU PC 27 -102.94 8.48 -156.33
C LEU PC 27 -102.05 8.42 -157.57
N HIS PC 28 -100.74 8.25 -157.33
CA HIS PC 28 -99.77 8.07 -158.41
C HIS PC 28 -98.87 6.91 -158.04
N PRO PC 29 -99.35 5.68 -158.20
CA PRO PC 29 -98.61 4.53 -157.65
C PRO PC 29 -97.26 4.31 -158.31
N GLY PC 30 -97.19 4.38 -159.63
CA GLY PC 30 -95.95 4.08 -160.33
C GLY PC 30 -95.32 5.26 -161.02
N LYS PC 31 -95.56 6.46 -160.50
CA LYS PC 31 -95.03 7.66 -161.11
C LYS PC 31 -94.79 8.71 -160.03
N ALA PC 32 -94.07 9.76 -160.40
CA ALA PC 32 -93.72 10.81 -159.47
C ALA PC 32 -94.97 11.59 -159.05
N THR PC 33 -94.77 12.56 -158.16
CA THR PC 33 -95.84 13.49 -157.84
C THR PC 33 -96.27 14.22 -159.11
N VAL PC 34 -97.55 14.09 -159.46
CA VAL PC 34 -98.04 14.60 -160.73
C VAL PC 34 -98.01 16.12 -160.74
N PRO PC 35 -97.65 16.75 -161.86
CA PRO PC 35 -97.75 18.20 -161.96
C PRO PC 35 -99.18 18.69 -161.73
N LYS PC 36 -99.30 19.96 -161.37
CA LYS PC 36 -100.61 20.50 -161.03
C LYS PC 36 -101.46 20.82 -162.25
N THR PC 37 -100.83 21.12 -163.39
CA THR PC 37 -101.58 21.74 -164.49
C THR PC 37 -102.65 20.81 -165.04
N GLU PC 38 -102.36 19.51 -165.18
CA GLU PC 38 -103.35 18.61 -165.77
C GLU PC 38 -104.42 18.21 -164.76
N ILE PC 39 -104.04 18.06 -163.48
CA ILE PC 39 -105.05 17.76 -162.48
C ILE PC 39 -105.97 18.95 -162.25
N ARG PC 40 -105.49 20.17 -162.52
CA ARG PC 40 -106.39 21.32 -162.52
C ARG PC 40 -107.51 21.12 -163.53
N GLU PC 41 -107.15 20.72 -164.75
CA GLU PC 41 -108.17 20.41 -165.74
C GLU PC 41 -109.04 19.24 -165.31
N LYS PC 42 -108.46 18.28 -164.59
CA LYS PC 42 -109.24 17.16 -164.09
C LYS PC 42 -110.34 17.65 -163.14
N LEU PC 43 -109.98 18.51 -162.18
CA LEU PC 43 -110.99 19.05 -161.28
C LEU PC 43 -111.99 19.90 -162.04
N ALA PC 44 -111.52 20.63 -163.04
CA ALA PC 44 -112.44 21.44 -163.85
C ALA PC 44 -113.46 20.57 -164.56
N LYS PC 45 -113.01 19.46 -165.16
CA LYS PC 45 -113.89 18.64 -165.97
C LYS PC 45 -114.83 17.79 -165.13
N MET PC 46 -114.40 17.31 -163.96
CA MET PC 46 -115.34 16.51 -163.19
C MET PC 46 -116.28 17.37 -162.35
N TYR PC 47 -116.04 18.68 -162.27
CA TYR PC 47 -117.03 19.63 -161.77
C TYR PC 47 -117.63 20.47 -162.88
N LYS PC 48 -117.35 20.13 -164.14
CA LYS PC 48 -117.92 20.80 -165.31
C LYS PC 48 -117.61 22.29 -165.30
N THR PC 49 -116.34 22.64 -165.08
CA THR PC 49 -115.89 24.02 -165.11
C THR PC 49 -114.67 24.14 -166.01
N THR PC 50 -114.25 25.40 -166.24
CA THR PC 50 -113.08 25.66 -167.04
C THR PC 50 -111.81 25.49 -166.22
N PRO PC 51 -110.74 24.96 -166.80
CA PRO PC 51 -109.50 24.78 -166.05
C PRO PC 51 -108.70 26.05 -165.90
N ASP PC 52 -109.36 27.15 -165.59
CA ASP PC 52 -108.64 28.39 -165.33
C ASP PC 52 -109.04 29.02 -164.01
N VAL PC 53 -110.32 28.97 -163.66
CA VAL PC 53 -110.75 29.42 -162.33
C VAL PC 53 -110.34 28.44 -161.25
N ILE PC 54 -109.77 27.31 -161.64
CA ILE PC 54 -109.30 26.32 -160.67
C ILE PC 54 -107.92 26.72 -160.18
N PHE PC 55 -107.75 26.75 -158.87
CA PHE PC 55 -106.47 27.01 -158.24
C PHE PC 55 -106.21 25.93 -157.19
N VAL PC 56 -104.94 25.55 -157.04
CA VAL PC 56 -104.59 24.43 -156.19
C VAL PC 56 -103.10 24.54 -155.87
N PHE PC 57 -102.72 23.98 -154.72
CA PHE PC 57 -101.39 24.24 -154.17
C PHE PC 57 -101.09 23.23 -153.08
N GLY PC 58 -99.88 23.31 -152.54
CA GLY PC 58 -99.50 22.55 -151.37
C GLY PC 58 -99.53 21.05 -151.53
N PHE PC 59 -98.95 20.53 -152.60
CA PHE PC 59 -98.93 19.09 -152.84
C PHE PC 59 -97.71 18.50 -152.13
N ARG PC 60 -97.96 17.73 -151.08
CA ARG PC 60 -96.91 17.00 -150.38
C ARG PC 60 -97.26 15.51 -150.43
N THR PC 61 -96.55 14.76 -151.27
CA THR PC 61 -96.76 13.33 -151.33
C THR PC 61 -96.26 12.67 -150.06
N HIS PC 62 -96.73 11.47 -149.82
CA HIS PC 62 -96.37 10.74 -148.62
C HIS PC 62 -95.08 9.96 -148.88
N PHE PC 63 -94.71 9.09 -147.95
CA PHE PC 63 -93.51 8.29 -148.11
C PHE PC 63 -93.72 7.21 -149.16
N GLY PC 64 -92.76 7.07 -150.06
CA GLY PC 64 -92.83 6.04 -151.08
C GLY PC 64 -93.83 6.30 -152.18
N GLY PC 65 -94.18 7.55 -152.44
CA GLY PC 65 -95.12 7.83 -153.50
C GLY PC 65 -96.55 7.46 -153.09
N GLY PC 66 -97.42 7.41 -154.09
CA GLY PC 66 -98.80 7.05 -153.84
C GLY PC 66 -99.73 8.23 -153.63
N LYS PC 67 -100.00 8.55 -152.38
CA LYS PC 67 -100.96 9.59 -152.03
C LYS PC 67 -100.24 10.93 -151.85
N THR PC 68 -100.79 11.97 -152.46
CA THR PC 68 -100.30 13.34 -152.33
C THR PC 68 -101.45 14.22 -151.88
N THR PC 69 -101.23 15.01 -150.85
CA THR PC 69 -102.27 15.85 -150.27
C THR PC 69 -102.07 17.29 -150.69
N GLY PC 70 -103.16 17.93 -151.12
CA GLY PC 70 -103.13 19.32 -151.50
C GLY PC 70 -104.50 19.94 -151.34
N PHE PC 71 -104.52 21.27 -151.29
CA PHE PC 71 -105.75 22.02 -151.07
C PHE PC 71 -106.22 22.62 -152.40
N GLY PC 72 -107.30 22.07 -152.94
CA GLY PC 72 -107.90 22.61 -154.14
C GLY PC 72 -108.73 23.85 -153.85
N MET PC 73 -108.76 24.76 -154.80
CA MET PC 73 -109.47 26.02 -154.66
C MET PC 73 -110.25 26.29 -155.94
N ILE PC 74 -111.56 26.06 -155.90
CA ILE PC 74 -112.44 26.36 -157.01
C ILE PC 74 -113.19 27.65 -156.69
N TYR PC 75 -113.58 28.38 -157.73
CA TYR PC 75 -114.25 29.65 -157.55
C TYR PC 75 -115.43 29.78 -158.50
N ASP PC 76 -116.14 30.90 -158.44
CA ASP PC 76 -117.27 31.15 -159.32
C ASP PC 76 -116.88 31.86 -160.60
N SER PC 77 -115.90 32.76 -160.54
CA SER PC 77 -115.51 33.53 -161.71
C SER PC 77 -114.04 33.90 -161.60
N LEU PC 78 -113.45 34.20 -162.76
CA LEU PC 78 -112.08 34.69 -162.78
C LEU PC 78 -111.96 36.02 -162.06
N ASP PC 79 -112.91 36.92 -162.27
CA ASP PC 79 -112.82 38.25 -161.68
C ASP PC 79 -113.12 38.23 -160.19
N TYR PC 80 -114.10 37.44 -159.77
CA TYR PC 80 -114.42 37.36 -158.36
C TYR PC 80 -113.23 36.83 -157.58
N ALA PC 81 -112.58 35.79 -158.10
CA ALA PC 81 -111.33 35.30 -157.49
C ALA PC 81 -110.23 36.34 -157.59
N LYS PC 82 -110.17 37.06 -158.71
CA LYS PC 82 -109.16 38.09 -158.90
C LYS PC 82 -109.23 39.15 -157.81
N LYS PC 83 -110.44 39.47 -157.35
CA LYS PC 83 -110.59 40.44 -156.27
C LYS PC 83 -109.93 39.92 -154.99
N ASN PC 84 -110.14 38.65 -154.66
CA ASN PC 84 -109.66 38.06 -153.39
C ASN PC 84 -108.86 36.79 -153.70
N GLU PC 85 -107.57 36.97 -153.97
CA GLU PC 85 -106.62 35.88 -154.12
C GLU PC 85 -105.23 36.43 -153.86
N PRO PC 86 -104.40 35.73 -153.09
CA PRO PC 86 -103.03 36.19 -152.90
C PRO PC 86 -102.28 36.27 -154.23
N LYS PC 87 -101.42 37.27 -154.33
CA LYS PC 87 -100.82 37.62 -155.62
C LYS PC 87 -99.85 36.55 -156.10
N HIS PC 88 -99.21 35.83 -155.17
CA HIS PC 88 -98.18 34.87 -155.58
C HIS PC 88 -98.75 33.77 -156.45
N ARG PC 89 -99.92 33.24 -156.09
CA ARG PC 89 -100.54 32.23 -156.94
C ARG PC 89 -100.96 32.82 -158.28
N LEU PC 90 -101.39 34.08 -158.28
CA LEU PC 90 -101.73 34.77 -159.52
C LEU PC 90 -100.50 35.00 -160.40
N ALA PC 91 -99.32 34.94 -159.82
CA ALA PC 91 -98.08 35.01 -160.60
C ALA PC 91 -97.55 33.64 -160.96
N ARG PC 92 -97.89 32.59 -160.20
CA ARG PC 92 -97.45 31.24 -160.52
C ARG PC 92 -97.93 30.83 -161.90
N HIS PC 93 -99.25 30.76 -162.07
CA HIS PC 93 -99.84 30.76 -163.41
C HIS PC 93 -100.05 32.22 -163.79
N GLY PC 94 -99.40 32.66 -164.87
CA GLY PC 94 -99.35 34.08 -165.14
C GLY PC 94 -100.71 34.69 -165.38
N LEU PC 95 -101.22 35.38 -164.35
CA LEU PC 95 -102.43 36.18 -164.47
C LEU PC 95 -102.34 37.54 -163.80
N TYR PC 96 -101.48 37.70 -162.80
CA TYR PC 96 -101.12 39.00 -162.24
C TYR PC 96 -99.65 39.20 -162.49
N GLU PC 97 -99.29 40.31 -163.13
CA GLU PC 97 -97.91 40.55 -163.49
C GLU PC 97 -97.16 41.07 -162.28
N LYS PC 98 -96.10 40.37 -161.90
CA LYS PC 98 -95.30 40.70 -160.72
C LYS PC 98 -93.91 41.11 -161.19
N LYS PC 99 -93.59 42.39 -161.06
CA LYS PC 99 -92.26 42.88 -161.39
C LYS PC 99 -92.04 44.18 -160.61
N LYS PC 100 -91.27 44.09 -159.54
CA LYS PC 100 -90.77 45.25 -158.80
C LYS PC 100 -89.31 45.03 -158.45
N THR PC 101 -88.67 46.11 -157.98
CA THR PC 101 -87.28 46.02 -157.57
C THR PC 101 -87.15 45.27 -156.25
N SER PC 102 -85.95 44.77 -156.00
CA SER PC 102 -85.66 44.13 -154.72
C SER PC 102 -85.75 45.14 -153.58
N ARG PC 103 -86.00 44.63 -152.37
CA ARG PC 103 -86.26 45.51 -151.24
C ARG PC 103 -85.10 46.43 -150.93
N LYS PC 104 -83.87 46.05 -151.29
CA LYS PC 104 -82.72 46.89 -150.95
C LYS PC 104 -82.77 48.21 -151.69
N GLN PC 105 -82.96 48.17 -153.02
CA GLN PC 105 -83.02 49.38 -153.81
C GLN PC 105 -84.24 50.21 -153.43
N ARG PC 106 -85.35 49.57 -153.10
CA ARG PC 106 -86.53 50.30 -152.66
C ARG PC 106 -86.29 51.02 -151.35
N LYS PC 107 -85.61 50.36 -150.40
CA LYS PC 107 -85.29 51.01 -149.13
C LYS PC 107 -84.33 52.17 -149.35
N GLU PC 108 -83.33 51.98 -150.21
CA GLU PC 108 -82.41 53.07 -150.54
C GLU PC 108 -83.16 54.24 -151.15
N ARG PC 109 -84.08 53.96 -152.08
CA ARG PC 109 -84.87 55.03 -152.67
C ARG PC 109 -85.71 55.73 -151.63
N LYS PC 110 -86.31 54.99 -150.72
CA LYS PC 110 -87.10 55.60 -149.65
C LYS PC 110 -86.24 56.52 -148.80
N ASN PC 111 -85.02 56.10 -148.50
CA ASN PC 111 -84.11 56.94 -147.73
C ASN PC 111 -83.73 58.19 -148.52
N ARG PC 112 -83.60 58.06 -149.84
CA ARG PC 112 -83.35 59.25 -150.65
C ARG PC 112 -84.54 60.20 -150.62
N MET PC 113 -85.76 59.66 -150.66
CA MET PC 113 -86.94 60.51 -150.56
C MET PC 113 -86.98 61.25 -149.24
N LYS PC 114 -86.75 60.54 -148.15
CA LYS PC 114 -86.69 61.20 -146.85
C LYS PC 114 -85.49 62.12 -146.73
N LYS PC 115 -84.50 61.98 -147.62
CA LYS PC 115 -83.38 62.92 -147.65
C LYS PC 115 -83.79 64.28 -148.21
N VAL PC 116 -84.50 64.29 -149.33
CA VAL PC 116 -84.86 65.53 -150.01
C VAL PC 116 -86.12 66.09 -149.35
N ARG PC 117 -86.10 67.40 -149.06
CA ARG PC 117 -87.17 68.02 -148.31
C ARG PC 117 -88.25 68.56 -149.26
N GLY PC 118 -89.47 68.05 -149.10
CA GLY PC 118 -90.66 68.75 -149.52
C GLY PC 118 -90.93 68.87 -151.00
N THR PC 119 -90.03 69.52 -151.73
CA THR PC 119 -90.31 69.88 -153.11
C THR PC 119 -90.49 68.62 -153.96
N ALA PC 120 -91.58 68.61 -154.74
CA ALA PC 120 -91.86 67.46 -155.59
C ALA PC 120 -90.78 67.27 -156.64
N LYS PC 121 -90.31 68.37 -157.24
CA LYS PC 121 -89.40 68.28 -158.38
C LYS PC 121 -88.11 67.58 -158.01
N ALA PC 122 -87.47 68.01 -156.91
CA ALA PC 122 -86.26 67.32 -156.46
C ALA PC 122 -86.57 65.91 -155.99
N ASN PC 123 -87.71 65.72 -155.32
CA ASN PC 123 -88.11 64.38 -154.92
C ASN PC 123 -88.29 63.47 -156.13
N VAL PC 124 -89.15 63.87 -157.07
CA VAL PC 124 -89.30 63.07 -158.28
C VAL PC 124 -87.99 63.04 -159.06
N GLY PC 125 -87.18 64.08 -158.92
CA GLY PC 125 -85.84 64.06 -159.47
C GLY PC 125 -84.84 63.25 -158.68
N ALA PC 126 -85.21 62.81 -157.49
CA ALA PC 126 -84.32 61.98 -156.68
C ALA PC 126 -84.29 60.53 -157.11
N GLY PC 127 -84.79 60.23 -158.31
CA GLY PC 127 -84.69 58.90 -158.86
C GLY PC 127 -84.23 58.93 -160.31
N LYS PC 128 -84.14 60.13 -160.87
CA LYS PC 128 -83.70 60.31 -162.25
C LYS PC 128 -82.19 60.30 -162.31
N LYS PC 129 -81.56 61.16 -161.55
CA LYS PC 129 -80.11 61.22 -161.44
C LYS PC 129 -79.63 60.14 -160.49
N PRO PC 130 -80.33 59.88 -159.36
CA PRO PC 130 -80.08 58.61 -158.62
C PRO PC 130 -80.83 57.43 -159.23
N LYS PC 131 -80.43 57.05 -160.45
CA LYS PC 131 -81.04 55.92 -161.13
C LYS PC 131 -80.31 54.63 -160.80
N VAL QC 1 -26.79 22.68 -116.81
CA VAL QC 1 -28.13 22.21 -117.10
C VAL QC 1 -28.10 20.71 -117.35
N HIS QC 2 -29.29 20.09 -117.34
CA HIS QC 2 -29.39 18.66 -117.59
C HIS QC 2 -28.89 18.31 -118.98
N GLY QC 3 -29.26 19.11 -119.98
CA GLY QC 3 -28.95 18.75 -121.35
C GLY QC 3 -29.83 17.66 -121.91
N SER QC 4 -30.87 17.26 -121.17
CA SER QC 4 -31.75 16.17 -121.60
C SER QC 4 -32.65 16.58 -122.75
N LEU QC 5 -32.70 17.87 -123.10
CA LEU QC 5 -33.43 18.26 -124.29
C LEU QC 5 -32.82 17.63 -125.54
N ALA QC 6 -31.54 17.26 -125.47
CA ALA QC 6 -30.93 16.50 -126.55
C ALA QC 6 -31.60 15.16 -126.74
N ARG QC 7 -31.94 14.49 -125.63
CA ARG QC 7 -32.55 13.17 -125.67
C ARG QC 7 -34.07 13.21 -125.63
N ALA QC 8 -34.68 14.31 -126.10
CA ALA QC 8 -36.14 14.42 -126.03
C ALA QC 8 -36.84 13.34 -126.84
N GLY QC 9 -36.35 13.08 -128.04
CA GLY QC 9 -36.95 12.05 -128.88
C GLY QC 9 -36.09 10.82 -128.99
N LYS QC 10 -35.48 10.42 -127.86
CA LYS QC 10 -34.48 9.36 -127.89
C LYS QC 10 -35.06 8.05 -128.40
N VAL QC 11 -36.00 7.48 -127.66
CA VAL QC 11 -36.51 6.16 -128.02
C VAL QC 11 -37.30 6.21 -129.31
N ARG QC 12 -38.08 7.28 -129.52
CA ARG QC 12 -38.86 7.39 -130.74
C ARG QC 12 -37.95 7.51 -131.96
N GLY QC 13 -36.88 8.29 -131.85
CA GLY QC 13 -35.93 8.38 -132.94
C GLY QC 13 -35.21 7.06 -133.19
N GLN QC 14 -34.83 6.37 -132.11
CA GLN QC 14 -34.04 5.15 -132.25
C GLN QC 14 -34.87 4.01 -132.81
N THR QC 15 -36.11 3.85 -132.33
CA THR QC 15 -36.88 2.65 -132.62
C THR QC 15 -37.07 2.50 -134.13
N PRO QC 16 -36.74 1.34 -134.70
CA PRO QC 16 -36.83 1.19 -136.15
C PRO QC 16 -38.26 1.29 -136.65
N LYS QC 17 -38.41 1.70 -137.90
CA LYS QC 17 -39.72 1.94 -138.50
C LYS QC 17 -40.15 0.68 -139.25
N VAL QC 18 -41.14 -0.02 -138.72
CA VAL QC 18 -41.71 -1.20 -139.37
C VAL QC 18 -43.05 -0.82 -139.97
N ALA QC 19 -43.24 -1.16 -141.24
CA ALA QC 19 -44.48 -0.83 -141.92
C ALA QC 19 -45.66 -1.53 -141.27
N LYS QC 20 -46.76 -0.81 -141.14
CA LYS QC 20 -48.01 -1.41 -140.70
C LYS QC 20 -48.46 -2.46 -141.71
N GLN QC 21 -48.66 -3.69 -141.24
CA GLN QC 21 -49.04 -4.76 -142.14
C GLN QC 21 -50.46 -4.56 -142.66
N GLU QC 22 -50.70 -5.02 -143.89
CA GLU QC 22 -52.00 -4.85 -144.53
C GLU QC 22 -53.04 -5.79 -143.91
N LYS QC 23 -54.25 -5.26 -143.76
CA LYS QC 23 -55.37 -6.06 -143.29
C LYS QC 23 -56.58 -5.76 -144.17
N LYS QC 24 -57.49 -6.72 -144.22
CA LYS QC 24 -58.70 -6.54 -145.01
C LYS QC 24 -59.64 -5.56 -144.31
N LYS QC 25 -60.50 -4.91 -145.10
CA LYS QC 25 -61.46 -3.97 -144.56
C LYS QC 25 -62.33 -4.66 -143.52
N LYS QC 26 -62.19 -4.28 -142.26
CA LYS QC 26 -62.91 -4.95 -141.20
C LYS QC 26 -64.40 -4.60 -141.26
N LYS QC 27 -65.24 -5.63 -141.23
CA LYS QC 27 -66.67 -5.41 -141.14
C LYS QC 27 -66.98 -4.63 -139.88
N THR QC 28 -67.69 -3.51 -140.04
CA THR QC 28 -67.96 -2.59 -138.94
C THR QC 28 -69.46 -2.54 -138.68
N GLY QC 29 -69.82 -1.81 -137.63
CA GLY QC 29 -71.22 -1.64 -137.30
C GLY QC 29 -71.88 -2.96 -136.96
N ARG QC 30 -73.10 -3.14 -137.48
CA ARG QC 30 -73.91 -4.30 -137.11
C ARG QC 30 -73.22 -5.61 -137.47
N ALA QC 31 -72.52 -5.66 -138.59
CA ALA QC 31 -71.81 -6.88 -138.97
C ALA QC 31 -70.72 -7.22 -137.96
N LYS QC 32 -70.02 -6.20 -137.47
CA LYS QC 32 -69.00 -6.43 -136.45
C LYS QC 32 -69.62 -7.02 -135.19
N ARG QC 33 -70.77 -6.50 -134.78
CA ARG QC 33 -71.46 -7.06 -133.63
C ARG QC 33 -71.92 -8.50 -133.89
N ARG QC 34 -72.37 -8.77 -135.11
CA ARG QC 34 -72.69 -10.14 -135.50
C ARG QC 34 -71.49 -11.05 -135.33
N MET QC 35 -70.33 -10.60 -135.80
CA MET QC 35 -69.11 -11.38 -135.66
C MET QC 35 -68.78 -11.60 -134.19
N GLN QC 36 -68.97 -10.58 -133.36
CA GLN QC 36 -68.73 -10.73 -131.93
C GLN QC 36 -69.60 -11.83 -131.33
N TYR QC 37 -70.91 -11.77 -131.60
CA TYR QC 37 -71.82 -12.76 -131.06
C TYR QC 37 -71.50 -14.16 -131.57
N ASN QC 38 -71.14 -14.27 -132.85
CA ASN QC 38 -70.77 -15.56 -133.41
C ASN QC 38 -69.52 -16.11 -132.74
N ARG QC 39 -68.53 -15.26 -132.52
CA ARG QC 39 -67.26 -15.73 -131.98
C ARG QC 39 -67.39 -16.11 -130.51
N ARG QC 40 -68.15 -15.36 -129.74
CA ARG QC 40 -68.24 -15.64 -128.32
C ARG QC 40 -69.40 -16.60 -128.00
N PHE QC 41 -70.59 -16.27 -128.48
CA PHE QC 41 -71.82 -16.87 -127.98
C PHE QC 41 -72.31 -17.95 -128.93
N VAL QC 42 -72.00 -19.21 -128.57
CA VAL QC 42 -72.59 -20.34 -129.27
C VAL QC 42 -73.90 -20.71 -128.59
N ASN QC 43 -74.95 -20.84 -129.39
CA ASN QC 43 -76.23 -21.33 -128.90
C ASN QC 43 -76.47 -22.70 -129.49
N VAL QC 44 -76.92 -23.64 -128.65
CA VAL QC 44 -77.08 -25.03 -129.04
C VAL QC 44 -78.56 -25.39 -128.99
N VAL QC 45 -79.02 -26.18 -129.95
CA VAL QC 45 -80.42 -26.58 -129.94
C VAL QC 45 -80.67 -27.51 -128.74
N PRO QC 46 -81.61 -27.19 -127.86
CA PRO QC 46 -82.04 -28.12 -126.82
C PRO QC 46 -82.65 -29.40 -127.34
N THR QC 47 -82.47 -30.42 -126.52
CA THR QC 47 -82.90 -31.77 -126.79
C THR QC 47 -84.42 -31.85 -126.91
N GLY RC 1 -99.29 -32.31 -53.33
CA GLY RC 1 -99.38 -32.31 -54.78
C GLY RC 1 -100.74 -32.73 -55.29
N ALA RC 2 -100.92 -32.64 -56.61
CA ALA RC 2 -102.19 -33.04 -57.23
C ALA RC 2 -102.51 -34.49 -56.95
N LEU RC 3 -101.57 -35.40 -57.23
CA LEU RC 3 -101.84 -36.82 -57.08
C LEU RC 3 -101.45 -37.28 -55.69
N ASP RC 4 -102.40 -37.90 -54.98
CA ASP RC 4 -102.11 -38.46 -53.67
C ASP RC 4 -101.03 -39.52 -53.76
N VAL RC 5 -101.12 -40.40 -54.76
CA VAL RC 5 -100.16 -41.50 -54.85
C VAL RC 5 -98.73 -41.00 -55.00
N LEU RC 6 -98.54 -39.78 -55.53
CA LEU RC 6 -97.24 -39.12 -55.49
C LEU RC 6 -97.32 -38.09 -54.36
N GLN RC 7 -96.88 -38.49 -53.19
CA GLN RC 7 -96.80 -37.56 -52.08
C GLN RC 7 -95.42 -37.65 -51.46
N MET RC 8 -95.19 -36.82 -50.45
CA MET RC 8 -93.86 -36.68 -49.89
C MET RC 8 -93.30 -38.01 -49.42
N LYS RC 9 -94.18 -38.95 -49.02
CA LYS RC 9 -93.77 -40.16 -48.32
C LYS RC 9 -92.98 -39.80 -47.06
N GLU RC 10 -93.72 -39.18 -46.12
CA GLU RC 10 -93.19 -38.48 -44.95
C GLU RC 10 -91.98 -39.17 -44.34
N GLU RC 11 -91.97 -40.49 -44.30
CA GLU RC 11 -90.85 -41.21 -43.70
C GLU RC 11 -89.54 -40.90 -44.41
N ASP RC 12 -89.56 -40.89 -45.75
CA ASP RC 12 -88.35 -40.55 -46.48
C ASP RC 12 -87.90 -39.13 -46.21
N VAL RC 13 -88.86 -38.23 -45.94
CA VAL RC 13 -88.52 -36.85 -45.60
C VAL RC 13 -87.63 -36.81 -44.36
N LEU RC 14 -87.87 -37.71 -43.40
CA LEU RC 14 -86.99 -37.78 -42.24
C LEU RC 14 -85.58 -38.15 -42.66
N LYS RC 15 -85.43 -39.20 -43.47
CA LYS RC 15 -84.12 -39.56 -43.98
C LYS RC 15 -83.58 -38.50 -44.93
N PHE RC 16 -84.47 -37.88 -45.70
CA PHE RC 16 -84.05 -36.85 -46.64
C PHE RC 16 -83.46 -35.66 -45.89
N LEU RC 17 -83.99 -35.36 -44.70
CA LEU RC 17 -83.43 -34.31 -43.89
C LEU RC 17 -82.36 -34.85 -42.94
N ALA RC 18 -82.15 -36.17 -42.94
CA ALA RC 18 -81.16 -36.75 -42.04
C ALA RC 18 -79.74 -36.32 -42.40
N ALA RC 19 -79.42 -36.27 -43.70
CA ALA RC 19 -78.10 -35.88 -44.17
C ALA RC 19 -77.91 -34.38 -44.24
N GLY RC 20 -78.84 -33.61 -43.69
CA GLY RC 20 -78.87 -32.19 -43.94
C GLY RC 20 -79.69 -31.92 -45.18
N THR RC 21 -79.02 -31.66 -46.31
CA THR RC 21 -79.64 -31.48 -47.62
C THR RC 21 -80.57 -30.27 -47.67
N HIS RC 22 -80.70 -29.54 -46.58
CA HIS RC 22 -81.45 -28.29 -46.55
C HIS RC 22 -80.57 -27.14 -46.07
N LEU RC 23 -79.27 -27.37 -45.95
CA LEU RC 23 -78.31 -26.36 -45.51
C LEU RC 23 -77.41 -26.01 -46.69
N GLY RC 24 -77.60 -24.83 -47.26
CA GLY RC 24 -76.86 -24.46 -48.45
C GLY RC 24 -76.36 -23.03 -48.50
N GLY RC 25 -76.06 -22.45 -47.35
CA GLY RC 25 -75.52 -21.11 -47.30
C GLY RC 25 -74.08 -21.07 -47.78
N THR RC 26 -73.46 -19.92 -47.55
CA THR RC 26 -74.06 -18.75 -46.92
C THR RC 26 -74.39 -17.70 -47.97
N ASN RC 27 -74.03 -17.98 -49.20
CA ASN RC 27 -74.23 -17.08 -50.32
C ASN RC 27 -75.48 -17.51 -51.07
N LEU RC 28 -76.15 -16.53 -51.69
CA LEU RC 28 -77.36 -16.78 -52.46
C LEU RC 28 -77.22 -16.13 -53.83
N ASP RC 29 -77.43 -16.91 -54.88
CA ASP RC 29 -77.61 -16.34 -56.20
C ASP RC 29 -78.99 -15.70 -56.29
N PHE RC 30 -79.10 -14.66 -57.11
CA PHE RC 30 -80.36 -13.97 -57.25
C PHE RC 30 -81.44 -14.81 -57.92
N GLN RC 31 -81.13 -16.05 -58.32
CA GLN RC 31 -82.08 -16.91 -59.00
C GLN RC 31 -82.54 -18.06 -58.10
N MET RC 32 -82.45 -17.90 -56.78
CA MET RC 32 -82.89 -18.97 -55.90
C MET RC 32 -83.82 -18.56 -54.77
N GLU RC 33 -84.19 -17.27 -54.67
CA GLU RC 33 -85.15 -16.88 -53.64
C GLU RC 33 -86.47 -17.61 -53.79
N GLN RC 34 -86.79 -18.04 -55.02
CA GLN RC 34 -87.99 -18.83 -55.23
C GLN RC 34 -87.87 -20.23 -54.63
N TYR RC 35 -86.67 -20.64 -54.23
CA TYR RC 35 -86.49 -21.91 -53.52
C TYR RC 35 -86.00 -21.74 -52.10
N ILE RC 36 -85.64 -20.53 -51.67
CA ILE RC 36 -85.20 -20.34 -50.30
C ILE RC 36 -86.44 -20.27 -49.43
N TYR RC 37 -86.28 -20.58 -48.15
CA TYR RC 37 -87.39 -20.46 -47.23
C TYR RC 37 -87.15 -19.41 -46.14
N LYS RC 38 -85.93 -19.33 -45.61
CA LYS RC 38 -85.58 -18.38 -44.57
C LYS RC 38 -84.08 -18.45 -44.35
N ARG RC 39 -83.48 -17.32 -44.03
CA ARG RC 39 -82.08 -17.28 -43.62
C ARG RC 39 -81.98 -17.55 -42.13
N LYS RC 40 -81.28 -18.63 -41.79
CA LYS RC 40 -81.02 -18.93 -40.39
C LYS RC 40 -79.98 -17.96 -39.84
N SER RC 41 -80.13 -17.61 -38.56
CA SER RC 41 -79.29 -16.60 -37.95
C SER RC 41 -77.80 -16.92 -38.06
N ASP RC 42 -77.44 -18.21 -38.13
CA ASP RC 42 -76.04 -18.57 -38.24
C ASP RC 42 -75.39 -18.11 -39.55
N GLY RC 43 -76.18 -17.76 -40.56
CA GLY RC 43 -75.68 -17.26 -41.81
C GLY RC 43 -75.87 -18.18 -42.99
N ILE RC 44 -76.04 -19.48 -42.77
CA ILE RC 44 -76.25 -20.40 -43.88
C ILE RC 44 -77.74 -20.51 -44.15
N TYR RC 45 -78.07 -20.67 -45.42
CA TYR RC 45 -79.46 -20.60 -45.87
C TYR RC 45 -80.15 -21.93 -45.71
N ILE RC 46 -81.35 -21.92 -45.14
CA ILE RC 46 -82.14 -23.13 -45.06
C ILE RC 46 -83.18 -23.12 -46.17
N ILE RC 47 -83.15 -24.16 -46.99
CA ILE RC 47 -83.85 -24.16 -48.26
C ILE RC 47 -85.25 -24.74 -48.07
N ASN RC 48 -86.13 -24.44 -49.02
CA ASN RC 48 -87.47 -25.01 -49.03
C ASN RC 48 -87.41 -26.41 -49.61
N LEU RC 49 -87.98 -27.37 -48.90
CA LEU RC 49 -87.70 -28.77 -49.15
C LEU RC 49 -88.73 -29.38 -50.09
N LYS RC 50 -90.00 -28.98 -49.96
CA LYS RC 50 -91.00 -29.44 -50.89
C LYS RC 50 -90.76 -28.93 -52.30
N ARG RC 51 -90.23 -27.72 -52.44
CA ARG RC 51 -89.82 -27.26 -53.76
C ARG RC 51 -88.75 -28.15 -54.34
N THR RC 52 -87.78 -28.56 -53.53
CA THR RC 52 -86.77 -29.50 -54.00
C THR RC 52 -87.40 -30.82 -54.40
N TRP RC 53 -88.33 -31.32 -53.60
CA TRP RC 53 -89.01 -32.56 -53.92
C TRP RC 53 -89.73 -32.47 -55.25
N GLU RC 54 -90.44 -31.36 -55.48
CA GLU RC 54 -91.25 -31.26 -56.68
C GLU RC 54 -90.42 -30.98 -57.91
N LYS RC 55 -89.37 -30.16 -57.80
CA LYS RC 55 -88.44 -30.02 -58.91
C LYS RC 55 -87.75 -31.34 -59.21
N LEU RC 56 -87.50 -32.14 -58.18
CA LEU RC 56 -86.98 -33.49 -58.39
C LEU RC 56 -87.96 -34.34 -59.19
N LEU RC 57 -89.24 -34.28 -58.85
CA LEU RC 57 -90.22 -35.03 -59.63
C LEU RC 57 -90.28 -34.54 -61.07
N LEU RC 58 -90.23 -33.23 -61.26
CA LEU RC 58 -90.22 -32.69 -62.61
C LEU RC 58 -89.02 -33.20 -63.39
N ALA RC 59 -87.85 -33.20 -62.75
CA ALA RC 59 -86.67 -33.77 -63.38
C ALA RC 59 -86.90 -35.25 -63.71
N ALA RC 60 -87.53 -35.99 -62.80
CA ALA RC 60 -87.77 -37.40 -63.05
C ALA RC 60 -88.66 -37.60 -64.26
N ARG RC 61 -89.71 -36.78 -64.38
CA ARG RC 61 -90.55 -36.85 -65.57
C ARG RC 61 -89.75 -36.50 -66.82
N ALA RC 62 -88.79 -35.58 -66.68
CA ALA RC 62 -87.91 -35.26 -67.80
C ALA RC 62 -87.08 -36.47 -68.21
N ILE RC 63 -86.48 -37.16 -67.25
CA ILE RC 63 -85.64 -38.30 -67.58
C ILE RC 63 -86.48 -39.40 -68.20
N VAL RC 64 -87.65 -39.68 -67.62
CA VAL RC 64 -88.50 -40.72 -68.17
C VAL RC 64 -89.12 -40.30 -69.49
N ALA RC 65 -89.13 -39.01 -69.79
CA ALA RC 65 -89.69 -38.55 -71.06
C ALA RC 65 -88.91 -39.11 -72.24
N ILE RC 66 -87.58 -39.15 -72.14
CA ILE RC 66 -86.80 -39.81 -73.17
C ILE RC 66 -86.96 -41.31 -73.01
N GLU RC 67 -87.27 -41.99 -74.11
CA GLU RC 67 -87.63 -43.40 -74.05
C GLU RC 67 -86.43 -44.32 -73.92
N ASN RC 68 -85.26 -43.91 -74.41
CA ASN RC 68 -84.09 -44.76 -74.38
C ASN RC 68 -83.23 -44.35 -73.20
N PRO RC 69 -83.22 -45.14 -72.12
CA PRO RC 69 -82.37 -44.77 -70.97
C PRO RC 69 -80.91 -44.66 -71.32
N ALA RC 70 -80.42 -45.46 -72.28
CA ALA RC 70 -79.07 -45.28 -72.78
C ALA RC 70 -79.02 -44.19 -73.84
N ASP RC 71 -79.64 -43.05 -73.54
CA ASP RC 71 -79.50 -41.86 -74.35
C ASP RC 71 -79.20 -40.69 -73.41
N VAL RC 72 -79.77 -40.75 -72.21
CA VAL RC 72 -79.54 -39.68 -71.24
C VAL RC 72 -78.16 -39.84 -70.62
N SER RC 73 -77.46 -38.72 -70.43
CA SER RC 73 -76.09 -38.71 -69.98
C SER RC 73 -76.02 -38.09 -68.59
N VAL RC 74 -75.18 -38.67 -67.73
CA VAL RC 74 -75.04 -38.25 -66.34
C VAL RC 74 -73.55 -38.08 -66.06
N ILE RC 75 -73.19 -36.99 -65.37
CA ILE RC 75 -71.79 -36.68 -65.15
C ILE RC 75 -71.53 -36.40 -63.67
N SER RC 76 -70.25 -36.33 -63.34
CA SER RC 76 -69.76 -35.83 -62.06
C SER RC 76 -68.28 -35.54 -62.22
N SER RC 77 -67.81 -34.48 -61.55
CA SER RC 77 -66.41 -34.13 -61.55
C SER RC 77 -65.77 -34.23 -60.18
N ARG RC 78 -66.32 -33.54 -59.18
CA ARG RC 78 -65.77 -33.62 -57.84
C ARG RC 78 -65.85 -35.04 -57.31
N ASN RC 79 -64.83 -35.43 -56.54
CA ASN RC 79 -64.72 -36.81 -56.09
C ASN RC 79 -65.97 -37.27 -55.36
N THR RC 80 -66.66 -36.34 -54.68
CA THR RC 80 -67.96 -36.64 -54.09
C THR RC 80 -68.99 -36.68 -55.21
N GLY RC 81 -69.24 -37.88 -55.73
CA GLY RC 81 -70.30 -38.04 -56.70
C GLY RC 81 -70.11 -39.05 -57.81
N GLN RC 82 -68.86 -39.45 -58.11
CA GLN RC 82 -68.66 -40.41 -59.19
C GLN RC 82 -69.32 -41.73 -58.87
N ARG RC 83 -69.19 -42.20 -57.63
CA ARG RC 83 -69.86 -43.44 -57.22
C ARG RC 83 -71.36 -43.36 -57.50
N ALA RC 84 -71.99 -42.28 -57.02
CA ALA RC 84 -73.43 -42.16 -57.14
C ALA RC 84 -73.85 -42.12 -58.61
N VAL RC 85 -73.15 -41.34 -59.44
CA VAL RC 85 -73.57 -41.21 -60.83
C VAL RC 85 -73.34 -42.51 -61.59
N LEU RC 86 -72.24 -43.22 -61.30
CA LEU RC 86 -71.98 -44.46 -62.01
C LEU RC 86 -73.03 -45.51 -61.68
N LYS RC 87 -73.38 -45.64 -60.40
CA LYS RC 87 -74.44 -46.62 -60.11
C LYS RC 87 -75.81 -46.12 -60.50
N PHE RC 88 -76.00 -44.80 -60.62
CA PHE RC 88 -77.22 -44.28 -61.22
C PHE RC 88 -77.35 -44.78 -62.65
N ALA RC 89 -76.32 -44.58 -63.46
CA ALA RC 89 -76.37 -45.06 -64.84
C ALA RC 89 -76.48 -46.57 -64.89
N ALA RC 90 -75.89 -47.27 -63.92
CA ALA RC 90 -75.96 -48.73 -63.91
C ALA RC 90 -77.38 -49.20 -63.62
N ALA RC 91 -78.04 -48.61 -62.61
CA ALA RC 91 -79.37 -49.08 -62.21
C ALA RC 91 -80.47 -48.48 -63.06
N THR RC 92 -80.16 -47.48 -63.89
CA THR RC 92 -81.17 -46.85 -64.72
C THR RC 92 -80.84 -46.87 -66.20
N GLY RC 93 -79.71 -47.45 -66.60
CA GLY RC 93 -79.37 -47.53 -68.01
C GLY RC 93 -78.80 -46.26 -68.60
N ALA RC 94 -78.48 -45.27 -67.77
CA ALA RC 94 -78.00 -43.99 -68.27
C ALA RC 94 -76.56 -44.13 -68.79
N THR RC 95 -76.00 -43.01 -69.22
CA THR RC 95 -74.64 -42.97 -69.74
C THR RC 95 -73.77 -42.14 -68.81
N PRO RC 96 -72.84 -42.74 -68.09
CA PRO RC 96 -72.08 -42.02 -67.07
C PRO RC 96 -70.79 -41.43 -67.58
N ILE RC 97 -70.50 -40.22 -67.12
CA ILE RC 97 -69.24 -39.53 -67.38
C ILE RC 97 -68.70 -39.10 -66.03
N ALA RC 98 -67.82 -39.91 -65.44
CA ALA RC 98 -67.27 -39.65 -64.12
C ALA RC 98 -65.83 -39.17 -64.24
N GLY RC 99 -65.37 -38.49 -63.19
CA GLY RC 99 -63.99 -38.03 -63.19
C GLY RC 99 -63.76 -36.90 -64.17
N ARG RC 100 -62.55 -36.84 -64.71
CA ARG RC 100 -62.18 -35.78 -65.64
C ARG RC 100 -63.10 -35.81 -66.86
N PHE RC 101 -63.62 -34.64 -67.21
CA PHE RC 101 -64.49 -34.49 -68.37
C PHE RC 101 -63.67 -33.95 -69.53
N THR RC 102 -63.59 -34.73 -70.60
CA THR RC 102 -62.83 -34.29 -71.76
C THR RC 102 -63.62 -33.23 -72.51
N PRO RC 103 -63.08 -32.02 -72.71
CA PRO RC 103 -63.79 -31.02 -73.51
C PRO RC 103 -63.89 -31.46 -74.96
N GLY RC 104 -65.02 -31.15 -75.57
CA GLY RC 104 -65.27 -31.51 -76.95
C GLY RC 104 -66.02 -32.80 -77.18
N THR RC 105 -66.34 -33.54 -76.12
CA THR RC 105 -67.05 -34.81 -76.27
C THR RC 105 -68.40 -34.64 -76.94
N PHE RC 106 -68.87 -33.40 -77.07
CA PHE RC 106 -70.16 -33.12 -77.68
C PHE RC 106 -70.02 -32.38 -79.00
N THR RC 107 -69.02 -31.51 -79.11
CA THR RC 107 -68.83 -30.64 -80.27
C THR RC 107 -67.72 -31.13 -81.18
N ASN RC 108 -67.21 -32.34 -80.97
CA ASN RC 108 -66.23 -32.92 -81.87
C ASN RC 108 -66.69 -34.33 -82.20
N GLN RC 109 -66.53 -34.72 -83.46
CA GLN RC 109 -67.16 -35.92 -83.99
C GLN RC 109 -66.18 -37.02 -84.32
N ILE RC 110 -64.88 -36.79 -84.18
CA ILE RC 110 -63.89 -37.76 -84.62
C ILE RC 110 -63.50 -38.69 -83.48
N GLN RC 111 -63.34 -38.14 -82.28
CA GLN RC 111 -62.93 -38.95 -81.15
C GLN RC 111 -64.02 -39.95 -80.78
N ALA RC 112 -63.58 -41.15 -80.38
CA ALA RC 112 -64.52 -42.17 -79.94
C ALA RC 112 -65.34 -41.72 -78.74
N ALA RC 113 -64.80 -40.81 -77.92
CA ALA RC 113 -65.55 -40.26 -76.80
C ALA RC 113 -66.49 -39.14 -77.26
N PHE RC 114 -67.31 -39.46 -78.25
CA PHE RC 114 -68.28 -38.52 -78.79
C PHE RC 114 -69.66 -39.05 -78.46
N ARG RC 115 -70.42 -38.29 -77.68
CA ARG RC 115 -71.77 -38.66 -77.30
C ARG RC 115 -72.75 -37.68 -77.93
N GLU RC 116 -73.92 -38.17 -78.32
CA GLU RC 116 -74.97 -37.25 -78.72
C GLU RC 116 -76.26 -37.61 -77.99
N PRO RC 117 -76.40 -37.19 -76.74
CA PRO RC 117 -77.58 -37.50 -75.95
C PRO RC 117 -78.72 -36.56 -76.28
N ARG RC 118 -79.82 -36.78 -75.59
CA ARG RC 118 -80.96 -35.89 -75.61
C ARG RC 118 -81.14 -35.17 -74.27
N LEU RC 119 -80.32 -35.48 -73.28
CA LEU RC 119 -80.50 -34.99 -71.93
C LEU RC 119 -79.18 -35.03 -71.19
N LEU RC 120 -78.93 -34.00 -70.38
CA LEU RC 120 -77.70 -33.91 -69.60
C LEU RC 120 -78.04 -33.82 -68.12
N VAL RC 121 -77.24 -34.51 -67.31
CA VAL RC 121 -77.39 -34.49 -65.86
C VAL RC 121 -76.04 -34.12 -65.26
N VAL RC 122 -76.04 -33.14 -64.36
CA VAL RC 122 -74.82 -32.58 -63.81
C VAL RC 122 -74.99 -32.37 -62.31
N THR RC 123 -73.92 -32.67 -61.56
CA THR RC 123 -73.98 -32.51 -60.12
C THR RC 123 -74.05 -31.04 -59.72
N ASP RC 124 -73.22 -30.20 -60.34
CA ASP RC 124 -73.19 -28.79 -59.98
C ASP RC 124 -72.63 -27.99 -61.14
N PRO RC 125 -73.20 -26.81 -61.44
CA PRO RC 125 -72.70 -26.01 -62.57
C PRO RC 125 -71.31 -25.47 -62.38
N ARG RC 126 -70.87 -25.18 -61.16
CA ARG RC 126 -69.55 -24.57 -60.96
C ARG RC 126 -68.44 -25.51 -61.42
N ALA RC 127 -68.44 -26.75 -60.92
CA ALA RC 127 -67.39 -27.69 -61.26
C ALA RC 127 -67.55 -28.29 -62.65
N ASP RC 128 -68.72 -28.14 -63.27
CA ASP RC 128 -69.00 -28.76 -64.56
C ASP RC 128 -69.47 -27.73 -65.56
N HIS RC 129 -68.75 -26.61 -65.66
CA HIS RC 129 -69.11 -25.60 -66.64
C HIS RC 129 -68.90 -26.10 -68.07
N GLN RC 130 -67.87 -26.91 -68.29
CA GLN RC 130 -67.57 -27.40 -69.64
C GLN RC 130 -68.74 -28.18 -70.25
N PRO RC 131 -69.31 -29.19 -69.58
CA PRO RC 131 -70.44 -29.89 -70.18
C PRO RC 131 -71.65 -29.00 -70.40
N LEU RC 132 -71.90 -28.05 -69.50
CA LEU RC 132 -73.02 -27.14 -69.70
C LEU RC 132 -72.81 -26.30 -70.96
N THR RC 133 -71.59 -25.79 -71.15
CA THR RC 133 -71.30 -25.02 -72.35
C THR RC 133 -71.45 -25.90 -73.59
N GLU RC 134 -70.95 -27.13 -73.53
CA GLU RC 134 -71.07 -28.02 -74.68
C GLU RC 134 -72.51 -28.33 -75.01
N ALA RC 135 -73.35 -28.53 -73.98
CA ALA RC 135 -74.77 -28.72 -74.20
C ALA RC 135 -75.39 -27.47 -74.81
N SER RC 136 -74.99 -26.29 -74.32
CA SER RC 136 -75.42 -25.05 -74.94
C SER RC 136 -74.98 -24.96 -76.39
N TYR RC 137 -73.97 -25.74 -76.78
CA TYR RC 137 -73.52 -25.75 -78.17
C TYR RC 137 -74.26 -26.77 -79.02
N VAL RC 138 -74.78 -27.84 -78.44
CA VAL RC 138 -75.44 -28.88 -79.21
C VAL RC 138 -76.91 -28.94 -78.81
N ASN RC 139 -77.45 -27.79 -78.40
CA ASN RC 139 -78.87 -27.57 -78.07
C ASN RC 139 -79.51 -28.80 -77.42
N LEU RC 140 -78.95 -29.23 -76.28
CA LEU RC 140 -79.52 -30.28 -75.46
C LEU RC 140 -79.58 -29.82 -74.01
N PRO RC 141 -80.65 -30.13 -73.28
CA PRO RC 141 -80.87 -29.48 -71.98
C PRO RC 141 -80.20 -30.23 -70.85
N THR RC 142 -80.22 -29.60 -69.67
CA THR RC 142 -79.49 -30.10 -68.50
C THR RC 142 -80.36 -30.05 -67.26
N ILE RC 143 -80.04 -30.93 -66.32
CA ILE RC 143 -80.61 -30.94 -64.98
C ILE RC 143 -79.44 -31.00 -63.98
N ALA RC 144 -79.48 -30.12 -62.99
CA ALA RC 144 -78.37 -29.93 -62.09
C ALA RC 144 -78.79 -30.08 -60.63
N LEU RC 145 -77.90 -30.67 -59.84
CA LEU RC 145 -78.07 -30.75 -58.39
C LEU RC 145 -77.40 -29.53 -57.73
N CYS RC 146 -77.87 -28.36 -58.15
CA CYS RC 146 -77.24 -27.11 -57.77
C CYS RC 146 -77.56 -26.73 -56.33
N ASN RC 147 -76.76 -25.80 -55.81
CA ASN RC 147 -76.92 -25.21 -54.48
C ASN RC 147 -77.23 -23.73 -54.61
N THR RC 148 -77.56 -23.12 -53.46
CA THR RC 148 -78.06 -21.75 -53.46
C THR RC 148 -77.08 -20.78 -54.10
N ASP RC 149 -75.80 -20.92 -53.79
CA ASP RC 149 -74.79 -20.04 -54.36
C ASP RC 149 -74.56 -20.29 -55.84
N SER RC 150 -74.74 -21.52 -56.31
CA SER RC 150 -74.37 -21.87 -57.67
C SER RC 150 -75.20 -21.08 -58.67
N PRO RC 151 -74.60 -20.57 -59.74
CA PRO RC 151 -75.38 -19.87 -60.75
C PRO RC 151 -76.14 -20.85 -61.63
N LEU RC 152 -77.05 -20.31 -62.43
CA LEU RC 152 -77.90 -21.15 -63.25
C LEU RC 152 -77.82 -20.76 -64.72
N ARG RC 153 -76.60 -20.48 -65.20
CA ARG RC 153 -76.45 -19.89 -66.53
C ARG RC 153 -77.04 -20.79 -67.62
N TYR RC 154 -76.74 -22.08 -67.58
CA TYR RC 154 -77.13 -22.98 -68.65
C TYR RC 154 -77.79 -24.24 -68.10
N VAL RC 155 -78.72 -24.08 -67.18
CA VAL RC 155 -79.45 -25.21 -66.61
C VAL RC 155 -80.94 -24.90 -66.69
N ASP RC 156 -81.74 -25.97 -66.65
CA ASP RC 156 -83.18 -25.85 -66.87
C ASP RC 156 -84.03 -26.23 -65.66
N ILE RC 157 -83.79 -27.38 -65.02
CA ILE RC 157 -84.70 -27.84 -63.97
C ILE RC 157 -83.94 -27.94 -62.65
N ALA RC 158 -82.84 -27.21 -62.53
CA ALA RC 158 -81.87 -27.44 -61.46
C ALA RC 158 -82.51 -27.61 -60.09
N ILE RC 159 -82.38 -28.80 -59.53
CA ILE RC 159 -82.98 -29.06 -58.21
C ILE RC 159 -82.16 -28.37 -57.14
N PRO RC 160 -82.77 -27.54 -56.32
CA PRO RC 160 -82.03 -26.67 -55.40
C PRO RC 160 -81.78 -27.28 -54.02
N CYS RC 161 -81.09 -28.43 -53.99
CA CYS RC 161 -80.85 -29.10 -52.72
C CYS RC 161 -79.49 -28.75 -52.11
N ASN RC 162 -78.41 -29.20 -52.76
CA ASN RC 162 -77.05 -29.07 -52.25
C ASN RC 162 -76.13 -29.77 -53.24
N ASN RC 163 -74.82 -29.55 -53.09
CA ASN RC 163 -73.85 -30.48 -53.63
C ASN RC 163 -72.63 -30.59 -52.73
N LYS RC 164 -72.69 -30.13 -51.48
CA LYS RC 164 -71.48 -30.08 -50.68
C LYS RC 164 -71.29 -31.32 -49.82
N GLY RC 165 -72.23 -31.62 -48.94
CA GLY RC 165 -72.13 -32.84 -48.15
C GLY RC 165 -72.22 -34.07 -49.03
N ALA RC 166 -71.22 -34.95 -48.92
CA ALA RC 166 -71.29 -36.22 -49.66
C ALA RC 166 -72.56 -36.97 -49.31
N HIS RC 167 -72.99 -36.88 -48.05
CA HIS RC 167 -74.27 -37.43 -47.67
C HIS RC 167 -75.40 -36.84 -48.50
N SER RC 168 -75.39 -35.51 -48.67
CA SER RC 168 -76.45 -34.85 -49.41
C SER RC 168 -76.50 -35.33 -50.86
N VAL RC 169 -75.33 -35.41 -51.51
CA VAL RC 169 -75.32 -35.75 -52.92
C VAL RC 169 -75.71 -37.20 -53.13
N GLY RC 170 -75.14 -38.11 -52.32
CA GLY RC 170 -75.54 -39.50 -52.42
C GLY RC 170 -77.03 -39.66 -52.17
N LEU RC 171 -77.56 -38.91 -51.19
CA LEU RC 171 -78.97 -39.00 -50.91
C LEU RC 171 -79.77 -38.54 -52.11
N MET RC 172 -79.49 -37.37 -52.65
CA MET RC 172 -80.31 -36.85 -53.74
C MET RC 172 -80.24 -37.78 -54.95
N TRP RC 173 -79.07 -38.31 -55.24
CA TRP RC 173 -78.96 -39.26 -56.34
C TRP RC 173 -79.84 -40.49 -56.08
N TRP RC 174 -79.85 -40.96 -54.83
CA TRP RC 174 -80.70 -42.10 -54.49
C TRP RC 174 -82.17 -41.76 -54.70
N MET RC 175 -82.61 -40.59 -54.24
CA MET RC 175 -84.01 -40.22 -54.44
C MET RC 175 -84.36 -40.15 -55.91
N LEU RC 176 -83.52 -39.52 -56.72
CA LEU RC 176 -83.88 -39.37 -58.13
C LEU RC 176 -83.89 -40.71 -58.83
N ALA RC 177 -82.93 -41.58 -58.51
CA ALA RC 177 -82.92 -42.91 -59.08
C ALA RC 177 -84.17 -43.68 -58.69
N ARG RC 178 -84.52 -43.67 -57.41
CA ARG RC 178 -85.73 -44.35 -56.98
C ARG RC 178 -86.97 -43.72 -57.59
N GLU RC 179 -86.92 -42.43 -57.87
CA GLU RC 179 -88.09 -41.74 -58.39
C GLU RC 179 -88.35 -42.10 -59.84
N VAL RC 180 -87.28 -42.25 -60.62
CA VAL RC 180 -87.50 -42.69 -62.00
C VAL RC 180 -87.77 -44.19 -62.05
N LEU RC 181 -87.19 -44.96 -61.12
CA LEU RC 181 -87.48 -46.39 -61.09
C LEU RC 181 -88.92 -46.67 -60.68
N ARG RC 182 -89.46 -45.89 -59.75
CA ARG RC 182 -90.86 -46.00 -59.39
C ARG RC 182 -91.72 -45.40 -60.48
N MET RC 183 -91.23 -44.36 -61.13
CA MET RC 183 -91.95 -43.71 -62.20
C MET RC 183 -92.02 -44.67 -63.38
N ARG RC 184 -90.90 -45.31 -63.73
CA ARG RC 184 -90.91 -46.45 -64.62
C ARG RC 184 -91.50 -47.66 -63.89
N GLY RC 185 -91.84 -48.70 -64.64
CA GLY RC 185 -92.41 -49.84 -63.96
C GLY RC 185 -91.34 -50.78 -63.48
N THR RC 186 -90.87 -50.56 -62.25
CA THR RC 186 -89.96 -51.47 -61.57
C THR RC 186 -90.30 -51.70 -60.12
N ILE RC 187 -91.01 -50.78 -59.46
CA ILE RC 187 -91.45 -50.94 -58.08
C ILE RC 187 -92.94 -50.72 -58.04
N SER RC 188 -93.61 -51.42 -57.12
CA SER RC 188 -95.06 -51.38 -57.10
C SER RC 188 -95.62 -50.16 -56.38
N ARG RC 189 -94.81 -49.13 -56.13
CA ARG RC 189 -95.23 -47.79 -55.70
C ARG RC 189 -95.61 -47.72 -54.22
N GLU RC 190 -95.61 -48.82 -53.49
CA GLU RC 190 -95.84 -48.68 -52.05
C GLU RC 190 -94.79 -49.38 -51.20
N HIS RC 191 -94.21 -50.48 -51.67
CA HIS RC 191 -93.08 -51.06 -50.94
C HIS RC 191 -91.89 -50.12 -51.07
N PRO RC 192 -91.23 -49.77 -49.97
CA PRO RC 192 -90.07 -48.88 -50.06
C PRO RC 192 -88.93 -49.54 -50.82
N TRP RC 193 -88.15 -48.72 -51.49
CA TRP RC 193 -87.06 -49.25 -52.31
C TRP RC 193 -86.02 -49.93 -51.43
N GLU RC 194 -85.70 -51.17 -51.78
CA GLU RC 194 -84.79 -51.98 -50.97
C GLU RC 194 -83.35 -51.47 -51.05
N VAL RC 195 -82.97 -50.82 -52.13
CA VAL RC 195 -81.62 -50.30 -52.27
C VAL RC 195 -81.46 -49.16 -51.27
N MET RC 196 -80.45 -49.25 -50.42
CA MET RC 196 -80.32 -48.26 -49.36
C MET RC 196 -79.48 -47.09 -49.86
N PRO RC 197 -79.65 -45.89 -49.29
CA PRO RC 197 -78.91 -44.71 -49.80
C PRO RC 197 -77.41 -44.84 -49.73
N ASP RC 198 -76.86 -45.44 -48.67
CA ASP RC 198 -75.41 -45.46 -48.50
C ASP RC 198 -74.72 -46.20 -49.62
N LEU RC 199 -75.45 -47.05 -50.35
CA LEU RC 199 -74.88 -47.61 -51.58
C LEU RC 199 -74.57 -46.50 -52.57
N TYR RC 200 -75.41 -45.47 -52.64
CA TYR RC 200 -75.18 -44.33 -53.50
C TYR RC 200 -74.28 -43.28 -52.87
N PHE RC 201 -73.81 -43.53 -51.65
CA PHE RC 201 -72.97 -42.58 -50.92
C PHE RC 201 -71.53 -42.71 -51.38
N TYR RC 202 -70.95 -41.62 -51.87
CA TYR RC 202 -69.51 -41.59 -52.06
C TYR RC 202 -68.83 -41.76 -50.71
N ARG RC 203 -67.86 -42.67 -50.65
CA ARG RC 203 -67.18 -42.96 -49.40
C ARG RC 203 -65.80 -42.32 -49.41
N ASP RC 204 -65.48 -41.61 -48.34
CA ASP RC 204 -64.20 -40.92 -48.23
C ASP RC 204 -63.06 -41.95 -48.29
N PRO RC 205 -62.01 -41.71 -49.09
CA PRO RC 205 -60.97 -42.73 -49.26
C PRO RC 205 -60.04 -42.87 -48.08
N GLU RC 206 -60.44 -42.31 -46.94
CA GLU RC 206 -59.78 -42.59 -45.67
C GLU RC 206 -60.37 -43.82 -44.98
N GLU RC 207 -61.49 -44.35 -45.47
CA GLU RC 207 -62.25 -45.36 -44.76
C GLU RC 207 -62.01 -46.78 -45.26
N ILE RC 208 -61.82 -46.96 -46.56
CA ILE RC 208 -61.72 -48.31 -47.12
C ILE RC 208 -60.51 -49.06 -46.57
N GLU RC 209 -59.40 -48.35 -46.34
CA GLU RC 209 -58.17 -49.01 -45.93
C GLU RC 209 -58.25 -49.70 -44.58
N LYS RC 210 -59.22 -49.34 -43.73
CA LYS RC 210 -59.32 -49.96 -42.41
C LYS RC 210 -60.71 -50.42 -42.02
N GLU RC 211 -61.79 -49.79 -42.49
CA GLU RC 211 -63.12 -50.14 -42.02
C GLU RC 211 -63.53 -51.53 -42.50
N GLU RC 212 -63.21 -51.86 -43.75
CA GLU RC 212 -63.40 -53.23 -44.23
C GLU RC 212 -62.55 -54.20 -43.44
N GLN RC 213 -61.33 -53.79 -43.06
CA GLN RC 213 -60.52 -54.60 -42.18
C GLN RC 213 -61.21 -54.83 -40.84
N ALA RC 214 -61.83 -53.78 -40.30
CA ALA RC 214 -62.58 -53.92 -39.06
C ALA RC 214 -63.72 -54.92 -39.21
N ALA RC 215 -64.44 -54.85 -40.33
CA ALA RC 215 -65.52 -55.82 -40.57
C ALA RC 215 -64.96 -57.23 -40.66
N ALA RC 216 -63.81 -57.40 -41.32
CA ALA RC 216 -63.21 -58.73 -41.41
C ALA RC 216 -62.79 -59.25 -40.04
N GLU RC 217 -62.21 -58.38 -39.21
CA GLU RC 217 -61.81 -58.80 -37.86
C GLU RC 217 -63.03 -59.20 -37.04
N LYS RC 218 -64.11 -58.42 -37.12
CA LYS RC 218 -65.32 -58.78 -36.42
C LYS RC 218 -65.86 -60.11 -36.90
N ALA RC 219 -65.82 -60.35 -38.20
CA ALA RC 219 -66.30 -61.62 -38.74
C ALA RC 219 -65.46 -62.79 -38.27
N VAL RC 220 -64.14 -62.62 -38.26
CA VAL RC 220 -63.26 -63.73 -37.88
C VAL RC 220 -63.22 -63.90 -36.35
N THR RC 221 -63.51 -62.85 -35.61
CA THR RC 221 -63.53 -62.94 -34.14
C THR RC 221 -64.85 -62.44 -33.57
N VAL SC 1 -1.02 16.48 -26.20
CA VAL SC 1 -0.05 15.47 -25.80
C VAL SC 1 -0.52 14.76 -24.53
N VAL SC 2 -0.63 15.53 -23.44
CA VAL SC 2 -1.05 14.94 -22.17
C VAL SC 2 -2.48 14.46 -22.27
N ASP SC 3 -2.80 13.42 -21.51
CA ASP SC 3 -4.14 12.87 -21.50
C ASP SC 3 -5.12 13.87 -20.89
N PRO SC 4 -6.20 14.22 -21.58
CA PRO SC 4 -7.23 15.05 -20.95
C PRO SC 4 -7.96 14.34 -19.83
N PHE SC 5 -8.11 13.03 -19.91
CA PHE SC 5 -8.83 12.28 -18.89
C PHE SC 5 -8.10 12.26 -17.55
N SER SC 6 -6.79 12.49 -17.55
CA SER SC 6 -6.07 12.63 -16.28
C SER SC 6 -6.57 13.84 -15.50
N LYS SC 7 -7.27 14.77 -16.15
CA LYS SC 7 -7.86 15.91 -15.49
C LYS SC 7 -9.35 15.75 -15.26
N LYS SC 8 -9.90 14.55 -15.48
CA LYS SC 8 -11.32 14.31 -15.32
C LYS SC 8 -11.61 13.70 -13.95
N ASP SC 9 -12.78 14.03 -13.41
CA ASP SC 9 -13.24 13.50 -12.14
C ASP SC 9 -14.64 12.93 -12.31
N TRP SC 10 -14.81 11.65 -11.99
CA TRP SC 10 -16.08 10.96 -12.15
C TRP SC 10 -16.94 11.17 -10.92
N TYR SC 11 -18.17 11.61 -11.12
CA TYR SC 11 -19.14 11.84 -10.07
C TYR SC 11 -20.36 10.95 -10.28
N ASP SC 12 -21.00 10.60 -9.17
CA ASP SC 12 -22.23 9.83 -9.21
C ASP SC 12 -23.42 10.79 -9.16
N VAL SC 13 -24.50 10.40 -9.82
CA VAL SC 13 -25.71 11.21 -9.88
C VAL SC 13 -26.86 10.40 -9.29
N LYS SC 14 -27.63 11.02 -8.41
CA LYS SC 14 -28.65 10.34 -7.64
C LYS SC 14 -30.02 10.88 -7.99
N ALA SC 15 -30.94 9.98 -8.34
CA ALA SC 15 -32.29 10.36 -8.72
C ALA SC 15 -33.05 10.89 -7.51
N PRO SC 16 -34.16 11.60 -7.74
CA PRO SC 16 -35.01 12.01 -6.63
C PRO SC 16 -35.48 10.85 -5.76
N ALA SC 17 -36.03 11.17 -4.59
CA ALA SC 17 -36.39 10.15 -3.61
C ALA SC 17 -37.63 9.36 -3.97
N MET SC 18 -38.40 9.78 -4.97
CA MET SC 18 -39.61 9.05 -5.33
C MET SC 18 -39.31 7.82 -6.18
N PHE SC 19 -38.05 7.53 -6.46
CA PHE SC 19 -37.67 6.37 -7.25
C PHE SC 19 -37.14 5.28 -6.33
N ASN SC 20 -37.35 4.03 -6.73
CA ASN SC 20 -36.91 2.91 -5.90
C ASN SC 20 -35.39 2.90 -5.74
N ILE SC 21 -34.67 3.37 -6.76
CA ILE SC 21 -33.22 3.37 -6.73
C ILE SC 21 -32.73 4.78 -7.02
N ARG SC 22 -31.54 5.09 -6.49
CA ARG SC 22 -30.97 6.43 -6.61
C ARG SC 22 -29.79 6.51 -7.54
N ASN SC 23 -28.83 5.60 -7.44
CA ASN SC 23 -27.66 5.63 -8.30
C ASN SC 23 -28.07 5.48 -9.75
N ILE SC 24 -27.76 6.50 -10.55
CA ILE SC 24 -28.05 6.49 -11.98
C ILE SC 24 -26.83 6.10 -12.79
N GLY SC 25 -25.68 6.63 -12.42
CA GLY SC 25 -24.45 6.30 -13.11
C GLY SC 25 -23.34 7.20 -12.66
N LYS SC 26 -22.20 7.09 -13.35
CA LYS SC 26 -21.03 7.91 -13.06
C LYS SC 26 -20.89 8.97 -14.15
N THR SC 27 -20.80 10.22 -13.72
CA THR SC 27 -20.63 11.35 -14.63
C THR SC 27 -19.28 11.98 -14.36
N LEU SC 28 -18.51 12.21 -15.42
CA LEU SC 28 -17.18 12.78 -15.28
C LEU SC 28 -17.19 14.24 -15.69
N VAL SC 29 -16.14 14.95 -15.28
CA VAL SC 29 -15.95 16.36 -15.62
C VAL SC 29 -14.50 16.70 -15.34
N THR SC 30 -14.00 17.74 -16.01
CA THR SC 30 -12.65 18.18 -15.75
C THR SC 30 -12.54 18.78 -14.36
N ARG SC 31 -11.33 18.74 -13.80
CA ARG SC 31 -11.10 19.32 -12.48
C ARG SC 31 -11.35 20.81 -12.51
N THR SC 32 -11.98 21.31 -11.45
CA THR SC 32 -12.18 22.75 -11.30
C THR SC 32 -10.82 23.44 -11.30
N GLN SC 33 -10.71 24.50 -12.08
CA GLN SC 33 -9.45 25.20 -12.23
C GLN SC 33 -9.73 26.57 -12.80
N GLY SC 34 -9.00 27.58 -12.33
CA GLY SC 34 -9.22 28.93 -12.82
C GLY SC 34 -10.62 29.40 -12.54
N THR SC 35 -11.18 30.15 -13.50
CA THR SC 35 -12.53 30.68 -13.32
C THR SC 35 -13.59 29.59 -13.51
N LYS SC 36 -13.36 28.66 -14.43
CA LYS SC 36 -14.35 27.63 -14.69
C LYS SC 36 -14.46 26.70 -13.50
N ILE SC 37 -15.68 26.45 -13.06
CA ILE SC 37 -15.95 25.59 -11.90
C ILE SC 37 -16.71 24.37 -12.38
N ALA SC 38 -16.28 23.18 -11.95
CA ALA SC 38 -16.93 21.96 -12.40
C ALA SC 38 -18.39 21.88 -11.99
N SER SC 39 -18.79 22.60 -10.94
CA SER SC 39 -20.18 22.52 -10.49
C SER SC 39 -21.14 23.02 -11.55
N ASP SC 40 -20.87 24.21 -12.10
CA ASP SC 40 -21.73 24.72 -13.17
C ASP SC 40 -21.67 23.86 -14.43
N GLY SC 41 -20.53 23.23 -14.70
CA GLY SC 41 -20.48 22.26 -15.78
C GLY SC 41 -21.37 21.06 -15.51
N LEU SC 42 -21.50 20.66 -14.24
CA LEU SC 42 -22.36 19.55 -13.90
C LEU SC 42 -23.83 19.90 -14.12
N LYS SC 43 -24.25 21.07 -13.64
CA LYS SC 43 -25.65 21.44 -13.78
C LYS SC 43 -25.97 21.70 -15.25
N GLY SC 44 -27.26 21.74 -15.54
CA GLY SC 44 -27.71 21.91 -16.91
C GLY SC 44 -27.38 20.73 -17.80
N ARG SC 45 -27.57 19.51 -17.30
CA ARG SC 45 -27.29 18.31 -18.06
C ARG SC 45 -28.50 17.38 -18.00
N VAL SC 46 -28.97 16.94 -19.17
CA VAL SC 46 -30.14 16.09 -19.28
C VAL SC 46 -29.68 14.64 -19.33
N PHE SC 47 -30.24 13.80 -18.45
CA PHE SC 47 -29.81 12.41 -18.32
C PHE SC 47 -30.99 11.53 -18.75
N GLU SC 48 -30.99 11.13 -20.01
CA GLU SC 48 -32.07 10.29 -20.53
C GLU SC 48 -31.98 8.91 -19.88
N VAL SC 49 -32.96 8.57 -19.05
CA VAL SC 49 -32.93 7.36 -18.27
C VAL SC 49 -34.25 6.61 -18.44
N SER SC 50 -34.17 5.35 -18.83
CA SER SC 50 -35.37 4.53 -18.99
C SER SC 50 -35.99 4.24 -17.63
N LEU SC 51 -37.31 4.06 -17.64
CA LEU SC 51 -38.02 3.75 -16.41
C LEU SC 51 -37.66 2.37 -15.89
N ALA SC 52 -37.36 1.42 -16.79
CA ALA SC 52 -37.06 0.06 -16.36
C ALA SC 52 -35.83 0.01 -15.48
N ASP SC 53 -34.77 0.72 -15.86
CA ASP SC 53 -33.59 0.85 -15.02
C ASP SC 53 -33.74 1.98 -14.02
N LEU SC 54 -34.88 2.68 -14.03
CA LEU SC 54 -35.21 3.68 -13.03
C LEU SC 54 -36.04 3.10 -11.90
N GLN SC 55 -37.08 2.34 -12.22
CA GLN SC 55 -37.84 1.58 -11.25
C GLN SC 55 -37.38 0.13 -11.26
N ASN SC 56 -38.14 -0.74 -10.59
CA ASN SC 56 -37.71 -2.12 -10.36
C ASN SC 56 -38.13 -3.09 -11.48
N ASP SC 57 -39.44 -3.22 -11.71
CA ASP SC 57 -39.93 -4.25 -12.62
C ASP SC 57 -41.01 -3.70 -13.54
N GLU SC 58 -40.99 -2.40 -13.79
CA GLU SC 58 -41.98 -1.74 -14.62
C GLU SC 58 -41.41 -1.61 -16.05
N VAL SC 59 -42.32 -1.51 -17.04
CA VAL SC 59 -41.99 -1.66 -18.45
C VAL SC 59 -40.97 -0.61 -18.88
N ALA SC 60 -40.25 -0.92 -19.96
CA ALA SC 60 -39.06 -0.18 -20.35
C ALA SC 60 -39.29 0.94 -21.35
N PHE SC 61 -40.43 0.97 -22.03
CA PHE SC 61 -40.57 1.97 -23.08
C PHE SC 61 -40.84 3.38 -22.54
N ARG SC 62 -40.63 3.60 -21.26
CA ARG SC 62 -40.81 4.91 -20.63
C ARG SC 62 -39.46 5.40 -20.14
N LYS SC 63 -39.14 6.67 -20.39
CA LYS SC 63 -37.83 7.17 -20.05
C LYS SC 63 -37.85 8.65 -19.70
N PHE SC 64 -36.95 9.05 -18.79
CA PHE SC 64 -36.95 10.38 -18.18
C PHE SC 64 -35.62 11.10 -18.39
N LYS SC 65 -35.66 12.42 -18.26
CA LYS SC 65 -34.55 13.30 -18.64
C LYS SC 65 -33.68 13.75 -17.48
N LEU SC 66 -34.27 14.04 -16.31
CA LEU SC 66 -33.53 14.14 -15.06
C LEU SC 66 -32.42 15.21 -15.14
N ILE SC 67 -32.84 16.46 -15.22
CA ILE SC 67 -31.90 17.58 -15.25
C ILE SC 67 -31.05 17.59 -13.98
N THR SC 68 -29.80 18.04 -14.10
CA THR SC 68 -28.91 18.20 -12.96
C THR SC 68 -28.87 19.65 -12.52
N GLU SC 69 -29.04 19.87 -11.21
CA GLU SC 69 -29.10 21.23 -10.66
C GLU SC 69 -27.97 21.53 -9.69
N ASP SC 70 -27.79 20.70 -8.67
CA ASP SC 70 -26.86 21.01 -7.59
C ASP SC 70 -25.88 19.87 -7.41
N VAL SC 71 -24.75 20.20 -6.80
CA VAL SC 71 -23.72 19.22 -6.48
C VAL SC 71 -23.45 19.28 -4.98
N GLN SC 72 -23.03 18.15 -4.42
CA GLN SC 72 -22.70 18.07 -3.00
C GLN SC 72 -21.32 17.47 -2.80
N GLY SC 73 -20.38 17.83 -3.68
CA GLY SC 73 -19.06 17.21 -3.65
C GLY SC 73 -19.01 16.03 -4.60
N LYS SC 74 -18.98 14.81 -4.05
CA LYS SC 74 -19.00 13.63 -4.90
C LYS SC 74 -20.33 13.50 -5.62
N ASN SC 75 -21.43 13.77 -4.93
CA ASN SC 75 -22.75 13.52 -5.47
C ASN SC 75 -23.24 14.69 -6.31
N CYS SC 76 -24.04 14.37 -7.33
CA CYS SC 76 -24.75 15.36 -8.13
C CYS SC 76 -26.24 15.07 -8.03
N LEU SC 77 -27.00 16.05 -7.54
CA LEU SC 77 -28.44 15.90 -7.38
C LEU SC 77 -29.16 16.28 -8.65
N THR SC 78 -30.28 15.61 -8.91
CA THR SC 78 -31.03 15.82 -10.13
C THR SC 78 -32.52 15.67 -9.85
N ASN SC 79 -33.33 16.35 -10.67
CA ASN SC 79 -34.77 16.23 -10.55
C ASN SC 79 -35.39 16.09 -11.94
N PHE SC 80 -36.70 15.88 -11.94
CA PHE SC 80 -37.43 15.58 -13.16
C PHE SC 80 -37.30 16.71 -14.18
N HIS SC 81 -37.18 16.33 -15.46
CA HIS SC 81 -37.15 17.31 -16.53
C HIS SC 81 -37.96 16.95 -17.77
N GLY SC 82 -38.59 15.80 -17.80
CA GLY SC 82 -39.41 15.45 -18.94
C GLY SC 82 -39.71 13.96 -18.94
N MET SC 83 -40.45 13.55 -19.97
CA MET SC 83 -40.87 12.18 -20.08
C MET SC 83 -41.35 11.91 -21.50
N ASP SC 84 -40.91 10.80 -22.06
CA ASP SC 84 -41.36 10.36 -23.38
C ASP SC 84 -41.09 8.87 -23.51
N LEU SC 85 -41.41 8.34 -24.68
CA LEU SC 85 -41.25 6.92 -24.93
C LEU SC 85 -40.07 6.66 -25.87
N THR SC 86 -39.71 5.38 -25.97
CA THR SC 86 -38.77 4.96 -26.98
C THR SC 86 -39.40 5.06 -28.37
N ARG SC 87 -38.64 5.56 -29.33
CA ARG SC 87 -39.21 5.82 -30.65
C ARG SC 87 -39.69 4.54 -31.30
N ASP SC 88 -38.95 3.43 -31.15
CA ASP SC 88 -39.38 2.16 -31.71
C ASP SC 88 -40.80 1.84 -31.29
N LYS SC 89 -41.09 1.98 -29.99
CA LYS SC 89 -42.46 1.85 -29.54
C LYS SC 89 -43.35 2.86 -30.23
N MET SC 90 -42.92 4.12 -30.30
CA MET SC 90 -43.72 5.19 -30.88
C MET SC 90 -44.25 4.81 -32.25
N CYS SC 91 -43.37 4.35 -33.13
CA CYS SC 91 -43.79 3.86 -34.42
C CYS SC 91 -44.37 2.45 -34.34
N SER SC 92 -44.28 1.79 -33.19
CA SER SC 92 -44.92 0.50 -33.02
C SER SC 92 -46.43 0.60 -32.88
N MET SC 93 -46.95 1.52 -32.07
CA MET SC 93 -48.41 1.54 -31.93
C MET SC 93 -49.10 1.91 -33.24
N VAL SC 94 -48.45 2.70 -34.09
CA VAL SC 94 -49.12 3.18 -35.30
C VAL SC 94 -49.40 2.01 -36.23
N LYS SC 95 -50.65 1.88 -36.65
CA LYS SC 95 -51.07 0.88 -37.62
C LYS SC 95 -51.92 1.56 -38.68
N LYS SC 96 -52.57 0.74 -39.50
CA LYS SC 96 -53.58 1.22 -40.41
C LYS SC 96 -54.97 0.95 -39.85
N TRP SC 97 -55.97 1.57 -40.45
CA TRP SC 97 -57.37 1.33 -40.16
C TRP SC 97 -57.73 1.65 -38.71
N GLN SC 98 -57.00 2.58 -38.10
CA GLN SC 98 -57.35 3.11 -36.80
C GLN SC 98 -56.84 4.54 -36.72
N THR SC 99 -57.38 5.30 -35.78
CA THR SC 99 -57.18 6.74 -35.73
C THR SC 99 -56.19 7.11 -34.63
N MET SC 100 -55.13 7.82 -35.01
CA MET SC 100 -54.33 8.52 -34.02
C MET SC 100 -55.11 9.69 -33.46
N ILE SC 101 -55.20 9.75 -32.13
CA ILE SC 101 -55.80 10.88 -31.44
C ILE SC 101 -54.72 11.54 -30.60
N GLU SC 102 -54.40 12.78 -30.92
CA GLU SC 102 -53.38 13.55 -30.22
C GLU SC 102 -54.00 14.77 -29.59
N ALA SC 103 -53.44 15.19 -28.46
CA ALA SC 103 -53.86 16.42 -27.80
C ALA SC 103 -52.68 16.97 -27.01
N HIS SC 104 -52.78 18.25 -26.67
CA HIS SC 104 -51.72 18.93 -25.96
C HIS SC 104 -52.32 20.02 -25.09
N VAL SC 105 -51.69 20.27 -23.95
CA VAL SC 105 -52.14 21.30 -23.04
C VAL SC 105 -50.95 21.84 -22.25
N ASP SC 106 -50.92 23.16 -22.08
CA ASP SC 106 -49.92 23.83 -21.28
C ASP SC 106 -50.55 24.18 -19.94
N VAL SC 107 -50.01 23.61 -18.86
CA VAL SC 107 -50.61 23.69 -17.55
C VAL SC 107 -49.55 24.12 -16.54
N LYS SC 108 -50.01 24.61 -15.40
CA LYS SC 108 -49.15 25.05 -14.31
C LYS SC 108 -49.54 24.33 -13.02
N THR SC 109 -48.55 23.82 -12.30
CA THR SC 109 -48.79 23.05 -11.10
C THR SC 109 -48.87 23.97 -9.88
N THR SC 110 -49.18 23.39 -8.72
CA THR SC 110 -49.34 24.15 -7.49
C THR SC 110 -48.03 24.80 -7.07
N ASP SC 111 -46.91 24.09 -7.22
CA ASP SC 111 -45.62 24.56 -6.75
C ASP SC 111 -44.97 25.58 -7.69
N GLY SC 112 -45.73 26.16 -8.61
CA GLY SC 112 -45.19 27.12 -9.55
C GLY SC 112 -44.53 26.52 -10.76
N TYR SC 113 -44.48 25.20 -10.87
CA TYR SC 113 -43.94 24.55 -12.05
C TYR SC 113 -45.04 24.39 -13.08
N LEU SC 114 -44.71 24.62 -14.35
CA LEU SC 114 -45.67 24.52 -15.44
C LEU SC 114 -45.16 23.54 -16.49
N LEU SC 115 -46.08 22.75 -17.04
CA LEU SC 115 -45.75 21.63 -17.90
C LEU SC 115 -46.57 21.67 -19.18
N ARG SC 116 -45.99 21.10 -20.25
CA ARG SC 116 -46.68 20.91 -21.52
C ARG SC 116 -46.85 19.41 -21.72
N LEU SC 117 -48.10 18.97 -21.77
CA LEU SC 117 -48.42 17.55 -21.77
C LEU SC 117 -48.82 17.10 -23.18
N PHE SC 118 -48.16 16.06 -23.67
CA PHE SC 118 -48.51 15.45 -24.94
C PHE SC 118 -49.02 14.04 -24.70
N CYS SC 119 -50.12 13.70 -25.37
CA CYS SC 119 -50.90 12.52 -25.06
C CYS SC 119 -51.52 11.97 -26.34
N VAL SC 120 -51.53 10.64 -26.44
CA VAL SC 120 -51.94 9.95 -27.65
C VAL SC 120 -53.04 8.95 -27.35
N GLY SC 121 -54.06 8.94 -28.18
CA GLY SC 121 -55.14 7.97 -28.06
C GLY SC 121 -55.36 7.22 -29.35
N PHE SC 122 -55.56 5.91 -29.23
CA PHE SC 122 -55.71 5.05 -30.40
C PHE SC 122 -57.03 4.30 -30.34
N THR SC 123 -57.73 4.28 -31.47
CA THR SC 123 -58.95 3.50 -31.61
C THR SC 123 -58.66 2.00 -31.61
N LYS SC 124 -59.52 1.25 -30.94
CA LYS SC 124 -59.44 -0.20 -30.95
C LYS SC 124 -60.56 -0.77 -31.81
N LYS SC 125 -60.40 -2.03 -32.19
CA LYS SC 125 -61.46 -2.78 -32.83
C LYS SC 125 -62.08 -3.75 -31.84
N ARG SC 126 -63.37 -4.03 -32.04
CA ARG SC 126 -64.02 -5.00 -31.19
C ARG SC 126 -63.62 -6.42 -31.58
N ASN SC 127 -63.64 -7.31 -30.59
CA ASN SC 127 -63.31 -8.70 -30.84
C ASN SC 127 -64.25 -9.30 -31.89
N ASN SC 128 -65.51 -8.91 -31.86
CA ASN SC 128 -66.48 -9.34 -32.86
C ASN SC 128 -66.60 -8.38 -34.03
N GLN SC 129 -65.77 -7.34 -34.08
CA GLN SC 129 -65.83 -6.38 -35.18
C GLN SC 129 -65.33 -7.02 -36.47
N ILE SC 130 -66.22 -7.14 -37.44
CA ILE SC 130 -65.82 -7.67 -38.74
C ILE SC 130 -65.21 -6.58 -39.61
N ARG SC 131 -65.59 -5.33 -39.40
CA ARG SC 131 -65.16 -4.24 -40.27
C ARG SC 131 -63.63 -4.16 -40.29
N LYS SC 132 -63.08 -4.04 -41.50
CA LYS SC 132 -61.64 -4.02 -41.67
C LYS SC 132 -61.02 -2.82 -40.95
N THR SC 133 -61.66 -1.67 -41.05
CA THR SC 133 -61.18 -0.46 -40.40
C THR SC 133 -62.06 -0.12 -39.21
N SER SC 134 -61.53 0.76 -38.35
CA SER SC 134 -62.27 1.32 -37.22
C SER SC 134 -61.85 2.77 -37.11
N TYR SC 135 -62.59 3.66 -37.75
CA TYR SC 135 -62.27 5.07 -37.74
C TYR SC 135 -63.16 5.83 -36.76
N ALA SC 136 -62.70 7.02 -36.36
CA ALA SC 136 -63.39 7.84 -35.40
C ALA SC 136 -63.96 9.07 -36.08
N GLN SC 137 -65.25 9.30 -35.89
CA GLN SC 137 -65.91 10.43 -36.51
C GLN SC 137 -65.41 11.73 -35.91
N HIS SC 138 -65.34 12.78 -36.73
CA HIS SC 138 -64.56 13.96 -36.36
C HIS SC 138 -65.09 14.62 -35.08
N GLN SC 139 -66.40 14.78 -34.96
CA GLN SC 139 -66.93 15.33 -33.72
C GLN SC 139 -66.67 14.40 -32.56
N GLN SC 140 -66.67 13.09 -32.81
CA GLN SC 140 -66.26 12.15 -31.76
C GLN SC 140 -64.82 12.39 -31.36
N VAL SC 141 -63.94 12.61 -32.35
CA VAL SC 141 -62.55 12.92 -32.06
C VAL SC 141 -62.47 14.17 -31.20
N ARG SC 142 -63.27 15.18 -31.54
CA ARG SC 142 -63.30 16.40 -30.76
C ARG SC 142 -63.71 16.13 -29.32
N GLN SC 143 -64.78 15.37 -29.14
CA GLN SC 143 -65.29 15.12 -27.79
C GLN SC 143 -64.27 14.34 -26.97
N ILE SC 144 -63.67 13.32 -27.55
CA ILE SC 144 -62.69 12.55 -26.80
C ILE SC 144 -61.47 13.41 -26.47
N ARG SC 145 -61.00 14.22 -27.41
CA ARG SC 145 -59.83 15.06 -27.15
C ARG SC 145 -60.13 16.08 -26.05
N LYS SC 146 -61.29 16.73 -26.12
CA LYS SC 146 -61.64 17.71 -25.09
C LYS SC 146 -61.78 17.03 -23.74
N LYS SC 147 -62.43 15.87 -23.70
CA LYS SC 147 -62.59 15.15 -22.44
C LYS SC 147 -61.25 14.79 -21.83
N MET SC 148 -60.39 14.12 -22.60
CA MET SC 148 -59.13 13.67 -22.05
C MET SC 148 -58.24 14.86 -21.67
N MET SC 149 -58.25 15.91 -22.51
CA MET SC 149 -57.67 17.19 -22.16
C MET SC 149 -58.08 17.64 -20.76
N GLU SC 150 -59.37 17.77 -20.53
CA GLU SC 150 -59.79 18.40 -19.28
C GLU SC 150 -59.54 17.47 -18.10
N ILE SC 151 -59.52 16.15 -18.32
CA ILE SC 151 -59.20 15.29 -17.19
C ILE SC 151 -57.74 15.43 -16.81
N MET SC 152 -56.83 15.53 -17.78
CA MET SC 152 -55.43 15.68 -17.38
C MET SC 152 -55.22 17.05 -16.72
N THR SC 153 -55.92 18.07 -17.22
CA THR SC 153 -55.80 19.38 -16.59
C THR SC 153 -56.29 19.32 -15.14
N ARG SC 154 -57.43 18.67 -14.92
CA ARG SC 154 -57.96 18.56 -13.57
C ARG SC 154 -57.00 17.80 -12.67
N GLU SC 155 -56.43 16.71 -13.17
CA GLU SC 155 -55.49 15.93 -12.36
C GLU SC 155 -54.26 16.75 -12.01
N VAL SC 156 -53.61 17.34 -13.01
CA VAL SC 156 -52.33 17.98 -12.76
C VAL SC 156 -52.50 19.29 -11.99
N GLN SC 157 -53.63 19.98 -12.16
CA GLN SC 157 -53.77 21.28 -11.52
C GLN SC 157 -53.84 21.15 -10.00
N THR SC 158 -54.63 20.20 -9.51
CA THR SC 158 -54.79 20.05 -8.07
C THR SC 158 -53.54 19.49 -7.40
N ASN SC 159 -52.62 18.92 -8.16
CA ASN SC 159 -51.49 18.20 -7.60
C ASN SC 159 -50.19 18.97 -7.81
N ASP SC 160 -49.22 18.66 -6.96
CA ASP SC 160 -47.89 19.24 -6.99
C ASP SC 160 -46.99 18.37 -7.86
N LEU SC 161 -45.84 18.95 -8.25
CA LEU SC 161 -44.88 18.24 -9.10
C LEU SC 161 -44.55 16.87 -8.56
N LYS SC 162 -44.26 16.76 -7.26
CA LYS SC 162 -43.80 15.49 -6.71
C LYS SC 162 -44.85 14.40 -6.87
N GLU SC 163 -46.10 14.69 -6.52
CA GLU SC 163 -47.14 13.70 -6.69
C GLU SC 163 -47.57 13.55 -8.15
N VAL SC 164 -47.29 14.53 -9.00
CA VAL SC 164 -47.54 14.34 -10.42
C VAL SC 164 -46.56 13.32 -10.98
N VAL SC 165 -45.28 13.46 -10.66
CA VAL SC 165 -44.28 12.55 -11.22
C VAL SC 165 -44.41 11.17 -10.61
N ASN SC 166 -44.56 11.09 -9.28
CA ASN SC 166 -44.62 9.78 -8.65
C ASN SC 166 -45.85 9.01 -9.11
N LYS SC 167 -46.93 9.71 -9.45
CA LYS SC 167 -48.07 9.08 -10.09
C LYS SC 167 -47.88 8.89 -11.59
N LEU SC 168 -46.88 9.55 -12.18
CA LEU SC 168 -46.67 9.43 -13.61
C LEU SC 168 -46.02 8.11 -14.00
N ILE SC 169 -45.14 7.56 -13.16
CA ILE SC 169 -44.55 6.25 -13.46
C ILE SC 169 -45.62 5.20 -13.70
N PRO SC 170 -46.61 5.01 -12.82
CA PRO SC 170 -47.71 4.10 -13.19
C PRO SC 170 -48.53 4.61 -14.35
N ASP SC 171 -48.49 5.91 -14.63
CA ASP SC 171 -49.32 6.52 -15.66
C ASP SC 171 -50.78 6.13 -15.45
N SER SC 172 -51.24 6.25 -14.20
CA SER SC 172 -52.63 5.94 -13.90
C SER SC 172 -53.58 6.84 -14.68
N ILE SC 173 -53.11 8.01 -15.12
CA ILE SC 173 -53.88 8.79 -16.09
C ILE SC 173 -53.99 8.03 -17.39
N GLY SC 174 -52.94 7.30 -17.77
CA GLY SC 174 -52.96 6.53 -19.00
C GLY SC 174 -54.01 5.45 -19.05
N LYS SC 175 -54.54 5.01 -17.91
CA LYS SC 175 -55.57 3.98 -17.89
C LYS SC 175 -56.94 4.50 -17.52
N ASP SC 176 -57.04 5.41 -16.54
CA ASP SC 176 -58.34 5.97 -16.20
C ASP SC 176 -58.91 6.80 -17.33
N ILE SC 177 -58.06 7.27 -18.24
CA ILE SC 177 -58.52 7.94 -19.44
C ILE SC 177 -59.28 6.96 -20.33
N GLU SC 178 -58.84 5.70 -20.38
CA GLU SC 178 -59.57 4.70 -21.15
C GLU SC 178 -60.91 4.38 -20.50
N LYS SC 179 -60.92 4.25 -19.17
CA LYS SC 179 -62.16 4.04 -18.45
C LYS SC 179 -63.09 5.23 -18.58
N ALA SC 180 -62.58 6.37 -19.04
CA ALA SC 180 -63.38 7.59 -19.14
C ALA SC 180 -64.17 7.65 -20.44
N CYS SC 181 -63.50 7.53 -21.59
CA CYS SC 181 -64.14 7.72 -22.88
C CYS SC 181 -64.51 6.42 -23.58
N GLN SC 182 -64.29 5.27 -22.94
CA GLN SC 182 -64.63 4.01 -23.58
C GLN SC 182 -66.10 3.94 -23.94
N SER SC 183 -66.96 4.50 -23.08
CA SER SC 183 -68.39 4.49 -23.35
C SER SC 183 -68.78 5.37 -24.52
N ILE SC 184 -67.92 6.30 -24.92
CA ILE SC 184 -68.18 7.11 -26.10
C ILE SC 184 -67.39 6.65 -27.32
N TYR SC 185 -66.22 6.06 -27.14
CA TYR SC 185 -65.55 5.28 -28.16
C TYR SC 185 -64.49 4.43 -27.50
N PRO SC 186 -64.54 3.10 -27.67
CA PRO SC 186 -63.48 2.26 -27.12
C PRO SC 186 -62.09 2.70 -27.57
N LEU SC 187 -61.22 2.98 -26.60
CA LEU SC 187 -59.82 3.27 -26.84
C LEU SC 187 -58.98 2.28 -26.06
N HIS SC 188 -58.06 1.60 -26.74
CA HIS SC 188 -57.28 0.54 -26.11
C HIS SC 188 -55.88 0.99 -25.71
N ASP SC 189 -55.10 1.50 -26.65
CA ASP SC 189 -53.66 1.68 -26.46
C ASP SC 189 -53.39 3.18 -26.49
N VAL SC 190 -53.50 3.81 -25.33
CA VAL SC 190 -53.35 5.25 -25.20
C VAL SC 190 -52.36 5.53 -24.08
N PHE SC 191 -51.52 6.54 -24.27
CA PHE SC 191 -50.51 6.90 -23.29
C PHE SC 191 -50.25 8.40 -23.38
N VAL SC 192 -49.60 8.92 -22.35
CA VAL SC 192 -49.10 10.29 -22.37
C VAL SC 192 -47.74 10.26 -23.07
N ARG SC 193 -47.69 10.80 -24.29
CA ARG SC 193 -46.49 10.62 -25.09
C ARG SC 193 -45.35 11.54 -24.66
N LYS SC 194 -45.64 12.73 -24.13
CA LYS SC 194 -44.56 13.63 -23.77
C LYS SC 194 -45.08 14.69 -22.79
N VAL SC 195 -44.35 14.87 -21.69
CA VAL SC 195 -44.51 16.04 -20.82
C VAL SC 195 -43.19 16.79 -20.75
N LYS SC 196 -43.24 18.10 -21.01
CA LYS SC 196 -42.05 18.95 -21.02
C LYS SC 196 -42.33 20.20 -20.20
N MET SC 197 -41.31 20.71 -19.50
CA MET SC 197 -41.51 21.94 -18.76
C MET SC 197 -41.34 23.15 -19.66
N LEU SC 198 -41.73 24.30 -19.13
CA LEU SC 198 -41.49 25.58 -19.77
C LEU SC 198 -40.53 26.44 -18.97
N LYS SC 199 -40.76 26.61 -17.67
CA LYS SC 199 -39.95 27.47 -16.83
C LYS SC 199 -39.80 26.85 -15.45
N LYS SC 200 -38.59 26.96 -14.91
CA LYS SC 200 -38.29 26.48 -13.56
C LYS SC 200 -38.04 27.67 -12.67
N PRO SC 201 -38.94 28.00 -11.75
CA PRO SC 201 -38.82 29.23 -10.96
C PRO SC 201 -37.86 29.10 -9.79
N LYS SC 202 -36.81 29.92 -9.80
CA LYS SC 202 -36.07 30.36 -8.62
C LYS SC 202 -35.12 29.32 -8.03
N PHE SC 203 -35.20 28.07 -8.49
CA PHE SC 203 -34.25 27.02 -8.08
C PHE SC 203 -34.15 26.94 -6.56
N GLU SC 204 -35.27 26.54 -5.96
CA GLU SC 204 -35.35 26.44 -4.51
C GLU SC 204 -34.48 25.29 -4.03
N LEU SC 205 -33.70 25.53 -2.98
CA LEU SC 205 -32.78 24.52 -2.47
C LEU SC 205 -33.51 23.47 -1.65
N GLY SC 206 -34.14 23.90 -0.55
CA GLY SC 206 -34.71 22.95 0.39
C GLY SC 206 -35.76 22.04 -0.21
N LYS SC 207 -36.57 22.57 -1.14
CA LYS SC 207 -37.55 21.71 -1.80
C LYS SC 207 -36.87 20.56 -2.53
N LEU SC 208 -35.82 20.88 -3.30
CA LEU SC 208 -35.10 19.82 -4.01
C LEU SC 208 -34.44 18.86 -3.03
N MET SC 209 -33.88 19.38 -1.93
CA MET SC 209 -33.22 18.51 -0.97
C MET SC 209 -34.20 17.53 -0.34
N GLU SC 210 -35.35 18.03 0.14
CA GLU SC 210 -36.33 17.14 0.74
C GLU SC 210 -36.92 16.19 -0.29
N LEU SC 211 -37.09 16.66 -1.54
CA LEU SC 211 -37.49 15.80 -2.64
C LEU SC 211 -36.45 14.72 -2.90
N HIS SC 212 -35.20 14.97 -2.52
CA HIS SC 212 -34.16 13.96 -2.59
C HIS SC 212 -34.03 13.16 -1.30
N GLY SC 213 -34.29 13.78 -0.15
CA GLY SC 213 -34.02 13.19 1.14
C GLY SC 213 -35.26 12.63 1.80
N GLU SC 214 -35.34 12.83 3.11
CA GLU SC 214 -36.42 12.25 3.93
C GLU SC 214 -37.46 13.31 4.28
N SER TC 1 -151.95 14.34 -50.13
CA SER TC 1 -150.86 13.75 -49.37
C SER TC 1 -150.03 14.84 -48.69
N ALA TC 2 -149.11 14.42 -47.82
CA ALA TC 2 -148.30 15.33 -47.02
C ALA TC 2 -146.86 15.29 -47.53
N LYS TC 3 -146.40 16.42 -48.07
CA LYS TC 3 -145.02 16.57 -48.53
C LYS TC 3 -144.49 17.93 -48.08
N ILE TC 4 -144.68 18.23 -46.78
CA ILE TC 4 -144.35 19.55 -46.25
C ILE TC 4 -142.86 19.85 -46.42
N VAL TC 5 -142.01 18.87 -46.14
CA VAL TC 5 -140.57 19.00 -46.30
C VAL TC 5 -140.15 17.97 -47.34
N LYS TC 6 -140.21 18.35 -48.61
CA LYS TC 6 -139.85 17.51 -49.75
C LYS TC 6 -139.49 18.39 -50.94
N PRO TC 7 -138.39 19.14 -50.88
CA PRO TC 7 -138.02 19.97 -52.03
C PRO TC 7 -137.67 19.12 -53.23
N ASN TC 8 -137.89 19.68 -54.41
CA ASN TC 8 -137.59 19.03 -55.67
C ASN TC 8 -137.02 20.08 -56.60
N GLY TC 9 -136.96 19.78 -57.89
CA GLY TC 9 -136.62 20.84 -58.81
C GLY TC 9 -137.71 21.90 -58.77
N GLU TC 10 -138.88 21.61 -59.35
CA GLU TC 10 -140.07 22.40 -59.06
C GLU TC 10 -141.24 21.53 -58.61
N LYS TC 11 -141.78 20.66 -59.47
CA LYS TC 11 -142.94 19.81 -59.23
C LYS TC 11 -142.65 18.44 -58.63
N PRO TC 12 -141.73 17.66 -59.20
CA PRO TC 12 -141.93 16.20 -59.28
C PRO TC 12 -142.07 15.51 -57.94
N ASP TC 13 -142.97 14.53 -57.91
CA ASP TC 13 -143.10 13.61 -56.77
C ASP TC 13 -143.68 12.32 -57.33
N GLU TC 14 -142.82 11.35 -57.59
CA GLU TC 14 -143.21 10.11 -58.28
C GLU TC 14 -143.72 9.10 -57.26
N PHE TC 15 -145.04 9.14 -57.03
CA PHE TC 15 -145.71 8.31 -56.03
C PHE TC 15 -144.89 8.20 -54.75
N GLU TC 16 -144.30 9.30 -54.33
CA GLU TC 16 -143.40 9.30 -53.19
C GLU TC 16 -144.13 9.17 -51.86
N SER TC 17 -145.43 8.86 -51.88
CA SER TC 17 -146.13 8.58 -50.62
C SER TC 17 -145.48 7.44 -49.86
N GLY TC 18 -144.79 6.54 -50.56
CA GLY TC 18 -143.91 5.58 -49.94
C GLY TC 18 -142.51 6.08 -49.68
N ILE TC 19 -142.22 7.34 -49.99
CA ILE TC 19 -140.93 7.94 -49.71
C ILE TC 19 -141.12 9.23 -48.93
N SER TC 20 -141.96 10.12 -49.46
CA SER TC 20 -142.20 11.40 -48.80
C SER TC 20 -142.95 11.21 -47.49
N GLN TC 21 -144.17 10.68 -47.56
CA GLN TC 21 -144.89 10.36 -46.32
C GLN TC 21 -144.13 9.33 -45.51
N ALA TC 22 -143.24 8.57 -46.16
CA ALA TC 22 -142.39 7.64 -45.42
C ALA TC 22 -141.47 8.37 -44.46
N LEU TC 23 -140.76 9.39 -44.93
CA LEU TC 23 -140.00 10.22 -44.02
C LEU TC 23 -140.92 10.98 -43.09
N LEU TC 24 -142.14 11.28 -43.52
CA LEU TC 24 -143.02 12.11 -42.71
C LEU TC 24 -143.62 11.38 -41.51
N GLU TC 25 -143.90 10.08 -41.62
CA GLU TC 25 -144.25 9.35 -40.40
C GLU TC 25 -143.03 8.74 -39.72
N LEU TC 26 -141.85 8.99 -40.27
CA LEU TC 26 -140.59 8.71 -39.58
C LEU TC 26 -140.40 9.62 -38.38
N GLU TC 27 -141.21 10.67 -38.25
CA GLU TC 27 -141.18 11.53 -37.08
C GLU TC 27 -141.44 10.74 -35.81
N MET TC 28 -141.21 11.39 -34.66
CA MET TC 28 -141.38 10.76 -33.36
C MET TC 28 -140.49 9.51 -33.26
N ASN TC 29 -139.19 9.77 -33.24
CA ASN TC 29 -138.18 8.75 -33.07
C ASN TC 29 -137.35 9.06 -31.83
N SER TC 30 -136.38 8.17 -31.54
CA SER TC 30 -135.60 8.25 -30.30
C SER TC 30 -134.54 9.33 -30.42
N ASP TC 31 -135.01 10.59 -30.39
CA ASP TC 31 -134.15 11.77 -30.42
C ASP TC 31 -133.32 11.81 -31.70
N LEU TC 32 -133.88 11.39 -32.82
CA LEU TC 32 -133.28 11.64 -34.12
C LEU TC 32 -133.96 12.78 -34.85
N LYS TC 33 -135.08 13.28 -34.33
CA LYS TC 33 -135.85 14.32 -34.98
C LYS TC 33 -135.21 15.69 -34.89
N ALA TC 34 -134.15 15.86 -34.09
CA ALA TC 34 -133.53 17.16 -33.94
C ALA TC 34 -132.85 17.64 -35.22
N GLN TC 35 -132.67 16.77 -36.20
CA GLN TC 35 -131.89 17.08 -37.39
C GLN TC 35 -132.72 17.13 -38.66
N LEU TC 36 -133.52 16.11 -38.94
CA LEU TC 36 -134.20 16.00 -40.22
C LEU TC 36 -135.31 17.02 -40.40
N ARG TC 37 -135.81 17.62 -39.31
CA ARG TC 37 -136.68 18.77 -39.46
C ARG TC 37 -135.94 19.99 -39.95
N GLU TC 38 -134.61 19.94 -39.99
CA GLU TC 38 -133.80 21.06 -40.44
C GLU TC 38 -133.19 20.85 -41.81
N LEU TC 39 -133.18 19.61 -42.31
CA LEU TC 39 -132.62 19.25 -43.59
C LEU TC 39 -133.74 18.88 -44.55
N ASN TC 40 -133.38 18.58 -45.79
CA ASN TC 40 -134.36 18.30 -46.83
C ASN TC 40 -133.84 17.24 -47.78
N ILE TC 41 -134.73 16.78 -48.66
CA ILE TC 41 -134.41 15.82 -49.70
C ILE TC 41 -134.86 16.40 -51.03
N THR TC 42 -134.01 16.30 -52.05
CA THR TC 42 -134.33 16.85 -53.36
C THR TC 42 -134.96 15.81 -54.29
N ALA TC 43 -134.25 14.72 -54.57
CA ALA TC 43 -134.73 13.73 -55.52
C ALA TC 43 -134.48 12.33 -54.96
N ALA TC 44 -135.26 11.36 -55.46
CA ALA TC 44 -135.16 9.99 -54.99
C ALA TC 44 -135.69 9.05 -56.06
N LYS TC 45 -134.93 7.99 -56.34
CA LYS TC 45 -135.32 6.96 -57.29
C LYS TC 45 -135.27 5.61 -56.60
N GLU TC 46 -136.09 4.68 -57.09
CA GLU TC 46 -136.21 3.35 -56.50
C GLU TC 46 -135.77 2.27 -57.48
N ILE TC 47 -134.65 2.50 -58.18
CA ILE TC 47 -134.28 1.63 -59.29
C ILE TC 47 -134.03 0.20 -58.80
N GLU TC 48 -134.32 -0.74 -59.68
CA GLU TC 48 -134.05 -2.16 -59.42
C GLU TC 48 -132.71 -2.55 -60.04
N VAL TC 49 -132.02 -3.46 -59.37
CA VAL TC 49 -130.74 -3.96 -59.86
C VAL TC 49 -130.77 -5.48 -59.82
N GLY TC 50 -130.08 -6.10 -60.77
CA GLY TC 50 -130.09 -7.55 -60.85
C GLY TC 50 -131.50 -8.06 -61.01
N GLY TC 51 -131.86 -9.04 -60.17
CA GLY TC 51 -133.20 -9.57 -60.16
C GLY TC 51 -134.03 -8.99 -59.04
N GLY TC 52 -134.28 -9.79 -58.01
CA GLY TC 52 -135.09 -9.37 -56.88
C GLY TC 52 -134.52 -8.25 -56.05
N ARG TC 53 -133.39 -7.67 -56.45
CA ARG TC 53 -132.79 -6.57 -55.71
C ARG TC 53 -133.37 -5.25 -56.20
N LYS TC 54 -133.89 -4.46 -55.25
CA LYS TC 54 -134.44 -3.14 -55.53
C LYS TC 54 -133.65 -2.12 -54.73
N ALA TC 55 -133.15 -1.09 -55.41
CA ALA TC 55 -132.27 -0.11 -54.79
C ALA TC 55 -132.91 1.27 -54.86
N ILE TC 56 -133.37 1.77 -53.72
CA ILE TC 56 -133.96 3.09 -53.64
C ILE TC 56 -132.83 4.09 -53.40
N ILE TC 57 -132.59 4.98 -54.35
CA ILE TC 57 -131.49 5.92 -54.31
C ILE TC 57 -132.04 7.32 -54.11
N ILE TC 58 -131.43 8.05 -53.18
CA ILE TC 58 -131.90 9.38 -52.78
C ILE TC 58 -130.84 10.39 -53.16
N PHE TC 59 -131.25 11.49 -53.77
CA PHE TC 59 -130.33 12.58 -54.09
C PHE TC 59 -130.43 13.67 -53.04
N VAL TC 60 -129.28 14.15 -52.59
CA VAL TC 60 -129.23 15.12 -51.50
C VAL TC 60 -128.29 16.26 -51.88
N PRO TC 61 -128.69 17.52 -51.67
CA PRO TC 61 -127.78 18.64 -51.94
C PRO TC 61 -126.54 18.58 -51.06
N VAL TC 62 -125.44 19.08 -51.62
CA VAL TC 62 -124.13 18.91 -51.00
C VAL TC 62 -124.05 19.49 -49.59
N PRO TC 63 -124.41 20.76 -49.35
CA PRO TC 63 -124.17 21.32 -48.02
C PRO TC 63 -124.86 20.56 -46.91
N GLN TC 64 -126.06 20.06 -47.17
CA GLN TC 64 -126.75 19.23 -46.19
C GLN TC 64 -126.34 17.77 -46.28
N LEU TC 65 -125.84 17.32 -47.44
CA LEU TC 65 -125.27 15.99 -47.48
C LEU TC 65 -124.12 15.84 -46.51
N LYS TC 66 -123.28 16.87 -46.41
CA LYS TC 66 -122.23 16.84 -45.40
C LYS TC 66 -122.83 16.66 -44.02
N SER TC 67 -123.94 17.35 -43.74
CA SER TC 67 -124.65 17.12 -42.50
C SER TC 67 -125.21 15.71 -42.46
N PHE TC 68 -125.74 15.22 -43.58
CA PHE TC 68 -126.26 13.87 -43.64
C PHE TC 68 -125.18 12.82 -43.40
N GLN TC 69 -123.92 13.18 -43.63
CA GLN TC 69 -122.84 12.19 -43.61
C GLN TC 69 -122.80 11.43 -42.29
N LYS TC 70 -123.01 12.13 -41.18
CA LYS TC 70 -122.84 11.51 -39.88
C LYS TC 70 -124.07 10.76 -39.39
N ILE TC 71 -125.23 10.95 -40.02
CA ILE TC 71 -126.48 10.41 -39.52
C ILE TC 71 -127.11 9.41 -40.48
N GLN TC 72 -126.63 9.32 -41.72
CA GLN TC 72 -127.21 8.39 -42.69
C GLN TC 72 -127.24 6.97 -42.16
N VAL TC 73 -126.14 6.51 -41.56
CA VAL TC 73 -126.10 5.14 -41.06
C VAL TC 73 -127.02 5.00 -39.86
N ARG TC 74 -127.22 6.06 -39.10
CA ARG TC 74 -128.16 6.02 -37.99
C ARG TC 74 -129.57 5.74 -38.48
N LEU TC 75 -129.90 6.17 -39.70
CA LEU TC 75 -131.26 6.07 -40.20
C LEU TC 75 -131.46 4.99 -41.23
N VAL TC 76 -130.39 4.40 -41.78
CA VAL TC 76 -130.56 3.37 -42.80
C VAL TC 76 -131.23 2.14 -42.20
N ARG TC 77 -130.96 1.85 -40.93
CA ARG TC 77 -131.62 0.72 -40.29
C ARG TC 77 -133.13 0.90 -40.31
N GLU TC 78 -133.60 2.08 -39.92
CA GLU TC 78 -135.02 2.37 -39.99
C GLU TC 78 -135.53 2.28 -41.42
N LEU TC 79 -134.79 2.84 -42.36
CA LEU TC 79 -135.23 2.86 -43.76
C LEU TC 79 -135.40 1.44 -44.28
N GLU TC 80 -134.45 0.56 -43.96
CA GLU TC 80 -134.55 -0.82 -44.44
C GLU TC 80 -135.64 -1.58 -43.71
N LYS TC 81 -135.84 -1.32 -42.41
CA LYS TC 81 -136.87 -2.05 -41.69
C LYS TC 81 -138.26 -1.68 -42.18
N LYS TC 82 -138.47 -0.42 -42.54
CA LYS TC 82 -139.77 -0.04 -43.07
C LYS TC 82 -139.95 -0.46 -44.53
N PHE TC 83 -138.86 -0.66 -45.27
CA PHE TC 83 -138.92 -1.18 -46.63
C PHE TC 83 -137.93 -2.34 -46.72
N SER TC 84 -138.40 -3.54 -46.36
CA SER TC 84 -137.54 -4.71 -46.40
C SER TC 84 -137.28 -5.16 -47.83
N GLY TC 85 -136.10 -5.74 -48.03
CA GLY TC 85 -135.70 -6.22 -49.34
C GLY TC 85 -135.16 -5.16 -50.28
N LYS TC 86 -135.09 -3.91 -49.85
CA LYS TC 86 -134.59 -2.81 -50.66
C LYS TC 86 -133.53 -2.05 -49.89
N HIS TC 87 -132.57 -1.49 -50.62
CA HIS TC 87 -131.42 -0.81 -50.01
C HIS TC 87 -131.40 0.66 -50.41
N VAL TC 88 -130.94 1.50 -49.48
CA VAL TC 88 -130.99 2.94 -49.63
C VAL TC 88 -129.58 3.51 -49.53
N VAL TC 89 -129.25 4.41 -50.44
CA VAL TC 89 -128.01 5.16 -50.42
C VAL TC 89 -128.35 6.62 -50.71
N PHE TC 90 -127.42 7.52 -50.40
CA PHE TC 90 -127.59 8.95 -50.61
C PHE TC 90 -126.46 9.48 -51.49
N ILE TC 91 -126.82 10.30 -52.48
CA ILE TC 91 -125.90 10.76 -53.50
C ILE TC 91 -126.06 12.27 -53.66
N ALA TC 92 -124.94 12.97 -53.80
CA ALA TC 92 -124.96 14.42 -53.93
C ALA TC 92 -125.51 14.85 -55.28
N GLN TC 93 -125.83 16.16 -55.37
CA GLN TC 93 -126.11 16.80 -56.64
C GLN TC 93 -124.88 17.58 -57.07
N ARG TC 94 -124.35 17.26 -58.25
CA ARG TC 94 -123.13 17.90 -58.72
C ARG TC 94 -123.36 18.92 -59.82
N ARG TC 95 -124.49 18.85 -60.52
CA ARG TC 95 -124.88 19.80 -61.56
C ARG TC 95 -123.74 20.00 -62.55
N ILE TC 96 -123.48 18.91 -63.29
CA ILE TC 96 -122.40 18.84 -64.25
C ILE TC 96 -122.43 20.03 -65.21
N LEU TC 97 -121.33 20.78 -65.24
CA LEU TC 97 -121.16 21.83 -66.22
C LEU TC 97 -120.39 21.25 -67.41
N PRO TC 98 -121.01 21.11 -68.58
CA PRO TC 98 -120.33 20.46 -69.69
C PRO TC 98 -119.09 21.23 -70.13
N LYS TC 99 -118.11 20.49 -70.62
CA LYS TC 99 -116.87 21.09 -71.08
C LYS TC 99 -117.17 22.06 -72.22
N PRO TC 100 -116.68 23.29 -72.15
CA PRO TC 100 -117.08 24.28 -73.15
C PRO TC 100 -116.49 24.04 -74.53
N THR TC 101 -117.34 23.73 -75.50
CA THR TC 101 -116.92 23.68 -76.88
C THR TC 101 -116.71 25.08 -77.42
N ARG TC 102 -115.98 25.17 -78.53
CA ARG TC 102 -115.78 26.47 -79.16
C ARG TC 102 -117.08 27.11 -79.60
N LYS TC 103 -118.15 26.34 -79.74
CA LYS TC 103 -119.46 26.87 -80.03
C LYS TC 103 -120.10 27.44 -78.76
N LYS TC 107 -125.24 34.65 -73.49
CA LYS TC 107 -124.11 34.35 -74.36
C LYS TC 107 -122.78 34.56 -73.65
N ASN TC 108 -122.82 34.52 -72.31
CA ASN TC 108 -121.62 34.76 -71.51
C ASN TC 108 -121.57 33.74 -70.39
N LYS TC 109 -120.36 33.29 -70.05
CA LYS TC 109 -120.14 32.40 -68.92
C LYS TC 109 -118.85 32.80 -68.22
N GLN TC 110 -118.68 32.29 -67.01
CA GLN TC 110 -117.44 32.39 -66.27
C GLN TC 110 -116.69 31.07 -66.37
N LYS TC 111 -115.48 31.05 -65.81
CA LYS TC 111 -114.66 29.85 -65.90
C LYS TC 111 -115.32 28.69 -65.17
N ARG TC 112 -115.30 27.52 -65.79
CA ARG TC 112 -115.88 26.34 -65.17
C ARG TC 112 -115.02 25.90 -64.00
N PRO TC 113 -115.55 25.83 -62.79
CA PRO TC 113 -114.75 25.35 -61.66
C PRO TC 113 -114.40 23.89 -61.82
N ARG TC 114 -113.24 23.52 -61.27
CA ARG TC 114 -112.75 22.15 -61.42
C ARG TC 114 -113.66 21.13 -60.76
N SER TC 115 -114.50 21.55 -59.82
CA SER TC 115 -115.41 20.63 -59.15
C SER TC 115 -116.62 20.27 -60.00
N ARG TC 116 -116.77 20.88 -61.18
CA ARG TC 116 -117.95 20.65 -61.99
C ARG TC 116 -117.74 19.67 -63.13
N THR TC 117 -116.49 19.29 -63.43
CA THR TC 117 -116.26 18.30 -64.47
C THR TC 117 -116.60 16.90 -63.96
N LEU TC 118 -117.15 16.09 -64.87
CA LEU TC 118 -117.67 14.79 -64.48
C LEU TC 118 -116.60 13.90 -63.86
N THR TC 119 -115.36 14.02 -64.33
CA THR TC 119 -114.28 13.25 -63.71
C THR TC 119 -114.10 13.62 -62.25
N ALA TC 120 -114.19 14.91 -61.93
CA ALA TC 120 -114.05 15.37 -60.57
C ALA TC 120 -115.32 15.21 -59.76
N VAL TC 121 -116.38 14.65 -60.35
CA VAL TC 121 -117.57 14.38 -59.57
C VAL TC 121 -117.83 12.88 -59.54
N HIS TC 122 -117.33 12.14 -60.53
CA HIS TC 122 -117.51 10.69 -60.50
C HIS TC 122 -116.87 10.09 -59.26
N ASP TC 123 -115.65 10.54 -58.94
CA ASP TC 123 -115.00 10.13 -57.71
C ASP TC 123 -115.83 10.50 -56.50
N ALA TC 124 -116.39 11.71 -56.49
CA ALA TC 124 -117.19 12.14 -55.35
C ALA TC 124 -118.40 11.25 -55.15
N ILE TC 125 -119.09 10.91 -56.23
CA ILE TC 125 -120.30 10.10 -56.12
C ILE TC 125 -119.97 8.67 -55.70
N LEU TC 126 -118.86 8.12 -56.21
CA LEU TC 126 -118.55 6.77 -55.79
C LEU TC 126 -117.99 6.74 -54.37
N GLU TC 127 -117.46 7.86 -53.89
CA GLU TC 127 -116.91 7.90 -52.54
C GLU TC 127 -118.02 7.88 -51.49
N ASP TC 128 -118.96 8.83 -51.59
CA ASP TC 128 -120.04 8.89 -50.62
C ASP TC 128 -121.01 7.72 -50.75
N LEU TC 129 -121.10 7.12 -51.94
CA LEU TC 129 -121.97 5.97 -52.14
C LEU TC 129 -121.57 4.79 -51.26
N VAL TC 130 -120.31 4.71 -50.85
CA VAL TC 130 -119.84 3.65 -49.97
C VAL TC 130 -119.32 4.28 -48.68
N PHE TC 131 -119.98 5.36 -48.24
CA PHE TC 131 -119.48 6.21 -47.16
C PHE TC 131 -118.84 5.45 -46.00
N PRO TC 132 -119.45 4.38 -45.48
CA PRO TC 132 -118.88 3.75 -44.27
C PRO TC 132 -117.43 3.39 -44.42
N SER TC 133 -117.03 2.94 -45.60
CA SER TC 133 -115.63 2.71 -45.92
C SER TC 133 -115.06 3.89 -46.69
N GLU TC 134 -113.74 3.91 -46.79
CA GLU TC 134 -113.04 4.91 -47.57
C GLU TC 134 -112.32 4.24 -48.73
N ILE TC 135 -112.03 5.03 -49.76
CA ILE TC 135 -111.35 4.52 -50.94
C ILE TC 135 -109.87 4.39 -50.64
N VAL TC 136 -109.29 3.24 -50.99
CA VAL TC 136 -107.86 3.03 -50.80
C VAL TC 136 -107.09 2.95 -52.12
N GLY TC 137 -107.70 2.50 -53.21
CA GLY TC 137 -107.03 2.48 -54.49
C GLY TC 137 -108.02 2.26 -55.60
N LYS TC 138 -107.62 2.70 -56.79
CA LYS TC 138 -108.52 2.66 -57.95
C LYS TC 138 -107.79 1.99 -59.10
N ARG TC 139 -108.45 1.02 -59.74
CA ARG TC 139 -107.81 0.16 -60.73
C ARG TC 139 -108.68 0.03 -61.97
N ILE TC 140 -109.08 1.15 -62.56
CA ILE TC 140 -109.77 1.13 -63.84
C ILE TC 140 -109.09 0.15 -64.79
N ARG TC 141 -109.87 -0.78 -65.31
CA ARG TC 141 -109.38 -2.01 -65.89
C ARG TC 141 -109.97 -2.26 -67.27
N VAL TC 142 -109.11 -2.56 -68.25
CA VAL TC 142 -109.57 -2.78 -69.62
C VAL TC 142 -109.72 -4.28 -69.88
N LYS TC 143 -110.89 -4.68 -70.37
CA LYS TC 143 -111.18 -6.09 -70.64
C LYS TC 143 -110.87 -6.40 -72.12
N LEU TC 144 -109.64 -6.12 -72.54
CA LEU TC 144 -109.21 -6.59 -73.85
C LEU TC 144 -110.01 -5.95 -74.98
N ASP TC 145 -111.06 -5.18 -74.67
CA ASP TC 145 -111.90 -4.58 -75.71
C ASP TC 145 -111.81 -3.07 -75.71
N GLY TC 146 -110.94 -2.48 -74.90
CA GLY TC 146 -110.89 -1.05 -74.72
C GLY TC 146 -111.82 -0.54 -73.64
N SER TC 147 -112.94 -1.21 -73.43
CA SER TC 147 -113.85 -0.83 -72.36
C SER TC 147 -113.17 -1.01 -71.01
N ARG TC 148 -113.35 -0.04 -70.14
CA ARG TC 148 -112.67 -0.01 -68.86
C ARG TC 148 -113.58 -0.52 -67.75
N LEU TC 149 -112.96 -0.95 -66.65
CA LEU TC 149 -113.66 -1.57 -65.52
C LEU TC 149 -113.08 -1.03 -64.22
N ILE TC 150 -113.89 -0.26 -63.49
CA ILE TC 150 -113.48 0.18 -62.17
C ILE TC 150 -113.41 -1.02 -61.23
N LYS TC 151 -112.25 -1.21 -60.62
CA LYS TC 151 -112.14 -2.10 -59.47
C LYS TC 151 -111.34 -1.37 -58.39
N VAL TC 152 -111.91 -1.30 -57.19
CA VAL TC 152 -111.47 -0.36 -56.17
C VAL TC 152 -111.36 -1.06 -54.83
N HIS TC 153 -110.25 -0.85 -54.15
CA HIS TC 153 -110.05 -1.37 -52.81
C HIS TC 153 -110.80 -0.51 -51.80
N LEU TC 154 -111.21 -1.14 -50.70
CA LEU TC 154 -111.96 -0.44 -49.67
C LEU TC 154 -111.21 -0.53 -48.34
N ASP TC 155 -111.80 0.07 -47.31
CA ASP TC 155 -111.12 0.34 -46.06
C ASP TC 155 -110.83 -0.92 -45.25
N LYS TC 156 -111.38 -2.06 -45.64
CA LYS TC 156 -111.10 -3.37 -45.05
C LYS TC 156 -111.50 -3.47 -43.57
N ALA TC 157 -112.31 -2.53 -43.08
CA ALA TC 157 -112.82 -2.62 -41.72
C ALA TC 157 -114.33 -2.68 -41.62
N GLN TC 158 -115.06 -2.67 -42.74
CA GLN TC 158 -116.52 -2.67 -42.72
C GLN TC 158 -117.10 -3.94 -43.33
N GLN TC 159 -116.45 -5.08 -43.12
CA GLN TC 159 -117.00 -6.35 -43.58
C GLN TC 159 -118.32 -6.64 -42.89
N ASN TC 160 -118.37 -6.40 -41.58
CA ASN TC 160 -119.61 -6.56 -40.84
C ASN TC 160 -120.62 -5.46 -41.16
N ASN TC 161 -120.22 -4.44 -41.91
CA ASN TC 161 -121.09 -3.32 -42.21
C ASN TC 161 -121.50 -3.27 -43.68
N VAL TC 162 -120.56 -3.25 -44.61
CA VAL TC 162 -120.86 -3.18 -46.04
C VAL TC 162 -120.14 -4.34 -46.72
N GLU TC 163 -120.84 -5.46 -46.85
CA GLU TC 163 -120.33 -6.60 -47.59
C GLU TC 163 -121.43 -7.14 -48.50
N HIS TC 164 -122.67 -6.90 -48.12
CA HIS TC 164 -123.82 -7.52 -48.75
C HIS TC 164 -124.51 -6.64 -49.78
N LYS TC 165 -124.00 -5.42 -50.00
CA LYS TC 165 -124.59 -4.51 -50.97
C LYS TC 165 -123.61 -4.14 -52.08
N VAL TC 166 -122.51 -4.87 -52.20
CA VAL TC 166 -121.51 -4.59 -53.23
C VAL TC 166 -122.15 -4.58 -54.61
N GLU TC 167 -122.93 -5.62 -54.92
CA GLU TC 167 -123.63 -5.67 -56.19
C GLU TC 167 -124.59 -4.49 -56.34
N THR TC 168 -125.22 -4.08 -55.24
CA THR TC 168 -126.13 -2.95 -55.29
C THR TC 168 -125.38 -1.67 -55.66
N PHE TC 169 -124.24 -1.42 -55.01
CA PHE TC 169 -123.48 -0.22 -55.35
C PHE TC 169 -123.01 -0.25 -56.80
N SER TC 170 -122.53 -1.41 -57.25
CA SER TC 170 -122.07 -1.50 -58.63
C SER TC 170 -123.19 -1.21 -59.61
N GLY TC 171 -124.37 -1.78 -59.34
CA GLY TC 171 -125.49 -1.57 -60.23
C GLY TC 171 -125.94 -0.13 -60.26
N VAL TC 172 -126.04 0.51 -59.09
CA VAL TC 172 -126.47 1.90 -59.11
C VAL TC 172 -125.45 2.77 -59.82
N TYR TC 173 -124.15 2.51 -59.61
CA TYR TC 173 -123.15 3.30 -60.31
C TYR TC 173 -123.27 3.13 -61.81
N LYS TC 174 -123.48 1.91 -62.29
CA LYS TC 174 -123.70 1.74 -63.72
C LYS TC 174 -124.96 2.46 -64.17
N LYS TC 175 -126.00 2.47 -63.34
CA LYS TC 175 -127.23 3.15 -63.72
C LYS TC 175 -127.01 4.65 -63.89
N LEU TC 176 -126.30 5.27 -62.97
CA LEU TC 176 -126.11 6.72 -63.00
C LEU TC 176 -124.78 7.16 -63.58
N THR TC 177 -123.94 6.23 -64.03
CA THR TC 177 -122.72 6.64 -64.72
C THR TC 177 -122.50 5.85 -66.01
N GLY TC 178 -123.00 4.63 -66.09
CA GLY TC 178 -122.79 3.78 -67.24
C GLY TC 178 -121.48 3.02 -67.23
N LYS TC 179 -120.60 3.30 -66.26
CA LYS TC 179 -119.31 2.66 -66.17
C LYS TC 179 -119.38 1.58 -65.10
N ASP TC 180 -119.12 0.34 -65.49
CA ASP TC 180 -119.17 -0.77 -64.55
C ASP TC 180 -118.08 -0.68 -63.49
N VAL TC 181 -118.39 -1.18 -62.29
CA VAL TC 181 -117.47 -1.14 -61.18
C VAL TC 181 -117.56 -2.44 -60.41
N ASN TC 182 -116.53 -2.72 -59.60
CA ASN TC 182 -116.63 -3.70 -58.53
C ASN TC 182 -115.67 -3.31 -57.43
N PHE TC 183 -115.89 -3.86 -56.25
CA PHE TC 183 -115.16 -3.48 -55.04
C PHE TC 183 -114.53 -4.71 -54.42
N GLU TC 184 -113.28 -4.57 -53.99
CA GLU TC 184 -112.51 -5.68 -53.43
C GLU TC 184 -112.05 -5.30 -52.03
N PHE TC 185 -112.08 -6.26 -51.12
CA PHE TC 185 -111.60 -6.05 -49.77
C PHE TC 185 -110.18 -6.56 -49.64
N PRO TC 186 -109.19 -5.70 -49.46
CA PRO TC 186 -107.79 -6.12 -49.57
C PRO TC 186 -107.26 -6.75 -48.30
N GLU TC 187 -106.03 -7.25 -48.36
CA GLU TC 187 -105.29 -7.65 -47.18
C GLU TC 187 -104.83 -6.40 -46.43
N PHE TC 188 -104.24 -6.60 -45.25
CA PHE TC 188 -103.73 -5.47 -44.48
C PHE TC 188 -102.79 -4.65 -45.35
N GLN TC 189 -103.02 -3.34 -45.40
CA GLN TC 189 -102.19 -2.43 -46.18
C GLN TC 189 -100.85 -2.22 -45.49
N MET UC 1 -96.63 -16.05 -95.36
CA MET UC 1 -97.41 -16.98 -96.16
C MET UC 1 -98.81 -16.39 -96.37
N GLN UC 2 -99.74 -17.25 -96.76
CA GLN UC 2 -101.14 -16.88 -96.95
C GLN UC 2 -101.28 -15.75 -97.98
N ASN UC 3 -100.93 -16.10 -99.21
CA ASN UC 3 -101.20 -15.21 -100.34
C ASN UC 3 -102.70 -14.95 -100.45
N ASP UC 4 -103.05 -13.98 -101.29
CA ASP UC 4 -104.47 -13.72 -101.53
C ASP UC 4 -105.19 -14.94 -102.09
N ALA UC 5 -104.45 -15.87 -102.69
CA ALA UC 5 -105.02 -17.15 -103.06
C ALA UC 5 -105.35 -18.02 -101.86
N GLY UC 6 -104.85 -17.67 -100.68
CA GLY UC 6 -105.14 -18.39 -99.46
C GLY UC 6 -104.19 -19.51 -99.14
N GLU UC 7 -103.31 -19.88 -100.08
CA GLU UC 7 -102.40 -20.99 -99.85
C GLU UC 7 -101.28 -20.57 -98.90
N PHE UC 8 -100.71 -21.56 -98.21
CA PHE UC 8 -99.65 -21.35 -97.24
C PHE UC 8 -98.32 -21.35 -98.00
N VAL UC 9 -97.95 -20.17 -98.49
CA VAL UC 9 -96.78 -20.04 -99.37
C VAL UC 9 -95.59 -19.73 -98.46
N ASP UC 10 -94.96 -20.79 -97.99
CA ASP UC 10 -93.74 -20.69 -97.21
C ASP UC 10 -93.15 -22.09 -97.07
N LEU UC 11 -91.82 -22.17 -97.12
CA LEU UC 11 -91.17 -23.47 -97.03
C LEU UC 11 -91.37 -24.09 -95.65
N TYR UC 12 -91.45 -23.26 -94.62
CA TYR UC 12 -91.68 -23.76 -93.27
C TYR UC 12 -92.03 -22.60 -92.37
N VAL UC 13 -92.46 -22.92 -91.16
CA VAL UC 13 -92.70 -21.94 -90.11
C VAL UC 13 -91.81 -22.30 -88.92
N PRO UC 14 -90.84 -21.48 -88.55
CA PRO UC 14 -90.00 -21.80 -87.38
C PRO UC 14 -90.81 -21.69 -86.11
N ARG UC 15 -90.47 -22.54 -85.14
CA ARG UC 15 -91.14 -22.49 -83.85
C ARG UC 15 -90.67 -21.27 -83.08
N LYS UC 16 -91.52 -20.82 -82.16
CA LYS UC 16 -91.15 -19.80 -81.20
C LYS UC 16 -91.22 -20.38 -79.80
N CYS UC 17 -90.31 -19.92 -78.94
CA CYS UC 17 -90.15 -20.52 -77.63
C CYS UC 17 -91.43 -20.39 -76.81
N SER UC 18 -91.68 -21.37 -75.97
CA SER UC 18 -92.82 -21.29 -75.07
C SER UC 18 -92.59 -20.36 -73.89
N ALA UC 19 -91.33 -20.02 -73.60
CA ALA UC 19 -91.04 -19.16 -72.47
C ALA UC 19 -91.38 -17.71 -72.77
N SER UC 20 -90.78 -17.16 -73.83
CA SER UC 20 -90.94 -15.74 -74.14
C SER UC 20 -91.56 -15.53 -75.52
N ASN UC 21 -92.24 -16.54 -76.06
CA ASN UC 21 -92.84 -16.51 -77.39
C ASN UC 21 -91.94 -15.82 -78.41
N ARG UC 22 -90.64 -16.12 -78.34
CA ARG UC 22 -89.66 -15.57 -79.26
C ARG UC 22 -89.34 -16.59 -80.34
N ILE UC 23 -89.38 -16.14 -81.59
CA ILE UC 23 -89.13 -17.02 -82.72
C ILE UC 23 -87.72 -17.59 -82.61
N ILE UC 24 -87.59 -18.89 -82.84
CA ILE UC 24 -86.31 -19.57 -82.67
C ILE UC 24 -85.54 -19.55 -83.98
N GLY UC 25 -84.29 -19.11 -83.91
CA GLY UC 25 -83.46 -19.11 -85.09
C GLY UC 25 -83.10 -20.52 -85.52
N ALA UC 26 -83.04 -20.73 -86.83
CA ALA UC 26 -82.66 -22.04 -87.37
C ALA UC 26 -81.24 -22.41 -87.01
N LYS UC 27 -80.39 -21.44 -86.70
CA LYS UC 27 -79.04 -21.69 -86.23
C LYS UC 27 -78.91 -21.51 -84.73
N ASP UC 28 -80.02 -21.38 -84.01
CA ASP UC 28 -79.98 -21.21 -82.56
C ASP UC 28 -79.63 -22.54 -81.94
N HIS UC 29 -78.33 -22.79 -81.76
CA HIS UC 29 -77.85 -24.07 -81.24
C HIS UC 29 -77.90 -24.13 -79.72
N ALA UC 30 -78.64 -23.23 -79.07
CA ALA UC 30 -78.80 -23.24 -77.63
C ALA UC 30 -80.25 -23.26 -77.18
N SER UC 31 -81.19 -22.91 -78.06
CA SER UC 31 -82.60 -23.06 -77.74
C SER UC 31 -82.92 -24.53 -77.52
N ILE UC 32 -83.92 -24.81 -76.71
CA ILE UC 32 -84.20 -26.18 -76.32
C ILE UC 32 -85.68 -26.51 -76.44
N GLN UC 33 -85.95 -27.80 -76.62
CA GLN UC 33 -87.29 -28.38 -76.66
C GLN UC 33 -87.39 -29.34 -75.49
N MET UC 34 -87.96 -28.86 -74.38
CA MET UC 34 -88.12 -29.70 -73.21
C MET UC 34 -89.10 -30.83 -73.49
N ASN UC 35 -88.90 -31.95 -72.81
CA ASN UC 35 -89.84 -33.06 -72.84
C ASN UC 35 -90.13 -33.49 -71.42
N VAL UC 36 -91.41 -33.53 -71.07
CA VAL UC 36 -91.83 -33.93 -69.73
C VAL UC 36 -92.97 -34.92 -69.86
N ALA UC 37 -92.94 -35.96 -69.03
CA ALA UC 37 -93.97 -36.98 -69.05
C ALA UC 37 -94.99 -36.73 -67.95
N GLU UC 38 -96.16 -37.33 -68.11
CA GLU UC 38 -97.23 -37.21 -67.14
C GLU UC 38 -97.50 -38.58 -66.52
N VAL UC 39 -98.47 -38.62 -65.62
CA VAL UC 39 -98.76 -39.81 -64.84
C VAL UC 39 -100.24 -40.14 -64.94
N ASP UC 40 -100.53 -41.44 -64.90
CA ASP UC 40 -101.92 -41.86 -64.73
C ASP UC 40 -102.40 -41.45 -63.35
N LYS UC 41 -103.66 -41.04 -63.28
CA LYS UC 41 -104.18 -40.45 -62.06
C LYS UC 41 -104.17 -41.45 -60.91
N VAL UC 42 -104.51 -42.71 -61.19
CA VAL UC 42 -104.78 -43.66 -60.11
C VAL UC 42 -103.50 -44.03 -59.36
N THR UC 43 -102.40 -44.32 -60.08
CA THR UC 43 -101.19 -44.78 -59.42
C THR UC 43 -99.88 -44.18 -59.95
N GLY UC 44 -99.95 -43.12 -60.74
CA GLY UC 44 -98.72 -42.43 -61.16
C GLY UC 44 -97.78 -43.24 -62.03
N ARG UC 45 -98.24 -43.61 -63.22
CA ARG UC 45 -97.48 -44.42 -64.16
C ARG UC 45 -97.29 -43.67 -65.48
N PHE UC 46 -96.76 -44.36 -66.49
CA PHE UC 46 -96.85 -43.88 -67.86
C PHE UC 46 -98.29 -43.86 -68.31
N ASN UC 47 -98.81 -42.69 -68.66
CA ASN UC 47 -100.00 -42.69 -69.51
C ASN UC 47 -99.62 -42.98 -70.95
N GLY UC 48 -98.32 -42.95 -71.25
CA GLY UC 48 -97.81 -43.16 -72.59
C GLY UC 48 -97.64 -41.90 -73.41
N GLN UC 49 -98.37 -40.84 -73.07
CA GLN UC 49 -98.29 -39.58 -73.79
C GLN UC 49 -97.50 -38.57 -72.96
N PHE UC 50 -97.07 -37.49 -73.60
CA PHE UC 50 -96.20 -36.52 -72.96
C PHE UC 50 -96.60 -35.12 -73.38
N LYS UC 51 -95.88 -34.14 -72.85
CA LYS UC 51 -96.03 -32.75 -73.27
C LYS UC 51 -94.63 -32.11 -73.25
N THR UC 52 -94.44 -31.10 -74.09
CA THR UC 52 -93.11 -30.56 -74.39
C THR UC 52 -93.11 -29.05 -74.38
N TYR UC 53 -91.97 -28.47 -74.00
CA TYR UC 53 -91.85 -27.02 -73.89
C TYR UC 53 -90.76 -26.54 -74.84
N ALA UC 54 -90.82 -25.26 -75.19
CA ALA UC 54 -89.81 -24.62 -76.03
C ALA UC 54 -89.20 -23.45 -75.28
N ILE UC 55 -87.87 -23.38 -75.31
CA ILE UC 55 -87.12 -22.35 -74.60
C ILE UC 55 -86.14 -21.73 -75.58
N CYS UC 56 -86.15 -20.40 -75.65
CA CYS UC 56 -85.27 -19.73 -76.59
C CYS UC 56 -83.84 -19.73 -76.07
N GLY UC 57 -82.89 -19.68 -77.00
CA GLY UC 57 -81.49 -19.67 -76.62
C GLY UC 57 -81.14 -18.47 -75.77
N ALA UC 58 -81.79 -17.33 -76.02
CA ALA UC 58 -81.47 -16.13 -75.25
C ALA UC 58 -81.88 -16.28 -73.79
N ILE UC 59 -83.12 -16.66 -73.52
CA ILE UC 59 -83.59 -16.77 -72.14
C ILE UC 59 -82.84 -17.88 -71.43
N ARG UC 60 -82.49 -18.95 -72.14
CA ARG UC 60 -81.61 -19.97 -71.58
C ARG UC 60 -80.26 -19.36 -71.20
N ARG UC 61 -79.71 -18.52 -72.08
CA ARG UC 61 -78.40 -17.94 -71.87
C ARG UC 61 -78.38 -16.98 -70.69
N MET UC 62 -79.44 -16.21 -70.49
CA MET UC 62 -79.49 -15.31 -69.34
C MET UC 62 -79.63 -16.08 -68.03
N GLY UC 63 -79.52 -17.40 -68.06
CA GLY UC 63 -79.59 -18.19 -66.86
C GLY UC 63 -80.98 -18.33 -66.29
N GLU UC 64 -82.01 -18.03 -67.07
CA GLU UC 64 -83.38 -17.94 -66.58
C GLU UC 64 -84.29 -19.03 -67.10
N SER UC 65 -83.76 -20.13 -67.63
CA SER UC 65 -84.64 -21.19 -68.10
C SER UC 65 -85.43 -21.79 -66.95
N ASP UC 66 -84.83 -21.86 -65.75
CA ASP UC 66 -85.48 -22.49 -64.63
C ASP UC 66 -86.83 -21.83 -64.32
N ASP UC 67 -86.83 -20.53 -64.08
CA ASP UC 67 -88.07 -19.84 -63.75
C ASP UC 67 -89.09 -19.98 -64.88
N SER UC 68 -88.62 -19.87 -66.12
CA SER UC 68 -89.53 -19.95 -67.25
C SER UC 68 -90.27 -21.28 -67.26
N ILE UC 69 -89.53 -22.39 -67.22
CA ILE UC 69 -90.24 -23.66 -67.34
C ILE UC 69 -90.96 -24.00 -66.05
N LEU UC 70 -90.51 -23.47 -64.92
CA LEU UC 70 -91.29 -23.60 -63.69
C LEU UC 70 -92.66 -22.98 -63.87
N ARG UC 71 -92.69 -21.77 -64.42
CA ARG UC 71 -93.95 -21.09 -64.65
C ARG UC 71 -94.82 -21.85 -65.63
N LEU UC 72 -94.24 -22.26 -66.77
CA LEU UC 72 -95.04 -22.95 -67.77
C LEU UC 72 -95.56 -24.27 -67.24
N ALA UC 73 -94.75 -25.00 -66.48
CA ALA UC 73 -95.22 -26.21 -65.83
C ALA UC 73 -96.41 -25.92 -64.93
N LYS UC 74 -96.28 -24.90 -64.07
CA LYS UC 74 -97.36 -24.63 -63.13
C LYS UC 74 -98.62 -24.16 -63.84
N ALA UC 75 -98.48 -23.46 -64.96
CA ALA UC 75 -99.65 -23.06 -65.72
C ALA UC 75 -100.31 -24.23 -66.45
N ASP UC 76 -99.55 -25.27 -66.78
CA ASP UC 76 -100.06 -26.43 -67.51
C ASP UC 76 -100.44 -27.54 -66.55
N GLY UC 77 -100.83 -27.19 -65.33
CA GLY UC 77 -101.39 -28.15 -64.40
C GLY UC 77 -100.41 -29.15 -63.83
N ILE UC 78 -99.13 -28.80 -63.73
CA ILE UC 78 -98.15 -29.70 -63.15
C ILE UC 78 -98.48 -29.86 -61.67
N VAL UC 79 -98.01 -30.96 -61.07
CA VAL UC 79 -98.70 -31.59 -59.94
C VAL UC 79 -98.82 -30.64 -58.75
N SER UC 80 -97.78 -29.85 -58.48
CA SER UC 80 -97.74 -29.13 -57.20
C SER UC 80 -98.83 -28.07 -57.13
N LYS UC 81 -98.78 -27.07 -58.01
CA LYS UC 81 -99.85 -26.08 -58.23
C LYS UC 81 -100.16 -25.26 -56.98
N ASN UC 82 -99.46 -25.51 -55.88
CA ASN UC 82 -99.73 -24.83 -54.63
C ASN UC 82 -98.50 -24.19 -54.01
N PHE UC 83 -97.44 -23.98 -54.79
CA PHE UC 83 -96.14 -23.66 -54.24
C PHE UC 83 -95.89 -22.16 -54.21
N THR VC 1 -53.62 2.88 -75.31
CA THR VC 1 -54.86 2.70 -74.58
C THR VC 1 -54.68 2.92 -73.09
N LYS VC 2 -55.79 2.89 -72.34
CA LYS VC 2 -55.72 3.06 -70.90
C LYS VC 2 -55.13 1.81 -70.26
N LYS VC 3 -53.81 1.83 -70.05
CA LYS VC 3 -53.07 0.70 -69.49
C LYS VC 3 -53.77 0.11 -68.28
N ARG VC 4 -54.13 0.96 -67.32
CA ARG VC 4 -54.85 0.54 -66.12
C ARG VC 4 -56.15 1.31 -66.04
N ARG VC 5 -57.25 0.59 -65.81
CA ARG VC 5 -58.55 1.23 -65.66
C ARG VC 5 -58.50 2.33 -64.61
N ASN VC 6 -57.85 2.04 -63.48
CA ASN VC 6 -57.69 3.05 -62.45
C ASN VC 6 -56.38 3.81 -62.68
N ASN VC 7 -56.19 4.21 -63.94
CA ASN VC 7 -55.27 5.25 -64.37
C ASN VC 7 -53.99 5.33 -63.55
N GLY VC 8 -53.31 4.21 -63.35
CA GLY VC 8 -52.17 4.27 -62.45
C GLY VC 8 -52.64 4.53 -61.04
N ARG VC 9 -52.48 5.79 -60.61
CA ARG VC 9 -52.82 6.22 -59.26
C ARG VC 9 -54.17 5.71 -58.80
N ALA VC 10 -54.29 5.52 -57.49
CA ALA VC 10 -55.55 5.10 -56.91
C ALA VC 10 -56.50 6.27 -56.67
N LYS VC 11 -56.06 7.50 -56.92
CA LYS VC 11 -56.93 8.65 -56.73
C LYS VC 11 -58.18 8.51 -57.57
N LYS VC 12 -59.29 8.47 -56.90
CA LYS VC 12 -60.57 8.10 -57.46
C LYS VC 12 -61.71 9.03 -57.13
N GLY VC 13 -61.65 9.69 -55.99
CA GLY VC 13 -62.62 10.70 -55.66
C GLY VC 13 -62.00 12.07 -55.56
N ARG VC 14 -60.75 12.11 -55.11
CA ARG VC 14 -60.05 13.36 -54.86
C ARG VC 14 -59.82 14.12 -56.16
N GLY VC 15 -60.02 15.43 -56.10
CA GLY VC 15 -59.66 16.29 -57.22
C GLY VC 15 -58.16 16.36 -57.44
N HIS VC 16 -57.40 16.53 -56.36
CA HIS VC 16 -55.96 16.69 -56.45
C HIS VC 16 -55.35 16.36 -55.10
N VAL VC 17 -54.25 15.61 -55.10
CA VAL VC 17 -53.59 15.18 -53.88
C VAL VC 17 -52.13 15.58 -53.94
N GLN VC 18 -51.53 15.74 -52.77
CA GLN VC 18 -50.17 16.27 -52.79
C GLN VC 18 -49.15 15.14 -52.93
N PRO VC 19 -48.03 15.42 -53.59
CA PRO VC 19 -47.05 14.37 -53.86
C PRO VC 19 -46.08 14.20 -52.70
N ILE VC 20 -45.36 13.09 -52.73
CA ILE VC 20 -44.30 12.79 -51.78
C ILE VC 20 -43.01 12.61 -52.56
N ARG VC 21 -41.98 13.33 -52.18
CA ARG VC 21 -40.66 13.17 -52.79
C ARG VC 21 -40.15 11.76 -52.59
N CYS VC 22 -39.57 11.19 -53.64
CA CYS VC 22 -39.09 9.81 -53.58
C CYS VC 22 -38.06 9.66 -52.47
N THR VC 23 -38.16 8.56 -51.73
CA THR VC 23 -37.13 8.27 -50.74
C THR VC 23 -35.79 8.05 -51.41
N ASN VC 24 -35.79 7.37 -52.56
CA ASN VC 24 -34.55 7.04 -53.24
C ASN VC 24 -34.07 8.21 -54.11
N CYS VC 25 -34.88 8.61 -55.09
CA CYS VC 25 -34.38 9.64 -56.00
C CYS VC 25 -35.00 11.03 -55.76
N ALA VC 26 -35.81 11.24 -54.73
CA ALA VC 26 -36.28 12.56 -54.31
C ALA VC 26 -37.24 13.20 -55.30
N ARG VC 27 -37.49 12.55 -56.43
CA ARG VC 27 -38.45 13.05 -57.42
C ARG VC 27 -39.85 12.86 -56.88
N CYS VC 28 -40.72 13.82 -57.14
CA CYS VC 28 -42.05 13.80 -56.51
C CYS VC 28 -42.97 12.82 -57.22
N VAL VC 29 -43.73 12.06 -56.44
CA VAL VC 29 -44.80 11.23 -56.96
C VAL VC 29 -46.07 11.53 -56.17
N PRO VC 30 -47.21 11.72 -56.82
CA PRO VC 30 -48.47 11.84 -56.08
C PRO VC 30 -48.73 10.59 -55.25
N LYS VC 31 -49.24 10.79 -54.04
CA LYS VC 31 -49.38 9.73 -53.05
C LYS VC 31 -50.10 8.52 -53.63
N ASP VC 32 -51.19 8.77 -54.32
CA ASP VC 32 -51.99 7.76 -54.99
C ASP VC 32 -51.15 6.88 -55.90
N LYS VC 33 -50.51 7.49 -56.89
CA LYS VC 33 -49.64 6.72 -57.80
C LYS VC 33 -48.41 6.22 -57.07
N ALA VC 34 -48.01 6.93 -56.01
CA ALA VC 34 -46.85 6.52 -55.25
C ALA VC 34 -47.06 5.13 -54.65
N ILE VC 35 -45.98 4.36 -54.61
CA ILE VC 35 -45.99 3.04 -53.99
C ILE VC 35 -45.03 3.07 -52.81
N LYS VC 36 -45.44 2.43 -51.72
CA LYS VC 36 -44.67 2.51 -50.49
C LYS VC 36 -44.75 1.17 -49.76
N LYS VC 37 -43.82 0.99 -48.83
CA LYS VC 37 -43.71 -0.24 -48.08
C LYS VC 37 -43.09 0.05 -46.72
N PHE VC 38 -43.63 -0.60 -45.69
CA PHE VC 38 -42.98 -0.59 -44.39
C PHE VC 38 -41.75 -1.49 -44.43
N VAL VC 39 -41.03 -1.55 -43.33
CA VAL VC 39 -39.93 -2.50 -43.19
C VAL VC 39 -39.65 -2.68 -41.71
N ILE VC 40 -39.42 -3.92 -41.27
CA ILE VC 40 -39.33 -4.15 -39.83
C ILE VC 40 -37.87 -4.41 -39.46
N ARG VC 41 -37.29 -5.51 -39.96
CA ARG VC 41 -35.84 -5.72 -39.96
C ARG VC 41 -35.15 -5.26 -38.68
N ASN VC 42 -35.43 -5.93 -37.55
CA ASN VC 42 -34.89 -5.54 -36.25
C ASN VC 42 -33.43 -5.12 -36.34
N ILE VC 43 -33.08 -4.06 -35.63
CA ILE VC 43 -31.73 -3.54 -35.74
C ILE VC 43 -30.83 -4.25 -34.74
N VAL VC 44 -30.59 -5.53 -34.96
CA VAL VC 44 -29.45 -6.25 -34.40
C VAL VC 44 -28.91 -7.18 -35.48
N GLU VC 45 -29.73 -7.41 -36.50
CA GLU VC 45 -29.52 -8.43 -37.54
C GLU VC 45 -29.70 -9.83 -36.98
N ALA VC 46 -30.29 -10.72 -37.77
CA ALA VC 46 -30.72 -12.04 -37.33
C ALA VC 46 -29.57 -12.89 -36.80
N ALA VC 47 -28.60 -13.21 -37.65
CA ALA VC 47 -27.48 -14.05 -37.25
C ALA VC 47 -26.66 -13.34 -36.17
N ALA VC 48 -26.80 -12.02 -36.10
CA ALA VC 48 -26.10 -11.20 -35.13
C ALA VC 48 -26.93 -10.96 -33.86
N VAL VC 49 -27.34 -12.03 -33.19
CA VAL VC 49 -28.13 -11.90 -31.97
C VAL VC 49 -27.38 -12.53 -30.82
N ARG VC 50 -27.07 -13.82 -30.94
CA ARG VC 50 -26.45 -14.59 -29.86
C ARG VC 50 -25.21 -13.86 -29.35
N ASP VC 51 -24.40 -13.36 -30.27
CA ASP VC 51 -23.24 -12.57 -29.95
C ASP VC 51 -23.61 -11.37 -29.09
N ILE VC 52 -24.56 -10.57 -29.56
CA ILE VC 52 -25.02 -9.43 -28.77
C ILE VC 52 -25.75 -9.91 -27.53
N SER VC 53 -26.46 -11.04 -27.64
CA SER VC 53 -27.22 -11.56 -26.53
C SER VC 53 -26.33 -11.88 -25.35
N GLU VC 54 -25.25 -12.63 -25.61
CA GLU VC 54 -24.31 -12.93 -24.54
C GLU VC 54 -23.61 -11.68 -24.06
N ALA VC 55 -23.47 -10.68 -24.92
CA ALA VC 55 -22.78 -9.45 -24.57
C ALA VC 55 -23.69 -8.41 -23.92
N SER VC 56 -25.00 -8.66 -23.87
CA SER VC 56 -25.91 -7.72 -23.26
C SER VC 56 -25.69 -7.66 -21.75
N VAL VC 57 -25.86 -6.47 -21.17
CA VAL VC 57 -25.76 -6.34 -19.72
C VAL VC 57 -26.93 -7.04 -19.03
N PHE VC 58 -28.11 -6.98 -19.62
CA PHE VC 58 -29.25 -7.79 -19.20
C PHE VC 58 -29.19 -9.11 -19.96
N ASP VC 59 -30.22 -9.95 -19.94
CA ASP VC 59 -30.21 -11.17 -20.73
C ASP VC 59 -31.48 -11.30 -21.55
N ALA VC 60 -32.59 -10.72 -21.08
CA ALA VC 60 -33.82 -10.81 -21.84
C ALA VC 60 -33.89 -9.73 -22.92
N TYR VC 61 -34.03 -8.47 -22.50
CA TYR VC 61 -34.00 -7.30 -23.36
C TYR VC 61 -34.63 -7.55 -24.73
N VAL VC 62 -35.94 -7.81 -24.77
CA VAL VC 62 -36.64 -8.05 -26.02
C VAL VC 62 -36.29 -6.94 -27.01
N LEU VC 63 -35.72 -7.33 -28.13
CA LEU VC 63 -35.00 -6.38 -28.98
C LEU VC 63 -35.97 -5.63 -29.87
N PRO VC 64 -36.07 -4.31 -29.76
CA PRO VC 64 -36.97 -3.55 -30.63
C PRO VC 64 -36.52 -3.59 -32.08
N LYS VC 65 -37.51 -3.55 -32.98
CA LYS VC 65 -37.25 -3.58 -34.40
C LYS VC 65 -37.39 -2.17 -34.97
N LEU VC 66 -36.91 -1.96 -36.18
CA LEU VC 66 -37.04 -0.66 -36.82
C LEU VC 66 -38.36 -0.61 -37.58
N TYR VC 67 -38.90 0.61 -37.72
CA TYR VC 67 -40.15 0.82 -38.46
C TYR VC 67 -40.05 2.11 -39.24
N VAL VC 68 -40.11 2.02 -40.56
CA VAL VC 68 -40.19 3.16 -41.45
C VAL VC 68 -40.82 2.70 -42.77
N LYS VC 69 -41.68 3.54 -43.34
CA LYS VC 69 -42.26 3.27 -44.64
C LYS VC 69 -41.51 4.08 -45.70
N LEU VC 70 -41.35 3.49 -46.88
CA LEU VC 70 -40.48 4.02 -47.92
C LEU VC 70 -41.32 4.21 -49.17
N HIS VC 71 -41.69 5.46 -49.45
CA HIS VC 71 -42.52 5.78 -50.59
C HIS VC 71 -41.72 5.66 -51.87
N TYR VC 72 -41.55 4.44 -52.35
CA TYR VC 72 -40.76 4.19 -53.54
C TYR VC 72 -41.39 4.83 -54.76
N CYS VC 73 -40.53 5.16 -55.70
CA CYS VC 73 -40.96 5.82 -56.91
C CYS VC 73 -41.06 4.77 -58.01
N VAL VC 74 -41.93 5.04 -58.99
CA VAL VC 74 -42.18 4.06 -60.04
C VAL VC 74 -40.88 3.60 -60.69
N SER VC 75 -40.08 4.55 -61.18
CA SER VC 75 -38.83 4.19 -61.85
C SER VC 75 -37.87 3.51 -60.89
N CYS VC 76 -37.68 4.10 -59.70
CA CYS VC 76 -36.81 3.50 -58.71
C CYS VC 76 -37.30 2.11 -58.33
N ALA VC 77 -38.60 1.99 -58.05
CA ALA VC 77 -39.15 0.71 -57.63
C ALA VC 77 -38.90 -0.36 -58.68
N ILE VC 78 -39.16 -0.05 -59.94
CA ILE VC 78 -38.97 -1.03 -61.00
C ILE VC 78 -37.48 -1.39 -61.13
N HIS VC 79 -36.62 -0.38 -61.21
CA HIS VC 79 -35.20 -0.66 -61.39
C HIS VC 79 -34.61 -1.34 -60.17
N SER VC 80 -35.19 -1.10 -59.00
CA SER VC 80 -34.73 -1.75 -57.78
C SER VC 80 -35.45 -3.06 -57.49
N LYS VC 81 -36.13 -3.64 -58.47
CA LYS VC 81 -36.70 -4.98 -58.40
C LYS VC 81 -37.86 -5.09 -57.42
N VAL VC 82 -38.36 -3.97 -56.89
CA VAL VC 82 -39.39 -4.02 -55.86
C VAL VC 82 -40.71 -4.48 -56.43
N VAL VC 83 -40.99 -4.12 -57.68
CA VAL VC 83 -42.25 -4.43 -58.33
C VAL VC 83 -41.91 -5.22 -59.58
N ARG VC 84 -42.91 -5.65 -60.34
CA ARG VC 84 -42.62 -6.49 -61.49
C ARG VC 84 -43.57 -6.16 -62.62
N ASN VC 85 -43.10 -6.33 -63.85
CA ASN VC 85 -43.99 -6.24 -65.00
C ASN VC 85 -44.74 -7.54 -65.15
N ARG VC 86 -46.06 -7.46 -65.26
CA ARG VC 86 -46.91 -8.64 -65.29
C ARG VC 86 -47.71 -8.67 -66.57
N SER VC 87 -48.04 -9.87 -67.03
CA SER VC 87 -48.97 -10.04 -68.14
C SER VC 87 -50.27 -9.31 -67.82
N ARG VC 88 -50.81 -8.63 -68.83
CA ARG VC 88 -51.95 -7.74 -68.65
C ARG VC 88 -53.06 -8.42 -67.85
N GLU VC 89 -53.23 -9.72 -68.05
CA GLU VC 89 -54.16 -10.50 -67.25
C GLU VC 89 -53.71 -10.52 -65.80
N ALA VC 90 -52.45 -10.89 -65.57
CA ALA VC 90 -51.92 -10.91 -64.22
C ALA VC 90 -51.69 -9.49 -63.69
N ARG VC 91 -51.45 -8.55 -64.61
CA ARG VC 91 -51.20 -7.17 -64.24
C ARG VC 91 -52.38 -6.59 -63.47
N LYS VC 92 -53.60 -6.93 -63.91
CA LYS VC 92 -54.81 -6.34 -63.33
C LYS VC 92 -55.25 -7.09 -62.08
N ASP VC 93 -54.33 -7.22 -61.13
CA ASP VC 93 -54.64 -7.83 -59.84
C ASP VC 93 -54.11 -6.95 -58.73
N ARG VC 94 -54.93 -6.74 -57.70
CA ARG VC 94 -54.56 -5.93 -56.55
C ARG VC 94 -54.17 -6.75 -55.33
N THR VC 95 -54.30 -8.08 -55.39
CA THR VC 95 -54.04 -8.93 -54.24
C THR VC 95 -52.60 -8.74 -53.78
N PRO VC 96 -52.39 -8.37 -52.52
CA PRO VC 96 -51.04 -8.14 -52.02
C PRO VC 96 -50.20 -9.40 -52.15
N PRO VC 97 -48.90 -9.25 -52.42
CA PRO VC 97 -48.04 -10.42 -52.64
C PRO VC 97 -48.07 -11.35 -51.44
N PRO VC 98 -47.68 -12.62 -51.62
CA PRO VC 98 -47.75 -13.57 -50.49
C PRO VC 98 -46.84 -13.13 -49.35
N ARG VC 99 -47.26 -13.47 -48.13
CA ARG VC 99 -46.69 -12.83 -46.94
C ARG VC 99 -45.25 -13.25 -46.65
N PHE VC 100 -44.79 -14.36 -47.20
CA PHE VC 100 -43.41 -14.83 -47.06
C PHE VC 100 -43.04 -15.08 -45.58
N ARG VC 101 -44.03 -15.34 -44.72
CA ARG VC 101 -43.68 -15.71 -43.35
C ARG VC 101 -42.82 -16.96 -43.26
N PRO VC 102 -43.04 -18.02 -44.07
CA PRO VC 102 -42.04 -19.09 -44.10
C PRO VC 102 -40.76 -18.66 -44.82
N GLU WC 1 -70.81 -45.09 -100.65
CA GLU WC 1 -69.45 -45.13 -100.11
C GLU WC 1 -69.33 -44.23 -98.90
N TRP WC 2 -70.26 -43.30 -98.76
CA TRP WC 2 -70.22 -42.35 -97.67
C TRP WC 2 -70.58 -43.03 -96.36
N MET WC 3 -69.72 -42.87 -95.37
CA MET WC 3 -70.01 -43.31 -94.01
C MET WC 3 -70.28 -42.08 -93.17
N PRO WC 4 -71.49 -41.90 -92.67
CA PRO WC 4 -71.72 -40.84 -91.69
C PRO WC 4 -71.55 -41.37 -90.28
N VAL WC 5 -70.80 -40.64 -89.47
CA VAL WC 5 -70.67 -40.96 -88.06
C VAL WC 5 -71.47 -39.90 -87.31
N THR WC 6 -72.77 -40.15 -87.20
CA THR WC 6 -73.69 -39.27 -86.47
C THR WC 6 -75.06 -39.92 -86.49
N LYS WC 7 -75.86 -39.76 -85.43
CA LYS WC 7 -77.20 -40.32 -85.49
C LYS WC 7 -78.05 -39.62 -86.55
N LEU WC 8 -77.95 -38.29 -86.64
CA LEU WC 8 -78.67 -37.61 -87.71
C LEU WC 8 -78.04 -37.97 -89.04
N GLY WC 9 -76.72 -38.20 -89.05
CA GLY WC 9 -76.06 -38.63 -90.27
C GLY WC 9 -76.55 -39.98 -90.73
N ARG WC 10 -76.83 -40.87 -89.78
CA ARG WC 10 -77.39 -42.16 -90.17
C ARG WC 10 -78.83 -42.01 -90.63
N LEU WC 11 -79.63 -41.19 -89.94
CA LEU WC 11 -81.01 -41.01 -90.34
C LEU WC 11 -81.12 -40.48 -91.76
N VAL WC 12 -80.30 -39.47 -92.09
CA VAL WC 12 -80.27 -38.99 -93.46
C VAL WC 12 -79.64 -40.04 -94.37
N LYS WC 13 -78.76 -40.89 -93.84
CA LYS WC 13 -78.14 -41.93 -94.65
C LYS WC 13 -79.17 -42.94 -95.13
N ASP WC 14 -80.14 -43.29 -94.29
CA ASP WC 14 -81.13 -44.30 -94.62
C ASP WC 14 -82.52 -43.72 -94.84
N MET WC 15 -82.60 -42.49 -95.37
CA MET WC 15 -83.84 -41.89 -95.86
C MET WC 15 -84.84 -41.61 -94.75
N LYS WC 16 -84.53 -42.03 -93.53
CA LYS WC 16 -85.52 -41.91 -92.48
C LYS WC 16 -85.87 -40.47 -92.20
N ILE WC 17 -84.98 -39.57 -92.56
CA ILE WC 17 -85.33 -38.16 -92.59
C ILE WC 17 -85.22 -37.67 -94.03
N LYS WC 18 -86.35 -37.24 -94.58
CA LYS WC 18 -86.44 -36.61 -95.88
C LYS WC 18 -86.99 -35.20 -95.73
N SER WC 19 -86.99 -34.45 -96.83
CA SER WC 19 -87.49 -33.08 -96.86
C SER WC 19 -86.80 -32.24 -95.79
N LEU WC 20 -85.52 -31.98 -96.04
CA LEU WC 20 -84.53 -31.53 -95.07
C LEU WC 20 -85.01 -30.45 -94.10
N GLU WC 21 -86.01 -29.66 -94.47
CA GLU WC 21 -86.28 -28.40 -93.81
C GLU WC 21 -86.47 -28.50 -92.30
N GLU WC 22 -87.23 -29.49 -91.80
CA GLU WC 22 -87.65 -29.49 -90.41
C GLU WC 22 -86.49 -29.58 -89.42
N ILE WC 23 -85.29 -29.97 -89.87
CA ILE WC 23 -84.13 -29.87 -88.98
C ILE WC 23 -83.90 -28.42 -88.62
N TYR WC 24 -84.13 -27.53 -89.59
CA TYR WC 24 -84.03 -26.10 -89.35
C TYR WC 24 -85.12 -25.63 -88.41
N LEU WC 25 -86.29 -26.28 -88.44
CA LEU WC 25 -87.29 -25.98 -87.43
C LEU WC 25 -86.79 -26.38 -86.06
N PHE WC 26 -86.07 -27.49 -85.96
CA PHE WC 26 -85.49 -27.92 -84.70
C PHE WC 26 -84.13 -27.29 -84.43
N SER WC 27 -83.53 -26.64 -85.43
CA SER WC 27 -82.28 -25.90 -85.27
C SER WC 27 -81.18 -26.79 -84.71
N LEU WC 28 -81.17 -28.06 -85.10
CA LEU WC 28 -80.13 -28.95 -84.64
C LEU WC 28 -78.81 -28.60 -85.31
N PRO WC 29 -77.70 -28.77 -84.61
CA PRO WC 29 -76.40 -28.46 -85.22
C PRO WC 29 -76.13 -29.33 -86.43
N ILE WC 30 -75.51 -28.73 -87.43
CA ILE WC 30 -75.10 -29.42 -88.64
C ILE WC 30 -73.65 -29.86 -88.45
N LYS WC 31 -73.35 -31.11 -88.84
CA LYS WC 31 -72.03 -31.67 -88.61
C LYS WC 31 -71.45 -32.38 -89.81
N GLU WC 32 -72.25 -32.79 -90.78
CA GLU WC 32 -71.77 -33.54 -91.93
C GLU WC 32 -72.20 -32.83 -93.21
N SER WC 33 -71.23 -32.59 -94.09
CA SER WC 33 -71.48 -31.88 -95.33
C SER WC 33 -72.26 -32.71 -96.33
N GLU WC 34 -71.96 -34.00 -96.43
CA GLU WC 34 -72.56 -34.82 -97.47
C GLU WC 34 -74.07 -34.90 -97.36
N ILE WC 35 -74.63 -34.62 -96.19
CA ILE WC 35 -76.08 -34.71 -96.02
C ILE WC 35 -76.78 -33.65 -96.86
N ILE WC 36 -76.19 -32.47 -96.98
CA ILE WC 36 -76.88 -31.47 -97.78
C ILE WC 36 -76.68 -31.73 -99.25
N ASP WC 37 -75.57 -32.37 -99.63
CA ASP WC 37 -75.48 -32.88 -101.00
C ASP WC 37 -76.59 -33.87 -101.25
N PHE WC 38 -76.80 -34.79 -100.30
CA PHE WC 38 -77.88 -35.76 -100.46
C PHE WC 38 -79.21 -35.07 -100.63
N PHE WC 39 -79.48 -34.04 -99.83
CA PHE WC 39 -80.78 -33.40 -99.85
C PHE WC 39 -80.98 -32.48 -101.05
N LEU WC 40 -79.94 -31.82 -101.52
CA LEU WC 40 -80.06 -30.87 -102.63
C LEU WC 40 -78.91 -31.03 -103.61
N GLY WC 41 -78.57 -32.27 -103.95
CA GLY WC 41 -77.58 -32.49 -104.98
C GLY WC 41 -78.05 -31.99 -106.33
N ALA WC 42 -77.09 -31.58 -107.16
CA ALA WC 42 -77.31 -31.09 -108.51
C ALA WC 42 -78.13 -29.80 -108.55
N SER WC 43 -78.45 -29.22 -107.40
CA SER WC 43 -79.17 -27.97 -107.34
C SER WC 43 -78.38 -26.86 -106.65
N LEU WC 44 -77.23 -27.17 -106.07
CA LEU WC 44 -76.42 -26.21 -105.35
C LEU WC 44 -75.33 -25.67 -106.27
N LYS WC 45 -75.41 -24.38 -106.57
CA LYS WC 45 -74.39 -23.71 -107.35
C LYS WC 45 -73.36 -23.08 -106.44
N ASP WC 46 -72.11 -23.02 -106.91
CA ASP WC 46 -71.00 -22.52 -106.13
C ASP WC 46 -70.23 -21.50 -106.95
N GLU WC 47 -69.82 -20.41 -106.30
CA GLU WC 47 -68.98 -19.40 -106.93
C GLU WC 47 -67.96 -18.92 -105.91
N VAL WC 48 -66.72 -18.80 -106.34
CA VAL WC 48 -65.66 -18.26 -105.50
C VAL WC 48 -65.77 -16.74 -105.43
N LEU WC 49 -65.57 -16.18 -104.24
CA LEU WC 49 -65.68 -14.75 -104.05
C LEU WC 49 -64.35 -14.04 -104.18
N LYS WC 50 -63.36 -14.37 -103.34
CA LYS WC 50 -62.06 -13.73 -103.44
C LYS WC 50 -61.04 -14.62 -102.74
N ILE WC 51 -59.84 -14.66 -103.31
CA ILE WC 51 -58.70 -15.33 -102.70
C ILE WC 51 -57.76 -14.23 -102.19
N MET WC 52 -57.81 -13.94 -100.89
CA MET WC 52 -56.95 -12.91 -100.32
C MET WC 52 -55.73 -13.54 -99.70
N PRO WC 53 -54.54 -13.20 -100.14
CA PRO WC 53 -53.32 -13.81 -99.58
C PRO WC 53 -52.89 -13.19 -98.26
N VAL WC 54 -53.46 -13.65 -97.16
CA VAL WC 54 -53.05 -13.20 -95.84
C VAL WC 54 -51.77 -13.92 -95.44
N GLN WC 55 -50.74 -13.13 -95.12
CA GLN WC 55 -49.47 -13.68 -94.68
C GLN WC 55 -49.19 -13.18 -93.26
N LYS WC 56 -48.56 -14.04 -92.45
CA LYS WC 56 -48.18 -13.68 -91.10
C LYS WC 56 -46.66 -13.78 -90.97
N GLN WC 57 -46.04 -12.68 -90.58
CA GLN WC 57 -44.59 -12.56 -90.63
C GLN WC 57 -43.95 -13.45 -89.57
N THR WC 58 -42.93 -14.19 -89.97
CA THR WC 58 -42.19 -15.10 -89.11
C THR WC 58 -40.74 -14.66 -89.02
N ARG WC 59 -39.92 -15.45 -88.33
CA ARG WC 59 -38.50 -15.16 -88.26
C ARG WC 59 -37.87 -15.22 -89.65
N ALA WC 60 -38.08 -16.34 -90.35
CA ALA WC 60 -37.48 -16.55 -91.67
C ALA WC 60 -38.49 -16.11 -92.71
N GLY WC 61 -38.59 -14.81 -92.91
CA GLY WC 61 -39.55 -14.32 -93.87
C GLY WC 61 -40.98 -14.52 -93.38
N GLN WC 62 -41.90 -14.52 -94.33
CA GLN WC 62 -43.31 -14.59 -94.05
C GLN WC 62 -43.89 -15.90 -94.58
N ARG WC 63 -44.83 -16.48 -93.83
CA ARG WC 63 -45.61 -17.59 -94.32
C ARG WC 63 -46.87 -17.03 -94.97
N THR WC 64 -46.92 -17.10 -96.29
CA THR WC 64 -48.08 -16.58 -97.01
C THR WC 64 -49.17 -17.65 -97.10
N ARG WC 65 -50.38 -17.28 -96.71
CA ARG WC 65 -51.53 -18.17 -96.78
C ARG WC 65 -52.66 -17.44 -97.50
N PHE WC 66 -53.72 -18.19 -97.81
CA PHE WC 66 -54.83 -17.63 -98.58
C PHE WC 66 -56.13 -17.90 -97.85
N LYS WC 67 -57.04 -16.93 -97.89
CA LYS WC 67 -58.38 -17.08 -97.35
C LYS WC 67 -59.36 -17.18 -98.51
N ALA WC 68 -60.13 -18.25 -98.53
CA ALA WC 68 -61.05 -18.53 -99.63
C ALA WC 68 -62.48 -18.25 -99.18
N PHE WC 69 -63.19 -17.46 -99.99
CA PHE WC 69 -64.57 -17.09 -99.70
C PHE WC 69 -65.45 -17.66 -100.79
N VAL WC 70 -66.41 -18.49 -100.40
CA VAL WC 70 -67.31 -19.14 -101.35
C VAL WC 70 -68.74 -19.01 -100.84
N ALA WC 71 -69.65 -18.69 -101.75
CA ALA WC 71 -71.07 -18.68 -101.49
C ALA WC 71 -71.71 -19.79 -102.30
N ILE WC 72 -72.55 -20.61 -101.64
CA ILE WC 72 -73.32 -21.64 -102.32
C ILE WC 72 -74.75 -21.58 -101.82
N GLY WC 73 -75.64 -22.17 -102.58
CA GLY WC 73 -77.04 -22.21 -102.21
C GLY WC 73 -77.94 -22.36 -103.41
N ASP WC 74 -79.12 -22.91 -103.16
CA ASP WC 74 -80.11 -23.05 -104.21
C ASP WC 74 -80.64 -21.68 -104.59
N TYR WC 75 -81.37 -21.62 -105.71
CA TYR WC 75 -81.92 -20.38 -106.18
C TYR WC 75 -83.36 -20.17 -105.72
N ASN WC 76 -83.84 -20.99 -104.79
CA ASN WC 76 -85.21 -20.89 -104.35
C ASN WC 76 -85.33 -21.08 -102.84
N GLY WC 77 -84.37 -20.56 -102.07
CA GLY WC 77 -84.60 -20.49 -100.64
C GLY WC 77 -83.50 -20.91 -99.69
N HIS WC 78 -82.33 -21.27 -100.19
CA HIS WC 78 -81.24 -21.67 -99.33
C HIS WC 78 -79.92 -21.13 -99.86
N VAL WC 79 -79.01 -20.78 -98.95
CA VAL WC 79 -77.74 -20.17 -99.31
C VAL WC 79 -76.80 -20.28 -98.12
N GLY WC 80 -75.51 -20.14 -98.38
CA GLY WC 80 -74.53 -20.18 -97.31
C GLY WC 80 -73.20 -19.61 -97.75
N LEU WC 81 -72.37 -19.33 -96.76
CA LEU WC 81 -71.06 -18.71 -96.95
C LEU WC 81 -69.97 -19.63 -96.41
N GLY WC 82 -68.83 -19.62 -97.06
CA GLY WC 82 -67.71 -20.44 -96.63
C GLY WC 82 -66.37 -19.73 -96.65
N VAL WC 83 -65.71 -19.68 -95.49
CA VAL WC 83 -64.42 -19.00 -95.35
C VAL WC 83 -63.42 -20.01 -94.82
N LYS WC 84 -62.28 -20.15 -95.52
CA LYS WC 84 -61.24 -21.06 -95.12
C LYS WC 84 -59.88 -20.44 -95.40
N CYS WC 85 -58.94 -20.68 -94.49
CA CYS WC 85 -57.55 -20.27 -94.66
C CYS WC 85 -56.70 -21.52 -94.77
N SER WC 86 -55.76 -21.52 -95.71
CA SER WC 86 -54.90 -22.67 -95.92
C SER WC 86 -53.63 -22.21 -96.64
N LYS WC 87 -52.69 -23.14 -96.78
CA LYS WC 87 -51.42 -22.82 -97.42
C LYS WC 87 -51.51 -22.87 -98.94
N GLU WC 88 -52.54 -23.50 -99.48
CA GLU WC 88 -52.70 -23.63 -100.92
C GLU WC 88 -54.11 -23.27 -101.32
N VAL WC 89 -54.25 -22.77 -102.56
CA VAL WC 89 -55.54 -22.34 -103.04
C VAL WC 89 -56.49 -23.52 -103.17
N ALA WC 90 -55.99 -24.68 -103.57
CA ALA WC 90 -56.88 -25.83 -103.74
C ALA WC 90 -57.46 -26.28 -102.41
N THR WC 91 -56.60 -26.49 -101.41
CA THR WC 91 -57.08 -26.88 -100.10
C THR WC 91 -57.99 -25.80 -99.52
N ALA WC 92 -57.65 -24.54 -99.70
CA ALA WC 92 -58.51 -23.46 -99.23
C ALA WC 92 -59.88 -23.55 -99.89
N ILE WC 93 -59.92 -23.81 -101.19
CA ILE WC 93 -61.19 -23.90 -101.90
C ILE WC 93 -62.03 -25.04 -101.38
N ARG WC 94 -61.44 -26.23 -101.27
CA ARG WC 94 -62.20 -27.38 -100.79
C ARG WC 94 -62.71 -27.16 -99.37
N GLY WC 95 -61.85 -26.65 -98.48
CA GLY WC 95 -62.29 -26.39 -97.12
C GLY WC 95 -63.39 -25.36 -97.05
N ALA WC 96 -63.24 -24.26 -97.79
CA ALA WC 96 -64.24 -23.21 -97.77
C ALA WC 96 -65.57 -23.69 -98.32
N ILE WC 97 -65.56 -24.45 -99.42
CA ILE WC 97 -66.82 -24.92 -99.97
C ILE WC 97 -67.45 -25.94 -99.04
N ILE WC 98 -66.65 -26.77 -98.36
CA ILE WC 98 -67.21 -27.70 -97.40
C ILE WC 98 -67.88 -26.94 -96.26
N LEU WC 99 -67.23 -25.90 -95.75
CA LEU WC 99 -67.80 -25.17 -94.63
C LEU WC 99 -69.02 -24.35 -95.06
N ALA WC 100 -69.01 -23.84 -96.29
CA ALA WC 100 -70.22 -23.22 -96.83
C ALA WC 100 -71.35 -24.22 -96.88
N LYS WC 101 -71.05 -25.43 -97.36
CA LYS WC 101 -72.01 -26.50 -97.28
C LYS WC 101 -72.50 -26.67 -95.86
N LEU WC 102 -71.60 -26.60 -94.88
CA LEU WC 102 -72.03 -26.73 -93.50
C LEU WC 102 -73.02 -25.63 -93.14
N SER WC 103 -72.61 -24.38 -93.31
CA SER WC 103 -73.40 -23.23 -92.85
C SER WC 103 -74.33 -22.76 -93.97
N ILE WC 104 -75.46 -23.44 -94.06
CA ILE WC 104 -76.54 -23.02 -94.94
C ILE WC 104 -77.72 -22.59 -94.09
N VAL WC 105 -78.42 -21.56 -94.53
CA VAL WC 105 -79.54 -21.02 -93.75
C VAL WC 105 -80.75 -20.83 -94.65
N PRO WC 106 -81.97 -20.90 -94.12
CA PRO WC 106 -83.15 -20.61 -94.92
C PRO WC 106 -83.38 -19.11 -95.02
N VAL WC 107 -83.99 -18.70 -96.12
CA VAL WC 107 -84.26 -17.29 -96.39
C VAL WC 107 -85.76 -17.10 -96.51
N ARG WC 108 -86.26 -16.08 -95.83
CA ARG WC 108 -87.68 -15.76 -95.86
C ARG WC 108 -87.94 -14.76 -96.97
N ARG WC 109 -88.81 -15.13 -97.90
CA ARG WC 109 -89.15 -14.28 -99.04
C ARG WC 109 -90.56 -13.77 -98.87
N GLY WC 110 -90.73 -12.46 -99.03
CA GLY WC 110 -92.01 -11.81 -98.84
C GLY WC 110 -92.48 -11.07 -100.08
N TYR WC 111 -93.44 -10.17 -99.87
CA TYR WC 111 -94.03 -9.38 -100.93
C TYR WC 111 -94.01 -7.92 -100.53
N TRP WC 112 -93.83 -7.04 -101.53
CA TRP WC 112 -93.96 -5.62 -101.26
C TRP WC 112 -95.39 -5.27 -100.86
N GLY WC 113 -96.37 -6.00 -101.40
CA GLY WC 113 -97.78 -5.73 -101.18
C GLY WC 113 -98.58 -6.50 -102.21
N ASN WC 114 -99.84 -6.82 -101.89
CA ASN WC 114 -100.67 -7.60 -102.80
C ASN WC 114 -99.97 -8.94 -103.06
N LYS WC 115 -99.99 -9.75 -102.01
CA LYS WC 115 -99.32 -11.04 -102.06
C LYS WC 115 -100.10 -12.02 -102.94
N ILE WC 116 -99.85 -11.99 -104.25
CA ILE WC 116 -100.61 -12.79 -105.20
C ILE WC 116 -99.85 -14.01 -105.70
N GLY WC 117 -98.60 -13.86 -106.12
CA GLY WC 117 -97.85 -14.93 -106.73
C GLY WC 117 -96.78 -15.44 -105.79
N LYS WC 118 -95.64 -15.81 -106.37
CA LYS WC 118 -94.54 -16.29 -105.58
C LYS WC 118 -93.87 -15.12 -104.86
N PRO WC 119 -93.34 -15.33 -103.66
CA PRO WC 119 -92.62 -14.25 -102.98
C PRO WC 119 -91.36 -13.89 -103.75
N HIS WC 120 -91.06 -12.60 -103.75
CA HIS WC 120 -89.93 -12.09 -104.53
C HIS WC 120 -89.05 -11.13 -103.77
N THR WC 121 -89.43 -10.68 -102.58
CA THR WC 121 -88.64 -9.73 -101.81
C THR WC 121 -88.53 -10.21 -100.37
N VAL WC 122 -87.67 -9.55 -99.62
CA VAL WC 122 -87.56 -9.82 -98.19
C VAL WC 122 -88.82 -9.28 -97.49
N PRO WC 123 -89.38 -9.99 -96.52
CA PRO WC 123 -90.62 -9.51 -95.90
C PRO WC 123 -90.46 -8.16 -95.22
N CYS WC 124 -89.29 -7.85 -94.68
CA CYS WC 124 -89.11 -6.62 -93.93
C CYS WC 124 -87.70 -6.10 -94.15
N LYS WC 125 -87.42 -4.93 -93.59
CA LYS WC 125 -86.06 -4.42 -93.61
C LYS WC 125 -85.23 -5.15 -92.55
N VAL WC 126 -84.08 -5.65 -92.96
CA VAL WC 126 -83.19 -6.40 -92.08
C VAL WC 126 -81.80 -5.79 -92.15
N THR WC 127 -81.12 -5.74 -91.01
CA THR WC 127 -79.81 -5.12 -90.90
C THR WC 127 -78.79 -6.18 -90.52
N GLY WC 128 -77.67 -6.21 -91.26
CA GLY WC 128 -76.58 -7.13 -90.98
C GLY WC 128 -75.36 -6.37 -90.49
N ARG WC 129 -74.76 -6.88 -89.41
CA ARG WC 129 -73.61 -6.25 -88.79
C ARG WC 129 -72.48 -7.27 -88.65
N CYS WC 130 -71.29 -6.89 -89.07
CA CYS WC 130 -70.09 -7.71 -88.90
C CYS WC 130 -68.90 -6.79 -89.05
N GLY WC 131 -68.03 -6.79 -88.06
CA GLY WC 131 -67.02 -5.75 -87.99
C GLY WC 131 -67.72 -4.41 -87.85
N SER WC 132 -67.35 -3.45 -88.69
CA SER WC 132 -68.04 -2.17 -88.74
C SER WC 132 -69.07 -2.13 -89.85
N VAL WC 133 -69.15 -3.16 -90.69
CA VAL WC 133 -69.99 -3.12 -91.88
C VAL WC 133 -71.44 -3.27 -91.46
N LEU WC 134 -72.27 -2.28 -91.79
CA LEU WC 134 -73.71 -2.37 -91.63
C LEU WC 134 -74.34 -2.51 -93.01
N VAL WC 135 -75.19 -3.52 -93.17
CA VAL WC 135 -75.89 -3.75 -94.42
C VAL WC 135 -77.37 -3.90 -94.13
N ARG WC 136 -78.18 -3.24 -94.94
CA ARG WC 136 -79.63 -3.21 -94.76
C ARG WC 136 -80.28 -3.65 -96.07
N LEU WC 137 -81.44 -4.29 -95.95
CA LEU WC 137 -82.20 -4.76 -97.10
C LEU WC 137 -83.58 -4.12 -97.07
N ILE WC 138 -83.88 -3.31 -98.07
CA ILE WC 138 -85.18 -2.68 -98.22
C ILE WC 138 -86.00 -3.54 -99.17
N PRO WC 139 -87.18 -4.01 -98.76
CA PRO WC 139 -88.04 -4.74 -99.70
C PRO WC 139 -88.40 -3.88 -100.89
N ALA WC 140 -88.51 -4.52 -102.05
CA ALA WC 140 -88.67 -3.84 -103.32
C ALA WC 140 -89.95 -4.29 -104.00
N PRO WC 141 -90.44 -3.50 -104.95
CA PRO WC 141 -91.50 -3.99 -105.85
C PRO WC 141 -91.02 -5.18 -106.66
N ARG WC 142 -91.91 -5.69 -107.50
CA ARG WC 142 -91.59 -6.80 -108.36
C ARG WC 142 -90.75 -6.33 -109.54
N GLY WC 143 -89.68 -7.06 -109.82
CA GLY WC 143 -88.99 -6.98 -111.09
C GLY WC 143 -87.99 -5.85 -111.27
N THR WC 144 -87.71 -5.07 -110.23
CA THR WC 144 -86.70 -4.02 -110.37
C THR WC 144 -85.29 -4.57 -110.43
N GLY WC 145 -85.07 -5.81 -110.03
CA GLY WC 145 -83.73 -6.37 -110.02
C GLY WC 145 -82.96 -5.94 -108.79
N ILE WC 146 -81.95 -6.71 -108.40
CA ILE WC 146 -81.21 -6.42 -107.18
C ILE WC 146 -80.29 -5.24 -107.43
N VAL WC 147 -80.48 -4.17 -106.67
CA VAL WC 147 -79.58 -3.02 -106.69
C VAL WC 147 -78.72 -3.11 -105.43
N SER WC 148 -77.41 -3.14 -105.61
CA SER WC 148 -76.46 -3.34 -104.53
C SER WC 148 -75.07 -3.25 -105.13
N ALA WC 149 -74.07 -3.39 -104.27
CA ALA WC 149 -72.74 -3.70 -104.74
C ALA WC 149 -72.77 -5.08 -105.38
N PRO WC 150 -71.83 -5.38 -106.28
CA PRO WC 150 -71.86 -6.68 -106.95
C PRO WC 150 -71.82 -7.87 -106.01
N VAL WC 151 -71.11 -7.76 -104.89
CA VAL WC 151 -70.94 -8.88 -103.97
C VAL WC 151 -72.26 -9.25 -103.31
N PRO WC 152 -72.93 -8.35 -102.57
CA PRO WC 152 -74.26 -8.69 -102.07
C PRO WC 152 -75.22 -8.97 -103.19
N LYS WC 153 -75.00 -8.38 -104.36
CA LYS WC 153 -75.85 -8.68 -105.51
C LYS WC 153 -75.84 -10.16 -105.82
N LYS WC 154 -74.65 -10.74 -106.00
CA LYS WC 154 -74.58 -12.16 -106.29
C LYS WC 154 -75.08 -12.97 -105.11
N LEU WC 155 -74.71 -12.57 -103.89
CA LEU WC 155 -75.16 -13.31 -102.72
C LEU WC 155 -76.68 -13.43 -102.69
N LEU WC 156 -77.37 -12.31 -102.91
CA LEU WC 156 -78.83 -12.33 -102.85
C LEU WC 156 -79.43 -13.07 -104.03
N MET WC 157 -79.02 -12.72 -105.26
CA MET WC 157 -79.68 -13.31 -106.41
C MET WC 157 -79.44 -14.80 -106.48
N MET WC 158 -78.37 -15.30 -105.88
CA MET WC 158 -78.15 -16.71 -105.71
C MET WC 158 -78.80 -17.24 -104.44
N ALA WC 159 -79.14 -16.36 -103.50
CA ALA WC 159 -79.83 -16.78 -102.29
C ALA WC 159 -81.29 -17.11 -102.54
N GLY WC 160 -81.80 -16.85 -103.74
CA GLY WC 160 -83.17 -17.13 -104.09
C GLY WC 160 -84.07 -15.93 -104.17
N ILE WC 161 -83.74 -14.85 -103.45
CA ILE WC 161 -84.53 -13.63 -103.55
C ILE WC 161 -84.40 -13.05 -104.95
N ASP WC 162 -85.37 -12.24 -105.34
CA ASP WC 162 -85.44 -11.74 -106.70
C ASP WC 162 -85.29 -10.23 -106.80
N ASP WC 163 -85.81 -9.47 -105.84
CA ASP WC 163 -85.90 -8.03 -105.99
C ASP WC 163 -85.95 -7.38 -104.62
N CYS WC 164 -84.91 -6.61 -104.28
CA CYS WC 164 -84.79 -6.06 -102.93
C CYS WC 164 -83.78 -4.93 -102.93
N TYR WC 165 -84.19 -3.76 -102.44
CA TYR WC 165 -83.29 -2.64 -102.27
C TYR WC 165 -82.38 -2.87 -101.07
N THR WC 166 -81.23 -2.20 -101.07
CA THR WC 166 -80.24 -2.40 -100.02
C THR WC 166 -79.62 -1.07 -99.62
N SER WC 167 -78.94 -1.09 -98.47
CA SER WC 167 -78.18 0.05 -97.98
C SER WC 167 -76.94 -0.46 -97.26
N ALA WC 168 -75.82 0.24 -97.44
CA ALA WC 168 -74.54 -0.18 -96.91
C ALA WC 168 -73.85 0.95 -96.17
N ARG WC 169 -73.36 0.64 -94.97
CA ARG WC 169 -72.52 1.54 -94.19
C ARG WC 169 -71.37 0.74 -93.60
N GLY WC 170 -70.18 1.33 -93.61
CA GLY WC 170 -68.99 0.67 -93.12
C GLY WC 170 -67.92 0.58 -94.21
N CYS WC 171 -66.75 0.12 -93.77
CA CYS WC 171 -65.63 0.03 -94.69
C CYS WC 171 -65.85 -1.14 -95.65
N THR WC 172 -66.49 -0.85 -96.78
CA THR WC 172 -66.85 -1.86 -97.75
C THR WC 172 -65.63 -2.43 -98.47
N ALA WC 173 -64.46 -1.83 -98.29
CA ALA WC 173 -63.21 -2.34 -98.88
C ALA WC 173 -62.63 -3.48 -98.06
N THR WC 174 -63.46 -4.14 -97.25
CA THR WC 174 -63.05 -5.26 -96.42
C THR WC 174 -63.95 -6.44 -96.73
N LEU WC 175 -64.03 -6.77 -98.01
CA LEU WC 175 -65.00 -7.68 -98.61
C LEU WC 175 -65.37 -8.86 -97.72
N GLY WC 176 -64.40 -9.41 -96.98
CA GLY WC 176 -64.76 -10.45 -96.03
C GLY WC 176 -65.83 -10.01 -95.04
N ASN WC 177 -65.57 -8.90 -94.35
CA ASN WC 177 -66.55 -8.37 -93.41
C ASN WC 177 -67.85 -8.00 -94.11
N PHE WC 178 -67.74 -7.43 -95.31
CA PHE WC 178 -68.93 -7.04 -96.07
C PHE WC 178 -69.83 -8.24 -96.33
N ALA WC 179 -69.26 -9.30 -96.91
CA ALA WC 179 -70.04 -10.48 -97.24
C ALA WC 179 -70.60 -11.14 -96.00
N LYS WC 180 -69.81 -11.21 -94.93
CA LYS WC 180 -70.30 -11.87 -93.73
C LYS WC 180 -71.40 -11.06 -93.06
N ALA WC 181 -71.31 -9.73 -93.09
CA ALA WC 181 -72.42 -8.92 -92.60
C ALA WC 181 -73.68 -9.14 -93.42
N THR WC 182 -73.53 -9.21 -94.74
CA THR WC 182 -74.70 -9.48 -95.58
C THR WC 182 -75.31 -10.84 -95.25
N PHE WC 183 -74.45 -11.85 -95.06
CA PHE WC 183 -74.93 -13.17 -94.70
C PHE WC 183 -75.67 -13.15 -93.37
N ASP WC 184 -75.13 -12.40 -92.41
CA ASP WC 184 -75.82 -12.24 -91.14
C ASP WC 184 -77.18 -11.59 -91.35
N ALA WC 185 -77.24 -10.62 -92.26
CA ALA WC 185 -78.50 -9.95 -92.54
C ALA WC 185 -79.54 -10.93 -93.05
N ILE WC 186 -79.19 -11.73 -94.06
CA ILE WC 186 -80.17 -12.64 -94.63
C ILE WC 186 -80.49 -13.78 -93.67
N SER WC 187 -79.55 -14.11 -92.78
CA SER WC 187 -79.77 -15.21 -91.86
C SER WC 187 -80.95 -14.94 -90.93
N LYS WC 188 -81.01 -13.74 -90.37
CA LYS WC 188 -82.01 -13.42 -89.36
C LYS WC 188 -83.35 -13.03 -89.96
N THR WC 189 -83.56 -13.29 -91.26
CA THR WC 189 -84.89 -13.13 -91.82
C THR WC 189 -85.89 -14.06 -91.14
N TYR WC 190 -85.46 -15.28 -90.81
CA TYR WC 190 -86.27 -16.21 -90.03
C TYR WC 190 -86.02 -16.09 -88.55
N SER WC 191 -85.44 -14.98 -88.09
CA SER WC 191 -85.35 -14.65 -86.68
C SER WC 191 -86.25 -13.48 -86.32
N TYR WC 192 -87.05 -13.00 -87.26
CA TYR WC 192 -87.87 -11.82 -87.09
C TYR WC 192 -89.31 -12.22 -86.85
N LEU WC 193 -90.01 -11.46 -86.01
CA LEU WC 193 -91.40 -11.73 -85.70
C LEU WC 193 -92.32 -10.85 -86.54
N THR WC 194 -93.37 -11.45 -87.09
CA THR WC 194 -94.35 -10.78 -87.93
C THR WC 194 -95.73 -11.29 -87.57
N PRO WC 195 -96.77 -10.52 -87.89
CA PRO WC 195 -98.14 -10.96 -87.56
C PRO WC 195 -98.50 -12.32 -88.09
N ASP WC 196 -98.01 -12.70 -89.26
CA ASP WC 196 -98.30 -14.02 -89.80
C ASP WC 196 -97.71 -15.15 -88.95
N LEU WC 197 -96.76 -14.84 -88.08
CA LEU WC 197 -96.19 -15.83 -87.17
C LEU WC 197 -96.76 -15.70 -85.76
N TRP WC 198 -97.84 -14.95 -85.61
CA TRP WC 198 -98.40 -14.70 -84.28
C TRP WC 198 -99.11 -15.91 -83.72
N LYS WC 199 -99.65 -16.77 -84.59
CA LYS WC 199 -100.38 -17.94 -84.12
C LYS WC 199 -99.46 -18.88 -83.35
N GLU WC 200 -100.00 -19.47 -82.28
CA GLU WC 200 -99.22 -20.37 -81.45
C GLU WC 200 -98.80 -21.61 -82.23
N THR WC 201 -97.69 -22.19 -81.82
CA THR WC 201 -97.07 -23.29 -82.54
C THR WC 201 -97.54 -24.62 -82.00
N VAL WC 202 -97.86 -25.54 -82.89
CA VAL WC 202 -98.00 -26.94 -82.52
C VAL WC 202 -96.61 -27.54 -82.44
N PHE WC 203 -96.42 -28.47 -81.50
CA PHE WC 203 -95.11 -29.04 -81.24
C PHE WC 203 -94.98 -30.38 -81.93
N THR WC 204 -94.38 -30.39 -83.11
CA THR WC 204 -94.09 -31.64 -83.78
C THR WC 204 -92.99 -32.37 -83.02
N LYS WC 205 -93.05 -33.70 -83.05
CA LYS WC 205 -92.13 -34.50 -82.28
C LYS WC 205 -90.71 -34.39 -82.83
N SER WC 206 -89.74 -34.37 -81.92
CA SER WC 206 -88.34 -34.29 -82.30
C SER WC 206 -87.94 -35.54 -83.09
N PRO WC 207 -87.18 -35.39 -84.17
CA PRO WC 207 -86.77 -36.55 -84.97
C PRO WC 207 -85.86 -37.50 -84.22
N TYR WC 208 -85.26 -37.06 -83.12
CA TYR WC 208 -84.39 -37.92 -82.35
C TYR WC 208 -85.10 -39.14 -81.79
N GLN WC 209 -86.39 -39.03 -81.48
CA GLN WC 209 -87.13 -40.15 -80.93
C GLN WC 209 -88.21 -40.68 -81.87
N GLU WC 210 -88.44 -40.03 -83.01
CA GLU WC 210 -89.22 -40.67 -84.06
C GLU WC 210 -88.59 -41.97 -84.50
N PHE WC 211 -87.28 -41.99 -84.64
CA PHE WC 211 -86.53 -43.12 -85.14
C PHE WC 211 -85.52 -43.56 -84.09
N THR WC 212 -85.83 -43.29 -82.83
CA THR WC 212 -84.97 -43.75 -81.74
C THR WC 212 -84.89 -45.27 -81.69
N ASP WC 213 -86.01 -45.97 -81.86
CA ASP WC 213 -85.93 -47.41 -81.99
C ASP WC 213 -85.15 -47.77 -83.24
N HIS WC 214 -85.39 -47.06 -84.35
CA HIS WC 214 -84.60 -47.29 -85.56
C HIS WC 214 -83.13 -47.04 -85.30
N LEU WC 215 -82.84 -46.00 -84.55
CA LEU WC 215 -81.47 -45.73 -84.16
C LEU WC 215 -80.86 -46.93 -83.42
N VAL WC 216 -81.55 -47.43 -82.39
CA VAL WC 216 -80.96 -48.52 -81.63
C VAL WC 216 -80.85 -49.79 -82.45
N LYS WC 217 -81.67 -49.94 -83.51
CA LYS WC 217 -81.53 -51.16 -84.30
C LYS WC 217 -80.55 -51.02 -85.45
N THR WC 218 -80.03 -49.81 -85.71
CA THR WC 218 -78.92 -49.70 -86.65
C THR WC 218 -77.76 -48.84 -86.18
N HIS WC 219 -77.95 -47.94 -85.23
CA HIS WC 219 -76.85 -47.08 -84.79
C HIS WC 219 -76.17 -47.54 -83.52
N THR WC 220 -76.94 -48.00 -82.53
CA THR WC 220 -76.40 -48.37 -81.23
C THR WC 220 -76.69 -49.85 -80.98
N ARG WC 221 -75.75 -50.71 -81.40
CA ARG WC 221 -74.59 -50.30 -82.19
C ARG WC 221 -74.49 -51.18 -83.42
N VAL WC 222 -75.05 -52.39 -83.31
CA VAL WC 222 -75.08 -53.41 -84.36
C VAL WC 222 -73.81 -53.45 -85.20
N GLY XC 1 -81.77 16.65 -60.30
CA GLY XC 1 -80.68 17.35 -59.64
C GLY XC 1 -81.10 18.66 -59.00
N ARG XC 2 -80.28 19.15 -58.07
CA ARG XC 2 -80.60 20.38 -57.37
C ARG XC 2 -80.43 21.59 -58.29
N MET XC 3 -80.96 22.72 -57.83
CA MET XC 3 -80.95 23.92 -58.64
C MET XC 3 -79.51 24.37 -58.92
N HIS XC 4 -78.72 24.57 -57.86
CA HIS XC 4 -77.36 25.07 -58.01
C HIS XC 4 -76.37 24.18 -57.28
N ALA XC 5 -76.68 22.89 -57.13
CA ALA XC 5 -75.73 22.02 -56.47
C ALA XC 5 -75.76 20.67 -57.16
N PRO XC 6 -74.62 20.04 -57.40
CA PRO XC 6 -74.65 18.69 -57.96
C PRO XC 6 -75.12 17.73 -56.88
N GLY XC 7 -76.38 17.35 -56.96
CA GLY XC 7 -76.96 16.49 -55.96
C GLY XC 7 -78.28 15.95 -56.45
N LYS XC 8 -78.43 14.63 -56.37
CA LYS XC 8 -79.66 13.97 -56.79
C LYS XC 8 -80.45 13.50 -55.58
N GLY XC 9 -80.31 14.23 -54.47
CA GLY XC 9 -80.96 13.81 -53.24
C GLY XC 9 -82.47 13.96 -53.33
N LEU XC 10 -83.17 13.03 -52.69
CA LEU XC 10 -84.63 13.00 -52.63
C LEU XC 10 -85.00 12.98 -51.15
N SER XC 11 -85.50 14.11 -50.67
CA SER XC 11 -85.98 14.20 -49.29
C SER XC 11 -87.20 15.11 -49.31
N GLN XC 12 -88.37 14.51 -49.44
CA GLN XC 12 -89.60 15.27 -49.57
C GLN XC 12 -90.73 14.53 -48.88
N SER XC 13 -91.81 15.26 -48.63
CA SER XC 13 -93.01 14.69 -48.03
C SER XC 13 -93.64 13.69 -48.98
N ALA XC 14 -94.44 12.78 -48.42
CA ALA XC 14 -95.21 11.81 -49.20
C ALA XC 14 -96.61 11.73 -48.60
N LEU XC 15 -97.52 12.54 -49.12
CA LEU XC 15 -98.88 12.57 -48.61
C LEU XC 15 -99.56 11.21 -48.84
N PRO XC 16 -100.25 10.68 -47.84
CA PRO XC 16 -100.96 9.41 -48.03
C PRO XC 16 -102.18 9.56 -48.94
N TYR XC 17 -102.74 8.42 -49.39
CA TYR XC 17 -103.89 8.47 -50.28
C TYR XC 17 -105.09 9.10 -49.61
N ARG XC 18 -105.23 8.91 -48.30
CA ARG XC 18 -106.42 9.34 -47.58
C ARG XC 18 -106.51 10.86 -47.58
N ARG XC 19 -107.43 11.41 -48.37
CA ARG XC 19 -107.78 12.81 -48.22
C ARG XC 19 -108.82 13.02 -47.14
N SER XC 20 -109.45 11.94 -46.66
CA SER XC 20 -110.44 12.05 -45.61
C SER XC 20 -109.77 12.23 -44.26
N VAL XC 21 -110.26 13.19 -43.48
CA VAL XC 21 -109.73 13.43 -42.14
C VAL XC 21 -110.03 12.22 -41.27
N PRO XC 22 -109.05 11.69 -40.53
CA PRO XC 22 -109.35 10.58 -39.62
C PRO XC 22 -110.40 10.97 -38.58
N THR XC 23 -111.20 9.98 -38.20
CA THR XC 23 -112.36 10.27 -37.37
C THR XC 23 -111.97 10.80 -35.99
N TRP XC 24 -110.84 10.36 -35.44
CA TRP XC 24 -110.48 10.72 -34.07
C TRP XC 24 -110.15 12.20 -33.93
N LEU XC 25 -109.98 12.92 -35.03
CA LEU XC 25 -109.77 14.38 -34.98
C LEU XC 25 -111.07 15.04 -34.55
N LYS XC 26 -111.17 15.31 -33.26
CA LYS XC 26 -112.33 16.04 -32.73
C LYS XC 26 -112.08 17.54 -32.75
N LEU XC 27 -111.64 18.05 -33.90
CA LEU XC 27 -111.34 19.46 -34.09
C LEU XC 27 -111.93 19.88 -35.42
N THR XC 28 -112.96 20.71 -35.39
CA THR XC 28 -113.63 21.10 -36.63
C THR XC 28 -112.84 22.20 -37.34
N SER XC 29 -113.26 22.50 -38.57
CA SER XC 29 -112.56 23.49 -39.38
C SER XC 29 -112.52 24.85 -38.70
N ASP XC 30 -113.57 25.20 -37.96
CA ASP XC 30 -113.55 26.46 -37.23
C ASP XC 30 -112.44 26.46 -36.18
N ASP XC 31 -112.32 25.37 -35.43
CA ASP XC 31 -111.29 25.32 -34.40
C ASP XC 31 -109.91 25.48 -34.99
N VAL XC 32 -109.59 24.66 -35.99
CA VAL XC 32 -108.26 24.78 -36.59
C VAL XC 32 -108.09 26.16 -37.19
N LYS XC 33 -109.16 26.74 -37.74
CA LYS XC 33 -109.04 28.06 -38.36
C LYS XC 33 -108.66 29.13 -37.33
N GLU XC 34 -109.32 29.12 -36.18
CA GLU XC 34 -108.99 30.12 -35.18
C GLU XC 34 -107.61 29.84 -34.59
N GLN XC 35 -107.22 28.57 -34.56
CA GLN XC 35 -105.85 28.25 -34.19
C GLN XC 35 -104.86 28.86 -35.17
N ILE XC 36 -105.18 28.81 -36.47
CA ILE XC 36 -104.33 29.45 -37.47
C ILE XC 36 -104.28 30.95 -37.24
N TYR XC 37 -105.44 31.56 -36.96
CA TYR XC 37 -105.48 32.98 -36.66
C TYR XC 37 -104.51 33.32 -35.54
N LYS XC 38 -104.59 32.58 -34.44
CA LYS XC 38 -103.73 32.83 -33.29
C LYS XC 38 -102.26 32.59 -33.60
N LEU XC 39 -101.94 31.49 -34.30
CA LEU XC 39 -100.54 31.19 -34.57
C LEU XC 39 -99.93 32.21 -35.52
N ALA XC 40 -100.71 32.67 -36.50
CA ALA XC 40 -100.23 33.73 -37.38
C ALA XC 40 -100.00 35.02 -36.62
N LYS XC 41 -100.95 35.38 -35.75
CA LYS XC 41 -100.75 36.58 -34.94
C LYS XC 41 -99.60 36.43 -33.97
N LYS XC 42 -99.16 35.19 -33.71
CA LYS XC 42 -97.94 35.00 -32.94
C LYS XC 42 -96.71 35.47 -33.70
N GLY XC 43 -96.74 35.40 -35.03
CA GLY XC 43 -95.66 35.92 -35.83
C GLY XC 43 -94.78 34.86 -36.47
N LEU XC 44 -95.37 33.77 -36.94
CA LEU XC 44 -94.63 32.68 -37.57
C LEU XC 44 -95.09 32.54 -39.01
N THR XC 45 -94.14 32.19 -39.89
CA THR XC 45 -94.43 32.07 -41.30
C THR XC 45 -95.15 30.75 -41.59
N PRO XC 46 -95.79 30.63 -42.76
CA PRO XC 46 -96.65 29.47 -43.02
C PRO XC 46 -96.00 28.11 -42.76
N SER XC 47 -94.74 27.93 -43.15
CA SER XC 47 -94.10 26.64 -42.94
C SER XC 47 -94.00 26.32 -41.46
N GLN XC 48 -93.59 27.30 -40.65
CA GLN XC 48 -93.42 27.06 -39.23
C GLN XC 48 -94.75 26.74 -38.55
N ILE XC 49 -95.81 27.47 -38.87
CA ILE XC 49 -97.09 27.16 -38.24
C ILE XC 49 -97.57 25.80 -38.70
N GLY XC 50 -97.33 25.42 -39.96
CA GLY XC 50 -97.69 24.10 -40.40
C GLY XC 50 -97.01 23.01 -39.60
N VAL XC 51 -95.69 23.16 -39.40
CA VAL XC 51 -94.98 22.14 -38.62
C VAL XC 51 -95.46 22.14 -37.17
N ILE XC 52 -95.82 23.31 -36.63
CA ILE XC 52 -96.32 23.37 -35.26
C ILE XC 52 -97.63 22.59 -35.15
N LEU XC 53 -98.53 22.80 -36.11
CA LEU XC 53 -99.78 22.04 -36.12
C LEU XC 53 -99.50 20.55 -36.16
N ARG XC 54 -98.66 20.12 -37.11
CA ARG XC 54 -98.41 18.70 -37.30
C ARG XC 54 -97.80 18.09 -36.05
N ASP XC 55 -96.87 18.81 -35.41
CA ASP XC 55 -96.23 18.29 -34.21
C ASP XC 55 -97.21 18.20 -33.05
N SER XC 56 -97.93 19.28 -32.77
CA SER XC 56 -98.64 19.40 -31.50
C SER XC 56 -100.08 18.91 -31.61
N HIS XC 57 -100.86 19.47 -32.52
CA HIS XC 57 -102.29 19.24 -32.49
C HIS XC 57 -102.72 18.01 -33.28
N GLY XC 58 -101.77 17.26 -33.82
CA GLY XC 58 -102.09 16.01 -34.48
C GLY XC 58 -102.96 16.17 -35.71
N VAL XC 59 -102.85 17.29 -36.41
CA VAL XC 59 -103.59 17.48 -37.66
C VAL XC 59 -102.68 17.08 -38.82
N ALA XC 60 -103.22 16.29 -39.74
CA ALA XC 60 -102.43 15.79 -40.85
C ALA XC 60 -101.96 16.95 -41.71
N GLN XC 61 -102.90 17.62 -42.38
CA GLN XC 61 -102.63 18.83 -43.12
C GLN XC 61 -103.84 19.74 -43.01
N VAL XC 62 -103.59 21.04 -43.01
CA VAL XC 62 -104.67 22.03 -42.96
C VAL XC 62 -105.65 21.85 -44.10
N ARG XC 63 -105.18 21.43 -45.26
CA ARG XC 63 -105.95 21.55 -46.48
C ARG XC 63 -107.20 20.68 -46.49
N PHE XC 64 -107.19 19.51 -45.88
CA PHE XC 64 -108.35 18.64 -45.88
C PHE XC 64 -109.37 18.98 -44.80
N VAL XC 65 -108.90 19.27 -43.58
CA VAL XC 65 -109.81 19.66 -42.53
C VAL XC 65 -110.49 21.00 -42.82
N THR XC 66 -109.80 21.89 -43.54
CA THR XC 66 -110.34 23.19 -43.87
C THR XC 66 -110.80 23.33 -45.30
N GLY XC 67 -110.39 22.45 -46.20
CA GLY XC 67 -110.66 22.67 -47.62
C GLY XC 67 -109.97 23.89 -48.16
N ASN XC 68 -108.81 24.25 -47.61
CA ASN XC 68 -108.15 25.47 -48.03
C ASN XC 68 -106.68 25.44 -47.64
N LYS XC 69 -105.88 26.22 -48.36
CA LYS XC 69 -104.43 26.31 -48.19
C LYS XC 69 -104.07 27.46 -47.25
N ILE XC 70 -103.13 27.21 -46.34
CA ILE XC 70 -102.91 28.12 -45.22
C ILE XC 70 -102.65 29.54 -45.70
N LEU XC 71 -101.91 29.68 -46.80
CA LEU XC 71 -101.69 31.02 -47.32
C LEU XC 71 -103.02 31.66 -47.74
N ARG XC 72 -103.98 30.86 -48.19
CA ARG XC 72 -105.25 31.41 -48.60
C ARG XC 72 -106.10 31.84 -47.42
N ILE XC 73 -106.15 31.04 -46.35
CA ILE XC 73 -106.79 31.54 -45.13
C ILE XC 73 -106.05 32.76 -44.61
N LEU XC 74 -104.73 32.77 -44.78
CA LEU XC 74 -103.93 33.87 -44.27
C LEU XC 74 -104.26 35.18 -44.99
N LYS XC 75 -104.45 35.10 -46.31
CA LYS XC 75 -104.87 36.28 -47.05
C LYS XC 75 -106.34 36.61 -46.83
N SER XC 76 -107.17 35.61 -46.51
CA SER XC 76 -108.60 35.88 -46.35
C SER XC 76 -108.87 36.85 -45.22
N LYS XC 77 -108.17 36.68 -44.09
CA LYS XC 77 -108.25 37.71 -43.06
C LYS XC 77 -107.51 38.96 -43.51
N GLY XC 78 -106.49 38.80 -44.34
CA GLY XC 78 -105.62 39.89 -44.71
C GLY XC 78 -104.35 40.00 -43.91
N LEU XC 79 -104.06 39.03 -43.04
CA LEU XC 79 -102.84 39.02 -42.25
C LEU XC 79 -101.64 38.55 -43.06
N ALA XC 80 -101.82 38.29 -44.35
CA ALA XC 80 -100.73 37.82 -45.19
C ALA XC 80 -99.65 38.89 -45.31
N PRO XC 81 -98.38 38.52 -45.14
CA PRO XC 81 -97.31 39.48 -45.34
C PRO XC 81 -97.14 39.80 -46.82
N ASP XC 82 -96.72 41.03 -47.08
CA ASP XC 82 -96.52 41.46 -48.46
C ASP XC 82 -95.42 40.64 -49.13
N LEU XC 83 -94.37 40.34 -48.40
CA LEU XC 83 -93.23 39.61 -48.93
C LEU XC 83 -93.39 38.12 -48.67
N PRO XC 84 -93.43 37.30 -49.71
CA PRO XC 84 -93.62 35.86 -49.52
C PRO XC 84 -92.46 35.22 -48.78
N GLU XC 85 -92.79 34.12 -48.10
CA GLU XC 85 -91.85 33.44 -47.21
C GLU XC 85 -90.56 33.07 -47.93
N ASP XC 86 -90.68 32.44 -49.10
CA ASP XC 86 -89.50 31.97 -49.81
C ASP XC 86 -88.57 33.12 -50.14
N LEU XC 87 -89.11 34.16 -50.78
CA LEU XC 87 -88.29 35.31 -51.14
C LEU XC 87 -87.75 36.02 -49.92
N TYR XC 88 -88.54 36.09 -48.85
CA TYR XC 88 -88.09 36.73 -47.62
C TYR XC 88 -86.87 36.03 -47.04
N HIS XC 89 -86.96 34.71 -46.88
CA HIS XC 89 -85.84 33.98 -46.30
C HIS XC 89 -84.64 33.98 -47.23
N LEU XC 90 -84.86 33.94 -48.53
CA LEU XC 90 -83.74 34.06 -49.47
C LEU XC 90 -83.04 35.40 -49.29
N ILE XC 91 -83.81 36.48 -49.16
CA ILE XC 91 -83.23 37.80 -48.96
C ILE XC 91 -82.46 37.85 -47.66
N LYS XC 92 -83.01 37.25 -46.61
CA LYS XC 92 -82.32 37.24 -45.32
C LYS XC 92 -80.99 36.51 -45.43
N LYS XC 93 -80.99 35.35 -46.08
CA LYS XC 93 -79.74 34.61 -46.26
C LYS XC 93 -78.74 35.43 -47.05
N ALA XC 94 -79.22 36.09 -48.11
CA ALA XC 94 -78.33 36.89 -48.94
C ALA XC 94 -77.71 38.04 -48.16
N VAL XC 95 -78.51 38.75 -47.37
CA VAL XC 95 -77.97 39.89 -46.63
C VAL XC 95 -77.02 39.40 -45.55
N ALA XC 96 -77.32 38.26 -44.91
CA ALA XC 96 -76.41 37.72 -43.91
C ALA XC 96 -75.05 37.41 -44.53
N VAL XC 97 -75.06 36.66 -45.64
CA VAL XC 97 -73.78 36.32 -46.27
C VAL XC 97 -73.11 37.56 -46.83
N ARG XC 98 -73.88 38.58 -47.21
CA ARG XC 98 -73.29 39.80 -47.74
C ARG XC 98 -72.55 40.54 -46.65
N LYS XC 99 -73.14 40.67 -45.47
CA LYS XC 99 -72.45 41.31 -44.36
C LYS XC 99 -71.23 40.50 -43.97
N HIS XC 100 -71.33 39.17 -43.99
CA HIS XC 100 -70.17 38.35 -43.66
C HIS XC 100 -69.04 38.58 -44.67
N LEU XC 101 -69.38 38.62 -45.95
CA LEU XC 101 -68.38 38.83 -46.99
C LEU XC 101 -67.74 40.20 -46.87
N GLU XC 102 -68.54 41.24 -46.63
CA GLU XC 102 -67.96 42.57 -46.50
C GLU XC 102 -67.14 42.67 -45.23
N ARG XC 103 -67.41 41.82 -44.25
CA ARG XC 103 -66.56 41.75 -43.06
C ARG XC 103 -65.35 40.85 -43.27
N ASN XC 104 -65.33 40.04 -44.34
CA ASN XC 104 -64.30 39.04 -44.56
C ASN XC 104 -64.02 38.98 -46.07
N ARG XC 105 -63.01 39.73 -46.51
CA ARG XC 105 -62.82 39.95 -47.93
C ARG XC 105 -62.26 38.74 -48.66
N LYS XC 106 -61.31 38.02 -48.04
CA LYS XC 106 -60.54 37.03 -48.78
C LYS XC 106 -61.36 35.84 -49.25
N ASP XC 107 -62.54 35.62 -48.68
CA ASP XC 107 -63.30 34.40 -48.92
C ASP XC 107 -63.91 34.45 -50.32
N LYS XC 108 -63.33 33.70 -51.25
CA LYS XC 108 -63.95 33.57 -52.57
C LYS XC 108 -65.14 32.62 -52.54
N ASP XC 109 -65.10 31.60 -51.69
CA ASP XC 109 -66.23 30.69 -51.57
C ASP XC 109 -67.49 31.47 -51.23
N ALA XC 110 -67.37 32.43 -50.30
CA ALA XC 110 -68.54 33.24 -49.96
C ALA XC 110 -69.05 33.99 -51.17
N LYS XC 111 -68.14 34.50 -52.01
CA LYS XC 111 -68.56 35.17 -53.23
C LYS XC 111 -69.35 34.23 -54.14
N PHE XC 112 -68.86 33.00 -54.28
CA PHE XC 112 -69.53 32.03 -55.14
C PHE XC 112 -70.94 31.72 -54.63
N ARG XC 113 -71.03 31.41 -53.33
CA ARG XC 113 -72.35 31.12 -52.76
C ARG XC 113 -73.26 32.33 -52.83
N LEU XC 114 -72.70 33.52 -52.65
CA LEU XC 114 -73.50 34.73 -52.73
C LEU XC 114 -74.10 34.91 -54.11
N ILE XC 115 -73.28 34.74 -55.16
CA ILE XC 115 -73.80 34.95 -56.50
C ILE XC 115 -74.80 33.86 -56.86
N LEU XC 116 -74.59 32.65 -56.34
CA LEU XC 116 -75.60 31.61 -56.51
C LEU XC 116 -76.93 32.04 -55.90
N ILE XC 117 -76.89 32.58 -54.69
CA ILE XC 117 -78.13 32.99 -54.06
C ILE XC 117 -78.71 34.22 -54.75
N GLU XC 118 -77.88 35.05 -55.38
CA GLU XC 118 -78.42 36.12 -56.20
C GLU XC 118 -79.18 35.56 -57.39
N SER XC 119 -78.62 34.54 -58.02
CA SER XC 119 -79.36 33.86 -59.09
C SER XC 119 -80.70 33.37 -58.58
N ARG XC 120 -80.69 32.74 -57.41
CA ARG XC 120 -81.94 32.25 -56.83
C ARG XC 120 -82.93 33.38 -56.61
N ILE XC 121 -82.46 34.48 -56.01
CA ILE XC 121 -83.37 35.57 -55.66
C ILE XC 121 -83.94 36.20 -56.93
N HIS XC 122 -83.13 36.32 -57.97
CA HIS XC 122 -83.59 37.00 -59.18
C HIS XC 122 -84.57 36.12 -59.95
N ARG XC 123 -84.29 34.82 -60.04
CA ARG XC 123 -85.24 33.94 -60.72
C ARG XC 123 -86.56 33.88 -59.98
N LEU XC 124 -86.53 33.79 -58.65
CA LEU XC 124 -87.76 33.81 -57.89
C LEU XC 124 -88.50 35.13 -58.05
N ALA XC 125 -87.74 36.23 -58.12
CA ALA XC 125 -88.35 37.53 -58.33
C ALA XC 125 -89.06 37.59 -59.66
N ARG XC 126 -88.44 37.06 -60.72
CA ARG XC 126 -89.11 37.00 -62.01
C ARG XC 126 -90.39 36.19 -61.91
N TYR XC 127 -90.32 35.03 -61.25
CA TYR XC 127 -91.51 34.19 -61.14
C TYR XC 127 -92.64 34.94 -60.44
N TYR XC 128 -92.32 35.61 -59.33
CA TYR XC 128 -93.36 36.30 -58.59
C TYR XC 128 -93.85 37.54 -59.31
N LYS XC 129 -93.01 38.15 -60.15
CA LYS XC 129 -93.48 39.22 -61.02
C LYS XC 129 -94.51 38.68 -62.00
N THR XC 130 -94.27 37.48 -62.54
CA THR XC 130 -95.21 36.90 -63.48
C THR XC 130 -96.57 36.66 -62.83
N LYS XC 131 -96.57 36.30 -61.56
CA LYS XC 131 -97.80 36.03 -60.84
C LYS XC 131 -98.39 37.28 -60.19
N ARG XC 132 -97.85 38.46 -60.50
CA ARG XC 132 -98.41 39.74 -60.10
C ARG XC 132 -98.47 39.92 -58.58
N VAL XC 133 -97.83 39.04 -57.81
CA VAL XC 133 -97.80 39.23 -56.37
C VAL XC 133 -96.82 40.33 -55.97
N LEU XC 134 -95.91 40.69 -56.85
CA LEU XC 134 -95.00 41.79 -56.60
C LEU XC 134 -95.27 42.92 -57.59
N PRO XC 135 -95.01 44.16 -57.20
CA PRO XC 135 -95.18 45.26 -58.13
C PRO XC 135 -94.28 45.08 -59.35
N PRO XC 136 -94.72 45.51 -60.53
CA PRO XC 136 -93.88 45.36 -61.71
C PRO XC 136 -92.56 46.09 -61.61
N ASN XC 137 -92.49 47.16 -60.84
CA ASN XC 137 -91.26 47.90 -60.63
C ASN XC 137 -90.47 47.43 -59.42
N TRP XC 138 -90.95 46.39 -58.74
CA TRP XC 138 -90.24 45.85 -57.60
C TRP XC 138 -88.86 45.37 -58.03
N LYS XC 139 -87.83 45.88 -57.37
CA LYS XC 139 -86.46 45.53 -57.69
C LYS XC 139 -85.72 45.17 -56.41
N TYR XC 140 -84.93 44.10 -56.46
CA TYR XC 140 -84.07 43.74 -55.35
C TYR XC 140 -82.73 44.45 -55.50
N GLU XC 141 -82.32 45.15 -54.46
CA GLU XC 141 -81.03 45.83 -54.43
C GLU XC 141 -80.29 45.42 -53.17
N SER XC 142 -79.00 45.14 -53.31
CA SER XC 142 -78.21 44.64 -52.21
C SER XC 142 -78.15 45.63 -51.06
N SER XC 143 -77.93 46.91 -51.37
CA SER XC 143 -77.84 47.91 -50.30
C SER XC 143 -79.16 48.05 -49.56
N THR XC 144 -80.26 48.10 -50.29
CA THR XC 144 -81.58 48.20 -49.66
C THR XC 144 -82.08 46.87 -49.13
N ALA XC 145 -81.39 45.77 -49.44
CA ALA XC 145 -81.86 44.45 -49.02
C ALA XC 145 -82.01 44.37 -47.51
N SER XC 146 -81.07 44.96 -46.77
CA SER XC 146 -81.19 44.97 -45.31
C SER XC 146 -82.48 45.65 -44.87
N ALA XC 147 -82.92 46.68 -45.58
CA ALA XC 147 -84.20 47.30 -45.28
C ALA XC 147 -85.36 46.40 -45.64
N LEU XC 148 -85.24 45.63 -46.74
CA LEU XC 148 -86.34 44.78 -47.16
C LEU XC 148 -86.68 43.74 -46.10
N VAL XC 149 -85.66 43.14 -45.51
CA VAL XC 149 -85.86 42.30 -44.33
C VAL XC 149 -86.02 43.20 -43.12
N ALA XC 150 -86.69 42.69 -42.09
CA ALA XC 150 -86.92 43.43 -40.87
C ALA XC 150 -87.52 44.80 -41.15
N GLU YC 1 -7.73 -1.68 -14.25
CA GLU YC 1 -7.49 -2.18 -12.91
C GLU YC 1 -6.23 -3.06 -12.86
N GLN YC 2 -5.10 -2.45 -12.52
CA GLN YC 2 -4.99 -1.05 -12.17
C GLN YC 2 -4.46 -0.22 -13.34
N VAL YC 3 -4.95 1.01 -13.47
CA VAL YC 3 -4.62 1.88 -14.59
C VAL YC 3 -3.90 3.17 -14.18
N ILE YC 4 -4.27 3.78 -13.05
CA ILE YC 4 -5.14 3.53 -11.90
C ILE YC 4 -6.20 4.62 -11.78
N SER YC 5 -5.77 5.88 -11.84
CA SER YC 5 -6.66 7.01 -11.63
C SER YC 5 -7.79 7.06 -12.64
N LEU YC 6 -7.60 6.50 -13.83
CA LEU YC 6 -8.64 6.51 -14.84
C LEU YC 6 -9.80 5.62 -14.42
N GLY YC 7 -11.01 6.12 -14.54
CA GLY YC 7 -12.19 5.42 -14.12
C GLY YC 7 -12.52 5.67 -12.66
N PRO YC 8 -13.80 5.59 -12.31
CA PRO YC 8 -14.17 5.67 -10.90
C PRO YC 8 -13.94 4.36 -10.20
N GLN YC 9 -13.86 4.36 -8.88
CA GLN YC 9 -13.74 3.14 -8.11
C GLN YC 9 -15.06 2.38 -8.22
N VAL YC 10 -14.97 1.09 -8.50
CA VAL YC 10 -16.13 0.26 -8.78
C VAL YC 10 -16.01 -1.04 -7.99
N ALA YC 11 -16.97 -1.93 -8.21
CA ALA YC 11 -16.91 -3.28 -7.70
C ALA YC 11 -16.48 -4.23 -8.82
N GLU YC 12 -16.46 -5.54 -8.53
CA GLU YC 12 -16.18 -6.50 -9.59
C GLU YC 12 -17.38 -6.66 -10.51
N GLY YC 13 -18.58 -6.73 -9.95
CA GLY YC 13 -19.76 -6.98 -10.75
C GLY YC 13 -20.43 -5.71 -11.24
N GLU YC 14 -20.50 -4.69 -10.38
CA GLU YC 14 -21.12 -3.42 -10.77
C GLU YC 14 -20.28 -2.76 -11.85
N ASN YC 15 -20.92 -2.30 -12.91
CA ASN YC 15 -20.23 -1.79 -14.09
C ASN YC 15 -20.68 -0.36 -14.38
N VAL YC 16 -19.71 0.50 -14.68
CA VAL YC 16 -20.04 1.85 -15.11
C VAL YC 16 -20.59 1.82 -16.53
N PHE YC 17 -21.52 2.73 -16.81
CA PHE YC 17 -22.26 2.75 -18.06
C PHE YC 17 -21.79 3.87 -18.96
N GLY YC 18 -22.04 3.71 -20.25
CA GLY YC 18 -21.81 4.73 -21.25
C GLY YC 18 -22.81 4.55 -22.36
N VAL YC 19 -22.79 5.49 -23.31
CA VAL YC 19 -23.63 5.40 -24.49
C VAL YC 19 -22.80 5.70 -25.72
N CYS YC 20 -22.87 4.80 -26.71
CA CYS YC 20 -22.22 5.01 -27.99
C CYS YC 20 -23.23 5.64 -28.94
N HIS YC 21 -22.92 6.84 -29.42
CA HIS YC 21 -23.77 7.51 -30.40
C HIS YC 21 -23.35 7.04 -31.79
N ILE YC 22 -23.79 5.83 -32.13
CA ILE YC 22 -23.49 5.25 -33.43
C ILE YC 22 -24.30 6.01 -34.48
N PHE YC 23 -23.61 6.57 -35.46
CA PHE YC 23 -24.23 7.32 -36.54
C PHE YC 23 -23.78 6.69 -37.84
N ALA YC 24 -24.66 5.93 -38.46
CA ALA YC 24 -24.36 5.17 -39.66
C ALA YC 24 -25.04 5.86 -40.84
N SER YC 25 -24.31 6.78 -41.47
CA SER YC 25 -24.76 7.38 -42.71
C SER YC 25 -24.35 6.49 -43.88
N PHE YC 26 -24.73 6.90 -45.08
CA PHE YC 26 -24.06 6.35 -46.24
C PHE YC 26 -22.78 7.14 -46.50
N ASN YC 27 -21.82 6.47 -47.12
CA ASN YC 27 -20.53 7.05 -47.47
C ASN YC 27 -19.67 7.26 -46.22
N ASP YC 28 -20.24 7.04 -45.04
CA ASP YC 28 -19.48 7.15 -43.79
C ASP YC 28 -20.36 6.69 -42.63
N THR YC 29 -19.69 6.22 -41.58
CA THR YC 29 -20.35 5.86 -40.33
C THR YC 29 -19.57 6.48 -39.17
N PHE YC 30 -20.28 6.75 -38.08
CA PHE YC 30 -19.70 7.37 -36.90
C PHE YC 30 -19.84 6.45 -35.70
N VAL YC 31 -18.76 6.28 -34.93
CA VAL YC 31 -18.71 5.34 -33.83
C VAL YC 31 -18.52 6.21 -32.58
N HIS YC 32 -19.14 7.39 -32.57
CA HIS YC 32 -19.03 8.25 -31.41
C HIS YC 32 -19.53 7.55 -30.15
N VAL YC 33 -18.83 7.74 -29.04
CA VAL YC 33 -19.24 7.25 -27.74
C VAL YC 33 -19.10 8.38 -26.72
N THR YC 34 -20.07 8.47 -25.82
CA THR YC 34 -20.08 9.54 -24.84
C THR YC 34 -20.60 9.00 -23.52
N ASP YC 35 -20.52 9.85 -22.50
CA ASP YC 35 -20.99 9.49 -21.17
C ASP YC 35 -22.51 9.61 -21.13
N LEU YC 36 -23.09 9.40 -19.95
CA LEU YC 36 -24.54 9.43 -19.82
C LEU YC 36 -25.12 10.81 -20.11
N SER YC 37 -24.35 11.87 -19.81
CA SER YC 37 -24.88 13.22 -20.02
C SER YC 37 -25.03 13.53 -21.51
N GLY YC 38 -24.03 13.20 -22.31
CA GLY YC 38 -23.98 13.62 -23.68
C GLY YC 38 -23.07 14.82 -23.93
N LYS YC 39 -22.68 15.52 -22.86
CA LYS YC 39 -21.68 16.58 -22.99
C LYS YC 39 -20.29 16.03 -23.23
N GLU YC 40 -19.89 15.00 -22.49
CA GLU YC 40 -18.52 14.53 -22.46
C GLU YC 40 -18.42 13.22 -23.24
N THR YC 41 -17.78 13.28 -24.40
CA THR YC 41 -17.43 12.08 -25.13
C THR YC 41 -16.11 11.51 -24.61
N ILE YC 42 -16.05 10.18 -24.55
CA ILE YC 42 -14.77 9.54 -24.26
C ILE YC 42 -13.86 9.60 -25.46
N CYS YC 43 -14.27 8.98 -26.56
CA CYS YC 43 -13.52 9.08 -27.79
C CYS YC 43 -14.49 8.99 -28.94
N ARG YC 44 -14.00 9.29 -30.14
CA ARG YC 44 -14.83 9.31 -31.32
C ARG YC 44 -13.96 8.95 -32.51
N VAL YC 45 -14.37 7.93 -33.25
CA VAL YC 45 -13.60 7.36 -34.34
C VAL YC 45 -14.61 6.90 -35.39
N THR YC 46 -14.34 7.20 -36.65
CA THR YC 46 -15.27 6.94 -37.74
C THR YC 46 -14.63 6.04 -38.79
N GLY YC 47 -15.42 5.74 -39.82
CA GLY YC 47 -14.90 4.94 -40.91
C GLY YC 47 -13.71 5.59 -41.59
N GLY YC 48 -13.68 6.92 -41.62
CA GLY YC 48 -12.60 7.62 -42.28
C GLY YC 48 -11.28 7.61 -41.53
N MET YC 49 -11.31 7.47 -40.21
CA MET YC 49 -10.06 7.42 -39.45
C MET YC 49 -9.14 6.30 -39.88
N LYS YC 50 -9.67 5.21 -40.43
CA LYS YC 50 -8.92 3.97 -40.54
C LYS YC 50 -8.51 3.64 -41.96
N VAL YC 51 -9.45 3.56 -42.89
CA VAL YC 51 -9.10 3.35 -44.29
C VAL YC 51 -8.90 4.70 -44.95
N LYS YC 52 -7.99 4.74 -45.93
CA LYS YC 52 -7.68 5.97 -46.65
C LYS YC 52 -8.12 5.92 -48.11
N ALA YC 53 -9.03 5.01 -48.45
CA ALA YC 53 -9.42 4.87 -49.84
C ALA YC 53 -10.49 5.87 -50.26
N ASP YC 54 -11.12 6.56 -49.31
CA ASP YC 54 -12.17 7.56 -49.53
C ASP YC 54 -13.42 6.96 -50.14
N ARG YC 55 -13.43 5.65 -50.41
CA ARG YC 55 -14.52 4.94 -51.05
C ARG YC 55 -15.27 4.03 -50.09
N ASP YC 56 -14.54 3.38 -49.19
CA ASP YC 56 -15.09 2.40 -48.25
C ASP YC 56 -15.24 3.00 -46.86
N GLU YC 57 -15.37 4.31 -46.76
CA GLU YC 57 -15.61 4.94 -45.46
C GLU YC 57 -16.84 4.39 -44.79
N SER YC 58 -17.82 3.94 -45.58
CA SER YC 58 -19.03 3.32 -45.06
C SER YC 58 -18.98 1.80 -45.13
N SER YC 59 -17.84 1.22 -45.50
CA SER YC 59 -17.74 -0.23 -45.54
C SER YC 59 -17.77 -0.81 -44.13
N PRO YC 60 -18.38 -1.99 -43.98
CA PRO YC 60 -18.40 -2.62 -42.65
C PRO YC 60 -17.02 -2.89 -42.09
N TYR YC 61 -16.02 -3.09 -42.95
CA TYR YC 61 -14.67 -3.36 -42.47
C TYR YC 61 -14.14 -2.20 -41.64
N ALA YC 62 -14.18 -0.98 -42.19
CA ALA YC 62 -13.73 0.18 -41.46
C ALA YC 62 -14.60 0.43 -40.24
N ALA YC 63 -15.91 0.20 -40.38
CA ALA YC 63 -16.82 0.38 -39.25
C ALA YC 63 -16.41 -0.47 -38.06
N MET YC 64 -16.19 -1.77 -38.29
CA MET YC 64 -15.86 -2.64 -37.17
C MET YC 64 -14.44 -2.40 -36.69
N LEU YC 65 -13.54 -1.96 -37.58
CA LEU YC 65 -12.20 -1.61 -37.12
C LEU YC 65 -12.26 -0.44 -36.14
N ALA YC 66 -13.00 0.59 -36.51
CA ALA YC 66 -13.20 1.73 -35.61
C ALA YC 66 -13.88 1.30 -34.33
N ALA YC 67 -14.86 0.39 -34.43
CA ALA YC 67 -15.57 -0.05 -33.23
C ALA YC 67 -14.65 -0.83 -32.30
N GLN YC 68 -13.80 -1.69 -32.84
CA GLN YC 68 -12.82 -2.37 -32.00
C GLN YC 68 -11.90 -1.36 -31.33
N ASP YC 69 -11.47 -0.34 -32.09
CA ASP YC 69 -10.63 0.70 -31.52
C ASP YC 69 -11.31 1.37 -30.32
N VAL YC 70 -12.53 1.84 -30.50
CA VAL YC 70 -13.18 2.59 -29.44
C VAL YC 70 -13.47 1.68 -28.26
N ALA YC 71 -13.80 0.41 -28.53
CA ALA YC 71 -14.04 -0.53 -27.44
C ALA YC 71 -12.79 -0.75 -26.61
N GLN YC 72 -11.64 -0.90 -27.27
CA GLN YC 72 -10.40 -1.06 -26.53
C GLN YC 72 -10.06 0.21 -25.76
N ARG YC 73 -10.34 1.37 -26.34
CA ARG YC 73 -10.11 2.63 -25.65
C ARG YC 73 -10.98 2.75 -24.41
N CYS YC 74 -12.25 2.34 -24.51
CA CYS YC 74 -13.13 2.37 -23.35
C CYS YC 74 -12.70 1.34 -22.31
N LYS YC 75 -12.16 0.22 -22.77
CA LYS YC 75 -11.63 -0.78 -21.84
C LYS YC 75 -10.50 -0.20 -21.01
N GLU YC 76 -9.53 0.45 -21.67
CA GLU YC 76 -8.44 1.03 -20.88
C GLU YC 76 -8.94 2.19 -20.04
N LEU YC 77 -9.92 2.94 -20.53
CA LEU YC 77 -10.46 4.04 -19.75
C LEU YC 77 -11.26 3.53 -18.55
N GLY YC 78 -11.85 2.34 -18.67
CA GLY YC 78 -12.58 1.77 -17.55
C GLY YC 78 -14.07 1.65 -17.77
N ILE YC 79 -14.54 2.17 -18.90
CA ILE YC 79 -15.95 2.03 -19.27
C ILE YC 79 -16.16 0.62 -19.82
N THR YC 80 -17.19 -0.06 -19.32
CA THR YC 80 -17.46 -1.43 -19.73
C THR YC 80 -18.90 -1.73 -20.06
N ALA YC 81 -19.82 -0.79 -19.84
CA ALA YC 81 -21.23 -0.98 -20.19
C ALA YC 81 -21.66 0.15 -21.12
N LEU YC 82 -22.41 -0.21 -22.17
CA LEU YC 82 -22.68 0.72 -23.26
C LEU YC 82 -24.13 0.65 -23.70
N HIS YC 83 -24.80 1.80 -23.69
CA HIS YC 83 -26.03 1.97 -24.43
C HIS YC 83 -25.70 2.32 -25.86
N ILE YC 84 -26.64 2.07 -26.76
CA ILE YC 84 -26.41 2.29 -28.19
C ILE YC 84 -27.45 3.27 -28.70
N LYS YC 85 -27.00 4.42 -29.17
CA LYS YC 85 -27.83 5.46 -29.73
C LYS YC 85 -27.67 5.42 -31.24
N LEU YC 86 -28.59 4.73 -31.92
CA LEU YC 86 -28.49 4.58 -33.35
C LEU YC 86 -29.14 5.76 -34.06
N ARG YC 87 -28.48 6.24 -35.10
CA ARG YC 87 -29.07 7.30 -35.90
C ARG YC 87 -28.57 7.19 -37.33
N ALA YC 88 -29.49 7.36 -38.27
CA ALA YC 88 -29.18 7.47 -39.68
C ALA YC 88 -29.03 8.95 -40.03
N THR YC 89 -29.00 9.25 -41.33
CA THR YC 89 -28.91 10.63 -41.77
C THR YC 89 -30.06 11.45 -41.23
N GLY YC 90 -31.27 10.93 -41.32
CA GLY YC 90 -32.40 11.64 -40.77
C GLY YC 90 -32.74 12.89 -41.58
N GLY YC 91 -33.45 13.78 -40.91
CA GLY YC 91 -33.93 14.97 -41.58
C GLY YC 91 -34.84 14.58 -42.73
N ASN YC 92 -34.85 15.42 -43.76
CA ASN YC 92 -35.58 15.08 -44.97
C ASN YC 92 -34.90 13.97 -45.76
N ARG YC 93 -33.68 13.58 -45.39
CA ARG YC 93 -32.93 12.59 -46.11
C ARG YC 93 -33.41 11.18 -45.73
N THR YC 94 -32.69 10.17 -46.19
CA THR YC 94 -33.11 8.79 -45.97
C THR YC 94 -33.03 8.43 -44.49
N LYS YC 95 -33.92 7.54 -44.07
CA LYS YC 95 -34.08 7.19 -42.66
C LYS YC 95 -33.38 5.89 -42.27
N THR YC 96 -33.05 5.03 -43.24
CA THR YC 96 -32.42 3.77 -42.90
C THR YC 96 -30.96 3.99 -42.52
N PRO YC 97 -30.42 3.19 -41.60
CA PRO YC 97 -29.02 3.38 -41.19
C PRO YC 97 -28.06 2.92 -42.27
N GLY YC 98 -26.81 3.34 -42.11
CA GLY YC 98 -25.78 3.01 -43.06
C GLY YC 98 -25.33 1.57 -42.93
N PRO YC 99 -24.52 1.12 -43.90
CA PRO YC 99 -24.07 -0.28 -43.91
C PRO YC 99 -23.15 -0.65 -42.76
N GLY YC 100 -22.57 0.32 -42.06
CA GLY YC 100 -21.60 0.01 -41.04
C GLY YC 100 -22.14 -0.21 -39.65
N ALA YC 101 -23.41 0.10 -39.40
CA ALA YC 101 -23.95 0.01 -38.04
C ALA YC 101 -23.92 -1.42 -37.53
N GLN YC 102 -24.44 -2.35 -38.33
CA GLN YC 102 -24.52 -3.74 -37.88
C GLN YC 102 -23.14 -4.29 -37.58
N SER YC 103 -22.17 -4.04 -38.46
CA SER YC 103 -20.81 -4.50 -38.22
C SER YC 103 -20.20 -3.81 -37.02
N ALA YC 104 -20.56 -2.55 -36.76
CA ALA YC 104 -20.09 -1.89 -35.56
C ALA YC 104 -20.58 -2.62 -34.32
N LEU YC 105 -21.85 -3.02 -34.32
CA LEU YC 105 -22.37 -3.81 -33.21
C LEU YC 105 -21.63 -5.13 -33.09
N ARG YC 106 -21.37 -5.78 -34.22
CA ARG YC 106 -20.59 -7.02 -34.20
C ARG YC 106 -19.26 -6.80 -33.51
N ALA YC 107 -18.58 -5.72 -33.86
CA ALA YC 107 -17.26 -5.48 -33.28
C ALA YC 107 -17.34 -5.20 -31.79
N LEU YC 108 -18.29 -4.34 -31.37
CA LEU YC 108 -18.34 -3.99 -29.96
C LEU YC 108 -18.71 -5.21 -29.11
N ALA YC 109 -19.60 -6.06 -29.61
CA ALA YC 109 -19.87 -7.31 -28.90
C ALA YC 109 -18.63 -8.20 -28.86
N ARG YC 110 -17.99 -8.40 -30.03
CA ARG YC 110 -16.83 -9.27 -30.11
C ARG YC 110 -15.68 -8.74 -29.28
N SER YC 111 -15.66 -7.44 -29.03
CA SER YC 111 -14.60 -6.82 -28.25
C SER YC 111 -14.82 -6.91 -26.75
N GLY YC 112 -15.69 -7.81 -26.30
CA GLY YC 112 -15.91 -8.00 -24.88
C GLY YC 112 -16.53 -6.80 -24.18
N MET YC 113 -17.54 -6.20 -24.79
CA MET YC 113 -18.21 -5.04 -24.22
C MET YC 113 -19.62 -5.41 -23.81
N LYS YC 114 -20.08 -4.85 -22.69
CA LYS YC 114 -21.39 -5.13 -22.16
C LYS YC 114 -22.41 -4.17 -22.77
N ILE YC 115 -23.47 -4.72 -23.34
CA ILE YC 115 -24.41 -3.94 -24.15
C ILE YC 115 -25.61 -3.57 -23.29
N GLY YC 116 -25.98 -2.28 -23.33
CA GLY YC 116 -27.11 -1.80 -22.57
C GLY YC 116 -28.36 -1.63 -23.40
N ARG YC 117 -28.85 -0.40 -23.49
CA ARG YC 117 -30.11 -0.12 -24.17
C ARG YC 117 -29.89 0.07 -25.66
N ILE YC 118 -30.83 -0.45 -26.44
CA ILE YC 118 -30.79 -0.38 -27.90
C ILE YC 118 -31.93 0.53 -28.34
N GLU YC 119 -31.59 1.59 -29.07
CA GLU YC 119 -32.62 2.53 -29.52
C GLU YC 119 -32.12 3.28 -30.74
N ASP YC 120 -33.06 3.92 -31.44
CA ASP YC 120 -32.77 4.72 -32.62
C ASP YC 120 -33.28 6.13 -32.37
N VAL YC 121 -32.45 7.12 -32.71
CA VAL YC 121 -32.82 8.53 -32.55
C VAL YC 121 -32.58 9.28 -33.85
N THR YC 122 -32.69 8.60 -34.97
CA THR YC 122 -32.55 9.24 -36.27
C THR YC 122 -33.50 10.43 -36.37
N PRO YC 123 -33.04 11.61 -36.76
CA PRO YC 123 -33.93 12.79 -36.78
C PRO YC 123 -35.11 12.63 -37.71
N ILE YC 124 -36.31 12.64 -37.14
CA ILE YC 124 -37.55 12.48 -37.90
C ILE YC 124 -38.23 13.84 -37.99
N PRO YC 125 -38.42 14.38 -39.18
CA PRO YC 125 -39.12 15.67 -39.32
C PRO YC 125 -40.60 15.47 -39.59
N SER YC 126 -41.36 16.51 -39.27
CA SER YC 126 -42.77 16.57 -39.65
C SER YC 126 -42.94 17.49 -40.87
N ASP YC 127 -42.57 16.96 -42.03
CA ASP YC 127 -42.83 17.63 -43.32
C ASP YC 127 -42.17 19.01 -43.37
N SER YC 128 -40.85 19.00 -43.43
CA SER YC 128 -40.10 20.24 -43.50
C SER YC 128 -38.95 20.09 -44.47
N THR YC 129 -38.41 21.25 -44.89
CA THR YC 129 -37.09 21.33 -45.52
C THR YC 129 -37.02 20.50 -46.80
N ARG YC 130 -37.73 20.99 -47.82
CA ARG YC 130 -37.75 20.39 -49.14
C ARG YC 130 -36.39 19.84 -49.54
N ARG YC 131 -36.37 18.58 -49.93
CA ARG YC 131 -35.14 17.81 -50.10
C ARG YC 131 -34.35 18.29 -51.31
N LYS YC 132 -33.05 17.96 -51.32
CA LYS YC 132 -32.14 18.41 -52.36
C LYS YC 132 -32.21 17.47 -53.56
N GLY YC 133 -33.35 17.49 -54.22
CA GLY YC 133 -33.50 16.68 -55.41
C GLY YC 133 -34.15 17.36 -56.58
N GLY YC 134 -34.77 18.52 -56.34
CA GLY YC 134 -35.59 19.14 -57.35
C GLY YC 134 -36.87 18.37 -57.56
N ARG YC 135 -37.69 18.89 -58.47
CA ARG YC 135 -38.96 18.23 -58.78
C ARG YC 135 -38.72 16.87 -59.43
N ARG YC 136 -37.86 16.83 -60.45
CA ARG YC 136 -37.66 15.60 -61.20
C ARG YC 136 -36.59 14.70 -60.61
N GLY YC 137 -36.04 15.05 -59.47
CA GLY YC 137 -35.19 14.16 -58.72
C GLY YC 137 -33.87 13.87 -59.40
N ARG YC 138 -33.00 13.20 -58.66
CA ARG YC 138 -31.65 12.89 -59.12
C ARG YC 138 -31.73 11.81 -60.19
N ARG YC 139 -31.69 12.21 -61.46
CA ARG YC 139 -31.82 11.28 -62.57
C ARG YC 139 -30.44 10.71 -62.91
N LEU YC 140 -30.00 9.78 -62.08
CA LEU YC 140 -28.73 9.12 -62.29
C LEU YC 140 -28.71 8.35 -63.61
N VAL ZC 1 -85.28 18.04 -67.45
CA VAL ZC 1 -85.86 16.98 -66.65
C VAL ZC 1 -86.69 16.03 -67.49
N ARG ZC 2 -87.65 15.37 -66.84
CA ARG ZC 2 -88.54 14.41 -67.50
C ARG ZC 2 -89.53 15.20 -68.33
N MET ZC 3 -89.54 14.93 -69.63
CA MET ZC 3 -90.11 15.86 -70.58
C MET ZC 3 -91.27 15.27 -71.37
N ASN ZC 4 -91.03 14.12 -72.01
CA ASN ZC 4 -92.02 13.48 -72.87
C ASN ZC 4 -92.44 12.16 -72.24
N VAL ZC 5 -93.61 12.17 -71.59
CA VAL ZC 5 -94.10 10.95 -70.95
C VAL ZC 5 -94.23 9.83 -71.96
N LEU ZC 6 -94.70 10.15 -73.18
CA LEU ZC 6 -94.78 9.13 -74.21
C LEU ZC 6 -93.41 8.57 -74.53
N ALA ZC 7 -92.41 9.43 -74.68
CA ALA ZC 7 -91.09 8.97 -75.07
C ALA ZC 7 -90.48 8.07 -74.00
N ASP ZC 8 -90.54 8.50 -72.74
CA ASP ZC 8 -89.99 7.69 -71.66
C ASP ZC 8 -90.76 6.38 -71.53
N ALA ZC 9 -92.08 6.44 -71.66
CA ALA ZC 9 -92.90 5.23 -71.54
C ALA ZC 9 -92.55 4.23 -72.63
N LEU ZC 10 -92.51 4.67 -73.88
CA LEU ZC 10 -92.17 3.78 -74.97
C LEU ZC 10 -90.75 3.26 -74.85
N LYS ZC 11 -89.83 4.12 -74.39
CA LYS ZC 11 -88.46 3.68 -74.17
C LYS ZC 11 -88.41 2.55 -73.16
N SER ZC 12 -89.10 2.71 -72.03
CA SER ZC 12 -89.12 1.65 -71.02
C SER ZC 12 -89.78 0.39 -71.56
N ILE ZC 13 -90.87 0.55 -72.32
CA ILE ZC 13 -91.55 -0.60 -72.89
C ILE ZC 13 -90.60 -1.39 -73.78
N ASN ZC 14 -89.94 -0.69 -74.69
CA ASN ZC 14 -89.05 -1.36 -75.62
C ASN ZC 14 -87.86 -1.99 -74.91
N ASN ZC 15 -87.31 -1.28 -73.91
CA ASN ZC 15 -86.20 -1.83 -73.15
C ASN ZC 15 -86.60 -3.11 -72.43
N ALA ZC 16 -87.77 -3.10 -71.79
CA ALA ZC 16 -88.23 -4.30 -71.11
C ALA ZC 16 -88.49 -5.43 -72.08
N GLU ZC 17 -89.06 -5.12 -73.24
CA GLU ZC 17 -89.33 -6.16 -74.23
C GLU ZC 17 -88.05 -6.76 -74.77
N LYS ZC 18 -87.02 -5.94 -74.96
CA LYS ZC 18 -85.71 -6.49 -75.31
C LYS ZC 18 -85.18 -7.41 -74.22
N ARG ZC 19 -85.41 -7.08 -72.96
CA ARG ZC 19 -85.15 -7.99 -71.86
C ARG ZC 19 -86.20 -9.10 -71.77
N GLY ZC 20 -87.29 -8.98 -72.52
CA GLY ZC 20 -88.35 -9.97 -72.48
C GLY ZC 20 -89.22 -9.94 -71.24
N LYS ZC 21 -89.29 -8.81 -70.55
CA LYS ZC 21 -90.02 -8.75 -69.29
C LYS ZC 21 -91.49 -9.07 -69.51
N ARG ZC 22 -92.02 -9.92 -68.64
CA ARG ZC 22 -93.38 -10.42 -68.83
C ARG ZC 22 -94.36 -9.25 -68.64
N GLN ZC 23 -94.08 -8.33 -67.72
CA GLN ZC 23 -94.84 -7.09 -67.63
C GLN ZC 23 -93.98 -6.03 -66.94
N VAL ZC 24 -94.36 -4.76 -67.12
CA VAL ZC 24 -93.50 -3.64 -66.75
C VAL ZC 24 -94.34 -2.45 -66.34
N LEU ZC 25 -93.83 -1.68 -65.37
CA LEU ZC 25 -94.48 -0.50 -64.82
C LEU ZC 25 -93.98 0.76 -65.50
N ILE ZC 26 -94.88 1.73 -65.69
CA ILE ZC 26 -94.56 3.04 -66.24
C ILE ZC 26 -94.90 4.08 -65.19
N ARG ZC 27 -94.00 5.04 -64.99
CA ARG ZC 27 -94.16 6.00 -63.90
C ARG ZC 27 -95.34 6.95 -64.11
N PRO ZC 28 -95.33 7.81 -65.14
CA PRO ZC 28 -96.43 8.78 -65.24
C PRO ZC 28 -97.59 8.24 -66.05
N CYS ZC 29 -98.61 9.06 -66.28
CA CYS ZC 29 -99.70 8.70 -67.15
C CYS ZC 29 -100.39 9.96 -67.66
N SER ZC 30 -101.08 9.82 -68.79
CA SER ZC 30 -101.91 10.87 -69.34
C SER ZC 30 -102.85 10.25 -70.36
N LYS ZC 31 -103.86 11.04 -70.76
CA LYS ZC 31 -104.84 10.55 -71.72
C LYS ZC 31 -104.18 10.04 -72.99
N VAL ZC 32 -103.14 10.74 -73.43
CA VAL ZC 32 -102.42 10.31 -74.62
C VAL ZC 32 -101.84 8.92 -74.41
N ILE ZC 33 -101.28 8.66 -73.21
CA ILE ZC 33 -100.68 7.35 -72.95
C ILE ZC 33 -101.74 6.26 -73.02
N VAL ZC 34 -102.88 6.48 -72.37
CA VAL ZC 34 -103.87 5.42 -72.34
C VAL ZC 34 -104.48 5.18 -73.71
N ARG ZC 35 -104.69 6.24 -74.50
CA ARG ZC 35 -105.18 6.02 -75.86
C ARG ZC 35 -104.13 5.33 -76.72
N PHE ZC 36 -102.86 5.65 -76.49
CA PHE ZC 36 -101.77 4.98 -77.20
C PHE ZC 36 -101.80 3.49 -76.91
N LEU ZC 37 -101.83 3.12 -75.63
CA LEU ZC 37 -101.90 1.70 -75.29
C LEU ZC 37 -103.20 1.08 -75.78
N THR ZC 38 -104.27 1.86 -75.87
CA THR ZC 38 -105.53 1.35 -76.36
C THR ZC 38 -105.41 0.92 -77.81
N VAL ZC 39 -104.83 1.78 -78.65
CA VAL ZC 39 -104.66 1.40 -80.05
C VAL ZC 39 -103.60 0.31 -80.18
N MET ZC 40 -102.64 0.26 -79.25
CA MET ZC 40 -101.71 -0.86 -79.20
C MET ZC 40 -102.46 -2.18 -79.01
N MET ZC 41 -103.27 -2.23 -77.96
CA MET ZC 41 -103.87 -3.48 -77.53
C MET ZC 41 -105.00 -3.90 -78.46
N LYS ZC 42 -105.69 -2.93 -79.05
CA LYS ZC 42 -106.70 -3.26 -80.05
C LYS ZC 42 -106.07 -4.01 -81.21
N HIS ZC 43 -104.85 -3.64 -81.58
CA HIS ZC 43 -104.12 -4.34 -82.63
C HIS ZC 43 -103.27 -5.49 -82.07
N GLY ZC 44 -103.35 -5.71 -80.75
CA GLY ZC 44 -102.87 -6.94 -80.15
C GLY ZC 44 -101.39 -7.03 -79.89
N TYR ZC 45 -100.61 -6.01 -80.24
CA TYR ZC 45 -99.18 -6.10 -79.98
C TYR ZC 45 -98.85 -6.10 -78.49
N ILE ZC 46 -99.80 -5.73 -77.64
CA ILE ZC 46 -99.63 -5.75 -76.20
C ILE ZC 46 -100.83 -6.44 -75.58
N GLY ZC 47 -100.60 -7.10 -74.46
CA GLY ZC 47 -101.65 -7.76 -73.72
C GLY ZC 47 -102.43 -6.79 -72.86
N GLU ZC 48 -103.13 -7.35 -71.87
CA GLU ZC 48 -103.90 -6.53 -70.95
C GLU ZC 48 -102.97 -5.62 -70.16
N PHE ZC 49 -103.47 -4.44 -69.79
CA PHE ZC 49 -102.65 -3.48 -69.07
C PHE ZC 49 -103.42 -2.94 -67.88
N GLU ZC 50 -102.66 -2.52 -66.86
CA GLU ZC 50 -103.20 -1.99 -65.62
C GLU ZC 50 -102.83 -0.52 -65.49
N ILE ZC 51 -103.59 0.19 -64.67
CA ILE ZC 51 -103.31 1.59 -64.32
C ILE ZC 51 -103.71 1.80 -62.86
N ILE ZC 52 -102.71 1.89 -61.99
CA ILE ZC 52 -102.91 2.33 -60.61
C ILE ZC 52 -103.08 3.83 -60.56
N ASP ZC 53 -104.10 4.28 -59.83
CA ASP ZC 53 -104.47 5.70 -59.80
C ASP ZC 53 -104.26 6.22 -58.39
N ASP ZC 54 -103.29 7.12 -58.24
CA ASP ZC 54 -103.19 7.94 -57.04
C ASP ZC 54 -103.68 9.35 -57.36
N HIS ZC 55 -103.70 10.17 -56.32
CA HIS ZC 55 -104.16 11.54 -56.53
C HIS ZC 55 -103.19 12.35 -57.38
N ARG ZC 56 -102.00 11.82 -57.66
CA ARG ZC 56 -101.10 12.42 -58.63
C ARG ZC 56 -101.33 11.79 -60.00
N ALA ZC 57 -100.41 12.02 -60.93
CA ALA ZC 57 -100.43 11.30 -62.20
C ALA ZC 57 -100.18 9.83 -61.96
N GLY ZC 58 -101.14 9.00 -62.37
CA GLY ZC 58 -101.11 7.59 -62.04
C GLY ZC 58 -99.96 6.85 -62.73
N LYS ZC 59 -99.86 5.57 -62.39
CA LYS ZC 59 -98.81 4.70 -62.88
C LYS ZC 59 -99.40 3.58 -63.72
N ILE ZC 60 -98.84 3.39 -64.91
CA ILE ZC 60 -99.30 2.37 -65.85
C ILE ZC 60 -98.38 1.16 -65.74
N VAL ZC 61 -98.99 -0.02 -65.65
CA VAL ZC 61 -98.26 -1.27 -65.78
C VAL ZC 61 -99.01 -2.16 -66.76
N VAL ZC 62 -98.28 -2.73 -67.72
CA VAL ZC 62 -98.86 -3.44 -68.84
C VAL ZC 62 -98.34 -4.87 -68.82
N ASN ZC 63 -99.25 -5.83 -69.02
CA ASN ZC 63 -98.87 -7.24 -69.08
C ASN ZC 63 -98.37 -7.53 -70.48
N LEU ZC 64 -97.05 -7.68 -70.62
CA LEU ZC 64 -96.41 -7.78 -71.93
C LEU ZC 64 -96.50 -9.21 -72.44
N THR ZC 65 -96.96 -9.36 -73.67
CA THR ZC 65 -96.95 -10.65 -74.35
C THR ZC 65 -95.61 -10.94 -75.01
N GLY ZC 66 -94.66 -10.02 -74.90
CA GLY ZC 66 -93.36 -10.20 -75.54
C GLY ZC 66 -93.47 -10.34 -77.04
N ARG ZC 67 -94.41 -9.64 -77.65
CA ARG ZC 67 -94.81 -9.97 -79.01
C ARG ZC 67 -94.74 -8.79 -79.97
N LEU ZC 68 -93.86 -7.82 -79.73
CA LEU ZC 68 -93.61 -6.71 -80.63
C LEU ZC 68 -92.09 -6.55 -80.75
N ASN ZC 69 -91.65 -5.81 -81.76
CA ASN ZC 69 -90.21 -5.63 -81.91
C ASN ZC 69 -89.74 -4.29 -81.37
N LYS ZC 70 -90.27 -3.19 -81.90
CA LYS ZC 70 -89.91 -1.86 -81.44
C LYS ZC 70 -91.15 -0.98 -81.43
N CYS ZC 71 -91.28 -0.19 -80.38
CA CYS ZC 71 -92.42 0.70 -80.17
C CYS ZC 71 -91.95 2.12 -79.95
N GLY ZC 72 -91.07 2.59 -80.82
CA GLY ZC 72 -90.46 3.89 -80.66
C GLY ZC 72 -91.43 5.04 -80.85
N VAL ZC 73 -90.91 6.24 -80.61
CA VAL ZC 73 -91.70 7.47 -80.65
C VAL ZC 73 -91.02 8.45 -81.59
N ILE ZC 74 -91.81 9.41 -82.07
CA ILE ZC 74 -91.29 10.54 -82.84
C ILE ZC 74 -91.40 11.76 -81.95
N SER ZC 75 -90.25 12.31 -81.57
CA SER ZC 75 -90.26 13.35 -80.53
C SER ZC 75 -90.92 14.63 -81.01
N PRO ZC 76 -90.40 15.35 -82.00
CA PRO ZC 76 -91.09 16.57 -82.43
C PRO ZC 76 -92.35 16.19 -83.20
N ARG ZC 77 -93.52 16.53 -82.67
CA ARG ZC 77 -94.78 16.09 -83.27
C ARG ZC 77 -95.01 16.87 -84.56
N PHE ZC 78 -94.29 16.47 -85.60
CA PHE ZC 78 -94.48 17.10 -86.90
C PHE ZC 78 -95.91 16.89 -87.38
N ASP ZC 79 -96.45 17.93 -88.00
CA ASP ZC 79 -97.83 17.91 -88.46
C ASP ZC 79 -97.85 17.28 -89.85
N VAL ZC 80 -98.12 15.98 -89.90
CA VAL ZC 80 -98.10 15.23 -91.14
C VAL ZC 80 -99.49 15.24 -91.76
N GLN ZC 81 -99.57 15.62 -93.03
CA GLN ZC 81 -100.81 15.64 -93.78
C GLN ZC 81 -101.00 14.28 -94.46
N LEU ZC 82 -102.05 14.17 -95.27
CA LEU ZC 82 -102.24 12.95 -96.03
C LEU ZC 82 -101.29 12.87 -97.22
N LYS ZC 83 -100.81 14.00 -97.70
CA LYS ZC 83 -99.96 14.00 -98.89
C LYS ZC 83 -98.55 13.53 -98.60
N ASP ZC 84 -98.19 13.37 -97.33
CA ASP ZC 84 -96.82 13.03 -96.96
C ASP ZC 84 -96.75 11.84 -96.00
N LEU ZC 85 -97.89 11.32 -95.56
CA LEU ZC 85 -97.89 10.23 -94.59
C LEU ZC 85 -97.21 8.98 -95.15
N GLU ZC 86 -97.41 8.69 -96.43
CA GLU ZC 86 -96.80 7.51 -97.03
C GLU ZC 86 -95.28 7.58 -96.96
N LYS ZC 87 -94.72 8.79 -96.92
CA LYS ZC 87 -93.28 8.91 -96.72
C LYS ZC 87 -92.87 8.39 -95.35
N TRP ZC 88 -93.63 8.73 -94.32
CA TRP ZC 88 -93.38 8.13 -93.02
C TRP ZC 88 -93.57 6.62 -93.06
N GLN ZC 89 -94.58 6.17 -93.80
CA GLN ZC 89 -94.83 4.74 -93.92
C GLN ZC 89 -93.62 4.02 -94.48
N ASN ZC 90 -93.12 4.47 -95.62
CA ASN ZC 90 -92.03 3.77 -96.26
C ASN ZC 90 -90.67 4.10 -95.66
N ASN ZC 91 -90.60 5.08 -94.75
CA ASN ZC 91 -89.35 5.40 -94.09
C ASN ZC 91 -89.25 4.83 -92.68
N LEU ZC 92 -90.37 4.39 -92.09
CA LEU ZC 92 -90.38 4.02 -90.68
C LEU ZC 92 -90.87 2.60 -90.40
N LEU ZC 93 -91.24 1.83 -91.41
CA LEU ZC 93 -91.81 0.54 -91.08
C LEU ZC 93 -90.99 -0.60 -91.67
N PRO ZC 94 -91.03 -1.78 -91.06
CA PRO ZC 94 -90.42 -2.96 -91.69
C PRO ZC 94 -90.98 -3.24 -93.08
N SER ZC 95 -92.28 -3.05 -93.28
CA SER ZC 95 -92.89 -3.27 -94.58
C SER ZC 95 -94.26 -2.64 -94.61
N ARG ZC 96 -94.89 -2.68 -95.78
CA ARG ZC 96 -96.27 -2.25 -95.90
C ARG ZC 96 -97.24 -3.25 -95.31
N GLN ZC 97 -96.80 -4.48 -95.05
CA GLN ZC 97 -97.70 -5.51 -94.55
C GLN ZC 97 -98.14 -5.27 -93.12
N PHE ZC 98 -97.26 -4.70 -92.30
CA PHE ZC 98 -97.52 -4.57 -90.88
C PHE ZC 98 -96.66 -3.45 -90.33
N GLY ZC 99 -96.79 -3.22 -89.02
CA GLY ZC 99 -96.18 -2.06 -88.40
C GLY ZC 99 -97.06 -0.86 -88.65
N PHE ZC 100 -97.31 -0.05 -87.62
CA PHE ZC 100 -98.39 0.93 -87.69
C PHE ZC 100 -97.93 2.25 -87.11
N ILE ZC 101 -98.02 3.29 -87.93
CA ILE ZC 101 -97.81 4.66 -87.48
C ILE ZC 101 -99.09 5.17 -86.84
N VAL ZC 102 -98.99 5.66 -85.61
CA VAL ZC 102 -100.12 6.21 -84.88
C VAL ZC 102 -99.92 7.70 -84.74
N LEU ZC 103 -100.99 8.46 -84.99
CA LEU ZC 103 -100.94 9.91 -84.91
C LEU ZC 103 -102.24 10.44 -84.33
N THR ZC 104 -102.18 11.64 -83.80
CA THR ZC 104 -103.35 12.30 -83.24
C THR ZC 104 -103.95 13.19 -84.31
N THR ZC 105 -105.28 13.20 -84.40
CA THR ZC 105 -105.98 14.04 -85.35
C THR ZC 105 -107.19 14.63 -84.66
N SER ZC 106 -107.93 15.45 -85.42
CA SER ZC 106 -109.15 16.05 -84.89
C SER ZC 106 -110.16 15.00 -84.48
N ALA ZC 107 -110.08 13.80 -85.04
CA ALA ZC 107 -110.91 12.69 -84.58
C ALA ZC 107 -110.29 11.93 -83.41
N GLY ZC 108 -109.05 12.25 -83.04
CA GLY ZC 108 -108.45 11.64 -81.88
C GLY ZC 108 -107.23 10.79 -82.18
N ILE ZC 109 -106.85 9.94 -81.23
CA ILE ZC 109 -105.71 9.04 -81.38
C ILE ZC 109 -106.13 7.90 -82.29
N MET ZC 110 -105.32 7.63 -83.30
CA MET ZC 110 -105.68 6.69 -84.35
C MET ZC 110 -104.48 6.48 -85.25
N ASP ZC 111 -104.34 5.25 -85.74
CA ASP ZC 111 -103.24 5.00 -86.66
C ASP ZC 111 -103.72 5.14 -88.10
N HIS ZC 112 -102.75 5.13 -89.03
CA HIS ZC 112 -102.96 5.67 -90.36
C HIS ZC 112 -104.00 4.93 -91.18
N GLU ZC 113 -104.33 3.68 -90.83
CA GLU ZC 113 -105.35 2.95 -91.57
C GLU ZC 113 -106.65 3.74 -91.61
N GLU ZC 114 -107.27 3.92 -90.44
CA GLU ZC 114 -108.49 4.70 -90.39
C GLU ZC 114 -108.24 6.18 -90.62
N ALA ZC 115 -107.03 6.66 -90.36
CA ALA ZC 115 -106.72 8.06 -90.63
C ALA ZC 115 -106.96 8.39 -92.10
N ARG ZC 116 -106.39 7.59 -93.00
CA ARG ZC 116 -106.68 7.79 -94.41
C ARG ZC 116 -108.06 7.26 -94.78
N ARG ZC 117 -108.59 6.29 -94.03
CA ARG ZC 117 -109.99 5.92 -94.21
C ARG ZC 117 -110.90 7.09 -93.82
N LYS ZC 118 -110.58 7.77 -92.73
CA LYS ZC 118 -111.34 8.95 -92.32
C LYS ZC 118 -110.86 10.22 -93.00
N HIS ZC 119 -109.78 10.14 -93.77
CA HIS ZC 119 -109.27 11.29 -94.52
C HIS ZC 119 -109.00 12.48 -93.62
N THR ZC 120 -108.26 12.26 -92.54
CA THR ZC 120 -107.84 13.33 -91.66
C THR ZC 120 -106.35 13.21 -91.39
N GLY ZC 121 -105.62 14.30 -91.60
CA GLY ZC 121 -104.21 14.37 -91.25
C GLY ZC 121 -104.02 14.99 -89.87
N GLY ZC 122 -102.78 14.91 -89.38
CA GLY ZC 122 -102.49 15.41 -88.06
C GLY ZC 122 -101.03 15.39 -87.66
N LYS ZC 123 -100.76 15.18 -86.37
CA LYS ZC 123 -99.41 15.21 -85.83
C LYS ZC 123 -98.98 13.81 -85.42
N ILE ZC 124 -97.87 13.37 -85.98
CA ILE ZC 124 -97.28 12.10 -85.59
C ILE ZC 124 -96.85 12.16 -84.14
N LEU ZC 125 -97.05 11.07 -83.41
CA LEU ZC 125 -96.47 10.92 -82.08
C LEU ZC 125 -95.45 9.79 -82.05
N GLY ZC 126 -95.85 8.58 -82.40
CA GLY ZC 126 -94.98 7.45 -82.30
C GLY ZC 126 -95.34 6.36 -83.26
N PHE ZC 127 -94.84 5.16 -82.98
CA PHE ZC 127 -94.98 4.05 -83.91
C PHE ZC 127 -94.68 2.75 -83.18
N PHE ZC 128 -94.86 1.64 -83.89
CA PHE ZC 128 -94.62 0.33 -83.31
C PHE ZC 128 -94.69 -0.72 -84.41
N PHE ZC 129 -93.95 -1.81 -84.21
CA PHE ZC 129 -93.96 -2.93 -85.13
C PHE ZC 129 -93.33 -4.15 -84.47
N PRO AD 1 -85.59 -11.93 -61.90
CA PRO AD 1 -86.70 -12.68 -62.50
C PRO AD 1 -87.41 -11.91 -63.59
N LEU AD 2 -88.44 -12.54 -64.14
CA LEU AD 2 -89.17 -12.06 -65.28
C LEU AD 2 -90.65 -11.90 -64.97
N ALA AD 3 -91.22 -12.80 -64.19
CA ALA AD 3 -92.66 -12.78 -63.96
C ALA AD 3 -93.05 -12.37 -62.54
N LYS AD 4 -92.27 -11.51 -61.88
CA LYS AD 4 -92.70 -10.85 -60.65
C LYS AD 4 -93.97 -10.01 -60.86
N ASP AD 5 -95.09 -10.42 -60.26
CA ASP AD 5 -96.36 -9.71 -60.38
C ASP AD 5 -96.29 -8.42 -59.57
N LEU AD 6 -96.08 -7.28 -60.26
CA LEU AD 6 -96.07 -6.00 -59.57
C LEU AD 6 -97.46 -5.57 -59.14
N LEU AD 7 -98.51 -6.14 -59.72
CA LEU AD 7 -99.87 -5.76 -59.32
C LEU AD 7 -100.11 -6.08 -57.85
N HIS AD 8 -99.71 -7.27 -57.42
CA HIS AD 8 -99.97 -7.75 -56.07
C HIS AD 8 -98.63 -8.12 -55.44
N PRO AD 9 -97.81 -7.13 -55.11
CA PRO AD 9 -96.57 -7.43 -54.39
C PRO AD 9 -96.90 -7.95 -53.00
N SER AD 10 -95.97 -8.74 -52.47
CA SER AD 10 -96.16 -9.25 -51.13
C SER AD 10 -96.28 -8.09 -50.16
N PRO AD 11 -97.18 -8.17 -49.17
CA PRO AD 11 -97.29 -7.07 -48.21
C PRO AD 11 -95.97 -6.72 -47.57
N GLU AD 12 -95.18 -7.74 -47.22
CA GLU AD 12 -93.82 -7.53 -46.77
C GLU AD 12 -93.04 -6.71 -47.79
N GLU AD 13 -93.19 -7.05 -49.07
CA GLU AD 13 -92.44 -6.34 -50.10
C GLU AD 13 -92.85 -4.88 -50.17
N GLU AD 14 -94.15 -4.61 -50.29
CA GLU AD 14 -94.58 -3.23 -50.51
C GLU AD 14 -94.27 -2.37 -49.29
N LYS AD 15 -94.41 -2.94 -48.09
CA LYS AD 15 -93.96 -2.21 -46.91
C LYS AD 15 -92.47 -1.97 -46.92
N ARG AD 16 -91.68 -2.98 -47.28
CA ARG AD 16 -90.23 -2.86 -47.22
C ARG AD 16 -89.71 -1.75 -48.13
N LYS AD 17 -90.41 -1.48 -49.22
CA LYS AD 17 -89.93 -0.52 -50.18
C LYS AD 17 -90.07 0.91 -49.63
N HIS AD 18 -89.42 1.83 -50.32
CA HIS AD 18 -89.36 3.24 -49.96
C HIS AD 18 -90.75 3.82 -49.75
N LYS AD 19 -90.80 4.99 -49.12
CA LYS AD 19 -92.05 5.73 -49.07
C LYS AD 19 -92.55 6.05 -50.47
N LYS AD 20 -91.65 6.38 -51.38
CA LYS AD 20 -91.94 6.41 -52.80
C LYS AD 20 -91.67 5.02 -53.38
N LYS AD 21 -91.60 4.93 -54.71
CA LYS AD 21 -91.24 3.70 -55.43
C LYS AD 21 -92.34 2.65 -55.36
N ARG AD 22 -93.37 2.86 -54.55
CA ARG AD 22 -94.39 1.85 -54.30
C ARG AD 22 -95.47 1.93 -55.36
N LEU AD 23 -96.34 0.92 -55.36
CA LEU AD 23 -97.49 0.94 -56.27
C LEU AD 23 -98.37 2.15 -55.99
N VAL AD 24 -98.62 2.43 -54.71
CA VAL AD 24 -99.26 3.65 -54.27
C VAL AD 24 -98.38 4.26 -53.19
N GLN AD 25 -98.12 5.56 -53.29
CA GLN AD 25 -97.16 6.20 -52.40
C GLN AD 25 -97.78 6.43 -51.03
N SER AD 26 -97.04 6.07 -49.98
CA SER AD 26 -97.53 6.17 -48.61
C SER AD 26 -96.39 6.51 -47.67
N PRO AD 27 -96.61 7.40 -46.72
CA PRO AD 27 -95.55 7.77 -45.77
C PRO AD 27 -95.34 6.70 -44.71
N ASN AD 28 -94.15 6.73 -44.11
CA ASN AD 28 -93.81 5.85 -43.02
C ASN AD 28 -93.92 6.52 -41.67
N SER AD 29 -94.47 7.73 -41.61
CA SER AD 29 -94.73 8.41 -40.35
C SER AD 29 -96.12 8.05 -39.85
N TYR AD 30 -96.43 8.46 -38.63
CA TYR AD 30 -97.73 8.13 -38.04
C TYR AD 30 -97.97 9.02 -36.82
N PHE AD 31 -99.05 8.73 -36.10
CA PHE AD 31 -99.47 9.48 -34.93
C PHE AD 31 -99.81 8.51 -33.80
N MET AD 32 -99.39 8.85 -32.59
CA MET AD 32 -99.61 7.96 -31.45
C MET AD 32 -100.25 8.74 -30.32
N ASP AD 33 -101.02 8.02 -29.50
CA ASP AD 33 -101.61 8.61 -28.29
C ASP AD 33 -100.65 8.41 -27.13
N VAL AD 34 -100.13 9.51 -26.59
CA VAL AD 34 -99.12 9.49 -25.55
C VAL AD 34 -99.67 10.22 -24.33
N LYS AD 35 -99.39 9.68 -23.15
CA LYS AD 35 -99.74 10.32 -21.89
C LYS AD 35 -98.50 10.44 -21.03
N CYS AD 36 -98.23 11.62 -20.54
CA CYS AD 36 -97.13 11.73 -19.60
C CYS AD 36 -97.56 11.19 -18.23
N PRO AD 37 -96.64 10.60 -17.47
CA PRO AD 37 -97.04 9.98 -16.21
C PRO AD 37 -97.45 11.03 -15.18
N GLY AD 38 -98.27 10.59 -14.23
CA GLY AD 38 -98.81 11.49 -13.23
C GLY AD 38 -99.69 12.57 -13.82
N CYS AD 39 -100.47 12.23 -14.84
CA CYS AD 39 -101.29 13.21 -15.53
C CYS AD 39 -102.52 12.52 -16.09
N TYR AD 40 -103.37 13.30 -16.74
CA TYR AD 40 -104.60 12.81 -17.34
C TYR AD 40 -104.76 13.18 -18.81
N LYS AD 41 -104.09 14.23 -19.28
CA LYS AD 41 -104.24 14.67 -20.66
C LYS AD 41 -103.72 13.63 -21.64
N ILE AD 42 -104.33 13.57 -22.82
CA ILE AD 42 -103.90 12.70 -23.90
C ILE AD 42 -103.38 13.59 -25.03
N THR AD 43 -102.22 13.25 -25.57
CA THR AD 43 -101.57 14.05 -26.59
C THR AD 43 -101.44 13.23 -27.87
N THR AD 44 -101.41 13.93 -29.00
CA THR AD 44 -101.38 13.29 -30.31
C THR AD 44 -100.13 13.69 -31.09
N VAL AD 45 -98.97 13.58 -30.44
CA VAL AD 45 -97.73 14.04 -31.05
C VAL AD 45 -97.43 13.20 -32.30
N PHE AD 46 -96.50 13.71 -33.11
CA PHE AD 46 -96.20 13.15 -34.42
C PHE AD 46 -95.04 12.16 -34.34
N SER AD 47 -95.04 11.20 -35.27
CA SER AD 47 -94.00 10.18 -35.28
C SER AD 47 -92.63 10.80 -35.48
N HIS AD 48 -92.40 11.39 -36.64
CA HIS AD 48 -91.17 12.12 -36.90
C HIS AD 48 -91.33 13.56 -36.44
N ALA AD 49 -91.66 13.70 -35.17
CA ALA AD 49 -91.99 14.99 -34.60
C ALA AD 49 -90.82 15.96 -34.78
N GLN AD 50 -91.16 17.20 -35.09
CA GLN AD 50 -90.22 18.20 -35.54
C GLN AD 50 -89.78 19.16 -34.44
N THR AD 51 -90.70 19.54 -33.55
CA THR AD 51 -90.38 20.45 -32.46
C THR AD 51 -90.64 19.76 -31.13
N VAL AD 52 -89.92 20.22 -30.09
CA VAL AD 52 -90.24 19.80 -28.74
C VAL AD 52 -91.63 20.29 -28.39
N VAL AD 53 -92.46 19.39 -27.89
CA VAL AD 53 -93.82 19.73 -27.51
C VAL AD 53 -93.91 19.70 -25.99
N LEU AD 54 -94.86 20.46 -25.46
CA LEU AD 54 -95.11 20.54 -24.02
C LEU AD 54 -96.57 20.22 -23.77
N CYS AD 55 -96.85 19.43 -22.75
CA CYS AD 55 -98.23 19.18 -22.38
C CYS AD 55 -98.86 20.47 -21.90
N VAL AD 56 -100.13 20.68 -22.25
CA VAL AD 56 -100.78 21.95 -21.98
C VAL AD 56 -100.83 22.21 -20.49
N GLY AD 57 -101.17 21.21 -19.68
CA GLY AD 57 -101.25 21.38 -18.26
C GLY AD 57 -99.90 21.20 -17.57
N CYS AD 58 -99.31 20.03 -17.75
CA CYS AD 58 -98.01 19.74 -17.16
C CYS AD 58 -96.91 20.25 -18.08
N SER AD 59 -96.09 21.17 -17.56
CA SER AD 59 -94.99 21.74 -18.33
C SER AD 59 -93.83 20.75 -18.37
N THR AD 60 -94.11 19.57 -18.92
CA THR AD 60 -93.12 18.51 -19.05
C THR AD 60 -92.87 18.23 -20.52
N VAL AD 61 -91.60 18.18 -20.91
CA VAL AD 61 -91.24 17.89 -22.28
C VAL AD 61 -91.58 16.44 -22.60
N LEU AD 62 -92.21 16.22 -23.74
CA LEU AD 62 -92.55 14.86 -24.16
C LEU AD 62 -91.63 14.31 -25.22
N CYS AD 63 -91.07 15.15 -26.09
CA CYS AD 63 -90.23 14.68 -27.17
C CYS AD 63 -89.02 15.58 -27.30
N GLN AD 64 -88.01 15.08 -28.00
CA GLN AD 64 -86.83 15.87 -28.36
C GLN AD 64 -86.51 15.50 -29.81
N PRO AD 65 -86.55 16.45 -30.74
CA PRO AD 65 -86.41 16.10 -32.16
C PRO AD 65 -85.04 15.52 -32.47
N THR AD 66 -85.01 14.56 -33.38
CA THR AD 66 -83.78 13.92 -33.82
C THR AD 66 -83.78 13.84 -35.34
N GLY AD 67 -82.85 13.06 -35.88
CA GLY AD 67 -82.82 12.84 -37.31
C GLY AD 67 -84.10 12.25 -37.85
N GLY AD 68 -84.43 11.03 -37.45
CA GLY AD 68 -85.61 10.37 -37.97
C GLY AD 68 -86.89 10.67 -37.23
N LYS AD 69 -86.93 10.36 -35.94
CA LYS AD 69 -88.09 10.65 -35.12
C LYS AD 69 -87.64 11.30 -33.83
N ALA AD 70 -88.51 12.13 -33.27
CA ALA AD 70 -88.22 12.72 -31.96
C ALA AD 70 -88.30 11.65 -30.89
N ARG AD 71 -87.17 11.34 -30.27
CA ARG AD 71 -87.13 10.34 -29.22
C ARG AD 71 -87.94 10.82 -28.01
N LEU AD 72 -88.72 9.91 -27.45
CA LEU AD 72 -89.52 10.24 -26.29
C LEU AD 72 -88.65 10.29 -25.03
N THR AD 73 -89.21 10.86 -23.97
CA THR AD 73 -88.57 10.84 -22.67
C THR AD 73 -88.81 9.48 -22.03
N GLU AD 74 -88.53 9.36 -20.73
CA GLU AD 74 -88.68 8.08 -20.05
C GLU AD 74 -90.09 7.56 -20.21
N GLY AD 75 -90.23 6.24 -20.15
CA GLY AD 75 -91.41 5.52 -20.59
C GLY AD 75 -92.77 6.13 -20.28
N CYS AD 76 -93.50 6.45 -21.33
CA CYS AD 76 -94.89 6.87 -21.26
C CYS AD 76 -95.76 5.88 -22.00
N SER AD 77 -97.07 6.11 -21.96
CA SER AD 77 -98.02 5.22 -22.62
C SER AD 77 -98.39 5.74 -24.00
N PHE AD 78 -97.39 5.81 -24.87
CA PHE AD 78 -97.63 6.12 -26.27
C PHE AD 78 -98.27 4.92 -26.95
N ARG AD 79 -99.10 5.19 -27.96
CA ARG AD 79 -99.88 4.11 -28.57
C ARG AD 79 -100.17 4.42 -30.03
N ARG AD 80 -99.66 3.58 -30.93
CA ARG AD 80 -100.12 3.55 -32.31
C ARG AD 80 -101.62 3.31 -32.33
N LYS AD 81 -102.35 4.04 -33.17
CA LYS AD 81 -103.81 4.00 -33.15
C LYS AD 81 -104.39 4.06 -34.55
N GLN AD 82 -105.36 3.17 -34.81
CA GLN AD 82 -106.31 3.22 -35.92
C GLN AD 82 -105.64 3.24 -37.29
N HIS AD 83 -104.31 3.16 -37.31
CA HIS AD 83 -103.55 3.12 -38.55
C HIS AD 83 -103.92 4.22 -39.54
N GLY ED 1 -4.31 72.43 -59.48
CA GLY ED 1 -3.86 72.43 -58.11
C GLY ED 1 -4.85 73.10 -57.17
N ARG ED 2 -6.13 72.92 -57.46
CA ARG ED 2 -7.20 73.48 -56.65
C ARG ED 2 -7.79 72.38 -55.77
N VAL ED 3 -8.04 72.72 -54.50
CA VAL ED 3 -8.60 71.77 -53.57
C VAL ED 3 -10.01 71.39 -54.00
N ILE ED 4 -10.32 70.10 -53.94
CA ILE ED 4 -11.53 69.57 -54.57
C ILE ED 4 -12.70 69.72 -53.63
N ARG ED 5 -13.90 69.65 -54.19
CA ARG ED 5 -15.12 69.65 -53.40
C ARG ED 5 -15.20 68.38 -52.57
N GLY ED 6 -15.61 68.52 -51.32
CA GLY ED 6 -15.61 67.41 -50.40
C GLY ED 6 -14.53 67.63 -49.36
N GLN ED 7 -13.35 68.06 -49.81
CA GLN ED 7 -12.39 68.61 -48.86
C GLN ED 7 -12.95 69.87 -48.23
N ARG ED 8 -13.61 70.70 -49.04
CA ARG ED 8 -14.26 71.90 -48.52
C ARG ED 8 -15.43 71.57 -47.61
N LYS ED 9 -15.98 70.37 -47.70
CA LYS ED 9 -17.03 69.97 -46.78
C LYS ED 9 -16.53 69.96 -45.34
N GLY ED 10 -15.33 69.42 -45.13
CA GLY ED 10 -14.77 69.41 -43.80
C GLY ED 10 -14.39 70.76 -43.28
N ALA ED 11 -14.47 71.80 -44.10
CA ALA ED 11 -14.10 73.14 -43.67
C ALA ED 11 -15.23 73.86 -42.93
N GLY ED 12 -16.43 73.28 -42.86
CA GLY ED 12 -17.48 73.94 -42.12
C GLY ED 12 -18.41 74.81 -42.94
N SER ED 13 -18.07 76.10 -43.03
CA SER ED 13 -19.01 77.19 -43.22
C SER ED 13 -20.20 76.88 -44.12
N VAL ED 14 -19.96 76.44 -45.36
CA VAL ED 14 -21.09 76.31 -46.26
C VAL ED 14 -21.80 74.98 -46.07
N PHE ED 15 -21.11 73.98 -45.52
CA PHE ED 15 -21.67 72.64 -45.41
C PHE ED 15 -22.11 72.30 -43.99
N ARG ED 16 -22.41 73.31 -43.18
CA ARG ED 16 -22.95 73.06 -41.84
C ARG ED 16 -24.39 72.57 -41.94
N ALA ED 17 -24.81 71.87 -40.90
CA ALA ED 17 -26.16 71.32 -40.87
C ALA ED 17 -27.20 72.45 -40.77
N HIS ED 18 -28.41 72.14 -41.23
CA HIS ED 18 -29.52 73.10 -41.20
C HIS ED 18 -30.29 72.89 -39.91
N VAL ED 19 -29.88 73.62 -38.87
CA VAL ED 19 -30.31 73.31 -37.51
C VAL ED 19 -31.30 74.32 -36.98
N LYS ED 20 -31.75 75.27 -37.81
CA LYS ED 20 -32.54 76.38 -37.28
C LYS ED 20 -33.86 75.90 -36.69
N HIS ED 21 -34.62 75.12 -37.43
CA HIS ED 21 -35.93 74.66 -36.97
C HIS ED 21 -35.88 73.28 -36.36
N ARG ED 22 -34.71 72.65 -36.29
CA ARG ED 22 -34.61 71.38 -35.61
C ARG ED 22 -34.94 71.57 -34.12
N LYS ED 23 -35.67 70.60 -33.58
CA LYS ED 23 -36.37 70.78 -32.32
C LYS ED 23 -35.56 70.30 -31.11
N GLY ED 24 -34.26 70.11 -31.26
CA GLY ED 24 -33.41 69.69 -30.18
C GLY ED 24 -32.91 68.27 -30.37
N ALA ED 25 -31.87 67.95 -29.61
CA ALA ED 25 -31.25 66.64 -29.69
C ALA ED 25 -32.22 65.58 -29.21
N ALA ED 26 -32.49 64.58 -30.05
CA ALA ED 26 -33.43 63.51 -29.73
C ALA ED 26 -32.66 62.37 -29.08
N ARG ED 27 -32.97 62.09 -27.82
CA ARG ED 27 -32.25 61.08 -27.06
C ARG ED 27 -33.14 60.63 -25.91
N LEU ED 28 -32.70 59.60 -25.21
CA LEU ED 28 -33.45 59.09 -24.08
C LEU ED 28 -33.00 59.79 -22.80
N ARG ED 29 -33.53 59.32 -21.67
CA ARG ED 29 -33.21 59.90 -20.38
C ARG ED 29 -31.91 59.32 -19.82
N ALA ED 30 -31.22 60.14 -19.04
CA ALA ED 30 -30.00 59.68 -18.40
C ALA ED 30 -30.32 58.61 -17.36
N VAL ED 31 -29.33 57.75 -17.11
CA VAL ED 31 -29.48 56.71 -16.10
C VAL ED 31 -29.64 57.36 -14.73
N ASP ED 32 -30.45 56.73 -13.89
CA ASP ED 32 -30.63 57.19 -12.52
C ASP ED 32 -31.15 56.02 -11.68
N PHE ED 33 -31.40 56.29 -10.39
CA PHE ED 33 -31.81 55.24 -9.47
C PHE ED 33 -33.01 54.46 -9.99
N ALA ED 34 -34.05 55.16 -10.41
CA ALA ED 34 -35.25 54.49 -10.88
C ALA ED 34 -34.96 53.62 -12.09
N GLU ED 35 -34.15 54.13 -13.03
CA GLU ED 35 -33.84 53.36 -14.22
C GLU ED 35 -33.07 52.09 -13.89
N ARG ED 36 -32.13 52.14 -12.95
CA ARG ED 36 -31.31 50.98 -12.67
C ARG ED 36 -31.89 50.07 -11.59
N HIS ED 37 -32.99 50.48 -10.95
CA HIS ED 37 -33.57 49.61 -9.92
C HIS ED 37 -35.06 49.38 -10.14
N GLY ED 38 -35.78 50.38 -10.61
CA GLY ED 38 -37.22 50.29 -10.73
C GLY ED 38 -37.68 50.68 -12.11
N TYR ED 39 -38.82 51.37 -12.15
CA TYR ED 39 -39.35 51.92 -13.39
C TYR ED 39 -40.01 53.25 -13.08
N ILE ED 40 -39.90 54.19 -14.00
CA ILE ED 40 -40.56 55.48 -13.87
C ILE ED 40 -41.57 55.62 -15.01
N LYS ED 41 -42.79 55.98 -14.66
CA LYS ED 41 -43.87 56.06 -15.63
C LYS ED 41 -44.00 57.49 -16.14
N GLY ED 42 -44.06 57.64 -17.45
CA GLY ED 42 -44.23 58.94 -18.05
C GLY ED 42 -45.20 58.88 -19.20
N ILE ED 43 -45.91 59.97 -19.40
CA ILE ED 43 -46.91 60.07 -20.45
C ILE ED 43 -46.34 60.96 -21.55
N VAL ED 44 -46.62 60.60 -22.79
CA VAL ED 44 -46.26 61.43 -23.93
C VAL ED 44 -47.40 62.39 -24.17
N LYS ED 45 -47.08 63.61 -24.59
CA LYS ED 45 -48.09 64.63 -24.80
C LYS ED 45 -48.34 64.91 -26.27
N ASP ED 46 -47.28 64.94 -27.08
CA ASP ED 46 -47.44 65.22 -28.50
C ASP ED 46 -46.30 64.57 -29.27
N ILE ED 47 -46.57 64.24 -30.53
CA ILE ED 47 -45.58 63.68 -31.45
C ILE ED 47 -45.28 64.76 -32.48
N ILE ED 48 -44.00 65.10 -32.61
CA ILE ED 48 -43.56 66.21 -33.46
C ILE ED 48 -42.76 65.67 -34.62
N HIS ED 49 -42.65 66.50 -35.66
CA HIS ED 49 -41.85 66.19 -36.83
C HIS ED 49 -40.61 67.07 -36.85
N ASP ED 50 -39.47 66.48 -37.23
CA ASP ED 50 -38.22 67.22 -37.27
C ASP ED 50 -37.87 67.56 -38.71
N PRO ED 51 -37.40 68.77 -38.98
CA PRO ED 51 -36.85 69.05 -40.31
C PRO ED 51 -35.51 68.37 -40.49
N GLY ED 52 -35.36 67.67 -41.60
CA GLY ED 52 -34.09 67.08 -42.00
C GLY ED 52 -33.80 65.70 -41.48
N ARG ED 53 -34.62 65.16 -40.57
CA ARG ED 53 -34.42 63.83 -40.01
C ARG ED 53 -35.76 63.11 -40.00
N GLY ED 54 -36.42 63.07 -41.16
CA GLY ED 54 -37.81 62.69 -41.17
C GLY ED 54 -38.07 61.34 -40.57
N ALA ED 55 -38.54 61.39 -39.34
CA ALA ED 55 -39.01 60.30 -38.50
C ALA ED 55 -39.60 61.00 -37.28
N PRO ED 56 -40.79 60.63 -36.86
CA PRO ED 56 -41.43 61.38 -35.78
C PRO ED 56 -40.72 61.22 -34.46
N LEU ED 57 -40.92 62.22 -33.60
CA LEU ED 57 -40.35 62.24 -32.27
C LEU ED 57 -41.48 62.39 -31.28
N ALA ED 58 -41.38 61.69 -30.17
CA ALA ED 58 -42.38 61.77 -29.11
C ALA ED 58 -41.90 62.76 -28.06
N LYS ED 59 -42.67 63.83 -27.87
CA LYS ED 59 -42.39 64.74 -26.76
C LYS ED 59 -43.01 64.07 -25.54
N VAL ED 60 -42.19 63.70 -24.58
CA VAL ED 60 -42.64 62.94 -23.42
C VAL ED 60 -42.24 63.70 -22.16
N VAL ED 61 -43.16 63.75 -21.20
CA VAL ED 61 -42.94 64.45 -19.94
C VAL ED 61 -42.72 63.42 -18.85
N PHE ED 62 -42.03 63.85 -17.79
CA PHE ED 62 -41.72 62.99 -16.67
C PHE ED 62 -41.83 63.77 -15.37
N ARG ED 63 -42.13 63.04 -14.30
CA ARG ED 63 -42.15 63.62 -12.96
C ARG ED 63 -40.78 63.48 -12.34
N ASP ED 64 -40.13 64.60 -12.06
CA ASP ED 64 -38.78 64.56 -11.49
C ASP ED 64 -38.84 63.94 -10.11
N PRO ED 65 -38.11 62.86 -9.86
CA PRO ED 65 -38.18 62.22 -8.55
C PRO ED 65 -37.19 62.80 -7.55
N TYR ED 66 -36.65 63.97 -7.85
CA TYR ED 66 -35.70 64.59 -6.94
C TYR ED 66 -36.09 65.99 -6.50
N ARG ED 67 -36.74 66.76 -7.37
CA ARG ED 67 -37.41 67.98 -6.94
C ARG ED 67 -38.71 68.11 -7.72
N PHE ED 68 -39.64 68.86 -7.14
CA PHE ED 68 -41.01 68.92 -7.64
C PHE ED 68 -41.04 69.74 -8.93
N LYS ED 69 -40.62 69.10 -10.02
CA LYS ED 69 -40.65 69.73 -11.34
C LYS ED 69 -41.09 68.69 -12.36
N LYS ED 70 -41.21 69.12 -13.62
CA LYS ED 70 -41.56 68.24 -14.73
C LYS ED 70 -40.43 68.27 -15.75
N ARG ED 71 -39.99 67.09 -16.14
CA ARG ED 71 -38.96 66.95 -17.17
C ARG ED 71 -39.62 66.49 -18.46
N THR ED 72 -39.29 67.15 -19.57
CA THR ED 72 -39.80 66.80 -20.87
C THR ED 72 -38.66 66.31 -21.76
N GLU ED 73 -38.85 65.15 -22.36
CA GLU ED 73 -37.82 64.52 -23.18
C GLU ED 73 -38.32 64.35 -24.61
N LEU ED 74 -37.39 63.96 -25.49
CA LEU ED 74 -37.57 63.97 -26.93
C LEU ED 74 -37.27 62.59 -27.50
N PHE ED 75 -37.91 61.56 -26.93
CA PHE ED 75 -37.66 60.20 -27.38
C PHE ED 75 -37.97 60.05 -28.87
N ILE ED 76 -37.16 59.23 -29.54
CA ILE ED 76 -37.50 58.80 -30.89
C ILE ED 76 -38.84 58.08 -30.84
N ALA ED 77 -39.73 58.41 -31.77
CA ALA ED 77 -41.07 57.87 -31.73
C ALA ED 77 -41.05 56.44 -32.26
N ALA ED 78 -41.30 55.47 -31.40
CA ALA ED 78 -41.50 54.11 -31.88
C ALA ED 78 -42.85 54.04 -32.61
N GLU ED 79 -42.88 53.31 -33.75
CA GLU ED 79 -44.14 52.87 -34.37
C GLU ED 79 -45.25 52.45 -33.42
N GLY ED 80 -46.43 53.02 -33.63
CA GLY ED 80 -47.64 52.58 -32.97
C GLY ED 80 -47.88 53.23 -31.63
N ILE ED 81 -47.14 54.27 -31.28
CA ILE ED 81 -47.29 54.94 -29.99
C ILE ED 81 -48.00 56.25 -30.20
N HIS ED 82 -48.91 56.58 -29.29
CA HIS ED 82 -49.81 57.71 -29.46
C HIS ED 82 -49.82 58.56 -28.20
N THR ED 83 -50.37 59.76 -28.33
CA THR ED 83 -50.53 60.63 -27.18
C THR ED 83 -51.50 60.03 -26.19
N GLY ED 84 -51.26 60.29 -24.91
CA GLY ED 84 -52.20 59.91 -23.88
C GLY ED 84 -51.90 58.64 -23.13
N GLN ED 85 -51.00 57.80 -23.63
CA GLN ED 85 -50.66 56.57 -22.95
C GLN ED 85 -49.35 56.74 -22.19
N PHE ED 86 -49.22 56.00 -21.10
CA PHE ED 86 -48.04 56.12 -20.25
C PHE ED 86 -46.93 55.22 -20.78
N VAL ED 87 -45.71 55.72 -20.76
CA VAL ED 87 -44.54 54.93 -21.07
C VAL ED 87 -43.72 54.76 -19.80
N TYR ED 88 -42.92 53.71 -19.77
CA TYR ED 88 -42.17 53.32 -18.58
C TYR ED 88 -40.73 53.03 -18.97
N CYS ED 89 -39.81 53.58 -18.18
CA CYS ED 89 -38.39 53.32 -18.37
C CYS ED 89 -37.82 52.74 -17.10
N GLY ED 90 -36.97 51.73 -17.25
CA GLY ED 90 -36.35 51.05 -16.13
C GLY ED 90 -36.34 49.55 -16.31
N LYS ED 91 -35.52 48.90 -15.49
CA LYS ED 91 -35.33 47.47 -15.58
C LYS ED 91 -36.55 46.67 -15.16
N LYS ED 92 -37.53 47.29 -14.50
CA LYS ED 92 -38.70 46.59 -14.01
C LYS ED 92 -39.94 46.85 -14.85
N ALA ED 93 -39.79 47.58 -15.95
CA ALA ED 93 -40.90 47.88 -16.83
C ALA ED 93 -41.11 46.70 -17.78
N GLN ED 94 -42.27 46.07 -17.70
CA GLN ED 94 -42.56 44.96 -18.60
C GLN ED 94 -42.59 45.47 -20.03
N LEU ED 95 -42.25 44.58 -20.96
CA LEU ED 95 -42.06 44.99 -22.35
C LEU ED 95 -43.42 45.29 -22.96
N ASN ED 96 -43.74 46.57 -23.02
CA ASN ED 96 -44.83 47.10 -23.80
C ASN ED 96 -44.24 48.09 -24.80
N ILE ED 97 -44.69 48.01 -26.05
CA ILE ED 97 -43.99 48.68 -27.14
C ILE ED 97 -43.81 50.15 -26.81
N GLY ED 98 -42.57 50.60 -26.86
CA GLY ED 98 -42.19 51.93 -26.46
C GLY ED 98 -41.49 52.02 -25.12
N ASN ED 99 -41.61 51.00 -24.28
CA ASN ED 99 -40.97 51.05 -22.97
C ASN ED 99 -39.46 50.94 -23.10
N VAL ED 100 -38.76 51.37 -22.06
CA VAL ED 100 -37.31 51.42 -22.04
C VAL ED 100 -36.80 50.53 -20.91
N LEU ED 101 -35.81 49.69 -21.22
CA LEU ED 101 -35.24 48.79 -20.24
C LEU ED 101 -33.89 48.33 -20.76
N PRO ED 102 -32.97 47.95 -19.87
CA PRO ED 102 -31.65 47.49 -20.32
C PRO ED 102 -31.73 46.16 -21.06
N VAL ED 103 -30.80 45.98 -22.00
CA VAL ED 103 -30.77 44.75 -22.79
C VAL ED 103 -30.45 43.54 -21.91
N GLY ED 104 -29.87 43.76 -20.73
CA GLY ED 104 -29.67 42.66 -19.82
C GLY ED 104 -30.96 41.99 -19.38
N THR ED 105 -32.10 42.66 -19.53
CA THR ED 105 -33.37 42.13 -19.09
C THR ED 105 -34.29 41.72 -20.24
N MET ED 106 -34.04 42.19 -21.47
CA MET ED 106 -35.06 41.65 -22.36
C MET ED 106 -34.70 40.26 -22.85
N PRO ED 107 -35.71 39.47 -23.23
CA PRO ED 107 -35.44 38.14 -23.78
C PRO ED 107 -34.72 38.21 -25.11
N GLU ED 108 -34.38 37.03 -25.64
CA GLU ED 108 -33.53 36.95 -26.83
C GLU ED 108 -34.33 36.92 -28.12
N GLY ED 109 -35.32 37.78 -28.28
CA GLY ED 109 -35.96 37.88 -29.58
C GLY ED 109 -36.49 39.26 -29.87
N THR ED 110 -36.21 40.22 -28.99
CA THR ED 110 -36.91 41.48 -29.03
C THR ED 110 -36.40 42.35 -30.19
N ILE ED 111 -37.23 43.31 -30.57
CA ILE ED 111 -36.90 44.26 -31.62
C ILE ED 111 -36.89 45.64 -31.00
N VAL ED 112 -35.72 46.26 -30.94
CA VAL ED 112 -35.56 47.57 -30.35
C VAL ED 112 -35.08 48.53 -31.43
N CYS ED 113 -35.27 49.82 -31.17
CA CYS ED 113 -35.00 50.79 -32.21
C CYS ED 113 -34.34 52.06 -31.69
N CYS ED 114 -33.62 51.98 -30.57
CA CYS ED 114 -32.72 53.07 -30.15
C CYS ED 114 -31.78 52.46 -29.12
N LEU ED 115 -30.50 52.39 -29.46
CA LEU ED 115 -29.56 51.63 -28.64
C LEU ED 115 -28.52 52.53 -28.01
N GLU ED 116 -27.89 51.99 -26.97
CA GLU ED 116 -26.79 52.63 -26.26
C GLU ED 116 -25.49 52.03 -26.74
N GLU ED 117 -24.68 52.83 -27.44
CA GLU ED 117 -23.35 52.34 -27.82
C GLU ED 117 -22.49 52.11 -26.57
N LYS ED 118 -22.65 52.97 -25.58
CA LYS ED 118 -22.00 52.81 -24.30
C LYS ED 118 -23.05 52.71 -23.19
N PRO ED 119 -22.80 51.93 -22.16
CA PRO ED 119 -23.80 51.78 -21.10
C PRO ED 119 -23.87 53.00 -20.19
N GLY ED 120 -24.65 54.00 -20.60
CA GLY ED 120 -24.79 55.21 -19.83
C GLY ED 120 -24.94 56.44 -20.69
N ASP ED 121 -24.76 56.28 -21.99
CA ASP ED 121 -24.98 57.37 -22.94
C ASP ED 121 -26.46 57.50 -23.24
N ARG ED 122 -26.79 58.22 -24.30
CA ARG ED 122 -28.13 58.24 -24.86
C ARG ED 122 -28.14 57.47 -26.17
N GLY ED 123 -29.30 57.47 -26.82
CA GLY ED 123 -29.52 56.66 -28.00
C GLY ED 123 -28.64 57.00 -29.19
N LYS ED 124 -27.95 56.00 -29.73
CA LYS ED 124 -27.04 56.26 -30.83
C LYS ED 124 -27.23 55.28 -31.97
N LEU ED 125 -27.71 54.08 -31.69
CA LEU ED 125 -27.76 53.03 -32.71
C LEU ED 125 -29.19 52.81 -33.17
N ALA ED 126 -29.34 52.66 -34.49
CA ALA ED 126 -30.61 52.33 -35.13
C ALA ED 126 -31.68 53.37 -34.79
N ARG ED 127 -31.42 54.62 -35.20
CA ARG ED 127 -32.36 55.70 -34.98
C ARG ED 127 -33.01 56.21 -36.25
N ALA ED 128 -32.61 55.71 -37.42
CA ALA ED 128 -33.17 56.19 -38.68
C ALA ED 128 -34.61 55.69 -38.82
N SER ED 129 -35.34 56.27 -39.79
CA SER ED 129 -36.76 56.00 -39.95
C SER ED 129 -36.99 54.59 -40.50
N GLY ED 130 -37.87 53.84 -39.85
CA GLY ED 130 -38.28 52.54 -40.31
C GLY ED 130 -37.35 51.38 -40.05
N ASN ED 131 -36.22 51.57 -39.38
CA ASN ED 131 -35.34 50.44 -39.11
C ASN ED 131 -35.34 50.13 -37.62
N TYR ED 132 -34.55 49.13 -37.24
CA TYR ED 132 -34.60 48.63 -35.87
C TYR ED 132 -33.36 47.79 -35.60
N ALA ED 133 -33.33 47.16 -34.43
CA ALA ED 133 -32.28 46.25 -34.04
C ALA ED 133 -32.89 45.04 -33.36
N THR ED 134 -32.20 43.91 -33.45
CA THR ED 134 -32.67 42.66 -32.86
C THR ED 134 -31.67 42.19 -31.81
N VAL ED 135 -32.18 41.81 -30.64
CA VAL ED 135 -31.35 41.27 -29.57
C VAL ED 135 -31.08 39.82 -29.89
N ILE ED 136 -29.82 39.50 -30.22
CA ILE ED 136 -29.49 38.14 -30.64
C ILE ED 136 -29.36 37.23 -29.44
N SER ED 137 -28.44 37.52 -28.53
CA SER ED 137 -28.16 36.61 -27.42
C SER ED 137 -27.56 37.36 -26.25
N HIS ED 138 -27.91 36.92 -25.05
CA HIS ED 138 -27.27 37.39 -23.83
C HIS ED 138 -26.17 36.42 -23.43
N ASN ED 139 -25.51 36.73 -22.33
CA ASN ED 139 -24.76 35.76 -21.56
C ASN ED 139 -24.69 36.27 -20.12
N PRO ED 140 -25.07 35.45 -19.14
CA PRO ED 140 -25.11 35.94 -17.76
C PRO ED 140 -23.76 36.43 -17.28
N GLU ED 141 -22.68 35.81 -17.72
CA GLU ED 141 -21.36 36.30 -17.39
C GLU ED 141 -21.07 37.58 -18.17
N THR ED 142 -20.12 38.36 -17.65
CA THR ED 142 -19.52 39.56 -18.23
C THR ED 142 -20.55 40.57 -18.73
N LYS ED 143 -21.82 40.41 -18.37
CA LYS ED 143 -22.88 41.37 -18.66
C LYS ED 143 -22.79 41.86 -20.11
N LYS ED 144 -22.69 40.91 -21.03
CA LYS ED 144 -22.55 41.22 -22.43
C LYS ED 144 -23.76 40.70 -23.20
N THR ED 145 -24.07 41.37 -24.30
CA THR ED 145 -25.19 40.99 -25.14
C THR ED 145 -24.81 41.15 -26.60
N ARG ED 146 -25.19 40.18 -27.42
CA ARG ED 146 -24.99 40.24 -28.86
C ARG ED 146 -26.27 40.71 -29.51
N VAL ED 147 -26.17 41.71 -30.39
CA VAL ED 147 -27.33 42.35 -30.97
C VAL ED 147 -27.17 42.42 -32.49
N LYS ED 148 -28.31 42.55 -33.16
CA LYS ED 148 -28.37 42.60 -34.61
C LYS ED 148 -28.57 44.05 -35.05
N LEU ED 149 -27.70 44.52 -35.90
CA LEU ED 149 -27.78 45.89 -36.37
C LEU ED 149 -28.58 45.98 -37.66
N PRO ED 150 -29.18 47.13 -37.95
CA PRO ED 150 -29.88 47.29 -39.23
C PRO ED 150 -28.98 47.05 -40.43
N SER ED 151 -27.70 47.38 -40.33
CA SER ED 151 -26.74 47.01 -41.37
C SER ED 151 -26.43 45.52 -41.37
N GLY ED 152 -27.03 44.76 -40.46
CA GLY ED 152 -26.78 43.33 -40.39
C GLY ED 152 -25.50 42.95 -39.68
N SER ED 153 -24.79 43.90 -39.11
CA SER ED 153 -23.54 43.63 -38.42
C SER ED 153 -23.82 43.13 -37.01
N LYS ED 154 -23.28 41.96 -36.67
CA LYS ED 154 -23.43 41.42 -35.34
C LYS ED 154 -22.43 42.09 -34.40
N LYS ED 155 -22.93 42.75 -33.37
CA LYS ED 155 -22.10 43.49 -32.45
C LYS ED 155 -22.42 43.08 -31.02
N VAL ED 156 -21.38 42.83 -30.25
CA VAL ED 156 -21.51 42.49 -28.84
C VAL ED 156 -21.46 43.78 -28.03
N ILE ED 157 -22.41 43.94 -27.10
CA ILE ED 157 -22.52 45.14 -26.29
C ILE ED 157 -22.72 44.72 -24.84
N SER ED 158 -22.44 45.65 -23.93
CA SER ED 158 -22.65 45.40 -22.51
C SER ED 158 -24.14 45.29 -22.23
N SER ED 159 -24.49 44.37 -21.32
CA SER ED 159 -25.89 44.13 -20.99
C SER ED 159 -26.56 45.33 -20.32
N ALA ED 160 -25.78 46.23 -19.73
CA ALA ED 160 -26.35 47.40 -19.07
C ALA ED 160 -26.97 48.39 -20.06
N ASN ED 161 -26.63 48.31 -21.34
CA ASN ED 161 -27.19 49.20 -22.32
C ASN ED 161 -28.71 49.04 -22.37
N ARG ED 162 -29.41 50.15 -22.52
CA ARG ED 162 -30.87 50.17 -22.53
C ARG ED 162 -31.36 50.47 -23.94
N ALA ED 163 -32.62 50.15 -24.20
CA ALA ED 163 -33.17 50.36 -25.53
C ALA ED 163 -34.69 50.49 -25.41
N VAL ED 164 -35.29 51.07 -26.44
CA VAL ED 164 -36.74 51.23 -26.52
C VAL ED 164 -37.29 50.09 -27.36
N VAL ED 165 -38.26 49.36 -26.80
CA VAL ED 165 -38.83 48.22 -27.51
C VAL ED 165 -39.75 48.71 -28.61
N GLY ED 166 -39.56 48.18 -29.80
CA GLY ED 166 -40.34 48.55 -30.96
C GLY ED 166 -39.47 48.92 -32.13
N VAL ED 167 -40.12 49.47 -33.16
CA VAL ED 167 -39.45 49.89 -34.38
C VAL ED 167 -39.69 51.39 -34.56
N VAL ED 168 -38.67 52.14 -34.99
CA VAL ED 168 -38.78 53.59 -35.15
C VAL ED 168 -39.90 54.00 -36.12
N ALA ED 169 -40.35 55.19 -35.91
CA ALA ED 169 -41.55 55.61 -36.57
C ALA ED 169 -41.23 56.02 -38.03
N GLY ED 170 -42.31 56.17 -38.87
CA GLY ED 170 -42.21 56.62 -40.23
C GLY ED 170 -42.08 55.57 -41.33
N GLY ED 171 -41.99 54.27 -41.03
CA GLY ED 171 -42.01 53.19 -42.05
C GLY ED 171 -41.05 53.38 -43.21
N GLY ED 172 -41.47 52.90 -44.38
CA GLY ED 172 -40.65 52.94 -45.58
C GLY ED 172 -40.73 54.26 -46.33
N ARG ED 173 -40.05 55.28 -45.80
CA ARG ED 173 -40.02 56.56 -46.50
C ARG ED 173 -39.37 56.43 -47.86
N ILE ED 174 -38.33 55.60 -47.99
CA ILE ED 174 -37.60 55.47 -49.24
C ILE ED 174 -38.42 54.88 -50.37
N ASP ED 175 -39.52 54.17 -50.06
CA ASP ED 175 -40.23 53.45 -51.10
C ASP ED 175 -40.87 54.38 -52.11
N LYS ED 176 -41.23 55.58 -51.70
CA LYS ED 176 -41.73 56.56 -52.67
C LYS ED 176 -40.56 57.15 -53.44
N PRO ED 177 -40.53 57.00 -54.75
CA PRO ED 177 -39.46 57.64 -55.53
C PRO ED 177 -39.66 59.14 -55.56
N ILE ED 178 -38.54 59.86 -55.70
CA ILE ED 178 -38.56 61.31 -55.55
C ILE ED 178 -39.36 61.95 -56.68
N LEU ED 179 -39.11 61.53 -57.92
CA LEU ED 179 -39.91 61.93 -59.09
C LEU ED 179 -39.79 63.40 -59.49
N LYS ED 180 -39.00 64.19 -58.77
CA LYS ED 180 -38.95 65.60 -59.12
C LYS ED 180 -37.71 66.23 -58.52
N ALA ED 181 -37.05 67.09 -59.30
CA ALA ED 181 -35.90 67.82 -58.79
C ALA ED 181 -36.29 68.67 -57.59
N GLY ED 182 -37.50 69.23 -57.61
CA GLY ED 182 -37.92 70.07 -56.52
C GLY ED 182 -38.04 69.33 -55.20
N ARG ED 183 -38.55 68.09 -55.25
CA ARG ED 183 -38.71 67.33 -54.01
C ARG ED 183 -37.37 67.06 -53.37
N ALA ED 184 -36.39 66.60 -54.15
CA ALA ED 184 -35.05 66.39 -53.60
C ALA ED 184 -34.44 67.70 -53.14
N TYR ED 185 -34.68 68.79 -53.89
CA TYR ED 185 -34.16 70.08 -53.50
C TYR ED 185 -34.67 70.50 -52.13
N HIS ED 186 -35.98 70.37 -51.91
CA HIS ED 186 -36.54 70.72 -50.61
C HIS ED 186 -36.02 69.78 -49.52
N LYS ED 187 -35.96 68.48 -49.81
CA LYS ED 187 -35.54 67.53 -48.80
C LYS ED 187 -34.12 67.80 -48.33
N TYR ED 188 -33.21 68.06 -49.26
CA TYR ED 188 -31.83 68.33 -48.89
C TYR ED 188 -31.64 69.74 -48.35
N LYS ED 189 -32.37 70.72 -48.89
CA LYS ED 189 -32.33 72.06 -48.33
C LYS ED 189 -32.69 72.03 -46.85
N ALA ED 190 -33.68 71.23 -46.48
CA ALA ED 190 -33.95 71.02 -45.07
C ALA ED 190 -32.78 70.37 -44.34
N LYS ED 191 -32.05 69.46 -45.01
CA LYS ED 191 -30.96 68.74 -44.35
C LYS ED 191 -29.65 69.51 -44.37
N ARG ED 192 -29.08 69.72 -45.54
CA ARG ED 192 -27.74 70.27 -45.67
C ARG ED 192 -27.44 70.53 -47.14
N ASN ED 193 -26.38 71.29 -47.38
CA ASN ED 193 -25.97 71.69 -48.73
C ASN ED 193 -25.16 70.56 -49.35
N CYS ED 194 -25.84 69.55 -49.87
CA CYS ED 194 -25.17 68.46 -50.54
C CYS ED 194 -25.88 67.95 -51.78
N TRP ED 195 -27.03 68.48 -52.14
CA TRP ED 195 -27.86 67.80 -53.14
C TRP ED 195 -27.31 67.89 -54.56
N PRO ED 196 -27.16 69.08 -55.16
CA PRO ED 196 -26.80 69.11 -56.58
C PRO ED 196 -25.38 68.60 -56.78
N ARG ED 197 -25.26 67.38 -57.28
CA ARG ED 197 -23.98 66.68 -57.29
C ARG ED 197 -23.47 66.61 -58.73
N VAL ED 198 -22.43 67.38 -59.01
CA VAL ED 198 -21.81 67.38 -60.32
C VAL ED 198 -20.84 66.21 -60.41
N ARG ED 199 -20.96 65.41 -61.46
CA ARG ED 199 -20.09 64.25 -61.63
C ARG ED 199 -18.65 64.69 -61.81
N GLY ED 200 -17.73 63.95 -61.20
CA GLY ED 200 -16.33 64.32 -61.29
C GLY ED 200 -15.77 64.20 -62.70
N VAL ED 201 -16.41 63.40 -63.55
CA VAL ED 201 -15.96 63.31 -64.93
C VAL ED 201 -16.17 64.64 -65.65
N ALA ED 202 -17.32 65.27 -65.44
CA ALA ED 202 -17.60 66.55 -66.09
C ALA ED 202 -16.76 67.68 -65.54
N MET ED 203 -15.86 67.40 -64.60
CA MET ED 203 -15.07 68.43 -63.94
C MET ED 203 -13.94 68.87 -64.86
N ASN ED 204 -13.02 69.65 -64.31
CA ASN ED 204 -11.74 69.96 -64.93
C ASN ED 204 -10.63 69.35 -64.09
N PRO ED 205 -9.52 68.94 -64.70
CA PRO ED 205 -8.51 68.19 -63.96
C PRO ED 205 -7.90 68.95 -62.79
N VAL ED 206 -8.29 70.20 -62.58
CA VAL ED 206 -7.69 71.02 -61.54
C VAL ED 206 -8.48 70.89 -60.25
N GLU ED 207 -9.72 70.45 -60.35
CA GLU ED 207 -10.59 70.30 -59.19
C GLU ED 207 -11.04 68.88 -58.96
N HIS ED 208 -10.57 67.91 -59.77
CA HIS ED 208 -10.99 66.53 -59.59
C HIS ED 208 -10.03 65.66 -60.38
N PRO ED 209 -9.63 64.50 -59.84
CA PRO ED 209 -8.70 63.63 -60.57
C PRO ED 209 -9.26 63.12 -61.87
N PHE ED 210 -10.57 63.14 -62.06
CA PHE ED 210 -11.17 62.61 -63.28
C PHE ED 210 -11.42 63.67 -64.33
N GLY ED 211 -11.41 64.95 -63.94
CA GLY ED 211 -11.82 65.99 -64.85
C GLY ED 211 -10.91 66.14 -66.04
N GLY ED 212 -11.47 66.69 -67.11
CA GLY ED 212 -10.74 66.91 -68.35
C GLY ED 212 -10.86 65.74 -69.30
N GLY ED 213 -10.22 65.90 -70.44
CA GLY ED 213 -10.29 64.92 -71.51
C GLY ED 213 -11.45 65.20 -72.45
N ASN ED 214 -11.14 65.10 -73.75
CA ASN ED 214 -12.14 65.39 -74.77
C ASN ED 214 -13.35 64.47 -74.68
N HIS ED 215 -13.17 63.27 -74.14
CA HIS ED 215 -14.28 62.37 -73.85
C HIS ED 215 -14.54 62.35 -72.36
N GLN ED 216 -15.80 62.28 -71.99
CA GLN ED 216 -16.14 62.11 -70.58
C GLN ED 216 -15.73 60.69 -70.18
N HIS ED 217 -14.55 60.57 -69.57
CA HIS ED 217 -14.03 59.27 -69.17
C HIS ED 217 -13.02 59.47 -68.05
N ILE ED 218 -12.89 58.44 -67.22
CA ILE ED 218 -12.00 58.53 -66.06
C ILE ED 218 -10.55 58.52 -66.52
N GLY ED 219 -10.18 57.59 -67.38
CA GLY ED 219 -8.80 57.46 -67.80
C GLY ED 219 -7.89 56.80 -66.80
N LYS ED 220 -8.37 56.47 -65.61
CA LYS ED 220 -7.61 55.73 -64.62
C LYS ED 220 -8.58 54.89 -63.81
N PRO ED 221 -8.10 53.83 -63.16
CA PRO ED 221 -9.00 52.97 -62.38
C PRO ED 221 -9.75 53.77 -61.32
N SER ED 222 -11.07 53.55 -61.27
CA SER ED 222 -11.90 54.30 -60.33
C SER ED 222 -11.63 53.86 -58.89
N THR ED 223 -11.51 52.56 -58.66
CA THR ED 223 -11.26 52.06 -57.32
C THR ED 223 -9.93 52.59 -56.79
N ILE ED 224 -9.94 53.06 -55.56
CA ILE ED 224 -8.78 53.74 -54.98
C ILE ED 224 -8.32 53.00 -53.74
N ARG ED 225 -7.00 52.95 -53.55
CA ARG ED 225 -6.43 52.36 -52.36
C ARG ED 225 -6.87 53.15 -51.13
N ARG ED 226 -7.06 52.42 -50.01
CA ARG ED 226 -7.75 52.99 -48.86
C ARG ED 226 -7.02 54.21 -48.31
N ASP ED 227 -5.70 54.14 -48.20
CA ASP ED 227 -4.93 55.20 -47.55
C ASP ED 227 -4.46 56.28 -48.51
N ALA ED 228 -5.13 56.46 -49.64
CA ALA ED 228 -4.72 57.50 -50.57
C ALA ED 228 -5.00 58.89 -49.96
N PRO ED 229 -4.20 59.89 -50.32
CA PRO ED 229 -4.33 61.20 -49.68
C PRO ED 229 -5.65 61.87 -50.00
N ALA ED 230 -6.09 62.74 -49.08
CA ALA ED 230 -7.30 63.51 -49.29
C ALA ED 230 -7.16 64.39 -50.52
N GLY ED 231 -8.23 64.48 -51.29
CA GLY ED 231 -8.22 65.17 -52.57
C GLY ED 231 -7.87 64.27 -53.74
N ARG ED 232 -7.19 63.16 -53.47
CA ARG ED 232 -6.94 62.15 -54.50
C ARG ED 232 -7.82 60.92 -54.35
N LYS ED 233 -8.03 60.44 -53.13
CA LYS ED 233 -8.94 59.32 -52.93
C LYS ED 233 -10.36 59.83 -53.10
N VAL ED 234 -10.99 59.40 -54.18
CA VAL ED 234 -12.33 59.80 -54.59
C VAL ED 234 -12.96 58.61 -55.29
N GLY ED 235 -14.22 58.76 -55.69
CA GLY ED 235 -14.85 57.70 -56.45
C GLY ED 235 -15.13 56.49 -55.60
N LEU ED 236 -14.43 55.40 -55.91
CA LEU ED 236 -14.70 54.10 -55.30
C LEU ED 236 -13.60 53.79 -54.30
N ILE ED 237 -13.93 53.80 -53.01
CA ILE ED 237 -12.92 53.76 -51.96
C ILE ED 237 -12.77 52.35 -51.44
N ALA ED 238 -11.54 51.81 -51.57
CA ALA ED 238 -11.15 50.56 -50.93
C ALA ED 238 -12.15 49.44 -51.18
N ALA ED 239 -12.67 49.40 -52.40
CA ALA ED 239 -13.72 48.45 -52.74
C ALA ED 239 -13.18 47.03 -52.67
N ARG ED 240 -13.95 46.13 -52.05
CA ARG ED 240 -13.56 44.73 -52.03
C ARG ED 240 -13.95 44.04 -53.33
N ARG ED 241 -15.02 44.48 -53.98
CA ARG ED 241 -15.44 43.92 -55.25
C ARG ED 241 -16.31 44.93 -55.97
N THR ED 242 -16.49 44.72 -57.28
CA THR ED 242 -17.27 45.60 -58.12
C THR ED 242 -18.22 44.75 -58.96
N GLY ED 243 -19.04 45.42 -59.76
CA GLY ED 243 -19.99 44.73 -60.59
C GLY ED 243 -21.40 44.80 -60.06
N ARG ED 244 -22.29 44.05 -60.71
CA ARG ED 244 -23.71 44.11 -60.38
C ARG ED 244 -24.03 43.48 -59.03
N LEU ED 245 -23.09 42.77 -58.44
CA LEU ED 245 -23.29 42.11 -57.14
C LEU ED 245 -24.48 41.15 -57.19
N ARG ED 246 -24.33 40.12 -58.02
CA ARG ED 246 -25.33 39.05 -58.14
C ARG ED 246 -24.90 37.90 -57.25
N GLY ED 247 -25.71 37.58 -56.26
CA GLY ED 247 -25.38 36.53 -55.32
C GLY ED 247 -25.80 36.82 -53.89
N THR ED 248 -25.93 38.11 -53.56
CA THR ED 248 -26.30 38.51 -52.21
C THR ED 248 -26.97 39.87 -52.21
N SER FD 1 -10.06 89.33 -111.98
CA SER FD 1 -9.51 87.99 -112.09
C SER FD 1 -10.57 87.03 -112.59
N HIS FD 2 -10.86 87.09 -113.89
CA HIS FD 2 -11.82 86.18 -114.52
C HIS FD 2 -13.18 86.32 -113.82
N ARG FD 3 -13.80 87.47 -114.07
CA ARG FD 3 -15.03 87.88 -113.40
C ARG FD 3 -16.11 86.80 -113.42
N LYS FD 4 -15.93 85.80 -114.27
CA LYS FD 4 -16.66 84.53 -114.23
C LYS FD 4 -18.11 84.67 -114.68
N PHE FD 5 -18.56 85.90 -114.91
CA PHE FD 5 -19.92 86.10 -115.41
C PHE FD 5 -19.92 87.41 -116.20
N SER FD 6 -19.77 87.30 -117.52
CA SER FD 6 -19.74 88.48 -118.36
C SER FD 6 -21.13 89.09 -118.46
N ALA FD 7 -21.21 90.40 -118.23
CA ALA FD 7 -22.46 91.12 -118.33
C ALA FD 7 -22.20 92.45 -119.00
N PRO FD 8 -23.15 92.96 -119.77
CA PRO FD 8 -23.00 94.29 -120.34
C PRO FD 8 -22.94 95.35 -119.25
N ARG FD 9 -22.00 96.27 -119.41
CA ARG FD 9 -21.79 97.30 -118.41
C ARG FD 9 -22.97 98.26 -118.37
N HIS FD 10 -23.01 99.08 -117.32
CA HIS FD 10 -24.07 100.05 -117.14
C HIS FD 10 -23.67 101.38 -117.77
N GLY FD 11 -24.62 102.03 -118.43
CA GLY FD 11 -24.44 103.39 -118.88
C GLY FD 11 -23.52 103.52 -120.07
N SER FD 12 -23.74 104.60 -120.84
CA SER FD 12 -22.97 104.87 -122.04
C SER FD 12 -21.71 105.64 -121.68
N LEU FD 13 -20.56 105.07 -122.04
CA LEU FD 13 -19.30 105.79 -121.86
C LEU FD 13 -19.22 107.04 -122.71
N GLY FD 14 -20.02 107.13 -123.78
CA GLY FD 14 -20.03 108.30 -124.63
C GLY FD 14 -20.91 109.43 -124.17
N PHE FD 15 -21.62 109.27 -123.06
CA PHE FD 15 -22.56 110.28 -122.59
C PHE FD 15 -22.18 110.83 -121.22
N LEU FD 16 -20.98 110.56 -120.73
CA LEU FD 16 -20.84 110.76 -119.30
C LEU FD 16 -19.82 111.81 -118.89
N PRO FD 17 -19.82 113.01 -119.45
CA PRO FD 17 -19.68 114.17 -118.58
C PRO FD 17 -21.05 114.42 -118.00
N ARG FD 18 -21.26 113.97 -116.77
CA ARG FD 18 -22.61 113.86 -116.23
C ARG FD 18 -22.96 115.10 -115.40
N LYS FD 19 -22.83 116.24 -116.06
CA LYS FD 19 -23.03 117.54 -115.45
C LYS FD 19 -24.28 118.19 -116.04
N ARG FD 20 -24.79 119.19 -115.31
CA ARG FD 20 -25.89 119.96 -115.85
C ARG FD 20 -25.44 120.67 -117.12
N SER FD 21 -26.34 120.74 -118.10
CA SER FD 21 -25.99 121.34 -119.37
C SER FD 21 -25.54 122.78 -119.19
N SER FD 22 -24.48 123.16 -119.90
CA SER FD 22 -23.96 124.53 -119.80
C SER FD 22 -24.92 125.56 -120.37
N ARG FD 23 -25.88 125.15 -121.19
CA ARG FD 23 -26.84 126.07 -121.78
C ARG FD 23 -28.24 125.60 -121.44
N HIS FD 24 -29.17 126.54 -121.46
CA HIS FD 24 -30.57 126.25 -121.18
C HIS FD 24 -31.36 125.94 -122.44
N ARG FD 25 -31.02 126.56 -123.57
CA ARG FD 25 -31.77 126.38 -124.80
C ARG FD 25 -31.49 125.02 -125.44
N GLY FD 26 -30.23 124.78 -125.81
CA GLY FD 26 -29.88 123.60 -126.56
C GLY FD 26 -29.33 123.94 -127.92
N LYS FD 27 -28.01 123.77 -128.10
CA LYS FD 27 -27.32 124.22 -129.29
C LYS FD 27 -27.37 123.15 -130.37
N VAL FD 28 -27.37 123.60 -131.63
CA VAL FD 28 -27.53 122.68 -132.75
C VAL FD 28 -26.35 121.72 -132.84
N LYS FD 29 -25.13 122.26 -132.81
CA LYS FD 29 -23.88 121.48 -132.82
C LYS FD 29 -23.63 120.74 -134.13
N SER FD 30 -24.60 120.74 -135.04
CA SER FD 30 -24.40 120.06 -136.32
C SER FD 30 -25.48 120.52 -137.30
N PHE FD 31 -25.08 121.15 -138.32
CA PHE FD 31 -26.10 121.47 -139.31
C PHE FD 31 -25.99 120.53 -140.51
N PRO FD 32 -27.10 120.24 -141.19
CA PRO FD 32 -27.03 119.37 -142.35
C PRO FD 32 -26.11 119.92 -143.41
N LYS FD 33 -25.37 119.03 -144.05
CA LYS FD 33 -24.37 119.43 -145.04
C LYS FD 33 -25.05 120.10 -146.22
N ASP FD 34 -24.76 121.38 -146.42
CA ASP FD 34 -25.40 122.13 -147.48
C ASP FD 34 -24.93 121.67 -148.85
N ASP FD 35 -25.83 121.80 -149.82
CA ASP FD 35 -25.52 121.65 -151.23
C ASP FD 35 -26.39 122.63 -152.00
N PRO FD 36 -25.80 123.38 -152.94
CA PRO FD 36 -26.54 124.47 -153.58
C PRO FD 36 -27.72 124.02 -154.43
N SER FD 37 -27.78 122.74 -154.78
CA SER FD 37 -28.82 122.26 -155.68
C SER FD 37 -30.21 122.53 -155.12
N LYS FD 38 -30.39 122.35 -153.81
CA LYS FD 38 -31.69 122.56 -153.20
C LYS FD 38 -32.04 124.05 -153.21
N PRO FD 39 -33.33 124.37 -153.19
CA PRO FD 39 -33.73 125.77 -153.01
C PRO FD 39 -33.37 126.24 -151.61
N VAL FD 40 -33.31 127.55 -151.46
CA VAL FD 40 -32.94 128.17 -150.19
C VAL FD 40 -34.01 127.82 -149.16
N HIS FD 41 -33.58 127.38 -147.98
CA HIS FD 41 -34.52 126.99 -146.94
C HIS FD 41 -33.82 127.07 -145.59
N LEU FD 42 -34.62 127.02 -144.54
CA LEU FD 42 -34.09 126.98 -143.18
C LEU FD 42 -33.88 125.55 -142.73
N THR FD 43 -33.16 125.40 -141.62
CA THR FD 43 -32.82 124.08 -141.09
C THR FD 43 -33.18 123.94 -139.62
N ALA FD 44 -33.67 124.99 -138.98
CA ALA FD 44 -33.87 124.93 -137.54
C ALA FD 44 -35.05 125.81 -137.14
N PHE FD 45 -35.59 125.51 -135.96
CA PHE FD 45 -36.72 126.24 -135.40
C PHE FD 45 -36.69 126.04 -133.88
N LEU FD 46 -37.44 126.87 -133.18
CA LEU FD 46 -37.61 126.72 -131.74
C LEU FD 46 -38.90 125.99 -131.45
N GLY FD 47 -39.00 125.44 -130.25
CA GLY FD 47 -40.20 124.76 -129.82
C GLY FD 47 -40.32 124.79 -128.32
N TYR FD 48 -41.53 124.52 -127.85
CA TYR FD 48 -41.82 124.46 -126.43
C TYR FD 48 -42.70 123.26 -126.15
N LYS FD 49 -42.28 122.42 -125.21
CA LYS FD 49 -43.06 121.23 -124.85
C LYS FD 49 -44.25 121.67 -124.01
N ALA FD 50 -45.38 121.93 -124.67
CA ALA FD 50 -46.59 122.28 -123.93
C ALA FD 50 -47.16 121.07 -123.22
N GLY FD 51 -47.22 119.94 -123.91
CA GLY FD 51 -47.81 118.75 -123.35
C GLY FD 51 -47.79 117.66 -124.38
N MET FD 52 -48.37 116.52 -124.03
CA MET FD 52 -48.39 115.40 -124.96
C MET FD 52 -49.61 114.54 -124.69
N THR FD 53 -50.05 113.84 -125.74
CA THR FD 53 -51.25 113.01 -125.66
C THR FD 53 -51.09 111.85 -126.63
N HIS FD 54 -52.20 111.21 -126.95
CA HIS FD 54 -52.21 110.10 -127.89
C HIS FD 54 -53.22 110.39 -129.00
N ILE FD 55 -52.97 109.78 -130.15
CA ILE FD 55 -53.86 109.87 -131.30
C ILE FD 55 -54.04 108.48 -131.88
N VAL FD 56 -55.13 108.29 -132.60
CA VAL FD 56 -55.42 107.04 -133.29
C VAL FD 56 -55.38 107.27 -134.78
N ARG FD 57 -54.84 106.31 -135.52
CA ARG FD 57 -54.69 106.49 -136.96
C ARG FD 57 -54.78 105.14 -137.65
N GLU FD 58 -55.01 105.19 -138.96
CA GLU FD 58 -54.87 104.02 -139.80
C GLU FD 58 -53.41 103.83 -140.18
N VAL FD 59 -53.01 102.58 -140.36
CA VAL FD 59 -51.61 102.23 -140.62
C VAL FD 59 -51.52 101.52 -141.97
N ASP FD 60 -50.67 102.05 -142.84
CA ASP FD 60 -50.38 101.45 -144.14
C ASP FD 60 -48.94 100.95 -144.09
N ARG FD 61 -48.77 99.71 -143.62
CA ARG FD 61 -47.46 99.09 -143.56
C ARG FD 61 -47.58 97.68 -144.12
N PRO FD 62 -47.44 97.53 -145.44
CA PRO FD 62 -47.51 96.18 -146.03
C PRO FD 62 -46.45 95.27 -145.44
N GLY FD 63 -46.84 94.01 -145.24
CA GLY FD 63 -45.99 93.05 -144.58
C GLY FD 63 -46.06 93.08 -143.07
N SER FD 64 -46.82 94.00 -142.49
CA SER FD 64 -46.95 94.11 -141.05
C SER FD 64 -48.32 93.60 -140.60
N LYS FD 65 -48.35 93.05 -139.39
CA LYS FD 65 -49.60 92.59 -138.81
C LYS FD 65 -50.56 93.73 -138.55
N VAL FD 66 -50.07 94.97 -138.52
CA VAL FD 66 -50.90 96.13 -138.26
C VAL FD 66 -51.35 96.80 -139.57
N ASN FD 67 -51.24 96.09 -140.69
CA ASN FD 67 -51.61 96.67 -141.97
C ASN FD 67 -53.11 96.93 -142.02
N LYS FD 68 -53.49 98.14 -142.44
CA LYS FD 68 -54.90 98.54 -142.56
C LYS FD 68 -55.66 98.28 -141.26
N LYS FD 69 -55.06 98.67 -140.14
CA LYS FD 69 -55.65 98.47 -138.82
C LYS FD 69 -55.43 99.71 -137.98
N GLU FD 70 -56.47 100.11 -137.25
CA GLU FD 70 -56.37 101.29 -136.40
C GLU FD 70 -55.44 101.01 -135.22
N VAL FD 71 -54.50 101.91 -134.98
CA VAL FD 71 -53.64 101.87 -133.82
C VAL FD 71 -53.60 103.25 -133.19
N VAL FD 72 -53.21 103.29 -131.92
CA VAL FD 72 -53.10 104.53 -131.17
C VAL FD 72 -51.65 104.73 -130.77
N GLU FD 73 -51.13 105.92 -131.03
CA GLU FD 73 -49.74 106.24 -130.70
C GLU FD 73 -49.70 107.51 -129.88
N ALA FD 74 -48.82 107.52 -128.88
CA ALA FD 74 -48.59 108.71 -128.08
C ALA FD 74 -47.91 109.78 -128.91
N VAL FD 75 -48.34 111.02 -128.75
CA VAL FD 75 -47.80 112.13 -129.51
C VAL FD 75 -47.51 113.30 -128.57
N THR FD 76 -46.50 114.07 -128.91
CA THR FD 76 -46.04 115.19 -128.11
C THR FD 76 -46.32 116.50 -128.82
N ILE FD 77 -46.86 117.47 -128.10
CA ILE FD 77 -47.30 118.73 -128.66
C ILE FD 77 -46.22 119.77 -128.41
N VAL FD 78 -45.74 120.40 -129.48
CA VAL FD 78 -44.72 121.43 -129.40
C VAL FD 78 -45.32 122.73 -129.91
N GLU FD 79 -45.33 123.75 -129.07
CA GLU FD 79 -45.85 125.06 -129.45
C GLU FD 79 -44.84 125.73 -130.36
N THR FD 80 -45.27 126.14 -131.55
CA THR FD 80 -44.38 126.71 -132.57
C THR FD 80 -44.99 128.01 -133.10
N PRO FD 81 -44.95 129.08 -132.32
CA PRO FD 81 -45.37 130.38 -132.85
C PRO FD 81 -44.40 130.85 -133.92
N PRO FD 82 -44.86 131.70 -134.85
CA PRO FD 82 -44.00 132.11 -135.95
C PRO FD 82 -42.72 132.78 -135.49
N MET FD 83 -41.65 132.52 -136.24
CA MET FD 83 -40.31 132.99 -135.90
C MET FD 83 -40.07 134.37 -136.51
N VAL FD 84 -39.17 135.13 -135.89
CA VAL FD 84 -38.84 136.49 -136.33
C VAL FD 84 -37.36 136.54 -136.62
N VAL FD 85 -37.00 137.06 -137.79
CA VAL FD 85 -35.62 137.18 -138.22
C VAL FD 85 -35.11 138.57 -137.89
N VAL FD 86 -34.00 138.66 -137.16
CA VAL FD 86 -33.43 139.94 -136.78
C VAL FD 86 -31.97 140.09 -137.19
N GLY FD 87 -31.25 139.01 -137.49
CA GLY FD 87 -29.84 139.14 -137.77
C GLY FD 87 -29.34 138.06 -138.71
N ILE FD 88 -28.23 138.39 -139.38
CA ILE FD 88 -27.55 137.49 -140.30
C ILE FD 88 -26.09 137.42 -139.87
N VAL FD 89 -25.56 136.20 -139.76
CA VAL FD 89 -24.18 135.98 -139.38
C VAL FD 89 -23.47 135.25 -140.51
N GLY FD 90 -22.24 135.67 -140.80
CA GLY FD 90 -21.42 135.04 -141.80
C GLY FD 90 -20.21 134.39 -141.18
N TYR FD 91 -19.89 133.18 -141.66
CA TYR FD 91 -18.75 132.43 -141.18
C TYR FD 91 -17.73 132.27 -142.31
N VAL FD 92 -16.47 132.12 -141.92
CA VAL FD 92 -15.39 131.86 -142.88
C VAL FD 92 -14.65 130.61 -142.42
N GLU FD 93 -14.45 129.69 -143.35
CA GLU FD 93 -13.66 128.51 -143.05
C GLU FD 93 -12.19 128.87 -142.91
N THR FD 94 -11.57 128.39 -141.85
CA THR FD 94 -10.17 128.66 -141.55
C THR FD 94 -9.47 127.33 -141.32
N PRO FD 95 -8.15 127.29 -141.50
CA PRO FD 95 -7.40 126.10 -141.10
C PRO FD 95 -7.59 125.72 -139.65
N ARG FD 96 -8.02 126.66 -138.80
CA ARG FD 96 -8.32 126.37 -137.40
C ARG FD 96 -9.78 126.03 -137.18
N GLY FD 97 -10.58 125.94 -138.25
CA GLY FD 97 -12.00 125.67 -138.13
C GLY FD 97 -12.83 126.79 -138.72
N LEU FD 98 -13.96 127.05 -138.09
CA LEU FD 98 -14.90 128.07 -138.55
C LEU FD 98 -14.80 129.30 -137.65
N ARG FD 99 -14.63 130.46 -138.26
CA ARG FD 99 -14.58 131.73 -137.54
C ARG FD 99 -15.72 132.61 -138.03
N THR FD 100 -16.43 133.22 -137.09
CA THR FD 100 -17.44 134.21 -137.44
C THR FD 100 -16.79 135.37 -138.18
N PHE FD 101 -17.24 135.63 -139.40
CA PHE FD 101 -16.67 136.73 -140.16
C PHE FD 101 -17.23 138.07 -139.70
N LYS FD 102 -18.53 138.27 -139.85
CA LYS FD 102 -19.16 139.50 -139.42
C LYS FD 102 -20.61 139.20 -139.08
N THR FD 103 -21.31 140.21 -138.57
CA THR FD 103 -22.71 140.08 -138.20
C THR FD 103 -23.44 141.36 -138.56
N VAL FD 104 -24.71 141.21 -138.94
CA VAL FD 104 -25.56 142.34 -139.30
C VAL FD 104 -26.91 142.17 -138.64
N PHE FD 105 -27.44 143.25 -138.09
CA PHE FD 105 -28.74 143.25 -137.44
C PHE FD 105 -29.66 144.27 -138.09
N ALA FD 106 -30.95 143.99 -138.01
CA ALA FD 106 -31.95 144.88 -138.56
C ALA FD 106 -32.34 145.93 -137.54
N GLU FD 107 -32.84 147.04 -138.05
CA GLU FD 107 -33.41 148.08 -137.22
C GLU FD 107 -34.76 147.63 -136.66
N HIS FD 108 -35.20 148.31 -135.60
CA HIS FD 108 -36.41 147.94 -134.84
C HIS FD 108 -36.34 146.50 -134.33
N ILE FD 109 -35.41 146.28 -133.41
CA ILE FD 109 -35.37 145.03 -132.67
C ILE FD 109 -36.60 144.92 -131.79
N SER FD 110 -37.22 143.74 -131.76
CA SER FD 110 -38.34 143.51 -130.87
C SER FD 110 -37.92 143.75 -129.42
N ASP FD 111 -38.73 144.52 -128.70
CA ASP FD 111 -38.40 144.81 -127.31
C ASP FD 111 -38.28 143.54 -126.49
N GLU FD 112 -39.11 142.54 -126.81
CA GLU FD 112 -38.95 141.22 -126.21
C GLU FD 112 -37.62 140.58 -126.57
N CYS FD 113 -37.10 140.86 -127.76
CA CYS FD 113 -35.80 140.30 -128.14
C CYS FD 113 -34.66 141.01 -127.42
N LYS FD 114 -34.75 142.33 -127.29
CA LYS FD 114 -33.77 143.05 -126.48
C LYS FD 114 -33.76 142.58 -125.04
N ARG FD 115 -34.88 142.08 -124.54
CA ARG FD 115 -34.94 141.56 -123.18
C ARG FD 115 -33.93 140.45 -122.97
N ARG FD 116 -33.63 139.67 -124.01
CA ARG FD 116 -32.60 138.64 -123.89
C ARG FD 116 -31.26 139.27 -123.53
N PHE FD 117 -30.91 140.38 -124.16
CA PHE FD 117 -29.62 141.01 -123.94
C PHE FD 117 -29.45 141.51 -122.51
N TYR FD 118 -30.54 141.67 -121.76
CA TYR FD 118 -30.48 142.18 -120.40
C TYR FD 118 -30.73 141.07 -119.40
N LYS FD 119 -29.76 140.85 -118.53
CA LYS FD 119 -29.98 139.99 -117.37
C LYS FD 119 -30.85 140.65 -116.32
N ASN FD 120 -31.12 141.94 -116.46
CA ASN FD 120 -32.09 142.61 -115.59
C ASN FD 120 -32.83 143.64 -116.45
N TRP FD 121 -33.96 143.22 -117.01
CA TRP FD 121 -34.79 144.14 -117.79
C TRP FD 121 -35.40 145.23 -116.92
N HIS FD 122 -35.75 144.90 -115.68
CA HIS FD 122 -36.47 145.83 -114.83
C HIS FD 122 -35.61 147.04 -114.48
N LYS FD 123 -34.40 146.80 -113.98
CA LYS FD 123 -33.57 147.92 -113.56
C LYS FD 123 -32.90 148.64 -114.72
N SER FD 124 -32.58 147.94 -115.79
CA SER FD 124 -31.94 148.60 -116.92
C SER FD 124 -32.91 149.57 -117.58
N LYS FD 125 -32.38 150.34 -118.52
CA LYS FD 125 -33.18 151.32 -119.26
C LYS FD 125 -33.21 151.01 -120.75
N LYS FD 126 -32.81 149.79 -121.12
CA LYS FD 126 -33.01 149.27 -122.48
C LYS FD 126 -32.33 150.17 -123.51
N LYS FD 127 -31.00 150.21 -123.42
CA LYS FD 127 -30.18 151.05 -124.30
C LYS FD 127 -29.51 150.25 -125.41
N ALA FD 128 -29.73 148.94 -125.47
CA ALA FD 128 -29.01 148.11 -126.42
C ALA FD 128 -29.41 148.43 -127.86
N PHE FD 129 -28.42 148.41 -128.75
CA PHE FD 129 -28.60 148.58 -130.18
C PHE FD 129 -29.24 149.92 -130.55
N THR FD 130 -29.37 150.82 -129.58
CA THR FD 130 -29.96 152.12 -129.88
C THR FD 130 -29.13 152.88 -130.90
N LYS FD 131 -27.80 152.92 -130.70
CA LYS FD 131 -26.93 153.59 -131.65
C LYS FD 131 -26.70 152.77 -132.91
N TYR FD 132 -26.68 151.44 -132.78
CA TYR FD 132 -26.53 150.59 -133.96
C TYR FD 132 -27.69 150.80 -134.92
N CYS FD 133 -28.91 150.85 -134.41
CA CYS FD 133 -30.06 151.13 -135.25
C CYS FD 133 -29.96 152.50 -135.91
N LYS FD 134 -29.32 153.47 -135.25
CA LYS FD 134 -29.16 154.79 -135.85
C LYS FD 134 -28.37 154.73 -137.14
N LYS FD 135 -27.52 153.71 -137.31
CA LYS FD 135 -26.74 153.63 -138.52
C LYS FD 135 -27.52 152.98 -139.66
N TRP FD 136 -28.70 152.43 -139.38
CA TRP FD 136 -29.51 151.86 -140.46
C TRP FD 136 -30.12 152.94 -141.35
N GLN FD 137 -30.45 154.10 -140.78
CA GLN FD 137 -31.21 155.10 -141.53
C GLN FD 137 -30.37 156.29 -141.99
N ASP FD 138 -29.10 156.37 -141.59
CA ASP FD 138 -28.25 157.41 -142.15
C ASP FD 138 -27.40 156.85 -143.30
N GLU FD 139 -27.08 157.73 -144.24
CA GLU FD 139 -26.46 157.30 -145.50
C GLU FD 139 -25.15 156.57 -145.27
N ASP FD 140 -24.28 157.13 -144.42
CA ASP FD 140 -23.00 156.49 -144.17
C ASP FD 140 -23.18 155.09 -143.60
N GLY FD 141 -24.09 154.94 -142.64
CA GLY FD 141 -24.34 153.62 -142.09
C GLY FD 141 -24.86 152.64 -143.13
N LYS FD 142 -25.75 153.11 -144.01
CA LYS FD 142 -26.27 152.23 -145.05
C LYS FD 142 -25.16 151.76 -145.97
N LYS FD 143 -24.25 152.67 -146.36
CA LYS FD 143 -23.20 152.24 -147.28
C LYS FD 143 -22.19 151.34 -146.58
N GLN FD 144 -21.96 151.56 -145.28
CA GLN FD 144 -21.15 150.60 -144.53
C GLN FD 144 -21.80 149.23 -144.50
N LEU FD 145 -23.11 149.19 -144.27
CA LEU FD 145 -23.82 147.92 -144.27
C LEU FD 145 -23.74 147.24 -145.62
N GLU FD 146 -23.86 148.02 -146.69
CA GLU FD 146 -23.78 147.46 -148.04
C GLU FD 146 -22.38 146.89 -148.30
N LYS FD 147 -21.34 147.60 -147.86
CA LYS FD 147 -19.99 147.07 -147.98
C LYS FD 147 -19.85 145.76 -147.22
N ASP FD 148 -20.43 145.71 -146.02
CA ASP FD 148 -20.39 144.46 -145.25
C ASP FD 148 -21.10 143.34 -145.98
N PHE FD 149 -22.23 143.64 -146.62
CA PHE FD 149 -22.96 142.62 -147.37
C PHE FD 149 -22.14 142.11 -148.54
N SER FD 150 -21.48 143.03 -149.26
CA SER FD 150 -20.63 142.63 -150.37
C SER FD 150 -19.49 141.76 -149.88
N SER FD 151 -18.89 142.11 -148.73
CA SER FD 151 -17.83 141.28 -148.17
C SER FD 151 -18.36 139.91 -147.78
N MET FD 152 -19.56 139.87 -147.20
CA MET FD 152 -20.22 138.58 -146.92
C MET FD 152 -20.27 137.72 -148.16
N LYS FD 153 -20.80 138.28 -149.25
CA LYS FD 153 -20.97 137.51 -150.47
C LYS FD 153 -19.63 137.14 -151.09
N LYS FD 154 -18.61 137.97 -150.86
CA LYS FD 154 -17.31 137.75 -151.46
C LYS FD 154 -16.46 136.72 -150.72
N TYR FD 155 -16.64 136.59 -149.41
CA TYR FD 155 -15.75 135.78 -148.59
C TYR FD 155 -16.44 134.62 -147.91
N CYS FD 156 -17.60 134.85 -147.30
CA CYS FD 156 -18.18 133.87 -146.41
C CYS FD 156 -18.58 132.61 -147.15
N GLN FD 157 -18.33 131.46 -146.52
CA GLN FD 157 -18.65 130.17 -147.07
C GLN FD 157 -20.02 129.66 -146.62
N VAL FD 158 -20.37 129.87 -145.36
CA VAL FD 158 -21.67 129.47 -144.83
C VAL FD 158 -22.28 130.63 -144.09
N ILE FD 159 -23.61 130.66 -144.05
CA ILE FD 159 -24.36 131.76 -143.43
C ILE FD 159 -25.46 131.16 -142.57
N ARG FD 160 -25.63 131.71 -141.38
CA ARG FD 160 -26.74 131.36 -140.50
C ARG FD 160 -27.57 132.61 -140.26
N VAL FD 161 -28.82 132.40 -139.86
CA VAL FD 161 -29.77 133.49 -139.69
C VAL FD 161 -30.14 133.59 -138.22
N ILE FD 162 -29.87 134.75 -137.62
CA ILE FD 162 -30.26 134.99 -136.24
C ILE FD 162 -31.75 135.22 -136.16
N ALA FD 163 -32.40 134.52 -135.24
CA ALA FD 163 -33.85 134.57 -135.13
C ALA FD 163 -34.24 134.42 -133.67
N HIS FD 164 -35.38 135.00 -133.30
CA HIS FD 164 -35.83 135.01 -131.91
C HIS FD 164 -37.32 134.76 -131.82
N THR FD 165 -37.74 134.15 -130.72
CA THR FD 165 -39.13 133.75 -130.54
C THR FD 165 -39.98 134.93 -130.10
N GLN FD 166 -41.30 134.74 -130.18
CA GLN FD 166 -42.27 135.72 -129.72
C GLN FD 166 -42.97 135.18 -128.48
N MET FD 167 -42.59 135.68 -127.31
CA MET FD 167 -43.17 135.24 -126.06
C MET FD 167 -44.56 135.82 -125.81
N ARG FD 168 -44.87 136.99 -126.36
CA ARG FD 168 -46.15 137.62 -126.09
C ARG FD 168 -47.33 136.74 -126.47
N LEU FD 169 -47.15 135.84 -127.44
CA LEU FD 169 -48.20 134.95 -127.90
C LEU FD 169 -48.28 133.68 -127.05
N LEU FD 170 -47.45 133.59 -126.01
CA LEU FD 170 -47.36 132.40 -125.20
C LEU FD 170 -47.81 132.68 -123.77
N PRO FD 171 -48.50 131.73 -123.13
CA PRO FD 171 -48.96 131.94 -121.76
C PRO FD 171 -47.89 131.77 -120.70
N LEU FD 172 -46.64 131.58 -121.10
CA LEU FD 172 -45.56 131.42 -120.14
C LEU FD 172 -45.35 132.70 -119.36
N ARG FD 173 -44.89 132.54 -118.11
CA ARG FD 173 -44.44 133.70 -117.35
C ARG FD 173 -43.21 134.33 -117.96
N GLN FD 174 -42.48 133.60 -118.80
CA GLN FD 174 -41.28 134.13 -119.42
C GLN FD 174 -41.63 135.30 -120.33
N LYS FD 175 -40.87 136.38 -120.19
CA LYS FD 175 -40.98 137.54 -121.06
C LYS FD 175 -39.69 137.81 -121.82
N LYS FD 176 -38.73 136.90 -121.75
CA LYS FD 176 -37.46 137.03 -122.45
C LYS FD 176 -37.44 136.05 -123.61
N ALA FD 177 -37.22 136.57 -124.82
CA ALA FD 177 -37.29 135.74 -126.00
C ALA FD 177 -36.07 134.82 -126.10
N HIS FD 178 -36.26 133.69 -126.78
CA HIS FD 178 -35.19 132.75 -127.07
C HIS FD 178 -34.64 133.05 -128.45
N LEU FD 179 -33.32 133.07 -128.57
CA LEU FD 179 -32.64 133.44 -129.80
C LEU FD 179 -31.64 132.35 -130.20
N MET FD 180 -31.59 132.06 -131.50
CA MET FD 180 -30.61 131.11 -132.00
C MET FD 180 -30.46 131.33 -133.50
N GLU FD 181 -29.26 131.06 -134.02
CA GLU FD 181 -28.96 131.25 -135.43
C GLU FD 181 -29.30 130.01 -136.24
N ILE FD 182 -30.06 130.22 -137.32
CA ILE FD 182 -30.49 129.14 -138.19
C ILE FD 182 -29.62 129.16 -139.43
N GLN FD 183 -28.92 128.06 -139.70
CA GLN FD 183 -28.11 127.95 -140.89
C GLN FD 183 -29.01 127.81 -142.11
N VAL FD 184 -29.05 128.83 -142.95
CA VAL FD 184 -29.76 128.75 -144.21
C VAL FD 184 -28.91 127.96 -145.19
N ASN FD 185 -29.54 127.06 -145.93
CA ASN FD 185 -28.85 126.17 -146.84
C ASN FD 185 -29.51 126.21 -148.21
N GLY FD 186 -28.89 125.51 -149.17
CA GLY FD 186 -29.47 125.35 -150.48
C GLY FD 186 -29.32 126.55 -151.40
N GLY FD 187 -28.10 126.88 -151.75
CA GLY FD 187 -27.87 127.92 -152.75
C GLY FD 187 -26.54 128.61 -152.51
N THR FD 188 -26.15 129.40 -153.52
CA THR FD 188 -24.93 130.18 -153.42
C THR FD 188 -25.06 131.25 -152.34
N VAL FD 189 -23.91 131.70 -151.85
CA VAL FD 189 -23.91 132.67 -150.76
C VAL FD 189 -24.66 133.93 -151.17
N ALA FD 190 -24.57 134.32 -152.45
CA ALA FD 190 -25.24 135.53 -152.89
C ALA FD 190 -26.76 135.37 -152.85
N GLU FD 191 -27.26 134.27 -153.41
CA GLU FD 191 -28.70 134.09 -153.47
C GLU FD 191 -29.31 133.93 -152.09
N LYS FD 192 -28.66 133.17 -151.20
CA LYS FD 192 -29.21 133.03 -149.85
C LYS FD 192 -29.02 134.31 -149.05
N LEU FD 193 -27.99 135.08 -149.35
CA LEU FD 193 -27.84 136.40 -148.74
C LEU FD 193 -29.03 137.28 -149.10
N ASP FD 194 -29.40 137.30 -150.38
CA ASP FD 194 -30.59 138.02 -150.80
C ASP FD 194 -31.83 137.46 -150.13
N TRP FD 195 -31.92 136.14 -150.05
CA TRP FD 195 -33.06 135.46 -149.43
C TRP FD 195 -33.25 135.92 -148.00
N ALA FD 196 -32.15 136.04 -147.25
CA ALA FD 196 -32.23 136.46 -145.86
C ALA FD 196 -32.49 137.95 -145.75
N ARG FD 197 -31.83 138.76 -146.59
CA ARG FD 197 -32.02 140.21 -146.52
C ARG FD 197 -33.47 140.58 -146.77
N GLU FD 198 -34.10 139.98 -147.78
CA GLU FD 198 -35.51 140.26 -148.02
C GLU FD 198 -36.37 139.78 -146.86
N ARG FD 199 -35.91 138.77 -146.14
CA ARG FD 199 -36.63 138.25 -144.98
C ARG FD 199 -36.15 138.86 -143.68
N LEU FD 200 -35.16 139.73 -143.73
CA LEU FD 200 -34.70 140.41 -142.53
C LEU FD 200 -35.81 141.27 -141.96
N GLU FD 201 -35.98 141.19 -140.63
CA GLU FD 201 -37.06 141.88 -139.93
C GLU FD 201 -38.42 141.51 -140.51
N GLN FD 202 -38.71 140.21 -140.41
CA GLN FD 202 -39.97 139.69 -140.94
C GLN FD 202 -40.33 138.42 -140.20
N GLN FD 203 -41.61 138.07 -140.24
CA GLN FD 203 -42.10 136.88 -139.58
C GLN FD 203 -42.02 135.70 -140.54
N VAL FD 204 -41.69 134.53 -140.00
CA VAL FD 204 -41.74 133.30 -140.79
C VAL FD 204 -42.58 132.28 -140.04
N PRO FD 205 -43.40 131.51 -140.74
CA PRO FD 205 -44.17 130.46 -140.08
C PRO FD 205 -43.40 129.15 -140.05
N VAL FD 206 -43.84 128.26 -139.19
CA VAL FD 206 -43.26 126.92 -139.16
C VAL FD 206 -43.65 126.12 -140.40
N ASN FD 207 -44.69 126.55 -141.12
CA ASN FD 207 -45.05 125.89 -142.37
C ASN FD 207 -43.93 125.99 -143.39
N GLN FD 208 -43.31 127.17 -143.47
CA GLN FD 208 -42.33 127.42 -144.52
C GLN FD 208 -41.09 126.56 -144.37
N VAL FD 209 -40.74 126.17 -143.15
CA VAL FD 209 -39.47 125.49 -142.89
C VAL FD 209 -39.65 123.97 -142.87
N PHE FD 210 -40.63 123.46 -142.15
CA PHE FD 210 -40.86 122.03 -142.06
C PHE FD 210 -42.03 121.61 -142.95
N GLY FD 211 -42.31 120.31 -142.97
CA GLY FD 211 -43.35 119.78 -143.81
C GLY FD 211 -44.02 118.58 -143.16
N GLN FD 212 -45.09 118.13 -143.82
CA GLN FD 212 -45.91 117.04 -143.28
C GLN FD 212 -45.16 115.71 -143.35
N ASP FD 213 -45.44 114.86 -142.36
CA ASP FD 213 -44.96 113.47 -142.26
C ASP FD 213 -43.51 113.36 -142.71
N GLU FD 214 -42.65 114.05 -141.98
CA GLU FD 214 -41.22 113.96 -142.24
C GLU FD 214 -40.47 113.63 -140.96
N MET FD 215 -39.39 112.94 -141.17
CA MET FD 215 -38.34 112.69 -140.21
C MET FD 215 -37.69 113.98 -139.70
N ILE FD 216 -37.66 114.19 -138.38
CA ILE FD 216 -36.86 115.28 -137.82
C ILE FD 216 -36.13 114.87 -136.55
N ASP FD 217 -35.24 115.74 -136.08
CA ASP FD 217 -34.49 115.53 -134.85
C ASP FD 217 -34.93 116.52 -133.79
N VAL FD 218 -34.85 116.09 -132.53
CA VAL FD 218 -35.26 116.91 -131.39
C VAL FD 218 -34.02 117.18 -130.55
N ILE FD 219 -33.75 118.46 -130.31
CA ILE FD 219 -32.61 118.90 -129.52
C ILE FD 219 -33.12 119.62 -128.29
N GLY FD 220 -32.67 119.18 -127.12
CA GLY FD 220 -33.13 119.80 -125.89
C GLY FD 220 -32.33 119.33 -124.70
N VAL FD 221 -32.82 119.70 -123.52
CA VAL FD 221 -32.18 119.37 -122.25
C VAL FD 221 -33.17 118.57 -121.41
N THR FD 222 -32.74 117.44 -120.88
CA THR FD 222 -33.60 116.59 -120.08
C THR FD 222 -34.09 117.33 -118.83
N LYS FD 223 -35.14 116.78 -118.23
CA LYS FD 223 -35.63 117.30 -116.96
C LYS FD 223 -34.70 116.83 -115.85
N GLY FD 224 -34.11 117.79 -115.13
CA GLY FD 224 -33.13 117.46 -114.11
C GLY FD 224 -33.74 116.73 -112.94
N LYS FD 225 -32.94 115.83 -112.36
CA LYS FD 225 -33.35 115.08 -111.18
C LYS FD 225 -32.47 115.39 -109.98
N GLY FD 226 -31.55 116.33 -110.10
CA GLY FD 226 -30.69 116.69 -108.99
C GLY FD 226 -29.67 115.61 -108.69
N TYR FD 227 -29.15 115.70 -107.47
CA TYR FD 227 -28.19 114.71 -106.98
C TYR FD 227 -28.89 113.38 -106.77
N LYS FD 228 -28.51 112.38 -107.56
CA LYS FD 228 -29.12 111.06 -107.45
C LYS FD 228 -28.05 110.00 -107.28
N GLY FD 229 -28.38 108.98 -106.49
CA GLY FD 229 -27.46 107.92 -106.18
C GLY FD 229 -27.20 107.01 -107.36
N VAL FD 230 -26.21 106.13 -107.18
CA VAL FD 230 -25.80 105.23 -108.25
C VAL FD 230 -26.95 104.33 -108.68
N THR FD 231 -27.78 103.90 -107.72
CA THR FD 231 -28.89 103.02 -108.07
C THR FD 231 -29.80 103.67 -109.10
N SER FD 232 -30.06 104.96 -108.96
CA SER FD 232 -30.90 105.66 -109.93
C SER FD 232 -30.09 106.23 -111.09
N ARG FD 233 -28.88 106.72 -110.82
CA ARG FD 233 -28.08 107.37 -111.85
C ARG FD 233 -27.49 106.39 -112.85
N TRP FD 234 -27.43 105.11 -112.51
CA TRP FD 234 -26.84 104.10 -113.36
C TRP FD 234 -27.62 102.82 -113.44
N HIS FD 235 -28.67 102.65 -112.61
CA HIS FD 235 -29.53 101.47 -112.65
C HIS FD 235 -28.73 100.19 -112.46
N THR FD 236 -27.87 100.18 -111.45
CA THR FD 236 -27.10 99.00 -111.13
C THR FD 236 -27.92 98.05 -110.28
N LYS FD 237 -27.33 96.91 -109.95
CA LYS FD 237 -27.99 95.95 -109.08
C LYS FD 237 -28.04 96.45 -107.65
N LYS FD 238 -29.21 96.37 -107.03
CA LYS FD 238 -29.31 96.70 -105.62
C LYS FD 238 -28.62 95.63 -104.79
N LEU FD 239 -27.82 96.06 -103.83
CA LEU FD 239 -27.08 95.13 -103.01
C LEU FD 239 -28.05 94.39 -102.07
N PRO FD 240 -27.65 93.23 -101.57
CA PRO FD 240 -28.54 92.45 -100.69
C PRO FD 240 -29.09 93.26 -99.53
N ARG FD 241 -30.25 92.84 -99.03
CA ARG FD 241 -30.90 93.60 -97.95
C ARG FD 241 -30.06 93.60 -96.67
N LYS FD 242 -29.36 92.51 -96.38
CA LYS FD 242 -28.59 92.41 -95.15
C LYS FD 242 -27.18 92.95 -95.34
N THR FD 243 -27.12 94.19 -95.82
CA THR FD 243 -25.86 94.88 -96.03
C THR FD 243 -25.65 95.87 -94.88
N HIS FD 244 -24.43 95.89 -94.34
CA HIS FD 244 -24.18 96.70 -93.16
C HIS FD 244 -24.37 98.19 -93.43
N ARG FD 245 -23.57 98.75 -94.33
CA ARG FD 245 -23.50 100.20 -94.50
C ARG FD 245 -24.47 100.74 -95.53
N GLY FD 246 -25.31 99.89 -96.12
CA GLY FD 246 -26.26 100.37 -97.11
C GLY FD 246 -26.24 99.54 -98.37
N LEU FD 247 -27.41 99.31 -98.96
CA LEU FD 247 -27.53 98.42 -100.11
C LEU FD 247 -27.75 99.16 -101.43
N ARG FD 248 -27.98 100.45 -101.40
CA ARG FD 248 -28.15 101.20 -102.64
C ARG FD 248 -26.83 101.79 -103.12
N LYS FD 249 -25.80 100.95 -103.22
CA LYS FD 249 -24.50 101.37 -103.70
C LYS FD 249 -23.93 100.32 -104.64
N VAL FD 250 -22.76 100.64 -105.18
CA VAL FD 250 -21.96 99.69 -105.95
C VAL FD 250 -20.95 99.07 -105.00
N ALA FD 251 -20.89 97.74 -104.98
CA ALA FD 251 -20.07 97.05 -103.99
C ALA FD 251 -18.60 97.43 -104.13
N CYS FD 252 -17.99 97.12 -105.26
CA CYS FD 252 -16.57 97.36 -105.48
C CYS FD 252 -16.40 98.40 -106.58
N ILE FD 253 -15.51 99.35 -106.36
CA ILE FD 253 -15.20 100.37 -107.35
C ILE FD 253 -13.78 100.10 -107.82
N GLY FD 254 -13.65 99.32 -108.89
CA GLY FD 254 -12.35 99.05 -109.47
C GLY FD 254 -11.48 98.12 -108.65
N ALA FD 255 -10.49 97.50 -109.28
CA ALA FD 255 -9.62 96.57 -108.61
C ALA FD 255 -8.59 97.33 -107.76
N TRP FD 256 -7.66 96.56 -107.19
CA TRP FD 256 -6.62 97.18 -106.36
C TRP FD 256 -5.64 97.97 -107.21
N HIS FD 257 -5.14 97.38 -108.29
CA HIS FD 257 -3.91 97.96 -108.79
C HIS FD 257 -3.98 98.51 -110.21
N PRO FD 258 -5.02 99.24 -110.58
CA PRO FD 258 -4.83 100.40 -111.44
C PRO FD 258 -4.43 101.63 -110.65
N ALA FD 259 -4.34 101.48 -109.33
CA ALA FD 259 -3.91 102.48 -108.35
C ALA FD 259 -4.90 103.61 -108.16
N ARG FD 260 -5.99 103.66 -108.91
CA ARG FD 260 -6.95 104.73 -108.80
C ARG FD 260 -8.35 104.14 -108.96
N VAL FD 261 -9.33 105.00 -109.15
CA VAL FD 261 -10.68 104.60 -109.53
C VAL FD 261 -10.95 105.14 -110.93
N ALA FD 262 -11.20 104.22 -111.85
CA ALA FD 262 -11.34 104.61 -113.24
C ALA FD 262 -12.58 105.47 -113.44
N PHE FD 263 -12.53 106.31 -114.48
CA PHE FD 263 -13.67 107.13 -114.84
C PHE FD 263 -14.86 106.30 -115.30
N SER FD 264 -14.64 105.04 -115.66
CA SER FD 264 -15.72 104.17 -116.11
C SER FD 264 -16.57 103.64 -114.98
N VAL FD 265 -16.12 103.76 -113.73
CA VAL FD 265 -16.87 103.22 -112.61
C VAL FD 265 -18.06 104.12 -112.32
N ALA FD 266 -19.22 103.51 -112.08
CA ALA FD 266 -20.43 104.27 -111.81
C ALA FD 266 -20.28 105.01 -110.49
N ARG FD 267 -20.57 106.31 -110.53
CA ARG FD 267 -20.54 107.15 -109.33
C ARG FD 267 -21.82 107.98 -109.29
N ALA FD 268 -22.26 108.29 -108.08
CA ALA FD 268 -23.48 109.07 -107.92
C ALA FD 268 -23.24 110.51 -108.36
N GLY FD 269 -24.31 111.29 -108.34
CA GLY FD 269 -24.15 112.70 -108.65
C GLY FD 269 -25.38 113.25 -109.35
N GLN FD 270 -25.12 114.27 -110.17
CA GLN FD 270 -26.20 114.90 -110.92
C GLN FD 270 -26.79 113.93 -111.94
N LYS FD 271 -28.11 113.90 -112.01
CA LYS FD 271 -28.81 113.11 -113.00
C LYS FD 271 -29.89 113.99 -113.62
N GLY FD 272 -30.01 113.95 -114.93
CA GLY FD 272 -30.91 114.82 -115.63
C GLY FD 272 -30.26 116.14 -116.01
N TYR FD 273 -31.06 117.01 -116.62
CA TYR FD 273 -30.60 118.30 -117.09
C TYR FD 273 -29.40 118.16 -118.01
N HIS FD 274 -29.46 117.19 -118.91
CA HIS FD 274 -28.40 116.94 -119.87
C HIS FD 274 -28.86 117.33 -121.27
N HIS FD 275 -27.93 117.91 -122.02
CA HIS FD 275 -28.19 118.18 -123.43
C HIS FD 275 -28.25 116.87 -124.19
N ARG FD 276 -29.41 116.58 -124.76
CA ARG FD 276 -29.60 115.35 -125.51
C ARG FD 276 -30.30 115.66 -126.81
N THR FD 277 -29.87 115.01 -127.88
CA THR FD 277 -30.52 115.13 -129.17
C THR FD 277 -30.98 113.76 -129.61
N GLU FD 278 -32.27 113.65 -129.92
CA GLU FD 278 -32.82 112.43 -130.48
C GLU FD 278 -33.18 112.66 -131.93
N ILE FD 279 -33.00 111.62 -132.73
CA ILE FD 279 -33.34 111.65 -134.13
C ILE FD 279 -34.52 110.73 -134.34
N ASN FD 280 -34.99 110.68 -135.58
CA ASN FD 280 -36.07 109.78 -136.01
C ASN FD 280 -37.39 110.10 -135.32
N LYS FD 281 -37.78 111.36 -135.46
CA LYS FD 281 -39.03 111.87 -134.92
C LYS FD 281 -39.94 112.31 -136.06
N LYS FD 282 -41.14 111.75 -136.11
CA LYS FD 282 -42.04 111.86 -137.25
C LYS FD 282 -43.07 112.96 -137.05
N ILE FD 283 -43.08 113.94 -137.95
CA ILE FD 283 -44.15 114.93 -137.94
C ILE FD 283 -45.47 114.26 -138.28
N TYR FD 284 -46.51 114.58 -137.52
CA TYR FD 284 -47.84 114.04 -137.76
C TYR FD 284 -48.82 115.04 -138.35
N LYS FD 285 -48.79 116.29 -137.92
CA LYS FD 285 -49.62 117.33 -138.50
C LYS FD 285 -48.94 118.65 -138.18
N ILE FD 286 -49.37 119.72 -138.84
CA ILE FD 286 -48.90 121.06 -138.53
C ILE FD 286 -50.12 121.88 -138.13
N GLY FD 287 -50.08 122.45 -136.92
CA GLY FD 287 -51.20 123.21 -136.43
C GLY FD 287 -51.41 124.49 -137.21
N GLN FD 288 -52.64 125.00 -137.15
CA GLN FD 288 -53.01 126.23 -137.82
C GLN FD 288 -53.22 127.39 -136.87
N GLY FD 289 -53.11 127.16 -135.57
CA GLY FD 289 -53.32 128.24 -134.64
C GLY FD 289 -54.78 128.65 -134.57
N TYR FD 290 -54.99 129.83 -134.00
CA TYR FD 290 -56.33 130.40 -133.83
C TYR FD 290 -56.49 131.54 -134.81
N LEU FD 291 -57.37 131.37 -135.78
CA LEU FD 291 -57.61 132.37 -136.82
C LEU FD 291 -58.99 132.97 -136.65
N ILE FD 292 -59.07 134.29 -136.71
CA ILE FD 292 -60.33 135.01 -136.60
C ILE FD 292 -60.56 135.76 -137.91
N LYS FD 293 -61.61 135.37 -138.63
CA LYS FD 293 -62.14 136.15 -139.72
C LYS FD 293 -63.60 136.49 -139.51
N ASP FD 294 -64.22 135.90 -138.49
CA ASP FD 294 -65.57 136.16 -138.04
C ASP FD 294 -65.56 135.86 -136.54
N GLY FD 295 -66.73 135.58 -135.96
CA GLY FD 295 -66.76 134.93 -134.68
C GLY FD 295 -65.75 133.79 -134.64
N LYS FD 296 -65.07 133.61 -133.51
CA LYS FD 296 -63.87 132.78 -133.45
C LYS FD 296 -64.14 131.38 -133.97
N LEU FD 297 -63.23 130.88 -134.81
CA LEU FD 297 -63.32 129.54 -135.39
C LEU FD 297 -62.14 128.70 -134.92
N ILE FD 298 -62.42 127.41 -134.70
CA ILE FD 298 -61.44 126.51 -134.12
C ILE FD 298 -61.19 125.27 -134.95
N LYS FD 299 -62.16 124.85 -135.79
CA LYS FD 299 -62.11 123.58 -136.51
C LYS FD 299 -60.75 123.32 -137.16
N ASN FD 300 -60.03 124.38 -137.54
CA ASN FD 300 -58.69 124.24 -138.11
C ASN FD 300 -57.71 123.57 -137.17
N ASN FD 301 -58.02 123.53 -135.87
CA ASN FD 301 -57.26 122.77 -134.89
C ASN FD 301 -57.65 121.30 -134.99
N ALA FD 302 -57.37 120.53 -133.94
CA ALA FD 302 -57.34 119.08 -134.08
C ALA FD 302 -58.73 118.51 -134.35
N SER FD 303 -59.19 118.68 -135.59
CA SER FD 303 -60.33 117.97 -136.15
C SER FD 303 -59.86 117.30 -137.43
N THR FD 304 -60.02 115.98 -137.51
CA THR FD 304 -59.27 115.22 -138.50
C THR FD 304 -60.14 114.49 -139.52
N ASP FD 305 -61.13 115.19 -140.09
CA ASP FD 305 -61.86 114.73 -141.26
C ASP FD 305 -62.81 113.58 -140.93
N TYR FD 306 -62.76 113.09 -139.70
CA TYR FD 306 -63.69 112.07 -139.24
C TYR FD 306 -64.36 112.42 -137.92
N ASP FD 307 -63.76 113.28 -137.12
CA ASP FD 307 -64.46 113.84 -135.97
C ASP FD 307 -65.51 114.86 -136.41
N LEU FD 308 -65.13 115.74 -137.34
CA LEU FD 308 -66.01 116.79 -137.84
C LEU FD 308 -66.57 117.64 -136.71
N SER FD 309 -65.82 117.79 -135.64
CA SER FD 309 -66.23 118.59 -134.51
C SER FD 309 -65.51 119.93 -134.53
N ASP FD 310 -65.97 120.84 -133.68
CA ASP FD 310 -65.38 122.17 -133.55
C ASP FD 310 -64.39 122.24 -132.40
N LYS FD 311 -63.71 121.13 -132.12
CA LYS FD 311 -62.84 121.04 -130.97
C LYS FD 311 -61.41 121.41 -131.34
N SER FD 312 -60.71 122.02 -130.40
CA SER FD 312 -59.31 122.34 -130.56
C SER FD 312 -58.48 121.16 -130.12
N ILE FD 313 -57.17 121.37 -130.00
CA ILE FD 313 -56.30 120.35 -129.42
C ILE FD 313 -56.23 120.48 -127.90
N ASN FD 314 -56.56 121.63 -127.35
CA ASN FD 314 -56.53 121.81 -125.91
C ASN FD 314 -57.43 120.79 -125.22
N PRO FD 315 -56.92 119.99 -124.29
CA PRO FD 315 -57.80 119.15 -123.49
C PRO FD 315 -58.59 120.00 -122.51
N LEU FD 316 -59.64 119.41 -121.94
CA LEU FD 316 -60.43 120.12 -120.95
C LEU FD 316 -59.55 120.57 -119.80
N GLY FD 317 -59.68 121.84 -119.43
CA GLY FD 317 -58.78 122.42 -118.46
C GLY FD 317 -57.45 122.85 -119.02
N GLY FD 318 -57.22 122.68 -120.32
CA GLY FD 318 -55.96 123.04 -120.92
C GLY FD 318 -54.87 122.02 -120.62
N PHE FD 319 -53.70 122.28 -121.16
CA PHE FD 319 -52.57 121.39 -120.95
C PHE FD 319 -52.04 121.53 -119.53
N VAL FD 320 -51.82 120.40 -118.86
CA VAL FD 320 -51.46 120.42 -117.45
C VAL FD 320 -50.08 121.05 -117.28
N HIS FD 321 -49.97 121.92 -116.29
CA HIS FD 321 -48.73 122.59 -115.89
C HIS FD 321 -48.15 123.48 -116.98
N TYR FD 322 -48.87 123.68 -118.08
CA TYR FD 322 -48.39 124.55 -119.15
C TYR FD 322 -49.34 125.71 -119.42
N GLY FD 323 -50.62 125.44 -119.61
CA GLY FD 323 -51.53 126.44 -120.11
C GLY FD 323 -52.30 125.94 -121.31
N GLU FD 324 -52.64 126.85 -122.22
CA GLU FD 324 -53.42 126.52 -123.40
C GLU FD 324 -52.64 126.88 -124.65
N VAL FD 325 -52.81 126.08 -125.69
CA VAL FD 325 -52.16 126.31 -126.97
C VAL FD 325 -53.07 127.20 -127.83
N THR FD 326 -52.47 128.20 -128.47
CA THR FD 326 -53.25 129.20 -129.18
C THR FD 326 -52.82 129.36 -130.63
N ASN FD 327 -51.53 129.19 -130.89
CA ASN FD 327 -50.95 129.46 -132.20
C ASN FD 327 -50.41 128.18 -132.81
N ASP FD 328 -49.66 128.33 -133.90
CA ASP FD 328 -49.13 127.19 -134.63
C ASP FD 328 -48.36 126.27 -133.69
N PHE FD 329 -48.58 124.96 -133.85
CA PHE FD 329 -47.98 123.95 -132.99
C PHE FD 329 -47.69 122.70 -133.80
N VAL FD 330 -46.90 121.81 -133.20
CA VAL FD 330 -46.50 120.57 -133.85
C VAL FD 330 -46.74 119.42 -132.88
N MET FD 331 -47.42 118.38 -133.35
CA MET FD 331 -47.56 117.14 -132.61
C MET FD 331 -46.56 116.15 -133.18
N LEU FD 332 -45.85 115.46 -132.30
CA LEU FD 332 -44.71 114.64 -132.68
C LEU FD 332 -44.90 113.24 -132.13
N LYS FD 333 -44.64 112.25 -132.96
CA LYS FD 333 -44.77 110.86 -132.52
C LYS FD 333 -43.73 110.54 -131.47
N GLY FD 334 -44.17 109.83 -130.43
CA GLY FD 334 -43.27 109.38 -129.38
C GLY FD 334 -43.01 110.45 -128.33
N CYS FD 335 -42.35 110.03 -127.26
CA CYS FD 335 -42.01 110.94 -126.18
C CYS FD 335 -40.91 111.90 -126.62
N VAL FD 336 -40.81 113.01 -125.91
CA VAL FD 336 -39.88 114.08 -126.26
C VAL FD 336 -39.11 114.50 -125.02
N VAL FD 337 -37.78 114.62 -125.17
CA VAL FD 337 -36.92 114.97 -124.04
C VAL FD 337 -37.34 116.30 -123.43
N GLY FD 338 -36.94 116.51 -122.19
CA GLY FD 338 -37.26 117.72 -121.48
C GLY FD 338 -38.58 117.62 -120.75
N THR FD 339 -38.91 118.69 -120.04
CA THR FD 339 -40.13 118.76 -119.25
C THR FD 339 -41.17 119.58 -120.01
N LYS FD 340 -42.30 119.82 -119.35
CA LYS FD 340 -43.31 120.69 -119.92
C LYS FD 340 -42.77 122.13 -119.98
N LYS FD 341 -43.48 122.97 -120.74
CA LYS FD 341 -43.16 124.39 -120.93
C LYS FD 341 -41.66 124.61 -121.10
N ARG FD 342 -40.98 123.65 -121.73
CA ARG FD 342 -39.54 123.68 -121.87
C ARG FD 342 -39.18 123.95 -123.33
N VAL FD 343 -38.24 124.86 -123.55
CA VAL FD 343 -37.83 125.22 -124.90
C VAL FD 343 -37.25 124.01 -125.59
N LEU FD 344 -37.53 123.88 -126.88
CA LEU FD 344 -37.08 122.73 -127.67
C LEU FD 344 -36.53 123.21 -129.00
N THR FD 345 -35.52 122.51 -129.50
CA THR FD 345 -34.87 122.84 -130.75
C THR FD 345 -35.15 121.75 -131.77
N LEU FD 346 -35.75 122.14 -132.88
CA LEU FD 346 -36.14 121.23 -133.95
C LEU FD 346 -35.28 121.49 -135.16
N ARG FD 347 -34.68 120.43 -135.70
CA ARG FD 347 -33.78 120.55 -136.83
C ARG FD 347 -34.13 119.50 -137.87
N LYS FD 348 -34.11 119.91 -139.14
CA LYS FD 348 -34.31 118.97 -140.23
C LYS FD 348 -33.27 117.85 -140.15
N SER FD 349 -33.71 116.64 -140.40
CA SER FD 349 -32.84 115.48 -140.25
C SER FD 349 -31.60 115.62 -141.12
N LEU FD 350 -30.45 115.29 -140.53
CA LEU FD 350 -29.17 115.39 -141.22
C LEU FD 350 -28.84 114.13 -142.01
N LEU FD 351 -29.72 113.13 -142.00
CA LEU FD 351 -29.55 111.93 -142.81
C LEU FD 351 -30.46 112.01 -144.03
N VAL FD 352 -30.49 110.92 -144.80
CA VAL FD 352 -31.41 110.75 -145.91
C VAL FD 352 -32.32 109.57 -145.59
N GLN FD 353 -33.63 109.78 -145.74
CA GLN FD 353 -34.61 108.82 -145.26
C GLN FD 353 -35.25 108.12 -146.44
N THR FD 354 -34.95 106.83 -146.57
CA THR FD 354 -35.49 106.02 -147.66
C THR FD 354 -36.23 104.79 -147.16
N LYS FD 355 -36.38 104.64 -145.86
CA LYS FD 355 -37.04 103.48 -145.27
C LYS FD 355 -38.55 103.69 -145.24
N ARG FD 356 -39.29 102.59 -145.35
CA ARG FD 356 -40.73 102.66 -145.36
C ARG FD 356 -41.32 103.16 -144.06
N ARG FD 357 -40.60 103.03 -142.94
CA ARG FD 357 -41.04 103.69 -141.72
C ARG FD 357 -41.11 105.20 -141.91
N ALA FD 358 -40.10 105.77 -142.55
CA ALA FD 358 -40.16 107.16 -142.95
C ALA FD 358 -40.96 107.28 -144.25
N LEU FD 359 -41.01 108.50 -144.79
CA LEU FD 359 -41.63 108.82 -146.07
C LEU FD 359 -42.98 108.16 -146.29
N GLU FD 360 -43.74 107.96 -145.21
CA GLU FD 360 -45.07 107.37 -145.31
C GLU FD 360 -46.11 108.41 -144.90
N LYS FD 361 -47.14 108.56 -145.73
CA LYS FD 361 -48.18 109.53 -145.47
C LYS FD 361 -49.05 109.06 -144.32
N ILE FD 362 -49.38 109.99 -143.43
CA ILE FD 362 -50.15 109.70 -142.23
C ILE FD 362 -51.49 110.40 -142.33
N ASP FD 363 -52.56 109.67 -142.01
CA ASP FD 363 -53.90 110.22 -141.97
C ASP FD 363 -54.46 110.01 -140.57
N LEU FD 364 -54.49 111.08 -139.78
CA LEU FD 364 -55.03 111.00 -138.44
C LEU FD 364 -56.50 110.65 -138.49
N LYS FD 365 -56.92 109.74 -137.62
CA LYS FD 365 -58.32 109.33 -137.57
C LYS FD 365 -59.09 110.02 -136.46
N PHE FD 366 -58.49 110.18 -135.28
CA PHE FD 366 -59.13 110.88 -134.18
C PHE FD 366 -58.05 111.24 -133.17
N ILE FD 367 -58.16 112.43 -132.59
CA ILE FD 367 -57.18 112.96 -131.66
C ILE FD 367 -57.85 113.13 -130.30
N ASP FD 368 -57.24 112.57 -129.26
CA ASP FD 368 -57.79 112.69 -127.92
C ASP FD 368 -57.67 114.11 -127.41
N THR FD 369 -58.70 114.57 -126.70
CA THR FD 369 -58.66 115.83 -125.98
C THR FD 369 -59.34 115.71 -124.62
N THR FD 370 -59.33 114.51 -124.03
CA THR FD 370 -59.82 114.34 -122.68
C THR FD 370 -58.88 115.03 -121.68
N SER FD 371 -59.45 115.44 -120.56
CA SER FD 371 -58.69 116.18 -119.57
C SER FD 371 -57.52 115.36 -119.05
N LYS FD 372 -56.30 115.87 -119.22
CA LYS FD 372 -55.12 115.20 -118.71
C LYS FD 372 -54.92 115.40 -117.22
N PHE FD 373 -55.78 116.20 -116.58
CA PHE FD 373 -55.70 116.46 -115.16
C PHE FD 373 -56.22 115.30 -114.33
N GLY FD 374 -56.36 114.13 -114.93
CA GLY FD 374 -56.88 112.97 -114.25
C GLY FD 374 -57.24 111.90 -115.27
N HIS FD 375 -58.29 111.16 -114.94
CA HIS FD 375 -58.84 110.18 -115.88
C HIS FD 375 -59.94 110.85 -116.70
N GLY FD 376 -59.51 111.75 -117.58
CA GLY FD 376 -60.43 112.49 -118.43
C GLY FD 376 -61.31 111.60 -119.26
N ARG FD 377 -62.61 111.87 -119.25
CA ARG FD 377 -63.58 111.02 -119.92
C ARG FD 377 -64.18 111.64 -121.16
N PHE FD 378 -64.37 112.96 -121.17
CA PHE FD 378 -65.03 113.64 -122.27
C PHE FD 378 -64.01 114.36 -123.13
N GLN FD 379 -64.28 114.41 -124.44
CA GLN FD 379 -63.41 115.13 -125.36
C GLN FD 379 -63.69 116.63 -125.35
N THR FD 380 -64.96 117.02 -125.41
CA THR FD 380 -65.34 118.41 -125.55
C THR FD 380 -66.31 118.80 -124.45
N MET FD 381 -66.36 120.10 -124.16
CA MET FD 381 -67.31 120.61 -123.18
C MET FD 381 -68.74 120.39 -123.67
N GLU FD 382 -68.97 120.53 -124.97
CA GLU FD 382 -70.31 120.33 -125.51
C GLU FD 382 -70.78 118.91 -125.27
N GLU FD 383 -69.91 117.93 -125.52
CA GLU FD 383 -70.25 116.55 -125.22
C GLU FD 383 -70.47 116.36 -123.73
N LYS FD 384 -69.64 117.01 -122.90
CA LYS FD 384 -69.82 116.90 -121.46
C LYS FD 384 -71.18 117.41 -121.03
N LYS FD 385 -71.64 118.50 -121.64
CA LYS FD 385 -72.97 119.00 -121.35
C LYS FD 385 -74.06 118.07 -121.86
N ALA FD 386 -73.92 117.56 -123.09
CA ALA FD 386 -74.96 116.71 -123.67
C ALA FD 386 -75.13 115.44 -122.86
N PHE FD 387 -74.03 114.81 -122.46
CA PHE FD 387 -74.08 113.61 -121.64
C PHE FD 387 -74.45 113.93 -120.20
N MET FD 388 -73.97 115.06 -119.68
CA MET FD 388 -74.04 115.31 -118.25
C MET FD 388 -75.47 115.67 -117.85
N GLY FD 389 -76.11 116.56 -118.61
CA GLY FD 389 -77.41 117.06 -118.24
C GLY FD 389 -77.29 118.29 -117.36
N PRO FD 390 -78.42 118.86 -116.97
CA PRO FD 390 -78.39 120.05 -116.10
C PRO FD 390 -77.88 119.70 -114.71
N LEU FD 391 -77.37 120.72 -114.02
CA LEU FD 391 -76.81 120.57 -112.69
C LEU FD 391 -77.52 121.48 -111.70
N LYS FD 392 -77.14 121.34 -110.44
CA LYS FD 392 -77.63 122.23 -109.39
C LYS FD 392 -77.16 123.65 -109.64
N LYS FD 393 -75.88 123.83 -109.94
CA LYS FD 393 -75.36 125.18 -110.17
C LYS FD 393 -76.02 125.80 -111.40
N ASP FD 394 -76.22 125.02 -112.45
CA ASP FD 394 -76.90 125.53 -113.63
C ASP FD 394 -78.34 125.92 -113.31
N ARG FD 395 -79.01 125.08 -112.52
CA ARG FD 395 -80.42 125.36 -112.21
C ARG FD 395 -80.57 126.60 -111.37
N ILE FD 396 -79.70 126.78 -110.36
CA ILE FD 396 -79.71 128.03 -109.61
C ILE FD 396 -79.37 129.20 -110.53
N ALA FD 397 -78.46 128.99 -111.50
CA ALA FD 397 -78.12 130.06 -112.42
C ALA FD 397 -79.32 130.52 -113.22
N LYS FD 398 -80.11 129.57 -113.74
CA LYS FD 398 -81.32 129.95 -114.47
C LYS FD 398 -82.35 130.59 -113.56
N GLU FD 399 -82.53 130.06 -112.35
CA GLU FD 399 -83.53 130.61 -111.45
C GLU FD 399 -83.20 132.04 -111.07
N GLU FD 400 -81.94 132.32 -110.75
CA GLU FD 400 -81.53 133.69 -110.46
C GLU FD 400 -81.46 134.55 -111.72
N GLY FD 401 -81.23 133.93 -112.87
CA GLY FD 401 -81.13 134.63 -114.13
C GLY FD 401 -82.45 135.01 -114.76
N ALA FD 402 -83.57 134.63 -114.14
CA ALA FD 402 -84.91 134.93 -114.64
C ALA FD 402 -85.10 134.44 -116.07
N MET GD 1 78.37 121.16 -49.03
CA MET GD 1 78.98 121.76 -50.22
C MET GD 1 78.30 123.06 -50.60
N ALA GD 2 78.97 123.86 -51.41
CA ALA GD 2 78.47 125.15 -51.87
C ALA GD 2 78.68 125.27 -53.38
N CYS GD 3 77.77 125.94 -54.08
CA CYS GD 3 76.50 126.66 -53.85
C CYS GD 3 76.53 127.57 -52.63
N ALA GD 4 77.37 128.61 -52.71
CA ALA GD 4 77.57 129.50 -51.57
C ALA GD 4 76.27 130.15 -51.13
N ARG GD 5 76.00 130.09 -49.82
CA ARG GD 5 74.81 130.67 -49.25
C ARG GD 5 75.15 132.06 -48.71
N PRO GD 6 74.58 133.11 -49.26
CA PRO GD 6 74.93 134.46 -48.80
C PRO GD 6 74.41 134.75 -47.41
N LEU GD 7 75.14 135.62 -46.72
CA LEU GD 7 74.69 136.17 -45.45
C LEU GD 7 73.51 137.11 -45.72
N ILE GD 8 72.47 137.01 -44.90
CA ILE GD 8 71.28 137.84 -45.07
C ILE GD 8 71.02 138.62 -43.79
N SER GD 9 70.76 139.91 -43.93
CA SER GD 9 70.54 140.79 -42.78
C SER GD 9 69.08 140.77 -42.36
N VAL GD 10 68.87 140.94 -41.04
CA VAL GD 10 67.55 141.09 -40.43
C VAL GD 10 67.22 142.56 -40.31
N TYR GD 11 65.95 142.91 -40.54
CA TYR GD 11 65.54 144.30 -40.60
C TYR GD 11 64.81 144.70 -39.33
N SER GD 12 65.12 145.87 -38.82
CA SER GD 12 64.49 146.37 -37.60
C SER GD 12 63.06 146.80 -37.89
N GLU GD 13 62.30 147.04 -36.81
CA GLU GD 13 60.89 147.38 -36.96
C GLU GD 13 60.72 148.70 -37.71
N LYS GD 14 61.59 149.68 -37.45
CA LYS GD 14 61.51 150.93 -38.18
C LYS GD 14 61.70 150.71 -39.68
N GLY GD 15 62.61 149.82 -40.05
CA GLY GD 15 62.76 149.46 -41.44
C GLY GD 15 64.19 149.27 -41.92
N GLU GD 16 65.12 150.00 -41.34
CA GLU GD 16 66.50 149.94 -41.79
C GLU GD 16 67.17 148.64 -41.34
N SER GD 17 68.34 148.37 -41.92
CA SER GD 17 69.10 147.20 -41.54
C SER GD 17 69.50 147.29 -40.06
N SER GD 18 69.28 146.20 -39.34
CA SER GD 18 69.58 146.16 -37.92
C SER GD 18 71.06 146.00 -37.62
N GLY GD 19 71.87 145.73 -38.63
CA GLY GD 19 73.28 145.47 -38.41
C GLY GD 19 73.59 144.02 -38.05
N LYS GD 20 72.58 143.20 -37.80
CA LYS GD 20 72.76 141.79 -37.57
C LYS GD 20 72.53 141.03 -38.87
N ASN GD 21 73.21 139.90 -39.02
CA ASN GD 21 73.18 139.16 -40.26
C ASN GD 21 73.01 137.68 -39.99
N VAL GD 22 72.28 137.02 -40.88
CA VAL GD 22 71.97 135.60 -40.77
C VAL GD 22 72.34 134.91 -42.07
N THR GD 23 73.08 133.81 -41.97
CA THR GD 23 73.42 133.04 -43.15
C THR GD 23 72.16 132.42 -43.75
N LEU GD 24 72.11 132.39 -45.07
CA LEU GD 24 70.96 131.83 -45.76
C LEU GD 24 70.90 130.33 -45.47
N PRO GD 25 69.82 129.83 -44.89
CA PRO GD 25 69.65 128.38 -44.75
C PRO GD 25 69.60 127.70 -46.11
N ALA GD 26 70.08 126.46 -46.14
CA ALA GD 26 70.21 125.74 -47.40
C ALA GD 26 68.88 125.40 -48.04
N VAL GD 27 67.77 125.56 -47.32
CA VAL GD 27 66.47 125.20 -47.88
C VAL GD 27 66.11 126.07 -49.08
N PHE GD 28 66.68 127.27 -49.19
CA PHE GD 28 66.34 128.17 -50.29
C PHE GD 28 67.11 127.88 -51.56
N LYS GD 29 68.17 127.07 -51.50
CA LYS GD 29 68.85 126.62 -52.70
C LYS GD 29 68.38 125.23 -53.13
N ALA GD 30 67.36 124.70 -52.46
CA ALA GD 30 66.79 123.42 -52.84
C ALA GD 30 66.16 123.53 -54.23
N PRO GD 31 66.06 122.42 -54.95
CA PRO GD 31 65.53 122.47 -56.32
C PRO GD 31 64.10 122.99 -56.34
N ILE GD 32 63.76 123.66 -57.44
CA ILE GD 32 62.40 124.15 -57.65
C ILE GD 32 61.70 123.18 -58.59
N ARG GD 33 60.64 122.55 -58.10
CA ARG GD 33 59.88 121.58 -58.90
C ARG GD 33 58.41 121.98 -58.83
N PRO GD 34 58.02 123.03 -59.57
CA PRO GD 34 56.62 123.46 -59.53
C PRO GD 34 55.64 122.38 -59.95
N ASP GD 35 56.07 121.45 -60.79
CA ASP GD 35 55.22 120.30 -61.11
C ASP GD 35 54.89 119.51 -59.86
N ILE GD 36 55.91 119.17 -59.08
CA ILE GD 36 55.68 118.43 -57.84
C ILE GD 36 54.86 119.27 -56.87
N VAL GD 37 55.11 120.58 -56.86
CA VAL GD 37 54.34 121.46 -55.99
C VAL GD 37 52.87 121.41 -56.34
N ASN GD 38 52.55 121.52 -57.63
CA ASN GD 38 51.16 121.47 -58.05
C ASN GD 38 50.56 120.10 -57.73
N PHE GD 39 51.32 119.04 -57.93
CA PHE GD 39 50.83 117.69 -57.62
C PHE GD 39 50.44 117.60 -56.16
N VAL GD 40 51.34 118.01 -55.27
CA VAL GD 40 51.05 117.93 -53.85
C VAL GD 40 49.88 118.84 -53.49
N HIS GD 41 49.85 120.05 -54.05
CA HIS GD 41 48.80 121.00 -53.72
C HIS GD 41 47.43 120.48 -54.10
N THR GD 42 47.31 119.91 -55.31
CA THR GD 42 46.02 119.39 -55.72
C THR GD 42 45.64 118.13 -54.96
N ASN GD 43 46.62 117.29 -54.61
CA ASN GD 43 46.26 116.10 -53.84
C ASN GD 43 45.81 116.43 -52.44
N LEU GD 44 46.48 117.36 -51.77
CA LEU GD 44 46.10 117.68 -50.40
C LEU GD 44 44.87 118.56 -50.31
N ARG GD 45 44.61 119.38 -51.34
CA ARG GD 45 43.43 120.22 -51.29
C ARG GD 45 42.14 119.43 -51.22
N LYS GD 46 42.15 118.15 -51.60
CA LYS GD 46 40.98 117.30 -51.43
C LYS GD 46 40.78 116.86 -49.99
N ASN GD 47 41.82 116.86 -49.17
CA ASN GD 47 41.74 116.27 -47.83
C ASN GD 47 40.88 117.06 -46.87
N ASN GD 48 40.64 118.33 -47.12
CA ASN GD 48 39.82 119.16 -46.25
C ASN GD 48 38.38 119.26 -46.74
N ARG GD 49 38.03 118.51 -47.78
CA ARG GD 49 36.69 118.60 -48.35
C ARG GD 49 35.66 118.03 -47.39
N GLN GD 50 34.40 118.38 -47.64
CA GLN GD 50 33.23 117.90 -46.92
C GLN GD 50 32.39 117.01 -47.83
N PRO GD 51 31.95 115.85 -47.35
CA PRO GD 51 31.22 114.91 -48.20
C PRO GD 51 29.89 115.48 -48.65
N TYR GD 52 29.49 115.10 -49.86
CA TYR GD 52 28.18 115.45 -50.37
C TYR GD 52 27.64 114.31 -51.23
N ALA GD 53 26.35 114.06 -51.10
CA ALA GD 53 25.67 113.04 -51.87
C ALA GD 53 24.18 113.36 -51.84
N VAL GD 54 23.39 112.47 -52.45
CA VAL GD 54 21.95 112.61 -52.45
C VAL GD 54 21.37 111.48 -51.63
N SER GD 55 20.11 111.66 -51.21
CA SER GD 55 19.42 110.60 -50.50
C SER GD 55 19.17 109.42 -51.42
N GLU GD 56 19.56 108.23 -50.97
CA GLU GD 56 19.34 107.03 -51.77
C GLU GD 56 17.86 106.70 -51.91
N LEU GD 57 16.99 107.34 -51.12
CA LEU GD 57 15.55 107.16 -51.20
C LEU GD 57 14.91 108.12 -52.19
N ALA GD 58 15.71 108.90 -52.90
CA ALA GD 58 15.16 109.91 -53.81
C ALA GD 58 14.53 109.24 -55.03
N GLY GD 59 13.27 109.56 -55.29
CA GLY GD 59 12.62 109.05 -56.48
C GLY GD 59 12.43 107.55 -56.52
N HIS GD 60 12.43 106.89 -55.36
CA HIS GD 60 12.23 105.46 -55.29
C HIS GD 60 11.04 105.07 -54.41
N GLN GD 61 10.39 106.02 -53.77
CA GLN GD 61 9.27 105.75 -52.88
C GLN GD 61 7.97 105.92 -53.65
N THR GD 62 7.86 105.16 -54.74
CA THR GD 62 6.77 105.36 -55.69
C THR GD 62 5.87 104.15 -55.84
N SER GD 63 6.45 102.95 -55.99
CA SER GD 63 5.72 101.74 -56.37
C SER GD 63 5.09 101.91 -57.77
N ALA GD 64 5.95 102.18 -58.74
CA ALA GD 64 5.57 102.30 -60.13
C ALA GD 64 5.69 100.94 -60.83
N GLU GD 65 4.84 100.73 -61.82
CA GLU GD 65 4.79 99.47 -62.54
C GLU GD 65 5.06 99.70 -64.03
N SER GD 66 5.45 98.62 -64.70
CA SER GD 66 5.89 98.71 -66.08
C SER GD 66 4.79 99.11 -67.04
N TRP GD 67 3.53 99.02 -66.62
CA TRP GD 67 2.36 99.45 -67.38
C TRP GD 67 2.11 98.59 -68.62
N GLY GD 68 2.97 97.62 -68.91
CA GLY GD 68 2.75 96.74 -70.03
C GLY GD 68 3.11 97.37 -71.36
N THR GD 69 2.83 96.62 -72.42
CA THR GD 69 3.13 97.05 -73.78
C THR GD 69 1.90 97.16 -74.66
N GLY GD 70 0.75 96.66 -74.23
CA GLY GD 70 -0.45 96.77 -75.07
C GLY GD 70 -0.84 98.21 -75.33
N ARG GD 71 -0.85 99.03 -74.28
CA ARG GD 71 -1.19 100.43 -74.46
C ARG GD 71 -0.06 101.15 -75.18
N ALA GD 72 -0.42 102.01 -76.13
CA ALA GD 72 0.57 102.66 -77.00
C ALA GD 72 1.29 103.77 -76.26
N VAL GD 73 2.05 103.38 -75.24
CA VAL GD 73 2.82 104.29 -74.42
C VAL GD 73 4.21 103.70 -74.23
N ALA GD 74 5.08 104.47 -73.58
CA ALA GD 74 6.42 104.00 -73.29
C ALA GD 74 6.39 102.88 -72.25
N ARG GD 75 7.48 102.13 -72.19
CA ARG GD 75 7.60 101.00 -71.28
C ARG GD 75 8.17 101.41 -69.92
N ILE GD 76 8.41 102.69 -69.71
CA ILE GD 76 9.00 103.15 -68.45
C ILE GD 76 8.02 102.88 -67.31
N PRO GD 77 8.47 102.58 -66.10
CA PRO GD 77 7.54 102.45 -64.98
C PRO GD 77 6.77 103.74 -64.76
N ARG GD 78 5.49 103.60 -64.40
CA ARG GD 78 4.58 104.72 -64.28
C ARG GD 78 3.81 104.65 -62.97
N VAL GD 79 3.34 105.81 -62.51
CA VAL GD 79 2.61 105.88 -61.25
C VAL GD 79 1.25 105.20 -61.39
N ARG GD 80 0.83 104.53 -60.33
CA ARG GD 80 -0.52 104.00 -60.24
C ARG GD 80 -1.46 105.10 -59.76
N GLY GD 81 -2.69 104.73 -59.40
CA GLY GD 81 -3.62 105.68 -58.83
C GLY GD 81 -4.70 106.14 -59.79
N GLY GD 82 -4.80 107.46 -59.97
CA GLY GD 82 -5.77 108.01 -60.91
C GLY GD 82 -6.39 109.33 -60.47
N GLY GD 83 -6.14 109.74 -59.24
CA GLY GD 83 -6.74 110.95 -58.72
C GLY GD 83 -5.93 112.20 -58.94
N THR GD 84 -4.73 112.06 -59.49
CA THR GD 84 -3.82 113.17 -59.70
C THR GD 84 -3.26 113.12 -61.11
N HIS GD 85 -2.76 114.26 -61.57
CA HIS GD 85 -1.96 114.25 -62.79
C HIS GD 85 -0.69 113.46 -62.60
N ARG GD 86 -0.20 113.34 -61.36
CA ARG GD 86 0.95 112.50 -61.08
C ARG GD 86 0.71 111.05 -61.47
N SER GD 87 -0.54 110.59 -61.36
CA SER GD 87 -0.87 109.22 -61.72
C SER GD 87 -0.54 108.98 -63.19
N GLY GD 88 0.16 107.88 -63.48
CA GLY GD 88 0.48 107.51 -64.83
C GLY GD 88 1.77 108.10 -65.38
N GLN GD 89 2.33 109.10 -64.73
CA GLN GD 89 3.59 109.66 -65.19
C GLN GD 89 4.73 108.68 -64.92
N GLY GD 90 5.78 108.80 -65.72
CA GLY GD 90 6.93 107.94 -65.56
C GLY GD 90 7.63 108.15 -64.23
N ALA GD 91 8.29 107.10 -63.76
CA ALA GD 91 8.97 107.15 -62.47
C ALA GD 91 10.13 106.15 -62.50
N PHE GD 92 11.01 106.31 -61.53
CA PHE GD 92 12.13 105.41 -61.22
C PHE GD 92 13.28 105.53 -62.21
N GLY GD 93 13.13 106.27 -63.30
CA GLY GD 93 14.18 106.45 -64.26
C GLY GD 93 14.85 107.80 -64.07
N ASN GD 94 16.08 107.88 -64.58
CA ASN GD 94 16.73 109.17 -64.69
C ASN GD 94 16.26 109.94 -65.92
N MET GD 95 15.26 109.45 -66.61
CA MET GD 95 14.59 110.16 -67.69
C MET GD 95 13.46 111.03 -67.19
N CYS GD 96 12.61 110.45 -66.37
CA CYS GD 96 11.34 111.04 -66.01
C CYS GD 96 11.51 112.06 -64.90
N ARG GD 97 10.75 113.14 -65.00
CA ARG GD 97 10.74 114.15 -63.96
C ARG GD 97 10.36 113.53 -62.63
N GLY GD 98 11.10 113.87 -61.58
CA GLY GD 98 10.88 113.28 -60.28
C GLY GD 98 11.46 111.90 -60.11
N GLY GD 99 12.16 111.37 -61.11
CA GLY GD 99 12.76 110.06 -61.00
C GLY GD 99 14.12 110.10 -60.32
N ARG GD 100 14.66 108.92 -60.06
CA ARG GD 100 15.97 108.84 -59.43
C ARG GD 100 17.06 109.17 -60.43
N MET GD 101 17.99 110.02 -60.02
CA MET GD 101 19.06 110.42 -60.90
C MET GD 101 19.98 109.24 -61.18
N PHE GD 102 20.60 109.26 -62.36
CA PHE GD 102 21.46 108.18 -62.81
C PHE GD 102 22.74 108.10 -61.99
N ALA GD 103 23.15 106.87 -61.64
CA ALA GD 103 24.39 106.64 -60.92
C ALA GD 103 24.50 107.54 -59.71
N PRO GD 104 23.72 107.29 -58.66
CA PRO GD 104 23.70 108.21 -57.52
C PRO GD 104 25.07 108.41 -56.92
N THR GD 105 25.37 109.65 -56.57
CA THR GD 105 26.61 109.97 -55.89
C THR GD 105 26.61 109.34 -54.51
N LYS GD 106 27.74 108.76 -54.12
CA LYS GD 106 27.85 108.07 -52.85
C LYS GD 106 28.80 108.82 -51.93
N THR GD 107 28.56 108.70 -50.64
CA THR GD 107 29.44 109.33 -49.66
C THR GD 107 30.84 108.73 -49.75
N TRP GD 108 30.93 107.44 -50.03
CA TRP GD 108 32.22 106.76 -50.11
C TRP GD 108 32.88 107.01 -51.48
N ARG GD 109 33.14 108.28 -51.76
CA ARG GD 109 33.71 108.70 -53.02
C ARG GD 109 35.25 108.67 -53.00
N ARG GD 110 35.84 108.38 -51.83
CA ARG GD 110 37.28 108.50 -51.63
C ARG GD 110 37.71 109.95 -51.83
N TRP GD 111 37.06 110.83 -51.06
CA TRP GD 111 37.35 112.26 -51.13
C TRP GD 111 38.78 112.56 -50.73
N HIS GD 112 39.37 111.73 -49.88
CA HIS GD 112 40.70 111.98 -49.35
C HIS GD 112 41.77 111.27 -50.16
N ARG GD 113 42.96 111.88 -50.18
CA ARG GD 113 44.13 111.27 -50.79
C ARG GD 113 45.29 111.37 -49.80
N ARG GD 114 46.16 110.38 -49.81
CA ARG GD 114 47.34 110.37 -48.99
C ARG GD 114 48.58 110.52 -49.86
N VAL GD 115 49.58 111.23 -49.34
CA VAL GD 115 50.80 111.50 -50.06
C VAL GD 115 51.98 111.01 -49.24
N ASN GD 116 52.98 110.45 -49.91
CA ASN GD 116 54.19 110.03 -49.23
C ASN GD 116 54.84 111.22 -48.54
N THR GD 117 55.26 111.00 -47.29
CA THR GD 117 55.75 112.10 -46.46
C THR GD 117 56.94 112.79 -47.12
N THR GD 118 57.84 112.00 -47.71
CA THR GD 118 58.97 112.59 -48.41
C THR GD 118 58.53 113.56 -49.48
N GLN GD 119 57.45 113.23 -50.20
CA GLN GD 119 56.95 114.13 -51.23
C GLN GD 119 56.46 115.43 -50.64
N LYS GD 120 55.76 115.37 -49.51
CA LYS GD 120 55.26 116.58 -48.88
C LYS GD 120 56.41 117.47 -48.43
N ARG GD 121 57.44 116.87 -47.83
CA ARG GD 121 58.60 117.65 -47.41
C ARG GD 121 59.32 118.24 -48.63
N TYR GD 122 59.42 117.46 -49.70
CA TYR GD 122 60.05 117.95 -50.92
C TYR GD 122 59.28 119.15 -51.48
N ALA GD 123 57.95 119.05 -51.49
CA ALA GD 123 57.16 120.16 -52.01
C ALA GD 123 57.34 121.40 -51.16
N ILE GD 124 57.34 121.25 -49.84
CA ILE GD 124 57.47 122.44 -49.00
C ILE GD 124 58.84 123.06 -49.15
N CYS GD 125 59.90 122.25 -49.26
CA CYS GD 125 61.22 122.84 -49.42
C CYS GD 125 61.34 123.53 -50.76
N SER GD 126 60.73 122.96 -51.81
CA SER GD 126 60.68 123.66 -53.08
C SER GD 126 59.96 125.00 -52.95
N ALA GD 127 58.85 125.01 -52.21
CA ALA GD 127 58.07 126.23 -52.07
C ALA GD 127 58.86 127.33 -51.38
N LEU GD 128 59.50 127.01 -50.26
CA LEU GD 128 60.24 128.04 -49.54
C LEU GD 128 61.40 128.57 -50.38
N ALA GD 129 62.06 127.68 -51.11
CA ALA GD 129 63.10 128.14 -52.03
C ALA GD 129 62.53 129.03 -53.11
N ALA GD 130 61.28 128.78 -53.53
CA ALA GD 130 60.65 129.61 -54.56
C ALA GD 130 60.46 131.04 -54.11
N SER GD 131 60.09 131.25 -52.85
CA SER GD 131 59.90 132.60 -52.34
C SER GD 131 61.19 133.40 -52.31
N ALA GD 132 62.34 132.75 -52.43
CA ALA GD 132 63.64 133.41 -52.36
C ALA GD 132 64.09 133.95 -53.72
N LEU GD 133 63.17 134.08 -54.66
CA LEU GD 133 63.47 134.64 -55.98
C LEU GD 133 62.52 135.78 -56.25
N PRO GD 134 63.02 136.99 -56.50
CA PRO GD 134 62.09 138.11 -56.75
C PRO GD 134 61.25 137.87 -57.97
N ALA GD 135 61.79 137.15 -58.95
CA ALA GD 135 61.03 136.84 -60.15
C ALA GD 135 59.79 136.04 -59.81
N LEU GD 136 59.93 135.01 -58.99
CA LEU GD 136 58.78 134.15 -58.69
C LEU GD 136 57.73 134.90 -57.89
N VAL GD 137 58.16 135.64 -56.85
CA VAL GD 137 57.20 136.35 -56.03
C VAL GD 137 56.50 137.45 -56.82
N MET GD 138 57.21 138.10 -57.75
CA MET GD 138 56.55 139.07 -58.62
C MET GD 138 55.61 138.38 -59.58
N SER GD 139 55.96 137.18 -60.03
CA SER GD 139 55.11 136.42 -60.93
C SER GD 139 53.79 136.01 -60.29
N LYS GD 140 53.70 136.09 -58.97
CA LYS GD 140 52.44 135.90 -58.28
C LYS GD 140 51.68 137.21 -58.09
N GLY GD 141 52.16 138.29 -58.69
CA GLY GD 141 51.48 139.58 -58.61
C GLY GD 141 51.40 140.13 -57.21
N HIS GD 142 52.54 140.11 -56.51
CA HIS GD 142 52.59 140.55 -55.12
C HIS GD 142 53.02 142.00 -54.96
N ARG GD 143 53.33 142.70 -56.05
CA ARG GD 143 53.54 144.14 -56.05
C ARG GD 143 54.55 144.57 -54.98
N ILE GD 144 55.74 144.00 -55.05
CA ILE GD 144 56.84 144.39 -54.19
C ILE GD 144 57.98 144.83 -55.10
N GLU GD 145 58.38 146.10 -54.97
CA GLU GD 145 59.54 146.62 -55.68
C GLU GD 145 60.44 147.47 -54.82
N GLU GD 146 59.95 148.04 -53.73
CA GLU GD 146 60.72 148.90 -52.86
C GLU GD 146 61.05 148.26 -51.54
N VAL GD 147 60.64 147.00 -51.33
CA VAL GD 147 61.07 146.27 -50.13
C VAL GD 147 62.51 145.81 -50.31
N PRO GD 148 63.36 145.94 -49.32
CA PRO GD 148 64.73 145.44 -49.47
C PRO GD 148 64.87 144.01 -49.00
N GLU GD 149 65.88 143.29 -49.50
CA GLU GD 149 66.22 141.95 -49.02
C GLU GD 149 65.00 141.03 -49.10
N LEU GD 150 64.61 140.73 -50.34
CA LEU GD 150 63.43 139.91 -50.61
C LEU GD 150 63.24 138.79 -49.59
N PRO GD 151 64.23 137.94 -49.28
CA PRO GD 151 64.03 137.05 -48.14
C PRO GD 151 64.03 137.92 -46.90
N LEU GD 152 62.84 138.20 -46.37
CA LEU GD 152 62.65 139.31 -45.46
C LEU GD 152 62.60 138.81 -44.03
N VAL GD 153 63.43 139.38 -43.17
CA VAL GD 153 63.52 138.90 -41.81
C VAL GD 153 63.40 140.11 -40.91
N VAL GD 154 62.59 140.03 -39.88
CA VAL GD 154 62.42 141.12 -38.95
C VAL GD 154 62.75 140.61 -37.56
N GLU GD 155 63.26 141.50 -36.71
CA GLU GD 155 63.71 141.10 -35.39
C GLU GD 155 62.53 140.62 -34.54
N ASP GD 156 62.86 139.81 -33.53
CA ASP GD 156 61.89 138.99 -32.83
C ASP GD 156 60.90 139.78 -31.99
N LYS GD 157 61.16 141.06 -31.70
CA LYS GD 157 60.25 141.79 -30.83
C LYS GD 157 58.85 141.87 -31.41
N VAL GD 158 58.69 141.65 -32.70
CA VAL GD 158 57.38 141.68 -33.33
C VAL GD 158 56.48 140.59 -32.76
N GLU GD 159 57.06 139.51 -32.25
CA GLU GD 159 56.24 138.48 -31.61
C GLU GD 159 55.47 139.05 -30.43
N GLY GD 160 56.03 140.05 -29.77
CA GLY GD 160 55.36 140.71 -28.66
C GLY GD 160 54.34 141.74 -29.03
N TYR GD 161 54.10 141.95 -30.33
CA TYR GD 161 53.10 142.92 -30.76
C TYR GD 161 51.73 142.54 -30.22
N LYS GD 162 50.96 143.55 -29.81
CA LYS GD 162 49.63 143.34 -29.25
C LYS GD 162 48.55 144.21 -29.87
N LYS GD 163 48.90 145.19 -30.68
CA LYS GD 163 47.94 146.08 -31.29
C LYS GD 163 47.97 145.96 -32.80
N THR GD 164 46.83 146.20 -33.43
CA THR GD 164 46.77 146.24 -34.88
C THR GD 164 47.46 147.48 -35.43
N LYS GD 165 47.43 148.58 -34.69
CA LYS GD 165 48.00 149.83 -35.18
C LYS GD 165 49.51 149.72 -35.38
N GLU GD 166 50.20 149.17 -34.39
CA GLU GD 166 51.64 148.95 -34.56
C GLU GD 166 51.91 147.98 -35.69
N ALA GD 167 51.03 147.00 -35.88
CA ALA GD 167 51.21 146.04 -36.97
C ALA GD 167 51.16 146.72 -38.32
N VAL GD 168 50.12 147.51 -38.56
CA VAL GD 168 50.02 148.19 -39.85
C VAL GD 168 51.14 149.22 -40.00
N LEU GD 169 51.55 149.86 -38.89
CA LEU GD 169 52.69 150.76 -38.94
C LEU GD 169 53.93 150.04 -39.44
N LEU GD 170 54.20 148.85 -38.89
CA LEU GD 170 55.33 148.07 -39.33
C LEU GD 170 55.20 147.68 -40.80
N LEU GD 171 54.01 147.26 -41.21
CA LEU GD 171 53.81 146.84 -42.58
C LEU GD 171 54.06 147.98 -43.56
N LYS GD 172 53.60 149.18 -43.22
CA LYS GD 172 53.95 150.35 -44.02
C LYS GD 172 55.44 150.60 -43.99
N LYS GD 173 56.07 150.46 -42.82
CA LYS GD 173 57.50 150.66 -42.71
C LYS GD 173 58.25 149.61 -43.52
N LEU GD 174 57.77 148.37 -43.51
CA LEU GD 174 58.38 147.34 -44.34
C LEU GD 174 58.01 147.45 -45.80
N LYS GD 175 57.34 148.53 -46.20
CA LYS GD 175 57.06 148.83 -47.61
C LYS GD 175 56.22 147.74 -48.28
N ALA GD 176 55.65 146.83 -47.50
CA ALA GD 176 54.78 145.80 -48.02
C ALA GD 176 53.31 146.21 -47.97
N TRP GD 177 53.03 147.41 -47.45
CA TRP GD 177 51.66 147.88 -47.32
C TRP GD 177 50.96 147.95 -48.66
N ASN GD 178 51.69 148.17 -49.75
CA ASN GD 178 51.07 148.27 -51.07
C ASN GD 178 50.40 146.97 -51.46
N ASP GD 179 50.99 145.83 -51.11
CA ASP GD 179 50.34 144.55 -51.39
C ASP GD 179 49.00 144.46 -50.70
N ILE GD 180 48.95 144.86 -49.42
CA ILE GD 180 47.69 144.85 -48.70
C ILE GD 180 46.69 145.79 -49.33
N LYS GD 181 47.15 146.98 -49.74
CA LYS GD 181 46.25 147.90 -50.44
C LYS GD 181 45.70 147.27 -51.71
N LYS GD 182 46.54 146.49 -52.41
CA LYS GD 182 46.07 145.76 -53.58
C LYS GD 182 45.01 144.74 -53.18
N VAL GD 183 45.19 144.09 -52.03
CA VAL GD 183 44.15 143.19 -51.54
C VAL GD 183 42.85 143.95 -51.33
N TYR GD 184 42.94 145.18 -50.82
CA TYR GD 184 41.74 145.99 -50.64
C TYR GD 184 41.04 146.23 -51.97
N ALA GD 185 41.80 146.58 -53.01
CA ALA GD 185 41.20 146.72 -54.33
C ALA GD 185 40.65 145.40 -54.84
N SER GD 186 41.17 144.27 -54.35
CA SER GD 186 40.72 142.96 -54.77
C SER GD 186 39.41 142.53 -54.11
N GLN GD 187 38.94 143.28 -53.11
CA GLN GD 187 37.68 142.93 -52.47
C GLN GD 187 36.56 143.03 -53.48
N ARG GD 188 36.05 141.89 -53.91
CA ARG GD 188 35.06 141.87 -54.97
C ARG GD 188 34.14 140.68 -54.77
N MET GD 189 33.06 140.67 -55.52
CA MET GD 189 32.00 139.69 -55.35
C MET GD 189 32.34 138.42 -56.13
N ARG GD 190 32.17 137.27 -55.49
CA ARG GD 190 32.36 136.00 -56.18
C ARG GD 190 31.25 135.80 -57.21
N ALA GD 191 31.62 135.22 -58.35
CA ALA GD 191 30.69 135.03 -59.45
C ALA GD 191 30.09 133.63 -59.38
N GLY GD 192 28.77 133.56 -59.59
CA GLY GD 192 28.10 132.29 -59.67
C GLY GD 192 27.33 131.93 -58.42
N LYS GD 193 27.02 130.63 -58.31
CA LYS GD 193 26.14 130.15 -57.27
C LYS GD 193 26.82 130.02 -55.91
N GLY GD 194 28.15 130.20 -55.86
CA GLY GD 194 28.84 130.07 -54.59
C GLY GD 194 28.45 131.12 -53.57
N LYS GD 195 27.86 132.23 -54.02
CA LYS GD 195 27.43 133.26 -53.10
C LYS GD 195 26.48 132.71 -52.05
N MET GD 196 25.52 131.92 -52.48
CA MET GD 196 24.45 131.46 -51.65
C MET GD 196 24.83 130.21 -50.87
N ARG GD 197 26.02 129.65 -51.14
CA ARG GD 197 26.58 128.56 -50.35
C ARG GD 197 27.65 129.05 -49.39
N ASN GD 198 27.48 130.25 -48.85
CA ASN GD 198 28.33 130.84 -47.81
C ASN GD 198 29.70 131.26 -48.32
N ARG GD 199 30.02 130.98 -49.58
CA ARG GD 199 31.28 131.43 -50.17
C ARG GD 199 31.06 132.76 -50.88
N ARG GD 200 30.76 133.79 -50.08
CA ARG GD 200 30.21 135.02 -50.61
C ARG GD 200 31.27 135.90 -51.25
N ARG GD 201 32.25 136.33 -50.46
CA ARG GD 201 33.22 137.33 -50.90
C ARG GD 201 34.58 136.69 -51.12
N ILE GD 202 35.26 137.13 -52.16
CA ILE GD 202 36.61 136.66 -52.48
C ILE GD 202 37.57 137.83 -52.39
N GLN GD 203 38.85 137.50 -52.30
CA GLN GD 203 39.89 138.53 -52.17
C GLN GD 203 41.23 137.92 -52.58
N ARG GD 204 42.22 138.79 -52.68
CA ARG GD 204 43.59 138.37 -52.98
C ARG GD 204 44.20 137.76 -51.73
N ARG GD 205 45.49 137.44 -51.81
CA ARG GD 205 46.21 136.84 -50.68
C ARG GD 205 47.35 137.76 -50.29
N GLY GD 206 47.41 138.11 -49.00
CA GLY GD 206 48.55 138.83 -48.48
C GLY GD 206 49.72 137.92 -48.24
N PRO GD 207 50.82 138.51 -47.78
CA PRO GD 207 52.01 137.72 -47.52
C PRO GD 207 51.84 136.82 -46.32
N CYS GD 208 52.62 135.74 -46.28
CA CYS GD 208 52.72 134.91 -45.11
C CYS GD 208 53.63 135.54 -44.07
N ILE GD 209 53.24 135.43 -42.81
CA ILE GD 209 54.08 135.81 -41.70
C ILE GD 209 54.48 134.53 -40.98
N ILE GD 210 55.76 134.20 -41.05
CA ILE GD 210 56.27 132.99 -40.43
C ILE GD 210 56.92 133.39 -39.12
N TYR GD 211 56.23 133.10 -38.02
CA TYR GD 211 56.69 133.38 -36.68
C TYR GD 211 57.14 132.07 -36.04
N ASN GD 212 57.73 132.19 -34.85
CA ASN GD 212 58.22 131.02 -34.13
C ASN GD 212 57.52 130.82 -32.80
N GLU GD 213 57.18 131.90 -32.10
CA GLU GD 213 56.33 131.82 -30.92
C GLU GD 213 55.19 132.80 -31.03
N ASP GD 214 54.11 132.51 -30.32
CA ASP GD 214 52.95 133.38 -30.24
C ASP GD 214 53.01 134.16 -28.94
N ASN GD 215 53.34 135.45 -29.03
CA ASN GD 215 53.25 136.36 -27.89
C ASN GD 215 52.27 137.49 -28.19
N GLY GD 216 51.14 137.14 -28.79
CA GLY GD 216 50.17 138.13 -29.21
C GLY GD 216 50.28 138.58 -30.64
N ILE GD 217 51.23 138.02 -31.41
CA ILE GD 217 51.38 138.44 -32.80
C ILE GD 217 50.13 138.14 -33.60
N ILE GD 218 49.57 136.94 -33.44
CA ILE GD 218 48.43 136.56 -34.28
C ILE GD 218 47.21 137.40 -33.94
N LYS GD 219 47.02 137.76 -32.68
CA LYS GD 219 45.95 138.70 -32.35
C LYS GD 219 46.22 140.07 -32.95
N ALA GD 220 47.47 140.53 -32.94
CA ALA GD 220 47.80 141.78 -33.59
C ALA GD 220 47.49 141.71 -35.07
N PHE GD 221 47.81 140.59 -35.70
CA PHE GD 221 47.42 140.32 -37.07
C PHE GD 221 46.01 139.75 -37.10
N ARG GD 222 45.63 139.17 -38.22
CA ARG GD 222 44.40 138.44 -38.49
C ARG GD 222 43.19 139.36 -38.64
N ASN GD 223 43.32 140.66 -38.37
CA ASN GD 223 42.25 141.59 -38.73
C ASN GD 223 42.52 142.29 -40.05
N ILE GD 224 43.77 142.31 -40.50
CA ILE GD 224 44.08 142.80 -41.83
C ILE GD 224 43.84 141.67 -42.81
N PRO GD 225 42.99 141.87 -43.81
CA PRO GD 225 42.62 140.76 -44.70
C PRO GD 225 43.81 140.26 -45.50
N GLY GD 226 43.79 138.95 -45.78
CA GLY GD 226 44.72 138.34 -46.69
C GLY GD 226 46.01 137.86 -46.07
N ILE GD 227 46.35 138.33 -44.88
CA ILE GD 227 47.60 137.91 -44.24
C ILE GD 227 47.41 136.53 -43.64
N THR GD 228 48.52 135.81 -43.47
CA THR GD 228 48.49 134.49 -42.84
C THR GD 228 49.66 134.35 -41.88
N LEU GD 229 49.43 133.57 -40.84
CA LEU GD 229 50.44 133.25 -39.85
C LEU GD 229 50.79 131.77 -39.98
N LEU GD 230 52.06 131.45 -39.83
CA LEU GD 230 52.48 130.10 -40.22
C LEU GD 230 53.01 129.25 -39.09
N ASN GD 231 53.65 129.84 -38.07
CA ASN GD 231 54.18 129.06 -36.96
C ASN GD 231 55.18 128.03 -37.45
N VAL GD 232 56.36 128.50 -37.86
CA VAL GD 232 57.37 127.76 -38.62
C VAL GD 232 57.51 126.31 -38.16
N SER GD 233 57.29 126.04 -36.88
CA SER GD 233 57.35 124.66 -36.40
C SER GD 233 56.44 123.74 -37.19
N LYS GD 234 55.46 124.28 -37.92
CA LYS GD 234 54.57 123.50 -38.75
C LYS GD 234 54.08 124.40 -39.89
N LEU GD 235 54.49 124.08 -41.11
CA LEU GD 235 54.11 124.88 -42.27
C LEU GD 235 52.78 124.41 -42.82
N ASN GD 236 52.41 124.93 -43.99
CA ASN GD 236 51.23 124.45 -44.71
C ASN GD 236 51.42 124.76 -46.19
N ILE GD 237 51.60 123.72 -46.99
CA ILE GD 237 51.80 123.93 -48.42
C ILE GD 237 50.58 124.57 -49.05
N LEU GD 238 49.38 124.19 -48.62
CA LEU GD 238 48.16 124.76 -49.16
C LEU GD 238 48.05 126.25 -48.89
N LYS GD 239 48.74 126.76 -47.86
CA LYS GD 239 48.91 128.18 -47.67
C LYS GD 239 50.21 128.71 -48.26
N LEU GD 240 51.26 127.89 -48.27
CA LEU GD 240 52.51 128.32 -48.90
C LEU GD 240 52.33 128.56 -50.39
N ALA GD 241 51.65 127.66 -51.07
CA ALA GD 241 51.29 127.85 -52.48
C ALA GD 241 49.77 127.85 -52.54
N PRO GD 242 49.13 129.01 -52.43
CA PRO GD 242 47.67 129.02 -52.27
C PRO GD 242 46.94 128.46 -53.47
N GLY GD 243 47.38 128.81 -54.69
CA GLY GD 243 46.75 128.27 -55.88
C GLY GD 243 47.61 127.22 -56.54
N GLY GD 244 48.51 126.61 -55.77
CA GLY GD 244 49.45 125.68 -56.34
C GLY GD 244 50.50 126.31 -57.22
N HIS GD 245 50.56 127.64 -57.27
CA HIS GD 245 51.55 128.35 -58.05
C HIS GD 245 52.61 128.90 -57.10
N VAL GD 246 53.87 128.55 -57.36
CA VAL GD 246 54.93 128.84 -56.41
C VAL GD 246 55.20 130.33 -56.34
N GLY GD 247 55.94 130.73 -55.31
CA GLY GD 247 56.42 132.09 -55.20
C GLY GD 247 55.49 133.03 -54.45
N ARG GD 248 55.05 132.65 -53.25
CA ARG GD 248 54.23 133.51 -52.42
C ARG GD 248 55.12 134.30 -51.47
N PHE GD 249 54.74 135.55 -51.22
CA PHE GD 249 55.47 136.40 -50.29
C PHE GD 249 55.40 135.80 -48.90
N CYS GD 250 56.52 135.82 -48.19
CA CYS GD 250 56.60 135.34 -46.82
C CYS GD 250 57.39 136.32 -45.99
N ILE GD 251 56.95 136.51 -44.75
CA ILE GD 251 57.62 137.39 -43.79
C ILE GD 251 58.10 136.53 -42.64
N TRP GD 252 59.36 136.72 -42.25
CA TRP GD 252 60.01 135.85 -41.28
C TRP GD 252 60.51 136.65 -40.09
N THR GD 253 60.38 136.05 -38.92
CA THR GD 253 61.07 136.52 -37.74
C THR GD 253 62.49 135.97 -37.73
N GLU GD 254 63.34 136.57 -36.90
CA GLU GD 254 64.71 136.09 -36.78
C GLU GD 254 64.75 134.67 -36.23
N SER GD 255 63.93 134.38 -35.23
CA SER GD 255 63.99 133.08 -34.57
C SER GD 255 63.64 131.96 -35.55
N ALA GD 256 62.54 132.11 -36.28
CA ALA GD 256 62.14 131.09 -37.24
C ALA GD 256 63.24 130.87 -38.27
N PHE GD 257 63.88 131.95 -38.70
CA PHE GD 257 64.91 131.83 -39.72
C PHE GD 257 66.13 131.10 -39.20
N ARG GD 258 66.50 131.33 -37.93
CA ARG GD 258 67.56 130.50 -37.36
C ARG GD 258 67.10 129.06 -37.22
N LYS GD 259 65.80 128.84 -37.01
CA LYS GD 259 65.32 127.48 -36.80
C LYS GD 259 65.32 126.66 -38.09
N LEU GD 260 65.10 127.31 -39.23
CA LEU GD 260 64.90 126.57 -40.48
C LEU GD 260 66.04 125.58 -40.74
N ASP GD 261 67.28 126.00 -40.47
CA ASP GD 261 68.41 125.15 -40.79
C ASP GD 261 68.26 123.79 -40.13
N GLU GD 262 68.20 123.77 -38.80
CA GLU GD 262 68.05 122.49 -38.10
C GLU GD 262 66.69 121.86 -38.33
N LEU GD 263 65.68 122.64 -38.73
CA LEU GD 263 64.40 122.04 -39.05
C LEU GD 263 64.49 121.19 -40.31
N TYR GD 264 65.31 121.59 -41.28
CA TYR GD 264 65.45 120.82 -42.51
C TYR GD 264 66.86 120.33 -42.79
N GLY GD 265 67.86 120.77 -42.03
CA GLY GD 265 69.22 120.36 -42.26
C GLY GD 265 69.80 120.96 -43.53
N THR GD 266 71.09 120.72 -43.71
CA THR GD 266 71.80 121.15 -44.90
C THR GD 266 71.91 119.99 -45.87
N TRP GD 267 72.64 120.19 -46.97
CA TRP GD 267 73.04 119.05 -47.79
C TRP GD 267 74.20 118.31 -47.15
N ARG GD 268 75.04 119.00 -46.39
CA ARG GD 268 76.13 118.37 -45.64
C ARG GD 268 75.73 117.99 -44.23
N LYS GD 269 74.51 118.30 -43.81
CA LYS GD 269 74.04 117.96 -42.47
C LYS GD 269 72.55 117.74 -42.50
N ALA GD 270 72.10 116.62 -41.91
CA ALA GD 270 70.70 116.25 -41.98
C ALA GD 270 69.85 117.11 -41.04
N ALA GD 271 68.54 116.96 -41.17
CA ALA GD 271 67.61 117.67 -40.30
C ALA GD 271 67.72 117.14 -38.87
N SER GD 272 67.48 118.04 -37.91
CA SER GD 272 67.65 117.69 -36.50
C SER GD 272 66.35 117.33 -35.80
N LEU GD 273 65.23 117.97 -36.16
CA LEU GD 273 63.94 117.68 -35.54
C LEU GD 273 63.05 116.87 -36.47
N LYS GD 274 63.64 116.11 -37.38
CA LYS GD 274 62.90 115.20 -38.25
C LYS GD 274 63.49 113.81 -38.32
N SER GD 275 64.74 113.63 -37.89
CA SER GD 275 65.32 112.34 -37.49
C SER GD 275 65.63 111.39 -38.63
N ASN GD 276 65.16 111.67 -39.85
CA ASN GD 276 65.66 110.95 -41.00
C ASN GD 276 65.74 111.78 -42.27
N TYR GD 277 65.38 113.06 -42.23
CA TYR GD 277 65.19 113.82 -43.44
C TYR GD 277 66.43 114.60 -43.81
N ASN GD 278 66.61 114.79 -45.12
CA ASN GD 278 67.72 115.57 -45.64
C ASN GD 278 67.21 116.39 -46.81
N LEU GD 279 67.94 117.45 -47.12
CA LEU GD 279 67.62 118.24 -48.29
C LEU GD 279 67.78 117.37 -49.54
N PRO GD 280 66.89 117.51 -50.52
CA PRO GD 280 67.05 116.74 -51.75
C PRO GD 280 68.33 117.12 -52.48
N MET GD 281 68.93 116.13 -53.13
CA MET GD 281 70.09 116.39 -53.98
C MET GD 281 69.63 116.93 -55.31
N HIS GD 282 70.25 118.03 -55.74
CA HIS GD 282 69.97 118.56 -57.06
C HIS GD 282 70.39 117.53 -58.12
N LYS GD 283 69.63 117.47 -59.21
CA LYS GD 283 70.05 116.74 -60.39
C LYS GD 283 70.73 117.65 -61.40
N MET GD 284 70.99 118.90 -61.00
CA MET GD 284 71.46 119.92 -61.93
C MET GD 284 72.16 120.98 -61.10
N ILE GD 285 73.48 121.10 -61.29
CA ILE GD 285 74.29 121.91 -60.38
C ILE GD 285 74.44 123.33 -60.88
N ASN GD 286 75.08 123.53 -62.02
CA ASN GD 286 75.23 124.85 -62.60
C ASN GD 286 74.19 124.95 -63.71
N THR GD 287 72.99 125.34 -63.33
CA THR GD 287 71.85 125.40 -64.24
C THR GD 287 71.66 126.76 -64.93
N ASP GD 288 72.75 127.21 -65.54
CA ASP GD 288 72.68 128.44 -66.32
C ASP GD 288 73.01 128.04 -67.76
N LEU GD 289 71.97 127.80 -68.55
CA LEU GD 289 72.16 127.35 -69.92
C LEU GD 289 73.07 128.30 -70.69
N SER GD 290 72.84 129.61 -70.54
CA SER GD 290 73.66 130.58 -71.26
C SER GD 290 75.12 130.46 -70.86
N ARG GD 291 75.42 130.62 -69.56
CA ARG GD 291 76.81 130.56 -69.11
C ARG GD 291 77.46 129.26 -69.52
N ILE GD 292 76.73 128.16 -69.45
CA ILE GD 292 77.29 126.88 -69.86
C ILE GD 292 77.63 126.90 -71.34
N LEU GD 293 76.68 127.30 -72.18
CA LEU GD 293 76.89 127.26 -73.63
C LEU GD 293 78.01 128.20 -74.06
N LYS GD 294 78.16 129.33 -73.38
CA LYS GD 294 79.23 130.26 -73.74
C LYS GD 294 80.59 129.81 -73.22
N SER GD 295 80.66 128.69 -72.52
CA SER GD 295 81.95 128.20 -72.05
C SER GD 295 82.82 127.84 -73.25
N PRO GD 296 84.07 128.29 -73.28
CA PRO GD 296 84.88 128.10 -74.49
C PRO GD 296 85.13 126.64 -74.85
N GLU GD 297 85.08 125.72 -73.90
CA GLU GD 297 85.47 124.34 -74.21
C GLU GD 297 84.49 123.68 -75.15
N ILE GD 298 83.20 123.72 -74.83
CA ILE GD 298 82.22 123.16 -75.74
C ILE GD 298 82.26 123.91 -77.06
N GLN GD 299 82.48 125.23 -77.00
CA GLN GD 299 82.60 126.01 -78.22
C GLN GD 299 83.78 125.53 -79.06
N ARG GD 300 84.81 125.01 -78.42
CA ARG GD 300 85.94 124.45 -79.15
C ARG GD 300 85.62 123.08 -79.72
N ALA GD 301 84.83 122.28 -79.01
CA ALA GD 301 84.42 120.99 -79.53
C ALA GD 301 83.26 121.11 -80.51
N LEU GD 302 82.70 122.31 -80.68
CA LEU GD 302 81.53 122.48 -81.51
C LEU GD 302 81.93 122.44 -82.99
N ARG GD 303 80.94 122.29 -83.86
CA ARG GD 303 81.07 122.43 -85.30
C ARG GD 303 80.50 123.77 -85.77
N ALA GD 304 80.91 124.15 -86.98
CA ALA GD 304 80.47 125.42 -87.53
C ALA GD 304 78.95 125.42 -87.75
N PRO GD 305 78.26 126.50 -87.41
CA PRO GD 305 76.79 126.52 -87.59
C PRO GD 305 76.45 126.83 -89.04
N ARG GD 306 75.69 125.94 -89.67
CA ARG GD 306 75.17 126.20 -91.00
C ARG GD 306 73.91 127.04 -90.88
N LYS GD 307 73.89 128.18 -91.57
CA LYS GD 307 72.84 129.16 -91.40
C LYS GD 307 72.14 129.55 -92.70
N LYS GD 308 72.75 129.34 -93.86
CA LYS GD 308 72.11 129.74 -95.11
C LYS GD 308 70.88 128.89 -95.35
N ILE GD 309 69.75 129.56 -95.57
CA ILE GD 309 68.48 128.88 -95.79
C ILE GD 309 68.45 128.39 -97.24
N HIS GD 310 68.34 127.08 -97.41
CA HIS GD 310 68.29 126.49 -98.75
C HIS GD 310 66.83 126.32 -99.13
N ARG GD 311 66.24 127.38 -99.66
CA ARG GD 311 64.86 127.32 -100.11
C ARG GD 311 64.75 126.48 -101.36
N ARG GD 312 63.54 125.97 -101.61
CA ARG GD 312 63.30 125.22 -102.83
C ARG GD 312 63.51 126.11 -104.04
N VAL GD 313 64.02 125.52 -105.10
CA VAL GD 313 64.40 126.26 -106.31
C VAL GD 313 63.37 126.01 -107.38
N LEU GD 314 62.94 127.08 -108.06
CA LEU GD 314 62.01 126.94 -109.16
C LEU GD 314 62.68 126.13 -110.27
N LYS GD 315 62.10 124.97 -110.57
CA LYS GD 315 62.72 124.09 -111.55
C LYS GD 315 62.51 124.62 -112.96
N LYS GD 316 63.36 125.57 -113.37
CA LYS GD 316 63.30 126.07 -114.73
C LYS GD 316 63.56 124.95 -115.72
N ASN GD 317 62.85 124.98 -116.83
CA ASN GD 317 62.85 123.87 -117.78
C ASN GD 317 63.90 124.12 -118.85
N PRO GD 318 64.95 123.32 -118.92
CA PRO GD 318 65.80 123.33 -120.10
C PRO GD 318 65.04 122.78 -121.31
N LEU GD 319 65.68 122.86 -122.46
CA LEU GD 319 65.08 122.58 -123.77
C LEU GD 319 64.00 123.61 -124.09
N LYS GD 320 63.72 124.53 -123.18
CA LYS GD 320 62.93 125.71 -123.45
C LYS GD 320 63.74 126.92 -123.02
N ASN GD 321 64.54 126.73 -121.98
CA ASN GD 321 65.48 127.73 -121.50
C ASN GD 321 66.88 127.40 -122.04
N LEU GD 322 67.71 128.42 -122.15
CA LEU GD 322 69.07 128.26 -122.66
C LEU GD 322 70.11 128.24 -121.54
N ARG GD 323 70.14 129.29 -120.72
CA ARG GD 323 71.18 129.40 -119.71
C ARG GD 323 71.11 128.28 -118.69
N ILE GD 324 69.90 127.80 -118.37
CA ILE GD 324 69.79 126.64 -117.50
C ILE GD 324 70.54 125.46 -118.09
N MET GD 325 70.30 125.19 -119.38
CA MET GD 325 70.98 124.09 -120.05
C MET GD 325 72.49 124.28 -120.07
N LEU GD 326 72.95 125.50 -120.38
CA LEU GD 326 74.39 125.74 -120.38
C LEU GD 326 74.98 125.49 -119.00
N LYS GD 327 74.29 125.93 -117.95
CA LYS GD 327 74.71 125.58 -116.61
C LYS GD 327 74.75 124.07 -116.44
N LEU GD 328 73.81 123.36 -117.04
CA LEU GD 328 73.88 121.90 -116.99
C LEU GD 328 74.95 121.37 -117.93
N ASN GD 329 74.86 121.66 -119.23
CA ASN GD 329 75.85 121.22 -120.19
C ASN GD 329 76.49 122.40 -120.90
N PRO GD 330 77.76 122.70 -120.60
CA PRO GD 330 78.48 123.70 -121.40
C PRO GD 330 78.60 123.29 -122.84
N TYR GD 331 78.62 121.98 -123.08
CA TYR GD 331 78.75 121.49 -124.45
C TYR GD 331 77.55 121.91 -125.30
N ALA GD 332 76.38 122.18 -124.68
CA ALA GD 332 75.17 122.57 -125.42
C ALA GD 332 75.35 123.80 -126.28
N LYS GD 333 76.04 124.83 -125.77
CA LYS GD 333 76.20 126.07 -126.54
C LYS GD 333 76.90 125.83 -127.86
N THR GD 334 78.05 125.15 -127.82
CA THR GD 334 78.74 124.81 -129.06
C THR GD 334 77.89 123.86 -129.90
N MET GD 335 77.10 122.96 -129.29
CA MET GD 335 76.17 122.18 -130.12
C MET GD 335 75.27 123.02 -130.92
N ARG GD 336 74.51 123.85 -130.23
CA ARG GD 336 73.53 124.63 -130.95
C ARG GD 336 74.22 125.51 -131.97
N ARG GD 337 75.38 126.07 -131.62
CA ARG GD 337 76.08 126.95 -132.55
C ARG GD 337 76.46 126.20 -133.82
N ASN GD 338 77.07 125.04 -133.67
CA ASN GD 338 77.46 124.26 -134.83
C ASN GD 338 76.24 123.83 -135.63
N THR GD 339 75.18 123.39 -134.95
CA THR GD 339 74.02 122.91 -135.68
C THR GD 339 73.34 124.05 -136.45
N ILE GD 340 73.29 125.25 -135.87
CA ILE GD 340 72.61 126.34 -136.56
C ILE GD 340 73.47 126.86 -137.70
N LEU GD 341 74.79 126.88 -137.52
CA LEU GD 341 75.65 127.22 -138.66
C LEU GD 341 75.48 126.20 -139.77
N ARG GD 342 75.36 124.93 -139.42
CA ARG GD 342 75.10 123.89 -140.40
C ARG GD 342 73.79 124.14 -141.13
N GLN GD 343 72.73 124.47 -140.39
CA GLN GD 343 71.45 124.75 -141.02
C GLN GD 343 71.55 125.94 -141.96
N ALA GD 344 72.23 127.00 -141.53
CA ALA GD 344 72.36 128.20 -142.35
C ALA GD 344 73.08 127.88 -143.64
N ARG GD 345 74.23 127.19 -143.54
CA ARG GD 345 74.99 126.85 -144.74
C ARG GD 345 74.18 125.94 -145.66
N ASN GD 346 73.52 124.94 -145.10
CA ASN GD 346 72.76 124.01 -145.94
C ASN GD 346 71.60 124.71 -146.63
N HIS GD 347 70.90 125.59 -145.91
CA HIS GD 347 69.81 126.34 -146.53
C HIS GD 347 70.33 127.24 -147.65
N LYS GD 348 71.45 127.91 -147.42
CA LYS GD 348 72.01 128.76 -148.46
C LYS GD 348 72.41 127.95 -149.68
N LEU GD 349 73.04 126.80 -149.46
CA LEU GD 349 73.45 125.95 -150.58
C LEU GD 349 72.24 125.44 -151.35
N ARG GD 350 71.19 125.02 -150.64
CA ARG GD 350 69.99 124.56 -151.31
C ARG GD 350 69.35 125.67 -152.13
N VAL GD 351 69.24 126.86 -151.56
CA VAL GD 351 68.56 127.94 -152.25
C VAL GD 351 69.35 128.40 -153.47
N ASP GD 352 70.69 128.45 -153.36
CA ASP GD 352 71.44 128.93 -154.50
C ASP GD 352 71.61 127.83 -155.56
N LYS GD 353 71.61 126.55 -155.17
CA LYS GD 353 71.55 125.51 -156.19
C LYS GD 353 70.21 125.54 -156.93
N ALA GD 354 69.11 125.80 -156.20
CA ALA GD 354 67.83 125.94 -156.87
C ALA GD 354 67.84 127.16 -157.81
N ALA GD 355 68.46 128.26 -157.37
CA ALA GD 355 68.57 129.43 -158.23
C ALA GD 355 69.40 129.11 -159.47
N ALA GD 356 70.48 128.37 -159.30
CA ALA GD 356 71.29 127.96 -160.44
C ALA GD 356 70.50 127.07 -161.39
N ALA GD 357 69.68 126.17 -160.84
CA ALA GD 357 68.84 125.32 -161.68
C ALA GD 357 67.83 126.15 -162.47
N ALA GD 358 67.21 127.13 -161.83
CA ALA GD 358 66.28 128.01 -162.54
C ALA GD 358 67.00 128.80 -163.63
N ALA GD 359 68.19 129.32 -163.33
CA ALA GD 359 68.96 130.03 -164.33
C ALA GD 359 69.33 129.12 -165.49
N ALA GD 360 69.70 127.88 -165.19
CA ALA GD 360 70.03 126.91 -166.23
C ALA GD 360 68.83 126.59 -167.11
N LEU GD 361 67.65 126.41 -166.51
CA LEU GD 361 66.47 126.14 -167.30
C LEU GD 361 66.11 127.32 -168.18
N GLN GD 362 66.26 128.55 -167.65
CA GLN GD 362 66.03 129.73 -168.48
C GLN GD 362 67.02 129.81 -169.62
N ALA GD 363 68.29 129.53 -169.35
CA ALA GD 363 69.31 129.62 -170.40
C ALA GD 363 69.09 128.56 -171.48
N LYS GD 364 68.75 127.34 -171.08
CA LYS GD 364 68.57 126.25 -172.02
C LYS GD 364 67.24 126.30 -172.75
N SER GD 365 66.23 126.98 -172.18
CA SER GD 365 64.93 127.09 -172.83
C SER GD 365 64.77 128.36 -173.65
N ASP GD 366 65.56 129.40 -173.36
CA ASP GD 366 65.47 130.68 -174.05
C ASP GD 366 66.72 130.95 -174.88
N GLU GD 367 67.28 129.91 -175.52
CA GLU GD 367 68.48 130.08 -176.32
C GLU GD 367 68.20 130.59 -177.73
N LYS GD 368 67.00 130.35 -178.25
CA LYS GD 368 66.62 130.77 -179.60
C LYS GD 368 67.64 130.34 -180.66
N GLY HD 1 44.70 26.99 -129.45
CA GLY HD 1 43.56 27.88 -129.30
C GLY HD 1 42.51 27.35 -128.35
N PHE HD 2 42.89 27.18 -127.09
CA PHE HD 2 41.99 26.68 -126.06
C PHE HD 2 41.83 27.64 -124.89
N VAL HD 3 42.91 28.23 -124.41
CA VAL HD 3 42.90 28.99 -123.17
C VAL HD 3 43.55 30.34 -123.40
N LYS HD 4 43.17 31.31 -122.58
CA LYS HD 4 43.77 32.64 -122.62
C LYS HD 4 45.28 32.51 -122.43
N VAL HD 5 46.06 32.99 -123.39
CA VAL HD 5 47.51 32.86 -123.32
C VAL HD 5 48.02 33.62 -122.11
N VAL HD 6 48.66 32.89 -121.20
CA VAL HD 6 49.08 33.48 -119.94
C VAL HD 6 50.18 34.51 -120.16
N LYS HD 7 51.32 34.06 -120.68
CA LYS HD 7 52.47 34.94 -120.88
C LYS HD 7 52.29 35.69 -122.20
N ASN HD 8 51.23 36.51 -122.22
CA ASN HD 8 50.89 37.29 -123.39
C ASN HD 8 51.71 38.58 -123.42
N LYS HD 9 51.42 39.44 -124.38
CA LYS HD 9 52.14 40.71 -124.50
C LYS HD 9 51.91 41.60 -123.29
N ALA HD 10 50.67 41.68 -122.82
CA ALA HD 10 50.35 42.56 -121.70
C ALA HD 10 51.10 42.12 -120.44
N TYR HD 11 51.17 40.81 -120.20
CA TYR HD 11 51.84 40.32 -119.01
C TYR HD 11 53.30 40.74 -119.00
N PHE HD 12 53.99 40.58 -120.12
CA PHE HD 12 55.40 40.95 -120.18
C PHE HD 12 55.59 42.46 -120.14
N LYS HD 13 54.67 43.22 -120.72
CA LYS HD 13 54.74 44.67 -120.60
C LYS HD 13 54.65 45.09 -119.14
N ARG HD 14 53.71 44.50 -118.40
CA ARG HD 14 53.46 44.89 -117.03
C ARG HD 14 54.32 44.13 -116.02
N TYR HD 15 54.96 43.05 -116.43
CA TYR HD 15 55.75 42.24 -115.50
C TYR HD 15 56.85 43.06 -114.86
N GLN HD 16 57.06 42.85 -113.56
CA GLN HD 16 58.09 43.53 -112.79
C GLN HD 16 59.23 42.55 -112.54
N VAL HD 17 60.45 42.97 -112.84
CA VAL HD 17 61.63 42.12 -112.76
C VAL HD 17 62.24 42.22 -111.38
N LYS HD 18 62.72 41.09 -110.87
CA LYS HD 18 63.36 41.06 -109.56
C LYS HD 18 64.79 41.58 -109.65
N PHE HD 19 65.46 41.56 -108.50
CA PHE HD 19 66.87 41.92 -108.46
C PHE HD 19 67.72 40.85 -109.16
N ARG HD 20 68.75 41.32 -109.85
CA ARG HD 20 69.58 40.42 -110.66
C ARG HD 20 70.12 39.27 -109.83
N ARG HD 21 70.78 39.59 -108.71
CA ARG HD 21 71.34 38.53 -107.89
C ARG HD 21 70.26 37.71 -107.20
N ARG HD 22 69.11 38.32 -106.90
CA ARG HD 22 67.95 37.53 -106.53
C ARG HD 22 67.51 36.64 -107.68
N ARG HD 23 67.49 37.19 -108.90
CA ARG HD 23 67.06 36.39 -110.04
C ARG HD 23 67.92 35.15 -110.21
N GLU HD 24 69.23 35.28 -110.01
CA GLU HD 24 70.08 34.11 -110.03
C GLU HD 24 69.98 33.30 -108.75
N GLY HD 25 69.18 33.73 -107.77
CA GLY HD 25 69.09 33.00 -106.52
C GLY HD 25 70.41 32.94 -105.80
N LYS HD 26 71.10 34.07 -105.68
CA LYS HD 26 72.45 34.10 -105.16
C LYS HD 26 72.65 35.02 -103.96
N THR HD 27 71.59 35.64 -103.44
CA THR HD 27 71.72 36.52 -102.29
C THR HD 27 70.35 36.73 -101.67
N ASP HD 28 70.23 36.41 -100.38
CA ASP HD 28 68.99 36.68 -99.65
C ASP HD 28 69.02 38.14 -99.23
N TYR HD 29 68.34 38.98 -100.00
CA TYR HD 29 68.34 40.40 -99.71
C TYR HD 29 67.66 40.70 -98.38
N TYR HD 30 66.68 39.89 -97.99
CA TYR HD 30 66.05 40.09 -96.69
C TYR HD 30 67.06 39.97 -95.55
N ALA HD 31 67.87 38.92 -95.58
CA ALA HD 31 68.91 38.77 -94.57
C ALA HD 31 70.07 39.72 -94.79
N ARG HD 32 70.47 39.92 -96.04
CA ARG HD 32 71.59 40.82 -96.31
C ARG HD 32 71.31 42.22 -95.79
N LYS HD 33 70.08 42.70 -95.98
CA LYS HD 33 69.72 44.03 -95.52
C LYS HD 33 70.02 44.19 -94.03
N ARG HD 34 69.50 43.28 -93.21
CA ARG HD 34 69.79 43.33 -91.78
C ARG HD 34 71.25 43.04 -91.48
N LEU HD 35 71.96 42.41 -92.42
CA LEU HD 35 73.30 41.93 -92.14
C LEU HD 35 74.40 42.94 -92.39
N VAL HD 36 74.26 43.81 -93.39
CA VAL HD 36 75.37 44.65 -93.81
C VAL HD 36 75.16 46.13 -93.51
N ILE HD 37 73.94 46.58 -93.22
CA ILE HD 37 73.73 48.00 -93.00
C ILE HD 37 74.38 48.39 -91.68
N GLN HD 38 75.27 49.37 -91.73
CA GLN HD 38 75.80 49.94 -90.51
C GLN HD 38 74.77 50.85 -89.87
N ASP HD 39 74.70 50.81 -88.54
CA ASP HD 39 73.86 51.75 -87.83
C ASP HD 39 74.25 53.17 -88.18
N LYS HD 40 73.24 54.02 -88.37
CA LYS HD 40 73.50 55.32 -88.97
C LYS HD 40 74.43 56.18 -88.13
N ASN HD 41 74.36 56.11 -86.80
CA ASN HD 41 75.25 56.93 -85.95
C ASN HD 41 76.61 56.32 -85.80
N LYS HD 42 77.22 55.92 -86.89
CA LYS HD 42 78.64 55.61 -86.89
C LYS HD 42 79.29 56.29 -88.08
N TYR HD 43 78.52 56.39 -89.16
CA TYR HD 43 78.77 57.17 -90.36
C TYR HD 43 79.92 56.62 -91.19
N ASN HD 44 80.78 55.82 -90.64
CA ASN HD 44 81.80 55.25 -91.51
C ASN HD 44 82.21 53.86 -91.09
N THR HD 45 81.89 53.44 -89.90
CA THR HD 45 82.49 52.24 -89.36
C THR HD 45 81.99 51.04 -90.14
N PRO HD 46 82.87 50.36 -90.87
CA PRO HD 46 82.41 49.26 -91.71
C PRO HD 46 81.96 48.08 -90.88
N LYS HD 47 80.76 47.61 -91.16
CA LYS HD 47 80.24 46.39 -90.54
C LYS HD 47 80.86 45.23 -91.30
N TYR HD 48 82.00 44.74 -90.81
CA TYR HD 48 82.70 43.66 -91.49
C TYR HD 48 81.84 42.41 -91.50
N ARG HD 49 81.56 41.89 -92.69
CA ARG HD 49 80.75 40.69 -92.86
C ARG HD 49 81.65 39.54 -93.26
N MET HD 50 81.53 38.43 -92.54
CA MET HD 50 82.29 37.24 -92.89
C MET HD 50 81.44 36.46 -93.88
N ILE HD 51 82.02 36.08 -95.01
CA ILE HD 51 81.30 35.37 -96.04
C ILE HD 51 81.87 33.96 -96.17
N VAL HD 52 80.99 32.97 -96.09
CA VAL HD 52 81.30 31.60 -96.49
C VAL HD 52 80.31 31.18 -97.55
N ARG HD 53 80.82 30.63 -98.64
CA ARG HD 53 80.02 29.93 -99.62
C ARG HD 53 80.61 28.55 -99.80
N VAL HD 54 79.75 27.53 -99.71
CA VAL HD 54 80.16 26.15 -99.86
C VAL HD 54 79.91 25.74 -101.30
N THR HD 55 80.92 25.16 -101.93
CA THR HD 55 80.88 24.86 -103.35
C THR HD 55 81.08 23.37 -103.56
N ASN HD 56 80.58 22.89 -104.70
CA ASN HD 56 80.69 21.47 -105.02
C ASN HD 56 82.15 21.00 -105.01
N ARG HD 57 83.09 21.90 -105.31
CA ARG HD 57 84.48 21.52 -105.42
C ARG HD 57 85.42 22.42 -104.64
N ASP HD 58 84.92 23.37 -103.86
CA ASP HD 58 85.80 24.34 -103.23
C ASP HD 58 85.08 24.94 -102.03
N ILE HD 59 85.87 25.57 -101.15
CA ILE HD 59 85.36 26.30 -99.99
C ILE HD 59 86.00 27.68 -99.98
N ILE HD 60 85.17 28.71 -99.94
CA ILE HD 60 85.64 30.10 -100.03
C ILE HD 60 85.16 30.86 -98.80
N CYS HD 61 86.08 31.61 -98.19
CA CYS HD 61 85.76 32.45 -97.04
C CYS HD 61 86.42 33.81 -97.22
N GLN HD 62 85.71 34.87 -96.84
CA GLN HD 62 86.24 36.20 -96.99
C GLN HD 62 85.51 37.15 -96.06
N ILE HD 63 86.11 38.33 -95.89
CA ILE HD 63 85.52 39.41 -95.10
C ILE HD 63 85.32 40.60 -96.03
N ALA HD 64 84.19 41.28 -95.86
CA ALA HD 64 83.86 42.40 -96.72
C ALA HD 64 82.98 43.38 -95.98
N TYR HD 65 82.93 44.60 -96.50
CA TYR HD 65 81.95 45.58 -96.08
C TYR HD 65 81.45 46.33 -97.31
N ALA HD 66 80.18 46.72 -97.26
CA ALA HD 66 79.46 47.19 -98.44
C ALA HD 66 79.54 48.70 -98.54
N ARG HD 67 79.85 49.19 -99.74
CA ARG HD 67 79.84 50.60 -100.06
C ARG HD 67 78.81 50.86 -101.16
N ILE HD 68 78.69 52.14 -101.55
CA ILE HD 68 77.67 52.52 -102.51
C ILE HD 68 77.87 51.77 -103.83
N GLU HD 69 79.11 51.76 -104.33
CA GLU HD 69 79.41 51.07 -105.57
C GLU HD 69 79.32 49.55 -105.42
N GLY HD 70 79.64 49.03 -104.25
CA GLY HD 70 79.66 47.59 -104.04
C GLY HD 70 80.43 47.27 -102.80
N ASP HD 71 80.38 45.98 -102.44
CA ASP HD 71 81.01 45.52 -101.21
C ASP HD 71 82.53 45.50 -101.38
N MET HD 72 83.23 45.94 -100.35
CA MET HD 72 84.68 46.07 -100.35
C MET HD 72 85.29 44.90 -99.59
N ILE HD 73 86.14 44.13 -100.26
CA ILE HD 73 86.74 42.93 -99.70
C ILE HD 73 88.09 43.30 -99.11
N VAL HD 74 88.29 42.99 -97.83
CA VAL HD 74 89.61 43.18 -97.23
C VAL HD 74 90.54 42.05 -97.65
N CYS HD 75 90.10 40.80 -97.51
CA CYS HD 75 90.87 39.62 -97.90
C CYS HD 75 89.90 38.47 -98.10
N ALA HD 76 90.40 37.40 -98.71
CA ALA HD 76 89.62 36.20 -98.94
C ALA HD 76 90.46 34.97 -98.63
N ALA HD 77 89.78 33.88 -98.31
CA ALA HD 77 90.42 32.59 -98.11
C ALA HD 77 89.81 31.59 -99.08
N TYR HD 78 90.59 30.58 -99.43
CA TYR HD 78 90.12 29.57 -100.37
C TYR HD 78 90.57 28.19 -99.92
N ALA HD 79 89.77 27.20 -100.27
CA ALA HD 79 90.24 25.82 -100.15
C ALA HD 79 91.22 25.47 -101.26
N HIS HD 80 91.01 26.00 -102.47
CA HIS HD 80 91.86 25.63 -103.59
C HIS HD 80 93.29 26.10 -103.41
N GLU HD 81 93.52 27.16 -102.65
CA GLU HD 81 94.86 27.63 -102.35
C GLU HD 81 95.44 27.00 -101.10
N LEU HD 82 94.62 26.25 -100.35
CA LEU HD 82 95.13 25.55 -99.17
C LEU HD 82 96.21 24.53 -99.48
N PRO HD 83 96.08 23.64 -100.47
CA PRO HD 83 97.01 22.51 -100.55
C PRO HD 83 98.41 22.91 -100.98
N LYS HD 84 98.69 24.21 -101.03
CA LYS HD 84 100.07 24.65 -101.15
C LYS HD 84 100.88 24.20 -99.95
N TYR HD 85 100.22 23.83 -98.86
CA TYR HD 85 100.81 23.07 -97.78
C TYR HD 85 99.76 22.14 -97.23
N GLY HD 86 100.07 21.49 -96.11
CA GLY HD 86 99.09 20.69 -95.41
C GLY HD 86 98.51 19.59 -96.27
N VAL HD 87 97.20 19.44 -96.23
CA VAL HD 87 96.52 18.37 -96.94
C VAL HD 87 96.36 18.75 -98.40
N LYS HD 88 96.41 17.76 -99.27
CA LYS HD 88 96.15 17.95 -100.69
C LYS HD 88 94.75 17.53 -101.09
N VAL HD 89 94.19 16.51 -100.45
CA VAL HD 89 92.91 15.95 -100.85
C VAL HD 89 92.07 15.71 -99.59
N GLY HD 90 90.79 16.01 -99.69
CA GLY HD 90 89.92 16.07 -98.55
C GLY HD 90 89.28 17.41 -98.35
N LEU HD 91 89.30 18.27 -99.37
CA LEU HD 91 88.74 19.60 -99.27
C LEU HD 91 87.22 19.53 -99.21
N THR HD 92 86.59 20.70 -99.16
CA THR HD 92 85.14 20.83 -99.11
C THR HD 92 84.52 20.07 -97.94
N ASN HD 93 85.32 19.69 -96.97
CA ASN HD 93 84.85 19.00 -95.78
C ASN HD 93 84.93 19.93 -94.58
N TYR HD 94 84.37 19.48 -93.47
CA TYR HD 94 84.31 20.31 -92.27
C TYR HD 94 85.71 20.71 -91.80
N ALA HD 95 86.64 19.75 -91.79
CA ALA HD 95 88.01 20.08 -91.42
C ALA HD 95 88.60 21.08 -92.39
N ALA HD 96 88.31 20.92 -93.69
CA ALA HD 96 88.78 21.89 -94.68
C ALA HD 96 88.22 23.27 -94.39
N ALA HD 97 86.95 23.34 -94.00
CA ALA HD 97 86.37 24.63 -93.62
C ALA HD 97 87.10 25.22 -92.43
N TYR HD 98 87.43 24.39 -91.44
CA TYR HD 98 88.13 24.90 -90.27
C TYR HD 98 89.48 25.48 -90.65
N CYS HD 99 90.25 24.76 -91.47
CA CYS HD 99 91.58 25.27 -91.81
C CYS HD 99 91.48 26.52 -92.66
N THR HD 100 90.51 26.59 -93.58
CA THR HD 100 90.43 27.81 -94.38
C THR HD 100 89.93 29.00 -93.56
N GLY HD 101 89.07 28.77 -92.57
CA GLY HD 101 88.70 29.86 -91.68
C GLY HD 101 89.87 30.33 -90.85
N LEU HD 102 90.66 29.39 -90.32
CA LEU HD 102 91.90 29.74 -89.65
C LEU HD 102 92.81 30.53 -90.58
N LEU HD 103 92.84 30.15 -91.85
CA LEU HD 103 93.69 30.83 -92.82
C LEU HD 103 93.24 32.27 -93.02
N LEU HD 104 91.94 32.48 -93.18
CA LEU HD 104 91.43 33.84 -93.32
C LEU HD 104 91.75 34.67 -92.10
N ALA HD 105 91.53 34.09 -90.91
CA ALA HD 105 91.80 34.82 -89.67
C ALA HD 105 93.26 35.22 -89.58
N ARG HD 106 94.16 34.27 -89.78
CA ARG HD 106 95.58 34.56 -89.60
C ARG HD 106 96.09 35.51 -90.67
N ARG HD 107 95.66 35.35 -91.92
CA ARG HD 107 96.10 36.26 -92.97
C ARG HD 107 95.60 37.67 -92.70
N LEU HD 108 94.35 37.81 -92.29
CA LEU HD 108 93.82 39.13 -91.97
C LEU HD 108 94.62 39.76 -90.84
N LEU HD 109 94.89 38.99 -89.79
CA LEU HD 109 95.67 39.53 -88.68
C LEU HD 109 97.08 39.92 -89.11
N ASN HD 110 97.68 39.13 -90.00
CA ASN HD 110 99.04 39.42 -90.43
C ASN HD 110 99.10 40.69 -91.25
N ARG HD 111 98.22 40.82 -92.25
CA ARG HD 111 98.24 42.03 -93.05
C ARG HD 111 97.74 43.24 -92.29
N PHE HD 112 97.03 43.03 -91.18
CA PHE HD 112 96.60 44.11 -90.33
C PHE HD 112 97.61 44.48 -89.26
N GLY HD 113 98.72 43.76 -89.17
CA GLY HD 113 99.74 44.13 -88.21
C GLY HD 113 99.42 43.84 -86.77
N MET HD 114 98.30 43.16 -86.50
CA MET HD 114 98.01 42.65 -85.17
C MET HD 114 98.19 41.15 -85.05
N ASP HD 115 98.98 40.55 -85.95
CA ASP HD 115 99.19 39.11 -85.88
C ASP HD 115 99.85 38.70 -84.57
N LYS HD 116 100.86 39.45 -84.14
CA LYS HD 116 101.58 39.09 -82.93
C LYS HD 116 100.70 39.18 -81.69
N ILE HD 117 99.71 40.03 -81.72
CA ILE HD 117 98.71 40.07 -80.66
C ILE HD 117 97.56 39.16 -81.06
N TYR HD 118 96.75 38.79 -80.07
CA TYR HD 118 95.53 38.00 -80.29
C TYR HD 118 95.88 36.68 -80.99
N GLU HD 119 96.65 35.84 -80.29
CA GLU HD 119 97.02 34.56 -80.85
C GLU HD 119 95.84 33.63 -81.05
N GLY HD 120 94.71 33.93 -80.42
CA GLY HD 120 93.54 33.08 -80.53
C GLY HD 120 93.71 31.80 -79.74
N GLN HD 121 93.66 30.65 -80.42
CA GLN HD 121 93.88 29.35 -79.79
C GLN HD 121 94.87 28.58 -80.65
N VAL HD 122 96.15 28.63 -80.27
CA VAL HD 122 97.16 27.86 -80.97
C VAL HD 122 96.88 26.37 -80.86
N GLU HD 123 96.50 25.91 -79.68
CA GLU HD 123 96.05 24.55 -79.48
C GLU HD 123 94.56 24.47 -79.75
N VAL HD 124 94.15 23.42 -80.44
CA VAL HD 124 92.77 23.28 -80.93
C VAL HD 124 91.99 22.38 -80.00
N THR HD 125 90.73 22.76 -79.73
CA THR HD 125 89.81 21.93 -78.97
C THR HD 125 88.40 22.23 -79.44
N GLY HD 126 87.49 21.30 -79.17
CA GLY HD 126 86.11 21.47 -79.59
C GLY HD 126 85.28 22.27 -78.60
N ASP HD 127 85.96 23.07 -77.78
CA ASP HD 127 85.29 23.88 -76.77
C ASP HD 127 85.02 25.29 -77.30
N GLU HD 128 84.52 26.17 -76.44
CA GLU HD 128 84.22 27.54 -76.80
C GLU HD 128 85.40 28.43 -76.43
N TYR HD 129 85.76 29.34 -77.33
CA TYR HD 129 86.81 30.31 -77.05
C TYR HD 129 86.48 31.60 -77.79
N ASN HD 130 86.06 32.61 -77.06
CA ASN HD 130 85.81 33.94 -77.62
C ASN HD 130 86.95 34.85 -77.22
N VAL HD 131 87.63 35.40 -78.22
CA VAL HD 131 88.78 36.27 -77.98
C VAL HD 131 88.28 37.61 -77.48
N GLU HD 132 88.90 38.12 -76.42
CA GLU HD 132 88.59 39.42 -75.87
C GLU HD 132 89.73 40.38 -76.15
N SER HD 133 89.37 41.60 -76.59
CA SER HD 133 90.39 42.60 -76.90
C SER HD 133 91.15 42.99 -75.64
N ILE HD 134 92.41 43.38 -75.84
CA ILE HD 134 93.31 43.70 -74.74
C ILE HD 134 93.54 45.21 -74.73
N ASP HD 135 93.38 45.81 -73.56
CA ASP HD 135 93.56 47.25 -73.41
C ASP HD 135 94.99 47.62 -73.76
N GLY HD 136 95.15 48.80 -74.36
CA GLY HD 136 96.46 49.28 -74.76
C GLY HD 136 96.77 48.91 -76.19
N GLN HD 137 96.53 47.67 -76.56
CA GLN HD 137 96.70 47.21 -77.92
C GLN HD 137 95.46 47.52 -78.73
N PRO HD 138 95.59 47.62 -80.06
CA PRO HD 138 94.41 47.86 -80.90
C PRO HD 138 93.35 46.79 -80.67
N GLY HD 139 92.10 47.21 -80.76
CA GLY HD 139 90.99 46.33 -80.45
C GLY HD 139 90.93 45.11 -81.36
N ALA HD 140 90.40 44.04 -80.80
CA ALA HD 140 90.26 42.80 -81.55
C ALA HD 140 89.28 42.99 -82.70
N PHE HD 141 89.53 42.30 -83.80
CA PHE HD 141 88.70 42.45 -84.98
C PHE HD 141 87.34 41.80 -84.77
N THR HD 142 86.29 42.50 -85.16
CA THR HD 142 84.92 42.02 -85.03
C THR HD 142 84.31 41.96 -86.43
N CYS HD 143 83.72 40.81 -86.75
CA CYS HD 143 82.94 40.67 -87.97
C CYS HD 143 81.79 39.72 -87.69
N TYR HD 144 80.76 39.80 -88.51
CA TYR HD 144 79.61 38.92 -88.36
C TYR HD 144 79.50 38.00 -89.57
N LEU HD 145 79.05 36.79 -89.31
CA LEU HD 145 79.10 35.76 -90.30
C LEU HD 145 77.90 35.91 -91.25
N ASP HD 146 78.08 35.45 -92.49
CA ASP HD 146 77.01 35.46 -93.49
C ASP HD 146 76.82 34.03 -93.98
N ALA HD 147 75.79 33.35 -93.47
CA ALA HD 147 75.53 31.97 -93.87
C ALA HD 147 75.06 31.86 -95.32
N GLY HD 148 74.71 32.96 -95.95
CA GLY HD 148 74.14 32.84 -97.27
C GLY HD 148 72.79 32.15 -97.21
N LEU HD 149 72.41 31.52 -98.32
CA LEU HD 149 71.13 30.82 -98.36
C LEU HD 149 71.24 29.38 -97.87
N ALA HD 150 72.45 28.88 -97.62
CA ALA HD 150 72.61 27.53 -97.12
C ALA HD 150 71.90 27.35 -95.80
N ARG HD 151 71.15 26.26 -95.66
CA ARG HD 151 70.38 26.04 -94.44
C ARG HD 151 71.30 25.78 -93.26
N THR HD 152 71.02 26.47 -92.15
CA THR HD 152 71.89 26.41 -90.98
C THR HD 152 71.28 25.45 -89.96
N THR HD 153 71.45 24.16 -90.24
CA THR HD 153 71.18 23.16 -89.21
C THR HD 153 72.40 23.03 -88.30
N THR HD 154 72.40 22.00 -87.47
CA THR HD 154 73.51 21.79 -86.56
C THR HD 154 74.69 21.18 -87.32
N GLY HD 155 75.90 21.66 -87.01
CA GLY HD 155 77.10 21.13 -87.59
C GLY HD 155 77.28 21.38 -89.08
N ASN HD 156 77.14 22.64 -89.51
CA ASN HD 156 77.37 22.99 -90.90
C ASN HD 156 78.79 23.49 -91.11
N LYS HD 157 79.30 23.27 -92.32
CA LYS HD 157 80.68 23.63 -92.64
C LYS HD 157 80.91 25.13 -92.48
N VAL HD 158 79.89 25.94 -92.69
CA VAL HD 158 80.03 27.37 -92.43
C VAL HD 158 80.41 27.58 -90.96
N PHE HD 159 79.80 26.82 -90.06
CA PHE HD 159 80.19 26.90 -88.67
C PHE HD 159 81.60 26.38 -88.43
N GLY HD 160 82.06 25.42 -89.23
CA GLY HD 160 83.47 25.02 -89.12
C GLY HD 160 84.41 26.13 -89.51
N ALA HD 161 84.09 26.85 -90.59
CA ALA HD 161 84.90 28.01 -90.95
C ALA HD 161 84.83 29.07 -89.86
N LEU HD 162 83.66 29.24 -89.25
CA LEU HD 162 83.54 30.16 -88.13
C LEU HD 162 84.46 29.75 -86.99
N LYS HD 163 84.48 28.46 -86.68
CA LYS HD 163 85.36 27.96 -85.62
C LYS HD 163 86.81 28.22 -85.95
N GLY HD 164 87.21 27.95 -87.18
CA GLY HD 164 88.58 28.24 -87.58
C GLY HD 164 88.93 29.70 -87.42
N ALA HD 165 88.05 30.58 -87.89
CA ALA HD 165 88.32 32.01 -87.81
C ALA HD 165 88.43 32.46 -86.36
N VAL HD 166 87.51 32.03 -85.50
CA VAL HD 166 87.55 32.50 -84.13
C VAL HD 166 88.76 31.92 -83.41
N ASP HD 167 89.14 30.68 -83.72
CA ASP HD 167 90.35 30.10 -83.15
C ASP HD 167 91.58 30.85 -83.61
N GLY HD 168 91.56 31.42 -84.80
CA GLY HD 168 92.66 32.26 -85.25
C GLY HD 168 92.81 33.54 -84.48
N GLY HD 169 91.80 33.89 -83.66
CA GLY HD 169 91.80 35.14 -82.94
C GLY HD 169 90.71 36.11 -83.36
N LEU HD 170 89.79 35.70 -84.21
CA LEU HD 170 88.73 36.58 -84.66
C LEU HD 170 87.58 36.60 -83.65
N SER HD 171 87.05 37.80 -83.40
CA SER HD 171 85.98 37.99 -82.43
C SER HD 171 84.66 38.06 -83.19
N ILE HD 172 83.94 36.94 -83.21
CA ILE HD 172 82.64 36.86 -83.86
C ILE HD 172 81.59 36.53 -82.80
N PRO HD 173 80.50 37.27 -82.70
CA PRO HD 173 79.40 36.87 -81.82
C PRO HD 173 78.74 35.60 -82.34
N HIS HD 174 78.73 34.56 -81.51
CA HIS HD 174 78.19 33.28 -81.91
C HIS HD 174 78.02 32.42 -80.67
N SER HD 175 77.08 31.49 -80.74
CA SER HD 175 76.88 30.52 -79.67
C SER HD 175 77.22 29.13 -80.18
N THR HD 176 77.48 28.24 -79.22
CA THR HD 176 77.95 26.89 -79.52
C THR HD 176 76.86 25.97 -80.03
N LYS HD 177 75.61 26.42 -80.07
CA LYS HD 177 74.49 25.52 -80.31
C LYS HD 177 74.57 24.85 -81.67
N ARG HD 178 74.92 25.60 -82.71
CA ARG HD 178 74.97 25.04 -84.06
C ARG HD 178 76.37 24.53 -84.37
N PHE HD 179 76.75 23.46 -83.69
CA PHE HD 179 78.06 22.86 -83.85
C PHE HD 179 77.95 21.34 -83.76
N PRO HD 180 78.90 20.62 -84.36
CA PRO HD 180 78.86 19.15 -84.27
C PRO HD 180 78.83 18.62 -82.85
N GLY HD 181 79.52 19.27 -81.91
CA GLY HD 181 79.52 18.78 -80.56
C GLY HD 181 78.22 18.95 -79.81
N TYR HD 182 77.24 19.61 -80.41
CA TYR HD 182 75.97 19.87 -79.74
C TYR HD 182 75.08 18.64 -79.75
N ASP HD 183 74.36 18.43 -78.66
CA ASP HD 183 73.32 17.42 -78.57
C ASP HD 183 71.98 18.11 -78.65
N SER HD 184 71.15 17.68 -79.60
CA SER HD 184 69.82 18.27 -79.74
C SER HD 184 68.93 17.92 -78.55
N GLU HD 185 68.91 16.65 -78.16
CA GLU HD 185 67.92 16.19 -77.19
C GLU HD 185 68.21 16.75 -75.81
N SER HD 186 69.48 16.81 -75.41
CA SER HD 186 69.82 17.26 -74.07
C SER HD 186 70.23 18.73 -74.04
N LYS HD 187 70.21 19.42 -75.18
CA LYS HD 187 70.60 20.82 -75.26
C LYS HD 187 72.00 21.04 -74.68
N GLU HD 188 72.82 20.00 -74.72
CA GLU HD 188 74.16 20.03 -74.16
C GLU HD 188 75.18 20.02 -75.28
N PHE HD 189 76.43 20.28 -74.92
CA PHE HD 189 77.53 20.27 -75.87
C PHE HD 189 78.59 19.27 -75.43
N ASN HD 190 78.96 18.37 -76.35
CA ASN HD 190 79.97 17.36 -76.03
C ASN HD 190 81.37 17.97 -75.98
N ALA HD 191 81.67 18.88 -76.90
CA ALA HD 191 82.94 19.62 -77.01
C ALA HD 191 84.13 18.74 -77.33
N GLU HD 192 83.94 17.44 -77.56
CA GLU HD 192 85.02 16.56 -77.97
C GLU HD 192 84.78 15.97 -79.36
N VAL HD 193 83.61 15.37 -79.57
CA VAL HD 193 83.25 14.92 -80.91
C VAL HD 193 83.22 16.09 -81.87
N HIS HD 194 82.92 17.29 -81.38
CA HIS HD 194 83.17 18.49 -82.16
C HIS HD 194 84.62 18.53 -82.61
N ARG HD 195 85.55 18.39 -81.67
CA ARG HD 195 86.97 18.41 -82.01
C ARG HD 195 87.33 17.24 -82.92
N LYS HD 196 86.60 16.13 -82.79
CA LYS HD 196 86.77 15.03 -83.72
C LYS HD 196 86.44 15.47 -85.14
N HIS HD 197 85.36 16.24 -85.30
CA HIS HD 197 84.97 16.71 -86.63
C HIS HD 197 85.93 17.78 -87.14
N ILE HD 198 86.43 18.64 -86.24
CA ILE HD 198 87.53 19.51 -86.63
C ILE HD 198 88.68 18.69 -87.17
N MET HD 199 88.99 17.59 -86.49
CA MET HD 199 90.04 16.70 -86.95
C MET HD 199 89.54 15.82 -88.08
N GLY HD 200 88.25 15.86 -88.41
CA GLY HD 200 87.72 14.98 -89.43
C GLY HD 200 87.80 13.52 -89.03
N GLN HD 201 87.62 13.23 -87.74
CA GLN HD 201 87.65 11.86 -87.28
C GLN HD 201 86.46 11.07 -87.78
N ASN HD 202 85.35 11.72 -88.09
CA ASN HD 202 84.25 11.02 -88.74
C ASN HD 202 84.72 10.46 -90.08
N VAL HD 203 85.46 11.26 -90.85
CA VAL HD 203 86.01 10.75 -92.10
C VAL HD 203 86.93 9.57 -91.81
N ALA HD 204 87.78 9.69 -90.79
CA ALA HD 204 88.73 8.63 -90.44
C ALA HD 204 88.02 7.35 -89.98
N ASP HD 205 86.94 7.48 -89.25
CA ASP HD 205 86.25 6.25 -88.90
C ASP HD 205 85.52 5.68 -90.10
N TYR HD 206 84.92 6.52 -90.94
CA TYR HD 206 84.22 6.04 -92.11
C TYR HD 206 85.15 5.30 -93.05
N MET HD 207 86.32 5.86 -93.34
CA MET HD 207 87.14 5.21 -94.34
C MET HD 207 87.73 3.95 -93.74
N ARG HD 208 88.13 3.98 -92.45
CA ARG HD 208 88.67 2.75 -91.87
C ARG HD 208 87.61 1.66 -91.77
N TYR HD 209 86.34 2.05 -91.62
CA TYR HD 209 85.24 1.11 -91.65
C TYR HD 209 85.05 0.54 -93.05
N LEU HD 210 85.20 1.38 -94.07
CA LEU HD 210 85.18 0.87 -95.44
C LEU HD 210 86.27 -0.16 -95.64
N MET HD 211 87.49 0.12 -95.17
CA MET HD 211 88.61 -0.82 -95.28
C MET HD 211 88.22 -2.24 -94.97
N GLU HD 212 87.71 -2.47 -93.76
CA GLU HD 212 87.24 -3.81 -93.42
C GLU HD 212 85.98 -4.17 -94.18
N GLU HD 213 85.15 -3.18 -94.52
CA GLU HD 213 83.88 -3.46 -95.17
C GLU HD 213 84.06 -3.88 -96.62
N ASP HD 214 84.90 -3.17 -97.37
CA ASP HD 214 85.03 -3.42 -98.79
C ASP HD 214 86.30 -2.75 -99.31
N GLU HD 215 86.71 -3.17 -100.50
CA GLU HD 215 87.86 -2.59 -101.17
C GLU HD 215 87.46 -1.86 -102.45
N ASP HD 216 86.79 -2.54 -103.38
CA ASP HD 216 86.40 -1.89 -104.63
C ASP HD 216 85.42 -0.75 -104.37
N ALA HD 217 84.47 -0.93 -103.46
CA ALA HD 217 83.62 0.17 -103.07
C ALA HD 217 84.42 1.27 -102.37
N TYR HD 218 85.38 0.87 -101.54
CA TYR HD 218 86.21 1.87 -100.86
C TYR HD 218 86.97 2.73 -101.86
N LYS HD 219 87.70 2.10 -102.78
CA LYS HD 219 88.45 2.88 -103.76
C LYS HD 219 87.51 3.65 -104.68
N LYS HD 220 86.34 3.08 -104.97
CA LYS HD 220 85.36 3.78 -105.78
C LYS HD 220 84.92 5.08 -105.11
N GLN HD 221 84.68 5.05 -103.80
CA GLN HD 221 84.32 6.27 -103.10
C GLN HD 221 85.52 7.14 -102.80
N PHE HD 222 86.54 6.60 -102.15
CA PHE HD 222 87.73 7.37 -101.80
C PHE HD 222 88.84 7.08 -102.80
N SER HD 223 88.69 7.63 -104.01
CA SER HD 223 89.70 7.36 -105.03
C SER HD 223 90.95 8.21 -104.80
N GLN HD 224 90.81 9.53 -104.83
CA GLN HD 224 92.01 10.37 -104.76
C GLN HD 224 92.71 10.26 -103.42
N TYR HD 225 92.09 9.65 -102.42
CA TYR HD 225 92.83 9.29 -101.22
C TYR HD 225 93.95 8.31 -101.53
N ILE HD 226 93.70 7.35 -102.42
CA ILE HD 226 94.66 6.26 -102.63
C ILE HD 226 95.95 6.81 -103.22
N LYS HD 227 95.87 7.82 -104.07
CA LYS HD 227 97.07 8.42 -104.61
C LYS HD 227 97.75 9.25 -103.53
N ASN HD 228 99.07 9.17 -103.49
CA ASN HD 228 99.89 9.81 -102.46
C ASN HD 228 99.64 9.21 -101.07
N SER HD 229 98.79 8.18 -100.99
CA SER HD 229 98.61 7.36 -99.79
C SER HD 229 98.14 8.21 -98.60
N VAL HD 230 96.91 8.68 -98.72
CA VAL HD 230 96.22 9.36 -97.61
C VAL HD 230 95.44 8.28 -96.86
N THR HD 231 96.13 7.63 -95.87
CA THR HD 231 95.83 6.49 -95.01
C THR HD 231 95.03 6.94 -93.78
N PRO HD 232 94.27 6.01 -93.16
CA PRO HD 232 93.46 6.37 -91.97
C PRO HD 232 94.18 7.22 -90.96
N ASP HD 233 95.36 6.78 -90.55
CA ASP HD 233 96.05 7.39 -89.43
C ASP HD 233 96.72 8.68 -89.90
N MET HD 234 97.65 9.17 -89.09
CA MET HD 234 98.61 10.22 -89.39
C MET HD 234 97.95 11.48 -89.91
N MET HD 235 96.62 11.53 -89.90
CA MET HD 235 95.99 12.75 -90.37
C MET HD 235 95.76 13.72 -89.23
N GLU HD 236 95.74 13.23 -87.98
CA GLU HD 236 95.91 14.15 -86.88
C GLU HD 236 97.16 14.97 -87.09
N GLU HD 237 98.26 14.29 -87.41
CA GLU HD 237 99.57 14.92 -87.44
C GLU HD 237 99.67 15.91 -88.60
N MET HD 238 99.20 15.55 -89.80
CA MET HD 238 99.40 16.48 -90.89
C MET HD 238 98.39 17.61 -90.80
N TYR HD 239 97.23 17.39 -90.16
CA TYR HD 239 96.38 18.53 -89.85
C TYR HD 239 97.09 19.48 -88.89
N LYS HD 240 97.77 18.93 -87.89
CA LYS HD 240 98.56 19.76 -86.98
C LYS HD 240 99.63 20.52 -87.74
N LYS HD 241 100.26 19.85 -88.72
CA LYS HD 241 101.23 20.52 -89.57
C LYS HD 241 100.59 21.66 -90.34
N ALA HD 242 99.37 21.47 -90.85
CA ALA HD 242 98.67 22.55 -91.55
C ALA HD 242 98.44 23.73 -90.62
N HIS HD 243 97.99 23.45 -89.39
CA HIS HD 243 97.77 24.52 -88.43
C HIS HD 243 99.07 25.26 -88.13
N ALA HD 244 100.16 24.51 -87.92
CA ALA HD 244 101.45 25.15 -87.71
C ALA HD 244 101.87 25.98 -88.92
N ALA HD 245 101.62 25.45 -90.12
CA ALA HD 245 101.99 26.15 -91.35
C ALA HD 245 101.29 27.49 -91.44
N ILE HD 246 99.98 27.51 -91.22
CA ILE HD 246 99.27 28.78 -91.30
C ILE HD 246 99.70 29.71 -90.17
N ARG HD 247 99.99 29.15 -88.99
CA ARG HD 247 100.57 29.99 -87.94
C ARG HD 247 101.88 30.62 -88.41
N GLU HD 248 102.62 29.93 -89.27
CA GLU HD 248 103.92 30.44 -89.69
C GLU HD 248 103.78 31.44 -90.83
N ASN HD 249 103.02 31.11 -91.86
CA ASN HD 249 102.96 31.93 -93.08
C ASN HD 249 101.57 31.97 -93.65
N PRO HD 250 100.76 32.95 -93.25
CA PRO HD 250 99.41 33.09 -93.79
C PRO HD 250 99.29 34.01 -95.00
N VAL HD 251 100.38 34.63 -95.45
CA VAL HD 251 100.28 35.59 -96.55
C VAL HD 251 99.92 34.87 -97.84
N TYR HD 252 99.50 35.65 -98.83
CA TYR HD 252 99.15 35.14 -100.14
C TYR HD 252 99.91 35.87 -101.23
N GLU HD 253 100.05 35.20 -102.37
CA GLU HD 253 100.64 35.78 -103.55
C GLU HD 253 100.08 35.05 -104.76
N LYS HD 254 100.17 35.69 -105.92
CA LYS HD 254 99.67 35.11 -107.16
C LYS HD 254 100.78 35.12 -108.20
N LYS HD 255 100.60 34.29 -109.23
CA LYS HD 255 101.60 34.14 -110.27
C LYS HD 255 101.16 34.90 -111.52
N PRO HD 256 101.81 35.99 -111.88
CA PRO HD 256 101.41 36.74 -113.08
C PRO HD 256 101.77 35.98 -114.34
N LYS HD 257 100.75 35.45 -115.01
CA LYS HD 257 100.91 34.72 -116.27
C LYS HD 257 100.42 35.66 -117.37
N LYS HD 258 101.34 36.45 -117.92
CA LYS HD 258 100.97 37.50 -118.86
C LYS HD 258 101.25 37.13 -120.31
N GLU HD 259 101.90 36.00 -120.56
CA GLU HD 259 102.07 35.49 -121.91
C GLU HD 259 100.72 34.92 -122.35
N VAL HD 260 99.89 35.79 -122.91
CA VAL HD 260 98.55 35.41 -123.37
C VAL HD 260 98.26 36.14 -124.67
N LYS HD 261 97.62 35.45 -125.60
CA LYS HD 261 97.15 36.06 -126.83
C LYS HD 261 95.74 36.58 -126.59
N LYS HD 262 95.24 37.42 -127.50
CA LYS HD 262 93.94 38.04 -127.33
C LYS HD 262 92.88 37.25 -128.10
N LYS HD 263 93.02 35.94 -128.10
CA LYS HD 263 92.05 35.08 -128.77
C LYS HD 263 90.66 35.29 -128.19
N ARG HD 264 89.67 35.29 -129.06
CA ARG HD 264 88.28 35.49 -128.65
C ARG HD 264 87.56 34.14 -128.67
N TRP HD 265 87.06 33.73 -127.52
CA TRP HD 265 86.29 32.49 -127.41
C TRP HD 265 84.80 32.71 -127.60
N ASN HD 266 84.36 33.94 -127.84
CA ASN HD 266 82.97 34.27 -128.05
C ASN HD 266 82.78 34.83 -129.46
N ARG HD 267 81.53 34.85 -129.89
CA ARG HD 267 81.16 35.48 -131.15
C ARG HD 267 80.64 36.89 -130.86
N PRO HD 268 81.26 37.94 -131.37
CA PRO HD 268 80.77 39.29 -131.08
C PRO HD 268 79.42 39.55 -131.72
N LYS HD 269 78.72 40.56 -131.18
CA LYS HD 269 77.58 41.14 -131.87
C LYS HD 269 77.96 41.51 -133.29
N MET HD 270 77.11 41.17 -134.24
CA MET HD 270 77.30 41.71 -135.58
C MET HD 270 76.52 43.01 -135.76
N SER HD 271 76.87 43.74 -136.80
CA SER HD 271 76.36 45.09 -136.99
C SER HD 271 74.92 45.07 -137.47
N LEU HD 272 74.31 46.26 -137.49
CA LEU HD 272 72.96 46.42 -138.02
C LEU HD 272 72.89 45.98 -139.47
N ALA HD 273 73.84 46.43 -140.28
CA ALA HD 273 73.87 46.05 -141.69
C ALA HD 273 73.96 44.55 -141.84
N GLN HD 274 74.68 43.88 -140.93
CA GLN HD 274 74.75 42.42 -140.98
C GLN HD 274 73.36 41.81 -140.94
N LYS HD 275 72.56 42.20 -139.95
CA LYS HD 275 71.22 41.62 -139.80
C LYS HD 275 70.32 42.03 -140.96
N LYS HD 276 70.43 43.28 -141.42
CA LYS HD 276 69.58 43.71 -142.52
C LYS HD 276 69.90 42.95 -143.80
N ASP HD 277 71.18 42.75 -144.09
CA ASP HD 277 71.57 41.93 -145.22
C ASP HD 277 71.12 40.49 -145.05
N ARG HD 278 71.23 39.96 -143.84
CA ARG HD 278 70.81 38.59 -143.60
C ARG HD 278 69.33 38.42 -143.92
N VAL HD 279 68.50 39.32 -143.41
CA VAL HD 279 67.06 39.20 -143.66
C VAL HD 279 66.72 39.48 -145.11
N ALA HD 280 67.43 40.41 -145.75
CA ALA HD 280 67.18 40.68 -147.16
C ALA HD 280 67.48 39.47 -148.03
N GLN HD 281 68.65 38.87 -147.83
CA GLN HD 281 68.98 37.68 -148.60
C GLN HD 281 68.14 36.48 -148.21
N LYS HD 282 67.64 36.43 -146.97
CA LYS HD 282 66.69 35.38 -146.62
C LYS HD 282 65.39 35.53 -147.40
N LYS HD 283 64.86 36.76 -147.49
CA LYS HD 283 63.67 37.00 -148.30
C LYS HD 283 63.93 36.66 -149.76
N ALA HD 284 65.11 37.03 -150.27
CA ALA HD 284 65.44 36.71 -151.66
C ALA HD 284 65.52 35.21 -151.88
N SER HD 285 66.12 34.48 -150.94
CA SER HD 285 66.20 33.04 -151.04
C SER HD 285 64.81 32.42 -151.02
N PHE HD 286 63.93 32.91 -150.15
CA PHE HD 286 62.57 32.39 -150.14
C PHE HD 286 61.84 32.66 -151.44
N LEU HD 287 61.97 33.87 -151.98
CA LEU HD 287 61.34 34.18 -153.24
C LEU HD 287 61.85 33.26 -154.34
N ARG HD 288 63.17 33.09 -154.42
CA ARG HD 288 63.74 32.26 -155.48
C ARG HD 288 63.31 30.81 -155.34
N ALA HD 289 63.33 30.27 -154.13
CA ALA HD 289 62.91 28.89 -153.93
C ALA HD 289 61.45 28.69 -154.27
N GLN HD 290 60.59 29.63 -153.87
CA GLN HD 290 59.17 29.47 -154.17
C GLN HD 290 58.85 29.70 -155.64
N GLU HD 291 59.66 30.49 -156.34
CA GLU HD 291 59.42 30.63 -157.78
C GLU HD 291 60.08 29.52 -158.59
N ARG HD 292 60.97 28.73 -157.98
CA ARG HD 292 61.58 27.62 -158.71
C ARG HD 292 60.52 26.64 -159.18
N ALA HD 293 59.56 26.31 -158.31
CA ALA HD 293 58.44 25.43 -158.63
C ALA HD 293 58.91 24.07 -159.17
N PRO ID 1 87.32 151.01 -126.44
CA PRO ID 1 85.88 150.82 -126.46
C PRO ID 1 85.37 150.34 -127.83
N HIS ID 2 85.97 149.26 -128.32
CA HIS ID 2 85.59 148.71 -129.62
C HIS ID 2 84.31 147.89 -129.50
N CYS ID 3 83.74 147.55 -130.65
CA CYS ID 3 82.49 146.83 -130.71
C CYS ID 3 82.68 145.38 -130.22
N SER ID 4 81.56 144.66 -130.16
CA SER ID 4 81.51 143.35 -129.53
C SER ID 4 82.39 142.31 -130.22
N ARG ID 5 82.76 142.53 -131.47
CA ARG ID 5 83.59 141.61 -132.24
C ARG ID 5 83.02 140.21 -132.31
N ASN ID 6 81.75 140.03 -131.95
CA ASN ID 6 81.10 138.73 -132.00
C ASN ID 6 79.65 138.92 -132.39
N PRO ID 7 79.28 138.61 -133.64
CA PRO ID 7 77.89 138.78 -134.05
C PRO ID 7 76.99 137.80 -133.33
N VAL ID 8 75.82 138.30 -132.91
CA VAL ID 8 74.84 137.46 -132.25
C VAL ID 8 73.88 136.92 -133.30
N LEU ID 9 74.02 135.65 -133.65
CA LEU ID 9 73.14 135.01 -134.61
C LEU ID 9 71.86 134.49 -133.99
N VAL ID 10 71.82 134.33 -132.67
CA VAL ID 10 70.58 134.17 -131.93
C VAL ID 10 70.86 134.58 -130.50
N ARG ID 11 69.84 135.11 -129.82
CA ARG ID 11 70.04 135.77 -128.54
C ARG ID 11 70.73 134.84 -127.56
N GLY ID 12 71.77 135.37 -126.90
CA GLY ID 12 72.57 134.58 -125.99
C GLY ID 12 73.59 133.69 -126.64
N ILE ID 13 73.70 133.71 -127.97
CA ILE ID 13 74.62 132.84 -128.69
C ILE ID 13 75.50 133.71 -129.58
N GLY ID 14 76.80 133.76 -129.25
CA GLY ID 14 77.75 134.45 -130.11
C GLY ID 14 78.10 133.56 -131.29
N ARG ID 15 78.34 134.19 -132.44
CA ARG ID 15 78.61 133.44 -133.65
C ARG ID 15 79.87 132.61 -133.55
N TYR ID 16 80.88 133.08 -132.82
CA TYR ID 16 82.15 132.40 -132.70
C TYR ID 16 82.31 131.81 -131.31
N SER ID 17 83.18 130.80 -131.19
CA SER ID 17 83.37 130.07 -129.95
C SER ID 17 84.45 130.75 -129.10
N ARG ID 18 84.83 130.09 -128.01
CA ARG ID 18 85.76 130.70 -127.06
C ARG ID 18 87.15 130.87 -127.65
N SER ID 19 87.67 129.85 -128.33
CA SER ID 19 89.02 129.94 -128.88
C SER ID 19 89.12 131.02 -129.94
N ALA ID 20 88.12 131.12 -130.81
CA ALA ID 20 88.12 132.16 -131.82
C ALA ID 20 88.08 133.55 -131.18
N MET ID 21 87.30 133.69 -130.11
CA MET ID 21 87.28 134.95 -129.38
C MET ID 21 88.62 135.26 -128.73
N TYR ID 22 89.27 134.24 -128.17
CA TYR ID 22 90.61 134.42 -127.62
C TYR ID 22 91.57 134.93 -128.68
N SER ID 23 91.51 134.35 -129.87
CA SER ID 23 92.43 134.74 -130.94
C SER ID 23 92.10 136.14 -131.45
N ARG ID 24 90.82 136.41 -131.73
CA ARG ID 24 90.44 137.70 -132.31
C ARG ID 24 90.62 138.83 -131.32
N LYS ID 25 90.42 138.56 -130.03
CA LYS ID 25 90.66 139.56 -129.00
C LYS ID 25 92.13 139.72 -128.68
N ALA ID 26 92.98 138.84 -129.20
CA ALA ID 26 94.43 138.92 -129.02
C ALA ID 26 94.81 138.83 -127.55
N MET ID 27 94.02 138.12 -126.76
CA MET ID 27 94.30 138.00 -125.34
C MET ID 27 95.62 137.29 -125.07
N TYR ID 28 96.18 136.59 -126.06
CA TYR ID 28 97.46 135.91 -125.88
C TYR ID 28 98.59 136.88 -125.59
N LYS ID 29 98.51 138.12 -126.09
CA LYS ID 29 99.57 139.09 -125.87
C LYS ID 29 99.22 140.13 -124.82
N ARG ID 30 97.99 140.63 -124.81
CA ARG ID 30 97.59 141.67 -123.86
C ARG ID 30 97.16 141.08 -122.53
N LYS ID 31 98.05 140.29 -121.94
CA LYS ID 31 97.78 139.61 -120.68
C LYS ID 31 98.52 140.31 -119.54
N TYR ID 32 97.76 140.74 -118.53
CA TYR ID 32 98.29 141.53 -117.43
C TYR ID 32 98.26 140.69 -116.17
N SER ID 33 99.38 140.69 -115.43
CA SER ID 33 99.46 139.92 -114.19
C SER ID 33 98.88 140.68 -113.01
N ALA ID 34 99.46 141.84 -112.69
CA ALA ID 34 99.07 142.57 -111.48
C ALA ID 34 99.25 144.07 -111.74
N ALA ID 35 99.00 144.86 -110.72
CA ALA ID 35 99.08 146.32 -110.82
C ALA ID 35 100.51 146.78 -111.11
N VAL ID 47 81.97 159.12 -99.79
CA VAL ID 47 82.63 160.34 -99.36
C VAL ID 47 81.93 161.56 -99.99
N LEU ID 48 81.79 162.63 -99.23
CA LEU ID 48 82.19 162.76 -97.83
C LEU ID 48 80.96 162.79 -96.94
N ALA ID 49 80.96 161.95 -95.91
CA ALA ID 49 79.81 161.89 -95.00
C ALA ID 49 79.75 163.08 -94.07
N THR ID 50 80.90 163.51 -93.55
CA THR ID 50 80.97 164.60 -92.58
C THR ID 50 81.80 165.75 -93.13
N VAL ID 51 81.48 166.96 -92.68
CA VAL ID 51 82.23 168.15 -93.01
C VAL ID 51 82.46 168.95 -91.73
N THR ID 52 83.47 169.81 -91.76
CA THR ID 52 83.84 170.64 -90.62
C THR ID 52 83.56 172.11 -90.99
N LYS ID 53 82.32 172.53 -90.79
CA LYS ID 53 81.98 173.93 -91.01
C LYS ID 53 82.64 174.80 -89.95
N PRO ID 54 82.94 176.06 -90.26
CA PRO ID 54 83.72 176.89 -89.34
C PRO ID 54 83.05 177.13 -88.00
N VAL ID 55 83.78 177.83 -87.11
CA VAL ID 55 83.36 177.95 -85.72
C VAL ID 55 82.07 178.74 -85.60
N GLY ID 56 82.10 180.00 -86.01
CA GLY ID 56 81.03 180.91 -85.69
C GLY ID 56 81.10 181.30 -84.22
N GLY ID 57 82.23 181.85 -83.81
CA GLY ID 57 82.44 182.21 -82.42
C GLY ID 57 81.81 183.54 -82.06
N ASP ID 58 82.50 184.33 -81.24
CA ASP ID 58 83.81 184.05 -80.70
C ASP ID 58 83.71 183.30 -79.37
N LYS ID 59 84.85 182.84 -78.87
CA LYS ID 59 84.99 182.07 -77.64
C LYS ID 59 84.36 180.70 -77.74
N ASN ID 60 83.69 180.39 -78.86
CA ASN ID 60 83.18 179.07 -79.15
C ASN ID 60 84.12 178.27 -80.05
N GLY ID 61 85.42 178.51 -79.92
CA GLY ID 61 86.37 178.00 -80.89
C GLY ID 61 86.31 176.49 -81.04
N GLY ID 62 86.78 176.03 -82.19
CA GLY ID 62 86.64 174.64 -82.56
C GLY ID 62 85.53 174.45 -83.58
N THR ID 63 85.90 174.27 -84.84
CA THR ID 63 84.91 174.17 -85.90
C THR ID 63 84.01 172.96 -85.68
N ARG ID 64 82.71 173.17 -85.85
CA ARG ID 64 81.74 172.11 -85.62
C ARG ID 64 81.76 171.13 -86.77
N VAL ID 65 82.32 169.94 -86.53
CA VAL ID 65 82.27 168.87 -87.52
C VAL ID 65 80.84 168.38 -87.62
N VAL ID 66 80.18 168.72 -88.73
CA VAL ID 66 78.77 168.40 -88.93
C VAL ID 66 78.67 167.23 -89.88
N LYS ID 67 78.02 166.15 -89.44
CA LYS ID 67 77.81 164.99 -90.29
C LYS ID 67 76.57 165.19 -91.14
N LEU ID 68 76.61 164.64 -92.35
CA LEU ID 68 75.44 164.66 -93.22
C LEU ID 68 74.72 163.33 -93.12
N ARG ID 69 73.45 163.33 -93.54
CA ARG ID 69 72.55 162.21 -93.32
C ARG ID 69 72.44 161.92 -91.81
N LYS ID 70 71.89 162.91 -91.10
CA LYS ID 70 71.76 162.81 -89.67
C LYS ID 70 70.92 161.60 -89.28
N MET ID 71 71.25 161.02 -88.13
CA MET ID 71 70.54 159.83 -87.67
C MET ID 71 69.06 160.15 -87.49
N PRO ID 72 68.19 159.19 -87.80
CA PRO ID 72 66.75 159.49 -87.79
C PRO ID 72 66.26 159.89 -86.41
N ARG ID 73 65.29 160.80 -86.39
CA ARG ID 73 64.71 161.29 -85.15
C ARG ID 73 63.57 160.41 -84.65
N TYR ID 74 63.18 159.39 -85.41
CA TYR ID 74 62.11 158.49 -84.99
C TYR ID 74 62.28 157.17 -85.71
N TYR ID 75 61.93 156.09 -85.03
CA TYR ID 75 61.93 154.78 -85.65
C TYR ID 75 60.55 154.16 -85.56
N PRO ID 76 60.05 153.58 -86.64
CA PRO ID 76 58.73 152.93 -86.59
C PRO ID 76 58.73 151.76 -85.64
N THR ID 77 57.54 151.44 -85.13
CA THR ID 77 57.41 150.35 -84.17
C THR ID 77 57.93 149.03 -84.72
N GLU ID 78 57.81 148.80 -86.02
CA GLU ID 78 58.54 147.72 -86.68
C GLU ID 78 58.69 148.08 -88.16
N ASP ID 79 59.47 147.27 -88.87
CA ASP ID 79 59.79 147.45 -90.28
C ASP ID 79 59.66 146.14 -91.06
N VAL ID 80 59.25 146.23 -92.32
CA VAL ID 80 59.10 145.06 -93.18
C VAL ID 80 60.46 144.71 -93.77
N PRO ID 81 60.86 143.43 -93.76
CA PRO ID 81 62.15 143.07 -94.36
C PRO ID 81 62.15 143.30 -95.85
N ARG ID 82 63.34 143.53 -96.39
CA ARG ID 82 63.52 143.81 -97.80
C ARG ID 82 63.17 142.60 -98.66
N LYS ID 83 63.03 142.85 -99.97
CA LYS ID 83 62.69 141.80 -100.91
C LYS ID 83 63.93 140.98 -101.27
N LEU ID 84 63.77 140.10 -102.25
CA LEU ID 84 64.86 139.29 -102.78
C LEU ID 84 65.22 139.74 -104.18
N LEU ID 85 66.46 139.45 -104.57
CA LEU ID 85 66.99 139.91 -105.84
C LEU ID 85 66.41 139.09 -107.00
N SER ID 86 66.24 139.75 -108.15
CA SER ID 86 65.42 139.21 -109.22
C SER ID 86 66.16 138.96 -110.54
N HIS ID 87 67.21 139.73 -110.83
CA HIS ID 87 68.04 139.56 -112.02
C HIS ID 87 67.28 139.84 -113.32
N GLY ID 88 65.99 140.15 -113.20
CA GLY ID 88 65.22 140.54 -114.36
C GLY ID 88 64.37 141.74 -114.04
N LYS ID 89 63.22 141.86 -114.73
CA LYS ID 89 62.22 142.87 -114.43
C LYS ID 89 62.82 144.28 -114.45
N LYS ID 90 63.40 144.63 -115.59
CA LYS ID 90 63.85 145.99 -115.80
C LYS ID 90 62.65 146.92 -115.93
N PRO ID 91 62.78 148.17 -115.49
CA PRO ID 91 61.62 149.06 -115.46
C PRO ID 91 61.09 149.35 -116.86
N PHE ID 92 59.83 149.76 -116.90
CA PHE ID 92 59.14 150.00 -118.16
C PHE ID 92 59.85 151.02 -119.02
N SER ID 93 60.64 151.91 -118.41
CA SER ID 93 61.34 152.93 -119.17
C SER ID 93 62.24 152.31 -120.23
N GLN ID 94 62.91 151.20 -119.90
CA GLN ID 94 63.82 150.55 -120.82
C GLN ID 94 63.27 149.23 -121.33
N HIS ID 95 61.95 149.04 -121.25
CA HIS ID 95 61.35 147.85 -121.84
C HIS ID 95 61.56 147.86 -123.35
N VAL ID 96 61.87 146.69 -123.89
CA VAL ID 96 62.12 146.57 -125.32
C VAL ID 96 60.78 146.71 -126.05
N ARG ID 97 60.75 147.63 -127.01
CA ARG ID 97 59.53 147.89 -127.76
C ARG ID 97 59.47 147.03 -129.00
N LYS ID 98 58.35 146.35 -129.18
CA LYS ID 98 58.08 145.55 -130.37
C LYS ID 98 56.88 146.12 -131.10
N LEU ID 99 56.90 146.03 -132.42
CA LEU ID 99 55.81 146.52 -133.26
C LEU ID 99 55.35 145.39 -134.16
N ARG ID 100 54.03 145.21 -134.23
CA ARG ID 100 53.47 144.23 -135.16
C ARG ID 100 53.90 144.55 -136.57
N ALA ID 101 54.33 143.52 -137.31
CA ALA ID 101 54.88 143.73 -138.63
C ALA ID 101 53.89 144.34 -139.61
N SER ID 102 52.58 144.15 -139.38
CA SER ID 102 51.58 144.64 -140.32
C SER ID 102 51.58 146.16 -140.42
N ILE ID 103 52.09 146.87 -139.41
CA ILE ID 103 52.08 148.32 -139.38
C ILE ID 103 53.43 148.82 -139.85
N THR ID 104 53.43 149.77 -140.77
CA THR ID 104 54.63 150.48 -141.19
C THR ID 104 54.26 151.94 -141.42
N PRO ID 105 55.22 152.86 -141.26
CA PRO ID 105 54.95 154.27 -141.54
C PRO ID 105 54.22 154.48 -142.86
N GLY ID 106 53.04 155.08 -142.80
CA GLY ID 106 52.20 155.27 -143.96
C GLY ID 106 50.99 154.37 -144.01
N THR ID 107 50.93 153.34 -143.17
CA THR ID 107 49.75 152.48 -143.13
C THR ID 107 48.53 153.24 -142.65
N ILE ID 108 47.38 152.88 -143.20
CA ILE ID 108 46.11 153.44 -142.77
C ILE ID 108 45.60 152.64 -141.58
N LEU ID 109 45.15 153.34 -140.55
CA LEU ID 109 44.84 152.71 -139.28
C LEU ID 109 43.41 153.07 -138.89
N ILE ID 110 42.73 152.11 -138.26
CA ILE ID 110 41.39 152.29 -137.72
C ILE ID 110 41.46 152.26 -136.20
N ILE ID 111 40.85 153.24 -135.55
CA ILE ID 111 40.82 153.31 -134.10
C ILE ID 111 39.59 152.56 -133.58
N LEU ID 112 39.76 151.86 -132.45
CA LEU ID 112 38.72 150.99 -131.95
C LEU ID 112 38.29 151.27 -130.51
N THR ID 113 39.11 151.96 -129.73
CA THR ID 113 38.86 152.09 -128.30
C THR ID 113 38.47 153.50 -127.88
N GLY ID 114 39.26 154.50 -128.27
CA GLY ID 114 39.06 155.84 -127.77
C GLY ID 114 37.77 156.47 -128.26
N ARG ID 115 37.65 157.77 -127.99
CA ARG ID 115 36.50 158.53 -128.42
C ARG ID 115 36.30 158.43 -129.93
N HIS ID 116 37.38 158.26 -130.66
CA HIS ID 116 37.37 158.21 -132.13
C HIS ID 116 37.35 156.79 -132.66
N ARG ID 117 36.64 155.91 -131.95
CA ARG ID 117 36.50 154.53 -132.38
C ARG ID 117 35.90 154.46 -133.78
N GLY ID 118 36.45 153.57 -134.62
CA GLY ID 118 35.95 153.36 -135.96
C GLY ID 118 36.50 154.30 -137.00
N LYS ID 119 37.14 155.39 -136.59
CA LYS ID 119 37.74 156.31 -137.55
C LYS ID 119 38.92 155.66 -138.25
N ARG ID 120 39.26 156.19 -139.41
CA ARG ID 120 40.43 155.76 -140.15
C ARG ID 120 41.49 156.85 -140.07
N VAL ID 121 42.71 156.48 -139.68
CA VAL ID 121 43.79 157.43 -139.52
C VAL ID 121 45.05 156.87 -140.18
N VAL ID 122 46.00 157.76 -140.40
CA VAL ID 122 47.27 157.41 -141.03
C VAL ID 122 48.32 157.23 -139.93
N PHE ID 123 49.21 156.27 -140.12
CA PHE ID 123 50.17 155.88 -139.09
C PHE ID 123 51.50 156.58 -139.32
N LEU ID 124 51.89 157.43 -138.37
CA LEU ID 124 53.22 158.01 -138.36
C LEU ID 124 54.13 157.15 -137.47
N LYS ID 125 55.30 157.65 -137.12
CA LYS ID 125 56.30 156.84 -136.43
C LYS ID 125 55.81 156.35 -135.08
N GLN ID 126 56.38 155.23 -134.63
CA GLN ID 126 56.14 154.74 -133.28
C GLN ID 126 57.00 155.49 -132.28
N LEU ID 127 56.43 155.79 -131.12
CA LEU ID 127 57.08 156.64 -130.15
C LEU ID 127 58.00 155.83 -129.24
N ALA ID 128 58.56 156.49 -128.22
CA ALA ID 128 59.52 155.86 -127.34
C ALA ID 128 58.88 154.79 -126.47
N SER ID 129 57.71 155.06 -125.92
CA SER ID 129 57.03 154.09 -125.05
C SER ID 129 56.44 152.93 -125.83
N GLY ID 130 56.41 153.00 -127.16
CA GLY ID 130 55.76 152.01 -127.98
C GLY ID 130 54.40 152.44 -128.48
N LEU ID 131 53.78 153.44 -127.86
CA LEU ID 131 52.54 153.99 -128.38
C LEU ID 131 52.78 154.57 -129.76
N LEU ID 132 51.90 154.24 -130.69
CA LEU ID 132 52.07 154.71 -132.07
C LEU ID 132 51.58 156.14 -132.20
N LEU ID 133 52.44 157.00 -132.72
CA LEU ID 133 52.06 158.38 -133.00
C LEU ID 133 51.31 158.39 -134.32
N VAL ID 134 50.05 158.80 -134.28
CA VAL ID 134 49.23 158.86 -135.47
C VAL ID 134 48.52 160.20 -135.50
N THR ID 135 47.83 160.46 -136.61
CA THR ID 135 46.99 161.63 -136.74
C THR ID 135 45.92 161.34 -137.78
N GLY ID 136 44.85 162.12 -137.70
CA GLY ID 136 43.90 162.18 -138.78
C GLY ID 136 44.11 163.47 -139.52
N PRO ID 137 43.77 163.50 -140.80
CA PRO ID 137 43.79 164.76 -141.53
C PRO ID 137 42.66 165.62 -141.02
N LEU ID 138 42.89 166.34 -139.92
CA LEU ID 138 41.85 166.98 -139.11
C LEU ID 138 40.77 167.64 -139.98
N VAL ID 139 41.15 168.13 -141.16
CA VAL ID 139 40.17 168.62 -142.10
C VAL ID 139 39.28 167.49 -142.64
N LEU ID 140 39.75 166.25 -142.57
CA LEU ID 140 38.99 165.11 -143.09
C LEU ID 140 38.12 164.47 -142.02
N ASN ID 141 38.71 164.13 -140.87
CA ASN ID 141 38.02 163.34 -139.87
C ASN ID 141 38.16 163.88 -138.45
N ARG ID 142 38.75 165.06 -138.27
CA ARG ID 142 38.86 165.71 -136.96
C ARG ID 142 39.59 164.82 -135.96
N VAL ID 143 40.74 164.30 -136.37
CA VAL ID 143 41.60 163.56 -135.44
C VAL ID 143 42.96 164.23 -135.44
N PRO ID 144 43.37 164.83 -134.33
CA PRO ID 144 44.65 165.55 -134.30
C PRO ID 144 45.82 164.62 -134.14
N LEU ID 145 47.02 165.17 -133.94
CA LEU ID 145 48.14 164.35 -133.51
C LEU ID 145 47.79 163.75 -132.16
N ARG ID 146 47.70 162.41 -132.08
CA ARG ID 146 47.32 161.76 -130.86
C ARG ID 146 47.92 160.35 -130.84
N ARG ID 147 48.37 159.93 -129.67
CA ARG ID 147 48.98 158.61 -129.54
C ARG ID 147 47.90 157.53 -129.43
N THR ID 148 48.31 156.29 -129.65
CA THR ID 148 47.42 155.14 -129.56
C THR ID 148 48.22 153.91 -129.20
N HIS ID 149 47.51 152.88 -128.75
CA HIS ID 149 48.12 151.59 -128.45
C HIS ID 149 47.99 150.67 -129.66
N GLN ID 150 49.12 150.06 -130.06
CA GLN ID 150 49.14 149.22 -131.23
C GLN ID 150 48.26 147.99 -131.08
N LYS ID 151 47.88 147.64 -129.85
CA LYS ID 151 47.05 146.47 -129.61
C LYS ID 151 45.57 146.73 -129.78
N PHE ID 152 45.12 147.97 -129.61
CA PHE ID 152 43.72 148.32 -129.70
C PHE ID 152 43.35 148.84 -131.08
N VAL ID 153 44.16 148.53 -132.09
CA VAL ID 153 44.01 149.12 -133.40
C VAL ID 153 44.26 148.08 -134.48
N ILE ID 154 43.68 148.31 -135.65
CA ILE ID 154 43.76 147.38 -136.78
C ILE ID 154 44.41 148.10 -137.94
N ALA ID 155 45.41 147.47 -138.52
CA ALA ID 155 46.10 148.00 -139.69
C ALA ID 155 45.51 147.35 -140.94
N THR ID 156 45.02 148.18 -141.85
CA THR ID 156 44.60 147.68 -143.15
C THR ID 156 45.79 147.60 -144.10
N SER ID 157 45.60 146.88 -145.20
CA SER ID 157 46.67 146.61 -146.14
C SER ID 157 46.91 147.75 -147.12
N THR ID 158 46.42 148.94 -146.80
CA THR ID 158 46.64 150.11 -147.64
C THR ID 158 47.73 150.97 -147.03
N LYS ID 159 48.75 151.28 -147.82
CA LYS ID 159 49.92 151.98 -147.34
C LYS ID 159 50.13 153.26 -148.14
N ILE ID 160 50.83 154.20 -147.54
CA ILE ID 160 51.20 155.45 -148.17
C ILE ID 160 52.71 155.63 -148.03
N ASP ID 161 53.37 156.00 -149.11
CA ASP ID 161 54.79 156.33 -149.02
C ASP ID 161 54.94 157.67 -148.33
N ILE ID 162 55.06 157.65 -147.00
CA ILE ID 162 55.19 158.88 -146.23
C ILE ID 162 56.67 159.13 -145.99
N SER ID 163 57.52 158.51 -146.80
CA SER ID 163 58.93 158.86 -146.77
C SER ID 163 59.11 160.30 -147.24
N ASN ID 164 60.21 160.90 -146.80
CA ASN ID 164 60.58 162.26 -147.22
C ASN ID 164 59.55 163.29 -146.76
N VAL ID 165 58.91 163.03 -145.63
CA VAL ID 165 58.21 164.07 -144.89
C VAL ID 165 58.90 164.20 -143.54
N LYS ID 166 59.28 165.43 -143.21
CA LYS ID 166 60.08 165.70 -142.02
C LYS ID 166 59.12 165.78 -140.83
N ILE ID 167 59.11 164.74 -140.02
CA ILE ID 167 58.33 164.78 -138.78
C ILE ID 167 59.07 165.65 -137.77
N PRO ID 168 58.38 166.54 -137.07
CA PRO ID 168 59.05 167.35 -136.04
C PRO ID 168 59.68 166.45 -134.98
N LYS ID 169 60.85 166.86 -134.51
CA LYS ID 169 61.55 166.06 -133.51
C LYS ID 169 60.92 166.21 -132.12
N HIS ID 170 60.38 167.38 -131.81
CA HIS ID 170 59.88 167.67 -130.46
C HIS ID 170 58.46 167.12 -130.25
N LEU ID 171 58.26 165.84 -130.57
CA LEU ID 171 56.96 165.21 -130.46
C LEU ID 171 57.05 163.92 -129.67
N THR ID 172 57.70 163.96 -128.52
CA THR ID 172 57.83 162.78 -127.68
C THR ID 172 56.55 162.59 -126.87
N ASP ID 173 56.52 161.54 -126.05
CA ASP ID 173 55.34 161.27 -125.25
C ASP ID 173 55.12 162.35 -124.21
N ALA ID 174 56.21 162.95 -123.71
CA ALA ID 174 56.08 164.08 -122.79
C ALA ID 174 55.30 165.21 -123.43
N TYR ID 175 55.44 165.39 -124.74
CA TYR ID 175 54.56 166.30 -125.46
C TYR ID 175 53.10 165.88 -125.32
N PHE ID 176 52.83 164.59 -125.46
CA PHE ID 176 51.46 164.09 -125.46
C PHE ID 176 50.97 163.65 -124.09
N LYS ID 177 51.81 163.77 -123.06
CA LYS ID 177 51.37 163.40 -121.72
C LYS ID 177 50.26 164.34 -121.26
N LYS ID 178 49.29 163.78 -120.54
CA LYS ID 178 48.21 164.59 -119.98
C LYS ID 178 48.76 165.56 -118.94
N LYS ID 179 48.31 166.81 -119.02
CA LYS ID 179 48.68 167.82 -118.04
C LYS ID 179 47.54 168.04 -117.08
N LYS ID 180 47.86 168.23 -115.80
CA LYS ID 180 46.86 168.41 -114.76
C LYS ID 180 47.16 169.68 -113.98
N LEU ID 181 46.11 170.36 -113.56
CA LEU ID 181 46.20 171.60 -112.79
C LEU ID 181 45.83 171.45 -111.33
N ARG ID 182 44.73 170.77 -111.04
CA ARG ID 182 44.28 170.62 -109.66
C ARG ID 182 45.26 169.76 -108.86
N LYS ID 183 45.41 170.10 -107.58
CA LYS ID 183 44.72 171.20 -106.90
C LYS ID 183 45.73 171.98 -106.06
N PRO ID 184 45.96 173.25 -106.42
CA PRO ID 184 46.98 174.05 -105.72
C PRO ID 184 46.45 174.63 -104.42
N ARG ID 185 47.01 174.14 -103.30
CA ARG ID 185 46.74 174.68 -101.97
C ARG ID 185 45.26 174.65 -101.61
N HIS ID 186 44.54 173.62 -102.07
CA HIS ID 186 43.17 173.39 -101.67
C HIS ID 186 43.07 171.98 -101.13
N GLN ID 187 42.65 171.84 -99.87
CA GLN ID 187 42.61 170.56 -99.19
C GLN ID 187 41.19 170.02 -99.06
N GLU ID 188 40.28 170.79 -98.48
CA GLU ID 188 38.90 170.36 -98.31
C GLU ID 188 38.03 170.92 -99.43
N GLY ID 189 37.23 170.05 -100.04
CA GLY ID 189 36.42 170.43 -101.19
C GLY ID 189 35.07 170.99 -100.84
N GLU ID 190 34.95 172.32 -100.82
CA GLU ID 190 33.67 172.97 -100.67
C GLU ID 190 33.53 174.02 -101.79
N ILE ID 191 34.66 174.50 -102.27
CA ILE ID 191 34.72 175.40 -103.42
C ILE ID 191 35.28 174.60 -104.58
N PHE ID 192 34.41 174.11 -105.45
CA PHE ID 192 34.81 173.34 -106.61
C PHE ID 192 35.48 174.24 -107.64
N ASP ID 193 36.54 173.74 -108.25
CA ASP ID 193 37.29 174.51 -109.25
C ASP ID 193 36.48 174.54 -110.53
N THR ID 194 35.96 175.71 -110.88
CA THR ID 194 35.05 175.86 -112.01
C THR ID 194 35.76 176.07 -113.34
N GLU ID 195 37.09 176.07 -113.35
CA GLU ID 195 37.84 176.25 -114.58
C GLU ID 195 38.67 174.99 -114.87
N LYS ID 196 39.44 175.05 -115.95
CA LYS ID 196 40.32 173.98 -116.41
C LYS ID 196 39.51 172.79 -116.92
N GLU ID 197 38.18 172.85 -116.80
CA GLU ID 197 37.34 171.82 -117.40
C GLU ID 197 37.47 171.83 -118.90
N LYS ID 198 37.43 173.01 -119.51
CA LYS ID 198 37.71 173.17 -120.93
C LYS ID 198 39.19 172.89 -121.15
N TYR ID 199 39.49 171.73 -121.74
CA TYR ID 199 40.88 171.39 -122.03
C TYR ID 199 41.44 172.33 -123.08
N GLU ID 200 42.45 173.11 -122.70
CA GLU ID 200 43.03 174.06 -123.64
C GLU ID 200 43.84 173.33 -124.71
N ILE ID 201 43.69 173.79 -125.95
CA ILE ID 201 44.45 173.28 -127.08
C ILE ID 201 45.48 174.34 -127.45
N THR ID 202 46.75 174.06 -127.15
CA THR ID 202 47.79 175.06 -127.33
C THR ID 202 47.96 175.39 -128.80
N GLU ID 203 48.23 176.68 -129.07
CA GLU ID 203 48.47 177.10 -130.44
C GLU ID 203 49.68 176.40 -131.05
N GLN ID 204 50.64 175.98 -130.23
CA GLN ID 204 51.78 175.24 -130.75
C GLN ID 204 51.34 173.90 -131.32
N ARG ID 205 50.42 173.22 -130.63
CA ARG ID 205 49.83 172.01 -131.19
C ARG ID 205 49.17 172.32 -132.52
N LYS ID 206 48.44 173.43 -132.61
CA LYS ID 206 47.79 173.80 -133.85
C LYS ID 206 48.81 173.98 -134.97
N ILE ID 207 49.89 174.72 -134.71
CA ILE ID 207 50.82 175.06 -135.77
C ILE ID 207 51.60 173.84 -136.22
N ASP ID 208 52.05 172.99 -135.29
CA ASP ID 208 52.79 171.82 -135.75
C ASP ID 208 51.86 170.80 -136.40
N GLN ID 209 50.61 170.72 -135.95
CA GLN ID 209 49.62 169.90 -136.65
C GLN ID 209 49.48 170.35 -138.10
N LYS ID 210 49.31 171.65 -138.32
CA LYS ID 210 49.19 172.16 -139.67
C LYS ID 210 50.47 171.92 -140.46
N ALA ID 211 51.62 172.01 -139.80
CA ALA ID 211 52.89 171.73 -140.47
C ALA ID 211 52.92 170.30 -140.99
N VAL ID 212 52.40 169.35 -140.21
CA VAL ID 212 52.35 167.97 -140.66
C VAL ID 212 51.32 167.81 -141.78
N ASP ID 213 50.16 168.44 -141.65
CA ASP ID 213 49.11 168.27 -142.65
C ASP ID 213 49.52 168.84 -144.00
N SER ID 214 50.25 169.95 -144.00
CA SER ID 214 50.67 170.56 -145.26
C SER ID 214 51.49 169.59 -146.10
N GLN ID 215 52.21 168.67 -145.45
CA GLN ID 215 53.07 167.74 -146.16
C GLN ID 215 52.48 166.34 -146.31
N ILE ID 216 51.47 165.98 -145.53
CA ILE ID 216 50.83 164.69 -145.77
C ILE ID 216 49.68 164.81 -146.76
N LEU ID 217 48.93 165.90 -146.70
CA LEU ID 217 47.73 166.04 -147.51
C LEU ID 217 47.96 165.82 -149.01
N PRO ID 218 49.00 166.35 -149.64
CA PRO ID 218 49.17 166.08 -151.09
C PRO ID 218 49.25 164.61 -151.42
N LYS ID 219 49.89 163.81 -150.56
CA LYS ID 219 50.04 162.39 -150.87
C LYS ID 219 48.70 161.67 -150.82
N ILE ID 220 47.89 161.92 -149.79
CA ILE ID 220 46.60 161.26 -149.69
C ILE ID 220 45.65 161.78 -150.76
N LYS ID 221 45.69 163.09 -151.03
CA LYS ID 221 44.90 163.64 -152.12
C LYS ID 221 45.37 163.14 -153.48
N ALA ID 222 46.57 162.59 -153.57
CA ALA ID 222 47.08 162.11 -154.85
C ALA ID 222 46.28 160.91 -155.35
N ILE ID 223 46.21 159.85 -154.54
CA ILE ID 223 45.54 158.62 -154.99
C ILE ID 223 44.04 158.86 -154.95
N PRO ID 224 43.28 158.24 -155.84
CA PRO ID 224 41.86 158.58 -155.98
C PRO ID 224 41.04 158.20 -154.76
N GLN ID 225 40.00 159.01 -154.51
CA GLN ID 225 38.98 158.89 -153.46
C GLN ID 225 39.53 158.38 -152.13
N LEU ID 226 40.75 158.78 -151.76
CA LEU ID 226 41.25 158.42 -150.46
C LEU ID 226 40.65 159.29 -149.37
N GLN ID 227 40.44 160.57 -149.64
CA GLN ID 227 39.88 161.47 -148.64
C GLN ID 227 38.48 161.03 -148.22
N GLY ID 228 37.66 160.60 -149.17
CA GLY ID 228 36.37 160.06 -148.83
C GLY ID 228 36.47 158.77 -148.02
N TYR ID 229 37.47 157.95 -148.32
CA TYR ID 229 37.71 156.76 -147.54
C TYR ID 229 38.05 157.12 -146.09
N LEU ID 230 38.86 158.16 -145.90
CA LEU ID 230 39.27 158.57 -144.57
C LEU ID 230 38.13 159.21 -143.78
N ARG ID 231 37.33 160.06 -144.44
CA ARG ID 231 36.19 160.66 -143.76
C ARG ID 231 35.23 159.62 -143.24
N SER ID 232 35.12 158.48 -143.93
CA SER ID 232 34.22 157.43 -143.50
C SER ID 232 34.73 156.76 -142.22
N VAL ID 233 33.85 156.02 -141.58
CA VAL ID 233 34.14 155.34 -140.33
C VAL ID 233 33.85 153.86 -140.52
N PHE ID 234 34.80 153.01 -140.11
CA PHE ID 234 34.62 151.58 -140.22
C PHE ID 234 33.42 151.13 -139.39
N ALA ID 235 32.71 150.13 -139.89
CA ALA ID 235 31.48 149.69 -139.23
C ALA ID 235 31.19 148.24 -139.61
N LEU ID 236 30.29 147.63 -138.84
CA LEU ID 236 29.83 146.28 -139.10
C LEU ID 236 28.34 146.29 -139.45
N THR ID 237 27.97 145.45 -140.40
CA THR ID 237 26.57 145.26 -140.77
C THR ID 237 26.13 143.86 -140.34
N ASN ID 238 24.87 143.54 -140.62
CA ASN ID 238 24.33 142.22 -140.35
C ASN ID 238 24.82 141.18 -141.35
N GLY ID 239 25.76 141.56 -142.21
CA GLY ID 239 26.28 140.69 -143.23
C GLY ID 239 27.66 140.15 -142.91
N ILE ID 240 28.69 140.82 -143.42
CA ILE ID 240 30.07 140.37 -143.35
C ILE ID 240 30.49 140.04 -141.93
N TYR ID 241 31.47 139.15 -141.80
CA TYR ID 241 31.99 138.72 -140.52
C TYR ID 241 33.50 138.92 -140.51
N PRO ID 242 34.06 139.50 -139.45
CA PRO ID 242 35.45 139.96 -139.50
C PRO ID 242 36.46 138.87 -139.81
N HIS ID 243 36.21 137.63 -139.36
CA HIS ID 243 37.19 136.58 -139.58
C HIS ID 243 37.30 136.21 -141.06
N LYS ID 244 36.23 136.42 -141.83
CA LYS ID 244 36.38 136.33 -143.28
C LYS ID 244 36.91 137.61 -143.89
N LEU ID 245 36.83 138.73 -143.19
CA LEU ID 245 37.30 139.99 -143.73
C LEU ID 245 38.83 140.06 -143.71
N VAL ID 246 39.38 140.61 -144.78
CA VAL ID 246 40.81 140.84 -144.91
C VAL ID 246 41.03 142.35 -145.00
N PHE ID 247 41.96 142.85 -144.20
CA PHE ID 247 42.17 144.29 -144.08
C PHE ID 247 43.43 144.72 -144.81
N ASN JD 1 96.79 142.37 -88.94
CA ASN JD 1 96.44 140.96 -89.11
C ASN JD 1 95.43 140.77 -90.23
N PHE JD 2 94.73 141.85 -90.59
CA PHE JD 2 93.71 141.74 -91.63
C PHE JD 2 94.32 141.38 -92.98
N ALA JD 3 95.55 141.83 -93.24
CA ALA JD 3 96.18 141.55 -94.52
C ALA JD 3 96.41 140.05 -94.72
N GLU JD 4 96.96 139.38 -93.70
CA GLU JD 4 97.26 137.95 -93.84
C GLU JD 4 96.00 137.13 -94.05
N LEU JD 5 94.97 137.37 -93.23
CA LEU JD 5 93.76 136.58 -93.35
C LEU JD 5 92.98 136.92 -94.62
N LYS JD 6 93.00 138.19 -95.04
CA LYS JD 6 92.38 138.54 -96.31
C LYS JD 6 93.08 137.85 -97.47
N ILE JD 7 94.41 137.84 -97.45
CA ILE JD 7 95.17 137.15 -98.49
C ILE JD 7 94.86 135.67 -98.49
N LYS JD 8 94.78 135.06 -97.31
CA LYS JD 8 94.50 133.63 -97.23
C LYS JD 8 93.09 133.30 -97.73
N ARG JD 9 92.10 134.12 -97.38
CA ARG JD 9 90.75 133.89 -97.88
C ARG JD 9 90.67 134.06 -99.38
N LEU JD 10 91.35 135.07 -99.94
CA LEU JD 10 91.32 135.22 -101.38
C LEU JD 10 92.10 134.09 -102.07
N ARG JD 11 93.13 133.56 -101.43
CA ARG JD 11 93.78 132.35 -101.94
C ARG JD 11 92.78 131.20 -101.99
N LYS JD 12 91.99 131.04 -100.92
CA LYS JD 12 91.01 129.97 -100.86
C LYS JD 12 89.99 130.12 -101.98
N LYS JD 13 89.48 131.33 -102.17
CA LYS JD 13 88.48 131.56 -103.20
C LYS JD 13 89.08 131.37 -104.60
N PHE JD 14 90.33 131.78 -104.79
CA PHE JD 14 91.01 131.52 -106.05
C PHE JD 14 91.10 130.02 -106.31
N ALA JD 15 91.53 129.25 -105.31
CA ALA JD 15 91.71 127.82 -105.51
C ALA JD 15 90.39 127.14 -105.83
N GLN JD 16 89.32 127.50 -105.11
CA GLN JD 16 88.04 126.87 -105.39
C GLN JD 16 87.51 127.29 -106.75
N LYS JD 17 87.79 128.54 -107.15
CA LYS JD 17 87.37 128.98 -108.48
C LYS JD 17 88.05 128.17 -109.57
N MET JD 18 89.36 127.93 -109.44
CA MET JD 18 90.05 127.12 -110.43
C MET JD 18 89.58 125.68 -110.40
N LEU JD 19 89.29 125.15 -109.21
CA LEU JD 19 88.78 123.79 -109.14
C LEU JD 19 87.43 123.68 -109.86
N ARG JD 20 86.54 124.64 -109.63
CA ARG JD 20 85.26 124.64 -110.32
C ARG JD 20 85.43 124.76 -111.82
N LYS JD 21 86.37 125.61 -112.26
CA LYS JD 21 86.59 125.78 -113.69
C LYS JD 21 87.12 124.50 -114.32
N ALA JD 22 88.06 123.84 -113.65
CA ALA JD 22 88.55 122.55 -114.14
C ALA JD 22 87.43 121.53 -114.21
N ARG JD 23 86.56 121.53 -113.20
CA ARG JD 23 85.41 120.63 -113.23
C ARG JD 23 84.51 120.92 -114.43
N ARG JD 24 84.28 122.21 -114.70
CA ARG JD 24 83.46 122.59 -115.85
C ARG JD 24 84.10 122.10 -117.15
N LYS JD 25 85.41 122.28 -117.28
CA LYS JD 25 86.10 121.81 -118.48
C LYS JD 25 85.99 120.29 -118.61
N LEU JD 26 86.10 119.58 -117.50
CA LEU JD 26 85.92 118.13 -117.52
C LEU JD 26 84.53 117.77 -118.02
N ILE JD 27 83.51 118.47 -117.53
CA ILE JD 27 82.15 118.21 -117.99
C ILE JD 27 82.05 118.43 -119.49
N TYR JD 28 82.61 119.55 -119.96
CA TYR JD 28 82.52 119.90 -121.37
C TYR JD 28 83.17 118.83 -122.25
N GLU JD 29 84.38 118.42 -121.90
CA GLU JD 29 85.06 117.41 -122.69
C GLU JD 29 84.37 116.06 -122.62
N LYS JD 30 83.84 115.70 -121.45
CA LYS JD 30 83.12 114.45 -121.34
C LYS JD 30 81.91 114.45 -122.24
N ALA JD 31 81.17 115.56 -122.27
CA ALA JD 31 80.01 115.63 -123.14
C ALA JD 31 80.41 115.56 -124.60
N LYS JD 32 81.51 116.23 -124.96
CA LYS JD 32 82.01 116.15 -126.34
C LYS JD 32 82.30 114.70 -126.73
N HIS JD 33 83.03 113.99 -125.88
CA HIS JD 33 83.37 112.61 -126.16
C HIS JD 33 82.11 111.74 -126.25
N TYR JD 34 81.14 112.01 -125.37
CA TYR JD 34 79.91 111.22 -125.39
C TYR JD 34 79.15 111.41 -126.69
N HIS JD 35 79.06 112.65 -127.18
CA HIS JD 35 78.40 112.86 -128.47
C HIS JD 35 79.14 112.17 -129.59
N LYS JD 36 80.49 112.26 -129.57
CA LYS JD 36 81.26 111.53 -130.57
C LYS JD 36 80.94 110.05 -130.51
N GLU JD 37 80.87 109.50 -129.31
CA GLU JD 37 80.55 108.09 -129.18
C GLU JD 37 79.16 107.81 -129.76
N TYR JD 38 78.17 108.62 -129.43
CA TYR JD 38 76.82 108.38 -129.94
C TYR JD 38 76.81 108.39 -131.47
N ARG JD 39 77.50 109.36 -132.06
CA ARG JD 39 77.64 109.40 -133.52
C ARG JD 39 78.27 108.11 -134.03
N GLN JD 40 79.30 107.63 -133.34
CA GLN JD 40 79.95 106.38 -133.68
C GLN JD 40 78.97 105.22 -133.66
N MET JD 41 78.20 105.09 -132.58
CA MET JD 41 77.25 103.99 -132.46
C MET JD 41 76.22 104.03 -133.59
N TYR JD 42 75.68 105.22 -133.88
CA TYR JD 42 74.69 105.33 -134.95
C TYR JD 42 75.28 104.91 -136.29
N ARG JD 43 76.44 105.48 -136.63
CA ARG JD 43 77.04 105.19 -137.94
C ARG JD 43 77.40 103.72 -138.06
N THR JD 44 77.96 103.13 -137.00
CA THR JD 44 78.31 101.72 -137.05
C THR JD 44 77.08 100.85 -137.22
N GLU JD 45 76.01 101.17 -136.51
CA GLU JD 45 74.81 100.35 -136.63
C GLU JD 45 74.22 100.42 -138.02
N ILE JD 46 74.23 101.60 -138.64
CA ILE JD 46 73.70 101.67 -140.00
C ILE JD 46 74.64 101.02 -141.02
N ARG JD 47 75.95 101.16 -140.85
CA ARG JD 47 76.87 100.61 -141.83
C ARG JD 47 77.01 99.10 -141.73
N MET JD 48 76.79 98.51 -140.54
CA MET JD 48 76.68 97.06 -140.46
C MET JD 48 75.55 96.55 -141.34
N ALA JD 49 74.38 97.19 -141.26
CA ALA JD 49 73.27 96.81 -142.10
C ALA JD 49 73.60 97.02 -143.57
N ARG JD 50 74.24 98.14 -143.90
CA ARG JD 50 74.58 98.40 -145.29
C ARG JD 50 75.51 97.32 -145.84
N MET JD 51 76.55 96.96 -145.08
CA MET JD 51 77.51 95.98 -145.58
C MET JD 51 76.88 94.59 -145.63
N ALA JD 52 76.01 94.26 -144.69
CA ALA JD 52 75.30 92.98 -144.79
C ALA JD 52 74.43 92.95 -146.03
N ARG JD 53 73.72 94.04 -146.30
CA ARG JD 53 72.90 94.11 -147.50
C ARG JD 53 73.74 93.94 -148.76
N LYS JD 54 74.91 94.59 -148.78
CA LYS JD 54 75.79 94.47 -149.93
C LYS JD 54 76.29 93.04 -150.10
N ALA JD 55 76.63 92.38 -149.00
CA ALA JD 55 77.14 91.02 -149.08
C ALA JD 55 76.08 90.00 -149.43
N GLY JD 56 74.81 90.39 -149.45
CA GLY JD 56 73.73 89.46 -149.70
C GLY JD 56 73.30 88.65 -148.49
N ASN JD 57 73.95 88.84 -147.35
CA ASN JD 57 73.55 88.17 -146.12
C ASN JD 57 72.74 89.15 -145.28
N PHE JD 58 72.33 88.72 -144.09
CA PHE JD 58 71.47 89.53 -143.23
C PHE JD 58 72.17 89.81 -141.91
N TYR JD 59 72.03 91.05 -141.43
CA TYR JD 59 72.56 91.46 -140.14
C TYR JD 59 71.41 91.57 -139.16
N VAL JD 60 71.62 91.09 -137.95
CA VAL JD 60 70.66 91.22 -136.86
C VAL JD 60 71.27 92.14 -135.80
N PRO JD 61 70.67 93.29 -135.53
CA PRO JD 61 71.12 94.09 -134.38
C PRO JD 61 70.81 93.35 -133.08
N ALA JD 62 71.59 93.66 -132.06
CA ALA JD 62 71.37 93.05 -130.76
C ALA JD 62 70.07 93.58 -130.18
N GLU JD 63 69.24 92.68 -129.67
CA GLU JD 63 68.00 93.13 -129.08
C GLU JD 63 68.32 94.06 -127.91
N PRO JD 64 67.56 95.13 -127.75
CA PRO JD 64 67.97 96.20 -126.84
C PRO JD 64 68.11 95.73 -125.41
N LYS JD 65 69.03 96.37 -124.71
CA LYS JD 65 69.26 96.12 -123.30
C LYS JD 65 68.51 97.08 -122.40
N LEU JD 66 68.04 98.21 -122.94
CA LEU JD 66 67.41 99.25 -122.15
C LEU JD 66 65.99 99.47 -122.66
N ALA JD 67 65.02 99.43 -121.76
CA ALA JD 67 63.64 99.69 -122.07
C ALA JD 67 63.04 100.61 -121.03
N PHE JD 68 62.06 101.40 -121.45
CA PHE JD 68 61.31 102.26 -120.55
C PHE JD 68 59.91 101.69 -120.42
N VAL JD 69 59.49 101.47 -119.21
CA VAL JD 69 58.15 100.97 -118.95
C VAL JD 69 57.28 102.14 -118.52
N ILE JD 70 55.97 101.95 -118.59
CA ILE JD 70 54.99 102.97 -118.21
C ILE JD 70 53.76 102.27 -117.66
N ARG JD 71 53.40 102.56 -116.42
CA ARG JD 71 52.18 102.02 -115.85
C ARG JD 71 50.97 102.75 -116.43
N ILE JD 72 50.09 102.00 -117.07
CA ILE JD 72 48.98 102.57 -117.82
C ILE JD 72 47.63 102.23 -117.22
N ARG JD 73 47.60 101.73 -115.99
CA ARG JD 73 46.36 101.32 -115.35
C ARG JD 73 46.28 101.87 -113.95
N GLY JD 74 45.06 101.89 -113.41
CA GLY JD 74 44.84 102.38 -112.06
C GLY JD 74 45.33 101.43 -110.99
N ILE JD 75 44.73 101.50 -109.81
CA ILE JD 75 45.09 100.62 -108.70
C ILE JD 75 43.88 99.89 -108.14
N ASN JD 76 42.67 100.21 -108.60
CA ASN JD 76 41.49 99.51 -108.12
C ASN JD 76 41.46 98.09 -108.65
N GLY JD 77 41.45 97.12 -107.74
CA GLY JD 77 41.39 95.72 -108.12
C GLY JD 77 42.65 95.23 -108.82
N VAL JD 78 43.77 95.19 -108.10
CA VAL JD 78 45.04 94.73 -108.63
C VAL JD 78 45.45 93.48 -107.85
N SER JD 79 45.75 92.41 -108.58
CA SER JD 79 46.07 91.14 -107.93
C SER JD 79 47.39 91.27 -107.17
N PRO JD 80 47.55 90.51 -106.08
CA PRO JD 80 48.77 90.65 -105.28
C PRO JD 80 50.04 90.42 -106.05
N LYS JD 81 50.04 89.48 -107.01
CA LYS JD 81 51.25 89.22 -107.76
C LYS JD 81 51.61 90.40 -108.65
N VAL JD 82 50.64 90.89 -109.44
CA VAL JD 82 50.92 92.02 -110.31
C VAL JD 82 51.17 93.27 -109.49
N ARG JD 83 50.44 93.43 -108.38
CA ARG JD 83 50.69 94.57 -107.51
C ARG JD 83 52.12 94.55 -106.99
N LYS JD 84 52.58 93.39 -106.53
CA LYS JD 84 53.93 93.28 -105.99
C LYS JD 84 54.97 93.54 -107.07
N VAL JD 85 54.79 92.98 -108.26
CA VAL JD 85 55.80 93.19 -109.30
C VAL JD 85 55.80 94.65 -109.75
N LEU JD 86 54.63 95.28 -109.79
CA LEU JD 86 54.59 96.71 -110.05
C LEU JD 86 55.32 97.49 -108.97
N GLN JD 87 55.16 97.04 -107.73
CA GLN JD 87 55.86 97.67 -106.62
C GLN JD 87 57.37 97.58 -106.79
N LEU JD 88 57.86 96.41 -107.21
CA LEU JD 88 59.29 96.24 -107.42
C LEU JD 88 59.82 97.14 -108.52
N LEU JD 89 58.97 97.59 -109.43
CA LEU JD 89 59.38 98.50 -110.48
C LEU JD 89 59.16 99.96 -110.11
N ARG JD 90 58.73 100.22 -108.87
CA ARG JD 90 58.53 101.58 -108.38
C ARG JD 90 57.45 102.31 -109.18
N LEU JD 91 56.63 101.57 -109.92
CA LEU JD 91 55.54 102.14 -110.69
C LEU JD 91 54.29 102.12 -109.81
N ARG JD 92 54.34 102.91 -108.75
CA ARG JD 92 53.24 102.94 -107.80
C ARG JD 92 52.15 103.91 -108.20
N GLN JD 93 52.16 104.39 -109.44
CA GLN JD 93 51.16 105.33 -109.91
C GLN JD 93 50.93 105.11 -111.40
N ILE JD 94 49.80 105.62 -111.90
CA ILE JD 94 49.57 105.57 -113.33
C ILE JD 94 50.45 106.60 -114.02
N PHE JD 95 50.84 106.30 -115.26
CA PHE JD 95 51.71 107.16 -116.05
C PHE JD 95 52.96 107.53 -115.26
N ASN JD 96 53.50 106.54 -114.56
CA ASN JD 96 54.57 106.74 -113.60
C ASN JD 96 55.76 105.86 -113.95
N GLY JD 97 56.14 105.87 -115.22
CA GLY JD 97 57.10 104.91 -115.74
C GLY JD 97 58.51 105.13 -115.23
N THR JD 98 59.35 104.13 -115.48
CA THR JD 98 60.73 104.14 -115.05
C THR JD 98 61.58 103.32 -116.01
N PHE JD 99 62.89 103.43 -115.86
CA PHE JD 99 63.85 102.72 -116.69
C PHE JD 99 64.28 101.43 -116.02
N VAL JD 100 64.43 100.37 -116.81
CA VAL JD 100 64.93 99.10 -116.32
C VAL JD 100 65.76 98.45 -117.42
N LYS JD 101 66.98 98.05 -117.09
CA LYS JD 101 67.79 97.31 -118.04
C LYS JD 101 67.17 95.94 -118.30
N LEU JD 102 67.42 95.41 -119.49
CA LEU JD 102 66.73 94.23 -119.96
C LEU JD 102 67.58 92.99 -119.76
N ASN JD 103 66.96 91.97 -119.17
CA ASN JD 103 67.56 90.66 -118.99
C ASN JD 103 66.41 89.68 -118.86
N LYS JD 104 66.72 88.40 -118.98
CA LYS JD 104 65.67 87.39 -118.97
C LYS JD 104 64.74 87.53 -117.76
N ALA JD 105 65.30 87.81 -116.58
CA ALA JD 105 64.45 88.08 -115.43
C ALA JD 105 63.63 89.35 -115.69
N SER JD 106 64.25 90.37 -116.29
CA SER JD 106 63.52 91.59 -116.57
C SER JD 106 62.41 91.34 -117.60
N ILE JD 107 62.70 90.55 -118.62
CA ILE JD 107 61.65 90.23 -119.60
C ILE JD 107 60.53 89.46 -118.91
N ASN JD 108 60.88 88.58 -117.98
CA ASN JD 108 59.84 87.91 -117.21
C ASN JD 108 58.99 88.91 -116.45
N MET JD 109 59.63 89.88 -115.80
CA MET JD 109 58.88 90.93 -115.11
C MET JD 109 57.88 91.59 -116.03
N LEU JD 110 58.36 92.00 -117.21
CA LEU JD 110 57.48 92.71 -118.12
C LEU JD 110 56.38 91.80 -118.66
N ARG JD 111 56.62 90.49 -118.64
CA ARG JD 111 55.57 89.56 -119.04
C ARG JD 111 54.51 89.38 -117.96
N ILE JD 112 54.91 89.32 -116.68
CA ILE JD 112 53.95 89.07 -115.62
C ILE JD 112 52.97 90.23 -115.50
N VAL JD 113 53.48 91.45 -115.37
CA VAL JD 113 52.62 92.63 -115.37
C VAL JD 113 52.48 93.04 -116.83
N GLU JD 114 51.62 92.32 -117.52
CA GLU JD 114 51.40 92.54 -118.93
C GLU JD 114 50.43 93.68 -119.22
N PRO JD 115 49.20 93.65 -118.71
CA PRO JD 115 48.18 94.59 -119.18
C PRO JD 115 48.15 95.90 -118.43
N TYR JD 116 48.89 96.02 -117.33
CA TYR JD 116 48.90 97.24 -116.56
C TYR JD 116 49.95 98.24 -117.04
N ILE JD 117 50.87 97.81 -117.89
CA ILE JD 117 51.98 98.66 -118.30
C ILE JD 117 52.16 98.59 -119.82
N ALA JD 118 52.83 99.61 -120.34
CA ALA JD 118 53.27 99.66 -121.73
C ALA JD 118 54.77 99.97 -121.72
N TRP JD 119 55.53 99.26 -122.55
CA TRP JD 119 56.97 99.37 -122.50
C TRP JD 119 57.58 99.19 -123.89
N GLY JD 120 58.75 99.79 -124.07
CA GLY JD 120 59.44 99.71 -125.33
C GLY JD 120 60.84 100.26 -125.20
N TYR JD 121 61.48 100.46 -126.35
CA TYR JD 121 62.87 100.83 -126.34
C TYR JD 121 63.03 102.30 -126.70
N PRO JD 122 63.46 103.14 -125.76
CA PRO JD 122 63.64 104.56 -126.05
C PRO JD 122 64.93 104.82 -126.81
N ASN JD 123 65.00 106.01 -127.40
CA ASN JD 123 66.17 106.44 -128.11
C ASN JD 123 66.90 107.53 -127.31
N LEU JD 124 67.97 108.07 -127.90
CA LEU JD 124 68.77 109.07 -127.21
C LEU JD 124 67.96 110.33 -126.92
N LYS JD 125 67.24 110.82 -127.92
CA LYS JD 125 66.44 112.03 -127.71
C LYS JD 125 65.40 111.80 -126.63
N SER JD 126 64.81 110.62 -126.60
CA SER JD 126 63.82 110.31 -125.57
C SER JD 126 64.42 110.42 -124.18
N VAL JD 127 65.54 109.73 -123.94
CA VAL JD 127 66.13 109.76 -122.61
C VAL JD 127 66.58 111.17 -122.26
N ASN JD 128 67.06 111.92 -123.25
CA ASN JD 128 67.44 113.30 -123.00
C ASN JD 128 66.26 114.11 -122.49
N GLU JD 129 65.13 114.04 -123.21
CA GLU JD 129 63.99 114.87 -122.81
C GLU JD 129 63.46 114.43 -121.45
N LEU JD 130 63.40 113.12 -121.19
CA LEU JD 130 62.94 112.70 -119.86
C LEU JD 130 63.84 113.23 -118.77
N ILE JD 131 65.14 113.00 -118.89
CA ILE JD 131 66.05 113.38 -117.81
C ILE JD 131 66.03 114.88 -117.59
N TYR JD 132 66.01 115.66 -118.67
CA TYR JD 132 66.04 117.11 -118.48
C TYR JD 132 64.70 117.63 -117.96
N LYS JD 133 63.59 117.19 -118.53
CA LYS JD 133 62.31 117.83 -118.22
C LYS JD 133 61.72 117.30 -116.91
N ARG JD 134 61.70 115.99 -116.72
CA ARG JD 134 61.05 115.41 -115.56
C ARG JD 134 62.02 114.54 -114.78
N GLY JD 135 63.29 114.92 -114.76
CA GLY JD 135 64.28 114.19 -114.01
C GLY JD 135 64.41 114.68 -112.58
N TYR JD 136 64.07 113.82 -111.63
CA TYR JD 136 64.13 114.15 -110.21
C TYR JD 136 64.95 113.11 -109.48
N GLY JD 137 65.69 113.55 -108.48
CA GLY JD 137 66.66 112.72 -107.78
C GLY JD 137 66.23 112.39 -106.38
N LYS JD 138 66.58 111.18 -105.93
CA LYS JD 138 66.27 110.71 -104.58
C LYS JD 138 67.50 110.93 -103.71
N ILE JD 139 67.52 112.05 -102.99
CA ILE JD 139 68.60 112.40 -102.09
C ILE JD 139 68.07 112.41 -100.68
N ASN JD 140 68.63 111.56 -99.83
CA ASN JD 140 68.12 111.35 -98.48
C ASN JD 140 66.62 111.05 -98.52
N LYS JD 141 66.23 110.18 -99.45
CA LYS JD 141 64.85 109.75 -99.60
C LYS JD 141 63.90 110.93 -99.87
N LYS JD 142 64.39 111.96 -100.57
CA LYS JD 142 63.56 113.09 -100.94
C LYS JD 142 63.60 113.28 -102.45
N ARG JD 143 62.44 113.56 -103.04
CA ARG JD 143 62.33 113.77 -104.48
C ARG JD 143 62.73 115.21 -104.77
N ILE JD 144 63.94 115.38 -105.32
CA ILE JD 144 64.48 116.70 -105.60
C ILE JD 144 64.86 116.76 -107.07
N ALA JD 145 64.44 117.83 -107.74
CA ALA JD 145 64.79 118.02 -109.14
C ALA JD 145 66.27 118.30 -109.29
N LEU JD 146 66.86 117.84 -110.40
CA LEU JD 146 68.29 118.03 -110.66
C LEU JD 146 68.49 119.36 -111.37
N THR JD 147 68.21 120.44 -110.64
CA THR JD 147 68.44 121.77 -111.19
C THR JD 147 69.93 122.09 -111.36
N ASP JD 148 70.80 121.39 -110.63
CA ASP JD 148 72.22 121.70 -110.62
C ASP JD 148 73.05 120.44 -110.76
N ASN JD 149 74.21 120.58 -111.42
CA ASN JD 149 75.11 119.45 -111.60
C ASN JD 149 75.57 118.87 -110.27
N ALA JD 150 76.06 119.72 -109.35
CA ALA JD 150 76.69 119.22 -108.14
C ALA JD 150 75.73 118.38 -107.31
N LEU JD 151 74.43 118.59 -107.47
CA LEU JD 151 73.47 117.71 -106.83
C LEU JD 151 73.71 116.27 -107.25
N ILE JD 152 73.91 116.05 -108.55
CA ILE JD 152 74.26 114.72 -109.04
C ILE JD 152 75.61 114.29 -108.50
N ALA JD 153 76.59 115.19 -108.60
CA ALA JD 153 77.96 114.84 -108.25
C ALA JD 153 78.09 114.43 -106.80
N ARG JD 154 77.44 115.18 -105.90
CA ARG JD 154 77.50 114.86 -104.48
C ARG JD 154 76.99 113.45 -104.22
N SER JD 155 76.04 112.99 -105.01
CA SER JD 155 75.34 111.75 -104.73
C SER JD 155 75.90 110.53 -105.44
N LEU JD 156 76.37 110.68 -106.67
CA LEU JD 156 76.72 109.53 -107.49
C LEU JD 156 78.17 109.51 -107.97
N GLY JD 157 78.94 110.57 -107.70
CA GLY JD 157 80.28 110.64 -108.24
C GLY JD 157 81.21 109.58 -107.72
N LYS JD 158 80.89 108.98 -106.57
CA LYS JD 158 81.68 107.86 -106.07
C LYS JD 158 81.74 106.72 -107.09
N TYR JD 159 80.75 106.61 -107.96
CA TYR JD 159 80.79 105.70 -109.09
C TYR JD 159 81.36 106.34 -110.34
N GLY JD 160 81.87 107.57 -110.22
CA GLY JD 160 82.29 108.33 -111.38
C GLY JD 160 81.18 109.12 -112.05
N ILE JD 161 79.98 109.11 -111.49
CA ILE JD 161 78.83 109.79 -112.08
C ILE JD 161 78.89 111.25 -111.67
N ILE JD 162 79.46 112.09 -112.53
CA ILE JD 162 79.80 113.46 -112.18
C ILE JD 162 78.92 114.49 -112.85
N CYS JD 163 78.22 114.16 -113.94
CA CYS JD 163 77.46 115.17 -114.66
C CYS JD 163 76.26 114.52 -115.36
N MET JD 164 75.29 115.37 -115.70
CA MET JD 164 74.05 114.90 -116.29
C MET JD 164 74.30 114.16 -117.60
N GLU JD 165 75.23 114.66 -118.42
CA GLU JD 165 75.58 113.92 -119.62
C GLU JD 165 76.03 112.51 -119.28
N ASP JD 166 76.70 112.35 -118.15
CA ASP JD 166 77.23 111.07 -117.77
C ASP JD 166 76.14 110.12 -117.31
N LEU JD 167 75.12 110.60 -116.60
CA LEU JD 167 74.00 109.73 -116.29
C LEU JD 167 73.26 109.37 -117.56
N ILE JD 168 73.15 110.32 -118.49
CA ILE JD 168 72.51 110.04 -119.76
C ILE JD 168 73.23 108.90 -120.46
N HIS JD 169 74.55 108.96 -120.48
CA HIS JD 169 75.32 107.90 -121.09
C HIS JD 169 75.14 106.58 -120.35
N GLU JD 170 75.25 106.60 -119.02
CA GLU JD 170 75.10 105.38 -118.25
C GLU JD 170 73.72 104.78 -118.44
N ILE JD 171 72.72 105.62 -118.72
CA ILE JD 171 71.36 105.12 -118.91
C ILE JD 171 71.21 104.50 -120.29
N TYR JD 172 71.54 105.27 -121.33
CA TYR JD 172 71.36 104.75 -122.69
C TYR JD 172 72.32 103.59 -122.94
N THR JD 173 73.62 103.85 -122.90
CA THR JD 173 74.61 102.78 -122.88
C THR JD 173 74.59 102.21 -121.48
N VAL JD 174 73.92 101.07 -121.31
CA VAL JD 174 73.80 100.48 -119.98
C VAL JD 174 75.19 100.14 -119.49
N GLY JD 175 75.65 100.86 -118.47
CA GLY JD 175 76.99 100.71 -117.95
C GLY JD 175 77.04 99.83 -116.73
N LYS JD 176 78.24 99.71 -116.18
CA LYS JD 176 78.44 98.84 -115.03
C LYS JD 176 77.82 99.38 -113.74
N ARG JD 177 77.55 100.67 -113.67
CA ARG JD 177 76.94 101.29 -112.49
C ARG JD 177 75.52 101.74 -112.78
N PHE JD 178 74.87 101.07 -113.74
CA PHE JD 178 73.53 101.46 -114.15
C PHE JD 178 72.54 101.36 -113.00
N LYS JD 179 72.67 100.34 -112.16
CA LYS JD 179 71.68 100.13 -111.10
C LYS JD 179 71.67 101.28 -110.11
N GLU JD 180 72.85 101.77 -109.74
CA GLU JD 180 72.91 102.88 -108.78
C GLU JD 180 72.34 104.16 -109.37
N ALA JD 181 72.63 104.43 -110.64
CA ALA JD 181 72.02 105.58 -111.30
C ALA JD 181 70.51 105.45 -111.34
N ASN JD 182 70.02 104.26 -111.66
CA ASN JD 182 68.58 104.03 -111.73
C ASN JD 182 67.92 104.23 -110.36
N ASN JD 183 68.53 103.69 -109.30
CA ASN JD 183 68.01 103.91 -107.97
C ASN JD 183 68.02 105.38 -107.61
N PHE JD 184 69.09 106.08 -107.95
CA PHE JD 184 69.17 107.51 -107.72
C PHE JD 184 68.07 108.26 -108.44
N LEU JD 185 67.58 107.71 -109.55
CA LEU JD 185 66.52 108.35 -110.32
C LEU JD 185 65.17 108.10 -109.66
N TRP JD 186 64.47 109.18 -109.34
CA TRP JD 186 63.10 109.06 -108.88
C TRP JD 186 62.22 108.54 -110.01
N PRO JD 187 61.18 107.78 -109.68
CA PRO JD 187 60.21 107.39 -110.71
C PRO JD 187 59.63 108.63 -111.39
N PHE JD 188 59.53 108.56 -112.71
CA PHE JD 188 59.16 109.74 -113.48
C PHE JD 188 57.67 109.99 -113.39
N LYS JD 189 57.30 111.10 -112.75
CA LYS JD 189 55.92 111.54 -112.69
C LYS JD 189 55.59 112.24 -114.00
N LEU JD 190 54.65 111.69 -114.74
CA LEU JD 190 54.34 112.15 -116.09
C LEU JD 190 52.87 112.50 -116.21
N SER JD 191 52.56 113.34 -117.18
CA SER JD 191 51.18 113.78 -117.39
C SER JD 191 50.35 112.64 -117.98
N SER JD 192 49.11 112.97 -118.30
CA SER JD 192 48.32 112.08 -119.13
C SER JD 192 48.72 112.27 -120.60
N PRO JD 193 48.69 111.22 -121.39
CA PRO JD 193 49.13 111.35 -122.79
C PRO JD 193 48.12 112.07 -123.66
N ARG JD 194 48.55 113.22 -124.16
CA ARG JD 194 47.69 114.06 -124.98
C ARG JD 194 47.31 113.33 -126.25
N GLY JD 195 46.17 113.71 -126.81
CA GLY JD 195 45.71 113.11 -128.04
C GLY JD 195 45.11 111.74 -127.91
N GLY JD 196 44.94 111.22 -126.69
CA GLY JD 196 44.33 109.93 -126.51
C GLY JD 196 45.24 108.80 -126.95
N MET JD 197 44.85 107.58 -126.52
CA MET JD 197 45.61 106.38 -126.83
C MET JD 197 44.73 105.28 -127.38
N LYS JD 198 43.45 105.57 -127.67
CA LYS JD 198 42.58 104.78 -128.52
C LYS JD 198 42.12 103.47 -127.88
N LYS JD 199 42.71 103.10 -126.74
CA LYS JD 199 42.31 101.92 -125.99
C LYS JD 199 43.20 101.85 -124.76
N LYS JD 200 42.74 101.13 -123.74
CA LYS JD 200 43.57 100.90 -122.56
C LYS JD 200 43.53 99.47 -122.05
N THR JD 201 42.59 98.64 -122.47
CA THR JD 201 42.41 97.32 -121.87
C THR JD 201 42.99 96.18 -122.71
N THR JD 202 43.71 96.47 -123.78
CA THR JD 202 44.25 95.43 -124.64
C THR JD 202 45.68 95.72 -125.01
N HIS JD 203 46.39 94.66 -125.42
CA HIS JD 203 47.78 94.77 -125.81
C HIS JD 203 47.92 95.54 -127.12
N PHE JD 204 49.13 96.03 -127.37
CA PHE JD 204 49.37 96.88 -128.52
C PHE JD 204 48.96 96.22 -129.83
N VAL JD 205 49.36 94.96 -130.04
CA VAL JD 205 49.25 94.35 -131.37
C VAL JD 205 47.82 94.19 -131.85
N GLU JD 206 46.83 94.29 -130.96
CA GLU JD 206 45.44 94.23 -131.37
C GLU JD 206 44.78 95.61 -131.33
N GLY JD 207 45.58 96.65 -131.50
CA GLY JD 207 45.09 98.02 -131.45
C GLY JD 207 45.07 98.62 -130.07
N GLY JD 208 45.32 97.83 -129.04
CA GLY JD 208 45.42 98.33 -127.69
C GLY JD 208 46.76 98.99 -127.46
N ASP JD 209 47.09 99.17 -126.18
CA ASP JD 209 48.33 99.83 -125.82
C ASP JD 209 49.13 99.08 -124.76
N ALA JD 210 48.63 97.96 -124.26
CA ALA JD 210 49.37 97.24 -123.24
C ALA JD 210 50.52 96.45 -123.86
N GLY JD 211 51.48 96.12 -123.03
CA GLY JD 211 52.56 95.26 -123.45
C GLY JD 211 53.68 95.99 -124.16
N ASN JD 212 54.27 95.27 -125.12
CA ASN JD 212 55.51 95.71 -125.75
C ASN JD 212 55.22 96.35 -127.10
N ARG JD 213 55.72 97.57 -127.27
CA ARG JD 213 55.87 98.20 -128.57
C ARG JD 213 57.33 98.56 -128.74
N GLU JD 214 57.92 98.18 -129.86
CA GLU JD 214 59.37 98.28 -129.99
C GLU JD 214 59.85 99.72 -129.88
N ASP JD 215 59.51 100.54 -130.86
CA ASP JD 215 60.02 101.90 -130.94
C ASP JD 215 58.92 102.92 -130.68
N GLN JD 216 57.68 102.61 -131.04
CA GLN JD 216 56.55 103.52 -130.86
C GLN JD 216 56.44 104.06 -129.44
N ILE JD 217 57.09 103.41 -128.47
CA ILE JD 217 57.22 103.99 -127.14
C ILE JD 217 57.81 105.39 -127.23
N ASN JD 218 58.65 105.66 -128.23
CA ASN JD 218 59.19 107.01 -128.39
C ASN JD 218 58.09 107.98 -128.79
N ARG JD 219 57.17 107.56 -129.68
CA ARG JD 219 56.03 108.39 -130.00
C ARG JD 219 55.18 108.65 -128.78
N LEU JD 220 54.95 107.60 -127.98
CA LEU JD 220 54.17 107.77 -126.76
C LEU JD 220 54.85 108.73 -125.80
N ILE JD 221 56.19 108.72 -125.77
CA ILE JD 221 56.93 109.65 -124.92
C ILE JD 221 56.79 111.08 -125.43
N ARG JD 222 56.91 111.27 -126.74
CA ARG JD 222 56.74 112.62 -127.29
C ARG JD 222 55.35 113.15 -126.99
N ARG JD 223 54.33 112.32 -127.15
CA ARG JD 223 52.99 112.72 -126.73
C ARG JD 223 52.87 112.80 -125.22
N MET JD 224 53.84 112.24 -124.50
CA MET JD 224 53.75 112.22 -123.05
C MET JD 224 54.21 113.53 -122.44
N ASN JD 225 55.47 113.88 -122.63
CA ASN JD 225 56.05 115.03 -121.96
C ASN JD 225 56.56 116.02 -122.99
N LYS KD 1 -54.88 61.12 26.11
CA LYS KD 1 -56.24 60.99 26.61
C LYS KD 1 -57.09 62.19 26.21
N VAL KD 2 -56.42 63.24 25.74
CA VAL KD 2 -57.09 64.48 25.35
C VAL KD 2 -56.65 64.84 23.93
N VAL KD 3 -55.96 63.91 23.26
CA VAL KD 3 -55.44 64.18 21.93
C VAL KD 3 -56.58 64.50 20.97
N ASN KD 4 -56.41 65.59 20.23
CA ASN KD 4 -57.41 65.97 19.25
C ASN KD 4 -57.50 64.91 18.16
N PRO KD 5 -58.70 64.44 17.81
CA PRO KD 5 -58.81 63.34 16.85
C PRO KD 5 -58.27 63.65 15.47
N LEU KD 6 -58.19 64.93 15.08
CA LEU KD 6 -57.73 65.27 13.74
C LEU KD 6 -56.30 64.84 13.48
N PHE KD 7 -55.41 64.99 14.45
CA PHE KD 7 -54.01 64.63 14.29
C PHE KD 7 -53.90 63.16 13.95
N GLU KD 8 -53.17 62.83 12.90
CA GLU KD 8 -53.02 61.44 12.49
C GLU KD 8 -51.72 61.29 11.71
N LYS KD 9 -51.31 60.03 11.55
CA LYS KD 9 -50.15 59.71 10.75
C LYS KD 9 -50.41 60.04 9.28
N ARG KD 10 -49.43 60.66 8.64
CA ARG KD 10 -49.39 60.75 7.18
C ARG KD 10 -47.93 60.62 6.73
N PRO KD 11 -47.32 59.47 6.97
CA PRO KD 11 -45.94 59.28 6.51
C PRO KD 11 -45.89 59.17 5.01
N LYS KD 12 -44.76 59.59 4.44
CA LYS KD 12 -44.53 59.53 3.01
C LYS KD 12 -43.57 58.40 2.70
N ASN KD 13 -44.02 57.46 1.87
CA ASN KD 13 -43.21 56.31 1.51
C ASN KD 13 -42.39 56.62 0.27
N PHE KD 14 -41.07 56.45 0.39
CA PHE KD 14 -40.14 56.88 -0.63
C PHE KD 14 -39.89 55.78 -1.67
N GLY KD 15 -40.96 55.27 -2.25
CA GLY KD 15 -40.84 54.25 -3.26
C GLY KD 15 -40.39 54.82 -4.59
N ILE KD 16 -39.86 53.93 -5.43
CA ILE KD 16 -39.47 54.31 -6.78
C ILE KD 16 -40.72 54.74 -7.53
N GLY KD 17 -40.72 55.96 -8.04
CA GLY KD 17 -41.84 56.48 -8.79
C GLY KD 17 -42.93 57.09 -7.94
N GLN KD 18 -42.85 56.99 -6.63
CA GLN KD 18 -43.83 57.61 -5.74
C GLN KD 18 -43.38 59.03 -5.41
N ASP KD 19 -43.97 59.64 -4.39
CA ASP KD 19 -43.59 60.98 -3.95
C ASP KD 19 -42.07 61.11 -3.86
N ILE KD 20 -41.59 62.31 -4.16
CA ILE KD 20 -40.17 62.53 -4.37
C ILE KD 20 -39.38 62.26 -3.09
N GLN KD 21 -38.09 62.01 -3.27
CA GLN KD 21 -37.22 61.63 -2.17
C GLN KD 21 -36.93 62.83 -1.27
N PRO KD 22 -36.51 62.59 -0.02
CA PRO KD 22 -36.12 63.70 0.85
C PRO KD 22 -34.73 64.19 0.52
N LYS KD 23 -34.30 65.26 1.19
CA LYS KD 23 -32.98 65.83 0.96
C LYS KD 23 -32.00 65.17 1.93
N ARG KD 24 -31.58 63.96 1.57
CA ARG KD 24 -30.61 63.24 2.37
C ARG KD 24 -29.21 63.78 2.09
N ASP KD 25 -28.21 63.16 2.70
CA ASP KD 25 -26.84 63.57 2.49
C ASP KD 25 -26.38 63.21 1.08
N LEU KD 26 -25.43 64.00 0.56
CA LEU KD 26 -24.87 63.71 -0.75
C LEU KD 26 -23.34 63.83 -0.75
N THR KD 27 -22.72 63.79 0.44
CA THR KD 27 -21.29 64.04 0.55
C THR KD 27 -20.48 63.13 -0.35
N ARG KD 28 -20.87 61.86 -0.47
CA ARG KD 28 -20.16 60.95 -1.36
C ARG KD 28 -20.24 61.41 -2.80
N PHE KD 29 -21.32 62.07 -3.19
CA PHE KD 29 -21.59 62.39 -4.59
C PHE KD 29 -21.46 63.87 -4.88
N VAL KD 30 -20.48 64.54 -4.29
CA VAL KD 30 -20.30 65.97 -4.47
C VAL KD 30 -19.39 66.22 -5.66
N LYS KD 31 -19.85 67.09 -6.57
CA LYS KD 31 -18.97 67.56 -7.64
C LYS KD 31 -17.98 68.53 -7.02
N TRP KD 32 -16.87 68.01 -6.52
CA TRP KD 32 -15.93 68.80 -5.75
C TRP KD 32 -15.11 69.72 -6.65
N PRO KD 33 -14.57 70.80 -6.09
CA PRO KD 33 -13.59 71.60 -6.82
C PRO KD 33 -12.34 70.79 -7.13
N ARG KD 34 -11.58 71.28 -8.11
CA ARG KD 34 -10.49 70.47 -8.66
C ARG KD 34 -9.41 70.18 -7.63
N TYR KD 35 -9.08 71.15 -6.78
CA TYR KD 35 -8.02 70.92 -5.81
C TYR KD 35 -8.41 69.89 -4.76
N ILE KD 36 -9.68 69.87 -4.36
CA ILE KD 36 -10.13 68.91 -3.35
C ILE KD 36 -10.01 67.49 -3.87
N ARG KD 37 -10.54 67.24 -5.07
CA ARG KD 37 -10.37 65.93 -5.68
C ARG KD 37 -8.91 65.64 -5.93
N LEU KD 38 -8.11 66.68 -6.19
CA LEU KD 38 -6.68 66.47 -6.38
C LEU KD 38 -6.04 65.88 -5.13
N GLN KD 39 -6.26 66.51 -3.97
CA GLN KD 39 -5.63 66.02 -2.76
C GLN KD 39 -6.18 64.65 -2.37
N ARG KD 40 -7.49 64.44 -2.54
CA ARG KD 40 -8.05 63.14 -2.20
C ARG KD 40 -7.48 62.04 -3.08
N GLN KD 41 -7.35 62.30 -4.38
CA GLN KD 41 -6.73 61.32 -5.27
C GLN KD 41 -5.26 61.13 -4.97
N ARG KD 42 -4.55 62.18 -4.54
CA ARG KD 42 -3.15 62.01 -4.17
C ARG KD 42 -3.02 61.05 -3.00
N ALA KD 43 -3.87 61.21 -1.99
CA ALA KD 43 -3.89 60.26 -0.89
C ALA KD 43 -4.26 58.86 -1.38
N ILE KD 44 -5.18 58.79 -2.34
CA ILE KD 44 -5.56 57.51 -2.92
C ILE KD 44 -4.35 56.80 -3.51
N LEU KD 45 -3.59 57.51 -4.36
CA LEU KD 45 -2.42 56.90 -4.97
C LEU KD 45 -1.38 56.53 -3.93
N TYR KD 46 -1.20 57.39 -2.91
CA TYR KD 46 -0.31 57.04 -1.82
C TYR KD 46 -0.73 55.70 -1.20
N LYS KD 47 -2.03 55.46 -1.11
CA LYS KD 47 -2.49 54.16 -0.65
C LYS KD 47 -2.34 53.07 -1.71
N ARG KD 48 -2.21 53.42 -2.99
CA ARG KD 48 -2.27 52.43 -4.05
C ARG KD 48 -0.91 51.94 -4.53
N LEU KD 49 0.03 52.85 -4.80
CA LEU KD 49 1.29 52.43 -5.38
C LEU KD 49 2.12 51.61 -4.40
N LYS KD 50 3.26 51.13 -4.88
CA LYS KD 50 4.23 50.48 -4.00
C LYS KD 50 5.17 51.51 -3.43
N VAL KD 51 4.86 52.01 -2.25
CA VAL KD 51 5.67 53.09 -1.66
C VAL KD 51 7.04 52.53 -1.28
N PRO KD 52 8.12 53.12 -1.75
CA PRO KD 52 9.44 52.61 -1.39
C PRO KD 52 9.65 52.70 0.10
N PRO KD 53 10.42 51.78 0.68
CA PRO KD 53 10.67 51.82 2.12
C PRO KD 53 11.24 53.14 2.59
N ALA KD 54 12.07 53.79 1.79
CA ALA KD 54 12.65 55.06 2.19
C ALA KD 54 11.59 56.10 2.54
N ILE KD 55 10.41 56.00 1.95
CA ILE KD 55 9.29 56.88 2.25
C ILE KD 55 8.28 56.20 3.16
N ASN KD 56 8.08 54.89 2.99
CA ASN KD 56 7.11 54.16 3.82
C ASN KD 56 7.48 54.20 5.30
N GLN KD 57 8.77 54.34 5.62
CA GLN KD 57 9.17 54.39 7.02
C GLN KD 57 8.59 55.60 7.75
N PHE KD 58 8.09 56.59 7.01
CA PHE KD 58 7.40 57.69 7.63
C PHE KD 58 5.93 57.40 7.90
N THR KD 59 5.37 56.35 7.28
CA THR KD 59 3.96 56.04 7.50
C THR KD 59 3.70 55.66 8.94
N GLN KD 60 4.45 54.71 9.47
CA GLN KD 60 4.34 54.37 10.89
C GLN KD 60 5.12 55.40 11.68
N ALA KD 61 4.49 55.94 12.71
CA ALA KD 61 5.02 57.04 13.49
C ALA KD 61 5.16 56.62 14.95
N LEU KD 62 5.48 57.60 15.80
CA LEU KD 62 5.63 57.33 17.22
C LEU KD 62 4.26 57.29 17.89
N ASP KD 63 4.14 56.43 18.90
CA ASP KD 63 2.86 56.18 19.54
C ASP KD 63 2.35 57.44 20.25
N ARG KD 64 1.05 57.48 20.48
CA ARG KD 64 0.40 58.68 21.01
C ARG KD 64 0.91 59.05 22.39
N GLN KD 65 0.90 58.09 23.32
CA GLN KD 65 1.24 58.40 24.71
C GLN KD 65 2.69 58.89 24.81
N THR KD 66 3.62 58.16 24.19
CA THR KD 66 5.00 58.60 24.20
C THR KD 66 5.17 59.90 23.43
N ALA KD 67 4.34 60.14 22.41
CA ALA KD 67 4.40 61.42 21.72
C ALA KD 67 4.08 62.57 22.65
N THR KD 68 3.00 62.42 23.43
CA THR KD 68 2.65 63.47 24.38
C THR KD 68 3.73 63.63 25.44
N GLN KD 69 4.28 62.51 25.92
CA GLN KD 69 5.33 62.58 26.92
C GLN KD 69 6.55 63.33 26.36
N LEU KD 70 6.93 63.03 25.13
CA LEU KD 70 8.06 63.69 24.50
C LEU KD 70 7.77 65.17 24.29
N LEU KD 71 6.54 65.50 23.89
CA LEU KD 71 6.18 66.89 23.69
C LEU KD 71 6.27 67.67 24.99
N LYS KD 72 5.78 67.08 26.08
CA LYS KD 72 5.91 67.74 27.38
C LYS KD 72 7.37 67.88 27.78
N LEU KD 73 8.19 66.86 27.53
CA LEU KD 73 9.62 66.94 27.82
C LEU KD 73 10.25 68.11 27.08
N ALA KD 74 9.94 68.25 25.80
CA ALA KD 74 10.50 69.33 25.00
C ALA KD 74 9.93 70.70 25.39
N HIS KD 75 8.73 70.73 25.96
CA HIS KD 75 8.10 72.01 26.27
C HIS KD 75 8.93 72.82 27.25
N LYS KD 76 9.47 72.18 28.28
CA LYS KD 76 10.30 72.90 29.24
C LYS KD 76 11.63 73.33 28.65
N TYR KD 77 12.09 72.67 27.58
CA TYR KD 77 13.33 73.01 26.91
C TYR KD 77 13.10 73.85 25.66
N ARG KD 78 11.89 74.37 25.48
CA ARG KD 78 11.57 75.12 24.30
C ARG KD 78 12.42 76.39 24.22
N PRO KD 79 12.74 76.86 23.02
CA PRO KD 79 13.54 78.06 22.89
C PRO KD 79 12.74 79.28 23.32
N GLU KD 80 13.42 80.42 23.29
CA GLU KD 80 12.83 81.69 23.71
C GLU KD 80 12.38 82.45 22.48
N THR KD 81 11.24 83.14 22.59
CA THR KD 81 10.80 84.01 21.51
C THR KD 81 11.56 85.32 21.57
N LYS KD 82 11.12 86.30 20.78
CA LYS KD 82 11.82 87.58 20.79
C LYS KD 82 11.50 88.39 22.04
N GLN KD 83 10.33 88.15 22.65
CA GLN KD 83 9.94 88.94 23.81
C GLN KD 83 10.94 88.75 24.95
N GLU KD 84 11.00 87.56 25.54
CA GLU KD 84 11.97 87.37 26.60
C GLU KD 84 13.39 87.42 26.08
N LYS KD 85 13.59 87.33 24.76
CA LYS KD 85 14.91 87.61 24.21
C LYS KD 85 15.32 89.03 24.53
N LYS KD 86 14.49 90.00 24.17
CA LYS KD 86 14.82 91.39 24.46
C LYS KD 86 14.81 91.65 25.97
N GLN KD 87 13.96 90.92 26.70
CA GLN KD 87 13.94 91.08 28.16
C GLN KD 87 15.28 90.66 28.76
N ARG KD 88 15.76 89.47 28.41
CA ARG KD 88 17.05 89.02 28.93
C ARG KD 88 18.19 89.84 28.38
N LEU KD 89 18.05 90.42 27.18
CA LEU KD 89 19.08 91.29 26.65
C LEU KD 89 19.20 92.56 27.48
N LEU KD 90 18.06 93.20 27.76
CA LEU KD 90 18.07 94.38 28.63
C LEU KD 90 18.56 94.02 30.01
N ALA KD 91 18.18 92.84 30.51
CA ALA KD 91 18.65 92.41 31.82
C ALA KD 91 20.16 92.25 31.84
N ARG KD 92 20.72 91.59 30.82
CA ARG KD 92 22.16 91.42 30.74
C ARG KD 92 22.87 92.77 30.66
N ALA KD 93 22.32 93.69 29.86
CA ALA KD 93 22.92 95.02 29.76
C ALA KD 93 22.88 95.73 31.10
N GLU KD 94 21.79 95.61 31.85
CA GLU KD 94 21.68 96.32 33.11
C GLU KD 94 22.55 95.72 34.19
N LYS KD 95 22.71 94.38 34.21
CA LYS KD 95 23.57 93.79 35.23
C LYS KD 95 25.04 94.01 34.90
N LYS KD 96 25.39 93.99 33.60
CA LYS KD 96 26.73 94.37 33.20
C LYS KD 96 26.99 95.84 33.51
N ALA KD 97 25.94 96.68 33.46
CA ALA KD 97 26.09 98.08 33.84
C ALA KD 97 26.49 98.21 35.30
N ALA KD 98 25.89 97.39 36.16
CA ALA KD 98 26.24 97.38 37.58
C ALA KD 98 25.77 96.06 38.17
N GLY KD 99 26.68 95.32 38.77
CA GLY KD 99 28.10 95.62 38.79
C GLY KD 99 28.99 94.39 38.74
N LYS KD 100 28.37 93.23 38.53
CA LYS KD 100 29.13 91.98 38.56
C LYS KD 100 30.11 91.90 37.39
N GLY KD 101 29.63 92.13 36.17
CA GLY KD 101 30.47 92.03 35.00
C GLY KD 101 29.81 91.34 33.81
N ASP KD 102 30.58 90.57 33.06
CA ASP KD 102 30.07 89.86 31.88
C ASP KD 102 29.10 88.76 32.29
N VAL KD 103 29.60 87.80 33.07
CA VAL KD 103 28.77 86.74 33.66
C VAL KD 103 27.94 86.03 32.60
N PRO KD 104 28.55 85.18 31.75
CA PRO KD 104 27.74 84.35 30.84
C PRO KD 104 26.77 83.43 31.57
N THR KD 105 27.15 82.93 32.74
CA THR KD 105 26.28 82.15 33.63
C THR KD 105 25.73 80.90 32.93
N LYS KD 106 26.66 80.06 32.46
CA LYS KD 106 26.38 78.72 31.93
C LYS KD 106 25.16 78.72 31.01
N ARG KD 107 25.30 79.35 29.87
CA ARG KD 107 24.29 79.54 28.85
C ARG KD 107 23.31 78.36 28.75
N PRO KD 108 22.02 78.60 28.97
CA PRO KD 108 21.07 77.51 29.20
C PRO KD 108 20.93 76.63 27.98
N PRO KD 109 20.63 75.34 28.15
CA PRO KD 109 20.42 74.47 27.00
C PRO KD 109 19.10 74.80 26.32
N VAL KD 110 19.17 75.06 25.02
CA VAL KD 110 18.02 75.48 24.24
C VAL KD 110 17.79 74.44 23.15
N LEU KD 111 16.52 74.17 22.88
CA LEU KD 111 16.17 73.25 21.80
C LEU KD 111 16.68 73.77 20.47
N ARG KD 112 17.33 72.90 19.70
CA ARG KD 112 17.88 73.25 18.40
C ARG KD 112 16.98 72.73 17.29
N ALA KD 113 16.57 73.63 16.41
CA ALA KD 113 15.60 73.33 15.36
C ALA KD 113 16.24 73.52 13.99
N GLY KD 114 15.42 73.34 12.96
CA GLY KD 114 15.89 73.47 11.60
C GLY KD 114 16.66 72.26 11.14
N VAL KD 115 16.42 71.89 9.88
CA VAL KD 115 16.97 70.63 9.37
C VAL KD 115 18.49 70.68 9.26
N ASN KD 116 19.05 71.76 8.69
CA ASN KD 116 20.49 71.82 8.53
C ASN KD 116 21.22 71.88 9.86
N THR KD 117 20.65 72.61 10.83
CA THR KD 117 21.30 72.71 12.13
C THR KD 117 21.43 71.34 12.78
N VAL KD 118 20.32 70.60 12.86
CA VAL KD 118 20.38 69.28 13.45
C VAL KD 118 21.21 68.34 12.60
N THR KD 119 21.25 68.56 11.29
CA THR KD 119 22.11 67.76 10.44
C THR KD 119 23.57 67.94 10.85
N THR KD 120 23.98 69.19 11.04
CA THR KD 120 25.34 69.45 11.51
C THR KD 120 25.57 68.83 12.88
N LEU KD 121 24.57 68.93 13.76
CA LEU KD 121 24.72 68.39 15.11
C LEU KD 121 24.88 66.87 15.09
N VAL KD 122 24.26 66.20 14.12
CA VAL KD 122 24.38 64.75 14.07
C VAL KD 122 25.56 64.29 13.24
N GLU KD 123 26.10 65.14 12.37
CA GLU KD 123 27.36 64.79 11.71
C GLU KD 123 28.50 64.70 12.72
N ASN KD 124 28.42 65.48 13.80
CA ASN KD 124 29.44 65.45 14.84
C ASN KD 124 28.90 64.89 16.15
N LYS KD 125 27.78 64.17 16.10
CA LYS KD 125 27.29 63.37 17.23
C LYS KD 125 27.02 64.22 18.47
N LYS KD 126 26.65 65.48 18.28
CA LYS KD 126 26.32 66.36 19.39
C LYS KD 126 24.87 66.22 19.82
N ALA KD 127 23.97 65.92 18.89
CA ALA KD 127 22.56 65.75 19.20
C ALA KD 127 22.35 64.42 19.91
N GLN KD 128 21.58 64.45 21.00
CA GLN KD 128 21.32 63.25 21.77
C GLN KD 128 19.96 62.63 21.47
N LEU KD 129 19.00 63.41 21.00
CA LEU KD 129 17.72 62.87 20.53
C LEU KD 129 17.22 63.75 19.41
N VAL KD 130 16.75 63.12 18.33
CA VAL KD 130 16.31 63.83 17.13
C VAL KD 130 14.83 63.50 16.91
N VAL KD 131 14.03 64.52 16.69
CA VAL KD 131 12.62 64.35 16.35
C VAL KD 131 12.42 64.82 14.91
N ILE KD 132 11.63 64.05 14.16
CA ILE KD 132 11.37 64.33 12.75
C ILE KD 132 9.87 64.32 12.51
N ALA KD 133 9.38 65.30 11.78
CA ALA KD 133 7.99 65.28 11.36
C ALA KD 133 7.76 64.14 10.37
N HIS KD 134 6.48 63.81 10.17
CA HIS KD 134 6.13 62.75 9.25
C HIS KD 134 5.51 63.27 7.95
N ASP KD 135 5.27 64.57 7.85
CA ASP KD 135 4.48 65.11 6.75
C ASP KD 135 5.17 66.30 6.09
N VAL KD 136 6.48 66.25 5.95
CA VAL KD 136 7.18 67.27 5.16
C VAL KD 136 6.70 67.11 3.73
N ASP KD 137 6.02 68.14 3.21
CA ASP KD 137 5.41 68.02 1.88
C ASP KD 137 6.45 67.71 0.82
N PRO KD 138 7.51 68.48 0.65
CA PRO KD 138 8.55 68.04 -0.29
C PRO KD 138 9.40 66.98 0.38
N ILE KD 139 8.96 65.73 0.33
CA ILE KD 139 9.55 64.76 1.24
C ILE KD 139 10.83 64.24 0.60
N GLU KD 140 11.88 65.05 0.67
CA GLU KD 140 13.24 64.63 0.47
C GLU KD 140 14.17 65.30 1.45
N LEU KD 141 13.68 66.24 2.26
CA LEU KD 141 14.51 66.98 3.19
C LEU KD 141 14.81 66.20 4.46
N VAL KD 142 14.07 65.12 4.72
CA VAL KD 142 14.26 64.37 5.95
C VAL KD 142 14.31 62.88 5.64
N VAL KD 143 14.29 62.52 4.36
CA VAL KD 143 14.28 61.11 3.99
C VAL KD 143 15.59 60.44 4.38
N PHE KD 144 16.71 61.11 4.17
CA PHE KD 144 18.02 60.55 4.51
C PHE KD 144 18.25 60.51 6.01
N LEU KD 145 17.54 61.35 6.76
CA LEU KD 145 17.85 61.52 8.18
C LEU KD 145 17.86 60.22 8.97
N PRO KD 146 16.93 59.28 8.80
CA PRO KD 146 17.01 58.05 9.60
C PRO KD 146 18.26 57.24 9.31
N ALA KD 147 18.63 57.10 8.05
CA ALA KD 147 19.89 56.40 7.74
C ALA KD 147 21.06 57.14 8.36
N LEU KD 148 21.05 58.47 8.27
CA LEU KD 148 22.10 59.27 8.87
C LEU KD 148 22.23 58.99 10.35
N CYS KD 149 21.12 59.05 11.08
CA CYS KD 149 21.16 58.85 12.52
C CYS KD 149 21.54 57.43 12.89
N ARG KD 150 21.10 56.43 12.12
CA ARG KD 150 21.54 55.06 12.39
C ARG KD 150 23.05 54.96 12.23
N LYS KD 151 23.58 55.55 11.16
CA LYS KD 151 25.02 55.46 10.91
C LYS KD 151 25.80 56.11 12.05
N MET KD 152 25.29 57.22 12.58
CA MET KD 152 25.89 57.81 13.77
C MET KD 152 25.28 57.27 15.05
N GLY KD 153 24.35 56.33 14.97
CA GLY KD 153 23.85 55.66 16.15
C GLY KD 153 23.08 56.53 17.11
N VAL KD 154 22.52 57.64 16.65
CA VAL KD 154 21.79 58.57 17.50
C VAL KD 154 20.29 58.31 17.31
N PRO KD 155 19.50 58.33 18.39
CA PRO KD 155 18.09 57.94 18.26
C PRO KD 155 17.29 58.96 17.46
N TYR KD 156 16.16 58.50 16.93
CA TYR KD 156 15.29 59.35 16.16
C TYR KD 156 13.86 58.84 16.30
N CYS KD 157 12.91 59.72 15.99
CA CYS KD 157 11.50 59.36 16.04
C CYS KD 157 10.75 60.03 14.90
N ILE KD 158 9.66 59.38 14.50
CA ILE KD 158 8.77 59.92 13.48
C ILE KD 158 7.48 60.34 14.17
N ILE KD 159 7.21 61.64 14.21
CA ILE KD 159 6.13 62.16 15.04
C ILE KD 159 5.04 62.72 14.14
N LYS KD 160 3.83 62.77 14.70
CA LYS KD 160 2.65 63.18 13.96
C LYS KD 160 2.53 64.71 14.00
N GLY KD 161 2.73 65.36 12.86
CA GLY KD 161 2.47 66.78 12.73
C GLY KD 161 3.67 67.70 12.84
N LYS KD 162 4.11 68.26 11.72
CA LYS KD 162 5.15 69.28 11.76
C LYS KD 162 4.63 70.58 12.36
N ALA KD 163 3.32 70.83 12.24
CA ALA KD 163 2.74 72.00 12.88
C ALA KD 163 2.91 71.96 14.38
N ARG KD 164 2.94 70.76 14.96
CA ARG KD 164 3.23 70.64 16.39
C ARG KD 164 4.62 71.16 16.70
N LEU KD 165 5.60 70.81 15.85
CA LEU KD 165 6.96 71.26 16.07
C LEU KD 165 7.11 72.76 15.84
N GLY KD 166 6.44 73.30 14.81
CA GLY KD 166 6.47 74.74 14.61
C GLY KD 166 5.88 75.48 15.77
N ARG KD 167 4.75 74.99 16.28
CA ARG KD 167 4.19 75.56 17.52
C ARG KD 167 5.17 75.39 18.67
N LEU KD 168 5.95 74.32 18.67
CA LEU KD 168 6.96 74.12 19.69
C LEU KD 168 8.07 75.15 19.62
N VAL KD 169 8.20 75.85 18.50
CA VAL KD 169 9.29 76.79 18.29
C VAL KD 169 8.76 78.18 17.95
N HIS KD 170 7.52 78.47 18.33
CA HIS KD 170 6.89 79.77 18.07
C HIS KD 170 6.96 80.13 16.59
N ARG KD 171 6.94 79.12 15.74
CA ARG KD 171 7.03 79.33 14.30
C ARG KD 171 5.81 78.70 13.63
N LYS KD 172 5.65 79.05 12.36
CA LYS KD 172 4.53 78.51 11.60
C LYS KD 172 4.66 76.99 11.45
N THR KD 173 5.87 76.50 11.18
CA THR KD 173 6.09 75.08 10.97
C THR KD 173 7.58 74.79 11.12
N CYS KD 174 7.90 73.63 11.69
CA CYS KD 174 9.26 73.18 11.79
C CYS KD 174 9.34 71.73 11.34
N THR KD 175 10.39 71.40 10.57
CA THR KD 175 10.54 70.04 10.04
C THR KD 175 11.00 69.08 11.11
N THR KD 176 12.16 69.32 11.69
CA THR KD 176 12.76 68.36 12.60
C THR KD 176 13.54 69.11 13.69
N VAL KD 177 13.55 68.52 14.88
CA VAL KD 177 14.16 69.13 16.06
C VAL KD 177 15.04 68.09 16.74
N ALA KD 178 16.19 68.53 17.26
CA ALA KD 178 17.14 67.65 17.92
C ALA KD 178 17.36 68.12 19.36
N PHE KD 179 17.98 67.25 20.16
CA PHE KD 179 18.17 67.48 21.59
C PHE KD 179 19.66 67.52 21.93
N THR KD 180 20.08 68.62 22.53
CA THR KD 180 21.42 68.78 23.06
C THR KD 180 21.43 68.40 24.54
N GLN KD 181 22.48 68.80 25.26
CA GLN KD 181 22.63 68.49 26.67
C GLN KD 181 21.40 68.92 27.47
N VAL KD 182 21.01 68.07 28.42
CA VAL KD 182 19.79 68.26 29.20
C VAL KD 182 20.16 68.30 30.68
N ASN KD 183 19.54 69.22 31.41
CA ASN KD 183 19.89 69.45 32.81
C ASN KD 183 19.56 68.21 33.65
N SER KD 184 20.00 68.26 34.92
CA SER KD 184 19.96 67.09 35.79
C SER KD 184 18.56 66.56 36.00
N GLU KD 185 17.59 67.45 36.22
CA GLU KD 185 16.24 67.05 36.59
C GLU KD 185 15.55 66.20 35.54
N ASP KD 186 16.03 66.20 34.30
CA ASP KD 186 15.35 65.51 33.21
C ASP KD 186 16.20 64.42 32.58
N LYS KD 187 17.43 64.21 33.03
CA LYS KD 187 18.25 63.17 32.45
C LYS KD 187 17.60 61.80 32.58
N GLY KD 188 16.85 61.58 33.66
CA GLY KD 188 16.13 60.32 33.79
C GLY KD 188 15.02 60.17 32.77
N ALA KD 189 14.28 61.25 32.52
CA ALA KD 189 13.24 61.20 31.50
C ALA KD 189 13.85 60.93 30.13
N LEU KD 190 14.95 61.60 29.80
CA LEU KD 190 15.62 61.34 28.54
C LEU KD 190 16.11 59.91 28.47
N ALA KD 191 16.64 59.39 29.58
CA ALA KD 191 17.15 58.02 29.58
C ALA KD 191 16.03 57.02 29.29
N LYS KD 192 14.94 57.11 30.04
CA LYS KD 192 13.86 56.15 29.81
C LYS KD 192 13.26 56.32 28.42
N LEU KD 193 13.19 57.56 27.92
CA LEU KD 193 12.64 57.78 26.59
C LEU KD 193 13.54 57.22 25.51
N VAL KD 194 14.86 57.36 25.66
CA VAL KD 194 15.74 56.81 24.63
C VAL KD 194 15.73 55.30 24.68
N GLU KD 195 15.60 54.71 25.88
CA GLU KD 195 15.39 53.26 25.94
C GLU KD 195 14.12 52.87 25.20
N ALA KD 196 13.05 53.65 25.38
CA ALA KD 196 11.79 53.32 24.72
C ALA KD 196 11.86 53.53 23.21
N ILE KD 197 12.72 54.43 22.74
CA ILE KD 197 12.69 54.83 21.34
C ILE KD 197 13.71 54.09 20.49
N ARG KD 198 14.85 53.71 21.06
CA ARG KD 198 15.90 53.10 20.25
C ARG KD 198 15.48 51.74 19.72
N THR KD 199 14.83 50.93 20.55
CA THR KD 199 14.34 49.64 20.07
C THR KD 199 13.20 49.78 19.07
N ASN KD 200 12.42 50.85 19.13
CA ASN KD 200 11.37 51.03 18.14
C ASN KD 200 11.91 51.55 16.81
N TYR KD 201 12.97 52.36 16.82
CA TYR KD 201 13.41 53.00 15.59
C TYR KD 201 14.79 52.57 15.12
N ASN KD 202 15.80 52.68 15.98
CA ASN KD 202 17.18 52.59 15.50
C ASN KD 202 17.62 51.15 15.27
N ASP KD 203 17.54 50.31 16.30
CA ASP KD 203 18.12 48.97 16.20
C ASP KD 203 17.43 48.13 15.14
N ARG KD 204 16.15 48.39 14.87
CA ARG KD 204 15.38 47.61 13.91
C ARG KD 204 15.27 48.29 12.55
N TYR KD 205 16.30 49.01 12.15
CA TYR KD 205 16.22 49.75 10.90
C TYR KD 205 16.41 48.86 9.68
N ASP KD 206 16.90 47.63 9.87
CA ASP KD 206 17.17 46.75 8.74
C ASP KD 206 15.90 46.42 7.97
N GLU KD 207 14.96 45.75 8.61
CA GLU KD 207 13.72 45.43 7.94
C GLU KD 207 12.89 46.67 7.63
N ILE KD 208 13.14 47.78 8.34
CA ILE KD 208 12.52 49.04 7.93
C ILE KD 208 12.97 49.41 6.53
N ARG KD 209 14.28 49.32 6.27
CA ARG KD 209 14.77 49.43 4.90
C ARG KD 209 14.14 48.38 4.02
N ARG KD 210 13.88 47.20 4.57
CA ARG KD 210 13.19 46.16 3.81
C ARG KD 210 11.69 46.41 3.70
N HIS KD 211 11.11 47.19 4.61
CA HIS KD 211 9.66 47.32 4.72
C HIS KD 211 9.13 48.20 3.59
N TRP KD 212 8.55 47.57 2.56
CA TRP KD 212 7.91 48.31 1.50
C TRP KD 212 6.59 48.92 1.99
N GLY KD 213 5.91 49.63 1.11
CA GLY KD 213 4.68 50.30 1.49
C GLY KD 213 3.66 50.29 0.38
N GLY KD 214 2.41 50.60 0.76
CA GLY KD 214 1.33 50.73 -0.18
C GLY KD 214 0.93 49.39 -0.80
N ASN KD 215 0.54 49.46 -2.07
CA ASN KD 215 0.14 48.29 -2.84
C ASN KD 215 -1.08 47.60 -2.21
N VAL KD 216 -2.05 48.41 -1.78
CA VAL KD 216 -3.33 47.92 -1.31
C VAL KD 216 -4.42 48.58 -2.14
N LEU KD 217 -5.34 47.76 -2.65
CA LEU KD 217 -6.29 48.21 -3.66
C LEU KD 217 -7.48 48.90 -3.04
N GLY KD 218 -8.49 49.16 -3.87
CA GLY KD 218 -9.69 49.83 -3.44
C GLY KD 218 -10.70 48.87 -2.87
N PRO KD 219 -11.57 49.37 -1.98
CA PRO KD 219 -12.53 48.49 -1.30
C PRO KD 219 -13.41 47.71 -2.25
N LYS KD 220 -13.89 48.33 -3.32
CA LYS KD 220 -14.77 47.61 -4.24
C LYS KD 220 -14.01 46.53 -4.99
N SER KD 221 -12.79 46.81 -5.42
CA SER KD 221 -12.01 45.82 -6.16
C SER KD 221 -11.64 44.64 -5.28
N VAL KD 222 -11.18 44.92 -4.06
CA VAL KD 222 -10.85 43.82 -3.16
C VAL KD 222 -12.11 43.06 -2.79
N ALA KD 223 -13.25 43.74 -2.69
CA ALA KD 223 -14.50 43.06 -2.42
C ALA KD 223 -14.88 42.12 -3.55
N ARG KD 224 -14.68 42.55 -4.79
CA ARG KD 224 -14.98 41.69 -5.94
C ARG KD 224 -14.08 40.47 -5.98
N ILE KD 225 -12.77 40.69 -5.83
CA ILE KD 225 -11.83 39.57 -5.80
C ILE KD 225 -12.20 38.62 -4.67
N ALA KD 226 -12.57 39.18 -3.53
CA ALA KD 226 -12.97 38.38 -2.38
C ALA KD 226 -14.25 37.60 -2.67
N LYS KD 227 -15.19 38.21 -3.37
CA LYS KD 227 -16.45 37.54 -3.68
C LYS KD 227 -16.20 36.33 -4.55
N LEU KD 228 -15.37 36.47 -5.59
CA LEU KD 228 -15.07 35.30 -6.41
C LEU KD 228 -14.24 34.28 -5.64
N GLU KD 229 -13.37 34.77 -4.74
CA GLU KD 229 -12.61 33.88 -3.88
C GLU KD 229 -13.52 32.96 -3.09
N LYS KD 230 -14.50 33.53 -2.40
CA LYS KD 230 -15.43 32.69 -1.66
C LYS KD 230 -16.33 31.89 -2.59
N ALA KD 231 -16.68 32.45 -3.75
CA ALA KD 231 -17.52 31.73 -4.70
C ALA KD 231 -16.86 30.42 -5.13
N LYS KD 232 -15.53 30.38 -5.13
CA LYS KD 232 -14.87 29.11 -5.40
C LYS KD 232 -14.55 28.35 -4.12
N ALA KD 233 -14.34 29.04 -3.00
CA ALA KD 233 -13.94 28.36 -1.78
C ALA KD 233 -15.09 27.58 -1.15
N LYS KD 234 -16.32 28.08 -1.25
CA LYS KD 234 -17.43 27.43 -0.58
C LYS KD 234 -17.67 26.03 -1.12
N GLU KD 235 -17.57 25.86 -2.45
CA GLU KD 235 -17.67 24.53 -3.03
C GLU KD 235 -16.34 23.79 -3.05
N LEU KD 236 -15.21 24.49 -2.93
CA LEU KD 236 -13.95 23.78 -2.74
C LEU KD 236 -13.95 23.01 -1.43
N ALA KD 237 -14.45 23.64 -0.35
CA ALA KD 237 -14.51 22.98 0.95
C ALA KD 237 -15.44 21.79 0.92
N THR KD 238 -16.59 21.92 0.28
CA THR KD 238 -17.53 20.80 0.20
C THR KD 238 -17.03 19.72 -0.76
N LYS KD 239 -16.18 20.11 -1.72
CA LYS KD 239 -15.64 19.13 -2.67
C LYS KD 239 -14.78 18.10 -1.95
N LEU KD 240 -13.93 18.55 -1.04
CA LEU KD 240 -13.06 17.65 -0.31
C LEU KD 240 -13.85 16.84 0.71
N GLY KD 241 -13.62 15.54 0.70
CA GLY KD 241 -14.29 14.63 1.61
C GLY KD 241 -15.78 14.49 1.36
N MET LD 1 26.01 95.05 -155.91
CA MET LD 1 26.75 95.09 -157.16
C MET LD 1 26.01 96.01 -158.11
N LYS LD 2 26.62 97.16 -158.40
CA LYS LD 2 26.02 98.15 -159.28
C LYS LD 2 26.62 98.00 -160.66
N THR LD 3 25.80 97.59 -161.62
CA THR LD 3 26.27 97.40 -162.98
C THR LD 3 26.61 98.74 -163.61
N ILE LD 4 27.49 98.71 -164.60
CA ILE LD 4 27.82 99.92 -165.33
C ILE LD 4 26.55 100.55 -165.88
N LEU LD 5 25.75 99.73 -166.55
CA LEU LD 5 24.47 100.18 -167.09
C LEU LD 5 23.70 98.96 -167.55
N SER LD 6 22.40 99.15 -167.74
CA SER LD 6 21.53 98.14 -168.31
C SER LD 6 20.50 98.84 -169.18
N ASN LD 7 20.31 98.33 -170.40
CA ASN LD 7 19.51 99.04 -171.36
C ASN LD 7 18.83 98.08 -172.33
N GLN LD 8 17.61 98.44 -172.72
CA GLN LD 8 16.89 97.81 -173.80
C GLN LD 8 16.32 98.89 -174.70
N THR LD 9 16.22 98.61 -175.99
CA THR LD 9 15.74 99.57 -176.97
C THR LD 9 14.47 99.04 -177.62
N VAL LD 10 13.43 99.87 -177.62
CA VAL LD 10 12.15 99.53 -178.25
C VAL LD 10 12.06 100.24 -179.58
N ASP LD 11 11.16 99.76 -180.44
CA ASP LD 11 10.98 100.29 -181.77
C ASP LD 11 9.58 100.88 -181.87
N ILE LD 12 9.48 102.08 -182.42
CA ILE LD 12 8.22 102.78 -182.63
C ILE LD 12 7.86 102.68 -184.11
N PRO LD 13 6.74 102.07 -184.45
CA PRO LD 13 6.32 102.03 -185.86
C PRO LD 13 6.09 103.43 -186.41
N GLU LD 14 6.23 103.55 -187.73
CA GLU LD 14 6.22 104.86 -188.38
C GLU LD 14 4.89 105.57 -188.19
N ASN LD 15 3.79 104.81 -188.20
CA ASN LD 15 2.47 105.43 -188.04
C ASN LD 15 2.36 106.14 -186.71
N VAL LD 16 2.72 105.47 -185.62
CA VAL LD 16 2.56 106.02 -184.28
C VAL LD 16 3.74 106.94 -183.98
N ASP LD 17 3.48 108.00 -183.21
CA ASP LD 17 4.48 108.99 -182.85
C ASP LD 17 4.43 109.23 -181.35
N ILE LD 18 5.59 109.34 -180.73
CA ILE LD 18 5.69 109.48 -179.28
C ILE LD 18 6.43 110.77 -178.95
N THR LD 19 6.28 111.19 -177.69
CA THR LD 19 6.98 112.35 -177.17
C THR LD 19 7.07 112.21 -175.66
N LEU LD 20 8.19 112.60 -175.09
CA LEU LD 20 8.42 112.48 -173.66
C LEU LD 20 8.68 113.85 -173.06
N LYS LD 21 8.17 114.05 -171.84
CA LYS LD 21 8.41 115.25 -171.04
C LYS LD 21 9.00 114.76 -169.72
N GLY LD 22 10.32 114.77 -169.63
CA GLY LD 22 10.96 114.10 -168.51
C GLY LD 22 10.61 112.64 -168.53
N ARG LD 23 10.25 112.09 -167.37
CA ARG LD 23 9.79 110.71 -167.33
C ARG LD 23 8.27 110.63 -167.43
N THR LD 24 7.74 111.32 -168.43
CA THR LD 24 6.33 111.22 -168.82
C THR LD 24 6.29 111.08 -170.32
N VAL LD 25 5.58 110.08 -170.81
CA VAL LD 25 5.55 109.75 -172.23
C VAL LD 25 4.13 109.90 -172.74
N ILE LD 26 3.97 110.62 -173.84
CA ILE LD 26 2.71 110.75 -174.54
C ILE LD 26 2.86 110.14 -175.93
N VAL LD 27 1.94 109.25 -176.28
CA VAL LD 27 1.93 108.57 -177.57
C VAL LD 27 0.67 108.97 -178.32
N LYS LD 28 0.78 109.14 -179.63
CA LYS LD 28 -0.30 109.70 -180.44
C LYS LD 28 -0.63 108.74 -181.59
N GLY LD 29 -0.87 107.48 -181.25
CA GLY LD 29 -1.32 106.51 -182.22
C GLY LD 29 -2.64 106.90 -182.84
N PRO LD 30 -3.00 106.24 -183.96
CA PRO LD 30 -4.26 106.61 -184.64
C PRO LD 30 -5.50 106.36 -183.80
N ARG LD 31 -5.41 105.50 -182.79
CA ARG LD 31 -6.56 105.17 -181.96
C ARG LD 31 -6.79 106.15 -180.83
N GLY LD 32 -5.98 107.20 -180.74
CA GLY LD 32 -6.14 108.20 -179.72
C GLY LD 32 -4.81 108.56 -179.11
N THR LD 33 -4.86 109.23 -177.97
CA THR LD 33 -3.67 109.68 -177.26
C THR LD 33 -3.63 109.05 -175.87
N LEU LD 34 -2.43 108.76 -175.40
CA LEU LD 34 -2.25 108.17 -174.08
C LEU LD 34 -0.98 108.74 -173.47
N ARG LD 35 -1.03 108.96 -172.15
CA ARG LD 35 0.10 109.50 -171.40
C ARG LD 35 0.37 108.60 -170.20
N ARG LD 36 1.66 108.36 -169.92
CA ARG LD 36 2.04 107.56 -168.77
C ARG LD 36 3.30 108.14 -168.16
N ASP LD 37 3.23 108.45 -166.87
CA ASP LD 37 4.36 108.94 -166.11
C ASP LD 37 5.12 107.76 -165.51
N PHE LD 38 6.42 107.96 -165.29
CA PHE LD 38 7.26 106.95 -164.68
C PHE LD 38 8.14 107.57 -163.62
N ASN LD 39 7.68 108.66 -163.01
CA ASN LD 39 8.48 109.34 -161.99
C ASN LD 39 8.80 108.45 -160.81
N HIS LD 40 8.04 107.39 -160.59
CA HIS LD 40 8.38 106.43 -159.55
C HIS LD 40 9.62 105.62 -159.92
N ILE LD 41 10.07 105.70 -161.16
CA ILE LD 41 11.30 105.04 -161.61
C ILE LD 41 12.26 106.13 -162.05
N ASN LD 42 13.47 106.13 -161.47
CA ASN LD 42 14.47 107.14 -161.78
C ASN LD 42 15.42 106.56 -162.84
N VAL LD 43 15.10 106.80 -164.10
CA VAL LD 43 15.90 106.31 -165.22
C VAL LD 43 16.02 107.40 -166.27
N GLU LD 44 16.79 107.10 -167.31
CA GLU LD 44 17.02 108.03 -168.41
C GLU LD 44 16.29 107.56 -169.65
N LEU LD 45 15.47 108.43 -170.21
CA LEU LD 45 14.71 108.14 -171.41
C LEU LD 45 15.11 109.11 -172.51
N SER LD 46 15.25 108.60 -173.73
CA SER LD 46 15.70 109.43 -174.84
C SER LD 46 15.25 108.80 -176.15
N LEU LD 47 15.25 109.62 -177.19
CA LEU LD 47 14.95 109.18 -178.55
C LEU LD 47 16.23 109.15 -179.36
N LEU LD 48 16.40 108.10 -180.16
CA LEU LD 48 17.64 107.89 -180.91
C LEU LD 48 17.50 108.32 -182.37
N GLY LD 49 16.54 107.75 -183.09
CA GLY LD 49 16.41 108.02 -184.50
C GLY LD 49 15.22 108.88 -184.87
N LYS LD 50 15.31 109.58 -186.00
CA LYS LD 50 14.21 110.38 -186.53
C LYS LD 50 13.54 109.71 -187.72
N LYS LD 51 14.06 108.57 -188.18
CA LYS LD 51 13.47 107.83 -189.27
C LYS LD 51 12.98 106.45 -188.87
N LYS LD 52 13.62 105.81 -187.89
CA LYS LD 52 13.12 104.58 -187.30
C LYS LD 52 12.42 104.79 -185.97
N LYS LD 53 12.69 105.90 -185.29
CA LYS LD 53 12.05 106.26 -184.02
C LYS LD 53 12.30 105.18 -182.95
N ARG LD 54 13.57 105.05 -182.58
CA ARG LD 54 13.97 104.12 -181.55
C ARG LD 54 14.22 104.85 -180.24
N LEU LD 55 13.83 104.23 -179.13
CA LEU LD 55 13.99 104.78 -177.80
C LEU LD 55 14.78 103.82 -176.93
N ARG LD 56 15.56 104.38 -176.01
CA ARG LD 56 16.39 103.58 -175.11
C ARG LD 56 16.27 104.10 -173.68
N VAL LD 57 16.51 103.19 -172.73
CA VAL LD 57 16.41 103.49 -171.31
C VAL LD 57 17.60 102.85 -170.61
N ASP LD 58 18.21 103.57 -169.67
CA ASP LD 58 19.45 103.14 -169.04
C ASP LD 58 19.35 103.25 -167.53
N LYS LD 59 20.12 102.41 -166.83
CA LYS LD 59 20.04 102.28 -165.38
C LYS LD 59 21.21 102.91 -164.63
N TRP LD 60 22.44 102.74 -165.12
CA TRP LD 60 23.57 103.50 -164.57
C TRP LD 60 23.78 103.28 -163.07
N TRP LD 61 24.29 102.11 -162.69
CA TRP LD 61 24.54 101.73 -161.31
C TRP LD 61 23.28 101.47 -160.50
N GLY LD 62 22.42 100.57 -160.98
CA GLY LD 62 21.35 100.03 -160.18
C GLY LD 62 21.54 98.54 -159.97
N ASN LD 63 21.22 98.07 -158.76
CA ASN LD 63 21.34 96.65 -158.50
C ASN LD 63 20.07 95.93 -158.97
N ARG LD 64 20.01 94.63 -158.72
CA ARG LD 64 19.00 93.81 -159.37
C ARG LD 64 17.59 94.13 -158.90
N LYS LD 65 17.44 94.90 -157.82
CA LYS LD 65 16.09 95.29 -157.42
C LYS LD 65 15.48 96.28 -158.40
N GLU LD 66 16.31 97.09 -159.07
CA GLU LD 66 15.83 97.97 -160.13
C GLU LD 66 16.23 97.51 -161.51
N LEU LD 67 17.23 96.64 -161.63
CA LEU LD 67 17.54 96.05 -162.93
C LEU LD 67 16.33 95.36 -163.53
N ALA LD 68 15.45 94.83 -162.67
CA ALA LD 68 14.21 94.27 -163.15
C ALA LD 68 13.33 95.34 -163.78
N THR LD 69 13.43 96.58 -163.32
CA THR LD 69 12.52 97.64 -163.76
C THR LD 69 12.78 98.11 -165.18
N VAL LD 70 14.01 97.98 -165.68
CA VAL LD 70 14.31 98.53 -166.99
C VAL LD 70 13.54 97.79 -168.08
N ARG LD 71 13.35 96.48 -167.95
CA ARG LD 71 12.55 95.76 -168.92
C ARG LD 71 11.06 96.04 -168.74
N THR LD 72 10.61 96.20 -167.50
CA THR LD 72 9.21 96.52 -167.26
C THR LD 72 8.81 97.81 -167.94
N ILE LD 73 9.70 98.80 -167.96
CA ILE LD 73 9.43 100.04 -168.66
C ILE LD 73 9.20 99.76 -170.14
N CYS LD 74 10.05 98.93 -170.73
CA CYS LD 74 9.90 98.59 -172.14
C CYS LD 74 8.58 97.87 -172.38
N SER LD 75 8.22 96.93 -171.50
CA SER LD 75 6.96 96.22 -171.66
C SER LD 75 5.77 97.16 -171.55
N HIS LD 76 5.83 98.10 -170.61
CA HIS LD 76 4.80 99.12 -170.52
C HIS LD 76 4.71 99.91 -171.81
N VAL LD 77 5.86 100.25 -172.39
CA VAL LD 77 5.87 101.00 -173.64
C VAL LD 77 5.22 100.19 -174.75
N GLN LD 78 5.53 98.90 -174.84
CA GLN LD 78 4.89 98.04 -175.83
C GLN LD 78 3.39 98.03 -175.63
N ASN LD 79 2.95 97.94 -174.37
CA ASN LD 79 1.52 97.96 -174.09
C ASN LD 79 0.88 99.24 -174.59
N MET LD 80 1.47 100.39 -174.27
CA MET LD 80 0.88 101.66 -174.70
C MET LD 80 0.87 101.79 -176.21
N ILE LD 81 1.97 101.44 -176.88
CA ILE LD 81 2.01 101.61 -178.33
C ILE LD 81 1.03 100.68 -179.01
N LYS LD 82 0.94 99.43 -178.54
CA LYS LD 82 -0.05 98.52 -179.10
C LYS LD 82 -1.46 99.00 -178.85
N GLY LD 83 -1.73 99.58 -177.68
CA GLY LD 83 -3.05 100.12 -177.43
C GLY LD 83 -3.41 101.28 -178.33
N VAL LD 84 -2.46 102.19 -178.55
CA VAL LD 84 -2.75 103.34 -179.40
C VAL LD 84 -2.72 102.99 -180.88
N THR LD 85 -2.19 101.83 -181.25
CA THR LD 85 -2.26 101.38 -182.63
C THR LD 85 -3.17 100.19 -182.86
N LEU LD 86 -3.37 99.34 -181.86
CA LEU LD 86 -4.24 98.18 -181.98
C LEU LD 86 -5.32 98.10 -180.92
N GLY LD 87 -5.23 98.87 -179.83
CA GLY LD 87 -6.25 98.81 -178.81
C GLY LD 87 -6.21 97.52 -178.02
N PHE LD 88 -7.28 97.32 -177.25
CA PHE LD 88 -7.42 96.12 -176.44
C PHE LD 88 -8.86 95.64 -176.44
N ARG LD 89 -9.04 94.36 -176.68
CA ARG LD 89 -10.34 93.71 -176.62
C ARG LD 89 -10.19 92.40 -175.84
N TYR LD 90 -11.01 92.22 -174.82
CA TYR LD 90 -10.89 91.09 -173.91
C TYR LD 90 -12.13 90.21 -174.05
N LYS LD 91 -12.00 89.12 -174.79
CA LYS LD 91 -13.10 88.17 -174.91
C LYS LD 91 -13.29 87.43 -173.59
N MET LD 92 -14.52 87.39 -173.11
CA MET LD 92 -14.80 87.02 -171.72
C MET LD 92 -16.17 86.35 -171.66
N ARG LD 93 -16.20 85.03 -171.66
CA ARG LD 93 -17.44 84.28 -171.69
C ARG LD 93 -18.11 84.28 -170.31
N SER LD 94 -19.43 84.15 -170.30
CA SER LD 94 -20.23 84.16 -169.08
C SER LD 94 -20.74 82.74 -168.83
N VAL LD 95 -19.96 81.97 -168.07
CA VAL LD 95 -20.34 80.58 -167.80
C VAL LD 95 -21.38 80.54 -166.69
N TYR LD 96 -22.42 79.73 -166.89
CA TYR LD 96 -23.42 79.51 -165.88
C TYR LD 96 -23.91 78.07 -165.95
N ALA LD 97 -24.42 77.57 -164.84
CA ALA LD 97 -24.88 76.19 -164.75
C ALA LD 97 -26.39 76.07 -164.89
N HIS LD 98 -27.13 76.79 -164.05
CA HIS LD 98 -28.58 76.74 -164.06
C HIS LD 98 -29.20 78.06 -164.49
N PHE LD 99 -28.86 79.15 -163.83
CA PHE LD 99 -29.44 80.44 -164.18
C PHE LD 99 -28.59 81.11 -165.26
N PRO LD 100 -29.15 81.38 -166.43
CA PRO LD 100 -28.43 82.25 -167.38
C PRO LD 100 -28.15 83.59 -166.75
N ILE LD 101 -26.97 84.13 -167.03
CA ILE LD 101 -26.52 85.36 -166.42
C ILE LD 101 -27.02 86.53 -167.27
N ASN LD 102 -28.07 87.19 -166.82
CA ASN LD 102 -28.65 88.31 -167.54
C ASN LD 102 -27.77 89.54 -167.35
N VAL LD 103 -27.17 90.01 -168.44
CA VAL LD 103 -26.28 91.16 -168.40
C VAL LD 103 -26.92 92.29 -169.20
N VAL LD 104 -26.99 93.46 -168.60
CA VAL LD 104 -27.54 94.65 -169.25
C VAL LD 104 -26.51 95.77 -169.15
N ILE LD 105 -26.16 96.35 -170.29
CA ILE LD 105 -25.17 97.42 -170.37
C ILE LD 105 -25.90 98.75 -170.28
N GLN LD 106 -25.51 99.58 -169.32
CA GLN LD 106 -26.04 100.93 -169.20
C GLN LD 106 -25.29 101.86 -170.14
N GLU LD 107 -25.37 103.16 -169.88
CA GLU LD 107 -24.98 104.19 -170.84
C GLU LD 107 -23.64 103.91 -171.52
N ASN LD 108 -23.65 104.08 -172.85
CA ASN LD 108 -22.47 104.14 -173.72
C ASN LD 108 -21.42 103.09 -173.36
N GLY LD 109 -21.88 101.96 -172.86
CA GLY LD 109 -20.97 100.90 -172.47
C GLY LD 109 -19.97 101.32 -171.42
N SER LD 110 -20.42 102.07 -170.42
CA SER LD 110 -19.60 102.43 -169.27
C SER LD 110 -20.13 101.87 -167.96
N LEU LD 111 -21.38 101.44 -167.94
CA LEU LD 111 -22.00 100.84 -166.78
C LEU LD 111 -22.67 99.55 -167.22
N VAL LD 112 -22.39 98.46 -166.49
CA VAL LD 112 -22.95 97.15 -166.81
C VAL LD 112 -23.64 96.61 -165.56
N GLU LD 113 -24.64 95.77 -165.78
CA GLU LD 113 -25.45 95.21 -164.71
C GLU LD 113 -25.53 93.71 -164.87
N ILE LD 114 -25.47 93.00 -163.74
CA ILE LD 114 -25.61 91.55 -163.72
C ILE LD 114 -26.82 91.23 -162.85
N ARG LD 115 -27.87 90.71 -163.49
CA ARG LD 115 -29.14 90.52 -162.79
C ARG LD 115 -29.27 89.11 -162.23
N ASN LD 116 -29.24 88.11 -163.09
CA ASN LD 116 -29.56 86.74 -162.69
C ASN LD 116 -28.26 85.96 -162.41
N PHE LD 117 -27.59 86.38 -161.34
CA PHE LD 117 -26.45 85.63 -160.82
C PHE LD 117 -26.94 84.71 -159.72
N LEU LD 118 -26.78 83.40 -159.92
CA LEU LD 118 -27.21 82.39 -158.96
C LEU LD 118 -28.68 82.53 -158.61
N GLY LD 119 -29.43 83.30 -159.41
CA GLY LD 119 -30.83 83.53 -159.12
C GLY LD 119 -31.08 84.23 -157.81
N GLU LD 120 -30.27 85.22 -157.46
CA GLU LD 120 -30.52 86.03 -156.27
C GLU LD 120 -30.98 87.41 -156.68
N LYS LD 121 -31.94 87.96 -155.91
CA LYS LD 121 -32.59 89.21 -156.28
C LYS LD 121 -31.65 90.40 -156.30
N TYR LD 122 -30.45 90.27 -155.75
CA TYR LD 122 -29.51 91.37 -155.71
C TYR LD 122 -29.24 91.87 -157.12
N ILE LD 123 -29.31 93.18 -157.29
CA ILE LD 123 -28.92 93.79 -158.56
C ILE LD 123 -27.45 94.18 -158.46
N ARG LD 124 -26.65 93.67 -159.38
CA ARG LD 124 -25.21 93.88 -159.38
C ARG LD 124 -24.88 94.99 -160.38
N ARG LD 125 -24.35 96.09 -159.86
CA ARG LD 125 -24.05 97.26 -160.67
C ARG LD 125 -22.60 97.64 -160.43
N VAL LD 126 -21.79 97.57 -161.48
CA VAL LD 126 -20.39 97.95 -161.39
C VAL LD 126 -20.12 99.04 -162.43
N ARG LD 127 -19.50 100.13 -161.99
CA ARG LD 127 -19.11 101.21 -162.87
C ARG LD 127 -17.79 100.86 -163.53
N MET LD 128 -17.73 100.98 -164.85
CA MET LD 128 -16.52 100.62 -165.53
C MET LD 128 -15.64 101.85 -165.73
N ARG LD 129 -14.34 101.61 -165.78
CA ARG LD 129 -13.35 102.69 -165.70
C ARG LD 129 -13.49 103.63 -166.90
N PRO LD 130 -13.11 104.90 -166.74
CA PRO LD 130 -13.19 105.83 -167.86
C PRO LD 130 -12.24 105.44 -168.99
N GLY LD 131 -12.65 105.75 -170.22
CA GLY LD 131 -11.86 105.45 -171.39
C GLY LD 131 -12.01 104.03 -171.91
N VAL LD 132 -12.84 103.21 -171.28
CA VAL LD 132 -13.07 101.85 -171.72
C VAL LD 132 -14.57 101.71 -172.02
N ALA LD 133 -14.90 100.82 -172.95
CA ALA LD 133 -16.27 100.58 -173.36
C ALA LD 133 -16.49 99.09 -173.54
N CYS LD 134 -17.62 98.61 -173.05
CA CYS LD 134 -17.99 97.20 -173.18
C CYS LD 134 -19.14 97.02 -174.17
N SER LD 135 -19.17 95.87 -174.82
CA SER LD 135 -20.24 95.53 -175.74
C SER LD 135 -20.55 94.05 -175.57
N VAL LD 136 -21.82 93.70 -175.77
CA VAL LD 136 -22.23 92.31 -175.75
C VAL LD 136 -22.08 91.74 -177.15
N SER LD 137 -21.41 90.60 -177.25
CA SER LD 137 -21.13 90.02 -178.55
C SER LD 137 -22.41 89.53 -179.21
N GLN LD 138 -22.52 89.81 -180.50
CA GLN LD 138 -23.55 89.19 -181.33
C GLN LD 138 -23.07 87.90 -181.96
N ALA LD 139 -21.82 87.52 -181.71
CA ALA LD 139 -21.30 86.28 -182.28
C ALA LD 139 -21.75 85.07 -181.48
N GLN LD 140 -21.62 85.12 -180.17
CA GLN LD 140 -21.95 84.00 -179.30
C GLN LD 140 -23.22 84.28 -178.52
N LYS LD 141 -23.76 83.23 -177.91
CA LYS LD 141 -25.03 83.34 -177.20
C LYS LD 141 -24.94 84.30 -176.03
N ASP LD 142 -23.86 84.21 -175.26
CA ASP LD 142 -23.64 85.17 -174.18
C ASP LD 142 -22.14 85.27 -173.89
N GLU LD 143 -21.62 86.48 -174.03
CA GLU LD 143 -20.25 86.86 -173.69
C GLU LD 143 -20.16 88.35 -173.94
N LEU LD 144 -19.14 88.97 -173.35
CA LEU LD 144 -18.98 90.41 -173.43
C LEU LD 144 -17.69 90.78 -174.15
N ILE LD 145 -17.77 91.87 -174.91
CA ILE LD 145 -16.63 92.40 -175.66
C ILE LD 145 -16.41 93.82 -175.17
N LEU LD 146 -15.32 94.04 -174.45
CA LEU LD 146 -14.97 95.36 -173.94
C LEU LD 146 -13.80 95.90 -174.75
N GLU LD 147 -13.92 97.14 -175.20
CA GLU LD 147 -12.87 97.79 -175.97
C GLU LD 147 -12.29 98.96 -175.19
N GLY LD 148 -10.99 99.13 -175.33
CA GLY LD 148 -10.30 100.23 -174.67
C GLY LD 148 -8.91 100.34 -175.24
N ASN LD 149 -8.27 101.47 -174.94
CA ASN LD 149 -6.98 101.78 -175.51
C ASN LD 149 -5.81 101.45 -174.59
N ASP LD 150 -6.05 101.27 -173.30
CA ASP LD 150 -5.00 100.94 -172.35
C ASP LD 150 -5.27 99.59 -171.70
N ILE LD 151 -4.24 98.74 -171.68
CA ILE LD 151 -4.39 97.40 -171.13
C ILE LD 151 -4.74 97.47 -169.65
N GLU LD 152 -4.12 98.40 -168.92
CA GLU LD 152 -4.38 98.50 -167.49
C GLU LD 152 -5.87 98.73 -167.24
N LEU LD 153 -6.45 99.71 -167.91
CA LEU LD 153 -7.85 100.05 -167.70
C LEU LD 153 -8.76 98.87 -168.06
N VAL LD 154 -8.53 98.27 -169.24
CA VAL LD 154 -9.43 97.22 -169.70
C VAL LD 154 -9.33 95.99 -168.81
N SER LD 155 -8.11 95.61 -168.42
CA SER LD 155 -7.95 94.42 -167.60
C SER LD 155 -8.45 94.65 -166.19
N ASN LD 156 -8.26 95.85 -165.66
CA ASN LD 156 -8.83 96.18 -164.36
C ASN LD 156 -10.34 96.11 -164.40
N SER LD 157 -10.96 96.63 -165.47
CA SER LD 157 -12.40 96.55 -165.59
C SER LD 157 -12.89 95.12 -165.70
N ALA LD 158 -12.18 94.31 -166.49
CA ALA LD 158 -12.57 92.90 -166.62
C ALA LD 158 -12.44 92.17 -165.29
N ALA LD 159 -11.37 92.44 -164.55
CA ALA LD 159 -11.23 91.86 -163.22
C ALA LD 159 -12.32 92.34 -162.29
N LEU LD 160 -12.71 93.62 -162.41
CA LEU LD 160 -13.77 94.16 -161.58
C LEU LD 160 -15.08 93.42 -161.80
N ILE LD 161 -15.44 93.25 -163.07
CA ILE LD 161 -16.69 92.56 -163.37
C ILE LD 161 -16.58 91.07 -163.10
N GLN LD 162 -15.37 90.50 -163.11
CA GLN LD 162 -15.20 89.09 -162.80
C GLN LD 162 -15.34 88.84 -161.30
N GLN LD 163 -14.59 89.56 -160.48
CA GLN LD 163 -14.71 89.46 -159.03
C GLN LD 163 -16.07 89.97 -158.55
N ALA LD 164 -16.82 90.66 -159.41
CA ALA LD 164 -18.19 91.01 -159.05
C ALA LD 164 -19.04 89.76 -158.90
N THR LD 165 -18.85 88.78 -159.77
CA THR LD 165 -19.66 87.56 -159.79
C THR LD 165 -18.80 86.41 -159.28
N THR LD 166 -18.82 86.20 -157.97
CA THR LD 166 -18.13 85.09 -157.32
C THR LD 166 -19.11 84.35 -156.42
N VAL LD 167 -19.14 83.02 -156.55
CA VAL LD 167 -19.94 82.22 -155.64
C VAL LD 167 -19.36 82.32 -154.25
N LYS LD 168 -20.23 82.29 -153.24
CA LYS LD 168 -19.84 82.42 -151.85
C LYS LD 168 -20.39 81.24 -151.05
N ASN LD 169 -19.71 80.91 -149.96
CA ASN LD 169 -20.15 79.89 -149.00
C ASN LD 169 -20.31 78.51 -149.62
N LYS LD 170 -19.92 78.36 -150.89
CA LYS LD 170 -20.12 77.11 -151.61
C LYS LD 170 -18.76 76.54 -152.01
N ASP LD 171 -18.75 75.26 -152.35
CA ASP LD 171 -17.55 74.62 -152.86
C ASP LD 171 -17.23 75.23 -154.23
N ILE LD 172 -16.10 75.92 -154.32
CA ILE LD 172 -15.76 76.64 -155.54
C ILE LD 172 -15.53 75.68 -156.70
N ARG LD 173 -15.07 74.46 -156.41
CA ARG LD 173 -14.84 73.50 -157.48
C ARG LD 173 -16.13 73.19 -158.23
N LYS LD 174 -17.23 72.99 -157.50
CA LYS LD 174 -18.53 73.00 -158.13
C LYS LD 174 -19.04 74.43 -158.19
N PHE LD 175 -20.25 74.60 -158.70
CA PHE LD 175 -20.85 75.93 -158.85
C PHE LD 175 -19.88 76.85 -159.57
N LEU LD 176 -19.30 76.32 -160.62
CA LEU LD 176 -18.18 76.87 -161.37
C LEU LD 176 -18.56 78.10 -162.19
N ASP LD 177 -19.75 78.67 -162.01
CA ASP LD 177 -20.21 79.74 -162.87
C ASP LD 177 -19.53 81.06 -162.53
N GLY LD 178 -19.99 82.12 -163.20
CA GLY LD 178 -19.41 83.43 -163.08
C GLY LD 178 -19.11 83.99 -164.44
N ILE LD 179 -18.57 85.21 -164.51
CA ILE LD 179 -18.12 85.80 -165.77
C ILE LD 179 -16.61 85.85 -165.71
N TYR LD 180 -15.95 85.06 -166.55
CA TYR LD 180 -14.51 84.88 -166.51
C TYR LD 180 -13.93 85.24 -167.87
N VAL LD 181 -12.76 85.89 -167.86
CA VAL LD 181 -12.13 86.31 -169.10
C VAL LD 181 -11.68 85.09 -169.87
N SER LD 182 -12.04 85.03 -171.16
CA SER LD 182 -11.77 83.88 -172.01
C SER LD 182 -10.45 84.00 -172.75
N GLU LD 183 -10.27 85.06 -173.54
CA GLU LD 183 -9.03 85.27 -174.25
C GLU LD 183 -8.79 86.77 -174.41
N LYS LD 184 -7.55 87.19 -174.24
CA LYS LD 184 -7.17 88.60 -174.31
C LYS LD 184 -6.60 88.87 -175.70
N GLY LD 185 -7.22 89.81 -176.42
CA GLY LD 185 -6.75 90.16 -177.74
C GLY LD 185 -6.83 91.65 -178.01
N THR LD 186 -7.18 92.01 -179.24
CA THR LD 186 -7.28 93.41 -179.63
C THR LD 186 -8.15 93.48 -180.89
N VAL LD 187 -8.18 94.66 -181.52
CA VAL LD 187 -8.93 94.84 -182.75
C VAL LD 187 -7.97 94.85 -183.93
N GLN LD 188 -8.53 94.60 -185.12
CA GLN LD 188 -7.86 94.54 -186.42
C GLN LD 188 -6.73 93.50 -186.47
N GLN LD 189 -6.56 92.73 -185.39
CA GLN LD 189 -5.77 91.48 -185.36
C GLN LD 189 -4.39 91.63 -185.97
N ALA LD 190 -3.92 92.85 -186.20
CA ALA LD 190 -2.66 93.06 -186.90
C ALA LD 190 -2.25 94.53 -186.85
N GLY MD 1 6.27 60.16 -118.53
CA GLY MD 1 6.99 60.44 -117.30
C GLY MD 1 8.46 60.69 -117.52
N ARG MD 2 8.80 61.18 -118.71
CA ARG MD 2 10.18 61.49 -119.07
C ARG MD 2 10.36 63.00 -119.11
N ARG MD 3 11.41 63.47 -118.45
CA ARG MD 3 11.75 64.88 -118.51
C ARG MD 3 12.13 65.26 -119.94
N PRO MD 4 11.69 66.42 -120.42
CA PRO MD 4 12.10 66.87 -121.75
C PRO MD 4 13.63 67.01 -121.82
N ALA MD 5 14.17 66.67 -122.99
CA ALA MD 5 15.61 66.54 -123.14
C ALA MD 5 16.36 67.83 -122.93
N ARG MD 6 15.74 68.99 -123.15
CA ARG MD 6 16.46 70.24 -123.05
C ARG MD 6 17.04 70.47 -121.67
N CYS MD 7 16.49 69.83 -120.65
CA CYS MD 7 17.08 69.91 -119.31
C CYS MD 7 18.41 69.21 -119.23
N TYR MD 8 18.59 68.12 -119.97
CA TYR MD 8 19.80 67.31 -119.93
C TYR MD 8 20.64 67.48 -121.19
N ARG MD 9 20.53 68.63 -121.85
CA ARG MD 9 21.25 68.83 -123.10
C ARG MD 9 22.73 69.07 -122.87
N TYR MD 10 23.09 69.81 -121.83
CA TYR MD 10 24.47 70.21 -121.60
C TYR MD 10 25.20 69.23 -120.69
N CYS MD 11 26.49 69.05 -120.96
CA CYS MD 11 27.35 68.21 -120.13
C CYS MD 11 27.93 69.08 -119.02
N LYS MD 12 27.43 68.87 -117.80
CA LYS MD 12 27.92 69.63 -116.65
C LYS MD 12 28.03 68.76 -115.41
N ASN MD 13 28.22 67.45 -115.58
CA ASN MD 13 28.09 66.56 -114.44
C ASN MD 13 29.25 65.57 -114.31
N LYS MD 14 30.44 65.95 -114.78
CA LYS MD 14 31.67 65.24 -114.39
C LYS MD 14 31.54 63.74 -114.61
N PRO MD 15 31.70 63.26 -115.86
CA PRO MD 15 31.06 62.00 -116.31
C PRO MD 15 30.90 60.91 -115.26
N TYR MD 16 29.69 60.39 -115.18
CA TYR MD 16 29.23 59.56 -114.07
C TYR MD 16 28.65 58.28 -114.65
N PRO MD 17 29.52 57.32 -114.99
CA PRO MD 17 29.05 56.10 -115.63
C PRO MD 17 28.51 55.08 -114.64
N LYS MD 18 27.80 54.10 -115.18
CA LYS MD 18 27.30 52.99 -114.37
C LYS MD 18 28.46 52.15 -113.87
N SER MD 19 28.47 51.87 -112.58
CA SER MD 19 29.55 51.09 -111.96
C SER MD 19 29.06 50.59 -110.61
N ARG MD 20 29.98 50.08 -109.79
CA ARG MD 20 29.61 49.60 -108.47
C ARG MD 20 28.98 50.70 -107.63
N PHE MD 21 29.42 51.94 -107.80
CA PHE MD 21 28.76 53.03 -107.10
C PHE MD 21 27.35 53.27 -107.62
N CYS MD 22 27.18 53.28 -108.95
CA CYS MD 22 25.90 53.56 -109.57
C CYS MD 22 25.24 52.23 -109.94
N ARG MD 23 24.53 51.66 -108.98
CA ARG MD 23 23.76 50.45 -109.21
C ARG MD 23 22.29 50.79 -109.34
N GLY MD 24 21.54 49.86 -109.92
CA GLY MD 24 20.12 50.08 -110.15
C GLY MD 24 19.82 51.19 -111.12
N VAL MD 25 20.54 51.24 -112.24
CA VAL MD 25 20.30 52.22 -113.30
C VAL MD 25 19.43 51.57 -114.36
N PRO MD 26 18.44 52.27 -114.91
CA PRO MD 26 17.66 51.69 -116.01
C PRO MD 26 18.54 51.45 -117.22
N ASP MD 27 18.26 50.36 -117.93
CA ASP MD 27 19.02 50.02 -119.13
C ASP MD 27 18.72 51.00 -120.26
N ALA MD 28 19.71 51.19 -121.13
CA ALA MD 28 19.61 52.19 -122.18
C ALA MD 28 18.60 51.76 -123.24
N LYS MD 29 18.08 52.76 -123.97
CA LYS MD 29 17.12 52.49 -125.02
C LYS MD 29 17.76 51.77 -126.20
N ILE MD 30 19.00 52.13 -126.54
CA ILE MD 30 19.69 51.53 -127.69
C ILE MD 30 20.39 50.26 -127.23
N ARG MD 31 20.23 49.19 -128.01
CA ARG MD 31 20.96 47.96 -127.80
C ARG MD 31 21.57 47.52 -129.12
N ILE MD 32 20.93 47.93 -130.21
CA ILE MD 32 21.40 47.64 -131.54
C ILE MD 32 22.33 48.77 -131.98
N PHE MD 33 23.53 48.41 -132.40
CA PHE MD 33 24.53 49.42 -132.75
C PHE MD 33 25.01 49.32 -134.19
N ASP MD 34 24.88 48.17 -134.83
CA ASP MD 34 25.27 48.00 -136.22
C ASP MD 34 24.20 47.21 -136.94
N LEU MD 35 23.76 47.72 -138.08
CA LEU MD 35 22.75 47.04 -138.89
C LEU MD 35 23.22 47.03 -140.34
N GLY MD 36 22.35 46.55 -141.21
CA GLY MD 36 22.70 46.40 -142.60
C GLY MD 36 23.53 45.15 -142.84
N ARG MD 37 24.08 45.07 -144.04
CA ARG MD 37 24.94 43.94 -144.41
C ARG MD 37 26.29 44.10 -143.72
N LYS MD 38 26.27 43.80 -142.42
CA LYS MD 38 27.44 43.88 -141.58
C LYS MD 38 28.51 42.87 -141.96
N LYS MD 39 28.15 41.83 -142.70
CA LYS MD 39 29.10 40.84 -143.19
C LYS MD 39 29.86 41.31 -144.43
N ALA MD 40 29.49 42.45 -145.00
CA ALA MD 40 30.24 43.01 -146.12
C ALA MD 40 31.68 43.25 -145.72
N LYS MD 41 32.61 42.88 -146.60
CA LYS MD 41 33.97 42.76 -146.10
C LYS MD 41 34.74 44.08 -146.04
N VAL MD 42 35.26 44.57 -147.17
CA VAL MD 42 35.92 45.87 -147.19
C VAL MD 42 35.66 46.63 -148.46
N ASP MD 43 35.28 45.92 -149.53
CA ASP MD 43 35.36 46.52 -150.85
C ASP MD 43 33.99 46.95 -151.37
N GLU MD 44 32.96 46.15 -151.09
CA GLU MD 44 31.63 46.50 -151.53
C GLU MD 44 31.14 47.80 -150.89
N PHE MD 45 31.74 48.22 -149.78
CA PHE MD 45 31.37 49.46 -149.11
C PHE MD 45 32.63 50.32 -148.98
N PRO MD 46 33.03 51.00 -150.05
CA PRO MD 46 34.22 51.85 -149.97
C PRO MD 46 33.94 53.24 -149.40
N LEU MD 47 32.72 53.73 -149.62
CA LEU MD 47 32.39 55.12 -149.33
C LEU MD 47 31.92 55.25 -147.90
N GLY MD 48 32.57 56.11 -147.12
CA GLY MD 48 32.21 56.32 -145.74
C GLY MD 48 31.60 57.68 -145.45
N GLY MD 49 30.32 57.70 -145.09
CA GLY MD 49 29.64 58.92 -144.71
C GLY MD 49 29.56 59.02 -143.20
N HIS MD 50 29.99 60.16 -142.68
CA HIS MD 50 30.14 60.35 -141.25
C HIS MD 50 29.28 61.52 -140.75
N MET MD 51 28.66 61.29 -139.60
CA MET MD 51 27.84 62.29 -138.91
C MET MD 51 28.66 62.89 -137.76
N VAL MD 52 28.99 64.16 -137.90
CA VAL MD 52 29.80 64.86 -136.91
C VAL MD 52 28.98 66.01 -136.34
N SER MD 53 28.98 66.11 -135.02
CA SER MD 53 28.28 67.18 -134.31
C SER MD 53 29.31 68.13 -133.72
N ASP MD 54 29.21 69.40 -134.09
CA ASP MD 54 30.11 70.42 -133.57
C ASP MD 54 29.53 71.07 -132.31
N GLU MD 55 29.49 70.28 -131.23
CA GLU MD 55 28.89 70.76 -130.00
C GLU MD 55 29.25 69.80 -128.87
N TYR MD 56 29.65 70.37 -127.74
CA TYR MD 56 29.97 69.62 -126.53
C TYR MD 56 28.71 69.42 -125.69
N GLU MD 57 27.74 68.73 -126.28
CA GLU MD 57 26.51 68.40 -125.59
C GLU MD 57 26.40 66.89 -125.48
N GLN MD 58 25.41 66.43 -124.73
CA GLN MD 58 25.20 65.01 -124.52
C GLN MD 58 23.90 64.58 -125.19
N LEU MD 59 23.94 63.42 -125.85
CA LEU MD 59 22.80 62.89 -126.58
C LEU MD 59 22.18 61.77 -125.77
N SER MD 60 20.87 61.88 -125.51
CA SER MD 60 20.16 60.87 -124.74
C SER MD 60 19.96 59.61 -125.58
N SER MD 61 19.94 58.46 -124.89
CA SER MD 61 19.96 57.17 -125.60
C SER MD 61 18.79 57.04 -126.56
N GLU MD 62 17.60 57.44 -126.12
CA GLU MD 62 16.42 57.37 -127.00
C GLU MD 62 16.60 58.19 -128.27
N ALA MD 63 17.35 59.30 -128.20
CA ALA MD 63 17.61 60.07 -129.40
C ALA MD 63 18.42 59.25 -130.40
N LEU MD 64 19.47 58.58 -129.93
CA LEU MD 64 20.23 57.72 -130.83
C LEU MD 64 19.36 56.61 -131.38
N GLU MD 65 18.49 56.04 -130.55
CA GLU MD 65 17.61 54.98 -131.02
C GLU MD 65 16.72 55.47 -132.16
N ALA MD 66 16.06 56.62 -131.95
CA ALA MD 66 15.14 57.14 -132.96
C ALA MD 66 15.88 57.48 -134.25
N ALA MD 67 17.05 58.12 -134.12
CA ALA MD 67 17.83 58.45 -135.31
C ALA MD 67 18.24 57.19 -136.05
N ARG MD 68 18.67 56.17 -135.31
CA ARG MD 68 19.06 54.91 -135.93
C ARG MD 68 17.91 54.29 -136.69
N ILE MD 69 16.73 54.25 -136.08
CA ILE MD 69 15.59 53.62 -136.74
C ILE MD 69 15.19 54.39 -137.99
N CYS MD 70 15.17 55.72 -137.90
CA CYS MD 70 14.82 56.53 -139.06
C CYS MD 70 15.79 56.30 -140.21
N ALA MD 71 17.09 56.36 -139.91
CA ALA MD 71 18.08 56.16 -140.95
C ALA MD 71 17.98 54.76 -141.54
N ASN MD 72 17.76 53.75 -140.69
CA ASN MD 72 17.64 52.39 -141.17
C ASN MD 72 16.48 52.25 -142.14
N LYS MD 73 15.33 52.81 -141.78
CA LYS MD 73 14.17 52.70 -142.66
C LYS MD 73 14.42 53.41 -143.97
N TYR MD 74 15.01 54.61 -143.93
CA TYR MD 74 15.26 55.32 -145.17
C TYR MD 74 16.24 54.56 -146.06
N MET MD 75 17.23 53.91 -145.47
CA MET MD 75 18.17 53.14 -146.28
C MET MD 75 17.54 51.91 -146.88
N VAL MD 76 16.74 51.18 -146.10
CA VAL MD 76 16.10 49.99 -146.64
C VAL MD 76 15.15 50.38 -147.76
N LYS MD 77 14.49 51.53 -147.64
CA LYS MD 77 13.59 51.97 -148.70
C LYS MD 77 14.35 52.43 -149.94
N SER MD 78 15.48 53.13 -149.75
CA SER MD 78 16.20 53.71 -150.87
C SER MD 78 17.13 52.72 -151.57
N CYS MD 79 18.14 52.22 -150.86
CA CYS MD 79 19.12 51.32 -151.47
C CYS MD 79 18.83 49.86 -151.18
N GLY MD 80 17.70 49.53 -150.59
CA GLY MD 80 17.38 48.16 -150.26
C GLY MD 80 18.03 47.72 -148.97
N ARG MD 81 17.68 46.50 -148.56
CA ARG MD 81 18.21 45.91 -147.33
C ARG MD 81 19.71 45.67 -147.40
N ASP MD 82 20.22 45.20 -148.53
CA ASP MD 82 21.60 44.73 -148.63
C ASP MD 82 22.61 45.85 -148.68
N GLY MD 83 22.52 46.74 -149.67
CA GLY MD 83 23.64 47.62 -149.98
C GLY MD 83 23.88 48.76 -149.01
N PHE MD 84 23.92 48.48 -147.71
CA PHE MD 84 24.30 49.51 -146.75
C PHE MD 84 24.71 48.84 -145.44
N HIS MD 85 25.64 49.47 -144.75
CA HIS MD 85 26.05 49.06 -143.41
C HIS MD 85 25.98 50.26 -142.49
N MET MD 86 25.20 50.14 -141.42
CA MET MD 86 24.99 51.22 -140.47
C MET MD 86 25.77 50.92 -139.21
N ARG MD 87 26.47 51.93 -138.68
CA ARG MD 87 27.19 51.80 -137.42
C ARG MD 87 27.12 53.12 -136.67
N VAL MD 88 26.60 53.09 -135.45
CA VAL MD 88 26.65 54.24 -134.55
C VAL MD 88 27.96 54.17 -133.78
N ARG MD 89 28.56 55.33 -133.51
CA ARG MD 89 29.84 55.40 -132.83
C ARG MD 89 29.73 55.96 -131.42
N LEU MD 90 28.55 55.92 -130.82
CA LEU MD 90 28.32 56.45 -129.48
C LEU MD 90 27.71 55.40 -128.58
N HIS MD 91 28.02 55.48 -127.29
CA HIS MD 91 27.42 54.67 -126.26
C HIS MD 91 27.01 55.55 -125.10
N PRO MD 92 25.77 55.47 -124.65
CA PRO MD 92 25.33 56.37 -123.57
C PRO MD 92 25.85 55.91 -122.22
N PHE MD 93 27.12 56.21 -121.94
CA PHE MD 93 27.75 55.74 -120.72
C PHE MD 93 27.46 56.65 -119.53
N HIS MD 94 27.42 57.96 -119.75
CA HIS MD 94 27.06 58.86 -118.67
C HIS MD 94 25.62 58.65 -118.26
N VAL MD 95 25.35 58.81 -116.96
CA VAL MD 95 24.02 58.63 -116.40
C VAL MD 95 23.59 59.93 -115.74
N ILE MD 96 22.39 60.37 -116.04
CA ILE MD 96 21.80 61.53 -115.37
C ILE MD 96 20.80 61.05 -114.32
N ARG MD 97 20.63 61.85 -113.28
CA ARG MD 97 19.73 61.57 -112.17
C ARG MD 97 18.60 62.59 -112.13
N ILE MD 98 17.57 62.29 -111.33
CA ILE MD 98 16.41 63.18 -111.17
C ILE MD 98 16.07 63.28 -109.70
N ASN MD 99 15.56 64.43 -109.32
CA ASN MD 99 14.98 64.62 -108.02
C ASN MD 99 13.47 64.58 -108.17
N LYS MD 100 12.86 63.52 -107.65
CA LYS MD 100 11.41 63.43 -107.68
C LYS MD 100 10.81 64.50 -106.76
N MET MD 101 9.50 64.69 -106.90
CA MET MD 101 8.78 65.66 -106.08
C MET MD 101 8.75 65.21 -104.62
N GLY MD 113 10.86 68.64 -98.81
CA GLY MD 113 11.70 69.64 -99.42
C GLY MD 113 12.85 69.03 -100.22
N MET MD 114 13.79 69.87 -100.63
CA MET MD 114 14.94 69.41 -101.39
C MET MD 114 16.12 69.02 -100.50
N ARG MD 115 15.88 68.72 -99.23
CA ARG MD 115 16.90 68.09 -98.41
C ARG MD 115 17.20 66.69 -98.94
N GLY MD 116 18.47 66.30 -98.89
CA GLY MD 116 18.86 65.02 -99.44
C GLY MD 116 18.62 64.98 -100.93
N ALA MD 117 19.06 66.04 -101.61
CA ALA MD 117 18.65 66.29 -102.98
C ALA MD 117 19.26 65.33 -103.99
N PHE MD 118 20.22 64.50 -103.60
CA PHE MD 118 20.89 63.64 -104.57
C PHE MD 118 19.89 62.65 -105.17
N GLY MD 119 19.51 62.87 -106.41
CA GLY MD 119 18.43 62.12 -107.01
C GLY MD 119 18.85 60.74 -107.49
N LYS MD 120 17.84 59.94 -107.82
CA LYS MD 120 18.05 58.60 -108.33
C LYS MD 120 18.35 58.62 -109.83
N PRO MD 121 19.14 57.67 -110.32
CA PRO MD 121 19.37 57.59 -111.77
C PRO MD 121 18.07 57.31 -112.50
N GLN MD 122 17.89 57.94 -113.67
CA GLN MD 122 16.69 57.66 -114.45
C GLN MD 122 16.98 57.45 -115.92
N GLY MD 123 18.17 57.79 -116.39
CA GLY MD 123 18.41 57.76 -117.82
C GLY MD 123 19.88 57.87 -118.12
N THR MD 124 20.25 57.41 -119.31
CA THR MD 124 21.62 57.40 -119.76
C THR MD 124 21.74 58.17 -121.06
N VAL MD 125 22.80 58.98 -121.16
CA VAL MD 125 23.07 59.80 -122.33
C VAL MD 125 24.52 59.59 -122.72
N ALA MD 126 24.85 60.04 -123.93
CA ALA MD 126 26.21 59.98 -124.44
C ALA MD 126 26.66 61.40 -124.77
N ARG MD 127 27.87 61.74 -124.33
CA ARG MD 127 28.41 63.08 -124.52
C ARG MD 127 29.38 63.09 -125.70
N VAL MD 128 29.35 64.19 -126.46
CA VAL MD 128 30.21 64.36 -127.62
C VAL MD 128 30.95 65.67 -127.51
N HIS MD 129 31.95 65.82 -128.36
CA HIS MD 129 32.72 67.04 -128.47
C HIS MD 129 32.51 67.65 -129.86
N ILE MD 130 33.23 68.73 -130.13
CA ILE MD 130 33.08 69.42 -131.41
C ILE MD 130 33.48 68.49 -132.55
N GLY MD 131 34.60 67.80 -132.41
CA GLY MD 131 34.98 66.81 -133.41
C GLY MD 131 34.72 65.40 -132.94
N GLN MD 132 33.62 64.81 -133.42
CA GLN MD 132 33.25 63.46 -133.03
C GLN MD 132 32.21 62.94 -134.01
N VAL MD 133 32.35 61.68 -134.38
CA VAL MD 133 31.48 61.07 -135.38
C VAL MD 133 30.31 60.40 -134.68
N ILE MD 134 29.10 60.81 -135.03
CA ILE MD 134 27.90 60.28 -134.41
C ILE MD 134 27.52 58.97 -135.08
N MET MD 135 27.40 58.99 -136.40
CA MET MD 135 27.07 57.80 -137.17
C MET MD 135 27.99 57.71 -138.37
N SER MD 136 28.25 56.48 -138.79
CA SER MD 136 29.08 56.22 -139.96
C SER MD 136 28.39 55.20 -140.85
N ILE MD 137 28.29 55.52 -142.13
CA ILE MD 137 27.68 54.64 -143.11
C ILE MD 137 28.69 54.34 -144.19
N ARG MD 138 28.87 53.06 -144.48
CA ARG MD 138 29.72 52.62 -145.58
C ARG MD 138 28.86 51.94 -146.63
N THR MD 139 28.95 52.42 -147.86
CA THR MD 139 28.03 52.01 -148.91
C THR MD 139 28.75 51.99 -150.24
N LYS MD 140 28.03 51.54 -151.27
CA LYS MD 140 28.50 51.64 -152.63
C LYS MD 140 28.71 53.11 -153.00
N LEU MD 141 29.63 53.34 -153.94
CA LEU MD 141 29.98 54.70 -154.30
C LEU MD 141 28.78 55.46 -154.84
N GLN MD 142 27.99 54.83 -155.70
CA GLN MD 142 26.89 55.53 -156.38
C GLN MD 142 25.70 55.80 -155.48
N ASN MD 143 25.80 55.62 -154.17
CA ASN MD 143 24.70 55.88 -153.24
C ASN MD 143 24.96 57.12 -152.40
N GLU MD 144 25.79 58.03 -152.91
CA GLU MD 144 26.25 59.16 -152.11
C GLU MD 144 25.09 60.05 -151.68
N GLU MD 145 24.26 60.47 -152.63
CA GLU MD 145 23.12 61.30 -152.27
C GLU MD 145 22.16 60.56 -151.35
N HIS MD 146 22.11 59.23 -151.44
CA HIS MD 146 21.23 58.46 -150.59
C HIS MD 146 21.63 58.60 -149.13
N VAL MD 147 22.92 58.38 -148.83
CA VAL MD 147 23.37 58.52 -147.45
C VAL MD 147 23.35 59.99 -147.04
N ILE MD 148 23.55 60.90 -147.99
CA ILE MD 148 23.48 62.32 -147.66
C ILE MD 148 22.09 62.66 -147.13
N GLU MD 149 21.06 62.27 -147.88
CA GLU MD 149 19.69 62.54 -147.42
C GLU MD 149 19.38 61.76 -146.15
N ALA MD 150 19.90 60.55 -146.04
CA ALA MD 150 19.70 59.77 -144.82
C ALA MD 150 20.18 60.54 -143.60
N LEU MD 151 21.43 60.98 -143.64
CA LEU MD 151 22.02 61.62 -142.47
C LEU MD 151 21.45 63.01 -142.25
N ARG MD 152 21.00 63.67 -143.33
CA ARG MD 152 20.27 64.92 -143.14
C ARG MD 152 18.97 64.68 -142.37
N ARG MD 153 18.19 63.69 -142.79
CA ARG MD 153 16.97 63.36 -142.07
C ARG MD 153 17.25 62.95 -140.64
N ALA MD 154 18.27 62.11 -140.44
CA ALA MD 154 18.57 61.61 -139.10
C ALA MD 154 18.94 62.71 -138.13
N LYS MD 155 19.64 63.75 -138.61
CA LYS MD 155 20.05 64.84 -137.74
C LYS MD 155 18.86 65.53 -137.09
N PHE MD 156 17.66 65.46 -137.69
CA PHE MD 156 16.51 66.14 -137.13
C PHE MD 156 16.15 65.60 -135.75
N LYS MD 157 16.36 64.32 -135.50
CA LYS MD 157 16.13 63.78 -134.17
C LYS MD 157 17.15 64.28 -133.15
N PHE MD 158 18.08 65.08 -133.55
CA PHE MD 158 19.07 65.54 -132.61
C PHE MD 158 18.83 67.00 -132.25
N PRO MD 159 19.06 67.36 -130.98
CA PRO MD 159 18.77 68.73 -130.54
C PRO MD 159 19.70 69.77 -131.14
N GLY MD 160 20.99 69.46 -131.20
CA GLY MD 160 22.00 70.39 -131.64
C GLY MD 160 22.09 70.47 -133.15
N ARG MD 161 23.19 71.06 -133.63
CA ARG MD 161 23.47 71.18 -135.05
C ARG MD 161 24.63 70.25 -135.39
N GLN MD 162 24.46 69.44 -136.41
CA GLN MD 162 25.39 68.38 -136.74
C GLN MD 162 25.77 68.46 -138.21
N LYS MD 163 27.04 68.22 -138.49
CA LYS MD 163 27.59 68.46 -139.82
C LYS MD 163 27.63 67.18 -140.64
N ILE MD 164 27.48 67.35 -141.95
CA ILE MD 164 27.53 66.26 -142.91
C ILE MD 164 28.95 66.18 -143.44
N HIS MD 165 29.52 64.98 -143.43
CA HIS MD 165 30.90 64.80 -143.85
C HIS MD 165 31.06 63.49 -144.59
N ILE MD 166 31.62 63.57 -145.79
CA ILE MD 166 32.01 62.40 -146.56
C ILE MD 166 33.52 62.29 -146.42
N SER MD 167 33.97 61.24 -145.75
CA SER MD 167 35.37 61.15 -145.35
C SER MD 167 36.25 60.73 -146.52
N LYS MD 168 37.54 61.03 -146.41
CA LYS MD 168 38.52 60.51 -147.34
C LYS MD 168 38.80 59.03 -147.08
N LYS MD 169 38.57 58.57 -145.86
CA LYS MD 169 38.94 57.22 -145.49
C LYS MD 169 38.10 56.18 -146.23
N TRP MD 170 38.73 55.07 -146.59
CA TRP MD 170 38.04 53.97 -147.23
C TRP MD 170 37.13 53.29 -146.23
N GLY MD 171 35.82 53.37 -146.47
CA GLY MD 171 34.87 52.70 -145.60
C GLY MD 171 35.04 53.12 -144.16
N PHE MD 172 35.05 52.15 -143.26
CA PHE MD 172 35.30 52.42 -141.85
C PHE MD 172 36.75 52.30 -141.49
N THR MD 173 37.61 51.92 -142.43
CA THR MD 173 39.02 51.76 -142.15
C THR MD 173 39.68 53.13 -142.01
N LYS MD 174 40.57 53.24 -141.02
CA LYS MD 174 41.27 54.47 -140.68
C LYS MD 174 42.26 54.92 -141.75
N PHE MD 175 42.35 54.26 -142.89
CA PHE MD 175 43.24 54.68 -143.97
C PHE MD 175 42.42 55.36 -145.07
N ASN MD 176 43.08 56.28 -145.79
CA ASN MD 176 42.41 56.98 -146.86
C ASN MD 176 42.05 56.02 -148.00
N ALA MD 177 41.06 56.42 -148.79
CA ALA MD 177 40.53 55.51 -149.79
C ALA MD 177 41.46 55.36 -150.98
N ASP MD 178 42.14 56.43 -151.38
CA ASP MD 178 42.85 56.40 -152.66
C ASP MD 178 44.09 55.53 -152.63
N GLU MD 179 44.80 55.48 -151.51
CA GLU MD 179 45.97 54.62 -151.37
C GLU MD 179 45.63 53.29 -150.73
N PHE MD 180 44.35 52.98 -150.56
CA PHE MD 180 43.94 51.74 -149.92
C PHE MD 180 44.19 50.54 -150.84
N GLU MD 181 43.79 50.66 -152.11
CA GLU MD 181 43.75 49.50 -152.99
C GLU MD 181 45.14 48.98 -153.30
N ASP MD 182 46.08 49.88 -153.59
CA ASP MD 182 47.45 49.46 -153.83
C ASP MD 182 48.15 49.00 -152.56
N MET MD 183 47.80 49.59 -151.41
CA MET MD 183 48.33 49.10 -150.14
C MET MD 183 47.95 47.65 -149.92
N VAL MD 184 46.70 47.31 -150.22
CA VAL MD 184 46.29 45.90 -150.19
C VAL MD 184 47.03 45.12 -151.26
N ALA MD 185 47.12 45.67 -152.47
CA ALA MD 185 47.78 44.97 -153.56
C ALA MD 185 49.25 44.75 -153.27
N LYS MD 186 49.93 45.78 -152.76
CA LYS MD 186 51.29 45.61 -152.30
C LYS MD 186 51.35 44.83 -151.00
N LYS MD 187 50.19 44.51 -150.43
CA LYS MD 187 50.08 43.65 -149.26
C LYS MD 187 50.83 44.26 -148.07
N CYS MD 188 50.34 45.43 -147.63
CA CYS MD 188 50.57 45.88 -146.28
C CYS MD 188 49.33 45.70 -145.43
N LEU MD 189 48.20 45.42 -146.05
CA LEU MD 189 46.92 45.23 -145.40
C LEU MD 189 46.31 43.91 -145.86
N ILE MD 190 45.73 43.19 -144.93
CA ILE MD 190 44.98 41.99 -145.29
C ILE MD 190 43.55 42.17 -144.75
N PRO MD 191 42.53 41.98 -145.56
CA PRO MD 191 41.17 42.25 -145.10
C PRO MD 191 40.57 41.07 -144.36
N ASP MD 192 39.77 41.39 -143.34
CA ASP MD 192 39.02 40.38 -142.60
C ASP MD 192 37.83 41.04 -141.94
N GLY MD 193 36.67 40.40 -142.04
CA GLY MD 193 35.48 40.97 -141.45
C GLY MD 193 35.15 42.30 -142.08
N CYS MD 194 34.52 43.16 -141.29
CA CYS MD 194 34.19 44.50 -141.76
C CYS MD 194 35.42 45.39 -141.91
N GLY MD 195 36.56 44.98 -141.37
CA GLY MD 195 37.75 45.81 -141.39
C GLY MD 195 38.94 45.17 -142.07
N VAL MD 196 40.14 45.66 -141.75
CA VAL MD 196 41.35 45.20 -142.41
C VAL MD 196 42.49 45.20 -141.39
N LYS MD 197 43.35 44.20 -141.49
CA LYS MD 197 44.51 44.10 -140.62
C LYS MD 197 45.66 44.89 -141.22
N TYR MD 198 46.44 45.54 -140.36
CA TYR MD 198 47.67 46.18 -140.80
C TYR MD 198 48.84 45.23 -140.56
N VAL MD 199 49.71 45.10 -141.55
CA VAL MD 199 50.90 44.26 -141.42
C VAL MD 199 52.14 45.14 -141.49
N PRO MD 200 52.85 45.32 -140.40
CA PRO MD 200 54.10 46.08 -140.42
C PRO MD 200 55.22 45.20 -140.96
N SER MD 201 56.43 45.73 -140.91
CA SER MD 201 57.62 45.04 -141.40
C SER MD 201 58.67 44.90 -140.30
N HIS MD 202 58.24 44.53 -139.09
CA HIS MD 202 59.18 44.29 -138.00
C HIS MD 202 58.81 43.08 -137.17
N GLY MD 203 57.97 42.19 -137.71
CA GLY MD 203 57.61 40.99 -137.01
C GLY MD 203 58.61 39.89 -137.29
N PRO MD 204 58.37 38.70 -136.75
CA PRO MD 204 59.16 37.53 -137.17
C PRO MD 204 58.93 37.24 -138.63
N LEU MD 205 59.98 36.73 -139.29
CA LEU MD 205 59.94 36.56 -140.73
C LEU MD 205 58.96 35.49 -141.17
N ASP MD 206 58.64 34.53 -140.30
CA ASP MD 206 57.79 33.42 -140.71
C ASP MD 206 56.41 33.90 -141.12
N LYS MD 207 55.84 34.84 -140.36
CA LYS MD 207 54.56 35.40 -140.75
C LYS MD 207 54.67 36.19 -142.04
N TRP MD 208 55.87 36.72 -142.34
CA TRP MD 208 56.07 37.36 -143.64
C TRP MD 208 56.12 36.33 -144.74
N ARG MD 209 56.63 35.15 -144.43
CA ARG MD 209 56.84 34.14 -145.45
C ARG MD 209 55.58 33.35 -145.76
N VAL MD 210 54.70 33.18 -144.78
CA VAL MD 210 53.46 32.46 -145.05
C VAL MD 210 52.57 33.30 -145.96
N LEU MD 211 52.44 34.60 -145.69
CA LEU MD 211 51.87 35.49 -146.68
C LEU MD 211 52.98 35.82 -147.68
N HIS MD 212 52.70 36.70 -148.62
CA HIS MD 212 53.61 36.92 -149.75
C HIS MD 212 53.93 35.60 -150.44
N SER MD 213 52.95 34.70 -150.46
CA SER MD 213 53.17 33.37 -151.00
C SER MD 213 51.85 32.69 -151.33
N GLN ND 1 76.06 5.65 -135.32
CA GLN ND 1 76.88 5.10 -134.25
C GLN ND 1 77.48 6.22 -133.40
N ASP ND 2 78.45 6.94 -133.97
CA ASP ND 2 79.06 8.07 -133.27
C ASP ND 2 78.17 9.30 -133.28
N GLN ND 3 77.19 9.36 -134.18
CA GLN ND 3 76.30 10.53 -134.25
C GLN ND 3 75.46 10.66 -132.99
N GLY ND 4 74.81 9.56 -132.58
CA GLY ND 4 73.98 9.60 -131.40
C GLY ND 4 74.75 9.49 -130.12
N GLU ND 5 75.87 8.78 -130.14
CA GLU ND 5 76.65 8.52 -128.92
C GLU ND 5 77.58 9.69 -128.61
N LYS ND 6 76.96 10.80 -128.25
CA LYS ND 6 77.69 11.93 -127.66
C LYS ND 6 77.01 12.47 -126.42
N GLU ND 7 75.68 12.41 -126.36
CA GLU ND 7 74.91 13.02 -125.28
C GLU ND 7 74.13 12.00 -124.46
N ASN ND 8 73.95 10.78 -124.96
CA ASN ND 8 73.18 9.77 -124.23
C ASN ND 8 73.67 9.49 -122.81
N PRO ND 9 74.99 9.42 -122.51
CA PRO ND 9 75.41 8.93 -121.19
C PRO ND 9 74.59 9.43 -120.02
N MET ND 10 74.03 10.63 -120.11
CA MET ND 10 73.14 11.09 -119.06
C MET ND 10 71.89 11.78 -119.57
N ARG ND 11 71.73 11.95 -120.88
CA ARG ND 11 70.44 12.33 -121.43
C ARG ND 11 69.41 11.23 -121.25
N GLU ND 12 69.81 10.10 -120.69
CA GLU ND 12 68.92 8.97 -120.48
C GLU ND 12 67.76 9.35 -119.57
N LEU ND 13 66.71 8.55 -119.62
CA LEU ND 13 65.51 8.81 -118.85
C LEU ND 13 65.43 7.84 -117.67
N ARG ND 14 65.49 8.39 -116.46
CA ARG ND 14 65.48 7.60 -115.24
C ARG ND 14 64.21 7.88 -114.45
N ILE ND 15 63.73 6.87 -113.76
CA ILE ND 15 62.47 6.97 -113.05
C ILE ND 15 62.64 7.88 -111.83
N ARG ND 16 61.70 8.81 -111.67
CA ARG ND 16 61.65 9.63 -110.47
C ARG ND 16 60.68 9.00 -109.48
N LYS ND 17 60.27 9.75 -108.45
CA LYS ND 17 59.35 9.25 -107.46
C LYS ND 17 58.09 8.69 -108.11
N LEU ND 18 57.56 7.62 -107.53
CA LEU ND 18 56.42 6.94 -108.13
C LEU ND 18 55.10 7.51 -107.64
N CYS ND 19 55.10 8.20 -106.48
CA CYS ND 19 53.94 8.92 -105.98
C CYS ND 19 52.69 8.03 -105.90
N LEU ND 20 52.78 7.02 -105.04
CA LEU ND 20 51.58 6.25 -104.73
C LEU ND 20 50.56 7.13 -104.03
N ASN ND 21 49.30 6.99 -104.41
CA ASN ND 21 48.23 7.73 -103.79
C ASN ND 21 46.97 6.88 -103.79
N ILE ND 22 46.22 6.97 -102.70
CA ILE ND 22 44.91 6.36 -102.57
C ILE ND 22 44.01 7.34 -101.86
N CYS ND 23 42.80 7.53 -102.36
CA CYS ND 23 41.85 8.46 -101.78
C CYS ND 23 40.57 7.74 -101.40
N VAL ND 24 40.04 8.10 -100.22
CA VAL ND 24 38.77 7.58 -99.73
C VAL ND 24 37.97 8.76 -99.22
N GLY ND 25 36.67 8.55 -99.06
CA GLY ND 25 35.77 9.64 -98.79
C GLY ND 25 35.55 10.04 -97.34
N GLU ND 26 36.20 9.38 -96.38
CA GLU ND 26 35.94 9.68 -94.98
C GLU ND 26 37.13 9.22 -94.14
N SER ND 27 36.93 9.19 -92.82
CA SER ND 27 37.95 8.74 -91.89
C SER ND 27 37.37 7.69 -90.96
N GLY ND 28 38.22 6.77 -90.53
CA GLY ND 28 37.80 5.71 -89.64
C GLY ND 28 38.82 4.59 -89.62
N ASP ND 29 38.46 3.51 -88.94
CA ASP ND 29 39.33 2.33 -88.90
C ASP ND 29 39.57 1.79 -90.30
N ARG ND 30 38.57 1.85 -91.16
CA ARG ND 30 38.76 1.51 -92.56
C ARG ND 30 39.79 2.43 -93.20
N LEU ND 31 39.78 3.71 -92.86
CA LEU ND 31 40.85 4.58 -93.32
C LEU ND 31 42.19 4.18 -92.73
N THR ND 32 42.20 3.70 -91.49
CA THR ND 32 43.47 3.27 -90.90
C THR ND 32 44.06 2.10 -91.66
N ARG ND 33 43.22 1.12 -92.03
CA ARG ND 33 43.74 0.00 -92.80
C ARG ND 33 44.08 0.42 -94.23
N ALA ND 34 43.36 1.41 -94.77
CA ALA ND 34 43.77 2.01 -96.03
C ALA ND 34 45.12 2.71 -95.90
N ALA ND 35 45.46 3.15 -94.69
CA ALA ND 35 46.80 3.66 -94.47
C ALA ND 35 47.81 2.52 -94.41
N LYS ND 36 47.45 1.43 -93.73
CA LYS ND 36 48.39 0.33 -93.55
C LYS ND 36 48.71 -0.39 -94.86
N VAL ND 37 47.78 -0.40 -95.81
CA VAL ND 37 48.08 -1.08 -97.07
C VAL ND 37 49.29 -0.42 -97.72
N LEU ND 38 49.43 0.90 -97.57
CA LEU ND 38 50.54 1.61 -98.17
C LEU ND 38 51.88 1.08 -97.67
N GLU ND 39 51.99 0.86 -96.36
CA GLU ND 39 53.26 0.31 -95.87
C GLU ND 39 53.42 -1.17 -96.18
N GLN ND 40 52.33 -1.94 -96.29
CA GLN ND 40 52.56 -3.34 -96.58
C GLN ND 40 52.98 -3.54 -98.04
N LEU ND 41 52.61 -2.62 -98.93
CA LEU ND 41 53.11 -2.76 -100.29
C LEU ND 41 54.31 -1.85 -100.57
N THR ND 42 54.71 -1.02 -99.61
CA THR ND 42 55.89 -0.18 -99.78
C THR ND 42 56.95 -0.39 -98.71
N GLY ND 43 56.57 -0.83 -97.51
CA GLY ND 43 57.52 -0.81 -96.41
C GLY ND 43 57.91 0.60 -96.05
N GLN ND 44 57.01 1.55 -96.23
CA GLN ND 44 57.30 2.95 -95.98
C GLN ND 44 56.07 3.59 -95.35
N THR ND 45 56.26 4.32 -94.27
CA THR ND 45 55.14 4.93 -93.57
C THR ND 45 54.46 5.95 -94.47
N PRO ND 46 53.14 6.06 -94.43
CA PRO ND 46 52.42 7.01 -95.28
C PRO ND 46 52.24 8.35 -94.60
N VAL ND 47 51.70 9.30 -95.36
CA VAL ND 47 51.32 10.61 -94.85
C VAL ND 47 49.89 10.89 -95.30
N PHE ND 48 49.07 11.35 -94.37
CA PHE ND 48 47.67 11.60 -94.67
C PHE ND 48 47.52 12.85 -95.54
N SER ND 49 46.34 12.99 -96.13
CA SER ND 49 45.97 14.18 -96.89
C SER ND 49 44.67 14.74 -96.33
N LYS ND 50 44.63 16.05 -96.15
CA LYS ND 50 43.45 16.71 -95.62
C LYS ND 50 42.61 17.30 -96.74
N ALA ND 51 41.38 17.68 -96.39
CA ALA ND 51 40.47 18.32 -97.31
C ALA ND 51 40.55 19.82 -97.12
N ARG ND 52 40.87 20.53 -98.20
CA ARG ND 52 41.02 21.97 -98.10
C ARG ND 52 39.68 22.67 -97.96
N TYR ND 53 38.68 22.23 -98.70
CA TYR ND 53 37.37 22.87 -98.73
C TYR ND 53 36.29 21.92 -98.21
N THR ND 54 35.07 22.44 -98.19
CA THR ND 54 33.90 21.67 -97.80
C THR ND 54 32.89 21.75 -98.92
N VAL ND 55 32.45 20.58 -99.42
CA VAL ND 55 31.49 20.52 -100.50
C VAL ND 55 30.20 19.81 -100.09
N ARG ND 56 30.30 18.73 -99.30
CA ARG ND 56 29.16 18.07 -98.71
C ARG ND 56 28.30 17.38 -99.75
N SER ND 57 28.63 17.54 -101.04
CA SER ND 57 27.84 16.94 -102.10
C SER ND 57 27.84 15.43 -101.96
N PHE ND 58 29.00 14.80 -102.17
CA PHE ND 58 29.17 13.42 -101.75
C PHE ND 58 29.43 13.33 -100.26
N GLY ND 59 29.79 14.45 -99.64
CA GLY ND 59 29.88 14.58 -98.20
C GLY ND 59 31.29 14.49 -97.67
N ILE ND 60 31.90 15.67 -97.51
CA ILE ND 60 33.20 15.84 -96.86
C ILE ND 60 33.24 17.25 -96.33
N ARG ND 61 33.95 17.46 -95.22
CA ARG ND 61 34.17 18.82 -94.76
C ARG ND 61 35.65 19.16 -94.96
N ARG ND 62 36.04 20.36 -94.57
CA ARG ND 62 37.41 20.79 -94.76
C ARG ND 62 38.28 20.41 -93.57
N ASN ND 63 39.54 20.06 -93.87
CA ASN ND 63 40.51 19.64 -92.86
C ASN ND 63 40.12 18.31 -92.23
N GLU ND 64 39.84 17.33 -93.07
CA GLU ND 64 39.63 15.96 -92.62
C GLU ND 64 40.88 15.14 -92.89
N LYS ND 65 40.76 13.83 -92.72
CA LYS ND 65 41.76 12.89 -93.21
C LYS ND 65 41.09 12.16 -94.37
N ILE ND 66 41.40 12.58 -95.58
CA ILE ND 66 40.76 12.05 -96.78
C ILE ND 66 41.58 10.95 -97.42
N ALA ND 67 42.85 11.22 -97.70
CA ALA ND 67 43.68 10.32 -98.47
C ALA ND 67 45.03 10.15 -97.81
N VAL ND 68 45.68 9.04 -98.11
CA VAL ND 68 47.06 8.79 -97.71
C VAL ND 68 47.86 8.52 -98.98
N HIS ND 69 49.13 8.86 -98.94
CA HIS ND 69 49.97 8.74 -100.11
C HIS ND 69 51.41 8.55 -99.68
N CYS ND 70 52.22 8.01 -100.58
CA CYS ND 70 53.63 7.82 -100.35
C CYS ND 70 54.41 8.24 -101.59
N THR ND 71 55.65 8.66 -101.36
CA THR ND 71 56.58 9.01 -102.42
C THR ND 71 57.76 8.05 -102.35
N VAL ND 72 57.82 7.11 -103.29
CA VAL ND 72 58.84 6.09 -103.29
C VAL ND 72 59.73 6.27 -104.51
N ARG ND 73 61.03 6.04 -104.31
CA ARG ND 73 62.02 6.20 -105.36
C ARG ND 73 62.93 4.98 -105.37
N GLY ND 74 63.91 5.01 -106.28
CA GLY ND 74 64.93 3.98 -106.31
C GLY ND 74 64.42 2.63 -106.78
N ALA ND 75 65.23 1.61 -106.49
CA ALA ND 75 64.88 0.25 -106.90
C ALA ND 75 63.58 -0.21 -106.27
N LYS ND 76 63.24 0.32 -105.09
CA LYS ND 76 61.96 0.02 -104.48
C LYS ND 76 60.82 0.47 -105.38
N ALA ND 77 60.89 1.72 -105.85
CA ALA ND 77 59.88 2.22 -106.77
C ALA ND 77 59.89 1.44 -108.07
N GLU ND 78 61.08 1.07 -108.55
CA GLU ND 78 61.18 0.25 -109.74
C GLU ND 78 60.41 -1.05 -109.57
N GLU ND 79 60.62 -1.73 -108.44
CA GLU ND 79 59.98 -3.00 -108.20
C GLU ND 79 58.46 -2.85 -108.09
N ILE ND 80 57.99 -1.85 -107.35
CA ILE ND 80 56.54 -1.73 -107.22
C ILE ND 80 55.91 -1.34 -108.55
N LEU ND 81 56.58 -0.50 -109.34
CA LEU ND 81 56.05 -0.14 -110.65
C LEU ND 81 55.98 -1.36 -111.55
N GLU ND 82 57.03 -2.18 -111.54
CA GLU ND 82 57.01 -3.42 -112.33
C GLU ND 82 55.88 -4.32 -111.88
N LYS ND 83 55.67 -4.42 -110.57
CA LYS ND 83 54.56 -5.22 -110.04
C LYS ND 83 53.23 -4.72 -110.57
N GLY ND 84 53.01 -3.41 -110.49
CA GLY ND 84 51.78 -2.84 -111.00
C GLY ND 84 51.60 -3.07 -112.48
N LEU ND 85 52.70 -3.02 -113.24
CA LEU ND 85 52.61 -3.26 -114.66
C LEU ND 85 52.25 -4.71 -114.96
N LYS ND 86 52.80 -5.65 -114.19
CA LYS ND 86 52.36 -7.03 -114.30
C LYS ND 86 50.88 -7.16 -113.97
N VAL ND 87 50.40 -6.36 -113.02
CA VAL ND 87 48.97 -6.37 -112.71
C VAL ND 87 48.17 -6.01 -113.95
N ARG ND 88 48.61 -4.99 -114.68
CA ARG ND 88 47.98 -4.62 -115.93
C ARG ND 88 48.49 -5.43 -117.11
N GLU ND 89 49.45 -6.33 -116.87
CA GLU ND 89 50.08 -7.11 -117.95
C GLU ND 89 50.70 -6.18 -118.99
N TYR ND 90 51.30 -5.09 -118.50
CA TYR ND 90 52.11 -4.16 -119.31
C TYR ND 90 51.31 -3.50 -120.41
N GLU ND 91 50.00 -3.35 -120.23
CA GLU ND 91 49.13 -2.84 -121.29
C GLU ND 91 48.55 -1.50 -120.85
N LEU ND 92 49.31 -0.43 -121.12
CA LEU ND 92 48.89 0.94 -120.83
C LEU ND 92 48.42 1.55 -122.15
N ARG ND 93 47.12 1.79 -122.27
CA ARG ND 93 46.52 1.70 -123.60
C ARG ND 93 46.74 2.95 -124.46
N LYS ND 94 46.10 4.07 -124.14
CA LYS ND 94 45.98 5.13 -125.15
C LYS ND 94 46.57 6.46 -124.72
N ASN ND 95 46.10 7.04 -123.61
CA ASN ND 95 46.35 8.45 -123.37
C ASN ND 95 46.62 8.76 -121.90
N ASN ND 96 46.86 7.75 -121.08
CA ASN ND 96 47.14 8.00 -119.68
C ASN ND 96 48.48 8.67 -119.47
N PHE ND 97 49.29 8.79 -120.53
CA PHE ND 97 50.45 9.67 -120.48
C PHE ND 97 50.01 11.12 -120.34
N SER ND 98 50.90 11.94 -119.81
CA SER ND 98 50.69 13.38 -119.74
C SER ND 98 51.63 14.08 -120.71
N ASP ND 99 51.23 15.28 -121.12
CA ASP ND 99 52.02 16.05 -122.06
C ASP ND 99 53.34 16.52 -121.47
N THR ND 100 53.51 16.44 -120.15
CA THR ND 100 54.75 16.84 -119.51
C THR ND 100 55.70 15.67 -119.28
N GLY ND 101 55.42 14.52 -119.86
CA GLY ND 101 56.29 13.37 -119.73
C GLY ND 101 56.03 12.48 -118.54
N ASN ND 102 54.84 12.54 -117.96
CA ASN ND 102 54.44 11.67 -116.87
C ASN ND 102 53.25 10.84 -117.32
N PHE ND 103 52.82 9.93 -116.45
CA PHE ND 103 51.63 9.13 -116.71
C PHE ND 103 51.15 8.55 -115.39
N GLY ND 104 50.04 7.81 -115.47
CA GLY ND 104 49.58 7.06 -114.32
C GLY ND 104 48.42 6.19 -114.71
N PHE ND 105 47.90 5.47 -113.73
CA PHE ND 105 46.75 4.59 -113.91
C PHE ND 105 46.32 4.08 -112.55
N GLY ND 106 45.12 3.52 -112.50
CA GLY ND 106 44.54 3.05 -111.26
C GLY ND 106 44.40 1.53 -111.25
N ILE ND 107 44.24 0.97 -110.06
CA ILE ND 107 43.99 -0.46 -109.91
C ILE ND 107 42.85 -0.64 -108.91
N GLN ND 108 42.39 -1.88 -108.77
CA GLN ND 108 41.21 -2.17 -107.95
C GLN ND 108 41.49 -3.07 -106.76
N GLU ND 109 42.43 -4.00 -106.87
CA GLU ND 109 42.74 -4.92 -105.79
C GLU ND 109 44.25 -4.98 -105.62
N HIS ND 110 44.68 -5.18 -104.37
CA HIS ND 110 46.10 -5.18 -104.04
C HIS ND 110 46.65 -6.56 -103.68
N ILE ND 111 45.83 -7.44 -103.12
CA ILE ND 111 46.33 -8.75 -102.72
C ILE ND 111 46.77 -9.56 -103.94
N ASP ND 112 46.14 -9.33 -105.10
CA ASP ND 112 46.53 -10.04 -106.31
C ASP ND 112 48.02 -9.95 -106.53
N LEU ND 113 48.56 -8.74 -106.47
CA LEU ND 113 50.00 -8.52 -106.35
C LEU ND 113 50.16 -7.12 -105.77
N GLY ND 114 50.86 -7.02 -104.66
CA GLY ND 114 51.67 -8.05 -104.03
C GLY ND 114 51.07 -8.79 -102.86
N ILE ND 115 51.40 -8.31 -101.66
CA ILE ND 115 51.22 -9.01 -100.39
C ILE ND 115 49.87 -9.70 -100.24
N LYS ND 116 49.86 -10.81 -99.52
CA LYS ND 116 48.69 -11.65 -99.35
C LYS ND 116 47.61 -10.94 -98.53
N TYR ND 117 46.45 -11.59 -98.45
CA TYR ND 117 45.25 -10.99 -97.89
C TYR ND 117 45.23 -11.08 -96.36
N ASP ND 118 44.33 -10.29 -95.75
CA ASP ND 118 44.09 -10.22 -94.31
C ASP ND 118 42.71 -9.56 -94.18
N PRO ND 119 41.84 -10.07 -93.31
CA PRO ND 119 40.50 -9.51 -93.18
C PRO ND 119 40.49 -8.11 -92.66
N SER ND 120 41.49 -7.76 -91.86
CA SER ND 120 41.52 -6.44 -91.26
C SER ND 120 41.84 -5.36 -92.28
N ILE ND 121 42.21 -5.72 -93.51
CA ILE ND 121 42.46 -4.75 -94.57
C ILE ND 121 41.26 -4.71 -95.49
N GLY ND 122 41.02 -3.56 -96.10
CA GLY ND 122 39.86 -3.38 -96.94
C GLY ND 122 39.99 -4.03 -98.30
N ILE ND 123 39.23 -3.52 -99.27
CA ILE ND 123 39.18 -4.09 -100.60
C ILE ND 123 39.53 -2.97 -101.59
N TYR ND 124 40.31 -2.00 -101.13
CA TYR ND 124 40.57 -0.82 -101.92
C TYR ND 124 41.33 -1.14 -103.19
N GLY ND 125 41.15 -0.29 -104.19
CA GLY ND 125 42.14 -0.05 -105.21
C GLY ND 125 42.92 1.22 -104.90
N LEU ND 126 43.59 1.73 -105.92
CA LEU ND 126 44.29 3.00 -105.84
C LEU ND 126 44.83 3.32 -107.23
N ASP ND 127 45.42 4.50 -107.38
CA ASP ND 127 45.94 4.95 -108.65
C ASP ND 127 47.44 5.18 -108.57
N PHE ND 128 48.16 4.66 -109.56
CA PHE ND 128 49.57 4.96 -109.73
C PHE ND 128 49.71 6.25 -110.52
N TYR ND 129 50.76 7.00 -110.23
CA TYR ND 129 51.14 8.12 -111.09
C TYR ND 129 52.63 8.41 -110.87
N VAL ND 130 53.45 7.94 -111.79
CA VAL ND 130 54.90 8.07 -111.66
C VAL ND 130 55.39 9.13 -112.63
N VAL ND 131 56.47 9.81 -112.24
CA VAL ND 131 57.08 10.85 -113.05
C VAL ND 131 58.45 10.37 -113.53
N LEU ND 132 58.86 10.90 -114.67
CA LEU ND 132 60.13 10.54 -115.29
C LEU ND 132 61.12 11.68 -115.17
N GLY ND 133 62.36 11.40 -115.54
CA GLY ND 133 63.38 12.42 -115.50
C GLY ND 133 64.70 11.92 -116.04
N ARG ND 134 65.52 12.86 -116.42
CA ARG ND 134 66.93 12.67 -116.66
C ARG ND 134 67.72 13.24 -115.50
N PRO ND 135 68.97 12.81 -115.30
CA PRO ND 135 69.78 13.46 -114.26
C PRO ND 135 69.88 14.95 -114.51
N GLY ND 136 69.77 15.73 -113.45
CA GLY ND 136 69.81 17.17 -113.54
C GLY ND 136 68.50 17.87 -113.22
N PHE ND 137 67.38 17.15 -113.18
CA PHE ND 137 66.10 17.81 -112.95
C PHE ND 137 65.97 18.36 -111.54
N SER ND 138 66.83 17.94 -110.61
CA SER ND 138 66.77 18.46 -109.26
C SER ND 138 67.11 19.93 -109.16
N ILE ND 139 67.66 20.52 -110.23
CA ILE ND 139 67.97 21.94 -110.22
C ILE ND 139 66.74 22.76 -109.94
N ALA ND 140 65.60 22.37 -110.52
CA ALA ND 140 64.35 23.09 -110.33
C ALA ND 140 63.90 23.13 -108.87
N ASP ND 141 64.34 22.19 -108.05
CA ASP ND 141 63.95 22.15 -106.65
C ASP ND 141 65.11 22.21 -105.69
N LYS ND 142 66.31 22.52 -106.17
CA LYS ND 142 67.40 22.86 -105.27
C LYS ND 142 67.14 24.26 -104.70
N LYS ND 143 67.83 24.58 -103.61
CA LYS ND 143 67.64 25.86 -102.94
C LYS ND 143 68.43 26.98 -103.58
N ARG ND 144 69.71 26.75 -103.85
CA ARG ND 144 70.61 27.78 -104.35
C ARG ND 144 70.73 27.69 -105.87
N ARG ND 145 70.67 28.85 -106.53
CA ARG ND 145 70.85 28.94 -107.98
C ARG ND 145 69.87 28.03 -108.71
N THR ND 146 68.60 28.13 -108.30
CA THR ND 146 67.52 27.38 -108.91
C THR ND 146 67.31 27.87 -110.34
N GLY ND 147 66.59 27.09 -111.13
CA GLY ND 147 66.28 27.50 -112.48
C GLY ND 147 65.66 26.38 -113.28
N CYS ND 148 65.22 26.73 -114.48
CA CYS ND 148 64.61 25.79 -115.41
C CYS ND 148 65.66 24.82 -115.93
N ILE ND 149 65.23 23.90 -116.80
CA ILE ND 149 66.09 22.83 -117.28
C ILE ND 149 66.33 22.88 -118.78
N GLY ND 150 65.68 23.78 -119.50
CA GLY ND 150 65.91 23.84 -120.93
C GLY ND 150 64.85 23.07 -121.70
N ALA ND 151 64.52 23.59 -122.88
CA ALA ND 151 63.41 23.04 -123.66
C ALA ND 151 63.73 21.66 -124.18
N LYS ND 152 64.85 21.51 -124.88
CA LYS ND 152 65.16 20.22 -125.49
C LYS ND 152 65.56 19.17 -124.46
N HIS ND 153 65.89 19.57 -123.25
CA HIS ND 153 66.16 18.63 -122.18
C HIS ND 153 64.90 18.19 -121.46
N ARG ND 154 63.74 18.73 -121.84
CA ARG ND 154 62.48 18.37 -121.22
C ARG ND 154 62.08 16.95 -121.63
N ILE ND 155 60.91 16.52 -121.14
CA ILE ND 155 60.34 15.22 -121.49
C ILE ND 155 58.97 15.48 -122.08
N SER ND 156 58.75 14.96 -123.28
CA SER ND 156 57.44 15.05 -123.93
C SER ND 156 56.74 13.71 -123.84
N LYS ND 157 55.54 13.65 -124.42
CA LYS ND 157 54.84 12.37 -124.50
C LYS ND 157 55.66 11.36 -125.28
N GLU ND 158 56.09 11.75 -126.48
CA GLU ND 158 56.63 10.80 -127.44
C GLU ND 158 57.77 9.98 -126.85
N GLU ND 159 58.75 10.66 -126.25
CA GLU ND 159 59.83 9.93 -125.60
C GLU ND 159 59.31 9.07 -124.47
N ALA ND 160 58.23 9.49 -123.80
CA ALA ND 160 57.69 8.69 -122.72
C ALA ND 160 57.19 7.35 -123.23
N MET ND 161 56.34 7.34 -124.27
CA MET ND 161 55.88 6.06 -124.78
C MET ND 161 57.03 5.26 -125.39
N ARG ND 162 57.96 5.92 -126.09
CA ARG ND 162 59.07 5.18 -126.68
C ARG ND 162 59.86 4.46 -125.60
N TRP ND 163 60.26 5.17 -124.56
CA TRP ND 163 61.08 4.58 -123.50
C TRP ND 163 60.28 3.53 -122.73
N PHE ND 164 58.98 3.76 -122.54
CA PHE ND 164 58.11 2.75 -121.98
C PHE ND 164 58.19 1.46 -122.77
N GLN ND 165 58.16 1.56 -124.10
CA GLN ND 165 58.27 0.36 -124.93
C GLN ND 165 59.67 -0.21 -124.90
N GLN ND 166 60.70 0.63 -124.89
CA GLN ND 166 62.06 0.14 -124.99
C GLN ND 166 62.55 -0.48 -123.70
N LYS ND 167 61.88 -0.25 -122.58
CA LYS ND 167 62.25 -0.92 -121.34
C LYS ND 167 61.19 -1.90 -120.86
N TYR ND 168 59.91 -1.54 -120.91
CA TYR ND 168 58.84 -2.40 -120.46
C TYR ND 168 58.08 -3.10 -121.58
N ASP ND 169 58.58 -3.02 -122.82
CA ASP ND 169 58.05 -3.71 -124.00
C ASP ND 169 56.53 -3.86 -123.95
N GLY ND 170 55.85 -2.76 -123.61
CA GLY ND 170 54.44 -2.85 -123.29
C GLY ND 170 53.54 -2.76 -124.49
N ILE ND 171 52.31 -2.35 -124.23
CA ILE ND 171 51.28 -2.17 -125.26
C ILE ND 171 50.80 -0.74 -125.19
N ILE ND 172 50.76 -0.06 -126.33
CA ILE ND 172 50.34 1.33 -126.42
C ILE ND 172 49.36 1.48 -127.57
N LEU ND 173 48.50 2.49 -127.47
CA LEU ND 173 47.54 2.92 -128.48
C LEU ND 173 46.83 1.74 -129.15
N PRO ND 174 45.93 1.05 -128.45
CA PRO ND 174 45.05 0.11 -129.14
C PRO ND 174 44.19 0.84 -130.16
N GLY ND 175 43.87 0.15 -131.24
CA GLY ND 175 43.10 0.76 -132.30
C GLY ND 175 41.65 0.96 -131.93
N LYS ND 176 41.40 1.84 -130.96
CA LYS ND 176 40.05 2.14 -130.50
C LYS ND 176 39.68 3.59 -130.78
N ALA OD 1 33.95 87.26 -67.58
CA ALA OD 1 34.45 87.33 -68.95
C ALA OD 1 35.89 87.82 -68.98
N PRO OD 2 36.83 86.91 -68.76
CA PRO OD 2 38.25 87.30 -68.84
C PRO OD 2 38.63 87.71 -70.24
N SER OD 3 39.42 88.78 -70.35
CA SER OD 3 39.73 89.32 -71.67
C SER OD 3 40.88 88.56 -72.33
N ARG OD 4 42.09 88.70 -71.79
CA ARG OD 4 43.20 87.89 -72.27
C ARG OD 4 43.90 87.17 -71.13
N ASN OD 5 44.25 87.92 -70.08
CA ASN OD 5 45.16 87.44 -69.05
C ASN OD 5 44.99 88.30 -67.82
N GLY OD 6 44.80 87.65 -66.67
CA GLY OD 6 44.66 88.41 -65.44
C GLY OD 6 44.43 87.49 -64.27
N MET OD 7 44.10 88.11 -63.13
CA MET OD 7 43.78 87.39 -61.92
C MET OD 7 42.60 86.46 -62.13
N VAL OD 8 42.49 85.46 -61.25
CA VAL OD 8 41.21 84.84 -60.96
C VAL OD 8 40.67 85.57 -59.74
N LEU OD 9 40.01 86.69 -59.99
CA LEU OD 9 39.53 87.54 -58.92
C LEU OD 9 38.37 86.86 -58.20
N LYS OD 10 38.27 87.10 -56.90
CA LYS OD 10 37.17 86.60 -56.09
C LYS OD 10 36.65 87.73 -55.20
N PRO OD 11 35.97 88.71 -55.79
CA PRO OD 11 35.36 89.76 -54.97
C PRO OD 11 34.21 89.21 -54.16
N HIS OD 12 34.18 89.58 -52.88
CA HIS OD 12 33.07 89.21 -52.01
C HIS OD 12 32.09 90.37 -51.90
N PHE OD 13 31.29 90.55 -52.94
CA PHE OD 13 30.35 91.67 -53.04
C PHE OD 13 28.96 91.20 -53.43
N HIS OD 14 28.63 89.96 -53.07
CA HIS OD 14 27.35 89.38 -53.42
C HIS OD 14 26.34 89.44 -52.28
N LYS OD 15 26.67 90.12 -51.19
CA LYS OD 15 25.85 90.10 -49.99
C LYS OD 15 25.19 91.45 -49.70
N ASP OD 16 24.95 92.25 -50.74
CA ASP OD 16 24.33 93.57 -50.60
C ASP OD 16 25.08 94.41 -49.56
N TRP OD 17 26.37 94.53 -49.80
CA TRP OD 17 27.28 95.22 -48.89
C TRP OD 17 27.00 96.70 -48.77
N GLN OD 18 26.19 97.26 -49.68
CA GLN OD 18 25.97 98.71 -49.69
C GLN OD 18 25.43 99.19 -48.34
N ARG OD 19 24.40 98.54 -47.83
CA ARG OD 19 23.82 98.97 -46.56
C ARG OD 19 24.80 98.80 -45.42
N ARG OD 20 25.57 97.72 -45.43
CA ARG OD 20 26.58 97.47 -44.39
C ARG OD 20 27.91 98.10 -44.74
N VAL OD 21 27.91 99.42 -44.93
CA VAL OD 21 29.11 100.19 -45.22
C VAL OD 21 29.38 101.12 -44.06
N ALA OD 22 30.59 101.06 -43.51
CA ALA OD 22 30.99 101.89 -42.39
C ALA OD 22 32.07 102.87 -42.84
N THR OD 23 31.68 104.12 -43.01
CA THR OD 23 32.64 105.16 -43.35
C THR OD 23 33.37 105.63 -42.11
N TRP OD 24 34.26 106.60 -42.30
CA TRP OD 24 35.18 107.02 -41.25
C TRP OD 24 35.26 108.53 -41.13
N PHE OD 25 34.26 109.25 -41.62
CA PHE OD 25 34.36 110.70 -41.60
C PHE OD 25 34.30 111.28 -40.19
N ASN OD 26 33.93 110.49 -39.20
CA ASN OD 26 34.01 110.89 -37.81
C ASN OD 26 35.37 110.63 -37.20
N GLN OD 27 36.28 110.00 -37.94
CA GLN OD 27 37.55 109.60 -37.35
C GLN OD 27 38.35 110.75 -36.76
N PRO OD 28 38.53 111.88 -37.44
CA PRO OD 28 39.17 113.02 -36.74
C PRO OD 28 38.38 113.50 -35.54
N ALA OD 29 37.04 113.49 -35.63
CA ALA OD 29 36.22 113.85 -34.48
C ALA OD 29 36.38 112.84 -33.36
N ARG OD 30 36.44 111.55 -33.70
CA ARG OD 30 36.72 110.55 -32.69
C ARG OD 30 38.06 110.78 -32.04
N LYS OD 31 39.06 111.19 -32.83
CA LYS OD 31 40.38 111.44 -32.28
C LYS OD 31 40.37 112.63 -31.33
N ILE OD 32 39.71 113.72 -31.70
CA ILE OD 32 39.68 114.87 -30.80
C ILE OD 32 38.91 114.53 -29.53
N ARG OD 33 37.84 113.73 -29.64
CA ARG OD 33 37.12 113.29 -28.45
C ARG OD 33 38.02 112.45 -27.56
N ARG OD 34 38.80 111.55 -28.16
CA ARG OD 34 39.73 110.73 -27.38
C ARG OD 34 40.75 111.60 -26.68
N ARG OD 35 41.27 112.61 -27.36
CA ARG OD 35 42.24 113.51 -26.75
C ARG OD 35 41.62 114.24 -25.57
N LYS OD 36 40.40 114.73 -25.75
CA LYS OD 36 39.72 115.44 -24.66
C LYS OD 36 39.51 114.52 -23.47
N ALA OD 37 39.07 113.29 -23.72
CA ALA OD 37 38.88 112.34 -22.64
C ALA OD 37 40.19 112.04 -21.92
N ARG OD 38 41.27 111.89 -22.69
CA ARG OD 38 42.57 111.64 -22.09
C ARG OD 38 42.96 112.77 -21.17
N GLN OD 39 42.84 114.01 -21.64
CA GLN OD 39 43.20 115.15 -20.81
C GLN OD 39 42.31 115.24 -19.58
N ALA OD 40 41.02 114.97 -19.75
CA ALA OD 40 40.09 115.05 -18.62
C ALA OD 40 40.44 114.03 -17.54
N LYS OD 41 40.65 112.78 -17.92
CA LYS OD 41 41.01 111.78 -16.93
C LYS OD 41 42.36 112.11 -16.29
N ALA OD 42 43.33 112.55 -17.10
CA ALA OD 42 44.65 112.87 -16.56
C ALA OD 42 44.56 113.97 -15.51
N ARG OD 43 43.83 115.04 -15.80
CA ARG OD 43 43.67 116.10 -14.81
C ARG OD 43 42.76 115.68 -13.66
N ARG OD 44 41.92 114.67 -13.87
CA ARG OD 44 41.08 114.18 -12.79
C ARG OD 44 41.91 113.52 -11.70
N ILE OD 45 42.87 112.68 -12.09
CA ILE OD 45 43.80 112.07 -11.15
C ILE OD 45 45.05 112.94 -11.16
N ALA OD 46 45.05 113.95 -10.27
CA ALA OD 46 46.05 115.00 -10.35
C ALA OD 46 47.49 114.50 -10.20
N PRO OD 47 47.84 113.69 -9.19
CA PRO OD 47 49.25 113.28 -9.07
C PRO OD 47 49.52 111.95 -9.74
N ARG OD 48 48.47 111.23 -10.11
CA ARG OD 48 48.64 109.89 -10.66
C ARG OD 48 49.24 109.95 -12.06
N PRO OD 49 49.88 108.87 -12.52
CA PRO OD 49 50.69 108.95 -13.74
C PRO OD 49 49.92 108.97 -15.04
N ALA OD 50 48.60 109.17 -15.04
CA ALA OD 50 47.84 109.46 -16.25
C ALA OD 50 47.96 108.38 -17.32
N SER OD 51 48.57 107.25 -16.99
CA SER OD 51 48.67 106.12 -17.91
C SER OD 51 48.29 104.84 -17.21
N GLY OD 52 47.35 104.93 -16.28
CA GLY OD 52 46.94 103.79 -15.50
C GLY OD 52 48.05 103.34 -14.57
N PRO OD 53 47.96 102.10 -14.12
CA PRO OD 53 48.98 101.59 -13.20
C PRO OD 53 50.18 101.02 -13.94
N ILE OD 54 51.16 100.55 -13.19
CA ILE OD 54 52.29 99.84 -13.80
C ILE OD 54 51.80 98.52 -14.37
N ARG OD 55 52.59 97.97 -15.28
CA ARG OD 55 52.31 96.68 -15.90
C ARG OD 55 53.56 95.81 -15.82
N PRO OD 56 53.41 94.50 -15.82
CA PRO OD 56 54.56 93.61 -15.61
C PRO OD 56 55.27 93.28 -16.91
N ILE OD 57 56.50 92.78 -16.75
CA ILE OD 57 57.30 92.34 -17.88
C ILE OD 57 56.81 90.97 -18.31
N VAL OD 58 56.54 90.80 -19.61
CA VAL OD 58 56.02 89.55 -20.12
C VAL OD 58 56.70 89.21 -21.44
N ARG OD 59 56.95 87.93 -21.65
CA ARG OD 59 57.54 87.44 -22.89
C ARG OD 59 56.44 86.98 -23.84
N CYS OD 60 56.56 87.39 -25.10
CA CYS OD 60 55.53 87.07 -26.08
C CYS OD 60 55.46 85.56 -26.29
N PRO OD 61 54.25 84.99 -26.35
CA PRO OD 61 54.07 83.54 -26.29
C PRO OD 61 54.05 82.86 -27.67
N THR OD 62 55.08 83.07 -28.47
CA THR OD 62 55.09 82.46 -29.79
C THR OD 62 56.49 82.52 -30.37
N VAL OD 63 56.84 81.49 -31.14
CA VAL OD 63 58.16 81.44 -31.77
C VAL OD 63 58.43 82.70 -32.57
N ARG OD 64 57.41 83.21 -33.25
CA ARG OD 64 57.57 84.41 -34.05
C ARG OD 64 57.95 85.61 -33.19
N TYR OD 65 57.54 85.62 -31.93
CA TYR OD 65 57.71 86.79 -31.08
C TYR OD 65 58.38 86.51 -29.74
N HIS OD 66 58.64 85.24 -29.40
CA HIS OD 66 59.19 84.99 -28.06
C HIS OD 66 60.59 85.44 -27.90
N THR OD 67 61.16 86.11 -28.89
CA THR OD 67 62.41 86.82 -28.69
C THR OD 67 62.18 88.26 -28.25
N LYS OD 68 60.97 88.78 -28.38
CA LYS OD 68 60.64 90.14 -28.01
C LYS OD 68 59.82 90.14 -26.73
N VAL OD 69 59.87 91.28 -26.03
CA VAL OD 69 59.24 91.43 -24.73
C VAL OD 69 58.30 92.63 -24.77
N ARG OD 70 57.15 92.49 -24.10
CA ARG OD 70 56.15 93.55 -24.07
C ARG OD 70 55.64 93.70 -22.64
N ALA OD 71 54.56 94.48 -22.49
CA ALA OD 71 53.98 94.76 -21.19
C ALA OD 71 52.73 93.90 -20.99
N GLY OD 72 52.61 93.32 -19.80
CA GLY OD 72 51.52 92.40 -19.51
C GLY OD 72 50.29 93.08 -18.97
N ARG OD 73 49.23 92.28 -18.83
CA ARG OD 73 47.99 92.80 -18.25
C ARG OD 73 48.20 93.20 -16.80
N GLY OD 74 48.80 92.32 -16.00
CA GLY OD 74 48.96 92.64 -14.59
C GLY OD 74 49.94 91.69 -13.93
N PHE OD 75 50.39 92.12 -12.75
CA PHE OD 75 51.39 91.35 -12.02
C PHE OD 75 50.79 90.10 -11.41
N SER OD 76 51.57 89.03 -11.40
CA SER OD 76 51.10 87.78 -10.83
C SER OD 76 51.21 87.82 -9.30
N LEU OD 77 50.61 86.82 -8.67
CA LEU OD 77 50.54 86.81 -7.21
C LEU OD 77 51.88 86.49 -6.58
N GLU OD 78 52.64 85.56 -7.17
CA GLU OD 78 53.88 85.13 -6.53
C GLU OD 78 54.93 86.24 -6.52
N GLU OD 79 55.06 86.99 -7.61
CA GLU OD 79 55.99 88.11 -7.61
C GLU OD 79 55.57 89.16 -6.57
N LEU OD 80 54.26 89.34 -6.39
CA LEU OD 80 53.80 90.25 -5.37
C LEU OD 80 54.12 89.74 -3.97
N ARG OD 81 53.91 88.45 -3.72
CA ARG OD 81 54.16 87.89 -2.40
C ARG OD 81 55.64 87.93 -2.06
N VAL OD 82 56.51 87.70 -3.04
CA VAL OD 82 57.93 87.88 -2.78
C VAL OD 82 58.29 89.35 -2.65
N ALA OD 83 57.52 90.23 -3.29
CA ALA OD 83 57.68 91.66 -3.09
C ALA OD 83 57.17 92.12 -1.73
N GLY OD 84 56.47 91.26 -1.01
CA GLY OD 84 55.96 91.61 0.31
C GLY OD 84 54.92 92.71 0.31
N ILE OD 85 53.98 92.68 -0.63
CA ILE OD 85 52.92 93.67 -0.71
C ILE OD 85 51.59 92.93 -0.80
N HIS OD 86 50.61 93.38 0.00
CA HIS OD 86 49.30 92.74 0.00
C HIS OD 86 48.64 92.85 -1.37
N LYS OD 87 47.95 91.78 -1.76
CA LYS OD 87 47.35 91.70 -3.08
C LYS OD 87 46.14 92.60 -3.23
N LYS OD 88 45.64 93.19 -2.14
CA LYS OD 88 44.56 94.16 -2.22
C LYS OD 88 45.06 95.59 -2.15
N VAL OD 89 45.96 95.88 -1.21
CA VAL OD 89 46.57 97.21 -1.16
C VAL OD 89 47.44 97.48 -2.36
N ALA OD 90 47.89 96.44 -3.05
CA ALA OD 90 48.70 96.64 -4.24
C ALA OD 90 47.90 97.34 -5.33
N ARG OD 91 46.60 97.05 -5.43
CA ARG OD 91 45.78 97.75 -6.41
C ARG OD 91 45.60 99.21 -6.02
N THR OD 92 45.26 99.48 -4.75
CA THR OD 92 45.06 100.87 -4.37
C THR OD 92 46.36 101.67 -4.40
N ILE OD 93 47.51 101.00 -4.45
CA ILE OD 93 48.73 101.75 -4.74
C ILE OD 93 49.00 101.77 -6.25
N GLY OD 94 48.33 100.90 -7.02
CA GLY OD 94 48.44 100.99 -8.47
C GLY OD 94 49.35 99.98 -9.11
N ILE OD 95 49.22 98.70 -8.73
CA ILE OD 95 50.12 97.66 -9.24
C ILE OD 95 49.59 96.97 -10.48
N SER OD 96 48.27 96.93 -10.68
CA SER OD 96 47.65 96.05 -11.66
C SER OD 96 47.96 94.58 -11.36
N VAL OD 97 47.38 94.10 -10.26
CA VAL OD 97 47.46 92.67 -9.93
C VAL OD 97 46.77 91.86 -11.02
N ASP OD 98 47.40 90.77 -11.43
CA ASP OD 98 46.75 89.75 -12.25
C ASP OD 98 46.74 88.43 -11.49
N PRO OD 99 45.62 88.01 -10.89
CA PRO OD 99 45.63 86.78 -10.11
C PRO OD 99 45.68 85.51 -10.96
N ARG OD 100 45.34 85.60 -12.24
CA ARG OD 100 45.20 84.41 -13.07
C ARG OD 100 46.52 83.93 -13.66
N ARG OD 101 47.47 84.82 -13.89
CA ARG OD 101 48.73 84.43 -14.51
C ARG OD 101 49.63 83.73 -13.50
N ARG OD 102 50.16 82.58 -13.89
CA ARG OD 102 51.17 81.88 -13.12
C ARG OD 102 52.55 82.20 -13.69
N ASN OD 103 53.57 81.52 -13.17
CA ASN OD 103 54.90 81.65 -13.74
C ASN OD 103 55.63 80.33 -13.59
N LYS OD 104 56.31 79.94 -14.66
CA LYS OD 104 57.22 78.80 -14.65
C LYS OD 104 58.61 79.19 -15.14
N SER OD 105 58.94 80.48 -15.14
CA SER OD 105 60.25 80.98 -15.52
C SER OD 105 60.84 81.77 -14.36
N THR OD 106 61.92 81.25 -13.78
CA THR OD 106 62.48 81.84 -12.58
C THR OD 106 62.98 83.25 -12.81
N GLU OD 107 63.83 83.43 -13.83
CA GLU OD 107 64.43 84.73 -14.08
C GLU OD 107 63.40 85.76 -14.48
N SER OD 108 62.31 85.34 -15.14
CA SER OD 108 61.21 86.25 -15.38
C SER OD 108 60.63 86.75 -14.06
N LEU OD 109 60.46 85.83 -13.10
CA LEU OD 109 60.01 86.23 -11.78
C LEU OD 109 60.98 87.21 -11.14
N GLN OD 110 62.28 86.95 -11.28
CA GLN OD 110 63.28 87.84 -10.69
C GLN OD 110 63.22 89.22 -11.31
N ALA OD 111 63.11 89.29 -12.64
CA ALA OD 111 63.02 90.58 -13.30
C ALA OD 111 61.78 91.34 -12.83
N ASN OD 112 60.66 90.65 -12.72
CA ASN OD 112 59.43 91.32 -12.29
C ASN OD 112 59.53 91.80 -10.85
N VAL OD 113 60.13 91.00 -9.96
CA VAL OD 113 60.20 91.43 -8.57
C VAL OD 113 61.17 92.60 -8.43
N GLN OD 114 62.27 92.60 -9.18
CA GLN OD 114 63.15 93.76 -9.17
C GLN OD 114 62.42 94.98 -9.70
N ARG OD 115 61.59 94.81 -10.73
CA ARG OD 115 60.77 95.90 -11.22
C ARG OD 115 59.86 96.43 -10.12
N LEU OD 116 59.21 95.53 -9.38
CA LEU OD 116 58.36 95.94 -8.29
C LEU OD 116 59.13 96.72 -7.23
N LYS OD 117 60.33 96.25 -6.90
CA LYS OD 117 61.12 96.91 -5.87
C LYS OD 117 61.52 98.31 -6.32
N GLU OD 118 61.95 98.44 -7.57
CA GLU OD 118 62.30 99.77 -8.07
C GLU OD 118 61.09 100.69 -8.07
N TYR OD 119 59.93 100.18 -8.49
CA TYR OD 119 58.74 101.01 -8.49
C TYR OD 119 58.38 101.46 -7.07
N ARG OD 120 58.48 100.54 -6.10
CA ARG OD 120 58.19 100.90 -4.72
C ARG OD 120 59.16 101.96 -4.23
N SER OD 121 60.42 101.86 -4.65
CA SER OD 121 61.38 102.90 -4.31
C SER OD 121 60.99 104.24 -4.93
N LYS OD 122 60.50 104.22 -6.16
CA LYS OD 122 60.31 105.45 -6.93
C LYS OD 122 58.95 106.09 -6.76
N LEU OD 123 58.04 105.50 -5.98
CA LEU OD 123 56.74 106.11 -5.78
C LEU OD 123 56.81 107.12 -4.64
N ILE OD 124 55.89 108.08 -4.68
CA ILE OD 124 55.67 109.01 -3.58
C ILE OD 124 54.21 108.95 -3.20
N LEU OD 125 53.93 108.59 -1.96
CA LEU OD 125 52.56 108.27 -1.52
C LEU OD 125 52.05 109.39 -0.64
N PHE OD 126 51.03 110.08 -1.12
CA PHE OD 126 50.41 111.14 -0.33
C PHE OD 126 49.75 110.54 0.91
N PRO OD 127 49.97 111.10 2.09
CA PRO OD 127 49.17 110.70 3.25
C PRO OD 127 47.72 111.02 2.98
N ARG OD 128 46.84 110.07 3.33
CA ARG OD 128 45.42 110.26 3.03
C ARG OD 128 44.88 111.48 3.74
N LYS OD 129 45.27 111.68 5.00
CA LYS OD 129 45.04 112.96 5.66
C LYS OD 129 46.32 113.79 5.52
N PRO OD 130 46.30 114.88 4.77
CA PRO OD 130 47.53 115.69 4.63
C PRO OD 130 48.03 116.23 5.95
N SER OD 131 47.13 116.51 6.89
CA SER OD 131 47.55 117.04 8.18
C SER OD 131 48.40 116.03 8.94
N ALA OD 132 48.02 114.76 8.92
CA ALA OD 132 48.69 113.74 9.70
C ALA OD 132 49.48 112.80 8.79
N PRO OD 133 50.79 112.98 8.65
CA PRO OD 133 51.60 112.03 7.87
C PRO OD 133 51.92 110.81 8.72
N LYS OD 134 51.30 109.68 8.39
CA LYS OD 134 51.42 108.50 9.23
C LYS OD 134 52.51 107.56 8.72
N LYS OD 135 52.37 107.06 7.48
CA LYS OD 135 53.35 106.15 6.93
C LYS OD 135 53.66 106.43 5.47
N GLY OD 136 53.12 107.49 4.89
CA GLY OD 136 53.30 107.72 3.46
C GLY OD 136 54.71 108.13 3.09
N ASP OD 137 55.11 109.35 3.47
CA ASP OD 137 56.41 109.90 3.13
C ASP OD 137 56.49 111.29 3.76
N SER OD 138 57.70 111.84 3.79
CA SER OD 138 57.90 113.19 4.28
C SER OD 138 57.41 114.21 3.26
N SER OD 139 57.10 115.41 3.75
CA SER OD 139 56.55 116.44 2.88
C SER OD 139 57.60 117.13 2.03
N ALA OD 140 58.88 116.99 2.39
CA ALA OD 140 59.93 117.71 1.67
C ALA OD 140 59.97 117.30 0.20
N GLU OD 141 60.07 116.00 -0.07
CA GLU OD 141 59.98 115.53 -1.44
C GLU OD 141 58.55 115.56 -1.95
N GLU OD 142 57.58 115.54 -1.06
CA GLU OD 142 56.18 115.53 -1.47
C GLU OD 142 55.81 116.82 -2.20
N LEU OD 143 56.28 117.96 -1.69
CA LEU OD 143 55.85 119.24 -2.23
C LEU OD 143 56.38 119.44 -3.65
N LYS OD 144 57.60 118.98 -3.91
CA LYS OD 144 58.25 119.35 -5.17
C LYS OD 144 58.12 118.25 -6.23
N LEU OD 145 58.62 117.05 -5.93
CA LEU OD 145 58.59 116.01 -6.95
C LEU OD 145 57.20 115.43 -7.19
N ALA OD 146 56.16 116.02 -6.62
CA ALA OD 146 54.80 115.68 -7.04
C ALA OD 146 54.63 116.14 -8.48
N THR OD 147 54.66 115.18 -9.42
CA THR OD 147 54.71 115.54 -10.82
C THR OD 147 54.07 114.42 -11.63
N GLN OD 148 53.14 114.78 -12.50
CA GLN OD 148 52.51 113.82 -13.39
C GLN OD 148 53.55 113.14 -14.27
N LEU OD 149 53.40 111.83 -14.45
CA LEU OD 149 54.26 111.07 -15.35
C LEU OD 149 53.58 110.95 -16.71
N THR OD 150 54.07 111.70 -17.68
CA THR OD 150 53.53 111.63 -19.03
C THR OD 150 53.92 110.29 -19.66
N GLY OD 151 53.11 109.84 -20.60
CA GLY OD 151 53.36 108.59 -21.28
C GLY OD 151 53.17 107.40 -20.36
N PRO OD 152 53.54 106.22 -20.83
CA PRO OD 152 53.37 105.02 -20.01
C PRO OD 152 54.30 105.02 -18.82
N VAL OD 153 53.98 104.16 -17.86
CA VAL OD 153 54.81 103.88 -16.71
C VAL OD 153 56.10 103.27 -17.25
N MET OD 154 57.16 103.16 -16.41
CA MET OD 154 58.50 102.85 -16.90
C MET OD 154 58.48 101.81 -18.01
N PRO OD 155 58.87 102.19 -19.22
CA PRO OD 155 58.53 101.39 -20.39
C PRO OD 155 59.24 100.05 -20.42
N VAL OD 156 58.52 99.05 -20.91
CA VAL OD 156 59.14 97.76 -21.18
C VAL OD 156 60.21 97.96 -22.24
N ARG OD 157 61.39 97.42 -22.00
CA ARG OD 157 62.49 97.57 -22.93
C ARG OD 157 63.08 96.20 -23.26
N ASN OD 158 63.24 95.94 -24.55
CA ASN OD 158 63.87 94.71 -25.01
C ASN OD 158 65.38 94.92 -24.91
N VAL OD 159 65.96 94.46 -23.81
CA VAL OD 159 67.38 94.71 -23.56
C VAL OD 159 68.21 93.68 -24.32
N TYR OD 160 69.34 94.13 -24.85
CA TYR OD 160 70.24 93.28 -25.62
C TYR OD 160 71.60 93.28 -24.95
N LYS OD 161 72.06 92.12 -24.53
CA LYS OD 161 73.45 92.01 -24.08
C LYS OD 161 74.36 92.00 -25.30
N LYS OD 162 75.41 92.81 -25.27
CA LYS OD 162 76.34 92.94 -26.38
C LYS OD 162 77.62 92.21 -26.03
N GLU OD 163 78.08 91.37 -26.95
CA GLU OD 163 79.20 90.47 -26.71
C GLU OD 163 80.47 91.04 -27.35
N LYS OD 164 81.57 90.98 -26.61
CA LYS OD 164 82.83 91.46 -27.14
C LYS OD 164 83.44 90.44 -28.09
N ALA OD 165 84.26 90.95 -29.01
CA ALA OD 165 84.94 90.06 -29.95
C ALA OD 165 85.92 89.16 -29.20
N ARG OD 166 85.87 87.87 -29.54
CA ARG OD 166 86.68 86.88 -28.84
C ARG OD 166 87.33 85.95 -29.86
N VAL OD 167 88.54 85.49 -29.54
CA VAL OD 167 89.26 84.61 -30.44
C VAL OD 167 88.53 83.27 -30.54
N ILE OD 168 88.40 82.76 -31.76
CA ILE OD 168 87.71 81.51 -32.01
C ILE OD 168 88.49 80.37 -31.37
N THR OD 169 87.86 79.64 -30.47
CA THR OD 169 88.48 78.43 -29.96
C THR OD 169 88.41 77.34 -31.02
N GLU OD 170 89.36 76.40 -30.94
CA GLU OD 170 89.44 75.38 -31.97
C GLU OD 170 88.21 74.50 -32.01
N GLU OD 171 87.75 74.02 -30.85
CA GLU OD 171 86.65 73.06 -30.81
C GLU OD 171 85.38 73.64 -31.41
N GLU OD 172 85.20 74.96 -31.36
CA GLU OD 172 84.08 75.58 -32.05
C GLU OD 172 84.17 75.34 -33.55
N LYS OD 173 85.36 75.44 -34.13
CA LYS OD 173 85.49 75.35 -35.58
C LYS OD 173 85.05 73.99 -36.10
N ASN OD 174 85.50 72.90 -35.47
CA ASN OD 174 85.21 71.56 -35.95
C ASN OD 174 83.98 71.02 -35.25
N PHE OD 175 82.88 71.76 -35.40
CA PHE OD 175 81.58 71.32 -34.88
C PHE OD 175 80.59 71.38 -36.05
N LYS OD 176 79.92 70.27 -36.31
CA LYS OD 176 79.03 70.17 -37.46
C LYS OD 176 77.61 70.56 -37.10
N ALA OD 177 77.29 71.85 -37.24
CA ALA OD 177 75.97 72.35 -36.83
C ALA OD 177 74.86 71.75 -37.68
N PHE OD 178 74.99 71.85 -39.01
CA PHE OD 178 73.95 71.32 -39.88
C PHE OD 178 73.78 69.83 -39.65
N ALA OD 179 74.88 69.09 -39.67
CA ALA OD 179 74.78 67.70 -39.28
C ALA OD 179 74.07 67.59 -37.94
N SER OD 180 74.42 68.47 -36.99
CA SER OD 180 73.96 68.31 -35.63
C SER OD 180 72.43 68.40 -35.56
N LEU OD 181 71.84 69.36 -36.26
CA LEU OD 181 70.39 69.46 -36.22
C LEU OD 181 69.74 68.36 -37.05
N ARG OD 182 70.43 67.87 -38.08
CA ARG OD 182 69.92 66.67 -38.74
C ARG OD 182 69.83 65.52 -37.76
N MET OD 183 70.86 65.34 -36.93
CA MET OD 183 70.80 64.28 -35.93
C MET OD 183 69.69 64.52 -34.93
N ALA OD 184 69.53 65.77 -34.48
CA ALA OD 184 68.50 66.05 -33.49
C ALA OD 184 67.12 65.75 -34.04
N ARG OD 185 66.84 66.18 -35.28
CA ARG OD 185 65.55 65.91 -35.88
C ARG OD 185 65.33 64.42 -36.06
N ALA OD 186 66.33 63.71 -36.57
CA ALA OD 186 66.18 62.28 -36.78
C ALA OD 186 65.91 61.55 -35.48
N ASN OD 187 66.64 61.89 -34.42
CA ASN OD 187 66.41 61.24 -33.14
C ASN OD 187 65.03 61.59 -32.60
N ALA OD 188 64.62 62.85 -32.71
CA ALA OD 188 63.32 63.25 -32.18
C ALA OD 188 62.19 62.52 -32.88
N ARG OD 189 62.28 62.37 -34.20
CA ARG OD 189 61.20 61.70 -34.92
C ARG OD 189 61.23 60.18 -34.73
N LEU OD 190 62.41 59.61 -34.47
CA LEU OD 190 62.53 58.17 -34.29
C LEU OD 190 62.74 57.76 -32.85
N PHE OD 191 62.41 58.62 -31.89
CA PHE OD 191 62.72 58.32 -30.50
C PHE OD 191 61.82 57.23 -29.95
N GLY OD 192 60.51 57.48 -29.91
CA GLY OD 192 59.60 56.53 -29.29
C GLY OD 192 59.59 55.19 -29.99
N ILE OD 193 59.66 55.20 -31.31
CA ILE OD 193 59.70 53.94 -32.05
C ILE OD 193 60.99 53.19 -31.73
N ARG OD 194 62.10 53.92 -31.52
CA ARG OD 194 63.34 53.27 -31.12
C ARG OD 194 63.19 52.64 -29.73
N ALA OD 195 62.51 53.34 -28.82
CA ALA OD 195 62.21 52.72 -27.53
C ALA OD 195 61.38 51.47 -27.72
N LYS OD 196 60.48 51.47 -28.71
CA LYS OD 196 59.66 50.30 -28.96
C LYS OD 196 60.48 49.11 -29.43
N ARG OD 197 61.40 49.34 -30.37
CA ARG OD 197 62.26 48.24 -30.80
C ARG OD 197 63.14 47.77 -29.65
N ALA OD 198 63.58 48.70 -28.80
CA ALA OD 198 64.33 48.30 -27.62
C ALA OD 198 63.49 47.41 -26.72
N LYS OD 199 62.21 47.74 -26.54
CA LYS OD 199 61.32 46.94 -25.71
C LYS OD 199 61.14 45.55 -26.28
N GLU OD 200 60.95 45.43 -27.59
CA GLU OD 200 60.80 44.10 -28.17
C GLU OD 200 62.10 43.32 -28.12
N ALA OD 201 63.24 43.99 -28.23
CA ALA OD 201 64.53 43.32 -28.08
C ALA OD 201 64.69 42.78 -26.67
N ALA OD 202 64.30 43.56 -25.66
CA ALA OD 202 64.32 43.07 -24.29
C ALA OD 202 63.34 41.92 -24.10
N GLU OD 203 62.21 41.96 -24.81
CA GLU OD 203 61.29 40.83 -24.78
C GLU OD 203 61.96 39.58 -25.32
N GLN OD 204 62.73 39.70 -26.41
CA GLN OD 204 63.43 38.56 -26.96
C GLN OD 204 64.44 37.98 -25.98
N ASP OD 205 65.08 38.85 -25.18
CA ASP OD 205 66.13 38.41 -24.28
C ASP OD 205 65.61 37.46 -23.21
N VAL OD 206 64.43 37.75 -22.64
CA VAL OD 206 63.92 36.95 -21.53
C VAL OD 206 63.62 35.52 -21.94
N GLU OD 207 63.49 35.25 -23.23
CA GLU OD 207 63.28 33.91 -23.76
C GLU OD 207 64.39 33.53 -24.73
N LYS OD 208 65.64 33.87 -24.38
CA LYS OD 208 66.76 33.67 -25.30
C LYS OD 208 66.98 32.20 -25.60
N LYS OD 209 66.91 31.34 -24.58
CA LYS OD 209 67.16 29.91 -24.73
C LYS OD 209 65.94 29.13 -24.29
N LYS OD 210 65.50 28.21 -25.14
CA LYS OD 210 64.32 27.40 -24.84
C LYS OD 210 64.46 26.00 -25.42
N VAL PD 1 19.69 115.26 -170.48
CA VAL PD 1 20.03 114.48 -169.30
C VAL PD 1 21.33 113.72 -169.54
N PHE PD 2 22.21 113.75 -168.53
CA PHE PD 2 23.52 113.09 -168.61
C PHE PD 2 24.29 113.57 -169.84
N ARG PD 3 24.58 114.88 -169.83
CA ARG PD 3 25.32 115.46 -170.94
C ARG PD 3 26.80 115.12 -170.87
N ARG PD 4 27.35 115.04 -169.68
CA ARG PD 4 28.78 114.79 -169.48
C ARG PD 4 28.96 113.52 -168.65
N PHE PD 5 29.88 112.68 -169.09
CA PHE PD 5 30.18 111.41 -168.43
C PHE PD 5 31.63 111.39 -168.00
N VAL PD 6 31.99 110.39 -167.22
CA VAL PD 6 33.39 110.14 -166.89
C VAL PD 6 33.91 109.05 -167.82
N GLU PD 7 34.90 109.40 -168.63
CA GLU PD 7 35.50 108.48 -169.59
C GLU PD 7 37.01 108.67 -169.52
N VAL PD 8 37.71 108.10 -170.51
CA VAL PD 8 39.15 108.28 -170.60
C VAL PD 8 39.42 109.64 -171.23
N GLY PD 9 40.21 110.47 -170.54
CA GLY PD 9 40.56 111.78 -171.06
C GLY PD 9 39.60 112.89 -170.71
N ARG PD 10 38.60 112.65 -169.88
CA ARG PD 10 37.67 113.70 -169.49
C ARG PD 10 38.35 114.66 -168.53
N VAL PD 11 38.26 115.95 -168.83
CA VAL PD 11 38.79 116.95 -167.90
C VAL PD 11 37.82 117.10 -166.75
N ALA PD 12 38.33 117.01 -165.53
CA ALA PD 12 37.53 117.16 -164.33
C ALA PD 12 38.16 118.23 -163.43
N TYR PD 13 37.35 118.76 -162.53
CA TYR PD 13 37.79 119.80 -161.61
C TYR PD 13 37.70 119.32 -160.18
N VAL PD 14 38.76 119.53 -159.41
CA VAL PD 14 38.77 119.13 -158.01
C VAL PD 14 37.98 120.13 -157.19
N SER PD 15 36.85 119.69 -156.65
CA SER PD 15 36.07 120.55 -155.77
C SER PD 15 36.74 120.69 -154.40
N PHE PD 16 37.19 119.59 -153.83
CA PHE PD 16 37.85 119.62 -152.52
C PHE PD 16 38.87 118.49 -152.45
N GLY PD 17 39.79 118.62 -151.50
CA GLY PD 17 40.88 117.69 -151.34
C GLY PD 17 42.21 118.41 -151.25
N PRO PD 18 43.31 117.64 -151.16
CA PRO PD 18 44.63 118.28 -151.09
C PRO PD 18 44.97 119.08 -152.33
N HIS PD 19 44.28 118.87 -153.43
CA HIS PD 19 44.47 119.60 -154.67
C HIS PD 19 43.23 120.42 -155.01
N ALA PD 20 42.67 121.09 -154.00
CA ALA PD 20 41.45 121.85 -154.20
C ALA PD 20 41.64 122.91 -155.28
N GLY PD 21 40.67 123.01 -156.18
CA GLY PD 21 40.70 124.00 -157.24
C GLY PD 21 41.58 123.65 -158.42
N LYS PD 22 42.13 122.44 -158.46
CA LYS PD 22 43.03 122.04 -159.53
C LYS PD 22 42.27 121.43 -160.70
N LEU PD 23 42.98 121.28 -161.80
CA LEU PD 23 42.48 120.60 -162.98
C LEU PD 23 42.85 119.12 -162.92
N VAL PD 24 42.12 118.34 -163.69
CA VAL PD 24 42.11 116.88 -163.60
C VAL PD 24 41.92 116.26 -164.98
N ALA PD 25 42.81 115.36 -165.35
CA ALA PD 25 42.61 114.49 -166.50
C ALA PD 25 42.51 113.05 -166.02
N ILE PD 26 41.44 112.36 -166.42
CA ILE PD 26 41.19 111.00 -165.98
C ILE PD 26 41.55 110.06 -167.12
N VAL PD 27 42.26 108.99 -166.79
CA VAL PD 27 42.71 108.05 -167.80
C VAL PD 27 42.26 106.62 -167.50
N ASP PD 28 41.86 106.30 -166.27
CA ASP PD 28 41.29 105.00 -165.98
C ASP PD 28 40.56 105.06 -164.63
N VAL PD 29 39.47 104.30 -164.53
CA VAL PD 29 38.63 104.29 -163.35
C VAL PD 29 38.94 103.05 -162.50
N ILE PD 30 38.58 103.13 -161.23
CA ILE PD 30 38.81 102.05 -160.28
C ILE PD 30 37.56 101.83 -159.44
N ASP PD 31 37.05 100.59 -159.45
CA ASP PD 31 36.06 100.08 -158.49
C ASP PD 31 34.94 101.05 -158.13
N GLN PD 32 34.53 101.90 -159.08
CA GLN PD 32 33.32 102.70 -158.95
C GLN PD 32 33.46 103.76 -157.86
N ASN PD 33 34.58 103.74 -157.12
CA ASN PD 33 34.80 104.68 -156.04
C ASN PD 33 35.96 105.63 -156.32
N ARG PD 34 37.06 105.13 -156.84
CA ARG PD 34 38.21 105.95 -157.18
C ARG PD 34 38.48 105.86 -158.67
N ALA PD 35 39.55 106.52 -159.11
CA ALA PD 35 39.90 106.53 -160.52
C ALA PD 35 41.33 107.04 -160.67
N LEU PD 36 42.01 106.54 -161.69
CA LEU PD 36 43.41 106.87 -161.89
C LEU PD 36 43.48 108.19 -162.63
N VAL PD 37 43.93 109.21 -161.93
CA VAL PD 37 43.86 110.58 -162.37
C VAL PD 37 45.25 111.17 -162.52
N ASP PD 38 45.46 111.95 -163.58
CA ASP PD 38 46.75 112.61 -163.76
C ASP PD 38 46.58 113.87 -164.59
N GLY PD 39 46.94 115.02 -164.03
CA GLY PD 39 47.03 116.23 -164.81
C GLY PD 39 48.42 116.84 -164.76
N PRO PD 40 49.16 116.72 -165.85
CA PRO PD 40 50.57 117.12 -165.85
C PRO PD 40 50.78 118.62 -165.94
N CYS PD 41 50.05 119.26 -166.86
CA CYS PD 41 50.19 120.69 -167.05
C CYS PD 41 49.47 121.49 -165.99
N THR PD 42 48.69 120.84 -165.15
CA THR PD 42 48.05 121.48 -163.99
C THR PD 42 48.79 121.17 -162.70
N GLN PD 43 50.07 120.77 -162.80
CA GLN PD 43 50.99 120.67 -161.67
C GLN PD 43 50.47 119.71 -160.61
N VAL PD 44 49.98 118.56 -161.06
CA VAL PD 44 49.62 117.47 -160.15
C VAL PD 44 50.18 116.18 -160.74
N ARG PD 45 50.73 115.33 -159.87
CA ARG PD 45 51.25 114.06 -160.35
C ARG PD 45 50.16 113.01 -160.39
N ARG PD 46 50.42 111.96 -161.16
CA ARG PD 46 49.42 110.91 -161.37
C ARG PD 46 49.09 110.21 -160.05
N GLN PD 47 47.81 110.04 -159.78
CA GLN PD 47 47.34 109.45 -158.53
C GLN PD 47 45.86 109.13 -158.67
N ALA PD 48 45.21 108.77 -157.55
CA ALA PD 48 43.82 108.35 -157.56
C ALA PD 48 43.06 108.97 -156.39
N MET PD 49 41.92 109.58 -156.69
CA MET PD 49 41.03 110.16 -155.69
C MET PD 49 39.59 109.89 -156.10
N PRO PD 50 38.65 109.89 -155.15
CA PRO PD 50 37.30 109.41 -155.44
C PRO PD 50 36.49 110.40 -156.28
N PHE PD 51 35.51 109.86 -156.99
CA PHE PD 51 34.64 110.69 -157.83
C PHE PD 51 33.95 111.77 -157.03
N LYS PD 52 33.74 111.56 -155.74
CA LYS PD 52 33.13 112.58 -154.90
C LYS PD 52 34.01 113.82 -154.78
N CYS PD 53 35.29 113.72 -155.11
CA CYS PD 53 36.18 114.87 -155.00
C CYS PD 53 36.16 115.71 -156.26
N MET PD 54 36.24 115.09 -157.44
CA MET PD 54 36.27 115.90 -158.64
C MET PD 54 34.86 116.34 -159.05
N GLN PD 55 34.84 117.28 -159.99
CA GLN PD 55 33.62 117.76 -160.63
C GLN PD 55 33.83 117.68 -162.13
N LEU PD 56 32.88 117.07 -162.82
CA LEU PD 56 33.03 116.84 -164.25
C LEU PD 56 32.92 118.14 -165.04
N THR PD 57 33.75 118.25 -166.07
CA THR PD 57 33.67 119.34 -167.03
C THR PD 57 33.23 118.81 -168.38
N ASP PD 58 33.03 119.72 -169.33
CA ASP PD 58 32.60 119.37 -170.67
C ASP PD 58 33.75 119.20 -171.63
N PHE PD 59 34.95 118.92 -171.14
CA PHE PD 59 36.13 118.78 -171.97
C PHE PD 59 36.51 117.31 -172.08
N ILE PD 60 36.90 116.89 -173.27
CA ILE PD 60 37.21 115.50 -173.56
C ILE PD 60 38.55 115.44 -174.28
N LEU PD 61 39.44 114.56 -173.84
CA LEU PD 61 40.73 114.34 -174.47
C LEU PD 61 40.82 112.92 -175.00
N LYS PD 62 41.51 112.75 -176.13
CA LYS PD 62 41.62 111.46 -176.79
C LYS PD 62 43.03 110.91 -176.59
N PHE PD 63 43.09 109.71 -176.02
CA PHE PD 63 44.32 108.93 -175.91
C PHE PD 63 43.94 107.57 -175.34
N PRO PD 64 44.74 106.54 -175.60
CA PRO PD 64 44.38 105.19 -175.12
C PRO PD 64 44.31 105.14 -173.59
N HIS PD 65 43.45 104.27 -173.10
CA HIS PD 65 43.24 104.16 -171.67
C HIS PD 65 44.52 103.70 -170.97
N SER PD 66 44.71 104.19 -169.74
CA SER PD 66 45.93 103.97 -168.96
C SER PD 66 47.19 104.33 -169.75
N ALA PD 67 47.14 105.45 -170.47
CA ALA PD 67 48.31 105.90 -171.20
C ALA PD 67 49.36 106.47 -170.24
N HIS PD 68 50.62 106.42 -170.69
CA HIS PD 68 51.69 107.01 -169.89
C HIS PD 68 51.57 108.53 -169.88
N GLN PD 69 52.24 109.13 -168.90
CA GLN PD 69 52.02 110.54 -168.58
C GLN PD 69 52.43 111.48 -169.70
N LYS PD 70 53.53 111.19 -170.39
CA LYS PD 70 53.95 112.06 -171.49
C LYS PD 70 52.87 112.11 -172.57
N TYR PD 71 52.23 110.97 -172.84
CA TYR PD 71 51.14 110.94 -173.80
C TYR PD 71 50.02 111.87 -173.40
N VAL PD 72 49.62 111.83 -172.12
CA VAL PD 72 48.54 112.70 -171.68
C VAL PD 72 48.98 114.15 -171.73
N ARG PD 73 50.28 114.42 -171.58
CA ARG PD 73 50.77 115.79 -171.77
C ARG PD 73 50.54 116.25 -173.20
N GLN PD 74 51.10 115.50 -174.15
CA GLN PD 74 50.96 115.87 -175.56
C GLN PD 74 49.51 115.97 -175.96
N ALA PD 75 48.64 115.23 -175.28
CA ALA PD 75 47.20 115.50 -175.39
C ALA PD 75 46.85 116.85 -174.77
N TRP PD 76 47.45 117.19 -173.63
CA TRP PD 76 47.01 118.36 -172.87
C TRP PD 76 47.32 119.66 -173.60
N GLN PD 77 48.59 119.91 -173.92
CA GLN PD 77 48.91 121.21 -174.51
C GLN PD 77 48.23 121.38 -175.87
N LYS PD 78 48.18 120.30 -176.66
CA LYS PD 78 47.38 120.33 -177.87
C LYS PD 78 45.94 120.63 -177.50
N ALA PD 79 45.37 121.66 -178.12
CA ALA PD 79 44.09 122.23 -177.70
C ALA PD 79 44.15 122.55 -176.20
N ASP PD 80 45.02 123.51 -175.89
CA ASP PD 80 45.37 123.81 -174.50
C ASP PD 80 44.13 124.03 -173.65
N ILE PD 81 44.02 123.23 -172.58
CA ILE PD 81 42.88 123.34 -171.69
C ILE PD 81 42.88 124.66 -170.96
N ASN PD 82 44.06 125.17 -170.60
CA ASN PD 82 44.16 126.41 -169.85
C ASN PD 82 43.64 127.62 -170.63
N THR PD 83 43.33 127.44 -171.92
CA THR PD 83 42.72 128.51 -172.71
C THR PD 83 41.22 128.32 -172.88
N LYS PD 84 40.77 127.12 -173.21
CA LYS PD 84 39.33 126.87 -173.27
C LYS PD 84 38.70 127.08 -171.90
N TRP PD 85 39.08 126.26 -170.92
CA TRP PD 85 38.92 126.66 -169.53
C TRP PD 85 39.80 127.88 -169.27
N ALA PD 86 39.45 128.64 -168.23
CA ALA PD 86 40.25 129.84 -167.94
C ALA PD 86 40.21 130.77 -169.14
N ALA PD 87 39.11 131.52 -169.27
CA ALA PD 87 38.43 131.93 -170.50
C ALA PD 87 37.36 130.91 -170.87
N THR PD 88 37.03 130.03 -169.94
CA THR PD 88 35.67 129.50 -169.86
C THR PD 88 34.91 130.30 -168.80
N ARG PD 89 33.61 130.43 -169.00
CA ARG PD 89 32.80 131.25 -168.10
C ARG PD 89 32.78 130.68 -166.68
N TRP PD 90 32.87 129.36 -166.55
CA TRP PD 90 33.02 128.75 -165.22
C TRP PD 90 34.26 129.29 -164.51
N ALA PD 91 35.38 129.31 -165.20
CA ALA PD 91 36.63 129.74 -164.57
C ALA PD 91 36.61 131.21 -164.24
N LYS PD 92 36.09 132.06 -165.14
CA LYS PD 92 36.01 133.47 -164.81
C LYS PD 92 35.05 133.72 -163.65
N LYS PD 93 33.99 132.91 -163.55
CA LYS PD 93 33.05 133.06 -162.45
C LYS PD 93 33.72 132.73 -161.12
N ILE PD 94 34.44 131.61 -161.06
CA ILE PD 94 35.10 131.25 -159.80
C ILE PD 94 36.23 132.24 -159.50
N GLU PD 95 36.86 132.78 -160.55
CA GLU PD 95 37.85 133.83 -160.35
C GLU PD 95 37.22 135.05 -159.71
N ALA PD 96 36.06 135.46 -160.18
CA ALA PD 96 35.37 136.57 -159.55
C ALA PD 96 35.05 136.24 -158.10
N ARG PD 97 34.60 135.01 -157.85
CA ARG PD 97 34.34 134.57 -156.48
C ARG PD 97 35.55 134.80 -155.59
N GLU PD 98 36.71 134.28 -156.00
CA GLU PD 98 37.86 134.31 -155.10
C GLU PD 98 38.44 135.71 -155.02
N ARG PD 99 38.37 136.49 -156.10
CA ARG PD 99 38.88 137.85 -156.06
C ARG PD 99 38.03 138.72 -155.17
N LYS PD 100 36.72 138.47 -155.13
CA LYS PD 100 35.88 139.15 -154.16
C LYS PD 100 36.21 138.69 -152.74
N ALA PD 101 36.51 137.39 -152.59
CA ALA PD 101 36.85 136.88 -151.26
C ALA PD 101 38.09 137.54 -150.70
N LYS PD 102 39.11 137.76 -151.53
CA LYS PD 102 40.37 138.32 -151.09
C LYS PD 102 40.36 139.84 -150.96
N MET PD 103 39.20 140.47 -151.12
CA MET PD 103 39.19 141.92 -151.31
C MET PD 103 39.37 142.62 -149.96
N THR PD 104 40.22 143.65 -149.97
CA THR PD 104 40.54 144.43 -148.78
C THR PD 104 39.49 145.51 -148.54
N ASP PD 105 39.79 146.45 -147.64
CA ASP PD 105 38.76 147.35 -147.12
C ASP PD 105 38.60 148.57 -148.01
N PHE PD 106 39.70 149.26 -148.35
CA PHE PD 106 39.59 150.49 -149.12
C PHE PD 106 38.94 150.24 -150.47
N ASP PD 107 39.34 149.17 -151.15
CA ASP PD 107 38.69 148.88 -152.42
C ASP PD 107 37.25 148.48 -152.21
N ARG PD 108 36.92 147.88 -151.05
CA ARG PD 108 35.52 147.61 -150.76
C ARG PD 108 34.73 148.92 -150.69
N PHE PD 109 35.31 149.95 -150.08
CA PHE PD 109 34.66 151.26 -150.06
C PHE PD 109 34.54 151.82 -151.48
N LYS PD 110 35.59 151.70 -152.27
CA LYS PD 110 35.49 152.09 -153.68
C LYS PD 110 34.29 151.41 -154.32
N VAL PD 111 34.16 150.10 -154.11
CA VAL PD 111 33.12 149.30 -154.73
C VAL PD 111 31.74 149.77 -154.28
N MET PD 112 31.58 150.07 -153.00
CA MET PD 112 30.22 150.38 -152.56
C MET PD 112 29.82 151.78 -153.03
N LYS PD 113 30.78 152.70 -153.14
CA LYS PD 113 30.45 153.99 -153.75
C LYS PD 113 30.05 153.81 -155.22
N ALA PD 114 30.84 153.02 -155.95
CA ALA PD 114 30.53 152.78 -157.36
C ALA PD 114 29.18 152.09 -157.51
N LYS PD 115 28.88 151.14 -156.63
CA LYS PD 115 27.60 150.47 -156.64
C LYS PD 115 26.47 151.44 -156.36
N LYS PD 116 26.67 152.36 -155.41
CA LYS PD 116 25.66 153.36 -155.13
C LYS PD 116 25.34 154.15 -156.39
N MET PD 117 26.35 154.69 -157.05
CA MET PD 117 26.11 155.37 -158.32
C MET PD 117 25.43 154.49 -159.34
N ARG PD 118 25.92 153.26 -159.52
CA ARG PD 118 25.42 152.39 -160.58
C ARG PD 118 23.95 152.09 -160.38
N ASN PD 119 23.57 151.62 -159.18
CA ASN PD 119 22.17 151.28 -158.98
C ASN PD 119 21.31 152.52 -158.87
N ARG PD 120 21.88 153.67 -158.51
CA ARG PD 120 21.10 154.90 -158.51
C ARG PD 120 20.65 155.26 -159.92
N ILE PD 121 21.60 155.27 -160.87
CA ILE PD 121 21.21 155.60 -162.24
C ILE PD 121 20.35 154.49 -162.82
N ILE PD 122 20.62 153.23 -162.49
CA ILE PD 122 19.74 152.15 -162.96
C ILE PD 122 18.33 152.37 -162.46
N LYS PD 123 18.18 152.73 -161.18
CA LYS PD 123 16.85 152.93 -160.59
C LYS PD 123 16.12 154.07 -161.27
N ASN PD 124 16.76 155.23 -161.40
CA ASN PD 124 16.04 156.36 -161.97
C ASN PD 124 15.72 156.12 -163.44
N GLU PD 125 16.61 155.47 -164.19
CA GLU PD 125 16.36 155.26 -165.61
C GLU PD 125 15.30 154.18 -165.83
N VAL PD 126 15.25 153.15 -164.97
CA VAL PD 126 14.18 152.16 -165.12
C VAL PD 126 12.85 152.80 -164.74
N LYS PD 127 12.84 153.67 -163.73
CA LYS PD 127 11.62 154.38 -163.41
C LYS PD 127 11.18 155.25 -164.59
N LYS PD 128 12.14 155.85 -165.30
CA LYS PD 128 11.82 156.55 -166.54
C LYS PD 128 11.18 155.62 -167.55
N LEU PD 129 11.77 154.45 -167.75
CA LEU PD 129 11.23 153.47 -168.69
C LEU PD 129 9.78 153.15 -168.35
N GLN PD 130 9.48 153.00 -167.06
CA GLN PD 130 8.13 152.64 -166.66
C GLN PD 130 7.17 153.81 -166.80
N LYS PD 131 7.60 155.03 -166.44
CA LYS PD 131 6.75 156.18 -166.66
C LYS PD 131 6.43 156.34 -168.14
N ALA PD 132 7.33 155.92 -169.01
CA ALA PD 132 7.02 155.83 -170.43
C ALA PD 132 6.15 154.62 -170.76
N ALA PD 133 6.19 153.57 -169.94
CA ALA PD 133 5.55 152.32 -170.29
C ALA PD 133 4.03 152.35 -170.09
N LEU PD 134 3.56 153.10 -169.09
CA LEU PD 134 2.14 153.07 -168.75
C LEU PD 134 1.26 153.81 -169.76
N LEU PD 135 1.82 154.34 -170.84
CA LEU PD 135 1.02 155.08 -171.83
C LEU PD 135 0.22 154.08 -172.66
N LYS PD 136 -0.84 153.56 -172.05
CA LYS PD 136 -1.71 152.58 -172.69
C LYS PD 136 -3.16 152.93 -172.38
N ALA PD 137 -3.87 153.45 -173.38
CA ALA PD 137 -5.28 153.81 -173.24
C ALA PD 137 -6.05 153.38 -174.48
N SER PD 138 -5.75 152.19 -175.00
CA SER PD 138 -6.42 151.79 -176.24
C SER PD 138 -7.48 150.74 -175.96
N PRO PD 139 -8.60 150.77 -176.72
CA PRO PD 139 -9.66 149.75 -176.60
C PRO PD 139 -9.19 148.37 -177.05
N GLY QD 1 25.64 70.94 5.66
CA GLY QD 1 24.35 70.56 6.22
C GLY QD 1 23.52 69.73 5.27
N ALA QD 2 22.21 69.71 5.50
CA ALA QD 2 21.33 68.86 4.72
C ALA QD 2 21.27 69.27 3.26
N TYR QD 3 21.71 70.48 2.92
CA TYR QD 3 21.62 70.93 1.54
C TYR QD 3 22.46 70.04 0.62
N LYS QD 4 23.68 69.70 1.05
CA LYS QD 4 24.50 68.78 0.26
C LYS QD 4 23.83 67.42 0.15
N TYR QD 5 23.24 66.94 1.24
CA TYR QD 5 22.55 65.65 1.21
C TYR QD 5 21.47 65.64 0.14
N ILE QD 6 20.59 66.64 0.15
CA ILE QD 6 19.50 66.66 -0.80
C ILE QD 6 20.00 66.90 -2.22
N GLN QD 7 21.05 67.71 -2.39
CA GLN QD 7 21.58 67.94 -3.72
C GLN QD 7 22.12 66.66 -4.32
N GLU QD 8 22.96 65.96 -3.56
CA GLU QD 8 23.40 64.64 -4.00
C GLU QD 8 22.22 63.71 -4.21
N LEU QD 9 21.16 63.88 -3.43
CA LEU QD 9 20.00 63.02 -3.60
C LEU QD 9 19.44 63.18 -5.00
N TRP QD 10 19.26 64.43 -5.44
CA TRP QD 10 18.60 64.66 -6.72
C TRP QD 10 19.38 64.12 -7.91
N ARG QD 11 20.64 63.75 -7.74
CA ARG QD 11 21.42 63.21 -8.85
C ARG QD 11 21.16 61.73 -9.10
N LYS QD 12 20.20 61.12 -8.41
CA LYS QD 12 19.91 59.70 -8.57
C LYS QD 12 18.48 59.50 -9.07
N LYS QD 13 18.10 60.27 -10.10
CA LYS QD 13 16.72 60.26 -10.57
C LYS QD 13 16.24 58.87 -10.96
N GLN QD 14 17.13 58.00 -11.42
CA GLN QD 14 16.72 56.64 -11.75
C GLN QD 14 16.49 55.77 -10.52
N SER QD 15 16.79 56.27 -9.33
CA SER QD 15 16.59 55.48 -8.14
C SER QD 15 15.10 55.20 -7.92
N ASP QD 16 14.83 54.04 -7.35
CA ASP QD 16 13.44 53.61 -7.15
C ASP QD 16 12.66 54.66 -6.38
N VAL QD 17 13.23 55.16 -5.29
CA VAL QD 17 12.47 56.08 -4.43
C VAL QD 17 12.18 57.38 -5.17
N MET QD 18 13.18 57.94 -5.85
CA MET QD 18 12.92 59.18 -6.56
C MET QD 18 12.25 58.94 -7.90
N ARG QD 19 12.39 57.74 -8.47
CA ARG QD 19 11.54 57.43 -9.61
C ARG QD 19 10.08 57.54 -9.21
N PHE QD 20 9.71 56.89 -8.10
CA PHE QD 20 8.33 56.96 -7.62
C PHE QD 20 7.95 58.40 -7.28
N LEU QD 21 8.86 59.13 -6.64
CA LEU QD 21 8.58 60.52 -6.28
C LEU QD 21 8.31 61.37 -7.51
N LEU QD 22 9.13 61.22 -8.54
CA LEU QD 22 8.92 61.95 -9.78
C LEU QD 22 7.61 61.57 -10.42
N ARG QD 23 7.27 60.28 -10.42
CA ARG QD 23 5.99 59.87 -10.98
C ARG QD 23 4.85 60.57 -10.28
N VAL QD 24 4.87 60.55 -8.95
CA VAL QD 24 3.76 61.14 -8.19
C VAL QD 24 3.68 62.63 -8.42
N ARG QD 25 4.82 63.33 -8.34
CA ARG QD 25 4.80 64.78 -8.51
C ARG QD 25 4.37 65.16 -9.91
N CYS QD 26 4.87 64.44 -10.91
CA CYS QD 26 4.46 64.70 -12.29
C CYS QD 26 2.97 64.52 -12.44
N TRP QD 27 2.41 63.50 -11.80
CA TRP QD 27 0.96 63.34 -11.83
C TRP QD 27 0.27 64.54 -11.19
N GLN QD 28 0.74 64.98 -10.03
CA GLN QD 28 0.10 66.11 -9.35
C GLN QD 28 0.10 67.34 -10.24
N TYR QD 29 1.23 67.63 -10.87
CA TYR QD 29 1.28 68.82 -11.71
C TYR QD 29 0.47 68.62 -12.98
N ARG QD 30 0.42 67.41 -13.52
CA ARG QD 30 -0.38 67.14 -14.70
C ARG QD 30 -1.85 67.37 -14.41
N GLN QD 31 -2.30 67.13 -13.18
CA GLN QD 31 -3.69 67.35 -12.88
C GLN QD 31 -4.02 68.83 -12.64
N LEU QD 32 -3.01 69.69 -12.63
CA LEU QD 32 -3.23 71.11 -12.42
C LEU QD 32 -3.34 71.84 -13.76
N SER QD 33 -3.41 73.17 -13.72
CA SER QD 33 -3.43 73.97 -14.92
C SER QD 33 -2.03 74.06 -15.52
N ALA QD 34 -1.90 74.84 -16.60
CA ALA QD 34 -0.61 74.98 -17.25
C ALA QD 34 0.26 76.01 -16.53
N LEU QD 35 -0.18 77.26 -16.50
CA LEU QD 35 0.47 78.26 -15.67
C LEU QD 35 0.03 78.07 -14.22
N HIS QD 36 0.96 78.28 -13.30
CA HIS QD 36 0.64 78.05 -11.90
C HIS QD 36 1.67 78.75 -11.02
N ARG QD 37 1.20 79.31 -9.92
CA ARG QD 37 2.07 79.86 -8.90
C ARG QD 37 2.30 78.81 -7.82
N ALA QD 38 3.55 78.48 -7.58
CA ALA QD 38 3.87 77.48 -6.57
C ALA QD 38 3.95 78.15 -5.21
N PRO QD 39 3.38 77.55 -4.16
CA PRO QD 39 3.49 78.16 -2.82
C PRO QD 39 4.91 78.26 -2.31
N ARG QD 40 5.76 77.30 -2.63
CA ARG QD 40 7.14 77.29 -2.16
C ARG QD 40 7.95 76.42 -3.09
N PRO QD 41 9.27 76.62 -3.17
CA PRO QD 41 10.07 75.84 -4.12
C PRO QD 41 10.00 74.35 -3.80
N THR QD 42 9.86 73.55 -4.85
CA THR QD 42 9.84 72.11 -4.68
C THR QD 42 11.24 71.57 -4.38
N ARG QD 43 12.24 72.03 -5.12
CA ARG QD 43 13.63 71.73 -4.78
C ARG QD 43 14.24 72.97 -4.15
N PRO QD 44 14.36 73.02 -2.83
CA PRO QD 44 14.85 74.26 -2.22
C PRO QD 44 16.33 74.51 -2.49
N ASP QD 45 17.15 73.47 -2.41
CA ASP QD 45 18.58 73.63 -2.66
C ASP QD 45 18.84 74.12 -4.08
N LYS QD 46 18.11 73.57 -5.05
CA LYS QD 46 18.34 73.96 -6.44
C LYS QD 46 18.03 75.43 -6.65
N ALA QD 47 16.90 75.89 -6.12
CA ALA QD 47 16.54 77.29 -6.27
C ALA QD 47 17.52 78.19 -5.53
N ARG QD 48 17.90 77.83 -4.31
CA ARG QD 48 18.78 78.69 -3.53
C ARG QD 48 20.17 78.74 -4.13
N ARG QD 49 20.61 77.66 -4.80
CA ARG QD 49 21.86 77.72 -5.53
C ARG QD 49 21.70 78.43 -6.86
N LEU QD 50 20.47 78.56 -7.34
CA LEU QD 50 20.21 79.32 -8.56
C LEU QD 50 19.97 80.80 -8.28
N GLY QD 51 19.89 81.19 -7.01
CA GLY QD 51 19.74 82.59 -6.68
C GLY QD 51 18.61 82.89 -5.72
N TYR QD 52 17.76 81.91 -5.46
CA TYR QD 52 16.63 82.12 -4.57
C TYR QD 52 17.13 82.36 -3.15
N LYS QD 53 16.67 83.47 -2.57
CA LYS QD 53 16.86 83.73 -1.15
C LYS QD 53 15.50 83.75 -0.49
N ALA QD 54 15.33 82.92 0.54
CA ALA QD 54 14.00 82.71 1.10
C ALA QD 54 13.54 83.93 1.89
N LYS QD 55 12.99 84.91 1.19
CA LYS QD 55 12.48 86.11 1.83
C LYS QD 55 11.41 86.69 0.92
N GLN QD 56 10.59 87.57 1.50
CA GLN QD 56 9.50 88.16 0.75
C GLN QD 56 10.03 88.90 -0.48
N GLY QD 57 9.28 88.81 -1.58
CA GLY QD 57 9.69 89.32 -2.86
C GLY QD 57 10.02 88.23 -3.86
N TYR QD 58 10.46 87.07 -3.39
CA TYR QD 58 10.73 85.95 -4.27
C TYR QD 58 9.47 85.11 -4.43
N VAL QD 59 9.13 84.80 -5.67
CA VAL QD 59 7.93 84.04 -5.97
C VAL QD 59 8.27 82.97 -6.99
N ILE QD 60 7.63 81.82 -6.89
CA ILE QD 60 7.92 80.66 -7.72
C ILE QD 60 6.68 80.29 -8.50
N TYR QD 61 6.81 80.15 -9.82
CA TYR QD 61 5.71 79.82 -10.71
C TYR QD 61 5.97 78.49 -11.40
N ARG QD 62 4.92 77.68 -11.55
CA ARG QD 62 5.03 76.38 -12.19
C ARG QD 62 4.58 76.46 -13.63
N ILE QD 63 5.39 75.92 -14.54
CA ILE QD 63 5.15 75.98 -15.97
C ILE QD 63 5.06 74.57 -16.51
N ARG QD 64 4.03 74.31 -17.32
CA ARG QD 64 3.90 73.05 -18.04
C ARG QD 64 4.06 73.33 -19.53
N VAL QD 65 5.07 72.71 -20.14
CA VAL QD 65 5.43 72.96 -21.53
C VAL QD 65 5.13 71.71 -22.34
N ARG QD 66 4.40 71.88 -23.44
CA ARG QD 66 4.15 70.78 -24.36
C ARG QD 66 5.45 70.42 -25.07
N ARG QD 67 6.06 69.31 -24.68
CA ARG QD 67 7.35 68.96 -25.24
C ARG QD 67 7.18 68.37 -26.65
N GLY QD 68 8.30 68.22 -27.33
CA GLY QD 68 8.34 67.69 -28.67
C GLY QD 68 9.23 68.52 -29.55
N GLY QD 69 9.09 68.32 -30.85
CA GLY QD 69 9.82 69.11 -31.83
C GLY QD 69 9.09 70.38 -32.18
N ARG QD 70 9.56 71.05 -33.22
CA ARG QD 70 8.88 72.20 -33.77
C ARG QD 70 8.51 71.91 -35.22
N LYS QD 71 7.22 71.93 -35.51
CA LYS QD 71 6.70 71.68 -36.85
C LYS QD 71 6.55 73.02 -37.57
N ARG QD 72 6.95 73.05 -38.83
CA ARG QD 72 6.88 74.28 -39.59
C ARG QD 72 5.43 74.71 -39.74
N PRO QD 73 5.04 75.87 -39.22
CA PRO QD 73 3.63 76.29 -39.31
C PRO QD 73 3.25 76.73 -40.71
N VAL QD 74 3.03 75.74 -41.57
CA VAL QD 74 2.71 75.98 -42.97
C VAL QD 74 1.45 75.21 -43.33
N PRO QD 75 0.49 75.82 -44.00
CA PRO QD 75 -0.76 75.11 -44.32
C PRO QD 75 -0.48 73.94 -45.25
N LYS QD 76 -1.25 72.87 -45.07
CA LYS QD 76 -1.18 71.65 -45.87
C LYS QD 76 0.19 70.99 -45.82
N GLY QD 77 1.08 71.46 -44.95
CA GLY QD 77 2.45 70.95 -44.96
C GLY QD 77 3.12 71.16 -46.29
N ALA QD 78 2.88 72.31 -46.92
CA ALA QD 78 3.33 72.57 -48.29
C ALA QD 78 4.05 73.89 -48.35
N THR QD 79 5.36 73.87 -48.10
CA THR QD 79 6.18 75.04 -48.37
C THR QD 79 6.39 75.18 -49.87
N TYR QD 80 7.22 76.12 -50.27
CA TYR QD 80 7.33 76.48 -51.68
C TYR QD 80 8.78 76.75 -52.06
N GLY QD 81 9.22 76.09 -53.13
CA GLY QD 81 10.50 76.38 -53.75
C GLY QD 81 11.67 75.82 -52.98
N LYS QD 82 12.77 75.57 -53.71
CA LYS QD 82 14.05 75.18 -53.14
C LYS QD 82 13.89 73.96 -52.23
N PRO QD 83 13.75 72.77 -52.80
CA PRO QD 83 13.43 71.57 -52.00
C PRO QD 83 14.20 71.42 -50.70
N VAL QD 84 15.37 72.06 -50.62
CA VAL QD 84 16.12 72.10 -49.36
C VAL QD 84 15.29 72.74 -48.26
N HIS QD 85 14.27 73.52 -48.60
CA HIS QD 85 13.41 74.17 -47.63
C HIS QD 85 12.11 73.41 -47.40
N HIS QD 86 12.04 72.15 -47.80
CA HIS QD 86 10.81 71.39 -47.64
C HIS QD 86 10.64 70.83 -46.24
N GLY QD 87 11.62 71.02 -45.35
CA GLY QD 87 11.54 70.47 -44.01
C GLY QD 87 10.34 70.92 -43.20
N VAL QD 88 9.57 69.97 -42.68
CA VAL QD 88 8.41 70.28 -41.86
C VAL QD 88 8.47 69.53 -40.53
N ASN QD 89 8.62 68.21 -40.59
CA ASN QD 89 8.49 67.38 -39.40
C ASN QD 89 9.73 67.38 -38.52
N GLN QD 90 10.88 67.01 -39.07
CA GLN QD 90 12.07 66.82 -38.26
C GLN QD 90 12.80 68.12 -37.95
N LEU QD 91 12.11 69.26 -38.05
CA LEU QD 91 12.70 70.52 -37.67
C LEU QD 91 12.85 70.58 -36.15
N LYS QD 92 13.68 71.51 -35.69
CA LYS QD 92 13.91 71.70 -34.27
C LYS QD 92 13.96 73.19 -33.96
N PHE QD 93 13.34 73.58 -32.86
CA PHE QD 93 13.35 74.97 -32.44
C PHE QD 93 14.72 75.36 -31.89
N ALA QD 94 15.09 76.63 -32.11
CA ALA QD 94 16.42 77.08 -31.71
C ALA QD 94 16.55 77.17 -30.20
N ARG QD 95 15.50 77.60 -29.50
CA ARG QD 95 15.56 77.75 -28.06
C ARG QD 95 15.07 76.47 -27.39
N SER QD 96 15.77 76.09 -26.33
CA SER QD 96 15.37 74.90 -25.60
C SER QD 96 14.08 75.17 -24.82
N LEU QD 97 13.46 74.08 -24.36
CA LEU QD 97 12.17 74.20 -23.69
C LEU QD 97 12.27 74.99 -22.40
N GLN QD 98 13.43 74.98 -21.75
CA GLN QD 98 13.62 75.79 -20.55
C GLN QD 98 13.37 77.26 -20.84
N SER QD 99 13.97 77.77 -21.92
CA SER QD 99 13.75 79.15 -22.29
C SER QD 99 12.28 79.41 -22.59
N VAL QD 100 11.62 78.47 -23.26
CA VAL QD 100 10.19 78.63 -23.54
C VAL QD 100 9.42 78.75 -22.24
N ALA QD 101 9.74 77.90 -21.27
CA ALA QD 101 9.04 77.93 -20.00
C ALA QD 101 9.19 79.29 -19.33
N GLU QD 102 10.43 79.76 -19.19
CA GLU QD 102 10.62 81.00 -18.45
C GLU QD 102 10.07 82.19 -19.21
N GLU QD 103 10.12 82.18 -20.54
CA GLU QD 103 9.56 83.30 -21.28
C GLU QD 103 8.05 83.31 -21.15
N ARG QD 104 7.40 82.15 -21.15
CA ARG QD 104 5.96 82.12 -20.92
C ARG QD 104 5.62 82.66 -19.55
N ALA QD 105 6.36 82.24 -18.53
CA ALA QD 105 6.09 82.71 -17.18
C ALA QD 105 6.26 84.21 -17.07
N GLY QD 106 7.36 84.74 -17.60
CA GLY QD 106 7.57 86.17 -17.56
C GLY QD 106 6.52 86.93 -18.35
N ARG QD 107 6.04 86.34 -19.45
CA ARG QD 107 4.99 86.98 -20.23
C ARG QD 107 3.71 87.08 -19.43
N HIS QD 108 3.35 86.03 -18.70
CA HIS QD 108 2.10 86.05 -17.94
C HIS QD 108 2.06 87.23 -16.97
N CYS QD 109 2.97 87.23 -15.99
CA CYS QD 109 3.06 88.32 -15.03
C CYS QD 109 4.16 89.27 -15.50
N GLY QD 110 3.76 90.39 -16.09
CA GLY QD 110 4.71 91.35 -16.60
C GLY QD 110 5.27 92.25 -15.51
N ALA QD 111 4.79 92.06 -14.28
CA ALA QD 111 5.19 92.92 -13.18
C ALA QD 111 6.50 92.49 -12.51
N LEU QD 112 6.99 91.30 -12.80
CA LEU QD 112 8.19 90.79 -12.16
C LEU QD 112 9.27 90.49 -13.20
N ARG QD 113 10.42 90.05 -12.70
CA ARG QD 113 11.53 89.64 -13.55
C ARG QD 113 11.97 88.24 -13.14
N VAL QD 114 12.43 87.49 -14.11
CA VAL QD 114 12.78 86.09 -13.93
C VAL QD 114 14.26 85.99 -13.57
N LEU QD 115 14.59 85.01 -12.73
CA LEU QD 115 15.98 84.75 -12.37
C LEU QD 115 16.49 83.45 -12.99
N ASN QD 116 15.81 82.33 -12.75
CA ASN QD 116 16.25 81.04 -13.27
C ASN QD 116 15.08 80.05 -13.15
N SER QD 117 15.32 78.84 -13.64
CA SER QD 117 14.33 77.78 -13.60
C SER QD 117 15.03 76.44 -13.52
N TYR QD 118 14.30 75.42 -13.10
CA TYR QD 118 14.85 74.09 -12.93
C TYR QD 118 13.80 73.05 -13.27
N TRP QD 119 14.25 71.81 -13.40
CA TRP QD 119 13.43 70.71 -13.90
C TRP QD 119 12.83 69.95 -12.73
N VAL QD 120 11.54 69.65 -12.83
CA VAL QD 120 10.82 69.06 -11.70
C VAL QD 120 10.09 67.79 -12.13
N GLY QD 121 10.66 67.07 -13.11
CA GLY QD 121 10.03 65.85 -13.58
C GLY QD 121 9.10 66.18 -14.74
N GLU QD 122 9.42 65.72 -15.95
CA GLU QD 122 8.73 66.38 -17.05
C GLU QD 122 7.46 65.69 -17.53
N ASP QD 123 7.59 64.68 -18.40
CA ASP QD 123 6.51 63.84 -18.89
C ASP QD 123 7.03 63.04 -20.08
N SER QD 124 6.19 62.20 -20.67
CA SER QD 124 6.41 61.83 -22.07
C SER QD 124 6.01 62.96 -23.02
N THR QD 125 4.96 63.72 -22.70
CA THR QD 125 4.43 64.74 -23.60
C THR QD 125 4.53 66.15 -23.01
N TYR QD 126 5.23 66.31 -21.89
CA TYR QD 126 5.34 67.60 -21.26
C TYR QD 126 6.70 67.74 -20.60
N LYS QD 127 7.00 68.95 -20.18
CA LYS QD 127 8.20 69.25 -19.41
C LYS QD 127 7.84 70.27 -18.36
N PHE QD 128 7.66 69.81 -17.13
CA PHE QD 128 7.28 70.69 -16.03
C PHE QD 128 8.51 71.38 -15.47
N PHE QD 129 8.40 72.69 -15.29
CA PHE QD 129 9.52 73.49 -14.82
C PHE QD 129 9.05 74.49 -13.77
N GLU QD 130 9.93 74.82 -12.85
CA GLU QD 130 9.67 75.79 -11.80
C GLU QD 130 10.61 76.97 -12.03
N VAL QD 131 10.04 78.16 -12.19
CA VAL QD 131 10.81 79.35 -12.57
C VAL QD 131 10.84 80.33 -11.41
N ILE QD 132 12.01 80.84 -11.10
CA ILE QD 132 12.20 81.75 -9.97
C ILE QD 132 11.85 83.15 -10.41
N LEU QD 133 10.96 83.80 -9.67
CA LEU QD 133 10.58 85.17 -9.92
C LEU QD 133 11.03 86.04 -8.76
N ILE QD 134 11.09 87.33 -9.00
CA ILE QD 134 11.46 88.30 -7.99
C ILE QD 134 10.70 89.60 -8.27
N ASP QD 135 10.19 90.23 -7.23
CA ASP QD 135 9.49 91.49 -7.41
C ASP QD 135 10.50 92.62 -7.48
N PRO QD 136 10.56 93.37 -8.59
CA PRO QD 136 11.49 94.49 -8.68
C PRO QD 136 11.04 95.73 -7.94
N PHE QD 137 10.02 95.64 -7.10
CA PHE QD 137 9.52 96.82 -6.41
C PHE QD 137 9.19 96.61 -4.95
N HIS QD 138 9.18 95.38 -4.44
CA HIS QD 138 9.01 95.17 -3.01
C HIS QD 138 10.15 95.85 -2.26
N LYS QD 139 9.81 96.60 -1.23
CA LYS QD 139 10.80 97.40 -0.52
C LYS QD 139 11.94 96.54 0.01
N ALA QD 140 11.67 95.30 0.40
CA ALA QD 140 12.73 94.40 0.81
C ALA QD 140 13.72 94.14 -0.32
N ILE QD 141 13.28 94.24 -1.57
CA ILE QD 141 14.17 94.02 -2.70
C ILE QD 141 14.94 95.27 -3.04
N ARG QD 142 14.28 96.43 -3.01
CA ARG QD 142 14.95 97.70 -3.29
C ARG QD 142 16.02 97.98 -2.23
N ARG QD 143 15.71 97.73 -0.97
CA ARG QD 143 16.58 98.15 0.13
C ARG QD 143 17.63 97.12 0.50
N ASN QD 144 17.95 96.19 -0.40
CA ASN QD 144 18.97 95.19 -0.14
C ASN QD 144 20.08 95.33 -1.17
N PRO QD 145 21.32 95.61 -0.76
CA PRO QD 145 22.43 95.61 -1.71
C PRO QD 145 22.61 94.24 -2.33
N ASP QD 146 23.49 94.19 -3.34
CA ASP QD 146 23.70 93.00 -4.17
C ASP QD 146 22.41 92.51 -4.82
N THR QD 147 21.39 93.36 -4.85
CA THR QD 147 20.10 92.99 -5.41
C THR QD 147 19.50 94.04 -6.32
N GLN QD 148 19.91 95.30 -6.23
CA GLN QD 148 19.26 96.37 -6.98
C GLN QD 148 19.37 96.20 -8.49
N TRP QD 149 20.34 95.42 -8.97
CA TRP QD 149 20.47 95.22 -10.40
C TRP QD 149 19.17 94.74 -11.03
N ILE QD 150 18.41 93.92 -10.33
CA ILE QD 150 17.10 93.53 -10.84
C ILE QD 150 16.20 94.74 -11.05
N THR QD 151 16.18 95.66 -10.09
CA THR QD 151 15.34 96.85 -10.19
C THR QD 151 15.72 97.75 -11.35
N LYS QD 152 16.95 97.68 -11.85
CA LYS QD 152 17.36 98.54 -12.94
C LYS QD 152 16.51 98.25 -14.17
N PRO QD 153 16.09 99.30 -14.89
CA PRO QD 153 15.23 99.08 -16.07
C PRO QD 153 15.93 98.34 -17.18
N VAL QD 154 17.26 98.27 -17.17
CA VAL QD 154 17.97 97.51 -18.19
C VAL QD 154 17.57 96.05 -18.14
N HIS QD 155 17.38 95.51 -16.93
CA HIS QD 155 17.16 94.09 -16.75
C HIS QD 155 15.68 93.71 -16.79
N LYS QD 156 14.85 94.49 -17.46
CA LYS QD 156 13.44 94.15 -17.57
C LYS QD 156 13.22 93.15 -18.70
N HIS QD 157 12.43 92.12 -18.41
CA HIS QD 157 12.13 91.06 -19.37
C HIS QD 157 13.41 90.42 -19.91
N ARG QD 158 14.27 90.02 -18.97
CA ARG QD 158 15.52 89.36 -19.34
C ARG QD 158 15.27 88.07 -20.10
N GLU QD 159 14.13 87.44 -19.86
CA GLU QD 159 13.96 86.07 -20.29
C GLU QD 159 13.81 85.98 -21.82
N MET QD 160 12.95 86.79 -22.44
CA MET QD 160 12.78 86.72 -23.89
C MET QD 160 13.90 87.42 -24.67
N ARG QD 161 14.68 88.29 -24.03
CA ARG QD 161 15.86 88.80 -24.68
C ARG QD 161 17.04 87.84 -24.55
N GLY QD 162 16.89 86.79 -23.74
CA GLY QD 162 17.91 85.77 -23.61
C GLY QD 162 19.07 86.18 -22.73
N LEU QD 163 18.79 86.51 -21.47
CA LEU QD 163 19.83 86.87 -20.53
C LEU QD 163 20.10 85.83 -19.47
N THR QD 164 19.16 84.91 -19.24
CA THR QD 164 19.29 83.94 -18.16
C THR QD 164 20.09 82.73 -18.65
N SER QD 165 20.09 81.68 -17.82
CA SER QD 165 20.90 80.51 -18.12
C SER QD 165 20.46 79.84 -19.42
N ALA QD 166 19.15 79.62 -19.57
CA ALA QD 166 18.66 78.99 -20.79
C ALA QD 166 18.94 79.86 -22.01
N GLY QD 167 18.68 81.16 -21.91
CA GLY QD 167 18.96 82.05 -23.01
C GLY QD 167 20.43 82.08 -23.36
N ARG QD 168 21.30 82.11 -22.35
CA ARG QD 168 22.73 82.06 -22.61
C ARG QD 168 23.11 80.77 -23.33
N LYS QD 169 22.66 79.63 -22.81
CA LYS QD 169 23.03 78.35 -23.39
C LYS QD 169 22.50 78.20 -24.82
N SER QD 170 21.38 78.84 -25.13
CA SER QD 170 20.87 78.78 -26.48
C SER QD 170 21.52 79.80 -27.41
N ARG QD 171 22.05 80.90 -26.87
CA ARG QD 171 22.65 81.94 -27.70
C ARG QD 171 23.91 81.46 -28.40
N GLY QD 172 24.50 80.36 -27.96
CA GLY QD 172 25.77 79.92 -28.50
C GLY QD 172 26.97 80.67 -27.98
N LEU QD 173 26.81 81.45 -26.92
CA LEU QD 173 27.91 82.20 -26.35
C LEU QD 173 28.92 81.25 -25.72
N GLY QD 174 30.13 81.76 -25.53
CA GLY QD 174 31.17 80.99 -24.89
C GLY QD 174 32.54 81.54 -25.23
N LYS QD 175 33.52 81.09 -24.45
CA LYS QD 175 34.91 81.47 -24.63
C LYS QD 175 35.71 80.26 -25.07
N GLY QD 176 36.46 80.40 -26.15
CA GLY QD 176 37.25 79.33 -26.71
C GLY QD 176 37.03 79.23 -28.19
N HIS QD 177 37.87 78.41 -28.83
CA HIS QD 177 37.78 78.25 -30.28
C HIS QD 177 36.49 77.57 -30.70
N LYS QD 178 35.76 76.98 -29.77
CA LYS QD 178 34.45 76.42 -30.10
C LYS QD 178 33.39 77.50 -30.28
N PHE QD 179 33.71 78.76 -29.98
CA PHE QD 179 32.69 79.81 -29.98
C PHE QD 179 33.10 81.00 -30.83
N HIS QD 180 33.58 80.75 -32.05
CA HIS QD 180 33.94 81.84 -32.94
C HIS QD 180 32.73 82.57 -33.50
N HIS QD 181 31.54 81.96 -33.47
CA HIS QD 181 30.37 82.60 -34.07
C HIS QD 181 30.04 83.92 -33.39
N THR QD 182 30.16 83.98 -32.07
CA THR QD 182 29.73 85.15 -31.31
C THR QD 182 30.92 85.80 -30.63
N ILE QD 183 32.08 85.79 -31.29
CA ILE QD 183 33.25 86.49 -30.76
C ILE QD 183 33.02 87.99 -30.66
N GLY QD 184 32.01 88.52 -31.34
CA GLY QD 184 31.64 89.92 -31.20
C GLY QD 184 30.54 90.21 -30.20
N GLY QD 185 30.14 89.25 -29.38
CA GLY QD 185 29.09 89.42 -28.39
C GLY QD 185 27.79 88.76 -28.76
N SER QD 186 27.56 88.53 -30.05
CA SER QD 186 26.39 87.78 -30.51
C SER QD 186 26.67 87.29 -31.92
N ARG QD 187 25.88 86.30 -32.34
CA ARG QD 187 25.96 85.85 -33.73
C ARG QD 187 25.73 87.02 -34.67
N ARG QD 188 24.65 87.78 -34.45
CA ARG QD 188 24.35 88.93 -35.29
C ARG QD 188 25.44 89.97 -35.21
N ALA QD 189 25.94 90.26 -34.01
CA ALA QD 189 26.92 91.32 -33.85
C ALA QD 189 28.21 90.99 -34.60
N ALA QD 190 28.75 89.80 -34.36
CA ALA QD 190 29.96 89.39 -35.07
C ALA QD 190 29.72 89.30 -36.56
N TRP QD 191 28.50 88.89 -36.94
CA TRP QD 191 28.18 88.77 -38.36
C TRP QD 191 28.23 90.12 -39.06
N ARG QD 192 27.61 91.16 -38.47
CA ARG QD 192 27.73 92.48 -39.06
C ARG QD 192 29.17 92.98 -39.01
N ARG QD 193 29.89 92.67 -37.94
CA ARG QD 193 31.26 93.14 -37.83
C ARG QD 193 32.11 92.60 -38.97
N ARG QD 194 31.95 91.32 -39.29
CA ARG QD 194 32.76 90.74 -40.35
C ARG QD 194 32.20 90.99 -41.74
N ASN QD 195 30.91 91.33 -41.84
CA ASN QD 195 30.27 91.55 -43.14
C ASN QD 195 30.07 93.03 -43.44
N THR QD 196 30.80 93.90 -42.77
CA THR QD 196 30.71 95.34 -43.01
C THR QD 196 31.98 95.82 -43.69
N LEU QD 197 31.83 96.54 -44.79
CA LEU QD 197 32.98 97.05 -45.52
C LEU QD 197 33.54 98.26 -44.79
N GLN QD 198 34.74 98.14 -44.25
CA GLN QD 198 35.40 99.26 -43.58
C GLN QD 198 36.01 100.16 -44.64
N LEU QD 199 35.53 101.41 -44.69
CA LEU QD 199 35.92 102.34 -45.73
C LEU QD 199 36.61 103.53 -45.08
N HIS QD 200 37.94 103.48 -45.04
CA HIS QD 200 38.71 104.55 -44.44
C HIS QD 200 38.66 105.80 -45.31
N ARG QD 201 38.84 106.95 -44.66
CA ARG QD 201 38.97 108.20 -45.40
C ARG QD 201 40.12 108.13 -46.38
N TYR QD 202 41.28 107.66 -45.92
CA TYR QD 202 42.45 107.49 -46.75
C TYR QD 202 42.50 106.04 -47.21
N ARG QD 203 42.63 105.83 -48.52
CA ARG QD 203 42.68 104.49 -49.07
C ARG QD 203 43.64 104.43 -50.25
N GLU RD 1 20.76 135.49 -135.60
CA GLU RD 1 20.25 136.67 -136.27
C GLU RD 1 18.98 137.20 -135.59
N VAL RD 2 18.60 138.43 -135.93
CA VAL RD 2 17.52 139.13 -135.25
C VAL RD 2 16.17 138.82 -135.88
N GLN RD 3 16.11 138.70 -137.20
CA GLN RD 3 14.85 138.43 -137.86
C GLN RD 3 14.34 137.03 -137.50
N VAL RD 4 13.02 136.88 -137.56
CA VAL RD 4 12.40 135.59 -137.29
C VAL RD 4 12.69 134.65 -138.46
N LEU RD 5 13.02 133.40 -138.15
CA LEU RD 5 13.33 132.42 -139.18
C LEU RD 5 12.04 131.77 -139.66
N VAL RD 6 11.79 131.82 -140.96
CA VAL RD 6 10.53 131.42 -141.56
C VAL RD 6 10.76 130.19 -142.42
N LEU RD 7 10.39 129.02 -141.92
CA LEU RD 7 10.78 127.75 -142.51
C LEU RD 7 9.63 127.17 -143.33
N ASP RD 8 9.91 126.84 -144.58
CA ASP RD 8 8.98 126.06 -145.38
C ASP RD 8 9.27 124.58 -145.18
N GLY RD 9 8.34 123.87 -144.54
CA GLY RD 9 8.58 122.50 -144.16
C GLY RD 9 8.34 121.49 -145.26
N ARG RD 10 7.96 121.97 -146.44
CA ARG RD 10 7.68 121.08 -147.55
C ARG RD 10 8.92 120.28 -147.93
N GLY RD 11 8.71 118.99 -148.21
CA GLY RD 11 9.78 118.13 -148.66
C GLY RD 11 10.87 117.86 -147.66
N HIS RD 12 10.61 118.07 -146.39
CA HIS RD 12 11.61 117.96 -145.34
C HIS RD 12 11.38 116.72 -144.49
N LEU RD 13 12.41 116.35 -143.73
CA LEU RD 13 12.34 115.20 -142.84
C LEU RD 13 12.05 115.67 -141.42
N LEU RD 14 11.08 115.02 -140.79
CA LEU RD 14 10.56 115.49 -139.50
C LEU RD 14 11.66 115.52 -138.45
N GLY RD 15 12.38 114.42 -138.29
CA GLY RD 15 13.32 114.31 -137.19
C GLY RD 15 14.49 115.28 -137.31
N ARG RD 16 15.14 115.30 -138.47
CA ARG RD 16 16.32 116.15 -138.64
C ARG RD 16 15.96 117.62 -138.53
N LEU RD 17 14.86 118.02 -139.17
CA LEU RD 17 14.42 119.40 -139.07
C LEU RD 17 14.05 119.74 -137.65
N ALA RD 18 13.34 118.84 -136.97
CA ALA RD 18 13.00 119.06 -135.57
C ALA RD 18 14.26 119.30 -134.74
N ALA RD 19 15.27 118.46 -134.94
CA ALA RD 19 16.51 118.61 -134.18
C ALA RD 19 17.16 119.95 -134.45
N ILE RD 20 17.26 120.32 -135.73
CA ILE RD 20 17.99 121.53 -136.09
C ILE RD 20 17.25 122.77 -135.59
N VAL RD 21 15.92 122.78 -135.71
CA VAL RD 21 15.17 123.93 -135.26
C VAL RD 21 15.20 124.03 -133.75
N ALA RD 22 15.18 122.90 -133.04
CA ALA RD 22 15.25 122.94 -131.58
C ALA RD 22 16.58 123.50 -131.13
N LYS RD 23 17.67 123.04 -131.73
CA LYS RD 23 18.98 123.58 -131.35
C LYS RD 23 19.05 125.07 -131.65
N GLN RD 24 18.53 125.49 -132.80
CA GLN RD 24 18.54 126.90 -133.14
C GLN RD 24 17.71 127.73 -132.17
N VAL RD 25 16.55 127.25 -131.77
CA VAL RD 25 15.65 128.03 -130.94
C VAL RD 25 16.05 128.03 -129.47
N LEU RD 26 16.69 126.96 -129.00
CA LEU RD 26 17.16 126.94 -127.62
C LEU RD 26 18.12 128.08 -127.33
N LEU RD 27 18.81 128.58 -128.34
CA LEU RD 27 19.70 129.70 -128.19
C LEU RD 27 18.99 131.04 -128.33
N GLY RD 28 17.68 131.05 -128.43
CA GLY RD 28 16.96 132.26 -128.77
C GLY RD 28 16.54 132.18 -130.21
N ARG RD 29 16.69 133.27 -130.97
CA ARG RD 29 16.46 133.23 -132.42
C ARG RD 29 15.05 132.72 -132.73
N LYS RD 30 14.08 133.57 -132.40
CA LYS RD 30 12.68 133.27 -132.72
C LYS RD 30 12.55 132.68 -134.12
N VAL RD 31 11.97 131.49 -134.20
CA VAL RD 31 11.83 130.74 -135.45
C VAL RD 31 10.35 130.42 -135.64
N VAL RD 32 9.92 130.42 -136.89
CA VAL RD 32 8.57 129.98 -137.24
C VAL RD 32 8.67 128.96 -138.36
N VAL RD 33 7.71 128.05 -138.41
CA VAL RD 33 7.64 127.02 -139.44
C VAL RD 33 6.24 127.02 -140.01
N VAL RD 34 6.16 126.99 -141.34
CA VAL RD 34 4.89 126.95 -142.03
C VAL RD 34 4.90 125.79 -143.02
N ARG RD 35 3.73 125.53 -143.61
CA ARG RD 35 3.55 124.44 -144.57
C ARG RD 35 3.98 123.10 -143.96
N CYS RD 36 3.33 122.75 -142.86
CA CYS RD 36 3.66 121.54 -142.15
C CYS RD 36 3.01 120.29 -142.74
N GLU RD 37 2.06 120.46 -143.64
CA GLU RD 37 1.45 119.32 -144.32
C GLU RD 37 2.38 118.71 -145.35
N GLY RD 38 3.43 119.42 -145.76
CA GLY RD 38 4.37 118.93 -146.74
C GLY RD 38 5.64 118.32 -146.18
N ILE RD 39 5.70 118.08 -144.87
CA ILE RD 39 6.87 117.42 -144.31
C ILE RD 39 6.84 115.94 -144.66
N ASN RD 40 8.00 115.41 -145.00
CA ASN RD 40 8.14 114.00 -145.30
C ASN RD 40 8.66 113.25 -144.09
N ILE RD 41 8.20 112.01 -143.94
CA ILE RD 41 8.67 111.14 -142.87
C ILE RD 41 9.10 109.82 -143.49
N SER RD 42 10.33 109.41 -143.20
CA SER RD 42 10.92 108.26 -143.88
C SER RD 42 10.15 106.99 -143.54
N GLY RD 43 10.16 106.05 -144.48
CA GLY RD 43 9.45 104.80 -144.34
C GLY RD 43 8.15 104.78 -145.12
N ASN RD 44 7.66 103.58 -145.36
CA ASN RD 44 6.39 103.41 -146.05
C ASN RD 44 5.25 104.01 -145.23
N PHE RD 45 4.26 104.56 -145.93
CA PHE RD 45 3.19 105.30 -145.26
C PHE RD 45 2.46 104.43 -144.25
N TYR RD 46 2.26 103.15 -144.59
CA TYR RD 46 1.51 102.27 -143.71
C TYR RD 46 2.19 102.14 -142.35
N ARG RD 47 3.52 102.02 -142.34
CA ARG RD 47 4.21 101.82 -141.07
C ARG RD 47 4.20 103.07 -140.20
N ASN RD 48 4.31 104.25 -140.80
CA ASN RD 48 4.20 105.46 -140.01
C ASN RD 48 2.79 105.63 -139.47
N LYS RD 49 1.78 105.30 -140.27
CA LYS RD 49 0.41 105.31 -139.75
C LYS RD 49 0.28 104.34 -138.59
N LEU RD 50 0.90 103.17 -138.71
CA LEU RD 50 0.87 102.20 -137.61
C LEU RD 50 1.50 102.78 -136.36
N LYS RD 51 2.65 103.44 -136.50
CA LYS RD 51 3.31 104.03 -135.34
C LYS RD 51 2.43 105.08 -134.70
N TYR RD 52 1.79 105.92 -135.51
CA TYR RD 52 0.94 106.95 -134.93
C TYR RD 52 -0.28 106.36 -134.25
N LEU RD 53 -0.86 105.30 -134.81
CA LEU RD 53 -1.98 104.64 -134.14
C LEU RD 53 -1.54 104.04 -132.82
N ALA RD 54 -0.36 103.42 -132.80
CA ALA RD 54 0.16 102.86 -131.55
C ALA RD 54 0.33 103.96 -130.51
N PHE RD 55 0.83 105.12 -130.92
CA PHE RD 55 0.92 106.26 -130.02
C PHE RD 55 -0.48 106.68 -129.56
N LEU RD 56 -1.45 106.67 -130.47
CA LEU RD 56 -2.82 107.00 -130.12
C LEU RD 56 -3.34 106.11 -129.00
N ARG RD 57 -3.08 104.81 -129.10
CA ARG RD 57 -3.55 103.88 -128.08
C ARG RD 57 -2.95 104.17 -126.71
N LYS RD 58 -1.82 104.85 -126.65
CA LYS RD 58 -1.20 105.17 -125.37
C LYS RD 58 -2.06 106.19 -124.65
N ARG RD 59 -2.60 105.80 -123.50
CA ARG RD 59 -3.40 106.69 -122.67
C ARG RD 59 -3.54 106.08 -121.29
N MET RD 60 -3.75 106.92 -120.29
CA MET RD 60 -4.06 106.41 -118.97
C MET RD 60 -5.55 106.11 -118.93
N ASN RD 61 -5.90 104.88 -118.56
CA ASN RD 61 -7.27 104.41 -118.66
C ASN RD 61 -8.16 104.87 -117.52
N THR RD 62 -7.57 105.30 -116.40
CA THR RD 62 -8.37 105.69 -115.25
C THR RD 62 -9.24 106.89 -115.57
N ASN RD 63 -8.70 107.88 -116.28
CA ASN RD 63 -9.47 109.05 -116.68
C ASN RD 63 -8.76 109.73 -117.84
N PRO RD 64 -8.85 109.15 -119.03
CA PRO RD 64 -7.98 109.60 -120.15
C PRO RD 64 -8.06 111.08 -120.46
N SER RD 65 -8.92 111.84 -119.80
CA SER RD 65 -8.88 113.28 -119.92
C SER RD 65 -7.52 113.84 -119.55
N ARG RD 66 -6.82 113.24 -118.59
CA ARG RD 66 -5.48 113.68 -118.23
C ARG RD 66 -4.39 112.95 -118.97
N GLY RD 67 -4.74 112.00 -119.83
CA GLY RD 67 -3.75 111.20 -120.53
C GLY RD 67 -2.98 112.03 -121.52
N PRO RD 68 -2.02 111.40 -122.21
CA PRO RD 68 -1.23 112.15 -123.19
C PRO RD 68 -2.10 112.61 -124.35
N TYR RD 69 -2.14 113.92 -124.54
CA TYR RD 69 -3.03 114.52 -125.54
C TYR RD 69 -2.50 114.22 -126.92
N HIS RD 70 -3.33 113.57 -127.74
CA HIS RD 70 -2.95 113.23 -129.11
C HIS RD 70 -3.40 114.36 -130.04
N PHE RD 71 -2.48 115.26 -130.33
CA PHE RD 71 -2.77 116.33 -131.27
C PHE RD 71 -2.90 115.77 -132.68
N ARG RD 72 -3.80 116.36 -133.46
CA ARG RD 72 -4.06 115.87 -134.81
C ARG RD 72 -3.63 116.85 -135.90
N ALA RD 73 -3.48 118.12 -135.58
CA ALA RD 73 -3.02 119.08 -136.58
C ALA RD 73 -1.57 118.79 -136.93
N PRO RD 74 -1.23 118.77 -138.23
CA PRO RD 74 0.16 118.46 -138.61
C PRO RD 74 1.18 119.40 -137.97
N SER RD 75 0.86 120.68 -137.93
CA SER RD 75 1.72 121.63 -137.23
C SER RD 75 1.84 121.23 -135.76
N ARG RD 76 0.73 120.86 -135.14
CA ARG RD 76 0.75 120.41 -133.76
C ARG RD 76 1.57 119.13 -133.60
N ILE RD 77 1.53 118.24 -134.59
CA ILE RD 77 2.32 117.02 -134.50
C ILE RD 77 3.81 117.35 -134.51
N PHE RD 78 4.23 118.21 -135.44
CA PHE RD 78 5.63 118.60 -135.45
C PHE RD 78 6.00 119.33 -134.17
N TRP RD 79 5.07 120.12 -133.64
CA TRP RD 79 5.32 120.84 -132.39
C TRP RD 79 5.51 119.87 -131.24
N ARG RD 80 4.70 118.81 -131.19
CA ARG RD 80 4.90 117.79 -130.17
C ARG RD 80 6.24 117.11 -130.36
N THR RD 81 6.61 116.82 -131.60
CA THR RD 81 7.90 116.17 -131.84
C THR RD 81 9.05 117.03 -131.35
N VAL RD 82 9.03 118.33 -131.66
CA VAL RD 82 10.11 119.18 -131.18
C VAL RD 82 10.02 119.39 -129.67
N ARG RD 83 8.84 119.24 -129.07
CA ARG RD 83 8.75 119.35 -127.62
C ARG RD 83 9.65 118.33 -126.94
N GLY RD 84 9.77 117.13 -127.53
CA GLY RD 84 10.71 116.17 -126.99
C GLY RD 84 12.13 116.63 -127.03
N MET RD 85 12.49 117.41 -128.06
CA MET RD 85 13.84 117.93 -128.23
C MET RD 85 14.22 118.87 -127.10
N LEU RD 86 13.26 119.48 -126.51
CA LEU RD 86 13.49 120.53 -125.55
C LEU RD 86 13.28 120.02 -124.15
N PRO RD 87 14.06 120.51 -123.21
CA PRO RD 87 13.75 120.25 -121.80
C PRO RD 87 12.51 121.02 -121.38
N HIS RD 88 11.36 120.55 -121.86
CA HIS RD 88 10.12 121.30 -121.71
C HIS RD 88 9.66 121.38 -120.26
N LYS RD 89 10.25 120.62 -119.36
CA LYS RD 89 9.85 120.67 -117.96
C LYS RD 89 10.59 121.73 -117.16
N THR RD 90 11.57 122.41 -117.75
CA THR RD 90 12.22 123.54 -117.09
C THR RD 90 11.83 124.83 -117.79
N LYS RD 91 11.85 125.92 -117.03
CA LYS RD 91 11.42 127.21 -117.55
C LYS RD 91 12.26 127.64 -118.74
N ARG RD 92 13.55 127.30 -118.75
CA ARG RD 92 14.38 127.60 -119.91
C ARG RD 92 13.82 126.90 -121.15
N GLY RD 93 13.43 125.63 -121.02
CA GLY RD 93 12.85 124.94 -122.15
C GLY RD 93 11.55 125.56 -122.62
N GLN RD 94 10.65 125.86 -121.67
CA GLN RD 94 9.37 126.44 -122.06
C GLN RD 94 9.55 127.78 -122.76
N ALA RD 95 10.43 128.63 -122.23
CA ALA RD 95 10.72 129.89 -122.89
C ALA RD 95 11.31 129.66 -124.27
N ALA RD 96 12.25 128.71 -124.39
CA ALA RD 96 12.80 128.37 -125.70
C ALA RD 96 11.71 127.81 -126.60
N LEU RD 97 10.86 126.94 -126.06
CA LEU RD 97 9.78 126.38 -126.84
C LEU RD 97 8.82 127.47 -127.32
N ASP RD 98 8.47 128.42 -126.45
CA ASP RD 98 7.52 129.45 -126.83
C ASP RD 98 8.09 130.40 -127.86
N ARG RD 99 9.41 130.40 -128.08
CA ARG RD 99 9.96 131.17 -129.18
C ARG RD 99 9.58 130.58 -130.52
N LEU RD 100 9.07 129.35 -130.54
CA LEU RD 100 8.74 128.64 -131.77
C LEU RD 100 7.26 128.80 -132.09
N LYS RD 101 6.97 129.10 -133.34
CA LYS RD 101 5.61 129.04 -133.86
C LYS RD 101 5.59 128.14 -135.08
N VAL RD 102 4.43 127.53 -135.33
CA VAL RD 102 4.32 126.48 -136.33
C VAL RD 102 2.87 126.38 -136.76
N PHE RD 103 2.63 126.40 -138.07
CA PHE RD 103 1.27 126.42 -138.59
C PHE RD 103 1.17 125.57 -139.85
N ASP RD 104 0.00 125.00 -140.05
CA ASP RD 104 -0.33 124.35 -141.30
C ASP RD 104 -0.65 125.40 -142.35
N GLY RD 105 -0.12 125.19 -143.56
CA GLY RD 105 -0.32 126.19 -144.58
C GLY RD 105 0.53 127.42 -144.31
N ILE RD 106 0.20 128.49 -145.03
CA ILE RD 106 0.92 129.75 -144.94
C ILE RD 106 -0.07 130.84 -144.55
N PRO RD 107 -0.20 131.13 -143.25
CA PRO RD 107 -1.01 132.28 -142.85
C PRO RD 107 -0.44 133.56 -143.43
N PRO RD 108 -1.30 134.50 -143.81
CA PRO RD 108 -0.82 135.64 -144.61
C PRO RD 108 -0.44 136.85 -143.78
N PRO RD 109 0.33 136.70 -142.69
CA PRO RD 109 1.32 137.75 -142.39
C PRO RD 109 2.69 137.33 -142.86
N TYR RD 110 2.78 136.06 -143.26
CA TYR RD 110 4.05 135.44 -143.61
C TYR RD 110 4.13 135.04 -145.07
N ASP RD 111 2.99 134.89 -145.75
CA ASP RD 111 2.99 134.56 -147.18
C ASP RD 111 3.72 135.59 -148.01
N LYS RD 112 3.84 136.81 -147.52
CA LYS RD 112 4.54 137.89 -148.23
C LYS RD 112 6.04 137.88 -147.95
N LYS RD 113 6.59 136.73 -147.55
CA LYS RD 113 7.99 136.65 -147.17
C LYS RD 113 8.61 135.41 -147.80
N LYS RD 114 9.90 135.49 -148.10
CA LYS RD 114 10.61 134.33 -148.61
C LYS RD 114 10.77 133.30 -147.49
N ARG RD 115 10.38 132.07 -147.79
CA ARG RD 115 10.40 130.98 -146.82
C ARG RD 115 11.79 130.36 -146.81
N MET RD 116 12.27 130.02 -145.62
CA MET RD 116 13.62 129.50 -145.50
C MET RD 116 13.58 127.98 -145.63
N VAL RD 117 14.68 127.42 -146.11
CA VAL RD 117 14.81 125.99 -146.38
C VAL RD 117 16.06 125.48 -145.67
N VAL RD 118 15.91 124.35 -144.98
CA VAL RD 118 17.02 123.68 -144.30
C VAL RD 118 17.44 122.50 -145.16
N PRO RD 119 18.62 122.52 -145.78
CA PRO RD 119 19.07 121.34 -146.54
C PRO RD 119 19.25 120.11 -145.67
N ALA RD 120 19.63 120.30 -144.41
CA ALA RD 120 19.94 119.17 -143.53
C ALA RD 120 18.79 118.20 -143.37
N ALA RD 121 17.55 118.66 -143.48
CA ALA RD 121 16.39 117.80 -143.41
C ALA RD 121 15.71 117.62 -144.75
N LEU RD 122 16.31 118.10 -145.83
CA LEU RD 122 15.69 117.98 -147.14
C LEU RD 122 15.65 116.52 -147.56
N LYS RD 123 14.45 116.05 -147.91
CA LYS RD 123 14.27 114.65 -148.27
C LYS RD 123 15.13 114.26 -149.45
N VAL RD 124 15.27 115.17 -150.41
CA VAL RD 124 16.00 114.85 -151.63
C VAL RD 124 17.48 114.57 -151.37
N VAL RD 125 18.02 115.07 -150.26
CA VAL RD 125 19.45 114.91 -149.98
C VAL RD 125 19.75 113.96 -148.84
N ARG RD 126 18.76 113.55 -148.07
CA ARG RD 126 19.00 112.68 -146.93
C ARG RD 126 18.41 111.29 -147.09
N LEU RD 127 17.65 111.03 -148.15
CA LEU RD 127 17.03 109.73 -148.37
C LEU RD 127 17.42 109.19 -149.73
N LYS RD 128 17.67 107.90 -149.80
CA LYS RD 128 17.89 107.26 -151.09
C LYS RD 128 16.61 107.34 -151.91
N PRO RD 129 16.69 107.73 -153.19
CA PRO RD 129 15.47 107.91 -153.98
C PRO RD 129 14.61 106.65 -154.05
N THR RD 130 15.21 105.48 -153.98
CA THR RD 130 14.46 104.22 -153.93
C THR RD 130 14.11 103.84 -152.49
N ARG RD 131 13.52 104.79 -151.77
CA ARG RD 131 13.05 104.55 -150.41
C ARG RD 131 11.67 105.18 -150.28
N LYS RD 132 10.76 104.49 -149.61
CA LYS RD 132 9.40 104.96 -149.52
C LYS RD 132 9.24 106.00 -148.43
N PHE RD 133 8.25 106.88 -148.60
CA PHE RD 133 8.05 108.02 -147.74
C PHE RD 133 6.58 108.26 -147.54
N ALA RD 134 6.25 109.21 -146.67
CA ALA RD 134 4.88 109.62 -146.42
C ALA RD 134 4.82 111.11 -146.13
N TYR RD 135 3.75 111.76 -146.58
CA TYR RD 135 3.52 113.15 -146.26
C TYR RD 135 2.78 113.25 -144.94
N LEU RD 136 3.11 114.27 -144.15
CA LEU RD 136 2.51 114.39 -142.83
C LEU RD 136 1.05 114.81 -142.90
N GLY RD 137 0.70 115.70 -143.84
CA GLY RD 137 -0.66 116.19 -143.90
C GLY RD 137 -1.66 115.10 -144.21
N ARG RD 138 -1.32 114.21 -145.15
CA ARG RD 138 -2.23 113.12 -145.48
C ARG RD 138 -2.38 112.17 -144.30
N LEU RD 139 -1.30 111.92 -143.55
CA LEU RD 139 -1.41 111.06 -142.37
C LEU RD 139 -2.30 111.71 -141.31
N ALA RD 140 -2.15 113.02 -141.13
CA ALA RD 140 -3.00 113.71 -140.16
C ALA RD 140 -4.46 113.62 -140.57
N HIS RD 141 -4.78 113.92 -141.83
CA HIS RD 141 -6.14 113.75 -142.31
C HIS RD 141 -6.60 112.32 -142.12
N GLU RD 142 -5.68 111.35 -142.28
CA GLU RD 142 -6.00 109.96 -142.08
C GLU RD 142 -6.43 109.68 -140.65
N VAL RD 143 -5.71 110.23 -139.67
CA VAL RD 143 -5.98 109.92 -138.28
C VAL RD 143 -7.15 110.70 -137.71
N GLY RD 144 -7.60 111.75 -138.38
CA GLY RD 144 -8.75 112.48 -137.89
C GLY RD 144 -8.70 113.97 -138.11
N TRP RD 145 -7.55 114.49 -138.52
CA TRP RD 145 -7.44 115.92 -138.81
C TRP RD 145 -8.45 116.30 -139.87
N LYS RD 146 -9.28 117.29 -139.55
CA LYS RD 146 -10.47 117.59 -140.32
C LYS RD 146 -10.26 118.68 -141.36
N TYR RD 147 -9.06 119.25 -141.45
CA TYR RD 147 -8.89 120.51 -142.16
C TYR RD 147 -7.95 120.39 -143.35
N GLN RD 148 -7.72 119.18 -143.86
CA GLN RD 148 -6.80 119.05 -144.98
C GLN RD 148 -7.32 119.72 -146.25
N ALA RD 149 -8.61 119.60 -146.53
CA ALA RD 149 -9.14 120.14 -147.79
C ALA RD 149 -9.18 121.66 -147.78
N VAL RD 150 -9.61 122.25 -146.67
CA VAL RD 150 -9.66 123.71 -146.60
C VAL RD 150 -8.26 124.30 -146.68
N THR RD 151 -7.29 123.65 -146.02
CA THR RD 151 -5.91 124.08 -146.18
C THR RD 151 -5.45 123.94 -147.61
N ALA RD 152 -5.82 122.86 -148.30
CA ALA RD 152 -5.40 122.68 -149.68
C ALA RD 152 -5.95 123.79 -150.58
N THR RD 153 -7.23 124.13 -150.42
CA THR RD 153 -7.80 125.14 -151.30
C THR RD 153 -7.28 126.53 -150.97
N LEU RD 154 -7.15 126.86 -149.68
CA LEU RD 154 -6.51 128.11 -149.31
C LEU RD 154 -5.11 128.18 -149.88
N GLU RD 155 -4.39 127.05 -149.85
CA GLU RD 155 -3.03 127.01 -150.36
C GLU RD 155 -3.00 127.24 -151.86
N GLU RD 156 -3.94 126.65 -152.60
CA GLU RD 156 -3.91 126.85 -154.05
C GLU RD 156 -4.26 128.28 -154.41
N LYS RD 157 -5.18 128.90 -153.66
CA LYS RD 157 -5.46 130.32 -153.90
C LYS RD 157 -4.24 131.17 -153.60
N ARG RD 158 -3.56 130.88 -152.49
CA ARG RD 158 -2.32 131.59 -152.17
C ARG RD 158 -1.27 131.36 -153.25
N LYS RD 159 -1.26 130.17 -153.84
CA LYS RD 159 -0.32 129.89 -154.92
C LYS RD 159 -0.65 130.73 -156.15
N GLU RD 160 -1.94 130.93 -156.43
CA GLU RD 160 -2.33 131.84 -157.51
C GLU RD 160 -1.77 133.23 -157.25
N LYS RD 161 -1.95 133.72 -156.02
CA LYS RD 161 -1.50 135.07 -155.70
C LYS RD 161 0.03 135.17 -155.75
N ALA RD 162 0.72 134.14 -155.25
CA ALA RD 162 2.17 134.12 -155.37
C ALA RD 162 2.62 134.07 -156.82
N LYS RD 163 1.87 133.35 -157.65
CA LYS RD 163 2.20 133.27 -159.07
C LYS RD 163 2.10 134.63 -159.74
N ILE RD 164 1.04 135.38 -159.44
CA ILE RD 164 0.92 136.70 -160.05
C ILE RD 164 2.01 137.63 -159.51
N HIS RD 165 2.36 137.47 -158.23
CA HIS RD 165 3.47 138.24 -157.69
C HIS RD 165 4.77 137.91 -158.42
N TYR RD 166 5.00 136.63 -158.71
CA TYR RD 166 6.21 136.24 -159.41
C TYR RD 166 6.22 136.74 -160.84
N ARG RD 167 5.06 136.71 -161.50
CA ARG RD 167 4.96 137.27 -162.84
C ARG RD 167 5.34 138.75 -162.82
N LYS RD 168 4.81 139.50 -161.85
CA LYS RD 168 5.17 140.91 -161.73
C LYS RD 168 6.66 141.07 -161.48
N LYS RD 169 7.23 140.21 -160.61
CA LYS RD 169 8.64 140.33 -160.26
C LYS RD 169 9.52 140.09 -161.49
N LYS RD 170 9.27 138.99 -162.20
CA LYS RD 170 9.99 138.73 -163.44
C LYS RD 170 9.81 139.87 -164.41
N GLN RD 171 8.63 140.49 -164.44
CA GLN RD 171 8.36 141.55 -165.39
C GLN RD 171 9.22 142.77 -165.08
N LEU RD 172 9.23 143.23 -163.82
CA LEU RD 172 10.05 144.41 -163.59
C LEU RD 172 11.53 144.07 -163.57
N MET RD 173 11.88 142.81 -163.42
CA MET RD 173 13.29 142.52 -163.54
C MET RD 173 13.67 142.54 -165.03
N ARG RD 174 12.80 142.01 -165.91
CA ARG RD 174 13.03 142.23 -167.33
C ARG RD 174 13.15 143.71 -167.62
N LEU RD 175 12.37 144.54 -166.90
CA LEU RD 175 12.49 145.99 -167.02
C LEU RD 175 13.89 146.45 -166.63
N ARG RD 176 14.42 145.90 -165.54
CA ARG RD 176 15.78 146.22 -165.12
C ARG RD 176 16.79 145.83 -166.21
N LYS RD 177 16.60 144.66 -166.82
CA LYS RD 177 17.52 144.20 -167.87
C LYS RD 177 17.49 145.14 -169.06
N GLN RD 178 16.30 145.50 -169.54
CA GLN RD 178 16.24 146.43 -170.66
C GLN RD 178 16.71 147.82 -170.25
N ALA RD 179 16.62 148.16 -168.97
CA ALA RD 179 17.15 149.43 -168.50
C ALA RD 179 18.67 149.46 -168.58
N GLU RD 180 19.33 148.42 -168.07
CA GLU RD 180 20.78 148.37 -168.19
C GLU RD 180 21.21 148.16 -169.63
N LYS RD 181 20.35 147.58 -170.47
CA LYS RD 181 20.63 147.52 -171.90
C LYS RD 181 20.44 148.87 -172.56
N ASN RD 182 19.64 149.76 -171.95
CA ASN RD 182 19.47 151.09 -172.50
C ASN RD 182 20.72 151.94 -172.33
N VAL RD 183 21.36 151.88 -171.18
CA VAL RD 183 22.47 152.76 -170.83
C VAL RD 183 23.71 151.91 -170.53
N GLU RD 184 24.78 152.17 -171.26
CA GLU RD 184 26.07 151.53 -171.06
C GLU RD 184 27.16 152.53 -170.73
N LYS RD 185 27.25 153.62 -171.50
CA LYS RD 185 28.38 154.52 -171.45
C LYS RD 185 28.45 155.29 -170.15
N LYS RD 186 27.33 155.40 -169.44
CA LYS RD 186 27.26 156.09 -168.17
C LYS RD 186 27.61 155.18 -167.00
N ILE RD 187 27.83 153.89 -167.26
CA ILE RD 187 28.03 152.90 -166.20
C ILE RD 187 29.30 152.09 -166.40
N ASP RD 188 29.91 152.15 -167.59
CA ASP RD 188 31.05 151.29 -167.91
C ASP RD 188 32.14 151.39 -166.87
N LYS RD 189 32.53 152.62 -166.51
CA LYS RD 189 33.56 152.82 -165.50
C LYS RD 189 33.16 152.29 -164.14
N TYR RD 190 31.86 152.17 -163.87
CA TYR RD 190 31.37 151.59 -162.63
C TYR RD 190 31.39 150.08 -162.66
N THR RD 191 30.81 149.47 -163.70
CA THR RD 191 30.84 148.02 -163.81
C THR RD 191 32.27 147.49 -163.88
N GLU RD 192 33.17 148.24 -164.50
CA GLU RD 192 34.55 147.78 -164.62
C GLU RD 192 35.17 147.58 -163.25
N VAL RD 193 35.11 148.60 -162.40
CA VAL RD 193 35.64 148.44 -161.04
C VAL RD 193 34.81 147.42 -160.27
N LEU RD 194 33.53 147.27 -160.61
CA LEU RD 194 32.74 146.20 -160.05
C LEU RD 194 33.21 144.83 -160.56
N LYS RD 195 33.52 144.75 -161.86
CA LYS RD 195 33.91 143.47 -162.43
C LYS RD 195 35.23 142.98 -161.86
N THR RD 196 36.20 143.86 -161.71
CA THR RD 196 37.51 143.46 -161.20
C THR RD 196 37.51 143.24 -159.70
N HIS RD 197 36.34 143.21 -159.06
CA HIS RD 197 36.24 142.98 -157.64
C HIS RD 197 35.22 141.89 -157.35
N GLY RD 198 35.07 140.96 -158.28
CA GLY RD 198 34.18 139.82 -158.11
C GLY RD 198 32.75 140.02 -158.53
N LEU RD 199 32.24 141.25 -158.38
CA LEU RD 199 30.86 141.52 -158.76
C LEU RD 199 30.69 141.49 -160.28
N LEU RD 200 29.56 140.95 -160.72
CA LEU RD 200 29.14 141.01 -162.11
C LEU RD 200 30.18 140.39 -163.04
N VAL RD 201 30.31 139.07 -162.89
CA VAL RD 201 31.19 138.26 -163.74
C VAL RD 201 31.04 138.63 -165.21
N VAL SD 1 -1.97 152.22 -73.89
CA VAL SD 1 -1.17 151.01 -73.87
C VAL SD 1 -0.49 150.83 -75.22
N ARG SD 2 0.43 149.87 -75.30
CA ARG SD 2 1.21 149.65 -76.52
C ARG SD 2 0.33 148.97 -77.55
N TYR SD 3 -0.33 149.77 -78.38
CA TYR SD 3 -1.04 149.25 -79.53
C TYR SD 3 -0.07 148.83 -80.60
N SER SD 4 -0.29 147.65 -81.17
CA SER SD 4 0.46 147.28 -82.36
C SER SD 4 0.13 148.23 -83.49
N LEU SD 5 1.14 148.56 -84.29
CA LEU SD 5 0.97 149.43 -85.45
C LEU SD 5 0.41 150.79 -85.02
N ASP SD 6 1.23 151.51 -84.27
CA ASP SD 6 0.86 152.83 -83.78
C ASP SD 6 0.37 153.71 -84.92
N PRO SD 7 -0.57 154.62 -84.65
CA PRO SD 7 -1.14 155.43 -85.73
C PRO SD 7 -0.14 156.41 -86.30
N GLU SD 8 -0.43 156.86 -87.52
CA GLU SD 8 0.46 157.80 -88.20
C GLU SD 8 0.54 159.14 -87.49
N ASN SD 9 -0.53 159.57 -86.82
CA ASN SD 9 -0.47 160.79 -86.03
C ASN SD 9 -1.34 160.58 -84.81
N PRO SD 10 -0.82 160.85 -83.61
CA PRO SD 10 -1.65 160.71 -82.41
C PRO SD 10 -2.44 161.97 -82.12
N THR SD 11 -3.02 162.57 -83.15
CA THR SD 11 -3.87 163.74 -82.97
C THR SD 11 -5.20 163.54 -83.67
N LYS SD 12 -5.14 162.88 -84.84
CA LYS SD 12 -6.31 162.65 -85.67
C LYS SD 12 -6.71 161.18 -85.68
N SER SD 13 -6.44 160.48 -84.59
CA SER SD 13 -6.69 159.04 -84.51
C SER SD 13 -7.27 158.69 -83.15
N CYS SD 14 -8.19 157.74 -83.15
CA CYS SD 14 -8.79 157.23 -81.93
C CYS SD 14 -8.67 155.72 -81.88
N LYS SD 15 -8.43 155.19 -80.69
CA LYS SD 15 -8.10 153.79 -80.50
C LYS SD 15 -9.10 153.13 -79.55
N SER SD 16 -9.36 151.86 -79.79
CA SER SD 16 -10.22 151.08 -78.92
C SER SD 16 -9.73 149.64 -78.91
N ARG SD 17 -9.86 148.97 -77.78
CA ARG SD 17 -9.35 147.62 -77.64
C ARG SD 17 -10.21 146.84 -76.64
N GLY SD 18 -10.14 145.52 -76.76
CA GLY SD 18 -10.83 144.64 -75.84
C GLY SD 18 -10.06 143.35 -75.71
N SER SD 19 -10.24 142.67 -74.59
CA SER SD 19 -9.52 141.45 -74.31
C SER SD 19 -10.46 140.39 -73.80
N ASN SD 20 -10.09 139.13 -74.03
CA ASN SD 20 -10.81 137.97 -73.50
C ASN SD 20 -12.28 138.01 -73.89
N LEU SD 21 -12.56 138.39 -75.13
CA LEU SD 21 -13.92 138.41 -75.63
C LEU SD 21 -14.34 136.99 -75.95
N ARG SD 22 -15.41 136.53 -75.30
CA ARG SD 22 -15.86 135.14 -75.44
C ARG SD 22 -16.56 134.94 -76.79
N VAL SD 23 -15.79 135.17 -77.86
CA VAL SD 23 -16.29 135.02 -79.21
C VAL SD 23 -15.29 134.20 -80.01
N HIS SD 24 -15.79 133.60 -81.09
CA HIS SD 24 -15.00 132.69 -81.90
C HIS SD 24 -13.88 133.44 -82.61
N PHE SD 25 -12.67 132.89 -82.52
CA PHE SD 25 -11.51 133.59 -83.03
C PHE SD 25 -11.50 133.64 -84.55
N LYS SD 26 -11.77 132.52 -85.21
CA LYS SD 26 -11.71 132.49 -86.67
C LYS SD 26 -12.76 133.39 -87.30
N ASN SD 27 -13.99 133.35 -86.77
CA ASN SD 27 -15.04 134.18 -87.31
C ASN SD 27 -14.71 135.66 -87.13
N THR SD 28 -14.21 136.01 -85.95
CA THR SD 28 -13.81 137.40 -85.71
C THR SD 28 -12.69 137.81 -86.64
N ARG SD 29 -11.73 136.92 -86.88
CA ARG SD 29 -10.64 137.26 -87.79
C ARG SD 29 -11.16 137.52 -89.19
N GLU SD 30 -12.03 136.65 -89.69
CA GLU SD 30 -12.54 136.83 -91.05
C GLU SD 30 -13.36 138.11 -91.16
N THR SD 31 -14.24 138.36 -90.20
CA THR SD 31 -15.01 139.58 -90.25
C THR SD 31 -14.15 140.82 -90.04
N ALA SD 32 -13.01 140.70 -89.35
CA ALA SD 32 -12.12 141.84 -89.20
C ALA SD 32 -11.38 142.13 -90.49
N GLN SD 33 -10.94 141.08 -91.18
CA GLN SD 33 -10.37 141.28 -92.51
C GLN SD 33 -11.39 141.91 -93.44
N ALA SD 34 -12.65 141.48 -93.33
CA ALA SD 34 -13.70 142.05 -94.15
C ALA SD 34 -13.93 143.52 -93.82
N ILE SD 35 -13.88 143.87 -92.54
CA ILE SD 35 -14.24 145.23 -92.14
C ILE SD 35 -13.10 146.22 -92.36
N LYS SD 36 -11.87 145.75 -92.57
CA LYS SD 36 -10.74 146.67 -92.62
C LYS SD 36 -10.87 147.67 -93.77
N GLY SD 37 -10.63 148.94 -93.46
CA GLY SD 37 -10.31 149.94 -94.45
C GLY SD 37 -11.45 150.89 -94.83
N MET SD 38 -12.70 150.55 -94.54
CA MET SD 38 -13.78 151.41 -94.98
C MET SD 38 -14.24 152.40 -93.91
N HIS SD 39 -15.15 153.28 -94.30
CA HIS SD 39 -15.64 154.34 -93.45
C HIS SD 39 -16.56 153.77 -92.36
N ILE SD 40 -16.64 154.50 -91.25
CA ILE SD 40 -17.25 153.96 -90.04
C ILE SD 40 -18.77 153.85 -90.18
N ARG SD 41 -19.41 154.88 -90.75
CA ARG SD 41 -20.85 154.77 -90.96
C ARG SD 41 -21.18 153.61 -91.89
N LYS SD 42 -20.43 153.49 -92.99
CA LYS SD 42 -20.58 152.34 -93.87
C LYS SD 42 -20.25 151.05 -93.15
N ALA SD 43 -19.24 151.06 -92.29
CA ALA SD 43 -18.88 149.87 -91.53
C ALA SD 43 -20.05 149.41 -90.66
N THR SD 44 -20.66 150.34 -89.92
CA THR SD 44 -21.79 150.00 -89.07
C THR SD 44 -22.98 149.52 -89.89
N LYS SD 45 -23.22 150.18 -91.02
CA LYS SD 45 -24.31 149.73 -91.89
C LYS SD 45 -24.07 148.29 -92.33
N TYR SD 46 -22.85 148.00 -92.77
CA TYR SD 46 -22.52 146.65 -93.22
C TYR SD 46 -22.66 145.65 -92.09
N LEU SD 47 -22.24 146.04 -90.88
CA LEU SD 47 -22.35 145.15 -89.73
C LEU SD 47 -23.82 144.82 -89.45
N LYS SD 48 -24.68 145.83 -89.50
CA LYS SD 48 -26.10 145.57 -89.28
C LYS SD 48 -26.66 144.68 -90.38
N ASP SD 49 -26.22 144.87 -91.62
CA ASP SD 49 -26.66 143.98 -92.69
C ASP SD 49 -26.23 142.54 -92.44
N VAL SD 50 -25.01 142.36 -91.92
CA VAL SD 50 -24.55 141.02 -91.57
C VAL SD 50 -25.43 140.43 -90.48
N THR SD 51 -25.75 141.24 -89.46
CA THR SD 51 -26.63 140.77 -88.40
C THR SD 51 -27.99 140.36 -88.97
N LEU SD 52 -28.44 141.05 -90.02
CA LEU SD 52 -29.70 140.74 -90.66
C LEU SD 52 -29.52 139.91 -91.93
N GLN SD 53 -28.36 139.27 -92.08
CA GLN SD 53 -28.07 138.33 -93.17
C GLN SD 53 -28.08 138.99 -94.53
N LYS SD 54 -28.14 140.32 -94.60
CA LYS SD 54 -28.22 141.00 -95.88
C LYS SD 54 -26.86 141.21 -96.51
N GLN SD 55 -25.78 141.08 -95.75
CA GLN SD 55 -24.43 141.10 -96.29
C GLN SD 55 -23.62 140.02 -95.60
N CYS SD 56 -22.80 139.32 -96.37
CA CYS SD 56 -22.04 138.20 -95.85
C CYS SD 56 -20.59 138.60 -95.62
N VAL SD 57 -19.94 137.88 -94.71
CA VAL SD 57 -18.51 138.00 -94.48
C VAL SD 57 -17.82 136.97 -95.36
N PRO SD 58 -16.90 137.37 -96.23
CA PRO SD 58 -16.15 136.38 -97.02
C PRO SD 58 -15.17 135.64 -96.12
N PHE SD 59 -15.22 134.32 -96.17
CA PHE SD 59 -14.34 133.48 -95.37
C PHE SD 59 -13.22 133.00 -96.27
N ARG SD 60 -12.03 133.56 -96.07
CA ARG SD 60 -10.89 133.31 -96.94
C ARG SD 60 -9.89 132.36 -96.29
N ARG SD 61 -9.41 132.70 -95.09
CA ARG SD 61 -8.37 131.90 -94.47
C ARG SD 61 -8.95 130.69 -93.76
N TYR SD 62 -9.81 130.91 -92.77
CA TYR SD 62 -10.49 129.80 -92.08
C TYR SD 62 -11.82 129.53 -92.79
N ASN SD 63 -11.71 128.79 -93.89
CA ASN SD 63 -12.86 128.48 -94.73
C ASN SD 63 -13.10 126.97 -94.83
N GLY SD 64 -12.49 126.19 -93.95
CA GLY SD 64 -12.60 124.74 -94.04
C GLY SD 64 -14.03 124.29 -93.84
N GLY SD 65 -14.60 123.63 -94.84
CA GLY SD 65 -15.91 123.06 -94.72
C GLY SD 65 -17.06 124.05 -94.71
N VAL SD 66 -16.77 125.35 -94.83
CA VAL SD 66 -17.84 126.35 -94.77
C VAL SD 66 -18.64 126.31 -96.06
N GLY SD 67 -19.94 126.52 -95.94
CA GLY SD 67 -20.78 126.58 -97.11
C GLY SD 67 -20.61 127.88 -97.87
N ARG SD 68 -21.22 127.92 -99.04
CA ARG SD 68 -21.20 129.12 -99.86
C ARG SD 68 -22.49 129.91 -99.70
N CYS SD 69 -22.50 131.09 -100.29
CA CYS SD 69 -23.67 131.95 -100.28
C CYS SD 69 -23.61 132.86 -101.49
N ALA SD 70 -24.79 133.19 -102.02
CA ALA SD 70 -24.84 134.09 -103.16
C ALA SD 70 -24.27 135.46 -102.85
N GLN SD 71 -24.29 135.87 -101.58
CA GLN SD 71 -23.74 137.16 -101.20
C GLN SD 71 -22.21 137.20 -101.25
N ALA SD 72 -21.56 136.05 -101.38
CA ALA SD 72 -20.10 135.99 -101.39
C ALA SD 72 -19.49 136.48 -102.69
N LYS SD 73 -20.29 137.12 -103.54
CA LYS SD 73 -19.83 137.58 -104.84
C LYS SD 73 -19.38 139.03 -104.84
N GLN SD 74 -19.95 139.87 -103.96
CA GLN SD 74 -19.47 141.24 -103.85
C GLN SD 74 -17.98 141.26 -103.58
N TRP SD 75 -17.55 140.52 -102.58
CA TRP SD 75 -16.14 140.18 -102.46
C TRP SD 75 -15.81 139.12 -103.50
N GLY SD 76 -14.65 139.24 -104.12
CA GLY SD 76 -14.24 138.17 -105.01
C GLY SD 76 -14.03 136.92 -104.20
N TRP SD 77 -14.98 136.01 -104.24
CA TRP SD 77 -14.99 134.82 -103.40
C TRP SD 77 -16.21 133.99 -103.73
N THR SD 78 -16.32 132.84 -103.08
CA THR SD 78 -17.44 131.94 -103.26
C THR SD 78 -18.18 131.59 -101.97
N GLN SD 79 -17.51 131.54 -100.82
CA GLN SD 79 -18.11 131.03 -99.61
C GLN SD 79 -18.02 132.05 -98.49
N GLY SD 80 -19.10 132.14 -97.70
CA GLY SD 80 -19.14 133.07 -96.59
C GLY SD 80 -20.30 132.73 -95.66
N ARG SD 81 -20.29 133.37 -94.50
CA ARG SD 81 -21.31 133.17 -93.49
C ARG SD 81 -21.72 134.52 -92.93
N TRP SD 82 -22.49 134.48 -91.85
CA TRP SD 82 -22.96 135.69 -91.17
C TRP SD 82 -22.74 135.51 -89.67
N PRO SD 83 -21.51 135.68 -89.20
CA PRO SD 83 -21.24 135.49 -87.78
C PRO SD 83 -21.93 136.54 -86.94
N LYS SD 84 -22.95 136.12 -86.18
CA LYS SD 84 -23.78 137.08 -85.48
C LYS SD 84 -23.06 137.66 -84.28
N LYS SD 85 -22.68 136.81 -83.32
CA LYS SD 85 -22.10 137.31 -82.07
C LYS SD 85 -20.82 138.11 -82.32
N SER SD 86 -20.00 137.65 -83.27
CA SER SD 86 -18.83 138.44 -83.65
C SER SD 86 -19.25 139.80 -84.17
N ALA SD 87 -20.32 139.86 -84.94
CA ALA SD 87 -20.81 141.14 -85.44
C ALA SD 87 -21.25 142.05 -84.31
N GLU SD 88 -21.98 141.50 -83.34
CA GLU SD 88 -22.42 142.32 -82.21
C GLU SD 88 -21.23 142.85 -81.41
N PHE SD 89 -20.23 141.99 -81.18
CA PHE SD 89 -19.04 142.43 -80.46
C PHE SD 89 -18.32 143.54 -81.21
N LEU SD 90 -18.18 143.40 -82.53
CA LEU SD 90 -17.53 144.44 -83.30
C LEU SD 90 -18.32 145.74 -83.27
N LEU SD 91 -19.66 145.64 -83.29
CA LEU SD 91 -20.48 146.84 -83.22
C LEU SD 91 -20.30 147.56 -81.90
N HIS SD 92 -20.29 146.81 -80.79
CA HIS SD 92 -20.04 147.42 -79.49
C HIS SD 92 -18.67 148.07 -79.45
N MET SD 93 -17.68 147.39 -80.02
CA MET SD 93 -16.34 147.93 -80.08
C MET SD 93 -16.31 149.24 -80.87
N LEU SD 94 -17.04 149.29 -81.99
CA LEU SD 94 -17.09 150.49 -82.80
C LEU SD 94 -17.76 151.63 -82.03
N LYS SD 95 -18.82 151.32 -81.28
CA LYS SD 95 -19.47 152.35 -80.48
C LYS SD 95 -18.51 152.90 -79.43
N ASN SD 96 -17.75 152.00 -78.78
CA ASN SD 96 -16.75 152.46 -77.83
C ASN SD 96 -15.73 153.35 -78.52
N ALA SD 97 -15.28 152.96 -79.72
CA ALA SD 97 -14.29 153.74 -80.43
C ALA SD 97 -14.81 155.13 -80.78
N GLU SD 98 -16.05 155.22 -81.26
CA GLU SD 98 -16.58 156.52 -81.64
C GLU SD 98 -16.80 157.39 -80.41
N SER SD 99 -17.20 156.78 -79.29
CA SER SD 99 -17.29 157.54 -78.05
C SER SD 99 -15.93 158.07 -77.66
N ASN SD 100 -14.89 157.25 -77.80
CA ASN SD 100 -13.53 157.69 -77.50
C ASN SD 100 -13.13 158.86 -78.38
N ALA SD 101 -13.45 158.78 -79.67
CA ALA SD 101 -13.12 159.85 -80.60
C ALA SD 101 -13.81 161.14 -80.20
N GLU SD 102 -15.11 161.06 -79.90
CA GLU SD 102 -15.85 162.26 -79.52
C GLU SD 102 -15.30 162.84 -78.23
N LEU SD 103 -14.95 161.99 -77.27
CA LEU SD 103 -14.28 162.47 -76.06
C LEU SD 103 -13.02 163.24 -76.42
N LYS SD 104 -12.17 162.67 -77.26
CA LYS SD 104 -10.98 163.38 -77.68
C LYS SD 104 -11.30 164.56 -78.60
N GLY SD 105 -12.51 164.61 -79.16
CA GLY SD 105 -12.97 165.82 -79.80
C GLY SD 105 -12.59 165.97 -81.26
N LEU SD 106 -12.99 165.02 -82.10
CA LEU SD 106 -12.81 165.13 -83.54
C LEU SD 106 -13.97 164.44 -84.23
N ASP SD 107 -14.27 164.90 -85.44
CA ASP SD 107 -15.49 164.48 -86.12
C ASP SD 107 -15.46 162.99 -86.46
N VAL SD 108 -16.63 162.37 -86.44
CA VAL SD 108 -16.77 160.95 -86.74
C VAL SD 108 -17.27 160.69 -88.14
N ASP SD 109 -17.83 161.68 -88.83
CA ASP SD 109 -18.34 161.46 -90.17
C ASP SD 109 -17.24 161.26 -91.19
N SER SD 110 -16.00 161.60 -90.85
CA SER SD 110 -14.87 161.38 -91.74
C SER SD 110 -13.93 160.29 -91.23
N LEU SD 111 -14.30 159.60 -90.15
CA LEU SD 111 -13.44 158.59 -89.56
C LEU SD 111 -13.33 157.38 -90.47
N VAL SD 112 -12.15 156.78 -90.52
CA VAL SD 112 -11.90 155.56 -91.28
C VAL SD 112 -11.00 154.66 -90.47
N ILE SD 113 -11.39 153.40 -90.31
CA ILE SD 113 -10.52 152.43 -89.68
C ILE SD 113 -9.36 152.10 -90.59
N GLU SD 114 -8.17 152.01 -90.03
CA GLU SD 114 -6.97 151.76 -90.83
C GLU SD 114 -6.27 150.50 -90.35
N HIS SD 115 -6.34 150.24 -89.05
CA HIS SD 115 -5.84 148.99 -88.48
C HIS SD 115 -6.92 148.34 -87.65
N ILE SD 116 -7.02 147.02 -87.76
CA ILE SD 116 -7.84 146.22 -86.88
C ILE SD 116 -7.33 144.78 -86.95
N GLN SD 117 -7.20 144.16 -85.79
CA GLN SD 117 -6.72 142.79 -85.76
C GLN SD 117 -7.27 142.08 -84.55
N VAL SD 118 -7.27 140.76 -84.61
CA VAL SD 118 -7.66 139.91 -83.50
C VAL SD 118 -6.47 139.06 -83.09
N ASN SD 119 -6.31 138.87 -81.79
CA ASN SD 119 -5.22 138.09 -81.25
C ASN SD 119 -5.80 137.05 -80.30
N LYS SD 120 -5.31 135.82 -80.39
CA LYS SD 120 -5.86 134.72 -79.62
C LYS SD 120 -5.72 134.99 -78.12
N ALA SD 121 -6.84 134.90 -77.42
CA ALA SD 121 -6.89 135.01 -75.97
C ALA SD 121 -6.63 133.66 -75.33
N PRO SD 122 -6.21 133.63 -74.06
CA PRO SD 122 -6.01 132.34 -73.40
C PRO SD 122 -7.29 131.52 -73.42
N LYS SD 123 -7.15 130.25 -73.79
CA LYS SD 123 -8.30 129.38 -73.96
C LYS SD 123 -8.91 129.03 -72.61
N MET SD 124 -10.23 128.87 -72.60
CA MET SD 124 -10.96 128.49 -71.40
C MET SD 124 -11.31 127.02 -71.45
N ARG SD 125 -11.07 126.33 -70.34
CA ARG SD 125 -11.16 124.88 -70.29
C ARG SD 125 -12.60 124.44 -70.08
N ARG SD 126 -13.03 123.46 -70.85
CA ARG SD 126 -14.33 122.81 -70.66
C ARG SD 126 -14.17 121.33 -70.97
N ARG SD 127 -15.07 120.53 -70.42
CA ARG SD 127 -14.98 119.08 -70.50
C ARG SD 127 -16.21 118.51 -71.18
N THR SD 128 -16.02 117.47 -71.98
CA THR SD 128 -17.10 116.74 -72.60
C THR SD 128 -16.90 115.24 -72.40
N TYR SD 129 -17.89 114.47 -72.79
CA TYR SD 129 -17.94 113.04 -72.50
C TYR SD 129 -17.96 112.24 -73.79
N ARG SD 130 -17.15 111.19 -73.82
CA ARG SD 130 -16.94 110.36 -75.01
C ARG SD 130 -17.39 108.92 -74.73
N ALA SD 131 -17.19 108.06 -75.71
CA ALA SD 131 -17.81 106.74 -75.73
C ALA SD 131 -17.29 105.79 -74.67
N HIS SD 132 -15.99 105.46 -74.72
CA HIS SD 132 -15.46 104.39 -73.87
C HIS SD 132 -14.89 104.96 -72.57
N GLY SD 133 -15.76 105.65 -71.84
CA GLY SD 133 -15.35 106.25 -70.57
C GLY SD 133 -14.17 107.19 -70.70
N ARG SD 134 -14.16 107.99 -71.76
CA ARG SD 134 -13.03 108.86 -72.07
C ARG SD 134 -13.46 110.31 -72.00
N ILE SD 135 -12.57 111.15 -71.47
CA ILE SD 135 -12.81 112.57 -71.34
C ILE SD 135 -12.01 113.30 -72.41
N ASN SD 136 -12.67 114.20 -73.12
CA ASN SD 136 -12.02 114.92 -74.19
C ASN SD 136 -12.18 116.42 -74.00
N PRO SD 137 -11.22 117.19 -74.50
CA PRO SD 137 -11.25 118.64 -74.26
C PRO SD 137 -12.37 119.31 -75.04
N TYR SD 138 -12.87 120.41 -74.46
CA TYR SD 138 -13.95 121.24 -75.00
C TYR SD 138 -13.58 122.73 -74.94
N MET SD 139 -12.36 123.06 -75.35
CA MET SD 139 -11.86 124.44 -75.29
C MET SD 139 -12.73 125.45 -76.05
N SER SD 140 -12.75 126.66 -75.50
CA SER SD 140 -13.21 127.84 -76.22
C SER SD 140 -12.01 128.56 -76.83
N SER SD 141 -12.29 129.45 -77.78
CA SER SD 141 -11.24 130.18 -78.49
C SER SD 141 -11.55 131.66 -78.47
N PRO SD 142 -11.33 132.32 -77.32
CA PRO SD 142 -11.57 133.76 -77.24
C PRO SD 142 -10.50 134.55 -77.97
N CYS SD 143 -10.56 135.88 -77.88
CA CYS SD 143 -9.65 136.71 -78.66
C CYS SD 143 -9.49 138.08 -78.02
N HIS SD 144 -8.37 138.72 -78.33
CA HIS SD 144 -8.18 140.14 -78.06
C HIS SD 144 -8.25 140.91 -79.37
N ILE SD 145 -9.11 141.93 -79.42
CA ILE SD 145 -9.32 142.72 -80.62
C ILE SD 145 -8.96 144.17 -80.31
N GLU SD 146 -8.23 144.80 -81.22
CA GLU SD 146 -7.85 146.19 -81.07
C GLU SD 146 -7.79 146.83 -82.44
N MET SD 147 -8.20 148.09 -82.50
CA MET SD 147 -8.20 148.83 -83.75
C MET SD 147 -7.90 150.29 -83.46
N ILE SD 148 -7.59 151.04 -84.52
CA ILE SD 148 -7.48 152.48 -84.47
C ILE SD 148 -8.27 153.06 -85.62
N LEU SD 149 -8.75 154.29 -85.47
CA LEU SD 149 -9.54 154.98 -86.47
C LEU SD 149 -8.91 156.32 -86.76
N THR SD 150 -8.78 156.67 -88.04
CA THR SD 150 -8.21 157.95 -88.44
C THR SD 150 -9.23 158.71 -89.28
N GLU SD 151 -9.21 160.03 -89.17
CA GLU SD 151 -10.11 160.85 -89.96
C GLU SD 151 -9.45 161.23 -91.28
N LYS SD 152 -10.24 161.17 -92.35
CA LYS SD 152 -9.78 161.55 -93.68
C LYS SD 152 -10.98 161.62 -94.61
N GLU SD 153 -10.93 162.56 -95.54
CA GLU SD 153 -12.03 162.80 -96.47
C GLU SD 153 -11.54 163.57 -97.69
N GLY TD 1 46.44 108.83 -107.70
CA GLY TD 1 46.67 108.22 -106.41
C GLY TD 1 47.66 107.09 -106.47
N VAL TD 2 48.28 106.77 -105.34
CA VAL TD 2 49.28 105.72 -105.25
C VAL TD 2 48.89 104.76 -104.14
N ASP TD 3 49.51 103.58 -104.15
CA ASP TD 3 49.24 102.54 -103.17
C ASP TD 3 50.35 102.52 -102.12
N ILE TD 4 49.99 102.86 -100.89
CA ILE TD 4 50.91 102.77 -99.75
C ILE TD 4 50.18 102.04 -98.64
N ARG TD 5 50.94 101.48 -97.70
CA ARG TD 5 50.39 101.03 -96.44
C ARG TD 5 50.63 102.14 -95.42
N HIS TD 6 49.61 102.96 -95.18
CA HIS TD 6 49.75 104.16 -94.39
C HIS TD 6 49.85 103.90 -92.89
N ASN TD 7 49.71 102.65 -92.46
CA ASN TD 7 49.72 102.36 -91.03
C ASN TD 7 51.08 102.60 -90.39
N LYS TD 8 52.16 102.56 -91.17
CA LYS TD 8 53.51 102.65 -90.62
C LYS TD 8 54.22 103.94 -91.00
N ASP TD 9 53.52 104.90 -91.60
CA ASP TD 9 54.18 106.11 -92.06
C ASP TD 9 54.69 106.95 -90.89
N ARG TD 10 53.98 106.97 -89.78
CA ARG TD 10 54.44 107.68 -88.61
C ARG TD 10 55.17 106.73 -87.68
N LYS TD 11 56.34 107.16 -87.22
CA LYS TD 11 57.18 106.34 -86.35
C LYS TD 11 56.98 106.75 -84.91
N VAL TD 12 56.81 105.78 -84.03
CA VAL TD 12 56.58 106.02 -82.62
C VAL TD 12 57.93 106.10 -81.91
N ARG TD 13 58.31 107.32 -81.51
CA ARG TD 13 59.55 107.51 -80.77
C ARG TD 13 59.40 108.75 -79.90
N ARG TD 14 60.13 108.75 -78.79
CA ARG TD 14 59.98 109.80 -77.78
C ARG TD 14 60.60 111.09 -78.31
N LYS TD 15 59.78 111.91 -78.95
CA LYS TD 15 60.27 113.19 -79.47
C LYS TD 15 60.74 114.10 -78.34
N GLU TD 16 59.96 114.19 -77.28
CA GLU TD 16 60.26 115.01 -76.13
C GLU TD 16 59.93 114.20 -74.88
N PRO TD 17 60.60 114.46 -73.76
CA PRO TD 17 60.40 113.61 -72.59
C PRO TD 17 59.01 113.82 -72.01
N LYS TD 18 58.27 112.72 -71.86
CA LYS TD 18 56.87 112.81 -71.42
C LYS TD 18 56.76 113.41 -70.03
N SER TD 19 57.83 113.33 -69.23
CA SER TD 19 57.82 113.90 -67.91
C SER TD 19 57.71 115.42 -67.97
N GLN TD 20 57.13 115.98 -66.91
CA GLN TD 20 57.11 117.43 -66.72
C GLN TD 20 58.19 117.90 -65.77
N ASP TD 21 59.17 117.05 -65.48
CA ASP TD 21 60.21 117.43 -64.53
C ASP TD 21 60.98 118.59 -65.15
N ILE TD 22 61.28 119.59 -64.32
CA ILE TD 22 61.66 120.87 -64.88
C ILE TD 22 63.15 120.89 -65.23
N TYR TD 23 64.00 120.52 -64.27
CA TYR TD 23 65.44 120.46 -64.54
C TYR TD 23 65.74 119.45 -65.63
N LEU TD 24 64.99 118.34 -65.68
CA LEU TD 24 65.12 117.42 -66.80
C LEU TD 24 64.93 118.16 -68.11
N ARG TD 25 63.90 119.00 -68.19
CA ARG TD 25 63.67 119.72 -69.42
C ARG TD 25 64.84 120.64 -69.75
N LEU TD 26 65.42 121.30 -68.75
CA LEU TD 26 66.59 122.12 -69.05
C LEU TD 26 67.71 121.27 -69.65
N LEU TD 27 68.09 120.17 -69.01
CA LEU TD 27 69.24 119.49 -69.58
C LEU TD 27 68.89 118.75 -70.85
N VAL TD 28 67.61 118.44 -71.09
CA VAL TD 28 67.21 117.95 -72.41
C VAL TD 28 67.47 119.00 -73.46
N LYS TD 29 67.12 120.26 -73.17
CA LYS TD 29 67.44 121.31 -74.13
C LYS TD 29 68.94 121.42 -74.32
N LEU TD 30 69.70 121.33 -73.22
CA LEU TD 30 71.15 121.43 -73.31
C LEU TD 30 71.73 120.36 -74.21
N TYR TD 31 71.39 119.10 -73.95
CA TYR TD 31 71.94 118.02 -74.73
C TYR TD 31 71.36 117.94 -76.13
N ARG TD 32 70.14 118.42 -76.34
CA ARG TD 32 69.61 118.53 -77.69
C ARG TD 32 70.47 119.47 -78.51
N PHE TD 33 70.78 120.64 -77.96
CA PHE TD 33 71.68 121.54 -78.68
C PHE TD 33 73.04 120.90 -78.86
N LEU TD 34 73.53 120.20 -77.84
CA LEU TD 34 74.84 119.56 -77.95
C LEU TD 34 74.88 118.56 -79.09
N ALA TD 35 73.87 117.70 -79.17
CA ALA TD 35 73.87 116.65 -80.20
C ALA TD 35 73.61 117.22 -81.57
N ARG TD 36 72.75 118.24 -81.67
CA ARG TD 36 72.47 118.84 -82.97
C ARG TD 36 73.72 119.41 -83.59
N ARG TD 37 74.58 120.00 -82.77
CA ARG TD 37 75.73 120.75 -83.25
C ARG TD 37 77.04 120.01 -83.06
N THR TD 38 77.02 118.69 -82.94
CA THR TD 38 78.25 117.93 -82.82
C THR TD 38 78.09 116.59 -83.50
N ASN TD 39 79.22 116.04 -83.94
CA ASN TD 39 79.25 114.73 -84.59
C ASN TD 39 79.29 113.58 -83.59
N SER TD 40 79.40 113.88 -82.30
CA SER TD 40 79.52 112.84 -81.29
C SER TD 40 78.22 112.05 -81.21
N THR TD 41 78.26 110.78 -81.63
CA THR TD 41 77.12 109.90 -81.47
C THR TD 41 76.73 109.71 -80.01
N PHE TD 42 77.71 109.81 -79.11
CA PHE TD 42 77.42 109.71 -77.68
C PHE TD 42 76.37 110.72 -77.26
N ASN TD 43 76.45 111.94 -77.78
CA ASN TD 43 75.45 112.95 -77.46
C ASN TD 43 74.07 112.50 -77.91
N GLN TD 44 73.96 111.97 -79.13
CA GLN TD 44 72.66 111.53 -79.61
C GLN TD 44 72.10 110.40 -78.76
N VAL TD 45 72.94 109.45 -78.38
CA VAL TD 45 72.43 108.30 -77.63
C VAL TD 45 72.02 108.72 -76.22
N VAL TD 46 72.83 109.56 -75.56
CA VAL TD 46 72.43 110.01 -74.24
C VAL TD 46 71.19 110.87 -74.34
N LEU TD 47 71.03 111.59 -75.45
CA LEU TD 47 69.84 112.39 -75.67
C LEU TD 47 68.61 111.50 -75.72
N LYS TD 48 68.65 110.50 -76.60
CA LYS TD 48 67.51 109.60 -76.75
C LYS TD 48 67.27 108.77 -75.50
N ARG TD 49 68.28 108.61 -74.67
CA ARG TD 49 68.09 107.97 -73.38
C ARG TD 49 67.59 108.93 -72.31
N LEU TD 50 67.67 110.23 -72.56
CA LEU TD 50 67.13 111.19 -71.60
C LEU TD 50 65.61 111.23 -71.60
N PHE TD 51 64.98 111.11 -72.76
CA PHE TD 51 63.53 111.12 -72.82
C PHE TD 51 62.91 109.94 -72.13
N MET TD 52 63.70 108.92 -71.80
CA MET TD 52 63.16 107.60 -71.56
C MET TD 52 62.28 107.57 -70.32
N SER TD 53 61.25 106.74 -70.39
CA SER TD 53 60.41 106.46 -69.24
C SER TD 53 61.24 105.84 -68.12
N ARG TD 54 60.79 106.05 -66.88
CA ARG TD 54 61.47 105.45 -65.74
C ARG TD 54 61.59 103.95 -65.91
N THR TD 55 60.54 103.32 -66.46
CA THR TD 55 60.59 101.89 -66.73
C THR TD 55 61.59 101.52 -67.80
N ASN TD 56 62.08 102.50 -68.56
CA ASN TD 56 63.14 102.25 -69.52
C ASN TD 56 64.48 102.78 -69.06
N ARG TD 57 64.57 103.26 -67.82
CA ARG TD 57 65.84 103.67 -67.21
C ARG TD 57 65.93 102.92 -65.89
N PRO TD 58 66.19 101.61 -65.93
CA PRO TD 58 66.22 100.84 -64.69
C PRO TD 58 67.31 101.34 -63.77
N PRO TD 59 67.09 101.31 -62.47
CA PRO TD 59 68.15 101.72 -61.54
C PRO TD 59 69.32 100.75 -61.57
N LEU TD 60 70.52 101.32 -61.62
CA LEU TD 60 71.73 100.53 -61.76
C LEU TD 60 72.27 100.20 -60.37
N SER TD 61 72.41 98.90 -60.09
CA SER TD 61 73.01 98.48 -58.84
C SER TD 61 74.49 98.86 -58.82
N LEU TD 62 74.98 99.22 -57.65
CA LEU TD 62 76.37 99.61 -57.50
C LEU TD 62 77.30 98.47 -57.88
N SER TD 63 76.94 97.24 -57.53
CA SER TD 63 77.80 96.12 -57.87
C SER TD 63 77.93 95.96 -59.37
N ARG TD 64 76.85 96.17 -60.12
CA ARG TD 64 76.94 96.03 -61.55
C ARG TD 64 77.94 97.03 -62.14
N MET TD 65 77.90 98.27 -61.68
CA MET TD 65 78.79 99.27 -62.27
C MET TD 65 80.24 99.06 -61.83
N ILE TD 66 80.47 98.69 -60.56
CA ILE TD 66 81.85 98.40 -60.15
C ILE TD 66 82.41 97.26 -60.99
N ARG TD 67 81.60 96.22 -61.19
CA ARG TD 67 82.07 95.11 -62.03
C ARG TD 67 82.38 95.60 -63.43
N LYS TD 68 81.46 96.33 -64.04
CA LYS TD 68 81.68 96.78 -65.41
C LYS TD 68 82.83 97.78 -65.51
N MET TD 69 83.27 98.35 -64.39
CA MET TD 69 84.47 99.17 -64.39
C MET TD 69 85.74 98.38 -64.14
N LYS TD 70 85.64 97.18 -63.56
CA LYS TD 70 86.85 96.38 -63.40
C LYS TD 70 87.36 95.82 -64.72
N LEU TD 71 86.59 95.95 -65.80
CA LEU TD 71 87.01 95.39 -67.07
C LEU TD 71 88.23 96.16 -67.60
N PRO TD 72 89.16 95.48 -68.26
CA PRO TD 72 90.39 96.15 -68.69
C PRO TD 72 90.12 97.26 -69.69
N GLY TD 73 90.93 98.31 -69.59
CA GLY TD 73 90.83 99.46 -70.48
C GLY TD 73 89.86 100.52 -70.04
N ARG TD 74 89.11 100.29 -68.96
CA ARG TD 74 88.09 101.23 -68.50
C ARG TD 74 88.55 102.05 -67.31
N GLU TD 75 89.81 101.96 -66.94
CA GLU TD 75 90.31 102.72 -65.81
C GLU TD 75 90.33 104.21 -66.13
N ASN TD 76 90.29 105.03 -65.08
CA ASN TD 76 90.23 106.49 -65.16
C ASN TD 76 89.26 106.95 -66.25
N LYS TD 77 88.13 106.26 -66.34
CA LYS TD 77 87.09 106.60 -67.30
C LYS TD 77 85.81 106.95 -66.54
N THR TD 78 85.04 107.85 -67.13
CA THR TD 78 83.84 108.37 -66.48
C THR TD 78 82.70 107.38 -66.58
N ALA TD 79 82.08 107.07 -65.45
CA ALA TD 79 80.90 106.23 -65.41
C ALA TD 79 79.66 107.09 -65.67
N VAL TD 80 78.93 106.76 -66.72
CA VAL TD 80 77.76 107.53 -67.14
C VAL TD 80 76.58 106.58 -67.28
N VAL TD 81 75.45 106.97 -66.68
CA VAL TD 81 74.19 106.27 -66.88
C VAL TD 81 73.07 107.30 -66.74
N VAL TD 82 72.04 107.15 -67.56
CA VAL TD 82 70.89 108.05 -67.50
C VAL TD 82 69.91 107.50 -66.47
N GLY TD 83 70.00 108.01 -65.25
CA GLY TD 83 69.14 107.52 -64.20
C GLY TD 83 69.79 107.52 -62.83
N THR TD 84 69.49 106.49 -62.05
CA THR TD 84 69.82 106.46 -60.64
C THR TD 84 70.88 105.41 -60.34
N ILE TD 85 71.71 105.70 -59.35
CA ILE TD 85 72.66 104.73 -58.81
C ILE TD 85 72.18 104.34 -57.43
N THR TD 86 71.96 103.05 -57.24
CA THR TD 86 71.49 102.52 -55.97
C THR TD 86 72.65 101.82 -55.26
N ASP TD 87 72.78 102.11 -53.97
CA ASP TD 87 73.79 101.41 -53.17
C ASP TD 87 73.47 99.93 -53.12
N ASP TD 88 74.48 99.11 -53.38
CA ASP TD 88 74.37 97.67 -53.28
C ASP TD 88 75.26 97.22 -52.14
N VAL TD 89 74.68 97.09 -50.96
CA VAL TD 89 75.44 96.63 -49.80
C VAL TD 89 75.92 95.20 -49.95
N ARG TD 90 75.57 94.54 -51.07
CA ARG TD 90 76.11 93.23 -51.37
C ARG TD 90 77.61 93.25 -51.63
N VAL TD 91 78.15 94.41 -52.01
CA VAL TD 91 79.58 94.55 -52.27
C VAL TD 91 80.25 95.10 -51.03
N GLN TD 92 81.52 94.73 -50.83
CA GLN TD 92 82.26 95.10 -49.63
C GLN TD 92 83.25 96.22 -49.87
N GLU TD 93 84.12 96.10 -50.88
CA GLU TD 93 85.15 97.09 -51.15
C GLU TD 93 84.71 97.94 -52.32
N VAL TD 94 84.79 99.25 -52.16
CA VAL TD 94 84.46 100.21 -53.22
C VAL TD 94 85.72 101.01 -53.54
N PRO TD 95 86.16 101.02 -54.78
CA PRO TD 95 87.36 101.78 -55.17
C PRO TD 95 87.00 103.18 -55.65
N LYS TD 96 88.03 103.90 -56.08
CA LYS TD 96 87.84 105.20 -56.71
C LYS TD 96 87.20 105.02 -58.08
N LEU TD 97 86.02 105.61 -58.25
CA LEU TD 97 85.35 105.63 -59.54
C LEU TD 97 84.82 107.03 -59.77
N LYS TD 98 85.10 107.58 -60.95
CA LYS TD 98 84.58 108.88 -61.34
C LYS TD 98 83.28 108.68 -62.10
N VAL TD 99 82.16 108.97 -61.45
CA VAL TD 99 80.85 108.60 -61.97
C VAL TD 99 80.03 109.85 -62.25
N CYS TD 100 79.16 109.74 -63.24
CA CYS TD 100 78.15 110.75 -63.52
C CYS TD 100 76.82 110.06 -63.76
N ALA TD 101 75.77 110.54 -63.09
CA ALA TD 101 74.47 109.93 -63.21
C ALA TD 101 73.38 110.93 -62.91
N LEU TD 102 72.17 110.63 -63.39
CA LEU TD 102 71.04 111.53 -63.18
C LEU TD 102 70.64 111.59 -61.71
N ARG TD 103 70.78 110.48 -60.98
CA ARG TD 103 70.48 110.49 -59.57
C ARG TD 103 71.36 109.44 -58.88
N VAL TD 104 71.61 109.66 -57.58
CA VAL TD 104 72.36 108.73 -56.77
C VAL TD 104 71.71 108.68 -55.39
N THR TD 105 71.45 107.47 -54.89
CA THR TD 105 70.86 107.33 -53.58
C THR TD 105 71.84 107.79 -52.50
N SER TD 106 71.28 108.14 -51.34
CA SER TD 106 72.09 108.73 -50.28
C SER TD 106 73.20 107.77 -49.83
N ARG TD 107 72.86 106.50 -49.63
CA ARG TD 107 73.86 105.54 -49.18
C ARG TD 107 74.97 105.36 -50.20
N ALA TD 108 74.59 105.22 -51.48
CA ALA TD 108 75.60 105.06 -52.52
C ALA TD 108 76.48 106.30 -52.62
N ARG TD 109 75.87 107.49 -52.57
CA ARG TD 109 76.64 108.72 -52.63
C ARG TD 109 77.64 108.80 -51.48
N SER TD 110 77.17 108.50 -50.27
CA SER TD 110 78.06 108.52 -49.11
C SER TD 110 79.20 107.52 -49.29
N ARG TD 111 78.89 106.31 -49.76
CA ARG TD 111 79.92 105.30 -49.93
C ARG TD 111 80.97 105.75 -50.93
N ILE TD 112 80.54 106.22 -52.10
CA ILE TD 112 81.50 106.57 -53.15
C ILE TD 112 82.31 107.80 -52.75
N LEU TD 113 81.68 108.77 -52.08
CA LEU TD 113 82.42 109.93 -51.63
C LEU TD 113 83.43 109.56 -50.56
N ARG TD 114 83.07 108.66 -49.65
CA ARG TD 114 84.03 108.17 -48.67
C ARG TD 114 85.19 107.45 -49.34
N ALA TD 115 84.89 106.68 -50.37
CA ALA TD 115 85.94 106.00 -51.13
C ALA TD 115 86.84 106.98 -51.86
N GLY TD 116 86.45 108.24 -51.97
CA GLY TD 116 87.22 109.22 -52.71
C GLY TD 116 86.71 109.50 -54.10
N GLY TD 117 85.58 108.92 -54.49
CA GLY TD 117 85.03 109.15 -55.80
C GLY TD 117 84.51 110.57 -55.97
N LYS TD 118 84.38 110.96 -57.22
CA LYS TD 118 83.87 112.26 -57.59
C LYS TD 118 82.53 112.08 -58.30
N ILE TD 119 81.51 112.80 -57.83
CA ILE TD 119 80.16 112.66 -58.35
C ILE TD 119 79.91 113.78 -59.35
N LEU TD 120 79.45 113.41 -60.53
CA LEU TD 120 79.28 114.35 -61.62
C LEU TD 120 77.81 114.30 -62.04
N THR TD 121 77.28 115.45 -62.38
CA THR TD 121 75.98 115.57 -63.02
C THR TD 121 76.19 115.99 -64.47
N PHE TD 122 75.14 115.87 -65.27
CA PHE TD 122 75.33 115.95 -66.71
C PHE TD 122 75.77 117.34 -67.15
N ASP TD 123 75.47 118.39 -66.37
CA ASP TD 123 75.96 119.72 -66.71
C ASP TD 123 77.48 119.75 -66.65
N GLN TD 124 78.03 119.51 -65.46
CA GLN TD 124 79.47 119.38 -65.35
C GLN TD 124 80.02 118.25 -66.21
N LEU TD 125 79.22 117.21 -66.49
CA LEU TD 125 79.66 116.16 -67.40
C LEU TD 125 79.98 116.72 -68.78
N ALA TD 126 79.03 117.47 -69.36
CA ALA TD 126 79.31 118.13 -70.64
C ALA TD 126 80.42 119.15 -70.48
N LEU TD 127 80.56 119.71 -69.28
CA LEU TD 127 81.63 120.66 -69.03
C LEU TD 127 83.00 120.02 -69.23
N ASP TD 128 83.22 118.83 -68.66
CA ASP TD 128 84.53 118.21 -68.79
C ASP TD 128 84.69 117.54 -70.15
N SER TD 129 83.70 116.79 -70.58
CA SER TD 129 83.78 116.01 -71.82
C SER TD 129 82.60 116.36 -72.71
N PRO TD 130 82.66 117.51 -73.37
CA PRO TD 130 81.55 117.90 -74.26
C PRO TD 130 81.26 116.88 -75.33
N LYS TD 131 82.29 116.30 -75.92
CA LYS TD 131 82.10 115.30 -76.96
C LYS TD 131 81.93 113.90 -76.38
N GLY TD 132 81.92 113.76 -75.06
CA GLY TD 132 81.85 112.45 -74.46
C GLY TD 132 83.08 111.61 -74.72
N CYS TD 133 84.26 112.20 -74.58
CA CYS TD 133 85.50 111.48 -74.81
C CYS TD 133 85.98 110.83 -73.53
N GLY TD 134 86.64 109.67 -73.68
CA GLY TD 134 87.21 109.00 -72.54
C GLY TD 134 86.21 108.48 -71.54
N THR TD 135 84.96 108.28 -71.96
CA THR TD 135 83.93 107.78 -71.06
C THR TD 135 83.41 106.43 -71.55
N VAL TD 136 82.67 105.77 -70.68
CA VAL TD 136 81.92 104.57 -71.03
C VAL TD 136 80.52 104.70 -70.46
N LEU TD 137 79.52 104.48 -71.31
CA LEU TD 137 78.13 104.63 -70.93
C LEU TD 137 77.56 103.27 -70.53
N LEU TD 138 76.71 103.27 -69.51
CA LEU TD 138 76.14 102.04 -68.99
C LEU TD 138 74.61 102.12 -69.04
N SER TD 139 73.99 101.02 -68.63
CA SER TD 139 72.55 100.97 -68.45
C SER TD 139 72.22 99.80 -67.54
N GLY TD 140 71.20 99.98 -66.71
CA GLY TD 140 70.78 98.94 -65.82
C GLY TD 140 70.12 97.81 -66.57
N PRO TD 141 69.85 96.72 -65.86
CA PRO TD 141 69.14 95.60 -66.49
C PRO TD 141 67.76 96.03 -66.92
N ARG TD 142 67.54 96.10 -68.23
CA ARG TD 142 66.28 96.64 -68.74
C ARG TD 142 65.12 95.69 -68.44
N LYS TD 143 65.39 94.40 -68.32
CA LYS TD 143 64.37 93.41 -68.02
C LYS TD 143 64.25 93.11 -66.53
N GLY TD 144 64.99 93.81 -65.69
CA GLY TD 144 65.04 93.48 -64.28
C GLY TD 144 63.78 93.89 -63.55
N ARG TD 145 62.70 93.16 -63.80
CA ARG TD 145 61.39 93.55 -63.29
C ARG TD 145 60.52 92.32 -63.19
N GLU TD 146 59.52 92.40 -62.31
CA GLU TD 146 58.55 91.31 -62.17
C GLU TD 146 57.73 91.11 -63.44
N VAL TD 147 57.50 92.17 -64.20
CA VAL TD 147 56.60 92.09 -65.35
C VAL TD 147 57.12 91.07 -66.36
N TYR TD 148 58.42 91.04 -66.60
CA TYR TD 148 58.95 90.13 -67.61
C TYR TD 148 58.90 88.68 -67.16
N ARG TD 149 58.81 88.42 -65.87
CA ARG TD 149 58.55 87.06 -65.41
C ARG TD 149 57.22 86.55 -65.93
N HIS TD 150 56.18 87.39 -65.87
CA HIS TD 150 54.89 87.02 -66.44
C HIS TD 150 54.90 87.06 -67.96
N PHE TD 151 55.76 87.86 -68.56
CA PHE TD 151 55.76 87.99 -70.01
C PHE TD 151 56.30 86.74 -70.67
N GLY TD 152 55.96 86.57 -71.93
CA GLY TD 152 56.26 85.37 -72.67
C GLY TD 152 54.99 84.64 -73.05
N LYS TD 153 55.15 83.40 -73.51
CA LYS TD 153 54.00 82.61 -73.89
C LYS TD 153 53.17 82.25 -72.67
N ALA TD 154 51.92 81.86 -72.93
CA ALA TD 154 51.00 81.57 -71.85
C ALA TD 154 51.54 80.42 -71.00
N PRO TD 155 51.40 80.51 -69.68
CA PRO TD 155 51.95 79.46 -68.82
C PRO TD 155 51.35 78.09 -69.09
N GLY TD 156 50.11 78.03 -69.58
CA GLY TD 156 49.53 76.77 -69.96
C GLY TD 156 49.95 76.32 -71.34
N THR TD 157 51.26 76.37 -71.60
CA THR TD 157 51.78 76.04 -72.91
C THR TD 157 53.05 75.22 -72.75
N PRO TD 158 53.20 74.13 -73.50
CA PRO TD 158 54.46 73.38 -73.49
C PRO TD 158 55.43 74.01 -74.47
N HIS TD 159 56.59 74.44 -73.97
CA HIS TD 159 56.96 74.33 -72.57
C HIS TD 159 57.21 75.71 -71.98
N SER TD 160 56.14 76.36 -71.52
CA SER TD 160 56.29 77.72 -71.04
C SER TD 160 57.04 77.76 -69.71
N HIS TD 161 57.70 78.89 -69.48
CA HIS TD 161 58.38 79.13 -68.22
C HIS TD 161 58.13 80.57 -67.78
N THR TD 162 56.90 81.03 -67.95
CA THR TD 162 56.49 82.36 -67.54
C THR TD 162 55.61 82.26 -66.30
N LYS TD 163 55.76 83.20 -65.39
CA LYS TD 163 55.01 83.13 -64.15
C LYS TD 163 53.54 83.41 -64.42
N PRO TD 164 52.65 82.46 -64.13
CA PRO TD 164 51.22 82.74 -64.25
C PRO TD 164 50.78 83.74 -63.20
N TYR TD 165 49.75 84.51 -63.56
CA TYR TD 165 49.23 85.55 -62.69
C TYR TD 165 48.39 84.90 -61.59
N VAL TD 166 48.94 84.87 -60.39
CA VAL TD 166 48.27 84.24 -59.27
C VAL TD 166 48.12 85.24 -58.13
N ARG TD 167 47.13 85.01 -57.29
CA ARG TD 167 46.79 85.92 -56.21
C ARG TD 167 47.56 85.63 -54.94
N SER TD 168 47.87 84.36 -54.67
CA SER TD 168 48.68 84.02 -53.51
C SER TD 168 49.26 82.63 -53.73
N LYS TD 169 50.58 82.52 -53.60
CA LYS TD 169 51.26 81.26 -53.84
C LYS TD 169 50.84 80.23 -52.80
N GLY TD 170 50.25 79.14 -53.24
CA GLY TD 170 49.86 78.07 -52.35
C GLY TD 170 49.52 76.82 -53.15
N ARG TD 171 49.66 75.68 -52.46
CA ARG TD 171 49.35 74.41 -53.10
C ARG TD 171 47.90 74.33 -53.54
N LYS TD 172 47.00 75.08 -52.90
CA LYS TD 172 45.62 75.17 -53.35
C LYS TD 172 45.47 76.07 -54.56
N PHE TD 173 46.50 76.81 -54.94
CA PHE TD 173 46.43 77.81 -55.99
C PHE TD 173 47.22 77.33 -57.21
N GLU TD 174 46.51 76.99 -58.28
CA GLU TD 174 47.11 76.76 -59.59
C GLU TD 174 48.18 75.67 -59.56
N ARG TD 175 47.93 74.62 -58.77
CA ARG TD 175 48.79 73.45 -58.75
C ARG TD 175 48.08 72.21 -59.25
N ALA TD 176 46.81 72.33 -59.62
CA ALA TD 176 45.94 71.20 -59.89
C ALA TD 176 46.05 70.79 -61.36
N ARG TD 177 45.07 70.05 -61.86
CA ARG TD 177 45.01 69.54 -63.22
C ARG TD 177 45.57 70.53 -64.23
N GLY TD 178 46.48 70.04 -65.07
CA GLY TD 178 47.25 70.87 -65.97
C GLY TD 178 48.66 71.13 -65.48
N ARG TD 179 48.94 70.88 -64.21
CA ARG TD 179 50.26 71.06 -63.65
C ARG TD 179 50.93 69.76 -63.23
N ARG TD 180 50.29 68.61 -63.47
CA ARG TD 180 50.88 67.34 -63.08
C ARG TD 180 50.19 66.23 -63.86
N ALA TD 181 50.98 65.22 -64.23
CA ALA TD 181 50.43 64.07 -64.95
C ALA TD 181 49.39 63.32 -64.13
N SER TD 182 49.38 63.49 -62.80
CA SER TD 182 48.41 62.79 -61.97
C SER TD 182 47.00 63.33 -62.20
N ARG TD 183 46.86 64.65 -62.33
CA ARG TD 183 45.55 65.28 -62.50
C ARG TD 183 45.43 65.73 -63.96
N GLY TD 184 44.72 64.94 -64.75
CA GLY TD 184 44.44 65.32 -66.12
C GLY TD 184 45.62 65.19 -67.05
N TYR TD 185 46.60 66.07 -66.90
CA TYR TD 185 47.72 66.12 -67.85
C TYR TD 185 48.77 67.06 -67.29
N LYS TD 186 49.97 67.00 -67.89
CA LYS TD 186 51.14 67.75 -67.45
C LYS TD 186 51.56 68.85 -68.42
N ASN TD 187 51.72 68.53 -69.70
CA ASN TD 187 52.40 69.30 -70.75
C ASN TD 187 53.74 69.81 -70.21
N SER UD 1 -43.20 139.74 -62.55
CA SER UD 1 -41.84 139.24 -62.63
C SER UD 1 -41.81 137.72 -62.42
N MET UD 2 -41.35 137.31 -61.25
CA MET UD 2 -41.24 135.91 -60.90
C MET UD 2 -42.44 135.52 -60.06
N LEU UD 3 -43.20 134.53 -60.51
CA LEU UD 3 -44.42 134.12 -59.81
C LEU UD 3 -44.41 132.64 -59.48
N ARG UD 4 -43.23 132.02 -59.42
CA ARG UD 4 -43.16 130.63 -59.01
C ARG UD 4 -43.63 130.46 -57.58
N LEU UD 5 -43.10 131.29 -56.67
CA LEU UD 5 -43.43 131.16 -55.26
C LEU UD 5 -44.90 131.42 -55.01
N GLN UD 6 -45.46 132.44 -55.68
CA GLN UD 6 -46.87 132.74 -55.49
C GLN UD 6 -47.74 131.57 -55.93
N LYS UD 7 -47.44 130.98 -57.09
CA LYS UD 7 -48.23 129.85 -57.56
C LYS UD 7 -48.09 128.66 -56.61
N ARG UD 8 -46.88 128.41 -56.11
CA ARG UD 8 -46.68 127.32 -55.17
C ARG UD 8 -47.55 127.51 -53.93
N LEU UD 9 -47.50 128.70 -53.34
CA LEU UD 9 -48.27 128.94 -52.13
C LEU UD 9 -49.76 128.88 -52.40
N ALA UD 10 -50.19 129.36 -53.58
CA ALA UD 10 -51.60 129.28 -53.92
C ALA UD 10 -52.06 127.84 -54.02
N SER UD 11 -51.26 127.00 -54.68
CA SER UD 11 -51.59 125.58 -54.75
C SER UD 11 -51.66 124.98 -53.35
N SER UD 12 -50.73 125.36 -52.49
CA SER UD 12 -50.70 124.80 -51.15
C SER UD 12 -51.94 125.17 -50.35
N VAL UD 13 -52.25 126.48 -50.27
CA VAL UD 13 -53.34 126.92 -49.42
C VAL UD 13 -54.68 126.53 -50.00
N LEU UD 14 -54.82 126.64 -51.32
CA LEU UD 14 -56.08 126.36 -51.99
C LEU UD 14 -56.41 124.88 -52.02
N ARG UD 15 -55.48 124.02 -51.62
CA ARG UD 15 -55.64 122.56 -51.68
C ARG UD 15 -56.00 122.13 -53.10
N CYS UD 16 -55.28 122.69 -54.07
CA CYS UD 16 -55.51 122.38 -55.47
C CYS UD 16 -54.17 122.30 -56.20
N GLY UD 17 -54.17 121.58 -57.31
CA GLY UD 17 -52.97 121.44 -58.11
C GLY UD 17 -52.60 122.74 -58.83
N LYS UD 18 -51.34 122.80 -59.25
CA LYS UD 18 -50.80 124.03 -59.81
C LYS UD 18 -51.43 124.44 -61.12
N LYS UD 19 -52.20 123.56 -61.76
CA LYS UD 19 -52.95 124.00 -62.92
C LYS UD 19 -54.19 124.75 -62.50
N LYS UD 20 -54.95 124.19 -61.56
CA LYS UD 20 -56.24 124.75 -61.19
C LYS UD 20 -56.14 126.09 -60.50
N VAL UD 21 -54.95 126.50 -60.08
CA VAL UD 21 -54.76 127.86 -59.59
C VAL UD 21 -54.61 128.79 -60.78
N TRP UD 22 -55.39 129.87 -60.79
CA TRP UD 22 -55.37 130.85 -61.85
C TRP UD 22 -54.94 132.18 -61.27
N LEU UD 23 -53.93 132.79 -61.86
CA LEU UD 23 -53.48 134.12 -61.45
C LEU UD 23 -54.01 135.16 -62.43
N ASP UD 24 -54.10 136.39 -61.97
CA ASP UD 24 -54.55 137.45 -62.85
C ASP UD 24 -53.36 137.97 -63.67
N PRO UD 25 -53.37 137.81 -64.99
CA PRO UD 25 -52.22 138.25 -65.79
C PRO UD 25 -52.08 139.76 -65.87
N ASN UD 26 -53.09 140.51 -65.42
CA ASN UD 26 -53.00 141.96 -65.46
C ASN UD 26 -52.39 142.50 -64.18
N GLU UD 27 -52.86 142.01 -63.02
CA GLU UD 27 -52.41 142.50 -61.72
C GLU UD 27 -51.24 141.65 -61.22
N THR UD 28 -50.19 141.60 -62.04
CA THR UD 28 -49.04 140.78 -61.70
C THR UD 28 -48.36 141.28 -60.44
N ASN UD 29 -48.10 142.59 -60.35
CA ASN UD 29 -47.34 143.11 -59.21
C ASN UD 29 -48.08 142.88 -57.91
N GLU UD 30 -49.39 143.07 -57.89
CA GLU UD 30 -50.17 142.82 -56.68
C GLU UD 30 -49.98 141.41 -56.16
N ILE UD 31 -49.88 140.43 -57.06
CA ILE UD 31 -49.48 139.11 -56.64
C ILE UD 31 -48.04 139.11 -56.16
N ALA UD 32 -47.18 139.87 -56.86
CA ALA UD 32 -45.75 139.81 -56.57
C ALA UD 32 -45.43 140.23 -55.14
N ASN UD 33 -46.06 141.32 -54.68
CA ASN UD 33 -45.81 141.76 -53.32
C ASN UD 33 -46.42 140.85 -52.27
N ALA UD 34 -47.31 139.95 -52.65
CA ALA UD 34 -47.83 138.94 -51.74
C ALA UD 34 -46.72 137.91 -51.53
N ASN UD 35 -46.01 138.01 -50.41
CA ASN UD 35 -44.84 137.19 -50.16
C ASN UD 35 -45.06 136.12 -49.10
N SER UD 36 -46.27 135.95 -48.60
CA SER UD 36 -46.50 135.00 -47.53
C SER UD 36 -47.97 134.62 -47.47
N ARG UD 37 -48.25 133.52 -46.78
CA ARG UD 37 -49.62 133.16 -46.47
C ARG UD 37 -50.26 134.22 -45.58
N GLN UD 38 -51.58 134.17 -45.51
CA GLN UD 38 -52.40 135.11 -44.75
C GLN UD 38 -52.39 136.47 -45.42
N GLN UD 39 -51.54 136.64 -46.43
CA GLN UD 39 -51.68 137.68 -47.43
C GLN UD 39 -52.29 137.14 -48.70
N ILE UD 40 -51.78 136.01 -49.17
CA ILE UD 40 -52.33 135.36 -50.35
C ILE UD 40 -53.76 134.92 -50.08
N ARG UD 41 -54.06 134.56 -48.83
CA ARG UD 41 -55.46 134.29 -48.47
C ARG UD 41 -56.32 135.50 -48.77
N LYS UD 42 -55.83 136.69 -48.47
CA LYS UD 42 -56.54 137.91 -48.82
C LYS UD 42 -56.67 138.05 -50.34
N LEU UD 43 -55.64 137.64 -51.08
CA LEU UD 43 -55.73 137.63 -52.53
C LEU UD 43 -56.88 136.76 -53.00
N ILE UD 44 -57.07 135.61 -52.34
CA ILE UD 44 -58.21 134.76 -52.65
C ILE UD 44 -59.50 135.48 -52.30
N LYS UD 45 -59.54 136.12 -51.13
CA LYS UD 45 -60.77 136.74 -50.65
C LYS UD 45 -61.26 137.82 -51.59
N ASP UD 46 -60.36 138.65 -52.10
CA ASP UD 46 -60.75 139.69 -53.03
C ASP UD 46 -60.86 139.18 -54.47
N GLY UD 47 -60.54 137.91 -54.71
CA GLY UD 47 -60.84 137.28 -55.98
C GLY UD 47 -59.85 137.49 -57.10
N LEU UD 48 -58.64 137.92 -56.79
CA LEU UD 48 -57.63 138.05 -57.83
C LEU UD 48 -57.04 136.71 -58.23
N ILE UD 49 -57.03 135.74 -57.32
CA ILE UD 49 -56.57 134.39 -57.59
C ILE UD 49 -57.78 133.47 -57.50
N ILE UD 50 -58.01 132.69 -58.55
CA ILE UD 50 -59.21 131.88 -58.67
C ILE UD 50 -58.83 130.43 -58.92
N ARG UD 51 -59.52 129.52 -58.25
CA ARG UD 51 -59.33 128.09 -58.50
C ARG UD 51 -60.10 127.69 -59.75
N LYS UD 52 -59.37 127.30 -60.79
CA LYS UD 52 -60.02 126.86 -62.02
C LYS UD 52 -60.79 125.56 -61.78
N PRO UD 53 -61.99 125.45 -62.34
CA PRO UD 53 -62.74 124.20 -62.19
C PRO UD 53 -62.10 123.07 -62.96
N VAL UD 54 -62.40 121.84 -62.52
CA VAL UD 54 -61.84 120.67 -63.17
C VAL UD 54 -62.34 120.56 -64.60
N THR UD 55 -61.48 120.06 -65.48
CA THR UD 55 -61.89 119.83 -66.86
C THR UD 55 -63.02 118.80 -66.88
N VAL UD 56 -63.96 119.01 -67.79
CA VAL UD 56 -65.18 118.20 -67.82
C VAL UD 56 -64.88 116.86 -68.46
N HIS UD 57 -65.17 115.78 -67.72
CA HIS UD 57 -65.07 114.41 -68.22
C HIS UD 57 -66.40 113.77 -67.88
N SER UD 58 -67.38 113.91 -68.77
CA SER UD 58 -68.71 113.42 -68.49
C SER UD 58 -68.80 111.92 -68.71
N ARG UD 59 -69.76 111.29 -68.04
CA ARG UD 59 -70.09 109.90 -68.26
C ARG UD 59 -71.44 109.72 -68.93
N ALA UD 60 -72.03 110.81 -69.43
CA ALA UD 60 -73.34 110.72 -70.06
C ALA UD 60 -73.29 109.85 -71.30
N ARG UD 61 -72.27 110.03 -72.14
CA ARG UD 61 -72.12 109.19 -73.32
C ARG UD 61 -72.00 107.72 -72.92
N CYS UD 62 -71.11 107.42 -71.99
CA CYS UD 62 -70.95 106.05 -71.56
C CYS UD 62 -72.20 105.53 -70.85
N ARG UD 63 -72.92 106.42 -70.17
CA ARG UD 63 -74.15 105.98 -69.53
C ARG UD 63 -75.22 105.60 -70.57
N LYS UD 64 -75.33 106.36 -71.65
CA LYS UD 64 -76.26 105.96 -72.69
C LYS UD 64 -75.79 104.67 -73.36
N ASN UD 65 -74.47 104.49 -73.47
CA ASN UD 65 -73.97 103.23 -74.00
C ASN UD 65 -74.37 102.06 -73.11
N THR UD 66 -74.24 102.22 -71.80
CA THR UD 66 -74.67 101.18 -70.88
C THR UD 66 -76.17 100.93 -70.98
N LEU UD 67 -76.94 102.01 -71.12
CA LEU UD 67 -78.39 101.86 -71.27
C LEU UD 67 -78.72 101.04 -72.52
N ALA UD 68 -78.03 101.33 -73.62
CA ALA UD 68 -78.23 100.54 -74.83
C ALA UD 68 -77.83 99.09 -74.62
N ARG UD 69 -76.70 98.87 -73.95
CA ARG UD 69 -76.24 97.50 -73.72
C ARG UD 69 -77.23 96.72 -72.87
N ARG UD 70 -77.89 97.40 -71.92
CA ARG UD 70 -78.97 96.75 -71.18
C ARG UD 70 -80.03 96.24 -72.14
N LYS UD 71 -80.37 97.04 -73.14
CA LYS UD 71 -81.31 96.60 -74.16
C LYS UD 71 -80.73 95.50 -75.04
N GLY UD 72 -79.45 95.20 -74.90
CA GLY UD 72 -78.81 94.13 -75.65
C GLY UD 72 -78.00 94.60 -76.84
N ARG UD 73 -77.93 95.90 -77.08
CA ARG UD 73 -77.21 96.42 -78.24
C ARG UD 73 -75.71 96.26 -78.06
N HIS UD 74 -75.01 96.24 -79.18
CA HIS UD 74 -73.55 96.16 -79.25
C HIS UD 74 -73.00 94.86 -78.71
N MET UD 75 -73.86 93.92 -78.31
CA MET UD 75 -73.35 92.72 -77.65
C MET UD 75 -72.98 91.68 -78.70
N GLY UD 76 -73.94 91.25 -79.51
CA GLY UD 76 -73.73 90.34 -80.61
C GLY UD 76 -72.80 89.18 -80.34
N ILE UD 77 -72.03 88.79 -81.36
CA ILE UD 77 -70.97 87.82 -81.18
C ILE UD 77 -69.60 88.36 -81.60
N GLY UD 78 -69.54 89.30 -82.53
CA GLY UD 78 -68.27 89.87 -82.94
C GLY UD 78 -67.92 91.07 -82.09
N LYS UD 79 -68.37 91.07 -80.85
CA LYS UD 79 -68.05 92.13 -79.91
C LYS UD 79 -67.53 91.61 -78.57
N ARG UD 80 -67.56 90.30 -78.35
CA ARG UD 80 -67.04 89.71 -77.12
C ARG UD 80 -65.64 89.18 -77.36
N LYS UD 81 -64.71 89.57 -76.50
CA LYS UD 81 -63.31 89.18 -76.64
C LYS UD 81 -62.92 88.00 -75.75
N GLY UD 82 -63.28 88.02 -74.48
CA GLY UD 82 -63.01 86.90 -73.62
C GLY UD 82 -63.92 85.73 -73.91
N THR UD 83 -63.57 84.58 -73.35
CA THR UD 83 -64.39 83.40 -73.50
C THR UD 83 -65.63 83.51 -72.62
N ALA UD 84 -66.58 82.61 -72.86
CA ALA UD 84 -67.86 82.67 -72.14
C ALA UD 84 -67.65 82.53 -70.64
N ASN UD 85 -66.77 81.63 -70.22
CA ASN UD 85 -66.46 81.51 -68.80
C ASN UD 85 -65.84 82.79 -68.26
N ALA UD 86 -64.96 83.41 -69.04
CA ALA UD 86 -64.37 84.67 -68.60
C ALA UD 86 -65.42 85.74 -68.42
N ARG UD 87 -66.38 85.81 -69.35
CA ARG UD 87 -67.46 86.79 -69.18
C ARG UD 87 -68.41 86.38 -68.07
N MET UD 88 -68.89 85.13 -68.07
CA MET UD 88 -69.64 84.61 -66.94
C MET UD 88 -69.02 83.29 -66.47
N PRO UD 89 -68.41 83.27 -65.31
CA PRO UD 89 -67.82 82.02 -64.81
C PRO UD 89 -68.90 80.98 -64.56
N GLU UD 90 -68.66 79.76 -65.05
CA GLU UD 90 -69.61 78.68 -64.86
C GLU UD 90 -69.83 78.41 -63.38
N LYS UD 91 -68.75 78.43 -62.59
CA LYS UD 91 -68.87 78.23 -61.15
C LYS UD 91 -69.79 79.26 -60.53
N VAL UD 92 -69.67 80.52 -60.95
CA VAL UD 92 -70.49 81.58 -60.39
C VAL UD 92 -71.96 81.32 -60.65
N THR UD 93 -72.30 81.05 -61.92
CA THR UD 93 -73.70 80.84 -62.27
C THR UD 93 -74.26 79.62 -61.56
N TRP UD 94 -73.49 78.53 -61.52
CA TRP UD 94 -73.96 77.31 -60.86
C TRP UD 94 -74.17 77.54 -59.38
N MET UD 95 -73.24 78.25 -58.73
CA MET UD 95 -73.39 78.57 -57.32
C MET UD 95 -74.66 79.38 -57.10
N ARG UD 96 -74.88 80.42 -57.91
CA ARG UD 96 -76.08 81.23 -57.74
C ARG UD 96 -77.33 80.38 -57.95
N ARG UD 97 -77.34 79.57 -59.00
CA ARG UD 97 -78.52 78.77 -59.33
C ARG UD 97 -78.88 77.86 -58.17
N MET UD 98 -77.94 77.06 -57.71
CA MET UD 98 -78.33 76.08 -56.71
C MET UD 98 -78.41 76.71 -55.32
N ARG UD 99 -77.75 77.85 -55.07
CA ARG UD 99 -78.00 78.55 -53.82
C ARG UD 99 -79.44 79.03 -53.76
N ILE UD 100 -79.93 79.63 -54.84
CA ILE UD 100 -81.31 80.09 -54.84
C ILE UD 100 -82.26 78.90 -54.76
N LEU UD 101 -81.88 77.78 -55.38
CA LEU UD 101 -82.70 76.59 -55.29
C LEU UD 101 -82.75 76.03 -53.87
N ARG UD 102 -81.62 76.02 -53.16
CA ARG UD 102 -81.62 75.58 -51.77
C ARG UD 102 -82.45 76.52 -50.91
N ARG UD 103 -82.39 77.81 -51.20
CA ARG UD 103 -83.26 78.75 -50.50
C ARG UD 103 -84.73 78.41 -50.76
N LEU UD 104 -85.05 78.06 -52.00
CA LEU UD 104 -86.42 77.66 -52.32
C LEU UD 104 -86.83 76.42 -51.54
N LEU UD 105 -85.95 75.43 -51.48
CA LEU UD 105 -86.27 74.20 -50.76
C LEU UD 105 -86.47 74.47 -49.27
N ARG UD 106 -85.62 75.30 -48.68
CA ARG UD 106 -85.79 75.65 -47.28
C ARG UD 106 -87.12 76.36 -47.05
N ARG UD 107 -87.45 77.33 -47.92
CA ARG UD 107 -88.69 78.06 -47.74
C ARG UD 107 -89.89 77.13 -47.84
N TYR UD 108 -89.88 76.21 -48.81
CA TYR UD 108 -90.98 75.28 -48.92
C TYR UD 108 -91.04 74.32 -47.74
N ARG UD 109 -89.89 73.87 -47.24
CA ARG UD 109 -89.88 72.98 -46.09
C ARG UD 109 -90.47 73.66 -44.87
N GLU UD 110 -90.09 74.91 -44.64
CA GLU UD 110 -90.62 75.63 -43.48
C GLU UD 110 -92.08 76.01 -43.67
N SER UD 111 -92.55 76.12 -44.90
CA SER UD 111 -93.95 76.38 -45.17
C SER UD 111 -94.78 75.10 -45.08
N LYS UD 112 -94.18 73.98 -44.73
CA LYS UD 112 -94.87 72.73 -44.43
C LYS UD 112 -95.58 72.15 -45.65
N LYS UD 113 -95.40 72.74 -46.82
CA LYS UD 113 -95.97 72.16 -48.02
C LYS UD 113 -95.23 70.92 -48.48
N ILE UD 114 -94.03 70.67 -47.93
CA ILE UD 114 -93.22 69.52 -48.28
C ILE UD 114 -92.63 68.94 -47.01
N ASP UD 115 -92.58 67.61 -46.92
CA ASP UD 115 -92.12 66.96 -45.71
C ASP UD 115 -90.60 66.90 -45.68
N ARG UD 116 -90.07 66.35 -44.58
CA ARG UD 116 -88.63 66.28 -44.40
C ARG UD 116 -87.97 65.41 -45.45
N HIS UD 117 -88.50 64.20 -45.64
CA HIS UD 117 -87.78 63.18 -46.38
C HIS UD 117 -87.70 63.50 -47.87
N MET UD 118 -88.82 63.88 -48.47
CA MET UD 118 -88.75 64.22 -49.89
C MET UD 118 -88.00 65.53 -50.09
N TYR UD 119 -88.02 66.42 -49.09
CA TYR UD 119 -87.16 67.59 -49.16
C TYR UD 119 -85.70 67.17 -49.22
N HIS UD 120 -85.30 66.20 -48.40
CA HIS UD 120 -83.96 65.66 -48.45
C HIS UD 120 -83.65 65.08 -49.82
N SER UD 121 -84.59 64.30 -50.35
CA SER UD 121 -84.37 63.65 -51.64
C SER UD 121 -84.19 64.69 -52.74
N LEU UD 122 -85.04 65.72 -52.76
CA LEU UD 122 -84.93 66.72 -53.81
C LEU UD 122 -83.72 67.62 -53.61
N TYR UD 123 -83.27 67.78 -52.37
CA TYR UD 123 -82.00 68.47 -52.13
C TYR UD 123 -80.86 67.70 -52.78
N LEU UD 124 -80.84 66.37 -52.58
CA LEU UD 124 -79.84 65.56 -53.27
C LEU UD 124 -80.03 65.63 -54.78
N LYS UD 125 -81.28 65.73 -55.24
CA LYS UD 125 -81.55 65.80 -56.66
C LYS UD 125 -80.96 67.07 -57.27
N VAL UD 126 -81.27 68.22 -56.68
CA VAL UD 126 -80.75 69.48 -57.21
C VAL UD 126 -79.24 69.51 -57.08
N LYS UD 127 -78.69 68.88 -56.03
CA LYS UD 127 -77.25 68.72 -55.99
C LYS UD 127 -76.74 67.93 -57.18
N GLY UD 128 -77.55 67.02 -57.70
CA GLY UD 128 -77.20 66.28 -58.89
C GLY UD 128 -77.41 67.02 -60.19
N ASN UD 129 -77.82 68.29 -60.12
CA ASN UD 129 -78.06 69.12 -61.30
C ASN UD 129 -79.10 68.45 -62.21
N VAL UD 130 -80.30 68.33 -61.66
CA VAL UD 130 -81.45 67.85 -62.43
C VAL UD 130 -82.52 68.91 -62.57
N PHE UD 131 -82.30 70.10 -62.05
CA PHE UD 131 -83.15 71.25 -62.32
C PHE UD 131 -82.28 72.37 -62.85
N LYS UD 132 -82.82 73.15 -63.78
CA LYS UD 132 -82.07 74.22 -64.40
C LYS UD 132 -82.46 75.60 -63.90
N ASN UD 133 -83.58 75.71 -63.19
CA ASN UD 133 -83.97 76.96 -62.54
C ASN UD 133 -85.11 76.65 -61.58
N LYS UD 134 -85.65 77.70 -60.97
CA LYS UD 134 -86.64 77.49 -59.91
C LYS UD 134 -87.98 77.07 -60.48
N ARG UD 135 -88.34 77.55 -61.66
CA ARG UD 135 -89.68 77.30 -62.18
C ARG UD 135 -89.91 75.83 -62.44
N ILE UD 136 -88.93 75.17 -63.06
CA ILE UD 136 -89.06 73.73 -63.28
C ILE UD 136 -89.12 73.00 -61.95
N LEU UD 137 -88.41 73.50 -60.93
CA LEU UD 137 -88.46 72.88 -59.62
C LEU UD 137 -89.86 72.93 -59.03
N MET UD 138 -90.49 74.11 -59.04
CA MET UD 138 -91.83 74.19 -58.49
C MET UD 138 -92.81 73.37 -59.30
N GLU UD 139 -92.68 73.37 -60.63
CA GLU UD 139 -93.55 72.54 -61.46
C GLU UD 139 -93.41 71.06 -61.09
N HIS UD 140 -92.17 70.61 -60.92
CA HIS UD 140 -91.92 69.21 -60.61
C HIS UD 140 -92.54 68.82 -59.28
N ILE UD 141 -92.37 69.66 -58.26
CA ILE UD 141 -92.93 69.30 -56.96
C ILE UD 141 -94.45 69.38 -57.01
N HIS UD 142 -95.01 70.26 -57.83
CA HIS UD 142 -96.45 70.29 -58.01
C HIS UD 142 -96.95 68.97 -58.57
N LYS UD 143 -96.29 68.47 -59.62
CA LYS UD 143 -96.71 67.19 -60.18
C LYS UD 143 -96.54 66.06 -59.16
N LEU UD 144 -95.48 66.14 -58.36
CA LEU UD 144 -95.25 65.12 -57.34
C LEU UD 144 -96.40 65.09 -56.34
N LYS UD 145 -96.78 66.25 -55.81
CA LYS UD 145 -97.89 66.31 -54.87
C LYS UD 145 -99.19 65.87 -55.54
N ALA UD 146 -99.35 66.22 -56.82
CA ALA UD 146 -100.57 65.84 -57.53
C ALA UD 146 -100.69 64.32 -57.64
N ASP UD 147 -99.61 63.64 -58.04
CA ASP UD 147 -99.68 62.19 -58.17
C ASP UD 147 -99.85 61.53 -56.80
N LYS UD 148 -99.22 62.09 -55.76
CA LYS UD 148 -99.46 61.57 -54.41
C LYS UD 148 -100.94 61.65 -54.08
N ALA UD 149 -101.57 62.78 -54.36
CA ALA UD 149 -103.00 62.92 -54.07
C ALA UD 149 -103.83 61.93 -54.87
N ARG UD 150 -103.49 61.73 -56.14
CA ARG UD 150 -104.25 60.79 -56.96
C ARG UD 150 -104.16 59.38 -56.39
N LYS UD 151 -102.96 58.93 -56.06
CA LYS UD 151 -102.81 57.60 -55.48
C LYS UD 151 -103.52 57.51 -54.13
N LYS UD 152 -103.49 58.59 -53.35
CA LYS UD 152 -104.17 58.62 -52.07
C LYS UD 152 -105.67 58.38 -52.24
N LEU UD 153 -106.31 59.16 -53.12
CA LEU UD 153 -107.75 58.99 -53.30
C LEU UD 153 -108.08 57.65 -53.94
N LEU UD 154 -107.22 57.14 -54.83
CA LEU UD 154 -107.47 55.84 -55.43
C LEU UD 154 -107.46 54.74 -54.36
N ALA UD 155 -106.45 54.75 -53.50
CA ALA UD 155 -106.39 53.78 -52.42
C ALA UD 155 -107.59 53.93 -51.49
N ASP UD 156 -107.98 55.17 -51.22
CA ASP UD 156 -109.10 55.39 -50.32
C ASP UD 156 -110.39 54.82 -50.89
N GLN UD 157 -110.66 55.07 -52.18
CA GLN UD 157 -111.90 54.55 -52.75
C GLN UD 157 -111.85 53.03 -52.87
N ALA UD 158 -110.67 52.47 -53.16
CA ALA UD 158 -110.55 51.01 -53.18
C ALA UD 158 -110.87 50.43 -51.82
N GLU UD 159 -110.31 51.01 -50.76
CA GLU UD 159 -110.57 50.48 -49.42
C GLU UD 159 -112.02 50.70 -49.01
N ALA UD 160 -112.65 51.78 -49.49
CA ALA UD 160 -114.05 52.02 -49.15
C ALA UD 160 -114.97 50.99 -49.81
N ARG UD 161 -114.79 50.78 -51.13
CA ARG UD 161 -115.55 49.74 -51.81
C ARG UD 161 -115.23 48.37 -51.27
N ARG UD 162 -114.06 48.21 -50.64
CA ARG UD 162 -113.73 46.97 -49.96
C ARG UD 162 -114.55 46.81 -48.68
N SER UD 163 -114.44 47.80 -47.79
CA SER UD 163 -115.10 47.73 -46.49
C SER UD 163 -116.61 47.64 -46.62
N LYS UD 164 -117.18 48.25 -47.66
CA LYS UD 164 -118.62 48.16 -47.87
C LYS UD 164 -119.05 46.71 -48.01
N THR UD 165 -118.40 45.97 -48.90
CA THR UD 165 -118.72 44.55 -49.06
C THR UD 165 -118.41 43.78 -47.79
N LYS UD 166 -117.29 44.12 -47.14
CA LYS UD 166 -116.93 43.42 -45.90
C LYS UD 166 -118.05 43.52 -44.87
N GLU UD 167 -118.54 44.74 -44.61
CA GLU UD 167 -119.58 44.89 -43.59
C GLU UD 167 -120.91 44.32 -44.05
N ALA UD 168 -121.24 44.47 -45.34
CA ALA UD 168 -122.50 43.92 -45.85
C ALA UD 168 -122.54 42.41 -45.67
N ARG UD 169 -121.42 41.73 -45.89
CA ARG UD 169 -121.39 40.30 -45.64
C ARG UD 169 -121.31 39.97 -44.16
N LYS UD 170 -120.64 40.80 -43.36
CA LYS UD 170 -120.47 40.50 -41.95
C LYS UD 170 -121.81 40.51 -41.23
N ARG UD 171 -122.66 41.50 -41.52
CA ARG UD 171 -123.93 41.53 -40.81
C ARG UD 171 -124.85 40.42 -41.28
N ARG UD 172 -124.76 40.04 -42.55
CA ARG UD 172 -125.53 38.88 -43.03
C ARG UD 172 -125.13 37.63 -42.29
N GLU UD 173 -123.82 37.40 -42.14
CA GLU UD 173 -123.36 36.21 -41.41
C GLU UD 173 -123.77 36.28 -39.94
N GLU UD 174 -123.69 37.46 -39.33
CA GLU UD 174 -124.05 37.59 -37.92
C GLU UD 174 -125.53 37.32 -37.70
N ARG UD 175 -126.39 37.83 -38.57
CA ARG UD 175 -127.81 37.53 -38.40
C ARG UD 175 -128.13 36.09 -38.76
N LEU UD 176 -127.34 35.50 -39.66
CA LEU UD 176 -127.45 34.06 -39.91
C LEU UD 176 -127.17 33.27 -38.64
N GLN UD 177 -126.09 33.63 -37.93
CA GLN UD 177 -125.74 32.87 -36.73
C GLN UD 177 -126.74 33.13 -35.60
N ALA UD 178 -127.29 34.35 -35.53
CA ALA UD 178 -128.34 34.61 -34.55
C ALA UD 178 -129.58 33.77 -34.84
N LYS UD 179 -129.95 33.66 -36.12
CA LYS UD 179 -131.03 32.77 -36.52
C LYS UD 179 -130.71 31.32 -36.16
N LYS UD 180 -129.45 30.92 -36.29
CA LYS UD 180 -129.05 29.57 -35.94
C LYS UD 180 -129.22 29.32 -34.44
N GLU UD 181 -128.75 30.25 -33.61
CA GLU UD 181 -128.72 30.04 -32.17
C GLU UD 181 -130.02 30.42 -31.46
N GLU UD 182 -130.99 31.02 -32.15
CA GLU UD 182 -132.22 31.40 -31.45
C GLU UD 182 -133.09 30.22 -31.05
N ILE UD 183 -132.76 29.02 -31.50
CA ILE UD 183 -133.54 27.83 -31.14
C ILE UD 183 -132.88 27.04 -30.02
N ILE UD 184 -131.56 26.90 -30.04
CA ILE UD 184 -130.86 26.10 -29.04
C ILE UD 184 -130.88 26.71 -27.65
N LYS UD 185 -131.36 27.95 -27.51
CA LYS UD 185 -131.41 28.62 -26.23
C LYS UD 185 -132.75 28.48 -25.54
N THR UD 186 -133.70 27.76 -26.13
CA THR UD 186 -135.02 27.57 -25.52
C THR UD 186 -135.49 26.13 -25.50
N LEU UD 187 -134.75 25.19 -26.12
CA LEU UD 187 -135.11 23.78 -26.22
C LEU UD 187 -136.61 23.55 -26.43
N LYS VD 1 43.37 91.47 -134.05
CA LYS VD 1 44.18 92.48 -134.72
C LYS VD 1 43.32 93.64 -135.20
N ALA VD 2 43.73 94.86 -134.86
CA ALA VD 2 43.01 96.05 -135.28
C ALA VD 2 43.36 96.36 -136.73
N SER VD 3 42.97 97.55 -137.20
CA SER VD 3 43.09 97.84 -138.62
C SER VD 3 43.45 99.32 -138.79
N GLY VD 4 43.29 99.82 -140.01
CA GLY VD 4 43.79 101.10 -140.45
C GLY VD 4 44.02 101.04 -141.94
N THR VD 5 45.23 101.35 -142.40
CA THR VD 5 45.65 101.04 -143.76
C THR VD 5 46.93 100.21 -143.70
N LEU VD 6 46.80 98.91 -143.92
CA LEU VD 6 47.92 98.01 -143.74
C LEU VD 6 48.98 98.24 -144.82
N ARG VD 7 50.14 97.65 -144.58
CA ARG VD 7 51.26 97.71 -145.51
C ARG VD 7 51.84 96.32 -145.67
N GLU VD 8 52.37 96.05 -146.86
CA GLU VD 8 53.02 94.77 -147.09
C GLU VD 8 54.38 94.75 -146.40
N TYR VD 9 54.59 93.75 -145.55
CA TYR VD 9 55.82 93.60 -144.80
C TYR VD 9 56.50 92.30 -145.20
N LYS VD 10 57.79 92.38 -145.50
CA LYS VD 10 58.60 91.19 -145.73
C LYS VD 10 59.29 90.84 -144.42
N VAL VD 11 58.90 89.71 -143.84
CA VAL VD 11 59.44 89.28 -142.56
C VAL VD 11 60.19 87.98 -142.79
N VAL VD 12 61.44 87.93 -142.35
CA VAL VD 12 62.23 86.71 -142.40
C VAL VD 12 62.58 86.35 -140.96
N GLY VD 13 62.51 85.05 -140.65
CA GLY VD 13 62.81 84.60 -139.31
C GLY VD 13 63.48 83.25 -139.34
N ARG VD 14 64.16 82.93 -138.24
CA ARG VD 14 64.84 81.65 -138.11
C ARG VD 14 65.01 81.34 -136.64
N CYS VD 15 65.25 80.05 -136.37
CA CYS VD 15 65.47 79.59 -135.00
C CYS VD 15 66.90 79.88 -134.57
N LEU VD 16 67.12 79.78 -133.25
CA LEU VD 16 68.46 79.90 -132.71
C LEU VD 16 69.31 78.72 -133.16
N PRO VD 17 70.61 78.93 -133.36
CA PRO VD 17 71.46 77.81 -133.77
C PRO VD 17 71.75 76.88 -132.61
N THR VD 18 71.08 75.74 -132.61
CA THR VD 18 71.14 74.59 -131.71
C THR VD 18 72.28 73.68 -132.16
N PRO VD 19 73.07 73.11 -131.25
CA PRO VD 19 74.20 72.28 -131.70
C PRO VD 19 73.75 70.91 -132.21
N LYS VD 20 72.67 70.92 -132.99
CA LYS VD 20 72.30 69.82 -133.86
C LYS VD 20 72.24 70.23 -135.32
N CYS VD 21 71.69 71.41 -135.59
CA CYS VD 21 71.73 72.05 -136.90
C CYS VD 21 72.21 73.47 -136.67
N HIS VD 22 73.52 73.68 -136.77
CA HIS VD 22 74.10 74.98 -136.49
C HIS VD 22 73.61 76.05 -137.45
N THR VD 23 73.02 75.65 -138.57
CA THR VD 23 72.48 76.57 -139.57
C THR VD 23 71.01 76.24 -139.81
N PRO VD 24 70.11 76.69 -138.94
CA PRO VD 24 68.69 76.45 -139.17
C PRO VD 24 68.23 77.15 -140.44
N PRO VD 25 67.24 76.59 -141.13
CA PRO VD 25 66.71 77.27 -142.33
C PRO VD 25 66.02 78.56 -141.97
N LEU VD 26 66.00 79.48 -142.93
CA LEU VD 26 65.49 80.83 -142.68
C LEU VD 26 64.27 81.01 -143.55
N TYR VD 27 63.20 81.54 -142.96
CA TYR VD 27 61.87 81.53 -143.54
C TYR VD 27 61.42 82.94 -143.82
N ARG VD 28 60.91 83.19 -145.03
CA ARG VD 28 60.43 84.50 -145.42
C ARG VD 28 58.91 84.51 -145.42
N MET VD 29 58.33 85.67 -145.12
CA MET VD 29 56.90 85.85 -145.14
C MET VD 29 56.55 87.17 -145.79
N ARG VD 30 55.47 87.18 -146.55
CA ARG VD 30 54.78 88.41 -146.92
C ARG VD 30 53.49 88.46 -146.13
N ILE VD 31 53.35 89.50 -145.30
CA ILE VD 31 52.16 89.70 -144.49
C ILE VD 31 51.85 91.19 -144.45
N PHE VD 32 50.69 91.51 -143.90
CA PHE VD 32 50.21 92.89 -143.84
C PHE VD 32 49.83 93.22 -142.41
N ALA VD 33 50.44 94.25 -141.86
CA ALA VD 33 50.19 94.72 -140.52
C ALA VD 33 50.23 96.24 -140.53
N PRO VD 34 49.55 96.89 -139.58
CA PRO VD 34 49.66 98.35 -139.48
C PRO VD 34 51.07 98.83 -139.21
N ASN VD 35 51.91 97.99 -138.62
CA ASN VD 35 53.27 98.39 -138.30
C ASN VD 35 54.10 97.13 -138.04
N HIS VD 36 55.39 97.34 -137.80
CA HIS VD 36 56.33 96.23 -137.75
C HIS VD 36 56.13 95.34 -136.53
N VAL VD 37 55.67 95.89 -135.41
CA VAL VD 37 55.45 95.07 -134.23
C VAL VD 37 54.37 94.05 -134.50
N VAL VD 38 53.23 94.50 -135.02
CA VAL VD 38 52.17 93.58 -135.39
C VAL VD 38 52.66 92.63 -136.47
N ALA VD 39 53.55 93.09 -137.34
CA ALA VD 39 54.12 92.21 -138.34
C ALA VD 39 54.86 91.05 -137.69
N LYS VD 40 55.69 91.36 -136.69
CA LYS VD 40 56.40 90.29 -135.98
C LYS VD 40 55.42 89.36 -135.29
N SER VD 41 54.39 89.91 -134.66
CA SER VD 41 53.43 89.08 -133.94
C SER VD 41 52.71 88.12 -134.88
N ARG VD 42 52.24 88.63 -136.02
CA ARG VD 42 51.53 87.79 -136.97
C ARG VD 42 52.46 86.77 -137.61
N PHE VD 43 53.70 87.15 -137.91
CA PHE VD 43 54.67 86.19 -138.39
C PHE VD 43 54.84 85.05 -137.40
N TRP VD 44 55.00 85.39 -136.12
CA TRP VD 44 55.20 84.36 -135.11
C TRP VD 44 54.00 83.45 -135.00
N TYR VD 45 52.80 84.03 -135.03
CA TYR VD 45 51.59 83.21 -135.00
C TYR VD 45 51.57 82.24 -136.17
N PHE VD 46 51.83 82.74 -137.38
CA PHE VD 46 51.75 81.89 -138.56
C PHE VD 46 52.79 80.78 -138.53
N VAL VD 47 54.03 81.11 -138.14
CA VAL VD 47 55.07 80.08 -138.10
C VAL VD 47 54.74 79.06 -137.02
N SER VD 48 54.14 79.49 -135.91
CA SER VD 48 53.72 78.52 -134.91
C SER VD 48 52.65 77.60 -135.44
N GLN VD 49 51.77 78.12 -136.31
CA GLN VD 49 50.83 77.21 -136.98
C GLN VD 49 51.54 76.24 -137.91
N LEU VD 50 52.52 76.72 -138.67
CA LEU VD 50 53.03 75.93 -139.78
C LEU VD 50 54.08 74.93 -139.32
N LYS VD 51 55.13 75.40 -138.66
CA LYS VD 51 56.18 74.54 -138.15
C LYS VD 51 56.20 74.58 -136.63
N LYS VD 52 57.03 73.73 -136.04
CA LYS VD 52 57.20 73.73 -134.60
C LYS VD 52 58.03 74.94 -134.20
N MET VD 53 57.43 76.13 -134.25
CA MET VD 53 58.18 77.37 -134.06
C MET VD 53 57.58 78.17 -132.92
N LYS VD 54 58.45 78.82 -132.16
CA LYS VD 54 58.05 79.68 -131.06
C LYS VD 54 58.92 80.93 -131.09
N LYS VD 55 58.35 82.04 -130.60
CA LYS VD 55 59.11 83.29 -130.55
C LYS VD 55 60.34 83.15 -129.66
N SER VD 56 60.18 82.55 -128.48
CA SER VD 56 61.32 82.33 -127.61
C SER VD 56 62.33 81.39 -128.25
N SER VD 57 61.85 80.32 -128.89
CA SER VD 57 62.74 79.43 -129.63
C SER VD 57 62.89 79.90 -131.07
N GLY VD 58 63.15 81.19 -131.25
CA GLY VD 58 63.32 81.74 -132.59
C GLY VD 58 63.67 83.20 -132.50
N GLU VD 59 63.77 83.83 -133.67
CA GLU VD 59 64.16 85.24 -133.72
C GLU VD 59 63.81 85.81 -135.08
N ILE VD 60 63.57 87.12 -135.10
CA ILE VD 60 63.25 87.85 -136.32
C ILE VD 60 64.53 88.43 -136.89
N VAL VD 61 64.87 88.06 -138.12
CA VAL VD 61 66.10 88.53 -138.75
C VAL VD 61 65.86 89.73 -139.65
N TYR VD 62 64.81 89.70 -140.47
CA TYR VD 62 64.52 90.83 -141.34
C TYR VD 62 63.06 91.26 -141.21
N CYS VD 63 62.85 92.57 -141.24
CA CYS VD 63 61.51 93.14 -141.24
C CYS VD 63 61.58 94.46 -142.00
N GLY VD 64 61.00 94.49 -143.20
CA GLY VD 64 61.07 95.68 -144.01
C GLY VD 64 59.76 95.94 -144.71
N GLN VD 65 59.42 97.22 -144.84
CA GLN VD 65 58.22 97.62 -145.56
C GLN VD 65 58.41 97.30 -147.04
N VAL VD 66 57.43 96.64 -147.63
CA VAL VD 66 57.47 96.25 -149.03
C VAL VD 66 56.54 97.16 -149.81
N PHE VD 67 57.10 98.20 -150.40
CA PHE VD 67 56.31 99.09 -151.23
C PHE VD 67 55.82 98.37 -152.47
N GLU VD 68 54.81 98.96 -153.11
CA GLU VD 68 54.30 98.40 -154.34
C GLU VD 68 55.36 98.42 -155.43
N LYS VD 69 55.50 97.31 -156.15
CA LYS VD 69 56.35 97.31 -157.34
C LYS VD 69 55.83 98.30 -158.37
N SER VD 70 54.52 98.28 -158.62
CA SER VD 70 53.89 99.19 -159.57
C SER VD 70 52.76 99.93 -158.86
N PRO VD 71 53.09 100.90 -158.02
CA PRO VD 71 52.05 101.70 -157.37
C PRO VD 71 51.47 102.72 -158.34
N LEU VD 72 51.78 102.54 -159.63
CA LEU VD 72 51.31 103.46 -160.65
C LEU VD 72 50.22 102.85 -161.52
N ARG VD 73 50.22 101.54 -161.73
CA ARG VD 73 49.29 100.92 -162.66
C ARG VD 73 48.23 100.15 -161.90
N VAL VD 74 47.01 100.23 -162.42
CA VAL VD 74 45.89 99.49 -161.85
C VAL VD 74 46.04 98.02 -162.18
N LYS VD 75 45.65 97.16 -161.25
CA LYS VD 75 45.80 95.74 -161.43
C LYS VD 75 44.67 95.01 -160.71
N ASN VD 76 44.40 93.80 -161.15
CA ASN VD 76 43.37 92.97 -160.54
C ASN VD 76 44.01 92.12 -159.46
N PHE VD 77 43.53 92.26 -158.23
CA PHE VD 77 44.08 91.55 -157.08
C PHE VD 77 43.12 90.43 -156.70
N GLY VD 78 43.40 89.23 -157.20
CA GLY VD 78 42.66 88.06 -156.79
C GLY VD 78 43.40 87.36 -155.67
N ILE VD 79 42.84 87.36 -154.47
CA ILE VD 79 43.55 86.86 -153.30
C ILE VD 79 42.79 85.68 -152.71
N TRP VD 80 43.53 84.84 -152.00
CA TRP VD 80 42.98 83.69 -151.32
C TRP VD 80 43.06 83.90 -149.82
N LEU VD 81 42.11 83.34 -149.07
CA LEU VD 81 42.04 83.57 -147.64
C LEU VD 81 41.07 82.59 -147.01
N ARG VD 82 41.26 82.36 -145.71
CA ARG VD 82 40.39 81.50 -144.92
C ARG VD 82 39.93 82.26 -143.68
N TYR VD 83 38.67 82.08 -143.33
CA TYR VD 83 38.11 82.76 -142.17
C TYR VD 83 37.13 81.82 -141.48
N ASP VD 84 36.80 82.16 -140.23
CA ASP VD 84 35.91 81.34 -139.41
C ASP VD 84 34.67 82.19 -139.11
N SER VD 85 33.49 81.60 -139.30
CA SER VD 85 32.22 82.28 -139.06
C SER VD 85 31.74 82.02 -137.64
N ARG VD 86 30.47 82.27 -137.37
CA ARG VD 86 29.89 81.73 -136.14
C ARG VD 86 29.91 80.22 -136.15
N SER VD 87 29.58 79.61 -137.29
CA SER VD 87 29.72 78.18 -137.50
C SER VD 87 31.16 77.89 -137.94
N GLY VD 88 31.40 76.69 -138.46
CA GLY VD 88 32.74 76.30 -138.87
C GLY VD 88 33.34 77.26 -139.87
N THR VD 89 34.64 77.06 -140.13
CA THR VD 89 35.40 77.93 -141.00
C THR VD 89 35.36 77.43 -142.44
N HIS VD 90 35.81 78.30 -143.35
CA HIS VD 90 35.72 78.04 -144.78
C HIS VD 90 36.90 78.69 -145.49
N ASN VD 91 37.15 78.21 -146.71
CA ASN VD 91 38.18 78.77 -147.59
C ASN VD 91 37.52 79.39 -148.82
N MET VD 92 37.88 80.64 -149.12
CA MET VD 92 37.33 81.33 -150.27
C MET VD 92 38.44 82.10 -150.97
N TYR VD 93 38.14 82.52 -152.20
CA TYR VD 93 39.07 83.30 -153.01
C TYR VD 93 38.32 84.50 -153.56
N ARG VD 94 38.85 85.70 -153.32
CA ARG VD 94 38.20 86.92 -153.73
C ARG VD 94 39.08 87.69 -154.71
N GLU VD 95 38.47 88.67 -155.37
CA GLU VD 95 39.15 89.50 -156.35
C GLU VD 95 38.85 90.97 -156.05
N TYR VD 96 39.83 91.82 -156.29
CA TYR VD 96 39.66 93.26 -156.14
C TYR VD 96 40.52 93.98 -157.16
N ARG VD 97 40.02 95.12 -157.63
CA ARG VD 97 40.81 96.02 -158.47
C ARG VD 97 41.31 97.16 -157.60
N ASP VD 98 42.62 97.33 -157.54
CA ASP VD 98 43.19 98.38 -156.72
C ASP VD 98 44.59 98.70 -157.22
N LEU VD 99 45.08 99.88 -156.84
CA LEU VD 99 46.36 100.38 -157.28
C LEU VD 99 47.53 99.77 -156.53
N THR VD 100 47.30 99.27 -155.32
CA THR VD 100 48.37 98.71 -154.50
C THR VD 100 47.90 97.45 -153.80
N THR VD 101 48.87 96.56 -153.52
CA THR VD 101 48.55 95.30 -152.87
C THR VD 101 48.05 95.53 -151.45
N ALA VD 102 48.71 96.40 -150.71
CA ALA VD 102 48.28 96.68 -149.34
C ALA VD 102 46.88 97.25 -149.32
N GLY VD 103 46.57 98.18 -150.23
CA GLY VD 103 45.22 98.69 -150.33
C GLY VD 103 44.23 97.60 -150.68
N ALA VD 104 44.64 96.66 -151.53
CA ALA VD 104 43.76 95.55 -151.87
C ALA VD 104 43.46 94.71 -150.64
N VAL VD 105 44.47 94.46 -149.81
CA VAL VD 105 44.25 93.70 -148.59
C VAL VD 105 43.31 94.44 -147.65
N THR VD 106 43.48 95.76 -147.55
CA THR VD 106 42.56 96.55 -146.74
C THR VD 106 41.15 96.45 -147.27
N GLN VD 107 40.99 96.53 -148.59
CA GLN VD 107 39.67 96.39 -149.18
C GLN VD 107 39.07 95.04 -148.85
N CYS VD 108 39.88 93.99 -148.90
CA CYS VD 108 39.39 92.66 -148.56
C CYS VD 108 38.96 92.59 -147.10
N TYR VD 109 39.74 93.19 -146.21
CA TYR VD 109 39.40 93.15 -144.78
C TYR VD 109 38.09 93.88 -144.51
N ARG VD 110 37.93 95.06 -145.12
CA ARG VD 110 36.67 95.79 -144.96
C ARG VD 110 35.52 95.04 -145.60
N ASP VD 111 35.78 94.33 -146.71
CA ASP VD 111 34.76 93.50 -147.32
C ASP VD 111 34.31 92.39 -146.37
N MET VD 112 35.27 91.74 -145.73
CA MET VD 112 34.94 90.73 -144.72
C MET VD 112 34.09 91.34 -143.62
N GLY VD 113 34.56 92.46 -143.05
CA GLY VD 113 33.83 93.08 -141.97
C GLY VD 113 32.41 93.45 -142.36
N ALA VD 114 32.23 93.94 -143.58
CA ALA VD 114 30.89 94.34 -144.02
C ALA VD 114 30.02 93.13 -144.29
N ARG VD 115 30.41 92.27 -145.22
CA ARG VD 115 29.55 91.19 -145.65
C ARG VD 115 29.48 90.08 -144.61
N HIS VD 116 30.63 89.48 -144.28
CA HIS VD 116 30.65 88.30 -143.43
C HIS VD 116 30.78 88.63 -141.96
N ARG VD 117 30.85 89.93 -141.62
CA ARG VD 117 31.01 90.37 -140.23
C ARG VD 117 32.25 89.76 -139.60
N ALA VD 118 33.23 89.43 -140.42
CA ALA VD 118 34.42 88.70 -139.99
C ALA VD 118 35.44 89.67 -139.44
N ARG VD 119 35.70 89.59 -138.14
CA ARG VD 119 36.66 90.46 -137.49
C ARG VD 119 38.08 90.05 -137.88
N ALA VD 120 38.94 91.05 -138.04
CA ALA VD 120 40.25 90.85 -138.67
C ALA VD 120 41.05 89.75 -137.99
N HIS VD 121 40.86 89.56 -136.69
CA HIS VD 121 41.59 88.52 -135.98
C HIS VD 121 41.19 87.12 -136.41
N SER VD 122 40.10 86.97 -137.15
CA SER VD 122 39.66 85.65 -137.60
C SER VD 122 40.08 85.32 -139.02
N ILE VD 123 40.50 86.33 -139.79
CA ILE VD 123 40.86 86.11 -141.19
C ILE VD 123 42.31 85.63 -141.25
N GLN VD 124 42.58 84.71 -142.18
CA GLN VD 124 43.93 84.26 -142.46
C GLN VD 124 44.17 84.36 -143.96
N ILE VD 125 44.99 85.31 -144.37
CA ILE VD 125 45.31 85.52 -145.77
C ILE VD 125 46.06 84.30 -146.30
N MET VD 126 45.68 83.85 -147.49
CA MET VD 126 46.32 82.68 -148.08
C MET VD 126 47.36 83.06 -149.12
N LYS VD 127 46.91 83.72 -150.20
CA LYS VD 127 47.79 84.13 -151.28
C LYS VD 127 47.24 85.40 -151.90
N VAL VD 128 48.14 86.24 -152.40
CA VAL VD 128 47.79 87.48 -153.08
C VAL VD 128 48.64 87.58 -154.33
N GLU VD 129 48.03 87.49 -155.50
CA GLU VD 129 48.74 87.60 -156.77
C GLU VD 129 48.02 88.53 -157.71
N GLU VD 130 48.79 89.13 -158.62
CA GLU VD 130 48.22 89.92 -159.70
C GLU VD 130 47.44 89.03 -160.64
N ILE VD 131 46.28 89.49 -161.06
CA ILE VD 131 45.37 88.73 -161.91
C ILE VD 131 45.23 89.46 -163.24
N ALA VD 132 45.47 88.73 -164.33
CA ALA VD 132 45.18 89.28 -165.65
C ALA VD 132 43.67 89.37 -165.86
N ALA VD 133 43.25 90.39 -166.62
CA ALA VD 133 41.83 90.61 -166.82
C ALA VD 133 41.14 89.39 -167.43
N SER VD 134 41.88 88.56 -168.16
CA SER VD 134 41.33 87.32 -168.67
C SER VD 134 41.16 86.26 -167.58
N LYS VD 135 41.84 86.43 -166.45
CA LYS VD 135 41.77 85.47 -165.35
C LYS VD 135 40.77 85.85 -164.27
N CYS VD 136 40.12 87.00 -164.40
CA CYS VD 136 39.15 87.43 -163.40
C CYS VD 136 37.93 86.52 -163.41
N ARG VD 137 37.32 86.33 -162.24
CA ARG VD 137 36.15 85.48 -162.13
C ARG VD 137 34.94 86.23 -161.60
N ARG VD 138 35.16 87.12 -160.64
CA ARG VD 138 34.02 87.85 -160.07
C ARG VD 138 33.49 88.84 -161.09
N PRO VD 139 32.19 88.81 -161.39
CA PRO VD 139 31.66 89.66 -162.46
C PRO VD 139 31.84 91.15 -162.23
N ALA VD 140 31.72 91.61 -160.98
CA ALA VD 140 31.82 93.03 -160.70
C ALA VD 140 33.18 93.61 -161.06
N VAL VD 141 34.22 92.79 -161.09
CA VAL VD 141 35.54 93.22 -161.51
C VAL VD 141 35.67 93.20 -163.02
N LYS VD 142 35.10 92.19 -163.68
CA LYS VD 142 35.17 92.10 -165.13
C LYS VD 142 34.51 93.30 -165.79
N GLN VD 143 33.49 93.88 -165.15
CA GLN VD 143 32.77 95.00 -165.74
C GLN VD 143 33.66 96.22 -165.93
N PHE VD 144 34.82 96.26 -165.28
CA PHE VD 144 35.77 97.35 -165.46
C PHE VD 144 36.80 97.06 -166.54
N HIS VD 145 36.74 95.89 -167.17
CA HIS VD 145 37.72 95.49 -168.17
C HIS VD 145 37.18 95.85 -169.55
N ASP VD 146 37.41 97.10 -169.97
CA ASP VD 146 37.04 97.54 -171.31
C ASP VD 146 37.72 98.87 -171.59
N SER VD 147 38.07 99.10 -172.85
CA SER VD 147 38.73 100.34 -173.22
C SER VD 147 37.82 101.55 -173.02
N LYS VD 148 36.66 101.55 -173.68
CA LYS VD 148 35.82 102.74 -173.75
C LYS VD 148 34.80 102.75 -172.62
N ILE VD 149 35.30 102.77 -171.39
CA ILE VD 149 34.44 102.93 -170.22
C ILE VD 149 33.86 104.33 -170.24
N LYS VD 150 32.55 104.43 -170.02
CA LYS VD 150 31.86 105.71 -170.07
C LYS VD 150 30.55 105.58 -169.31
N PHE VD 151 30.36 106.42 -168.30
CA PHE VD 151 29.13 106.40 -167.52
C PHE VD 151 29.01 107.74 -166.81
N PRO VD 152 27.79 108.16 -166.48
CA PRO VD 152 27.62 109.46 -165.81
C PRO VD 152 27.65 109.34 -164.30
N LEU VD 153 27.40 110.47 -163.63
CA LEU VD 153 27.21 110.52 -162.18
C LEU VD 153 25.76 110.94 -161.93
N PRO VD 154 24.84 109.99 -161.76
CA PRO VD 154 23.41 110.33 -161.80
C PRO VD 154 22.94 111.26 -160.69
N HIS VD 155 23.16 110.87 -159.44
CA HIS VD 155 22.56 111.54 -158.29
C HIS VD 155 23.67 112.09 -157.41
N ARG VD 156 24.02 113.35 -157.61
CA ARG VD 156 25.07 113.99 -156.83
C ARG VD 156 24.44 114.59 -155.57
N VAL VD 157 24.59 113.86 -154.46
CA VAL VD 157 24.08 114.35 -153.19
C VAL VD 157 25.00 115.44 -152.66
N LEU VD 158 24.42 116.58 -152.28
CA LEU VD 158 25.20 117.64 -151.67
C LEU VD 158 25.82 117.13 -150.37
N ARG VD 159 27.06 117.55 -150.12
CA ARG VD 159 27.77 117.11 -148.93
C ARG VD 159 28.20 118.24 -148.03
N ARG VD 160 28.22 119.48 -148.52
CA ARG VD 160 28.42 120.65 -147.65
C ARG VD 160 27.10 120.93 -146.94
N GLN VD 161 26.71 119.98 -146.09
CA GLN VD 161 25.37 119.94 -145.54
C GLN VD 161 25.09 121.09 -144.59
N HIS VD 162 26.11 121.62 -143.93
CA HIS VD 162 25.91 122.65 -142.91
C HIS VD 162 26.54 123.98 -143.25
N LYS VD 163 27.24 124.08 -144.38
CA LYS VD 163 27.83 125.35 -144.82
C LYS VD 163 27.22 125.72 -146.16
N PRO VD 164 26.20 126.57 -146.18
CA PRO VD 164 25.50 127.13 -145.04
C PRO VD 164 24.49 126.12 -144.50
N ARG VD 165 24.11 126.21 -143.23
CA ARG VD 165 23.10 125.30 -142.71
C ARG VD 165 21.72 125.61 -143.28
N PHE VD 166 21.55 126.79 -143.87
CA PHE VD 166 20.29 127.21 -144.47
C PHE VD 166 20.59 127.96 -145.75
N THR VD 167 20.05 127.46 -146.87
CA THR VD 167 20.16 128.15 -148.14
C THR VD 167 18.76 128.34 -148.73
N THR VD 168 18.52 129.54 -149.26
CA THR VD 168 17.18 129.89 -149.72
C THR VD 168 16.73 128.96 -150.84
N LYS VD 169 17.62 128.67 -151.78
CA LYS VD 169 17.29 127.81 -152.90
C LYS VD 169 17.48 126.36 -152.51
N ARG VD 170 16.49 125.53 -152.80
CA ARG VD 170 16.67 124.10 -152.66
C ARG VD 170 17.77 123.64 -153.60
N PRO VD 171 18.70 122.80 -153.15
CA PRO VD 171 19.84 122.43 -153.99
C PRO VD 171 19.43 121.54 -155.15
N ASN VD 172 20.40 121.29 -156.02
CA ASN VD 172 20.23 120.43 -157.17
C ASN VD 172 21.20 119.26 -157.09
N THR VD 173 20.82 118.15 -157.72
CA THR VD 173 21.67 116.97 -157.79
C THR VD 173 22.11 116.63 -159.19
N PHE VD 174 21.61 117.32 -160.21
CA PHE VD 174 21.96 117.05 -161.60
C PHE VD 174 23.07 118.01 -162.03
N PHE VD 175 24.24 117.46 -162.32
CA PHE VD 175 25.38 118.27 -162.73
C PHE VD 175 26.04 117.73 -163.99
N THR WD 1 34.04 68.24 -93.82
CA THR WD 1 33.40 66.95 -93.94
C THR WD 1 34.39 65.81 -93.78
N ASN WD 2 35.59 66.00 -94.30
CA ASN WD 2 36.58 64.94 -94.35
C ASN WD 2 37.13 64.66 -92.97
N THR WD 3 37.64 63.44 -92.81
CA THR WD 3 38.21 63.02 -91.54
C THR WD 3 39.58 63.68 -91.34
N LYS WD 4 40.23 63.29 -90.25
CA LYS WD 4 41.59 63.74 -89.95
C LYS WD 4 42.53 62.57 -89.77
N GLY WD 5 42.37 61.53 -90.58
CA GLY WD 5 43.24 60.37 -90.50
C GLY WD 5 44.67 60.70 -90.89
N LYS WD 6 45.58 59.85 -90.41
CA LYS WD 6 47.00 60.10 -90.65
C LYS WD 6 47.34 59.95 -92.13
N ARG WD 7 46.56 59.16 -92.86
CA ARG WD 7 46.82 58.88 -94.26
C ARG WD 7 45.61 59.19 -95.13
N ARG WD 8 44.98 60.33 -94.91
CA ARG WD 8 43.86 60.73 -95.74
C ARG WD 8 44.38 61.24 -97.08
N GLY WD 9 43.73 60.79 -98.16
CA GLY WD 9 44.05 61.30 -99.48
C GLY WD 9 45.46 61.08 -99.94
N THR WD 10 45.98 59.87 -99.77
CA THR WD 10 47.34 59.55 -100.20
C THR WD 10 47.37 58.28 -101.03
N ARG WD 11 46.34 58.09 -101.86
CA ARG WD 11 46.27 56.87 -102.66
C ARG WD 11 47.46 56.77 -103.61
N TYR WD 12 47.79 57.87 -104.28
CA TYR WD 12 48.97 57.92 -105.15
C TYR WD 12 50.13 58.65 -104.50
N MET WD 13 49.90 59.35 -103.40
CA MET WD 13 50.97 60.10 -102.76
C MET WD 13 52.07 59.17 -102.29
N PHE WD 14 51.72 58.09 -101.59
CA PHE WD 14 52.67 57.13 -101.07
C PHE WD 14 52.81 55.90 -101.95
N SER WD 15 51.96 55.74 -102.96
CA SER WD 15 52.02 54.58 -103.81
C SER WD 15 53.35 54.52 -104.54
N ARG WD 16 53.91 53.32 -104.62
CA ARG WD 16 55.18 53.15 -105.31
C ARG WD 16 55.00 53.38 -106.81
N PRO WD 17 56.00 53.95 -107.46
CA PRO WD 17 55.92 54.15 -108.92
C PRO WD 17 55.80 52.83 -109.64
N PHE WD 18 55.19 52.88 -110.81
CA PHE WD 18 54.87 51.68 -111.58
C PHE WD 18 56.13 50.87 -111.85
N ARG WD 19 56.02 49.56 -111.65
CA ARG WD 19 57.11 48.61 -111.90
C ARG WD 19 58.37 48.98 -111.11
N LYS WD 20 58.16 49.60 -109.94
CA LYS WD 20 59.24 49.76 -108.98
C LYS WD 20 58.85 49.18 -107.62
N HIS WD 21 57.77 48.43 -107.55
CA HIS WD 21 57.40 47.76 -106.31
C HIS WD 21 58.38 46.63 -106.02
N GLY WD 22 58.29 46.10 -104.82
CA GLY WD 22 59.20 45.06 -104.38
C GLY WD 22 60.15 45.57 -103.31
N VAL WD 23 61.27 44.85 -103.16
CA VAL WD 23 62.22 45.16 -102.11
C VAL WD 23 62.87 46.50 -102.37
N VAL WD 24 63.04 47.29 -101.30
CA VAL WD 24 63.73 48.57 -101.37
C VAL WD 24 65.16 48.33 -101.85
N PRO WD 25 65.62 49.06 -102.87
CA PRO WD 25 67.01 48.91 -103.29
C PRO WD 25 67.95 49.30 -102.16
N LEU WD 26 69.03 48.56 -102.02
CA LEU WD 26 69.86 48.69 -100.83
C LEU WD 26 70.71 49.95 -100.84
N ALA WD 27 70.92 50.56 -102.00
CA ALA WD 27 71.79 51.72 -102.09
C ALA WD 27 71.35 52.87 -101.20
N THR WD 28 70.07 52.98 -100.90
CA THR WD 28 69.61 54.06 -100.05
C THR WD 28 69.91 53.84 -98.58
N TYR WD 29 70.54 52.73 -98.22
CA TYR WD 29 70.75 52.42 -96.82
C TYR WD 29 72.13 52.84 -96.32
N MET WD 30 73.16 52.72 -97.14
CA MET WD 30 74.47 53.21 -96.75
C MET WD 30 74.70 54.66 -97.19
N ARG WD 31 73.69 55.31 -97.74
CA ARG WD 31 73.78 56.75 -97.96
C ARG WD 31 74.08 57.45 -96.66
N ILE WD 32 75.05 58.36 -96.70
CA ILE WD 32 75.56 58.99 -95.50
C ILE WD 32 74.87 60.33 -95.29
N TYR WD 33 74.49 60.59 -94.04
CA TYR WD 33 73.89 61.87 -93.67
C TYR WD 33 74.59 62.34 -92.40
N LYS WD 34 75.37 63.40 -92.55
CA LYS WD 34 76.08 64.03 -91.45
C LYS WD 34 75.09 64.91 -90.69
N LYS WD 35 75.59 65.84 -89.90
CA LYS WD 35 74.76 66.84 -89.26
C LYS WD 35 74.73 68.11 -90.10
N GLY WD 36 73.55 68.67 -90.30
CA GLY WD 36 73.39 69.93 -91.01
C GLY WD 36 73.27 69.83 -92.51
N ASP WD 37 72.93 68.67 -93.04
CA ASP WD 37 72.87 68.50 -94.49
C ASP WD 37 71.44 68.66 -94.99
N ILE WD 38 71.31 69.24 -96.18
CA ILE WD 38 70.03 69.55 -96.77
C ILE WD 38 69.48 68.29 -97.41
N VAL WD 39 68.31 67.85 -96.96
CA VAL WD 39 67.72 66.59 -97.40
C VAL WD 39 66.32 66.85 -97.94
N ASP WD 40 65.83 65.92 -98.74
CA ASP WD 40 64.48 65.96 -99.28
C ASP WD 40 63.62 64.87 -98.67
N ILE WD 41 62.31 65.07 -98.76
CA ILE WD 41 61.32 64.18 -98.18
C ILE WD 41 60.64 63.43 -99.31
N LYS WD 42 60.79 62.11 -99.33
CA LYS WD 42 60.12 61.28 -100.32
C LYS WD 42 59.05 60.39 -99.72
N GLY WD 43 59.34 59.76 -98.57
CA GLY WD 43 58.33 58.99 -97.87
C GLY WD 43 57.76 57.83 -98.65
N MET WD 44 58.61 56.96 -99.20
CA MET WD 44 58.10 55.79 -99.89
C MET WD 44 57.30 54.92 -98.94
N GLY WD 45 56.20 54.38 -99.45
CA GLY WD 45 55.21 53.72 -98.63
C GLY WD 45 55.37 52.23 -98.44
N THR WD 46 56.28 51.59 -99.17
CA THR WD 46 56.44 50.15 -99.03
C THR WD 46 56.92 49.76 -97.64
N VAL WD 47 57.46 50.71 -96.89
CA VAL WD 47 57.75 50.53 -95.47
C VAL WD 47 56.84 51.47 -94.70
N GLN WD 48 56.56 51.13 -93.44
CA GLN WD 48 55.61 51.89 -92.65
C GLN WD 48 56.24 52.61 -91.46
N LYS WD 49 57.26 52.02 -90.84
CA LYS WD 49 57.83 52.62 -89.64
C LYS WD 49 58.55 53.91 -89.96
N GLY WD 50 58.52 54.85 -89.01
CA GLY WD 50 59.20 56.13 -89.17
C GLY WD 50 58.66 56.96 -90.31
N MET WD 51 57.39 56.87 -90.59
CA MET WD 51 56.84 57.46 -91.78
C MET WD 51 56.51 58.93 -91.54
N PRO WD 52 56.90 59.83 -92.44
CA PRO WD 52 56.53 61.23 -92.26
C PRO WD 52 55.07 61.47 -92.56
N HIS WD 53 54.53 62.53 -91.96
CA HIS WD 53 53.19 62.97 -92.29
C HIS WD 53 53.18 63.54 -93.70
N LYS WD 54 52.00 63.49 -94.34
CA LYS WD 54 51.91 63.81 -95.76
C LYS WD 54 52.31 65.26 -96.05
N CYS WD 55 52.01 66.18 -95.14
CA CYS WD 55 52.33 67.58 -95.37
C CYS WD 55 53.83 67.80 -95.56
N TYR WD 56 54.67 67.02 -94.88
CA TYR WD 56 56.11 67.15 -95.02
C TYR WD 56 56.64 66.60 -96.33
N HIS WD 57 55.85 65.81 -97.04
CA HIS WD 57 56.33 65.29 -98.31
C HIS WD 57 56.52 66.41 -99.32
N GLY WD 58 57.47 66.22 -100.23
CA GLY WD 58 57.78 67.22 -101.21
C GLY WD 58 58.50 68.43 -100.68
N LYS WD 59 58.88 68.42 -99.41
CA LYS WD 59 59.55 69.55 -98.80
C LYS WD 59 61.04 69.24 -98.61
N THR WD 60 61.80 70.29 -98.33
CA THR WD 60 63.24 70.19 -98.17
C THR WD 60 63.64 70.77 -96.82
N GLY WD 61 64.60 70.13 -96.17
CA GLY WD 61 65.05 70.60 -94.87
C GLY WD 61 66.44 70.12 -94.51
N ARG WD 62 66.95 70.57 -93.37
CA ARG WD 62 68.26 70.18 -92.90
C ARG WD 62 68.12 69.27 -91.69
N VAL WD 63 69.14 68.46 -91.46
CA VAL WD 63 69.16 67.47 -90.40
C VAL WD 63 69.93 68.00 -89.22
N TYR WD 64 69.42 67.76 -88.01
CA TYR WD 64 70.11 68.15 -86.79
C TYR WD 64 70.43 66.99 -85.87
N ASN WD 65 69.93 65.79 -86.15
CA ASN WD 65 70.16 64.66 -85.28
C ASN WD 65 70.10 63.37 -86.08
N VAL WD 66 70.67 62.31 -85.52
CA VAL WD 66 70.70 61.02 -86.21
C VAL WD 66 70.43 59.97 -85.15
N THR WD 67 69.98 58.79 -85.58
CA THR WD 67 69.75 57.65 -84.67
C THR WD 67 70.22 56.38 -85.37
N GLN WD 68 69.89 55.23 -84.79
CA GLN WD 68 70.29 53.99 -85.42
C GLN WD 68 69.78 53.92 -86.86
N HIS WD 69 68.54 54.33 -87.07
CA HIS WD 69 67.90 54.17 -88.36
C HIS WD 69 67.18 55.41 -88.87
N ALA WD 70 67.04 56.46 -88.05
CA ALA WD 70 66.30 57.64 -88.44
C ALA WD 70 67.11 58.88 -88.13
N VAL WD 71 66.67 60.01 -88.66
CA VAL WD 71 67.36 61.28 -88.47
C VAL WD 71 66.35 62.34 -88.04
N GLY WD 72 66.77 63.15 -87.08
CA GLY WD 72 65.99 64.30 -86.66
C GLY WD 72 66.32 65.49 -87.54
N ILE WD 73 65.28 66.10 -88.10
CA ILE WD 73 65.45 67.15 -89.08
C ILE WD 73 64.62 68.36 -88.67
N VAL WD 74 65.01 69.52 -89.17
CA VAL WD 74 64.21 70.72 -89.05
C VAL WD 74 63.64 71.04 -90.43
N VAL WD 75 62.43 71.56 -90.46
CA VAL WD 75 61.75 71.84 -91.71
C VAL WD 75 60.76 72.95 -91.49
N ASN WD 76 60.70 73.88 -92.43
CA ASN WD 76 59.76 74.98 -92.36
C ASN WD 76 58.44 74.57 -93.02
N LYS WD 77 57.37 74.56 -92.23
CA LYS WD 77 56.03 74.30 -92.74
C LYS WD 77 55.15 75.49 -92.44
N GLN WD 78 54.20 75.75 -93.34
CA GLN WD 78 53.37 76.94 -93.26
C GLN WD 78 52.03 76.56 -92.63
N VAL WD 79 51.73 77.17 -91.49
CA VAL WD 79 50.39 77.10 -90.93
C VAL WD 79 49.62 78.26 -91.54
N LYS WD 80 48.30 78.25 -91.37
CA LYS WD 80 47.42 79.23 -91.97
C LYS WD 80 48.02 80.64 -91.95
N GLY WD 81 48.45 81.09 -90.78
CA GLY WD 81 48.89 82.47 -90.64
C GLY WD 81 50.38 82.70 -90.77
N LYS WD 82 51.20 81.72 -90.38
CA LYS WD 82 52.64 81.93 -90.39
C LYS WD 82 53.34 80.63 -90.74
N ILE WD 83 54.66 80.69 -90.85
CA ILE WD 83 55.49 79.56 -91.17
C ILE WD 83 56.52 79.38 -90.06
N LEU WD 84 56.81 78.14 -89.71
CA LEU WD 84 57.71 77.86 -88.60
C LEU WD 84 58.47 76.57 -88.87
N ALA WD 85 59.57 76.39 -88.16
CA ALA WD 85 60.46 75.26 -88.35
C ALA WD 85 60.00 74.11 -87.46
N LYS WD 86 59.53 73.04 -88.07
CA LYS WD 86 59.12 71.85 -87.34
C LYS WD 86 60.31 70.90 -87.19
N ARG WD 87 60.23 70.04 -86.18
CA ARG WD 87 61.28 69.06 -85.89
C ARG WD 87 60.73 67.67 -86.10
N ILE WD 88 61.27 66.95 -87.08
CA ILE WD 88 60.72 65.69 -87.55
C ILE WD 88 61.76 64.59 -87.36
N ASN WD 89 61.26 63.42 -86.97
CA ASN WD 89 62.04 62.18 -86.98
C ASN WD 89 61.49 61.29 -88.07
N VAL WD 90 62.36 60.84 -88.97
CA VAL WD 90 61.97 59.97 -90.08
C VAL WD 90 63.10 59.02 -90.39
N ARG WD 91 62.76 57.79 -90.76
CA ARG WD 91 63.78 56.82 -91.12
C ARG WD 91 64.35 57.13 -92.50
N ILE WD 92 65.54 56.60 -92.75
CA ILE WD 92 66.39 57.08 -93.83
C ILE WD 92 65.74 56.85 -95.19
N GLU WD 93 65.06 55.72 -95.35
CA GLU WD 93 64.53 55.35 -96.65
C GLU WD 93 63.60 56.44 -97.21
N HIS WD 94 62.91 57.16 -96.34
CA HIS WD 94 61.96 58.17 -96.76
C HIS WD 94 62.62 59.44 -97.27
N ILE WD 95 63.94 59.58 -97.15
CA ILE WD 95 64.62 60.84 -97.42
C ILE WD 95 65.84 60.59 -98.30
N LYS WD 96 66.35 61.67 -98.89
CA LYS WD 96 67.55 61.61 -99.70
C LYS WD 96 68.18 62.99 -99.76
N HIS WD 97 69.40 63.05 -100.29
CA HIS WD 97 70.12 64.30 -100.40
C HIS WD 97 69.45 65.25 -101.39
N SER WD 98 69.56 66.54 -101.13
CA SER WD 98 69.23 67.58 -102.09
C SER WD 98 70.52 68.01 -102.77
N LYS WD 99 70.67 67.68 -104.04
CA LYS WD 99 71.92 68.00 -104.73
C LYS WD 99 71.94 69.43 -105.26
N SER WD 100 70.88 70.22 -105.01
CA SER WD 100 70.95 71.65 -105.30
C SER WD 100 72.01 72.31 -104.45
N ARG WD 101 71.95 72.08 -103.14
CA ARG WD 101 72.98 72.60 -102.24
C ARG WD 101 74.34 72.04 -102.63
N ASP WD 102 74.38 70.79 -103.10
CA ASP WD 102 75.65 70.23 -103.57
C ASP WD 102 76.19 71.01 -104.77
N SER WD 103 75.32 71.36 -105.71
CA SER WD 103 75.73 72.19 -106.84
C SER WD 103 76.21 73.54 -106.36
N PHE WD 104 75.59 74.05 -105.28
CA PHE WD 104 76.05 75.30 -104.70
C PHE WD 104 77.48 75.19 -104.19
N LEU WD 105 77.79 74.10 -103.47
CA LEU WD 105 79.19 73.90 -103.06
C LEU WD 105 80.10 73.76 -104.25
N LYS WD 106 79.66 73.03 -105.28
CA LYS WD 106 80.50 72.86 -106.47
C LYS WD 106 80.85 74.21 -107.07
N ARG WD 107 79.84 75.05 -107.29
CA ARG WD 107 80.09 76.36 -107.86
C ARG WD 107 80.89 77.25 -106.91
N VAL WD 108 80.76 77.05 -105.60
CA VAL WD 108 81.55 77.82 -104.64
C VAL WD 108 83.03 77.46 -104.76
N LYS WD 109 83.32 76.16 -104.80
CA LYS WD 109 84.70 75.75 -104.97
C LYS WD 109 85.24 76.25 -106.29
N GLU WD 110 84.44 76.17 -107.35
CA GLU WD 110 84.90 76.68 -108.63
C GLU WD 110 85.15 78.18 -108.54
N ASN WD 111 84.31 78.89 -107.78
CA ASN WD 111 84.49 80.32 -107.60
C ASN WD 111 85.82 80.63 -106.94
N ASP WD 112 86.14 79.92 -105.86
CA ASP WD 112 87.37 80.23 -105.15
C ASP WD 112 88.60 79.79 -105.94
N GLN WD 113 88.49 78.72 -106.73
CA GLN WD 113 89.66 78.33 -107.52
C GLN WD 113 89.95 79.33 -108.63
N LYS WD 114 88.91 79.82 -109.33
CA LYS WD 114 89.22 80.87 -110.29
C LYS WD 114 89.65 82.14 -109.58
N LYS WD 115 89.16 82.39 -108.36
CA LYS WD 115 89.66 83.52 -107.59
C LYS WD 115 91.16 83.41 -107.40
N LYS WD 116 91.64 82.26 -106.93
CA LYS WD 116 93.06 82.13 -106.64
C LYS WD 116 93.89 82.19 -107.92
N GLU WD 117 93.41 81.58 -109.00
CA GLU WD 117 94.21 81.60 -110.22
C GLU WD 117 94.21 82.97 -110.88
N ALA WD 118 93.10 83.69 -110.84
CA ALA WD 118 93.12 85.06 -111.32
C ALA WD 118 94.03 85.93 -110.46
N LYS WD 119 94.00 85.72 -109.15
CA LYS WD 119 94.84 86.51 -108.25
C LYS WD 119 96.32 86.28 -108.55
N GLU WD 120 96.72 85.02 -108.71
CA GLU WD 120 98.13 84.75 -109.00
C GLU WD 120 98.51 85.23 -110.40
N LYS WD 121 97.60 85.12 -111.37
CA LYS WD 121 97.86 85.68 -112.69
C LYS WD 121 97.77 87.20 -112.67
N GLY WD 122 96.87 87.76 -111.86
CA GLY WD 122 96.71 89.19 -111.79
C GLY WD 122 95.69 89.76 -112.75
N THR WD 123 94.91 88.93 -113.43
CA THR WD 123 93.84 89.43 -114.29
C THR WD 123 92.62 89.76 -113.44
N TRP WD 124 91.63 90.37 -114.09
CA TRP WD 124 90.33 90.60 -113.48
C TRP WD 124 89.33 89.66 -114.14
N VAL WD 125 88.58 88.93 -113.31
CA VAL WD 125 87.64 87.93 -113.80
C VAL WD 125 86.29 88.15 -113.12
N GLN WD 126 85.24 88.07 -113.93
CA GLN WD 126 83.87 88.14 -113.45
C GLN WD 126 83.55 86.85 -112.70
N LEU WD 127 82.72 86.96 -111.66
CA LEU WD 127 82.43 85.81 -110.81
C LEU WD 127 80.94 85.51 -110.69
N LYS WD 128 80.10 86.53 -110.64
CA LYS WD 128 78.68 86.31 -110.39
C LYS WD 128 78.00 85.69 -111.62
N ARG WD 129 76.72 85.38 -111.45
CA ARG WD 129 75.91 84.81 -112.53
C ARG WD 129 75.08 85.92 -113.17
N GLN WD 130 75.49 86.36 -114.34
CA GLN WD 130 74.69 87.37 -115.02
C GLN WD 130 73.42 86.73 -115.59
N PRO WD 131 72.27 87.35 -115.41
CA PRO WD 131 70.99 86.73 -115.82
C PRO WD 131 70.65 86.91 -117.31
N ALA WD 132 71.36 86.15 -118.16
CA ALA WD 132 71.10 86.02 -119.59
C ALA WD 132 70.97 87.37 -120.29
N PRO WD 133 72.07 88.05 -120.55
CA PRO WD 133 72.03 89.34 -121.23
C PRO WD 133 71.53 89.18 -122.67
N PRO WD 134 71.32 90.29 -123.38
CA PRO WD 134 70.85 90.21 -124.77
C PRO WD 134 71.76 89.38 -125.67
N ARG WD 135 71.30 89.18 -126.90
CA ARG WD 135 71.79 88.12 -127.78
C ARG WD 135 72.79 88.59 -128.82
N GLU WD 136 73.58 89.64 -128.53
CA GLU WD 136 74.88 89.80 -129.18
C GLU WD 136 74.84 89.87 -130.70
N ALA WD 137 74.41 91.02 -131.24
CA ALA WD 137 74.24 91.24 -132.68
C ALA WD 137 75.26 90.51 -133.55
N HIS WD 138 74.77 89.82 -134.58
CA HIS WD 138 75.60 88.95 -135.41
C HIS WD 138 75.12 89.06 -136.85
N PHE WD 139 75.63 88.16 -137.69
CA PHE WD 139 75.23 88.06 -139.08
C PHE WD 139 74.79 86.64 -139.40
N VAL WD 140 73.80 86.52 -140.27
CA VAL WD 140 73.32 85.24 -140.75
C VAL WD 140 73.60 85.15 -142.24
N ARG WD 141 74.11 84.00 -142.67
CA ARG WD 141 74.58 83.81 -144.03
C ARG WD 141 73.48 83.25 -144.91
N THR WD 142 73.02 84.05 -145.88
CA THR WD 142 72.12 83.55 -146.90
C THR WD 142 72.78 82.52 -147.80
N ASN WD 143 74.08 82.68 -148.04
CA ASN WD 143 74.91 81.76 -148.82
C ASN WD 143 74.18 81.23 -150.05
N GLY WD 144 73.48 82.14 -150.74
CA GLY WD 144 72.95 81.88 -152.05
C GLY WD 144 71.62 81.17 -152.10
N LYS WD 145 71.04 80.80 -150.96
CA LYS WD 145 69.76 80.11 -150.95
C LYS WD 145 68.71 81.08 -150.41
N GLU WD 146 67.70 81.34 -151.23
CA GLU WD 146 66.66 82.28 -150.85
C GLU WD 146 65.80 81.72 -149.73
N PRO WD 147 65.18 82.59 -148.93
CA PRO WD 147 64.29 82.10 -147.86
C PRO WD 147 63.01 81.54 -148.45
N GLU WD 148 62.66 80.33 -148.02
CA GLU WD 148 61.44 79.69 -148.48
C GLU WD 148 60.22 80.48 -148.02
N LEU WD 149 59.32 80.76 -148.95
CA LEU WD 149 58.06 81.40 -148.62
C LEU WD 149 57.03 80.33 -148.30
N LEU WD 150 56.86 80.07 -147.01
CA LEU WD 150 55.82 79.18 -146.52
C LEU WD 150 54.46 79.82 -146.73
N GLU WD 151 53.42 78.99 -146.66
CA GLU WD 151 52.08 79.47 -146.96
C GLU WD 151 51.09 78.68 -146.12
N PRO WD 152 50.15 79.35 -145.45
CA PRO WD 152 49.21 78.62 -144.59
C PRO WD 152 48.42 77.57 -145.38
N ILE WD 153 48.14 76.46 -144.72
CA ILE WD 153 47.51 75.32 -145.38
C ILE WD 153 45.99 75.54 -145.42
N PRO WD 154 45.32 75.11 -146.48
CA PRO WD 154 43.88 75.34 -146.58
C PRO WD 154 43.11 74.53 -145.55
N TYR WD 155 41.93 75.03 -145.20
CA TYR WD 155 41.09 74.27 -144.29
C TYR WD 155 40.62 73.00 -144.96
N GLU WD 156 40.50 71.95 -144.16
CA GLU WD 156 39.89 70.69 -144.58
C GLU WD 156 39.25 70.07 -143.35
N PHE WD 157 38.14 69.37 -143.55
CA PHE WD 157 37.48 68.69 -142.45
C PHE WD 157 38.01 67.25 -142.41
N MET WD 158 38.99 67.01 -141.55
CA MET WD 158 39.56 65.67 -141.44
C MET WD 158 38.56 64.72 -140.78
N ALA WD 159 38.14 65.03 -139.57
CA ALA WD 159 37.20 64.18 -138.84
C ALA WD 159 36.54 64.97 -137.71
N GLN XD 1 -97.49 120.34 -51.53
CA GLN XD 1 -96.98 121.36 -50.62
C GLN XD 1 -95.53 121.71 -50.96
N VAL XD 2 -95.12 121.33 -52.17
CA VAL XD 2 -93.80 121.66 -52.71
C VAL XD 2 -93.77 123.11 -53.21
N LEU XD 3 -94.87 123.83 -53.04
CA LEU XD 3 -95.12 125.12 -53.68
C LEU XD 3 -94.29 126.21 -53.02
N LYS XD 4 -94.66 127.47 -53.30
CA LYS XD 4 -93.98 128.69 -52.86
C LYS XD 4 -92.48 128.62 -53.17
N PHE XD 5 -92.21 128.38 -54.45
CA PHE XD 5 -90.87 128.48 -55.02
C PHE XD 5 -90.81 129.80 -55.78
N THR XD 6 -90.12 130.78 -55.21
CA THR XD 6 -90.07 132.11 -55.81
C THR XD 6 -88.72 132.37 -56.45
N LEU XD 7 -88.74 133.11 -57.55
CA LEU XD 7 -87.55 133.64 -58.18
C LEU XD 7 -87.61 135.16 -58.13
N ASP XD 8 -86.55 135.78 -57.63
CA ASP XD 8 -86.49 137.22 -57.48
C ASP XD 8 -85.71 137.82 -58.64
N CYS XD 9 -86.31 138.83 -59.27
CA CYS XD 9 -85.57 139.67 -60.22
C CYS XD 9 -86.23 141.06 -60.19
N THR XD 10 -85.65 141.95 -59.39
CA THR XD 10 -86.10 143.33 -59.29
C THR XD 10 -85.02 144.32 -59.65
N HIS XD 11 -83.82 144.12 -59.11
CA HIS XD 11 -82.70 145.00 -59.46
C HIS XD 11 -82.46 145.06 -60.96
N PRO XD 12 -82.44 143.96 -61.72
CA PRO XD 12 -82.22 144.09 -63.17
C PRO XD 12 -83.37 144.76 -63.90
N VAL XD 13 -84.62 144.44 -63.57
CA VAL XD 13 -85.73 145.06 -64.30
C VAL XD 13 -85.81 146.55 -64.00
N GLU XD 14 -85.59 146.95 -62.75
CA GLU XD 14 -85.51 148.38 -62.44
C GLU XD 14 -84.28 149.01 -63.08
N ASP XD 15 -83.22 148.22 -63.30
CA ASP XD 15 -82.13 148.74 -64.12
C ASP XD 15 -82.57 148.99 -65.54
N GLY XD 16 -83.54 148.22 -66.04
CA GLY XD 16 -84.10 148.47 -67.34
C GLY XD 16 -83.43 147.74 -68.48
N ILE XD 17 -83.31 146.43 -68.36
CA ILE XD 17 -82.76 145.59 -69.41
C ILE XD 17 -83.84 144.73 -70.07
N MET XD 18 -84.59 143.99 -69.26
CA MET XD 18 -85.68 143.15 -69.74
C MET XD 18 -86.84 143.20 -68.76
N ASP XD 19 -88.00 142.69 -69.20
CA ASP XD 19 -89.26 142.81 -68.46
C ASP XD 19 -89.80 141.45 -68.03
N ALA XD 20 -90.36 141.38 -66.84
CA ALA XD 20 -90.79 140.10 -66.31
C ALA XD 20 -92.02 139.54 -67.02
N ALA XD 21 -92.75 140.35 -67.78
CA ALA XD 21 -93.88 139.81 -68.54
C ALA XD 21 -93.41 138.80 -69.58
N ASN XD 22 -92.31 139.12 -70.27
CA ASN XD 22 -91.77 138.18 -71.23
C ASN XD 22 -91.25 136.92 -70.55
N PHE XD 23 -90.70 137.06 -69.35
CA PHE XD 23 -90.31 135.88 -68.58
C PHE XD 23 -91.52 135.01 -68.29
N GLU XD 24 -92.62 135.64 -67.88
CA GLU XD 24 -93.85 134.90 -67.61
C GLU XD 24 -94.31 134.15 -68.86
N GLN XD 25 -94.30 134.83 -70.01
CA GLN XD 25 -94.72 134.19 -71.25
C GLN XD 25 -93.76 133.09 -71.67
N PHE XD 26 -92.48 133.23 -71.33
CA PHE XD 26 -91.46 132.26 -71.69
C PHE XD 26 -91.48 131.03 -70.78
N LEU XD 27 -92.02 131.17 -69.57
CA LEU XD 27 -91.91 130.08 -68.61
C LEU XD 27 -93.05 129.08 -68.74
N GLN XD 28 -94.30 129.55 -68.55
CA GLN XD 28 -95.45 128.67 -68.36
C GLN XD 28 -95.59 127.60 -69.42
N GLU XD 29 -94.96 127.75 -70.58
CA GLU XD 29 -94.91 126.69 -71.58
C GLU XD 29 -93.62 125.88 -71.50
N ARG XD 30 -92.54 126.47 -71.01
CA ARG XD 30 -91.23 125.81 -71.00
C ARG XD 30 -90.96 125.13 -69.65
N ILE XD 31 -91.89 124.31 -69.18
CA ILE XD 31 -91.61 123.34 -68.12
C ILE XD 31 -92.16 122.00 -68.59
N LYS XD 32 -91.31 120.97 -68.53
CA LYS XD 32 -91.71 119.64 -68.97
C LYS XD 32 -92.20 118.86 -67.75
N VAL XD 33 -93.42 119.19 -67.33
CA VAL XD 33 -94.06 118.40 -66.29
C VAL XD 33 -94.28 116.99 -66.82
N ASN XD 34 -93.83 116.00 -66.05
CA ASN XD 34 -93.77 114.62 -66.53
C ASN XD 34 -93.01 114.54 -67.85
N GLY XD 35 -91.99 115.38 -67.98
CA GLY XD 35 -91.29 115.47 -69.25
C GLY XD 35 -92.15 115.96 -70.39
N LYS XD 36 -93.22 116.69 -70.10
CA LYS XD 36 -94.14 117.17 -71.12
C LYS XD 36 -94.21 118.69 -71.04
N ALA XD 37 -93.68 119.36 -72.06
CA ALA XD 37 -93.66 120.81 -72.09
C ALA XD 37 -95.04 121.37 -72.41
N GLY XD 38 -95.18 122.68 -72.21
CA GLY XD 38 -96.41 123.36 -72.55
C GLY XD 38 -97.52 123.09 -71.54
N ASN XD 39 -98.61 123.85 -71.66
CA ASN XD 39 -99.86 123.63 -70.93
C ASN XD 39 -99.66 123.67 -69.42
N LEU XD 40 -98.43 123.93 -68.99
CA LEU XD 40 -98.07 124.04 -67.58
C LEU XD 40 -98.69 122.91 -66.76
N GLY XD 41 -98.81 121.74 -67.36
CA GLY XD 41 -99.53 120.63 -66.71
C GLY XD 41 -101.01 120.85 -66.71
N GLY XD 42 -101.44 122.01 -66.25
CA GLY XD 42 -102.84 122.35 -66.11
C GLY XD 42 -103.26 122.22 -64.65
N GLY XD 43 -103.25 123.35 -63.93
CA GLY XD 43 -103.61 123.34 -62.54
C GLY XD 43 -102.72 122.49 -61.65
N VAL XD 44 -101.52 122.15 -62.12
CA VAL XD 44 -100.57 121.34 -61.34
C VAL XD 44 -99.42 122.21 -60.81
N VAL XD 45 -98.99 123.17 -61.59
CA VAL XD 45 -98.01 124.17 -61.18
C VAL XD 45 -98.52 125.54 -61.61
N THR XD 46 -98.46 126.49 -60.69
CA THR XD 46 -99.02 127.82 -60.89
C THR XD 46 -97.90 128.83 -60.99
N ILE XD 47 -97.93 129.64 -62.05
CA ILE XD 47 -96.97 130.71 -62.24
C ILE XD 47 -97.67 132.03 -61.94
N GLU XD 48 -97.03 132.85 -61.11
CA GLU XD 48 -97.55 134.16 -60.78
C GLU XD 48 -96.39 135.08 -60.46
N ARG XD 49 -96.65 136.38 -60.53
CA ARG XD 49 -95.59 137.37 -60.40
C ARG XD 49 -96.12 138.59 -59.68
N SER XD 50 -95.44 138.99 -58.61
CA SER XD 50 -95.77 140.21 -57.89
C SER XD 50 -95.08 141.42 -58.52
N LYS XD 51 -95.26 141.53 -59.84
CA LYS XD 51 -94.81 142.62 -60.70
C LYS XD 51 -93.30 142.61 -60.89
N SER XD 52 -92.58 141.86 -60.07
CA SER XD 52 -91.18 141.53 -60.37
C SER XD 52 -90.74 140.17 -59.85
N LYS XD 53 -91.59 139.41 -59.18
CA LYS XD 53 -91.15 138.25 -58.41
C LYS XD 53 -91.81 137.02 -59.01
N ILE XD 54 -91.05 136.27 -59.80
CA ILE XD 54 -91.55 135.03 -60.37
C ILE XD 54 -91.67 134.00 -59.26
N THR XD 55 -92.86 133.39 -59.14
CA THR XD 55 -93.09 132.33 -58.19
C THR XD 55 -93.84 131.20 -58.86
N VAL XD 56 -93.38 129.97 -58.65
CA VAL XD 56 -93.73 128.83 -59.51
C VAL XD 56 -94.36 127.74 -58.65
N THR XD 57 -95.12 128.15 -57.63
CA THR XD 57 -95.79 127.22 -56.73
C THR XD 57 -96.37 126.02 -57.47
N SER XD 58 -96.05 124.82 -56.99
CA SER XD 58 -96.46 123.57 -57.61
C SER XD 58 -96.82 122.55 -56.55
N GLU XD 59 -97.36 121.42 -57.00
CA GLU XD 59 -97.73 120.33 -56.10
C GLU XD 59 -96.81 119.14 -56.31
N VAL XD 60 -96.34 118.97 -57.55
CA VAL XD 60 -95.47 117.87 -57.93
C VAL XD 60 -94.09 118.11 -57.34
N PRO XD 61 -93.21 117.10 -57.25
CA PRO XD 61 -91.91 117.32 -56.60
C PRO XD 61 -90.90 118.04 -57.48
N PHE XD 62 -91.39 118.72 -58.51
CA PHE XD 62 -90.59 119.59 -59.36
C PHE XD 62 -89.57 120.38 -58.54
N SER XD 63 -88.32 120.32 -58.98
CA SER XD 63 -87.20 120.73 -58.15
C SER XD 63 -86.95 122.23 -58.22
N LYS XD 64 -85.85 122.63 -57.58
CA LYS XD 64 -85.38 124.01 -57.66
C LYS XD 64 -84.35 124.17 -58.77
N ARG XD 65 -83.49 123.19 -59.02
CA ARG XD 65 -82.50 123.40 -60.08
C ARG XD 65 -83.14 123.58 -61.45
N TYR XD 66 -84.40 123.19 -61.60
CA TYR XD 66 -85.12 123.44 -62.84
C TYR XD 66 -85.12 124.93 -63.18
N LEU XD 67 -85.42 125.77 -62.19
CA LEU XD 67 -85.47 127.20 -62.47
C LEU XD 67 -84.07 127.70 -62.75
N LYS XD 68 -83.06 127.11 -62.12
CA LYS XD 68 -81.68 127.48 -62.40
C LYS XD 68 -81.36 127.27 -63.87
N TYR XD 69 -81.68 126.08 -64.38
CA TYR XD 69 -81.42 125.78 -65.78
C TYR XD 69 -82.25 126.67 -66.69
N LEU XD 70 -83.51 126.89 -66.34
CA LEU XD 70 -84.39 127.70 -67.18
C LEU XD 70 -83.90 129.14 -67.26
N THR XD 71 -83.50 129.71 -66.13
CA THR XD 71 -83.03 131.08 -66.14
C THR XD 71 -81.67 131.19 -66.82
N LYS XD 72 -80.83 130.16 -66.72
CA LYS XD 72 -79.60 130.17 -67.50
C LYS XD 72 -79.90 130.18 -68.99
N LYS XD 73 -80.84 129.35 -69.41
CA LYS XD 73 -81.22 129.29 -70.82
C LYS XD 73 -81.79 130.62 -71.27
N TYR XD 74 -82.64 131.23 -70.44
CA TYR XD 74 -83.20 132.54 -70.74
C TYR XD 74 -82.10 133.59 -70.87
N LEU XD 75 -81.18 133.57 -69.91
CA LEU XD 75 -80.11 134.56 -69.86
C LEU XD 75 -79.24 134.48 -71.10
N LYS XD 76 -78.91 133.26 -71.53
CA LYS XD 76 -78.12 133.10 -72.74
C LYS XD 76 -78.91 133.47 -73.99
N LYS XD 77 -80.13 132.96 -74.11
CA LYS XD 77 -80.92 133.19 -75.31
C LYS XD 77 -81.18 134.67 -75.51
N ASN XD 78 -81.54 135.37 -74.44
CA ASN XD 78 -81.74 136.80 -74.52
C ASN XD 78 -80.44 137.58 -74.55
N ASN XD 79 -79.30 136.88 -74.51
CA ASN XD 79 -77.99 137.50 -74.69
C ASN XD 79 -77.69 138.48 -73.57
N LEU XD 80 -77.87 138.02 -72.34
CA LEU XD 80 -77.39 138.74 -71.17
C LEU XD 80 -76.47 137.88 -70.32
N ARG XD 81 -76.05 136.74 -70.83
CA ARG XD 81 -75.14 135.84 -70.11
C ARG XD 81 -73.71 136.36 -70.22
N ASP XD 82 -73.57 137.64 -69.93
CA ASP XD 82 -72.29 138.33 -69.88
C ASP XD 82 -72.04 138.98 -68.53
N TRP XD 83 -73.02 139.70 -68.00
CA TRP XD 83 -72.86 140.46 -66.77
C TRP XD 83 -73.79 140.01 -65.66
N LEU XD 84 -74.75 139.14 -65.93
CA LEU XD 84 -75.75 138.73 -64.96
C LEU XD 84 -75.41 137.34 -64.44
N ARG XD 85 -75.28 137.23 -63.12
CA ARG XD 85 -75.06 135.96 -62.45
C ARG XD 85 -76.20 135.72 -61.48
N VAL XD 86 -76.87 134.58 -61.63
CA VAL XD 86 -78.05 134.25 -60.83
C VAL XD 86 -77.63 133.34 -59.70
N VAL XD 87 -77.93 133.74 -58.47
CA VAL XD 87 -77.58 132.97 -57.28
C VAL XD 87 -78.81 132.88 -56.39
N ALA XD 88 -78.81 131.86 -55.55
CA ALA XD 88 -79.90 131.64 -54.61
C ALA XD 88 -79.54 132.18 -53.24
N ASN XD 89 -80.55 132.73 -52.55
CA ASN XD 89 -80.39 133.24 -51.20
C ASN XD 89 -80.63 132.15 -50.15
N SER XD 90 -81.68 131.37 -50.33
CA SER XD 90 -82.11 130.39 -49.33
C SER XD 90 -82.91 129.31 -50.03
N LYS XD 91 -83.58 128.48 -49.25
CA LYS XD 91 -84.52 127.53 -49.81
C LYS XD 91 -85.67 128.28 -50.47
N GLU XD 92 -86.26 127.62 -51.47
CA GLU XD 92 -87.47 128.08 -52.18
C GLU XD 92 -87.41 129.56 -52.56
N SER XD 93 -86.21 130.11 -52.67
CA SER XD 93 -86.06 131.52 -53.02
C SER XD 93 -84.76 131.69 -53.80
N TYR XD 94 -84.77 132.66 -54.70
CA TYR XD 94 -83.74 132.76 -55.73
C TYR XD 94 -83.74 134.15 -56.36
N GLU XD 95 -82.60 134.82 -56.37
CA GLU XD 95 -82.55 136.12 -57.02
C GLU XD 95 -81.51 136.13 -58.14
N LEU XD 96 -81.29 137.30 -58.73
CA LEU XD 96 -80.34 137.44 -59.83
C LEU XD 96 -79.57 138.72 -59.63
N ARG XD 97 -78.29 138.61 -59.37
CA ARG XD 97 -77.42 139.74 -59.07
C ARG XD 97 -76.53 140.06 -60.26
N TYR XD 98 -75.72 141.09 -60.09
CA TYR XD 98 -74.74 141.51 -61.08
C TYR XD 98 -73.45 140.70 -60.88
N PHE XD 99 -72.48 140.89 -61.75
CA PHE XD 99 -71.16 140.30 -61.58
C PHE XD 99 -70.31 141.21 -60.71
N GLN XD 100 -68.99 140.99 -60.69
CA GLN XD 100 -68.10 141.88 -59.98
C GLN XD 100 -68.23 143.30 -60.54
N ILE XD 101 -68.25 144.28 -59.64
CA ILE XD 101 -68.40 145.67 -60.04
C ILE XD 101 -67.04 146.37 -60.06
N SER YD 1 -48.00 88.01 -143.57
CA SER YD 1 -47.82 87.25 -142.33
C SER YD 1 -47.64 88.17 -141.14
N GLY YD 2 -46.39 88.41 -140.78
CA GLY YD 2 -46.10 89.27 -139.64
C GLY YD 2 -45.89 88.42 -138.39
N ALA YD 3 -45.10 88.96 -137.47
CA ALA YD 3 -44.79 88.27 -136.22
C ALA YD 3 -45.47 88.98 -135.05
N LYS YD 4 -45.46 88.32 -133.90
CA LYS YD 4 -46.01 88.91 -132.70
C LYS YD 4 -45.17 90.11 -132.25
N PHE YD 5 -45.83 91.03 -131.57
CA PHE YD 5 -45.14 92.19 -131.04
C PHE YD 5 -44.71 91.95 -129.60
N ARG YD 6 -43.82 92.81 -129.11
CA ARG YD 6 -43.42 92.74 -127.72
C ARG YD 6 -44.61 93.02 -126.82
N ILE YD 7 -44.78 92.19 -125.80
CA ILE YD 7 -45.89 92.31 -124.87
C ILE YD 7 -45.33 92.22 -123.46
N SER YD 8 -46.10 92.74 -122.50
CA SER YD 8 -45.72 92.58 -121.10
C SER YD 8 -45.74 91.10 -120.74
N LEU YD 9 -44.60 90.60 -120.27
CA LEU YD 9 -44.49 89.16 -120.02
C LEU YD 9 -45.18 88.80 -118.72
N GLY YD 10 -44.67 89.31 -117.60
CA GLY YD 10 -45.27 89.06 -116.30
C GLY YD 10 -45.31 87.60 -115.92
N LEU YD 11 -44.30 86.81 -116.30
CA LEU YD 11 -44.30 85.37 -116.04
C LEU YD 11 -42.87 84.85 -116.00
N PRO YD 12 -42.22 84.95 -114.84
CA PRO YD 12 -40.87 84.37 -114.71
C PRO YD 12 -40.90 82.86 -114.72
N VAL YD 13 -39.72 82.25 -114.51
CA VAL YD 13 -39.60 80.80 -114.63
C VAL YD 13 -40.42 80.11 -113.54
N GLY YD 14 -40.37 80.62 -112.32
CA GLY YD 14 -40.92 79.90 -111.19
C GLY YD 14 -42.43 79.81 -111.12
N ALA YD 15 -43.15 80.42 -112.06
CA ALA YD 15 -44.61 80.41 -112.02
C ALA YD 15 -45.16 79.00 -112.20
N VAL YD 16 -46.29 78.74 -111.55
CA VAL YD 16 -47.06 77.52 -111.77
C VAL YD 16 -48.39 77.93 -112.36
N ILE YD 17 -48.73 77.34 -113.50
CA ILE YD 17 -49.97 77.68 -114.21
C ILE YD 17 -50.78 76.41 -114.39
N ASN YD 18 -52.09 76.60 -114.55
CA ASN YD 18 -52.98 75.45 -114.72
C ASN YD 18 -53.05 75.06 -116.19
N CYS YD 19 -53.22 73.76 -116.41
CA CYS YD 19 -53.26 73.18 -117.75
C CYS YD 19 -54.70 73.10 -118.20
N ALA YD 20 -55.04 73.85 -119.25
CA ALA YD 20 -56.43 74.14 -119.61
C ALA YD 20 -56.94 73.27 -120.74
N ASP YD 21 -56.57 72.00 -120.77
CA ASP YD 21 -57.03 71.13 -121.84
C ASP YD 21 -57.60 69.81 -121.31
N ASN YD 22 -57.86 68.88 -122.22
CA ASN YD 22 -58.39 67.57 -121.87
C ASN YD 22 -57.29 66.53 -121.65
N THR YD 23 -56.03 66.97 -121.59
CA THR YD 23 -54.93 66.01 -121.47
C THR YD 23 -54.95 65.30 -120.12
N GLY YD 24 -55.63 65.86 -119.13
CA GLY YD 24 -55.67 65.30 -117.81
C GLY YD 24 -54.63 65.86 -116.86
N ALA YD 25 -53.58 66.49 -117.39
CA ALA YD 25 -52.63 67.22 -116.57
C ALA YD 25 -53.30 68.51 -116.09
N LYS YD 26 -53.10 68.84 -114.82
CA LYS YD 26 -53.81 69.98 -114.27
C LYS YD 26 -52.94 71.23 -114.17
N ASN YD 27 -51.75 71.12 -113.57
CA ASN YD 27 -50.86 72.25 -113.43
C ASN YD 27 -49.75 72.20 -114.47
N LEU YD 28 -49.02 73.30 -114.56
CA LEU YD 28 -47.82 73.36 -115.40
C LEU YD 28 -46.82 74.26 -114.68
N TYR YD 29 -45.74 73.66 -114.19
CA TYR YD 29 -44.67 74.39 -113.53
C TYR YD 29 -43.63 74.76 -114.57
N ILE YD 30 -43.65 76.02 -115.00
CA ILE YD 30 -42.74 76.47 -116.06
C ILE YD 30 -41.30 76.24 -115.63
N ILE YD 31 -40.50 75.69 -116.54
CA ILE YD 31 -39.08 75.52 -116.30
C ILE YD 31 -38.23 76.50 -117.10
N SER YD 32 -38.56 76.74 -118.37
CA SER YD 32 -37.83 77.68 -119.19
C SER YD 32 -38.68 78.07 -120.37
N VAL YD 33 -38.44 79.26 -120.89
CA VAL YD 33 -39.12 79.75 -122.08
C VAL YD 33 -38.18 79.57 -123.26
N LYS YD 34 -38.76 79.38 -124.43
CA LYS YD 34 -37.99 79.12 -125.63
C LYS YD 34 -37.64 80.43 -126.32
N GLY YD 35 -36.44 80.48 -126.89
CA GLY YD 35 -36.01 81.61 -127.68
C GLY YD 35 -35.43 82.77 -126.92
N ILE YD 36 -35.34 82.68 -125.60
CA ILE YD 36 -34.80 83.77 -124.79
C ILE YD 36 -33.29 83.59 -124.69
N LYS YD 37 -32.55 84.70 -124.80
CA LYS YD 37 -31.10 84.64 -124.64
C LYS YD 37 -30.72 84.74 -123.17
N GLY YD 38 -31.32 85.67 -122.46
CA GLY YD 38 -31.11 85.79 -121.04
C GLY YD 38 -30.13 86.90 -120.68
N ARG YD 39 -30.04 87.16 -119.37
CA ARG YD 39 -29.13 88.15 -118.84
C ARG YD 39 -28.80 87.76 -117.42
N LEU YD 40 -27.72 88.34 -116.90
CA LEU YD 40 -27.25 87.97 -115.56
C LEU YD 40 -28.34 88.29 -114.54
N ASN YD 41 -28.79 87.26 -113.84
CA ASN YD 41 -29.78 87.32 -112.76
C ASN YD 41 -31.17 87.68 -113.26
N ARG YD 42 -31.36 87.98 -114.53
CA ARG YD 42 -32.68 88.28 -115.06
C ARG YD 42 -33.42 86.97 -115.31
N LEU YD 43 -34.53 86.78 -114.60
CA LEU YD 43 -35.29 85.55 -114.76
C LEU YD 43 -35.90 85.48 -116.14
N PRO YD 44 -35.75 84.37 -116.86
CA PRO YD 44 -36.45 84.22 -118.13
C PRO YD 44 -37.96 84.31 -117.91
N ALA YD 45 -38.62 84.97 -118.85
CA ALA YD 45 -40.04 85.26 -118.72
C ALA YD 45 -40.79 84.87 -119.98
N ALA YD 46 -42.11 84.77 -119.87
CA ALA YD 46 -42.97 84.40 -120.98
C ALA YD 46 -44.19 85.29 -121.01
N GLY YD 47 -44.74 85.45 -122.22
CA GLY YD 47 -46.01 86.12 -122.40
C GLY YD 47 -46.95 85.22 -123.17
N VAL YD 48 -48.16 85.68 -123.45
CA VAL YD 48 -49.12 84.87 -124.17
C VAL YD 48 -48.59 84.57 -125.57
N GLY YD 49 -48.70 83.31 -125.98
CA GLY YD 49 -48.23 82.89 -127.28
C GLY YD 49 -46.77 82.51 -127.35
N ASP YD 50 -46.08 82.44 -126.21
CA ASP YD 50 -44.66 82.08 -126.17
C ASP YD 50 -44.52 80.61 -125.85
N MET YD 51 -43.67 79.92 -126.60
CA MET YD 51 -43.42 78.49 -126.36
C MET YD 51 -42.57 78.35 -125.11
N VAL YD 52 -43.09 77.63 -124.12
CA VAL YD 52 -42.37 77.36 -122.89
C VAL YD 52 -42.34 75.86 -122.70
N MET YD 53 -41.52 75.42 -121.74
CA MET YD 53 -41.45 74.01 -121.38
C MET YD 53 -41.62 73.87 -119.88
N ALA YD 54 -42.49 72.97 -119.46
CA ALA YD 54 -42.92 72.89 -118.08
C ALA YD 54 -43.21 71.43 -117.73
N THR YD 55 -43.31 71.18 -116.44
CA THR YD 55 -43.73 69.88 -115.92
C THR YD 55 -44.99 70.04 -115.11
N VAL YD 56 -45.94 69.15 -115.34
CA VAL YD 56 -47.18 69.13 -114.57
C VAL YD 56 -46.86 68.71 -113.14
N LYS YD 57 -47.45 69.42 -112.18
CA LYS YD 57 -47.24 69.13 -110.77
C LYS YD 57 -48.27 68.14 -110.22
N LYS YD 58 -49.55 68.37 -110.47
CA LYS YD 58 -50.60 67.47 -110.05
C LYS YD 58 -51.44 67.05 -111.24
N GLY YD 59 -51.81 65.79 -111.28
CA GLY YD 59 -52.54 65.23 -112.41
C GLY YD 59 -52.38 63.72 -112.44
N LYS YD 60 -52.65 63.15 -113.61
CA LYS YD 60 -52.50 61.71 -113.79
C LYS YD 60 -51.04 61.33 -113.62
N PRO YD 61 -50.73 60.18 -113.01
CA PRO YD 61 -49.34 59.89 -112.64
C PRO YD 61 -48.37 59.82 -113.80
N GLU YD 62 -48.78 59.30 -114.96
CA GLU YD 62 -47.84 59.03 -116.03
C GLU YD 62 -47.22 60.31 -116.60
N LEU YD 63 -47.95 61.42 -116.60
CA LEU YD 63 -47.45 62.67 -117.15
C LEU YD 63 -46.56 63.43 -116.18
N ARG YD 64 -46.44 62.97 -114.94
CA ARG YD 64 -45.87 63.81 -113.89
C ARG YD 64 -44.36 64.02 -114.08
N LYS YD 65 -43.59 62.94 -114.03
CA LYS YD 65 -42.14 63.08 -113.93
C LYS YD 65 -41.45 63.20 -115.28
N LYS YD 66 -41.96 64.09 -116.14
CA LYS YD 66 -41.32 64.34 -117.43
C LYS YD 66 -41.52 65.80 -117.78
N VAL YD 67 -40.71 66.28 -118.72
CA VAL YD 67 -40.79 67.65 -119.20
C VAL YD 67 -41.61 67.66 -120.48
N HIS YD 68 -42.40 68.72 -120.67
CA HIS YD 68 -43.15 68.89 -121.90
C HIS YD 68 -43.13 70.35 -122.32
N PRO YD 69 -43.17 70.63 -123.62
CA PRO YD 69 -43.27 72.02 -124.07
C PRO YD 69 -44.70 72.52 -123.95
N ALA YD 70 -44.84 73.84 -123.90
CA ALA YD 70 -46.16 74.44 -123.78
C ALA YD 70 -46.12 75.86 -124.35
N VAL YD 71 -47.30 76.39 -124.63
CA VAL YD 71 -47.44 77.76 -125.12
C VAL YD 71 -48.50 78.46 -124.28
N VAL YD 72 -48.22 79.70 -123.91
CA VAL YD 72 -49.03 80.43 -122.94
C VAL YD 72 -50.34 80.85 -123.59
N ILE YD 73 -51.44 80.62 -122.89
CA ILE YD 73 -52.76 80.97 -123.39
C ILE YD 73 -53.25 82.29 -122.80
N ARG YD 74 -53.20 82.43 -121.48
CA ARG YD 74 -53.79 83.58 -120.82
C ARG YD 74 -52.87 84.03 -119.69
N GLN YD 75 -53.00 85.30 -119.30
CA GLN YD 75 -52.12 85.85 -118.28
C GLN YD 75 -52.84 86.99 -117.57
N ARG YD 76 -52.44 87.21 -116.32
CA ARG YD 76 -52.96 88.34 -115.54
C ARG YD 76 -52.25 89.65 -115.87
N LYS YD 77 -50.98 89.60 -116.25
CA LYS YD 77 -50.24 90.81 -116.57
C LYS YD 77 -50.83 91.43 -117.82
N SER YD 78 -51.57 92.53 -117.64
CA SER YD 78 -52.22 93.18 -118.77
C SER YD 78 -51.18 93.71 -119.74
N TYR YD 79 -51.54 93.73 -121.02
CA TYR YD 79 -50.61 94.16 -122.05
C TYR YD 79 -51.37 94.89 -123.15
N ARG YD 80 -50.67 95.81 -123.81
CA ARG YD 80 -51.25 96.53 -124.92
C ARG YD 80 -51.57 95.59 -126.08
N ARG YD 81 -52.61 95.91 -126.82
CA ARG YD 81 -52.98 95.13 -128.00
C ARG YD 81 -52.62 95.83 -129.30
N LYS YD 82 -51.75 96.85 -129.24
CA LYS YD 82 -51.40 97.69 -130.37
C LYS YD 82 -52.60 98.52 -130.81
N ASP YD 83 -53.73 98.31 -130.15
CA ASP YD 83 -54.92 99.13 -130.32
C ASP YD 83 -55.21 100.00 -129.11
N GLY YD 84 -54.37 99.90 -128.07
CA GLY YD 84 -54.53 100.68 -126.86
C GLY YD 84 -55.24 99.95 -125.73
N VAL YD 85 -55.83 98.80 -126.00
CA VAL YD 85 -56.58 98.09 -124.98
C VAL YD 85 -55.65 97.11 -124.27
N PHE YD 86 -55.90 96.92 -122.98
CA PHE YD 86 -55.13 96.00 -122.14
C PHE YD 86 -55.99 94.80 -121.80
N LEU YD 87 -55.43 93.60 -121.96
CA LEU YD 87 -56.17 92.36 -121.76
C LEU YD 87 -55.52 91.55 -120.65
N TYR YD 88 -56.36 90.85 -119.88
CA TYR YD 88 -55.89 89.98 -118.82
C TYR YD 88 -57.05 89.11 -118.36
N PHE YD 89 -56.73 88.11 -117.54
CA PHE YD 89 -57.66 87.03 -117.23
C PHE YD 89 -57.55 86.64 -115.77
N GLU YD 90 -58.41 85.69 -115.36
CA GLU YD 90 -58.39 85.21 -113.99
C GLU YD 90 -57.13 84.43 -113.66
N ASP YD 91 -56.63 83.62 -114.59
CA ASP YD 91 -55.53 82.73 -114.27
C ASP YD 91 -54.64 82.59 -115.49
N ASN YD 92 -53.49 81.95 -115.27
CA ASN YD 92 -52.50 81.76 -116.32
C ASN YD 92 -52.63 80.36 -116.88
N ALA YD 93 -52.82 80.26 -118.19
CA ALA YD 93 -53.11 78.99 -118.82
C ALA YD 93 -52.11 78.71 -119.94
N GLY YD 94 -51.79 77.42 -120.09
CA GLY YD 94 -50.99 76.95 -121.19
C GLY YD 94 -51.44 75.55 -121.58
N VAL YD 95 -50.97 75.11 -122.74
CA VAL YD 95 -51.38 73.82 -123.28
C VAL YD 95 -50.15 72.99 -123.60
N ILE YD 96 -50.18 71.73 -123.18
CA ILE YD 96 -49.09 70.81 -123.49
C ILE YD 96 -49.10 70.52 -124.98
N VAL YD 97 -47.98 70.79 -125.64
CA VAL YD 97 -47.87 70.60 -127.07
C VAL YD 97 -46.57 69.88 -127.39
N ASN YD 98 -46.53 69.26 -128.56
CA ASN YD 98 -45.32 68.62 -129.03
C ASN YD 98 -44.37 69.66 -129.62
N ASN YD 99 -43.22 69.19 -130.10
CA ASN YD 99 -42.21 70.12 -130.60
C ASN YD 99 -42.70 70.91 -131.81
N LYS YD 100 -43.41 70.27 -132.73
CA LYS YD 100 -43.86 70.96 -133.93
C LYS YD 100 -44.96 71.96 -133.65
N GLY YD 101 -45.61 71.89 -132.49
CA GLY YD 101 -46.67 72.80 -132.14
C GLY YD 101 -48.03 72.16 -131.96
N GLU YD 102 -48.17 70.88 -132.26
CA GLU YD 102 -49.45 70.21 -132.09
C GLU YD 102 -49.68 69.90 -130.61
N MET YD 103 -50.91 70.11 -130.16
CA MET YD 103 -51.25 69.89 -128.77
C MET YD 103 -51.45 68.41 -128.48
N LYS YD 104 -51.19 68.04 -127.22
CA LYS YD 104 -51.45 66.68 -126.79
C LYS YD 104 -52.94 66.42 -126.59
N GLY YD 105 -53.68 67.39 -126.09
CA GLY YD 105 -55.11 67.26 -125.90
C GLY YD 105 -55.86 67.53 -127.18
N SER YD 106 -57.17 67.73 -127.03
CA SER YD 106 -58.05 68.00 -128.17
C SER YD 106 -59.01 69.15 -127.95
N ALA YD 107 -59.30 69.54 -126.71
CA ALA YD 107 -60.25 70.61 -126.43
C ALA YD 107 -59.65 71.54 -125.39
N ILE YD 108 -60.10 72.79 -125.43
CA ILE YD 108 -59.56 73.85 -124.59
C ILE YD 108 -60.69 74.46 -123.79
N THR YD 109 -60.54 74.51 -122.47
CA THR YD 109 -61.49 75.21 -121.63
C THR YD 109 -61.11 76.68 -121.57
N GLY YD 110 -62.11 77.55 -121.63
CA GLY YD 110 -61.88 78.97 -121.58
C GLY YD 110 -61.44 79.54 -122.91
N PRO YD 111 -61.20 80.84 -122.95
CA PRO YD 111 -60.83 81.49 -124.21
C PRO YD 111 -59.32 81.43 -124.44
N VAL YD 112 -58.93 81.91 -125.60
CA VAL YD 112 -57.52 81.98 -125.98
C VAL YD 112 -57.21 83.39 -126.45
N ALA YD 113 -55.95 83.78 -126.34
CA ALA YD 113 -55.53 85.11 -126.73
C ALA YD 113 -55.32 85.18 -128.25
N LYS YD 114 -55.59 86.37 -128.80
CA LYS YD 114 -55.51 86.54 -130.25
C LYS YD 114 -54.10 86.32 -130.77
N GLU YD 115 -53.09 86.86 -130.07
CA GLU YD 115 -51.71 86.68 -130.52
C GLU YD 115 -51.30 85.22 -130.46
N CYS YD 116 -51.65 84.54 -129.37
CA CYS YD 116 -51.41 83.10 -129.31
C CYS YD 116 -52.17 82.38 -130.41
N ALA YD 117 -53.39 82.82 -130.71
CA ALA YD 117 -54.19 82.17 -131.75
C ALA YD 117 -53.52 82.27 -133.10
N ASP YD 118 -53.29 83.49 -133.58
CA ASP YD 118 -52.73 83.65 -134.91
C ASP YD 118 -51.30 83.14 -135.00
N LEU YD 119 -50.53 83.23 -133.91
CA LEU YD 119 -49.18 82.68 -133.94
C LEU YD 119 -49.21 81.17 -134.14
N TRP YD 120 -50.13 80.49 -133.50
CA TRP YD 120 -50.23 79.03 -133.59
C TRP YD 120 -51.62 78.65 -134.11
N PRO YD 121 -51.77 78.38 -135.40
CA PRO YD 121 -53.12 78.08 -135.94
C PRO YD 121 -53.77 76.87 -135.29
N ARG YD 122 -52.99 75.87 -134.92
CA ARG YD 122 -53.57 74.67 -134.34
C ARG YD 122 -54.25 74.98 -133.01
N ILE YD 123 -53.73 75.95 -132.27
CA ILE YD 123 -54.36 76.36 -131.02
C ILE YD 123 -55.75 76.91 -131.30
N ALA YD 124 -55.87 77.83 -132.25
CA ALA YD 124 -57.17 78.37 -132.60
C ALA YD 124 -58.09 77.33 -133.22
N SER YD 125 -57.52 76.26 -133.78
CA SER YD 125 -58.35 75.22 -134.39
C SER YD 125 -59.33 74.63 -133.39
N ASN YD 126 -58.84 74.24 -132.21
CA ASN YD 126 -59.67 73.68 -131.16
C ASN YD 126 -59.93 74.67 -130.05
N ALA YD 127 -59.64 75.95 -130.27
CA ALA YD 127 -59.86 76.97 -129.26
C ALA YD 127 -61.35 77.05 -128.92
N GLY YD 128 -61.65 77.10 -127.62
CA GLY YD 128 -63.04 77.24 -127.21
C GLY YD 128 -63.63 78.55 -127.66
N SER YD 129 -62.88 79.64 -127.51
CA SER YD 129 -63.34 80.95 -127.95
C SER YD 129 -62.15 81.87 -128.09
N ILE YD 130 -62.32 82.90 -128.88
CA ILE YD 130 -61.29 83.90 -129.12
C ILE YD 130 -61.57 85.10 -128.22
N ALA YD 131 -60.51 85.83 -127.89
CA ALA YD 131 -60.63 87.03 -127.07
C ALA YD 131 -59.47 87.97 -127.34
N LYS ZD 1 -22.62 65.36 11.32
CA LYS ZD 1 -23.73 66.00 12.04
C LYS ZD 1 -23.24 67.25 12.78
N LYS ZD 2 -23.97 68.34 12.64
CA LYS ZD 2 -25.23 68.41 11.89
C LYS ZD 2 -25.08 69.10 10.54
N LYS ZD 3 -23.84 69.34 10.12
CA LYS ZD 3 -23.62 69.91 8.79
C LYS ZD 3 -23.76 68.80 7.75
N ILE ZD 4 -24.74 68.95 6.86
CA ILE ZD 4 -25.08 67.91 5.90
C ILE ZD 4 -24.98 68.49 4.49
N ARG ZD 5 -24.84 67.60 3.52
CA ARG ZD 5 -24.65 67.98 2.12
C ARG ZD 5 -25.86 67.52 1.32
N THR ZD 6 -26.77 68.45 1.03
CA THR ZD 6 -27.97 68.15 0.26
C THR ZD 6 -27.82 68.44 -1.22
N SER ZD 7 -26.71 69.05 -1.64
CA SER ZD 7 -26.55 69.40 -3.03
C SER ZD 7 -25.26 68.80 -3.58
N PRO ZD 8 -25.33 68.04 -4.68
CA PRO ZD 8 -24.12 67.46 -5.26
C PRO ZD 8 -23.19 68.50 -5.84
N THR ZD 9 -23.69 69.69 -6.14
CA THR ZD 9 -22.91 70.73 -6.79
C THR ZD 9 -22.24 71.59 -5.73
N PHE ZD 10 -20.92 71.65 -5.79
CA PHE ZD 10 -20.20 72.56 -4.90
C PHE ZD 10 -20.28 73.97 -5.43
N ARG ZD 11 -20.78 74.88 -4.62
CA ARG ZD 11 -20.88 76.29 -4.97
C ARG ZD 11 -19.84 77.08 -4.22
N ARG ZD 12 -19.30 78.10 -4.86
CA ARG ZD 12 -18.28 78.92 -4.22
C ARG ZD 12 -18.87 79.55 -2.96
N PRO ZD 13 -18.24 79.38 -1.81
CA PRO ZD 13 -18.82 79.93 -0.58
C PRO ZD 13 -18.85 81.44 -0.60
N LYS ZD 14 -19.88 82.00 0.05
CA LYS ZD 14 -20.08 83.44 0.06
C LYS ZD 14 -19.19 84.05 1.13
N THR ZD 15 -18.07 84.64 0.71
CA THR ZD 15 -17.20 85.36 1.62
C THR ZD 15 -17.79 86.75 1.85
N LEU ZD 16 -17.05 87.61 2.55
CA LEU ZD 16 -17.48 88.99 2.73
C LEU ZD 16 -16.66 89.89 1.82
N ARG ZD 17 -17.24 91.04 1.49
CA ARG ZD 17 -16.56 92.09 0.76
C ARG ZD 17 -16.66 93.37 1.56
N LEU ZD 18 -15.51 93.95 1.90
CA LEU ZD 18 -15.48 95.18 2.66
C LEU ZD 18 -15.25 96.38 1.75
N ARG ZD 19 -15.92 97.48 2.07
CA ARG ZD 19 -15.91 98.65 1.22
C ARG ZD 19 -14.52 99.28 1.20
N ARG ZD 20 -14.23 100.02 0.14
CA ARG ZD 20 -12.95 100.72 0.03
C ARG ZD 20 -12.75 101.66 1.20
N GLN ZD 21 -11.55 101.68 1.75
CA GLN ZD 21 -11.16 102.64 2.77
C GLN ZD 21 -9.76 103.13 2.44
N PRO ZD 22 -9.63 104.01 1.45
CA PRO ZD 22 -8.30 104.45 1.03
C PRO ZD 22 -7.59 105.23 2.13
N LYS ZD 23 -6.27 105.06 2.18
CA LYS ZD 23 -5.45 105.87 3.06
C LYS ZD 23 -5.27 107.29 2.54
N TYR ZD 24 -5.70 107.56 1.31
CA TYR ZD 24 -5.60 108.90 0.73
C TYR ZD 24 -6.49 108.95 -0.50
N PRO ZD 25 -7.18 110.06 -0.75
CA PRO ZD 25 -7.92 110.18 -2.00
C PRO ZD 25 -6.98 110.14 -3.19
N ARG ZD 26 -7.41 109.45 -4.25
CA ARG ZD 26 -6.57 109.33 -5.43
C ARG ZD 26 -6.36 110.68 -6.10
N LYS ZD 27 -7.41 111.48 -6.21
CA LYS ZD 27 -7.29 112.85 -6.70
C LYS ZD 27 -7.46 113.81 -5.53
N SER ZD 28 -6.76 114.94 -5.61
CA SER ZD 28 -6.65 115.85 -4.48
C SER ZD 28 -7.99 116.47 -4.13
N ALA ZD 29 -8.67 117.05 -5.12
CA ALA ZD 29 -9.94 117.70 -4.92
C ALA ZD 29 -10.81 117.47 -6.15
N PRO ZD 30 -12.14 117.44 -5.98
CA PRO ZD 30 -13.02 117.22 -7.14
C PRO ZD 30 -13.05 118.47 -8.00
N ARG ZD 31 -12.71 118.32 -9.27
CA ARG ZD 31 -12.65 119.46 -10.17
C ARG ZD 31 -14.02 120.12 -10.28
N ARG ZD 32 -14.02 121.43 -10.41
CA ARG ZD 32 -15.26 122.19 -10.40
C ARG ZD 32 -16.17 121.74 -11.55
N ASN ZD 33 -17.46 121.99 -11.38
CA ASN ZD 33 -18.44 121.65 -12.40
C ASN ZD 33 -18.23 122.55 -13.61
N LYS ZD 34 -17.81 121.96 -14.73
CA LYS ZD 34 -17.60 122.75 -15.93
C LYS ZD 34 -18.90 123.25 -16.52
N LEU ZD 35 -19.96 122.45 -16.49
CA LEU ZD 35 -21.25 122.86 -17.05
C LEU ZD 35 -22.14 123.48 -15.97
N ASP ZD 36 -21.62 124.50 -15.31
CA ASP ZD 36 -22.42 125.24 -14.34
C ASP ZD 36 -23.56 125.97 -15.05
N HIS ZD 37 -24.48 126.52 -14.23
CA HIS ZD 37 -25.72 127.07 -14.77
C HIS ZD 37 -25.47 128.10 -15.86
N TYR ZD 38 -24.38 128.84 -15.77
CA TYR ZD 38 -24.11 129.84 -16.79
C TYR ZD 38 -23.39 129.24 -17.99
N ALA ZD 39 -22.86 128.02 -17.87
CA ALA ZD 39 -22.19 127.38 -19.00
C ALA ZD 39 -23.15 126.84 -20.02
N ILE ZD 40 -24.35 126.43 -19.61
CA ILE ZD 40 -25.30 125.86 -20.55
C ILE ZD 40 -25.72 126.88 -21.58
N ILE ZD 41 -26.35 127.96 -21.14
CA ILE ZD 41 -26.88 128.95 -22.07
C ILE ZD 41 -25.71 129.68 -22.72
N LYS ZD 42 -25.65 129.64 -24.04
CA LYS ZD 42 -24.65 130.40 -24.77
C LYS ZD 42 -25.20 131.77 -25.16
N PHE ZD 43 -26.38 131.80 -25.78
CA PHE ZD 43 -27.02 133.04 -26.15
C PHE ZD 43 -28.43 132.73 -26.64
N PRO ZD 44 -29.31 133.73 -26.69
CA PRO ZD 44 -30.61 133.52 -27.31
C PRO ZD 44 -30.60 133.81 -28.80
N LEU ZD 45 -31.52 133.16 -29.50
CA LEU ZD 45 -31.67 133.33 -30.95
C LEU ZD 45 -32.66 134.44 -31.23
N THR ZD 46 -32.36 135.27 -32.24
CA THR ZD 46 -33.18 136.41 -32.60
C THR ZD 46 -33.64 136.33 -34.06
N THR ZD 47 -33.75 135.11 -34.58
CA THR ZD 47 -34.24 134.91 -35.94
C THR ZD 47 -35.70 135.33 -36.04
N GLU ZD 48 -36.11 135.74 -37.25
CA GLU ZD 48 -37.51 136.12 -37.43
C GLU ZD 48 -38.45 135.02 -36.97
N SER ZD 49 -38.05 133.75 -37.14
CA SER ZD 49 -38.78 132.66 -36.50
C SER ZD 49 -38.71 132.77 -34.99
N ALA ZD 50 -37.58 133.22 -34.46
CA ALA ZD 50 -37.45 133.33 -33.01
C ALA ZD 50 -38.46 134.32 -32.44
N MET ZD 51 -38.48 135.56 -32.96
CA MET ZD 51 -39.47 136.49 -32.42
C MET ZD 51 -40.89 136.08 -32.82
N LYS ZD 52 -41.05 135.35 -33.91
CA LYS ZD 52 -42.36 134.82 -34.23
C LYS ZD 52 -42.86 133.92 -33.11
N LYS ZD 53 -41.99 133.06 -32.60
CA LYS ZD 53 -42.40 132.20 -31.49
C LYS ZD 53 -42.46 132.96 -30.17
N ILE ZD 54 -41.63 133.99 -30.01
CA ILE ZD 54 -41.73 134.84 -28.82
C ILE ZD 54 -43.12 135.44 -28.73
N GLU ZD 55 -43.59 136.02 -29.83
CA GLU ZD 55 -44.86 136.74 -29.76
C GLU ZD 55 -46.04 135.78 -29.59
N ASP ZD 56 -46.06 134.65 -30.31
CA ASP ZD 56 -47.25 133.82 -30.37
C ASP ZD 56 -47.29 132.76 -29.26
N ASN ZD 57 -46.29 131.89 -29.20
CA ASN ZD 57 -46.37 130.68 -28.40
C ASN ZD 57 -45.84 130.88 -26.98
N ASN ZD 58 -45.47 132.10 -26.61
CA ASN ZD 58 -44.89 132.42 -25.31
C ASN ZD 58 -43.55 131.73 -25.12
N THR ZD 59 -43.11 130.94 -26.09
CA THR ZD 59 -41.89 130.17 -26.03
C THR ZD 59 -40.68 131.04 -26.33
N LEU ZD 60 -39.61 130.83 -25.57
CA LEU ZD 60 -38.33 131.44 -25.85
C LEU ZD 60 -37.49 130.48 -26.68
N VAL ZD 61 -36.27 130.90 -27.01
CA VAL ZD 61 -35.36 130.05 -27.78
C VAL ZD 61 -33.94 130.48 -27.47
N PHE ZD 62 -33.05 129.48 -27.37
CA PHE ZD 62 -31.66 129.75 -27.02
C PHE ZD 62 -30.77 128.72 -27.67
N ILE ZD 63 -29.48 129.01 -27.67
CA ILE ZD 63 -28.46 128.07 -28.09
C ILE ZD 63 -27.69 127.66 -26.84
N VAL ZD 64 -27.58 126.35 -26.61
CA VAL ZD 64 -26.97 125.83 -25.40
C VAL ZD 64 -25.97 124.73 -25.77
N ASP ZD 65 -25.37 124.15 -24.73
CA ASP ZD 65 -24.39 123.10 -24.94
C ASP ZD 65 -25.03 121.88 -25.57
N VAL ZD 66 -24.25 121.17 -26.39
CA VAL ZD 66 -24.72 119.94 -27.00
C VAL ZD 66 -25.00 118.86 -25.95
N LYS ZD 67 -24.23 118.81 -24.87
CA LYS ZD 67 -24.38 117.80 -23.84
C LYS ZD 67 -25.34 118.22 -22.73
N ALA ZD 68 -26.30 119.07 -23.05
CA ALA ZD 68 -27.25 119.58 -22.06
C ALA ZD 68 -28.63 119.03 -22.36
N ASN ZD 69 -29.21 118.31 -21.41
CA ASN ZD 69 -30.54 117.74 -21.60
C ASN ZD 69 -31.62 118.74 -21.21
N LYS ZD 70 -32.87 118.36 -21.49
CA LYS ZD 70 -33.99 119.24 -21.16
C LYS ZD 70 -34.03 119.60 -19.68
N HIS ZD 71 -33.74 118.63 -18.81
CA HIS ZD 71 -33.80 118.90 -17.38
C HIS ZD 71 -32.81 119.97 -16.98
N GLN ZD 72 -31.56 119.85 -17.43
CA GLN ZD 72 -30.55 120.78 -16.94
C GLN ZD 72 -30.69 122.16 -17.53
N ILE ZD 73 -31.09 122.25 -18.79
CA ILE ZD 73 -31.36 123.57 -19.36
C ILE ZD 73 -32.54 124.20 -18.65
N LYS ZD 74 -33.55 123.40 -18.31
CA LYS ZD 74 -34.70 123.95 -17.60
C LYS ZD 74 -34.30 124.50 -16.25
N GLN ZD 75 -33.50 123.76 -15.49
CA GLN ZD 75 -33.12 124.27 -14.18
C GLN ZD 75 -32.22 125.49 -14.33
N ALA ZD 76 -31.33 125.48 -15.32
CA ALA ZD 76 -30.46 126.63 -15.52
C ALA ZD 76 -31.27 127.88 -15.80
N VAL ZD 77 -32.18 127.82 -16.77
CA VAL ZD 77 -32.95 129.00 -17.14
C VAL ZD 77 -33.82 129.44 -15.97
N LYS ZD 78 -34.44 128.48 -15.27
CA LYS ZD 78 -35.28 128.84 -14.13
C LYS ZD 78 -34.47 129.56 -13.06
N LYS ZD 79 -33.27 129.06 -12.76
CA LYS ZD 79 -32.48 129.67 -11.70
C LYS ZD 79 -31.96 131.03 -12.09
N LEU ZD 80 -31.36 131.17 -13.27
CA LEU ZD 80 -30.69 132.41 -13.62
C LEU ZD 80 -31.60 133.39 -14.36
N TYR ZD 81 -32.89 133.06 -14.49
CA TYR ZD 81 -33.88 134.04 -14.90
C TYR ZD 81 -35.04 134.14 -13.93
N ASP ZD 82 -35.07 133.32 -12.87
CA ASP ZD 82 -36.09 133.39 -11.83
C ASP ZD 82 -37.49 133.26 -12.43
N ILE ZD 83 -37.58 132.57 -13.56
CA ILE ZD 83 -38.83 132.37 -14.28
C ILE ZD 83 -39.03 130.86 -14.47
N ASP ZD 84 -40.23 130.41 -14.15
CA ASP ZD 84 -40.59 129.01 -14.25
C ASP ZD 84 -40.80 128.64 -15.71
N VAL ZD 85 -40.51 127.38 -16.04
CA VAL ZD 85 -40.62 126.86 -17.40
C VAL ZD 85 -41.71 125.81 -17.43
N ALA ZD 86 -42.67 125.98 -18.34
CA ALA ZD 86 -43.73 124.98 -18.49
C ALA ZD 86 -43.18 123.70 -19.11
N LYS ZD 87 -42.64 123.80 -20.33
CA LYS ZD 87 -41.98 122.68 -20.98
C LYS ZD 87 -40.93 123.24 -21.92
N VAL ZD 88 -40.01 122.39 -22.35
CA VAL ZD 88 -38.93 122.78 -23.23
C VAL ZD 88 -38.81 121.75 -24.35
N ASN ZD 89 -38.51 122.23 -25.55
CA ASN ZD 89 -38.29 121.37 -26.71
C ASN ZD 89 -36.90 121.63 -27.24
N THR ZD 90 -36.17 120.57 -27.54
CA THR ZD 90 -34.80 120.68 -27.99
C THR ZD 90 -34.63 120.04 -29.36
N LEU ZD 91 -33.72 120.63 -30.13
CA LEU ZD 91 -33.23 120.07 -31.38
C LEU ZD 91 -31.85 120.65 -31.61
N ILE ZD 92 -31.06 119.96 -32.43
CA ILE ZD 92 -29.72 120.43 -32.75
C ILE ZD 92 -29.70 120.80 -34.22
N ARG ZD 93 -29.14 121.97 -34.51
CA ARG ZD 93 -29.08 122.47 -35.86
C ARG ZD 93 -28.07 121.67 -36.68
N PRO ZD 94 -28.18 121.71 -38.01
CA PRO ZD 94 -27.13 121.11 -38.84
C PRO ZD 94 -25.77 121.72 -38.61
N ASP ZD 95 -25.70 122.92 -38.03
CA ASP ZD 95 -24.41 123.51 -37.71
C ASP ZD 95 -23.70 122.73 -36.61
N GLY ZD 96 -24.46 122.09 -35.71
CA GLY ZD 96 -23.85 121.30 -34.67
C GLY ZD 96 -23.96 121.89 -33.28
N GLU ZD 97 -25.09 122.51 -32.97
CA GLU ZD 97 -25.34 123.06 -31.65
C GLU ZD 97 -26.81 122.86 -31.28
N LYS ZD 98 -27.06 122.80 -29.97
CA LYS ZD 98 -28.41 122.58 -29.49
C LYS ZD 98 -29.20 123.89 -29.48
N LYS ZD 99 -30.38 123.85 -30.09
CA LYS ZD 99 -31.34 124.95 -30.02
C LYS ZD 99 -32.52 124.48 -29.20
N ALA ZD 100 -32.84 125.22 -28.14
CA ALA ZD 100 -33.83 124.79 -27.15
C ALA ZD 100 -35.05 125.70 -27.22
N TYR ZD 101 -36.17 125.15 -27.70
CA TYR ZD 101 -37.46 125.82 -27.64
C TYR ZD 101 -37.98 125.67 -26.22
N VAL ZD 102 -37.87 126.73 -25.42
CA VAL ZD 102 -38.25 126.69 -24.02
C VAL ZD 102 -39.51 127.52 -23.82
N ARG ZD 103 -40.58 126.86 -23.37
CA ARG ZD 103 -41.88 127.47 -23.21
C ARG ZD 103 -42.10 127.82 -21.75
N LEU ZD 104 -42.54 129.04 -21.49
CA LEU ZD 104 -42.77 129.48 -20.13
C LEU ZD 104 -44.15 129.06 -19.65
N ALA ZD 105 -44.33 129.10 -18.33
CA ALA ZD 105 -45.63 128.84 -17.77
C ALA ZD 105 -46.59 129.97 -18.15
N PRO ZD 106 -47.89 129.71 -18.15
CA PRO ZD 106 -48.84 130.71 -18.70
C PRO ZD 106 -48.76 132.07 -18.05
N ASP ZD 107 -48.54 132.15 -16.74
CA ASP ZD 107 -48.63 133.42 -16.04
C ASP ZD 107 -47.43 134.33 -16.30
N TYR ZD 108 -46.35 133.82 -16.88
CA TYR ZD 108 -45.30 134.70 -17.36
C TYR ZD 108 -45.49 134.98 -18.85
N ASP ZD 109 -44.73 135.96 -19.35
CA ASP ZD 109 -44.85 136.41 -20.72
C ASP ZD 109 -43.48 136.29 -21.39
N ALA ZD 110 -43.49 136.18 -22.72
CA ALA ZD 110 -42.22 136.09 -23.44
C ALA ZD 110 -41.70 137.47 -23.82
N LEU ZD 111 -42.59 138.39 -24.18
CA LEU ZD 111 -42.15 139.70 -24.65
C LEU ZD 111 -41.43 140.47 -23.55
N ASP ZD 112 -41.97 140.42 -22.32
CA ASP ZD 112 -41.37 141.19 -21.24
C ASP ZD 112 -39.99 140.64 -20.88
N VAL ZD 113 -39.86 139.33 -20.78
CA VAL ZD 113 -38.56 138.76 -20.45
C VAL ZD 113 -37.56 138.99 -21.58
N ALA ZD 114 -38.04 138.97 -22.82
CA ALA ZD 114 -37.20 139.36 -23.94
C ALA ZD 114 -36.72 140.80 -23.79
N ASN ZD 115 -37.63 141.69 -23.38
CA ASN ZD 115 -37.23 143.06 -23.07
C ASN ZD 115 -36.11 143.10 -22.04
N LYS ZD 116 -36.27 142.35 -20.95
CA LYS ZD 116 -35.22 142.36 -19.92
C LYS ZD 116 -33.90 141.86 -20.47
N ILE ZD 117 -33.92 140.70 -21.15
CA ILE ZD 117 -32.69 140.15 -21.70
C ILE ZD 117 -32.20 140.99 -22.87
N GLY ZD 118 -33.09 141.80 -23.45
CA GLY ZD 118 -32.72 142.82 -24.41
C GLY ZD 118 -32.60 142.35 -25.85
N ILE ZD 119 -33.04 141.14 -26.19
CA ILE ZD 119 -33.00 140.69 -27.57
C ILE ZD 119 -34.24 141.16 -28.30
N ILE ZD 120 -35.11 141.89 -27.59
CA ILE ZD 120 -36.35 142.40 -28.16
C ILE ZD 120 -36.06 143.25 -29.39
N MET AE 1 36.37 138.86 -37.23
CA MET AE 1 36.00 137.60 -37.86
C MET AE 1 35.67 136.59 -36.77
N LYS AE 2 34.48 136.02 -36.85
CA LYS AE 2 33.92 135.27 -35.73
C LYS AE 2 34.73 134.02 -35.43
N PHE AE 3 34.69 133.59 -34.17
CA PHE AE 3 35.34 132.36 -33.74
C PHE AE 3 34.43 131.42 -32.98
N ASN AE 4 33.42 131.92 -32.29
CA ASN AE 4 32.59 131.08 -31.45
C ASN AE 4 31.87 130.06 -32.32
N PRO AE 5 32.04 128.76 -32.07
CA PRO AE 5 31.46 127.75 -32.95
C PRO AE 5 29.98 127.47 -32.66
N PHE AE 6 29.41 128.06 -31.63
CA PHE AE 6 28.00 127.87 -31.31
C PHE AE 6 27.10 128.89 -32.00
N VAL AE 7 27.67 129.90 -32.63
CA VAL AE 7 26.92 130.88 -33.40
C VAL AE 7 27.29 130.71 -34.87
N THR AE 8 26.28 130.72 -35.73
CA THR AE 8 26.49 130.50 -37.15
C THR AE 8 26.90 131.78 -37.86
N SER AE 9 27.22 131.64 -39.13
CA SER AE 9 27.44 132.77 -40.02
C SER AE 9 26.73 132.58 -41.35
N ASP AE 10 25.98 131.49 -41.50
CA ASP AE 10 25.34 131.18 -42.76
C ASP AE 10 24.32 132.26 -43.13
N ARG AE 11 24.26 132.56 -44.43
CA ARG AE 11 23.34 133.58 -44.92
C ARG AE 11 21.89 133.19 -44.69
N SER AE 12 21.52 131.97 -45.07
CA SER AE 12 20.12 131.57 -44.99
C SER AE 12 19.63 131.54 -43.55
N LYS AE 13 20.41 130.95 -42.65
CA LYS AE 13 20.00 130.89 -41.25
C LYS AE 13 19.92 132.27 -40.64
N ASN AE 14 20.87 133.15 -40.99
CA ASN AE 14 20.84 134.51 -40.47
C ASN AE 14 19.62 135.26 -40.94
N ARG AE 15 19.27 135.12 -42.23
CA ARG AE 15 18.07 135.79 -42.73
C ARG AE 15 16.82 135.22 -42.09
N LYS AE 16 16.79 133.90 -41.88
CA LYS AE 16 15.69 133.29 -41.15
C LYS AE 16 15.52 133.94 -39.78
N ARG AE 17 16.61 134.01 -39.01
CA ARG AE 17 16.52 134.59 -37.68
C ARG AE 17 16.09 136.05 -37.75
N HIS AE 18 16.60 136.78 -38.74
CA HIS AE 18 16.26 138.19 -38.85
C HIS AE 18 14.78 138.39 -39.16
N PHE AE 19 14.25 137.63 -40.11
CA PHE AE 19 12.89 137.87 -40.59
C PHE AE 19 11.81 137.38 -39.64
N ASN AE 20 12.02 136.26 -38.96
CA ASN AE 20 11.03 135.69 -38.07
C ASN AE 20 11.30 136.00 -36.61
N ALA AE 21 12.18 136.95 -36.33
CA ALA AE 21 12.47 137.31 -34.95
C ALA AE 21 11.21 137.86 -34.29
N PRO AE 22 10.91 137.44 -33.06
CA PRO AE 22 9.78 138.02 -32.34
C PRO AE 22 9.97 139.51 -32.07
N SER AE 23 8.88 140.18 -31.71
CA SER AE 23 8.91 141.63 -31.54
C SER AE 23 9.90 142.04 -30.45
N HIS AE 24 10.06 141.21 -29.42
CA HIS AE 24 10.92 141.58 -28.30
C HIS AE 24 12.37 141.76 -28.71
N ILE AE 25 12.84 141.05 -29.72
CA ILE AE 25 14.19 141.25 -30.23
C ILE AE 25 14.13 142.10 -31.48
N ARG AE 26 12.95 142.15 -32.10
CA ARG AE 26 12.77 143.06 -33.22
C ARG AE 26 13.01 144.50 -32.80
N ARG AE 27 12.57 144.86 -31.60
CA ARG AE 27 12.83 146.19 -31.07
C ARG AE 27 14.32 146.46 -30.98
N LYS AE 28 15.09 145.47 -30.52
CA LYS AE 28 16.54 145.62 -30.51
C LYS AE 28 17.07 145.82 -31.92
N ILE AE 29 16.53 145.07 -32.88
CA ILE AE 29 16.93 145.26 -34.27
C ILE AE 29 16.58 146.65 -34.75
N MET AE 30 15.54 147.26 -34.19
CA MET AE 30 15.10 148.60 -34.53
C MET AE 30 16.06 149.68 -34.05
N SER AE 31 17.22 149.31 -33.51
CA SER AE 31 18.12 150.29 -32.93
C SER AE 31 18.61 151.29 -33.98
N SER AE 32 18.72 152.54 -33.56
CA SER AE 32 19.16 153.63 -34.42
C SER AE 32 20.22 154.45 -33.69
N PRO AE 33 21.14 155.06 -34.42
CA PRO AE 33 22.17 155.88 -33.78
C PRO AE 33 21.60 157.21 -33.30
N LEU AE 34 22.37 157.85 -32.42
CA LEU AE 34 21.99 159.14 -31.87
C LEU AE 34 22.84 160.25 -32.46
N SER AE 35 22.36 161.48 -32.28
CA SER AE 35 23.09 162.65 -32.76
C SER AE 35 24.34 162.87 -31.90
N LYS AE 36 25.27 163.68 -32.45
CA LYS AE 36 26.55 163.89 -31.79
C LYS AE 36 26.37 164.53 -30.41
N GLU AE 37 25.48 165.51 -30.31
CA GLU AE 37 25.22 166.12 -29.01
C GLU AE 37 24.71 165.10 -28.02
N LEU AE 38 23.88 164.17 -28.46
CA LEU AE 38 23.37 163.13 -27.56
C LEU AE 38 24.48 162.16 -27.16
N ARG AE 39 25.29 161.70 -28.11
CA ARG AE 39 26.40 160.82 -27.79
C ARG AE 39 27.43 161.51 -26.92
N GLN AE 40 27.42 162.85 -26.88
CA GLN AE 40 28.30 163.58 -26.00
C GLN AE 40 27.71 163.71 -24.60
N LYS AE 41 26.43 164.09 -24.52
CA LYS AE 41 25.78 164.24 -23.22
C LYS AE 41 25.72 162.88 -22.52
N TYR AE 42 25.25 161.86 -23.23
CA TYR AE 42 25.41 160.49 -22.75
C TYR AE 42 26.71 159.94 -23.31
N ASN AE 43 26.90 158.63 -23.24
CA ASN AE 43 28.10 157.99 -23.77
C ASN AE 43 27.77 156.80 -24.66
N VAL AE 44 26.56 156.74 -25.21
CA VAL AE 44 26.13 155.60 -25.97
C VAL AE 44 26.07 155.97 -27.45
N ARG AE 45 25.88 154.97 -28.29
CA ARG AE 45 25.88 155.17 -29.74
C ARG AE 45 24.58 154.79 -30.42
N SER AE 46 23.89 153.77 -29.94
CA SER AE 46 22.69 153.27 -30.60
C SER AE 46 21.59 153.03 -29.57
N MET AE 47 20.35 153.02 -30.06
CA MET AE 47 19.21 152.96 -29.17
C MET AE 47 17.99 152.48 -29.95
N PRO AE 48 17.31 151.42 -29.48
CA PRO AE 48 16.01 151.06 -30.05
C PRO AE 48 15.01 152.22 -29.97
N ILE AE 49 14.17 152.29 -31.01
CA ILE AE 49 13.33 153.46 -31.22
C ILE AE 49 12.14 153.42 -30.26
N ARG AE 50 11.82 154.58 -29.69
CA ARG AE 50 10.67 154.77 -28.83
C ARG AE 50 9.49 155.32 -29.63
N LYS AE 51 8.30 155.24 -29.03
CA LYS AE 51 7.08 155.59 -29.73
C LYS AE 51 7.00 157.08 -30.04
N ASP AE 52 7.61 157.92 -29.21
CA ASP AE 52 7.37 159.37 -29.28
C ASP AE 52 8.68 160.14 -29.12
N ASP AE 53 9.70 159.76 -29.87
CA ASP AE 53 10.96 160.49 -29.85
C ASP AE 53 11.12 161.29 -31.13
N GLU AE 54 11.75 162.46 -31.02
CA GLU AE 54 11.96 163.31 -32.19
C GLU AE 54 13.16 162.83 -32.98
N VAL AE 55 12.90 162.40 -34.21
CA VAL AE 55 13.91 161.77 -35.06
C VAL AE 55 14.11 162.63 -36.30
N GLN AE 56 15.14 162.30 -37.08
CA GLN AE 56 15.42 162.97 -38.34
C GLN AE 56 15.92 161.96 -39.35
N VAL AE 57 15.47 162.09 -40.59
CA VAL AE 57 15.85 161.19 -41.67
C VAL AE 57 17.16 161.66 -42.27
N VAL AE 58 18.03 160.72 -42.64
CA VAL AE 58 19.31 161.04 -43.23
C VAL AE 58 19.50 160.45 -44.62
N ARG AE 59 18.60 159.58 -45.08
CA ARG AE 59 18.78 158.92 -46.36
C ARG AE 59 17.44 158.83 -47.08
N GLY AE 60 17.50 158.64 -48.38
CA GLY AE 60 16.30 158.44 -49.17
C GLY AE 60 15.66 159.73 -49.64
N HIS AE 61 14.43 159.60 -50.13
CA HIS AE 61 13.72 160.72 -50.71
C HIS AE 61 13.44 161.82 -49.70
N TYR AE 62 13.46 161.52 -48.41
CA TYR AE 62 13.08 162.47 -47.37
C TYR AE 62 14.28 162.95 -46.55
N LYS AE 63 15.42 163.09 -47.21
CA LYS AE 63 16.57 163.68 -46.54
C LYS AE 63 16.27 165.12 -46.16
N GLY AE 64 16.77 165.53 -45.01
CA GLY AE 64 16.58 166.89 -44.56
C GLY AE 64 16.85 167.02 -43.08
N GLN AE 65 16.69 168.25 -42.60
CA GLN AE 65 16.88 168.57 -41.20
C GLN AE 65 15.57 168.71 -40.45
N GLN AE 66 14.46 168.31 -41.06
CA GLN AE 66 13.14 168.43 -40.46
C GLN AE 66 13.05 167.51 -39.26
N ILE AE 67 13.09 168.08 -38.06
CA ILE AE 67 12.99 167.29 -36.84
C ILE AE 67 11.54 166.85 -36.69
N GLY AE 68 11.27 165.59 -37.01
CA GLY AE 68 9.96 165.01 -36.87
C GLY AE 68 9.87 164.08 -35.68
N LYS AE 69 8.64 163.77 -35.29
CA LYS AE 69 8.36 162.88 -34.18
C LYS AE 69 7.70 161.61 -34.68
N VAL AE 70 8.26 160.47 -34.27
CA VAL AE 70 7.67 159.18 -34.61
C VAL AE 70 6.26 159.08 -34.06
N VAL AE 71 5.31 158.74 -34.92
CA VAL AE 71 3.95 158.49 -34.46
C VAL AE 71 3.70 157.01 -34.19
N GLN AE 72 4.36 156.12 -34.90
CA GLN AE 72 4.09 154.69 -34.78
C GLN AE 72 5.26 153.91 -35.37
N VAL AE 73 5.52 152.75 -34.79
CA VAL AE 73 6.57 151.85 -35.30
C VAL AE 73 5.89 150.59 -35.78
N TYR AE 74 6.22 150.17 -37.00
CA TYR AE 74 5.66 148.94 -37.55
C TYR AE 74 6.73 147.86 -37.48
N ARG AE 75 6.71 147.11 -36.39
CA ARG AE 75 7.66 146.03 -36.20
C ARG AE 75 7.45 144.88 -37.18
N LYS AE 76 6.24 144.73 -37.71
CA LYS AE 76 6.01 143.68 -38.70
C LYS AE 76 6.72 143.98 -40.01
N LYS AE 77 6.62 145.21 -40.50
CA LYS AE 77 7.26 145.60 -41.75
C LYS AE 77 8.62 146.22 -41.55
N TYR AE 78 9.11 146.28 -40.30
CA TYR AE 78 10.42 146.85 -40.00
C TYR AE 78 10.53 148.31 -40.42
N VAL AE 79 9.46 149.08 -40.27
CA VAL AE 79 9.45 150.48 -40.68
C VAL AE 79 8.81 151.33 -39.60
N ILE AE 80 9.03 152.64 -39.71
CA ILE AE 80 8.47 153.62 -38.79
C ILE AE 80 7.80 154.72 -39.59
N TYR AE 81 6.91 155.44 -38.91
CA TYR AE 81 6.19 156.58 -39.48
C TYR AE 81 6.59 157.84 -38.74
N ILE AE 82 6.65 158.95 -39.46
CA ILE AE 82 6.83 160.27 -38.88
C ILE AE 82 5.81 161.20 -39.54
N GLU AE 83 5.37 162.22 -38.78
CA GLU AE 83 4.23 163.01 -39.24
C GLU AE 83 4.53 163.76 -40.54
N ARG AE 84 5.77 164.18 -40.74
CA ARG AE 84 6.09 164.98 -41.93
C ARG AE 84 6.39 164.15 -43.15
N VAL AE 85 6.85 162.90 -42.99
CA VAL AE 85 7.13 162.05 -44.14
C VAL AE 85 5.83 161.41 -44.60
N GLN AE 86 5.13 162.06 -45.52
CA GLN AE 86 3.84 161.58 -45.99
C GLN AE 86 3.82 161.60 -47.51
N ARG AE 87 2.79 160.97 -48.07
CA ARG AE 87 2.58 160.98 -49.50
C ARG AE 87 1.07 161.00 -49.75
N GLU AE 88 0.63 161.96 -50.54
CA GLU AE 88 -0.78 162.05 -50.93
C GLU AE 88 -1.07 160.96 -51.94
N LYS AE 89 -1.91 160.00 -51.58
CA LYS AE 89 -2.27 158.95 -52.51
C LYS AE 89 -3.31 159.47 -53.51
N ALA AE 90 -3.66 158.60 -54.46
CA ALA AE 90 -4.41 159.03 -55.64
C ALA AE 90 -5.72 159.70 -55.27
N ASN AE 91 -6.52 159.08 -54.39
CA ASN AE 91 -7.86 159.59 -54.16
C ASN AE 91 -7.84 160.98 -53.54
N GLY AE 92 -6.93 161.21 -52.59
CA GLY AE 92 -6.90 162.49 -51.92
C GLY AE 92 -6.53 162.42 -50.46
N THR AE 93 -6.55 161.22 -49.87
CA THR AE 93 -6.05 161.09 -48.51
C THR AE 93 -4.55 160.95 -48.52
N THR AE 94 -3.95 161.05 -47.34
CA THR AE 94 -2.51 160.97 -47.17
C THR AE 94 -2.19 159.82 -46.24
N VAL AE 95 -1.10 159.12 -46.54
CA VAL AE 95 -0.63 158.01 -45.73
C VAL AE 95 0.84 158.21 -45.44
N HIS AE 96 1.30 157.70 -44.30
CA HIS AE 96 2.69 157.85 -43.92
C HIS AE 96 3.57 156.98 -44.82
N VAL AE 97 4.83 157.39 -44.95
CA VAL AE 97 5.82 156.68 -45.74
C VAL AE 97 6.78 155.98 -44.79
N GLY AE 98 6.71 154.65 -44.76
CA GLY AE 98 7.52 153.89 -43.82
C GLY AE 98 9.00 153.99 -44.15
N ILE AE 99 9.83 153.89 -43.11
CA ILE AE 99 11.27 153.99 -43.25
C ILE AE 99 11.92 153.07 -42.23
N HIS AE 100 12.97 152.38 -42.66
CA HIS AE 100 13.74 151.50 -41.80
C HIS AE 100 14.51 152.31 -40.77
N PRO AE 101 14.57 151.87 -39.51
CA PRO AE 101 15.20 152.68 -38.45
C PRO AE 101 16.66 152.99 -38.68
N SER AE 102 17.40 152.16 -39.41
CA SER AE 102 18.83 152.38 -39.56
C SER AE 102 19.16 153.60 -40.40
N LYS AE 103 18.16 154.19 -41.07
CA LYS AE 103 18.40 155.31 -41.96
C LYS AE 103 17.94 156.64 -41.38
N VAL AE 104 17.72 156.70 -40.06
CA VAL AE 104 17.36 157.94 -39.39
C VAL AE 104 18.24 158.09 -38.17
N VAL AE 105 18.37 159.32 -37.70
CA VAL AE 105 19.12 159.64 -36.50
C VAL AE 105 18.17 160.25 -35.48
N ILE AE 106 18.20 159.73 -34.26
CA ILE AE 106 17.34 160.24 -33.21
C ILE AE 106 17.93 161.55 -32.69
N THR AE 107 17.05 162.52 -32.40
CA THR AE 107 17.48 163.85 -32.02
C THR AE 107 17.08 164.23 -30.61
N ARG AE 108 15.84 163.94 -30.21
CA ARG AE 108 15.42 164.08 -28.83
C ARG AE 108 14.73 162.80 -28.42
N LEU AE 109 15.20 162.19 -27.33
CA LEU AE 109 14.67 160.91 -26.91
C LEU AE 109 13.51 161.09 -25.92
N LYS AE 110 12.75 160.02 -25.75
CA LYS AE 110 11.68 159.96 -24.76
C LYS AE 110 12.26 159.33 -23.50
N LEU AE 111 12.15 160.04 -22.39
CA LEU AE 111 12.79 159.63 -21.15
C LEU AE 111 11.77 159.05 -20.17
N ASP AE 112 12.18 157.99 -19.49
CA ASP AE 112 11.45 157.45 -18.35
C ASP AE 112 12.40 156.52 -17.59
N LYS AE 113 11.88 155.90 -16.53
CA LYS AE 113 12.76 155.21 -15.58
C LYS AE 113 13.52 154.05 -16.25
N ASP AE 114 12.83 153.26 -17.07
CA ASP AE 114 13.53 152.13 -17.68
C ASP AE 114 14.43 152.58 -18.82
N ARG AE 115 14.02 153.59 -19.58
CA ARG AE 115 14.91 154.14 -20.58
C ARG AE 115 16.14 154.76 -19.94
N LYS AE 116 15.95 155.51 -18.85
CA LYS AE 116 17.10 156.06 -18.13
C LYS AE 116 18.01 154.95 -17.64
N LYS AE 117 17.42 153.89 -17.08
CA LYS AE 117 18.21 152.79 -16.55
C LYS AE 117 19.01 152.10 -17.65
N ILE AE 118 18.38 151.86 -18.80
CA ILE AE 118 19.08 151.18 -19.88
C ILE AE 118 20.16 152.07 -20.48
N LEU AE 119 19.92 153.38 -20.55
CA LEU AE 119 20.94 154.29 -21.04
C LEU AE 119 22.14 154.30 -20.11
N GLU AE 120 21.89 154.37 -18.81
CA GLU AE 120 22.98 154.32 -17.84
C GLU AE 120 23.73 153.01 -17.96
N ARG AE 121 23.02 151.91 -18.14
CA ARG AE 121 23.67 150.60 -18.26
C ARG AE 121 24.56 150.56 -19.49
N LYS AE 122 24.07 151.03 -20.63
CA LYS AE 122 24.88 151.02 -21.84
C LYS AE 122 26.11 151.90 -21.69
N ALA AE 123 25.94 153.10 -21.12
CA ALA AE 123 27.07 153.99 -20.94
C ALA AE 123 28.11 153.38 -20.00
N LYS AE 124 27.65 152.78 -18.91
CA LYS AE 124 28.55 152.14 -17.96
C LYS AE 124 29.31 151.00 -18.63
N SER AE 125 28.62 150.18 -19.43
CA SER AE 125 29.31 149.08 -20.10
C SER AE 125 30.35 149.60 -21.09
N ARG AE 126 30.01 150.66 -21.83
CA ARG AE 126 30.99 151.22 -22.74
C ARG AE 126 32.18 151.79 -21.98
N GLN AE 127 31.93 152.38 -20.82
CA GLN AE 127 33.04 152.86 -19.99
C GLN AE 127 33.89 151.70 -19.50
N VAL AE 128 33.25 150.56 -19.19
CA VAL AE 128 34.00 149.38 -18.81
C VAL AE 128 34.91 148.95 -19.94
N GLY AE 129 34.39 148.94 -21.16
CA GLY AE 129 35.24 148.66 -22.30
C GLY AE 129 36.37 149.67 -22.45
N LYS AE 130 36.07 150.95 -22.19
CA LYS AE 130 37.08 152.00 -22.29
C LYS AE 130 38.22 151.78 -21.29
N GLU AE 131 37.87 151.47 -20.05
CA GLU AE 131 38.89 151.29 -19.03
C GLU AE 131 39.64 149.98 -19.20
N LYS AE 132 38.98 148.96 -19.76
CA LYS AE 132 39.70 147.75 -20.14
C LYS AE 132 40.71 148.05 -21.23
N GLY AE 133 40.31 148.86 -22.21
CA GLY AE 133 41.23 149.32 -23.24
C GLY AE 133 41.84 150.66 -22.92
N LYS AE 134 42.40 150.80 -21.72
CA LYS AE 134 42.99 152.06 -21.28
C LYS AE 134 44.16 152.46 -22.16
N GLY BE 1 -81.16 50.32 -7.58
CA GLY BE 1 -82.10 51.24 -8.19
C GLY BE 1 -81.74 52.69 -7.93
N LYS BE 2 -82.71 53.46 -7.44
CA LYS BE 2 -82.45 54.85 -7.08
C LYS BE 2 -81.39 54.92 -5.99
N PHE BE 3 -80.43 55.82 -6.18
CA PHE BE 3 -79.34 55.94 -5.23
C PHE BE 3 -78.98 57.38 -4.88
N MET BE 4 -79.65 58.37 -5.47
CA MET BE 4 -79.49 59.77 -5.04
C MET BE 4 -80.30 60.01 -3.77
N LYS BE 5 -79.93 59.27 -2.75
CA LYS BE 5 -80.65 59.51 -1.52
C LYS BE 5 -79.97 60.62 -0.73
N PRO BE 6 -80.76 61.43 -0.02
CA PRO BE 6 -80.17 62.50 0.80
C PRO BE 6 -79.23 61.94 1.84
N GLY BE 7 -78.20 62.73 2.16
CA GLY BE 7 -77.14 62.31 3.05
C GLY BE 7 -75.95 61.70 2.36
N LYS BE 8 -76.01 61.49 1.05
CA LYS BE 8 -74.91 60.92 0.29
C LYS BE 8 -74.01 62.05 -0.21
N VAL BE 9 -72.69 61.85 -0.09
CA VAL BE 9 -71.76 62.86 -0.56
C VAL BE 9 -71.72 62.81 -2.08
N VAL BE 10 -71.53 63.98 -2.69
CA VAL BE 10 -71.55 64.12 -4.14
C VAL BE 10 -70.58 65.22 -4.55
N LEU BE 11 -69.91 65.01 -5.67
CA LEU BE 11 -68.89 65.92 -6.17
C LEU BE 11 -69.48 66.91 -7.16
N VAL BE 12 -68.74 67.98 -7.43
CA VAL BE 12 -69.16 69.02 -8.34
C VAL BE 12 -68.39 68.88 -9.64
N LEU BE 13 -69.10 68.97 -10.76
CA LEU BE 13 -68.47 68.91 -12.07
C LEU BE 13 -68.40 70.25 -12.77
N ALA BE 14 -69.43 71.08 -12.62
CA ALA BE 14 -69.47 72.37 -13.32
C ALA BE 14 -69.61 73.53 -12.35
N GLY BE 15 -69.76 74.74 -12.87
CA GLY BE 15 -70.06 75.89 -12.04
C GLY BE 15 -68.86 76.42 -11.28
N ARG BE 16 -69.09 77.53 -10.59
CA ARG BE 16 -68.03 78.20 -9.84
C ARG BE 16 -67.40 77.28 -8.80
N TYR BE 17 -68.21 76.43 -8.18
CA TYR BE 17 -67.77 75.61 -7.07
C TYR BE 17 -67.35 74.23 -7.56
N SER BE 18 -66.80 74.18 -8.76
CA SER BE 18 -66.36 72.93 -9.34
C SER BE 18 -65.29 72.28 -8.48
N GLY BE 19 -65.33 70.95 -8.40
CA GLY BE 19 -64.41 70.24 -7.55
C GLY BE 19 -64.60 70.49 -6.07
N ARG BE 20 -65.83 70.47 -5.59
CA ARG BE 20 -66.12 70.55 -4.16
C ARG BE 20 -66.92 69.34 -3.74
N LYS BE 21 -66.49 68.69 -2.66
CA LYS BE 21 -67.33 67.68 -2.04
C LYS BE 21 -68.60 68.33 -1.52
N ALA BE 22 -69.73 67.65 -1.71
CA ALA BE 22 -71.00 68.19 -1.26
C ALA BE 22 -71.90 67.03 -0.90
N VAL BE 23 -72.91 67.29 -0.08
CA VAL BE 23 -73.87 66.28 0.33
C VAL BE 23 -75.24 66.68 -0.18
N ILE BE 24 -75.92 65.73 -0.82
CA ILE BE 24 -77.27 65.98 -1.30
C ILE BE 24 -78.18 66.29 -0.13
N VAL BE 25 -78.92 67.40 -0.25
CA VAL BE 25 -79.89 67.74 0.79
C VAL BE 25 -81.23 67.10 0.50
N LYS BE 26 -81.82 67.41 -0.65
CA LYS BE 26 -83.03 66.75 -1.11
C LYS BE 26 -82.97 66.61 -2.62
N ASN BE 27 -83.35 65.45 -3.12
CA ASN BE 27 -83.34 65.18 -4.56
C ASN BE 27 -84.75 65.25 -5.11
N ILE BE 28 -84.85 65.50 -6.41
CA ILE BE 28 -86.13 65.60 -7.11
C ILE BE 28 -86.24 64.52 -8.17
N ASP BE 29 -85.32 64.48 -9.12
CA ASP BE 29 -85.20 63.39 -10.09
C ASP BE 29 -86.32 63.45 -11.13
N ASP BE 30 -87.33 64.30 -10.91
CA ASP BE 30 -88.47 64.36 -11.81
C ASP BE 30 -88.72 65.73 -12.43
N GLY BE 31 -88.09 66.79 -11.95
CA GLY BE 31 -88.38 68.11 -12.47
C GLY BE 31 -89.67 68.66 -11.90
N THR BE 32 -89.74 69.99 -11.75
CA THR BE 32 -90.90 70.64 -11.16
C THR BE 32 -91.49 71.68 -12.10
N SER BE 33 -91.37 71.45 -13.40
CA SER BE 33 -91.95 72.31 -14.45
C SER BE 33 -91.28 73.67 -14.47
N ASP BE 34 -90.41 73.93 -13.51
CA ASP BE 34 -89.52 75.08 -13.54
C ASP BE 34 -88.07 74.67 -13.79
N ARG BE 35 -87.69 73.50 -13.32
CA ARG BE 35 -86.43 72.85 -13.69
C ARG BE 35 -86.79 71.45 -14.14
N PRO BE 36 -87.30 71.30 -15.36
CA PRO BE 36 -87.79 69.98 -15.80
C PRO BE 36 -86.71 68.91 -15.75
N TYR BE 37 -85.45 69.28 -15.86
CA TYR BE 37 -84.38 68.32 -15.71
C TYR BE 37 -84.34 67.77 -14.29
N SER BE 38 -83.91 66.52 -14.17
CA SER BE 38 -83.73 65.90 -12.86
C SER BE 38 -82.65 66.68 -12.11
N HIS BE 39 -83.05 67.37 -11.06
CA HIS BE 39 -82.15 68.26 -10.34
C HIS BE 39 -82.19 67.91 -8.86
N ALA BE 40 -81.27 68.51 -8.10
CA ALA BE 40 -81.12 68.17 -6.70
C ALA BE 40 -80.66 69.40 -5.93
N LEU BE 41 -81.32 69.67 -4.81
CA LEU BE 41 -80.84 70.71 -3.90
C LEU BE 41 -79.74 70.11 -3.05
N VAL BE 42 -78.55 70.72 -3.10
CA VAL BE 42 -77.36 70.15 -2.49
C VAL BE 42 -76.62 71.23 -1.72
N ALA BE 43 -76.14 70.87 -0.53
CA ALA BE 43 -75.29 71.73 0.27
C ALA BE 43 -73.86 71.19 0.24
N GLY BE 44 -72.90 72.08 0.14
CA GLY BE 44 -71.51 71.69 0.03
C GLY BE 44 -70.60 72.63 0.79
N ILE BE 45 -69.30 72.42 0.60
CA ILE BE 45 -68.26 73.16 1.31
C ILE BE 45 -67.35 73.82 0.29
N ASP BE 46 -67.08 75.11 0.49
CA ASP BE 46 -66.15 75.82 -0.39
C ASP BE 46 -64.73 75.80 0.17
N ARG BE 47 -64.54 76.35 1.37
CA ARG BE 47 -63.22 76.54 1.95
C ARG BE 47 -62.92 75.38 2.88
N TYR BE 48 -62.07 74.46 2.43
CA TYR BE 48 -61.69 73.33 3.28
C TYR BE 48 -60.87 73.83 4.47
N PRO BE 49 -60.89 73.10 5.58
CA PRO BE 49 -60.01 73.45 6.70
C PRO BE 49 -58.56 73.24 6.28
N ARG BE 50 -57.69 74.12 6.80
CA ARG BE 50 -56.29 74.02 6.44
C ARG BE 50 -55.60 72.89 7.23
N LYS BE 51 -54.45 72.46 6.71
CA LYS BE 51 -53.70 71.40 7.36
C LYS BE 51 -53.29 71.81 8.77
N VAL BE 52 -53.56 70.95 9.74
CA VAL BE 52 -53.36 71.26 11.15
C VAL BE 52 -52.46 70.20 11.75
N THR BE 53 -51.31 70.63 12.28
CA THR BE 53 -50.35 69.71 12.87
C THR BE 53 -50.42 69.76 14.40
N ALA BE 54 -49.51 69.05 15.04
CA ALA BE 54 -49.64 68.80 16.47
C ALA BE 54 -49.52 70.09 17.28
N ALA BE 55 -48.47 70.87 17.08
CA ALA BE 55 -48.08 71.90 18.03
C ALA BE 55 -48.12 73.28 17.39
N MET BE 56 -49.28 73.94 17.49
CA MET BE 56 -49.37 75.38 17.29
C MET BE 56 -49.92 76.09 18.50
N GLY BE 57 -51.03 75.61 19.06
CA GLY BE 57 -51.72 76.35 20.11
C GLY BE 57 -53.18 76.43 19.68
N LYS BE 58 -54.07 76.15 20.65
CA LYS BE 58 -55.47 75.92 20.34
C LYS BE 58 -56.11 77.07 19.58
N LYS BE 59 -55.63 78.30 19.77
CA LYS BE 59 -56.17 79.43 19.01
C LYS BE 59 -55.91 79.25 17.52
N LYS BE 60 -54.71 78.80 17.14
CA LYS BE 60 -54.41 78.63 15.73
C LYS BE 60 -55.22 77.51 15.12
N ILE BE 61 -55.43 76.41 15.85
CA ILE BE 61 -56.29 75.35 15.35
C ILE BE 61 -57.71 75.86 15.17
N ALA BE 62 -58.24 76.56 16.18
CA ALA BE 62 -59.60 77.08 16.09
C ALA BE 62 -59.75 78.03 14.90
N LYS BE 63 -58.72 78.85 14.66
CA LYS BE 63 -58.80 79.81 13.57
C LYS BE 63 -58.68 79.14 12.21
N ARG BE 64 -57.64 78.33 12.02
CA ARG BE 64 -57.42 77.75 10.71
C ARG BE 64 -58.37 76.60 10.41
N SER BE 65 -59.01 76.03 11.43
CA SER BE 65 -59.99 74.97 11.21
C SER BE 65 -61.40 75.55 11.22
N LYS BE 66 -61.63 76.52 10.34
CA LYS BE 66 -62.96 77.02 10.06
C LYS BE 66 -63.20 76.94 8.56
N ILE BE 67 -64.43 76.65 8.18
CA ILE BE 67 -64.78 76.31 6.80
C ILE BE 67 -65.99 77.13 6.37
N LYS BE 68 -66.07 77.39 5.07
CA LYS BE 68 -67.10 78.24 4.48
C LYS BE 68 -67.90 77.42 3.48
N SER BE 69 -69.20 77.30 3.73
CA SER BE 69 -70.06 76.36 3.02
C SER BE 69 -70.87 77.07 1.93
N PHE BE 70 -71.78 76.31 1.33
CA PHE BE 70 -72.71 76.82 0.34
C PHE BE 70 -73.84 75.82 0.16
N VAL BE 71 -74.94 76.28 -0.41
CA VAL BE 71 -76.08 75.43 -0.74
C VAL BE 71 -76.57 75.81 -2.13
N LYS BE 72 -76.76 74.80 -2.99
CA LYS BE 72 -77.18 75.05 -4.36
C LYS BE 72 -78.06 73.90 -4.84
N VAL BE 73 -78.59 74.06 -6.06
CA VAL BE 73 -79.67 73.23 -6.59
C VAL BE 73 -79.20 72.53 -7.86
N TYR BE 74 -77.93 72.12 -7.87
CA TYR BE 74 -77.26 71.57 -9.03
C TYR BE 74 -78.12 70.58 -9.81
N ASN BE 75 -77.95 70.61 -11.13
CA ASN BE 75 -78.53 69.58 -11.99
C ASN BE 75 -77.83 68.25 -11.78
N TYR BE 76 -78.57 67.17 -12.07
CA TYR BE 76 -77.98 65.83 -11.97
C TYR BE 76 -76.79 65.69 -12.91
N ASN BE 77 -76.88 66.26 -14.10
CA ASN BE 77 -75.76 66.15 -15.03
C ASN BE 77 -74.54 66.95 -14.57
N HIS BE 78 -74.64 67.66 -13.45
CA HIS BE 78 -73.52 68.45 -12.95
C HIS BE 78 -73.04 67.97 -11.58
N LEU BE 79 -73.34 66.73 -11.21
CA LEU BE 79 -72.89 66.22 -9.92
C LEU BE 79 -72.40 64.79 -10.08
N MET BE 80 -71.52 64.37 -9.17
CA MET BE 80 -70.89 63.05 -9.22
C MET BE 80 -71.26 62.24 -7.98
N PRO BE 81 -72.08 61.20 -8.11
CA PRO BE 81 -72.45 60.40 -6.94
C PRO BE 81 -71.25 59.66 -6.38
N THR BE 82 -71.32 59.38 -5.08
CA THR BE 82 -70.22 58.76 -4.37
C THR BE 82 -70.73 57.67 -3.45
N ARG BE 83 -69.89 56.65 -3.24
CA ARG BE 83 -70.26 55.56 -2.35
C ARG BE 83 -70.47 56.06 -0.94
N TYR BE 84 -69.71 57.06 -0.51
CA TYR BE 84 -69.77 57.52 0.87
C TYR BE 84 -71.07 58.29 1.11
N SER BE 85 -71.40 58.46 2.39
CA SER BE 85 -72.54 59.25 2.80
C SER BE 85 -72.27 59.76 4.21
N VAL BE 86 -72.70 60.98 4.48
CA VAL BE 86 -72.51 61.61 5.78
C VAL BE 86 -73.88 61.90 6.38
N ASP BE 87 -74.08 61.50 7.63
CA ASP BE 87 -75.38 61.60 8.28
C ASP BE 87 -75.51 62.90 9.07
N ILE BE 88 -75.51 64.01 8.34
CA ILE BE 88 -75.73 65.33 8.92
C ILE BE 88 -77.23 65.52 9.09
N PRO BE 89 -77.71 65.84 10.28
CA PRO BE 89 -79.15 66.14 10.46
C PRO BE 89 -79.47 67.60 10.17
N LEU BE 90 -79.13 68.05 8.97
CA LEU BE 90 -79.36 69.43 8.59
C LEU BE 90 -80.84 69.77 8.71
N ASP BE 91 -81.14 70.94 9.26
CA ASP BE 91 -82.52 71.35 9.46
C ASP BE 91 -83.18 71.59 8.12
N LYS BE 92 -84.17 70.74 7.79
CA LYS BE 92 -84.87 70.88 6.53
C LYS BE 92 -85.64 72.19 6.42
N THR BE 93 -85.99 72.79 7.55
CA THR BE 93 -86.76 74.04 7.53
C THR BE 93 -85.89 75.27 7.37
N VAL BE 94 -84.56 75.12 7.42
CA VAL BE 94 -83.70 76.26 7.12
C VAL BE 94 -83.06 76.13 5.75
N VAL BE 95 -82.82 74.91 5.27
CA VAL BE 95 -82.31 74.67 3.93
C VAL BE 95 -83.41 73.95 3.15
N ASN BE 96 -83.97 74.63 2.16
CA ASN BE 96 -85.02 74.05 1.34
C ASN BE 96 -85.06 74.81 0.01
N LYS BE 97 -85.95 74.38 -0.88
CA LYS BE 97 -85.91 74.84 -2.26
C LYS BE 97 -86.12 76.34 -2.39
N ASP BE 98 -87.11 76.90 -1.70
CA ASP BE 98 -87.44 78.31 -1.85
C ASP BE 98 -86.48 79.22 -1.09
N VAL BE 99 -85.34 78.68 -0.63
CA VAL BE 99 -84.33 79.52 -0.02
C VAL BE 99 -83.79 80.54 -1.02
N PHE BE 100 -83.73 80.16 -2.30
CA PHE BE 100 -83.13 81.03 -3.30
C PHE BE 100 -84.10 82.13 -3.70
N ARG BE 101 -84.65 82.83 -2.70
CA ARG BE 101 -85.48 83.99 -2.96
C ARG BE 101 -85.16 85.18 -2.07
N ASP BE 102 -84.58 84.97 -0.90
CA ASP BE 102 -84.20 86.06 -0.01
C ASP BE 102 -82.74 85.85 0.36
N PRO BE 103 -81.87 86.85 0.16
CA PRO BE 103 -80.48 86.70 0.59
C PRO BE 103 -80.35 86.40 2.08
N ALA BE 104 -81.25 86.91 2.91
CA ALA BE 104 -81.15 86.67 4.34
C ALA BE 104 -81.34 85.19 4.66
N LEU BE 105 -82.37 84.56 4.11
CA LEU BE 105 -82.57 83.14 4.35
C LEU BE 105 -81.43 82.32 3.80
N LYS BE 106 -80.92 82.68 2.62
CA LYS BE 106 -79.79 81.95 2.08
C LYS BE 106 -78.57 82.09 2.99
N ARG BE 107 -78.33 83.28 3.51
CA ARG BE 107 -77.21 83.48 4.43
C ARG BE 107 -77.38 82.63 5.68
N LYS BE 108 -78.59 82.61 6.25
CA LYS BE 108 -78.80 81.83 7.46
C LYS BE 108 -78.70 80.34 7.18
N ALA BE 109 -79.10 79.92 5.98
CA ALA BE 109 -78.94 78.53 5.58
C ALA BE 109 -77.46 78.17 5.48
N ARG BE 110 -76.68 79.06 4.88
CA ARG BE 110 -75.23 78.83 4.81
C ARG BE 110 -74.60 78.83 6.19
N ARG BE 111 -75.11 79.66 7.10
CA ARG BE 111 -74.65 79.66 8.48
C ARG BE 111 -74.91 78.32 9.15
N GLU BE 112 -76.12 77.81 8.99
CA GLU BE 112 -76.46 76.51 9.56
C GLU BE 112 -75.59 75.42 8.96
N ALA BE 113 -75.38 75.47 7.64
CA ALA BE 113 -74.50 74.51 7.00
C ALA BE 113 -73.10 74.59 7.57
N LYS BE 114 -72.60 75.81 7.75
CA LYS BE 114 -71.25 75.98 8.29
C LYS BE 114 -71.13 75.38 9.68
N VAL BE 115 -72.09 75.67 10.55
CA VAL BE 115 -71.95 75.22 11.93
C VAL BE 115 -72.10 73.71 12.02
N LYS BE 116 -73.02 73.12 11.25
CA LYS BE 116 -73.14 71.66 11.32
C LYS BE 116 -71.96 70.97 10.64
N PHE BE 117 -71.48 71.54 9.53
CA PHE BE 117 -70.27 71.03 8.90
C PHE BE 117 -69.12 71.01 9.90
N GLU BE 118 -68.99 72.07 10.70
CA GLU BE 118 -67.91 72.09 11.68
C GLU BE 118 -68.12 71.04 12.75
N GLU BE 119 -69.32 70.99 13.35
CA GLU BE 119 -69.51 70.10 14.49
C GLU BE 119 -69.29 68.65 14.07
N ARG BE 120 -69.77 68.26 12.89
CA ARG BE 120 -69.43 66.94 12.38
C ARG BE 120 -67.94 66.84 12.10
N TYR BE 121 -67.36 67.90 11.53
CA TYR BE 121 -65.95 67.88 11.17
C TYR BE 121 -65.06 67.72 12.39
N LYS BE 122 -65.41 68.41 13.48
CA LYS BE 122 -64.70 68.19 14.73
C LYS BE 122 -64.84 66.72 15.13
N THR BE 123 -63.92 66.28 16.00
CA THR BE 123 -63.83 64.91 16.51
C THR BE 123 -63.41 63.90 15.46
N GLY BE 124 -62.90 64.35 14.32
CA GLY BE 124 -62.22 63.47 13.38
C GLY BE 124 -63.07 62.35 12.82
N LYS BE 125 -64.31 62.64 12.45
CA LYS BE 125 -65.17 61.67 11.79
C LYS BE 125 -65.48 62.14 10.38
N ASN BE 126 -65.66 61.18 9.47
CA ASN BE 126 -65.91 61.47 8.06
C ASN BE 126 -64.81 62.36 7.49
N LYS BE 127 -63.57 61.96 7.79
CA LYS BE 127 -62.41 62.71 7.35
C LYS BE 127 -62.40 62.92 5.84
N TRP BE 128 -62.79 61.90 5.08
CA TRP BE 128 -62.74 61.99 3.64
C TRP BE 128 -63.58 63.14 3.11
N PHE BE 129 -64.67 63.46 3.78
CA PHE BE 129 -65.53 64.54 3.33
C PHE BE 129 -64.82 65.88 3.35
N PHE BE 130 -64.14 66.18 4.46
CA PHE BE 130 -63.61 67.52 4.66
C PHE BE 130 -62.20 67.69 4.10
N GLN BE 131 -61.49 66.61 3.84
CA GLN BE 131 -60.16 66.73 3.26
C GLN BE 131 -60.24 67.21 1.82
N LYS BE 132 -59.26 68.00 1.43
CA LYS BE 132 -59.26 68.59 0.10
C LYS BE 132 -59.01 67.54 -0.97
N LEU BE 133 -59.74 67.63 -2.06
CA LEU BE 133 -59.53 66.75 -3.21
C LEU BE 133 -58.35 67.28 -4.03
N ARG BE 134 -57.39 66.42 -4.33
CA ARG BE 134 -56.20 66.83 -5.05
C ARG BE 134 -56.30 66.33 -6.49
N PHE BE 135 -56.57 67.24 -7.40
CA PHE BE 135 -56.63 66.90 -8.82
C PHE BE 135 -55.71 67.83 -9.60
N PRO CE 1 39.86 112.72 -62.34
CA PRO CE 1 39.67 113.70 -63.41
C PRO CE 1 38.71 113.21 -64.49
N SER CE 2 37.46 113.66 -64.41
CA SER CE 2 36.47 113.31 -65.41
C SER CE 2 36.76 113.90 -66.78
N ARG CE 3 37.44 115.03 -66.85
CA ARG CE 3 37.64 115.72 -68.11
C ARG CE 3 38.71 115.08 -69.00
N LEU CE 4 39.49 114.14 -68.47
CA LEU CE 4 40.48 113.42 -69.26
C LEU CE 4 39.96 112.07 -69.73
N ARG CE 5 38.71 111.76 -69.46
CA ARG CE 5 38.19 110.42 -69.71
C ARG CE 5 37.84 110.21 -71.17
N LYS CE 6 37.79 108.93 -71.56
CA LYS CE 6 37.50 108.57 -72.94
C LYS CE 6 36.12 109.04 -73.37
N THR CE 7 35.14 108.97 -72.48
CA THR CE 7 33.76 109.27 -72.85
C THR CE 7 33.59 110.71 -73.31
N ARG CE 8 34.27 111.65 -72.66
CA ARG CE 8 34.21 113.03 -73.14
C ARG CE 8 34.63 113.13 -74.59
N LYS CE 9 35.59 112.32 -75.04
CA LYS CE 9 35.93 112.24 -76.45
C LYS CE 9 34.99 111.35 -77.22
N LEU CE 10 34.08 110.64 -76.54
CA LEU CE 10 33.13 109.75 -77.19
C LEU CE 10 31.71 110.27 -77.16
N ARG CE 11 31.48 111.45 -76.61
CA ARG CE 11 30.11 111.92 -76.41
C ARG CE 11 29.52 112.49 -77.69
N GLY CE 12 29.68 111.75 -78.79
CA GLY CE 12 28.96 112.05 -80.01
C GLY CE 12 28.60 110.83 -80.80
N HIS CE 13 28.98 109.66 -80.29
CA HIS CE 13 28.96 108.41 -81.05
C HIS CE 13 27.92 107.48 -80.46
N VAL CE 14 27.01 107.01 -81.32
CA VAL CE 14 25.83 106.29 -80.83
C VAL CE 14 26.24 105.02 -80.07
N SER CE 15 27.23 104.29 -80.55
CA SER CE 15 27.64 103.06 -79.90
C SER CE 15 28.56 103.30 -78.70
N HIS CE 16 29.04 104.52 -78.52
CA HIS CE 16 29.90 104.86 -77.38
C HIS CE 16 31.11 103.93 -77.31
N GLY CE 17 31.69 103.65 -78.47
CA GLY CE 17 32.85 102.77 -78.50
C GLY CE 17 32.56 101.35 -78.10
N HIS CE 18 31.38 100.84 -78.45
CA HIS CE 18 31.04 99.47 -78.11
C HIS CE 18 30.47 98.69 -79.29
N GLY CE 19 30.50 99.25 -80.50
CA GLY CE 19 30.12 98.50 -81.68
C GLY CE 19 28.65 98.56 -82.02
N ARG CE 20 28.33 98.97 -83.25
CA ARG CE 20 26.95 98.96 -83.69
C ARG CE 20 26.39 97.55 -83.69
N ILE CE 21 27.13 96.61 -84.28
CA ILE CE 21 26.75 95.21 -84.18
C ILE CE 21 26.65 94.82 -82.72
N GLY CE 22 27.76 94.93 -81.99
CA GLY CE 22 27.81 94.80 -80.55
C GLY CE 22 26.91 93.75 -79.95
N LYS CE 23 26.17 94.13 -78.92
CA LYS CE 23 26.30 95.45 -78.34
C LYS CE 23 26.76 95.29 -76.91
N HIS CE 24 26.95 96.38 -76.18
CA HIS CE 24 27.34 96.27 -74.78
C HIS CE 24 26.12 95.85 -73.98
N ARG CE 25 25.77 94.58 -74.11
CA ARG CE 25 24.62 94.03 -73.42
C ARG CE 25 24.96 93.86 -71.93
N LYS CE 26 24.02 93.27 -71.20
CA LYS CE 26 24.18 93.19 -69.74
C LYS CE 26 25.32 92.27 -69.36
N HIS CE 27 25.25 91.00 -69.76
CA HIS CE 27 26.27 90.02 -69.39
C HIS CE 27 26.32 88.93 -70.44
N PRO CE 28 27.20 89.06 -71.43
CA PRO CE 28 27.40 88.00 -72.39
C PRO CE 28 28.21 86.87 -71.77
N GLY CE 29 27.78 85.64 -72.01
CA GLY CE 29 28.50 84.48 -71.51
C GLY CE 29 28.23 84.14 -70.06
N GLY CE 30 28.14 85.15 -69.20
CA GLY CE 30 27.87 84.91 -67.81
C GLY CE 30 28.47 85.95 -66.89
N ARG CE 31 28.32 85.76 -65.59
CA ARG CE 31 28.82 86.69 -64.60
C ARG CE 31 30.07 86.13 -63.93
N GLY CE 32 31.01 87.01 -63.65
CA GLY CE 32 32.20 86.59 -62.92
C GLY CE 32 33.00 85.56 -63.71
N ASN CE 33 33.24 84.42 -63.08
CA ASN CE 33 34.04 83.34 -63.65
C ASN CE 33 33.17 82.23 -64.20
N ALA CE 34 32.02 82.58 -64.78
CA ALA CE 34 31.11 81.57 -65.30
C ALA CE 34 31.71 80.84 -66.48
N GLY CE 35 31.32 79.58 -66.63
CA GLY CE 35 31.73 78.81 -67.79
C GLY CE 35 33.20 78.51 -67.84
N GLY CE 36 33.90 78.55 -66.71
CA GLY CE 36 35.32 78.28 -66.70
C GLY CE 36 35.71 76.91 -67.20
N LEU CE 37 34.76 75.98 -67.25
CA LEU CE 37 34.98 74.64 -67.79
C LEU CE 37 34.13 74.29 -68.99
N HIS CE 38 33.24 75.18 -69.43
CA HIS CE 38 32.34 74.84 -70.52
C HIS CE 38 32.57 75.70 -71.75
N HIS CE 39 32.45 77.02 -71.64
CA HIS CE 39 32.69 77.88 -72.79
C HIS CE 39 33.85 78.86 -72.59
N HIS CE 40 34.20 79.18 -71.35
CA HIS CE 40 35.40 79.94 -71.07
C HIS CE 40 36.58 79.03 -70.80
N ARG CE 41 36.47 77.76 -71.21
CA ARG CE 41 37.47 76.78 -70.82
C ARG CE 41 38.86 77.18 -71.35
N ILE CE 42 38.94 77.56 -72.63
CA ILE CE 42 40.21 77.69 -73.32
C ILE CE 42 41.08 78.74 -72.64
N ASN CE 43 40.52 79.93 -72.42
CA ASN CE 43 41.31 80.97 -71.76
C ASN CE 43 41.77 80.51 -70.38
N PHE CE 44 40.89 79.82 -69.65
CA PHE CE 44 41.24 79.37 -68.31
C PHE CE 44 42.46 78.45 -68.34
N ASP CE 45 42.39 77.35 -69.09
CA ASP CE 45 43.51 76.43 -68.99
C ASP CE 45 44.72 76.91 -69.77
N LYS CE 46 44.56 77.89 -70.67
CA LYS CE 46 45.71 78.48 -71.32
C LYS CE 46 46.46 79.42 -70.41
N TYR CE 47 45.73 80.21 -69.61
CA TYR CE 47 46.37 81.23 -68.79
C TYR CE 47 46.45 80.86 -67.32
N HIS CE 48 45.59 79.97 -66.83
CA HIS CE 48 45.64 79.50 -65.45
C HIS CE 48 45.59 77.98 -65.42
N PRO CE 49 46.63 77.31 -65.90
CA PRO CE 49 46.69 75.86 -65.73
C PRO CE 49 46.80 75.51 -64.26
N GLY CE 50 46.22 74.37 -63.89
CA GLY CE 50 46.23 73.95 -62.51
C GLY CE 50 45.15 74.56 -61.65
N TYR CE 51 44.17 75.23 -62.24
CA TYR CE 51 43.16 75.91 -61.45
C TYR CE 51 42.15 74.92 -60.84
N PHE CE 52 41.83 73.84 -61.55
CA PHE CE 52 40.76 72.94 -61.16
C PHE CE 52 41.34 71.65 -60.62
N GLY CE 53 40.98 71.30 -59.39
CA GLY CE 53 41.33 70.03 -58.81
C GLY CE 53 41.81 70.16 -57.37
N LYS CE 54 42.17 69.01 -56.80
CA LYS CE 54 42.69 68.90 -55.45
C LYS CE 54 44.11 68.35 -55.48
N VAL CE 55 44.88 68.70 -54.47
CA VAL CE 55 46.24 68.19 -54.34
C VAL CE 55 46.75 68.47 -52.94
N GLY CE 56 47.52 67.53 -52.39
CA GLY CE 56 48.28 67.76 -51.19
C GLY CE 56 47.52 67.48 -49.90
N MET CE 57 48.21 67.72 -48.80
CA MET CE 57 47.66 67.59 -47.46
C MET CE 57 46.60 68.64 -47.22
N LYS CE 58 45.64 68.29 -46.38
CA LYS CE 58 44.68 69.26 -45.89
C LYS CE 58 44.86 69.40 -44.39
N HIS CE 59 45.23 70.59 -43.95
CA HIS CE 59 45.71 70.82 -42.58
C HIS CE 59 44.79 71.82 -41.89
N TYR CE 60 44.01 71.32 -40.93
CA TYR CE 60 43.13 72.19 -40.16
C TYR CE 60 43.93 73.01 -39.15
N HIS CE 61 43.43 74.22 -38.87
CA HIS CE 61 43.94 75.07 -37.79
C HIS CE 61 45.45 75.30 -37.95
N LEU CE 62 45.86 75.53 -39.19
CA LEU CE 62 47.26 75.82 -39.48
C LEU CE 62 47.61 77.19 -38.90
N LYS CE 63 48.54 77.20 -37.95
CA LYS CE 63 49.01 78.43 -37.34
C LYS CE 63 50.36 78.79 -37.94
N ARG CE 64 50.37 79.79 -38.83
CA ARG CE 64 51.61 80.17 -39.48
C ARG CE 64 52.71 80.52 -38.48
N ASN CE 65 52.33 81.02 -37.30
CA ASN CE 65 53.30 81.53 -36.35
C ASN CE 65 54.33 80.47 -35.97
N GLN CE 66 53.89 79.24 -35.72
CA GLN CE 66 54.83 78.18 -35.39
C GLN CE 66 55.72 77.85 -36.57
N SER CE 67 55.27 78.14 -37.79
CA SER CE 67 56.07 77.90 -38.98
C SER CE 67 56.89 79.12 -39.39
N PHE CE 68 56.74 80.24 -38.70
CA PHE CE 68 57.42 81.47 -39.08
C PHE CE 68 58.92 81.32 -38.90
N CYS CE 69 59.68 81.59 -39.97
CA CYS CE 69 61.14 81.49 -39.92
C CYS CE 69 61.72 82.31 -41.05
N PRO CE 70 62.09 83.56 -40.78
CA PRO CE 70 62.76 84.38 -41.80
C PRO CE 70 64.16 83.88 -42.07
N THR CE 71 64.64 84.19 -43.28
CA THR CE 71 65.90 83.67 -43.77
C THR CE 71 66.83 84.79 -44.21
N VAL CE 72 68.13 84.53 -44.11
CA VAL CE 72 69.15 85.47 -44.57
C VAL CE 72 70.23 84.69 -45.30
N ASN CE 73 70.96 85.38 -46.15
CA ASN CE 73 72.04 84.79 -46.93
C ASN CE 73 73.35 85.45 -46.57
N LEU CE 74 74.43 84.68 -46.73
CA LEU CE 74 75.73 85.12 -46.23
C LEU CE 74 76.20 86.38 -46.93
N ASP CE 75 75.72 86.62 -48.14
CA ASP CE 75 76.07 87.88 -48.79
C ASP CE 75 75.60 89.06 -47.97
N LYS CE 76 74.55 88.88 -47.18
CA LYS CE 76 73.96 89.97 -46.42
C LYS CE 76 74.34 89.95 -44.94
N LEU CE 77 75.06 88.93 -44.48
CA LEU CE 77 75.23 88.80 -43.03
C LEU CE 77 76.08 89.94 -42.47
N TRP CE 78 76.77 90.67 -43.32
CA TRP CE 78 77.57 91.75 -42.75
C TRP CE 78 76.77 93.03 -42.56
N THR CE 79 75.56 93.12 -43.12
CA THR CE 79 74.83 94.38 -43.06
C THR CE 79 74.07 94.58 -41.75
N LEU CE 80 73.86 93.51 -40.97
CA LEU CE 80 73.12 93.63 -39.72
C LEU CE 80 73.89 94.37 -38.64
N VAL CE 81 75.20 94.58 -38.81
CA VAL CE 81 76.03 95.20 -37.80
C VAL CE 81 76.73 96.42 -38.41
N SER CE 82 77.33 97.22 -37.53
CA SER CE 82 77.96 98.46 -37.95
C SER CE 82 79.22 98.19 -38.75
N GLU CE 83 79.51 99.09 -39.70
CA GLU CE 83 80.75 98.99 -40.47
C GLU CE 83 81.96 99.20 -39.58
N GLN CE 84 81.76 99.89 -38.46
CA GLN CE 84 82.83 100.04 -37.47
C GLN CE 84 83.28 98.69 -36.97
N THR CE 85 82.33 97.77 -36.76
CA THR CE 85 82.70 96.38 -36.49
C THR CE 85 83.61 95.85 -37.58
N ARG CE 86 83.26 96.12 -38.84
CA ARG CE 86 84.03 95.54 -39.95
C ARG CE 86 85.45 96.09 -40.00
N VAL CE 87 85.61 97.40 -39.82
CA VAL CE 87 86.93 97.99 -39.93
C VAL CE 87 87.81 97.57 -38.76
N ASN CE 88 87.23 97.50 -37.55
CA ASN CE 88 88.03 97.04 -36.42
C ASN CE 88 88.31 95.55 -36.49
N ALA CE 89 87.43 94.77 -37.12
CA ALA CE 89 87.68 93.34 -37.27
C ALA CE 89 88.74 93.06 -38.31
N ALA CE 90 88.68 93.76 -39.44
CA ALA CE 90 89.69 93.55 -40.48
C ALA CE 90 91.07 93.94 -39.98
N LYS CE 91 91.15 95.02 -39.20
CA LYS CE 91 92.42 95.50 -38.69
C LYS CE 91 92.73 94.98 -37.29
N ASN CE 92 91.94 94.05 -36.77
CA ASN CE 92 92.25 93.47 -35.47
C ASN CE 92 93.57 92.71 -35.55
N LYS CE 93 94.39 92.85 -34.50
CA LYS CE 93 95.68 92.17 -34.49
C LYS CE 93 95.50 90.67 -34.28
N THR CE 94 94.67 90.29 -33.31
CA THR CE 94 94.55 88.90 -32.91
C THR CE 94 93.55 88.18 -33.82
N GLY CE 95 93.17 86.96 -33.44
CA GLY CE 95 92.19 86.21 -34.18
C GLY CE 95 90.78 86.47 -33.68
N ALA CE 96 90.63 87.57 -32.94
CA ALA CE 96 89.32 87.93 -32.42
C ALA CE 96 88.35 88.18 -33.55
N ALA CE 97 87.25 87.44 -33.55
CA ALA CE 97 86.24 87.61 -34.57
C ALA CE 97 84.97 88.10 -33.90
N PRO CE 98 84.20 88.97 -34.54
CA PRO CE 98 82.98 89.50 -33.91
C PRO CE 98 81.84 88.50 -33.92
N ILE CE 99 80.82 88.79 -33.12
CA ILE CE 99 79.65 87.92 -33.04
C ILE CE 99 78.51 88.54 -33.84
N ILE CE 100 77.64 87.69 -34.37
CA ILE CE 100 76.47 88.13 -35.13
C ILE CE 100 75.23 87.45 -34.57
N ASP CE 101 74.25 88.26 -34.17
CA ASP CE 101 72.98 87.75 -33.64
C ASP CE 101 71.90 88.04 -34.66
N VAL CE 102 71.73 87.13 -35.63
CA VAL CE 102 70.68 87.29 -36.61
C VAL CE 102 69.30 87.19 -35.97
N VAL CE 103 69.19 86.51 -34.82
CA VAL CE 103 67.94 86.48 -34.10
C VAL CE 103 67.63 87.85 -33.53
N ARG CE 104 68.66 88.55 -33.03
CA ARG CE 104 68.46 89.89 -32.49
C ARG CE 104 67.92 90.83 -33.56
N SER CE 105 68.52 90.81 -34.75
CA SER CE 105 67.95 91.55 -35.87
C SER CE 105 66.58 91.00 -36.23
N GLY CE 106 66.42 89.68 -36.16
CA GLY CE 106 65.12 89.10 -36.41
C GLY CE 106 65.08 88.03 -37.48
N TYR CE 107 66.21 87.37 -37.73
CA TYR CE 107 66.25 86.27 -38.67
C TYR CE 107 66.59 84.99 -37.93
N TYR CE 108 66.20 83.85 -38.51
CA TYR CE 108 66.32 82.57 -37.83
C TYR CE 108 67.22 81.59 -38.56
N LYS CE 109 67.03 81.41 -39.87
CA LYS CE 109 67.78 80.43 -40.64
C LYS CE 109 68.70 81.14 -41.63
N VAL CE 110 69.96 80.72 -41.68
CA VAL CE 110 70.95 81.31 -42.56
C VAL CE 110 71.06 80.45 -43.79
N LEU CE 111 70.75 81.02 -44.95
CA LEU CE 111 70.83 80.30 -46.21
C LEU CE 111 72.25 80.38 -46.75
N GLY CE 112 72.46 79.88 -47.96
CA GLY CE 112 73.80 79.66 -48.47
C GLY CE 112 74.20 80.46 -49.69
N LYS CE 113 73.32 81.30 -50.21
CA LYS CE 113 73.68 82.13 -51.34
C LYS CE 113 74.66 83.22 -50.91
N GLY CE 114 75.69 83.43 -51.73
CA GLY CE 114 76.64 84.52 -51.53
C GLY CE 114 78.04 84.03 -51.21
N LYS CE 115 78.92 85.00 -51.02
CA LYS CE 115 80.31 84.76 -50.66
C LYS CE 115 80.70 85.69 -49.51
N LEU CE 116 81.85 85.40 -48.89
CA LEU CE 116 82.18 86.16 -47.70
C LEU CE 116 83.53 86.84 -47.84
N PRO CE 117 83.70 88.03 -47.29
CA PRO CE 117 85.04 88.61 -47.18
C PRO CE 117 85.89 87.74 -46.27
N LYS CE 118 87.19 87.68 -46.59
CA LYS CE 118 88.08 86.72 -45.94
C LYS CE 118 88.48 87.19 -44.54
N GLN CE 119 87.71 86.77 -43.54
CA GLN CE 119 88.10 86.94 -42.13
C GLN CE 119 87.21 86.03 -41.29
N PRO CE 120 87.66 85.63 -40.11
CA PRO CE 120 86.79 84.86 -39.22
C PRO CE 120 85.66 85.71 -38.68
N VAL CE 121 84.54 85.05 -38.39
CA VAL CE 121 83.35 85.72 -37.88
C VAL CE 121 82.46 84.70 -37.19
N ILE CE 122 81.86 85.08 -36.07
CA ILE CE 122 80.96 84.21 -35.31
C ILE CE 122 79.53 84.65 -35.54
N VAL CE 123 78.70 83.71 -35.95
CA VAL CE 123 77.31 83.98 -36.25
C VAL CE 123 76.44 83.11 -35.36
N LYS CE 124 75.48 83.73 -34.68
CA LYS CE 124 74.51 83.02 -33.86
C LYS CE 124 73.18 82.99 -34.61
N ALA CE 125 72.65 81.79 -34.78
CA ALA CE 125 71.38 81.62 -35.48
C ALA CE 125 70.75 80.31 -35.03
N LYS CE 126 69.47 80.17 -35.34
CA LYS CE 126 68.75 78.94 -35.02
C LYS CE 126 69.05 77.82 -36.01
N PHE CE 127 68.82 78.04 -37.30
CA PHE CE 127 69.02 77.03 -38.32
C PHE CE 127 70.05 77.52 -39.33
N PHE CE 128 70.80 76.58 -39.88
CA PHE CE 128 71.75 76.89 -40.94
C PHE CE 128 71.60 75.87 -42.06
N SER CE 129 71.90 76.31 -43.28
CA SER CE 129 71.99 75.40 -44.40
C SER CE 129 73.40 74.82 -44.48
N ARG CE 130 73.50 73.64 -45.07
CA ARG CE 130 74.78 72.94 -45.15
C ARG CE 130 75.81 73.76 -45.92
N ARG CE 131 75.41 74.30 -47.08
CA ARG CE 131 76.32 75.12 -47.86
C ARG CE 131 76.80 76.32 -47.07
N ALA CE 132 75.89 76.95 -46.32
CA ALA CE 132 76.30 78.03 -45.43
C ALA CE 132 77.34 77.53 -44.42
N GLU CE 133 77.19 76.28 -43.98
CA GLU CE 133 78.13 75.75 -42.99
C GLU CE 133 79.55 75.69 -43.54
N GLU CE 134 79.73 75.06 -44.72
CA GLU CE 134 81.10 75.04 -45.23
C GLU CE 134 81.55 76.42 -45.66
N LYS CE 135 80.62 77.29 -46.05
CA LYS CE 135 81.04 78.64 -46.43
C LYS CE 135 81.65 79.38 -45.25
N ILE CE 136 80.99 79.34 -44.10
CA ILE CE 136 81.56 80.02 -42.93
C ILE CE 136 82.81 79.28 -42.46
N LYS CE 137 82.81 77.94 -42.54
CA LYS CE 137 83.98 77.19 -42.08
C LYS CE 137 85.20 77.53 -42.92
N SER CE 138 85.01 77.71 -44.23
CA SER CE 138 86.14 77.98 -45.11
C SER CE 138 86.83 79.29 -44.77
N VAL CE 139 86.05 80.34 -44.50
CA VAL CE 139 86.62 81.64 -44.20
C VAL CE 139 87.33 81.68 -42.86
N GLY CE 140 87.27 80.59 -42.10
CA GLY CE 140 87.83 80.53 -40.77
C GLY CE 140 86.82 80.78 -39.67
N GLY CE 141 85.68 81.37 -40.00
CA GLY CE 141 84.64 81.55 -39.02
C GLY CE 141 84.00 80.24 -38.61
N ALA CE 142 83.32 80.28 -37.47
CA ALA CE 142 82.71 79.10 -36.89
C ALA CE 142 81.20 79.28 -36.82
N CYS CE 143 80.52 78.17 -36.55
CA CYS CE 143 79.06 78.09 -36.58
C CYS CE 143 78.55 77.73 -35.19
N VAL CE 144 78.13 78.75 -34.43
CA VAL CE 144 77.44 78.52 -33.15
C VAL CE 144 75.96 78.75 -33.38
N LEU CE 145 75.14 77.93 -32.73
CA LEU CE 145 73.70 78.00 -32.90
C LEU CE 145 73.03 78.11 -31.54
N VAL CE 146 71.87 78.77 -31.52
CA VAL CE 146 71.10 78.97 -30.30
C VAL CE 146 69.65 78.62 -30.58
N ALA CE 147 68.92 78.33 -29.52
CA ALA CE 147 67.49 78.06 -29.62
C ALA CE 147 66.71 79.37 -29.62
N ALA DE 1 18.71 79.19 -88.03
CA ALA DE 1 18.57 78.92 -89.46
C ALA DE 1 19.89 78.42 -90.04
N LYS DE 2 19.87 78.08 -91.32
CA LYS DE 2 21.09 77.70 -91.99
C LYS DE 2 22.06 78.87 -92.05
N SER DE 3 23.35 78.55 -92.18
CA SER DE 3 24.36 79.58 -92.19
C SER DE 3 25.59 79.05 -92.91
N LYS DE 4 26.49 79.98 -93.27
CA LYS DE 4 27.72 79.58 -93.94
C LYS DE 4 28.53 78.66 -93.06
N ASN DE 5 28.91 77.51 -93.60
CA ASN DE 5 29.57 76.47 -92.81
C ASN DE 5 31.04 76.79 -92.61
N HIS DE 6 31.80 76.88 -93.70
CA HIS DE 6 33.22 77.18 -93.58
C HIS DE 6 33.72 77.75 -94.89
N THR DE 7 34.64 78.71 -94.79
CA THR DE 7 35.36 79.21 -95.94
C THR DE 7 36.71 79.75 -95.50
N THR DE 8 37.63 79.82 -96.45
CA THR DE 8 38.91 80.48 -96.25
C THR DE 8 38.98 81.82 -96.98
N HIS DE 9 37.82 82.38 -97.34
CA HIS DE 9 37.78 83.64 -98.06
C HIS DE 9 38.50 84.73 -97.28
N ASN DE 10 39.32 85.50 -97.99
CA ASN DE 10 39.99 86.68 -97.46
C ASN DE 10 41.10 86.32 -96.49
N GLN DE 11 41.25 85.02 -96.18
CA GLN DE 11 42.26 84.60 -95.22
C GLN DE 11 43.67 84.93 -95.71
N SER DE 12 43.94 84.65 -96.99
CA SER DE 12 45.26 84.89 -97.53
C SER DE 12 45.66 86.35 -97.38
N ARG DE 13 44.78 87.26 -97.83
CA ARG DE 13 45.04 88.68 -97.61
C ARG DE 13 45.13 88.99 -96.13
N LYS DE 14 44.27 88.37 -95.32
CA LYS DE 14 44.20 88.73 -93.91
C LYS DE 14 45.53 88.50 -93.23
N TRP DE 15 46.18 87.38 -93.50
CA TRP DE 15 47.49 87.18 -92.89
C TRP DE 15 48.65 87.65 -93.76
N HIS DE 16 48.39 88.11 -94.98
CA HIS DE 16 49.45 88.73 -95.76
C HIS DE 16 49.59 90.21 -95.50
N ARG DE 17 48.56 90.85 -94.95
CA ARG DE 17 48.63 92.28 -94.66
C ARG DE 17 49.73 92.58 -93.65
N ASN DE 18 49.78 91.80 -92.58
CA ASN DE 18 50.87 91.91 -91.62
C ASN DE 18 52.10 91.14 -92.08
N GLY DE 19 52.00 90.39 -93.17
CA GLY DE 19 53.15 89.73 -93.75
C GLY DE 19 53.45 88.38 -93.14
N ILE DE 20 53.68 87.39 -93.99
CA ILE DE 20 54.12 86.08 -93.53
C ILE DE 20 55.58 86.19 -93.09
N LYS DE 21 55.84 85.89 -91.82
CA LYS DE 21 57.16 86.04 -91.25
C LYS DE 21 57.85 84.68 -91.21
N LYS DE 22 58.98 84.57 -91.90
CA LYS DE 22 59.75 83.34 -91.86
C LYS DE 22 60.37 83.15 -90.47
N PRO DE 23 60.62 81.91 -90.08
CA PRO DE 23 61.23 81.68 -88.76
C PRO DE 23 62.59 82.36 -88.67
N ARG DE 24 62.86 82.96 -87.52
CA ARG DE 24 64.06 83.75 -87.32
C ARG DE 24 65.25 82.82 -87.12
N SER DE 25 65.78 82.28 -88.22
CA SER DE 25 66.92 81.39 -88.16
C SER DE 25 68.16 82.15 -87.71
N GLN DE 26 68.99 81.48 -86.90
CA GLN DE 26 70.17 82.12 -86.35
C GLN DE 26 71.18 81.06 -85.98
N ARG DE 27 72.45 81.44 -86.04
CA ARG DE 27 73.53 80.56 -85.63
C ARG DE 27 73.40 80.25 -84.14
N TYR DE 28 73.90 79.07 -83.75
CA TYR DE 28 73.68 78.49 -82.42
C TYR DE 28 72.19 78.17 -82.20
N GLU DE 29 71.71 77.26 -83.05
CA GLU DE 29 70.41 76.65 -82.83
C GLU DE 29 70.45 75.76 -81.59
N SER DE 30 69.29 75.64 -80.94
CA SER DE 30 69.24 75.00 -79.63
C SER DE 30 69.45 73.50 -79.73
N LEU DE 31 69.90 72.91 -78.62
CA LEU DE 31 70.31 71.51 -78.58
C LEU DE 31 69.20 70.58 -78.12
N LYS DE 32 68.00 71.10 -77.86
CA LYS DE 32 66.97 70.27 -77.27
C LYS DE 32 66.56 69.15 -78.23
N GLY DE 33 66.15 68.02 -77.67
CA GLY DE 33 65.70 66.88 -78.43
C GLY DE 33 66.79 66.01 -79.00
N VAL DE 34 68.06 66.27 -78.67
CA VAL DE 34 69.17 65.53 -79.25
C VAL DE 34 69.36 64.21 -78.52
N ASP DE 35 70.18 63.33 -79.08
CA ASP DE 35 70.40 62.00 -78.54
C ASP DE 35 71.06 62.08 -77.17
N PRO DE 36 70.47 61.48 -76.13
CA PRO DE 36 71.06 61.57 -74.79
C PRO DE 36 72.45 60.97 -74.69
N LYS DE 37 72.73 59.86 -75.37
CA LYS DE 37 74.10 59.38 -75.45
C LYS DE 37 74.99 60.42 -76.09
N PHE DE 38 74.59 60.89 -77.27
CA PHE DE 38 75.30 62.01 -77.83
C PHE DE 38 75.37 63.10 -76.77
N LEU DE 39 74.21 63.51 -76.25
CA LEU DE 39 74.18 64.68 -75.36
C LEU DE 39 75.21 64.59 -74.24
N ARG DE 40 75.31 63.43 -73.57
CA ARG DE 40 76.25 63.33 -72.46
C ARG DE 40 77.69 63.26 -72.96
N ASN DE 41 77.92 62.62 -74.11
CA ASN DE 41 79.22 62.72 -74.75
C ASN DE 41 79.59 64.17 -74.99
N MET DE 42 78.64 64.95 -75.51
CA MET DE 42 78.86 66.38 -75.72
C MET DE 42 79.29 67.07 -74.45
N ARG DE 43 78.49 66.97 -73.39
CA ARG DE 43 78.78 67.72 -72.18
C ARG DE 43 80.09 67.25 -71.55
N PHE DE 44 80.37 65.95 -71.63
CA PHE DE 44 81.59 65.42 -71.03
C PHE DE 44 82.82 65.93 -71.77
N ALA DE 45 82.76 65.95 -73.11
CA ALA DE 45 83.86 66.48 -73.89
C ALA DE 45 84.04 67.98 -73.63
N LYS DE 46 82.94 68.73 -73.58
CA LYS DE 46 83.02 70.14 -73.24
C LYS DE 46 83.45 70.36 -71.80
N LYS DE 47 83.46 69.30 -71.00
CA LYS DE 47 84.01 69.37 -69.66
C LYS DE 47 85.48 69.06 -69.64
N HIS DE 48 85.91 68.02 -70.35
CA HIS DE 48 87.27 67.52 -70.28
C HIS DE 48 88.21 68.18 -71.27
N ASN DE 49 87.73 69.14 -72.06
CA ASN DE 49 88.64 69.92 -72.88
C ASN DE 49 89.55 70.79 -72.02
N LYS DE 50 89.19 71.00 -70.74
CA LYS DE 50 89.98 71.84 -69.85
C LYS DE 50 91.35 71.24 -69.59
N LYS DE 51 91.47 69.92 -69.69
CA LYS DE 51 92.79 69.34 -69.53
C LYS DE 51 93.66 69.67 -70.73
N GLY DE 52 94.84 70.22 -70.46
CA GLY DE 52 95.86 70.39 -71.47
C GLY DE 52 95.89 71.71 -72.20
N LEU DE 53 95.21 72.76 -71.70
CA LEU DE 53 95.27 74.05 -72.39
C LEU DE 53 96.69 74.58 -72.53
N LYS DE 54 97.60 74.16 -71.65
CA LYS DE 54 99.00 74.48 -71.85
C LYS DE 54 99.48 73.97 -73.21
N LYS DE 55 99.09 72.75 -73.56
CA LYS DE 55 99.47 72.21 -74.86
C LYS DE 55 98.83 73.00 -76.00
N MET DE 56 97.61 73.51 -75.79
CA MET DE 56 96.99 74.34 -76.81
C MET DE 56 97.76 75.62 -77.05
N GLN DE 57 98.08 76.35 -75.98
CA GLN DE 57 98.81 77.59 -76.20
C GLN DE 57 100.20 77.32 -76.74
N ALA DE 58 100.80 76.18 -76.37
CA ALA DE 58 102.11 75.83 -76.92
C ALA DE 58 102.04 75.58 -78.41
N ASN DE 59 101.07 74.77 -78.86
CA ASN DE 59 100.94 74.49 -80.28
C ASN DE 59 100.57 75.75 -81.06
N ASN DE 60 99.68 76.57 -80.49
CA ASN DE 60 99.35 77.83 -81.15
C ASN DE 60 100.57 78.73 -81.24
N ALA DE 61 101.44 78.68 -80.22
CA ALA DE 61 102.67 79.47 -80.26
C ALA DE 61 103.62 78.93 -81.34
N LYS DE 62 103.80 77.63 -81.42
CA LYS DE 62 104.70 77.17 -82.48
C LYS DE 62 104.12 77.52 -83.85
N ALA DE 63 102.78 77.44 -84.00
CA ALA DE 63 102.16 77.77 -85.27
C ALA DE 63 102.33 79.25 -85.61
N MET DE 64 102.12 80.15 -84.64
CA MET DE 64 102.16 81.55 -84.99
C MET DE 64 103.60 81.98 -85.25
N SER DE 65 104.54 81.35 -84.55
CA SER DE 65 105.95 81.61 -84.84
C SER DE 65 106.30 81.14 -86.25
N ALA DE 66 105.81 79.96 -86.63
CA ALA DE 66 106.08 79.43 -87.97
C ALA DE 66 105.52 80.35 -89.05
N ARG DE 67 104.25 80.73 -88.93
CA ARG DE 67 103.69 81.58 -89.98
C ARG DE 67 104.32 82.97 -89.98
N ALA DE 68 104.70 83.48 -88.80
CA ALA DE 68 105.36 84.78 -88.74
C ALA DE 68 106.69 84.75 -89.47
N GLU DE 69 107.53 83.75 -89.18
CA GLU DE 69 108.82 83.69 -89.86
C GLU DE 69 108.66 83.35 -91.34
N ALA DE 70 107.60 82.64 -91.71
CA ALA DE 70 107.34 82.42 -93.13
C ALA DE 70 106.99 83.73 -93.84
N ILE DE 71 106.18 84.56 -93.21
CA ILE DE 71 105.79 85.83 -93.83
C ILE DE 71 106.96 86.80 -93.85
N LYS DE 72 107.72 86.88 -92.76
CA LYS DE 72 108.76 87.90 -92.63
C LYS DE 72 109.96 87.66 -93.55
N ALA DE 73 110.02 86.54 -94.25
CA ALA DE 73 111.14 86.26 -95.14
C ALA DE 73 111.05 87.12 -96.40
N LEU DE 74 111.32 88.42 -96.26
CA LEU DE 74 111.33 89.34 -97.39
C LEU DE 74 112.73 89.36 -98.01
N VAL DE 75 112.79 89.10 -99.31
CA VAL DE 75 114.03 89.07 -100.11
C VAL DE 75 115.20 88.43 -99.36
N VAL DE 88 100.75 108.67 -123.54
CA VAL DE 88 100.65 109.81 -124.44
C VAL DE 88 99.84 110.92 -123.78
N SER DE 89 99.16 111.71 -124.60
CA SER DE 89 98.38 112.83 -124.08
C SER DE 89 97.21 112.35 -123.22
N ARG DE 90 96.29 111.60 -123.83
CA ARG DE 90 95.10 111.10 -123.15
C ARG DE 90 94.36 112.23 -122.43
N LYS DE 91 93.85 113.14 -123.27
CA LYS DE 91 93.35 114.43 -122.79
C LYS DE 91 92.26 114.24 -121.74
N LEU DE 92 91.32 113.32 -121.98
CA LEU DE 92 90.25 113.09 -121.02
C LEU DE 92 90.81 112.65 -119.68
N ASP DE 93 91.67 111.62 -119.69
CA ASP DE 93 92.27 111.16 -118.45
C ASP DE 93 93.10 112.26 -117.81
N ARG DE 94 93.82 113.03 -118.63
CA ARG DE 94 94.68 114.07 -118.09
C ARG DE 94 93.89 115.13 -117.33
N LEU DE 95 92.86 115.70 -117.96
CA LEU DE 95 92.13 116.74 -117.27
C LEU DE 95 91.22 116.19 -116.19
N ALA DE 96 90.86 114.90 -116.25
CA ALA DE 96 90.20 114.29 -115.10
C ALA DE 96 91.13 114.25 -113.92
N TYR DE 97 92.39 113.89 -114.16
CA TYR DE 97 93.41 114.00 -113.12
C TYR DE 97 93.55 115.44 -112.65
N ILE DE 98 93.39 116.40 -113.56
CA ILE DE 98 93.44 117.81 -113.19
C ILE DE 98 92.27 118.16 -112.27
N ALA DE 99 91.07 117.68 -112.60
CA ALA DE 99 89.89 118.04 -111.85
C ALA DE 99 89.90 117.48 -110.43
N HIS DE 100 90.81 116.57 -110.11
CA HIS DE 100 90.89 116.05 -108.76
C HIS DE 100 91.39 117.15 -107.83
N PRO DE 101 90.66 117.48 -106.77
CA PRO DE 101 91.03 118.62 -105.93
C PRO DE 101 92.22 118.37 -105.03
N LYS DE 102 92.77 117.16 -105.01
CA LYS DE 102 93.93 116.89 -104.16
C LYS DE 102 95.17 116.51 -104.94
N LEU DE 103 95.04 115.78 -106.04
CA LEU DE 103 96.20 115.51 -106.89
C LEU DE 103 96.31 116.47 -108.06
N GLY DE 104 95.31 117.32 -108.27
CA GLY DE 104 95.39 118.35 -109.29
C GLY DE 104 95.74 119.72 -108.77
N LYS DE 105 96.20 119.85 -107.53
CA LYS DE 105 96.40 121.17 -106.94
C LYS DE 105 97.52 121.93 -107.64
N ARG DE 106 98.74 121.40 -107.58
CA ARG DE 106 99.87 122.08 -108.19
C ARG DE 106 99.71 122.15 -109.70
N ALA DE 107 99.19 121.08 -110.31
CA ALA DE 107 99.08 121.05 -111.77
C ALA DE 107 98.17 122.16 -112.28
N ARG DE 108 97.12 122.50 -111.54
CA ARG DE 108 96.25 123.59 -111.96
C ARG DE 108 96.71 124.95 -111.44
N ALA DE 109 97.42 124.99 -110.32
CA ALA DE 109 98.02 126.26 -109.90
C ALA DE 109 99.03 126.74 -110.92
N ARG DE 110 99.78 125.81 -111.50
CA ARG DE 110 100.78 126.16 -112.51
C ARG DE 110 100.12 126.82 -113.72
N ILE DE 111 98.99 126.27 -114.19
CA ILE DE 111 98.37 126.86 -115.36
C ILE DE 111 97.57 128.10 -115.01
N ALA DE 112 97.08 128.21 -113.77
CA ALA DE 112 96.47 129.45 -113.32
C ALA DE 112 97.49 130.59 -113.33
N LYS DE 113 98.71 130.30 -112.87
CA LYS DE 113 99.78 131.28 -112.99
C LYS DE 113 100.12 131.54 -114.46
N GLY DE 114 100.38 130.48 -115.23
CA GLY DE 114 100.89 130.63 -116.57
C GLY DE 114 99.90 131.27 -117.51
N LEU DE 115 98.61 131.19 -117.20
CA LEU DE 115 97.62 131.92 -117.97
C LEU DE 115 97.72 133.43 -117.77
N ARG DE 116 98.16 133.89 -116.59
CA ARG DE 116 98.16 135.32 -116.30
C ARG DE 116 99.56 135.78 -115.91
N LEU DE 117 100.40 136.00 -116.93
CA LEU DE 117 101.62 136.80 -116.89
C LEU DE 117 102.25 136.74 -118.26
N CYS DE 118 102.98 137.80 -118.62
CA CYS DE 118 103.55 137.94 -119.95
C CYS DE 118 105.07 137.92 -119.83
N ARG DE 119 105.65 136.74 -120.02
CA ARG DE 119 107.09 136.58 -120.10
C ARG DE 119 107.44 136.06 -121.48
N PRO DE 120 108.27 136.74 -122.25
CA PRO DE 120 108.52 136.36 -123.64
C PRO DE 120 109.57 135.25 -123.71
N LYS DE 121 109.87 134.86 -124.94
CA LYS DE 121 110.85 133.81 -125.23
C LYS DE 121 110.48 132.51 -124.54
N LYS EE 1 -69.81 28.70 -28.43
CA LYS EE 1 -71.20 29.00 -28.13
C LYS EE 1 -71.31 30.33 -27.39
N SER EE 2 -70.20 31.06 -27.33
CA SER EE 2 -70.17 32.31 -26.57
C SER EE 2 -70.51 33.52 -27.44
N LEU EE 3 -69.73 33.75 -28.49
CA LEU EE 3 -69.98 34.90 -29.36
C LEU EE 3 -71.33 34.77 -30.05
N GLU EE 4 -71.67 33.56 -30.52
CA GLU EE 4 -72.95 33.36 -31.17
C GLU EE 4 -74.10 33.66 -30.21
N SER EE 5 -73.99 33.20 -28.96
CA SER EE 5 -75.06 33.43 -28.00
C SER EE 5 -75.22 34.91 -27.73
N ILE EE 6 -74.12 35.62 -27.49
CA ILE EE 6 -74.24 37.03 -27.15
C ILE EE 6 -74.78 37.83 -28.32
N ASN EE 7 -74.28 37.56 -29.54
CA ASN EE 7 -74.78 38.33 -30.67
C ASN EE 7 -76.24 38.00 -30.95
N SER EE 8 -76.63 36.74 -30.83
CA SER EE 8 -78.03 36.39 -31.03
C SER EE 8 -78.91 37.11 -30.02
N ARG EE 9 -78.49 37.14 -28.74
CA ARG EE 9 -79.35 37.73 -27.74
C ARG EE 9 -79.40 39.25 -27.87
N LEU EE 10 -78.29 39.90 -28.22
CA LEU EE 10 -78.39 41.35 -28.34
C LEU EE 10 -79.15 41.73 -29.59
N GLN EE 11 -79.15 40.86 -30.61
CA GLN EE 11 -80.03 41.08 -31.75
C GLN EE 11 -81.49 40.91 -31.34
N LEU EE 12 -81.78 39.90 -30.53
CA LEU EE 12 -83.16 39.56 -30.23
C LEU EE 12 -83.78 40.47 -29.17
N VAL EE 13 -82.99 41.06 -28.28
CA VAL EE 13 -83.56 41.98 -27.32
C VAL EE 13 -84.14 43.20 -28.04
N MET EE 14 -83.49 43.63 -29.12
CA MET EE 14 -84.11 44.58 -30.02
C MET EE 14 -85.47 44.05 -30.47
N LYS EE 15 -86.42 44.96 -30.65
CA LYS EE 15 -87.80 44.66 -31.06
C LYS EE 15 -88.48 43.61 -30.18
N SER EE 16 -87.91 43.29 -29.02
CA SER EE 16 -88.56 42.39 -28.09
C SER EE 16 -88.55 42.94 -26.68
N GLY EE 17 -87.75 43.95 -26.40
CA GLY EE 17 -87.77 44.65 -25.13
C GLY EE 17 -87.41 46.10 -25.33
N LYS EE 18 -87.40 46.84 -24.22
CA LYS EE 18 -87.06 48.25 -24.25
C LYS EE 18 -85.56 48.41 -24.01
N TYR EE 19 -84.94 49.34 -24.71
CA TYR EE 19 -83.50 49.52 -24.67
C TYR EE 19 -83.18 51.00 -24.81
N VAL EE 20 -82.03 51.38 -24.25
CA VAL EE 20 -81.55 52.76 -24.35
C VAL EE 20 -80.07 52.69 -24.72
N LEU EE 21 -79.68 53.46 -25.72
CA LEU EE 21 -78.33 53.40 -26.26
C LEU EE 21 -77.67 54.78 -26.19
N GLY EE 22 -76.38 54.81 -26.48
CA GLY EE 22 -75.63 56.03 -26.40
C GLY EE 22 -75.02 56.20 -25.02
N TYR EE 23 -74.48 57.40 -24.78
CA TYR EE 23 -73.76 57.63 -23.54
C TYR EE 23 -74.64 58.24 -22.46
N LYS EE 24 -75.16 59.46 -22.65
CA LYS EE 24 -75.72 60.16 -21.50
C LYS EE 24 -77.12 59.67 -21.18
N GLN EE 25 -77.87 59.24 -22.19
CA GLN EE 25 -79.15 58.59 -21.93
C GLN EE 25 -78.94 57.35 -21.07
N THR EE 26 -77.87 56.61 -21.34
CA THR EE 26 -77.54 55.46 -20.50
C THR EE 26 -77.36 55.89 -19.05
N LEU EE 27 -76.64 56.98 -18.83
CA LEU EE 27 -76.43 57.46 -17.48
C LEU EE 27 -77.73 57.93 -16.85
N LYS EE 28 -78.64 58.46 -17.66
CA LYS EE 28 -79.95 58.81 -17.13
C LYS EE 28 -80.66 57.56 -16.62
N MET EE 29 -80.74 56.53 -17.46
CA MET EE 29 -81.51 55.35 -17.11
C MET EE 29 -80.91 54.66 -15.89
N ILE EE 30 -79.58 54.58 -15.82
CA ILE EE 30 -79.00 53.93 -14.65
C ILE EE 30 -79.20 54.81 -13.42
N ARG EE 31 -79.26 56.13 -13.62
CA ARG EE 31 -79.41 57.03 -12.48
C ARG EE 31 -80.77 56.83 -11.83
N GLN EE 32 -81.81 56.69 -12.64
CA GLN EE 32 -83.10 56.25 -12.14
C GLN EE 32 -83.12 54.76 -11.82
N GLY EE 33 -82.09 54.03 -12.23
CA GLY EE 33 -82.00 52.61 -11.89
C GLY EE 33 -82.83 51.68 -12.72
N LYS EE 34 -83.45 52.16 -13.80
CA LYS EE 34 -84.29 51.31 -14.64
C LYS EE 34 -83.48 50.49 -15.63
N ALA EE 35 -82.16 50.50 -15.55
CA ALA EE 35 -81.32 49.72 -16.44
C ALA EE 35 -80.87 48.46 -15.72
N LYS EE 36 -81.04 47.31 -16.38
CA LYS EE 36 -80.69 46.04 -15.75
C LYS EE 36 -79.38 45.49 -16.25
N LEU EE 37 -78.93 45.92 -17.43
CA LEU EE 37 -77.63 45.56 -17.93
C LEU EE 37 -77.17 46.66 -18.87
N VAL EE 38 -75.94 47.11 -18.66
CA VAL EE 38 -75.31 48.08 -19.55
C VAL EE 38 -74.22 47.35 -20.32
N ILE EE 39 -74.25 47.48 -21.64
CA ILE EE 39 -73.26 46.89 -22.51
C ILE EE 39 -72.31 47.99 -22.96
N LEU EE 40 -71.02 47.73 -22.81
CA LEU EE 40 -70.00 48.76 -22.95
C LEU EE 40 -69.04 48.38 -24.07
N ALA EE 41 -68.81 49.31 -24.98
CA ALA EE 41 -67.95 49.05 -26.13
C ALA EE 41 -66.49 49.09 -25.72
N ASN EE 42 -65.69 48.25 -26.38
CA ASN EE 42 -64.26 48.19 -26.07
C ASN EE 42 -63.58 49.52 -26.38
N ASN EE 43 -63.96 50.15 -27.50
CA ASN EE 43 -63.32 51.39 -27.92
C ASN EE 43 -63.60 52.55 -26.97
N CYS EE 44 -64.65 52.46 -26.17
CA CYS EE 44 -65.08 53.58 -25.35
C CYS EE 44 -63.93 54.07 -24.48
N PRO EE 45 -63.77 55.39 -24.34
CA PRO EE 45 -62.61 55.91 -23.59
C PRO EE 45 -62.59 55.42 -22.15
N ALA EE 46 -61.37 55.30 -21.62
CA ALA EE 46 -61.19 54.68 -20.31
C ALA EE 46 -61.92 55.44 -19.22
N LEU EE 47 -61.85 56.77 -19.25
CA LEU EE 47 -62.57 57.56 -18.25
C LEU EE 47 -64.06 57.26 -18.29
N ARG EE 48 -64.65 57.32 -19.48
CA ARG EE 48 -66.08 57.04 -19.61
C ARG EE 48 -66.42 55.69 -19.02
N LYS EE 49 -65.77 54.64 -19.51
CA LYS EE 49 -66.11 53.28 -19.09
C LYS EE 49 -65.90 53.09 -17.60
N SER EE 50 -64.83 53.66 -17.05
CA SER EE 50 -64.58 53.55 -15.61
C SER EE 50 -65.70 54.18 -14.82
N GLU EE 51 -66.15 55.37 -15.25
CA GLU EE 51 -67.26 55.99 -14.55
C GLU EE 51 -68.53 55.16 -14.70
N ILE EE 52 -68.71 54.50 -15.85
CA ILE EE 52 -69.88 53.63 -16.01
C ILE EE 52 -69.86 52.52 -14.96
N GLU EE 53 -68.73 51.82 -14.82
CA GLU EE 53 -68.83 50.70 -13.87
C GLU EE 53 -68.86 51.19 -12.43
N TYR EE 54 -68.30 52.36 -12.12
CA TYR EE 54 -68.48 52.89 -10.78
C TYR EE 54 -69.96 53.16 -10.52
N TYR EE 55 -70.63 53.78 -11.49
CA TYR EE 55 -72.06 53.98 -11.39
C TYR EE 55 -72.79 52.66 -11.19
N ALA EE 56 -72.42 51.64 -11.95
CA ALA EE 56 -73.12 50.37 -11.88
C ALA EE 56 -72.92 49.70 -10.53
N MET EE 57 -71.70 49.73 -10.01
CA MET EE 57 -71.44 49.13 -8.71
C MET EE 57 -72.21 49.85 -7.61
N LEU EE 58 -72.25 51.18 -7.64
CA LEU EE 58 -73.06 51.88 -6.66
C LEU EE 58 -74.55 51.64 -6.92
N ALA EE 59 -74.89 51.22 -8.14
CA ALA EE 59 -76.26 50.94 -8.53
C ALA EE 59 -76.57 49.45 -8.58
N LYS EE 60 -75.61 48.59 -8.23
CA LYS EE 60 -75.83 47.15 -8.14
C LYS EE 60 -76.35 46.59 -9.46
N THR EE 61 -75.71 46.99 -10.55
CA THR EE 61 -76.12 46.57 -11.88
C THR EE 61 -74.92 46.00 -12.64
N GLY EE 62 -75.18 44.95 -13.41
CA GLY EE 62 -74.11 44.30 -14.15
C GLY EE 62 -73.74 45.04 -15.42
N VAL EE 63 -72.46 44.99 -15.74
CA VAL EE 63 -71.92 45.62 -16.93
C VAL EE 63 -71.41 44.52 -17.86
N HIS EE 64 -71.22 44.87 -19.13
CA HIS EE 64 -70.52 44.00 -20.05
C HIS EE 64 -69.39 44.76 -20.73
N HIS EE 65 -68.53 44.01 -21.41
CA HIS EE 65 -67.34 44.53 -22.06
C HIS EE 65 -67.22 43.96 -23.47
N TYR EE 66 -68.31 44.13 -24.23
CA TYR EE 66 -68.47 43.54 -25.56
C TYR EE 66 -67.16 43.49 -26.34
N SER EE 67 -66.85 42.30 -26.85
CA SER EE 67 -65.53 41.98 -27.39
C SER EE 67 -65.24 42.67 -28.71
N GLY EE 68 -66.14 43.51 -29.20
CA GLY EE 68 -65.88 44.23 -30.44
C GLY EE 68 -65.41 45.64 -30.17
N ASN EE 69 -66.15 46.62 -30.67
CA ASN EE 69 -65.95 48.02 -30.33
C ASN EE 69 -67.21 48.78 -30.73
N ASN EE 70 -67.14 50.11 -30.69
CA ASN EE 70 -68.31 50.92 -30.99
C ASN EE 70 -68.85 50.64 -32.38
N ILE EE 71 -67.98 50.43 -33.36
CA ILE EE 71 -68.44 50.20 -34.73
C ILE EE 71 -69.25 48.92 -34.81
N GLU EE 72 -68.60 47.78 -34.53
CA GLU EE 72 -69.27 46.50 -34.67
C GLU EE 72 -70.36 46.29 -33.63
N LEU EE 73 -70.30 46.96 -32.48
CA LEU EE 73 -71.39 46.84 -31.53
C LEU EE 73 -72.60 47.65 -31.99
N GLY EE 74 -72.35 48.79 -32.65
CA GLY EE 74 -73.44 49.49 -33.30
C GLY EE 74 -74.08 48.65 -34.40
N THR EE 75 -73.25 47.98 -35.20
CA THR EE 75 -73.78 47.06 -36.19
C THR EE 75 -74.56 45.92 -35.55
N ALA EE 76 -74.07 45.37 -34.45
CA ALA EE 76 -74.73 44.25 -33.79
C ALA EE 76 -76.14 44.64 -33.35
N CYS EE 77 -76.30 45.87 -32.90
CA CYS EE 77 -77.61 46.37 -32.51
C CYS EE 77 -78.53 46.58 -33.70
N GLY EE 78 -78.00 46.46 -34.92
CA GLY EE 78 -78.79 46.72 -36.09
C GLY EE 78 -78.91 48.17 -36.46
N LYS EE 79 -78.19 49.05 -35.78
CA LYS EE 79 -78.20 50.48 -36.07
C LYS EE 79 -76.94 50.84 -36.85
N TYR EE 80 -77.09 51.75 -37.80
CA TYR EE 80 -76.06 52.02 -38.78
C TYR EE 80 -75.03 53.02 -38.29
N TYR EE 81 -75.16 53.49 -37.06
CA TYR EE 81 -74.23 54.45 -36.49
C TYR EE 81 -73.49 53.81 -35.33
N ARG EE 82 -72.23 54.20 -35.17
CA ARG EE 82 -71.43 53.70 -34.05
C ARG EE 82 -72.06 54.12 -32.74
N VAL EE 83 -72.05 53.22 -31.76
CA VAL EE 83 -72.60 53.51 -30.45
C VAL EE 83 -71.65 52.95 -29.40
N CYS EE 84 -71.36 53.75 -28.39
CA CYS EE 84 -70.39 53.33 -27.38
C CYS EE 84 -71.04 52.54 -26.26
N THR EE 85 -71.96 53.15 -25.52
CA THR EE 85 -72.61 52.51 -24.39
C THR EE 85 -74.08 52.32 -24.66
N LEU EE 86 -74.69 51.38 -23.96
CA LEU EE 86 -76.13 51.16 -24.08
C LEU EE 86 -76.61 50.36 -22.87
N ALA EE 87 -77.85 50.64 -22.47
CA ALA EE 87 -78.49 49.98 -21.35
C ALA EE 87 -79.83 49.43 -21.83
N ILE EE 88 -80.10 48.17 -21.51
CA ILE EE 88 -81.33 47.51 -21.91
C ILE EE 88 -82.32 47.59 -20.76
N ILE EE 89 -83.51 48.13 -21.03
CA ILE EE 89 -84.52 48.25 -19.99
C ILE EE 89 -85.01 46.87 -19.57
N ASP EE 90 -85.29 46.01 -20.55
CA ASP EE 90 -85.76 44.66 -20.26
C ASP EE 90 -85.63 43.82 -21.53
N PRO EE 91 -85.30 42.54 -21.40
CA PRO EE 91 -85.21 41.70 -22.59
C PRO EE 91 -86.52 41.01 -22.92
N GLY EE 92 -86.52 40.24 -24.01
CA GLY EE 92 -87.62 39.36 -24.32
C GLY EE 92 -87.10 37.96 -24.53
N ASP EE 93 -85.90 37.69 -24.01
CA ASP EE 93 -85.21 36.44 -24.27
C ASP EE 93 -84.50 35.88 -23.04
N SER EE 94 -84.67 36.48 -21.87
CA SER EE 94 -83.93 36.11 -20.67
C SER EE 94 -82.42 36.18 -20.92
N ASP EE 95 -82.02 37.27 -21.56
CA ASP EE 95 -80.60 37.56 -21.73
C ASP EE 95 -79.91 37.66 -20.37
N ILE EE 96 -80.64 38.15 -19.37
CA ILE EE 96 -80.05 38.42 -18.06
C ILE EE 96 -79.46 37.14 -17.49
N ILE EE 97 -78.15 37.15 -17.27
CA ILE EE 97 -77.43 36.04 -16.67
C ILE EE 97 -76.54 36.59 -15.56
N ARG EE 98 -76.55 35.93 -14.41
CA ARG EE 98 -75.74 36.34 -13.27
C ARG EE 98 -74.27 36.02 -13.48
N ASN FE 1 -54.36 156.80 -96.26
CA ASN FE 1 -53.61 157.03 -95.04
C ASN FE 1 -52.92 155.75 -94.56
N GLU FE 2 -52.49 155.74 -93.30
CA GLU FE 2 -51.73 154.63 -92.75
C GLU FE 2 -52.46 153.84 -91.67
N VAL FE 3 -53.49 154.41 -91.05
CA VAL FE 3 -54.15 153.76 -89.92
C VAL FE 3 -55.33 152.93 -90.42
N VAL FE 4 -55.35 152.65 -91.73
CA VAL FE 4 -56.50 151.99 -92.33
C VAL FE 4 -56.69 150.58 -91.79
N THR FE 5 -57.90 150.06 -91.98
CA THR FE 5 -58.28 148.72 -91.55
C THR FE 5 -58.97 148.01 -92.71
N ARG FE 6 -58.69 146.71 -92.86
CA ARG FE 6 -59.22 145.93 -93.96
C ARG FE 6 -59.46 144.51 -93.49
N GLU FE 7 -60.11 143.73 -94.36
CA GLU FE 7 -60.39 142.32 -94.08
C GLU FE 7 -60.04 141.49 -95.31
N TYR FE 8 -59.67 140.24 -95.08
CA TYR FE 8 -59.18 139.37 -96.14
C TYR FE 8 -59.58 137.93 -95.86
N THR FE 9 -59.56 137.12 -96.91
CA THR FE 9 -59.68 135.68 -96.82
C THR FE 9 -58.34 135.06 -97.19
N ILE FE 10 -57.80 134.24 -96.29
CA ILE FE 10 -56.49 133.65 -96.47
C ILE FE 10 -56.66 132.16 -96.74
N ASN FE 11 -56.07 131.69 -97.83
CA ASN FE 11 -56.06 130.27 -98.16
C ASN FE 11 -54.81 129.68 -97.52
N ILE FE 12 -54.99 129.13 -96.32
CA ILE FE 12 -53.88 128.46 -95.65
C ILE FE 12 -53.47 127.22 -96.42
N HIS FE 13 -54.44 126.52 -97.02
CA HIS FE 13 -54.17 125.23 -97.64
C HIS FE 13 -53.05 125.31 -98.66
N LYS FE 14 -53.14 126.24 -99.60
CA LYS FE 14 -52.07 126.40 -100.56
C LYS FE 14 -50.80 126.91 -99.90
N ARG FE 15 -50.93 127.68 -98.83
CA ARG FE 15 -49.78 128.20 -98.11
C ARG FE 15 -49.19 127.21 -97.13
N ILE FE 16 -49.73 125.99 -97.08
CA ILE FE 16 -49.29 125.00 -96.10
C ILE FE 16 -48.98 123.66 -96.73
N HIS FE 17 -49.18 123.51 -98.04
CA HIS FE 17 -49.00 122.21 -98.69
C HIS FE 17 -47.60 121.67 -98.46
N GLY FE 18 -47.51 120.39 -98.12
CA GLY FE 18 -46.26 119.68 -98.00
C GLY FE 18 -45.67 119.67 -96.62
N VAL FE 19 -46.11 120.57 -95.74
CA VAL FE 19 -45.56 120.63 -94.39
C VAL FE 19 -45.94 119.38 -93.62
N GLY FE 20 -44.97 118.81 -92.92
CA GLY FE 20 -45.21 117.62 -92.14
C GLY FE 20 -46.20 117.85 -91.02
N PHE FE 21 -46.85 116.76 -90.61
CA PHE FE 21 -47.97 116.85 -89.68
C PHE FE 21 -47.62 117.67 -88.45
N LYS FE 22 -46.44 117.45 -87.90
CA LYS FE 22 -46.07 118.04 -86.62
C LYS FE 22 -45.68 119.51 -86.73
N LYS FE 23 -45.62 120.06 -87.94
CA LYS FE 23 -45.22 121.46 -88.12
C LYS FE 23 -46.25 122.27 -88.88
N ARG FE 24 -47.43 121.71 -89.17
CA ARG FE 24 -48.38 122.40 -90.02
C ARG FE 24 -48.92 123.66 -89.36
N ALA FE 25 -49.40 123.55 -88.12
CA ALA FE 25 -50.00 124.71 -87.46
C ALA FE 25 -49.02 125.86 -87.23
N PRO FE 26 -47.83 125.66 -86.66
CA PRO FE 26 -46.94 126.80 -86.46
C PRO FE 26 -46.42 127.37 -87.77
N ARG FE 27 -46.16 126.52 -88.76
CA ARG FE 27 -45.79 127.04 -90.07
C ARG FE 27 -46.91 127.88 -90.65
N ALA FE 28 -48.16 127.45 -90.46
CA ALA FE 28 -49.28 128.25 -90.93
C ALA FE 28 -49.32 129.59 -90.24
N LEU FE 29 -49.05 129.61 -88.94
CA LEU FE 29 -49.05 130.88 -88.21
C LEU FE 29 -47.94 131.79 -88.69
N LYS FE 30 -46.75 131.26 -88.91
CA LYS FE 30 -45.74 132.17 -89.41
C LYS FE 30 -46.05 132.59 -90.84
N GLU FE 31 -46.78 131.76 -91.60
CA GLU FE 31 -47.23 132.15 -92.93
C GLU FE 31 -48.19 133.32 -92.85
N ILE FE 32 -49.12 133.30 -91.89
CA ILE FE 32 -50.03 134.44 -91.72
C ILE FE 32 -49.23 135.67 -91.32
N ARG FE 33 -48.26 135.52 -90.43
CA ARG FE 33 -47.41 136.65 -90.07
C ARG FE 33 -46.75 137.25 -91.29
N LYS FE 34 -46.18 136.40 -92.14
CA LYS FE 34 -45.50 136.88 -93.34
C LYS FE 34 -46.46 137.50 -94.35
N PHE FE 35 -47.68 136.96 -94.45
CA PHE FE 35 -48.66 137.59 -95.33
C PHE FE 35 -49.01 138.99 -94.85
N ALA FE 36 -49.18 139.15 -93.54
CA ALA FE 36 -49.40 140.48 -92.99
C ALA FE 36 -48.21 141.38 -93.29
N MET FE 37 -47.00 140.83 -93.19
CA MET FE 37 -45.81 141.61 -93.52
C MET FE 37 -45.89 142.11 -94.96
N LYS FE 38 -46.08 141.20 -95.91
CA LYS FE 38 -46.01 141.60 -97.32
C LYS FE 38 -47.15 142.53 -97.68
N GLU FE 39 -48.38 142.16 -97.34
CA GLU FE 39 -49.53 142.92 -97.79
C GLU FE 39 -49.55 144.31 -97.15
N MET FE 40 -49.43 144.37 -95.82
CA MET FE 40 -49.23 145.65 -95.18
C MET FE 40 -47.79 146.10 -95.44
N GLY FE 41 -47.40 147.21 -94.82
CA GLY FE 41 -46.06 147.70 -95.04
C GLY FE 41 -45.13 147.55 -93.86
N THR FE 42 -45.65 147.05 -92.73
CA THR FE 42 -44.81 147.20 -91.55
C THR FE 42 -44.48 145.86 -90.91
N PRO FE 43 -43.32 145.76 -90.25
CA PRO FE 43 -43.03 144.60 -89.41
C PRO FE 43 -43.72 144.69 -88.06
N ASP FE 44 -43.35 143.78 -87.15
CA ASP FE 44 -43.92 143.71 -85.81
C ASP FE 44 -45.44 143.51 -85.91
N VAL FE 45 -45.79 142.36 -86.46
CA VAL FE 45 -47.18 141.99 -86.65
C VAL FE 45 -47.69 141.36 -85.35
N ARG FE 46 -48.65 142.02 -84.71
CA ARG FE 46 -49.31 141.49 -83.53
C ARG FE 46 -50.57 140.77 -83.97
N ILE FE 47 -50.68 139.50 -83.59
CA ILE FE 47 -51.82 138.67 -83.96
C ILE FE 47 -52.57 138.32 -82.69
N ASP FE 48 -53.90 138.42 -82.74
CA ASP FE 48 -54.73 138.25 -81.57
C ASP FE 48 -54.68 136.81 -81.07
N THR FE 49 -54.82 136.67 -79.75
CA THR FE 49 -54.96 135.36 -79.15
C THR FE 49 -56.11 134.56 -79.74
N ARG FE 50 -57.19 135.25 -80.10
CA ARG FE 50 -58.31 134.56 -80.75
C ARG FE 50 -57.87 133.92 -82.04
N LEU FE 51 -57.03 134.62 -82.82
CA LEU FE 51 -56.50 134.02 -84.05
C LEU FE 51 -55.75 132.74 -83.74
N ASN FE 52 -54.88 132.77 -82.73
CA ASN FE 52 -54.08 131.59 -82.43
C ASN FE 52 -54.95 130.43 -82.02
N LYS FE 53 -55.92 130.67 -81.14
CA LYS FE 53 -56.76 129.55 -80.72
C LYS FE 53 -57.67 129.08 -81.84
N ALA FE 54 -58.02 129.95 -82.79
CA ALA FE 54 -58.84 129.52 -83.91
C ALA FE 54 -58.06 128.66 -84.89
N VAL FE 55 -56.85 129.09 -85.25
CA VAL FE 55 -56.07 128.32 -86.21
C VAL FE 55 -55.63 126.98 -85.65
N TRP FE 56 -55.46 126.88 -84.33
CA TRP FE 56 -55.12 125.61 -83.69
C TRP FE 56 -56.35 124.83 -83.24
N ALA FE 57 -57.55 125.37 -83.49
CA ALA FE 57 -58.76 124.77 -82.92
C ALA FE 57 -58.96 123.34 -83.39
N LYS FE 58 -58.60 123.03 -84.63
CA LYS FE 58 -58.78 121.69 -85.17
C LYS FE 58 -57.50 120.87 -85.07
N GLY FE 59 -56.68 121.16 -84.05
CA GLY FE 59 -55.45 120.43 -83.86
C GLY FE 59 -54.30 121.00 -84.64
N ILE FE 60 -53.13 120.43 -84.39
CA ILE FE 60 -51.90 120.96 -84.98
C ILE FE 60 -51.75 120.57 -86.44
N ARG FE 61 -52.01 119.31 -86.80
CA ARG FE 61 -51.83 118.86 -88.17
C ARG FE 61 -53.07 119.00 -89.03
N ASN FE 62 -54.18 119.49 -88.48
CA ASN FE 62 -55.42 119.71 -89.23
C ASN FE 62 -55.84 121.16 -89.00
N VAL FE 63 -55.37 122.06 -89.85
CA VAL FE 63 -55.79 123.45 -89.76
C VAL FE 63 -56.92 123.68 -90.75
N PRO FE 64 -57.80 124.63 -90.52
CA PRO FE 64 -58.84 124.94 -91.50
C PRO FE 64 -58.21 125.43 -92.79
N TYR FE 65 -58.87 125.12 -93.91
CA TYR FE 65 -58.31 125.51 -95.20
C TYR FE 65 -58.23 127.03 -95.34
N ARG FE 66 -59.29 127.74 -94.95
CA ARG FE 66 -59.36 129.19 -95.14
C ARG FE 66 -59.80 129.85 -93.84
N ILE FE 67 -59.34 131.08 -93.65
CA ILE FE 67 -59.67 131.89 -92.49
C ILE FE 67 -59.97 133.32 -92.95
N ARG FE 68 -60.97 133.93 -92.32
CA ARG FE 68 -61.30 135.34 -92.55
C ARG FE 68 -60.65 136.16 -91.46
N VAL FE 69 -59.88 137.18 -91.85
CA VAL FE 69 -59.08 137.97 -90.93
C VAL FE 69 -59.39 139.45 -91.15
N ARG FE 70 -58.81 140.29 -90.30
CA ARG FE 70 -58.97 141.74 -90.40
C ARG FE 70 -57.66 142.42 -90.01
N LEU FE 71 -56.86 142.77 -91.02
CA LEU FE 71 -55.63 143.53 -90.78
C LEU FE 71 -55.98 144.92 -90.29
N SER FE 72 -55.11 145.47 -89.43
CA SER FE 72 -55.29 146.83 -88.94
C SER FE 72 -53.92 147.43 -88.67
N ARG FE 73 -53.48 148.33 -89.55
CA ARG FE 73 -52.27 149.11 -89.31
C ARG FE 73 -52.59 150.20 -88.29
N LYS FE 74 -51.98 150.12 -87.12
CA LYS FE 74 -52.26 151.06 -86.04
C LYS FE 74 -50.99 151.82 -85.67
N ARG FE 75 -51.16 153.09 -85.33
CA ARG FE 75 -50.06 153.91 -84.88
C ARG FE 75 -49.38 153.28 -83.68
N ASN FE 76 -48.05 153.26 -83.71
CA ASN FE 76 -47.27 152.83 -82.55
C ASN FE 76 -46.87 154.02 -81.68
N GLU FE 77 -47.72 155.04 -81.64
CA GLU FE 77 -47.48 156.25 -80.87
C GLU FE 77 -47.74 156.00 -79.39
N ASP FE 78 -47.07 154.98 -78.86
CA ASP FE 78 -47.26 154.59 -77.48
C ASP FE 78 -45.93 154.66 -76.73
N GLU FE 79 -44.85 154.35 -77.45
CA GLU FE 79 -43.52 154.39 -76.85
C GLU FE 79 -42.51 154.66 -77.94
N ASP FE 80 -41.31 155.07 -77.53
CA ASP FE 80 -40.22 155.33 -78.46
C ASP FE 80 -39.82 154.02 -79.13
N SER FE 81 -40.15 153.89 -80.41
CA SER FE 81 -39.86 152.67 -81.15
C SER FE 81 -39.07 153.00 -82.40
N PRO FE 82 -38.16 152.12 -82.81
CA PRO FE 82 -37.54 152.29 -84.13
C PRO FE 82 -38.56 152.26 -85.25
N ASN FE 83 -39.63 151.48 -85.07
CA ASN FE 83 -40.71 151.36 -86.06
C ASN FE 83 -41.97 151.94 -85.44
N LYS FE 84 -42.50 153.00 -86.06
CA LYS FE 84 -43.65 153.71 -85.54
C LYS FE 84 -44.97 153.17 -86.05
N LEU FE 85 -44.94 152.20 -86.97
CA LEU FE 85 -46.15 151.58 -87.49
C LEU FE 85 -46.10 150.09 -87.20
N TYR FE 86 -47.14 149.60 -86.54
CA TYR FE 86 -47.31 148.17 -86.32
C TYR FE 86 -48.75 147.79 -86.65
N THR FE 87 -48.93 146.55 -87.07
CA THR FE 87 -50.25 146.09 -87.49
C THR FE 87 -50.77 145.03 -86.54
N LEU FE 88 -52.10 144.92 -86.50
CA LEU FE 88 -52.78 143.91 -85.73
C LEU FE 88 -53.78 143.22 -86.63
N VAL FE 89 -53.96 141.92 -86.45
CA VAL FE 89 -54.98 141.16 -87.13
C VAL FE 89 -55.77 140.37 -86.12
N THR FE 90 -57.08 140.37 -86.27
CA THR FE 90 -57.99 139.59 -85.45
C THR FE 90 -58.79 138.66 -86.36
N TYR FE 91 -59.37 137.64 -85.75
CA TYR FE 91 -60.07 136.62 -86.51
C TYR FE 91 -61.54 137.02 -86.71
N VAL FE 92 -62.08 136.65 -87.87
CA VAL FE 92 -63.47 136.96 -88.19
C VAL FE 92 -64.26 135.67 -88.31
N PRO FE 93 -65.20 135.40 -87.41
CA PRO FE 93 -66.01 134.17 -87.51
C PRO FE 93 -67.03 134.29 -88.62
N VAL FE 94 -66.91 133.44 -89.64
CA VAL FE 94 -67.80 133.45 -90.78
C VAL FE 94 -68.34 132.04 -91.00
N THR FE 95 -69.44 131.97 -91.73
CA THR FE 95 -70.08 130.70 -92.02
C THR FE 95 -69.78 130.18 -93.42
N THR FE 96 -69.40 131.05 -94.34
CA THR FE 96 -69.09 130.62 -95.70
C THR FE 96 -67.92 131.45 -96.21
N PHE FE 97 -67.22 130.89 -97.20
CA PHE FE 97 -66.15 131.59 -97.88
C PHE FE 97 -66.48 131.91 -99.32
N LYS FE 98 -67.65 131.53 -99.79
CA LYS FE 98 -68.02 131.78 -101.18
C LYS FE 98 -68.24 133.28 -101.41
N ASN FE 99 -67.70 133.77 -102.54
CA ASN FE 99 -67.84 135.17 -102.92
C ASN FE 99 -67.41 136.11 -101.79
N LEU FE 100 -66.21 135.88 -101.27
CA LEU FE 100 -65.66 136.69 -100.19
C LEU FE 100 -64.45 137.45 -100.73
N GLN FE 101 -64.63 138.74 -100.95
CA GLN FE 101 -63.55 139.60 -101.40
C GLN FE 101 -62.97 140.39 -100.23
N THR FE 102 -61.96 141.20 -100.54
CA THR FE 102 -61.36 142.07 -99.54
C THR FE 102 -61.96 143.46 -99.67
N VAL FE 103 -62.58 143.93 -98.59
CA VAL FE 103 -63.28 145.21 -98.59
C VAL FE 103 -62.69 146.08 -97.50
N ASN FE 104 -62.45 147.35 -97.84
CA ASN FE 104 -61.97 148.33 -96.87
C ASN FE 104 -63.02 148.54 -95.80
N VAL FE 105 -62.77 148.04 -94.60
CA VAL FE 105 -63.75 148.18 -93.53
C VAL FE 105 -63.70 149.59 -92.97
N ASP FE 106 -64.79 149.99 -92.31
CA ASP FE 106 -64.89 151.31 -91.72
C ASP FE 106 -64.34 151.26 -90.29
N GLU FE 107 -64.56 152.34 -89.54
CA GLU FE 107 -64.08 152.42 -88.17
C GLU FE 107 -65.06 151.75 -87.21
N ALA GE 1 42.89 158.68 -93.43
CA ALA GE 1 41.66 158.42 -92.69
C ALA GE 1 41.95 157.63 -91.42
N ALA GE 2 42.04 156.31 -91.54
CA ALA GE 2 42.27 155.45 -90.40
C ALA GE 2 43.77 155.15 -90.27
N LEU GE 3 44.10 154.23 -89.39
CA LEU GE 3 45.48 153.84 -89.13
C LEU GE 3 45.84 152.69 -90.05
N ARG GE 4 46.73 152.94 -91.01
CA ARG GE 4 47.12 151.92 -91.96
C ARG GE 4 47.94 150.84 -91.26
N PRO GE 5 47.82 149.60 -91.72
CA PRO GE 5 48.69 148.53 -91.19
C PRO GE 5 50.06 148.60 -91.85
N LEU GE 6 50.96 147.75 -91.35
CA LEU GE 6 52.22 147.57 -92.06
C LEU GE 6 51.98 147.02 -93.47
N VAL GE 7 51.10 146.03 -93.59
CA VAL GE 7 50.82 145.42 -94.88
C VAL GE 7 49.37 144.97 -94.87
N LYS GE 8 48.70 145.13 -95.99
CA LYS GE 8 47.45 144.44 -96.23
C LYS GE 8 47.60 143.53 -97.44
N PRO GE 9 47.71 142.22 -97.26
CA PRO GE 9 47.79 141.33 -98.41
C PRO GE 9 46.40 141.01 -98.95
N LYS GE 10 46.39 140.40 -100.14
CA LYS GE 10 45.13 140.00 -100.75
C LYS GE 10 44.55 138.82 -99.99
N ILE GE 11 43.47 139.06 -99.26
CA ILE GE 11 42.86 138.02 -98.44
C ILE GE 11 41.97 137.15 -99.31
N VAL GE 12 42.22 135.84 -99.28
CA VAL GE 12 41.41 134.87 -100.00
C VAL GE 12 40.87 133.86 -99.01
N LYS GE 13 39.56 133.68 -99.01
CA LYS GE 13 38.91 132.69 -98.16
C LYS GE 13 38.57 131.48 -99.02
N LYS GE 14 39.09 130.31 -98.64
CA LYS GE 14 38.84 129.12 -99.43
C LYS GE 14 37.36 128.75 -99.43
N ARG GE 15 36.61 129.20 -98.44
CA ARG GE 15 35.16 129.11 -98.46
C ARG GE 15 34.59 130.27 -97.67
N THR GE 16 33.55 130.89 -98.20
CA THR GE 16 32.96 132.07 -97.59
C THR GE 16 31.67 131.81 -96.83
N LYS GE 17 30.69 131.17 -97.47
CA LYS GE 17 29.44 130.88 -96.78
C LYS GE 17 29.67 129.88 -95.65
N LYS GE 18 28.83 129.98 -94.62
CA LYS GE 18 28.98 129.15 -93.43
C LYS GE 18 28.80 127.68 -93.76
N PHE GE 19 29.14 126.85 -92.78
CA PHE GE 19 28.84 125.43 -92.81
C PHE GE 19 27.67 125.16 -91.89
N ILE GE 20 26.63 124.52 -92.40
CA ILE GE 20 25.43 124.27 -91.62
C ILE GE 20 25.25 122.78 -91.42
N ARG GE 21 24.69 122.41 -90.27
CA ARG GE 21 24.41 121.03 -89.97
C ARG GE 21 23.37 120.46 -90.93
N HIS GE 22 23.43 119.15 -91.15
CA HIS GE 22 22.45 118.51 -91.99
C HIS GE 22 21.05 118.72 -91.43
N GLN GE 23 20.11 119.04 -92.32
CA GLN GE 23 18.69 119.12 -91.98
C GLN GE 23 18.41 120.23 -90.98
N SER GE 24 19.33 121.18 -90.83
CA SER GE 24 19.05 122.35 -90.00
C SER GE 24 17.90 123.16 -90.59
N ASP GE 25 17.80 123.20 -91.92
CA ASP GE 25 16.67 123.87 -92.56
C ASP GE 25 15.36 123.20 -92.19
N ARG GE 26 15.32 121.87 -92.23
CA ARG GE 26 14.07 121.14 -92.11
C ARG GE 26 13.51 121.12 -90.70
N TYR GE 27 14.29 121.51 -89.70
CA TYR GE 27 13.84 121.40 -88.33
C TYR GE 27 14.24 122.63 -87.53
N VAL GE 28 13.43 122.95 -86.53
CA VAL GE 28 13.69 124.08 -85.65
C VAL GE 28 14.60 123.62 -84.52
N LYS GE 29 14.39 122.39 -84.04
CA LYS GE 29 15.20 121.88 -82.95
C LYS GE 29 16.65 121.68 -83.37
N ILE GE 30 16.94 121.71 -84.66
CA ILE GE 30 18.30 121.57 -85.17
C ILE GE 30 18.85 122.97 -85.44
N LYS GE 31 19.92 123.33 -84.74
CA LYS GE 31 20.57 124.61 -84.96
C LYS GE 31 21.35 124.58 -86.26
N ARG GE 32 21.87 125.75 -86.64
CA ARG GE 32 22.81 125.82 -87.75
C ARG GE 32 24.23 125.48 -87.33
N ASN GE 33 24.48 125.31 -86.03
CA ASN GE 33 25.81 124.98 -85.56
C ASN GE 33 26.24 123.63 -86.12
N TRP GE 34 27.53 123.52 -86.43
CA TRP GE 34 28.02 122.34 -87.11
C TRP GE 34 27.99 121.12 -86.19
N ARG GE 35 27.53 120.00 -86.74
CA ARG GE 35 27.56 118.72 -86.06
C ARG GE 35 27.81 117.64 -87.10
N LYS GE 36 28.78 116.79 -86.84
CA LYS GE 36 29.12 115.75 -87.80
C LYS GE 36 28.01 114.71 -87.85
N PRO GE 37 27.34 114.53 -88.96
CA PRO GE 37 26.27 113.53 -89.05
C PRO GE 37 26.86 112.14 -89.22
N ARG GE 38 26.81 111.35 -88.16
CA ARG GE 38 27.41 110.01 -88.16
C ARG GE 38 26.28 108.99 -88.17
N GLY GE 39 25.82 108.68 -89.36
CA GLY GE 39 24.78 107.68 -89.56
C GLY GE 39 25.21 106.69 -90.62
N ILE GE 40 24.80 105.43 -90.44
CA ILE GE 40 25.08 104.42 -91.46
C ILE GE 40 24.40 104.81 -92.77
N ASP GE 41 23.17 105.30 -92.69
CA ASP GE 41 22.38 105.63 -93.86
C ASP GE 41 22.56 107.07 -94.31
N ASN GE 42 23.28 107.88 -93.54
CA ASN GE 42 23.37 109.30 -93.83
C ASN GE 42 24.16 109.53 -95.11
N ARG GE 43 23.51 110.11 -96.11
CA ARG GE 43 24.16 110.31 -97.40
C ARG GE 43 25.27 111.36 -97.33
N VAL GE 44 25.05 112.47 -96.61
CA VAL GE 44 26.05 113.53 -96.61
C VAL GE 44 27.35 113.08 -95.95
N ARG GE 45 27.30 112.19 -94.98
CA ARG GE 45 28.53 111.61 -94.45
C ARG GE 45 29.27 110.84 -95.54
N ARG GE 46 28.54 110.12 -96.38
CA ARG GE 46 29.16 109.39 -97.47
C ARG GE 46 29.73 110.29 -98.55
N ARG GE 47 29.46 111.60 -98.48
CA ARG GE 47 29.93 112.57 -99.46
C ARG GE 47 29.29 112.34 -100.82
N PHE GE 48 27.97 112.26 -100.86
CA PHE GE 48 27.25 112.21 -102.12
C PHE GE 48 27.34 113.55 -102.83
N LYS GE 49 27.26 113.50 -104.16
CA LYS GE 49 27.31 114.72 -104.95
C LYS GE 49 26.09 115.59 -104.69
N GLY GE 50 26.28 116.90 -104.88
CA GLY GE 50 25.18 117.83 -104.77
C GLY GE 50 24.61 118.03 -103.38
N GLN GE 51 25.28 117.52 -102.36
CA GLN GE 51 24.79 117.61 -100.99
C GLN GE 51 25.52 118.73 -100.26
N ILE GE 52 25.28 118.82 -98.96
CA ILE GE 52 25.97 119.80 -98.13
C ILE GE 52 27.44 119.42 -98.01
N LEU GE 53 28.30 120.43 -97.98
CA LEU GE 53 29.73 120.20 -97.92
C LEU GE 53 30.17 119.82 -96.51
N MET GE 54 31.12 118.91 -96.43
CA MET GE 54 31.78 118.54 -95.20
C MET GE 54 32.92 119.51 -94.90
N PRO GE 55 32.86 120.24 -93.78
CA PRO GE 55 34.02 121.03 -93.38
C PRO GE 55 35.21 120.14 -93.07
N ASN GE 56 36.40 120.61 -93.42
CA ASN GE 56 37.60 119.80 -93.25
C ASN GE 56 38.82 120.71 -93.24
N ILE GE 57 39.97 120.11 -92.94
CA ILE GE 57 41.24 120.83 -92.88
C ILE GE 57 41.65 121.42 -94.23
N GLY GE 58 41.11 120.90 -95.33
CA GLY GE 58 41.45 121.44 -96.63
C GLY GE 58 41.06 122.89 -96.81
N TYR GE 59 40.22 123.41 -95.92
CA TYR GE 59 39.82 124.81 -95.93
C TYR GE 59 40.63 125.66 -94.96
N GLY GE 60 41.75 125.13 -94.45
CA GLY GE 60 42.59 125.92 -93.58
C GLY GE 60 43.09 127.17 -94.29
N SER GE 61 42.90 128.32 -93.65
CA SER GE 61 43.31 129.58 -94.27
C SER GE 61 44.83 129.74 -94.17
N ASN GE 62 45.35 130.65 -94.98
CA ASN GE 62 46.78 130.91 -95.00
C ASN GE 62 47.26 131.45 -93.65
N LYS GE 63 48.50 131.12 -93.31
CA LYS GE 63 49.09 131.62 -92.07
C LYS GE 63 49.02 133.13 -91.99
N LYS GE 64 49.66 133.82 -92.94
CA LYS GE 64 49.76 135.27 -92.89
C LYS GE 64 48.41 135.98 -92.91
N THR GE 65 47.38 135.34 -93.43
CA THR GE 65 46.04 135.91 -93.43
C THR GE 65 45.12 135.24 -92.42
N LYS GE 66 45.64 134.36 -91.58
CA LYS GE 66 44.83 133.75 -90.54
C LYS GE 66 44.41 134.79 -89.51
N HIS GE 67 43.14 134.76 -89.13
CA HIS GE 67 42.58 135.69 -88.15
C HIS GE 67 42.81 137.14 -88.58
N MET GE 68 42.81 137.37 -89.88
CA MET GE 68 43.13 138.69 -90.43
C MET GE 68 41.80 139.40 -90.65
N LEU GE 69 41.67 140.59 -90.07
CA LEU GE 69 40.45 141.37 -90.20
C LEU GE 69 40.28 141.85 -91.64
N PRO GE 70 39.08 142.24 -92.05
CA PRO GE 70 38.92 142.75 -93.41
C PRO GE 70 39.85 143.90 -93.74
N SER GE 71 40.36 144.63 -92.75
CA SER GE 71 41.26 145.75 -93.00
C SER GE 71 42.58 145.53 -92.27
N GLY GE 72 43.46 144.76 -92.89
CA GLY GE 72 44.88 144.76 -92.58
C GLY GE 72 45.31 144.58 -91.14
N PHE GE 73 44.40 144.27 -90.22
CA PHE GE 73 44.74 144.23 -88.81
C PHE GE 73 44.23 142.94 -88.17
N ARG GE 74 44.71 142.70 -86.96
CA ARG GE 74 44.31 141.52 -86.20
C ARG GE 74 43.69 141.96 -84.88
N LYS GE 75 42.68 141.22 -84.44
CA LYS GE 75 41.86 141.64 -83.32
C LYS GE 75 42.54 141.38 -81.98
N PHE GE 76 42.25 142.26 -81.02
CA PHE GE 76 42.63 142.02 -79.63
C PHE GE 76 41.60 142.69 -78.74
N LEU GE 77 41.34 142.06 -77.59
CA LEU GE 77 40.31 142.52 -76.68
C LEU GE 77 40.95 143.05 -75.41
N VAL GE 78 40.50 144.22 -74.98
CA VAL GE 78 41.03 144.89 -73.80
C VAL GE 78 39.88 145.16 -72.84
N HIS GE 79 40.24 145.55 -71.63
CA HIS GE 79 39.24 145.89 -70.64
C HIS GE 79 39.50 147.25 -70.00
N ASN GE 80 40.77 147.59 -69.74
CA ASN GE 80 41.12 148.81 -69.04
C ASN GE 80 42.50 149.27 -69.49
N VAL GE 81 42.86 150.49 -69.06
CA VAL GE 81 43.90 151.25 -69.74
C VAL GE 81 45.22 150.49 -69.81
N LYS GE 82 45.59 149.82 -68.72
CA LYS GE 82 46.83 149.06 -68.74
C LYS GE 82 46.80 147.97 -69.81
N GLU GE 83 45.67 147.25 -69.91
CA GLU GE 83 45.54 146.21 -70.91
C GLU GE 83 45.57 146.76 -72.33
N LEU GE 84 45.29 148.05 -72.53
CA LEU GE 84 45.61 148.69 -73.80
C LEU GE 84 47.10 148.82 -74.05
N GLU GE 85 47.86 149.20 -73.03
CA GLU GE 85 49.27 149.52 -73.24
C GLU GE 85 50.07 148.32 -73.72
N VAL GE 86 49.58 147.09 -73.53
CA VAL GE 86 50.33 145.93 -73.96
C VAL GE 86 50.49 145.88 -75.47
N LEU GE 87 49.61 146.52 -76.22
CA LEU GE 87 49.70 146.54 -77.67
C LEU GE 87 50.52 147.71 -78.19
N LEU GE 88 51.08 148.53 -77.30
CA LEU GE 88 51.70 149.78 -77.75
C LEU GE 88 52.97 149.49 -78.54
N MET GE 89 53.45 148.24 -78.52
CA MET GE 89 54.58 147.86 -79.35
C MET GE 89 54.20 147.11 -80.61
N CYS GE 90 52.96 146.64 -80.74
CA CYS GE 90 52.52 146.07 -82.02
C CYS GE 90 52.11 147.21 -82.96
N ASN GE 91 51.03 147.90 -82.61
CA ASN GE 91 50.75 149.26 -83.10
C ASN GE 91 50.51 149.32 -84.61
N LYS GE 92 50.76 148.23 -85.33
CA LYS GE 92 50.57 148.23 -86.77
C LYS GE 92 49.92 146.98 -87.32
N SER GE 93 49.99 145.86 -86.62
CA SER GE 93 49.41 144.61 -87.10
C SER GE 93 48.32 144.09 -86.19
N TYR GE 94 48.11 144.70 -85.02
CA TYR GE 94 47.12 144.25 -84.08
C TYR GE 94 46.27 145.44 -83.64
N CYS GE 95 44.96 145.26 -83.69
CA CYS GE 95 44.01 146.32 -83.38
C CYS GE 95 43.26 145.97 -82.09
N ALA GE 96 43.13 146.95 -81.22
CA ALA GE 96 42.46 146.73 -79.95
C ALA GE 96 40.95 146.78 -80.13
N GLU GE 97 40.23 146.26 -79.13
CA GLU GE 97 38.78 146.24 -79.15
C GLU GE 97 38.29 146.34 -77.73
N ILE GE 98 37.23 147.09 -77.51
CA ILE GE 98 36.73 147.35 -76.16
C ILE GE 98 35.58 146.41 -75.86
N ALA GE 99 35.70 145.69 -74.74
CA ALA GE 99 34.70 144.72 -74.38
C ALA GE 99 33.34 145.37 -74.14
N HIS GE 100 32.28 144.63 -74.44
CA HIS GE 100 30.94 145.16 -74.30
C HIS GE 100 30.63 145.53 -72.86
N ASN GE 101 31.33 144.93 -71.91
CA ASN GE 101 31.07 145.19 -70.50
C ASN GE 101 31.71 146.47 -70.01
N VAL GE 102 32.51 147.14 -70.84
CA VAL GE 102 33.20 148.35 -70.42
C VAL GE 102 32.22 149.50 -70.32
N SER GE 103 32.29 150.24 -69.21
CA SER GE 103 31.40 151.38 -69.00
C SER GE 103 31.76 152.51 -69.96
N SER GE 104 30.75 153.32 -70.29
CA SER GE 104 30.95 154.44 -71.19
C SER GE 104 31.95 155.44 -70.62
N LYS GE 105 31.83 155.75 -69.33
CA LYS GE 105 32.77 156.67 -68.69
C LYS GE 105 34.19 156.13 -68.70
N ASN GE 106 34.37 154.81 -68.80
CA ASN GE 106 35.69 154.24 -68.99
C ASN GE 106 36.02 154.04 -70.46
N ARG GE 107 35.01 153.73 -71.27
CA ARG GE 107 35.23 153.51 -72.69
C ARG GE 107 35.75 154.76 -73.38
N LYS GE 108 35.21 155.93 -73.01
CA LYS GE 108 35.71 157.18 -73.60
C LYS GE 108 37.18 157.40 -73.25
N ALA GE 109 37.56 157.13 -72.01
CA ALA GE 109 38.95 157.24 -71.63
C ALA GE 109 39.83 156.29 -72.44
N ILE GE 110 39.35 155.06 -72.63
CA ILE GE 110 40.12 154.09 -73.41
C ILE GE 110 40.30 154.59 -74.83
N VAL GE 111 39.22 155.13 -75.42
CA VAL GE 111 39.29 155.59 -76.80
C VAL GE 111 40.27 156.74 -76.95
N GLU GE 112 40.20 157.72 -76.06
CA GLU GE 112 41.12 158.85 -76.17
C GLU GE 112 42.55 158.41 -75.92
N ARG GE 113 42.76 157.48 -74.99
CA ARG GE 113 44.11 156.97 -74.73
C ARG GE 113 44.67 156.27 -75.95
N ALA GE 114 43.86 155.43 -76.60
CA ALA GE 114 44.32 154.75 -77.80
C ALA GE 114 44.62 155.74 -78.91
N ALA GE 115 43.78 156.76 -79.06
CA ALA GE 115 44.01 157.77 -80.09
C ALA GE 115 45.33 158.50 -79.85
N GLN GE 116 45.59 158.87 -78.59
CA GLN GE 116 46.81 159.60 -78.28
C GLN GE 116 48.06 158.76 -78.54
N LEU GE 117 48.00 157.45 -78.37
CA LEU GE 117 49.08 156.56 -78.79
C LEU GE 117 48.94 156.11 -80.22
N ALA GE 118 47.88 156.54 -80.92
CA ALA GE 118 47.63 156.15 -82.31
C ALA GE 118 47.48 154.63 -82.44
N ILE GE 119 46.55 154.08 -81.67
CA ILE GE 119 46.20 152.66 -81.77
C ILE GE 119 44.82 152.57 -82.39
N ARG GE 120 44.68 151.74 -83.41
CA ARG GE 120 43.41 151.63 -84.11
C ARG GE 120 42.45 150.74 -83.34
N VAL GE 121 41.21 151.20 -83.18
CA VAL GE 121 40.16 150.46 -82.51
C VAL GE 121 39.01 150.26 -83.48
N THR GE 122 38.29 149.15 -83.31
CA THR GE 122 37.19 148.83 -84.22
C THR GE 122 35.98 149.70 -83.96
N ASN GE 123 35.64 149.91 -82.69
CA ASN GE 123 34.39 150.59 -82.31
C ASN GE 123 34.70 151.74 -81.36
N PRO GE 124 35.28 152.82 -81.87
CA PRO GE 124 35.40 154.04 -81.04
C PRO GE 124 34.06 154.60 -80.63
N ASN GE 125 33.04 154.49 -81.45
CA ASN GE 125 31.71 155.01 -81.17
C ASN GE 125 30.82 153.84 -80.77
N ALA GE 126 30.88 153.50 -79.49
CA ALA GE 126 30.17 152.33 -78.97
C ALA GE 126 29.21 152.64 -77.84
N ARG GE 127 29.15 153.88 -77.37
CA ARG GE 127 28.22 154.24 -76.31
C ARG GE 127 27.52 155.56 -76.57
N LEU GE 128 27.70 156.16 -77.73
CA LEU GE 128 27.19 157.49 -77.99
C LEU GE 128 26.33 157.54 -79.24
N SER HE 1 27.95 155.35 -134.64
CA SER HE 1 27.88 155.04 -136.06
C SER HE 1 28.77 153.85 -136.40
N GLY HE 2 28.28 152.65 -136.13
CA GLY HE 2 29.01 151.43 -136.41
C GLY HE 2 28.88 150.44 -135.26
N ARG HE 3 28.90 149.16 -135.60
CA ARG HE 3 28.77 148.13 -134.58
C ARG HE 3 30.08 147.92 -133.83
N LEU HE 4 31.14 147.55 -134.56
CA LEU HE 4 32.47 147.35 -133.98
C LEU HE 4 32.49 146.20 -132.96
N TRP HE 5 31.56 145.25 -133.08
CA TRP HE 5 31.66 144.01 -132.33
C TRP HE 5 30.82 142.95 -132.99
N SER HE 6 31.36 141.74 -133.06
CA SER HE 6 30.60 140.60 -133.56
C SER HE 6 29.56 140.19 -132.53
N LYS HE 7 28.36 139.87 -133.00
CA LYS HE 7 27.24 139.60 -132.11
C LYS HE 7 27.22 138.13 -131.76
N ALA HE 8 28.11 137.73 -130.85
CA ALA HE 8 28.11 136.38 -130.31
C ALA HE 8 26.94 136.21 -129.35
N ILE HE 9 26.67 134.96 -128.98
CA ILE HE 9 25.48 134.65 -128.19
C ILE HE 9 25.81 133.54 -127.19
N PHE HE 10 25.27 133.66 -125.99
CA PHE HE 10 25.56 132.72 -124.91
C PHE HE 10 25.01 131.34 -125.24
N ALA HE 11 25.81 130.31 -124.98
CA ALA HE 11 25.37 128.92 -125.10
C ALA HE 11 25.20 128.23 -123.76
N GLY HE 12 26.12 128.43 -122.83
CA GLY HE 12 26.03 127.79 -121.53
C GLY HE 12 27.43 127.63 -120.94
N TYR HE 13 27.46 126.99 -119.79
CA TYR HE 13 28.70 126.72 -119.09
C TYR HE 13 29.28 125.39 -119.54
N LYS HE 14 30.60 125.27 -119.45
CA LYS HE 14 31.23 123.99 -119.74
C LYS HE 14 30.73 122.95 -118.74
N ARG HE 15 30.47 121.75 -119.24
CA ARG HE 15 29.74 120.78 -118.44
C ARG HE 15 29.93 119.39 -119.00
N GLY HE 16 29.73 118.40 -118.14
CA GLY HE 16 29.47 117.04 -118.56
C GLY HE 16 27.97 116.81 -118.66
N LEU HE 17 27.62 115.53 -118.78
CA LEU HE 17 26.19 115.19 -118.79
C LEU HE 17 25.54 115.52 -117.46
N ARG HE 18 26.26 115.31 -116.35
CA ARG HE 18 25.69 115.48 -115.03
C ARG HE 18 26.52 116.40 -114.13
N ASN HE 19 27.63 116.95 -114.62
CA ASN HE 19 28.40 117.92 -113.87
C ASN HE 19 28.51 119.18 -114.71
N GLN HE 20 28.39 120.33 -114.05
CA GLN HE 20 28.42 121.61 -114.74
C GLN HE 20 29.42 122.53 -114.06
N ARG HE 21 30.38 123.03 -114.82
CA ARG HE 21 31.37 123.98 -114.33
C ARG HE 21 30.99 125.38 -114.80
N GLU HE 22 30.69 126.25 -113.84
CA GLU HE 22 30.10 127.54 -114.15
C GLU HE 22 31.11 128.68 -114.30
N HIS HE 23 32.39 128.44 -114.02
CA HIS HE 23 33.37 129.50 -114.11
C HIS HE 23 33.83 129.76 -115.54
N THR HE 24 33.41 128.93 -116.49
CA THR HE 24 33.71 129.16 -117.89
C THR HE 24 32.39 129.19 -118.66
N ALA HE 25 32.37 129.96 -119.74
CA ALA HE 25 31.18 130.08 -120.57
C ALA HE 25 31.50 129.58 -121.98
N LEU HE 26 30.49 129.03 -122.63
CA LEU HE 26 30.61 128.58 -124.01
C LEU HE 26 29.93 129.58 -124.93
N LEU HE 27 30.65 130.03 -125.95
CA LEU HE 27 30.23 131.14 -126.78
C LEU HE 27 30.00 130.65 -128.21
N LYS HE 28 28.87 131.03 -128.79
CA LYS HE 28 28.57 130.77 -130.19
C LYS HE 28 28.61 132.08 -130.95
N ILE HE 29 29.72 132.33 -131.64
CA ILE HE 29 29.88 133.51 -132.46
C ILE HE 29 29.17 133.28 -133.78
N GLU HE 30 28.43 134.28 -134.23
CA GLU HE 30 27.83 134.22 -135.56
C GLU HE 30 28.92 134.20 -136.62
N GLY HE 31 28.69 133.46 -137.70
CA GLY HE 31 29.57 133.43 -138.84
C GLY HE 31 30.65 132.37 -138.81
N VAL HE 32 30.92 131.79 -137.65
CA VAL HE 32 31.94 130.76 -137.52
C VAL HE 32 31.27 129.47 -137.11
N TYR HE 33 31.57 128.40 -137.84
CA TYR HE 33 31.00 127.09 -137.56
C TYR HE 33 32.06 126.01 -137.73
N ALA HE 34 33.32 126.39 -137.57
CA ALA HE 34 34.43 125.44 -137.70
C ALA HE 34 35.59 125.93 -136.88
N ARG HE 35 36.37 124.97 -136.37
CA ARG HE 35 37.55 125.29 -135.57
C ARG HE 35 38.56 126.12 -136.33
N ASP HE 36 38.65 125.97 -137.64
CA ASP HE 36 39.64 126.66 -138.44
C ASP HE 36 39.34 128.14 -138.63
N GLU HE 37 38.23 128.64 -138.07
CA GLU HE 37 37.85 130.03 -138.22
C GLU HE 37 37.92 130.80 -136.91
N THR HE 38 38.27 130.13 -135.82
CA THR HE 38 38.27 130.74 -134.49
C THR HE 38 39.54 131.51 -134.19
N GLU HE 39 40.53 131.46 -135.08
CA GLU HE 39 41.83 132.03 -134.77
C GLU HE 39 41.78 133.54 -134.66
N PHE HE 40 40.72 134.16 -135.19
CA PHE HE 40 40.60 135.60 -135.08
C PHE HE 40 40.22 136.01 -133.66
N TYR HE 41 39.24 135.34 -133.07
CA TYR HE 41 38.64 135.78 -131.83
C TYR HE 41 39.22 135.10 -130.60
N LEU HE 42 40.26 134.28 -130.77
CA LEU HE 42 40.75 133.47 -129.66
C LEU HE 42 41.27 134.28 -128.49
N GLY HE 43 41.66 135.53 -128.70
CA GLY HE 43 42.21 136.33 -127.63
C GLY HE 43 41.43 137.59 -127.36
N LYS HE 44 40.43 137.86 -128.19
CA LYS HE 44 39.67 139.09 -128.06
C LYS HE 44 38.84 139.07 -126.78
N ARG HE 45 38.68 140.26 -126.19
CA ARG HE 45 37.87 140.39 -124.99
C ARG HE 45 36.39 140.29 -125.36
N CYS HE 46 35.58 139.74 -124.45
CA CYS HE 46 34.15 139.60 -124.66
C CYS HE 46 33.41 140.20 -123.48
N ALA HE 47 32.23 140.75 -123.75
CA ALA HE 47 31.45 141.43 -122.72
C ALA HE 47 29.98 141.05 -122.83
N TYR HE 48 29.31 141.02 -121.67
CA TYR HE 48 27.87 140.85 -121.60
C TYR HE 48 27.27 142.15 -121.10
N VAL HE 49 26.33 142.68 -121.85
CA VAL HE 49 25.72 143.98 -121.54
C VAL HE 49 24.28 143.74 -121.09
N TYR HE 50 23.90 144.39 -119.99
CA TYR HE 50 22.55 144.26 -119.46
C TYR HE 50 22.17 145.54 -118.73
N LYS HE 51 20.88 145.68 -118.47
CA LYS HE 51 20.33 146.82 -117.75
C LYS HE 51 19.79 146.38 -116.40
N ALA HE 52 19.67 147.36 -115.50
CA ALA HE 52 19.21 147.07 -114.15
C ALA HE 52 18.42 148.27 -113.62
N LYS HE 53 17.62 148.02 -112.59
CA LYS HE 53 16.70 149.04 -112.09
C LYS HE 53 17.46 150.25 -111.54
N ASN HE 54 18.50 150.01 -110.75
CA ASN HE 54 19.26 151.12 -110.21
C ASN HE 54 20.19 151.72 -111.26
N ASN HE 55 20.55 152.97 -111.05
CA ASN HE 55 21.46 153.69 -111.93
C ASN HE 55 22.90 153.50 -111.45
N THR HE 56 23.77 153.15 -112.39
CA THR HE 56 25.17 152.91 -112.07
C THR HE 56 26.06 153.76 -112.95
N VAL HE 57 27.19 154.19 -112.37
CA VAL HE 57 28.10 155.09 -113.04
C VAL HE 57 28.66 154.44 -114.30
N THR HE 58 28.96 155.28 -115.30
CA THR HE 58 29.49 154.82 -116.57
C THR HE 58 30.78 155.56 -116.87
N PRO HE 59 31.86 154.86 -117.20
CA PRO HE 59 33.13 155.54 -117.51
C PRO HE 59 32.95 156.45 -118.72
N GLY HE 60 33.31 157.73 -118.54
CA GLY HE 60 33.10 158.70 -119.59
C GLY HE 60 31.64 158.85 -119.97
N GLY HE 61 30.75 158.82 -118.99
CA GLY HE 61 29.33 158.97 -119.27
C GLY HE 61 28.56 159.11 -117.98
N LYS HE 62 27.31 159.53 -118.12
CA LYS HE 62 26.43 159.69 -116.98
C LYS HE 62 26.05 158.32 -116.42
N PRO HE 63 25.65 158.27 -115.15
CA PRO HE 63 25.21 156.99 -114.58
C PRO HE 63 24.02 156.43 -115.34
N ASN HE 64 24.10 155.16 -115.70
CA ASN HE 64 23.11 154.50 -116.53
C ASN HE 64 22.63 153.21 -115.89
N LYS HE 65 21.48 152.74 -116.37
CA LYS HE 65 21.00 151.41 -116.00
C LYS HE 65 21.89 150.31 -116.55
N THR HE 66 22.76 150.62 -117.50
CA THR HE 66 23.59 149.63 -118.15
C THR HE 66 24.69 149.16 -117.21
N ARG HE 67 24.73 147.85 -116.98
CA ARG HE 67 25.83 147.21 -116.29
C ARG HE 67 26.34 146.08 -117.17
N VAL HE 68 27.65 145.88 -117.17
CA VAL HE 68 28.28 144.86 -117.99
C VAL HE 68 29.24 144.04 -117.14
N ILE HE 69 29.53 142.85 -117.61
CA ILE HE 69 30.55 141.98 -117.01
C ILE HE 69 31.56 141.66 -118.09
N TRP HE 70 32.83 141.96 -117.81
CA TRP HE 70 33.87 141.77 -118.81
C TRP HE 70 34.35 140.32 -118.84
N GLY HE 71 35.05 140.00 -119.92
CA GLY HE 71 35.62 138.67 -120.07
C GLY HE 71 36.46 138.62 -121.32
N LYS HE 72 37.09 137.47 -121.54
CA LYS HE 72 37.94 137.31 -122.70
C LYS HE 72 37.83 135.87 -123.20
N VAL HE 73 37.87 135.72 -124.53
CA VAL HE 73 37.84 134.40 -125.14
C VAL HE 73 39.15 133.69 -124.85
N THR HE 74 39.08 132.40 -124.53
CA THR HE 74 40.26 131.60 -124.26
C THR HE 74 40.65 130.73 -125.45
N ARG HE 75 39.76 129.86 -125.90
CA ARG HE 75 40.07 128.95 -126.99
C ARG HE 75 38.77 128.34 -127.52
N ALA HE 76 38.86 127.72 -128.68
CA ALA HE 76 37.71 127.07 -129.29
C ALA HE 76 37.42 125.76 -128.57
N HIS HE 77 36.13 125.40 -128.52
CA HIS HE 77 35.70 124.16 -127.88
C HIS HE 77 34.92 123.35 -128.90
N GLY HE 78 35.65 122.65 -129.76
CA GLY HE 78 35.17 121.48 -130.45
C GLY HE 78 34.64 121.67 -131.86
N ASN HE 79 35.51 121.52 -132.86
CA ASN HE 79 35.15 121.08 -134.20
C ASN HE 79 34.21 122.01 -134.96
N SER HE 80 33.63 123.01 -134.28
CA SER HE 80 32.75 123.95 -134.98
C SER HE 80 32.64 125.21 -134.12
N GLY HE 81 33.44 126.23 -134.48
CA GLY HE 81 33.46 127.46 -133.72
C GLY HE 81 33.43 127.22 -132.22
N MET HE 82 32.40 127.76 -131.56
CA MET HE 82 32.04 127.39 -130.19
C MET HE 82 33.22 127.55 -129.23
N VAL HE 83 33.67 128.79 -129.08
CA VAL HE 83 34.78 129.05 -128.18
C VAL HE 83 34.29 129.03 -126.73
N ARG HE 84 35.25 128.95 -125.83
CA ARG HE 84 34.99 129.06 -124.39
C ARG HE 84 35.73 130.27 -123.84
N ALA HE 85 35.07 131.02 -122.96
CA ALA HE 85 35.59 132.28 -122.49
C ALA HE 85 35.48 132.38 -120.97
N LYS HE 86 36.37 133.17 -120.39
CA LYS HE 86 36.43 133.41 -118.96
C LYS HE 86 36.06 134.87 -118.70
N PHE HE 87 35.11 135.07 -117.80
CA PHE HE 87 34.66 136.41 -117.43
C PHE HE 87 35.16 136.75 -116.03
N ARG HE 88 35.25 138.06 -115.76
CA ARG HE 88 35.72 138.51 -114.45
C ARG HE 88 34.88 137.88 -113.34
N SER HE 89 33.56 137.93 -113.48
CA SER HE 89 32.64 137.15 -112.67
C SER HE 89 31.82 136.28 -113.60
N ASN HE 90 31.51 135.07 -113.15
CA ASN HE 90 30.81 134.13 -114.01
C ASN HE 90 29.41 134.64 -114.32
N LEU HE 91 28.90 134.28 -115.49
CA LEU HE 91 27.66 134.87 -115.99
C LEU HE 91 26.45 134.21 -115.34
N PRO HE 92 25.44 134.99 -114.98
CA PRO HE 92 24.18 134.40 -114.49
C PRO HE 92 23.51 133.59 -115.58
N ALA HE 93 22.83 132.52 -115.15
CA ALA HE 93 22.23 131.57 -116.08
C ALA HE 93 21.14 132.21 -116.94
N LYS HE 94 20.50 133.27 -116.46
CA LYS HE 94 19.44 133.90 -117.23
C LYS HE 94 19.94 134.51 -118.53
N ALA HE 95 21.26 134.70 -118.66
CA ALA HE 95 21.85 135.22 -119.88
C ALA HE 95 21.97 134.16 -120.97
N ILE HE 96 21.63 132.91 -120.68
CA ILE HE 96 21.71 131.86 -121.68
C ILE HE 96 20.80 132.19 -122.84
N GLY HE 97 21.32 132.06 -124.06
CA GLY HE 97 20.56 132.44 -125.23
C GLY HE 97 20.36 133.93 -125.40
N HIS HE 98 21.34 134.74 -124.99
CA HIS HE 98 21.26 136.19 -125.09
C HIS HE 98 22.53 136.72 -125.75
N ARG HE 99 22.48 137.99 -126.14
CA ARG HE 99 23.55 138.60 -126.91
C ARG HE 99 24.81 138.75 -126.07
N ILE HE 100 25.94 138.38 -126.66
CA ILE HE 100 27.26 138.60 -126.06
C ILE HE 100 28.10 139.34 -127.07
N ARG HE 101 28.70 140.45 -126.65
CA ARG HE 101 29.54 141.23 -127.55
C ARG HE 101 30.98 140.76 -127.43
N VAL HE 102 31.65 140.63 -128.58
CA VAL HE 102 33.10 140.54 -128.65
C VAL HE 102 33.58 141.70 -129.53
N MET HE 103 34.40 142.58 -128.96
CA MET HE 103 34.58 143.90 -129.55
C MET HE 103 36.00 144.08 -130.06
N LEU HE 104 36.52 143.06 -130.75
CA LEU HE 104 37.79 143.09 -131.46
C LEU HE 104 38.91 143.78 -130.69
N TYR HE 105 38.89 143.68 -129.37
CA TYR HE 105 39.91 144.23 -128.49
C TYR HE 105 41.12 143.32 -128.59
N PRO HE 106 42.21 143.54 -127.81
CA PRO HE 106 43.56 143.53 -128.41
C PRO HE 106 43.74 142.53 -129.54
N SER HE 107 44.09 143.04 -130.70
CA SER HE 107 44.09 142.27 -131.94
C SER HE 107 45.51 142.07 -132.44
N ARG HE 108 45.78 140.89 -132.95
CA ARG HE 108 47.06 140.57 -133.58
C ARG HE 108 47.03 140.84 -135.07
N ILE HE 109 45.95 141.41 -135.59
CA ILE HE 109 45.88 141.77 -137.00
C ILE HE 109 45.96 143.28 -137.13
N VAL IE 1 -61.28 110.14 -56.09
CA VAL IE 1 -60.54 109.23 -55.21
C VAL IE 1 -59.24 109.89 -54.77
N GLN IE 2 -58.79 109.55 -53.57
CA GLN IE 2 -57.60 110.14 -52.99
C GLN IE 2 -56.58 109.03 -52.74
N ARG IE 3 -55.54 109.00 -53.54
CA ARG IE 3 -54.44 108.08 -53.29
C ARG IE 3 -53.71 108.48 -52.01
N LEU IE 4 -53.20 107.50 -51.29
CA LEU IE 4 -52.76 107.69 -49.92
C LEU IE 4 -51.26 107.54 -49.79
N THR IE 5 -50.76 108.00 -48.64
CA THR IE 5 -49.36 107.83 -48.25
C THR IE 5 -49.30 107.36 -46.82
N TYR IE 6 -48.24 106.63 -46.50
CA TYR IE 6 -48.03 106.19 -45.13
C TYR IE 6 -47.81 107.40 -44.22
N ARG IE 7 -47.99 107.19 -42.92
CA ARG IE 7 -47.76 108.24 -41.94
C ARG IE 7 -46.39 108.18 -41.29
N ARG IE 8 -45.75 107.02 -41.30
CA ARG IE 8 -44.45 106.86 -40.67
C ARG IE 8 -43.39 106.57 -41.71
N ARG IE 9 -42.14 106.50 -41.25
CA ARG IE 9 -41.03 106.28 -42.16
C ARG IE 9 -40.98 104.86 -42.70
N LEU IE 10 -41.60 103.91 -42.01
CA LEU IE 10 -41.56 102.52 -42.46
C LEU IE 10 -42.46 102.37 -43.67
N SER IE 11 -41.85 102.34 -44.86
CA SER IE 11 -42.59 102.21 -46.10
C SER IE 11 -42.61 100.76 -46.60
N TYR IE 12 -42.54 99.80 -45.68
CA TYR IE 12 -42.52 98.39 -46.03
C TYR IE 12 -43.73 97.71 -45.42
N ASN IE 13 -44.37 96.85 -46.21
CA ASN IE 13 -45.63 96.20 -45.80
C ASN IE 13 -45.34 94.98 -44.93
N THR IE 14 -44.65 95.22 -43.83
CA THR IE 14 -44.44 94.17 -42.84
C THR IE 14 -45.71 93.95 -42.04
N ALA IE 15 -45.68 92.91 -41.20
CA ALA IE 15 -46.82 92.63 -40.34
C ALA IE 15 -47.07 93.76 -39.35
N SER IE 16 -46.02 94.34 -38.77
CA SER IE 16 -46.17 95.44 -37.83
C SER IE 16 -46.53 96.75 -38.53
N ASN IE 17 -46.68 96.73 -39.85
CA ASN IE 17 -47.10 97.90 -40.60
C ASN IE 17 -48.56 97.81 -41.03
N LYS IE 18 -49.32 96.89 -40.45
CA LYS IE 18 -50.73 96.73 -40.79
C LYS IE 18 -51.49 98.01 -40.41
N THR IE 19 -52.28 98.52 -41.34
CA THR IE 19 -52.92 99.81 -41.19
C THR IE 19 -54.40 99.73 -41.54
N ARG IE 20 -55.09 100.85 -41.32
CA ARG IE 20 -56.51 100.95 -41.59
C ARG IE 20 -56.81 102.36 -42.08
N LEU IE 21 -57.88 102.49 -42.86
CA LEU IE 21 -58.29 103.76 -43.41
C LEU IE 21 -59.39 104.39 -42.55
N SER IE 22 -59.60 105.68 -42.75
CA SER IE 22 -60.56 106.42 -41.94
C SER IE 22 -61.00 107.68 -42.65
N ARG IE 23 -62.12 108.23 -42.19
CA ARG IE 23 -62.69 109.47 -42.71
C ARG IE 23 -62.62 110.50 -41.60
N THR IE 24 -61.59 111.33 -41.62
CA THR IE 24 -61.44 112.36 -40.60
C THR IE 24 -62.49 113.45 -40.79
N PRO IE 25 -62.89 114.10 -39.70
CA PRO IE 25 -63.72 115.32 -39.85
C PRO IE 25 -63.12 116.34 -40.78
N GLY IE 26 -61.85 116.20 -41.17
CA GLY IE 26 -61.28 116.99 -42.23
C GLY IE 26 -61.72 116.58 -43.61
N ASN IE 27 -62.64 115.63 -43.71
CA ASN IE 27 -63.21 115.18 -44.98
C ASN IE 27 -62.14 114.65 -45.93
N ARG IE 28 -61.09 114.08 -45.38
CA ARG IE 28 -60.08 113.39 -46.18
C ARG IE 28 -59.88 111.99 -45.61
N ILE IE 29 -59.02 111.21 -46.27
CA ILE IE 29 -58.79 109.82 -45.91
C ILE IE 29 -57.33 109.66 -45.55
N VAL IE 30 -57.06 109.08 -44.37
CA VAL IE 30 -55.72 108.84 -43.89
C VAL IE 30 -55.64 107.42 -43.36
N TYR IE 31 -54.43 107.02 -42.99
CA TYR IE 31 -54.18 105.68 -42.49
C TYR IE 31 -54.11 105.68 -40.97
N LEU IE 32 -54.42 104.53 -40.38
CA LEU IE 32 -54.22 104.27 -38.96
C LEU IE 32 -53.56 102.91 -38.80
N TYR IE 33 -52.37 102.89 -38.21
CA TYR IE 33 -51.64 101.66 -38.00
C TYR IE 33 -52.34 100.87 -36.91
N THR IE 34 -53.11 99.86 -37.30
CA THR IE 34 -53.85 99.07 -36.33
C THR IE 34 -52.92 98.20 -35.51
N LYS IE 35 -53.29 97.97 -34.26
CA LYS IE 35 -52.62 96.97 -33.45
C LYS IE 35 -53.01 95.57 -33.95
N LYS IE 36 -52.07 94.64 -33.84
CA LYS IE 36 -52.35 93.28 -34.26
C LYS IE 36 -53.42 92.67 -33.36
N VAL IE 37 -54.12 91.67 -33.89
CA VAL IE 37 -55.20 91.04 -33.14
C VAL IE 37 -54.60 90.18 -32.02
N GLY IE 38 -55.37 90.03 -30.95
CA GLY IE 38 -55.04 89.10 -29.89
C GLY IE 38 -55.85 87.82 -30.05
N LYS IE 39 -55.43 86.80 -29.30
CA LYS IE 39 -56.09 85.52 -29.32
C LYS IE 39 -56.35 85.05 -27.90
N ALA IE 40 -57.47 84.36 -27.71
CA ALA IE 40 -57.79 83.80 -26.41
C ALA IE 40 -56.78 82.70 -26.09
N PRO IE 41 -56.57 82.42 -24.81
CA PRO IE 41 -55.60 81.37 -24.45
C PRO IE 41 -56.03 80.01 -24.96
N LYS IE 42 -55.05 79.19 -25.31
CA LYS IE 42 -55.30 77.78 -25.55
C LYS IE 42 -55.22 77.02 -24.23
N SER IE 43 -56.10 76.04 -24.10
CA SER IE 43 -56.19 75.29 -22.85
C SER IE 43 -54.91 74.49 -22.63
N ALA IE 44 -54.52 74.36 -21.35
CA ALA IE 44 -53.38 73.52 -21.01
C ALA IE 44 -53.70 72.04 -21.15
N CYS IE 45 -54.96 71.70 -21.44
CA CYS IE 45 -55.32 70.31 -21.68
C CYS IE 45 -54.53 69.74 -22.85
N GLY IE 46 -54.11 70.59 -23.76
CA GLY IE 46 -53.35 70.16 -24.91
C GLY IE 46 -54.12 69.30 -25.89
N VAL IE 47 -55.41 69.11 -25.66
CA VAL IE 47 -56.24 68.29 -26.52
C VAL IE 47 -57.39 69.08 -27.13
N CYS IE 48 -58.06 69.89 -26.33
CA CYS IE 48 -59.13 70.72 -26.83
C CYS IE 48 -58.54 71.84 -27.69
N PRO IE 49 -58.93 71.97 -28.95
CA PRO IE 49 -58.32 72.98 -29.82
C PRO IE 49 -58.95 74.35 -29.63
N GLY IE 50 -60.21 74.39 -29.22
CA GLY IE 50 -60.87 75.67 -29.03
C GLY IE 50 -60.23 76.49 -27.92
N ARG IE 51 -60.16 77.79 -28.15
CA ARG IE 51 -59.57 78.70 -27.18
C ARG IE 51 -60.54 78.95 -26.03
N LEU IE 52 -60.01 79.50 -24.94
CA LEU IE 52 -60.80 79.71 -23.75
C LEU IE 52 -61.86 80.79 -23.98
N ARG IE 53 -63.06 80.54 -23.48
CA ARG IE 53 -64.16 81.48 -23.61
C ARG IE 53 -64.18 82.45 -22.44
N GLY IE 54 -64.90 83.56 -22.64
CA GLY IE 54 -65.17 84.50 -21.58
C GLY IE 54 -64.03 85.42 -21.21
N VAL IE 55 -62.88 85.31 -21.87
CA VAL IE 55 -61.70 86.09 -21.54
C VAL IE 55 -61.36 86.97 -22.73
N ARG IE 56 -61.02 88.23 -22.45
CA ARG IE 56 -60.69 89.17 -23.50
C ARG IE 56 -59.49 88.67 -24.31
N ALA IE 57 -59.63 88.67 -25.64
CA ALA IE 57 -58.59 88.14 -26.53
C ALA IE 57 -57.81 89.31 -27.12
N VAL IE 58 -56.69 89.65 -26.49
CA VAL IE 58 -55.89 90.82 -26.84
C VAL IE 58 -54.42 90.45 -26.75
N ARG IE 59 -53.57 91.45 -27.02
CA ARG IE 59 -52.14 91.25 -27.05
C ARG IE 59 -51.60 90.94 -25.65
N PRO IE 60 -50.41 90.35 -25.57
CA PRO IE 60 -49.87 90.01 -24.24
C PRO IE 60 -49.49 91.22 -23.40
N LYS IE 61 -48.85 92.23 -23.98
CA LYS IE 61 -48.31 93.32 -23.17
C LYS IE 61 -49.35 94.35 -22.76
N VAL IE 62 -50.61 94.16 -23.15
CA VAL IE 62 -51.66 95.10 -22.76
C VAL IE 62 -52.45 94.62 -21.56
N LEU IE 63 -52.25 93.36 -21.15
CA LEU IE 63 -53.04 92.78 -20.07
C LEU IE 63 -52.89 93.52 -18.75
N MET IE 64 -51.97 94.49 -18.66
CA MET IE 64 -51.81 95.22 -17.41
C MET IE 64 -53.10 95.93 -17.04
N ARG IE 65 -53.62 96.73 -17.95
CA ARG IE 65 -54.79 97.55 -17.67
C ARG IE 65 -56.08 96.75 -17.58
N LEU IE 66 -56.09 95.51 -18.05
CA LEU IE 66 -57.28 94.70 -17.87
C LEU IE 66 -57.41 94.25 -16.42
N SER IE 67 -58.63 94.31 -15.91
CA SER IE 67 -58.88 93.89 -14.54
C SER IE 67 -58.74 92.37 -14.42
N LYS IE 68 -58.69 91.90 -13.17
CA LYS IE 68 -58.52 90.48 -12.94
C LYS IE 68 -59.68 89.68 -13.50
N THR IE 69 -60.90 90.16 -13.31
CA THR IE 69 -62.07 89.42 -13.77
C THR IE 69 -62.09 89.23 -15.29
N LYS IE 70 -61.53 90.16 -16.04
CA LYS IE 70 -61.51 90.09 -17.49
C LYS IE 70 -60.51 89.05 -18.00
N LYS IE 71 -59.62 88.55 -17.15
CA LYS IE 71 -58.55 87.67 -17.56
C LYS IE 71 -58.76 86.23 -17.13
N HIS IE 72 -59.92 85.92 -16.57
CA HIS IE 72 -60.18 84.56 -16.08
C HIS IE 72 -61.68 84.41 -15.84
N VAL IE 73 -62.06 83.20 -15.45
CA VAL IE 73 -63.46 82.86 -15.21
C VAL IE 73 -63.56 82.27 -13.81
N SER IE 74 -64.66 82.56 -13.13
CA SER IE 74 -64.83 82.21 -11.72
C SER IE 74 -65.02 80.70 -11.62
N ARG IE 75 -63.91 79.99 -11.67
CA ARG IE 75 -63.91 78.54 -11.55
C ARG IE 75 -62.49 78.08 -11.24
N ALA IE 76 -62.39 76.90 -10.64
CA ALA IE 76 -61.08 76.28 -10.45
C ALA IE 76 -60.41 76.11 -11.81
N TYR IE 77 -59.12 76.36 -11.86
CA TYR IE 77 -58.35 76.37 -13.09
C TYR IE 77 -58.84 77.43 -14.07
N GLY IE 78 -59.65 78.37 -13.59
CA GLY IE 78 -60.33 79.29 -14.48
C GLY IE 78 -59.35 80.17 -15.24
N GLY IE 79 -59.72 80.51 -16.47
CA GLY IE 79 -58.86 81.30 -17.31
C GLY IE 79 -57.69 80.56 -17.91
N SER IE 80 -57.51 79.29 -17.58
CA SER IE 80 -56.45 78.48 -18.16
C SER IE 80 -56.87 77.09 -18.58
N MET IE 81 -58.05 76.63 -18.18
CA MET IE 81 -58.50 75.26 -18.42
C MET IE 81 -59.94 75.26 -18.91
N CYS IE 82 -60.24 74.37 -19.86
CA CYS IE 82 -61.59 74.23 -20.36
C CYS IE 82 -62.45 73.42 -19.39
N ALA IE 83 -63.71 73.83 -19.28
CA ALA IE 83 -64.63 73.21 -18.32
C ALA IE 83 -64.78 71.72 -18.58
N LYS IE 84 -64.86 71.33 -19.85
CA LYS IE 84 -64.87 69.91 -20.20
C LYS IE 84 -63.67 69.21 -19.58
N CYS IE 85 -62.46 69.69 -19.88
CA CYS IE 85 -61.28 69.05 -19.33
C CYS IE 85 -61.21 69.18 -17.82
N VAL IE 86 -61.75 70.25 -17.26
CA VAL IE 86 -61.79 70.37 -15.81
C VAL IE 86 -62.60 69.24 -15.20
N ARG IE 87 -63.81 69.03 -15.70
CA ARG IE 87 -64.64 67.95 -15.17
C ARG IE 87 -64.02 66.59 -15.42
N ASP IE 88 -63.32 66.43 -16.54
CA ASP IE 88 -62.59 65.18 -16.76
C ASP IE 88 -61.51 64.98 -15.71
N ARG IE 89 -60.80 66.06 -15.36
CA ARG IE 89 -59.79 65.96 -14.31
C ARG IE 89 -60.41 65.54 -12.99
N ILE IE 90 -61.53 66.16 -12.63
CA ILE IE 90 -62.19 65.82 -11.37
C ILE IE 90 -62.58 64.35 -11.36
N LYS IE 91 -63.26 63.91 -12.42
CA LYS IE 91 -63.74 62.53 -12.47
C LYS IE 91 -62.57 61.56 -12.45
N ARG IE 92 -61.54 61.83 -13.24
CA ARG IE 92 -60.38 60.95 -13.27
C ARG IE 92 -59.75 60.82 -11.90
N ALA IE 93 -59.46 61.97 -11.26
CA ALA IE 93 -58.79 61.94 -9.97
C ALA IE 93 -59.60 61.16 -8.95
N PHE IE 94 -60.88 61.50 -8.82
CA PHE IE 94 -61.69 60.82 -7.80
C PHE IE 94 -61.80 59.33 -8.09
N LEU IE 95 -62.06 58.97 -9.34
CA LEU IE 95 -62.27 57.57 -9.66
C LEU IE 95 -61.00 56.76 -9.44
N ILE IE 96 -59.83 57.35 -9.69
CA ILE IE 96 -58.63 56.56 -9.47
C ILE IE 96 -58.24 56.54 -8.01
N GLU IE 97 -58.63 57.53 -7.20
CA GLU IE 97 -58.55 57.32 -5.75
C GLU IE 97 -59.42 56.16 -5.33
N GLU IE 98 -60.61 56.04 -5.93
CA GLU IE 98 -61.46 54.89 -5.65
C GLU IE 98 -60.75 53.60 -6.07
N GLN IE 99 -60.10 53.62 -7.22
CA GLN IE 99 -59.40 52.41 -7.70
C GLN IE 99 -58.28 52.03 -6.74
N LYS IE 100 -57.55 53.01 -6.23
CA LYS IE 100 -56.45 52.69 -5.33
C LYS IE 100 -56.97 52.21 -3.98
N ILE IE 101 -58.08 52.75 -3.49
CA ILE IE 101 -58.62 52.21 -2.24
C ILE IE 101 -59.19 50.82 -2.47
N VAL IE 102 -59.69 50.57 -3.68
CA VAL IE 102 -60.12 49.22 -4.04
C VAL IE 102 -58.93 48.26 -4.00
N VAL IE 103 -57.81 48.66 -4.61
CA VAL IE 103 -56.66 47.77 -4.60
C VAL IE 103 -56.13 47.59 -3.19
N LYS IE 104 -56.21 48.63 -2.35
CA LYS IE 104 -55.81 48.49 -0.95
C LYS IE 104 -56.68 47.48 -0.22
N VAL IE 105 -58.01 47.57 -0.41
CA VAL IE 105 -58.88 46.65 0.32
C VAL IE 105 -58.72 45.22 -0.21
N LEU IE 106 -58.50 45.05 -1.52
CA LEU IE 106 -58.27 43.71 -2.04
C LEU IE 106 -56.98 43.12 -1.49
N LYS IE 107 -55.90 43.89 -1.51
CA LYS IE 107 -54.65 43.40 -0.93
C LYS IE 107 -54.82 43.09 0.55
N ALA IE 108 -55.66 43.87 1.24
CA ALA IE 108 -55.91 43.62 2.65
C ALA IE 108 -56.59 42.28 2.88
N GLN IE 109 -57.57 41.93 2.04
CA GLN IE 109 -58.29 40.67 2.24
C GLN IE 109 -57.41 39.47 1.92
N ALA IE 110 -56.51 39.60 0.94
CA ALA IE 110 -55.71 38.46 0.49
C ALA IE 110 -54.73 37.98 1.55
N GLN IE 111 -54.40 38.82 2.54
CA GLN IE 111 -53.39 38.48 3.54
C GLN IE 111 -53.98 37.66 4.69
N SER IE 112 -55.13 37.02 4.47
CA SER IE 112 -55.70 36.12 5.45
C SER IE 112 -55.00 34.77 5.50
N GLN IE 113 -54.12 34.50 4.55
CA GLN IE 113 -53.41 33.23 4.48
C GLN IE 113 -51.91 33.47 4.59
N LYS IE 114 -51.25 32.67 5.41
CA LYS IE 114 -49.81 32.83 5.65
C LYS IE 114 -49.00 32.18 4.54
N ALA JE 1 -10.48 149.69 -14.54
CA ALA JE 1 -11.59 148.74 -14.48
C ALA JE 1 -11.10 147.33 -14.80
N LYS JE 2 -9.79 147.16 -14.81
CA LYS JE 2 -9.18 145.89 -15.20
C LYS JE 2 -8.51 145.27 -13.97
N ILE JE 3 -8.82 144.01 -13.70
CA ILE JE 3 -8.37 143.33 -12.50
C ILE JE 3 -7.02 142.67 -12.77
N LYS JE 4 -6.13 142.76 -11.79
CA LYS JE 4 -4.84 142.09 -11.83
C LYS JE 4 -4.81 140.92 -10.87
N ALA JE 5 -3.86 140.01 -11.08
CA ALA JE 5 -3.80 138.80 -10.27
C ALA JE 5 -3.26 139.07 -8.87
N ARG JE 6 -2.23 139.90 -8.75
CA ARG JE 6 -1.50 140.01 -7.49
C ARG JE 6 -2.38 140.51 -6.35
N ASP JE 7 -3.33 141.40 -6.65
CA ASP JE 7 -4.24 141.88 -5.62
C ASP JE 7 -5.39 140.93 -5.36
N LEU JE 8 -5.63 139.98 -6.26
CA LEU JE 8 -6.71 139.02 -6.09
C LEU JE 8 -6.39 137.94 -5.07
N ARG JE 9 -5.10 137.67 -4.84
CA ARG JE 9 -4.73 136.59 -3.93
C ARG JE 9 -5.08 136.88 -2.48
N GLY JE 10 -5.18 138.15 -2.10
CA GLY JE 10 -5.45 138.46 -0.70
C GLY JE 10 -6.87 138.17 -0.27
N LYS JE 11 -7.81 138.16 -1.22
CA LYS JE 11 -9.21 138.00 -0.87
C LYS JE 11 -9.52 136.57 -0.45
N LYS JE 12 -10.60 136.42 0.31
CA LYS JE 12 -11.12 135.12 0.66
C LYS JE 12 -11.83 134.50 -0.54
N LYS JE 13 -12.22 133.23 -0.41
CA LYS JE 13 -12.75 132.53 -1.57
C LYS JE 13 -14.18 132.92 -1.92
N GLU JE 14 -15.02 133.24 -0.92
CA GLU JE 14 -16.43 133.47 -1.19
C GLU JE 14 -16.65 134.71 -2.05
N GLU JE 15 -16.04 135.83 -1.68
CA GLU JE 15 -16.16 137.01 -2.52
C GLU JE 15 -15.50 136.79 -3.87
N LEU JE 16 -14.51 135.91 -3.94
CA LEU JE 16 -13.92 135.55 -5.23
C LEU JE 16 -14.95 134.85 -6.12
N LEU JE 17 -15.72 133.92 -5.54
CA LEU JE 17 -16.78 133.29 -6.31
C LEU JE 17 -17.83 134.31 -6.72
N LYS JE 18 -18.12 135.28 -5.84
CA LYS JE 18 -19.07 136.33 -6.20
C LYS JE 18 -18.55 137.15 -7.38
N GLN JE 19 -17.26 137.45 -7.39
CA GLN JE 19 -16.67 138.18 -8.50
C GLN JE 19 -16.75 137.36 -9.79
N LEU JE 20 -16.46 136.07 -9.70
CA LEU JE 20 -16.67 135.20 -10.84
C LEU JE 20 -18.11 135.26 -11.31
N ASP JE 21 -19.05 135.23 -10.37
CA ASP JE 21 -20.47 135.23 -10.71
C ASP JE 21 -20.82 136.46 -11.53
N ASP JE 22 -20.62 137.66 -10.97
CA ASP JE 22 -21.10 138.84 -11.67
C ASP JE 22 -20.30 139.08 -12.94
N LEU JE 23 -18.99 138.77 -12.92
CA LEU JE 23 -18.21 138.88 -14.13
C LEU JE 23 -18.77 138.00 -15.25
N LYS JE 24 -19.10 136.75 -14.93
CA LYS JE 24 -19.55 135.85 -15.98
C LYS JE 24 -20.98 136.12 -16.41
N VAL JE 25 -21.84 136.62 -15.54
CA VAL JE 25 -23.17 137.02 -16.04
C VAL JE 25 -23.03 138.25 -16.94
N GLU JE 26 -22.10 139.14 -16.61
CA GLU JE 26 -21.82 140.23 -17.53
C GLU JE 26 -21.32 139.70 -18.87
N LEU JE 27 -20.48 138.67 -18.85
CA LEU JE 27 -20.05 138.05 -20.10
C LEU JE 27 -21.24 137.50 -20.87
N SER JE 28 -22.16 136.86 -20.15
CA SER JE 28 -23.37 136.35 -20.78
C SER JE 28 -24.11 137.47 -21.50
N GLN JE 29 -24.39 138.56 -20.77
CA GLN JE 29 -25.14 139.66 -21.39
C GLN JE 29 -24.34 140.30 -22.52
N LEU JE 30 -23.00 140.23 -22.45
CA LEU JE 30 -22.19 140.68 -23.56
C LEU JE 30 -22.44 139.83 -24.79
N ARG JE 31 -22.52 138.52 -24.62
CA ARG JE 31 -22.88 137.64 -25.72
C ARG JE 31 -24.24 138.01 -26.28
N VAL JE 32 -25.20 138.27 -25.38
CA VAL JE 32 -26.53 138.67 -25.81
C VAL JE 32 -26.46 139.91 -26.68
N ALA JE 33 -25.75 140.94 -26.21
CA ALA JE 33 -25.61 142.15 -27.00
C ALA JE 33 -24.95 141.87 -28.33
N LYS JE 34 -23.96 140.97 -28.35
CA LYS JE 34 -23.30 140.62 -29.59
C LYS JE 34 -24.29 140.03 -30.59
N VAL JE 35 -25.17 139.16 -30.12
CA VAL JE 35 -26.10 138.48 -31.02
C VAL JE 35 -27.03 139.49 -31.68
N THR JE 36 -27.38 140.55 -30.97
CA THR JE 36 -28.32 141.55 -31.47
C THR JE 36 -27.62 142.70 -32.17
N GLY JE 37 -26.49 142.44 -32.82
CA GLY JE 37 -25.75 143.50 -33.49
C GLY JE 37 -24.90 144.28 -32.52
N GLY JE 38 -25.54 144.88 -31.52
CA GLY JE 38 -24.84 145.53 -30.42
C GLY JE 38 -23.95 146.68 -30.87
N ALA JE 39 -22.82 146.82 -30.17
CA ALA JE 39 -21.86 147.87 -30.44
C ALA JE 39 -20.46 147.28 -30.48
N ALA JE 40 -19.59 147.91 -31.27
CA ALA JE 40 -18.22 147.43 -31.39
C ALA JE 40 -17.48 147.50 -30.06
N SER JE 41 -17.74 148.54 -29.27
CA SER JE 41 -17.13 148.63 -27.95
C SER JE 41 -17.52 147.44 -27.08
N LYS JE 42 -18.80 147.05 -27.14
CA LYS JE 42 -19.22 145.84 -26.45
C LYS JE 42 -18.49 144.62 -27.00
N LEU JE 43 -18.34 144.54 -28.32
CA LEU JE 43 -17.73 143.36 -28.92
C LEU JE 43 -16.30 143.15 -28.44
N SER JE 44 -15.53 144.23 -28.37
CA SER JE 44 -14.15 144.12 -27.91
C SER JE 44 -14.07 143.68 -26.46
N LYS JE 45 -15.06 144.02 -25.64
CA LYS JE 45 -15.01 143.68 -24.23
C LYS JE 45 -15.15 142.18 -23.96
N ILE JE 46 -15.62 141.40 -24.93
CA ILE JE 46 -15.81 139.98 -24.69
C ILE JE 46 -14.48 139.30 -24.38
N ARG JE 47 -13.43 139.65 -25.14
CA ARG JE 47 -12.14 139.02 -24.90
C ARG JE 47 -11.61 139.35 -23.51
N VAL JE 48 -11.67 140.62 -23.12
CA VAL JE 48 -11.06 141.03 -21.87
C VAL JE 48 -11.79 140.40 -20.68
N VAL JE 49 -13.11 140.27 -20.76
CA VAL JE 49 -13.82 139.68 -19.64
C VAL JE 49 -13.52 138.20 -19.54
N ARG JE 50 -13.37 137.52 -20.67
CA ARG JE 50 -12.98 136.11 -20.63
C ARG JE 50 -11.60 135.95 -20.00
N LYS JE 51 -10.66 136.81 -20.36
CA LYS JE 51 -9.35 136.73 -19.72
C LYS JE 51 -9.42 137.05 -18.24
N SER JE 52 -10.33 137.95 -17.85
CA SER JE 52 -10.52 138.21 -16.42
C SER JE 52 -11.05 136.96 -15.72
N ILE JE 53 -11.98 136.25 -16.34
CA ILE JE 53 -12.45 134.98 -15.79
C ILE JE 53 -11.27 134.03 -15.61
N ALA JE 54 -10.43 133.94 -16.64
CA ALA JE 54 -9.25 133.07 -16.55
C ALA JE 54 -8.38 133.46 -15.36
N ARG JE 55 -8.16 134.76 -15.18
CA ARG JE 55 -7.37 135.23 -14.06
C ARG JE 55 -7.97 134.77 -12.73
N VAL JE 56 -9.27 135.01 -12.55
CA VAL JE 56 -9.88 134.74 -11.25
C VAL JE 56 -9.88 133.24 -10.95
N LEU JE 57 -10.22 132.40 -11.93
CA LEU JE 57 -10.27 130.98 -11.61
C LEU JE 57 -8.88 130.40 -11.48
N THR JE 58 -7.88 131.00 -12.14
CA THR JE 58 -6.50 130.60 -11.87
C THR JE 58 -6.14 130.89 -10.42
N VAL JE 59 -6.54 132.05 -9.92
CA VAL JE 59 -6.30 132.35 -8.50
C VAL JE 59 -6.98 131.32 -7.62
N ILE JE 60 -8.23 130.97 -7.94
CA ILE JE 60 -8.96 129.99 -7.14
C ILE JE 60 -8.22 128.66 -7.12
N ASN JE 61 -7.86 128.17 -8.29
CA ASN JE 61 -7.19 126.87 -8.37
C ASN JE 61 -5.85 126.89 -7.66
N GLN JE 62 -5.07 127.95 -7.86
CA GLN JE 62 -3.76 128.03 -7.22
C GLN JE 62 -3.90 128.07 -5.70
N THR JE 63 -4.86 128.85 -5.19
CA THR JE 63 -5.04 128.92 -3.74
C THR JE 63 -5.48 127.58 -3.18
N GLN JE 64 -6.42 126.91 -3.83
CA GLN JE 64 -6.83 125.60 -3.34
C GLN JE 64 -5.68 124.61 -3.39
N LYS JE 65 -4.90 124.65 -4.47
CA LYS JE 65 -3.77 123.74 -4.60
C LYS JE 65 -2.74 123.96 -3.50
N GLU JE 66 -2.39 125.22 -3.22
CA GLU JE 66 -1.42 125.46 -2.17
C GLU JE 66 -2.00 125.11 -0.80
N ASN JE 67 -3.29 125.36 -0.60
CA ASN JE 67 -3.95 124.97 0.63
C ASN JE 67 -3.79 123.48 0.88
N LEU JE 68 -4.11 122.68 -0.15
CA LEU JE 68 -4.05 121.23 0.05
C LEU JE 68 -2.61 120.73 0.07
N ARG JE 69 -1.69 121.43 -0.60
CA ARG JE 69 -0.28 121.10 -0.52
C ARG JE 69 0.23 121.26 0.90
N LYS JE 70 -0.01 122.43 1.50
CA LYS JE 70 0.45 122.65 2.86
C LYS JE 70 -0.29 121.77 3.85
N PHE JE 71 -1.56 121.46 3.57
CA PHE JE 71 -2.27 120.52 4.43
C PHE JE 71 -1.62 119.14 4.41
N TYR JE 72 -1.24 118.67 3.23
CA TYR JE 72 -0.70 117.33 3.09
C TYR JE 72 0.81 117.28 3.28
N LYS JE 73 1.45 118.38 3.63
CA LYS JE 73 2.89 118.36 3.87
C LYS JE 73 3.21 117.47 5.05
N GLY JE 74 4.21 116.60 4.88
CA GLY JE 74 4.65 115.70 5.90
C GLY JE 74 3.86 114.41 6.01
N LYS JE 75 2.78 114.27 5.25
CA LYS JE 75 1.97 113.08 5.32
C LYS JE 75 2.67 111.91 4.65
N LYS JE 76 2.46 110.71 5.20
CA LYS JE 76 3.04 109.50 4.60
C LYS JE 76 2.48 109.27 3.20
N TYR JE 77 1.18 109.49 3.02
CA TYR JE 77 0.53 109.34 1.73
C TYR JE 77 -0.10 110.66 1.32
N LYS JE 78 0.05 111.00 0.05
CA LYS JE 78 -0.45 112.23 -0.54
C LYS JE 78 -1.35 111.87 -1.71
N PRO JE 79 -2.20 112.79 -2.15
CA PRO JE 79 -2.98 112.53 -3.36
C PRO JE 79 -2.06 112.23 -4.53
N LEU JE 80 -2.49 111.27 -5.34
CA LEU JE 80 -1.60 110.77 -6.39
C LEU JE 80 -1.32 111.83 -7.44
N ASP JE 81 -2.13 112.88 -7.48
CA ASP JE 81 -1.82 114.04 -8.30
C ASP JE 81 -0.99 115.09 -7.57
N LEU JE 82 -0.80 114.91 -6.26
CA LEU JE 82 0.04 115.83 -5.49
C LEU JE 82 1.52 115.47 -5.59
N ARG JE 83 1.84 114.20 -5.71
CA ARG JE 83 3.22 113.77 -5.78
C ARG JE 83 3.87 114.28 -7.07
N PRO JE 84 5.20 114.35 -7.12
CA PRO JE 84 5.86 114.91 -8.30
C PRO JE 84 5.51 114.14 -9.58
N LYS JE 85 5.41 114.90 -10.67
CA LYS JE 85 5.00 114.40 -11.98
C LYS JE 85 6.16 114.01 -12.87
N LYS JE 86 7.40 114.16 -12.39
CA LYS JE 86 8.56 114.33 -13.22
C LYS JE 86 8.63 113.43 -14.47
N THR JE 87 8.66 112.12 -14.29
CA THR JE 87 8.63 111.20 -15.43
C THR JE 87 8.43 109.78 -14.93
N ARG JE 88 7.55 109.04 -15.62
CA ARG JE 88 7.25 107.66 -15.25
C ARG JE 88 8.50 106.87 -14.94
N ALA JE 89 9.42 106.78 -15.92
CA ALA JE 89 10.60 105.93 -15.76
C ALA JE 89 11.45 106.39 -14.58
N MET JE 90 11.72 107.69 -14.48
CA MET JE 90 12.53 108.12 -13.35
C MET JE 90 11.72 108.28 -12.08
N ARG JE 91 10.39 108.19 -12.16
CA ARG JE 91 9.63 107.92 -10.94
C ARG JE 91 9.89 106.51 -10.44
N ARG JE 92 10.12 105.58 -11.37
CA ARG JE 92 10.34 104.19 -10.97
C ARG JE 92 11.70 103.95 -10.32
N ARG JE 93 12.70 104.77 -10.63
CA ARG JE 93 14.04 104.46 -10.16
C ARG JE 93 14.16 104.72 -8.66
N LEU JE 94 15.19 104.11 -8.07
CA LEU JE 94 15.43 104.24 -6.63
C LEU JE 94 15.84 105.68 -6.31
N ASN JE 95 15.62 106.08 -5.06
CA ASN JE 95 16.01 107.40 -4.61
C ASN JE 95 17.50 107.40 -4.25
N LYS JE 96 17.96 108.47 -3.61
CA LYS JE 96 19.34 108.51 -3.14
C LYS JE 96 19.61 107.40 -2.13
N HIS JE 97 18.68 107.20 -1.18
CA HIS JE 97 18.95 106.34 -0.04
C HIS JE 97 19.21 104.91 -0.45
N GLU JE 98 18.32 104.34 -1.27
CA GLU JE 98 18.55 102.97 -1.68
C GLU JE 98 19.67 102.83 -2.70
N GLU JE 99 20.09 103.94 -3.31
CA GLU JE 99 21.15 103.86 -4.31
C GLU JE 99 22.52 103.86 -3.65
N ASN JE 100 22.75 104.74 -2.68
CA ASN JE 100 24.10 104.90 -2.15
C ASN JE 100 24.46 103.85 -1.11
N LEU JE 101 23.49 103.11 -0.56
CA LEU JE 101 23.81 102.08 0.40
C LEU JE 101 24.55 100.94 -0.28
N LYS JE 102 25.54 100.39 0.42
CA LYS JE 102 26.39 99.35 -0.11
C LYS JE 102 26.51 98.23 0.91
N THR JE 103 26.89 97.05 0.41
CA THR JE 103 27.11 95.93 1.32
C THR JE 103 28.21 96.28 2.30
N LYS JE 104 28.06 95.78 3.52
CA LYS JE 104 29.08 96.13 4.49
C LYS JE 104 30.30 95.26 4.34
N LYS JE 105 30.19 94.15 3.62
CA LYS JE 105 31.38 93.56 3.01
C LYS JE 105 32.11 94.61 2.18
N GLN JE 106 31.35 95.38 1.40
CA GLN JE 106 31.96 96.34 0.51
C GLN JE 106 32.56 97.51 1.29
N GLN JE 107 31.84 98.03 2.29
CA GLN JE 107 32.42 99.17 3.00
C GLN JE 107 33.60 98.71 3.84
N ARG JE 108 33.54 97.49 4.36
CA ARG JE 108 34.69 96.92 5.07
C ARG JE 108 35.90 96.88 4.16
N LYS JE 109 35.71 96.34 2.95
CA LYS JE 109 36.82 96.23 2.03
C LYS JE 109 37.33 97.59 1.56
N GLU JE 110 36.51 98.64 1.60
CA GLU JE 110 37.09 99.90 1.15
C GLU JE 110 37.71 100.65 2.32
N ARG JE 111 37.13 100.54 3.51
CA ARG JE 111 37.75 101.15 4.69
C ARG JE 111 39.11 100.54 4.95
N LEU JE 112 39.22 99.22 4.83
CA LEU JE 112 40.53 98.60 5.02
C LEU JE 112 41.51 99.00 3.93
N TYR JE 113 41.07 99.05 2.67
CA TYR JE 113 41.92 99.51 1.57
C TYR JE 113 41.27 100.73 0.94
N PRO JE 114 41.60 101.92 1.43
CA PRO JE 114 41.15 103.14 0.76
C PRO JE 114 41.98 103.41 -0.48
N LEU JE 115 41.41 104.19 -1.39
CA LEU JE 115 42.08 104.51 -2.64
C LEU JE 115 43.14 105.56 -2.37
N ARG JE 116 44.39 105.13 -2.30
CA ARG JE 116 45.47 106.03 -1.96
C ARG JE 116 45.78 106.99 -3.09
N LYS JE 117 45.92 108.26 -2.74
CA LYS JE 117 46.36 109.29 -3.68
C LYS JE 117 47.88 109.17 -3.80
N TYR JE 118 48.37 108.82 -4.97
CA TYR JE 118 49.78 108.53 -5.15
C TYR JE 118 50.31 109.15 -6.43
N ALA JE 119 51.59 109.51 -6.39
CA ALA JE 119 52.28 110.08 -7.53
C ALA JE 119 53.55 109.29 -7.76
N VAL JE 120 54.15 109.49 -8.94
CA VAL JE 120 55.39 108.83 -9.30
C VAL JE 120 56.33 109.87 -9.92
N LYS JE 121 57.58 109.84 -9.50
CA LYS JE 121 58.60 110.74 -10.01
C LYS JE 121 59.27 110.13 -11.24
N ALA JE 122 60.21 110.87 -11.81
CA ALA JE 122 60.96 110.39 -12.95
C ALA JE 122 62.26 109.73 -12.50
N ALA KE 1 81.26 75.22 -28.45
CA ALA KE 1 81.53 74.07 -27.61
C ALA KE 1 80.75 72.85 -28.09
N LEU KE 2 80.10 72.17 -27.15
CA LEU KE 2 79.27 71.01 -27.45
C LEU KE 2 77.90 71.16 -26.79
N ARG KE 3 76.89 70.54 -27.39
CA ARG KE 3 75.52 70.52 -26.87
C ARG KE 3 74.99 71.94 -26.63
N TYR KE 4 74.86 72.69 -27.73
CA TYR KE 4 74.37 74.06 -27.72
C TYR KE 4 72.88 74.05 -27.39
N PRO KE 5 72.30 75.20 -26.92
CA PRO KE 5 70.88 75.21 -26.79
C PRO KE 5 70.04 75.36 -28.05
N MET KE 6 69.43 74.27 -28.41
CA MET KE 6 69.08 74.14 -29.80
C MET KE 6 67.60 73.84 -30.00
N ALA KE 7 67.06 74.38 -31.08
CA ALA KE 7 65.63 74.63 -31.21
C ALA KE 7 64.80 73.42 -31.61
N VAL KE 8 65.41 72.28 -31.93
CA VAL KE 8 64.67 71.08 -32.32
C VAL KE 8 65.11 69.94 -31.42
N GLY KE 9 64.72 68.73 -31.78
CA GLY KE 9 65.24 67.56 -31.11
C GLY KE 9 64.60 67.33 -29.76
N LEU KE 10 65.16 66.36 -29.05
CA LEU KE 10 64.58 65.91 -27.80
C LEU KE 10 64.60 67.00 -26.74
N ASN KE 11 65.70 67.74 -26.64
CA ASN KE 11 65.82 68.81 -25.65
C ASN KE 11 65.87 70.14 -26.39
N LYS KE 12 64.69 70.69 -26.64
CA LYS KE 12 64.54 71.96 -27.31
C LYS KE 12 64.07 73.02 -26.32
N GLY KE 13 64.41 74.27 -26.61
CA GLY KE 13 64.00 75.40 -25.81
C GLY KE 13 65.16 76.27 -25.39
N HIS KE 14 64.81 77.40 -24.78
CA HIS KE 14 65.78 78.41 -24.36
C HIS KE 14 66.54 78.02 -23.11
N LYS KE 15 66.18 76.91 -22.46
CA LYS KE 15 66.82 76.46 -21.22
C LYS KE 15 66.70 77.51 -20.12
N VAL KE 16 65.46 77.75 -19.73
CA VAL KE 16 65.14 78.63 -18.62
C VAL KE 16 64.88 77.79 -17.38
N THR KE 17 65.54 78.15 -16.29
CA THR KE 17 65.38 77.40 -15.04
C THR KE 17 63.95 77.54 -14.54
N LYS KE 18 63.26 76.41 -14.40
CA LYS KE 18 61.89 76.41 -13.93
C LYS KE 18 61.84 76.76 -12.45
N ASN KE 19 60.82 77.52 -12.05
CA ASN KE 19 60.53 77.77 -10.65
C ASN KE 19 59.38 76.86 -10.23
N VAL KE 20 59.57 76.13 -9.14
CA VAL KE 20 58.58 75.20 -8.63
C VAL KE 20 57.79 75.89 -7.54
N SER KE 21 56.49 75.60 -7.47
CA SER KE 21 55.65 76.13 -6.42
C SER KE 21 54.43 75.22 -6.29
N LYS KE 22 53.61 75.49 -5.29
CA LYS KE 22 52.41 74.70 -5.09
C LYS KE 22 51.39 75.04 -6.17
N PRO KE 23 50.75 74.04 -6.77
CA PRO KE 23 49.79 74.32 -7.84
C PRO KE 23 48.51 74.94 -7.31
N ARG KE 24 47.88 75.75 -8.15
CA ARG KE 24 46.76 76.57 -7.72
C ARG KE 24 45.57 75.72 -7.29
N HIS KE 25 44.74 76.32 -6.43
CA HIS KE 25 43.57 75.66 -5.86
C HIS KE 25 42.52 75.29 -6.90
N SER KE 26 42.63 75.82 -8.11
CA SER KE 26 41.78 75.34 -9.19
C SER KE 26 42.07 73.87 -9.48
N ARG KE 27 43.34 73.48 -9.47
CA ARG KE 27 43.73 72.12 -9.82
C ARG KE 27 43.22 71.08 -8.83
N ARG KE 28 42.88 71.47 -7.61
CA ARG KE 28 42.36 70.52 -6.64
C ARG KE 28 40.86 70.32 -6.76
N ARG KE 29 40.21 71.01 -7.69
CA ARG KE 29 38.79 70.80 -7.93
C ARG KE 29 38.55 69.36 -8.39
N GLY KE 30 37.54 68.72 -7.81
CA GLY KE 30 37.24 67.34 -8.10
C GLY KE 30 37.93 66.34 -7.21
N ARG KE 31 38.82 66.78 -6.33
CA ARG KE 31 39.49 65.87 -5.41
C ARG KE 31 38.52 65.40 -4.33
N LEU KE 32 38.38 64.09 -4.21
CA LEU KE 32 37.42 63.53 -3.26
C LEU KE 32 37.88 63.80 -1.84
N THR KE 33 36.93 64.17 -0.98
CA THR KE 33 37.20 64.46 0.42
C THR KE 33 36.42 63.48 1.30
N LYS KE 34 37.02 63.16 2.46
CA LYS KE 34 36.44 62.18 3.37
C LYS KE 34 34.96 62.46 3.65
N HIS KE 35 34.62 63.70 3.99
CA HIS KE 35 33.23 64.01 4.26
C HIS KE 35 32.37 63.81 3.01
N THR KE 36 32.84 64.28 1.86
CA THR KE 36 32.08 64.10 0.62
C THR KE 36 31.92 62.62 0.30
N LYS KE 37 32.96 61.82 0.55
CA LYS KE 37 32.83 60.38 0.39
C LYS KE 37 31.76 59.83 1.30
N PHE KE 38 31.71 60.31 2.54
CA PHE KE 38 30.68 59.87 3.47
C PHE KE 38 29.30 60.19 2.91
N VAL KE 39 29.10 61.41 2.43
CA VAL KE 39 27.84 61.79 1.81
C VAL KE 39 27.50 60.83 0.67
N ARG KE 40 28.46 60.59 -0.21
CA ARG KE 40 28.17 59.88 -1.45
C ARG KE 40 27.84 58.41 -1.19
N ASP KE 41 28.63 57.73 -0.37
CA ASP KE 41 28.25 56.34 -0.11
C ASP KE 41 27.04 56.23 0.81
N MET KE 42 26.81 57.23 1.67
CA MET KE 42 25.60 57.22 2.48
C MET KE 42 24.37 57.33 1.58
N ILE KE 43 24.36 58.30 0.68
CA ILE KE 43 23.23 58.34 -0.23
C ILE KE 43 23.18 57.05 -1.04
N ARG KE 44 24.34 56.48 -1.39
CA ARG KE 44 24.32 55.25 -2.16
C ARG KE 44 23.53 54.17 -1.45
N GLU KE 45 23.74 54.02 -0.14
CA GLU KE 45 23.05 52.91 0.53
C GLU KE 45 21.57 53.27 0.70
N VAL KE 46 21.26 54.53 1.04
CA VAL KE 46 19.86 54.87 1.40
C VAL KE 46 18.99 54.98 0.16
N CYS KE 47 19.61 55.15 -0.98
CA CYS KE 47 18.91 55.58 -2.17
C CYS KE 47 18.62 54.44 -3.12
N GLY KE 48 19.53 53.49 -3.28
CA GLY KE 48 19.30 52.38 -4.19
C GLY KE 48 20.27 52.32 -5.34
N PHE KE 49 19.87 51.66 -6.42
CA PHE KE 49 20.70 51.51 -7.61
C PHE KE 49 19.85 51.68 -8.85
N ALA KE 50 20.49 52.10 -9.94
CA ALA KE 50 19.78 52.29 -11.18
C ALA KE 50 19.43 50.93 -11.80
N PRO KE 51 18.34 50.87 -12.57
CA PRO KE 51 18.01 49.61 -13.26
C PRO KE 51 19.11 49.14 -14.18
N TYR KE 52 19.77 50.04 -14.90
CA TYR KE 52 20.90 49.62 -15.71
C TYR KE 52 22.07 49.21 -14.85
N GLU KE 53 22.27 49.86 -13.72
CA GLU KE 53 23.30 49.43 -12.78
C GLU KE 53 23.05 47.99 -12.34
N ARG KE 54 21.82 47.70 -11.91
CA ARG KE 54 21.51 46.34 -11.47
C ARG KE 54 21.58 45.35 -12.63
N ARG KE 55 21.28 45.81 -13.85
CA ARG KE 55 21.49 44.95 -15.01
C ARG KE 55 22.97 44.60 -15.16
N ALA KE 56 23.83 45.59 -14.98
CA ALA KE 56 25.27 45.33 -14.99
C ALA KE 56 25.64 44.32 -13.90
N MET KE 57 25.02 44.44 -12.73
CA MET KE 57 25.28 43.46 -11.67
C MET KE 57 24.84 42.05 -12.08
N GLU KE 58 23.62 41.90 -12.56
CA GLU KE 58 23.23 40.55 -12.94
C GLU KE 58 24.17 40.01 -13.99
N LEU KE 59 24.67 40.88 -14.86
CA LEU KE 59 25.57 40.40 -15.90
C LEU KE 59 26.93 40.03 -15.30
N LEU KE 60 27.37 40.73 -14.25
CA LEU KE 60 28.72 40.45 -13.77
C LEU KE 60 28.75 39.22 -12.88
N LYS KE 61 27.63 38.89 -12.21
CA LYS KE 61 27.65 37.73 -11.31
C LYS KE 61 27.93 36.45 -12.06
N VAL KE 62 27.40 36.32 -13.27
CA VAL KE 62 27.75 35.21 -14.15
C VAL KE 62 29.10 35.42 -14.82
N SER KE 63 29.70 36.60 -14.65
CA SER KE 63 31.08 36.87 -15.03
C SER KE 63 31.29 36.89 -16.55
N LYS KE 64 30.37 37.50 -17.29
CA LYS KE 64 30.60 37.80 -18.70
C LYS KE 64 31.05 39.26 -18.82
N ASP KE 65 32.31 39.48 -18.44
CA ASP KE 65 32.80 40.85 -18.25
C ASP KE 65 32.72 41.67 -19.53
N LYS KE 66 33.08 41.07 -20.66
CA LYS KE 66 33.10 41.82 -21.92
C LYS KE 66 31.72 42.35 -22.26
N ARG KE 67 30.69 41.52 -22.08
CA ARG KE 67 29.34 41.98 -22.34
C ARG KE 67 28.93 43.09 -21.37
N ALA KE 68 29.42 43.02 -20.13
CA ALA KE 68 29.20 44.13 -19.19
C ALA KE 68 29.78 45.41 -19.73
N LEU KE 69 31.03 45.35 -20.19
CA LEU KE 69 31.69 46.54 -20.69
C LEU KE 69 30.94 47.10 -21.89
N LYS KE 70 30.54 46.22 -22.81
CA LYS KE 70 29.81 46.67 -23.98
C LYS KE 70 28.49 47.32 -23.60
N PHE KE 71 27.72 46.67 -22.73
CA PHE KE 71 26.43 47.20 -22.32
C PHE KE 71 26.58 48.53 -21.62
N ILE KE 72 27.57 48.65 -20.73
CA ILE KE 72 27.77 49.89 -20.00
C ILE KE 72 28.21 51.00 -20.94
N LYS KE 73 29.12 50.70 -21.87
CA LYS KE 73 29.55 51.71 -22.81
C LYS KE 73 28.38 52.23 -23.63
N LYS KE 74 27.54 51.32 -24.12
CA LYS KE 74 26.36 51.74 -24.86
C LYS KE 74 25.40 52.52 -23.97
N ARG KE 75 25.28 52.14 -22.70
CA ARG KE 75 24.31 52.74 -21.80
C ARG KE 75 24.74 54.11 -21.29
N VAL KE 76 26.04 54.38 -21.21
CA VAL KE 76 26.55 55.62 -20.63
C VAL KE 76 27.21 56.49 -21.68
N GLY KE 77 27.89 55.90 -22.66
CA GLY KE 77 28.37 56.66 -23.79
C GLY KE 77 29.85 56.60 -24.15
N THR KE 78 30.74 56.53 -23.16
CA THR KE 78 32.17 56.60 -23.43
C THR KE 78 32.90 55.41 -22.83
N HIS KE 79 34.05 55.10 -23.42
CA HIS KE 79 34.85 53.97 -22.97
C HIS KE 79 35.47 54.22 -21.61
N ILE KE 80 36.01 55.42 -21.39
CA ILE KE 80 36.69 55.71 -20.13
C ILE KE 80 35.70 55.67 -18.97
N ARG KE 81 34.56 56.35 -19.13
CA ARG KE 81 33.53 56.28 -18.11
C ARG KE 81 33.02 54.86 -17.93
N ALA KE 82 32.94 54.10 -19.02
CA ALA KE 82 32.53 52.70 -18.90
C ALA KE 82 33.51 51.92 -18.04
N LYS KE 83 34.81 52.14 -18.24
CA LYS KE 83 35.81 51.44 -17.43
C LYS KE 83 35.71 51.83 -15.97
N ARG KE 84 35.59 53.14 -15.70
CA ARG KE 84 35.45 53.58 -14.32
C ARG KE 84 34.23 52.95 -13.68
N LYS KE 85 33.09 52.96 -14.40
CA LYS KE 85 31.87 52.40 -13.85
C LYS KE 85 32.02 50.90 -13.60
N ARG KE 86 32.59 50.18 -14.56
CA ARG KE 86 32.74 48.73 -14.40
C ARG KE 86 33.59 48.42 -13.18
N GLU KE 87 34.65 49.20 -12.96
CA GLU KE 87 35.45 49.00 -11.76
C GLU KE 87 34.62 49.28 -10.52
N GLU KE 88 33.80 50.34 -10.55
CA GLU KE 88 32.96 50.65 -9.40
C GLU KE 88 32.06 49.48 -9.03
N LEU KE 89 31.30 48.95 -10.00
CA LEU KE 89 30.38 47.88 -9.63
C LEU KE 89 31.13 46.59 -9.32
N SER KE 90 32.26 46.35 -9.97
CA SER KE 90 33.04 45.17 -9.62
C SER KE 90 33.46 45.21 -8.16
N ASN KE 91 33.99 46.36 -7.71
CA ASN KE 91 34.46 46.43 -6.34
C ASN KE 91 33.30 46.40 -5.35
N VAL KE 92 32.17 47.05 -5.67
CA VAL KE 92 31.07 47.05 -4.72
C VAL KE 92 30.45 45.66 -4.62
N LEU KE 93 30.38 44.92 -5.74
CA LEU KE 93 29.90 43.55 -5.66
C LEU KE 93 30.86 42.68 -4.88
N ALA KE 94 32.16 42.86 -5.06
CA ALA KE 94 33.11 42.12 -4.27
C ALA KE 94 32.93 42.42 -2.79
N ALA KE 95 32.64 43.68 -2.46
CA ALA KE 95 32.38 44.04 -1.06
C ALA KE 95 31.12 43.35 -0.54
N MET KE 96 30.07 43.31 -1.36
CA MET KE 96 28.85 42.61 -0.96
C MET KE 96 29.16 41.14 -0.70
N ARG KE 97 29.93 40.51 -1.57
CA ARG KE 97 30.29 39.12 -1.38
C ARG KE 97 31.11 38.92 -0.11
N LYS KE 98 32.08 39.81 0.14
CA LYS KE 98 32.93 39.67 1.32
C LYS KE 98 32.12 39.81 2.59
N ALA KE 99 31.17 40.75 2.62
CA ALA KE 99 30.26 40.84 3.76
C ALA KE 99 29.42 39.58 3.89
N ALA KE 100 28.97 39.03 2.75
CA ALA KE 100 28.14 37.83 2.77
C ALA KE 100 28.88 36.61 3.29
N ALA KE 101 30.20 36.53 3.08
CA ALA KE 101 30.95 35.35 3.49
C ALA KE 101 30.89 35.15 5.00
N LYS KE 102 31.02 36.24 5.76
CA LYS KE 102 30.94 36.17 7.21
C LYS KE 102 29.52 36.49 7.69
N THR LE 1 -24.74 92.14 -66.47
CA THR LE 1 -23.38 92.52 -66.80
C THR LE 1 -22.58 92.93 -65.59
N LYS LE 2 -21.26 92.88 -65.71
CA LYS LE 2 -20.38 93.37 -64.68
C LYS LE 2 -19.98 94.82 -64.89
N GLY LE 3 -20.49 95.46 -65.94
CA GLY LE 3 -20.05 96.80 -66.28
C GLY LE 3 -20.75 97.90 -65.52
N THR LE 4 -21.20 98.92 -66.24
CA THR LE 4 -21.82 100.08 -65.62
C THR LE 4 -23.03 99.69 -64.79
N SER LE 5 -23.89 98.83 -65.33
CA SER LE 5 -25.10 98.44 -64.62
C SER LE 5 -24.78 97.84 -63.26
N SER LE 6 -23.66 97.12 -63.15
CA SER LE 6 -23.29 96.54 -61.87
C SER LE 6 -22.85 97.59 -60.86
N PHE LE 7 -22.50 98.79 -61.31
CA PHE LE 7 -22.11 99.86 -60.42
C PHE LE 7 -23.31 100.59 -59.82
N GLY LE 8 -24.53 100.23 -60.23
CA GLY LE 8 -25.70 100.92 -59.73
C GLY LE 8 -26.22 100.39 -58.43
N LYS LE 9 -25.76 99.22 -58.00
CA LYS LE 9 -26.29 98.60 -56.79
C LYS LE 9 -25.29 98.66 -55.66
N ARG LE 10 -24.45 99.70 -55.59
CA ARG LE 10 -23.50 99.84 -54.50
C ARG LE 10 -23.95 100.88 -53.48
N ARG LE 11 -24.72 100.42 -52.48
CA ARG LE 11 -25.27 101.33 -51.49
C ARG LE 11 -25.19 100.79 -50.07
N ASN LE 12 -24.33 99.81 -49.80
CA ASN LE 12 -24.11 99.30 -48.45
C ASN LE 12 -22.64 99.49 -48.09
N LYS LE 13 -22.38 100.37 -47.13
CA LYS LE 13 -21.01 100.63 -46.71
C LYS LE 13 -20.40 99.38 -46.07
N THR LE 14 -19.12 99.15 -46.35
CA THR LE 14 -18.38 98.09 -45.71
C THR LE 14 -17.41 98.59 -44.65
N HIS LE 15 -17.13 99.88 -44.62
CA HIS LE 15 -16.22 100.46 -43.65
C HIS LE 15 -16.86 101.68 -43.02
N THR LE 16 -16.25 102.15 -41.95
CA THR LE 16 -16.64 103.39 -41.31
C THR LE 16 -15.43 103.94 -40.57
N LEU LE 17 -15.65 105.04 -39.85
CA LEU LE 17 -14.55 105.72 -39.17
C LEU LE 17 -14.13 104.94 -37.94
N CYS LE 18 -12.90 104.44 -37.96
CA CYS LE 18 -12.34 103.79 -36.78
C CYS LE 18 -12.30 104.78 -35.62
N ARG LE 19 -12.78 104.34 -34.45
CA ARG LE 19 -12.79 105.23 -33.29
C ARG LE 19 -11.38 105.66 -32.93
N ARG LE 20 -10.45 104.72 -32.92
CA ARG LE 20 -9.03 105.01 -32.82
C ARG LE 20 -8.45 105.00 -34.23
N CYS LE 21 -7.58 105.97 -34.52
CA CYS LE 21 -6.98 106.30 -35.80
C CYS LE 21 -7.93 107.04 -36.73
N GLY LE 22 -9.21 107.19 -36.38
CA GLY LE 22 -10.11 108.07 -37.11
C GLY LE 22 -10.27 107.78 -38.60
N SER LE 23 -9.61 106.75 -39.10
CA SER LE 23 -9.67 106.46 -40.52
C SER LE 23 -10.95 105.72 -40.86
N LYS LE 24 -11.43 105.92 -42.09
CA LYS LE 24 -12.63 105.24 -42.58
C LYS LE 24 -12.24 103.84 -43.05
N ALA LE 25 -11.97 102.99 -42.07
CA ALA LE 25 -11.59 101.61 -42.37
C ALA LE 25 -12.18 100.59 -41.42
N TYR LE 26 -13.03 100.99 -40.49
CA TYR LE 26 -13.56 100.05 -39.50
C TYR LE 26 -14.59 99.16 -40.19
N HIS LE 27 -14.14 98.01 -40.66
CA HIS LE 27 -15.04 97.07 -41.34
C HIS LE 27 -16.10 96.61 -40.35
N LEU LE 28 -17.37 96.89 -40.68
CA LEU LE 28 -18.45 96.57 -39.76
C LEU LE 28 -18.58 95.06 -39.55
N GLN LE 29 -18.59 94.29 -40.65
CA GLN LE 29 -18.91 92.88 -40.53
C GLN LE 29 -17.81 92.10 -39.83
N LYS LE 30 -16.56 92.57 -39.88
CA LYS LE 30 -15.52 91.98 -39.06
C LYS LE 30 -15.24 92.77 -37.80
N SER LE 31 -15.88 93.94 -37.63
CA SER LE 31 -15.69 94.78 -36.45
C SER LE 31 -14.20 95.10 -36.24
N THR LE 32 -13.52 95.42 -37.33
CA THR LE 32 -12.08 95.60 -37.30
C THR LE 32 -11.68 96.77 -38.19
N CYS LE 33 -10.78 97.61 -37.68
CA CYS LE 33 -10.17 98.65 -38.49
C CYS LE 33 -9.13 98.05 -39.42
N GLY LE 34 -9.17 98.45 -40.68
CA GLY LE 34 -8.12 98.04 -41.59
C GLY LE 34 -6.77 98.65 -41.24
N LYS LE 35 -6.75 99.94 -40.94
CA LYS LE 35 -5.48 100.65 -40.80
C LYS LE 35 -4.85 100.39 -39.44
N CYS LE 36 -5.52 100.81 -38.36
CA CYS LE 36 -4.95 100.64 -37.04
C CYS LE 36 -5.35 99.33 -36.39
N GLY LE 37 -6.47 98.74 -36.79
CA GLY LE 37 -6.86 97.47 -36.23
C GLY LE 37 -7.27 97.56 -34.78
N TYR LE 38 -8.41 98.17 -34.50
CA TYR LE 38 -8.77 98.33 -33.09
C TYR LE 38 -9.95 97.43 -32.73
N PRO LE 39 -9.77 96.12 -32.79
CA PRO LE 39 -10.31 95.29 -31.71
C PRO LE 39 -9.21 95.01 -30.71
N ALA LE 40 -7.98 95.29 -31.13
CA ALA LE 40 -6.78 94.84 -30.44
C ALA LE 40 -6.06 96.00 -29.77
N LYS LE 41 -4.96 95.67 -29.10
CA LYS LE 41 -4.21 96.61 -28.29
C LYS LE 41 -2.99 97.15 -29.01
N ARG LE 42 -2.20 96.28 -29.62
CA ARG LE 42 -0.99 96.71 -30.31
C ARG LE 42 -1.35 97.35 -31.64
N LYS LE 43 -0.84 98.55 -31.87
CA LYS LE 43 -1.25 99.33 -33.03
C LYS LE 43 -0.70 98.71 -34.31
N ARG LE 44 -1.58 98.54 -35.29
CA ARG LE 44 -1.17 97.94 -36.55
C ARG LE 44 -0.09 98.79 -37.21
N LYS LE 45 0.95 98.13 -37.70
CA LYS LE 45 2.05 98.78 -38.39
C LYS LE 45 2.88 97.69 -39.04
N TYR LE 46 3.59 98.06 -40.09
CA TYR LE 46 4.40 97.09 -40.81
C TYR LE 46 5.58 97.80 -41.45
N ASN LE 47 6.69 97.08 -41.56
CA ASN LE 47 7.91 97.69 -42.08
C ASN LE 47 8.00 97.64 -43.60
N TRP LE 48 7.15 96.86 -44.26
CA TRP LE 48 7.20 96.81 -45.72
C TRP LE 48 6.53 98.01 -46.37
N SER LE 49 6.15 99.02 -45.59
CA SER LE 49 5.61 100.26 -46.14
C SER LE 49 6.05 101.39 -45.22
N ALA LE 50 7.18 102.01 -45.55
CA ALA LE 50 7.65 103.15 -44.78
C ALA LE 50 6.78 104.38 -44.97
N LYS LE 51 6.05 104.45 -46.09
CA LYS LE 51 5.19 105.59 -46.32
C LYS LE 51 4.13 105.71 -45.24
N ALA LE 52 3.40 104.62 -45.00
CA ALA LE 52 2.41 104.63 -43.92
C ALA LE 52 3.08 104.86 -42.58
N LYS LE 53 4.28 104.31 -42.41
CA LYS LE 53 5.01 104.52 -41.16
C LYS LE 53 5.19 106.00 -40.88
N ARG LE 54 5.88 106.71 -41.78
CA ARG LE 54 6.08 108.13 -41.57
C ARG LE 54 4.79 108.93 -41.70
N ARG LE 55 3.70 108.30 -42.15
CA ARG LE 55 2.43 108.99 -42.19
C ARG LE 55 1.68 108.89 -40.86
N ASN LE 56 1.96 107.88 -40.05
CA ASN LE 56 1.30 107.83 -38.75
C ASN LE 56 2.32 107.70 -37.62
N THR LE 57 3.59 107.98 -37.92
CA THR LE 57 4.62 107.92 -36.89
C THR LE 57 4.41 109.01 -35.86
N THR LE 58 5.04 108.85 -34.70
CA THR LE 58 5.01 109.87 -33.67
C THR LE 58 5.66 111.15 -34.20
N GLY LE 59 5.01 112.28 -33.99
CA GLY LE 59 5.47 113.55 -34.52
C GLY LE 59 4.54 114.16 -35.52
N THR LE 60 3.57 113.42 -36.05
CA THR LE 60 2.63 113.96 -37.01
C THR LE 60 1.38 114.52 -36.36
N GLY LE 61 1.31 114.52 -35.03
CA GLY LE 61 0.11 114.96 -34.34
C GLY LE 61 0.20 116.33 -33.71
N ARG LE 62 -0.08 116.39 -32.40
CA ARG LE 62 -0.15 117.67 -31.69
C ARG LE 62 0.99 117.84 -30.70
N MET LE 63 1.60 116.75 -30.24
CA MET LE 63 2.60 116.80 -29.17
C MET LE 63 2.03 117.43 -27.91
N ARG LE 64 0.75 117.13 -27.61
CA ARG LE 64 0.12 117.74 -26.44
C ARG LE 64 0.92 117.49 -25.19
N HIS LE 65 1.51 116.30 -25.06
CA HIS LE 65 2.33 115.97 -23.92
C HIS LE 65 3.81 115.96 -24.24
N LEU LE 66 4.20 115.43 -25.39
CA LEU LE 66 5.62 115.25 -25.68
C LEU LE 66 6.34 116.58 -25.86
N LYS LE 67 5.65 117.59 -26.40
CA LYS LE 67 6.28 118.89 -26.54
C LYS LE 67 6.68 119.46 -25.19
N ILE LE 68 5.82 119.36 -24.19
CA ILE LE 68 6.17 119.87 -22.87
C ILE LE 68 7.36 119.13 -22.30
N VAL LE 69 7.32 117.79 -22.32
CA VAL LE 69 8.43 117.03 -21.76
C VAL LE 69 9.71 117.31 -22.53
N TYR LE 70 9.61 117.67 -23.81
CA TYR LE 70 10.77 118.16 -24.53
C TYR LE 70 11.28 119.46 -23.92
N ARG LE 71 10.38 120.42 -23.70
CA ARG LE 71 10.80 121.70 -23.14
C ARG LE 71 11.36 121.52 -21.74
N ARG LE 72 10.68 120.76 -20.89
CA ARG LE 72 11.12 120.61 -19.51
C ARG LE 72 12.48 119.93 -19.42
N PHE LE 73 12.86 119.18 -20.46
CA PHE LE 73 14.12 118.46 -20.40
C PHE LE 73 15.30 119.41 -20.27
N ARG LE 74 15.15 120.64 -20.77
CA ARG LE 74 16.27 121.58 -20.77
C ARG LE 74 16.60 122.08 -19.37
N HIS LE 75 15.76 121.80 -18.37
CA HIS LE 75 16.03 122.16 -17.00
C HIS LE 75 15.97 120.97 -16.06
N GLY LE 76 15.97 119.75 -16.60
CA GLY LE 76 15.98 118.57 -15.76
C GLY LE 76 14.67 118.26 -15.09
N PHE LE 77 13.55 118.69 -15.67
CA PHE LE 77 12.20 118.34 -15.21
C PHE LE 77 11.91 118.94 -13.84
N ARG LE 78 12.40 120.15 -13.59
CA ARG LE 78 12.21 120.76 -12.28
C ARG LE 78 10.73 121.04 -12.05
N GLU LE 79 10.24 120.66 -10.87
CA GLU LE 79 8.87 120.90 -10.48
C GLU LE 79 8.81 121.34 -9.03
N GLY LE 80 7.67 121.94 -8.67
CA GLY LE 80 7.52 122.48 -7.33
C GLY LE 80 8.48 123.61 -7.04
N THR LE 81 8.88 124.36 -8.06
CA THR LE 81 9.83 125.45 -7.93
C THR LE 81 9.22 126.74 -8.47
N THR LE 82 9.80 127.86 -8.05
CA THR LE 82 9.26 129.17 -8.39
C THR LE 82 10.32 130.00 -9.11
N PRO LE 83 9.89 130.94 -9.93
CA PRO LE 83 10.85 131.83 -10.62
C PRO LE 83 11.33 132.99 -9.76
N LYS LE 84 11.10 132.92 -8.44
CA LYS LE 84 11.62 133.92 -7.51
C LYS LE 84 11.07 135.31 -7.85
N PRO LE 85 9.76 135.54 -7.69
CA PRO LE 85 9.22 136.89 -7.82
C PRO LE 85 9.88 137.93 -6.94
N LYS LE 86 9.73 139.18 -7.38
CA LYS LE 86 10.33 140.36 -6.77
C LYS LE 86 9.80 140.66 -5.38
N PRO ME 1 -63.91 111.69 -23.30
CA PRO ME 1 -65.13 112.36 -22.83
C PRO ME 1 -66.11 111.38 -22.22
N ARG ME 2 -66.82 111.80 -21.19
CA ARG ME 2 -67.79 110.96 -20.51
C ARG ME 2 -69.18 111.52 -20.66
N LYS ME 3 -70.18 110.65 -20.55
CA LYS ME 3 -71.58 111.03 -20.58
C LYS ME 3 -72.20 110.80 -19.21
N ILE ME 4 -72.77 111.86 -18.64
CA ILE ME 4 -73.43 111.81 -17.34
C ILE ME 4 -74.90 112.02 -17.60
N GLU ME 5 -75.70 110.99 -17.35
CA GLU ME 5 -77.10 111.03 -17.77
C GLU ME 5 -77.93 111.89 -16.83
N GLU ME 6 -77.99 111.51 -15.56
CA GLU ME 6 -78.83 112.22 -14.62
C GLU ME 6 -78.09 113.41 -14.01
N ILE ME 7 -78.86 114.45 -13.69
CA ILE ME 7 -78.30 115.69 -13.19
C ILE ME 7 -77.56 115.48 -11.88
N LYS ME 8 -77.92 114.44 -11.13
CA LYS ME 8 -77.38 114.26 -9.78
C LYS ME 8 -75.86 114.16 -9.80
N ASP ME 9 -75.32 113.27 -10.65
CA ASP ME 9 -73.87 113.14 -10.71
C ASP ME 9 -73.23 114.36 -11.34
N PHE ME 10 -73.93 115.04 -12.25
CA PHE ME 10 -73.44 116.30 -12.79
C PHE ME 10 -73.19 117.30 -11.65
N LEU ME 11 -74.08 117.32 -10.67
CA LEU ME 11 -73.90 118.22 -9.54
C LEU ME 11 -72.58 117.97 -8.83
N LEU ME 12 -72.32 116.71 -8.45
CA LEU ME 12 -71.12 116.44 -7.68
C LEU ME 12 -69.86 116.58 -8.52
N THR ME 13 -69.91 116.26 -9.81
CA THR ME 13 -68.71 116.44 -10.62
C THR ME 13 -68.46 117.91 -10.91
N ALA ME 14 -69.49 118.75 -10.92
CA ALA ME 14 -69.27 120.19 -10.89
C ALA ME 14 -68.64 120.61 -9.57
N ARG ME 15 -69.10 120.02 -8.46
CA ARG ME 15 -68.51 120.28 -7.16
C ARG ME 15 -67.15 119.60 -7.01
N ARG ME 16 -66.77 118.72 -7.94
CA ARG ME 16 -65.49 118.03 -7.85
C ARG ME 16 -64.34 119.02 -7.96
N LYS ME 17 -63.28 118.77 -7.19
CA LYS ME 17 -62.21 119.74 -7.06
C LYS ME 17 -61.50 120.00 -8.38
N ASP ME 18 -61.22 118.95 -9.15
CA ASP ME 18 -60.42 119.10 -10.36
C ASP ME 18 -61.13 119.85 -11.46
N ALA ME 19 -62.44 120.10 -11.33
CA ALA ME 19 -63.19 120.79 -12.37
C ALA ME 19 -62.64 122.18 -12.63
N LYS ME 20 -62.12 122.41 -13.83
CA LYS ME 20 -61.53 123.71 -14.14
C LYS ME 20 -62.56 124.66 -14.75
N SER ME 21 -63.37 124.18 -15.69
CA SER ME 21 -64.36 125.03 -16.32
C SER ME 21 -65.61 124.23 -16.65
N VAL ME 22 -66.73 124.96 -16.74
CA VAL ME 22 -67.99 124.42 -17.21
C VAL ME 22 -68.43 125.23 -18.42
N LYS ME 23 -68.87 124.54 -19.46
CA LYS ME 23 -69.17 125.18 -20.74
C LYS ME 23 -70.62 124.93 -21.12
N ILE ME 24 -71.23 125.92 -21.76
CA ILE ME 24 -72.63 125.87 -22.18
C ILE ME 24 -72.68 125.86 -23.69
N LYS ME 25 -73.33 124.86 -24.26
CA LYS ME 25 -73.50 124.74 -25.71
C LYS ME 25 -74.98 124.81 -26.04
N LYS ME 26 -75.30 125.56 -27.09
CA LYS ME 26 -76.68 125.78 -27.51
C LYS ME 26 -76.91 125.04 -28.82
N ASN ME 27 -77.72 123.98 -28.77
CA ASN ME 27 -78.06 123.22 -29.96
C ASN ME 27 -79.54 123.40 -30.26
N LYS ME 28 -79.91 123.05 -31.50
CA LYS ME 28 -81.27 123.26 -31.95
C LYS ME 28 -82.26 122.47 -31.10
N ASP ME 29 -81.95 121.21 -30.81
CA ASP ME 29 -82.86 120.37 -30.04
C ASP ME 29 -82.52 120.33 -28.56
N ASN ME 30 -81.26 120.52 -28.19
CA ASN ME 30 -80.83 120.24 -26.83
C ASN ME 30 -79.85 121.31 -26.37
N VAL ME 31 -79.41 121.16 -25.13
CA VAL ME 31 -78.39 122.01 -24.54
C VAL ME 31 -77.35 121.10 -23.90
N LYS ME 32 -76.08 121.37 -24.18
CA LYS ME 32 -74.99 120.54 -23.71
C LYS ME 32 -74.26 121.25 -22.57
N PHE ME 33 -73.90 120.49 -21.55
CA PHE ME 33 -73.21 121.02 -20.36
C PHE ME 33 -71.89 120.27 -20.24
N LYS ME 34 -70.81 120.94 -20.60
CA LYS ME 34 -69.48 120.35 -20.57
C LYS ME 34 -68.71 120.95 -19.41
N VAL ME 35 -68.28 120.10 -18.48
CA VAL ME 35 -67.44 120.50 -17.37
C VAL ME 35 -66.10 119.79 -17.52
N ARG ME 36 -65.01 120.57 -17.45
CA ARG ME 36 -63.68 120.05 -17.73
C ARG ME 36 -63.03 119.54 -16.45
N CYS ME 37 -62.57 118.29 -16.48
CA CYS ME 37 -61.88 117.68 -15.36
C CYS ME 37 -60.47 117.27 -15.79
N SER ME 38 -59.71 116.77 -14.83
CA SER ME 38 -58.32 116.42 -15.10
C SER ME 38 -58.22 115.32 -16.14
N ARG ME 39 -59.10 114.33 -16.07
CA ARG ME 39 -59.01 113.18 -16.96
C ARG ME 39 -60.02 113.22 -18.10
N TYR ME 40 -61.24 113.64 -17.85
CA TYR ME 40 -62.28 113.58 -18.87
C TYR ME 40 -63.02 114.91 -19.00
N LEU ME 41 -63.74 115.02 -20.12
CA LEU ME 41 -64.70 116.10 -20.36
C LEU ME 41 -66.08 115.51 -20.09
N TYR ME 42 -66.61 115.79 -18.92
CA TYR ME 42 -67.92 115.28 -18.53
C TYR ME 42 -69.03 116.10 -19.17
N THR ME 43 -69.80 115.48 -20.04
CA THR ME 43 -70.86 116.14 -20.79
C THR ME 43 -72.22 115.61 -20.36
N LEU ME 44 -73.09 116.51 -19.93
CA LEU ME 44 -74.49 116.20 -19.69
C LEU ME 44 -75.32 116.84 -20.79
N VAL ME 45 -76.15 116.03 -21.44
CA VAL ME 45 -76.97 116.48 -22.56
C VAL ME 45 -78.43 116.32 -22.16
N ILE ME 46 -79.18 117.42 -22.18
CA ILE ME 46 -80.60 117.39 -21.89
C ILE ME 46 -81.33 118.22 -22.93
N THR ME 47 -82.63 117.98 -23.05
CA THR ME 47 -83.44 118.54 -24.12
C THR ME 47 -84.31 119.71 -23.66
N ASP ME 48 -85.03 119.54 -22.55
CA ASP ME 48 -85.94 120.58 -22.10
C ASP ME 48 -85.16 121.80 -21.60
N LYS ME 49 -85.65 122.98 -21.99
CA LYS ME 49 -84.98 124.23 -21.64
C LYS ME 49 -85.15 124.60 -20.17
N GLU ME 50 -86.30 124.29 -19.58
CA GLU ME 50 -86.56 124.72 -18.21
C GLU ME 50 -85.61 124.05 -17.22
N LYS ME 51 -85.42 122.73 -17.36
CA LYS ME 51 -84.46 122.07 -16.49
C LYS ME 51 -83.05 122.57 -16.75
N ALA ME 52 -82.74 122.87 -18.02
CA ALA ME 52 -81.47 123.51 -18.33
C ALA ME 52 -81.30 124.79 -17.51
N GLU ME 53 -82.34 125.61 -17.46
CA GLU ME 53 -82.25 126.83 -16.67
C GLU ME 53 -82.00 126.50 -15.20
N LYS ME 54 -82.92 125.75 -14.59
CA LYS ME 54 -82.86 125.56 -13.14
C LYS ME 54 -81.54 124.92 -12.72
N LEU ME 55 -80.96 124.08 -13.58
CA LEU ME 55 -79.57 123.70 -13.37
C LEU ME 55 -78.63 124.88 -13.54
N LYS ME 56 -78.92 125.76 -14.50
CA LYS ME 56 -77.95 126.77 -14.86
C LYS ME 56 -77.68 127.75 -13.73
N GLN ME 57 -78.70 128.14 -12.96
CA GLN ME 57 -78.32 128.90 -11.76
C GLN ME 57 -77.69 127.99 -10.72
N SER ME 58 -78.20 126.77 -10.58
CA SER ME 58 -77.79 125.90 -9.48
C SER ME 58 -76.49 125.16 -9.80
N LEU ME 59 -75.47 125.96 -10.14
CA LEU ME 59 -74.12 125.47 -10.32
C LEU ME 59 -73.19 126.11 -9.31
N PRO ME 60 -72.07 125.47 -8.99
CA PRO ME 60 -71.17 126.01 -7.99
C PRO ME 60 -70.59 127.33 -8.43
N PRO ME 61 -70.74 128.37 -7.65
CA PRO ME 61 -69.97 129.59 -7.90
C PRO ME 61 -68.48 129.33 -7.74
N GLY ME 62 -67.65 130.33 -8.04
CA GLY ME 62 -66.22 130.10 -8.02
C GLY ME 62 -65.75 129.09 -9.03
N LEU ME 63 -66.47 128.98 -10.15
CA LEU ME 63 -66.13 128.05 -11.20
C LEU ME 63 -66.57 128.67 -12.52
N ALA ME 64 -65.72 128.57 -13.53
CA ALA ME 64 -65.94 129.27 -14.79
C ALA ME 64 -67.25 128.80 -15.43
N VAL ME 65 -68.09 129.75 -15.81
CA VAL ME 65 -69.40 129.48 -16.38
C VAL ME 65 -69.37 129.90 -17.84
N LYS ME 66 -68.20 129.77 -18.47
CA LYS ME 66 -68.02 130.26 -19.83
C LYS ME 66 -69.07 129.66 -20.75
N GLU ME 67 -69.71 130.53 -21.53
CA GLU ME 67 -70.81 130.16 -22.40
C GLU ME 67 -70.34 130.25 -23.84
N LEU ME 68 -70.66 129.24 -24.65
CA LEU ME 68 -70.06 129.10 -25.97
C LEU ME 68 -70.65 130.05 -27.01
N LYS ME 69 -71.72 130.77 -26.70
CA LYS ME 69 -72.25 131.73 -27.64
C LYS ME 69 -71.95 133.16 -27.19
N SER NE 1 -29.45 109.92 -45.92
CA SER NE 1 -30.46 109.19 -45.17
C SER NE 1 -30.91 109.97 -43.96
N SER NE 2 -32.23 110.04 -43.75
CA SER NE 2 -32.77 110.72 -42.58
C SER NE 2 -32.31 110.07 -41.29
N HIS NE 3 -32.09 108.76 -41.31
CA HIS NE 3 -31.63 108.03 -40.13
C HIS NE 3 -30.12 108.18 -40.02
N LYS NE 4 -29.68 108.90 -38.99
CA LYS NE 4 -28.26 109.09 -38.73
C LYS NE 4 -28.03 108.99 -37.23
N THR NE 5 -26.85 108.50 -36.84
CA THR NE 5 -26.48 108.60 -35.44
C THR NE 5 -25.54 109.79 -35.26
N PHE NE 6 -25.20 110.08 -34.00
CA PHE NE 6 -24.69 111.39 -33.65
C PHE NE 6 -23.34 111.70 -34.32
N ARG NE 7 -22.44 110.73 -34.38
CA ARG NE 7 -21.08 111.03 -34.80
C ARG NE 7 -21.04 111.53 -36.24
N ILE NE 8 -21.76 110.86 -37.15
CA ILE NE 8 -21.76 111.30 -38.55
C ILE NE 8 -22.42 112.66 -38.67
N LYS NE 9 -23.47 112.92 -37.89
CA LYS NE 9 -24.10 114.22 -37.98
C LYS NE 9 -23.17 115.32 -37.53
N ARG NE 10 -22.46 115.11 -36.43
CA ARG NE 10 -21.48 116.11 -35.97
C ARG NE 10 -20.38 116.30 -37.01
N PHE NE 11 -19.93 115.19 -37.62
CA PHE NE 11 -18.92 115.28 -38.66
C PHE NE 11 -19.41 116.12 -39.84
N LEU NE 12 -20.63 115.85 -40.30
CA LEU NE 12 -21.20 116.64 -41.39
C LEU NE 12 -21.35 118.09 -40.98
N ALA NE 13 -21.71 118.34 -39.73
CA ALA NE 13 -21.85 119.72 -39.25
C ALA NE 13 -20.55 120.48 -39.39
N LYS NE 14 -19.46 119.92 -38.85
CA LYS NE 14 -18.19 120.64 -38.97
C LYS NE 14 -17.75 120.77 -40.41
N LYS NE 15 -17.91 119.71 -41.21
CA LYS NE 15 -17.44 119.78 -42.58
C LYS NE 15 -18.23 120.79 -43.40
N GLN NE 16 -19.51 120.99 -43.09
CA GLN NE 16 -20.23 122.10 -43.70
C GLN NE 16 -19.69 123.43 -43.20
N LYS NE 17 -19.35 123.49 -41.91
CA LYS NE 17 -18.82 124.73 -41.35
C LYS NE 17 -17.53 125.15 -42.04
N GLN NE 18 -16.65 124.20 -42.33
CA GLN NE 18 -15.40 124.51 -43.00
C GLN NE 18 -15.64 125.06 -44.40
N ASN NE 19 -16.61 124.52 -45.12
CA ASN NE 19 -16.89 124.95 -46.49
C ASN NE 19 -17.50 126.34 -46.43
N ARG NE 20 -16.67 127.35 -46.69
CA ARG NE 20 -17.06 128.74 -46.53
C ARG NE 20 -16.03 129.61 -47.20
N PRO NE 21 -16.42 130.74 -47.81
CA PRO NE 21 -15.43 131.64 -48.40
C PRO NE 21 -14.54 132.26 -47.34
N ILE NE 22 -13.32 132.60 -47.75
CA ILE NE 22 -12.39 133.26 -46.83
C ILE NE 22 -12.92 134.65 -46.51
N PRO NE 23 -12.89 135.08 -45.25
CA PRO NE 23 -13.27 136.47 -44.94
C PRO NE 23 -12.38 137.45 -45.69
N GLN NE 24 -12.99 138.53 -46.15
CA GLN NE 24 -12.32 139.43 -47.09
C GLN NE 24 -11.11 140.11 -46.46
N TRP NE 25 -11.21 140.52 -45.20
CA TRP NE 25 -10.17 141.35 -44.60
C TRP NE 25 -8.83 140.62 -44.51
N ILE NE 26 -8.82 139.29 -44.61
CA ILE NE 26 -7.55 138.57 -44.59
C ILE NE 26 -6.77 138.86 -45.86
N ARG NE 27 -7.44 139.28 -46.93
CA ARG NE 27 -6.73 139.65 -48.14
C ARG NE 27 -5.79 140.83 -47.88
N MET NE 28 -6.18 141.74 -47.00
CA MET NE 28 -5.34 142.88 -46.64
C MET NE 28 -4.30 142.53 -45.59
N LYS NE 29 -4.33 141.31 -45.05
CA LYS NE 29 -3.31 140.87 -44.12
C LYS NE 29 -1.94 140.89 -44.80
N THR NE 30 -0.94 141.40 -44.08
CA THR NE 30 0.41 141.45 -44.61
C THR NE 30 1.00 140.05 -44.71
N GLY NE 31 1.76 139.81 -45.78
CA GLY NE 31 2.24 138.47 -46.07
C GLY NE 31 1.12 137.50 -46.34
N ASN NE 32 0.08 137.95 -47.03
CA ASN NE 32 -1.12 137.13 -47.23
C ASN NE 32 -0.83 135.95 -48.14
N LYS NE 33 -0.47 136.23 -49.39
CA LYS NE 33 -0.22 135.24 -50.45
C LYS NE 33 -1.20 134.08 -50.40
N ILE NE 34 -2.48 134.37 -50.15
CA ILE NE 34 -3.55 133.39 -50.23
C ILE NE 34 -4.75 134.08 -50.87
N ARG NE 35 -5.30 133.46 -51.91
CA ARG NE 35 -6.27 134.13 -52.76
C ARG NE 35 -7.69 133.60 -52.61
N TYR NE 36 -7.86 132.32 -52.33
CA TYR NE 36 -9.19 131.77 -52.14
C TYR NE 36 -9.08 130.45 -51.40
N ASN NE 37 -10.22 129.96 -50.95
CA ASN NE 37 -10.28 128.69 -50.23
C ASN NE 37 -10.06 127.56 -51.22
N SER NE 38 -8.81 127.12 -51.35
CA SER NE 38 -8.49 126.02 -52.26
C SER NE 38 -9.14 124.71 -51.82
N LYS NE 39 -9.60 124.62 -50.58
CA LYS NE 39 -10.22 123.41 -50.05
C LYS NE 39 -11.73 123.41 -50.18
N ARG NE 40 -12.28 124.28 -51.04
CA ARG NE 40 -13.71 124.31 -51.24
C ARG NE 40 -14.21 122.99 -51.80
N ARG NE 41 -15.40 122.59 -51.36
CA ARG NE 41 -15.98 121.31 -51.70
C ARG NE 41 -17.42 121.50 -52.14
N HIS NE 42 -17.82 120.83 -53.21
CA HIS NE 42 -19.21 120.83 -53.65
C HIS NE 42 -19.80 119.45 -53.50
N TRP NE 43 -21.03 119.41 -53.00
CA TRP NE 43 -21.71 118.14 -52.77
C TRP NE 43 -21.87 117.36 -54.06
N ARG NE 44 -22.17 118.05 -55.16
CA ARG NE 44 -22.31 117.35 -56.43
C ARG NE 44 -20.96 116.96 -57.02
N ARG NE 45 -19.92 117.75 -56.79
CA ARG NE 45 -18.66 117.52 -57.48
C ARG NE 45 -17.83 116.44 -56.79
N THR NE 46 -17.41 116.68 -55.55
CA THR NE 46 -16.59 115.74 -54.80
C THR NE 46 -17.29 115.39 -53.50
N LYS NE 47 -17.51 114.10 -53.28
CA LYS NE 47 -18.26 113.63 -52.13
C LYS NE 47 -17.33 113.24 -51.01
N LEU NE 48 -17.82 113.36 -49.78
CA LEU NE 48 -17.02 113.04 -48.61
C LEU NE 48 -16.59 111.58 -48.64
N GLY NE 49 -15.39 111.32 -48.12
CA GLY NE 49 -14.90 109.95 -48.07
C GLY NE 49 -15.82 109.02 -47.31
N LEU NE 50 -16.39 109.51 -46.21
CA LEU NE 50 -17.39 108.75 -45.48
C LEU NE 50 -18.71 108.77 -46.24
N ILE OE 1 -24.38 69.72 -167.87
CA ILE OE 1 -24.97 70.32 -169.07
C ILE OE 1 -24.07 71.43 -169.59
N ILE OE 2 -23.10 71.83 -168.77
CA ILE OE 2 -22.20 72.92 -169.15
C ILE OE 2 -21.26 72.42 -170.24
N GLU OE 3 -21.12 73.22 -171.30
CA GLU OE 3 -20.29 72.83 -172.41
C GLU OE 3 -18.83 72.76 -171.95
N PRO OE 4 -18.07 71.75 -172.40
CA PRO OE 4 -16.77 71.48 -171.78
C PRO OE 4 -15.77 72.64 -171.81
N SER OE 5 -15.74 73.43 -172.89
CA SER OE 5 -14.81 74.54 -172.94
C SER OE 5 -15.09 75.54 -171.83
N LEU OE 6 -16.37 75.79 -171.53
CA LEU OE 6 -16.70 76.66 -170.40
C LEU OE 6 -16.20 76.07 -169.10
N ARG OE 7 -16.36 74.75 -168.91
CA ARG OE 7 -15.88 74.14 -167.68
C ARG OE 7 -14.38 74.33 -167.53
N GLN OE 8 -13.62 74.00 -168.58
CA GLN OE 8 -12.17 74.10 -168.45
C GLN OE 8 -11.73 75.54 -168.25
N LEU OE 9 -12.35 76.49 -168.97
CA LEU OE 9 -12.00 77.89 -168.80
C LEU OE 9 -12.25 78.35 -167.37
N ALA OE 10 -13.41 78.01 -166.82
CA ALA OE 10 -13.73 78.47 -165.47
C ALA OE 10 -12.84 77.81 -164.43
N GLN OE 11 -12.63 76.50 -164.53
CA GLN OE 11 -11.78 75.84 -163.56
C GLN OE 11 -10.33 76.27 -163.69
N LYS OE 12 -9.93 76.79 -164.86
CA LYS OE 12 -8.61 77.39 -164.98
C LYS OE 12 -8.40 78.47 -163.95
N TYR OE 13 -9.43 79.26 -163.68
CA TYR OE 13 -9.38 80.26 -162.63
C TYR OE 13 -9.81 79.74 -161.27
N ASN OE 14 -10.48 78.59 -161.23
CA ASN OE 14 -11.02 78.11 -159.95
C ASN OE 14 -10.37 76.85 -159.43
N CYS OE 15 -9.90 75.93 -160.29
CA CYS OE 15 -9.44 74.64 -159.81
C CYS OE 15 -7.94 74.42 -159.96
N ASP OE 16 -7.41 74.49 -161.19
CA ASP OE 16 -6.00 74.17 -161.40
C ASP OE 16 -5.14 75.31 -160.86
N LYS OE 17 -4.84 75.23 -159.56
CA LYS OE 17 -4.05 76.24 -158.87
C LYS OE 17 -3.18 75.56 -157.82
N MET OE 18 -2.22 76.32 -157.30
CA MET OE 18 -1.32 75.83 -156.25
C MET OE 18 -1.70 76.39 -154.90
N ILE OE 19 -1.53 75.56 -153.87
CA ILE OE 19 -1.96 75.91 -152.54
C ILE OE 19 -0.78 75.72 -151.58
N CYS OE 20 -0.50 76.76 -150.80
CA CYS OE 20 0.52 76.65 -149.76
C CYS OE 20 0.03 75.74 -148.65
N ARG OE 21 0.89 74.83 -148.23
CA ARG OE 21 0.52 73.90 -147.17
C ARG OE 21 0.53 74.56 -145.80
N LYS OE 22 1.33 75.61 -145.61
CA LYS OE 22 1.43 76.25 -144.30
C LYS OE 22 0.45 77.39 -144.09
N CYS OE 23 -0.10 77.97 -145.15
CA CYS OE 23 -1.03 79.08 -144.97
C CYS OE 23 -2.22 79.06 -145.92
N TYR OE 24 -2.46 77.96 -146.65
CA TYR OE 24 -3.64 77.77 -147.47
C TYR OE 24 -3.81 78.85 -148.53
N ALA OE 25 -2.78 79.62 -148.84
CA ALA OE 25 -2.92 80.67 -149.82
C ALA OE 25 -3.06 80.09 -151.23
N ARG OE 26 -3.92 80.71 -152.03
CA ARG OE 26 -4.14 80.26 -153.40
C ARG OE 26 -3.06 80.84 -154.30
N LEU OE 27 -2.33 79.98 -155.00
CA LEU OE 27 -1.24 80.37 -155.86
C LEU OE 27 -1.42 79.76 -157.24
N HIS OE 28 -0.76 80.37 -158.23
CA HIS OE 28 -0.88 79.93 -159.61
C HIS OE 28 -0.30 78.52 -159.76
N PRO OE 29 -0.85 77.72 -160.70
CA PRO OE 29 -0.55 76.29 -160.72
C PRO OE 29 0.90 75.94 -160.98
N ARG OE 30 1.72 76.87 -161.45
CA ARG OE 30 3.11 76.56 -161.68
C ARG OE 30 4.01 77.23 -160.64
N ALA OE 31 3.48 77.48 -159.45
CA ALA OE 31 4.26 78.13 -158.41
C ALA OE 31 5.17 77.12 -157.71
N VAL OE 32 6.19 77.64 -157.04
CA VAL OE 32 7.08 76.82 -156.23
C VAL OE 32 7.21 77.32 -154.81
N ASN OE 33 6.97 78.60 -154.53
CA ASN OE 33 7.04 79.15 -153.19
C ASN OE 33 5.78 79.97 -152.94
N CYS OE 34 5.41 80.12 -151.67
CA CYS OE 34 4.26 80.95 -151.36
C CYS OE 34 4.65 82.42 -151.31
N ARG OE 35 3.91 83.24 -152.05
CA ARG OE 35 4.21 84.65 -152.15
C ARG OE 35 3.98 85.40 -150.85
N LYS OE 36 3.30 84.79 -149.89
CA LYS OE 36 2.79 85.50 -148.73
C LYS OE 36 3.80 85.46 -147.59
N LYS OE 37 3.96 86.61 -146.92
CA LYS OE 37 5.00 86.78 -145.92
C LYS OE 37 4.77 85.91 -144.70
N LYS OE 38 3.51 85.53 -144.44
CA LYS OE 38 3.19 84.83 -143.19
C LYS OE 38 3.95 83.51 -143.09
N CYS OE 39 3.92 82.71 -144.15
CA CYS OE 39 4.56 81.40 -144.13
C CYS OE 39 6.04 81.46 -144.42
N GLY OE 40 6.59 82.63 -144.70
CA GLY OE 40 8.00 82.74 -145.00
C GLY OE 40 8.41 82.18 -146.35
N HIS OE 41 7.53 82.30 -147.35
CA HIS OE 41 7.83 81.84 -148.71
C HIS OE 41 8.28 80.39 -148.72
N THR OE 42 7.54 79.54 -148.00
CA THR OE 42 7.89 78.14 -147.91
C THR OE 42 7.74 77.44 -149.26
N ASN OE 43 8.34 76.26 -149.35
CA ASN OE 43 8.29 75.46 -150.56
C ASN OE 43 7.42 74.22 -150.42
N ASN OE 44 6.87 73.95 -149.24
CA ASN OE 44 5.94 72.83 -149.13
C ASN OE 44 4.62 73.23 -149.78
N LEU OE 45 4.41 72.74 -151.01
CA LEU OE 45 3.30 73.16 -151.85
C LEU OE 45 2.49 71.95 -152.27
N ARG OE 46 1.18 72.02 -152.12
CA ARG OE 46 0.31 70.94 -152.56
C ARG OE 46 -0.73 71.48 -153.53
N PRO OE 47 -1.05 70.73 -154.57
CA PRO OE 47 -2.11 71.14 -155.48
C PRO OE 47 -3.48 71.03 -154.85
N LYS OE 48 -4.38 71.90 -155.32
CA LYS OE 48 -5.75 71.85 -154.84
C LYS OE 48 -6.39 70.56 -155.32
N LYS OE 49 -7.00 69.85 -154.38
CA LYS OE 49 -7.68 68.61 -154.74
C LYS OE 49 -8.81 68.91 -155.71
N LYS OE 50 -8.99 67.99 -156.66
CA LYS OE 50 -10.04 68.12 -157.66
C LYS OE 50 -11.39 67.74 -157.05
N VAL OE 51 -12.43 67.84 -157.87
CA VAL OE 51 -13.76 67.41 -157.47
C VAL OE 51 -14.06 66.01 -157.97
N LYS OE 52 -13.12 65.37 -158.65
CA LYS OE 52 -13.33 64.05 -159.24
C LYS OE 52 -13.50 62.97 -158.17
N MET PE 1 -40.54 18.42 -83.59
CA MET PE 1 -39.75 18.20 -82.39
C MET PE 1 -40.63 17.64 -81.30
N ARG PE 2 -40.26 17.92 -80.06
CA ARG PE 2 -41.27 18.00 -79.02
C ARG PE 2 -42.12 19.22 -79.33
N ALA PE 3 -43.44 19.03 -79.41
CA ALA PE 3 -44.31 20.11 -79.85
C ALA PE 3 -44.12 21.34 -78.98
N LYS PE 4 -43.75 21.13 -77.72
CA LYS PE 4 -43.49 22.24 -76.82
C LYS PE 4 -42.33 23.11 -77.33
N TRP PE 5 -41.25 22.47 -77.78
CA TRP PE 5 -40.13 23.25 -78.31
C TRP PE 5 -40.50 23.94 -79.62
N ARG PE 6 -41.27 23.28 -80.48
CA ARG PE 6 -41.75 23.95 -81.68
C ARG PE 6 -42.55 25.19 -81.30
N LYS PE 7 -43.43 25.06 -80.31
CA LYS PE 7 -44.19 26.23 -79.88
C LYS PE 7 -43.28 27.32 -79.37
N LYS PE 8 -42.31 26.97 -78.54
CA LYS PE 8 -41.44 28.00 -77.97
C LYS PE 8 -40.67 28.72 -79.07
N ARG PE 9 -40.10 27.98 -80.00
CA ARG PE 9 -39.39 28.62 -81.10
C ARG PE 9 -40.33 29.46 -81.94
N MET PE 10 -41.58 29.03 -82.05
CA MET PE 10 -42.59 29.82 -82.73
C MET PE 10 -42.82 31.15 -82.04
N ARG PE 11 -42.86 31.13 -80.70
CA ARG PE 11 -43.02 32.38 -79.97
C ARG PE 11 -41.81 33.28 -80.19
N ARG PE 12 -40.61 32.69 -80.25
CA ARG PE 12 -39.43 33.51 -80.54
C ARG PE 12 -39.57 34.17 -81.91
N LEU PE 13 -40.00 33.39 -82.90
CA LEU PE 13 -40.15 33.94 -84.25
C LEU PE 13 -41.20 35.05 -84.28
N LYS PE 14 -42.33 34.84 -83.60
CA LYS PE 14 -43.36 35.87 -83.59
C LYS PE 14 -42.88 37.12 -82.86
N ARG PE 15 -42.11 36.94 -81.79
CA ARG PE 15 -41.58 38.09 -81.07
C ARG PE 15 -40.64 38.90 -81.96
N LYS PE 16 -39.74 38.20 -82.65
CA LYS PE 16 -38.88 38.89 -83.60
C LYS PE 16 -39.72 39.63 -84.64
N ARG PE 17 -40.81 39.01 -85.08
CA ARG PE 17 -41.60 39.61 -86.15
C ARG PE 17 -42.35 40.84 -85.69
N ARG PE 18 -42.88 40.81 -84.47
CA ARG PE 18 -43.50 42.03 -83.96
C ARG PE 18 -42.46 43.11 -83.74
N LYS PE 19 -41.22 42.74 -83.37
CA LYS PE 19 -40.16 43.73 -83.32
C LYS PE 19 -39.94 44.38 -84.68
N MET PE 20 -39.86 43.57 -85.74
CA MET PE 20 -39.59 44.16 -87.05
C MET PE 20 -40.76 45.03 -87.50
N ARG PE 21 -42.00 44.58 -87.25
CA ARG PE 21 -43.14 45.40 -87.64
C ARG PE 21 -43.15 46.71 -86.88
N GLN PE 22 -42.81 46.68 -85.59
CA GLN PE 22 -42.69 47.93 -84.83
C GLN PE 22 -41.54 48.79 -85.34
N ARG PE 23 -40.52 48.18 -85.96
CA ARG PE 23 -39.41 48.96 -86.50
C ARG PE 23 -39.90 49.89 -87.61
N SER PE 24 -40.79 49.40 -88.47
CA SER PE 24 -41.32 50.21 -89.56
C SER PE 24 -42.65 50.85 -89.17
N VAL QE 1 38.19 37.07 -75.29
CA VAL QE 1 39.61 36.82 -75.40
C VAL QE 1 40.07 35.97 -74.21
N ASN QE 2 41.03 35.08 -74.45
CA ASN QE 2 41.57 34.23 -73.40
C ASN QE 2 43.05 34.52 -73.19
N VAL QE 3 43.48 34.40 -71.94
CA VAL QE 3 44.83 34.74 -71.51
C VAL QE 3 45.35 33.57 -70.69
N PRO QE 4 46.63 33.22 -70.76
CA PRO QE 4 47.15 32.14 -69.93
C PRO QE 4 47.06 32.47 -68.45
N LYS QE 5 47.01 31.41 -67.64
CA LYS QE 5 46.88 31.58 -66.20
C LYS QE 5 48.13 32.16 -65.55
N THR QE 6 49.24 32.26 -66.29
CA THR QE 6 50.46 32.85 -65.78
C THR QE 6 51.29 33.39 -66.93
N ARG QE 7 52.28 34.21 -66.58
CA ARG QE 7 53.16 34.80 -67.57
C ARG QE 7 54.42 35.29 -66.89
N ARG QE 8 55.55 35.13 -67.54
CA ARG QE 8 56.82 35.62 -67.03
C ARG QE 8 56.98 37.07 -67.46
N THR QE 9 57.13 37.97 -66.50
CA THR QE 9 57.32 39.38 -66.81
C THR QE 9 58.15 40.00 -65.69
N PHE QE 10 58.18 41.33 -65.68
CA PHE QE 10 59.07 42.08 -64.81
C PHE QE 10 58.34 42.37 -63.51
N CYS QE 11 58.90 41.94 -62.38
CA CYS QE 11 58.46 42.37 -61.06
C CYS QE 11 59.33 43.53 -60.58
N LYS QE 12 58.71 44.70 -60.40
CA LYS QE 12 59.45 45.91 -60.06
C LYS QE 12 60.19 45.76 -58.74
N LYS QE 13 59.57 45.08 -57.77
CA LYS QE 13 60.22 44.91 -56.47
C LYS QE 13 61.46 44.05 -56.58
N CYS QE 14 61.34 42.88 -57.21
CA CYS QE 14 62.52 42.03 -57.36
C CYS QE 14 63.41 42.46 -58.52
N GLY QE 15 62.96 43.42 -59.33
CA GLY QE 15 63.82 44.06 -60.31
C GLY QE 15 64.34 43.16 -61.42
N LYS QE 16 63.55 42.19 -61.85
CA LYS QE 16 63.96 41.31 -62.94
C LYS QE 16 62.74 40.56 -63.44
N HIS QE 17 62.89 39.91 -64.58
CA HIS QE 17 61.79 39.17 -65.16
C HIS QE 17 61.55 37.88 -64.38
N GLN QE 18 60.37 37.76 -63.80
CA GLN QE 18 60.00 36.64 -62.94
C GLN QE 18 58.68 36.07 -63.39
N PRO QE 19 58.43 34.79 -63.12
CA PRO QE 19 57.09 34.24 -63.37
C PRO QE 19 56.06 34.94 -62.52
N HIS QE 20 54.89 35.16 -63.09
CA HIS QE 20 53.83 35.88 -62.41
C HIS QE 20 52.51 35.16 -62.58
N LYS QE 21 51.77 35.03 -61.48
CA LYS QE 21 50.40 34.55 -61.54
C LYS QE 21 49.48 35.74 -61.74
N VAL QE 22 48.40 35.52 -62.48
CA VAL QE 22 47.51 36.59 -62.90
C VAL QE 22 46.10 36.31 -62.40
N THR QE 23 45.48 37.32 -61.80
CA THR QE 23 44.10 37.23 -61.34
C THR QE 23 43.31 38.38 -61.93
N GLN QE 24 42.04 38.10 -62.24
CA GLN QE 24 41.14 39.15 -62.69
C GLN QE 24 40.88 40.12 -61.55
N TYR QE 25 41.14 41.40 -61.80
CA TYR QE 25 40.91 42.41 -60.77
C TYR QE 25 39.43 42.70 -60.65
N LYS QE 26 38.92 42.71 -59.43
CA LYS QE 26 37.53 43.04 -59.17
C LYS QE 26 37.47 44.31 -58.33
N LYS QE 27 36.43 45.10 -58.55
CA LYS QE 27 36.30 46.37 -57.83
C LYS QE 27 36.20 46.12 -56.33
N GLY QE 28 37.04 46.82 -55.58
CA GLY QE 28 36.96 46.73 -54.14
C GLY QE 28 35.67 47.35 -53.62
N LYS QE 29 35.13 46.73 -52.57
CA LYS QE 29 33.95 47.27 -51.92
C LYS QE 29 34.28 48.60 -51.27
N ASP QE 30 33.29 49.48 -51.21
CA ASP QE 30 33.49 50.81 -50.66
C ASP QE 30 33.82 50.70 -49.17
N SER QE 31 34.65 51.62 -48.69
CA SER QE 31 35.08 51.61 -47.30
C SER QE 31 34.05 52.21 -46.36
N LEU QE 32 33.08 52.97 -46.88
CA LEU QE 32 32.03 53.64 -46.11
C LEU QE 32 32.60 54.75 -45.24
N TYR QE 33 33.90 54.99 -45.25
CA TYR QE 33 34.49 56.03 -44.42
C TYR QE 33 35.56 56.85 -45.10
N ALA QE 34 35.82 56.62 -46.39
CA ALA QE 34 36.70 57.51 -47.13
C ALA QE 34 36.10 58.91 -47.18
N GLN QE 35 36.97 59.91 -47.15
CA GLN QE 35 36.51 61.28 -46.93
C GLN QE 35 35.45 61.70 -47.95
N GLY QE 36 35.54 61.18 -49.17
CA GLY QE 36 34.53 61.49 -50.15
C GLY QE 36 33.16 60.97 -49.76
N LYS QE 37 33.10 59.72 -49.31
CA LYS QE 37 31.82 59.15 -48.90
C LYS QE 37 31.26 59.85 -47.68
N ARG QE 38 32.12 60.19 -46.72
CA ARG QE 38 31.68 60.93 -45.54
C ARG QE 38 31.10 62.28 -45.96
N ARG QE 39 31.80 62.99 -46.84
CA ARG QE 39 31.28 64.25 -47.36
C ARG QE 39 29.95 64.04 -48.05
N TYR QE 40 29.83 62.95 -48.81
CA TYR QE 40 28.60 62.67 -49.54
C TYR QE 40 27.43 62.52 -48.58
N ASP QE 41 27.59 61.70 -47.54
CA ASP QE 41 26.50 61.53 -46.58
C ASP QE 41 26.23 62.78 -45.75
N ARG QE 42 27.26 63.56 -45.41
CA ARG QE 42 27.00 64.81 -44.73
C ARG QE 42 26.14 65.73 -45.59
N LYS QE 43 26.46 65.81 -46.88
CA LYS QE 43 25.64 66.61 -47.79
C LYS QE 43 24.23 66.06 -47.87
N GLN QE 44 24.09 64.75 -48.08
CA GLN QE 44 22.78 64.14 -48.18
C GLN QE 44 22.04 64.13 -46.86
N SER QE 45 22.72 64.39 -45.75
CA SER QE 45 22.03 64.48 -44.47
C SER QE 45 21.05 65.64 -44.49
N GLY QE 46 19.91 65.45 -43.83
CA GLY QE 46 18.89 66.47 -43.80
C GLY QE 46 18.06 66.50 -45.07
N TYR QE 47 17.15 67.46 -45.12
CA TYR QE 47 16.25 67.62 -46.25
C TYR QE 47 17.02 68.05 -47.49
N GLY QE 48 16.28 68.19 -48.59
CA GLY QE 48 16.82 68.70 -49.83
C GLY QE 48 16.93 67.69 -50.94
N GLY QE 49 16.82 66.40 -50.65
CA GLY QE 49 16.90 65.39 -51.69
C GLY QE 49 18.31 65.21 -52.21
N GLN QE 50 18.39 64.71 -53.43
CA GLN QE 50 19.69 64.38 -54.02
C GLN QE 50 20.54 65.64 -54.17
N THR QE 51 21.83 65.51 -53.84
CA THR QE 51 22.76 66.62 -53.95
C THR QE 51 23.86 66.38 -54.97
N LYS QE 52 24.04 65.15 -55.44
CA LYS QE 52 25.07 64.89 -56.43
C LYS QE 52 24.49 64.21 -57.65
N PRO QE 53 25.07 64.42 -58.81
CA PRO QE 53 24.49 63.88 -60.04
C PRO QE 53 24.54 62.36 -60.07
N ILE QE 54 23.60 61.77 -60.80
CA ILE QE 54 23.57 60.34 -61.08
C ILE QE 54 23.64 60.17 -62.58
N PHE QE 55 24.60 59.39 -63.05
CA PHE QE 55 24.94 59.29 -64.46
C PHE QE 55 23.75 58.88 -65.31
N ARG QE 56 23.25 57.66 -65.11
CA ARG QE 56 22.03 57.15 -65.77
C ARG QE 56 22.04 57.36 -67.29
N LYS QE 57 23.20 57.26 -67.92
CA LYS QE 57 23.29 57.29 -69.38
C LYS QE 57 23.84 55.98 -69.94
N LYS QE 58 24.98 55.52 -69.43
CA LYS QE 58 25.52 54.19 -69.73
C LYS QE 58 25.78 54.01 -71.23
N ALA QE 59 26.67 54.85 -71.74
CA ALA QE 59 26.99 54.76 -73.17
C ALA QE 59 27.91 53.59 -73.49
N LYS QE 60 28.86 53.29 -72.61
CA LYS QE 60 29.79 52.20 -72.89
C LYS QE 60 29.08 50.85 -72.78
N THR QE 61 29.65 49.85 -73.46
CA THR QE 61 29.15 48.49 -73.40
C THR QE 61 30.08 47.53 -72.69
N THR QE 62 31.38 47.80 -72.69
CA THR QE 62 32.36 46.90 -72.10
C THR QE 62 33.21 47.62 -71.07
N LYS QE 63 34.26 46.96 -70.60
CA LYS QE 63 35.16 47.56 -69.64
C LYS QE 63 36.60 47.28 -70.05
N LYS QE 64 37.50 48.18 -69.70
CA LYS QE 64 38.92 47.96 -69.91
C LYS QE 64 39.37 46.88 -68.94
N ILE QE 65 39.48 45.64 -69.41
CA ILE QE 65 39.80 44.53 -68.53
C ILE QE 65 41.20 44.71 -67.98
N VAL QE 66 41.35 44.48 -66.68
CA VAL QE 66 42.62 44.64 -65.99
C VAL QE 66 42.92 43.36 -65.24
N LEU QE 67 44.20 43.02 -65.15
CA LEU QE 67 44.66 41.76 -64.60
C LEU QE 67 45.70 42.03 -63.52
N ARG QE 68 45.39 41.64 -62.29
CA ARG QE 68 46.30 41.81 -61.17
C ARG QE 68 47.32 40.68 -61.22
N LEU QE 69 48.56 41.01 -61.53
CA LEU QE 69 49.63 40.03 -61.57
C LEU QE 69 50.27 39.86 -60.20
N GLU QE 70 51.05 38.79 -60.07
CA GLU QE 70 51.70 38.48 -58.80
C GLU QE 70 52.85 37.52 -59.08
N CYS QE 71 54.08 37.97 -58.84
CA CYS QE 71 55.22 37.09 -59.05
C CYS QE 71 55.27 36.03 -57.96
N VAL QE 72 55.61 34.81 -58.36
CA VAL QE 72 55.48 33.65 -57.48
C VAL QE 72 56.71 33.49 -56.61
N GLU QE 73 57.57 34.50 -56.60
CA GLU QE 73 58.73 34.49 -55.72
C GLU QE 73 58.26 34.39 -54.27
N PRO QE 74 58.66 33.36 -53.53
CA PRO QE 74 58.15 33.21 -52.16
C PRO QE 74 58.44 34.39 -51.25
N ASN QE 75 59.55 35.11 -51.47
CA ASN QE 75 59.90 36.18 -50.56
C ASN QE 75 59.14 37.46 -50.89
N CYS QE 76 59.37 38.03 -52.07
CA CYS QE 76 58.70 39.27 -52.46
C CYS QE 76 57.42 38.93 -53.21
N ARG QE 77 56.31 39.46 -52.73
CA ARG QE 77 55.01 39.12 -53.30
C ARG QE 77 54.33 40.36 -53.87
N SER QE 78 55.10 41.17 -54.60
CA SER QE 78 54.57 42.40 -55.15
C SER QE 78 53.44 42.12 -56.14
N LYS QE 79 52.37 42.89 -56.03
CA LYS QE 79 51.20 42.74 -56.87
C LYS QE 79 51.03 43.97 -57.74
N ARG QE 80 50.97 43.77 -59.05
CA ARG QE 80 50.78 44.83 -60.01
C ARG QE 80 49.59 44.46 -60.89
N MET QE 81 48.90 45.47 -61.42
CA MET QE 81 47.76 45.24 -62.29
C MET QE 81 48.06 45.73 -63.69
N LEU QE 82 47.70 44.93 -64.68
CA LEU QE 82 47.91 45.25 -66.09
C LEU QE 82 46.57 45.37 -66.77
N ALA QE 83 46.45 46.33 -67.68
CA ALA QE 83 45.21 46.62 -68.37
C ALA QE 83 45.34 46.29 -69.84
N ILE QE 84 44.31 45.66 -70.39
CA ILE QE 84 44.28 45.34 -71.82
C ILE QE 84 43.16 46.14 -72.47
N LYS QE 85 43.05 46.03 -73.79
CA LYS QE 85 42.00 46.73 -74.50
C LYS QE 85 40.64 46.14 -74.14
N ARG QE 86 39.58 46.84 -74.52
CA ARG QE 86 38.24 46.38 -74.22
C ARG QE 86 37.96 45.06 -74.91
N CYS QE 87 37.08 44.27 -74.31
CA CYS QE 87 36.60 43.05 -74.93
C CYS QE 87 35.23 42.72 -74.36
N LYS QE 88 34.45 41.96 -75.13
CA LYS QE 88 33.11 41.57 -74.68
C LYS QE 88 33.19 40.34 -73.79
N HIS QE 89 33.71 39.24 -74.32
CA HIS QE 89 33.72 37.95 -73.62
C HIS QE 89 35.13 37.66 -73.16
N PHE QE 90 35.34 37.66 -71.85
CA PHE QE 90 36.66 37.46 -71.27
C PHE QE 90 36.73 36.08 -70.64
N GLU QE 91 37.72 35.30 -71.05
CA GLU QE 91 38.07 34.03 -70.42
C GLU QE 91 39.54 34.08 -70.03
N LEU QE 92 39.90 33.39 -68.96
CA LEU QE 92 41.27 33.39 -68.46
C LEU QE 92 41.73 31.94 -68.31
N GLY QE 93 42.98 31.69 -68.66
CA GLY QE 93 43.52 30.34 -68.58
C GLY QE 93 42.76 29.34 -69.41
N GLY QE 94 42.27 29.76 -70.58
CA GLY QE 94 41.44 28.91 -71.40
C GLY QE 94 42.23 27.89 -72.17
N ASP QE 95 41.50 27.07 -72.93
CA ASP QE 95 42.13 26.06 -73.77
C ASP QE 95 42.83 26.73 -74.94
N LYS QE 96 44.06 26.28 -75.20
CA LYS QE 96 44.80 26.77 -76.35
C LYS QE 96 44.11 26.31 -77.64
N LYS QE 97 44.01 27.20 -78.61
CA LYS QE 97 43.41 26.84 -79.89
C LYS QE 97 44.50 26.39 -80.86
N ARG QE 98 44.20 25.33 -81.61
CA ARG QE 98 45.12 24.78 -82.59
C ARG QE 98 44.56 25.00 -83.99
N LYS QE 99 45.39 24.70 -84.99
CA LYS QE 99 45.08 25.06 -86.37
C LYS QE 99 44.65 23.90 -87.24
N GLY QE 100 45.21 22.71 -87.04
CA GLY QE 100 44.97 21.62 -87.96
C GLY QE 100 43.78 20.73 -87.66
N GLN QE 101 43.08 20.96 -86.56
CA GLN QE 101 42.06 20.02 -86.12
C GLN QE 101 40.77 20.19 -86.92
N VAL QE 102 39.72 19.54 -86.42
CA VAL QE 102 38.49 19.37 -87.17
C VAL QE 102 37.48 20.42 -86.74
N ILE QE 103 37.13 21.33 -87.67
CA ILE QE 103 36.18 22.41 -87.39
C ILE QE 103 35.26 22.61 -88.58
N GLN QE 104 34.00 22.17 -88.47
CA GLN QE 104 33.39 21.37 -87.43
C GLN QE 104 32.37 20.45 -88.10
N PHE QE 105 32.40 19.17 -87.77
CA PHE QE 105 31.55 18.18 -88.43
C PHE QE 105 30.07 18.54 -88.34
N ALA RE 1 -69.17 61.25 -64.72
CA ALA RE 1 -68.69 60.10 -65.47
C ALA RE 1 -67.24 59.78 -65.11
N LYS RE 2 -66.74 58.68 -65.65
CA LYS RE 2 -65.37 58.24 -65.40
C LYS RE 2 -64.44 59.17 -66.16
N ARG RE 3 -63.85 60.11 -65.43
CA ARG RE 3 -63.07 61.19 -66.04
C ARG RE 3 -61.77 60.72 -66.67
N THR RE 4 -61.32 59.51 -66.38
CA THR RE 4 -60.05 59.03 -66.91
C THR RE 4 -60.10 57.51 -67.05
N LYS RE 5 -59.15 56.99 -67.82
CA LYS RE 5 -59.12 55.54 -68.03
C LYS RE 5 -58.43 54.82 -66.88
N LYS RE 6 -57.14 55.06 -66.70
CA LYS RE 6 -56.40 54.34 -65.66
C LYS RE 6 -55.40 55.17 -64.86
N VAL RE 7 -55.04 56.38 -65.30
CA VAL RE 7 -54.01 57.13 -64.57
C VAL RE 7 -54.52 57.56 -63.20
N GLY RE 8 -55.80 57.92 -63.11
CA GLY RE 8 -56.39 58.21 -61.81
C GLY RE 8 -55.81 59.45 -61.18
N ILE RE 9 -55.46 59.34 -59.89
CA ILE RE 9 -54.99 60.49 -59.13
C ILE RE 9 -53.68 61.02 -59.68
N VAL RE 10 -52.82 60.13 -60.20
CA VAL RE 10 -51.55 60.56 -60.78
C VAL RE 10 -51.74 61.42 -62.01
N GLY RE 11 -52.97 61.51 -62.54
CA GLY RE 11 -53.23 62.41 -63.64
C GLY RE 11 -52.85 63.85 -63.35
N LYS RE 12 -52.75 64.21 -62.06
CA LYS RE 12 -52.22 65.52 -61.72
C LYS RE 12 -50.76 65.66 -62.14
N TYR RE 13 -50.07 64.52 -62.34
CA TYR RE 13 -48.69 64.57 -62.81
C TYR RE 13 -48.59 64.59 -64.33
N GLY RE 14 -49.70 64.37 -65.03
CA GLY RE 14 -49.69 64.57 -66.47
C GLY RE 14 -48.86 63.55 -67.21
N THR RE 15 -48.25 64.00 -68.31
CA THR RE 15 -47.54 63.15 -69.26
C THR RE 15 -46.06 63.05 -68.93
N ARG RE 16 -45.70 63.14 -67.67
CA ARG RE 16 -44.30 63.27 -67.29
C ARG RE 16 -43.87 62.11 -66.39
N TYR RE 17 -42.55 62.00 -66.24
CA TYR RE 17 -41.85 61.17 -65.27
C TYR RE 17 -41.94 59.66 -65.55
N GLY RE 18 -42.68 59.24 -66.57
CA GLY RE 18 -42.65 57.82 -66.90
C GLY RE 18 -43.84 57.06 -66.34
N ALA RE 19 -44.31 56.09 -67.13
CA ALA RE 19 -45.51 55.35 -66.74
C ALA RE 19 -45.27 54.50 -65.50
N SER RE 20 -44.14 53.80 -65.45
CA SER RE 20 -43.93 52.85 -64.37
C SER RE 20 -43.89 53.53 -63.01
N LEU RE 21 -43.22 54.68 -62.92
CA LEU RE 21 -43.15 55.38 -61.63
C LEU RE 21 -44.49 55.96 -61.25
N ARG RE 22 -45.26 56.44 -62.23
CA ARG RE 22 -46.62 56.90 -61.93
C ARG RE 22 -47.47 55.76 -61.38
N LYS RE 23 -47.36 54.58 -61.99
CA LYS RE 23 -48.07 53.41 -61.50
C LYS RE 23 -47.64 53.07 -60.09
N MET RE 24 -46.33 53.07 -59.84
CA MET RE 24 -45.80 52.94 -58.49
C MET RE 24 -46.45 53.89 -57.51
N VAL RE 25 -46.47 55.17 -57.85
CA VAL RE 25 -46.83 56.17 -56.86
C VAL RE 25 -48.34 56.26 -56.68
N LYS RE 26 -49.13 55.72 -57.60
CA LYS RE 26 -50.58 55.79 -57.44
C LYS RE 26 -51.02 55.17 -56.13
N LYS RE 27 -50.61 53.92 -55.87
CA LYS RE 27 -51.08 53.22 -54.68
C LYS RE 27 -50.63 53.93 -53.41
N ILE RE 28 -49.37 54.33 -53.36
CA ILE RE 28 -48.84 54.94 -52.14
C ILE RE 28 -49.47 56.30 -51.91
N GLU RE 29 -49.72 57.05 -52.99
CA GLU RE 29 -50.41 58.33 -52.85
C GLU RE 29 -51.82 58.12 -52.31
N ILE RE 30 -52.52 57.10 -52.80
CA ILE RE 30 -53.85 56.83 -52.28
C ILE RE 30 -53.77 56.48 -50.81
N SER RE 31 -52.80 55.63 -50.44
CA SER RE 31 -52.67 55.22 -49.05
C SER RE 31 -52.38 56.41 -48.15
N GLN RE 32 -51.51 57.30 -48.57
CA GLN RE 32 -51.09 58.43 -47.76
C GLN RE 32 -51.99 59.65 -47.94
N HIS RE 33 -53.05 59.53 -48.74
CA HIS RE 33 -54.13 60.50 -48.75
C HIS RE 33 -55.44 59.91 -48.25
N ALA RE 34 -55.44 58.67 -47.78
CA ALA RE 34 -56.67 58.03 -47.38
C ALA RE 34 -57.11 58.53 -46.01
N LYS RE 35 -58.39 58.33 -45.71
CA LYS RE 35 -58.95 58.57 -44.40
C LYS RE 35 -59.12 57.24 -43.70
N TYR RE 36 -58.55 57.13 -42.50
CA TYR RE 36 -58.59 55.88 -41.76
C TYR RE 36 -59.52 56.01 -40.58
N THR RE 37 -60.05 54.87 -40.13
CA THR RE 37 -60.90 54.84 -38.96
C THR RE 37 -60.03 54.89 -37.71
N CYS RE 38 -60.16 55.98 -36.95
CA CYS RE 38 -59.33 56.13 -35.75
C CYS RE 38 -59.65 55.04 -34.74
N SER RE 39 -58.61 54.36 -34.27
CA SER RE 39 -58.80 53.26 -33.34
C SER RE 39 -59.29 53.70 -31.97
N PHE RE 40 -59.17 54.99 -31.64
CA PHE RE 40 -59.56 55.48 -30.33
C PHE RE 40 -60.90 56.18 -30.32
N CYS RE 41 -61.33 56.71 -31.47
CA CYS RE 41 -62.61 57.36 -31.57
C CYS RE 41 -63.57 56.67 -32.52
N GLY RE 42 -63.11 55.73 -33.33
CA GLY RE 42 -63.95 55.06 -34.29
C GLY RE 42 -64.16 55.81 -35.58
N LYS RE 43 -64.29 57.13 -35.50
CA LYS RE 43 -64.61 57.93 -36.69
C LYS RE 43 -63.49 57.81 -37.72
N THR RE 44 -63.89 57.91 -38.99
CA THR RE 44 -62.95 57.74 -40.11
C THR RE 44 -62.23 59.05 -40.40
N LYS RE 45 -61.63 59.61 -39.36
CA LYS RE 45 -60.96 60.90 -39.45
C LYS RE 45 -59.46 60.81 -39.25
N MET RE 46 -58.91 59.60 -39.25
CA MET RE 46 -57.46 59.45 -39.16
C MET RE 46 -56.84 59.94 -40.47
N LYS RE 47 -56.20 61.10 -40.42
CA LYS RE 47 -55.57 61.71 -41.58
C LYS RE 47 -54.10 61.99 -41.27
N ARG RE 48 -53.24 61.66 -42.23
CA ARG RE 48 -51.81 61.89 -42.05
C ARG RE 48 -51.55 63.38 -41.90
N ARG RE 49 -50.76 63.72 -40.87
CA ARG RE 49 -50.37 65.10 -40.64
C ARG RE 49 -49.03 65.40 -41.30
N ALA RE 50 -48.01 64.61 -41.01
CA ALA RE 50 -46.72 64.71 -41.66
C ALA RE 50 -46.19 63.30 -41.84
N VAL RE 51 -44.96 63.20 -42.36
CA VAL RE 51 -44.42 61.88 -42.67
C VAL RE 51 -44.28 61.09 -41.38
N GLY RE 52 -45.04 59.99 -41.29
CA GLY RE 52 -45.05 59.19 -40.09
C GLY RE 52 -45.92 59.73 -38.97
N ILE RE 53 -46.54 60.89 -39.13
CA ILE RE 53 -47.41 61.46 -38.11
C ILE RE 53 -48.84 61.40 -38.61
N TRP RE 54 -49.68 60.68 -37.89
CA TRP RE 54 -51.08 60.48 -38.25
C TRP RE 54 -51.96 61.08 -37.18
N HIS RE 55 -52.91 61.93 -37.59
CA HIS RE 55 -53.72 62.73 -36.69
C HIS RE 55 -55.19 62.45 -36.94
N CYS RE 56 -55.97 62.40 -35.85
CA CYS RE 56 -57.41 62.24 -35.94
C CYS RE 56 -58.08 63.57 -35.60
N GLY RE 57 -58.90 64.07 -36.53
CA GLY RE 57 -59.60 65.31 -36.29
C GLY RE 57 -60.74 65.18 -35.30
N SER RE 58 -61.11 63.95 -34.93
CA SER RE 58 -62.22 63.77 -34.00
C SER RE 58 -61.77 63.88 -32.56
N CYS RE 59 -60.89 62.98 -32.11
CA CYS RE 59 -60.48 62.93 -30.73
C CYS RE 59 -59.07 63.45 -30.51
N MET RE 60 -58.45 64.04 -31.53
CA MET RE 60 -57.18 64.75 -31.41
C MET RE 60 -56.11 63.87 -30.77
N LYS RE 61 -56.00 62.64 -31.26
CA LYS RE 61 -55.01 61.69 -30.76
C LYS RE 61 -54.05 61.36 -31.91
N THR RE 62 -52.94 62.07 -31.97
CA THR RE 62 -51.94 61.82 -33.00
C THR RE 62 -51.31 60.45 -32.76
N VAL RE 63 -51.16 59.69 -33.84
CA VAL RE 63 -50.57 58.36 -33.77
C VAL RE 63 -49.39 58.30 -34.72
N ALA RE 64 -48.26 57.80 -34.22
CA ALA RE 64 -47.13 57.55 -35.10
C ALA RE 64 -47.46 56.40 -36.04
N GLY RE 65 -47.22 56.61 -37.33
CA GLY RE 65 -47.46 55.57 -38.31
C GLY RE 65 -46.35 55.48 -39.32
N GLY RE 66 -46.56 54.69 -40.37
CA GLY RE 66 -45.62 54.68 -41.46
C GLY RE 66 -45.65 55.99 -42.22
N ALA RE 67 -44.67 56.14 -43.11
CA ALA RE 67 -44.62 57.36 -43.93
C ALA RE 67 -45.88 57.49 -44.78
N TRP RE 68 -46.49 56.37 -45.14
CA TRP RE 68 -47.58 56.38 -46.10
C TRP RE 68 -48.83 55.63 -45.66
N THR RE 69 -48.73 54.71 -44.71
CA THR RE 69 -49.89 54.02 -44.18
C THR RE 69 -49.96 54.22 -42.68
N TYR RE 70 -51.18 54.12 -42.14
CA TYR RE 70 -51.35 54.24 -40.70
C TYR RE 70 -50.58 53.14 -39.98
N ASN RE 71 -50.65 51.92 -40.48
CA ASN RE 71 -49.97 50.78 -39.89
C ASN RE 71 -49.21 50.03 -40.97
N THR RE 72 -47.95 49.71 -40.70
CA THR RE 72 -47.17 48.91 -41.62
C THR RE 72 -47.20 47.45 -41.21
N THR RE 73 -46.91 46.58 -42.18
CA THR RE 73 -46.86 45.15 -41.89
C THR RE 73 -45.79 44.84 -40.86
N SER RE 74 -44.62 45.48 -40.99
CA SER RE 74 -43.58 45.30 -39.99
C SER RE 74 -44.09 45.69 -38.61
N ALA RE 75 -44.83 46.78 -38.52
CA ALA RE 75 -45.35 47.23 -37.23
C ALA RE 75 -46.24 46.18 -36.60
N VAL RE 76 -47.23 45.67 -37.35
CA VAL RE 76 -48.17 44.75 -36.77
C VAL RE 76 -47.48 43.43 -36.42
N THR RE 77 -46.54 42.99 -37.25
CA THR RE 77 -45.88 41.73 -36.93
C THR RE 77 -45.00 41.86 -35.70
N VAL RE 78 -44.33 43.00 -35.53
CA VAL RE 78 -43.50 43.11 -34.32
C VAL RE 78 -44.40 43.25 -33.11
N LYS RE 79 -45.55 43.90 -33.25
CA LYS RE 79 -46.46 43.98 -32.11
C LYS RE 79 -46.98 42.60 -31.74
N SER RE 80 -47.35 41.79 -32.73
CA SER RE 80 -47.75 40.43 -32.42
C SER RE 80 -46.62 39.67 -31.74
N ALA RE 81 -45.40 39.85 -32.24
CA ALA RE 81 -44.25 39.17 -31.66
C ALA RE 81 -44.04 39.58 -30.21
N ILE RE 82 -44.16 40.88 -29.91
CA ILE RE 82 -43.84 41.29 -28.55
C ILE RE 82 -44.95 40.89 -27.61
N ARG RE 83 -46.18 40.81 -28.10
CA ARG RE 83 -47.26 40.29 -27.25
C ARG RE 83 -47.02 38.83 -26.92
N ARG RE 84 -46.67 38.03 -27.93
CA ARG RE 84 -46.36 36.63 -27.69
C ARG RE 84 -45.19 36.50 -26.73
N LEU RE 85 -44.15 37.31 -26.93
CA LEU RE 85 -42.95 37.22 -26.12
C LEU RE 85 -43.25 37.62 -24.68
N LYS RE 86 -44.11 38.61 -24.48
CA LYS RE 86 -44.54 38.97 -23.14
C LYS RE 86 -45.30 37.83 -22.49
N GLU RE 87 -46.21 37.20 -23.23
CA GLU RE 87 -46.99 36.12 -22.65
C GLU RE 87 -46.11 34.94 -22.28
N LEU RE 88 -45.10 34.63 -23.09
CA LEU RE 88 -44.18 33.55 -22.73
C LEU RE 88 -43.19 33.99 -21.67
N LYS RE 89 -43.00 35.30 -21.49
CA LYS RE 89 -42.06 35.78 -20.48
C LYS RE 89 -42.60 35.52 -19.07
N ASP RE 90 -43.87 35.82 -18.85
CA ASP RE 90 -44.55 35.43 -17.63
C ASP RE 90 -45.21 34.08 -17.86
N GLN RE 91 -45.93 33.60 -16.85
CA GLN RE 91 -46.61 32.32 -16.97
C GLN RE 91 -48.13 32.51 -16.97
N SER SE 1 69.24 130.65 -61.52
CA SER SE 1 69.65 131.20 -62.80
C SER SE 1 68.43 131.59 -63.63
N ALA SE 2 68.67 132.34 -64.71
CA ALA SE 2 67.58 132.95 -65.46
C ALA SE 2 66.65 131.91 -66.07
N HIS SE 3 67.22 130.85 -66.65
CA HIS SE 3 66.38 129.87 -67.33
C HIS SE 3 65.39 129.22 -66.39
N LEU SE 4 65.78 128.95 -65.14
CA LEU SE 4 64.85 128.39 -64.17
C LEU SE 4 63.63 129.27 -64.05
N GLN SE 5 63.84 130.53 -63.69
CA GLN SE 5 62.72 131.45 -63.52
C GLN SE 5 61.92 131.57 -64.80
N TRP SE 6 62.58 131.67 -65.95
CA TRP SE 6 61.85 131.85 -67.19
C TRP SE 6 60.91 130.69 -67.46
N MET SE 7 61.43 129.47 -67.42
CA MET SE 7 60.60 128.37 -67.90
C MET SE 7 59.81 127.72 -66.76
N VAL SE 8 59.96 128.23 -65.54
CA VAL SE 8 58.95 127.96 -64.52
C VAL SE 8 57.80 128.95 -64.67
N VAL SE 9 58.13 130.20 -65.00
CA VAL SE 9 57.15 131.22 -65.30
C VAL SE 9 56.83 131.26 -66.80
N ARG SE 10 57.20 130.21 -67.53
CA ARG SE 10 56.93 130.18 -68.97
C ARG SE 10 55.43 130.25 -69.25
N ASN SE 11 54.64 129.49 -68.50
CA ASN SE 11 53.21 129.41 -68.75
C ASN SE 11 52.37 129.76 -67.52
N CYS SE 12 52.98 130.26 -66.46
CA CYS SE 12 52.25 130.62 -65.25
C CYS SE 12 52.86 131.87 -64.66
N SER SE 13 52.07 132.94 -64.59
CA SER SE 13 52.52 134.20 -64.01
C SER SE 13 51.30 135.03 -63.68
N SER SE 14 51.55 136.19 -63.07
CA SER SE 14 50.52 137.20 -62.93
C SER SE 14 50.52 138.17 -64.11
N PHE SE 15 51.60 138.19 -64.88
CA PHE SE 15 51.70 139.07 -66.04
C PHE SE 15 51.34 138.37 -67.34
N LEU SE 16 51.19 137.06 -67.33
CA LEU SE 16 50.93 136.33 -68.57
C LEU SE 16 49.50 136.55 -69.01
N ILE SE 17 49.33 137.23 -70.14
CA ILE SE 17 48.01 137.47 -70.73
C ILE SE 17 47.92 136.64 -71.99
N LYS SE 18 47.05 135.64 -72.00
CA LYS SE 18 46.76 134.86 -73.19
C LYS SE 18 45.39 135.27 -73.69
N ARG SE 19 45.35 135.87 -74.87
CA ARG SE 19 44.09 136.31 -75.45
C ARG SE 19 43.95 135.67 -76.81
N ASN SE 20 42.99 136.12 -77.61
CA ASN SE 20 42.63 135.40 -78.83
C ASN SE 20 43.84 135.20 -79.73
N LYS SE 21 44.30 133.95 -79.80
CA LYS SE 21 45.45 133.54 -80.61
C LYS SE 21 46.68 134.39 -80.30
N GLN SE 22 46.88 134.76 -79.04
CA GLN SE 22 47.96 135.68 -78.70
C GLN SE 22 48.54 135.31 -77.34
N THR SE 23 49.72 135.87 -77.09
CA THR SE 23 50.40 135.77 -75.81
C THR SE 23 51.10 137.09 -75.52
N TYR SE 24 50.99 137.54 -74.28
CA TYR SE 24 51.59 138.82 -73.89
C TYR SE 24 51.97 138.77 -72.42
N SER SE 25 52.91 139.63 -72.06
CA SER SE 25 53.46 139.67 -70.72
C SER SE 25 53.50 141.11 -70.24
N THR SE 26 53.13 141.33 -68.99
CA THR SE 26 52.94 142.68 -68.45
C THR SE 26 53.84 142.96 -67.25
N GLU SE 27 55.02 142.34 -67.22
CA GLU SE 27 55.98 142.71 -66.20
C GLU SE 27 56.46 144.14 -66.49
N PRO SE 28 56.84 144.90 -65.45
CA PRO SE 28 57.03 146.35 -65.64
C PRO SE 28 58.08 146.70 -66.68
N ASN SE 29 59.13 145.90 -66.85
CA ASN SE 29 60.25 146.28 -67.69
C ASN SE 29 60.47 145.32 -68.86
N ASN SE 30 59.39 144.87 -69.49
CA ASN SE 30 59.47 143.91 -70.58
C ASN SE 30 59.35 144.67 -71.89
N LEU SE 31 60.35 144.49 -72.76
CA LEU SE 31 60.27 145.08 -74.08
C LEU SE 31 59.28 144.34 -74.96
N LYS SE 32 58.63 145.09 -75.85
CA LYS SE 32 57.66 144.55 -76.79
C LYS SE 32 56.42 144.01 -76.09
N ALA SE 33 56.39 144.07 -74.76
CA ALA SE 33 55.29 143.58 -73.93
C ALA SE 33 54.99 142.10 -74.17
N ARG SE 34 55.89 141.37 -74.81
CA ARG SE 34 55.63 140.02 -75.27
C ARG SE 34 56.24 138.98 -74.34
N ASN SE 35 55.71 137.77 -74.42
CA ASN SE 35 56.16 136.65 -73.61
C ASN SE 35 57.33 135.97 -74.32
N SER SE 36 58.54 136.21 -73.85
CA SER SE 36 59.72 135.62 -74.45
C SER SE 36 60.85 135.61 -73.43
N PHE SE 37 61.72 134.60 -73.53
CA PHE SE 37 62.85 134.51 -72.62
C PHE SE 37 63.77 135.72 -72.77
N ARG SE 38 64.06 136.12 -74.01
CA ARG SE 38 64.96 137.24 -74.23
C ARG SE 38 64.38 138.54 -73.69
N TYR SE 39 63.09 138.77 -73.93
CA TYR SE 39 62.49 140.07 -73.66
C TYR SE 39 61.86 140.18 -72.28
N ASN SE 40 61.96 139.15 -71.45
CA ASN SE 40 61.41 139.26 -70.11
C ASN SE 40 62.19 140.30 -69.32
N GLY SE 41 61.46 141.17 -68.62
CA GLY SE 41 62.09 142.23 -67.86
C GLY SE 41 62.19 141.94 -66.39
N LEU SE 42 62.11 140.67 -66.02
CA LEU SE 42 62.07 140.36 -64.60
C LEU SE 42 63.13 139.35 -64.19
N ILE SE 43 63.37 138.32 -65.00
CA ILE SE 43 64.27 137.26 -64.61
C ILE SE 43 65.73 137.54 -64.96
N HIS SE 44 65.98 138.39 -65.95
CA HIS SE 44 67.32 138.51 -66.49
C HIS SE 44 68.23 139.25 -65.53
N ARG SE 45 69.48 138.80 -65.48
CA ARG SE 45 70.46 139.43 -64.62
C ARG SE 45 70.63 140.91 -64.95
N LYS SE 46 70.69 141.24 -66.24
CA LYS SE 46 70.83 142.61 -66.70
C LYS SE 46 69.61 142.96 -67.53
N THR SE 47 68.95 144.07 -67.18
CA THR SE 47 67.68 144.41 -67.78
C THR SE 47 67.57 145.92 -67.96
N VAL SE 48 66.82 146.33 -68.98
CA VAL SE 48 66.59 147.73 -69.29
C VAL SE 48 65.08 147.95 -69.39
N GLY SE 49 64.67 149.19 -69.19
CA GLY SE 49 63.28 149.55 -69.39
C GLY SE 49 63.15 151.02 -69.72
N VAL SE 50 62.36 151.35 -70.73
CA VAL SE 50 62.06 152.73 -71.10
C VAL SE 50 60.58 152.99 -70.82
N GLU SE 51 60.33 153.92 -69.91
CA GLU SE 51 59.01 154.21 -69.39
C GLU SE 51 58.78 155.71 -69.40
N PRO SE 52 57.53 156.17 -69.43
CA PRO SE 52 57.29 157.61 -69.47
C PRO SE 52 57.62 158.26 -68.13
N ALA SE 53 57.98 159.53 -68.19
CA ALA SE 53 58.30 160.26 -66.98
C ALA SE 53 57.06 160.45 -66.12
N ALA SE 54 57.29 160.85 -64.86
CA ALA SE 54 56.18 161.10 -63.96
C ALA SE 54 55.26 162.17 -64.50
N ASP SE 55 55.83 163.24 -65.05
CA ASP SE 55 55.05 164.29 -65.69
C ASP SE 55 54.75 163.88 -67.13
N GLY SE 56 54.18 164.81 -67.90
CA GLY SE 56 53.87 164.55 -69.29
C GLY SE 56 54.97 164.81 -70.30
N LYS SE 57 56.17 165.21 -69.87
CA LYS SE 57 57.24 165.53 -70.80
C LYS SE 57 58.46 164.65 -70.52
N GLY SE 58 58.99 164.06 -71.59
CA GLY SE 58 60.17 163.23 -71.49
C GLY SE 58 59.86 161.83 -70.98
N VAL SE 59 60.90 160.99 -71.01
CA VAL SE 59 60.78 159.60 -70.57
C VAL SE 59 61.88 159.30 -69.56
N VAL SE 60 61.68 158.21 -68.83
CA VAL SE 60 62.66 157.70 -67.88
C VAL SE 60 63.08 156.33 -68.33
N VAL SE 61 64.38 156.05 -68.23
CA VAL SE 61 64.92 154.73 -68.54
C VAL SE 61 65.50 154.14 -67.27
N VAL SE 62 65.13 152.91 -66.97
CA VAL SE 62 65.56 152.25 -65.76
C VAL SE 62 66.43 151.06 -66.14
N ILE SE 63 67.45 150.81 -65.32
CA ILE SE 63 68.43 149.76 -65.57
C ILE SE 63 68.62 148.97 -64.29
N LYS SE 64 68.85 147.68 -64.40
CA LYS SE 64 69.05 146.83 -63.23
C LYS SE 64 70.53 146.68 -62.96
N ARG SE 65 70.93 146.98 -61.73
CA ARG SE 65 72.32 146.82 -61.33
C ARG SE 65 72.66 145.33 -61.22
N ARG SE 66 73.93 145.04 -60.92
CA ARG SE 66 74.39 143.67 -60.85
C ARG SE 66 74.60 143.16 -59.44
N SER SE 67 74.73 144.05 -58.46
CA SER SE 67 75.06 143.61 -57.10
C SER SE 67 73.81 143.22 -56.33
N GLY SE 68 72.86 144.14 -56.18
CA GLY SE 68 71.69 143.88 -55.37
C GLY SE 68 70.64 143.08 -56.10
N GLN SE 69 71.03 141.90 -56.61
CA GLN SE 69 70.08 141.07 -57.35
C GLN SE 69 68.93 140.62 -56.47
N ARG SE 70 69.21 140.23 -55.24
CA ARG SE 70 68.19 139.75 -54.33
C ARG SE 70 67.58 140.87 -53.48
N LYS SE 71 68.02 142.12 -53.69
CA LYS SE 71 67.49 143.26 -52.95
C LYS SE 71 66.66 144.10 -53.92
N PRO SE 72 65.37 143.79 -54.09
CA PRO SE 72 64.58 144.47 -55.12
C PRO SE 72 64.44 145.97 -54.91
N ALA SE 73 64.58 146.45 -53.67
CA ALA SE 73 64.39 147.87 -53.41
C ALA SE 73 65.39 148.72 -54.19
N THR SE 74 66.67 148.38 -54.12
CA THR SE 74 67.72 149.17 -54.73
C THR SE 74 68.29 148.51 -55.98
N SER SE 75 67.65 147.46 -56.49
CA SER SE 75 68.18 146.74 -57.63
C SER SE 75 68.00 147.49 -58.94
N TYR SE 76 67.21 148.54 -58.97
CA TYR SE 76 66.88 149.25 -60.20
C TYR SE 76 67.36 150.69 -60.09
N VAL SE 77 68.02 151.17 -61.13
CA VAL SE 77 68.47 152.55 -61.23
C VAL SE 77 67.76 153.18 -62.42
N ARG SE 78 67.06 154.28 -62.17
CA ARG SE 78 66.27 154.94 -63.18
C ARG SE 78 66.84 156.32 -63.48
N THR SE 79 66.88 156.66 -64.77
CA THR SE 79 67.33 157.97 -65.24
C THR SE 79 66.31 158.51 -66.23
N THR SE 80 65.88 159.76 -66.03
CA THR SE 80 64.93 160.41 -66.90
C THR SE 80 65.63 161.40 -67.83
N ILE SE 81 65.24 161.39 -69.11
CA ILE SE 81 65.88 162.23 -70.12
C ILE SE 81 64.79 163.08 -70.74
N ASN SE 82 65.00 164.39 -70.81
CA ASN SE 82 63.99 165.29 -71.34
C ASN SE 82 64.57 166.19 -72.43
N LYS SE 83 65.30 165.59 -73.37
CA LYS SE 83 65.85 166.32 -74.49
C LYS SE 83 65.00 166.07 -75.74
N ASN SE 84 65.47 166.53 -76.89
CA ASN SE 84 64.78 166.27 -78.14
C ASN SE 84 64.88 164.78 -78.47
N ALA SE 85 64.25 164.40 -79.59
CA ALA SE 85 64.27 162.99 -79.98
C ALA SE 85 65.69 162.53 -80.26
N ARG SE 86 66.30 163.04 -81.33
CA ARG SE 86 67.57 162.50 -81.81
C ARG SE 86 68.58 162.38 -80.67
N ALA SE 87 68.61 163.39 -79.79
CA ALA SE 87 69.48 163.31 -78.63
C ALA SE 87 69.15 162.11 -77.76
N THR SE 88 67.86 161.88 -77.50
CA THR SE 88 67.47 160.78 -76.63
C THR SE 88 67.82 159.43 -77.25
N LEU SE 89 67.53 159.26 -78.55
CA LEU SE 89 67.86 158.00 -79.19
C LEU SE 89 69.37 157.76 -79.21
N SER SE 90 70.15 158.80 -79.50
CA SER SE 90 71.59 158.65 -79.42
C SER SE 90 72.02 158.26 -78.01
N SER SE 91 71.39 158.86 -77.00
CA SER SE 91 71.78 158.58 -75.62
C SER SE 91 71.53 157.11 -75.28
N ILE SE 92 70.34 156.60 -75.59
CA ILE SE 92 70.04 155.22 -75.18
C ILE SE 92 70.83 154.23 -76.03
N ARG SE 93 71.03 154.55 -77.31
CA ARG SE 93 71.93 153.74 -78.12
C ARG SE 93 73.31 153.66 -77.48
N HIS SE 94 73.80 154.80 -76.95
CA HIS SE 94 75.05 154.78 -76.21
C HIS SE 94 74.93 153.91 -74.96
N MET SE 95 73.85 154.08 -74.21
CA MET SE 95 73.56 153.30 -73.02
C MET SE 95 73.87 151.82 -73.25
N ILE SE 96 73.29 151.27 -74.30
CA ILE SE 96 73.41 149.83 -74.50
C ILE SE 96 74.69 149.47 -75.24
N ARG SE 97 75.12 150.25 -76.23
CA ARG SE 97 76.26 149.86 -77.03
C ARG SE 97 77.56 150.01 -76.25
N LYS SE 98 77.80 151.20 -75.70
CA LYS SE 98 79.07 151.46 -75.04
C LYS SE 98 79.23 150.62 -73.78
N ASN SE 99 78.13 150.29 -73.12
CA ASN SE 99 78.21 149.51 -71.89
C ASN SE 99 78.03 148.03 -72.10
N LYS SE 100 77.69 147.59 -73.32
CA LYS SE 100 77.50 146.18 -73.63
C LYS SE 100 76.48 145.55 -72.70
N TYR SE 101 75.50 146.33 -72.29
CA TYR SE 101 74.48 145.89 -71.34
C TYR SE 101 73.35 145.25 -72.14
N ARG SE 102 73.39 143.92 -72.25
CA ARG SE 102 72.42 143.14 -73.02
C ARG SE 102 72.28 143.69 -74.44
N PRO SE 103 73.36 143.74 -75.22
CA PRO SE 103 73.29 144.40 -76.52
C PRO SE 103 72.48 143.61 -77.54
N ASP SE 104 71.23 143.31 -77.19
CA ASP SE 104 70.32 142.64 -78.11
C ASP SE 104 68.99 143.37 -78.10
N LEU SE 105 68.74 144.08 -77.01
CA LEU SE 105 67.53 144.88 -76.87
C LEU SE 105 67.70 146.31 -77.36
N ARG SE 106 68.86 146.63 -77.92
CA ARG SE 106 69.16 148.00 -78.32
C ARG SE 106 68.04 148.54 -79.21
N MET SE 107 67.54 147.72 -80.15
CA MET SE 107 66.68 148.28 -81.19
C MET SE 107 65.22 148.24 -80.76
N ALA SE 108 64.83 147.20 -80.02
CA ALA SE 108 63.56 147.30 -79.31
C ALA SE 108 63.55 148.52 -78.40
N ALA SE 109 64.67 148.79 -77.73
CA ALA SE 109 64.74 149.97 -76.88
C ALA SE 109 64.53 151.25 -77.68
N ILE SE 110 65.25 151.41 -78.79
CA ILE SE 110 65.14 152.65 -79.55
C ILE SE 110 63.74 152.77 -80.16
N ARG SE 111 63.17 151.65 -80.60
CA ARG SE 111 61.83 151.68 -81.16
C ARG SE 111 60.80 152.10 -80.11
N ARG SE 112 60.88 151.51 -78.92
CA ARG SE 112 59.95 151.88 -77.86
C ARG SE 112 60.13 153.33 -77.46
N ALA SE 113 61.38 153.79 -77.38
CA ALA SE 113 61.62 155.19 -77.05
C ALA SE 113 60.99 156.10 -78.10
N SER SE 114 61.23 155.81 -79.39
CA SER SE 114 60.68 156.65 -80.44
C SER SE 114 59.15 156.65 -80.38
N ALA SE 115 58.55 155.49 -80.16
CA ALA SE 115 57.09 155.42 -80.11
C ALA SE 115 56.54 156.23 -78.93
N ILE SE 116 57.21 156.15 -77.78
CA ILE SE 116 56.68 156.86 -76.60
C ILE SE 116 56.86 158.37 -76.78
N LEU SE 117 57.95 158.80 -77.40
CA LEU SE 117 58.07 160.22 -77.72
C LEU SE 117 56.98 160.64 -78.68
N ARG SE 118 56.68 159.81 -79.68
CA ARG SE 118 55.62 160.16 -80.62
C ARG SE 118 54.28 160.29 -79.91
N SER SE 119 53.97 159.33 -79.03
CA SER SE 119 52.73 159.40 -78.27
C SER SE 119 52.69 160.59 -77.33
N GLN SE 120 53.86 161.06 -76.90
CA GLN SE 120 53.93 162.22 -76.04
C GLN SE 120 53.55 163.50 -76.75
N LYS SE 121 53.74 163.56 -78.06
CA LYS SE 121 53.38 164.72 -78.83
C LYS SE 121 51.85 164.88 -78.84
N PRO SE 122 51.36 166.11 -78.98
CA PRO SE 122 49.90 166.31 -78.92
C PRO SE 122 49.23 165.92 -80.23
N VAL SE 123 47.94 165.62 -80.12
CA VAL SE 123 47.20 165.12 -81.28
C VAL SE 123 46.87 166.28 -82.20
N MET SE 124 47.24 166.15 -83.47
CA MET SE 124 46.84 167.11 -84.49
C MET SE 124 45.46 166.73 -85.04
N VAL SE 125 44.71 167.76 -85.43
CA VAL SE 125 43.36 167.55 -85.94
C VAL SE 125 43.23 168.09 -87.36
N MET TE 1 38.60 8.86 -22.28
CA MET TE 1 38.10 9.98 -21.49
C MET TE 1 39.24 10.80 -20.90
N SER TE 2 39.40 10.68 -19.59
CA SER TE 2 40.45 11.35 -18.82
C SER TE 2 40.62 10.57 -17.53
N SER TE 3 41.29 11.17 -16.55
CA SER TE 3 41.51 10.50 -15.27
C SER TE 3 40.19 10.32 -14.52
N LYS TE 4 40.28 9.66 -13.36
CA LYS TE 4 39.12 9.25 -12.60
C LYS TE 4 38.64 10.30 -11.61
N VAL TE 5 39.51 11.21 -11.18
CA VAL TE 5 39.12 12.24 -10.21
C VAL TE 5 38.50 13.44 -10.91
N SER TE 6 39.10 13.89 -12.02
CA SER TE 6 38.58 14.97 -12.85
C SER TE 6 38.39 16.26 -12.05
N ARG TE 7 39.49 16.77 -11.52
CA ARG TE 7 39.51 18.07 -10.85
C ARG TE 7 40.83 18.77 -11.16
N ASP TE 8 40.79 20.10 -11.15
CA ASP TE 8 41.95 20.90 -11.48
C ASP TE 8 41.70 22.33 -11.02
N THR TE 9 42.67 22.93 -10.34
CA THR TE 9 42.49 24.25 -9.76
C THR TE 9 43.59 25.26 -10.08
N LEU TE 10 44.69 24.85 -10.73
CA LEU TE 10 45.77 25.77 -11.06
C LEU TE 10 45.66 26.23 -12.51
N TYR TE 11 46.23 27.40 -12.78
CA TYR TE 11 46.16 27.99 -14.12
C TYR TE 11 46.95 27.19 -15.14
N GLU TE 12 48.13 26.70 -14.76
CA GLU TE 12 48.94 25.80 -15.60
C GLU TE 12 49.24 26.41 -16.96
N ALA TE 13 49.61 27.68 -16.98
CA ALA TE 13 49.78 28.43 -18.23
C ALA TE 13 51.05 27.98 -18.96
N VAL TE 14 51.32 28.62 -20.09
CA VAL TE 14 52.48 28.27 -20.91
C VAL TE 14 53.78 28.51 -20.16
N ARG TE 15 53.85 29.57 -19.36
CA ARG TE 15 55.04 29.82 -18.55
C ARG TE 15 54.95 28.99 -17.27
N GLU TE 16 54.69 27.69 -17.44
CA GLU TE 16 54.63 26.75 -16.33
C GLU TE 16 54.49 25.34 -16.88
N VAL TE 17 55.21 24.41 -16.27
CA VAL TE 17 54.86 22.99 -16.38
C VAL TE 17 54.68 22.48 -14.96
N LEU TE 18 55.77 22.48 -14.19
CA LEU TE 18 55.77 22.41 -12.72
C LEU TE 18 54.79 21.40 -12.13
N HIS TE 19 54.53 20.29 -12.82
CA HIS TE 19 53.56 19.33 -12.32
C HIS TE 19 53.78 17.98 -13.00
N GLY TE 20 53.27 16.94 -12.35
CA GLY TE 20 53.33 15.59 -12.90
C GLY TE 20 54.29 14.69 -12.16
N ASN TE 21 53.77 13.87 -11.24
CA ASN TE 21 54.60 12.91 -10.51
C ASN TE 21 53.97 11.53 -10.35
N GLN TE 22 52.67 11.36 -10.62
CA GLN TE 22 51.98 10.09 -10.43
C GLN TE 22 51.50 9.52 -11.77
N ARG TE 23 52.33 9.65 -12.80
CA ARG TE 23 51.95 9.19 -14.12
C ARG TE 23 52.03 7.67 -14.24
N LYS TE 24 53.02 7.05 -13.58
CA LYS TE 24 53.12 5.60 -13.55
C LYS TE 24 52.49 5.03 -12.28
N ARG TE 25 51.20 5.33 -12.08
CA ARG TE 25 50.51 4.89 -10.88
C ARG TE 25 50.42 3.36 -10.84
N ARG TE 26 50.13 2.74 -11.98
CA ARG TE 26 50.03 1.29 -12.06
C ARG TE 26 51.44 0.71 -12.23
N LYS TE 27 51.53 -0.60 -12.48
CA LYS TE 27 52.79 -1.20 -12.87
C LYS TE 27 53.06 -1.03 -14.36
N PHE TE 28 52.08 -0.58 -15.13
CA PHE TE 28 52.19 -0.34 -16.55
C PHE TE 28 52.85 1.03 -16.79
N LEU TE 29 52.91 1.43 -18.05
CA LEU TE 29 53.49 2.71 -18.43
C LEU TE 29 52.41 3.56 -19.10
N GLU TE 30 52.25 4.79 -18.62
CA GLU TE 30 51.38 5.74 -19.28
C GLU TE 30 52.05 6.26 -20.55
N THR TE 31 51.24 6.76 -21.48
CA THR TE 31 51.76 7.30 -22.74
C THR TE 31 51.44 8.78 -22.82
N VAL TE 32 52.48 9.62 -22.73
CA VAL TE 32 52.30 11.06 -22.87
C VAL TE 32 52.18 11.42 -24.35
N GLU TE 33 51.49 12.53 -24.60
CA GLU TE 33 51.21 13.01 -25.94
C GLU TE 33 51.43 14.52 -25.99
N LEU TE 34 51.63 15.03 -27.20
CA LEU TE 34 51.64 16.46 -27.46
C LEU TE 34 50.75 16.72 -28.67
N GLN TE 35 49.61 17.34 -28.45
CA GLN TE 35 48.64 17.61 -29.49
C GLN TE 35 48.63 19.10 -29.82
N ILE TE 36 47.71 19.48 -30.70
CA ILE TE 36 47.46 20.87 -31.05
C ILE TE 36 45.98 21.14 -30.78
N SER TE 37 45.70 22.25 -30.10
CA SER TE 37 44.36 22.56 -29.60
C SER TE 37 43.61 23.54 -30.49
N LEU TE 38 43.78 23.41 -31.81
CA LEU TE 38 43.14 24.33 -32.74
C LEU TE 38 41.62 24.15 -32.74
N LYS TE 39 40.92 25.25 -32.98
CA LYS TE 39 39.48 25.27 -33.20
C LYS TE 39 39.19 26.28 -34.29
N ASN TE 40 37.94 26.70 -34.45
CA ASN TE 40 37.56 27.73 -35.43
C ASN TE 40 37.91 27.27 -36.84
N TYR TE 41 37.32 26.13 -37.21
CA TYR TE 41 37.56 25.51 -38.50
C TYR TE 41 36.28 25.49 -39.32
N ASP TE 42 36.45 25.57 -40.63
CA ASP TE 42 35.35 25.36 -41.58
C ASP TE 42 35.53 24.02 -42.25
N PRO TE 43 34.65 23.05 -42.02
CA PRO TE 43 34.86 21.71 -42.61
C PRO TE 43 34.92 21.73 -44.13
N GLN TE 44 34.33 22.72 -44.78
CA GLN TE 44 34.40 22.84 -46.24
C GLN TE 44 35.66 23.57 -46.68
N LYS TE 45 36.82 23.15 -46.18
CA LYS TE 45 38.08 23.82 -46.46
C LYS TE 45 39.21 22.80 -46.48
N ASP TE 46 40.44 23.31 -46.63
CA ASP TE 46 41.66 22.52 -46.55
C ASP TE 46 42.78 23.36 -45.97
N LYS TE 47 43.47 22.80 -44.97
CA LYS TE 47 44.57 23.47 -44.29
C LYS TE 47 45.83 22.62 -44.44
N ARG TE 48 46.97 23.30 -44.63
CA ARG TE 48 48.20 22.63 -45.03
C ARG TE 48 49.36 23.22 -44.23
N PHE TE 49 50.58 22.99 -44.71
CA PHE TE 49 51.82 23.27 -43.98
C PHE TE 49 51.94 22.34 -42.76
N SER TE 50 51.88 21.04 -43.05
CA SER TE 50 52.03 20.03 -42.02
C SER TE 50 53.41 20.14 -41.37
N GLY TE 51 53.43 20.08 -40.03
CA GLY TE 51 54.65 20.24 -39.28
C GLY TE 51 55.23 18.91 -38.79
N THR TE 52 56.39 19.02 -38.17
CA THR TE 52 57.08 17.87 -37.59
C THR TE 52 58.05 18.38 -36.55
N VAL TE 53 57.83 18.02 -35.29
CA VAL TE 53 58.68 18.49 -34.19
C VAL TE 53 59.39 17.31 -33.57
N ARG TE 54 60.33 17.61 -32.68
CA ARG TE 54 61.17 16.60 -32.05
C ARG TE 54 61.01 16.74 -30.54
N LEU TE 55 60.18 15.88 -29.95
CA LEU TE 55 59.94 15.87 -28.51
C LEU TE 55 60.77 14.76 -27.88
N LYS TE 56 61.66 15.14 -26.97
CA LYS TE 56 62.52 14.19 -26.29
C LYS TE 56 61.90 13.77 -24.96
N SER TE 57 61.60 12.47 -24.84
CA SER TE 57 61.06 11.93 -23.61
C SER TE 57 61.62 10.57 -23.26
N THR TE 58 62.60 10.05 -24.02
CA THR TE 58 63.09 8.68 -23.93
C THR TE 58 61.92 7.70 -23.94
N PRO TE 59 61.07 7.71 -24.96
CA PRO TE 59 59.81 6.97 -24.93
C PRO TE 59 59.85 5.60 -25.58
N ARG TE 60 58.83 4.79 -25.25
CA ARG TE 60 58.73 3.42 -25.74
C ARG TE 60 58.11 3.28 -27.14
N PRO TE 61 56.87 3.78 -27.40
CA PRO TE 61 56.24 3.47 -28.70
C PRO TE 61 56.87 4.28 -29.83
N LYS TE 62 57.76 3.66 -30.60
CA LYS TE 62 58.59 4.41 -31.53
C LYS TE 62 58.62 3.73 -32.88
N PHE TE 63 59.04 4.51 -33.88
CA PHE TE 63 59.42 3.99 -35.19
C PHE TE 63 60.62 4.80 -35.66
N SER TE 64 61.65 4.13 -36.14
CA SER TE 64 62.89 4.79 -36.53
C SER TE 64 62.80 5.22 -38.00
N VAL TE 65 63.94 5.64 -38.56
CA VAL TE 65 64.03 6.06 -39.96
C VAL TE 65 65.33 5.47 -40.50
N CYS TE 66 65.23 4.35 -41.24
CA CYS TE 66 66.41 3.70 -41.76
C CYS TE 66 66.24 3.10 -43.15
N VAL TE 67 65.11 3.33 -43.82
CA VAL TE 67 64.77 2.63 -45.06
C VAL TE 67 64.63 3.65 -46.17
N LEU TE 68 65.35 3.45 -47.28
CA LEU TE 68 66.22 2.33 -47.62
C LEU TE 68 67.71 2.64 -47.45
N GLY TE 69 68.15 3.75 -48.05
CA GLY TE 69 69.57 4.04 -48.10
C GLY TE 69 70.31 3.20 -49.13
N ASP TE 70 70.03 3.44 -50.40
CA ASP TE 70 70.60 2.64 -51.48
C ASP TE 70 72.08 2.98 -51.63
N GLN TE 71 72.88 2.56 -50.64
CA GLN TE 71 74.35 2.63 -50.70
C GLN TE 71 74.85 4.04 -51.04
N GLN TE 72 74.30 5.03 -50.34
CA GLN TE 72 74.77 6.40 -50.45
C GLN TE 72 75.51 6.86 -49.20
N HIS TE 73 74.92 6.64 -48.03
CA HIS TE 73 75.52 7.04 -46.75
C HIS TE 73 75.95 5.79 -45.99
N CYS TE 74 77.17 5.33 -46.30
CA CYS TE 74 77.67 4.11 -45.68
C CYS TE 74 78.05 4.33 -44.22
N ASP TE 75 78.72 5.45 -43.93
CA ASP TE 75 79.25 5.67 -42.59
C ASP TE 75 78.13 5.84 -41.57
N GLU TE 76 77.13 6.68 -41.87
CA GLU TE 76 76.03 6.89 -40.93
C GLU TE 76 75.22 5.61 -40.75
N ALA TE 77 74.99 4.87 -41.83
CA ALA TE 77 74.26 3.61 -41.73
C ALA TE 77 75.00 2.61 -40.86
N LYS TE 78 76.33 2.53 -41.00
CA LYS TE 78 77.10 1.64 -40.13
C LYS TE 78 77.11 2.13 -38.69
N ALA TE 79 77.13 3.45 -38.48
CA ALA TE 79 77.09 3.99 -37.12
C ALA TE 79 75.78 3.63 -36.43
N VAL TE 80 74.66 3.74 -37.15
CA VAL TE 80 73.36 3.33 -36.59
C VAL TE 80 73.13 1.84 -36.74
N ASP TE 81 74.02 1.12 -37.41
CA ASP TE 81 73.99 -0.34 -37.52
C ASP TE 81 72.70 -0.83 -38.19
N ILE TE 82 72.53 -0.43 -39.45
CA ILE TE 82 71.48 -0.95 -40.31
C ILE TE 82 72.15 -1.66 -41.48
N PRO TE 83 71.90 -2.95 -41.70
CA PRO TE 83 72.52 -3.63 -42.84
C PRO TE 83 72.12 -3.02 -44.17
N HIS TE 84 73.07 -2.97 -45.09
CA HIS TE 84 72.79 -2.45 -46.43
C HIS TE 84 71.95 -3.44 -47.22
N MET TE 85 70.91 -2.92 -47.85
CA MET TE 85 69.95 -3.73 -48.58
C MET TE 85 69.47 -2.99 -49.82
N ASP TE 86 69.18 -3.76 -50.86
CA ASP TE 86 69.11 -3.26 -52.22
C ASP TE 86 67.68 -2.85 -52.60
N ILE TE 87 67.51 -2.58 -53.89
CA ILE TE 87 66.20 -2.19 -54.42
C ILE TE 87 65.24 -3.38 -54.39
N GLU TE 88 65.72 -4.56 -54.77
CA GLU TE 88 64.87 -5.75 -54.73
C GLU TE 88 64.52 -6.12 -53.30
N ALA TE 89 65.47 -6.01 -52.38
CA ALA TE 89 65.15 -6.17 -50.96
C ALA TE 89 64.19 -5.09 -50.47
N LEU TE 90 64.28 -3.88 -51.03
CA LEU TE 90 63.32 -2.84 -50.71
C LEU TE 90 61.91 -3.24 -51.14
N LYS TE 91 61.78 -3.85 -52.31
CA LYS TE 91 60.51 -4.44 -52.70
C LYS TE 91 60.10 -5.55 -51.75
N LYS TE 92 61.08 -6.32 -51.26
CA LYS TE 92 60.78 -7.42 -50.34
C LYS TE 92 60.15 -6.92 -49.06
N LEU TE 93 60.68 -5.85 -48.46
CA LEU TE 93 60.12 -5.38 -47.19
C LEU TE 93 58.69 -4.89 -47.37
N ASN TE 94 58.42 -4.16 -48.46
CA ASN TE 94 57.09 -3.62 -48.67
C ASN TE 94 56.09 -4.74 -48.89
N LYS TE 95 54.81 -4.39 -48.88
CA LYS TE 95 53.73 -5.36 -48.95
C LYS TE 95 53.58 -5.99 -50.33
N ASN TE 96 54.54 -5.77 -51.23
CA ASN TE 96 54.57 -6.49 -52.49
C ASN TE 96 54.82 -7.98 -52.26
N LYS TE 97 55.65 -8.31 -51.27
CA LYS TE 97 56.01 -9.69 -50.99
C LYS TE 97 55.34 -10.18 -49.72
N LYS TE 98 55.15 -11.50 -49.65
CA LYS TE 98 54.48 -12.13 -48.51
C LYS TE 98 55.35 -13.22 -47.90
N LEU TE 99 56.63 -12.92 -47.67
CA LEU TE 99 57.57 -13.95 -47.22
C LEU TE 99 57.47 -14.19 -45.71
N VAL TE 100 57.65 -13.14 -44.92
CA VAL TE 100 57.71 -13.27 -43.46
C VAL TE 100 56.76 -12.25 -42.83
N LYS TE 101 56.42 -12.51 -41.57
CA LYS TE 101 55.54 -11.61 -40.83
C LYS TE 101 56.27 -10.32 -40.48
N LYS TE 102 56.14 -9.31 -41.33
CA LYS TE 102 56.78 -8.02 -41.14
C LYS TE 102 55.77 -6.92 -41.34
N LEU TE 103 55.73 -5.98 -40.40
CA LEU TE 103 54.76 -4.89 -40.47
C LEU TE 103 55.08 -3.98 -41.65
N ALA TE 104 54.10 -3.82 -42.54
CA ALA TE 104 54.30 -2.98 -43.71
C ALA TE 104 54.44 -1.51 -43.33
N LYS TE 105 53.92 -1.11 -42.17
CA LYS TE 105 53.93 0.28 -41.72
C LYS TE 105 54.84 0.48 -40.51
N LYS TE 106 55.96 -0.26 -40.44
CA LYS TE 106 56.87 -0.10 -39.31
C LYS TE 106 57.56 1.25 -39.34
N TYR TE 107 58.12 1.63 -40.49
CA TYR TE 107 58.82 2.91 -40.65
C TYR TE 107 57.83 3.90 -41.24
N ASP TE 108 57.05 4.54 -40.37
CA ASP TE 108 56.02 5.47 -40.84
C ASP TE 108 56.60 6.64 -41.61
N ALA TE 109 57.90 6.89 -41.47
CA ALA TE 109 58.61 7.87 -42.30
C ALA TE 109 59.90 7.22 -42.78
N PHE TE 110 60.00 7.01 -44.09
CA PHE TE 110 61.16 6.38 -44.69
C PHE TE 110 62.39 7.30 -44.57
N LEU TE 111 63.55 6.74 -44.93
CA LEU TE 111 64.77 7.51 -45.02
C LEU TE 111 64.78 8.28 -46.33
N ALA TE 112 65.31 9.50 -46.31
CA ALA TE 112 65.33 10.35 -47.49
C ALA TE 112 66.54 10.01 -48.36
N SER TE 113 66.29 9.44 -49.53
CA SER TE 113 67.31 9.15 -50.53
C SER TE 113 66.94 9.86 -51.83
N GLU TE 114 67.77 9.66 -52.87
CA GLU TE 114 67.55 10.36 -54.13
C GLU TE 114 67.63 9.44 -55.35
N SER TE 115 67.72 8.13 -55.18
CA SER TE 115 67.83 7.20 -56.30
C SER TE 115 66.61 6.31 -56.44
N LEU TE 116 66.12 5.75 -55.35
CA LEU TE 116 64.97 4.87 -55.31
C LEU TE 116 63.61 5.57 -55.34
N ILE TE 117 63.55 6.87 -55.02
CA ILE TE 117 62.25 7.52 -54.88
C ILE TE 117 61.52 7.57 -56.22
N LYS TE 118 62.26 7.72 -57.33
CA LYS TE 118 61.63 7.75 -58.64
C LYS TE 118 61.11 6.38 -59.06
N GLN TE 119 61.65 5.32 -58.47
CA GLN TE 119 61.29 3.96 -58.86
C GLN TE 119 60.40 3.24 -57.84
N ILE TE 120 60.15 3.85 -56.68
CA ILE TE 120 59.25 3.26 -55.69
C ILE TE 120 57.84 3.03 -56.23
N PRO TE 121 57.14 4.05 -56.71
CA PRO TE 121 55.76 3.86 -57.16
C PRO TE 121 55.66 3.51 -58.64
N ARG TE 122 56.50 2.59 -59.08
CA ARG TE 122 56.34 2.16 -60.47
C ARG TE 122 56.31 0.65 -60.65
N ILE TE 123 57.11 -0.09 -59.88
CA ILE TE 123 57.22 -1.53 -60.02
C ILE TE 123 56.67 -2.26 -58.80
N LEU TE 124 56.82 -1.69 -57.61
CA LEU TE 124 56.37 -2.34 -56.38
C LEU TE 124 54.84 -2.29 -56.28
N GLY TE 125 54.33 -2.77 -55.16
CA GLY TE 125 52.90 -2.88 -54.97
C GLY TE 125 52.21 -1.55 -54.71
N PRO TE 126 50.88 -1.53 -54.87
CA PRO TE 126 50.11 -0.33 -54.55
C PRO TE 126 49.84 -0.15 -53.07
N GLY TE 127 50.10 -1.17 -52.25
CA GLY TE 127 49.83 -1.06 -50.83
C GLY TE 127 50.69 -0.02 -50.13
N LEU TE 128 51.92 0.18 -50.58
CA LEU TE 128 52.76 1.20 -49.97
C LEU TE 128 52.20 2.60 -50.20
N ASN TE 129 51.67 2.86 -51.40
CA ASN TE 129 51.01 4.14 -51.65
C ASN TE 129 49.63 4.20 -51.00
N LYS TE 130 49.01 3.03 -50.76
CA LYS TE 130 47.73 2.98 -50.09
C LYS TE 130 47.86 3.34 -48.61
N ALA TE 131 48.95 2.89 -47.97
CA ALA TE 131 49.11 3.11 -46.53
C ALA TE 131 49.28 4.58 -46.20
N GLY TE 132 50.07 5.31 -46.99
CA GLY TE 132 50.26 6.73 -46.76
C GLY TE 132 51.58 7.12 -46.12
N LYS TE 133 52.67 6.51 -46.59
CA LYS TE 133 54.01 6.82 -46.10
C LYS TE 133 55.00 6.77 -47.25
N PHE TE 134 55.95 7.68 -47.26
CA PHE TE 134 56.83 7.88 -48.39
C PHE TE 134 58.20 8.35 -47.91
N PRO TE 135 59.24 8.20 -48.75
CA PRO TE 135 60.57 8.74 -48.41
C PRO TE 135 60.71 10.23 -48.76
N SER TE 136 59.88 11.05 -48.12
CA SER TE 136 59.87 12.48 -48.35
C SER TE 136 60.73 13.19 -47.31
N LEU TE 137 60.66 14.52 -47.30
CA LEU TE 137 61.35 15.33 -46.31
C LEU TE 137 60.51 15.57 -45.06
N LEU TE 138 59.33 14.94 -44.97
CA LEU TE 138 58.51 15.06 -43.76
C LEU TE 138 59.23 14.50 -42.54
N THR TE 139 60.13 13.55 -42.74
CA THR TE 139 60.89 12.99 -41.62
C THR TE 139 62.04 13.90 -41.20
N HIS TE 140 62.57 14.70 -42.12
CA HIS TE 140 63.75 15.53 -41.89
C HIS TE 140 64.92 14.67 -41.39
N ASN TE 141 65.15 13.56 -42.09
CA ASN TE 141 66.17 12.58 -41.74
C ASN TE 141 66.98 12.19 -42.97
N GLU TE 142 67.46 13.21 -43.70
CA GLU TE 142 68.27 12.94 -44.89
C GLU TE 142 69.53 12.16 -44.53
N ASN TE 143 70.21 12.57 -43.46
CA ASN TE 143 71.34 11.85 -42.88
C ASN TE 143 72.41 11.55 -43.93
N MET TE 144 73.00 12.62 -44.44
CA MET TE 144 74.03 12.52 -45.48
C MET TE 144 75.41 12.94 -45.02
N VAL TE 145 75.54 14.06 -44.29
CA VAL TE 145 76.88 14.58 -44.02
C VAL TE 145 77.53 13.89 -42.83
N ALA TE 146 77.01 14.13 -41.62
CA ALA TE 146 77.48 13.36 -40.47
C ALA TE 146 76.35 12.69 -39.70
N LYS TE 147 75.42 13.50 -39.20
CA LYS TE 147 74.34 13.04 -38.34
C LYS TE 147 73.34 14.16 -38.10
N VAL TE 148 72.04 13.91 -38.31
CA VAL TE 148 71.03 14.93 -38.01
C VAL TE 148 69.97 14.39 -37.07
N ASP TE 149 69.25 13.35 -37.49
CA ASP TE 149 68.15 12.79 -36.69
C ASP TE 149 68.10 11.27 -36.80
N GLU TE 150 69.25 10.62 -36.97
CA GLU TE 150 69.26 9.18 -37.20
C GLU TE 150 68.80 8.42 -35.97
N VAL TE 151 69.14 8.89 -34.77
CA VAL TE 151 68.83 8.16 -33.55
C VAL TE 151 67.61 8.71 -32.81
N LYS TE 152 67.22 9.96 -33.06
CA LYS TE 152 66.08 10.54 -32.33
C LYS TE 152 64.76 10.11 -32.97
N SER TE 153 64.51 10.54 -34.20
CA SER TE 153 63.34 10.14 -35.00
C SER TE 153 62.05 10.20 -34.17
N THR TE 154 61.70 11.42 -33.75
CA THR TE 154 60.44 11.61 -33.02
C THR TE 154 59.26 11.33 -33.95
N ILE TE 155 58.12 11.01 -33.35
CA ILE TE 155 56.95 10.60 -34.11
C ILE TE 155 56.48 11.82 -34.90
N LYS TE 156 56.66 11.79 -36.21
CA LYS TE 156 56.13 12.86 -37.04
C LYS TE 156 54.62 12.84 -37.00
N PHE TE 157 54.02 13.99 -36.72
CA PHE TE 157 52.58 14.14 -36.69
C PHE TE 157 52.14 14.94 -37.91
N GLN TE 158 51.28 14.33 -38.73
CA GLN TE 158 50.82 14.97 -39.94
C GLN TE 158 49.57 15.82 -39.67
N MET TE 159 49.51 16.97 -40.31
CA MET TE 159 48.43 17.93 -40.10
C MET TE 159 47.65 18.03 -41.41
N LYS TE 160 46.39 17.62 -41.38
CA LYS TE 160 45.54 17.54 -42.57
C LYS TE 160 44.31 18.41 -42.35
N LYS TE 161 43.38 18.35 -43.30
CA LYS TE 161 42.15 19.13 -43.23
C LYS TE 161 41.13 18.57 -42.25
N VAL TE 162 41.53 17.62 -41.41
CA VAL TE 162 40.65 17.07 -40.37
C VAL TE 162 40.62 18.02 -39.18
N LEU TE 163 39.68 17.80 -38.27
CA LEU TE 163 39.56 18.58 -37.05
C LEU TE 163 40.30 17.97 -35.87
N CYS TE 164 40.46 16.65 -35.84
CA CYS TE 164 41.12 15.97 -34.74
C CYS TE 164 42.16 14.99 -35.27
N LEU TE 165 43.37 15.07 -34.73
CA LEU TE 165 44.41 14.09 -34.97
C LEU TE 165 45.38 14.13 -33.80
N ALA TE 166 45.81 12.95 -33.36
CA ALA TE 166 46.65 12.82 -32.17
C ALA TE 166 47.90 12.02 -32.50
N VAL TE 167 48.99 12.38 -31.81
CA VAL TE 167 50.26 11.68 -31.91
C VAL TE 167 50.69 11.25 -30.52
N ALA TE 168 51.06 9.99 -30.35
CA ALA TE 168 51.49 9.48 -29.06
C ALA TE 168 52.98 9.74 -28.89
N VAL TE 169 53.32 10.78 -28.13
CA VAL TE 169 54.72 11.11 -27.90
C VAL TE 169 55.43 9.94 -27.23
N GLY TE 170 54.77 9.31 -26.26
CA GLY TE 170 55.26 8.09 -25.66
C GLY TE 170 55.34 8.20 -24.14
N HIS TE 171 56.49 7.80 -23.60
CA HIS TE 171 56.66 7.53 -22.18
C HIS TE 171 57.93 8.20 -21.70
N VAL TE 172 57.96 8.60 -20.43
CA VAL TE 172 59.10 9.38 -19.92
C VAL TE 172 59.88 8.61 -18.86
N LYS TE 173 59.18 8.10 -17.84
CA LYS TE 173 59.76 7.34 -16.72
C LYS TE 173 60.52 8.23 -15.75
N MET TE 174 60.67 9.51 -16.07
CA MET TE 174 61.40 10.43 -15.21
C MET TE 174 60.52 11.62 -14.85
N THR TE 175 61.03 12.44 -13.93
CA THR TE 175 60.35 13.66 -13.55
C THR TE 175 60.29 14.62 -14.73
N ASP TE 176 59.27 15.47 -14.73
CA ASP TE 176 59.06 16.43 -15.82
C ASP TE 176 60.08 17.57 -15.82
N ASP TE 177 61.12 17.48 -15.00
CA ASP TE 177 62.15 18.52 -15.01
C ASP TE 177 62.83 18.65 -16.36
N GLU TE 178 62.90 17.56 -17.12
CA GLU TE 178 63.38 17.64 -18.50
C GLU TE 178 62.31 18.15 -19.45
N LEU TE 179 61.04 18.09 -19.06
CA LEU TE 179 59.94 18.53 -19.90
C LEU TE 179 59.53 19.98 -19.65
N VAL TE 180 60.12 20.64 -18.64
CA VAL TE 180 59.78 22.04 -18.39
C VAL TE 180 60.45 22.98 -19.38
N TYR TE 181 61.50 22.52 -20.06
CA TYR TE 181 62.13 23.30 -21.12
C TYR TE 181 62.01 22.68 -22.49
N ASN TE 182 61.85 21.36 -22.59
CA ASN TE 182 61.66 20.72 -23.89
C ASN TE 182 60.31 21.10 -24.50
N ILE TE 183 59.24 20.95 -23.72
CA ILE TE 183 57.88 21.16 -24.26
C ILE TE 183 57.52 22.62 -23.98
N HIS TE 184 58.02 23.52 -24.84
CA HIS TE 184 57.34 24.78 -25.12
C HIS TE 184 57.38 24.91 -26.64
N LEU TE 185 56.49 24.18 -27.32
CA LEU TE 185 56.43 24.24 -28.77
C LEU TE 185 55.03 24.22 -29.36
N ALA TE 186 54.02 23.67 -28.67
CA ALA TE 186 52.71 23.52 -29.29
C ALA TE 186 52.07 24.88 -29.54
N VAL TE 187 51.97 25.71 -28.50
CA VAL TE 187 51.37 27.03 -28.65
C VAL TE 187 52.27 27.92 -29.50
N ASN TE 188 53.58 27.84 -29.30
CA ASN TE 188 54.50 28.69 -30.05
C ASN TE 188 54.47 28.37 -31.54
N PHE TE 189 54.43 27.08 -31.89
CA PHE TE 189 54.39 26.70 -33.31
C PHE TE 189 53.01 26.91 -33.92
N LEU TE 190 51.95 26.76 -33.12
CA LEU TE 190 50.60 26.97 -33.64
C LEU TE 190 50.38 28.43 -34.04
N VAL TE 191 50.95 29.37 -33.27
CA VAL TE 191 50.77 30.79 -33.55
C VAL TE 191 51.82 31.35 -34.50
N SER TE 192 52.77 30.51 -34.96
CA SER TE 192 53.78 31.00 -35.88
C SER TE 192 53.20 31.26 -37.27
N LEU TE 193 52.18 30.52 -37.66
CA LEU TE 193 51.56 30.65 -38.97
C LEU TE 193 50.12 30.16 -38.84
N LEU TE 194 49.44 30.00 -39.99
CA LEU TE 194 48.09 29.43 -40.07
C LEU TE 194 47.12 30.14 -39.11
N LYS TE 195 47.18 31.48 -39.12
CA LYS TE 195 46.37 32.28 -38.22
C LYS TE 195 44.88 32.23 -38.55
N LYS TE 196 44.51 31.68 -39.71
CA LYS TE 196 43.10 31.54 -40.08
C LYS TE 196 42.51 30.44 -39.21
N ASN TE 197 42.35 30.76 -37.93
CA ASN TE 197 42.01 29.79 -36.89
C ASN TE 197 41.56 30.54 -35.65
N TRP TE 198 41.45 29.82 -34.54
CA TRP TE 198 41.15 30.37 -33.23
C TRP TE 198 42.37 31.13 -32.69
N GLN TE 199 42.26 31.63 -31.47
CA GLN TE 199 43.31 32.42 -30.81
C GLN TE 199 44.47 31.51 -30.38
N ASN TE 200 45.32 32.03 -29.51
CA ASN TE 200 46.60 31.40 -29.23
C ASN TE 200 46.50 30.22 -28.26
N VAL TE 201 45.95 30.46 -27.06
CA VAL TE 201 46.31 29.68 -25.89
C VAL TE 201 45.09 29.01 -25.27
N ARG TE 202 45.26 27.75 -24.89
CA ARG TE 202 44.36 27.04 -23.97
C ARG TE 202 45.08 25.76 -23.53
N ALA TE 203 44.33 24.89 -22.85
CA ALA TE 203 44.86 23.64 -22.34
C ALA TE 203 44.99 22.60 -23.45
N LEU TE 204 45.70 21.51 -23.13
CA LEU TE 204 45.93 20.42 -24.06
C LEU TE 204 45.55 19.09 -23.40
N TYR TE 205 45.24 18.10 -24.23
CA TYR TE 205 44.74 16.81 -23.76
C TYR TE 205 45.79 15.74 -23.96
N ILE TE 206 46.29 15.19 -22.85
CA ILE TE 206 47.39 14.21 -22.85
C ILE TE 206 46.88 12.91 -22.25
N LYS TE 207 45.61 12.60 -22.50
CA LYS TE 207 45.02 11.35 -22.02
C LYS TE 207 45.73 10.13 -22.60
N SER TE 208 45.68 9.03 -21.88
CA SER TE 208 46.39 7.81 -22.26
C SER TE 208 45.59 6.61 -21.77
N THR TE 209 46.26 5.45 -21.68
CA THR TE 209 45.64 4.27 -21.10
C THR TE 209 45.09 4.58 -19.70
N MET TE 210 45.90 5.21 -18.87
CA MET TE 210 45.43 5.92 -17.67
C MET TE 210 45.79 7.39 -17.89
N GLY TE 211 44.84 8.18 -18.39
CA GLY TE 211 45.14 9.54 -18.75
C GLY TE 211 45.27 10.48 -17.57
N LYS TE 212 46.50 10.90 -17.27
CA LYS TE 212 46.78 11.71 -16.09
C LYS TE 212 46.53 13.19 -16.39
N PRO TE 213 45.89 13.91 -15.47
CA PRO TE 213 45.61 15.34 -15.71
C PRO TE 213 46.85 16.20 -15.57
N GLN TE 214 47.37 16.63 -16.72
CA GLN TE 214 48.50 17.54 -16.86
C GLN TE 214 48.13 18.65 -17.84
N ARG TE 215 46.98 19.28 -17.60
CA ARG TE 215 46.35 20.16 -18.59
C ARG TE 215 47.27 21.36 -18.81
N LEU TE 216 47.99 21.33 -19.93
CA LEU TE 216 49.02 22.33 -20.22
C LEU TE 216 48.37 23.50 -20.92
N TYR TE 217 47.88 24.44 -20.12
CA TYR TE 217 47.26 25.64 -20.67
C TYR TE 217 48.27 26.49 -21.40
N MET UE 1 -29.80 -42.05 -63.89
CA MET UE 1 -29.63 -40.68 -63.43
C MET UE 1 -29.18 -39.91 -64.67
N GLY UE 2 -30.15 -39.56 -65.49
CA GLY UE 2 -29.93 -39.17 -66.86
C GLY UE 2 -30.60 -40.08 -67.85
N ARG UE 3 -31.53 -40.92 -67.42
CA ARG UE 3 -32.14 -41.96 -68.24
C ARG UE 3 -33.62 -41.70 -68.41
N VAL UE 4 -33.96 -40.46 -68.74
CA VAL UE 4 -35.36 -40.10 -68.99
C VAL UE 4 -35.88 -40.88 -70.18
N ARG UE 5 -37.05 -41.46 -70.01
CA ARG UE 5 -37.70 -42.24 -71.05
C ARG UE 5 -38.61 -41.35 -71.90
N THR UE 6 -38.89 -41.81 -73.11
CA THR UE 6 -39.64 -41.03 -74.10
C THR UE 6 -41.03 -41.62 -74.31
N LYS UE 7 -41.77 -40.98 -75.23
CA LYS UE 7 -43.14 -41.39 -75.50
C LYS UE 7 -43.22 -42.86 -75.88
N THR UE 8 -42.32 -43.31 -76.74
CA THR UE 8 -42.38 -44.66 -77.27
C THR UE 8 -42.32 -45.70 -76.16
N VAL UE 9 -41.31 -45.60 -75.30
CA VAL UE 9 -41.10 -46.62 -74.29
C VAL UE 9 -42.23 -46.61 -73.27
N LYS UE 10 -42.65 -45.42 -72.83
CA LYS UE 10 -43.72 -45.34 -71.85
C LYS UE 10 -45.01 -45.92 -72.42
N LYS UE 11 -45.36 -45.54 -73.65
CA LYS UE 11 -46.58 -46.05 -74.27
C LYS UE 11 -46.52 -47.55 -74.46
N ALA UE 12 -45.37 -48.06 -74.92
CA ALA UE 12 -45.23 -49.50 -75.10
C ALA UE 12 -45.39 -50.23 -73.78
N ALA UE 13 -44.78 -49.70 -72.72
CA ALA UE 13 -44.89 -50.35 -71.41
C ALA UE 13 -46.33 -50.39 -70.94
N ARG UE 14 -47.03 -49.27 -71.02
CA ARG UE 14 -48.40 -49.27 -70.52
C ARG UE 14 -49.31 -50.17 -71.35
N VAL UE 15 -49.13 -50.19 -72.68
CA VAL UE 15 -50.01 -51.04 -73.47
C VAL UE 15 -49.69 -52.51 -73.24
N ILE UE 16 -48.40 -52.87 -73.13
CA ILE UE 16 -48.08 -54.27 -72.85
C ILE UE 16 -48.58 -54.67 -71.48
N ILE UE 17 -48.61 -53.72 -70.53
CA ILE UE 17 -49.14 -54.01 -69.21
C ILE UE 17 -50.63 -54.29 -69.30
N GLU UE 18 -51.37 -53.43 -70.01
CA GLU UE 18 -52.82 -53.62 -70.07
C GLU UE 18 -53.22 -54.79 -70.98
N LYS UE 19 -52.32 -55.28 -71.81
CA LYS UE 19 -52.66 -56.39 -72.70
C LYS UE 19 -52.19 -57.75 -72.22
N TYR UE 20 -50.92 -57.89 -71.84
CA TYR UE 20 -50.36 -59.17 -71.45
C TYR UE 20 -50.04 -59.20 -69.95
N TYR UE 21 -50.87 -58.55 -69.14
CA TYR UE 21 -50.70 -58.59 -67.69
C TYR UE 21 -50.72 -60.02 -67.18
N THR UE 22 -51.74 -60.79 -67.56
CA THR UE 22 -51.85 -62.17 -67.09
C THR UE 22 -50.64 -62.98 -67.51
N ARG UE 23 -50.17 -62.77 -68.74
CA ARG UE 23 -49.08 -63.57 -69.29
C ARG UE 23 -47.79 -63.38 -68.52
N LEU UE 24 -47.47 -62.13 -68.17
CA LEU UE 24 -46.14 -61.76 -67.73
C LEU UE 24 -46.09 -61.58 -66.21
N GLY UE 25 -44.88 -61.56 -65.67
CA GLY UE 25 -44.67 -61.39 -64.24
C GLY UE 25 -43.66 -60.31 -63.94
N ASN UE 26 -43.08 -60.39 -62.74
CA ASN UE 26 -42.29 -59.29 -62.20
C ASN UE 26 -40.82 -59.34 -62.59
N ASP UE 27 -40.20 -60.52 -62.57
CA ASP UE 27 -38.75 -60.61 -62.72
C ASP UE 27 -38.30 -59.94 -64.00
N PHE UE 28 -37.27 -59.09 -63.88
CA PHE UE 28 -36.83 -58.28 -65.00
C PHE UE 28 -36.46 -59.14 -66.20
N HIS UE 29 -35.80 -60.26 -65.97
CA HIS UE 29 -35.35 -61.10 -67.07
C HIS UE 29 -36.54 -61.77 -67.76
N THR UE 30 -37.58 -62.12 -67.02
CA THR UE 30 -38.77 -62.67 -67.66
C THR UE 30 -39.39 -61.67 -68.62
N ASN UE 31 -39.53 -60.41 -68.19
CA ASN UE 31 -40.15 -59.42 -69.06
C ASN UE 31 -39.33 -59.20 -70.32
N LYS UE 32 -38.01 -59.20 -70.19
CA LYS UE 32 -37.16 -59.15 -71.37
C LYS UE 32 -37.12 -60.48 -72.11
N ARG UE 33 -37.74 -61.54 -71.55
CA ARG UE 33 -37.76 -62.83 -72.21
C ARG UE 33 -39.08 -63.18 -72.88
N VAL UE 34 -40.14 -62.40 -72.65
CA VAL UE 34 -41.41 -62.65 -73.33
C VAL UE 34 -41.68 -61.62 -74.42
N CYS UE 35 -40.98 -60.49 -74.39
CA CYS UE 35 -41.28 -59.38 -75.26
C CYS UE 35 -41.03 -59.68 -76.73
N GLU UE 36 -40.15 -60.64 -77.04
CA GLU UE 36 -39.73 -60.85 -78.41
C GLU UE 36 -40.90 -61.26 -79.31
N GLU UE 37 -41.71 -62.21 -78.87
CA GLU UE 37 -42.78 -62.72 -79.72
C GLU UE 37 -44.09 -61.97 -79.55
N ILE UE 38 -44.39 -61.46 -78.36
CA ILE UE 38 -45.60 -60.67 -78.20
C ILE UE 38 -45.44 -59.25 -78.71
N ALA UE 39 -44.21 -58.82 -78.97
CA ALA UE 39 -43.95 -57.48 -79.49
C ALA UE 39 -42.79 -57.58 -80.47
N ILE UE 40 -43.07 -57.26 -81.74
CA ILE UE 40 -42.03 -57.29 -82.77
C ILE UE 40 -41.28 -55.96 -82.73
N ILE UE 41 -40.24 -55.90 -81.90
CA ILE UE 41 -39.46 -54.69 -81.71
C ILE UE 41 -38.02 -54.98 -82.14
N PRO UE 42 -37.52 -54.25 -83.12
CA PRO UE 42 -36.23 -54.58 -83.73
C PRO UE 42 -35.05 -53.84 -83.10
N SER UE 43 -34.91 -53.97 -81.79
CA SER UE 43 -33.77 -53.38 -81.10
C SER UE 43 -33.62 -54.00 -79.74
N LYS UE 44 -32.43 -54.55 -79.45
CA LYS UE 44 -32.15 -55.03 -78.11
C LYS UE 44 -32.24 -53.90 -77.09
N LYS UE 45 -31.78 -52.71 -77.47
CA LYS UE 45 -31.79 -51.60 -76.55
C LYS UE 45 -33.22 -51.19 -76.18
N LEU UE 46 -34.11 -51.10 -77.17
CA LEU UE 46 -35.50 -50.90 -76.81
C LEU UE 46 -36.06 -52.10 -76.06
N ARG UE 47 -35.55 -53.29 -76.34
CA ARG UE 47 -36.03 -54.48 -75.63
C ARG UE 47 -35.81 -54.34 -74.14
N ASN UE 48 -34.57 -54.06 -73.72
CA ASN UE 48 -34.36 -53.95 -72.28
C ASN UE 48 -34.81 -52.61 -71.71
N LYS UE 49 -35.00 -51.57 -72.54
CA LYS UE 49 -35.66 -50.38 -72.03
C LYS UE 49 -37.11 -50.67 -71.66
N ILE UE 50 -37.84 -51.30 -72.56
CA ILE UE 50 -39.21 -51.71 -72.26
C ILE UE 50 -39.23 -52.63 -71.06
N ALA UE 51 -38.26 -53.55 -70.99
CA ALA UE 51 -38.20 -54.46 -69.86
C ALA UE 51 -38.04 -53.71 -68.55
N GLY UE 52 -37.11 -52.76 -68.50
CA GLY UE 52 -36.91 -52.00 -67.28
C GLY UE 52 -38.15 -51.22 -66.89
N TYR UE 53 -38.79 -50.56 -67.86
CA TYR UE 53 -39.94 -49.75 -67.47
C TYR UE 53 -41.13 -50.62 -67.09
N VAL UE 54 -41.29 -51.79 -67.71
CA VAL UE 54 -42.39 -52.64 -67.28
C VAL UE 54 -42.09 -53.23 -65.91
N THR UE 55 -40.82 -53.45 -65.57
CA THR UE 55 -40.50 -53.83 -64.20
C THR UE 55 -40.91 -52.73 -63.23
N HIS UE 56 -40.59 -51.49 -63.58
CA HIS UE 56 -40.98 -50.36 -62.73
C HIS UE 56 -42.49 -50.31 -62.59
N LEU UE 57 -43.21 -50.45 -63.70
CA LEU UE 57 -44.66 -50.37 -63.66
C LEU UE 57 -45.27 -51.55 -62.93
N MET UE 58 -44.65 -52.74 -62.96
CA MET UE 58 -45.13 -53.87 -62.19
C MET UE 58 -44.92 -53.65 -60.70
N LYS UE 59 -43.75 -53.14 -60.32
CA LYS UE 59 -43.56 -52.73 -58.93
C LYS UE 59 -44.61 -51.68 -58.52
N ARG UE 60 -45.01 -50.84 -59.47
CA ARG UE 60 -46.00 -49.81 -59.18
C ARG UE 60 -47.38 -50.42 -58.96
N ILE UE 61 -47.87 -51.18 -59.94
CA ILE UE 61 -49.30 -51.47 -60.08
C ILE UE 61 -49.78 -52.47 -59.06
N GLN UE 62 -48.89 -53.23 -58.43
CA GLN UE 62 -49.33 -54.22 -57.46
C GLN UE 62 -49.99 -53.59 -56.24
N ARG UE 63 -49.82 -52.29 -56.02
CA ARG UE 63 -50.46 -51.59 -54.92
C ARG UE 63 -51.33 -50.43 -55.37
N GLY UE 64 -50.90 -49.68 -56.39
CA GLY UE 64 -51.57 -48.45 -56.75
C GLY UE 64 -52.27 -48.52 -58.10
N PRO UE 65 -53.22 -47.61 -58.31
CA PRO UE 65 -53.96 -47.58 -59.57
C PRO UE 65 -53.20 -46.79 -60.62
N VAL UE 66 -52.65 -47.49 -61.60
CA VAL UE 66 -51.90 -46.87 -62.69
C VAL UE 66 -52.40 -47.44 -64.00
N ARG UE 67 -52.50 -46.59 -65.01
CA ARG UE 67 -52.84 -47.06 -66.35
C ARG UE 67 -51.80 -48.07 -66.83
N GLY UE 68 -52.28 -49.15 -67.42
CA GLY UE 68 -53.69 -49.41 -67.64
C GLY UE 68 -54.21 -48.75 -68.91
N ILE UE 69 -55.52 -48.85 -69.13
CA ILE UE 69 -56.38 -49.51 -68.18
C ILE UE 69 -56.61 -50.96 -68.59
N SER UE 70 -56.12 -51.88 -67.75
CA SER UE 70 -56.32 -53.30 -68.02
C SER UE 70 -57.80 -53.66 -67.90
N ILE UE 71 -58.21 -54.64 -68.71
CA ILE UE 71 -59.61 -55.05 -68.76
C ILE UE 71 -59.89 -56.06 -67.66
N LYS UE 72 -58.95 -56.20 -66.73
CA LYS UE 72 -59.04 -57.17 -65.64
C LYS UE 72 -59.03 -56.51 -64.26
N LEU UE 73 -58.15 -55.54 -64.02
CA LEU UE 73 -57.98 -55.00 -62.68
C LEU UE 73 -59.17 -54.14 -62.28
N GLN UE 74 -59.75 -53.41 -63.23
CA GLN UE 74 -60.77 -52.43 -62.87
C GLN UE 74 -62.03 -53.12 -62.35
N GLU UE 75 -62.41 -54.27 -62.93
CA GLU UE 75 -63.64 -54.91 -62.49
C GLU UE 75 -63.50 -55.56 -61.13
N GLU UE 76 -62.35 -56.15 -60.82
CA GLU UE 76 -62.15 -56.68 -59.49
C GLU UE 76 -62.01 -55.56 -58.46
N GLU UE 77 -61.45 -54.42 -58.87
CA GLU UE 77 -61.49 -53.23 -58.01
C GLU UE 77 -62.92 -52.81 -57.74
N ARG UE 78 -63.77 -52.83 -58.78
CA ARG UE 78 -65.18 -52.47 -58.59
C ARG UE 78 -65.87 -53.45 -57.66
N GLU UE 79 -65.54 -54.75 -57.79
CA GLU UE 79 -66.10 -55.74 -56.88
C GLU UE 79 -65.74 -55.42 -55.43
N ARG UE 80 -64.45 -55.21 -55.16
CA ARG UE 80 -64.06 -54.92 -53.78
C ARG UE 80 -64.49 -53.53 -53.35
N ARG UE 81 -64.89 -52.67 -54.28
CA ARG UE 81 -65.37 -51.35 -53.92
C ARG UE 81 -66.85 -51.36 -53.56
N ASP UE 82 -67.67 -52.05 -54.36
CA ASP UE 82 -69.09 -52.15 -54.09
C ASP UE 82 -69.39 -52.81 -52.76
N ASN UE 83 -68.46 -53.60 -52.24
CA ASN UE 83 -68.64 -54.16 -50.91
C ASN UE 83 -68.56 -53.04 -49.87
N TYR UE 84 -68.68 -53.43 -48.60
CA TYR UE 84 -69.02 -52.51 -47.52
C TYR UE 84 -70.31 -51.76 -47.88
N VAL UE 85 -71.37 -52.54 -48.00
CA VAL UE 85 -72.74 -52.05 -47.90
C VAL UE 85 -73.11 -52.12 -46.43
N PRO UE 86 -72.99 -51.03 -45.66
CA PRO UE 86 -73.06 -51.14 -44.19
C PRO UE 86 -74.37 -51.77 -43.72
N GLU UE 87 -74.26 -52.63 -42.71
CA GLU UE 87 -75.44 -53.34 -42.22
C GLU UE 87 -76.47 -52.37 -41.66
N VAL UE 88 -76.03 -51.30 -41.00
CA VAL UE 88 -76.92 -50.26 -40.51
C VAL UE 88 -76.81 -49.06 -41.44
N SER UE 89 -77.95 -48.49 -41.80
CA SER UE 89 -77.96 -47.28 -42.61
C SER UE 89 -77.24 -46.15 -41.87
N ALA UE 90 -76.48 -45.36 -42.62
CA ALA UE 90 -75.79 -44.23 -42.01
C ALA UE 90 -76.76 -43.15 -41.56
N LEU UE 91 -78.01 -43.18 -42.03
CA LEU UE 91 -79.02 -42.19 -41.68
C LEU UE 91 -80.25 -42.91 -41.15
N ASP UE 92 -80.19 -43.32 -39.88
CA ASP UE 92 -81.38 -43.76 -39.16
C ASP UE 92 -81.30 -43.37 -37.69
N GLN UE 93 -80.56 -42.29 -37.39
CA GLN UE 93 -80.15 -41.98 -36.03
C GLN UE 93 -81.31 -41.65 -35.10
N GLU UE 94 -82.50 -41.39 -35.64
CA GLU UE 94 -83.74 -41.14 -34.88
C GLU UE 94 -83.58 -40.03 -33.85
N ILE UE 95 -82.44 -39.35 -33.85
CA ILE UE 95 -82.19 -38.20 -32.99
C ILE UE 95 -81.40 -37.20 -33.83
N ILE UE 96 -82.09 -36.20 -34.38
CA ILE UE 96 -81.49 -35.30 -35.36
C ILE UE 96 -81.73 -33.86 -34.96
N GLU UE 97 -80.65 -33.07 -34.94
CA GLU UE 97 -80.71 -31.69 -34.48
C GLU UE 97 -81.17 -30.78 -35.61
N VAL UE 98 -82.28 -30.09 -35.42
CA VAL UE 98 -82.75 -29.06 -36.34
C VAL UE 98 -83.10 -27.81 -35.56
N ASP UE 99 -83.37 -26.76 -36.31
CA ASP UE 99 -83.55 -25.45 -35.70
C ASP UE 99 -85.02 -25.02 -35.74
N PRO UE 100 -85.39 -24.01 -34.96
CA PRO UE 100 -86.79 -23.57 -34.95
C PRO UE 100 -87.38 -23.31 -36.33
N ASP UE 101 -86.66 -22.59 -37.19
CA ASP UE 101 -87.20 -22.29 -38.51
C ASP UE 101 -87.51 -23.56 -39.28
N THR UE 102 -86.65 -24.57 -39.15
CA THR UE 102 -86.98 -25.87 -39.71
C THR UE 102 -88.26 -26.43 -39.11
N LYS UE 103 -88.43 -26.29 -37.80
CA LYS UE 103 -89.65 -26.80 -37.17
C LYS UE 103 -90.88 -26.16 -37.78
N GLU UE 104 -90.90 -24.82 -37.85
CA GLU UE 104 -92.02 -24.14 -38.47
C GLU UE 104 -92.20 -24.61 -39.90
N MET UE 105 -91.10 -24.65 -40.66
CA MET UE 105 -91.20 -25.02 -42.07
C MET UE 105 -91.84 -26.38 -42.25
N LEU UE 106 -91.35 -27.40 -41.57
CA LEU UE 106 -91.97 -28.72 -41.71
C LEU UE 106 -93.39 -28.74 -41.15
N LYS UE 107 -93.73 -27.79 -40.28
CA LYS UE 107 -95.14 -27.60 -39.98
C LYS UE 107 -95.90 -27.14 -41.21
N LEU UE 108 -95.29 -26.26 -42.03
CA LEU UE 108 -95.89 -25.99 -43.33
C LEU UE 108 -95.83 -27.19 -44.25
N LEU UE 109 -94.90 -28.12 -44.04
CA LEU UE 109 -94.98 -29.42 -44.69
C LEU UE 109 -95.90 -30.39 -43.96
N ASP UE 110 -96.77 -29.89 -43.08
CA ASP UE 110 -97.91 -30.66 -42.59
C ASP UE 110 -97.47 -31.75 -41.61
N PHE UE 111 -96.17 -31.97 -41.46
CA PHE UE 111 -95.67 -32.96 -40.50
C PHE UE 111 -94.45 -32.43 -39.76
N GLY UE 112 -94.52 -31.18 -39.31
CA GLY UE 112 -93.51 -30.72 -38.39
C GLY UE 112 -93.67 -31.27 -36.99
N SER UE 113 -94.67 -32.12 -36.78
CA SER UE 113 -95.05 -32.57 -35.44
C SER UE 113 -94.91 -34.06 -35.22
N LEU UE 114 -95.14 -34.89 -36.24
CA LEU UE 114 -95.32 -36.32 -36.05
C LEU UE 114 -94.03 -37.13 -36.20
N SER UE 115 -92.89 -36.50 -35.96
CA SER UE 115 -91.61 -37.21 -35.98
C SER UE 115 -90.73 -36.68 -34.86
N ASN UE 116 -89.64 -37.39 -34.59
CA ASN UE 116 -88.82 -37.13 -33.40
C ASN UE 116 -88.33 -35.68 -33.38
N LEU UE 117 -87.51 -35.32 -34.35
CA LEU UE 117 -87.16 -33.94 -34.65
C LEU UE 117 -86.98 -33.07 -33.42
N GLN UE 118 -86.05 -33.46 -32.56
CA GLN UE 118 -85.74 -32.60 -31.43
C GLN UE 118 -84.99 -31.36 -31.92
N VAL UE 119 -85.35 -30.21 -31.37
CA VAL UE 119 -84.94 -28.92 -31.91
C VAL UE 119 -83.92 -28.29 -30.97
N THR UE 120 -82.98 -27.55 -31.53
CA THR UE 120 -82.00 -26.81 -30.76
C THR UE 120 -82.42 -25.35 -30.63
N GLN UE 121 -81.56 -24.56 -30.01
CA GLN UE 121 -81.71 -23.13 -29.78
C GLN UE 121 -80.73 -22.35 -30.66
N PRO UE 122 -81.02 -21.10 -31.00
CA PRO UE 122 -80.07 -20.34 -31.80
C PRO UE 122 -78.76 -20.11 -31.06
N THR UE 123 -77.67 -20.17 -31.82
CA THR UE 123 -76.36 -19.94 -31.22
C THR UE 123 -76.23 -18.52 -30.70
N VAL UE 124 -76.91 -17.57 -31.34
CA VAL UE 124 -77.02 -16.18 -30.90
C VAL UE 124 -75.67 -15.46 -31.00
N GLY UE 125 -75.68 -14.31 -31.66
CA GLY UE 125 -74.45 -13.57 -31.86
C GLY UE 125 -74.07 -13.54 -33.31
N MET UE 126 -74.27 -14.66 -34.01
CA MET UE 126 -74.08 -14.72 -35.46
C MET UE 126 -72.81 -14.02 -35.91
N ASN UE 127 -71.71 -14.56 -35.38
CA ASN UE 127 -70.37 -14.07 -35.62
C ASN UE 127 -69.77 -14.66 -36.90
N PHE UE 128 -70.61 -15.06 -37.85
CA PHE UE 128 -70.09 -15.60 -39.11
C PHE UE 128 -69.59 -14.44 -39.96
N LYS UE 129 -69.32 -14.69 -41.24
CA LYS UE 129 -68.76 -13.66 -42.10
C LYS UE 129 -67.41 -13.20 -41.55
N THR UE 130 -66.40 -14.04 -41.71
CA THR UE 130 -65.01 -13.82 -41.30
C THR UE 130 -64.58 -12.37 -41.54
N PRO UE 131 -63.74 -11.81 -40.67
CA PRO UE 131 -63.48 -10.36 -40.73
C PRO UE 131 -62.99 -9.92 -42.09
N ARG UE 132 -63.48 -8.76 -42.52
CA ARG UE 132 -63.33 -8.31 -43.90
C ARG UE 132 -61.88 -8.06 -44.23
N GLY UE 133 -61.34 -8.81 -45.19
CA GLY UE 133 -60.01 -8.60 -45.70
C GLY UE 133 -58.94 -8.78 -44.65
N PRO UE 134 -57.70 -8.43 -45.00
CA PRO UE 134 -56.64 -8.40 -43.99
C PRO UE 134 -56.97 -7.39 -42.90
N VAL UE 135 -56.61 -7.74 -41.67
CA VAL UE 135 -56.88 -6.91 -40.50
C VAL UE 135 -58.38 -6.64 -40.35
N MET VE 1 -5.27 -63.51 -117.49
CA MET VE 1 -4.26 -64.27 -116.77
C MET VE 1 -3.05 -63.39 -116.48
N ALA VE 2 -2.49 -62.80 -117.53
CA ALA VE 2 -1.27 -62.00 -117.36
C ALA VE 2 -1.54 -60.77 -116.51
N VAL VE 3 -2.56 -59.99 -116.86
CA VAL VE 3 -2.89 -58.78 -116.12
C VAL VE 3 -4.18 -59.08 -115.36
N GLN VE 4 -4.02 -59.52 -114.11
CA GLN VE 4 -5.15 -59.85 -113.25
C GLN VE 4 -5.19 -58.90 -112.06
N ILE VE 5 -6.33 -58.25 -111.87
CA ILE VE 5 -6.48 -57.18 -110.91
C ILE VE 5 -6.64 -57.76 -109.51
N SER VE 6 -6.17 -57.01 -108.50
CA SER VE 6 -6.42 -57.40 -107.13
C SER VE 6 -7.87 -57.10 -106.76
N LYS VE 7 -8.24 -57.54 -105.55
CA LYS VE 7 -9.64 -57.50 -105.13
C LYS VE 7 -10.17 -56.07 -105.08
N LYS VE 8 -9.42 -55.17 -104.44
CA LYS VE 8 -9.91 -53.82 -104.24
C LYS VE 8 -10.14 -53.10 -105.57
N ARG VE 9 -9.13 -53.10 -106.42
CA ARG VE 9 -9.24 -52.37 -107.67
C ARG VE 9 -10.29 -53.00 -108.58
N LYS VE 10 -10.45 -54.31 -108.55
CA LYS VE 10 -11.48 -54.92 -109.39
C LYS VE 10 -12.88 -54.61 -108.87
N PHE VE 11 -13.04 -54.53 -107.54
CA PHE VE 11 -14.33 -54.09 -106.99
C PHE VE 11 -14.59 -52.64 -107.36
N VAL VE 12 -13.55 -51.82 -107.37
CA VAL VE 12 -13.78 -50.45 -107.79
C VAL VE 12 -14.14 -50.44 -109.28
N ALA VE 13 -13.51 -51.30 -110.07
CA ALA VE 13 -13.77 -51.34 -111.50
C ALA VE 13 -15.20 -51.73 -111.79
N ASP VE 14 -15.73 -52.73 -111.07
CA ASP VE 14 -17.11 -53.13 -111.36
C ASP VE 14 -18.06 -52.06 -110.83
N GLY VE 15 -17.70 -51.38 -109.74
CA GLY VE 15 -18.53 -50.27 -109.27
C GLY VE 15 -18.67 -49.17 -110.31
N ILE VE 16 -17.55 -48.73 -110.86
CA ILE VE 16 -17.62 -47.69 -111.89
C ILE VE 16 -18.18 -48.25 -113.19
N PHE VE 17 -18.07 -49.56 -113.41
CA PHE VE 17 -18.69 -50.18 -114.56
C PHE VE 17 -20.20 -50.02 -114.50
N LYS VE 18 -20.80 -50.38 -113.36
CA LYS VE 18 -22.24 -50.18 -113.23
C LYS VE 18 -22.58 -48.70 -113.11
N ALA VE 19 -21.65 -47.87 -112.67
CA ALA VE 19 -21.90 -46.43 -112.66
C ALA VE 19 -22.05 -45.88 -114.08
N GLU VE 20 -21.10 -46.22 -114.95
CA GLU VE 20 -21.20 -45.82 -116.36
C GLU VE 20 -22.45 -46.38 -116.98
N LEU VE 21 -22.77 -47.64 -116.69
CA LEU VE 21 -23.98 -48.24 -117.24
C LEU VE 21 -25.23 -47.53 -116.76
N ASN VE 22 -25.26 -47.14 -115.47
CA ASN VE 22 -26.38 -46.40 -114.94
C ASN VE 22 -26.55 -45.07 -115.65
N GLU VE 23 -25.47 -44.31 -115.80
CA GLU VE 23 -25.55 -43.04 -116.50
C GLU VE 23 -26.02 -43.24 -117.92
N PHE VE 24 -25.52 -44.29 -118.58
CA PHE VE 24 -25.92 -44.60 -119.94
C PHE VE 24 -27.41 -44.87 -120.06
N LEU VE 25 -27.91 -45.80 -119.25
CA LEU VE 25 -29.31 -46.18 -119.38
C LEU VE 25 -30.22 -45.04 -118.93
N THR VE 26 -29.72 -44.19 -118.03
CA THR VE 26 -30.47 -42.99 -117.70
C THR VE 26 -30.57 -42.08 -118.92
N ARG VE 27 -29.45 -41.80 -119.58
CA ARG VE 27 -29.46 -40.91 -120.72
C ARG VE 27 -30.09 -41.52 -121.97
N GLU VE 28 -30.34 -42.83 -121.97
CA GLU VE 28 -30.84 -43.50 -123.17
C GLU VE 28 -32.29 -43.92 -123.06
N LEU VE 29 -32.75 -44.34 -121.88
CA LEU VE 29 -34.17 -44.62 -121.70
C LEU VE 29 -34.79 -43.65 -120.70
N ALA VE 30 -34.34 -42.40 -120.71
CA ALA VE 30 -34.99 -41.38 -119.90
C ALA VE 30 -36.45 -41.24 -120.26
N GLU VE 31 -36.75 -41.14 -121.56
CA GLU VE 31 -38.12 -41.04 -122.01
C GLU VE 31 -38.82 -42.41 -122.01
N ASP VE 32 -38.08 -43.49 -121.82
CA ASP VE 32 -38.68 -44.81 -121.71
C ASP VE 32 -38.92 -45.23 -120.26
N GLY VE 33 -38.68 -44.35 -119.31
CA GLY VE 33 -38.84 -44.70 -117.92
C GLY VE 33 -37.90 -45.80 -117.50
N TYR VE 34 -36.61 -45.61 -117.80
CA TYR VE 34 -35.61 -46.64 -117.52
C TYR VE 34 -35.70 -47.13 -116.07
N SER VE 35 -35.81 -46.20 -115.13
CA SER VE 35 -36.20 -46.50 -113.75
C SER VE 35 -35.34 -47.61 -113.14
N GLY VE 36 -34.05 -47.33 -113.03
CA GLY VE 36 -33.15 -48.18 -112.27
C GLY VE 36 -32.72 -49.42 -113.04
N VAL VE 37 -31.64 -50.04 -112.52
CA VAL VE 37 -31.02 -51.22 -113.12
C VAL VE 37 -30.36 -52.03 -112.02
N GLU VE 38 -30.04 -53.28 -112.35
CA GLU VE 38 -29.24 -54.12 -111.47
C GLU VE 38 -28.56 -55.18 -112.30
N VAL VE 39 -27.40 -55.65 -111.82
CA VAL VE 39 -26.55 -56.56 -112.57
C VAL VE 39 -26.71 -57.97 -112.03
N ARG VE 40 -26.85 -58.93 -112.93
CA ARG VE 40 -26.82 -60.35 -112.61
C ARG VE 40 -25.54 -60.92 -113.23
N VAL VE 41 -24.51 -61.09 -112.41
CA VAL VE 41 -23.17 -61.43 -112.90
C VAL VE 41 -22.90 -62.92 -112.68
N THR VE 42 -22.45 -63.57 -113.74
CA THR VE 42 -22.05 -64.97 -113.71
C THR VE 42 -20.66 -65.09 -114.34
N PRO VE 43 -19.91 -66.13 -114.00
CA PRO VE 43 -18.52 -66.22 -114.49
C PRO VE 43 -18.39 -66.22 -116.00
N THR VE 44 -19.34 -66.82 -116.72
CA THR VE 44 -19.22 -66.97 -118.17
C THR VE 44 -20.14 -66.02 -118.92
N ARG VE 45 -21.42 -66.00 -118.60
CA ARG VE 45 -22.40 -65.17 -119.30
C ARG VE 45 -22.80 -64.08 -118.30
N THR VE 46 -22.61 -62.83 -118.68
CA THR VE 46 -23.08 -61.73 -117.85
C THR VE 46 -24.35 -61.15 -118.44
N GLU VE 47 -25.38 -60.97 -117.62
CA GLU VE 47 -26.64 -60.45 -118.10
C GLU VE 47 -27.11 -59.30 -117.22
N ILE VE 48 -27.85 -58.38 -117.84
CA ILE VE 48 -28.39 -57.21 -117.18
C ILE VE 48 -29.89 -57.20 -117.38
N ILE VE 49 -30.62 -56.77 -116.36
CA ILE VE 49 -32.08 -56.68 -116.41
C ILE VE 49 -32.47 -55.22 -116.26
N ILE VE 50 -33.32 -54.74 -117.16
CA ILE VE 50 -33.75 -53.35 -117.15
C ILE VE 50 -35.11 -53.27 -116.50
N LEU VE 51 -35.29 -52.30 -115.59
CA LEU VE 51 -36.55 -52.12 -114.87
C LEU VE 51 -37.37 -51.00 -115.48
N ALA VE 52 -37.36 -50.88 -116.80
CA ALA VE 52 -38.05 -49.78 -117.46
C ALA VE 52 -39.57 -49.97 -117.42
N THR VE 53 -40.28 -48.87 -117.68
CA THR VE 53 -41.73 -48.91 -117.67
C THR VE 53 -42.29 -49.40 -119.00
N ARG VE 54 -42.01 -48.68 -120.07
CA ARG VE 54 -42.55 -49.04 -121.38
C ARG VE 54 -41.60 -50.03 -122.07
N THR VE 55 -41.57 -51.24 -121.52
CA THR VE 55 -40.71 -52.28 -122.07
C THR VE 55 -41.05 -52.58 -123.52
N GLN VE 56 -42.34 -52.55 -123.87
CA GLN VE 56 -42.74 -52.68 -125.27
C GLN VE 56 -42.14 -51.56 -126.10
N ASN VE 57 -42.11 -50.34 -125.56
CA ASN VE 57 -41.34 -49.29 -126.19
C ASN VE 57 -39.85 -49.64 -126.18
N VAL VE 58 -39.36 -50.21 -125.08
CA VAL VE 58 -37.97 -50.63 -125.02
C VAL VE 58 -37.71 -51.74 -126.03
N LEU VE 59 -38.68 -52.61 -126.25
CA LEU VE 59 -38.57 -53.64 -127.28
C LEU VE 59 -38.82 -52.99 -128.63
N GLY VE 60 -37.77 -52.82 -129.43
CA GLY VE 60 -37.92 -52.25 -130.74
C GLY VE 60 -38.76 -53.12 -131.65
N GLU VE 61 -38.99 -52.62 -132.86
CA GLU VE 61 -39.68 -53.41 -133.87
C GLU VE 61 -38.95 -54.74 -134.05
N LYS VE 62 -39.62 -55.83 -133.69
CA LYS VE 62 -39.00 -57.15 -133.62
C LYS VE 62 -37.82 -57.14 -132.65
N GLY VE 63 -37.92 -56.31 -131.62
CA GLY VE 63 -36.89 -56.25 -130.58
C GLY VE 63 -35.55 -55.77 -131.05
N ARG VE 64 -35.52 -54.77 -131.94
CA ARG VE 64 -34.25 -54.31 -132.49
C ARG VE 64 -33.48 -53.46 -131.48
N ARG VE 65 -34.21 -52.72 -130.63
CA ARG VE 65 -33.54 -51.85 -129.67
C ARG VE 65 -32.66 -52.64 -128.72
N ILE VE 66 -33.15 -53.78 -128.24
CA ILE VE 66 -32.31 -54.63 -127.40
C ILE VE 66 -31.10 -55.10 -128.17
N ARG VE 67 -31.27 -55.35 -129.47
CA ARG VE 67 -30.14 -55.77 -130.28
C ARG VE 67 -29.04 -54.71 -130.28
N GLU VE 68 -29.39 -53.46 -130.59
CA GLU VE 68 -28.34 -52.44 -130.61
C GLU VE 68 -27.80 -52.15 -129.22
N LEU VE 69 -28.64 -52.25 -128.19
CA LEU VE 69 -28.15 -52.03 -126.83
C LEU VE 69 -27.14 -53.11 -126.44
N THR VE 70 -27.42 -54.36 -126.78
CA THR VE 70 -26.43 -55.41 -126.58
C THR VE 70 -25.17 -55.12 -127.38
N ALA VE 71 -25.32 -54.64 -128.61
CA ALA VE 71 -24.16 -54.38 -129.44
C ALA VE 71 -23.26 -53.31 -128.83
N VAL VE 72 -23.85 -52.23 -128.33
CA VAL VE 72 -23.02 -51.16 -127.76
C VAL VE 72 -22.39 -51.61 -126.45
N VAL VE 73 -23.16 -52.28 -125.58
CA VAL VE 73 -22.55 -52.74 -124.34
C VAL VE 73 -21.47 -53.77 -124.62
N GLN VE 74 -21.58 -54.51 -125.72
CA GLN VE 74 -20.55 -55.48 -126.07
C GLN VE 74 -19.30 -54.80 -126.58
N LYS VE 75 -19.45 -53.89 -127.55
CA LYS VE 75 -18.29 -53.31 -128.20
C LYS VE 75 -17.59 -52.30 -127.30
N ARG VE 76 -18.35 -51.55 -126.51
CA ARG VE 76 -17.75 -50.51 -125.68
C ARG VE 76 -16.98 -51.10 -124.51
N PHE VE 77 -17.60 -52.01 -123.76
CA PHE VE 77 -16.97 -52.54 -122.56
C PHE VE 77 -16.18 -53.80 -122.83
N GLY VE 78 -15.34 -53.77 -123.87
CA GLY VE 78 -14.39 -54.83 -124.18
C GLY VE 78 -14.86 -56.24 -123.90
N PHE VE 79 -16.11 -56.54 -124.22
CA PHE VE 79 -16.73 -57.80 -123.85
C PHE VE 79 -16.68 -58.79 -125.00
N PRO VE 80 -16.78 -60.08 -124.71
CA PRO VE 80 -16.76 -61.09 -125.78
C PRO VE 80 -18.14 -61.30 -126.38
N GLU VE 81 -18.15 -61.85 -127.60
CA GLU VE 81 -19.38 -62.05 -128.34
C GLU VE 81 -20.31 -62.99 -127.59
N GLY VE 82 -21.60 -62.63 -127.55
CA GLY VE 82 -22.59 -63.49 -126.95
C GLY VE 82 -22.44 -63.71 -125.48
N SER VE 83 -21.60 -62.91 -124.81
CA SER VE 83 -21.37 -63.07 -123.38
C SER VE 83 -22.22 -62.13 -122.54
N VAL VE 84 -22.80 -61.09 -123.15
CA VAL VE 84 -23.65 -60.14 -122.44
C VAL VE 84 -24.97 -60.01 -123.16
N GLU VE 85 -26.05 -60.03 -122.39
CA GLU VE 85 -27.39 -59.85 -122.94
C GLU VE 85 -28.26 -59.11 -121.95
N LEU VE 86 -29.33 -58.52 -122.45
CA LEU VE 86 -30.19 -57.64 -121.67
C LEU VE 86 -31.61 -58.17 -121.62
N TYR VE 87 -32.24 -58.00 -120.46
CA TYR VE 87 -33.64 -58.35 -120.27
C TYR VE 87 -34.40 -57.11 -119.84
N ALA VE 88 -35.52 -56.86 -120.51
CA ALA VE 88 -36.36 -55.69 -120.26
C ALA VE 88 -37.58 -56.16 -119.48
N GLU VE 89 -37.52 -56.04 -118.16
CA GLU VE 89 -38.61 -56.45 -117.29
C GLU VE 89 -39.34 -55.23 -116.75
N LYS VE 90 -40.66 -55.24 -116.89
CA LYS VE 90 -41.49 -54.19 -116.33
C LYS VE 90 -41.35 -54.16 -114.81
N VAL VE 91 -41.22 -52.95 -114.26
CA VAL VE 91 -41.10 -52.80 -112.82
C VAL VE 91 -42.46 -52.97 -112.18
N ALA VE 92 -42.48 -53.57 -110.99
CA ALA VE 92 -43.72 -53.73 -110.24
C ALA VE 92 -44.06 -52.43 -109.52
N THR VE 93 -45.33 -52.06 -109.54
CA THR VE 93 -45.84 -50.84 -108.91
C THR VE 93 -44.97 -49.64 -109.28
N ARG VE 94 -45.02 -49.33 -110.59
CA ARG VE 94 -44.36 -48.13 -111.11
C ARG VE 94 -44.65 -46.91 -110.26
N GLY VE 95 -45.82 -46.86 -109.63
CA GLY VE 95 -46.16 -45.77 -108.74
C GLY VE 95 -45.37 -45.76 -107.45
N LEU VE 96 -44.34 -46.59 -107.38
CA LEU VE 96 -43.49 -46.64 -106.20
C LEU VE 96 -42.02 -46.69 -106.57
N CYS VE 97 -41.62 -45.96 -107.61
CA CYS VE 97 -40.24 -45.91 -108.07
C CYS VE 97 -39.93 -44.46 -108.41
N ALA VE 98 -39.32 -43.74 -107.46
CA ALA VE 98 -39.25 -42.29 -107.52
C ALA VE 98 -38.68 -41.77 -108.83
N ILE VE 99 -37.75 -42.52 -109.44
CA ILE VE 99 -37.21 -42.12 -110.73
C ILE VE 99 -38.32 -42.06 -111.77
N ALA VE 100 -39.23 -43.04 -111.75
CA ALA VE 100 -40.33 -43.04 -112.71
C ALA VE 100 -41.22 -41.82 -112.53
N GLN VE 101 -41.50 -41.44 -111.28
CA GLN VE 101 -42.32 -40.27 -111.05
C GLN VE 101 -41.62 -38.99 -111.47
N ALA VE 102 -40.31 -38.91 -111.25
CA ALA VE 102 -39.57 -37.75 -111.72
C ALA VE 102 -39.67 -37.64 -113.24
N GLU VE 103 -39.52 -38.77 -113.93
CA GLU VE 103 -39.63 -38.78 -115.39
C GLU VE 103 -41.03 -38.38 -115.84
N SER VE 104 -42.06 -38.89 -115.16
CA SER VE 104 -43.43 -38.53 -115.54
C SER VE 104 -43.68 -37.04 -115.32
N LEU VE 105 -43.18 -36.52 -114.20
CA LEU VE 105 -43.34 -35.10 -113.92
C LEU VE 105 -42.62 -34.25 -114.96
N ARG VE 106 -41.42 -34.65 -115.35
CA ARG VE 106 -40.72 -33.91 -116.40
C ARG VE 106 -41.50 -33.97 -117.71
N TYR VE 107 -42.10 -35.12 -118.01
CA TYR VE 107 -42.87 -35.25 -119.24
C TYR VE 107 -44.05 -34.30 -119.23
N LYS VE 108 -44.83 -34.30 -118.15
CA LYS VE 108 -46.00 -33.45 -118.09
C LYS VE 108 -45.64 -31.98 -118.01
N LEU VE 109 -44.52 -31.63 -117.39
CA LEU VE 109 -44.09 -30.23 -117.38
C LEU VE 109 -43.66 -29.77 -118.76
N LEU VE 110 -42.81 -30.54 -119.43
CA LEU VE 110 -42.43 -30.19 -120.79
C LEU VE 110 -43.62 -30.19 -121.73
N GLY VE 111 -44.71 -30.85 -121.34
CA GLY VE 111 -45.95 -30.71 -122.07
C GLY VE 111 -46.59 -29.35 -121.92
N GLY VE 112 -46.05 -28.49 -121.05
CA GLY VE 112 -46.54 -27.14 -120.87
C GLY VE 112 -47.59 -26.97 -119.80
N LEU VE 113 -47.90 -28.01 -119.05
CA LEU VE 113 -48.94 -27.92 -118.03
C LEU VE 113 -48.41 -27.18 -116.80
N ALA VE 114 -49.29 -26.42 -116.17
CA ALA VE 114 -48.92 -25.67 -114.98
C ALA VE 114 -48.41 -26.61 -113.90
N VAL VE 115 -47.41 -26.14 -113.15
CA VAL VE 115 -46.74 -26.98 -112.16
C VAL VE 115 -47.73 -27.50 -111.13
N ARG VE 116 -48.67 -26.65 -110.70
CA ARG VE 116 -49.57 -27.01 -109.62
C ARG VE 116 -50.39 -28.24 -109.95
N ARG VE 117 -51.16 -28.18 -111.04
CA ARG VE 117 -52.06 -29.28 -111.38
C ARG VE 117 -51.29 -30.57 -111.63
N ALA VE 118 -50.18 -30.48 -112.38
CA ALA VE 118 -49.40 -31.67 -112.69
C ALA VE 118 -48.87 -32.31 -111.43
N CYS VE 119 -48.28 -31.51 -110.54
CA CYS VE 119 -47.74 -32.06 -109.30
C CYS VE 119 -48.83 -32.66 -108.44
N TYR VE 120 -49.98 -31.99 -108.33
CA TYR VE 120 -51.06 -32.50 -107.50
C TYR VE 120 -51.58 -33.82 -108.04
N GLY VE 121 -51.76 -33.92 -109.36
CA GLY VE 121 -52.18 -35.18 -109.95
C GLY VE 121 -51.17 -36.28 -109.72
N VAL VE 122 -49.88 -35.97 -109.83
CA VAL VE 122 -48.86 -36.94 -109.49
C VAL VE 122 -49.03 -37.41 -108.06
N LEU VE 123 -49.32 -36.47 -107.15
CA LEU VE 123 -49.52 -36.83 -105.76
C LEU VE 123 -50.68 -37.81 -105.61
N ARG VE 124 -51.83 -37.50 -106.22
CA ARG VE 124 -52.97 -38.40 -106.11
C ARG VE 124 -52.63 -39.77 -106.67
N PHE VE 125 -51.91 -39.81 -107.79
CA PHE VE 125 -51.52 -41.09 -108.36
C PHE VE 125 -50.60 -41.86 -107.42
N ILE VE 126 -49.76 -41.15 -106.68
CA ILE VE 126 -48.90 -41.81 -105.70
C ILE VE 126 -49.74 -42.44 -104.60
N MET VE 127 -50.64 -41.67 -104.01
CA MET VE 127 -51.43 -42.20 -102.91
C MET VE 127 -52.32 -43.34 -103.36
N GLU VE 128 -52.89 -43.23 -104.56
CA GLU VE 128 -53.66 -44.34 -105.11
C GLU VE 128 -52.76 -45.55 -105.32
N SER VE 129 -51.52 -45.33 -105.75
CA SER VE 129 -50.57 -46.43 -105.93
C SER VE 129 -50.23 -47.11 -104.61
N GLY VE 130 -50.32 -46.40 -103.49
CA GLY VE 130 -50.01 -46.99 -102.21
C GLY VE 130 -48.63 -46.61 -101.71
N ALA VE 131 -48.59 -45.66 -100.77
CA ALA VE 131 -47.33 -45.21 -100.19
C ALA VE 131 -47.61 -44.56 -98.85
N LYS VE 132 -46.58 -44.46 -98.03
CA LYS VE 132 -46.71 -43.82 -96.73
C LYS VE 132 -46.50 -42.31 -96.78
N GLY VE 133 -46.05 -41.77 -97.91
CA GLY VE 133 -45.90 -40.34 -98.04
C GLY VE 133 -45.01 -39.93 -99.20
N CYS VE 134 -45.43 -38.90 -99.94
CA CYS VE 134 -44.71 -38.43 -101.11
C CYS VE 134 -44.37 -36.97 -100.90
N GLU VE 135 -43.10 -36.62 -101.14
CA GLU VE 135 -42.61 -35.26 -100.96
C GLU VE 135 -41.84 -34.85 -102.21
N VAL VE 136 -42.32 -33.83 -102.90
CA VAL VE 136 -41.64 -33.30 -104.07
C VAL VE 136 -41.39 -31.82 -103.84
N VAL VE 137 -40.36 -31.31 -104.52
CA VAL VE 137 -40.04 -29.90 -104.49
C VAL VE 137 -39.68 -29.45 -105.89
N VAL VE 138 -40.01 -28.20 -106.20
CA VAL VE 138 -39.71 -27.61 -107.50
C VAL VE 138 -38.77 -26.45 -107.26
N SER VE 139 -37.59 -26.51 -107.86
CA SER VE 139 -36.60 -25.46 -107.72
C SER VE 139 -36.25 -24.89 -109.08
N GLY VE 140 -35.86 -23.62 -109.11
CA GLY VE 140 -35.66 -22.94 -110.36
C GLY VE 140 -36.63 -21.80 -110.49
N LYS VE 141 -37.06 -21.50 -111.72
CA LYS VE 141 -37.93 -20.37 -111.94
C LYS VE 141 -38.94 -20.70 -113.02
N LEU VE 142 -40.16 -20.23 -112.84
CA LEU VE 142 -41.17 -20.23 -113.90
C LEU VE 142 -40.91 -19.02 -114.79
N ARG VE 143 -41.86 -18.69 -115.66
CA ARG VE 143 -41.75 -17.42 -116.39
C ARG VE 143 -41.81 -16.28 -115.40
N GLY VE 144 -40.90 -15.33 -115.56
CA GLY VE 144 -40.53 -14.41 -114.50
C GLY VE 144 -39.09 -14.63 -114.10
N GLN VE 145 -38.52 -13.61 -113.47
CA GLN VE 145 -37.09 -13.60 -113.27
C GLN VE 145 -36.65 -14.18 -111.94
N ARG VE 146 -37.38 -13.90 -110.87
CA ARG VE 146 -37.01 -14.44 -109.56
C ARG VE 146 -37.23 -15.95 -109.54
N ALA VE 147 -36.38 -16.63 -108.78
CA ALA VE 147 -36.46 -18.08 -108.62
C ALA VE 147 -36.81 -18.39 -107.17
N LYS VE 148 -37.79 -19.25 -106.98
CA LYS VE 148 -38.18 -19.70 -105.65
C LYS VE 148 -38.62 -21.15 -105.72
N SER VE 149 -38.40 -21.88 -104.64
CA SER VE 149 -38.79 -23.27 -104.55
C SER VE 149 -40.22 -23.37 -104.03
N MET VE 150 -40.79 -24.56 -104.17
CA MET VE 150 -42.19 -24.78 -103.81
C MET VE 150 -42.37 -26.26 -103.45
N LYS VE 151 -42.48 -26.53 -102.16
CA LYS VE 151 -42.54 -27.89 -101.66
C LYS VE 151 -43.97 -28.42 -101.68
N PHE VE 152 -44.11 -29.73 -101.86
CA PHE VE 152 -45.38 -30.42 -101.72
C PHE VE 152 -45.18 -31.60 -100.78
N VAL VE 153 -46.04 -31.72 -99.77
CA VAL VE 153 -45.90 -32.72 -98.73
C VAL VE 153 -47.23 -33.41 -98.53
N ASP VE 154 -47.18 -34.64 -98.01
CA ASP VE 154 -48.35 -35.36 -97.55
C ASP VE 154 -47.90 -36.64 -96.88
N GLY VE 155 -48.86 -37.40 -96.36
CA GLY VE 155 -48.54 -38.70 -95.81
C GLY VE 155 -47.53 -38.57 -94.68
N LEU VE 156 -46.46 -39.35 -94.78
CA LEU VE 156 -45.42 -39.36 -93.76
C LEU VE 156 -44.06 -39.27 -94.43
N MET VE 157 -43.10 -38.64 -93.74
CA MET VE 157 -41.74 -38.58 -94.24
C MET VE 157 -40.76 -38.57 -93.08
N ILE VE 158 -39.91 -39.60 -93.01
CA ILE VE 158 -38.80 -39.66 -92.08
C ILE VE 158 -37.67 -38.80 -92.64
N HIS VE 159 -36.79 -38.33 -91.77
CA HIS VE 159 -35.72 -37.45 -92.23
C HIS VE 159 -34.33 -37.82 -91.73
N SER VE 160 -34.21 -38.55 -90.63
CA SER VE 160 -32.91 -38.79 -90.02
C SER VE 160 -32.74 -40.27 -89.74
N GLY VE 161 -31.50 -40.64 -89.43
CA GLY VE 161 -31.20 -42.00 -89.05
C GLY VE 161 -30.99 -42.91 -90.23
N ASP VE 162 -30.56 -44.13 -89.91
CA ASP VE 162 -30.31 -45.13 -90.94
C ASP VE 162 -31.55 -45.49 -91.76
N PRO VE 163 -32.71 -45.80 -91.18
CA PRO VE 163 -33.79 -46.42 -91.98
C PRO VE 163 -34.15 -45.64 -93.24
N VAL VE 164 -33.80 -44.37 -93.32
CA VAL VE 164 -34.06 -43.60 -94.54
C VAL VE 164 -33.37 -44.21 -95.74
N ASN VE 165 -32.26 -44.92 -95.55
CA ASN VE 165 -31.58 -45.52 -96.70
C ASN VE 165 -32.33 -46.72 -97.25
N TYR VE 166 -33.29 -47.27 -96.50
CA TYR VE 166 -34.10 -48.34 -97.06
C TYR VE 166 -35.59 -48.10 -96.97
N TYR VE 167 -36.06 -46.98 -96.43
CA TYR VE 167 -37.49 -46.73 -96.35
C TYR VE 167 -37.97 -45.64 -97.30
N VAL VE 168 -37.14 -44.66 -97.63
CA VAL VE 168 -37.49 -43.61 -98.57
C VAL VE 168 -36.55 -43.68 -99.75
N ASP VE 169 -37.10 -43.65 -100.96
CA ASP VE 169 -36.32 -43.65 -102.18
C ASP VE 169 -36.32 -42.24 -102.76
N THR VE 170 -35.14 -41.64 -102.84
CA THR VE 170 -34.98 -40.28 -103.32
C THR VE 170 -34.79 -40.26 -104.83
N ALA VE 171 -35.09 -39.11 -105.43
CA ALA VE 171 -34.90 -38.92 -106.85
C ALA VE 171 -34.72 -37.43 -107.13
N VAL VE 172 -33.88 -37.14 -108.11
CA VAL VE 172 -33.63 -35.77 -108.55
C VAL VE 172 -33.45 -35.78 -110.05
N ARG VE 173 -33.94 -34.74 -110.71
CA ARG VE 173 -33.77 -34.62 -112.15
C ARG VE 173 -33.64 -33.16 -112.51
N HIS VE 174 -33.13 -32.92 -113.72
CA HIS VE 174 -32.96 -31.58 -114.24
C HIS VE 174 -33.93 -31.40 -115.40
N VAL VE 175 -34.66 -30.28 -115.39
CA VAL VE 175 -35.63 -29.96 -116.42
C VAL VE 175 -35.14 -28.72 -117.15
N LEU VE 176 -34.92 -28.86 -118.46
CA LEU VE 176 -34.50 -27.76 -119.30
C LEU VE 176 -35.72 -27.08 -119.87
N LEU VE 177 -35.77 -25.75 -119.76
CA LEU VE 177 -36.86 -24.97 -120.28
C LEU VE 177 -36.33 -23.91 -121.24
N ARG VE 178 -37.24 -23.07 -121.72
CA ARG VE 178 -36.90 -22.02 -122.65
C ARG VE 178 -36.33 -20.82 -121.92
N GLN VE 179 -36.15 -20.97 -120.61
CA GLN VE 179 -35.68 -19.88 -119.76
C GLN VE 179 -34.61 -20.28 -118.77
N GLY VE 180 -34.24 -21.56 -118.71
CA GLY VE 180 -33.28 -22.02 -117.74
C GLY VE 180 -33.58 -23.45 -117.37
N VAL VE 181 -32.98 -23.88 -116.26
CA VAL VE 181 -33.15 -25.24 -115.76
C VAL VE 181 -33.96 -25.20 -114.48
N LEU VE 182 -34.88 -26.14 -114.35
CA LEU VE 182 -35.73 -26.25 -113.18
C LEU VE 182 -35.40 -27.56 -112.47
N GLY VE 183 -35.12 -27.48 -111.18
CA GLY VE 183 -34.69 -28.64 -110.41
C GLY VE 183 -35.86 -29.31 -109.72
N ILE VE 184 -36.04 -30.60 -110.01
CA ILE VE 184 -37.10 -31.41 -109.44
C ILE VE 184 -36.48 -32.42 -108.49
N LYS VE 185 -37.22 -32.75 -107.44
CA LYS VE 185 -36.77 -33.74 -106.47
C LYS VE 185 -37.99 -34.41 -105.88
N VAL VE 186 -38.00 -35.74 -105.87
CA VAL VE 186 -39.14 -36.52 -105.39
C VAL VE 186 -38.63 -37.53 -104.37
N LYS VE 187 -39.36 -37.67 -103.27
CA LYS VE 187 -39.06 -38.63 -102.23
C LYS VE 187 -40.34 -39.33 -101.82
N ILE VE 188 -40.28 -40.65 -101.68
CA ILE VE 188 -41.44 -41.45 -101.29
C ILE VE 188 -40.99 -42.52 -100.30
N MET VE 189 -41.76 -42.69 -99.23
CA MET VE 189 -41.54 -43.81 -98.32
C MET VE 189 -42.31 -45.02 -98.78
N LEU VE 190 -41.65 -46.15 -98.75
CA LEU VE 190 -42.29 -47.40 -99.18
C LEU VE 190 -42.89 -48.11 -97.97
N PRO VE 191 -44.16 -48.48 -98.02
CA PRO VE 191 -44.77 -49.16 -96.88
C PRO VE 191 -44.12 -50.52 -96.62
N TRP VE 192 -44.10 -50.90 -95.33
CA TRP VE 192 -43.50 -52.16 -94.94
C TRP VE 192 -44.39 -53.35 -95.29
N ASP VE 193 -45.66 -53.10 -95.57
CA ASP VE 193 -46.64 -54.17 -95.72
C ASP VE 193 -46.29 -55.23 -96.76
N PRO VE 194 -45.73 -54.92 -97.94
CA PRO VE 194 -45.49 -55.97 -98.92
C PRO VE 194 -44.61 -57.11 -98.43
N THR VE 195 -43.80 -56.90 -97.40
CA THR VE 195 -43.02 -57.96 -96.74
C THR VE 195 -42.17 -58.73 -97.75
N GLY VE 196 -41.19 -58.00 -98.30
CA GLY VE 196 -40.26 -58.54 -99.27
C GLY VE 196 -40.59 -58.16 -100.69
N LYS VE 197 -41.83 -57.75 -100.97
CA LYS VE 197 -42.17 -57.22 -102.28
C LYS VE 197 -41.72 -55.76 -102.34
N ILE VE 198 -42.25 -55.00 -103.30
CA ILE VE 198 -41.83 -53.63 -103.56
C ILE VE 198 -41.64 -52.83 -102.28
N GLY VE 199 -42.45 -53.11 -101.26
CA GLY VE 199 -42.27 -52.52 -99.96
C GLY VE 199 -41.32 -53.33 -99.11
N PRO VE 200 -40.39 -52.66 -98.44
CA PRO VE 200 -39.26 -53.35 -97.81
C PRO VE 200 -39.69 -54.13 -96.57
N LYS VE 201 -38.78 -55.00 -96.13
CA LYS VE 201 -38.90 -55.69 -94.87
C LYS VE 201 -38.44 -54.77 -93.74
N LYS VE 202 -38.18 -55.33 -92.56
CA LYS VE 202 -37.52 -54.59 -91.48
C LYS VE 202 -38.35 -53.38 -91.07
N PRO VE 203 -39.44 -53.59 -90.34
CA PRO VE 203 -40.28 -52.45 -89.91
C PRO VE 203 -39.48 -51.40 -89.16
N LEU VE 204 -40.00 -50.17 -89.14
CA LEU VE 204 -39.26 -49.07 -88.54
C LEU VE 204 -39.01 -49.36 -87.06
N PRO VE 205 -37.81 -49.00 -86.56
CA PRO VE 205 -37.41 -49.47 -85.22
C PRO VE 205 -38.39 -49.10 -84.12
N ASP VE 206 -38.97 -47.91 -84.18
CA ASP VE 206 -39.95 -47.48 -83.19
C ASP VE 206 -41.36 -47.80 -83.69
N HIS VE 207 -41.59 -49.10 -83.90
CA HIS VE 207 -42.89 -49.57 -84.37
C HIS VE 207 -43.31 -50.81 -83.60
N VAL VE 208 -43.27 -50.71 -82.27
CA VAL VE 208 -43.63 -51.84 -81.42
C VAL VE 208 -45.04 -52.29 -81.75
N SER VE 209 -45.15 -53.51 -82.27
CA SER VE 209 -46.43 -54.11 -82.64
C SER VE 209 -46.69 -55.28 -81.70
N ILE VE 210 -47.87 -55.27 -81.09
CA ILE VE 210 -48.20 -56.21 -80.03
C ILE VE 210 -49.35 -57.08 -80.51
N VAL VE 211 -49.18 -58.40 -80.39
CA VAL VE 211 -50.23 -59.34 -80.75
C VAL VE 211 -51.19 -59.46 -79.59
N GLU VE 212 -52.35 -60.08 -79.82
CA GLU VE 212 -53.34 -60.19 -78.77
C GLU VE 212 -53.38 -61.62 -78.23
N PRO VE 213 -53.75 -61.79 -76.97
CA PRO VE 213 -54.01 -63.12 -76.43
C PRO VE 213 -55.47 -63.52 -76.62
N LYS VE 214 -55.77 -64.75 -76.21
CA LYS VE 214 -57.15 -65.23 -76.16
C LYS VE 214 -57.69 -64.90 -74.77
N ASP VE 215 -58.96 -65.21 -74.50
CA ASP VE 215 -59.52 -64.97 -73.17
C ASP VE 215 -58.80 -65.81 -72.12
N GLU VE 216 -58.60 -67.09 -72.41
CA GLU VE 216 -57.80 -67.99 -71.57
C GLU VE 216 -58.25 -67.96 -70.11
N ILE VE 217 -59.54 -68.18 -69.88
CA ILE VE 217 -60.07 -68.05 -68.53
C ILE VE 217 -59.78 -69.30 -67.70
N LEU VE 218 -60.28 -70.47 -68.13
CA LEU VE 218 -60.10 -71.79 -67.52
C LEU VE 218 -59.89 -71.74 -66.01
N PRO VE 219 -60.81 -71.13 -65.25
CA PRO VE 219 -60.60 -70.98 -63.80
C PRO VE 219 -61.32 -72.02 -62.94
N THR VE 220 -61.94 -73.03 -63.54
CA THR VE 220 -62.79 -73.95 -62.80
C THR VE 220 -61.95 -74.91 -61.97
N THR VE 221 -62.63 -75.85 -61.32
CA THR VE 221 -61.96 -76.84 -60.50
C THR VE 221 -61.05 -77.71 -61.37
N PRO VE 222 -59.88 -78.11 -60.87
CA PRO VE 222 -58.98 -78.95 -61.66
C PRO VE 222 -59.68 -80.17 -62.25
N ILE VE 223 -59.45 -80.40 -63.53
CA ILE VE 223 -60.10 -81.47 -64.28
C ILE VE 223 -59.05 -82.23 -65.08
N SER VE 224 -59.16 -83.55 -65.09
CA SER VE 224 -58.13 -84.45 -65.61
C SER VE 224 -58.58 -85.04 -66.95
N GLU VE 225 -57.99 -84.55 -68.04
CA GLU VE 225 -58.18 -85.17 -69.33
C GLU VE 225 -57.21 -86.34 -69.48
N GLN VE 226 -57.74 -87.53 -69.73
CA GLN VE 226 -56.93 -88.72 -69.88
C GLN VE 226 -56.90 -89.10 -71.36
N LYS VE 227 -55.72 -88.93 -71.98
CA LYS VE 227 -55.50 -89.32 -73.37
C LYS VE 227 -54.02 -89.18 -73.72
N ASP WE 1 5.69 -51.95 -44.20
CA ASP WE 1 5.26 -53.16 -44.90
C ASP WE 1 5.25 -52.93 -46.41
N ILE WE 2 4.91 -51.71 -46.82
CA ILE WE 2 4.80 -51.41 -48.23
C ILE WE 2 6.18 -51.26 -48.87
N LYS WE 3 7.16 -50.75 -48.12
CA LYS WE 3 8.53 -50.58 -48.60
C LYS WE 3 8.57 -49.75 -49.88
N LEU WE 4 8.13 -48.50 -49.75
CA LEU WE 4 8.04 -47.60 -50.89
C LEU WE 4 9.43 -47.23 -51.40
N PHE WE 5 9.68 -47.48 -52.69
CA PHE WE 5 11.00 -47.27 -53.29
C PHE WE 5 12.05 -48.17 -52.61
N GLY WE 6 11.65 -49.38 -52.25
CA GLY WE 6 12.53 -50.25 -51.52
C GLY WE 6 12.95 -49.73 -50.17
N LYS WE 7 12.20 -48.79 -49.61
CA LYS WE 7 12.51 -48.15 -48.34
C LYS WE 7 11.25 -47.44 -47.86
N TRP WE 8 11.41 -46.55 -46.89
CA TRP WE 8 10.42 -45.52 -46.58
C TRP WE 8 9.04 -46.13 -46.34
N SER WE 9 8.99 -46.95 -45.29
CA SER WE 9 7.72 -47.55 -44.89
C SER WE 9 6.71 -46.45 -44.54
N THR WE 10 5.51 -46.60 -45.06
CA THR WE 10 4.48 -45.58 -44.87
C THR WE 10 4.18 -45.34 -43.40
N ASP WE 11 4.19 -46.40 -42.59
CA ASP WE 11 3.74 -46.31 -41.20
C ASP WE 11 4.80 -45.63 -40.33
N ASP WE 12 5.20 -44.44 -40.79
CA ASP WE 12 6.07 -43.55 -40.04
C ASP WE 12 5.60 -42.10 -40.08
N VAL WE 13 4.79 -41.73 -41.05
CA VAL WE 13 4.43 -40.33 -41.29
C VAL WE 13 3.18 -39.98 -40.51
N GLN WE 14 3.15 -38.76 -39.99
CA GLN WE 14 1.97 -38.18 -39.35
C GLN WE 14 1.66 -36.87 -40.04
N ILE WE 15 0.38 -36.51 -40.05
CA ILE WE 15 -0.08 -35.26 -40.65
C ILE WE 15 -0.83 -34.47 -39.58
N ASN WE 16 -0.47 -33.20 -39.42
CA ASN WE 16 -0.89 -32.44 -38.26
C ASN WE 16 -2.38 -32.09 -38.30
N ASP WE 17 -2.78 -31.29 -39.28
CA ASP WE 17 -4.13 -30.75 -39.29
C ASP WE 17 -5.12 -31.78 -39.81
N ILE WE 18 -6.27 -31.88 -39.14
CA ILE WE 18 -7.27 -32.82 -39.58
C ILE WE 18 -8.14 -32.22 -40.69
N SER WE 19 -7.78 -31.05 -41.21
CA SER WE 19 -8.42 -30.56 -42.42
C SER WE 19 -7.92 -31.30 -43.66
N LEU WE 20 -6.89 -32.12 -43.52
CA LEU WE 20 -6.35 -32.83 -44.68
C LEU WE 20 -6.02 -34.29 -44.36
N GLN WE 21 -6.62 -34.87 -43.32
CA GLN WE 21 -6.45 -36.30 -43.10
C GLN WE 21 -7.02 -37.11 -44.26
N ASP WE 22 -8.18 -36.70 -44.76
CA ASP WE 22 -8.78 -37.36 -45.90
C ASP WE 22 -8.19 -36.88 -47.22
N TYR WE 23 -7.36 -35.84 -47.20
CA TYR WE 23 -6.81 -35.28 -48.42
C TYR WE 23 -5.35 -35.66 -48.62
N ILE WE 24 -4.56 -35.72 -47.54
CA ILE WE 24 -3.19 -36.19 -47.66
C ILE WE 24 -3.18 -37.63 -48.16
N ALA WE 25 -2.28 -37.92 -49.09
CA ALA WE 25 -2.30 -39.22 -49.74
C ALA WE 25 -1.03 -40.04 -49.49
N VAL WE 26 -0.64 -40.19 -48.22
CA VAL WE 26 0.55 -40.99 -47.88
C VAL WE 26 0.27 -42.37 -47.27
N LYS WE 27 -0.86 -42.59 -46.61
CA LYS WE 27 -1.01 -43.76 -45.74
C LYS WE 27 -1.11 -45.07 -46.54
N GLU WE 28 -1.35 -46.17 -45.80
CA GLU WE 28 -1.08 -47.50 -46.33
C GLU WE 28 -2.13 -47.95 -47.34
N LYS WE 29 -3.37 -47.48 -47.22
CA LYS WE 29 -4.44 -47.98 -48.10
C LYS WE 29 -4.10 -47.74 -49.56
N TYR WE 30 -3.85 -46.48 -49.92
CA TYR WE 30 -3.31 -46.07 -51.23
C TYR WE 30 -1.78 -45.99 -51.24
N ALA WE 31 -1.12 -47.04 -50.77
CA ALA WE 31 0.34 -47.00 -50.68
C ALA WE 31 0.91 -47.83 -51.82
N LYS WE 32 1.25 -47.17 -52.91
CA LYS WE 32 1.94 -47.84 -54.00
C LYS WE 32 3.45 -47.76 -53.79
N TYR WE 33 4.16 -48.76 -54.29
CA TYR WE 33 5.61 -48.70 -54.22
C TYR WE 33 6.14 -47.49 -54.99
N LEU WE 34 5.58 -47.24 -56.16
CA LEU WE 34 6.01 -46.20 -57.08
C LEU WE 34 4.82 -45.37 -57.52
N PRO WE 35 5.02 -44.09 -57.78
CA PRO WE 35 3.91 -43.23 -58.23
C PRO WE 35 3.69 -43.32 -59.74
N HIS WE 36 2.97 -44.36 -60.16
CA HIS WE 36 2.57 -44.50 -61.56
C HIS WE 36 1.43 -45.49 -61.62
N SER WE 37 0.26 -45.06 -62.08
CA SER WE 37 -0.89 -45.93 -62.16
C SER WE 37 -1.94 -45.31 -63.07
N ALA WE 38 -2.46 -46.10 -64.00
CA ALA WE 38 -3.54 -45.65 -64.88
C ALA WE 38 -4.88 -46.03 -64.27
N GLY WE 39 -5.27 -45.28 -63.25
CA GLY WE 39 -6.44 -45.59 -62.45
C GLY WE 39 -7.61 -44.64 -62.55
N ARG WE 40 -7.64 -43.75 -63.53
CA ARG WE 40 -8.79 -42.86 -63.76
C ARG WE 40 -9.09 -42.00 -62.54
N TYR WE 41 -8.03 -41.50 -61.89
CA TYR WE 41 -8.21 -40.67 -60.71
C TYR WE 41 -8.83 -39.31 -61.03
N ALA WE 42 -9.19 -39.07 -62.30
CA ALA WE 42 -9.87 -37.85 -62.70
C ALA WE 42 -11.12 -38.13 -63.51
N ALA WE 43 -11.52 -39.40 -63.61
CA ALA WE 43 -12.66 -39.77 -64.44
C ALA WE 43 -13.93 -39.10 -63.94
N LYS WE 44 -14.12 -39.07 -62.63
CA LYS WE 44 -15.19 -38.33 -62.00
C LYS WE 44 -14.60 -37.49 -60.88
N ARG WE 45 -15.46 -36.72 -60.21
CA ARG WE 45 -15.01 -35.98 -59.04
C ARG WE 45 -14.73 -36.92 -57.89
N PHE WE 46 -14.29 -36.35 -56.77
CA PHE WE 46 -14.07 -37.09 -55.53
C PHE WE 46 -12.84 -37.98 -55.61
N ARG WE 47 -12.20 -38.06 -56.78
CA ARG WE 47 -11.16 -39.05 -56.99
C ARG WE 47 -9.75 -38.49 -56.90
N LYS WE 48 -9.54 -37.23 -57.25
CA LYS WE 48 -8.20 -36.66 -57.13
C LYS WE 48 -7.75 -36.54 -55.69
N ALA WE 49 -8.67 -36.58 -54.72
CA ALA WE 49 -8.29 -36.53 -53.32
C ALA WE 49 -7.56 -37.80 -52.91
N GLN WE 50 -8.07 -38.96 -53.31
CA GLN WE 50 -7.46 -40.24 -52.97
C GLN WE 50 -6.30 -40.59 -53.88
N CYS WE 51 -6.04 -39.79 -54.90
CA CYS WE 51 -4.86 -40.00 -55.73
C CYS WE 51 -3.62 -39.84 -54.88
N PRO WE 52 -2.66 -40.77 -54.95
CA PRO WE 52 -1.48 -40.67 -54.10
C PRO WE 52 -0.74 -39.36 -54.31
N ILE WE 53 -0.28 -38.77 -53.21
CA ILE WE 53 0.33 -37.45 -53.28
C ILE WE 53 1.65 -37.49 -54.04
N VAL WE 54 2.39 -38.60 -53.93
CA VAL WE 54 3.57 -38.77 -54.76
C VAL WE 54 3.15 -38.94 -56.22
N GLU WE 55 2.07 -39.67 -56.45
CA GLU WE 55 1.47 -39.69 -57.78
C GLU WE 55 1.12 -38.27 -58.22
N ARG WE 56 0.58 -37.46 -57.29
CA ARG WE 56 0.26 -36.08 -57.62
C ARG WE 56 1.51 -35.30 -57.98
N LEU WE 57 2.61 -35.51 -57.27
CA LEU WE 57 3.84 -34.81 -57.59
C LEU WE 57 4.34 -35.21 -58.98
N THR WE 58 4.66 -36.50 -59.15
CA THR WE 58 5.12 -36.96 -60.47
C THR WE 58 4.10 -36.68 -61.57
N ASN WE 59 2.89 -36.29 -61.20
CA ASN WE 59 1.88 -35.87 -62.16
C ASN WE 59 1.94 -34.38 -62.46
N SER WE 60 2.32 -33.57 -61.48
CA SER WE 60 2.36 -32.12 -61.67
C SER WE 60 3.68 -31.65 -62.27
N MET WE 61 4.79 -32.30 -61.91
CA MET WE 61 6.09 -31.92 -62.46
C MET WE 61 6.11 -32.00 -63.98
N MET WE 62 5.28 -32.86 -64.57
CA MET WE 62 5.21 -33.01 -66.01
C MET WE 62 4.34 -31.93 -66.64
N MET WE 63 4.78 -30.69 -66.64
CA MET WE 63 4.04 -29.70 -67.42
C MET WE 63 4.94 -28.51 -67.74
N HIS WE 64 5.34 -28.40 -68.99
CA HIS WE 64 5.57 -27.08 -69.56
C HIS WE 64 5.26 -27.04 -71.06
N GLY WE 65 4.58 -28.03 -71.61
CA GLY WE 65 4.47 -28.15 -73.06
C GLY WE 65 5.69 -28.82 -73.63
N ARG WE 66 6.85 -28.56 -73.04
CA ARG WE 66 8.08 -29.27 -73.38
C ARG WE 66 8.15 -30.65 -72.75
N ASN WE 67 7.25 -30.94 -71.81
CA ASN WE 67 7.27 -32.19 -71.05
C ASN WE 67 5.84 -32.51 -70.64
N ASN WE 68 5.16 -33.33 -71.45
CA ASN WE 68 3.75 -33.65 -71.21
C ASN WE 68 3.46 -35.13 -71.30
N GLY WE 69 4.46 -35.96 -71.58
CA GLY WE 69 4.27 -37.40 -71.63
C GLY WE 69 5.43 -38.15 -71.04
N LYS WE 70 6.42 -37.41 -70.56
CA LYS WE 70 7.66 -38.02 -70.07
C LYS WE 70 7.52 -38.39 -68.58
N LYS WE 71 6.48 -39.19 -68.31
CA LYS WE 71 6.20 -39.61 -66.95
C LYS WE 71 7.38 -40.40 -66.37
N LEU WE 72 8.06 -41.17 -67.21
CA LEU WE 72 9.20 -41.95 -66.74
C LEU WE 72 10.31 -41.04 -66.23
N MET WE 73 10.65 -40.00 -66.99
CA MET WE 73 11.68 -39.10 -66.51
C MET WE 73 11.21 -38.34 -65.29
N THR WE 74 9.91 -38.01 -65.24
CA THR WE 74 9.38 -37.38 -64.04
C THR WE 74 9.62 -38.28 -62.83
N VAL WE 75 9.33 -39.56 -62.98
CA VAL WE 75 9.50 -40.50 -61.88
C VAL WE 75 10.96 -40.57 -61.46
N ARG WE 76 11.88 -40.66 -62.42
CA ARG WE 76 13.28 -40.78 -62.03
C ARG WE 76 13.82 -39.50 -61.41
N ILE WE 77 13.45 -38.33 -61.95
CA ILE WE 77 13.95 -37.09 -61.37
C ILE WE 77 13.42 -36.91 -59.95
N VAL WE 78 12.13 -37.23 -59.73
CA VAL WE 78 11.61 -37.03 -58.39
C VAL WE 78 12.13 -38.13 -57.46
N LYS WE 79 12.49 -39.29 -58.00
CA LYS WE 79 13.13 -40.32 -57.19
C LYS WE 79 14.48 -39.86 -56.69
N HIS WE 80 15.30 -39.32 -57.60
CA HIS WE 80 16.53 -38.69 -57.16
C HIS WE 80 16.25 -37.58 -56.17
N ALA WE 81 15.13 -36.89 -56.34
CA ALA WE 81 14.77 -35.82 -55.41
C ALA WE 81 14.56 -36.35 -54.00
N PHE WE 82 13.75 -37.41 -53.84
CA PHE WE 82 13.59 -37.96 -52.49
C PHE WE 82 14.89 -38.55 -51.97
N GLU WE 83 15.64 -39.22 -52.84
CA GLU WE 83 16.88 -39.83 -52.39
C GLU WE 83 17.82 -38.76 -51.86
N ILE WE 84 17.79 -37.57 -52.46
CA ILE WE 84 18.60 -36.51 -51.90
C ILE WE 84 17.89 -35.78 -50.77
N ILE WE 85 16.57 -35.88 -50.65
CA ILE WE 85 16.00 -35.28 -49.46
C ILE WE 85 16.32 -36.14 -48.24
N HIS WE 86 16.44 -37.45 -48.42
CA HIS WE 86 16.89 -38.31 -47.34
C HIS WE 86 18.30 -37.98 -46.93
N LEU WE 87 19.18 -37.70 -47.90
CA LEU WE 87 20.56 -37.49 -47.49
C LEU WE 87 20.73 -36.09 -46.94
N LEU WE 88 19.73 -35.23 -47.16
CA LEU WE 88 19.65 -33.94 -46.48
C LEU WE 88 19.51 -34.09 -44.98
N THR WE 89 18.51 -34.82 -44.51
CA THR WE 89 18.19 -34.78 -43.10
C THR WE 89 17.91 -36.16 -42.49
N GLY WE 90 17.50 -37.13 -43.30
CA GLY WE 90 17.40 -38.51 -42.86
C GLY WE 90 16.01 -38.99 -42.51
N GLU WE 91 15.05 -38.09 -42.37
CA GLU WE 91 13.69 -38.54 -42.04
C GLU WE 91 13.03 -39.13 -43.28
N ASN WE 92 11.83 -39.65 -43.08
CA ASN WE 92 11.05 -40.14 -44.20
C ASN WE 92 10.75 -38.99 -45.15
N PRO WE 93 11.10 -39.10 -46.42
CA PRO WE 93 10.78 -38.03 -47.38
C PRO WE 93 9.30 -37.72 -47.45
N LEU WE 94 8.43 -38.70 -47.22
CA LEU WE 94 7.01 -38.42 -47.19
C LEU WE 94 6.68 -37.43 -46.07
N GLN WE 95 7.37 -37.55 -44.94
CA GLN WE 95 7.13 -36.66 -43.81
C GLN WE 95 7.45 -35.21 -44.18
N VAL WE 96 8.63 -34.97 -44.74
CA VAL WE 96 8.99 -33.61 -45.12
C VAL WE 96 8.12 -33.10 -46.26
N LEU WE 97 7.72 -33.99 -47.17
CA LEU WE 97 6.80 -33.60 -48.23
C LEU WE 97 5.49 -33.08 -47.65
N VAL WE 98 4.85 -33.85 -46.77
CA VAL WE 98 3.57 -33.42 -46.24
C VAL WE 98 3.73 -32.20 -45.34
N ASN WE 99 4.89 -32.06 -44.68
CA ASN WE 99 5.13 -30.83 -43.93
C ASN WE 99 5.18 -29.63 -44.86
N ALA WE 100 5.81 -29.79 -46.02
CA ALA WE 100 5.79 -28.73 -47.02
C ALA WE 100 4.36 -28.45 -47.47
N ILE WE 101 3.58 -29.50 -47.67
CA ILE WE 101 2.21 -29.31 -48.16
C ILE WE 101 1.39 -28.51 -47.15
N ILE WE 102 1.41 -28.92 -45.89
CA ILE WE 102 0.62 -28.21 -44.88
C ILE WE 102 1.17 -26.81 -44.67
N ASN WE 103 2.49 -26.63 -44.74
CA ASN WE 103 3.08 -25.33 -44.54
C ASN WE 103 2.75 -24.37 -45.67
N SER WE 104 2.69 -24.86 -46.90
CA SER WE 104 2.57 -24.01 -48.08
C SER WE 104 1.17 -24.05 -48.69
N GLY WE 105 0.14 -24.16 -47.86
CA GLY WE 105 -1.21 -24.13 -48.34
C GLY WE 105 -1.93 -22.84 -47.95
N PRO WE 106 -2.10 -21.94 -48.92
CA PRO WE 106 -2.84 -20.71 -48.63
C PRO WE 106 -4.26 -21.00 -48.18
N ARG WE 107 -4.68 -20.33 -47.12
CA ARG WE 107 -6.00 -20.50 -46.54
C ARG WE 107 -7.02 -19.50 -47.09
N GLU WE 108 -6.56 -18.30 -47.42
CA GLU WE 108 -7.45 -17.19 -47.72
C GLU WE 108 -7.07 -16.55 -49.06
N ASP WE 109 -8.07 -16.18 -49.84
CA ASP WE 109 -7.85 -15.44 -51.07
C ASP WE 109 -9.13 -14.72 -51.46
N SER WE 110 -9.00 -13.80 -52.40
CA SER WE 110 -10.07 -12.86 -52.73
C SER WE 110 -10.60 -13.12 -54.13
N THR WE 111 -11.92 -13.27 -54.23
CA THR WE 111 -12.59 -13.36 -55.52
C THR WE 111 -13.99 -12.79 -55.39
N ARG WE 112 -14.40 -11.99 -56.37
CA ARG WE 112 -15.74 -11.41 -56.42
C ARG WE 112 -16.04 -11.09 -57.88
N ILE WE 113 -17.15 -10.39 -58.12
CA ILE WE 113 -17.59 -10.14 -59.49
C ILE WE 113 -17.61 -8.67 -59.87
N GLY WE 114 -17.88 -7.76 -58.93
CA GLY WE 114 -17.91 -6.35 -59.26
C GLY WE 114 -16.54 -5.82 -59.62
N ARG WE 115 -16.44 -4.50 -59.64
CA ARG WE 115 -15.17 -3.86 -59.97
C ARG WE 115 -14.11 -4.27 -58.95
N ALA WE 116 -13.13 -5.04 -59.40
CA ALA WE 116 -12.12 -5.59 -58.50
C ALA WE 116 -11.33 -4.47 -57.85
N GLY WE 117 -11.08 -4.61 -56.55
CA GLY WE 117 -10.29 -3.63 -55.83
C GLY WE 117 -8.86 -3.61 -56.33
N THR WE 118 -8.10 -4.66 -56.05
CA THR WE 118 -6.77 -4.84 -56.61
C THR WE 118 -6.62 -6.15 -57.37
N VAL WE 119 -7.17 -7.25 -56.86
CA VAL WE 119 -7.32 -8.47 -57.63
C VAL WE 119 -8.81 -8.78 -57.71
N ARG WE 120 -9.50 -8.67 -56.58
CA ARG WE 120 -10.95 -8.78 -56.51
C ARG WE 120 -11.41 -7.92 -55.33
N ARG WE 121 -12.68 -8.07 -54.93
CA ARG WE 121 -13.25 -7.27 -53.84
C ARG WE 121 -13.29 -8.02 -52.52
N GLN WE 122 -14.00 -9.15 -52.47
CA GLN WE 122 -14.23 -9.88 -51.23
C GLN WE 122 -13.30 -11.08 -51.17
N ALA WE 123 -12.75 -11.32 -49.98
CA ALA WE 123 -11.91 -12.49 -49.76
C ALA WE 123 -12.74 -13.66 -49.26
N VAL WE 124 -12.30 -14.87 -49.60
CA VAL WE 124 -13.01 -16.10 -49.24
C VAL WE 124 -11.99 -17.21 -49.04
N ASP WE 125 -12.29 -18.11 -48.10
CA ASP WE 125 -11.38 -19.20 -47.81
C ASP WE 125 -11.43 -20.26 -48.90
N VAL WE 126 -10.35 -21.02 -48.99
CA VAL WE 126 -10.23 -22.09 -49.98
C VAL WE 126 -10.77 -23.37 -49.38
N SER WE 127 -11.15 -24.29 -50.24
CA SER WE 127 -11.45 -25.65 -49.82
C SER WE 127 -10.15 -26.39 -49.52
N PRO WE 128 -10.17 -27.31 -48.57
CA PRO WE 128 -8.91 -28.00 -48.25
C PRO WE 128 -8.64 -29.15 -49.19
N LEU WE 129 -8.92 -28.94 -50.46
CA LEU WE 129 -8.39 -29.75 -51.55
C LEU WE 129 -7.80 -28.89 -52.66
N ARG WE 130 -8.42 -27.75 -52.96
CA ARG WE 130 -7.70 -26.71 -53.68
C ARG WE 130 -6.46 -26.29 -52.91
N ARG WE 131 -6.53 -26.33 -51.58
CA ARG WE 131 -5.36 -26.11 -50.75
C ARG WE 131 -4.19 -26.93 -51.24
N VAL WE 132 -4.33 -28.26 -51.18
CA VAL WE 132 -3.25 -29.13 -51.61
C VAL WE 132 -3.03 -29.00 -53.12
N ASN WE 133 -4.08 -28.71 -53.88
CA ASN WE 133 -3.94 -28.56 -55.32
C ASN WE 133 -2.90 -27.50 -55.65
N GLN WE 134 -3.18 -26.25 -55.28
CA GLN WE 134 -2.21 -25.20 -55.54
C GLN WE 134 -0.94 -25.39 -54.73
N ALA WE 135 -0.98 -26.11 -53.61
CA ALA WE 135 0.28 -26.42 -52.93
C ALA WE 135 1.22 -27.15 -53.88
N ILE WE 136 0.73 -28.23 -54.48
CA ILE WE 136 1.53 -28.98 -55.45
C ILE WE 136 1.90 -28.09 -56.62
N TRP WE 137 0.93 -27.28 -57.08
CA TRP WE 137 1.16 -26.45 -58.25
C TRP WE 137 2.31 -25.48 -58.02
N LEU WE 138 2.24 -24.71 -56.94
CA LEU WE 138 3.26 -23.70 -56.68
C LEU WE 138 4.59 -24.35 -56.33
N LEU WE 139 4.58 -25.53 -55.70
CA LEU WE 139 5.83 -26.24 -55.52
C LEU WE 139 6.47 -26.56 -56.87
N CYS WE 140 5.66 -27.04 -57.81
CA CYS WE 140 6.16 -27.35 -59.13
C CYS WE 140 6.74 -26.13 -59.81
N THR WE 141 6.00 -25.03 -59.82
CA THR WE 141 6.46 -23.83 -60.51
C THR WE 141 7.71 -23.26 -59.85
N GLY WE 142 7.76 -23.26 -58.51
CA GLY WE 142 8.91 -22.75 -57.81
C GLY WE 142 10.15 -23.60 -57.99
N ALA WE 143 9.99 -24.89 -58.23
CA ALA WE 143 11.15 -25.66 -58.66
C ALA WE 143 11.51 -25.36 -60.11
N ARG WE 144 10.49 -25.22 -60.96
CA ARG WE 144 10.72 -25.12 -62.39
C ARG WE 144 11.47 -23.86 -62.76
N GLU WE 145 10.97 -22.71 -62.31
CA GLU WE 145 11.60 -21.45 -62.72
C GLU WE 145 12.98 -21.32 -62.09
N ALA WE 146 13.21 -22.00 -60.96
CA ALA WE 146 14.54 -22.00 -60.37
C ALA WE 146 15.50 -22.86 -61.18
N ALA WE 147 15.02 -23.99 -61.70
CA ALA WE 147 15.89 -24.87 -62.48
C ALA WE 147 15.95 -24.48 -63.95
N PHE WE 148 15.21 -23.46 -64.38
CA PHE WE 148 15.14 -23.08 -65.79
C PHE WE 148 16.50 -22.71 -66.36
N ARG WE 149 17.11 -21.63 -65.86
CA ARG WE 149 18.37 -21.15 -66.37
C ARG WE 149 19.50 -21.35 -65.36
N ASN WE 150 19.49 -22.47 -64.65
CA ASN WE 150 20.45 -22.74 -63.60
C ASN WE 150 21.21 -24.03 -63.89
N ILE WE 151 22.46 -24.06 -63.41
CA ILE WE 151 23.27 -25.26 -63.57
C ILE WE 151 22.66 -26.42 -62.77
N LYS WE 152 22.22 -26.15 -61.55
CA LYS WE 152 21.64 -27.21 -60.75
C LYS WE 152 20.36 -27.73 -61.39
N THR WE 153 20.20 -29.05 -61.38
CA THR WE 153 19.14 -29.67 -62.14
C THR WE 153 17.82 -29.62 -61.37
N ILE WE 154 16.79 -30.19 -61.99
CA ILE WE 154 15.44 -30.15 -61.44
C ILE WE 154 15.34 -30.88 -60.11
N ALA WE 155 16.15 -31.92 -59.90
CA ALA WE 155 16.02 -32.71 -58.67
C ALA WE 155 16.41 -31.88 -57.45
N GLU WE 156 17.59 -31.27 -57.50
CA GLU WE 156 17.99 -30.47 -56.35
C GLU WE 156 17.09 -29.27 -56.16
N CYS WE 157 16.65 -28.65 -57.26
CA CYS WE 157 15.73 -27.51 -57.17
C CYS WE 157 14.39 -27.91 -56.58
N LEU WE 158 13.98 -29.17 -56.78
CA LEU WE 158 12.83 -29.69 -56.07
C LEU WE 158 13.12 -29.82 -54.59
N ALA WE 159 14.25 -30.45 -54.26
CA ALA WE 159 14.50 -30.84 -52.88
C ALA WE 159 14.70 -29.64 -51.96
N ASP WE 160 15.48 -28.65 -52.41
CA ASP WE 160 15.83 -27.56 -51.50
C ASP WE 160 14.59 -26.75 -51.19
N GLU WE 161 13.75 -26.51 -52.21
CA GLU WE 161 12.49 -25.83 -51.93
C GLU WE 161 11.55 -26.70 -51.10
N LEU WE 162 11.62 -28.02 -51.26
CA LEU WE 162 10.81 -28.88 -50.41
C LEU WE 162 11.13 -28.65 -48.94
N ILE WE 163 12.41 -28.71 -48.58
CA ILE WE 163 12.76 -28.45 -47.18
C ILE WE 163 12.48 -26.99 -46.83
N ASN WE 164 12.69 -26.08 -47.78
CA ASN WE 164 12.45 -24.67 -47.51
C ASN WE 164 11.01 -24.42 -47.09
N ALA WE 165 10.08 -25.04 -47.80
CA ALA WE 165 8.67 -24.92 -47.45
C ALA WE 165 8.33 -25.72 -46.20
N ALA WE 166 8.93 -26.91 -46.05
CA ALA WE 166 8.57 -27.77 -44.94
C ALA WE 166 8.92 -27.14 -43.60
N LYS WE 167 10.15 -26.64 -43.46
CA LYS WE 167 10.45 -25.92 -42.23
C LYS WE 167 9.86 -24.51 -42.27
N GLY WE 168 9.83 -23.90 -43.45
CA GLY WE 168 9.28 -22.57 -43.57
C GLY WE 168 10.38 -21.53 -43.39
N SER WE 169 10.76 -20.85 -44.47
CA SER WE 169 11.87 -19.93 -44.39
C SER WE 169 11.63 -18.60 -45.09
N SER WE 170 10.48 -18.42 -45.74
CA SER WE 170 10.15 -17.19 -46.47
C SER WE 170 11.18 -16.84 -47.53
N ASN WE 171 11.92 -17.84 -48.02
CA ASN WE 171 12.82 -17.65 -49.15
C ASN WE 171 12.50 -18.56 -50.33
N SER WE 172 11.72 -19.62 -50.10
CA SER WE 172 11.25 -20.41 -51.21
C SER WE 172 10.08 -19.74 -51.89
N TYR WE 173 9.87 -20.10 -53.15
CA TYR WE 173 8.84 -19.47 -53.97
C TYR WE 173 7.44 -19.76 -53.44
N ALA WE 174 7.21 -21.00 -52.99
CA ALA WE 174 5.87 -21.39 -52.56
C ALA WE 174 5.41 -20.60 -51.35
N ILE WE 175 6.27 -20.51 -50.32
CA ILE WE 175 5.89 -19.78 -49.11
C ILE WE 175 5.72 -18.30 -49.42
N LYS WE 176 6.55 -17.76 -50.30
CA LYS WE 176 6.43 -16.37 -50.69
C LYS WE 176 5.08 -16.10 -51.34
N LYS WE 177 4.71 -16.90 -52.33
CA LYS WE 177 3.42 -16.71 -52.96
C LYS WE 177 2.29 -16.92 -51.97
N LYS WE 178 2.42 -17.89 -51.08
CA LYS WE 178 1.37 -18.19 -50.13
C LYS WE 178 1.10 -17.00 -49.22
N ASP WE 179 2.15 -16.48 -48.59
CA ASP WE 179 1.91 -15.40 -47.64
C ASP WE 179 1.56 -14.11 -48.34
N GLU WE 180 2.06 -13.90 -49.58
CA GLU WE 180 1.61 -12.73 -50.33
C GLU WE 180 0.12 -12.82 -50.62
N LEU WE 181 -0.35 -13.99 -51.04
CA LEU WE 181 -1.78 -14.15 -51.29
C LEU WE 181 -2.59 -13.97 -50.01
N GLU WE 182 -2.12 -14.55 -48.90
CA GLU WE 182 -2.87 -14.43 -47.65
C GLU WE 182 -2.95 -12.97 -47.22
N ARG WE 183 -1.85 -12.23 -47.31
CA ARG WE 183 -1.87 -10.84 -46.88
C ARG WE 183 -2.72 -9.99 -47.80
N VAL WE 184 -2.61 -10.17 -49.12
CA VAL WE 184 -3.42 -9.37 -50.03
C VAL WE 184 -4.88 -9.73 -49.91
N ALA WE 185 -5.19 -10.95 -49.48
CA ALA WE 185 -6.58 -11.33 -49.26
C ALA WE 185 -7.15 -10.62 -48.05
N LYS WE 186 -6.35 -10.49 -46.98
CA LYS WE 186 -6.85 -9.86 -45.77
C LYS WE 186 -7.18 -8.39 -46.01
N SER WE 187 -6.39 -7.71 -46.84
CA SER WE 187 -6.74 -6.35 -47.23
C SER WE 187 -8.04 -6.29 -48.02
N ASN WE 188 -8.49 -7.42 -48.57
CA ASN WE 188 -9.75 -7.50 -49.26
C ASN WE 188 -10.67 -8.51 -48.57
N ARG WE 189 -10.50 -8.63 -47.26
CA ARG WE 189 -11.36 -9.47 -46.42
C ARG WE 189 -12.81 -9.07 -46.64
N MET XE 1 -13.91 -32.67 -144.29
CA MET XE 1 -12.60 -33.04 -143.77
C MET XE 1 -11.81 -33.75 -144.87
N LEU XE 2 -10.51 -33.42 -144.95
CA LEU XE 2 -9.61 -33.90 -145.99
C LEU XE 2 -9.46 -35.41 -146.01
N MET XE 3 -10.10 -36.10 -145.09
CA MET XE 3 -9.97 -37.56 -145.00
C MET XE 3 -10.46 -38.21 -146.30
N PRO XE 4 -9.61 -39.04 -146.97
CA PRO XE 4 -9.94 -39.52 -148.32
C PRO XE 4 -10.73 -40.82 -148.40
N LYS XE 5 -11.17 -41.18 -149.61
CA LYS XE 5 -12.19 -42.20 -149.78
C LYS XE 5 -11.82 -43.53 -149.13
N LYS XE 6 -10.54 -43.85 -149.01
CA LYS XE 6 -10.17 -45.20 -148.55
C LYS XE 6 -10.69 -45.47 -147.14
N ASN XE 7 -10.37 -44.60 -146.19
CA ASN XE 7 -10.90 -44.81 -144.85
C ASN XE 7 -12.41 -44.58 -144.80
N ARG XE 8 -12.94 -43.78 -145.71
CA ARG XE 8 -14.38 -43.55 -145.74
C ARG XE 8 -15.14 -44.84 -146.03
N ILE XE 9 -14.72 -45.58 -147.06
CA ILE XE 9 -15.34 -46.88 -147.30
C ILE XE 9 -14.74 -47.96 -146.42
N ALA XE 10 -13.75 -47.61 -145.59
CA ALA XE 10 -13.33 -48.50 -144.52
C ALA XE 10 -14.18 -48.35 -143.27
N ILE XE 11 -14.94 -47.27 -143.16
CA ILE XE 11 -15.80 -47.10 -142.00
C ILE XE 11 -17.28 -47.33 -142.35
N TYR XE 12 -17.72 -46.87 -143.52
CA TYR XE 12 -19.16 -46.93 -143.81
C TYR XE 12 -19.65 -48.37 -143.90
N GLU XE 13 -18.89 -49.26 -144.56
CA GLU XE 13 -19.27 -50.67 -144.61
C GLU XE 13 -19.20 -51.32 -143.23
N LEU XE 14 -18.28 -50.84 -142.39
CA LEU XE 14 -18.19 -51.33 -141.03
C LEU XE 14 -19.47 -51.01 -140.27
N LEU XE 15 -20.00 -49.81 -140.49
CA LEU XE 15 -21.33 -49.47 -140.00
C LEU XE 15 -22.39 -50.35 -140.63
N PHE XE 16 -22.20 -50.74 -141.89
CA PHE XE 16 -23.17 -51.58 -142.55
C PHE XE 16 -23.34 -52.92 -141.87
N LYS XE 17 -22.23 -53.64 -141.65
CA LYS XE 17 -22.39 -55.01 -141.19
C LYS XE 17 -22.84 -55.05 -139.73
N GLU XE 18 -22.54 -54.00 -138.97
CA GLU XE 18 -22.94 -53.90 -137.57
C GLU XE 18 -23.64 -52.56 -137.38
N GLY XE 19 -24.88 -52.61 -136.89
CA GLY XE 19 -25.73 -51.44 -136.90
C GLY XE 19 -25.44 -50.35 -135.90
N VAL XE 20 -24.25 -50.33 -135.29
CA VAL XE 20 -23.92 -49.34 -134.27
C VAL XE 20 -22.43 -49.34 -134.03
N MET XE 21 -21.90 -48.22 -133.54
CA MET XE 21 -20.54 -48.20 -133.03
C MET XE 21 -20.49 -47.44 -131.71
N VAL XE 22 -19.33 -47.53 -131.05
CA VAL XE 22 -18.97 -46.73 -129.90
C VAL XE 22 -17.58 -46.17 -130.13
N ALA XE 23 -17.39 -44.89 -129.79
CA ALA XE 23 -16.08 -44.28 -129.89
C ALA XE 23 -15.90 -43.34 -128.71
N LYS XE 24 -14.68 -43.34 -128.17
CA LYS XE 24 -14.35 -42.50 -127.04
C LYS XE 24 -14.01 -41.10 -127.52
N LYS XE 25 -14.47 -40.09 -126.77
CA LYS XE 25 -14.18 -38.71 -127.13
C LYS XE 25 -12.71 -38.42 -126.87
N ASP XE 26 -11.88 -38.59 -127.91
CA ASP XE 26 -10.45 -38.35 -127.79
C ASP XE 26 -9.92 -37.82 -129.11
N VAL XE 27 -9.53 -36.55 -129.12
CA VAL XE 27 -8.99 -35.93 -130.32
C VAL XE 27 -7.57 -36.37 -130.62
N HIS XE 28 -6.89 -37.01 -129.67
CA HIS XE 28 -5.46 -37.28 -129.81
C HIS XE 28 -5.17 -38.77 -129.75
N MET XE 29 -6.16 -39.61 -130.02
CA MET XE 29 -5.92 -41.05 -130.02
C MET XE 29 -5.67 -41.45 -131.47
N PRO XE 30 -4.46 -41.88 -131.83
CA PRO XE 30 -4.16 -42.17 -133.24
C PRO XE 30 -4.63 -43.54 -133.72
N LYS XE 31 -5.17 -44.39 -132.86
CA LYS XE 31 -5.52 -45.76 -133.26
C LYS XE 31 -6.89 -46.12 -132.71
N HIS XE 32 -7.92 -46.04 -133.56
CA HIS XE 32 -9.25 -46.46 -133.15
C HIS XE 32 -9.24 -47.98 -133.01
N PRO XE 33 -9.55 -48.52 -131.82
CA PRO XE 33 -9.21 -49.94 -131.57
C PRO XE 33 -9.87 -50.95 -132.49
N GLU XE 34 -11.19 -50.88 -132.67
CA GLU XE 34 -11.91 -52.03 -133.21
C GLU XE 34 -11.46 -52.42 -134.61
N LEU XE 35 -11.03 -51.46 -135.42
CA LEU XE 35 -10.51 -51.77 -136.76
C LEU XE 35 -9.01 -51.62 -136.85
N ALA XE 36 -8.43 -50.59 -136.24
CA ALA XE 36 -7.00 -50.48 -136.02
C ALA XE 36 -6.20 -50.58 -137.33
N ASP XE 37 -6.06 -51.79 -137.86
CA ASP XE 37 -5.16 -52.06 -138.96
C ASP XE 37 -5.54 -51.25 -140.19
N LYS XE 38 -6.76 -50.74 -140.23
CA LYS XE 38 -7.19 -49.83 -141.28
C LYS XE 38 -6.43 -48.51 -141.23
N ASN XE 39 -5.63 -48.28 -140.18
CA ASN XE 39 -4.78 -47.09 -140.05
C ASN XE 39 -5.61 -45.82 -139.96
N VAL XE 40 -6.50 -45.79 -138.97
CA VAL XE 40 -7.37 -44.64 -138.76
C VAL XE 40 -7.38 -44.26 -137.28
N PRO XE 41 -7.30 -42.99 -136.96
CA PRO XE 41 -7.42 -42.57 -135.56
C PRO XE 41 -8.86 -42.32 -135.15
N ASN XE 42 -9.04 -41.86 -133.91
CA ASN XE 42 -10.37 -41.53 -133.41
C ASN XE 42 -11.00 -40.39 -134.19
N LEU XE 43 -10.19 -39.48 -134.72
CA LEU XE 43 -10.73 -38.25 -135.29
C LEU XE 43 -11.67 -38.52 -136.46
N HIS XE 44 -11.12 -39.02 -137.56
CA HIS XE 44 -11.92 -39.03 -138.77
C HIS XE 44 -13.24 -39.77 -138.60
N VAL XE 45 -13.27 -40.84 -137.80
CA VAL XE 45 -14.49 -41.63 -137.68
C VAL XE 45 -15.60 -40.78 -137.07
N MET XE 46 -15.31 -40.06 -135.97
CA MET XE 46 -16.42 -39.38 -135.34
C MET XE 46 -16.69 -38.04 -136.01
N LYS XE 47 -15.70 -37.43 -136.66
CA LYS XE 47 -16.00 -36.24 -137.46
C LYS XE 47 -16.94 -36.59 -138.60
N ALA XE 48 -16.58 -37.63 -139.37
CA ALA XE 48 -17.38 -38.02 -140.51
C ALA XE 48 -18.76 -38.47 -140.06
N MET XE 49 -18.85 -39.17 -138.94
CA MET XE 49 -20.15 -39.68 -138.59
C MET XE 49 -20.98 -38.64 -137.84
N GLN XE 50 -20.35 -37.58 -137.32
CA GLN XE 50 -21.10 -36.39 -136.95
C GLN XE 50 -21.66 -35.70 -138.19
N SER XE 51 -20.90 -35.72 -139.28
CA SER XE 51 -21.45 -35.24 -140.54
C SER XE 51 -22.66 -36.07 -140.95
N LEU XE 52 -22.57 -37.39 -140.78
CA LEU XE 52 -23.71 -38.26 -141.02
C LEU XE 52 -24.89 -37.88 -140.15
N LYS XE 53 -24.63 -37.60 -138.87
CA LYS XE 53 -25.67 -37.06 -137.99
C LYS XE 53 -26.31 -35.83 -138.61
N SER XE 54 -25.48 -34.89 -139.07
CA SER XE 54 -26.00 -33.65 -139.64
C SER XE 54 -26.83 -33.89 -140.90
N ARG XE 55 -26.52 -34.96 -141.63
CA ARG XE 55 -27.35 -35.30 -142.79
C ARG XE 55 -28.67 -35.93 -142.37
N GLY XE 56 -28.84 -36.23 -141.09
CA GLY XE 56 -30.04 -36.88 -140.62
C GLY XE 56 -30.03 -38.39 -140.68
N TYR XE 57 -28.96 -38.99 -141.21
CA TYR XE 57 -28.89 -40.44 -141.28
C TYR XE 57 -28.74 -41.07 -139.90
N VAL XE 58 -28.02 -40.41 -139.00
CA VAL XE 58 -27.58 -41.02 -137.75
C VAL XE 58 -27.97 -40.13 -136.59
N LYS XE 59 -28.35 -40.75 -135.47
CA LYS XE 59 -28.59 -40.08 -134.21
C LYS XE 59 -27.78 -40.74 -133.11
N GLU XE 60 -27.41 -39.96 -132.10
CA GLU XE 60 -26.41 -40.40 -131.14
C GLU XE 60 -26.84 -40.11 -129.71
N GLN XE 61 -26.15 -40.77 -128.77
CA GLN XE 61 -26.28 -40.53 -127.35
C GLN XE 61 -24.90 -40.59 -126.72
N PHE XE 62 -24.61 -39.63 -125.85
CA PHE XE 62 -23.26 -39.45 -125.31
C PHE XE 62 -23.18 -39.95 -123.88
N ALA XE 63 -22.23 -40.84 -123.62
CA ALA XE 63 -21.90 -41.32 -122.29
C ALA XE 63 -20.91 -40.36 -121.64
N TRP XE 64 -20.26 -40.79 -120.56
CA TRP XE 64 -19.20 -40.01 -119.94
C TRP XE 64 -18.20 -39.50 -120.96
N ARG XE 65 -17.58 -40.42 -121.70
CA ARG XE 65 -16.57 -40.06 -122.69
C ARG XE 65 -16.70 -40.93 -123.93
N HIS XE 66 -17.93 -41.32 -124.28
CA HIS XE 66 -18.12 -42.23 -125.40
C HIS XE 66 -19.44 -41.91 -126.10
N PHE XE 67 -19.41 -41.86 -127.44
CA PHE XE 67 -20.62 -41.68 -128.22
C PHE XE 67 -21.07 -43.00 -128.85
N TYR XE 68 -22.38 -43.13 -129.01
CA TYR XE 68 -23.03 -44.40 -129.36
C TYR XE 68 -24.09 -44.16 -130.42
N TRP XE 69 -23.70 -43.47 -131.47
CA TRP XE 69 -24.63 -43.12 -132.55
C TRP XE 69 -25.42 -44.35 -133.01
N TYR XE 70 -26.67 -44.12 -133.39
CA TYR XE 70 -27.49 -45.17 -133.99
C TYR XE 70 -27.81 -44.82 -135.42
N LEU XE 71 -27.68 -45.81 -136.31
CA LEU XE 71 -28.05 -45.63 -137.71
C LEU XE 71 -29.57 -45.63 -137.83
N THR XE 72 -30.15 -44.47 -138.10
CA THR XE 72 -31.57 -44.38 -138.34
C THR XE 72 -31.91 -44.98 -139.70
N ASN XE 73 -33.17 -45.36 -139.87
CA ASN XE 73 -33.60 -46.05 -141.07
C ASN XE 73 -33.37 -45.23 -142.33
N GLU XE 74 -33.64 -43.93 -142.30
CA GLU XE 74 -33.41 -43.10 -143.48
C GLU XE 74 -31.96 -43.11 -143.91
N GLY XE 75 -31.03 -43.29 -142.97
CA GLY XE 75 -29.64 -43.43 -143.36
C GLY XE 75 -29.29 -44.78 -143.91
N ILE XE 76 -30.10 -45.79 -143.65
CA ILE XE 76 -29.76 -47.13 -144.09
C ILE XE 76 -29.87 -47.22 -145.61
N GLN XE 77 -30.86 -46.55 -146.20
CA GLN XE 77 -30.97 -46.48 -147.66
C GLN XE 77 -29.73 -45.82 -148.28
N TYR XE 78 -29.35 -44.67 -147.74
CA TYR XE 78 -28.18 -43.96 -148.25
C TYR XE 78 -26.93 -44.79 -148.11
N LEU XE 79 -26.85 -45.56 -147.02
CA LEU XE 79 -25.69 -46.39 -146.77
C LEU XE 79 -25.65 -47.63 -147.65
N ARG XE 80 -26.81 -48.19 -148.04
CA ARG XE 80 -26.76 -49.28 -149.02
C ARG XE 80 -26.32 -48.74 -150.36
N ASP XE 81 -27.08 -47.81 -150.93
CA ASP XE 81 -26.75 -47.38 -152.28
C ASP XE 81 -25.46 -46.59 -152.35
N TYR XE 82 -24.90 -46.21 -151.20
CA TYR XE 82 -23.59 -45.55 -151.20
C TYR XE 82 -22.50 -46.48 -151.72
N LEU XE 83 -22.39 -47.68 -151.14
CA LEU XE 83 -21.37 -48.63 -151.53
C LEU XE 83 -21.87 -49.66 -152.52
N HIS XE 84 -22.98 -49.37 -153.20
CA HIS XE 84 -23.47 -50.16 -154.32
C HIS XE 84 -23.68 -51.62 -153.91
N LEU XE 85 -24.60 -51.82 -152.97
CA LEU XE 85 -24.99 -53.15 -152.58
C LEU XE 85 -26.46 -53.40 -152.88
N PRO XE 86 -26.81 -54.58 -153.38
CA PRO XE 86 -28.22 -54.86 -153.66
C PRO XE 86 -29.04 -54.86 -152.38
N PRO XE 87 -30.29 -54.44 -152.43
CA PRO XE 87 -31.09 -54.22 -151.21
C PRO XE 87 -31.68 -55.51 -150.63
N GLU XE 88 -30.82 -56.49 -150.39
CA GLU XE 88 -31.17 -57.64 -149.59
C GLU XE 88 -30.19 -57.94 -148.48
N ILE XE 89 -28.98 -57.38 -148.54
CA ILE XE 89 -28.01 -57.52 -147.46
C ILE XE 89 -28.38 -56.52 -146.37
N VAL XE 90 -28.53 -57.01 -145.14
CA VAL XE 90 -29.14 -56.24 -144.06
C VAL XE 90 -28.24 -56.30 -142.83
N PRO XE 91 -28.09 -55.21 -142.07
CA PRO XE 91 -27.26 -55.25 -140.88
C PRO XE 91 -27.80 -56.21 -139.83
N ALA XE 92 -26.88 -56.75 -139.02
CA ALA XE 92 -27.25 -57.75 -138.02
C ALA XE 92 -28.23 -57.17 -137.01
N THR XE 93 -28.03 -55.92 -136.61
CA THR XE 93 -28.85 -55.32 -135.57
C THR XE 93 -30.33 -55.32 -135.93
N LEU XE 94 -30.65 -55.14 -137.21
CA LEU XE 94 -32.05 -55.09 -137.61
C LEU XE 94 -32.75 -56.41 -137.32
N ARG XE 95 -32.17 -57.51 -137.77
CA ARG XE 95 -32.84 -58.80 -137.61
C ARG XE 95 -31.99 -59.85 -136.92
N ARG XE 96 -30.72 -59.99 -137.32
CA ARG XE 96 -29.87 -61.12 -136.93
C ARG XE 96 -30.64 -62.43 -136.88
N SER XE 97 -31.51 -62.58 -135.88
CA SER XE 97 -32.16 -63.87 -135.65
C SER XE 97 -33.42 -64.02 -136.48
N ARG XE 98 -34.39 -63.14 -136.29
CA ARG XE 98 -35.68 -63.26 -136.96
C ARG XE 98 -35.83 -62.20 -138.04
N THR YE 1 41.45 -19.16 -117.16
CA THR YE 1 41.18 -20.59 -117.18
C THR YE 1 39.88 -20.92 -116.46
N TYR YE 2 39.49 -22.19 -116.50
CA TYR YE 2 38.24 -22.62 -115.90
C TYR YE 2 38.46 -23.60 -114.75
N ARG YE 3 39.10 -24.74 -114.98
CA ARG YE 3 39.26 -25.74 -113.93
C ARG YE 3 40.66 -26.33 -113.98
N GLY YE 4 41.66 -25.47 -114.09
CA GLY YE 4 43.02 -25.90 -114.27
C GLY YE 4 43.40 -26.16 -115.71
N VAL YE 5 42.45 -26.01 -116.63
CA VAL YE 5 42.70 -26.12 -118.05
C VAL YE 5 42.33 -24.79 -118.70
N ASP YE 6 43.13 -24.40 -119.69
CA ASP YE 6 42.87 -23.16 -120.40
C ASP YE 6 41.68 -23.36 -121.34
N LEU YE 7 41.20 -22.26 -121.92
CA LEU YE 7 40.10 -22.35 -122.88
C LEU YE 7 40.51 -23.13 -124.11
N ASP YE 8 41.81 -23.14 -124.44
CA ASP YE 8 42.26 -23.74 -125.69
C ASP YE 8 41.83 -25.19 -125.79
N GLN YE 9 42.14 -26.00 -124.78
CA GLN YE 9 41.69 -27.39 -124.78
C GLN YE 9 40.17 -27.46 -124.88
N LEU YE 10 39.48 -26.64 -124.09
CA LEU YE 10 38.02 -26.67 -124.08
C LEU YE 10 37.44 -26.42 -125.46
N LEU YE 11 38.18 -25.73 -126.32
CA LEU YE 11 37.78 -25.65 -127.71
C LEU YE 11 37.86 -27.01 -128.39
N ASP YE 12 38.96 -27.75 -128.18
CA ASP YE 12 39.21 -28.98 -128.93
C ASP YE 12 39.30 -30.20 -128.02
N MET YE 13 38.42 -30.32 -127.03
CA MET YE 13 38.25 -31.55 -126.28
C MET YE 13 36.79 -31.97 -126.35
N SER YE 14 36.57 -33.29 -126.41
CA SER YE 14 35.26 -33.82 -126.74
C SER YE 14 34.37 -33.80 -125.51
N TYR YE 15 33.16 -34.35 -125.64
CA TYR YE 15 32.28 -34.36 -124.49
C TYR YE 15 32.84 -35.23 -123.36
N GLU YE 16 33.41 -36.39 -123.70
CA GLU YE 16 33.58 -37.47 -122.72
C GLU YE 16 34.39 -37.04 -121.50
N GLN YE 17 35.37 -36.16 -121.68
CA GLN YE 17 36.08 -35.62 -120.54
C GLN YE 17 35.38 -34.39 -119.99
N LEU YE 18 34.66 -33.68 -120.84
CA LEU YE 18 33.78 -32.60 -120.41
C LEU YE 18 32.72 -33.06 -119.41
N MET YE 19 32.35 -34.36 -119.41
CA MET YE 19 31.46 -34.84 -118.36
C MET YE 19 32.02 -34.54 -116.98
N GLN YE 20 33.21 -35.06 -116.68
CA GLN YE 20 33.78 -34.81 -115.36
C GLN YE 20 34.26 -33.38 -115.21
N LEU YE 21 34.61 -32.69 -116.30
CA LEU YE 21 34.99 -31.29 -116.17
C LEU YE 21 33.81 -30.38 -115.83
N TYR YE 22 32.58 -30.83 -116.01
CA TYR YE 22 31.43 -30.03 -115.66
C TYR YE 22 31.01 -30.28 -114.20
N SER YE 23 29.85 -29.77 -113.83
CA SER YE 23 29.28 -29.99 -112.51
C SER YE 23 28.29 -31.15 -112.57
N ALA YE 24 27.76 -31.52 -111.41
CA ALA YE 24 26.90 -32.69 -111.32
C ALA YE 24 25.69 -32.58 -112.22
N ARG YE 25 24.95 -31.47 -112.13
CA ARG YE 25 23.76 -31.32 -112.95
C ARG YE 25 24.12 -31.27 -114.43
N GLN YE 26 25.17 -30.54 -114.78
CA GLN YE 26 25.59 -30.45 -116.16
C GLN YE 26 26.02 -31.81 -116.69
N ARG YE 27 26.81 -32.54 -115.91
CA ARG YE 27 27.27 -33.85 -116.34
C ARG YE 27 26.08 -34.80 -116.50
N ARG YE 28 25.12 -34.74 -115.59
CA ARG YE 28 23.94 -35.58 -115.71
C ARG YE 28 23.14 -35.25 -116.96
N ARG YE 29 22.93 -33.96 -117.23
CA ARG YE 29 22.16 -33.58 -118.41
C ARG YE 29 22.87 -34.01 -119.69
N LEU YE 30 24.18 -33.79 -119.76
CA LEU YE 30 24.89 -34.16 -120.97
C LEU YE 30 25.08 -35.66 -121.10
N ASN YE 31 24.95 -36.40 -120.00
CA ASN YE 31 24.78 -37.84 -120.13
C ASN YE 31 23.48 -38.17 -120.84
N ARG YE 32 22.41 -37.45 -120.51
CA ARG YE 32 21.11 -37.69 -121.11
C ARG YE 32 21.08 -37.16 -122.54
N GLY YE 33 20.00 -37.50 -123.24
CA GLY YE 33 19.93 -37.23 -124.67
C GLY YE 33 19.91 -35.74 -124.97
N LEU YE 34 20.76 -35.33 -125.91
CA LEU YE 34 20.73 -33.98 -126.45
C LEU YE 34 19.84 -33.98 -127.68
N ARG YE 35 18.66 -33.39 -127.56
CA ARG YE 35 17.70 -33.45 -128.65
C ARG YE 35 18.18 -32.65 -129.85
N ARG YE 36 17.38 -32.69 -130.92
CA ARG YE 36 17.78 -32.05 -132.17
C ARG YE 36 17.62 -30.54 -132.14
N LYS YE 37 16.77 -29.99 -131.27
CA LYS YE 37 16.58 -28.55 -131.29
C LYS YE 37 17.85 -27.81 -130.89
N GLN YE 38 18.52 -28.29 -129.82
CA GLN YE 38 19.79 -27.68 -129.44
C GLN YE 38 20.87 -27.97 -130.47
N HIS YE 39 20.80 -29.13 -131.13
CA HIS YE 39 21.76 -29.44 -132.18
C HIS YE 39 21.65 -28.46 -133.33
N SER YE 40 20.43 -28.22 -133.80
CA SER YE 40 20.23 -27.24 -134.86
C SER YE 40 20.60 -25.85 -134.39
N LEU YE 41 20.34 -25.54 -133.12
CA LEU YE 41 20.73 -24.24 -132.59
C LEU YE 41 22.24 -24.05 -132.67
N LEU YE 42 23.00 -25.06 -132.25
CA LEU YE 42 24.45 -24.93 -132.27
C LEU YE 42 24.99 -24.95 -133.69
N LYS YE 43 24.37 -25.71 -134.59
CA LYS YE 43 24.78 -25.68 -135.99
C LYS YE 43 24.54 -24.29 -136.58
N ARG YE 44 23.41 -23.67 -136.24
CA ARG YE 44 23.15 -22.30 -136.67
C ARG YE 44 24.18 -21.34 -136.10
N LEU YE 45 24.58 -21.55 -134.84
CA LEU YE 45 25.66 -20.75 -134.29
C LEU YE 45 26.96 -20.95 -135.07
N ARG YE 46 27.21 -22.18 -135.52
CA ARG YE 46 28.41 -22.44 -136.32
C ARG YE 46 28.35 -21.71 -137.66
N LYS YE 47 27.19 -21.76 -138.33
CA LYS YE 47 27.07 -21.05 -139.60
C LYS YE 47 27.17 -19.54 -139.40
N ALA YE 48 26.73 -19.07 -138.24
CA ALA YE 48 26.94 -17.66 -137.88
C ALA YE 48 28.42 -17.37 -137.71
N LYS YE 49 29.15 -18.26 -137.05
CA LYS YE 49 30.55 -18.03 -136.77
C LYS YE 49 31.39 -18.03 -138.04
N LYS YE 50 31.20 -19.03 -138.90
CA LYS YE 50 31.99 -19.12 -140.12
C LYS YE 50 31.70 -17.96 -141.07
N GLU YE 51 30.50 -17.40 -141.04
CA GLU YE 51 30.15 -16.23 -141.82
C GLU YE 51 30.68 -14.94 -141.20
N ALA YE 52 31.01 -14.96 -139.92
CA ALA YE 52 31.44 -13.75 -139.24
C ALA YE 52 32.72 -13.22 -139.86
N PRO YE 53 32.75 -11.97 -140.30
CA PRO YE 53 33.96 -11.42 -140.94
C PRO YE 53 35.07 -11.25 -139.94
N PRO YE 54 36.33 -11.20 -140.40
CA PRO YE 54 37.45 -11.07 -139.48
C PRO YE 54 37.33 -9.81 -138.63
N MET YE 55 37.61 -9.96 -137.34
CA MET YE 55 37.49 -8.89 -136.35
C MET YE 55 36.11 -8.25 -136.41
N GLU YE 56 35.07 -9.05 -136.64
CA GLU YE 56 33.71 -8.57 -136.68
C GLU YE 56 32.82 -9.50 -135.87
N LYS YE 57 32.02 -8.92 -134.98
CA LYS YE 57 31.16 -9.73 -134.14
C LYS YE 57 30.13 -10.46 -134.98
N PRO YE 58 29.80 -11.69 -134.62
CA PRO YE 58 28.78 -12.43 -135.36
C PRO YE 58 27.41 -11.81 -135.17
N GLU YE 59 26.55 -12.02 -136.16
CA GLU YE 59 25.22 -11.43 -136.14
C GLU YE 59 24.40 -11.96 -134.98
N VAL YE 60 23.30 -11.28 -134.69
CA VAL YE 60 22.43 -11.68 -133.60
C VAL YE 60 21.74 -12.99 -133.94
N VAL YE 61 21.87 -13.96 -133.07
CA VAL YE 61 21.09 -15.19 -133.18
C VAL YE 61 19.98 -15.14 -132.14
N LYS YE 62 18.88 -15.80 -132.44
CA LYS YE 62 17.69 -15.76 -131.60
C LYS YE 62 17.31 -17.17 -131.20
N THR YE 63 16.85 -17.34 -129.97
CA THR YE 63 16.51 -18.67 -129.50
C THR YE 63 15.49 -18.61 -128.38
N HIS YE 64 14.46 -19.44 -128.48
CA HIS YE 64 13.59 -19.72 -127.35
C HIS YE 64 14.23 -20.67 -126.36
N LEU YE 65 15.28 -21.39 -126.76
CA LEU YE 65 15.90 -22.39 -125.89
C LEU YE 65 16.62 -21.67 -124.75
N ARG YE 66 15.97 -21.60 -123.60
CA ARG YE 66 16.41 -20.81 -122.47
C ARG YE 66 17.06 -21.65 -121.38
N ASP YE 67 17.38 -22.91 -121.70
CA ASP YE 67 17.97 -23.80 -120.72
C ASP YE 67 19.22 -24.51 -121.20
N MET YE 68 19.72 -24.19 -122.39
CA MET YE 68 20.81 -24.96 -122.98
C MET YE 68 22.11 -24.53 -122.31
N ILE YE 69 22.80 -25.49 -121.70
CA ILE YE 69 24.06 -25.23 -121.02
C ILE YE 69 25.06 -24.63 -121.98
N ILE YE 70 25.48 -23.39 -121.74
CA ILE YE 70 26.53 -22.82 -122.58
C ILE YE 70 27.76 -23.72 -122.48
N LEU YE 71 28.31 -24.03 -123.61
CA LEU YE 71 29.48 -24.87 -123.78
C LEU YE 71 30.66 -24.04 -124.25
N PRO YE 72 31.91 -24.49 -124.07
CA PRO YE 72 33.04 -23.67 -124.53
C PRO YE 72 33.05 -23.43 -126.04
N GLU YE 73 32.49 -24.34 -126.83
CA GLU YE 73 32.67 -24.27 -128.28
C GLU YE 73 32.02 -23.04 -128.90
N MET YE 74 30.98 -22.47 -128.31
CA MET YE 74 30.38 -21.28 -128.88
C MET YE 74 30.69 -20.04 -128.04
N VAL YE 75 31.87 -20.03 -127.42
CA VAL YE 75 32.33 -18.83 -126.73
C VAL YE 75 32.43 -17.67 -127.73
N GLY YE 76 32.16 -16.47 -127.25
CA GLY YE 76 32.16 -15.31 -128.12
C GLY YE 76 31.07 -15.31 -129.17
N SER YE 77 29.85 -15.68 -128.79
CA SER YE 77 28.72 -15.70 -129.71
C SER YE 77 27.70 -14.64 -129.30
N MET YE 78 27.16 -13.93 -130.28
CA MET YE 78 26.15 -12.91 -130.02
C MET YE 78 24.80 -13.60 -130.12
N VAL YE 79 24.13 -13.76 -128.99
CA VAL YE 79 22.89 -14.53 -128.89
C VAL YE 79 21.82 -13.68 -128.24
N GLY YE 80 20.61 -13.73 -128.79
CA GLY YE 80 19.45 -13.11 -128.17
C GLY YE 80 18.47 -14.15 -127.65
N VAL YE 81 18.34 -14.23 -126.34
CA VAL YE 81 17.52 -15.26 -125.70
C VAL YE 81 16.23 -14.64 -125.20
N TYR YE 82 15.16 -15.41 -125.29
CA TYR YE 82 13.85 -14.93 -124.86
C TYR YE 82 13.81 -14.79 -123.34
N ASN YE 83 12.86 -13.98 -122.89
CA ASN YE 83 12.59 -13.82 -121.47
C ASN YE 83 11.10 -13.91 -121.17
N GLY YE 84 10.29 -14.30 -122.14
CA GLY YE 84 8.86 -14.18 -122.09
C GLY YE 84 8.34 -12.98 -122.87
N LYS YE 85 9.13 -11.92 -122.97
CA LYS YE 85 8.74 -10.70 -123.67
C LYS YE 85 9.56 -10.46 -124.93
N THR YE 86 10.88 -10.40 -124.81
CA THR YE 86 11.74 -10.12 -125.94
C THR YE 86 12.97 -11.02 -125.87
N PHE YE 87 13.80 -10.92 -126.89
CA PHE YE 87 15.03 -11.70 -126.97
C PHE YE 87 16.17 -10.84 -126.48
N ASN YE 88 16.52 -11.01 -125.20
CA ASN YE 88 17.62 -10.23 -124.63
C ASN YE 88 18.94 -10.64 -125.25
N GLN YE 89 19.69 -9.67 -125.74
CA GLN YE 89 20.96 -9.92 -126.40
C GLN YE 89 22.00 -10.29 -125.36
N VAL YE 90 22.79 -11.33 -125.63
CA VAL YE 90 23.77 -11.83 -124.68
C VAL YE 90 25.09 -12.06 -125.40
N GLU YE 91 26.16 -11.51 -124.83
CA GLU YE 91 27.51 -11.72 -125.34
C GLU YE 91 28.21 -12.78 -124.48
N ILE YE 92 28.98 -13.64 -125.14
CA ILE YE 92 29.65 -14.75 -124.49
C ILE YE 92 31.11 -14.38 -124.23
N LYS YE 93 31.60 -14.75 -123.06
CA LYS YE 93 32.98 -14.51 -122.63
C LYS YE 93 33.58 -15.84 -122.20
N PRO YE 94 34.90 -15.89 -121.99
CA PRO YE 94 35.52 -17.18 -121.60
C PRO YE 94 34.93 -17.80 -120.36
N GLU YE 95 34.44 -16.99 -119.41
CA GLU YE 95 33.89 -17.52 -118.17
C GLU YE 95 32.37 -17.48 -118.27
N MET YE 96 31.81 -18.50 -118.93
CA MET YE 96 30.37 -18.73 -118.96
C MET YE 96 29.98 -20.19 -118.85
N ILE YE 97 30.95 -21.09 -118.65
CA ILE YE 97 30.78 -22.48 -119.04
C ILE YE 97 29.65 -23.15 -118.24
N GLY YE 98 29.63 -22.95 -116.93
CA GLY YE 98 28.75 -23.75 -116.11
C GLY YE 98 27.38 -23.17 -115.81
N HIS YE 99 26.66 -22.72 -116.83
CA HIS YE 99 25.38 -22.07 -116.61
C HIS YE 99 24.43 -22.33 -117.77
N TYR YE 100 23.22 -21.82 -117.65
CA TYR YE 100 22.29 -21.77 -118.76
C TYR YE 100 22.10 -20.32 -119.21
N LEU YE 101 21.56 -20.16 -120.42
CA LEU YE 101 21.38 -18.83 -120.97
C LEU YE 101 20.39 -18.02 -120.16
N GLY YE 102 19.31 -18.63 -119.69
CA GLY YE 102 18.23 -17.92 -119.04
C GLY YE 102 18.62 -17.26 -117.73
N GLU YE 103 19.77 -17.59 -117.17
CA GLU YE 103 20.29 -16.95 -115.98
C GLU YE 103 20.94 -15.60 -116.27
N PHE YE 104 20.71 -15.05 -117.46
CA PHE YE 104 21.27 -13.76 -117.84
C PHE YE 104 20.19 -12.82 -118.36
N SER YE 105 19.09 -13.38 -118.87
CA SER YE 105 17.95 -12.59 -119.34
C SER YE 105 16.87 -12.67 -118.28
N ILE YE 106 16.75 -11.62 -117.46
CA ILE YE 106 15.84 -11.67 -116.33
C ILE YE 106 14.41 -11.63 -116.82
N THR YE 107 13.59 -12.56 -116.32
CA THR YE 107 12.21 -12.69 -116.75
C THR YE 107 11.29 -11.68 -116.09
N TYR YE 108 11.83 -10.68 -115.40
CA TYR YE 108 11.02 -9.71 -114.69
C TYR YE 108 11.85 -8.45 -114.48
N LYS YE 109 11.22 -7.33 -114.70
CA LYS YE 109 11.93 -6.09 -114.40
C LYS YE 109 11.90 -5.85 -112.89
N PRO YE 110 13.05 -5.71 -112.24
CA PRO YE 110 13.07 -5.65 -110.77
C PRO YE 110 12.25 -4.49 -110.25
N VAL YE 111 11.53 -4.74 -109.16
CA VAL YE 111 10.64 -3.74 -108.59
C VAL YE 111 11.48 -2.67 -107.91
N LYS YE 112 11.16 -1.40 -108.18
CA LYS YE 112 11.80 -0.32 -107.43
C LYS YE 112 11.03 -0.07 -106.13
N HIS YE 113 9.84 0.55 -106.24
CA HIS YE 113 8.75 0.48 -105.29
C HIS YE 113 7.61 1.42 -105.71
N GLY YE 114 6.50 1.37 -104.96
CA GLY YE 114 5.42 2.33 -105.15
C GLY YE 114 4.65 2.48 -103.86
N ARG YE 115 3.99 3.62 -103.72
CA ARG YE 115 3.23 3.90 -102.50
C ARG YE 115 2.07 2.92 -102.39
N PRO YE 116 1.88 2.29 -101.22
CA PRO YE 116 0.74 1.38 -101.07
C PRO YE 116 -0.58 2.13 -101.10
N GLY YE 117 -1.64 1.40 -101.44
CA GLY YE 117 -2.95 1.99 -101.58
C GLY YE 117 -3.90 1.76 -100.42
N ILE YE 118 -5.04 1.13 -100.71
CA ILE YE 118 -6.04 0.90 -99.67
C ILE YE 118 -5.54 -0.12 -98.65
N GLY YE 119 -4.84 -1.14 -99.12
CA GLY YE 119 -4.37 -2.20 -98.24
C GLY YE 119 -3.42 -1.70 -97.17
N ALA YE 120 -3.00 -2.66 -96.33
CA ALA YE 120 -2.12 -2.39 -95.20
C ALA YE 120 -2.72 -1.35 -94.25
N THR YE 121 -3.85 -1.73 -93.66
CA THR YE 121 -4.53 -0.87 -92.70
C THR YE 121 -4.01 -1.11 -91.29
N SER ZE 1 3.03 -87.64 -60.66
CA SER ZE 1 4.18 -86.77 -60.52
C SER ZE 1 4.62 -86.20 -61.86
N LYS ZE 2 4.52 -87.02 -62.90
CA LYS ZE 2 4.92 -86.65 -64.25
C LYS ZE 2 3.74 -86.70 -65.20
N GLY ZE 3 2.53 -86.45 -64.68
CA GLY ZE 3 1.34 -86.37 -65.49
C GLY ZE 3 1.33 -85.11 -66.33
N PRO ZE 4 0.91 -85.24 -67.59
CA PRO ZE 4 1.00 -84.10 -68.51
C PRO ZE 4 -0.24 -83.21 -68.50
N LEU ZE 5 -0.21 -82.20 -69.37
CA LEU ZE 5 -1.35 -81.31 -69.66
C LEU ZE 5 -2.01 -80.78 -68.39
N GLN ZE 6 -1.19 -80.44 -67.38
CA GLN ZE 6 -1.67 -79.74 -66.19
C GLN ZE 6 -1.27 -78.28 -66.32
N SER ZE 7 -2.03 -77.56 -67.16
CA SER ZE 7 -1.65 -76.22 -67.55
C SER ZE 7 -2.87 -75.33 -67.69
N VAL ZE 8 -2.62 -74.01 -67.70
CA VAL ZE 8 -3.63 -73.02 -68.04
C VAL ZE 8 -2.95 -72.00 -68.94
N GLN ZE 9 -3.78 -71.25 -69.67
CA GLN ZE 9 -3.31 -70.08 -70.40
C GLN ZE 9 -4.26 -68.94 -70.13
N VAL ZE 10 -3.71 -67.73 -69.97
CA VAL ZE 10 -4.49 -66.53 -69.73
C VAL ZE 10 -4.04 -65.47 -70.74
N PHE ZE 11 -4.88 -64.47 -70.95
CA PHE ZE 11 -4.50 -63.32 -71.77
C PHE ZE 11 -4.72 -62.04 -70.97
N GLY ZE 12 -3.76 -61.14 -71.08
CA GLY ZE 12 -3.83 -59.86 -70.40
C GLY ZE 12 -3.58 -58.70 -71.35
N ARG ZE 13 -4.41 -57.67 -71.26
CA ARG ZE 13 -4.39 -56.57 -72.21
C ARG ZE 13 -4.28 -55.24 -71.48
N LYS ZE 14 -3.44 -54.35 -72.00
CA LYS ZE 14 -3.46 -52.93 -71.62
C LYS ZE 14 -3.56 -52.13 -72.91
N LYS ZE 15 -4.78 -52.05 -73.43
CA LYS ZE 15 -5.25 -51.13 -74.46
C LYS ZE 15 -4.59 -51.27 -75.82
N THR ZE 16 -3.44 -51.94 -75.91
CA THR ZE 16 -2.91 -52.32 -77.22
C THR ZE 16 -2.19 -53.65 -77.16
N ALA ZE 17 -1.68 -53.99 -75.97
CA ALA ZE 17 -0.72 -55.08 -75.81
C ALA ZE 17 -1.44 -56.29 -75.24
N THR ZE 18 -1.57 -57.33 -76.06
CA THR ZE 18 -2.16 -58.60 -75.64
C THR ZE 18 -1.03 -59.46 -75.10
N ALA ZE 19 -0.89 -59.48 -73.78
CA ALA ZE 19 0.10 -60.32 -73.12
C ALA ZE 19 -0.60 -61.59 -72.63
N VAL ZE 20 -0.12 -62.74 -73.08
CA VAL ZE 20 -0.70 -64.02 -72.71
C VAL ZE 20 0.37 -64.84 -72.01
N ALA ZE 21 0.00 -65.44 -70.88
CA ALA ZE 21 0.93 -66.16 -70.03
C ALA ZE 21 0.35 -67.53 -69.69
N HIS ZE 22 1.19 -68.56 -69.75
CA HIS ZE 22 0.79 -69.94 -69.54
C HIS ZE 22 1.52 -70.53 -68.35
N CYS ZE 23 0.76 -71.19 -67.47
CA CYS ZE 23 1.30 -71.85 -66.30
C CYS ZE 23 1.45 -73.35 -66.57
N LYS ZE 24 2.54 -73.92 -66.09
CA LYS ZE 24 2.73 -75.36 -66.09
C LYS ZE 24 3.18 -75.78 -64.71
N ARG ZE 25 2.86 -77.03 -64.35
CA ARG ZE 25 3.33 -77.58 -63.09
C ARG ZE 25 4.81 -77.90 -63.21
N GLY ZE 26 5.64 -77.07 -62.59
CA GLY ZE 26 7.08 -77.28 -62.62
C GLY ZE 26 7.76 -76.69 -61.41
N ASN ZE 27 9.06 -76.42 -61.52
CA ASN ZE 27 9.86 -75.97 -60.38
C ASN ZE 27 9.92 -74.45 -60.32
N GLY ZE 28 8.74 -73.84 -60.37
CA GLY ZE 28 8.61 -72.42 -60.08
C GLY ZE 28 9.43 -71.49 -60.95
N LEU ZE 29 9.50 -71.76 -62.25
CA LEU ZE 29 10.33 -70.94 -63.12
C LEU ZE 29 9.53 -69.71 -63.54
N ILE ZE 30 10.21 -68.57 -63.60
CA ILE ZE 30 9.56 -67.33 -64.00
C ILE ZE 30 10.38 -66.65 -65.08
N LYS ZE 31 9.74 -66.29 -66.19
CA LYS ZE 31 10.42 -65.59 -67.27
C LYS ZE 31 9.39 -64.79 -68.06
N VAL ZE 32 9.90 -63.85 -68.84
CA VAL ZE 32 9.08 -63.03 -69.73
C VAL ZE 32 9.69 -63.12 -71.12
N ASN ZE 33 8.85 -63.43 -72.13
CA ASN ZE 33 9.26 -63.58 -73.53
C ASN ZE 33 10.58 -64.33 -73.67
N GLY ZE 34 10.82 -65.26 -72.76
CA GLY ZE 34 12.08 -65.99 -72.72
C GLY ZE 34 13.17 -65.34 -71.90
N ARG ZE 35 12.90 -64.19 -71.28
CA ARG ZE 35 13.92 -63.48 -70.54
C ARG ZE 35 13.46 -63.22 -69.11
N PRO ZE 36 14.40 -63.06 -68.18
CA PRO ZE 36 14.01 -62.88 -66.77
C PRO ZE 36 13.39 -61.51 -66.53
N LEU ZE 37 12.62 -61.45 -65.44
CA LEU ZE 37 11.84 -60.28 -65.07
C LEU ZE 37 12.66 -59.20 -64.36
N GLU ZE 38 13.86 -59.52 -63.86
CA GLU ZE 38 14.79 -58.50 -63.43
C GLU ZE 38 15.57 -57.96 -64.62
N MET ZE 39 15.24 -58.48 -65.80
CA MET ZE 39 15.69 -58.02 -67.10
C MET ZE 39 14.57 -57.50 -67.95
N ILE ZE 40 13.78 -56.59 -67.41
CA ILE ZE 40 12.64 -56.09 -68.15
C ILE ZE 40 12.91 -54.68 -68.65
N GLU ZE 41 11.97 -54.14 -69.43
CA GLU ZE 41 11.99 -52.83 -70.07
C GLU ZE 41 12.13 -51.76 -68.98
N PRO ZE 42 12.19 -50.45 -69.32
CA PRO ZE 42 13.16 -49.55 -68.68
C PRO ZE 42 13.42 -49.68 -67.18
N ARG ZE 43 12.65 -50.50 -66.48
CA ARG ZE 43 12.85 -50.98 -65.11
C ARG ZE 43 12.86 -49.85 -64.08
N THR ZE 44 12.66 -48.61 -64.50
CA THR ZE 44 12.30 -47.58 -63.54
C THR ZE 44 11.01 -47.97 -62.84
N LEU ZE 45 10.12 -48.68 -63.54
CA LEU ZE 45 8.87 -49.18 -63.00
C LEU ZE 45 8.99 -50.66 -62.62
N GLN ZE 46 10.21 -51.12 -62.33
CA GLN ZE 46 10.38 -52.53 -61.99
C GLN ZE 46 9.56 -52.92 -60.76
N TYR ZE 47 9.18 -51.95 -59.94
CA TYR ZE 47 8.26 -52.25 -58.86
C TYR ZE 47 6.87 -52.61 -59.38
N LYS ZE 48 6.41 -51.90 -60.41
CA LYS ZE 48 5.18 -52.33 -61.08
C LYS ZE 48 5.34 -53.69 -61.71
N LEU ZE 49 6.51 -53.94 -62.31
CA LEU ZE 49 6.85 -55.26 -62.81
C LEU ZE 49 6.67 -56.31 -61.72
N LEU ZE 50 7.06 -55.96 -60.51
CA LEU ZE 50 7.20 -56.91 -59.42
C LEU ZE 50 5.97 -57.05 -58.54
N GLU ZE 51 5.07 -56.08 -58.57
CA GLU ZE 51 4.06 -55.87 -57.52
C GLU ZE 51 3.43 -57.14 -56.97
N PRO ZE 52 2.80 -58.02 -57.77
CA PRO ZE 52 2.13 -59.18 -57.17
C PRO ZE 52 3.08 -60.13 -56.46
N VAL ZE 53 4.30 -60.30 -56.97
CA VAL ZE 53 5.17 -61.34 -56.43
C VAL ZE 53 5.59 -61.01 -55.01
N LEU ZE 54 5.83 -59.74 -54.69
CA LEU ZE 54 6.16 -59.38 -53.33
C LEU ZE 54 4.98 -59.60 -52.40
N LEU ZE 55 3.77 -59.32 -52.90
CA LEU ZE 55 2.59 -59.39 -52.06
C LEU ZE 55 2.08 -60.82 -51.88
N LEU ZE 56 2.51 -61.76 -52.72
CA LEU ZE 56 1.93 -63.09 -52.68
C LEU ZE 56 2.86 -64.16 -52.14
N GLY ZE 57 4.14 -63.87 -51.96
CA GLY ZE 57 5.02 -64.78 -51.25
C GLY ZE 57 5.56 -65.94 -52.08
N LYS ZE 58 6.86 -66.19 -51.96
CA LYS ZE 58 7.54 -67.17 -52.81
C LYS ZE 58 6.97 -68.57 -52.67
N GLU ZE 59 6.30 -68.87 -51.56
CA GLU ZE 59 5.86 -70.23 -51.30
C GLU ZE 59 4.88 -70.73 -52.35
N ARG ZE 60 4.02 -69.86 -52.86
CA ARG ZE 60 2.94 -70.30 -53.75
C ARG ZE 60 3.34 -70.35 -55.21
N PHE ZE 61 4.46 -69.76 -55.59
CA PHE ZE 61 4.95 -69.86 -56.96
C PHE ZE 61 5.86 -71.06 -57.16
N ALA ZE 62 5.69 -72.11 -56.37
CA ALA ZE 62 6.56 -73.27 -56.48
C ALA ZE 62 6.25 -74.07 -57.74
N GLY ZE 63 4.98 -74.21 -58.09
CA GLY ZE 63 4.60 -75.11 -59.17
C GLY ZE 63 4.13 -74.42 -60.43
N VAL ZE 64 4.70 -73.27 -60.73
CA VAL ZE 64 4.29 -72.48 -61.89
C VAL ZE 64 5.49 -72.21 -62.78
N ASP ZE 65 5.30 -72.34 -64.07
CA ASP ZE 65 6.35 -72.14 -65.05
C ASP ZE 65 6.01 -70.99 -65.99
N ILE ZE 66 5.60 -69.86 -65.40
CA ILE ZE 66 4.98 -68.79 -66.17
C ILE ZE 66 5.97 -68.21 -67.16
N ARG ZE 67 5.51 -68.03 -68.40
CA ARG ZE 67 6.25 -67.34 -69.45
C ARG ZE 67 5.25 -66.56 -70.26
N VAL ZE 68 5.34 -65.23 -70.22
CA VAL ZE 68 4.43 -64.37 -70.96
C VAL ZE 68 5.10 -63.91 -72.24
N ARG ZE 69 4.34 -63.92 -73.33
CA ARG ZE 69 4.76 -63.37 -74.61
C ARG ZE 69 3.90 -62.15 -74.89
N VAL ZE 70 4.48 -61.15 -75.53
CA VAL ZE 70 3.80 -59.89 -75.77
C VAL ZE 70 3.98 -59.47 -77.22
N LYS ZE 71 2.87 -59.12 -77.88
CA LYS ZE 71 2.90 -58.49 -79.18
C LYS ZE 71 1.99 -57.26 -79.14
N GLY ZE 72 2.36 -56.23 -79.89
CA GLY ZE 72 1.62 -54.99 -79.88
C GLY ZE 72 1.76 -54.26 -78.57
N GLY ZE 73 1.31 -53.00 -78.58
CA GLY ZE 73 1.34 -52.17 -77.40
C GLY ZE 73 2.65 -51.42 -77.22
N GLY ZE 74 2.61 -50.48 -76.27
CA GLY ZE 74 3.77 -49.69 -75.92
C GLY ZE 74 4.45 -50.20 -74.66
N HIS ZE 75 5.52 -49.50 -74.28
CA HIS ZE 75 6.36 -49.94 -73.17
C HIS ZE 75 5.54 -50.13 -71.89
N VAL ZE 76 4.97 -49.05 -71.37
CA VAL ZE 76 4.19 -49.15 -70.15
C VAL ZE 76 2.95 -49.99 -70.39
N ALA ZE 77 2.35 -49.90 -71.57
CA ALA ZE 77 1.24 -50.78 -71.89
C ALA ZE 77 1.69 -52.24 -71.81
N GLN ZE 78 2.90 -52.53 -72.30
CA GLN ZE 78 3.41 -53.89 -72.23
C GLN ZE 78 3.58 -54.34 -70.79
N ILE ZE 79 4.14 -53.49 -69.93
CA ILE ZE 79 4.38 -53.93 -68.56
C ILE ZE 79 3.07 -54.11 -67.81
N TYR ZE 80 2.09 -53.24 -68.05
CA TYR ZE 80 0.79 -53.41 -67.44
C TYR ZE 80 0.14 -54.70 -67.95
N ALA ZE 81 0.27 -54.98 -69.24
CA ALA ZE 81 -0.30 -56.20 -69.79
C ALA ZE 81 0.34 -57.43 -69.19
N ILE ZE 82 1.66 -57.42 -68.99
CA ILE ZE 82 2.30 -58.60 -68.44
C ILE ZE 82 1.92 -58.81 -66.98
N ARG ZE 83 1.83 -57.74 -66.18
CA ARG ZE 83 1.42 -57.94 -64.81
C ARG ZE 83 -0.03 -58.42 -64.73
N GLN ZE 84 -0.89 -57.88 -65.60
CA GLN ZE 84 -2.24 -58.41 -65.75
C GLN ZE 84 -2.20 -59.91 -66.02
N SER ZE 85 -1.39 -60.31 -67.00
CA SER ZE 85 -1.36 -61.70 -67.42
C SER ZE 85 -0.87 -62.60 -66.28
N ILE ZE 86 0.16 -62.18 -65.56
CA ILE ZE 86 0.69 -63.06 -64.53
C ILE ZE 86 -0.28 -63.18 -63.36
N SER ZE 87 -0.90 -62.06 -62.95
CA SER ZE 87 -1.86 -62.14 -61.85
C SER ZE 87 -3.04 -63.02 -62.22
N LYS ZE 88 -3.60 -62.81 -63.41
CA LYS ZE 88 -4.73 -63.61 -63.84
C LYS ZE 88 -4.34 -65.06 -64.12
N ALA ZE 89 -3.08 -65.31 -64.48
CA ALA ZE 89 -2.62 -66.68 -64.64
C ALA ZE 89 -2.58 -67.40 -63.32
N LEU ZE 90 -2.07 -66.73 -62.28
CA LEU ZE 90 -2.11 -67.32 -60.94
C LEU ZE 90 -3.55 -67.63 -60.55
N VAL ZE 91 -4.45 -66.67 -60.77
CA VAL ZE 91 -5.86 -66.87 -60.44
C VAL ZE 91 -6.41 -68.06 -61.20
N ALA ZE 92 -6.08 -68.16 -62.49
CA ALA ZE 92 -6.67 -69.19 -63.34
C ALA ZE 92 -6.17 -70.58 -62.97
N TYR ZE 93 -4.87 -70.73 -62.72
CA TYR ZE 93 -4.37 -72.04 -62.31
C TYR ZE 93 -4.95 -72.44 -60.95
N TYR ZE 94 -5.10 -71.47 -60.05
CA TYR ZE 94 -5.72 -71.79 -58.77
C TYR ZE 94 -7.18 -72.19 -58.94
N GLN ZE 95 -7.86 -71.61 -59.93
CA GLN ZE 95 -9.20 -72.07 -60.27
C GLN ZE 95 -9.18 -73.51 -60.76
N LYS ZE 96 -8.31 -73.80 -61.72
CA LYS ZE 96 -8.39 -75.03 -62.48
C LYS ZE 96 -7.88 -76.25 -61.73
N TYR ZE 97 -6.78 -76.12 -60.98
CA TYR ZE 97 -6.05 -77.30 -60.54
C TYR ZE 97 -5.92 -77.46 -59.03
N VAL ZE 98 -6.10 -76.42 -58.24
CA VAL ZE 98 -6.06 -76.51 -56.79
C VAL ZE 98 -7.35 -75.88 -56.26
N ASP ZE 99 -7.53 -75.91 -54.94
CA ASP ZE 99 -8.80 -75.52 -54.33
C ASP ZE 99 -9.16 -74.08 -54.71
N GLU ZE 100 -10.46 -73.83 -54.84
CA GLU ZE 100 -10.94 -72.50 -55.17
C GLU ZE 100 -10.81 -71.52 -54.01
N ALA ZE 101 -10.83 -72.02 -52.77
CA ALA ZE 101 -10.70 -71.14 -51.62
C ALA ZE 101 -9.36 -70.42 -51.61
N SER ZE 102 -8.30 -71.09 -52.08
CA SER ZE 102 -7.02 -70.42 -52.25
C SER ZE 102 -7.13 -69.30 -53.27
N LYS ZE 103 -7.82 -69.56 -54.38
CA LYS ZE 103 -8.05 -68.50 -55.36
C LYS ZE 103 -8.81 -67.34 -54.72
N LYS ZE 104 -9.74 -67.64 -53.83
CA LYS ZE 104 -10.49 -66.59 -53.13
C LYS ZE 104 -9.56 -65.77 -52.26
N GLU ZE 105 -8.77 -66.42 -51.42
CA GLU ZE 105 -7.86 -65.71 -50.54
C GLU ZE 105 -6.78 -64.97 -51.30
N ILE ZE 106 -6.57 -65.29 -52.58
CA ILE ZE 106 -5.66 -64.50 -53.38
C ILE ZE 106 -6.39 -63.29 -53.97
N LYS ZE 107 -7.53 -63.52 -54.61
CA LYS ZE 107 -8.18 -62.45 -55.36
C LYS ZE 107 -8.72 -61.36 -54.44
N ASP ZE 108 -9.18 -61.74 -53.24
CA ASP ZE 108 -9.75 -60.74 -52.35
C ASP ZE 108 -8.72 -59.68 -52.00
N ILE ZE 109 -7.49 -60.09 -51.69
CA ILE ZE 109 -6.45 -59.13 -51.40
C ILE ZE 109 -5.89 -58.51 -52.69
N LEU ZE 110 -5.93 -59.23 -53.80
CA LEU ZE 110 -5.43 -58.67 -55.05
C LEU ZE 110 -6.26 -57.49 -55.50
N ILE ZE 111 -7.58 -57.61 -55.44
CA ILE ZE 111 -8.45 -56.53 -55.89
C ILE ZE 111 -8.30 -55.31 -54.99
N GLN ZE 112 -8.11 -55.51 -53.69
CA GLN ZE 112 -8.02 -54.39 -52.75
C GLN ZE 112 -6.84 -53.48 -53.04
N TYR ZE 113 -5.87 -53.94 -53.82
CA TYR ZE 113 -4.66 -53.18 -54.11
C TYR ZE 113 -4.46 -53.15 -55.62
N ASP ZE 114 -4.66 -51.98 -56.22
CA ASP ZE 114 -4.51 -51.81 -57.66
C ASP ZE 114 -5.47 -52.76 -58.40
N ARG ZE 115 -6.77 -52.48 -58.23
CA ARG ZE 115 -7.81 -53.31 -58.82
C ARG ZE 115 -7.59 -53.58 -60.30
N THR ZE 116 -6.79 -52.75 -60.97
CA THR ZE 116 -6.55 -52.94 -62.40
C THR ZE 116 -6.06 -54.34 -62.73
N LEU ZE 117 -5.29 -54.96 -61.84
CA LEU ZE 117 -4.66 -56.24 -62.16
C LEU ZE 117 -5.68 -57.31 -62.56
N LEU ZE 118 -6.93 -57.17 -62.14
CA LEU ZE 118 -7.96 -58.13 -62.52
C LEU ZE 118 -9.03 -57.56 -63.43
N VAL ZE 119 -9.20 -56.24 -63.50
CA VAL ZE 119 -10.13 -55.61 -64.42
C VAL ZE 119 -9.36 -54.71 -65.36
N ALA ZE 120 -9.49 -54.97 -66.66
CA ALA ZE 120 -8.77 -54.19 -67.66
C ALA ZE 120 -9.38 -52.81 -67.82
N ASP ZE 121 -8.58 -51.87 -68.30
CA ASP ZE 121 -9.08 -50.56 -68.63
C ASP ZE 121 -9.75 -50.60 -69.99
N PRO ZE 122 -11.05 -50.28 -70.08
CA PRO ZE 122 -11.74 -50.40 -71.38
C PRO ZE 122 -11.23 -49.43 -72.44
N ARG ZE 123 -10.73 -48.26 -72.03
CA ARG ZE 123 -10.49 -47.18 -72.98
C ARG ZE 123 -9.20 -47.40 -73.76
N ARG ZE 124 -9.25 -47.11 -75.06
CA ARG ZE 124 -8.07 -47.18 -75.91
C ARG ZE 124 -7.67 -45.79 -76.42
N CYS ZE 125 -8.56 -45.17 -77.20
CA CYS ZE 125 -8.33 -43.88 -77.84
C CYS ZE 125 -9.58 -43.55 -78.65
N GLU ZE 126 -9.65 -42.34 -79.21
CA GLU ZE 126 -10.76 -41.98 -80.08
C GLU ZE 126 -10.25 -41.24 -81.31
N SER ZE 127 -10.98 -41.38 -82.40
CA SER ZE 127 -10.53 -40.88 -83.69
C SER ZE 127 -10.39 -39.37 -83.68
N LYS ZE 128 -9.31 -38.90 -84.29
CA LYS ZE 128 -9.15 -37.46 -84.52
C LYS ZE 128 -10.27 -36.99 -85.43
N LYS ZE 129 -10.95 -35.93 -85.00
CA LYS ZE 129 -12.03 -35.38 -85.80
C LYS ZE 129 -11.48 -34.68 -87.04
N PHE ZE 130 -12.33 -34.60 -88.06
CA PHE ZE 130 -11.95 -33.95 -89.31
C PHE ZE 130 -11.73 -32.46 -89.16
N GLY ZE 131 -12.12 -31.85 -88.04
CA GLY ZE 131 -12.00 -30.42 -87.88
C GLY ZE 131 -10.96 -29.98 -86.87
N GLY ZE 132 -10.21 -30.93 -86.34
CA GLY ZE 132 -9.21 -30.62 -85.34
C GLY ZE 132 -7.93 -31.39 -85.54
N PRO ZE 133 -6.84 -30.92 -84.93
CA PRO ZE 133 -5.57 -31.64 -85.03
C PRO ZE 133 -5.56 -32.92 -84.24
N GLY ZE 134 -6.08 -32.88 -83.02
CA GLY ZE 134 -6.13 -34.02 -82.13
C GLY ZE 134 -7.50 -34.69 -82.13
N ALA ZE 135 -7.76 -35.44 -81.08
CA ALA ZE 135 -9.05 -36.14 -80.97
C ALA ZE 135 -10.18 -35.18 -80.60
N ARG ZE 136 -9.88 -34.17 -79.77
CA ARG ZE 136 -10.90 -33.26 -79.29
C ARG ZE 136 -10.64 -31.80 -79.61
N ALA ZE 137 -9.39 -31.36 -79.61
CA ALA ZE 137 -9.10 -29.95 -79.83
C ALA ZE 137 -9.39 -29.55 -81.27
N ARG ZE 138 -9.65 -28.27 -81.47
CA ARG ZE 138 -9.88 -27.70 -82.79
C ARG ZE 138 -8.70 -26.85 -83.20
N TYR ZE 139 -8.66 -26.52 -84.49
CA TYR ZE 139 -7.64 -25.61 -84.98
C TYR ZE 139 -7.91 -24.21 -84.45
N GLN ZE 140 -6.88 -23.36 -84.48
CA GLN ZE 140 -7.04 -21.98 -84.06
C GLN ZE 140 -8.08 -21.29 -84.93
N LYS ZE 141 -9.02 -20.61 -84.31
CA LYS ZE 141 -10.04 -19.84 -85.01
C LYS ZE 141 -9.69 -18.37 -84.88
N SER ZE 142 -9.48 -17.70 -86.02
CA SER ZE 142 -9.27 -16.27 -86.06
C SER ZE 142 -10.25 -15.69 -87.07
N TYR ZE 143 -11.04 -14.72 -86.62
CA TYR ZE 143 -12.05 -14.14 -87.50
C TYR ZE 143 -11.83 -12.65 -87.72
N ARG ZE 144 -10.58 -12.26 -87.93
CA ARG ZE 144 -10.27 -10.89 -88.31
C ARG ZE 144 -9.51 -10.87 -89.63
N MET AF 1 41.81 -32.25 -64.65
CA MET AF 1 42.24 -33.45 -63.94
C MET AF 1 43.56 -33.21 -63.24
N SER AF 2 44.35 -32.30 -63.80
CA SER AF 2 45.64 -31.96 -63.21
C SER AF 2 45.43 -31.29 -61.86
N LEU AF 3 46.45 -31.41 -61.01
CA LEU AF 3 46.37 -30.78 -59.69
C LEU AF 3 46.24 -29.27 -59.82
N VAL AF 4 46.99 -28.67 -60.74
CA VAL AF 4 47.05 -27.24 -60.90
C VAL AF 4 47.16 -26.92 -62.39
N ILE AF 5 47.16 -25.63 -62.70
CA ILE AF 5 47.24 -25.14 -64.08
C ILE AF 5 48.47 -25.73 -64.75
N PRO AF 6 48.39 -26.18 -66.00
CA PRO AF 6 49.61 -26.44 -66.76
C PRO AF 6 50.33 -25.14 -67.05
N GLU AF 7 51.64 -25.16 -66.88
CA GLU AF 7 52.44 -23.95 -67.06
C GLU AF 7 52.34 -23.42 -68.47
N LYS AF 8 52.10 -24.31 -69.44
CA LYS AF 8 52.00 -23.88 -70.83
C LYS AF 8 50.65 -23.24 -71.15
N PHE AF 9 49.59 -23.60 -70.43
CA PHE AF 9 48.22 -23.19 -70.74
C PHE AF 9 48.07 -21.72 -71.07
N GLN AF 10 47.64 -21.42 -72.29
CA GLN AF 10 47.23 -20.07 -72.65
C GLN AF 10 45.70 -20.05 -72.69
N HIS AF 11 45.10 -19.17 -71.90
CA HIS AF 11 43.67 -18.98 -71.99
C HIS AF 11 43.27 -18.34 -73.31
N ILE AF 12 44.24 -17.83 -74.07
CA ILE AF 12 43.98 -17.16 -75.33
C ILE AF 12 45.03 -17.63 -76.33
N LEU AF 13 44.60 -17.82 -77.59
CA LEU AF 13 45.50 -18.28 -78.64
C LEU AF 13 45.34 -17.44 -79.89
N ARG AF 14 46.40 -17.38 -80.69
CA ARG AF 14 46.46 -16.53 -81.87
C ARG AF 14 46.74 -17.37 -83.11
N VAL AF 15 46.05 -18.51 -83.23
CA VAL AF 15 46.29 -19.44 -84.32
C VAL AF 15 45.80 -18.84 -85.63
N LEU AF 16 46.56 -19.03 -86.69
CA LEU AF 16 46.23 -18.57 -88.03
C LEU AF 16 45.99 -17.07 -88.04
N ASN AF 17 44.78 -16.65 -88.40
CA ASN AF 17 44.46 -15.24 -88.53
C ASN AF 17 43.54 -14.73 -87.42
N THR AF 18 42.85 -15.61 -86.73
CA THR AF 18 41.89 -15.24 -85.70
C THR AF 18 42.44 -15.58 -84.32
N ASN AF 19 41.71 -15.16 -83.29
CA ASN AF 19 42.15 -15.25 -81.91
C ASN AF 19 41.17 -16.12 -81.14
N ILE AF 20 41.55 -17.38 -80.90
CA ILE AF 20 40.63 -18.38 -80.36
C ILE AF 20 40.85 -18.54 -78.86
N ASP AF 21 39.78 -18.83 -78.15
CA ASP AF 21 39.83 -19.09 -76.72
C ASP AF 21 40.39 -20.48 -76.44
N GLY AF 22 41.12 -20.60 -75.34
CA GLY AF 22 41.72 -21.85 -74.93
C GLY AF 22 40.99 -22.60 -73.84
N ARG AF 23 39.95 -22.02 -73.25
CA ARG AF 23 39.24 -22.68 -72.16
C ARG AF 23 38.34 -23.81 -72.64
N ARG AF 24 37.95 -23.81 -73.91
CA ARG AF 24 36.97 -24.78 -74.40
C ARG AF 24 37.65 -26.12 -74.66
N LYS AF 25 36.84 -27.09 -75.10
CA LYS AF 25 37.37 -28.37 -75.56
C LYS AF 25 38.07 -28.18 -76.90
N ILE AF 26 38.71 -29.24 -77.38
CA ILE AF 26 39.55 -29.12 -78.57
C ILE AF 26 38.70 -28.86 -79.80
N ALA AF 27 37.90 -29.85 -80.19
CA ALA AF 27 37.17 -29.76 -81.46
C ALA AF 27 36.22 -28.58 -81.49
N PHE AF 28 35.87 -28.05 -80.33
CA PHE AF 28 35.01 -26.88 -80.24
C PHE AF 28 35.80 -25.60 -80.09
N ALA AF 29 37.12 -25.65 -80.33
CA ALA AF 29 37.97 -24.48 -80.29
C ALA AF 29 38.54 -24.12 -81.66
N ILE AF 30 39.11 -25.08 -82.38
CA ILE AF 30 39.65 -24.82 -83.71
C ILE AF 30 38.50 -24.71 -84.69
N THR AF 31 37.28 -24.94 -84.21
CA THR AF 31 36.10 -24.63 -84.98
C THR AF 31 35.78 -23.14 -84.97
N ALA AF 32 36.48 -22.36 -84.15
CA ALA AF 32 36.23 -20.92 -84.08
C ALA AF 32 36.57 -20.24 -85.39
N ILE AF 33 37.63 -20.68 -86.05
CA ILE AF 33 38.03 -20.11 -87.34
C ILE AF 33 36.94 -20.42 -88.36
N LYS AF 34 36.94 -19.69 -89.47
CA LYS AF 34 35.99 -19.97 -90.53
C LYS AF 34 36.44 -21.18 -91.34
N GLY AF 35 35.52 -21.72 -92.13
CA GLY AF 35 35.85 -22.83 -93.00
C GLY AF 35 36.00 -24.16 -92.30
N VAL AF 36 35.73 -24.23 -91.00
CA VAL AF 36 35.88 -25.46 -90.24
C VAL AF 36 34.60 -25.71 -89.46
N GLY AF 37 34.13 -26.96 -89.51
CA GLY AF 37 33.01 -27.40 -88.69
C GLY AF 37 33.45 -28.44 -87.67
N ARG AF 38 32.50 -28.79 -86.82
CA ARG AF 38 32.77 -29.77 -85.77
C ARG AF 38 33.18 -31.11 -86.37
N ARG AF 39 32.55 -31.51 -87.47
CA ARG AF 39 32.93 -32.76 -88.13
C ARG AF 39 34.37 -32.69 -88.63
N TYR AF 40 34.73 -31.57 -89.26
CA TYR AF 40 36.10 -31.42 -89.74
C TYR AF 40 37.07 -31.41 -88.56
N ALA AF 41 36.69 -30.76 -87.46
CA ALA AF 41 37.53 -30.76 -86.28
C ALA AF 41 37.75 -32.18 -85.77
N HIS AF 42 36.68 -32.98 -85.69
CA HIS AF 42 36.81 -34.35 -85.21
C HIS AF 42 37.70 -35.17 -86.11
N VAL AF 43 37.52 -35.06 -87.43
CA VAL AF 43 38.30 -35.89 -88.33
C VAL AF 43 39.77 -35.48 -88.31
N VAL AF 44 40.04 -34.17 -88.30
CA VAL AF 44 41.43 -33.73 -88.25
C VAL AF 44 42.05 -34.08 -86.91
N LEU AF 45 41.25 -34.11 -85.84
CA LEU AF 45 41.78 -34.47 -84.54
C LEU AF 45 42.11 -35.95 -84.48
N ARG AF 46 41.28 -36.79 -85.10
CA ARG AF 46 41.60 -38.20 -85.21
C ARG AF 46 42.87 -38.39 -86.02
N LYS AF 47 43.02 -37.63 -87.11
CA LYS AF 47 44.19 -37.79 -87.96
C LYS AF 47 45.47 -37.34 -87.26
N ALA AF 48 45.44 -36.18 -86.60
CA ALA AF 48 46.63 -35.69 -85.92
C ALA AF 48 46.98 -36.51 -84.68
N ASP AF 49 46.09 -37.41 -84.25
CA ASP AF 49 46.35 -38.38 -83.18
C ASP AF 49 46.66 -37.67 -81.86
N ILE AF 50 45.71 -36.85 -81.42
CA ILE AF 50 45.69 -36.28 -80.08
C ILE AF 50 44.38 -36.68 -79.41
N ASP AF 51 44.45 -36.94 -78.11
CA ASP AF 51 43.26 -37.33 -77.38
C ASP AF 51 42.25 -36.18 -77.32
N LEU AF 52 41.01 -36.53 -77.01
CA LEU AF 52 39.91 -35.58 -77.09
C LEU AF 52 39.64 -34.84 -75.79
N THR AF 53 39.89 -35.46 -74.64
CA THR AF 53 39.54 -34.89 -73.35
C THR AF 53 40.37 -33.66 -73.00
N LYS AF 54 41.40 -33.37 -73.78
CA LYS AF 54 42.26 -32.23 -73.52
C LYS AF 54 41.47 -30.94 -73.66
N ARG AF 55 42.00 -29.88 -73.06
CA ARG AF 55 41.43 -28.54 -73.22
C ARG AF 55 42.25 -27.75 -74.22
N ALA AF 56 41.60 -26.72 -74.77
CA ALA AF 56 42.06 -26.13 -76.03
C ALA AF 56 43.49 -25.63 -75.97
N GLY AF 57 43.98 -25.26 -74.79
CA GLY AF 57 45.25 -24.57 -74.73
C GLY AF 57 46.45 -25.35 -74.25
N GLU AF 58 46.25 -26.48 -73.55
CA GLU AF 58 47.47 -27.04 -72.99
C GLU AF 58 48.18 -27.95 -73.93
N LEU AF 59 47.77 -27.97 -75.20
CA LEU AF 59 48.52 -28.68 -76.22
C LEU AF 59 49.90 -28.06 -76.36
N THR AF 60 50.92 -28.91 -76.38
CA THR AF 60 52.29 -28.43 -76.60
C THR AF 60 52.37 -27.74 -77.95
N GLU AF 61 53.39 -26.90 -78.12
CA GLU AF 61 53.56 -26.18 -79.37
C GLU AF 61 53.51 -27.10 -80.57
N ASP AF 62 54.15 -28.28 -80.46
CA ASP AF 62 54.38 -29.10 -81.63
C ASP AF 62 53.08 -29.55 -82.30
N GLU AF 63 52.11 -29.98 -81.51
CA GLU AF 63 50.86 -30.43 -82.11
C GLU AF 63 50.10 -29.30 -82.77
N VAL AF 64 50.35 -28.06 -82.36
CA VAL AF 64 49.70 -26.92 -83.02
C VAL AF 64 50.06 -26.92 -84.51
N GLU AF 65 51.36 -26.83 -84.82
CA GLU AF 65 51.72 -26.88 -86.22
C GLU AF 65 51.45 -28.23 -86.83
N ARG AF 66 51.40 -29.29 -86.02
CA ARG AF 66 51.05 -30.60 -86.58
C ARG AF 66 49.65 -30.56 -87.19
N VAL AF 67 48.66 -30.14 -86.41
CA VAL AF 67 47.30 -30.09 -86.93
C VAL AF 67 47.20 -29.03 -88.02
N ILE AF 68 47.95 -27.94 -87.90
CA ILE AF 68 48.00 -26.96 -88.97
C ILE AF 68 48.36 -27.63 -90.29
N THR AF 69 49.53 -28.30 -90.31
CA THR AF 69 49.98 -28.97 -91.53
C THR AF 69 49.02 -30.05 -91.99
N ILE AF 70 48.35 -30.74 -91.07
CA ILE AF 70 47.31 -31.69 -91.48
C ILE AF 70 46.24 -30.96 -92.26
N MET AF 71 45.87 -29.78 -91.79
CA MET AF 71 44.79 -28.99 -92.36
C MET AF 71 45.19 -28.34 -93.69
N GLN AF 72 46.46 -27.98 -93.85
CA GLN AF 72 46.88 -27.18 -95.01
C GLN AF 72 46.75 -27.96 -96.30
N ASN AF 73 47.28 -29.18 -96.33
CA ASN AF 73 47.18 -30.05 -97.50
C ASN AF 73 46.68 -31.41 -97.04
N PRO AF 74 45.39 -31.53 -96.72
CA PRO AF 74 44.85 -32.82 -96.30
C PRO AF 74 44.57 -33.78 -97.45
N ARG AF 75 44.73 -33.32 -98.70
CA ARG AF 75 44.42 -34.16 -99.86
C ARG AF 75 45.23 -35.44 -99.83
N GLN AF 76 46.53 -35.33 -99.62
CA GLN AF 76 47.40 -36.49 -99.52
C GLN AF 76 47.48 -37.04 -98.10
N TYR AF 77 46.74 -36.45 -97.17
CA TYR AF 77 46.71 -36.91 -95.79
C TYR AF 77 45.51 -37.81 -95.50
N LYS AF 78 45.06 -38.57 -96.51
CA LYS AF 78 44.04 -39.59 -96.36
C LYS AF 78 42.66 -38.99 -96.08
N ILE AF 79 42.61 -37.69 -95.86
CA ILE AF 79 41.34 -36.99 -95.65
C ILE AF 79 40.50 -37.16 -96.91
N PRO AF 80 39.25 -37.61 -96.80
CA PRO AF 80 38.51 -38.03 -97.99
C PRO AF 80 38.32 -36.88 -98.97
N ASP AF 81 38.31 -37.25 -100.24
CA ASP AF 81 38.15 -36.26 -101.31
C ASP AF 81 36.88 -35.46 -101.17
N TRP AF 82 35.83 -36.04 -100.56
CA TRP AF 82 34.55 -35.37 -100.43
C TRP AF 82 34.44 -34.48 -99.21
N PHE AF 83 35.35 -34.62 -98.25
CA PHE AF 83 35.25 -33.86 -97.01
C PHE AF 83 35.61 -32.39 -97.20
N LEU AF 84 36.27 -32.04 -98.30
CA LEU AF 84 36.77 -30.69 -98.48
C LEU AF 84 35.63 -29.71 -98.72
N ASN AF 85 35.99 -28.45 -98.96
CA ASN AF 85 35.03 -27.41 -99.29
C ASN AF 85 35.20 -26.92 -100.72
N ARG AF 86 36.41 -26.58 -101.11
CA ARG AF 86 36.71 -26.04 -102.43
C ARG AF 86 37.16 -27.12 -103.41
N GLN AF 87 36.32 -28.13 -103.61
CA GLN AF 87 36.64 -29.17 -104.58
C GLN AF 87 36.28 -28.72 -105.98
N LYS AF 88 37.23 -28.89 -106.91
CA LYS AF 88 37.09 -28.49 -108.31
C LYS AF 88 36.63 -27.03 -108.42
N ASP AF 89 37.52 -26.15 -107.99
CA ASP AF 89 37.23 -24.72 -108.06
C ASP AF 89 36.94 -24.28 -109.48
N VAL AF 90 36.00 -23.35 -109.63
CA VAL AF 90 35.70 -22.76 -110.92
C VAL AF 90 36.85 -21.88 -111.40
N LYS AF 91 37.92 -21.78 -110.61
CA LYS AF 91 39.16 -21.14 -111.06
C LYS AF 91 40.15 -22.17 -111.61
N ASP AF 92 40.58 -23.12 -110.78
CA ASP AF 92 41.63 -24.05 -111.17
C ASP AF 92 41.24 -25.51 -111.00
N GLY AF 93 40.03 -25.81 -110.54
CA GLY AF 93 39.57 -27.18 -110.50
C GLY AF 93 40.30 -28.08 -109.51
N LYS AF 94 41.09 -27.52 -108.61
CA LYS AF 94 41.79 -28.34 -107.63
C LYS AF 94 40.87 -28.66 -106.47
N TYR AF 95 41.04 -29.85 -105.89
CA TYR AF 95 40.36 -30.18 -104.64
C TYR AF 95 41.22 -29.74 -103.48
N SER AF 96 40.66 -28.95 -102.58
CA SER AF 96 41.42 -28.46 -101.44
C SER AF 96 40.45 -27.92 -100.40
N GLN AF 97 41.00 -27.62 -99.22
CA GLN AF 97 40.26 -26.99 -98.14
C GLN AF 97 40.83 -25.61 -97.89
N VAL AF 98 39.95 -24.66 -97.60
CA VAL AF 98 40.35 -23.33 -97.18
C VAL AF 98 39.77 -23.07 -95.80
N LEU AF 99 40.59 -22.52 -94.91
CA LEU AF 99 40.16 -22.32 -93.54
C LEU AF 99 40.65 -20.98 -92.99
N ALA AF 100 40.80 -20.00 -93.85
CA ALA AF 100 41.35 -18.73 -93.46
C ALA AF 100 40.55 -17.66 -94.18
N ASN AF 101 41.12 -16.48 -94.27
CA ASN AF 101 40.57 -15.41 -95.07
C ASN AF 101 40.38 -15.81 -96.52
N GLY AF 102 41.02 -16.91 -96.93
CA GLY AF 102 40.72 -17.48 -98.22
C GLY AF 102 39.23 -17.75 -98.40
N LEU AF 103 38.52 -18.02 -97.31
CA LEU AF 103 37.08 -18.06 -97.40
C LEU AF 103 36.54 -16.72 -97.89
N ASP AF 104 36.95 -15.64 -97.24
CA ASP AF 104 36.40 -14.32 -97.54
C ASP AF 104 36.73 -13.91 -98.96
N ASN AF 105 38.00 -13.99 -99.35
CA ASN AF 105 38.37 -13.54 -100.69
C ASN AF 105 37.89 -14.51 -101.76
N LYS AF 106 37.79 -15.81 -101.45
CA LYS AF 106 37.23 -16.75 -102.40
C LYS AF 106 35.77 -16.46 -102.69
N LEU AF 107 34.97 -16.24 -101.63
CA LEU AF 107 33.57 -15.89 -101.87
C LEU AF 107 33.45 -14.51 -102.50
N ARG AF 108 34.38 -13.60 -102.20
CA ARG AF 108 34.38 -12.32 -102.90
C ARG AF 108 34.60 -12.55 -104.38
N GLU AF 109 35.51 -13.44 -104.73
CA GLU AF 109 35.76 -13.78 -106.12
C GLU AF 109 34.51 -14.36 -106.76
N ASP AF 110 33.84 -15.29 -106.07
CA ASP AF 110 32.63 -15.89 -106.61
C ASP AF 110 31.57 -14.83 -106.88
N LEU AF 111 31.31 -13.97 -105.89
CA LEU AF 111 30.33 -12.91 -106.09
C LEU AF 111 30.75 -11.98 -107.22
N GLU AF 112 32.04 -11.65 -107.29
CA GLU AF 112 32.53 -10.74 -108.31
C GLU AF 112 32.33 -11.30 -109.71
N ARG AF 113 32.66 -12.58 -109.91
CA ARG AF 113 32.47 -13.17 -111.22
C ARG AF 113 31.00 -13.33 -111.55
N LEU AF 114 30.16 -13.56 -110.55
CA LEU AF 114 28.72 -13.54 -110.80
C LEU AF 114 28.26 -12.16 -111.24
N LYS AF 115 28.83 -11.11 -110.64
CA LYS AF 115 28.46 -9.75 -111.03
C LYS AF 115 28.87 -9.46 -112.47
N LYS AF 116 30.13 -9.72 -112.79
CA LYS AF 116 30.61 -9.40 -114.13
C LYS AF 116 30.07 -10.37 -115.18
N ILE AF 117 29.55 -11.52 -114.75
CA ILE AF 117 28.92 -12.46 -115.67
C ILE AF 117 27.44 -12.17 -115.87
N ARG AF 118 26.89 -11.19 -115.15
CA ARG AF 118 25.47 -10.83 -115.23
C ARG AF 118 24.59 -12.03 -114.90
N ALA AF 119 25.01 -12.85 -113.94
CA ALA AF 119 24.18 -13.95 -113.48
C ALA AF 119 22.98 -13.42 -112.72
N HIS AF 120 21.84 -14.09 -112.91
CA HIS AF 120 20.66 -13.75 -112.12
C HIS AF 120 20.96 -13.92 -110.63
N ARG AF 121 21.67 -14.99 -110.28
CA ARG AF 121 22.13 -15.15 -108.90
C ARG AF 121 23.03 -14.00 -108.49
N GLY AF 122 23.98 -13.63 -109.35
CA GLY AF 122 24.86 -12.53 -109.02
C GLY AF 122 24.13 -11.22 -108.87
N LEU AF 123 23.12 -10.99 -109.70
CA LEU AF 123 22.37 -9.74 -109.64
C LEU AF 123 21.52 -9.68 -108.38
N ARG AF 124 20.86 -10.79 -108.02
CA ARG AF 124 20.12 -10.82 -106.77
C ARG AF 124 21.04 -10.64 -105.58
N HIS AF 125 22.25 -11.21 -105.65
CA HIS AF 125 23.26 -10.94 -104.64
C HIS AF 125 23.58 -9.45 -104.59
N PHE AF 126 23.64 -8.81 -105.76
CA PHE AF 126 23.98 -7.40 -105.84
C PHE AF 126 22.95 -6.54 -105.12
N TRP AF 127 21.67 -6.89 -105.26
CA TRP AF 127 20.62 -6.17 -104.56
C TRP AF 127 20.40 -6.68 -103.14
N GLY AF 128 21.13 -7.71 -102.72
CA GLY AF 128 20.97 -8.23 -101.37
C GLY AF 128 19.74 -9.06 -101.15
N LEU AF 129 19.06 -9.48 -102.22
CA LEU AF 129 17.88 -10.31 -102.10
C LEU AF 129 18.28 -11.77 -101.91
N ARG AF 130 17.30 -12.61 -101.61
CA ARG AF 130 17.54 -14.03 -101.55
C ARG AF 130 17.85 -14.58 -102.94
N VAL AF 131 18.67 -15.61 -102.98
CA VAL AF 131 19.17 -16.15 -104.25
C VAL AF 131 18.76 -17.59 -104.51
N ARG AF 132 18.07 -18.24 -103.58
CA ARG AF 132 17.73 -19.65 -103.72
C ARG AF 132 16.24 -19.88 -103.95
N GLY AF 133 15.60 -18.97 -104.69
CA GLY AF 133 14.22 -19.18 -105.09
C GLY AF 133 13.21 -19.12 -103.96
N GLN AF 134 13.55 -18.48 -102.85
CA GLN AF 134 12.61 -18.36 -101.76
C GLN AF 134 11.51 -17.35 -102.12
N HIS AF 135 10.55 -17.20 -101.22
CA HIS AF 135 9.46 -16.24 -101.42
C HIS AF 135 9.70 -15.02 -100.54
N THR AF 136 9.90 -13.87 -101.18
CA THR AF 136 10.26 -12.65 -100.48
C THR AF 136 9.06 -11.79 -100.11
N LYS AF 137 7.84 -12.25 -100.42
CA LYS AF 137 6.66 -11.44 -100.16
C LYS AF 137 6.42 -11.26 -98.66
N THR AF 138 6.50 -12.35 -97.91
CA THR AF 138 6.07 -12.35 -96.51
C THR AF 138 7.21 -12.32 -95.51
N THR AF 139 8.44 -12.60 -95.93
CA THR AF 139 9.56 -12.69 -95.02
C THR AF 139 10.72 -11.85 -95.52
N GLY AF 140 11.82 -11.88 -94.77
CA GLY AF 140 12.97 -11.08 -95.11
C GLY AF 140 12.78 -9.59 -94.99
N ARG AF 141 11.69 -9.16 -94.34
CA ARG AF 141 11.45 -7.73 -94.17
C ARG AF 141 12.54 -7.07 -93.34
N ARG AF 142 13.15 -7.82 -92.44
CA ARG AF 142 14.12 -7.25 -91.51
C ARG AF 142 15.29 -6.62 -92.26
N GLY AF 143 15.82 -7.30 -93.28
CA GLY AF 143 17.01 -6.80 -93.95
C GLY AF 143 16.78 -5.44 -94.58
N ARG AF 144 15.65 -5.26 -95.25
CA ARG AF 144 15.32 -3.94 -95.81
C ARG AF 144 15.02 -2.94 -94.71
N THR AF 145 14.16 -3.32 -93.76
CA THR AF 145 13.84 -2.48 -92.62
C THR AF 145 13.60 -3.34 -91.38
N PRO BF 1 24.25 -73.85 -64.54
CA PRO BF 1 23.05 -73.08 -64.91
C PRO BF 1 23.29 -72.15 -66.08
N GLY BF 2 22.47 -72.30 -67.14
CA GLY BF 2 22.62 -71.45 -68.30
C GLY BF 2 23.93 -71.71 -69.03
N VAL BF 3 24.46 -70.65 -69.63
CA VAL BF 3 23.83 -69.34 -69.64
C VAL BF 3 23.52 -68.93 -71.06
N THR BF 4 22.25 -68.63 -71.32
CA THR BF 4 21.86 -68.06 -72.60
C THR BF 4 22.17 -66.56 -72.58
N VAL BF 5 21.66 -65.83 -73.57
CA VAL BF 5 21.93 -64.41 -73.65
C VAL BF 5 20.87 -63.58 -72.92
N LYS BF 6 19.60 -63.97 -73.01
CA LYS BF 6 18.51 -63.14 -72.53
C LYS BF 6 18.59 -62.88 -71.03
N ASP BF 7 19.33 -63.70 -70.30
CA ASP BF 7 19.35 -63.63 -68.85
C ASP BF 7 20.46 -62.74 -68.31
N VAL BF 8 21.22 -62.04 -69.14
CA VAL BF 8 22.28 -61.14 -68.69
C VAL BF 8 22.08 -59.78 -69.30
N ASN BF 9 22.47 -58.73 -68.59
CA ASN BF 9 22.12 -57.41 -69.06
C ASN BF 9 22.87 -57.07 -70.35
N GLN BF 10 22.10 -56.65 -71.35
CA GLN BF 10 22.68 -56.41 -72.65
C GLN BF 10 23.49 -55.14 -72.68
N GLN BF 11 23.27 -54.22 -71.74
CA GLN BF 11 24.06 -53.00 -71.74
C GLN BF 11 25.53 -53.28 -71.43
N GLU BF 12 25.80 -54.19 -70.49
CA GLU BF 12 27.18 -54.62 -70.28
C GLU BF 12 27.56 -55.76 -71.22
N PHE BF 13 26.57 -56.53 -71.67
CA PHE BF 13 26.85 -57.64 -72.57
C PHE BF 13 27.43 -57.11 -73.89
N VAL BF 14 26.88 -56.01 -74.41
CA VAL BF 14 27.40 -55.45 -75.66
C VAL BF 14 28.84 -55.00 -75.47
N ARG BF 15 29.13 -54.32 -74.36
CA ARG BF 15 30.48 -53.81 -74.17
C ARG BF 15 31.48 -54.93 -73.92
N ALA BF 16 31.07 -56.00 -73.26
CA ALA BF 16 31.97 -57.12 -73.05
C ALA BF 16 32.24 -57.85 -74.36
N LEU BF 17 31.20 -58.06 -75.17
CA LEU BF 17 31.41 -58.68 -76.48
C LEU BF 17 32.30 -57.79 -77.35
N ALA BF 18 32.08 -56.48 -77.31
CA ALA BF 18 32.92 -55.55 -78.04
C ALA BF 18 34.36 -55.63 -77.58
N ALA BF 19 34.57 -55.70 -76.27
CA ALA BF 19 35.91 -55.90 -75.76
C ALA BF 19 36.51 -57.19 -76.30
N PHE BF 20 35.70 -58.25 -76.35
CA PHE BF 20 36.23 -59.55 -76.79
C PHE BF 20 36.69 -59.45 -78.23
N LEU BF 21 35.91 -58.78 -79.07
CA LEU BF 21 36.39 -58.45 -80.41
C LEU BF 21 37.68 -57.63 -80.37
N LYS BF 22 37.76 -56.66 -79.45
CA LYS BF 22 38.92 -55.77 -79.44
C LYS BF 22 40.20 -56.54 -79.15
N LYS BF 23 40.23 -57.30 -78.06
CA LYS BF 23 41.46 -57.99 -77.72
C LYS BF 23 41.77 -59.10 -78.71
N SER BF 24 40.73 -59.82 -79.13
CA SER BF 24 40.89 -60.85 -80.17
C SER BF 24 40.82 -60.18 -81.54
N GLY BF 25 41.85 -59.39 -81.82
CA GLY BF 25 41.84 -58.58 -83.03
C GLY BF 25 41.84 -59.40 -84.30
N LYS BF 26 40.68 -59.47 -84.95
CA LYS BF 26 40.58 -60.03 -86.29
C LYS BF 26 39.55 -59.30 -87.14
N LEU BF 27 39.03 -58.17 -86.67
CA LEU BF 27 37.93 -57.50 -87.36
C LEU BF 27 38.45 -56.71 -88.55
N LYS BF 28 37.81 -56.90 -89.70
CA LYS BF 28 38.23 -56.26 -90.94
C LYS BF 28 37.74 -54.81 -90.90
N VAL BF 29 38.44 -54.00 -90.12
CA VAL BF 29 38.10 -52.59 -89.96
C VAL BF 29 38.33 -51.88 -91.29
N PRO BF 30 37.32 -51.19 -91.83
CA PRO BF 30 37.51 -50.48 -93.11
C PRO BF 30 38.41 -49.28 -92.95
N GLU BF 31 38.98 -48.87 -94.09
CA GLU BF 31 39.92 -47.76 -94.10
C GLU BF 31 39.25 -46.44 -93.71
N TRP BF 32 37.99 -46.23 -94.12
CA TRP BF 32 37.27 -45.02 -93.79
C TRP BF 32 36.60 -45.08 -92.43
N VAL BF 33 37.14 -45.90 -91.53
CA VAL BF 33 36.58 -46.05 -90.19
C VAL BF 33 36.49 -44.69 -89.50
N ASP BF 34 37.50 -43.84 -89.69
CA ASP BF 34 37.48 -42.53 -89.05
C ASP BF 34 36.32 -41.66 -89.52
N THR BF 35 36.04 -41.64 -90.82
CA THR BF 35 35.12 -40.68 -91.42
C THR BF 35 34.02 -41.44 -92.16
N VAL BF 36 32.97 -41.82 -91.44
CA VAL BF 36 31.79 -42.39 -92.08
C VAL BF 36 30.56 -41.60 -91.62
N LYS BF 37 30.65 -41.02 -90.42
CA LYS BF 37 29.67 -40.10 -89.86
C LYS BF 37 28.36 -40.80 -89.48
N LEU BF 38 28.19 -42.05 -89.92
CA LEU BF 38 27.13 -42.95 -89.47
C LEU BF 38 25.71 -42.43 -89.67
N ALA BF 39 24.87 -43.21 -90.37
CA ALA BF 39 23.42 -43.06 -90.28
C ALA BF 39 22.98 -41.62 -90.53
N LYS BF 40 23.10 -41.22 -91.81
CA LYS BF 40 23.18 -39.82 -92.24
C LYS BF 40 22.34 -38.86 -91.41
N HIS BF 41 21.15 -39.28 -90.97
CA HIS BF 41 20.43 -38.50 -89.98
C HIS BF 41 21.32 -38.17 -88.79
N LYS BF 42 22.16 -39.12 -88.38
CA LYS BF 42 23.13 -38.88 -87.35
C LYS BF 42 24.27 -38.02 -87.88
N GLU BF 43 24.87 -37.24 -86.99
CA GLU BF 43 26.01 -36.40 -87.30
C GLU BF 43 26.87 -36.31 -86.05
N LEU BF 44 28.02 -35.64 -86.16
CA LEU BF 44 29.05 -35.67 -85.12
C LEU BF 44 29.50 -37.11 -84.85
N ALA BF 45 30.25 -37.64 -85.83
CA ALA BF 45 30.81 -38.99 -85.84
C ALA BF 45 31.25 -39.40 -84.44
N PRO BF 46 31.00 -40.64 -84.05
CA PRO BF 46 30.74 -40.93 -82.64
C PRO BF 46 31.93 -40.65 -81.73
N TYR BF 47 31.60 -40.44 -80.46
CA TYR BF 47 32.59 -40.01 -79.48
C TYR BF 47 33.73 -41.00 -79.37
N ASP BF 48 33.42 -42.28 -79.26
CA ASP BF 48 34.43 -43.31 -79.09
C ASP BF 48 34.72 -43.99 -80.42
N GLU BF 49 36.01 -44.19 -80.72
CA GLU BF 49 36.44 -44.71 -82.01
C GLU BF 49 36.30 -46.22 -82.14
N ASN BF 50 36.14 -46.95 -81.03
CA ASN BF 50 36.01 -48.41 -81.06
C ASN BF 50 34.57 -48.86 -81.24
N TRP BF 51 33.74 -48.01 -81.85
CA TRP BF 51 32.36 -48.37 -82.13
C TRP BF 51 32.25 -49.61 -82.99
N PHE BF 52 33.22 -49.79 -83.91
CA PHE BF 52 33.16 -50.91 -84.86
C PHE BF 52 33.00 -52.23 -84.12
N TYR BF 53 33.62 -52.36 -82.95
CA TYR BF 53 33.47 -53.56 -82.16
C TYR BF 53 32.12 -53.60 -81.45
N THR BF 54 31.66 -52.46 -80.92
CA THR BF 54 30.36 -52.44 -80.27
C THR BF 54 29.21 -52.66 -81.26
N ARG BF 55 29.26 -51.97 -82.39
CA ARG BF 55 28.26 -52.18 -83.43
C ARG BF 55 28.27 -53.62 -83.92
N ALA BF 56 29.47 -54.18 -84.11
CA ALA BF 56 29.55 -55.58 -84.51
C ALA BF 56 28.91 -56.48 -83.46
N ALA BF 57 29.18 -56.21 -82.19
CA ALA BF 57 28.60 -57.01 -81.12
C ALA BF 57 27.08 -57.00 -81.20
N SER BF 58 26.49 -55.81 -81.22
CA SER BF 58 25.03 -55.72 -81.21
C SER BF 58 24.42 -56.26 -82.49
N THR BF 59 25.09 -56.08 -83.63
CA THR BF 59 24.55 -56.60 -84.88
C THR BF 59 24.54 -58.12 -84.87
N ALA BF 60 25.62 -58.74 -84.41
CA ALA BF 60 25.64 -60.19 -84.30
C ALA BF 60 24.56 -60.66 -83.34
N ARG BF 61 24.42 -59.97 -82.21
CA ARG BF 61 23.31 -60.23 -81.30
C ARG BF 61 21.99 -60.29 -82.05
N HIS BF 62 21.61 -59.17 -82.65
CA HIS BF 62 20.28 -59.04 -83.22
C HIS BF 62 20.06 -60.02 -84.36
N LEU BF 63 21.07 -60.27 -85.18
CA LEU BF 63 20.95 -61.31 -86.19
C LEU BF 63 20.72 -62.66 -85.54
N TYR BF 64 21.31 -62.91 -84.38
CA TYR BF 64 20.97 -64.13 -83.64
C TYR BF 64 19.53 -64.12 -83.18
N LEU BF 65 19.04 -62.97 -82.71
CA LEU BF 65 17.66 -62.87 -82.25
C LEU BF 65 16.68 -63.15 -83.39
N ARG BF 66 16.93 -62.56 -84.55
CA ARG BF 66 16.08 -62.72 -85.73
C ARG BF 66 16.98 -63.19 -86.87
N GLY BF 67 16.89 -64.47 -87.20
CA GLY BF 67 17.71 -65.01 -88.27
C GLY BF 67 17.29 -64.49 -89.63
N GLY BF 68 18.20 -64.64 -90.58
CA GLY BF 68 17.95 -64.18 -91.94
C GLY BF 68 17.84 -62.67 -92.08
N ALA BF 69 18.74 -61.92 -91.45
CA ALA BF 69 18.71 -60.46 -91.48
C ALA BF 69 19.58 -59.96 -92.62
N GLY BF 70 19.04 -59.01 -93.39
CA GLY BF 70 19.77 -58.38 -94.47
C GLY BF 70 20.32 -57.02 -94.05
N VAL BF 71 21.13 -56.46 -94.95
CA VAL BF 71 21.75 -55.17 -94.67
C VAL BF 71 20.71 -54.08 -94.55
N GLY BF 72 19.71 -54.10 -95.45
CA GLY BF 72 18.65 -53.10 -95.37
C GLY BF 72 17.87 -53.19 -94.07
N SER BF 73 17.56 -54.41 -93.64
CA SER BF 73 16.92 -54.59 -92.34
C SER BF 73 17.82 -54.08 -91.22
N MET BF 74 19.12 -54.31 -91.35
CA MET BF 74 20.06 -53.82 -90.34
C MET BF 74 20.03 -52.30 -90.26
N THR BF 75 19.96 -51.64 -91.41
CA THR BF 75 19.83 -50.19 -91.40
C THR BF 75 18.50 -49.77 -90.78
N LYS BF 76 17.43 -50.52 -91.07
CA LYS BF 76 16.12 -50.17 -90.55
C LYS BF 76 16.09 -50.22 -89.03
N ILE BF 77 16.63 -51.28 -88.45
CA ILE BF 77 16.61 -51.40 -86.99
C ILE BF 77 17.52 -50.35 -86.35
N TYR BF 78 18.67 -50.08 -86.96
CA TYR BF 78 19.61 -49.13 -86.40
C TYR BF 78 19.29 -47.69 -86.77
N GLY BF 79 18.21 -47.47 -87.53
CA GLY BF 79 17.87 -46.13 -87.93
C GLY BF 79 17.44 -45.27 -86.75
N GLY BF 80 17.55 -43.96 -86.94
CA GLY BF 80 17.14 -43.02 -85.92
C GLY BF 80 16.35 -41.86 -86.49
N ARG BF 81 16.15 -40.82 -85.69
CA ARG BF 81 15.29 -39.70 -86.06
C ARG BF 81 16.10 -38.68 -86.83
N GLN BF 82 15.73 -38.45 -88.08
CA GLN BF 82 16.28 -37.33 -88.84
C GLN BF 82 15.72 -36.02 -88.30
N ARG BF 83 16.56 -35.25 -87.62
CA ARG BF 83 16.16 -33.93 -87.12
C ARG BF 83 16.42 -32.94 -88.24
N ASN BF 84 15.39 -32.68 -89.03
CA ASN BF 84 15.59 -31.82 -90.19
C ASN BF 84 15.72 -30.36 -89.84
N GLY BF 85 15.84 -30.00 -88.57
CA GLY BF 85 16.01 -28.62 -88.18
C GLY BF 85 14.72 -27.84 -88.14
N VAL BF 86 14.57 -26.88 -89.05
CA VAL BF 86 13.29 -26.17 -89.18
C VAL BF 86 12.18 -27.16 -89.52
N MET BF 87 12.45 -28.05 -90.49
CA MET BF 87 11.50 -29.05 -90.89
C MET BF 87 11.23 -30.01 -89.73
N PRO BF 88 9.98 -30.44 -89.54
CA PRO BF 88 9.69 -31.38 -88.46
C PRO BF 88 10.46 -32.68 -88.64
N SER BF 89 10.78 -33.30 -87.52
CA SER BF 89 11.67 -34.45 -87.52
C SER BF 89 11.04 -35.65 -88.22
N HIS BF 90 11.89 -36.44 -88.88
CA HIS BF 90 11.50 -37.67 -89.55
C HIS BF 90 12.43 -38.77 -89.09
N PHE BF 91 12.09 -40.01 -89.44
CA PHE BF 91 12.92 -41.16 -89.10
C PHE BF 91 13.73 -41.58 -90.33
N SER BF 92 15.01 -41.85 -90.12
CA SER BF 92 15.91 -42.21 -91.20
C SER BF 92 16.67 -43.48 -90.88
N ARG BF 93 16.93 -44.28 -91.90
CA ARG BF 93 17.68 -45.52 -91.75
C ARG BF 93 19.14 -45.22 -91.50
N GLY BF 94 19.86 -46.25 -91.04
CA GLY BF 94 21.30 -46.16 -90.88
C GLY BF 94 22.00 -46.21 -92.21
N SER BF 95 23.31 -45.98 -92.16
CA SER BF 95 24.13 -45.99 -93.37
C SER BF 95 24.44 -47.43 -93.75
N LYS BF 96 24.20 -47.75 -95.03
CA LYS BF 96 24.25 -49.14 -95.47
C LYS BF 96 25.67 -49.69 -95.53
N SER BF 97 26.66 -48.85 -95.87
CA SER BF 97 28.01 -49.36 -96.08
C SER BF 97 28.60 -49.93 -94.80
N VAL BF 98 28.40 -49.26 -93.67
CA VAL BF 98 29.01 -49.74 -92.43
C VAL BF 98 28.42 -51.09 -92.05
N ALA BF 99 27.11 -51.25 -92.19
CA ALA BF 99 26.49 -52.54 -91.95
C ALA BF 99 27.02 -53.59 -92.92
N ARG BF 100 27.17 -53.21 -94.19
CA ARG BF 100 27.67 -54.14 -95.19
C ARG BF 100 29.08 -54.61 -94.86
N ARG BF 101 29.95 -53.68 -94.49
CA ARG BF 101 31.33 -54.03 -94.19
C ARG BF 101 31.43 -54.81 -92.88
N VAL BF 102 30.60 -54.48 -91.90
CA VAL BF 102 30.63 -55.26 -90.68
C VAL BF 102 30.14 -56.68 -90.95
N LEU BF 103 29.15 -56.83 -91.84
CA LEU BF 103 28.68 -58.15 -92.23
C LEU BF 103 29.78 -58.93 -92.94
N GLN BF 104 30.53 -58.24 -93.80
CA GLN BF 104 31.69 -58.85 -94.42
C GLN BF 104 32.72 -59.26 -93.38
N ALA BF 105 32.90 -58.43 -92.35
CA ALA BF 105 33.82 -58.77 -91.28
C ALA BF 105 33.39 -60.04 -90.56
N LEU BF 106 32.09 -60.17 -90.28
CA LEU BF 106 31.61 -61.37 -89.63
C LEU BF 106 31.80 -62.60 -90.49
N GLU BF 107 31.53 -62.52 -91.80
CA GLU BF 107 31.87 -63.66 -92.65
C GLU BF 107 33.36 -63.95 -92.59
N GLY BF 108 34.18 -62.91 -92.48
CA GLY BF 108 35.60 -63.11 -92.31
C GLY BF 108 35.93 -63.85 -91.02
N LEU BF 109 35.13 -63.66 -89.99
CA LEU BF 109 35.32 -64.40 -88.75
C LEU BF 109 34.73 -65.80 -88.79
N LYS BF 110 33.88 -66.10 -89.78
CA LYS BF 110 33.14 -67.36 -89.93
C LYS BF 110 32.04 -67.52 -88.87
N MET BF 111 31.42 -66.41 -88.48
CA MET BF 111 30.27 -66.45 -87.59
C MET BF 111 28.92 -66.45 -88.30
N VAL BF 112 28.77 -65.69 -89.38
CA VAL BF 112 27.48 -65.53 -90.05
C VAL BF 112 27.64 -65.87 -91.53
N GLU BF 113 26.66 -66.57 -92.08
CA GLU BF 113 26.75 -67.11 -93.43
C GLU BF 113 25.44 -66.86 -94.16
N LYS BF 114 25.44 -67.19 -95.45
CA LYS BF 114 24.24 -67.10 -96.27
C LYS BF 114 23.22 -68.16 -95.83
N ASP BF 115 21.96 -67.88 -96.13
CA ASP BF 115 20.86 -68.81 -95.88
C ASP BF 115 20.37 -69.35 -97.21
N GLN BF 116 19.49 -70.36 -97.15
CA GLN BF 116 18.81 -70.82 -98.35
C GLN BF 116 17.82 -69.79 -98.85
N ASP BF 117 17.48 -68.81 -98.01
CA ASP BF 117 16.57 -67.71 -98.34
C ASP BF 117 17.34 -66.41 -98.22
N GLY BF 118 16.62 -65.29 -98.28
CA GLY BF 118 17.23 -64.00 -98.08
C GLY BF 118 17.72 -63.81 -96.66
N GLY BF 119 18.57 -62.81 -96.49
CA GLY BF 119 19.15 -62.55 -95.19
C GLY BF 119 20.22 -63.58 -94.85
N ARG BF 120 20.72 -63.47 -93.62
CA ARG BF 120 21.85 -64.28 -93.19
C ARG BF 120 21.59 -64.83 -91.79
N LYS BF 121 22.14 -66.01 -91.53
CA LYS BF 121 21.99 -66.66 -90.23
C LYS BF 121 23.36 -67.13 -89.75
N LEU BF 122 23.59 -67.04 -88.45
CA LEU BF 122 24.87 -67.41 -87.87
C LEU BF 122 25.10 -68.91 -87.96
N THR BF 123 26.38 -69.28 -88.06
CA THR BF 123 26.79 -70.65 -87.90
C THR BF 123 26.64 -71.05 -86.43
N PRO BF 124 26.38 -72.33 -86.14
CA PRO BF 124 26.25 -72.75 -84.73
C PRO BF 124 27.50 -72.52 -83.90
N GLN BF 125 28.68 -72.42 -84.51
CA GLN BF 125 29.84 -71.96 -83.74
C GLN BF 125 29.71 -70.48 -83.41
N GLY BF 126 29.02 -69.71 -84.25
CA GLY BF 126 28.75 -68.33 -83.91
C GLY BF 126 27.93 -68.20 -82.63
N GLN BF 127 26.83 -68.95 -82.55
CA GLN BF 127 26.05 -68.94 -81.32
C GLN BF 127 26.78 -69.65 -80.20
N ARG BF 128 27.71 -70.55 -80.51
CA ARG BF 128 28.56 -71.12 -79.47
C ARG BF 128 29.42 -70.04 -78.83
N ASP BF 129 30.05 -69.20 -79.65
CA ASP BF 129 30.76 -68.06 -79.10
C ASP BF 129 29.81 -67.18 -78.33
N LEU BF 130 28.61 -66.96 -78.87
CA LEU BF 130 27.66 -66.04 -78.25
C LEU BF 130 27.24 -66.53 -76.87
N ASP BF 131 26.91 -67.82 -76.75
CA ASP BF 131 26.50 -68.36 -75.47
C ASP BF 131 27.67 -68.47 -74.50
N ARG BF 132 28.86 -68.78 -75.02
CA ARG BF 132 30.03 -68.66 -74.17
C ARG BF 132 30.09 -67.25 -73.58
N ILE BF 133 30.14 -66.23 -74.46
CA ILE BF 133 30.31 -64.86 -73.97
C ILE BF 133 29.14 -64.46 -73.08
N ALA BF 134 27.97 -65.03 -73.30
CA ALA BF 134 26.85 -64.83 -72.38
C ALA BF 134 27.19 -65.38 -71.00
N GLY BF 135 27.82 -66.56 -70.96
CA GLY BF 135 28.22 -67.13 -69.69
C GLY BF 135 29.23 -66.26 -68.95
N GLN BF 136 30.24 -65.76 -69.65
CA GLN BF 136 31.24 -64.94 -68.93
C GLN BF 136 30.64 -63.61 -68.48
N VAL BF 137 29.77 -63.00 -69.30
CA VAL BF 137 29.15 -61.76 -68.84
C VAL BF 137 28.24 -62.03 -67.65
N ALA BF 138 27.58 -63.19 -67.62
CA ALA BF 138 26.81 -63.57 -66.45
C ALA BF 138 27.71 -63.69 -65.23
N ALA BF 139 28.86 -64.36 -65.40
CA ALA BF 139 29.80 -64.52 -64.29
C ALA BF 139 30.30 -63.18 -63.80
N ALA BF 140 30.59 -62.27 -64.73
CA ALA BF 140 31.01 -60.93 -64.35
C ALA BF 140 29.92 -60.21 -63.57
N ASN BF 141 28.68 -60.34 -64.02
CA ASN BF 141 27.62 -59.48 -63.49
C ASN BF 141 27.00 -60.00 -62.19
N LYS BF 142 26.94 -61.32 -61.96
CA LYS BF 142 26.28 -61.76 -60.73
C LYS BF 142 27.04 -61.26 -59.51
N LYS BF 143 28.34 -61.08 -59.63
CA LYS BF 143 29.13 -60.54 -58.54
C LYS BF 143 30.12 -59.52 -59.07
CA ALA CF 1 -9.20 -89.06 -108.94
C ALA CF 1 -9.65 -88.02 -107.92
N ILE CF 2 -9.05 -88.03 -106.74
CA ILE CF 2 -9.36 -87.09 -105.68
C ILE CF 2 -8.48 -85.85 -105.86
N HIS CF 3 -9.06 -84.67 -105.68
CA HIS CF 3 -8.34 -83.42 -105.81
C HIS CF 3 -8.62 -82.51 -104.63
N ARG CF 4 -7.60 -81.74 -104.23
CA ARG CF 4 -7.73 -80.75 -103.17
C ARG CF 4 -8.23 -79.43 -103.78
N ILE CF 5 -9.44 -79.49 -104.32
CA ILE CF 5 -10.04 -78.32 -104.97
C ILE CF 5 -10.33 -77.27 -103.91
N ARG CF 6 -9.91 -76.04 -104.18
CA ARG CF 6 -10.02 -74.94 -103.24
C ARG CF 6 -10.86 -73.83 -103.85
N ILE CF 7 -11.84 -73.35 -103.09
CA ILE CF 7 -12.79 -72.33 -103.53
C ILE CF 7 -12.74 -71.18 -102.53
N THR CF 8 -12.72 -69.97 -103.04
CA THR CF 8 -12.81 -68.78 -102.21
C THR CF 8 -14.09 -68.02 -102.55
N LEU CF 9 -14.62 -67.31 -101.56
CA LEU CF 9 -15.79 -66.46 -101.74
C LEU CF 9 -15.42 -65.04 -101.35
N THR CF 10 -15.90 -64.07 -102.14
CA THR CF 10 -15.61 -62.68 -101.88
C THR CF 10 -16.78 -61.83 -102.35
N SER CF 11 -17.21 -60.90 -101.50
CA SER CF 11 -18.32 -60.02 -101.85
C SER CF 11 -18.29 -58.81 -100.91
N ARG CF 12 -19.23 -57.90 -101.15
CA ARG CF 12 -19.39 -56.70 -100.33
C ARG CF 12 -20.13 -57.00 -99.04
N ASN CF 13 -21.38 -57.45 -99.15
CA ASN CF 13 -22.19 -57.75 -97.99
C ASN CF 13 -21.81 -59.10 -97.40
N VAL CF 14 -22.40 -59.42 -96.26
CA VAL CF 14 -22.13 -60.66 -95.55
C VAL CF 14 -23.31 -61.61 -95.61
N LYS CF 15 -24.53 -61.07 -95.56
CA LYS CF 15 -25.72 -61.91 -95.54
C LYS CF 15 -25.76 -62.84 -96.74
N SER CF 16 -25.62 -62.28 -97.95
CA SER CF 16 -25.53 -63.14 -99.12
C SER CF 16 -24.28 -64.00 -99.03
N LEU CF 17 -23.15 -63.43 -98.62
CA LEU CF 17 -21.92 -64.20 -98.48
C LEU CF 17 -22.12 -65.35 -97.50
N GLU CF 18 -22.69 -65.07 -96.34
CA GLU CF 18 -22.88 -66.11 -95.34
C GLU CF 18 -23.83 -67.18 -95.86
N LYS CF 19 -24.88 -66.79 -96.57
CA LYS CF 19 -25.86 -67.78 -96.98
C LYS CF 19 -25.34 -68.63 -98.14
N VAL CF 20 -24.52 -68.06 -99.03
CA VAL CF 20 -23.89 -68.89 -100.06
C VAL CF 20 -22.89 -69.83 -99.41
N CYS CF 21 -22.18 -69.37 -98.38
CA CYS CF 21 -21.27 -70.26 -97.66
C CYS CF 21 -22.04 -71.44 -97.08
N ALA CF 22 -23.17 -71.15 -96.42
CA ALA CF 22 -23.98 -72.22 -95.86
C ALA CF 22 -24.54 -73.14 -96.94
N ASP CF 23 -24.95 -72.56 -98.08
CA ASP CF 23 -25.48 -73.36 -99.18
C ASP CF 23 -24.44 -74.35 -99.68
N LEU CF 24 -23.23 -73.87 -99.95
CA LEU CF 24 -22.19 -74.78 -100.42
C LEU CF 24 -21.79 -75.77 -99.33
N ILE CF 25 -21.80 -75.32 -98.08
CA ILE CF 25 -21.48 -76.21 -96.97
C ILE CF 25 -22.44 -77.39 -96.94
N ARG CF 26 -23.75 -77.09 -96.96
CA ARG CF 26 -24.74 -78.16 -96.91
C ARG CF 26 -24.74 -78.99 -98.18
N GLY CF 27 -24.50 -78.37 -99.33
CA GLY CF 27 -24.39 -79.14 -100.57
C GLY CF 27 -23.25 -80.14 -100.53
N ALA CF 28 -22.14 -79.76 -99.88
CA ALA CF 28 -21.07 -80.73 -99.66
C ALA CF 28 -21.46 -81.76 -98.61
N LYS CF 29 -22.16 -81.35 -97.55
CA LYS CF 29 -22.52 -82.31 -96.51
C LYS CF 29 -23.42 -83.41 -97.06
N GLU CF 30 -24.39 -83.05 -97.89
CA GLU CF 30 -25.33 -84.04 -98.37
C GLU CF 30 -24.70 -85.06 -99.32
N LYS CF 31 -23.50 -84.80 -99.81
CA LYS CF 31 -22.75 -85.81 -100.56
C LYS CF 31 -21.64 -86.45 -99.73
N ASN CF 32 -21.47 -86.04 -98.47
CA ASN CF 32 -20.68 -86.77 -97.47
C ASN CF 32 -19.24 -86.98 -97.94
N LEU CF 33 -18.51 -85.88 -98.02
CA LEU CF 33 -17.11 -85.92 -98.43
C LEU CF 33 -16.25 -85.15 -97.43
N LYS CF 34 -14.94 -85.17 -97.69
CA LYS CF 34 -13.99 -84.42 -96.87
C LYS CF 34 -14.30 -82.93 -96.96
N VAL CF 35 -14.75 -82.36 -95.86
CA VAL CF 35 -15.19 -80.97 -95.84
C VAL CF 35 -14.43 -80.21 -94.76
N LYS CF 36 -13.71 -79.17 -95.16
CA LYS CF 36 -13.10 -78.23 -94.24
C LYS CF 36 -13.98 -76.98 -94.19
N GLY CF 37 -14.33 -76.56 -92.97
CA GLY CF 37 -15.21 -75.43 -92.77
C GLY CF 37 -14.65 -74.12 -93.26
N PRO CF 38 -15.30 -73.02 -92.87
CA PRO CF 38 -14.97 -71.71 -93.42
C PRO CF 38 -13.80 -71.07 -92.69
N VAL CF 39 -12.70 -70.91 -93.41
CA VAL CF 39 -11.64 -70.01 -92.93
C VAL CF 39 -12.09 -68.59 -93.23
N ARG CF 40 -12.05 -67.74 -92.21
CA ARG CF 40 -12.68 -66.42 -92.27
C ARG CF 40 -11.60 -65.36 -92.35
N MET CF 41 -11.86 -64.34 -93.06
CA MET CF 41 -10.72 -63.49 -93.32
C MET CF 41 -10.87 -62.18 -92.55
N PRO CF 42 -9.78 -61.50 -92.13
CA PRO CF 42 -9.93 -60.12 -91.68
C PRO CF 42 -10.44 -59.21 -92.78
N THR CF 43 -11.09 -58.11 -92.40
CA THR CF 43 -11.89 -57.33 -93.33
C THR CF 43 -11.04 -56.22 -93.95
N LYS CF 44 -11.05 -56.16 -95.27
CA LYS CF 44 -10.46 -55.05 -95.99
C LYS CF 44 -11.47 -53.91 -96.08
N THR CF 45 -11.02 -52.69 -95.78
CA THR CF 45 -11.90 -51.54 -95.84
C THR CF 45 -11.21 -50.40 -96.59
N LEU CF 46 -11.97 -49.71 -97.43
CA LEU CF 46 -11.42 -48.61 -98.22
C LEU CF 46 -11.98 -47.29 -97.71
N ARG CF 47 -11.09 -46.30 -97.58
CA ARG CF 47 -11.30 -45.17 -96.69
C ARG CF 47 -11.16 -43.85 -97.44
N ILE CF 48 -11.88 -43.72 -98.57
CA ILE CF 48 -11.88 -42.45 -99.28
C ILE CF 48 -12.55 -41.39 -98.42
N THR CF 49 -11.84 -40.29 -98.19
CA THR CF 49 -12.34 -39.14 -97.46
C THR CF 49 -12.27 -37.91 -98.35
N THR CF 50 -13.41 -37.29 -98.62
CA THR CF 50 -13.50 -36.27 -99.66
C THR CF 50 -13.88 -34.92 -99.07
N ARG CF 51 -13.66 -33.87 -99.87
CA ARG CF 51 -13.87 -32.50 -99.45
C ARG CF 51 -15.33 -32.20 -99.12
N LYS CF 52 -16.27 -33.01 -99.61
CA LYS CF 52 -17.69 -32.93 -99.29
C LYS CF 52 -18.35 -31.67 -99.83
N THR CF 53 -17.58 -30.76 -100.40
CA THR CF 53 -18.16 -29.55 -100.96
C THR CF 53 -17.58 -29.29 -102.35
N PRO CF 54 -18.39 -28.82 -103.28
CA PRO CF 54 -17.89 -28.61 -104.65
C PRO CF 54 -16.81 -27.55 -104.72
N CYS CF 55 -17.09 -26.34 -104.23
CA CYS CF 55 -16.15 -25.25 -104.29
C CYS CF 55 -15.32 -25.22 -103.01
N GLY CF 56 -14.57 -24.14 -102.82
CA GLY CF 56 -13.75 -24.00 -101.64
C GLY CF 56 -14.44 -23.27 -100.51
N GLU CF 57 -15.57 -22.63 -100.82
CA GLU CF 57 -16.34 -21.95 -99.79
C GLU CF 57 -16.93 -22.96 -98.81
N GLY CF 58 -16.85 -22.65 -97.53
CA GLY CF 58 -17.47 -23.50 -96.53
C GLY CF 58 -16.79 -23.37 -95.19
N SER CF 59 -17.19 -24.25 -94.27
CA SER CF 59 -16.65 -24.30 -92.92
C SER CF 59 -15.69 -25.48 -92.76
N LYS CF 60 -15.03 -25.88 -93.84
CA LYS CF 60 -14.08 -27.00 -93.83
C LYS CF 60 -14.75 -28.28 -93.34
N THR CF 61 -15.73 -28.72 -94.10
CA THR CF 61 -16.50 -29.92 -93.77
C THR CF 61 -16.10 -31.05 -94.70
N TRP CF 62 -15.61 -32.14 -94.15
CA TRP CF 62 -15.15 -33.30 -94.91
C TRP CF 62 -16.23 -34.38 -94.92
N ASP CF 63 -16.02 -35.37 -95.76
CA ASP CF 63 -16.92 -36.52 -95.87
C ASP CF 63 -16.15 -37.82 -95.64
N ARG CF 64 -16.84 -38.81 -95.10
CA ARG CF 64 -16.27 -40.12 -94.79
C ARG CF 64 -17.01 -41.18 -95.60
N PHE CF 65 -16.29 -41.84 -96.50
CA PHE CF 65 -16.84 -42.93 -97.29
C PHE CF 65 -16.11 -44.23 -96.98
N GLN CF 66 -16.83 -45.34 -97.15
CA GLN CF 66 -16.37 -46.62 -96.66
C GLN CF 66 -16.59 -47.70 -97.69
N MET CF 67 -15.76 -48.74 -97.60
CA MET CF 67 -15.94 -50.01 -98.29
C MET CF 67 -15.74 -51.13 -97.28
N ARG CF 68 -16.63 -52.10 -97.27
CA ARG CF 68 -16.44 -53.30 -96.46
C ARG CF 68 -16.18 -54.49 -97.37
N ILE CF 69 -15.04 -55.15 -97.16
CA ILE CF 69 -14.66 -56.31 -97.95
C ILE CF 69 -14.55 -57.49 -97.00
N HIS CF 70 -15.24 -58.57 -97.34
CA HIS CF 70 -15.20 -59.82 -96.59
C HIS CF 70 -15.05 -60.95 -97.58
N LYS CF 71 -13.99 -61.74 -97.42
CA LYS CF 71 -13.77 -62.85 -98.32
C LYS CF 71 -13.59 -64.12 -97.52
N ARG CF 72 -14.10 -65.23 -98.05
CA ARG CF 72 -14.04 -66.51 -97.38
C ARG CF 72 -13.44 -67.55 -98.31
N LEU CF 73 -13.04 -68.67 -97.74
CA LEU CF 73 -12.32 -69.70 -98.48
C LEU CF 73 -12.64 -71.06 -97.87
N ILE CF 74 -12.85 -72.05 -98.73
CA ILE CF 74 -13.21 -73.40 -98.33
C ILE CF 74 -12.19 -74.36 -98.92
N ASP CF 75 -11.95 -75.47 -98.23
CA ASP CF 75 -11.06 -76.53 -98.71
C ASP CF 75 -11.77 -77.87 -98.67
N LEU CF 76 -11.65 -78.63 -99.76
CA LEU CF 76 -12.20 -79.97 -99.86
C LEU CF 76 -11.19 -80.87 -100.56
N HIS CF 77 -11.31 -82.17 -100.33
CA HIS CF 77 -10.53 -83.19 -101.03
C HIS CF 77 -11.56 -84.02 -101.80
N SER CF 78 -11.64 -83.83 -103.11
CA SER CF 78 -12.77 -84.37 -103.86
C SER CF 78 -12.41 -84.52 -105.34
N PRO CF 79 -13.14 -85.35 -106.07
CA PRO CF 79 -13.09 -85.26 -107.53
C PRO CF 79 -13.90 -84.06 -108.01
N SER CF 80 -13.35 -83.34 -109.00
CA SER CF 80 -13.96 -82.09 -109.43
C SER CF 80 -15.25 -82.30 -110.21
N GLU CF 81 -15.32 -83.37 -110.99
CA GLU CF 81 -16.43 -83.55 -111.92
C GLU CF 81 -17.78 -83.66 -111.21
N ILE CF 82 -17.80 -84.00 -109.93
CA ILE CF 82 -19.03 -84.08 -109.16
C ILE CF 82 -19.32 -82.77 -108.43
N VAL CF 83 -18.41 -81.82 -108.48
CA VAL CF 83 -18.58 -80.55 -107.77
C VAL CF 83 -18.79 -79.37 -108.70
N LYS CF 84 -18.35 -79.45 -109.97
CA LYS CF 84 -18.55 -78.34 -110.88
C LYS CF 84 -20.04 -78.02 -111.03
N GLN CF 85 -20.89 -79.04 -111.09
CA GLN CF 85 -22.31 -78.81 -111.24
C GLN CF 85 -22.92 -78.22 -109.97
N ILE CF 86 -22.52 -78.71 -108.80
CA ILE CF 86 -23.16 -78.26 -107.57
C ILE CF 86 -22.69 -76.86 -107.20
N THR CF 87 -21.53 -76.45 -107.68
CA THR CF 87 -21.17 -75.04 -107.66
C THR CF 87 -21.93 -74.24 -108.72
N SER CF 88 -22.13 -74.83 -109.90
CA SER CF 88 -22.78 -74.12 -111.00
C SER CF 88 -24.22 -73.75 -110.65
N ILE CF 89 -24.94 -74.65 -109.97
CA ILE CF 89 -26.34 -74.37 -109.67
C ILE CF 89 -26.47 -73.14 -108.78
N SER CF 90 -25.64 -73.04 -107.74
CA SER CF 90 -25.60 -71.83 -106.93
C SER CF 90 -25.01 -70.70 -107.76
N ILE CF 91 -25.78 -69.63 -107.94
CA ILE CF 91 -25.38 -68.51 -108.79
C ILE CF 91 -25.05 -67.27 -107.94
N GLU CF 92 -26.04 -66.72 -107.24
CA GLU CF 92 -25.88 -65.59 -106.33
C GLU CF 92 -25.14 -64.42 -106.99
N PRO CF 93 -25.83 -63.62 -107.80
CA PRO CF 93 -25.17 -62.52 -108.51
C PRO CF 93 -24.55 -61.46 -107.60
N GLY CF 94 -24.59 -61.67 -106.29
CA GLY CF 94 -24.02 -60.73 -105.34
C GLY CF 94 -22.69 -61.11 -104.75
N VAL CF 95 -22.01 -62.13 -105.28
CA VAL CF 95 -20.74 -62.59 -104.75
C VAL CF 95 -19.76 -62.78 -105.91
N GLU CF 96 -18.56 -63.25 -105.57
CA GLU CF 96 -17.57 -63.68 -106.55
C GLU CF 96 -17.07 -65.07 -106.17
N VAL CF 97 -16.87 -65.92 -107.17
CA VAL CF 97 -16.46 -67.30 -106.98
C VAL CF 97 -15.16 -67.55 -107.74
N GLU CF 98 -14.25 -68.31 -107.13
CA GLU CF 98 -12.97 -68.63 -107.74
C GLU CF 98 -12.48 -69.97 -107.20
N VAL CF 99 -12.27 -70.93 -108.10
CA VAL CF 99 -11.84 -72.29 -107.75
C VAL CF 99 -10.43 -72.51 -108.28
N THR CF 100 -9.56 -73.02 -107.41
CA THR CF 100 -8.19 -73.33 -107.77
C THR CF 100 -8.00 -74.83 -107.90
N ILE CF 101 -6.99 -75.21 -108.69
CA ILE CF 101 -6.69 -76.61 -108.92
C ILE CF 101 -6.16 -77.26 -107.65
N ALA CF 102 -6.22 -78.59 -107.60
CA ALA CF 102 -5.73 -79.35 -106.46
C ALA CF 102 -4.29 -79.00 -106.13
N ASP CF 103 -3.41 -79.08 -107.13
CA ASP CF 103 -2.01 -78.75 -106.93
C ASP CF 103 -1.79 -77.26 -106.68
N ALA CF 104 -2.81 -76.44 -106.89
CA ALA CF 104 -2.76 -75.00 -106.65
C ALA CF 104 -1.64 -74.34 -107.44
N ARG DF 1 -3.59 -11.49 -30.25
CA ARG DF 1 -4.78 -10.64 -30.24
C ARG DF 1 -5.81 -11.14 -31.24
N VAL DF 2 -5.38 -11.40 -32.47
CA VAL DF 2 -6.27 -11.97 -33.47
C VAL DF 2 -6.54 -13.43 -33.14
N GLN DF 3 -7.78 -13.87 -33.33
CA GLN DF 3 -8.14 -15.24 -33.02
C GLN DF 3 -7.32 -16.21 -33.89
N PRO DF 4 -6.81 -17.29 -33.31
CA PRO DF 4 -6.09 -18.28 -34.11
C PRO DF 4 -7.00 -19.03 -35.08
N ILE DF 5 -6.44 -19.98 -35.81
CA ILE DF 5 -7.25 -20.76 -36.72
C ILE DF 5 -8.24 -21.63 -35.96
N LYS DF 6 -9.27 -22.08 -36.66
CA LYS DF 6 -10.22 -23.02 -36.08
C LYS DF 6 -10.82 -23.83 -37.22
N LEU DF 7 -10.91 -25.13 -37.02
CA LEU DF 7 -11.44 -26.04 -38.03
C LEU DF 7 -12.95 -26.03 -37.97
N ALA DF 8 -13.61 -26.27 -39.10
CA ALA DF 8 -15.05 -26.13 -39.21
C ALA DF 8 -15.65 -27.28 -40.00
N ARG DF 9 -16.49 -28.08 -39.35
CA ARG DF 9 -17.31 -29.05 -40.04
C ARG DF 9 -18.34 -28.34 -40.90
N VAL DF 10 -18.87 -29.04 -41.90
CA VAL DF 10 -19.86 -28.48 -42.80
C VAL DF 10 -21.03 -29.41 -43.02
N THR DF 11 -22.21 -28.82 -43.05
CA THR DF 11 -23.44 -29.51 -43.39
C THR DF 11 -23.68 -29.36 -44.89
N LYS DF 12 -24.90 -29.69 -45.34
CA LYS DF 12 -25.20 -29.67 -46.76
C LYS DF 12 -24.99 -28.28 -47.36
N VAL DF 13 -24.28 -28.24 -48.48
CA VAL DF 13 -24.10 -27.02 -49.25
C VAL DF 13 -25.46 -26.62 -49.82
N LEU DF 14 -25.71 -25.31 -49.92
CA LEU DF 14 -27.00 -24.86 -50.41
C LEU DF 14 -26.94 -24.24 -51.80
N GLY DF 15 -25.79 -24.16 -52.43
CA GLY DF 15 -25.68 -23.72 -53.80
C GLY DF 15 -24.42 -22.91 -54.07
N ARG DF 16 -23.98 -22.95 -55.33
CA ARG DF 16 -22.86 -22.14 -55.76
C ARG DF 16 -23.26 -20.66 -55.79
N THR DF 17 -22.37 -19.81 -55.29
CA THR DF 17 -22.58 -18.37 -55.38
C THR DF 17 -21.37 -17.71 -56.04
N GLY DF 18 -21.43 -16.38 -56.21
CA GLY DF 18 -20.43 -15.68 -56.98
C GLY DF 18 -20.73 -15.60 -58.47
N SER DF 19 -21.89 -16.08 -58.91
CA SER DF 19 -22.41 -15.95 -60.27
C SER DF 19 -21.47 -16.48 -61.34
N GLN DF 20 -20.38 -17.14 -60.94
CA GLN DF 20 -19.59 -17.97 -61.84
C GLN DF 20 -19.19 -19.27 -61.15
N GLY DF 21 -19.58 -19.46 -59.89
CA GLY DF 21 -19.24 -20.65 -59.16
C GLY DF 21 -18.00 -20.56 -58.32
N GLN DF 22 -17.44 -19.37 -58.10
CA GLN DF 22 -16.27 -19.27 -57.25
C GLN DF 22 -16.59 -19.50 -55.79
N CYS DF 23 -17.87 -19.48 -55.40
CA CYS DF 23 -18.23 -19.52 -54.00
C CYS DF 23 -19.40 -20.48 -53.78
N THR DF 24 -19.34 -21.23 -52.68
CA THR DF 24 -20.37 -22.19 -52.32
C THR DF 24 -20.71 -22.01 -50.85
N GLN DF 25 -21.96 -21.67 -50.57
CA GLN DF 25 -22.41 -21.54 -49.18
C GLN DF 25 -22.54 -22.93 -48.56
N VAL DF 26 -21.81 -23.18 -47.49
CA VAL DF 26 -21.54 -24.55 -47.07
C VAL DF 26 -22.05 -24.85 -45.66
N ARG DF 27 -22.37 -23.81 -44.89
CA ARG DF 27 -22.92 -23.94 -43.54
C ARG DF 27 -21.95 -24.69 -42.63
N VAL DF 28 -20.85 -24.00 -42.34
CA VAL DF 28 -19.82 -24.54 -41.46
C VAL DF 28 -20.35 -24.74 -40.05
N GLU DF 29 -19.63 -25.55 -39.28
CA GLU DF 29 -19.91 -25.74 -37.86
C GLU DF 29 -18.61 -26.07 -37.15
N PHE DF 30 -18.56 -25.71 -35.87
CA PHE DF 30 -17.30 -25.64 -35.13
C PHE DF 30 -17.07 -26.82 -34.19
N MET DF 31 -17.93 -27.84 -34.22
CA MET DF 31 -17.82 -29.08 -33.45
C MET DF 31 -17.58 -28.87 -31.96
N ASP DF 32 -17.78 -27.66 -31.46
CA ASP DF 32 -17.82 -27.42 -30.03
C ASP DF 32 -19.15 -26.81 -29.60
N ASP DF 33 -19.55 -25.70 -30.22
CA ASP DF 33 -20.88 -25.14 -30.01
C ASP DF 33 -21.78 -25.58 -31.16
N THR DF 34 -22.04 -26.89 -31.20
CA THR DF 34 -22.74 -27.50 -32.33
C THR DF 34 -24.14 -26.94 -32.52
N SER DF 35 -24.85 -26.61 -31.44
CA SER DF 35 -26.18 -26.04 -31.57
C SER DF 35 -26.15 -24.66 -32.23
N ARG DF 36 -24.98 -24.03 -32.29
CA ARG DF 36 -24.80 -22.75 -32.95
C ARG DF 36 -23.96 -22.94 -34.20
N SER DF 37 -24.57 -22.78 -35.37
CA SER DF 37 -23.92 -23.05 -36.64
C SER DF 37 -24.15 -21.88 -37.59
N ILE DF 38 -23.17 -21.64 -38.47
CA ILE DF 38 -23.16 -20.48 -39.33
C ILE DF 38 -22.85 -20.91 -40.76
N ILE DF 39 -23.41 -20.17 -41.71
CA ILE DF 39 -23.31 -20.44 -43.13
C ILE DF 39 -22.10 -19.70 -43.70
N ARG DF 40 -21.38 -20.34 -44.63
CA ARG DF 40 -20.15 -19.76 -45.15
C ARG DF 40 -19.89 -20.20 -46.58
N ASN DF 41 -19.20 -19.35 -47.34
CA ASN DF 41 -18.85 -19.59 -48.72
C ASN DF 41 -17.39 -20.03 -48.84
N VAL DF 42 -17.10 -20.83 -49.86
CA VAL DF 42 -15.77 -21.40 -50.07
C VAL DF 42 -15.55 -21.52 -51.58
N LYS DF 43 -14.29 -21.46 -52.02
CA LYS DF 43 -13.93 -21.80 -53.38
C LYS DF 43 -13.31 -23.20 -53.41
N GLY DF 44 -13.70 -23.99 -54.39
CA GLY DF 44 -13.26 -25.36 -54.50
C GLY DF 44 -14.35 -26.32 -54.06
N PRO DF 45 -14.38 -27.51 -54.65
CA PRO DF 45 -15.39 -28.49 -54.25
C PRO DF 45 -15.28 -28.80 -52.76
N VAL DF 46 -16.45 -28.99 -52.15
CA VAL DF 46 -16.57 -28.95 -50.70
C VAL DF 46 -16.21 -30.28 -50.05
N ARG DF 47 -16.62 -31.39 -50.66
CA ARG DF 47 -16.60 -32.70 -50.01
C ARG DF 47 -17.46 -32.66 -48.74
N GLU DF 48 -18.75 -32.46 -48.98
CA GLU DF 48 -19.74 -32.20 -47.94
C GLU DF 48 -19.58 -33.13 -46.74
N GLY DF 49 -19.66 -32.55 -45.55
CA GLY DF 49 -19.46 -33.28 -44.32
C GLY DF 49 -18.03 -33.28 -43.81
N ASP DF 50 -17.11 -32.72 -44.58
CA ASP DF 50 -15.71 -32.66 -44.16
C ASP DF 50 -15.50 -31.45 -43.27
N VAL DF 51 -14.25 -31.25 -42.84
CA VAL DF 51 -13.85 -30.08 -42.09
C VAL DF 51 -13.05 -29.17 -43.01
N LEU DF 52 -13.00 -27.89 -42.65
CA LEU DF 52 -12.33 -26.88 -43.45
C LEU DF 52 -11.85 -25.76 -42.54
N THR DF 53 -10.62 -25.33 -42.76
CA THR DF 53 -9.98 -24.33 -41.94
C THR DF 53 -10.59 -22.96 -42.17
N LEU DF 54 -10.44 -22.08 -41.17
CA LEU DF 54 -11.01 -20.75 -41.26
C LEU DF 54 -10.35 -19.86 -40.21
N LEU DF 55 -10.04 -18.63 -40.61
CA LEU DF 55 -9.43 -17.68 -39.69
C LEU DF 55 -10.48 -16.96 -38.85
N GLU DF 56 -11.41 -16.26 -39.49
CA GLU DF 56 -12.47 -15.55 -38.80
C GLU DF 56 -13.80 -16.26 -39.00
N SER DF 57 -14.54 -16.46 -37.91
CA SER DF 57 -15.73 -17.30 -37.92
C SER DF 57 -16.92 -16.62 -38.61
N GLU DF 58 -17.40 -15.51 -38.06
CA GLU DF 58 -18.63 -14.88 -38.56
C GLU DF 58 -18.25 -13.74 -39.50
N ARG DF 59 -17.92 -14.11 -40.73
CA ARG DF 59 -17.56 -13.12 -41.74
C ARG DF 59 -18.80 -12.51 -42.39
N GLU DF 60 -19.49 -13.30 -43.20
CA GLU DF 60 -20.65 -12.84 -43.96
C GLU DF 60 -21.23 -14.00 -44.77
N ALA DF 61 -22.52 -13.95 -45.06
CA ALA DF 61 -23.16 -14.88 -46.00
C ALA DF 61 -24.56 -14.39 -46.36
N ARG DF 62 -24.83 -14.22 -47.65
CA ARG DF 62 -26.17 -13.82 -48.04
C ARG DF 62 -27.03 -15.06 -48.31
N ARG DF 63 -28.30 -14.81 -48.64
CA ARG DF 63 -29.26 -15.85 -48.94
C ARG DF 63 -29.66 -15.75 -50.41
N LEU DF 64 -29.67 -16.89 -51.09
CA LEU DF 64 -30.02 -16.91 -52.51
C LEU DF 64 -31.54 -16.91 -52.69
N GLY EF 1 -2.89 -28.94 -136.85
CA GLY EF 1 -1.74 -29.57 -137.47
C GLY EF 1 -0.53 -28.67 -137.54
N HIS EF 2 0.55 -29.16 -138.13
CA HIS EF 2 0.64 -30.49 -138.74
C HIS EF 2 0.91 -31.59 -137.72
N GLN EF 3 1.18 -32.78 -138.23
CA GLN EF 3 1.35 -33.95 -137.37
C GLN EF 3 2.54 -33.80 -136.43
N GLN EF 4 3.61 -33.13 -136.88
CA GLN EF 4 4.85 -33.14 -136.13
C GLN EF 4 4.79 -32.34 -134.83
N LEU EF 5 3.94 -31.30 -134.76
CA LEU EF 5 3.89 -30.44 -133.58
C LEU EF 5 2.54 -30.34 -132.91
N TYR EF 6 1.47 -30.86 -133.52
CA TYR EF 6 0.12 -30.69 -132.98
C TYR EF 6 0.03 -31.20 -131.55
N TRP EF 7 0.50 -32.41 -131.31
CA TRP EF 7 0.50 -33.03 -129.99
C TRP EF 7 1.92 -33.39 -129.60
N SER EF 8 2.87 -32.54 -129.98
CA SER EF 8 4.28 -32.84 -129.76
C SER EF 8 4.63 -32.93 -128.28
N HIS EF 9 3.89 -32.24 -127.43
CA HIS EF 9 4.22 -32.24 -126.02
C HIS EF 9 3.99 -33.63 -125.42
N PRO EF 10 4.86 -34.09 -124.54
CA PRO EF 10 4.69 -35.41 -123.92
C PRO EF 10 3.63 -35.37 -122.83
N ARG EF 11 2.54 -36.09 -123.07
CA ARG EF 11 1.52 -36.28 -122.04
C ARG EF 11 1.81 -37.52 -121.22
N LYS EF 12 3.06 -37.59 -120.77
CA LYS EF 12 3.57 -38.56 -119.82
C LYS EF 12 3.25 -38.00 -118.44
N PHE EF 13 3.97 -38.46 -117.42
CA PHE EF 13 3.87 -38.00 -116.04
C PHE EF 13 3.44 -36.53 -115.94
N GLY EF 14 2.44 -36.25 -115.10
CA GLY EF 14 1.98 -34.90 -114.89
C GLY EF 14 0.46 -34.82 -114.94
N GLN EF 15 -0.02 -33.62 -114.61
CA GLN EF 15 -1.46 -33.39 -114.56
C GLN EF 15 -2.10 -33.56 -115.93
N GLY EF 16 -1.43 -33.10 -116.98
CA GLY EF 16 -2.01 -33.20 -118.31
C GLY EF 16 -2.38 -34.62 -118.69
N SER EF 17 -1.54 -35.58 -118.32
CA SER EF 17 -1.89 -36.98 -118.54
C SER EF 17 -3.15 -37.35 -117.78
N ARG EF 18 -3.25 -36.92 -116.53
CA ARG EF 18 -4.41 -37.26 -115.70
C ARG EF 18 -5.65 -36.51 -116.16
N SER EF 19 -6.81 -37.09 -115.85
CA SER EF 19 -8.09 -36.51 -116.24
C SER EF 19 -9.19 -37.27 -115.54
N CYS EF 20 -10.28 -36.56 -115.25
CA CYS EF 20 -11.47 -37.22 -114.73
C CYS EF 20 -12.19 -37.97 -115.84
N ARG EF 21 -12.36 -39.27 -115.65
CA ARG EF 21 -12.99 -40.09 -116.67
C ARG EF 21 -14.46 -39.75 -116.88
N VAL EF 22 -15.06 -38.98 -115.98
CA VAL EF 22 -16.46 -38.58 -116.12
C VAL EF 22 -16.58 -37.23 -116.80
N CYS EF 23 -16.02 -36.18 -116.20
CA CYS EF 23 -16.21 -34.82 -116.69
C CYS EF 23 -14.95 -34.22 -117.29
N SER EF 24 -13.95 -35.05 -117.60
CA SER EF 24 -12.70 -34.60 -118.22
C SER EF 24 -12.01 -33.51 -117.40
N ASN EF 25 -12.38 -33.37 -116.13
CA ASN EF 25 -11.74 -32.39 -115.28
C ASN EF 25 -10.33 -32.85 -114.94
N ARG EF 26 -9.46 -31.88 -114.64
CA ARG EF 26 -8.07 -32.16 -114.31
C ARG EF 26 -7.68 -31.44 -113.04
N HIS EF 27 -8.59 -31.48 -112.05
CA HIS EF 27 -8.36 -30.84 -110.78
C HIS EF 27 -9.08 -31.63 -109.70
N GLY EF 28 -8.42 -31.79 -108.55
CA GLY EF 28 -9.00 -32.56 -107.46
C GLY EF 28 -9.23 -34.01 -107.84
N LEU EF 29 -8.26 -34.59 -108.53
CA LEU EF 29 -8.39 -35.95 -109.03
C LEU EF 29 -8.30 -36.96 -107.90
N ILE EF 30 -8.76 -38.18 -108.19
CA ILE EF 30 -8.72 -39.27 -107.23
C ILE EF 30 -8.13 -40.51 -107.91
N ARG EF 31 -6.85 -40.77 -107.66
CA ARG EF 31 -6.16 -41.90 -108.26
C ARG EF 31 -5.99 -43.07 -107.29
N LYS EF 32 -6.70 -43.07 -106.18
CA LYS EF 32 -6.77 -44.26 -105.33
C LYS EF 32 -7.49 -45.37 -106.10
N TYR EF 33 -6.97 -46.58 -105.98
CA TYR EF 33 -7.67 -47.81 -106.39
C TYR EF 33 -8.20 -47.76 -107.81
N GLY EF 34 -7.79 -46.77 -108.61
CA GLY EF 34 -8.09 -46.81 -110.04
C GLY EF 34 -9.32 -46.06 -110.48
N LEU EF 35 -9.81 -45.09 -109.70
CA LEU EF 35 -10.94 -44.33 -110.19
C LEU EF 35 -10.45 -43.28 -111.20
N ASN EF 36 -9.34 -42.59 -110.88
CA ASN EF 36 -8.79 -41.53 -111.72
C ASN EF 36 -9.88 -40.56 -112.17
N MET EF 37 -10.61 -40.02 -111.20
CA MET EF 37 -11.77 -39.17 -111.51
C MET EF 37 -12.03 -38.23 -110.35
N CYS EF 38 -12.67 -37.11 -110.68
CA CYS EF 38 -12.73 -35.97 -109.78
C CYS EF 38 -13.61 -36.27 -108.58
N ARG EF 39 -13.36 -35.52 -107.50
CA ARG EF 39 -14.06 -35.77 -106.26
C ARG EF 39 -15.56 -35.50 -106.40
N GLN EF 40 -15.94 -34.42 -107.09
CA GLN EF 40 -17.35 -34.05 -107.15
C GLN EF 40 -18.17 -35.12 -107.84
N CYS EF 41 -17.73 -35.58 -109.01
CA CYS EF 41 -18.46 -36.63 -109.70
C CYS EF 41 -18.42 -37.94 -108.93
N PHE EF 42 -17.44 -38.14 -108.06
CA PHE EF 42 -17.48 -39.29 -107.17
C PHE EF 42 -18.59 -39.14 -106.14
N ARG EF 43 -18.67 -37.97 -105.52
CA ARG EF 43 -19.74 -37.73 -104.55
C ARG EF 43 -21.11 -37.93 -105.19
N GLN EF 44 -21.27 -37.44 -106.41
CA GLN EF 44 -22.51 -37.66 -107.13
C GLN EF 44 -22.77 -39.14 -107.34
N TYR EF 45 -21.71 -39.92 -107.55
CA TYR EF 45 -21.83 -41.33 -107.92
C TYR EF 45 -21.48 -42.27 -106.78
N ALA EF 46 -21.25 -41.75 -105.57
CA ALA EF 46 -20.66 -42.55 -104.50
C ALA EF 46 -21.49 -43.78 -104.16
N LYS EF 47 -22.81 -43.63 -104.03
CA LYS EF 47 -23.64 -44.78 -103.71
C LYS EF 47 -23.65 -45.78 -104.87
N ASP EF 48 -23.59 -45.29 -106.10
CA ASP EF 48 -23.61 -46.19 -107.24
C ASP EF 48 -22.33 -47.02 -107.29
N ILE EF 49 -21.18 -46.37 -107.07
CA ILE EF 49 -19.95 -47.13 -106.88
C ILE EF 49 -20.05 -47.99 -105.64
N GLY EF 50 -20.91 -47.62 -104.70
CA GLY EF 50 -21.08 -48.36 -103.47
C GLY EF 50 -20.32 -47.79 -102.30
N PHE EF 51 -19.71 -46.63 -102.44
CA PHE EF 51 -19.00 -46.02 -101.32
C PHE EF 51 -20.04 -45.47 -100.35
N ILE EF 52 -20.47 -46.31 -99.42
CA ILE EF 52 -21.50 -45.92 -98.48
C ILE EF 52 -20.92 -44.96 -97.46
N LYS EF 53 -21.74 -44.01 -97.02
CA LYS EF 53 -21.38 -43.11 -95.93
C LYS EF 53 -22.02 -43.67 -94.67
N LEU EF 54 -21.47 -44.80 -94.22
CA LEU EF 54 -21.98 -45.43 -93.01
C LEU EF 54 -21.54 -44.65 -91.77
N ASP EF 55 -20.45 -43.92 -91.87
CA ASP EF 55 -19.97 -43.08 -90.78
C ASP EF 55 -19.22 -41.89 -91.35
N THR FF 1 -41.86 -82.08 -31.48
CA THR FF 1 -41.04 -80.98 -31.00
C THR FF 1 -40.04 -80.52 -32.07
N GLU FF 2 -40.29 -80.95 -33.31
CA GLU FF 2 -39.43 -80.55 -34.42
C GLU FF 2 -39.54 -79.05 -34.67
N GLN FF 3 -38.40 -78.42 -34.91
CA GLN FF 3 -38.37 -77.00 -35.23
C GLN FF 3 -37.44 -76.76 -36.40
N MET FF 4 -37.87 -75.91 -37.33
CA MET FF 4 -37.09 -75.61 -38.53
C MET FF 4 -36.23 -74.39 -38.26
N THR FF 5 -34.97 -74.64 -37.89
CA THR FF 5 -34.01 -73.57 -37.62
C THR FF 5 -32.87 -73.63 -38.65
N LEU FF 6 -32.19 -72.49 -38.79
CA LEU FF 6 -31.18 -72.35 -39.84
C LEU FF 6 -29.80 -72.74 -39.32
N ARG FF 7 -29.15 -73.66 -40.03
CA ARG FF 7 -27.81 -74.14 -39.68
C ARG FF 7 -26.76 -73.41 -40.52
N GLY FF 8 -26.62 -72.12 -40.25
CA GLY FF 8 -25.61 -71.33 -40.93
C GLY FF 8 -26.06 -70.84 -42.29
N THR FF 9 -25.21 -70.02 -42.89
CA THR FF 9 -25.48 -69.40 -44.19
C THR FF 9 -24.33 -69.67 -45.14
N LEU FF 10 -24.63 -69.60 -46.44
CA LEU FF 10 -23.66 -69.82 -47.49
C LEU FF 10 -23.57 -68.56 -48.36
N LYS FF 11 -22.54 -67.77 -48.12
CA LYS FF 11 -22.24 -66.61 -48.95
C LYS FF 11 -21.35 -67.06 -50.10
N GLY FF 12 -21.57 -66.49 -51.28
CA GLY FF 12 -21.00 -67.04 -52.49
C GLY FF 12 -21.35 -66.28 -53.73
N HIS FF 13 -21.87 -67.00 -54.73
CA HIS FF 13 -22.14 -66.45 -56.05
C HIS FF 13 -22.85 -65.11 -55.97
N ASN FF 14 -22.34 -64.14 -56.72
CA ASN FF 14 -22.78 -62.75 -56.64
C ASN FF 14 -24.13 -62.52 -57.31
N GLY FF 15 -24.79 -63.58 -57.77
CA GLY FF 15 -26.10 -63.47 -58.37
C GLY FF 15 -27.16 -64.03 -57.45
N TRP FF 16 -28.24 -64.50 -58.07
CA TRP FF 16 -29.30 -65.19 -57.35
C TRP FF 16 -28.85 -66.62 -57.09
N VAL FF 17 -29.77 -67.46 -56.64
CA VAL FF 17 -29.54 -68.90 -56.55
C VAL FF 17 -30.67 -69.55 -57.34
N THR FF 18 -30.45 -69.77 -58.64
CA THR FF 18 -31.52 -70.25 -59.51
C THR FF 18 -31.96 -71.66 -59.11
N GLN FF 19 -31.01 -72.53 -58.79
CA GLN FF 19 -31.34 -73.91 -58.49
C GLN FF 19 -30.23 -74.50 -57.63
N ILE FF 20 -30.61 -75.36 -56.68
CA ILE FF 20 -29.69 -75.99 -55.76
C ILE FF 20 -30.04 -77.47 -55.64
N ALA FF 21 -29.03 -78.34 -55.70
CA ALA FF 21 -29.26 -79.78 -55.73
C ALA FF 21 -28.24 -80.49 -54.85
N THR FF 22 -28.41 -81.81 -54.75
CA THR FF 22 -27.55 -82.66 -53.94
C THR FF 22 -27.59 -84.08 -54.50
N THR FF 23 -26.84 -84.97 -53.85
CA THR FF 23 -26.77 -86.38 -54.23
C THR FF 23 -26.74 -87.24 -52.97
N PRO FF 24 -27.74 -88.06 -52.74
CA PRO FF 24 -27.68 -89.04 -51.69
C PRO FF 24 -26.38 -89.85 -51.68
N GLN FF 25 -25.90 -90.22 -52.86
CA GLN FF 25 -24.72 -91.09 -52.94
C GLN FF 25 -23.52 -90.43 -52.29
N PHE FF 26 -23.33 -89.14 -52.50
CA PHE FF 26 -22.27 -88.37 -51.84
C PHE FF 26 -22.95 -87.37 -50.92
N PRO FF 27 -23.09 -87.68 -49.62
CA PRO FF 27 -23.70 -86.71 -48.71
C PRO FF 27 -22.94 -85.39 -48.66
N ASP FF 28 -21.63 -85.42 -48.82
CA ASP FF 28 -20.82 -84.20 -48.85
C ASP FF 28 -20.67 -83.67 -50.27
N MET FF 29 -21.80 -83.49 -50.95
CA MET FF 29 -21.79 -82.98 -52.32
C MET FF 29 -23.12 -82.28 -52.58
N ILE FF 30 -23.08 -80.96 -52.74
CA ILE FF 30 -24.25 -80.19 -53.14
C ILE FF 30 -23.84 -79.19 -54.20
N LEU FF 31 -24.74 -78.94 -55.14
CA LEU FF 31 -24.53 -77.98 -56.21
C LEU FF 31 -25.45 -76.78 -56.01
N SER FF 32 -25.02 -75.62 -56.48
CA SER FF 32 -25.80 -74.40 -56.34
C SER FF 32 -25.68 -73.58 -57.61
N ALA FF 33 -26.65 -73.73 -58.51
CA ALA FF 33 -26.71 -72.88 -59.70
C ALA FF 33 -27.06 -71.45 -59.31
N SER FF 34 -26.56 -70.50 -60.09
CA SER FF 34 -26.70 -69.09 -59.73
C SER FF 34 -26.91 -68.27 -60.98
N ARG FF 35 -27.05 -66.95 -60.78
CA ARG FF 35 -27.32 -66.00 -61.85
C ARG FF 35 -26.06 -65.45 -62.50
N ASP FF 36 -24.88 -65.79 -61.99
CA ASP FF 36 -23.63 -65.26 -62.53
C ASP FF 36 -22.96 -66.25 -63.46
N LYS FF 37 -23.75 -66.99 -64.25
CA LYS FF 37 -23.23 -67.88 -65.29
C LYS FF 37 -22.23 -68.89 -64.74
N THR FF 38 -22.52 -69.47 -63.57
CA THR FF 38 -21.60 -70.47 -63.03
C THR FF 38 -22.33 -71.38 -62.05
N ILE FF 39 -21.87 -72.61 -61.98
CA ILE FF 39 -22.29 -73.57 -60.95
C ILE FF 39 -21.32 -73.49 -59.79
N ILE FF 40 -21.84 -73.56 -58.58
CA ILE FF 40 -21.03 -73.43 -57.38
C ILE FF 40 -21.35 -74.61 -56.48
N MET FF 41 -20.44 -75.58 -56.43
CA MET FF 41 -20.59 -76.77 -55.60
C MET FF 41 -19.82 -76.56 -54.31
N TRP FF 42 -20.39 -77.01 -53.21
CA TRP FF 42 -19.82 -76.81 -51.89
C TRP FF 42 -19.67 -78.17 -51.21
N LYS FF 43 -18.49 -78.44 -50.67
CA LYS FF 43 -18.33 -79.57 -49.79
C LYS FF 43 -18.93 -79.22 -48.43
N LEU FF 44 -19.80 -80.09 -47.93
CA LEU FF 44 -20.55 -79.79 -46.71
C LEU FF 44 -19.77 -80.31 -45.50
N THR FF 45 -18.76 -79.54 -45.11
CA THR FF 45 -18.02 -79.85 -43.90
C THR FF 45 -18.86 -79.64 -42.64
N ARG FF 46 -20.02 -78.98 -42.76
CA ARG FF 46 -20.86 -78.66 -41.62
C ARG FF 46 -20.08 -77.88 -40.56
N ASP FF 47 -19.04 -77.18 -41.00
CA ASP FF 47 -18.16 -76.49 -40.09
C ASP FF 47 -18.77 -75.17 -39.63
N GLU FF 48 -18.31 -74.69 -38.48
CA GLU FF 48 -18.82 -73.44 -37.93
C GLU FF 48 -18.51 -72.29 -38.88
N THR FF 49 -19.52 -71.45 -39.11
CA THR FF 49 -19.46 -70.28 -39.99
C THR FF 49 -19.12 -70.65 -41.43
N ASN FF 50 -19.04 -71.95 -41.73
CA ASN FF 50 -18.92 -72.39 -43.12
C ASN FF 50 -19.41 -73.84 -43.17
N TYR FF 51 -20.64 -74.01 -43.61
CA TYR FF 51 -21.19 -75.34 -43.84
C TYR FF 51 -20.85 -75.87 -45.22
N GLY FF 52 -20.25 -75.04 -46.07
CA GLY FF 52 -19.92 -75.44 -47.42
C GLY FF 52 -18.71 -74.71 -47.97
N ILE FF 53 -17.78 -75.45 -48.56
CA ILE FF 53 -16.59 -74.87 -49.18
C ILE FF 53 -16.76 -74.96 -50.69
N PRO FF 54 -16.89 -73.86 -51.40
CA PRO FF 54 -16.97 -73.91 -52.86
C PRO FF 54 -15.60 -74.07 -53.49
N GLN FF 55 -15.03 -75.26 -53.35
CA GLN FF 55 -13.68 -75.55 -53.83
C GLN FF 55 -13.59 -75.66 -55.35
N ARG FF 56 -14.69 -75.40 -56.06
CA ARG FF 56 -14.69 -75.47 -57.51
C ARG FF 56 -15.52 -74.32 -58.07
N ALA FF 57 -14.98 -73.68 -59.11
CA ALA FF 57 -15.71 -72.65 -59.84
C ALA FF 57 -16.27 -73.29 -61.11
N LEU FF 58 -17.32 -74.08 -60.93
CA LEU FF 58 -17.96 -74.74 -62.07
C LEU FF 58 -18.66 -73.71 -62.95
N ARG FF 59 -18.10 -73.43 -64.11
CA ARG FF 59 -18.61 -72.37 -64.98
C ARG FF 59 -18.41 -72.78 -66.43
N GLY FF 60 -18.88 -71.96 -67.37
CA GLY FF 60 -18.68 -72.21 -68.77
C GLY FF 60 -19.87 -71.97 -69.67
N HIS FF 61 -20.91 -71.30 -69.18
CA HIS FF 61 -22.11 -71.03 -69.97
C HIS FF 61 -22.15 -69.55 -70.29
N SER FF 62 -22.58 -69.22 -71.52
CA SER FF 62 -22.65 -67.82 -71.93
C SER FF 62 -23.62 -67.05 -71.04
N HIS FF 63 -24.83 -67.57 -70.87
CA HIS FF 63 -25.87 -66.90 -70.12
C HIS FF 63 -26.34 -67.85 -69.04
N PHE FF 64 -26.66 -67.30 -67.87
CA PHE FF 64 -26.57 -68.05 -66.61
C PHE FF 64 -27.37 -69.34 -66.64
N VAL FF 65 -26.88 -70.31 -65.87
CA VAL FF 65 -27.49 -71.62 -65.78
C VAL FF 65 -28.81 -71.53 -65.00
N SER FF 66 -29.81 -72.28 -65.45
CA SER FF 66 -31.12 -72.31 -64.81
C SER FF 66 -31.35 -73.53 -63.94
N ASP FF 67 -30.69 -74.65 -64.23
CA ASP FF 67 -30.92 -75.87 -63.47
C ASP FF 67 -29.73 -76.81 -63.62
N VAL FF 68 -29.54 -77.67 -62.62
CA VAL FF 68 -28.57 -78.76 -62.69
C VAL FF 68 -29.07 -79.89 -61.81
N VAL FF 69 -28.77 -81.12 -62.24
CA VAL FF 69 -29.05 -82.33 -61.48
C VAL FF 69 -27.80 -83.18 -61.52
N ILE FF 70 -27.68 -84.09 -60.56
CA ILE FF 70 -26.57 -85.03 -60.50
C ILE FF 70 -27.12 -86.44 -60.65
N SER FF 71 -26.37 -87.27 -61.37
CA SER FF 71 -26.80 -88.65 -61.60
C SER FF 71 -26.68 -89.46 -60.33
N SER FF 72 -27.30 -90.64 -60.33
CA SER FF 72 -27.20 -91.51 -59.17
C SER FF 72 -25.91 -92.30 -59.16
N ASP FF 73 -24.79 -91.62 -59.43
CA ASP FF 73 -23.46 -92.16 -59.19
C ASP FF 73 -22.48 -91.12 -58.65
N GLY FF 74 -22.81 -89.83 -58.70
CA GLY FF 74 -21.89 -88.79 -58.26
C GLY FF 74 -20.78 -88.46 -59.22
N GLN FF 75 -20.91 -88.86 -60.49
CA GLN FF 75 -19.86 -88.67 -61.48
C GLN FF 75 -20.13 -87.50 -62.42
N PHE FF 76 -21.31 -87.44 -63.01
CA PHE FF 76 -21.67 -86.39 -63.95
C PHE FF 76 -22.87 -85.60 -63.42
N ALA FF 77 -22.93 -84.33 -63.81
CA ALA FF 77 -24.05 -83.48 -63.47
C ALA FF 77 -24.12 -82.38 -64.52
N LEU FF 78 -25.12 -82.43 -65.38
CA LEU FF 78 -25.14 -81.52 -66.53
C LEU FF 78 -25.99 -80.31 -66.20
N SER FF 79 -25.54 -79.16 -66.67
CA SER FF 79 -26.16 -77.88 -66.35
C SER FF 79 -26.93 -77.34 -67.54
N GLY FF 80 -27.98 -76.58 -67.24
CA GLY FF 80 -28.81 -75.97 -68.26
C GLY FF 80 -28.73 -74.46 -68.25
N SER FF 81 -28.16 -73.89 -69.31
CA SER FF 81 -27.85 -72.46 -69.35
C SER FF 81 -29.12 -71.64 -69.53
N TRP FF 82 -28.94 -70.34 -69.73
CA TRP FF 82 -29.96 -69.51 -70.34
C TRP FF 82 -29.59 -69.18 -71.78
N ASP FF 83 -28.78 -70.02 -72.39
CA ASP FF 83 -28.53 -69.99 -73.82
C ASP FF 83 -29.27 -71.08 -74.57
N GLY FF 84 -29.94 -71.98 -73.86
CA GLY FF 84 -30.40 -73.21 -74.45
C GLY FF 84 -29.30 -74.24 -74.63
N THR FF 85 -28.10 -73.96 -74.13
CA THR FF 85 -26.94 -74.83 -74.28
C THR FF 85 -26.76 -75.62 -72.98
N LEU FF 86 -27.14 -76.88 -73.01
CA LEU FF 86 -26.85 -77.77 -71.91
C LEU FF 86 -25.39 -78.22 -71.98
N ARG FF 87 -24.75 -78.31 -70.82
CA ARG FF 87 -23.37 -78.77 -70.71
C ARG FF 87 -23.35 -80.02 -69.85
N LEU FF 88 -23.11 -81.17 -70.49
CA LEU FF 88 -22.92 -82.41 -69.73
C LEU FF 88 -21.56 -82.31 -69.05
N TRP FF 89 -21.57 -81.99 -67.76
CA TRP FF 89 -20.37 -81.66 -67.03
C TRP FF 89 -19.91 -82.86 -66.21
N ASP FF 90 -18.59 -82.97 -66.04
CA ASP FF 90 -18.00 -84.02 -65.23
C ASP FF 90 -17.49 -83.42 -63.93
N LEU FF 91 -17.96 -83.97 -62.80
CA LEU FF 91 -17.69 -83.37 -61.50
C LEU FF 91 -16.22 -83.47 -61.09
N THR FF 92 -15.49 -84.47 -61.56
CA THR FF 92 -14.09 -84.60 -61.19
C THR FF 92 -13.26 -83.53 -61.89
N THR FF 93 -12.37 -82.89 -61.14
CA THR FF 93 -11.41 -81.91 -61.65
C THR FF 93 -12.06 -80.71 -62.34
N GLY FF 94 -13.39 -80.60 -62.26
CA GLY FF 94 -14.07 -79.48 -62.88
C GLY FF 94 -13.88 -79.41 -64.37
N THR FF 95 -14.45 -80.37 -65.11
CA THR FF 95 -14.32 -80.42 -66.55
C THR FF 95 -15.66 -80.75 -67.17
N THR FF 96 -15.98 -80.08 -68.29
CA THR FF 96 -17.17 -80.39 -69.06
C THR FF 96 -16.90 -81.56 -69.99
N THR FF 97 -17.85 -82.50 -70.04
CA THR FF 97 -17.72 -83.65 -70.91
C THR FF 97 -18.19 -83.33 -72.33
N ARG FF 98 -19.46 -82.96 -72.48
CA ARG FF 98 -20.04 -82.65 -73.77
C ARG FF 98 -21.11 -81.60 -73.59
N ARG FF 99 -21.50 -80.96 -74.69
CA ARG FF 99 -22.52 -79.94 -74.69
C ARG FF 99 -23.70 -80.38 -75.55
N PHE FF 100 -24.89 -79.90 -75.19
CA PHE FF 100 -26.12 -80.25 -75.87
C PHE FF 100 -26.66 -79.02 -76.57
N VAL FF 101 -26.93 -79.14 -77.87
CA VAL FF 101 -27.39 -78.02 -78.68
C VAL FF 101 -28.64 -78.43 -79.43
N GLY FF 102 -29.45 -77.45 -79.79
CA GLY FF 102 -30.71 -77.70 -80.46
C GLY FF 102 -31.80 -76.78 -79.98
N HIS FF 103 -31.59 -76.17 -78.83
CA HIS FF 103 -32.55 -75.23 -78.28
C HIS FF 103 -32.27 -73.83 -78.81
N THR FF 104 -33.18 -73.34 -79.66
CA THR FF 104 -32.99 -72.00 -80.20
C THR FF 104 -33.17 -70.94 -79.12
N LYS FF 105 -33.97 -71.23 -78.09
CA LYS FF 105 -34.12 -70.36 -76.95
C LYS FF 105 -33.53 -71.01 -75.70
N ASP FF 106 -33.58 -70.27 -74.60
CA ASP FF 106 -32.90 -70.67 -73.38
C ASP FF 106 -33.58 -71.86 -72.72
N VAL FF 107 -32.77 -72.72 -72.10
CA VAL FF 107 -33.26 -73.91 -71.41
C VAL FF 107 -33.57 -73.56 -69.97
N LEU FF 108 -34.70 -74.07 -69.47
CA LEU FF 108 -35.20 -73.72 -68.16
C LEU FF 108 -34.90 -74.76 -67.10
N SER FF 109 -35.02 -76.04 -67.41
CA SER FF 109 -34.73 -77.08 -66.43
C SER FF 109 -34.35 -78.37 -67.14
N VAL FF 110 -33.60 -79.21 -66.41
CA VAL FF 110 -33.19 -80.52 -66.89
C VAL FF 110 -33.30 -81.52 -65.74
N ALA FF 111 -33.24 -82.80 -66.08
CA ALA FF 111 -33.28 -83.87 -65.08
C ALA FF 111 -32.76 -85.15 -65.72
N PHE FF 112 -32.38 -86.11 -64.87
CA PHE FF 112 -31.82 -87.37 -65.32
C PHE FF 112 -32.83 -88.50 -65.14
N SER FF 113 -32.71 -89.50 -66.01
CA SER FF 113 -33.49 -90.72 -65.84
C SER FF 113 -32.92 -91.53 -64.67
N SER FF 114 -33.68 -92.53 -64.22
CA SER FF 114 -33.26 -93.33 -63.09
C SER FF 114 -31.97 -94.08 -63.39
N ASP FF 115 -31.86 -94.64 -64.59
CA ASP FF 115 -30.61 -95.21 -65.05
C ASP FF 115 -29.68 -94.16 -65.63
N ASN FF 116 -30.10 -92.90 -65.62
CA ASN FF 116 -29.35 -91.76 -66.14
C ASN FF 116 -29.10 -91.87 -67.64
N ARG FF 117 -29.73 -92.83 -68.31
CA ARG FF 117 -29.50 -93.00 -69.74
C ARG FF 117 -30.25 -91.97 -70.57
N GLN FF 118 -31.34 -91.41 -70.05
CA GLN FF 118 -32.16 -90.46 -70.79
C GLN FF 118 -32.11 -89.10 -70.11
N ILE FF 119 -32.12 -88.04 -70.91
CA ILE FF 119 -32.09 -86.66 -70.44
C ILE FF 119 -33.19 -85.87 -71.13
N VAL FF 120 -33.98 -85.14 -70.34
CA VAL FF 120 -35.05 -84.30 -70.85
C VAL FF 120 -34.65 -82.85 -70.68
N SER FF 121 -35.02 -82.02 -71.65
CA SER FF 121 -34.65 -80.61 -71.63
C SER FF 121 -35.89 -79.76 -71.83
N GLY FF 122 -36.04 -78.74 -70.98
CA GLY FF 122 -37.13 -77.79 -71.09
C GLY FF 122 -36.68 -76.38 -71.36
N SER FF 123 -37.24 -75.75 -72.39
CA SER FF 123 -36.75 -74.44 -72.80
C SER FF 123 -37.86 -73.44 -73.01
N ARG FF 124 -37.48 -72.27 -73.48
CA ARG FF 124 -38.40 -71.23 -73.90
C ARG FF 124 -39.03 -71.54 -75.25
N ASP FF 125 -38.56 -72.59 -75.91
CA ASP FF 125 -38.90 -72.91 -77.29
C ASP FF 125 -40.22 -73.63 -77.41
N LYS FF 126 -41.05 -73.60 -76.37
CA LYS FF 126 -42.38 -74.21 -76.33
C LYS FF 126 -42.37 -75.69 -76.67
N THR FF 127 -41.20 -76.33 -76.67
CA THR FF 127 -41.12 -77.76 -76.93
C THR FF 127 -40.03 -78.37 -76.07
N ILE FF 128 -40.06 -79.70 -75.98
CA ILE FF 128 -39.22 -80.47 -75.09
C ILE FF 128 -38.32 -81.39 -75.91
N LYS FF 129 -37.05 -81.47 -75.55
CA LYS FF 129 -36.14 -82.42 -76.16
C LYS FF 129 -35.78 -83.51 -75.17
N LEU FF 130 -35.69 -84.73 -75.67
CA LEU FF 130 -35.19 -85.87 -74.92
C LEU FF 130 -33.90 -86.32 -75.56
N TRP FF 131 -32.90 -86.62 -74.74
CA TRP FF 131 -31.55 -86.87 -75.23
C TRP FF 131 -30.96 -88.12 -74.60
N ASN FF 132 -29.99 -88.71 -75.30
CA ASN FF 132 -29.19 -89.78 -74.74
C ASN FF 132 -27.93 -89.22 -74.07
N THR FF 133 -27.27 -90.08 -73.32
CA THR FF 133 -26.01 -89.68 -72.68
C THR FF 133 -24.96 -89.31 -73.72
N LEU FF 134 -24.97 -90.01 -74.87
CA LEU FF 134 -23.98 -89.75 -75.90
C LEU FF 134 -24.13 -88.35 -76.48
N GLY FF 135 -25.34 -87.81 -76.52
CA GLY FF 135 -25.52 -86.45 -76.99
C GLY FF 135 -26.33 -86.31 -78.25
N VAL FF 136 -27.31 -87.17 -78.44
CA VAL FF 136 -28.25 -87.04 -79.56
C VAL FF 136 -29.66 -87.06 -79.00
N CYS FF 137 -30.56 -86.38 -79.70
CA CYS FF 137 -31.97 -86.30 -79.33
C CYS FF 137 -32.78 -87.21 -80.25
N LYS FF 138 -33.59 -88.07 -79.66
CA LYS FF 138 -34.35 -89.01 -80.47
C LYS FF 138 -35.68 -88.42 -80.93
N TYR FF 139 -36.31 -87.60 -80.09
CA TYR FF 139 -37.64 -87.08 -80.41
C TYR FF 139 -37.80 -85.72 -79.77
N THR FF 140 -38.09 -84.71 -80.60
CA THR FF 140 -38.43 -83.36 -80.15
C THR FF 140 -39.93 -83.28 -80.07
N VAL FF 141 -40.48 -83.48 -78.87
CA VAL FF 141 -41.93 -83.54 -78.73
C VAL FF 141 -42.50 -82.15 -78.96
N GLN FF 142 -43.43 -82.06 -79.91
CA GLN FF 142 -44.09 -80.81 -80.25
C GLN FF 142 -45.55 -81.13 -80.54
N ASP FF 143 -46.26 -80.15 -81.11
CA ASP FF 143 -47.61 -80.30 -81.66
C ASP FF 143 -48.62 -80.76 -80.62
N GLU FF 144 -48.16 -80.98 -79.38
CA GLU FF 144 -49.04 -81.26 -78.26
C GLU FF 144 -48.62 -80.52 -77.00
N SER FF 145 -47.36 -80.13 -76.89
CA SER FF 145 -46.82 -79.56 -75.65
C SER FF 145 -47.38 -78.16 -75.43
N HIS FF 146 -46.88 -77.48 -74.41
CA HIS FF 146 -47.31 -76.12 -74.10
C HIS FF 146 -47.03 -75.19 -75.28
N SER FF 147 -48.05 -74.40 -75.66
CA SER FF 147 -47.88 -73.46 -76.76
C SER FF 147 -46.86 -72.38 -76.40
N GLU FF 148 -46.77 -72.03 -75.12
CA GLU FF 148 -45.83 -71.05 -74.66
C GLU FF 148 -44.72 -71.81 -73.93
N TRP FF 149 -43.79 -71.07 -73.33
CA TRP FF 149 -42.66 -71.64 -72.58
C TRP FF 149 -43.04 -72.88 -71.80
N VAL FF 150 -42.18 -73.88 -71.83
CA VAL FF 150 -42.34 -75.08 -71.02
C VAL FF 150 -41.43 -74.96 -69.79
N SER FF 151 -42.02 -75.08 -68.61
CA SER FF 151 -41.30 -74.88 -67.36
C SER FF 151 -40.65 -76.20 -66.93
N CYS FF 152 -40.23 -76.27 -65.66
CA CYS FF 152 -39.47 -77.42 -65.18
C CYS FF 152 -40.23 -78.72 -65.38
N VAL FF 153 -39.49 -79.77 -65.75
CA VAL FF 153 -40.06 -81.08 -66.00
C VAL FF 153 -39.29 -82.12 -65.21
N ARG FF 154 -39.98 -83.18 -64.79
CA ARG FF 154 -39.37 -84.25 -64.04
C ARG FF 154 -39.92 -85.59 -64.50
N PHE FF 155 -39.13 -86.64 -64.30
CA PHE FF 155 -39.52 -88.00 -64.65
C PHE FF 155 -40.39 -88.62 -63.56
N SER FF 156 -40.61 -89.92 -63.70
CA SER FF 156 -41.25 -90.73 -62.66
C SER FF 156 -40.20 -91.56 -61.96
N PRO FF 157 -39.94 -91.36 -60.68
CA PRO FF 157 -38.84 -92.09 -60.01
C PRO FF 157 -38.98 -93.60 -60.06
N ASN FF 158 -40.22 -94.12 -60.01
CA ASN FF 158 -40.41 -95.55 -60.07
C ASN FF 158 -39.93 -96.10 -61.41
N SER FF 159 -39.20 -97.21 -61.38
CA SER FF 159 -38.66 -97.77 -62.60
C SER FF 159 -39.76 -98.20 -63.56
N SER FF 160 -40.81 -98.83 -63.05
CA SER FF 160 -41.93 -99.22 -63.92
C SER FF 160 -42.71 -97.98 -64.37
N ASN FF 161 -43.47 -98.14 -65.52
CA ASN FF 161 -44.34 -97.10 -66.01
C ASN FF 161 -43.55 -95.85 -66.40
N PRO FF 162 -43.04 -95.74 -67.66
CA PRO FF 162 -42.13 -94.69 -67.86
C PRO FF 162 -42.72 -93.23 -68.02
N ILE FF 163 -42.87 -92.55 -66.92
CA ILE FF 163 -43.76 -91.39 -66.98
C ILE FF 163 -42.92 -90.13 -66.81
N ILE FF 164 -43.26 -89.10 -67.56
CA ILE FF 164 -42.71 -87.78 -67.36
C ILE FF 164 -43.83 -86.84 -67.03
N VAL FF 165 -43.60 -85.97 -66.05
CA VAL FF 165 -44.49 -84.87 -65.74
C VAL FF 165 -43.80 -83.59 -66.20
N SER FF 166 -44.54 -82.75 -66.93
CA SER FF 166 -43.96 -81.58 -67.57
C SER FF 166 -44.77 -80.36 -67.19
N CYS FF 167 -44.26 -79.59 -66.23
CA CYS FF 167 -44.82 -78.30 -65.91
C CYS FF 167 -44.59 -77.34 -67.07
N GLY FF 168 -45.42 -76.31 -67.14
CA GLY FF 168 -45.32 -75.36 -68.22
C GLY FF 168 -45.89 -74.02 -67.82
N TRP FF 169 -45.42 -72.99 -68.49
CA TRP FF 169 -45.94 -71.64 -68.32
C TRP FF 169 -47.31 -71.45 -68.94
N ASP FF 170 -47.94 -72.51 -69.45
CA ASP FF 170 -49.24 -72.37 -70.13
C ASP FF 170 -50.40 -72.81 -69.25
N LYS FF 171 -50.26 -72.74 -67.93
CA LYS FF 171 -51.34 -73.03 -66.98
C LYS FF 171 -51.92 -74.44 -67.15
N LEU FF 172 -51.12 -75.37 -67.68
CA LEU FF 172 -51.51 -76.76 -67.66
C LEU FF 172 -50.26 -77.62 -67.54
N VAL FF 173 -50.43 -78.85 -67.06
CA VAL FF 173 -49.33 -79.79 -66.89
C VAL FF 173 -49.53 -80.93 -67.86
N LYS FF 174 -48.48 -81.26 -68.62
CA LYS FF 174 -48.50 -82.35 -69.58
C LYS FF 174 -47.77 -83.56 -69.00
N VAL FF 175 -48.32 -84.74 -69.22
CA VAL FF 175 -47.77 -85.99 -68.71
C VAL FF 175 -47.51 -86.92 -69.89
N TRP FF 176 -46.27 -87.34 -70.05
CA TRP FF 176 -45.85 -88.14 -71.18
C TRP FF 176 -45.24 -89.45 -70.70
N ASN FF 177 -44.89 -90.31 -71.66
CA ASN FF 177 -44.25 -91.58 -71.41
C ASN FF 177 -42.98 -91.68 -72.24
N LEU FF 178 -42.31 -92.83 -72.17
CA LEU FF 178 -41.20 -93.14 -73.06
C LEU FF 178 -41.49 -94.21 -74.09
N ALA FF 179 -42.53 -95.03 -73.89
CA ALA FF 179 -42.85 -96.06 -74.87
C ALA FF 179 -43.12 -95.46 -76.24
N ASN FF 180 -44.03 -94.48 -76.30
CA ASN FF 180 -44.25 -93.71 -77.51
C ASN FF 180 -44.07 -92.22 -77.31
N CYS FF 181 -43.78 -91.78 -76.08
CA CYS FF 181 -43.50 -90.38 -75.78
C CYS FF 181 -44.66 -89.48 -76.21
N LYS FF 182 -45.85 -89.81 -75.70
CA LYS FF 182 -47.07 -89.08 -76.02
C LYS FF 182 -47.76 -88.66 -74.72
N LEU FF 183 -48.58 -87.62 -74.84
CA LEU FF 183 -49.32 -87.12 -73.69
C LEU FF 183 -50.16 -88.23 -73.10
N LYS FF 184 -50.14 -88.34 -71.78
CA LYS FF 184 -50.91 -89.36 -71.08
C LYS FF 184 -52.14 -88.76 -70.40
N THR FF 185 -51.96 -87.73 -69.59
CA THR FF 185 -53.11 -86.96 -69.08
C THR FF 185 -52.85 -85.49 -69.34
N ASN FF 186 -53.80 -84.84 -70.02
CA ASN FF 186 -53.77 -83.40 -70.18
C ASN FF 186 -54.30 -82.78 -68.89
N HIS FF 187 -53.54 -82.90 -67.81
CA HIS FF 187 -54.01 -82.52 -66.49
C HIS FF 187 -53.98 -81.00 -66.36
N ILE FF 188 -55.16 -80.41 -66.18
CA ILE FF 188 -55.32 -78.95 -66.14
C ILE FF 188 -56.15 -78.56 -64.94
N GLY FF 189 -56.30 -77.25 -64.76
CA GLY FF 189 -57.19 -76.73 -63.74
C GLY FF 189 -56.63 -75.54 -62.99
N HIS FF 190 -55.35 -75.25 -63.20
CA HIS FF 190 -54.70 -74.18 -62.47
C HIS FF 190 -55.29 -72.82 -62.82
N THR FF 191 -55.26 -71.91 -61.85
CA THR FF 191 -55.68 -70.53 -62.06
C THR FF 191 -54.47 -69.64 -62.37
N GLY FF 192 -53.82 -69.96 -63.48
CA GLY FF 192 -52.59 -69.30 -63.86
C GLY FF 192 -51.55 -70.32 -64.25
N TYR FF 193 -50.39 -69.89 -64.72
CA TYR FF 193 -49.40 -70.85 -65.17
C TYR FF 193 -48.89 -71.68 -63.99
N LEU FF 194 -48.11 -72.70 -64.32
CA LEU FF 194 -47.37 -73.47 -63.34
C LEU FF 194 -45.92 -73.02 -63.36
N ASN FF 195 -45.39 -72.66 -62.19
CA ASN FF 195 -44.00 -72.21 -62.14
C ASN FF 195 -43.03 -73.37 -62.28
N THR FF 196 -43.10 -74.33 -61.36
CA THR FF 196 -42.35 -75.58 -61.45
C THR FF 196 -43.28 -76.74 -61.10
N VAL FF 197 -42.70 -77.92 -60.99
CA VAL FF 197 -43.40 -79.11 -60.51
C VAL FF 197 -42.45 -79.84 -59.57
N THR FF 198 -43.01 -80.68 -58.70
CA THR FF 198 -42.21 -81.48 -57.80
C THR FF 198 -42.89 -82.83 -57.60
N VAL FF 199 -42.08 -83.89 -57.59
CA VAL FF 199 -42.57 -85.26 -57.65
C VAL FF 199 -42.32 -85.94 -56.30
N SER FF 200 -43.12 -86.96 -56.01
CA SER FF 200 -43.00 -87.71 -54.78
C SER FF 200 -41.68 -88.48 -54.75
N PRO FF 201 -41.21 -88.85 -53.55
CA PRO FF 201 -39.98 -89.66 -53.48
C PRO FF 201 -40.08 -90.95 -54.29
N ASP FF 202 -41.23 -91.59 -54.25
CA ASP FF 202 -41.51 -92.71 -55.14
C ASP FF 202 -42.31 -92.19 -56.34
N GLY FF 203 -42.74 -93.11 -57.20
CA GLY FF 203 -43.54 -92.71 -58.34
C GLY FF 203 -45.03 -92.69 -58.02
N SER FF 204 -45.44 -91.82 -57.08
CA SER FF 204 -46.82 -91.78 -56.63
C SER FF 204 -47.51 -90.44 -56.88
N LEU FF 205 -46.94 -89.33 -56.41
CA LEU FF 205 -47.59 -88.03 -56.44
C LEU FF 205 -46.68 -86.96 -57.07
N CYS FF 206 -47.31 -85.88 -57.52
CA CYS FF 206 -46.61 -84.69 -58.00
C CYS FF 206 -47.21 -83.44 -57.39
N ALA FF 207 -46.43 -82.36 -57.35
CA ALA FF 207 -46.88 -81.07 -56.82
C ALA FF 207 -46.36 -79.94 -57.71
N SER FF 208 -47.22 -78.96 -57.96
CA SER FF 208 -46.89 -77.85 -58.85
C SER FF 208 -47.71 -76.62 -58.44
N GLY FF 209 -47.43 -75.50 -59.09
CA GLY FF 209 -48.13 -74.27 -58.81
C GLY FF 209 -47.52 -73.12 -59.58
N GLY FF 210 -48.19 -71.97 -59.49
CA GLY FF 210 -47.76 -70.79 -60.24
C GLY FF 210 -48.09 -69.47 -59.56
N LYS FF 211 -48.61 -68.51 -60.33
CA LYS FF 211 -48.78 -67.16 -59.80
C LYS FF 211 -49.74 -67.14 -58.62
N ASP FF 212 -50.80 -67.92 -58.70
CA ASP FF 212 -51.75 -67.99 -57.60
C ASP FF 212 -51.12 -68.54 -56.33
N GLY FF 213 -49.96 -69.17 -56.42
CA GLY FF 213 -49.43 -69.88 -55.28
C GLY FF 213 -50.23 -71.11 -54.92
N GLN FF 214 -51.11 -71.58 -55.81
CA GLN FF 214 -51.91 -72.76 -55.55
C GLN FF 214 -50.95 -73.94 -55.42
N ALA FF 215 -50.73 -74.39 -54.20
CA ALA FF 215 -49.87 -75.54 -53.96
C ALA FF 215 -50.68 -76.83 -54.04
N MET FF 216 -51.19 -77.10 -55.23
CA MET FF 216 -52.13 -78.20 -55.46
C MET FF 216 -51.37 -79.50 -55.69
N LEU FF 217 -52.04 -80.62 -55.40
CA LEU FF 217 -51.45 -81.94 -55.48
C LEU FF 217 -52.09 -82.76 -56.58
N TRP FF 218 -51.26 -83.47 -57.33
CA TRP FF 218 -51.72 -84.31 -58.44
C TRP FF 218 -51.03 -85.65 -58.36
N ASP FF 219 -51.79 -86.72 -58.52
CA ASP FF 219 -51.27 -88.08 -58.55
C ASP FF 219 -50.83 -88.45 -59.95
N LEU FF 220 -49.90 -89.41 -60.05
CA LEU FF 220 -49.46 -89.91 -61.35
C LEU FF 220 -50.02 -91.29 -61.67
N ASN FF 221 -50.34 -92.11 -60.67
CA ASN FF 221 -50.83 -93.45 -60.93
C ASN FF 221 -52.16 -93.42 -61.68
N GLU FF 222 -53.10 -92.61 -61.21
CA GLU FF 222 -54.38 -92.48 -61.89
C GLU FF 222 -54.47 -91.21 -62.72
N GLY FF 223 -53.81 -90.14 -62.31
CA GLY FF 223 -53.88 -88.89 -63.03
C GLY FF 223 -55.17 -88.15 -62.76
N LYS FF 224 -55.45 -87.87 -61.49
CA LYS FF 224 -56.64 -87.17 -61.08
C LYS FF 224 -56.29 -86.23 -59.94
N HIS FF 225 -57.04 -85.13 -59.82
CA HIS FF 225 -56.80 -84.19 -58.75
C HIS FF 225 -57.04 -84.83 -57.40
N LEU FF 226 -56.05 -84.71 -56.51
CA LEU FF 226 -56.15 -85.25 -55.15
C LEU FF 226 -56.47 -84.15 -54.14
N TYR FF 227 -55.66 -83.10 -54.09
CA TYR FF 227 -55.93 -82.02 -53.15
C TYR FF 227 -55.29 -80.74 -53.65
N THR FF 228 -55.94 -79.62 -53.36
CA THR FF 228 -55.51 -78.30 -53.81
C THR FF 228 -55.58 -77.33 -52.65
N LEU FF 229 -54.49 -76.61 -52.41
CA LEU FF 229 -54.47 -75.56 -51.40
C LEU FF 229 -53.61 -74.40 -51.88
N ASP FF 230 -53.88 -73.22 -51.33
CA ASP FF 230 -53.28 -71.97 -51.79
C ASP FF 230 -52.15 -71.52 -50.89
N GLY FF 231 -51.02 -71.20 -51.50
CA GLY FF 231 -49.95 -70.52 -50.81
C GLY FF 231 -50.24 -69.04 -50.68
N GLY FF 232 -49.50 -68.39 -49.77
CA GLY FF 232 -49.74 -66.98 -49.52
C GLY FF 232 -49.56 -66.10 -50.74
N ASP FF 233 -48.57 -66.41 -51.57
CA ASP FF 233 -48.27 -65.59 -52.75
C ASP FF 233 -47.66 -66.49 -53.81
N ILE FF 234 -47.03 -65.86 -54.81
CA ILE FF 234 -46.30 -66.58 -55.87
C ILE FF 234 -45.38 -67.63 -55.26
N ILE FF 235 -45.48 -68.85 -55.77
CA ILE FF 235 -44.58 -69.93 -55.39
C ILE FF 235 -43.61 -70.17 -56.54
N ASN FF 236 -42.38 -70.54 -56.19
CA ASN FF 236 -41.35 -70.74 -57.20
C ASN FF 236 -40.53 -72.00 -57.00
N ALA FF 237 -40.71 -72.73 -55.91
CA ALA FF 237 -39.95 -73.95 -55.68
C ALA FF 237 -40.71 -74.82 -54.70
N LEU FF 238 -40.86 -76.10 -55.04
CA LEU FF 238 -41.56 -77.06 -54.19
C LEU FF 238 -40.59 -78.18 -53.87
N CYS FF 239 -40.46 -78.49 -52.59
CA CYS FF 239 -39.46 -79.43 -52.12
C CYS FF 239 -40.16 -80.52 -51.31
N PHE FF 240 -39.80 -81.78 -51.58
CA PHE FF 240 -40.56 -82.91 -51.06
C PHE FF 240 -39.67 -83.74 -50.15
N SER FF 241 -40.11 -83.91 -48.90
CA SER FF 241 -39.31 -84.66 -47.95
C SER FF 241 -39.23 -86.13 -48.38
N PRO FF 242 -38.04 -86.73 -48.35
CA PRO FF 242 -37.88 -88.10 -48.84
C PRO FF 242 -38.54 -89.15 -47.97
N ASN FF 243 -38.22 -89.16 -46.67
CA ASN FF 243 -38.64 -90.24 -45.78
C ASN FF 243 -40.10 -90.06 -45.35
N ARG FF 244 -40.37 -89.01 -44.57
CA ARG FF 244 -41.74 -88.58 -44.36
C ARG FF 244 -42.17 -87.75 -45.57
N TYR FF 245 -43.48 -87.61 -45.74
CA TYR FF 245 -43.91 -86.94 -46.96
C TYR FF 245 -43.65 -85.45 -46.88
N TRP FF 246 -44.31 -84.75 -45.96
CA TRP FF 246 -43.97 -83.38 -45.55
C TRP FF 246 -43.52 -82.50 -46.72
N LEU FF 247 -44.44 -82.28 -47.65
CA LEU FF 247 -44.13 -81.43 -48.80
C LEU FF 247 -43.79 -80.02 -48.35
N CYS FF 248 -42.78 -79.43 -48.99
CA CYS FF 248 -42.35 -78.07 -48.71
C CYS FF 248 -42.40 -77.26 -50.00
N ALA FF 249 -42.82 -76.00 -49.90
CA ALA FF 249 -42.94 -75.13 -51.05
C ALA FF 249 -42.35 -73.77 -50.71
N ALA FF 250 -41.70 -73.16 -51.71
CA ALA FF 250 -41.12 -71.84 -51.56
C ALA FF 250 -42.17 -70.80 -51.93
N THR FF 251 -42.67 -70.08 -50.94
CA THR FF 251 -43.76 -69.12 -51.11
C THR FF 251 -43.20 -67.73 -50.85
N GLY FF 252 -42.71 -67.09 -51.91
CA GLY FF 252 -42.16 -65.75 -51.82
C GLY FF 252 -41.00 -65.65 -50.85
N PRO FF 253 -41.05 -64.68 -49.95
CA PRO FF 253 -39.98 -64.55 -48.96
C PRO FF 253 -40.25 -65.45 -47.77
N SER FF 254 -40.66 -66.69 -48.01
CA SER FF 254 -41.10 -67.58 -46.96
C SER FF 254 -41.25 -68.98 -47.51
N ILE FF 255 -41.11 -69.96 -46.63
CA ILE FF 255 -41.28 -71.38 -46.96
C ILE FF 255 -42.44 -71.92 -46.14
N LYS FF 256 -43.38 -72.56 -46.81
CA LYS FF 256 -44.61 -73.03 -46.19
C LYS FF 256 -44.61 -74.56 -46.20
N ILE FF 257 -44.32 -75.15 -45.05
CA ILE FF 257 -44.11 -76.59 -44.93
C ILE FF 257 -45.32 -77.19 -44.23
N TRP FF 258 -45.79 -78.31 -44.75
CA TRP FF 258 -47.04 -78.92 -44.31
C TRP FF 258 -46.90 -80.43 -44.47
N ASP FF 259 -47.91 -81.15 -44.01
CA ASP FF 259 -47.93 -82.60 -44.11
C ASP FF 259 -49.11 -83.02 -44.98
N LEU FF 260 -48.88 -83.96 -45.90
CA LEU FF 260 -49.94 -84.26 -46.85
C LEU FF 260 -51.01 -85.19 -46.29
N GLU FF 261 -50.77 -85.85 -45.17
CA GLU FF 261 -51.87 -86.47 -44.44
C GLU FF 261 -52.29 -85.58 -43.28
N GLY FF 262 -51.32 -84.98 -42.58
CA GLY FF 262 -51.59 -83.94 -41.62
C GLY FF 262 -51.66 -82.58 -42.30
N LYS FF 263 -52.77 -82.32 -43.02
CA LYS FF 263 -52.88 -81.15 -43.89
C LYS FF 263 -52.58 -79.84 -43.19
N ILE FF 264 -52.51 -79.84 -41.87
CA ILE FF 264 -52.15 -78.63 -41.14
C ILE FF 264 -50.77 -78.15 -41.56
N ILE FF 265 -50.52 -76.86 -41.35
CA ILE FF 265 -49.20 -76.30 -41.59
C ILE FF 265 -48.25 -76.90 -40.55
N VAL FF 266 -47.26 -77.66 -41.02
CA VAL FF 266 -46.29 -78.25 -40.10
C VAL FF 266 -45.46 -77.16 -39.45
N ASP FF 267 -44.92 -76.25 -40.25
CA ASP FF 267 -44.23 -75.08 -39.75
C ASP FF 267 -44.03 -74.04 -40.85
N GLU FF 268 -44.30 -72.78 -40.53
CA GLU FF 268 -44.02 -71.69 -41.46
C GLU FF 268 -42.57 -71.27 -41.32
N LEU FF 269 -41.82 -71.38 -42.42
CA LEU FF 269 -40.41 -71.00 -42.44
C LEU FF 269 -40.31 -69.66 -43.16
N LYS FF 270 -40.19 -68.59 -42.38
CA LYS FF 270 -40.09 -67.25 -42.91
C LYS FF 270 -38.69 -66.73 -42.60
N GLN FF 271 -38.07 -66.07 -43.59
CA GLN FF 271 -36.70 -65.61 -43.43
C GLN FF 271 -36.59 -64.51 -42.39
N GLU FF 272 -35.37 -64.31 -41.90
CA GLU FF 272 -35.09 -63.19 -41.01
C GLU FF 272 -35.37 -61.87 -41.72
N VAL FF 273 -35.89 -60.91 -40.97
CA VAL FF 273 -36.20 -59.59 -41.50
C VAL FF 273 -35.44 -58.54 -40.71
N ILE FF 274 -34.32 -58.95 -40.11
CA ILE FF 274 -33.48 -58.03 -39.38
C ILE FF 274 -33.09 -56.87 -40.29
N SER FF 275 -33.11 -55.65 -39.73
CA SER FF 275 -32.98 -54.43 -40.51
C SER FF 275 -34.06 -54.37 -41.60
N THR FF 276 -35.30 -54.30 -41.13
CA THR FF 276 -36.48 -54.25 -41.99
C THR FF 276 -36.35 -53.17 -43.05
N SER FF 277 -36.38 -53.57 -44.33
CA SER FF 277 -36.32 -52.59 -45.40
C SER FF 277 -37.54 -51.68 -45.36
N SER FF 278 -38.73 -52.26 -45.34
CA SER FF 278 -39.99 -51.53 -45.43
C SER FF 278 -40.12 -50.77 -46.74
N LYS FF 279 -39.12 -50.89 -47.62
CA LYS FF 279 -39.12 -50.24 -48.92
C LYS FF 279 -38.81 -51.21 -50.05
N ALA FF 280 -38.41 -52.45 -49.74
CA ALA FF 280 -38.24 -53.50 -50.72
C ALA FF 280 -38.64 -54.82 -50.08
N GLU FF 281 -39.20 -55.71 -50.88
CA GLU FF 281 -39.63 -56.99 -50.36
C GLU FF 281 -38.41 -57.82 -49.98
N PRO FF 282 -38.55 -58.68 -48.97
CA PRO FF 282 -37.45 -59.58 -48.61
C PRO FF 282 -37.12 -60.52 -49.75
N PRO FF 283 -35.88 -61.01 -49.82
CA PRO FF 283 -35.49 -61.87 -50.94
C PRO FF 283 -36.36 -63.12 -51.01
N GLN FF 284 -36.62 -63.56 -52.23
CA GLN FF 284 -37.48 -64.72 -52.47
C GLN FF 284 -36.62 -65.98 -52.53
N CYS FF 285 -37.06 -67.01 -51.82
CA CYS FF 285 -36.36 -68.30 -51.84
C CYS FF 285 -36.64 -68.98 -53.17
N THR FF 286 -35.78 -68.70 -54.15
CA THR FF 286 -36.01 -69.17 -55.50
C THR FF 286 -35.96 -70.69 -55.62
N SER FF 287 -35.03 -71.33 -54.93
CA SER FF 287 -34.82 -72.77 -55.10
C SER FF 287 -34.80 -73.45 -53.75
N LEU FF 288 -35.19 -74.73 -53.75
CA LEU FF 288 -35.28 -75.53 -52.54
C LEU FF 288 -34.64 -76.89 -52.78
N ALA FF 289 -34.16 -77.49 -51.70
CA ALA FF 289 -33.53 -78.80 -51.78
C ALA FF 289 -33.50 -79.44 -50.41
N TRP FF 290 -33.75 -80.75 -50.37
CA TRP FF 290 -33.56 -81.56 -49.19
C TRP FF 290 -32.18 -82.19 -49.23
N SER FF 291 -31.88 -83.05 -48.27
CA SER FF 291 -30.63 -83.80 -48.24
C SER FF 291 -30.89 -85.28 -48.45
N ALA FF 292 -31.98 -85.61 -49.15
CA ALA FF 292 -32.41 -86.98 -49.44
C ALA FF 292 -32.71 -87.78 -48.19
N ASP FF 293 -32.71 -87.14 -47.05
CA ASP FF 293 -32.96 -87.86 -45.81
C ASP FF 293 -33.91 -87.06 -44.94
N GLY FF 294 -34.41 -85.94 -45.43
CA GLY FF 294 -35.27 -85.10 -44.62
C GLY FF 294 -34.59 -84.61 -43.36
N GLN FF 295 -33.32 -84.25 -43.47
CA GLN FF 295 -32.55 -83.84 -42.30
C GLN FF 295 -32.20 -82.35 -42.33
N THR FF 296 -31.78 -81.82 -43.49
CA THR FF 296 -31.56 -80.38 -43.64
C THR FF 296 -32.25 -79.87 -44.89
N LEU FF 297 -32.96 -78.75 -44.74
CA LEU FF 297 -33.59 -78.08 -45.87
C LEU FF 297 -32.65 -77.03 -46.45
N PHE FF 298 -32.60 -76.97 -47.78
CA PHE FF 298 -31.76 -76.01 -48.49
C PHE FF 298 -32.64 -75.02 -49.21
N ALA FF 299 -32.34 -73.73 -49.05
CA ALA FF 299 -33.12 -72.66 -49.65
C ALA FF 299 -32.21 -71.74 -50.43
N GLY FF 300 -32.49 -71.61 -51.73
CA GLY FF 300 -31.77 -70.67 -52.57
C GLY FF 300 -32.59 -69.42 -52.82
N TYR FF 301 -32.00 -68.26 -52.61
CA TYR FF 301 -32.74 -67.00 -52.64
C TYR FF 301 -32.29 -66.15 -53.82
N THR FF 302 -33.00 -65.04 -54.02
CA THR FF 302 -32.64 -64.09 -55.06
C THR FF 302 -31.36 -63.33 -54.75
N ASP FF 303 -30.87 -63.39 -53.52
CA ASP FF 303 -29.66 -62.68 -53.15
C ASP FF 303 -28.47 -63.63 -53.26
N ASN FF 304 -27.30 -63.15 -52.86
CA ASN FF 304 -26.10 -63.99 -52.85
C ASN FF 304 -26.23 -65.17 -51.90
N LEU FF 305 -26.75 -64.93 -50.70
CA LEU FF 305 -26.67 -65.88 -49.60
C LEU FF 305 -27.59 -67.08 -49.81
N VAL FF 306 -27.20 -68.20 -49.21
CA VAL FF 306 -28.05 -69.37 -49.03
C VAL FF 306 -27.92 -69.79 -47.58
N ARG FF 307 -29.05 -69.93 -46.89
CA ARG FF 307 -29.05 -70.31 -45.48
C ARG FF 307 -29.51 -71.75 -45.35
N VAL FF 308 -28.69 -72.56 -44.70
CA VAL FF 308 -29.00 -73.97 -44.49
C VAL FF 308 -30.07 -74.07 -43.40
N TRP FF 309 -31.16 -74.77 -43.71
CA TRP FF 309 -32.28 -74.91 -42.80
C TRP FF 309 -32.31 -76.32 -42.25
N GLN FF 310 -32.32 -76.45 -40.93
CA GLN FF 310 -32.17 -77.73 -40.25
C GLN FF 310 -33.35 -78.00 -39.33
N VAL FF 311 -33.85 -79.24 -39.37
CA VAL FF 311 -34.84 -79.68 -38.39
C VAL FF 311 -34.13 -79.97 -37.08
N THR FF 312 -34.77 -79.60 -35.97
CA THR FF 312 -34.16 -79.72 -34.66
C THR FF 312 -35.17 -80.33 -33.70
N ILE FF 313 -34.78 -81.42 -33.05
CA ILE FF 313 -35.58 -82.16 -32.07
C ILE FF 313 -37.06 -82.20 -32.42
N VAL GF 1 -24.73 -50.16 -182.68
CA VAL GF 1 -24.04 -49.23 -181.80
C VAL GF 1 -24.32 -49.63 -180.34
N MET GF 2 -25.37 -50.43 -180.16
CA MET GF 2 -25.68 -50.97 -178.84
C MET GF 2 -24.53 -51.83 -178.33
N ASP GF 3 -23.97 -52.65 -179.22
CA ASP GF 3 -22.86 -53.54 -178.92
C ASP GF 3 -21.54 -52.82 -178.73
N VAL GF 4 -21.55 -51.49 -178.65
CA VAL GF 4 -20.40 -50.73 -178.18
C VAL GF 4 -20.88 -49.83 -177.04
N ASN GF 5 -21.97 -49.10 -177.28
CA ASN GF 5 -22.42 -48.11 -176.32
C ASN GF 5 -22.85 -48.77 -175.02
N THR GF 6 -23.75 -49.74 -175.08
CA THR GF 6 -24.28 -50.35 -173.87
C THR GF 6 -23.23 -51.18 -173.15
N ALA GF 7 -22.36 -51.88 -173.90
CA ALA GF 7 -21.28 -52.62 -173.27
C ALA GF 7 -20.37 -51.67 -172.48
N LEU GF 8 -19.99 -50.55 -173.10
CA LEU GF 8 -19.14 -49.59 -172.40
C LEU GF 8 -19.88 -48.99 -171.20
N GLN GF 9 -21.17 -48.70 -171.35
CA GLN GF 9 -21.98 -48.24 -170.22
C GLN GF 9 -21.85 -49.18 -169.04
N GLU GF 10 -22.21 -50.45 -169.25
CA GLU GF 10 -22.26 -51.37 -168.13
C GLU GF 10 -20.88 -51.58 -167.52
N VAL GF 11 -19.84 -51.66 -168.36
CA VAL GF 11 -18.52 -51.97 -167.80
C VAL GF 11 -17.99 -50.79 -167.01
N LEU GF 12 -18.21 -49.56 -167.49
CA LEU GF 12 -17.74 -48.42 -166.72
C LEU GF 12 -18.55 -48.27 -165.44
N LYS GF 13 -19.83 -48.64 -165.46
CA LYS GF 13 -20.60 -48.65 -164.22
C LYS GF 13 -20.01 -49.63 -163.22
N THR GF 14 -19.71 -50.85 -163.69
CA THR GF 14 -19.13 -51.86 -162.80
C THR GF 14 -17.79 -51.41 -162.24
N ALA GF 15 -16.95 -50.80 -163.08
CA ALA GF 15 -15.69 -50.26 -162.57
C ALA GF 15 -15.93 -49.14 -161.56
N LEU GF 16 -16.91 -48.29 -161.82
CA LEU GF 16 -17.29 -47.26 -160.87
C LEU GF 16 -17.66 -47.85 -159.53
N ILE GF 17 -18.23 -49.06 -159.54
CA ILE GF 17 -18.64 -49.68 -158.28
C ILE GF 17 -17.43 -49.85 -157.35
N HIS GF 18 -16.39 -50.55 -157.81
CA HIS GF 18 -15.26 -50.86 -156.94
C HIS GF 18 -13.94 -50.75 -157.67
N ASP GF 19 -13.72 -49.65 -158.39
CA ASP GF 19 -12.42 -49.44 -159.01
C ASP GF 19 -12.18 -47.95 -159.21
N GLY GF 20 -10.91 -47.55 -159.08
CA GLY GF 20 -10.52 -46.20 -159.41
C GLY GF 20 -10.34 -46.02 -160.90
N LEU GF 21 -11.26 -45.29 -161.53
CA LEU GF 21 -11.28 -45.16 -162.98
C LEU GF 21 -10.18 -44.25 -163.50
N ALA GF 22 -9.50 -43.51 -162.63
CA ALA GF 22 -8.39 -42.63 -163.04
C ALA GF 22 -8.83 -41.65 -164.11
N ARG GF 23 -10.05 -41.14 -163.97
CA ARG GF 23 -10.61 -40.20 -164.93
C ARG GF 23 -9.79 -38.91 -164.93
N GLY GF 24 -9.28 -38.53 -166.10
CA GLY GF 24 -8.47 -37.33 -166.20
C GLY GF 24 -7.06 -37.61 -166.69
N ILE GF 25 -6.41 -36.60 -167.27
CA ILE GF 25 -5.12 -36.80 -167.91
C ILE GF 25 -4.10 -37.30 -166.90
N ARG GF 26 -4.08 -36.72 -165.70
CA ARG GF 26 -3.08 -37.07 -164.71
C ARG GF 26 -3.17 -38.55 -164.32
N GLU GF 27 -4.29 -38.94 -163.71
CA GLU GF 27 -4.42 -40.29 -163.19
C GLU GF 27 -4.39 -41.32 -164.31
N ALA GF 28 -5.08 -41.04 -165.43
CA ALA GF 28 -5.07 -42.00 -166.53
C ALA GF 28 -3.67 -42.17 -167.11
N ALA GF 29 -2.94 -41.08 -167.29
CA ALA GF 29 -1.57 -41.18 -167.80
C ALA GF 29 -0.71 -41.98 -166.85
N LYS GF 30 -0.88 -41.77 -165.55
CA LYS GF 30 -0.14 -42.59 -164.59
C LYS GF 30 -0.53 -44.06 -164.71
N ALA GF 31 -1.82 -44.33 -164.90
CA ALA GF 31 -2.29 -45.71 -164.97
C ALA GF 31 -1.72 -46.43 -166.18
N LEU GF 32 -1.75 -45.78 -167.35
CA LEU GF 32 -1.15 -46.39 -168.54
C LEU GF 32 0.37 -46.48 -168.38
N ASP GF 33 0.97 -45.52 -167.69
CA ASP GF 33 2.40 -45.63 -167.38
C ASP GF 33 2.70 -46.93 -166.66
N LYS GF 34 1.73 -47.43 -165.89
CA LYS GF 34 1.77 -48.79 -165.39
C LYS GF 34 1.25 -49.71 -166.49
N ARG GF 35 2.11 -50.58 -167.01
CA ARG GF 35 1.78 -51.38 -168.18
C ARG GF 35 0.85 -52.53 -167.79
N GLN GF 36 -0.24 -52.19 -167.10
CA GLN GF 36 -1.25 -53.14 -166.70
C GLN GF 36 -2.67 -52.62 -166.90
N ALA GF 37 -2.83 -51.34 -167.28
CA ALA GF 37 -4.14 -50.75 -167.45
C ALA GF 37 -4.88 -51.37 -168.63
N HIS GF 38 -6.18 -51.57 -168.46
CA HIS GF 38 -7.05 -52.07 -169.52
C HIS GF 38 -7.65 -50.90 -170.28
N LEU GF 39 -8.73 -51.17 -171.02
CA LEU GF 39 -9.39 -50.26 -171.94
C LEU GF 39 -9.37 -48.81 -171.47
N CYS GF 40 -9.00 -47.92 -172.39
CA CYS GF 40 -9.19 -46.49 -172.21
C CYS GF 40 -10.33 -46.02 -173.12
N VAL GF 41 -10.97 -44.92 -172.72
CA VAL GF 41 -12.08 -44.34 -173.46
C VAL GF 41 -11.75 -42.89 -173.75
N LEU GF 42 -11.90 -42.49 -175.01
CA LEU GF 42 -11.50 -41.15 -175.44
C LEU GF 42 -12.72 -40.34 -175.85
N ALA GF 43 -12.49 -39.05 -176.07
CA ALA GF 43 -13.51 -38.09 -176.42
C ALA GF 43 -13.25 -37.55 -177.82
N SER GF 44 -14.32 -37.12 -178.48
CA SER GF 44 -14.22 -36.52 -179.81
C SER GF 44 -14.42 -35.02 -179.80
N ASN GF 45 -15.27 -34.51 -178.91
CA ASN GF 45 -15.52 -33.08 -178.87
C ASN GF 45 -14.50 -32.31 -178.05
N CYS GF 46 -13.57 -32.99 -177.40
CA CYS GF 46 -12.45 -32.31 -176.75
C CYS GF 46 -11.53 -31.78 -177.83
N ASP GF 47 -11.46 -30.46 -177.96
CA ASP GF 47 -10.84 -29.85 -179.14
C ASP GF 47 -9.36 -29.58 -178.98
N GLU GF 48 -8.72 -30.08 -177.93
CA GLU GF 48 -7.31 -29.81 -177.71
C GLU GF 48 -6.48 -30.92 -178.35
N PRO GF 49 -5.69 -30.62 -179.40
CA PRO GF 49 -5.10 -31.71 -180.19
C PRO GF 49 -3.95 -32.41 -179.51
N MET GF 50 -3.11 -31.68 -178.77
CA MET GF 50 -2.02 -32.35 -178.07
C MET GF 50 -2.55 -33.40 -177.10
N TYR GF 51 -3.71 -33.16 -176.48
CA TYR GF 51 -4.30 -34.13 -175.58
C TYR GF 51 -4.62 -35.44 -176.29
N VAL GF 52 -5.35 -35.36 -177.39
CA VAL GF 52 -5.72 -36.58 -178.08
C VAL GF 52 -4.48 -37.25 -178.66
N LYS GF 53 -3.52 -36.47 -179.14
CA LYS GF 53 -2.34 -37.10 -179.71
C LYS GF 53 -1.54 -37.82 -178.64
N LEU GF 54 -1.41 -37.22 -177.46
CA LEU GF 54 -0.67 -37.92 -176.41
C LEU GF 54 -1.40 -39.18 -175.98
N VAL GF 55 -2.74 -39.12 -175.88
CA VAL GF 55 -3.45 -40.28 -175.37
C VAL GF 55 -3.39 -41.42 -176.36
N GLU GF 56 -3.49 -41.13 -177.66
CA GLU GF 56 -3.39 -42.25 -178.59
C GLU GF 56 -1.97 -42.79 -178.63
N ALA GF 57 -0.97 -41.92 -178.49
CA ALA GF 57 0.41 -42.38 -178.39
C ALA GF 57 0.56 -43.38 -177.25
N LEU GF 58 0.08 -43.02 -176.06
CA LEU GF 58 0.18 -43.93 -174.92
C LEU GF 58 -0.60 -45.22 -175.18
N CYS GF 59 -1.84 -45.09 -175.64
CA CYS GF 59 -2.71 -46.25 -175.77
C CYS GF 59 -2.14 -47.24 -176.78
N ALA GF 60 -2.03 -46.82 -178.04
CA ALA GF 60 -1.52 -47.74 -179.05
C ALA GF 60 -0.06 -48.09 -178.81
N GLU GF 61 0.66 -47.28 -178.05
CA GLU GF 61 2.06 -47.57 -177.76
C GLU GF 61 2.20 -48.72 -176.79
N HIS GF 62 1.36 -48.77 -175.75
CA HIS GF 62 1.62 -49.73 -174.69
C HIS GF 62 1.10 -51.12 -175.08
N GLN GF 63 -0.22 -51.30 -175.01
CA GLN GF 63 -0.87 -52.40 -175.71
C GLN GF 63 -2.29 -52.04 -176.12
N ILE GF 64 -2.72 -50.82 -175.88
CA ILE GF 64 -4.13 -50.49 -175.76
C ILE GF 64 -4.68 -50.00 -177.09
N ASN GF 65 -5.99 -50.14 -177.24
CA ASN GF 65 -6.73 -49.52 -178.32
C ASN GF 65 -7.42 -48.27 -177.79
N LEU GF 66 -7.82 -47.40 -178.72
CA LEU GF 66 -8.48 -46.16 -178.38
C LEU GF 66 -9.97 -46.28 -178.66
N ILE GF 67 -10.80 -45.77 -177.76
CA ILE GF 67 -12.24 -45.80 -177.89
C ILE GF 67 -12.75 -44.38 -178.08
N LYS GF 68 -13.38 -44.13 -179.24
CA LYS GF 68 -13.90 -42.81 -179.57
C LYS GF 68 -15.35 -42.70 -179.13
N VAL GF 69 -15.71 -41.55 -178.57
CA VAL GF 69 -17.05 -41.34 -178.08
C VAL GF 69 -17.58 -40.03 -178.65
N ASP GF 70 -18.88 -39.78 -178.40
CA ASP GF 70 -19.51 -38.59 -178.96
C ASP GF 70 -18.89 -37.32 -178.40
N ASP GF 71 -18.85 -37.20 -177.07
CA ASP GF 71 -18.42 -35.94 -176.46
C ASP GF 71 -17.92 -36.19 -175.04
N ASN GF 72 -17.21 -35.20 -174.52
CA ASN GF 72 -16.66 -35.31 -173.17
C ASN GF 72 -17.74 -35.11 -172.11
N LYS GF 73 -18.74 -34.28 -172.39
CA LYS GF 73 -19.83 -34.09 -171.43
C LYS GF 73 -20.56 -35.39 -171.19
N LYS GF 74 -20.92 -36.08 -172.26
CA LYS GF 74 -21.64 -37.34 -172.12
C LYS GF 74 -20.75 -38.39 -171.45
N LEU GF 75 -19.46 -38.46 -171.81
CA LEU GF 75 -18.55 -39.40 -171.15
C LEU GF 75 -18.44 -39.13 -169.65
N GLY GF 76 -18.27 -37.87 -169.28
CA GLY GF 76 -18.22 -37.53 -167.87
C GLY GF 76 -19.51 -37.88 -167.15
N GLU GF 77 -20.64 -37.71 -167.84
CA GLU GF 77 -21.92 -38.12 -167.27
C GLU GF 77 -21.92 -39.62 -166.98
N TRP GF 78 -21.39 -40.42 -167.90
CA TRP GF 78 -21.35 -41.86 -167.67
C TRP GF 78 -20.42 -42.23 -166.54
N VAL GF 79 -19.23 -41.65 -166.52
CA VAL GF 79 -18.20 -42.08 -165.59
C VAL GF 79 -18.61 -41.86 -164.14
N GLY GF 80 -19.71 -41.15 -163.91
CA GLY GF 80 -20.12 -40.77 -162.58
C GLY GF 80 -19.93 -39.30 -162.28
N LEU GF 81 -19.22 -38.56 -163.14
CA LEU GF 81 -19.09 -37.12 -162.99
C LEU GF 81 -20.44 -36.52 -163.41
N CYS GF 82 -21.35 -36.44 -162.43
CA CYS GF 82 -22.70 -35.95 -162.63
C CYS GF 82 -23.36 -35.73 -161.28
N LYS GF 83 -23.93 -34.55 -161.08
CA LYS GF 83 -24.65 -34.29 -159.83
C LYS GF 83 -25.92 -35.13 -159.84
N ILE GF 84 -25.94 -36.18 -159.02
CA ILE GF 84 -27.00 -37.18 -159.08
C ILE GF 84 -28.28 -36.54 -158.54
N ASP GF 85 -29.18 -36.15 -159.44
CA ASP GF 85 -30.46 -35.59 -159.05
C ASP GF 85 -31.65 -36.13 -159.84
N ARG GF 86 -31.42 -36.84 -160.95
CA ARG GF 86 -32.48 -37.43 -161.76
C ARG GF 86 -33.47 -36.38 -162.25
N GLU GF 87 -34.35 -35.93 -161.36
CA GLU GF 87 -35.37 -34.96 -161.73
C GLU GF 87 -34.78 -33.61 -162.07
N GLY GF 88 -33.58 -33.32 -161.55
CA GLY GF 88 -32.90 -32.08 -161.87
C GLY GF 88 -32.11 -32.19 -163.15
N LYS GF 89 -30.83 -31.81 -163.10
CA LYS GF 89 -29.93 -31.90 -164.24
C LYS GF 89 -28.66 -32.62 -163.81
N PRO GF 90 -28.58 -33.93 -164.02
CA PRO GF 90 -27.30 -34.62 -163.76
C PRO GF 90 -26.18 -34.10 -164.64
N ARG GF 91 -26.51 -33.50 -165.78
CA ARG GF 91 -25.53 -32.98 -166.73
C ARG GF 91 -25.09 -31.56 -166.41
N LYS GF 92 -25.52 -31.01 -165.26
CA LYS GF 92 -25.15 -29.64 -164.93
C LYS GF 92 -23.68 -29.54 -164.53
N VAL GF 93 -23.01 -30.67 -164.37
CA VAL GF 93 -21.56 -30.70 -164.15
C VAL GF 93 -20.83 -30.64 -165.49
N VAL GF 94 -19.52 -30.44 -165.43
CA VAL GF 94 -18.68 -30.52 -166.61
C VAL GF 94 -18.51 -31.97 -167.02
N GLY GF 95 -17.97 -32.17 -168.22
CA GLY GF 95 -17.66 -33.50 -168.70
C GLY GF 95 -16.19 -33.83 -168.59
N CYS GF 96 -15.89 -35.13 -168.71
CA CYS GF 96 -14.52 -35.62 -168.66
C CYS GF 96 -14.15 -36.21 -170.00
N SER GF 97 -12.86 -36.12 -170.33
CA SER GF 97 -12.41 -36.47 -171.67
C SER GF 97 -11.74 -37.83 -171.76
N CYS GF 98 -11.06 -38.30 -170.71
CA CYS GF 98 -10.35 -39.58 -170.78
C CYS GF 98 -10.51 -40.34 -169.47
N VAL GF 99 -10.48 -41.67 -169.57
CA VAL GF 99 -10.68 -42.55 -168.41
C VAL GF 99 -10.15 -43.93 -168.76
N VAL GF 100 -9.81 -44.70 -167.73
CA VAL GF 100 -9.32 -46.07 -167.91
C VAL GF 100 -10.03 -46.98 -166.93
N VAL GF 101 -10.56 -48.09 -167.44
CA VAL GF 101 -11.23 -49.09 -166.61
C VAL GF 101 -10.20 -50.09 -166.12
N LYS GF 102 -10.29 -50.46 -164.85
CA LYS GF 102 -9.37 -51.46 -164.31
C LYS GF 102 -10.05 -52.45 -163.37
N ASP GF 103 -11.34 -52.76 -163.60
CA ASP GF 103 -12.06 -53.66 -162.70
C ASP GF 103 -12.47 -54.96 -163.37
N TYR GF 104 -13.26 -54.89 -164.44
CA TYR GF 104 -13.87 -56.07 -165.08
C TYR GF 104 -14.47 -57.01 -164.03
N GLY GF 105 -15.31 -56.45 -163.16
CA GLY GF 105 -15.97 -57.29 -162.18
C GLY GF 105 -16.94 -58.26 -162.80
N LYS GF 106 -17.72 -57.81 -163.78
CA LYS GF 106 -18.81 -58.57 -164.38
C LYS GF 106 -18.53 -58.73 -165.85
N GLU GF 107 -18.77 -59.92 -166.38
CA GLU GF 107 -18.47 -60.23 -167.77
C GLU GF 107 -19.72 -60.40 -168.62
N SER GF 108 -20.87 -59.90 -168.16
CA SER GF 108 -22.10 -60.07 -168.92
C SER GF 108 -22.00 -59.41 -170.29
N GLN GF 109 -21.49 -58.17 -170.34
CA GLN GF 109 -21.22 -57.53 -171.61
C GLN GF 109 -19.80 -57.00 -171.72
N ALA GF 110 -18.97 -57.19 -170.70
CA ALA GF 110 -17.55 -56.94 -170.85
C ALA GF 110 -16.93 -57.86 -171.89
N LYS GF 111 -17.42 -59.10 -171.97
CA LYS GF 111 -17.02 -59.96 -173.07
C LYS GF 111 -17.33 -59.32 -174.42
N ASP GF 112 -18.46 -58.64 -174.53
CA ASP GF 112 -18.77 -57.90 -175.75
C ASP GF 112 -17.79 -56.75 -175.96
N VAL GF 113 -17.33 -56.12 -174.87
CA VAL GF 113 -16.28 -55.12 -174.99
C VAL GF 113 -15.03 -55.74 -175.60
N ILE GF 114 -14.67 -56.95 -175.15
CA ILE GF 114 -13.50 -57.61 -175.72
C ILE GF 114 -13.77 -57.98 -177.18
N GLU GF 115 -15.00 -58.35 -177.53
CA GLU GF 115 -15.31 -58.63 -178.93
C GLU GF 115 -15.11 -57.38 -179.79
N GLU GF 116 -15.49 -56.22 -179.27
CA GLU GF 116 -15.16 -54.97 -179.97
C GLU GF 116 -13.66 -54.75 -180.06
N TYR GF 117 -12.90 -55.16 -179.04
CA TYR GF 117 -11.44 -55.15 -179.14
C TYR GF 117 -10.96 -55.99 -180.31
N PHE GF 118 -11.49 -57.21 -180.45
CA PHE GF 118 -11.14 -58.04 -181.60
C PHE GF 118 -11.53 -57.38 -182.91
N LYS GF 119 -12.73 -56.79 -182.96
CA LYS GF 119 -13.21 -56.18 -184.20
C LYS GF 119 -12.31 -55.02 -184.62
N CYS GF 120 -11.91 -54.18 -183.67
CA CYS GF 120 -11.05 -53.06 -184.04
C CYS GF 120 -9.64 -53.52 -184.38
N LYS GF 121 -9.12 -54.52 -183.67
CA LYS GF 121 -7.80 -55.03 -184.01
C LYS GF 121 -7.78 -55.74 -185.35
N LYS GF 122 -8.91 -56.29 -185.80
CA LYS GF 122 -8.99 -56.99 -187.06
C LYS GF 122 -9.41 -56.03 -188.18
N ARG HF 1 24.31 -10.97 -61.03
CA ARG HF 1 24.37 -12.17 -61.83
C ARG HF 1 24.47 -11.82 -63.31
N ASP HF 2 25.69 -11.79 -63.83
CA ASP HF 2 25.93 -11.54 -65.24
C ASP HF 2 26.63 -12.71 -65.93
N LYS HF 3 27.77 -13.15 -65.40
CA LYS HF 3 28.55 -14.21 -66.02
C LYS HF 3 29.59 -14.70 -65.03
N LEU HF 4 29.60 -16.01 -64.79
CA LEU HF 4 30.68 -16.59 -63.98
C LEU HF 4 31.99 -16.57 -64.75
N ASN HF 5 32.01 -17.24 -65.91
CA ASN HF 5 33.13 -17.24 -66.85
C ASN HF 5 34.46 -17.58 -66.16
N ASN HF 6 34.37 -18.39 -65.10
CA ASN HF 6 35.56 -18.79 -64.36
C ASN HF 6 35.52 -20.31 -64.16
N LEU HF 7 36.22 -21.04 -65.02
CA LEU HF 7 36.71 -22.38 -64.66
C LEU HF 7 37.84 -22.73 -65.61
N VAL HF 8 39.05 -22.82 -65.08
CA VAL HF 8 40.16 -23.36 -65.84
C VAL HF 8 40.98 -24.23 -64.90
N LEU HF 9 40.79 -25.55 -64.98
CA LEU HF 9 41.62 -26.53 -64.29
C LEU HF 9 41.91 -26.11 -62.87
N PHE HF 10 40.88 -26.10 -62.03
CA PHE HF 10 40.90 -25.52 -60.69
C PHE HF 10 42.23 -25.75 -59.97
N ASP HF 11 42.69 -24.69 -59.30
CA ASP HF 11 44.06 -24.55 -58.83
C ASP HF 11 44.24 -25.04 -57.39
N LYS HF 12 45.40 -24.72 -56.81
CA LYS HF 12 45.83 -25.32 -55.55
C LYS HF 12 45.01 -24.81 -54.37
N ALA HF 13 44.81 -23.50 -54.26
CA ALA HF 13 44.01 -22.98 -53.17
C ALA HF 13 42.64 -23.65 -53.16
N THR HF 14 41.96 -23.62 -54.31
CA THR HF 14 40.76 -24.40 -54.48
C THR HF 14 41.01 -25.88 -54.26
N TYR HF 15 42.22 -26.38 -54.54
CA TYR HF 15 42.48 -27.81 -54.40
C TYR HF 15 42.36 -28.25 -52.95
N ASP HF 16 43.08 -27.57 -52.06
CA ASP HF 16 42.94 -27.92 -50.66
C ASP HF 16 41.55 -27.56 -50.15
N LYS HF 17 40.97 -26.47 -50.67
CA LYS HF 17 39.62 -26.09 -50.25
C LYS HF 17 38.63 -27.21 -50.52
N LEU HF 18 38.67 -27.80 -51.70
CA LEU HF 18 37.69 -28.83 -52.01
C LEU HF 18 38.09 -30.20 -51.48
N CYS HF 19 39.39 -30.45 -51.29
CA CYS HF 19 39.80 -31.70 -50.68
C CYS HF 19 39.45 -31.75 -49.21
N LYS HF 20 39.30 -30.59 -48.57
CA LYS HF 20 38.99 -30.54 -47.15
C LYS HF 20 37.52 -30.25 -46.85
N GLU HF 21 36.89 -29.34 -47.57
CA GLU HF 21 35.54 -28.89 -47.23
C GLU HF 21 34.43 -29.63 -47.96
N VAL HF 22 34.60 -29.92 -49.24
CA VAL HF 22 33.61 -30.75 -49.94
C VAL HF 22 33.39 -32.09 -49.23
N PRO HF 23 34.41 -32.77 -48.72
CA PRO HF 23 34.15 -34.01 -47.97
C PRO HF 23 33.63 -33.78 -46.57
N ASN HF 24 33.35 -32.53 -46.17
CA ASN HF 24 32.93 -32.27 -44.80
C ASN HF 24 31.43 -32.00 -44.67
N TYR HF 25 30.65 -32.13 -45.75
CA TYR HF 25 29.20 -32.06 -45.65
C TYR HF 25 28.58 -33.10 -46.56
N LYS HF 26 27.25 -33.12 -46.60
CA LYS HF 26 26.51 -34.19 -47.25
C LYS HF 26 26.25 -33.91 -48.74
N LEU HF 27 25.59 -32.80 -49.04
CA LEU HF 27 25.14 -32.55 -50.40
C LEU HF 27 26.32 -32.22 -51.30
N ILE HF 28 26.85 -33.24 -51.96
CA ILE HF 28 27.98 -33.07 -52.86
C ILE HF 28 27.61 -33.69 -54.20
N THR HF 29 27.61 -32.86 -55.24
CA THR HF 29 27.26 -33.26 -56.59
C THR HF 29 27.82 -32.21 -57.53
N PRO HF 30 27.99 -32.53 -58.82
CA PRO HF 30 28.60 -31.55 -59.73
C PRO HF 30 27.97 -30.18 -59.66
N ALA HF 31 26.64 -30.10 -59.56
CA ALA HF 31 25.97 -28.81 -59.54
C ALA HF 31 26.36 -28.00 -58.30
N VAL HF 32 26.23 -28.60 -57.11
CA VAL HF 32 26.44 -27.83 -55.89
C VAL HF 32 27.91 -27.49 -55.71
N VAL HF 33 28.80 -28.42 -56.03
CA VAL HF 33 30.22 -28.13 -55.89
C VAL HF 33 30.66 -27.11 -56.94
N SER HF 34 30.07 -27.16 -58.14
CA SER HF 34 30.43 -26.20 -59.17
C SER HF 34 30.00 -24.80 -58.78
N GLU HF 35 28.73 -24.63 -58.37
CA GLU HF 35 28.28 -23.33 -57.92
C GLU HF 35 29.02 -22.88 -56.68
N ARG HF 36 29.48 -23.83 -55.86
CA ARG HF 36 30.06 -23.48 -54.57
C ARG HF 36 31.37 -22.73 -54.75
N LEU HF 37 32.38 -23.41 -55.32
CA LEU HF 37 33.65 -22.71 -55.43
C LEU HF 37 33.74 -21.84 -56.68
N LYS HF 38 33.97 -22.48 -57.83
CA LYS HF 38 34.11 -21.71 -59.07
C LYS HF 38 33.67 -22.51 -60.30
N ILE HF 39 33.56 -23.83 -60.14
CA ILE HF 39 33.71 -24.76 -61.26
C ILE HF 39 32.57 -24.62 -62.25
N ARG HF 40 32.86 -24.93 -63.53
CA ARG HF 40 31.81 -25.04 -64.53
C ARG HF 40 30.92 -26.25 -64.25
N GLY HF 41 31.52 -27.41 -64.01
CA GLY HF 41 30.74 -28.58 -63.67
C GLY HF 41 31.23 -29.89 -64.27
N SER HF 42 31.91 -29.82 -65.42
CA SER HF 42 32.44 -31.04 -66.01
C SER HF 42 33.60 -31.57 -65.19
N LEU HF 43 34.64 -30.76 -65.01
CA LEU HF 43 35.72 -31.23 -64.15
C LEU HF 43 35.32 -31.25 -62.69
N ALA HF 44 34.18 -30.67 -62.32
CA ALA HF 44 33.60 -30.98 -61.02
C ALA HF 44 33.20 -32.45 -60.96
N ARG HF 45 32.56 -32.94 -62.03
CA ARG HF 45 32.32 -34.37 -62.14
C ARG HF 45 33.64 -35.12 -62.10
N ALA HF 46 34.64 -34.62 -62.83
CA ALA HF 46 35.97 -35.23 -62.82
C ALA HF 46 36.50 -35.36 -61.40
N ALA HF 47 36.37 -34.29 -60.63
CA ALA HF 47 36.73 -34.31 -59.23
C ALA HF 47 35.95 -35.35 -58.46
N LEU HF 48 34.67 -35.51 -58.76
CA LEU HF 48 33.90 -36.50 -58.04
C LEU HF 48 34.44 -37.91 -58.27
N GLN HF 49 34.72 -38.31 -59.51
CA GLN HF 49 35.13 -39.72 -59.60
C GLN HF 49 36.56 -39.88 -59.13
N GLU HF 50 37.39 -38.83 -59.15
CA GLU HF 50 38.73 -39.10 -58.62
C GLU HF 50 38.68 -39.17 -57.10
N LEU HF 51 37.83 -38.37 -56.46
CA LEU HF 51 37.62 -38.50 -55.04
C LEU HF 51 37.04 -39.87 -54.70
N LEU HF 52 36.34 -40.47 -55.65
CA LEU HF 52 35.88 -41.84 -55.45
C LEU HF 52 37.01 -42.83 -55.60
N SER HF 53 37.91 -42.58 -56.55
CA SER HF 53 39.07 -43.43 -56.71
C SER HF 53 39.89 -43.44 -55.42
N LYS HF 54 40.03 -42.29 -54.77
CA LYS HF 54 40.69 -42.31 -53.47
C LYS HF 54 39.77 -42.88 -52.38
N GLY HF 55 38.46 -42.85 -52.59
CA GLY HF 55 37.54 -43.65 -51.81
C GLY HF 55 37.02 -43.06 -50.51
N LEU HF 56 37.00 -41.75 -50.35
CA LEU HF 56 36.48 -41.14 -49.14
C LEU HF 56 34.99 -40.82 -49.24
N ILE HF 57 34.33 -41.15 -50.34
CA ILE HF 57 32.93 -40.83 -50.57
C ILE HF 57 32.24 -42.10 -51.06
N LYS HF 58 30.96 -42.26 -50.76
CA LYS HF 58 30.19 -43.42 -51.19
C LYS HF 58 28.96 -42.99 -51.99
N LEU HF 59 28.49 -43.88 -52.86
CA LEU HF 59 27.52 -43.56 -53.90
C LEU HF 59 26.17 -44.21 -53.64
N VAL HF 60 25.12 -43.57 -54.14
CA VAL HF 60 23.77 -44.11 -54.07
C VAL HF 60 23.13 -44.15 -55.45
N SER HF 61 23.10 -43.00 -56.13
CA SER HF 61 22.28 -42.86 -57.33
C SER HF 61 22.99 -43.40 -58.57
N LYS HF 62 24.09 -42.76 -58.97
CA LYS HF 62 24.76 -43.05 -60.23
C LYS HF 62 23.78 -43.03 -61.41
N HIS HF 63 23.23 -41.86 -61.67
CA HIS HF 63 22.39 -41.64 -62.85
C HIS HF 63 22.98 -40.53 -63.70
N ARG HF 64 22.65 -40.55 -64.99
CA ARG HF 64 23.20 -39.59 -65.92
C ARG HF 64 22.91 -38.16 -65.49
N ALA HF 65 21.64 -37.79 -65.45
CA ALA HF 65 21.26 -36.42 -65.16
C ALA HF 65 21.44 -36.06 -63.69
N GLN HF 66 21.69 -37.05 -62.83
CA GLN HF 66 21.91 -36.75 -61.42
C GLN HF 66 22.78 -37.86 -60.83
N VAL HF 67 23.99 -37.51 -60.42
CA VAL HF 67 24.84 -38.38 -59.61
C VAL HF 67 25.13 -37.62 -58.32
N ILE HF 68 24.72 -38.20 -57.20
CA ILE HF 68 24.78 -37.52 -55.91
C ILE HF 68 25.71 -38.28 -54.99
N TYR HF 69 26.38 -37.55 -54.11
CA TYR HF 69 27.39 -38.12 -53.24
C TYR HF 69 27.14 -37.64 -51.81
N THR HF 70 27.88 -38.20 -50.86
CA THR HF 70 27.63 -37.95 -49.44
C THR HF 70 28.93 -38.00 -48.65
N ARG HF 71 28.87 -37.55 -47.41
CA ARG HF 71 29.99 -37.66 -46.49
C ARG HF 71 30.31 -39.13 -46.21
N ASN HF 72 31.42 -39.35 -45.49
CA ASN HF 72 31.73 -40.66 -44.96
C ASN HF 72 30.82 -40.93 -43.75
N THR HF 73 30.94 -42.13 -43.19
CA THR HF 73 30.16 -42.49 -42.01
C THR HF 73 30.71 -41.78 -40.78
N LYS HF 74 29.79 -41.32 -39.92
CA LYS HF 74 30.16 -40.65 -38.67
C LYS HF 74 29.94 -41.61 -37.50
N GLY HF 75 30.96 -41.78 -36.68
CA GLY HF 75 30.87 -42.70 -35.56
C GLY HF 75 31.30 -44.10 -35.94
N TYR IF 1 -5.84 -7.67 -133.40
CA TYR IF 1 -6.22 -6.27 -133.26
C TYR IF 1 -5.00 -5.39 -133.10
N THR IF 2 -3.88 -5.99 -132.69
CA THR IF 2 -2.62 -5.26 -132.62
C THR IF 2 -2.12 -4.89 -134.01
N THR IF 3 -2.53 -5.62 -135.03
CA THR IF 3 -2.09 -5.39 -136.41
C THR IF 3 -0.57 -5.30 -136.54
N PRO IF 4 0.16 -6.37 -136.16
CA PRO IF 4 1.61 -6.35 -136.39
C PRO IF 4 1.95 -6.65 -137.83
N LYS IF 5 1.19 -7.57 -138.42
CA LYS IF 5 1.31 -7.92 -139.84
C LYS IF 5 -0.03 -8.00 -140.56
N LYS IF 6 -1.14 -8.09 -139.83
CA LYS IF 6 -2.50 -7.97 -140.35
C LYS IF 6 -2.90 -9.22 -141.15
N ASN IF 7 -1.93 -10.07 -141.45
CA ASN IF 7 -2.21 -11.24 -142.27
C ASN IF 7 -0.97 -12.09 -142.39
N LYS IF 8 -1.18 -13.37 -142.67
CA LYS IF 8 -0.16 -14.28 -143.17
C LYS IF 8 -0.78 -14.92 -144.41
N HIS IF 9 -0.63 -14.24 -145.54
CA HIS IF 9 -1.24 -14.68 -146.79
C HIS IF 9 -0.79 -16.10 -147.12
N LYS IF 10 -1.75 -17.02 -147.19
CA LYS IF 10 -1.45 -18.44 -147.29
C LYS IF 10 -0.95 -18.81 -148.68
N ARG IF 11 -0.19 -19.90 -148.73
CA ARG IF 11 0.35 -20.42 -149.99
C ARG IF 11 -0.79 -20.92 -150.86
N LYS IF 12 -1.09 -20.21 -151.93
CA LYS IF 12 -2.09 -20.68 -152.88
C LYS IF 12 -1.43 -21.55 -153.95
N LYS IF 13 -2.18 -21.89 -154.99
CA LYS IF 13 -1.68 -22.73 -156.08
C LYS IF 13 -1.54 -21.91 -157.35
N VAL IF 14 -0.40 -22.07 -158.02
CA VAL IF 14 -0.16 -21.37 -159.26
C VAL IF 14 -1.13 -21.81 -160.35
N LYS IF 15 -1.69 -23.02 -160.23
CA LYS IF 15 -2.78 -23.50 -161.07
C LYS IF 15 -2.36 -23.62 -162.54
N LEU IF 16 -1.41 -24.51 -162.79
CA LEU IF 16 -1.01 -24.86 -164.14
C LEU IF 16 -2.02 -25.84 -164.75
N ALA IF 17 -2.31 -25.65 -166.05
CA ALA IF 17 -3.34 -26.42 -166.72
C ALA IF 17 -2.78 -27.32 -167.82
N VAL IF 18 -1.47 -27.59 -167.80
CA VAL IF 18 -0.84 -28.41 -168.82
C VAL IF 18 0.11 -29.40 -168.17
N LEU IF 19 0.58 -30.36 -168.96
CA LEU IF 19 1.53 -31.36 -168.51
C LEU IF 19 2.87 -31.24 -169.22
N LYS IF 20 2.88 -31.31 -170.55
CA LYS IF 20 4.08 -31.26 -171.39
C LYS IF 20 5.22 -32.10 -170.79
N TYR IF 21 4.82 -33.26 -170.25
CA TYR IF 21 5.78 -34.18 -169.63
C TYR IF 21 6.59 -34.96 -170.65
N TYR IF 22 6.01 -35.29 -171.80
CA TYR IF 22 6.69 -36.03 -172.85
C TYR IF 22 6.15 -35.58 -174.19
N LYS IF 23 6.91 -35.85 -175.25
CA LYS IF 23 6.57 -35.40 -176.59
C LYS IF 23 6.22 -36.59 -177.48
N VAL IF 24 5.52 -36.27 -178.57
CA VAL IF 24 5.15 -37.25 -179.59
C VAL IF 24 5.64 -36.74 -180.93
N ASP IF 25 6.36 -37.58 -181.67
CA ASP IF 25 6.92 -37.21 -182.96
C ASP IF 25 6.95 -38.43 -183.87
N GLU IF 26 7.31 -38.17 -185.14
CA GLU IF 26 7.39 -39.18 -186.20
C GLU IF 26 6.20 -40.15 -186.14
N ASN IF 27 5.04 -39.61 -185.79
CA ASN IF 27 3.82 -40.39 -185.59
C ASN IF 27 3.99 -41.39 -184.44
N GLY IF 28 4.41 -40.88 -183.28
CA GLY IF 28 4.33 -41.67 -182.07
C GLY IF 28 5.63 -42.22 -181.49
N LYS IF 29 6.00 -41.72 -180.32
CA LYS IF 29 7.04 -42.31 -179.48
C LYS IF 29 7.03 -41.56 -178.15
N ILE IF 30 7.26 -42.31 -177.07
CA ILE IF 30 7.24 -41.76 -175.71
C ILE IF 30 8.62 -41.21 -175.40
N SER IF 31 8.69 -39.91 -175.08
CA SER IF 31 9.94 -39.23 -174.78
C SER IF 31 9.80 -38.51 -173.45
N ARG IF 32 10.02 -39.23 -172.36
CA ARG IF 32 9.87 -38.67 -171.03
C ARG IF 32 10.95 -37.63 -170.76
N LEU IF 33 10.54 -36.54 -170.11
CA LEU IF 33 11.44 -35.44 -169.75
C LEU IF 33 11.93 -35.53 -168.33
N ARG IF 34 11.02 -35.66 -167.36
CA ARG IF 34 11.42 -35.87 -165.99
C ARG IF 34 12.02 -37.26 -165.80
N ARG IF 35 12.88 -37.39 -164.80
CA ARG IF 35 13.46 -38.68 -164.50
C ARG IF 35 12.41 -39.63 -163.95
N GLU IF 36 12.82 -40.88 -163.74
CA GLU IF 36 12.00 -41.87 -163.06
C GLU IF 36 12.52 -42.03 -161.63
N CYS IF 37 11.64 -41.84 -160.66
CA CYS IF 37 12.05 -42.01 -159.28
C CYS IF 37 12.29 -43.47 -158.98
N PRO IF 38 13.49 -43.86 -158.53
CA PRO IF 38 13.77 -45.28 -158.28
C PRO IF 38 13.06 -45.85 -157.07
N SER IF 39 12.17 -45.09 -156.43
CA SER IF 39 11.41 -45.63 -155.31
C SER IF 39 10.54 -46.79 -155.77
N ASP IF 40 10.56 -47.87 -154.97
CA ASP IF 40 9.77 -49.06 -155.33
C ASP IF 40 8.30 -48.73 -155.48
N GLU IF 41 7.80 -47.74 -154.75
CA GLU IF 41 6.42 -47.32 -154.91
C GLU IF 41 6.19 -46.69 -156.28
N CYS IF 42 7.13 -45.89 -156.77
CA CYS IF 42 6.97 -45.19 -158.03
C CYS IF 42 8.13 -45.48 -158.96
N GLY IF 43 8.65 -46.71 -158.91
CA GLY IF 43 9.66 -47.13 -159.87
C GLY IF 43 9.07 -47.14 -161.26
N ALA IF 44 9.60 -46.28 -162.14
CA ALA IF 44 9.02 -46.07 -163.47
C ALA IF 44 7.55 -45.69 -163.37
N GLY IF 45 7.21 -44.98 -162.30
CA GLY IF 45 5.84 -44.60 -162.04
C GLY IF 45 5.62 -43.10 -162.16
N VAL IF 46 5.23 -42.46 -161.05
CA VAL IF 46 5.02 -41.02 -161.08
C VAL IF 46 6.35 -40.31 -161.34
N PHE IF 47 6.26 -39.09 -161.86
CA PHE IF 47 7.42 -38.45 -162.43
C PHE IF 47 8.28 -37.79 -161.36
N MET IF 48 9.29 -37.04 -161.79
CA MET IF 48 10.38 -36.60 -160.93
C MET IF 48 10.57 -35.11 -161.07
N ALA IF 49 10.59 -34.38 -159.95
CA ALA IF 49 10.77 -32.94 -160.01
C ALA IF 49 12.16 -32.60 -160.54
N SER IF 50 12.20 -31.66 -161.47
CA SER IF 50 13.45 -31.12 -161.99
C SER IF 50 13.54 -29.68 -161.50
N HIS IF 51 14.26 -29.47 -160.40
CA HIS IF 51 14.44 -28.13 -159.86
C HIS IF 51 15.44 -27.39 -160.74
N PHE IF 52 15.86 -26.19 -160.29
CA PHE IF 52 16.81 -25.41 -161.07
C PHE IF 52 18.12 -26.18 -161.25
N ASP IF 53 18.60 -26.84 -160.22
CA ASP IF 53 19.69 -27.77 -160.46
C ASP IF 53 19.42 -29.17 -159.94
N ARG IF 54 18.82 -29.29 -158.76
CA ARG IF 54 18.70 -30.59 -158.10
C ARG IF 54 17.39 -31.26 -158.51
N HIS IF 55 17.05 -32.34 -157.82
CA HIS IF 55 15.91 -33.16 -158.16
C HIS IF 55 15.14 -33.51 -156.88
N TYR IF 56 13.85 -33.80 -157.03
CA TYR IF 56 12.97 -34.03 -155.90
C TYR IF 56 11.88 -35.04 -156.27
N CYS IF 57 11.72 -36.08 -155.47
CA CYS IF 57 10.56 -36.97 -155.57
C CYS IF 57 9.51 -36.47 -154.60
N GLY IF 58 8.56 -35.67 -155.10
CA GLY IF 58 7.50 -35.16 -154.25
C GLY IF 58 6.56 -36.23 -153.73
N LYS IF 59 6.55 -37.41 -154.35
CA LYS IF 59 5.66 -38.47 -153.90
C LYS IF 59 6.13 -39.05 -152.57
N CYS IF 60 7.41 -39.39 -152.46
CA CYS IF 60 7.89 -40.06 -151.26
C CYS IF 60 9.19 -39.45 -150.75
N CYS IF 61 9.43 -38.17 -151.08
CA CYS IF 61 10.49 -37.37 -150.47
C CYS IF 61 11.88 -38.00 -150.72
N LEU IF 62 12.25 -38.04 -152.00
CA LEU IF 62 13.59 -38.42 -152.40
C LEU IF 62 14.20 -37.31 -153.24
N THR IF 63 15.45 -36.96 -152.93
CA THR IF 63 16.10 -35.81 -153.52
C THR IF 63 17.55 -36.15 -153.86
N TYR IF 64 18.01 -35.69 -155.01
CA TYR IF 64 19.38 -35.90 -155.45
C TYR IF 64 19.97 -34.59 -155.94
N CYS IF 65 21.23 -34.35 -155.59
CA CYS IF 65 21.93 -33.13 -155.95
C CYS IF 65 22.85 -33.38 -157.15
N PHE IF 66 23.18 -32.30 -157.84
CA PHE IF 66 24.04 -32.36 -159.02
C PHE IF 66 25.44 -31.92 -158.65
N ASN IF 67 26.20 -32.88 -158.12
CA ASN IF 67 27.53 -32.61 -157.61
C ASN IF 67 28.52 -33.69 -158.03
N ASP MF 1 28.76 59.21 -172.29
CA ASP MF 1 27.95 58.86 -173.45
C ASP MF 1 27.79 60.02 -174.41
N ARG MF 2 27.52 61.21 -173.86
CA ARG MF 2 27.20 62.36 -174.70
C ARG MF 2 28.33 62.66 -175.68
N ALA MF 3 29.56 62.76 -175.18
CA ALA MF 3 30.70 62.93 -176.06
C ALA MF 3 30.80 61.76 -177.04
N THR MF 4 30.68 60.54 -176.51
CA THR MF 4 30.66 59.37 -177.37
C THR MF 4 29.51 59.43 -178.36
N TRP MF 5 28.35 59.90 -177.91
CA TRP MF 5 27.18 59.95 -178.77
C TRP MF 5 27.40 60.87 -179.97
N LYS MF 6 27.83 62.11 -179.70
CA LYS MF 6 28.00 63.05 -180.81
C LYS MF 6 29.19 62.66 -181.68
N SER MF 7 30.24 62.10 -181.08
CA SER MF 7 31.35 61.60 -181.89
C SER MF 7 30.88 60.49 -182.81
N ASN MF 8 30.04 59.59 -182.30
CA ASN MF 8 29.50 58.50 -183.11
C ASN MF 8 28.70 59.04 -184.28
N TYR MF 9 27.78 59.97 -184.01
CA TYR MF 9 27.00 60.54 -185.11
C TYR MF 9 27.90 61.22 -186.12
N PHE MF 10 28.89 61.97 -185.62
CA PHE MF 10 29.82 62.67 -186.50
C PHE MF 10 30.52 61.71 -187.44
N LEU MF 11 31.12 60.65 -186.89
CA LEU MF 11 31.86 59.72 -187.73
C LEU MF 11 30.93 58.99 -188.70
N LYS MF 12 29.74 58.60 -188.23
CA LYS MF 12 28.79 57.92 -189.11
C LYS MF 12 28.43 58.80 -190.30
N ILE MF 13 28.04 60.04 -190.04
CA ILE MF 13 27.60 60.90 -191.14
C ILE MF 13 28.79 61.26 -192.03
N ILE MF 14 29.99 61.37 -191.45
CA ILE MF 14 31.16 61.72 -192.25
C ILE MF 14 31.48 60.60 -193.24
N GLN MF 15 31.55 59.36 -192.75
CA GLN MF 15 31.81 58.25 -193.65
C GLN MF 15 30.67 58.08 -194.65
N LEU MF 16 29.43 58.31 -194.22
CA LEU MF 16 28.30 58.12 -195.11
C LEU MF 16 28.25 59.16 -196.21
N LEU MF 17 28.67 60.40 -195.92
CA LEU MF 17 28.76 61.41 -196.97
C LEU MF 17 29.97 61.20 -197.87
N ASP MF 18 31.07 60.65 -197.31
CA ASP MF 18 32.20 60.28 -198.16
C ASP MF 18 31.78 59.20 -199.15
N ASP MF 19 30.95 58.26 -198.71
CA ASP MF 19 30.48 57.19 -199.57
C ASP MF 19 29.55 57.72 -200.66
N TYR MF 20 28.61 58.59 -200.29
CA TYR MF 20 27.55 58.97 -201.20
C TYR MF 20 27.83 60.33 -201.81
N PRO MF 21 28.04 60.43 -203.12
CA PRO MF 21 28.08 61.74 -203.79
C PRO MF 21 26.73 62.24 -204.26
N LYS MF 22 25.67 61.49 -204.04
CA LYS MF 22 24.32 61.88 -204.40
C LYS MF 22 23.51 62.18 -203.15
N CYS MF 23 22.83 63.32 -203.14
CA CYS MF 23 22.12 63.78 -201.95
C CYS MF 23 20.78 64.38 -202.35
N PHE MF 24 19.87 64.39 -201.38
CA PHE MF 24 18.60 65.07 -201.50
C PHE MF 24 18.30 65.78 -200.18
N ILE MF 25 17.58 66.89 -200.27
CA ILE MF 25 17.22 67.67 -199.11
C ILE MF 25 15.75 67.43 -198.84
N VAL MF 26 15.46 66.69 -197.77
CA VAL MF 26 14.08 66.34 -197.39
C VAL MF 26 13.74 67.11 -196.12
N GLY MF 27 12.53 67.65 -196.08
CA GLY MF 27 12.07 68.37 -194.91
C GLY MF 27 11.22 67.50 -194.00
N ALA MF 28 11.39 67.70 -192.70
CA ALA MF 28 10.70 66.91 -191.68
C ALA MF 28 9.54 67.71 -191.14
N ASP MF 29 8.35 67.47 -191.71
CA ASP MF 29 7.12 68.09 -191.24
C ASP MF 29 6.59 67.33 -190.02
N ASN MF 30 5.34 67.55 -189.66
CA ASN MF 30 4.73 66.85 -188.53
C ASN MF 30 4.52 65.41 -188.94
N VAL MF 31 5.62 64.67 -188.96
CA VAL MF 31 5.66 63.28 -189.40
C VAL MF 31 5.86 62.40 -188.18
N GLY MF 32 5.42 61.14 -188.29
CA GLY MF 32 5.41 60.24 -187.15
C GLY MF 32 6.56 59.25 -187.13
N SER MF 33 6.73 58.61 -185.97
CA SER MF 33 7.71 57.54 -185.87
C SER MF 33 7.25 56.28 -186.60
N LYS MF 34 5.96 56.01 -186.60
CA LYS MF 34 5.50 54.84 -187.36
C LYS MF 34 5.86 55.00 -188.82
N GLN MF 35 5.57 56.17 -189.39
CA GLN MF 35 5.83 56.38 -190.82
C GLN MF 35 7.32 56.49 -191.13
N MET MF 36 8.12 57.08 -190.22
CA MET MF 36 9.53 57.19 -190.55
C MET MF 36 10.20 55.83 -190.44
N GLN MF 37 9.73 55.00 -189.52
CA GLN MF 37 10.13 53.60 -189.62
C GLN MF 37 9.75 53.05 -190.98
N GLN MF 38 8.46 53.12 -191.32
CA GLN MF 38 7.94 52.49 -192.53
C GLN MF 38 8.77 52.87 -193.75
N ILE MF 39 9.18 54.13 -193.87
CA ILE MF 39 10.09 54.50 -194.94
C ILE MF 39 11.48 53.94 -194.69
N ARG MF 40 11.87 53.79 -193.42
CA ARG MF 40 13.23 53.35 -193.11
C ARG MF 40 13.47 51.92 -193.58
N MET MF 41 12.58 50.97 -193.24
CA MET MF 41 12.82 49.62 -193.73
C MET MF 41 12.56 49.55 -195.23
N SER MF 42 11.59 50.31 -195.72
CA SER MF 42 11.30 50.33 -197.14
C SER MF 42 12.48 50.85 -197.95
N LEU MF 43 13.27 51.77 -197.39
CA LEU MF 43 14.40 52.34 -198.10
C LEU MF 43 15.69 51.57 -197.86
N ARG MF 44 15.72 50.73 -196.80
CA ARG MF 44 16.96 50.05 -196.42
C ARG MF 44 17.54 49.23 -197.56
N GLY MF 45 16.68 48.61 -198.37
CA GLY MF 45 17.17 47.82 -199.48
C GLY MF 45 17.92 48.66 -200.50
N LYS MF 46 17.50 49.90 -200.71
CA LYS MF 46 18.06 50.73 -201.77
C LYS MF 46 18.89 51.90 -201.27
N ALA MF 47 18.44 52.61 -200.24
CA ALA MF 47 19.09 53.85 -199.84
C ALA MF 47 19.21 53.89 -198.32
N VAL MF 48 19.70 55.01 -197.81
CA VAL MF 48 19.81 55.27 -196.38
C VAL MF 48 19.38 56.69 -196.10
N VAL MF 49 18.66 56.88 -195.00
CA VAL MF 49 18.11 58.19 -194.62
C VAL MF 49 18.63 58.54 -193.24
N LEU MF 50 19.08 59.78 -193.08
CA LEU MF 50 19.66 60.22 -191.81
C LEU MF 50 19.34 61.68 -191.56
N MET MF 51 19.31 62.06 -190.29
CA MET MF 51 19.16 63.45 -189.87
C MET MF 51 19.42 63.54 -188.37
N GLY MF 52 19.37 64.77 -187.86
CA GLY MF 52 19.58 65.04 -186.45
C GLY MF 52 19.41 66.52 -186.16
N LYS MF 53 20.22 67.08 -185.26
CA LYS MF 53 20.21 68.52 -185.09
C LYS MF 53 21.02 69.17 -186.20
N ASN MF 54 20.47 70.26 -186.76
CA ASN MF 54 21.04 70.88 -187.95
C ASN MF 54 22.53 71.16 -187.76
N THR MF 55 22.90 71.68 -186.59
CA THR MF 55 24.27 72.11 -186.37
C THR MF 55 25.25 70.94 -186.36
N MET MF 56 24.83 69.74 -185.98
CA MET MF 56 25.76 68.60 -186.02
C MET MF 56 26.22 68.36 -187.46
N MET MF 57 25.27 68.25 -188.38
CA MET MF 57 25.64 68.06 -189.79
C MET MF 57 26.33 69.30 -190.35
N ARG MF 58 25.92 70.50 -189.93
CA ARG MF 58 26.59 71.69 -190.41
C ARG MF 58 28.07 71.67 -190.05
N LYS MF 59 28.38 71.39 -188.78
CA LYS MF 59 29.77 71.28 -188.36
C LYS MF 59 30.47 70.14 -189.09
N ALA MF 60 29.79 69.00 -189.24
CA ALA MF 60 30.41 67.85 -189.88
C ALA MF 60 30.83 68.15 -191.31
N ILE MF 61 29.96 68.85 -192.06
CA ILE MF 61 30.23 69.08 -193.48
C ILE MF 61 30.92 70.41 -193.74
N ARG MF 62 31.15 71.24 -192.73
CA ARG MF 62 31.92 72.45 -192.92
C ARG MF 62 33.31 72.38 -192.31
N GLY MF 63 33.44 71.89 -191.08
CA GLY MF 63 34.71 71.83 -190.40
C GLY MF 63 35.57 70.63 -190.70
N HIS MF 64 35.05 69.65 -191.44
CA HIS MF 64 35.81 68.46 -191.79
C HIS MF 64 35.76 68.13 -193.28
N LEU MF 65 35.25 69.04 -194.11
CA LEU MF 65 35.12 68.80 -195.53
C LEU MF 65 36.08 69.66 -196.35
N GLU MF 66 37.15 70.16 -195.72
CA GLU MF 66 38.20 70.84 -196.45
C GLU MF 66 38.95 69.90 -197.38
N ASN MF 67 39.00 68.61 -197.04
CA ASN MF 67 39.61 67.62 -197.93
C ASN MF 67 38.70 67.24 -199.09
N ASN MF 68 37.40 67.45 -198.97
CA ASN MF 68 36.45 67.21 -200.05
C ASN MF 68 35.58 68.46 -200.20
N PRO MF 69 36.09 69.48 -200.90
CA PRO MF 69 35.29 70.70 -201.09
C PRO MF 69 34.11 70.47 -202.03
N ALA MF 70 33.40 71.55 -202.36
CA ALA MF 70 32.17 71.56 -203.14
C ALA MF 70 30.99 70.95 -202.39
N LEU MF 71 31.18 70.61 -201.12
CA LEU MF 71 30.08 70.22 -200.25
C LEU MF 71 29.49 71.41 -199.50
N GLU MF 72 30.15 72.56 -199.54
CA GLU MF 72 29.81 73.67 -198.65
C GLU MF 72 28.57 74.44 -199.12
N LYS MF 73 28.14 74.25 -200.36
CA LYS MF 73 26.92 74.92 -200.81
C LYS MF 73 25.69 74.47 -200.04
N LEU MF 74 25.77 73.33 -199.35
CA LEU MF 74 24.64 72.88 -198.55
C LEU MF 74 24.43 73.75 -197.32
N LEU MF 75 25.50 74.34 -196.80
CA LEU MF 75 25.45 75.07 -195.53
C LEU MF 75 24.35 76.13 -195.46
N PRO MF 76 24.19 77.03 -196.45
CA PRO MF 76 23.13 78.03 -196.33
C PRO MF 76 21.76 77.45 -196.63
N HIS MF 77 21.67 76.13 -196.69
CA HIS MF 77 20.44 75.46 -197.05
C HIS MF 77 20.06 74.32 -196.12
N ILE MF 78 20.88 74.00 -195.12
CA ILE MF 78 20.49 73.06 -194.06
C ILE MF 78 19.82 73.90 -192.99
N ARG MF 79 18.54 74.19 -193.21
CA ARG MF 79 17.80 75.15 -192.40
C ARG MF 79 16.49 74.53 -191.94
N GLY MF 80 16.31 74.45 -190.62
CA GLY MF 80 15.08 73.92 -190.04
C GLY MF 80 15.15 72.41 -189.88
N ASN MF 81 13.98 71.84 -189.60
CA ASN MF 81 13.85 70.41 -189.38
C ASN MF 81 13.97 69.70 -190.72
N VAL MF 82 15.21 69.57 -191.19
CA VAL MF 82 15.47 69.00 -192.50
C VAL MF 82 16.27 67.71 -192.33
N GLY MF 83 16.09 66.80 -193.29
CA GLY MF 83 16.73 65.50 -193.24
C GLY MF 83 17.49 65.20 -194.51
N PHE MF 84 18.27 64.13 -194.44
CA PHE MF 84 19.11 63.67 -195.54
C PHE MF 84 18.69 62.27 -195.96
N VAL MF 85 18.44 62.08 -197.24
CA VAL MF 85 18.26 60.76 -197.83
C VAL MF 85 19.41 60.54 -198.80
N PHE MF 86 20.09 59.40 -198.66
CA PHE MF 86 21.29 59.10 -199.42
C PHE MF 86 21.06 57.86 -200.27
N THR MF 87 21.22 58.00 -201.58
CA THR MF 87 20.93 56.92 -202.51
C THR MF 87 22.06 56.79 -203.52
N LYS MF 88 22.17 55.59 -204.08
CA LYS MF 88 23.00 55.37 -205.26
C LYS MF 88 22.20 55.34 -206.55
N GLU MF 89 20.88 55.22 -206.46
CA GLU MF 89 20.03 55.17 -207.64
C GLU MF 89 19.87 56.57 -208.22
N ASP MF 90 19.13 56.66 -209.33
CA ASP MF 90 18.89 57.94 -209.96
C ASP MF 90 18.06 58.82 -209.04
N LEU MF 91 18.38 60.12 -209.04
CA LEU MF 91 17.67 61.08 -208.20
C LEU MF 91 16.19 61.16 -208.56
N THR MF 92 15.86 61.02 -209.84
CA THR MF 92 14.46 61.15 -210.27
C THR MF 92 13.59 60.04 -209.69
N GLU MF 93 14.09 58.80 -209.71
CA GLU MF 93 13.31 57.68 -209.19
C GLU MF 93 13.09 57.82 -207.69
N ILE MF 94 14.11 58.23 -206.95
CA ILE MF 94 13.95 58.44 -205.51
C ILE MF 94 12.93 59.54 -205.26
N ARG MF 95 13.02 60.63 -206.03
CA ARG MF 95 12.03 61.70 -205.91
C ARG MF 95 10.62 61.17 -206.12
N ASP MF 96 10.41 60.41 -207.20
CA ASP MF 96 9.06 59.92 -207.51
C ASP MF 96 8.57 58.92 -206.48
N MET MF 97 9.45 58.03 -206.01
CA MET MF 97 9.06 57.07 -204.99
C MET MF 97 8.72 57.74 -203.67
N LEU MF 98 9.50 58.73 -203.24
CA LEU MF 98 9.19 59.40 -201.99
C LEU MF 98 7.90 60.19 -202.10
N LEU MF 99 7.66 60.81 -203.25
CA LEU MF 99 6.36 61.44 -203.47
C LEU MF 99 5.24 60.41 -203.61
N ALA MF 100 5.59 59.14 -203.90
CA ALA MF 100 4.57 58.12 -204.10
C ALA MF 100 4.03 57.62 -202.79
N ASN MF 101 4.91 57.24 -201.86
CA ASN MF 101 4.48 56.69 -200.58
C ASN MF 101 3.92 57.79 -199.69
N LYS MF 102 2.70 58.25 -200.00
CA LYS MF 102 2.06 59.31 -199.26
C LYS MF 102 1.40 58.73 -198.01
N VAL MF 103 1.70 59.33 -196.86
CA VAL MF 103 1.17 58.91 -195.57
C VAL MF 103 -0.05 59.78 -195.28
N PRO MF 104 -1.26 59.21 -195.16
CA PRO MF 104 -2.42 60.05 -194.92
C PRO MF 104 -2.66 60.32 -193.42
N ALA MF 105 -1.89 61.24 -192.88
CA ALA MF 105 -1.99 61.52 -191.47
C ALA MF 105 -3.40 61.94 -191.10
N ALA MF 106 -3.82 61.55 -189.90
CA ALA MF 106 -5.17 61.85 -189.41
C ALA MF 106 -5.28 63.34 -189.12
N ALA MF 107 -6.46 63.76 -188.65
CA ALA MF 107 -6.71 65.15 -188.29
C ALA MF 107 -6.61 65.29 -186.78
N ARG MF 108 -5.59 66.02 -186.33
CA ARG MF 108 -5.39 66.31 -184.92
C ARG MF 108 -5.68 67.78 -184.66
N ALA MF 109 -6.41 68.05 -183.59
CA ALA MF 109 -6.70 69.42 -183.21
C ALA MF 109 -5.41 70.16 -182.88
N GLY MF 110 -5.29 71.39 -183.38
CA GLY MF 110 -4.09 72.18 -183.21
C GLY MF 110 -3.25 72.31 -184.46
N ALA MF 111 -3.52 71.51 -185.48
CA ALA MF 111 -2.79 71.59 -186.74
C ALA MF 111 -3.58 72.41 -187.76
N ILE MF 112 -2.86 73.19 -188.57
CA ILE MF 112 -3.50 73.96 -189.62
C ILE MF 112 -4.15 73.01 -190.64
N ALA MF 113 -5.12 73.54 -191.38
CA ALA MF 113 -5.84 72.77 -192.39
C ALA MF 113 -5.60 73.39 -193.75
N PRO MF 114 -4.55 72.99 -194.47
CA PRO MF 114 -4.29 73.56 -195.80
C PRO MF 114 -5.08 72.90 -196.92
N CYS MF 115 -5.76 71.79 -196.66
CA CYS MF 115 -6.49 71.05 -197.67
C CYS MF 115 -7.98 71.16 -197.41
N GLU MF 116 -8.75 71.29 -198.49
CA GLU MF 116 -10.20 71.41 -198.40
C GLU MF 116 -10.83 70.03 -198.43
N VAL MF 117 -11.58 69.70 -197.40
CA VAL MF 117 -12.29 68.42 -197.30
C VAL MF 117 -13.71 68.68 -196.86
N THR MF 118 -14.67 68.02 -197.54
CA THR MF 118 -16.08 68.17 -197.25
C THR MF 118 -16.75 66.81 -197.38
N VAL MF 119 -17.56 66.46 -196.39
CA VAL MF 119 -18.23 65.15 -196.40
C VAL MF 119 -19.29 65.14 -197.50
N PRO MF 120 -19.47 64.03 -198.22
CA PRO MF 120 -20.55 63.98 -199.21
C PRO MF 120 -21.88 63.53 -198.62
N ALA MF 121 -22.92 63.46 -199.43
CA ALA MF 121 -24.22 62.98 -198.98
C ALA MF 121 -24.31 61.47 -199.19
N GLN MF 122 -23.75 60.74 -198.23
CA GLN MF 122 -23.65 59.30 -198.30
C GLN MF 122 -23.98 58.68 -196.95
N ASN MF 123 -24.37 57.41 -196.99
CA ASN MF 123 -24.63 56.66 -195.76
C ASN MF 123 -23.30 56.31 -195.09
N THR MF 124 -23.07 56.87 -193.89
CA THR MF 124 -21.84 56.58 -193.17
C THR MF 124 -21.76 55.12 -192.75
N GLY MF 125 -22.90 54.53 -192.37
CA GLY MF 125 -22.93 53.14 -191.94
C GLY MF 125 -22.68 52.94 -190.45
N LEU MF 126 -22.39 54.00 -189.70
CA LEU MF 126 -22.14 53.87 -188.28
C LEU MF 126 -23.43 53.54 -187.54
N GLY MF 127 -23.27 53.12 -186.28
CA GLY MF 127 -24.40 52.72 -185.47
C GLY MF 127 -25.29 53.88 -185.10
N PRO MF 128 -26.52 53.57 -184.67
CA PRO MF 128 -27.47 54.61 -184.24
C PRO MF 128 -27.29 55.01 -182.77
N GLU MF 129 -26.03 55.28 -182.39
CA GLU MF 129 -25.72 55.73 -181.04
C GLU MF 129 -24.91 57.01 -181.00
N LYS MF 130 -24.37 57.48 -182.13
CA LYS MF 130 -23.57 58.69 -182.17
C LYS MF 130 -24.33 59.86 -182.81
N THR MF 131 -25.64 59.91 -182.62
CA THR MF 131 -26.44 60.99 -183.22
C THR MF 131 -26.13 62.33 -182.57
N SER MF 132 -25.98 62.37 -181.25
CA SER MF 132 -25.79 63.63 -180.55
C SER MF 132 -24.47 64.30 -180.95
N PHE MF 133 -23.48 63.52 -181.38
CA PHE MF 133 -22.25 64.13 -181.86
C PHE MF 133 -22.46 64.79 -183.21
N PHE MF 134 -23.29 64.19 -184.08
CA PHE MF 134 -23.73 64.90 -185.28
C PHE MF 134 -24.52 66.14 -184.93
N GLN MF 135 -25.29 66.09 -183.84
CA GLN MF 135 -25.99 67.28 -183.36
C GLN MF 135 -25.02 68.35 -182.88
N ALA MF 136 -23.87 67.94 -182.36
CA ALA MF 136 -22.89 68.90 -181.85
C ALA MF 136 -22.35 69.78 -182.97
N LEU MF 137 -22.11 69.20 -184.14
CA LEU MF 137 -21.56 69.95 -185.26
C LEU MF 137 -22.63 70.65 -186.10
N GLY MF 138 -23.89 70.56 -185.71
CA GLY MF 138 -24.95 71.31 -186.33
C GLY MF 138 -25.62 70.66 -187.52
N ILE MF 139 -25.07 69.55 -188.03
CA ILE MF 139 -25.66 68.87 -189.17
C ILE MF 139 -26.87 68.08 -188.70
N THR MF 140 -28.02 68.35 -189.30
CA THR MF 140 -29.23 67.60 -188.98
C THR MF 140 -29.18 66.23 -189.67
N THR MF 141 -29.38 65.17 -188.90
CA THR MF 141 -29.30 63.81 -189.41
C THR MF 141 -30.46 63.00 -188.90
N LYS MF 142 -30.83 61.97 -189.67
CA LYS MF 142 -31.81 60.99 -189.24
C LYS MF 142 -31.36 59.61 -189.72
N ILE MF 143 -31.47 58.62 -188.84
CA ILE MF 143 -30.95 57.29 -189.13
C ILE MF 143 -31.87 56.57 -190.10
N SER MF 144 -31.36 55.48 -190.67
CA SER MF 144 -32.13 54.62 -191.55
C SER MF 144 -31.44 53.27 -191.62
N ARG MF 145 -32.22 52.19 -191.51
CA ARG MF 145 -31.70 50.82 -191.50
C ARG MF 145 -30.63 50.62 -190.42
N GLY MF 146 -30.81 51.28 -189.28
CA GLY MF 146 -29.88 51.15 -188.18
C GLY MF 146 -28.55 51.81 -188.40
N THR MF 147 -28.47 52.81 -189.29
CA THR MF 147 -27.21 53.44 -189.63
C THR MF 147 -27.38 54.95 -189.75
N ILE MF 148 -26.27 55.67 -189.62
CA ILE MF 148 -26.27 57.13 -189.68
C ILE MF 148 -26.26 57.57 -191.14
N GLU MF 149 -27.11 58.54 -191.47
CA GLU MF 149 -27.18 59.11 -192.80
C GLU MF 149 -27.19 60.63 -192.71
N ILE MF 150 -26.17 61.27 -193.27
CA ILE MF 150 -26.12 62.72 -193.37
C ILE MF 150 -26.92 63.15 -194.59
N LEU MF 151 -27.88 64.05 -194.37
CA LEU MF 151 -28.89 64.33 -195.39
C LEU MF 151 -28.27 64.97 -196.63
N SER MF 152 -27.40 65.95 -196.44
CA SER MF 152 -26.83 66.69 -197.56
C SER MF 152 -25.36 66.95 -197.32
N ASP MF 153 -24.62 67.19 -198.40
CA ASP MF 153 -23.20 67.48 -198.30
C ASP MF 153 -23.00 68.84 -197.63
N VAL MF 154 -22.32 68.83 -196.48
CA VAL MF 154 -22.09 70.03 -195.68
C VAL MF 154 -20.60 70.30 -195.62
N GLN MF 155 -20.21 71.54 -195.90
CA GLN MF 155 -18.80 71.90 -195.85
C GLN MF 155 -18.22 71.65 -194.47
N LEU MF 156 -17.03 71.08 -194.44
CA LEU MF 156 -16.41 70.62 -193.20
C LEU MF 156 -15.37 71.60 -192.67
N ILE MF 157 -14.39 71.99 -193.48
CA ILE MF 157 -13.35 72.90 -193.05
C ILE MF 157 -12.83 73.65 -194.28
N LYS MF 158 -12.14 74.75 -194.05
CA LYS MF 158 -11.61 75.58 -195.13
C LYS MF 158 -10.09 75.52 -195.12
N THR MF 159 -9.50 75.69 -196.30
CA THR MF 159 -8.04 75.65 -196.42
C THR MF 159 -7.39 76.75 -195.60
N GLY MF 160 -6.29 76.40 -194.93
CA GLY MF 160 -5.56 77.37 -194.14
C GLY MF 160 -6.30 77.92 -192.94
N ASP MF 161 -7.12 77.10 -192.28
CA ASP MF 161 -7.85 77.53 -191.10
C ASP MF 161 -7.57 76.58 -189.94
N LYS MF 162 -8.07 76.95 -188.77
CA LYS MF 162 -7.88 76.12 -187.58
C LYS MF 162 -8.96 75.04 -187.53
N VAL MF 163 -8.54 73.79 -187.39
CA VAL MF 163 -9.50 72.71 -187.30
C VAL MF 163 -10.17 72.72 -185.92
N GLY MF 164 -11.39 72.19 -185.88
CA GLY MF 164 -12.07 72.02 -184.63
C GLY MF 164 -11.54 70.81 -183.86
N ALA MF 165 -11.78 70.83 -182.55
CA ALA MF 165 -11.39 69.70 -181.72
C ALA MF 165 -12.25 68.48 -182.02
N SER MF 166 -13.57 68.67 -182.12
CA SER MF 166 -14.49 67.57 -182.39
C SER MF 166 -14.59 67.24 -183.87
N GLU MF 167 -14.41 68.24 -184.75
CA GLU MF 167 -14.39 67.93 -186.18
C GLU MF 167 -13.20 67.03 -186.51
N ALA MF 168 -12.11 67.16 -185.76
CA ALA MF 168 -10.98 66.25 -185.94
C ALA MF 168 -11.37 64.82 -185.64
N THR MF 169 -12.02 64.59 -184.49
CA THR MF 169 -12.43 63.22 -184.17
C THR MF 169 -13.54 62.75 -185.11
N LEU MF 170 -14.29 63.68 -185.71
CA LEU MF 170 -15.19 63.29 -186.79
C LEU MF 170 -14.42 62.75 -187.99
N LEU MF 171 -13.40 63.48 -188.43
CA LEU MF 171 -12.61 63.02 -189.56
C LEU MF 171 -11.91 61.71 -189.23
N ASN MF 172 -11.67 61.47 -187.94
CA ASN MF 172 -11.09 60.19 -187.52
C ASN MF 172 -12.12 59.06 -187.60
N MET MF 173 -13.21 59.17 -186.85
CA MET MF 173 -14.18 58.09 -186.76
C MET MF 173 -14.83 57.81 -188.12
N LEU MF 174 -15.19 58.85 -188.86
CA LEU MF 174 -15.74 58.67 -190.19
C LEU MF 174 -14.71 58.15 -191.18
N ASN MF 175 -13.44 58.15 -190.82
CA ASN MF 175 -12.34 57.64 -191.64
C ASN MF 175 -12.14 58.42 -192.93
N ILE MF 176 -12.81 59.56 -193.09
CA ILE MF 176 -12.60 60.40 -194.26
C ILE MF 176 -11.20 61.01 -194.19
N SER MF 177 -10.44 60.86 -195.27
CA SER MF 177 -9.03 61.24 -195.26
C SER MF 177 -8.88 62.74 -195.08
N PRO MF 178 -8.18 63.20 -194.04
CA PRO MF 178 -8.06 64.65 -193.81
C PRO MF 178 -6.87 65.25 -194.53
N PHE MF 179 -6.61 66.53 -194.27
CA PHE MF 179 -5.36 67.15 -194.65
C PHE MF 179 -4.20 66.33 -194.08
N SER MF 180 -3.19 66.10 -194.91
CA SER MF 180 -2.10 65.23 -194.51
C SER MF 180 -0.87 65.55 -195.35
N PHE MF 181 0.27 65.02 -194.90
CA PHE MF 181 1.54 65.28 -195.56
C PHE MF 181 2.52 64.17 -195.16
N GLY MF 182 3.63 64.12 -195.86
CA GLY MF 182 4.70 63.19 -195.55
C GLY MF 182 6.02 63.89 -195.74
N LEU MF 183 7.07 63.09 -195.98
CA LEU MF 183 8.39 63.67 -196.22
C LEU MF 183 8.41 64.40 -197.55
N VAL MF 184 8.89 65.63 -197.54
CA VAL MF 184 8.83 66.51 -198.70
C VAL MF 184 10.25 66.92 -199.10
N ILE MF 185 10.42 67.13 -200.40
CA ILE MF 185 11.73 67.39 -201.00
C ILE MF 185 11.77 68.82 -201.52
N GLN MF 186 12.83 69.54 -201.19
CA GLN MF 186 12.99 70.93 -201.58
C GLN MF 186 14.21 71.17 -202.44
N GLN MF 187 15.34 70.52 -202.14
CA GLN MF 187 16.59 70.77 -202.84
C GLN MF 187 17.26 69.44 -203.17
N VAL MF 188 18.15 69.49 -204.16
CA VAL MF 188 18.95 68.36 -204.60
C VAL MF 188 20.41 68.70 -204.42
N PHE MF 189 21.24 67.67 -204.23
CA PHE MF 189 22.68 67.86 -204.22
C PHE MF 189 23.34 66.61 -204.78
N ASP MF 190 24.21 66.78 -205.77
CA ASP MF 190 24.97 65.68 -206.33
C ASP MF 190 26.24 66.24 -206.93
N ASN MF 191 27.37 65.92 -206.29
CA ASN MF 191 28.69 66.35 -206.76
C ASN MF 191 28.78 67.87 -206.89
N GLY MF 192 28.29 68.57 -205.87
CA GLY MF 192 28.38 70.02 -205.84
C GLY MF 192 27.43 70.74 -206.76
N SER MF 193 26.13 70.51 -206.57
CA SER MF 193 25.13 71.20 -207.36
C SER MF 193 23.82 71.21 -206.58
N ILE MF 194 22.88 72.03 -207.06
CA ILE MF 194 21.58 72.18 -206.41
C ILE MF 194 20.50 72.13 -207.48
N TYR MF 195 19.43 71.38 -207.21
CA TYR MF 195 18.27 71.33 -208.07
C TYR MF 195 17.01 71.37 -207.20
N ASN MF 196 15.86 71.50 -207.85
CA ASN MF 196 14.58 71.65 -207.15
C ASN MF 196 14.27 70.48 -206.23
N PRO NF 1 -17.56 43.56 -198.15
CA PRO NF 1 -16.53 43.62 -197.11
C PRO NF 1 -15.80 42.29 -196.96
N ASN NF 2 -15.29 41.74 -198.06
CA ASN NF 2 -14.82 40.36 -198.12
C ASN NF 2 -15.90 39.40 -197.63
N GLU NF 3 -17.16 39.85 -197.75
CA GLU NF 3 -18.38 39.18 -197.30
C GLU NF 3 -18.50 39.25 -195.78
N ILE NF 4 -17.40 39.57 -195.09
CA ILE NF 4 -17.40 39.70 -193.64
C ILE NF 4 -16.05 40.26 -193.19
N LYS NF 5 -16.04 41.01 -192.08
CA LYS NF 5 -14.78 41.52 -191.53
C LYS NF 5 -14.94 41.64 -190.01
N VAL NF 6 -14.52 40.60 -189.30
CA VAL NF 6 -14.57 40.55 -187.84
C VAL NF 6 -13.15 40.30 -187.33
N VAL NF 7 -12.18 40.90 -188.02
CA VAL NF 7 -10.75 40.58 -187.94
C VAL NF 7 -10.20 40.54 -186.51
N TYR NF 8 -10.84 41.27 -185.59
CA TYR NF 8 -10.23 41.63 -184.30
C TYR NF 8 -9.48 40.49 -183.60
N LEU NF 9 -8.41 40.83 -182.90
CA LEU NF 9 -7.54 39.82 -182.31
C LEU NF 9 -8.11 39.31 -180.99
N ARG NF 10 -7.39 38.35 -180.40
CA ARG NF 10 -7.85 37.69 -179.18
C ARG NF 10 -6.65 37.40 -178.29
N CYS NF 11 -6.92 37.15 -177.02
CA CYS NF 11 -5.90 36.79 -176.04
C CYS NF 11 -6.29 35.55 -175.26
N THR NF 12 -6.83 34.55 -175.95
CA THR NF 12 -7.20 33.29 -175.32
C THR NF 12 -6.68 32.13 -176.15
N GLY NF 13 -6.46 30.99 -175.49
CA GLY NF 13 -5.99 29.82 -176.18
C GLY NF 13 -5.45 28.80 -175.21
N GLY NF 14 -5.04 27.66 -175.76
CA GLY NF 14 -4.60 26.56 -174.94
C GLY NF 14 -5.77 25.69 -174.54
N GLU NF 15 -6.29 25.90 -173.34
CA GLU NF 15 -7.49 25.20 -172.91
C GLU NF 15 -8.68 25.63 -173.74
N VAL NF 16 -9.65 24.72 -173.88
CA VAL NF 16 -10.87 25.05 -174.62
C VAL NF 16 -11.63 26.16 -173.92
N GLY NF 17 -11.86 26.00 -172.63
CA GLY NF 17 -12.47 27.06 -171.83
C GLY NF 17 -13.94 27.25 -172.12
N ALA NF 18 -14.26 27.74 -173.31
CA ALA NF 18 -15.63 28.00 -173.74
C ALA NF 18 -16.32 28.98 -172.81
N THR NF 19 -16.86 28.47 -171.69
CA THR NF 19 -17.55 29.36 -170.74
C THR NF 19 -16.58 30.33 -170.09
N SER NF 20 -15.39 29.85 -169.69
CA SER NF 20 -14.41 30.72 -169.06
C SER NF 20 -13.85 31.76 -170.03
N ALA NF 21 -14.07 31.57 -171.34
CA ALA NF 21 -13.64 32.56 -172.32
C ALA NF 21 -14.56 33.78 -172.28
N LEU NF 22 -14.02 34.92 -172.72
CA LEU NF 22 -14.77 36.17 -172.80
C LEU NF 22 -15.60 36.26 -174.08
N ALA NF 23 -15.88 35.12 -174.70
CA ALA NF 23 -16.61 35.12 -175.97
C ALA NF 23 -17.95 35.86 -175.93
N PRO NF 24 -18.77 35.75 -174.87
CA PRO NF 24 -20.04 36.49 -174.89
C PRO NF 24 -19.88 38.00 -175.07
N LYS NF 25 -18.79 38.58 -174.55
CA LYS NF 25 -18.64 40.04 -174.60
C LYS NF 25 -18.23 40.53 -175.98
N ILE NF 26 -17.43 39.77 -176.71
CA ILE NF 26 -16.88 40.23 -177.98
C ILE NF 26 -17.42 39.35 -179.09
N GLY NF 27 -18.66 38.90 -178.93
CA GLY NF 27 -19.38 38.19 -179.96
C GLY NF 27 -20.27 39.06 -180.81
N PRO NF 28 -21.05 39.97 -180.18
CA PRO NF 28 -21.98 40.84 -180.94
C PRO NF 28 -21.41 41.54 -182.16
N LEU NF 29 -20.10 41.67 -182.27
CA LEU NF 29 -19.55 42.43 -183.39
C LEU NF 29 -19.80 41.75 -184.73
N GLY NF 30 -19.61 40.44 -184.79
CA GLY NF 30 -19.85 39.73 -186.04
C GLY NF 30 -21.28 39.23 -186.18
N LEU NF 31 -21.92 39.00 -185.03
CA LEU NF 31 -23.29 38.49 -184.90
C LEU NF 31 -23.36 37.02 -185.29
N SER NF 32 -22.29 36.50 -185.87
CA SER NF 32 -22.21 35.11 -186.29
C SER NF 32 -21.79 34.12 -185.21
N PRO NF 33 -20.66 34.35 -184.49
CA PRO NF 33 -20.02 33.24 -183.79
C PRO NF 33 -20.84 32.60 -182.68
N LYS NF 34 -21.19 33.38 -181.67
CA LYS NF 34 -21.90 32.88 -180.49
C LYS NF 34 -21.11 31.71 -179.89
N LYS NF 35 -21.80 30.85 -179.15
CA LYS NF 35 -21.14 29.69 -178.53
C LYS NF 35 -20.53 28.78 -179.58
N VAL NF 36 -21.28 28.47 -180.64
CA VAL NF 36 -20.76 27.58 -181.66
C VAL NF 36 -19.54 28.20 -182.32
N GLY NF 37 -19.57 29.51 -182.58
CA GLY NF 37 -18.43 30.16 -183.23
C GLY NF 37 -17.20 30.18 -182.36
N ASP NF 38 -17.34 30.51 -181.08
CA ASP NF 38 -16.16 30.51 -180.21
C ASP NF 38 -15.64 29.11 -179.98
N ASP NF 39 -16.52 28.11 -179.90
CA ASP NF 39 -16.06 26.74 -179.75
C ASP NF 39 -15.28 26.27 -180.97
N ILE NF 40 -15.79 26.52 -182.18
CA ILE NF 40 -15.05 26.12 -183.37
C ILE NF 40 -13.83 26.99 -183.56
N ALA NF 41 -13.80 28.18 -182.95
CA ALA NF 41 -12.59 29.00 -182.98
C ALA NF 41 -11.49 28.40 -182.12
N LYS NF 42 -11.85 27.93 -180.93
CA LYS NF 42 -10.88 27.25 -180.08
C LYS NF 42 -10.50 25.88 -180.61
N ALA NF 43 -11.37 25.26 -181.42
CA ALA NF 43 -11.14 23.88 -181.86
C ALA NF 43 -9.81 23.75 -182.60
N THR NF 44 -9.57 24.60 -183.60
CA THR NF 44 -8.31 24.55 -184.32
C THR NF 44 -7.17 25.11 -183.47
N GLY NF 45 -7.47 26.12 -182.67
CA GLY NF 45 -6.45 26.71 -181.82
C GLY NF 45 -6.32 26.06 -180.47
N ASP NF 46 -6.40 24.73 -180.43
CA ASP NF 46 -6.22 24.03 -179.17
C ASP NF 46 -4.80 24.23 -178.65
N TRP NF 47 -3.80 24.18 -179.53
CA TRP NF 47 -2.41 24.37 -179.15
C TRP NF 47 -1.76 25.35 -180.13
N LYS NF 48 -0.45 25.52 -179.95
CA LYS NF 48 0.32 26.57 -180.64
C LYS NF 48 -0.37 27.92 -180.51
N GLY NF 49 -0.38 28.41 -179.26
CA GLY NF 49 0.30 27.80 -178.14
C GLY NF 49 -0.63 27.25 -177.06
N LEU NF 50 -0.03 26.78 -175.97
CA LEU NF 50 -0.76 26.43 -174.75
C LEU NF 50 -0.84 27.63 -173.82
N ARG NF 51 -0.87 28.82 -174.39
CA ARG NF 51 -0.81 30.09 -173.68
C ARG NF 51 -2.00 30.94 -174.10
N ILE NF 52 -1.99 32.23 -173.77
CA ILE NF 52 -3.08 33.12 -174.17
C ILE NF 52 -3.26 33.15 -175.69
N THR NF 53 -2.32 32.60 -176.45
CA THR NF 53 -2.49 32.26 -177.87
C THR NF 53 -3.18 33.38 -178.63
N VAL NF 54 -2.48 34.51 -178.72
CA VAL NF 54 -3.01 35.66 -179.44
C VAL NF 54 -3.25 35.29 -180.89
N LYS NF 55 -4.47 35.52 -181.35
CA LYS NF 55 -4.91 35.08 -182.67
C LYS NF 55 -5.57 36.25 -183.40
N LEU NF 56 -5.48 36.23 -184.72
CA LEU NF 56 -6.13 37.23 -185.58
C LEU NF 56 -7.14 36.50 -186.44
N THR NF 57 -8.37 36.41 -185.95
CA THR NF 57 -9.43 35.70 -186.66
C THR NF 57 -9.75 36.37 -187.99
N ILE NF 58 -10.01 35.56 -189.00
CA ILE NF 58 -10.62 36.01 -190.25
C ILE NF 58 -11.91 35.23 -190.44
N GLN NF 59 -13.01 35.96 -190.64
CA GLN NF 59 -14.33 35.36 -190.61
C GLN NF 59 -14.74 34.83 -191.99
N ASN NF 60 -15.60 33.82 -191.97
CA ASN NF 60 -16.06 33.08 -193.14
C ASN NF 60 -17.57 32.87 -193.10
N ARG NF 61 -18.32 33.96 -192.89
CA ARG NF 61 -19.76 33.97 -192.69
C ARG NF 61 -20.10 33.49 -191.28
N GLN NF 62 -19.95 32.20 -191.02
CA GLN NF 62 -20.11 31.66 -189.67
C GLN NF 62 -18.83 31.10 -189.10
N ALA NF 63 -18.08 30.32 -189.88
CA ALA NF 63 -16.79 29.85 -189.43
C ALA NF 63 -15.80 31.02 -189.36
N GLN NF 64 -14.57 30.71 -188.94
CA GLN NF 64 -13.58 31.76 -188.77
C GLN NF 64 -12.18 31.18 -188.96
N ILE NF 65 -11.35 31.89 -189.70
CA ILE NF 65 -9.95 31.52 -189.87
C ILE NF 65 -9.18 32.05 -188.67
N GLU NF 66 -8.95 31.19 -187.69
CA GLU NF 66 -8.19 31.56 -186.50
C GLU NF 66 -6.70 31.32 -186.78
N VAL NF 67 -6.06 32.38 -187.29
CA VAL NF 67 -4.62 32.32 -187.49
C VAL NF 67 -3.92 32.93 -186.28
N VAL NF 68 -2.73 32.42 -186.00
CA VAL NF 68 -1.92 32.90 -184.89
C VAL NF 68 -0.89 33.88 -185.45
N PRO NF 69 -0.99 35.17 -185.16
CA PRO NF 69 0.09 36.09 -185.53
C PRO NF 69 1.38 35.66 -184.86
N SER NF 70 2.50 35.97 -185.52
CA SER NF 70 3.79 35.49 -185.07
C SER NF 70 4.23 36.20 -183.79
N ALA NF 71 3.51 35.97 -182.70
CA ALA NF 71 3.90 36.49 -181.40
C ALA NF 71 5.07 35.67 -180.89
N SER NF 72 6.25 36.29 -180.80
CA SER NF 72 7.44 35.56 -180.43
C SER NF 72 7.33 35.03 -179.00
N ALA NF 73 6.90 35.88 -178.07
CA ALA NF 73 6.78 35.44 -176.67
C ALA NF 73 5.84 34.25 -176.55
N LEU NF 74 4.84 34.17 -177.41
CA LEU NF 74 3.91 33.03 -177.40
C LEU NF 74 4.65 31.72 -177.63
N ILE NF 75 5.45 31.65 -178.70
CA ILE NF 75 6.16 30.41 -178.99
C ILE NF 75 7.35 30.24 -178.04
N ILE NF 76 7.83 31.32 -177.45
CA ILE NF 76 8.84 31.19 -176.39
C ILE NF 76 8.27 30.43 -175.22
N LYS NF 77 7.07 30.82 -174.78
CA LYS NF 77 6.41 30.10 -173.70
C LYS NF 77 6.04 28.69 -174.11
N ALA NF 78 5.52 28.51 -175.34
CA ALA NF 78 5.09 27.19 -175.78
C ALA NF 78 6.26 26.22 -175.90
N LEU NF 79 7.40 26.69 -176.38
CA LEU NF 79 8.57 25.84 -176.54
C LEU NF 79 9.08 25.32 -175.20
N LYS NF 80 9.10 26.18 -174.17
CA LYS NF 80 9.59 25.78 -172.86
C LYS NF 80 8.50 24.99 -172.14
N GLU NF 81 8.68 23.69 -172.03
CA GLU NF 81 7.71 22.82 -171.39
C GLU NF 81 8.09 22.52 -169.94
N ILE NF 82 18.18 26.94 -170.91
CA ILE NF 82 17.82 25.91 -171.87
C ILE NF 82 18.22 26.35 -173.27
N THR NF 83 18.98 25.51 -173.97
CA THR NF 83 19.62 25.91 -175.22
C THR NF 83 18.61 26.32 -176.27
N PHE NF 84 17.79 25.37 -176.74
CA PHE NF 84 16.73 25.65 -177.71
C PHE NF 84 17.26 26.33 -178.98
N ASP NF 85 18.58 26.30 -179.20
CA ASP NF 85 19.21 27.26 -180.11
C ASP NF 85 18.64 27.16 -181.51
N GLU NF 86 18.67 25.97 -182.11
CA GLU NF 86 18.16 25.86 -183.47
C GLU NF 86 16.65 26.08 -183.52
N ILE NF 87 15.94 25.66 -182.47
CA ILE NF 87 14.50 25.93 -182.42
C ILE NF 87 14.24 27.42 -182.39
N VAL NF 88 15.03 28.19 -181.62
CA VAL NF 88 14.78 29.63 -181.58
C VAL NF 88 15.20 30.29 -182.89
N ASN NF 89 16.27 29.84 -183.54
CA ASN NF 89 16.60 30.43 -184.85
C ASN NF 89 15.49 30.17 -185.85
N ILE NF 90 15.00 28.93 -185.91
CA ILE NF 90 13.86 28.69 -186.78
C ILE NF 90 12.69 29.58 -186.36
N ALA NF 91 12.38 29.66 -185.05
CA ALA NF 91 11.28 30.49 -184.57
C ALA NF 91 11.43 31.94 -185.00
N ARG NF 92 12.66 32.38 -185.23
CA ARG NF 92 12.89 33.65 -185.86
C ARG NF 92 12.58 33.62 -187.35
N GLN NF 93 12.83 32.48 -188.00
CA GLN NF 93 12.67 32.37 -189.45
C GLN NF 93 11.23 32.62 -189.90
N MET NF 94 10.23 32.00 -189.28
CA MET NF 94 8.88 32.14 -189.82
C MET NF 94 8.17 33.41 -189.36
N ARG NF 95 8.82 34.24 -188.55
CA ARG NF 95 8.21 35.51 -188.15
C ARG NF 95 8.06 36.42 -189.36
N HIS NF 96 7.22 37.45 -189.21
CA HIS NF 96 7.05 38.42 -190.27
C HIS NF 96 8.37 39.08 -190.63
N ARG NF 97 9.33 39.06 -189.70
CA ARG NF 97 10.72 39.42 -189.96
C ARG NF 97 10.90 40.91 -190.17
N SER NF 98 9.79 41.66 -190.25
CA SER NF 98 9.90 43.11 -190.41
C SER NF 98 10.52 43.73 -189.16
N LEU NF 99 9.75 43.76 -188.07
CA LEU NF 99 10.22 44.05 -186.70
C LEU NF 99 11.25 45.18 -186.65
N ALA NF 100 11.12 46.16 -187.54
CA ALA NF 100 12.05 47.29 -187.63
C ALA NF 100 13.49 46.81 -187.82
N ARG NF 101 13.66 45.84 -188.72
CA ARG NF 101 14.94 45.19 -188.92
C ARG NF 101 15.90 46.07 -189.72
N GLU NF 102 17.20 45.87 -189.46
CA GLU NF 102 18.23 46.23 -190.42
C GLU NF 102 19.01 45.04 -190.93
N LEU NF 103 19.00 43.92 -190.21
CA LEU NF 103 19.71 42.72 -190.61
C LEU NF 103 19.06 41.54 -189.89
N SER NF 104 19.48 40.35 -190.29
CA SER NF 104 19.11 39.15 -189.54
C SER NF 104 19.55 39.28 -188.08
N GLY NF 105 20.83 39.58 -187.86
CA GLY NF 105 21.38 39.69 -186.51
C GLY NF 105 20.57 40.59 -185.60
N THR NF 106 19.92 41.60 -186.18
CA THR NF 106 19.15 42.55 -185.40
C THR NF 106 18.05 41.86 -184.60
N ILE NF 107 17.18 41.12 -185.28
CA ILE NF 107 16.14 40.41 -184.53
C ILE NF 107 16.72 39.17 -183.87
N LYS NF 108 17.86 38.67 -184.34
CA LYS NF 108 18.49 37.60 -183.57
C LYS NF 108 18.71 38.05 -182.13
N GLU NF 109 19.35 39.20 -181.99
CA GLU NF 109 19.61 39.76 -180.67
C GLU NF 109 18.35 40.34 -180.03
N ILE NF 110 17.37 40.75 -180.83
CA ILE NF 110 16.17 41.40 -180.29
C ILE NF 110 15.24 40.37 -179.66
N LEU NF 111 15.09 39.19 -180.28
CA LEU NF 111 14.21 38.17 -179.76
C LEU NF 111 14.91 37.19 -178.84
N GLY NF 112 16.22 37.00 -178.98
CA GLY NF 112 16.97 36.41 -177.88
C GLY NF 112 16.89 37.28 -176.64
N THR NF 113 16.74 38.59 -176.84
CA THR NF 113 16.50 39.50 -175.73
C THR NF 113 15.18 39.21 -175.02
N ALA NF 114 14.14 38.89 -175.80
CA ALA NF 114 12.81 38.67 -175.24
C ALA NF 114 12.75 37.44 -174.36
N GLN NF 115 13.76 36.59 -174.39
CA GLN NF 115 13.82 35.40 -173.55
C GLN NF 115 14.09 35.70 -172.10
N SER NF 116 14.22 36.97 -171.70
CA SER NF 116 14.52 37.29 -170.31
C SER NF 116 13.44 36.78 -169.36
N VAL NF 117 12.24 36.51 -169.86
CA VAL NF 117 11.19 35.94 -169.02
C VAL NF 117 11.57 34.54 -168.55
N GLY NF 118 12.12 33.72 -169.44
CA GLY NF 118 12.42 32.34 -169.10
C GLY NF 118 13.83 31.91 -169.42
N CYS NF 119 14.80 32.80 -169.23
CA CYS NF 119 16.21 32.52 -169.48
C CYS NF 119 16.47 32.19 -170.94
N ASN NF 120 17.65 31.66 -171.23
CA ASN NF 120 18.06 31.39 -172.61
C ASN NF 120 18.97 30.16 -172.59
N VAL NF 121 19.80 30.02 -173.64
CA VAL NF 121 20.64 28.86 -173.85
C VAL NF 121 21.30 28.41 -172.56
N ASP NF 122 21.12 27.13 -172.21
CA ASP NF 122 21.54 26.48 -170.98
C ASP NF 122 21.94 27.44 -169.86
N GLY NF 123 23.21 27.41 -169.47
CA GLY NF 123 23.67 28.20 -168.35
C GLY NF 123 24.22 29.57 -168.69
N ARG NF 124 23.39 30.43 -169.29
CA ARG NF 124 23.80 31.80 -169.57
C ARG NF 124 22.56 32.65 -169.84
N HIS NF 125 22.53 33.84 -169.26
CA HIS NF 125 21.42 34.75 -169.45
C HIS NF 125 21.42 35.30 -170.88
N PRO NF 126 20.24 35.63 -171.43
CA PRO NF 126 20.20 36.23 -172.76
C PRO NF 126 20.72 37.65 -172.80
N HIS NF 127 21.91 37.87 -172.28
CA HIS NF 127 22.55 39.18 -172.43
C HIS NF 127 23.98 39.06 -172.93
N ASP NF 128 24.72 38.03 -172.49
CA ASP NF 128 26.11 37.88 -172.91
C ASP NF 128 26.21 37.49 -174.38
N ILE NF 129 25.33 36.60 -174.85
CA ILE NF 129 25.36 36.20 -176.25
C ILE NF 129 24.99 37.37 -177.14
N ILE NF 130 24.05 38.20 -176.68
CA ILE NF 130 23.56 39.32 -177.48
C ILE NF 130 24.70 40.21 -177.92
N ASP NF 131 25.72 40.38 -177.06
CA ASP NF 131 26.87 41.18 -177.45
C ASP NF 131 27.74 40.44 -178.47
N ASP NF 132 28.00 39.16 -178.23
CA ASP NF 132 28.81 38.35 -179.15
C ASP NF 132 27.92 37.49 -180.05
N ILE NF 133 27.09 38.17 -180.84
CA ILE NF 133 26.31 37.49 -181.86
C ILE NF 133 27.19 37.36 -183.09
N ASN NF 134 27.96 36.28 -183.18
CA ASN NF 134 28.88 36.07 -184.28
C ASN NF 134 28.77 34.66 -184.82
N SER NF 135 28.28 33.73 -183.99
CA SER NF 135 28.09 32.35 -184.41
C SER NF 135 26.88 32.26 -185.33
N GLY NF 136 27.07 32.52 -186.62
CA GLY NF 136 25.95 32.56 -187.54
C GLY NF 136 25.03 33.74 -187.32
N ALA NF 137 25.54 34.95 -187.48
CA ALA NF 137 24.68 36.13 -187.38
C ALA NF 137 23.83 36.30 -188.64
N VAL NF 138 24.26 35.73 -189.76
CA VAL NF 138 23.58 35.88 -191.04
C VAL NF 138 23.28 34.50 -191.60
N GLU NF 139 23.08 33.52 -190.72
CA GLU NF 139 22.87 32.14 -191.17
C GLU NF 139 21.60 32.00 -192.01
N CYS NF 140 20.50 32.61 -191.58
CA CYS NF 140 19.20 32.42 -192.21
C CYS NF 140 19.20 32.89 -193.67
N PRO NF 141 19.68 34.11 -193.98
CA PRO NF 141 19.62 34.45 -195.40
C PRO NF 141 20.86 33.96 -196.15
N MET OF 1 47.54 26.32 93.20
CA MET OF 1 47.49 26.82 94.58
C MET OF 1 46.06 27.25 94.88
N LYS OF 2 45.32 26.37 95.56
CA LYS OF 2 43.90 26.57 95.79
C LYS OF 2 43.59 26.32 97.25
N VAL OF 3 43.02 27.32 97.93
CA VAL OF 3 42.44 27.15 99.25
C VAL OF 3 40.93 27.05 99.07
N GLU OF 4 40.38 25.89 99.40
CA GLU OF 4 38.96 25.65 99.21
C GLU OF 4 38.16 26.25 100.36
N LEU OF 5 36.85 26.27 100.18
CA LEU OF 5 35.92 26.72 101.21
C LEU OF 5 34.94 25.59 101.48
N CYS OF 6 34.64 25.37 102.75
CA CYS OF 6 33.77 24.25 103.13
C CYS OF 6 32.40 24.39 102.49
N SER OF 7 31.89 23.30 101.94
CA SER OF 7 30.60 23.34 101.26
C SER OF 7 29.44 23.46 102.22
N PHE OF 8 29.64 23.19 103.50
CA PHE OF 8 28.60 23.38 104.50
C PHE OF 8 28.93 24.51 105.46
N SER OF 9 30.08 24.44 106.12
CA SER OF 9 30.40 25.42 107.14
C SER OF 9 30.94 26.72 106.56
N GLY OF 10 31.34 26.74 105.29
CA GLY OF 10 31.85 27.95 104.69
C GLY OF 10 33.14 28.41 105.33
N TYR OF 11 34.14 27.55 105.37
CA TYR OF 11 35.40 27.85 106.03
C TYR OF 11 36.56 27.63 105.07
N LYS OF 12 37.57 28.49 105.16
CA LYS OF 12 38.80 28.27 104.41
C LYS OF 12 39.54 27.05 104.95
N ILE OF 13 39.55 26.00 104.13
CA ILE OF 13 40.14 24.74 104.54
C ILE OF 13 41.62 24.76 104.18
N TYR OF 14 42.40 24.48 105.09
CA TYR OF 14 43.78 24.46 104.68
C TYR OF 14 44.17 23.10 104.12
N PRO OF 15 45.27 23.03 103.36
CA PRO OF 15 45.53 21.81 102.58
C PRO OF 15 45.63 20.56 103.40
N GLY OF 16 45.99 20.65 104.67
CA GLY OF 16 46.18 19.46 105.43
C GLY OF 16 44.95 18.86 106.07
N HIS OF 17 43.76 19.44 105.85
CA HIS OF 17 42.58 18.93 106.54
C HIS OF 17 41.43 18.63 105.60
N GLY OF 18 40.36 18.05 106.14
CA GLY OF 18 39.13 17.92 105.42
C GLY OF 18 39.11 16.79 104.40
N ARG OF 19 37.98 16.67 103.72
CA ARG OF 19 37.77 15.66 102.71
C ARG OF 19 37.01 16.27 101.55
N ARG OF 20 36.84 15.50 100.48
CA ARG OF 20 36.05 15.93 99.33
C ARG OF 20 34.87 14.98 99.15
N TYR OF 21 33.83 15.49 98.50
CA TYR OF 21 32.63 14.74 98.18
C TYR OF 21 32.31 14.98 96.72
N ALA OF 22 32.23 13.90 95.94
CA ALA OF 22 31.84 14.00 94.54
C ALA OF 22 30.51 13.28 94.35
N ARG OF 23 29.55 13.98 93.76
CA ARG OF 23 28.20 13.48 93.66
C ARG OF 23 27.95 12.87 92.29
N THR OF 24 27.16 11.80 92.28
CA THR OF 24 26.92 11.07 91.03
C THR OF 24 26.28 11.99 89.98
N ASP OF 25 25.53 12.99 90.42
CA ASP OF 25 25.03 13.98 89.49
C ASP OF 25 26.17 14.77 88.87
N GLY OF 26 27.27 14.92 89.60
CA GLY OF 26 28.42 15.63 89.09
C GLY OF 26 28.91 16.70 90.05
N LYS OF 27 28.05 17.10 90.97
CA LYS OF 27 28.40 18.14 91.93
C LYS OF 27 29.54 17.68 92.82
N VAL OF 28 30.36 18.63 93.26
CA VAL OF 28 31.47 18.36 94.15
C VAL OF 28 31.29 19.19 95.41
N PHE OF 29 31.80 18.69 96.53
CA PHE OF 29 31.69 19.37 97.81
C PHE OF 29 32.95 19.15 98.63
N GLN OF 30 33.15 20.04 99.59
CA GLN OF 30 34.28 19.99 100.50
C GLN OF 30 33.76 20.26 101.90
N PHE OF 31 34.18 19.44 102.86
CA PHE OF 31 33.78 19.61 104.25
C PHE OF 31 35.02 19.75 105.11
N LEU OF 32 34.89 20.45 106.23
CA LEU OF 32 36.05 20.72 107.08
C LEU OF 32 36.41 19.53 107.95
N ASN OF 33 35.46 19.03 108.73
CA ASN OF 33 35.72 17.91 109.62
C ASN OF 33 34.56 16.94 109.51
N ALA OF 34 34.57 15.94 110.39
CA ALA OF 34 33.48 14.97 110.41
C ALA OF 34 32.15 15.62 110.77
N LYS OF 35 32.17 16.61 111.66
CA LYS OF 35 30.93 17.25 112.08
C LYS OF 35 30.20 17.85 110.90
N CYS OF 36 30.91 18.60 110.06
CA CYS OF 36 30.29 19.28 108.93
C CYS OF 36 29.68 18.28 107.96
N GLU OF 37 30.43 17.24 107.61
CA GLU OF 37 29.92 16.29 106.62
C GLU OF 37 28.79 15.46 107.19
N SER OF 38 28.82 15.15 108.48
CA SER OF 38 27.68 14.46 109.08
C SER OF 38 26.43 15.33 109.01
N ALA OF 39 26.57 16.63 109.29
CA ALA OF 39 25.43 17.53 109.16
C ALA OF 39 24.93 17.57 107.72
N PHE OF 40 25.86 17.63 106.76
CA PHE OF 40 25.47 17.68 105.36
C PHE OF 40 24.72 16.42 104.96
N LEU OF 41 25.26 15.24 105.30
CA LEU OF 41 24.59 13.99 104.99
C LEU OF 41 23.28 13.86 105.77
N SER OF 42 23.11 14.66 106.82
CA SER OF 42 21.81 14.74 107.45
C SER OF 42 20.89 15.74 106.77
N LYS OF 43 21.34 16.38 105.70
CA LYS OF 43 20.56 17.36 104.95
C LYS OF 43 20.07 18.48 105.83
N ARG OF 44 20.87 18.88 106.82
CA ARG OF 44 20.49 19.96 107.70
C ARG OF 44 20.81 21.30 107.05
N ASN OF 45 19.92 22.26 107.23
CA ASN OF 45 20.12 23.57 106.63
C ASN OF 45 21.19 24.32 107.41
N PRO OF 46 22.34 24.62 106.81
CA PRO OF 46 23.39 25.34 107.55
C PRO OF 46 22.94 26.69 108.05
N ARG OF 47 22.05 27.37 107.32
CA ARG OF 47 21.52 28.63 107.81
C ARG OF 47 20.65 28.45 109.04
N GLN OF 48 20.45 27.21 109.48
CA GLN OF 48 19.79 26.94 110.74
C GLN OF 48 20.77 26.62 111.87
N ILE OF 49 21.89 25.96 111.56
CA ILE OF 49 22.90 25.70 112.58
C ILE OF 49 23.59 27.02 112.93
N ASN OF 50 23.84 27.22 114.21
CA ASN OF 50 24.10 28.54 114.75
C ASN OF 50 25.49 29.10 114.46
N TRP OF 51 26.44 28.28 114.02
CA TRP OF 51 27.79 28.80 113.79
C TRP OF 51 28.23 28.73 112.33
N THR OF 52 27.40 28.20 111.44
CA THR OF 52 27.73 28.28 110.03
C THR OF 52 27.75 29.73 109.59
N VAL OF 53 28.80 30.11 108.84
CA VAL OF 53 29.02 31.51 108.53
C VAL OF 53 27.82 32.08 107.78
N LEU OF 54 27.26 31.30 106.86
CA LEU OF 54 26.13 31.80 106.09
C LEU OF 54 24.91 32.06 106.96
N TYR OF 55 24.77 31.31 108.06
CA TYR OF 55 23.71 31.61 109.00
C TYR OF 55 23.88 32.99 109.61
N ARG OF 56 25.09 33.29 110.08
CA ARG OF 56 25.34 34.60 110.66
C ARG OF 56 25.16 35.70 109.61
N ARG OF 57 25.58 35.44 108.38
CA ARG OF 57 25.36 36.41 107.31
C ARG OF 57 23.88 36.68 107.13
N LYS OF 58 23.06 35.62 107.15
CA LYS OF 58 21.62 35.82 107.06
C LYS OF 58 21.11 36.64 108.24
N HIS OF 59 21.59 36.32 109.44
CA HIS OF 59 21.10 36.96 110.65
C HIS OF 59 21.80 38.27 110.96
N LYS OF 60 22.80 38.63 110.17
CA LYS OF 60 23.52 39.90 110.36
C LYS OF 60 24.13 39.96 111.76
N LYS OF 61 25.06 39.04 112.03
CA LYS OF 61 25.83 39.08 113.27
C LYS OF 61 27.17 39.77 113.12
N GLY OF 62 27.67 39.95 111.90
CA GLY OF 62 28.94 40.60 111.64
C GLY OF 62 28.77 41.90 110.89
N GLN OF 63 29.41 41.99 109.73
CA GLN OF 63 29.28 43.16 108.88
C GLN OF 63 28.94 42.75 107.44
N LYS OF 70 31.25 49.82 93.39
CA LYS OF 70 31.04 50.88 94.35
C LYS OF 70 31.59 52.20 93.80
N ARG OF 71 32.73 52.10 93.12
CA ARG OF 71 33.36 53.27 92.51
C ARG OF 71 32.98 53.33 91.04
N THR OF 72 32.02 54.17 90.72
CA THR OF 72 31.53 54.35 89.36
C THR OF 72 32.17 55.62 88.80
N ARG OF 73 33.34 55.44 88.19
CA ARG OF 73 34.15 56.55 87.71
C ARG OF 73 33.96 56.70 86.21
N ARG OF 74 33.58 57.89 85.78
CA ARG OF 74 33.08 58.12 84.44
C ARG OF 74 34.24 58.46 83.49
N ALA OF 75 33.97 58.37 82.19
CA ALA OF 75 34.98 58.67 81.18
C ALA OF 75 34.27 59.27 79.97
N VAL OF 76 34.23 60.59 79.92
CA VAL OF 76 33.57 61.33 78.83
C VAL OF 76 34.68 61.89 77.95
N LYS OF 77 34.90 61.28 76.80
CA LYS OF 77 35.98 61.66 75.91
C LYS OF 77 35.48 61.79 74.48
N PHE OF 78 35.89 62.86 73.80
CA PHE OF 78 35.72 62.97 72.36
C PHE OF 78 36.84 63.86 71.82
N GLN OF 79 37.86 63.22 71.25
CA GLN OF 79 38.99 63.94 70.66
C GLN OF 79 39.32 63.48 69.26
N ARG OF 80 38.69 62.41 68.76
CA ARG OF 80 39.09 61.81 67.50
C ARG OF 80 38.89 62.77 66.33
N ALA OF 81 39.80 62.70 65.36
CA ALA OF 81 39.69 63.44 64.12
C ALA OF 81 38.75 62.70 63.17
N ILE OF 82 38.36 63.35 62.09
CA ILE OF 82 37.43 62.80 61.12
C ILE OF 82 38.06 62.90 59.74
N THR OF 83 37.90 61.86 58.93
CA THR OF 83 38.51 61.80 57.61
C THR OF 83 38.22 63.06 56.80
N GLY OF 84 39.21 63.54 56.08
CA GLY OF 84 39.12 64.79 55.37
C GLY OF 84 39.41 66.01 56.22
N ALA OF 85 39.67 65.82 57.51
CA ALA OF 85 39.95 66.91 58.42
C ALA OF 85 40.82 66.37 59.54
N SER OF 86 41.14 67.24 60.50
CA SER OF 86 41.94 66.84 61.66
C SER OF 86 41.49 67.66 62.85
N LEU OF 87 42.17 67.46 63.98
CA LEU OF 87 41.84 68.19 65.19
C LEU OF 87 41.91 69.69 64.97
N ALA OF 88 42.91 70.15 64.22
CA ALA OF 88 42.98 71.56 63.89
C ALA OF 88 41.80 71.99 63.01
N ASP OF 89 41.55 71.23 61.94
CA ASP OF 89 40.52 71.63 60.99
C ASP OF 89 39.15 71.68 61.64
N ILE OF 90 38.83 70.68 62.47
CA ILE OF 90 37.53 70.70 63.14
C ILE OF 90 37.45 71.86 64.12
N MET OF 91 38.55 72.14 64.81
CA MET OF 91 38.57 73.27 65.74
C MET OF 91 38.32 74.57 64.99
N ALA OF 92 39.01 74.75 63.86
CA ALA OF 92 38.89 76.00 63.11
C ALA OF 92 37.46 76.24 62.67
N LYS OF 93 36.80 75.21 62.14
CA LYS OF 93 35.45 75.36 61.64
C LYS OF 93 34.39 75.27 62.73
N ARG OF 94 34.80 75.01 63.97
CA ARG OF 94 33.87 75.01 65.10
C ARG OF 94 33.84 76.34 65.85
N ASN OF 95 34.83 77.20 65.63
CA ASN OF 95 34.96 78.42 66.44
C ASN OF 95 35.03 79.68 65.59
N GLN OF 96 34.12 79.81 64.63
CA GLN OF 96 33.86 81.08 63.98
C GLN OF 96 32.75 81.85 64.69
N LYS OF 97 32.52 81.53 65.96
CA LYS OF 97 31.47 82.19 66.74
C LYS OF 97 31.57 83.72 66.72
N PRO OF 98 32.74 84.35 66.85
CA PRO OF 98 32.75 85.81 67.00
C PRO OF 98 32.29 86.53 65.74
N GLU OF 99 30.97 86.49 65.50
CA GLU OF 99 30.33 87.29 64.47
C GLU OF 99 30.93 87.04 63.09
N VAL OF 100 31.30 85.78 62.83
CA VAL OF 100 31.67 85.35 61.49
C VAL OF 100 30.59 84.49 60.86
N ARG OF 101 29.86 83.70 61.65
CA ARG OF 101 28.77 82.89 61.12
C ARG OF 101 27.70 83.75 60.46
N LYS OF 102 27.44 84.93 61.03
CA LYS OF 102 26.34 85.76 60.56
C LYS OF 102 26.52 86.17 59.11
N ALA OF 103 27.75 86.57 58.74
CA ALA OF 103 28.02 86.97 57.36
C ALA OF 103 27.68 85.83 56.40
N GLN OF 104 28.15 84.63 56.68
CA GLN OF 104 27.74 83.48 55.89
C GLN OF 104 26.24 83.27 56.00
N ARG OF 105 25.67 83.50 57.18
CA ARG OF 105 24.25 83.33 57.37
C ARG OF 105 23.46 84.25 56.44
N GLU OF 106 23.65 85.56 56.58
CA GLU OF 106 22.88 86.50 55.75
C GLU OF 106 23.18 86.33 54.27
N GLN OF 107 24.42 85.98 53.93
CA GLN OF 107 24.75 85.77 52.52
C GLN OF 107 23.94 84.63 51.94
N ALA OF 108 23.83 83.52 52.67
CA ALA OF 108 23.02 82.41 52.20
C ALA OF 108 21.55 82.78 52.11
N ILE OF 109 21.04 83.50 53.12
CA ILE OF 109 19.64 83.91 53.09
C ILE OF 109 19.38 84.82 51.91
N ARG OF 110 20.23 85.81 51.69
CA ARG OF 110 20.05 86.72 50.57
C ARG OF 110 20.17 85.97 49.25
N ALA OF 111 21.13 85.03 49.15
CA ALA OF 111 21.24 84.22 47.95
C ALA OF 111 19.98 83.41 47.70
N ALA OF 112 19.42 82.83 48.75
CA ALA OF 112 18.13 82.16 48.62
C ALA OF 112 17.04 83.16 48.22
N LYS OF 113 17.07 84.35 48.81
CA LYS OF 113 16.12 85.39 48.42
C LYS OF 113 16.32 85.80 46.97
N GLU OF 114 17.57 85.96 46.54
CA GLU OF 114 17.82 86.37 45.16
C GLU OF 114 17.36 85.31 44.17
N ALA OF 115 17.57 84.04 44.49
CA ALA OF 115 17.13 82.97 43.60
C ALA OF 115 15.61 82.93 43.48
N LYS OF 116 14.89 83.15 44.58
CA LYS OF 116 13.42 83.13 44.49
C LYS OF 116 12.89 84.31 43.67
N LYS OF 117 13.56 85.47 43.73
CA LYS OF 117 13.19 86.54 42.82
C LYS OF 117 13.56 86.19 41.38
N ALA OF 118 14.65 85.47 41.19
CA ALA OF 118 15.00 84.99 39.85
C ALA OF 118 13.93 84.03 39.34
N LYS OF 119 13.44 83.16 40.22
CA LYS OF 119 12.35 82.26 39.82
C LYS OF 119 11.07 83.03 39.53
N GLN OF 120 10.77 84.04 40.34
CA GLN OF 120 9.59 84.88 40.07
C GLN OF 120 9.67 85.50 38.68
N ALA OF 121 10.87 85.94 38.29
CA ALA OF 121 11.06 86.49 36.95
C ALA OF 121 10.85 85.42 35.88
N SER OF 122 11.38 84.22 36.10
CA SER OF 122 11.29 83.17 35.09
C SER OF 122 9.85 82.77 34.84
N LYS OF 123 9.06 82.60 35.90
CA LYS OF 123 7.65 82.26 35.72
C LYS OF 123 6.83 83.47 35.29
N LYS OF 124 7.22 84.67 35.72
CA LYS OF 124 6.52 85.88 35.30
C LYS OF 124 7.46 87.09 35.31
N MET PF 1 -63.37 101.27 -136.48
CA MET PF 1 -63.58 102.08 -135.29
C MET PF 1 -64.57 101.37 -134.37
N LYS PF 2 -64.23 101.30 -133.09
CA LYS PF 2 -65.13 100.76 -132.07
C LYS PF 2 -65.07 101.67 -130.86
N VAL PF 3 -66.19 102.31 -130.54
CA VAL PF 3 -66.30 103.14 -129.35
C VAL PF 3 -67.04 102.30 -128.31
N GLU PF 4 -66.27 101.76 -127.35
CA GLU PF 4 -66.82 100.77 -126.44
C GLU PF 4 -67.47 101.43 -125.23
N LEU PF 5 -68.18 100.62 -124.46
CA LEU PF 5 -68.91 101.05 -123.27
C LEU PF 5 -68.30 100.38 -122.05
N CYS PF 6 -68.19 101.13 -120.97
CA CYS PF 6 -67.68 100.56 -119.73
C CYS PF 6 -68.63 99.48 -119.24
N SER PF 7 -68.07 98.29 -118.99
CA SER PF 7 -68.91 97.17 -118.56
C SER PF 7 -69.52 97.39 -117.18
N PHE PF 8 -68.96 98.29 -116.37
CA PHE PF 8 -69.48 98.55 -115.04
C PHE PF 8 -70.16 99.91 -114.95
N SER PF 9 -69.44 100.98 -115.28
CA SER PF 9 -70.01 102.31 -115.14
C SER PF 9 -70.79 102.76 -116.37
N GLY PF 10 -70.74 101.98 -117.44
CA GLY PF 10 -71.54 102.26 -118.62
C GLY PF 10 -71.21 103.57 -119.30
N TYR PF 11 -69.93 103.86 -119.49
CA TYR PF 11 -69.50 105.08 -120.16
C TYR PF 11 -68.86 104.76 -121.49
N LYS PF 12 -68.93 105.73 -122.40
CA LYS PF 12 -68.36 105.59 -123.74
C LYS PF 12 -66.84 105.66 -123.58
N ILE PF 13 -66.22 104.49 -123.45
CA ILE PF 13 -64.77 104.45 -123.24
C ILE PF 13 -64.06 104.79 -124.54
N TYR PF 14 -63.23 105.77 -124.50
CA TYR PF 14 -62.49 106.10 -125.70
C TYR PF 14 -61.29 105.16 -125.84
N PRO PF 15 -60.84 104.92 -127.08
CA PRO PF 15 -59.80 103.89 -127.29
C PRO PF 15 -58.50 104.14 -126.54
N GLY PF 16 -58.13 105.40 -126.30
CA GLY PF 16 -56.85 105.67 -125.68
C GLY PF 16 -56.74 105.39 -124.20
N HIS PF 17 -57.86 105.12 -123.52
CA HIS PF 17 -57.82 104.89 -122.08
C HIS PF 17 -58.51 103.58 -121.72
N GLY PF 18 -58.75 103.38 -120.44
CA GLY PF 18 -59.55 102.27 -119.97
C GLY PF 18 -58.80 100.95 -119.96
N ARG PF 19 -59.48 99.92 -119.48
CA ARG PF 19 -58.93 98.58 -119.42
C ARG PF 19 -59.97 97.58 -119.88
N ARG PF 20 -59.49 96.43 -120.35
CA ARG PF 20 -60.35 95.35 -120.81
C ARG PF 20 -60.07 94.09 -120.01
N TYR PF 21 -61.13 93.42 -119.60
CA TYR PF 21 -61.02 92.19 -118.84
C TYR PF 21 -61.75 91.07 -119.57
N ALA PF 22 -61.05 89.98 -119.82
CA ALA PF 22 -61.65 88.77 -120.37
C ALA PF 22 -61.69 87.70 -119.29
N ARG PF 23 -62.85 87.08 -119.12
CA ARG PF 23 -63.09 86.16 -118.03
C ARG PF 23 -62.92 84.72 -118.51
N THR PF 24 -62.66 83.83 -117.55
CA THR PF 24 -62.42 82.44 -117.89
C THR PF 24 -63.63 81.79 -118.53
N ASP PF 25 -64.83 82.10 -118.03
CA ASP PF 25 -66.04 81.52 -118.57
C ASP PF 25 -66.27 81.95 -120.01
N GLY PF 26 -65.84 83.16 -120.36
CA GLY PF 26 -65.98 83.64 -121.72
C GLY PF 26 -66.40 85.09 -121.81
N LYS PF 27 -66.93 85.63 -120.72
CA LYS PF 27 -67.37 87.01 -120.70
C LYS PF 27 -66.17 87.95 -120.83
N VAL PF 28 -66.40 89.10 -121.46
CA VAL PF 28 -65.39 90.13 -121.64
C VAL PF 28 -65.94 91.44 -121.08
N PHE PF 29 -65.12 92.16 -120.33
CA PHE PF 29 -65.55 93.37 -119.66
C PHE PF 29 -64.61 94.52 -119.98
N GLN PF 30 -65.15 95.73 -119.83
CA GLN PF 30 -64.43 96.97 -120.10
C GLN PF 30 -64.69 97.93 -118.96
N PHE PF 31 -63.63 98.54 -118.44
CA PHE PF 31 -63.73 99.38 -117.25
C PHE PF 31 -63.10 100.74 -117.53
N LEU PF 32 -63.82 101.80 -117.15
CA LEU PF 32 -63.38 103.14 -117.46
C LEU PF 32 -62.06 103.46 -116.76
N ASN PF 33 -61.95 103.13 -115.47
CA ASN PF 33 -60.76 103.45 -114.72
C ASN PF 33 -60.50 102.34 -113.71
N ALA PF 34 -59.42 102.50 -112.95
CA ALA PF 34 -59.12 101.54 -111.90
C ALA PF 34 -60.21 101.51 -110.84
N LYS PF 35 -60.88 102.63 -110.61
CA LYS PF 35 -62.01 102.62 -109.68
C LYS PF 35 -63.12 101.72 -110.19
N CYS PF 36 -63.41 101.80 -111.49
CA CYS PF 36 -64.44 100.95 -112.07
C CYS PF 36 -64.06 99.47 -111.95
N GLU PF 37 -62.80 99.14 -112.25
CA GLU PF 37 -62.36 97.76 -112.17
C GLU PF 37 -62.40 97.24 -110.74
N SER PF 38 -61.98 98.06 -109.78
CA SER PF 38 -62.04 97.66 -108.38
C SER PF 38 -63.48 97.42 -107.95
N ALA PF 39 -64.39 98.32 -108.36
CA ALA PF 39 -65.79 98.13 -108.02
C ALA PF 39 -66.35 96.85 -108.62
N PHE PF 40 -66.02 96.58 -109.89
CA PHE PF 40 -66.51 95.36 -110.52
C PHE PF 40 -65.97 94.13 -109.83
N LEU PF 41 -64.67 94.11 -109.53
CA LEU PF 41 -64.09 92.96 -108.85
C LEU PF 41 -64.72 92.76 -107.48
N SER PF 42 -65.01 93.86 -106.79
CA SER PF 42 -65.72 93.78 -105.51
C SER PF 42 -67.14 93.26 -105.67
N LYS PF 43 -67.67 93.23 -106.89
CA LYS PF 43 -69.00 92.70 -107.20
C LYS PF 43 -70.11 93.54 -106.60
N ARG PF 44 -69.82 94.76 -106.16
CA ARG PF 44 -70.88 95.66 -105.76
C ARG PF 44 -71.75 96.01 -106.95
N ASN PF 45 -73.05 96.11 -106.71
CA ASN PF 45 -73.99 96.33 -107.80
C ASN PF 45 -73.86 97.75 -108.31
N PRO PF 46 -73.55 97.95 -109.60
CA PRO PF 46 -73.47 99.32 -110.13
C PRO PF 46 -74.77 100.09 -109.97
N ARG PF 47 -75.91 99.40 -109.99
CA ARG PF 47 -77.18 100.08 -109.80
C ARG PF 47 -77.31 100.67 -108.42
N GLN PF 48 -76.45 100.29 -107.48
CA GLN PF 48 -76.43 100.92 -106.18
C GLN PF 48 -75.48 102.10 -106.11
N ILE PF 49 -74.45 102.13 -106.96
CA ILE PF 49 -73.53 103.26 -106.99
C ILE PF 49 -74.27 104.48 -107.54
N ASN PF 50 -74.01 105.64 -106.96
CA ASN PF 50 -74.82 106.83 -107.23
C ASN PF 50 -74.43 107.59 -108.48
N TRP PF 51 -73.40 107.18 -109.21
CA TRP PF 51 -73.05 107.84 -110.46
C TRP PF 51 -73.02 106.91 -111.65
N THR PF 52 -73.32 105.63 -111.46
CA THR PF 52 -73.44 104.73 -112.60
C THR PF 52 -74.67 105.09 -113.43
N VAL PF 53 -74.53 104.95 -114.75
CA VAL PF 53 -75.61 105.35 -115.64
C VAL PF 53 -76.88 104.56 -115.34
N LEU PF 54 -76.76 103.23 -115.24
CA LEU PF 54 -77.94 102.41 -115.05
C LEU PF 54 -78.58 102.66 -113.70
N TYR PF 55 -77.81 103.12 -112.72
CA TYR PF 55 -78.41 103.57 -111.46
C TYR PF 55 -79.37 104.72 -111.69
N ARG PF 56 -78.93 105.72 -112.47
CA ARG PF 56 -79.79 106.85 -112.79
C ARG PF 56 -81.00 106.38 -113.58
N ARG PF 57 -80.79 105.45 -114.52
CA ARG PF 57 -81.90 104.93 -115.31
C ARG PF 57 -82.92 104.22 -114.43
N LYS PF 58 -82.45 103.44 -113.46
CA LYS PF 58 -83.35 102.74 -112.56
C LYS PF 58 -84.10 103.73 -111.67
N HIS PF 59 -83.42 104.78 -111.22
CA HIS PF 59 -84.05 105.83 -110.44
C HIS PF 59 -84.59 106.95 -111.31
N LYS PF 60 -84.62 106.74 -112.63
CA LYS PF 60 -85.32 107.62 -113.57
C LYS PF 60 -84.85 109.06 -113.43
N LYS PF 61 -83.55 109.26 -113.21
CA LYS PF 61 -83.04 110.61 -113.04
C LYS PF 61 -82.55 111.22 -114.35
N GLY PF 62 -82.78 110.56 -115.47
CA GLY PF 62 -82.46 111.11 -116.79
C GLY PF 62 -83.67 111.73 -117.45
N GLN PF 63 -83.90 111.35 -118.69
CA GLN PF 63 -85.06 111.84 -119.45
C GLN PF 63 -85.74 110.70 -120.21
N LYS PF 70 -90.65 104.00 -132.95
CA LYS PF 70 -91.61 105.00 -132.50
C LYS PF 70 -92.69 105.24 -133.53
N ARG PF 71 -92.32 105.15 -134.81
CA ARG PF 71 -93.24 105.42 -135.91
C ARG PF 71 -93.74 104.11 -136.49
N THR PF 72 -95.03 103.81 -136.30
CA THR PF 72 -95.65 102.58 -136.80
C THR PF 72 -96.45 102.92 -138.06
N ARG PF 73 -95.84 102.71 -139.20
CA ARG PF 73 -96.45 103.01 -140.49
C ARG PF 73 -96.89 101.72 -141.16
N ARG PF 74 -98.15 101.65 -141.54
CA ARG PF 74 -98.71 100.48 -142.20
C ARG PF 74 -98.42 100.54 -143.69
N ALA PF 75 -98.77 99.46 -144.40
CA ALA PF 75 -98.63 99.42 -145.86
C ALA PF 75 -99.67 98.43 -146.39
N VAL PF 76 -100.79 98.95 -146.87
CA VAL PF 76 -101.87 98.15 -147.44
C VAL PF 76 -101.89 98.43 -148.93
N LYS PF 77 -101.40 97.48 -149.73
CA LYS PF 77 -101.29 97.65 -151.17
C LYS PF 77 -101.83 96.41 -151.87
N PHE PF 78 -102.63 96.62 -152.91
CA PHE PF 78 -103.06 95.54 -153.80
C PHE PF 78 -102.95 96.07 -155.22
N GLN PF 79 -102.01 95.53 -155.99
CA GLN PF 79 -101.74 96.03 -157.33
C GLN PF 79 -101.54 94.96 -158.38
N ARG PF 80 -101.18 93.73 -158.00
CA ARG PF 80 -100.69 92.76 -158.96
C ARG PF 80 -101.82 92.02 -159.65
N ALA PF 81 -101.63 91.73 -160.92
CA ALA PF 81 -102.64 91.06 -161.74
C ALA PF 81 -102.66 89.56 -161.42
N ILE PF 82 -103.45 88.81 -162.17
CA ILE PF 82 -103.61 87.37 -161.99
C ILE PF 82 -103.36 86.71 -163.34
N THR PF 83 -102.63 85.59 -163.32
CA THR PF 83 -102.42 84.83 -164.54
C THR PF 83 -103.76 84.45 -165.16
N GLY PF 84 -103.89 84.71 -166.46
CA GLY PF 84 -105.17 84.62 -167.13
C GLY PF 84 -105.94 85.91 -167.20
N ALA PF 85 -105.37 87.01 -166.70
CA ALA PF 85 -106.01 88.32 -166.77
C ALA PF 85 -104.93 89.38 -166.54
N SER PF 86 -105.36 90.64 -166.50
CA SER PF 86 -104.47 91.74 -166.19
C SER PF 86 -105.22 92.70 -165.27
N LEU PF 87 -104.58 93.82 -164.95
CA LEU PF 87 -105.22 94.81 -164.09
C LEU PF 87 -106.50 95.34 -164.73
N ALA PF 88 -106.44 95.63 -166.04
CA ALA PF 88 -107.62 96.13 -166.73
C ALA PF 88 -108.74 95.10 -166.72
N ASP PF 89 -108.41 93.83 -167.00
CA ASP PF 89 -109.44 92.80 -167.05
C ASP PF 89 -110.13 92.65 -165.70
N ILE PF 90 -109.37 92.57 -164.62
CA ILE PF 90 -109.97 92.40 -163.29
C ILE PF 90 -110.69 93.68 -162.89
N MET PF 91 -110.10 94.85 -163.18
CA MET PF 91 -110.79 96.10 -162.89
C MET PF 91 -112.10 96.19 -163.68
N ALA PF 92 -112.06 95.79 -164.95
CA ALA PF 92 -113.30 95.68 -165.72
C ALA PF 92 -114.17 94.54 -165.20
N LYS PF 93 -113.53 93.50 -164.65
CA LYS PF 93 -114.26 92.40 -164.03
C LYS PF 93 -114.87 92.79 -162.69
N ARG PF 94 -114.48 93.93 -162.13
CA ARG PF 94 -114.99 94.35 -160.83
C ARG PF 94 -116.04 95.43 -160.91
N ASN PF 95 -116.15 96.14 -162.03
CA ASN PF 95 -117.00 97.33 -162.09
C ASN PF 95 -118.15 97.22 -163.07
N GLN PF 96 -118.84 96.07 -163.09
CA GLN PF 96 -120.17 96.02 -163.69
C GLN PF 96 -121.26 96.39 -162.70
N LYS PF 97 -120.91 97.16 -161.67
CA LYS PF 97 -121.89 97.54 -160.65
C LYS PF 97 -123.15 98.21 -161.21
N PRO PF 98 -123.09 99.10 -162.22
CA PRO PF 98 -124.33 99.79 -162.62
C PRO PF 98 -125.36 98.85 -163.25
N GLU PF 99 -126.00 98.05 -162.40
CA GLU PF 99 -127.18 97.25 -162.77
C GLU PF 99 -126.87 96.23 -163.85
N VAL PF 100 -125.61 95.82 -163.94
CA VAL PF 100 -125.19 94.82 -164.90
C VAL PF 100 -125.14 93.42 -164.31
N ARG PF 101 -124.74 93.29 -163.04
CA ARG PF 101 -124.66 91.99 -162.39
C ARG PF 101 -126.01 91.28 -162.41
N LYS PF 102 -127.10 92.04 -162.32
CA LYS PF 102 -128.43 91.45 -162.28
C LYS PF 102 -128.71 90.66 -163.55
N ALA PF 103 -128.26 91.17 -164.70
CA ALA PF 103 -128.57 90.54 -165.97
C ALA PF 103 -128.19 89.06 -165.97
N GLN PF 104 -126.94 88.76 -165.60
CA GLN PF 104 -126.56 87.37 -165.45
C GLN PF 104 -127.18 86.76 -164.19
N ARG PF 105 -127.33 87.55 -163.13
CA ARG PF 105 -127.97 87.05 -161.92
C ARG PF 105 -129.39 86.57 -162.21
N GLU PF 106 -130.18 87.39 -162.91
CA GLU PF 106 -131.53 86.96 -163.25
C GLU PF 106 -131.51 85.89 -164.33
N GLN PF 107 -130.51 85.90 -165.21
CA GLN PF 107 -130.40 84.84 -166.20
C GLN PF 107 -130.19 83.48 -165.52
N ALA PF 108 -129.33 83.45 -164.50
CA ALA PF 108 -128.95 82.17 -163.89
C ALA PF 108 -130.15 81.50 -163.25
N ILE PF 109 -130.96 82.25 -162.49
CA ILE PF 109 -132.07 81.64 -161.78
C ILE PF 109 -133.10 81.08 -162.76
N ARG PF 110 -133.39 81.81 -163.84
CA ARG PF 110 -134.34 81.31 -164.82
C ARG PF 110 -133.84 80.03 -165.47
N ALA PF 111 -132.56 80.00 -165.86
CA ALA PF 111 -131.96 78.77 -166.33
C ALA PF 111 -131.95 77.71 -165.23
N ALA PF 112 -131.69 78.14 -163.98
CA ALA PF 112 -131.75 77.22 -162.86
C ALA PF 112 -133.15 76.66 -162.68
N LYS PF 113 -134.17 77.52 -162.76
CA LYS PF 113 -135.54 77.04 -162.59
C LYS PF 113 -136.00 76.25 -163.81
N GLU PF 114 -135.50 76.61 -165.00
CA GLU PF 114 -135.86 75.83 -166.19
C GLU PF 114 -135.28 74.43 -166.14
N ALA PF 115 -134.06 74.30 -165.61
CA ALA PF 115 -133.46 72.98 -165.50
C ALA PF 115 -134.24 72.07 -164.57
N LYS PF 116 -134.67 72.60 -163.42
CA LYS PF 116 -135.45 71.78 -162.48
C LYS PF 116 -136.81 71.42 -163.06
N LYS PF 117 -137.39 72.30 -163.86
CA LYS PF 117 -138.65 71.97 -164.54
C LYS PF 117 -138.42 70.88 -165.58
N ALA PF 118 -137.30 70.95 -166.29
CA ALA PF 118 -136.94 69.88 -167.22
C ALA PF 118 -136.72 68.56 -166.47
N LYS PF 119 -136.11 68.63 -165.29
CA LYS PF 119 -135.98 67.44 -164.46
C LYS PF 119 -137.34 66.95 -164.00
N GLN PF 120 -138.24 67.88 -163.64
CA GLN PF 120 -139.57 67.49 -163.19
C GLN PF 120 -140.34 66.77 -164.28
N ALA PF 121 -140.26 67.27 -165.52
CA ALA PF 121 -140.97 66.63 -166.62
C ALA PF 121 -140.31 65.32 -167.03
N SER PF 122 -138.98 65.26 -167.01
CA SER PF 122 -138.29 64.02 -167.34
C SER PF 122 -138.64 62.91 -166.34
N LYS PF 123 -138.72 63.25 -165.06
CA LYS PF 123 -139.17 62.30 -164.06
C LYS PF 123 -140.64 61.93 -164.26
N LYS PF 124 -141.48 62.90 -164.61
CA LYS PF 124 -142.91 62.67 -164.73
C LYS PF 124 -143.55 63.66 -165.70
#